data_7SPU
#
_entry.id   7SPU
#
_cell.length_a   1.00
_cell.length_b   1.00
_cell.length_c   1.00
_cell.angle_alpha   90.00
_cell.angle_beta   90.00
_cell.angle_gamma   90.00
#
_symmetry.space_group_name_H-M   'P 1'
#
loop_
_entity.id
_entity.type
_entity.pdbx_description
1 polymer 'Gene 7 protein'
2 polymer 'Gene 3 protein'
3 polymer 'Gene 5 protein'
#
loop_
_entity_poly.entity_id
_entity_poly.type
_entity_poly.pdbx_seq_one_letter_code
_entity_poly.pdbx_strand_id
1 'polypeptide(L)'
;MATVLTKGEIVLFALRKFAIASNASLTDVEPQSIEDGVNDLEDMMSEWMINPGDIGYAFATGDEQPLPDDESGLPRKYKH
AVGYQLLLRMLSDYSLEPTPQVLSNAQRSYDALMTDTLVVPSMRRRGDFPVGQGNKYDVFTSDRYYPGDLPLIDGDIPNA
;
0,1,Y,f,h,n,p,r,v,w,x,z
2 'polypeptide(L)'
;MAETLEKKHERIMLRFDRAYSPQKEVREKCIEATRFARVPGGQWEGATAAGTKLDEQFEKYPKFEINKVATELNRIIAEY
RNNRITVKFRPGDREASEELANKLNGLFRADYEETDGGEACDNAFDDAATGGFGCFRLTSMLVNEYDPMDDRQRIAIEPI
YDPSRSVWFDPDAKKYDKSDALWAFCMYSLSPEKYEAEYGKKPPTSLDVTSMTSWEYNWFGADVIYIAKYYEVRKESVDV
ISYRHPITGEIATYDSDQVEDIEDELAIAGFHEVARRSVKRRRVYVSVVDGDGFLEKPRRIPGEHIPLIPVYGKRWFIDD
IERVEGHIAKAMDPQRLYNLQVSMLADTAAQDPGQIPIVGMEQIRGLEKHWEARNKKRPAFLPLREVRDKSGNIIAGATP
AGYTQPAVMNQALAALLQQTSADIQEVTGGSQAMQQMPSNIAQETVNNLMNRADMASFIYLDNMAKSLKRAGEVWLSMAR
EVYGSEREVRIVNEDGSDDIAVLSAQVVDRQTGAVVALNDLSVGRYDVTVDVGPSYTARRDATVSVLTNVLSSMLPTDPM
RPAIQGIILDNIDGEGLDDFKEYNRNQLLISGIAKPRNEKEQQIVQQAQMAAQSQPNPEMVLAQAQMVAAQAEAQKATNE
TAQTQIKAFTAQQDAMESQANTVYKLAQARNIDDKAVMEAIRLLKDVAESQQQQFQSPPQSPADLMPS
;
A,B,C,D,E,F,G,H,I,J,K,L
3 'polypeptide(L)'
;MPNNLDSNVSQIVLKKFLPGFMSDLVLAKTVDRQLLAGEINSSTGDSVSFKRPHQFSSLRTPTGDISGQNKNNLISGKAT
GRVGNYITVAVEYQQLEEAIKLNQLEEILAPVRQRIVTDLETELAHFMMNNGALSLGSPNTPITKWSDVAQTASFLKDLG
VNEGENYAVMDPWSAQRLADAQTGLHASDQLVRTAWENAQIPTNFGGIRALMSNGLASRTQGAFGGTLTVKTQPTVTYNA
VKDSYQFTVTLTGATASVTGFLKAGDQVKFTNTYWLQQQTKQALYNGATPISFTATVTADANSDSGGDVTVTLSGVPIYD
TTNPQYNSVSRQVEAGDAVSVVGTASQTMKPNLFYNKFFCGLGSIPLPKLHSIDSAVATYEGFSIRVHKYADGDANVQKM
RFDLLPAYVCFNPHMGGQFFGNP
;
M,N,O,P,Q,R,S,T,U,V,W,X,Z,a,b,c,d,e,g,i,j,k,l,m,o,q,s,t,u,y
#
# COMPACT_ATOMS: atom_id res chain seq x y z
N THR A 3 24.23 74.48 46.35
CA THR A 3 23.92 74.22 44.95
C THR A 3 22.47 73.81 44.77
N VAL A 4 21.64 74.14 45.76
CA VAL A 4 20.23 73.77 45.71
C VAL A 4 19.50 74.65 44.70
N LEU A 5 18.46 74.10 44.10
CA LEU A 5 17.68 74.82 43.10
C LEU A 5 16.63 75.70 43.77
N THR A 6 16.18 76.72 43.03
CA THR A 6 15.13 77.62 43.50
C THR A 6 14.14 77.87 42.37
N LYS A 7 12.89 78.12 42.77
CA LYS A 7 11.84 78.40 41.80
C LYS A 7 12.17 79.63 40.98
N GLY A 8 12.70 80.66 41.63
CA GLY A 8 13.11 81.85 40.90
C GLY A 8 14.17 81.56 39.86
N GLU A 9 15.15 80.73 40.21
CA GLU A 9 16.20 80.38 39.25
C GLU A 9 15.61 79.62 38.06
N ILE A 10 14.73 78.67 38.34
CA ILE A 10 14.18 77.83 37.23
C ILE A 10 13.38 78.73 36.30
N VAL A 11 12.52 79.60 36.86
CA VAL A 11 11.64 80.45 36.00
C VAL A 11 12.52 81.39 35.17
N LEU A 12 13.56 81.95 35.76
CA LEU A 12 14.40 82.91 35.03
C LEU A 12 15.04 82.18 33.85
N PHE A 13 15.43 80.92 34.05
CA PHE A 13 16.11 80.18 32.96
C PHE A 13 15.14 80.10 31.79
N ALA A 14 13.88 79.79 32.07
CA ALA A 14 12.92 79.63 30.96
C ALA A 14 12.76 80.96 30.22
N LEU A 15 12.62 82.07 30.94
CA LEU A 15 12.39 83.38 30.29
C LEU A 15 13.61 83.78 29.45
N ARG A 16 14.82 83.56 29.94
CA ARG A 16 16.06 83.87 29.18
C ARG A 16 16.15 82.96 27.95
N LYS A 17 15.71 81.72 28.06
CA LYS A 17 15.91 80.78 26.94
C LYS A 17 15.23 81.30 25.67
N PHE A 18 14.05 81.92 25.74
CA PHE A 18 13.46 82.47 24.48
C PHE A 18 13.71 83.98 24.34
N ALA A 19 14.50 84.57 25.24
CA ALA A 19 14.87 86.01 25.15
C ALA A 19 13.71 86.94 25.55
N ILE A 20 12.69 86.42 26.24
CA ILE A 20 11.59 87.28 26.74
C ILE A 20 12.21 88.27 27.72
N ALA A 21 13.21 87.82 28.51
CA ALA A 21 13.93 88.71 29.44
C ALA A 21 15.33 88.14 29.69
N SER A 22 16.40 88.85 29.31
CA SER A 22 17.76 88.25 29.41
C SER A 22 18.83 89.33 29.46
N ASN A 23 20.04 89.00 29.91
CA ASN A 23 21.16 89.99 29.88
C ASN A 23 21.69 90.21 28.47
N ALA A 24 21.64 89.19 27.60
CA ALA A 24 22.11 89.35 26.21
C ALA A 24 21.26 90.44 25.58
N SER A 25 19.94 90.39 25.76
CA SER A 25 19.11 91.52 25.32
C SER A 25 19.21 92.54 26.46
N LEU A 26 18.81 93.79 26.28
CA LEU A 26 19.02 94.74 27.39
C LEU A 26 17.80 94.71 28.30
N THR A 27 16.85 93.85 28.01
CA THR A 27 15.57 93.82 28.78
C THR A 27 15.81 93.34 30.20
N ASP A 28 14.96 93.76 31.13
CA ASP A 28 15.07 93.31 32.55
C ASP A 28 13.76 92.65 32.98
N VAL A 29 13.81 91.77 33.98
CA VAL A 29 12.59 91.00 34.40
C VAL A 29 11.51 91.96 34.86
N GLU A 30 10.25 91.71 34.45
CA GLU A 30 9.13 92.53 34.97
C GLU A 30 8.53 91.72 36.11
N PRO A 31 8.09 92.34 37.23
CA PRO A 31 7.64 91.55 38.36
C PRO A 31 6.48 90.65 37.96
N GLN A 32 5.59 91.15 37.12
CA GLN A 32 4.37 90.38 36.76
C GLN A 32 4.74 89.06 36.08
N SER A 33 5.76 89.08 35.21
CA SER A 33 6.18 87.84 34.50
C SER A 33 6.70 86.81 35.50
N ILE A 34 7.42 87.22 36.55
CA ILE A 34 8.03 86.26 37.50
C ILE A 34 6.95 85.52 38.34
N GLU A 35 5.96 86.21 38.92
CA GLU A 35 4.92 85.54 39.68
C GLU A 35 4.12 84.57 38.81
N ASP A 36 3.85 84.96 37.56
CA ASP A 36 3.19 84.05 36.63
C ASP A 36 4.03 82.80 36.41
N GLY A 37 5.33 82.97 36.23
CA GLY A 37 6.21 81.80 36.11
C GLY A 37 6.16 80.91 37.33
N VAL A 38 6.18 81.51 38.51
CA VAL A 38 6.23 80.72 39.74
C VAL A 38 4.95 79.88 39.88
N ASN A 39 3.78 80.52 39.75
CA ASN A 39 2.56 79.75 39.98
C ASN A 39 2.29 78.77 38.84
N ASP A 40 2.69 79.11 37.61
CA ASP A 40 2.59 78.16 36.51
C ASP A 40 3.48 76.94 36.76
N LEU A 41 4.70 77.16 37.27
CA LEU A 41 5.57 76.04 37.61
C LEU A 41 4.95 75.15 38.68
N GLU A 42 4.37 75.77 39.71
CA GLU A 42 3.78 74.97 40.78
C GLU A 42 2.62 74.13 40.26
N ASP A 43 1.75 74.73 39.43
CA ASP A 43 0.63 73.98 38.87
C ASP A 43 1.12 72.88 37.93
N MET A 44 2.15 73.14 37.14
CA MET A 44 2.66 72.12 36.24
C MET A 44 3.25 70.95 37.00
N MET A 45 3.93 71.22 38.12
CA MET A 45 4.43 70.12 38.94
C MET A 45 3.29 69.33 39.56
N SER A 46 2.24 70.03 40.03
CA SER A 46 1.09 69.34 40.59
C SER A 46 0.46 68.41 39.55
N GLU A 47 0.40 68.86 38.29
CA GLU A 47 -0.09 67.98 37.23
C GLU A 47 0.87 66.84 36.96
N TRP A 48 2.18 67.12 36.96
CA TRP A 48 3.20 66.11 36.71
C TRP A 48 3.23 65.01 37.76
N MET A 49 2.65 65.25 38.94
CA MET A 49 2.64 64.22 39.98
C MET A 49 2.04 62.89 39.51
N ILE A 50 1.47 62.84 38.30
CA ILE A 50 0.91 61.57 37.81
C ILE A 50 1.78 60.91 36.73
N ASN A 51 1.95 61.56 35.58
CA ASN A 51 2.48 60.81 34.43
C ASN A 51 3.98 60.57 34.56
N PRO A 52 4.82 61.61 34.66
CA PRO A 52 6.25 61.33 34.85
C PRO A 52 6.56 60.70 36.20
N GLY A 53 5.68 60.87 37.18
CA GLY A 53 5.89 60.37 38.52
C GLY A 53 6.49 61.41 39.43
N ASP A 54 6.55 61.07 40.71
CA ASP A 54 7.15 61.96 41.70
C ASP A 54 8.64 62.08 41.43
N ILE A 55 9.15 63.31 41.42
CA ILE A 55 10.55 63.59 41.14
C ILE A 55 11.21 64.38 42.26
N GLY A 56 10.54 64.56 43.39
CA GLY A 56 11.11 65.22 44.54
C GLY A 56 10.75 66.67 44.74
N TYR A 57 9.72 67.17 44.06
CA TYR A 57 9.30 68.55 44.24
C TYR A 57 8.77 68.77 45.64
N ALA A 58 9.07 69.93 46.21
CA ALA A 58 8.58 70.32 47.53
C ALA A 58 7.44 71.31 47.36
N PHE A 59 6.25 70.94 47.80
CA PHE A 59 5.08 71.77 47.60
C PHE A 59 4.99 72.85 48.68
N ALA A 60 4.14 73.83 48.44
CA ALA A 60 3.87 74.89 49.39
C ALA A 60 2.79 74.45 50.38
N THR A 61 3.08 74.63 51.67
CA THR A 61 2.12 74.27 52.69
C THR A 61 0.83 75.08 52.51
N GLY A 62 -0.31 74.42 52.74
CA GLY A 62 -1.62 74.99 52.49
C GLY A 62 -1.82 76.42 52.95
N ASP A 63 -2.59 77.18 52.17
CA ASP A 63 -2.93 78.59 52.38
C ASP A 63 -1.74 79.53 52.21
N GLU A 64 -0.56 79.02 51.87
CA GLU A 64 0.63 79.84 51.66
C GLU A 64 1.01 79.81 50.20
N GLN A 65 1.11 80.98 49.59
CA GLN A 65 1.47 81.05 48.17
C GLN A 65 2.95 80.74 47.99
N PRO A 66 3.31 80.07 46.90
CA PRO A 66 4.74 79.85 46.61
C PRO A 66 5.44 81.16 46.30
N LEU A 67 6.73 81.20 46.62
CA LEU A 67 7.53 82.40 46.42
C LEU A 67 8.80 82.05 45.66
N PRO A 68 9.35 83.00 44.89
CA PRO A 68 10.56 82.70 44.11
C PRO A 68 11.78 82.38 44.96
N ASP A 69 11.79 82.79 46.23
CA ASP A 69 12.92 82.49 47.09
C ASP A 69 12.82 81.14 47.78
N ASP A 70 11.68 80.45 47.65
CA ASP A 70 11.50 79.15 48.28
C ASP A 70 12.38 78.11 47.61
N GLU A 71 12.87 77.18 48.42
CA GLU A 71 13.69 76.08 47.90
C GLU A 71 12.79 75.05 47.24
N SER A 72 13.05 74.76 45.96
CA SER A 72 12.22 73.81 45.23
C SER A 72 12.50 72.38 45.69
N GLY A 73 13.75 72.05 45.95
CA GLY A 73 14.14 70.71 46.33
C GLY A 73 14.38 69.77 45.18
N LEU A 74 14.24 70.22 43.94
CA LEU A 74 14.45 69.36 42.80
C LEU A 74 15.93 69.02 42.65
N PRO A 75 16.26 67.85 42.10
CA PRO A 75 17.65 67.55 41.77
C PRO A 75 18.15 68.45 40.65
N ARG A 76 19.46 68.64 40.61
CA ARG A 76 20.04 69.55 39.64
C ARG A 76 19.84 69.04 38.21
N LYS A 77 19.91 67.72 38.02
CA LYS A 77 19.88 67.16 36.67
C LYS A 77 18.54 67.35 35.97
N TYR A 78 17.46 67.59 36.72
CA TYR A 78 16.14 67.75 36.11
C TYR A 78 15.87 69.18 35.68
N LYS A 79 16.82 70.10 35.89
CA LYS A 79 16.57 71.52 35.67
C LYS A 79 16.26 71.82 34.22
N HIS A 80 17.02 71.25 33.29
CA HIS A 80 16.80 71.54 31.88
C HIS A 80 15.44 71.04 31.42
N ALA A 81 15.08 69.82 31.82
CA ALA A 81 13.79 69.25 31.43
C ALA A 81 12.64 70.10 31.96
N VAL A 82 12.69 70.44 33.25
CA VAL A 82 11.62 71.21 33.86
C VAL A 82 11.53 72.58 33.21
N GLY A 83 12.67 73.23 32.98
CA GLY A 83 12.67 74.55 32.37
C GLY A 83 12.11 74.53 30.96
N TYR A 84 12.45 73.51 30.18
CA TYR A 84 11.96 73.46 28.80
C TYR A 84 10.46 73.19 28.77
N GLN A 85 9.96 72.31 29.65
CA GLN A 85 8.52 72.11 29.71
C GLN A 85 7.80 73.40 30.13
N LEU A 86 8.39 74.13 31.08
CA LEU A 86 7.81 75.40 31.49
C LEU A 86 7.80 76.39 30.33
N LEU A 87 8.87 76.43 29.55
CA LEU A 87 8.91 77.33 28.39
C LEU A 87 7.84 76.96 27.38
N LEU A 88 7.67 75.67 27.10
CA LEU A 88 6.65 75.23 26.16
C LEU A 88 5.24 75.58 26.62
N ARG A 89 4.95 75.46 27.92
CA ARG A 89 3.62 75.83 28.42
C ARG A 89 3.55 77.31 28.82
N MET A 90 4.63 78.06 28.58
CA MET A 90 4.66 79.49 28.87
C MET A 90 4.51 80.36 27.64
N LEU A 91 5.05 79.91 26.50
CA LEU A 91 5.16 80.78 25.33
C LEU A 91 3.81 81.33 24.88
N SER A 92 2.71 80.62 25.15
CA SER A 92 1.40 81.09 24.73
C SER A 92 1.01 82.40 25.41
N ASP A 93 1.62 82.72 26.56
CA ASP A 93 1.31 83.97 27.25
C ASP A 93 1.68 85.18 26.41
N TYR A 94 2.88 85.15 25.81
CA TYR A 94 3.33 86.23 24.93
C TYR A 94 3.05 85.92 23.47
N SER A 95 2.42 84.78 23.18
CA SER A 95 1.98 84.44 21.82
C SER A 95 3.16 84.31 20.86
N LEU A 96 4.28 83.80 21.37
CA LEU A 96 5.40 83.45 20.52
C LEU A 96 5.22 82.02 20.00
N GLU A 97 6.04 81.66 19.02
CA GLU A 97 5.98 80.35 18.41
C GLU A 97 7.28 79.60 18.63
N PRO A 98 7.25 78.39 19.17
CA PRO A 98 8.50 77.65 19.40
C PRO A 98 9.18 77.31 18.09
N THR A 99 10.50 77.28 18.14
CA THR A 99 11.32 76.94 16.99
C THR A 99 11.65 75.45 16.98
N PRO A 100 11.97 74.89 15.81
CA PRO A 100 12.30 73.45 15.76
C PRO A 100 13.44 73.06 16.67
N GLN A 101 14.46 73.92 16.82
CA GLN A 101 15.56 73.60 17.72
C GLN A 101 15.09 73.57 19.17
N VAL A 102 14.23 74.51 19.56
CA VAL A 102 13.69 74.51 20.91
C VAL A 102 12.88 73.24 21.15
N LEU A 103 12.06 72.85 20.18
CA LEU A 103 11.28 71.62 20.32
C LEU A 103 12.19 70.41 20.45
N SER A 104 13.24 70.34 19.65
CA SER A 104 14.16 69.20 19.72
C SER A 104 14.86 69.15 21.06
N ASN A 105 15.30 70.30 21.58
CA ASN A 105 15.96 70.32 22.88
C ASN A 105 14.99 69.90 23.98
N ALA A 106 13.75 70.35 23.93
CA ALA A 106 12.76 69.95 24.91
C ALA A 106 12.52 68.44 24.86
N GLN A 107 12.41 67.88 23.65
CA GLN A 107 12.21 66.45 23.52
C GLN A 107 13.40 65.66 24.05
N ARG A 108 14.62 66.14 23.77
CA ARG A 108 15.81 65.48 24.27
C ARG A 108 15.85 65.48 25.80
N SER A 109 15.54 66.63 26.41
CA SER A 109 15.55 66.72 27.86
C SER A 109 14.47 65.83 28.47
N TYR A 110 13.28 65.80 27.87
CA TYR A 110 12.22 64.94 28.38
C TYR A 110 12.61 63.47 28.29
N ASP A 111 13.21 63.07 27.17
CA ASP A 111 13.64 61.68 27.02
C ASP A 111 14.70 61.34 28.07
N ALA A 112 15.66 62.24 28.28
CA ALA A 112 16.70 62.00 29.27
C ALA A 112 16.11 61.88 30.67
N LEU A 113 15.12 62.72 30.99
CA LEU A 113 14.47 62.62 32.29
C LEU A 113 13.71 61.31 32.44
N MET A 114 13.00 60.89 31.39
CA MET A 114 12.22 59.67 31.46
C MET A 114 13.08 58.42 31.48
N THR A 115 14.31 58.50 30.96
CA THR A 115 15.19 57.33 30.98
C THR A 115 15.50 56.88 32.41
N ASP A 116 15.53 57.81 33.36
CA ASP A 116 15.92 57.53 34.73
C ASP A 116 14.75 57.07 35.59
N THR A 117 13.57 56.91 35.01
CA THR A 117 12.39 56.55 35.79
C THR A 117 11.69 55.29 35.26
N LEU A 118 12.38 54.48 34.46
CA LEU A 118 11.77 53.25 33.96
C LEU A 118 11.55 52.25 35.09
N VAL A 119 10.59 51.35 34.90
CA VAL A 119 10.20 50.41 35.93
C VAL A 119 10.41 48.97 35.46
N VAL A 120 9.81 48.62 34.32
CA VAL A 120 9.84 47.25 33.79
C VAL A 120 9.34 46.29 34.87
N PRO A 121 8.02 46.22 35.09
CA PRO A 121 7.50 45.55 36.30
C PRO A 121 7.86 44.08 36.43
N SER A 122 8.33 43.41 35.38
CA SER A 122 8.84 42.03 35.48
C SER A 122 7.77 41.08 36.00
N MET A 123 6.77 40.87 35.13
CA MET A 123 5.62 40.01 35.39
C MET A 123 6.02 38.74 36.16
N ARG A 124 5.20 38.40 37.15
CA ARG A 124 5.47 37.32 38.09
C ARG A 124 4.74 36.05 37.65
N ARG A 125 4.77 35.02 38.51
CA ARG A 125 4.16 33.74 38.19
C ARG A 125 2.65 33.79 38.38
N ARG A 126 1.99 32.68 38.03
CA ARG A 126 0.53 32.67 38.00
C ARG A 126 -0.06 32.51 39.39
N GLY A 127 0.22 31.36 40.04
CA GLY A 127 -0.33 31.06 41.35
C GLY A 127 -0.81 29.63 41.49
N ASP A 128 -1.26 29.02 40.40
CA ASP A 128 -1.58 27.60 40.36
C ASP A 128 -0.59 26.82 39.51
N PHE A 129 0.53 27.43 39.15
CA PHE A 129 1.56 26.76 38.37
C PHE A 129 2.28 25.74 39.25
N PRO A 130 2.34 24.47 38.85
CA PRO A 130 2.99 23.46 39.69
C PRO A 130 4.46 23.78 39.90
N VAL A 131 4.96 23.44 41.08
CA VAL A 131 6.37 23.53 41.42
C VAL A 131 6.97 22.14 41.26
N GLY A 132 8.05 22.04 40.51
CA GLY A 132 8.60 20.74 40.17
C GLY A 132 9.17 20.02 41.36
N GLN A 133 9.53 18.76 41.13
CA GLN A 133 10.12 17.93 42.18
C GLN A 133 11.61 18.18 42.36
N GLY A 134 12.22 19.00 41.50
CA GLY A 134 13.62 19.34 41.67
C GLY A 134 13.89 20.30 42.82
N ASN A 135 12.89 21.06 43.24
CA ASN A 135 13.04 21.98 44.36
C ASN A 135 12.88 21.30 45.70
N LYS A 136 12.47 20.02 45.73
CA LYS A 136 12.34 19.24 46.96
C LYS A 136 11.48 19.99 47.98
N TYR A 137 10.23 20.21 47.60
CA TYR A 137 9.31 20.99 48.42
C TYR A 137 8.94 20.23 49.69
N ASP A 138 8.42 20.98 50.67
CA ASP A 138 7.97 20.42 51.94
C ASP A 138 6.52 20.00 51.80
N VAL A 139 6.23 18.74 52.15
CA VAL A 139 4.95 18.14 51.77
C VAL A 139 3.82 18.72 52.61
N PHE A 140 4.03 18.88 53.92
CA PHE A 140 3.00 19.51 54.77
C PHE A 140 2.71 20.95 54.37
N THR A 141 3.74 21.73 54.08
CA THR A 141 3.50 23.14 53.78
C THR A 141 2.78 23.27 52.45
N SER A 142 2.13 24.43 52.28
CA SER A 142 1.44 24.73 51.02
C SER A 142 2.43 25.33 50.02
N ASP A 143 3.51 24.60 49.80
CA ASP A 143 4.59 25.05 48.93
C ASP A 143 4.77 24.14 47.71
N ARG A 144 3.70 23.46 47.29
CA ARG A 144 3.73 22.73 46.04
C ARG A 144 3.43 23.63 44.84
N TYR A 145 2.99 24.87 45.09
CA TYR A 145 2.60 25.78 44.02
C TYR A 145 3.12 27.17 44.36
N TYR A 146 3.20 28.01 43.33
CA TYR A 146 3.73 29.35 43.50
C TYR A 146 2.70 30.25 44.18
N PRO A 147 3.15 31.19 45.02
CA PRO A 147 2.22 32.11 45.68
C PRO A 147 1.48 33.00 44.70
N GLY A 148 2.23 33.75 43.89
CA GLY A 148 1.64 34.54 42.82
C GLY A 148 0.63 35.59 43.26
N ASP A 149 0.94 36.34 44.31
CA ASP A 149 0.08 37.42 44.77
C ASP A 149 0.95 38.51 45.36
N LEU A 150 0.32 39.45 46.07
CA LEU A 150 1.03 40.56 46.69
C LEU A 150 2.00 40.06 47.76
N THR B 3 -31.11 74.01 36.23
CA THR B 3 -32.34 74.61 36.76
C THR B 3 -33.42 74.64 35.71
N VAL B 4 -33.40 75.66 34.85
CA VAL B 4 -34.36 75.81 33.77
C VAL B 4 -33.61 76.26 32.52
N LEU B 5 -33.98 75.67 31.37
CA LEU B 5 -33.40 76.02 30.08
C LEU B 5 -34.46 76.70 29.24
N THR B 6 -34.14 77.88 28.73
CA THR B 6 -35.08 78.68 27.94
C THR B 6 -34.58 78.81 26.51
N LYS B 7 -35.51 78.71 25.56
CA LYS B 7 -35.16 78.82 24.15
C LYS B 7 -34.49 80.15 23.85
N GLY B 8 -34.90 81.22 24.55
CA GLY B 8 -34.24 82.49 24.36
C GLY B 8 -32.76 82.44 24.72
N GLU B 9 -32.44 81.81 25.86
CA GLU B 9 -31.04 81.73 26.26
C GLU B 9 -30.27 80.77 25.37
N ILE B 10 -30.91 79.73 24.83
CA ILE B 10 -30.23 78.87 23.86
C ILE B 10 -29.87 79.65 22.61
N VAL B 11 -30.82 80.44 22.09
CA VAL B 11 -30.55 81.23 20.89
C VAL B 11 -29.48 82.27 21.18
N LEU B 12 -29.53 82.89 22.37
CA LEU B 12 -28.50 83.87 22.73
C LEU B 12 -27.12 83.23 22.80
N PHE B 13 -27.05 82.02 23.37
CA PHE B 13 -25.77 81.30 23.41
C PHE B 13 -25.28 81.00 22.00
N ALA B 14 -26.18 80.57 21.13
CA ALA B 14 -25.78 80.26 19.74
C ALA B 14 -25.23 81.50 19.05
N LEU B 15 -25.90 82.64 19.24
CA LEU B 15 -25.42 83.88 18.63
C LEU B 15 -24.08 84.30 19.22
N ARG B 16 -23.94 84.22 20.54
CA ARG B 16 -22.72 84.70 21.20
C ARG B 16 -21.52 83.85 20.83
N LYS B 17 -21.71 82.53 20.71
CA LYS B 17 -20.58 81.65 20.45
C LYS B 17 -19.89 81.93 19.12
N PHE B 18 -20.56 82.61 18.19
CA PHE B 18 -19.93 83.08 16.97
C PHE B 18 -19.89 84.60 16.90
N ALA B 19 -20.33 85.29 17.95
CA ALA B 19 -20.23 86.75 18.06
C ALA B 19 -21.03 87.45 16.98
N ILE B 20 -22.15 86.85 16.56
CA ILE B 20 -23.09 87.56 15.69
C ILE B 20 -23.70 88.73 16.43
N ALA B 21 -24.10 88.51 17.68
CA ALA B 21 -24.59 89.58 18.56
C ALA B 21 -24.18 89.21 19.98
N SER B 22 -23.01 89.70 20.40
CA SER B 22 -22.44 89.38 21.69
C SER B 22 -22.81 90.45 22.70
N ASN B 23 -22.19 90.39 23.88
CA ASN B 23 -22.38 91.40 24.92
C ASN B 23 -21.12 92.17 25.25
N ALA B 24 -19.97 91.77 24.67
CA ALA B 24 -18.72 92.49 24.84
C ALA B 24 -18.32 93.27 23.60
N SER B 25 -18.26 92.60 22.45
CA SER B 25 -17.89 93.29 21.22
C SER B 25 -18.98 94.24 20.76
N LEU B 26 -20.23 93.77 20.74
CA LEU B 26 -21.35 94.54 20.22
C LEU B 26 -22.38 94.75 21.32
N THR B 27 -23.02 95.91 21.30
CA THR B 27 -24.07 96.26 22.25
C THR B 27 -25.46 96.16 21.63
N ASP B 28 -25.66 95.23 20.71
CA ASP B 28 -26.90 95.14 19.96
C ASP B 28 -27.32 93.68 19.84
N VAL B 29 -28.62 93.43 20.02
CA VAL B 29 -29.24 92.14 19.74
C VAL B 29 -30.51 92.41 18.95
N GLU B 30 -30.74 91.63 17.90
CA GLU B 30 -31.86 91.98 17.04
C GLU B 30 -33.03 91.04 17.25
N PRO B 31 -34.23 91.57 17.50
CA PRO B 31 -35.40 90.72 17.69
C PRO B 31 -35.72 89.86 16.49
N GLN B 32 -35.45 90.34 15.27
CA GLN B 32 -35.64 89.51 14.09
C GLN B 32 -34.72 88.30 14.12
N SER B 33 -33.46 88.50 14.53
CA SER B 33 -32.55 87.39 14.71
C SER B 33 -33.04 86.43 15.78
N ILE B 34 -33.58 86.96 16.87
CA ILE B 34 -34.11 86.09 17.93
C ILE B 34 -35.25 85.24 17.42
N GLU B 35 -36.19 85.85 16.68
CA GLU B 35 -37.32 85.11 16.16
C GLU B 35 -36.87 84.04 15.17
N ASP B 36 -35.95 84.39 14.27
CA ASP B 36 -35.43 83.40 13.32
C ASP B 36 -34.75 82.25 14.06
N GLY B 37 -33.96 82.57 15.10
CA GLY B 37 -33.29 81.53 15.84
C GLY B 37 -34.24 80.58 16.55
N VAL B 38 -35.27 81.13 17.20
CA VAL B 38 -36.19 80.26 17.93
C VAL B 38 -37.01 79.41 16.96
N ASN B 39 -37.41 79.98 15.82
CA ASN B 39 -38.11 79.17 14.82
C ASN B 39 -37.22 78.06 14.27
N ASP B 40 -35.95 78.37 14.02
CA ASP B 40 -35.01 77.36 13.55
C ASP B 40 -34.82 76.26 14.59
N LEU B 41 -34.74 76.64 15.87
CA LEU B 41 -34.61 75.64 16.92
C LEU B 41 -35.83 74.73 16.97
N GLU B 42 -37.03 75.31 16.85
CA GLU B 42 -38.25 74.49 16.85
C GLU B 42 -38.24 73.50 15.69
N ASP B 43 -37.95 73.99 14.49
CA ASP B 43 -37.95 73.10 13.32
C ASP B 43 -36.88 72.03 13.44
N MET B 44 -35.69 72.39 13.94
CA MET B 44 -34.61 71.42 14.07
C MET B 44 -34.95 70.35 15.10
N MET B 45 -35.59 70.72 16.20
CA MET B 45 -36.01 69.72 17.18
C MET B 45 -37.07 68.79 16.57
N SER B 46 -38.00 69.36 15.81
CA SER B 46 -38.98 68.52 15.14
C SER B 46 -38.30 67.52 14.20
N GLU B 47 -37.26 67.96 13.50
CA GLU B 47 -36.52 67.05 12.63
C GLU B 47 -35.77 66.00 13.45
N TRP B 48 -35.11 66.42 14.53
CA TRP B 48 -34.35 65.52 15.41
C TRP B 48 -35.23 64.49 16.09
N MET B 49 -36.55 64.71 16.13
CA MET B 49 -37.42 63.77 16.82
C MET B 49 -37.32 62.35 16.27
N ILE B 50 -36.71 62.14 15.10
CA ILE B 50 -36.71 60.84 14.44
C ILE B 50 -35.31 60.19 14.44
N ASN B 51 -34.30 60.90 13.94
CA ASN B 51 -33.02 60.22 13.70
C ASN B 51 -32.27 60.04 15.03
N PRO B 52 -31.91 61.10 15.76
CA PRO B 52 -31.19 60.88 17.03
C PRO B 52 -32.09 60.37 18.14
N GLY B 53 -33.40 60.50 18.01
CA GLY B 53 -34.32 60.07 19.04
C GLY B 53 -34.74 61.22 19.95
N ASP B 54 -35.84 61.02 20.65
CA ASP B 54 -36.34 62.02 21.58
C ASP B 54 -35.37 62.18 22.75
N ILE B 55 -35.16 63.43 23.15
CA ILE B 55 -34.25 63.76 24.25
C ILE B 55 -34.92 64.57 25.33
N GLY B 56 -36.25 64.70 25.28
CA GLY B 56 -36.99 65.42 26.30
C GLY B 56 -37.43 66.82 25.93
N TYR B 57 -37.25 67.24 24.68
CA TYR B 57 -37.72 68.55 24.27
C TYR B 57 -39.24 68.61 24.26
N ALA B 58 -39.77 69.80 24.52
CA ALA B 58 -41.20 70.03 24.54
C ALA B 58 -41.58 70.98 23.41
N PHE B 59 -42.49 70.55 22.55
CA PHE B 59 -42.96 71.36 21.45
C PHE B 59 -44.11 72.26 21.89
N ALA B 60 -44.43 73.23 21.06
CA ALA B 60 -45.49 74.17 21.39
C ALA B 60 -46.85 73.50 21.25
N THR B 61 -47.58 73.41 22.37
CA THR B 61 -48.93 72.87 22.33
C THR B 61 -49.85 73.83 21.60
N GLY B 62 -50.94 73.28 21.06
CA GLY B 62 -51.87 74.11 20.32
C GLY B 62 -51.28 74.54 18.99
N ASP B 63 -51.43 75.82 18.66
CA ASP B 63 -50.95 76.33 17.39
C ASP B 63 -50.27 77.69 17.47
N GLU B 64 -50.20 78.31 18.64
CA GLU B 64 -49.52 79.60 18.76
C GLU B 64 -48.01 79.43 18.67
N GLN B 65 -47.35 80.45 18.13
CA GLN B 65 -45.92 80.36 17.89
C GLN B 65 -45.13 80.33 19.19
N PRO B 66 -43.99 79.65 19.22
CA PRO B 66 -43.16 79.62 20.43
C PRO B 66 -42.60 81.00 20.76
N LEU B 67 -42.38 81.22 22.05
CA LEU B 67 -41.81 82.47 22.55
C LEU B 67 -40.53 82.18 23.32
N PRO B 68 -39.56 83.09 23.26
CA PRO B 68 -38.26 82.81 23.90
C PRO B 68 -38.32 82.64 25.40
N ASP B 69 -39.36 83.14 26.06
CA ASP B 69 -39.43 83.04 27.52
C ASP B 69 -39.88 81.67 27.99
N ASP B 70 -40.35 80.81 27.10
CA ASP B 70 -40.85 79.50 27.50
C ASP B 70 -39.69 78.60 27.92
N GLU B 71 -40.04 77.49 28.57
CA GLU B 71 -39.06 76.52 29.06
C GLU B 71 -38.91 75.39 28.05
N SER B 72 -37.66 75.10 27.69
CA SER B 72 -37.40 74.03 26.73
C SER B 72 -37.61 72.66 27.36
N GLY B 73 -37.20 72.49 28.61
CA GLY B 73 -37.26 71.21 29.26
C GLY B 73 -36.05 70.32 29.04
N LEU B 74 -35.08 70.77 28.27
CA LEU B 74 -33.87 69.99 28.02
C LEU B 74 -32.98 70.00 29.26
N PRO B 75 -32.35 68.88 29.59
CA PRO B 75 -31.34 68.89 30.66
C PRO B 75 -30.15 69.73 30.25
N ARG B 76 -29.46 70.27 31.25
CA ARG B 76 -28.37 71.20 31.00
C ARG B 76 -27.17 70.54 30.33
N LYS B 77 -27.12 69.21 30.25
CA LYS B 77 -26.00 68.52 29.65
C LYS B 77 -26.12 68.38 28.13
N TYR B 78 -27.20 68.89 27.53
CA TYR B 78 -27.39 68.83 26.08
C TYR B 78 -27.29 70.18 25.40
N LYS B 79 -27.19 71.27 26.17
CA LYS B 79 -27.38 72.59 25.62
C LYS B 79 -26.23 72.98 24.70
N HIS B 80 -25.01 72.53 25.00
CA HIS B 80 -23.89 72.84 24.13
C HIS B 80 -24.03 72.21 22.75
N ALA B 81 -24.41 70.92 22.72
CA ALA B 81 -24.64 70.25 21.45
C ALA B 81 -25.77 70.92 20.67
N VAL B 82 -26.86 71.24 21.38
CA VAL B 82 -28.00 71.86 20.72
C VAL B 82 -27.61 73.22 20.14
N GLY B 83 -26.88 74.02 20.91
CA GLY B 83 -26.50 75.34 20.45
C GLY B 83 -25.52 75.29 19.30
N TYR B 84 -24.58 74.33 19.33
CA TYR B 84 -23.62 74.21 18.23
C TYR B 84 -24.31 73.78 16.94
N GLN B 85 -25.16 72.77 17.05
CA GLN B 85 -25.84 72.26 15.84
C GLN B 85 -26.73 73.37 15.30
N LEU B 86 -27.36 74.15 16.17
CA LEU B 86 -28.17 75.31 15.70
C LEU B 86 -27.24 76.32 15.02
N LEU B 87 -26.07 76.58 15.59
CA LEU B 87 -25.21 77.65 15.02
C LEU B 87 -24.84 77.25 13.60
N LEU B 88 -24.51 75.98 13.38
CA LEU B 88 -24.04 75.56 12.04
C LEU B 88 -25.18 75.78 11.05
N ARG B 89 -26.41 75.46 11.45
CA ARG B 89 -27.57 75.61 10.56
C ARG B 89 -27.89 77.06 10.22
N MET B 90 -27.76 78.00 11.15
CA MET B 90 -28.19 79.40 10.89
C MET B 90 -27.07 80.31 10.40
N LEU B 91 -25.84 79.82 10.26
CA LEU B 91 -24.70 80.71 9.90
C LEU B 91 -24.80 81.22 8.46
N SER B 92 -25.51 80.53 7.58
CA SER B 92 -25.62 80.93 6.16
C SER B 92 -26.31 82.29 6.03
N ASP B 93 -27.27 82.59 6.89
CA ASP B 93 -28.05 83.85 6.77
C ASP B 93 -27.15 85.08 6.91
N TYR B 94 -26.18 85.03 7.80
CA TYR B 94 -25.25 86.18 7.96
C TYR B 94 -24.08 85.95 7.00
N SER B 95 -24.13 84.88 6.20
CA SER B 95 -23.08 84.56 5.21
C SER B 95 -21.72 84.51 5.87
N LEU B 96 -21.63 83.90 7.05
CA LEU B 96 -20.31 83.73 7.69
C LEU B 96 -20.02 82.23 7.58
N GLU B 97 -18.88 81.85 7.00
CA GLU B 97 -18.50 80.41 6.91
C GLU B 97 -17.97 79.94 8.27
N PRO B 98 -18.12 78.66 8.66
CA PRO B 98 -17.68 78.22 9.99
C PRO B 98 -16.17 77.93 10.09
N THR B 99 -15.61 77.89 11.29
CA THR B 99 -14.19 77.64 11.47
C THR B 99 -13.94 76.19 11.87
N PRO B 100 -12.77 75.64 11.55
CA PRO B 100 -12.48 74.25 11.92
C PRO B 100 -12.56 73.98 13.42
N GLN B 101 -12.19 74.95 14.26
CA GLN B 101 -12.31 74.76 15.70
C GLN B 101 -13.78 74.62 16.11
N VAL B 102 -14.66 75.44 15.54
CA VAL B 102 -16.08 75.33 15.83
C VAL B 102 -16.61 74.00 15.35
N LEU B 103 -16.20 73.56 14.15
CA LEU B 103 -16.64 72.27 13.65
C LEU B 103 -16.20 71.14 14.56
N SER B 104 -14.96 71.19 15.04
CA SER B 104 -14.46 70.15 15.94
C SER B 104 -15.24 70.14 17.26
N ASN B 105 -15.49 71.32 17.82
CA ASN B 105 -16.23 71.38 19.08
C ASN B 105 -17.65 70.83 18.92
N ALA B 106 -18.31 71.20 17.82
CA ALA B 106 -19.64 70.66 17.56
C ALA B 106 -19.59 69.15 17.40
N GLN B 107 -18.56 68.64 16.71
CA GLN B 107 -18.43 67.21 16.53
C GLN B 107 -18.27 66.49 17.86
N ARG B 108 -17.42 67.01 18.75
CA ARG B 108 -17.23 66.36 20.05
C ARG B 108 -18.51 66.38 20.88
N SER B 109 -19.21 67.53 20.88
CA SER B 109 -20.46 67.60 21.65
C SER B 109 -21.49 66.62 21.12
N TYR B 110 -21.65 66.54 19.79
CA TYR B 110 -22.60 65.61 19.21
C TYR B 110 -22.22 64.17 19.50
N ASP B 111 -20.91 63.87 19.45
CA ASP B 111 -20.46 62.51 19.76
C ASP B 111 -20.78 62.14 21.20
N ALA B 112 -20.60 63.08 22.12
CA ALA B 112 -20.94 62.81 23.52
C ALA B 112 -22.45 62.56 23.68
N LEU B 113 -23.27 63.35 23.00
CA LEU B 113 -24.71 63.10 23.03
C LEU B 113 -25.04 61.71 22.47
N MET B 114 -24.38 61.33 21.38
CA MET B 114 -24.59 60.01 20.80
C MET B 114 -24.23 58.91 21.79
N THR B 115 -23.12 59.08 22.51
CA THR B 115 -22.75 58.11 23.54
C THR B 115 -23.80 58.04 24.64
N ASP B 116 -24.34 59.20 25.03
CA ASP B 116 -25.36 59.22 26.06
C ASP B 116 -26.65 58.54 25.62
N THR B 117 -26.92 58.52 24.32
CA THR B 117 -28.21 58.02 23.85
C THR B 117 -28.08 56.71 23.07
N LEU B 118 -27.29 55.77 23.59
CA LEU B 118 -27.12 54.47 22.96
C LEU B 118 -28.11 53.45 23.52
N VAL B 119 -28.35 52.40 22.74
CA VAL B 119 -29.23 51.31 23.17
C VAL B 119 -28.53 49.95 23.05
N VAL B 120 -27.96 49.66 21.87
CA VAL B 120 -27.25 48.42 21.57
C VAL B 120 -28.14 47.23 21.95
N PRO B 121 -29.16 46.92 21.16
CA PRO B 121 -30.03 45.79 21.49
C PRO B 121 -29.35 44.45 21.27
N SER B 122 -29.88 43.43 21.92
CA SER B 122 -29.33 42.08 21.89
C SER B 122 -30.11 41.19 20.93
N MET B 123 -29.52 40.04 20.62
CA MET B 123 -30.07 39.10 19.64
C MET B 123 -30.87 38.03 20.38
N ARG B 124 -32.20 38.10 20.26
CA ARG B 124 -33.07 37.10 20.87
C ARG B 124 -32.97 35.77 20.12
N ARG B 125 -33.46 34.72 20.76
CA ARG B 125 -33.43 33.39 20.15
C ARG B 125 -34.40 33.32 18.97
N ARG B 126 -34.11 32.38 18.06
CA ARG B 126 -34.87 32.29 16.82
C ARG B 126 -36.31 31.87 17.07
N GLY B 127 -36.51 30.81 17.85
CA GLY B 127 -37.85 30.36 18.16
C GLY B 127 -38.05 28.87 17.97
N ASP B 128 -37.40 28.30 16.96
CA ASP B 128 -37.39 26.86 16.76
C ASP B 128 -36.11 26.22 17.28
N PHE B 129 -35.25 26.99 17.91
CA PHE B 129 -34.03 26.45 18.49
C PHE B 129 -34.37 25.66 19.74
N PRO B 130 -34.00 24.38 19.82
CA PRO B 130 -34.39 23.58 20.98
C PRO B 130 -33.70 24.05 22.25
N VAL B 131 -34.39 23.84 23.36
CA VAL B 131 -33.81 24.01 24.69
C VAL B 131 -33.21 22.68 25.11
N GLY B 132 -32.06 22.73 25.78
CA GLY B 132 -31.36 21.50 26.10
C GLY B 132 -32.15 20.63 27.06
N GLN B 133 -31.78 19.34 27.09
CA GLN B 133 -32.43 18.39 27.99
C GLN B 133 -32.07 18.65 29.44
N GLY B 134 -30.96 19.34 29.69
CA GLY B 134 -30.53 19.64 31.04
C GLY B 134 -31.21 20.82 31.69
N ASN B 135 -32.13 21.48 30.99
CA ASN B 135 -32.87 22.60 31.55
C ASN B 135 -34.09 22.16 32.36
N LYS B 136 -34.35 20.86 32.45
CA LYS B 136 -35.40 20.31 33.30
C LYS B 136 -36.77 20.87 32.93
N TYR B 137 -37.21 20.53 31.72
CA TYR B 137 -38.60 20.80 31.40
C TYR B 137 -39.49 19.74 32.02
N ASP B 138 -40.80 20.02 32.02
CA ASP B 138 -41.85 19.21 32.64
C ASP B 138 -41.84 19.37 34.16
N VAL B 139 -40.83 20.06 34.68
CA VAL B 139 -40.79 20.43 36.09
C VAL B 139 -40.61 21.94 36.28
N PHE B 140 -39.72 22.55 35.50
CA PHE B 140 -39.58 24.00 35.50
C PHE B 140 -40.52 24.61 34.47
N THR B 141 -40.57 25.95 34.47
CA THR B 141 -41.43 26.65 33.54
C THR B 141 -41.02 26.48 32.08
N SER B 142 -39.76 26.12 31.84
CA SER B 142 -39.26 26.02 30.47
C SER B 142 -39.95 24.89 29.70
N ASP B 143 -40.11 25.11 28.39
CA ASP B 143 -40.62 24.11 27.47
C ASP B 143 -39.46 23.52 26.67
N ARG B 144 -39.79 22.70 25.66
CA ARG B 144 -38.74 22.15 24.83
C ARG B 144 -38.04 23.21 23.99
N TYR B 145 -38.72 24.31 23.69
CA TYR B 145 -38.20 25.27 22.72
C TYR B 145 -38.35 26.68 23.26
N TYR B 146 -37.50 27.57 22.75
CA TYR B 146 -37.56 28.97 23.16
C TYR B 146 -38.83 29.61 22.60
N PRO B 147 -39.36 30.67 23.27
CA PRO B 147 -40.61 31.27 22.84
C PRO B 147 -40.45 32.00 21.51
N GLY B 148 -39.37 32.77 21.36
CA GLY B 148 -39.11 33.51 20.11
C GLY B 148 -39.95 34.76 20.06
N ASP B 149 -40.70 35.03 21.13
CA ASP B 149 -41.58 36.24 21.23
C ASP B 149 -41.59 36.60 22.72
N LEU B 150 -42.11 37.77 23.10
CA LEU B 150 -42.07 38.03 24.56
C LEU B 150 -42.89 36.93 25.21
N PRO B 151 -42.36 36.22 26.23
CA PRO B 151 -43.09 35.12 26.85
C PRO B 151 -44.24 35.63 27.74
N LEU B 152 -45.24 34.78 27.97
CA LEU B 152 -46.41 35.20 28.78
C LEU B 152 -45.93 35.57 30.17
N ILE B 153 -46.43 36.70 30.69
CA ILE B 153 -46.00 37.16 32.04
C ILE B 153 -47.14 36.97 33.05
N ASP B 154 -48.41 36.89 32.60
CA ASP B 154 -49.49 36.84 33.61
C ASP B 154 -50.42 35.64 33.44
N GLY B 155 -51.10 35.53 32.31
CA GLY B 155 -52.10 34.46 32.13
C GLY B 155 -53.48 35.07 32.13
N ASP B 156 -53.67 36.18 32.83
CA ASP B 156 -54.96 36.91 32.73
C ASP B 156 -55.01 37.53 31.33
N ILE B 157 -53.89 38.08 30.86
CA ILE B 157 -53.80 38.63 29.48
C ILE B 157 -52.96 37.64 28.69
N PRO B 158 -53.53 36.61 28.04
CA PRO B 158 -52.71 35.61 27.39
C PRO B 158 -52.43 35.83 25.90
N ASN B 159 -53.18 36.72 25.24
CA ASN B 159 -53.02 36.92 23.78
C ASN B 159 -51.63 37.46 23.47
N ALA B 160 -51.13 38.38 24.29
CA ALA B 160 -49.76 38.92 24.10
C ALA B 160 -48.83 38.35 25.18
N MET C 1 -27.58 2.92 84.84
CA MET C 1 -27.73 1.62 84.19
C MET C 1 -28.75 1.76 83.06
N ALA C 2 -29.10 3.03 82.77
CA ALA C 2 -30.06 3.37 81.72
C ALA C 2 -31.37 2.62 81.91
N GLU C 3 -31.99 2.86 83.07
CA GLU C 3 -33.23 2.17 83.40
C GLU C 3 -34.36 2.57 82.45
N THR C 4 -34.43 3.84 82.08
CA THR C 4 -35.57 4.34 81.32
C THR C 4 -35.28 4.34 79.82
N LEU C 5 -36.34 4.10 79.05
CA LEU C 5 -36.22 4.15 77.60
C LEU C 5 -35.85 5.56 77.12
N GLU C 6 -36.31 6.58 77.85
CA GLU C 6 -35.90 7.95 77.51
C GLU C 6 -34.41 8.14 77.73
N LYS C 7 -33.83 7.44 78.71
CA LYS C 7 -32.39 7.49 78.92
C LYS C 7 -31.64 6.66 77.88
N LYS C 8 -32.28 5.61 77.37
CA LYS C 8 -31.65 4.81 76.32
C LYS C 8 -31.70 5.47 74.94
N HIS C 9 -32.71 6.29 74.66
CA HIS C 9 -32.93 6.80 73.31
C HIS C 9 -31.93 7.89 72.91
N GLU C 10 -31.61 8.82 73.81
CA GLU C 10 -30.69 9.88 73.41
C GLU C 10 -29.28 9.33 73.23
N ARG C 11 -28.94 8.23 73.91
CA ARG C 11 -27.68 7.56 73.64
C ARG C 11 -27.63 7.06 72.20
N ILE C 12 -28.72 6.45 71.74
CA ILE C 12 -28.80 5.97 70.36
C ILE C 12 -28.69 7.14 69.39
N MET C 13 -29.35 8.25 69.71
CA MET C 13 -29.25 9.44 68.86
C MET C 13 -27.80 9.95 68.79
N LEU C 14 -27.11 9.94 69.93
CA LEU C 14 -25.71 10.36 69.95
C LEU C 14 -24.84 9.43 69.11
N ARG C 15 -25.09 8.12 69.19
CA ARG C 15 -24.35 7.18 68.34
C ARG C 15 -24.62 7.44 66.87
N PHE C 16 -25.87 7.76 66.52
CA PHE C 16 -26.19 8.06 65.13
C PHE C 16 -25.44 9.31 64.67
N ASP C 17 -25.40 10.35 65.49
CA ASP C 17 -24.64 11.55 65.13
C ASP C 17 -23.16 11.25 64.98
N ARG C 18 -22.61 10.45 65.89
CA ARG C 18 -21.19 10.08 65.82
C ARG C 18 -20.88 9.30 64.54
N ALA C 19 -21.77 8.42 64.12
CA ALA C 19 -21.54 7.67 62.89
C ALA C 19 -21.74 8.52 61.66
N TYR C 20 -22.68 9.47 61.71
CA TYR C 20 -23.00 10.28 60.53
C TYR C 20 -21.97 11.38 60.27
N SER C 21 -21.36 11.93 61.33
CA SER C 21 -20.47 13.07 61.13
C SER C 21 -19.26 12.75 60.25
N PRO C 22 -18.48 11.67 60.48
CA PRO C 22 -17.26 11.48 59.68
C PRO C 22 -17.54 11.04 58.26
N GLN C 23 -18.46 10.09 58.10
CA GLN C 23 -18.78 9.53 56.80
C GLN C 23 -19.82 10.40 56.09
N LYS C 24 -19.45 11.66 55.91
CA LYS C 24 -20.32 12.68 55.31
C LYS C 24 -19.97 12.98 53.87
N GLU C 25 -18.69 13.01 53.53
CA GLU C 25 -18.24 13.55 52.26
C GLU C 25 -18.06 12.49 51.17
N VAL C 26 -18.21 11.20 51.52
CA VAL C 26 -18.08 10.15 50.52
C VAL C 26 -19.45 9.78 49.96
N ARG C 27 -20.46 9.73 50.83
CA ARG C 27 -21.80 9.40 50.38
C ARG C 27 -22.36 10.48 49.46
N GLU C 28 -21.99 11.74 49.69
CA GLU C 28 -22.38 12.79 48.75
C GLU C 28 -21.83 12.51 47.35
N LYS C 29 -20.57 12.12 47.27
CA LYS C 29 -19.98 11.81 45.97
C LYS C 29 -20.65 10.60 45.34
N CYS C 30 -20.96 9.58 46.12
CA CYS C 30 -21.62 8.40 45.57
C CYS C 30 -22.99 8.75 45.01
N ILE C 31 -23.78 9.49 45.78
CA ILE C 31 -25.11 9.90 45.32
C ILE C 31 -24.99 10.78 44.08
N GLU C 32 -24.03 11.69 44.06
CA GLU C 32 -23.85 12.57 42.91
C GLU C 32 -23.46 11.76 41.67
N ALA C 33 -22.63 10.74 41.84
CA ALA C 33 -22.24 9.91 40.71
C ALA C 33 -23.44 9.14 40.16
N THR C 34 -24.24 8.55 41.04
CA THR C 34 -25.43 7.83 40.57
C THR C 34 -26.39 8.77 39.85
N ARG C 35 -26.61 9.96 40.40
CA ARG C 35 -27.48 10.95 39.78
C ARG C 35 -26.95 11.40 38.43
N PHE C 36 -25.63 11.58 38.35
CA PHE C 36 -24.98 11.98 37.09
C PHE C 36 -25.11 10.89 36.03
N ALA C 37 -25.08 9.63 36.44
CA ALA C 37 -25.09 8.54 35.46
C ALA C 37 -26.50 8.16 35.02
N ARG C 38 -27.49 8.20 35.91
CA ARG C 38 -28.78 7.58 35.60
C ARG C 38 -29.95 8.56 35.47
N VAL C 39 -29.91 9.69 36.17
CA VAL C 39 -31.02 10.66 36.06
C VAL C 39 -31.02 11.26 34.65
N PRO C 40 -32.19 11.43 34.02
CA PRO C 40 -32.22 11.90 32.62
C PRO C 40 -31.55 13.24 32.42
N GLY C 41 -31.63 14.15 33.38
CA GLY C 41 -31.00 15.45 33.27
C GLY C 41 -29.97 15.78 34.34
N GLY C 42 -29.43 14.78 35.04
CA GLY C 42 -28.57 15.07 36.17
C GLY C 42 -27.17 15.55 35.84
N GLN C 43 -26.80 15.54 34.56
CA GLN C 43 -25.46 15.95 34.17
C GLN C 43 -25.25 17.46 34.28
N TRP C 44 -26.32 18.25 34.26
CA TRP C 44 -26.21 19.70 34.38
C TRP C 44 -26.68 20.21 35.73
N GLU C 45 -26.86 19.32 36.71
CA GLU C 45 -27.37 19.75 38.00
C GLU C 45 -26.39 20.67 38.71
N GLY C 46 -26.94 21.64 39.44
CA GLY C 46 -26.15 22.67 40.09
C GLY C 46 -26.16 24.00 39.36
N ALA C 47 -26.51 24.00 38.07
CA ALA C 47 -26.60 25.22 37.29
C ALA C 47 -27.79 25.19 36.34
N THR C 48 -28.88 24.52 36.74
CA THR C 48 -30.02 24.35 35.84
C THR C 48 -30.65 25.68 35.47
N ALA C 49 -30.84 26.56 36.44
CA ALA C 49 -31.48 27.85 36.22
C ALA C 49 -30.39 28.92 36.15
N ALA C 50 -29.95 29.24 34.94
CA ALA C 50 -28.94 30.28 34.74
C ALA C 50 -29.20 30.98 33.42
N GLY C 51 -29.03 32.29 33.42
CA GLY C 51 -29.28 33.06 32.21
C GLY C 51 -28.83 34.49 32.39
N THR C 52 -29.05 35.28 31.35
CA THR C 52 -28.67 36.68 31.34
C THR C 52 -29.93 37.54 31.27
N LYS C 53 -29.73 38.84 31.46
CA LYS C 53 -30.87 39.75 31.48
C LYS C 53 -31.46 39.89 30.08
N LEU C 54 -30.60 40.13 29.09
CA LEU C 54 -30.89 39.95 27.65
C LEU C 54 -32.15 40.69 27.22
N ASP C 55 -32.06 42.02 27.27
CA ASP C 55 -33.09 42.91 26.71
C ASP C 55 -34.45 42.66 27.37
N GLU C 56 -34.48 42.85 28.68
CA GLU C 56 -35.71 42.83 29.48
C GLU C 56 -36.40 41.47 29.44
N GLN C 57 -35.63 40.40 29.63
CA GLN C 57 -36.18 39.05 29.76
C GLN C 57 -35.28 38.26 30.70
N PHE C 58 -35.45 36.94 30.69
CA PHE C 58 -34.58 36.05 31.44
C PHE C 58 -34.28 34.78 30.65
N GLU C 59 -33.90 34.92 29.38
CA GLU C 59 -33.58 33.75 28.57
C GLU C 59 -32.38 33.02 29.16
N LYS C 60 -32.49 31.70 29.24
CA LYS C 60 -31.48 30.84 29.85
C LYS C 60 -30.54 30.27 28.80
N TYR C 61 -29.37 29.84 29.26
CA TYR C 61 -28.43 29.20 28.36
C TYR C 61 -28.95 27.84 27.92
N PRO C 62 -28.61 27.39 26.70
CA PRO C 62 -28.97 26.03 26.31
C PRO C 62 -28.01 25.03 26.93
N LYS C 63 -28.56 23.96 27.49
CA LYS C 63 -27.78 22.95 28.22
C LYS C 63 -28.14 21.58 27.67
N PHE C 64 -27.47 21.19 26.60
CA PHE C 64 -27.67 19.87 26.01
C PHE C 64 -26.98 18.81 26.86
N GLU C 65 -27.34 17.55 26.60
CA GLU C 65 -26.78 16.41 27.32
C GLU C 65 -26.49 15.29 26.33
N ILE C 66 -25.23 14.88 26.26
CA ILE C 66 -24.80 13.76 25.42
C ILE C 66 -24.14 12.75 26.35
N ASN C 67 -24.88 11.71 26.74
CA ASN C 67 -24.37 10.73 27.69
C ASN C 67 -23.40 9.79 26.98
N LYS C 68 -22.16 9.78 27.44
CA LYS C 68 -21.11 8.97 26.84
C LYS C 68 -20.37 8.10 27.83
N VAL C 69 -20.75 8.11 29.11
CA VAL C 69 -20.02 7.39 30.15
C VAL C 69 -20.75 6.13 30.60
N ALA C 70 -21.97 5.90 30.13
CA ALA C 70 -22.77 4.78 30.60
C ALA C 70 -22.51 3.48 29.84
N THR C 71 -21.83 3.53 28.70
CA THR C 71 -21.63 2.32 27.90
C THR C 71 -20.78 1.29 28.64
N GLU C 72 -19.67 1.74 29.23
CA GLU C 72 -18.79 0.80 29.93
C GLU C 72 -19.46 0.26 31.20
N LEU C 73 -20.22 1.11 31.90
CA LEU C 73 -20.94 0.63 33.07
C LEU C 73 -21.98 -0.42 32.68
N ASN C 74 -22.70 -0.19 31.58
CA ASN C 74 -23.64 -1.20 31.09
C ASN C 74 -22.94 -2.48 30.70
N ARG C 75 -21.76 -2.36 30.09
CA ARG C 75 -21.00 -3.55 29.72
C ARG C 75 -20.60 -4.34 30.96
N ILE C 76 -20.15 -3.66 32.01
CA ILE C 76 -19.77 -4.34 33.25
C ILE C 76 -20.97 -5.04 33.86
N ILE C 77 -22.11 -4.34 33.91
CA ILE C 77 -23.31 -4.93 34.50
C ILE C 77 -23.75 -6.15 33.71
N ALA C 78 -23.72 -6.07 32.38
CA ALA C 78 -24.10 -7.21 31.55
C ALA C 78 -23.12 -8.36 31.74
N GLU C 79 -21.83 -8.07 31.86
CA GLU C 79 -20.85 -9.12 32.09
C GLU C 79 -21.11 -9.84 33.40
N TYR C 80 -21.49 -9.10 34.45
CA TYR C 80 -21.84 -9.75 35.70
C TYR C 80 -23.09 -10.61 35.55
N ARG C 81 -24.16 -10.05 34.97
CA ARG C 81 -25.41 -10.77 34.87
C ARG C 81 -25.29 -12.01 33.99
N ASN C 82 -24.36 -12.02 33.04
CA ASN C 82 -24.14 -13.22 32.23
C ASN C 82 -23.59 -14.36 33.06
N ASN C 83 -22.66 -14.09 33.97
CA ASN C 83 -22.04 -15.10 34.82
C ASN C 83 -22.35 -14.77 36.27
N ARG C 84 -23.51 -15.23 36.75
CA ARG C 84 -23.88 -15.02 38.13
C ARG C 84 -23.20 -16.06 39.02
N ILE C 85 -22.90 -15.66 40.26
CA ILE C 85 -22.20 -16.50 41.21
C ILE C 85 -22.98 -16.53 42.52
N THR C 86 -22.75 -17.58 43.29
CA THR C 86 -23.42 -17.77 44.57
C THR C 86 -22.43 -18.38 45.55
N VAL C 87 -22.93 -18.81 46.71
CA VAL C 87 -22.10 -19.38 47.76
C VAL C 87 -22.05 -20.89 47.61
N LYS C 88 -20.84 -21.45 47.74
CA LYS C 88 -20.63 -22.89 47.65
C LYS C 88 -19.91 -23.37 48.90
N PHE C 89 -20.35 -24.50 49.43
CA PHE C 89 -19.76 -25.11 50.62
C PHE C 89 -18.88 -26.28 50.21
N ARG C 90 -17.62 -26.26 50.63
CA ARG C 90 -16.68 -27.31 50.26
C ARG C 90 -16.51 -28.32 51.38
N PRO C 91 -16.37 -29.60 51.05
CA PRO C 91 -16.18 -30.62 52.08
C PRO C 91 -14.75 -30.64 52.59
N GLY C 92 -14.52 -31.47 53.60
CA GLY C 92 -13.23 -31.65 54.19
C GLY C 92 -12.73 -33.08 54.10
N ASP C 93 -11.74 -33.39 54.92
CA ASP C 93 -11.15 -34.74 54.95
C ASP C 93 -11.78 -35.55 56.09
N ARG C 94 -13.09 -35.76 55.95
CA ARG C 94 -13.86 -36.54 56.92
C ARG C 94 -14.84 -37.42 56.17
N GLU C 95 -15.48 -38.34 56.91
CA GLU C 95 -16.36 -39.31 56.28
C GLU C 95 -17.68 -38.68 55.83
N ALA C 96 -18.30 -37.85 56.68
CA ALA C 96 -19.64 -37.34 56.42
C ALA C 96 -19.62 -35.87 56.01
N SER C 97 -18.44 -35.29 55.79
CA SER C 97 -18.38 -33.90 55.38
C SER C 97 -19.06 -33.68 54.04
N GLU C 98 -19.00 -34.67 53.14
CA GLU C 98 -19.67 -34.52 51.85
C GLU C 98 -21.18 -34.39 52.01
N GLU C 99 -21.78 -35.28 52.81
CA GLU C 99 -23.22 -35.21 53.04
C GLU C 99 -23.59 -33.92 53.77
N LEU C 100 -22.77 -33.51 54.73
CA LEU C 100 -23.04 -32.27 55.45
C LEU C 100 -23.03 -31.09 54.49
N ALA C 101 -22.02 -30.99 53.64
CA ALA C 101 -21.95 -29.90 52.67
C ALA C 101 -23.11 -29.95 51.70
N ASN C 102 -23.51 -31.15 51.27
CA ASN C 102 -24.64 -31.29 50.37
C ASN C 102 -25.92 -30.74 50.99
N LYS C 103 -26.18 -31.12 52.25
CA LYS C 103 -27.38 -30.61 52.91
C LYS C 103 -27.32 -29.10 53.06
N LEU C 104 -26.16 -28.56 53.46
CA LEU C 104 -26.05 -27.11 53.62
C LEU C 104 -26.30 -26.35 52.32
N ASN C 105 -25.66 -26.77 51.22
CA ASN C 105 -25.85 -25.98 50.01
C ASN C 105 -27.12 -26.36 49.27
N GLY C 106 -27.85 -27.37 49.73
CA GLY C 106 -29.20 -27.57 49.26
C GLY C 106 -30.16 -26.64 49.97
N LEU C 107 -30.04 -26.57 51.30
CA LEU C 107 -30.90 -25.67 52.07
C LEU C 107 -30.66 -24.21 51.69
N PHE C 108 -29.38 -23.83 51.53
CA PHE C 108 -29.08 -22.45 51.13
C PHE C 108 -29.64 -22.15 49.76
N ARG C 109 -29.51 -23.09 48.81
CA ARG C 109 -30.04 -22.88 47.48
C ARG C 109 -31.56 -22.71 47.52
N ALA C 110 -32.25 -23.52 48.31
CA ALA C 110 -33.69 -23.39 48.43
C ALA C 110 -34.07 -22.03 49.01
N ASP C 111 -33.39 -21.60 50.07
CA ASP C 111 -33.70 -20.32 50.69
C ASP C 111 -33.43 -19.16 49.76
N TYR C 112 -32.33 -19.22 49.00
CA TYR C 112 -32.00 -18.15 48.07
C TYR C 112 -32.96 -18.11 46.89
N GLU C 113 -33.43 -19.28 46.45
CA GLU C 113 -34.31 -19.31 45.28
C GLU C 113 -35.73 -18.88 45.63
N GLU C 114 -36.23 -19.29 46.81
CA GLU C 114 -37.62 -19.04 47.16
C GLU C 114 -37.83 -17.68 47.82
N THR C 115 -36.91 -16.75 47.61
CA THR C 115 -37.01 -15.41 48.17
C THR C 115 -36.39 -14.46 47.14
N ASP C 116 -36.07 -13.24 47.55
CA ASP C 116 -35.55 -12.21 46.65
C ASP C 116 -34.03 -12.11 46.71
N GLY C 117 -33.35 -13.24 46.90
CA GLY C 117 -31.90 -13.20 46.96
C GLY C 117 -31.26 -12.73 45.66
N GLY C 118 -31.77 -13.21 44.53
CA GLY C 118 -31.25 -12.77 43.25
C GLY C 118 -31.47 -11.30 43.00
N GLU C 119 -32.67 -10.80 43.31
CA GLU C 119 -32.93 -9.37 43.19
C GLU C 119 -32.01 -8.56 44.08
N ALA C 120 -31.81 -9.01 45.32
CA ALA C 120 -30.93 -8.29 46.24
C ALA C 120 -29.51 -8.24 45.73
N CYS C 121 -28.99 -9.37 45.25
CA CYS C 121 -27.62 -9.40 44.74
C CYS C 121 -27.47 -8.51 43.51
N ASP C 122 -28.46 -8.57 42.60
CA ASP C 122 -28.39 -7.74 41.41
C ASP C 122 -28.41 -6.26 41.75
N ASN C 123 -29.31 -5.85 42.66
CA ASN C 123 -29.37 -4.46 43.07
C ASN C 123 -28.08 -4.01 43.74
N ALA C 124 -27.54 -4.86 44.64
CA ALA C 124 -26.31 -4.49 45.33
C ALA C 124 -25.16 -4.32 44.35
N PHE C 125 -25.02 -5.25 43.40
CA PHE C 125 -23.93 -5.12 42.43
C PHE C 125 -24.13 -3.90 41.54
N ASP C 126 -25.37 -3.63 41.14
CA ASP C 126 -25.64 -2.46 40.30
C ASP C 126 -25.24 -1.18 41.01
N ASP C 127 -25.65 -1.02 42.27
CA ASP C 127 -25.29 0.18 43.01
C ASP C 127 -23.79 0.25 43.26
N ALA C 128 -23.15 -0.90 43.53
CA ALA C 128 -21.70 -0.89 43.74
C ALA C 128 -20.96 -0.46 42.49
N ALA C 129 -21.39 -0.94 41.32
CA ALA C 129 -20.75 -0.55 40.07
C ALA C 129 -21.02 0.90 39.70
N THR C 130 -22.21 1.42 40.01
CA THR C 130 -22.54 2.79 39.62
C THR C 130 -21.91 3.79 40.59
N GLY C 131 -22.27 3.74 41.87
CA GLY C 131 -21.80 4.69 42.83
C GLY C 131 -20.52 4.26 43.53
N GLY C 132 -20.53 3.07 44.12
CA GLY C 132 -19.37 2.56 44.81
C GLY C 132 -19.68 1.88 46.12
N PHE C 133 -20.94 1.94 46.56
CA PHE C 133 -21.35 1.33 47.81
C PHE C 133 -22.63 0.53 47.58
N GLY C 134 -22.63 -0.72 48.05
CA GLY C 134 -23.81 -1.56 47.96
C GLY C 134 -23.96 -2.41 49.20
N CYS C 135 -25.19 -2.86 49.43
CA CYS C 135 -25.48 -3.66 50.61
C CYS C 135 -26.76 -4.46 50.37
N PHE C 136 -26.89 -5.55 51.12
CA PHE C 136 -28.13 -6.33 51.12
C PHE C 136 -28.30 -6.97 52.50
N ARG C 137 -29.53 -7.35 52.80
CA ARG C 137 -29.94 -7.70 54.15
C ARG C 137 -30.29 -9.18 54.22
N LEU C 138 -30.06 -9.77 55.40
CA LEU C 138 -30.30 -11.18 55.65
C LEU C 138 -31.10 -11.31 56.95
N THR C 139 -32.41 -11.36 56.84
CA THR C 139 -33.30 -11.40 57.99
C THR C 139 -33.94 -12.77 58.11
N SER C 140 -34.64 -12.99 59.23
CA SER C 140 -35.35 -14.24 59.48
C SER C 140 -36.84 -13.94 59.53
N MET C 141 -37.60 -14.61 58.66
CA MET C 141 -39.03 -14.39 58.54
C MET C 141 -39.79 -15.64 58.96
N LEU C 142 -40.96 -15.42 59.54
CA LEU C 142 -41.76 -16.50 60.14
C LEU C 142 -42.83 -16.93 59.15
N VAL C 143 -42.70 -18.13 58.61
CA VAL C 143 -43.73 -18.72 57.75
C VAL C 143 -43.92 -20.19 58.11
N ARG C 152 -41.01 -23.66 61.44
CA ARG C 152 -41.87 -22.49 61.28
C ARG C 152 -41.04 -21.23 61.02
N GLN C 153 -39.79 -21.25 61.47
CA GLN C 153 -38.87 -20.14 61.28
C GLN C 153 -38.02 -20.41 60.05
N ARG C 154 -37.72 -19.34 59.31
CA ARG C 154 -36.99 -19.47 58.06
C ARG C 154 -36.10 -18.24 57.86
N ILE C 155 -34.97 -18.47 57.20
CA ILE C 155 -34.02 -17.42 56.87
C ILE C 155 -34.32 -16.91 55.47
N ALA C 156 -34.41 -15.58 55.31
CA ALA C 156 -34.73 -14.96 54.04
C ALA C 156 -33.68 -13.91 53.70
N ILE C 157 -33.55 -13.63 52.40
CA ILE C 157 -32.62 -12.63 51.90
C ILE C 157 -33.42 -11.51 51.25
N GLU C 158 -33.18 -10.28 51.68
CA GLU C 158 -33.94 -9.13 51.20
C GLU C 158 -32.98 -8.02 50.76
N PRO C 159 -33.40 -7.19 49.82
CA PRO C 159 -32.55 -6.09 49.35
C PRO C 159 -32.68 -4.84 50.19
N ILE C 160 -31.63 -4.02 50.14
CA ILE C 160 -31.59 -2.72 50.79
C ILE C 160 -31.44 -1.67 49.70
N TYR C 161 -32.37 -0.72 49.66
CA TYR C 161 -32.38 0.32 48.64
C TYR C 161 -31.80 1.61 49.20
N ASP C 162 -31.15 2.38 48.33
CA ASP C 162 -30.44 3.60 48.69
C ASP C 162 -29.43 3.33 49.78
N PRO C 163 -28.48 2.41 49.57
CA PRO C 163 -27.52 2.09 50.64
C PRO C 163 -26.68 3.27 51.07
N SER C 164 -26.31 4.15 50.12
CA SER C 164 -25.45 5.28 50.44
C SER C 164 -26.06 6.23 51.46
N ARG C 165 -27.37 6.39 51.46
CA ARG C 165 -28.05 7.22 52.45
C ARG C 165 -28.80 6.38 53.47
N SER C 166 -28.65 5.06 53.42
CA SER C 166 -29.42 4.20 54.31
C SER C 166 -28.56 3.51 55.36
N VAL C 167 -27.40 3.00 54.98
CA VAL C 167 -26.61 2.13 55.83
C VAL C 167 -25.51 2.95 56.49
N TRP C 168 -25.47 2.91 57.82
CA TRP C 168 -24.42 3.58 58.59
C TRP C 168 -23.86 2.60 59.62
N PHE C 169 -22.55 2.40 59.60
CA PHE C 169 -21.90 1.42 60.45
C PHE C 169 -21.12 2.12 61.57
N ASP C 170 -20.58 1.30 62.47
CA ASP C 170 -19.81 1.83 63.58
C ASP C 170 -18.53 2.49 63.07
N PRO C 171 -18.17 3.67 63.56
CA PRO C 171 -16.96 4.35 63.08
C PRO C 171 -15.67 3.60 63.37
N ASP C 172 -15.65 2.70 64.35
CA ASP C 172 -14.43 2.01 64.75
C ASP C 172 -14.19 0.73 63.97
N ALA C 173 -15.09 0.34 63.08
CA ALA C 173 -14.89 -0.83 62.23
C ALA C 173 -14.19 -0.40 60.94
N LYS C 174 -13.06 -1.04 60.64
CA LYS C 174 -12.25 -0.67 59.48
C LYS C 174 -12.15 -1.75 58.43
N LYS C 175 -12.57 -2.97 58.72
CA LYS C 175 -12.42 -4.07 57.77
C LYS C 175 -13.42 -3.93 56.63
N TYR C 176 -13.17 -4.72 55.56
CA TYR C 176 -14.06 -4.68 54.41
C TYR C 176 -15.46 -5.18 54.75
N ASP C 177 -15.54 -6.24 55.54
CA ASP C 177 -16.82 -6.85 55.90
C ASP C 177 -17.37 -6.36 57.23
N LYS C 178 -16.70 -5.42 57.89
CA LYS C 178 -17.17 -4.84 59.14
C LYS C 178 -17.38 -5.89 60.23
N SER C 179 -16.38 -6.77 60.41
CA SER C 179 -16.49 -7.78 61.45
C SER C 179 -16.45 -7.17 62.84
N ASP C 180 -15.59 -6.17 63.05
CA ASP C 180 -15.44 -5.55 64.36
C ASP C 180 -16.34 -4.33 64.52
N ALA C 181 -17.64 -4.54 64.36
CA ALA C 181 -18.64 -3.48 64.52
C ALA C 181 -19.56 -3.84 65.67
N LEU C 182 -19.95 -2.83 66.45
CA LEU C 182 -20.79 -3.04 67.60
C LEU C 182 -22.22 -2.55 67.44
N TRP C 183 -22.51 -1.78 66.39
CA TRP C 183 -23.87 -1.34 66.12
C TRP C 183 -23.97 -0.88 64.67
N ALA C 184 -25.21 -0.77 64.20
CA ALA C 184 -25.46 -0.33 62.83
C ALA C 184 -26.88 0.19 62.72
N PHE C 185 -27.11 0.99 61.68
CA PHE C 185 -28.41 1.57 61.39
C PHE C 185 -28.84 1.21 59.97
N CYS C 186 -30.15 1.08 59.78
CA CYS C 186 -30.72 0.82 58.46
C CYS C 186 -31.99 1.68 58.33
N MET C 187 -31.90 2.76 57.56
CA MET C 187 -33.00 3.69 57.39
C MET C 187 -33.84 3.30 56.19
N TYR C 188 -35.13 3.58 56.27
CA TYR C 188 -36.02 3.38 55.13
C TYR C 188 -37.21 4.32 55.26
N SER C 189 -37.85 4.58 54.13
CA SER C 189 -38.97 5.51 54.05
C SER C 189 -40.29 4.79 54.31
N LEU C 190 -41.28 5.57 54.72
CA LEU C 190 -42.59 5.04 55.06
C LEU C 190 -43.63 6.13 54.80
N SER C 191 -44.73 5.73 54.20
CA SER C 191 -45.77 6.72 53.99
C SER C 191 -46.60 6.88 55.25
N PRO C 192 -47.23 8.04 55.43
CA PRO C 192 -48.06 8.25 56.64
C PRO C 192 -49.20 7.25 56.77
N GLU C 193 -49.76 6.80 55.65
CA GLU C 193 -50.86 5.83 55.71
C GLU C 193 -50.38 4.51 56.29
N LYS C 194 -49.24 3.99 55.81
CA LYS C 194 -48.70 2.77 56.39
C LYS C 194 -48.21 3.00 57.82
N TYR C 195 -47.72 4.21 58.10
CA TYR C 195 -47.31 4.56 59.47
C TYR C 195 -48.49 4.49 60.42
N GLU C 196 -49.67 4.90 59.96
CA GLU C 196 -50.88 4.80 60.77
C GLU C 196 -51.38 3.36 60.85
N ALA C 197 -51.29 2.62 59.74
CA ALA C 197 -51.75 1.23 59.73
C ALA C 197 -50.95 0.39 60.72
N GLU C 198 -49.63 0.58 60.75
CA GLU C 198 -48.78 -0.04 61.74
C GLU C 198 -48.66 0.90 62.95
N TYR C 199 -47.97 0.42 64.00
CA TYR C 199 -47.71 1.21 65.20
C TYR C 199 -49.05 1.72 65.72
N GLY C 200 -49.33 3.02 65.66
CA GLY C 200 -50.63 3.54 66.03
C GLY C 200 -50.78 4.96 65.55
N LYS C 201 -52.03 5.34 65.27
CA LYS C 201 -52.33 6.71 64.88
C LYS C 201 -52.19 7.70 66.03
N LYS C 202 -52.12 7.20 67.26
CA LYS C 202 -52.11 8.08 68.42
C LYS C 202 -50.90 9.01 68.46
N PRO C 203 -49.66 8.55 68.32
CA PRO C 203 -48.53 9.48 68.39
C PRO C 203 -48.38 10.22 67.07
N PRO C 204 -47.88 11.46 67.12
CA PRO C 204 -47.58 12.18 65.88
C PRO C 204 -46.37 11.57 65.17
N THR C 205 -46.14 11.99 63.93
CA THR C 205 -45.06 11.42 63.13
C THR C 205 -43.81 12.30 63.26
N SER C 206 -42.79 11.77 63.92
CA SER C 206 -41.49 12.43 64.02
C SER C 206 -40.45 11.57 63.32
N LEU C 207 -39.73 12.17 62.38
CA LEU C 207 -38.84 11.43 61.49
C LEU C 207 -37.39 11.86 61.70
N ASP C 208 -36.48 10.93 61.42
CA ASP C 208 -35.06 11.21 61.52
C ASP C 208 -34.65 12.23 60.48
N VAL C 209 -33.83 13.20 60.91
CA VAL C 209 -33.39 14.29 60.06
C VAL C 209 -31.91 14.08 59.75
N THR C 210 -31.57 14.07 58.46
CA THR C 210 -30.19 13.90 58.04
C THR C 210 -29.77 15.06 57.15
N SER C 211 -30.75 15.67 56.46
CA SER C 211 -30.48 16.73 55.47
C SER C 211 -29.45 16.27 54.46
N MET C 212 -29.56 15.01 54.03
CA MET C 212 -28.62 14.39 53.12
C MET C 212 -28.94 14.70 51.67
N THR C 213 -30.18 14.42 51.24
CA THR C 213 -30.63 14.80 49.91
C THR C 213 -31.30 16.18 49.98
N SER C 214 -32.03 16.54 48.93
CA SER C 214 -32.43 17.90 48.60
C SER C 214 -31.22 18.73 48.19
N TRP C 215 -30.07 18.08 48.00
CA TRP C 215 -28.85 18.71 47.50
C TRP C 215 -28.95 18.72 45.97
N GLU C 216 -29.32 19.88 45.41
CA GLU C 216 -29.59 20.03 43.99
C GLU C 216 -30.69 19.06 43.54
N TYR C 217 -31.86 19.20 44.17
CA TYR C 217 -33.01 18.37 43.86
C TYR C 217 -34.27 19.07 44.34
N ASN C 218 -35.33 18.96 43.54
CA ASN C 218 -36.63 19.55 43.88
C ASN C 218 -37.47 18.49 44.59
N TRP C 219 -38.04 18.86 45.73
CA TRP C 219 -38.85 17.95 46.54
C TRP C 219 -40.31 18.36 46.45
N PHE C 220 -41.19 17.37 46.26
CA PHE C 220 -42.62 17.61 46.22
C PHE C 220 -43.44 16.64 47.06
N GLY C 221 -42.90 15.47 47.40
CA GLY C 221 -43.65 14.49 48.17
C GLY C 221 -43.56 14.72 49.66
N ALA C 222 -44.68 15.16 50.26
CA ALA C 222 -44.75 15.43 51.69
C ALA C 222 -45.12 14.18 52.49
N ASP C 223 -45.15 13.02 51.86
CA ASP C 223 -45.62 11.78 52.48
C ASP C 223 -44.49 10.80 52.75
N VAL C 224 -43.32 11.28 53.17
CA VAL C 224 -42.18 10.43 53.47
C VAL C 224 -41.78 10.63 54.93
N ILE C 225 -41.63 9.51 55.65
CA ILE C 225 -41.16 9.50 57.03
C ILE C 225 -40.02 8.50 57.12
N TYR C 226 -38.91 8.91 57.71
CA TYR C 226 -37.71 8.09 57.72
C TYR C 226 -37.60 7.35 59.05
N ILE C 227 -37.67 6.03 59.00
CA ILE C 227 -37.61 5.18 60.19
C ILE C 227 -36.42 4.26 60.06
N ALA C 228 -35.70 4.08 61.16
CA ALA C 228 -34.44 3.34 61.14
C ALA C 228 -34.49 2.16 62.09
N LYS C 229 -33.91 1.05 61.65
CA LYS C 229 -33.68 -0.12 62.48
C LYS C 229 -32.28 -0.04 63.05
N TYR C 230 -32.15 -0.33 64.35
CA TYR C 230 -30.90 -0.20 65.08
C TYR C 230 -30.47 -1.58 65.58
N TYR C 231 -29.22 -1.94 65.29
CA TYR C 231 -28.69 -3.25 65.66
C TYR C 231 -27.69 -3.11 66.80
N GLU C 232 -27.79 -4.01 67.78
CA GLU C 232 -26.88 -4.04 68.91
C GLU C 232 -26.28 -5.42 69.05
N VAL C 233 -25.06 -5.48 69.59
CA VAL C 233 -24.42 -6.72 69.98
C VAL C 233 -23.97 -6.58 71.42
N ARG C 234 -24.30 -7.58 72.24
CA ARG C 234 -24.00 -7.54 73.67
C ARG C 234 -23.39 -8.86 74.11
N LYS C 235 -22.61 -8.79 75.19
CA LYS C 235 -22.08 -9.97 75.85
C LYS C 235 -22.93 -10.23 77.09
N GLU C 236 -23.72 -11.29 77.05
CA GLU C 236 -24.69 -11.58 78.10
C GLU C 236 -24.38 -12.95 78.70
N SER C 237 -24.43 -13.01 80.02
CA SER C 237 -24.12 -14.24 80.75
C SER C 237 -25.38 -15.08 80.92
N VAL C 238 -25.39 -16.24 80.27
CA VAL C 238 -26.55 -17.11 80.24
C VAL C 238 -26.19 -18.44 80.88
N ASP C 239 -27.18 -19.09 81.49
CA ASP C 239 -27.01 -20.40 82.11
C ASP C 239 -27.42 -21.47 81.10
N VAL C 240 -26.67 -22.57 81.06
CA VAL C 240 -26.89 -23.62 80.07
C VAL C 240 -27.18 -24.92 80.82
N ILE C 241 -27.97 -25.80 80.21
CA ILE C 241 -28.37 -27.07 80.80
C ILE C 241 -27.77 -28.19 79.97
N SER C 242 -27.22 -29.20 80.64
CA SER C 242 -26.58 -30.33 79.97
C SER C 242 -27.39 -31.59 80.26
N TYR C 243 -28.14 -32.05 79.27
CA TYR C 243 -28.88 -33.31 79.38
C TYR C 243 -27.94 -34.45 78.99
N ARG C 244 -27.85 -35.47 79.85
CA ARG C 244 -26.91 -36.56 79.68
C ARG C 244 -27.61 -37.91 79.49
N HIS C 245 -28.63 -37.94 78.64
CA HIS C 245 -29.34 -39.18 78.36
C HIS C 245 -28.41 -40.17 77.67
N PRO C 246 -28.20 -41.37 78.24
CA PRO C 246 -27.32 -42.34 77.60
C PRO C 246 -27.79 -42.79 76.23
N ILE C 247 -29.10 -42.86 76.01
CA ILE C 247 -29.64 -43.38 74.76
C ILE C 247 -29.58 -42.29 73.68
N THR C 248 -29.13 -42.68 72.49
CA THR C 248 -29.03 -41.78 71.32
C THR C 248 -28.17 -40.56 71.63
N GLY C 249 -26.90 -40.82 71.91
CA GLY C 249 -25.95 -39.77 72.23
C GLY C 249 -26.11 -39.28 73.65
N GLU C 250 -24.99 -39.04 74.33
CA GLU C 250 -25.01 -38.70 75.75
C GLU C 250 -24.95 -37.20 76.01
N ILE C 251 -23.92 -36.53 75.52
CA ILE C 251 -23.74 -35.10 75.79
C ILE C 251 -24.74 -34.33 74.94
N ALA C 252 -25.52 -33.46 75.60
CA ALA C 252 -26.50 -32.62 74.90
C ALA C 252 -26.56 -31.30 75.64
N THR C 253 -25.88 -30.29 75.11
CA THR C 253 -25.75 -28.99 75.76
C THR C 253 -26.76 -28.02 75.15
N TYR C 254 -27.72 -27.60 75.95
CA TYR C 254 -28.80 -26.74 75.48
C TYR C 254 -28.97 -25.56 76.43
N ASP C 255 -29.22 -24.38 75.86
CA ASP C 255 -29.32 -23.14 76.61
C ASP C 255 -30.59 -23.12 77.45
N SER C 256 -30.64 -22.13 78.35
CA SER C 256 -31.83 -21.91 79.18
C SER C 256 -33.03 -21.45 78.36
N ASP C 257 -32.81 -21.01 77.12
CA ASP C 257 -33.93 -20.63 76.27
C ASP C 257 -34.85 -21.81 75.99
N GLN C 258 -34.28 -22.99 75.79
CA GLN C 258 -35.04 -24.22 75.63
C GLN C 258 -35.18 -24.89 77.00
N VAL C 259 -36.42 -25.10 77.43
CA VAL C 259 -36.71 -25.61 78.76
C VAL C 259 -37.52 -26.89 78.62
N GLU C 260 -37.36 -27.80 79.58
CA GLU C 260 -38.13 -29.03 79.60
C GLU C 260 -39.63 -28.76 79.67
N ASP C 261 -40.01 -27.59 80.15
CA ASP C 261 -41.42 -27.20 80.21
C ASP C 261 -41.86 -26.38 79.00
N ILE C 262 -41.02 -25.47 78.51
CA ILE C 262 -41.37 -24.71 77.31
C ILE C 262 -41.50 -25.65 76.12
N GLU C 263 -40.53 -26.52 75.92
CA GLU C 263 -40.59 -27.60 74.94
C GLU C 263 -40.94 -28.89 75.68
N ASP C 264 -42.00 -29.56 75.22
CA ASP C 264 -42.57 -30.68 75.97
C ASP C 264 -41.65 -31.89 75.93
N GLU C 265 -40.52 -31.76 76.62
CA GLU C 265 -39.59 -32.87 76.77
C GLU C 265 -40.05 -33.82 77.87
N LEU C 266 -40.34 -33.28 79.06
CA LEU C 266 -40.91 -34.03 80.18
C LEU C 266 -40.03 -35.21 80.58
N ALA C 267 -38.72 -35.06 80.44
CA ALA C 267 -37.73 -36.07 80.82
C ALA C 267 -37.98 -37.42 80.15
N ILE C 268 -38.58 -37.43 78.96
CA ILE C 268 -38.77 -38.68 78.24
C ILE C 268 -37.43 -39.27 77.84
N ALA C 269 -36.52 -38.43 77.34
CA ALA C 269 -35.20 -38.86 76.90
C ALA C 269 -34.13 -37.88 77.35
N GLY C 270 -34.18 -37.49 78.63
CA GLY C 270 -33.17 -36.58 79.15
C GLY C 270 -33.09 -36.54 80.67
N PHE C 271 -31.88 -36.35 81.18
CA PHE C 271 -31.64 -36.21 82.61
C PHE C 271 -31.16 -34.80 82.93
N HIS C 272 -31.54 -34.28 84.10
CA HIS C 272 -31.17 -32.93 84.48
C HIS C 272 -29.66 -32.78 84.58
N GLU C 273 -29.00 -33.75 85.20
CA GLU C 273 -27.54 -33.77 85.36
C GLU C 273 -27.12 -32.48 86.08
N VAL C 274 -26.32 -31.61 85.45
CA VAL C 274 -25.95 -30.34 86.06
C VAL C 274 -26.41 -29.21 85.15
N ALA C 275 -26.91 -28.13 85.76
CA ALA C 275 -27.45 -27.00 85.00
C ALA C 275 -27.05 -25.67 85.61
N ARG C 276 -25.87 -25.59 86.21
CA ARG C 276 -25.44 -24.37 86.88
C ARG C 276 -24.25 -23.68 86.22
N ARG C 277 -23.62 -24.30 85.22
CA ARG C 277 -22.51 -23.66 84.53
C ARG C 277 -23.02 -22.49 83.70
N SER C 278 -22.65 -21.28 84.08
CA SER C 278 -23.05 -20.06 83.39
C SER C 278 -21.87 -19.49 82.63
N VAL C 279 -22.06 -19.23 81.34
CA VAL C 279 -21.00 -18.73 80.48
C VAL C 279 -21.53 -17.55 79.67
N LYS C 280 -20.66 -16.57 79.47
CA LYS C 280 -21.00 -15.41 78.66
C LYS C 280 -21.06 -15.80 77.18
N ARG C 281 -22.02 -15.23 76.47
CA ARG C 281 -22.20 -15.50 75.05
C ARG C 281 -22.55 -14.22 74.31
N ARG C 282 -22.25 -14.21 73.02
CA ARG C 282 -22.46 -13.05 72.17
C ARG C 282 -23.85 -13.13 71.55
N ARG C 283 -24.67 -12.10 71.79
CA ARG C 283 -26.04 -12.07 71.29
C ARG C 283 -26.30 -10.73 70.60
N VAL C 284 -27.26 -10.74 69.68
CA VAL C 284 -27.56 -9.60 68.83
C VAL C 284 -29.01 -9.21 69.02
N TYR C 285 -29.25 -7.92 69.28
CA TYR C 285 -30.59 -7.37 69.45
C TYR C 285 -30.89 -6.35 68.37
N VAL C 286 -32.17 -6.19 68.07
CA VAL C 286 -32.65 -5.26 67.06
C VAL C 286 -33.80 -4.45 67.64
N SER C 287 -33.97 -3.23 67.12
CA SER C 287 -35.01 -2.32 67.59
C SER C 287 -35.37 -1.37 66.46
N VAL C 288 -36.52 -0.73 66.61
CA VAL C 288 -37.02 0.25 65.65
C VAL C 288 -37.19 1.57 66.39
N VAL C 289 -36.55 2.63 65.88
CA VAL C 289 -36.54 3.93 66.52
C VAL C 289 -36.87 5.00 65.50
N ASP C 290 -37.21 6.18 66.00
CA ASP C 290 -37.41 7.37 65.18
C ASP C 290 -36.82 8.56 65.93
N GLY C 291 -37.16 9.77 65.49
CA GLY C 291 -36.62 10.96 66.11
C GLY C 291 -37.22 11.29 67.47
N ASP C 292 -38.27 10.58 67.89
CA ASP C 292 -38.97 10.90 69.13
C ASP C 292 -38.82 9.81 70.19
N GLY C 293 -39.07 8.56 69.83
CA GLY C 293 -39.01 7.49 70.83
C GLY C 293 -38.84 6.10 70.24
N PHE C 294 -39.20 5.09 71.03
CA PHE C 294 -39.05 3.70 70.64
C PHE C 294 -40.36 3.19 70.03
N LEU C 295 -40.38 3.02 68.71
CA LEU C 295 -41.54 2.42 68.07
C LEU C 295 -41.68 0.95 68.43
N GLU C 296 -40.56 0.23 68.53
CA GLU C 296 -40.56 -1.18 68.88
C GLU C 296 -39.49 -1.43 69.93
N LYS C 297 -39.86 -2.15 70.99
CA LYS C 297 -38.91 -2.48 72.04
C LYS C 297 -37.87 -3.48 71.51
N PRO C 298 -36.66 -3.46 72.06
CA PRO C 298 -35.61 -4.34 71.55
C PRO C 298 -35.97 -5.81 71.68
N ARG C 299 -35.54 -6.60 70.70
CA ARG C 299 -35.73 -8.05 70.74
C ARG C 299 -34.53 -8.72 70.10
N ARG C 300 -34.20 -9.92 70.59
CA ARG C 300 -33.02 -10.63 70.14
C ARG C 300 -33.30 -11.38 68.84
N ILE C 301 -32.38 -11.24 67.89
CA ILE C 301 -32.48 -11.96 66.62
C ILE C 301 -31.59 -13.19 66.69
N PRO C 302 -31.98 -14.31 66.06
CA PRO C 302 -31.23 -15.57 66.25
C PRO C 302 -29.97 -15.66 65.39
N GLY C 303 -28.89 -15.09 65.91
CA GLY C 303 -27.62 -15.17 65.21
C GLY C 303 -26.50 -14.66 66.09
N GLU C 304 -25.30 -14.59 65.49
CA GLU C 304 -24.12 -14.12 66.20
C GLU C 304 -23.49 -12.88 65.56
N HIS C 305 -23.83 -12.54 64.33
CA HIS C 305 -23.26 -11.41 63.63
C HIS C 305 -24.35 -10.45 63.18
N ILE C 306 -23.93 -9.22 62.88
CA ILE C 306 -24.86 -8.23 62.33
C ILE C 306 -25.25 -8.66 60.91
N PRO C 307 -26.53 -8.70 60.58
CA PRO C 307 -26.95 -9.28 59.30
C PRO C 307 -26.81 -8.36 58.10
N LEU C 308 -26.03 -7.29 58.23
CA LEU C 308 -25.81 -6.37 57.12
C LEU C 308 -24.51 -6.73 56.40
N ILE C 309 -24.61 -7.00 55.11
CA ILE C 309 -23.49 -7.44 54.29
C ILE C 309 -23.20 -6.36 53.25
N PRO C 310 -22.11 -5.62 53.39
CA PRO C 310 -21.82 -4.55 52.42
C PRO C 310 -21.05 -5.06 51.21
N VAL C 311 -21.24 -4.34 50.10
CA VAL C 311 -20.53 -4.60 48.85
C VAL C 311 -19.91 -3.30 48.37
N TYR C 312 -18.63 -3.34 48.01
CA TYR C 312 -17.89 -2.16 47.60
C TYR C 312 -17.35 -2.34 46.19
N GLY C 313 -17.32 -1.26 45.42
CA GLY C 313 -16.71 -1.28 44.12
C GLY C 313 -15.19 -1.28 44.21
N LYS C 314 -14.62 -0.19 44.69
CA LYS C 314 -13.21 -0.15 45.04
C LYS C 314 -13.06 0.61 46.35
N ARG C 315 -12.55 -0.07 47.37
CA ARG C 315 -12.51 0.48 48.72
C ARG C 315 -11.07 0.55 49.22
N TRP C 316 -10.74 1.66 49.88
CA TRP C 316 -9.43 1.85 50.46
C TRP C 316 -9.57 2.58 51.79
N PHE C 317 -8.50 2.52 52.59
CA PHE C 317 -8.44 3.18 53.88
C PHE C 317 -7.26 4.16 53.84
N ILE C 318 -7.56 5.45 53.70
CA ILE C 318 -6.55 6.47 53.42
C ILE C 318 -6.09 7.17 54.68
N ASP C 319 -6.99 7.88 55.37
CA ASP C 319 -6.64 8.56 56.62
C ASP C 319 -7.83 8.47 57.57
N ASP C 320 -7.86 7.40 58.37
CA ASP C 320 -8.87 7.17 59.40
C ASP C 320 -10.29 7.16 58.85
N ILE C 321 -10.44 7.19 57.52
CA ILE C 321 -11.74 7.24 56.87
C ILE C 321 -11.70 6.30 55.67
N GLU C 322 -12.73 5.47 55.54
CA GLU C 322 -12.85 4.59 54.39
C GLU C 322 -13.35 5.38 53.19
N ARG C 323 -12.67 5.22 52.05
CA ARG C 323 -13.03 5.91 50.83
C ARG C 323 -13.28 4.89 49.72
N VAL C 324 -14.37 5.11 48.97
CA VAL C 324 -14.78 4.17 47.93
C VAL C 324 -14.94 4.91 46.61
N GLU C 325 -14.74 4.17 45.53
CA GLU C 325 -14.90 4.67 44.18
C GLU C 325 -15.61 3.63 43.34
N GLY C 326 -16.41 4.10 42.39
CA GLY C 326 -17.12 3.23 41.46
C GLY C 326 -16.54 3.25 40.07
N HIS C 327 -17.34 3.66 39.08
CA HIS C 327 -16.90 3.71 37.69
C HIS C 327 -17.37 4.96 36.96
N ILE C 328 -17.76 6.02 37.69
CA ILE C 328 -18.31 7.22 37.06
C ILE C 328 -17.52 8.44 37.52
N ALA C 329 -16.85 8.33 38.66
CA ALA C 329 -16.23 9.50 39.27
C ALA C 329 -15.13 10.08 38.39
N LYS C 330 -14.32 9.23 37.76
CA LYS C 330 -13.13 9.70 37.08
C LYS C 330 -13.41 10.39 35.75
N ALA C 331 -14.63 10.28 35.21
CA ALA C 331 -14.95 10.81 33.89
C ALA C 331 -15.99 11.93 33.93
N MET C 332 -16.25 12.48 35.12
CA MET C 332 -17.33 13.47 35.24
C MET C 332 -16.94 14.81 34.63
N ASP C 333 -15.73 15.28 34.91
CA ASP C 333 -15.29 16.57 34.38
C ASP C 333 -15.19 16.60 32.86
N PRO C 334 -14.57 15.63 32.19
CA PRO C 334 -14.59 15.66 30.72
C PRO C 334 -15.99 15.64 30.13
N GLN C 335 -16.92 14.91 30.74
CA GLN C 335 -18.28 14.87 30.20
C GLN C 335 -18.98 16.21 30.36
N ARG C 336 -18.89 16.80 31.56
CA ARG C 336 -19.52 18.09 31.78
C ARG C 336 -18.81 19.21 31.04
N LEU C 337 -17.61 18.99 30.53
CA LEU C 337 -16.97 19.96 29.65
C LEU C 337 -17.37 19.76 28.19
N TYR C 338 -17.53 18.50 27.77
CA TYR C 338 -17.97 18.22 26.42
C TYR C 338 -19.38 18.75 26.17
N ASN C 339 -20.25 18.61 27.17
CA ASN C 339 -21.61 19.17 27.03
C ASN C 339 -21.56 20.67 26.78
N LEU C 340 -20.74 21.38 27.56
CA LEU C 340 -20.61 22.82 27.39
C LEU C 340 -20.05 23.17 26.02
N GLN C 341 -19.03 22.43 25.58
CA GLN C 341 -18.45 22.69 24.26
C GLN C 341 -19.49 22.54 23.16
N VAL C 342 -20.28 21.47 23.21
CA VAL C 342 -21.29 21.23 22.19
C VAL C 342 -22.34 22.34 22.21
N SER C 343 -22.79 22.73 23.41
CA SER C 343 -23.80 23.78 23.49
C SER C 343 -23.28 25.11 22.94
N MET C 344 -22.05 25.47 23.30
CA MET C 344 -21.48 26.73 22.83
C MET C 344 -21.27 26.72 21.32
N LEU C 345 -20.86 25.58 20.76
CA LEU C 345 -20.74 25.49 19.31
C LEU C 345 -22.10 25.63 18.63
N ALA C 346 -23.12 24.96 19.18
CA ALA C 346 -24.44 25.00 18.56
C ALA C 346 -25.01 26.41 18.54
N ASP C 347 -24.86 27.14 19.66
CA ASP C 347 -25.38 28.50 19.73
C ASP C 347 -24.72 29.40 18.67
N THR C 348 -23.39 29.36 18.60
CA THR C 348 -22.68 30.21 17.65
C THR C 348 -23.04 29.84 16.22
N ALA C 349 -23.15 28.55 15.93
CA ALA C 349 -23.53 28.14 14.58
C ALA C 349 -24.93 28.61 14.22
N ALA C 350 -25.86 28.53 15.17
CA ALA C 350 -27.23 28.96 14.90
C ALA C 350 -27.35 30.47 14.78
N GLN C 351 -26.40 31.22 15.35
CA GLN C 351 -26.52 32.68 15.33
C GLN C 351 -26.52 33.24 13.90
N ASP C 352 -25.52 32.87 13.10
CA ASP C 352 -25.32 33.47 11.77
C ASP C 352 -25.36 32.41 10.69
N PRO C 353 -26.49 32.26 9.99
CA PRO C 353 -26.58 31.21 8.97
C PRO C 353 -25.83 31.53 7.68
N GLY C 354 -25.95 32.75 7.16
CA GLY C 354 -25.39 33.04 5.85
C GLY C 354 -24.94 34.46 5.62
N GLN C 355 -24.91 34.88 4.35
CA GLN C 355 -24.39 36.18 3.94
C GLN C 355 -25.51 37.08 3.46
N ILE C 356 -25.42 38.36 3.80
CA ILE C 356 -26.36 39.38 3.34
C ILE C 356 -25.57 40.55 2.78
N PRO C 357 -25.92 41.07 1.61
CA PRO C 357 -25.22 42.25 1.09
C PRO C 357 -25.57 43.49 1.89
N ILE C 358 -24.65 44.46 1.86
CA ILE C 358 -24.83 45.74 2.52
C ILE C 358 -24.77 46.84 1.47
N VAL C 359 -25.81 47.66 1.41
CA VAL C 359 -25.92 48.74 0.43
C VAL C 359 -26.37 50.00 1.14
N GLY C 360 -26.39 51.11 0.40
CA GLY C 360 -26.86 52.36 0.93
C GLY C 360 -28.32 52.64 0.60
N MET C 361 -28.95 53.43 1.47
CA MET C 361 -30.34 53.80 1.25
C MET C 361 -30.52 54.57 -0.05
N GLU C 362 -29.68 55.59 -0.27
CA GLU C 362 -29.68 56.31 -1.53
C GLU C 362 -29.29 55.44 -2.70
N GLN C 363 -28.42 54.46 -2.48
CA GLN C 363 -27.97 53.56 -3.54
C GLN C 363 -29.07 52.65 -4.05
N ILE C 364 -29.89 52.08 -3.16
CA ILE C 364 -30.87 51.07 -3.52
C ILE C 364 -32.30 51.59 -3.47
N ARG C 365 -32.51 52.86 -3.16
CA ARG C 365 -33.87 53.40 -3.15
C ARG C 365 -34.48 53.37 -4.54
N GLY C 366 -35.72 52.91 -4.63
CA GLY C 366 -36.46 52.86 -5.87
C GLY C 366 -36.28 51.60 -6.68
N LEU C 367 -35.34 50.73 -6.33
CA LEU C 367 -35.08 49.50 -7.06
C LEU C 367 -35.25 48.27 -6.19
N GLU C 368 -36.11 48.35 -5.16
CA GLU C 368 -36.22 47.25 -4.20
C GLU C 368 -36.91 46.03 -4.79
N LYS C 369 -37.87 46.24 -5.68
CA LYS C 369 -38.66 45.12 -6.20
C LYS C 369 -37.86 44.25 -7.14
N HIS C 370 -36.83 44.82 -7.79
CA HIS C 370 -35.99 44.00 -8.66
C HIS C 370 -35.06 43.10 -7.85
N TRP C 371 -34.52 43.62 -6.74
CA TRP C 371 -33.65 42.83 -5.89
C TRP C 371 -34.42 41.85 -5.01
N GLU C 372 -35.68 42.14 -4.69
CA GLU C 372 -36.45 41.23 -3.84
C GLU C 372 -36.66 39.88 -4.51
N ALA C 373 -36.88 39.88 -5.82
CA ALA C 373 -37.26 38.67 -6.55
C ALA C 373 -36.13 38.16 -7.45
N ARG C 374 -34.89 38.21 -6.97
CA ARG C 374 -33.77 37.75 -7.78
C ARG C 374 -33.59 36.23 -7.72
N ASN C 375 -34.33 35.54 -6.87
CA ASN C 375 -34.30 34.08 -6.84
C ASN C 375 -35.54 33.44 -7.45
N LYS C 376 -36.61 34.19 -7.66
CA LYS C 376 -37.81 33.69 -8.28
C LYS C 376 -37.80 33.92 -9.79
N LYS C 377 -37.44 35.13 -10.22
CA LYS C 377 -37.31 35.43 -11.63
C LYS C 377 -35.91 35.04 -12.11
N ARG C 378 -35.65 35.30 -13.39
CA ARG C 378 -34.33 35.07 -13.99
C ARG C 378 -33.89 36.36 -14.67
N PRO C 379 -33.56 37.38 -13.90
CA PRO C 379 -33.19 38.67 -14.49
C PRO C 379 -31.88 38.57 -15.27
N ALA C 380 -31.83 39.27 -16.40
CA ALA C 380 -30.61 39.32 -17.19
C ALA C 380 -29.53 40.13 -16.49
N PHE C 381 -29.92 41.05 -15.62
CA PHE C 381 -28.97 41.86 -14.87
C PHE C 381 -29.71 42.47 -13.69
N LEU C 382 -28.94 43.08 -12.78
CA LEU C 382 -29.49 43.75 -11.62
C LEU C 382 -29.04 45.21 -11.60
N PRO C 383 -29.96 46.16 -11.56
CA PRO C 383 -29.56 47.57 -11.56
C PRO C 383 -29.22 48.08 -10.17
N LEU C 384 -28.22 48.96 -10.11
CA LEU C 384 -27.81 49.56 -8.85
C LEU C 384 -27.04 50.84 -9.15
N ARG C 385 -27.26 51.87 -8.34
CA ARG C 385 -26.69 53.18 -8.54
C ARG C 385 -25.26 53.23 -7.98
N GLU C 386 -24.62 54.38 -8.13
CA GLU C 386 -23.27 54.61 -7.64
C GLU C 386 -23.31 55.45 -6.37
N VAL C 387 -22.16 55.54 -5.71
CA VAL C 387 -22.02 56.31 -4.48
C VAL C 387 -21.50 57.70 -4.84
N ARG C 388 -22.21 58.73 -4.38
CA ARG C 388 -21.86 60.11 -4.67
C ARG C 388 -21.69 60.91 -3.38
N ASP C 389 -20.73 61.81 -3.39
CA ASP C 389 -20.46 62.66 -2.23
C ASP C 389 -21.46 63.81 -2.19
N LYS C 390 -21.21 64.79 -1.32
CA LYS C 390 -22.16 65.89 -1.15
C LYS C 390 -22.18 66.86 -2.32
N SER C 391 -21.11 66.90 -3.13
CA SER C 391 -21.04 67.82 -4.24
C SER C 391 -21.51 67.22 -5.57
N GLY C 392 -21.84 65.93 -5.58
CA GLY C 392 -22.29 65.28 -6.80
C GLY C 392 -21.23 64.49 -7.54
N ASN C 393 -20.01 64.40 -7.00
CA ASN C 393 -18.96 63.62 -7.63
C ASN C 393 -19.11 62.14 -7.30
N ILE C 394 -18.54 61.30 -8.15
CA ILE C 394 -18.59 59.85 -7.96
C ILE C 394 -17.35 59.41 -7.22
N ILE C 395 -17.53 58.58 -6.18
CA ILE C 395 -16.42 58.10 -5.39
C ILE C 395 -16.28 56.58 -5.41
N ALA C 396 -17.32 55.84 -5.76
CA ALA C 396 -17.27 54.39 -5.74
C ALA C 396 -18.15 53.84 -6.85
N GLY C 397 -17.91 52.57 -7.20
CA GLY C 397 -18.66 51.92 -8.25
C GLY C 397 -20.06 51.53 -7.82
N ALA C 398 -20.73 50.80 -8.70
CA ALA C 398 -22.10 50.37 -8.47
C ALA C 398 -22.21 49.08 -7.66
N THR C 399 -21.08 48.49 -7.29
CA THR C 399 -21.12 47.25 -6.53
C THR C 399 -21.52 47.52 -5.08
N PRO C 400 -22.13 46.55 -4.41
CA PRO C 400 -22.43 46.70 -2.98
C PRO C 400 -21.14 46.91 -2.19
N ALA C 401 -21.28 47.59 -1.05
CA ALA C 401 -20.13 47.88 -0.20
C ALA C 401 -19.47 46.60 0.29
N GLY C 402 -20.25 45.62 0.67
CA GLY C 402 -19.69 44.37 1.16
C GLY C 402 -20.78 43.38 1.51
N TYR C 403 -20.36 42.29 2.13
CA TYR C 403 -21.26 41.23 2.57
C TYR C 403 -20.99 40.90 4.03
N THR C 404 -22.04 40.53 4.75
CA THR C 404 -21.85 40.07 6.11
C THR C 404 -21.11 38.74 6.13
N GLN C 405 -20.27 38.56 7.14
CA GLN C 405 -19.43 37.38 7.22
C GLN C 405 -20.16 36.25 7.92
N PRO C 406 -20.19 35.04 7.35
CA PRO C 406 -20.86 33.93 8.00
C PRO C 406 -20.09 33.46 9.23
N ALA C 407 -20.72 32.55 9.98
CA ALA C 407 -20.16 32.08 11.23
C ALA C 407 -18.88 31.27 10.98
N VAL C 408 -18.04 31.21 12.01
CA VAL C 408 -16.78 30.48 11.94
C VAL C 408 -16.63 29.68 13.23
N MET C 409 -15.84 28.61 13.14
CA MET C 409 -15.53 27.77 14.29
C MET C 409 -14.08 28.03 14.70
N ASN C 410 -13.88 28.41 15.96
CA ASN C 410 -12.54 28.64 16.47
C ASN C 410 -11.83 27.31 16.74
N GLN C 411 -10.50 27.36 16.64
CA GLN C 411 -9.71 26.13 16.73
C GLN C 411 -9.72 25.54 18.14
N ALA C 412 -9.81 26.39 19.15
CA ALA C 412 -9.74 25.91 20.53
C ALA C 412 -10.92 25.01 20.86
N LEU C 413 -12.12 25.37 20.40
CA LEU C 413 -13.29 24.54 20.67
C LEU C 413 -13.17 23.18 20.02
N ALA C 414 -12.70 23.13 18.78
CA ALA C 414 -12.52 21.85 18.10
C ALA C 414 -11.46 20.99 18.80
N ALA C 415 -10.36 21.63 19.22
CA ALA C 415 -9.33 20.89 19.94
C ALA C 415 -9.88 20.32 21.24
N LEU C 416 -10.67 21.10 21.96
CA LEU C 416 -11.29 20.60 23.19
C LEU C 416 -12.23 19.44 22.89
N LEU C 417 -13.02 19.56 21.83
CA LEU C 417 -13.94 18.48 21.45
C LEU C 417 -13.19 17.18 21.22
N GLN C 418 -12.15 17.23 20.39
CA GLN C 418 -11.38 16.02 20.09
C GLN C 418 -10.71 15.46 21.35
N GLN C 419 -10.09 16.34 22.14
CA GLN C 419 -9.39 15.89 23.33
C GLN C 419 -10.33 15.22 24.31
N THR C 420 -11.49 15.83 24.57
CA THR C 420 -12.44 15.27 25.51
C THR C 420 -13.03 13.95 25.00
N SER C 421 -13.35 13.89 23.71
CA SER C 421 -13.87 12.64 23.16
C SER C 421 -12.86 11.51 23.30
N ALA C 422 -11.57 11.82 23.14
CA ALA C 422 -10.56 10.80 23.34
C ALA C 422 -10.42 10.42 24.82
N ASP C 423 -10.39 11.42 25.71
CA ASP C 423 -10.09 11.16 27.12
C ASP C 423 -11.21 10.42 27.83
N ILE C 424 -12.48 10.69 27.48
CA ILE C 424 -13.57 9.97 28.12
C ILE C 424 -13.42 8.47 27.90
N GLN C 425 -13.23 8.07 26.65
CA GLN C 425 -13.06 6.65 26.33
C GLN C 425 -11.77 6.10 26.93
N GLU C 426 -10.70 6.90 26.94
CA GLU C 426 -9.44 6.41 27.51
C GLU C 426 -9.59 6.12 28.99
N VAL C 427 -10.27 7.00 29.73
CA VAL C 427 -10.43 6.80 31.17
C VAL C 427 -11.38 5.65 31.45
N THR C 428 -12.52 5.61 30.76
CA THR C 428 -13.52 4.56 31.00
C THR C 428 -13.10 3.29 30.24
N GLY C 429 -12.21 2.54 30.87
CA GLY C 429 -11.75 1.28 30.31
C GLY C 429 -10.48 1.43 29.51
N MET C 450 -4.75 -15.34 31.83
CA MET C 450 -4.42 -13.92 31.79
C MET C 450 -5.48 -13.13 31.04
N ASN C 451 -6.44 -13.85 30.45
CA ASN C 451 -7.53 -13.19 29.74
C ASN C 451 -8.42 -12.39 30.70
N ARG C 452 -8.69 -12.95 31.89
CA ARG C 452 -9.58 -12.28 32.83
C ARG C 452 -9.02 -10.93 33.29
N ALA C 453 -7.71 -10.87 33.55
CA ALA C 453 -7.11 -9.65 34.08
C ALA C 453 -7.23 -8.50 33.09
N ASP C 454 -7.37 -8.78 31.80
CA ASP C 454 -7.50 -7.71 30.81
C ASP C 454 -8.84 -6.99 30.91
N MET C 455 -9.90 -7.68 31.31
CA MET C 455 -11.19 -7.04 31.44
C MET C 455 -11.21 -6.08 32.61
N ALA C 456 -12.14 -5.11 32.54
CA ALA C 456 -12.24 -4.08 33.56
C ALA C 456 -13.16 -4.46 34.72
N SER C 457 -13.88 -5.58 34.61
CA SER C 457 -14.83 -5.98 35.64
C SER C 457 -14.23 -6.96 36.64
N PHE C 458 -12.93 -7.27 36.52
CA PHE C 458 -12.34 -8.28 37.37
C PHE C 458 -12.36 -7.87 38.84
N ILE C 459 -12.02 -6.61 39.14
CA ILE C 459 -11.97 -6.16 40.53
C ILE C 459 -13.36 -6.14 41.14
N TYR C 460 -14.36 -5.68 40.36
CA TYR C 460 -15.73 -5.68 40.86
C TYR C 460 -16.22 -7.11 41.13
N LEU C 461 -15.92 -8.04 40.23
CA LEU C 461 -16.32 -9.42 40.45
C LEU C 461 -15.63 -10.03 41.66
N ASP C 462 -14.35 -9.73 41.86
CA ASP C 462 -13.64 -10.25 43.02
C ASP C 462 -14.23 -9.69 44.31
N ASN C 463 -14.54 -8.39 44.34
CA ASN C 463 -15.16 -7.82 45.52
C ASN C 463 -16.53 -8.44 45.79
N MET C 464 -17.30 -8.69 44.72
CA MET C 464 -18.60 -9.31 44.89
C MET C 464 -18.46 -10.71 45.47
N ALA C 465 -17.46 -11.47 44.99
CA ALA C 465 -17.23 -12.81 45.52
C ALA C 465 -16.82 -12.77 46.98
N LYS C 466 -15.93 -11.86 47.35
CA LYS C 466 -15.51 -11.79 48.75
C LYS C 466 -16.61 -11.28 49.65
N SER C 467 -17.60 -10.55 49.11
CA SER C 467 -18.78 -10.22 49.88
C SER C 467 -19.70 -11.42 50.07
N LEU C 468 -19.88 -12.22 49.01
CA LEU C 468 -20.64 -13.46 49.15
C LEU C 468 -20.01 -14.41 50.16
N LYS C 469 -18.68 -14.39 50.29
CA LYS C 469 -18.05 -15.22 51.31
C LYS C 469 -18.52 -14.83 52.71
N ARG C 470 -18.55 -13.53 52.99
CA ARG C 470 -19.03 -13.06 54.29
C ARG C 470 -20.51 -13.37 54.48
N ALA C 471 -21.30 -13.22 53.41
CA ALA C 471 -22.72 -13.57 53.50
C ALA C 471 -22.91 -15.04 53.84
N GLY C 472 -22.11 -15.91 53.21
CA GLY C 472 -22.18 -17.33 53.53
C GLY C 472 -21.77 -17.62 54.96
N GLU C 473 -20.74 -16.95 55.46
CA GLU C 473 -20.34 -17.12 56.84
C GLU C 473 -21.46 -16.72 57.80
N VAL C 474 -22.10 -15.58 57.53
CA VAL C 474 -23.20 -15.12 58.38
C VAL C 474 -24.36 -16.10 58.33
N TRP C 475 -24.69 -16.60 57.14
CA TRP C 475 -25.79 -17.55 57.03
C TRP C 475 -25.48 -18.85 57.77
N LEU C 476 -24.23 -19.31 57.68
CA LEU C 476 -23.85 -20.52 58.40
C LEU C 476 -23.97 -20.32 59.90
N SER C 477 -23.55 -19.15 60.39
CA SER C 477 -23.70 -18.88 61.82
C SER C 477 -25.17 -18.80 62.23
N MET C 478 -26.02 -18.25 61.34
CA MET C 478 -27.43 -18.07 61.66
C MET C 478 -28.21 -19.37 61.61
N ALA C 479 -27.83 -20.30 60.74
CA ALA C 479 -28.65 -21.49 60.50
C ALA C 479 -28.71 -22.44 61.68
N ARG C 480 -27.70 -22.45 62.55
CA ARG C 480 -27.70 -23.37 63.68
C ARG C 480 -28.83 -23.10 64.64
N GLU C 481 -29.15 -21.83 64.88
CA GLU C 481 -30.20 -21.46 65.82
C GLU C 481 -31.60 -21.60 65.24
N VAL C 482 -31.73 -21.81 63.93
CA VAL C 482 -33.02 -21.87 63.27
C VAL C 482 -33.36 -23.29 62.82
N TYR C 483 -32.48 -23.91 62.04
CA TYR C 483 -32.71 -25.26 61.55
C TYR C 483 -32.15 -26.33 62.48
N GLY C 484 -31.43 -25.95 63.53
CA GLY C 484 -30.87 -26.92 64.45
C GLY C 484 -29.53 -27.47 64.00
N SER C 485 -28.81 -28.04 64.95
CA SER C 485 -27.49 -28.59 64.66
C SER C 485 -27.60 -29.93 63.94
N GLU C 486 -26.46 -30.42 63.46
CA GLU C 486 -26.38 -31.70 62.77
C GLU C 486 -25.54 -32.67 63.60
N ARG C 487 -26.04 -33.89 63.76
CA ARG C 487 -25.30 -34.94 64.45
C ARG C 487 -25.15 -36.13 63.52
N GLU C 488 -23.95 -36.72 63.53
CA GLU C 488 -23.58 -37.79 62.60
C GLU C 488 -23.82 -39.14 63.27
N VAL C 489 -25.07 -39.61 63.21
CA VAL C 489 -25.45 -40.88 63.81
C VAL C 489 -26.42 -41.57 62.86
N ARG C 490 -25.97 -42.69 62.26
CA ARG C 490 -26.87 -43.59 61.56
C ARG C 490 -26.61 -45.07 61.86
N ILE C 491 -25.39 -45.44 62.25
CA ILE C 491 -25.07 -46.82 62.51
C ILE C 491 -25.40 -47.18 63.96
N VAL C 507 -23.57 -43.61 59.58
CA VAL C 507 -22.41 -42.81 59.25
C VAL C 507 -22.56 -42.25 57.83
N VAL C 508 -23.49 -42.81 57.07
CA VAL C 508 -23.71 -42.42 55.68
C VAL C 508 -24.97 -41.58 55.50
N ASP C 509 -25.58 -41.14 56.59
CA ASP C 509 -26.83 -40.39 56.50
C ASP C 509 -26.74 -39.13 57.34
N ARG C 510 -27.45 -38.09 56.90
CA ARG C 510 -27.54 -36.80 57.58
C ARG C 510 -28.97 -36.57 58.03
N GLN C 511 -29.15 -36.25 59.31
CA GLN C 511 -30.49 -36.00 59.82
C GLN C 511 -30.39 -35.27 61.15
N THR C 512 -31.45 -34.54 61.47
CA THR C 512 -31.65 -33.92 62.77
C THR C 512 -33.13 -34.01 63.13
N GLY C 513 -33.41 -33.99 64.43
CA GLY C 513 -34.78 -34.09 64.89
C GLY C 513 -35.09 -33.15 66.04
N ALA C 514 -36.25 -32.52 66.00
CA ALA C 514 -36.63 -31.57 67.04
C ALA C 514 -38.10 -31.22 66.91
N VAL C 515 -38.79 -31.15 68.05
CA VAL C 515 -40.11 -30.56 68.09
C VAL C 515 -40.01 -29.05 67.83
N VAL C 516 -39.11 -28.39 68.55
CA VAL C 516 -38.66 -27.04 68.26
C VAL C 516 -37.14 -27.08 68.21
N ALA C 517 -36.57 -26.51 67.15
CA ALA C 517 -35.17 -26.73 66.77
C ALA C 517 -34.22 -26.71 67.96
N LEU C 518 -33.52 -27.82 68.16
CA LEU C 518 -32.51 -27.95 69.21
C LEU C 518 -31.15 -27.59 68.65
N ASN C 519 -30.45 -26.69 69.34
CA ASN C 519 -29.12 -26.24 68.94
C ASN C 519 -28.12 -26.79 69.96
N ASP C 520 -27.43 -27.87 69.60
CA ASP C 520 -26.48 -28.51 70.50
C ASP C 520 -25.18 -27.73 70.48
N LEU C 521 -24.82 -27.13 71.62
CA LEU C 521 -23.61 -26.33 71.69
C LEU C 521 -22.35 -27.17 71.81
N SER C 522 -22.46 -28.45 72.15
CA SER C 522 -21.30 -29.31 72.30
C SER C 522 -20.76 -29.84 70.98
N VAL C 523 -21.48 -29.61 69.88
CA VAL C 523 -21.03 -30.12 68.58
C VAL C 523 -19.80 -29.35 68.11
N GLY C 524 -19.83 -28.03 68.24
CA GLY C 524 -18.74 -27.21 67.74
C GLY C 524 -18.92 -26.88 66.27
N ARG C 525 -17.86 -26.33 65.69
CA ARG C 525 -17.89 -25.93 64.29
C ARG C 525 -17.89 -27.16 63.39
N TYR C 526 -18.50 -27.02 62.21
CA TYR C 526 -18.54 -28.09 61.23
C TYR C 526 -17.19 -28.17 60.51
N ASP C 527 -17.14 -29.02 59.49
CA ASP C 527 -15.94 -29.19 58.67
C ASP C 527 -16.17 -28.79 57.22
N VAL C 528 -16.83 -27.67 56.98
CA VAL C 528 -17.05 -27.16 55.64
C VAL C 528 -16.41 -25.79 55.51
N THR C 529 -16.05 -25.44 54.29
CA THR C 529 -15.41 -24.17 53.98
C THR C 529 -16.26 -23.40 52.99
N VAL C 530 -16.39 -22.09 53.22
CA VAL C 530 -17.20 -21.24 52.37
C VAL C 530 -16.42 -20.86 51.12
N ASP C 531 -17.01 -21.09 49.95
CA ASP C 531 -16.39 -20.77 48.68
C ASP C 531 -17.45 -20.14 47.78
N VAL C 532 -17.07 -19.82 46.56
CA VAL C 532 -17.99 -19.23 45.59
C VAL C 532 -17.91 -20.03 44.29
N GLY C 533 -19.03 -20.10 43.60
CA GLY C 533 -19.13 -20.83 42.35
C GLY C 533 -20.29 -20.35 41.52
N PRO C 534 -20.50 -20.98 40.36
CA PRO C 534 -21.60 -20.56 39.48
C PRO C 534 -22.95 -20.77 40.16
N SER C 535 -23.90 -19.90 39.83
CA SER C 535 -25.24 -19.97 40.38
C SER C 535 -26.10 -20.89 39.53
N TYR C 536 -26.69 -21.90 40.15
CA TYR C 536 -27.49 -22.90 39.46
C TYR C 536 -28.89 -22.93 40.03
N THR C 537 -29.88 -23.00 39.13
CA THR C 537 -31.28 -22.99 39.56
C THR C 537 -31.65 -24.30 40.25
N ALA C 538 -31.21 -25.43 39.70
CA ALA C 538 -31.55 -26.73 40.25
C ALA C 538 -30.28 -27.57 40.34
N ARG C 539 -30.35 -28.60 41.18
CA ARG C 539 -29.19 -29.47 41.39
C ARG C 539 -28.79 -30.20 40.11
N ARG C 540 -29.76 -30.48 39.23
CA ARG C 540 -29.46 -31.17 37.99
C ARG C 540 -28.54 -30.34 37.11
N ASP C 541 -28.74 -29.02 37.08
CA ASP C 541 -27.87 -28.16 36.29
C ASP C 541 -26.44 -28.23 36.78
N ALA C 542 -26.23 -28.17 38.10
CA ALA C 542 -24.88 -28.27 38.65
C ALA C 542 -24.26 -29.63 38.34
N THR C 543 -25.05 -30.70 38.48
CA THR C 543 -24.54 -32.04 38.22
C THR C 543 -24.09 -32.18 36.77
N VAL C 544 -24.94 -31.78 35.83
CA VAL C 544 -24.59 -31.92 34.41
C VAL C 544 -23.43 -31.00 34.06
N SER C 545 -23.36 -29.82 34.68
CA SER C 545 -22.26 -28.90 34.39
C SER C 545 -20.93 -29.49 34.83
N VAL C 546 -20.86 -30.01 36.06
CA VAL C 546 -19.59 -30.55 36.54
C VAL C 546 -19.23 -31.82 35.77
N LEU C 547 -20.22 -32.64 35.41
CA LEU C 547 -19.93 -33.84 34.63
C LEU C 547 -19.44 -33.49 33.24
N THR C 548 -20.02 -32.46 32.62
CA THR C 548 -19.55 -32.01 31.32
C THR C 548 -18.13 -31.46 31.41
N ASN C 549 -17.83 -30.71 32.47
CA ASN C 549 -16.47 -30.22 32.67
C ASN C 549 -15.49 -31.38 32.82
N VAL C 550 -15.90 -32.43 33.54
CA VAL C 550 -15.06 -33.63 33.65
C VAL C 550 -14.85 -34.24 32.27
N LEU C 551 -15.92 -34.38 31.50
CA LEU C 551 -15.83 -34.85 30.13
C LEU C 551 -15.17 -33.78 29.26
N SER C 552 -14.95 -34.10 27.99
CA SER C 552 -14.29 -33.27 26.99
C SER C 552 -12.81 -33.08 27.28
N SER C 553 -12.30 -33.60 28.40
CA SER C 553 -10.88 -33.65 28.68
C SER C 553 -10.37 -35.08 28.73
N MET C 554 -11.21 -36.05 28.35
CA MET C 554 -10.86 -37.46 28.37
C MET C 554 -10.75 -37.98 26.94
N LEU C 555 -9.85 -38.94 26.75
CA LEU C 555 -9.60 -39.47 25.42
C LEU C 555 -10.82 -40.23 24.91
N PRO C 556 -11.03 -40.25 23.58
CA PRO C 556 -12.18 -40.98 23.03
C PRO C 556 -12.20 -42.45 23.37
N THR C 557 -11.05 -43.10 23.49
CA THR C 557 -10.98 -44.54 23.77
C THR C 557 -10.97 -44.86 25.24
N ASP C 558 -11.21 -43.89 26.11
CA ASP C 558 -11.20 -44.12 27.55
C ASP C 558 -12.35 -45.07 27.93
N PRO C 559 -12.15 -45.90 28.95
CA PRO C 559 -13.18 -46.88 29.32
C PRO C 559 -14.35 -46.29 30.11
N MET C 560 -14.10 -45.19 30.84
CA MET C 560 -15.11 -44.60 31.68
C MET C 560 -16.08 -43.70 30.93
N ARG C 561 -15.79 -43.38 29.67
CA ARG C 561 -16.65 -42.48 28.91
C ARG C 561 -18.09 -42.96 28.78
N PRO C 562 -18.38 -44.22 28.46
CA PRO C 562 -19.79 -44.65 28.42
C PRO C 562 -20.49 -44.48 29.76
N ALA C 563 -19.82 -44.79 30.86
CA ALA C 563 -20.44 -44.62 32.17
C ALA C 563 -20.74 -43.16 32.46
N ILE C 564 -19.79 -42.27 32.14
CA ILE C 564 -20.01 -40.85 32.36
C ILE C 564 -21.18 -40.36 31.52
N GLN C 565 -21.26 -40.81 30.26
CA GLN C 565 -22.36 -40.39 29.41
C GLN C 565 -23.69 -40.89 29.94
N GLY C 566 -23.73 -42.14 30.42
CA GLY C 566 -24.95 -42.65 31.02
C GLY C 566 -25.39 -41.84 32.22
N ILE C 567 -24.43 -41.49 33.08
CA ILE C 567 -24.76 -40.68 34.26
C ILE C 567 -25.29 -39.31 33.84
N ILE C 568 -24.67 -38.69 32.83
CA ILE C 568 -25.11 -37.37 32.39
C ILE C 568 -26.53 -37.43 31.83
N LEU C 569 -26.79 -38.37 30.92
CA LEU C 569 -28.13 -38.47 30.35
C LEU C 569 -29.15 -39.00 31.36
N ASP C 570 -28.72 -39.54 32.49
CA ASP C 570 -29.67 -39.87 33.54
C ASP C 570 -30.30 -38.63 34.15
N ASN C 571 -29.53 -37.56 34.35
CA ASN C 571 -30.00 -36.39 35.07
C ASN C 571 -30.68 -35.35 34.18
N ILE C 572 -30.82 -35.63 32.89
CA ILE C 572 -31.45 -34.67 31.98
C ILE C 572 -32.96 -34.73 32.17
N ASP C 573 -33.64 -33.61 31.95
CA ASP C 573 -35.09 -33.52 32.10
C ASP C 573 -35.69 -32.89 30.85
N GLY C 574 -36.84 -33.41 30.46
CA GLY C 574 -37.52 -32.90 29.27
C GLY C 574 -38.91 -33.50 29.19
N GLU C 575 -39.60 -33.16 28.09
CA GLU C 575 -40.95 -33.62 27.86
C GLU C 575 -40.95 -34.81 26.90
N GLY C 576 -41.73 -35.84 27.23
CA GLY C 576 -41.84 -37.00 26.39
C GLY C 576 -40.57 -37.82 26.28
N LEU C 577 -39.78 -37.90 27.35
CA LEU C 577 -38.57 -38.71 27.38
C LEU C 577 -38.68 -39.89 28.32
N ASP C 578 -39.92 -40.28 28.68
CA ASP C 578 -40.11 -41.29 29.72
C ASP C 578 -39.48 -42.62 29.32
N ASP C 579 -39.78 -43.09 28.10
CA ASP C 579 -39.26 -44.38 27.67
C ASP C 579 -37.74 -44.36 27.55
N PHE C 580 -37.18 -43.26 27.04
CA PHE C 580 -35.74 -43.16 26.89
C PHE C 580 -35.05 -43.17 28.25
N LYS C 581 -35.56 -42.40 29.22
CA LYS C 581 -34.98 -42.40 30.55
C LYS C 581 -35.10 -43.78 31.19
N GLU C 582 -36.24 -44.45 31.00
CA GLU C 582 -36.41 -45.79 31.56
C GLU C 582 -35.40 -46.76 30.97
N TYR C 583 -35.20 -46.71 29.65
CA TYR C 583 -34.25 -47.62 29.01
C TYR C 583 -32.82 -47.34 29.45
N ASN C 584 -32.44 -46.06 29.53
CA ASN C 584 -31.10 -45.72 29.97
C ASN C 584 -30.87 -46.15 31.42
N ARG C 585 -31.87 -45.96 32.28
CA ARG C 585 -31.77 -46.40 33.66
C ARG C 585 -31.66 -47.92 33.74
N ASN C 586 -32.40 -48.63 32.88
CA ASN C 586 -32.32 -50.09 32.86
C ASN C 586 -30.91 -50.56 32.51
N GLN C 587 -30.32 -49.96 31.47
CA GLN C 587 -28.95 -50.33 31.12
C GLN C 587 -27.96 -49.95 32.21
N LEU C 588 -28.15 -48.79 32.84
CA LEU C 588 -27.27 -48.41 33.95
C LEU C 588 -27.39 -49.38 35.11
N LEU C 589 -28.58 -49.92 35.35
CA LEU C 589 -28.78 -50.92 36.39
C LEU C 589 -28.08 -52.23 36.04
N ILE C 590 -28.27 -52.71 34.81
CA ILE C 590 -27.67 -53.99 34.45
C ILE C 590 -26.17 -53.87 34.24
N SER C 591 -25.64 -52.65 34.18
CA SER C 591 -24.20 -52.43 34.13
C SER C 591 -23.58 -52.29 35.52
N GLY C 592 -24.37 -52.46 36.57
CA GLY C 592 -23.85 -52.39 37.92
C GLY C 592 -23.34 -51.03 38.35
N ILE C 593 -24.09 -49.97 38.06
CA ILE C 593 -23.71 -48.63 38.46
C ILE C 593 -24.79 -47.93 39.28
N ALA C 594 -26.06 -48.27 39.09
CA ALA C 594 -27.14 -47.51 39.71
C ALA C 594 -27.33 -47.80 41.18
N LYS C 595 -27.02 -49.01 41.65
CA LYS C 595 -27.25 -49.40 43.05
C LYS C 595 -28.73 -49.24 43.39
N PRO C 596 -29.59 -50.15 42.91
CA PRO C 596 -31.05 -49.97 43.02
C PRO C 596 -31.54 -49.46 44.38
N ARG C 597 -32.45 -48.50 44.36
CA ARG C 597 -32.94 -47.88 45.59
C ARG C 597 -34.20 -48.56 46.12
N ASN C 598 -34.14 -49.90 46.19
CA ASN C 598 -35.02 -50.71 47.02
C ASN C 598 -36.50 -50.38 46.84
N GLU C 599 -36.99 -50.36 45.60
CA GLU C 599 -38.43 -50.33 45.40
C GLU C 599 -38.95 -51.58 44.69
N LYS C 600 -38.54 -51.85 43.45
CA LYS C 600 -38.92 -53.09 42.79
C LYS C 600 -37.84 -53.74 41.94
N GLU C 601 -36.87 -52.99 41.42
CA GLU C 601 -35.95 -53.51 40.42
C GLU C 601 -34.87 -54.41 40.99
N GLN C 602 -34.60 -54.33 42.29
CA GLN C 602 -33.53 -55.13 42.88
C GLN C 602 -33.90 -56.61 42.98
N GLN C 603 -35.17 -56.94 43.17
CA GLN C 603 -35.63 -58.32 43.05
C GLN C 603 -36.24 -58.66 41.71
N ILE C 604 -36.23 -57.75 40.73
CA ILE C 604 -36.76 -58.08 39.41
C ILE C 604 -35.66 -57.88 38.37
N VAL C 605 -35.21 -56.64 38.20
CA VAL C 605 -34.22 -56.34 37.17
C VAL C 605 -32.88 -56.98 37.52
N GLN C 606 -32.43 -56.81 38.76
CA GLN C 606 -31.14 -57.38 39.15
C GLN C 606 -31.18 -58.90 39.18
N GLN C 607 -32.29 -59.48 39.63
CA GLN C 607 -32.42 -60.94 39.60
C GLN C 607 -32.39 -61.46 38.18
N ALA C 608 -33.10 -60.80 37.26
CA ALA C 608 -33.02 -61.19 35.86
C ALA C 608 -31.61 -61.03 35.32
N GLN C 609 -30.90 -59.99 35.77
CA GLN C 609 -29.53 -59.78 35.30
C GLN C 609 -28.61 -60.90 35.75
N MET C 610 -28.69 -61.30 37.02
CA MET C 610 -27.82 -62.39 37.47
C MET C 610 -28.21 -63.71 36.83
N ALA C 611 -29.51 -63.92 36.61
CA ALA C 611 -29.94 -65.12 35.91
C ALA C 611 -29.39 -65.16 34.49
N ALA C 612 -29.46 -64.05 33.77
CA ALA C 612 -28.99 -63.97 32.40
C ALA C 612 -27.49 -63.75 32.31
N GLN C 613 -26.80 -63.62 33.44
CA GLN C 613 -25.35 -63.66 33.49
C GLN C 613 -24.83 -65.07 33.75
N SER C 614 -25.51 -65.82 34.62
CA SER C 614 -25.14 -67.22 34.85
C SER C 614 -25.59 -68.12 33.71
N GLN C 615 -26.70 -67.79 33.05
CA GLN C 615 -27.22 -68.63 31.96
C GLN C 615 -26.27 -68.77 30.79
N PRO C 616 -25.62 -67.71 30.27
CA PRO C 616 -24.76 -67.90 29.10
C PRO C 616 -23.33 -68.29 29.44
N ASN C 617 -23.06 -68.64 30.70
CA ASN C 617 -21.77 -69.24 31.01
C ASN C 617 -21.59 -70.58 30.31
N PRO C 618 -22.58 -71.48 30.28
CA PRO C 618 -22.46 -72.65 29.40
C PRO C 618 -22.30 -72.30 27.94
N GLU C 619 -22.95 -71.24 27.45
CA GLU C 619 -22.77 -70.84 26.05
C GLU C 619 -21.34 -70.38 25.81
N MET C 620 -20.77 -69.61 26.73
CA MET C 620 -19.40 -69.15 26.61
C MET C 620 -18.43 -70.32 26.62
N VAL C 621 -18.74 -71.28 27.47
CA VAL C 621 -17.90 -72.51 27.56
C VAL C 621 -18.26 -73.40 26.38
N LEU C 622 -19.43 -73.23 25.75
CA LEU C 622 -19.74 -74.02 24.52
C LEU C 622 -18.73 -73.65 23.45
N ALA C 623 -18.37 -72.36 23.37
CA ALA C 623 -17.34 -71.94 22.42
C ALA C 623 -16.01 -72.63 22.77
N GLN C 624 -15.70 -72.79 24.05
CA GLN C 624 -14.38 -73.35 24.44
C GLN C 624 -14.45 -74.76 25.04
N ALA C 625 -15.59 -75.47 24.94
CA ALA C 625 -15.68 -76.78 25.62
C ALA C 625 -15.09 -77.86 24.72
N GLN C 626 -14.65 -77.46 23.53
CA GLN C 626 -13.94 -78.45 22.67
C GLN C 626 -12.70 -78.90 23.44
N MET C 627 -12.04 -77.99 24.16
CA MET C 627 -10.86 -78.36 25.00
C MET C 627 -11.33 -79.36 26.07
N VAL C 628 -12.50 -79.12 26.66
CA VAL C 628 -13.03 -80.05 27.70
C VAL C 628 -13.19 -81.41 27.04
N ALA C 629 -13.65 -81.47 25.79
CA ALA C 629 -13.72 -82.76 25.07
C ALA C 629 -12.31 -83.34 24.92
N ALA C 630 -11.34 -82.50 24.55
CA ALA C 630 -9.99 -83.05 24.32
C ALA C 630 -9.54 -83.61 25.67
N GLN C 631 -9.78 -82.85 26.73
CA GLN C 631 -9.43 -83.33 28.09
C GLN C 631 -10.24 -84.59 28.36
N ALA C 632 -11.50 -84.60 27.93
CA ALA C 632 -12.38 -85.75 28.21
C ALA C 632 -11.82 -87.00 27.52
N GLU C 633 -11.31 -86.90 26.29
CA GLU C 633 -10.67 -88.08 25.66
C GLU C 633 -9.43 -88.47 26.44
N ALA C 634 -8.63 -87.48 26.85
CA ALA C 634 -7.46 -87.81 27.71
C ALA C 634 -7.94 -88.42 29.02
N GLN C 635 -8.93 -87.81 29.65
CA GLN C 635 -9.50 -88.31 30.93
C GLN C 635 -10.13 -89.68 30.67
N LYS C 636 -10.73 -89.85 29.50
CA LYS C 636 -11.34 -91.15 29.16
C LYS C 636 -10.23 -92.21 29.12
N ALA C 637 -9.11 -91.91 28.46
CA ALA C 637 -7.98 -92.86 28.42
C ALA C 637 -7.18 -92.80 29.72
N THR C 638 -7.42 -91.78 30.55
CA THR C 638 -6.75 -91.70 31.90
C THR C 638 -7.20 -92.89 32.75
N ASN C 639 -8.45 -93.34 32.63
CA ASN C 639 -8.86 -94.57 33.36
C ASN C 639 -8.89 -95.77 32.40
N GLU C 640 -8.60 -95.56 31.11
CA GLU C 640 -8.78 -96.68 30.16
C GLU C 640 -7.49 -97.16 29.49
N THR C 641 -6.40 -96.38 29.52
CA THR C 641 -5.12 -96.93 29.01
C THR C 641 -4.63 -97.98 30.01
N ALA C 642 -5.12 -97.92 31.26
CA ALA C 642 -4.73 -98.87 32.34
C ALA C 642 -5.20 -100.26 31.98
N GLN C 643 -6.08 -100.38 30.99
CA GLN C 643 -6.46 -101.73 30.52
C GLN C 643 -5.18 -102.42 30.03
N THR C 644 -4.29 -101.69 29.36
CA THR C 644 -2.99 -102.31 28.96
C THR C 644 -2.21 -102.74 30.20
N GLN C 645 -2.19 -101.89 31.24
CA GLN C 645 -1.43 -102.21 32.49
C GLN C 645 -2.04 -103.45 33.16
N ILE C 646 -3.37 -103.51 33.24
CA ILE C 646 -4.05 -104.70 33.83
C ILE C 646 -3.82 -105.91 32.90
N LYS C 647 -3.84 -105.70 31.57
CA LYS C 647 -3.72 -106.83 30.61
C LYS C 647 -2.42 -107.56 30.88
N ALA C 648 -1.38 -106.81 31.22
CA ALA C 648 -0.06 -107.44 31.45
C ALA C 648 -0.24 -108.46 32.57
N PHE C 649 -0.92 -108.06 33.64
CA PHE C 649 -1.07 -108.97 34.80
C PHE C 649 -1.97 -110.18 34.51
N THR C 650 -3.09 -109.97 33.83
CA THR C 650 -4.04 -111.11 33.64
C THR C 650 -3.39 -112.23 32.84
N ALA C 651 -2.72 -111.88 31.73
CA ALA C 651 -2.12 -112.91 30.86
C ALA C 651 -0.99 -113.64 31.61
N GLN C 652 -0.19 -112.93 32.40
CA GLN C 652 1.00 -113.56 33.03
C GLN C 652 0.60 -114.71 33.96
N GLN C 653 -0.54 -114.58 34.65
CA GLN C 653 -0.94 -115.64 35.62
C GLN C 653 -1.06 -116.95 34.86
N ASP C 654 -1.63 -116.90 33.65
CA ASP C 654 -1.71 -118.09 32.78
C ASP C 654 -0.31 -118.56 32.40
N ALA C 655 0.62 -117.63 32.12
CA ALA C 655 1.96 -118.01 31.63
C ALA C 655 2.78 -118.81 32.66
N MET C 656 2.76 -118.43 33.95
CA MET C 656 3.46 -119.27 34.97
C MET C 656 2.72 -120.61 34.99
N GLU C 657 1.38 -120.56 34.90
CA GLU C 657 0.57 -121.81 34.87
C GLU C 657 0.96 -122.63 33.65
N SER C 658 1.20 -122.01 32.49
CA SER C 658 1.49 -122.79 31.27
C SER C 658 2.74 -123.63 31.50
N GLN C 659 3.77 -123.05 32.13
CA GLN C 659 5.00 -123.81 32.44
C GLN C 659 4.62 -124.94 33.38
N ALA C 660 3.79 -124.66 34.39
CA ALA C 660 3.45 -125.68 35.39
C ALA C 660 2.75 -126.85 34.72
N ASN C 661 1.82 -126.58 33.81
CA ASN C 661 1.06 -127.67 33.15
C ASN C 661 2.01 -128.54 32.34
N THR C 662 2.85 -127.91 31.50
CA THR C 662 3.76 -128.70 30.63
C THR C 662 4.82 -129.38 31.50
N VAL C 663 5.39 -128.66 32.47
CA VAL C 663 6.48 -129.21 33.34
C VAL C 663 5.94 -130.35 34.22
N TYR C 664 4.72 -130.21 34.76
CA TYR C 664 4.19 -131.36 35.52
C TYR C 664 4.11 -132.52 34.53
N LYS C 665 3.63 -132.25 33.32
CA LYS C 665 3.55 -133.29 32.25
C LYS C 665 4.98 -133.74 31.91
N LEU C 666 5.95 -132.81 31.95
CA LEU C 666 7.34 -133.17 31.55
C LEU C 666 7.87 -134.27 32.46
N ALA C 667 7.73 -134.14 33.78
CA ALA C 667 8.22 -135.27 34.61
C ALA C 667 7.42 -136.53 34.29
N GLN C 668 6.08 -136.41 34.20
CA GLN C 668 5.20 -137.57 33.96
C GLN C 668 5.46 -138.19 32.57
N ALA C 669 5.72 -137.38 31.56
CA ALA C 669 5.87 -137.91 30.18
C ALA C 669 6.98 -138.97 30.16
N ARG C 670 7.85 -138.96 31.16
CA ARG C 670 8.89 -139.98 31.22
C ARG C 670 8.33 -141.38 31.44
N ASN C 671 7.04 -141.47 31.75
CA ASN C 671 6.35 -142.75 31.93
C ASN C 671 7.01 -143.59 33.03
N MET D 1 -65.08 1.75 60.15
CA MET D 1 -65.37 0.47 59.53
C MET D 1 -65.78 0.64 58.08
N ALA D 2 -66.19 1.86 57.72
CA ALA D 2 -66.59 2.22 56.35
C ALA D 2 -67.71 1.30 55.86
N GLU D 3 -68.85 1.39 56.55
CA GLU D 3 -70.00 0.55 56.20
C GLU D 3 -70.56 0.92 54.83
N THR D 4 -70.62 2.21 54.52
CA THR D 4 -71.25 2.66 53.30
C THR D 4 -70.24 2.84 52.17
N LEU D 5 -70.71 2.64 50.93
CA LEU D 5 -69.84 2.66 49.77
C LEU D 5 -69.29 4.05 49.46
N GLU D 6 -70.05 5.10 49.79
CA GLU D 6 -69.53 6.44 49.58
C GLU D 6 -68.41 6.74 50.57
N LYS D 7 -68.20 5.87 51.56
CA LYS D 7 -67.06 6.04 52.46
C LYS D 7 -65.85 5.23 51.98
N LYS D 8 -66.06 4.18 51.18
CA LYS D 8 -64.93 3.57 50.50
C LYS D 8 -64.48 4.35 49.28
N HIS D 9 -65.39 5.01 48.56
CA HIS D 9 -65.00 5.52 47.25
C HIS D 9 -64.04 6.71 47.33
N GLU D 10 -64.24 7.63 48.27
CA GLU D 10 -63.30 8.73 48.41
C GLU D 10 -61.94 8.23 48.88
N ARG D 11 -61.91 7.15 49.65
CA ARG D 11 -60.64 6.54 50.02
C ARG D 11 -59.90 6.04 48.78
N ILE D 12 -60.63 5.41 47.85
CA ILE D 12 -60.02 4.94 46.62
C ILE D 12 -59.51 6.12 45.79
N MET D 13 -60.29 7.20 45.74
CA MET D 13 -59.86 8.38 44.99
C MET D 13 -58.60 9.00 45.59
N LEU D 14 -58.55 9.08 46.92
CA LEU D 14 -57.36 9.60 47.59
C LEU D 14 -56.16 8.71 47.34
N ARG D 15 -56.36 7.38 47.37
CA ARG D 15 -55.26 6.47 47.07
C ARG D 15 -54.77 6.66 45.63
N PHE D 16 -55.69 6.87 44.70
CA PHE D 16 -55.30 7.12 43.32
C PHE D 16 -54.48 8.40 43.21
N ASP D 17 -54.90 9.46 43.88
CA ASP D 17 -54.13 10.71 43.85
C ASP D 17 -52.74 10.50 44.45
N ARG D 18 -52.66 9.77 45.57
CA ARG D 18 -51.39 9.55 46.25
C ARG D 18 -50.45 8.72 45.40
N ALA D 19 -50.98 7.76 44.65
CA ALA D 19 -50.14 6.96 43.77
C ALA D 19 -49.73 7.73 42.52
N TYR D 20 -50.60 8.61 42.03
CA TYR D 20 -50.33 9.33 40.79
C TYR D 20 -49.35 10.48 40.99
N SER D 21 -49.38 11.13 42.15
CA SER D 21 -48.59 12.35 42.33
C SER D 21 -47.09 12.15 42.15
N PRO D 22 -46.41 11.18 42.79
CA PRO D 22 -44.96 11.10 42.67
C PRO D 22 -44.48 10.68 41.28
N GLN D 23 -45.07 9.62 40.75
CA GLN D 23 -44.66 9.09 39.45
C GLN D 23 -45.33 9.84 38.29
N LYS D 24 -45.12 11.15 38.25
CA LYS D 24 -45.76 12.00 37.27
C LYS D 24 -44.85 12.38 36.10
N GLU D 25 -43.56 12.57 36.36
CA GLU D 25 -42.64 13.03 35.32
C GLU D 25 -41.89 11.89 34.64
N VAL D 26 -41.64 10.80 35.34
CA VAL D 26 -40.98 9.65 34.72
C VAL D 26 -41.84 9.08 33.62
N ARG D 27 -43.13 8.91 33.89
CA ARG D 27 -44.06 8.46 32.85
C ARG D 27 -44.14 9.47 31.72
N GLU D 28 -44.05 10.76 32.02
CA GLU D 28 -44.02 11.76 30.96
C GLU D 28 -42.81 11.57 30.06
N LYS D 29 -41.64 11.28 30.64
CA LYS D 29 -40.46 11.00 29.84
C LYS D 29 -40.66 9.76 28.98
N CYS D 30 -41.27 8.73 29.55
CA CYS D 30 -41.51 7.50 28.78
C CYS D 30 -42.42 7.77 27.58
N ILE D 31 -43.52 8.50 27.81
CA ILE D 31 -44.44 8.80 26.71
C ILE D 31 -43.76 9.68 25.67
N GLU D 32 -42.97 10.66 26.11
CA GLU D 32 -42.26 11.51 25.16
C GLU D 32 -41.30 10.70 24.31
N ALA D 33 -40.56 9.77 24.92
CA ALA D 33 -39.63 8.95 24.17
C ALA D 33 -40.36 8.07 23.16
N THR D 34 -41.47 7.45 23.57
CA THR D 34 -42.23 6.60 22.65
C THR D 34 -42.78 7.41 21.49
N ARG D 35 -43.35 8.58 21.77
CA ARG D 35 -43.88 9.43 20.71
C ARG D 35 -42.77 9.90 19.78
N PHE D 36 -41.61 10.26 20.33
CA PHE D 36 -40.47 10.69 19.53
C PHE D 36 -40.00 9.58 18.61
N ALA D 37 -39.97 8.34 19.10
CA ALA D 37 -39.47 7.22 18.31
C ALA D 37 -40.45 6.74 17.25
N ARG D 38 -41.75 6.72 17.55
CA ARG D 38 -42.70 6.04 16.67
C ARG D 38 -43.62 6.97 15.90
N VAL D 39 -44.20 7.99 16.53
CA VAL D 39 -45.09 8.91 15.82
C VAL D 39 -44.31 9.63 14.74
N PRO D 40 -44.82 9.72 13.51
CA PRO D 40 -44.01 10.30 12.42
C PRO D 40 -43.54 11.71 12.66
N GLY D 41 -44.45 12.66 12.90
CA GLY D 41 -44.10 14.04 13.12
C GLY D 41 -43.75 14.38 14.55
N GLY D 42 -43.54 13.39 15.41
CA GLY D 42 -43.32 13.65 16.82
C GLY D 42 -41.96 14.18 17.19
N GLN D 43 -41.01 14.20 16.25
CA GLN D 43 -39.68 14.71 16.56
C GLN D 43 -39.62 16.22 16.69
N TRP D 44 -40.66 16.94 16.25
CA TRP D 44 -40.70 18.38 16.35
C TRP D 44 -41.79 18.87 17.29
N GLU D 45 -42.30 17.99 18.17
CA GLU D 45 -43.37 18.40 19.08
C GLU D 45 -42.89 19.47 20.03
N GLY D 46 -43.76 20.43 20.31
CA GLY D 46 -43.45 21.56 21.16
C GLY D 46 -43.15 22.84 20.41
N ALA D 47 -42.84 22.74 19.11
CA ALA D 47 -42.61 23.92 18.29
C ALA D 47 -43.21 23.77 16.91
N THR D 48 -44.32 23.04 16.79
CA THR D 48 -44.91 22.77 15.49
C THR D 48 -45.36 24.06 14.80
N ALA D 49 -45.98 24.97 15.54
CA ALA D 49 -46.46 26.23 15.00
C ALA D 49 -45.49 27.33 15.45
N ALA D 50 -44.55 27.67 14.58
CA ALA D 50 -43.56 28.70 14.90
C ALA D 50 -43.20 29.44 13.63
N GLY D 51 -43.09 30.77 13.73
CA GLY D 51 -42.75 31.57 12.57
C GLY D 51 -42.67 33.04 12.94
N THR D 52 -42.50 33.87 11.92
CA THR D 52 -42.40 35.31 12.08
C THR D 52 -43.42 35.99 11.17
N LYS D 53 -43.51 37.31 11.28
CA LYS D 53 -44.45 38.07 10.47
C LYS D 53 -44.01 38.08 9.00
N LEU D 54 -42.85 38.66 8.72
CA LEU D 54 -42.28 38.69 7.38
C LEU D 54 -43.26 39.34 6.41
N ASP D 55 -43.50 40.63 6.63
CA ASP D 55 -44.39 41.45 5.82
C ASP D 55 -45.84 40.93 5.86
N GLU D 56 -46.44 41.02 7.04
CA GLU D 56 -47.88 40.86 7.21
C GLU D 56 -48.35 39.45 6.83
N GLN D 57 -47.55 38.46 7.20
CA GLN D 57 -47.90 37.06 6.99
C GLN D 57 -47.44 36.26 8.21
N PHE D 58 -47.50 34.94 8.11
CA PHE D 58 -46.97 34.08 9.16
C PHE D 58 -46.28 32.86 8.55
N GLU D 59 -45.43 33.08 7.55
CA GLU D 59 -44.66 31.99 6.98
C GLU D 59 -43.87 31.28 8.09
N LYS D 60 -44.02 29.96 8.14
CA LYS D 60 -43.44 29.15 9.20
C LYS D 60 -42.06 28.64 8.80
N TYR D 61 -41.29 28.25 9.82
CA TYR D 61 -39.98 27.69 9.56
C TYR D 61 -40.11 26.27 9.04
N PRO D 62 -39.33 25.89 8.02
CA PRO D 62 -39.33 24.49 7.56
C PRO D 62 -38.75 23.60 8.63
N LYS D 63 -39.37 22.44 8.82
CA LYS D 63 -38.96 21.50 9.88
C LYS D 63 -38.84 20.11 9.27
N PHE D 64 -37.67 19.82 8.71
CA PHE D 64 -37.40 18.49 8.16
C PHE D 64 -36.93 17.54 9.26
N GLU D 65 -37.35 16.28 9.15
CA GLU D 65 -36.99 15.26 10.13
C GLU D 65 -36.36 14.09 9.40
N ILE D 66 -35.30 13.53 9.99
CA ILE D 66 -34.60 12.37 9.44
C ILE D 66 -34.42 11.41 10.62
N ASN D 67 -35.32 10.43 10.73
CA ASN D 67 -35.31 9.51 11.85
C ASN D 67 -34.15 8.53 11.69
N LYS D 68 -33.17 8.62 12.59
CA LYS D 68 -32.02 7.71 12.57
C LYS D 68 -31.83 6.96 13.89
N VAL D 69 -32.76 7.13 14.84
CA VAL D 69 -32.63 6.50 16.15
C VAL D 69 -33.46 5.23 16.28
N ALA D 70 -34.10 4.79 15.20
CA ALA D 70 -34.96 3.62 15.26
C ALA D 70 -34.28 2.33 14.79
N THR D 71 -33.11 2.43 14.16
CA THR D 71 -32.47 1.24 13.62
C THR D 71 -32.06 0.27 14.73
N GLU D 72 -31.42 0.78 15.78
CA GLU D 72 -31.01 -0.09 16.88
C GLU D 72 -32.20 -0.63 17.65
N LEU D 73 -33.25 0.18 17.80
CA LEU D 73 -34.47 -0.30 18.44
C LEU D 73 -35.07 -1.45 17.66
N ASN D 74 -35.14 -1.31 16.33
CA ASN D 74 -35.65 -2.39 15.49
C ASN D 74 -34.76 -3.62 15.58
N ARG D 75 -33.45 -3.42 15.65
CA ARG D 75 -32.55 -4.56 15.80
C ARG D 75 -32.80 -5.30 17.10
N ILE D 76 -33.02 -4.56 18.19
CA ILE D 76 -33.30 -5.20 19.48
C ILE D 76 -34.61 -5.98 19.41
N ILE D 77 -35.65 -5.38 18.82
CA ILE D 77 -36.93 -6.07 18.72
C ILE D 77 -36.80 -7.33 17.87
N ALA D 78 -36.04 -7.24 16.77
CA ALA D 78 -35.82 -8.41 15.92
C ALA D 78 -35.05 -9.50 16.67
N GLU D 79 -34.05 -9.10 17.46
CA GLU D 79 -33.30 -10.08 18.25
C GLU D 79 -34.20 -10.78 19.25
N TYR D 80 -35.15 -10.06 19.84
CA TYR D 80 -36.10 -10.71 20.74
C TYR D 80 -37.01 -11.66 19.98
N ARG D 81 -37.62 -11.19 18.89
CA ARG D 81 -38.60 -12.00 18.18
C ARG D 81 -37.97 -13.20 17.50
N ASN D 82 -36.67 -13.17 17.24
CA ASN D 82 -36.00 -14.34 16.66
C ASN D 82 -35.86 -15.47 17.67
N ASN D 83 -35.76 -15.16 18.96
CA ASN D 83 -35.65 -16.16 20.03
C ASN D 83 -36.62 -15.79 21.14
N ARG D 84 -37.84 -16.32 21.04
CA ARG D 84 -38.84 -16.10 22.08
C ARG D 84 -38.63 -17.07 23.23
N ILE D 85 -38.89 -16.60 24.46
CA ILE D 85 -38.69 -17.38 25.66
C ILE D 85 -39.98 -17.40 26.48
N THR D 86 -40.26 -18.55 27.07
CA THR D 86 -41.44 -18.74 27.90
C THR D 86 -41.00 -19.36 29.22
N VAL D 87 -41.98 -19.69 30.06
CA VAL D 87 -41.73 -20.22 31.40
C VAL D 87 -41.57 -21.73 31.33
N LYS D 88 -40.56 -22.25 32.01
CA LYS D 88 -40.33 -23.69 32.12
C LYS D 88 -40.23 -24.07 33.58
N PHE D 89 -40.84 -25.20 33.94
CA PHE D 89 -40.82 -25.71 35.30
C PHE D 89 -39.81 -26.85 35.40
N ARG D 90 -38.96 -26.80 36.42
CA ARG D 90 -37.93 -27.83 36.47
C ARG D 90 -38.23 -28.82 37.59
N PRO D 91 -37.86 -30.08 37.45
CA PRO D 91 -38.17 -31.08 38.48
C PRO D 91 -37.25 -30.95 39.68
N GLY D 92 -37.62 -31.67 40.75
CA GLY D 92 -36.84 -31.73 41.96
C GLY D 92 -36.36 -33.14 42.26
N ASP D 93 -35.93 -33.33 43.51
CA ASP D 93 -35.42 -34.62 43.96
C ASP D 93 -36.52 -35.40 44.68
N ARG D 94 -37.50 -35.84 43.89
CA ARG D 94 -38.61 -36.65 44.38
C ARG D 94 -39.05 -37.60 43.28
N GLU D 95 -39.90 -38.56 43.66
CA GLU D 95 -40.29 -39.62 42.74
C GLU D 95 -41.23 -39.11 41.64
N ALA D 96 -42.22 -38.28 42.00
CA ALA D 96 -43.26 -37.88 41.06
C ALA D 96 -43.05 -36.47 40.53
N SER D 97 -41.95 -35.83 40.90
CA SER D 97 -41.69 -34.46 40.45
C SER D 97 -41.57 -34.38 38.93
N GLU D 98 -41.10 -35.45 38.29
CA GLU D 98 -40.94 -35.45 36.84
C GLU D 98 -42.29 -35.24 36.15
N GLU D 99 -43.23 -36.16 36.38
CA GLU D 99 -44.54 -36.02 35.75
C GLU D 99 -45.30 -34.82 36.29
N LEU D 100 -45.01 -34.41 37.53
CA LEU D 100 -45.62 -33.19 38.05
C LEU D 100 -45.23 -31.99 37.19
N ALA D 101 -43.93 -31.81 36.96
CA ALA D 101 -43.47 -30.70 36.12
C ALA D 101 -43.97 -30.84 34.69
N ASN D 102 -44.05 -32.08 34.19
CA ASN D 102 -44.58 -32.29 32.85
C ASN D 102 -46.01 -31.79 32.73
N LYS D 103 -46.86 -32.17 33.69
CA LYS D 103 -48.24 -31.69 33.69
C LYS D 103 -48.29 -30.18 33.82
N LEU D 104 -47.48 -29.61 34.71
CA LEU D 104 -47.54 -28.17 34.94
C LEU D 104 -47.18 -27.38 33.68
N ASN D 105 -46.07 -27.75 33.04
CA ASN D 105 -45.64 -27.00 31.86
C ASN D 105 -46.33 -27.45 30.59
N GLY D 106 -47.18 -28.48 30.64
CA GLY D 106 -48.10 -28.72 29.56
C GLY D 106 -49.35 -27.87 29.69
N LEU D 107 -49.86 -27.77 30.91
CA LEU D 107 -51.03 -26.93 31.16
C LEU D 107 -50.72 -25.47 30.89
N PHE D 108 -49.55 -24.99 31.35
CA PHE D 108 -49.18 -23.61 31.09
C PHE D 108 -49.01 -23.36 29.60
N ARG D 109 -48.41 -24.31 28.89
CA ARG D 109 -48.26 -24.17 27.45
C ARG D 109 -49.62 -24.08 26.76
N ALA D 110 -50.57 -24.91 27.16
CA ALA D 110 -51.90 -24.86 26.57
C ALA D 110 -52.57 -23.52 26.85
N ASP D 111 -52.49 -23.03 28.09
CA ASP D 111 -53.10 -21.74 28.41
C ASP D 111 -52.45 -20.61 27.63
N TYR D 112 -51.12 -20.64 27.47
CA TYR D 112 -50.43 -19.61 26.71
C TYR D 112 -50.81 -19.65 25.23
N GLU D 113 -50.94 -20.86 24.67
CA GLU D 113 -51.18 -20.96 23.22
C GLU D 113 -52.62 -20.64 22.86
N GLU D 114 -53.59 -21.07 23.68
CA GLU D 114 -54.99 -20.88 23.35
C GLU D 114 -55.53 -19.53 23.79
N THR D 115 -54.67 -18.54 23.98
CA THR D 115 -55.09 -17.21 24.39
C THR D 115 -54.10 -16.23 23.75
N ASP D 116 -54.09 -14.98 24.22
CA ASP D 116 -53.28 -13.92 23.61
C ASP D 116 -51.94 -13.74 24.32
N GLY D 117 -51.35 -14.83 24.82
CA GLY D 117 -50.10 -14.72 25.55
C GLY D 117 -48.97 -14.18 24.70
N GLY D 118 -48.86 -14.67 23.46
CA GLY D 118 -47.80 -14.20 22.58
C GLY D 118 -47.94 -12.73 22.26
N GLU D 119 -49.15 -12.28 21.96
CA GLU D 119 -49.38 -10.85 21.69
C GLU D 119 -49.06 -10.01 22.92
N ALA D 120 -49.47 -10.47 24.11
CA ALA D 120 -49.18 -9.72 25.32
C ALA D 120 -47.69 -9.60 25.56
N CYS D 121 -46.95 -10.70 25.38
CA CYS D 121 -45.50 -10.67 25.56
C CYS D 121 -44.84 -9.74 24.54
N ASP D 122 -45.27 -9.82 23.28
CA ASP D 122 -44.69 -8.96 22.25
C ASP D 122 -44.93 -7.49 22.55
N ASN D 123 -46.16 -7.13 22.92
CA ASN D 123 -46.47 -5.75 23.23
C ASN D 123 -45.68 -5.27 24.45
N ALA D 124 -45.60 -6.11 25.48
CA ALA D 124 -44.86 -5.72 26.68
C ALA D 124 -43.39 -5.46 26.36
N PHE D 125 -42.76 -6.37 25.61
CA PHE D 125 -41.35 -6.18 25.28
C PHE D 125 -41.16 -4.95 24.39
N ASP D 126 -42.06 -4.74 23.43
CA ASP D 126 -41.94 -3.57 22.56
C ASP D 126 -42.01 -2.28 23.36
N ASP D 127 -42.99 -2.16 24.25
CA ASP D 127 -43.11 -0.95 25.05
C ASP D 127 -41.92 -0.79 26.00
N ALA D 128 -41.45 -1.90 26.58
CA ALA D 128 -40.31 -1.82 27.49
C ALA D 128 -39.06 -1.33 26.77
N ALA D 129 -38.81 -1.83 25.55
CA ALA D 129 -37.63 -1.40 24.82
C ALA D 129 -37.78 0.00 24.28
N THR D 130 -39.01 0.43 23.95
CA THR D 130 -39.19 1.76 23.38
C THR D 130 -39.17 2.84 24.44
N GLY D 131 -40.09 2.78 25.40
CA GLY D 131 -40.19 3.83 26.40
C GLY D 131 -39.45 3.51 27.68
N GLY D 132 -39.55 2.26 28.14
CA GLY D 132 -38.92 1.83 29.38
C GLY D 132 -39.84 1.19 30.38
N PHE D 133 -41.15 1.14 30.10
CA PHE D 133 -42.10 0.53 31.02
C PHE D 133 -43.10 -0.31 30.22
N GLY D 134 -43.31 -1.55 30.65
CA GLY D 134 -44.26 -2.43 30.00
C GLY D 134 -44.96 -3.30 31.03
N CYS D 135 -46.13 -3.81 30.64
CA CYS D 135 -46.92 -4.62 31.54
C CYS D 135 -47.87 -5.49 30.75
N PHE D 136 -48.36 -6.54 31.40
CA PHE D 136 -49.42 -7.39 30.86
C PHE D 136 -50.17 -8.02 32.02
N ARG D 137 -51.36 -8.53 31.71
CA ARG D 137 -52.31 -8.95 32.74
C ARG D 137 -52.51 -10.46 32.67
N LEU D 138 -52.82 -11.05 33.82
CA LEU D 138 -53.01 -12.49 33.96
C LEU D 138 -54.26 -12.72 34.78
N THR D 139 -55.36 -13.05 34.11
CA THR D 139 -56.66 -13.20 34.75
C THR D 139 -57.23 -14.59 34.45
N SER D 140 -58.49 -14.78 34.84
CA SER D 140 -59.21 -16.02 34.62
C SER D 140 -60.50 -15.72 33.86
N MET D 141 -60.75 -16.48 32.79
CA MET D 141 -61.88 -16.26 31.92
C MET D 141 -62.87 -17.41 32.02
N LEU D 142 -64.11 -17.16 31.63
CA LEU D 142 -65.18 -18.15 31.67
C LEU D 142 -65.29 -18.78 30.29
N VAL D 143 -65.00 -20.08 30.21
CA VAL D 143 -65.12 -20.82 28.96
C VAL D 143 -65.92 -22.11 29.18
N ARG D 152 -64.53 -25.94 33.43
CA ARG D 152 -65.36 -24.81 33.00
C ARG D 152 -64.76 -23.49 33.48
N GLN D 153 -63.55 -23.56 34.01
CA GLN D 153 -62.79 -22.39 34.41
C GLN D 153 -61.40 -22.45 33.81
N ARG D 154 -60.88 -21.30 33.41
CA ARG D 154 -59.61 -21.25 32.67
C ARG D 154 -58.86 -19.98 33.02
N ILE D 155 -57.54 -20.09 33.05
CA ILE D 155 -56.65 -18.96 33.28
C ILE D 155 -56.19 -18.43 31.94
N ALA D 156 -56.27 -17.11 31.76
CA ALA D 156 -55.94 -16.48 30.49
C ALA D 156 -54.98 -15.33 30.72
N ILE D 157 -54.19 -15.02 29.70
CA ILE D 157 -53.23 -13.93 29.73
C ILE D 157 -53.67 -12.89 28.71
N GLU D 158 -53.76 -11.63 29.15
CA GLU D 158 -54.28 -10.56 28.32
C GLU D 158 -53.26 -9.42 28.26
N PRO D 159 -53.24 -8.68 27.16
CA PRO D 159 -52.32 -7.55 27.05
C PRO D 159 -52.91 -6.28 27.65
N ILE D 160 -52.01 -5.39 28.06
CA ILE D 160 -52.36 -4.07 28.60
C ILE D 160 -51.73 -3.03 27.70
N TYR D 161 -52.55 -2.10 27.21
CA TYR D 161 -52.09 -1.07 26.30
C TYR D 161 -51.93 0.26 27.04
N ASP D 162 -50.93 1.03 26.63
CA ASP D 162 -50.55 2.29 27.27
C ASP D 162 -50.27 2.07 28.76
N PRO D 163 -49.32 1.22 29.12
CA PRO D 163 -49.04 1.00 30.54
C PRO D 163 -48.59 2.26 31.26
N SER D 164 -47.86 3.14 30.56
CA SER D 164 -47.31 4.34 31.19
C SER D 164 -48.41 5.21 31.81
N ARG D 165 -49.54 5.35 31.14
CA ARG D 165 -50.66 6.13 31.66
C ARG D 165 -51.81 5.22 32.12
N SER D 166 -51.60 3.92 32.16
CA SER D 166 -52.69 3.04 32.53
C SER D 166 -52.45 2.28 33.83
N VAL D 167 -51.20 2.05 34.22
CA VAL D 167 -50.87 1.22 35.38
C VAL D 167 -50.21 2.09 36.43
N TRP D 168 -50.76 2.05 37.65
CA TRP D 168 -50.21 2.75 38.80
C TRP D 168 -50.19 1.81 39.98
N PHE D 169 -49.10 1.81 40.74
CA PHE D 169 -48.92 0.90 41.86
C PHE D 169 -48.86 1.65 43.18
N ASP D 170 -48.78 0.88 44.26
CA ASP D 170 -48.63 1.45 45.59
C ASP D 170 -47.27 2.13 45.70
N PRO D 171 -47.21 3.40 46.11
CA PRO D 171 -45.91 4.08 46.24
C PRO D 171 -44.98 3.43 47.26
N ASP D 172 -45.51 2.65 48.19
CA ASP D 172 -44.69 2.01 49.22
C ASP D 172 -44.06 0.71 48.75
N ALA D 173 -44.34 0.27 47.53
CA ALA D 173 -43.73 -0.93 46.97
C ALA D 173 -42.47 -0.55 46.20
N LYS D 174 -41.34 -1.15 46.56
CA LYS D 174 -40.06 -0.80 45.97
C LYS D 174 -39.40 -1.93 45.19
N LYS D 175 -39.86 -3.16 45.33
CA LYS D 175 -39.21 -4.28 44.67
C LYS D 175 -39.48 -4.25 43.16
N TYR D 176 -38.64 -4.99 42.41
CA TYR D 176 -38.74 -4.98 40.96
C TYR D 176 -40.09 -5.49 40.48
N ASP D 177 -40.57 -6.59 41.07
CA ASP D 177 -41.84 -7.17 40.68
C ASP D 177 -43.01 -6.70 41.54
N LYS D 178 -42.78 -5.73 42.43
CA LYS D 178 -43.83 -5.13 43.26
C LYS D 178 -44.52 -6.18 44.12
N SER D 179 -43.72 -7.03 44.79
CA SER D 179 -44.28 -8.02 45.69
C SER D 179 -44.84 -7.37 46.96
N ASP D 180 -44.22 -6.29 47.41
CA ASP D 180 -44.64 -5.62 48.64
C ASP D 180 -45.63 -4.49 48.34
N ALA D 181 -46.70 -4.83 47.62
CA ALA D 181 -47.73 -3.87 47.26
C ALA D 181 -49.05 -4.26 47.90
N LEU D 182 -49.86 -3.25 48.22
CA LEU D 182 -51.15 -3.47 48.87
C LEU D 182 -52.35 -3.18 47.97
N TRP D 183 -52.18 -2.40 46.92
CA TRP D 183 -53.27 -2.11 46.00
C TRP D 183 -52.69 -1.68 44.66
N ALA D 184 -53.55 -1.67 43.65
CA ALA D 184 -53.10 -1.33 42.31
C ALA D 184 -54.27 -0.83 41.47
N PHE D 185 -53.93 -0.10 40.41
CA PHE D 185 -54.90 0.47 39.47
C PHE D 185 -54.57 0.02 38.06
N CYS D 186 -55.61 -0.07 37.23
CA CYS D 186 -55.42 -0.41 35.82
C CYS D 186 -56.52 0.27 35.01
N MET D 187 -56.17 1.31 34.26
CA MET D 187 -57.16 2.06 33.50
C MET D 187 -57.31 1.49 32.10
N TYR D 188 -58.44 1.80 31.48
CA TYR D 188 -58.65 1.50 30.07
C TYR D 188 -59.73 2.42 29.52
N SER D 189 -59.64 2.71 28.23
CA SER D 189 -60.59 3.58 27.56
C SER D 189 -61.78 2.79 27.05
N LEU D 190 -62.89 3.49 26.83
CA LEU D 190 -64.14 2.86 26.47
C LEU D 190 -64.95 3.82 25.61
N SER D 191 -65.86 3.26 24.83
CA SER D 191 -66.75 4.07 24.00
C SER D 191 -68.09 4.28 24.70
N PRO D 192 -68.77 5.40 24.44
CA PRO D 192 -70.06 5.64 25.09
C PRO D 192 -71.11 4.57 24.79
N GLU D 193 -71.14 4.07 23.56
CA GLU D 193 -72.13 3.04 23.22
C GLU D 193 -71.88 1.75 24.00
N LYS D 194 -70.61 1.34 24.11
CA LYS D 194 -70.30 0.15 24.90
C LYS D 194 -70.56 0.39 26.38
N TYR D 195 -70.27 1.60 26.88
CA TYR D 195 -70.55 1.92 28.28
C TYR D 195 -72.05 1.90 28.56
N GLU D 196 -72.86 2.23 27.57
CA GLU D 196 -74.31 2.11 27.72
C GLU D 196 -74.77 0.66 27.63
N ALA D 197 -74.17 -0.11 26.72
CA ALA D 197 -74.55 -1.51 26.56
C ALA D 197 -74.27 -2.30 27.83
N GLU D 198 -73.09 -2.13 28.41
CA GLU D 198 -72.79 -2.71 29.70
C GLU D 198 -73.25 -1.74 30.80
N TYR D 199 -73.13 -2.17 32.06
CA TYR D 199 -73.51 -1.36 33.22
C TYR D 199 -74.97 -0.95 33.04
N GLY D 200 -75.28 0.33 32.90
CA GLY D 200 -76.65 0.76 32.70
C GLY D 200 -76.70 2.11 32.03
N LYS D 201 -77.80 2.37 31.33
CA LYS D 201 -77.98 3.66 30.66
C LYS D 201 -78.51 4.73 31.60
N LYS D 202 -79.02 4.35 32.77
CA LYS D 202 -79.51 5.34 33.73
C LYS D 202 -78.43 6.30 34.21
N PRO D 203 -77.26 5.86 34.67
CA PRO D 203 -76.27 6.81 35.18
C PRO D 203 -75.53 7.50 34.05
N PRO D 204 -75.32 8.82 34.16
CA PRO D 204 -74.47 9.52 33.19
C PRO D 204 -73.03 9.02 33.21
N THR D 205 -72.22 9.47 32.27
CA THR D 205 -70.86 8.99 32.12
C THR D 205 -69.89 10.00 32.70
N SER D 206 -68.98 9.51 33.56
CA SER D 206 -67.91 10.32 34.13
C SER D 206 -66.60 9.55 34.00
N LEU D 207 -65.52 10.27 33.70
CA LEU D 207 -64.21 9.68 33.49
C LEU D 207 -63.23 10.14 34.55
N ASP D 208 -62.26 9.29 34.84
CA ASP D 208 -61.18 9.67 35.74
C ASP D 208 -60.32 10.75 35.11
N VAL D 209 -59.77 11.62 35.95
CA VAL D 209 -58.94 12.73 35.50
C VAL D 209 -57.49 12.43 35.85
N THR D 210 -56.58 12.63 34.90
CA THR D 210 -55.18 12.34 35.11
C THR D 210 -54.31 13.54 34.72
N SER D 211 -54.75 14.33 33.75
CA SER D 211 -54.04 15.51 33.28
C SER D 211 -52.61 15.16 32.84
N MET D 212 -52.47 14.00 32.22
CA MET D 212 -51.18 13.51 31.75
C MET D 212 -50.96 13.75 30.26
N THR D 213 -51.89 13.30 29.42
CA THR D 213 -51.77 13.46 27.99
C THR D 213 -52.30 14.85 27.57
N SER D 214 -52.57 15.02 26.28
CA SER D 214 -52.70 16.31 25.61
C SER D 214 -51.41 17.10 25.63
N TRP D 215 -50.33 16.48 26.09
CA TRP D 215 -49.03 17.12 26.23
C TRP D 215 -48.34 17.10 24.87
N GLU D 216 -48.50 18.19 24.12
CA GLU D 216 -48.02 18.32 22.74
C GLU D 216 -48.65 17.27 21.83
N TYR D 217 -49.98 17.37 21.68
CA TYR D 217 -50.72 16.46 20.82
C TYR D 217 -52.07 17.05 20.49
N ASN D 218 -52.46 16.96 19.21
CA ASN D 218 -53.78 17.43 18.79
C ASN D 218 -54.83 16.39 19.14
N TRP D 219 -56.07 16.84 19.30
CA TRP D 219 -57.20 15.97 19.59
C TRP D 219 -58.25 16.08 18.50
N PHE D 220 -58.77 14.93 18.07
CA PHE D 220 -59.96 14.87 17.23
C PHE D 220 -60.89 13.78 17.76
N GLY D 221 -60.34 12.86 18.54
CA GLY D 221 -61.12 11.79 19.16
C GLY D 221 -61.70 12.19 20.50
N ALA D 222 -62.99 12.47 20.54
CA ALA D 222 -63.65 12.99 21.73
C ALA D 222 -64.67 12.01 22.33
N ASP D 223 -64.60 10.73 21.97
CA ASP D 223 -65.59 9.74 22.39
C ASP D 223 -64.99 8.66 23.28
N VAL D 224 -64.16 9.03 24.26
CA VAL D 224 -63.49 8.06 25.13
C VAL D 224 -63.87 8.35 26.58
N ILE D 225 -64.04 7.28 27.35
CA ILE D 225 -64.28 7.36 28.79
C ILE D 225 -63.29 6.43 29.47
N TYR D 226 -62.64 6.91 30.52
CA TYR D 226 -61.60 6.16 31.20
C TYR D 226 -62.19 5.46 32.42
N ILE D 227 -62.07 4.13 32.45
CA ILE D 227 -62.61 3.30 33.52
C ILE D 227 -61.47 2.48 34.10
N ALA D 228 -61.42 2.37 35.43
CA ALA D 228 -60.29 1.77 36.10
C ALA D 228 -60.72 0.55 36.91
N LYS D 229 -59.92 -0.51 36.83
CA LYS D 229 -60.01 -1.66 37.71
C LYS D 229 -59.06 -1.46 38.89
N TYR D 230 -59.51 -1.84 40.08
CA TYR D 230 -58.84 -1.51 41.32
C TYR D 230 -58.66 -2.77 42.15
N TYR D 231 -57.41 -3.14 42.42
CA TYR D 231 -57.04 -4.37 43.09
C TYR D 231 -56.59 -4.09 44.51
N GLU D 232 -57.09 -4.88 45.46
CA GLU D 232 -56.65 -4.84 46.85
C GLU D 232 -56.30 -6.23 47.36
N VAL D 233 -55.44 -6.26 48.36
CA VAL D 233 -55.11 -7.48 49.10
C VAL D 233 -55.49 -7.26 50.55
N ARG D 234 -56.18 -8.24 51.14
CA ARG D 234 -56.70 -8.12 52.48
C ARG D 234 -56.41 -9.38 53.28
N LYS D 235 -56.32 -9.22 54.60
CA LYS D 235 -56.22 -10.34 55.53
C LYS D 235 -57.61 -10.59 56.09
N GLU D 236 -58.16 -11.77 55.83
CA GLU D 236 -59.51 -12.12 56.24
C GLU D 236 -59.49 -13.36 57.12
N SER D 237 -60.51 -13.48 57.96
CA SER D 237 -60.68 -14.63 58.82
C SER D 237 -61.62 -15.63 58.14
N VAL D 238 -61.14 -16.84 57.90
CA VAL D 238 -61.90 -17.87 57.21
C VAL D 238 -61.92 -19.13 58.06
N ASP D 239 -62.93 -19.95 57.87
CA ASP D 239 -63.10 -21.19 58.61
C ASP D 239 -62.73 -22.37 57.70
N VAL D 240 -61.74 -23.15 58.12
CA VAL D 240 -61.26 -24.29 57.34
C VAL D 240 -61.98 -25.55 57.82
N ILE D 241 -62.34 -26.41 56.88
CA ILE D 241 -63.07 -27.63 57.15
C ILE D 241 -62.18 -28.81 56.80
N SER D 242 -62.04 -29.74 57.74
CA SER D 242 -61.14 -30.89 57.58
C SER D 242 -61.97 -32.16 57.41
N TYR D 243 -61.99 -32.70 56.20
CA TYR D 243 -62.64 -33.98 55.93
C TYR D 243 -61.63 -35.10 56.17
N ARG D 244 -61.99 -36.04 57.04
CA ARG D 244 -61.07 -37.11 57.44
C ARG D 244 -61.63 -38.49 57.12
N HIS D 245 -62.15 -38.67 55.91
CA HIS D 245 -62.60 -39.98 55.47
C HIS D 245 -61.38 -40.87 55.23
N PRO D 246 -61.26 -42.00 55.92
CA PRO D 246 -60.05 -42.85 55.73
C PRO D 246 -59.93 -43.43 54.33
N ILE D 247 -61.03 -43.54 53.58
CA ILE D 247 -60.99 -44.17 52.27
C ILE D 247 -60.32 -43.23 51.27
N THR D 248 -59.34 -43.77 50.54
CA THR D 248 -58.60 -43.03 49.50
C THR D 248 -58.03 -41.73 50.06
N GLY D 249 -57.12 -41.87 51.02
CA GLY D 249 -56.52 -40.74 51.67
C GLY D 249 -57.43 -40.15 52.72
N GLU D 250 -56.86 -39.74 53.86
CA GLU D 250 -57.65 -39.30 55.00
C GLU D 250 -57.45 -37.83 55.34
N ILE D 251 -56.24 -37.30 55.18
CA ILE D 251 -55.98 -35.90 55.51
C ILE D 251 -56.38 -35.04 54.33
N ALA D 252 -57.37 -34.16 54.52
CA ALA D 252 -57.83 -33.28 53.45
C ALA D 252 -58.52 -32.07 54.08
N THR D 253 -57.87 -30.91 54.03
CA THR D 253 -58.40 -29.68 54.59
C THR D 253 -58.93 -28.79 53.49
N TYR D 254 -60.16 -28.31 53.64
CA TYR D 254 -60.81 -27.44 52.66
C TYR D 254 -61.33 -26.19 53.35
N ASP D 255 -61.57 -25.15 52.56
CA ASP D 255 -62.11 -23.91 53.08
C ASP D 255 -63.63 -23.97 53.20
N SER D 256 -64.21 -22.87 53.65
CA SER D 256 -65.66 -22.79 53.81
C SER D 256 -66.39 -22.43 52.52
N ASP D 257 -65.67 -22.06 51.47
CA ASP D 257 -66.33 -21.76 50.19
C ASP D 257 -66.96 -23.00 49.60
N GLN D 258 -66.26 -24.14 49.67
CA GLN D 258 -66.78 -25.41 49.19
C GLN D 258 -67.50 -26.12 50.33
N VAL D 259 -68.79 -26.36 50.14
CA VAL D 259 -69.66 -26.87 51.20
C VAL D 259 -70.33 -28.14 50.71
N GLU D 260 -70.65 -29.02 51.66
CA GLU D 260 -71.37 -30.26 51.34
C GLU D 260 -72.70 -29.97 50.66
N ASP D 261 -73.26 -28.79 50.89
CA ASP D 261 -74.51 -28.38 50.25
C ASP D 261 -74.30 -27.60 48.96
N ILE D 262 -73.29 -26.71 48.92
CA ILE D 262 -73.01 -25.95 47.70
C ILE D 262 -72.58 -26.90 46.58
N GLU D 263 -71.60 -27.76 46.88
CA GLU D 263 -71.21 -28.84 45.98
C GLU D 263 -71.81 -30.13 46.49
N ASP D 264 -72.39 -30.93 45.60
CA ASP D 264 -73.22 -32.07 46.00
C ASP D 264 -72.35 -33.21 46.54
N GLU D 265 -71.62 -32.91 47.61
CA GLU D 265 -70.84 -33.91 48.33
C GLU D 265 -71.73 -34.94 49.03
N LEU D 266 -72.73 -34.46 49.78
CA LEU D 266 -73.67 -35.33 50.49
C LEU D 266 -72.97 -36.25 51.47
N ALA D 267 -71.70 -35.95 51.78
CA ALA D 267 -70.86 -36.76 52.64
C ALA D 267 -70.78 -38.21 52.20
N ILE D 268 -70.98 -38.46 50.90
CA ILE D 268 -70.93 -39.83 50.39
C ILE D 268 -69.54 -40.42 50.55
N ALA D 269 -68.51 -39.59 50.41
CA ALA D 269 -67.12 -40.00 50.60
C ALA D 269 -66.37 -38.96 51.42
N GLY D 270 -67.05 -38.38 52.42
CA GLY D 270 -66.44 -37.38 53.27
C GLY D 270 -67.01 -37.38 54.67
N PHE D 271 -66.14 -37.19 55.66
CA PHE D 271 -66.52 -37.19 57.07
C PHE D 271 -66.27 -35.81 57.66
N HIS D 272 -67.18 -35.34 58.51
CA HIS D 272 -67.11 -33.97 59.02
C HIS D 272 -65.85 -33.75 59.85
N GLU D 273 -65.62 -34.62 60.84
CA GLU D 273 -64.46 -34.56 61.72
C GLU D 273 -64.38 -33.17 62.34
N VAL D 274 -63.31 -32.40 62.13
CA VAL D 274 -63.13 -31.09 62.75
C VAL D 274 -63.41 -30.02 61.71
N ALA D 275 -64.27 -29.06 62.05
CA ALA D 275 -64.66 -28.01 61.12
C ALA D 275 -64.76 -26.66 61.80
N ARG D 276 -63.98 -26.44 62.87
CA ARG D 276 -64.10 -25.23 63.67
C ARG D 276 -62.87 -24.35 63.67
N ARG D 277 -61.73 -24.83 63.18
CA ARG D 277 -60.50 -24.05 63.23
C ARG D 277 -60.61 -22.86 62.29
N SER D 278 -60.34 -21.67 62.81
CA SER D 278 -60.38 -20.43 62.04
C SER D 278 -58.98 -19.87 61.90
N VAL D 279 -58.58 -19.56 60.66
CA VAL D 279 -57.24 -19.06 60.37
C VAL D 279 -57.36 -17.84 59.49
N LYS D 280 -56.36 -16.96 59.58
CA LYS D 280 -56.28 -15.79 58.72
C LYS D 280 -55.60 -16.14 57.41
N ARG D 281 -56.13 -15.60 56.30
CA ARG D 281 -55.60 -15.91 54.98
C ARG D 281 -55.48 -14.63 54.16
N ARG D 282 -54.55 -14.66 53.22
CA ARG D 282 -54.29 -13.54 52.32
C ARG D 282 -55.12 -13.70 51.07
N ARG D 283 -56.04 -12.76 50.82
CA ARG D 283 -56.96 -12.84 49.71
C ARG D 283 -56.93 -11.55 48.90
N VAL D 284 -57.34 -11.65 47.64
CA VAL D 284 -57.28 -10.53 46.70
C VAL D 284 -58.67 -10.26 46.15
N TYR D 285 -59.06 -8.98 46.14
CA TYR D 285 -60.36 -8.55 45.66
C TYR D 285 -60.17 -7.56 44.51
N VAL D 286 -61.16 -7.50 43.62
CA VAL D 286 -61.14 -6.59 42.49
C VAL D 286 -62.50 -5.90 42.39
N SER D 287 -62.48 -4.71 41.78
CA SER D 287 -63.69 -3.94 41.58
C SER D 287 -63.45 -2.95 40.44
N VAL D 288 -64.53 -2.33 39.98
CA VAL D 288 -64.48 -1.36 38.89
C VAL D 288 -65.07 -0.05 39.41
N VAL D 289 -64.33 1.05 39.23
CA VAL D 289 -64.72 2.35 39.75
C VAL D 289 -64.58 3.39 38.64
N ASP D 290 -65.22 4.53 38.85
CA ASP D 290 -65.10 5.68 37.97
C ASP D 290 -65.04 6.93 38.85
N GLY D 291 -65.22 8.09 38.23
CA GLY D 291 -65.19 9.34 38.97
C GLY D 291 -66.42 9.60 39.82
N ASP D 292 -67.47 8.79 39.69
CA ASP D 292 -68.72 9.01 40.40
C ASP D 292 -69.00 7.95 41.45
N GLY D 293 -68.90 6.67 41.09
CA GLY D 293 -69.22 5.62 42.04
C GLY D 293 -68.70 4.25 41.66
N PHE D 294 -69.43 3.21 42.07
CA PHE D 294 -69.05 1.83 41.82
C PHE D 294 -69.87 1.26 40.68
N LEU D 295 -69.20 0.92 39.58
CA LEU D 295 -69.88 0.18 38.51
C LEU D 295 -70.08 -1.28 38.87
N GLU D 296 -69.08 -1.90 39.49
CA GLU D 296 -69.18 -3.29 39.91
C GLU D 296 -68.65 -3.42 41.33
N LYS D 297 -69.47 -3.97 42.22
CA LYS D 297 -69.08 -4.11 43.61
C LYS D 297 -67.94 -5.13 43.74
N PRO D 298 -67.11 -5.00 44.77
CA PRO D 298 -65.90 -5.84 44.86
C PRO D 298 -66.22 -7.32 44.94
N ARG D 299 -65.39 -8.12 44.28
CA ARG D 299 -65.49 -9.57 44.31
C ARG D 299 -64.09 -10.16 44.40
N ARG D 300 -63.98 -11.31 45.06
CA ARG D 300 -62.69 -11.94 45.27
C ARG D 300 -62.25 -12.69 44.03
N ILE D 301 -60.94 -12.71 43.80
CA ILE D 301 -60.36 -13.40 42.64
C ILE D 301 -59.55 -14.59 43.14
N PRO D 302 -59.38 -15.65 42.34
CA PRO D 302 -58.70 -16.86 42.84
C PRO D 302 -57.18 -16.78 42.79
N GLY D 303 -56.60 -16.19 43.83
CA GLY D 303 -55.16 -16.12 43.93
C GLY D 303 -54.72 -15.48 45.22
N GLU D 304 -53.40 -15.36 45.37
CA GLU D 304 -52.81 -14.72 46.54
C GLU D 304 -51.97 -13.50 46.19
N HIS D 305 -51.69 -13.26 44.91
CA HIS D 305 -50.86 -12.15 44.47
C HIS D 305 -51.66 -11.20 43.59
N ILE D 306 -51.15 -9.98 43.45
CA ILE D 306 -51.74 -9.03 42.50
C ILE D 306 -51.37 -9.46 41.09
N PRO D 307 -52.34 -9.62 40.19
CA PRO D 307 -52.04 -10.25 38.89
C PRO D 307 -51.42 -9.33 37.86
N LEU D 308 -50.91 -8.17 38.29
CA LEU D 308 -50.22 -7.25 37.39
C LEU D 308 -48.75 -7.60 37.33
N ILE D 309 -48.24 -7.81 36.12
CA ILE D 309 -46.87 -8.25 35.89
C ILE D 309 -46.13 -7.15 35.13
N PRO D 310 -45.27 -6.38 35.79
CA PRO D 310 -44.55 -5.30 35.08
C PRO D 310 -43.28 -5.78 34.41
N VAL D 311 -42.94 -5.09 33.32
CA VAL D 311 -41.71 -5.33 32.57
C VAL D 311 -40.98 -4.01 32.40
N TYR D 312 -39.68 -4.00 32.70
CA TYR D 312 -38.88 -2.79 32.64
C TYR D 312 -37.72 -2.99 31.67
N GLY D 313 -37.34 -1.92 30.98
CA GLY D 313 -36.17 -1.94 30.15
C GLY D 313 -34.90 -1.82 30.97
N LYS D 314 -34.73 -0.67 31.63
CA LYS D 314 -33.70 -0.51 32.65
C LYS D 314 -34.31 0.21 33.83
N ARG D 315 -34.15 -0.35 35.03
CA ARG D 315 -34.81 0.14 36.22
C ARG D 315 -33.80 0.44 37.31
N TRP D 316 -34.01 1.55 38.02
CA TRP D 316 -33.17 1.90 39.16
C TRP D 316 -34.03 2.57 40.22
N PHE D 317 -33.47 2.65 41.43
CA PHE D 317 -34.09 3.34 42.56
C PHE D 317 -33.09 4.36 43.08
N ILE D 318 -33.38 5.64 42.86
CA ILE D 318 -32.41 6.71 43.08
C ILE D 318 -32.71 7.48 44.37
N ASP D 319 -33.85 8.19 44.41
CA ASP D 319 -34.20 8.98 45.60
C ASP D 319 -35.69 8.76 45.90
N ASP D 320 -35.97 7.71 46.68
CA ASP D 320 -37.32 7.40 47.16
C ASP D 320 -38.33 7.26 46.02
N ILE D 321 -37.85 7.09 44.79
CA ILE D 321 -38.71 6.98 43.62
C ILE D 321 -38.04 6.03 42.62
N GLU D 322 -38.85 5.30 41.87
CA GLU D 322 -38.32 4.33 40.92
C GLU D 322 -38.25 4.95 39.53
N ARG D 323 -37.06 4.92 38.93
CA ARG D 323 -36.82 5.53 37.63
C ARG D 323 -36.55 4.45 36.60
N VAL D 324 -36.99 4.69 35.37
CA VAL D 324 -36.87 3.72 34.29
C VAL D 324 -36.30 4.42 33.06
N GLU D 325 -35.73 3.62 32.17
CA GLU D 325 -35.19 4.13 30.92
C GLU D 325 -35.21 3.04 29.87
N GLY D 326 -35.44 3.43 28.62
CA GLY D 326 -35.47 2.51 27.51
C GLY D 326 -34.24 2.58 26.63
N HIS D 327 -34.40 3.04 25.38
CA HIS D 327 -33.29 3.08 24.44
C HIS D 327 -33.29 4.34 23.57
N ILE D 328 -34.22 5.28 23.81
CA ILE D 328 -34.38 6.42 22.91
C ILE D 328 -34.07 7.72 23.64
N ALA D 329 -34.11 7.67 24.98
CA ALA D 329 -34.01 8.89 25.77
C ALA D 329 -32.69 9.61 25.55
N LYS D 330 -31.63 8.86 25.28
CA LYS D 330 -30.29 9.46 25.23
C LYS D 330 -30.00 10.22 23.93
N ALA D 331 -30.68 9.91 22.83
CA ALA D 331 -30.34 10.46 21.52
C ALA D 331 -31.21 11.64 21.13
N MET D 332 -32.08 12.10 22.03
CA MET D 332 -33.00 13.18 21.69
C MET D 332 -32.25 14.44 21.27
N ASP D 333 -31.29 14.88 22.09
CA ASP D 333 -30.56 16.11 21.79
C ASP D 333 -29.78 16.03 20.49
N PRO D 334 -28.94 15.01 20.24
CA PRO D 334 -28.27 14.96 18.93
C PRO D 334 -29.23 14.86 17.76
N GLN D 335 -30.33 14.10 17.88
CA GLN D 335 -31.23 13.94 16.76
C GLN D 335 -31.94 15.26 16.43
N ARG D 336 -32.42 15.96 17.46
CA ARG D 336 -33.14 17.20 17.21
C ARG D 336 -32.20 18.37 16.94
N LEU D 337 -30.90 18.22 17.21
CA LEU D 337 -29.92 19.15 16.65
C LEU D 337 -29.67 18.89 15.17
N TYR D 338 -29.57 17.60 14.80
CA TYR D 338 -29.33 17.25 13.41
C TYR D 338 -30.47 17.72 12.52
N ASN D 339 -31.71 17.56 12.98
CA ASN D 339 -32.86 18.00 12.17
C ASN D 339 -32.80 19.51 11.93
N LEU D 340 -32.52 20.28 12.98
CA LEU D 340 -32.45 21.73 12.84
C LEU D 340 -31.31 22.14 11.92
N GLN D 341 -30.16 21.48 12.04
CA GLN D 341 -29.04 21.79 11.16
C GLN D 341 -29.41 21.52 9.71
N VAL D 342 -30.06 20.40 9.44
CA VAL D 342 -30.44 20.05 8.07
C VAL D 342 -31.40 21.11 7.50
N SER D 343 -32.43 21.47 8.27
CA SER D 343 -33.40 22.43 7.76
C SER D 343 -32.78 23.81 7.53
N MET D 344 -31.97 24.26 8.49
CA MET D 344 -31.36 25.58 8.39
C MET D 344 -30.28 25.65 7.32
N LEU D 345 -29.67 24.52 6.97
CA LEU D 345 -28.80 24.50 5.79
C LEU D 345 -29.62 24.49 4.51
N ALA D 346 -30.73 23.74 4.49
CA ALA D 346 -31.49 23.59 3.25
C ALA D 346 -32.09 24.91 2.81
N ASP D 347 -32.75 25.64 3.72
CA ASP D 347 -33.39 26.88 3.30
C ASP D 347 -32.34 27.94 2.93
N THR D 348 -31.23 27.98 3.67
CA THR D 348 -30.16 28.92 3.34
C THR D 348 -29.59 28.63 1.95
N ALA D 349 -29.38 27.36 1.63
CA ALA D 349 -28.88 27.02 0.30
C ALA D 349 -29.89 27.38 -0.78
N ALA D 350 -31.18 27.13 -0.52
CA ALA D 350 -32.20 27.44 -1.52
C ALA D 350 -32.42 28.95 -1.69
N GLN D 351 -31.97 29.76 -0.72
CA GLN D 351 -32.18 31.20 -0.81
C GLN D 351 -31.53 31.80 -2.06
N ASP D 352 -30.27 31.46 -2.33
CA ASP D 352 -29.48 32.11 -3.38
C ASP D 352 -28.89 31.09 -4.33
N PRO D 353 -29.50 30.89 -5.50
CA PRO D 353 -29.01 29.85 -6.41
C PRO D 353 -27.65 30.13 -7.04
N GLY D 354 -27.49 31.31 -7.66
CA GLY D 354 -26.28 31.56 -8.44
C GLY D 354 -25.84 33.00 -8.52
N GLN D 355 -25.18 33.35 -9.62
CA GLN D 355 -24.55 34.66 -9.80
C GLN D 355 -25.30 35.48 -10.84
N ILE D 356 -25.46 36.76 -10.55
CA ILE D 356 -26.07 37.71 -11.50
C ILE D 356 -25.16 38.93 -11.57
N PRO D 357 -24.90 39.47 -12.77
CA PRO D 357 -24.09 40.68 -12.86
C PRO D 357 -24.87 41.93 -12.46
N ILE D 358 -24.14 42.96 -12.07
CA ILE D 358 -24.70 44.25 -11.68
C ILE D 358 -24.15 45.31 -12.61
N VAL D 359 -25.04 46.08 -13.23
CA VAL D 359 -24.66 47.11 -14.20
C VAL D 359 -25.45 48.37 -13.89
N GLY D 360 -25.10 49.45 -14.61
CA GLY D 360 -25.81 50.70 -14.46
C GLY D 360 -26.96 50.84 -15.44
N MET D 361 -27.99 51.56 -14.99
CA MET D 361 -29.17 51.76 -15.82
C MET D 361 -28.81 52.49 -17.11
N GLU D 362 -28.10 53.61 -17.00
CA GLU D 362 -27.63 54.33 -18.18
C GLU D 362 -26.56 53.55 -18.92
N GLN D 363 -25.82 52.68 -18.24
CA GLN D 363 -24.81 51.86 -18.89
C GLN D 363 -25.41 50.82 -19.82
N ILE D 364 -26.54 50.22 -19.46
CA ILE D 364 -27.13 49.14 -20.23
C ILE D 364 -28.41 49.55 -20.95
N ARG D 365 -28.84 50.80 -20.81
CA ARG D 365 -30.05 51.24 -21.50
C ARG D 365 -29.88 51.17 -23.01
N GLY D 366 -30.90 50.68 -23.69
CA GLY D 366 -30.87 50.55 -25.13
C GLY D 366 -30.22 49.29 -25.66
N LEU D 367 -29.65 48.45 -24.79
CA LEU D 367 -28.98 47.23 -25.21
C LEU D 367 -29.43 46.01 -24.41
N GLU D 368 -30.63 46.07 -23.81
CA GLU D 368 -31.10 44.94 -23.03
C GLU D 368 -31.50 43.76 -23.91
N LYS D 369 -31.90 44.04 -25.16
CA LYS D 369 -32.33 42.96 -26.04
C LYS D 369 -31.20 42.01 -26.37
N HIS D 370 -29.96 42.52 -26.44
CA HIS D 370 -28.83 41.63 -26.71
C HIS D 370 -28.44 40.83 -25.48
N TRP D 371 -28.54 41.43 -24.29
CA TRP D 371 -28.15 40.73 -23.07
C TRP D 371 -29.18 39.71 -22.63
N GLU D 372 -30.46 39.92 -22.98
CA GLU D 372 -31.48 38.97 -22.56
C GLU D 372 -31.41 37.66 -23.33
N ALA D 373 -30.78 37.64 -24.51
CA ALA D 373 -30.74 36.46 -25.35
C ALA D 373 -29.32 35.97 -25.57
N ARG D 374 -28.48 36.07 -24.54
CA ARG D 374 -27.08 35.65 -24.68
C ARG D 374 -26.91 34.14 -24.56
N ASN D 375 -27.95 33.41 -24.20
CA ASN D 375 -27.86 31.96 -24.05
C ASN D 375 -28.51 31.20 -25.20
N LYS D 376 -29.37 31.84 -25.98
CA LYS D 376 -30.01 31.21 -27.13
C LYS D 376 -29.23 31.42 -28.42
N LYS D 377 -28.98 32.67 -28.80
CA LYS D 377 -28.17 32.96 -29.98
C LYS D 377 -26.70 32.72 -29.66
N ARG D 378 -25.84 32.97 -30.64
CA ARG D 378 -24.40 32.82 -30.49
C ARG D 378 -23.72 34.13 -30.88
N PRO D 379 -23.82 35.15 -30.03
CA PRO D 379 -23.26 36.46 -30.39
C PRO D 379 -21.74 36.43 -30.46
N ALA D 380 -21.20 37.21 -31.39
CA ALA D 380 -19.76 37.37 -31.48
C ALA D 380 -19.20 38.21 -30.34
N PHE D 381 -20.00 39.15 -29.81
CA PHE D 381 -19.58 39.99 -28.71
C PHE D 381 -20.81 40.59 -28.06
N LEU D 382 -20.64 41.08 -26.83
CA LEU D 382 -21.70 41.73 -26.10
C LEU D 382 -21.34 43.20 -25.90
N PRO D 383 -22.16 44.13 -26.37
CA PRO D 383 -21.83 45.56 -26.21
C PRO D 383 -22.30 46.13 -24.88
N LEU D 384 -21.54 47.10 -24.38
CA LEU D 384 -21.89 47.77 -23.14
C LEU D 384 -21.11 49.08 -23.06
N ARG D 385 -21.73 50.08 -22.45
CA ARG D 385 -21.14 51.40 -22.34
C ARG D 385 -20.24 51.50 -21.11
N GLU D 386 -19.64 52.68 -20.94
CA GLU D 386 -18.80 52.95 -19.79
C GLU D 386 -19.53 53.83 -18.78
N VAL D 387 -18.88 54.07 -17.65
CA VAL D 387 -19.43 54.89 -16.58
C VAL D 387 -18.87 56.30 -16.70
N ARG D 388 -19.75 57.28 -16.80
CA ARG D 388 -19.36 58.68 -16.95
C ARG D 388 -19.91 59.50 -15.80
N ASP D 389 -19.17 60.54 -15.43
CA ASP D 389 -19.58 61.43 -14.35
C ASP D 389 -20.51 62.50 -14.90
N LYS D 390 -20.79 63.52 -14.09
CA LYS D 390 -21.69 64.59 -14.52
C LYS D 390 -21.03 65.55 -15.51
N SER D 391 -19.71 65.54 -15.59
CA SER D 391 -18.99 66.42 -16.52
C SER D 391 -18.70 65.77 -17.85
N GLY D 392 -19.10 64.52 -18.05
CA GLY D 392 -18.85 63.82 -19.29
C GLY D 392 -17.56 63.04 -19.35
N ASN D 393 -16.74 63.10 -18.30
CA ASN D 393 -15.48 62.37 -18.28
C ASN D 393 -15.71 60.90 -17.98
N ILE D 394 -14.79 60.06 -18.45
CA ILE D 394 -14.88 58.62 -18.25
C ILE D 394 -14.10 58.24 -17.00
N ILE D 395 -14.74 57.47 -16.12
CA ILE D 395 -14.12 57.07 -14.86
C ILE D 395 -13.98 55.55 -14.72
N ALA D 396 -14.58 54.76 -15.61
CA ALA D 396 -14.52 53.32 -15.50
C ALA D 396 -14.70 52.70 -16.88
N GLY D 397 -14.40 51.40 -16.96
CA GLY D 397 -14.50 50.68 -18.22
C GLY D 397 -15.90 50.21 -18.52
N ALA D 398 -16.01 49.38 -19.56
CA ALA D 398 -17.28 48.85 -20.01
C ALA D 398 -17.69 47.56 -19.30
N THR D 399 -16.88 47.08 -18.35
CA THR D 399 -17.19 45.85 -17.66
C THR D 399 -18.33 46.06 -16.65
N PRO D 400 -19.07 45.01 -16.32
CA PRO D 400 -20.05 45.11 -15.23
C PRO D 400 -19.35 45.39 -13.91
N ALA D 401 -20.07 46.10 -13.03
CA ALA D 401 -19.48 46.50 -11.75
C ALA D 401 -19.07 45.30 -10.92
N GLY D 402 -19.91 44.27 -10.88
CA GLY D 402 -19.59 43.09 -10.10
C GLY D 402 -20.64 42.03 -10.28
N TYR D 403 -20.52 40.97 -9.48
CA TYR D 403 -21.45 39.85 -9.54
C TYR D 403 -21.93 39.51 -8.14
N THR D 404 -23.16 39.03 -8.06
CA THR D 404 -23.71 38.64 -6.77
C THR D 404 -23.00 37.40 -6.24
N GLN D 405 -23.00 37.27 -4.91
CA GLN D 405 -22.33 36.15 -4.25
C GLN D 405 -23.28 34.96 -4.12
N PRO D 406 -22.84 33.77 -4.52
CA PRO D 406 -23.66 32.57 -4.32
C PRO D 406 -23.66 32.16 -2.85
N ALA D 407 -24.55 31.21 -2.54
CA ALA D 407 -24.69 30.74 -1.16
C ALA D 407 -23.44 30.00 -0.71
N VAL D 408 -23.21 30.01 0.62
CA VAL D 408 -22.06 29.37 1.22
C VAL D 408 -22.53 28.55 2.41
N MET D 409 -21.64 27.67 2.87
CA MET D 409 -21.88 26.84 4.05
C MET D 409 -20.77 27.10 5.06
N ASN D 410 -21.13 27.68 6.20
CA ASN D 410 -20.14 27.97 7.23
C ASN D 410 -19.65 26.67 7.89
N GLN D 411 -18.44 26.73 8.43
CA GLN D 411 -17.80 25.53 8.96
C GLN D 411 -18.48 25.02 10.21
N ALA D 412 -19.11 25.90 10.99
CA ALA D 412 -19.74 25.47 12.24
C ALA D 412 -20.90 24.52 11.98
N LEU D 413 -21.71 24.81 10.96
CA LEU D 413 -22.84 23.95 10.64
C LEU D 413 -22.37 22.57 10.20
N ALA D 414 -21.33 22.52 9.35
CA ALA D 414 -20.79 21.23 8.95
C ALA D 414 -20.22 20.46 10.13
N ALA D 415 -19.53 21.17 11.03
CA ALA D 415 -18.98 20.53 12.21
C ALA D 415 -20.09 19.93 13.07
N LEU D 416 -21.18 20.68 13.29
CA LEU D 416 -22.29 20.13 14.04
C LEU D 416 -22.92 18.94 13.34
N LEU D 417 -23.07 19.01 12.02
CA LEU D 417 -23.63 17.89 11.28
C LEU D 417 -22.83 16.62 11.51
N GLN D 418 -21.51 16.69 11.29
CA GLN D 418 -20.68 15.51 11.46
C GLN D 418 -20.68 15.04 12.91
N GLN D 419 -20.56 15.98 13.86
CA GLN D 419 -20.48 15.60 15.27
C GLN D 419 -21.75 14.90 15.73
N THR D 420 -22.91 15.47 15.43
CA THR D 420 -24.16 14.86 15.86
C THR D 420 -24.42 13.54 15.15
N SER D 421 -24.07 13.45 13.85
CA SER D 421 -24.26 12.20 13.14
C SER D 421 -23.40 11.09 13.74
N ALA D 422 -22.17 11.42 14.14
CA ALA D 422 -21.34 10.42 14.80
C ALA D 422 -21.85 10.09 16.19
N ASP D 423 -22.30 11.11 16.94
CA ASP D 423 -22.72 10.91 18.32
C ASP D 423 -23.96 10.05 18.42
N ILE D 424 -24.92 10.21 17.51
CA ILE D 424 -26.12 9.38 17.55
C ILE D 424 -25.74 7.91 17.49
N GLN D 425 -24.92 7.55 16.50
CA GLN D 425 -24.51 6.15 16.34
C GLN D 425 -23.69 5.67 17.52
N GLU D 426 -22.77 6.51 18.01
CA GLU D 426 -21.86 6.05 19.06
C GLU D 426 -22.56 5.92 20.41
N VAL D 427 -23.62 6.70 20.62
CA VAL D 427 -24.39 6.58 21.86
C VAL D 427 -25.36 5.43 21.78
N THR D 428 -26.16 5.37 20.71
CA THR D 428 -27.18 4.33 20.56
C THR D 428 -26.51 3.02 20.17
N GLY D 429 -25.97 2.35 21.18
CA GLY D 429 -25.28 1.08 20.98
C GLY D 429 -23.98 1.22 20.23
N MET D 450 -19.38 -14.23 26.18
CA MET D 450 -19.00 -12.84 25.97
C MET D 450 -19.73 -12.25 24.76
N ASN D 451 -20.10 -13.12 23.82
CA ASN D 451 -20.84 -12.68 22.64
C ASN D 451 -22.20 -12.11 23.04
N ARG D 452 -22.90 -12.78 23.96
CA ARG D 452 -24.19 -12.27 24.42
C ARG D 452 -24.02 -10.98 25.20
N ALA D 453 -22.99 -10.89 26.04
CA ALA D 453 -22.80 -9.72 26.88
C ALA D 453 -22.40 -8.51 26.05
N ASP D 454 -21.68 -8.71 24.95
CA ASP D 454 -21.24 -7.58 24.13
C ASP D 454 -22.43 -6.90 23.45
N MET D 455 -23.47 -7.68 23.11
CA MET D 455 -24.62 -7.12 22.43
C MET D 455 -25.37 -6.14 23.33
N ALA D 456 -26.10 -5.22 22.71
CA ALA D 456 -26.77 -4.14 23.43
C ALA D 456 -28.16 -4.53 23.92
N SER D 457 -28.65 -5.73 23.62
CA SER D 457 -29.99 -6.16 24.02
C SER D 457 -29.98 -7.12 25.20
N PHE D 458 -28.80 -7.44 25.73
CA PHE D 458 -28.72 -8.45 26.79
C PHE D 458 -29.46 -7.99 28.04
N ILE D 459 -29.34 -6.72 28.41
CA ILE D 459 -30.01 -6.23 29.61
C ILE D 459 -31.53 -6.34 29.45
N TYR D 460 -32.05 -5.98 28.28
CA TYR D 460 -33.49 -6.08 28.05
C TYR D 460 -33.94 -7.53 28.09
N LEU D 461 -33.16 -8.44 27.49
CA LEU D 461 -33.53 -9.85 27.52
C LEU D 461 -33.53 -10.39 28.95
N ASP D 462 -32.54 -10.01 29.75
CA ASP D 462 -32.50 -10.50 31.13
C ASP D 462 -33.65 -9.95 31.96
N ASN D 463 -33.99 -8.66 31.76
CA ASN D 463 -35.13 -8.10 32.46
C ASN D 463 -36.42 -8.79 32.05
N MET D 464 -36.57 -9.11 30.76
CA MET D 464 -37.77 -9.83 30.31
C MET D 464 -37.83 -11.22 30.94
N ALA D 465 -36.70 -11.91 31.03
CA ALA D 465 -36.68 -13.22 31.67
C ALA D 465 -37.07 -13.12 33.14
N LYS D 466 -36.54 -12.11 33.84
CA LYS D 466 -36.90 -11.93 35.24
C LYS D 466 -38.38 -11.61 35.42
N SER D 467 -38.98 -10.87 34.49
CA SER D 467 -40.43 -10.64 34.56
C SER D 467 -41.21 -11.92 34.30
N LEU D 468 -40.76 -12.73 33.35
CA LEU D 468 -41.44 -13.99 33.07
C LEU D 468 -41.35 -14.95 34.27
N LYS D 469 -40.27 -14.89 35.04
CA LYS D 469 -40.19 -15.70 36.25
C LYS D 469 -41.30 -15.34 37.23
N ARG D 470 -41.53 -14.04 37.43
CA ARG D 470 -42.61 -13.60 38.30
C ARG D 470 -43.97 -13.99 37.74
N ALA D 471 -44.13 -13.90 36.42
CA ALA D 471 -45.39 -14.32 35.81
C ALA D 471 -45.65 -15.80 36.06
N GLY D 472 -44.62 -16.63 35.91
CA GLY D 472 -44.78 -18.04 36.21
C GLY D 472 -45.11 -18.31 37.67
N GLU D 473 -44.48 -17.56 38.57
CA GLU D 473 -44.80 -17.70 39.99
C GLU D 473 -46.27 -17.38 40.26
N VAL D 474 -46.76 -16.29 39.68
CA VAL D 474 -48.16 -15.90 39.89
C VAL D 474 -49.09 -16.95 39.31
N TRP D 475 -48.77 -17.47 38.13
CA TRP D 475 -49.61 -18.50 37.52
C TRP D 475 -49.63 -19.76 38.36
N LEU D 476 -48.48 -20.15 38.91
CA LEU D 476 -48.43 -21.34 39.76
C LEU D 476 -49.26 -21.13 41.02
N SER D 477 -49.23 -19.92 41.59
CA SER D 477 -50.07 -19.64 42.74
C SER D 477 -51.55 -19.70 42.37
N MET D 478 -51.90 -19.20 41.19
CA MET D 478 -53.31 -19.14 40.80
C MET D 478 -53.86 -20.50 40.39
N ALA D 479 -53.01 -21.39 39.89
CA ALA D 479 -53.50 -22.63 39.28
C ALA D 479 -54.15 -23.56 40.29
N ARG D 480 -53.75 -23.50 41.56
CA ARG D 480 -54.28 -24.44 42.55
C ARG D 480 -55.77 -24.23 42.78
N GLU D 481 -56.24 -22.98 42.68
CA GLU D 481 -57.63 -22.68 42.96
C GLU D 481 -58.55 -22.94 41.78
N VAL D 482 -58.01 -23.13 40.58
CA VAL D 482 -58.83 -23.34 39.38
C VAL D 482 -58.82 -24.80 38.95
N TYR D 483 -57.64 -25.43 38.94
CA TYR D 483 -57.52 -26.82 38.52
C TYR D 483 -57.45 -27.81 39.67
N GLY D 484 -57.26 -27.33 40.90
CA GLY D 484 -57.15 -28.21 42.05
C GLY D 484 -55.72 -28.64 42.30
N SER D 485 -55.48 -29.05 43.54
CA SER D 485 -54.14 -29.48 43.95
C SER D 485 -53.77 -30.79 43.26
N GLU D 486 -52.49 -30.92 42.92
CA GLU D 486 -51.97 -32.11 42.27
C GLU D 486 -51.36 -33.04 43.31
N ARG D 487 -51.91 -34.25 43.42
CA ARG D 487 -51.44 -35.24 44.36
C ARG D 487 -51.20 -36.55 43.62
N GLU D 488 -50.12 -37.24 43.98
CA GLU D 488 -49.72 -38.47 43.30
C GLU D 488 -50.33 -39.64 44.04
N VAL D 489 -51.26 -40.34 43.38
CA VAL D 489 -51.91 -41.53 43.92
C VAL D 489 -52.10 -42.52 42.76
N ARG D 490 -51.39 -43.64 42.82
CA ARG D 490 -51.64 -44.74 41.89
C ARG D 490 -51.60 -46.12 42.53
N ILE D 491 -51.05 -46.28 43.73
CA ILE D 491 -50.98 -47.58 44.37
C ILE D 491 -52.23 -47.81 45.22
N VAL D 507 -47.49 -44.88 41.65
CA VAL D 507 -46.46 -43.91 42.01
C VAL D 507 -46.03 -43.14 40.77
N VAL D 508 -46.31 -43.71 39.60
CA VAL D 508 -45.92 -43.12 38.33
C VAL D 508 -47.05 -42.30 37.71
N ASP D 509 -48.06 -41.93 38.50
CA ASP D 509 -49.18 -41.14 38.00
C ASP D 509 -49.45 -39.98 38.94
N ARG D 510 -49.74 -38.82 38.36
CA ARG D 510 -50.10 -37.61 39.09
C ARG D 510 -51.50 -37.23 38.63
N GLN D 511 -52.49 -37.41 39.51
CA GLN D 511 -53.88 -37.21 39.13
C GLN D 511 -54.64 -36.48 40.23
N THR D 512 -55.60 -35.68 39.82
CA THR D 512 -56.53 -35.01 40.71
C THR D 512 -57.94 -35.21 40.19
N GLY D 513 -58.91 -35.14 41.10
CA GLY D 513 -60.29 -35.35 40.71
C GLY D 513 -61.28 -34.52 41.54
N ALA D 514 -62.18 -33.83 40.85
CA ALA D 514 -63.16 -33.00 41.53
C ALA D 514 -64.26 -32.63 40.55
N VAL D 515 -65.52 -32.78 41.00
CA VAL D 515 -66.64 -32.28 40.22
C VAL D 515 -66.55 -30.77 40.08
N VAL D 516 -66.27 -30.09 41.19
CA VAL D 516 -65.87 -28.69 41.19
C VAL D 516 -64.52 -28.63 41.89
N ALA D 517 -63.57 -27.91 41.27
CA ALA D 517 -62.16 -27.95 41.64
C ALA D 517 -61.95 -27.94 43.14
N LEU D 518 -61.28 -28.98 43.64
CA LEU D 518 -60.98 -29.12 45.06
C LEU D 518 -59.51 -28.81 45.30
N ASN D 519 -59.23 -27.83 46.16
CA ASN D 519 -57.89 -27.48 46.55
C ASN D 519 -57.65 -27.87 48.01
N ASP D 520 -56.66 -28.73 48.23
CA ASP D 520 -56.31 -29.18 49.57
C ASP D 520 -55.22 -28.28 50.12
N LEU D 521 -55.53 -27.56 51.20
CA LEU D 521 -54.56 -26.65 51.80
C LEU D 521 -53.42 -27.37 52.49
N SER D 522 -53.54 -28.68 52.70
CA SER D 522 -52.52 -29.44 53.41
C SER D 522 -51.49 -30.09 52.49
N VAL D 523 -51.64 -29.94 51.18
CA VAL D 523 -50.69 -30.55 50.25
C VAL D 523 -49.30 -29.94 50.42
N GLY D 524 -49.23 -28.62 50.52
CA GLY D 524 -47.96 -27.94 50.66
C GLY D 524 -47.39 -27.50 49.34
N ARG D 525 -46.19 -26.92 49.42
CA ARG D 525 -45.52 -26.39 48.24
C ARG D 525 -45.14 -27.51 47.29
N TYR D 526 -45.25 -27.24 45.99
CA TYR D 526 -44.86 -28.21 44.98
C TYR D 526 -43.35 -28.33 44.91
N ASP D 527 -42.88 -29.35 44.18
CA ASP D 527 -41.46 -29.64 44.04
C ASP D 527 -40.91 -29.21 42.68
N VAL D 528 -41.35 -28.06 42.17
CA VAL D 528 -40.85 -27.54 40.91
C VAL D 528 -40.23 -26.18 41.14
N THR D 529 -39.23 -25.85 40.32
CA THR D 529 -38.54 -24.57 40.37
C THR D 529 -38.82 -23.82 39.09
N VAL D 530 -39.29 -22.59 39.21
CA VAL D 530 -39.70 -21.81 38.05
C VAL D 530 -38.46 -21.26 37.36
N ASP D 531 -38.38 -21.47 36.04
CA ASP D 531 -37.28 -20.97 35.24
C ASP D 531 -37.81 -20.62 33.86
N VAL D 532 -36.91 -20.33 32.92
CA VAL D 532 -37.29 -19.94 31.57
C VAL D 532 -36.59 -20.86 30.57
N GLY D 533 -37.14 -20.89 29.36
CA GLY D 533 -36.59 -21.70 28.30
C GLY D 533 -37.09 -21.23 26.95
N PRO D 534 -36.64 -21.88 25.89
CA PRO D 534 -37.08 -21.50 24.53
C PRO D 534 -38.58 -21.74 24.36
N SER D 535 -39.18 -20.93 23.49
CA SER D 535 -40.61 -21.02 23.22
C SER D 535 -40.88 -22.13 22.22
N TYR D 536 -41.81 -23.02 22.56
CA TYR D 536 -42.19 -24.14 21.70
C TYR D 536 -43.70 -24.16 21.54
N THR D 537 -44.15 -24.43 20.31
CA THR D 537 -45.58 -24.49 20.04
C THR D 537 -46.17 -25.80 20.52
N ALA D 538 -45.43 -26.90 20.41
CA ALA D 538 -45.94 -28.22 20.75
C ALA D 538 -44.86 -28.99 21.51
N ARG D 539 -45.29 -30.13 22.08
CA ARG D 539 -44.35 -30.99 22.80
C ARG D 539 -43.34 -31.65 21.87
N ARG D 540 -43.76 -31.91 20.63
CA ARG D 540 -42.84 -32.53 19.66
C ARG D 540 -41.64 -31.63 19.40
N ASP D 541 -41.88 -30.32 19.26
CA ASP D 541 -40.77 -29.40 19.02
C ASP D 541 -39.78 -29.41 20.18
N ALA D 542 -40.28 -29.37 21.41
CA ALA D 542 -39.40 -29.39 22.58
C ALA D 542 -38.60 -30.69 22.64
N THR D 543 -39.27 -31.82 22.41
CA THR D 543 -38.59 -33.11 22.47
C THR D 543 -37.51 -33.20 21.41
N VAL D 544 -37.83 -32.79 20.18
CA VAL D 544 -36.86 -32.84 19.09
C VAL D 544 -35.68 -31.93 19.38
N SER D 545 -35.94 -30.73 19.89
CA SER D 545 -34.86 -29.78 20.16
C SER D 545 -33.93 -30.32 21.25
N VAL D 546 -34.49 -30.82 22.34
CA VAL D 546 -33.65 -31.30 23.43
C VAL D 546 -32.87 -32.54 23.01
N LEU D 547 -33.49 -33.42 22.21
CA LEU D 547 -32.79 -34.62 21.78
C LEU D 547 -31.69 -34.28 20.78
N THR D 548 -31.92 -33.30 19.92
CA THR D 548 -30.87 -32.83 19.02
C THR D 548 -29.72 -32.21 19.80
N ASN D 549 -30.05 -31.46 20.86
CA ASN D 549 -29.00 -30.88 21.70
C ASN D 549 -28.18 -31.97 22.37
N VAL D 550 -28.83 -33.03 22.84
CA VAL D 550 -28.10 -34.17 23.40
C VAL D 550 -27.22 -34.81 22.34
N LEU D 551 -27.76 -35.00 21.14
CA LEU D 551 -26.95 -35.47 20.02
C LEU D 551 -26.02 -34.35 19.56
N SER D 552 -25.19 -34.66 18.57
CA SER D 552 -24.17 -33.79 18.00
C SER D 552 -23.06 -33.49 18.99
N SER D 553 -23.18 -33.95 20.24
CA SER D 553 -22.10 -33.92 21.21
C SER D 553 -21.66 -35.34 21.58
N MET D 554 -22.09 -36.32 20.81
CA MET D 554 -21.74 -37.72 21.03
C MET D 554 -20.84 -38.19 19.90
N LEU D 555 -19.85 -39.01 20.26
CA LEU D 555 -18.94 -39.54 19.26
C LEU D 555 -19.69 -40.45 18.29
N PRO D 556 -19.25 -40.51 17.03
CA PRO D 556 -19.95 -41.35 16.04
C PRO D 556 -19.99 -42.82 16.40
N THR D 557 -19.04 -43.30 17.21
CA THR D 557 -18.98 -44.71 17.59
C THR D 557 -19.78 -45.02 18.85
N ASP D 558 -20.49 -44.05 19.41
CA ASP D 558 -21.24 -44.29 20.63
C ASP D 558 -22.37 -45.29 20.38
N PRO D 559 -22.70 -46.11 21.37
CA PRO D 559 -23.73 -47.14 21.17
C PRO D 559 -25.15 -46.60 21.19
N MET D 560 -25.37 -45.51 21.92
CA MET D 560 -26.72 -44.96 22.10
C MET D 560 -27.17 -44.08 20.94
N ARG D 561 -26.31 -43.80 19.98
CA ARG D 561 -26.69 -42.95 18.86
C ARG D 561 -27.85 -43.51 18.04
N PRO D 562 -27.89 -44.81 17.69
CA PRO D 562 -29.08 -45.32 17.00
C PRO D 562 -30.36 -45.15 17.81
N ALA D 563 -30.28 -45.32 19.13
CA ALA D 563 -31.47 -45.13 19.97
C ALA D 563 -31.92 -43.67 19.94
N ILE D 564 -30.98 -42.74 20.04
CA ILE D 564 -31.32 -41.32 19.97
C ILE D 564 -31.97 -41.00 18.63
N GLN D 565 -31.39 -41.53 17.54
CA GLN D 565 -31.92 -41.27 16.22
C GLN D 565 -33.33 -41.82 16.07
N GLY D 566 -33.56 -43.03 16.57
CA GLY D 566 -34.90 -43.60 16.51
C GLY D 566 -35.92 -42.81 17.29
N ILE D 567 -35.55 -42.38 18.50
CA ILE D 567 -36.48 -41.58 19.30
C ILE D 567 -36.76 -40.24 18.63
N ILE D 568 -35.75 -39.66 17.99
CA ILE D 568 -35.94 -38.38 17.30
C ILE D 568 -36.92 -38.55 16.14
N LEU D 569 -36.70 -39.58 15.31
CA LEU D 569 -37.62 -39.83 14.20
C LEU D 569 -39.00 -40.25 14.67
N ASP D 570 -39.12 -40.74 15.91
CA ASP D 570 -40.44 -41.11 16.41
C ASP D 570 -41.34 -39.88 16.51
N ASN D 571 -40.81 -38.75 16.98
CA ASN D 571 -41.63 -37.58 17.28
C ASN D 571 -41.70 -36.57 16.14
N ILE D 572 -41.22 -36.92 14.95
CA ILE D 572 -41.34 -36.02 13.81
C ILE D 572 -42.75 -36.12 13.25
N ASP D 573 -43.25 -35.02 12.70
CA ASP D 573 -44.59 -34.97 12.13
C ASP D 573 -44.54 -34.44 10.71
N GLY D 574 -45.39 -34.99 9.85
CA GLY D 574 -45.44 -34.56 8.47
C GLY D 574 -46.53 -35.30 7.74
N GLU D 575 -46.77 -34.87 6.50
CA GLU D 575 -47.80 -35.46 5.65
C GLU D 575 -47.23 -36.65 4.89
N GLY D 576 -48.02 -37.72 4.80
CA GLY D 576 -47.64 -38.88 4.04
C GLY D 576 -46.44 -39.63 4.58
N LEU D 577 -46.30 -39.72 5.90
CA LEU D 577 -45.20 -40.45 6.52
C LEU D 577 -45.69 -41.67 7.29
N ASP D 578 -46.87 -42.18 6.95
CA ASP D 578 -47.46 -43.28 7.70
C ASP D 578 -46.58 -44.53 7.63
N ASP D 579 -46.20 -44.94 6.42
CA ASP D 579 -45.43 -46.18 6.27
C ASP D 579 -44.06 -46.07 6.94
N PHE D 580 -43.36 -44.96 6.71
CA PHE D 580 -42.03 -44.81 7.30
C PHE D 580 -42.11 -44.75 8.83
N LYS D 581 -43.10 -44.03 9.36
CA LYS D 581 -43.24 -43.96 10.81
C LYS D 581 -43.59 -45.32 11.40
N GLU D 582 -44.45 -46.09 10.72
CA GLU D 582 -44.79 -47.42 11.20
C GLU D 582 -43.56 -48.33 11.19
N TYR D 583 -42.76 -48.27 10.13
CA TYR D 583 -41.56 -49.10 10.07
C TYR D 583 -40.57 -48.70 11.17
N ASN D 584 -40.40 -47.40 11.39
CA ASN D 584 -39.51 -46.94 12.46
C ASN D 584 -40.01 -47.38 13.82
N ARG D 585 -41.32 -47.30 14.05
CA ARG D 585 -41.88 -47.74 15.33
C ARG D 585 -41.68 -49.24 15.53
N ASN D 586 -41.88 -50.03 14.47
CA ASN D 586 -41.67 -51.48 14.60
C ASN D 586 -40.21 -51.79 14.90
N GLN D 587 -39.28 -51.10 14.24
CA GLN D 587 -37.86 -51.33 14.51
C GLN D 587 -37.49 -50.87 15.91
N LEU D 588 -38.10 -49.80 16.41
CA LEU D 588 -37.82 -49.36 17.77
C LEU D 588 -38.41 -50.31 18.79
N LEU D 589 -39.54 -50.95 18.45
CA LEU D 589 -40.16 -51.91 19.36
C LEU D 589 -39.39 -53.21 19.43
N ILE D 590 -38.90 -53.71 18.29
CA ILE D 590 -38.16 -54.96 18.28
C ILE D 590 -36.86 -54.85 19.06
N SER D 591 -36.38 -53.64 19.32
CA SER D 591 -35.17 -53.42 20.08
C SER D 591 -35.44 -53.20 21.57
N GLY D 592 -36.67 -53.35 22.01
CA GLY D 592 -37.00 -53.21 23.42
C GLY D 592 -36.89 -51.81 23.97
N ILE D 593 -37.30 -50.81 23.20
CA ILE D 593 -37.29 -49.42 23.65
C ILE D 593 -38.65 -48.76 23.59
N ALA D 594 -39.58 -49.27 22.78
CA ALA D 594 -40.85 -48.59 22.56
C ALA D 594 -41.82 -48.73 23.73
N LYS D 595 -41.77 -49.85 24.47
CA LYS D 595 -42.66 -50.08 25.62
C LYS D 595 -44.11 -49.99 25.17
N PRO D 596 -44.62 -51.05 24.50
CA PRO D 596 -45.95 -51.00 23.88
C PRO D 596 -47.03 -50.38 24.75
N ARG D 597 -47.92 -49.61 24.14
CA ARG D 597 -49.00 -48.95 24.89
C ARG D 597 -50.26 -49.81 24.93
N ASN D 598 -50.06 -51.10 25.22
CA ASN D 598 -51.11 -52.01 25.67
C ASN D 598 -52.35 -52.00 24.79
N GLU D 599 -52.17 -51.94 23.46
CA GLU D 599 -53.33 -52.05 22.58
C GLU D 599 -53.30 -53.28 21.70
N LYS D 600 -52.30 -53.46 20.84
CA LYS D 600 -52.18 -54.68 20.04
C LYS D 600 -50.77 -55.20 19.88
N GLU D 601 -49.74 -54.36 20.00
CA GLU D 601 -48.37 -54.78 19.72
C GLU D 601 -47.72 -55.51 20.89
N GLN D 602 -48.27 -55.39 22.09
CA GLN D 602 -47.83 -56.23 23.20
C GLN D 602 -48.16 -57.70 22.95
N GLN D 603 -49.19 -57.98 22.17
CA GLN D 603 -49.63 -59.34 21.90
C GLN D 603 -49.28 -59.84 20.50
N ILE D 604 -48.66 -59.02 19.66
CA ILE D 604 -48.27 -59.46 18.33
C ILE D 604 -46.75 -59.39 18.19
N VAL D 605 -46.21 -58.17 18.22
CA VAL D 605 -44.82 -57.94 17.80
C VAL D 605 -43.84 -58.50 18.82
N GLN D 606 -44.14 -58.35 20.11
CA GLN D 606 -43.18 -58.78 21.12
C GLN D 606 -43.05 -60.30 21.17
N GLN D 607 -44.18 -61.01 21.07
CA GLN D 607 -44.12 -62.47 20.97
C GLN D 607 -43.53 -62.90 19.63
N ALA D 608 -43.73 -62.12 18.57
CA ALA D 608 -43.05 -62.41 17.31
C ALA D 608 -41.55 -62.36 17.49
N GLN D 609 -41.05 -61.35 18.22
CA GLN D 609 -39.63 -61.28 18.52
C GLN D 609 -39.20 -62.42 19.43
N MET D 610 -40.07 -62.84 20.34
CA MET D 610 -39.75 -64.00 21.18
C MET D 610 -39.58 -65.25 20.35
N ALA D 611 -40.44 -65.43 19.34
CA ALA D 611 -40.29 -66.54 18.41
C ALA D 611 -39.00 -66.42 17.61
N ALA D 612 -38.69 -65.20 17.14
CA ALA D 612 -37.46 -64.96 16.39
C ALA D 612 -36.21 -65.06 17.26
N GLN D 613 -36.37 -65.10 18.57
CA GLN D 613 -35.27 -65.35 19.50
C GLN D 613 -35.12 -66.82 19.85
N SER D 614 -36.23 -67.53 20.06
CA SER D 614 -36.17 -68.93 20.41
C SER D 614 -35.85 -69.81 19.21
N GLN D 615 -36.35 -69.46 18.03
CA GLN D 615 -36.11 -70.27 16.83
C GLN D 615 -34.64 -70.43 16.47
N PRO D 616 -33.83 -69.38 16.39
CA PRO D 616 -32.45 -69.55 15.92
C PRO D 616 -31.44 -70.02 16.96
N ASN D 617 -31.88 -70.57 18.09
CA ASN D 617 -30.93 -71.18 19.01
C ASN D 617 -30.19 -72.36 18.38
N PRO D 618 -30.85 -73.31 17.71
CA PRO D 618 -30.09 -74.33 16.97
C PRO D 618 -29.19 -73.74 15.90
N GLU D 619 -29.64 -72.69 15.20
CA GLU D 619 -28.79 -72.07 14.18
C GLU D 619 -27.53 -71.48 14.80
N MET D 620 -27.68 -70.76 15.91
CA MET D 620 -26.54 -70.08 16.51
C MET D 620 -25.60 -71.07 17.17
N VAL D 621 -26.12 -72.16 17.73
CA VAL D 621 -25.22 -73.18 18.26
C VAL D 621 -24.52 -73.92 17.12
N LEU D 622 -25.21 -74.21 16.02
CA LEU D 622 -24.60 -74.96 14.92
C LEU D 622 -23.57 -74.14 14.16
N ALA D 623 -23.75 -72.82 14.08
CA ALA D 623 -22.83 -71.99 13.33
C ALA D 623 -21.43 -71.97 13.94
N GLN D 624 -21.30 -72.24 15.23
CA GLN D 624 -20.02 -72.23 15.94
C GLN D 624 -19.86 -73.47 16.79
N ALA D 625 -20.58 -74.54 16.44
CA ALA D 625 -20.62 -75.75 17.26
C ALA D 625 -19.87 -76.92 16.65
N GLN D 626 -18.69 -76.69 16.06
CA GLN D 626 -17.86 -77.82 15.65
C GLN D 626 -17.47 -78.67 16.85
N MET D 627 -17.61 -78.11 18.05
CA MET D 627 -17.31 -78.80 19.30
C MET D 627 -18.40 -79.79 19.72
N VAL D 628 -19.63 -79.64 19.22
CA VAL D 628 -20.73 -80.49 19.70
C VAL D 628 -20.52 -81.95 19.30
N ALA D 629 -20.05 -82.20 18.07
CA ALA D 629 -19.82 -83.57 17.65
C ALA D 629 -18.76 -84.25 18.50
N ALA D 630 -17.65 -83.54 18.75
CA ALA D 630 -16.60 -84.08 19.60
C ALA D 630 -17.10 -84.29 21.02
N GLN D 631 -17.90 -83.35 21.53
CA GLN D 631 -18.45 -83.48 22.87
C GLN D 631 -19.36 -84.71 22.98
N ALA D 632 -20.23 -84.92 21.99
CA ALA D 632 -21.10 -86.09 22.03
C ALA D 632 -20.29 -87.38 21.96
N GLU D 633 -19.30 -87.42 21.07
CA GLU D 633 -18.48 -88.64 20.94
C GLU D 633 -17.74 -88.92 22.24
N ALA D 634 -17.12 -87.90 22.83
CA ALA D 634 -16.38 -88.11 24.07
C ALA D 634 -17.31 -88.44 25.23
N GLN D 635 -18.48 -87.81 25.28
CA GLN D 635 -19.43 -88.07 26.35
C GLN D 635 -19.92 -89.51 26.31
N LYS D 636 -20.21 -90.04 25.12
CA LYS D 636 -20.65 -91.43 25.06
C LYS D 636 -19.48 -92.38 25.25
N ALA D 637 -18.28 -91.98 24.82
CA ALA D 637 -17.10 -92.79 25.10
C ALA D 637 -16.84 -92.88 26.60
N THR D 638 -17.20 -91.83 27.35
CA THR D 638 -17.04 -91.81 28.79
C THR D 638 -17.87 -92.89 29.48
N ASN D 639 -18.86 -93.45 28.79
CA ASN D 639 -19.62 -94.58 29.30
C ASN D 639 -19.32 -95.87 28.53
N GLU D 640 -18.78 -95.76 27.32
CA GLU D 640 -18.60 -96.94 26.48
C GLU D 640 -17.23 -97.58 26.65
N THR D 641 -16.16 -96.78 26.76
CA THR D 641 -14.83 -97.34 26.84
C THR D 641 -14.64 -98.21 28.07
N ALA D 642 -15.50 -98.06 29.08
CA ALA D 642 -15.44 -98.92 30.27
C ALA D 642 -15.70 -100.37 29.93
N GLN D 643 -16.26 -100.66 28.75
CA GLN D 643 -16.42 -102.04 28.33
C GLN D 643 -15.07 -102.75 28.23
N THR D 644 -14.00 -101.99 27.98
CA THR D 644 -12.67 -102.60 27.92
C THR D 644 -12.25 -103.09 29.30
N GLN D 645 -12.49 -102.29 30.34
CA GLN D 645 -12.21 -102.74 31.70
C GLN D 645 -13.12 -103.89 32.10
N ILE D 646 -14.38 -103.86 31.64
CA ILE D 646 -15.29 -104.97 31.91
C ILE D 646 -14.76 -106.25 31.27
N LYS D 647 -14.28 -106.15 30.03
CA LYS D 647 -13.71 -107.30 29.34
C LYS D 647 -12.44 -107.78 30.05
N ALA D 648 -11.65 -106.86 30.58
CA ALA D 648 -10.48 -107.24 31.35
C ALA D 648 -10.87 -107.98 32.63
N PHE D 649 -11.94 -107.54 33.27
CA PHE D 649 -12.44 -108.24 34.46
C PHE D 649 -12.91 -109.64 34.11
N THR D 650 -13.63 -109.78 32.99
CA THR D 650 -14.06 -111.11 32.55
C THR D 650 -12.86 -111.98 32.20
N ALA D 651 -11.83 -111.38 31.60
CA ALA D 651 -10.62 -112.12 31.28
C ALA D 651 -9.90 -112.58 32.53
N GLN D 652 -9.88 -111.74 33.57
CA GLN D 652 -9.27 -112.15 34.84
C GLN D 652 -10.04 -113.30 35.48
N GLN D 653 -11.38 -113.22 35.45
CA GLN D 653 -12.19 -114.32 35.98
C GLN D 653 -11.94 -115.60 35.20
N ASP D 654 -11.87 -115.48 33.87
CA ASP D 654 -11.58 -116.64 33.02
C ASP D 654 -10.19 -117.20 33.30
N ALA D 655 -9.21 -116.33 33.57
CA ALA D 655 -7.86 -116.80 33.87
C ALA D 655 -7.82 -117.55 35.20
N MET D 656 -8.51 -117.03 36.21
CA MET D 656 -8.58 -117.76 37.49
C MET D 656 -9.26 -119.11 37.30
N GLU D 657 -10.39 -119.14 36.60
CA GLU D 657 -11.07 -120.41 36.37
C GLU D 657 -10.20 -121.36 35.57
N SER D 658 -9.50 -120.85 34.56
CA SER D 658 -8.63 -121.69 33.74
C SER D 658 -7.47 -122.25 34.55
N GLN D 659 -6.94 -121.47 35.50
CA GLN D 659 -5.89 -122.00 36.37
C GLN D 659 -6.43 -123.12 37.23
N ALA D 660 -7.65 -122.95 37.77
CA ALA D 660 -8.25 -124.03 38.55
C ALA D 660 -8.48 -125.27 37.69
N ASN D 661 -9.01 -125.08 36.47
CA ASN D 661 -9.29 -126.20 35.58
C ASN D 661 -8.01 -126.92 35.19
N THR D 662 -6.94 -126.17 34.93
CA THR D 662 -5.70 -126.81 34.51
C THR D 662 -5.00 -127.47 35.70
N VAL D 663 -5.20 -126.96 36.91
CA VAL D 663 -4.74 -127.68 38.09
C VAL D 663 -5.46 -129.02 38.21
N TYR D 664 -6.78 -129.01 37.97
CA TYR D 664 -7.52 -130.27 37.95
C TYR D 664 -6.99 -131.18 36.84
N LYS D 665 -6.65 -130.61 35.69
CA LYS D 665 -6.10 -131.38 34.58
C LYS D 665 -4.77 -132.04 34.97
N LEU D 666 -3.92 -131.29 35.66
CA LEU D 666 -2.66 -131.86 36.14
C LEU D 666 -2.92 -132.99 37.14
N ALA D 667 -3.90 -132.80 38.03
CA ALA D 667 -4.24 -133.86 38.97
C ALA D 667 -4.73 -135.11 38.25
N GLN D 668 -5.55 -134.93 37.22
CA GLN D 668 -6.15 -136.05 36.51
C GLN D 668 -5.15 -136.77 35.62
N ALA D 669 -4.20 -136.04 35.02
CA ALA D 669 -3.26 -136.65 34.08
C ALA D 669 -2.35 -137.67 34.75
N ARG D 670 -2.24 -137.65 36.07
CA ARG D 670 -1.44 -138.65 36.77
C ARG D 670 -2.00 -140.05 36.59
N ASN D 671 -3.33 -140.20 36.67
CA ASN D 671 -4.00 -141.50 36.57
C ASN D 671 -3.43 -142.53 37.55
N MET E 1 -85.68 -0.80 19.53
CA MET E 1 -85.64 -2.16 19.00
C MET E 1 -85.56 -2.12 17.48
N ALA E 2 -86.11 -1.06 16.89
CA ALA E 2 -85.89 -0.72 15.48
C ALA E 2 -86.32 -1.86 14.55
N GLU E 3 -87.63 -2.13 14.54
CA GLU E 3 -88.15 -3.18 13.68
C GLU E 3 -87.87 -2.90 12.21
N THR E 4 -88.07 -1.66 11.78
CA THR E 4 -87.90 -1.31 10.38
C THR E 4 -86.42 -1.28 10.00
N LEU E 5 -86.15 -1.60 8.74
CA LEU E 5 -84.78 -1.50 8.23
C LEU E 5 -84.32 -0.05 8.18
N GLU E 6 -85.25 0.88 7.99
CA GLU E 6 -84.91 2.29 8.00
C GLU E 6 -84.23 2.69 9.30
N LYS E 7 -84.80 2.32 10.45
CA LYS E 7 -84.23 2.70 11.73
C LYS E 7 -82.87 2.03 11.98
N LYS E 8 -82.65 0.84 11.42
CA LYS E 8 -81.32 0.23 11.51
C LYS E 8 -80.31 0.90 10.58
N HIS E 9 -80.76 1.55 9.52
CA HIS E 9 -79.84 2.19 8.58
C HIS E 9 -79.08 3.36 9.19
N GLU E 10 -79.76 4.26 9.92
CA GLU E 10 -79.03 5.40 10.46
C GLU E 10 -78.12 4.99 11.60
N ARG E 11 -78.44 3.90 12.31
CA ARG E 11 -77.48 3.37 13.28
C ARG E 11 -76.21 2.93 12.60
N ILE E 12 -76.33 2.26 11.45
CA ILE E 12 -75.15 1.86 10.67
C ILE E 12 -74.37 3.09 10.23
N MET E 13 -75.08 4.12 9.76
CA MET E 13 -74.39 5.34 9.33
C MET E 13 -73.64 6.00 10.48
N LEU E 14 -74.27 6.07 11.67
CA LEU E 14 -73.60 6.64 12.82
C LEU E 14 -72.38 5.83 13.22
N ARG E 15 -72.50 4.50 13.17
CA ARG E 15 -71.35 3.65 13.49
C ARG E 15 -70.21 3.87 12.50
N PHE E 16 -70.55 4.02 11.21
CA PHE E 16 -69.53 4.30 10.21
C PHE E 16 -68.84 5.63 10.48
N ASP E 17 -69.61 6.66 10.83
CA ASP E 17 -68.99 7.95 11.14
C ASP E 17 -68.08 7.85 12.36
N ARG E 18 -68.54 7.13 13.39
CA ARG E 18 -67.73 6.98 14.60
C ARG E 18 -66.43 6.23 14.31
N ALA E 19 -66.50 5.20 13.46
CA ALA E 19 -65.29 4.47 13.10
C ALA E 19 -64.37 5.29 12.21
N TYR E 20 -64.93 6.12 11.34
CA TYR E 20 -64.13 6.90 10.40
C TYR E 20 -63.45 8.09 11.07
N SER E 21 -64.04 8.63 12.12
CA SER E 21 -63.49 9.86 12.71
C SER E 21 -62.05 9.72 13.19
N PRO E 22 -61.69 8.75 14.06
CA PRO E 22 -60.31 8.73 14.58
C PRO E 22 -59.28 8.26 13.56
N GLN E 23 -59.57 7.18 12.85
CA GLN E 23 -58.62 6.57 11.92
C GLN E 23 -58.62 7.27 10.57
N LYS E 24 -58.45 8.58 10.56
CA LYS E 24 -58.52 9.36 9.33
C LYS E 24 -57.15 9.81 8.82
N GLU E 25 -56.27 10.24 9.71
CA GLU E 25 -54.98 10.77 9.29
C GLU E 25 -53.94 9.68 9.05
N VAL E 26 -53.97 8.60 9.82
CA VAL E 26 -53.03 7.51 9.59
C VAL E 26 -53.23 6.92 8.20
N ARG E 27 -54.48 6.73 7.80
CA ARG E 27 -54.75 6.25 6.45
C ARG E 27 -54.33 7.27 5.40
N GLU E 28 -54.42 8.56 5.72
CA GLU E 28 -53.91 9.58 4.81
C GLU E 28 -52.41 9.41 4.60
N LYS E 29 -51.67 9.18 5.67
CA LYS E 29 -50.23 8.95 5.55
C LYS E 29 -49.93 7.68 4.76
N CYS E 30 -50.70 6.62 4.99
CA CYS E 30 -50.49 5.38 4.25
C CYS E 30 -50.71 5.58 2.76
N ILE E 31 -51.80 6.26 2.40
CA ILE E 31 -52.09 6.52 0.98
C ILE E 31 -51.02 7.39 0.38
N GLU E 32 -50.58 8.42 1.10
CA GLU E 32 -49.53 9.29 0.57
C GLU E 32 -48.23 8.53 0.37
N ALA E 33 -47.90 7.62 1.29
CA ALA E 33 -46.68 6.83 1.14
C ALA E 33 -46.75 5.92 -0.08
N THR E 34 -47.87 5.21 -0.25
CA THR E 34 -48.00 4.32 -1.41
C THR E 34 -47.92 5.13 -2.71
N ARG E 35 -48.61 6.26 -2.75
CA ARG E 35 -48.61 7.10 -3.95
C ARG E 35 -47.21 7.64 -4.24
N PHE E 36 -46.49 8.06 -3.19
CA PHE E 36 -45.14 8.55 -3.34
C PHE E 36 -44.21 7.47 -3.87
N ALA E 37 -44.37 6.24 -3.39
CA ALA E 37 -43.47 5.16 -3.76
C ALA E 37 -43.75 4.57 -5.14
N ARG E 38 -45.01 4.53 -5.58
CA ARG E 38 -45.35 3.77 -6.79
C ARG E 38 -45.82 4.62 -7.96
N VAL E 39 -46.65 5.63 -7.72
CA VAL E 39 -47.21 6.42 -8.83
C VAL E 39 -46.07 7.14 -9.55
N PRO E 40 -46.04 7.13 -10.89
CA PRO E 40 -44.89 7.72 -11.60
C PRO E 40 -44.65 9.19 -11.29
N GLY E 41 -45.70 9.98 -11.12
CA GLY E 41 -45.56 11.39 -10.81
C GLY E 41 -45.88 11.78 -9.39
N GLY E 42 -45.91 10.83 -8.45
CA GLY E 42 -46.40 11.10 -7.12
C GLY E 42 -45.42 11.76 -6.17
N GLN E 43 -44.17 11.96 -6.58
CA GLN E 43 -43.18 12.54 -5.68
C GLN E 43 -43.25 14.05 -5.59
N TRP E 44 -43.93 14.72 -6.51
CA TRP E 44 -44.06 16.17 -6.49
C TRP E 44 -45.48 16.63 -6.24
N GLU E 45 -46.35 15.76 -5.73
CA GLU E 45 -47.73 16.12 -5.51
C GLU E 45 -47.85 17.16 -4.40
N GLY E 46 -48.84 18.04 -4.52
CA GLY E 46 -48.98 19.19 -3.66
C GLY E 46 -48.38 20.46 -4.21
N ALA E 47 -47.48 20.34 -5.19
CA ALA E 47 -46.92 21.49 -5.89
C ALA E 47 -46.83 21.22 -7.39
N THR E 48 -47.84 20.57 -7.96
CA THR E 48 -47.79 20.20 -9.37
C THR E 48 -47.70 21.42 -10.27
N ALA E 49 -48.48 22.46 -9.98
CA ALA E 49 -48.51 23.67 -10.78
C ALA E 49 -47.96 24.82 -9.95
N ALA E 50 -46.66 25.10 -10.12
CA ALA E 50 -46.02 26.21 -9.41
C ALA E 50 -45.12 26.95 -10.39
N GLY E 51 -45.22 28.29 -10.41
CA GLY E 51 -44.44 29.08 -11.36
C GLY E 51 -44.67 30.58 -11.22
N THR E 52 -43.97 31.39 -12.01
CA THR E 52 -44.10 32.87 -11.93
C THR E 52 -44.29 33.43 -13.33
N LYS E 53 -44.75 34.67 -13.44
CA LYS E 53 -45.10 35.22 -14.77
C LYS E 53 -43.89 35.27 -15.73
N LEU E 54 -42.71 35.69 -15.29
CA LEU E 54 -41.60 35.77 -16.27
C LEU E 54 -41.99 36.58 -17.51
N ASP E 55 -42.50 37.81 -17.36
CA ASP E 55 -42.79 38.73 -18.50
C ASP E 55 -43.87 38.29 -19.50
N GLU E 56 -45.14 38.16 -19.06
CA GLU E 56 -46.30 37.86 -19.98
C GLU E 56 -46.50 36.37 -20.27
N GLN E 57 -45.75 35.49 -19.62
CA GLN E 57 -45.95 34.04 -19.78
C GLN E 57 -46.17 33.53 -18.37
N PHE E 58 -46.17 32.21 -18.13
CA PHE E 58 -46.19 31.72 -16.74
C PHE E 58 -45.35 30.45 -16.70
N GLU E 59 -44.04 30.57 -16.87
CA GLU E 59 -43.28 29.30 -16.94
C GLU E 59 -43.40 28.56 -15.61
N LYS E 60 -43.72 27.27 -15.65
CA LYS E 60 -43.74 26.45 -14.42
C LYS E 60 -42.30 26.19 -14.03
N TYR E 61 -42.02 25.98 -12.75
CA TYR E 61 -40.65 25.67 -12.30
C TYR E 61 -40.27 24.28 -12.79
N PRO E 62 -39.03 23.99 -13.22
CA PRO E 62 -38.68 22.65 -13.63
C PRO E 62 -38.72 21.73 -12.41
N LYS E 63 -39.42 20.60 -12.50
CA LYS E 63 -39.48 19.64 -11.39
C LYS E 63 -39.09 18.24 -11.89
N PHE E 64 -37.90 17.75 -11.51
CA PHE E 64 -37.41 16.44 -11.99
C PHE E 64 -37.63 15.43 -10.87
N GLU E 65 -37.58 14.14 -11.16
CA GLU E 65 -37.85 13.10 -10.18
C GLU E 65 -36.92 11.93 -10.39
N ILE E 66 -36.08 11.65 -9.40
CA ILE E 66 -35.15 10.51 -9.43
C ILE E 66 -35.55 9.60 -8.27
N ASN E 67 -36.29 8.54 -8.58
CA ASN E 67 -36.82 7.65 -7.54
C ASN E 67 -35.71 6.75 -7.01
N LYS E 68 -35.40 6.88 -5.71
CA LYS E 68 -34.40 6.05 -5.06
C LYS E 68 -34.92 5.34 -3.82
N VAL E 69 -36.21 5.45 -3.51
CA VAL E 69 -36.76 4.87 -2.30
C VAL E 69 -37.48 3.56 -2.55
N ALA E 70 -37.48 3.06 -3.78
CA ALA E 70 -38.20 1.84 -4.10
C ALA E 70 -37.31 0.61 -4.19
N THR E 71 -35.99 0.76 -4.26
CA THR E 71 -35.10 -0.38 -4.42
C THR E 71 -35.15 -1.30 -3.20
N GLU E 72 -35.06 -0.72 -2.01
CA GLU E 72 -35.04 -1.53 -0.79
C GLU E 72 -36.39 -2.22 -0.59
N LEU E 73 -37.48 -1.52 -0.90
CA LEU E 73 -38.81 -2.13 -0.83
C LEU E 73 -38.94 -3.28 -1.82
N ASN E 74 -38.45 -3.11 -3.04
CA ASN E 74 -38.47 -4.20 -4.00
C ASN E 74 -37.64 -5.38 -3.51
N ARG E 75 -36.53 -5.10 -2.83
CA ARG E 75 -35.74 -6.17 -2.25
C ARG E 75 -36.54 -6.94 -1.21
N ILE E 76 -37.28 -6.23 -0.35
CA ILE E 76 -38.12 -6.90 0.64
C ILE E 76 -39.16 -7.76 -0.04
N ILE E 77 -39.81 -7.23 -1.07
CA ILE E 77 -40.87 -7.97 -1.76
C ILE E 77 -40.29 -9.22 -2.40
N ALA E 78 -39.10 -9.12 -3.00
CA ALA E 78 -38.45 -10.28 -3.57
C ALA E 78 -38.10 -11.31 -2.52
N GLU E 79 -37.60 -10.85 -1.36
CA GLU E 79 -37.27 -11.79 -0.29
C GLU E 79 -38.51 -12.56 0.17
N TYR E 80 -39.65 -11.86 0.28
CA TYR E 80 -40.87 -12.58 0.66
C TYR E 80 -41.30 -13.56 -0.42
N ARG E 81 -41.38 -13.10 -1.67
CA ARG E 81 -41.89 -13.96 -2.74
C ARG E 81 -40.98 -15.14 -3.02
N ASN E 82 -39.70 -15.06 -2.65
CA ASN E 82 -38.82 -16.21 -2.80
C ASN E 82 -39.22 -17.36 -1.89
N ASN E 83 -39.60 -17.06 -0.65
CA ASN E 83 -39.96 -18.09 0.34
C ASN E 83 -41.35 -17.75 0.88
N ARG E 84 -42.38 -18.26 0.22
CA ARG E 84 -43.74 -18.08 0.68
C ARG E 84 -44.01 -18.99 1.88
N ILE E 85 -44.98 -18.57 2.71
CA ILE E 85 -45.37 -19.33 3.88
C ILE E 85 -46.89 -19.46 3.90
N THR E 86 -47.35 -20.52 4.56
CA THR E 86 -48.77 -20.85 4.61
C THR E 86 -49.06 -21.57 5.92
N VAL E 87 -50.32 -21.53 6.34
CA VAL E 87 -50.77 -22.11 7.61
C VAL E 87 -50.49 -23.61 7.60
N LYS E 88 -49.88 -24.09 8.68
CA LYS E 88 -49.60 -25.51 8.87
C LYS E 88 -50.23 -25.98 10.17
N PHE E 89 -50.89 -27.13 10.11
CA PHE E 89 -51.57 -27.69 11.27
C PHE E 89 -50.68 -28.77 11.90
N ARG E 90 -50.44 -28.65 13.20
CA ARG E 90 -49.60 -29.62 13.89
C ARG E 90 -50.46 -30.61 14.67
N PRO E 91 -50.00 -31.85 14.81
CA PRO E 91 -50.79 -32.86 15.54
C PRO E 91 -50.62 -32.71 17.05
N GLY E 92 -51.30 -33.59 17.77
CA GLY E 92 -51.25 -33.61 19.21
C GLY E 92 -50.88 -34.97 19.77
N ASP E 93 -51.02 -35.13 21.10
CA ASP E 93 -50.68 -36.38 21.77
C ASP E 93 -51.96 -37.21 21.94
N ARG E 94 -52.53 -37.61 20.80
CA ARG E 94 -53.73 -38.44 20.78
C ARG E 94 -53.52 -39.58 19.80
N GLU E 95 -54.57 -40.39 19.63
CA GLU E 95 -54.47 -41.56 18.77
C GLU E 95 -54.81 -41.22 17.32
N ALA E 96 -55.63 -40.19 17.09
CA ALA E 96 -56.06 -39.82 15.75
C ALA E 96 -55.56 -38.43 15.34
N SER E 97 -54.65 -37.86 16.14
CA SER E 97 -54.20 -36.50 15.89
C SER E 97 -53.49 -36.36 14.55
N GLU E 98 -52.63 -37.31 14.20
CA GLU E 98 -51.87 -37.20 12.96
C GLU E 98 -52.78 -37.24 11.74
N GLU E 99 -53.71 -38.20 11.71
CA GLU E 99 -54.64 -38.29 10.58
C GLU E 99 -55.55 -37.08 10.52
N LEU E 100 -56.01 -36.60 11.68
CA LEU E 100 -56.84 -35.40 11.70
C LEU E 100 -56.09 -34.21 11.12
N ALA E 101 -54.84 -34.02 11.53
CA ALA E 101 -54.05 -32.91 11.02
C ALA E 101 -53.79 -33.04 9.53
N ASN E 102 -53.52 -34.26 9.07
CA ASN E 102 -53.28 -34.49 7.65
C ASN E 102 -54.51 -34.12 6.83
N LYS E 103 -55.69 -34.57 7.26
CA LYS E 103 -56.91 -34.19 6.53
C LYS E 103 -57.14 -32.68 6.59
N LEU E 104 -56.88 -32.07 7.74
CA LEU E 104 -57.11 -30.63 7.88
C LEU E 104 -56.24 -29.83 6.92
N ASN E 105 -54.94 -30.09 6.90
CA ASN E 105 -54.09 -29.30 6.02
C ASN E 105 -54.11 -29.79 4.59
N GLY E 106 -54.77 -30.91 4.30
CA GLY E 106 -55.07 -31.26 2.93
C GLY E 106 -56.24 -30.46 2.40
N LEU E 107 -57.31 -30.39 3.19
CA LEU E 107 -58.46 -29.58 2.79
C LEU E 107 -58.11 -28.11 2.69
N PHE E 108 -57.35 -27.58 3.66
CA PHE E 108 -56.95 -26.18 3.60
C PHE E 108 -56.07 -25.91 2.39
N ARG E 109 -55.16 -26.84 2.08
CA ARG E 109 -54.31 -26.65 0.91
C ARG E 109 -55.13 -26.67 -0.38
N ALA E 110 -56.13 -27.55 -0.45
CA ALA E 110 -57.02 -27.57 -1.61
C ALA E 110 -57.75 -26.25 -1.77
N ASP E 111 -58.28 -25.71 -0.66
CA ASP E 111 -58.97 -24.43 -0.73
C ASP E 111 -58.02 -23.31 -1.15
N TYR E 112 -56.81 -23.31 -0.63
CA TYR E 112 -55.84 -22.28 -0.96
C TYR E 112 -55.39 -22.37 -2.41
N GLU E 113 -55.38 -23.58 -2.98
CA GLU E 113 -54.87 -23.75 -4.33
C GLU E 113 -55.95 -23.50 -5.38
N GLU E 114 -57.17 -23.96 -5.14
CA GLU E 114 -58.25 -23.81 -6.11
C GLU E 114 -58.97 -22.46 -6.00
N THR E 115 -58.32 -21.46 -5.41
CA THR E 115 -58.93 -20.16 -5.23
C THR E 115 -57.82 -19.11 -5.36
N ASP E 116 -58.08 -17.89 -4.92
CA ASP E 116 -57.17 -16.75 -5.09
C ASP E 116 -56.31 -16.52 -3.87
N GLY E 117 -55.91 -17.58 -3.17
CA GLY E 117 -55.12 -17.42 -1.96
C GLY E 117 -53.77 -16.77 -2.23
N GLY E 118 -53.09 -17.19 -3.30
CA GLY E 118 -51.81 -16.61 -3.62
C GLY E 118 -51.92 -15.13 -3.95
N GLU E 119 -52.94 -14.77 -4.75
CA GLU E 119 -53.18 -13.36 -5.06
C GLU E 119 -53.46 -12.56 -3.80
N ALA E 120 -54.30 -13.09 -2.91
CA ALA E 120 -54.63 -12.38 -1.68
C ALA E 120 -53.40 -12.15 -0.82
N CYS E 121 -52.59 -13.20 -0.63
CA CYS E 121 -51.39 -13.06 0.17
C CYS E 121 -50.41 -12.07 -0.44
N ASP E 122 -50.20 -12.15 -1.76
CA ASP E 122 -49.27 -11.24 -2.41
C ASP E 122 -49.71 -9.79 -2.28
N ASN E 123 -50.99 -9.52 -2.57
CA ASN E 123 -51.48 -8.15 -2.49
C ASN E 123 -51.43 -7.62 -1.05
N ALA E 124 -51.82 -8.46 -0.09
CA ALA E 124 -51.79 -8.03 1.30
C ALA E 124 -50.37 -7.70 1.75
N PHE E 125 -49.40 -8.56 1.42
CA PHE E 125 -48.03 -8.28 1.82
C PHE E 125 -47.49 -7.05 1.12
N ASP E 126 -47.81 -6.87 -0.17
CA ASP E 126 -47.34 -5.69 -0.89
C ASP E 126 -47.87 -4.42 -0.24
N ASP E 127 -49.16 -4.38 0.07
CA ASP E 127 -49.73 -3.18 0.70
C ASP E 127 -49.14 -2.97 2.09
N ALA E 128 -48.96 -4.05 2.85
CA ALA E 128 -48.39 -3.91 4.20
C ALA E 128 -46.97 -3.37 4.15
N ALA E 129 -46.16 -3.83 3.20
CA ALA E 129 -44.78 -3.38 3.11
C ALA E 129 -44.69 -1.97 2.54
N THR E 130 -45.63 -1.58 1.68
CA THR E 130 -45.54 -0.25 1.08
C THR E 130 -46.13 0.83 1.99
N GLY E 131 -47.40 0.69 2.36
CA GLY E 131 -48.05 1.71 3.17
C GLY E 131 -48.01 1.42 4.66
N GLY E 132 -48.44 0.23 5.05
CA GLY E 132 -48.44 -0.14 6.45
C GLY E 132 -49.67 -0.92 6.86
N PHE E 133 -50.71 -0.90 6.03
CA PHE E 133 -51.94 -1.61 6.32
C PHE E 133 -52.32 -2.50 5.14
N GLY E 134 -52.63 -3.76 5.44
CA GLY E 134 -53.06 -4.70 4.43
C GLY E 134 -54.12 -5.62 5.00
N CYS E 135 -54.92 -6.18 4.11
CA CYS E 135 -56.00 -7.06 4.54
C CYS E 135 -56.39 -7.99 3.40
N PHE E 136 -57.03 -9.10 3.75
CA PHE E 136 -57.67 -9.99 2.79
C PHE E 136 -58.85 -10.67 3.47
N ARG E 137 -59.76 -11.18 2.66
CA ARG E 137 -61.04 -11.66 3.11
C ARG E 137 -61.14 -13.18 2.94
N LEU E 138 -61.97 -13.80 3.78
CA LEU E 138 -62.15 -15.25 3.78
C LEU E 138 -63.65 -15.53 3.83
N THR E 139 -64.27 -15.63 2.67
CA THR E 139 -65.72 -15.82 2.55
C THR E 139 -66.01 -17.23 2.06
N SER E 140 -67.31 -17.51 1.88
CA SER E 140 -67.77 -18.82 1.44
C SER E 140 -68.60 -18.68 0.18
N MET E 141 -68.34 -19.52 -0.82
CA MET E 141 -69.04 -19.50 -2.08
C MET E 141 -69.58 -20.89 -2.40
N LEU E 142 -70.63 -20.93 -3.22
CA LEU E 142 -71.30 -22.18 -3.55
C LEU E 142 -70.98 -22.56 -5.00
N VAL E 143 -70.58 -23.82 -5.19
CA VAL E 143 -70.30 -24.34 -6.53
C VAL E 143 -70.35 -25.86 -6.52
N ARG E 152 -71.34 -28.85 -2.20
CA ARG E 152 -72.11 -27.74 -2.77
C ARG E 152 -71.58 -26.41 -2.25
N GLN E 153 -71.15 -26.39 -0.99
CA GLN E 153 -70.63 -25.20 -0.34
C GLN E 153 -69.13 -25.34 -0.14
N ARG E 154 -68.41 -24.23 -0.27
CA ARG E 154 -66.96 -24.22 -0.12
C ARG E 154 -66.52 -22.90 0.49
N ILE E 155 -65.28 -22.87 0.95
CA ILE E 155 -64.67 -21.68 1.55
C ILE E 155 -63.63 -21.13 0.59
N ALA E 156 -63.69 -19.83 0.33
CA ALA E 156 -62.82 -19.19 -0.66
C ALA E 156 -62.06 -18.04 -0.03
N ILE E 157 -60.86 -17.80 -0.55
CA ILE E 157 -60.00 -16.70 -0.11
C ILE E 157 -60.00 -15.65 -1.20
N GLU E 158 -60.40 -14.42 -0.86
CA GLU E 158 -60.47 -13.33 -1.81
C GLU E 158 -59.66 -12.15 -1.32
N PRO E 159 -59.06 -11.39 -2.23
CA PRO E 159 -58.26 -10.24 -1.83
C PRO E 159 -59.11 -8.99 -1.65
N ILE E 160 -58.53 -8.01 -0.97
CA ILE E 160 -59.17 -6.71 -0.73
C ILE E 160 -58.29 -5.65 -1.36
N TYR E 161 -58.87 -4.81 -2.20
CA TYR E 161 -58.15 -3.74 -2.88
C TYR E 161 -58.44 -2.42 -2.20
N ASP E 162 -57.41 -1.58 -2.08
CA ASP E 162 -57.45 -0.33 -1.33
C ASP E 162 -57.84 -0.56 0.12
N PRO E 163 -57.07 -1.35 0.87
CA PRO E 163 -57.43 -1.60 2.27
C PRO E 163 -57.46 -0.34 3.11
N SER E 164 -56.56 0.62 2.83
CA SER E 164 -56.45 1.83 3.62
C SER E 164 -57.74 2.63 3.66
N ARG E 165 -58.40 2.79 2.51
CA ARG E 165 -59.66 3.51 2.43
C ARG E 165 -60.85 2.57 2.30
N SER E 166 -60.65 1.27 2.46
CA SER E 166 -61.75 0.33 2.24
C SER E 166 -62.13 -0.46 3.48
N VAL E 167 -61.21 -0.60 4.44
CA VAL E 167 -61.43 -1.43 5.61
C VAL E 167 -61.51 -0.53 6.83
N TRP E 168 -62.61 -0.64 7.58
CA TRP E 168 -62.81 0.11 8.81
C TRP E 168 -63.32 -0.84 9.89
N PHE E 169 -62.70 -0.78 11.06
CA PHE E 169 -62.99 -1.71 12.14
C PHE E 169 -63.62 -0.98 13.33
N ASP E 170 -64.05 -1.77 14.30
CA ASP E 170 -64.68 -1.22 15.50
C ASP E 170 -63.65 -0.41 16.30
N PRO E 171 -64.02 0.79 16.77
CA PRO E 171 -63.07 1.61 17.53
C PRO E 171 -62.63 1.00 18.85
N ASP E 172 -63.40 0.08 19.43
CA ASP E 172 -63.05 -0.52 20.70
C ASP E 172 -62.14 -1.74 20.55
N ALA E 173 -61.77 -2.10 19.33
CA ALA E 173 -60.87 -3.22 19.10
C ALA E 173 -59.42 -2.72 19.12
N LYS E 174 -58.64 -3.26 20.05
CA LYS E 174 -57.26 -2.83 20.24
C LYS E 174 -56.24 -3.93 19.99
N LYS E 175 -56.66 -5.17 19.78
CA LYS E 175 -55.72 -6.24 19.54
C LYS E 175 -55.18 -6.18 18.11
N TYR E 176 -54.11 -6.93 17.87
CA TYR E 176 -53.53 -6.98 16.53
C TYR E 176 -54.50 -7.63 15.55
N ASP E 177 -55.21 -8.66 15.96
CA ASP E 177 -56.10 -9.41 15.10
C ASP E 177 -57.55 -8.94 15.19
N LYS E 178 -57.83 -7.89 15.97
CA LYS E 178 -59.19 -7.35 16.14
C LYS E 178 -60.16 -8.42 16.61
N SER E 179 -59.72 -9.23 17.57
CA SER E 179 -60.59 -10.28 18.11
C SER E 179 -61.80 -9.67 18.82
N ASP E 180 -61.60 -8.60 19.58
CA ASP E 180 -62.69 -7.95 20.30
C ASP E 180 -63.37 -6.89 19.45
N ALA E 181 -63.80 -7.28 18.25
CA ALA E 181 -64.50 -6.40 17.34
C ALA E 181 -65.95 -6.83 17.24
N LEU E 182 -66.87 -5.87 17.37
CA LEU E 182 -68.29 -6.15 17.32
C LEU E 182 -68.93 -5.88 15.96
N TRP E 183 -68.31 -5.05 15.13
CA TRP E 183 -68.82 -4.80 13.79
C TRP E 183 -67.66 -4.32 12.91
N ALA E 184 -67.84 -4.45 11.60
CA ALA E 184 -66.78 -4.10 10.67
C ALA E 184 -67.36 -3.70 9.33
N PHE E 185 -66.56 -2.99 8.54
CA PHE E 185 -66.95 -2.47 7.24
C PHE E 185 -65.97 -2.95 6.17
N CYS E 186 -66.46 -3.04 4.94
CA CYS E 186 -65.62 -3.33 3.79
C CYS E 186 -66.20 -2.62 2.58
N MET E 187 -65.54 -1.55 2.14
CA MET E 187 -66.04 -0.74 1.03
C MET E 187 -65.36 -1.14 -0.27
N TYR E 188 -66.05 -0.90 -1.39
CA TYR E 188 -65.45 -1.09 -2.70
C TYR E 188 -66.19 -0.24 -3.72
N SER E 189 -65.48 0.09 -4.79
CA SER E 189 -66.04 0.91 -5.86
C SER E 189 -66.76 0.03 -6.88
N LEU E 190 -67.62 0.67 -7.66
CA LEU E 190 -68.44 -0.03 -8.63
C LEU E 190 -68.83 0.93 -9.74
N SER E 191 -69.14 0.36 -10.92
CA SER E 191 -69.55 1.14 -12.06
C SER E 191 -71.08 1.16 -12.19
N PRO E 192 -71.66 2.25 -12.68
CA PRO E 192 -73.13 2.30 -12.78
C PRO E 192 -73.73 1.19 -13.61
N GLU E 193 -73.08 0.81 -14.71
CA GLU E 193 -73.64 -0.22 -15.56
C GLU E 193 -73.78 -1.54 -14.82
N LYS E 194 -72.77 -1.92 -14.04
CA LYS E 194 -72.93 -3.08 -13.17
C LYS E 194 -73.92 -2.81 -12.05
N TYR E 195 -74.08 -1.54 -11.66
CA TYR E 195 -75.03 -1.23 -10.59
C TYR E 195 -76.46 -1.54 -11.01
N GLU E 196 -76.85 -1.18 -12.23
CA GLU E 196 -78.15 -1.67 -12.72
C GLU E 196 -78.11 -3.11 -13.19
N ALA E 197 -76.95 -3.65 -13.53
CA ALA E 197 -76.87 -5.07 -13.88
C ALA E 197 -77.29 -5.93 -12.69
N GLU E 198 -76.75 -5.63 -11.52
CA GLU E 198 -77.19 -6.25 -10.27
C GLU E 198 -78.29 -5.37 -9.69
N TYR E 199 -78.89 -5.76 -8.56
CA TYR E 199 -79.90 -4.95 -7.88
C TYR E 199 -81.03 -4.52 -8.82
N GLY E 200 -81.24 -3.22 -8.95
CA GLY E 200 -82.31 -2.74 -9.80
C GLY E 200 -82.02 -1.36 -10.35
N LYS E 201 -82.61 -1.08 -11.51
CA LYS E 201 -82.52 0.24 -12.11
C LYS E 201 -83.41 1.24 -11.40
N LYS E 202 -84.47 0.74 -10.75
CA LYS E 202 -85.50 1.62 -10.20
C LYS E 202 -84.96 2.68 -9.24
N PRO E 203 -84.13 2.38 -8.26
CA PRO E 203 -83.66 3.42 -7.36
C PRO E 203 -82.40 4.10 -7.87
N PRO E 204 -82.33 5.42 -7.76
CA PRO E 204 -81.12 6.12 -8.19
C PRO E 204 -79.93 5.76 -7.31
N THR E 205 -78.74 5.80 -7.92
CA THR E 205 -77.53 5.43 -7.20
C THR E 205 -77.15 6.49 -6.17
N SER E 206 -76.65 6.04 -5.02
CA SER E 206 -76.16 6.91 -3.97
C SER E 206 -74.92 6.29 -3.35
N LEU E 207 -73.87 7.08 -3.16
CA LEU E 207 -72.59 6.60 -2.68
C LEU E 207 -72.25 7.22 -1.33
N ASP E 208 -71.54 6.46 -0.52
CA ASP E 208 -71.10 6.94 0.79
C ASP E 208 -70.07 8.06 0.63
N VAL E 209 -70.13 9.03 1.54
CA VAL E 209 -69.25 10.19 1.51
C VAL E 209 -68.09 9.96 2.48
N THR E 210 -66.88 10.20 2.03
CA THR E 210 -65.69 9.99 2.85
C THR E 210 -64.74 11.19 2.78
N SER E 211 -64.82 11.95 1.69
CA SER E 211 -63.90 13.07 1.45
C SER E 211 -62.45 12.61 1.54
N MET E 212 -62.17 11.45 0.93
CA MET E 212 -60.87 10.81 1.06
C MET E 212 -59.97 11.05 -0.16
N THR E 213 -60.45 10.73 -1.36
CA THR E 213 -59.65 10.88 -2.56
C THR E 213 -59.75 12.30 -3.11
N SER E 214 -59.24 12.52 -4.31
CA SER E 214 -58.97 13.83 -4.90
C SER E 214 -57.96 14.62 -4.09
N TRP E 215 -57.36 13.99 -3.08
CA TRP E 215 -56.41 14.63 -2.18
C TRP E 215 -55.06 14.69 -2.91
N GLU E 216 -54.85 15.79 -3.64
CA GLU E 216 -53.68 15.97 -4.50
C GLU E 216 -53.59 14.87 -5.55
N TYR E 217 -54.61 14.81 -6.41
CA TYR E 217 -54.65 13.85 -7.49
C TYR E 217 -55.66 14.30 -8.54
N ASN E 218 -55.40 13.91 -9.78
CA ASN E 218 -56.29 14.19 -10.90
C ASN E 218 -57.48 13.25 -10.85
N TRP E 219 -58.69 13.81 -11.02
CA TRP E 219 -59.89 13.01 -11.18
C TRP E 219 -60.59 13.41 -12.48
N PHE E 220 -61.08 12.41 -13.21
CA PHE E 220 -61.69 12.60 -14.51
C PHE E 220 -63.09 11.99 -14.54
N GLY E 221 -63.27 10.89 -13.82
CA GLY E 221 -64.54 10.17 -13.84
C GLY E 221 -65.29 10.17 -12.52
N ALA E 222 -66.46 10.80 -12.51
CA ALA E 222 -67.40 10.70 -11.40
C ALA E 222 -68.28 9.46 -11.52
N ASP E 223 -67.88 8.48 -12.32
CA ASP E 223 -68.66 7.29 -12.62
C ASP E 223 -68.32 6.14 -11.67
N VAL E 224 -67.96 6.45 -10.44
CA VAL E 224 -67.65 5.45 -9.42
C VAL E 224 -68.66 5.58 -8.29
N ILE E 225 -69.15 4.45 -7.81
CA ILE E 225 -70.11 4.38 -6.72
C ILE E 225 -69.51 3.53 -5.61
N TYR E 226 -69.56 4.02 -4.37
CA TYR E 226 -68.95 3.33 -3.25
C TYR E 226 -70.01 2.53 -2.50
N ILE E 227 -69.82 1.22 -2.43
CA ILE E 227 -70.76 0.31 -1.81
C ILE E 227 -70.03 -0.47 -0.73
N ALA E 228 -70.66 -0.58 0.46
CA ALA E 228 -70.00 -1.17 1.61
C ALA E 228 -70.78 -2.38 2.11
N LYS E 229 -70.03 -3.44 2.41
CA LYS E 229 -70.54 -4.59 3.14
C LYS E 229 -70.30 -4.37 4.63
N TYR E 230 -71.24 -4.85 5.45
CA TYR E 230 -71.27 -4.57 6.87
C TYR E 230 -71.43 -5.87 7.65
N TYR E 231 -70.55 -6.09 8.62
CA TYR E 231 -70.50 -7.31 9.42
C TYR E 231 -70.84 -7.00 10.86
N GLU E 232 -71.74 -7.81 11.45
CA GLU E 232 -72.09 -7.73 12.86
C GLU E 232 -71.91 -9.09 13.51
N VAL E 233 -71.71 -9.07 14.83
CA VAL E 233 -71.74 -10.28 15.64
C VAL E 233 -72.82 -10.11 16.70
N ARG E 234 -73.70 -11.11 16.80
CA ARG E 234 -74.81 -11.05 17.74
C ARG E 234 -74.84 -12.32 18.59
N LYS E 235 -75.18 -12.13 19.86
CA LYS E 235 -75.47 -13.25 20.75
C LYS E 235 -76.99 -13.45 20.77
N GLU E 236 -77.42 -14.65 20.40
CA GLU E 236 -78.84 -14.94 20.24
C GLU E 236 -79.17 -16.26 20.91
N SER E 237 -80.44 -16.40 21.30
CA SER E 237 -80.92 -17.61 21.94
C SER E 237 -81.34 -18.62 20.86
N VAL E 238 -80.72 -19.79 20.88
CA VAL E 238 -80.99 -20.85 19.91
C VAL E 238 -81.21 -22.15 20.67
N ASP E 239 -82.20 -22.92 20.23
CA ASP E 239 -82.49 -24.23 20.81
C ASP E 239 -81.92 -25.34 19.94
N VAL E 240 -81.45 -26.41 20.58
CA VAL E 240 -80.79 -27.50 19.89
C VAL E 240 -81.54 -28.79 20.17
N ILE E 241 -81.40 -29.77 19.28
CA ILE E 241 -82.02 -31.08 19.41
C ILE E 241 -80.92 -32.12 19.61
N SER E 242 -81.06 -32.94 20.65
CA SER E 242 -80.07 -33.95 21.00
C SER E 242 -80.59 -35.31 20.54
N TYR E 243 -80.16 -35.73 19.35
CA TYR E 243 -80.54 -37.04 18.83
C TYR E 243 -79.80 -38.12 19.61
N ARG E 244 -80.51 -39.19 19.97
CA ARG E 244 -79.94 -40.27 20.78
C ARG E 244 -80.15 -41.63 20.14
N HIS E 245 -79.81 -41.76 18.87
CA HIS E 245 -79.88 -43.05 18.19
C HIS E 245 -78.96 -44.05 18.89
N PRO E 246 -79.47 -45.16 19.42
CA PRO E 246 -78.58 -46.12 20.09
C PRO E 246 -77.51 -46.71 19.18
N ILE E 247 -77.80 -46.92 17.90
CA ILE E 247 -76.83 -47.51 16.99
C ILE E 247 -75.93 -46.42 16.43
N THR E 248 -74.65 -46.74 16.26
CA THR E 248 -73.64 -45.82 15.73
C THR E 248 -73.52 -44.56 16.61
N GLY E 249 -73.28 -44.80 17.90
CA GLY E 249 -73.10 -43.72 18.84
C GLY E 249 -74.41 -43.09 19.26
N GLU E 250 -74.55 -42.79 20.55
CA GLU E 250 -75.81 -42.30 21.10
C GLU E 250 -75.87 -40.79 21.22
N ILE E 251 -74.86 -40.16 21.83
CA ILE E 251 -74.92 -38.74 22.12
C ILE E 251 -74.56 -37.97 20.84
N ALA E 252 -75.46 -37.11 20.39
CA ALA E 252 -75.20 -36.25 19.24
C ALA E 252 -76.14 -35.05 19.31
N THR E 253 -75.59 -33.88 19.64
CA THR E 253 -76.38 -32.66 19.80
C THR E 253 -76.25 -31.80 18.56
N TYR E 254 -77.38 -31.46 17.95
CA TYR E 254 -77.41 -30.63 16.76
C TYR E 254 -78.39 -29.48 16.97
N ASP E 255 -78.16 -28.38 16.26
CA ASP E 255 -79.03 -27.23 16.39
C ASP E 255 -80.33 -27.43 15.59
N SER E 256 -81.23 -26.46 15.73
CA SER E 256 -82.55 -26.57 15.10
C SER E 256 -82.56 -26.12 13.64
N ASP E 257 -81.44 -25.63 13.11
CA ASP E 257 -81.39 -25.25 11.71
C ASP E 257 -81.63 -26.47 10.81
N GLN E 258 -81.13 -27.62 11.22
CA GLN E 258 -81.38 -28.88 10.51
C GLN E 258 -82.44 -29.68 11.27
N VAL E 259 -83.54 -30.00 10.59
CA VAL E 259 -84.66 -30.69 11.20
C VAL E 259 -84.94 -31.95 10.38
N GLU E 260 -85.67 -32.88 10.99
CA GLU E 260 -86.05 -34.11 10.30
C GLU E 260 -86.83 -33.80 9.03
N ASP E 261 -87.52 -32.66 8.99
CA ASP E 261 -88.25 -32.22 7.79
C ASP E 261 -87.38 -31.41 6.85
N ILE E 262 -86.53 -30.53 7.38
CA ILE E 262 -85.67 -29.72 6.52
C ILE E 262 -84.69 -30.61 5.75
N GLU E 263 -84.05 -31.53 6.46
CA GLU E 263 -83.21 -32.56 5.85
C GLU E 263 -83.84 -33.92 6.11
N ASP E 264 -84.02 -34.70 5.04
CA ASP E 264 -84.83 -35.92 5.10
C ASP E 264 -84.09 -37.04 5.85
N GLU E 265 -83.95 -36.84 7.17
CA GLU E 265 -83.44 -37.89 8.03
C GLU E 265 -84.50 -38.96 8.30
N LEU E 266 -85.76 -38.54 8.40
CA LEU E 266 -86.91 -39.44 8.57
C LEU E 266 -86.78 -40.29 9.83
N ALA E 267 -85.96 -39.84 10.78
CA ALA E 267 -85.71 -40.55 12.04
C ALA E 267 -85.26 -41.99 11.81
N ILE E 268 -84.73 -42.30 10.62
CA ILE E 268 -84.28 -43.65 10.32
C ILE E 268 -83.11 -44.02 11.22
N ALA E 269 -82.14 -43.11 11.37
CA ALA E 269 -80.99 -43.29 12.24
C ALA E 269 -80.92 -42.16 13.25
N GLY E 270 -82.07 -41.68 13.70
CA GLY E 270 -82.12 -40.59 14.65
C GLY E 270 -83.36 -40.64 15.54
N PHE E 271 -83.19 -40.30 16.81
CA PHE E 271 -84.27 -40.31 17.79
C PHE E 271 -84.45 -38.90 18.35
N HIS E 272 -85.70 -38.55 18.68
CA HIS E 272 -85.97 -37.21 19.18
C HIS E 272 -85.32 -36.99 20.54
N GLU E 273 -85.55 -37.91 21.49
CA GLU E 273 -85.00 -37.84 22.84
C GLU E 273 -85.34 -36.50 23.48
N VAL E 274 -84.33 -35.68 23.76
CA VAL E 274 -84.53 -34.38 24.40
C VAL E 274 -84.21 -33.29 23.38
N ALA E 275 -85.13 -32.33 23.23
CA ALA E 275 -84.96 -31.24 22.29
C ALA E 275 -85.36 -29.90 22.91
N ARG E 276 -85.17 -29.74 24.21
CA ARG E 276 -85.58 -28.52 24.91
C ARG E 276 -84.43 -27.63 25.33
N ARG E 277 -83.19 -28.12 25.32
CA ARG E 277 -82.06 -27.34 25.80
C ARG E 277 -81.77 -26.20 24.82
N SER E 278 -81.97 -24.97 25.27
CA SER E 278 -81.68 -23.78 24.48
C SER E 278 -80.52 -23.04 25.13
N VAL E 279 -79.52 -22.70 24.31
CA VAL E 279 -78.31 -22.03 24.79
C VAL E 279 -78.02 -20.84 23.90
N LYS E 280 -77.42 -19.81 24.50
CA LYS E 280 -77.01 -18.64 23.76
C LYS E 280 -75.76 -18.94 22.95
N ARG E 281 -75.72 -18.47 21.71
CA ARG E 281 -74.60 -18.72 20.82
C ARG E 281 -74.18 -17.42 20.15
N ARG E 282 -72.99 -17.45 19.55
CA ARG E 282 -72.43 -16.29 18.87
C ARG E 282 -72.58 -16.49 17.36
N ARG E 283 -73.23 -15.54 16.69
CA ARG E 283 -73.50 -15.64 15.27
C ARG E 283 -73.14 -14.35 14.58
N VAL E 284 -72.78 -14.46 13.29
CA VAL E 284 -72.28 -13.34 12.51
C VAL E 284 -73.18 -13.13 11.29
N TYR E 285 -73.59 -11.89 11.06
CA TYR E 285 -74.46 -11.53 9.95
C TYR E 285 -73.73 -10.58 9.01
N VAL E 286 -74.11 -10.64 7.73
CA VAL E 286 -73.54 -9.79 6.70
C VAL E 286 -74.67 -9.12 5.94
N SER E 287 -74.37 -7.94 5.39
CA SER E 287 -75.35 -7.16 4.65
C SER E 287 -74.63 -6.23 3.68
N VAL E 288 -75.37 -5.71 2.71
CA VAL E 288 -74.86 -4.75 1.74
C VAL E 288 -75.68 -3.48 1.85
N VAL E 289 -75.01 -2.35 2.09
CA VAL E 289 -75.69 -1.08 2.33
C VAL E 289 -75.05 0.00 1.48
N ASP E 290 -75.77 1.11 1.34
CA ASP E 290 -75.28 2.30 0.66
C ASP E 290 -75.74 3.52 1.45
N GLY E 291 -75.67 4.69 0.82
CA GLY E 291 -76.03 5.91 1.51
C GLY E 291 -77.52 6.15 1.71
N ASP E 292 -78.37 5.31 1.11
CA ASP E 292 -79.82 5.47 1.24
C ASP E 292 -80.47 4.32 2.01
N GLY E 293 -80.25 3.08 1.60
CA GLY E 293 -80.92 1.97 2.25
C GLY E 293 -80.19 0.65 2.15
N PHE E 294 -80.91 -0.44 2.35
CA PHE E 294 -80.34 -1.78 2.32
C PHE E 294 -80.42 -2.35 0.91
N LEU E 295 -79.26 -2.60 0.30
CA LEU E 295 -79.24 -3.27 -0.99
C LEU E 295 -79.55 -4.76 -0.85
N GLU E 296 -79.00 -5.40 0.17
CA GLU E 296 -79.30 -6.79 0.49
C GLU E 296 -79.59 -6.90 1.98
N LYS E 297 -80.67 -7.61 2.31
CA LYS E 297 -81.05 -7.75 3.70
C LYS E 297 -80.05 -8.60 4.45
N PRO E 298 -79.91 -8.40 5.77
CA PRO E 298 -78.91 -9.16 6.54
C PRO E 298 -79.16 -10.66 6.47
N ARG E 299 -78.07 -11.41 6.40
CA ARG E 299 -78.13 -12.87 6.42
C ARG E 299 -76.91 -13.40 7.16
N ARG E 300 -77.09 -14.49 7.89
CA ARG E 300 -76.03 -15.04 8.72
C ARG E 300 -75.06 -15.85 7.87
N ILE E 301 -73.78 -15.69 8.15
CA ILE E 301 -72.72 -16.41 7.44
C ILE E 301 -72.28 -17.59 8.29
N PRO E 302 -71.77 -18.67 7.69
CA PRO E 302 -71.42 -19.85 8.49
C PRO E 302 -70.08 -19.70 9.19
N GLY E 303 -70.09 -19.05 10.35
CA GLY E 303 -68.87 -18.88 11.10
C GLY E 303 -69.15 -18.28 12.47
N GLU E 304 -68.07 -17.88 13.13
CA GLU E 304 -68.16 -17.27 14.45
C GLU E 304 -67.39 -15.96 14.56
N HIS E 305 -66.40 -15.72 13.70
CA HIS E 305 -65.58 -14.52 13.74
C HIS E 305 -65.80 -13.69 12.49
N ILE E 306 -65.41 -12.42 12.58
CA ILE E 306 -65.43 -11.55 11.40
C ILE E 306 -64.39 -12.06 10.41
N PRO E 307 -64.76 -12.29 9.16
CA PRO E 307 -63.82 -12.95 8.22
C PRO E 307 -62.77 -12.02 7.65
N LEU E 308 -62.58 -10.85 8.25
CA LEU E 308 -61.55 -9.92 7.81
C LEU E 308 -60.25 -10.20 8.56
N ILE E 309 -59.16 -10.32 7.81
CA ILE E 309 -57.86 -10.64 8.36
C ILE E 309 -56.90 -9.51 8.03
N PRO E 310 -56.60 -8.63 8.98
CA PRO E 310 -55.71 -7.51 8.70
C PRO E 310 -54.24 -7.91 8.79
N VAL E 311 -53.43 -7.26 7.95
CA VAL E 311 -51.99 -7.46 7.91
C VAL E 311 -51.31 -6.11 8.09
N TYR E 312 -50.34 -6.05 8.99
CA TYR E 312 -49.65 -4.80 9.31
C TYR E 312 -48.15 -4.95 9.05
N GLY E 313 -47.53 -3.86 8.61
CA GLY E 313 -46.08 -3.83 8.49
C GLY E 313 -45.44 -3.61 9.84
N LYS E 314 -45.69 -2.44 10.44
CA LYS E 314 -45.35 -2.19 11.83
C LYS E 314 -46.53 -1.49 12.48
N ARG E 315 -46.93 -1.98 13.66
CA ARG E 315 -48.11 -1.48 14.35
C ARG E 315 -47.79 -1.21 15.81
N TRP E 316 -48.30 -0.09 16.32
CA TRP E 316 -48.14 0.25 17.73
C TRP E 316 -49.41 0.91 18.23
N PHE E 317 -49.52 1.01 19.55
CA PHE E 317 -50.65 1.65 20.22
C PHE E 317 -50.09 2.76 21.10
N ILE E 318 -50.23 4.01 20.65
CA ILE E 318 -49.53 5.14 21.25
C ILE E 318 -50.45 5.96 22.16
N ASP E 319 -51.49 6.57 21.58
CA ASP E 319 -52.45 7.36 22.37
C ASP E 319 -53.87 7.03 21.92
N ASP E 320 -54.43 5.97 22.51
CA ASP E 320 -55.82 5.57 22.28
C ASP E 320 -56.13 5.29 20.81
N ILE E 321 -55.11 5.34 19.94
CA ILE E 321 -55.28 5.14 18.51
C ILE E 321 -54.13 4.28 18.01
N GLU E 322 -54.44 3.26 17.21
CA GLU E 322 -53.40 2.42 16.63
C GLU E 322 -52.72 3.18 15.50
N ARG E 323 -51.39 3.05 15.42
CA ARG E 323 -50.60 3.73 14.41
C ARG E 323 -49.75 2.70 13.67
N VAL E 324 -49.67 2.85 12.35
CA VAL E 324 -48.99 1.88 11.51
C VAL E 324 -47.91 2.60 10.71
N GLU E 325 -46.93 1.82 10.26
CA GLU E 325 -45.85 2.32 9.43
C GLU E 325 -45.35 1.21 8.52
N GLY E 326 -44.93 1.59 7.32
CA GLY E 326 -44.39 0.65 6.35
C GLY E 326 -42.89 0.77 6.19
N HIS E 327 -42.44 1.18 5.01
CA HIS E 327 -41.01 1.30 4.73
C HIS E 327 -40.67 2.51 3.87
N ILE E 328 -41.58 3.46 3.72
CA ILE E 328 -41.37 4.58 2.80
C ILE E 328 -41.51 5.89 3.57
N ALA E 329 -42.21 5.85 4.70
CA ALA E 329 -42.55 7.09 5.41
C ALA E 329 -41.30 7.80 5.91
N LYS E 330 -40.26 7.07 6.27
CA LYS E 330 -39.11 7.68 6.92
C LYS E 330 -38.16 8.37 5.95
N ALA E 331 -38.29 8.15 4.65
CA ALA E 331 -37.34 8.69 3.68
C ALA E 331 -37.94 9.73 2.77
N MET E 332 -39.07 10.34 3.15
CA MET E 332 -39.75 11.28 2.27
C MET E 332 -38.96 12.58 2.13
N ASP E 333 -38.53 13.17 3.25
CA ASP E 333 -37.89 14.48 3.20
C ASP E 333 -36.55 14.47 2.48
N PRO E 334 -35.61 13.56 2.75
CA PRO E 334 -34.37 13.56 1.98
C PRO E 334 -34.59 13.39 0.48
N GLN E 335 -35.56 12.56 0.09
CA GLN E 335 -35.81 12.34 -1.33
C GLN E 335 -36.39 13.59 -1.99
N ARG E 336 -37.42 14.18 -1.37
CA ARG E 336 -38.04 15.37 -1.95
C ARG E 336 -37.19 16.61 -1.79
N LEU E 337 -36.10 16.54 -1.02
CA LEU E 337 -35.13 17.63 -1.01
C LEU E 337 -34.05 17.41 -2.05
N TYR E 338 -33.65 16.15 -2.26
CA TYR E 338 -32.70 15.80 -3.30
C TYR E 338 -33.23 16.17 -4.67
N ASN E 339 -34.52 15.92 -4.91
CA ASN E 339 -35.11 16.28 -6.20
C ASN E 339 -35.02 17.79 -6.44
N LEU E 340 -35.34 18.59 -5.42
CA LEU E 340 -35.27 20.03 -5.57
C LEU E 340 -33.83 20.50 -5.80
N GLN E 341 -32.87 19.90 -5.09
CA GLN E 341 -31.48 20.26 -5.30
C GLN E 341 -31.05 19.96 -6.72
N VAL E 342 -31.45 18.81 -7.26
CA VAL E 342 -31.09 18.45 -8.63
C VAL E 342 -31.68 19.45 -9.61
N SER E 343 -32.96 19.80 -9.42
CA SER E 343 -33.60 20.74 -10.34
C SER E 343 -32.94 22.11 -10.30
N MET E 344 -32.66 22.61 -9.09
CA MET E 344 -32.03 23.93 -8.95
C MET E 344 -30.59 23.93 -9.45
N LEU E 345 -29.91 22.79 -9.44
CA LEU E 345 -28.61 22.72 -10.08
C LEU E 345 -28.75 22.73 -11.59
N ALA E 346 -29.71 21.98 -12.12
CA ALA E 346 -29.84 21.82 -13.56
C ALA E 346 -30.19 23.13 -14.25
N ASP E 347 -31.20 23.84 -13.75
CA ASP E 347 -31.60 25.07 -14.42
C ASP E 347 -30.51 26.14 -14.31
N THR E 348 -29.87 26.24 -13.14
CA THR E 348 -28.80 27.22 -12.97
C THR E 348 -27.63 26.93 -13.90
N ALA E 349 -27.26 25.65 -14.04
CA ALA E 349 -26.18 25.30 -14.96
C ALA E 349 -26.57 25.62 -16.40
N ALA E 350 -27.81 25.34 -16.77
CA ALA E 350 -28.24 25.59 -18.15
C ALA E 350 -28.39 27.08 -18.45
N GLN E 351 -28.48 27.92 -17.41
CA GLN E 351 -28.70 29.35 -17.64
C GLN E 351 -27.57 29.97 -18.46
N ASP E 352 -26.31 29.79 -18.05
CA ASP E 352 -25.16 30.42 -18.69
C ASP E 352 -24.14 29.38 -19.12
N PRO E 353 -24.07 29.07 -20.41
CA PRO E 353 -23.15 28.00 -20.84
C PRO E 353 -21.69 28.39 -20.87
N GLY E 354 -21.36 29.57 -21.41
CA GLY E 354 -19.96 29.90 -21.65
C GLY E 354 -19.55 31.34 -21.46
N GLN E 355 -18.51 31.76 -22.17
CA GLN E 355 -17.92 33.08 -22.01
C GLN E 355 -18.08 33.90 -23.29
N ILE E 356 -18.41 35.18 -23.12
CA ILE E 356 -18.52 36.11 -24.25
C ILE E 356 -17.73 37.36 -23.92
N PRO E 357 -16.93 37.89 -24.85
CA PRO E 357 -16.24 39.15 -24.60
C PRO E 357 -17.19 40.33 -24.63
N ILE E 358 -16.79 41.41 -23.95
CA ILE E 358 -17.57 42.65 -23.89
C ILE E 358 -16.72 43.77 -24.45
N VAL E 359 -17.24 44.47 -25.45
CA VAL E 359 -16.54 45.57 -26.10
C VAL E 359 -17.49 46.74 -26.28
N GLY E 360 -16.91 47.94 -26.45
CA GLY E 360 -17.70 49.11 -26.74
C GLY E 360 -18.05 49.22 -28.22
N MET E 361 -19.09 50.00 -28.51
CA MET E 361 -19.54 50.16 -29.88
C MET E 361 -18.47 50.82 -30.74
N GLU E 362 -17.89 51.92 -30.25
CA GLU E 362 -16.88 52.66 -30.99
C GLU E 362 -15.58 51.87 -31.14
N GLN E 363 -15.33 50.90 -30.27
CA GLN E 363 -14.12 50.09 -30.33
C GLN E 363 -14.14 49.06 -31.45
N ILE E 364 -15.31 48.55 -31.82
CA ILE E 364 -15.42 47.43 -32.74
C ILE E 364 -16.26 47.76 -33.97
N ARG E 365 -16.85 48.95 -34.05
CA ARG E 365 -17.66 49.29 -35.21
C ARG E 365 -16.82 49.22 -36.48
N GLY E 366 -17.37 48.58 -37.51
CA GLY E 366 -16.69 48.42 -38.77
C GLY E 366 -15.79 47.21 -38.87
N LEU E 367 -15.65 46.43 -37.80
CA LEU E 367 -14.74 45.29 -37.77
C LEU E 367 -15.47 43.99 -37.41
N GLU E 368 -16.79 43.95 -37.57
CA GLU E 368 -17.57 42.82 -37.07
C GLU E 368 -17.30 41.54 -37.86
N LYS E 369 -16.98 41.65 -39.15
CA LYS E 369 -16.91 40.47 -40.00
C LYS E 369 -15.73 39.56 -39.62
N HIS E 370 -14.61 40.15 -39.18
CA HIS E 370 -13.47 39.33 -38.81
C HIS E 370 -13.73 38.58 -37.52
N TRP E 371 -14.34 39.23 -36.54
CA TRP E 371 -14.68 38.56 -35.28
C TRP E 371 -15.81 37.56 -35.45
N GLU E 372 -16.70 37.75 -36.42
CA GLU E 372 -17.76 36.79 -36.67
C GLU E 372 -17.21 35.45 -37.15
N ALA E 373 -16.13 35.48 -37.93
CA ALA E 373 -15.58 34.27 -38.53
C ALA E 373 -14.17 33.97 -38.00
N ARG E 374 -13.96 34.11 -36.70
CA ARG E 374 -12.65 33.84 -36.11
C ARG E 374 -12.40 32.37 -35.83
N ASN E 375 -13.43 31.53 -35.91
CA ASN E 375 -13.27 30.10 -35.64
C ASN E 375 -13.23 29.24 -36.89
N LYS E 376 -13.81 29.72 -38.00
CA LYS E 376 -13.75 28.98 -39.25
C LYS E 376 -12.44 29.21 -40.00
N LYS E 377 -12.06 30.47 -40.19
CA LYS E 377 -10.80 30.80 -40.83
C LYS E 377 -9.66 30.66 -39.82
N ARG E 378 -8.46 31.03 -40.25
CA ARG E 378 -7.27 31.01 -39.40
C ARG E 378 -6.59 32.37 -39.48
N PRO E 379 -7.17 33.39 -38.86
CA PRO E 379 -6.57 34.73 -38.94
C PRO E 379 -5.25 34.78 -38.18
N ALA E 380 -4.30 35.50 -38.77
CA ALA E 380 -3.01 35.70 -38.10
C ALA E 380 -3.16 36.62 -36.90
N PHE E 381 -4.09 37.57 -36.96
CA PHE E 381 -4.30 38.51 -35.86
C PHE E 381 -5.70 39.08 -35.99
N LEU E 382 -6.23 39.55 -34.87
CA LEU E 382 -7.56 40.15 -34.83
C LEU E 382 -7.44 41.63 -34.53
N PRO E 383 -7.95 42.50 -35.41
CA PRO E 383 -7.82 43.94 -35.20
C PRO E 383 -8.91 44.49 -34.29
N LEU E 384 -8.52 45.51 -33.53
CA LEU E 384 -9.44 46.18 -32.62
C LEU E 384 -8.85 47.54 -32.28
N ARG E 385 -9.72 48.46 -31.88
CA ARG E 385 -9.33 49.84 -31.60
C ARG E 385 -9.15 50.07 -30.12
N GLU E 386 -8.76 51.30 -29.78
CA GLU E 386 -8.58 51.72 -28.40
C GLU E 386 -9.78 52.55 -27.93
N VAL E 387 -9.85 52.75 -26.63
CA VAL E 387 -10.92 53.54 -26.03
C VAL E 387 -10.47 54.99 -25.91
N ARG E 388 -11.26 55.89 -26.48
CA ARG E 388 -10.95 57.32 -26.49
C ARG E 388 -12.08 58.10 -25.84
N ASP E 389 -11.71 59.10 -25.06
CA ASP E 389 -12.69 59.94 -24.39
C ASP E 389 -13.16 61.05 -25.32
N LYS E 390 -13.87 62.03 -24.77
CA LYS E 390 -14.46 63.08 -25.61
C LYS E 390 -13.41 64.02 -26.18
N SER E 391 -12.22 64.10 -25.59
CA SER E 391 -11.18 65.00 -26.06
C SER E 391 -10.27 64.36 -27.10
N GLY E 392 -10.39 63.05 -27.33
CA GLY E 392 -9.55 62.36 -28.28
C GLY E 392 -8.31 61.70 -27.70
N ASN E 393 -8.21 61.62 -26.37
CA ASN E 393 -7.06 60.97 -25.74
C ASN E 393 -7.34 59.50 -25.50
N ILE E 394 -6.26 58.72 -25.42
CA ILE E 394 -6.38 57.29 -25.17
C ILE E 394 -6.35 57.05 -23.66
N ILE E 395 -7.32 56.27 -23.17
CA ILE E 395 -7.39 55.94 -21.76
C ILE E 395 -7.32 54.44 -21.48
N ALA E 396 -7.49 53.60 -22.50
CA ALA E 396 -7.46 52.16 -22.32
C ALA E 396 -6.77 51.51 -23.51
N GLY E 397 -6.37 50.26 -23.34
CA GLY E 397 -5.66 49.53 -24.36
C GLY E 397 -6.57 49.05 -25.47
N ALA E 398 -6.02 48.19 -26.32
CA ALA E 398 -6.73 47.65 -27.46
C ALA E 398 -7.43 46.33 -27.17
N THR E 399 -7.42 45.87 -25.92
CA THR E 399 -8.06 44.61 -25.58
C THR E 399 -9.54 44.82 -25.27
N PRO E 400 -10.34 43.76 -25.37
CA PRO E 400 -11.72 43.84 -24.87
C PRO E 400 -11.75 44.13 -23.38
N ALA E 401 -12.78 44.84 -22.95
CA ALA E 401 -12.85 45.29 -21.56
C ALA E 401 -12.90 44.11 -20.60
N GLY E 402 -13.66 43.07 -20.92
CA GLY E 402 -13.77 41.93 -20.04
C GLY E 402 -14.52 40.80 -20.69
N TYR E 403 -14.78 39.76 -19.90
CA TYR E 403 -15.49 38.58 -20.35
C TYR E 403 -16.61 38.25 -19.36
N THR E 404 -17.68 37.68 -19.89
CA THR E 404 -18.77 37.22 -19.03
C THR E 404 -18.33 36.01 -18.23
N GLN E 405 -18.97 35.84 -17.07
CA GLN E 405 -18.58 34.75 -16.18
C GLN E 405 -19.44 33.52 -16.44
N PRO E 406 -18.85 32.33 -16.49
CA PRO E 406 -19.64 31.11 -16.66
C PRO E 406 -20.36 30.74 -15.37
N ALA E 407 -21.29 29.80 -15.49
CA ALA E 407 -22.07 29.37 -14.34
C ALA E 407 -21.18 28.66 -13.33
N VAL E 408 -21.61 28.67 -12.07
CA VAL E 408 -20.87 28.06 -10.98
C VAL E 408 -21.83 27.25 -10.13
N MET E 409 -21.25 26.49 -9.20
CA MET E 409 -22.00 25.65 -8.26
C MET E 409 -21.61 26.04 -6.84
N ASN E 410 -22.56 26.62 -6.11
CA ASN E 410 -22.30 26.99 -4.73
C ASN E 410 -22.11 25.75 -3.87
N GLN E 411 -21.30 25.91 -2.81
CA GLN E 411 -20.86 24.77 -2.02
C GLN E 411 -22.00 24.15 -1.23
N ALA E 412 -22.97 24.97 -0.83
CA ALA E 412 -24.08 24.48 -0.02
C ALA E 412 -24.93 23.46 -0.79
N LEU E 413 -25.13 23.69 -2.09
CA LEU E 413 -25.90 22.75 -2.89
C LEU E 413 -25.21 21.39 -2.97
N ALA E 414 -23.89 21.39 -3.20
CA ALA E 414 -23.15 20.13 -3.25
C ALA E 414 -23.18 19.42 -1.91
N ALA E 415 -23.03 20.17 -0.81
CA ALA E 415 -23.10 19.56 0.51
C ALA E 415 -24.46 18.94 0.76
N LEU E 416 -25.53 19.65 0.38
CA LEU E 416 -26.88 19.11 0.54
C LEU E 416 -27.07 17.85 -0.30
N LEU E 417 -26.57 17.86 -1.54
CA LEU E 417 -26.68 16.68 -2.40
C LEU E 417 -26.03 15.47 -1.74
N GLN E 418 -24.79 15.63 -1.29
CA GLN E 418 -24.08 14.52 -0.67
C GLN E 418 -24.78 14.06 0.60
N GLN E 419 -25.20 15.01 1.45
CA GLN E 419 -25.83 14.64 2.72
C GLN E 419 -27.13 13.89 2.50
N THR E 420 -28.00 14.39 1.63
CA THR E 420 -29.28 13.72 1.40
C THR E 420 -29.09 12.37 0.71
N SER E 421 -28.14 12.28 -0.23
CA SER E 421 -27.89 11.01 -0.88
C SER E 421 -27.40 9.96 0.12
N ALA E 422 -26.56 10.37 1.08
CA ALA E 422 -26.14 9.42 2.10
C ALA E 422 -27.28 9.08 3.05
N ASP E 423 -28.09 10.08 3.45
CA ASP E 423 -29.13 9.85 4.44
C ASP E 423 -30.24 8.97 3.92
N ILE E 424 -30.55 9.04 2.63
CA ILE E 424 -31.58 8.16 2.07
C ILE E 424 -31.20 6.70 2.29
N GLN E 425 -29.98 6.33 1.92
CA GLN E 425 -29.52 4.96 2.12
C GLN E 425 -29.38 4.63 3.60
N GLU E 426 -28.99 5.61 4.42
CA GLU E 426 -28.87 5.36 5.85
C GLU E 426 -30.23 5.02 6.47
N VAL E 427 -31.28 5.72 6.06
CA VAL E 427 -32.58 5.53 6.70
C VAL E 427 -33.31 4.32 6.11
N THR E 428 -33.07 4.03 4.82
CA THR E 428 -33.70 2.86 4.19
C THR E 428 -32.84 1.62 4.43
N GLY E 429 -32.86 1.16 5.67
CA GLY E 429 -32.13 -0.03 6.06
C GLY E 429 -30.62 0.09 5.93
N MET E 450 -28.94 -14.96 13.79
CA MET E 450 -28.44 -13.59 13.67
C MET E 450 -28.45 -13.14 12.22
N ASN E 451 -28.16 -14.08 11.32
CA ASN E 451 -28.19 -13.77 9.90
C ASN E 451 -29.60 -13.35 9.46
N ARG E 452 -30.62 -14.06 9.93
CA ARG E 452 -31.99 -13.66 9.64
C ARG E 452 -32.34 -12.34 10.32
N ALA E 453 -31.91 -12.16 11.57
CA ALA E 453 -32.29 -10.98 12.33
C ALA E 453 -31.67 -9.72 11.75
N ASP E 454 -30.53 -9.84 11.08
CA ASP E 454 -29.86 -8.65 10.56
C ASP E 454 -30.61 -8.05 9.38
N MET E 455 -31.40 -8.85 8.66
CA MET E 455 -32.14 -8.32 7.52
C MET E 455 -33.24 -7.38 7.97
N ALA E 456 -33.72 -6.57 7.03
CA ALA E 456 -34.74 -5.58 7.33
C ALA E 456 -36.17 -6.07 7.07
N SER E 457 -36.33 -7.29 6.57
CA SER E 457 -37.64 -7.84 6.29
C SER E 457 -38.14 -8.78 7.39
N PHE E 458 -37.35 -8.95 8.46
CA PHE E 458 -37.71 -9.91 9.49
C PHE E 458 -39.01 -9.52 10.20
N ILE E 459 -39.16 -8.23 10.52
CA ILE E 459 -40.36 -7.81 11.23
C ILE E 459 -41.61 -7.97 10.35
N TYR E 460 -41.48 -7.66 9.06
CA TYR E 460 -42.59 -7.84 8.14
C TYR E 460 -42.97 -9.31 8.04
N LEU E 461 -41.98 -10.20 7.94
CA LEU E 461 -42.28 -11.62 7.87
C LEU E 461 -42.93 -12.13 9.15
N ASP E 462 -42.47 -11.65 10.30
CA ASP E 462 -43.08 -12.07 11.57
C ASP E 462 -44.52 -11.60 11.67
N ASN E 463 -44.80 -10.36 11.27
CA ASN E 463 -46.18 -9.88 11.30
C ASN E 463 -47.05 -10.65 10.32
N MET E 464 -46.51 -11.01 9.16
CA MET E 464 -47.26 -11.82 8.21
C MET E 464 -47.59 -13.19 8.80
N ALA E 465 -46.64 -13.81 9.50
CA ALA E 465 -46.91 -15.08 10.15
C ALA E 465 -47.98 -14.95 11.22
N LYS E 466 -47.92 -13.88 12.01
CA LYS E 466 -48.93 -13.65 13.03
C LYS E 466 -50.32 -13.45 12.42
N SER E 467 -50.40 -12.80 11.27
CA SER E 467 -51.69 -12.66 10.60
C SER E 467 -52.18 -13.98 10.02
N LEU E 468 -51.25 -14.79 9.49
CA LEU E 468 -51.64 -16.09 8.96
C LEU E 468 -52.16 -17.01 10.05
N LYS E 469 -51.63 -16.90 11.27
CA LYS E 469 -52.17 -17.70 12.37
C LYS E 469 -53.63 -17.36 12.64
N ARG E 470 -53.97 -16.08 12.65
CA ARG E 470 -55.36 -15.67 12.81
C ARG E 470 -56.22 -16.15 11.66
N ALA E 471 -55.70 -16.07 10.43
CA ALA E 471 -56.44 -16.56 9.28
C ALA E 471 -56.73 -18.06 9.41
N GLY E 472 -55.74 -18.82 9.87
CA GLY E 472 -55.96 -20.23 10.09
C GLY E 472 -56.99 -20.50 11.17
N GLU E 473 -56.98 -19.70 12.23
CA GLU E 473 -57.98 -19.85 13.28
C GLU E 473 -59.38 -19.60 12.75
N VAL E 474 -59.55 -18.55 11.93
CA VAL E 474 -60.86 -18.25 11.37
C VAL E 474 -61.29 -19.37 10.43
N TRP E 475 -60.38 -19.89 9.61
CA TRP E 475 -60.72 -20.98 8.71
C TRP E 475 -61.14 -22.22 9.48
N LEU E 476 -60.42 -22.53 10.56
CA LEU E 476 -60.79 -23.69 11.38
C LEU E 476 -62.17 -23.51 12.01
N SER E 477 -62.47 -22.29 12.46
CA SER E 477 -63.80 -22.03 13.01
C SER E 477 -64.88 -22.20 11.95
N MET E 478 -64.63 -21.72 10.73
CA MET E 478 -65.65 -21.78 9.68
C MET E 478 -65.78 -23.16 9.06
N ALA E 479 -64.76 -24.01 9.18
CA ALA E 479 -64.78 -25.29 8.49
C ALA E 479 -65.78 -26.26 9.11
N ARG E 480 -66.09 -26.10 10.40
CA ARG E 480 -67.02 -27.02 11.06
C ARG E 480 -68.43 -26.91 10.47
N GLU E 481 -68.86 -25.70 10.12
CA GLU E 481 -70.22 -25.49 9.65
C GLU E 481 -70.43 -25.89 8.19
N VAL E 482 -69.35 -26.12 7.44
CA VAL E 482 -69.44 -26.45 6.03
C VAL E 482 -69.13 -27.91 5.77
N TYR E 483 -68.03 -28.42 6.34
CA TYR E 483 -67.63 -29.80 6.13
C TYR E 483 -68.06 -30.75 7.24
N GLY E 484 -68.51 -30.22 8.37
CA GLY E 484 -68.96 -31.05 9.47
C GLY E 484 -67.87 -31.35 10.48
N SER E 485 -68.30 -31.78 11.66
CA SER E 485 -67.37 -32.10 12.73
C SER E 485 -66.59 -33.37 12.41
N GLU E 486 -65.46 -33.52 13.08
CA GLU E 486 -64.57 -34.66 12.86
C GLU E 486 -64.70 -35.64 14.03
N ARG E 487 -64.99 -36.90 13.71
CA ARG E 487 -65.13 -37.94 14.72
C ARG E 487 -64.34 -39.17 14.28
N GLU E 488 -63.76 -39.86 15.25
CA GLU E 488 -62.93 -41.05 15.00
C GLU E 488 -63.76 -42.29 15.32
N VAL E 489 -64.33 -42.89 14.27
CA VAL E 489 -65.10 -44.13 14.40
C VAL E 489 -64.68 -45.06 13.26
N ARG E 490 -63.92 -46.11 13.59
CA ARG E 490 -63.60 -47.16 12.64
C ARG E 490 -63.87 -48.57 13.15
N ILE E 491 -63.73 -48.82 14.44
CA ILE E 491 -63.92 -50.16 14.99
C ILE E 491 -65.37 -50.36 15.38
N VAL E 507 -60.24 -46.19 14.69
CA VAL E 507 -59.16 -45.42 15.28
C VAL E 507 -58.09 -45.15 14.22
N VAL E 508 -58.15 -45.89 13.11
CA VAL E 508 -57.14 -45.78 12.06
C VAL E 508 -57.71 -45.07 10.84
N ASP E 509 -58.98 -44.65 10.92
CA ASP E 509 -59.64 -44.07 9.76
C ASP E 509 -60.36 -42.78 10.15
N ARG E 510 -60.09 -41.72 9.39
CA ARG E 510 -60.78 -40.45 9.51
C ARG E 510 -61.87 -40.40 8.46
N GLN E 511 -63.13 -40.38 8.89
CA GLN E 511 -64.26 -40.29 7.98
C GLN E 511 -65.49 -39.78 8.72
N THR E 512 -66.25 -38.92 8.03
CA THR E 512 -67.52 -38.43 8.51
C THR E 512 -68.55 -38.54 7.40
N GLY E 513 -69.81 -38.76 7.78
CA GLY E 513 -70.87 -38.92 6.82
C GLY E 513 -72.08 -38.06 7.10
N ALA E 514 -72.58 -37.38 6.07
CA ALA E 514 -73.73 -36.49 6.22
C ALA E 514 -74.28 -36.15 4.84
N VAL E 515 -75.61 -36.27 4.71
CA VAL E 515 -76.27 -35.79 3.50
C VAL E 515 -76.15 -34.27 3.41
N VAL E 516 -76.46 -33.58 4.51
CA VAL E 516 -76.14 -32.17 4.71
C VAL E 516 -75.29 -32.10 5.97
N ALA E 517 -74.16 -31.41 5.89
CA ALA E 517 -73.10 -31.46 6.90
C ALA E 517 -73.63 -31.37 8.31
N LEU E 518 -73.41 -32.44 9.09
CA LEU E 518 -73.76 -32.48 10.50
C LEU E 518 -72.61 -31.95 11.33
N ASN E 519 -72.90 -30.98 12.21
CA ASN E 519 -71.91 -30.41 13.11
C ASN E 519 -72.32 -30.75 14.55
N ASP E 520 -71.72 -31.79 15.10
CA ASP E 520 -72.03 -32.25 16.45
C ASP E 520 -71.41 -31.27 17.45
N LEU E 521 -72.25 -30.54 18.17
CA LEU E 521 -71.76 -29.53 19.11
C LEU E 521 -71.13 -30.14 20.35
N SER E 522 -71.27 -31.44 20.56
CA SER E 522 -70.71 -32.11 21.74
C SER E 522 -69.28 -32.58 21.54
N VAL E 523 -68.73 -32.47 20.32
CA VAL E 523 -67.38 -32.95 20.07
C VAL E 523 -66.36 -32.10 20.82
N GLY E 524 -66.53 -30.79 20.78
CA GLY E 524 -65.62 -29.89 21.47
C GLY E 524 -64.42 -29.51 20.64
N ARG E 525 -63.51 -28.78 21.29
CA ARG E 525 -62.32 -28.28 20.61
C ARG E 525 -61.41 -29.43 20.19
N TYR E 526 -60.80 -29.28 19.01
CA TYR E 526 -59.88 -30.28 18.51
C TYR E 526 -58.60 -30.31 19.34
N ASP E 527 -57.69 -31.19 18.95
CA ASP E 527 -56.40 -31.36 19.61
C ASP E 527 -55.24 -30.95 18.74
N VAL E 528 -55.46 -30.02 17.80
CA VAL E 528 -54.42 -29.55 16.91
C VAL E 528 -54.08 -28.11 17.25
N THR E 529 -52.89 -27.69 16.85
CA THR E 529 -52.41 -26.34 17.08
C THR E 529 -52.11 -25.67 15.74
N VAL E 530 -52.52 -24.42 15.61
CA VAL E 530 -52.31 -23.67 14.37
C VAL E 530 -50.91 -23.09 14.37
N ASP E 531 -50.14 -23.39 13.32
CA ASP E 531 -48.77 -22.90 13.17
C ASP E 531 -48.59 -22.45 11.74
N VAL E 532 -47.37 -22.04 11.40
CA VAL E 532 -47.03 -21.61 10.05
C VAL E 532 -45.79 -22.36 9.59
N GLY E 533 -45.68 -22.53 8.27
CA GLY E 533 -44.59 -23.25 7.68
C GLY E 533 -44.43 -22.93 6.21
N PRO E 534 -43.48 -23.61 5.55
CA PRO E 534 -43.27 -23.36 4.12
C PRO E 534 -44.50 -23.74 3.30
N SER E 535 -44.69 -23.03 2.20
CA SER E 535 -45.82 -23.26 1.31
C SER E 535 -45.44 -24.25 0.22
N TYR E 536 -46.26 -25.28 0.05
CA TYR E 536 -46.01 -26.34 -0.92
C TYR E 536 -47.21 -26.50 -1.83
N THR E 537 -46.95 -26.71 -3.12
CA THR E 537 -48.04 -26.87 -4.08
C THR E 537 -48.70 -28.24 -3.95
N ALA E 538 -47.91 -29.29 -3.71
CA ALA E 538 -48.42 -30.64 -3.63
C ALA E 538 -47.81 -31.35 -2.43
N ARG E 539 -48.52 -32.38 -1.95
CA ARG E 539 -48.06 -33.12 -0.78
C ARG E 539 -46.74 -33.84 -1.05
N ARG E 540 -46.48 -34.22 -2.30
CA ARG E 540 -45.21 -34.85 -2.63
C ARG E 540 -44.04 -33.90 -2.36
N ASP E 541 -44.21 -32.62 -2.68
CA ASP E 541 -43.15 -31.65 -2.40
C ASP E 541 -42.87 -31.57 -0.92
N ALA E 542 -43.92 -31.52 -0.09
CA ALA E 542 -43.72 -31.46 1.35
C ALA E 542 -43.01 -32.69 1.87
N THR E 543 -43.44 -33.88 1.43
CA THR E 543 -42.81 -35.12 1.89
C THR E 543 -41.35 -35.18 1.48
N VAL E 544 -41.05 -34.80 0.23
CA VAL E 544 -39.68 -34.84 -0.25
C VAL E 544 -38.81 -33.85 0.51
N SER E 545 -39.35 -32.64 0.77
CA SER E 545 -38.58 -31.65 1.51
C SER E 545 -38.29 -32.13 2.92
N VAL E 546 -39.29 -32.72 3.60
CA VAL E 546 -39.07 -33.22 4.95
C VAL E 546 -38.03 -34.34 4.96
N LEU E 547 -38.11 -35.26 4.00
CA LEU E 547 -37.17 -36.37 3.97
C LEU E 547 -35.75 -35.88 3.66
N THR E 548 -35.62 -34.92 2.75
CA THR E 548 -34.30 -34.37 2.46
C THR E 548 -33.73 -33.63 3.65
N ASN E 549 -34.57 -32.89 4.37
CA ASN E 549 -34.11 -32.21 5.59
C ASN E 549 -33.68 -33.22 6.64
N VAL E 550 -34.38 -34.35 6.72
CA VAL E 550 -33.95 -35.43 7.61
C VAL E 550 -32.59 -35.94 7.20
N LEU E 551 -32.40 -36.18 5.90
CA LEU E 551 -31.09 -36.55 5.37
C LEU E 551 -30.11 -35.39 5.55
N SER E 552 -28.84 -35.66 5.23
CA SER E 552 -27.70 -34.76 5.44
C SER E 552 -27.44 -34.49 6.91
N SER E 553 -28.16 -35.16 7.82
CA SER E 553 -27.99 -34.96 9.25
C SER E 553 -27.59 -36.24 9.97
N MET E 554 -27.40 -37.33 9.25
CA MET E 554 -26.87 -38.56 9.83
C MET E 554 -25.65 -39.02 9.05
N LEU E 555 -24.89 -39.92 9.67
CA LEU E 555 -23.67 -40.41 9.06
C LEU E 555 -23.99 -41.20 7.80
N PRO E 556 -23.05 -41.25 6.84
CA PRO E 556 -23.28 -42.05 5.62
C PRO E 556 -23.45 -43.53 5.90
N THR E 557 -22.97 -44.03 7.04
CA THR E 557 -23.00 -45.45 7.34
C THR E 557 -24.19 -45.88 8.18
N ASP E 558 -25.16 -44.99 8.40
CA ASP E 558 -26.34 -45.37 9.16
C ASP E 558 -27.18 -46.36 8.37
N PRO E 559 -27.90 -47.26 9.06
CA PRO E 559 -28.65 -48.32 8.35
C PRO E 559 -29.90 -47.82 7.66
N MET E 560 -30.49 -46.74 8.17
CA MET E 560 -31.78 -46.26 7.67
C MET E 560 -31.68 -45.45 6.39
N ARG E 561 -30.46 -45.10 5.97
CA ARG E 561 -30.30 -44.27 4.77
C ARG E 561 -30.84 -44.93 3.51
N PRO E 562 -30.57 -46.21 3.20
CA PRO E 562 -31.19 -46.80 2.01
C PRO E 562 -32.70 -46.83 2.06
N ALA E 563 -33.28 -47.08 3.24
CA ALA E 563 -34.75 -47.08 3.35
C ALA E 563 -35.31 -45.69 3.09
N ILE E 564 -34.67 -44.67 3.65
CA ILE E 564 -35.12 -43.30 3.41
C ILE E 564 -34.99 -42.95 1.93
N GLN E 565 -33.91 -43.40 1.29
CA GLN E 565 -33.73 -43.15 -0.13
C GLN E 565 -34.82 -43.80 -0.95
N GLY E 566 -35.19 -45.03 -0.59
CA GLY E 566 -36.31 -45.68 -1.27
C GLY E 566 -37.61 -44.92 -1.09
N ILE E 567 -37.86 -44.44 0.13
CA ILE E 567 -39.07 -43.66 0.39
C ILE E 567 -39.07 -42.39 -0.46
N ILE E 568 -37.93 -41.71 -0.57
CA ILE E 568 -37.85 -40.48 -1.35
C ILE E 568 -38.12 -40.78 -2.82
N LEU E 569 -37.43 -41.78 -3.38
CA LEU E 569 -37.62 -42.10 -4.79
C LEU E 569 -39.01 -42.64 -5.08
N ASP E 570 -39.72 -43.13 -4.07
CA ASP E 570 -41.11 -43.53 -4.28
C ASP E 570 -41.99 -42.32 -4.58
N ASN E 571 -41.77 -41.20 -3.90
CA ASN E 571 -42.65 -40.04 -3.98
C ASN E 571 -42.31 -39.10 -5.13
N ILE E 572 -41.19 -39.29 -5.82
CA ILE E 572 -40.80 -38.38 -6.87
C ILE E 572 -41.59 -38.68 -8.13
N ASP E 573 -42.02 -37.63 -8.83
CA ASP E 573 -42.87 -37.75 -10.00
C ASP E 573 -42.18 -37.16 -11.23
N GLY E 574 -42.54 -37.70 -12.39
CA GLY E 574 -41.99 -37.23 -13.64
C GLY E 574 -42.57 -37.99 -14.80
N GLU E 575 -42.08 -37.67 -15.99
CA GLU E 575 -42.51 -38.32 -17.21
C GLU E 575 -41.56 -39.45 -17.58
N GLY E 576 -42.13 -40.58 -17.99
CA GLY E 576 -41.33 -41.73 -18.39
C GLY E 576 -40.54 -42.36 -17.26
N LEU E 577 -41.12 -42.46 -16.06
CA LEU E 577 -40.47 -43.09 -14.92
C LEU E 577 -41.25 -44.31 -14.43
N ASP E 578 -42.09 -44.89 -15.28
CA ASP E 578 -42.94 -46.00 -14.83
C ASP E 578 -42.11 -47.22 -14.44
N ASP E 579 -41.16 -47.61 -15.29
CA ASP E 579 -40.36 -48.80 -15.00
C ASP E 579 -39.50 -48.61 -13.76
N PHE E 580 -38.84 -47.45 -13.66
CA PHE E 580 -38.00 -47.19 -12.49
C PHE E 580 -38.82 -47.14 -11.22
N LYS E 581 -40.00 -46.51 -11.27
CA LYS E 581 -40.85 -46.46 -10.08
C LYS E 581 -41.36 -47.85 -9.71
N GLU E 582 -41.68 -48.67 -10.70
CA GLU E 582 -42.09 -50.04 -10.41
C GLU E 582 -40.97 -50.83 -9.75
N TYR E 583 -39.74 -50.69 -10.25
CA TYR E 583 -38.61 -51.41 -9.66
C TYR E 583 -38.35 -50.92 -8.23
N ASN E 584 -38.40 -49.61 -8.01
CA ASN E 584 -38.17 -49.06 -6.68
C ASN E 584 -39.25 -49.53 -5.71
N ARG E 585 -40.51 -49.52 -6.15
CA ARG E 585 -41.60 -49.99 -5.29
C ARG E 585 -41.46 -51.48 -5.00
N ASN E 586 -41.02 -52.26 -5.98
CA ASN E 586 -40.81 -53.69 -5.75
C ASN E 586 -39.72 -53.91 -4.70
N GLN E 587 -38.60 -53.19 -4.82
CA GLN E 587 -37.54 -53.31 -3.83
C GLN E 587 -38.02 -52.87 -2.45
N LEU E 588 -38.83 -51.82 -2.40
CA LEU E 588 -39.36 -51.34 -1.12
C LEU E 588 -40.34 -52.34 -0.51
N LEU E 589 -41.13 -53.02 -1.34
CA LEU E 589 -42.05 -54.04 -0.86
C LEU E 589 -41.30 -55.25 -0.31
N ILE E 590 -40.24 -55.67 -1.00
CA ILE E 590 -39.48 -56.84 -0.58
C ILE E 590 -38.89 -56.69 0.81
N SER E 591 -38.39 -55.51 1.15
CA SER E 591 -37.80 -55.26 2.46
C SER E 591 -38.85 -55.01 3.55
N GLY E 592 -40.11 -55.30 3.26
CA GLY E 592 -41.17 -55.17 4.25
C GLY E 592 -41.42 -53.75 4.73
N ILE E 593 -41.42 -52.77 3.82
CA ILE E 593 -41.65 -51.39 4.20
C ILE E 593 -42.86 -50.78 3.50
N ALA E 594 -43.23 -51.25 2.31
CA ALA E 594 -44.23 -50.56 1.51
C ALA E 594 -45.66 -50.92 1.87
N LYS E 595 -45.88 -52.01 2.63
CA LYS E 595 -47.21 -52.38 3.11
C LYS E 595 -48.18 -52.56 1.96
N PRO E 596 -48.09 -53.67 1.20
CA PRO E 596 -48.94 -53.86 0.01
C PRO E 596 -50.40 -53.51 0.25
N ARG E 597 -50.99 -52.75 -0.67
CA ARG E 597 -52.34 -52.22 -0.48
C ARG E 597 -53.40 -53.21 -0.98
N ASN E 598 -53.20 -54.46 -0.55
CA ASN E 598 -54.18 -55.54 -0.64
C ASN E 598 -55.01 -55.52 -1.93
N GLU E 599 -54.33 -55.41 -3.07
CA GLU E 599 -54.99 -55.67 -4.35
C GLU E 599 -54.38 -56.85 -5.08
N LYS E 600 -53.07 -56.86 -5.32
CA LYS E 600 -52.44 -58.06 -5.86
C LYS E 600 -51.05 -58.35 -5.31
N GLU E 601 -50.31 -57.36 -4.80
CA GLU E 601 -48.93 -57.57 -4.40
C GLU E 601 -48.78 -58.44 -3.16
N GLN E 602 -49.73 -58.37 -2.22
CA GLN E 602 -49.62 -59.15 -1.00
C GLN E 602 -49.64 -60.65 -1.27
N GLN E 603 -50.21 -61.08 -2.39
CA GLN E 603 -50.30 -62.50 -2.71
C GLN E 603 -49.46 -62.90 -3.92
N ILE E 604 -48.77 -61.96 -4.55
CA ILE E 604 -47.90 -62.24 -5.69
C ILE E 604 -46.43 -62.01 -5.34
N VAL E 605 -46.07 -60.75 -5.05
CA VAL E 605 -44.67 -60.44 -4.79
C VAL E 605 -44.31 -60.82 -3.35
N GLN E 606 -45.22 -60.58 -2.42
CA GLN E 606 -44.99 -61.03 -1.04
C GLN E 606 -44.95 -62.56 -0.98
N GLN E 607 -45.82 -63.22 -1.74
CA GLN E 607 -45.77 -64.68 -1.80
C GLN E 607 -44.46 -65.17 -2.39
N ALA E 608 -43.99 -64.50 -3.45
CA ALA E 608 -42.69 -64.85 -4.01
C ALA E 608 -41.57 -64.66 -2.99
N GLN E 609 -41.65 -63.58 -2.20
CA GLN E 609 -40.61 -63.31 -1.22
C GLN E 609 -40.61 -64.35 -0.10
N MET E 610 -41.80 -64.73 0.40
CA MET E 610 -41.84 -65.75 1.43
C MET E 610 -41.40 -67.10 0.90
N ALA E 611 -41.73 -67.40 -0.37
CA ALA E 611 -41.27 -68.64 -0.98
C ALA E 611 -39.75 -68.64 -1.12
N ALA E 612 -39.17 -67.52 -1.53
CA ALA E 612 -37.73 -67.40 -1.69
C ALA E 612 -37.01 -67.13 -0.38
N GLN E 613 -37.74 -67.00 0.71
CA GLN E 613 -37.17 -67.04 2.05
C GLN E 613 -37.17 -68.46 2.60
N SER E 614 -38.24 -69.22 2.35
CA SER E 614 -38.27 -70.62 2.79
C SER E 614 -37.35 -71.51 1.96
N GLN E 615 -37.18 -71.19 0.67
CA GLN E 615 -36.36 -72.04 -0.20
C GLN E 615 -34.89 -72.10 0.19
N PRO E 616 -34.17 -70.99 0.40
CA PRO E 616 -32.72 -71.07 0.58
C PRO E 616 -32.24 -71.28 2.00
N ASN E 617 -33.11 -71.65 2.94
CA ASN E 617 -32.63 -72.06 4.26
C ASN E 617 -31.72 -73.29 4.17
N PRO E 618 -32.09 -74.36 3.43
CA PRO E 618 -31.11 -75.43 3.21
C PRO E 618 -29.85 -74.97 2.51
N GLU E 619 -29.94 -74.04 1.56
CA GLU E 619 -28.76 -73.54 0.88
C GLU E 619 -27.83 -72.83 1.86
N MET E 620 -28.38 -71.98 2.72
CA MET E 620 -27.56 -71.23 3.65
C MET E 620 -26.98 -72.13 4.74
N VAL E 621 -27.74 -73.13 5.21
CA VAL E 621 -27.16 -74.05 6.19
C VAL E 621 -26.08 -74.90 5.52
N LEU E 622 -26.27 -75.25 4.24
CA LEU E 622 -25.25 -75.99 3.50
C LEU E 622 -24.00 -75.18 3.26
N ALA E 623 -24.14 -73.85 3.19
CA ALA E 623 -22.99 -72.98 2.95
C ALA E 623 -21.95 -73.05 4.06
N GLN E 624 -22.32 -73.53 5.25
CA GLN E 624 -21.39 -73.65 6.36
C GLN E 624 -21.60 -74.93 7.18
N ALA E 625 -22.32 -75.90 6.62
CA ALA E 625 -22.82 -77.03 7.40
C ALA E 625 -21.93 -78.26 7.33
N GLN E 626 -20.62 -78.09 7.20
CA GLN E 626 -19.73 -79.25 7.28
C GLN E 626 -19.79 -79.91 8.65
N MET E 627 -20.33 -79.21 9.66
CA MET E 627 -20.54 -79.80 10.97
C MET E 627 -21.69 -80.80 10.96
N VAL E 628 -22.59 -80.72 9.97
CA VAL E 628 -23.78 -81.55 9.98
C VAL E 628 -23.41 -83.03 9.83
N ALA E 629 -22.43 -83.34 8.99
CA ALA E 629 -22.00 -84.72 8.86
C ALA E 629 -21.48 -85.27 10.19
N ALA E 630 -20.64 -84.48 10.86
CA ALA E 630 -20.08 -84.93 12.13
C ALA E 630 -21.16 -85.08 13.19
N GLN E 631 -22.13 -84.16 13.16
CA GLN E 631 -23.26 -84.19 14.12
C GLN E 631 -24.15 -85.38 13.76
N ALA E 632 -24.37 -85.62 12.47
CA ALA E 632 -25.16 -86.81 12.04
C ALA E 632 -24.40 -88.06 12.51
N GLU E 633 -23.07 -88.03 12.45
CA GLU E 633 -22.24 -89.18 12.90
C GLU E 633 -22.51 -89.41 14.39
N ALA E 634 -22.73 -88.35 15.15
CA ALA E 634 -22.93 -88.52 16.60
C ALA E 634 -24.15 -89.41 16.81
N GLN E 635 -25.18 -89.22 15.98
CA GLN E 635 -26.36 -90.11 16.07
C GLN E 635 -25.94 -91.55 15.74
N LYS E 636 -25.10 -91.73 14.72
CA LYS E 636 -24.69 -93.10 14.31
C LYS E 636 -23.87 -93.79 15.40
N ALA E 637 -23.00 -93.05 16.08
CA ALA E 637 -22.22 -93.65 17.19
C ALA E 637 -23.15 -94.05 18.32
N THR E 638 -24.32 -93.41 18.43
CA THR E 638 -25.27 -93.89 19.48
C THR E 638 -25.59 -95.35 19.14
N ASN E 639 -25.81 -95.66 17.87
CA ASN E 639 -25.94 -97.09 17.50
C ASN E 639 -24.57 -97.77 17.56
N GLU E 640 -23.53 -97.17 16.97
CA GLU E 640 -22.20 -97.85 16.84
C GLU E 640 -21.45 -98.09 18.16
N THR E 641 -21.31 -97.08 19.01
CA THR E 641 -20.49 -97.25 20.24
C THR E 641 -21.15 -98.23 21.20
N ALA E 642 -22.48 -98.18 21.33
CA ALA E 642 -23.19 -99.03 22.30
C ALA E 642 -22.99 -100.49 21.92
N GLN E 643 -22.55 -100.74 20.69
CA GLN E 643 -22.33 -102.13 20.22
C GLN E 643 -21.32 -102.80 21.15
N THR E 644 -20.28 -102.07 21.57
CA THR E 644 -19.29 -102.65 22.51
C THR E 644 -19.96 -102.96 23.85
N GLN E 645 -20.84 -102.09 24.34
CA GLN E 645 -21.60 -102.39 25.59
C GLN E 645 -22.54 -103.59 25.38
N ILE E 646 -23.21 -103.67 24.23
CA ILE E 646 -24.12 -104.81 23.93
C ILE E 646 -23.25 -106.06 23.93
N LYS E 647 -22.08 -105.97 23.32
CA LYS E 647 -21.13 -107.11 23.31
C LYS E 647 -20.74 -107.41 24.77
N ALA E 648 -20.57 -106.38 25.60
CA ALA E 648 -20.10 -106.60 26.98
C ALA E 648 -21.09 -107.48 27.76
N PHE E 649 -22.40 -107.20 27.69
CA PHE E 649 -23.39 -108.07 28.37
C PHE E 649 -23.44 -109.47 27.74
N THR E 650 -23.44 -109.54 26.40
CA THR E 650 -23.55 -110.86 25.73
C THR E 650 -22.29 -111.66 26.05
N ALA E 651 -21.13 -111.01 26.08
CA ALA E 651 -19.85 -111.71 26.35
C ALA E 651 -19.88 -112.31 27.76
N GLN E 652 -20.57 -111.64 28.68
CA GLN E 652 -20.64 -112.13 30.08
C GLN E 652 -21.26 -113.53 30.05
N GLN E 653 -22.32 -113.71 29.26
CA GLN E 653 -22.96 -115.04 29.12
C GLN E 653 -21.96 -116.01 28.50
N ASP E 654 -21.23 -115.58 27.47
CA ASP E 654 -20.30 -116.50 26.76
C ASP E 654 -19.16 -116.88 27.69
N ALA E 655 -19.12 -116.31 28.90
CA ALA E 655 -18.10 -116.71 29.87
C ALA E 655 -18.70 -117.54 30.98
N MET E 656 -19.85 -117.15 31.51
CA MET E 656 -20.47 -117.96 32.56
C MET E 656 -20.98 -119.29 32.01
N GLU E 657 -21.46 -119.31 30.76
CA GLU E 657 -21.86 -120.56 30.14
C GLU E 657 -20.67 -121.51 30.01
N SER E 658 -19.56 -121.01 29.46
CA SER E 658 -18.36 -121.83 29.35
C SER E 658 -17.84 -122.23 30.73
N GLN E 659 -18.06 -121.38 31.74
CA GLN E 659 -17.69 -121.74 33.11
C GLN E 659 -18.46 -122.97 33.57
N ALA E 660 -19.77 -122.96 33.39
CA ALA E 660 -20.57 -124.13 33.76
C ALA E 660 -20.13 -125.36 32.97
N ASN E 661 -19.87 -125.18 31.67
CA ASN E 661 -19.48 -126.32 30.83
C ASN E 661 -18.16 -126.92 31.30
N THR E 662 -17.16 -126.09 31.57
CA THR E 662 -15.86 -126.60 31.99
C THR E 662 -15.93 -127.20 33.39
N VAL E 663 -16.75 -126.63 34.28
CA VAL E 663 -16.92 -127.22 35.60
C VAL E 663 -17.54 -128.61 35.48
N TYR E 664 -18.55 -128.77 34.64
CA TYR E 664 -19.13 -130.09 34.45
C TYR E 664 -18.13 -131.03 33.80
N LYS E 665 -17.31 -130.53 32.89
CA LYS E 665 -16.27 -131.36 32.28
C LYS E 665 -15.29 -131.88 33.34
N LEU E 666 -14.89 -131.00 34.26
CA LEU E 666 -14.03 -131.44 35.36
C LEU E 666 -14.72 -132.48 36.23
N ALA E 667 -16.00 -132.26 36.53
CA ALA E 667 -16.73 -133.23 37.33
C ALA E 667 -16.80 -134.59 36.62
N GLN E 668 -16.97 -134.57 35.29
CA GLN E 668 -17.08 -135.81 34.53
C GLN E 668 -15.72 -136.51 34.40
N ALA E 669 -14.63 -135.76 34.36
CA ALA E 669 -13.33 -136.35 34.08
C ALA E 669 -12.84 -137.28 35.20
N ARG E 670 -13.47 -137.24 36.37
CA ARG E 670 -13.08 -138.13 37.45
C ARG E 670 -13.40 -139.59 37.13
N ASN E 671 -14.46 -139.83 36.36
CA ASN E 671 -14.87 -141.17 35.96
C ASN E 671 -15.11 -142.07 37.17
N MET F 1 -83.61 -5.93 -25.36
CA MET F 1 -83.23 -7.31 -25.67
C MET F 1 -82.18 -7.36 -26.76
N ALA F 2 -81.98 -6.23 -27.44
CA ALA F 2 -81.02 -6.12 -28.54
C ALA F 2 -81.30 -7.15 -29.63
N GLU F 3 -82.48 -7.01 -30.24
CA GLU F 3 -82.90 -7.96 -31.26
C GLU F 3 -82.02 -7.88 -32.50
N THR F 4 -81.82 -6.68 -33.03
CA THR F 4 -81.09 -6.52 -34.28
C THR F 4 -79.60 -6.35 -34.05
N LEU F 5 -78.81 -6.74 -35.05
CA LEU F 5 -77.36 -6.58 -34.96
C LEU F 5 -76.97 -5.10 -34.92
N GLU F 6 -77.71 -4.24 -35.61
CA GLU F 6 -77.48 -2.81 -35.47
C GLU F 6 -77.70 -2.35 -34.04
N LYS F 7 -78.73 -2.89 -33.38
CA LYS F 7 -78.94 -2.58 -31.97
C LYS F 7 -77.82 -3.12 -31.10
N LYS F 8 -77.25 -4.26 -31.47
CA LYS F 8 -76.13 -4.81 -30.72
C LYS F 8 -74.83 -4.04 -30.92
N HIS F 9 -74.67 -3.38 -32.06
CA HIS F 9 -73.41 -2.73 -32.41
C HIS F 9 -73.08 -1.51 -31.54
N GLU F 10 -74.04 -0.63 -31.29
CA GLU F 10 -73.72 0.58 -30.54
C GLU F 10 -73.47 0.27 -29.07
N ARG F 11 -74.04 -0.81 -28.55
CA ARG F 11 -73.69 -1.25 -27.21
C ARG F 11 -72.23 -1.65 -27.13
N ILE F 12 -71.74 -2.35 -28.16
CA ILE F 12 -70.33 -2.71 -28.21
C ILE F 12 -69.47 -1.45 -28.30
N MET F 13 -69.90 -0.49 -29.12
CA MET F 13 -69.13 0.75 -29.23
C MET F 13 -69.07 1.50 -27.90
N LEU F 14 -70.21 1.56 -27.18
CA LEU F 14 -70.23 2.23 -25.88
C LEU F 14 -69.36 1.50 -24.87
N ARG F 15 -69.37 0.17 -24.90
CA ARG F 15 -68.50 -0.59 -24.00
C ARG F 15 -67.03 -0.34 -24.31
N PHE F 16 -66.69 -0.25 -25.60
CA PHE F 16 -65.31 0.08 -25.98
C PHE F 16 -64.93 1.45 -25.44
N ASP F 17 -65.82 2.43 -25.57
CA ASP F 17 -65.54 3.77 -25.06
C ASP F 17 -65.33 3.73 -23.55
N ARG F 18 -66.20 3.02 -22.83
CA ARG F 18 -66.09 2.93 -21.38
C ARG F 18 -64.83 2.21 -20.94
N ALA F 19 -64.36 1.25 -21.75
CA ALA F 19 -63.12 0.56 -21.42
C ALA F 19 -61.90 1.42 -21.71
N TYR F 20 -61.94 2.22 -22.77
CA TYR F 20 -60.80 3.07 -23.10
C TYR F 20 -60.68 4.29 -22.21
N SER F 21 -61.81 4.77 -21.67
CA SER F 21 -61.78 6.02 -20.91
C SER F 21 -60.84 6.00 -19.71
N PRO F 22 -60.92 5.02 -18.78
CA PRO F 22 -60.07 5.11 -17.57
C PRO F 22 -58.60 4.84 -17.85
N GLN F 23 -58.30 3.78 -18.59
CA GLN F 23 -56.92 3.33 -18.80
C GLN F 23 -56.29 4.05 -19.99
N LYS F 24 -56.10 5.36 -19.83
CA LYS F 24 -55.54 6.19 -20.88
C LYS F 24 -54.15 6.72 -20.57
N GLU F 25 -53.97 7.42 -19.46
CA GLU F 25 -52.69 8.04 -19.14
C GLU F 25 -51.61 7.06 -18.74
N VAL F 26 -51.95 5.79 -18.52
CA VAL F 26 -50.93 4.80 -18.20
C VAL F 26 -50.34 4.20 -19.47
N ARG F 27 -51.19 3.93 -20.46
CA ARG F 27 -50.70 3.38 -21.72
C ARG F 27 -49.85 4.40 -22.46
N GLU F 28 -50.13 5.69 -22.30
CA GLU F 28 -49.24 6.71 -22.86
C GLU F 28 -47.84 6.59 -22.27
N LYS F 29 -47.75 6.40 -20.96
CA LYS F 29 -46.45 6.24 -20.32
C LYS F 29 -45.76 4.97 -20.80
N CYS F 30 -46.51 3.89 -20.95
CA CYS F 30 -45.90 2.63 -21.44
C CYS F 30 -45.35 2.79 -22.85
N ILE F 31 -46.15 3.39 -23.74
CA ILE F 31 -45.70 3.61 -25.11
C ILE F 31 -44.50 4.54 -25.15
N GLU F 32 -44.52 5.60 -24.33
CA GLU F 32 -43.38 6.51 -24.27
C GLU F 32 -42.13 5.80 -23.79
N ALA F 33 -42.27 4.93 -22.79
CA ALA F 33 -41.10 4.19 -22.30
C ALA F 33 -40.54 3.26 -23.37
N THR F 34 -41.41 2.54 -24.07
CA THR F 34 -40.93 1.65 -25.14
C THR F 34 -40.23 2.45 -26.24
N ARG F 35 -40.82 3.57 -26.65
CA ARG F 35 -40.22 4.39 -27.70
C ARG F 35 -38.89 4.98 -27.24
N PHE F 36 -38.83 5.43 -25.99
CA PHE F 36 -37.60 5.98 -25.43
C PHE F 36 -36.49 4.93 -25.38
N ALA F 37 -36.83 3.70 -25.02
CA ALA F 37 -35.80 2.68 -24.90
C ALA F 37 -35.35 2.13 -26.24
N ARG F 38 -36.25 2.01 -27.22
CA ARG F 38 -35.95 1.23 -28.43
C ARG F 38 -35.75 2.06 -29.68
N VAL F 39 -36.57 3.08 -29.92
CA VAL F 39 -36.50 3.83 -31.18
C VAL F 39 -35.18 4.62 -31.23
N PRO F 40 -34.48 4.65 -32.36
CA PRO F 40 -33.20 5.37 -32.40
C PRO F 40 -33.30 6.85 -32.09
N GLY F 41 -34.41 7.50 -32.44
CA GLY F 41 -34.59 8.91 -32.16
C GLY F 41 -35.57 9.24 -31.07
N GLY F 42 -35.97 8.28 -30.24
CA GLY F 42 -37.02 8.52 -29.27
C GLY F 42 -36.61 9.21 -27.99
N GLN F 43 -35.31 9.34 -27.71
CA GLN F 43 -34.86 9.93 -26.46
C GLN F 43 -34.98 11.45 -26.46
N TRP F 44 -35.06 12.08 -27.63
CA TRP F 44 -35.27 13.52 -27.76
C TRP F 44 -36.65 13.86 -28.30
N GLU F 45 -37.59 12.92 -28.27
CA GLU F 45 -38.86 13.13 -28.97
C GLU F 45 -39.68 14.17 -28.23
N GLY F 46 -40.49 14.90 -28.99
CA GLY F 46 -41.27 16.00 -28.48
C GLY F 46 -40.63 17.36 -28.66
N ALA F 47 -39.32 17.40 -28.94
CA ALA F 47 -38.63 18.63 -29.25
C ALA F 47 -37.70 18.44 -30.45
N THR F 48 -38.17 17.71 -31.47
CA THR F 48 -37.32 17.38 -32.60
C THR F 48 -36.91 18.64 -33.37
N ALA F 49 -37.83 19.57 -33.55
CA ALA F 49 -37.58 20.81 -34.30
C ALA F 49 -37.49 21.96 -33.30
N ALA F 50 -36.29 22.22 -32.79
CA ALA F 50 -36.07 23.31 -31.87
C ALA F 50 -34.86 24.12 -32.33
N GLY F 51 -35.04 25.44 -32.43
CA GLY F 51 -33.96 26.28 -32.89
C GLY F 51 -34.37 27.73 -32.85
N THR F 52 -33.43 28.60 -33.22
CA THR F 52 -33.64 30.03 -33.23
C THR F 52 -33.37 30.58 -34.63
N LYS F 53 -33.73 31.85 -34.84
CA LYS F 53 -33.52 32.48 -36.13
C LYS F 53 -32.04 32.55 -36.47
N LEU F 54 -31.22 33.11 -35.57
CA LEU F 54 -29.78 33.18 -35.73
C LEU F 54 -29.42 33.78 -37.10
N ASP F 55 -29.70 35.07 -37.23
CA ASP F 55 -29.36 35.86 -38.42
C ASP F 55 -30.06 35.31 -39.67
N GLU F 56 -31.39 35.32 -39.62
CA GLU F 56 -32.24 35.03 -40.78
C GLU F 56 -32.00 33.63 -41.34
N GLN F 57 -31.91 32.66 -40.45
CA GLN F 57 -31.82 31.25 -40.84
C GLN F 57 -32.63 30.43 -39.85
N PHE F 58 -32.48 29.11 -39.89
CA PHE F 58 -33.12 28.26 -38.89
C PHE F 58 -32.18 27.16 -38.42
N GLU F 59 -30.95 27.53 -38.05
CA GLU F 59 -30.05 26.56 -37.44
C GLU F 59 -30.68 26.01 -36.16
N LYS F 60 -30.73 24.69 -36.06
CA LYS F 60 -31.34 24.00 -34.93
C LYS F 60 -30.27 23.52 -33.96
N TYR F 61 -30.68 23.37 -32.71
CA TYR F 61 -29.74 22.94 -31.68
C TYR F 61 -29.27 21.51 -31.97
N PRO F 62 -28.01 21.20 -31.71
CA PRO F 62 -27.54 19.80 -31.83
C PRO F 62 -28.10 18.98 -30.68
N LYS F 63 -28.63 17.80 -31.01
CA LYS F 63 -29.30 16.95 -30.02
C LYS F 63 -28.69 15.56 -30.12
N PHE F 64 -27.57 15.35 -29.44
CA PHE F 64 -26.91 14.06 -29.42
C PHE F 64 -27.64 13.10 -28.49
N GLU F 65 -27.53 11.82 -28.80
CA GLU F 65 -28.20 10.76 -28.04
C GLU F 65 -27.18 9.72 -27.61
N ILE F 66 -27.08 9.48 -26.31
CA ILE F 66 -26.20 8.46 -25.75
C ILE F 66 -27.08 7.57 -24.89
N ASN F 67 -27.43 6.39 -25.41
CA ASN F 67 -28.36 5.50 -24.72
C ASN F 67 -27.60 4.60 -23.75
N LYS F 68 -27.91 4.73 -22.46
CA LYS F 68 -27.24 3.94 -21.42
C LYS F 68 -28.23 3.24 -20.50
N VAL F 69 -29.52 3.27 -20.82
CA VAL F 69 -30.53 2.64 -19.97
C VAL F 69 -30.97 1.29 -20.49
N ALA F 70 -30.41 0.83 -21.61
CA ALA F 70 -30.84 -0.43 -22.21
C ALA F 70 -29.98 -1.62 -21.80
N THR F 71 -28.84 -1.40 -21.14
CA THR F 71 -27.95 -2.49 -20.80
C THR F 71 -28.59 -3.45 -19.81
N GLU F 72 -29.16 -2.92 -18.73
CA GLU F 72 -29.77 -3.79 -17.73
C GLU F 72 -31.04 -4.45 -18.28
N LEU F 73 -31.77 -3.75 -19.15
CA LEU F 73 -32.93 -4.37 -19.79
C LEU F 73 -32.51 -5.56 -20.65
N ASN F 74 -31.45 -5.40 -21.43
CA ASN F 74 -30.94 -6.51 -22.24
C ASN F 74 -30.45 -7.64 -21.33
N ARG F 75 -29.81 -7.30 -20.22
CA ARG F 75 -29.36 -8.33 -19.29
C ARG F 75 -30.52 -9.12 -18.72
N ILE F 76 -31.61 -8.42 -18.36
CA ILE F 76 -32.80 -9.09 -17.83
C ILE F 76 -33.42 -10.00 -18.87
N ILE F 77 -33.52 -9.51 -20.11
CA ILE F 77 -34.10 -10.34 -21.18
C ILE F 77 -33.25 -11.58 -21.41
N ALA F 78 -31.92 -11.42 -21.44
CA ALA F 78 -31.05 -12.57 -21.62
C ALA F 78 -31.16 -13.54 -20.44
N GLU F 79 -31.30 -13.01 -19.23
CA GLU F 79 -31.46 -13.87 -18.06
C GLU F 79 -32.72 -14.71 -18.17
N TYR F 80 -33.81 -14.10 -18.64
CA TYR F 80 -35.03 -14.88 -18.86
C TYR F 80 -34.82 -15.94 -19.94
N ARG F 81 -34.30 -15.53 -21.10
CA ARG F 81 -34.17 -16.47 -22.22
C ARG F 81 -33.19 -17.59 -21.94
N ASN F 82 -32.28 -17.41 -20.97
CA ASN F 82 -31.37 -18.50 -20.62
C ASN F 82 -32.11 -19.71 -20.07
N ASN F 83 -33.10 -19.50 -19.21
CA ASN F 83 -33.86 -20.58 -18.59
C ASN F 83 -35.35 -20.31 -18.70
N ARG F 84 -35.93 -20.74 -19.83
CA ARG F 84 -37.35 -20.55 -20.07
C ARG F 84 -38.18 -21.44 -19.15
N ILE F 85 -39.43 -21.02 -18.93
CA ILE F 85 -40.36 -21.74 -18.07
C ILE F 85 -41.64 -22.03 -18.85
N THR F 86 -42.33 -23.09 -18.45
CA THR F 86 -43.52 -23.56 -19.15
C THR F 86 -44.37 -24.35 -18.15
N VAL F 87 -45.69 -24.40 -18.41
CA VAL F 87 -46.66 -25.01 -17.52
C VAL F 87 -46.34 -26.48 -17.31
N LYS F 88 -46.38 -26.91 -16.05
CA LYS F 88 -46.16 -28.30 -15.67
C LYS F 88 -47.33 -28.78 -14.84
N PHE F 89 -47.70 -30.05 -15.03
CA PHE F 89 -48.83 -30.65 -14.33
C PHE F 89 -48.31 -31.65 -13.30
N ARG F 90 -48.74 -31.49 -12.05
CA ARG F 90 -48.36 -32.39 -10.97
C ARG F 90 -49.49 -33.35 -10.64
N PRO F 91 -49.19 -34.63 -10.42
CA PRO F 91 -50.23 -35.59 -10.08
C PRO F 91 -50.63 -35.47 -8.62
N GLY F 92 -51.77 -36.09 -8.29
CA GLY F 92 -52.28 -36.12 -6.95
C GLY F 92 -52.05 -37.45 -6.26
N ASP F 93 -52.82 -37.69 -5.20
CA ASP F 93 -52.71 -38.93 -4.43
C ASP F 93 -53.77 -39.91 -4.90
N ARG F 94 -53.63 -40.36 -6.14
CA ARG F 94 -54.56 -41.30 -6.75
C ARG F 94 -53.78 -42.31 -7.57
N GLU F 95 -54.46 -43.39 -7.95
CA GLU F 95 -53.79 -44.46 -8.68
C GLU F 95 -53.66 -44.15 -10.16
N ALA F 96 -54.44 -43.19 -10.67
CA ALA F 96 -54.39 -42.82 -12.09
C ALA F 96 -53.88 -41.40 -12.29
N SER F 97 -53.57 -40.69 -11.21
CA SER F 97 -53.16 -39.29 -11.32
C SER F 97 -51.85 -39.14 -12.07
N GLU F 98 -50.90 -40.05 -11.85
CA GLU F 98 -49.61 -39.95 -12.55
C GLU F 98 -49.79 -40.07 -14.06
N GLU F 99 -50.56 -41.06 -14.50
CA GLU F 99 -50.79 -41.24 -15.93
C GLU F 99 -51.57 -40.07 -16.50
N LEU F 100 -52.56 -39.57 -15.74
CA LEU F 100 -53.32 -38.42 -16.20
C LEU F 100 -52.43 -37.20 -16.38
N ALA F 101 -51.53 -36.94 -15.42
CA ALA F 101 -50.62 -35.81 -15.53
C ALA F 101 -49.67 -35.97 -16.71
N ASN F 102 -49.18 -37.20 -16.93
CA ASN F 102 -48.31 -37.45 -18.08
C ASN F 102 -49.03 -37.14 -19.38
N LYS F 103 -50.27 -37.62 -19.51
CA LYS F 103 -51.05 -37.31 -20.71
C LYS F 103 -51.24 -35.81 -20.88
N LEU F 104 -51.59 -35.11 -19.80
CA LEU F 104 -51.90 -33.69 -19.90
C LEU F 104 -50.68 -32.87 -20.31
N ASN F 105 -49.55 -33.10 -19.65
CA ASN F 105 -48.37 -32.30 -19.98
C ASN F 105 -47.63 -32.85 -21.20
N GLY F 106 -48.05 -33.97 -21.76
CA GLY F 106 -47.59 -34.35 -23.08
C GLY F 106 -48.37 -33.65 -24.16
N LEU F 107 -49.71 -33.60 -24.00
CA LEU F 107 -50.54 -32.89 -24.95
C LEU F 107 -50.21 -31.41 -24.96
N PHE F 108 -50.03 -30.80 -23.79
CA PHE F 108 -49.67 -29.39 -23.72
C PHE F 108 -48.32 -29.14 -24.37
N ARG F 109 -47.35 -30.03 -24.15
CA ARG F 109 -46.04 -29.87 -24.76
C ARG F 109 -46.15 -29.93 -26.28
N ALA F 110 -46.93 -30.87 -26.81
CA ALA F 110 -47.09 -30.97 -28.25
C ALA F 110 -47.75 -29.71 -28.82
N ASP F 111 -48.80 -29.23 -28.16
CA ASP F 111 -49.48 -28.03 -28.64
C ASP F 111 -48.54 -26.82 -28.60
N TYR F 112 -47.75 -26.69 -27.55
CA TYR F 112 -46.79 -25.60 -27.46
C TYR F 112 -45.71 -25.71 -28.54
N GLU F 113 -45.23 -26.92 -28.81
CA GLU F 113 -44.11 -27.09 -29.73
C GLU F 113 -44.53 -26.86 -31.17
N GLU F 114 -45.66 -27.42 -31.59
CA GLU F 114 -46.07 -27.31 -32.99
C GLU F 114 -46.83 -26.02 -33.29
N THR F 115 -46.66 -24.99 -32.49
CA THR F 115 -47.34 -23.71 -32.72
C THR F 115 -46.38 -22.61 -32.26
N ASP F 116 -46.88 -21.39 -32.14
CA ASP F 116 -46.05 -20.20 -31.90
C ASP F 116 -45.93 -19.85 -30.42
N GLY F 117 -45.95 -20.87 -29.55
CA GLY F 117 -45.92 -20.60 -28.13
C GLY F 117 -44.64 -19.91 -27.69
N GLY F 118 -43.50 -20.38 -28.20
CA GLY F 118 -42.23 -19.77 -27.82
C GLY F 118 -42.13 -18.31 -28.21
N GLU F 119 -42.50 -18.00 -29.46
CA GLU F 119 -42.47 -16.61 -29.91
C GLU F 119 -43.46 -15.76 -29.11
N ALA F 120 -44.65 -16.29 -28.84
CA ALA F 120 -45.63 -15.54 -28.06
C ALA F 120 -45.09 -15.21 -26.68
N CYS F 121 -44.52 -16.21 -25.99
CA CYS F 121 -43.98 -15.97 -24.65
C CYS F 121 -42.82 -14.98 -24.69
N ASP F 122 -41.93 -15.11 -25.68
CA ASP F 122 -40.80 -14.20 -25.77
C ASP F 122 -41.27 -12.77 -25.98
N ASN F 123 -42.21 -12.56 -26.91
CA ASN F 123 -42.71 -11.22 -27.16
C ASN F 123 -43.40 -10.65 -25.93
N ALA F 124 -44.20 -11.48 -25.25
CA ALA F 124 -44.90 -11.00 -24.05
C ALA F 124 -43.92 -10.57 -22.98
N PHE F 125 -42.88 -11.37 -22.74
CA PHE F 125 -41.93 -11.00 -21.69
C PHE F 125 -41.12 -9.78 -22.08
N ASP F 126 -40.74 -9.65 -23.36
CA ASP F 126 -40.02 -8.47 -23.80
C ASP F 126 -40.86 -7.21 -23.59
N ASP F 127 -42.13 -7.26 -23.98
CA ASP F 127 -43.01 -6.10 -23.78
C ASP F 127 -43.18 -5.79 -22.30
N ALA F 128 -43.36 -6.83 -21.48
CA ALA F 128 -43.54 -6.61 -20.05
C ALA F 128 -42.30 -5.96 -19.43
N ALA F 129 -41.11 -6.42 -19.81
CA ALA F 129 -39.89 -5.86 -19.26
C ALA F 129 -39.62 -4.45 -19.75
N THR F 130 -39.93 -4.15 -21.02
CA THR F 130 -39.64 -2.83 -21.54
C THR F 130 -40.68 -1.81 -21.13
N GLY F 131 -41.93 -2.02 -21.53
CA GLY F 131 -42.97 -1.06 -21.23
C GLY F 131 -43.68 -1.31 -19.92
N GLY F 132 -44.14 -2.54 -19.71
CA GLY F 132 -44.80 -2.90 -18.47
C GLY F 132 -46.05 -3.72 -18.66
N PHE F 133 -46.57 -3.76 -19.88
CA PHE F 133 -47.79 -4.50 -20.18
C PHE F 133 -47.55 -5.44 -21.35
N GLY F 134 -47.88 -6.71 -21.15
CA GLY F 134 -47.76 -7.70 -22.20
C GLY F 134 -48.92 -8.68 -22.15
N CYS F 135 -49.16 -9.33 -23.28
CA CYS F 135 -50.28 -10.26 -23.36
C CYS F 135 -50.06 -11.23 -24.52
N PHE F 136 -50.74 -12.36 -24.46
CA PHE F 136 -50.79 -13.31 -25.57
C PHE F 136 -52.15 -14.00 -25.54
N ARG F 137 -52.39 -14.82 -26.55
CA ARG F 137 -53.72 -15.33 -26.83
C ARG F 137 -53.70 -16.85 -26.99
N LEU F 138 -54.82 -17.49 -26.66
CA LEU F 138 -54.99 -18.93 -26.75
C LEU F 138 -56.24 -19.20 -27.58
N THR F 139 -56.05 -19.70 -28.80
CA THR F 139 -57.15 -19.90 -29.73
C THR F 139 -57.21 -21.36 -30.18
N SER F 140 -58.20 -21.65 -31.03
CA SER F 140 -58.38 -22.99 -31.59
C SER F 140 -58.52 -22.86 -33.11
N MET F 141 -57.94 -23.81 -33.84
CA MET F 141 -57.93 -23.78 -35.29
C MET F 141 -58.30 -25.15 -35.83
N LEU F 142 -58.78 -25.17 -37.08
CA LEU F 142 -59.24 -26.40 -37.74
C LEU F 142 -58.09 -26.98 -38.56
N VAL F 143 -57.52 -28.08 -38.08
CA VAL F 143 -56.46 -28.77 -38.79
C VAL F 143 -56.77 -30.25 -38.93
N ARG F 152 -59.94 -33.44 -35.68
CA ARG F 152 -60.01 -32.36 -36.66
C ARG F 152 -60.16 -31.02 -35.95
N GLN F 153 -59.72 -30.95 -34.70
CA GLN F 153 -59.73 -29.73 -33.91
C GLN F 153 -58.50 -29.70 -33.02
N ARG F 154 -57.97 -28.50 -32.80
CA ARG F 154 -56.76 -28.35 -32.01
C ARG F 154 -56.71 -26.96 -31.41
N ILE F 155 -56.04 -26.85 -30.26
CA ILE F 155 -55.85 -25.60 -29.55
C ILE F 155 -54.48 -25.05 -29.91
N ALA F 156 -54.42 -23.76 -30.23
CA ALA F 156 -53.19 -23.11 -30.66
C ALA F 156 -52.88 -21.93 -29.75
N ILE F 157 -51.63 -21.49 -29.79
CA ILE F 157 -51.16 -20.34 -29.03
C ILE F 157 -50.67 -19.28 -30.01
N GLU F 158 -51.19 -18.07 -29.88
CA GLU F 158 -50.85 -16.99 -30.80
C GLU F 158 -50.46 -15.75 -30.01
N PRO F 159 -49.53 -14.95 -30.54
CA PRO F 159 -49.10 -13.73 -29.85
C PRO F 159 -49.96 -12.53 -30.21
N ILE F 160 -49.84 -11.50 -29.37
CA ILE F 160 -50.52 -10.23 -29.57
C ILE F 160 -49.46 -9.15 -29.59
N TYR F 161 -49.48 -8.31 -30.62
CA TYR F 161 -48.51 -7.23 -30.78
C TYR F 161 -49.16 -5.90 -30.38
N ASP F 162 -48.34 -5.02 -29.81
CA ASP F 162 -48.79 -3.74 -29.27
C ASP F 162 -49.89 -3.94 -28.23
N PRO F 163 -49.63 -4.66 -27.14
CA PRO F 163 -50.68 -4.87 -26.15
C PRO F 163 -51.19 -3.59 -25.52
N SER F 164 -50.30 -2.62 -25.27
CA SER F 164 -50.70 -1.40 -24.58
C SER F 164 -51.71 -0.59 -25.37
N ARG F 165 -51.72 -0.69 -26.69
CA ARG F 165 -52.71 -0.01 -27.52
C ARG F 165 -53.60 -0.97 -28.28
N SER F 166 -53.63 -2.25 -27.88
CA SER F 166 -54.47 -3.21 -28.56
C SER F 166 -55.40 -3.97 -27.63
N VAL F 167 -55.04 -4.11 -26.37
CA VAL F 167 -55.78 -4.95 -25.43
C VAL F 167 -56.49 -4.04 -24.43
N TRP F 168 -57.79 -4.21 -24.30
CA TRP F 168 -58.60 -3.46 -23.34
C TRP F 168 -59.54 -4.43 -22.63
N PHE F 169 -59.74 -4.22 -21.33
CA PHE F 169 -60.51 -5.12 -20.50
C PHE F 169 -61.71 -4.43 -19.89
N ASP F 170 -62.54 -5.22 -19.22
CA ASP F 170 -63.69 -4.68 -18.51
C ASP F 170 -63.21 -3.79 -17.36
N PRO F 171 -63.65 -2.53 -17.28
CA PRO F 171 -63.19 -1.65 -16.21
C PRO F 171 -63.50 -2.12 -14.81
N ASP F 172 -64.49 -2.99 -14.64
CA ASP F 172 -64.85 -3.48 -13.30
C ASP F 172 -64.02 -4.69 -12.87
N ALA F 173 -63.09 -5.14 -13.71
CA ALA F 173 -62.19 -6.23 -13.34
C ALA F 173 -60.97 -5.65 -12.63
N LYS F 174 -60.64 -6.23 -11.48
CA LYS F 174 -59.56 -5.71 -10.65
C LYS F 174 -58.45 -6.71 -10.35
N LYS F 175 -58.59 -7.96 -10.74
CA LYS F 175 -57.59 -8.96 -10.41
C LYS F 175 -56.43 -8.92 -11.40
N TYR F 176 -55.31 -9.54 -11.01
CA TYR F 176 -54.13 -9.58 -11.86
C TYR F 176 -54.40 -10.33 -13.16
N ASP F 177 -55.07 -11.47 -13.08
CA ASP F 177 -55.35 -12.30 -14.24
C ASP F 177 -56.68 -11.97 -14.90
N LYS F 178 -57.43 -11.01 -14.36
CA LYS F 178 -58.70 -10.56 -14.94
C LYS F 178 -59.69 -11.72 -15.09
N SER F 179 -59.80 -12.56 -14.07
CA SER F 179 -60.80 -13.62 -14.09
C SER F 179 -62.21 -13.05 -14.09
N ASP F 180 -62.44 -12.01 -13.29
CA ASP F 180 -63.77 -11.41 -13.16
C ASP F 180 -64.01 -10.34 -14.23
N ALA F 181 -63.86 -10.72 -15.50
CA ALA F 181 -64.10 -9.83 -16.62
C ALA F 181 -65.25 -10.37 -17.46
N LEU F 182 -66.19 -9.50 -17.82
CA LEU F 182 -67.37 -9.89 -18.56
C LEU F 182 -67.25 -9.66 -20.06
N TRP F 183 -66.29 -8.86 -20.52
CA TRP F 183 -66.07 -8.65 -21.94
C TRP F 183 -64.68 -8.06 -22.14
N ALA F 184 -64.18 -8.17 -23.37
CA ALA F 184 -62.85 -7.69 -23.67
C ALA F 184 -62.73 -7.40 -25.16
N PHE F 185 -61.69 -6.64 -25.51
CA PHE F 185 -61.42 -6.25 -26.88
C PHE F 185 -59.99 -6.63 -27.26
N CYS F 186 -59.77 -6.81 -28.56
CA CYS F 186 -58.44 -7.10 -29.09
C CYS F 186 -58.36 -6.48 -30.48
N MET F 187 -57.65 -5.36 -30.59
CA MET F 187 -57.53 -4.62 -31.84
C MET F 187 -56.29 -5.05 -32.61
N TYR F 188 -56.34 -4.91 -33.94
CA TYR F 188 -55.18 -5.15 -34.77
C TYR F 188 -55.35 -4.42 -36.10
N SER F 189 -54.24 -4.13 -36.74
CA SER F 189 -54.23 -3.41 -38.01
C SER F 189 -54.38 -4.37 -39.18
N LEU F 190 -54.80 -3.81 -40.32
CA LEU F 190 -55.04 -4.59 -41.52
C LEU F 190 -54.84 -3.71 -42.73
N SER F 191 -54.57 -4.34 -43.87
CA SER F 191 -54.37 -3.63 -45.12
C SER F 191 -55.61 -3.73 -45.99
N PRO F 192 -55.85 -2.75 -46.89
CA PRO F 192 -57.05 -2.82 -47.73
C PRO F 192 -57.11 -4.06 -48.60
N GLU F 193 -55.97 -4.53 -49.12
CA GLU F 193 -55.98 -5.72 -49.96
C GLU F 193 -56.41 -6.95 -49.17
N LYS F 194 -55.91 -7.10 -47.94
CA LYS F 194 -56.33 -8.24 -47.13
C LYS F 194 -57.77 -8.09 -46.67
N TYR F 195 -58.21 -6.86 -46.39
CA TYR F 195 -59.60 -6.64 -46.02
C TYR F 195 -60.54 -6.98 -47.17
N GLU F 196 -60.07 -6.81 -48.41
CA GLU F 196 -60.85 -7.24 -49.56
C GLU F 196 -60.76 -8.74 -49.76
N ALA F 197 -59.60 -9.34 -49.49
CA ALA F 197 -59.42 -10.78 -49.66
C ALA F 197 -60.36 -11.55 -48.74
N GLU F 198 -60.32 -11.24 -47.45
CA GLU F 198 -61.36 -11.73 -46.55
C GLU F 198 -62.60 -10.87 -46.72
N TYR F 199 -63.70 -11.28 -46.10
CA TYR F 199 -64.96 -10.52 -46.09
C TYR F 199 -65.37 -10.29 -47.53
N GLY F 200 -65.37 -9.05 -48.03
CA GLY F 200 -65.69 -8.81 -49.43
C GLY F 200 -65.41 -7.38 -49.80
N LYS F 201 -65.42 -7.11 -51.10
CA LYS F 201 -65.24 -5.75 -51.60
C LYS F 201 -66.51 -4.92 -51.49
N LYS F 202 -67.64 -5.56 -51.21
CA LYS F 202 -68.92 -4.84 -51.17
C LYS F 202 -68.97 -3.74 -50.12
N PRO F 203 -68.61 -3.97 -48.85
CA PRO F 203 -68.74 -2.91 -47.86
C PRO F 203 -67.53 -2.00 -47.84
N PRO F 204 -67.73 -0.68 -47.88
CA PRO F 204 -66.60 0.25 -47.69
C PRO F 204 -65.83 0.00 -46.41
N THR F 205 -64.61 0.53 -46.33
CA THR F 205 -63.73 0.28 -45.20
C THR F 205 -63.91 1.36 -44.14
N SER F 206 -64.19 0.93 -42.91
CA SER F 206 -64.34 1.83 -41.78
C SER F 206 -63.40 1.38 -40.66
N LEU F 207 -62.69 2.34 -40.07
CA LEU F 207 -61.69 2.06 -39.06
C LEU F 207 -62.08 2.70 -37.72
N ASP F 208 -61.69 2.05 -36.63
CA ASP F 208 -62.01 2.53 -35.30
C ASP F 208 -61.13 3.73 -34.93
N VAL F 209 -61.56 4.46 -33.92
CA VAL F 209 -60.88 5.68 -33.46
C VAL F 209 -60.40 5.47 -32.03
N THR F 210 -59.13 5.77 -31.78
CA THR F 210 -58.57 5.67 -30.44
C THR F 210 -57.79 6.94 -30.07
N SER F 211 -57.28 7.64 -31.09
CA SER F 211 -56.47 8.84 -30.89
C SER F 211 -55.30 8.57 -29.94
N MET F 212 -54.72 7.38 -30.07
CA MET F 212 -53.67 6.91 -29.17
C MET F 212 -52.27 7.22 -29.68
N THR F 213 -51.91 6.70 -30.86
CA THR F 213 -50.58 6.92 -31.40
C THR F 213 -50.58 8.18 -32.27
N SER F 214 -49.50 8.38 -33.02
CA SER F 214 -49.13 9.64 -33.68
C SER F 214 -48.78 10.72 -32.67
N TRP F 215 -48.71 10.37 -31.38
CA TRP F 215 -48.29 11.29 -30.32
C TRP F 215 -46.80 11.52 -30.48
N GLU F 216 -46.45 12.58 -31.21
CA GLU F 216 -45.06 12.90 -31.53
C GLU F 216 -44.39 11.75 -32.28
N TYR F 217 -44.85 11.54 -33.52
CA TYR F 217 -44.24 10.55 -34.39
C TYR F 217 -44.61 10.88 -35.83
N ASN F 218 -43.75 10.51 -36.76
CA ASN F 218 -43.97 10.74 -38.19
C ASN F 218 -44.59 9.48 -38.80
N TRP F 219 -45.85 9.58 -39.21
CA TRP F 219 -46.58 8.46 -39.77
C TRP F 219 -46.43 8.43 -41.28
N PHE F 220 -46.34 7.23 -41.84
CA PHE F 220 -46.25 7.05 -43.28
C PHE F 220 -47.12 5.93 -43.83
N GLY F 221 -47.76 5.12 -42.99
CA GLY F 221 -48.70 4.13 -43.46
C GLY F 221 -50.10 4.69 -43.57
N ALA F 222 -50.51 5.02 -44.80
CA ALA F 222 -51.82 5.62 -45.05
C ALA F 222 -52.88 4.60 -45.42
N ASP F 223 -52.54 3.31 -45.38
CA ASP F 223 -53.46 2.24 -45.77
C ASP F 223 -53.67 1.23 -44.64
N VAL F 224 -53.94 1.70 -43.43
CA VAL F 224 -54.15 0.83 -42.28
C VAL F 224 -55.57 0.99 -41.78
N ILE F 225 -56.24 -0.13 -41.54
CA ILE F 225 -57.61 -0.17 -41.03
C ILE F 225 -57.59 -1.00 -39.76
N TYR F 226 -58.23 -0.50 -38.71
CA TYR F 226 -58.17 -1.13 -37.40
C TYR F 226 -59.42 -1.98 -37.19
N ILE F 227 -59.23 -3.27 -36.94
CA ILE F 227 -60.32 -4.21 -36.73
C ILE F 227 -60.14 -4.85 -35.35
N ALA F 228 -61.23 -4.92 -34.60
CA ALA F 228 -61.19 -5.42 -33.24
C ALA F 228 -62.08 -6.64 -33.09
N LYS F 229 -61.54 -7.67 -32.44
CA LYS F 229 -62.31 -8.84 -32.03
C LYS F 229 -62.85 -8.58 -30.62
N TYR F 230 -64.08 -8.99 -30.38
CA TYR F 230 -64.81 -8.64 -29.17
C TYR F 230 -65.28 -9.91 -28.48
N TYR F 231 -64.85 -10.10 -27.23
CA TYR F 231 -65.18 -11.28 -26.45
C TYR F 231 -66.23 -10.96 -25.39
N GLU F 232 -67.29 -11.76 -25.37
CA GLU F 232 -68.33 -11.67 -24.34
C GLU F 232 -68.54 -13.04 -23.72
N VAL F 233 -68.91 -13.04 -22.44
CA VAL F 233 -69.24 -14.25 -21.70
C VAL F 233 -70.67 -14.12 -21.20
N ARG F 234 -71.46 -15.17 -21.36
CA ARG F 234 -72.88 -15.15 -21.04
C ARG F 234 -73.25 -16.38 -20.22
N LYS F 235 -74.33 -16.27 -19.47
CA LYS F 235 -74.94 -17.39 -18.76
C LYS F 235 -76.23 -17.76 -19.46
N GLU F 236 -76.22 -18.91 -20.13
CA GLU F 236 -77.35 -19.35 -20.95
C GLU F 236 -77.77 -20.74 -20.51
N SER F 237 -79.09 -20.96 -20.53
CA SER F 237 -79.68 -22.24 -20.13
C SER F 237 -79.59 -23.23 -21.28
N VAL F 238 -79.20 -24.47 -20.95
CA VAL F 238 -79.09 -25.55 -21.92
C VAL F 238 -79.74 -26.80 -21.36
N ASP F 239 -80.05 -27.75 -22.23
CA ASP F 239 -80.66 -29.01 -21.84
C ASP F 239 -79.60 -30.10 -21.92
N VAL F 240 -79.43 -30.85 -20.83
CA VAL F 240 -78.45 -31.93 -20.77
C VAL F 240 -79.18 -33.25 -20.90
N ILE F 241 -78.63 -34.15 -21.74
CA ILE F 241 -79.20 -35.47 -21.99
C ILE F 241 -78.35 -36.50 -21.27
N SER F 242 -78.98 -37.36 -20.49
CA SER F 242 -78.30 -38.37 -19.71
C SER F 242 -78.53 -39.73 -20.37
N TYR F 243 -77.48 -40.25 -21.01
CA TYR F 243 -77.55 -41.57 -21.62
C TYR F 243 -77.07 -42.60 -20.61
N ARG F 244 -77.87 -43.64 -20.38
CA ARG F 244 -77.63 -44.61 -19.31
C ARG F 244 -77.47 -46.03 -19.86
N HIS F 245 -76.68 -46.20 -20.90
CA HIS F 245 -76.39 -47.54 -21.39
C HIS F 245 -75.52 -48.27 -20.38
N PRO F 246 -75.97 -49.42 -19.86
CA PRO F 246 -75.20 -50.10 -18.82
C PRO F 246 -73.80 -50.54 -19.25
N ILE F 247 -73.63 -50.90 -20.52
CA ILE F 247 -72.35 -51.45 -20.98
C ILE F 247 -71.29 -50.34 -20.99
N THR F 248 -70.12 -50.65 -20.41
CA THR F 248 -68.99 -49.73 -20.35
C THR F 248 -69.38 -48.40 -19.71
N GLY F 249 -69.76 -48.48 -18.44
CA GLY F 249 -70.16 -47.29 -17.70
C GLY F 249 -71.60 -46.90 -17.95
N GLU F 250 -72.32 -46.55 -16.91
CA GLU F 250 -73.75 -46.29 -17.00
C GLU F 250 -74.08 -44.81 -17.15
N ILE F 251 -73.66 -43.98 -16.20
CA ILE F 251 -74.06 -42.57 -16.20
C ILE F 251 -73.18 -41.81 -17.18
N ALA F 252 -73.82 -41.01 -18.05
CA ALA F 252 -73.09 -40.20 -19.01
C ALA F 252 -73.96 -39.02 -19.38
N THR F 253 -73.60 -37.82 -18.90
CA THR F 253 -74.36 -36.61 -19.13
C THR F 253 -73.74 -35.81 -20.26
N TYR F 254 -74.53 -35.50 -21.27
CA TYR F 254 -74.06 -34.76 -22.44
C TYR F 254 -74.98 -33.58 -22.70
N ASP F 255 -74.42 -32.53 -23.30
CA ASP F 255 -75.16 -31.33 -23.60
C ASP F 255 -75.99 -31.50 -24.88
N SER F 256 -76.88 -30.52 -25.12
CA SER F 256 -77.72 -30.55 -26.30
C SER F 256 -76.97 -30.21 -27.58
N ASP F 257 -75.70 -29.77 -27.48
CA ASP F 257 -74.94 -29.42 -28.67
C ASP F 257 -74.75 -30.63 -29.59
N GLN F 258 -74.49 -31.80 -28.99
CA GLN F 258 -74.38 -33.04 -29.76
C GLN F 258 -75.69 -33.80 -29.66
N VAL F 259 -76.25 -34.16 -30.82
CA VAL F 259 -77.56 -34.79 -30.91
C VAL F 259 -77.38 -36.16 -31.53
N GLU F 260 -78.37 -37.03 -31.29
CA GLU F 260 -78.29 -38.43 -31.73
C GLU F 260 -78.12 -38.54 -33.24
N ASP F 261 -78.57 -37.53 -34.00
CA ASP F 261 -78.39 -37.52 -35.44
C ASP F 261 -77.17 -36.71 -35.88
N ILE F 262 -76.86 -35.62 -35.19
CA ILE F 262 -75.68 -34.83 -35.53
C ILE F 262 -74.42 -35.67 -35.36
N GLU F 263 -74.35 -36.43 -34.28
CA GLU F 263 -73.28 -37.39 -34.05
C GLU F 263 -73.82 -38.78 -34.36
N ASP F 264 -73.08 -39.55 -35.16
CA ASP F 264 -73.55 -40.84 -35.64
C ASP F 264 -73.53 -41.89 -34.53
N GLU F 265 -74.45 -41.71 -33.58
CA GLU F 265 -74.55 -42.64 -32.45
C GLU F 265 -75.42 -43.84 -32.81
N LEU F 266 -76.50 -43.62 -33.55
CA LEU F 266 -77.36 -44.69 -34.06
C LEU F 266 -77.92 -45.56 -32.94
N ALA F 267 -78.01 -45.01 -31.73
CA ALA F 267 -78.50 -45.70 -30.54
C ALA F 267 -77.77 -47.02 -30.29
N ILE F 268 -76.54 -47.14 -30.77
CA ILE F 268 -75.78 -48.38 -30.61
C ILE F 268 -75.41 -48.59 -29.14
N ALA F 269 -74.90 -47.55 -28.49
CA ALA F 269 -74.49 -47.61 -27.10
C ALA F 269 -75.09 -46.44 -26.32
N GLY F 270 -76.36 -46.15 -26.57
CA GLY F 270 -77.02 -45.04 -25.89
C GLY F 270 -78.50 -45.24 -25.68
N PHE F 271 -78.96 -44.92 -24.47
CA PHE F 271 -80.38 -44.97 -24.12
C PHE F 271 -80.80 -43.58 -23.65
N HIS F 272 -81.98 -43.13 -24.09
CA HIS F 272 -82.39 -41.76 -23.81
C HIS F 272 -82.51 -41.50 -22.32
N GLU F 273 -83.10 -42.45 -21.59
CA GLU F 273 -83.26 -42.37 -20.14
C GLU F 273 -83.99 -41.08 -19.76
N VAL F 274 -83.32 -40.16 -19.07
CA VAL F 274 -83.89 -38.89 -18.67
C VAL F 274 -83.10 -37.76 -19.32
N ALA F 275 -83.81 -36.84 -19.99
CA ALA F 275 -83.18 -35.71 -20.64
C ALA F 275 -83.98 -34.43 -20.44
N ARG F 276 -84.84 -34.40 -19.41
CA ARG F 276 -85.66 -33.23 -19.14
C ARG F 276 -84.99 -32.20 -18.23
N ARG F 277 -83.83 -32.53 -17.66
CA ARG F 277 -83.16 -31.60 -16.77
C ARG F 277 -82.46 -30.51 -17.56
N SER F 278 -82.86 -29.27 -17.36
CA SER F 278 -82.25 -28.11 -17.99
C SER F 278 -81.62 -27.24 -16.92
N VAL F 279 -80.35 -26.89 -17.09
CA VAL F 279 -79.59 -26.15 -16.08
C VAL F 279 -78.79 -25.06 -16.77
N LYS F 280 -78.42 -24.04 -16.01
CA LYS F 280 -77.62 -22.93 -16.52
C LYS F 280 -76.15 -23.31 -16.57
N ARG F 281 -75.45 -22.82 -17.59
CA ARG F 281 -74.02 -23.03 -17.74
C ARG F 281 -73.37 -21.74 -18.21
N ARG F 282 -72.06 -21.64 -17.98
CA ARG F 282 -71.27 -20.49 -18.42
C ARG F 282 -70.75 -20.74 -19.83
N ARG F 283 -71.06 -19.82 -20.74
CA ARG F 283 -70.64 -19.93 -22.12
C ARG F 283 -70.04 -18.61 -22.59
N VAL F 284 -69.12 -18.69 -23.54
CA VAL F 284 -68.34 -17.54 -23.98
C VAL F 284 -68.33 -17.48 -25.51
N TYR F 285 -68.52 -16.27 -26.04
CA TYR F 285 -68.66 -16.03 -27.47
C TYR F 285 -67.58 -15.09 -27.96
N VAL F 286 -67.35 -15.09 -29.27
CA VAL F 286 -66.42 -14.19 -29.92
C VAL F 286 -67.12 -13.54 -31.11
N SER F 287 -66.66 -12.34 -31.47
CA SER F 287 -67.23 -11.60 -32.58
C SER F 287 -66.17 -10.66 -33.14
N VAL F 288 -66.38 -10.24 -34.38
CA VAL F 288 -65.48 -9.31 -35.06
C VAL F 288 -66.32 -8.12 -35.52
N VAL F 289 -65.86 -6.90 -35.18
CA VAL F 289 -66.59 -5.68 -35.49
C VAL F 289 -65.63 -4.65 -36.05
N ASP F 290 -66.19 -3.57 -36.57
CA ASP F 290 -65.43 -2.44 -37.06
C ASP F 290 -66.20 -1.16 -36.72
N GLY F 291 -65.83 -0.05 -37.36
CA GLY F 291 -66.51 1.19 -37.14
C GLY F 291 -67.88 1.28 -37.77
N ASP F 292 -68.25 0.33 -38.63
CA ASP F 292 -69.54 0.33 -39.30
C ASP F 292 -70.49 -0.73 -38.74
N GLY F 293 -70.07 -1.99 -38.74
CA GLY F 293 -70.95 -3.05 -38.29
C GLY F 293 -70.23 -4.34 -37.92
N PHE F 294 -70.83 -5.48 -38.28
CA PHE F 294 -70.29 -6.79 -37.94
C PHE F 294 -69.59 -7.36 -39.15
N LEU F 295 -68.28 -7.61 -39.03
CA LEU F 295 -67.57 -8.35 -40.07
C LEU F 295 -67.86 -9.85 -39.97
N GLU F 296 -68.04 -10.35 -38.76
CA GLU F 296 -68.41 -11.75 -38.53
C GLU F 296 -69.45 -11.80 -37.42
N LYS F 297 -70.48 -12.61 -37.62
CA LYS F 297 -71.52 -12.73 -36.61
C LYS F 297 -70.98 -13.47 -35.38
N PRO F 298 -71.51 -13.17 -34.20
CA PRO F 298 -71.01 -13.80 -32.98
C PRO F 298 -71.17 -15.31 -33.01
N ARG F 299 -70.19 -16.00 -32.44
CA ARG F 299 -70.20 -17.46 -32.37
C ARG F 299 -69.51 -17.91 -31.09
N ARG F 300 -70.02 -18.99 -30.50
CA ARG F 300 -69.49 -19.49 -29.25
C ARG F 300 -68.14 -20.17 -29.49
N ILE F 301 -67.25 -20.06 -28.50
CA ILE F 301 -65.94 -20.69 -28.61
C ILE F 301 -65.82 -21.75 -27.52
N PRO F 302 -65.01 -22.80 -27.72
CA PRO F 302 -65.03 -23.92 -26.76
C PRO F 302 -64.18 -23.68 -25.52
N GLY F 303 -64.79 -22.99 -24.55
CA GLY F 303 -64.09 -22.73 -23.31
C GLY F 303 -65.02 -22.12 -22.28
N GLU F 304 -64.42 -21.72 -21.16
CA GLU F 304 -65.15 -21.10 -20.07
C GLU F 304 -64.64 -19.72 -19.69
N HIS F 305 -63.38 -19.41 -19.99
CA HIS F 305 -62.77 -18.13 -19.65
C HIS F 305 -62.38 -17.37 -20.91
N ILE F 306 -62.23 -16.07 -20.75
CA ILE F 306 -61.73 -15.22 -21.84
C ILE F 306 -60.28 -15.62 -22.13
N PRO F 307 -59.93 -15.95 -23.37
CA PRO F 307 -58.60 -16.54 -23.62
C PRO F 307 -57.48 -15.51 -23.69
N LEU F 308 -57.72 -14.29 -23.23
CA LEU F 308 -56.68 -13.27 -23.19
C LEU F 308 -55.93 -13.38 -21.88
N ILE F 309 -54.62 -13.56 -21.97
CA ILE F 309 -53.76 -13.79 -20.82
C ILE F 309 -52.77 -12.64 -20.71
N PRO F 310 -53.00 -11.69 -19.81
CA PRO F 310 -52.09 -10.56 -19.66
C PRO F 310 -50.88 -10.89 -18.81
N VAL F 311 -49.76 -10.25 -19.14
CA VAL F 311 -48.51 -10.37 -18.40
C VAL F 311 -48.06 -8.97 -17.99
N TYR F 312 -47.79 -8.78 -16.71
CA TYR F 312 -47.41 -7.48 -16.17
C TYR F 312 -46.01 -7.56 -15.57
N GLY F 313 -45.26 -6.48 -15.77
CA GLY F 313 -43.94 -6.38 -15.15
C GLY F 313 -44.05 -6.11 -13.66
N LYS F 314 -44.55 -4.92 -13.32
CA LYS F 314 -44.94 -4.63 -11.94
C LYS F 314 -46.30 -3.96 -11.98
N ARG F 315 -47.23 -4.45 -11.16
CA ARG F 315 -48.62 -4.00 -11.21
C ARG F 315 -49.13 -3.72 -9.81
N TRP F 316 -49.91 -2.65 -9.68
CA TRP F 316 -50.51 -2.27 -8.40
C TRP F 316 -51.88 -1.66 -8.66
N PHE F 317 -52.65 -1.55 -7.58
CA PHE F 317 -53.97 -0.92 -7.60
C PHE F 317 -53.97 0.17 -6.54
N ILE F 318 -53.87 1.43 -6.98
CA ILE F 318 -53.63 2.56 -6.08
C ILE F 318 -54.89 3.38 -5.83
N ASP F 319 -55.43 4.01 -6.88
CA ASP F 319 -56.65 4.83 -6.74
C ASP F 319 -57.63 4.41 -7.84
N ASP F 320 -58.38 3.34 -7.56
CA ASP F 320 -59.44 2.85 -8.45
C ASP F 320 -58.96 2.62 -9.87
N ILE F 321 -57.65 2.55 -10.07
CA ILE F 321 -57.04 2.42 -11.39
C ILE F 321 -55.87 1.45 -11.29
N GLU F 322 -55.79 0.54 -12.25
CA GLU F 322 -54.65 -0.36 -12.34
C GLU F 322 -53.44 0.38 -12.90
N ARG F 323 -52.31 0.29 -12.21
CA ARG F 323 -51.09 0.97 -12.63
C ARG F 323 -50.00 -0.06 -12.85
N VAL F 324 -49.24 0.12 -13.93
CA VAL F 324 -48.19 -0.81 -14.31
C VAL F 324 -46.90 -0.04 -14.52
N GLU F 325 -45.78 -0.74 -14.36
CA GLU F 325 -44.46 -0.15 -14.53
C GLU F 325 -43.47 -1.23 -14.90
N GLY F 326 -42.49 -0.86 -15.72
CA GLY F 326 -41.44 -1.77 -16.15
C GLY F 326 -40.08 -1.44 -15.58
N HIS F 327 -39.10 -1.19 -16.47
CA HIS F 327 -37.74 -0.96 -16.04
C HIS F 327 -37.09 0.26 -16.70
N ILE F 328 -37.87 1.09 -17.39
CA ILE F 328 -37.31 2.23 -18.11
C ILE F 328 -37.94 3.52 -17.59
N ALA F 329 -39.08 3.39 -16.91
CA ALA F 329 -39.83 4.56 -16.48
C ALA F 329 -39.04 5.41 -15.50
N LYS F 330 -38.31 4.78 -14.58
CA LYS F 330 -37.67 5.51 -13.49
C LYS F 330 -36.47 6.33 -13.92
N ALA F 331 -35.79 5.97 -15.00
CA ALA F 331 -34.52 6.58 -15.37
C ALA F 331 -34.63 7.47 -16.61
N MET F 332 -35.83 7.97 -16.92
CA MET F 332 -35.98 8.80 -18.11
C MET F 332 -35.35 10.18 -17.91
N ASP F 333 -35.62 10.81 -16.77
CA ASP F 333 -35.11 12.17 -16.52
C ASP F 333 -33.59 12.23 -16.46
N PRO F 334 -32.89 11.37 -15.71
CA PRO F 334 -31.42 11.46 -15.72
C PRO F 334 -30.83 11.29 -17.11
N GLN F 335 -31.37 10.40 -17.92
CA GLN F 335 -30.82 10.19 -19.26
C GLN F 335 -31.09 11.38 -20.16
N ARG F 336 -32.32 11.90 -20.15
CA ARG F 336 -32.64 13.03 -21.01
C ARG F 336 -32.07 14.34 -20.49
N LEU F 337 -31.51 14.35 -19.28
CA LEU F 337 -30.74 15.49 -18.82
C LEU F 337 -29.25 15.33 -19.15
N TYR F 338 -28.74 14.09 -19.06
CA TYR F 338 -27.35 13.81 -19.43
C TYR F 338 -27.11 14.12 -20.90
N ASN F 339 -28.07 13.77 -21.76
CA ASN F 339 -27.92 14.06 -23.18
C ASN F 339 -27.80 15.57 -23.43
N LEU F 340 -28.66 16.34 -22.77
CA LEU F 340 -28.62 17.80 -22.93
C LEU F 340 -27.30 18.37 -22.43
N GLN F 341 -26.81 17.86 -21.29
CA GLN F 341 -25.53 18.34 -20.78
C GLN F 341 -24.40 18.05 -21.75
N VAL F 342 -24.40 16.85 -22.34
CA VAL F 342 -23.36 16.49 -23.31
C VAL F 342 -23.43 17.41 -24.52
N SER F 343 -24.64 17.67 -25.02
CA SER F 343 -24.77 18.53 -26.20
C SER F 343 -24.30 19.96 -25.92
N MET F 344 -24.69 20.51 -24.76
CA MET F 344 -24.30 21.88 -24.44
C MET F 344 -22.82 21.98 -24.09
N LEU F 345 -22.19 20.87 -23.71
CA LEU F 345 -20.74 20.87 -23.60
C LEU F 345 -20.08 20.83 -24.97
N ALA F 346 -20.62 20.02 -25.88
CA ALA F 346 -20.01 19.83 -27.18
C ALA F 346 -20.02 21.12 -28.00
N ASP F 347 -21.17 21.81 -28.03
CA ASP F 347 -21.24 23.03 -28.83
C ASP F 347 -20.32 24.12 -28.27
N THR F 348 -20.27 24.26 -26.94
CA THR F 348 -19.38 25.24 -26.33
C THR F 348 -17.92 24.91 -26.63
N ALA F 349 -17.56 23.63 -26.56
CA ALA F 349 -16.19 23.25 -26.90
C ALA F 349 -15.86 23.56 -28.35
N ALA F 350 -16.80 23.30 -29.26
CA ALA F 350 -16.57 23.56 -30.67
C ALA F 350 -16.53 25.04 -30.99
N GLN F 351 -17.09 25.89 -30.13
CA GLN F 351 -17.16 27.32 -30.44
C GLN F 351 -15.77 27.93 -30.60
N ASP F 352 -14.98 27.98 -29.51
CA ASP F 352 -13.71 28.70 -29.50
C ASP F 352 -12.55 27.72 -29.32
N PRO F 353 -11.82 27.41 -30.39
CA PRO F 353 -10.78 26.38 -30.28
C PRO F 353 -9.52 26.86 -29.58
N GLY F 354 -9.02 28.05 -29.89
CA GLY F 354 -7.72 28.45 -29.38
C GLY F 354 -7.54 29.91 -29.03
N GLN F 355 -6.35 30.46 -29.32
CA GLN F 355 -5.98 31.81 -28.94
C GLN F 355 -5.45 32.57 -30.14
N ILE F 356 -5.84 33.83 -30.25
CA ILE F 356 -5.37 34.72 -31.32
C ILE F 356 -4.90 36.03 -30.68
N PRO F 357 -3.77 36.59 -31.11
CA PRO F 357 -3.36 37.90 -30.59
C PRO F 357 -4.22 39.02 -31.15
N ILE F 358 -4.28 40.12 -30.39
CA ILE F 358 -5.02 41.31 -30.78
C ILE F 358 -4.03 42.47 -30.89
N VAL F 359 -4.01 43.10 -32.06
CA VAL F 359 -3.07 44.18 -32.35
C VAL F 359 -3.84 45.33 -32.99
N GLY F 360 -3.12 46.44 -33.20
CA GLY F 360 -3.71 47.59 -33.85
C GLY F 360 -3.34 47.69 -35.33
N MET F 361 -4.27 48.27 -36.10
CA MET F 361 -4.05 48.42 -37.52
C MET F 361 -2.80 49.24 -37.82
N GLU F 362 -2.68 50.41 -37.20
CA GLU F 362 -1.46 51.20 -37.33
C GLU F 362 -0.26 50.50 -36.72
N GLN F 363 -0.47 49.64 -35.71
CA GLN F 363 0.61 48.93 -35.06
C GLN F 363 1.27 47.90 -35.96
N ILE F 364 0.50 47.19 -36.78
CA ILE F 364 1.02 46.07 -37.55
C ILE F 364 0.99 46.33 -39.05
N ARG F 365 0.46 47.46 -39.50
CA ARG F 365 0.36 47.73 -40.92
C ARG F 365 1.73 47.70 -41.58
N GLY F 366 1.80 47.03 -42.74
CA GLY F 366 3.03 46.90 -43.49
C GLY F 366 3.90 45.73 -43.09
N LEU F 367 3.53 44.99 -42.03
CA LEU F 367 4.32 43.86 -41.56
C LEU F 367 3.49 42.59 -41.44
N GLU F 368 2.34 42.53 -42.11
CA GLU F 368 1.47 41.36 -41.98
C GLU F 368 2.05 40.16 -42.71
N LYS F 369 2.89 40.38 -43.72
CA LYS F 369 3.47 39.26 -44.46
C LYS F 369 4.36 38.40 -43.58
N HIS F 370 5.18 39.01 -42.73
CA HIS F 370 6.06 38.25 -41.87
C HIS F 370 5.28 37.46 -40.82
N TRP F 371 4.20 38.03 -40.30
CA TRP F 371 3.37 37.35 -39.33
C TRP F 371 2.51 36.25 -39.96
N GLU F 372 2.19 36.37 -41.24
CA GLU F 372 1.41 35.34 -41.92
C GLU F 372 2.16 34.01 -41.96
N ALA F 373 3.46 34.03 -42.24
CA ALA F 373 4.25 32.83 -42.45
C ALA F 373 5.18 32.54 -41.28
N ARG F 374 4.72 32.78 -40.05
CA ARG F 374 5.58 32.54 -38.89
C ARG F 374 5.63 31.08 -38.47
N ASN F 375 4.81 30.22 -39.08
CA ASN F 375 4.79 28.80 -38.72
C ASN F 375 5.50 27.92 -39.74
N LYS F 376 5.64 28.37 -40.98
CA LYS F 376 6.33 27.58 -42.00
C LYS F 376 7.80 27.94 -42.10
N LYS F 377 8.13 29.23 -42.06
CA LYS F 377 9.51 29.66 -42.02
C LYS F 377 10.02 29.59 -40.58
N ARG F 378 11.29 29.96 -40.39
CA ARG F 378 11.93 29.96 -39.07
C ARG F 378 12.51 31.34 -38.81
N PRO F 379 11.66 32.32 -38.51
CA PRO F 379 12.16 33.69 -38.34
C PRO F 379 13.03 33.82 -37.10
N ALA F 380 14.04 34.67 -37.22
CA ALA F 380 14.87 35.00 -36.06
C ALA F 380 14.08 35.83 -35.05
N PHE F 381 13.15 36.65 -35.52
CA PHE F 381 12.32 37.47 -34.65
C PHE F 381 11.10 37.91 -35.45
N LEU F 382 10.25 38.71 -34.81
CA LEU F 382 9.06 39.23 -35.45
C LEU F 382 8.98 40.74 -35.23
N PRO F 383 8.78 41.53 -36.28
CA PRO F 383 8.73 42.98 -36.11
C PRO F 383 7.33 43.47 -35.76
N LEU F 384 7.29 44.56 -35.02
CA LEU F 384 6.02 45.20 -34.65
C LEU F 384 6.32 46.60 -34.13
N ARG F 385 5.33 47.47 -34.25
CA ARG F 385 5.44 48.85 -33.81
C ARG F 385 4.85 49.02 -32.42
N GLU F 386 4.93 50.25 -31.92
CA GLU F 386 4.37 50.62 -30.63
C GLU F 386 3.22 51.60 -30.82
N VAL F 387 2.36 51.67 -29.80
CA VAL F 387 1.13 52.45 -29.86
C VAL F 387 1.45 53.91 -29.59
N ARG F 388 1.01 54.78 -30.49
CA ARG F 388 1.21 56.22 -30.36
C ARG F 388 -0.13 56.93 -30.39
N ASP F 389 -0.24 58.00 -29.61
CA ASP F 389 -1.47 58.77 -29.55
C ASP F 389 -1.51 59.77 -30.71
N LYS F 390 -2.45 60.71 -30.65
CA LYS F 390 -2.60 61.68 -31.72
C LYS F 390 -1.41 62.64 -31.84
N SER F 391 -0.69 62.87 -30.74
CA SER F 391 0.39 63.85 -30.73
C SER F 391 1.75 63.26 -31.06
N GLY F 392 1.85 61.94 -31.23
CA GLY F 392 3.12 61.31 -31.55
C GLY F 392 3.90 60.79 -30.37
N ASN F 393 3.31 60.75 -29.18
CA ASN F 393 3.98 60.22 -28.00
C ASN F 393 3.70 58.73 -27.84
N ILE F 394 4.66 58.04 -27.24
CA ILE F 394 4.55 56.60 -27.02
C ILE F 394 3.86 56.35 -25.68
N ILE F 395 2.83 55.52 -25.70
CA ILE F 395 2.08 55.19 -24.49
C ILE F 395 2.08 53.71 -24.16
N ALA F 396 2.45 52.83 -25.09
CA ALA F 396 2.43 51.40 -24.85
C ALA F 396 3.65 50.76 -25.51
N GLY F 397 3.92 49.51 -25.14
CA GLY F 397 5.03 48.78 -25.69
C GLY F 397 4.75 48.21 -27.06
N ALA F 398 5.73 47.48 -27.58
CA ALA F 398 5.63 46.86 -28.90
C ALA F 398 4.97 45.49 -28.86
N THR F 399 4.63 44.99 -27.67
CA THR F 399 3.97 43.70 -27.56
C THR F 399 2.51 43.81 -27.99
N PRO F 400 1.90 42.73 -28.46
CA PRO F 400 0.46 42.74 -28.73
C PRO F 400 -0.32 43.05 -27.46
N ALA F 401 -1.45 43.73 -27.64
CA ALA F 401 -2.22 44.21 -26.50
C ALA F 401 -2.72 43.04 -25.64
N GLY F 402 -3.17 41.97 -26.26
CA GLY F 402 -3.66 40.84 -25.50
C GLY F 402 -3.92 39.65 -26.40
N TYR F 403 -4.45 38.59 -25.80
CA TYR F 403 -4.78 37.36 -26.50
C TYR F 403 -6.21 36.96 -26.18
N THR F 404 -6.87 36.36 -27.15
CA THR F 404 -8.24 35.90 -26.93
C THR F 404 -8.26 34.74 -25.94
N GLN F 405 -9.43 34.54 -25.34
CA GLN F 405 -9.56 33.51 -24.31
C GLN F 405 -10.11 32.23 -24.90
N PRO F 406 -9.45 31.09 -24.68
CA PRO F 406 -10.00 29.81 -25.14
C PRO F 406 -11.24 29.44 -24.34
N ALA F 407 -12.04 28.56 -24.92
CA ALA F 407 -13.28 28.13 -24.28
C ALA F 407 -12.99 27.39 -22.98
N VAL F 408 -13.94 27.48 -22.04
CA VAL F 408 -13.78 26.88 -20.72
C VAL F 408 -15.01 26.06 -20.39
N MET F 409 -14.84 25.14 -19.45
CA MET F 409 -15.92 24.30 -18.96
C MET F 409 -16.26 24.73 -17.54
N ASN F 410 -17.52 25.10 -17.31
CA ASN F 410 -17.95 25.45 -15.98
C ASN F 410 -18.10 24.20 -15.12
N GLN F 411 -17.97 24.39 -13.80
CA GLN F 411 -17.98 23.25 -12.89
C GLN F 411 -19.38 22.66 -12.74
N ALA F 412 -20.41 23.49 -12.93
CA ALA F 412 -21.78 23.00 -12.77
C ALA F 412 -22.10 21.91 -13.79
N LEU F 413 -21.68 22.11 -15.05
CA LEU F 413 -21.95 21.11 -16.08
C LEU F 413 -21.24 19.80 -15.78
N ALA F 414 -19.98 19.88 -15.32
CA ALA F 414 -19.24 18.66 -14.97
C ALA F 414 -19.90 17.94 -13.80
N ALA F 415 -20.33 18.69 -12.78
CA ALA F 415 -21.00 18.08 -11.65
C ALA F 415 -22.29 17.39 -12.09
N LEU F 416 -23.07 18.05 -12.95
CA LEU F 416 -24.30 17.44 -13.44
C LEU F 416 -24.01 16.18 -14.25
N LEU F 417 -22.99 16.23 -15.11
CA LEU F 417 -22.62 15.06 -15.90
C LEU F 417 -22.31 13.87 -15.00
N GLN F 418 -21.43 14.08 -14.03
CA GLN F 418 -21.05 12.99 -13.12
C GLN F 418 -22.26 12.50 -12.33
N GLN F 419 -23.10 13.43 -11.84
CA GLN F 419 -24.22 13.06 -11.01
C GLN F 419 -25.22 12.21 -11.78
N THR F 420 -25.61 12.64 -12.99
CA THR F 420 -26.56 11.85 -13.77
C THR F 420 -25.96 10.52 -14.20
N SER F 421 -24.66 10.51 -14.54
CA SER F 421 -24.03 9.26 -14.93
C SER F 421 -24.07 8.24 -13.79
N ALA F 422 -23.83 8.69 -12.55
CA ALA F 422 -23.91 7.78 -11.41
C ALA F 422 -25.37 7.39 -11.12
N ASP F 423 -26.28 8.35 -11.24
CA ASP F 423 -27.67 8.12 -10.86
C ASP F 423 -28.35 7.11 -11.77
N ILE F 424 -28.05 7.17 -13.08
CA ILE F 424 -28.64 6.19 -14.00
C ILE F 424 -28.28 4.78 -13.57
N GLN F 425 -26.98 4.55 -13.31
CA GLN F 425 -26.52 3.22 -12.94
C GLN F 425 -27.08 2.77 -11.59
N GLU F 426 -27.13 3.66 -10.60
CA GLU F 426 -27.62 3.22 -9.30
C GLU F 426 -29.13 2.96 -9.33
N VAL F 427 -29.87 3.76 -10.10
CA VAL F 427 -31.32 3.53 -10.19
C VAL F 427 -31.61 2.26 -10.96
N THR F 428 -30.94 2.04 -12.09
CA THR F 428 -31.23 0.90 -12.96
C THR F 428 -30.49 -0.33 -12.45
N GLY F 429 -31.08 -0.97 -11.45
CA GLY F 429 -30.51 -2.17 -10.86
C GLY F 429 -29.23 -1.92 -10.10
N MET F 450 -31.67 -16.59 -1.41
CA MET F 450 -31.21 -15.21 -1.37
C MET F 450 -30.45 -14.86 -2.64
N ASN F 451 -29.80 -15.86 -3.23
CA ASN F 451 -29.04 -15.63 -4.46
C ASN F 451 -29.96 -15.17 -5.58
N ARG F 452 -31.12 -15.81 -5.75
CA ARG F 452 -32.06 -15.37 -6.77
C ARG F 452 -32.67 -14.03 -6.42
N ALA F 453 -32.97 -13.80 -5.13
CA ALA F 453 -33.59 -12.55 -4.72
C ALA F 453 -32.64 -11.37 -4.88
N ASP F 454 -31.33 -11.62 -4.92
CA ASP F 454 -30.37 -10.54 -5.10
C ASP F 454 -30.52 -9.89 -6.47
N MET F 455 -30.82 -10.67 -7.50
CA MET F 455 -30.95 -10.13 -8.84
C MET F 455 -32.20 -9.27 -8.98
N ALA F 456 -32.23 -8.45 -10.02
CA ALA F 456 -33.34 -7.53 -10.24
C ALA F 456 -34.43 -8.11 -11.13
N SER F 457 -34.24 -9.29 -11.68
CA SER F 457 -35.21 -9.92 -12.58
C SER F 457 -36.18 -10.83 -11.86
N PHE F 458 -36.05 -10.96 -10.54
CA PHE F 458 -36.86 -11.93 -9.80
C PHE F 458 -38.34 -11.59 -9.88
N ILE F 459 -38.70 -10.31 -9.75
CA ILE F 459 -40.11 -9.93 -9.75
C ILE F 459 -40.72 -10.18 -11.13
N TYR F 460 -39.99 -9.86 -12.20
CA TYR F 460 -40.50 -10.13 -13.54
C TYR F 460 -40.68 -11.62 -13.77
N LEU F 461 -39.72 -12.44 -13.34
CA LEU F 461 -39.86 -13.88 -13.51
C LEU F 461 -41.03 -14.44 -12.71
N ASP F 462 -41.22 -13.93 -11.48
CA ASP F 462 -42.35 -14.39 -10.67
C ASP F 462 -43.69 -14.03 -11.31
N ASN F 463 -43.79 -12.80 -11.84
CA ASN F 463 -45.02 -12.40 -12.52
C ASN F 463 -45.26 -13.26 -13.75
N MET F 464 -44.20 -13.56 -14.51
CA MET F 464 -44.35 -14.45 -15.66
C MET F 464 -44.83 -15.83 -15.24
N ALA F 465 -44.30 -16.36 -14.14
CA ALA F 465 -44.73 -17.66 -13.66
C ALA F 465 -46.20 -17.65 -13.28
N LYS F 466 -46.64 -16.61 -12.57
CA LYS F 466 -48.03 -16.56 -12.16
C LYS F 466 -48.98 -16.25 -13.32
N SER F 467 -48.47 -15.69 -14.42
CA SER F 467 -49.27 -15.60 -15.63
C SER F 467 -49.34 -16.95 -16.36
N LEU F 468 -48.24 -17.69 -16.35
CA LEU F 468 -48.23 -19.02 -16.96
C LEU F 468 -49.17 -19.96 -16.24
N LYS F 469 -49.30 -19.83 -14.92
CA LYS F 469 -50.27 -20.65 -14.19
C LYS F 469 -51.69 -20.40 -14.69
N ARG F 470 -52.04 -19.12 -14.87
CA ARG F 470 -53.37 -18.78 -15.38
C ARG F 470 -53.56 -19.29 -16.79
N ALA F 471 -52.53 -19.17 -17.64
CA ALA F 471 -52.64 -19.70 -19.00
C ALA F 471 -52.87 -21.20 -19.00
N GLY F 472 -52.17 -21.92 -18.12
CA GLY F 472 -52.39 -23.35 -18.01
C GLY F 472 -53.78 -23.69 -17.53
N GLU F 473 -54.31 -22.91 -16.60
CA GLU F 473 -55.69 -23.14 -16.15
C GLU F 473 -56.68 -22.93 -17.28
N VAL F 474 -56.48 -21.88 -18.08
CA VAL F 474 -57.35 -21.63 -19.23
C VAL F 474 -57.27 -22.78 -20.23
N TRP F 475 -56.05 -23.26 -20.49
CA TRP F 475 -55.89 -24.38 -21.41
C TRP F 475 -56.58 -25.64 -20.87
N LEU F 476 -56.48 -25.87 -19.56
CA LEU F 476 -57.16 -27.02 -18.96
C LEU F 476 -58.67 -26.92 -19.12
N SER F 477 -59.23 -25.72 -18.92
CA SER F 477 -60.67 -25.56 -19.10
C SER F 477 -61.06 -25.72 -20.57
N MET F 478 -60.18 -25.31 -21.49
CA MET F 478 -60.47 -25.37 -22.91
C MET F 478 -60.38 -26.79 -23.47
N ALA F 479 -59.42 -27.59 -23.00
CA ALA F 479 -59.13 -28.87 -23.62
C ALA F 479 -60.22 -29.91 -23.42
N ARG F 480 -61.11 -29.73 -22.44
CA ARG F 480 -62.14 -30.73 -22.19
C ARG F 480 -63.13 -30.84 -23.33
N GLU F 481 -63.51 -29.71 -23.94
CA GLU F 481 -64.49 -29.74 -25.01
C GLU F 481 -63.88 -30.02 -26.38
N VAL F 482 -62.55 -30.01 -26.49
CA VAL F 482 -61.88 -30.26 -27.77
C VAL F 482 -61.34 -31.68 -27.84
N TYR F 483 -60.59 -32.10 -26.82
CA TYR F 483 -60.03 -33.44 -26.78
C TYR F 483 -60.92 -34.44 -26.06
N GLY F 484 -62.01 -33.99 -25.44
CA GLY F 484 -62.91 -34.88 -24.74
C GLY F 484 -62.50 -35.13 -23.30
N SER F 485 -63.44 -35.68 -22.53
CA SER F 485 -63.18 -36.01 -21.15
C SER F 485 -62.31 -37.26 -21.05
N GLU F 486 -61.60 -37.38 -19.94
CA GLU F 486 -60.70 -38.50 -19.70
C GLU F 486 -61.31 -39.44 -18.68
N ARG F 487 -61.20 -40.74 -18.95
CA ARG F 487 -61.67 -41.78 -18.04
C ARG F 487 -60.60 -42.85 -17.90
N GLU F 488 -60.51 -43.44 -16.71
CA GLU F 488 -59.52 -44.47 -16.41
C GLU F 488 -60.23 -45.82 -16.39
N VAL F 489 -60.13 -46.55 -17.51
CA VAL F 489 -60.78 -47.85 -17.66
C VAL F 489 -59.83 -48.77 -18.42
N ARG F 490 -59.22 -49.72 -17.70
CA ARG F 490 -58.51 -50.81 -18.35
C ARG F 490 -58.82 -52.18 -17.74
N ILE F 491 -59.28 -52.25 -16.51
CA ILE F 491 -59.60 -53.51 -15.86
C ILE F 491 -60.98 -53.99 -16.33
N VAL F 507 -57.35 -49.96 -15.03
CA VAL F 507 -56.97 -48.92 -14.07
C VAL F 507 -55.55 -48.47 -14.34
N VAL F 508 -54.80 -49.30 -15.07
CA VAL F 508 -53.39 -49.03 -15.36
C VAL F 508 -53.22 -48.36 -16.72
N ASP F 509 -54.29 -47.82 -17.30
CA ASP F 509 -54.22 -47.22 -18.63
C ASP F 509 -55.22 -46.08 -18.75
N ARG F 510 -55.05 -45.29 -19.80
CA ARG F 510 -55.89 -44.13 -20.09
C ARG F 510 -56.42 -44.24 -21.51
N GLN F 511 -57.65 -43.82 -21.72
CA GLN F 511 -58.17 -43.70 -23.08
C GLN F 511 -59.30 -42.69 -23.11
N THR F 512 -59.46 -42.04 -24.26
CA THR F 512 -60.64 -41.27 -24.61
C THR F 512 -60.95 -41.51 -26.08
N GLY F 513 -62.23 -41.65 -26.40
CA GLY F 513 -62.62 -41.98 -27.76
C GLY F 513 -64.01 -41.54 -28.13
N ALA F 514 -64.16 -40.96 -29.33
CA ALA F 514 -65.45 -40.49 -29.80
C ALA F 514 -65.34 -40.16 -31.28
N VAL F 515 -66.46 -40.32 -31.99
CA VAL F 515 -66.53 -39.85 -33.38
C VAL F 515 -66.34 -38.34 -33.42
N VAL F 516 -67.10 -37.62 -32.60
CA VAL F 516 -66.85 -36.23 -32.27
C VAL F 516 -66.69 -36.15 -30.76
N ALA F 517 -65.61 -35.50 -30.32
CA ALA F 517 -65.16 -35.56 -28.93
C ALA F 517 -66.30 -35.33 -27.95
N LEU F 518 -66.61 -36.35 -27.15
CA LEU F 518 -67.66 -36.29 -26.15
C LEU F 518 -67.07 -35.95 -24.80
N ASN F 519 -67.58 -34.89 -24.19
CA ASN F 519 -67.15 -34.45 -22.86
C ASN F 519 -68.28 -34.71 -21.88
N ASP F 520 -68.09 -35.70 -21.00
CA ASP F 520 -69.10 -36.07 -20.02
C ASP F 520 -69.05 -35.08 -18.86
N LEU F 521 -70.13 -34.32 -18.68
CA LEU F 521 -70.17 -33.31 -17.64
C LEU F 521 -70.16 -33.90 -16.23
N SER F 522 -70.40 -35.21 -16.10
CA SER F 522 -70.43 -35.85 -14.79
C SER F 522 -69.06 -36.31 -14.31
N VAL F 523 -68.02 -36.15 -15.13
CA VAL F 523 -66.68 -36.54 -14.71
C VAL F 523 -66.19 -35.65 -13.57
N GLY F 524 -66.43 -34.34 -13.67
CA GLY F 524 -66.02 -33.43 -12.64
C GLY F 524 -64.58 -32.98 -12.79
N ARG F 525 -64.10 -32.31 -11.73
CA ARG F 525 -62.75 -31.78 -11.73
C ARG F 525 -61.73 -32.91 -11.68
N TYR F 526 -60.60 -32.70 -12.34
CA TYR F 526 -59.53 -33.68 -12.34
C TYR F 526 -58.71 -33.56 -11.06
N ASP F 527 -57.79 -34.51 -10.87
CA ASP F 527 -56.90 -34.55 -9.72
C ASP F 527 -55.49 -34.11 -10.07
N VAL F 528 -55.37 -33.11 -10.94
CA VAL F 528 -54.08 -32.60 -11.36
C VAL F 528 -53.94 -31.16 -10.88
N THR F 529 -52.70 -30.77 -10.60
CA THR F 529 -52.41 -29.44 -10.07
C THR F 529 -51.51 -28.69 -11.04
N VAL F 530 -51.86 -27.43 -11.32
CA VAL F 530 -51.11 -26.60 -12.24
C VAL F 530 -49.87 -26.07 -11.53
N ASP F 531 -48.77 -25.99 -12.27
CA ASP F 531 -47.49 -25.56 -11.72
C ASP F 531 -46.59 -25.15 -12.89
N VAL F 532 -45.50 -24.45 -12.60
CA VAL F 532 -44.53 -24.06 -13.62
C VAL F 532 -43.23 -24.78 -13.37
N GLY F 533 -42.44 -24.93 -14.43
CA GLY F 533 -41.18 -25.62 -14.37
C GLY F 533 -40.32 -25.35 -15.57
N PRO F 534 -39.20 -26.07 -15.70
CA PRO F 534 -38.30 -25.86 -16.83
C PRO F 534 -38.96 -26.22 -18.15
N SER F 535 -38.53 -25.55 -19.21
CA SER F 535 -39.03 -25.81 -20.56
C SER F 535 -38.12 -26.80 -21.26
N TYR F 536 -38.71 -27.92 -21.69
CA TYR F 536 -37.97 -28.99 -22.35
C TYR F 536 -38.55 -29.22 -23.75
N THR F 537 -37.65 -29.46 -24.71
CA THR F 537 -38.09 -29.71 -26.07
C THR F 537 -38.68 -31.11 -26.23
N ALA F 538 -38.07 -32.10 -25.57
CA ALA F 538 -38.50 -33.48 -25.70
C ALA F 538 -38.58 -34.13 -24.33
N ARG F 539 -39.39 -35.20 -24.25
CA ARG F 539 -39.54 -35.91 -22.98
C ARG F 539 -38.24 -36.55 -22.53
N ARG F 540 -37.36 -36.92 -23.47
CA ARG F 540 -36.09 -37.51 -23.10
C ARG F 540 -35.24 -36.52 -22.32
N ASP F 541 -35.25 -35.24 -22.72
CA ASP F 541 -34.51 -34.23 -21.98
C ASP F 541 -35.02 -34.10 -20.55
N ALA F 542 -36.34 -34.11 -20.37
CA ALA F 542 -36.91 -34.01 -19.04
C ALA F 542 -36.52 -35.21 -18.19
N THR F 543 -36.61 -36.42 -18.76
CA THR F 543 -36.25 -37.61 -18.02
C THR F 543 -34.78 -37.59 -17.61
N VAL F 544 -33.91 -37.20 -18.55
CA VAL F 544 -32.48 -37.15 -18.25
C VAL F 544 -32.20 -36.12 -17.17
N SER F 545 -32.84 -34.95 -17.24
CA SER F 545 -32.60 -33.90 -16.25
C SER F 545 -33.04 -34.35 -14.86
N VAL F 546 -34.23 -34.95 -14.76
CA VAL F 546 -34.72 -35.39 -13.46
C VAL F 546 -33.84 -36.50 -12.90
N LEU F 547 -33.44 -37.45 -13.74
CA LEU F 547 -32.62 -38.55 -13.24
C LEU F 547 -31.22 -38.08 -12.85
N THR F 548 -30.65 -37.13 -13.60
CA THR F 548 -29.35 -36.58 -13.22
C THR F 548 -29.44 -35.80 -11.91
N ASN F 549 -30.54 -35.06 -11.73
CA ASN F 549 -30.75 -34.37 -10.46
C ASN F 549 -30.85 -35.37 -9.31
N VAL F 550 -31.53 -36.50 -9.54
CA VAL F 550 -31.59 -37.55 -8.52
C VAL F 550 -30.20 -38.07 -8.22
N LEU F 551 -29.42 -38.35 -9.26
CA LEU F 551 -28.04 -38.76 -9.10
C LEU F 551 -27.20 -37.58 -8.61
N SER F 552 -25.94 -37.84 -8.28
CA SER F 552 -24.95 -36.89 -7.78
C SER F 552 -25.30 -36.37 -6.39
N SER F 553 -26.46 -36.75 -5.84
CA SER F 553 -26.82 -36.42 -4.46
C SER F 553 -26.76 -37.64 -3.56
N MET F 554 -26.25 -38.76 -4.07
CA MET F 554 -26.14 -39.99 -3.32
C MET F 554 -24.66 -40.36 -3.16
N LEU F 555 -24.37 -41.15 -2.12
CA LEU F 555 -23.02 -41.61 -1.91
C LEU F 555 -22.62 -42.56 -3.03
N PRO F 556 -21.36 -42.50 -3.49
CA PRO F 556 -20.93 -43.35 -4.61
C PRO F 556 -21.12 -44.84 -4.38
N THR F 557 -21.21 -45.28 -3.13
CA THR F 557 -21.33 -46.70 -2.82
C THR F 557 -22.78 -47.18 -2.76
N ASP F 558 -23.73 -46.35 -3.14
CA ASP F 558 -25.13 -46.73 -3.05
C ASP F 558 -25.44 -47.84 -4.06
N PRO F 559 -26.43 -48.70 -3.76
CA PRO F 559 -26.69 -49.85 -4.65
C PRO F 559 -27.54 -49.51 -5.87
N MET F 560 -28.37 -48.47 -5.77
CA MET F 560 -29.23 -48.09 -6.88
C MET F 560 -28.55 -47.17 -7.89
N ARG F 561 -27.33 -46.73 -7.60
CA ARG F 561 -26.60 -45.89 -8.54
C ARG F 561 -26.38 -46.56 -9.90
N PRO F 562 -25.97 -47.83 -9.99
CA PRO F 562 -25.89 -48.46 -11.32
C PRO F 562 -27.22 -48.48 -12.06
N ALA F 563 -28.33 -48.70 -11.35
CA ALA F 563 -29.63 -48.68 -12.01
C ALA F 563 -29.96 -47.30 -12.55
N ILE F 564 -29.70 -46.26 -11.75
CA ILE F 564 -29.93 -44.90 -12.23
C ILE F 564 -29.08 -44.60 -13.44
N GLN F 565 -27.80 -45.01 -13.41
CA GLN F 565 -26.91 -44.76 -14.54
C GLN F 565 -27.40 -45.48 -15.79
N GLY F 566 -27.82 -46.74 -15.64
CA GLY F 566 -28.33 -47.47 -16.80
C GLY F 566 -29.56 -46.82 -17.40
N ILE F 567 -30.50 -46.40 -16.55
CA ILE F 567 -31.70 -45.74 -17.05
C ILE F 567 -31.34 -44.43 -17.73
N ILE F 568 -30.37 -43.70 -17.20
CA ILE F 568 -29.95 -42.43 -17.81
C ILE F 568 -29.37 -42.67 -19.20
N LEU F 569 -28.43 -43.61 -19.32
CA LEU F 569 -27.83 -43.86 -20.62
C LEU F 569 -28.81 -44.52 -21.59
N ASP F 570 -29.87 -45.14 -21.10
CA ASP F 570 -30.86 -45.73 -22.00
C ASP F 570 -31.64 -44.68 -22.78
N ASN F 571 -31.88 -43.51 -22.20
CA ASN F 571 -32.68 -42.48 -22.85
C ASN F 571 -31.85 -41.51 -23.69
N ILE F 572 -30.54 -41.71 -23.77
CA ILE F 572 -29.68 -40.83 -24.56
C ILE F 572 -29.95 -41.09 -26.03
N ASP F 573 -30.14 -40.01 -26.79
CA ASP F 573 -30.33 -40.08 -28.24
C ASP F 573 -29.11 -39.52 -28.94
N GLY F 574 -28.62 -40.24 -29.93
CA GLY F 574 -27.43 -39.82 -30.65
C GLY F 574 -27.24 -40.66 -31.90
N GLU F 575 -26.27 -40.24 -32.70
CA GLU F 575 -25.99 -40.86 -33.99
C GLU F 575 -24.96 -41.97 -33.82
N GLY F 576 -25.27 -43.15 -34.37
CA GLY F 576 -24.33 -44.26 -34.32
C GLY F 576 -24.19 -44.90 -32.97
N LEU F 577 -25.19 -44.77 -32.10
CA LEU F 577 -25.18 -45.36 -30.77
C LEU F 577 -26.11 -46.55 -30.66
N ASP F 578 -26.53 -47.12 -31.80
CA ASP F 578 -27.53 -48.19 -31.78
C ASP F 578 -26.99 -49.43 -31.08
N ASP F 579 -25.75 -49.82 -31.38
CA ASP F 579 -25.18 -51.02 -30.77
C ASP F 579 -24.99 -50.84 -29.27
N PHE F 580 -24.51 -49.67 -28.85
CA PHE F 580 -24.38 -49.42 -27.42
C PHE F 580 -25.74 -49.43 -26.73
N LYS F 581 -26.75 -48.84 -27.35
CA LYS F 581 -28.08 -48.84 -26.76
C LYS F 581 -28.63 -50.25 -26.65
N GLU F 582 -28.39 -51.09 -27.67
CA GLU F 582 -28.83 -52.47 -27.62
C GLU F 582 -28.12 -53.23 -26.50
N TYR F 583 -26.80 -53.02 -26.36
CA TYR F 583 -26.06 -53.70 -25.29
C TYR F 583 -26.55 -53.25 -23.92
N ASN F 584 -26.77 -51.96 -23.74
CA ASN F 584 -27.27 -51.45 -22.47
C ASN F 584 -28.66 -51.98 -22.16
N ARG F 585 -29.52 -52.05 -23.18
CA ARG F 585 -30.86 -52.61 -22.97
C ARG F 585 -30.79 -54.09 -22.60
N ASN F 586 -29.88 -54.84 -23.24
CA ASN F 586 -29.72 -56.25 -22.89
C ASN F 586 -29.28 -56.40 -21.43
N GLN F 587 -28.29 -55.60 -21.02
CA GLN F 587 -27.83 -55.67 -19.63
C GLN F 587 -28.90 -55.21 -18.66
N LEU F 588 -29.79 -54.32 -19.09
CA LEU F 588 -30.89 -53.89 -18.24
C LEU F 588 -31.95 -54.99 -18.11
N LEU F 589 -32.22 -55.71 -19.19
CA LEU F 589 -33.11 -56.87 -19.11
C LEU F 589 -32.53 -57.95 -18.20
N ILE F 590 -31.22 -58.18 -18.28
CA ILE F 590 -30.61 -59.20 -17.42
C ILE F 590 -30.82 -58.88 -15.95
N SER F 591 -30.93 -57.62 -15.58
CA SER F 591 -31.10 -57.22 -14.19
C SER F 591 -32.57 -57.15 -13.77
N GLY F 592 -33.49 -57.51 -14.65
CA GLY F 592 -34.90 -57.54 -14.31
C GLY F 592 -35.50 -56.18 -14.01
N ILE F 593 -35.18 -55.16 -14.81
CA ILE F 593 -35.67 -53.81 -14.57
C ILE F 593 -36.49 -53.26 -15.73
N ALA F 594 -36.27 -53.71 -16.97
CA ALA F 594 -36.82 -53.01 -18.13
C ALA F 594 -38.24 -53.43 -18.48
N LYS F 595 -38.73 -54.58 -18.01
CA LYS F 595 -40.11 -54.99 -18.26
C LYS F 595 -40.41 -55.04 -19.75
N PRO F 596 -39.93 -56.08 -20.47
CA PRO F 596 -40.06 -56.12 -21.94
C PRO F 596 -41.42 -55.67 -22.47
N ARG F 597 -41.42 -54.86 -23.51
CA ARG F 597 -42.68 -54.36 -24.07
C ARG F 597 -43.29 -55.36 -25.05
N ASN F 598 -43.31 -56.63 -24.62
CA ASN F 598 -44.13 -57.70 -25.20
C ASN F 598 -44.05 -57.79 -26.72
N GLU F 599 -42.84 -57.84 -27.29
CA GLU F 599 -42.72 -58.13 -28.71
C GLU F 599 -41.92 -59.40 -28.97
N LYS F 600 -40.65 -59.47 -28.55
CA LYS F 600 -39.80 -60.63 -28.76
C LYS F 600 -38.95 -61.00 -27.56
N GLU F 601 -38.63 -60.06 -26.67
CA GLU F 601 -37.72 -60.32 -25.58
C GLU F 601 -38.41 -60.85 -24.33
N GLN F 602 -39.74 -60.89 -24.31
CA GLN F 602 -40.45 -61.46 -23.18
C GLN F 602 -40.53 -62.99 -23.26
N GLN F 603 -40.27 -63.57 -24.43
CA GLN F 603 -40.30 -65.03 -24.57
C GLN F 603 -38.95 -65.63 -24.95
N ILE F 604 -38.02 -64.83 -25.47
CA ILE F 604 -36.72 -65.35 -25.88
C ILE F 604 -35.67 -64.96 -24.85
N VAL F 605 -35.56 -63.67 -24.55
CA VAL F 605 -34.56 -63.21 -23.59
C VAL F 605 -34.92 -63.69 -22.18
N GLN F 606 -36.22 -63.66 -21.84
CA GLN F 606 -36.65 -64.15 -20.52
C GLN F 606 -36.36 -65.64 -20.38
N GLN F 607 -36.73 -66.44 -21.38
CA GLN F 607 -36.41 -67.86 -21.37
C GLN F 607 -34.91 -68.08 -21.26
N ALA F 608 -34.13 -67.32 -22.03
CA ALA F 608 -32.68 -67.48 -22.05
C ALA F 608 -32.08 -67.20 -20.68
N GLN F 609 -32.49 -66.11 -20.04
CA GLN F 609 -31.86 -65.76 -18.77
C GLN F 609 -32.37 -66.62 -17.62
N MET F 610 -33.64 -67.05 -17.66
CA MET F 610 -34.09 -67.95 -16.61
C MET F 610 -33.39 -69.31 -16.72
N ALA F 611 -33.21 -69.80 -17.96
CA ALA F 611 -32.48 -71.04 -18.15
C ALA F 611 -31.01 -70.88 -17.77
N ALA F 612 -30.41 -69.72 -18.07
CA ALA F 612 -29.02 -69.46 -17.73
C ALA F 612 -28.82 -69.17 -16.25
N GLN F 613 -29.90 -68.94 -15.50
CA GLN F 613 -29.83 -68.88 -14.04
C GLN F 613 -30.08 -70.24 -13.41
N SER F 614 -30.91 -71.06 -14.05
CA SER F 614 -31.17 -72.41 -13.54
C SER F 614 -30.01 -73.36 -13.81
N GLN F 615 -29.37 -73.26 -14.97
CA GLN F 615 -28.31 -74.22 -15.32
C GLN F 615 -27.07 -74.14 -14.43
N PRO F 616 -26.55 -72.95 -14.03
CA PRO F 616 -25.30 -72.96 -13.24
C PRO F 616 -25.58 -73.13 -11.76
N ASN F 617 -26.79 -73.53 -11.41
CA ASN F 617 -27.10 -73.80 -10.01
C ASN F 617 -26.25 -74.93 -9.44
N PRO F 618 -26.08 -76.07 -10.10
CA PRO F 618 -25.11 -77.05 -9.60
C PRO F 618 -23.71 -76.50 -9.51
N GLU F 619 -23.30 -75.65 -10.45
CA GLU F 619 -21.96 -75.08 -10.41
C GLU F 619 -21.77 -74.19 -9.18
N MET F 620 -22.76 -73.35 -8.88
CA MET F 620 -22.59 -72.40 -7.79
C MET F 620 -22.80 -73.08 -6.44
N VAL F 621 -23.54 -74.18 -6.40
CA VAL F 621 -23.61 -74.94 -5.15
C VAL F 621 -22.34 -75.77 -4.97
N LEU F 622 -21.72 -76.20 -6.07
CA LEU F 622 -20.48 -76.95 -6.01
C LEU F 622 -19.28 -76.05 -5.71
N ALA F 623 -19.41 -74.74 -5.96
CA ALA F 623 -18.32 -73.83 -5.64
C ALA F 623 -17.92 -73.90 -4.17
N GLN F 624 -18.84 -74.29 -3.29
CA GLN F 624 -18.54 -74.44 -1.87
C GLN F 624 -19.18 -75.69 -1.28
N ALA F 625 -19.64 -76.62 -2.12
CA ALA F 625 -20.39 -77.78 -1.66
C ALA F 625 -19.49 -78.95 -1.26
N GLN F 626 -18.24 -78.68 -0.88
CA GLN F 626 -17.34 -79.75 -0.46
C GLN F 626 -17.89 -80.53 0.72
N MET F 627 -18.81 -79.94 1.49
CA MET F 627 -19.46 -80.65 2.59
C MET F 627 -20.48 -81.68 2.12
N VAL F 628 -20.85 -81.67 0.84
CA VAL F 628 -21.88 -82.59 0.37
C VAL F 628 -21.39 -84.03 0.44
N ALA F 629 -20.12 -84.27 0.12
CA ALA F 629 -19.58 -85.62 0.24
C ALA F 629 -19.64 -86.11 1.68
N ALA F 630 -19.25 -85.25 2.62
CA ALA F 630 -19.27 -85.62 4.03
C ALA F 630 -20.69 -85.89 4.51
N GLN F 631 -21.64 -85.01 4.13
CA GLN F 631 -23.02 -85.21 4.59
C GLN F 631 -23.63 -86.46 3.98
N ALA F 632 -23.31 -86.77 2.72
CA ALA F 632 -23.82 -87.99 2.11
C ALA F 632 -23.23 -89.22 2.78
N GLU F 633 -21.93 -89.21 3.06
CA GLU F 633 -21.31 -90.33 3.75
C GLU F 633 -21.93 -90.53 5.13
N ALA F 634 -22.10 -89.45 5.89
CA ALA F 634 -22.70 -89.57 7.21
C ALA F 634 -24.15 -90.03 7.13
N GLN F 635 -24.92 -89.52 6.17
CA GLN F 635 -26.32 -89.88 6.04
C GLN F 635 -26.48 -91.35 5.69
N LYS F 636 -25.67 -91.87 4.77
CA LYS F 636 -25.83 -93.28 4.43
C LYS F 636 -25.23 -94.16 5.52
N ALA F 637 -24.23 -93.67 6.25
CA ALA F 637 -23.78 -94.38 7.45
C ALA F 637 -24.91 -94.47 8.47
N THR F 638 -25.75 -93.45 8.55
CA THR F 638 -26.89 -93.44 9.45
C THR F 638 -27.86 -94.59 9.15
N ASN F 639 -27.82 -95.14 7.94
CA ASN F 639 -28.65 -96.31 7.61
C ASN F 639 -27.86 -97.61 7.56
N GLU F 640 -26.56 -97.55 7.28
CA GLU F 640 -25.73 -98.77 7.23
C GLU F 640 -25.23 -99.22 8.58
N THR F 641 -24.53 -98.34 9.31
CA THR F 641 -23.75 -98.75 10.47
C THR F 641 -24.58 -99.51 11.51
N ALA F 642 -25.91 -99.42 11.42
CA ALA F 642 -26.77 -100.28 12.23
C ALA F 642 -26.58 -101.75 11.89
N GLN F 643 -25.83 -102.06 10.84
CA GLN F 643 -25.43 -103.44 10.60
C GLN F 643 -24.61 -103.99 11.77
N THR F 644 -23.91 -103.12 12.50
CA THR F 644 -23.25 -103.57 13.72
C THR F 644 -24.25 -104.06 14.75
N GLN F 645 -25.35 -103.32 14.94
CA GLN F 645 -26.39 -103.76 15.87
C GLN F 645 -27.05 -105.04 15.40
N ILE F 646 -27.28 -105.15 14.08
CA ILE F 646 -27.88 -106.36 13.53
C ILE F 646 -26.95 -107.56 13.77
N LYS F 647 -25.65 -107.37 13.54
CA LYS F 647 -24.68 -108.43 13.79
C LYS F 647 -24.64 -108.79 15.27
N ALA F 648 -24.75 -107.80 16.16
CA ALA F 648 -24.78 -108.09 17.58
C ALA F 648 -26.01 -108.92 17.95
N PHE F 649 -27.16 -108.60 17.36
CA PHE F 649 -28.37 -109.38 17.64
C PHE F 649 -28.24 -110.80 17.12
N THR F 650 -27.69 -110.97 15.92
CA THR F 650 -27.47 -112.31 15.37
C THR F 650 -26.48 -113.09 16.24
N ALA F 651 -25.45 -112.41 16.73
CA ALA F 651 -24.47 -113.08 17.59
C ALA F 651 -25.09 -113.46 18.93
N GLN F 652 -26.01 -112.64 19.45
CA GLN F 652 -26.72 -113.00 20.68
C GLN F 652 -27.58 -114.23 20.47
N GLN F 653 -28.29 -114.29 19.34
CA GLN F 653 -29.08 -115.48 19.04
C GLN F 653 -28.19 -116.71 18.88
N ASP F 654 -27.03 -116.55 18.22
CA ASP F 654 -26.09 -117.66 18.12
C ASP F 654 -25.53 -118.04 19.48
N ALA F 655 -25.37 -117.07 20.38
CA ALA F 655 -24.85 -117.38 21.71
C ALA F 655 -25.86 -118.17 22.52
N MET F 656 -27.15 -117.82 22.46
CA MET F 656 -28.15 -118.62 23.15
C MET F 656 -28.28 -120.00 22.52
N GLU F 657 -28.16 -120.07 21.19
CA GLU F 657 -28.19 -121.37 20.52
C GLU F 657 -27.03 -122.24 20.98
N SER F 658 -25.82 -121.66 21.07
CA SER F 658 -24.67 -122.40 21.54
C SER F 658 -24.80 -122.77 23.02
N GLN F 659 -25.45 -121.92 23.81
CA GLN F 659 -25.74 -122.27 25.20
C GLN F 659 -26.60 -123.53 25.27
N ALA F 660 -27.66 -123.57 24.47
CA ALA F 660 -28.51 -124.77 24.43
C ALA F 660 -27.74 -125.98 23.90
N ASN F 661 -26.94 -125.77 22.86
CA ASN F 661 -26.11 -126.84 22.30
C ASN F 661 -25.21 -127.45 23.36
N THR F 662 -24.46 -126.62 24.08
CA THR F 662 -23.50 -127.15 25.01
C THR F 662 -24.18 -127.67 26.28
N VAL F 663 -25.35 -127.14 26.63
CA VAL F 663 -26.12 -127.74 27.72
C VAL F 663 -26.54 -129.16 27.35
N TYR F 664 -27.02 -129.36 26.12
CA TYR F 664 -27.33 -130.71 25.68
C TYR F 664 -26.08 -131.58 25.65
N LYS F 665 -24.94 -130.99 25.26
CA LYS F 665 -23.69 -131.74 25.24
C LYS F 665 -23.31 -132.20 26.64
N LEU F 666 -23.48 -131.33 27.63
CA LEU F 666 -23.22 -131.72 29.01
C LEU F 666 -24.19 -132.82 29.47
N ALA F 667 -25.46 -132.71 29.09
CA ALA F 667 -26.43 -133.74 29.46
C ALA F 667 -26.06 -135.08 28.85
N GLN F 668 -25.65 -135.10 27.59
CA GLN F 668 -25.35 -136.34 26.90
C GLN F 668 -24.00 -136.92 27.34
N ALA F 669 -23.09 -136.06 27.79
CA ALA F 669 -21.75 -136.50 28.16
C ALA F 669 -21.76 -137.46 29.35
N ARG F 670 -22.80 -137.41 30.19
CA ARG F 670 -22.90 -138.37 31.29
C ARG F 670 -23.08 -139.80 30.78
N ASN F 671 -23.57 -139.95 29.55
CA ASN F 671 -23.77 -141.26 28.92
C ASN F 671 -24.70 -142.15 29.74
N MET G 1 -60.01 -11.21 -62.90
CA MET G 1 -59.42 -12.53 -63.07
C MET G 1 -57.95 -12.42 -63.46
N ALA G 2 -57.61 -11.35 -64.19
CA ALA G 2 -56.27 -11.13 -64.71
C ALA G 2 -55.82 -12.29 -65.58
N GLU G 3 -56.56 -12.48 -66.69
CA GLU G 3 -56.24 -13.56 -67.62
C GLU G 3 -54.87 -13.37 -68.26
N THR G 4 -54.55 -12.12 -68.63
CA THR G 4 -53.33 -11.86 -69.36
C THR G 4 -52.16 -11.57 -68.41
N LEU G 5 -50.95 -11.82 -68.90
CA LEU G 5 -49.74 -11.62 -68.11
C LEU G 5 -49.46 -10.14 -67.85
N GLU G 6 -49.68 -9.27 -68.84
CA GLU G 6 -49.40 -7.86 -68.63
C GLU G 6 -50.29 -7.29 -67.53
N LYS G 7 -51.57 -7.67 -67.49
CA LYS G 7 -52.45 -7.22 -66.41
C LYS G 7 -51.97 -7.71 -65.05
N LYS G 8 -51.45 -8.94 -64.98
CA LYS G 8 -50.84 -9.42 -63.74
C LYS G 8 -49.61 -8.62 -63.35
N HIS G 9 -48.90 -8.05 -64.32
CA HIS G 9 -47.67 -7.31 -64.05
C HIS G 9 -47.91 -6.06 -63.20
N GLU G 10 -48.99 -5.31 -63.45
CA GLU G 10 -49.22 -4.11 -62.64
C GLU G 10 -49.53 -4.46 -61.19
N ARG G 11 -50.23 -5.58 -60.95
CA ARG G 11 -50.48 -5.99 -59.58
C ARG G 11 -49.17 -6.28 -58.85
N ILE G 12 -48.23 -6.92 -59.53
CA ILE G 12 -46.92 -7.18 -58.94
C ILE G 12 -46.20 -5.87 -58.65
N MET G 13 -46.26 -4.92 -59.58
CA MET G 13 -45.60 -3.64 -59.35
C MET G 13 -46.21 -2.89 -58.17
N LEU G 14 -47.54 -2.89 -58.07
CA LEU G 14 -48.19 -2.23 -56.94
C LEU G 14 -47.86 -2.91 -55.62
N ARG G 15 -47.78 -4.24 -55.62
CA ARG G 15 -47.38 -4.95 -54.41
C ARG G 15 -45.95 -4.60 -54.02
N PHE G 16 -45.07 -4.47 -55.02
CA PHE G 16 -43.70 -4.05 -54.73
C PHE G 16 -43.68 -2.67 -54.10
N ASP G 17 -44.46 -1.73 -54.63
CA ASP G 17 -44.51 -0.39 -54.04
C ASP G 17 -45.08 -0.42 -52.63
N ARG G 18 -46.10 -1.25 -52.40
CA ARG G 18 -46.72 -1.32 -51.09
C ARG G 18 -45.78 -1.90 -50.05
N ALA G 19 -45.00 -2.91 -50.43
CA ALA G 19 -43.98 -3.44 -49.52
C ALA G 19 -42.85 -2.44 -49.33
N TYR G 20 -42.57 -1.65 -50.37
CA TYR G 20 -41.53 -0.64 -50.32
C TYR G 20 -41.81 0.49 -49.34
N SER G 21 -43.04 1.02 -49.36
CA SER G 21 -43.30 2.30 -48.72
C SER G 21 -43.03 2.32 -47.21
N PRO G 22 -43.62 1.43 -46.39
CA PRO G 22 -43.46 1.59 -44.94
C PRO G 22 -42.05 1.32 -44.44
N GLN G 23 -41.49 0.16 -44.81
CA GLN G 23 -40.18 -0.25 -44.32
C GLN G 23 -39.06 0.35 -45.17
N LYS G 24 -38.88 1.65 -45.04
CA LYS G 24 -37.86 2.37 -45.81
C LYS G 24 -36.77 2.98 -44.95
N GLU G 25 -37.13 3.64 -43.85
CA GLU G 25 -36.14 4.28 -43.00
C GLU G 25 -35.36 3.28 -42.14
N VAL G 26 -35.98 2.17 -41.76
CA VAL G 26 -35.28 1.18 -40.94
C VAL G 26 -34.13 0.55 -41.72
N ARG G 27 -34.42 0.09 -42.95
CA ARG G 27 -33.38 -0.50 -43.78
C ARG G 27 -32.31 0.53 -44.12
N GLU G 28 -32.71 1.78 -44.33
CA GLU G 28 -31.75 2.83 -44.64
C GLU G 28 -30.82 3.10 -43.46
N LYS G 29 -31.37 3.08 -42.24
CA LYS G 29 -30.53 3.17 -41.05
C LYS G 29 -29.57 1.99 -40.94
N CYS G 30 -30.04 0.78 -41.26
CA CYS G 30 -29.17 -0.38 -41.21
C CYS G 30 -28.02 -0.25 -42.20
N ILE G 31 -28.32 0.20 -43.42
CA ILE G 31 -27.27 0.40 -44.43
C ILE G 31 -26.29 1.46 -43.96
N GLU G 32 -26.81 2.56 -43.39
CA GLU G 32 -25.93 3.60 -42.87
C GLU G 32 -25.00 3.06 -41.78
N ALA G 33 -25.54 2.23 -40.89
CA ALA G 33 -24.72 1.67 -39.81
C ALA G 33 -23.63 0.76 -40.36
N THR G 34 -23.98 -0.12 -41.31
CA THR G 34 -22.98 -1.00 -41.88
C THR G 34 -21.88 -0.21 -42.59
N ARG G 35 -22.29 0.81 -43.36
CA ARG G 35 -21.32 1.65 -44.06
C ARG G 35 -20.42 2.38 -43.07
N PHE G 36 -20.99 2.90 -41.99
CA PHE G 36 -20.21 3.57 -40.95
C PHE G 36 -19.24 2.62 -40.26
N ALA G 37 -19.61 1.36 -40.13
CA ALA G 37 -18.77 0.41 -39.40
C ALA G 37 -17.67 -0.21 -40.25
N ARG G 38 -17.89 -0.42 -41.54
CA ARG G 38 -16.96 -1.22 -42.34
C ARG G 38 -16.22 -0.45 -43.43
N VAL G 39 -16.86 0.52 -44.08
CA VAL G 39 -16.20 1.23 -45.18
C VAL G 39 -15.02 2.03 -44.63
N PRO G 40 -13.85 1.96 -45.28
CA PRO G 40 -12.68 2.69 -44.74
C PRO G 40 -12.88 4.20 -44.61
N GLY G 41 -13.62 4.82 -45.53
CA GLY G 41 -13.88 6.23 -45.48
C GLY G 41 -15.28 6.63 -45.07
N GLY G 42 -16.06 5.71 -44.49
CA GLY G 42 -17.46 5.97 -44.25
C GLY G 42 -17.80 6.73 -42.99
N GLN G 43 -16.87 6.83 -42.04
CA GLN G 43 -17.19 7.46 -40.77
C GLN G 43 -17.40 8.96 -40.88
N TRP G 44 -16.90 9.60 -41.94
CA TRP G 44 -17.07 11.03 -42.14
C TRP G 44 -17.99 11.35 -43.31
N GLU G 45 -18.82 10.40 -43.72
CA GLU G 45 -19.69 10.61 -44.87
C GLU G 45 -20.72 11.69 -44.58
N GLY G 46 -21.16 12.38 -45.64
CA GLY G 46 -22.11 13.46 -45.53
C GLY G 46 -21.49 14.83 -45.50
N ALA G 47 -20.19 14.94 -45.18
CA ALA G 47 -19.49 16.20 -45.17
C ALA G 47 -18.08 16.05 -45.73
N THR G 48 -17.89 15.17 -46.70
CA THR G 48 -16.56 14.90 -47.23
C THR G 48 -15.92 16.15 -47.81
N ALA G 49 -16.68 16.92 -48.59
CA ALA G 49 -16.18 18.15 -49.21
C ALA G 49 -16.64 19.32 -48.36
N ALA G 50 -15.92 19.58 -47.27
CA ALA G 50 -16.26 20.68 -46.37
C ALA G 50 -15.04 21.57 -46.21
N GLY G 51 -15.23 22.87 -46.36
CA GLY G 51 -14.11 23.79 -46.25
C GLY G 51 -14.59 25.23 -46.29
N THR G 52 -13.62 26.13 -46.33
CA THR G 52 -13.85 27.56 -46.35
C THR G 52 -12.94 28.19 -47.40
N LYS G 53 -13.26 29.42 -47.81
CA LYS G 53 -12.51 30.06 -48.88
C LYS G 53 -11.04 30.21 -48.51
N LEU G 54 -10.76 30.69 -47.30
CA LEU G 54 -9.40 30.72 -46.76
C LEU G 54 -8.43 31.36 -47.75
N ASP G 55 -8.63 32.65 -48.01
CA ASP G 55 -7.82 33.44 -48.93
C ASP G 55 -7.93 32.89 -50.37
N GLU G 56 -9.17 32.92 -50.87
CA GLU G 56 -9.46 32.65 -52.29
C GLU G 56 -8.96 31.27 -52.73
N GLN G 57 -9.20 30.27 -51.88
CA GLN G 57 -8.90 28.88 -52.21
C GLN G 57 -10.05 28.02 -51.66
N PHE G 58 -9.83 26.72 -51.59
CA PHE G 58 -10.81 25.84 -50.95
C PHE G 58 -10.12 24.75 -50.14
N GLU G 59 -9.15 25.13 -49.30
CA GLU G 59 -8.57 24.17 -48.38
C GLU G 59 -9.65 23.58 -47.49
N LYS G 60 -9.68 22.25 -47.41
CA LYS G 60 -10.70 21.53 -46.68
C LYS G 60 -10.24 21.24 -45.26
N TYR G 61 -11.21 21.07 -44.37
CA TYR G 61 -10.89 20.71 -42.99
C TYR G 61 -10.34 19.29 -42.93
N PRO G 62 -9.27 19.07 -42.18
CA PRO G 62 -8.79 17.69 -42.00
C PRO G 62 -9.80 16.86 -41.24
N LYS G 63 -10.00 15.61 -41.68
CA LYS G 63 -10.99 14.72 -41.10
C LYS G 63 -10.32 13.38 -40.79
N PHE G 64 -9.70 13.29 -39.63
CA PHE G 64 -9.08 12.05 -39.18
C PHE G 64 -10.12 11.21 -38.45
N GLU G 65 -10.03 9.89 -38.62
CA GLU G 65 -10.92 8.96 -37.95
C GLU G 65 -10.10 7.90 -37.24
N ILE G 66 -10.56 7.50 -36.05
CA ILE G 66 -9.93 6.44 -35.27
C ILE G 66 -11.06 5.47 -34.92
N ASN G 67 -11.18 4.41 -35.70
CA ASN G 67 -12.31 3.49 -35.58
C ASN G 67 -12.19 2.72 -34.27
N LYS G 68 -13.17 2.89 -33.38
CA LYS G 68 -13.15 2.27 -32.07
C LYS G 68 -14.45 1.52 -31.75
N VAL G 69 -15.29 1.26 -32.75
CA VAL G 69 -16.56 0.59 -32.52
C VAL G 69 -16.57 -0.84 -33.04
N ALA G 70 -15.57 -1.24 -33.82
CA ALA G 70 -15.57 -2.54 -34.46
C ALA G 70 -15.05 -3.66 -33.56
N THR G 71 -14.43 -3.34 -32.43
CA THR G 71 -13.78 -4.37 -31.62
C THR G 71 -14.80 -5.33 -31.04
N GLU G 72 -15.86 -4.81 -30.42
CA GLU G 72 -16.86 -5.68 -29.81
C GLU G 72 -17.64 -6.46 -30.85
N LEU G 73 -17.91 -5.84 -32.01
CA LEU G 73 -18.59 -6.56 -33.08
C LEU G 73 -17.73 -7.72 -33.58
N ASN G 74 -16.43 -7.49 -33.77
CA ASN G 74 -15.54 -8.57 -34.16
C ASN G 74 -15.47 -9.64 -33.09
N ARG G 75 -15.51 -9.24 -31.81
CA ARG G 75 -15.52 -10.21 -30.72
C ARG G 75 -16.75 -11.09 -30.78
N ILE G 76 -17.92 -10.49 -31.02
CA ILE G 76 -19.16 -11.27 -31.11
C ILE G 76 -19.10 -12.23 -32.29
N ILE G 77 -18.62 -11.74 -33.44
CA ILE G 77 -18.52 -12.60 -34.62
C ILE G 77 -17.58 -13.75 -34.37
N ALA G 78 -16.45 -13.49 -33.71
CA ALA G 78 -15.51 -14.56 -33.37
C ALA G 78 -16.12 -15.56 -32.41
N GLU G 79 -16.89 -15.07 -31.43
CA GLU G 79 -17.56 -15.97 -30.50
C GLU G 79 -18.53 -16.89 -31.22
N TYR G 80 -19.25 -16.36 -32.20
CA TYR G 80 -20.15 -17.22 -32.97
C TYR G 80 -19.36 -18.24 -33.79
N ARG G 81 -18.36 -17.76 -34.55
CA ARG G 81 -17.59 -18.65 -35.41
C ARG G 81 -16.85 -19.72 -34.63
N ASN G 82 -16.55 -19.47 -33.35
CA ASN G 82 -15.92 -20.49 -32.52
C ASN G 82 -16.81 -21.71 -32.32
N ASN G 83 -18.10 -21.49 -32.06
CA ASN G 83 -19.05 -22.58 -31.80
C ASN G 83 -20.23 -22.42 -32.75
N ARG G 84 -20.14 -23.07 -33.91
CA ARG G 84 -21.23 -23.04 -34.89
C ARG G 84 -22.33 -24.00 -34.47
N ILE G 85 -23.56 -23.68 -34.92
CA ILE G 85 -24.73 -24.49 -34.59
C ILE G 85 -25.49 -24.79 -35.87
N THR G 86 -26.24 -25.89 -35.84
CA THR G 86 -27.00 -26.36 -36.99
C THR G 86 -28.28 -27.02 -36.46
N VAL G 87 -29.13 -27.46 -37.37
CA VAL G 87 -30.43 -28.05 -37.03
C VAL G 87 -30.22 -29.50 -36.60
N LYS G 88 -30.80 -29.86 -35.46
CA LYS G 88 -30.75 -31.23 -34.95
C LYS G 88 -32.17 -31.75 -34.79
N PHE G 89 -32.39 -32.98 -35.26
CA PHE G 89 -33.70 -33.62 -35.23
C PHE G 89 -33.77 -34.59 -34.05
N ARG G 90 -34.67 -34.32 -33.11
CA ARG G 90 -34.80 -35.18 -31.95
C ARG G 90 -35.90 -36.21 -32.16
N PRO G 91 -35.72 -37.43 -31.68
CA PRO G 91 -36.72 -38.48 -31.90
C PRO G 91 -37.91 -38.33 -30.96
N GLY G 92 -38.95 -39.09 -31.26
CA GLY G 92 -40.13 -39.18 -30.44
C GLY G 92 -40.21 -40.48 -29.67
N ASP G 93 -41.40 -40.72 -29.11
CA ASP G 93 -41.66 -41.95 -28.36
C ASP G 93 -42.35 -42.98 -29.26
N ARG G 94 -41.60 -43.42 -30.27
CA ARG G 94 -42.05 -44.44 -31.19
C ARG G 94 -40.92 -45.45 -31.41
N GLU G 95 -41.25 -46.55 -32.07
CA GLU G 95 -40.28 -47.62 -32.25
C GLU G 95 -39.26 -47.31 -33.32
N ALA G 96 -39.63 -46.57 -34.36
CA ALA G 96 -38.74 -46.30 -35.48
C ALA G 96 -38.29 -44.84 -35.52
N SER G 97 -38.65 -44.04 -34.51
CA SER G 97 -38.31 -42.63 -34.51
C SER G 97 -36.80 -42.41 -34.49
N GLU G 98 -36.04 -43.29 -33.83
CA GLU G 98 -34.59 -43.15 -33.80
C GLU G 98 -33.99 -43.25 -35.20
N GLU G 99 -34.35 -44.31 -35.93
CA GLU G 99 -33.84 -44.47 -37.28
C GLU G 99 -34.34 -43.35 -38.19
N LEU G 100 -35.59 -42.94 -38.03
CA LEU G 100 -36.12 -41.84 -38.82
C LEU G 100 -35.29 -40.57 -38.62
N ALA G 101 -35.04 -40.21 -37.35
CA ALA G 101 -34.28 -39.01 -37.06
C ALA G 101 -32.85 -39.13 -37.59
N ASN G 102 -32.24 -40.31 -37.45
CA ASN G 102 -30.90 -40.51 -37.96
C ASN G 102 -30.84 -40.29 -39.46
N LYS G 103 -31.78 -40.86 -40.20
CA LYS G 103 -31.80 -40.67 -41.65
C LYS G 103 -32.01 -39.21 -42.02
N LEU G 104 -32.96 -38.54 -41.34
CA LEU G 104 -33.24 -37.14 -41.66
C LEU G 104 -32.03 -36.25 -41.41
N ASN G 105 -31.38 -36.40 -40.25
CA ASN G 105 -30.27 -35.49 -39.96
C ASN G 105 -28.95 -35.98 -40.55
N GLY G 106 -28.94 -37.13 -41.22
CA GLY G 106 -27.83 -37.47 -42.09
C GLY G 106 -28.00 -36.84 -43.45
N LEU G 107 -29.22 -36.94 -43.99
CA LEU G 107 -29.51 -36.29 -45.28
C LEU G 107 -29.32 -34.78 -45.18
N PHE G 108 -29.79 -34.18 -44.08
CA PHE G 108 -29.64 -32.74 -43.90
C PHE G 108 -28.17 -32.36 -43.81
N ARG G 109 -27.36 -33.15 -43.10
CA ARG G 109 -25.94 -32.87 -43.02
C ARG G 109 -25.28 -32.95 -44.39
N ALA G 110 -25.66 -33.95 -45.18
CA ALA G 110 -25.10 -34.06 -46.53
C ALA G 110 -25.48 -32.85 -47.37
N ASP G 111 -26.74 -32.43 -47.31
CA ASP G 111 -27.19 -31.27 -48.08
C ASP G 111 -26.49 -30.00 -47.63
N TYR G 112 -26.24 -29.86 -46.33
CA TYR G 112 -25.55 -28.69 -45.80
C TYR G 112 -24.09 -28.68 -46.22
N GLU G 113 -23.44 -29.85 -46.21
CA GLU G 113 -22.01 -29.91 -46.52
C GLU G 113 -21.75 -29.73 -48.01
N GLU G 114 -22.53 -30.38 -48.87
CA GLU G 114 -22.26 -30.37 -50.30
C GLU G 114 -22.81 -29.13 -51.00
N THR G 115 -23.10 -28.06 -50.25
CA THR G 115 -23.59 -26.82 -50.83
C THR G 115 -23.03 -25.68 -49.97
N ASP G 116 -23.56 -24.47 -50.13
CA ASP G 116 -23.02 -23.27 -49.49
C ASP G 116 -23.75 -22.93 -48.19
N GLY G 117 -24.19 -23.95 -47.44
CA GLY G 117 -24.93 -23.69 -46.22
C GLY G 117 -24.11 -22.96 -45.17
N GLY G 118 -22.86 -23.39 -44.98
CA GLY G 118 -22.02 -22.73 -44.00
C GLY G 118 -21.73 -21.28 -44.35
N GLU G 119 -21.42 -21.02 -45.61
CA GLU G 119 -21.19 -19.64 -46.05
C GLU G 119 -22.45 -18.81 -45.88
N ALA G 120 -23.61 -19.37 -46.22
CA ALA G 120 -24.86 -18.64 -46.06
C ALA G 120 -25.11 -18.29 -44.60
N CYS G 121 -24.89 -19.25 -43.70
CA CYS G 121 -25.09 -18.99 -42.27
C CYS G 121 -24.12 -17.94 -41.76
N ASP G 122 -22.85 -18.03 -42.17
CA ASP G 122 -21.87 -17.05 -41.71
C ASP G 122 -22.21 -15.66 -42.19
N ASN G 123 -22.58 -15.52 -43.47
CA ASN G 123 -22.95 -14.21 -43.98
C ASN G 123 -24.19 -13.67 -43.28
N ALA G 124 -25.19 -14.53 -43.06
CA ALA G 124 -26.41 -14.08 -42.39
C ALA G 124 -26.11 -13.59 -40.98
N PHE G 125 -25.31 -14.33 -40.23
CA PHE G 125 -25.02 -13.91 -38.87
C PHE G 125 -24.17 -12.64 -38.86
N ASP G 126 -23.22 -12.53 -39.78
CA ASP G 126 -22.41 -11.31 -39.85
C ASP G 126 -23.27 -10.09 -40.10
N ASP G 127 -24.16 -10.17 -41.09
CA ASP G 127 -25.02 -9.04 -41.40
C ASP G 127 -25.98 -8.74 -40.25
N ALA G 128 -26.53 -9.78 -39.62
CA ALA G 128 -27.44 -9.56 -38.50
C ALA G 128 -26.74 -8.87 -37.34
N ALA G 129 -25.50 -9.28 -37.04
CA ALA G 129 -24.76 -8.66 -35.95
C ALA G 129 -24.34 -7.24 -36.29
N THR G 130 -24.01 -6.97 -37.55
CA THR G 130 -23.50 -5.65 -37.90
C THR G 130 -24.64 -4.64 -38.06
N GLY G 131 -25.56 -4.89 -39.00
CA GLY G 131 -26.60 -3.94 -39.28
C GLY G 131 -27.90 -4.18 -38.55
N GLY G 132 -28.29 -5.45 -38.45
CA GLY G 132 -29.54 -5.84 -37.82
C GLY G 132 -30.51 -6.57 -38.72
N PHE G 133 -30.07 -7.01 -39.90
CA PHE G 133 -30.93 -7.76 -40.81
C PHE G 133 -30.08 -8.72 -41.62
N GLY G 134 -30.49 -9.99 -41.65
CA GLY G 134 -29.80 -10.99 -42.44
C GLY G 134 -30.78 -12.03 -42.94
N CYS G 135 -30.42 -12.67 -44.06
CA CYS G 135 -31.29 -13.66 -44.67
C CYS G 135 -30.47 -14.64 -45.47
N PHE G 136 -31.05 -15.81 -45.72
CA PHE G 136 -30.47 -16.79 -46.63
C PHE G 136 -31.60 -17.60 -47.25
N ARG G 137 -31.29 -18.24 -48.38
CA ARG G 137 -32.28 -18.80 -49.27
C ARG G 137 -32.15 -20.32 -49.32
N LEU G 138 -33.28 -20.99 -49.51
CA LEU G 138 -33.37 -22.45 -49.50
C LEU G 138 -34.08 -22.91 -50.77
N THR G 139 -33.32 -23.18 -51.83
CA THR G 139 -33.87 -23.59 -53.12
C THR G 139 -33.44 -25.01 -53.45
N SER G 140 -34.06 -25.56 -54.49
CA SER G 140 -33.78 -26.91 -54.96
C SER G 140 -33.23 -26.86 -56.37
N MET G 141 -32.12 -27.55 -56.60
CA MET G 141 -31.46 -27.59 -57.90
C MET G 141 -31.37 -29.03 -58.38
N LEU G 142 -31.28 -29.18 -59.70
CA LEU G 142 -31.21 -30.51 -60.31
C LEU G 142 -29.76 -30.86 -60.58
N VAL G 143 -29.36 -32.07 -60.22
CA VAL G 143 -27.99 -32.54 -60.44
C VAL G 143 -27.94 -34.05 -60.35
N ARG G 152 -31.70 -37.20 -58.74
CA ARG G 152 -31.68 -36.21 -59.81
C ARG G 152 -32.03 -34.82 -59.28
N GLN G 153 -32.89 -34.78 -58.26
CA GLN G 153 -33.31 -33.53 -57.64
C GLN G 153 -32.74 -33.44 -56.23
N ARG G 154 -32.25 -32.26 -55.89
CA ARG G 154 -31.57 -32.07 -54.61
C ARG G 154 -31.95 -30.70 -54.04
N ILE G 155 -31.94 -30.61 -52.71
CA ILE G 155 -32.24 -29.37 -51.99
C ILE G 155 -30.94 -28.70 -51.61
N ALA G 156 -30.85 -27.40 -51.84
CA ALA G 156 -29.62 -26.66 -51.65
C ALA G 156 -29.85 -25.46 -50.75
N ILE G 157 -28.77 -24.98 -50.13
CA ILE G 157 -28.79 -23.80 -49.28
C ILE G 157 -27.91 -22.74 -49.92
N GLU G 158 -28.48 -21.56 -50.16
CA GLU G 158 -27.76 -20.49 -50.83
C GLU G 158 -27.84 -19.20 -50.02
N PRO G 159 -26.84 -18.35 -50.12
CA PRO G 159 -26.86 -17.10 -49.36
C PRO G 159 -27.54 -15.97 -50.13
N ILE G 160 -27.79 -14.88 -49.41
CA ILE G 160 -28.35 -13.65 -49.96
C ILE G 160 -27.46 -12.50 -49.56
N TYR G 161 -27.09 -11.66 -50.52
CA TYR G 161 -26.22 -10.53 -50.28
C TYR G 161 -27.01 -9.23 -50.27
N ASP G 162 -26.68 -8.35 -49.33
CA ASP G 162 -27.38 -7.10 -49.07
C ASP G 162 -28.86 -7.35 -48.82
N PRO G 163 -29.21 -8.12 -47.78
CA PRO G 163 -30.63 -8.35 -47.50
C PRO G 163 -31.40 -7.07 -47.21
N SER G 164 -30.75 -6.09 -46.58
CA SER G 164 -31.44 -4.86 -46.21
C SER G 164 -32.02 -4.14 -47.41
N ARG G 165 -31.27 -4.06 -48.51
CA ARG G 165 -31.75 -3.42 -49.73
C ARG G 165 -32.15 -4.44 -50.79
N SER G 166 -32.27 -5.72 -50.42
CA SER G 166 -32.63 -6.71 -51.44
C SER G 166 -33.92 -7.44 -51.13
N VAL G 167 -34.19 -7.77 -49.87
CA VAL G 167 -35.31 -8.64 -49.51
C VAL G 167 -36.44 -7.78 -48.97
N TRP G 168 -37.66 -8.04 -49.47
CA TRP G 168 -38.85 -7.33 -49.03
C TRP G 168 -39.97 -8.33 -48.83
N PHE G 169 -40.75 -8.14 -47.78
CA PHE G 169 -41.81 -9.09 -47.40
C PHE G 169 -43.17 -8.42 -47.47
N ASP G 170 -44.19 -9.23 -47.20
CA ASP G 170 -45.56 -8.74 -47.15
C ASP G 170 -45.73 -7.81 -45.95
N PRO G 171 -46.31 -6.62 -46.12
CA PRO G 171 -46.59 -5.77 -44.96
C PRO G 171 -47.61 -6.34 -44.00
N ASP G 172 -48.31 -7.41 -44.37
CA ASP G 172 -49.29 -8.03 -43.49
C ASP G 172 -48.68 -9.04 -42.53
N ALA G 173 -47.38 -9.31 -42.65
CA ALA G 173 -46.71 -10.30 -41.80
C ALA G 173 -46.06 -9.60 -40.61
N LYS G 174 -46.34 -10.11 -39.41
CA LYS G 174 -45.81 -9.53 -38.19
C LYS G 174 -45.00 -10.50 -37.34
N LYS G 175 -44.98 -11.78 -37.69
CA LYS G 175 -44.23 -12.75 -36.92
C LYS G 175 -42.73 -12.55 -37.12
N TYR G 176 -41.94 -13.24 -36.29
CA TYR G 176 -40.49 -13.17 -36.43
C TYR G 176 -40.05 -13.80 -37.75
N ASP G 177 -40.62 -14.94 -38.10
CA ASP G 177 -40.23 -15.68 -39.29
C ASP G 177 -41.14 -15.41 -40.49
N LYS G 178 -42.10 -14.50 -40.36
CA LYS G 178 -42.97 -14.08 -41.47
C LYS G 178 -43.73 -15.27 -42.07
N SER G 179 -44.19 -16.18 -41.20
CA SER G 179 -44.94 -17.33 -41.68
C SER G 179 -46.26 -16.92 -42.31
N ASP G 180 -46.95 -15.96 -41.72
CA ASP G 180 -48.26 -15.53 -42.19
C ASP G 180 -48.16 -14.45 -43.25
N ALA G 181 -47.38 -14.72 -44.30
CA ALA G 181 -47.21 -13.80 -45.41
C ALA G 181 -47.67 -14.48 -46.70
N LEU G 182 -48.17 -13.68 -47.64
CA LEU G 182 -48.74 -14.20 -48.87
C LEU G 182 -47.86 -14.03 -50.09
N TRP G 183 -46.77 -13.26 -49.98
CA TRP G 183 -45.93 -12.94 -51.13
C TRP G 183 -44.67 -12.23 -50.66
N ALA G 184 -43.64 -12.29 -51.51
CA ALA G 184 -42.33 -11.76 -51.13
C ALA G 184 -41.51 -11.48 -52.37
N PHE G 185 -40.41 -10.73 -52.17
CA PHE G 185 -39.50 -10.34 -53.24
C PHE G 185 -38.07 -10.69 -52.85
N CYS G 186 -37.20 -10.79 -53.87
CA CYS G 186 -35.77 -10.97 -53.64
C CYS G 186 -35.02 -10.37 -54.83
N MET G 187 -34.37 -9.23 -54.61
CA MET G 187 -33.70 -8.54 -55.69
C MET G 187 -32.21 -8.87 -55.72
N TYR G 188 -31.61 -8.72 -56.91
CA TYR G 188 -30.18 -8.87 -57.05
C TYR G 188 -29.71 -8.15 -58.31
N SER G 189 -28.43 -7.79 -58.33
CA SER G 189 -27.85 -7.07 -59.44
C SER G 189 -27.33 -8.01 -60.50
N LEU G 190 -27.10 -7.47 -61.70
CA LEU G 190 -26.70 -8.26 -62.85
C LEU G 190 -26.04 -7.34 -63.87
N SER G 191 -25.26 -7.97 -64.80
CA SER G 191 -24.47 -7.34 -65.85
C SER G 191 -25.14 -7.51 -67.21
N PRO G 192 -24.89 -6.57 -68.14
CA PRO G 192 -25.52 -6.68 -69.46
C PRO G 192 -25.16 -7.95 -70.22
N GLU G 193 -23.92 -8.43 -70.09
CA GLU G 193 -23.53 -9.63 -70.83
C GLU G 193 -24.31 -10.84 -70.32
N LYS G 194 -24.48 -10.98 -69.01
CA LYS G 194 -25.26 -12.10 -68.49
C LYS G 194 -26.74 -11.93 -68.80
N TYR G 195 -27.24 -10.69 -68.79
CA TYR G 195 -28.62 -10.44 -69.19
C TYR G 195 -28.86 -10.87 -70.63
N GLU G 196 -27.87 -10.66 -71.50
CA GLU G 196 -28.00 -11.09 -72.88
C GLU G 196 -27.81 -12.61 -73.02
N ALA G 197 -26.89 -13.18 -72.24
CA ALA G 197 -26.63 -14.61 -72.32
C ALA G 197 -27.87 -15.42 -71.92
N GLU G 198 -28.49 -15.06 -70.81
CA GLU G 198 -29.76 -15.65 -70.44
C GLU G 198 -30.89 -14.81 -71.02
N TYR G 199 -32.13 -15.20 -70.74
CA TYR G 199 -33.33 -14.46 -71.16
C TYR G 199 -33.26 -14.26 -72.66
N GLY G 200 -33.17 -13.05 -73.18
CA GLY G 200 -33.06 -12.83 -74.60
C GLY G 200 -32.38 -11.52 -74.90
N LYS G 201 -31.45 -11.55 -75.86
CA LYS G 201 -30.69 -10.36 -76.20
C LYS G 201 -31.51 -9.33 -76.99
N LYS G 202 -32.49 -9.78 -77.76
CA LYS G 202 -33.29 -8.85 -78.55
C LYS G 202 -34.04 -7.84 -77.71
N PRO G 203 -34.74 -8.21 -76.64
CA PRO G 203 -35.38 -7.20 -75.79
C PRO G 203 -34.34 -6.44 -74.99
N PRO G 204 -34.34 -5.11 -75.06
CA PRO G 204 -33.39 -4.31 -74.27
C PRO G 204 -33.55 -4.53 -72.77
N THR G 205 -32.62 -3.99 -72.00
CA THR G 205 -32.59 -4.18 -70.56
C THR G 205 -33.33 -3.04 -69.87
N SER G 206 -34.26 -3.37 -68.96
CA SER G 206 -35.00 -2.33 -68.19
C SER G 206 -34.89 -2.62 -66.70
N LEU G 207 -34.08 -1.85 -65.96
CA LEU G 207 -33.83 -2.13 -64.53
C LEU G 207 -35.02 -1.78 -63.63
N ASP G 208 -35.15 -2.48 -62.51
CA ASP G 208 -36.22 -2.19 -61.52
C ASP G 208 -35.81 -0.91 -60.78
N VAL G 209 -36.73 -0.23 -60.13
CA VAL G 209 -36.42 1.08 -59.47
C VAL G 209 -35.36 0.90 -58.38
N THR G 210 -34.45 1.86 -58.25
CA THR G 210 -33.46 1.83 -57.15
C THR G 210 -33.40 3.21 -56.51
N SER G 211 -34.47 3.62 -55.83
CA SER G 211 -34.47 4.93 -55.13
C SER G 211 -33.41 4.91 -54.05
N MET G 212 -33.21 3.77 -53.38
CA MET G 212 -32.08 3.69 -52.41
C MET G 212 -30.83 4.02 -53.23
N THR G 213 -29.96 4.89 -52.72
CA THR G 213 -28.82 5.35 -53.55
C THR G 213 -27.49 5.07 -52.88
N SER G 214 -26.42 5.05 -53.66
CA SER G 214 -25.07 4.72 -53.12
C SER G 214 -24.14 5.92 -53.27
N TRP G 215 -23.38 6.24 -52.22
CA TRP G 215 -22.41 7.36 -52.27
C TRP G 215 -21.36 7.06 -53.36
N GLU G 216 -20.92 5.80 -53.46
CA GLU G 216 -19.88 5.42 -54.44
C GLU G 216 -20.57 5.23 -55.80
N TYR G 217 -20.22 6.03 -56.78
CA TYR G 217 -20.98 5.92 -58.05
C TYR G 217 -20.16 6.33 -59.26
N ASN G 218 -19.55 5.38 -59.96
CA ASN G 218 -18.88 5.68 -61.26
C ASN G 218 -19.72 4.92 -62.27
N TRP G 219 -20.92 4.48 -61.87
CA TRP G 219 -21.78 3.58 -62.67
C TRP G 219 -21.25 2.18 -62.40
N PHE G 220 -20.21 2.07 -61.55
CA PHE G 220 -19.62 0.74 -61.18
C PHE G 220 -19.43 -0.02 -62.48
N GLY G 221 -18.68 0.56 -63.40
CA GLY G 221 -18.59 -0.04 -64.73
C GLY G 221 -19.47 0.81 -65.62
N ALA G 222 -19.81 0.37 -66.83
CA ALA G 222 -20.75 1.22 -67.60
C ALA G 222 -22.10 1.27 -66.90
N ASP G 223 -22.64 0.12 -66.47
CA ASP G 223 -24.01 0.13 -65.87
C ASP G 223 -24.32 -1.17 -65.13
N VAL G 224 -25.34 -1.16 -64.27
CA VAL G 224 -25.78 -2.40 -63.57
C VAL G 224 -27.31 -2.48 -63.63
N ILE G 225 -27.86 -3.68 -63.86
CA ILE G 225 -29.33 -3.87 -64.01
C ILE G 225 -29.80 -4.68 -62.80
N TYR G 226 -30.90 -4.26 -62.18
CA TYR G 226 -31.43 -5.00 -61.00
C TYR G 226 -32.68 -5.77 -61.43
N ILE G 227 -32.76 -7.06 -61.09
CA ILE G 227 -33.88 -7.93 -61.50
C ILE G 227 -34.39 -8.51 -60.19
N ALA G 228 -35.62 -9.02 -60.13
CA ALA G 228 -36.16 -9.46 -58.84
C ALA G 228 -36.82 -10.83 -58.96
N LYS G 229 -36.79 -11.62 -57.90
CA LYS G 229 -37.54 -12.90 -57.89
C LYS G 229 -38.81 -12.65 -57.09
N TYR G 230 -39.96 -13.12 -57.57
CA TYR G 230 -41.22 -12.85 -56.90
C TYR G 230 -41.84 -14.17 -56.45
N TYR G 231 -42.20 -14.25 -55.18
CA TYR G 231 -42.74 -15.46 -54.58
C TYR G 231 -44.19 -15.25 -54.18
N GLU G 232 -45.07 -16.16 -54.62
CA GLU G 232 -46.48 -16.13 -54.30
C GLU G 232 -46.87 -17.43 -53.63
N VAL G 233 -47.95 -17.39 -52.85
CA VAL G 233 -48.59 -18.58 -52.31
C VAL G 233 -50.08 -18.48 -52.58
N ARG G 234 -50.66 -19.55 -53.14
CA ARG G 234 -52.06 -19.58 -53.52
C ARG G 234 -52.67 -20.89 -53.08
N LYS G 235 -53.99 -20.86 -52.85
CA LYS G 235 -54.74 -22.06 -52.49
C LYS G 235 -55.46 -22.55 -53.74
N GLU G 236 -55.10 -23.75 -54.19
CA GLU G 236 -55.58 -24.29 -55.45
C GLU G 236 -56.22 -25.66 -55.21
N SER G 237 -57.28 -25.94 -55.95
CA SER G 237 -57.96 -27.23 -55.86
C SER G 237 -57.27 -28.25 -56.76
N VAL G 238 -56.88 -29.38 -56.18
CA VAL G 238 -56.20 -30.44 -56.91
C VAL G 238 -56.90 -31.77 -56.61
N ASP G 239 -56.80 -32.70 -57.56
CA ASP G 239 -57.47 -33.99 -57.46
C ASP G 239 -56.48 -35.02 -56.92
N VAL G 240 -56.82 -35.64 -55.80
CA VAL G 240 -56.00 -36.68 -55.18
C VAL G 240 -56.55 -38.04 -55.61
N ILE G 241 -55.66 -38.91 -56.07
CA ILE G 241 -56.02 -40.24 -56.54
C ILE G 241 -55.51 -41.25 -55.53
N SER G 242 -56.39 -42.15 -55.10
CA SER G 242 -56.06 -43.15 -54.09
C SER G 242 -55.86 -44.50 -54.78
N TYR G 243 -54.62 -44.93 -54.88
CA TYR G 243 -54.32 -46.28 -55.36
C TYR G 243 -54.30 -47.23 -54.17
N ARG G 244 -55.17 -48.24 -54.19
CA ARG G 244 -55.39 -49.11 -53.04
C ARG G 244 -54.97 -50.55 -53.32
N HIS G 245 -53.80 -50.72 -53.94
CA HIS G 245 -53.28 -52.05 -54.16
C HIS G 245 -52.96 -52.71 -52.83
N PRO G 246 -53.52 -53.88 -52.52
CA PRO G 246 -53.29 -54.49 -51.20
C PRO G 246 -51.83 -54.86 -50.94
N ILE G 247 -51.03 -55.02 -51.99
CA ILE G 247 -49.66 -55.49 -51.82
C ILE G 247 -48.83 -54.45 -51.08
N THR G 248 -48.19 -54.88 -50.00
CA THR G 248 -47.30 -54.04 -49.19
C THR G 248 -47.96 -52.72 -48.81
N GLY G 249 -49.05 -52.83 -48.06
CA GLY G 249 -49.82 -51.67 -47.67
C GLY G 249 -50.91 -51.33 -48.68
N GLU G 250 -52.10 -51.01 -48.19
CA GLU G 250 -53.26 -50.78 -49.06
C GLU G 250 -53.44 -49.32 -49.44
N ILE G 251 -53.61 -48.43 -48.46
CA ILE G 251 -53.96 -47.05 -48.74
C ILE G 251 -52.72 -46.33 -49.27
N ALA G 252 -52.87 -45.61 -50.37
CA ALA G 252 -51.78 -44.81 -50.94
C ALA G 252 -52.39 -43.67 -51.73
N THR G 253 -52.42 -42.48 -51.15
CA THR G 253 -52.99 -41.30 -51.79
C THR G 253 -51.89 -40.48 -52.43
N TYR G 254 -52.08 -40.13 -53.70
CA TYR G 254 -51.08 -39.38 -54.46
C TYR G 254 -51.75 -38.25 -55.22
N ASP G 255 -50.94 -37.24 -55.56
CA ASP G 255 -51.41 -36.10 -56.32
C ASP G 255 -51.50 -36.45 -57.81
N SER G 256 -52.16 -35.58 -58.56
CA SER G 256 -52.27 -35.73 -60.01
C SER G 256 -50.93 -35.58 -60.72
N ASP G 257 -49.89 -35.10 -60.03
CA ASP G 257 -48.59 -34.95 -60.66
C ASP G 257 -48.03 -36.31 -61.09
N GLN G 258 -48.18 -37.33 -60.25
CA GLN G 258 -47.74 -38.68 -60.57
C GLN G 258 -48.87 -39.43 -61.25
N VAL G 259 -48.67 -39.79 -62.52
CA VAL G 259 -49.68 -40.45 -63.33
C VAL G 259 -49.16 -41.81 -63.75
N GLU G 260 -50.08 -42.76 -63.91
CA GLU G 260 -49.70 -44.12 -64.30
C GLU G 260 -48.91 -44.15 -65.60
N ASP G 261 -49.14 -43.19 -66.50
CA ASP G 261 -48.43 -43.15 -67.77
C ASP G 261 -47.22 -42.24 -67.75
N ILE G 262 -47.34 -41.03 -67.18
CA ILE G 262 -46.20 -40.11 -67.11
C ILE G 262 -45.09 -40.73 -66.26
N GLU G 263 -45.43 -41.23 -65.09
CA GLU G 263 -44.54 -42.04 -64.27
C GLU G 263 -44.77 -43.50 -64.63
N ASP G 264 -43.71 -44.18 -65.08
CA ASP G 264 -43.83 -45.49 -65.72
C ASP G 264 -44.19 -46.58 -64.70
N GLU G 265 -45.44 -46.54 -64.24
CA GLU G 265 -45.95 -47.51 -63.28
C GLU G 265 -46.73 -48.62 -63.98
N LEU G 266 -47.71 -48.26 -64.80
CA LEU G 266 -48.47 -49.21 -65.63
C LEU G 266 -49.14 -50.30 -64.79
N ALA G 267 -49.76 -49.92 -63.67
CA ALA G 267 -50.57 -50.80 -62.84
C ALA G 267 -49.81 -52.02 -62.33
N ILE G 268 -48.48 -51.98 -62.34
CA ILE G 268 -47.71 -53.11 -61.82
C ILE G 268 -47.91 -53.24 -60.32
N ALA G 269 -47.93 -52.12 -59.61
CA ALA G 269 -48.13 -52.10 -58.16
C ALA G 269 -49.14 -51.02 -57.78
N GLY G 270 -50.16 -50.84 -58.60
CA GLY G 270 -51.16 -49.82 -58.33
C GLY G 270 -52.52 -50.09 -58.93
N PHE G 271 -53.57 -49.91 -58.14
CA PHE G 271 -54.95 -50.09 -58.59
C PHE G 271 -55.65 -48.73 -58.54
N HIS G 272 -56.30 -48.36 -59.65
CA HIS G 272 -56.82 -46.99 -59.78
C HIS G 272 -57.78 -46.65 -58.65
N GLU G 273 -58.75 -47.53 -58.38
CA GLU G 273 -59.68 -47.40 -57.26
C GLU G 273 -60.42 -46.07 -57.37
N VAL G 274 -60.35 -45.19 -56.38
CA VAL G 274 -61.16 -43.98 -56.31
C VAL G 274 -60.29 -42.77 -56.63
N ALA G 275 -60.77 -41.93 -57.55
CA ALA G 275 -60.04 -40.73 -57.94
C ALA G 275 -60.96 -39.51 -58.02
N ARG G 276 -62.11 -39.56 -57.34
CA ARG G 276 -63.08 -38.48 -57.38
C ARG G 276 -62.92 -37.45 -56.27
N ARG G 277 -62.03 -37.69 -55.30
CA ARG G 277 -61.87 -36.75 -54.21
C ARG G 277 -61.04 -35.55 -54.65
N SER G 278 -61.59 -34.35 -54.46
CA SER G 278 -60.90 -33.10 -54.77
C SER G 278 -60.73 -32.30 -53.50
N VAL G 279 -59.51 -31.82 -53.25
CA VAL G 279 -59.18 -31.05 -52.06
C VAL G 279 -58.35 -29.85 -52.46
N LYS G 280 -58.34 -28.83 -51.61
CA LYS G 280 -57.57 -27.63 -51.86
C LYS G 280 -56.29 -27.63 -51.02
N ARG G 281 -55.17 -27.31 -51.67
CA ARG G 281 -53.87 -27.33 -51.02
C ARG G 281 -53.17 -25.99 -51.20
N ARG G 282 -52.21 -25.73 -50.33
CA ARG G 282 -51.39 -24.53 -50.39
C ARG G 282 -50.14 -24.81 -51.21
N ARG G 283 -49.97 -24.09 -52.32
CA ARG G 283 -48.79 -24.21 -53.15
C ARG G 283 -48.14 -22.86 -53.37
N VAL G 284 -46.85 -22.89 -53.67
CA VAL G 284 -46.03 -21.68 -53.81
C VAL G 284 -45.47 -21.64 -55.23
N TYR G 285 -45.63 -20.49 -55.87
CA TYR G 285 -45.13 -20.26 -57.22
C TYR G 285 -44.05 -19.18 -57.18
N VAL G 286 -43.09 -19.29 -58.08
CA VAL G 286 -41.98 -18.35 -58.19
C VAL G 286 -41.87 -17.89 -59.63
N SER G 287 -41.42 -16.65 -59.80
CA SER G 287 -41.26 -16.06 -61.11
C SER G 287 -40.20 -14.97 -61.05
N VAL G 288 -39.69 -14.59 -62.21
CA VAL G 288 -38.64 -13.58 -62.34
C VAL G 288 -39.21 -12.42 -63.14
N VAL G 289 -39.14 -11.21 -62.58
CA VAL G 289 -39.74 -10.03 -63.19
C VAL G 289 -38.74 -8.89 -63.21
N ASP G 290 -39.02 -7.89 -64.03
CA ASP G 290 -38.27 -6.65 -64.08
C ASP G 290 -39.27 -5.51 -64.30
N GLY G 291 -38.76 -4.34 -64.66
CA GLY G 291 -39.62 -3.19 -64.86
C GLY G 291 -40.35 -3.17 -66.19
N ASP G 292 -40.09 -4.13 -67.07
CA ASP G 292 -40.68 -4.16 -68.40
C ASP G 292 -41.70 -5.27 -68.56
N GLY G 293 -41.34 -6.51 -68.22
CA GLY G 293 -42.23 -7.63 -68.37
C GLY G 293 -41.81 -8.86 -67.57
N PHE G 294 -42.16 -10.04 -68.05
CA PHE G 294 -41.85 -11.29 -67.37
C PHE G 294 -40.63 -11.92 -68.01
N LEU G 295 -39.56 -12.09 -67.24
CA LEU G 295 -38.40 -12.82 -67.72
C LEU G 295 -38.62 -14.33 -67.74
N GLU G 296 -39.28 -14.85 -66.70
CA GLU G 296 -39.62 -16.27 -66.63
C GLU G 296 -41.05 -16.41 -66.13
N LYS G 297 -41.82 -17.26 -66.78
CA LYS G 297 -43.21 -17.46 -66.38
C LYS G 297 -43.27 -18.19 -65.04
N PRO G 298 -44.33 -17.97 -64.26
CA PRO G 298 -44.40 -18.57 -62.92
C PRO G 298 -44.38 -20.09 -62.98
N ARG G 299 -43.66 -20.68 -62.03
CA ARG G 299 -43.60 -22.13 -61.87
C ARG G 299 -43.74 -22.48 -60.41
N ARG G 300 -44.41 -23.61 -60.14
CA ARG G 300 -44.62 -24.06 -58.77
C ARG G 300 -43.36 -24.74 -58.24
N ILE G 301 -43.02 -24.46 -56.99
CA ILE G 301 -41.83 -25.04 -56.36
C ILE G 301 -42.28 -26.10 -55.36
N PRO G 302 -41.43 -27.08 -55.02
CA PRO G 302 -41.90 -28.20 -54.17
C PRO G 302 -41.97 -27.86 -52.68
N GLY G 303 -43.07 -27.26 -52.27
CA GLY G 303 -43.29 -26.98 -50.87
C GLY G 303 -44.50 -26.09 -50.68
N GLU G 304 -44.78 -25.77 -49.42
CA GLU G 304 -45.89 -24.91 -49.06
C GLU G 304 -45.50 -23.71 -48.22
N HIS G 305 -44.21 -23.48 -47.99
CA HIS G 305 -43.73 -22.31 -47.27
C HIS G 305 -42.84 -21.46 -48.17
N ILE G 306 -42.72 -20.19 -47.81
CA ILE G 306 -41.78 -19.31 -48.51
C ILE G 306 -40.36 -19.75 -48.18
N PRO G 307 -39.49 -19.93 -49.16
CA PRO G 307 -38.15 -20.46 -48.88
C PRO G 307 -37.17 -19.41 -48.37
N LEU G 308 -37.68 -18.26 -47.93
CA LEU G 308 -36.84 -17.20 -47.40
C LEU G 308 -36.86 -17.22 -45.88
N ILE G 309 -35.68 -17.33 -45.28
CA ILE G 309 -35.51 -17.44 -43.83
C ILE G 309 -34.79 -16.19 -43.34
N PRO G 310 -35.43 -15.33 -42.55
CA PRO G 310 -34.76 -14.12 -42.07
C PRO G 310 -34.03 -14.34 -40.76
N VAL G 311 -33.01 -13.51 -40.55
CA VAL G 311 -32.22 -13.49 -39.32
C VAL G 311 -32.14 -12.06 -38.82
N TYR G 312 -32.42 -11.86 -37.54
CA TYR G 312 -32.43 -10.53 -36.94
C TYR G 312 -31.51 -10.50 -35.72
N GLY G 313 -30.85 -9.36 -35.53
CA GLY G 313 -30.04 -9.17 -34.34
C GLY G 313 -30.90 -8.86 -33.14
N LYS G 314 -31.60 -7.72 -33.17
CA LYS G 314 -32.65 -7.43 -32.20
C LYS G 314 -33.84 -6.86 -32.95
N ARG G 315 -35.02 -7.39 -32.67
CA ARG G 315 -36.23 -7.06 -33.42
C ARG G 315 -37.38 -6.77 -32.47
N TRP G 316 -38.18 -5.75 -32.80
CA TRP G 316 -39.34 -5.39 -32.02
C TRP G 316 -40.44 -4.87 -32.95
N PHE G 317 -41.65 -4.78 -32.41
CA PHE G 317 -42.81 -4.24 -33.12
C PHE G 317 -43.38 -3.11 -32.28
N ILE G 318 -43.24 -1.87 -32.75
CA ILE G 318 -43.57 -0.68 -31.96
C ILE G 318 -44.86 -0.03 -32.45
N ASP G 319 -44.86 0.53 -33.67
CA ASP G 319 -46.04 1.20 -34.23
C ASP G 319 -46.24 0.72 -35.67
N ASP G 320 -46.96 -0.38 -35.83
CA ASP G 320 -47.37 -0.91 -37.14
C ASP G 320 -46.19 -1.12 -38.07
N ILE G 321 -44.98 -1.17 -37.53
CA ILE G 321 -43.76 -1.36 -38.32
C ILE G 321 -42.78 -2.17 -37.48
N GLU G 322 -42.00 -3.01 -38.14
CA GLU G 322 -40.99 -3.81 -37.47
C GLU G 322 -39.67 -3.02 -37.41
N ARG G 323 -39.13 -2.86 -36.20
CA ARG G 323 -37.92 -2.10 -35.98
C ARG G 323 -36.80 -3.04 -35.54
N VAL G 324 -35.65 -2.92 -36.20
CA VAL G 324 -34.52 -3.81 -35.94
C VAL G 324 -33.32 -2.96 -35.52
N GLU G 325 -32.37 -3.63 -34.87
CA GLU G 325 -31.15 -2.98 -34.40
C GLU G 325 -30.05 -4.02 -34.27
N GLY G 326 -28.81 -3.58 -34.53
CA GLY G 326 -27.65 -4.44 -34.42
C GLY G 326 -26.75 -4.09 -33.26
N HIS G 327 -25.49 -3.73 -33.55
CA HIS G 327 -24.52 -3.43 -32.51
C HIS G 327 -23.63 -2.24 -32.83
N ILE G 328 -24.02 -1.40 -33.79
CA ILE G 328 -23.16 -0.29 -34.21
C ILE G 328 -23.93 1.02 -34.11
N ALA G 329 -25.26 0.93 -34.10
CA ALA G 329 -26.09 2.13 -34.18
C ALA G 329 -25.88 3.05 -32.98
N LYS G 330 -25.70 2.48 -31.79
CA LYS G 330 -25.72 3.27 -30.57
C LYS G 330 -24.45 4.10 -30.36
N ALA G 331 -23.31 3.68 -30.91
CA ALA G 331 -22.04 4.35 -30.66
C ALA G 331 -21.71 5.41 -31.71
N MET G 332 -22.61 5.64 -32.65
CA MET G 332 -22.32 6.51 -33.78
C MET G 332 -22.02 7.94 -33.32
N ASP G 333 -22.88 8.50 -32.46
CA ASP G 333 -22.67 9.87 -32.01
C ASP G 333 -21.38 10.04 -31.22
N PRO G 334 -21.09 9.24 -30.18
CA PRO G 334 -19.80 9.41 -29.50
C PRO G 334 -18.60 9.20 -30.40
N GLN G 335 -18.67 8.24 -31.33
CA GLN G 335 -17.52 8.00 -32.20
C GLN G 335 -17.28 9.18 -33.14
N ARG G 336 -18.34 9.66 -33.79
CA ARG G 336 -18.19 10.76 -34.73
C ARG G 336 -17.97 12.10 -34.04
N LEU G 337 -18.19 12.18 -32.73
CA LEU G 337 -17.78 13.36 -32.00
C LEU G 337 -16.32 13.26 -31.54
N TYR G 338 -15.88 12.05 -31.21
CA TYR G 338 -14.48 11.81 -30.88
C TYR G 338 -13.58 12.13 -32.06
N ASN G 339 -13.98 11.72 -33.26
CA ASN G 339 -13.17 12.02 -34.45
C ASN G 339 -13.01 13.53 -34.64
N LEU G 340 -14.11 14.27 -34.50
CA LEU G 340 -14.06 15.72 -34.65
C LEU G 340 -13.18 16.36 -33.59
N GLN G 341 -13.28 15.89 -32.34
CA GLN G 341 -12.44 16.43 -31.28
C GLN G 341 -10.97 16.20 -31.58
N VAL G 342 -10.62 15.00 -32.05
CA VAL G 342 -9.23 14.70 -32.35
C VAL G 342 -8.71 15.59 -33.47
N SER G 343 -9.49 15.74 -34.54
CA SER G 343 -9.05 16.57 -35.66
C SER G 343 -8.87 18.02 -35.24
N MET G 344 -9.84 18.56 -34.49
CA MET G 344 -9.77 19.95 -34.04
C MET G 344 -8.61 20.18 -33.10
N LEU G 345 -8.29 19.23 -32.22
CA LEU G 345 -7.11 19.36 -31.39
C LEU G 345 -5.84 19.34 -32.24
N ALA G 346 -5.77 18.44 -33.22
CA ALA G 346 -4.56 18.29 -34.02
C ALA G 346 -4.23 19.57 -34.78
N ASP G 347 -5.25 20.18 -35.40
CA ASP G 347 -5.00 21.38 -36.19
C ASP G 347 -4.49 22.53 -35.32
N THR G 348 -5.14 22.77 -34.18
CA THR G 348 -4.73 23.84 -33.28
C THR G 348 -3.32 23.58 -32.74
N ALA G 349 -3.02 22.32 -32.40
CA ALA G 349 -1.69 21.99 -31.92
C ALA G 349 -0.63 22.28 -32.97
N ALA G 350 -0.92 21.92 -34.23
CA ALA G 350 0.07 22.13 -35.28
C ALA G 350 0.20 23.59 -35.69
N GLN G 351 -0.79 24.44 -35.37
CA GLN G 351 -0.75 25.81 -35.84
C GLN G 351 0.47 26.57 -35.29
N ASP G 352 0.66 26.56 -33.96
CA ASP G 352 1.71 27.35 -33.30
C ASP G 352 2.65 26.44 -32.53
N PRO G 353 3.81 26.09 -33.10
CA PRO G 353 4.71 25.15 -32.41
C PRO G 353 5.47 25.77 -31.24
N GLY G 354 6.03 26.96 -31.40
CA GLY G 354 6.94 27.49 -30.41
C GLY G 354 6.89 28.98 -30.15
N GLN G 355 7.97 29.53 -29.60
CA GLN G 355 8.02 30.91 -29.17
C GLN G 355 9.01 31.71 -30.02
N ILE G 356 8.62 32.94 -30.36
CA ILE G 356 9.46 33.85 -31.12
C ILE G 356 9.49 35.20 -30.40
N PRO G 357 10.66 35.82 -30.25
CA PRO G 357 10.70 37.15 -29.65
C PRO G 357 10.17 38.21 -30.59
N ILE G 358 9.71 39.32 -30.01
CA ILE G 358 9.22 40.47 -30.76
C ILE G 358 10.07 41.67 -30.38
N VAL G 359 10.61 42.35 -31.38
CA VAL G 359 11.49 43.49 -31.18
C VAL G 359 11.07 44.61 -32.12
N GLY G 360 11.67 45.78 -31.92
CA GLY G 360 11.45 46.89 -32.80
C GLY G 360 12.53 47.01 -33.86
N MET G 361 12.12 47.53 -35.03
CA MET G 361 13.07 47.66 -36.13
C MET G 361 14.24 48.55 -35.73
N GLU G 362 13.96 49.73 -35.18
CA GLU G 362 15.01 50.63 -34.73
C GLU G 362 15.84 50.04 -33.61
N GLN G 363 15.29 49.09 -32.87
CA GLN G 363 16.01 48.42 -31.79
C GLN G 363 17.00 47.38 -32.29
N ILE G 364 16.65 46.63 -33.34
CA ILE G 364 17.43 45.46 -33.73
C ILE G 364 18.17 45.66 -35.05
N ARG G 365 17.97 46.79 -35.72
CA ARG G 365 18.59 47.02 -37.03
C ARG G 365 20.11 47.00 -36.93
N GLY G 366 20.75 46.37 -37.92
CA GLY G 366 22.20 46.32 -38.00
C GLY G 366 22.84 45.25 -37.17
N LEU G 367 22.05 44.49 -36.40
CA LEU G 367 22.57 43.46 -35.51
C LEU G 367 21.96 42.10 -35.81
N GLU G 368 21.36 41.93 -36.98
CA GLU G 368 20.64 40.70 -37.28
C GLU G 368 21.59 39.54 -37.52
N LYS G 369 22.83 39.81 -37.93
CA LYS G 369 23.76 38.72 -38.21
C LYS G 369 24.18 38.00 -36.94
N HIS G 370 24.17 38.68 -35.80
CA HIS G 370 24.47 38.02 -34.54
C HIS G 370 23.28 37.22 -34.03
N TRP G 371 22.06 37.71 -34.25
CA TRP G 371 20.88 37.03 -33.77
C TRP G 371 20.52 35.82 -34.63
N GLU G 372 20.82 35.86 -35.93
CA GLU G 372 20.44 34.78 -36.82
C GLU G 372 21.22 33.49 -36.55
N ALA G 373 22.33 33.57 -35.83
CA ALA G 373 23.19 32.42 -35.60
C ALA G 373 23.57 32.29 -34.13
N ARG G 374 22.60 32.41 -33.23
CA ARG G 374 22.89 32.26 -31.80
C ARG G 374 22.92 30.81 -31.35
N ASN G 375 22.40 29.88 -32.16
CA ASN G 375 22.41 28.47 -31.81
C ASN G 375 23.54 27.69 -32.48
N LYS G 376 24.14 28.24 -33.54
CA LYS G 376 25.30 27.63 -34.19
C LYS G 376 26.60 28.07 -33.54
N LYS G 377 26.86 29.37 -33.50
CA LYS G 377 27.98 29.89 -32.73
C LYS G 377 27.60 29.93 -31.24
N ARG G 378 28.56 30.29 -30.41
CA ARG G 378 28.39 30.34 -28.96
C ARG G 378 28.79 31.71 -28.46
N PRO G 379 27.94 32.71 -28.68
CA PRO G 379 28.29 34.07 -28.27
C PRO G 379 28.31 34.23 -26.76
N ALA G 380 29.21 35.08 -26.29
CA ALA G 380 29.25 35.39 -24.86
C ALA G 380 28.07 36.27 -24.44
N PHE G 381 27.51 37.05 -25.37
CA PHE G 381 26.39 37.93 -25.09
C PHE G 381 25.73 38.30 -26.40
N LEU G 382 24.57 38.93 -26.30
CA LEU G 382 23.82 39.38 -27.46
C LEU G 382 23.52 40.87 -27.32
N PRO G 383 23.86 41.70 -28.31
CA PRO G 383 23.63 43.14 -28.19
C PRO G 383 22.26 43.57 -28.70
N LEU G 384 21.70 44.58 -28.06
CA LEU G 384 20.42 45.13 -28.45
C LEU G 384 20.28 46.52 -27.86
N ARG G 385 19.66 47.42 -28.62
CA ARG G 385 19.53 48.82 -28.22
C ARG G 385 18.29 49.03 -27.36
N GLU G 386 18.05 50.29 -27.02
CA GLU G 386 16.93 50.66 -26.18
C GLU G 386 15.79 51.24 -27.01
N VAL G 387 14.68 51.54 -26.33
CA VAL G 387 13.53 52.17 -26.96
C VAL G 387 13.59 53.66 -26.67
N ARG G 388 13.38 54.47 -27.72
CA ARG G 388 13.54 55.92 -27.61
C ARG G 388 12.29 56.62 -28.11
N ASP G 389 12.01 57.78 -27.52
CA ASP G 389 10.88 58.60 -27.92
C ASP G 389 11.27 59.42 -29.15
N LYS G 390 10.36 60.28 -29.63
CA LYS G 390 10.68 61.12 -30.77
C LYS G 390 11.71 62.19 -30.43
N SER G 391 11.89 62.51 -29.16
CA SER G 391 12.83 63.53 -28.74
C SER G 391 14.20 62.98 -28.37
N GLY G 392 14.40 61.68 -28.44
CA GLY G 392 15.67 61.08 -28.12
C GLY G 392 15.81 60.56 -26.70
N ASN G 393 14.79 60.73 -25.87
CA ASN G 393 14.84 60.25 -24.49
C ASN G 393 14.60 58.75 -24.44
N ILE G 394 15.23 58.10 -23.45
CA ILE G 394 15.13 56.65 -23.31
C ILE G 394 13.89 56.31 -22.50
N ILE G 395 13.15 55.31 -22.96
CA ILE G 395 11.93 54.88 -22.28
C ILE G 395 12.03 53.46 -21.72
N ALA G 396 12.52 52.49 -22.49
CA ALA G 396 12.56 51.11 -22.04
C ALA G 396 13.96 50.55 -22.22
N GLY G 397 14.22 49.43 -21.55
CA GLY G 397 15.53 48.82 -21.58
C GLY G 397 15.80 48.09 -22.88
N ALA G 398 16.89 47.34 -22.87
CA ALA G 398 17.34 46.59 -24.05
C ALA G 398 16.66 45.24 -24.18
N THR G 399 15.78 44.87 -23.25
CA THR G 399 15.09 43.61 -23.33
C THR G 399 14.09 43.63 -24.49
N PRO G 400 13.83 42.47 -25.11
CA PRO G 400 12.79 42.41 -26.14
C PRO G 400 11.42 42.73 -25.55
N ALA G 401 10.54 43.27 -26.40
CA ALA G 401 9.22 43.69 -25.95
C ALA G 401 8.44 42.54 -25.37
N GLY G 402 8.50 41.37 -26.02
CA GLY G 402 7.77 40.23 -25.52
C GLY G 402 8.05 39.01 -26.38
N TYR G 403 7.31 37.94 -26.10
CA TYR G 403 7.41 36.70 -26.83
C TYR G 403 6.03 36.26 -27.28
N THR G 404 5.97 35.52 -28.38
CA THR G 404 4.68 35.01 -28.82
C THR G 404 4.26 33.83 -27.95
N GLN G 405 2.98 33.48 -28.04
CA GLN G 405 2.54 32.41 -27.17
C GLN G 405 2.52 31.07 -27.90
N PRO G 406 2.82 29.97 -27.20
CA PRO G 406 2.65 28.65 -27.79
C PRO G 406 1.19 28.24 -27.79
N ALA G 407 0.93 27.09 -28.42
CA ALA G 407 -0.42 26.58 -28.48
C ALA G 407 -0.90 26.11 -27.11
N VAL G 408 -2.22 26.09 -26.92
CA VAL G 408 -2.82 25.68 -25.66
C VAL G 408 -4.01 24.78 -25.96
N MET G 409 -4.36 23.96 -24.97
CA MET G 409 -5.50 23.07 -25.06
C MET G 409 -6.54 23.50 -24.02
N ASN G 410 -7.77 23.71 -24.46
CA ASN G 410 -8.82 24.12 -23.54
C ASN G 410 -9.38 22.91 -22.79
N GLN G 411 -10.01 23.19 -21.65
CA GLN G 411 -10.48 22.12 -20.78
C GLN G 411 -11.65 21.37 -21.40
N ALA G 412 -12.49 22.07 -22.18
CA ALA G 412 -13.68 21.44 -22.74
C ALA G 412 -13.32 20.32 -23.71
N LEU G 413 -12.30 20.54 -24.55
CA LEU G 413 -11.90 19.51 -25.50
C LEU G 413 -11.41 18.26 -24.78
N ALA G 414 -10.58 18.42 -23.76
CA ALA G 414 -10.09 17.27 -23.02
C ALA G 414 -11.24 16.53 -22.32
N ALA G 415 -12.12 17.29 -21.67
CA ALA G 415 -13.25 16.66 -20.98
C ALA G 415 -14.12 15.87 -21.95
N LEU G 416 -14.37 16.44 -23.13
CA LEU G 416 -15.13 15.71 -24.15
C LEU G 416 -14.38 14.47 -24.60
N LEU G 417 -13.05 14.56 -24.72
CA LEU G 417 -12.28 13.40 -25.13
C LEU G 417 -12.47 12.24 -24.16
N GLN G 418 -12.25 12.48 -22.87
CA GLN G 418 -12.42 11.39 -21.90
C GLN G 418 -13.86 10.92 -21.84
N GLN G 419 -14.82 11.85 -21.87
CA GLN G 419 -16.22 11.47 -21.76
C GLN G 419 -16.64 10.57 -22.91
N THR G 420 -16.31 10.96 -24.14
CA THR G 420 -16.71 10.17 -25.30
C THR G 420 -15.96 8.83 -25.35
N SER G 421 -14.68 8.83 -24.97
CA SER G 421 -13.93 7.58 -24.95
C SER G 421 -14.55 6.60 -23.97
N ALA G 422 -14.94 7.08 -22.79
CA ALA G 422 -15.60 6.19 -21.83
C ALA G 422 -16.98 5.77 -22.30
N ASP G 423 -17.72 6.68 -22.93
CA ASP G 423 -19.08 6.39 -23.36
C ASP G 423 -19.11 5.32 -24.43
N ILE G 424 -18.16 5.35 -25.36
CA ILE G 424 -18.13 4.34 -26.42
C ILE G 424 -18.02 2.94 -25.81
N GLN G 425 -17.05 2.76 -24.92
CA GLN G 425 -16.85 1.46 -24.30
C GLN G 425 -18.04 1.07 -23.43
N GLU G 426 -18.61 2.02 -22.70
CA GLU G 426 -19.75 1.72 -21.83
C GLU G 426 -20.94 1.25 -22.66
N VAL G 427 -21.20 1.92 -23.78
CA VAL G 427 -22.34 1.56 -24.62
C VAL G 427 -22.11 0.22 -25.29
N THR G 428 -20.93 0.02 -25.88
CA THR G 428 -20.65 -1.21 -26.63
C THR G 428 -20.20 -2.29 -25.65
N GLY G 429 -21.19 -2.89 -24.98
CA GLY G 429 -20.95 -3.95 -24.04
C GLY G 429 -20.22 -3.51 -22.79
N MET G 450 -25.00 -19.21 -16.29
CA MET G 450 -25.06 -17.77 -16.11
C MET G 450 -23.95 -17.08 -16.88
N ASN G 451 -22.87 -17.82 -17.15
CA ASN G 451 -21.75 -17.26 -17.91
C ASN G 451 -22.20 -16.86 -19.31
N ARG G 452 -22.99 -17.71 -19.97
CA ARG G 452 -23.50 -17.37 -21.29
C ARG G 452 -24.44 -16.17 -21.23
N ALA G 453 -25.28 -16.11 -20.19
CA ALA G 453 -26.23 -15.01 -20.07
C ALA G 453 -25.53 -13.68 -19.81
N ASP G 454 -24.41 -13.71 -19.10
CA ASP G 454 -23.72 -12.46 -18.78
C ASP G 454 -22.99 -11.87 -19.98
N MET G 455 -22.72 -12.68 -21.00
CA MET G 455 -22.06 -12.19 -22.19
C MET G 455 -23.02 -11.35 -23.03
N ALA G 456 -22.44 -10.59 -23.97
CA ALA G 456 -23.23 -9.68 -24.79
C ALA G 456 -23.73 -10.30 -26.09
N SER G 457 -23.29 -11.51 -26.43
CA SER G 457 -23.68 -12.17 -27.67
C SER G 457 -24.79 -13.19 -27.46
N PHE G 458 -25.28 -13.36 -26.23
CA PHE G 458 -26.26 -14.39 -25.95
C PHE G 458 -27.55 -14.16 -26.73
N ILE G 459 -28.01 -12.92 -26.81
CA ILE G 459 -29.24 -12.63 -27.54
C ILE G 459 -29.06 -12.92 -29.03
N TYR G 460 -27.88 -12.60 -29.58
CA TYR G 460 -27.63 -12.89 -30.99
C TYR G 460 -27.64 -14.39 -31.26
N LEU G 461 -26.98 -15.18 -30.40
CA LEU G 461 -26.99 -16.63 -30.59
C LEU G 461 -28.41 -17.19 -30.43
N ASP G 462 -29.18 -16.67 -29.49
CA ASP G 462 -30.54 -17.16 -29.31
C ASP G 462 -31.41 -16.86 -30.54
N ASN G 463 -31.27 -15.66 -31.10
CA ASN G 463 -32.01 -15.33 -32.31
C ASN G 463 -31.56 -16.19 -33.48
N MET G 464 -30.26 -16.51 -33.55
CA MET G 464 -29.78 -17.39 -34.60
C MET G 464 -30.38 -18.79 -34.47
N ALA G 465 -30.46 -19.30 -33.24
CA ALA G 465 -31.11 -20.60 -33.04
C ALA G 465 -32.58 -20.56 -33.42
N LYS G 466 -33.26 -19.46 -33.08
CA LYS G 466 -34.66 -19.33 -33.43
C LYS G 466 -34.86 -19.27 -34.95
N SER G 467 -33.94 -18.66 -35.68
CA SER G 467 -34.04 -18.67 -37.14
C SER G 467 -33.74 -20.06 -37.71
N LEU G 468 -32.77 -20.76 -37.13
CA LEU G 468 -32.43 -22.10 -37.61
C LEU G 468 -33.57 -23.08 -37.38
N LYS G 469 -34.36 -22.88 -36.33
CA LYS G 469 -35.53 -23.74 -36.14
C LYS G 469 -36.51 -23.62 -37.31
N ARG G 470 -36.79 -22.39 -37.73
CA ARG G 470 -37.66 -22.18 -38.89
C ARG G 470 -37.04 -22.72 -40.17
N ALA G 471 -35.73 -22.56 -40.32
CA ALA G 471 -35.05 -23.13 -41.48
C ALA G 471 -35.22 -24.64 -41.53
N GLY G 472 -35.06 -25.30 -40.37
CA GLY G 472 -35.27 -26.74 -40.33
C GLY G 472 -36.70 -27.13 -40.64
N GLU G 473 -37.67 -26.36 -40.15
CA GLU G 473 -39.06 -26.64 -40.47
C GLU G 473 -39.32 -26.54 -41.97
N VAL G 474 -38.78 -25.50 -42.62
CA VAL G 474 -38.96 -25.35 -44.05
C VAL G 474 -38.29 -26.49 -44.81
N TRP G 475 -37.09 -26.88 -44.38
CA TRP G 475 -36.41 -28.00 -45.03
C TRP G 475 -37.21 -29.28 -44.89
N LEU G 476 -37.77 -29.53 -43.71
CA LEU G 476 -38.58 -30.74 -43.52
C LEU G 476 -39.82 -30.71 -44.39
N SER G 477 -40.45 -29.54 -44.53
CA SER G 477 -41.60 -29.44 -45.41
C SER G 477 -41.22 -29.70 -46.86
N MET G 478 -40.06 -29.20 -47.29
CA MET G 478 -39.65 -29.36 -48.69
C MET G 478 -39.17 -30.78 -48.98
N ALA G 479 -38.62 -31.47 -47.99
CA ALA G 479 -37.97 -32.75 -48.25
C ALA G 479 -38.97 -33.85 -48.59
N ARG G 480 -40.24 -33.67 -48.23
CA ARG G 480 -41.24 -34.69 -48.55
C ARG G 480 -41.50 -34.76 -50.04
N GLU G 481 -41.43 -33.62 -50.73
CA GLU G 481 -41.74 -33.58 -52.16
C GLU G 481 -40.54 -33.92 -53.03
N VAL G 482 -39.34 -33.98 -52.47
CA VAL G 482 -38.14 -34.27 -53.24
C VAL G 482 -37.60 -35.66 -52.97
N TYR G 483 -37.44 -36.02 -51.70
CA TYR G 483 -36.93 -37.33 -51.31
C TYR G 483 -38.03 -38.34 -51.03
N GLY G 484 -39.29 -37.91 -51.02
CA GLY G 484 -40.40 -38.82 -50.83
C GLY G 484 -40.68 -39.11 -49.36
N SER G 485 -41.88 -39.62 -49.11
CA SER G 485 -42.29 -39.96 -47.75
C SER G 485 -41.55 -41.20 -47.27
N GLU G 486 -41.48 -41.35 -45.95
CA GLU G 486 -40.78 -42.46 -45.32
C GLU G 486 -41.78 -43.41 -44.67
N ARG G 487 -41.51 -44.71 -44.79
CA ARG G 487 -42.33 -45.74 -44.17
C ARG G 487 -41.43 -46.76 -43.50
N GLU G 488 -41.86 -47.27 -42.35
CA GLU G 488 -41.10 -48.24 -41.57
C GLU G 488 -41.58 -49.64 -41.93
N VAL G 489 -40.84 -50.30 -42.82
CA VAL G 489 -41.20 -51.63 -43.32
C VAL G 489 -39.96 -52.49 -43.32
N ARG G 490 -39.91 -53.49 -42.43
CA ARG G 490 -38.93 -54.56 -42.53
C ARG G 490 -39.53 -55.95 -42.33
N ILE G 491 -40.66 -56.08 -41.65
CA ILE G 491 -41.28 -57.38 -41.43
C ILE G 491 -41.86 -57.92 -42.74
N VAL G 507 -40.04 -53.32 -39.40
CA VAL G 507 -40.26 -52.65 -38.13
C VAL G 507 -38.93 -52.12 -37.58
N VAL G 508 -37.82 -52.66 -38.08
CA VAL G 508 -36.49 -52.24 -37.65
C VAL G 508 -35.69 -51.60 -38.78
N ASP G 509 -36.36 -51.20 -39.87
CA ASP G 509 -35.69 -50.59 -41.00
C ASP G 509 -36.53 -49.41 -41.51
N ARG G 510 -35.85 -48.48 -42.17
CA ARG G 510 -36.47 -47.32 -42.79
C ARG G 510 -35.98 -47.23 -44.23
N GLN G 511 -36.91 -47.12 -45.18
CA GLN G 511 -36.55 -47.05 -46.58
C GLN G 511 -37.72 -46.52 -47.40
N THR G 512 -37.38 -45.79 -48.47
CA THR G 512 -38.35 -45.36 -49.46
C THR G 512 -37.87 -45.75 -50.85
N GLY G 513 -38.81 -46.10 -51.71
CA GLY G 513 -38.46 -46.55 -53.05
C GLY G 513 -39.38 -45.96 -54.11
N ALA G 514 -38.80 -45.49 -55.21
CA ALA G 514 -39.59 -44.85 -56.25
C ALA G 514 -38.75 -44.73 -57.52
N VAL G 515 -39.41 -44.93 -58.66
CA VAL G 515 -38.79 -44.58 -59.94
C VAL G 515 -38.59 -43.07 -60.03
N VAL G 516 -39.66 -42.32 -59.72
CA VAL G 516 -39.58 -40.89 -59.44
C VAL G 516 -40.31 -40.66 -58.13
N ALA G 517 -39.69 -39.89 -57.23
CA ALA G 517 -40.11 -39.79 -55.83
C ALA G 517 -41.61 -39.64 -55.67
N LEU G 518 -42.22 -40.56 -54.94
CA LEU G 518 -43.63 -40.52 -54.60
C LEU G 518 -43.81 -39.91 -53.22
N ASN G 519 -44.82 -39.05 -53.08
CA ASN G 519 -45.15 -38.42 -51.81
C ASN G 519 -46.56 -38.83 -51.42
N ASP G 520 -46.69 -39.67 -50.40
CA ASP G 520 -47.98 -40.15 -49.94
C ASP G 520 -48.55 -39.15 -48.94
N LEU G 521 -49.72 -38.59 -49.26
CA LEU G 521 -50.33 -37.59 -48.39
C LEU G 521 -50.94 -38.19 -47.13
N SER G 522 -51.22 -39.49 -47.13
CA SER G 522 -51.87 -40.14 -46.00
C SER G 522 -50.92 -40.56 -44.90
N VAL G 523 -49.61 -40.37 -45.08
CA VAL G 523 -48.65 -40.74 -44.06
C VAL G 523 -48.87 -39.92 -42.80
N GLY G 524 -49.06 -38.61 -42.95
CA GLY G 524 -49.22 -37.74 -41.81
C GLY G 524 -47.91 -37.12 -41.36
N ARG G 525 -48.00 -36.43 -40.22
CA ARG G 525 -46.84 -35.74 -39.67
C ARG G 525 -45.87 -36.74 -39.05
N TYR G 526 -44.58 -36.46 -39.19
CA TYR G 526 -43.55 -37.26 -38.55
C TYR G 526 -43.55 -37.04 -37.04
N ASP G 527 -42.85 -37.91 -36.33
CA ASP G 527 -42.72 -37.80 -34.87
C ASP G 527 -41.34 -37.30 -34.48
N VAL G 528 -40.77 -36.37 -35.23
CA VAL G 528 -39.49 -35.78 -34.89
C VAL G 528 -39.72 -34.31 -34.55
N THR G 529 -38.79 -33.76 -33.78
CA THR G 529 -38.87 -32.37 -33.32
C THR G 529 -37.65 -31.60 -33.81
N VAL G 530 -37.89 -30.42 -34.36
CA VAL G 530 -36.81 -29.57 -34.86
C VAL G 530 -36.16 -28.86 -33.68
N ASP G 531 -34.83 -28.90 -33.62
CA ASP G 531 -34.07 -28.24 -32.57
C ASP G 531 -32.67 -27.95 -33.09
N VAL G 532 -31.85 -27.30 -32.27
CA VAL G 532 -30.51 -26.89 -32.66
C VAL G 532 -29.49 -27.60 -31.78
N GLY G 533 -28.25 -27.63 -32.26
CA GLY G 533 -27.17 -28.24 -31.54
C GLY G 533 -25.83 -27.87 -32.17
N PRO G 534 -24.74 -28.37 -31.60
CA PRO G 534 -23.42 -28.07 -32.17
C PRO G 534 -23.28 -28.64 -33.57
N SER G 535 -22.51 -27.93 -34.39
CA SER G 535 -22.27 -28.31 -35.77
C SER G 535 -21.08 -29.26 -35.84
N TYR G 536 -21.21 -30.33 -36.62
CA TYR G 536 -20.16 -31.33 -36.77
C TYR G 536 -19.92 -31.62 -38.23
N THR G 537 -18.67 -31.93 -38.57
CA THR G 537 -18.32 -32.24 -39.95
C THR G 537 -18.82 -33.62 -40.36
N ALA G 538 -18.67 -34.61 -39.49
CA ALA G 538 -19.04 -35.98 -39.81
C ALA G 538 -19.72 -36.62 -38.60
N ARG G 539 -20.39 -37.74 -38.86
CA ARG G 539 -21.10 -38.45 -37.80
C ARG G 539 -20.16 -38.94 -36.72
N ARG G 540 -18.89 -39.22 -37.08
CA ARG G 540 -17.93 -39.68 -36.08
C ARG G 540 -17.69 -38.61 -35.03
N ASP G 541 -17.63 -37.35 -35.44
CA ASP G 541 -17.43 -36.26 -34.47
C ASP G 541 -18.57 -36.21 -33.47
N ALA G 542 -19.81 -36.30 -33.94
CA ALA G 542 -20.96 -36.25 -33.04
C ALA G 542 -20.96 -37.46 -32.11
N THR G 543 -20.69 -38.65 -32.65
CA THR G 543 -20.68 -39.85 -31.82
C THR G 543 -19.62 -39.75 -30.73
N VAL G 544 -18.41 -39.32 -31.09
CA VAL G 544 -17.33 -39.21 -30.12
C VAL G 544 -17.67 -38.15 -29.08
N SER G 545 -18.26 -37.03 -29.50
CA SER G 545 -18.62 -35.97 -28.56
C SER G 545 -19.65 -36.46 -27.54
N VAL G 546 -20.70 -37.13 -28.02
CA VAL G 546 -21.74 -37.59 -27.11
C VAL G 546 -21.19 -38.68 -26.18
N LEU G 547 -20.38 -39.59 -26.70
CA LEU G 547 -19.82 -40.62 -25.85
C LEU G 547 -18.87 -40.03 -24.81
N THR G 548 -18.09 -39.01 -25.18
CA THR G 548 -17.22 -38.35 -24.22
C THR G 548 -18.04 -37.64 -23.15
N ASN G 549 -19.16 -37.01 -23.54
CA ASN G 549 -20.02 -36.38 -22.55
C ASN G 549 -20.60 -37.41 -21.59
N VAL G 550 -20.99 -38.58 -22.11
CA VAL G 550 -21.45 -39.66 -21.24
C VAL G 550 -20.36 -40.07 -20.28
N LEU G 551 -19.14 -40.27 -20.79
CA LEU G 551 -17.99 -40.50 -19.94
C LEU G 551 -17.60 -39.21 -19.23
N SER G 552 -16.53 -39.27 -18.43
CA SER G 552 -15.99 -38.17 -17.64
C SER G 552 -16.98 -37.69 -16.58
N SER G 553 -18.15 -38.29 -16.48
CA SER G 553 -19.11 -38.02 -15.42
C SER G 553 -19.41 -39.26 -14.58
N MET G 554 -18.58 -40.28 -14.68
CA MET G 554 -18.77 -41.55 -14.00
C MET G 554 -17.56 -41.87 -13.14
N LEU G 555 -17.78 -42.68 -12.11
CA LEU G 555 -16.68 -43.10 -11.26
C LEU G 555 -15.67 -43.92 -12.06
N PRO G 556 -14.38 -43.82 -11.72
CA PRO G 556 -13.38 -44.58 -12.48
C PRO G 556 -13.58 -46.08 -12.46
N THR G 557 -14.12 -46.63 -11.37
CA THR G 557 -14.30 -48.08 -11.24
C THR G 557 -15.64 -48.57 -11.76
N ASP G 558 -16.36 -47.75 -12.51
CA ASP G 558 -17.66 -48.18 -13.04
C ASP G 558 -17.47 -49.29 -14.06
N PRO G 559 -18.36 -50.28 -14.07
CA PRO G 559 -18.18 -51.45 -14.94
C PRO G 559 -18.34 -51.16 -16.43
N MET G 560 -19.08 -50.12 -16.78
CA MET G 560 -19.33 -49.79 -18.18
C MET G 560 -18.24 -48.93 -18.80
N ARG G 561 -17.29 -48.43 -18.00
CA ARG G 561 -16.23 -47.60 -18.54
C ARG G 561 -15.39 -48.29 -19.61
N PRO G 562 -14.97 -49.56 -19.46
CA PRO G 562 -14.26 -50.21 -20.57
C PRO G 562 -15.09 -50.28 -21.85
N ALA G 563 -16.39 -50.52 -21.74
CA ALA G 563 -17.24 -50.54 -22.93
C ALA G 563 -17.30 -49.17 -23.58
N ILE G 564 -17.44 -48.11 -22.78
CA ILE G 564 -17.43 -46.76 -23.34
C ILE G 564 -16.12 -46.49 -24.06
N GLN G 565 -15.00 -46.85 -23.42
CA GLN G 565 -13.70 -46.60 -24.03
C GLN G 565 -13.54 -47.36 -25.34
N GLY G 566 -13.96 -48.62 -25.37
CA GLY G 566 -13.86 -49.41 -26.59
C GLY G 566 -14.71 -48.83 -27.71
N ILE G 567 -15.93 -48.43 -27.41
CA ILE G 567 -16.80 -47.87 -28.45
C ILE G 567 -16.25 -46.53 -28.94
N ILE G 568 -15.67 -45.74 -28.03
CA ILE G 568 -15.04 -44.49 -28.45
C ILE G 568 -13.87 -44.77 -29.39
N LEU G 569 -13.00 -45.69 -29.00
CA LEU G 569 -11.82 -46.00 -29.81
C LEU G 569 -12.17 -46.65 -31.13
N ASP G 570 -13.35 -47.28 -31.23
CA ASP G 570 -13.76 -47.85 -32.51
C ASP G 570 -13.95 -46.79 -33.58
N ASN G 571 -14.53 -45.65 -33.22
CA ASN G 571 -14.92 -44.64 -34.20
C ASN G 571 -13.82 -43.63 -34.52
N ILE G 572 -12.66 -43.72 -33.88
CA ILE G 572 -11.58 -42.77 -34.14
C ILE G 572 -10.95 -43.10 -35.49
N ASP G 573 -10.64 -42.06 -36.26
CA ASP G 573 -10.01 -42.21 -37.57
C ASP G 573 -8.61 -41.61 -37.55
N GLY G 574 -7.75 -42.12 -38.43
CA GLY G 574 -6.39 -41.66 -38.51
C GLY G 574 -5.63 -42.41 -39.57
N GLU G 575 -4.33 -42.13 -39.63
CA GLU G 575 -3.45 -42.76 -40.60
C GLU G 575 -2.56 -43.80 -39.92
N GLY G 576 -2.54 -45.01 -40.47
CA GLY G 576 -1.72 -46.07 -39.94
C GLY G 576 -2.24 -46.71 -38.68
N LEU G 577 -3.54 -46.59 -38.41
CA LEU G 577 -4.16 -47.18 -37.22
C LEU G 577 -4.95 -48.44 -37.56
N ASP G 578 -4.65 -49.07 -38.71
CA ASP G 578 -5.44 -50.21 -39.14
C ASP G 578 -5.30 -51.39 -38.19
N ASP G 579 -4.07 -51.71 -37.79
CA ASP G 579 -3.85 -52.84 -36.89
C ASP G 579 -4.48 -52.59 -35.53
N PHE G 580 -4.33 -51.37 -35.01
CA PHE G 580 -4.94 -51.04 -33.72
C PHE G 580 -6.45 -51.14 -33.78
N LYS G 581 -7.05 -50.62 -34.86
CA LYS G 581 -8.51 -50.72 -35.02
C LYS G 581 -8.94 -52.17 -35.12
N GLU G 582 -8.20 -52.99 -35.85
CA GLU G 582 -8.53 -54.41 -35.96
C GLU G 582 -8.50 -55.10 -34.61
N TYR G 583 -7.43 -54.86 -33.84
CA TYR G 583 -7.32 -55.49 -32.53
C TYR G 583 -8.44 -55.03 -31.59
N ASN G 584 -8.75 -53.73 -31.61
CA ASN G 584 -9.82 -53.22 -30.77
C ASN G 584 -11.17 -53.81 -31.17
N ARG G 585 -11.41 -53.96 -32.47
CA ARG G 585 -12.66 -54.56 -32.93
C ARG G 585 -12.76 -56.02 -32.52
N ASN G 586 -11.65 -56.76 -32.60
CA ASN G 586 -11.67 -58.14 -32.12
C ASN G 586 -11.96 -58.20 -30.63
N GLN G 587 -11.38 -57.28 -29.85
CA GLN G 587 -11.63 -57.26 -28.41
C GLN G 587 -13.08 -56.92 -28.10
N LEU G 588 -13.72 -56.08 -28.92
CA LEU G 588 -15.14 -55.82 -28.72
C LEU G 588 -16.00 -56.99 -29.17
N LEU G 589 -15.58 -57.71 -30.20
CA LEU G 589 -16.35 -58.86 -30.67
C LEU G 589 -16.33 -60.00 -29.67
N ILE G 590 -15.16 -60.29 -29.08
CA ILE G 590 -15.06 -61.40 -28.14
C ILE G 590 -15.90 -61.19 -26.89
N SER G 591 -16.28 -59.95 -26.58
CA SER G 591 -17.12 -59.66 -25.43
C SER G 591 -18.59 -59.51 -25.79
N GLY G 592 -18.95 -59.79 -27.03
CA GLY G 592 -20.35 -59.74 -27.45
C GLY G 592 -21.00 -58.37 -27.35
N ILE G 593 -20.30 -57.33 -27.80
CA ILE G 593 -20.84 -55.97 -27.74
C ILE G 593 -21.00 -55.34 -29.11
N ALA G 594 -20.32 -55.83 -30.15
CA ALA G 594 -20.31 -55.16 -31.44
C ALA G 594 -21.34 -55.71 -32.42
N LYS G 595 -21.99 -56.83 -32.11
CA LYS G 595 -23.05 -57.38 -32.94
C LYS G 595 -22.50 -57.64 -34.35
N PRO G 596 -21.72 -58.73 -34.52
CA PRO G 596 -21.08 -59.01 -35.82
C PRO G 596 -21.97 -58.79 -37.03
N ARG G 597 -21.51 -58.01 -38.00
CA ARG G 597 -22.35 -57.59 -39.12
C ARG G 597 -22.25 -58.54 -40.32
N ASN G 598 -22.31 -59.84 -40.03
CA ASN G 598 -22.68 -60.87 -40.99
C ASN G 598 -21.82 -60.89 -42.26
N GLU G 599 -20.50 -60.69 -42.13
CA GLU G 599 -19.62 -61.07 -43.23
C GLU G 599 -18.63 -62.16 -42.85
N LYS G 600 -17.76 -61.92 -41.88
CA LYS G 600 -16.71 -62.88 -41.55
C LYS G 600 -16.47 -63.07 -40.07
N GLU G 601 -16.83 -62.13 -39.21
CA GLU G 601 -16.55 -62.23 -37.78
C GLU G 601 -17.64 -62.97 -37.03
N GLN G 602 -18.86 -63.04 -37.59
CA GLN G 602 -19.91 -63.88 -37.00
C GLN G 602 -19.61 -65.36 -37.15
N GLN G 603 -18.68 -65.72 -38.03
CA GLN G 603 -18.39 -67.11 -38.35
C GLN G 603 -16.99 -67.56 -37.98
N ILE G 604 -16.06 -66.65 -37.75
CA ILE G 604 -14.67 -67.02 -37.45
C ILE G 604 -14.31 -66.60 -36.04
N VAL G 605 -14.37 -65.29 -35.78
CA VAL G 605 -13.99 -64.78 -34.46
C VAL G 605 -14.95 -65.29 -33.39
N GLN G 606 -16.25 -65.22 -33.66
CA GLN G 606 -17.22 -65.71 -32.69
C GLN G 606 -17.14 -67.21 -32.50
N GLN G 607 -16.92 -67.96 -33.59
CA GLN G 607 -16.79 -69.40 -33.47
C GLN G 607 -15.58 -69.77 -32.62
N ALA G 608 -14.46 -69.09 -32.85
CA ALA G 608 -13.29 -69.29 -31.99
C ALA G 608 -13.62 -68.92 -30.54
N GLN G 609 -14.41 -67.88 -30.34
CA GLN G 609 -14.76 -67.47 -28.99
C GLN G 609 -15.60 -68.53 -28.28
N MET G 610 -16.60 -69.10 -28.95
CA MET G 610 -17.39 -70.14 -28.30
C MET G 610 -16.56 -71.40 -28.10
N ALA G 611 -15.66 -71.71 -29.02
CA ALA G 611 -14.79 -72.86 -28.83
C ALA G 611 -13.89 -72.68 -27.60
N ALA G 612 -13.30 -71.49 -27.46
CA ALA G 612 -12.41 -71.18 -26.34
C ALA G 612 -13.17 -70.87 -25.07
N GLN G 613 -14.50 -70.77 -25.13
CA GLN G 613 -15.33 -70.70 -23.92
C GLN G 613 -15.77 -72.08 -23.46
N SER G 614 -16.09 -72.97 -24.40
CA SER G 614 -16.50 -74.33 -24.06
C SER G 614 -15.31 -75.20 -23.64
N GLN G 615 -14.13 -74.98 -24.23
CA GLN G 615 -12.98 -75.81 -23.90
C GLN G 615 -12.54 -75.71 -22.44
N PRO G 616 -12.37 -74.53 -21.84
CA PRO G 616 -11.83 -74.46 -20.48
C PRO G 616 -12.86 -74.52 -19.36
N ASN G 617 -14.10 -74.90 -19.62
CA ASN G 617 -15.02 -75.17 -18.52
C ASN G 617 -14.53 -76.34 -17.66
N PRO G 618 -14.05 -77.45 -18.22
CA PRO G 618 -13.38 -78.46 -17.37
C PRO G 618 -12.17 -77.91 -16.62
N GLU G 619 -11.41 -77.00 -17.22
CA GLU G 619 -10.30 -76.39 -16.49
C GLU G 619 -10.80 -75.56 -15.30
N MET G 620 -11.89 -74.80 -15.52
CA MET G 620 -12.46 -74.01 -14.43
C MET G 620 -12.96 -74.89 -13.30
N VAL G 621 -13.64 -75.99 -13.63
CA VAL G 621 -14.11 -76.88 -12.58
C VAL G 621 -12.96 -77.66 -11.94
N LEU G 622 -11.86 -77.85 -12.67
CA LEU G 622 -10.67 -78.48 -12.10
C LEU G 622 -9.97 -77.54 -11.12
N ALA G 623 -10.03 -76.24 -11.39
CA ALA G 623 -9.44 -75.25 -10.49
C ALA G 623 -9.97 -75.38 -9.07
N GLN G 624 -11.23 -75.76 -8.91
CA GLN G 624 -11.83 -75.97 -7.59
C GLN G 624 -12.38 -77.38 -7.46
N ALA G 625 -11.79 -78.33 -8.18
CA ALA G 625 -12.20 -79.73 -8.15
C ALA G 625 -11.69 -80.50 -6.94
N GLN G 626 -11.25 -79.79 -5.90
CA GLN G 626 -10.79 -80.49 -4.68
C GLN G 626 -11.89 -81.37 -4.09
N MET G 627 -13.15 -81.02 -4.33
CA MET G 627 -14.25 -81.83 -3.84
C MET G 627 -14.70 -82.91 -4.81
N VAL G 628 -14.21 -82.90 -6.06
CA VAL G 628 -14.70 -83.85 -7.04
C VAL G 628 -14.36 -85.28 -6.63
N ALA G 629 -13.11 -85.51 -6.19
CA ALA G 629 -12.73 -86.84 -5.76
C ALA G 629 -13.55 -87.28 -4.54
N ALA G 630 -13.74 -86.37 -3.58
CA ALA G 630 -14.50 -86.72 -2.38
C ALA G 630 -15.95 -87.05 -2.71
N GLN G 631 -16.58 -86.24 -3.57
CA GLN G 631 -17.97 -86.49 -3.90
C GLN G 631 -18.14 -87.75 -4.73
N ALA G 632 -17.19 -88.03 -5.64
CA ALA G 632 -17.24 -89.28 -6.38
C ALA G 632 -17.07 -90.47 -5.46
N GLU G 633 -16.16 -90.39 -4.50
CA GLU G 633 -15.96 -91.47 -3.55
C GLU G 633 -17.22 -91.70 -2.71
N ALA G 634 -17.84 -90.62 -2.24
CA ALA G 634 -19.07 -90.76 -1.46
C ALA G 634 -20.20 -91.33 -2.31
N GLN G 635 -20.33 -90.87 -3.55
CA GLN G 635 -21.41 -91.35 -4.42
C GLN G 635 -21.23 -92.83 -4.73
N LYS G 636 -20.00 -93.28 -4.94
CA LYS G 636 -19.80 -94.70 -5.21
C LYS G 636 -19.94 -95.52 -3.92
N ALA G 637 -19.54 -94.97 -2.78
CA ALA G 637 -19.77 -95.67 -1.52
C ALA G 637 -21.26 -95.84 -1.25
N THR G 638 -22.07 -94.89 -1.71
CA THR G 638 -23.53 -94.97 -1.58
C THR G 638 -24.11 -96.18 -2.31
N ASN G 639 -23.41 -96.72 -3.30
CA ASN G 639 -23.81 -97.96 -3.94
C ASN G 639 -22.97 -99.16 -3.51
N GLU G 640 -21.80 -98.92 -2.90
CA GLU G 640 -20.89 -99.99 -2.56
C GLU G 640 -21.13 -100.54 -1.16
N THR G 641 -21.09 -99.68 -0.15
CA THR G 641 -20.95 -100.15 1.23
C THR G 641 -22.19 -100.90 1.70
N ALA G 642 -23.26 -100.93 0.89
CA ALA G 642 -24.37 -101.82 1.17
C ALA G 642 -23.99 -103.29 1.03
N GLN G 643 -22.80 -103.58 0.50
CA GLN G 643 -22.28 -104.94 0.55
C GLN G 643 -22.14 -105.42 1.98
N THR G 644 -21.91 -104.49 2.92
CA THR G 644 -21.87 -104.87 4.34
C THR G 644 -23.26 -105.32 4.81
N GLN G 645 -24.31 -104.64 4.35
CA GLN G 645 -25.67 -105.09 4.65
C GLN G 645 -25.93 -106.46 4.02
N ILE G 646 -25.43 -106.68 2.80
CA ILE G 646 -25.57 -107.98 2.16
C ILE G 646 -24.88 -109.05 3.00
N LYS G 647 -23.68 -108.75 3.50
CA LYS G 647 -22.95 -109.69 4.35
C LYS G 647 -23.71 -109.97 5.65
N ALA G 648 -24.31 -108.93 6.23
CA ALA G 648 -25.11 -109.13 7.44
C ALA G 648 -26.30 -110.03 7.17
N PHE G 649 -26.97 -109.83 6.02
CA PHE G 649 -28.09 -110.69 5.66
C PHE G 649 -27.65 -112.13 5.51
N THR G 650 -26.52 -112.36 4.81
CA THR G 650 -26.02 -113.72 4.66
C THR G 650 -25.62 -114.30 6.01
N ALA G 651 -25.07 -113.48 6.89
CA ALA G 651 -24.68 -113.95 8.23
C ALA G 651 -25.90 -114.37 9.03
N GLN G 652 -26.99 -113.60 8.97
CA GLN G 652 -28.21 -113.98 9.68
C GLN G 652 -28.79 -115.28 9.12
N GLN G 653 -28.83 -115.41 7.79
CA GLN G 653 -29.35 -116.64 7.21
C GLN G 653 -28.50 -117.84 7.58
N ASP G 654 -27.17 -117.68 7.54
CA ASP G 654 -26.27 -118.77 7.92
C ASP G 654 -26.39 -119.08 9.40
N ALA G 655 -26.67 -118.08 10.24
CA ALA G 655 -26.84 -118.32 11.66
C ALA G 655 -28.10 -119.14 11.94
N MET G 656 -29.21 -118.81 11.26
CA MET G 656 -30.41 -119.62 11.44
C MET G 656 -30.21 -121.03 10.89
N GLU G 657 -29.48 -121.16 9.78
CA GLU G 657 -29.15 -122.48 9.26
C GLU G 657 -28.31 -123.27 10.27
N SER G 658 -27.33 -122.60 10.88
CA SER G 658 -26.50 -123.26 11.88
C SER G 658 -27.32 -123.70 13.09
N GLN G 659 -28.28 -122.88 13.50
CA GLN G 659 -29.18 -123.28 14.58
C GLN G 659 -29.95 -124.55 14.21
N ALA G 660 -30.50 -124.59 12.99
CA ALA G 660 -31.24 -125.78 12.57
C ALA G 660 -30.34 -127.01 12.50
N ASN G 661 -29.14 -126.86 11.92
CA ASN G 661 -28.21 -127.98 11.80
C ASN G 661 -27.76 -128.48 13.16
N THR G 662 -27.52 -127.55 14.09
CA THR G 662 -27.12 -127.95 15.44
C THR G 662 -28.25 -128.64 16.18
N VAL G 663 -29.50 -128.21 15.96
CA VAL G 663 -30.64 -128.92 16.53
C VAL G 663 -30.70 -130.35 15.99
N TYR G 664 -30.48 -130.50 14.67
CA TYR G 664 -30.41 -131.84 14.10
C TYR G 664 -29.29 -132.65 14.74
N LYS G 665 -28.14 -132.02 14.98
CA LYS G 665 -27.01 -132.73 15.57
C LYS G 665 -27.33 -133.16 17.00
N LEU G 666 -28.05 -132.31 17.74
CA LEU G 666 -28.50 -132.70 19.08
C LEU G 666 -29.42 -133.91 19.00
N ALA G 667 -30.34 -133.92 18.03
CA ALA G 667 -31.20 -135.08 17.86
C ALA G 667 -30.40 -136.32 17.51
N GLN G 668 -29.38 -136.17 16.65
CA GLN G 668 -28.56 -137.29 16.21
C GLN G 668 -27.70 -137.86 17.33
N ALA G 669 -27.18 -137.02 18.22
CA ALA G 669 -26.29 -137.48 19.28
C ALA G 669 -27.00 -138.39 20.27
N ARG G 670 -28.34 -138.43 20.26
CA ARG G 670 -29.07 -139.35 21.12
C ARG G 670 -28.89 -140.80 20.71
N ASN G 671 -28.59 -141.05 19.43
CA ASN G 671 -28.37 -142.39 18.91
C ASN G 671 -29.55 -143.32 19.19
N MET H 1 -19.29 -15.95 -84.42
CA MET H 1 -18.89 -16.97 -83.46
C MET H 1 -17.39 -16.82 -83.18
N ALA H 2 -16.86 -15.67 -83.60
CA ALA H 2 -15.45 -15.31 -83.39
C ALA H 2 -14.52 -16.35 -84.03
N GLU H 3 -14.60 -16.45 -85.35
CA GLU H 3 -13.75 -17.37 -86.09
C GLU H 3 -12.29 -16.98 -85.97
N THR H 4 -12.00 -15.68 -86.01
CA THR H 4 -10.62 -15.20 -86.00
C THR H 4 -10.17 -14.84 -84.60
N LEU H 5 -8.85 -14.95 -84.38
CA LEU H 5 -8.28 -14.59 -83.09
C LEU H 5 -8.30 -13.08 -82.87
N GLU H 6 -8.22 -12.31 -83.97
CA GLU H 6 -8.35 -10.86 -83.86
C GLU H 6 -9.75 -10.46 -83.42
N LYS H 7 -10.73 -11.36 -83.59
CA LYS H 7 -12.08 -11.12 -83.09
C LYS H 7 -12.25 -11.61 -81.66
N LYS H 8 -11.48 -12.62 -81.25
CA LYS H 8 -11.53 -13.10 -79.88
C LYS H 8 -10.76 -12.20 -78.90
N HIS H 9 -9.75 -11.48 -79.37
CA HIS H 9 -8.90 -10.73 -78.45
C HIS H 9 -9.58 -9.50 -77.86
N GLU H 10 -10.35 -8.75 -78.65
CA GLU H 10 -10.94 -7.53 -78.09
C GLU H 10 -12.05 -7.85 -77.09
N ARG H 11 -12.71 -9.00 -77.24
CA ARG H 11 -13.67 -9.41 -76.21
C ARG H 11 -12.97 -9.61 -74.88
N ILE H 12 -11.80 -10.26 -74.90
CA ILE H 12 -11.00 -10.42 -73.70
C ILE H 12 -10.59 -9.06 -73.15
N MET H 13 -10.22 -8.14 -74.04
CA MET H 13 -9.81 -6.81 -73.59
C MET H 13 -10.96 -6.07 -72.89
N LEU H 14 -12.16 -6.12 -73.47
CA LEU H 14 -13.31 -5.48 -72.82
C LEU H 14 -13.65 -6.16 -71.51
N ARG H 15 -13.53 -7.49 -71.44
CA ARG H 15 -13.77 -8.19 -70.19
C ARG H 15 -12.78 -7.74 -69.12
N PHE H 16 -11.51 -7.60 -69.49
CA PHE H 16 -10.51 -7.13 -68.52
C PHE H 16 -10.81 -5.71 -68.06
N ASP H 17 -11.19 -4.84 -68.98
CA ASP H 17 -11.54 -3.47 -68.59
C ASP H 17 -12.73 -3.45 -67.64
N ARG H 18 -13.75 -4.26 -67.93
CA ARG H 18 -14.92 -4.34 -67.08
C ARG H 18 -14.56 -4.85 -65.69
N ALA H 19 -13.69 -5.85 -65.61
CA ALA H 19 -13.28 -6.39 -64.32
C ALA H 19 -12.41 -5.41 -63.55
N TYR H 20 -11.59 -4.64 -64.25
CA TYR H 20 -10.69 -3.68 -63.60
C TYR H 20 -11.43 -2.46 -63.08
N SER H 21 -12.48 -2.02 -63.77
CA SER H 21 -13.10 -0.75 -63.43
C SER H 21 -13.65 -0.66 -62.01
N PRO H 22 -14.49 -1.60 -61.51
CA PRO H 22 -15.08 -1.40 -60.18
C PRO H 22 -14.10 -1.64 -59.05
N GLN H 23 -13.33 -2.72 -59.14
CA GLN H 23 -12.40 -3.11 -58.07
C GLN H 23 -11.08 -2.36 -58.21
N LYS H 24 -11.11 -1.05 -57.95
CA LYS H 24 -9.93 -0.22 -58.08
C LYS H 24 -9.54 0.47 -56.78
N GLU H 25 -10.51 0.79 -55.92
CA GLU H 25 -10.21 1.44 -54.65
C GLU H 25 -9.96 0.44 -53.52
N VAL H 26 -10.54 -0.76 -53.58
CA VAL H 26 -10.21 -1.78 -52.61
C VAL H 26 -8.74 -2.17 -52.72
N ARG H 27 -8.28 -2.48 -53.93
CA ARG H 27 -6.88 -2.78 -54.14
C ARG H 27 -6.01 -1.56 -53.90
N GLU H 28 -6.54 -0.36 -54.19
CA GLU H 28 -5.90 0.88 -53.78
C GLU H 28 -5.54 0.85 -52.30
N LYS H 29 -6.53 0.60 -51.44
CA LYS H 29 -6.29 0.64 -50.00
C LYS H 29 -5.39 -0.49 -49.56
N CYS H 30 -5.52 -1.67 -50.18
CA CYS H 30 -4.66 -2.79 -49.82
C CYS H 30 -3.20 -2.48 -50.12
N ILE H 31 -2.91 -1.97 -51.32
CA ILE H 31 -1.54 -1.63 -51.69
C ILE H 31 -1.02 -0.52 -50.78
N GLU H 32 -1.85 0.49 -50.51
CA GLU H 32 -1.42 1.56 -49.62
C GLU H 32 -1.06 1.03 -48.23
N ALA H 33 -1.89 0.14 -47.69
CA ALA H 33 -1.62 -0.41 -46.36
C ALA H 33 -0.34 -1.23 -46.35
N THR H 34 -0.14 -2.08 -47.36
CA THR H 34 1.08 -2.90 -47.40
C THR H 34 2.31 -2.02 -47.50
N ARG H 35 2.28 -1.02 -48.38
CA ARG H 35 3.42 -0.13 -48.53
C ARG H 35 3.67 0.66 -47.26
N PHE H 36 2.61 1.09 -46.59
CA PHE H 36 2.74 1.80 -45.32
C PHE H 36 3.38 0.93 -44.25
N ALA H 37 3.02 -0.35 -44.20
CA ALA H 37 3.48 -1.22 -43.11
C ALA H 37 4.86 -1.81 -43.36
N ARG H 38 5.29 -1.95 -44.61
CA ARG H 38 6.52 -2.69 -44.88
C ARG H 38 7.66 -1.85 -45.47
N VAL H 39 7.37 -0.89 -46.32
CA VAL H 39 8.44 -0.08 -46.92
C VAL H 39 9.09 0.77 -45.84
N PRO H 40 10.43 0.80 -45.75
CA PRO H 40 11.07 1.56 -44.66
C PRO H 40 10.88 3.06 -44.78
N GLY H 41 10.58 3.57 -45.97
CA GLY H 41 10.29 4.97 -46.16
C GLY H 41 8.86 5.28 -46.53
N GLY H 42 7.94 4.34 -46.32
CA GLY H 42 6.57 4.50 -46.81
C GLY H 42 5.63 5.25 -45.91
N GLN H 43 5.96 5.42 -44.63
CA GLN H 43 5.05 6.11 -43.71
C GLN H 43 4.91 7.58 -44.03
N TRP H 44 5.85 8.18 -44.76
CA TRP H 44 5.77 9.59 -45.13
C TRP H 44 5.50 9.78 -46.61
N GLU H 45 5.13 8.71 -47.33
CA GLU H 45 4.89 8.83 -48.76
C GLU H 45 3.67 9.71 -49.02
N GLY H 46 3.69 10.40 -50.17
CA GLY H 46 2.74 11.42 -50.48
C GLY H 46 3.25 12.82 -50.28
N ALA H 47 4.28 12.99 -49.43
CA ALA H 47 4.92 14.28 -49.20
C ALA H 47 6.42 14.12 -49.04
N THR H 48 7.03 13.19 -49.77
CA THR H 48 8.44 12.88 -49.58
C THR H 48 9.32 14.10 -49.83
N ALA H 49 9.03 14.86 -50.88
CA ALA H 49 9.74 16.09 -51.19
C ALA H 49 8.84 17.26 -50.84
N ALA H 50 9.16 17.96 -49.75
CA ALA H 50 8.37 19.09 -49.30
C ALA H 50 9.28 20.07 -48.56
N GLY H 51 8.95 21.35 -48.64
CA GLY H 51 9.75 22.35 -47.95
C GLY H 51 9.30 23.75 -48.31
N THR H 52 10.11 24.72 -47.90
CA THR H 52 9.87 26.13 -48.18
C THR H 52 11.14 26.77 -48.72
N LYS H 53 11.00 28.00 -49.21
CA LYS H 53 12.16 28.71 -49.75
C LYS H 53 13.21 28.94 -48.67
N LEU H 54 12.80 29.53 -47.55
CA LEU H 54 13.68 29.72 -46.40
C LEU H 54 14.98 30.43 -46.81
N ASP H 55 14.82 31.67 -47.27
CA ASP H 55 15.93 32.51 -47.73
C ASP H 55 16.62 31.92 -48.96
N GLU H 56 15.82 31.71 -50.02
CA GLU H 56 16.31 31.37 -51.35
C GLU H 56 17.03 30.02 -51.37
N GLN H 57 16.46 29.05 -50.67
CA GLN H 57 16.94 27.68 -50.69
C GLN H 57 15.72 26.76 -50.79
N PHE H 58 15.93 25.46 -50.58
CA PHE H 58 14.80 24.54 -50.45
C PHE H 58 15.07 23.48 -49.39
N GLU H 59 15.52 23.90 -48.21
CA GLU H 59 15.68 22.92 -47.14
C GLU H 59 14.33 22.32 -46.76
N LYS H 60 14.32 21.00 -46.57
CA LYS H 60 13.10 20.21 -46.42
C LYS H 60 12.74 20.06 -44.95
N TYR H 61 11.49 19.67 -44.72
CA TYR H 61 11.05 19.35 -43.37
C TYR H 61 11.65 18.02 -42.93
N PRO H 62 12.02 17.89 -41.65
CA PRO H 62 12.44 16.58 -41.14
C PRO H 62 11.22 15.67 -41.00
N LYS H 63 11.41 14.39 -41.36
CA LYS H 63 10.32 13.41 -41.37
C LYS H 63 10.81 12.12 -40.71
N PHE H 64 10.60 12.03 -39.40
CA PHE H 64 11.00 10.85 -38.64
C PHE H 64 9.89 9.82 -38.64
N GLU H 65 10.28 8.54 -38.51
CA GLU H 65 9.33 7.45 -38.45
C GLU H 65 9.61 6.59 -37.23
N ILE H 66 8.57 6.30 -36.46
CA ILE H 66 8.65 5.36 -35.33
C ILE H 66 7.56 4.33 -35.58
N ASN H 67 7.93 3.23 -36.23
CA ASN H 67 6.95 2.22 -36.60
C ASN H 67 6.50 1.46 -35.37
N LYS H 68 5.20 1.52 -35.07
CA LYS H 68 4.64 0.86 -33.90
C LYS H 68 3.42 0.01 -34.23
N VAL H 69 3.03 -0.07 -35.50
CA VAL H 69 1.84 -0.81 -35.90
C VAL H 69 2.17 -2.19 -36.43
N ALA H 70 3.45 -2.51 -36.63
CA ALA H 70 3.84 -3.79 -37.17
C ALA H 70 3.98 -4.87 -36.11
N THR H 71 4.01 -4.51 -34.83
CA THR H 71 4.20 -5.51 -33.77
C THR H 71 3.04 -6.49 -33.72
N GLU H 72 1.81 -5.99 -33.77
CA GLU H 72 0.65 -6.88 -33.71
C GLU H 72 0.56 -7.74 -34.96
N LEU H 73 0.90 -7.19 -36.11
CA LEU H 73 0.89 -7.98 -37.34
C LEU H 73 1.92 -9.10 -37.26
N ASN H 74 3.12 -8.80 -36.73
CA ASN H 74 4.12 -9.84 -36.55
C ASN H 74 3.65 -10.89 -35.56
N ARG H 75 2.93 -10.46 -34.52
CA ARG H 75 2.38 -11.42 -33.57
C ARG H 75 1.39 -12.36 -34.25
N ILE H 76 0.52 -11.81 -35.09
CA ILE H 76 -0.45 -12.65 -35.80
C ILE H 76 0.26 -13.61 -36.74
N ILE H 77 1.28 -13.13 -37.45
CA ILE H 77 2.01 -13.98 -38.38
C ILE H 77 2.73 -15.10 -37.64
N ALA H 78 3.33 -14.78 -36.50
CA ALA H 78 3.98 -15.82 -35.69
C ALA H 78 2.95 -16.83 -35.18
N GLU H 79 1.77 -16.34 -34.78
CA GLU H 79 0.72 -17.25 -34.32
C GLU H 79 0.32 -18.23 -35.42
N TYR H 80 0.22 -17.74 -36.66
CA TYR H 80 -0.10 -18.64 -37.77
C TYR H 80 1.03 -19.63 -38.01
N ARG H 81 2.27 -19.14 -38.13
CA ARG H 81 3.38 -20.02 -38.47
C ARG H 81 3.68 -21.03 -37.38
N ASN H 82 3.27 -20.76 -36.13
CA ASN H 82 3.47 -21.75 -35.07
C ASN H 82 2.55 -22.95 -35.26
N ASN H 83 1.30 -22.72 -35.68
CA ASN H 83 0.30 -23.78 -35.85
C ASN H 83 -0.19 -23.74 -37.29
N ARG H 84 0.51 -24.44 -38.17
CA ARG H 84 0.08 -24.53 -39.56
C ARG H 84 -1.01 -25.58 -39.72
N ILE H 85 -1.83 -25.42 -40.76
CA ILE H 85 -2.94 -26.33 -41.02
C ILE H 85 -2.87 -26.80 -42.47
N THR H 86 -3.54 -27.92 -42.73
CA THR H 86 -3.53 -28.56 -44.03
C THR H 86 -4.86 -29.29 -44.22
N VAL H 87 -5.24 -29.52 -45.48
CA VAL H 87 -6.49 -30.17 -45.82
C VAL H 87 -6.47 -31.61 -45.33
N LYS H 88 -7.55 -32.03 -44.68
CA LYS H 88 -7.71 -33.39 -44.18
C LYS H 88 -9.00 -33.98 -44.72
N PHE H 89 -8.94 -35.23 -45.15
CA PHE H 89 -10.09 -35.93 -45.72
C PHE H 89 -10.67 -36.89 -44.69
N ARG H 90 -11.95 -36.71 -44.37
CA ARG H 90 -12.57 -37.59 -43.39
C ARG H 90 -13.33 -38.71 -44.07
N PRO H 91 -13.31 -39.92 -43.52
CA PRO H 91 -14.02 -41.04 -44.14
C PRO H 91 -15.53 -40.96 -43.89
N GLY H 92 -16.25 -41.86 -44.56
CA GLY H 92 -17.69 -41.95 -44.44
C GLY H 92 -18.13 -43.24 -43.78
N ASP H 93 -19.43 -43.53 -43.92
CA ASP H 93 -20.03 -44.72 -43.34
C ASP H 93 -20.09 -45.81 -44.42
N ARG H 94 -18.90 -46.29 -44.80
CA ARG H 94 -18.78 -47.34 -45.80
C ARG H 94 -17.78 -48.37 -45.31
N GLU H 95 -17.74 -49.51 -46.00
CA GLU H 95 -16.88 -50.60 -45.57
C GLU H 95 -15.41 -50.36 -45.90
N ALA H 96 -15.13 -49.59 -46.96
CA ALA H 96 -13.76 -49.40 -47.41
C ALA H 96 -13.40 -47.95 -47.64
N SER H 97 -14.11 -47.01 -46.97
CA SER H 97 -13.82 -45.60 -47.16
C SER H 97 -12.54 -45.17 -46.45
N GLU H 98 -12.10 -45.92 -45.44
CA GLU H 98 -10.89 -45.55 -44.72
C GLU H 98 -9.66 -45.64 -45.63
N GLU H 99 -9.60 -46.68 -46.46
CA GLU H 99 -8.49 -46.81 -47.40
C GLU H 99 -8.52 -45.69 -48.43
N LEU H 100 -9.71 -45.31 -48.90
CA LEU H 100 -9.83 -44.21 -49.84
C LEU H 100 -9.32 -42.91 -49.21
N ALA H 101 -9.73 -42.63 -47.97
CA ALA H 101 -9.27 -41.43 -47.31
C ALA H 101 -7.76 -41.44 -47.10
N ASN H 102 -7.21 -42.59 -46.72
CA ASN H 102 -5.77 -42.69 -46.52
C ASN H 102 -5.01 -42.44 -47.82
N LYS H 103 -5.49 -43.04 -48.93
CA LYS H 103 -4.83 -42.81 -50.21
C LYS H 103 -4.93 -41.35 -50.62
N LEU H 104 -6.10 -40.73 -50.43
CA LEU H 104 -6.29 -39.35 -50.84
C LEU H 104 -5.37 -38.41 -50.07
N ASN H 105 -5.33 -38.54 -48.74
CA ASN H 105 -4.49 -37.62 -47.97
C ASN H 105 -3.03 -38.06 -47.91
N GLY H 106 -2.68 -39.19 -48.51
CA GLY H 106 -1.28 -39.50 -48.75
C GLY H 106 -0.80 -38.88 -50.04
N LEU H 107 -1.60 -39.00 -51.10
CA LEU H 107 -1.24 -38.36 -52.37
C LEU H 107 -1.20 -36.85 -52.23
N PHE H 108 -2.20 -36.26 -51.55
CA PHE H 108 -2.19 -34.82 -51.35
C PHE H 108 -0.99 -34.38 -50.52
N ARG H 109 -0.66 -35.15 -49.49
CA ARG H 109 0.50 -34.82 -48.67
C ARG H 109 1.78 -34.85 -49.50
N ALA H 110 1.94 -35.86 -50.35
CA ALA H 110 3.12 -35.93 -51.20
C ALA H 110 3.20 -34.75 -52.15
N ASP H 111 2.06 -34.40 -52.77
CA ASP H 111 2.05 -33.28 -53.71
C ASP H 111 2.38 -31.97 -53.00
N TYR H 112 1.85 -31.78 -51.80
CA TYR H 112 2.14 -30.57 -51.03
C TYR H 112 3.61 -30.53 -50.61
N GLU H 113 4.16 -31.67 -50.20
CA GLU H 113 5.51 -31.67 -49.65
C GLU H 113 6.56 -31.51 -50.74
N GLU H 114 6.40 -32.19 -51.88
CA GLU H 114 7.39 -32.16 -52.93
C GLU H 114 7.24 -30.98 -53.88
N THR H 115 6.58 -29.91 -53.43
CA THR H 115 6.37 -28.72 -54.25
C THR H 115 6.41 -27.52 -53.29
N ASP H 116 5.99 -26.35 -53.77
CA ASP H 116 6.09 -25.11 -53.01
C ASP H 116 4.78 -24.74 -52.32
N GLY H 117 4.03 -25.74 -51.86
CA GLY H 117 2.76 -25.46 -51.20
C GLY H 117 2.93 -24.68 -49.92
N GLY H 118 3.95 -25.01 -49.13
CA GLY H 118 4.17 -24.28 -47.89
C GLY H 118 4.49 -22.82 -48.13
N GLU H 119 5.37 -22.54 -49.10
CA GLU H 119 5.68 -21.16 -49.44
C GLU H 119 4.45 -20.43 -49.95
N ALA H 120 3.64 -21.10 -50.79
CA ALA H 120 2.44 -20.46 -51.31
C ALA H 120 1.48 -20.10 -50.19
N CYS H 121 1.24 -21.04 -49.26
CA CYS H 121 0.32 -20.77 -48.16
C CYS H 121 0.83 -19.67 -47.25
N ASP H 122 2.13 -19.69 -46.94
CA ASP H 122 2.70 -18.67 -46.07
C ASP H 122 2.60 -17.29 -46.70
N ASN H 123 2.94 -17.18 -47.98
CA ASN H 123 2.84 -15.89 -48.67
C ASN H 123 1.39 -15.42 -48.74
N ALA H 124 0.46 -16.33 -49.02
CA ALA H 124 -0.94 -15.94 -49.08
C ALA H 124 -1.43 -15.43 -47.74
N PHE H 125 -1.08 -16.12 -46.65
CA PHE H 125 -1.50 -15.66 -45.33
C PHE H 125 -0.87 -14.32 -44.97
N ASP H 126 0.41 -14.14 -45.29
CA ASP H 126 1.05 -12.86 -44.99
C ASP H 126 0.37 -11.72 -45.74
N ASP H 127 0.09 -11.91 -47.03
CA ASP H 127 -0.57 -10.87 -47.79
C ASP H 127 -1.98 -10.61 -47.26
N ALA H 128 -2.71 -11.67 -46.89
CA ALA H 128 -4.06 -11.50 -46.36
C ALA H 128 -4.05 -10.73 -45.05
N ALA H 129 -3.08 -11.02 -44.18
CA ALA H 129 -3.02 -10.35 -42.89
C ALA H 129 -2.51 -8.92 -43.00
N THR H 130 -1.66 -8.64 -43.99
CA THR H 130 -1.15 -7.28 -44.15
C THR H 130 -2.13 -6.39 -44.89
N GLY H 131 -2.48 -6.74 -46.12
CA GLY H 131 -3.35 -5.91 -46.92
C GLY H 131 -4.81 -6.29 -46.80
N GLY H 132 -5.12 -7.57 -46.97
CA GLY H 132 -6.49 -8.03 -46.89
C GLY H 132 -6.89 -8.92 -48.05
N PHE H 133 -5.94 -9.24 -48.93
CA PHE H 133 -6.20 -10.09 -50.09
C PHE H 133 -5.00 -10.99 -50.31
N GLY H 134 -5.28 -12.26 -50.65
CA GLY H 134 -4.23 -13.22 -50.94
C GLY H 134 -4.76 -14.32 -51.82
N CYS H 135 -3.86 -14.91 -52.61
CA CYS H 135 -4.25 -15.95 -53.54
C CYS H 135 -3.06 -16.85 -53.82
N PHE H 136 -3.35 -18.14 -54.04
CA PHE H 136 -2.36 -19.09 -54.49
C PHE H 136 -2.99 -19.97 -55.56
N ARG H 137 -2.13 -20.56 -56.39
CA ARG H 137 -2.56 -21.22 -57.62
C ARG H 137 -2.33 -22.72 -57.53
N LEU H 138 -3.15 -23.47 -58.26
CA LEU H 138 -3.14 -24.93 -58.23
C LEU H 138 -3.04 -25.43 -59.67
N THR H 139 -1.82 -25.61 -60.16
CA THR H 139 -1.56 -25.94 -61.55
C THR H 139 -1.20 -27.42 -61.68
N SER H 140 -1.13 -27.89 -62.93
CA SER H 140 -0.73 -29.25 -63.24
C SER H 140 0.45 -29.19 -64.22
N MET H 141 1.54 -29.85 -63.86
CA MET H 141 2.78 -29.76 -64.61
C MET H 141 3.24 -31.15 -65.04
N LEU H 142 4.09 -31.18 -66.06
CA LEU H 142 4.64 -32.42 -66.60
C LEU H 142 5.99 -32.69 -65.94
N VAL H 143 6.18 -33.91 -65.46
CA VAL H 143 7.45 -34.30 -64.85
C VAL H 143 7.67 -35.80 -65.03
N ARG H 152 2.75 -39.94 -65.48
CA ARG H 152 3.64 -38.92 -65.99
C ARG H 152 3.09 -37.52 -65.77
N GLN H 153 1.89 -37.45 -65.18
CA GLN H 153 1.24 -36.18 -64.89
C GLN H 153 1.20 -35.97 -63.38
N ARG H 154 1.40 -34.72 -62.98
CA ARG H 154 1.47 -34.38 -61.56
C ARG H 154 0.74 -33.07 -61.32
N ILE H 155 0.15 -32.94 -60.13
CA ILE H 155 -0.56 -31.75 -59.71
C ILE H 155 0.32 -31.01 -58.70
N ALA H 156 0.54 -29.72 -58.93
CA ALA H 156 1.43 -28.92 -58.12
C ALA H 156 0.69 -27.73 -57.53
N ILE H 157 1.30 -27.11 -56.53
CA ILE H 157 0.78 -25.91 -55.88
C ILE H 157 1.81 -24.80 -56.02
N GLU H 158 1.37 -23.63 -56.45
CA GLU H 158 2.28 -22.54 -56.73
C GLU H 158 1.78 -21.25 -56.08
N PRO H 159 2.69 -20.34 -55.73
CA PRO H 159 2.29 -19.07 -55.15
C PRO H 159 2.02 -18.01 -56.21
N ILE H 160 1.33 -16.96 -55.78
CA ILE H 160 1.03 -15.81 -56.63
C ILE H 160 1.49 -14.55 -55.89
N TYR H 161 2.31 -13.74 -56.57
CA TYR H 161 2.83 -12.51 -56.00
C TYR H 161 2.08 -11.31 -56.56
N ASP H 162 2.05 -10.23 -55.78
CA ASP H 162 1.26 -9.04 -56.09
C ASP H 162 -0.20 -9.42 -56.31
N PRO H 163 -0.86 -10.04 -55.33
CA PRO H 163 -2.24 -10.50 -55.55
C PRO H 163 -3.21 -9.37 -55.81
N SER H 164 -3.11 -8.28 -55.05
CA SER H 164 -4.05 -7.17 -55.18
C SER H 164 -4.02 -6.54 -56.56
N ARG H 165 -2.84 -6.35 -57.14
CA ARG H 165 -2.71 -5.74 -58.46
C ARG H 165 -2.50 -6.78 -59.55
N SER H 166 -2.71 -8.06 -59.25
CA SER H 166 -2.51 -9.10 -60.26
C SER H 166 -3.78 -9.88 -60.54
N VAL H 167 -4.54 -10.26 -59.51
CA VAL H 167 -5.66 -11.18 -59.65
C VAL H 167 -6.95 -10.38 -59.81
N TRP H 168 -7.68 -10.65 -60.88
CA TRP H 168 -8.96 -10.03 -61.14
C TRP H 168 -9.99 -11.11 -61.45
N PHE H 169 -11.17 -11.00 -60.83
CA PHE H 169 -12.22 -11.99 -60.97
C PHE H 169 -13.43 -11.40 -61.68
N ASP H 170 -14.34 -12.29 -62.05
CA ASP H 170 -15.57 -11.89 -62.72
C ASP H 170 -16.42 -11.06 -61.78
N PRO H 171 -16.86 -9.83 -62.17
CA PRO H 171 -17.69 -8.98 -61.32
C PRO H 171 -18.94 -9.69 -60.80
N ASP H 172 -19.54 -10.55 -61.62
CA ASP H 172 -20.82 -11.20 -61.23
C ASP H 172 -20.60 -12.11 -60.01
N ALA H 173 -19.47 -12.81 -59.92
CA ALA H 173 -19.29 -13.76 -58.81
C ALA H 173 -19.30 -13.01 -57.48
N LYS H 174 -20.10 -13.46 -56.52
CA LYS H 174 -20.23 -12.70 -55.26
C LYS H 174 -19.82 -13.56 -54.06
N LYS H 175 -19.52 -14.84 -54.26
CA LYS H 175 -19.23 -15.76 -53.12
C LYS H 175 -17.78 -15.64 -52.66
N TYR H 176 -17.46 -16.04 -51.43
CA TYR H 176 -16.07 -16.02 -50.92
C TYR H 176 -15.21 -16.97 -51.75
N ASP H 177 -15.74 -18.15 -52.06
CA ASP H 177 -15.00 -19.16 -52.86
C ASP H 177 -14.79 -18.67 -54.28
N LYS H 178 -15.66 -17.79 -54.78
CA LYS H 178 -15.62 -17.32 -56.19
C LYS H 178 -16.13 -18.44 -57.07
N SER H 179 -16.93 -19.34 -56.49
CA SER H 179 -17.44 -20.53 -57.22
C SER H 179 -18.30 -20.14 -58.42
N ASP H 180 -19.13 -19.11 -58.29
CA ASP H 180 -20.05 -18.73 -59.39
C ASP H 180 -19.36 -17.76 -60.34
N ALA H 181 -18.28 -18.18 -61.00
CA ALA H 181 -17.54 -17.25 -61.87
C ALA H 181 -17.27 -17.92 -63.20
N LEU H 182 -17.15 -17.13 -64.27
CA LEU H 182 -16.97 -17.74 -65.60
C LEU H 182 -15.53 -17.51 -66.11
N TRP H 183 -14.87 -16.42 -65.73
CA TRP H 183 -13.55 -16.20 -66.27
C TRP H 183 -12.68 -15.52 -65.20
N ALA H 184 -11.37 -15.57 -65.42
CA ALA H 184 -10.44 -15.01 -64.45
C ALA H 184 -9.14 -14.63 -65.13
N PHE H 185 -8.36 -13.80 -64.45
CA PHE H 185 -7.08 -13.30 -64.94
C PHE H 185 -6.00 -13.54 -63.89
N CYS H 186 -4.77 -13.68 -64.35
CA CYS H 186 -3.61 -13.80 -63.46
C CYS H 186 -2.43 -13.11 -64.13
N MET H 187 -2.05 -11.94 -63.62
CA MET H 187 -1.00 -11.14 -64.22
C MET H 187 0.34 -11.40 -63.52
N TYR H 188 1.42 -11.39 -64.31
CA TYR H 188 2.75 -11.52 -63.75
C TYR H 188 3.74 -10.77 -64.63
N SER H 189 4.88 -10.43 -64.04
CA SER H 189 5.89 -9.60 -64.70
C SER H 189 6.99 -10.46 -65.32
N LEU H 190 7.64 -9.90 -66.34
CA LEU H 190 8.71 -10.55 -67.06
C LEU H 190 9.74 -9.51 -67.49
N SER H 191 10.89 -9.99 -67.91
CA SER H 191 11.93 -9.15 -68.47
C SER H 191 11.96 -9.25 -69.98
N PRO H 192 12.39 -8.19 -70.68
CA PRO H 192 12.43 -8.26 -72.15
C PRO H 192 13.31 -9.38 -72.68
N GLU H 193 14.40 -9.69 -71.99
CA GLU H 193 15.27 -10.77 -72.46
C GLU H 193 14.59 -12.12 -72.34
N LYS H 194 13.85 -12.35 -71.26
CA LYS H 194 13.07 -13.58 -71.16
C LYS H 194 11.94 -13.62 -72.18
N TYR H 195 11.31 -12.47 -72.43
CA TYR H 195 10.26 -12.38 -73.45
C TYR H 195 10.83 -12.71 -74.83
N GLU H 196 12.09 -12.35 -75.07
CA GLU H 196 12.73 -12.70 -76.33
C GLU H 196 13.14 -14.17 -76.37
N ALA H 197 13.63 -14.71 -75.26
CA ALA H 197 14.05 -16.11 -75.22
C ALA H 197 12.86 -17.03 -75.47
N GLU H 198 11.73 -16.75 -74.82
CA GLU H 198 10.50 -17.47 -75.13
C GLU H 198 9.73 -16.67 -76.18
N TYR H 199 8.52 -17.13 -76.51
CA TYR H 199 7.62 -16.46 -77.46
C TYR H 199 8.40 -16.18 -78.75
N GLY H 200 8.66 -14.94 -79.12
CA GLY H 200 9.42 -14.66 -80.32
C GLY H 200 10.02 -13.28 -80.28
N LYS H 201 11.17 -13.13 -80.93
CA LYS H 201 11.82 -11.84 -81.07
C LYS H 201 11.17 -10.97 -82.13
N LYS H 202 10.42 -11.56 -83.04
CA LYS H 202 9.80 -10.81 -84.13
C LYS H 202 8.82 -9.74 -83.63
N PRO H 203 7.86 -10.03 -82.76
CA PRO H 203 6.92 -8.99 -82.34
C PRO H 203 7.47 -8.22 -81.15
N PRO H 204 7.38 -6.89 -81.18
CA PRO H 204 7.73 -6.09 -80.00
C PRO H 204 6.90 -6.49 -78.80
N THR H 205 7.28 -5.93 -77.65
CA THR H 205 6.61 -6.23 -76.39
C THR H 205 5.52 -5.21 -76.12
N SER H 206 4.29 -5.69 -75.96
CA SER H 206 3.15 -4.85 -75.60
C SER H 206 2.55 -5.41 -74.32
N LEU H 207 2.49 -4.58 -73.28
CA LEU H 207 2.09 -5.02 -71.95
C LEU H 207 0.76 -4.38 -71.56
N ASP H 208 0.09 -5.00 -70.59
CA ASP H 208 -1.20 -4.51 -70.13
C ASP H 208 -1.05 -3.23 -69.33
N VAL H 209 -2.15 -2.48 -69.22
CA VAL H 209 -2.20 -1.23 -68.50
C VAL H 209 -3.00 -1.43 -67.22
N THR H 210 -2.45 -0.97 -66.10
CA THR H 210 -3.18 -0.99 -64.84
C THR H 210 -3.13 0.38 -64.17
N SER H 211 -2.06 1.13 -64.43
CA SER H 211 -1.91 2.51 -63.94
C SER H 211 -2.18 2.61 -62.44
N MET H 212 -1.58 1.70 -61.68
CA MET H 212 -1.75 1.65 -60.23
C MET H 212 -0.49 2.13 -59.51
N THR H 213 0.68 1.80 -60.04
CA THR H 213 1.96 2.15 -59.44
C THR H 213 2.35 3.57 -59.83
N SER H 214 3.61 3.93 -59.59
CA SER H 214 4.15 5.28 -59.72
C SER H 214 3.49 6.23 -58.73
N TRP H 215 3.02 5.70 -57.59
CA TRP H 215 2.27 6.45 -56.60
C TRP H 215 3.23 6.88 -55.49
N GLU H 216 3.89 8.02 -55.69
CA GLU H 216 5.04 8.44 -54.88
C GLU H 216 6.04 7.30 -54.72
N TYR H 217 6.59 6.89 -55.86
CA TYR H 217 7.64 5.88 -55.89
C TYR H 217 8.61 6.25 -57.01
N ASN H 218 9.88 5.97 -56.78
CA ASN H 218 10.92 6.24 -57.76
C ASN H 218 11.07 5.05 -58.69
N TRP H 219 10.60 5.20 -59.93
CA TRP H 219 10.65 4.13 -60.91
C TRP H 219 11.92 4.27 -61.75
N PHE H 220 12.63 3.16 -61.88
CA PHE H 220 13.95 3.13 -62.51
C PHE H 220 14.01 2.10 -63.62
N GLY H 221 13.19 1.05 -63.51
CA GLY H 221 13.26 -0.07 -64.43
C GLY H 221 12.18 -0.08 -65.49
N ALA H 222 12.54 0.31 -66.70
CA ALA H 222 11.65 0.19 -67.86
C ALA H 222 11.72 -1.19 -68.49
N ASP H 223 12.24 -2.17 -67.76
CA ASP H 223 12.44 -3.53 -68.28
C ASP H 223 11.50 -4.53 -67.64
N VAL H 224 10.24 -4.15 -67.41
CA VAL H 224 9.22 -5.05 -66.89
C VAL H 224 8.04 -5.05 -67.85
N ILE H 225 7.58 -6.25 -68.19
CA ILE H 225 6.45 -6.43 -69.10
C ILE H 225 5.41 -7.29 -68.38
N TYR H 226 4.15 -6.85 -68.40
CA TYR H 226 3.09 -7.51 -67.68
C TYR H 226 2.31 -8.42 -68.65
N ILE H 227 2.24 -9.71 -68.32
CA ILE H 227 1.56 -10.70 -69.15
C ILE H 227 0.55 -11.43 -68.26
N ALA H 228 -0.65 -11.65 -68.80
CA ALA H 228 -1.73 -12.24 -68.02
C ALA H 228 -2.16 -13.56 -68.63
N LYS H 229 -2.33 -14.56 -67.76
CA LYS H 229 -2.97 -15.81 -68.10
C LYS H 229 -4.47 -15.67 -67.90
N TYR H 230 -5.24 -16.23 -68.84
CA TYR H 230 -6.68 -16.03 -68.92
C TYR H 230 -7.39 -17.36 -68.80
N TYR H 231 -8.32 -17.46 -67.86
CA TYR H 231 -9.05 -18.68 -67.58
C TYR H 231 -10.51 -18.52 -67.96
N GLU H 232 -11.04 -19.50 -68.69
CA GLU H 232 -12.44 -19.52 -69.10
C GLU H 232 -13.07 -20.85 -68.74
N VAL H 233 -14.40 -20.86 -68.65
CA VAL H 233 -15.19 -22.08 -68.47
C VAL H 233 -16.20 -22.13 -69.60
N ARG H 234 -16.34 -23.30 -70.23
CA ARG H 234 -17.24 -23.48 -71.35
C ARG H 234 -18.09 -24.74 -71.15
N LYS H 235 -19.28 -24.70 -71.73
CA LYS H 235 -20.14 -25.87 -71.81
C LYS H 235 -20.05 -26.45 -73.21
N GLU H 236 -19.52 -27.65 -73.33
CA GLU H 236 -19.26 -28.28 -74.62
C GLU H 236 -19.94 -29.63 -74.69
N SER H 237 -20.32 -30.03 -75.90
CA SER H 237 -20.92 -31.34 -76.15
C SER H 237 -19.81 -32.32 -76.52
N VAL H 238 -19.66 -33.36 -75.72
CA VAL H 238 -18.67 -34.41 -75.95
C VAL H 238 -19.36 -35.76 -75.92
N ASP H 239 -18.83 -36.70 -76.69
CA ASP H 239 -19.42 -38.03 -76.81
C ASP H 239 -18.75 -38.99 -75.84
N VAL H 240 -19.56 -39.69 -75.05
CA VAL H 240 -19.07 -40.68 -74.10
C VAL H 240 -19.09 -42.05 -74.76
N ILE H 241 -18.13 -42.89 -74.37
CA ILE H 241 -18.01 -44.24 -74.90
C ILE H 241 -18.09 -45.23 -73.73
N SER H 242 -18.95 -46.23 -73.87
CA SER H 242 -19.23 -47.18 -72.79
C SER H 242 -18.64 -48.53 -73.15
N TYR H 243 -17.54 -48.90 -72.50
CA TYR H 243 -16.96 -50.22 -72.68
C TYR H 243 -17.58 -51.19 -71.69
N ARG H 244 -18.10 -52.30 -72.19
CA ARG H 244 -18.78 -53.31 -71.37
C ARG H 244 -18.12 -54.68 -71.49
N HIS H 245 -16.80 -54.73 -71.40
CA HIS H 245 -16.12 -56.02 -71.40
C HIS H 245 -16.43 -56.73 -70.08
N PRO H 246 -17.05 -57.91 -70.11
CA PRO H 246 -17.48 -58.55 -68.85
C PRO H 246 -16.35 -58.85 -67.89
N ILE H 247 -15.15 -59.17 -68.40
CA ILE H 247 -14.05 -59.55 -67.53
C ILE H 247 -13.56 -58.34 -66.74
N THR H 248 -13.38 -58.53 -65.42
CA THR H 248 -12.94 -57.48 -64.50
C THR H 248 -13.92 -56.30 -64.50
N GLY H 249 -15.18 -56.61 -64.22
CA GLY H 249 -16.23 -55.62 -64.22
C GLY H 249 -16.68 -55.25 -65.62
N GLU H 250 -17.97 -55.02 -65.80
CA GLU H 250 -18.53 -54.74 -67.12
C GLU H 250 -18.88 -53.28 -67.33
N ILE H 251 -19.63 -52.67 -66.42
CA ILE H 251 -20.08 -51.29 -66.61
C ILE H 251 -18.86 -50.36 -66.48
N ALA H 252 -18.55 -49.62 -67.54
CA ALA H 252 -17.43 -48.68 -67.52
C ALA H 252 -17.66 -47.63 -68.59
N THR H 253 -18.01 -46.42 -68.16
CA THR H 253 -18.26 -45.30 -69.06
C THR H 253 -17.01 -44.43 -69.13
N TYR H 254 -16.59 -44.10 -70.35
CA TYR H 254 -15.40 -43.30 -70.57
C TYR H 254 -15.68 -42.19 -71.58
N ASP H 255 -14.80 -41.20 -71.60
CA ASP H 255 -14.95 -40.08 -72.51
C ASP H 255 -14.20 -40.37 -73.82
N SER H 256 -14.46 -39.55 -74.83
CA SER H 256 -13.83 -39.71 -76.14
C SER H 256 -12.36 -39.29 -76.14
N ASP H 257 -11.83 -38.82 -75.01
CA ASP H 257 -10.43 -38.41 -74.95
C ASP H 257 -9.50 -39.57 -75.27
N GLN H 258 -9.79 -40.74 -74.73
CA GLN H 258 -8.97 -41.93 -74.94
C GLN H 258 -9.58 -42.78 -76.04
N VAL H 259 -8.80 -43.04 -77.09
CA VAL H 259 -9.25 -43.78 -78.26
C VAL H 259 -8.49 -45.10 -78.31
N GLU H 260 -9.16 -46.13 -78.85
CA GLU H 260 -8.58 -47.46 -78.91
C GLU H 260 -7.27 -47.48 -79.69
N ASP H 261 -7.05 -46.48 -80.55
CA ASP H 261 -5.78 -46.33 -81.25
C ASP H 261 -4.86 -45.30 -80.61
N ILE H 262 -5.40 -44.25 -79.99
CA ILE H 262 -4.56 -43.28 -79.30
C ILE H 262 -3.84 -43.95 -78.15
N GLU H 263 -4.57 -44.69 -77.32
CA GLU H 263 -3.98 -45.55 -76.31
C GLU H 263 -4.13 -47.00 -76.77
N ASP H 264 -3.05 -47.78 -76.62
CA ASP H 264 -2.97 -49.12 -77.19
C ASP H 264 -3.83 -50.10 -76.39
N GLU H 265 -5.15 -49.97 -76.57
CA GLU H 265 -6.09 -50.91 -75.99
C GLU H 265 -6.33 -52.10 -76.91
N LEU H 266 -6.71 -51.83 -78.16
CA LEU H 266 -6.89 -52.86 -79.19
C LEU H 266 -7.89 -53.93 -78.76
N ALA H 267 -8.94 -53.52 -78.06
CA ALA H 267 -10.03 -54.41 -77.62
C ALA H 267 -9.53 -55.57 -76.76
N ILE H 268 -8.32 -55.46 -76.20
CA ILE H 268 -7.82 -56.50 -75.31
C ILE H 268 -8.70 -56.59 -74.06
N ALA H 269 -9.04 -55.45 -73.47
CA ALA H 269 -9.85 -55.38 -72.27
C ALA H 269 -10.98 -54.38 -72.44
N GLY H 270 -11.64 -54.41 -73.60
CA GLY H 270 -12.74 -53.49 -73.86
C GLY H 270 -13.59 -53.84 -75.06
N PHE H 271 -14.90 -53.66 -74.93
CA PHE H 271 -15.84 -53.85 -76.01
C PHE H 271 -16.57 -52.53 -76.28
N HIS H 272 -16.72 -52.18 -77.56
CA HIS H 272 -17.26 -50.86 -77.89
C HIS H 272 -18.67 -50.67 -77.34
N GLU H 273 -19.51 -51.70 -77.46
CA GLU H 273 -20.86 -51.71 -76.89
C GLU H 273 -21.62 -50.48 -77.40
N VAL H 274 -21.87 -49.48 -76.56
CA VAL H 274 -22.57 -48.26 -76.98
C VAL H 274 -21.62 -47.08 -76.82
N ALA H 275 -21.48 -46.29 -77.88
CA ALA H 275 -20.59 -45.14 -77.87
C ALA H 275 -21.20 -43.94 -78.58
N ARG H 276 -22.51 -43.78 -78.51
CA ARG H 276 -23.20 -42.71 -79.23
C ARG H 276 -23.85 -41.66 -78.34
N ARG H 277 -24.08 -41.95 -77.07
CA ARG H 277 -24.73 -40.98 -76.18
C ARG H 277 -23.87 -39.73 -76.04
N SER H 278 -24.49 -38.57 -76.19
CA SER H 278 -23.82 -37.28 -76.10
C SER H 278 -24.35 -36.51 -74.90
N VAL H 279 -23.44 -35.97 -74.09
CA VAL H 279 -23.80 -35.23 -72.89
C VAL H 279 -23.03 -33.92 -72.87
N LYS H 280 -23.70 -32.86 -72.44
CA LYS H 280 -23.05 -31.57 -72.23
C LYS H 280 -22.24 -31.61 -70.95
N ARG H 281 -21.01 -31.09 -71.01
CA ARG H 281 -20.10 -31.17 -69.88
C ARG H 281 -19.46 -29.81 -69.63
N ARG H 282 -19.00 -29.62 -68.40
CA ARG H 282 -18.35 -28.38 -67.98
C ARG H 282 -16.83 -28.56 -68.08
N ARG H 283 -16.18 -27.69 -68.85
CA ARG H 283 -14.75 -27.79 -69.10
C ARG H 283 -14.12 -26.41 -68.96
N VAL H 284 -12.82 -26.41 -68.68
CA VAL H 284 -12.07 -25.19 -68.38
C VAL H 284 -10.87 -25.10 -69.31
N TYR H 285 -10.68 -23.93 -69.92
CA TYR H 285 -9.58 -23.68 -70.84
C TYR H 285 -8.73 -22.53 -70.32
N VAL H 286 -7.45 -22.52 -70.72
CA VAL H 286 -6.51 -21.51 -70.32
C VAL H 286 -5.83 -20.95 -71.55
N SER H 287 -5.48 -19.66 -71.49
CA SER H 287 -4.80 -18.99 -72.58
C SER H 287 -3.90 -17.91 -71.99
N VAL H 288 -2.93 -17.46 -72.78
CA VAL H 288 -2.01 -16.42 -72.40
C VAL H 288 -2.13 -15.27 -73.40
N VAL H 289 -2.41 -14.08 -72.89
CA VAL H 289 -2.68 -12.92 -73.73
C VAL H 289 -1.89 -11.72 -73.22
N ASP H 290 -1.83 -10.69 -74.05
CA ASP H 290 -1.21 -9.41 -73.70
C ASP H 290 -2.07 -8.30 -74.28
N GLY H 291 -1.52 -7.08 -74.33
CA GLY H 291 -2.25 -5.98 -74.91
C GLY H 291 -2.28 -5.97 -76.42
N ASP H 292 -1.57 -6.89 -77.08
CA ASP H 292 -1.50 -6.95 -78.53
C ASP H 292 -2.30 -8.11 -79.11
N GLY H 293 -2.03 -9.33 -78.66
CA GLY H 293 -2.69 -10.50 -79.22
C GLY H 293 -2.55 -11.76 -78.38
N PHE H 294 -2.55 -12.92 -79.04
CA PHE H 294 -2.47 -14.21 -78.36
C PHE H 294 -1.05 -14.72 -78.42
N LEU H 295 -0.39 -14.82 -77.27
CA LEU H 295 0.93 -15.43 -77.22
C LEU H 295 0.86 -16.94 -77.32
N GLU H 296 -0.15 -17.55 -76.70
CA GLU H 296 -0.33 -19.00 -76.73
C GLU H 296 -1.80 -19.30 -76.99
N LYS H 297 -2.07 -20.22 -77.90
CA LYS H 297 -3.45 -20.57 -78.22
C LYS H 297 -4.10 -21.30 -77.03
N PRO H 298 -5.40 -21.14 -76.85
CA PRO H 298 -6.07 -21.74 -75.69
C PRO H 298 -5.97 -23.26 -75.70
N ARG H 299 -5.83 -23.83 -74.51
CA ARG H 299 -5.82 -25.27 -74.33
C ARG H 299 -6.54 -25.63 -73.05
N ARG H 300 -7.17 -26.80 -73.03
CA ARG H 300 -7.97 -27.23 -71.89
C ARG H 300 -7.08 -27.67 -70.75
N ILE H 301 -7.53 -27.43 -69.52
CA ILE H 301 -6.83 -27.90 -68.34
C ILE H 301 -7.64 -29.05 -67.74
N PRO H 302 -7.02 -30.01 -67.06
CA PRO H 302 -7.76 -31.19 -66.58
C PRO H 302 -8.48 -30.96 -65.25
N GLY H 303 -9.65 -30.36 -65.33
CA GLY H 303 -10.44 -30.11 -64.13
C GLY H 303 -11.81 -29.59 -64.47
N GLU H 304 -12.48 -29.06 -63.45
CA GLU H 304 -13.80 -28.48 -63.61
C GLU H 304 -13.97 -27.12 -62.95
N HIS H 305 -13.01 -26.67 -62.14
CA HIS H 305 -13.06 -25.39 -61.47
C HIS H 305 -11.88 -24.52 -61.87
N ILE H 306 -12.04 -23.23 -61.69
CA ILE H 306 -10.90 -22.30 -61.85
C ILE H 306 -9.90 -22.56 -60.73
N PRO H 307 -8.62 -22.76 -61.03
CA PRO H 307 -7.68 -23.20 -60.00
C PRO H 307 -7.18 -22.06 -59.11
N LEU H 308 -7.84 -20.91 -59.15
CA LEU H 308 -7.49 -19.78 -58.30
C LEU H 308 -8.18 -19.92 -56.96
N ILE H 309 -7.41 -19.84 -55.88
CA ILE H 309 -7.91 -19.99 -54.52
C ILE H 309 -7.67 -18.68 -53.78
N PRO H 310 -8.71 -17.88 -53.59
CA PRO H 310 -8.54 -16.59 -52.91
C PRO H 310 -8.54 -16.73 -51.40
N VAL H 311 -7.72 -15.90 -50.75
CA VAL H 311 -7.63 -15.84 -49.30
C VAL H 311 -7.82 -14.40 -48.88
N TYR H 312 -8.71 -14.18 -47.91
CA TYR H 312 -9.05 -12.84 -47.45
C TYR H 312 -8.80 -12.73 -45.95
N GLY H 313 -8.41 -11.53 -45.52
CA GLY H 313 -8.28 -11.27 -44.10
C GLY H 313 -9.63 -11.02 -43.47
N LYS H 314 -10.28 -9.93 -43.88
CA LYS H 314 -11.67 -9.69 -43.52
C LYS H 314 -12.41 -9.23 -44.77
N ARG H 315 -13.56 -9.85 -45.05
CA ARG H 315 -14.28 -9.58 -46.29
C ARG H 315 -15.75 -9.31 -46.00
N TRP H 316 -16.31 -8.34 -46.72
CA TRP H 316 -17.72 -8.01 -46.62
C TRP H 316 -18.25 -7.62 -47.99
N PHE H 317 -19.58 -7.55 -48.08
CA PHE H 317 -20.29 -7.19 -49.30
C PHE H 317 -21.30 -6.11 -48.96
N ILE H 318 -20.99 -4.86 -49.31
CA ILE H 318 -21.74 -3.69 -48.83
C ILE H 318 -22.68 -3.14 -49.89
N ASP H 319 -22.13 -2.62 -51.01
CA ASP H 319 -22.95 -2.05 -52.08
C ASP H 319 -22.51 -2.66 -53.40
N ASP H 320 -23.00 -3.87 -53.68
CA ASP H 320 -22.78 -4.59 -54.94
C ASP H 320 -21.27 -4.70 -55.25
N ILE H 321 -20.42 -4.44 -54.26
CA ILE H 321 -18.97 -4.42 -54.45
C ILE H 321 -18.32 -5.12 -53.26
N GLU H 322 -17.44 -6.07 -53.54
CA GLU H 322 -16.68 -6.74 -52.51
C GLU H 322 -15.72 -5.77 -51.85
N ARG H 323 -15.60 -5.83 -50.53
CA ARG H 323 -14.67 -5.00 -49.77
C ARG H 323 -13.87 -5.88 -48.83
N VAL H 324 -12.58 -5.57 -48.68
CA VAL H 324 -11.69 -6.32 -47.81
C VAL H 324 -10.92 -5.37 -46.92
N GLU H 325 -10.46 -5.90 -45.79
CA GLU H 325 -9.69 -5.14 -44.83
C GLU H 325 -8.73 -6.08 -44.12
N GLY H 326 -7.55 -5.55 -43.80
CA GLY H 326 -6.53 -6.27 -43.06
C GLY H 326 -6.40 -5.79 -41.64
N HIS H 327 -5.15 -5.55 -41.20
CA HIS H 327 -4.89 -5.17 -39.82
C HIS H 327 -4.12 -3.87 -39.69
N ILE H 328 -3.87 -3.17 -40.80
CA ILE H 328 -3.03 -1.97 -40.76
C ILE H 328 -3.86 -0.76 -41.20
N ALA H 329 -4.99 -1.02 -41.85
CA ALA H 329 -5.79 0.08 -42.41
C ALA H 329 -6.37 0.97 -41.32
N LYS H 330 -6.76 0.39 -40.19
CA LYS H 330 -7.51 1.14 -39.18
C LYS H 330 -6.64 2.08 -38.35
N ALA H 331 -5.32 1.95 -38.39
CA ALA H 331 -4.46 2.72 -37.50
C ALA H 331 -3.46 3.59 -38.26
N MET H 332 -3.77 3.97 -39.51
CA MET H 332 -2.85 4.78 -40.28
C MET H 332 -2.79 6.22 -39.78
N ASP H 333 -3.96 6.82 -39.52
CA ASP H 333 -3.99 8.23 -39.14
C ASP H 333 -3.31 8.51 -37.80
N PRO H 334 -3.57 7.77 -36.72
CA PRO H 334 -2.84 8.05 -35.47
C PRO H 334 -1.33 7.93 -35.63
N GLN H 335 -0.87 6.96 -36.41
CA GLN H 335 0.57 6.79 -36.60
C GLN H 335 1.16 7.97 -37.37
N ARG H 336 0.53 8.34 -38.49
CA ARG H 336 1.06 9.43 -39.30
C ARG H 336 0.83 10.78 -38.67
N LEU H 337 0.05 10.87 -37.60
CA LEU H 337 -0.04 12.11 -36.84
C LEU H 337 0.99 12.13 -35.70
N TYR H 338 1.23 10.97 -35.10
CA TYR H 338 2.27 10.86 -34.07
C TYR H 338 3.63 11.18 -34.65
N ASN H 339 3.91 10.72 -35.87
CA ASN H 339 5.18 11.04 -36.51
C ASN H 339 5.36 12.54 -36.67
N LEU H 340 4.32 13.23 -37.13
CA LEU H 340 4.39 14.68 -37.29
C LEU H 340 4.58 15.38 -35.95
N GLN H 341 3.89 14.91 -34.92
CA GLN H 341 4.06 15.51 -33.60
C GLN H 341 5.50 15.37 -33.11
N VAL H 342 6.09 14.19 -33.30
CA VAL H 342 7.47 13.98 -32.87
C VAL H 342 8.42 14.87 -33.66
N SER H 343 8.21 14.97 -34.97
CA SER H 343 9.10 15.81 -35.79
C SER H 343 9.02 17.28 -35.37
N MET H 344 7.81 17.79 -35.17
CA MET H 344 7.66 19.17 -34.75
C MET H 344 8.23 19.42 -33.37
N LEU H 345 8.10 18.46 -32.45
CA LEU H 345 8.73 18.60 -31.15
C LEU H 345 10.25 18.66 -31.28
N ALA H 346 10.83 17.78 -32.11
CA ALA H 346 12.28 17.75 -32.26
C ALA H 346 12.81 19.06 -32.83
N ASP H 347 12.13 19.59 -33.84
CA ASP H 347 12.61 20.83 -34.45
C ASP H 347 12.59 21.98 -33.46
N THR H 348 11.49 22.13 -32.72
CA THR H 348 11.39 23.20 -31.74
C THR H 348 12.41 23.04 -30.62
N ALA H 349 12.63 21.80 -30.17
CA ALA H 349 13.61 21.57 -29.12
C ALA H 349 15.01 21.93 -29.59
N ALA H 350 15.35 21.60 -30.84
CA ALA H 350 16.68 21.89 -31.35
C ALA H 350 16.85 23.36 -31.74
N GLN H 351 15.75 24.10 -31.90
CA GLN H 351 15.86 25.48 -32.36
C GLN H 351 16.64 26.36 -31.39
N ASP H 352 16.25 26.36 -30.10
CA ASP H 352 16.82 27.24 -29.10
C ASP H 352 17.28 26.44 -27.89
N PRO H 353 18.57 26.11 -27.81
CA PRO H 353 19.01 25.20 -26.75
C PRO H 353 19.08 25.81 -25.36
N GLY H 354 19.61 27.02 -25.21
CA GLY H 354 19.90 27.53 -23.88
C GLY H 354 19.58 28.98 -23.62
N GLN H 355 20.37 29.62 -22.77
CA GLN H 355 20.15 30.99 -22.33
C GLN H 355 21.36 31.85 -22.63
N ILE H 356 21.11 33.07 -23.10
CA ILE H 356 22.16 34.04 -23.40
C ILE H 356 21.79 35.39 -22.82
N PRO H 357 22.69 36.08 -22.14
CA PRO H 357 22.38 37.42 -21.63
C PRO H 357 22.33 38.45 -22.76
N ILE H 358 21.60 39.53 -22.51
CA ILE H 358 21.47 40.63 -23.45
C ILE H 358 21.97 41.91 -22.78
N VAL H 359 22.93 42.58 -23.42
CA VAL H 359 23.53 43.79 -22.91
C VAL H 359 23.63 44.81 -24.03
N GLY H 360 23.84 46.07 -23.66
CA GLY H 360 24.04 47.12 -24.64
C GLY H 360 25.48 47.21 -25.10
N MET H 361 25.66 47.85 -26.26
CA MET H 361 27.01 47.95 -26.83
C MET H 361 27.92 48.80 -25.96
N GLU H 362 27.46 49.99 -25.59
CA GLU H 362 28.27 50.89 -24.76
C GLU H 362 28.34 50.44 -23.31
N GLN H 363 27.47 49.51 -22.89
CA GLN H 363 27.51 48.97 -21.53
C GLN H 363 28.63 47.97 -21.33
N ILE H 364 29.06 47.27 -22.39
CA ILE H 364 30.05 46.22 -22.28
C ILE H 364 31.27 46.48 -23.16
N ARG H 365 31.27 47.56 -23.95
CA ARG H 365 32.42 47.86 -24.79
C ARG H 365 33.68 48.02 -23.94
N GLY H 366 34.76 47.38 -24.38
CA GLY H 366 36.03 47.43 -23.69
C GLY H 366 36.22 46.39 -22.61
N LEU H 367 35.21 45.58 -22.31
CA LEU H 367 35.31 44.57 -21.27
C LEU H 367 34.93 43.19 -21.76
N GLU H 368 34.90 42.97 -23.08
CA GLU H 368 34.45 41.70 -23.62
C GLU H 368 35.39 40.56 -23.29
N LYS H 369 36.67 40.86 -23.08
CA LYS H 369 37.66 39.81 -22.82
C LYS H 369 37.35 39.06 -21.54
N HIS H 370 36.99 39.77 -20.47
CA HIS H 370 36.71 39.10 -19.20
C HIS H 370 35.44 38.25 -19.27
N TRP H 371 34.41 38.77 -19.95
CA TRP H 371 33.17 38.02 -20.10
C TRP H 371 33.31 36.82 -21.02
N GLU H 372 34.23 36.87 -21.99
CA GLU H 372 34.44 35.74 -22.87
C GLU H 372 34.95 34.50 -22.12
N ALA H 373 35.85 34.69 -21.17
CA ALA H 373 36.46 33.60 -20.43
C ALA H 373 35.88 33.43 -19.04
N ARG H 374 34.57 33.64 -18.89
CA ARG H 374 33.94 33.55 -17.57
C ARG H 374 33.76 32.12 -17.10
N ASN H 375 34.04 31.13 -17.95
CA ASN H 375 33.95 29.74 -17.52
C ASN H 375 35.30 29.05 -17.37
N LYS H 376 36.30 29.47 -18.15
CA LYS H 376 37.63 28.87 -18.05
C LYS H 376 38.36 29.30 -16.79
N LYS H 377 38.59 30.59 -16.61
CA LYS H 377 39.23 31.10 -15.41
C LYS H 377 38.21 31.18 -14.28
N ARG H 378 38.67 31.64 -13.12
CA ARG H 378 37.83 31.73 -11.92
C ARG H 378 37.85 33.16 -11.42
N PRO H 379 37.13 34.06 -12.09
CA PRO H 379 37.16 35.46 -11.69
C PRO H 379 36.50 35.67 -10.34
N ALA H 380 37.01 36.65 -9.60
CA ALA H 380 36.39 37.00 -8.33
C ALA H 380 35.08 37.74 -8.54
N PHE H 381 34.92 38.40 -9.68
CA PHE H 381 33.71 39.15 -10.00
C PHE H 381 33.71 39.43 -11.49
N LEU H 382 32.70 40.17 -11.93
CA LEU H 382 32.58 40.56 -13.32
C LEU H 382 32.24 42.05 -13.38
N PRO H 383 32.98 42.84 -14.16
CA PRO H 383 32.70 44.27 -14.25
C PRO H 383 31.72 44.61 -15.37
N LEU H 384 30.90 45.63 -15.11
CA LEU H 384 29.96 46.12 -16.10
C LEU H 384 29.59 47.56 -15.76
N ARG H 385 29.18 48.30 -16.78
CA ARG H 385 28.83 49.70 -16.64
C ARG H 385 27.32 49.86 -16.49
N GLU H 386 26.90 51.10 -16.24
CA GLU H 386 25.49 51.43 -16.09
C GLU H 386 24.93 51.98 -17.39
N VAL H 387 23.61 52.07 -17.46
CA VAL H 387 22.92 52.63 -18.61
C VAL H 387 22.83 54.13 -18.44
N ARG H 388 23.40 54.88 -19.38
CA ARG H 388 23.43 56.32 -19.33
C ARG H 388 22.77 56.90 -20.58
N ASP H 389 21.89 57.87 -20.36
CA ASP H 389 21.17 58.51 -21.45
C ASP H 389 22.03 59.60 -22.08
N LYS H 390 21.42 60.42 -22.93
CA LYS H 390 22.17 61.47 -23.63
C LYS H 390 22.66 62.56 -22.71
N SER H 391 22.00 62.78 -21.57
CA SER H 391 22.36 63.85 -20.65
C SER H 391 23.38 63.42 -19.60
N GLY H 392 23.82 62.16 -19.63
CA GLY H 392 24.79 61.68 -18.67
C GLY H 392 24.20 61.18 -17.36
N ASN H 393 22.89 61.05 -17.27
CA ASN H 393 22.26 60.56 -16.06
C ASN H 393 22.23 59.04 -16.01
N ILE H 394 22.04 58.50 -14.82
CA ILE H 394 21.93 57.06 -14.63
C ILE H 394 20.46 56.69 -14.53
N ILE H 395 20.06 55.69 -15.31
CA ILE H 395 18.68 55.22 -15.28
C ILE H 395 18.57 53.73 -14.94
N ALA H 396 19.63 52.95 -15.11
CA ALA H 396 19.61 51.54 -14.78
C ALA H 396 20.96 51.14 -14.20
N GLY H 397 20.96 50.04 -13.45
CA GLY H 397 22.16 49.56 -12.81
C GLY H 397 23.09 48.85 -13.77
N ALA H 398 24.05 48.13 -13.19
CA ALA H 398 25.03 47.39 -13.97
C ALA H 398 24.54 46.00 -14.38
N THR H 399 23.34 45.62 -13.98
CA THR H 399 22.83 44.29 -14.29
C THR H 399 22.49 44.18 -15.78
N PRO H 400 22.56 42.97 -16.34
CA PRO H 400 22.14 42.78 -17.74
C PRO H 400 20.65 43.06 -17.91
N ALA H 401 20.29 43.50 -19.12
CA ALA H 401 18.91 43.85 -19.39
C ALA H 401 17.98 42.64 -19.27
N GLY H 402 18.44 41.47 -19.71
CA GLY H 402 17.61 40.28 -19.62
C GLY H 402 18.34 39.08 -20.16
N TYR H 403 17.62 37.96 -20.20
CA TYR H 403 18.16 36.70 -20.70
C TYR H 403 17.18 36.12 -21.72
N THR H 404 17.74 35.49 -22.75
CA THR H 404 16.93 34.86 -23.77
C THR H 404 16.20 33.65 -23.19
N GLN H 405 14.95 33.47 -23.62
CA GLN H 405 14.12 32.38 -23.09
C GLN H 405 14.52 31.06 -23.74
N PRO H 406 14.44 29.96 -23.02
CA PRO H 406 14.68 28.65 -23.63
C PRO H 406 13.45 28.13 -24.34
N ALA H 407 13.64 27.05 -25.09
CA ALA H 407 12.53 26.43 -25.79
C ALA H 407 11.58 25.76 -24.81
N VAL H 408 10.29 25.75 -25.16
CA VAL H 408 9.26 25.18 -24.30
C VAL H 408 8.39 24.23 -25.13
N MET H 409 7.67 23.38 -24.42
CA MET H 409 6.76 22.41 -25.04
C MET H 409 5.32 22.77 -24.67
N ASN H 410 4.47 22.92 -25.68
CA ASN H 410 3.08 23.24 -25.45
C ASN H 410 2.31 22.00 -25.00
N GLN H 411 1.20 22.24 -24.29
CA GLN H 411 0.42 21.14 -23.74
C GLN H 411 -0.25 20.33 -24.83
N ALA H 412 -0.64 20.98 -25.92
CA ALA H 412 -1.38 20.29 -26.98
C ALA H 412 -0.55 19.20 -27.63
N LEU H 413 0.74 19.48 -27.87
CA LEU H 413 1.61 18.47 -28.48
C LEU H 413 1.75 17.25 -27.58
N ALA H 414 1.95 17.47 -26.28
CA ALA H 414 2.08 16.34 -25.35
C ALA H 414 0.78 15.55 -25.26
N ALA H 415 -0.36 16.24 -25.25
CA ALA H 415 -1.64 15.54 -25.20
C ALA H 415 -1.83 14.71 -26.47
N LEU H 416 -1.48 15.25 -27.63
CA LEU H 416 -1.59 14.50 -28.86
C LEU H 416 -0.67 13.29 -28.85
N LEU H 417 0.56 13.45 -28.35
CA LEU H 417 1.48 12.34 -28.25
C LEU H 417 0.88 11.21 -27.42
N GLN H 418 0.39 11.55 -26.22
CA GLN H 418 -0.19 10.52 -25.34
C GLN H 418 -1.41 9.87 -25.98
N GLN H 419 -2.31 10.68 -26.53
CA GLN H 419 -3.54 10.14 -27.09
C GLN H 419 -3.26 9.20 -28.26
N THR H 420 -2.38 9.60 -29.18
CA THR H 420 -2.08 8.74 -30.33
C THR H 420 -1.33 7.48 -29.90
N SER H 421 -0.40 7.61 -28.95
CA SER H 421 0.34 6.44 -28.50
C SER H 421 -0.57 5.44 -27.82
N ALA H 422 -1.59 5.92 -27.11
CA ALA H 422 -2.55 4.99 -26.51
C ALA H 422 -3.49 4.40 -27.56
N ASP H 423 -3.93 5.23 -28.52
CA ASP H 423 -4.93 4.79 -29.48
C ASP H 423 -4.37 3.77 -30.46
N ILE H 424 -3.10 3.90 -30.86
CA ILE H 424 -2.51 2.90 -31.74
C ILE H 424 -2.56 1.52 -31.10
N GLN H 425 -2.10 1.43 -29.85
CA GLN H 425 -2.12 0.15 -29.14
C GLN H 425 -3.55 -0.34 -28.93
N GLU H 426 -4.48 0.55 -28.59
CA GLU H 426 -5.85 0.13 -28.36
C GLU H 426 -6.48 -0.44 -29.63
N VAL H 427 -6.26 0.21 -30.77
CA VAL H 427 -6.82 -0.27 -32.02
C VAL H 427 -6.17 -1.59 -32.42
N THR H 428 -4.84 -1.69 -32.31
CA THR H 428 -4.14 -2.92 -32.66
C THR H 428 -4.29 -3.92 -31.51
N GLY H 429 -5.42 -4.60 -31.51
CA GLY H 429 -5.72 -5.60 -30.49
C GLY H 429 -5.96 -5.00 -29.12
N MET H 450 -13.43 -19.86 -26.22
CA MET H 450 -13.18 -18.85 -25.20
C MET H 450 -11.79 -18.26 -25.37
N ASN H 451 -10.77 -19.07 -25.08
CA ASN H 451 -9.39 -18.61 -25.22
C ASN H 451 -9.08 -18.24 -26.66
N ARG H 452 -9.51 -19.06 -27.62
CA ARG H 452 -9.29 -18.75 -29.02
C ARG H 452 -10.11 -17.54 -29.46
N ALA H 453 -11.35 -17.43 -28.96
CA ALA H 453 -12.18 -16.28 -29.30
C ALA H 453 -11.60 -14.98 -28.76
N ASP H 454 -10.83 -15.06 -27.67
CA ASP H 454 -10.23 -13.85 -27.11
C ASP H 454 -9.13 -13.29 -28.01
N MET H 455 -8.40 -14.15 -28.69
CA MET H 455 -7.27 -13.70 -29.51
C MET H 455 -7.76 -12.92 -30.72
N ALA H 456 -6.86 -12.15 -31.32
CA ALA H 456 -7.20 -11.31 -32.46
C ALA H 456 -6.91 -11.96 -33.80
N SER H 457 -6.27 -13.13 -33.82
CA SER H 457 -5.96 -13.84 -35.05
C SER H 457 -7.01 -14.86 -35.43
N PHE H 458 -8.08 -14.99 -34.63
CA PHE H 458 -9.06 -16.04 -34.85
C PHE H 458 -9.77 -15.88 -36.18
N ILE H 459 -10.15 -14.65 -36.54
CA ILE H 459 -10.88 -14.44 -37.79
C ILE H 459 -9.99 -14.76 -38.99
N TYR H 460 -8.72 -14.37 -38.93
CA TYR H 460 -7.79 -14.68 -40.02
C TYR H 460 -7.60 -16.18 -40.15
N LEU H 461 -7.46 -16.88 -39.02
CA LEU H 461 -7.32 -18.34 -39.06
C LEU H 461 -8.56 -19.00 -39.64
N ASP H 462 -9.75 -18.52 -39.26
CA ASP H 462 -10.98 -19.09 -39.79
C ASP H 462 -11.08 -18.89 -41.29
N ASN H 463 -10.72 -17.69 -41.77
CA ASN H 463 -10.77 -17.42 -43.20
C ASN H 463 -9.78 -18.30 -43.95
N MET H 464 -8.57 -18.47 -43.39
CA MET H 464 -7.59 -19.36 -44.02
C MET H 464 -8.10 -20.79 -44.08
N ALA H 465 -8.74 -21.27 -43.02
CA ALA H 465 -9.28 -22.62 -43.01
C ALA H 465 -10.37 -22.79 -44.07
N LYS H 466 -11.27 -21.82 -44.18
CA LYS H 466 -12.34 -21.95 -45.16
C LYS H 466 -11.84 -21.75 -46.59
N SER H 467 -10.68 -21.11 -46.77
CA SER H 467 -10.04 -21.10 -48.08
C SER H 467 -9.38 -22.43 -48.39
N LEU H 468 -8.74 -23.04 -47.38
CA LEU H 468 -8.10 -24.33 -47.59
C LEU H 468 -9.11 -25.43 -47.91
N LYS H 469 -10.32 -25.34 -47.35
CA LYS H 469 -11.36 -26.31 -47.70
C LYS H 469 -11.68 -26.23 -49.19
N ARG H 470 -11.82 -25.02 -49.72
CA ARG H 470 -12.06 -24.85 -51.15
C ARG H 470 -10.89 -25.36 -51.97
N ALA H 471 -9.67 -25.10 -51.52
CA ALA H 471 -8.50 -25.60 -52.23
C ALA H 471 -8.49 -27.13 -52.27
N GLY H 472 -8.86 -27.77 -51.16
CA GLY H 472 -8.97 -29.21 -51.15
C GLY H 472 -10.05 -29.72 -52.08
N GLU H 473 -11.17 -29.01 -52.16
CA GLU H 473 -12.22 -29.40 -53.12
C GLU H 473 -11.71 -29.31 -54.54
N VAL H 474 -10.96 -28.25 -54.87
CA VAL H 474 -10.43 -28.10 -56.22
C VAL H 474 -9.44 -29.21 -56.53
N TRP H 475 -8.57 -29.54 -55.56
CA TRP H 475 -7.61 -30.63 -55.77
C TRP H 475 -8.33 -31.95 -55.98
N LEU H 476 -9.39 -32.21 -55.21
CA LEU H 476 -10.15 -33.45 -55.38
C LEU H 476 -10.79 -33.51 -56.76
N SER H 477 -11.32 -32.39 -57.24
CA SER H 477 -11.90 -32.36 -58.57
C SER H 477 -10.83 -32.60 -59.64
N MET H 478 -9.63 -32.03 -59.45
CA MET H 478 -8.57 -32.17 -60.45
C MET H 478 -7.93 -33.54 -60.43
N ALA H 479 -7.97 -34.25 -59.30
CA ALA H 479 -7.23 -35.49 -59.18
C ALA H 479 -7.78 -36.59 -60.06
N ARG H 480 -9.08 -36.60 -60.33
CA ARG H 480 -9.69 -37.70 -61.07
C ARG H 480 -9.14 -37.82 -62.48
N GLU H 481 -8.94 -36.69 -63.17
CA GLU H 481 -8.47 -36.75 -64.56
C GLU H 481 -6.96 -36.84 -64.67
N VAL H 482 -6.23 -36.87 -63.55
CA VAL H 482 -4.78 -36.95 -63.56
C VAL H 482 -4.28 -38.30 -63.05
N TYR H 483 -4.77 -38.73 -61.89
CA TYR H 483 -4.38 -40.02 -61.32
C TYR H 483 -5.39 -41.13 -61.59
N GLY H 484 -6.58 -40.80 -62.06
CA GLY H 484 -7.61 -41.78 -62.31
C GLY H 484 -8.51 -42.01 -61.11
N SER H 485 -9.67 -42.59 -61.38
CA SER H 485 -10.63 -42.87 -60.32
C SER H 485 -10.17 -44.04 -59.46
N GLU H 486 -10.74 -44.13 -58.26
CA GLU H 486 -10.40 -45.18 -57.31
C GLU H 486 -11.57 -46.14 -57.17
N ARG H 487 -11.31 -47.42 -57.40
CA ARG H 487 -12.31 -48.47 -57.32
C ARG H 487 -11.85 -49.56 -56.36
N GLU H 488 -12.78 -50.03 -55.52
CA GLU H 488 -12.46 -51.10 -54.57
C GLU H 488 -12.85 -52.44 -55.20
N VAL H 489 -11.84 -53.21 -55.58
CA VAL H 489 -12.01 -54.54 -56.13
C VAL H 489 -10.84 -55.39 -55.63
N ARG H 490 -11.12 -56.36 -54.77
CA ARG H 490 -10.10 -57.31 -54.35
C ARG H 490 -10.56 -58.77 -54.34
N ILE H 491 -11.87 -59.03 -54.24
CA ILE H 491 -12.36 -60.41 -54.24
C ILE H 491 -12.41 -60.96 -55.65
N VAL H 507 -11.95 -55.47 -51.35
CA VAL H 507 -12.57 -54.44 -50.53
C VAL H 507 -11.61 -53.99 -49.45
N VAL H 508 -10.65 -54.85 -49.13
CA VAL H 508 -9.65 -54.55 -48.09
C VAL H 508 -8.47 -53.83 -48.75
N ASP H 509 -8.51 -53.68 -50.06
CA ASP H 509 -7.46 -53.00 -50.81
C ASP H 509 -8.08 -52.09 -51.85
N ARG H 510 -7.58 -50.86 -51.92
CA ARG H 510 -8.04 -49.88 -52.88
C ARG H 510 -6.93 -49.63 -53.89
N GLN H 511 -7.23 -49.82 -55.17
CA GLN H 511 -6.23 -49.70 -56.22
C GLN H 511 -6.87 -49.18 -57.51
N THR H 512 -6.03 -48.59 -58.36
CA THR H 512 -6.42 -48.15 -59.69
C THR H 512 -5.34 -48.57 -60.67
N GLY H 513 -5.70 -48.68 -61.94
CA GLY H 513 -4.74 -49.10 -62.95
C GLY H 513 -5.09 -48.69 -64.36
N ALA H 514 -4.08 -48.20 -65.09
CA ALA H 514 -4.27 -47.75 -66.46
C ALA H 514 -2.91 -47.43 -67.06
N VAL H 515 -2.80 -47.61 -68.38
CA VAL H 515 -1.61 -47.14 -69.09
C VAL H 515 -1.52 -45.61 -69.02
N VAL H 516 -2.62 -44.94 -69.35
CA VAL H 516 -2.83 -43.53 -69.07
C VAL H 516 -4.07 -43.44 -68.21
N ALA H 517 -3.97 -42.71 -67.09
CA ALA H 517 -4.98 -42.74 -66.03
C ALA H 517 -6.39 -42.63 -66.58
N LEU H 518 -7.18 -43.67 -66.35
CA LEU H 518 -8.54 -43.76 -66.85
C LEU H 518 -9.50 -43.17 -65.82
N ASN H 519 -10.32 -42.22 -66.26
CA ASN H 519 -11.31 -41.57 -65.40
C ASN H 519 -12.68 -42.13 -65.76
N ASP H 520 -13.16 -43.08 -64.94
CA ASP H 520 -14.46 -43.69 -65.16
C ASP H 520 -15.54 -42.72 -64.68
N LEU H 521 -16.41 -42.29 -65.60
CA LEU H 521 -17.44 -41.33 -65.25
C LEU H 521 -18.59 -41.95 -64.48
N SER H 522 -18.66 -43.28 -64.40
CA SER H 522 -19.75 -43.97 -63.71
C SER H 522 -19.47 -44.21 -62.23
N VAL H 523 -18.26 -43.93 -61.76
CA VAL H 523 -17.96 -44.13 -60.34
C VAL H 523 -18.76 -43.17 -59.48
N GLY H 524 -18.85 -41.92 -59.88
CA GLY H 524 -19.62 -40.94 -59.14
C GLY H 524 -18.83 -40.31 -58.01
N ARG H 525 -19.55 -39.52 -57.23
CA ARG H 525 -18.94 -38.83 -56.09
C ARG H 525 -18.47 -39.81 -55.04
N TYR H 526 -17.34 -39.50 -54.42
CA TYR H 526 -16.85 -40.30 -53.30
C TYR H 526 -17.67 -40.00 -52.05
N ASP H 527 -17.43 -40.77 -50.99
CA ASP H 527 -18.18 -40.65 -49.75
C ASP H 527 -17.35 -40.00 -48.64
N VAL H 528 -16.33 -39.22 -49.00
CA VAL H 528 -15.46 -38.58 -48.03
C VAL H 528 -15.84 -37.11 -47.91
N THR H 529 -15.44 -36.51 -46.80
CA THR H 529 -15.71 -35.12 -46.49
C THR H 529 -14.40 -34.37 -46.31
N VAL H 530 -14.33 -33.17 -46.87
CA VAL H 530 -13.11 -32.37 -46.82
C VAL H 530 -13.11 -31.55 -45.54
N ASP H 531 -12.02 -31.64 -44.77
CA ASP H 531 -11.88 -30.92 -43.52
C ASP H 531 -10.47 -30.34 -43.45
N VAL H 532 -10.13 -29.77 -42.29
CA VAL H 532 -8.81 -29.19 -42.06
C VAL H 532 -8.23 -29.80 -40.79
N GLY H 533 -6.90 -29.78 -40.72
CA GLY H 533 -6.18 -30.32 -39.59
C GLY H 533 -4.74 -29.88 -39.55
N PRO H 534 -4.00 -30.33 -38.54
CA PRO H 534 -2.60 -29.88 -38.39
C PRO H 534 -1.73 -30.34 -39.56
N SER H 535 -0.69 -29.56 -39.82
CA SER H 535 0.25 -29.86 -40.88
C SER H 535 1.34 -30.80 -40.35
N TYR H 536 1.53 -31.93 -41.03
CA TYR H 536 2.48 -32.95 -40.61
C TYR H 536 3.45 -33.25 -41.75
N THR H 537 4.73 -33.39 -41.38
CA THR H 537 5.75 -33.69 -42.39
C THR H 537 5.63 -35.14 -42.88
N ALA H 538 5.36 -36.08 -41.98
CA ALA H 538 5.30 -37.49 -42.31
C ALA H 538 4.14 -38.15 -41.60
N ARG H 539 3.73 -39.32 -42.12
CA ARG H 539 2.62 -40.06 -41.55
C ARG H 539 2.91 -40.50 -40.12
N ARG H 540 4.18 -40.77 -39.79
CA ARG H 540 4.54 -41.19 -38.45
C ARG H 540 4.20 -40.12 -37.42
N ASP H 541 4.46 -38.85 -37.77
CA ASP H 541 4.13 -37.76 -36.85
C ASP H 541 2.64 -37.68 -36.58
N ALA H 542 1.82 -37.84 -37.63
CA ALA H 542 0.37 -37.80 -37.45
C ALA H 542 -0.10 -38.96 -36.59
N THR H 543 0.42 -40.16 -36.84
CA THR H 543 0.02 -41.32 -36.06
C THR H 543 0.40 -41.15 -34.59
N VAL H 544 1.63 -40.69 -34.34
CA VAL H 544 2.09 -40.49 -32.97
C VAL H 544 1.26 -39.42 -32.28
N SER H 545 0.94 -38.35 -33.00
CA SER H 545 0.16 -37.26 -32.41
C SER H 545 -1.23 -37.72 -32.01
N VAL H 546 -1.91 -38.44 -32.92
CA VAL H 546 -3.27 -38.88 -32.59
C VAL H 546 -3.24 -39.92 -31.46
N LEU H 547 -2.23 -40.79 -31.46
CA LEU H 547 -2.14 -41.79 -30.40
C LEU H 547 -1.84 -41.14 -29.05
N THR H 548 -0.97 -40.14 -29.02
CA THR H 548 -0.70 -39.43 -27.78
C THR H 548 -1.93 -38.67 -27.31
N ASN H 549 -2.68 -38.07 -28.24
CA ASN H 549 -3.91 -37.39 -27.86
C ASN H 549 -4.92 -38.35 -27.26
N VAL H 550 -5.03 -39.56 -27.82
CA VAL H 550 -5.83 -40.60 -27.20
C VAL H 550 -5.31 -40.92 -25.81
N LEU H 551 -4.00 -41.07 -25.68
CA LEU H 551 -3.37 -41.24 -24.38
C LEU H 551 -3.52 -39.96 -23.56
N SER H 552 -3.07 -40.02 -22.31
CA SER H 552 -3.16 -38.94 -21.33
C SER H 552 -4.59 -38.65 -20.91
N SER H 553 -5.57 -39.33 -21.50
CA SER H 553 -6.97 -39.26 -21.08
C SER H 553 -7.46 -40.58 -20.52
N MET H 554 -6.56 -41.53 -20.29
CA MET H 554 -6.90 -42.83 -19.74
C MET H 554 -6.15 -43.05 -18.44
N LEU H 555 -6.86 -43.55 -17.44
CA LEU H 555 -6.27 -43.78 -16.13
C LEU H 555 -5.22 -44.87 -16.21
N PRO H 556 -4.21 -44.84 -15.33
CA PRO H 556 -3.13 -45.83 -15.41
C PRO H 556 -3.58 -47.26 -15.20
N THR H 557 -4.75 -47.48 -14.63
CA THR H 557 -5.25 -48.83 -14.38
C THR H 557 -5.91 -49.46 -15.60
N ASP H 558 -5.97 -48.75 -16.73
CA ASP H 558 -6.61 -49.29 -17.91
C ASP H 558 -5.78 -50.44 -18.48
N PRO H 559 -6.42 -51.41 -19.13
CA PRO H 559 -5.69 -52.57 -19.66
C PRO H 559 -5.06 -52.32 -21.03
N MET H 560 -5.61 -51.36 -21.78
CA MET H 560 -5.15 -51.11 -23.15
C MET H 560 -3.94 -50.19 -23.21
N ARG H 561 -3.53 -49.60 -22.10
CA ARG H 561 -2.38 -48.70 -22.12
C ARG H 561 -1.09 -49.38 -22.59
N PRO H 562 -0.76 -50.61 -22.18
CA PRO H 562 0.44 -51.25 -22.78
C PRO H 562 0.36 -51.38 -24.28
N ALA H 563 -0.82 -51.71 -24.83
CA ALA H 563 -0.96 -51.81 -26.28
C ALA H 563 -0.77 -50.45 -26.94
N ILE H 564 -1.37 -49.40 -26.36
CA ILE H 564 -1.22 -48.07 -26.94
C ILE H 564 0.24 -47.65 -26.92
N GLN H 565 0.93 -47.90 -25.80
CA GLN H 565 2.34 -47.55 -25.71
C GLN H 565 3.16 -48.33 -26.74
N GLY H 566 2.87 -49.61 -26.92
CA GLY H 566 3.58 -50.38 -27.92
C GLY H 566 3.40 -49.82 -29.31
N ILE H 567 2.16 -49.45 -29.66
CA ILE H 567 1.91 -48.91 -30.99
C ILE H 567 2.60 -47.56 -31.16
N ILE H 568 2.63 -46.74 -30.10
CA ILE H 568 3.31 -45.45 -30.19
C ILE H 568 4.80 -45.63 -30.42
N LEU H 569 5.45 -46.44 -29.58
CA LEU H 569 6.89 -46.65 -29.72
C LEU H 569 7.24 -47.44 -30.98
N ASP H 570 6.26 -48.10 -31.62
CA ASP H 570 6.54 -48.71 -32.91
C ASP H 570 6.82 -47.68 -33.99
N ASN H 571 6.33 -46.45 -33.82
CA ASN H 571 6.44 -45.41 -34.83
C ASN H 571 7.52 -44.38 -34.53
N ILE H 572 8.39 -44.62 -33.56
CA ILE H 572 9.46 -43.68 -33.23
C ILE H 572 10.66 -43.94 -34.13
N ASP H 573 11.16 -42.89 -34.75
CA ASP H 573 12.34 -42.96 -35.61
C ASP H 573 13.53 -42.30 -34.93
N GLY H 574 14.72 -42.76 -35.28
CA GLY H 574 15.93 -42.22 -34.67
C GLY H 574 17.14 -42.98 -35.13
N GLU H 575 18.28 -42.60 -34.58
CA GLU H 575 19.56 -43.21 -34.93
C GLU H 575 20.04 -44.13 -33.81
N GLY H 576 20.34 -45.38 -34.15
CA GLY H 576 20.79 -46.33 -33.17
C GLY H 576 19.69 -46.98 -32.37
N LEU H 577 18.52 -47.23 -32.97
CA LEU H 577 17.39 -47.83 -32.28
C LEU H 577 16.93 -49.11 -32.97
N ASP H 578 17.78 -49.72 -33.80
CA ASP H 578 17.36 -50.91 -34.54
C ASP H 578 17.03 -52.06 -33.60
N ASP H 579 17.94 -52.36 -32.66
CA ASP H 579 17.71 -53.47 -31.74
C ASP H 579 16.51 -53.22 -30.83
N PHE H 580 16.35 -52.00 -30.32
CA PHE H 580 15.21 -51.69 -29.48
C PHE H 580 13.90 -51.81 -30.24
N LYS H 581 13.87 -51.30 -31.48
CA LYS H 581 12.67 -51.44 -32.29
C LYS H 581 12.34 -52.89 -32.59
N GLU H 582 13.36 -53.70 -32.87
CA GLU H 582 13.14 -55.12 -33.11
C GLU H 582 12.59 -55.81 -31.86
N TYR H 583 13.13 -55.47 -30.69
CA TYR H 583 12.65 -56.07 -29.45
C TYR H 583 11.21 -55.69 -29.17
N ASN H 584 10.87 -54.40 -29.35
CA ASN H 584 9.50 -53.95 -29.12
C ASN H 584 8.54 -54.60 -30.11
N ARG H 585 8.96 -54.72 -31.37
CA ARG H 585 8.13 -55.38 -32.38
C ARG H 585 7.92 -56.84 -32.03
N ASN H 586 8.95 -57.52 -31.54
CA ASN H 586 8.78 -58.92 -31.13
C ASN H 586 7.82 -59.04 -29.96
N GLN H 587 7.93 -58.14 -28.98
CA GLN H 587 6.99 -58.15 -27.86
C GLN H 587 5.57 -57.89 -28.33
N LEU H 588 5.40 -57.05 -29.36
CA LEU H 588 4.07 -56.79 -29.90
C LEU H 588 3.54 -58.00 -30.68
N LEU H 589 4.42 -58.73 -31.39
CA LEU H 589 4.01 -59.94 -32.08
C LEU H 589 3.57 -61.02 -31.10
N ILE H 590 4.29 -61.14 -29.97
CA ILE H 590 3.94 -62.13 -28.96
C ILE H 590 2.53 -61.95 -28.44
N SER H 591 2.05 -60.71 -28.32
CA SER H 591 0.71 -60.42 -27.82
C SER H 591 -0.35 -60.45 -28.92
N GLY H 592 0.04 -60.77 -30.15
CA GLY H 592 -0.93 -60.90 -31.23
C GLY H 592 -1.62 -59.61 -31.64
N ILE H 593 -0.88 -58.51 -31.71
CA ILE H 593 -1.42 -57.25 -32.19
C ILE H 593 -0.72 -56.73 -33.43
N ALA H 594 0.52 -57.13 -33.70
CA ALA H 594 1.30 -56.56 -34.79
C ALA H 594 0.88 -57.04 -36.17
N LYS H 595 0.21 -58.19 -36.26
CA LYS H 595 -0.26 -58.75 -37.54
C LYS H 595 0.96 -58.95 -38.45
N PRO H 596 1.75 -60.00 -38.21
CA PRO H 596 2.94 -60.23 -39.04
C PRO H 596 2.60 -60.26 -40.53
N ARG H 597 3.39 -59.56 -41.34
CA ARG H 597 3.05 -59.37 -42.75
C ARG H 597 3.62 -60.50 -43.62
N ASN H 598 3.40 -61.74 -43.14
CA ASN H 598 3.55 -62.96 -43.93
C ASN H 598 4.88 -63.05 -44.67
N GLU H 599 5.97 -62.68 -44.00
CA GLU H 599 7.29 -62.87 -44.60
C GLU H 599 8.14 -63.88 -43.83
N LYS H 600 8.40 -63.67 -42.53
CA LYS H 600 9.14 -64.66 -41.76
C LYS H 600 8.59 -64.91 -40.36
N GLU H 601 7.87 -63.98 -39.75
CA GLU H 601 7.36 -64.18 -38.39
C GLU H 601 6.09 -65.01 -38.35
N GLN H 602 5.40 -65.18 -39.48
CA GLN H 602 4.25 -66.09 -39.52
C GLN H 602 4.65 -67.54 -39.48
N GLN H 603 5.87 -67.87 -39.91
CA GLN H 603 6.35 -69.24 -39.95
C GLN H 603 7.45 -69.53 -38.96
N ILE H 604 7.94 -68.53 -38.23
CA ILE H 604 8.98 -68.69 -37.23
C ILE H 604 8.52 -68.21 -35.86
N VAL H 605 8.17 -66.92 -35.75
CA VAL H 605 7.77 -66.37 -34.46
C VAL H 605 6.44 -66.95 -34.01
N GLN H 606 5.48 -67.10 -34.93
CA GLN H 606 4.19 -67.63 -34.53
C GLN H 606 4.27 -69.10 -34.14
N GLN H 607 5.06 -69.88 -34.87
CA GLN H 607 5.24 -71.28 -34.48
C GLN H 607 5.99 -71.38 -33.16
N ALA H 608 6.95 -70.49 -32.92
CA ALA H 608 7.62 -70.45 -31.62
C ALA H 608 6.61 -70.13 -30.52
N GLN H 609 5.69 -69.21 -30.77
CA GLN H 609 4.68 -68.86 -29.79
C GLN H 609 3.74 -70.03 -29.50
N MET H 610 3.28 -70.72 -30.53
CA MET H 610 2.34 -71.83 -30.27
C MET H 610 3.06 -72.98 -29.58
N ALA H 611 4.33 -73.23 -29.92
CA ALA H 611 5.10 -74.23 -29.23
C ALA H 611 5.32 -73.85 -27.76
N ALA H 612 5.63 -72.58 -27.50
CA ALA H 612 5.84 -72.09 -26.14
C ALA H 612 4.54 -71.91 -25.37
N GLN H 613 3.40 -72.04 -26.04
CA GLN H 613 2.11 -72.16 -25.36
C GLN H 613 1.76 -73.60 -25.04
N SER H 614 2.08 -74.52 -25.96
CA SER H 614 1.78 -75.93 -25.74
C SER H 614 2.72 -76.59 -24.74
N GLN H 615 3.99 -76.19 -24.73
CA GLN H 615 4.95 -76.82 -23.83
C GLN H 615 4.63 -76.63 -22.35
N PRO H 616 4.35 -75.42 -21.85
CA PRO H 616 4.10 -75.26 -20.41
C PRO H 616 2.66 -75.44 -19.99
N ASN H 617 1.79 -75.97 -20.85
CA ASN H 617 0.46 -76.37 -20.40
C ASN H 617 0.52 -77.40 -19.28
N PRO H 618 1.30 -78.49 -19.40
CA PRO H 618 1.45 -79.38 -18.24
C PRO H 618 2.04 -78.70 -17.02
N GLU H 619 2.97 -77.77 -17.21
CA GLU H 619 3.56 -77.07 -16.06
C GLU H 619 2.53 -76.22 -15.33
N MET H 620 1.72 -75.46 -16.08
CA MET H 620 0.77 -74.56 -15.45
C MET H 620 -0.40 -75.35 -14.84
N VAL H 621 -0.80 -76.46 -15.47
CA VAL H 621 -1.81 -77.29 -14.83
C VAL H 621 -1.24 -77.99 -13.60
N LEU H 622 0.05 -78.33 -13.63
CA LEU H 622 0.71 -78.92 -12.47
C LEU H 622 0.82 -77.94 -11.33
N ALA H 623 0.91 -76.64 -11.63
CA ALA H 623 1.05 -75.63 -10.59
C ALA H 623 -0.10 -75.67 -9.59
N GLN H 624 -1.27 -76.16 -9.98
CA GLN H 624 -2.40 -76.32 -9.06
C GLN H 624 -3.06 -77.68 -9.21
N ALA H 625 -2.37 -78.66 -9.79
CA ALA H 625 -2.94 -79.97 -10.08
C ALA H 625 -2.65 -81.00 -8.99
N GLN H 626 -2.51 -80.58 -7.73
CA GLN H 626 -2.34 -81.56 -6.66
C GLN H 626 -3.64 -82.30 -6.37
N MET H 627 -4.77 -81.79 -6.86
CA MET H 627 -6.02 -82.52 -6.76
C MET H 627 -6.20 -83.52 -7.89
N VAL H 628 -5.35 -83.46 -8.92
CA VAL H 628 -5.47 -84.38 -10.03
C VAL H 628 -5.19 -85.82 -9.58
N ALA H 629 -4.23 -85.99 -8.67
CA ALA H 629 -3.94 -87.32 -8.14
C ALA H 629 -5.16 -87.89 -7.43
N ALA H 630 -5.80 -87.08 -6.58
CA ALA H 630 -6.99 -87.54 -5.85
C ALA H 630 -8.13 -87.85 -6.80
N GLN H 631 -8.35 -87.00 -7.81
CA GLN H 631 -9.45 -87.24 -8.74
C GLN H 631 -9.20 -88.48 -9.58
N ALA H 632 -7.95 -88.74 -9.97
CA ALA H 632 -7.64 -89.95 -10.72
C ALA H 632 -7.79 -91.19 -9.85
N GLU H 633 -7.40 -91.10 -8.58
CA GLU H 633 -7.59 -92.22 -7.67
C GLU H 633 -9.07 -92.52 -7.47
N ALA H 634 -9.90 -91.48 -7.35
CA ALA H 634 -11.34 -91.68 -7.25
C ALA H 634 -11.90 -92.26 -8.55
N GLN H 635 -11.39 -91.81 -9.69
CA GLN H 635 -11.85 -92.33 -10.97
C GLN H 635 -11.56 -93.82 -11.09
N LYS H 636 -10.36 -94.24 -10.66
CA LYS H 636 -10.08 -95.68 -10.66
C LYS H 636 -10.93 -96.41 -9.63
N ALA H 637 -11.14 -95.81 -8.46
CA ALA H 637 -11.97 -96.44 -7.44
C ALA H 637 -13.38 -96.66 -7.95
N THR H 638 -13.84 -95.81 -8.87
CA THR H 638 -15.17 -95.94 -9.47
C THR H 638 -15.40 -97.31 -10.11
N ASN H 639 -14.33 -97.99 -10.53
CA ASN H 639 -14.43 -99.36 -10.99
C ASN H 639 -13.74 -100.36 -10.06
N GLU H 640 -12.88 -99.90 -9.15
CA GLU H 640 -12.15 -100.78 -8.25
C GLU H 640 -12.98 -101.21 -7.04
N THR H 641 -13.68 -100.27 -6.41
CA THR H 641 -14.35 -100.57 -5.15
C THR H 641 -15.46 -101.60 -5.31
N ALA H 642 -15.97 -101.78 -6.54
CA ALA H 642 -17.00 -102.79 -6.78
C ALA H 642 -16.47 -104.20 -6.59
N GLN H 643 -15.15 -104.37 -6.45
CA GLN H 643 -14.61 -105.68 -6.13
C GLN H 643 -15.16 -106.21 -4.81
N THR H 644 -15.51 -105.32 -3.88
CA THR H 644 -16.08 -105.78 -2.62
C THR H 644 -17.50 -106.31 -2.81
N GLN H 645 -18.28 -105.66 -3.69
CA GLN H 645 -19.59 -106.21 -4.05
C GLN H 645 -19.43 -107.54 -4.76
N ILE H 646 -18.42 -107.68 -5.63
CA ILE H 646 -18.16 -108.95 -6.28
C ILE H 646 -17.84 -110.02 -5.26
N LYS H 647 -17.01 -109.68 -4.27
CA LYS H 647 -16.68 -110.63 -3.21
C LYS H 647 -17.91 -110.99 -2.39
N ALA H 648 -18.80 -110.02 -2.14
CA ALA H 648 -20.03 -110.31 -1.43
C ALA H 648 -20.93 -111.25 -2.22
N PHE H 649 -20.99 -111.06 -3.54
CA PHE H 649 -21.75 -111.98 -4.38
C PHE H 649 -21.17 -113.39 -4.34
N THR H 650 -19.84 -113.50 -4.39
CA THR H 650 -19.21 -114.80 -4.26
C THR H 650 -19.47 -115.41 -2.89
N ALA H 651 -19.51 -114.58 -1.85
CA ALA H 651 -19.82 -115.05 -0.51
C ALA H 651 -21.24 -115.60 -0.44
N GLN H 652 -22.19 -114.91 -1.06
CA GLN H 652 -23.57 -115.41 -1.09
C GLN H 652 -23.67 -116.72 -1.86
N GLN H 653 -22.96 -116.81 -2.99
CA GLN H 653 -22.95 -118.05 -3.75
C GLN H 653 -22.36 -119.20 -2.94
N ASP H 654 -21.26 -118.93 -2.22
CA ASP H 654 -20.68 -119.94 -1.35
C ASP H 654 -21.59 -120.27 -0.19
N ALA H 655 -22.38 -119.31 0.28
CA ALA H 655 -23.35 -119.58 1.33
C ALA H 655 -24.43 -120.54 0.85
N MET H 656 -24.92 -120.33 -0.37
CA MET H 656 -25.90 -121.27 -0.94
C MET H 656 -25.28 -122.65 -1.16
N GLU H 657 -24.03 -122.68 -1.65
CA GLU H 657 -23.33 -123.95 -1.83
C GLU H 657 -23.18 -124.69 -0.50
N SER H 658 -22.78 -123.97 0.55
CA SER H 658 -22.64 -124.57 1.86
C SER H 658 -24.00 -124.97 2.44
N GLN H 659 -25.06 -124.25 2.08
CA GLN H 659 -26.39 -124.64 2.50
C GLN H 659 -26.78 -125.99 1.92
N ALA H 660 -26.55 -126.18 0.62
CA ALA H 660 -26.80 -127.48 0.01
C ALA H 660 -25.90 -128.55 0.62
N ASN H 661 -24.63 -128.22 0.84
CA ASN H 661 -23.69 -129.17 1.42
C ASN H 661 -24.13 -129.61 2.81
N THR H 662 -24.58 -128.65 3.63
CA THR H 662 -24.98 -128.98 4.99
C THR H 662 -26.32 -129.71 5.02
N VAL H 663 -27.21 -129.44 4.05
CA VAL H 663 -28.43 -130.23 3.95
C VAL H 663 -28.08 -131.68 3.64
N TYR H 664 -27.14 -131.90 2.71
CA TYR H 664 -26.70 -133.27 2.44
C TYR H 664 -26.05 -133.88 3.69
N LYS H 665 -25.30 -133.07 4.43
CA LYS H 665 -24.68 -133.56 5.67
C LYS H 665 -25.76 -133.98 6.68
N LEU H 666 -26.84 -133.21 6.76
CA LEU H 666 -27.95 -133.57 7.62
C LEU H 666 -28.55 -134.91 7.20
N ALA H 667 -28.74 -135.09 5.89
CA ALA H 667 -29.30 -136.35 5.39
C ALA H 667 -28.37 -137.52 5.67
N GLN H 668 -27.06 -137.33 5.47
CA GLN H 668 -26.09 -138.41 5.55
C GLN H 668 -25.77 -138.82 6.97
N ALA H 669 -25.70 -137.85 7.91
CA ALA H 669 -25.25 -138.15 9.26
C ALA H 669 -26.17 -139.12 9.98
N ARG H 670 -27.40 -139.32 9.49
CA ARG H 670 -28.31 -140.28 10.11
C ARG H 670 -27.82 -141.71 9.90
N ASN H 671 -27.25 -142.01 8.75
CA ASN H 671 -26.82 -143.36 8.38
C ASN H 671 -27.97 -144.36 8.46
N MET I 1 24.76 -18.81 -81.49
CA MET I 1 25.67 -19.87 -81.07
C MET I 1 26.71 -19.35 -80.10
N ALA I 2 27.15 -18.10 -80.31
CA ALA I 2 28.17 -17.45 -79.49
C ALA I 2 29.43 -18.30 -79.43
N GLU I 3 30.06 -18.46 -80.60
CA GLU I 3 31.23 -19.30 -80.72
C GLU I 3 32.39 -18.80 -79.86
N THR I 4 32.67 -17.50 -79.91
CA THR I 4 33.86 -16.97 -79.27
C THR I 4 33.60 -16.59 -77.82
N LEU I 5 34.58 -16.87 -76.96
CA LEU I 5 34.50 -16.45 -75.57
C LEU I 5 34.48 -14.93 -75.46
N GLU I 6 35.10 -14.23 -76.41
CA GLU I 6 35.01 -12.78 -76.44
C GLU I 6 33.58 -12.32 -76.70
N LYS I 7 32.75 -13.20 -77.26
CA LYS I 7 31.33 -12.90 -77.39
C LYS I 7 30.55 -13.39 -76.17
N LYS I 8 30.99 -14.48 -75.55
CA LYS I 8 30.36 -14.97 -74.34
C LYS I 8 30.52 -14.03 -73.15
N HIS I 9 31.60 -13.24 -73.11
CA HIS I 9 31.88 -12.43 -71.94
C HIS I 9 30.99 -11.21 -71.79
N GLU I 10 30.71 -10.48 -72.87
CA GLU I 10 29.91 -9.27 -72.72
C GLU I 10 28.46 -9.60 -72.41
N ARG I 11 27.98 -10.78 -72.81
CA ARG I 11 26.65 -11.21 -72.37
C ARG I 11 26.62 -11.40 -70.86
N ILE I 12 27.68 -11.98 -70.29
CA ILE I 12 27.77 -12.12 -68.84
C ILE I 12 27.81 -10.74 -68.19
N MET I 13 28.56 -9.81 -68.77
CA MET I 13 28.63 -8.46 -68.21
C MET I 13 27.26 -7.78 -68.23
N LEU I 14 26.53 -7.92 -69.34
CA LEU I 14 25.20 -7.34 -69.43
C LEU I 14 24.27 -7.97 -68.41
N ARG I 15 24.37 -9.29 -68.22
CA ARG I 15 23.55 -9.95 -67.19
C ARG I 15 23.90 -9.43 -65.80
N PHE I 16 25.19 -9.19 -65.55
CA PHE I 16 25.60 -8.60 -64.27
C PHE I 16 24.97 -7.23 -64.06
N ASP I 17 25.00 -6.39 -65.10
CA ASP I 17 24.40 -5.07 -64.97
C ASP I 17 22.90 -5.15 -64.73
N ARG I 18 22.21 -6.03 -65.47
CA ARG I 18 20.76 -6.19 -65.29
C ARG I 18 20.43 -6.76 -63.91
N ALA I 19 21.30 -7.59 -63.35
CA ALA I 19 21.07 -8.09 -62.00
C ALA I 19 21.33 -7.03 -60.93
N TYR I 20 22.36 -6.20 -61.13
CA TYR I 20 22.72 -5.21 -60.13
C TYR I 20 21.77 -4.02 -60.12
N SER I 21 21.22 -3.63 -61.27
CA SER I 21 20.42 -2.41 -61.32
C SER I 21 19.20 -2.42 -60.40
N PRO I 22 18.33 -3.45 -60.39
CA PRO I 22 17.12 -3.36 -59.57
C PRO I 22 17.38 -3.45 -58.07
N GLN I 23 18.20 -4.43 -57.66
CA GLN I 23 18.43 -4.67 -56.23
C GLN I 23 19.59 -3.80 -55.72
N LYS I 24 19.45 -2.50 -55.91
CA LYS I 24 20.45 -1.52 -55.50
C LYS I 24 20.03 -0.70 -54.30
N GLU I 25 18.73 -0.47 -54.11
CA GLU I 25 18.24 0.38 -53.03
C GLU I 25 17.92 -0.41 -51.76
N VAL I 26 18.03 -1.73 -51.78
CA VAL I 26 17.75 -2.53 -50.59
C VAL I 26 19.04 -2.86 -49.85
N ARG I 27 20.07 -3.27 -50.61
CA ARG I 27 21.34 -3.61 -50.00
C ARG I 27 22.01 -2.39 -49.38
N GLU I 28 21.71 -1.19 -49.89
CA GLU I 28 22.19 0.02 -49.24
C GLU I 28 21.64 0.13 -47.82
N LYS I 29 20.34 -0.10 -47.66
CA LYS I 29 19.74 -0.08 -46.32
C LYS I 29 20.32 -1.18 -45.44
N CYS I 30 20.50 -2.37 -46.00
CA CYS I 30 21.05 -3.47 -45.21
C CYS I 30 22.45 -3.15 -44.71
N ILE I 31 23.32 -2.67 -45.60
CA ILE I 31 24.69 -2.34 -45.21
C ILE I 31 24.71 -1.20 -44.21
N GLU I 32 23.87 -0.18 -44.43
CA GLU I 32 23.82 0.95 -43.51
C GLU I 32 23.36 0.51 -42.12
N ALA I 33 22.37 -0.38 -42.06
CA ALA I 33 21.91 -0.89 -40.76
C ALA I 33 23.00 -1.70 -40.07
N THR I 34 23.70 -2.55 -40.82
CA THR I 34 24.75 -3.35 -40.21
C THR I 34 25.87 -2.46 -39.66
N ARG I 35 26.27 -1.45 -40.43
CA ARG I 35 27.29 -0.51 -39.96
C ARG I 35 26.80 0.26 -38.74
N PHE I 36 25.56 0.72 -38.78
CA PHE I 36 24.98 1.45 -37.66
C PHE I 36 24.93 0.59 -36.40
N ALA I 37 24.79 -0.72 -36.54
CA ALA I 37 24.70 -1.58 -35.38
C ALA I 37 26.06 -2.02 -34.86
N ARG I 38 27.06 -2.16 -35.73
CA ARG I 38 28.32 -2.79 -35.32
C ARG I 38 29.53 -1.87 -35.31
N VAL I 39 29.67 -0.98 -36.29
CA VAL I 39 30.87 -0.12 -36.35
C VAL I 39 30.86 0.83 -35.17
N PRO I 40 31.99 1.01 -34.46
CA PRO I 40 31.98 1.88 -33.27
C PRO I 40 31.57 3.31 -33.56
N GLY I 41 31.95 3.85 -34.72
CA GLY I 41 31.57 5.20 -35.11
C GLY I 41 30.47 5.28 -36.14
N GLY I 42 29.77 4.18 -36.44
CA GLY I 42 28.83 4.16 -37.54
C GLY I 42 27.49 4.82 -37.30
N GLN I 43 27.20 5.22 -36.06
CA GLN I 43 25.93 5.87 -35.78
C GLN I 43 25.91 7.33 -36.23
N TRP I 44 27.05 8.00 -36.24
CA TRP I 44 27.12 9.39 -36.68
C TRP I 44 27.62 9.55 -38.11
N GLU I 45 27.73 8.44 -38.85
CA GLU I 45 28.22 8.51 -40.22
C GLU I 45 27.27 9.34 -41.09
N GLY I 46 27.85 10.08 -42.02
CA GLY I 46 27.12 11.04 -42.82
C GLY I 46 27.36 12.47 -42.41
N ALA I 47 27.75 12.70 -41.15
CA ALA I 47 28.11 14.04 -40.67
C ALA I 47 29.34 13.97 -39.77
N THR I 48 30.36 13.22 -40.19
CA THR I 48 31.53 13.04 -39.35
C THR I 48 32.26 14.35 -39.08
N ALA I 49 32.41 15.18 -40.10
CA ALA I 49 33.12 16.45 -39.98
C ALA I 49 32.10 17.58 -40.19
N ALA I 50 31.60 18.12 -39.08
CA ALA I 50 30.66 19.24 -39.13
C ALA I 50 31.00 20.21 -38.01
N GLY I 51 31.04 21.50 -38.34
CA GLY I 51 31.36 22.51 -37.35
C GLY I 51 31.24 23.89 -37.94
N THR I 52 31.47 24.89 -37.09
CA THR I 52 31.39 26.28 -37.46
C THR I 52 32.78 26.90 -37.44
N LYS I 53 32.85 28.16 -37.89
CA LYS I 53 34.12 28.86 -37.85
C LYS I 53 34.52 29.19 -36.42
N LEU I 54 33.56 29.71 -35.63
CA LEU I 54 33.76 29.97 -34.20
C LEU I 54 35.03 30.78 -33.96
N ASP I 55 35.02 32.02 -34.48
CA ASP I 55 36.12 32.96 -34.34
C ASP I 55 37.40 32.44 -35.01
N GLU I 56 37.26 32.15 -36.31
CA GLU I 56 38.39 31.87 -37.19
C GLU I 56 39.11 30.56 -36.81
N GLN I 57 38.32 29.53 -36.51
CA GLN I 57 38.85 28.20 -36.27
C GLN I 57 37.90 27.20 -36.92
N PHE I 58 38.07 25.91 -36.61
CA PHE I 58 37.14 24.90 -37.09
C PHE I 58 36.88 23.84 -36.01
N GLU I 59 36.64 24.27 -34.78
CA GLU I 59 36.25 23.32 -33.75
C GLU I 59 34.88 22.72 -34.08
N LYS I 60 34.78 21.41 -33.93
CA LYS I 60 33.63 20.64 -34.40
C LYS I 60 32.65 20.37 -33.27
N TYR I 61 31.43 20.00 -33.65
CA TYR I 61 30.40 19.70 -32.68
C TYR I 61 30.75 18.43 -31.89
N PRO I 62 30.29 18.31 -30.65
CA PRO I 62 30.45 17.04 -29.93
C PRO I 62 29.40 16.04 -30.39
N LYS I 63 29.84 14.82 -30.69
CA LYS I 63 28.98 13.76 -31.22
C LYS I 63 29.17 12.50 -30.39
N PHE I 64 28.43 12.41 -29.29
CA PHE I 64 28.52 11.24 -28.42
C PHE I 64 27.61 10.12 -28.92
N GLU I 65 28.06 8.90 -28.71
CA GLU I 65 27.34 7.71 -29.18
C GLU I 65 27.01 6.82 -27.98
N ILE I 66 25.72 6.52 -27.83
CA ILE I 66 25.23 5.65 -26.76
C ILE I 66 24.43 4.55 -27.43
N ASN I 67 25.07 3.42 -27.70
CA ASN I 67 24.43 2.34 -28.45
C ASN I 67 23.47 1.58 -27.54
N LYS I 68 22.19 1.59 -27.89
CA LYS I 68 21.16 0.89 -27.13
C LYS I 68 20.27 0.00 -27.99
N VAL I 69 20.63 -0.24 -29.25
CA VAL I 69 19.82 -1.06 -30.15
C VAL I 69 20.39 -2.45 -30.36
N ALA I 70 21.57 -2.74 -29.80
CA ALA I 70 22.22 -4.02 -30.01
C ALA I 70 21.87 -5.07 -28.95
N THR I 71 21.18 -4.67 -27.87
CA THR I 71 20.87 -5.62 -26.81
C THR I 71 19.93 -6.71 -27.30
N GLU I 72 18.85 -6.33 -27.98
CA GLU I 72 17.91 -7.33 -28.50
C GLU I 72 18.56 -8.20 -29.57
N LEU I 73 19.42 -7.62 -30.40
CA LEU I 73 20.12 -8.41 -31.41
C LEU I 73 21.02 -9.44 -30.77
N ASN I 74 21.77 -9.05 -29.73
CA ASN I 74 22.60 -10.00 -29.02
C ASN I 74 21.76 -11.08 -28.36
N ARG I 75 20.61 -10.70 -27.80
CA ARG I 75 19.72 -11.68 -27.19
C ARG I 75 19.24 -12.70 -28.22
N ILE I 76 18.85 -12.23 -29.41
CA ILE I 76 18.38 -13.14 -30.45
C ILE I 76 19.50 -14.07 -30.90
N ILE I 77 20.70 -13.54 -31.09
CA ILE I 77 21.82 -14.37 -31.53
C ILE I 77 22.14 -15.42 -30.48
N ALA I 78 22.16 -15.03 -29.20
CA ALA I 78 22.42 -15.99 -28.14
C ALA I 78 21.31 -17.05 -28.07
N GLU I 79 20.07 -16.65 -28.27
CA GLU I 79 18.98 -17.61 -28.26
C GLU I 79 19.14 -18.62 -29.39
N TYR I 80 19.55 -18.18 -30.56
CA TYR I 80 19.78 -19.12 -31.65
C TYR I 80 20.94 -20.06 -31.32
N ARG I 81 22.05 -19.51 -30.85
CA ARG I 81 23.22 -20.34 -30.56
C ARG I 81 22.97 -21.31 -29.42
N ASN I 82 22.00 -21.02 -28.53
CA ASN I 82 21.68 -21.97 -27.47
C ASN I 82 20.99 -23.21 -28.01
N ASN I 83 20.21 -23.09 -29.09
CA ASN I 83 19.50 -24.21 -29.70
C ASN I 83 19.79 -24.19 -31.20
N ARG I 84 20.89 -24.81 -31.60
CA ARG I 84 21.23 -24.93 -33.00
C ARG I 84 20.40 -26.02 -33.67
N ILE I 85 20.06 -25.80 -34.94
CA ILE I 85 19.24 -26.73 -35.70
C ILE I 85 19.98 -27.15 -36.94
N THR I 86 19.70 -28.38 -37.41
CA THR I 86 20.38 -28.97 -38.54
C THR I 86 19.34 -29.65 -39.42
N VAL I 87 19.80 -30.27 -40.51
CA VAL I 87 18.93 -30.96 -41.46
C VAL I 87 18.75 -32.40 -41.02
N LYS I 88 17.50 -32.85 -40.95
CA LYS I 88 17.16 -34.19 -40.52
C LYS I 88 16.32 -34.86 -41.59
N PHE I 89 16.60 -36.13 -41.86
CA PHE I 89 15.89 -36.91 -42.85
C PHE I 89 14.91 -37.86 -42.16
N ARG I 90 13.64 -37.79 -42.56
CA ARG I 90 12.62 -38.66 -42.03
C ARG I 90 12.42 -39.87 -42.92
N PRO I 91 12.25 -41.05 -42.34
CA PRO I 91 12.03 -42.25 -43.15
C PRO I 91 10.62 -42.27 -43.74
N GLY I 92 10.48 -43.04 -44.81
CA GLY I 92 9.21 -43.26 -45.44
C GLY I 92 8.56 -44.56 -45.01
N ASP I 93 7.50 -44.94 -45.71
CA ASP I 93 6.79 -46.18 -45.43
C ASP I 93 7.25 -47.28 -46.39
N ARG I 94 8.42 -47.83 -46.07
CA ARG I 94 9.01 -48.91 -46.85
C ARG I 94 9.79 -49.83 -45.91
N GLU I 95 10.48 -50.80 -46.51
CA GLU I 95 11.20 -51.78 -45.71
C GLU I 95 12.62 -51.31 -45.40
N ALA I 96 13.26 -50.57 -46.31
CA ALA I 96 14.63 -50.11 -46.12
C ALA I 96 14.70 -48.61 -45.91
N SER I 97 13.55 -47.96 -45.67
CA SER I 97 13.52 -46.51 -45.53
C SER I 97 14.35 -46.04 -44.35
N GLU I 98 14.29 -46.75 -43.22
CA GLU I 98 15.01 -46.29 -42.05
C GLU I 98 16.52 -46.46 -42.22
N GLU I 99 16.94 -47.54 -42.89
CA GLU I 99 18.36 -47.69 -43.22
C GLU I 99 18.83 -46.59 -44.16
N LEU I 100 18.02 -46.27 -45.18
CA LEU I 100 18.40 -45.21 -46.10
C LEU I 100 18.52 -43.87 -45.39
N ALA I 101 17.55 -43.56 -44.52
CA ALA I 101 17.61 -42.32 -43.75
C ALA I 101 18.81 -42.31 -42.82
N ASN I 102 19.15 -43.46 -42.24
CA ASN I 102 20.31 -43.54 -41.36
C ASN I 102 21.59 -43.21 -42.12
N LYS I 103 21.79 -43.81 -43.29
CA LYS I 103 22.97 -43.45 -44.06
C LYS I 103 22.95 -41.99 -44.47
N LEU I 104 21.79 -41.47 -44.88
CA LEU I 104 21.73 -40.10 -45.37
C LEU I 104 22.11 -39.11 -44.28
N ASN I 105 21.51 -39.25 -43.09
CA ASN I 105 21.81 -38.31 -42.01
C ASN I 105 23.06 -38.68 -41.23
N GLY I 106 23.72 -39.78 -41.57
CA GLY I 106 25.07 -40.01 -41.07
C GLY I 106 26.10 -39.34 -41.97
N LEU I 107 25.93 -39.52 -43.28
CA LEU I 107 26.82 -38.86 -44.23
C LEU I 107 26.70 -37.34 -44.13
N PHE I 108 25.47 -36.82 -44.01
CA PHE I 108 25.29 -35.39 -43.86
C PHE I 108 25.94 -34.88 -42.59
N ARG I 109 25.80 -35.61 -41.49
CA ARG I 109 26.43 -35.21 -40.24
C ARG I 109 27.95 -35.20 -40.36
N ALA I 110 28.51 -36.22 -41.01
CA ALA I 110 29.96 -36.27 -41.19
C ALA I 110 30.44 -35.09 -42.03
N ASP I 111 29.74 -34.80 -43.14
CA ASP I 111 30.15 -33.69 -43.99
C ASP I 111 30.02 -32.35 -43.28
N TYR I 112 28.97 -32.20 -42.47
CA TYR I 112 28.79 -30.96 -41.71
C TYR I 112 29.88 -30.79 -40.67
N GLU I 113 30.26 -31.88 -39.99
CA GLU I 113 31.24 -31.77 -38.91
C GLU I 113 32.65 -31.57 -39.45
N GLU I 114 33.01 -32.28 -40.51
CA GLU I 114 34.37 -32.23 -41.05
C GLU I 114 34.59 -31.07 -42.02
N THR I 115 33.74 -30.05 -41.95
CA THR I 115 33.85 -28.89 -42.85
C THR I 115 33.38 -27.67 -42.04
N ASP I 116 33.13 -26.57 -42.72
CA ASP I 116 32.82 -25.28 -42.08
C ASP I 116 31.31 -25.05 -41.97
N GLY I 117 30.54 -26.11 -41.76
CA GLY I 117 29.09 -25.96 -41.70
C GLY I 117 28.64 -25.09 -40.54
N GLY I 118 29.25 -25.30 -39.36
CA GLY I 118 28.86 -24.52 -38.20
C GLY I 118 29.13 -23.04 -38.38
N GLU I 119 30.32 -22.70 -38.86
CA GLU I 119 30.65 -21.29 -39.11
C GLU I 119 29.76 -20.71 -40.20
N ALA I 120 29.46 -21.49 -41.23
CA ALA I 120 28.57 -21.01 -42.29
C ALA I 120 27.18 -20.67 -41.74
N CYS I 121 26.62 -21.57 -40.94
CA CYS I 121 25.30 -21.32 -40.35
C CYS I 121 25.33 -20.12 -39.41
N ASP I 122 26.40 -20.01 -38.60
CA ASP I 122 26.48 -18.88 -37.68
C ASP I 122 26.57 -17.56 -38.42
N ASN I 123 27.41 -17.49 -39.46
CA ASN I 123 27.51 -16.25 -40.24
C ASN I 123 26.20 -15.93 -40.93
N ALA I 124 25.52 -16.95 -41.46
CA ALA I 124 24.24 -16.72 -42.11
C ALA I 124 23.23 -16.14 -41.13
N PHE I 125 23.14 -16.71 -39.93
CA PHE I 125 22.20 -16.17 -38.95
C PHE I 125 22.56 -14.76 -38.53
N ASP I 126 23.85 -14.49 -38.33
CA ASP I 126 24.26 -13.14 -37.94
C ASP I 126 23.88 -12.13 -39.01
N ASP I 127 24.16 -12.43 -40.27
CA ASP I 127 23.79 -11.53 -41.35
C ASP I 127 22.28 -11.34 -41.42
N ALA I 128 21.52 -12.44 -41.34
CA ALA I 128 20.07 -12.36 -41.46
C ALA I 128 19.46 -11.54 -40.34
N ALA I 129 19.95 -11.72 -39.12
CA ALA I 129 19.40 -10.96 -37.99
C ALA I 129 19.81 -9.50 -38.02
N THR I 130 21.05 -9.20 -38.39
CA THR I 130 21.52 -7.81 -38.35
C THR I 130 20.99 -7.01 -39.53
N GLY I 131 21.31 -7.44 -40.75
CA GLY I 131 20.92 -6.68 -41.92
C GLY I 131 19.59 -7.12 -42.51
N GLY I 132 19.43 -8.41 -42.71
CA GLY I 132 18.20 -8.94 -43.30
C GLY I 132 18.46 -9.93 -44.40
N PHE I 133 19.71 -10.03 -44.85
CA PHE I 133 20.08 -10.94 -45.92
C PHE I 133 21.32 -11.72 -45.51
N GLY I 134 21.25 -13.05 -45.63
CA GLY I 134 22.39 -13.90 -45.36
C GLY I 134 22.42 -15.06 -46.32
N CYS I 135 23.61 -15.62 -46.50
CA CYS I 135 23.77 -16.71 -47.46
C CYS I 135 24.96 -17.56 -47.06
N PHE I 136 24.96 -18.80 -47.54
CA PHE I 136 26.12 -19.69 -47.44
C PHE I 136 26.12 -20.59 -48.66
N ARG I 137 27.29 -21.15 -48.96
CA ARG I 137 27.54 -21.81 -50.23
C ARG I 137 27.85 -23.28 -50.00
N LEU I 138 27.58 -24.10 -51.02
CA LEU I 138 27.79 -25.54 -50.96
C LEU I 138 28.59 -25.95 -52.18
N THR I 139 29.79 -26.47 -51.97
CA THR I 139 30.70 -26.85 -53.04
C THR I 139 31.24 -28.26 -52.82
N SER I 140 32.03 -28.73 -53.79
CA SER I 140 32.64 -30.05 -53.73
C SER I 140 34.15 -29.90 -53.94
N MET I 141 34.92 -30.55 -53.09
CA MET I 141 36.38 -30.47 -53.14
C MET I 141 36.98 -31.86 -53.34
N LEU I 142 38.22 -31.88 -53.82
CA LEU I 142 38.92 -33.13 -54.11
C LEU I 142 39.87 -33.43 -52.96
N VAL I 143 39.58 -34.51 -52.24
CA VAL I 143 40.42 -34.91 -51.10
C VAL I 143 40.40 -36.43 -50.90
N ARG I 152 37.02 -40.23 -53.14
CA ARG I 152 38.05 -39.22 -53.27
C ARG I 152 37.44 -37.83 -53.47
N GLN I 153 36.12 -37.77 -53.62
CA GLN I 153 35.41 -36.51 -53.77
C GLN I 153 34.45 -36.36 -52.59
N ARG I 154 34.25 -35.11 -52.18
CA ARG I 154 33.49 -34.83 -50.97
C ARG I 154 32.70 -33.55 -51.16
N ILE I 155 31.58 -33.45 -50.44
CA ILE I 155 30.72 -32.27 -50.47
C ILE I 155 31.11 -31.37 -49.31
N ALA I 156 31.47 -30.12 -49.63
CA ALA I 156 31.95 -29.17 -48.63
C ALA I 156 30.98 -28.01 -48.51
N ILE I 157 30.85 -27.50 -47.28
CA ILE I 157 29.99 -26.37 -46.97
C ILE I 157 30.87 -25.20 -46.56
N GLU I 158 30.76 -24.10 -47.28
CA GLU I 158 31.58 -22.92 -47.02
C GLU I 158 30.70 -21.69 -46.87
N PRO I 159 31.10 -20.74 -46.03
CA PRO I 159 30.33 -19.51 -45.87
C PRO I 159 30.68 -18.47 -46.92
N ILE I 160 29.78 -17.50 -47.05
CA ILE I 160 29.96 -16.35 -47.94
C ILE I 160 29.94 -15.10 -47.08
N TYR I 161 30.98 -14.29 -47.18
CA TYR I 161 31.10 -13.08 -46.38
C TYR I 161 30.62 -11.87 -47.18
N ASP I 162 29.89 -10.99 -46.50
CA ASP I 162 29.25 -9.82 -47.08
C ASP I 162 28.28 -10.24 -48.19
N PRO I 163 27.26 -11.06 -47.87
CA PRO I 163 26.33 -11.49 -48.92
C PRO I 163 25.55 -10.34 -49.54
N SER I 164 25.24 -9.29 -48.77
CA SER I 164 24.48 -8.16 -49.27
C SER I 164 25.16 -7.50 -50.47
N ARG I 165 26.48 -7.45 -50.49
CA ARG I 165 27.23 -6.87 -51.60
C ARG I 165 27.95 -7.93 -52.42
N SER I 166 27.72 -9.22 -52.12
CA SER I 166 28.46 -10.27 -52.80
C SER I 166 27.57 -11.16 -53.66
N VAL I 167 26.29 -11.28 -53.32
CA VAL I 167 25.40 -12.24 -53.96
C VAL I 167 24.36 -11.49 -54.79
N TRP I 168 24.22 -11.88 -56.06
CA TRP I 168 23.22 -11.32 -56.95
C TRP I 168 22.56 -12.46 -57.72
N PHE I 169 21.25 -12.37 -57.92
CA PHE I 169 20.47 -13.43 -58.52
C PHE I 169 19.79 -12.98 -59.80
N ASP I 170 19.19 -13.94 -60.50
CA ASP I 170 18.41 -13.64 -61.69
C ASP I 170 17.20 -12.80 -61.29
N PRO I 171 17.01 -11.62 -61.88
CA PRO I 171 15.90 -10.74 -61.48
C PRO I 171 14.52 -11.36 -61.72
N ASP I 172 14.39 -12.38 -62.55
CA ASP I 172 13.11 -12.98 -62.85
C ASP I 172 12.68 -14.04 -61.84
N ALA I 173 13.50 -14.30 -60.82
CA ALA I 173 13.15 -15.26 -59.77
C ALA I 173 12.41 -14.52 -58.66
N LYS I 174 11.31 -15.13 -58.20
CA LYS I 174 10.48 -14.51 -57.19
C LYS I 174 10.21 -15.37 -55.96
N LYS I 175 10.65 -16.62 -55.95
CA LYS I 175 10.40 -17.47 -54.79
C LYS I 175 11.41 -17.17 -53.68
N TYR I 176 11.07 -17.64 -52.47
CA TYR I 176 11.94 -17.44 -51.32
C TYR I 176 13.28 -18.15 -51.51
N ASP I 177 13.25 -19.37 -52.02
CA ASP I 177 14.46 -20.17 -52.17
C ASP I 177 15.09 -20.03 -53.56
N LYS I 178 14.56 -19.15 -54.40
CA LYS I 178 15.11 -18.90 -55.73
C LYS I 178 15.18 -20.18 -56.56
N SER I 179 14.13 -21.00 -56.47
CA SER I 179 14.07 -22.21 -57.29
C SER I 179 13.98 -21.87 -58.77
N ASP I 180 13.30 -20.80 -59.12
CA ASP I 180 13.13 -20.38 -60.51
C ASP I 180 14.23 -19.41 -60.94
N ALA I 181 15.48 -19.81 -60.76
CA ALA I 181 16.63 -19.00 -61.10
C ALA I 181 17.44 -19.69 -62.20
N LEU I 182 17.95 -18.89 -63.14
CA LEU I 182 18.73 -19.42 -64.25
C LEU I 182 20.20 -19.03 -64.22
N TRP I 183 20.57 -18.02 -63.45
CA TRP I 183 21.98 -17.66 -63.32
C TRP I 183 22.15 -16.82 -62.06
N ALA I 184 23.38 -16.76 -61.58
CA ALA I 184 23.70 -16.01 -60.37
C ALA I 184 25.17 -15.68 -60.35
N PHE I 185 25.53 -14.72 -59.51
CA PHE I 185 26.90 -14.28 -59.32
C PHE I 185 27.28 -14.37 -57.86
N CYS I 186 28.57 -14.62 -57.61
CA CYS I 186 29.11 -14.68 -56.24
C CYS I 186 30.46 -13.97 -56.26
N MET I 187 30.53 -12.79 -55.65
CA MET I 187 31.73 -11.99 -55.68
C MET I 187 32.55 -12.16 -54.40
N TYR I 188 33.85 -11.95 -54.52
CA TYR I 188 34.73 -11.96 -53.36
C TYR I 188 35.98 -11.14 -53.67
N SER I 189 36.57 -10.62 -52.60
CA SER I 189 37.78 -9.82 -52.70
C SER I 189 39.01 -10.70 -52.79
N LEU I 190 40.10 -10.11 -53.30
CA LEU I 190 41.31 -10.85 -53.58
C LEU I 190 42.49 -9.89 -53.55
N SER I 191 43.65 -10.40 -53.15
CA SER I 191 44.81 -9.51 -53.12
C SER I 191 45.65 -9.70 -54.38
N PRO I 192 46.43 -8.69 -54.78
CA PRO I 192 47.28 -8.85 -55.97
C PRO I 192 48.27 -9.98 -55.84
N GLU I 193 48.83 -10.20 -54.65
CA GLU I 193 49.81 -11.27 -54.47
C GLU I 193 49.19 -12.64 -54.69
N LYS I 194 48.01 -12.87 -54.12
CA LYS I 194 47.36 -14.17 -54.32
C LYS I 194 46.81 -14.31 -55.73
N TYR I 195 46.38 -13.20 -56.35
CA TYR I 195 46.00 -13.22 -57.75
C TYR I 195 47.16 -13.65 -58.63
N GLU I 196 48.36 -13.13 -58.35
CA GLU I 196 49.54 -13.55 -59.09
C GLU I 196 49.90 -14.99 -58.79
N ALA I 197 49.78 -15.41 -57.53
CA ALA I 197 50.13 -16.78 -57.16
C ALA I 197 49.26 -17.79 -57.90
N GLU I 198 47.96 -17.53 -57.98
CA GLU I 198 47.07 -18.34 -58.79
C GLU I 198 47.06 -17.80 -60.21
N TYR I 199 46.31 -18.46 -61.09
CA TYR I 199 46.09 -18.03 -62.48
C TYR I 199 47.44 -17.79 -63.13
N GLY I 200 47.79 -16.56 -63.51
CA GLY I 200 49.08 -16.30 -64.10
C GLY I 200 49.43 -14.83 -63.96
N LYS I 201 50.74 -14.56 -63.88
CA LYS I 201 51.22 -13.19 -63.74
C LYS I 201 51.26 -12.44 -65.06
N LYS I 202 51.17 -13.15 -66.18
CA LYS I 202 51.30 -12.50 -67.49
C LYS I 202 50.24 -11.43 -67.75
N PRO I 203 48.95 -11.68 -67.53
CA PRO I 203 47.96 -10.62 -67.78
C PRO I 203 47.78 -9.75 -66.54
N PRO I 204 47.85 -8.43 -66.70
CA PRO I 204 47.57 -7.52 -65.58
C PRO I 204 46.20 -7.76 -64.97
N THR I 205 45.96 -7.16 -63.80
CA THR I 205 44.75 -7.40 -63.04
C THR I 205 43.68 -6.37 -63.41
N SER I 206 42.47 -6.84 -63.69
CA SER I 206 41.32 -5.99 -63.94
C SER I 206 40.19 -6.44 -63.01
N LEU I 207 39.58 -5.47 -62.31
CA LEU I 207 38.65 -5.76 -61.23
C LEU I 207 37.26 -5.23 -61.54
N ASP I 208 36.26 -5.90 -60.97
CA ASP I 208 34.88 -5.46 -61.11
C ASP I 208 34.56 -4.35 -60.11
N VAL I 209 33.33 -3.85 -60.19
CA VAL I 209 32.84 -2.80 -59.30
C VAL I 209 31.45 -3.18 -58.81
N THR I 210 31.19 -2.95 -57.53
CA THR I 210 29.87 -3.24 -56.97
C THR I 210 29.18 -1.97 -56.47
N SER I 211 29.93 -0.87 -56.39
CA SER I 211 29.39 0.44 -56.06
C SER I 211 28.71 0.45 -54.68
N MET I 212 29.28 -0.30 -53.74
CA MET I 212 28.72 -0.40 -52.39
C MET I 212 29.51 0.39 -51.36
N THR I 213 30.82 0.13 -51.25
CA THR I 213 31.61 0.66 -50.16
C THR I 213 32.18 2.03 -50.52
N SER I 214 33.08 2.53 -49.68
CA SER I 214 33.50 3.92 -49.63
C SER I 214 32.33 4.85 -49.40
N TRP I 215 31.26 4.34 -48.80
CA TRP I 215 30.01 5.07 -48.61
C TRP I 215 29.96 5.53 -47.15
N GLU I 216 30.35 6.79 -46.92
CA GLU I 216 30.60 7.33 -45.57
C GLU I 216 31.52 6.40 -44.78
N TYR I 217 32.72 6.21 -45.33
CA TYR I 217 33.75 5.41 -44.69
C TYR I 217 35.09 5.79 -45.29
N ASN I 218 36.15 5.67 -44.48
CA ASN I 218 37.49 6.09 -44.88
C ASN I 218 38.24 4.89 -45.45
N TRP I 219 38.51 4.92 -46.75
CA TRP I 219 39.27 3.87 -47.42
C TRP I 219 40.74 4.26 -47.46
N PHE I 220 41.61 3.27 -47.29
CA PHE I 220 43.05 3.50 -47.30
C PHE I 220 43.82 2.60 -48.25
N GLY I 221 43.43 1.34 -48.41
CA GLY I 221 44.16 0.42 -49.26
C GLY I 221 43.46 0.09 -50.56
N ALA I 222 44.04 0.51 -51.67
CA ALA I 222 43.50 0.24 -53.00
C ALA I 222 44.00 -1.07 -53.58
N ASP I 223 44.35 -2.03 -52.72
CA ASP I 223 44.95 -3.30 -53.14
C ASP I 223 43.94 -4.44 -53.12
N VAL I 224 42.69 -4.18 -53.51
CA VAL I 224 41.66 -5.19 -53.53
C VAL I 224 41.19 -5.39 -54.96
N ILE I 225 40.96 -6.63 -55.35
CA ILE I 225 40.44 -7.00 -56.66
C ILE I 225 39.18 -7.83 -56.45
N TYR I 226 38.10 -7.44 -57.13
CA TYR I 226 36.82 -8.11 -56.98
C TYR I 226 36.64 -9.14 -58.08
N ILE I 227 36.49 -10.41 -57.70
CA ILE I 227 36.38 -11.50 -58.65
C ILE I 227 35.06 -12.23 -58.38
N ALA I 228 34.35 -12.55 -59.46
CA ALA I 228 33.01 -13.12 -59.35
C ALA I 228 32.95 -14.47 -60.05
N LYS I 229 32.23 -15.40 -59.42
CA LYS I 229 31.88 -16.68 -60.02
C LYS I 229 30.48 -16.59 -60.59
N TYR I 230 30.31 -17.10 -61.81
CA TYR I 230 29.06 -17.01 -62.55
C TYR I 230 28.49 -18.40 -62.76
N TYR I 231 27.24 -18.60 -62.34
CA TYR I 231 26.59 -19.90 -62.41
C TYR I 231 25.59 -19.94 -63.56
N GLU I 232 25.61 -21.05 -64.30
CA GLU I 232 24.71 -21.25 -65.42
C GLU I 232 23.93 -22.55 -65.23
N VAL I 233 22.70 -22.58 -65.73
CA VAL I 233 21.92 -23.80 -65.85
C VAL I 233 21.47 -23.93 -67.30
N ARG I 234 21.66 -25.11 -67.88
CA ARG I 234 21.31 -25.34 -69.27
C ARG I 234 20.54 -26.65 -69.41
N LYS I 235 19.73 -26.74 -70.46
CA LYS I 235 19.11 -27.99 -70.87
C LYS I 235 19.89 -28.53 -72.06
N GLU I 236 20.71 -29.55 -71.82
CA GLU I 236 21.65 -30.05 -72.81
C GLU I 236 21.29 -31.48 -73.18
N SER I 237 21.47 -31.79 -74.46
CA SER I 237 21.24 -33.13 -74.97
C SER I 237 22.42 -34.03 -74.62
N VAL I 238 22.12 -35.14 -73.94
CA VAL I 238 23.14 -36.11 -73.55
C VAL I 238 22.67 -37.49 -73.99
N ASP I 239 23.63 -38.39 -74.20
CA ASP I 239 23.35 -39.76 -74.61
C ASP I 239 23.36 -40.65 -73.37
N VAL I 240 22.26 -41.37 -73.14
CA VAL I 240 22.13 -42.28 -72.01
C VAL I 240 22.36 -43.70 -72.50
N ILE I 241 23.10 -44.48 -71.71
CA ILE I 241 23.51 -45.84 -72.08
C ILE I 241 22.98 -46.80 -71.03
N SER I 242 22.37 -47.89 -71.48
CA SER I 242 21.74 -48.86 -70.58
C SER I 242 22.47 -50.20 -70.68
N TYR I 243 23.20 -50.53 -69.62
CA TYR I 243 23.75 -51.87 -69.46
C TYR I 243 22.70 -52.77 -68.82
N ARG I 244 22.40 -53.90 -69.46
CA ARG I 244 21.42 -54.85 -68.94
C ARG I 244 22.05 -56.22 -68.70
N HIS I 245 23.20 -56.24 -68.06
CA HIS I 245 23.83 -57.51 -67.71
C HIS I 245 22.94 -58.26 -66.71
N PRO I 246 22.52 -59.49 -67.02
CA PRO I 246 21.60 -60.20 -66.11
C PRO I 246 22.21 -60.52 -64.74
N ILE I 247 23.53 -60.52 -64.62
CA ILE I 247 24.17 -60.96 -63.38
C ILE I 247 23.99 -59.90 -62.31
N THR I 248 23.39 -60.28 -61.20
CA THR I 248 23.20 -59.41 -60.03
C THR I 248 22.50 -58.10 -60.43
N GLY I 249 21.26 -58.24 -60.89
CA GLY I 249 20.48 -57.09 -61.32
C GLY I 249 20.75 -56.72 -62.76
N GLU I 250 19.70 -56.42 -63.52
CA GLU I 250 19.82 -56.22 -64.96
C GLU I 250 19.73 -54.76 -65.39
N ILE I 251 18.64 -54.08 -65.03
CA ILE I 251 18.40 -52.73 -65.56
C ILE I 251 19.35 -51.76 -64.87
N ALA I 252 20.15 -51.05 -65.67
CA ALA I 252 21.10 -50.06 -65.14
C ALA I 252 21.42 -49.07 -66.25
N THR I 253 20.89 -47.85 -66.14
CA THR I 253 21.10 -46.81 -67.13
C THR I 253 22.09 -45.80 -66.59
N TYR I 254 23.10 -45.46 -67.39
CA TYR I 254 24.14 -44.52 -67.00
C TYR I 254 24.33 -43.47 -68.08
N ASP I 255 24.99 -42.37 -67.71
CA ASP I 255 25.20 -41.28 -68.64
C ASP I 255 26.47 -41.50 -69.46
N SER I 256 26.70 -40.60 -70.41
CA SER I 256 27.83 -40.70 -71.32
C SER I 256 29.17 -40.38 -70.66
N ASP I 257 29.16 -39.75 -69.48
CA ASP I 257 30.41 -39.34 -68.85
C ASP I 257 31.28 -40.54 -68.48
N GLN I 258 30.65 -41.61 -67.99
CA GLN I 258 31.38 -42.80 -67.57
C GLN I 258 31.32 -43.85 -68.68
N VAL I 259 32.49 -44.30 -69.12
CA VAL I 259 32.62 -45.21 -70.25
C VAL I 259 33.43 -46.42 -69.79
N GLU I 260 33.25 -47.54 -70.50
CA GLU I 260 33.97 -48.77 -70.17
C GLU I 260 35.49 -48.57 -70.26
N ASP I 261 35.94 -47.56 -71.00
CA ASP I 261 37.36 -47.25 -71.10
C ASP I 261 37.80 -46.16 -70.12
N ILE I 262 36.96 -45.15 -69.88
CA ILE I 262 37.28 -44.13 -68.88
C ILE I 262 37.39 -44.77 -67.50
N GLU I 263 36.37 -45.55 -67.12
CA GLU I 263 36.41 -46.37 -65.91
C GLU I 263 36.61 -47.81 -66.34
N ASP I 264 37.65 -48.45 -65.80
CA ASP I 264 38.10 -49.76 -66.30
C ASP I 264 37.12 -50.86 -65.92
N GLU I 265 35.94 -50.83 -66.56
CA GLU I 265 34.95 -51.89 -66.38
C GLU I 265 35.33 -53.12 -67.20
N LEU I 266 35.73 -52.91 -68.46
CA LEU I 266 36.20 -53.99 -69.34
C LEU I 266 35.18 -55.10 -69.52
N ALA I 267 33.89 -54.74 -69.48
CA ALA I 267 32.78 -55.66 -69.71
C ALA I 267 32.84 -56.89 -68.81
N ILE I 268 33.46 -56.77 -67.63
CA ILE I 268 33.57 -57.91 -66.73
C ILE I 268 32.19 -58.32 -66.22
N ALA I 269 31.37 -57.35 -65.83
CA ALA I 269 30.04 -57.59 -65.33
C ALA I 269 29.03 -56.64 -65.98
N GLY I 270 29.11 -56.50 -67.30
CA GLY I 270 28.22 -55.60 -68.01
C GLY I 270 28.00 -55.98 -69.45
N PHE I 271 26.75 -55.85 -69.92
CA PHE I 271 26.40 -56.10 -71.31
C PHE I 271 26.01 -54.78 -71.95
N HIS I 272 26.52 -54.53 -73.16
CA HIS I 272 26.33 -53.22 -73.79
C HIS I 272 24.86 -52.94 -74.06
N GLU I 273 24.13 -53.94 -74.56
CA GLU I 273 22.69 -53.86 -74.75
C GLU I 273 22.31 -52.66 -75.63
N VAL I 274 21.62 -51.67 -75.06
CA VAL I 274 21.17 -50.50 -75.81
C VAL I 274 21.98 -49.28 -75.37
N ALA I 275 22.51 -48.53 -76.34
CA ALA I 275 23.27 -47.32 -76.06
C ALA I 275 22.95 -46.21 -77.04
N ARG I 276 21.71 -46.15 -77.54
CA ARG I 276 21.33 -45.19 -78.56
C ARG I 276 20.31 -44.16 -78.12
N ARG I 277 19.73 -44.31 -76.94
CA ARG I 277 18.71 -43.35 -76.48
C ARG I 277 19.38 -42.04 -76.08
N SER I 278 18.80 -40.93 -76.54
CA SER I 278 19.26 -39.59 -76.18
C SER I 278 18.13 -38.84 -75.51
N VAL I 279 18.40 -38.29 -74.32
CA VAL I 279 17.40 -37.58 -73.53
C VAL I 279 17.99 -36.27 -73.04
N LYS I 280 17.21 -35.20 -73.19
CA LYS I 280 17.60 -33.90 -72.65
C LYS I 280 17.59 -33.94 -71.12
N ARG I 281 18.54 -33.24 -70.52
CA ARG I 281 18.66 -33.19 -69.07
C ARG I 281 19.09 -31.80 -68.62
N ARG I 282 18.77 -31.50 -67.37
CA ARG I 282 19.13 -30.23 -66.74
C ARG I 282 20.52 -30.35 -66.14
N ARG I 283 21.42 -29.44 -66.52
CA ARG I 283 22.80 -29.46 -66.05
C ARG I 283 23.21 -28.05 -65.62
N VAL I 284 24.21 -27.98 -64.75
CA VAL I 284 24.65 -26.74 -64.14
C VAL I 284 26.16 -26.59 -64.31
N TYR I 285 26.58 -25.43 -64.80
CA TYR I 285 27.98 -25.11 -65.06
C TYR I 285 28.39 -23.90 -64.22
N VAL I 286 29.68 -23.81 -63.93
CA VAL I 286 30.23 -22.70 -63.17
C VAL I 286 31.45 -22.17 -63.91
N SER I 287 31.73 -20.88 -63.72
CA SER I 287 32.84 -20.21 -64.36
C SER I 287 33.31 -19.07 -63.47
N VAL I 288 34.53 -18.59 -63.73
CA VAL I 288 35.11 -17.46 -63.01
C VAL I 288 35.45 -16.38 -64.02
N VAL I 289 34.98 -15.16 -63.78
CA VAL I 289 35.13 -14.05 -64.70
C VAL I 289 35.63 -12.83 -63.96
N ASP I 290 36.15 -11.88 -64.73
CA ASP I 290 36.60 -10.59 -64.22
C ASP I 290 36.38 -9.55 -65.31
N GLY I 291 37.01 -8.38 -65.15
CA GLY I 291 36.76 -7.26 -66.04
C GLY I 291 37.29 -7.42 -67.45
N ASP I 292 38.30 -8.24 -67.67
CA ASP I 292 38.92 -8.35 -68.99
C ASP I 292 38.54 -9.63 -69.72
N GLY I 293 38.44 -10.75 -69.01
CA GLY I 293 38.13 -12.00 -69.68
C GLY I 293 37.73 -13.13 -68.74
N PHE I 294 38.18 -14.35 -69.05
CA PHE I 294 37.85 -15.53 -68.27
C PHE I 294 39.08 -15.96 -67.48
N LEU I 295 38.95 -15.99 -66.15
CA LEU I 295 40.02 -16.55 -65.32
C LEU I 295 40.00 -18.07 -65.36
N GLU I 296 38.81 -18.67 -65.44
CA GLU I 296 38.66 -20.11 -65.53
C GLU I 296 37.55 -20.42 -66.52
N LYS I 297 37.81 -21.37 -67.41
CA LYS I 297 36.81 -21.75 -68.39
C LYS I 297 35.66 -22.51 -67.72
N PRO I 298 34.45 -22.40 -68.26
CA PRO I 298 33.30 -23.04 -67.60
C PRO I 298 33.46 -24.55 -67.49
N ARG I 299 32.99 -25.10 -66.38
CA ARG I 299 32.99 -26.54 -66.16
C ARG I 299 31.73 -26.93 -65.41
N ARG I 300 31.23 -28.13 -65.68
CA ARG I 300 29.99 -28.60 -65.09
C ARG I 300 30.23 -29.09 -63.66
N ILE I 301 29.28 -28.78 -62.77
CA ILE I 301 29.36 -29.25 -61.40
C ILE I 301 28.25 -30.28 -61.16
N PRO I 302 28.43 -31.24 -60.25
CA PRO I 302 27.50 -32.38 -60.16
C PRO I 302 26.20 -32.08 -59.41
N GLY I 303 25.24 -31.54 -60.12
CA GLY I 303 23.94 -31.28 -59.52
C GLY I 303 22.94 -30.80 -60.55
N GLU I 304 21.81 -30.31 -60.03
CA GLU I 304 20.76 -29.74 -60.86
C GLU I 304 20.25 -28.39 -60.36
N HIS I 305 20.76 -27.90 -59.24
CA HIS I 305 20.34 -26.62 -58.68
C HIS I 305 21.55 -25.73 -58.44
N ILE I 306 21.30 -24.42 -58.42
CA ILE I 306 22.35 -23.48 -58.02
C ILE I 306 22.65 -23.68 -56.55
N PRO I 307 23.91 -23.90 -56.16
CA PRO I 307 24.19 -24.31 -54.78
C PRO I 307 24.21 -23.16 -53.78
N LEU I 308 23.67 -22.01 -54.16
CA LEU I 308 23.58 -20.87 -53.26
C LEU I 308 22.32 -20.99 -52.42
N ILE I 309 22.47 -20.91 -51.11
CA ILE I 309 21.37 -21.06 -50.16
C ILE I 309 21.20 -19.75 -49.40
N PRO I 310 20.19 -18.95 -49.74
CA PRO I 310 20.00 -17.68 -49.05
C PRO I 310 19.18 -17.81 -47.78
N VAL I 311 19.43 -16.89 -46.85
CA VAL I 311 18.70 -16.80 -45.59
C VAL I 311 18.18 -15.38 -45.44
N TYR I 312 16.89 -15.24 -45.12
CA TYR I 312 16.25 -13.95 -45.00
C TYR I 312 15.68 -13.77 -43.60
N GLY I 313 15.91 -12.59 -43.03
CA GLY I 313 15.33 -12.25 -41.75
C GLY I 313 13.82 -12.08 -41.87
N LYS I 314 13.39 -11.04 -42.59
CA LYS I 314 12.00 -10.88 -42.97
C LYS I 314 11.96 -10.45 -44.43
N ARG I 315 11.15 -11.14 -45.23
CA ARG I 315 11.14 -10.94 -46.67
C ARG I 315 9.72 -10.73 -47.18
N TRP I 316 9.56 -9.82 -48.13
CA TRP I 316 8.28 -9.58 -48.78
C TRP I 316 8.51 -9.21 -50.23
N PHE I 317 7.44 -9.32 -51.03
CA PHE I 317 7.44 -8.93 -52.44
C PHE I 317 6.35 -7.90 -52.61
N ILE I 318 6.73 -6.63 -52.75
CA ILE I 318 5.78 -5.51 -52.69
C ILE I 318 5.41 -5.02 -54.10
N ASP I 319 6.39 -4.49 -54.85
CA ASP I 319 6.13 -3.99 -56.20
C ASP I 319 7.29 -4.40 -57.11
N ASP I 320 7.16 -5.58 -57.73
CA ASP I 320 8.12 -6.10 -58.70
C ASP I 320 9.54 -6.16 -58.14
N ILE I 321 9.69 -6.11 -56.82
CA ILE I 321 10.99 -6.08 -56.18
C ILE I 321 10.89 -6.83 -54.86
N GLU I 322 12.00 -7.41 -54.42
CA GLU I 322 12.05 -8.11 -53.15
C GLU I 322 12.60 -7.18 -52.08
N ARG I 323 11.90 -7.09 -50.95
CA ARG I 323 12.30 -6.22 -49.86
C ARG I 323 12.55 -7.03 -48.60
N VAL I 324 13.70 -6.79 -47.97
CA VAL I 324 14.13 -7.54 -46.80
C VAL I 324 14.35 -6.57 -45.64
N GLU I 325 14.16 -7.10 -44.43
CA GLU I 325 14.26 -6.30 -43.22
C GLU I 325 14.76 -7.16 -42.08
N GLY I 326 15.59 -6.57 -41.22
CA GLY I 326 16.14 -7.26 -40.07
C GLY I 326 15.57 -6.79 -38.76
N HIS I 327 16.44 -6.39 -37.82
CA HIS I 327 16.02 -5.99 -36.49
C HIS I 327 16.64 -4.67 -36.03
N ILE I 328 17.17 -3.87 -36.95
CA ILE I 328 17.85 -2.64 -36.57
C ILE I 328 17.23 -1.46 -37.32
N ALA I 329 16.58 -1.75 -38.45
CA ALA I 329 16.09 -0.69 -39.32
C ALA I 329 15.05 0.19 -38.64
N LYS I 330 14.15 -0.42 -37.87
CA LYS I 330 13.01 0.32 -37.33
C LYS I 330 13.39 1.31 -36.23
N ALA I 331 14.54 1.15 -35.59
CA ALA I 331 14.90 1.94 -34.42
C ALA I 331 16.09 2.87 -34.67
N MET I 332 16.39 3.18 -35.91
CA MET I 332 17.54 4.03 -36.20
C MET I 332 17.27 5.48 -35.81
N ASP I 333 16.11 6.00 -36.18
CA ASP I 333 15.80 7.40 -35.94
C ASP I 333 15.73 7.76 -34.45
N PRO I 334 14.99 7.02 -33.61
CA PRO I 334 15.00 7.39 -32.18
C PRO I 334 16.38 7.33 -31.55
N GLN I 335 17.22 6.36 -31.95
CA GLN I 335 18.55 6.26 -31.38
C GLN I 335 19.42 7.43 -31.81
N ARG I 336 19.41 7.76 -33.11
CA ARG I 336 20.24 8.86 -33.58
C ARG I 336 19.68 10.22 -33.18
N LEU I 337 18.44 10.28 -32.71
CA LEU I 337 17.93 11.50 -32.10
C LEU I 337 18.29 11.60 -30.62
N TYR I 338 18.28 10.46 -29.92
CA TYR I 338 18.71 10.42 -28.54
C TYR I 338 20.17 10.83 -28.40
N ASN I 339 21.02 10.37 -29.33
CA ASN I 339 22.42 10.77 -29.29
C ASN I 339 22.57 12.28 -29.40
N LEU I 340 21.84 12.89 -30.34
CA LEU I 340 21.90 14.34 -30.52
C LEU I 340 21.42 15.07 -29.28
N GLN I 341 20.31 14.61 -28.69
CA GLN I 341 19.80 15.27 -27.50
C GLN I 341 20.81 15.19 -26.35
N VAL I 342 21.45 14.03 -26.16
CA VAL I 342 22.44 13.90 -25.10
C VAL I 342 23.61 14.83 -25.33
N SER I 343 24.12 14.88 -26.57
CA SER I 343 25.25 15.76 -26.86
C SER I 343 24.89 17.22 -26.64
N MET I 344 23.71 17.63 -27.10
CA MET I 344 23.28 19.01 -26.95
C MET I 344 23.09 19.38 -25.49
N LEU I 345 22.54 18.47 -24.68
CA LEU I 345 22.42 18.72 -23.25
C LEU I 345 23.79 18.86 -22.60
N ALA I 346 24.73 17.98 -22.96
CA ALA I 346 26.05 18.01 -22.34
C ALA I 346 26.76 19.32 -22.63
N ASP I 347 26.69 19.78 -23.89
CA ASP I 347 27.37 21.03 -24.24
C ASP I 347 26.81 22.21 -23.45
N THR I 348 25.49 22.34 -23.41
CA THR I 348 24.87 23.45 -22.69
C THR I 348 25.19 23.38 -21.20
N ALA I 349 25.15 22.18 -20.62
CA ALA I 349 25.46 22.04 -19.20
C ALA I 349 26.90 22.45 -18.90
N ALA I 350 27.84 22.06 -19.75
CA ALA I 350 29.24 22.41 -19.51
C ALA I 350 29.53 23.87 -19.84
N GLN I 351 28.66 24.54 -20.60
CA GLN I 351 28.94 25.91 -21.01
C GLN I 351 29.02 26.86 -19.81
N ASP I 352 28.09 26.74 -18.86
CA ASP I 352 28.00 27.65 -17.72
C ASP I 352 27.88 26.87 -16.41
N PRO I 353 28.97 26.74 -15.66
CA PRO I 353 28.90 25.91 -14.45
C PRO I 353 28.16 26.55 -13.28
N GLY I 354 28.41 27.82 -13.00
CA GLY I 354 27.89 28.42 -11.77
C GLY I 354 27.51 29.89 -11.84
N GLN I 355 27.64 30.58 -10.71
CA GLN I 355 27.19 31.96 -10.56
C GLN I 355 28.37 32.86 -10.18
N ILE I 356 28.40 34.05 -10.77
CA ILE I 356 29.41 35.05 -10.45
C ILE I 356 28.71 36.38 -10.20
N PRO I 357 29.06 37.10 -9.12
CA PRO I 357 28.47 38.43 -8.91
C PRO I 357 29.00 39.44 -9.90
N ILE I 358 28.21 40.48 -10.15
CA ILE I 358 28.56 41.56 -11.06
C ILE I 358 28.58 42.87 -10.26
N VAL I 359 29.71 43.58 -10.33
CA VAL I 359 29.90 44.83 -9.60
C VAL I 359 30.47 45.86 -10.56
N GLY I 360 30.65 47.08 -10.05
CA GLY I 360 31.23 48.14 -10.83
C GLY I 360 32.69 48.37 -10.54
N MET I 361 33.40 48.88 -11.55
CA MET I 361 34.83 49.17 -11.38
C MET I 361 35.06 50.19 -10.29
N GLU I 362 34.30 51.29 -10.31
CA GLU I 362 34.41 52.28 -9.25
C GLU I 362 33.89 51.75 -7.92
N GLN I 363 33.00 50.77 -7.94
CA GLN I 363 32.45 50.20 -6.71
C GLN I 363 33.46 49.32 -5.99
N ILE I 364 34.22 48.49 -6.72
CA ILE I 364 35.09 47.50 -6.11
C ILE I 364 36.56 47.86 -6.25
N ARG I 365 36.90 48.97 -6.91
CA ARG I 365 38.29 49.34 -7.09
C ARG I 365 38.97 49.60 -5.75
N GLY I 366 40.16 49.02 -5.57
CA GLY I 366 40.93 49.20 -4.36
C GLY I 366 40.62 48.21 -3.25
N LEU I 367 39.54 47.43 -3.39
CA LEU I 367 39.14 46.45 -2.38
C LEU I 367 39.11 45.04 -2.96
N GLU I 368 39.81 44.79 -4.05
CA GLU I 368 39.73 43.51 -4.72
C GLU I 368 40.52 42.43 -3.98
N LYS I 369 41.54 42.82 -3.21
CA LYS I 369 42.35 41.81 -2.52
C LYS I 369 41.59 41.15 -1.39
N HIS I 370 40.62 41.85 -0.79
CA HIS I 370 39.79 41.22 0.23
C HIS I 370 38.79 40.26 -0.38
N TRP I 371 38.21 40.61 -1.54
CA TRP I 371 37.24 39.75 -2.20
C TRP I 371 37.88 38.55 -2.88
N GLU I 372 39.15 38.66 -3.28
CA GLU I 372 39.81 37.54 -3.96
C GLU I 372 39.96 36.34 -3.03
N ALA I 373 40.28 36.57 -1.76
CA ALA I 373 40.58 35.51 -0.81
C ALA I 373 39.49 35.34 0.23
N ARG I 374 38.22 35.43 -0.18
CA ARG I 374 37.12 35.30 0.77
C ARG I 374 36.81 33.85 1.11
N ASN I 375 37.43 32.88 0.42
CA ASN I 375 37.20 31.47 0.73
C ASN I 375 38.37 30.82 1.46
N LYS I 376 39.53 31.49 1.51
CA LYS I 376 40.68 30.96 2.23
C LYS I 376 40.75 31.52 3.64
N LYS I 377 40.64 32.84 3.80
CA LYS I 377 40.49 33.44 5.10
C LYS I 377 39.06 33.28 5.59
N ARG I 378 38.77 33.82 6.78
CA ARG I 378 37.43 33.82 7.35
C ARG I 378 37.06 35.23 7.72
N PRO I 379 36.77 36.08 6.73
CA PRO I 379 36.45 37.47 7.02
C PRO I 379 35.16 37.61 7.82
N ALA I 380 35.17 38.56 8.75
CA ALA I 380 33.96 38.85 9.51
C ALA I 380 32.95 39.63 8.65
N PHE I 381 33.43 40.36 7.65
CA PHE I 381 32.55 41.11 6.76
C PHE I 381 33.33 41.41 5.49
N LEU I 382 32.61 41.90 4.48
CA LEU I 382 33.20 42.27 3.21
C LEU I 382 32.87 43.73 2.90
N PRO I 383 33.87 44.58 2.67
CA PRO I 383 33.60 45.99 2.38
C PRO I 383 33.33 46.24 0.91
N LEU I 384 32.42 47.18 0.66
CA LEU I 384 32.08 47.55 -0.70
C LEU I 384 31.46 48.95 -0.68
N ARG I 385 31.60 49.66 -1.78
CA ARG I 385 31.17 51.06 -1.88
C ARG I 385 29.76 51.14 -2.47
N GLU I 386 29.26 52.37 -2.52
CA GLU I 386 27.95 52.65 -3.10
C GLU I 386 28.12 53.17 -4.53
N VAL I 387 26.98 53.42 -5.18
CA VAL I 387 26.96 53.93 -6.54
C VAL I 387 26.65 55.42 -6.51
N ARG I 388 27.49 56.21 -7.16
CA ARG I 388 27.34 57.65 -7.19
C ARG I 388 27.30 58.13 -8.63
N ASP I 389 26.40 59.09 -8.89
CA ASP I 389 26.23 59.64 -10.23
C ASP I 389 27.24 60.77 -10.46
N LYS I 390 27.03 61.53 -11.54
CA LYS I 390 27.98 62.58 -11.91
C LYS I 390 28.02 63.72 -10.91
N SER I 391 26.97 63.90 -10.11
CA SER I 391 26.89 65.01 -9.18
C SER I 391 27.27 64.63 -7.75
N GLY I 392 27.66 63.37 -7.51
CA GLY I 392 28.05 62.94 -6.19
C GLY I 392 26.92 62.38 -5.34
N ASN I 393 25.69 62.41 -5.82
CA ASN I 393 24.57 61.87 -5.07
C ASN I 393 24.65 60.35 -5.01
N ILE I 394 24.00 59.78 -4.00
CA ILE I 394 23.95 58.33 -3.84
C ILE I 394 22.67 57.80 -4.46
N ILE I 395 22.79 56.79 -5.33
CA ILE I 395 21.64 56.22 -6.01
C ILE I 395 21.35 54.79 -5.58
N ALA I 396 22.35 53.93 -5.46
CA ALA I 396 22.12 52.53 -5.13
C ALA I 396 22.97 52.14 -3.93
N GLY I 397 22.54 51.08 -3.26
CA GLY I 397 23.22 50.62 -2.06
C GLY I 397 24.55 49.95 -2.35
N ALA I 398 25.14 49.40 -1.30
CA ALA I 398 26.45 48.77 -1.38
C ALA I 398 26.40 47.33 -1.84
N THR I 399 25.21 46.78 -2.04
CA THR I 399 25.10 45.40 -2.50
C THR I 399 25.49 45.29 -3.97
N PRO I 400 26.02 44.14 -4.38
CA PRO I 400 26.28 43.93 -5.81
C PRO I 400 25.00 43.99 -6.62
N ALA I 401 25.13 44.45 -7.88
CA ALA I 401 23.96 44.66 -8.71
C ALA I 401 23.20 43.36 -8.98
N GLY I 402 23.91 42.27 -9.22
CA GLY I 402 23.25 41.01 -9.49
C GLY I 402 24.25 39.89 -9.64
N TYR I 403 23.74 38.74 -10.05
CA TYR I 403 24.54 37.55 -10.26
C TYR I 403 24.24 36.96 -11.63
N THR I 404 25.23 36.27 -12.19
CA THR I 404 25.01 35.57 -13.45
C THR I 404 24.06 34.39 -13.25
N GLN I 405 23.47 33.92 -14.35
CA GLN I 405 22.50 32.84 -14.27
C GLN I 405 23.14 31.51 -14.62
N PRO I 406 22.96 30.48 -13.81
CA PRO I 406 23.50 29.16 -14.15
C PRO I 406 22.72 28.52 -15.29
N ALA I 407 23.22 27.37 -15.73
CA ALA I 407 22.60 26.66 -16.84
C ALA I 407 21.25 26.07 -16.43
N VAL I 408 20.40 25.84 -17.43
CA VAL I 408 19.09 25.23 -17.23
C VAL I 408 18.86 24.20 -18.33
N MET I 409 17.96 23.27 -18.04
CA MET I 409 17.54 22.26 -19.01
C MET I 409 16.09 22.51 -19.39
N ASN I 410 15.86 22.83 -20.65
CA ASN I 410 14.51 23.14 -21.10
C ASN I 410 13.64 21.89 -21.14
N GLN I 411 12.32 22.11 -21.10
CA GLN I 411 11.39 20.99 -20.97
C GLN I 411 11.38 20.12 -22.21
N ALA I 412 11.57 20.72 -23.39
CA ALA I 412 11.47 19.98 -24.64
C ALA I 412 12.56 18.91 -24.73
N LEU I 413 13.79 19.24 -24.32
CA LEU I 413 14.87 18.27 -24.40
C LEU I 413 14.62 17.09 -23.48
N ALA I 414 14.15 17.33 -22.26
CA ALA I 414 13.84 16.24 -21.35
C ALA I 414 12.70 15.38 -21.87
N ALA I 415 11.66 16.03 -22.42
CA ALA I 415 10.54 15.28 -22.98
C ALA I 415 11.00 14.39 -24.12
N LEU I 416 11.84 14.92 -25.02
CA LEU I 416 12.35 14.11 -26.11
C LEU I 416 13.23 12.99 -25.61
N LEU I 417 14.05 13.25 -24.59
CA LEU I 417 14.88 12.19 -24.01
C LEU I 417 14.02 11.03 -23.54
N GLN I 418 13.01 11.33 -22.73
CA GLN I 418 12.16 10.26 -22.21
C GLN I 418 11.39 9.56 -23.32
N GLN I 419 10.88 10.34 -24.28
CA GLN I 419 10.11 9.74 -25.37
C GLN I 419 10.95 8.78 -26.21
N THR I 420 12.16 9.20 -26.60
CA THR I 420 13.00 8.34 -27.41
C THR I 420 13.49 7.13 -26.63
N SER I 421 13.79 7.32 -25.33
CA SER I 421 14.18 6.18 -24.52
C SER I 421 13.07 5.15 -24.43
N ALA I 422 11.82 5.60 -24.34
CA ALA I 422 10.70 4.67 -24.33
C ALA I 422 10.50 4.02 -25.70
N ASP I 423 10.62 4.80 -26.78
CA ASP I 423 10.34 4.29 -28.11
C ASP I 423 11.37 3.25 -28.55
N ILE I 424 12.64 3.42 -28.20
CA ILE I 424 13.64 2.41 -28.55
C ILE I 424 13.24 1.05 -28.00
N GLN I 425 12.91 1.01 -26.71
CA GLN I 425 12.55 -0.25 -26.07
C GLN I 425 11.23 -0.79 -26.60
N GLU I 426 10.28 0.10 -26.92
CA GLU I 426 9.00 -0.36 -27.45
C GLU I 426 9.16 -1.00 -28.82
N VAL I 427 9.93 -0.36 -29.71
CA VAL I 427 10.08 -0.87 -31.06
C VAL I 427 10.92 -2.15 -31.07
N THR I 428 12.03 -2.15 -30.33
CA THR I 428 12.91 -3.32 -30.31
C THR I 428 12.36 -4.36 -29.33
N GLY I 429 11.35 -5.08 -29.78
CA GLY I 429 10.72 -6.11 -28.97
C GLY I 429 9.94 -5.56 -27.80
N MET I 450 2.37 -21.81 -26.43
CA MET I 450 2.18 -20.52 -27.08
C MET I 450 3.21 -19.50 -26.60
N ASN I 451 4.08 -19.94 -25.68
CA ASN I 451 5.14 -19.05 -25.20
C ASN I 451 6.15 -18.76 -26.29
N ARG I 452 6.44 -19.73 -27.15
CA ARG I 452 7.41 -19.54 -28.22
C ARG I 452 6.97 -18.45 -29.19
N ALA I 453 5.67 -18.41 -29.52
CA ALA I 453 5.18 -17.43 -30.48
C ALA I 453 5.34 -16.00 -29.96
N ASP I 454 5.31 -15.82 -28.64
CA ASP I 454 5.40 -14.48 -28.07
C ASP I 454 6.80 -13.89 -28.18
N MET I 455 7.82 -14.72 -28.35
CA MET I 455 9.19 -14.23 -28.46
C MET I 455 9.40 -13.52 -29.79
N ALA I 456 10.45 -12.71 -29.85
CA ALA I 456 10.73 -11.90 -31.03
C ALA I 456 11.67 -12.57 -32.02
N SER I 457 12.12 -13.79 -31.74
CA SER I 457 13.04 -14.51 -32.61
C SER I 457 12.38 -15.65 -33.37
N PHE I 458 11.08 -15.85 -33.17
CA PHE I 458 10.40 -17.00 -33.77
C PHE I 458 10.43 -16.93 -35.29
N ILE I 459 10.20 -15.74 -35.85
CA ILE I 459 10.21 -15.60 -37.30
C ILE I 459 11.59 -15.90 -37.87
N TYR I 460 12.64 -15.43 -37.20
CA TYR I 460 14.00 -15.70 -37.68
C TYR I 460 14.31 -17.19 -37.63
N LEU I 461 13.94 -17.85 -36.54
CA LEU I 461 14.19 -19.29 -36.44
C LEU I 461 13.40 -20.06 -37.48
N ASP I 462 12.16 -19.65 -37.74
CA ASP I 462 11.36 -20.32 -38.76
C ASP I 462 11.97 -20.13 -40.14
N ASN I 463 12.47 -18.93 -40.43
CA ASN I 463 13.11 -18.69 -41.72
C ASN I 463 14.37 -19.52 -41.88
N MET I 464 15.15 -19.64 -40.81
CA MET I 464 16.33 -20.51 -40.88
C MET I 464 15.95 -21.96 -41.11
N ALA I 465 14.88 -22.43 -40.46
CA ALA I 465 14.43 -23.81 -40.70
C ALA I 465 14.02 -23.98 -42.16
N LYS I 466 13.30 -23.01 -42.71
CA LYS I 466 12.87 -23.09 -44.10
C LYS I 466 14.05 -23.05 -45.06
N SER I 467 15.11 -22.31 -44.73
CA SER I 467 16.30 -22.31 -45.57
C SER I 467 17.07 -23.62 -45.46
N LEU I 468 17.13 -24.18 -44.26
CA LEU I 468 17.81 -25.47 -44.07
C LEU I 468 17.10 -26.59 -44.81
N LYS I 469 15.77 -26.50 -44.94
CA LYS I 469 15.04 -27.48 -45.75
C LYS I 469 15.55 -27.47 -47.19
N ARG I 470 15.66 -26.28 -47.79
CA ARG I 470 16.16 -26.17 -49.15
C ARG I 470 17.62 -26.62 -49.25
N ALA I 471 18.43 -26.28 -48.24
CA ALA I 471 19.82 -26.71 -48.24
C ALA I 471 19.92 -28.24 -48.21
N GLY I 472 19.11 -28.89 -47.39
CA GLY I 472 19.10 -30.34 -47.37
C GLY I 472 18.63 -30.94 -48.67
N GLU I 473 17.64 -30.31 -49.32
CA GLU I 473 17.19 -30.78 -50.63
C GLU I 473 18.31 -30.69 -51.65
N VAL I 474 19.04 -29.58 -51.65
CA VAL I 474 20.15 -29.40 -52.59
C VAL I 474 21.23 -30.44 -52.32
N TRP I 475 21.53 -30.69 -51.04
CA TRP I 475 22.53 -31.70 -50.70
C TRP I 475 22.10 -33.09 -51.17
N LEU I 476 20.81 -33.42 -50.99
CA LEU I 476 20.32 -34.72 -51.43
C LEU I 476 20.41 -34.86 -52.94
N SER I 477 20.08 -33.80 -53.68
CA SER I 477 20.22 -33.83 -55.13
C SER I 477 21.67 -34.00 -55.54
N MET I 478 22.59 -33.33 -54.84
CA MET I 478 23.99 -33.35 -55.21
C MET I 478 24.69 -34.65 -54.85
N ALA I 479 24.28 -35.30 -53.76
CA ALA I 479 25.01 -36.46 -53.24
C ALA I 479 24.94 -37.67 -54.16
N ARG I 480 23.89 -37.78 -54.99
CA ARG I 480 23.77 -38.96 -55.85
C ARG I 480 24.91 -39.04 -56.85
N GLU I 481 25.30 -37.93 -57.44
CA GLU I 481 26.38 -37.93 -58.42
C GLU I 481 27.76 -38.07 -57.80
N VAL I 482 27.90 -37.82 -56.50
CA VAL I 482 29.20 -37.85 -55.82
C VAL I 482 29.43 -39.19 -55.13
N TYR I 483 28.50 -39.62 -54.29
CA TYR I 483 28.64 -40.88 -53.56
C TYR I 483 27.99 -42.06 -54.27
N GLY I 484 27.23 -41.82 -55.33
CA GLY I 484 26.55 -42.90 -56.02
C GLY I 484 25.15 -43.14 -55.49
N SER I 485 24.35 -43.82 -56.30
CA SER I 485 22.97 -44.13 -55.92
C SER I 485 22.95 -45.29 -54.94
N GLU I 486 21.98 -45.26 -54.03
CA GLU I 486 21.82 -46.27 -53.00
C GLU I 486 20.77 -47.29 -53.43
N ARG I 487 21.14 -48.57 -53.38
CA ARG I 487 20.28 -49.64 -53.84
C ARG I 487 20.08 -50.65 -52.71
N GLU I 488 18.86 -51.20 -52.62
CA GLU I 488 18.49 -52.16 -51.60
C GLU I 488 18.63 -53.57 -52.15
N VAL I 489 19.79 -54.19 -51.92
CA VAL I 489 20.05 -55.56 -52.33
C VAL I 489 20.81 -56.25 -51.20
N ARG I 490 20.23 -57.32 -50.66
CA ARG I 490 20.95 -58.22 -49.74
C ARG I 490 20.85 -59.68 -50.11
N ILE I 491 19.75 -60.13 -50.70
CA ILE I 491 19.59 -61.54 -51.04
C ILE I 491 20.34 -61.86 -52.33
N VAL I 507 17.45 -58.82 -47.38
CA VAL I 507 16.88 -57.52 -47.71
C VAL I 507 17.14 -56.57 -46.54
N VAL I 508 18.05 -56.96 -45.66
CA VAL I 508 18.37 -56.17 -44.47
C VAL I 508 19.66 -55.37 -44.64
N ASP I 509 20.20 -55.31 -45.86
CA ASP I 509 21.43 -54.58 -46.10
C ASP I 509 21.26 -53.62 -47.27
N ARG I 510 21.71 -52.39 -47.05
CA ARG I 510 21.71 -51.33 -48.05
C ARG I 510 23.15 -50.94 -48.35
N GLN I 511 23.46 -50.70 -49.63
CA GLN I 511 24.83 -50.53 -50.04
C GLN I 511 24.92 -49.95 -51.44
N THR I 512 26.13 -49.52 -51.80
CA THR I 512 26.49 -49.15 -53.16
C THR I 512 27.92 -49.58 -53.41
N GLY I 513 28.26 -49.80 -54.68
CA GLY I 513 29.60 -50.22 -55.02
C GLY I 513 30.08 -49.69 -56.36
N ALA I 514 31.22 -49.01 -56.38
CA ALA I 514 31.70 -48.38 -57.60
C ALA I 514 33.15 -47.95 -57.43
N VAL I 515 33.96 -48.26 -58.44
CA VAL I 515 35.31 -47.69 -58.51
C VAL I 515 35.21 -46.20 -58.78
N VAL I 516 34.42 -45.82 -59.78
CA VAL I 516 33.98 -44.44 -60.00
C VAL I 516 32.48 -44.43 -59.75
N ALA I 517 32.04 -43.57 -58.83
CA ALA I 517 30.68 -43.60 -58.32
C ALA I 517 29.64 -43.67 -59.45
N LEU I 518 28.92 -44.78 -59.52
CA LEU I 518 27.86 -44.96 -60.51
C LEU I 518 26.58 -44.31 -60.01
N ASN I 519 25.92 -43.58 -60.90
CA ASN I 519 24.60 -43.00 -60.62
C ASN I 519 23.60 -43.67 -61.54
N ASP I 520 22.82 -44.61 -61.00
CA ASP I 520 21.84 -45.34 -61.78
C ASP I 520 20.61 -44.46 -61.96
N LEU I 521 20.38 -43.96 -63.17
CA LEU I 521 19.30 -43.04 -63.44
C LEU I 521 17.92 -43.68 -63.27
N SER I 522 17.81 -44.99 -63.39
CA SER I 522 16.52 -45.67 -63.31
C SER I 522 16.07 -45.94 -61.88
N VAL I 523 16.90 -45.61 -60.88
CA VAL I 523 16.52 -45.86 -59.49
C VAL I 523 15.34 -45.00 -59.10
N GLY I 524 15.36 -43.72 -59.46
CA GLY I 524 14.27 -42.83 -59.15
C GLY I 524 14.45 -42.09 -57.83
N ARG I 525 13.38 -41.41 -57.44
CA ARG I 525 13.40 -40.60 -56.23
C ARG I 525 13.45 -41.49 -54.98
N TYR I 526 14.18 -41.03 -53.98
CA TYR I 526 14.24 -41.73 -52.70
C TYR I 526 12.95 -41.50 -51.91
N ASP I 527 12.77 -42.33 -50.89
CA ASP I 527 11.55 -42.30 -50.07
C ASP I 527 11.79 -41.64 -48.72
N VAL I 528 12.59 -40.58 -48.68
CA VAL I 528 12.83 -39.82 -47.47
C VAL I 528 12.26 -38.42 -47.63
N THR I 529 12.10 -37.73 -46.51
CA THR I 529 11.56 -36.37 -46.48
C THR I 529 12.54 -35.44 -45.78
N VAL I 530 12.80 -34.30 -46.40
CA VAL I 530 13.74 -33.32 -45.83
C VAL I 530 13.04 -32.56 -44.71
N ASP I 531 13.66 -32.58 -43.53
CA ASP I 531 13.10 -31.93 -42.35
C ASP I 531 14.24 -31.30 -41.56
N VAL I 532 13.90 -30.69 -40.42
CA VAL I 532 14.88 -30.06 -39.55
C VAL I 532 14.69 -30.57 -38.14
N GLY I 533 15.74 -30.44 -37.33
CA GLY I 533 15.72 -30.89 -35.96
C GLY I 533 16.93 -30.42 -35.18
N PRO I 534 17.05 -30.87 -33.93
CA PRO I 534 18.21 -30.48 -33.12
C PRO I 534 19.50 -30.98 -33.73
N SER I 535 20.55 -30.18 -33.56
CA SER I 535 21.87 -30.52 -34.09
C SER I 535 22.68 -31.21 -33.01
N TYR I 536 23.23 -32.37 -33.33
CA TYR I 536 23.99 -33.18 -32.39
C TYR I 536 25.36 -33.49 -32.98
N THR I 537 26.38 -33.49 -32.11
CA THR I 537 27.75 -33.67 -32.59
C THR I 537 28.05 -35.13 -32.92
N ALA I 538 27.29 -36.06 -32.35
CA ALA I 538 27.55 -37.48 -32.56
C ALA I 538 26.24 -38.26 -32.49
N ARG I 539 26.29 -39.49 -32.99
CA ARG I 539 25.12 -40.35 -32.98
C ARG I 539 24.71 -40.75 -31.58
N ARG I 540 25.68 -40.88 -30.66
CA ARG I 540 25.36 -41.23 -29.28
C ARG I 540 24.48 -40.17 -28.64
N ASP I 541 24.78 -38.89 -28.89
CA ASP I 541 23.97 -37.81 -28.33
C ASP I 541 22.55 -37.89 -28.85
N ALA I 542 22.38 -38.15 -30.16
CA ALA I 542 21.04 -38.26 -30.72
C ALA I 542 20.26 -39.41 -30.09
N THR I 543 20.91 -40.57 -29.98
CA THR I 543 20.24 -41.73 -29.39
C THR I 543 19.84 -41.46 -27.95
N VAL I 544 20.75 -40.86 -27.17
CA VAL I 544 20.47 -40.58 -25.77
C VAL I 544 19.34 -39.58 -25.64
N SER I 545 19.35 -38.53 -26.46
CA SER I 545 18.30 -37.51 -26.37
C SER I 545 16.95 -38.09 -26.75
N VAL I 546 16.89 -38.90 -27.82
CA VAL I 546 15.62 -39.49 -28.24
C VAL I 546 15.10 -40.43 -27.17
N LEU I 547 15.97 -41.26 -26.59
CA LEU I 547 15.52 -42.19 -25.57
C LEU I 547 15.10 -41.47 -24.29
N THR I 548 15.78 -40.39 -23.94
CA THR I 548 15.38 -39.59 -22.78
C THR I 548 14.03 -38.95 -23.00
N ASN I 549 13.79 -38.41 -24.19
CA ASN I 549 12.48 -37.84 -24.50
C ASN I 549 11.40 -38.91 -24.46
N VAL I 550 11.70 -40.11 -24.97
CA VAL I 550 10.72 -41.19 -24.93
C VAL I 550 10.41 -41.58 -23.49
N LEU I 551 11.45 -41.67 -22.66
CA LEU I 551 11.25 -41.88 -21.23
C LEU I 551 10.72 -40.60 -20.60
N SER I 552 10.49 -40.66 -19.29
CA SER I 552 9.93 -39.57 -18.47
C SER I 552 8.48 -39.28 -18.82
N SER I 553 7.92 -39.93 -19.83
CA SER I 553 6.50 -39.90 -20.12
C SER I 553 5.82 -41.20 -19.76
N MET I 554 6.53 -42.11 -19.11
CA MET I 554 6.00 -43.38 -18.65
C MET I 554 5.98 -43.41 -17.13
N LEU I 555 4.94 -44.01 -16.57
CA LEU I 555 4.90 -44.24 -15.14
C LEU I 555 5.95 -45.26 -14.75
N PRO I 556 6.50 -45.17 -13.53
CA PRO I 556 7.61 -46.06 -13.16
C PRO I 556 7.21 -47.52 -13.08
N THR I 557 5.92 -47.85 -13.12
CA THR I 557 5.45 -49.22 -13.08
C THR I 557 5.56 -49.91 -14.43
N ASP I 558 5.73 -49.15 -15.51
CA ASP I 558 5.76 -49.75 -16.84
C ASP I 558 6.94 -50.70 -16.99
N PRO I 559 6.77 -51.79 -17.74
CA PRO I 559 7.83 -52.81 -17.82
C PRO I 559 8.98 -52.46 -18.75
N MET I 560 8.78 -51.50 -19.66
CA MET I 560 9.81 -51.14 -20.62
C MET I 560 10.85 -50.17 -20.06
N ARG I 561 10.62 -49.62 -18.87
CA ARG I 561 11.58 -48.69 -18.29
C ARG I 561 12.95 -49.32 -18.05
N PRO I 562 13.07 -50.54 -17.49
CA PRO I 562 14.41 -51.15 -17.39
C PRO I 562 15.11 -51.29 -18.73
N ALA I 563 14.38 -51.66 -19.78
CA ALA I 563 14.99 -51.78 -21.10
C ALA I 563 15.46 -50.44 -21.63
N ILE I 564 14.63 -49.40 -21.47
CA ILE I 564 15.04 -48.06 -21.92
C ILE I 564 16.28 -47.60 -21.16
N GLN I 565 16.32 -47.83 -19.85
CA GLN I 565 17.48 -47.42 -19.06
C GLN I 565 18.72 -48.19 -19.48
N GLY I 566 18.58 -49.48 -19.75
CA GLY I 566 19.73 -50.26 -20.20
C GLY I 566 20.27 -49.78 -21.52
N ILE I 567 19.37 -49.50 -22.47
CA ILE I 567 19.82 -49.01 -23.78
C ILE I 567 20.48 -47.63 -23.63
N ILE I 568 19.92 -46.79 -22.76
CA ILE I 568 20.51 -45.46 -22.54
C ILE I 568 21.91 -45.60 -21.96
N LEU I 569 22.07 -46.44 -20.94
CA LEU I 569 23.37 -46.64 -20.32
C LEU I 569 24.36 -47.30 -21.28
N ASP I 570 23.88 -48.04 -22.26
CA ASP I 570 24.79 -48.62 -23.25
C ASP I 570 25.36 -47.56 -24.19
N ASN I 571 24.73 -46.40 -24.30
CA ASN I 571 25.13 -45.38 -25.26
C ASN I 571 25.88 -44.20 -24.64
N ILE I 572 26.33 -44.32 -23.40
CA ILE I 572 27.03 -43.22 -22.75
C ILE I 572 28.53 -43.40 -22.98
N ASP I 573 29.24 -42.28 -23.13
CA ASP I 573 30.68 -42.28 -23.34
C ASP I 573 31.38 -41.56 -22.19
N GLY I 574 32.53 -42.06 -21.79
CA GLY I 574 33.26 -41.48 -20.68
C GLY I 574 34.57 -42.21 -20.46
N GLU I 575 35.25 -41.82 -19.38
CA GLU I 575 36.53 -42.41 -19.03
C GLU I 575 36.37 -43.35 -17.83
N GLY I 576 37.03 -44.50 -17.91
CA GLY I 576 37.00 -45.46 -16.82
C GLY I 576 35.66 -46.10 -16.57
N LEU I 577 34.89 -46.37 -17.62
CA LEU I 577 33.59 -47.02 -17.51
C LEU I 577 33.57 -48.38 -18.18
N ASP I 578 34.74 -48.96 -18.45
CA ASP I 578 34.80 -50.18 -19.25
C ASP I 578 34.16 -51.36 -18.55
N ASP I 579 34.53 -51.61 -17.29
CA ASP I 579 33.98 -52.76 -16.57
C ASP I 579 32.48 -52.60 -16.34
N PHE I 580 32.04 -51.39 -15.98
CA PHE I 580 30.62 -51.16 -15.79
C PHE I 580 29.83 -51.37 -17.07
N LYS I 581 30.36 -50.86 -18.19
CA LYS I 581 29.69 -51.06 -19.47
C LYS I 581 29.65 -52.53 -19.86
N GLU I 582 30.72 -53.26 -19.57
CA GLU I 582 30.71 -54.69 -19.86
C GLU I 582 29.66 -55.42 -19.02
N TYR I 583 29.54 -55.06 -17.74
CA TYR I 583 28.54 -55.68 -16.88
C TYR I 583 27.13 -55.38 -17.37
N ASN I 584 26.88 -54.11 -17.73
CA ASN I 584 25.58 -53.73 -18.26
C ASN I 584 25.27 -54.46 -19.55
N ARG I 585 26.26 -54.60 -20.43
CA ARG I 585 26.07 -55.34 -21.67
C ARG I 585 25.78 -56.80 -21.39
N ASN I 586 26.46 -57.39 -20.40
CA ASN I 586 26.21 -58.78 -20.05
C ASN I 586 24.78 -58.98 -19.57
N GLN I 587 24.30 -58.08 -18.71
CA GLN I 587 22.90 -58.17 -18.29
C GLN I 587 21.94 -57.98 -19.45
N LEU I 588 22.23 -57.02 -20.34
CA LEU I 588 21.35 -56.78 -21.48
C LEU I 588 21.35 -57.95 -22.45
N LEU I 589 22.45 -58.71 -22.49
CA LEU I 589 22.50 -59.91 -23.32
C LEU I 589 21.73 -61.06 -22.70
N ILE I 590 21.96 -61.31 -21.41
CA ILE I 590 21.24 -62.40 -20.76
C ILE I 590 19.75 -62.12 -20.65
N SER I 591 19.34 -60.85 -20.80
CA SER I 591 17.93 -60.52 -20.93
C SER I 591 17.43 -60.69 -22.36
N GLY I 592 18.30 -61.07 -23.29
CA GLY I 592 17.90 -61.32 -24.67
C GLY I 592 17.45 -60.10 -25.42
N ILE I 593 18.13 -58.96 -25.25
CA ILE I 593 17.75 -57.73 -25.92
C ILE I 593 18.87 -57.16 -26.80
N ALA I 594 20.13 -57.42 -26.49
CA ALA I 594 21.24 -56.77 -27.18
C ALA I 594 21.51 -57.31 -28.57
N LYS I 595 21.03 -58.51 -28.90
CA LYS I 595 21.20 -59.07 -30.24
C LYS I 595 22.68 -59.18 -30.61
N PRO I 596 23.41 -60.14 -30.03
CA PRO I 596 24.87 -60.21 -30.25
C PRO I 596 25.28 -60.15 -31.71
N ARG I 597 26.28 -59.35 -32.03
CA ARG I 597 26.72 -59.21 -33.42
C ARG I 597 27.84 -60.20 -33.78
N ASN I 598 27.62 -61.45 -33.36
CA ASN I 598 28.38 -62.63 -33.82
C ASN I 598 29.89 -62.40 -33.88
N GLU I 599 30.51 -62.10 -32.73
CA GLU I 599 31.98 -62.14 -32.66
C GLU I 599 32.46 -63.21 -31.69
N LYS I 600 32.09 -63.13 -30.42
CA LYS I 600 32.43 -64.16 -29.44
C LYS I 600 31.30 -64.50 -28.48
N GLU I 601 30.33 -63.61 -28.27
CA GLU I 601 29.23 -63.85 -27.36
C GLU I 601 28.13 -64.71 -27.97
N GLN I 602 28.18 -64.97 -29.27
CA GLN I 602 27.22 -65.88 -29.89
C GLN I 602 27.35 -67.30 -29.35
N GLN I 603 28.53 -67.67 -28.87
CA GLN I 603 28.80 -69.03 -28.43
C GLN I 603 29.11 -69.13 -26.94
N ILE I 604 29.13 -68.01 -26.21
CA ILE I 604 29.55 -68.02 -24.82
C ILE I 604 28.44 -67.54 -23.91
N VAL I 605 28.00 -66.30 -24.08
CA VAL I 605 27.06 -65.70 -23.12
C VAL I 605 25.70 -66.37 -23.23
N GLN I 606 25.16 -66.48 -24.43
CA GLN I 606 23.85 -67.12 -24.58
C GLN I 606 23.94 -68.62 -24.34
N GLN I 607 25.09 -69.23 -24.63
CA GLN I 607 25.27 -70.63 -24.29
C GLN I 607 25.21 -70.85 -22.78
N ALA I 608 25.87 -69.98 -22.01
CA ALA I 608 25.81 -70.07 -20.56
C ALA I 608 24.39 -69.79 -20.05
N GLN I 609 23.70 -68.85 -20.69
CA GLN I 609 22.30 -68.59 -20.31
C GLN I 609 21.41 -69.79 -20.57
N MET I 610 21.61 -70.46 -21.71
CA MET I 610 20.86 -71.67 -22.00
C MET I 610 21.17 -72.77 -20.98
N ALA I 611 22.44 -72.91 -20.62
CA ALA I 611 22.81 -73.91 -19.61
C ALA I 611 22.17 -73.60 -18.27
N ALA I 612 22.17 -72.33 -17.86
CA ALA I 612 21.63 -71.92 -16.58
C ALA I 612 20.12 -71.74 -16.60
N GLN I 613 19.48 -71.91 -17.75
CA GLN I 613 18.03 -72.02 -17.78
C GLN I 613 17.58 -73.47 -17.90
N SER I 614 18.45 -74.34 -18.43
CA SER I 614 18.13 -75.76 -18.52
C SER I 614 18.42 -76.51 -17.23
N GLN I 615 19.53 -76.18 -16.56
CA GLN I 615 19.87 -76.85 -15.30
C GLN I 615 18.83 -76.67 -14.21
N PRO I 616 18.29 -75.47 -13.95
CA PRO I 616 17.38 -75.33 -12.81
C PRO I 616 15.92 -75.60 -13.17
N ASN I 617 15.65 -76.23 -14.30
CA ASN I 617 14.29 -76.71 -14.55
C ASN I 617 13.87 -77.75 -13.51
N PRO I 618 14.68 -78.77 -13.20
CA PRO I 618 14.35 -79.59 -12.03
C PRO I 618 14.24 -78.80 -10.75
N GLU I 619 15.07 -77.78 -10.56
CA GLU I 619 15.00 -76.96 -9.36
C GLU I 619 13.64 -76.29 -9.23
N MET I 620 13.18 -75.63 -10.29
CA MET I 620 11.91 -74.92 -10.22
C MET I 620 10.73 -75.87 -10.12
N VAL I 621 10.80 -77.03 -10.79
CA VAL I 621 9.69 -77.97 -10.69
C VAL I 621 9.64 -78.59 -9.29
N LEU I 622 10.80 -78.84 -8.68
CA LEU I 622 10.84 -79.46 -7.36
C LEU I 622 10.51 -78.46 -6.25
N ALA I 623 10.76 -77.17 -6.47
CA ALA I 623 10.46 -76.18 -5.45
C ALA I 623 8.98 -76.18 -5.05
N GLN I 624 8.09 -76.53 -5.97
CA GLN I 624 6.68 -76.69 -5.65
C GLN I 624 6.09 -77.97 -6.24
N ALA I 625 6.90 -79.03 -6.37
CA ALA I 625 6.47 -80.28 -6.98
C ALA I 625 5.78 -81.23 -6.01
N GLN I 626 5.15 -80.70 -4.96
CA GLN I 626 4.42 -81.56 -4.02
C GLN I 626 3.38 -82.42 -4.73
N MET I 627 2.83 -81.95 -5.84
CA MET I 627 1.87 -82.72 -6.61
C MET I 627 2.50 -83.77 -7.49
N VAL I 628 3.80 -83.66 -7.80
CA VAL I 628 4.44 -84.65 -8.65
C VAL I 628 4.45 -86.02 -7.98
N ALA I 629 4.84 -86.07 -6.70
CA ALA I 629 4.84 -87.34 -5.98
C ALA I 629 3.43 -87.91 -5.88
N ALA I 630 2.45 -87.06 -5.58
CA ALA I 630 1.07 -87.53 -5.45
C ALA I 630 0.55 -88.09 -6.77
N GLN I 631 0.81 -87.40 -7.88
CA GLN I 631 0.31 -87.87 -9.17
C GLN I 631 1.04 -89.12 -9.62
N ALA I 632 2.34 -89.24 -9.31
CA ALA I 632 3.05 -90.47 -9.62
C ALA I 632 2.49 -91.64 -8.83
N GLU I 633 2.20 -91.44 -7.54
CA GLU I 633 1.63 -92.50 -6.72
C GLU I 633 0.25 -92.89 -7.24
N ALA I 634 -0.57 -91.90 -7.61
CA ALA I 634 -1.90 -92.21 -8.13
C ALA I 634 -1.81 -92.95 -9.46
N GLN I 635 -0.90 -92.53 -10.34
CA GLN I 635 -0.73 -93.19 -11.62
C GLN I 635 -0.29 -94.63 -11.45
N LYS I 636 0.64 -94.88 -10.53
CA LYS I 636 1.06 -96.27 -10.30
C LYS I 636 -0.06 -97.08 -9.67
N ALA I 637 -0.80 -96.49 -8.73
CA ALA I 637 -1.92 -97.19 -8.13
C ALA I 637 -2.96 -97.56 -9.17
N THR I 638 -3.12 -96.71 -10.21
CA THR I 638 -4.07 -96.97 -11.28
C THR I 638 -3.79 -98.28 -12.01
N ASN I 639 -2.58 -98.81 -11.91
CA ASN I 639 -2.25 -100.11 -12.46
C ASN I 639 -1.95 -101.15 -11.38
N GLU I 640 -1.70 -100.73 -10.15
CA GLU I 640 -1.33 -101.62 -9.07
C GLU I 640 -2.52 -102.17 -8.31
N THR I 641 -3.53 -101.33 -8.03
CA THR I 641 -4.69 -101.80 -7.29
C THR I 641 -5.54 -102.76 -8.11
N ALA I 642 -5.27 -102.88 -9.42
CA ALA I 642 -5.96 -103.86 -10.24
C ALA I 642 -5.73 -105.29 -9.75
N GLN I 643 -4.67 -105.52 -8.99
CA GLN I 643 -4.47 -106.83 -8.39
C GLN I 643 -5.60 -107.19 -7.44
N THR I 644 -6.34 -106.19 -6.95
CA THR I 644 -7.47 -106.48 -6.09
C THR I 644 -8.62 -107.11 -6.87
N GLN I 645 -8.93 -106.57 -8.05
CA GLN I 645 -9.93 -107.22 -8.88
C GLN I 645 -9.40 -108.55 -9.42
N ILE I 646 -8.07 -108.65 -9.59
CA ILE I 646 -7.48 -109.94 -9.94
C ILE I 646 -7.73 -110.96 -8.83
N LYS I 647 -7.58 -110.53 -7.58
CA LYS I 647 -7.89 -111.40 -6.44
C LYS I 647 -9.36 -111.75 -6.40
N ALA I 648 -10.24 -110.81 -6.75
CA ALA I 648 -11.66 -111.12 -6.83
C ALA I 648 -11.94 -112.18 -7.90
N PHE I 649 -11.29 -112.06 -9.06
CA PHE I 649 -11.44 -113.04 -10.12
C PHE I 649 -10.94 -114.42 -9.68
N THR I 650 -9.78 -114.46 -9.04
CA THR I 650 -9.25 -115.72 -8.54
C THR I 650 -10.15 -116.30 -7.46
N ALA I 651 -10.75 -115.45 -6.63
CA ALA I 651 -11.69 -115.91 -5.62
C ALA I 651 -12.92 -116.53 -6.25
N GLN I 652 -13.43 -115.92 -7.32
CA GLN I 652 -14.57 -116.51 -8.03
C GLN I 652 -14.19 -117.86 -8.63
N GLN I 653 -13.02 -117.95 -9.26
CA GLN I 653 -12.59 -119.20 -9.86
C GLN I 653 -12.41 -120.28 -8.80
N ASP I 654 -11.80 -119.93 -7.67
CA ASP I 654 -11.58 -120.89 -6.60
C ASP I 654 -12.89 -121.28 -5.92
N ALA I 655 -13.85 -120.36 -5.84
CA ALA I 655 -15.16 -120.70 -5.29
C ALA I 655 -15.88 -121.69 -6.20
N MET I 656 -15.82 -121.49 -7.52
CA MET I 656 -16.42 -122.44 -8.44
C MET I 656 -15.74 -123.80 -8.32
N GLU I 657 -14.40 -123.80 -8.25
CA GLU I 657 -13.66 -125.04 -8.10
C GLU I 657 -14.03 -125.76 -6.80
N SER I 658 -14.12 -125.01 -5.70
CA SER I 658 -14.47 -125.60 -4.41
C SER I 658 -15.90 -126.12 -4.41
N GLN I 659 -16.82 -125.42 -5.07
CA GLN I 659 -18.20 -125.91 -5.15
C GLN I 659 -18.26 -127.23 -5.92
N ALA I 660 -17.52 -127.31 -7.03
CA ALA I 660 -17.47 -128.57 -7.76
C ALA I 660 -16.86 -129.69 -6.91
N ASN I 661 -15.77 -129.38 -6.20
CA ASN I 661 -15.12 -130.39 -5.36
C ASN I 661 -16.05 -130.87 -4.26
N THR I 662 -16.76 -129.94 -3.62
CA THR I 662 -17.64 -130.31 -2.53
C THR I 662 -18.88 -131.05 -3.03
N VAL I 663 -19.35 -130.74 -4.23
CA VAL I 663 -20.43 -131.53 -4.83
C VAL I 663 -19.96 -132.95 -5.09
N TYR I 664 -18.74 -133.11 -5.60
CA TYR I 664 -18.20 -134.44 -5.78
C TYR I 664 -18.09 -135.17 -4.45
N LYS I 665 -17.66 -134.47 -3.40
CA LYS I 665 -17.60 -135.07 -2.07
C LYS I 665 -18.99 -135.47 -1.59
N LEU I 666 -20.00 -134.66 -1.89
CA LEU I 666 -21.38 -135.00 -1.54
C LEU I 666 -21.77 -136.31 -2.21
N ALA I 667 -21.45 -136.46 -3.49
CA ALA I 667 -21.76 -137.70 -4.20
C ALA I 667 -20.98 -138.88 -3.61
N GLN I 668 -19.72 -138.65 -3.24
CA GLN I 668 -18.86 -139.74 -2.80
C GLN I 668 -19.26 -140.24 -1.41
N ALA I 669 -19.71 -139.34 -0.53
CA ALA I 669 -20.00 -139.73 0.84
C ALA I 669 -21.25 -140.60 0.96
N ARG I 670 -22.05 -140.71 -0.12
CA ARG I 670 -23.25 -141.53 -0.06
C ARG I 670 -22.94 -143.00 0.21
N ASN I 671 -21.95 -143.55 -0.48
CA ASN I 671 -21.55 -144.95 -0.32
C ASN I 671 -22.73 -145.90 -0.46
N MET J 1 64.17 -17.31 -57.44
CA MET J 1 64.27 -18.45 -56.54
C MET J 1 64.63 -18.01 -55.13
N ALA J 2 65.02 -16.74 -54.99
CA ALA J 2 65.39 -16.15 -53.70
C ALA J 2 66.49 -16.95 -53.02
N GLU J 3 67.64 -17.02 -53.70
CA GLU J 3 68.76 -17.80 -53.17
C GLU J 3 69.32 -17.16 -51.91
N THR J 4 69.41 -15.85 -51.87
CA THR J 4 70.01 -15.16 -50.73
C THR J 4 68.97 -14.88 -49.66
N LEU J 5 69.41 -14.93 -48.40
CA LEU J 5 68.54 -14.62 -47.27
C LEU J 5 68.13 -13.14 -47.26
N GLU J 6 68.98 -12.26 -47.77
CA GLU J 6 68.60 -10.85 -47.86
C GLU J 6 67.45 -10.63 -48.83
N LYS J 7 67.40 -11.42 -49.91
CA LYS J 7 66.25 -11.37 -50.81
C LYS J 7 64.98 -11.79 -50.09
N LYS J 8 65.03 -12.85 -49.29
CA LYS J 8 63.88 -13.28 -48.50
C LYS J 8 63.44 -12.24 -47.48
N HIS J 9 64.40 -11.58 -46.83
CA HIS J 9 64.08 -10.64 -45.76
C HIS J 9 63.24 -9.46 -46.25
N GLU J 10 63.55 -8.91 -47.42
CA GLU J 10 62.76 -7.81 -47.95
C GLU J 10 61.32 -8.23 -48.24
N ARG J 11 61.13 -9.42 -48.81
CA ARG J 11 59.78 -9.92 -49.03
C ARG J 11 59.04 -10.08 -47.71
N ILE J 12 59.74 -10.51 -46.67
CA ILE J 12 59.11 -10.64 -45.35
C ILE J 12 58.67 -9.27 -44.85
N MET J 13 59.52 -8.25 -45.01
CA MET J 13 59.14 -6.91 -44.57
C MET J 13 57.92 -6.38 -45.34
N LEU J 14 57.90 -6.59 -46.65
CA LEU J 14 56.73 -6.18 -47.42
C LEU J 14 55.47 -6.91 -46.99
N ARG J 15 55.59 -8.22 -46.72
CA ARG J 15 54.44 -8.98 -46.26
C ARG J 15 53.94 -8.46 -44.90
N PHE J 16 54.87 -8.13 -44.01
CA PHE J 16 54.48 -7.59 -42.72
C PHE J 16 53.76 -6.25 -42.88
N ASP J 17 54.26 -5.40 -43.78
CA ASP J 17 53.59 -4.12 -44.03
C ASP J 17 52.18 -4.35 -44.58
N ARG J 18 52.04 -5.29 -45.51
CA ARG J 18 50.73 -5.58 -46.08
C ARG J 18 49.76 -6.12 -45.04
N ALA J 19 50.28 -6.91 -44.09
CA ALA J 19 49.41 -7.42 -43.03
C ALA J 19 49.05 -6.33 -42.02
N TYR J 20 49.97 -5.41 -41.74
CA TYR J 20 49.72 -4.38 -40.75
C TYR J 20 48.83 -3.26 -41.27
N SER J 21 48.85 -3.01 -42.57
CA SER J 21 48.12 -1.85 -43.10
C SER J 21 46.62 -1.86 -42.82
N PRO J 22 45.86 -2.94 -43.09
CA PRO J 22 44.40 -2.86 -42.90
C PRO J 22 43.98 -2.87 -41.44
N GLN J 23 44.59 -3.75 -40.64
CA GLN J 23 44.20 -3.95 -39.25
C GLN J 23 44.92 -2.98 -38.32
N LYS J 24 44.74 -1.69 -38.55
CA LYS J 24 45.43 -0.66 -37.77
C LYS J 24 44.54 0.03 -36.75
N GLU J 25 43.34 0.44 -37.14
CA GLU J 25 42.44 1.14 -36.23
C GLU J 25 41.77 0.20 -35.22
N VAL J 26 41.45 -1.02 -35.63
CA VAL J 26 40.76 -1.95 -34.75
C VAL J 26 41.62 -2.27 -33.53
N ARG J 27 42.90 -2.57 -33.76
CA ARG J 27 43.79 -2.86 -32.65
C ARG J 27 44.03 -1.64 -31.77
N GLU J 28 44.05 -0.45 -32.37
CA GLU J 28 44.14 0.77 -31.56
C GLU J 28 42.94 0.90 -30.63
N LYS J 29 41.74 0.63 -31.15
CA LYS J 29 40.55 0.67 -30.30
C LYS J 29 40.63 -0.38 -29.19
N CYS J 30 41.12 -1.57 -29.52
CA CYS J 30 41.22 -2.63 -28.50
C CYS J 30 42.18 -2.21 -27.39
N ILE J 31 43.34 -1.67 -27.76
CA ILE J 31 44.31 -1.27 -26.75
C ILE J 31 43.77 -0.10 -25.92
N GLU J 32 43.08 0.84 -26.57
CA GLU J 32 42.49 1.95 -25.84
C GLU J 32 41.45 1.46 -24.85
N ALA J 33 40.63 0.50 -25.25
CA ALA J 33 39.63 -0.04 -24.33
C ALA J 33 40.26 -0.75 -23.14
N THR J 34 41.30 -1.55 -23.39
CA THR J 34 41.98 -2.23 -22.29
C THR J 34 42.59 -1.23 -21.32
N ARG J 35 43.27 -0.21 -21.85
CA ARG J 35 43.89 0.80 -20.99
C ARG J 35 42.83 1.57 -20.21
N PHE J 36 41.72 1.90 -20.87
CA PHE J 36 40.63 2.62 -20.21
C PHE J 36 40.04 1.81 -19.07
N ALA J 37 39.84 0.51 -19.28
CA ALA J 37 39.23 -0.31 -18.24
C ALA J 37 40.18 -0.64 -17.08
N ARG J 38 41.46 -0.88 -17.36
CA ARG J 38 42.35 -1.44 -16.34
C ARG J 38 43.31 -0.44 -15.71
N VAL J 39 44.00 0.37 -16.51
CA VAL J 39 45.02 1.28 -15.95
C VAL J 39 44.33 2.29 -15.03
N PRO J 40 44.87 2.53 -13.83
CA PRO J 40 44.19 3.42 -12.87
C PRO J 40 43.95 4.83 -13.40
N GLY J 41 44.88 5.38 -14.15
CA GLY J 41 44.72 6.70 -14.75
C GLY J 41 44.31 6.69 -16.19
N GLY J 42 43.82 5.56 -16.71
CA GLY J 42 43.53 5.44 -18.13
C GLY J 42 42.29 6.15 -18.61
N GLN J 43 41.38 6.49 -17.71
CA GLN J 43 40.10 7.06 -18.10
C GLN J 43 40.20 8.51 -18.57
N TRP J 44 41.26 9.22 -18.19
CA TRP J 44 41.41 10.63 -18.54
C TRP J 44 42.58 10.88 -19.48
N GLU J 45 43.13 9.84 -20.10
CA GLU J 45 44.29 10.03 -20.95
C GLU J 45 43.90 10.75 -22.24
N GLY J 46 44.83 11.54 -22.75
CA GLY J 46 44.49 12.40 -23.90
C GLY J 46 44.42 13.82 -23.38
N ALA J 47 44.02 13.98 -22.11
CA ALA J 47 44.04 15.31 -21.46
C ALA J 47 44.65 15.14 -20.06
N THR J 48 45.73 14.38 -19.94
CA THR J 48 46.39 14.26 -18.62
C THR J 48 46.85 15.65 -18.22
N ALA J 49 47.39 16.42 -19.15
CA ALA J 49 47.77 17.81 -18.80
C ALA J 49 46.86 18.81 -19.48
N ALA J 50 45.93 19.41 -18.76
CA ALA J 50 45.12 20.49 -19.36
C ALA J 50 45.00 21.59 -18.32
N GLY J 51 45.29 22.84 -18.68
CA GLY J 51 45.30 23.90 -17.66
C GLY J 51 45.12 25.29 -18.20
N THR J 52 44.97 26.26 -17.33
CA THR J 52 44.85 27.67 -17.76
C THR J 52 45.79 28.50 -16.88
N LYS J 53 46.18 29.69 -17.31
CA LYS J 53 47.17 30.47 -16.53
C LYS J 53 46.64 30.85 -15.14
N LEU J 54 45.39 31.27 -15.01
CA LEU J 54 44.83 31.55 -13.65
C LEU J 54 45.74 32.48 -12.88
N ASP J 55 46.13 33.63 -13.44
CA ASP J 55 46.93 34.66 -12.74
C ASP J 55 48.41 34.32 -12.66
N GLU J 56 49.13 34.38 -13.77
CA GLU J 56 50.61 34.17 -13.76
C GLU J 56 51.02 32.83 -13.14
N GLN J 57 50.36 31.73 -13.49
CA GLN J 57 50.76 30.39 -13.03
C GLN J 57 50.16 29.41 -14.04
N PHE J 58 50.29 28.10 -13.84
CA PHE J 58 49.56 27.17 -14.73
C PHE J 58 48.84 26.20 -13.81
N GLU J 59 47.53 26.14 -13.86
CA GLU J 59 46.85 25.26 -12.88
C GLU J 59 46.14 24.14 -13.65
N LYS J 60 46.45 22.89 -13.32
CA LYS J 60 45.83 21.74 -14.01
C LYS J 60 44.34 21.75 -13.63
N TYR J 61 43.45 21.33 -14.52
CA TYR J 61 42.02 21.22 -14.17
C TYR J 61 41.87 20.02 -13.24
N PRO J 62 40.95 19.98 -12.26
CA PRO J 62 40.79 18.80 -11.43
C PRO J 62 40.20 17.67 -12.28
N LYS J 63 40.73 16.45 -12.15
CA LYS J 63 40.28 15.34 -13.01
C LYS J 63 40.02 14.06 -12.21
N PHE J 64 38.87 13.96 -11.53
CA PHE J 64 38.54 12.79 -10.68
C PHE J 64 37.97 11.67 -11.54
N GLU J 65 38.15 10.42 -11.14
CA GLU J 65 37.64 9.27 -11.93
C GLU J 65 36.87 8.32 -11.02
N ILE J 66 35.66 7.89 -11.42
CA ILE J 66 34.96 6.89 -10.60
C ILE J 66 34.65 5.73 -11.54
N ASN J 67 35.42 4.66 -11.42
CA ASN J 67 35.29 3.53 -12.33
C ASN J 67 34.02 2.76 -12.03
N LYS J 68 33.13 2.66 -13.02
CA LYS J 68 31.90 1.90 -12.88
C LYS J 68 31.68 0.93 -14.03
N VAL J 69 32.63 0.83 -14.96
CA VAL J 69 32.48 -0.04 -16.12
C VAL J 69 33.26 -1.34 -15.97
N ALA J 70 33.73 -1.68 -14.77
CA ALA J 70 34.50 -2.89 -14.56
C ALA J 70 33.73 -3.96 -13.78
N THR J 71 32.61 -3.60 -13.15
CA THR J 71 31.86 -4.57 -12.35
C THR J 71 31.34 -5.71 -13.23
N GLU J 72 30.71 -5.36 -14.36
CA GLU J 72 30.19 -6.39 -15.25
C GLU J 72 31.31 -7.22 -15.86
N LEU J 73 32.43 -6.59 -16.20
CA LEU J 73 33.57 -7.34 -16.74
C LEU J 73 34.10 -8.34 -15.72
N ASN J 74 34.22 -7.93 -14.46
CA ASN J 74 34.67 -8.86 -13.42
C ASN J 74 33.66 -9.97 -13.22
N ARG J 75 32.37 -9.66 -13.28
CA ARG J 75 31.34 -10.68 -13.14
C ARG J 75 31.42 -11.71 -14.26
N ILE J 76 31.62 -11.24 -15.49
CA ILE J 76 31.73 -12.15 -16.63
C ILE J 76 32.97 -13.03 -16.49
N ILE J 77 34.10 -12.43 -16.10
CA ILE J 77 35.33 -13.20 -15.94
C ILE J 77 35.16 -14.26 -14.87
N ALA J 78 34.53 -13.90 -13.74
CA ALA J 78 34.29 -14.87 -12.69
C ALA J 78 33.32 -15.96 -13.14
N GLU J 79 32.33 -15.60 -13.96
CA GLU J 79 31.40 -16.60 -14.48
C GLU J 79 32.16 -17.63 -15.31
N TYR J 80 33.01 -17.17 -16.22
CA TYR J 80 33.81 -18.11 -17.01
C TYR J 80 34.73 -18.93 -16.11
N ARG J 81 35.38 -18.28 -15.15
CA ARG J 81 36.38 -18.92 -14.31
C ARG J 81 35.77 -19.95 -13.37
N ASN J 82 34.49 -19.81 -13.03
CA ASN J 82 33.83 -20.79 -12.16
C ASN J 82 33.69 -22.15 -12.82
N ASN J 83 33.39 -22.19 -14.12
CA ASN J 83 33.18 -23.44 -14.85
C ASN J 83 34.09 -23.44 -16.07
N ARG J 84 35.33 -23.88 -15.89
CA ARG J 84 36.27 -23.95 -16.99
C ARG J 84 35.91 -25.09 -17.93
N ILE J 85 36.27 -24.92 -19.20
CA ILE J 85 36.00 -25.90 -20.24
C ILE J 85 37.29 -26.17 -21.01
N THR J 86 37.34 -27.34 -21.66
CA THR J 86 38.51 -27.75 -22.42
C THR J 86 38.06 -28.75 -23.48
N VAL J 87 39.04 -29.40 -24.11
CA VAL J 87 38.79 -30.26 -25.26
C VAL J 87 38.41 -31.66 -24.79
N LYS J 88 37.33 -32.20 -25.35
CA LYS J 88 36.91 -33.58 -25.11
C LYS J 88 36.78 -34.30 -26.43
N PHE J 89 37.28 -35.54 -26.48
CA PHE J 89 37.25 -36.35 -27.69
C PHE J 89 36.13 -37.37 -27.57
N ARG J 90 35.22 -37.38 -28.55
CA ARG J 90 34.10 -38.31 -28.50
C ARG J 90 34.36 -39.51 -29.42
N PRO J 91 34.07 -40.71 -28.95
CA PRO J 91 34.31 -41.91 -29.76
C PRO J 91 33.29 -42.05 -30.87
N GLY J 92 33.58 -42.96 -31.79
CA GLY J 92 32.72 -43.27 -32.90
C GLY J 92 32.06 -44.64 -32.77
N ASP J 93 31.51 -45.10 -33.88
CA ASP J 93 30.84 -46.40 -33.94
C ASP J 93 31.79 -47.46 -34.47
N ARG J 94 32.83 -47.73 -33.69
CA ARG J 94 33.84 -48.70 -34.04
C ARG J 94 34.26 -49.46 -32.78
N GLU J 95 34.85 -50.64 -32.98
CA GLU J 95 35.16 -51.52 -31.86
C GLU J 95 36.21 -50.93 -30.93
N ALA J 96 37.25 -50.28 -31.48
CA ALA J 96 38.34 -49.75 -30.66
C ALA J 96 38.21 -48.24 -30.48
N SER J 97 37.06 -47.69 -30.85
CA SER J 97 36.88 -46.24 -30.79
C SER J 97 36.95 -45.72 -29.35
N GLU J 98 36.36 -46.45 -28.40
CA GLU J 98 36.39 -46.01 -27.01
C GLU J 98 37.82 -45.96 -26.48
N GLU J 99 38.61 -46.98 -26.77
CA GLU J 99 40.00 -46.99 -26.32
C GLU J 99 40.81 -45.88 -26.99
N LEU J 100 40.57 -45.65 -28.29
CA LEU J 100 41.26 -44.57 -28.97
C LEU J 100 40.93 -43.22 -28.34
N ALA J 101 39.65 -42.97 -28.08
CA ALA J 101 39.26 -41.69 -27.48
C ALA J 101 39.84 -41.54 -26.08
N ASN J 102 39.84 -42.62 -25.29
CA ASN J 102 40.40 -42.56 -23.95
C ASN J 102 41.89 -42.23 -23.99
N LYS J 103 42.64 -42.90 -24.88
CA LYS J 103 44.06 -42.61 -24.98
C LYS J 103 44.30 -41.17 -25.43
N LEU J 104 43.51 -40.69 -26.40
CA LEU J 104 43.71 -39.35 -26.93
C LEU J 104 43.43 -38.28 -25.87
N ASN J 105 42.30 -38.38 -25.18
CA ASN J 105 41.99 -37.36 -24.18
C ASN J 105 42.72 -37.59 -22.86
N GLY J 106 43.44 -38.69 -22.71
CA GLY J 106 44.37 -38.81 -21.61
C GLY J 106 45.68 -38.11 -21.94
N LEU J 107 46.17 -38.32 -23.16
CA LEU J 107 47.38 -37.62 -23.59
C LEU J 107 47.18 -36.11 -23.58
N PHE J 108 46.03 -35.65 -24.10
CA PHE J 108 45.79 -34.21 -24.13
C PHE J 108 45.66 -33.65 -22.73
N ARG J 109 45.01 -34.37 -21.82
CA ARG J 109 44.89 -33.91 -20.45
C ARG J 109 46.25 -33.82 -19.78
N ALA J 110 47.10 -34.81 -20.01
CA ALA J 110 48.45 -34.77 -19.44
C ALA J 110 49.24 -33.57 -19.96
N ASP J 111 49.18 -33.33 -21.28
CA ASP J 111 49.92 -32.22 -21.86
C ASP J 111 49.39 -30.87 -21.36
N TYR J 112 48.06 -30.76 -21.22
CA TYR J 112 47.48 -29.52 -20.71
C TYR J 112 47.85 -29.29 -19.25
N GLU J 113 47.86 -30.35 -18.45
CA GLU J 113 48.11 -30.17 -17.02
C GLU J 113 49.57 -29.90 -16.73
N GLU J 114 50.49 -30.60 -17.42
CA GLU J 114 51.91 -30.51 -17.13
C GLU J 114 52.54 -29.25 -17.74
N THR J 115 51.74 -28.32 -18.22
CA THR J 115 52.25 -27.13 -18.88
C THR J 115 51.28 -25.98 -18.54
N ASP J 116 51.38 -24.86 -19.24
CA ASP J 116 50.64 -23.65 -18.92
C ASP J 116 49.35 -23.51 -19.72
N GLY J 117 48.65 -24.61 -19.96
CA GLY J 117 47.40 -24.54 -20.69
C GLY J 117 46.36 -23.68 -19.98
N GLY J 118 46.25 -23.86 -18.66
CA GLY J 118 45.29 -23.06 -17.90
C GLY J 118 45.64 -21.59 -17.91
N GLU J 119 46.91 -21.26 -17.72
CA GLU J 119 47.35 -19.87 -17.81
C GLU J 119 47.04 -19.27 -19.18
N ALA J 120 47.35 -20.01 -20.24
CA ALA J 120 47.09 -19.51 -21.59
C ALA J 120 45.61 -19.26 -21.82
N CYS J 121 44.76 -20.22 -21.40
CA CYS J 121 43.34 -20.06 -21.59
C CYS J 121 42.80 -18.88 -20.79
N ASP J 122 43.23 -18.74 -19.54
CA ASP J 122 42.74 -17.64 -18.72
C ASP J 122 43.16 -16.29 -19.31
N ASN J 123 44.42 -16.17 -19.71
CA ASN J 123 44.88 -14.90 -20.29
C ASN J 123 44.14 -14.58 -21.59
N ALA J 124 43.96 -15.60 -22.46
CA ALA J 124 43.27 -15.36 -23.72
C ALA J 124 41.83 -14.93 -23.49
N PHE J 125 41.13 -15.60 -22.57
CA PHE J 125 39.75 -15.22 -22.31
C PHE J 125 39.67 -13.84 -21.68
N ASP J 126 40.60 -13.50 -20.79
CA ASP J 126 40.60 -12.17 -20.19
C ASP J 126 40.78 -11.10 -21.26
N ASP J 127 41.74 -11.30 -22.17
CA ASP J 127 41.93 -10.34 -23.25
C ASP J 127 40.71 -10.25 -24.15
N ALA J 128 40.11 -11.40 -24.47
CA ALA J 128 38.94 -11.40 -25.34
C ALA J 128 37.77 -10.66 -24.70
N ALA J 129 37.55 -10.85 -23.41
CA ALA J 129 36.46 -10.17 -22.73
C ALA J 129 36.72 -8.69 -22.56
N THR J 130 37.98 -8.30 -22.32
CA THR J 130 38.27 -6.90 -22.06
C THR J 130 38.37 -6.09 -23.35
N GLY J 131 39.31 -6.45 -24.22
CA GLY J 131 39.54 -5.67 -25.43
C GLY J 131 38.80 -6.19 -26.64
N GLY J 132 38.75 -7.52 -26.80
CA GLY J 132 38.08 -8.15 -27.92
C GLY J 132 38.94 -9.09 -28.72
N PHE J 133 40.24 -9.17 -28.47
CA PHE J 133 41.13 -10.03 -29.23
C PHE J 133 42.09 -10.74 -28.28
N GLY J 134 42.21 -12.05 -28.45
CA GLY J 134 43.12 -12.84 -27.64
C GLY J 134 43.60 -14.06 -28.40
N CYS J 135 44.79 -14.53 -28.03
CA CYS J 135 45.39 -15.67 -28.70
C CYS J 135 46.20 -16.48 -27.71
N PHE J 136 46.46 -17.74 -28.06
CA PHE J 136 47.41 -18.58 -27.34
C PHE J 136 48.04 -19.54 -28.33
N ARG J 137 49.20 -20.07 -27.96
CA ARG J 137 50.08 -20.77 -28.88
C ARG J 137 50.19 -22.23 -28.49
N LEU J 138 50.54 -23.06 -29.47
CA LEU J 138 50.73 -24.50 -29.29
C LEU J 138 52.10 -24.86 -29.85
N THR J 139 53.07 -25.04 -28.98
CA THR J 139 54.45 -25.27 -29.38
C THR J 139 54.91 -26.65 -28.95
N SER J 140 56.12 -27.02 -29.36
CA SER J 140 56.74 -28.29 -29.03
C SER J 140 58.09 -28.05 -28.38
N MET J 141 58.33 -28.70 -27.25
CA MET J 141 59.57 -28.54 -26.50
C MET J 141 60.18 -29.90 -26.21
N LEU J 142 61.49 -29.89 -25.95
CA LEU J 142 62.24 -31.12 -25.68
C LEU J 142 62.44 -31.24 -24.18
N VAL J 143 62.04 -32.39 -23.63
CA VAL J 143 62.21 -32.66 -22.20
C VAL J 143 62.04 -34.14 -21.93
N ARG J 152 60.65 -38.31 -25.98
CA ARG J 152 61.54 -37.23 -25.59
C ARG J 152 61.07 -35.90 -26.16
N GLN J 153 60.07 -35.97 -27.04
CA GLN J 153 59.45 -34.79 -27.62
C GLN J 153 58.06 -34.61 -27.03
N ARG J 154 57.70 -33.35 -26.78
CA ARG J 154 56.45 -33.06 -26.10
C ARG J 154 55.80 -31.85 -26.76
N ILE J 155 54.47 -31.81 -26.69
CA ILE J 155 53.67 -30.69 -27.16
C ILE J 155 53.27 -29.85 -25.97
N ALA J 156 53.53 -28.55 -26.03
CA ALA J 156 53.28 -27.65 -24.91
C ALA J 156 52.39 -26.50 -25.36
N ILE J 157 51.62 -25.97 -24.41
CA ILE J 157 50.73 -24.84 -24.66
C ILE J 157 51.25 -23.65 -23.87
N GLU J 158 51.52 -22.55 -24.57
CA GLU J 158 52.07 -21.36 -23.97
C GLU J 158 51.20 -20.16 -24.30
N PRO J 159 51.15 -19.18 -23.40
CA PRO J 159 50.31 -18.00 -23.65
C PRO J 159 51.01 -16.96 -24.50
N ILE J 160 50.21 -16.04 -25.02
CA ILE J 160 50.69 -14.91 -25.81
C ILE J 160 50.27 -13.64 -25.10
N TYR J 161 51.22 -12.74 -24.88
CA TYR J 161 50.96 -11.49 -24.18
C TYR J 161 50.89 -10.35 -25.18
N ASP J 162 50.01 -9.40 -24.92
CA ASP J 162 49.70 -8.30 -25.83
C ASP J 162 49.27 -8.85 -27.18
N PRO J 163 48.21 -9.66 -27.25
CA PRO J 163 47.85 -10.27 -28.54
C PRO J 163 47.51 -9.25 -29.61
N SER J 164 46.85 -8.15 -29.23
CA SER J 164 46.42 -7.16 -30.22
C SER J 164 47.59 -6.56 -30.98
N ARG J 165 48.67 -6.23 -30.29
CA ARG J 165 49.85 -5.63 -30.91
C ARG J 165 50.84 -6.69 -31.37
N SER J 166 50.67 -7.93 -30.93
CA SER J 166 51.70 -8.93 -31.19
C SER J 166 51.36 -9.90 -32.31
N VAL J 167 50.08 -10.23 -32.51
CA VAL J 167 49.70 -11.25 -33.47
C VAL J 167 49.12 -10.58 -34.71
N TRP J 168 49.71 -10.87 -35.87
CA TRP J 168 49.23 -10.37 -37.15
C TRP J 168 49.05 -11.54 -38.10
N PHE J 169 47.95 -11.54 -38.84
CA PHE J 169 47.59 -12.66 -39.71
C PHE J 169 47.59 -12.24 -41.17
N ASP J 170 47.41 -13.23 -42.03
CA ASP J 170 47.32 -13.00 -43.46
C ASP J 170 46.05 -12.21 -43.76
N PRO J 171 46.13 -11.08 -44.48
CA PRO J 171 44.91 -10.32 -44.80
C PRO J 171 43.92 -11.08 -45.65
N ASP J 172 44.35 -12.13 -46.36
CA ASP J 172 43.47 -12.89 -47.22
C ASP J 172 42.67 -13.95 -46.48
N ALA J 173 42.89 -14.12 -45.19
CA ALA J 173 42.14 -15.08 -44.39
C ALA J 173 40.87 -14.42 -43.89
N LYS J 174 39.72 -15.03 -44.16
CA LYS J 174 38.44 -14.49 -43.77
C LYS J 174 37.70 -15.34 -42.75
N LYS J 175 38.15 -16.57 -42.48
CA LYS J 175 37.46 -17.44 -41.55
C LYS J 175 37.72 -17.02 -40.11
N TYR J 176 36.84 -17.48 -39.21
CA TYR J 176 36.97 -17.14 -37.80
C TYR J 176 38.26 -17.70 -37.22
N ASP J 177 38.57 -18.96 -37.54
CA ASP J 177 39.72 -19.65 -36.96
C ASP J 177 40.97 -19.54 -37.83
N LYS J 178 40.93 -18.77 -38.93
CA LYS J 178 42.07 -18.56 -39.79
C LYS J 178 42.63 -19.88 -40.34
N SER J 179 41.74 -20.75 -40.79
CA SER J 179 42.18 -21.98 -41.44
C SER J 179 42.87 -21.69 -42.76
N ASP J 180 42.35 -20.75 -43.53
CA ASP J 180 42.90 -20.41 -44.85
C ASP J 180 43.90 -19.26 -44.76
N ALA J 181 44.91 -19.42 -43.91
CA ALA J 181 45.98 -18.44 -43.76
C ALA J 181 47.30 -19.08 -44.16
N LEU J 182 48.09 -18.34 -44.93
CA LEU J 182 49.34 -18.85 -45.46
C LEU J 182 50.57 -18.41 -44.70
N TRP J 183 50.53 -17.28 -44.00
CA TRP J 183 51.68 -16.84 -43.23
C TRP J 183 51.19 -16.01 -42.06
N ALA J 184 52.04 -15.91 -41.04
CA ALA J 184 51.65 -15.22 -39.82
C ALA J 184 52.89 -14.73 -39.08
N PHE J 185 52.68 -13.78 -38.18
CA PHE J 185 53.74 -13.19 -37.37
C PHE J 185 53.38 -13.27 -35.90
N CYS J 186 54.40 -13.24 -35.05
CA CYS J 186 54.20 -13.20 -33.60
C CYS J 186 55.33 -12.36 -33.01
N MET J 187 55.02 -11.13 -32.61
CA MET J 187 56.01 -10.21 -32.08
C MET J 187 56.06 -10.30 -30.55
N TYR J 188 57.23 -10.02 -30.00
CA TYR J 188 57.38 -9.99 -28.55
C TYR J 188 58.60 -9.14 -28.17
N SER J 189 58.59 -8.67 -26.94
CA SER J 189 59.67 -7.84 -26.43
C SER J 189 60.76 -8.70 -25.79
N LEU J 190 61.98 -8.18 -25.80
CA LEU J 190 63.14 -8.90 -25.32
C LEU J 190 64.21 -7.89 -24.93
N SER J 191 64.83 -8.12 -23.76
CA SER J 191 65.78 -7.13 -23.25
C SER J 191 67.14 -7.31 -23.92
N PRO J 192 67.93 -6.23 -24.00
CA PRO J 192 69.26 -6.34 -24.64
C PRO J 192 70.16 -7.35 -23.95
N GLU J 193 70.04 -7.50 -22.63
CA GLU J 193 70.89 -8.46 -21.91
C GLU J 193 70.59 -9.89 -22.36
N LYS J 194 69.31 -10.27 -22.44
CA LYS J 194 68.96 -11.58 -22.95
C LYS J 194 69.30 -11.71 -24.43
N TYR J 195 69.21 -10.61 -25.18
CA TYR J 195 69.58 -10.64 -26.60
C TYR J 195 71.06 -10.97 -26.76
N GLU J 196 71.91 -10.42 -25.89
CA GLU J 196 73.32 -10.75 -25.93
C GLU J 196 73.58 -12.16 -25.40
N ALA J 197 72.82 -12.59 -24.39
CA ALA J 197 72.99 -13.94 -23.85
C ALA J 197 72.70 -14.99 -24.91
N GLU J 198 71.64 -14.80 -25.68
CA GLU J 198 71.35 -15.66 -26.82
C GLU J 198 71.92 -15.03 -28.08
N TYR J 199 71.62 -15.64 -29.23
CA TYR J 199 72.00 -15.14 -30.55
C TYR J 199 73.50 -14.85 -30.54
N GLY J 200 73.92 -13.60 -30.72
CA GLY J 200 75.33 -13.26 -30.60
C GLY J 200 75.47 -11.82 -30.17
N LYS J 201 76.52 -11.56 -29.37
CA LYS J 201 76.74 -10.21 -28.86
C LYS J 201 77.39 -9.29 -29.88
N LYS J 202 77.98 -9.84 -30.94
CA LYS J 202 78.65 -9.00 -31.94
C LYS J 202 77.71 -8.06 -32.66
N PRO J 203 76.60 -8.49 -33.26
CA PRO J 203 75.78 -7.56 -34.06
C PRO J 203 75.06 -6.57 -33.17
N PRO J 204 75.01 -5.29 -33.57
CA PRO J 204 74.18 -4.33 -32.84
C PRO J 204 72.71 -4.72 -32.91
N THR J 205 71.95 -4.38 -31.86
CA THR J 205 70.57 -4.78 -31.73
C THR J 205 69.69 -3.84 -32.54
N SER J 206 68.87 -4.41 -33.42
CA SER J 206 67.93 -3.66 -34.23
C SER J 206 66.53 -4.21 -33.99
N LEU J 207 65.56 -3.31 -33.78
CA LEU J 207 64.20 -3.68 -33.46
C LEU J 207 63.26 -3.28 -34.60
N ASP J 208 62.13 -3.98 -34.69
CA ASP J 208 61.14 -3.68 -35.71
C ASP J 208 60.44 -2.35 -35.41
N VAL J 209 59.85 -1.77 -36.44
CA VAL J 209 59.13 -0.50 -36.35
C VAL J 209 57.67 -0.74 -36.73
N THR J 210 56.77 -0.29 -35.87
CA THR J 210 55.34 -0.38 -36.15
C THR J 210 54.64 0.94 -35.82
N SER J 211 55.32 1.80 -35.05
CA SER J 211 54.78 3.11 -34.65
C SER J 211 53.41 2.95 -34.00
N MET J 212 53.28 1.96 -33.12
CA MET J 212 52.01 1.60 -32.51
C MET J 212 51.91 2.02 -31.04
N THR J 213 52.99 1.86 -30.28
CA THR J 213 52.96 2.12 -28.85
C THR J 213 53.14 3.61 -28.58
N SER J 214 53.29 3.95 -27.30
CA SER J 214 53.44 5.32 -26.80
C SER J 214 52.22 6.19 -27.10
N TRP J 215 51.14 5.61 -27.61
CA TRP J 215 49.91 6.35 -27.88
C TRP J 215 49.20 6.59 -26.56
N GLU J 216 49.36 7.79 -26.01
CA GLU J 216 48.84 8.15 -24.69
C GLU J 216 49.39 7.21 -23.62
N TYR J 217 50.71 7.28 -23.41
CA TYR J 217 51.36 6.54 -22.35
C TYR J 217 52.75 7.12 -22.14
N ASN J 218 53.11 7.38 -20.88
CA ASN J 218 54.44 7.85 -20.57
C ASN J 218 55.43 6.69 -20.61
N TRP J 219 56.55 6.89 -21.31
CA TRP J 219 57.55 5.85 -21.49
C TRP J 219 58.76 6.15 -20.61
N PHE J 220 59.18 5.15 -19.85
CA PHE J 220 60.36 5.28 -18.99
C PHE J 220 61.32 4.12 -19.22
N GLY J 221 60.79 2.96 -19.58
CA GLY J 221 61.62 1.81 -19.85
C GLY J 221 61.94 1.66 -21.32
N ALA J 222 63.13 2.12 -21.73
CA ALA J 222 63.57 2.04 -23.11
C ALA J 222 64.51 0.87 -23.36
N ASP J 223 64.41 -0.18 -22.54
CA ASP J 223 65.30 -1.35 -22.63
C ASP J 223 64.57 -2.54 -23.24
N VAL J 224 63.76 -2.33 -24.27
CA VAL J 224 63.00 -3.39 -24.91
C VAL J 224 63.30 -3.39 -26.40
N ILE J 225 63.43 -4.59 -26.96
CA ILE J 225 63.67 -4.80 -28.39
C ILE J 225 62.59 -5.74 -28.91
N TYR J 226 62.01 -5.40 -30.06
CA TYR J 226 60.88 -6.15 -30.59
C TYR J 226 61.37 -7.16 -31.62
N ILE J 227 61.15 -8.44 -31.33
CA ILE J 227 61.59 -9.55 -32.18
C ILE J 227 60.37 -10.36 -32.55
N ALA J 228 60.30 -10.81 -33.80
CA ALA J 228 59.12 -11.49 -34.32
C ALA J 228 59.48 -12.88 -34.84
N LYS J 229 58.58 -13.82 -34.59
CA LYS J 229 58.62 -15.15 -35.19
C LYS J 229 57.70 -15.17 -36.41
N TYR J 230 58.15 -15.81 -37.48
CA TYR J 230 57.46 -15.80 -38.76
C TYR J 230 57.12 -17.22 -39.18
N TYR J 231 55.84 -17.46 -39.46
CA TYR J 231 55.34 -18.78 -39.83
C TYR J 231 54.89 -18.78 -41.28
N GLU J 232 55.39 -19.75 -42.04
CA GLU J 232 55.05 -19.93 -43.45
C GLU J 232 54.44 -21.30 -43.66
N VAL J 233 53.77 -21.48 -44.79
CA VAL J 233 53.32 -22.79 -45.24
C VAL J 233 53.72 -22.95 -46.70
N ARG J 234 54.22 -24.14 -47.04
CA ARG J 234 54.71 -24.41 -48.38
C ARG J 234 54.21 -25.77 -48.86
N LYS J 235 54.11 -25.90 -50.17
CA LYS J 235 53.81 -27.19 -50.81
C LYS J 235 55.13 -27.73 -51.35
N GLU J 236 55.55 -28.89 -50.82
CA GLU J 236 56.85 -29.45 -51.16
C GLU J 236 56.68 -30.87 -51.68
N SER J 237 57.65 -31.29 -52.48
CA SER J 237 57.67 -32.65 -53.03
C SER J 237 58.47 -33.55 -52.11
N VAL J 238 57.84 -34.62 -51.63
CA VAL J 238 58.48 -35.57 -50.73
C VAL J 238 58.26 -36.98 -51.28
N ASP J 239 59.27 -37.81 -51.13
CA ASP J 239 59.22 -39.20 -51.59
C ASP J 239 58.88 -40.10 -50.42
N VAL J 240 57.85 -40.94 -50.58
CA VAL J 240 57.39 -41.83 -49.54
C VAL J 240 57.87 -43.24 -49.85
N ILE J 241 58.38 -43.92 -48.82
CA ILE J 241 58.86 -45.29 -48.93
C ILE J 241 57.81 -46.21 -48.29
N SER J 242 57.42 -47.25 -49.01
CA SER J 242 56.38 -48.17 -48.55
C SER J 242 57.04 -49.46 -48.09
N TYR J 243 57.16 -49.61 -46.77
CA TYR J 243 57.69 -50.83 -46.18
C TYR J 243 56.59 -51.89 -46.21
N ARG J 244 56.94 -53.11 -46.63
CA ARG J 244 55.95 -54.18 -46.77
C ARG J 244 56.39 -55.46 -46.06
N HIS J 245 56.91 -55.32 -44.85
CA HIS J 245 57.33 -56.50 -44.08
C HIS J 245 56.10 -57.30 -43.67
N PRO J 246 56.07 -58.62 -43.94
CA PRO J 246 54.86 -59.40 -43.63
C PRO J 246 54.50 -59.43 -42.15
N ILE J 247 55.48 -59.38 -41.26
CA ILE J 247 55.21 -59.60 -39.85
C ILE J 247 54.39 -58.43 -39.29
N THR J 248 53.29 -58.77 -38.62
CA THR J 248 52.41 -57.79 -37.95
C THR J 248 52.00 -56.67 -38.89
N GLY J 249 51.27 -57.05 -39.95
CA GLY J 249 50.82 -56.09 -40.93
C GLY J 249 51.90 -55.73 -41.93
N GLU J 250 51.51 -55.56 -43.20
CA GLU J 250 52.46 -55.29 -44.27
C GLU J 250 52.43 -53.86 -44.77
N ILE J 251 51.25 -53.30 -45.01
CA ILE J 251 51.14 -51.96 -45.58
C ILE J 251 51.61 -50.94 -44.54
N ALA J 252 52.67 -50.19 -44.86
CA ALA J 252 53.19 -49.17 -43.95
C ALA J 252 53.94 -48.14 -44.78
N THR J 253 53.34 -46.96 -44.96
CA THR J 253 53.93 -45.89 -45.73
C THR J 253 54.56 -44.88 -44.78
N TYR J 254 55.85 -44.60 -44.98
CA TYR J 254 56.60 -43.68 -44.13
C TYR J 254 57.33 -42.66 -44.99
N ASP J 255 57.57 -41.49 -44.41
CA ASP J 255 58.27 -40.42 -45.10
C ASP J 255 59.79 -40.64 -45.03
N SER J 256 60.51 -39.92 -45.90
CA SER J 256 61.95 -40.10 -46.05
C SER J 256 62.75 -39.54 -44.89
N ASP J 257 62.13 -38.82 -43.96
CA ASP J 257 62.87 -38.24 -42.84
C ASP J 257 63.51 -39.31 -41.98
N GLN J 258 62.94 -40.51 -41.97
CA GLN J 258 63.50 -41.65 -41.27
C GLN J 258 63.88 -42.73 -42.29
N VAL J 259 65.15 -43.15 -42.25
CA VAL J 259 65.70 -44.09 -43.19
C VAL J 259 66.25 -45.27 -42.39
N GLU J 260 66.56 -46.37 -43.09
CA GLU J 260 67.09 -47.55 -42.41
C GLU J 260 68.39 -47.24 -41.68
N ASP J 261 69.08 -46.17 -42.06
CA ASP J 261 70.30 -45.74 -41.39
C ASP J 261 70.05 -44.63 -40.38
N ILE J 262 69.18 -43.67 -40.71
CA ILE J 262 68.87 -42.59 -39.77
C ILE J 262 68.23 -43.14 -38.51
N GLU J 263 67.25 -44.03 -38.67
CA GLU J 263 66.65 -44.77 -37.57
C GLU J 263 67.17 -46.20 -37.61
N ASP J 264 67.50 -46.75 -36.44
CA ASP J 264 68.14 -48.05 -36.38
C ASP J 264 67.16 -49.18 -36.69
N GLU J 265 66.67 -49.23 -37.93
CA GLU J 265 65.81 -50.30 -38.39
C GLU J 265 66.62 -51.40 -39.08
N LEU J 266 67.48 -51.00 -40.03
CA LEU J 266 68.50 -51.88 -40.62
C LEU J 266 67.89 -53.09 -41.32
N ALA J 267 66.64 -52.97 -41.78
CA ALA J 267 65.94 -54.05 -42.49
C ALA J 267 65.86 -55.33 -41.65
N ILE J 268 65.99 -55.21 -40.34
CA ILE J 268 65.87 -56.39 -39.47
C ILE J 268 64.44 -56.90 -39.49
N ALA J 269 63.46 -56.01 -39.46
CA ALA J 269 62.05 -56.35 -39.48
C ALA J 269 61.32 -55.52 -40.53
N GLY J 270 61.94 -55.31 -41.68
CA GLY J 270 61.33 -54.50 -42.72
C GLY J 270 61.89 -54.76 -44.10
N PHE J 271 61.05 -54.60 -45.11
CA PHE J 271 61.44 -54.77 -46.50
C PHE J 271 61.33 -53.42 -47.22
N HIS J 272 62.36 -53.10 -48.01
CA HIS J 272 62.40 -51.79 -48.68
C HIS J 272 61.22 -51.64 -49.64
N GLU J 273 60.95 -52.68 -50.42
CA GLU J 273 59.82 -52.72 -51.36
C GLU J 273 59.91 -51.53 -52.30
N VAL J 274 58.96 -50.61 -52.29
CA VAL J 274 58.95 -49.48 -53.22
C VAL J 274 59.43 -48.23 -52.48
N ALA J 275 60.45 -47.57 -53.04
CA ALA J 275 60.96 -46.32 -52.49
C ALA J 275 61.03 -45.23 -53.55
N ARG J 276 60.12 -45.29 -54.53
CA ARG J 276 60.15 -44.36 -55.65
C ARG J 276 58.96 -43.43 -55.73
N ARG J 277 57.82 -43.80 -55.15
CA ARG J 277 56.62 -42.97 -55.24
C ARG J 277 56.82 -41.68 -54.46
N SER J 278 56.48 -40.55 -55.06
CA SER J 278 56.63 -39.23 -54.45
C SER J 278 55.30 -38.49 -54.51
N VAL J 279 54.99 -37.75 -53.46
CA VAL J 279 53.73 -37.02 -53.36
C VAL J 279 54.01 -35.62 -52.84
N LYS J 280 53.07 -34.71 -53.10
CA LYS J 280 53.14 -33.36 -52.56
C LYS J 280 52.41 -33.29 -51.22
N ARG J 281 53.05 -32.67 -50.23
CA ARG J 281 52.50 -32.56 -48.89
C ARG J 281 52.62 -31.13 -48.38
N ARG J 282 51.76 -30.81 -47.42
CA ARG J 282 51.72 -29.48 -46.82
C ARG J 282 52.63 -29.46 -45.59
N ARG J 283 53.56 -28.52 -45.55
CA ARG J 283 54.52 -28.41 -44.47
C ARG J 283 54.59 -26.97 -43.98
N VAL J 284 54.99 -26.81 -42.71
CA VAL J 284 55.03 -25.51 -42.05
C VAL J 284 56.43 -25.24 -41.54
N TYR J 285 56.94 -24.05 -41.84
CA TYR J 285 58.28 -23.63 -41.45
C TYR J 285 58.21 -22.38 -40.58
N VAL J 286 59.17 -22.25 -39.68
CA VAL J 286 59.24 -21.14 -38.75
C VAL J 286 60.63 -20.54 -38.78
N SER J 287 60.72 -19.25 -38.47
CA SER J 287 62.00 -18.55 -38.42
C SER J 287 61.85 -17.35 -37.49
N VAL J 288 63.00 -16.79 -37.09
CA VAL J 288 63.04 -15.62 -36.22
C VAL J 288 63.78 -14.52 -36.96
N VAL J 289 63.15 -13.35 -37.07
CA VAL J 289 63.67 -12.23 -37.83
C VAL J 289 63.63 -10.97 -36.97
N ASP J 290 64.34 -9.94 -37.44
CA ASP J 290 64.37 -8.64 -36.77
C ASP J 290 64.32 -7.57 -37.85
N GLY J 291 64.63 -6.33 -37.46
CA GLY J 291 64.65 -5.24 -38.41
C GLY J 291 65.85 -5.23 -39.33
N ASP J 292 66.84 -6.09 -39.08
CA ASP J 292 68.05 -6.14 -39.89
C ASP J 292 68.09 -7.37 -40.78
N GLY J 293 67.96 -8.57 -40.21
CA GLY J 293 68.06 -9.79 -40.99
C GLY J 293 67.49 -11.02 -40.31
N PHE J 294 68.17 -12.14 -40.44
CA PHE J 294 67.75 -13.41 -39.87
C PHE J 294 68.57 -13.71 -38.63
N LEU J 295 67.89 -14.00 -37.53
CA LEU J 295 68.58 -14.46 -36.33
C LEU J 295 68.55 -15.98 -36.20
N GLU J 296 67.49 -16.62 -36.71
CA GLU J 296 67.41 -18.07 -36.74
C GLU J 296 66.99 -18.49 -38.15
N LYS J 297 67.70 -19.46 -38.71
CA LYS J 297 67.38 -19.95 -40.04
C LYS J 297 66.05 -20.69 -40.03
N PRO J 298 65.31 -20.66 -41.14
CA PRO J 298 64.02 -21.35 -41.18
C PRO J 298 64.17 -22.85 -40.94
N ARG J 299 63.20 -23.41 -40.23
CA ARG J 299 63.18 -24.83 -39.94
C ARG J 299 61.73 -25.32 -39.87
N ARG J 300 61.52 -26.57 -40.27
CA ARG J 300 60.19 -27.15 -40.30
C ARG J 300 59.73 -27.50 -38.88
N ILE J 301 58.43 -27.40 -38.65
CA ILE J 301 57.85 -27.80 -37.37
C ILE J 301 56.97 -29.01 -37.58
N PRO J 302 56.80 -29.89 -36.59
CA PRO J 302 56.01 -31.12 -36.81
C PRO J 302 54.51 -30.89 -36.74
N GLY J 303 53.96 -30.44 -37.86
CA GLY J 303 52.53 -30.19 -37.93
C GLY J 303 52.11 -29.84 -39.34
N GLU J 304 50.83 -29.52 -39.47
CA GLU J 304 50.23 -29.16 -40.75
C GLU J 304 49.58 -27.79 -40.76
N HIS J 305 49.21 -27.25 -39.60
CA HIS J 305 48.53 -25.97 -39.50
C HIS J 305 49.40 -24.98 -38.72
N ILE J 306 49.03 -23.70 -38.84
CA ILE J 306 49.69 -22.66 -38.03
C ILE J 306 49.32 -22.87 -36.57
N PRO J 307 50.29 -22.83 -35.65
CA PRO J 307 49.98 -23.17 -34.25
C PRO J 307 49.38 -22.02 -33.46
N LEU J 308 48.89 -20.98 -34.14
CA LEU J 308 48.28 -19.85 -33.46
C LEU J 308 46.76 -20.03 -33.42
N ILE J 309 46.19 -19.88 -32.23
CA ILE J 309 44.77 -20.10 -32.00
C ILE J 309 44.15 -18.76 -31.56
N PRO J 310 43.44 -18.07 -32.44
CA PRO J 310 42.83 -16.79 -32.05
C PRO J 310 41.49 -16.97 -31.34
N VAL J 311 41.28 -16.11 -30.34
CA VAL J 311 40.04 -16.08 -29.57
C VAL J 311 39.47 -14.67 -29.68
N TYR J 312 38.18 -14.58 -30.00
CA TYR J 312 37.51 -13.30 -30.19
C TYR J 312 36.35 -13.17 -29.23
N GLY J 313 36.09 -11.94 -28.78
CA GLY J 313 34.93 -11.66 -27.96
C GLY J 313 33.66 -11.61 -28.80
N LYS J 314 33.59 -10.64 -29.70
CA LYS J 314 32.57 -10.61 -30.73
C LYS J 314 33.21 -10.22 -32.05
N ARG J 315 32.99 -11.01 -33.09
CA ARG J 315 33.67 -10.84 -34.36
C ARG J 315 32.67 -10.78 -35.51
N TRP J 316 32.91 -9.86 -36.43
CA TRP J 316 32.11 -9.74 -37.64
C TRP J 316 33.00 -9.36 -38.81
N PHE J 317 32.44 -9.48 -40.01
CA PHE J 317 33.10 -9.10 -41.26
C PHE J 317 32.17 -8.14 -42.00
N ILE J 318 32.51 -6.86 -41.98
CA ILE J 318 31.60 -5.81 -42.45
C ILE J 318 32.00 -5.30 -43.83
N ASP J 319 33.21 -4.73 -43.97
CA ASP J 319 33.66 -4.19 -45.25
C ASP J 319 35.13 -4.58 -45.40
N ASP J 320 35.35 -5.75 -46.00
CA ASP J 320 36.69 -6.23 -46.37
C ASP J 320 37.64 -6.30 -45.17
N ILE J 321 37.13 -6.08 -43.96
CA ILE J 321 37.95 -5.98 -42.77
C ILE J 321 37.27 -6.74 -41.65
N GLU J 322 38.04 -7.56 -40.94
CA GLU J 322 37.55 -8.23 -39.75
C GLU J 322 37.47 -7.25 -38.59
N ARG J 323 36.31 -7.17 -37.94
CA ARG J 323 36.10 -6.23 -36.85
C ARG J 323 35.74 -7.00 -35.58
N VAL J 324 36.25 -6.53 -34.45
CA VAL J 324 36.07 -7.19 -33.17
C VAL J 324 35.53 -6.17 -32.17
N GLU J 325 34.92 -6.69 -31.10
CA GLU J 325 34.38 -5.86 -30.04
C GLU J 325 34.30 -6.67 -28.77
N GLY J 326 34.49 -6.00 -27.63
CA GLY J 326 34.48 -6.64 -26.33
C GLY J 326 33.31 -6.23 -25.46
N HIS J 327 33.61 -5.68 -24.28
CA HIS J 327 32.57 -5.30 -23.33
C HIS J 327 32.83 -3.95 -22.66
N ILE J 328 33.76 -3.16 -23.19
CA ILE J 328 34.14 -1.91 -22.55
C ILE J 328 33.88 -0.75 -23.50
N ALA J 329 33.83 -1.04 -24.80
CA ALA J 329 33.79 0.02 -25.81
C ALA J 329 32.53 0.87 -25.69
N LYS J 330 31.40 0.24 -25.39
CA LYS J 330 30.12 0.92 -25.52
C LYS J 330 29.82 1.91 -24.39
N ALA J 331 30.58 1.88 -23.29
CA ALA J 331 30.30 2.73 -22.14
C ALA J 331 31.32 3.84 -21.96
N MET J 332 32.26 3.97 -22.90
CA MET J 332 33.35 4.93 -22.74
C MET J 332 32.84 6.36 -22.68
N ASP J 333 31.94 6.72 -23.60
CA ASP J 333 31.42 8.09 -23.61
C ASP J 333 30.60 8.41 -22.38
N PRO J 334 29.62 7.60 -21.95
CA PRO J 334 28.92 7.93 -20.70
C PRO J 334 29.85 7.99 -19.50
N GLN J 335 30.86 7.11 -19.44
CA GLN J 335 31.77 7.13 -18.30
C GLN J 335 32.58 8.41 -18.26
N ARG J 336 33.16 8.80 -19.40
CA ARG J 336 33.98 10.01 -19.44
C ARG J 336 33.15 11.28 -19.42
N LEU J 337 31.83 11.18 -19.60
CA LEU J 337 30.97 12.32 -19.32
C LEU J 337 30.61 12.42 -17.84
N TYR J 338 30.37 11.28 -17.21
CA TYR J 338 30.08 11.26 -15.77
C TYR J 338 31.27 11.79 -14.97
N ASN J 339 32.48 11.40 -15.37
CA ASN J 339 33.67 11.90 -14.67
C ASN J 339 33.76 13.42 -14.75
N LEU J 340 33.54 13.98 -15.94
CA LEU J 340 33.59 15.43 -16.10
C LEU J 340 32.50 16.11 -15.27
N GLN J 341 31.29 15.55 -15.29
CA GLN J 341 30.21 16.13 -14.49
C GLN J 341 30.58 16.16 -13.01
N VAL J 342 31.13 15.06 -12.50
CA VAL J 342 31.49 15.01 -11.08
C VAL J 342 32.57 16.03 -10.76
N SER J 343 33.61 16.11 -11.60
CA SER J 343 34.70 17.05 -11.32
C SER J 343 34.21 18.49 -11.35
N MET J 344 33.42 18.85 -12.36
CA MET J 344 32.92 20.21 -12.48
C MET J 344 31.94 20.57 -11.37
N LEU J 345 31.15 19.61 -10.91
CA LEU J 345 30.31 19.86 -9.73
C LEU J 345 31.14 20.08 -8.48
N ALA J 346 32.19 19.28 -8.30
CA ALA J 346 33.01 19.40 -7.10
C ALA J 346 33.70 20.75 -7.03
N ASP J 347 34.25 21.20 -8.16
CA ASP J 347 34.95 22.49 -8.16
C ASP J 347 33.99 23.63 -7.82
N THR J 348 32.81 23.63 -8.44
CA THR J 348 31.83 24.68 -8.15
C THR J 348 31.38 24.65 -6.70
N ALA J 349 31.16 23.44 -6.16
CA ALA J 349 30.76 23.33 -4.75
C ALA J 349 31.83 23.87 -3.83
N ALA J 350 33.10 23.58 -4.11
CA ALA J 350 34.17 24.06 -3.25
C ALA J 350 34.46 25.54 -3.45
N GLN J 351 34.00 26.13 -4.55
CA GLN J 351 34.28 27.55 -4.81
C GLN J 351 33.72 28.45 -3.72
N ASP J 352 32.43 28.29 -3.38
CA ASP J 352 31.73 29.21 -2.48
C ASP J 352 31.05 28.43 -1.36
N PRO J 353 31.70 28.29 -0.21
CA PRO J 353 31.12 27.47 0.87
C PRO J 353 29.95 28.10 1.61
N GLY J 354 30.05 29.38 1.97
CA GLY J 354 29.06 29.97 2.85
C GLY J 354 28.63 31.39 2.54
N GLN J 355 28.14 32.10 3.56
CA GLN J 355 27.61 33.44 3.42
C GLN J 355 28.42 34.42 4.24
N ILE J 356 28.66 35.61 3.67
CA ILE J 356 29.37 36.69 4.36
C ILE J 356 28.53 37.96 4.24
N PRO J 357 28.35 38.71 5.31
CA PRO J 357 27.62 39.98 5.21
C PRO J 357 28.43 41.04 4.48
N ILE J 358 27.72 42.03 3.94
CA ILE J 358 28.34 43.15 3.24
C ILE J 358 27.95 44.43 3.96
N VAL J 359 28.94 45.24 4.30
CA VAL J 359 28.74 46.47 5.06
C VAL J 359 29.50 47.60 4.38
N GLY J 360 29.46 48.77 5.02
CA GLY J 360 30.21 49.91 4.54
C GLY J 360 31.39 50.24 5.42
N MET J 361 32.42 50.84 4.80
CA MET J 361 33.62 51.20 5.54
C MET J 361 33.30 52.19 6.66
N GLU J 362 32.63 53.29 6.32
CA GLU J 362 32.17 54.24 7.34
C GLU J 362 31.05 53.68 8.20
N GLN J 363 30.36 52.65 7.72
CA GLN J 363 29.30 52.02 8.49
C GLN J 363 29.82 51.19 9.65
N ILE J 364 30.95 50.51 9.47
CA ILE J 364 31.46 49.59 10.47
C ILE J 364 32.80 50.03 11.08
N ARG J 365 33.35 51.15 10.63
CA ARG J 365 34.61 51.62 11.19
C ARG J 365 34.47 51.88 12.69
N GLY J 366 35.44 51.38 13.45
CA GLY J 366 35.46 51.53 14.89
C GLY J 366 34.71 50.48 15.66
N LEU J 367 34.18 49.45 14.99
CA LEU J 367 33.36 48.44 15.64
C LEU J 367 33.77 47.02 15.24
N GLU J 368 34.96 46.86 14.65
CA GLU J 368 35.35 45.56 14.11
C GLU J 368 35.57 44.52 15.19
N LYS J 369 35.98 44.93 16.39
CA LYS J 369 36.26 43.98 17.44
C LYS J 369 34.98 43.31 17.94
N HIS J 370 33.86 44.03 17.92
CA HIS J 370 32.60 43.43 18.38
C HIS J 370 32.04 42.47 17.35
N TRP J 371 32.40 42.65 16.07
CA TRP J 371 31.92 41.75 15.04
C TRP J 371 32.83 40.55 14.86
N GLU J 372 34.12 40.70 15.21
CA GLU J 372 35.06 39.60 15.06
C GLU J 372 34.78 38.43 15.99
N ALA J 373 34.06 38.67 17.09
CA ALA J 373 33.84 37.65 18.10
C ALA J 373 32.37 37.50 18.47
N ARG J 374 31.48 37.57 17.48
CA ARG J 374 30.06 37.39 17.75
C ARG J 374 29.68 35.93 17.96
N ASN J 375 30.55 34.99 17.60
CA ASN J 375 30.28 33.57 17.80
C ASN J 375 30.97 32.99 19.02
N LYS J 376 31.89 33.73 19.65
CA LYS J 376 32.56 33.28 20.86
C LYS J 376 31.89 33.80 22.13
N LYS J 377 31.73 35.12 22.23
CA LYS J 377 30.98 35.69 23.33
C LYS J 377 29.49 35.65 23.01
N ARG J 378 28.68 36.14 23.94
CA ARG J 378 27.22 36.11 23.81
C ARG J 378 26.68 37.53 23.99
N PRO J 379 26.85 38.39 22.98
CA PRO J 379 26.38 39.76 23.11
C PRO J 379 24.87 39.84 23.09
N ALA J 380 24.34 40.84 23.80
CA ALA J 380 22.91 41.09 23.77
C ALA J 380 22.46 41.74 22.47
N PHE J 381 23.34 42.48 21.81
CA PHE J 381 23.03 43.13 20.55
C PHE J 381 24.33 43.41 19.82
N LEU J 382 24.21 43.77 18.55
CA LEU J 382 25.35 44.14 17.73
C LEU J 382 25.19 45.58 17.25
N PRO J 383 26.15 46.45 17.50
CA PRO J 383 26.01 47.85 17.09
C PRO J 383 26.47 48.09 15.67
N LEU J 384 25.78 49.03 15.00
CA LEU J 384 26.13 49.41 13.64
C LEU J 384 25.51 50.77 13.35
N ARG J 385 26.14 51.49 12.43
CA ARG J 385 25.72 52.84 12.08
C ARG J 385 24.85 52.83 10.83
N GLU J 386 24.31 54.00 10.52
CA GLU J 386 23.46 54.18 9.35
C GLU J 386 24.28 54.73 8.18
N VAL J 387 23.65 54.75 7.01
CA VAL J 387 24.28 55.26 5.79
C VAL J 387 23.86 56.71 5.60
N ARG J 388 24.85 57.59 5.47
CA ARG J 388 24.62 59.01 5.26
C ARG J 388 25.34 59.47 4.00
N ASP J 389 24.67 60.35 3.24
CA ASP J 389 25.25 60.89 2.02
C ASP J 389 26.20 62.03 2.35
N LYS J 390 26.62 62.78 1.33
CA LYS J 390 27.60 63.84 1.54
C LYS J 390 27.07 64.97 2.41
N SER J 391 25.76 65.20 2.41
CA SER J 391 25.17 66.30 3.17
C SER J 391 24.84 65.93 4.61
N GLY J 392 24.95 64.66 4.97
CA GLY J 392 24.68 64.22 6.33
C GLY J 392 23.28 63.70 6.57
N ASN J 393 22.49 63.49 5.53
CA ASN J 393 21.14 62.97 5.68
C ASN J 393 21.15 61.44 5.67
N ILE J 394 20.21 60.86 6.41
CA ILE J 394 20.11 59.40 6.48
C ILE J 394 19.30 58.90 5.28
N ILE J 395 19.84 57.91 4.59
CA ILE J 395 19.18 57.34 3.43
C ILE J 395 18.93 55.84 3.54
N ALA J 396 19.45 55.18 4.57
CA ALA J 396 19.28 53.74 4.71
C ALA J 396 19.37 53.36 6.19
N GLY J 397 18.88 52.16 6.50
CA GLY J 397 18.89 51.67 7.87
C GLY J 397 20.25 51.19 8.30
N ALA J 398 20.30 50.72 9.55
CA ALA J 398 21.53 50.23 10.16
C ALA J 398 21.83 48.78 9.83
N THR J 399 20.95 48.11 9.08
CA THR J 399 21.19 46.74 8.70
C THR J 399 22.28 46.66 7.63
N PRO J 400 22.97 45.52 7.52
CA PRO J 400 23.91 45.35 6.41
C PRO J 400 23.19 45.39 5.07
N ALA J 401 23.93 45.82 4.04
CA ALA J 401 23.34 45.96 2.71
C ALA J 401 22.83 44.63 2.19
N GLY J 402 23.57 43.56 2.42
CA GLY J 402 23.14 42.25 1.96
C GLY J 402 24.10 41.18 2.41
N TYR J 403 23.90 39.99 1.85
CA TYR J 403 24.75 38.84 2.13
C TYR J 403 25.18 38.21 0.81
N THR J 404 26.38 37.63 0.82
CA THR J 404 26.87 36.94 -0.37
C THR J 404 26.06 35.66 -0.61
N GLN J 405 25.95 35.29 -1.88
CA GLN J 405 25.18 34.11 -2.25
C GLN J 405 26.05 32.86 -2.17
N PRO J 406 25.51 31.78 -1.60
CA PRO J 406 26.25 30.50 -1.58
C PRO J 406 26.17 29.82 -2.95
N ALA J 407 26.93 28.73 -3.07
CA ALA J 407 26.99 28.00 -4.33
C ALA J 407 25.66 27.34 -4.64
N VAL J 408 25.43 27.09 -5.93
CA VAL J 408 24.19 26.48 -6.40
C VAL J 408 24.53 25.41 -7.43
N MET J 409 23.64 24.42 -7.54
CA MET J 409 23.81 23.30 -8.44
C MET J 409 22.70 23.35 -9.49
N ASN J 410 23.08 23.54 -10.74
CA ASN J 410 22.11 23.77 -11.81
C ASN J 410 21.45 22.47 -12.25
N GLN J 411 20.28 22.61 -12.88
CA GLN J 411 19.45 21.44 -13.21
C GLN J 411 20.11 20.55 -14.25
N ALA J 412 20.80 21.15 -15.21
CA ALA J 412 21.39 20.38 -16.30
C ALA J 412 22.45 19.39 -15.79
N LEU J 413 23.24 19.82 -14.82
CA LEU J 413 24.27 18.94 -14.25
C LEU J 413 23.64 17.73 -13.58
N ALA J 414 22.58 17.95 -12.79
CA ALA J 414 21.91 16.83 -12.14
C ALA J 414 21.27 15.89 -13.15
N ALA J 415 20.66 16.46 -14.20
CA ALA J 415 20.06 15.63 -15.23
C ALA J 415 21.11 14.77 -15.92
N LEU J 416 22.26 15.36 -16.25
CA LEU J 416 23.33 14.59 -16.87
C LEU J 416 23.85 13.51 -15.93
N LEU J 417 24.00 13.84 -14.65
CA LEU J 417 24.47 12.83 -13.69
C LEU J 417 23.55 11.63 -13.67
N GLN J 418 22.25 11.88 -13.49
CA GLN J 418 21.29 10.77 -13.44
C GLN J 418 21.28 10.00 -14.75
N GLN J 419 21.27 10.70 -15.88
CA GLN J 419 21.16 10.03 -17.17
C GLN J 419 22.38 9.15 -17.44
N THR J 420 23.58 9.67 -17.23
CA THR J 420 24.79 8.88 -17.47
C THR J 420 24.88 7.70 -16.51
N SER J 421 24.53 7.92 -15.24
CA SER J 421 24.57 6.83 -14.27
C SER J 421 23.63 5.71 -14.66
N ALA J 422 22.44 6.05 -15.16
CA ALA J 422 21.51 5.02 -15.59
C ALA J 422 22.00 4.35 -16.88
N ASP J 423 22.54 5.14 -17.81
CA ASP J 423 22.89 4.62 -19.13
C ASP J 423 24.07 3.66 -19.06
N ILE J 424 25.04 3.93 -18.17
CA ILE J 424 26.17 3.02 -18.04
C ILE J 424 25.68 1.63 -17.65
N GLN J 425 24.84 1.56 -16.62
CA GLN J 425 24.31 0.29 -16.17
C GLN J 425 23.42 -0.37 -17.23
N GLU J 426 22.61 0.43 -17.92
CA GLU J 426 21.73 -0.14 -18.93
C GLU J 426 22.52 -0.75 -20.08
N VAL J 427 23.56 -0.04 -20.54
CA VAL J 427 24.35 -0.53 -21.67
C VAL J 427 25.17 -1.75 -21.27
N THR J 428 25.84 -1.69 -20.11
CA THR J 428 26.68 -2.79 -19.67
C THR J 428 25.82 -3.85 -18.98
N GLY J 429 25.04 -4.55 -19.80
CA GLY J 429 24.17 -5.60 -19.32
C GLY J 429 23.06 -5.10 -18.40
N MET J 450 17.21 -21.67 -21.62
CA MET J 450 17.00 -20.25 -21.88
C MET J 450 17.58 -19.42 -20.74
N ASN J 451 17.70 -20.04 -19.57
CA ASN J 451 18.30 -19.36 -18.43
C ASN J 451 19.75 -18.97 -18.71
N ARG J 452 20.51 -19.87 -19.34
CA ARG J 452 21.87 -19.53 -19.74
C ARG J 452 21.87 -18.44 -20.81
N ALA J 453 20.95 -18.52 -21.76
CA ALA J 453 20.90 -17.55 -22.85
C ALA J 453 20.55 -16.14 -22.35
N ASP J 454 19.82 -16.06 -21.23
CA ASP J 454 19.47 -14.74 -20.69
C ASP J 454 20.69 -14.02 -20.14
N MET J 455 21.78 -14.74 -19.85
CA MET J 455 22.96 -14.13 -19.28
C MET J 455 23.71 -13.29 -20.33
N ALA J 456 24.76 -12.62 -19.88
CA ALA J 456 25.53 -11.73 -20.76
C ALA J 456 26.84 -12.34 -21.23
N SER J 457 27.28 -13.46 -20.65
CA SER J 457 28.55 -14.09 -21.01
C SER J 457 28.36 -15.29 -21.93
N PHE J 458 27.14 -15.54 -22.40
CA PHE J 458 26.87 -16.71 -23.22
C PHE J 458 27.63 -16.66 -24.55
N ILE J 459 27.65 -15.49 -25.19
CA ILE J 459 28.36 -15.37 -26.46
C ILE J 459 29.86 -15.54 -26.26
N TYR J 460 30.41 -14.99 -25.18
CA TYR J 460 31.83 -15.15 -24.90
C TYR J 460 32.18 -16.62 -24.68
N LEU J 461 31.34 -17.33 -23.91
CA LEU J 461 31.61 -18.74 -23.66
C LEU J 461 31.51 -19.56 -24.95
N ASP J 462 30.54 -19.24 -25.81
CA ASP J 462 30.44 -19.95 -27.09
C ASP J 462 31.66 -19.70 -27.97
N ASN J 463 32.13 -18.46 -28.02
CA ASN J 463 33.33 -18.16 -28.80
C ASN J 463 34.54 -18.91 -28.25
N MET J 464 34.67 -18.95 -26.92
CA MET J 464 35.78 -19.68 -26.32
C MET J 464 35.71 -21.17 -26.66
N ALA J 465 34.50 -21.75 -26.61
CA ALA J 465 34.35 -23.16 -26.96
C ALA J 465 34.72 -23.43 -28.42
N LYS J 466 34.27 -22.56 -29.32
CA LYS J 466 34.58 -22.77 -30.73
C LYS J 466 36.05 -22.52 -31.05
N SER J 467 36.75 -21.74 -30.23
CA SER J 467 38.19 -21.61 -30.38
C SER J 467 38.91 -22.85 -29.84
N LEU J 468 38.42 -23.39 -28.71
CA LEU J 468 39.02 -24.61 -28.17
C LEU J 468 38.84 -25.79 -29.11
N LYS J 469 37.75 -25.80 -29.88
CA LYS J 469 37.58 -26.86 -30.88
C LYS J 469 38.70 -26.81 -31.91
N ARG J 470 39.04 -25.61 -32.39
CA ARG J 470 40.15 -25.47 -33.33
C ARG J 470 41.46 -25.84 -32.68
N ALA J 471 41.64 -25.48 -31.40
CA ALA J 471 42.87 -25.87 -30.70
C ALA J 471 43.00 -27.39 -30.62
N GLY J 472 41.89 -28.08 -30.33
CA GLY J 472 41.92 -29.52 -30.30
C GLY J 472 42.21 -30.14 -31.66
N GLU J 473 41.64 -29.55 -32.72
CA GLU J 473 41.93 -30.03 -34.07
C GLU J 473 43.41 -29.88 -34.39
N VAL J 474 44.00 -28.74 -34.03
CA VAL J 474 45.42 -28.52 -34.28
C VAL J 474 46.26 -29.51 -33.49
N TRP J 475 45.92 -29.75 -32.22
CA TRP J 475 46.66 -30.72 -31.42
C TRP J 475 46.56 -32.11 -32.00
N LEU J 476 45.38 -32.51 -32.47
CA LEU J 476 45.21 -33.82 -33.07
C LEU J 476 46.04 -33.96 -34.32
N SER J 477 46.10 -32.92 -35.15
CA SER J 477 46.94 -32.97 -36.34
C SER J 477 48.42 -33.02 -35.98
N MET J 478 48.80 -32.36 -34.90
CA MET J 478 50.21 -32.31 -34.52
C MET J 478 50.68 -33.60 -33.86
N ALA J 479 49.80 -34.28 -33.13
CA ALA J 479 50.22 -35.40 -32.29
C ALA J 479 50.83 -36.55 -33.08
N ARG J 480 50.41 -36.74 -34.34
CA ARG J 480 50.89 -37.88 -35.11
C ARG J 480 52.39 -37.82 -35.33
N GLU J 481 52.92 -36.65 -35.65
CA GLU J 481 54.34 -36.52 -35.92
C GLU J 481 55.20 -36.60 -34.66
N VAL J 482 54.59 -36.57 -33.49
CA VAL J 482 55.32 -36.61 -32.22
C VAL J 482 55.10 -37.91 -31.47
N TYR J 483 53.85 -38.37 -31.41
CA TYR J 483 53.50 -39.58 -30.68
C TYR J 483 53.26 -40.79 -31.59
N GLY J 484 53.28 -40.61 -32.90
CA GLY J 484 53.14 -41.72 -33.81
C GLY J 484 51.69 -42.10 -34.06
N SER J 485 51.48 -42.83 -35.15
CA SER J 485 50.15 -43.27 -35.53
C SER J 485 49.66 -44.37 -34.59
N GLU J 486 48.35 -44.37 -34.33
CA GLU J 486 47.73 -45.31 -33.41
C GLU J 486 47.09 -46.44 -34.20
N ARG J 487 47.37 -47.68 -33.80
CA ARG J 487 46.80 -48.86 -34.43
C ARG J 487 46.27 -49.79 -33.35
N GLU J 488 45.23 -50.55 -33.69
CA GLU J 488 44.53 -51.41 -32.74
C GLU J 488 44.86 -52.86 -33.08
N VAL J 489 45.83 -53.43 -32.38
CA VAL J 489 46.28 -54.80 -32.63
C VAL J 489 46.59 -55.46 -31.29
N ARG J 490 45.78 -56.45 -30.92
CA ARG J 490 46.14 -57.39 -29.85
C ARG J 490 45.87 -58.85 -30.21
N ILE J 491 44.96 -59.12 -31.14
CA ILE J 491 44.63 -60.49 -31.53
C ILE J 491 45.58 -60.97 -32.62
N VAL J 507 42.86 -56.15 -30.37
CA VAL J 507 41.76 -55.26 -30.71
C VAL J 507 41.17 -54.66 -29.44
N VAL J 508 41.54 -55.25 -28.30
CA VAL J 508 41.05 -54.78 -27.01
C VAL J 508 42.01 -53.73 -26.46
N ASP J 509 43.07 -53.44 -27.22
CA ASP J 509 44.05 -52.44 -26.82
C ASP J 509 44.48 -51.64 -28.03
N ARG J 510 44.64 -50.34 -27.83
CA ARG J 510 45.12 -49.42 -28.86
C ARG J 510 46.53 -49.00 -28.49
N GLN J 511 47.52 -49.45 -29.27
CA GLN J 511 48.91 -49.27 -28.91
C GLN J 511 49.72 -48.79 -30.11
N THR J 512 50.77 -48.04 -29.82
CA THR J 512 51.77 -47.65 -30.80
C THR J 512 53.16 -47.78 -30.17
N GLY J 513 54.16 -48.01 -31.01
CA GLY J 513 55.51 -48.17 -30.49
C GLY J 513 56.59 -48.11 -31.56
N ALA J 514 57.69 -47.44 -31.23
CA ALA J 514 58.84 -47.31 -32.13
C ALA J 514 59.99 -46.70 -31.36
N VAL J 515 61.20 -46.88 -31.89
CA VAL J 515 62.38 -46.22 -31.33
C VAL J 515 62.22 -44.71 -31.44
N VAL J 516 61.79 -44.24 -32.60
CA VAL J 516 61.37 -42.86 -32.81
C VAL J 516 60.02 -42.91 -33.51
N ALA J 517 59.08 -42.11 -33.03
CA ALA J 517 57.67 -42.16 -33.45
C ALA J 517 57.54 -42.21 -34.96
N LEU J 518 56.94 -43.28 -35.46
CA LEU J 518 56.68 -43.47 -36.87
C LEU J 518 55.26 -43.03 -37.20
N ASN J 519 55.12 -42.17 -38.21
CA ASN J 519 53.83 -41.64 -38.63
C ASN J 519 53.47 -42.31 -39.95
N ASP J 520 52.47 -43.20 -39.91
CA ASP J 520 52.00 -43.88 -41.12
C ASP J 520 51.08 -42.95 -41.89
N LEU J 521 51.38 -42.73 -43.18
CA LEU J 521 50.55 -41.86 -43.99
C LEU J 521 49.30 -42.58 -44.52
N SER J 522 49.26 -43.90 -44.42
CA SER J 522 48.13 -44.67 -44.95
C SER J 522 47.07 -44.98 -43.91
N VAL J 523 47.30 -44.62 -42.64
CA VAL J 523 46.30 -44.89 -41.61
C VAL J 523 45.04 -44.07 -41.86
N GLY J 524 45.20 -42.81 -42.21
CA GLY J 524 44.07 -41.94 -42.46
C GLY J 524 43.58 -41.24 -41.21
N ARG J 525 42.41 -40.62 -41.35
CA ARG J 525 41.82 -39.91 -40.23
C ARG J 525 41.39 -40.88 -39.14
N TYR J 526 41.40 -40.40 -37.90
CA TYR J 526 40.86 -41.18 -36.80
C TYR J 526 39.34 -41.19 -36.86
N ASP J 527 38.74 -42.06 -36.05
CA ASP J 527 37.29 -42.19 -35.97
C ASP J 527 36.73 -41.55 -34.71
N VAL J 528 37.31 -40.44 -34.27
CA VAL J 528 36.84 -39.70 -33.11
C VAL J 528 36.41 -38.31 -33.55
N THR J 529 35.64 -37.65 -32.68
CA THR J 529 35.11 -36.32 -32.95
C THR J 529 35.65 -35.35 -31.89
N VAL J 530 36.02 -34.15 -32.33
CA VAL J 530 36.53 -33.13 -31.42
C VAL J 530 35.34 -32.33 -30.88
N ASP J 531 35.29 -32.18 -29.56
CA ASP J 531 34.20 -31.46 -28.91
C ASP J 531 34.77 -30.80 -27.66
N VAL J 532 33.95 -29.98 -26.99
CA VAL J 532 34.36 -29.30 -25.77
C VAL J 532 33.55 -29.86 -24.61
N GLY J 533 34.13 -29.75 -23.42
CA GLY J 533 33.50 -30.24 -22.22
C GLY J 533 34.14 -29.68 -20.96
N PRO J 534 33.63 -30.09 -19.80
CA PRO J 534 34.17 -29.57 -18.54
C PRO J 534 35.63 -29.97 -18.35
N SER J 535 36.38 -29.07 -17.70
CA SER J 535 37.79 -29.28 -17.44
C SER J 535 37.98 -29.93 -16.08
N TYR J 536 38.55 -31.13 -16.06
CA TYR J 536 38.74 -31.89 -14.84
C TYR J 536 40.23 -32.06 -14.56
N THR J 537 40.58 -32.01 -13.28
CA THR J 537 41.99 -32.12 -12.90
C THR J 537 42.50 -33.54 -13.12
N ALA J 538 41.67 -34.55 -12.84
CA ALA J 538 42.09 -35.94 -12.96
C ALA J 538 40.94 -36.76 -13.53
N ARG J 539 41.29 -37.97 -14.00
CA ARG J 539 40.29 -38.87 -14.56
C ARG J 539 39.25 -39.29 -13.53
N ARG J 540 39.65 -39.40 -12.27
CA ARG J 540 38.71 -39.81 -11.22
C ARG J 540 37.60 -38.78 -11.07
N ASP J 541 37.94 -37.49 -11.16
CA ASP J 541 36.91 -36.46 -11.06
C ASP J 541 35.89 -36.58 -12.20
N ALA J 542 36.38 -36.82 -13.42
CA ALA J 542 35.48 -36.97 -14.56
C ALA J 542 34.58 -38.18 -14.39
N THR J 543 35.14 -39.30 -13.95
CA THR J 543 34.34 -40.51 -13.76
C THR J 543 33.28 -40.30 -12.69
N VAL J 544 33.67 -39.69 -11.57
CA VAL J 544 32.73 -39.45 -10.49
C VAL J 544 31.63 -38.51 -10.94
N SER J 545 31.98 -37.46 -11.68
CA SER J 545 30.98 -36.50 -12.14
C SER J 545 29.99 -37.15 -13.10
N VAL J 546 30.48 -37.96 -14.05
CA VAL J 546 29.57 -38.56 -15.02
C VAL J 546 28.69 -39.60 -14.35
N LEU J 547 29.23 -40.37 -13.40
CA LEU J 547 28.41 -41.37 -12.73
C LEU J 547 27.39 -40.71 -11.80
N THR J 548 27.76 -39.59 -11.17
CA THR J 548 26.78 -38.85 -10.37
C THR J 548 25.67 -38.29 -11.24
N ASN J 549 26.02 -37.79 -12.43
CA ASN J 549 24.99 -37.31 -13.35
C ASN J 549 24.08 -38.44 -13.79
N VAL J 550 24.64 -39.64 -14.00
CA VAL J 550 23.80 -40.80 -14.27
C VAL J 550 22.86 -41.07 -13.09
N LEU J 551 23.38 -41.01 -11.88
CA LEU J 551 22.55 -41.10 -10.69
C LEU J 551 21.65 -39.86 -10.61
N SER J 552 20.74 -39.88 -9.63
CA SER J 552 19.73 -38.84 -9.39
C SER J 552 18.68 -38.79 -10.49
N SER J 553 18.83 -39.59 -11.55
CA SER J 553 17.81 -39.75 -12.57
C SER J 553 17.10 -41.09 -12.45
N MET J 554 17.42 -41.87 -11.43
CA MET J 554 16.85 -43.19 -11.21
C MET J 554 15.99 -43.18 -9.95
N LEU J 555 14.85 -43.86 -10.02
CA LEU J 555 13.98 -43.98 -8.87
C LEU J 555 14.66 -44.86 -7.80
N PRO J 556 14.28 -44.69 -6.53
CA PRO J 556 14.97 -45.42 -5.46
C PRO J 556 14.91 -46.93 -5.59
N THR J 557 13.93 -47.47 -6.33
CA THR J 557 13.75 -48.91 -6.41
C THR J 557 14.47 -49.56 -7.58
N ASP J 558 15.29 -48.81 -8.31
CA ASP J 558 15.99 -49.38 -9.44
C ASP J 558 17.02 -50.42 -8.98
N PRO J 559 17.27 -51.45 -9.79
CA PRO J 559 18.18 -52.52 -9.37
C PRO J 559 19.65 -52.18 -9.53
N MET J 560 19.98 -51.34 -10.51
CA MET J 560 21.36 -51.00 -10.81
C MET J 560 21.96 -50.01 -9.83
N ARG J 561 21.16 -49.45 -8.93
CA ARG J 561 21.65 -48.41 -8.03
C ARG J 561 22.79 -48.89 -7.11
N PRO J 562 22.70 -50.05 -6.45
CA PRO J 562 23.87 -50.48 -5.65
C PRO J 562 25.13 -50.66 -6.47
N ALA J 563 25.03 -51.18 -7.69
CA ALA J 563 26.20 -51.33 -8.53
C ALA J 563 26.80 -49.97 -8.89
N ILE J 564 25.94 -49.00 -9.25
CA ILE J 564 26.43 -47.67 -9.56
C ILE J 564 27.11 -47.05 -8.35
N GLN J 565 26.51 -47.21 -7.17
CA GLN J 565 27.08 -46.66 -5.96
C GLN J 565 28.44 -47.27 -5.66
N GLY J 566 28.57 -48.59 -5.81
CA GLY J 566 29.85 -49.23 -5.59
C GLY J 566 30.91 -48.77 -6.57
N ILE J 567 30.53 -48.61 -7.85
CA ILE J 567 31.50 -48.17 -8.84
C ILE J 567 31.94 -46.73 -8.57
N ILE J 568 31.01 -45.89 -8.08
CA ILE J 568 31.38 -44.52 -7.72
C ILE J 568 32.35 -44.52 -6.55
N LEU J 569 32.02 -45.28 -5.50
CA LEU J 569 32.91 -45.33 -4.34
C LEU J 569 34.25 -45.97 -4.66
N ASP J 570 34.33 -46.78 -5.72
CA ASP J 570 35.61 -47.35 -6.12
C ASP J 570 36.58 -46.28 -6.59
N ASN J 571 36.08 -45.23 -7.24
CA ASN J 571 36.92 -44.21 -7.86
C ASN J 571 37.27 -43.05 -6.93
N ILE J 572 36.72 -43.03 -5.72
CA ILE J 572 36.97 -41.91 -4.80
C ILE J 572 38.38 -42.03 -4.25
N ASP J 573 38.99 -40.89 -3.95
CA ASP J 573 40.32 -40.84 -3.37
C ASP J 573 40.29 -40.03 -2.09
N GLY J 574 41.06 -40.46 -1.10
CA GLY J 574 41.07 -39.80 0.19
C GLY J 574 42.18 -40.34 1.05
N GLU J 575 42.19 -39.89 2.31
CA GLU J 575 43.21 -40.28 3.26
C GLU J 575 42.65 -41.25 4.30
N GLY J 576 43.36 -42.35 4.51
CA GLY J 576 42.98 -43.33 5.51
C GLY J 576 41.69 -44.06 5.23
N LEU J 577 41.40 -44.35 3.96
CA LEU J 577 40.21 -45.11 3.58
C LEU J 577 40.56 -46.49 3.05
N ASP J 578 41.70 -47.03 3.46
CA ASP J 578 42.19 -48.29 2.90
C ASP J 578 41.25 -49.45 3.21
N ASP J 579 40.85 -49.58 4.48
CA ASP J 579 39.98 -50.70 4.87
C ASP J 579 38.62 -50.60 4.18
N PHE J 580 38.02 -49.41 4.15
CA PHE J 580 36.73 -49.24 3.50
C PHE J 580 36.82 -49.52 2.01
N LYS J 581 37.89 -49.05 1.37
CA LYS J 581 38.05 -49.29 -0.06
C LYS J 581 38.23 -50.78 -0.35
N GLU J 582 39.02 -51.48 0.47
CA GLU J 582 39.19 -52.91 0.27
C GLU J 582 37.88 -53.66 0.48
N TYR J 583 37.10 -53.26 1.48
CA TYR J 583 35.80 -53.89 1.71
C TYR J 583 34.86 -53.66 0.54
N ASN J 584 34.83 -52.44 0.02
CA ASN J 584 33.99 -52.15 -1.15
C ASN J 584 34.44 -52.95 -2.37
N ARG J 585 35.76 -53.07 -2.56
CA ARG J 585 36.27 -53.84 -3.69
C ARG J 585 35.87 -55.31 -3.57
N ASN J 586 35.96 -55.87 -2.35
CA ASN J 586 35.54 -57.25 -2.14
C ASN J 586 34.05 -57.42 -2.41
N GLN J 587 33.24 -56.45 -1.97
CA GLN J 587 31.80 -56.53 -2.19
C GLN J 587 31.46 -56.44 -3.68
N LEU J 588 32.22 -55.66 -4.44
CA LEU J 588 32.02 -55.63 -5.88
C LEU J 588 32.51 -56.92 -6.55
N LEU J 589 33.61 -57.48 -6.06
CA LEU J 589 34.15 -58.70 -6.65
C LEU J 589 33.20 -59.87 -6.47
N ILE J 590 32.66 -60.05 -5.27
CA ILE J 590 31.80 -61.20 -4.99
C ILE J 590 30.49 -61.12 -5.77
N SER J 591 30.10 -59.95 -6.26
CA SER J 591 28.89 -59.80 -7.05
C SER J 591 29.16 -59.76 -8.54
N GLY J 592 30.40 -60.02 -8.96
CA GLY J 592 30.72 -60.15 -10.37
C GLY J 592 30.68 -58.87 -11.18
N ILE J 593 31.23 -57.78 -10.67
CA ILE J 593 31.35 -56.55 -11.44
C ILE J 593 32.80 -56.09 -11.59
N ALA J 594 33.69 -56.40 -10.66
CA ALA J 594 35.02 -55.81 -10.63
C ALA J 594 35.97 -56.37 -11.69
N LYS J 595 35.71 -57.58 -12.21
CA LYS J 595 36.55 -58.17 -13.24
C LYS J 595 38.00 -58.27 -12.77
N PRO J 596 38.32 -59.23 -11.90
CA PRO J 596 39.64 -59.24 -11.24
C PRO J 596 40.82 -59.23 -12.20
N ARG J 597 41.84 -58.45 -11.88
CA ARG J 597 42.96 -58.26 -12.80
C ARG J 597 44.06 -59.30 -12.62
N ASN J 598 43.64 -60.55 -12.50
CA ASN J 598 44.51 -61.73 -12.68
C ASN J 598 45.81 -61.66 -11.88
N GLU J 599 45.75 -61.15 -10.65
CA GLU J 599 46.94 -61.18 -9.80
C GLU J 599 46.74 -62.05 -8.56
N LYS J 600 45.76 -61.76 -7.70
CA LYS J 600 45.46 -62.62 -6.57
C LYS J 600 43.98 -62.81 -6.29
N GLU J 601 43.12 -61.88 -6.68
CA GLU J 601 41.70 -61.95 -6.35
C GLU J 601 40.91 -62.83 -7.29
N GLN J 602 41.45 -63.16 -8.46
CA GLN J 602 40.80 -64.12 -9.34
C GLN J 602 40.88 -65.53 -8.79
N GLN J 603 41.93 -65.84 -8.02
CA GLN J 603 42.12 -67.17 -7.46
C GLN J 603 41.89 -67.24 -5.96
N ILE J 604 41.60 -66.11 -5.31
CA ILE J 604 41.33 -66.12 -3.88
C ILE J 604 39.89 -65.66 -3.63
N VAL J 605 39.58 -64.43 -4.04
CA VAL J 605 38.24 -63.88 -3.80
C VAL J 605 37.21 -64.61 -4.66
N GLN J 606 37.51 -64.79 -5.95
CA GLN J 606 36.56 -65.48 -6.82
C GLN J 606 36.45 -66.95 -6.46
N GLN J 607 37.56 -67.58 -6.08
CA GLN J 607 37.50 -68.97 -5.65
C GLN J 607 36.67 -69.12 -4.38
N ALA J 608 36.83 -68.18 -3.44
CA ALA J 608 36.02 -68.19 -2.23
C ALA J 608 34.55 -68.01 -2.56
N GLN J 609 34.24 -67.11 -3.51
CA GLN J 609 32.86 -66.91 -3.93
C GLN J 609 32.28 -68.19 -4.54
N MET J 610 33.05 -68.85 -5.39
CA MET J 610 32.57 -70.10 -6.00
C MET J 610 32.36 -71.18 -4.94
N ALA J 611 33.28 -71.26 -3.97
CA ALA J 611 33.11 -72.23 -2.88
C ALA J 611 31.87 -71.94 -2.05
N ALA J 612 31.65 -70.67 -1.71
CA ALA J 612 30.50 -70.26 -0.91
C ALA J 612 29.21 -70.22 -1.70
N GLN J 613 29.26 -70.41 -3.02
CA GLN J 613 28.06 -70.60 -3.81
C GLN J 613 27.76 -72.08 -4.02
N SER J 614 28.80 -72.92 -4.15
CA SER J 614 28.60 -74.35 -4.31
C SER J 614 28.23 -75.03 -3.00
N GLN J 615 28.83 -74.60 -1.88
CA GLN J 615 28.52 -75.20 -0.58
C GLN J 615 27.04 -75.13 -0.22
N PRO J 616 26.35 -74.00 -0.34
CA PRO J 616 24.93 -73.95 0.06
C PRO J 616 23.94 -74.37 -1.01
N ASN J 617 24.37 -75.03 -2.10
CA ASN J 617 23.38 -75.68 -2.96
C ASN J 617 22.64 -76.80 -2.24
N PRO J 618 23.31 -77.70 -1.50
CA PRO J 618 22.56 -78.60 -0.62
C PRO J 618 21.72 -77.89 0.42
N GLU J 619 22.19 -76.74 0.94
CA GLU J 619 21.38 -75.99 1.91
C GLU J 619 20.12 -75.44 1.25
N MET J 620 20.24 -74.94 0.03
CA MET J 620 19.08 -74.41 -0.68
C MET J 620 18.08 -75.52 -1.00
N VAL J 621 18.56 -76.67 -1.48
CA VAL J 621 17.63 -77.76 -1.74
C VAL J 621 17.06 -78.30 -0.43
N LEU J 622 17.81 -78.19 0.67
CA LEU J 622 17.30 -78.54 1.99
C LEU J 622 16.16 -77.64 2.41
N ALA J 623 16.30 -76.33 2.22
CA ALA J 623 15.34 -75.36 2.73
C ALA J 623 13.94 -75.60 2.20
N GLN J 624 13.80 -76.28 1.06
CA GLN J 624 12.49 -76.67 0.53
C GLN J 624 12.45 -78.18 0.28
N ALA J 625 13.36 -78.92 0.89
CA ALA J 625 13.46 -80.37 0.70
C ALA J 625 12.46 -81.14 1.54
N GLN J 626 11.48 -80.48 2.15
CA GLN J 626 10.38 -81.21 2.78
C GLN J 626 9.65 -82.06 1.76
N MET J 627 9.69 -81.67 0.49
CA MET J 627 9.10 -82.47 -0.57
C MET J 627 10.09 -83.45 -1.18
N VAL J 628 11.40 -83.27 -0.96
CA VAL J 628 12.37 -84.23 -1.48
C VAL J 628 12.16 -85.60 -0.84
N ALA J 629 11.91 -85.63 0.47
CA ALA J 629 11.67 -86.90 1.15
C ALA J 629 10.42 -87.59 0.62
N ALA J 630 9.34 -86.84 0.44
CA ALA J 630 8.11 -87.42 -0.09
C ALA J 630 8.30 -87.91 -1.52
N GLN J 631 9.05 -87.15 -2.33
CA GLN J 631 9.33 -87.57 -3.69
C GLN J 631 10.15 -88.85 -3.70
N ALA J 632 11.13 -88.98 -2.82
CA ALA J 632 11.91 -90.20 -2.72
C ALA J 632 11.04 -91.37 -2.30
N GLU J 633 10.15 -91.16 -1.33
CA GLU J 633 9.26 -92.23 -0.90
C GLU J 633 8.33 -92.67 -2.03
N ALA J 634 7.76 -91.72 -2.76
CA ALA J 634 6.89 -92.07 -3.88
C ALA J 634 7.67 -92.77 -4.98
N GLN J 635 8.90 -92.32 -5.25
CA GLN J 635 9.71 -92.96 -6.27
C GLN J 635 10.05 -94.40 -5.89
N LYS J 636 10.35 -94.64 -4.62
CA LYS J 636 10.63 -96.02 -4.21
C LYS J 636 9.36 -96.86 -4.25
N ALA J 637 8.21 -96.28 -3.88
CA ALA J 637 6.95 -97.00 -4.02
C ALA J 637 6.68 -97.36 -5.47
N THR J 638 7.10 -96.49 -6.40
CA THR J 638 6.90 -96.71 -7.82
C THR J 638 7.59 -97.97 -8.33
N ASN J 639 8.56 -98.49 -7.58
CA ASN J 639 9.15 -99.79 -7.88
C ASN J 639 8.81 -100.87 -6.87
N GLU J 640 8.36 -100.49 -5.67
CA GLU J 640 8.10 -101.46 -4.62
C GLU J 640 6.69 -102.04 -4.71
N THR J 641 5.69 -101.20 -4.99
CA THR J 641 4.30 -101.67 -4.99
C THR J 641 4.06 -102.75 -6.03
N ALA J 642 4.93 -102.83 -7.06
CA ALA J 642 4.82 -103.91 -8.04
C ALA J 642 5.00 -105.28 -7.41
N GLN J 643 5.59 -105.35 -6.21
CA GLN J 643 5.63 -106.61 -5.49
C GLN J 643 4.23 -107.12 -5.19
N THR J 644 3.25 -106.22 -5.08
CA THR J 644 1.87 -106.66 -4.85
C THR J 644 1.32 -107.40 -6.07
N GLN J 645 1.59 -106.89 -7.28
CA GLN J 645 1.22 -107.61 -8.48
C GLN J 645 2.00 -108.90 -8.62
N ILE J 646 3.27 -108.89 -8.19
CA ILE J 646 4.06 -110.13 -8.19
C ILE J 646 3.42 -111.17 -7.27
N LYS J 647 2.98 -110.75 -6.09
CA LYS J 647 2.30 -111.65 -5.17
C LYS J 647 0.97 -112.13 -5.74
N ALA J 648 0.28 -111.26 -6.49
CA ALA J 648 -0.94 -111.69 -7.17
C ALA J 648 -0.64 -112.76 -8.21
N PHE J 649 0.46 -112.61 -8.95
CA PHE J 649 0.88 -113.62 -9.91
C PHE J 649 1.21 -114.94 -9.22
N THR J 650 1.90 -114.87 -8.08
CA THR J 650 2.19 -116.08 -7.32
C THR J 650 0.91 -116.73 -6.81
N ALA J 651 -0.06 -115.91 -6.38
CA ALA J 651 -1.34 -116.44 -5.93
C ALA J 651 -2.10 -117.12 -7.06
N GLN J 652 -2.05 -116.54 -8.25
CA GLN J 652 -2.66 -117.18 -9.42
C GLN J 652 -2.00 -118.51 -9.73
N GLN J 653 -0.67 -118.55 -9.71
CA GLN J 653 0.05 -119.80 -9.95
C GLN J 653 -0.32 -120.85 -8.91
N ASP J 654 -0.35 -120.46 -7.63
CA ASP J 654 -0.69 -121.39 -6.58
C ASP J 654 -2.15 -121.84 -6.67
N ALA J 655 -3.04 -120.94 -7.11
CA ALA J 655 -4.44 -121.33 -7.29
C ALA J 655 -4.59 -122.36 -8.40
N MET J 656 -3.89 -122.17 -9.51
CA MET J 656 -3.92 -123.17 -10.58
C MET J 656 -3.33 -124.50 -10.10
N GLU J 657 -2.22 -124.43 -9.37
CA GLU J 657 -1.60 -125.64 -8.84
C GLU J 657 -2.56 -126.37 -7.88
N SER J 658 -3.21 -125.63 -6.98
CA SER J 658 -4.15 -126.22 -6.05
C SER J 658 -5.37 -126.77 -6.75
N GLN J 659 -5.82 -126.12 -7.83
CA GLN J 659 -6.94 -126.66 -8.61
C GLN J 659 -6.56 -128.00 -9.23
N ALA J 660 -5.36 -128.09 -9.80
CA ALA J 660 -4.92 -129.36 -10.37
C ALA J 660 -4.80 -130.43 -9.29
N ASN J 661 -4.23 -130.08 -8.13
CA ASN J 661 -4.08 -131.04 -7.04
C ASN J 661 -5.44 -131.51 -6.53
N THR J 662 -6.39 -130.60 -6.40
CA THR J 662 -7.71 -130.98 -5.91
C THR J 662 -8.47 -131.80 -6.95
N VAL J 663 -8.24 -131.56 -8.23
CA VAL J 663 -8.81 -132.42 -9.26
C VAL J 663 -8.23 -133.82 -9.15
N TYR J 664 -6.93 -133.92 -8.89
CA TYR J 664 -6.33 -135.23 -8.64
C TYR J 664 -6.97 -135.89 -7.43
N LYS J 665 -7.22 -135.13 -6.37
CA LYS J 665 -7.86 -135.69 -5.19
C LYS J 665 -9.29 -136.13 -5.51
N LEU J 666 -9.97 -135.40 -6.38
CA LEU J 666 -11.29 -135.82 -6.86
C LEU J 666 -11.20 -137.19 -7.53
N ALA J 667 -10.18 -137.37 -8.37
CA ALA J 667 -9.97 -138.67 -9.01
C ALA J 667 -9.66 -139.74 -7.98
N GLN J 668 -8.89 -139.39 -6.95
CA GLN J 668 -8.44 -140.36 -5.96
C GLN J 668 -9.56 -140.80 -5.01
N ALA J 669 -10.52 -139.92 -4.74
CA ALA J 669 -11.53 -140.21 -3.72
C ALA J 669 -12.52 -141.28 -4.17
N ARG J 670 -12.60 -141.57 -5.48
CA ARG J 670 -13.50 -142.63 -5.94
C ARG J 670 -13.04 -144.01 -5.49
N ASN J 671 -11.78 -144.15 -5.08
CA ASN J 671 -11.22 -145.43 -4.62
C ASN J 671 -11.39 -146.53 -5.67
N MET K 1 84.57 -13.35 -17.42
CA MET K 1 84.31 -14.41 -16.46
C MET K 1 84.09 -13.84 -15.05
N ALA K 2 84.67 -12.67 -14.79
CA ALA K 2 84.48 -11.93 -13.54
C ALA K 2 84.87 -12.78 -12.33
N GLU K 3 86.16 -13.12 -12.26
CA GLU K 3 86.66 -13.91 -11.14
C GLU K 3 86.59 -13.12 -9.84
N THR K 4 86.93 -11.83 -9.88
CA THR K 4 86.99 -11.01 -8.68
C THR K 4 85.58 -10.74 -8.15
N LEU K 5 85.50 -10.64 -6.82
CA LEU K 5 84.22 -10.36 -6.18
C LEU K 5 83.73 -8.95 -6.50
N GLU K 6 84.65 -7.99 -6.63
CA GLU K 6 84.27 -6.63 -6.95
C GLU K 6 83.60 -6.54 -8.32
N LYS K 7 84.13 -7.26 -9.31
CA LYS K 7 83.50 -7.30 -10.62
C LYS K 7 82.13 -7.95 -10.57
N LYS K 8 81.96 -9.02 -9.79
CA LYS K 8 80.65 -9.63 -9.61
C LYS K 8 79.64 -8.69 -8.97
N HIS K 9 80.04 -7.93 -7.95
CA HIS K 9 79.12 -7.09 -7.21
C HIS K 9 78.50 -5.98 -8.05
N GLU K 10 79.29 -5.35 -8.93
CA GLU K 10 78.73 -4.30 -9.79
C GLU K 10 77.71 -4.86 -10.77
N ARG K 11 77.88 -6.11 -11.20
CA ARG K 11 76.85 -6.75 -12.02
C ARG K 11 75.54 -6.87 -11.25
N ILE K 12 75.62 -7.26 -9.98
CA ILE K 12 74.41 -7.37 -9.17
C ILE K 12 73.76 -6.01 -8.98
N MET K 13 74.57 -4.97 -8.76
CA MET K 13 74.00 -3.62 -8.62
C MET K 13 73.30 -3.18 -9.91
N LEU K 14 73.92 -3.44 -11.05
CA LEU K 14 73.30 -3.10 -12.33
C LEU K 14 72.00 -3.85 -12.53
N ARG K 15 71.99 -5.14 -12.18
CA ARG K 15 70.76 -5.92 -12.31
C ARG K 15 69.67 -5.39 -11.38
N PHE K 16 70.04 -4.99 -10.17
CA PHE K 16 69.07 -4.43 -9.25
C PHE K 16 68.47 -3.15 -9.81
N ASP K 17 69.30 -2.26 -10.36
CA ASP K 17 68.78 -1.03 -10.96
C ASP K 17 67.86 -1.35 -12.14
N ARG K 18 68.25 -2.31 -12.97
CA ARG K 18 67.43 -2.66 -14.13
C ARG K 18 66.09 -3.23 -13.71
N ALA K 19 66.05 -4.05 -12.66
CA ALA K 19 64.79 -4.59 -12.19
C ALA K 19 63.94 -3.53 -11.49
N TYR K 20 64.58 -2.57 -10.83
CA TYR K 20 63.85 -1.55 -10.08
C TYR K 20 63.24 -0.49 -10.99
N SER K 21 63.89 -0.17 -12.10
CA SER K 21 63.44 0.97 -12.91
C SER K 21 62.01 0.83 -13.44
N PRO K 22 61.62 -0.25 -14.14
CA PRO K 22 60.29 -0.27 -14.76
C PRO K 22 59.15 -0.40 -13.76
N GLN K 23 59.28 -1.33 -12.82
CA GLN K 23 58.22 -1.59 -11.83
C GLN K 23 58.32 -0.64 -10.66
N LYS K 24 58.19 0.66 -10.94
CA LYS K 24 58.34 1.69 -9.92
C LYS K 24 57.00 2.29 -9.50
N GLU K 25 56.14 2.65 -10.45
CA GLU K 25 54.89 3.32 -10.13
C GLU K 25 53.83 2.37 -9.59
N VAL K 26 53.79 1.13 -10.08
CA VAL K 26 52.79 0.17 -9.62
C VAL K 26 52.96 -0.10 -8.13
N ARG K 27 54.20 -0.28 -7.68
CA ARG K 27 54.46 -0.49 -6.27
C ARG K 27 54.12 0.74 -5.45
N GLU K 28 54.33 1.94 -6.01
CA GLU K 28 53.89 3.14 -5.31
C GLU K 28 52.39 3.16 -5.12
N LYS K 29 51.64 2.77 -6.15
CA LYS K 29 50.19 2.73 -6.02
C LYS K 29 49.76 1.69 -4.98
N CYS K 30 50.41 0.52 -4.97
CA CYS K 30 50.05 -0.50 -3.99
C CYS K 30 50.33 -0.02 -2.56
N ILE K 31 51.49 0.60 -2.36
CA ILE K 31 51.83 1.11 -1.03
C ILE K 31 50.86 2.21 -0.61
N GLU K 32 50.50 3.09 -1.54
CA GLU K 32 49.54 4.14 -1.23
C GLU K 32 48.17 3.55 -0.88
N ALA K 33 47.76 2.49 -1.58
CA ALA K 33 46.48 1.87 -1.26
C ALA K 33 46.49 1.25 0.14
N THR K 34 47.56 0.53 0.47
CA THR K 34 47.64 -0.06 1.81
C THR K 34 47.65 1.01 2.88
N ARG K 35 48.44 2.07 2.67
CA ARG K 35 48.52 3.16 3.64
C ARG K 35 47.18 3.86 3.80
N PHE K 36 46.48 4.09 2.69
CA PHE K 36 45.15 4.70 2.73
C PHE K 36 44.16 3.83 3.49
N ALA K 37 44.22 2.51 3.28
CA ALA K 37 43.24 1.62 3.88
C ALA K 37 43.49 1.34 5.36
N ARG K 38 44.75 1.32 5.81
CA ARG K 38 45.06 0.84 7.15
C ARG K 38 45.64 1.88 8.09
N VAL K 39 46.51 2.75 7.63
CA VAL K 39 47.12 3.75 8.51
C VAL K 39 46.04 4.69 9.03
N PRO K 40 46.00 5.01 10.33
CA PRO K 40 44.89 5.81 10.87
C PRO K 40 44.75 7.18 10.22
N GLY K 41 45.86 7.84 9.90
CA GLY K 41 45.83 9.15 9.28
C GLY K 41 46.20 9.17 7.81
N GLY K 42 46.21 8.02 7.13
CA GLY K 42 46.69 7.96 5.77
C GLY K 42 45.77 8.49 4.71
N GLN K 43 44.53 8.82 5.06
CA GLN K 43 43.57 9.30 4.06
C GLN K 43 43.83 10.74 3.64
N TRP K 44 44.35 11.58 4.52
CA TRP K 44 44.69 12.96 4.19
C TRP K 44 46.16 13.12 3.86
N GLU K 45 46.89 12.02 3.67
CA GLU K 45 48.32 12.08 3.41
C GLU K 45 48.60 12.83 2.12
N GLY K 46 49.68 13.61 2.14
CA GLY K 46 50.03 14.49 1.04
C GLY K 46 49.62 15.93 1.24
N ALA K 47 48.70 16.19 2.17
CA ALA K 47 48.27 17.55 2.50
C ALA K 47 48.10 17.73 4.00
N THR K 48 48.94 17.06 4.80
CA THR K 48 48.77 17.08 6.25
C THR K 48 48.91 18.50 6.80
N ALA K 49 49.89 19.24 6.32
CA ALA K 49 50.17 20.60 6.81
C ALA K 49 49.68 21.60 5.76
N ALA K 50 48.51 22.18 6.00
CA ALA K 50 47.95 23.17 5.10
C ALA K 50 47.23 24.22 5.92
N GLY K 51 47.54 25.49 5.68
CA GLY K 51 46.91 26.56 6.43
C GLY K 51 47.23 27.91 5.82
N THR K 52 46.66 28.94 6.44
CA THR K 52 46.83 30.31 5.98
C THR K 52 47.30 31.17 7.15
N LYS K 53 47.69 32.41 6.83
CA LYS K 53 48.22 33.30 7.85
C LYS K 53 47.17 33.63 8.90
N LEU K 54 45.99 34.07 8.47
CA LEU K 54 44.86 34.32 9.35
C LEU K 54 45.26 35.28 10.49
N ASP K 55 45.67 36.48 10.08
CA ASP K 55 46.13 37.53 10.99
C ASP K 55 47.39 37.10 11.75
N GLU K 56 48.42 36.76 10.98
CA GLU K 56 49.75 36.46 11.51
C GLU K 56 49.75 35.24 12.44
N GLN K 57 49.24 34.12 11.91
CA GLN K 57 49.32 32.83 12.59
C GLN K 57 49.47 31.76 11.51
N PHE K 58 49.34 30.50 11.91
CA PHE K 58 49.31 29.41 10.93
C PHE K 58 48.29 28.35 11.35
N GLU K 59 47.10 28.78 11.76
CA GLU K 59 46.04 27.84 12.07
C GLU K 59 45.67 27.02 10.84
N LYS K 60 45.58 25.72 11.02
CA LYS K 60 45.46 24.77 9.92
C LYS K 60 43.99 24.47 9.63
N TYR K 61 43.74 23.95 8.42
CA TYR K 61 42.41 23.54 8.06
C TYR K 61 42.00 22.30 8.85
N PRO K 62 40.75 22.20 9.27
CA PRO K 62 40.28 20.96 9.91
C PRO K 62 40.16 19.85 8.88
N LYS K 63 40.67 18.67 9.21
CA LYS K 63 40.72 17.54 8.29
C LYS K 63 40.13 16.31 8.97
N PHE K 64 38.81 16.17 8.92
CA PHE K 64 38.14 15.01 9.46
C PHE K 64 38.19 13.86 8.46
N GLU K 65 38.08 12.64 8.98
CA GLU K 65 38.09 11.44 8.14
C GLU K 65 36.99 10.50 8.61
N ILE K 66 36.31 9.87 7.67
CA ILE K 66 35.29 8.86 7.96
C ILE K 66 35.60 7.69 7.05
N ASN K 67 36.24 6.66 7.59
CA ASN K 67 36.67 5.52 6.79
C ASN K 67 35.46 4.66 6.45
N LYS K 68 35.26 4.40 5.15
CA LYS K 68 34.15 3.58 4.69
C LYS K 68 34.55 2.55 3.64
N VAL K 69 35.83 2.47 3.28
CA VAL K 69 36.28 1.50 2.29
C VAL K 69 36.88 0.26 2.94
N ALA K 70 36.81 0.13 4.26
CA ALA K 70 37.38 -1.01 4.96
C ALA K 70 36.39 -2.12 5.23
N THR K 71 35.09 -1.84 5.17
CA THR K 71 34.08 -2.85 5.51
C THR K 71 34.10 -4.00 4.51
N GLU K 72 34.13 -3.70 3.22
CA GLU K 72 34.13 -4.75 2.21
C GLU K 72 35.45 -5.52 2.21
N LEU K 73 36.56 -4.82 2.46
CA LEU K 73 37.84 -5.51 2.57
C LEU K 73 37.84 -6.48 3.74
N ASN K 74 37.30 -6.06 4.89
CA ASN K 74 37.20 -6.95 6.03
C ASN K 74 36.26 -8.12 5.73
N ARG K 75 35.18 -7.86 4.99
CA ARG K 75 34.29 -8.94 4.58
C ARG K 75 35.03 -9.97 3.73
N ILE K 76 35.84 -9.52 2.77
CA ILE K 76 36.59 -10.43 1.93
C ILE K 76 37.59 -11.24 2.76
N ILE K 77 38.30 -10.56 3.67
CA ILE K 77 39.29 -11.23 4.49
C ILE K 77 38.64 -12.28 5.38
N ALA K 78 37.50 -11.94 6.01
CA ALA K 78 36.80 -12.90 6.84
C ALA K 78 36.26 -14.06 6.02
N GLU K 79 35.78 -13.78 4.80
CA GLU K 79 35.29 -14.84 3.94
C GLU K 79 36.40 -15.83 3.61
N TYR K 80 37.61 -15.32 3.35
CA TYR K 80 38.73 -16.22 3.12
C TYR K 80 39.09 -17.01 4.38
N ARG K 81 39.26 -16.32 5.51
CA ARG K 81 39.71 -16.98 6.73
C ARG K 81 38.68 -17.97 7.27
N ASN K 82 37.41 -17.84 6.88
CA ASN K 82 36.42 -18.81 7.30
C ASN K 82 36.65 -20.17 6.66
N ASN K 83 37.10 -20.19 5.40
CA ASN K 83 37.35 -21.43 4.66
C ASN K 83 38.76 -21.37 4.11
N ARG K 84 39.74 -21.79 4.90
CA ARG K 84 41.12 -21.81 4.46
C ARG K 84 41.37 -22.99 3.54
N ILE K 85 42.36 -22.84 2.66
CA ILE K 85 42.69 -23.86 1.68
C ILE K 85 44.18 -24.14 1.73
N THR K 86 44.57 -25.28 1.16
CA THR K 86 45.96 -25.71 1.14
C THR K 86 46.17 -26.59 -0.08
N VAL K 87 47.33 -27.24 -0.14
CA VAL K 87 47.73 -28.06 -1.28
C VAL K 87 47.35 -29.50 -1.02
N LYS K 88 46.69 -30.12 -2.00
CA LYS K 88 46.31 -31.53 -1.94
C LYS K 88 46.88 -32.26 -3.14
N PHE K 89 47.33 -33.48 -2.92
CA PHE K 89 47.95 -34.30 -3.96
C PHE K 89 46.96 -35.35 -4.45
N ARG K 90 46.74 -35.38 -5.76
CA ARG K 90 45.79 -36.31 -6.34
C ARG K 90 46.53 -37.51 -6.94
N PRO K 91 46.05 -38.72 -6.68
CA PRO K 91 46.70 -39.92 -7.23
C PRO K 91 46.39 -40.07 -8.72
N GLY K 92 47.10 -41.01 -9.33
CA GLY K 92 46.95 -41.31 -10.74
C GLY K 92 46.52 -42.73 -11.00
N ASP K 93 46.76 -43.17 -12.24
CA ASP K 93 46.39 -44.51 -12.67
C ASP K 93 47.58 -45.46 -12.56
N ARG K 94 47.90 -45.81 -11.32
CA ARG K 94 48.96 -46.76 -11.03
C ARG K 94 48.55 -47.62 -9.85
N GLU K 95 49.29 -48.72 -9.67
CA GLU K 95 48.95 -49.69 -8.63
C GLU K 95 49.32 -49.18 -7.24
N ALA K 96 50.22 -48.21 -7.14
CA ALA K 96 50.72 -47.76 -5.84
C ALA K 96 50.71 -46.23 -5.71
N SER K 97 49.84 -45.54 -6.45
CA SER K 97 49.80 -44.09 -6.35
C SER K 97 49.12 -43.63 -5.06
N GLU K 98 48.21 -44.43 -4.52
CA GLU K 98 47.48 -44.02 -3.32
C GLU K 98 48.42 -43.83 -2.14
N GLU K 99 49.30 -44.80 -1.90
CA GLU K 99 50.24 -44.69 -0.78
C GLU K 99 51.21 -43.55 -1.00
N LEU K 100 51.67 -43.36 -2.23
CA LEU K 100 52.60 -42.28 -2.54
C LEU K 100 51.96 -40.92 -2.23
N ALA K 101 50.71 -40.73 -2.69
CA ALA K 101 50.03 -39.47 -2.43
C ALA K 101 49.77 -39.27 -0.94
N ASN K 102 49.40 -40.34 -0.24
CA ASN K 102 49.18 -40.24 1.20
C ASN K 102 50.46 -39.82 1.92
N LYS K 103 51.58 -40.44 1.57
CA LYS K 103 52.84 -40.06 2.19
C LYS K 103 53.19 -38.61 1.88
N LEU K 104 52.99 -38.18 0.64
CA LEU K 104 53.36 -36.82 0.25
C LEU K 104 52.51 -35.79 0.99
N ASN K 105 51.20 -35.98 1.02
CA ASN K 105 50.36 -34.99 1.67
C ASN K 105 50.28 -35.16 3.18
N GLY K 106 50.91 -36.21 3.73
CA GLY K 106 51.14 -36.26 5.16
C GLY K 106 52.38 -35.47 5.52
N LEU K 107 53.45 -35.64 4.73
CA LEU K 107 54.66 -34.87 4.94
C LEU K 107 54.41 -33.39 4.79
N PHE K 108 53.67 -33.00 3.75
CA PHE K 108 53.37 -31.58 3.54
C PHE K 108 52.54 -31.02 4.69
N ARG K 109 51.56 -31.78 5.17
CA ARG K 109 50.76 -31.34 6.30
C ARG K 109 51.61 -31.16 7.55
N ALA K 110 52.53 -32.10 7.79
CA ALA K 110 53.41 -31.98 8.95
C ALA K 110 54.28 -30.72 8.84
N ASP K 111 54.84 -30.48 7.65
CA ASP K 111 55.67 -29.29 7.46
C ASP K 111 54.85 -28.02 7.65
N TYR K 112 53.62 -28.00 7.13
CA TYR K 112 52.77 -26.82 7.25
C TYR K 112 52.41 -26.55 8.71
N GLU K 113 52.12 -27.60 9.48
CA GLU K 113 51.73 -27.40 10.87
C GLU K 113 52.92 -27.06 11.75
N GLU K 114 54.09 -27.61 11.46
CA GLU K 114 55.28 -27.44 12.29
C GLU K 114 56.01 -26.12 12.00
N THR K 115 55.52 -25.34 11.06
CA THR K 115 56.20 -24.10 10.67
C THR K 115 55.12 -23.03 10.54
N ASP K 116 55.48 -21.86 10.02
CA ASP K 116 54.60 -20.70 9.97
C ASP K 116 53.87 -20.57 8.65
N GLY K 117 53.48 -21.71 8.05
CA GLY K 117 52.80 -21.66 6.77
C GLY K 117 51.46 -20.96 6.86
N GLY K 118 50.72 -21.18 7.95
CA GLY K 118 49.43 -20.52 8.11
C GLY K 118 49.55 -19.01 8.15
N GLU K 119 50.50 -18.51 8.95
CA GLU K 119 50.74 -17.08 9.00
C GLU K 119 51.21 -16.55 7.66
N ALA K 120 52.07 -17.31 6.96
CA ALA K 120 52.54 -16.89 5.65
C ALA K 120 51.38 -16.72 4.68
N CYS K 121 50.52 -17.73 4.60
CA CYS K 121 49.39 -17.66 3.68
C CYS K 121 48.43 -16.52 4.06
N ASP K 122 48.18 -16.36 5.35
CA ASP K 122 47.27 -15.31 5.79
C ASP K 122 47.81 -13.93 5.43
N ASN K 123 49.10 -13.69 5.71
CA ASN K 123 49.70 -12.40 5.37
C ASN K 123 49.71 -12.18 3.87
N ALA K 124 50.04 -13.21 3.10
CA ALA K 124 50.07 -13.07 1.65
C ALA K 124 48.70 -12.70 1.11
N PHE K 125 47.65 -13.38 1.57
CA PHE K 125 46.31 -13.07 1.09
C PHE K 125 45.86 -11.69 1.54
N ASP K 126 46.20 -11.30 2.78
CA ASP K 126 45.82 -9.98 3.27
C ASP K 126 46.45 -8.89 2.40
N ASP K 127 47.76 -9.01 2.13
CA ASP K 127 48.43 -8.01 1.30
C ASP K 127 47.90 -8.04 -0.13
N ALA K 128 47.62 -9.22 -0.67
CA ALA K 128 47.11 -9.33 -2.03
C ALA K 128 45.75 -8.65 -2.16
N ALA K 129 44.87 -8.84 -1.18
CA ALA K 129 43.56 -8.23 -1.24
C ALA K 129 43.59 -6.74 -0.94
N THR K 130 44.54 -6.28 -0.11
CA THR K 130 44.59 -4.87 0.24
C THR K 130 45.30 -4.05 -0.83
N GLY K 131 46.57 -4.34 -1.09
CA GLY K 131 47.33 -3.57 -2.04
C GLY K 131 47.31 -4.12 -3.45
N GLY K 132 47.47 -5.44 -3.57
CA GLY K 132 47.46 -6.07 -4.87
C GLY K 132 48.64 -6.99 -5.11
N PHE K 133 49.63 -6.94 -4.23
CA PHE K 133 50.81 -7.77 -4.36
C PHE K 133 51.12 -8.42 -3.02
N GLY K 134 51.42 -9.72 -3.06
CA GLY K 134 51.80 -10.46 -1.87
C GLY K 134 52.72 -11.60 -2.24
N CYS K 135 53.45 -12.09 -1.25
CA CYS K 135 54.41 -13.15 -1.50
C CYS K 135 54.73 -13.87 -0.19
N PHE K 136 55.23 -15.10 -0.34
CA PHE K 136 55.83 -15.84 0.77
C PHE K 136 56.96 -16.69 0.21
N ARG K 137 57.71 -17.33 1.10
CA ARG K 137 58.99 -17.94 0.76
C ARG K 137 59.03 -19.39 1.21
N LEU K 138 59.90 -20.16 0.56
CA LEU K 138 60.07 -21.59 0.83
C LEU K 138 61.55 -21.86 1.02
N THR K 139 61.98 -22.00 2.27
CA THR K 139 63.38 -22.22 2.58
C THR K 139 63.53 -23.50 3.40
N SER K 140 64.73 -24.05 3.42
CA SER K 140 65.04 -25.27 4.16
C SER K 140 66.05 -24.95 5.25
N MET K 141 65.71 -25.30 6.49
CA MET K 141 66.55 -25.02 7.64
C MET K 141 67.02 -26.33 8.26
N LEU K 142 68.16 -26.26 8.95
CA LEU K 142 68.81 -27.44 9.52
C LEU K 142 68.25 -27.69 10.92
N VAL K 143 67.43 -28.72 11.04
CA VAL K 143 66.88 -29.12 12.33
C VAL K 143 67.00 -30.63 12.50
N ARG K 152 68.04 -34.59 9.44
CA ARG K 152 68.49 -33.35 10.07
C ARG K 152 68.13 -32.14 9.22
N GLN K 153 67.62 -32.40 8.02
CA GLN K 153 67.20 -31.35 7.10
C GLN K 153 65.68 -31.38 6.95
N ARG K 154 65.08 -30.19 6.89
CA ARG K 154 63.64 -30.07 6.77
C ARG K 154 63.30 -28.82 5.96
N ILE K 155 62.16 -28.86 5.30
CA ILE K 155 61.67 -27.75 4.49
C ILE K 155 60.72 -26.92 5.33
N ALA K 156 60.90 -25.60 5.31
CA ALA K 156 60.12 -24.68 6.11
C ALA K 156 59.42 -23.68 5.21
N ILE K 157 58.44 -22.97 5.78
CA ILE K 157 57.70 -21.93 5.09
C ILE K 157 57.74 -20.68 5.93
N GLU K 158 58.17 -19.57 5.33
CA GLU K 158 58.25 -18.30 6.03
C GLU K 158 57.51 -17.22 5.25
N PRO K 159 56.97 -16.24 5.94
CA PRO K 159 56.32 -15.11 5.25
C PRO K 159 57.32 -14.02 4.90
N ILE K 160 56.93 -13.20 3.93
CA ILE K 160 57.70 -12.05 3.50
C ILE K 160 56.88 -10.80 3.76
N TYR K 161 57.41 -9.90 4.58
CA TYR K 161 56.72 -8.67 4.94
C TYR K 161 57.15 -7.54 4.01
N ASP K 162 56.23 -6.63 3.73
CA ASP K 162 56.42 -5.53 2.80
C ASP K 162 56.81 -6.05 1.42
N PRO K 163 56.00 -6.91 0.81
CA PRO K 163 56.38 -7.45 -0.50
C PRO K 163 56.52 -6.39 -1.58
N SER K 164 55.69 -5.34 -1.54
CA SER K 164 55.70 -4.31 -2.57
C SER K 164 57.04 -3.60 -2.66
N ARG K 165 57.78 -3.49 -1.56
CA ARG K 165 59.11 -2.90 -1.56
C ARG K 165 60.20 -3.96 -1.52
N SER K 166 59.84 -5.22 -1.27
CA SER K 166 60.87 -6.22 -1.00
C SER K 166 61.14 -7.14 -2.17
N VAL K 167 60.09 -7.67 -2.82
CA VAL K 167 60.36 -8.70 -3.86
C VAL K 167 60.53 -8.04 -5.23
N TRP K 168 61.72 -8.13 -5.81
CA TRP K 168 61.90 -7.64 -7.21
C TRP K 168 62.37 -8.82 -8.06
N PHE K 169 61.62 -9.21 -9.09
CA PHE K 169 61.95 -10.39 -9.92
C PHE K 169 62.68 -9.94 -11.18
N ASP K 170 63.24 -10.88 -11.95
CA ASP K 170 63.90 -10.52 -13.23
C ASP K 170 62.87 -9.89 -14.16
N PRO K 171 63.18 -8.80 -14.88
CA PRO K 171 62.19 -8.13 -15.71
C PRO K 171 61.63 -9.01 -16.81
N ASP K 172 62.46 -9.87 -17.43
CA ASP K 172 62.01 -10.65 -18.60
C ASP K 172 60.85 -11.58 -18.28
N ALA K 173 60.80 -12.17 -17.08
CA ALA K 173 59.72 -13.15 -16.78
C ALA K 173 58.36 -12.48 -16.93
N LYS K 174 57.44 -13.11 -17.65
CA LYS K 174 56.14 -12.44 -17.91
C LYS K 174 54.98 -13.30 -17.41
N LYS K 175 55.25 -14.46 -16.84
CA LYS K 175 54.14 -15.36 -16.44
C LYS K 175 53.67 -14.99 -15.04
N TYR K 176 52.48 -15.45 -14.65
CA TYR K 176 51.94 -15.17 -13.29
C TYR K 176 52.88 -15.82 -12.26
N ASP K 177 53.32 -17.05 -12.53
CA ASP K 177 54.19 -17.80 -11.58
C ASP K 177 55.62 -17.26 -11.58
N LYS K 178 55.99 -16.46 -12.57
CA LYS K 178 57.37 -15.94 -12.73
C LYS K 178 58.34 -17.11 -12.90
N SER K 179 57.89 -18.15 -13.60
CA SER K 179 58.74 -19.35 -13.78
C SER K 179 59.99 -18.98 -14.55
N ASP K 180 59.86 -18.18 -15.60
CA ASP K 180 61.03 -17.89 -16.47
C ASP K 180 61.84 -16.70 -15.94
N ALA K 181 62.40 -16.80 -14.74
CA ALA K 181 63.26 -15.72 -14.22
C ALA K 181 64.63 -16.29 -13.89
N LEU K 182 65.68 -15.65 -14.38
CA LEU K 182 67.05 -16.13 -14.14
C LEU K 182 67.61 -15.47 -12.88
N TRP K 183 66.91 -14.49 -12.31
CA TRP K 183 67.36 -13.89 -11.03
C TRP K 183 66.22 -13.22 -10.28
N ALA K 184 66.36 -13.01 -8.98
CA ALA K 184 65.34 -12.31 -8.18
C ALA K 184 65.98 -11.75 -6.91
N PHE K 185 65.36 -10.78 -6.25
CA PHE K 185 65.94 -10.15 -5.05
C PHE K 185 64.90 -10.13 -3.92
N CYS K 186 65.30 -10.34 -2.68
CA CYS K 186 64.35 -10.25 -1.53
C CYS K 186 65.00 -9.46 -0.40
N MET K 187 64.79 -8.15 -0.38
CA MET K 187 65.42 -7.27 0.63
C MET K 187 64.75 -7.42 1.99
N TYR K 188 65.50 -7.24 3.08
CA TYR K 188 64.94 -7.29 4.46
C TYR K 188 65.57 -6.15 5.26
N SER K 189 64.94 -5.76 6.38
CA SER K 189 65.45 -4.65 7.21
C SER K 189 66.05 -5.22 8.49
N LEU K 190 67.29 -4.85 8.82
CA LEU K 190 67.97 -5.41 10.02
C LEU K 190 68.41 -4.25 10.93
N SER K 191 68.18 -4.35 12.24
CA SER K 191 68.62 -3.29 13.18
C SER K 191 70.13 -3.22 13.20
N PRO K 192 70.76 -2.09 13.58
CA PRO K 192 72.21 -1.98 13.52
C PRO K 192 72.89 -3.01 14.42
N GLU K 193 72.35 -3.26 15.60
CA GLU K 193 72.98 -4.19 16.56
C GLU K 193 72.99 -5.60 15.97
N LYS K 194 71.89 -5.98 15.31
CA LYS K 194 71.77 -7.33 14.71
C LYS K 194 72.83 -7.50 13.64
N TYR K 195 73.06 -6.46 12.83
CA TYR K 195 74.02 -6.56 11.71
C TYR K 195 75.40 -6.87 12.26
N GLU K 196 75.81 -6.21 13.36
CA GLU K 196 77.13 -6.48 13.98
C GLU K 196 77.16 -7.88 14.60
N ALA K 197 76.08 -8.28 15.26
CA ALA K 197 76.08 -9.58 15.98
C ALA K 197 76.24 -10.76 15.02
N GLU K 198 75.48 -10.77 13.92
CA GLU K 198 75.55 -11.88 12.94
C GLU K 198 76.15 -11.29 11.67
N TYR K 199 76.24 -12.05 10.57
CA TYR K 199 76.72 -11.45 9.30
C TYR K 199 78.09 -10.83 9.56
N GLY K 200 78.24 -9.57 9.17
CA GLY K 200 79.51 -8.87 9.43
C GLY K 200 79.64 -8.53 10.90
N LYS K 201 80.84 -8.30 11.38
CA LYS K 201 80.96 -7.84 12.78
C LYS K 201 81.21 -6.33 12.79
N LYS K 202 82.40 -5.89 13.20
CA LYS K 202 82.71 -4.45 13.36
C LYS K 202 82.72 -3.61 12.07
N PRO K 203 83.07 -4.11 10.85
CA PRO K 203 83.23 -3.23 9.68
C PRO K 203 82.00 -2.34 9.55
N PRO K 204 82.15 -1.03 9.24
CA PRO K 204 80.99 -0.15 9.23
C PRO K 204 80.05 -0.85 8.26
N THR K 205 78.84 -1.14 8.72
CA THR K 205 77.94 -1.94 7.87
C THR K 205 76.85 -1.04 7.30
N SER K 206 76.98 0.27 7.48
CA SER K 206 75.86 1.13 7.04
C SER K 206 75.95 1.35 5.53
N LEU K 207 75.57 0.33 4.75
CA LEU K 207 75.52 0.49 3.28
C LEU K 207 74.16 -0.03 2.84
N ASP K 208 73.09 0.74 3.06
CA ASP K 208 71.72 0.27 2.73
C ASP K 208 71.71 0.01 1.23
N VAL K 209 71.03 -1.05 0.78
CA VAL K 209 71.16 -1.40 -0.67
C VAL K 209 70.21 -0.51 -1.46
N THR K 210 70.75 0.51 -2.13
CA THR K 210 69.92 1.35 -3.02
C THR K 210 68.68 1.77 -2.24
N SER K 211 68.85 2.22 -0.98
CA SER K 211 67.69 2.76 -0.23
C SER K 211 66.79 3.43 -1.27
N MET K 212 65.69 2.79 -1.64
CA MET K 212 64.87 3.29 -2.78
C MET K 212 64.44 4.75 -2.59
N THR K 213 64.09 5.18 -1.38
CA THR K 213 63.55 6.54 -1.18
C THR K 213 62.40 6.75 -2.15
N SER K 214 61.46 5.81 -2.20
CA SER K 214 60.30 5.89 -3.13
C SER K 214 59.15 6.68 -2.51
N TRP K 215 59.21 8.01 -2.55
CA TRP K 215 58.11 8.88 -2.02
C TRP K 215 57.63 8.42 -0.64
N GLU K 216 58.53 8.35 0.34
CA GLU K 216 58.12 8.00 1.73
C GLU K 216 57.42 9.19 2.39
N TYR K 217 56.14 9.05 2.75
CA TYR K 217 55.45 10.14 3.49
C TYR K 217 55.18 9.56 4.88
N ASN K 218 55.82 10.07 5.94
CA ASN K 218 55.50 9.57 7.30
C ASN K 218 55.98 10.55 8.37
N TRP K 219 55.50 10.41 9.61
CA TRP K 219 55.95 11.29 10.72
C TRP K 219 56.71 10.43 11.74
N PHE K 220 57.94 10.82 12.11
CA PHE K 220 58.82 10.04 13.03
C PHE K 220 59.54 8.92 12.26
N GLY K 221 60.48 8.20 12.89
CA GLY K 221 61.25 7.23 12.09
C GLY K 221 61.92 6.07 12.82
N ALA K 222 62.36 5.06 12.05
CA ALA K 222 63.05 3.88 12.60
C ALA K 222 64.53 3.91 12.17
N ASP K 223 65.40 3.18 12.85
CA ASP K 223 66.87 3.26 12.57
C ASP K 223 67.40 2.01 11.87
N VAL K 224 66.57 1.27 11.15
CA VAL K 224 66.97 -0.03 10.55
C VAL K 224 67.96 0.10 9.38
N ILE K 225 68.71 -0.98 9.09
CA ILE K 225 69.65 -1.03 7.93
C ILE K 225 69.11 -2.07 6.93
N TYR K 226 69.05 -1.76 5.64
CA TYR K 226 68.43 -2.69 4.67
C TYR K 226 69.50 -3.54 3.98
N ILE K 227 69.32 -4.86 3.99
CA ILE K 227 70.26 -5.79 3.30
C ILE K 227 69.37 -6.68 2.45
N ALA K 228 69.92 -7.45 1.52
CA ALA K 228 69.05 -8.21 0.59
C ALA K 228 69.56 -9.62 0.33
N LYS K 229 68.71 -10.47 -0.25
CA LYS K 229 69.16 -11.81 -0.69
C LYS K 229 69.11 -11.82 -2.21
N TYR K 230 69.95 -12.61 -2.88
CA TYR K 230 70.03 -12.62 -4.33
C TYR K 230 69.97 -14.05 -4.84
N TYR K 231 68.93 -14.36 -5.59
CA TYR K 231 68.69 -15.71 -6.10
C TYR K 231 69.04 -15.79 -7.58
N GLU K 232 69.80 -16.80 -7.96
CA GLU K 232 70.20 -17.01 -9.34
C GLU K 232 70.04 -18.48 -9.74
N VAL K 233 69.91 -18.70 -11.04
CA VAL K 233 69.84 -20.04 -11.62
C VAL K 233 70.95 -20.16 -12.66
N ARG K 234 71.68 -21.27 -12.62
CA ARG K 234 72.78 -21.50 -13.55
C ARG K 234 72.72 -22.93 -14.08
N LYS K 235 73.19 -23.10 -15.30
CA LYS K 235 73.32 -24.40 -15.94
C LYS K 235 74.75 -24.88 -15.74
N GLU K 236 74.91 -26.00 -15.04
CA GLU K 236 76.22 -26.53 -14.71
C GLU K 236 76.36 -27.96 -15.22
N SER K 237 77.58 -28.32 -15.58
CA SER K 237 77.91 -29.66 -16.02
C SER K 237 78.36 -30.48 -14.83
N VAL K 238 77.61 -31.53 -14.51
CA VAL K 238 77.92 -32.42 -13.40
C VAL K 238 77.94 -33.85 -13.91
N ASP K 239 78.88 -34.64 -13.40
CA ASP K 239 79.04 -36.03 -13.81
C ASP K 239 78.40 -36.93 -12.77
N VAL K 240 77.50 -37.81 -13.23
CA VAL K 240 76.74 -38.69 -12.36
C VAL K 240 77.36 -40.08 -12.42
N ILE K 241 77.23 -40.83 -11.32
CA ILE K 241 77.75 -42.18 -11.21
C ILE K 241 76.57 -43.14 -11.15
N SER K 242 76.62 -44.18 -11.97
CA SER K 242 75.53 -45.15 -12.06
C SER K 242 75.95 -46.41 -11.30
N TYR K 243 75.40 -46.59 -10.11
CA TYR K 243 75.67 -47.78 -9.30
C TYR K 243 74.76 -48.91 -9.78
N ARG K 244 75.32 -50.09 -9.97
CA ARG K 244 74.58 -51.23 -10.52
C ARG K 244 74.78 -52.49 -9.69
N HIS K 245 74.63 -52.38 -8.38
CA HIS K 245 74.68 -53.55 -7.52
C HIS K 245 73.41 -54.38 -7.69
N PRO K 246 73.51 -55.68 -7.96
CA PRO K 246 72.29 -56.47 -8.21
C PRO K 246 71.37 -56.58 -7.00
N ILE K 247 71.88 -56.39 -5.78
CA ILE K 247 71.09 -56.64 -4.58
C ILE K 247 70.05 -55.53 -4.41
N THR K 248 68.79 -55.94 -4.22
CA THR K 248 67.67 -55.03 -3.97
C THR K 248 67.62 -53.92 -5.03
N GLY K 249 67.39 -54.35 -6.27
CA GLY K 249 67.36 -53.41 -7.38
C GLY K 249 68.75 -53.11 -7.90
N GLU K 250 68.88 -52.86 -9.19
CA GLU K 250 70.19 -52.73 -9.83
C GLU K 250 70.46 -51.34 -10.39
N ILE K 251 69.52 -50.75 -11.13
CA ILE K 251 69.78 -49.47 -11.79
C ILE K 251 69.56 -48.35 -10.78
N ALA K 252 70.59 -47.50 -10.61
CA ALA K 252 70.51 -46.37 -9.68
C ALA K 252 71.50 -45.31 -10.13
N THR K 253 70.99 -44.17 -10.59
CA THR K 253 71.83 -43.08 -11.07
C THR K 253 72.01 -42.04 -9.96
N TYR K 254 73.25 -41.77 -9.60
CA TYR K 254 73.59 -40.84 -8.54
C TYR K 254 74.65 -39.87 -9.02
N ASP K 255 74.57 -38.63 -8.54
CA ASP K 255 75.51 -37.61 -8.97
C ASP K 255 76.76 -37.59 -8.08
N SER K 256 77.68 -36.67 -8.40
CA SER K 256 78.98 -36.64 -7.75
C SER K 256 78.97 -35.92 -6.41
N ASP K 257 77.84 -35.34 -6.00
CA ASP K 257 77.78 -34.68 -4.71
C ASP K 257 78.04 -35.65 -3.57
N GLN K 258 77.51 -36.85 -3.67
CA GLN K 258 77.78 -37.92 -2.71
C GLN K 258 78.79 -38.89 -3.31
N VAL K 259 79.73 -39.33 -2.49
CA VAL K 259 80.85 -40.17 -2.91
C VAL K 259 80.94 -41.34 -1.94
N GLU K 260 81.63 -42.40 -2.36
CA GLU K 260 81.81 -43.56 -1.48
C GLU K 260 82.50 -43.18 -0.18
N ASP K 261 83.26 -42.09 -0.18
CA ASP K 261 83.86 -41.55 1.04
C ASP K 261 82.95 -40.58 1.77
N ILE K 262 82.23 -39.72 1.04
CA ILE K 262 81.35 -38.75 1.69
C ILE K 262 80.23 -39.47 2.44
N GLU K 263 79.59 -40.42 1.79
CA GLU K 263 78.59 -41.27 2.40
C GLU K 263 79.19 -42.66 2.64
N ASP K 264 79.05 -43.16 3.86
CA ASP K 264 79.72 -44.39 4.28
C ASP K 264 79.07 -45.61 3.62
N GLU K 265 79.24 -45.69 2.31
CA GLU K 265 78.77 -46.84 1.54
C GLU K 265 79.80 -47.95 1.51
N LEU K 266 81.05 -47.60 1.17
CA LEU K 266 82.20 -48.51 1.23
C LEU K 266 81.98 -49.77 0.39
N ALA K 267 81.19 -49.65 -0.67
CA ALA K 267 80.89 -50.74 -1.60
C ALA K 267 80.34 -51.98 -0.90
N ILE K 268 79.78 -51.82 0.31
CA ILE K 268 79.17 -52.96 0.99
C ILE K 268 77.96 -53.46 0.19
N ALA K 269 77.13 -52.53 -0.29
CA ALA K 269 75.96 -52.86 -1.10
C ALA K 269 75.93 -51.98 -2.34
N GLY K 270 77.06 -51.87 -3.04
CA GLY K 270 77.13 -51.05 -4.23
C GLY K 270 78.25 -51.44 -5.18
N PHE K 271 78.00 -51.26 -6.48
CA PHE K 271 79.00 -51.50 -7.52
C PHE K 271 79.18 -50.21 -8.31
N HIS K 272 80.44 -49.84 -8.56
CA HIS K 272 80.73 -48.55 -9.19
C HIS K 272 80.18 -48.49 -10.61
N GLU K 273 80.44 -49.53 -11.41
CA GLU K 273 79.94 -49.65 -12.78
C GLU K 273 80.40 -48.45 -13.59
N VAL K 274 79.50 -47.64 -14.14
CA VAL K 274 79.85 -46.54 -15.04
C VAL K 274 79.79 -45.23 -14.28
N ALA K 275 80.85 -44.41 -14.41
CA ALA K 275 80.93 -43.14 -13.70
C ALA K 275 81.44 -42.03 -14.60
N ARG K 276 80.99 -41.97 -15.85
CA ARG K 276 81.49 -40.98 -16.80
C ARG K 276 80.42 -40.13 -17.47
N ARG K 277 79.16 -40.56 -17.45
CA ARG K 277 78.12 -39.81 -18.16
C ARG K 277 77.85 -38.49 -17.44
N SER K 278 78.30 -37.40 -18.03
CA SER K 278 78.12 -36.06 -17.48
C SER K 278 77.11 -35.30 -18.31
N VAL K 279 76.12 -34.71 -17.64
CA VAL K 279 75.03 -34.01 -18.32
C VAL K 279 74.81 -32.66 -17.62
N LYS K 280 74.31 -31.69 -18.38
CA LYS K 280 74.00 -30.38 -17.84
C LYS K 280 72.75 -30.47 -16.96
N ARG K 281 72.74 -29.66 -15.89
CA ARG K 281 71.62 -29.63 -14.97
C ARG K 281 71.31 -28.18 -14.59
N ARG K 282 70.07 -27.96 -14.17
CA ARG K 282 69.60 -26.65 -13.73
C ARG K 282 69.70 -26.59 -12.21
N ARG K 283 70.47 -25.64 -11.70
CA ARG K 283 70.72 -25.51 -10.27
C ARG K 283 70.51 -24.06 -9.85
N VAL K 284 70.23 -23.86 -8.55
CA VAL K 284 69.89 -22.55 -8.02
C VAL K 284 70.88 -22.19 -6.92
N TYR K 285 71.43 -20.98 -7.01
CA TYR K 285 72.35 -20.44 -6.02
C TYR K 285 71.75 -19.23 -5.35
N VAL K 286 72.15 -19.00 -4.10
CA VAL K 286 71.67 -17.88 -3.31
C VAL K 286 72.88 -17.17 -2.72
N SER K 287 72.73 -15.86 -2.51
CA SER K 287 73.80 -15.03 -1.96
C SER K 287 73.16 -13.87 -1.21
N VAL K 288 73.97 -13.24 -0.35
CA VAL K 288 73.55 -12.08 0.42
C VAL K 288 74.46 -10.92 0.06
N VAL K 289 73.86 -9.78 -0.31
CA VAL K 289 74.59 -8.62 -0.77
C VAL K 289 74.11 -7.39 0.00
N ASP K 290 74.91 -6.33 -0.07
CA ASP K 290 74.57 -5.05 0.50
C ASP K 290 75.22 -3.96 -0.34
N GLY K 291 75.29 -2.75 0.19
CA GLY K 291 75.73 -1.60 -0.58
C GLY K 291 77.18 -1.60 -1.01
N ASP K 292 78.06 -2.37 -0.35
CA ASP K 292 79.48 -2.36 -0.66
C ASP K 292 80.00 -3.70 -1.16
N GLY K 293 79.70 -4.80 -0.48
CA GLY K 293 80.28 -6.08 -0.86
C GLY K 293 79.40 -7.30 -0.59
N PHE K 294 80.03 -8.44 -0.32
CA PHE K 294 79.33 -9.68 -0.08
C PHE K 294 79.38 -10.02 1.40
N LEU K 295 78.20 -10.24 1.99
CA LEU K 295 78.14 -10.67 3.38
C LEU K 295 78.24 -12.19 3.51
N GLU K 296 77.70 -12.92 2.54
CA GLU K 296 77.89 -14.37 2.46
C GLU K 296 78.24 -14.75 1.04
N LYS K 297 79.17 -15.68 0.89
CA LYS K 297 79.52 -16.19 -0.42
C LYS K 297 78.37 -17.01 -1.00
N PRO K 298 78.19 -16.99 -2.31
CA PRO K 298 77.08 -17.74 -2.92
C PRO K 298 77.16 -19.23 -2.61
N ARG K 299 76.01 -19.83 -2.36
CA ARG K 299 75.91 -21.26 -2.11
C ARG K 299 74.65 -21.80 -2.76
N ARG K 300 74.72 -23.04 -3.23
CA ARG K 300 73.61 -23.66 -3.92
C ARG K 300 72.57 -24.17 -2.94
N ILE K 301 71.30 -24.00 -3.28
CA ILE K 301 70.20 -24.48 -2.44
C ILE K 301 69.63 -25.74 -3.05
N PRO K 302 69.01 -26.64 -2.28
CA PRO K 302 68.53 -27.89 -2.85
C PRO K 302 67.22 -27.75 -3.59
N GLY K 303 67.27 -27.32 -4.84
CA GLY K 303 66.06 -27.18 -5.62
C GLY K 303 66.37 -26.86 -7.06
N GLU K 304 65.30 -26.62 -7.83
CA GLU K 304 65.41 -26.27 -9.23
C GLU K 304 64.75 -24.96 -9.61
N HIS K 305 63.77 -24.50 -8.84
CA HIS K 305 63.05 -23.26 -9.12
C HIS K 305 63.39 -22.21 -8.07
N ILE K 306 63.14 -20.95 -8.42
CA ILE K 306 63.26 -19.87 -7.45
C ILE K 306 62.20 -20.05 -6.36
N PRO K 307 62.56 -20.01 -5.09
CA PRO K 307 61.60 -20.37 -4.03
C PRO K 307 60.64 -19.25 -3.67
N LEU K 308 60.53 -18.22 -4.50
CA LEU K 308 59.59 -17.13 -4.27
C LEU K 308 58.26 -17.45 -4.94
N ILE K 309 57.18 -17.33 -4.18
CA ILE K 309 55.84 -17.63 -4.65
C ILE K 309 55.01 -16.36 -4.57
N PRO K 310 54.76 -15.69 -5.69
CA PRO K 310 53.98 -14.45 -5.67
C PRO K 310 52.48 -14.70 -5.70
N VAL K 311 51.74 -13.81 -5.04
CA VAL K 311 50.28 -13.86 -5.01
C VAL K 311 49.76 -12.50 -5.42
N TYR K 312 48.83 -12.47 -6.38
CA TYR K 312 48.28 -11.25 -6.91
C TYR K 312 46.77 -11.21 -6.68
N GLY K 313 46.26 -10.01 -6.43
CA GLY K 313 44.83 -9.82 -6.32
C GLY K 313 44.18 -9.81 -7.69
N LYS K 314 44.51 -8.81 -8.49
CA LYS K 314 44.17 -8.79 -9.91
C LYS K 314 45.39 -8.38 -10.69
N ARG K 315 45.73 -9.15 -11.72
CA ARG K 315 46.96 -8.91 -12.48
C ARG K 315 46.65 -8.93 -13.98
N TRP K 316 47.29 -8.04 -14.72
CA TRP K 316 47.16 -7.99 -16.16
C TRP K 316 48.49 -7.58 -16.78
N PHE K 317 48.61 -7.75 -18.09
CA PHE K 317 49.79 -7.35 -18.85
C PHE K 317 49.34 -6.40 -19.94
N ILE K 318 49.69 -5.13 -19.82
CA ILE K 318 49.17 -4.07 -20.67
C ILE K 318 50.18 -3.61 -21.71
N ASP K 319 51.31 -3.04 -21.26
CA ASP K 319 52.35 -2.55 -22.17
C ASP K 319 53.72 -2.89 -21.59
N ASP K 320 54.22 -4.08 -21.92
CA ASP K 320 55.55 -4.53 -21.53
C ASP K 320 55.72 -4.62 -20.01
N ILE K 321 54.67 -4.30 -19.27
CA ILE K 321 54.72 -4.18 -17.81
C ILE K 321 53.47 -4.84 -17.24
N GLU K 322 53.64 -5.62 -16.17
CA GLU K 322 52.51 -6.18 -15.48
C GLU K 322 51.93 -5.15 -14.51
N ARG K 323 50.62 -5.08 -14.45
CA ARG K 323 49.91 -4.14 -13.60
C ARG K 323 48.98 -4.90 -12.67
N VAL K 324 49.01 -4.55 -11.39
CA VAL K 324 48.25 -5.24 -10.37
C VAL K 324 47.30 -4.25 -9.70
N GLU K 325 46.25 -4.80 -9.11
CA GLU K 325 45.21 -4.00 -8.48
C GLU K 325 44.56 -4.83 -7.37
N GLY K 326 44.18 -4.14 -6.29
CA GLY K 326 43.56 -4.78 -5.15
C GLY K 326 42.09 -4.49 -5.06
N HIS K 327 41.66 -3.90 -3.94
CA HIS K 327 40.25 -3.59 -3.70
C HIS K 327 40.04 -2.23 -3.09
N ILE K 328 41.04 -1.34 -3.12
CA ILE K 328 40.94 -0.04 -2.47
C ILE K 328 41.25 1.04 -3.50
N ALA K 329 41.92 0.66 -4.60
CA ALA K 329 42.40 1.64 -5.56
C ALA K 329 41.27 2.41 -6.22
N LYS K 330 40.17 1.72 -6.54
CA LYS K 330 39.11 2.34 -7.33
C LYS K 330 38.27 3.34 -6.53
N ALA K 331 38.27 3.27 -5.20
CA ALA K 331 37.37 4.08 -4.39
C ALA K 331 38.09 5.16 -3.59
N MET K 332 39.29 5.57 -4.01
CA MET K 332 40.02 6.59 -3.26
C MET K 332 39.41 7.97 -3.44
N ASP K 333 39.07 8.33 -4.69
CA ASP K 333 38.56 9.68 -4.96
C ASP K 333 37.23 9.97 -4.29
N PRO K 334 36.20 9.10 -4.38
CA PRO K 334 34.95 9.41 -3.65
C PRO K 334 35.15 9.58 -2.16
N GLN K 335 36.00 8.75 -1.56
CA GLN K 335 36.20 8.84 -0.11
C GLN K 335 36.93 10.13 0.26
N ARG K 336 38.00 10.46 -0.47
CA ARG K 336 38.76 11.65 -0.15
C ARG K 336 38.06 12.93 -0.60
N LEU K 337 36.97 12.82 -1.36
CA LEU K 337 36.12 13.97 -1.60
C LEU K 337 35.03 14.09 -0.54
N TYR K 338 34.54 12.95 -0.06
CA TYR K 338 33.57 12.94 1.03
C TYR K 338 34.17 13.55 2.30
N ASN K 339 35.43 13.23 2.57
CA ASN K 339 36.09 13.82 3.74
C ASN K 339 36.13 15.34 3.66
N LEU K 340 36.53 15.87 2.50
CA LEU K 340 36.60 17.32 2.32
C LEU K 340 35.22 17.96 2.44
N GLN K 341 34.21 17.32 1.86
CA GLN K 341 32.85 17.86 1.96
C GLN K 341 32.39 17.91 3.42
N VAL K 342 32.66 16.86 4.18
CA VAL K 342 32.25 16.84 5.59
C VAL K 342 32.95 17.95 6.36
N SER K 343 34.25 18.11 6.15
CA SER K 343 34.98 19.16 6.87
C SER K 343 34.48 20.56 6.51
N MET K 344 34.28 20.80 5.22
CA MET K 344 33.80 22.10 4.75
C MET K 344 32.39 22.39 5.23
N LEU K 345 31.57 21.37 5.43
CA LEU K 345 30.24 21.60 6.00
C LEU K 345 30.35 21.88 7.50
N ALA K 346 31.22 21.14 8.20
CA ALA K 346 31.30 21.25 9.65
C ALA K 346 31.79 22.62 10.08
N ASP K 347 32.90 23.09 9.50
CA ASP K 347 33.44 24.37 9.95
C ASP K 347 32.49 25.53 9.62
N THR K 348 31.87 25.50 8.44
CA THR K 348 30.90 26.53 8.08
C THR K 348 29.70 26.50 9.01
N ALA K 349 29.24 25.31 9.39
CA ALA K 349 28.14 25.21 10.35
C ALA K 349 28.53 25.80 11.69
N ALA K 350 29.74 25.52 12.16
CA ALA K 350 30.17 26.05 13.45
C ALA K 350 30.44 27.54 13.42
N GLN K 351 30.64 28.13 12.24
CA GLN K 351 30.93 29.55 12.17
C GLN K 351 29.82 30.40 12.79
N ASP K 352 28.56 30.18 12.38
CA ASP K 352 27.43 31.00 12.81
C ASP K 352 26.42 30.17 13.57
N PRO K 353 26.44 30.24 14.90
CA PRO K 353 25.51 29.41 15.68
C PRO K 353 24.07 29.89 15.65
N GLY K 354 23.83 31.20 15.81
CA GLY K 354 22.47 31.68 15.95
C GLY K 354 22.19 33.07 15.40
N GLN K 355 21.18 33.73 15.95
CA GLN K 355 20.73 35.03 15.48
C GLN K 355 20.92 36.09 16.57
N ILE K 356 21.36 37.27 16.16
CA ILE K 356 21.56 38.40 17.07
C ILE K 356 20.90 39.63 16.47
N PRO K 357 20.16 40.42 17.25
CA PRO K 357 19.60 41.66 16.71
C PRO K 357 20.67 42.72 16.49
N ILE K 358 20.38 43.66 15.61
CA ILE K 358 21.26 44.78 15.30
C ILE K 358 20.48 46.07 15.57
N VAL K 359 21.05 46.95 16.39
CA VAL K 359 20.42 48.21 16.74
C VAL K 359 21.45 49.32 16.63
N GLY K 360 20.95 50.55 16.54
CA GLY K 360 21.81 51.70 16.58
C GLY K 360 22.34 51.96 17.98
N MET K 361 23.43 52.74 18.05
CA MET K 361 24.07 52.99 19.33
C MET K 361 23.20 53.87 20.23
N GLU K 362 22.72 54.99 19.69
CA GLU K 362 21.86 55.89 20.46
C GLU K 362 20.46 55.32 20.66
N GLN K 363 20.08 54.31 19.88
CA GLN K 363 18.80 53.65 20.04
C GLN K 363 18.70 52.85 21.33
N ILE K 364 19.82 52.30 21.82
CA ILE K 364 19.82 51.43 22.99
C ILE K 364 20.71 51.96 24.10
N ARG K 365 21.45 53.04 23.88
CA ARG K 365 22.28 53.61 24.94
C ARG K 365 21.42 53.97 26.14
N GLY K 366 21.86 53.56 27.33
CA GLY K 366 21.15 53.82 28.55
C GLY K 366 20.08 52.81 28.92
N LEU K 367 19.81 51.83 28.07
CA LEU K 367 18.77 50.83 28.32
C LEU K 367 19.31 49.41 28.20
N GLU K 368 20.61 49.21 28.42
CA GLU K 368 21.22 47.92 28.12
C GLU K 368 20.90 46.87 29.16
N LYS K 369 20.65 47.27 30.41
CA LYS K 369 20.47 46.29 31.48
C LYS K 369 19.18 45.49 31.31
N HIS K 370 18.14 46.09 30.73
CA HIS K 370 16.88 45.37 30.55
C HIS K 370 16.99 44.38 29.39
N TRP K 371 17.76 44.73 28.36
CA TRP K 371 17.99 43.80 27.26
C TRP K 371 18.95 42.68 27.63
N GLU K 372 19.90 42.95 28.53
CA GLU K 372 20.86 41.91 28.91
C GLU K 372 20.19 40.77 29.65
N ALA K 373 19.20 41.05 30.48
CA ALA K 373 18.56 40.05 31.32
C ALA K 373 17.16 39.69 30.86
N ARG K 374 16.95 39.60 29.54
CA ARG K 374 15.63 39.29 29.02
C ARG K 374 15.31 37.80 29.03
N ASN K 375 16.29 36.94 29.24
CA ASN K 375 16.06 35.50 29.26
C ASN K 375 15.96 34.92 30.66
N LYS K 376 16.49 35.62 31.67
CA LYS K 376 16.39 35.15 33.05
C LYS K 376 15.14 35.68 33.74
N LYS K 377 14.95 37.00 33.75
CA LYS K 377 13.76 37.60 34.33
C LYS K 377 12.59 37.45 33.36
N ARG K 378 11.43 37.97 33.75
CA ARG K 378 10.21 37.87 32.96
C ARG K 378 9.61 39.27 32.78
N PRO K 379 10.26 40.10 31.99
CA PRO K 379 9.75 41.47 31.80
C PRO K 379 8.42 41.48 31.07
N ALA K 380 7.58 42.46 31.42
CA ALA K 380 6.31 42.61 30.74
C ALA K 380 6.50 43.19 29.34
N PHE K 381 7.58 43.94 29.12
CA PHE K 381 7.88 44.51 27.82
C PHE K 381 9.36 44.87 27.80
N LEU K 382 9.79 45.44 26.68
CA LEU K 382 11.17 45.89 26.52
C LEU K 382 11.17 47.30 25.95
N PRO K 383 12.02 48.20 26.45
CA PRO K 383 12.06 49.56 25.93
C PRO K 383 13.10 49.74 24.83
N LEU K 384 12.82 50.68 23.95
CA LEU K 384 13.76 51.06 22.89
C LEU K 384 13.32 52.38 22.30
N ARG K 385 14.29 53.13 21.79
CA ARG K 385 14.07 54.44 21.22
C ARG K 385 13.87 54.36 19.72
N GLU K 386 13.46 55.47 19.13
CA GLU K 386 13.30 55.58 17.69
C GLU K 386 14.61 56.03 17.04
N VAL K 387 14.60 56.06 15.72
CA VAL K 387 15.75 56.56 14.96
C VAL K 387 15.48 58.01 14.58
N ARG K 388 16.41 58.90 14.92
CA ARG K 388 16.26 60.32 14.68
C ARG K 388 17.44 60.83 13.86
N ASP K 389 17.13 61.67 12.88
CA ASP K 389 18.14 62.24 12.01
C ASP K 389 18.81 63.43 12.71
N LYS K 390 19.59 64.20 11.97
CA LYS K 390 20.31 65.33 12.55
C LYS K 390 19.40 66.46 12.99
N SER K 391 18.18 66.53 12.44
CA SER K 391 17.24 67.57 12.81
C SER K 391 16.24 67.14 13.87
N GLY K 392 16.37 65.92 14.40
CA GLY K 392 15.48 65.44 15.43
C GLY K 392 14.19 64.82 14.94
N ASN K 393 13.99 64.72 13.63
CA ASN K 393 12.77 64.13 13.11
C ASN K 393 12.84 62.61 13.15
N ILE K 394 11.68 61.98 13.28
CA ILE K 394 11.59 60.53 13.35
C ILE K 394 11.50 59.96 11.94
N ILE K 395 12.40 59.03 11.61
CA ILE K 395 12.42 58.40 10.29
C ILE K 395 12.19 56.90 10.37
N ALA K 396 12.44 56.26 11.50
CA ALA K 396 12.24 54.82 11.64
C ALA K 396 11.59 54.55 12.99
N GLY K 397 10.96 53.38 13.10
CA GLY K 397 10.25 53.01 14.31
C GLY K 397 11.18 52.61 15.42
N ALA K 398 10.57 52.08 16.49
CA ALA K 398 11.32 51.63 17.66
C ALA K 398 11.78 50.18 17.56
N THR K 399 11.52 49.52 16.45
CA THR K 399 11.95 48.15 16.27
C THR K 399 13.45 48.09 15.95
N PRO K 400 14.12 46.98 16.27
CA PRO K 400 15.51 46.82 15.84
C PRO K 400 15.62 46.82 14.32
N ALA K 401 16.77 47.29 13.84
CA ALA K 401 16.96 47.46 12.40
C ALA K 401 16.90 46.13 11.66
N GLY K 402 17.51 45.10 12.21
CA GLY K 402 17.50 43.80 11.56
C GLY K 402 18.08 42.74 12.46
N TYR K 403 18.23 41.54 11.90
CA TYR K 403 18.79 40.40 12.62
C TYR K 403 19.87 39.76 11.77
N THR K 404 20.89 39.21 12.43
CA THR K 404 21.92 38.48 11.72
C THR K 404 21.35 37.17 11.17
N GLN K 405 21.83 36.78 10.01
CA GLN K 405 21.32 35.56 9.39
C GLN K 405 21.96 34.34 10.03
N PRO K 406 21.24 33.25 10.19
CA PRO K 406 21.85 32.00 10.65
C PRO K 406 22.61 31.33 9.52
N ALA K 407 23.31 30.25 9.87
CA ALA K 407 24.06 29.51 8.87
C ALA K 407 23.12 28.82 7.89
N VAL K 408 23.65 28.54 6.71
CA VAL K 408 22.90 27.86 5.65
C VAL K 408 23.89 27.02 4.85
N MET K 409 23.42 25.85 4.41
CA MET K 409 24.22 24.93 3.63
C MET K 409 23.76 24.99 2.17
N ASN K 410 24.72 25.00 1.25
CA ASN K 410 24.41 25.08 -0.17
C ASN K 410 24.04 23.71 -0.73
N GLN K 411 23.28 23.74 -1.82
CA GLN K 411 22.74 22.52 -2.40
C GLN K 411 23.84 21.65 -3.02
N ALA K 412 24.89 22.29 -3.55
CA ALA K 412 25.95 21.54 -4.22
C ALA K 412 26.66 20.61 -3.24
N LEU K 413 26.91 21.08 -2.02
CA LEU K 413 27.58 20.24 -1.03
C LEU K 413 26.74 19.03 -0.66
N ALA K 414 25.43 19.22 -0.47
CA ALA K 414 24.55 18.09 -0.16
C ALA K 414 24.51 17.10 -1.32
N ALA K 415 24.44 17.61 -2.54
CA ALA K 415 24.44 16.72 -3.71
C ALA K 415 25.73 15.92 -3.78
N LEU K 416 26.87 16.56 -3.53
CA LEU K 416 28.15 15.85 -3.52
C LEU K 416 28.19 14.80 -2.42
N LEU K 417 27.70 15.14 -1.23
CA LEU K 417 27.68 14.19 -0.13
C LEU K 417 26.90 12.94 -0.50
N GLN K 418 25.66 13.13 -0.97
CA GLN K 418 24.84 11.99 -1.32
C GLN K 418 25.45 11.18 -2.47
N GLN K 419 25.95 11.87 -3.49
CA GLN K 419 26.51 11.16 -4.64
C GLN K 419 27.72 10.34 -4.27
N THR K 420 28.65 10.91 -3.48
CA THR K 420 29.83 10.17 -3.08
C THR K 420 29.48 9.01 -2.15
N SER K 421 28.53 9.23 -1.24
CA SER K 421 28.11 8.16 -0.35
C SER K 421 27.51 6.99 -1.14
N ALA K 422 26.71 7.28 -2.16
CA ALA K 422 26.20 6.21 -3.01
C ALA K 422 27.31 5.55 -3.82
N ASP K 423 28.23 6.37 -4.35
CA ASP K 423 29.25 5.85 -5.26
C ASP K 423 30.25 4.95 -4.58
N ILE K 424 30.54 5.19 -3.29
CA ILE K 424 31.49 4.32 -2.60
C ILE K 424 30.99 2.88 -2.60
N GLN K 425 29.74 2.67 -2.21
CA GLN K 425 29.17 1.32 -2.21
C GLN K 425 28.89 0.83 -3.62
N GLU K 426 28.59 1.74 -4.56
CA GLU K 426 28.38 1.33 -5.94
C GLU K 426 29.65 0.74 -6.54
N VAL K 427 30.81 1.32 -6.22
CA VAL K 427 32.06 0.85 -6.77
C VAL K 427 32.58 -0.35 -6.00
N THR K 428 32.79 -0.20 -4.70
CA THR K 428 33.40 -1.26 -3.89
C THR K 428 32.34 -2.32 -3.58
N GLY K 429 32.20 -3.25 -4.52
CA GLY K 429 31.25 -4.34 -4.38
C GLY K 429 29.82 -3.91 -4.58
N MET K 450 26.33 -20.78 -9.04
CA MET K 450 26.47 -19.39 -9.45
C MET K 450 26.53 -18.47 -8.25
N ASN K 451 26.20 -19.02 -7.07
CA ASN K 451 26.28 -18.24 -5.85
C ASN K 451 27.72 -17.82 -5.56
N ARG K 452 28.67 -18.71 -5.81
CA ARG K 452 30.08 -18.35 -5.65
C ARG K 452 30.48 -17.26 -6.63
N ALA K 453 30.02 -17.35 -7.87
CA ALA K 453 30.34 -16.34 -8.87
C ALA K 453 29.72 -14.99 -8.52
N ASP K 454 28.58 -15.00 -7.84
CA ASP K 454 27.95 -13.75 -7.43
C ASP K 454 28.82 -12.98 -6.44
N MET K 455 29.49 -13.68 -5.54
CA MET K 455 30.32 -13.02 -4.54
C MET K 455 31.49 -12.30 -5.18
N ALA K 456 32.00 -11.28 -4.48
CA ALA K 456 33.04 -10.42 -5.02
C ALA K 456 34.45 -10.89 -4.66
N SER K 457 34.59 -12.00 -3.93
CA SER K 457 35.90 -12.50 -3.53
C SER K 457 36.36 -13.70 -4.35
N PHE K 458 35.58 -14.10 -5.36
CA PHE K 458 35.91 -15.30 -6.10
C PHE K 458 37.24 -15.17 -6.85
N ILE K 459 37.49 -13.99 -7.43
CA ILE K 459 38.74 -13.80 -8.17
C ILE K 459 39.93 -13.90 -7.22
N TYR K 460 39.84 -13.30 -6.04
CA TYR K 460 40.94 -13.38 -5.08
C TYR K 460 41.16 -14.81 -4.61
N LEU K 461 40.07 -15.55 -4.34
CA LEU K 461 40.23 -16.94 -3.90
C LEU K 461 40.84 -17.79 -5.00
N ASP K 462 40.44 -17.58 -6.25
CA ASP K 462 41.02 -18.37 -7.33
C ASP K 462 42.48 -18.03 -7.55
N ASN K 463 42.85 -16.75 -7.41
CA ASN K 463 44.25 -16.38 -7.53
C ASN K 463 45.07 -17.02 -6.41
N MET K 464 44.52 -17.07 -5.21
CA MET K 464 45.19 -17.76 -4.11
C MET K 464 45.37 -19.24 -4.43
N ALA K 465 44.35 -19.88 -4.99
CA ALA K 465 44.46 -21.29 -5.35
C ALA K 465 45.52 -21.49 -6.43
N LYS K 466 45.56 -20.61 -7.42
CA LYS K 466 46.56 -20.70 -8.48
C LYS K 466 47.97 -20.53 -7.95
N SER K 467 48.18 -19.62 -7.00
CA SER K 467 49.48 -19.49 -6.35
C SER K 467 49.83 -20.74 -5.55
N LEU K 468 48.85 -21.30 -4.85
CA LEU K 468 49.10 -22.50 -4.06
C LEU K 468 49.48 -23.69 -4.92
N LYS K 469 48.93 -23.78 -6.13
CA LYS K 469 49.32 -24.87 -7.03
C LYS K 469 50.80 -24.79 -7.39
N ARG K 470 51.27 -23.58 -7.72
CA ARG K 470 52.69 -23.40 -8.01
C ARG K 470 53.54 -23.68 -6.78
N ALA K 471 53.07 -23.26 -5.60
CA ALA K 471 53.81 -23.56 -4.38
C ALA K 471 53.93 -25.06 -4.15
N GLY K 472 52.85 -25.80 -4.40
CA GLY K 472 52.91 -27.24 -4.29
C GLY K 472 53.87 -27.87 -5.28
N GLU K 473 53.89 -27.36 -6.52
CA GLU K 473 54.83 -27.86 -7.50
C GLU K 473 56.27 -27.61 -7.07
N VAL K 474 56.55 -26.42 -6.54
CA VAL K 474 57.90 -26.09 -6.08
C VAL K 474 58.30 -26.98 -4.91
N TRP K 475 57.38 -27.20 -3.97
CA TRP K 475 57.67 -28.07 -2.85
C TRP K 475 57.95 -29.49 -3.31
N LEU K 476 57.17 -29.98 -4.28
CA LEU K 476 57.41 -31.33 -4.79
C LEU K 476 58.77 -31.42 -5.45
N SER K 477 59.17 -30.41 -6.22
CA SER K 477 60.49 -30.43 -6.84
C SER K 477 61.60 -30.37 -5.79
N MET K 478 61.39 -29.61 -4.72
CA MET K 478 62.42 -29.44 -3.70
C MET K 478 62.55 -30.64 -2.79
N ALA K 479 61.46 -31.37 -2.54
CA ALA K 479 61.47 -32.42 -1.52
C ALA K 479 62.30 -33.62 -1.94
N ARG K 480 62.65 -33.74 -3.22
CA ARG K 480 63.46 -34.87 -3.65
C ARG K 480 64.86 -34.84 -3.06
N GLU K 481 65.48 -33.66 -3.00
CA GLU K 481 66.86 -33.55 -2.52
C GLU K 481 66.97 -33.63 -1.00
N VAL K 482 65.89 -33.39 -0.27
CA VAL K 482 65.92 -33.38 1.19
C VAL K 482 65.51 -34.71 1.79
N TYR K 483 64.39 -35.26 1.35
CA TYR K 483 63.89 -36.53 1.88
C TYR K 483 64.31 -37.74 1.05
N GLY K 484 64.75 -37.53 -0.18
CA GLY K 484 65.19 -38.63 -1.02
C GLY K 484 64.10 -39.11 -1.96
N SER K 485 64.54 -39.82 -3.01
CA SER K 485 63.62 -40.35 -4.01
C SER K 485 62.87 -41.55 -3.47
N GLU K 486 61.78 -41.90 -4.16
CA GLU K 486 60.92 -43.01 -3.76
C GLU K 486 60.99 -44.12 -4.79
N ARG K 487 61.14 -45.36 -4.32
CA ARG K 487 61.09 -46.54 -5.16
C ARG K 487 60.12 -47.55 -4.56
N GLU K 488 59.32 -48.16 -5.42
CA GLU K 488 58.22 -49.02 -4.98
C GLU K 488 58.64 -50.48 -5.02
N VAL K 489 58.73 -51.11 -3.85
CA VAL K 489 59.02 -52.53 -3.74
C VAL K 489 58.57 -53.02 -2.36
N ARG K 490 57.86 -54.14 -2.33
CA ARG K 490 57.64 -54.90 -1.10
C ARG K 490 57.79 -56.41 -1.26
N ILE K 491 57.61 -56.94 -2.47
CA ILE K 491 57.65 -58.38 -2.68
C ILE K 491 59.09 -58.85 -2.85
N VAL K 507 54.14 -54.24 -2.95
CA VAL K 507 53.39 -53.26 -3.74
C VAL K 507 52.47 -52.46 -2.81
N VAL K 508 52.30 -52.95 -1.59
CA VAL K 508 51.37 -52.35 -0.64
C VAL K 508 52.12 -51.51 0.39
N ASP K 509 53.34 -51.11 0.07
CA ASP K 509 54.16 -50.30 0.97
C ASP K 509 54.73 -49.11 0.21
N ARG K 510 55.03 -48.04 0.93
CA ARG K 510 55.69 -46.87 0.36
C ARG K 510 56.73 -46.38 1.37
N GLN K 511 58.00 -46.55 1.04
CA GLN K 511 59.09 -46.23 1.95
C GLN K 511 60.35 -45.88 1.17
N THR K 512 61.23 -45.13 1.84
CA THR K 512 62.54 -44.79 1.31
C THR K 512 63.59 -45.01 2.39
N GLY K 513 64.83 -45.21 1.97
CA GLY K 513 65.90 -45.47 2.92
C GLY K 513 67.25 -44.89 2.50
N ALA K 514 67.88 -44.15 3.41
CA ALA K 514 69.18 -43.55 3.14
C ALA K 514 69.76 -43.02 4.44
N VAL K 515 71.05 -43.29 4.66
CA VAL K 515 71.74 -42.71 5.81
C VAL K 515 71.81 -41.20 5.66
N VAL K 516 72.26 -40.73 4.50
CA VAL K 516 72.11 -39.34 4.07
C VAL K 516 71.38 -39.38 2.74
N ALA K 517 70.30 -38.59 2.63
CA ALA K 517 69.27 -38.76 1.62
C ALA K 517 69.85 -39.00 0.22
N LEU K 518 69.53 -40.17 -0.34
CA LEU K 518 69.88 -40.51 -1.70
C LEU K 518 68.75 -40.09 -2.63
N ASN K 519 69.11 -39.44 -3.74
CA ASN K 519 68.16 -39.02 -4.76
C ASN K 519 68.47 -39.79 -6.04
N ASP K 520 67.57 -40.68 -6.44
CA ASP K 520 67.75 -41.48 -7.64
C ASP K 520 67.35 -40.65 -8.85
N LEU K 521 68.31 -40.36 -9.73
CA LEU K 521 68.04 -39.51 -10.88
C LEU K 521 67.30 -40.25 -12.00
N SER K 522 67.13 -41.57 -11.89
CA SER K 522 66.42 -42.34 -12.89
C SER K 522 64.97 -42.61 -12.52
N VAL K 523 64.50 -42.08 -11.39
CA VAL K 523 63.11 -42.30 -10.99
C VAL K 523 62.15 -41.63 -11.97
N GLY K 524 62.44 -40.38 -12.32
CA GLY K 524 61.56 -39.64 -13.19
C GLY K 524 60.39 -39.01 -12.47
N ARG K 525 59.47 -38.48 -13.25
CA ARG K 525 58.31 -37.80 -12.71
C ARG K 525 57.37 -38.80 -12.01
N TYR K 526 56.82 -38.37 -10.88
CA TYR K 526 55.86 -39.19 -10.16
C TYR K 526 54.52 -39.23 -10.89
N ASP K 527 53.56 -39.95 -10.31
CA ASP K 527 52.20 -40.00 -10.84
C ASP K 527 51.22 -39.30 -9.89
N VAL K 528 51.56 -38.12 -9.42
CA VAL K 528 50.67 -37.33 -8.59
C VAL K 528 50.32 -36.04 -9.35
N THR K 529 49.19 -35.45 -8.95
CA THR K 529 48.71 -34.21 -9.54
C THR K 529 48.48 -33.19 -8.44
N VAL K 530 48.84 -31.94 -8.71
CA VAL K 530 48.74 -30.88 -7.72
C VAL K 530 47.39 -30.19 -7.85
N ASP K 531 46.66 -30.10 -6.73
CA ASP K 531 45.36 -29.43 -6.70
C ASP K 531 45.21 -28.81 -5.32
N VAL K 532 44.10 -28.09 -5.10
CA VAL K 532 43.84 -27.42 -3.85
C VAL K 532 42.61 -28.04 -3.20
N GLY K 533 42.53 -27.90 -1.88
CA GLY K 533 41.43 -28.44 -1.12
C GLY K 533 41.31 -27.79 0.24
N PRO K 534 40.36 -28.25 1.05
CA PRO K 534 40.17 -27.66 2.37
C PRO K 534 41.39 -27.90 3.26
N SER K 535 41.62 -26.95 4.17
CA SER K 535 42.72 -27.05 5.12
C SER K 535 42.27 -27.82 6.34
N TYR K 536 43.02 -28.87 6.69
CA TYR K 536 42.71 -29.72 7.82
C TYR K 536 43.90 -29.77 8.77
N THR K 537 43.61 -29.78 10.07
CA THR K 537 44.68 -29.88 11.07
C THR K 537 45.25 -31.28 11.13
N ALA K 538 44.39 -32.30 11.07
CA ALA K 538 44.82 -33.69 11.21
C ALA K 538 44.11 -34.56 10.17
N ARG K 539 44.61 -35.79 10.04
CA ARG K 539 44.05 -36.73 9.07
C ARG K 539 42.62 -37.14 9.45
N ARG K 540 42.32 -37.17 10.75
CA ARG K 540 40.98 -37.53 11.19
C ARG K 540 39.94 -36.55 10.65
N ASP K 541 40.28 -35.26 10.63
CA ASP K 541 39.35 -34.26 10.10
C ASP K 541 39.05 -34.53 8.63
N ALA K 542 40.09 -34.82 7.84
CA ALA K 542 39.88 -35.09 6.42
C ALA K 542 39.03 -36.34 6.22
N THR K 543 39.33 -37.40 6.97
CA THR K 543 38.57 -38.64 6.84
C THR K 543 37.11 -38.43 7.20
N VAL K 544 36.86 -37.72 8.31
CA VAL K 544 35.49 -37.48 8.75
C VAL K 544 34.74 -36.62 7.73
N SER K 545 35.40 -35.58 7.21
CA SER K 545 34.75 -34.71 6.25
C SER K 545 34.39 -35.45 4.97
N VAL K 546 35.32 -36.25 4.45
CA VAL K 546 35.05 -36.95 3.19
C VAL K 546 33.97 -38.01 3.40
N LEU K 547 33.97 -38.68 4.56
CA LEU K 547 32.95 -39.69 4.81
C LEU K 547 31.58 -39.06 5.00
N THR K 548 31.51 -37.89 5.67
CA THR K 548 30.25 -37.18 5.76
C THR K 548 29.76 -36.74 4.40
N ASN K 549 30.67 -36.30 3.53
CA ASN K 549 30.30 -35.95 2.17
C ASN K 549 29.76 -37.16 1.41
N VAL K 550 30.36 -38.34 1.64
CA VAL K 550 29.81 -39.56 1.06
C VAL K 550 28.39 -39.80 1.58
N LEU K 551 28.18 -39.62 2.88
CA LEU K 551 26.83 -39.66 3.42
C LEU K 551 26.09 -38.39 3.04
N SER K 552 24.88 -38.24 3.60
CA SER K 552 23.95 -37.14 3.33
C SER K 552 23.44 -37.15 1.90
N SER K 553 23.88 -38.11 1.08
CA SER K 553 23.37 -38.30 -0.28
C SER K 553 22.94 -39.74 -0.52
N MET K 554 22.68 -40.49 0.55
CA MET K 554 22.35 -41.91 0.47
C MET K 554 20.97 -42.15 1.08
N LEU K 555 20.31 -43.19 0.60
CA LEU K 555 19.01 -43.56 1.14
C LEU K 555 19.16 -44.20 2.52
N PRO K 556 18.16 -44.05 3.38
CA PRO K 556 18.20 -44.72 4.68
C PRO K 556 18.26 -46.24 4.60
N THR K 557 17.77 -46.83 3.51
CA THR K 557 17.68 -48.27 3.38
C THR K 557 18.92 -48.89 2.72
N ASP K 558 19.97 -48.10 2.47
CA ASP K 558 21.15 -48.62 1.83
C ASP K 558 21.85 -49.64 2.73
N PRO K 559 22.55 -50.62 2.15
CA PRO K 559 23.17 -51.67 2.96
C PRO K 559 24.47 -51.24 3.63
N MET K 560 25.24 -50.38 2.98
CA MET K 560 26.57 -50.00 3.48
C MET K 560 26.56 -48.80 4.41
N ARG K 561 25.39 -48.20 4.65
CA ARG K 561 25.33 -47.08 5.59
C ARG K 561 25.80 -47.44 6.99
N PRO K 562 25.44 -48.60 7.57
CA PRO K 562 26.04 -48.96 8.87
C PRO K 562 27.55 -49.06 8.82
N ALA K 563 28.11 -49.56 7.72
CA ALA K 563 29.57 -49.63 7.60
C ALA K 563 30.19 -48.25 7.58
N ILE K 564 29.59 -47.32 6.82
CA ILE K 564 30.08 -45.95 6.80
C ILE K 564 30.01 -45.33 8.19
N GLN K 565 28.89 -45.57 8.89
CA GLN K 565 28.73 -45.01 10.24
C GLN K 565 29.79 -45.57 11.19
N GLY K 566 30.07 -46.87 11.11
CA GLY K 566 31.09 -47.45 11.96
C GLY K 566 32.47 -46.89 11.68
N ILE K 567 32.80 -46.76 10.39
CA ILE K 567 34.11 -46.21 10.03
C ILE K 567 34.24 -44.77 10.53
N ILE K 568 33.17 -43.98 10.42
CA ILE K 568 33.19 -42.61 10.92
C ILE K 568 33.41 -42.61 12.44
N LEU K 569 32.61 -43.41 13.16
CA LEU K 569 32.72 -43.43 14.61
C LEU K 569 34.07 -43.94 15.08
N ASP K 570 34.77 -44.71 14.25
CA ASP K 570 36.12 -45.15 14.64
C ASP K 570 37.10 -43.99 14.72
N ASN K 571 36.88 -42.93 13.95
CA ASN K 571 37.86 -41.85 13.80
C ASN K 571 37.51 -40.59 14.58
N ILE K 572 36.58 -40.65 15.53
CA ILE K 572 36.30 -39.51 16.38
C ILE K 572 37.22 -39.55 17.59
N ASP K 573 37.55 -38.38 18.12
CA ASP K 573 38.40 -38.26 19.30
C ASP K 573 37.68 -37.50 20.40
N GLY K 574 38.00 -37.84 21.64
CA GLY K 574 37.36 -37.20 22.78
C GLY K 574 37.84 -37.83 24.07
N GLU K 575 37.33 -37.29 25.17
CA GLU K 575 37.70 -37.77 26.50
C GLU K 575 36.61 -38.65 27.06
N GLY K 576 36.99 -39.81 27.60
CA GLY K 576 36.03 -40.74 28.17
C GLY K 576 35.26 -41.56 27.15
N LEU K 577 35.86 -41.81 25.98
CA LEU K 577 35.21 -42.59 24.94
C LEU K 577 35.94 -43.92 24.69
N ASP K 578 36.78 -44.35 25.62
CA ASP K 578 37.59 -45.54 25.40
C ASP K 578 36.72 -46.78 25.24
N ASP K 579 35.80 -47.00 26.19
CA ASP K 579 34.98 -48.21 26.15
C ASP K 579 34.05 -48.23 24.95
N PHE K 580 33.44 -47.08 24.63
CA PHE K 580 32.57 -47.01 23.47
C PHE K 580 33.36 -47.26 22.18
N LYS K 581 34.56 -46.69 22.08
CA LYS K 581 35.38 -46.92 20.90
C LYS K 581 35.79 -48.38 20.78
N GLU K 582 36.15 -49.01 21.90
CA GLU K 582 36.51 -50.43 21.85
C GLU K 582 35.33 -51.30 21.44
N TYR K 583 34.13 -50.99 21.97
CA TYR K 583 32.95 -51.75 21.61
C TYR K 583 32.63 -51.58 20.12
N ASN K 584 32.74 -50.35 19.61
CA ASN K 584 32.51 -50.14 18.18
C ASN K 584 33.53 -50.87 17.33
N ARG K 585 34.80 -50.87 17.77
CA ARG K 585 35.84 -51.57 17.02
C ARG K 585 35.58 -53.08 17.03
N ASN K 586 35.12 -53.63 18.15
CA ASN K 586 34.80 -55.05 18.20
C ASN K 586 33.64 -55.39 17.27
N GLN K 587 32.61 -54.55 17.26
CA GLN K 587 31.48 -54.77 16.36
C GLN K 587 31.89 -54.64 14.91
N LEU K 588 32.88 -53.79 14.62
CA LEU K 588 33.41 -53.70 13.27
C LEU K 588 34.25 -54.92 12.90
N LEU K 589 35.05 -55.41 13.84
CA LEU K 589 35.90 -56.57 13.58
C LEU K 589 35.05 -57.81 13.29
N ILE K 590 34.01 -58.04 14.10
CA ILE K 590 33.18 -59.23 13.90
C ILE K 590 32.41 -59.18 12.59
N SER K 591 32.26 -58.01 11.99
CA SER K 591 31.55 -57.85 10.72
C SER K 591 32.48 -57.93 9.52
N GLY K 592 33.77 -58.20 9.74
CA GLY K 592 34.71 -58.34 8.64
C GLY K 592 34.98 -57.08 7.84
N ILE K 593 35.14 -55.95 8.52
CA ILE K 593 35.42 -54.69 7.85
C ILE K 593 36.74 -54.05 8.28
N ALA K 594 37.21 -54.29 9.51
CA ALA K 594 38.32 -53.53 10.05
C ALA K 594 39.68 -54.20 9.83
N LYS K 595 39.71 -55.50 9.54
CA LYS K 595 40.97 -56.19 9.22
C LYS K 595 41.96 -56.07 10.38
N PRO K 596 41.76 -56.84 11.47
CA PRO K 596 42.63 -56.69 12.66
C PRO K 596 44.11 -56.60 12.34
N ARG K 597 44.82 -55.67 12.97
CA ARG K 597 46.20 -55.36 12.61
C ARG K 597 47.19 -56.27 13.31
N ASN K 598 46.92 -57.58 13.26
CA ASN K 598 47.89 -58.64 13.57
C ASN K 598 48.63 -58.38 14.89
N GLU K 599 47.91 -57.94 15.92
CA GLU K 599 48.52 -57.81 17.24
C GLU K 599 47.87 -58.74 18.26
N LYS K 600 46.55 -58.66 18.47
CA LYS K 600 45.86 -59.56 19.39
C LYS K 600 44.53 -60.08 18.89
N GLU K 601 43.85 -59.37 17.99
CA GLU K 601 42.47 -59.71 17.64
C GLU K 601 42.38 -60.71 16.49
N GLN K 602 43.38 -60.78 15.62
CA GLN K 602 43.34 -61.75 14.53
C GLN K 602 43.39 -63.18 15.04
N GLN K 603 43.87 -63.39 16.26
CA GLN K 603 43.97 -64.71 16.86
C GLN K 603 42.97 -64.94 17.98
N ILE K 604 42.30 -63.90 18.46
CA ILE K 604 41.37 -64.00 19.58
C ILE K 604 39.95 -63.67 19.15
N VAL K 605 39.72 -62.43 18.70
CA VAL K 605 38.36 -62.02 18.34
C VAL K 605 37.88 -62.74 17.08
N GLN K 606 38.74 -62.81 16.05
CA GLN K 606 38.35 -63.49 14.83
C GLN K 606 38.11 -64.98 15.08
N GLN K 607 39.00 -65.63 15.82
CA GLN K 607 38.84 -67.05 16.10
C GLN K 607 37.60 -67.30 16.95
N ALA K 608 37.30 -66.40 17.89
CA ALA K 608 36.08 -66.51 18.66
C ALA K 608 34.85 -66.39 17.77
N GLN K 609 34.90 -65.48 16.80
CA GLN K 609 33.77 -65.34 15.87
C GLN K 609 33.61 -66.58 15.00
N MET K 610 34.71 -67.16 14.54
CA MET K 610 34.61 -68.39 13.77
C MET K 610 34.05 -69.53 14.62
N ALA K 611 34.46 -69.62 15.88
CA ALA K 611 33.92 -70.65 16.77
C ALA K 611 32.43 -70.45 16.99
N ALA K 612 32.00 -69.22 17.25
CA ALA K 612 30.60 -68.91 17.49
C ALA K 612 29.77 -68.87 16.20
N GLN K 613 30.41 -69.00 15.04
CA GLN K 613 29.71 -69.20 13.78
C GLN K 613 29.59 -70.68 13.43
N SER K 614 30.61 -71.46 13.76
CA SER K 614 30.55 -72.91 13.56
C SER K 614 29.60 -73.58 14.54
N GLN K 615 29.53 -73.08 15.78
CA GLN K 615 28.66 -73.69 16.79
C GLN K 615 27.19 -73.69 16.40
N PRO K 616 26.58 -72.59 15.97
CA PRO K 616 25.12 -72.59 15.73
C PRO K 616 24.70 -73.02 14.34
N ASN K 617 25.54 -73.69 13.56
CA ASN K 617 25.06 -74.32 12.33
C ASN K 617 23.97 -75.35 12.60
N PRO K 618 24.12 -76.27 13.57
CA PRO K 618 22.98 -77.11 13.94
C PRO K 618 21.78 -76.32 14.42
N GLU K 619 21.99 -75.20 15.11
CA GLU K 619 20.87 -74.36 15.52
C GLU K 619 20.12 -73.82 14.31
N MET K 620 20.85 -73.32 13.31
CA MET K 620 20.22 -72.76 12.13
C MET K 620 19.47 -73.83 11.34
N VAL K 621 20.06 -75.02 11.20
CA VAL K 621 19.34 -76.06 10.47
C VAL K 621 18.15 -76.58 11.29
N LEU K 622 18.26 -76.56 12.62
CA LEU K 622 17.17 -77.04 13.48
C LEU K 622 16.03 -76.04 13.52
N ALA K 623 16.30 -74.76 13.25
CA ALA K 623 15.25 -73.76 13.21
C ALA K 623 14.14 -74.11 12.23
N GLN K 624 14.46 -74.84 11.15
CA GLN K 624 13.47 -75.31 10.20
C GLN K 624 13.69 -76.76 9.81
N ALA K 625 14.29 -77.56 10.70
CA ALA K 625 14.64 -78.95 10.41
C ALA K 625 13.52 -79.92 10.72
N GLN K 626 12.25 -79.50 10.67
CA GLN K 626 11.16 -80.46 10.74
C GLN K 626 11.21 -81.42 9.57
N MET K 627 11.76 -80.96 8.45
CA MET K 627 11.93 -81.79 7.25
C MET K 627 13.17 -82.67 7.30
N VAL K 628 14.09 -82.42 8.23
CA VAL K 628 15.24 -83.32 8.39
C VAL K 628 14.79 -84.68 8.90
N ALA K 629 13.83 -84.70 9.82
CA ALA K 629 13.26 -85.96 10.28
C ALA K 629 12.60 -86.70 9.11
N ALA K 630 11.86 -85.96 8.28
CA ALA K 630 11.20 -86.58 7.13
C ALA K 630 12.22 -87.16 6.16
N GLN K 631 13.30 -86.42 5.87
CA GLN K 631 14.28 -86.93 4.92
C GLN K 631 15.04 -88.11 5.49
N ALA K 632 15.30 -88.11 6.80
CA ALA K 632 15.94 -89.28 7.41
C ALA K 632 15.04 -90.51 7.34
N GLU K 633 13.74 -90.33 7.63
CA GLU K 633 12.81 -91.45 7.55
C GLU K 633 12.70 -91.97 6.12
N ALA K 634 12.65 -91.05 5.14
CA ALA K 634 12.59 -91.48 3.75
C ALA K 634 13.86 -92.19 3.33
N GLN K 635 15.02 -91.69 3.78
CA GLN K 635 16.29 -92.34 3.45
C GLN K 635 16.36 -93.75 4.01
N LYS K 636 15.89 -93.94 5.25
CA LYS K 636 15.91 -95.29 5.79
C LYS K 636 14.88 -96.18 5.10
N ALA K 637 13.70 -95.64 4.78
CA ALA K 637 12.69 -96.43 4.08
C ALA K 637 13.20 -96.87 2.71
N THR K 638 14.04 -96.04 2.08
CA THR K 638 14.61 -96.37 0.78
C THR K 638 15.42 -97.67 0.81
N ASN K 639 15.88 -98.09 2.00
CA ASN K 639 16.51 -99.39 2.14
C ASN K 639 15.65 -100.40 2.89
N GLU K 640 14.67 -99.95 3.67
CA GLU K 640 13.86 -100.83 4.49
C GLU K 640 12.69 -101.45 3.73
N THR K 641 12.02 -100.69 2.86
CA THR K 641 10.86 -101.21 2.17
C THR K 641 11.22 -102.33 1.20
N ALA K 642 12.50 -102.45 0.83
CA ALA K 642 12.94 -103.57 -0.01
C ALA K 642 12.77 -104.91 0.70
N GLN K 643 12.57 -104.90 2.03
CA GLN K 643 12.22 -106.12 2.72
C GLN K 643 10.93 -106.72 2.17
N THR K 644 10.05 -105.88 1.63
CA THR K 644 8.80 -106.41 1.07
C THR K 644 9.06 -107.16 -0.22
N GLN K 645 9.95 -106.66 -1.08
CA GLN K 645 10.38 -107.41 -2.25
C GLN K 645 11.09 -108.70 -1.84
N ILE K 646 11.92 -108.62 -0.78
CA ILE K 646 12.59 -109.82 -0.29
C ILE K 646 11.57 -110.86 0.17
N LYS K 647 10.54 -110.41 0.89
CA LYS K 647 9.50 -111.31 1.36
C LYS K 647 8.71 -111.90 0.20
N ALA K 648 8.47 -111.10 -0.85
CA ALA K 648 7.82 -111.63 -2.05
C ALA K 648 8.68 -112.70 -2.71
N PHE K 649 10.00 -112.48 -2.76
CA PHE K 649 10.90 -113.49 -3.31
C PHE K 649 10.85 -114.78 -2.49
N THR K 650 10.86 -114.65 -1.15
CA THR K 650 10.77 -115.82 -0.30
C THR K 650 9.44 -116.53 -0.48
N ALA K 651 8.37 -115.77 -0.66
CA ALA K 651 7.06 -116.36 -0.90
C ALA K 651 7.05 -117.13 -2.22
N GLN K 652 7.67 -116.58 -3.25
CA GLN K 652 7.76 -117.30 -4.53
C GLN K 652 8.58 -118.58 -4.39
N GLN K 653 9.69 -118.51 -3.66
CA GLN K 653 10.51 -119.70 -3.46
C GLN K 653 9.75 -120.77 -2.67
N ASP K 654 9.02 -120.36 -1.64
CA ASP K 654 8.20 -121.30 -0.90
C ASP K 654 7.06 -121.83 -1.75
N ALA K 655 6.55 -121.02 -2.68
CA ALA K 655 5.48 -121.48 -3.57
C ALA K 655 5.99 -122.57 -4.51
N MET K 656 7.18 -122.39 -5.09
CA MET K 656 7.73 -123.43 -5.95
C MET K 656 8.11 -124.66 -5.13
N GLU K 657 8.59 -124.45 -3.90
CA GLU K 657 8.79 -125.56 -2.97
C GLU K 657 7.52 -126.37 -2.79
N SER K 658 6.42 -125.70 -2.45
CA SER K 658 5.17 -126.40 -2.21
C SER K 658 4.62 -127.00 -3.49
N GLN K 659 4.92 -126.40 -4.64
CA GLN K 659 4.52 -126.99 -5.92
C GLN K 659 5.20 -128.34 -6.12
N ALA K 660 6.51 -128.39 -5.91
CA ALA K 660 7.22 -129.67 -6.02
C ALA K 660 6.73 -130.67 -4.98
N ASN K 661 6.53 -130.21 -3.74
CA ASN K 661 6.09 -131.10 -2.67
C ASN K 661 4.70 -131.67 -2.97
N THR K 662 3.79 -130.85 -3.47
CA THR K 662 2.45 -131.32 -3.75
C THR K 662 2.41 -132.18 -5.01
N VAL K 663 3.29 -131.94 -5.97
CA VAL K 663 3.42 -132.86 -7.09
C VAL K 663 3.84 -134.24 -6.60
N TYR K 664 4.83 -134.28 -5.70
CA TYR K 664 5.22 -135.57 -5.11
C TYR K 664 4.08 -136.17 -4.30
N LYS K 665 3.31 -135.33 -3.61
CA LYS K 665 2.17 -135.82 -2.83
C LYS K 665 1.13 -136.47 -3.72
N LEU K 666 0.84 -135.85 -4.87
CA LEU K 666 -0.07 -136.45 -5.83
C LEU K 666 0.48 -137.76 -6.36
N ALA K 667 1.78 -137.81 -6.65
CA ALA K 667 2.39 -139.04 -7.14
C ALA K 667 2.27 -140.16 -6.10
N GLN K 668 2.50 -139.83 -4.82
CA GLN K 668 2.49 -140.85 -3.78
C GLN K 668 1.08 -141.30 -3.41
N ALA K 669 0.11 -140.38 -3.39
CA ALA K 669 -1.21 -140.71 -2.89
C ALA K 669 -1.93 -141.75 -3.75
N ARG K 670 -1.51 -141.93 -5.01
CA ARG K 670 -2.09 -143.00 -5.83
C ARG K 670 -1.72 -144.38 -5.31
N ASN K 671 -0.58 -144.49 -4.63
CA ASN K 671 -0.11 -145.76 -4.08
C ASN K 671 -0.01 -146.84 -5.15
N MET L 1 82.03 -9.47 26.89
CA MET L 1 81.91 -10.01 28.23
C MET L 1 80.99 -9.15 29.11
N ALA L 2 81.42 -7.92 29.37
CA ALA L 2 80.70 -6.99 30.25
C ALA L 2 80.50 -7.62 31.63
N GLU L 3 81.62 -7.87 32.30
CA GLU L 3 81.59 -8.63 33.55
C GLU L 3 80.82 -7.90 34.64
N THR L 4 81.00 -6.60 34.75
CA THR L 4 80.41 -5.85 35.86
C THR L 4 78.91 -5.65 35.65
N LEU L 5 78.17 -5.75 36.76
CA LEU L 5 76.73 -5.54 36.71
C LEU L 5 76.39 -4.12 36.30
N GLU L 6 77.24 -3.15 36.64
CA GLU L 6 77.01 -1.78 36.22
C GLU L 6 77.07 -1.66 34.70
N LYS L 7 78.02 -2.36 34.06
CA LYS L 7 78.05 -2.38 32.61
C LYS L 7 76.87 -3.15 32.02
N LYS L 8 76.45 -4.24 32.68
CA LYS L 8 75.29 -4.99 32.20
C LYS L 8 74.00 -4.19 32.25
N HIS L 9 73.83 -3.32 33.24
CA HIS L 9 72.63 -2.52 33.39
C HIS L 9 72.46 -1.47 32.31
N GLU L 10 73.57 -0.83 31.89
CA GLU L 10 73.48 0.19 30.86
C GLU L 10 73.04 -0.39 29.52
N ARG L 11 73.50 -1.59 29.17
CA ARG L 11 73.03 -2.23 27.95
C ARG L 11 71.53 -2.50 28.02
N ILE L 12 71.03 -2.91 29.18
CA ILE L 12 69.60 -3.15 29.34
C ILE L 12 68.82 -1.85 29.14
N MET L 13 69.31 -0.76 29.72
CA MET L 13 68.64 0.53 29.54
C MET L 13 68.67 0.97 28.07
N LEU L 14 69.79 0.76 27.39
CA LEU L 14 69.87 1.10 25.97
C LEU L 14 68.89 0.28 25.15
N ARG L 15 68.78 -1.02 25.46
CA ARG L 15 67.83 -1.87 24.77
C ARG L 15 66.39 -1.41 25.03
N PHE L 16 66.10 -0.99 26.27
CA PHE L 16 64.78 -0.45 26.56
C PHE L 16 64.48 0.78 25.72
N ASP L 17 65.43 1.71 25.64
CA ASP L 17 65.22 2.91 24.83
C ASP L 17 65.01 2.55 23.36
N ARG L 18 65.83 1.64 22.84
CA ARG L 18 65.72 1.23 21.45
C ARG L 18 64.38 0.58 21.16
N ALA L 19 63.88 -0.24 22.09
CA ALA L 19 62.57 -0.87 21.89
C ALA L 19 61.43 0.14 21.99
N TYR L 20 61.53 1.11 22.90
CA TYR L 20 60.46 2.08 23.07
C TYR L 20 60.42 3.10 21.94
N SER L 21 61.55 3.37 21.30
CA SER L 21 61.59 4.44 20.31
C SER L 21 60.61 4.25 19.14
N PRO L 22 60.55 3.10 18.46
CA PRO L 22 59.67 3.02 17.28
C PRO L 22 58.19 2.97 17.63
N GLN L 23 57.82 2.13 18.59
CA GLN L 23 56.41 1.89 18.91
C GLN L 23 55.93 2.90 19.96
N LYS L 24 55.91 4.17 19.55
CA LYS L 24 55.47 5.25 20.42
C LYS L 24 54.17 5.89 19.97
N GLU L 25 53.95 6.04 18.66
CA GLU L 25 52.74 6.66 18.15
C GLU L 25 51.57 5.70 18.00
N VAL L 26 51.80 4.40 18.21
CA VAL L 26 50.70 3.44 18.12
C VAL L 26 50.04 3.25 19.48
N ARG L 27 50.87 3.11 20.52
CA ARG L 27 50.33 2.90 21.87
C ARG L 27 49.58 4.13 22.36
N GLU L 28 49.97 5.32 21.91
CA GLU L 28 49.18 6.51 22.23
C GLU L 28 47.78 6.39 21.67
N LYS L 29 47.66 5.95 20.42
CA LYS L 29 46.33 5.77 19.82
C LYS L 29 45.54 4.71 20.56
N CYS L 30 46.18 3.60 20.93
CA CYS L 30 45.47 2.55 21.64
C CYS L 30 44.94 3.03 23.00
N ILE L 31 45.80 3.72 23.75
CA ILE L 31 45.40 4.22 25.06
C ILE L 31 44.31 5.28 24.93
N GLU L 32 44.43 6.15 23.92
CA GLU L 32 43.41 7.16 23.70
C GLU L 32 42.07 6.53 23.36
N ALA L 33 42.08 5.48 22.53
CA ALA L 33 40.84 4.80 22.19
C ALA L 33 40.21 4.15 23.42
N THR L 34 41.02 3.46 24.23
CA THR L 34 40.47 2.84 25.44
C THR L 34 39.88 3.89 26.37
N ARG L 35 40.60 4.99 26.59
CA ARG L 35 40.11 6.05 27.48
C ARG L 35 38.85 6.69 26.92
N PHE L 36 38.80 6.90 25.60
CA PHE L 36 37.63 7.46 24.95
C PHE L 36 36.42 6.54 25.09
N ALA L 37 36.64 5.23 25.07
CA ALA L 37 35.52 4.30 25.15
C ALA L 37 35.03 4.07 26.58
N ARG L 38 35.92 4.11 27.57
CA ARG L 38 35.57 3.66 28.91
C ARG L 38 35.49 4.76 29.96
N VAL L 39 36.40 5.72 29.95
CA VAL L 39 36.41 6.77 30.98
C VAL L 39 35.16 7.63 30.83
N PRO L 40 34.46 7.97 31.93
CA PRO L 40 33.22 8.75 31.80
C PRO L 40 33.41 10.11 31.15
N GLY L 41 34.54 10.78 31.39
CA GLY L 41 34.82 12.07 30.80
C GLY L 41 35.83 12.07 29.69
N GLY L 42 36.19 10.90 29.14
CA GLY L 42 37.28 10.82 28.19
C GLY L 42 36.97 11.23 26.78
N GLN L 43 35.71 11.54 26.47
CA GLN L 43 35.36 11.94 25.11
C GLN L 43 35.71 13.40 24.82
N TRP L 44 35.95 14.22 25.85
CA TRP L 44 36.28 15.62 25.66
C TRP L 44 37.70 15.95 26.11
N GLU L 45 38.54 14.94 26.30
CA GLU L 45 39.91 15.18 26.76
C GLU L 45 40.70 15.96 25.72
N GLY L 46 41.60 16.81 26.20
CA GLY L 46 42.33 17.72 25.36
C GLY L 46 41.74 19.11 25.31
N ALA L 47 40.46 19.26 25.66
CA ALA L 47 39.81 20.56 25.77
C ALA L 47 38.93 20.62 27.00
N THR L 48 39.40 20.06 28.11
CA THR L 48 38.59 20.02 29.34
C THR L 48 38.34 21.43 29.87
N ALA L 49 39.33 22.31 29.79
CA ALA L 49 39.21 23.68 30.27
C ALA L 49 39.27 24.61 29.06
N ALA L 50 38.13 25.14 28.65
CA ALA L 50 38.06 26.11 27.57
C ALA L 50 36.95 27.10 27.86
N GLY L 51 37.26 28.38 27.75
CA GLY L 51 36.27 29.40 28.04
C GLY L 51 36.72 30.76 27.56
N THR L 52 35.87 31.75 27.78
CA THR L 52 36.12 33.12 27.38
C THR L 52 35.96 34.05 28.57
N LYS L 53 36.38 35.30 28.39
CA LYS L 53 36.35 36.26 29.48
C LYS L 53 34.92 36.58 29.90
N LEU L 54 34.07 36.91 28.94
CA LEU L 54 32.63 37.11 29.17
C LEU L 54 32.38 38.08 30.33
N ASP L 55 32.94 39.28 30.19
CA ASP L 55 32.80 40.36 31.18
C ASP L 55 33.34 39.94 32.54
N GLU L 56 34.67 39.76 32.57
CA GLU L 56 35.43 39.61 33.82
C GLU L 56 35.11 38.29 34.54
N GLN L 57 34.91 37.23 33.76
CA GLN L 57 34.68 35.90 34.30
C GLN L 57 35.45 34.90 33.44
N PHE L 58 35.18 33.62 33.63
CA PHE L 58 35.70 32.58 32.75
C PHE L 58 34.66 31.48 32.56
N GLU L 59 33.43 31.86 32.26
CA GLU L 59 32.39 30.87 32.01
C GLU L 59 32.83 29.93 30.89
N LYS L 60 32.77 28.63 31.17
CA LYS L 60 33.28 27.60 30.27
C LYS L 60 32.19 27.12 29.34
N TYR L 61 32.61 26.61 28.19
CA TYR L 61 31.66 26.08 27.22
C TYR L 61 31.00 24.81 27.76
N PRO L 62 29.71 24.65 27.57
CA PRO L 62 29.07 23.37 27.93
C PRO L 62 29.56 22.26 27.03
N LYS L 63 29.95 21.13 27.64
CA LYS L 63 30.53 20.00 26.91
C LYS L 63 29.77 18.73 27.30
N PHE L 64 28.66 18.48 26.62
CA PHE L 64 27.88 17.28 26.86
C PHE L 64 28.52 16.07 26.19
N GLU L 65 28.19 14.88 26.67
CA GLU L 65 28.76 13.64 26.18
C GLU L 65 27.63 12.62 26.00
N ILE L 66 27.48 12.13 24.77
CA ILE L 66 26.47 11.13 24.44
C ILE L 66 27.20 9.98 23.79
N ASN L 67 27.48 8.94 24.57
CA ASN L 67 28.31 7.83 24.09
C ASN L 67 27.45 6.84 23.31
N LYS L 68 27.74 6.69 22.02
CA LYS L 68 27.03 5.75 21.16
C LYS L 68 27.96 4.76 20.47
N VAL L 69 29.27 4.89 20.71
CA VAL L 69 30.25 4.05 19.99
C VAL L 69 30.51 2.77 20.75
N ALA L 70 30.10 2.71 22.00
CA ALA L 70 30.44 1.50 22.78
C ALA L 70 29.37 0.42 22.63
N THR L 71 28.21 0.71 22.06
CA THR L 71 27.15 -0.34 22.03
C THR L 71 27.61 -1.54 21.21
N GLU L 72 28.23 -1.29 20.05
CA GLU L 72 28.73 -2.38 19.18
C GLU L 72 29.85 -3.14 19.87
N LEU L 73 30.74 -2.43 20.57
CA LEU L 73 31.90 -3.11 21.21
C LEU L 73 31.35 -4.07 22.24
N ASN L 74 30.31 -3.67 22.95
CA ASN L 74 29.79 -4.56 24.01
C ASN L 74 29.25 -5.83 23.37
N ARG L 75 28.65 -5.74 22.18
CA ARG L 75 28.20 -6.97 21.48
C ARG L 75 29.41 -7.86 21.16
N ILE L 76 30.52 -7.30 20.70
CA ILE L 76 31.69 -8.15 20.31
C ILE L 76 32.22 -8.88 21.53
N ILE L 77 32.31 -8.20 22.67
CA ILE L 77 32.78 -8.84 23.94
C ILE L 77 31.77 -9.91 24.34
N ALA L 78 30.49 -9.63 24.19
CA ALA L 78 29.44 -10.58 24.62
C ALA L 78 29.57 -11.86 23.80
N GLU L 79 29.82 -11.76 22.50
CA GLU L 79 29.86 -12.98 21.69
C GLU L 79 31.00 -13.88 22.21
N TYR L 80 32.15 -13.31 22.55
CA TYR L 80 33.28 -14.17 22.98
C TYR L 80 32.89 -14.91 24.26
N ARG L 81 32.31 -14.20 25.22
CA ARG L 81 32.02 -14.84 26.52
C ARG L 81 31.00 -15.95 26.32
N ASN L 82 30.03 -15.76 25.42
CA ASN L 82 28.96 -16.78 25.27
C ASN L 82 29.61 -18.09 24.81
N ASN L 83 30.61 -18.02 23.94
CA ASN L 83 31.25 -19.25 23.41
C ASN L 83 32.76 -19.14 23.62
N ARG L 84 33.22 -19.36 24.84
CA ARG L 84 34.66 -19.25 25.17
C ARG L 84 35.42 -20.39 24.50
N ILE L 85 36.66 -20.15 24.09
CA ILE L 85 37.51 -21.20 23.44
C ILE L 85 38.74 -21.47 24.31
N THR L 86 39.29 -22.68 24.25
CA THR L 86 40.48 -23.05 24.99
C THR L 86 41.37 -23.90 24.08
N VAL L 87 42.47 -24.38 24.63
CA VAL L 87 43.45 -25.16 23.87
C VAL L 87 43.07 -26.63 23.93
N LYS L 88 43.16 -27.30 22.78
CA LYS L 88 42.85 -28.72 22.66
C LYS L 88 44.00 -29.43 21.98
N PHE L 89 44.23 -30.69 22.35
CA PHE L 89 45.30 -31.49 21.78
C PHE L 89 44.72 -32.64 20.97
N ARG L 90 45.13 -32.75 19.71
CA ARG L 90 44.62 -33.78 18.82
C ARG L 90 45.63 -34.92 18.68
N PRO L 91 45.18 -36.17 18.83
CA PRO L 91 46.09 -37.31 18.74
C PRO L 91 46.56 -37.55 17.31
N GLY L 92 47.69 -38.24 17.21
CA GLY L 92 48.25 -38.62 15.93
C GLY L 92 47.89 -40.03 15.54
N ASP L 93 48.63 -40.56 14.56
CA ASP L 93 48.39 -41.90 14.05
C ASP L 93 49.35 -42.89 14.70
N ARG L 94 49.19 -43.03 16.02
CA ARG L 94 49.97 -44.00 16.78
C ARG L 94 49.05 -44.72 17.75
N GLU L 95 49.62 -45.69 18.46
CA GLU L 95 48.81 -46.52 19.36
C GLU L 95 48.57 -45.85 20.70
N ALA L 96 49.45 -44.91 21.10
CA ALA L 96 49.32 -44.26 22.40
C ALA L 96 48.95 -42.79 22.26
N SER L 97 48.66 -42.33 21.05
CA SER L 97 48.36 -40.92 20.82
C SER L 97 47.10 -40.48 21.55
N GLU L 98 46.04 -41.29 21.54
CA GLU L 98 44.80 -40.91 22.21
C GLU L 98 45.02 -40.72 23.70
N GLU L 99 45.69 -41.68 24.34
CA GLU L 99 45.94 -41.58 25.77
C GLU L 99 46.84 -40.40 26.10
N LEU L 100 47.88 -40.19 25.29
CA LEU L 100 48.78 -39.06 25.51
C LEU L 100 48.04 -37.74 25.40
N ALA L 101 47.18 -37.60 24.38
CA ALA L 101 46.42 -36.36 24.22
C ALA L 101 45.45 -36.16 25.37
N ASN L 102 44.81 -37.23 25.83
CA ASN L 102 43.90 -37.11 26.97
C ASN L 102 44.65 -36.64 28.21
N LYS L 103 45.81 -37.23 28.48
CA LYS L 103 46.61 -36.80 29.63
C LYS L 103 47.03 -35.35 29.49
N LEU L 104 47.46 -34.95 28.29
CA LEU L 104 47.94 -33.58 28.09
C LEU L 104 46.85 -32.55 28.30
N ASN L 105 45.69 -32.75 27.68
CA ASN L 105 44.63 -31.76 27.81
C ASN L 105 43.82 -31.94 29.09
N GLY L 106 44.11 -32.96 29.89
CA GLY L 106 43.63 -32.99 31.25
C GLY L 106 44.52 -32.18 32.17
N LEU L 107 45.84 -32.33 32.01
CA LEU L 107 46.77 -31.52 32.80
C LEU L 107 46.59 -30.04 32.50
N PHE L 108 46.46 -29.68 31.22
CA PHE L 108 46.28 -28.28 30.84
C PHE L 108 44.96 -27.76 31.39
N ARG L 109 43.90 -28.57 31.34
CA ARG L 109 42.61 -28.13 31.87
C ARG L 109 42.70 -27.88 33.37
N ALA L 110 43.38 -28.76 34.10
CA ALA L 110 43.55 -28.56 35.54
C ALA L 110 44.34 -27.28 35.82
N ASP L 111 45.41 -27.06 35.07
CA ASP L 111 46.21 -25.85 35.26
C ASP L 111 45.38 -24.60 34.98
N TYR L 112 44.55 -24.64 33.94
CA TYR L 112 43.71 -23.49 33.62
C TYR L 112 42.65 -23.27 34.69
N GLU L 113 42.06 -24.34 35.22
CA GLU L 113 40.96 -24.18 36.16
C GLU L 113 41.44 -23.73 37.54
N GLU L 114 42.56 -24.26 38.01
CA GLU L 114 43.05 -23.95 39.35
C GLU L 114 43.70 -22.56 39.42
N THR L 115 43.82 -21.86 38.30
CA THR L 115 44.46 -20.56 38.28
C THR L 115 43.53 -19.61 37.52
N ASP L 116 43.88 -18.33 37.48
CA ASP L 116 43.01 -17.28 36.94
C ASP L 116 43.22 -17.07 35.45
N GLY L 117 43.56 -18.14 34.73
CA GLY L 117 43.71 -18.03 33.29
C GLY L 117 42.45 -17.56 32.60
N GLY L 118 41.29 -17.89 33.18
CA GLY L 118 40.04 -17.38 32.64
C GLY L 118 39.98 -15.86 32.68
N GLU L 119 40.33 -15.28 33.83
CA GLU L 119 40.39 -13.82 33.92
C GLU L 119 41.45 -13.26 32.97
N ALA L 120 42.57 -13.97 32.84
CA ALA L 120 43.62 -13.51 31.94
C ALA L 120 43.11 -13.40 30.50
N CYS L 121 42.48 -14.46 30.01
CA CYS L 121 41.97 -14.44 28.64
C CYS L 121 40.84 -13.43 28.47
N ASP L 122 39.96 -13.31 29.46
CA ASP L 122 38.88 -12.34 29.34
C ASP L 122 39.41 -10.91 29.28
N ASN L 123 40.36 -10.58 30.14
CA ASN L 123 40.95 -9.24 30.11
C ASN L 123 41.70 -9.00 28.81
N ALA L 124 42.42 -10.03 28.32
CA ALA L 124 43.13 -9.88 27.06
C ALA L 124 42.17 -9.59 25.92
N PHE L 125 41.05 -10.33 25.86
CA PHE L 125 40.08 -10.08 24.80
C PHE L 125 39.46 -8.69 24.93
N ASP L 126 39.14 -8.28 26.17
CA ASP L 126 38.55 -6.95 26.34
C ASP L 126 39.50 -5.86 25.86
N ASP L 127 40.77 -5.95 26.25
CA ASP L 127 41.74 -4.94 25.81
C ASP L 127 41.95 -4.98 24.31
N ALA L 128 42.04 -6.18 23.73
CA ALA L 128 42.26 -6.29 22.29
C ALA L 128 41.08 -5.73 21.50
N ALA L 129 39.85 -5.97 21.96
CA ALA L 129 38.68 -5.47 21.26
C ALA L 129 38.49 -3.98 21.45
N THR L 130 38.88 -3.44 22.61
CA THR L 130 38.69 -2.01 22.86
C THR L 130 39.79 -1.18 22.20
N GLY L 131 41.04 -1.40 22.59
CA GLY L 131 42.13 -0.61 22.07
C GLY L 131 42.77 -1.19 20.83
N GLY L 132 43.19 -2.46 20.91
CA GLY L 132 43.82 -3.11 19.79
C GLY L 132 44.99 -3.98 20.18
N PHE L 133 45.33 -4.00 21.46
CA PHE L 133 46.47 -4.78 21.94
C PHE L 133 46.10 -5.47 23.26
N GLY L 134 46.59 -6.69 23.43
CA GLY L 134 46.37 -7.42 24.66
C GLY L 134 47.45 -8.46 24.87
N CYS L 135 47.57 -8.93 26.10
CA CYS L 135 48.60 -9.90 26.43
C CYS L 135 48.23 -10.64 27.71
N PHE L 136 48.83 -11.81 27.90
CA PHE L 136 48.73 -12.55 29.15
C PHE L 136 50.01 -13.37 29.32
N ARG L 137 50.27 -13.76 30.57
CA ARG L 137 51.56 -14.30 30.96
C ARG L 137 51.41 -15.74 31.44
N LEU L 138 52.46 -16.53 31.23
CA LEU L 138 52.48 -17.95 31.57
C LEU L 138 53.69 -18.20 32.46
N THR L 139 53.46 -18.29 33.77
CA THR L 139 54.55 -18.42 34.74
C THR L 139 54.50 -19.79 35.42
N SER L 140 55.52 -20.06 36.23
CA SER L 140 55.61 -21.28 37.01
C SER L 140 55.69 -20.92 38.49
N MET L 141 54.91 -21.60 39.32
CA MET L 141 54.85 -21.32 40.73
C MET L 141 55.02 -22.62 41.53
N LEU L 142 55.41 -22.47 42.79
CA LEU L 142 55.65 -23.61 43.67
C LEU L 142 54.52 -23.69 44.70
N VAL L 143 54.00 -24.89 44.91
CA VAL L 143 52.94 -25.11 45.89
C VAL L 143 52.92 -26.57 46.32
N ARG L 152 55.18 -30.27 43.49
CA ARG L 152 55.78 -29.11 44.14
C ARG L 152 56.04 -27.98 43.14
N GLN L 153 56.06 -28.33 41.85
CA GLN L 153 56.26 -27.36 40.78
C GLN L 153 55.04 -27.36 39.87
N ARG L 154 54.57 -26.15 39.55
CA ARG L 154 53.33 -26.00 38.80
C ARG L 154 53.49 -24.86 37.80
N ILE L 155 52.75 -24.97 36.70
CA ILE L 155 52.70 -23.93 35.68
C ILE L 155 51.34 -23.25 35.76
N ALA L 156 51.34 -21.93 35.87
CA ALA L 156 50.12 -21.17 36.07
C ALA L 156 49.99 -20.10 34.99
N ILE L 157 48.78 -19.58 34.84
CA ILE L 157 48.46 -18.55 33.85
C ILE L 157 48.13 -17.27 34.60
N GLU L 158 48.79 -16.18 34.25
CA GLU L 158 48.63 -14.91 34.94
C GLU L 158 48.25 -13.82 33.95
N PRO L 159 47.44 -12.86 34.37
CA PRO L 159 47.04 -11.77 33.48
C PRO L 159 48.05 -10.63 33.48
N ILE L 160 47.99 -9.84 32.40
CA ILE L 160 48.81 -8.65 32.24
C ILE L 160 47.88 -7.46 32.10
N TYR L 161 48.11 -6.43 32.91
CA TYR L 161 47.28 -5.24 32.91
C TYR L 161 48.02 -4.08 32.25
N ASP L 162 47.27 -3.28 31.48
CA ASP L 162 47.79 -2.17 30.69
C ASP L 162 48.88 -2.63 29.74
N PRO L 163 48.59 -3.58 28.84
CA PRO L 163 49.65 -4.07 27.94
C PRO L 163 50.24 -2.99 27.05
N SER L 164 49.41 -2.07 26.57
CA SER L 164 49.87 -1.06 25.61
C SER L 164 50.96 -0.17 26.17
N ARG L 165 51.02 0.00 27.49
CA ARG L 165 52.07 0.78 28.12
C ARG L 165 52.85 -0.04 29.14
N SER L 166 52.73 -1.36 29.09
CA SER L 166 53.46 -2.21 30.02
C SER L 166 54.38 -3.19 29.30
N VAL L 167 54.01 -3.61 28.10
CA VAL L 167 54.73 -4.67 27.39
C VAL L 167 55.44 -4.08 26.18
N TRP L 168 56.74 -4.36 26.06
CA TRP L 168 57.54 -3.96 24.91
C TRP L 168 58.35 -5.16 24.44
N PHE L 169 58.40 -5.37 23.13
CA PHE L 169 59.09 -6.51 22.55
C PHE L 169 60.32 -6.07 21.77
N ASP L 170 61.09 -7.06 21.33
CA ASP L 170 62.26 -6.80 20.52
C ASP L 170 61.83 -6.18 19.19
N PRO L 171 62.42 -5.04 18.79
CA PRO L 171 62.05 -4.44 17.50
C PRO L 171 62.34 -5.32 16.30
N ASP L 172 63.20 -6.32 16.41
CA ASP L 172 63.54 -7.18 15.29
C ASP L 172 62.57 -8.34 15.11
N ALA L 173 61.54 -8.43 15.94
CA ALA L 173 60.53 -9.49 15.80
C ALA L 173 59.35 -8.95 15.00
N LYS L 174 59.01 -9.65 13.92
CA LYS L 174 57.94 -9.22 13.04
C LYS L 174 56.76 -10.17 12.98
N LYS L 175 56.91 -11.42 13.42
CA LYS L 175 55.84 -12.39 13.29
C LYS L 175 54.71 -12.07 14.28
N TYR L 176 53.55 -12.68 14.03
CA TYR L 176 52.40 -12.46 14.90
C TYR L 176 52.66 -13.01 16.30
N ASP L 177 53.31 -14.16 16.39
CA ASP L 177 53.58 -14.80 17.67
C ASP L 177 54.87 -14.31 18.31
N LYS L 178 55.64 -13.46 17.62
CA LYS L 178 56.91 -12.94 18.13
C LYS L 178 57.87 -14.08 18.50
N SER L 179 57.91 -15.11 17.66
CA SER L 179 58.84 -16.20 17.90
C SER L 179 60.28 -15.78 17.65
N ASP L 180 60.48 -14.84 16.72
CA ASP L 180 61.82 -14.34 16.42
C ASP L 180 62.19 -13.14 17.28
N ALA L 181 62.09 -13.32 18.60
CA ALA L 181 62.40 -12.26 19.56
C ALA L 181 63.48 -12.75 20.52
N LEU L 182 64.42 -11.87 20.83
CA LEU L 182 65.51 -12.20 21.73
C LEU L 182 65.33 -11.66 23.14
N TRP L 183 64.65 -10.53 23.31
CA TRP L 183 64.46 -9.97 24.65
C TRP L 183 63.14 -9.23 24.69
N ALA L 184 62.62 -9.05 25.89
CA ALA L 184 61.34 -8.38 26.07
C ALA L 184 61.26 -7.82 27.49
N PHE L 185 60.36 -6.86 27.67
CA PHE L 185 60.14 -6.19 28.94
C PHE L 185 58.68 -6.35 29.36
N CYS L 186 58.46 -6.46 30.67
CA CYS L 186 57.11 -6.49 31.23
C CYS L 186 57.10 -5.52 32.41
N MET L 187 56.43 -4.39 32.24
CA MET L 187 56.39 -3.35 33.27
C MET L 187 55.15 -3.48 34.12
N TYR L 188 55.27 -3.10 35.39
CA TYR L 188 54.11 -3.04 36.26
C TYR L 188 54.38 -2.05 37.39
N SER L 189 53.30 -1.54 37.96
CA SER L 189 53.37 -0.55 39.02
C SER L 189 53.47 -1.23 40.38
N LEU L 190 53.95 -0.46 41.36
CA LEU L 190 54.19 -0.98 42.70
C LEU L 190 53.99 0.16 43.69
N SER L 191 53.72 -0.21 44.95
CA SER L 191 53.54 0.80 45.97
C SER L 191 54.75 0.85 46.90
N PRO L 192 55.04 2.02 47.49
CA PRO L 192 56.22 2.13 48.35
C PRO L 192 56.19 1.17 49.53
N GLU L 193 55.02 0.89 50.08
CA GLU L 193 54.94 -0.03 51.21
C GLU L 193 55.38 -1.44 50.83
N LYS L 194 54.89 -1.96 49.70
CA LYS L 194 55.33 -3.27 49.25
C LYS L 194 56.79 -3.24 48.78
N TYR L 195 57.24 -2.12 48.22
CA TYR L 195 58.64 -2.00 47.83
C TYR L 195 59.54 -2.08 49.04
N GLU L 196 59.10 -1.52 50.17
CA GLU L 196 59.87 -1.64 51.41
C GLU L 196 59.74 -3.02 52.02
N ALA L 197 58.57 -3.65 51.90
CA ALA L 197 58.39 -5.01 52.43
C ALA L 197 59.32 -5.99 51.73
N GLU L 198 59.31 -5.99 50.40
CA GLU L 198 60.24 -6.78 49.62
C GLU L 198 61.55 -6.00 49.46
N TYR L 199 62.53 -6.60 48.80
CA TYR L 199 63.80 -5.94 48.45
C TYR L 199 64.43 -5.41 49.73
N GLY L 200 64.47 -4.11 49.95
CA GLY L 200 65.02 -3.57 51.19
C GLY L 200 64.63 -2.12 51.36
N LYS L 201 64.57 -1.68 52.62
CA LYS L 201 64.28 -0.30 52.93
C LYS L 201 65.49 0.61 52.77
N LYS L 202 66.69 0.04 52.70
CA LYS L 202 67.90 0.85 52.62
C LYS L 202 67.96 1.75 51.40
N PRO L 203 67.77 1.26 50.16
CA PRO L 203 67.95 2.13 49.00
C PRO L 203 66.70 2.94 48.72
N PRO L 204 66.86 4.25 48.46
CA PRO L 204 65.72 5.05 48.00
C PRO L 204 65.12 4.48 46.72
N THR L 205 63.80 4.59 46.58
CA THR L 205 63.10 4.02 45.44
C THR L 205 63.33 4.87 44.19
N SER L 206 63.76 4.23 43.11
CA SER L 206 63.94 4.87 41.82
C SER L 206 63.04 4.19 40.81
N LEU L 207 62.32 4.98 40.01
CA LEU L 207 61.34 4.47 39.08
C LEU L 207 61.81 4.67 37.64
N ASP L 208 61.27 3.86 36.74
CA ASP L 208 61.56 4.01 35.32
C ASP L 208 60.83 5.22 34.75
N VAL L 209 61.27 5.66 33.57
CA VAL L 209 60.63 6.74 32.83
C VAL L 209 60.27 6.23 31.45
N THR L 210 59.04 6.52 31.01
CA THR L 210 58.58 6.03 29.71
C THR L 210 57.91 7.15 28.92
N SER L 211 57.49 8.21 29.62
CA SER L 211 56.79 9.34 29.00
C SER L 211 55.55 8.86 28.25
N MET L 212 54.83 7.92 28.84
CA MET L 212 53.66 7.31 28.21
C MET L 212 52.36 7.85 28.78
N THR L 213 52.24 7.90 30.10
CA THR L 213 51.05 8.42 30.74
C THR L 213 51.14 9.94 30.86
N SER L 214 50.26 10.53 31.66
CA SER L 214 50.13 11.98 31.85
C SER L 214 49.71 12.69 30.56
N TRP L 215 49.27 11.94 29.56
CA TRP L 215 48.85 12.52 28.28
C TRP L 215 47.34 12.75 28.36
N GLU L 216 46.95 13.97 28.72
CA GLU L 216 45.56 14.35 28.96
C GLU L 216 44.94 13.53 30.10
N TYR L 217 45.56 13.64 31.27
CA TYR L 217 45.02 13.08 32.50
C TYR L 217 45.66 13.78 33.69
N ASN L 218 44.84 14.07 34.69
CA ASN L 218 45.32 14.72 35.91
C ASN L 218 45.94 13.69 36.85
N TRP L 219 47.22 13.83 37.12
CA TRP L 219 47.95 12.92 38.01
C TRP L 219 48.08 13.56 39.39
N PHE L 220 47.68 12.81 40.41
CA PHE L 220 47.70 13.30 41.78
C PHE L 220 48.46 12.34 42.69
N GLY L 221 48.56 11.08 42.27
CA GLY L 221 49.22 10.06 43.06
C GLY L 221 50.64 9.78 42.63
N ALA L 222 51.61 10.16 43.47
CA ALA L 222 53.02 9.91 43.23
C ALA L 222 53.54 8.71 44.01
N ASP L 223 52.65 7.83 44.47
CA ASP L 223 53.02 6.65 45.25
C ASP L 223 53.09 5.41 44.38
N VAL L 224 53.56 5.56 43.14
CA VAL L 224 53.72 4.44 42.22
C VAL L 224 55.17 4.36 41.77
N ILE L 225 55.72 3.16 41.79
CA ILE L 225 57.07 2.89 41.31
C ILE L 225 56.95 1.86 40.19
N TYR L 226 57.56 2.15 39.05
CA TYR L 226 57.42 1.31 37.87
C TYR L 226 58.61 0.36 37.77
N ILE L 227 58.35 -0.93 37.84
CA ILE L 227 59.39 -1.96 37.83
C ILE L 227 59.13 -2.88 36.65
N ALA L 228 60.21 -3.23 35.95
CA ALA L 228 60.12 -4.03 34.74
C ALA L 228 60.91 -5.31 34.88
N LYS L 229 60.31 -6.41 34.43
CA LYS L 229 60.97 -7.69 34.31
C LYS L 229 61.56 -7.81 32.92
N TYR L 230 62.82 -8.25 32.84
CA TYR L 230 63.56 -8.33 31.60
C TYR L 230 63.81 -9.79 31.25
N TYR L 231 63.44 -10.19 30.04
CA TYR L 231 63.59 -11.57 29.60
C TYR L 231 64.72 -11.67 28.57
N GLU L 232 65.53 -12.71 28.71
CA GLU L 232 66.62 -12.98 27.78
C GLU L 232 66.49 -14.39 27.24
N VAL L 233 67.01 -14.61 26.04
CA VAL L 233 67.23 -15.95 25.51
C VAL L 233 68.69 -16.04 25.10
N ARG L 234 69.37 -17.10 25.56
CA ARG L 234 70.78 -17.26 25.32
C ARG L 234 71.06 -18.66 24.78
N LYS L 235 72.18 -18.79 24.09
CA LYS L 235 72.71 -20.08 23.67
C LYS L 235 73.94 -20.38 24.51
N GLU L 236 73.91 -21.48 25.25
CA GLU L 236 74.95 -21.81 26.20
C GLU L 236 75.49 -23.21 25.92
N SER L 237 76.66 -23.49 26.47
CA SER L 237 77.27 -24.81 26.37
C SER L 237 76.91 -25.62 27.60
N VAL L 238 76.25 -26.75 27.39
CA VAL L 238 75.78 -27.61 28.47
C VAL L 238 76.14 -29.05 28.14
N ASP L 239 76.49 -29.81 29.17
CA ASP L 239 76.89 -31.21 29.02
C ASP L 239 75.76 -32.11 29.48
N VAL L 240 75.46 -33.13 28.67
CA VAL L 240 74.39 -34.08 28.98
C VAL L 240 75.02 -35.41 29.34
N ILE L 241 74.33 -36.18 30.19
CA ILE L 241 74.84 -37.45 30.70
C ILE L 241 73.87 -38.55 30.30
N SER L 242 74.41 -39.66 29.80
CA SER L 242 73.60 -40.77 29.31
C SER L 242 73.64 -41.91 30.33
N TYR L 243 72.52 -42.13 31.01
CA TYR L 243 72.39 -43.25 31.95
C TYR L 243 71.86 -44.46 31.20
N ARG L 244 72.56 -45.58 31.29
CA ARG L 244 72.20 -46.81 30.58
C ARG L 244 71.94 -47.96 31.53
N HIS L 245 71.17 -47.72 32.59
CA HIS L 245 70.80 -48.78 33.51
C HIS L 245 69.90 -49.78 32.79
N PRO L 246 70.24 -51.08 32.79
CA PRO L 246 69.45 -52.03 31.99
C PRO L 246 67.99 -52.09 32.38
N ILE L 247 67.65 -51.94 33.65
CA ILE L 247 66.27 -52.00 34.08
C ILE L 247 65.59 -50.66 33.81
N THR L 248 64.41 -50.70 33.19
CA THR L 248 63.58 -49.54 32.91
C THR L 248 64.32 -48.53 32.02
N GLY L 249 64.59 -48.96 30.79
CA GLY L 249 65.12 -48.06 29.77
C GLY L 249 66.62 -47.92 29.76
N GLU L 250 67.22 -48.06 28.58
CA GLU L 250 68.66 -47.99 28.42
C GLU L 250 69.13 -46.64 27.87
N ILE L 251 68.57 -46.20 26.75
CA ILE L 251 68.93 -44.91 26.17
C ILE L 251 68.17 -43.83 26.92
N ALA L 252 68.87 -43.05 27.74
CA ALA L 252 68.25 -42.00 28.52
C ALA L 252 69.30 -40.94 28.83
N THR L 253 69.23 -39.81 28.12
CA THR L 253 70.17 -38.72 28.29
C THR L 253 69.56 -37.65 29.18
N TYR L 254 70.32 -37.18 30.16
CA TYR L 254 69.83 -36.21 31.14
C TYR L 254 70.76 -35.01 31.19
N ASP L 255 70.24 -33.90 31.71
CA ASP L 255 70.99 -32.67 31.83
C ASP L 255 71.89 -32.71 33.05
N SER L 256 72.90 -31.84 33.05
CA SER L 256 73.85 -31.75 34.16
C SER L 256 73.25 -31.08 35.39
N ASP L 257 72.07 -30.47 35.27
CA ASP L 257 71.43 -29.86 36.44
C ASP L 257 71.10 -30.90 37.49
N GLN L 258 70.63 -32.07 37.07
CA GLN L 258 70.30 -33.15 37.99
C GLN L 258 71.50 -34.08 38.11
N VAL L 259 71.94 -34.32 39.35
CA VAL L 259 73.15 -35.09 39.61
C VAL L 259 72.79 -36.24 40.55
N GLU L 260 73.63 -37.28 40.54
CA GLU L 260 73.38 -38.44 41.38
C GLU L 260 73.38 -38.10 42.86
N ASP L 261 73.96 -36.96 43.24
CA ASP L 261 73.98 -36.52 44.63
C ASP L 261 72.93 -35.45 44.93
N ILE L 262 72.65 -34.56 43.99
CA ILE L 262 71.57 -33.59 44.18
C ILE L 262 70.23 -34.31 44.24
N GLU L 263 70.01 -35.24 43.32
CA GLU L 263 68.85 -36.13 43.33
C GLU L 263 69.29 -37.50 43.83
N ASP L 264 68.56 -38.07 44.77
CA ASP L 264 68.98 -39.28 45.46
C ASP L 264 68.86 -40.49 44.53
N GLU L 265 69.77 -40.53 43.56
CA GLU L 265 69.85 -41.67 42.65
C GLU L 265 70.72 -42.78 43.22
N LEU L 266 71.96 -42.45 43.57
CA LEU L 266 72.89 -43.37 44.24
C LEU L 266 73.11 -44.66 43.45
N ALA L 267 73.18 -44.54 42.12
CA ALA L 267 73.44 -45.65 41.22
C ALA L 267 72.44 -46.80 41.37
N ILE L 268 71.28 -46.52 41.97
CA ILE L 268 70.25 -47.54 42.12
C ILE L 268 69.69 -47.92 40.76
N ALA L 269 69.43 -46.93 39.92
CA ALA L 269 68.83 -47.13 38.60
C ALA L 269 69.61 -46.36 37.54
N GLY L 270 70.93 -46.40 37.61
CA GLY L 270 71.74 -45.67 36.64
C GLY L 270 73.16 -46.17 36.47
N PHE L 271 73.67 -46.06 35.25
CA PHE L 271 75.07 -46.31 34.94
C PHE L 271 75.64 -45.09 34.22
N HIS L 272 76.94 -44.83 34.41
CA HIS L 272 77.52 -43.59 33.93
C HIS L 272 77.71 -43.61 32.41
N GLU L 273 78.43 -44.62 31.91
CA GLU L 273 78.79 -44.72 30.49
C GLU L 273 79.40 -43.43 29.96
N VAL L 274 78.66 -42.71 29.12
CA VAL L 274 79.16 -41.56 28.39
C VAL L 274 78.54 -40.29 28.95
N ALA L 275 79.38 -39.35 29.38
CA ALA L 275 78.92 -38.06 29.89
C ALA L 275 79.76 -36.92 29.31
N ARG L 276 80.34 -37.13 28.13
CA ARG L 276 81.19 -36.13 27.50
C ARG L 276 80.52 -35.37 26.37
N ARG L 277 79.35 -35.82 25.90
CA ARG L 277 78.69 -35.15 24.79
C ARG L 277 78.14 -33.81 25.24
N SER L 278 78.81 -32.74 24.84
CA SER L 278 78.40 -31.38 25.17
C SER L 278 77.68 -30.76 23.98
N VAL L 279 76.47 -30.27 24.21
CA VAL L 279 75.64 -29.71 23.16
C VAL L 279 75.21 -28.31 23.56
N LYS L 280 74.93 -27.49 22.55
CA LYS L 280 74.43 -26.14 22.80
C LYS L 280 72.92 -26.14 22.88
N ARG L 281 72.38 -25.44 23.88
CA ARG L 281 70.95 -25.46 24.14
C ARG L 281 70.44 -24.02 24.29
N ARG L 282 69.16 -23.85 23.94
CA ARG L 282 68.50 -22.56 23.98
C ARG L 282 67.74 -22.44 25.30
N ARG L 283 68.15 -21.50 26.15
CA ARG L 283 67.58 -21.35 27.48
C ARG L 283 67.25 -19.90 27.75
N VAL L 284 66.29 -19.68 28.65
CA VAL L 284 65.71 -18.37 28.91
C VAL L 284 65.92 -17.99 30.36
N TYR L 285 66.40 -16.77 30.60
CA TYR L 285 66.60 -16.24 31.93
C TYR L 285 65.67 -15.05 32.15
N VAL L 286 65.37 -14.78 33.42
CA VAL L 286 64.52 -13.66 33.81
C VAL L 286 65.25 -12.86 34.87
N SER L 287 64.98 -11.55 34.89
CA SER L 287 65.60 -10.65 35.83
C SER L 287 64.65 -9.49 36.11
N VAL L 288 64.88 -8.81 37.24
CA VAL L 288 64.07 -7.67 37.66
C VAL L 288 65.01 -6.48 37.82
N VAL L 289 64.67 -5.37 37.16
CA VAL L 289 65.52 -4.18 37.15
C VAL L 289 64.66 -2.95 37.39
N ASP L 290 65.34 -1.85 37.75
CA ASP L 290 64.72 -0.55 37.89
C ASP L 290 65.68 0.49 37.33
N GLY L 291 65.42 1.77 37.63
CA GLY L 291 66.30 2.83 37.16
C GLY L 291 67.62 2.92 37.89
N ASP L 292 67.78 2.19 38.99
CA ASP L 292 69.02 2.23 39.77
C ASP L 292 69.92 1.02 39.50
N GLY L 293 69.42 -0.19 39.71
CA GLY L 293 70.24 -1.37 39.55
C GLY L 293 69.44 -2.66 39.44
N PHE L 294 69.97 -3.74 39.99
CA PHE L 294 69.34 -5.05 39.92
C PHE L 294 68.61 -5.35 41.23
N LEU L 295 67.29 -5.45 41.16
CA LEU L 295 66.52 -5.87 42.32
C LEU L 295 66.62 -7.39 42.53
N GLU L 296 66.68 -8.14 41.44
CA GLU L 296 66.89 -9.59 41.50
C GLU L 296 67.81 -9.99 40.35
N LYS L 297 68.84 -10.77 40.67
CA LYS L 297 69.80 -11.19 39.67
C LYS L 297 69.17 -12.19 38.71
N PRO L 298 69.69 -12.29 37.48
CA PRO L 298 69.08 -13.19 36.50
C PRO L 298 69.08 -14.64 36.96
N ARG L 299 67.99 -15.34 36.65
CA ARG L 299 67.86 -16.76 36.94
C ARG L 299 67.06 -17.42 35.84
N ARG L 300 67.41 -18.66 35.52
CA ARG L 300 66.81 -19.35 34.38
C ARG L 300 65.43 -19.88 34.73
N ILE L 301 64.52 -19.80 33.76
CA ILE L 301 63.15 -20.30 33.93
C ILE L 301 63.02 -21.60 33.14
N PRO L 302 62.11 -22.50 33.52
CA PRO L 302 62.04 -23.81 32.83
C PRO L 302 61.23 -23.76 31.53
N GLY L 303 61.90 -23.39 30.46
CA GLY L 303 61.25 -23.35 29.16
C GLY L 303 62.22 -23.02 28.07
N GLU L 304 61.67 -22.86 26.86
CA GLU L 304 62.47 -22.52 25.68
C GLU L 304 62.01 -21.25 24.99
N HIS L 305 60.77 -20.81 25.19
CA HIS L 305 60.24 -19.63 24.56
C HIS L 305 59.96 -18.54 25.59
N ILE L 306 59.83 -17.31 25.11
CA ILE L 306 59.42 -16.22 25.98
C ILE L 306 57.98 -16.45 26.43
N PRO L 307 57.68 -16.37 27.73
CA PRO L 307 56.35 -16.74 28.20
C PRO L 307 55.30 -15.66 28.00
N LEU L 308 55.58 -14.67 27.16
CA LEU L 308 54.61 -13.62 26.85
C LEU L 308 53.84 -13.99 25.60
N ILE L 309 52.51 -13.93 25.70
CA ILE L 309 51.62 -14.31 24.61
C ILE L 309 50.83 -13.08 24.19
N PRO L 310 51.13 -12.52 23.01
CA PRO L 310 50.41 -11.32 22.58
C PRO L 310 49.10 -11.64 21.88
N VAL L 311 48.13 -10.76 22.07
CA VAL L 311 46.82 -10.86 21.45
C VAL L 311 46.51 -9.53 20.76
N TYR L 312 46.05 -9.61 19.51
CA TYR L 312 45.75 -8.42 18.73
C TYR L 312 44.33 -8.48 18.19
N GLY L 313 43.73 -7.30 17.99
CA GLY L 313 42.47 -7.22 17.30
C GLY L 313 42.64 -7.32 15.80
N LYS L 314 43.32 -6.33 15.22
CA LYS L 314 43.77 -6.39 13.83
C LYS L 314 45.19 -5.86 13.78
N ARG L 315 46.09 -6.60 13.12
CA ARG L 315 47.50 -6.26 13.09
C ARG L 315 48.02 -6.29 11.66
N TRP L 316 48.86 -5.31 11.33
CA TRP L 316 49.50 -5.25 10.02
C TRP L 316 50.92 -4.73 10.17
N PHE L 317 51.71 -4.95 9.12
CA PHE L 317 53.09 -4.53 9.04
C PHE L 317 53.26 -3.71 7.78
N ILE L 318 53.16 -2.38 7.91
CA ILE L 318 53.08 -1.48 6.76
C ILE L 318 54.45 -0.97 6.35
N ASP L 319 55.11 -0.20 7.23
CA ASP L 319 56.46 0.31 6.93
C ASP L 319 57.32 0.12 8.19
N ASP L 320 57.89 -1.08 8.31
CA ASP L 320 58.84 -1.41 9.37
C ASP L 320 58.25 -1.22 10.78
N ILE L 321 56.95 -0.96 10.88
CA ILE L 321 56.31 -0.67 12.15
C ILE L 321 55.07 -1.54 12.27
N GLU L 322 54.90 -2.19 13.42
CA GLU L 322 53.71 -2.99 13.68
C GLU L 322 52.55 -2.06 14.06
N ARG L 323 51.50 -2.08 13.24
CA ARG L 323 50.35 -1.20 13.45
C ARG L 323 49.12 -2.02 13.76
N VAL L 324 48.43 -1.65 14.84
CA VAL L 324 47.29 -2.41 15.34
C VAL L 324 46.05 -1.51 15.35
N GLU L 325 44.89 -2.15 15.32
CA GLU L 325 43.62 -1.44 15.33
C GLU L 325 42.57 -2.32 15.99
N GLY L 326 41.66 -1.67 16.72
CA GLY L 326 40.58 -2.37 17.40
C GLY L 326 39.23 -2.12 16.77
N HIS L 327 38.32 -1.49 17.51
CA HIS L 327 36.97 -1.24 17.02
C HIS L 327 36.43 0.13 17.39
N ILE L 328 37.29 1.05 17.83
CA ILE L 328 36.83 2.36 18.29
C ILE L 328 37.56 3.45 17.52
N ALA L 329 38.76 3.14 17.03
CA ALA L 329 39.62 4.16 16.44
C ALA L 329 39.01 4.78 15.19
N LYS L 330 38.12 4.06 14.51
CA LYS L 330 37.57 4.54 13.25
C LYS L 330 36.42 5.52 13.42
N ALA L 331 35.83 5.63 14.61
CA ALA L 331 34.59 6.37 14.79
C ALA L 331 34.70 7.48 15.83
N MET L 332 35.90 7.97 16.12
CA MET L 332 36.03 9.04 17.12
C MET L 332 35.61 10.38 16.55
N ASP L 333 35.94 10.66 15.29
CA ASP L 333 35.61 11.95 14.69
C ASP L 333 34.10 12.20 14.61
N PRO L 334 33.28 11.29 14.07
CA PRO L 334 31.83 11.55 14.07
C PRO L 334 31.26 11.71 15.46
N GLN L 335 31.76 10.96 16.44
CA GLN L 335 31.23 11.06 17.80
C GLN L 335 31.56 12.41 18.42
N ARG L 336 32.81 12.83 18.33
CA ARG L 336 33.21 14.11 18.90
C ARG L 336 32.71 15.30 18.09
N LEU L 337 32.22 15.07 16.87
CA LEU L 337 31.47 16.09 16.16
C LEU L 337 30.02 16.15 16.59
N TYR L 338 29.41 14.98 16.83
CA TYR L 338 28.03 14.92 17.30
C TYR L 338 27.90 15.60 18.66
N ASN L 339 28.85 15.35 19.56
CA ASN L 339 28.81 15.98 20.87
C ASN L 339 28.83 17.51 20.76
N LEU L 340 29.73 18.03 19.91
CA LEU L 340 29.82 19.46 19.72
C LEU L 340 28.54 20.03 19.13
N GLN L 341 27.95 19.34 18.15
CA GLN L 341 26.70 19.81 17.57
C GLN L 341 25.59 19.84 18.61
N VAL L 342 25.51 18.81 19.45
CA VAL L 342 24.46 18.77 20.47
C VAL L 342 24.63 19.92 21.46
N SER L 343 25.86 20.15 21.92
CA SER L 343 26.09 21.23 22.89
C SER L 343 25.79 22.59 22.28
N MET L 344 26.22 22.82 21.04
CA MET L 344 26.04 24.13 20.42
C MET L 344 24.60 24.37 20.03
N LEU L 345 23.82 23.30 19.84
CA LEU L 345 22.37 23.46 19.69
C LEU L 345 21.72 23.76 21.04
N ALA L 346 22.15 23.06 22.09
CA ALA L 346 21.49 23.19 23.38
C ALA L 346 21.63 24.61 23.93
N ASP L 347 22.85 25.15 23.91
CA ASP L 347 23.03 26.48 24.50
C ASP L 347 22.28 27.54 23.69
N THR L 348 22.29 27.41 22.36
CA THR L 348 21.57 28.36 21.51
C THR L 348 20.07 28.30 21.77
N ALA L 349 19.53 27.08 21.91
CA ALA L 349 18.10 26.94 22.20
C ALA L 349 17.76 27.55 23.55
N ALA L 350 18.61 27.31 24.57
CA ALA L 350 18.34 27.86 25.89
C ALA L 350 18.53 29.38 25.93
N GLN L 351 19.23 29.95 24.96
CA GLN L 351 19.48 31.39 24.97
C GLN L 351 18.18 32.19 24.89
N ASP L 352 17.32 31.90 23.90
CA ASP L 352 16.13 32.70 23.63
C ASP L 352 14.87 31.87 23.82
N PRO L 353 14.18 32.02 24.94
CA PRO L 353 13.00 31.18 25.21
C PRO L 353 11.77 31.55 24.41
N GLY L 354 11.45 32.84 24.29
CA GLY L 354 10.21 33.25 23.67
C GLY L 354 10.21 34.64 23.08
N GLN L 355 9.07 35.33 23.16
CA GLN L 355 8.89 36.65 22.56
C GLN L 355 8.50 37.68 23.61
N ILE L 356 8.99 38.90 23.42
CA ILE L 356 8.64 40.03 24.29
C ILE L 356 8.27 41.21 23.40
N PRO L 357 7.19 41.93 23.70
CA PRO L 357 6.87 43.12 22.91
C PRO L 357 7.85 44.25 23.17
N ILE L 358 7.98 45.13 22.18
CA ILE L 358 8.86 46.29 22.27
C ILE L 358 8.01 47.55 22.15
N VAL L 359 8.09 48.41 23.16
CA VAL L 359 7.34 49.66 23.20
C VAL L 359 8.27 50.78 23.65
N GLY L 360 7.86 52.02 23.36
CA GLY L 360 8.58 53.18 23.83
C GLY L 360 8.21 53.55 25.25
N MET L 361 9.12 54.26 25.92
CA MET L 361 8.87 54.67 27.30
C MET L 361 7.67 55.59 27.40
N GLU L 362 7.61 56.61 26.54
CA GLU L 362 6.49 57.55 26.56
C GLU L 362 5.18 56.91 26.10
N GLN L 363 5.25 55.80 25.38
CA GLN L 363 4.04 55.14 24.91
C GLN L 363 3.33 54.36 26.00
N ILE L 364 4.06 53.80 26.97
CA ILE L 364 3.48 52.93 27.98
C ILE L 364 3.64 53.48 29.38
N ARG L 365 4.28 54.64 29.55
CA ARG L 365 4.41 55.23 30.88
C ARG L 365 3.04 55.47 31.50
N GLY L 366 2.90 55.07 32.76
CA GLY L 366 1.64 55.22 33.48
C GLY L 366 0.65 54.10 33.28
N LEU L 367 0.98 53.09 32.47
CA LEU L 367 0.07 51.99 32.18
C LEU L 367 0.76 50.63 32.35
N GLU L 368 1.76 50.53 33.23
CA GLU L 368 2.51 49.29 33.36
C GLU L 368 1.72 48.22 34.11
N LYS L 369 0.87 48.62 35.06
CA LYS L 369 0.18 47.66 35.91
C LYS L 369 -0.80 46.80 35.12
N HIS L 370 -1.47 47.39 34.13
CA HIS L 370 -2.43 46.62 33.34
C HIS L 370 -1.73 45.55 32.50
N TRP L 371 -0.56 45.88 31.95
CA TRP L 371 0.21 44.91 31.18
C TRP L 371 0.90 43.88 32.06
N GLU L 372 1.27 44.24 33.28
CA GLU L 372 1.98 43.29 34.15
C GLU L 372 1.12 42.10 34.49
N ALA L 373 -0.18 42.32 34.74
CA ALA L 373 -1.09 41.27 35.16
C ALA L 373 -2.10 40.91 34.07
N ARG L 374 -1.66 40.87 32.83
CA ARG L 374 -2.57 40.51 31.74
C ARG L 374 -2.77 39.00 31.61
N ASN L 375 -1.92 38.19 32.23
CA ASN L 375 -2.06 36.75 32.17
C ASN L 375 -2.78 36.16 33.37
N LYS L 376 -2.91 36.91 34.46
CA LYS L 376 -3.63 36.45 35.64
C LYS L 376 -5.08 36.91 35.62
N LYS L 377 -5.31 38.20 35.43
CA LYS L 377 -6.66 38.72 35.30
C LYS L 377 -7.18 38.47 33.89
N ARG L 378 -8.40 38.94 33.62
CA ARG L 378 -9.06 38.78 32.33
C ARG L 378 -9.53 40.13 31.84
N PRO L 379 -8.61 40.99 31.37
CA PRO L 379 -9.00 42.32 30.92
C PRO L 379 -9.81 42.27 29.64
N ALA L 380 -10.74 43.21 29.51
CA ALA L 380 -11.54 43.32 28.29
C ALA L 380 -10.72 43.92 27.16
N PHE L 381 -9.74 44.76 27.48
CA PHE L 381 -8.87 45.37 26.48
C PHE L 381 -7.60 45.84 27.18
N LEU L 382 -6.59 46.13 26.37
CA LEU L 382 -5.34 46.65 26.87
C LEU L 382 -5.15 48.09 26.43
N PRO L 383 -5.01 49.04 27.35
CA PRO L 383 -4.85 50.44 26.96
C PRO L 383 -3.40 50.79 26.66
N LEU L 384 -3.22 51.61 25.63
CA LEU L 384 -1.90 52.03 25.20
C LEU L 384 -2.05 53.28 24.36
N ARG L 385 -0.97 54.06 24.30
CA ARG L 385 -0.97 55.33 23.58
C ARG L 385 -0.37 55.17 22.19
N GLU L 386 -0.48 56.25 21.40
CA GLU L 386 0.09 56.30 20.07
C GLU L 386 1.42 57.04 20.07
N VAL L 387 2.10 57.01 18.93
CA VAL L 387 3.42 57.61 18.80
C VAL L 387 3.28 59.01 18.25
N ARG L 388 3.94 59.97 18.89
CA ARG L 388 3.91 61.36 18.49
C ARG L 388 5.32 61.89 18.28
N ASP L 389 5.49 62.74 17.28
CA ASP L 389 6.78 63.35 17.00
C ASP L 389 6.97 64.55 17.93
N LYS L 390 8.03 65.33 17.69
CA LYS L 390 8.31 66.47 18.55
C LYS L 390 7.29 67.59 18.39
N SER L 391 6.59 67.64 17.26
CA SER L 391 5.62 68.71 17.00
C SER L 391 4.20 68.35 17.42
N GLY L 392 3.99 67.17 17.98
CA GLY L 392 2.68 66.78 18.46
C GLY L 392 1.82 66.03 17.47
N ASN L 393 2.28 65.83 16.24
CA ASN L 393 1.53 65.07 15.26
C ASN L 393 1.62 63.58 15.56
N ILE L 394 0.63 62.83 15.10
CA ILE L 394 0.61 61.38 15.27
C ILE L 394 1.19 60.73 14.02
N ILE L 395 2.18 59.88 14.22
CA ILE L 395 2.89 59.25 13.11
C ILE L 395 2.78 57.73 13.11
N ALA L 396 2.21 57.11 14.14
CA ALA L 396 2.10 55.66 14.20
C ALA L 396 0.90 55.28 15.05
N GLY L 397 0.49 54.02 14.93
CA GLY L 397 -0.68 53.53 15.63
C GLY L 397 -0.40 53.19 17.08
N ALA L 398 -1.39 52.57 17.71
CA ALA L 398 -1.31 52.19 19.11
C ALA L 398 -0.70 50.82 19.33
N THR L 399 -0.36 50.10 18.27
CA THR L 399 0.23 48.78 18.42
C THR L 399 1.70 48.89 18.84
N PRO L 400 2.23 47.89 19.55
CA PRO L 400 3.67 47.85 19.82
C PRO L 400 4.47 47.76 18.54
N ALA L 401 5.70 48.28 18.58
CA ALA L 401 6.53 48.35 17.39
C ALA L 401 6.82 46.96 16.84
N GLY L 402 7.12 46.00 17.70
CA GLY L 402 7.41 44.66 17.24
C GLY L 402 7.59 43.71 18.40
N TYR L 403 8.02 42.50 18.07
CA TYR L 403 8.24 41.45 19.06
C TYR L 403 9.63 40.87 18.87
N THR L 404 10.24 40.48 19.98
CA THR L 404 11.53 39.82 19.93
C THR L 404 11.41 38.46 19.25
N GLN L 405 12.38 38.16 18.38
CA GLN L 405 12.39 36.93 17.61
C GLN L 405 12.75 35.75 18.50
N PRO L 406 12.07 34.62 18.36
CA PRO L 406 12.46 33.41 19.10
C PRO L 406 13.68 32.76 18.47
N ALA L 407 14.18 31.73 19.16
CA ALA L 407 15.35 31.01 18.68
C ALA L 407 15.02 30.23 17.41
N VAL L 408 16.06 29.98 16.61
CA VAL L 408 15.91 29.26 15.35
C VAL L 408 17.03 28.23 15.26
N MET L 409 16.79 27.19 14.46
CA MET L 409 17.77 26.14 14.22
C MET L 409 18.18 26.19 12.75
N ASN L 410 19.47 26.45 12.51
CA ASN L 410 19.98 26.47 11.15
C ASN L 410 20.04 25.06 10.57
N GLN L 411 19.98 24.99 9.24
CA GLN L 411 19.89 23.68 8.58
C GLN L 411 21.19 22.92 8.68
N ALA L 412 22.32 23.63 8.77
CA ALA L 412 23.62 22.96 8.80
C ALA L 412 23.78 22.11 10.05
N LEU L 413 23.33 22.61 11.20
CA LEU L 413 23.44 21.83 12.43
C LEU L 413 22.64 20.55 12.34
N ALA L 414 21.42 20.61 11.82
CA ALA L 414 20.62 19.40 11.65
C ALA L 414 21.27 18.45 10.67
N ALA L 415 21.84 18.98 9.59
CA ALA L 415 22.51 18.12 8.62
C ALA L 415 23.68 17.38 9.25
N LEU L 416 24.50 18.09 10.03
CA LEU L 416 25.61 17.41 10.72
C LEU L 416 25.09 16.39 11.73
N LEU L 417 24.04 16.72 12.47
CA LEU L 417 23.50 15.77 13.44
C LEU L 417 23.10 14.47 12.75
N GLN L 418 22.28 14.58 11.70
CA GLN L 418 21.81 13.39 11.01
C GLN L 418 22.97 12.63 10.38
N GLN L 419 23.90 13.35 9.73
CA GLN L 419 24.99 12.69 9.03
C GLN L 419 25.89 11.93 10.00
N THR L 420 26.29 12.57 11.10
CA THR L 420 27.14 11.88 12.07
C THR L 420 26.42 10.71 12.73
N SER L 421 25.12 10.88 13.04
CA SER L 421 24.37 9.78 13.62
C SER L 421 24.33 8.59 12.69
N ALA L 422 24.16 8.82 11.38
CA ALA L 422 24.17 7.72 10.43
C ALA L 422 25.57 7.13 10.30
N ASP L 423 26.60 7.97 10.26
CA ASP L 423 27.95 7.49 9.96
C ASP L 423 28.55 6.69 11.11
N ILE L 424 28.22 7.04 12.36
CA ILE L 424 28.73 6.25 13.48
C ILE L 424 28.27 4.80 13.35
N GLN L 425 26.97 4.61 13.13
CA GLN L 425 26.42 3.28 12.96
C GLN L 425 26.94 2.60 11.71
N GLU L 426 27.11 3.35 10.62
CA GLU L 426 27.63 2.76 9.39
C GLU L 426 29.05 2.23 9.59
N VAL L 427 29.90 3.02 10.24
CA VAL L 427 31.28 2.61 10.43
C VAL L 427 31.38 1.44 11.40
N THR L 428 30.68 1.53 12.54
CA THR L 428 30.78 0.50 13.57
C THR L 428 29.84 -0.66 13.23
N GLY L 429 30.26 -1.45 12.23
CA GLY L 429 29.53 -2.63 11.82
C GLY L 429 28.13 -2.36 11.31
N MET L 450 28.67 -19.38 6.15
CA MET L 450 28.95 -18.01 5.66
C MET L 450 28.39 -17.01 6.67
N ASN L 451 27.35 -17.38 7.43
CA ASN L 451 26.69 -16.42 8.36
C ASN L 451 27.68 -15.97 9.46
N ARG L 452 28.50 -16.88 9.97
CA ARG L 452 29.51 -16.52 11.00
C ARG L 452 30.48 -15.50 10.42
N ALA L 453 30.83 -15.65 9.14
CA ALA L 453 31.72 -14.68 8.46
C ALA L 453 31.08 -13.29 8.43
N ASP L 454 29.76 -13.23 8.22
CA ASP L 454 29.05 -11.93 8.16
C ASP L 454 29.18 -11.22 9.50
N MET L 455 29.12 -11.96 10.61
CA MET L 455 29.17 -11.32 11.94
C MET L 455 30.48 -10.54 12.03
N ALA L 456 30.46 -9.34 12.61
CA ALA L 456 31.67 -8.48 12.70
C ALA L 456 32.73 -9.16 13.55
N SER L 457 32.33 -9.91 14.56
CA SER L 457 33.28 -10.50 15.53
C SER L 457 34.20 -11.58 14.94
N PHE L 458 33.95 -12.09 13.74
CA PHE L 458 34.77 -13.24 13.28
C PHE L 458 36.26 -12.90 13.29
N ILE L 459 36.67 -11.73 12.80
CA ILE L 459 38.14 -11.47 12.75
C ILE L 459 38.69 -11.46 14.18
N TYR L 460 38.00 -10.81 15.11
CA TYR L 460 38.55 -10.69 16.48
C TYR L 460 38.68 -12.08 17.08
N LEU L 461 37.66 -12.91 16.89
CA LEU L 461 37.68 -14.28 17.45
C LEU L 461 38.76 -15.13 16.74
N ASP L 462 38.91 -14.99 15.43
CA ASP L 462 39.89 -15.83 14.69
C ASP L 462 41.28 -15.48 15.17
N ASN L 463 41.54 -14.20 15.35
CA ASN L 463 42.89 -13.78 15.79
C ASN L 463 43.17 -14.36 17.17
N MET L 464 42.17 -14.41 18.04
CA MET L 464 42.37 -14.98 19.41
C MET L 464 42.78 -16.44 19.30
N ALA L 465 41.99 -17.28 18.62
CA ALA L 465 42.30 -18.69 18.46
C ALA L 465 43.75 -18.89 18.02
N LYS L 466 44.23 -18.05 17.10
CA LYS L 466 45.62 -18.12 16.65
C LYS L 466 46.59 -17.81 17.78
N SER L 467 46.25 -16.91 18.70
CA SER L 467 47.12 -16.64 19.84
C SER L 467 47.09 -17.80 20.83
N LEU L 468 45.93 -18.42 21.03
CA LEU L 468 45.84 -19.56 21.94
C LEU L 468 46.62 -20.75 21.41
N LYS L 469 46.74 -20.89 20.09
CA LYS L 469 47.59 -21.95 19.54
C LYS L 469 49.03 -21.77 19.99
N ARG L 470 49.55 -20.54 19.90
CA ARG L 470 50.91 -20.27 20.36
C ARG L 470 51.03 -20.47 21.86
N ALA L 471 50.01 -20.07 22.63
CA ALA L 471 50.04 -20.27 24.07
C ALA L 471 50.11 -21.75 24.41
N GLY L 472 49.34 -22.59 23.71
CA GLY L 472 49.40 -24.01 23.94
C GLY L 472 50.75 -24.61 23.55
N GLU L 473 51.34 -24.12 22.46
CA GLU L 473 52.67 -24.59 22.08
C GLU L 473 53.70 -24.24 23.15
N VAL L 474 53.64 -23.02 23.69
CA VAL L 474 54.56 -22.62 24.74
C VAL L 474 54.35 -23.46 25.99
N TRP L 475 53.09 -23.72 26.35
CA TRP L 475 52.82 -24.57 27.50
C TRP L 475 53.36 -25.98 27.30
N LEU L 476 53.22 -26.52 26.09
CA LEU L 476 53.76 -27.84 25.82
C LEU L 476 55.27 -27.86 25.95
N SER L 477 55.94 -26.82 25.45
CA SER L 477 57.39 -26.73 25.61
C SER L 477 57.79 -26.61 27.07
N MET L 478 56.99 -25.88 27.86
CA MET L 478 57.32 -25.63 29.26
C MET L 478 57.03 -26.82 30.16
N ALA L 479 56.06 -27.66 29.79
CA ALA L 479 55.60 -28.72 30.67
C ALA L 479 56.58 -29.87 30.81
N ARG L 480 57.38 -30.16 29.78
CA ARG L 480 58.30 -31.28 29.85
C ARG L 480 59.34 -31.08 30.95
N GLU L 481 59.84 -29.85 31.11
CA GLU L 481 60.86 -29.57 32.11
C GLU L 481 60.31 -29.61 33.54
N VAL L 482 59.00 -29.44 33.72
CA VAL L 482 58.39 -29.36 35.05
C VAL L 482 57.77 -30.68 35.46
N TYR L 483 57.03 -31.32 34.55
CA TYR L 483 56.37 -32.58 34.85
C TYR L 483 57.16 -33.80 34.39
N GLY L 484 58.17 -33.63 33.57
CA GLY L 484 58.95 -34.74 33.07
C GLY L 484 58.42 -35.30 31.77
N SER L 485 59.25 -36.09 31.10
CA SER L 485 58.87 -36.70 29.83
C SER L 485 57.89 -37.84 30.05
N GLU L 486 57.09 -38.12 29.02
CA GLU L 486 56.11 -39.19 29.06
C GLU L 486 56.60 -40.36 28.21
N ARG L 487 56.57 -41.55 28.79
CA ARG L 487 57.03 -42.76 28.11
C ARG L 487 55.90 -43.77 28.09
N GLU L 488 55.69 -44.40 26.93
CA GLU L 488 54.60 -45.36 26.73
C GLU L 488 55.15 -46.77 26.98
N VAL L 489 55.18 -47.17 28.25
CA VAL L 489 55.67 -48.49 28.63
C VAL L 489 54.74 -49.06 29.69
N ARG L 490 54.12 -50.20 29.40
CA ARG L 490 53.43 -51.00 30.39
C ARG L 490 53.77 -52.48 30.32
N ILE L 491 54.23 -52.98 29.18
CA ILE L 491 54.58 -54.38 29.02
C ILE L 491 55.90 -54.69 29.69
N VAL L 507 51.03 -50.95 27.09
CA VAL L 507 51.02 -49.93 26.05
C VAL L 507 49.72 -49.13 26.15
N VAL L 508 48.77 -49.65 26.92
CA VAL L 508 47.46 -49.03 27.07
C VAL L 508 47.46 -47.96 28.17
N ASP L 509 48.59 -47.79 28.87
CA ASP L 509 48.71 -46.80 29.93
C ASP L 509 50.17 -46.42 30.03
N ARG L 510 50.43 -45.16 30.40
CA ARG L 510 51.80 -44.66 30.50
C ARG L 510 51.98 -44.02 31.87
N GLN L 511 53.21 -44.03 32.37
CA GLN L 511 53.54 -43.42 33.65
C GLN L 511 54.82 -42.62 33.52
N THR L 512 54.99 -41.67 34.42
CA THR L 512 56.25 -40.95 34.57
C THR L 512 56.75 -41.16 36.00
N GLY L 513 58.06 -41.36 36.14
CA GLY L 513 58.62 -41.64 37.44
C GLY L 513 59.71 -40.66 37.82
N ALA L 514 59.51 -39.93 38.92
CA ALA L 514 60.45 -38.91 39.31
C ALA L 514 60.16 -38.47 40.74
N VAL L 515 61.21 -38.47 41.57
CA VAL L 515 61.16 -37.71 42.82
C VAL L 515 61.16 -36.22 42.52
N VAL L 516 62.03 -35.80 41.62
CA VAL L 516 62.00 -34.49 40.98
C VAL L 516 62.10 -34.74 39.48
N ALA L 517 61.31 -34.00 38.70
CA ALA L 517 61.05 -34.27 37.29
C ALA L 517 62.29 -34.74 36.54
N LEU L 518 62.16 -35.87 35.85
CA LEU L 518 63.20 -36.40 34.98
C LEU L 518 62.85 -36.10 33.53
N ASN L 519 63.74 -35.39 32.84
CA ASN L 519 63.53 -34.97 31.46
C ASN L 519 64.56 -35.66 30.58
N ASP L 520 64.11 -36.63 29.79
CA ASP L 520 64.97 -37.34 28.85
C ASP L 520 65.00 -36.57 27.54
N LEU L 521 66.18 -36.05 27.18
CA LEU L 521 66.32 -35.26 25.96
C LEU L 521 66.27 -36.11 24.70
N SER L 522 66.34 -37.43 24.82
CA SER L 522 66.31 -38.32 23.66
C SER L 522 64.92 -38.89 23.38
N VAL L 523 63.90 -38.45 24.11
CA VAL L 523 62.55 -38.97 23.90
C VAL L 523 62.03 -38.54 22.52
N GLY L 524 62.22 -37.28 22.17
CA GLY L 524 61.73 -36.77 20.92
C GLY L 524 60.38 -36.08 21.05
N ARG L 525 59.94 -35.50 19.94
CA ARG L 525 58.71 -34.73 19.93
C ARG L 525 57.50 -35.63 20.10
N TYR L 526 56.50 -35.14 20.83
CA TYR L 526 55.25 -35.86 21.00
C TYR L 526 54.48 -35.90 19.69
N ASP L 527 53.52 -36.82 19.62
CA ASP L 527 52.75 -37.08 18.40
C ASP L 527 51.38 -36.42 18.43
N VAL L 528 51.28 -35.24 19.01
CA VAL L 528 50.00 -34.52 19.09
C VAL L 528 50.17 -33.14 18.49
N THR L 529 49.04 -32.56 18.09
CA THR L 529 49.01 -31.25 17.46
C THR L 529 48.10 -30.32 18.25
N VAL L 530 48.54 -29.07 18.43
CA VAL L 530 47.79 -28.10 19.20
C VAL L 530 46.66 -27.54 18.34
N ASP L 531 45.45 -27.49 18.90
CA ASP L 531 44.29 -26.95 18.20
C ASP L 531 43.47 -26.16 19.22
N VAL L 532 42.27 -25.73 18.80
CA VAL L 532 41.38 -24.98 19.66
C VAL L 532 40.00 -25.64 19.64
N GLY L 533 39.24 -25.39 20.70
CA GLY L 533 37.91 -25.92 20.85
C GLY L 533 37.15 -25.27 21.98
N PRO L 534 35.92 -25.68 22.20
CA PRO L 534 35.13 -25.11 23.30
C PRO L 534 35.77 -25.40 24.65
N SER L 535 35.59 -24.47 25.58
CA SER L 535 36.13 -24.62 26.92
C SER L 535 35.09 -25.26 27.82
N TYR L 536 35.49 -26.32 28.53
CA TYR L 536 34.60 -27.09 29.37
C TYR L 536 35.09 -27.09 30.81
N THR L 537 34.15 -27.03 31.74
CA THR L 537 34.51 -27.00 33.15
C THR L 537 35.06 -28.35 33.62
N ALA L 538 34.51 -29.44 33.10
CA ALA L 538 34.94 -30.78 33.50
C ALA L 538 34.96 -31.70 32.29
N ARG L 539 35.39 -32.93 32.52
CA ARG L 539 35.46 -33.93 31.45
C ARG L 539 34.07 -34.42 31.06
N ARG L 540 33.14 -34.46 32.01
CA ARG L 540 31.77 -34.91 31.71
C ARG L 540 31.11 -33.99 30.69
N ASP L 541 31.33 -32.68 30.82
CA ASP L 541 30.76 -31.75 29.85
C ASP L 541 31.28 -32.04 28.45
N ALA L 542 32.58 -32.27 28.31
CA ALA L 542 33.15 -32.56 27.00
C ALA L 542 32.58 -33.85 26.43
N THR L 543 32.53 -34.90 27.25
CA THR L 543 32.02 -36.18 26.78
C THR L 543 30.57 -36.07 26.32
N VAL L 544 29.73 -35.44 27.14
CA VAL L 544 28.33 -35.29 26.82
C VAL L 544 28.15 -34.46 25.56
N SER L 545 28.90 -33.36 25.43
CA SER L 545 28.75 -32.50 24.27
C SER L 545 29.14 -33.22 22.99
N VAL L 546 30.28 -33.93 23.01
CA VAL L 546 30.72 -34.63 21.81
C VAL L 546 29.74 -35.73 21.43
N LEU L 547 29.26 -36.50 22.42
CA LEU L 547 28.34 -37.59 22.12
C LEU L 547 27.00 -37.05 21.61
N THR L 548 26.52 -35.94 22.19
CA THR L 548 25.29 -35.35 21.71
C THR L 548 25.44 -34.81 20.28
N ASN L 549 26.57 -34.20 19.98
CA ASN L 549 26.81 -33.72 18.62
C ASN L 549 26.86 -34.89 17.63
N VAL L 550 27.46 -36.01 18.05
CA VAL L 550 27.40 -37.22 17.22
C VAL L 550 25.96 -37.66 17.02
N LEU L 551 25.17 -37.66 18.09
CA LEU L 551 23.75 -37.92 17.98
C LEU L 551 23.07 -36.80 17.20
N SER L 552 21.77 -36.97 16.94
CA SER L 552 20.94 -36.10 16.12
C SER L 552 21.34 -36.15 14.65
N SER L 553 22.41 -36.88 14.30
CA SER L 553 22.78 -37.15 12.92
C SER L 553 22.57 -38.62 12.56
N MET L 554 21.86 -39.36 13.41
CA MET L 554 21.58 -40.77 13.19
C MET L 554 20.10 -40.97 12.97
N LEU L 555 19.76 -41.93 12.11
CA LEU L 555 18.38 -42.27 11.88
C LEU L 555 17.76 -42.88 13.15
N PRO L 556 16.46 -42.70 13.35
CA PRO L 556 15.82 -43.29 14.54
C PRO L 556 15.89 -44.80 14.58
N THR L 557 16.12 -45.45 13.44
CA THR L 557 16.19 -46.90 13.38
C THR L 557 17.60 -47.46 13.52
N ASP L 558 18.58 -46.61 13.82
CA ASP L 558 19.95 -47.09 13.97
C ASP L 558 20.07 -48.02 15.17
N PRO L 559 20.95 -49.02 15.10
CA PRO L 559 21.07 -49.97 16.21
C PRO L 559 21.89 -49.45 17.38
N MET L 560 22.78 -48.49 17.12
CA MET L 560 23.68 -47.98 18.15
C MET L 560 23.05 -46.90 19.02
N ARG L 561 21.84 -46.45 18.70
CA ARG L 561 21.23 -45.39 19.48
C ARG L 561 21.02 -45.73 20.94
N PRO L 562 20.51 -46.92 21.32
CA PRO L 562 20.42 -47.23 22.76
C PRO L 562 21.76 -47.23 23.46
N ALA L 563 22.81 -47.73 22.80
CA ALA L 563 24.14 -47.72 23.41
C ALA L 563 24.64 -46.30 23.63
N ILE L 564 24.48 -45.44 22.63
CA ILE L 564 24.91 -44.05 22.78
C ILE L 564 24.12 -43.36 23.89
N GLN L 565 22.81 -43.62 23.94
CA GLN L 565 21.99 -43.01 24.99
C GLN L 565 22.42 -43.47 26.37
N GLY L 566 22.70 -44.76 26.53
CA GLY L 566 23.17 -45.25 27.81
C GLY L 566 24.50 -44.65 28.20
N ILE L 567 25.42 -44.53 27.24
CA ILE L 567 26.72 -43.93 27.53
C ILE L 567 26.56 -42.47 27.95
N ILE L 568 25.69 -41.73 27.26
CA ILE L 568 25.47 -40.32 27.61
C ILE L 568 24.89 -40.21 29.00
N LEU L 569 23.84 -40.99 29.29
CA LEU L 569 23.21 -40.93 30.62
C LEU L 569 24.13 -41.41 31.72
N ASP L 570 25.15 -42.22 31.41
CA ASP L 570 26.10 -42.64 32.43
C ASP L 570 26.92 -41.47 32.97
N ASN L 571 27.22 -40.47 32.13
CA ASN L 571 28.07 -39.36 32.52
C ASN L 571 27.33 -38.22 33.21
N ILE L 572 26.01 -38.29 33.30
CA ILE L 572 25.23 -37.21 33.88
C ILE L 572 25.43 -37.23 35.39
N ASP L 573 25.71 -36.05 35.96
CA ASP L 573 25.93 -35.89 37.39
C ASP L 573 24.84 -35.00 37.98
N GLY L 574 24.43 -35.33 39.20
CA GLY L 574 23.39 -34.57 39.87
C GLY L 574 23.10 -35.17 41.23
N GLU L 575 22.08 -34.61 41.87
CA GLU L 575 21.67 -35.04 43.21
C GLU L 575 20.47 -35.97 43.12
N GLY L 576 20.48 -37.00 43.97
CA GLY L 576 19.38 -37.96 43.99
C GLY L 576 19.25 -38.79 42.74
N LEU L 577 20.38 -39.19 42.13
CA LEU L 577 20.36 -40.03 40.94
C LEU L 577 21.08 -41.35 41.16
N ASP L 578 21.30 -41.75 42.42
CA ASP L 578 22.11 -42.92 42.69
C ASP L 578 21.44 -44.20 42.19
N ASP L 579 20.17 -44.41 42.54
CA ASP L 579 19.49 -45.63 42.16
C ASP L 579 19.33 -45.73 40.65
N PHE L 580 18.90 -44.64 40.01
CA PHE L 580 18.74 -44.65 38.56
C PHE L 580 20.07 -44.87 37.86
N LYS L 581 21.13 -44.22 38.35
CA LYS L 581 22.45 -44.40 37.75
C LYS L 581 22.92 -45.83 37.89
N GLU L 582 22.72 -46.45 39.05
CA GLU L 582 23.12 -47.84 39.23
C GLU L 582 22.32 -48.77 38.33
N TYR L 583 21.02 -48.53 38.20
CA TYR L 583 20.20 -49.35 37.31
C TYR L 583 20.67 -49.25 35.87
N ASN L 584 20.92 -48.02 35.40
CA ASN L 584 21.39 -47.85 34.03
C ASN L 584 22.76 -48.49 33.83
N ARG L 585 23.64 -48.37 34.81
CA ARG L 585 24.96 -48.97 34.69
C ARG L 585 24.87 -50.49 34.64
N ASN L 586 24.00 -51.09 35.45
CA ASN L 586 23.84 -52.54 35.42
C ASN L 586 23.23 -52.99 34.09
N GLN L 587 22.26 -52.23 33.58
CA GLN L 587 21.66 -52.59 32.30
C GLN L 587 22.68 -52.51 31.17
N LEU L 588 23.54 -51.49 31.17
CA LEU L 588 24.57 -51.40 30.15
C LEU L 588 25.67 -52.44 30.38
N LEU L 589 25.85 -52.87 31.63
CA LEU L 589 26.80 -53.95 31.93
C LEU L 589 26.36 -55.28 31.33
N ILE L 590 25.09 -55.64 31.52
CA ILE L 590 24.65 -56.96 31.09
C ILE L 590 24.72 -57.12 29.56
N SER L 591 24.88 -56.02 28.83
CA SER L 591 25.04 -56.06 27.39
C SER L 591 26.50 -56.07 26.96
N GLY L 592 27.43 -56.17 27.91
CA GLY L 592 28.84 -56.23 27.57
C GLY L 592 29.43 -54.98 26.95
N ILE L 593 29.12 -53.82 27.51
CA ILE L 593 29.61 -52.56 26.98
C ILE L 593 30.48 -51.78 27.97
N ALA L 594 30.27 -51.94 29.28
CA ALA L 594 30.96 -51.10 30.25
C ALA L 594 32.33 -51.65 30.68
N LYS L 595 32.65 -52.90 30.35
CA LYS L 595 33.96 -53.47 30.66
C LYS L 595 34.22 -53.40 32.16
N PRO L 596 33.54 -54.24 32.97
CA PRO L 596 33.60 -54.10 34.44
C PRO L 596 35.00 -53.85 34.98
N ARG L 597 35.12 -52.94 35.95
CA ARG L 597 36.44 -52.53 36.44
C ARG L 597 36.93 -53.42 37.58
N ASN L 598 36.82 -54.73 37.34
CA ASN L 598 37.50 -55.78 38.10
C ASN L 598 37.52 -55.51 39.61
N GLU L 599 36.41 -55.05 40.16
CA GLU L 599 36.33 -54.88 41.62
C GLU L 599 35.31 -55.82 42.26
N LYS L 600 34.03 -55.77 41.86
CA LYS L 600 33.06 -56.74 42.32
C LYS L 600 32.10 -57.22 41.26
N GLU L 601 31.84 -56.44 40.20
CA GLU L 601 30.83 -56.78 39.21
C GLU L 601 31.33 -57.77 38.17
N GLN L 602 32.64 -57.92 38.00
CA GLN L 602 33.17 -58.89 37.05
C GLN L 602 32.92 -60.32 37.49
N GLN L 603 32.60 -60.54 38.76
CA GLN L 603 32.41 -61.88 39.30
C GLN L 603 30.97 -62.17 39.73
N ILE L 604 30.08 -61.18 39.67
CA ILE L 604 28.69 -61.42 40.05
C ILE L 604 27.76 -61.10 38.88
N VAL L 605 27.87 -59.90 38.32
CA VAL L 605 26.94 -59.48 37.27
C VAL L 605 27.19 -60.28 36.00
N GLN L 606 28.44 -60.36 35.55
CA GLN L 606 28.73 -61.03 34.30
C GLN L 606 28.64 -62.54 34.44
N GLN L 607 29.10 -63.09 35.58
CA GLN L 607 28.94 -64.51 35.83
C GLN L 607 27.46 -64.89 35.88
N ALA L 608 26.64 -64.06 36.53
CA ALA L 608 25.20 -64.30 36.56
C ALA L 608 24.60 -64.18 35.16
N GLN L 609 25.13 -63.28 34.34
CA GLN L 609 24.65 -63.16 32.96
C GLN L 609 24.95 -64.43 32.17
N MET L 610 26.16 -64.97 32.30
CA MET L 610 26.48 -66.22 31.62
C MET L 610 25.60 -67.36 32.13
N ALA L 611 25.38 -67.42 33.45
CA ALA L 611 24.53 -68.46 34.02
C ALA L 611 23.09 -68.34 33.51
N ALA L 612 22.58 -67.11 33.43
CA ALA L 612 21.21 -66.85 32.98
C ALA L 612 21.09 -66.86 31.46
N GLN L 613 22.19 -66.99 30.75
CA GLN L 613 22.16 -67.32 29.33
C GLN L 613 22.20 -68.82 29.11
N SER L 614 22.96 -69.55 29.93
CA SER L 614 22.98 -71.01 29.84
C SER L 614 21.68 -71.62 30.32
N GLN L 615 21.03 -71.02 31.33
CA GLN L 615 19.80 -71.57 31.88
C GLN L 615 18.66 -71.71 30.87
N PRO L 616 18.30 -70.68 30.10
CA PRO L 616 17.15 -70.83 29.21
C PRO L 616 17.53 -71.34 27.84
N ASN L 617 18.73 -71.90 27.69
CA ASN L 617 19.06 -72.56 26.42
C ASN L 617 18.06 -73.67 26.10
N PRO L 618 17.73 -74.57 27.04
CA PRO L 618 16.60 -75.47 26.79
C PRO L 618 15.30 -74.72 26.54
N GLU L 619 15.10 -73.55 27.16
CA GLU L 619 13.87 -72.80 26.94
C GLU L 619 13.72 -72.36 25.49
N MET L 620 14.77 -71.75 24.91
CA MET L 620 14.63 -71.28 23.53
C MET L 620 14.73 -72.42 22.53
N VAL L 621 15.40 -73.53 22.87
CA VAL L 621 15.35 -74.66 21.96
C VAL L 621 13.97 -75.32 22.02
N LEU L 622 13.33 -75.30 23.19
CA LEU L 622 12.05 -75.96 23.35
C LEU L 622 10.92 -75.13 22.76
N ALA L 623 11.03 -73.80 22.79
CA ALA L 623 9.97 -72.95 22.29
C ALA L 623 9.66 -73.20 20.82
N GLN L 624 10.62 -73.74 20.05
CA GLN L 624 10.37 -74.10 18.67
C GLN L 624 10.86 -75.51 18.34
N ALA L 625 11.14 -76.33 19.35
CA ALA L 625 11.70 -77.66 19.16
C ALA L 625 10.65 -78.75 19.03
N GLN L 626 9.46 -78.42 18.55
CA GLN L 626 8.44 -79.46 18.37
C GLN L 626 8.88 -80.51 17.37
N MET L 627 9.82 -80.16 16.48
CA MET L 627 10.34 -81.15 15.54
C MET L 627 11.57 -81.87 16.07
N VAL L 628 12.11 -81.44 17.22
CA VAL L 628 13.23 -82.18 17.80
C VAL L 628 12.76 -83.54 18.29
N ALA L 629 11.55 -83.63 18.83
CA ALA L 629 10.99 -84.93 19.17
C ALA L 629 10.85 -85.81 17.93
N ALA L 630 10.40 -85.21 16.82
CA ALA L 630 10.25 -85.96 15.58
C ALA L 630 11.59 -86.47 15.06
N GLN L 631 12.62 -85.62 15.12
CA GLN L 631 13.93 -86.04 14.61
C GLN L 631 14.57 -87.07 15.53
N ALA L 632 14.32 -86.99 16.84
CA ALA L 632 14.79 -88.04 17.74
C ALA L 632 14.08 -89.36 17.46
N GLU L 633 12.77 -89.31 17.19
CA GLU L 633 12.05 -90.52 16.83
C GLU L 633 12.58 -91.11 15.53
N ALA L 634 12.87 -90.24 14.55
CA ALA L 634 13.44 -90.71 13.29
C ALA L 634 14.82 -91.32 13.52
N GLN L 635 15.64 -90.69 14.37
CA GLN L 635 16.97 -91.21 14.65
C GLN L 635 16.90 -92.59 15.28
N LYS L 636 15.98 -92.79 16.24
CA LYS L 636 15.85 -94.12 16.81
C LYS L 636 15.30 -95.11 15.80
N ALA L 637 14.32 -94.69 14.98
CA ALA L 637 13.79 -95.57 13.95
C ALA L 637 14.86 -96.01 12.98
N THR L 638 15.86 -95.15 12.75
CA THR L 638 16.98 -95.47 11.86
C THR L 638 17.75 -96.71 12.33
N ASN L 639 17.64 -97.08 13.61
CA ASN L 639 18.17 -98.34 14.09
C ASN L 639 17.10 -99.36 14.41
N GLU L 640 15.86 -98.92 14.66
CA GLU L 640 14.79 -99.83 15.09
C GLU L 640 14.14 -100.55 13.93
N THR L 641 13.86 -99.88 12.81
CA THR L 641 13.20 -100.53 11.68
C THR L 641 14.10 -101.58 11.04
N ALA L 642 15.38 -101.61 11.40
CA ALA L 642 16.25 -102.70 10.97
C ALA L 642 15.82 -104.04 11.55
N GLN L 643 14.96 -104.01 12.58
CA GLN L 643 14.34 -105.25 13.05
C GLN L 643 13.57 -105.95 11.93
N THR L 644 13.04 -105.18 10.97
CA THR L 644 12.32 -105.80 9.87
C THR L 644 13.29 -106.47 8.88
N GLN L 645 14.46 -105.87 8.66
CA GLN L 645 15.50 -106.55 7.89
C GLN L 645 15.96 -107.82 8.61
N ILE L 646 16.07 -107.76 9.93
CA ILE L 646 16.39 -108.95 10.72
C ILE L 646 15.31 -110.02 10.52
N LYS L 647 14.05 -109.60 10.54
CA LYS L 647 12.96 -110.53 10.28
C LYS L 647 13.06 -111.14 8.88
N ALA L 648 13.44 -110.34 7.89
CA ALA L 648 13.62 -110.88 6.54
C ALA L 648 14.74 -111.92 6.51
N PHE L 649 15.85 -111.63 7.19
CA PHE L 649 16.94 -112.60 7.25
C PHE L 649 16.51 -113.89 7.93
N THR L 650 15.80 -113.78 9.05
CA THR L 650 15.31 -114.98 9.74
C THR L 650 14.30 -115.72 8.89
N ALA L 651 13.48 -114.99 8.13
CA ALA L 651 12.52 -115.63 7.22
C ALA L 651 13.25 -116.42 6.15
N GLN L 652 14.30 -115.86 5.56
CA GLN L 652 15.08 -116.60 4.59
C GLN L 652 15.73 -117.84 5.22
N GLN L 653 16.29 -117.67 6.42
CA GLN L 653 16.98 -118.77 7.08
C GLN L 653 16.04 -119.92 7.41
N ASP L 654 14.92 -119.63 8.09
CA ASP L 654 14.02 -120.70 8.44
C ASP L 654 13.22 -121.19 7.24
N ALA L 655 13.17 -120.39 6.17
CA ALA L 655 12.55 -120.85 4.93
C ALA L 655 13.40 -121.92 4.26
N MET L 656 14.72 -121.67 4.14
CA MET L 656 15.57 -122.71 3.56
C MET L 656 15.66 -123.93 4.49
N GLU L 657 15.66 -123.69 5.80
CA GLU L 657 15.64 -124.81 6.74
C GLU L 657 14.39 -125.65 6.57
N SER L 658 13.23 -125.01 6.49
CA SER L 658 11.98 -125.74 6.28
C SER L 658 11.93 -126.39 4.90
N GLN L 659 12.61 -125.80 3.92
CA GLN L 659 12.65 -126.42 2.59
C GLN L 659 13.45 -127.71 2.63
N ALA L 660 14.59 -127.70 3.34
CA ALA L 660 15.33 -128.95 3.55
C ALA L 660 14.49 -129.96 4.32
N ASN L 661 13.78 -129.50 5.35
CA ASN L 661 12.94 -130.39 6.13
C ASN L 661 11.84 -131.01 5.28
N THR L 662 11.23 -130.23 4.40
CA THR L 662 10.16 -130.76 3.55
C THR L 662 10.70 -131.66 2.45
N VAL L 663 11.92 -131.40 1.97
CA VAL L 663 12.55 -132.33 1.04
C VAL L 663 12.77 -133.66 1.71
N TYR L 664 13.25 -133.65 2.96
CA TYR L 664 13.41 -134.90 3.70
C TYR L 664 12.05 -135.55 3.97
N LYS L 665 11.02 -134.73 4.18
CA LYS L 665 9.67 -135.24 4.35
C LYS L 665 9.21 -136.01 3.11
N LEU L 666 9.45 -135.44 1.92
CA LEU L 666 9.14 -136.14 0.68
C LEU L 666 9.95 -137.43 0.56
N ALA L 667 11.23 -137.37 0.91
CA ALA L 667 12.08 -138.56 0.81
C ALA L 667 11.59 -139.68 1.72
N GLN L 668 11.22 -139.33 2.96
CA GLN L 668 10.79 -140.34 3.92
C GLN L 668 9.38 -140.83 3.62
N ALA L 669 8.57 -140.01 2.96
CA ALA L 669 7.21 -140.42 2.62
C ALA L 669 7.19 -141.61 1.66
N ARG L 670 8.30 -141.89 0.97
CA ARG L 670 8.36 -143.08 0.14
C ARG L 670 8.39 -144.35 0.97
N ASN L 671 8.87 -144.26 2.22
CA ASN L 671 8.96 -145.40 3.14
C ASN L 671 9.74 -146.56 2.53
N MET M 1 58.60 -3.64 65.62
CA MET M 1 57.77 -4.78 66.01
C MET M 1 56.39 -4.33 66.46
N ALA M 2 56.27 -3.04 66.78
CA ALA M 2 55.00 -2.43 67.18
C ALA M 2 54.41 -3.14 68.40
N GLU M 3 55.15 -3.06 69.51
CA GLU M 3 54.74 -3.76 70.73
C GLU M 3 53.40 -3.23 71.26
N THR M 4 53.21 -1.92 71.23
CA THR M 4 52.00 -1.32 71.79
C THR M 4 50.91 -1.20 70.73
N LEU M 5 49.66 -1.25 71.19
CA LEU M 5 48.51 -1.16 70.30
C LEU M 5 48.42 0.19 69.61
N GLU M 6 48.93 1.24 70.23
CA GLU M 6 48.89 2.56 69.60
C GLU M 6 49.74 2.60 68.34
N LYS M 7 50.79 1.78 68.27
CA LYS M 7 51.58 1.75 67.05
C LYS M 7 50.84 1.04 65.92
N LYS M 8 50.12 -0.04 66.22
CA LYS M 8 49.27 -0.68 65.22
C LYS M 8 48.14 0.22 64.75
N HIS M 9 47.54 1.00 65.66
CA HIS M 9 46.42 1.88 65.28
C HIS M 9 46.83 2.92 64.26
N GLU M 10 47.99 3.56 64.43
CA GLU M 10 48.44 4.56 63.48
C GLU M 10 48.77 3.95 62.12
N ARG M 11 49.37 2.76 62.12
CA ARG M 11 49.61 2.06 60.86
C ARG M 11 48.30 1.72 60.16
N ILE M 12 47.29 1.31 60.94
CA ILE M 12 45.98 1.02 60.38
C ILE M 12 45.38 2.27 59.73
N MET M 13 45.49 3.42 60.41
CA MET M 13 44.96 4.65 59.83
C MET M 13 45.72 5.05 58.56
N LEU M 14 47.04 4.88 58.56
CA LEU M 14 47.82 5.20 57.36
C LEU M 14 47.41 4.31 56.19
N ARG M 15 47.22 3.01 56.45
CA ARG M 15 46.77 2.10 55.40
C ARG M 15 45.39 2.47 54.91
N PHE M 16 44.50 2.87 55.83
CA PHE M 16 43.16 3.31 55.44
C PHE M 16 43.24 4.52 54.50
N ASP M 17 44.05 5.51 54.84
CA ASP M 17 44.16 6.69 53.98
C ASP M 17 44.76 6.33 52.63
N ARG M 18 45.75 5.43 52.61
CA ARG M 18 46.32 5.00 51.35
C ARG M 18 45.27 4.30 50.48
N ALA M 19 44.43 3.47 51.09
CA ALA M 19 43.37 2.82 50.34
C ALA M 19 42.35 3.83 49.81
N TYR M 20 41.99 4.82 50.63
CA TYR M 20 40.96 5.78 50.25
C TYR M 20 41.42 6.75 49.18
N SER M 21 42.69 7.12 49.16
CA SER M 21 43.13 8.23 48.30
C SER M 21 42.87 8.00 46.81
N PRO M 22 43.26 6.86 46.18
CA PRO M 22 43.10 6.75 44.73
C PRO M 22 41.66 6.60 44.28
N GLN M 23 40.88 5.78 44.99
CA GLN M 23 39.51 5.48 44.60
C GLN M 23 38.52 6.51 45.16
N LYS M 24 38.73 7.78 44.81
CA LYS M 24 37.89 8.85 45.33
C LYS M 24 36.85 9.33 44.32
N GLU M 25 37.18 9.31 43.02
CA GLU M 25 36.25 9.77 42.00
C GLU M 25 35.34 8.68 41.46
N VAL M 26 35.84 7.45 41.37
CA VAL M 26 35.03 6.35 40.83
C VAL M 26 33.82 6.08 41.72
N ARG M 27 34.06 5.92 43.02
CA ARG M 27 32.96 5.70 43.94
C ARG M 27 32.03 6.90 44.01
N GLU M 28 32.58 8.11 43.82
CA GLU M 28 31.75 9.30 43.80
C GLU M 28 30.80 9.28 42.61
N LYS M 29 31.30 8.88 41.44
CA LYS M 29 30.44 8.72 40.28
C LYS M 29 29.38 7.65 40.51
N CYS M 30 29.75 6.54 41.15
CA CYS M 30 28.77 5.50 41.43
C CYS M 30 27.66 6.01 42.34
N ILE M 31 28.04 6.75 43.40
CA ILE M 31 27.05 7.31 44.31
C ILE M 31 26.15 8.30 43.59
N GLU M 32 26.72 9.14 42.74
CA GLU M 32 25.93 10.11 41.99
C GLU M 32 24.95 9.39 41.06
N ALA M 33 25.39 8.31 40.41
CA ALA M 33 24.50 7.56 39.53
C ALA M 33 23.35 6.93 40.30
N THR M 34 23.64 6.31 41.45
CA THR M 34 22.58 5.71 42.24
C THR M 34 21.58 6.76 42.71
N ARG M 35 22.08 7.92 43.16
CA ARG M 35 21.21 9.00 43.61
C ARG M 35 20.36 9.52 42.46
N PHE M 36 20.95 9.64 41.28
CA PHE M 36 20.21 10.08 40.11
C PHE M 36 19.11 9.11 39.74
N ALA M 37 19.38 7.81 39.84
CA ALA M 37 18.40 6.81 39.45
C ALA M 37 17.27 6.60 40.45
N ARG M 38 17.56 6.68 41.76
CA ARG M 38 16.59 6.23 42.75
C ARG M 38 16.01 7.34 43.62
N VAL M 39 16.78 8.33 44.01
CA VAL M 39 16.26 9.38 44.90
C VAL M 39 15.19 10.19 44.16
N PRO M 40 14.03 10.45 44.78
CA PRO M 40 12.96 11.16 44.06
C PRO M 40 13.36 12.54 43.54
N GLY M 41 14.17 13.29 44.28
CA GLY M 41 14.62 14.59 43.85
C GLY M 41 16.05 14.66 43.34
N GLY M 42 16.67 13.52 43.04
CA GLY M 42 18.07 13.49 42.71
C GLY M 42 18.44 13.86 41.29
N GLN M 43 17.47 13.89 40.38
CA GLN M 43 17.78 14.21 38.99
C GLN M 43 18.12 15.68 38.77
N TRP M 44 17.60 16.57 39.61
CA TRP M 44 17.95 17.98 39.56
C TRP M 44 18.98 18.35 40.62
N GLU M 45 19.79 17.39 41.05
CA GLU M 45 20.71 17.62 42.16
C GLU M 45 21.81 18.60 41.75
N GLY M 46 22.28 19.37 42.73
CA GLY M 46 23.35 20.32 42.51
C GLY M 46 22.88 21.74 42.27
N ALA M 47 21.62 21.93 41.88
CA ALA M 47 21.08 23.26 41.66
C ALA M 47 19.67 23.39 42.21
N THR M 48 19.42 22.83 43.40
CA THR M 48 18.09 22.93 44.00
C THR M 48 17.72 24.37 44.29
N ALA M 49 18.67 25.15 44.80
CA ALA M 49 18.46 26.57 45.10
C ALA M 49 18.94 27.38 43.90
N ALA M 50 17.99 27.91 43.13
CA ALA M 50 18.32 28.74 41.98
C ALA M 50 17.15 29.67 41.71
N GLY M 51 17.45 30.89 41.29
CA GLY M 51 16.40 31.83 40.97
C GLY M 51 16.94 33.21 40.68
N THR M 52 16.03 34.13 40.42
CA THR M 52 16.35 35.53 40.14
C THR M 52 15.64 36.41 41.16
N LYS M 53 16.03 37.68 41.19
CA LYS M 53 15.46 38.60 42.17
C LYS M 53 13.96 38.78 41.93
N LEU M 54 13.57 39.13 40.70
CA LEU M 54 12.17 39.11 40.27
C LEU M 54 11.27 39.90 41.22
N ASP M 55 11.49 41.22 41.24
CA ASP M 55 10.76 42.15 42.10
C ASP M 55 11.04 41.88 43.58
N GLU M 56 12.32 41.99 43.95
CA GLU M 56 12.77 41.92 45.35
C GLU M 56 12.22 40.67 46.04
N GLN M 57 12.30 39.54 45.36
CA GLN M 57 11.86 38.27 45.89
C GLN M 57 12.92 37.22 45.56
N PHE M 58 12.59 35.95 45.77
CA PHE M 58 13.47 34.86 45.37
C PHE M 58 12.67 33.70 44.78
N GLU M 59 11.75 34.01 43.87
CA GLU M 59 11.05 32.94 43.17
C GLU M 59 12.04 32.05 42.44
N LYS M 60 11.87 30.74 42.63
CA LYS M 60 12.80 29.75 42.11
C LYS M 60 12.35 29.26 40.74
N TYR M 61 13.31 28.73 39.98
CA TYR M 61 13.00 28.17 38.68
C TYR M 61 12.17 26.90 38.83
N PRO M 62 11.25 26.63 37.91
CA PRO M 62 10.54 25.35 37.95
C PRO M 62 11.45 24.23 37.47
N LYS M 63 11.47 23.13 38.21
CA LYS M 63 12.38 22.01 37.92
C LYS M 63 11.57 20.71 37.91
N PHE M 64 10.98 20.41 36.76
CA PHE M 64 10.25 19.15 36.59
C PHE M 64 11.21 18.01 36.38
N GLU M 65 10.78 16.80 36.76
CA GLU M 65 11.60 15.60 36.65
C GLU M 65 10.77 14.49 36.02
N ILE M 66 11.26 13.96 34.91
CA ILE M 66 10.58 12.89 34.17
C ILE M 66 11.58 11.74 34.05
N ASN M 67 11.50 10.79 34.97
CA ASN M 67 12.45 9.68 35.00
C ASN M 67 12.13 8.70 33.87
N LYS M 68 13.10 8.48 32.98
CA LYS M 68 12.97 7.53 31.89
C LYS M 68 14.14 6.57 31.79
N VAL M 69 15.12 6.68 32.69
CA VAL M 69 16.31 5.84 32.66
C VAL M 69 16.21 4.65 33.59
N ALA M 70 15.08 4.46 34.26
CA ALA M 70 14.92 3.36 35.21
C ALA M 70 14.21 2.16 34.61
N THR M 71 13.57 2.29 33.45
CA THR M 71 12.83 1.18 32.87
C THR M 71 13.76 0.03 32.52
N GLU M 72 14.89 0.32 31.86
CA GLU M 72 15.80 -0.74 31.47
C GLU M 72 16.50 -1.36 32.68
N LEU M 73 16.80 -0.55 33.69
CA LEU M 73 17.38 -1.09 34.91
C LEU M 73 16.42 -2.04 35.61
N ASN M 74 15.15 -1.66 35.69
CA ASN M 74 14.15 -2.56 36.27
C ASN M 74 13.99 -3.82 35.43
N ARG M 75 14.09 -3.69 34.10
CA ARG M 75 14.02 -4.86 33.24
C ARG M 75 15.17 -5.82 33.52
N ILE M 76 16.38 -5.29 33.66
CA ILE M 76 17.54 -6.12 33.95
C ILE M 76 17.39 -6.81 35.31
N ILE M 77 16.94 -6.05 36.32
CA ILE M 77 16.77 -6.62 37.65
C ILE M 77 15.74 -7.74 37.64
N ALA M 78 14.62 -7.52 36.95
CA ALA M 78 13.60 -8.56 36.84
C ALA M 78 14.13 -9.77 36.08
N GLU M 79 14.93 -9.53 35.03
CA GLU M 79 15.51 -10.62 34.28
C GLU M 79 16.39 -11.50 35.18
N TYR M 80 17.20 -10.87 36.03
CA TYR M 80 18.02 -11.67 36.94
C TYR M 80 17.15 -12.40 37.96
N ARG M 81 16.20 -11.69 38.58
CA ARG M 81 15.39 -12.30 39.63
C ARG M 81 14.54 -13.45 39.11
N ASN M 82 14.18 -13.44 37.83
CA ASN M 82 13.40 -14.53 37.27
C ASN M 82 14.21 -15.82 37.15
N ASN M 83 15.52 -15.70 36.92
CA ASN M 83 16.40 -16.86 36.77
C ASN M 83 17.59 -16.67 37.70
N ARG M 84 17.45 -17.11 38.95
CA ARG M 84 18.52 -17.00 39.92
C ARG M 84 19.55 -18.11 39.72
N ILE M 85 20.77 -17.84 40.18
CA ILE M 85 21.88 -18.79 40.06
C ILE M 85 22.56 -18.91 41.41
N THR M 86 23.29 -20.00 41.59
CA THR M 86 24.00 -20.26 42.83
C THR M 86 25.22 -21.12 42.52
N VAL M 87 25.95 -21.50 43.56
CA VAL M 87 27.19 -22.26 43.42
C VAL M 87 26.86 -23.75 43.40
N LYS M 88 27.41 -24.44 42.40
CA LYS M 88 27.22 -25.88 42.27
C LYS M 88 28.57 -26.56 42.17
N PHE M 89 28.69 -27.74 42.77
CA PHE M 89 29.94 -28.48 42.81
C PHE M 89 29.89 -29.63 41.83
N ARG M 90 30.93 -29.74 40.98
CA ARG M 90 30.97 -30.79 39.99
C ARG M 90 31.89 -31.93 40.44
N PRO M 91 31.58 -33.18 40.10
CA PRO M 91 32.42 -34.29 40.53
C PRO M 91 33.56 -34.55 39.55
N GLY M 92 34.44 -35.47 39.94
CA GLY M 92 35.59 -35.84 39.15
C GLY M 92 35.61 -37.31 38.77
N ASP M 93 36.78 -37.73 38.28
CA ASP M 93 36.98 -39.12 37.85
C ASP M 93 37.64 -39.94 38.97
N ARG M 94 36.92 -40.05 40.08
CA ARG M 94 37.31 -40.93 41.17
C ARG M 94 36.12 -41.78 41.59
N GLU M 95 36.36 -42.69 42.52
CA GLU M 95 35.33 -43.63 42.93
C GLU M 95 34.24 -42.96 43.76
N ALA M 96 34.62 -42.15 44.74
CA ALA M 96 33.68 -41.61 45.72
C ALA M 96 33.56 -40.10 45.61
N SER M 97 33.74 -39.54 44.42
CA SER M 97 33.57 -38.10 44.24
C SER M 97 32.09 -37.70 44.20
N GLU M 98 31.23 -38.61 43.74
CA GLU M 98 29.80 -38.28 43.64
C GLU M 98 29.19 -38.01 45.00
N GLU M 99 29.45 -38.89 45.97
CA GLU M 99 28.91 -38.70 47.31
C GLU M 99 29.48 -37.46 47.97
N LEU M 100 30.78 -37.20 47.76
CA LEU M 100 31.39 -35.99 48.31
C LEU M 100 30.73 -34.74 47.74
N ALA M 101 30.50 -34.72 46.43
CA ALA M 101 29.85 -33.58 45.81
C ALA M 101 28.42 -33.41 46.34
N ASN M 102 27.71 -34.52 46.51
CA ASN M 102 26.35 -34.44 47.05
C ASN M 102 26.34 -33.84 48.45
N LYS M 103 27.25 -34.30 49.31
CA LYS M 103 27.31 -33.74 50.66
C LYS M 103 27.69 -32.26 50.62
N LEU M 104 28.64 -31.90 49.77
CA LEU M 104 29.10 -30.52 49.72
C LEU M 104 27.99 -29.58 49.25
N ASN M 105 27.30 -29.91 48.17
CA ASN M 105 26.27 -29.02 47.67
C ASN M 105 24.93 -29.21 48.40
N GLY M 106 24.83 -30.15 49.33
CA GLY M 106 23.75 -30.14 50.28
C GLY M 106 24.02 -29.20 51.44
N LEU M 107 25.25 -29.28 51.97
CA LEU M 107 25.63 -28.38 53.06
C LEU M 107 25.59 -26.92 52.61
N PHE M 108 26.13 -26.63 51.42
CA PHE M 108 26.10 -25.27 50.92
C PHE M 108 24.68 -24.80 50.68
N ARG M 109 23.82 -25.69 50.17
CA ARG M 109 22.43 -25.32 49.95
C ARG M 109 21.75 -24.95 51.27
N ALA M 110 22.00 -25.74 52.32
CA ALA M 110 21.41 -25.40 53.62
C ALA M 110 21.95 -24.07 54.14
N ASP M 111 23.26 -23.85 54.02
CA ASP M 111 23.85 -22.61 54.51
C ASP M 111 23.28 -21.40 53.78
N TYR M 112 23.04 -21.54 52.47
CA TYR M 112 22.43 -20.47 51.72
C TYR M 112 20.95 -20.30 52.07
N GLU M 113 20.27 -21.41 52.40
CA GLU M 113 18.83 -21.38 52.54
C GLU M 113 18.39 -20.79 53.88
N GLU M 114 18.95 -21.27 54.99
CA GLU M 114 18.56 -20.73 56.29
C GLU M 114 19.51 -19.66 56.80
N THR M 115 20.01 -18.80 55.91
CA THR M 115 20.73 -17.60 56.30
C THR M 115 20.24 -16.49 55.36
N ASP M 116 20.95 -15.36 55.31
CA ASP M 116 20.54 -14.22 54.50
C ASP M 116 21.19 -14.21 53.12
N GLY M 117 21.47 -15.39 52.57
CA GLY M 117 22.19 -15.46 51.30
C GLY M 117 21.40 -14.86 50.16
N GLY M 118 20.10 -15.15 50.10
CA GLY M 118 19.29 -14.60 49.03
C GLY M 118 19.21 -13.09 49.05
N GLU M 119 18.98 -12.52 50.23
CA GLU M 119 18.96 -11.07 50.37
C GLU M 119 20.31 -10.47 50.00
N ALA M 120 21.40 -11.09 50.46
CA ALA M 120 22.74 -10.57 50.17
C ALA M 120 22.99 -10.56 48.67
N CYS M 121 22.67 -11.67 47.99
CA CYS M 121 22.91 -11.75 46.55
C CYS M 121 22.04 -10.75 45.79
N ASP M 122 20.77 -10.60 46.20
CA ASP M 122 19.89 -9.67 45.52
C ASP M 122 20.37 -8.23 45.69
N ASN M 123 20.77 -7.86 46.90
CA ASN M 123 21.30 -6.51 47.12
C ASN M 123 22.58 -6.28 46.33
N ALA M 124 23.46 -7.28 46.31
CA ALA M 124 24.71 -7.13 45.56
C ALA M 124 24.45 -6.92 44.08
N PHE M 125 23.55 -7.72 43.50
CA PHE M 125 23.27 -7.56 42.07
C PHE M 125 22.57 -6.24 41.79
N ASP M 126 21.67 -5.81 42.68
CA ASP M 126 21.00 -4.53 42.49
C ASP M 126 22.01 -3.39 42.47
N ASP M 127 22.94 -3.38 43.44
CA ASP M 127 23.95 -2.32 43.48
C ASP M 127 24.86 -2.40 42.26
N ALA M 128 25.25 -3.61 41.85
CA ALA M 128 26.14 -3.75 40.69
C ALA M 128 25.48 -3.23 39.43
N ALA M 129 24.19 -3.53 39.24
CA ALA M 129 23.50 -3.07 38.05
C ALA M 129 23.24 -1.58 38.08
N THR M 130 22.95 -1.01 39.26
CA THR M 130 22.61 0.40 39.34
C THR M 130 23.84 1.29 39.30
N GLY M 131 24.73 1.14 40.29
CA GLY M 131 25.88 2.01 40.39
C GLY M 131 27.13 1.46 39.73
N GLY M 132 27.35 0.16 39.84
CA GLY M 132 28.50 -0.49 39.27
C GLY M 132 29.40 -1.21 40.27
N PHE M 133 29.03 -1.25 41.55
CA PHE M 133 29.84 -1.93 42.56
C PHE M 133 28.93 -2.56 43.60
N GLY M 134 29.16 -3.84 43.88
CA GLY M 134 28.41 -4.53 44.90
C GLY M 134 29.28 -5.56 45.60
N CYS M 135 28.91 -5.87 46.84
CA CYS M 135 29.71 -6.79 47.64
C CYS M 135 28.83 -7.41 48.72
N PHE M 136 29.29 -8.54 49.23
CA PHE M 136 28.64 -9.21 50.35
C PHE M 136 29.69 -9.98 51.13
N ARG M 137 29.34 -10.33 52.37
CA ARG M 137 30.29 -10.86 53.33
C ARG M 137 29.95 -12.30 53.68
N LEU M 138 30.99 -13.08 53.96
CA LEU M 138 30.87 -14.51 54.24
C LEU M 138 31.55 -14.79 55.58
N THR M 139 30.78 -14.70 56.66
CA THR M 139 31.31 -14.82 58.02
C THR M 139 30.87 -16.14 58.64
N SER M 140 31.26 -16.33 59.89
CA SER M 140 30.92 -17.53 60.65
C SER M 140 30.38 -17.11 62.01
N MET M 141 29.34 -17.81 62.47
CA MET M 141 28.67 -17.49 63.72
C MET M 141 28.55 -18.74 64.58
N LEU M 142 28.40 -18.53 65.88
CA LEU M 142 28.20 -19.63 66.83
C LEU M 142 26.70 -19.81 67.03
N VAL M 143 26.23 -21.05 66.88
CA VAL M 143 24.82 -21.36 67.02
C VAL M 143 24.63 -22.86 67.27
N ARG M 152 28.52 -26.80 66.86
CA ARG M 152 28.22 -25.54 67.53
C ARG M 152 28.76 -24.36 66.73
N GLN M 153 29.23 -24.62 65.51
CA GLN M 153 29.75 -23.61 64.63
C GLN M 153 29.10 -23.74 63.26
N ARG M 154 28.93 -22.60 62.58
CA ARG M 154 28.26 -22.60 61.29
C ARG M 154 28.82 -21.46 60.43
N ILE M 155 28.73 -21.65 59.12
CA ILE M 155 29.12 -20.65 58.15
C ILE M 155 27.87 -19.92 57.67
N ALA M 156 27.91 -18.60 57.68
CA ALA M 156 26.75 -17.78 57.36
C ALA M 156 27.10 -16.79 56.26
N ILE M 157 26.07 -16.33 55.56
CA ILE M 157 26.20 -15.33 54.50
C ILE M 157 25.43 -14.09 54.93
N GLU M 158 26.08 -12.94 54.89
CA GLU M 158 25.47 -11.69 55.31
C GLU M 158 25.58 -10.65 54.23
N PRO M 159 24.64 -9.71 54.16
CA PRO M 159 24.73 -8.64 53.16
C PRO M 159 25.58 -7.48 53.65
N ILE M 160 26.08 -6.71 52.69
CA ILE M 160 26.82 -5.48 52.95
C ILE M 160 26.09 -4.34 52.27
N TYR M 161 25.75 -3.31 53.04
CA TYR M 161 25.00 -2.17 52.54
C TYR M 161 25.93 -0.98 52.36
N ASP M 162 25.59 -0.12 51.40
CA ASP M 162 26.42 1.01 51.00
C ASP M 162 27.81 0.55 50.60
N PRO M 163 27.93 -0.38 49.64
CA PRO M 163 29.25 -0.92 49.32
C PRO M 163 30.21 0.12 48.77
N SER M 164 29.72 1.05 47.95
CA SER M 164 30.59 2.04 47.32
C SER M 164 31.30 2.91 48.34
N ARG M 165 30.58 3.34 49.38
CA ARG M 165 31.14 4.18 50.43
C ARG M 165 31.49 3.40 51.68
N SER M 166 31.50 2.08 51.59
CA SER M 166 31.84 1.29 52.78
C SER M 166 33.02 0.36 52.58
N VAL M 167 33.17 -0.25 51.41
CA VAL M 167 34.18 -1.27 51.18
C VAL M 167 35.40 -0.63 50.53
N TRP M 168 36.56 -0.84 51.13
CA TRP M 168 37.83 -0.35 50.61
C TRP M 168 38.86 -1.46 50.67
N PHE M 169 39.54 -1.70 49.55
CA PHE M 169 40.45 -2.82 49.42
C PHE M 169 41.89 -2.35 49.38
N ASP M 170 42.80 -3.31 49.29
CA ASP M 170 44.21 -3.02 49.17
C ASP M 170 44.49 -2.42 47.80
N PRO M 171 45.13 -1.25 47.72
CA PRO M 171 45.37 -0.62 46.40
C PRO M 171 46.25 -1.45 45.48
N ASP M 172 47.04 -2.38 45.98
CA ASP M 172 47.93 -3.17 45.14
C ASP M 172 47.20 -4.19 44.27
N ALA M 173 46.10 -4.74 44.75
CA ALA M 173 45.40 -5.82 44.05
C ALA M 173 44.77 -5.30 42.78
N LYS M 174 44.99 -6.01 41.67
CA LYS M 174 44.47 -5.63 40.37
C LYS M 174 43.52 -6.67 39.77
N LYS M 175 43.46 -7.87 40.33
CA LYS M 175 42.61 -8.91 39.79
C LYS M 175 41.13 -8.58 40.05
N TYR M 176 40.26 -9.24 39.29
CA TYR M 176 38.83 -9.00 39.42
C TYR M 176 38.33 -9.35 40.82
N ASP M 177 38.76 -10.50 41.34
CA ASP M 177 38.27 -11.01 42.61
C ASP M 177 39.13 -10.59 43.79
N LYS M 178 40.17 -9.79 43.57
CA LYS M 178 41.04 -9.29 44.65
C LYS M 178 41.65 -10.43 45.44
N SER M 179 42.14 -11.46 44.74
CA SER M 179 42.82 -12.56 45.42
C SER M 179 44.15 -12.09 46.02
N ASP M 180 44.85 -11.21 45.34
CA ASP M 180 46.15 -10.70 45.81
C ASP M 180 45.98 -9.45 46.67
N ALA M 181 45.16 -9.54 47.70
CA ALA M 181 44.93 -8.44 48.63
C ALA M 181 45.41 -8.83 50.01
N LEU M 182 46.08 -7.89 50.68
CA LEU M 182 46.65 -8.14 51.99
C LEU M 182 45.82 -7.61 53.14
N TRP M 183 44.92 -6.66 52.89
CA TRP M 183 44.09 -6.13 53.96
C TRP M 183 42.85 -5.49 53.33
N ALA M 184 41.83 -5.31 54.15
CA ALA M 184 40.56 -4.77 53.67
C ALA M 184 39.81 -4.09 54.81
N PHE M 185 38.90 -3.20 54.45
CA PHE M 185 38.10 -2.44 55.39
C PHE M 185 36.63 -2.61 55.07
N CYS M 186 35.79 -2.50 56.09
CA CYS M 186 34.34 -2.54 55.89
C CYS M 186 33.67 -1.68 56.95
N MET M 187 33.11 -0.55 56.53
CA MET M 187 32.43 0.35 57.46
C MET M 187 30.99 -0.08 57.71
N TYR M 188 30.44 0.42 58.81
CA TYR M 188 29.00 0.36 59.04
C TYR M 188 28.61 1.43 60.05
N SER M 189 27.38 1.90 59.95
CA SER M 189 26.87 2.93 60.84
C SER M 189 26.34 2.31 62.13
N LEU M 190 26.29 3.14 63.17
CA LEU M 190 25.89 2.68 64.50
C LEU M 190 25.34 3.87 65.27
N SER M 191 24.24 3.62 65.99
CA SER M 191 23.59 4.64 66.80
C SER M 191 24.26 4.73 68.17
N PRO M 192 24.16 5.90 68.82
CA PRO M 192 24.80 6.03 70.15
C PRO M 192 24.26 5.06 71.17
N GLU M 193 22.96 4.75 71.14
CA GLU M 193 22.40 3.81 72.12
C GLU M 193 23.02 2.43 71.97
N LYS M 194 23.12 1.93 70.74
CA LYS M 194 23.76 0.63 70.53
C LYS M 194 25.25 0.69 70.84
N TYR M 195 25.90 1.82 70.54
CA TYR M 195 27.31 1.97 70.87
C TYR M 195 27.55 1.87 72.38
N GLU M 196 26.66 2.47 73.18
CA GLU M 196 26.80 2.35 74.63
C GLU M 196 26.40 0.96 75.12
N ALA M 197 25.40 0.34 74.48
CA ALA M 197 24.99 -1.00 74.90
C ALA M 197 26.11 -2.01 74.69
N GLU M 198 26.79 -1.94 73.54
CA GLU M 198 27.91 -2.81 73.26
C GLU M 198 29.21 -2.10 73.67
N TYR M 199 30.33 -2.82 73.61
CA TYR M 199 31.66 -2.27 73.91
C TYR M 199 31.63 -1.70 75.32
N GLY M 200 31.79 -0.40 75.51
CA GLY M 200 31.79 0.17 76.86
C GLY M 200 31.35 1.61 76.83
N LYS M 201 30.64 2.01 77.88
CA LYS M 201 30.12 3.38 77.96
C LYS M 201 31.16 4.38 78.46
N LYS M 202 32.23 3.91 79.07
CA LYS M 202 33.22 4.82 79.67
C LYS M 202 33.89 5.73 78.64
N PRO M 203 34.42 5.24 77.52
CA PRO M 203 35.09 6.14 76.57
C PRO M 203 34.07 6.85 75.70
N PRO M 204 34.25 8.16 75.45
CA PRO M 204 33.38 8.86 74.51
C PRO M 204 33.43 8.25 73.11
N THR M 205 32.58 8.74 72.22
CA THR M 205 32.44 8.19 70.89
C THR M 205 33.23 9.01 69.89
N SER M 206 34.10 8.34 69.13
CA SER M 206 34.84 8.95 68.04
C SER M 206 34.63 8.13 66.78
N LEU M 207 34.29 8.79 65.68
CA LEU M 207 33.91 8.12 64.45
C LEU M 207 34.93 8.39 63.36
N ASP M 208 35.00 7.46 62.40
CA ASP M 208 35.87 7.64 61.25
C ASP M 208 35.32 8.72 60.32
N VAL M 209 36.19 9.25 59.48
CA VAL M 209 35.84 10.30 58.53
C VAL M 209 36.01 9.75 57.12
N THR M 210 35.01 9.98 56.28
CA THR M 210 35.07 9.52 54.89
C THR M 210 34.87 10.70 53.94
N SER M 211 34.07 11.68 54.37
CA SER M 211 33.85 12.92 53.60
C SER M 211 33.21 12.63 52.25
N MET M 212 32.36 11.60 52.21
CA MET M 212 31.58 11.27 51.02
C MET M 212 30.20 11.93 51.02
N THR M 213 29.52 11.92 52.15
CA THR M 213 28.16 12.44 52.22
C THR M 213 28.19 13.98 52.27
N SER M 214 27.05 14.58 52.60
CA SER M 214 26.83 16.03 52.62
C SER M 214 26.98 16.64 51.24
N TRP M 215 27.22 15.84 50.21
CA TRP M 215 27.39 16.33 48.84
C TRP M 215 26.01 16.46 48.21
N GLU M 216 25.39 17.62 48.41
CA GLU M 216 24.03 17.89 47.94
C GLU M 216 23.04 16.86 48.48
N TYR M 217 22.91 16.85 49.81
CA TYR M 217 22.07 15.88 50.49
C TYR M 217 21.52 16.50 51.76
N ASN M 218 20.27 16.16 52.10
CA ASN M 218 19.66 16.65 53.32
C ASN M 218 20.16 15.83 54.51
N TRP M 219 20.57 16.54 55.56
CA TRP M 219 21.05 15.91 56.79
C TRP M 219 20.24 16.45 57.97
N PHE M 220 19.81 15.55 58.84
CA PHE M 220 18.92 15.88 59.95
C PHE M 220 19.40 15.29 61.26
N GLY M 221 20.19 14.21 61.17
CA GLY M 221 20.64 13.52 62.37
C GLY M 221 22.14 13.44 62.51
N ALA M 222 22.69 14.04 63.56
CA ALA M 222 24.10 13.94 63.88
C ALA M 222 24.41 12.79 64.84
N ASP M 223 23.54 11.78 64.89
CA ASP M 223 23.69 10.66 65.82
C ASP M 223 24.16 9.40 65.10
N VAL M 224 25.09 9.53 64.16
CA VAL M 224 25.62 8.41 63.41
C VAL M 224 27.10 8.28 63.71
N ILE M 225 27.54 7.06 64.01
CA ILE M 225 28.94 6.75 64.29
C ILE M 225 29.38 5.66 63.32
N TYR M 226 30.52 5.87 62.66
CA TYR M 226 31.00 4.94 61.66
C TYR M 226 32.09 4.07 62.25
N ILE M 227 31.86 2.76 62.27
CA ILE M 227 32.80 1.79 62.83
C ILE M 227 33.21 0.82 61.73
N ALA M 228 34.50 0.52 61.64
CA ALA M 228 35.04 -0.26 60.55
C ALA M 228 35.65 -1.56 61.06
N LYS M 229 35.34 -2.65 60.36
CA LYS M 229 36.00 -3.93 60.53
C LYS M 229 37.22 -4.00 59.62
N TYR M 230 38.31 -4.54 60.14
CA TYR M 230 39.60 -4.52 59.46
C TYR M 230 40.12 -5.95 59.33
N TYR M 231 40.40 -6.36 58.10
CA TYR M 231 40.89 -7.71 57.80
C TYR M 231 42.33 -7.65 57.34
N GLU M 232 43.16 -8.53 57.89
CA GLU M 232 44.55 -8.70 57.46
C GLU M 232 44.84 -10.18 57.26
N VAL M 233 45.83 -10.45 56.40
CA VAL M 233 46.36 -11.79 56.20
C VAL M 233 47.84 -11.78 56.57
N ARG M 234 48.25 -12.74 57.38
CA ARG M 234 49.60 -12.80 57.90
C ARG M 234 50.14 -14.22 57.77
N LYS M 235 51.46 -14.32 57.55
CA LYS M 235 52.14 -15.60 57.46
C LYS M 235 52.84 -15.88 58.78
N GLU M 236 52.28 -16.77 59.58
CA GLU M 236 52.80 -17.06 60.91
C GLU M 236 53.21 -18.54 60.97
N SER M 237 54.14 -18.83 61.86
CA SER M 237 54.66 -20.18 62.02
C SER M 237 53.79 -20.95 63.00
N VAL M 238 53.32 -22.12 62.57
CA VAL M 238 52.50 -23.00 63.40
C VAL M 238 53.13 -24.39 63.40
N ASP M 239 53.17 -25.01 64.57
CA ASP M 239 53.78 -26.32 64.75
C ASP M 239 52.71 -27.39 64.54
N VAL M 240 53.00 -28.38 63.70
CA VAL M 240 52.03 -29.41 63.34
C VAL M 240 52.37 -30.68 64.11
N ILE M 241 51.32 -31.44 64.47
CA ILE M 241 51.47 -32.68 65.23
C ILE M 241 50.92 -33.81 64.38
N SER M 242 51.67 -34.90 64.27
CA SER M 242 51.29 -36.05 63.46
C SER M 242 50.88 -37.18 64.39
N TYR M 243 49.59 -37.48 64.43
CA TYR M 243 49.08 -38.62 65.19
C TYR M 243 48.99 -39.82 64.24
N ARG M 244 49.64 -40.92 64.61
CA ARG M 244 49.82 -42.07 63.72
C ARG M 244 49.22 -43.34 64.31
N HIS M 245 47.99 -43.27 64.82
CA HIS M 245 47.32 -44.45 65.35
C HIS M 245 46.99 -45.42 64.22
N PRO M 246 47.43 -46.68 64.30
CA PRO M 246 47.19 -47.61 63.17
C PRO M 246 45.72 -47.86 62.89
N ILE M 247 44.86 -47.81 63.91
CA ILE M 247 43.45 -48.15 63.73
C ILE M 247 42.73 -46.99 63.07
N THR M 248 41.94 -47.30 62.04
CA THR M 248 41.14 -46.33 61.29
C THR M 248 42.02 -45.23 60.70
N GLY M 249 43.00 -45.66 59.89
CA GLY M 249 43.91 -44.74 59.25
C GLY M 249 44.98 -44.24 60.19
N GLU M 250 46.21 -44.12 59.71
CA GLU M 250 47.34 -43.76 60.56
C GLU M 250 47.90 -42.38 60.28
N ILE M 251 48.28 -42.08 59.03
CA ILE M 251 48.91 -40.81 58.72
C ILE M 251 47.87 -39.70 58.85
N ALA M 252 48.02 -38.85 59.87
CA ALA M 252 47.05 -37.78 60.11
C ALA M 252 47.77 -36.64 60.84
N THR M 253 47.93 -35.52 60.16
CA THR M 253 48.65 -34.37 60.68
C THR M 253 47.66 -33.33 61.21
N TYR M 254 47.94 -32.82 62.41
CA TYR M 254 47.10 -31.82 63.05
C TYR M 254 47.97 -30.65 63.50
N ASP M 255 47.35 -29.49 63.65
CA ASP M 255 48.07 -28.29 64.06
C ASP M 255 48.16 -28.21 65.59
N SER M 256 48.84 -27.17 66.06
CA SER M 256 49.04 -26.97 67.50
C SER M 256 47.82 -26.37 68.19
N ASP M 257 46.82 -25.93 67.44
CA ASP M 257 45.65 -25.30 68.06
C ASP M 257 44.91 -26.28 68.95
N GLN M 258 44.79 -27.53 68.52
CA GLN M 258 44.12 -28.56 69.30
C GLN M 258 45.15 -29.48 69.95
N VAL M 259 44.99 -29.71 71.25
CA VAL M 259 45.93 -30.49 72.04
C VAL M 259 45.13 -31.60 72.73
N GLU M 260 45.85 -32.60 73.24
CA GLU M 260 45.21 -33.71 73.94
C GLU M 260 44.43 -33.22 75.16
N ASP M 261 44.77 -32.05 75.69
CA ASP M 261 44.04 -31.45 76.80
C ASP M 261 42.91 -30.53 76.35
N ILE M 262 43.11 -29.79 75.26
CA ILE M 262 42.07 -28.92 74.73
C ILE M 262 40.90 -29.75 74.22
N GLU M 263 41.21 -30.81 73.47
CA GLU M 263 40.20 -31.74 72.96
C GLU M 263 40.24 -33.03 73.77
N ASP M 264 39.07 -33.52 74.15
CA ASP M 264 38.97 -34.73 74.98
C ASP M 264 39.32 -35.98 74.17
N GLU M 265 40.59 -36.04 73.76
CA GLU M 265 41.11 -37.19 73.04
C GLU M 265 41.68 -38.23 74.00
N LEU M 266 42.57 -37.80 74.90
CA LEU M 266 43.07 -38.64 75.99
C LEU M 266 43.79 -39.89 75.49
N ALA M 267 44.37 -39.81 74.29
CA ALA M 267 45.15 -40.88 73.69
C ALA M 267 44.38 -42.19 73.60
N ILE M 268 43.05 -42.13 73.53
CA ILE M 268 42.25 -43.34 73.41
C ILE M 268 42.53 -44.04 72.09
N ALA M 269 42.57 -43.27 71.00
CA ALA M 269 42.86 -43.79 69.67
C ALA M 269 43.87 -42.90 68.96
N GLY M 270 44.96 -42.56 69.65
CA GLY M 270 45.99 -41.72 69.06
C GLY M 270 47.33 -41.84 69.74
N PHE M 271 48.40 -41.67 68.97
CA PHE M 271 49.77 -41.72 69.48
C PHE M 271 50.48 -40.41 69.15
N HIS M 272 51.32 -39.95 70.08
CA HIS M 272 51.98 -38.67 69.91
C HIS M 272 52.86 -38.67 68.66
N GLU M 273 53.66 -39.72 68.47
CA GLU M 273 54.54 -39.88 67.31
C GLU M 273 55.47 -38.67 67.26
N VAL M 274 55.50 -37.89 66.18
CA VAL M 274 56.43 -36.79 66.01
C VAL M 274 55.64 -35.49 65.95
N ALA M 275 56.07 -34.49 66.74
CA ALA M 275 55.37 -33.21 66.79
C ALA M 275 56.34 -32.04 66.78
N ARG M 276 57.46 -32.17 66.07
CA ARG M 276 58.48 -31.12 66.05
C ARG M 276 58.55 -30.34 64.75
N ARG M 277 57.96 -30.82 63.66
CA ARG M 277 58.07 -30.13 62.38
C ARG M 277 57.25 -28.85 62.41
N SER M 278 57.91 -27.71 62.27
CA SER M 278 57.26 -26.41 62.26
C SER M 278 57.26 -25.86 60.84
N VAL M 279 56.09 -25.45 60.36
CA VAL M 279 55.93 -24.97 58.99
C VAL M 279 55.16 -23.65 59.01
N LYS M 280 55.39 -22.83 58.00
CA LYS M 280 54.69 -21.57 57.86
C LYS M 280 53.36 -21.78 57.15
N ARG M 281 52.29 -21.26 57.74
CA ARG M 281 50.96 -21.36 57.16
C ARG M 281 50.32 -19.98 57.10
N ARG M 282 49.40 -19.82 56.17
CA ARG M 282 48.76 -18.53 55.91
C ARG M 282 47.52 -18.39 56.78
N ARG M 283 47.44 -17.29 57.53
CA ARG M 283 46.36 -17.08 58.49
C ARG M 283 45.73 -15.70 58.28
N VAL M 284 44.49 -15.57 58.72
CA VAL M 284 43.70 -14.35 58.55
C VAL M 284 43.18 -13.89 59.91
N TYR M 285 43.30 -12.59 60.17
CA TYR M 285 42.86 -11.98 61.42
C TYR M 285 41.89 -10.85 61.16
N VAL M 286 40.98 -10.63 62.11
CA VAL M 286 39.98 -9.58 62.04
C VAL M 286 40.04 -8.76 63.32
N SER M 287 39.70 -7.48 63.19
CA SER M 287 39.68 -6.56 64.32
C SER M 287 38.68 -5.44 64.04
N VAL M 288 38.27 -4.76 65.09
CA VAL M 288 37.31 -3.66 65.00
C VAL M 288 37.99 -2.40 65.54
N VAL M 289 38.02 -1.34 64.73
CA VAL M 289 38.71 -0.11 65.06
C VAL M 289 37.78 1.07 64.85
N ASP M 290 38.10 2.18 65.51
CA ASP M 290 37.45 3.46 65.27
C ASP M 290 38.51 4.55 65.31
N GLY M 291 38.06 5.80 65.35
CA GLY M 291 38.99 6.92 65.31
C GLY M 291 39.90 7.04 66.53
N ASP M 292 39.60 6.33 67.62
CA ASP M 292 40.39 6.43 68.83
C ASP M 292 41.28 5.21 69.06
N GLY M 293 40.71 4.00 69.09
CA GLY M 293 41.50 2.82 69.35
C GLY M 293 40.87 1.52 68.90
N PHE M 294 41.23 0.43 69.58
CA PHE M 294 40.73 -0.91 69.25
C PHE M 294 39.50 -1.21 70.08
N LEU M 295 38.32 -1.14 69.46
CA LEU M 295 37.11 -1.57 70.14
C LEU M 295 37.13 -3.06 70.44
N GLU M 296 37.59 -3.87 69.49
CA GLU M 296 37.73 -5.30 69.69
C GLU M 296 39.13 -5.73 69.27
N LYS M 297 39.80 -6.48 70.14
CA LYS M 297 41.17 -6.89 69.87
C LYS M 297 41.21 -7.87 68.70
N PRO M 298 42.33 -7.92 67.98
CA PRO M 298 42.43 -8.82 66.82
C PRO M 298 42.28 -10.28 67.22
N ARG M 299 41.65 -11.06 66.34
CA ARG M 299 41.50 -12.49 66.54
C ARG M 299 41.49 -13.18 65.19
N ARG M 300 41.98 -14.40 65.16
CA ARG M 300 42.07 -15.15 63.91
C ARG M 300 40.71 -15.72 63.54
N ILE M 301 40.44 -15.75 62.23
CA ILE M 301 39.20 -16.32 61.72
C ILE M 301 39.52 -17.66 61.05
N PRO M 302 38.60 -18.62 61.03
CA PRO M 302 38.91 -19.94 60.46
C PRO M 302 38.81 -19.99 58.94
N GLY M 303 39.87 -19.55 58.27
CA GLY M 303 39.89 -19.58 56.82
C GLY M 303 41.26 -19.20 56.30
N GLU M 304 41.31 -18.95 54.99
CA GLU M 304 42.55 -18.60 54.31
C GLU M 304 42.43 -17.35 53.44
N HIS M 305 41.23 -17.03 52.94
CA HIS M 305 41.02 -15.88 52.08
C HIS M 305 40.24 -14.81 52.82
N ILE M 306 40.33 -13.59 52.30
CA ILE M 306 39.51 -12.50 52.82
C ILE M 306 38.04 -12.77 52.48
N PRO M 307 37.13 -12.70 53.44
CA PRO M 307 35.76 -13.17 53.20
C PRO M 307 34.88 -12.16 52.47
N LEU M 308 35.46 -11.15 51.85
CA LEU M 308 34.69 -10.17 51.08
C LEU M 308 34.67 -10.58 49.60
N ILE M 309 33.47 -10.65 49.03
CA ILE M 309 33.27 -11.08 47.65
C ILE M 309 32.70 -9.89 46.87
N PRO M 310 33.52 -9.22 46.05
CA PRO M 310 33.00 -8.09 45.26
C PRO M 310 32.25 -8.54 44.02
N VAL M 311 31.29 -7.72 43.61
CA VAL M 311 30.53 -7.90 42.39
C VAL M 311 30.57 -6.61 41.60
N TYR M 312 30.95 -6.70 40.33
CA TYR M 312 31.09 -5.53 39.47
C TYR M 312 30.12 -5.61 38.30
N GLY M 313 29.57 -4.45 37.93
CA GLY M 313 28.75 -4.37 36.74
C GLY M 313 29.61 -4.46 35.50
N LYS M 314 30.44 -3.43 35.28
CA LYS M 314 31.49 -3.51 34.27
C LYS M 314 32.75 -2.90 34.86
N ARG M 315 33.86 -3.63 34.79
CA ARG M 315 35.11 -3.19 35.40
C ARG M 315 36.25 -3.29 34.40
N TRP M 316 37.09 -2.27 34.38
CA TRP M 316 38.28 -2.24 33.53
C TRP M 316 39.42 -1.61 34.31
N PHE M 317 40.61 -1.66 33.72
CA PHE M 317 41.81 -1.14 34.36
C PHE M 317 42.57 -0.32 33.33
N ILE M 318 42.42 1.01 33.39
CA ILE M 318 42.87 1.90 32.32
C ILE M 318 44.24 2.49 32.62
N ASP M 319 44.34 3.30 33.68
CA ASP M 319 45.63 3.91 34.04
C ASP M 319 45.83 3.76 35.55
N ASP M 320 46.39 2.62 35.94
CA ASP M 320 46.73 2.32 37.34
C ASP M 320 45.56 2.49 38.29
N ILE M 321 44.34 2.58 37.76
CA ILE M 321 43.14 2.75 38.56
C ILE M 321 42.05 1.85 38.00
N GLU M 322 41.38 1.12 38.89
CA GLU M 322 40.23 0.32 38.48
C GLU M 322 39.03 1.23 38.26
N ARG M 323 38.39 1.10 37.09
CA ARG M 323 37.25 1.93 36.73
C ARG M 323 36.03 1.05 36.49
N VAL M 324 34.93 1.40 37.15
CA VAL M 324 33.71 0.61 37.09
C VAL M 324 32.58 1.48 36.53
N GLU M 325 31.59 0.80 35.96
CA GLU M 325 30.44 1.47 35.36
C GLU M 325 29.24 0.54 35.43
N GLY M 326 28.06 1.13 35.62
CA GLY M 326 26.83 0.39 35.71
C GLY M 326 25.95 0.55 34.48
N HIS M 327 24.75 1.08 34.66
CA HIS M 327 23.78 1.19 33.57
C HIS M 327 23.00 2.50 33.58
N ILE M 328 23.48 3.52 34.29
CA ILE M 328 22.74 4.77 34.43
C ILE M 328 23.61 5.94 34.00
N ALA M 329 24.93 5.77 34.08
CA ALA M 329 25.84 6.89 33.90
C ALA M 329 25.72 7.50 32.50
N LYS M 330 25.50 6.67 31.48
CA LYS M 330 25.60 7.14 30.11
C LYS M 330 24.40 7.97 29.66
N ALA M 331 23.27 7.92 30.36
CA ALA M 331 22.06 8.63 29.94
C ALA M 331 21.81 9.90 30.75
N MET M 332 22.74 10.25 31.63
CA MET M 332 22.53 11.39 32.53
C MET M 332 22.39 12.69 31.76
N ASP M 333 23.29 12.94 30.80
CA ASP M 333 23.22 14.18 30.03
C ASP M 333 21.95 14.29 29.22
N PRO M 334 21.54 13.30 28.41
CA PRO M 334 20.25 13.44 27.72
C PRO M 334 19.08 13.59 28.66
N GLN M 335 19.07 12.87 29.79
CA GLN M 335 17.93 12.97 30.71
C GLN M 335 17.82 14.37 31.31
N ARG M 336 18.94 14.91 31.80
CA ARG M 336 18.90 16.22 32.42
C ARG M 336 18.77 17.35 31.41
N LEU M 337 19.08 17.10 30.14
CA LEU M 337 18.73 18.06 29.09
C LEU M 337 17.23 18.03 28.77
N TYR M 338 16.66 16.82 28.72
CA TYR M 338 15.23 16.68 28.46
C TYR M 338 14.41 17.37 29.55
N ASN M 339 14.79 17.18 30.81
CA ASN M 339 14.06 17.81 31.91
C ASN M 339 14.07 19.33 31.79
N LEU M 340 15.24 19.91 31.51
CA LEU M 340 15.35 21.36 31.37
C LEU M 340 14.52 21.86 30.20
N GLN M 341 14.56 21.14 29.07
CA GLN M 341 13.76 21.55 27.92
C GLN M 341 12.27 21.54 28.25
N VAL M 342 11.81 20.50 28.93
CA VAL M 342 10.40 20.43 29.31
C VAL M 342 10.02 21.58 30.22
N SER M 343 10.86 21.87 31.22
CA SER M 343 10.54 22.96 32.15
C SER M 343 10.48 24.30 31.44
N MET M 344 11.49 24.58 30.60
CA MET M 344 11.52 25.85 29.89
C MET M 344 10.37 26.01 28.91
N LEU M 345 9.95 24.92 28.26
CA LEU M 345 8.79 25.01 27.37
C LEU M 345 7.51 25.23 28.16
N ALA M 346 7.36 24.55 29.30
CA ALA M 346 6.16 24.71 30.11
C ALA M 346 6.01 26.13 30.61
N ASP M 347 7.10 26.73 31.10
CA ASP M 347 7.02 28.09 31.61
C ASP M 347 6.66 29.07 30.50
N THR M 348 7.30 28.93 29.33
CA THR M 348 7.01 29.82 28.21
C THR M 348 5.56 29.68 27.75
N ALA M 349 5.06 28.44 27.68
CA ALA M 349 3.67 28.23 27.27
C ALA M 349 2.70 28.84 28.26
N ALA M 350 2.98 28.72 29.56
CA ALA M 350 2.09 29.27 30.56
C ALA M 350 2.21 30.79 30.68
N GLN M 351 3.27 31.38 30.14
CA GLN M 351 3.42 32.84 30.24
C GLN M 351 2.26 33.58 29.60
N ASP M 352 1.92 33.24 28.35
CA ASP M 352 0.92 33.97 27.57
C ASP M 352 -0.14 33.00 27.03
N PRO M 353 -1.31 32.94 27.65
CA PRO M 353 -2.33 31.96 27.21
C PRO M 353 -3.03 32.31 25.90
N GLY M 354 -3.46 33.56 25.73
CA GLY M 354 -4.30 33.88 24.59
C GLY M 354 -4.10 35.25 23.97
N GLN M 355 -5.16 35.76 23.34
CA GLN M 355 -5.13 37.03 22.60
C GLN M 355 -5.99 38.06 23.29
N ILE M 356 -5.54 39.31 23.28
CA ILE M 356 -6.27 40.43 23.85
C ILE M 356 -6.19 41.61 22.89
N PRO M 357 -7.29 42.29 22.58
CA PRO M 357 -7.22 43.45 21.70
C PRO M 357 -6.61 44.65 22.40
N ILE M 358 -6.06 45.57 21.60
CA ILE M 358 -5.48 46.81 22.08
C ILE M 358 -6.23 47.97 21.45
N VAL M 359 -6.75 48.86 22.30
CA VAL M 359 -7.54 50.00 21.86
C VAL M 359 -7.04 51.25 22.57
N GLY M 360 -7.43 52.40 22.04
CA GLY M 360 -7.08 53.66 22.65
C GLY M 360 -8.02 54.04 23.79
N MET M 361 -7.46 54.76 24.76
CA MET M 361 -8.24 55.17 25.92
C MET M 361 -9.38 56.10 25.52
N GLU M 362 -9.07 57.16 24.78
CA GLU M 362 -10.09 58.05 24.25
C GLU M 362 -10.94 57.39 23.17
N GLN M 363 -10.51 56.24 22.66
CA GLN M 363 -11.27 55.52 21.65
C GLN M 363 -12.37 54.65 22.26
N ILE M 364 -12.09 54.00 23.39
CA ILE M 364 -13.05 53.12 24.04
C ILE M 364 -13.66 53.73 25.30
N ARG M 365 -13.33 54.97 25.63
CA ARG M 365 -13.90 55.62 26.80
C ARG M 365 -15.42 55.69 26.69
N GLY M 366 -16.10 55.28 27.76
CA GLY M 366 -17.54 55.37 27.83
C GLY M 366 -18.30 54.19 27.28
N LEU M 367 -17.62 53.21 26.68
CA LEU M 367 -18.29 52.04 26.12
C LEU M 367 -17.74 50.75 26.70
N GLU M 368 -17.16 50.80 27.90
CA GLU M 368 -16.59 49.60 28.50
C GLU M 368 -17.66 48.58 28.90
N LYS M 369 -18.85 49.07 29.26
CA LYS M 369 -19.91 48.15 29.67
C LYS M 369 -20.32 47.22 28.55
N HIS M 370 -20.43 47.74 27.32
CA HIS M 370 -20.79 46.89 26.19
C HIS M 370 -19.68 45.90 25.87
N TRP M 371 -18.42 46.33 25.95
CA TRP M 371 -17.31 45.45 25.57
C TRP M 371 -17.03 44.39 26.61
N GLU M 372 -17.34 44.63 27.89
CA GLU M 372 -17.06 43.64 28.91
C GLU M 372 -18.05 42.48 28.88
N ALA M 373 -19.17 42.62 28.18
CA ALA M 373 -20.21 41.60 28.17
C ALA M 373 -20.50 41.10 26.77
N ARG M 374 -19.45 40.95 25.95
CA ARG M 374 -19.65 40.48 24.59
C ARG M 374 -19.76 38.96 24.50
N ASN M 375 -19.53 38.25 25.60
CA ASN M 375 -19.59 36.79 25.60
C ASN M 375 -20.82 36.23 26.31
N LYS M 376 -21.45 37.01 27.19
CA LYS M 376 -22.62 36.56 27.93
C LYS M 376 -23.92 36.98 27.25
N LYS M 377 -24.04 38.24 26.87
CA LYS M 377 -25.16 38.67 26.06
C LYS M 377 -24.89 38.33 24.60
N ARG M 378 -25.83 38.69 23.73
CA ARG M 378 -25.72 38.45 22.29
C ARG M 378 -25.93 39.76 21.55
N PRO M 379 -24.95 40.66 21.58
CA PRO M 379 -25.13 41.96 20.91
C PRO M 379 -25.17 41.81 19.41
N ALA M 380 -25.96 42.67 18.77
CA ALA M 380 -26.01 42.70 17.32
C ALA M 380 -24.78 43.36 16.71
N PHE M 381 -24.14 44.27 17.44
CA PHE M 381 -22.95 44.95 16.96
C PHE M 381 -22.21 45.50 18.17
N LEU M 382 -20.97 45.91 17.94
CA LEU M 382 -20.14 46.49 18.98
C LEU M 382 -19.71 47.89 18.57
N PRO M 383 -19.96 48.90 19.40
CA PRO M 383 -19.59 50.27 19.03
C PRO M 383 -18.18 50.63 19.48
N LEU M 384 -17.53 51.47 18.67
CA LEU M 384 -16.19 51.96 18.97
C LEU M 384 -15.94 53.20 18.13
N ARG M 385 -15.24 54.17 18.73
CA ARG M 385 -14.98 55.44 18.06
C ARG M 385 -13.74 55.34 17.18
N GLU M 386 -13.37 56.47 16.61
CA GLU M 386 -12.21 56.55 15.72
C GLU M 386 -11.10 57.39 16.35
N VAL M 387 -9.91 57.27 15.78
CA VAL M 387 -8.73 57.98 16.27
C VAL M 387 -8.66 59.33 15.58
N ARG M 388 -8.59 60.40 16.37
CA ARG M 388 -8.52 61.76 15.86
C ARG M 388 -7.27 62.44 16.39
N ASP M 389 -6.63 63.21 15.52
CA ASP M 389 -5.39 63.89 15.86
C ASP M 389 -5.70 65.14 16.71
N LYS M 390 -4.68 65.98 16.92
CA LYS M 390 -4.86 67.15 17.77
C LYS M 390 -5.70 68.22 17.12
N SER M 391 -5.80 68.24 15.79
CA SER M 391 -6.58 69.24 15.08
C SER M 391 -8.02 68.81 14.83
N GLY M 392 -8.37 67.56 15.13
CA GLY M 392 -9.71 67.07 14.89
C GLY M 392 -9.88 66.27 13.61
N ASN M 393 -8.79 65.94 12.92
CA ASN M 393 -8.87 65.17 11.69
C ASN M 393 -8.85 63.68 12.00
N ILE M 394 -9.60 62.93 11.20
CA ILE M 394 -9.65 61.47 11.34
C ILE M 394 -8.46 60.86 10.63
N ILE M 395 -7.72 60.01 11.32
CA ILE M 395 -6.54 59.38 10.76
C ILE M 395 -6.62 57.86 10.70
N ALA M 396 -7.59 57.24 11.36
CA ALA M 396 -7.73 55.79 11.32
C ALA M 396 -9.18 55.42 11.57
N GLY M 397 -9.55 54.21 11.13
CA GLY M 397 -10.90 53.74 11.26
C GLY M 397 -11.28 53.42 12.69
N ALA M 398 -12.41 52.74 12.84
CA ALA M 398 -12.92 52.35 14.15
C ALA M 398 -12.40 51.00 14.62
N THR M 399 -11.61 50.31 13.80
CA THR M 399 -11.09 49.00 14.18
C THR M 399 -10.05 49.14 15.28
N PRO M 400 -9.88 48.12 16.12
CA PRO M 400 -8.81 48.14 17.11
C PRO M 400 -7.44 48.14 16.45
N ALA M 401 -6.47 48.72 17.16
CA ALA M 401 -5.12 48.85 16.60
C ALA M 401 -4.50 47.50 16.31
N GLY M 402 -4.66 46.54 17.22
CA GLY M 402 -4.07 45.23 17.00
C GLY M 402 -4.45 44.28 18.12
N TYR M 403 -3.82 43.11 18.10
CA TYR M 403 -4.06 42.07 19.09
C TYR M 403 -2.71 41.58 19.61
N THR M 404 -2.70 41.16 20.88
CA THR M 404 -1.49 40.60 21.46
C THR M 404 -1.18 39.25 20.82
N GLN M 405 0.10 38.92 20.80
CA GLN M 405 0.46 37.66 20.17
C GLN M 405 0.50 36.54 21.21
N PRO M 406 -0.05 35.37 20.88
CA PRO M 406 0.02 34.23 21.80
C PRO M 406 1.41 33.63 21.82
N ALA M 407 1.62 32.75 22.79
CA ALA M 407 2.93 32.12 22.96
C ALA M 407 3.27 31.25 21.76
N VAL M 408 4.57 31.08 21.52
CA VAL M 408 5.07 30.33 20.38
C VAL M 408 6.18 29.40 20.86
N MET M 409 6.41 28.35 20.08
CA MET M 409 7.46 27.37 20.36
C MET M 409 8.55 27.51 19.30
N ASN M 410 9.78 27.70 19.74
CA ASN M 410 10.90 27.74 18.82
C ASN M 410 11.26 26.32 18.37
N GLN M 411 11.81 26.23 17.17
CA GLN M 411 12.07 24.92 16.56
C GLN M 411 13.26 24.23 17.23
N ALA M 412 14.19 25.01 17.78
CA ALA M 412 15.36 24.41 18.43
C ALA M 412 14.95 23.58 19.63
N LEU M 413 13.99 24.08 20.42
CA LEU M 413 13.54 23.33 21.59
C LEU M 413 12.86 22.03 21.18
N ALA M 414 12.04 22.06 20.14
CA ALA M 414 11.39 20.84 19.67
C ALA M 414 12.41 19.84 19.14
N ALA M 415 13.41 20.33 18.41
CA ALA M 415 14.46 19.45 17.91
C ALA M 415 15.23 18.81 19.06
N LEU M 416 15.55 19.60 20.10
CA LEU M 416 16.23 19.05 21.27
C LEU M 416 15.37 18.01 21.97
N LEU M 417 14.08 18.28 22.10
CA LEU M 417 13.18 17.31 22.71
C LEU M 417 13.22 15.98 21.96
N GLN M 418 13.05 16.05 20.64
CA GLN M 418 13.07 14.83 19.84
C GLN M 418 14.41 14.10 19.95
N GLN M 419 15.51 14.85 19.83
CA GLN M 419 16.82 14.22 19.83
C GLN M 419 17.13 13.56 21.16
N THR M 420 16.85 14.23 22.28
CA THR M 420 17.13 13.63 23.58
C THR M 420 16.20 12.46 23.85
N SER M 421 14.92 12.56 23.45
CA SER M 421 14.00 11.46 23.65
C SER M 421 14.44 10.22 22.89
N ALA M 422 14.95 10.40 21.67
CA ALA M 422 15.49 9.26 20.93
C ALA M 422 16.79 8.77 21.54
N ASP M 423 17.64 9.70 21.99
CA ASP M 423 18.99 9.34 22.43
C ASP M 423 18.97 8.56 23.74
N ILE M 424 18.03 8.88 24.63
CA ILE M 424 17.95 8.13 25.89
C ILE M 424 17.72 6.65 25.60
N GLN M 425 16.73 6.34 24.77
CA GLN M 425 16.44 4.96 24.44
C GLN M 425 17.56 4.33 23.62
N GLU M 426 18.19 5.12 22.75
CA GLU M 426 19.27 4.59 21.92
C GLU M 426 20.46 4.16 22.78
N VAL M 427 20.86 5.02 23.72
CA VAL M 427 22.02 4.73 24.56
C VAL M 427 21.69 3.61 25.55
N THR M 428 20.53 3.69 26.20
CA THR M 428 20.19 2.72 27.24
C THR M 428 19.65 1.45 26.58
N GLY M 429 20.58 0.61 26.16
CA GLY M 429 20.25 -0.65 25.53
C GLY M 429 19.62 -0.50 24.15
N MET M 450 22.67 -17.42 21.07
CA MET M 450 22.85 -16.07 20.55
C MET M 450 21.81 -15.12 21.14
N ASN M 451 20.67 -15.69 21.54
CA ASN M 451 19.63 -14.89 22.17
C ASN M 451 20.13 -14.26 23.47
N ARG M 452 20.85 -15.03 24.28
CA ARG M 452 21.41 -14.49 25.51
C ARG M 452 22.40 -13.36 25.22
N ALA M 453 23.26 -13.55 24.22
CA ALA M 453 24.23 -12.52 23.87
C ALA M 453 23.54 -11.28 23.32
N ASP M 454 22.35 -11.43 22.73
CA ASP M 454 21.64 -10.28 22.18
C ASP M 454 21.08 -9.40 23.28
N MET M 455 20.79 -9.96 24.46
CA MET M 455 20.25 -9.18 25.56
C MET M 455 21.32 -8.26 26.14
N ALA M 456 20.85 -7.21 26.82
CA ALA M 456 21.76 -6.24 27.42
C ALA M 456 22.23 -6.63 28.82
N SER M 457 21.63 -7.65 29.43
CA SER M 457 21.96 -8.06 30.78
C SER M 457 22.97 -9.19 30.81
N PHE M 458 23.46 -9.64 29.66
CA PHE M 458 24.34 -10.80 29.62
C PHE M 458 25.65 -10.54 30.35
N ILE M 459 26.22 -9.36 30.17
CA ILE M 459 27.50 -9.06 30.82
C ILE M 459 27.33 -9.04 32.35
N TYR M 460 26.22 -8.46 32.83
CA TYR M 460 25.97 -8.45 34.27
C TYR M 460 25.76 -9.86 34.80
N LEU M 461 25.04 -10.69 34.06
CA LEU M 461 24.83 -12.07 34.51
C LEU M 461 26.14 -12.85 34.55
N ASP M 462 27.00 -12.65 33.53
CA ASP M 462 28.28 -13.35 33.52
C ASP M 462 29.17 -12.89 34.67
N ASN M 463 29.19 -11.59 34.95
CA ASN M 463 29.97 -11.08 36.07
C ASN M 463 29.46 -11.63 37.39
N MET M 464 28.14 -11.71 37.55
CA MET M 464 27.58 -12.30 38.76
C MET M 464 27.97 -13.77 38.89
N ALA M 465 27.95 -14.51 37.78
CA ALA M 465 28.35 -15.92 37.83
C ALA M 465 29.81 -16.06 38.22
N LYS M 466 30.70 -15.24 37.65
CA LYS M 466 32.11 -15.36 37.99
C LYS M 466 32.41 -14.84 39.38
N SER M 467 31.55 -13.99 39.95
CA SER M 467 31.69 -13.64 41.36
C SER M 467 31.22 -14.78 42.25
N LEU M 468 30.14 -15.46 41.85
CA LEU M 468 29.68 -16.62 42.60
C LEU M 468 30.71 -17.74 42.61
N LYS M 469 31.48 -17.86 41.53
CA LYS M 469 32.56 -18.84 41.51
C LYS M 469 33.57 -18.56 42.63
N ARG M 470 33.97 -17.29 42.77
CA ARG M 470 34.90 -16.91 43.83
C ARG M 470 34.28 -17.12 45.20
N ALA M 471 33.00 -16.79 45.35
CA ALA M 471 32.32 -17.01 46.63
C ALA M 471 32.32 -18.49 47.00
N GLY M 472 32.05 -19.36 46.02
CA GLY M 472 32.09 -20.79 46.28
C GLY M 472 33.49 -21.27 46.64
N GLU M 473 34.51 -20.74 45.96
CA GLU M 473 35.88 -21.10 46.32
C GLU M 473 36.19 -20.70 47.76
N VAL M 474 35.78 -19.50 48.16
CA VAL M 474 36.03 -19.03 49.52
C VAL M 474 35.29 -19.91 50.53
N TRP M 475 34.03 -20.25 50.23
CA TRP M 475 33.28 -21.12 51.13
C TRP M 475 33.95 -22.48 51.26
N LEU M 476 34.42 -23.04 50.14
CA LEU M 476 35.08 -24.34 50.19
C LEU M 476 36.37 -24.27 51.02
N SER M 477 37.12 -23.18 50.88
CA SER M 477 38.32 -23.01 51.70
C SER M 477 37.96 -22.90 53.18
N MET M 478 36.88 -22.19 53.50
CA MET M 478 36.49 -22.01 54.89
C MET M 478 35.88 -23.27 55.49
N ALA M 479 35.36 -24.17 54.65
CA ALA M 479 34.60 -25.30 55.14
C ALA M 479 35.45 -26.29 55.95
N ARG M 480 36.72 -26.48 55.56
CA ARG M 480 37.53 -27.51 56.19
C ARG M 480 37.73 -27.25 57.68
N GLU M 481 37.99 -26.00 58.05
CA GLU M 481 38.26 -25.67 59.44
C GLU M 481 37.03 -25.70 60.32
N VAL M 482 35.83 -25.71 59.74
CA VAL M 482 34.58 -25.67 60.50
C VAL M 482 33.91 -27.04 60.55
N TYR M 483 33.87 -27.74 59.42
CA TYR M 483 33.21 -29.04 59.34
C TYR M 483 34.18 -30.22 59.38
N GLY M 484 35.47 -30.00 59.15
CA GLY M 484 36.43 -31.06 59.17
C GLY M 484 36.65 -31.69 57.80
N SER M 485 37.83 -32.28 57.62
CA SER M 485 38.17 -32.90 56.36
C SER M 485 37.46 -34.23 56.19
N GLU M 486 37.21 -34.60 54.94
CA GLU M 486 36.55 -35.84 54.59
C GLU M 486 37.55 -36.87 54.07
N ARG M 487 37.66 -37.99 54.77
CA ARG M 487 38.46 -39.13 54.34
C ARG M 487 37.55 -40.33 54.18
N GLU M 488 37.57 -40.93 52.99
CA GLU M 488 36.57 -41.94 52.63
C GLU M 488 36.92 -43.25 53.32
N VAL M 489 36.05 -43.67 54.24
CA VAL M 489 36.21 -44.91 54.98
C VAL M 489 34.84 -45.55 55.16
N ARG M 490 34.57 -46.63 54.44
CA ARG M 490 33.45 -47.51 54.75
C ARG M 490 33.79 -48.98 54.65
N ILE M 491 34.91 -49.36 54.04
CA ILE M 491 35.30 -50.76 53.92
C ILE M 491 35.95 -51.23 55.22
N VAL M 507 33.78 -47.67 51.05
CA VAL M 507 34.42 -46.76 50.11
C VAL M 507 33.35 -45.97 49.36
N VAL M 508 32.09 -46.40 49.52
CA VAL M 508 30.98 -45.81 48.79
C VAL M 508 30.12 -44.96 49.73
N ASP M 509 30.66 -44.65 50.91
CA ASP M 509 29.94 -43.84 51.88
C ASP M 509 30.82 -42.70 52.34
N ARG M 510 30.22 -41.51 52.49
CA ARG M 510 30.94 -40.29 52.83
C ARG M 510 30.52 -39.86 54.23
N GLN M 511 31.50 -39.77 55.14
CA GLN M 511 31.24 -39.43 56.53
C GLN M 511 32.48 -38.80 57.14
N THR M 512 32.27 -37.97 58.16
CA THR M 512 33.33 -37.38 58.96
C THR M 512 33.02 -37.59 60.44
N GLY M 513 34.06 -37.56 61.27
CA GLY M 513 33.86 -37.76 62.69
C GLY M 513 34.86 -37.02 63.57
N ALA M 514 34.35 -36.25 64.53
CA ALA M 514 35.18 -35.53 65.48
C ALA M 514 34.29 -34.98 66.59
N VAL M 515 34.80 -35.05 67.82
CA VAL M 515 34.12 -34.40 68.94
C VAL M 515 34.09 -32.89 68.73
N VAL M 516 35.23 -32.33 68.33
CA VAL M 516 35.32 -30.98 67.79
C VAL M 516 36.03 -31.10 66.45
N ALA M 517 35.49 -30.44 65.42
CA ALA M 517 35.87 -30.67 64.03
C ALA M 517 37.38 -30.72 63.85
N LEU M 518 37.88 -31.93 63.58
CA LEU M 518 39.34 -32.15 63.45
C LEU M 518 39.69 -32.26 61.97
N ASN M 519 40.47 -31.32 61.44
CA ASN M 519 40.81 -31.34 60.01
C ASN M 519 42.17 -32.00 59.87
N ASP M 520 42.26 -33.07 59.08
CA ASP M 520 43.59 -33.68 58.83
C ASP M 520 44.23 -32.93 57.66
N LEU M 521 45.41 -32.35 57.88
CA LEU M 521 46.09 -31.55 56.83
C LEU M 521 46.59 -32.51 55.76
N SER M 522 46.59 -33.81 56.05
CA SER M 522 47.03 -34.86 55.08
C SER M 522 46.13 -34.92 53.84
N VAL M 523 44.83 -34.66 53.97
CA VAL M 523 43.87 -34.88 52.83
C VAL M 523 44.22 -34.08 51.56
N GLY M 524 44.58 -32.80 51.65
CA GLY M 524 44.98 -32.09 50.41
C GLY M 524 43.78 -31.66 49.58
N ARG M 525 43.99 -31.17 48.36
CA ARG M 525 42.88 -30.61 47.55
C ARG M 525 41.83 -31.68 47.21
N TYR M 526 40.56 -31.29 47.14
CA TYR M 526 39.45 -32.25 46.84
C TYR M 526 39.35 -32.46 45.33
N ASP M 527 38.51 -33.41 44.91
CA ASP M 527 38.40 -33.73 43.48
C ASP M 527 37.31 -32.89 42.80
N VAL M 528 36.56 -32.10 43.57
CA VAL M 528 35.42 -31.32 42.99
C VAL M 528 35.93 -30.05 42.30
N THR M 529 35.14 -29.50 41.38
CA THR M 529 35.48 -28.21 40.70
C THR M 529 34.26 -27.32 40.86
N VAL M 530 34.41 -26.00 40.97
CA VAL M 530 33.24 -25.15 41.27
C VAL M 530 32.71 -24.48 39.99
N ASP M 531 31.41 -24.65 39.69
CA ASP M 531 30.78 -24.02 38.49
C ASP M 531 29.37 -23.54 38.84
N VAL M 532 28.88 -22.48 38.19
CA VAL M 532 27.53 -21.88 38.51
C VAL M 532 26.41 -22.77 37.99
N GLY M 533 25.25 -22.72 38.64
CA GLY M 533 24.12 -23.58 38.23
C GLY M 533 22.83 -23.00 38.73
N PRO M 534 21.64 -23.43 38.24
CA PRO M 534 20.39 -22.80 38.64
C PRO M 534 20.11 -22.99 40.13
N SER M 535 19.39 -22.06 40.75
CA SER M 535 19.15 -22.14 42.18
C SER M 535 17.85 -22.88 42.45
N TYR M 536 17.92 -23.89 43.32
CA TYR M 536 16.77 -24.72 43.66
C TYR M 536 16.56 -24.70 45.18
N THR M 537 15.29 -24.61 45.58
CA THR M 537 14.98 -24.54 47.01
C THR M 537 15.24 -25.87 47.71
N ALA M 538 14.90 -26.98 47.07
CA ALA M 538 15.07 -28.30 47.67
C ALA M 538 15.69 -29.24 46.66
N ARG M 539 16.29 -30.33 47.18
CA ARG M 539 16.92 -31.32 46.31
C ARG M 539 15.92 -31.96 45.37
N ARG M 540 14.65 -32.05 45.77
CA ARG M 540 13.63 -32.61 44.91
C ARG M 540 13.48 -31.78 43.63
N ASP M 541 13.51 -30.45 43.76
CA ASP M 541 13.39 -29.60 42.58
C ASP M 541 14.56 -29.82 41.63
N ALA M 542 15.78 -29.92 42.16
CA ALA M 542 16.94 -30.16 41.30
C ALA M 542 16.83 -31.50 40.60
N THR M 543 16.44 -32.55 41.33
CA THR M 543 16.32 -33.87 40.71
C THR M 543 15.25 -33.87 39.63
N VAL M 544 14.11 -33.25 39.91
CA VAL M 544 13.03 -33.19 38.92
C VAL M 544 13.48 -32.42 37.69
N SER M 545 14.18 -31.30 37.88
CA SER M 545 14.60 -30.48 36.75
C SER M 545 15.60 -31.24 35.87
N VAL M 546 16.60 -31.88 36.49
CA VAL M 546 17.60 -32.57 35.69
C VAL M 546 16.98 -33.78 35.00
N LEU M 547 16.06 -34.48 35.66
CA LEU M 547 15.44 -35.65 35.03
C LEU M 547 14.52 -35.23 33.89
N THR M 548 13.81 -34.10 34.04
CA THR M 548 12.99 -33.61 32.94
C THR M 548 13.85 -33.14 31.77
N ASN M 549 15.01 -32.55 32.07
CA ASN M 549 15.94 -32.19 31.01
C ASN M 549 16.43 -33.43 30.25
N VAL M 550 16.73 -34.50 30.98
CA VAL M 550 17.08 -35.76 30.33
C VAL M 550 15.93 -36.26 29.47
N LEU M 551 14.72 -36.24 30.03
CA LEU M 551 13.51 -36.57 29.29
C LEU M 551 13.22 -35.49 28.24
N SER M 552 12.14 -35.69 27.49
CA SER M 552 11.67 -34.81 26.44
C SER M 552 12.65 -34.70 25.27
N SER M 553 13.76 -35.42 25.31
CA SER M 553 14.71 -35.48 24.21
C SER M 553 14.84 -36.88 23.63
N MET M 554 14.04 -37.82 24.11
CA MET M 554 14.06 -39.20 23.65
C MET M 554 12.77 -39.52 22.90
N LEU M 555 12.87 -40.44 21.95
CA LEU M 555 11.71 -40.87 21.20
C LEU M 555 10.73 -41.59 22.13
N PRO M 556 9.43 -41.48 21.87
CA PRO M 556 8.43 -42.06 22.79
C PRO M 556 8.55 -43.57 22.93
N THR M 557 9.17 -44.26 21.99
CA THR M 557 9.27 -45.71 22.02
C THR M 557 10.50 -46.22 22.77
N ASP M 558 11.28 -45.31 23.36
CA ASP M 558 12.49 -45.72 24.06
C ASP M 558 12.15 -46.58 25.29
N PRO M 559 13.04 -47.50 25.67
CA PRO M 559 12.69 -48.45 26.73
C PRO M 559 12.73 -47.87 28.14
N MET M 560 13.65 -46.94 28.40
CA MET M 560 13.85 -46.43 29.75
C MET M 560 12.84 -45.34 30.13
N ARG M 561 11.97 -44.93 29.22
CA ARG M 561 11.03 -43.86 29.52
C ARG M 561 10.10 -44.18 30.70
N PRO M 562 9.51 -45.38 30.82
CA PRO M 562 8.73 -45.67 32.04
C PRO M 562 9.55 -45.59 33.30
N ALA M 563 10.82 -46.01 33.27
CA ALA M 563 11.67 -45.93 34.45
C ALA M 563 11.92 -44.47 34.83
N ILE M 564 12.22 -43.62 33.84
CA ILE M 564 12.42 -42.20 34.12
C ILE M 564 11.16 -41.59 34.69
N GLN M 565 9.99 -41.93 34.12
CA GLN M 565 8.73 -41.39 34.61
C GLN M 565 8.48 -41.83 36.06
N GLY M 566 8.76 -43.09 36.37
CA GLY M 566 8.59 -43.54 37.74
C GLY M 566 9.50 -42.84 38.72
N ILE M 567 10.77 -42.66 38.33
CA ILE M 567 11.71 -41.96 39.20
C ILE M 567 11.25 -40.52 39.42
N ILE M 568 10.78 -39.86 38.36
CA ILE M 568 10.31 -38.48 38.51
C ILE M 568 9.10 -38.43 39.43
N LEU M 569 8.15 -39.35 39.24
CA LEU M 569 6.96 -39.37 40.07
C LEU M 569 7.27 -39.68 41.52
N ASP M 570 8.34 -40.43 41.79
CA ASP M 570 8.68 -40.75 43.18
C ASP M 570 9.09 -39.52 43.97
N ASN M 571 9.66 -38.51 43.31
CA ASN M 571 10.18 -37.33 43.98
C ASN M 571 9.17 -36.19 44.09
N ILE M 572 7.96 -36.38 43.57
CA ILE M 572 6.94 -35.34 43.64
C ILE M 572 6.40 -35.25 45.06
N ASP M 573 6.31 -34.03 45.59
CA ASP M 573 5.80 -33.77 46.92
C ASP M 573 4.48 -33.02 46.82
N GLY M 574 3.52 -33.43 47.64
CA GLY M 574 2.20 -32.81 47.62
C GLY M 574 1.35 -33.37 48.73
N GLU M 575 0.16 -32.78 48.87
CA GLU M 575 -0.77 -33.17 49.92
C GLU M 575 -1.76 -34.21 49.40
N GLY M 576 -1.94 -35.27 50.20
CA GLY M 576 -2.88 -36.31 49.85
C GLY M 576 -2.45 -37.22 48.72
N LEU M 577 -1.13 -37.27 48.44
CA LEU M 577 -0.60 -38.14 47.40
C LEU M 577 0.11 -39.35 47.99
N ASP M 578 -0.11 -39.64 49.27
CA ASP M 578 0.57 -40.76 49.91
C ASP M 578 0.20 -42.09 49.28
N ASP M 579 -1.09 -42.29 48.98
CA ASP M 579 -1.53 -43.55 48.38
C ASP M 579 -0.89 -43.77 47.02
N PHE M 580 -0.94 -42.75 46.15
CA PHE M 580 -0.33 -42.90 44.83
C PHE M 580 1.17 -43.07 44.93
N LYS M 581 1.81 -42.38 45.88
CA LYS M 581 3.26 -42.54 46.05
C LYS M 581 3.62 -43.95 46.47
N GLU M 582 2.86 -44.54 47.40
CA GLU M 582 3.12 -45.93 47.79
C GLU M 582 2.87 -46.88 46.63
N TYR M 583 1.81 -46.66 45.86
CA TYR M 583 1.56 -47.52 44.71
C TYR M 583 2.68 -47.45 43.70
N ASN M 584 3.14 -46.23 43.38
CA ASN M 584 4.24 -46.06 42.44
C ASN M 584 5.53 -46.66 42.97
N ARG M 585 5.78 -46.51 44.27
CA ARG M 585 6.99 -47.08 44.85
C ARG M 585 6.96 -48.60 44.79
N ASN M 586 5.80 -49.21 45.04
CA ASN M 586 5.70 -50.66 44.90
C ASN M 586 5.91 -51.09 43.45
N GLN M 587 5.32 -50.36 42.50
CA GLN M 587 5.50 -50.69 41.09
C GLN M 587 6.97 -50.55 40.67
N LEU M 588 7.70 -49.62 41.27
CA LEU M 588 9.09 -49.44 40.92
C LEU M 588 9.99 -50.44 41.64
N LEU M 589 9.60 -50.85 42.85
CA LEU M 589 10.32 -51.89 43.57
C LEU M 589 10.22 -53.23 42.87
N ILE M 590 9.05 -53.53 42.32
CA ILE M 590 8.85 -54.81 41.62
C ILE M 590 9.79 -54.99 40.45
N SER M 591 10.11 -53.93 39.72
CA SER M 591 10.96 -54.01 38.54
C SER M 591 12.45 -53.92 38.88
N GLY M 592 12.79 -53.85 40.16
CA GLY M 592 14.18 -53.89 40.56
C GLY M 592 15.00 -52.64 40.30
N ILE M 593 14.48 -51.46 40.66
CA ILE M 593 15.24 -50.23 40.55
C ILE M 593 15.42 -49.52 41.88
N ALA M 594 14.48 -49.66 42.82
CA ALA M 594 14.51 -48.88 44.06
C ALA M 594 15.62 -49.29 45.01
N LYS M 595 16.06 -50.55 44.98
CA LYS M 595 17.07 -51.05 45.90
C LYS M 595 16.56 -50.87 47.33
N PRO M 596 15.60 -51.70 47.77
CA PRO M 596 14.91 -51.50 49.05
C PRO M 596 15.80 -51.07 50.21
N ARG M 597 15.29 -50.20 51.07
CA ARG M 597 16.06 -49.74 52.23
C ARG M 597 15.89 -50.66 53.43
N ASN M 598 16.00 -51.97 53.15
CA ASN M 598 16.24 -53.03 54.12
C ASN M 598 15.48 -52.86 55.44
N GLU M 599 14.20 -52.49 55.37
CA GLU M 599 13.38 -52.48 56.58
C GLU M 599 12.22 -53.47 56.49
N LYS M 600 11.35 -53.37 55.48
CA LYS M 600 10.24 -54.30 55.33
C LYS M 600 9.97 -54.73 53.90
N GLU M 601 10.39 -53.98 52.90
CA GLU M 601 10.04 -54.25 51.51
C GLU M 601 10.98 -55.21 50.82
N GLN M 602 12.20 -55.38 51.35
CA GLN M 602 13.10 -56.39 50.80
C GLN M 602 12.68 -57.80 51.21
N GLN M 603 11.82 -57.93 52.22
CA GLN M 603 11.41 -59.22 52.74
C GLN M 603 9.92 -59.48 52.63
N ILE M 604 9.14 -58.56 52.08
CA ILE M 604 7.70 -58.78 51.87
C ILE M 604 7.39 -58.61 50.39
N VAL M 605 7.62 -57.41 49.86
CA VAL M 605 7.34 -57.15 48.45
C VAL M 605 8.29 -57.95 47.56
N GLN M 606 9.57 -57.98 47.92
CA GLN M 606 10.55 -58.72 47.12
C GLN M 606 10.27 -60.23 47.15
N GLN M 607 9.91 -60.77 48.32
CA GLN M 607 9.63 -62.19 48.39
C GLN M 607 8.33 -62.52 47.66
N ALA M 608 7.34 -61.61 47.70
CA ALA M 608 6.13 -61.81 46.92
C ALA M 608 6.43 -61.82 45.43
N GLN M 609 7.32 -60.92 44.99
CA GLN M 609 7.71 -60.90 43.58
C GLN M 609 8.47 -62.18 43.22
N MET M 610 9.33 -62.67 44.11
CA MET M 610 10.03 -63.92 43.85
C MET M 610 9.05 -65.08 43.72
N ALA M 611 8.05 -65.13 44.60
CA ALA M 611 7.03 -66.17 44.50
C ALA M 611 6.24 -66.06 43.20
N ALA M 612 5.86 -64.84 42.81
CA ALA M 612 5.12 -64.62 41.58
C ALA M 612 5.98 -64.74 40.33
N GLN M 613 7.30 -64.85 40.49
CA GLN M 613 8.20 -65.15 39.39
C GLN M 613 8.45 -66.65 39.26
N SER M 614 8.58 -67.35 40.37
CA SER M 614 8.77 -68.79 40.33
C SER M 614 7.48 -69.54 40.00
N GLN M 615 6.32 -69.00 40.40
CA GLN M 615 5.04 -69.66 40.16
C GLN M 615 4.70 -69.83 38.68
N PRO M 616 4.78 -68.81 37.82
CA PRO M 616 4.27 -68.95 36.46
C PRO M 616 5.25 -69.56 35.46
N ASN M 617 6.37 -70.12 35.89
CA ASN M 617 7.21 -70.88 34.96
C ASN M 617 6.48 -72.10 34.40
N PRO M 618 5.80 -72.93 35.21
CA PRO M 618 4.93 -73.96 34.62
C PRO M 618 3.85 -73.41 33.73
N GLU M 619 3.26 -72.25 34.06
CA GLU M 619 2.24 -71.67 33.18
C GLU M 619 2.84 -71.29 31.83
N MET M 620 4.03 -70.68 31.84
CA MET M 620 4.68 -70.31 30.59
C MET M 620 5.05 -71.52 29.76
N VAL M 621 5.58 -72.57 30.40
CA VAL M 621 5.92 -73.77 29.64
C VAL M 621 4.65 -74.49 29.18
N LEU M 622 3.52 -74.29 29.87
CA LEU M 622 2.26 -74.89 29.45
C LEU M 622 1.67 -74.17 28.25
N ALA M 623 1.83 -72.84 28.21
CA ALA M 623 1.32 -72.06 27.09
C ALA M 623 1.92 -72.49 25.76
N GLN M 624 3.08 -73.12 25.77
CA GLN M 624 3.78 -73.60 24.57
C GLN M 624 4.22 -75.04 24.76
N ALA M 625 3.53 -75.78 25.62
CA ALA M 625 3.87 -77.15 25.94
C ALA M 625 3.16 -78.17 25.08
N GLN M 626 2.56 -77.75 23.96
CA GLN M 626 1.98 -78.71 23.03
C GLN M 626 3.04 -79.67 22.50
N MET M 627 4.31 -79.24 22.50
CA MET M 627 5.41 -80.12 22.13
C MET M 627 5.95 -80.92 23.30
N VAL M 628 5.55 -80.59 24.53
CA VAL M 628 6.08 -81.31 25.69
C VAL M 628 5.55 -82.74 25.71
N ALA M 629 4.27 -82.93 25.40
CA ALA M 629 3.73 -84.28 25.29
C ALA M 629 4.44 -85.06 24.19
N ALA M 630 4.68 -84.41 23.05
CA ALA M 630 5.36 -85.08 21.94
C ALA M 630 6.78 -85.49 22.33
N GLN M 631 7.51 -84.60 23.00
CA GLN M 631 8.89 -84.92 23.36
C GLN M 631 8.95 -85.98 24.45
N ALA M 632 7.98 -85.97 25.38
CA ALA M 632 7.91 -87.06 26.35
C ALA M 632 7.63 -88.39 25.67
N GLU M 633 6.71 -88.40 24.71
CA GLU M 633 6.42 -89.62 23.97
C GLU M 633 7.64 -90.11 23.21
N ALA M 634 8.37 -89.20 22.56
CA ALA M 634 9.57 -89.58 21.83
C ALA M 634 10.65 -90.10 22.77
N GLN M 635 10.83 -89.45 23.92
CA GLN M 635 11.85 -89.89 24.87
C GLN M 635 11.52 -91.27 25.42
N LYS M 636 10.25 -91.54 25.73
CA LYS M 636 9.90 -92.88 26.19
C LYS M 636 10.03 -93.90 25.07
N ALA M 637 9.64 -93.54 23.85
CA ALA M 637 9.80 -94.46 22.72
C ALA M 637 11.27 -94.79 22.50
N THR M 638 12.17 -93.86 22.83
CA THR M 638 13.60 -94.07 22.67
C THR M 638 14.11 -95.26 23.47
N ASN M 639 13.37 -95.70 24.48
CA ASN M 639 13.67 -96.96 25.16
C ASN M 639 12.60 -98.03 24.97
N GLU M 640 11.40 -97.64 24.53
CA GLU M 640 10.32 -98.61 24.37
C GLU M 640 10.39 -99.36 23.04
N THR M 641 10.66 -98.65 21.94
CA THR M 641 10.69 -99.30 20.64
C THR M 641 11.80 -100.35 20.54
N ALA M 642 12.82 -100.27 21.41
CA ALA M 642 13.86 -101.28 21.45
C ALA M 642 13.30 -102.64 21.84
N GLN M 643 12.09 -102.69 22.41
CA GLN M 643 11.45 -103.97 22.64
C GLN M 643 11.23 -104.72 21.33
N THR M 644 11.09 -104.00 20.21
CA THR M 644 10.99 -104.67 18.92
C THR M 644 12.29 -105.38 18.56
N GLN M 645 13.43 -104.75 18.81
CA GLN M 645 14.71 -105.41 18.57
C GLN M 645 14.93 -106.57 19.53
N ILE M 646 14.47 -106.42 20.78
CA ILE M 646 14.56 -107.52 21.73
C ILE M 646 13.70 -108.69 21.29
N LYS M 647 12.50 -108.41 20.79
CA LYS M 647 11.63 -109.45 20.24
C LYS M 647 12.27 -110.09 19.01
N ALA M 648 12.96 -109.30 18.20
CA ALA M 648 13.68 -109.86 17.06
C ALA M 648 14.77 -110.82 17.51
N PHE M 649 15.51 -110.45 18.56
CA PHE M 649 16.54 -111.33 19.09
C PHE M 649 15.94 -112.61 19.67
N THR M 650 14.82 -112.48 20.38
CA THR M 650 14.14 -113.67 20.90
C THR M 650 13.66 -114.56 19.76
N ALA M 651 13.15 -113.96 18.68
CA ALA M 651 12.71 -114.73 17.54
C ALA M 651 13.90 -115.42 16.86
N GLN M 652 15.05 -114.76 16.84
CA GLN M 652 16.25 -115.40 16.29
C GLN M 652 16.68 -116.60 17.13
N GLN M 653 16.66 -116.44 18.46
CA GLN M 653 17.00 -117.55 19.34
C GLN M 653 16.02 -118.70 19.17
N ASP M 654 14.73 -118.38 19.07
CA ASP M 654 13.72 -119.41 18.81
C ASP M 654 13.91 -120.03 17.43
N ALA M 655 14.42 -119.27 16.47
CA ALA M 655 14.71 -119.84 15.16
C ALA M 655 15.84 -120.85 15.21
N MET M 656 16.89 -120.54 15.97
CA MET M 656 17.96 -121.53 16.17
C MET M 656 17.45 -122.75 16.93
N GLU M 657 16.62 -122.52 17.95
CA GLU M 657 16.04 -123.62 18.69
C GLU M 657 15.19 -124.52 17.79
N SER M 658 14.37 -123.90 16.94
CA SER M 658 13.56 -124.66 15.99
C SER M 658 14.42 -125.35 14.94
N GLN M 659 15.54 -124.74 14.56
CA GLN M 659 16.50 -125.42 13.70
C GLN M 659 16.96 -126.72 14.32
N ALA M 660 17.39 -126.68 15.59
CA ALA M 660 17.82 -127.89 16.26
C ALA M 660 16.66 -128.89 16.39
N ASN M 661 15.47 -128.39 16.72
CA ASN M 661 14.32 -129.28 16.92
C ASN M 661 13.93 -129.98 15.63
N THR M 662 13.93 -129.25 14.51
CA THR M 662 13.57 -129.89 13.24
C THR M 662 14.69 -130.78 12.72
N VAL M 663 15.95 -130.48 13.06
CA VAL M 663 17.03 -131.40 12.75
C VAL M 663 16.80 -132.72 13.47
N TYR M 664 16.46 -132.68 14.76
CA TYR M 664 16.18 -133.91 15.48
C TYR M 664 14.92 -134.58 14.97
N LYS M 665 13.94 -133.78 14.51
CA LYS M 665 12.72 -134.35 13.94
C LYS M 665 13.03 -135.14 12.68
N LEU M 666 13.88 -134.59 11.80
CA LEU M 666 14.31 -135.32 10.62
C LEU M 666 15.10 -136.56 11.00
N ALA M 667 15.97 -136.45 12.02
CA ALA M 667 16.74 -137.61 12.45
C ALA M 667 15.83 -138.72 12.98
N GLN M 668 14.81 -138.36 13.75
CA GLN M 668 13.90 -139.34 14.34
C GLN M 668 12.94 -139.92 13.32
N ALA M 669 12.59 -139.16 12.28
CA ALA M 669 11.73 -139.69 11.23
C ALA M 669 12.37 -140.86 10.48
N ARG M 670 13.70 -140.98 10.57
CA ARG M 670 14.37 -142.15 10.00
C ARG M 670 14.01 -143.43 10.74
N ASN M 671 13.47 -143.32 11.94
CA ASN M 671 13.08 -144.46 12.77
C ASN M 671 14.26 -145.38 13.03
N MET N 1 17.95 1.27 87.48
CA MET N 1 17.56 -0.03 86.91
C MET N 1 16.10 -0.03 86.46
N ALA N 2 15.58 1.16 86.17
CA ALA N 2 14.21 1.35 85.69
C ALA N 2 13.20 0.83 86.71
N GLU N 3 13.26 1.41 87.92
CA GLU N 3 12.36 1.00 88.99
C GLU N 3 10.93 1.43 88.71
N THR N 4 10.73 2.69 88.32
CA THR N 4 9.38 3.20 88.16
C THR N 4 8.97 3.20 86.69
N LEU N 5 7.66 3.10 86.47
CA LEU N 5 7.12 3.17 85.12
C LEU N 5 7.25 4.57 84.54
N GLU N 6 7.21 5.60 85.39
CA GLU N 6 7.30 6.97 84.93
C GLU N 6 8.67 7.28 84.32
N LYS N 7 9.73 6.68 84.86
CA LYS N 7 11.05 6.87 84.28
C LYS N 7 11.23 6.05 83.00
N LYS N 8 10.61 4.89 82.91
CA LYS N 8 10.65 4.11 81.68
C LYS N 8 9.86 4.75 80.55
N HIS N 9 8.76 5.41 80.85
CA HIS N 9 7.92 6.03 79.83
C HIS N 9 8.66 7.09 79.02
N GLU N 10 9.48 7.91 79.67
CA GLU N 10 10.29 8.87 78.95
C GLU N 10 11.29 8.19 78.02
N ARG N 11 11.85 7.06 78.45
CA ARG N 11 12.73 6.29 77.57
C ARG N 11 12.00 5.82 76.33
N ILE N 12 10.76 5.36 76.49
CA ILE N 12 9.99 4.89 75.35
C ILE N 12 9.70 6.04 74.39
N MET N 13 9.35 7.20 74.94
CA MET N 13 9.09 8.36 74.09
C MET N 13 10.35 8.79 73.34
N LEU N 14 11.50 8.76 74.02
CA LEU N 14 12.76 9.10 73.35
C LEU N 14 13.07 8.11 72.24
N ARG N 15 12.83 6.82 72.48
CA ARG N 15 13.05 5.82 71.43
C ARG N 15 12.14 6.06 70.24
N PHE N 16 10.87 6.40 70.50
CA PHE N 16 9.95 6.71 69.41
C PHE N 16 10.44 7.91 68.61
N ASP N 17 10.92 8.96 69.29
CA ASP N 17 11.43 10.12 68.58
C ASP N 17 12.64 9.76 67.72
N ARG N 18 13.55 8.96 68.28
CA ARG N 18 14.73 8.56 67.53
C ARG N 18 14.35 7.72 66.30
N ALA N 19 13.32 6.88 66.42
CA ALA N 19 12.88 6.10 65.29
C ALA N 19 12.17 6.95 64.25
N TYR N 20 11.38 7.94 64.68
CA TYR N 20 10.57 8.72 63.75
C TYR N 20 11.38 9.77 63.00
N SER N 21 12.42 10.33 63.62
CA SER N 21 13.14 11.43 63.00
C SER N 21 13.73 11.10 61.63
N PRO N 22 14.47 9.99 61.44
CA PRO N 22 15.09 9.76 60.13
C PRO N 22 14.09 9.43 59.04
N GLN N 23 13.17 8.51 59.33
CA GLN N 23 12.19 8.06 58.34
C GLN N 23 10.98 8.99 58.28
N LYS N 24 11.21 10.24 57.88
CA LYS N 24 10.13 11.21 57.85
C LYS N 24 9.62 11.53 56.45
N GLU N 25 10.49 11.99 55.55
CA GLU N 25 10.05 12.42 54.23
C GLU N 25 9.71 11.27 53.29
N VAL N 26 10.29 10.09 53.51
CA VAL N 26 9.94 8.94 52.68
C VAL N 26 8.46 8.59 52.87
N ARG N 27 7.99 8.54 54.12
CA ARG N 27 6.58 8.28 54.36
C ARG N 27 5.72 9.42 53.85
N GLU N 28 6.24 10.65 53.89
CA GLU N 28 5.51 11.77 53.29
C GLU N 28 5.27 11.51 51.82
N LYS N 29 6.31 11.11 51.08
CA LYS N 29 6.15 10.82 49.66
C LYS N 29 5.18 9.66 49.44
N CYS N 30 5.27 8.62 50.25
CA CYS N 30 4.39 7.47 50.08
C CYS N 30 2.92 7.86 50.25
N ILE N 31 2.60 8.54 51.34
CA ILE N 31 1.20 8.89 51.60
C ILE N 31 0.72 9.93 50.60
N GLU N 32 1.61 10.84 50.19
CA GLU N 32 1.25 11.81 49.16
C GLU N 32 0.90 11.11 47.86
N ALA N 33 1.68 10.11 47.46
CA ALA N 33 1.38 9.38 46.22
C ALA N 33 0.06 8.62 46.34
N THR N 34 -0.18 8.00 47.50
CA THR N 34 -1.44 7.28 47.69
C THR N 34 -2.63 8.23 47.57
N ARG N 35 -2.54 9.40 48.21
CA ARG N 35 -3.60 10.39 48.11
C ARG N 35 -3.76 10.89 46.68
N PHE N 36 -2.64 11.12 45.99
CA PHE N 36 -2.67 11.57 44.59
C PHE N 36 -3.36 10.55 43.70
N ALA N 37 -3.22 9.26 44.01
CA ALA N 37 -3.76 8.21 43.16
C ALA N 37 -5.20 7.84 43.47
N ARG N 38 -5.62 7.90 44.74
CA ARG N 38 -6.93 7.36 45.10
C ARG N 38 -7.95 8.40 45.56
N VAL N 39 -7.54 9.46 46.23
CA VAL N 39 -8.51 10.47 46.68
C VAL N 39 -9.10 11.17 45.46
N PRO N 40 -10.42 11.39 45.40
CA PRO N 40 -11.01 11.99 44.19
C PRO N 40 -10.44 13.36 43.84
N GLY N 41 -10.13 14.20 44.83
CA GLY N 41 -9.57 15.51 44.58
C GLY N 41 -8.14 15.70 45.02
N GLY N 42 -7.38 14.62 45.20
CA GLY N 42 -6.05 14.73 45.76
C GLY N 42 -4.96 15.18 44.81
N GLN N 43 -5.27 15.37 43.53
CA GLN N 43 -4.26 15.79 42.56
C GLN N 43 -4.05 17.29 42.52
N TRP N 44 -4.92 18.07 43.17
CA TRP N 44 -4.80 19.53 43.19
C TRP N 44 -4.55 20.07 44.59
N GLU N 45 -4.24 19.21 45.55
CA GLU N 45 -4.07 19.67 46.93
C GLU N 45 -2.86 20.57 47.04
N GLY N 46 -2.92 21.51 47.99
CA GLY N 46 -1.90 22.50 48.18
C GLY N 46 -2.17 23.82 47.46
N ALA N 47 -3.11 23.83 46.53
CA ALA N 47 -3.49 25.05 45.82
C ALA N 47 -5.00 25.13 45.64
N THR N 48 -5.77 24.58 46.58
CA THR N 48 -7.22 24.59 46.45
C THR N 48 -7.76 26.02 46.51
N ALA N 49 -7.18 26.86 47.36
CA ALA N 49 -7.58 28.25 47.49
C ALA N 49 -6.63 29.11 46.67
N ALA N 50 -7.03 29.43 45.44
CA ALA N 50 -6.21 30.25 44.57
C ALA N 50 -7.12 31.07 43.66
N GLY N 51 -6.84 32.35 43.55
CA GLY N 51 -7.66 33.22 42.73
C GLY N 51 -7.15 34.65 42.77
N THR N 52 -7.88 35.53 42.09
CA THR N 52 -7.50 36.93 41.96
C THR N 52 -8.68 37.81 42.36
N LYS N 53 -8.41 39.10 42.49
CA LYS N 53 -9.44 40.04 42.94
C LYS N 53 -10.56 40.16 41.92
N LEU N 54 -10.21 40.41 40.66
CA LEU N 54 -11.15 40.40 39.54
C LEU N 54 -12.38 41.29 39.82
N ASP N 55 -12.11 42.58 39.94
CA ASP N 55 -13.15 43.60 40.19
C ASP N 55 -13.83 43.38 41.54
N GLU N 56 -13.02 43.36 42.59
CA GLU N 56 -13.48 43.30 43.97
C GLU N 56 -14.31 42.04 44.25
N GLN N 57 -13.72 40.89 43.97
CA GLN N 57 -14.29 39.59 44.32
C GLN N 57 -13.14 38.61 44.51
N PHE N 58 -13.44 37.32 44.53
CA PHE N 58 -12.40 36.30 44.62
C PHE N 58 -12.72 35.11 43.71
N GLU N 59 -13.06 35.37 42.46
CA GLU N 59 -13.24 34.29 41.51
C GLU N 59 -11.97 33.44 41.44
N LYS N 60 -12.15 32.12 41.51
CA LYS N 60 -11.05 31.18 41.59
C LYS N 60 -10.77 30.55 40.24
N TYR N 61 -9.55 30.07 40.07
CA TYR N 61 -9.15 29.43 38.83
C TYR N 61 -9.91 28.11 38.66
N PRO N 62 -10.28 27.74 37.43
CA PRO N 62 -10.84 26.41 37.20
C PRO N 62 -9.75 25.36 37.31
N LYS N 63 -10.05 24.25 37.98
CA LYS N 63 -9.09 23.17 38.22
C LYS N 63 -9.75 21.85 37.89
N PHE N 64 -9.61 21.42 36.64
CA PHE N 64 -10.14 20.14 36.21
C PHE N 64 -9.14 19.03 36.51
N GLU N 65 -9.64 17.82 36.68
CA GLU N 65 -8.83 16.67 37.07
C GLU N 65 -9.17 15.48 36.20
N ILE N 66 -8.17 14.97 35.47
CA ILE N 66 -8.34 13.85 34.55
C ILE N 66 -7.33 12.79 34.97
N ASN N 67 -7.78 11.83 35.77
CA ASN N 67 -6.89 10.81 36.31
C ASN N 67 -6.58 9.77 35.24
N LYS N 68 -5.30 9.64 34.89
CA LYS N 68 -4.85 8.64 33.93
C LYS N 68 -3.71 7.77 34.45
N VAL N 69 -3.31 7.94 35.71
CA VAL N 69 -2.21 7.18 36.28
C VAL N 69 -2.68 5.97 37.07
N ALA N 70 -3.99 5.76 37.18
CA ALA N 70 -4.53 4.64 37.94
C ALA N 70 -4.75 3.38 37.11
N THR N 71 -4.67 3.48 35.78
CA THR N 71 -4.94 2.32 34.93
C THR N 71 -3.89 1.23 35.14
N GLU N 72 -2.61 1.61 35.16
CA GLU N 72 -1.56 0.63 35.35
C GLU N 72 -1.59 0.04 36.76
N LEU N 73 -1.91 0.86 37.76
CA LEU N 73 -2.04 0.34 39.11
C LEU N 73 -3.17 -0.67 39.21
N ASN N 74 -4.31 -0.38 38.58
CA ASN N 74 -5.41 -1.34 38.56
C ASN N 74 -5.00 -2.61 37.83
N ARG N 75 -4.25 -2.48 36.73
CA ARG N 75 -3.72 -3.64 36.04
C ARG N 75 -2.88 -4.51 36.96
N ILE N 76 -1.96 -3.89 37.70
CA ILE N 76 -1.09 -4.66 38.59
C ILE N 76 -1.89 -5.34 39.68
N ILE N 77 -2.83 -4.62 40.28
CA ILE N 77 -3.63 -5.18 41.37
C ILE N 77 -4.47 -6.35 40.87
N ALA N 78 -5.09 -6.20 39.70
CA ALA N 78 -5.89 -7.29 39.14
C ALA N 78 -5.02 -8.49 38.79
N GLU N 79 -3.83 -8.24 38.24
CA GLU N 79 -2.93 -9.35 37.91
C GLU N 79 -2.51 -10.11 39.16
N TYR N 80 -2.30 -9.40 40.27
CA TYR N 80 -2.00 -10.09 41.51
C TYR N 80 -3.20 -10.89 42.01
N ARG N 81 -4.37 -10.24 42.09
CA ARG N 81 -5.55 -10.91 42.63
C ARG N 81 -5.98 -12.10 41.79
N ASN N 82 -5.58 -12.14 40.51
CA ASN N 82 -5.86 -13.31 39.69
C ASN N 82 -5.04 -14.52 40.12
N ASN N 83 -3.87 -14.29 40.74
CA ASN N 83 -2.97 -15.37 41.16
C ASN N 83 -2.49 -15.07 42.58
N ARG N 84 -3.23 -15.56 43.58
CA ARG N 84 -2.84 -15.36 44.96
C ARG N 84 -1.88 -16.45 45.42
N ILE N 85 -0.90 -16.06 46.24
CA ILE N 85 0.14 -16.96 46.70
C ILE N 85 0.11 -17.03 48.22
N THR N 86 0.57 -18.16 48.74
CA THR N 86 0.53 -18.44 50.16
C THR N 86 1.69 -19.36 50.52
N VAL N 87 2.11 -19.34 51.78
CA VAL N 87 3.27 -20.09 52.26
C VAL N 87 3.04 -21.58 52.06
N LYS N 88 4.07 -22.27 51.56
CA LYS N 88 4.03 -23.71 51.40
C LYS N 88 5.31 -24.31 51.99
N PHE N 89 5.18 -25.45 52.66
CA PHE N 89 6.29 -26.11 53.33
C PHE N 89 6.75 -27.29 52.50
N ARG N 90 8.05 -27.37 52.25
CA ARG N 90 8.65 -28.45 51.46
C ARG N 90 9.26 -29.52 52.36
N PRO N 91 8.98 -30.78 52.10
CA PRO N 91 9.58 -31.86 52.89
C PRO N 91 11.06 -32.01 52.57
N GLY N 92 11.78 -32.65 53.50
CA GLY N 92 13.21 -32.85 53.35
C GLY N 92 13.60 -34.28 53.10
N ASP N 93 14.90 -34.58 53.19
CA ASP N 93 15.43 -35.91 52.89
C ASP N 93 15.49 -36.71 54.18
N ARG N 94 14.30 -37.03 54.72
CA ARG N 94 14.17 -37.90 55.88
C ARG N 94 13.12 -38.95 55.56
N GLU N 95 13.00 -39.93 56.47
CA GLU N 95 12.07 -41.03 56.24
C GLU N 95 10.63 -40.64 56.58
N ALA N 96 10.44 -39.54 57.33
CA ALA N 96 9.12 -39.18 57.82
C ALA N 96 8.83 -37.68 57.71
N SER N 97 9.15 -37.06 56.56
CA SER N 97 8.91 -35.62 56.43
C SER N 97 7.68 -35.30 55.60
N GLU N 98 7.13 -36.27 54.85
CA GLU N 98 5.98 -35.99 54.01
C GLU N 98 4.78 -35.57 54.84
N GLU N 99 4.42 -36.37 55.84
CA GLU N 99 3.26 -36.02 56.66
C GLU N 99 3.57 -34.84 57.56
N LEU N 100 4.85 -34.60 57.86
CA LEU N 100 5.21 -33.40 58.60
C LEU N 100 4.86 -32.15 57.80
N ALA N 101 5.26 -32.12 56.53
CA ALA N 101 4.89 -30.99 55.67
C ALA N 101 3.38 -30.91 55.50
N ASN N 102 2.72 -32.05 55.34
CA ASN N 102 1.26 -32.05 55.18
C ASN N 102 0.56 -31.46 56.40
N LYS N 103 0.96 -31.89 57.60
CA LYS N 103 0.37 -31.38 58.82
C LYS N 103 0.65 -29.88 58.98
N LEU N 104 1.88 -29.46 58.70
CA LEU N 104 2.23 -28.05 58.87
C LEU N 104 1.42 -27.15 57.94
N ASN N 105 1.38 -27.50 56.65
CA ASN N 105 0.65 -26.64 55.71
C ASN N 105 -0.84 -26.91 55.70
N GLY N 106 -1.32 -27.87 56.49
CA GLY N 106 -2.74 -27.96 56.76
C GLY N 106 -3.13 -27.08 57.92
N LEU N 107 -2.33 -27.10 58.99
CA LEU N 107 -2.59 -26.21 60.12
C LEU N 107 -2.48 -24.74 59.71
N PHE N 108 -1.46 -24.41 58.92
CA PHE N 108 -1.32 -23.02 58.47
C PHE N 108 -2.48 -22.63 57.56
N ARG N 109 -2.92 -23.54 56.69
CA ARG N 109 -4.07 -23.25 55.84
C ARG N 109 -5.33 -23.01 56.66
N ALA N 110 -5.55 -23.84 57.68
CA ALA N 110 -6.71 -23.65 58.53
C ALA N 110 -6.66 -22.31 59.25
N ASP N 111 -5.48 -21.95 59.78
CA ASP N 111 -5.34 -20.67 60.48
C ASP N 111 -5.59 -19.50 59.53
N TYR N 112 -5.06 -19.59 58.31
CA TYR N 112 -5.24 -18.52 57.33
C TYR N 112 -6.70 -18.41 56.90
N GLU N 113 -7.40 -19.53 56.78
CA GLU N 113 -8.78 -19.51 56.31
C GLU N 113 -9.73 -19.03 57.39
N GLU N 114 -9.46 -19.39 58.65
CA GLU N 114 -10.36 -19.05 59.75
C GLU N 114 -10.08 -17.68 60.34
N THR N 115 -9.37 -16.82 59.63
CA THR N 115 -9.01 -15.50 60.14
C THR N 115 -8.97 -14.56 58.95
N ASP N 116 -8.37 -13.38 59.12
CA ASP N 116 -8.39 -12.31 58.12
C ASP N 116 -7.10 -12.29 57.28
N GLY N 117 -6.53 -13.46 57.00
CA GLY N 117 -5.30 -13.51 56.23
C GLY N 117 -5.46 -12.97 54.83
N GLY N 118 -6.59 -13.30 54.19
CA GLY N 118 -6.82 -12.80 52.84
C GLY N 118 -6.92 -11.29 52.79
N GLU N 119 -7.69 -10.71 53.71
CA GLU N 119 -7.78 -9.25 53.80
C GLU N 119 -6.43 -8.64 54.06
N ALA N 120 -5.65 -9.23 54.98
CA ALA N 120 -4.33 -8.70 55.30
C ALA N 120 -3.43 -8.68 54.06
N CYS N 121 -3.40 -9.80 53.34
CA CYS N 121 -2.54 -9.89 52.15
C CYS N 121 -2.98 -8.92 51.07
N ASP N 122 -4.29 -8.82 50.82
CA ASP N 122 -4.77 -7.93 49.78
C ASP N 122 -4.47 -6.47 50.12
N ASN N 123 -4.72 -6.07 51.38
CA ASN N 123 -4.44 -4.70 51.77
C ASN N 123 -2.94 -4.41 51.71
N ALA N 124 -2.11 -5.36 52.14
CA ALA N 124 -0.67 -5.16 52.11
C ALA N 124 -0.18 -4.96 50.67
N PHE N 125 -0.64 -5.82 49.76
CA PHE N 125 -0.20 -5.69 48.37
C PHE N 125 -0.72 -4.40 47.75
N ASP N 126 -1.97 -4.02 48.05
CA ASP N 126 -2.52 -2.78 47.53
C ASP N 126 -1.68 -1.59 47.98
N ASP N 127 -1.35 -1.53 49.28
CA ASP N 127 -0.54 -0.42 49.78
C ASP N 127 0.85 -0.43 49.17
N ALA N 128 1.46 -1.62 49.04
CA ALA N 128 2.79 -1.71 48.46
C ALA N 128 2.80 -1.21 47.02
N ALA N 129 1.79 -1.58 46.23
CA ALA N 129 1.73 -1.13 44.85
C ALA N 129 1.39 0.34 44.73
N THR N 130 0.55 0.88 45.62
CA THR N 130 0.13 2.26 45.51
C THR N 130 1.19 3.21 46.03
N GLY N 131 1.53 3.11 47.31
CA GLY N 131 2.48 4.01 47.91
C GLY N 131 3.89 3.48 47.91
N GLY N 132 4.07 2.23 48.35
CA GLY N 132 5.38 1.61 48.38
C GLY N 132 5.70 0.92 49.68
N PHE N 133 4.78 1.00 50.64
CA PHE N 133 4.99 0.41 51.96
C PHE N 133 3.69 -0.23 52.44
N GLY N 134 3.79 -1.46 52.95
CA GLY N 134 2.63 -2.15 53.47
C GLY N 134 3.06 -3.19 54.49
N CYS N 135 2.15 -3.47 55.42
CA CYS N 135 2.46 -4.41 56.50
C CYS N 135 1.19 -5.16 56.89
N PHE N 136 1.39 -6.32 57.50
CA PHE N 136 0.32 -7.05 58.15
C PHE N 136 0.89 -7.71 59.40
N ARG N 137 0.01 -8.01 60.35
CA ARG N 137 0.42 -8.40 61.70
C ARG N 137 -0.05 -9.82 61.97
N LEU N 138 0.71 -10.52 62.82
CA LEU N 138 0.50 -11.94 63.10
C LEU N 138 0.55 -12.14 64.61
N THR N 139 -0.60 -12.31 65.23
CA THR N 139 -0.71 -12.44 66.68
C THR N 139 -1.35 -13.77 67.04
N SER N 140 -1.56 -13.97 68.35
CA SER N 140 -2.20 -15.16 68.89
C SER N 140 -3.35 -14.73 69.79
N MET N 141 -4.52 -15.33 69.59
CA MET N 141 -5.71 -15.00 70.34
C MET N 141 -6.28 -16.25 70.99
N LEU N 142 -7.02 -16.04 72.08
CA LEU N 142 -7.61 -17.14 72.85
C LEU N 142 -9.06 -17.32 72.39
N VAL N 143 -9.38 -18.51 71.91
CA VAL N 143 -10.73 -18.85 71.48
C VAL N 143 -11.09 -20.25 71.95
N ARG N 152 -7.16 -24.30 72.74
CA ARG N 152 -7.70 -23.08 73.32
C ARG N 152 -6.91 -21.86 72.86
N GLN N 153 -5.72 -22.10 72.32
CA GLN N 153 -4.86 -21.04 71.83
C GLN N 153 -4.74 -21.15 70.31
N ARG N 154 -4.94 -20.03 69.63
CA ARG N 154 -4.94 -20.00 68.18
C ARG N 154 -4.11 -18.82 67.70
N ILE N 155 -3.41 -19.00 66.59
CA ILE N 155 -2.61 -17.97 65.96
C ILE N 155 -3.43 -17.33 64.85
N ALA N 156 -3.49 -16.00 64.84
CA ALA N 156 -4.33 -15.26 63.93
C ALA N 156 -3.51 -14.30 63.08
N ILE N 157 -3.95 -14.12 61.84
CA ILE N 157 -3.34 -13.17 60.91
C ILE N 157 -4.35 -12.06 60.63
N GLU N 158 -4.01 -10.84 61.01
CA GLU N 158 -4.91 -9.71 60.89
C GLU N 158 -4.19 -8.53 60.25
N PRO N 159 -4.93 -7.66 59.56
CA PRO N 159 -4.29 -6.58 58.80
C PRO N 159 -3.95 -5.38 59.68
N ILE N 160 -3.15 -4.50 59.08
CA ILE N 160 -2.79 -3.22 59.69
C ILE N 160 -3.20 -2.11 58.73
N TYR N 161 -3.92 -1.13 59.25
CA TYR N 161 -4.38 0.00 58.45
C TYR N 161 -3.51 1.22 58.71
N ASP N 162 -3.22 1.96 57.63
CA ASP N 162 -2.31 3.10 57.63
C ASP N 162 -0.90 2.67 58.05
N PRO N 163 -0.30 1.68 57.38
CA PRO N 163 1.04 1.23 57.81
C PRO N 163 2.09 2.32 57.71
N SER N 164 2.01 3.18 56.70
CA SER N 164 3.03 4.20 56.48
C SER N 164 3.16 5.14 57.66
N ARG N 165 2.05 5.54 58.29
CA ARG N 165 2.09 6.40 59.46
C ARG N 165 1.83 5.60 60.75
N SER N 166 1.81 4.27 60.66
CA SER N 166 1.49 3.47 61.83
C SER N 166 2.68 2.66 62.33
N VAL N 167 3.57 2.24 61.44
CA VAL N 167 4.64 1.31 61.79
C VAL N 167 5.97 2.05 61.77
N TRP N 168 6.75 1.89 62.84
CA TRP N 168 8.09 2.45 62.94
C TRP N 168 9.00 1.41 63.58
N PHE N 169 10.22 1.29 63.07
CA PHE N 169 11.14 0.23 63.47
C PHE N 169 12.38 0.81 64.13
N ASP N 170 13.25 -0.10 64.55
CA ASP N 170 14.55 0.27 65.10
C ASP N 170 15.40 0.91 63.99
N PRO N 171 15.87 2.14 64.16
CA PRO N 171 16.66 2.78 63.11
C PRO N 171 17.99 2.12 62.82
N ASP N 172 18.48 1.24 63.70
CA ASP N 172 19.71 0.51 63.48
C ASP N 172 19.49 -0.73 62.63
N ALA N 173 18.24 -1.12 62.38
CA ALA N 173 17.93 -2.28 61.55
C ALA N 173 17.98 -1.89 60.08
N LYS N 174 18.63 -2.73 59.26
CA LYS N 174 18.83 -2.42 57.87
C LYS N 174 18.34 -3.49 56.91
N LYS N 175 18.02 -4.69 57.38
CA LYS N 175 17.63 -5.76 56.48
C LYS N 175 16.22 -5.55 55.94
N TYR N 176 15.89 -6.29 54.89
CA TYR N 176 14.57 -6.18 54.28
C TYR N 176 13.48 -6.61 55.24
N ASP N 177 13.69 -7.71 55.98
CA ASP N 177 12.70 -8.23 56.89
C ASP N 177 12.86 -7.69 58.30
N LYS N 178 13.81 -6.79 58.53
CA LYS N 178 14.05 -6.20 59.86
C LYS N 178 14.29 -7.28 60.90
N SER N 179 15.08 -8.29 60.55
CA SER N 179 15.42 -9.34 61.49
C SER N 179 16.23 -8.78 62.66
N ASP N 180 17.14 -7.85 62.37
CA ASP N 180 17.99 -7.25 63.41
C ASP N 180 17.32 -6.03 64.04
N ALA N 181 16.10 -6.21 64.53
CA ALA N 181 15.35 -5.14 65.19
C ALA N 181 15.12 -5.52 66.65
N LEU N 182 15.39 -4.56 67.54
CA LEU N 182 15.24 -4.78 68.96
C LEU N 182 13.96 -4.22 69.54
N TRP N 183 13.31 -3.27 68.87
CA TRP N 183 12.02 -2.78 69.34
C TRP N 183 11.26 -2.20 68.16
N ALA N 184 9.94 -2.09 68.34
CA ALA N 184 9.07 -1.62 67.26
C ALA N 184 7.84 -0.96 67.86
N PHE N 185 7.19 -0.14 67.04
CA PHE N 185 5.99 0.60 67.43
C PHE N 185 4.87 0.30 66.44
N CYS N 186 3.64 0.37 66.91
CA CYS N 186 2.46 0.22 66.05
C CYS N 186 1.36 1.11 66.59
N MET N 187 1.12 2.24 65.95
CA MET N 187 0.10 3.19 66.37
C MET N 187 -1.22 2.91 65.66
N TYR N 188 -2.32 3.11 66.38
CA TYR N 188 -3.64 2.97 65.80
C TYR N 188 -4.59 3.93 66.50
N SER N 189 -5.64 4.31 65.78
CA SER N 189 -6.61 5.26 66.30
C SER N 189 -7.71 4.55 67.08
N LEU N 190 -8.42 5.33 67.90
CA LEU N 190 -9.49 4.81 68.72
C LEU N 190 -10.49 5.94 68.99
N SER N 191 -11.74 5.56 69.15
CA SER N 191 -12.75 6.57 69.47
C SER N 191 -12.82 6.78 70.97
N PRO N 192 -13.23 7.98 71.42
CA PRO N 192 -13.34 8.21 72.86
C PRO N 192 -14.31 7.26 73.55
N GLU N 193 -15.39 6.89 72.88
CA GLU N 193 -16.36 6.01 73.51
C GLU N 193 -15.80 4.60 73.69
N LYS N 194 -15.08 4.08 72.69
CA LYS N 194 -14.45 2.78 72.86
C LYS N 194 -13.33 2.85 73.89
N TYR N 195 -12.56 3.95 73.90
CA TYR N 195 -11.54 4.14 74.93
C TYR N 195 -12.15 4.16 76.32
N GLU N 196 -13.38 4.68 76.44
CA GLU N 196 -14.05 4.70 77.73
C GLU N 196 -14.60 3.33 78.09
N ALA N 197 -15.14 2.60 77.11
CA ALA N 197 -15.66 1.25 77.36
C ALA N 197 -14.55 0.32 77.82
N GLU N 198 -13.39 0.40 77.17
CA GLU N 198 -12.23 -0.35 77.62
C GLU N 198 -11.48 0.52 78.64
N TYR N 199 -10.44 -0.04 79.25
CA TYR N 199 -9.60 0.68 80.22
C TYR N 199 -10.50 1.20 81.34
N GLY N 200 -10.67 2.51 81.51
CA GLY N 200 -11.52 3.03 82.55
C GLY N 200 -11.77 4.50 82.37
N LYS N 201 -12.88 4.97 82.96
CA LYS N 201 -13.26 6.37 82.83
C LYS N 201 -12.55 7.27 83.83
N LYS N 202 -11.86 6.69 84.81
CA LYS N 202 -11.22 7.50 85.85
C LYS N 202 -10.21 8.51 85.31
N PRO N 203 -9.28 8.14 84.42
CA PRO N 203 -8.36 9.15 83.90
C PRO N 203 -8.89 9.76 82.61
N PRO N 204 -8.52 11.01 82.31
CA PRO N 204 -8.89 11.60 81.03
C PRO N 204 -8.17 10.92 79.87
N THR N 205 -8.47 11.40 78.66
CA THR N 205 -7.92 10.81 77.45
C THR N 205 -6.69 11.61 77.01
N SER N 206 -5.57 10.91 76.83
CA SER N 206 -4.33 11.50 76.34
C SER N 206 -3.88 10.72 75.12
N LEU N 207 -3.49 11.44 74.07
CA LEU N 207 -3.12 10.84 72.80
C LEU N 207 -1.68 11.18 72.42
N ASP N 208 -1.08 10.29 71.63
CA ASP N 208 0.25 10.53 71.11
C ASP N 208 0.21 11.52 69.96
N VAL N 209 1.39 12.03 69.58
CA VAL N 209 1.52 12.99 68.50
C VAL N 209 2.74 12.64 67.65
N THR N 210 2.57 12.73 66.33
CA THR N 210 3.65 12.53 65.38
C THR N 210 3.55 13.53 64.23
N SER N 211 2.58 14.45 64.34
CA SER N 211 2.38 15.51 63.34
C SER N 211 2.14 14.92 61.95
N MET N 212 1.01 14.23 61.78
CA MET N 212 0.68 13.62 60.50
C MET N 212 -0.60 14.18 59.89
N THR N 213 -1.53 14.63 60.72
CA THR N 213 -2.77 15.21 60.22
C THR N 213 -2.54 16.65 59.79
N SER N 214 -3.62 17.38 59.51
CA SER N 214 -3.59 18.78 59.08
C SER N 214 -2.83 18.98 57.78
N TRP N 215 -2.59 17.92 57.03
CA TRP N 215 -1.69 17.96 55.88
C TRP N 215 -2.51 17.93 54.60
N GLU N 216 -2.77 19.12 54.04
CA GLU N 216 -3.53 19.28 52.80
C GLU N 216 -4.80 18.43 52.81
N TYR N 217 -5.65 18.72 53.78
CA TYR N 217 -6.93 18.02 53.94
C TYR N 217 -7.82 18.87 54.82
N ASN N 218 -9.12 18.78 54.57
CA ASN N 218 -10.12 19.48 55.36
C ASN N 218 -10.54 18.57 56.51
N TRP N 219 -10.01 18.83 57.71
CA TRP N 219 -10.21 17.96 58.86
C TRP N 219 -11.27 18.58 59.76
N PHE N 220 -12.24 17.74 60.18
CA PHE N 220 -13.30 18.18 61.06
C PHE N 220 -13.47 17.19 62.21
N GLY N 221 -13.05 15.95 62.00
CA GLY N 221 -13.21 14.92 63.02
C GLY N 221 -12.05 14.88 63.99
N ALA N 222 -12.23 15.50 65.15
CA ALA N 222 -11.21 15.55 66.19
C ALA N 222 -11.41 14.50 67.27
N ASP N 223 -12.20 13.47 66.98
CA ASP N 223 -12.55 12.42 67.96
C ASP N 223 -11.70 11.18 67.77
N VAL N 224 -10.42 11.33 67.42
CA VAL N 224 -9.50 10.22 67.26
C VAL N 224 -8.41 10.35 68.31
N ILE N 225 -8.15 9.24 69.03
CA ILE N 225 -7.12 9.16 70.04
C ILE N 225 -6.14 8.07 69.63
N TYR N 226 -4.85 8.41 69.59
CA TYR N 226 -3.85 7.52 69.02
C TYR N 226 -3.15 6.76 70.15
N ILE N 227 -3.19 5.43 70.07
CA ILE N 227 -2.60 4.55 71.06
C ILE N 227 -1.62 3.63 70.36
N ALA N 228 -0.47 3.38 71.00
CA ALA N 228 0.60 2.63 70.37
C ALA N 228 0.90 1.35 71.15
N LYS N 229 1.04 0.26 70.40
CA LYS N 229 1.55 -1.00 70.94
C LYS N 229 3.06 -1.06 70.70
N TYR N 230 3.79 -1.41 71.74
CA TYR N 230 5.25 -1.33 71.73
C TYR N 230 5.81 -2.72 71.92
N TYR N 231 6.75 -3.11 71.06
CA TYR N 231 7.34 -4.45 71.09
C TYR N 231 8.82 -4.36 71.41
N GLU N 232 9.26 -5.19 72.35
CA GLU N 232 10.66 -5.31 72.73
C GLU N 232 11.09 -6.77 72.69
N VAL N 233 12.39 -6.98 72.50
CA VAL N 233 13.01 -8.29 72.60
C VAL N 233 14.06 -8.23 73.70
N ARG N 234 14.07 -9.23 74.58
CA ARG N 234 14.95 -9.24 75.73
C ARG N 234 15.72 -10.55 75.81
N LYS N 235 16.94 -10.45 76.34
CA LYS N 235 17.77 -11.61 76.64
C LYS N 235 17.65 -11.90 78.12
N GLU N 236 16.99 -13.01 78.46
CA GLU N 236 16.63 -13.31 79.85
C GLU N 236 17.21 -14.65 80.27
N SER N 237 17.23 -14.86 81.58
CA SER N 237 17.66 -16.12 82.17
C SER N 237 16.44 -16.98 82.47
N VAL N 238 16.45 -18.22 82.00
CA VAL N 238 15.37 -19.17 82.23
C VAL N 238 15.97 -20.47 82.73
N ASP N 239 15.21 -21.19 83.55
CA ASP N 239 15.65 -22.46 84.10
C ASP N 239 14.91 -23.60 83.40
N VAL N 240 15.67 -24.56 82.88
CA VAL N 240 15.12 -25.70 82.16
C VAL N 240 15.20 -26.94 83.06
N ILE N 241 14.10 -27.68 83.13
CA ILE N 241 14.02 -28.90 83.92
C ILE N 241 13.84 -30.08 82.97
N SER N 242 14.68 -31.10 83.14
CA SER N 242 14.75 -32.23 82.20
C SER N 242 14.08 -33.44 82.83
N TYR N 243 12.88 -33.75 82.38
CA TYR N 243 12.19 -34.96 82.81
C TYR N 243 12.76 -36.14 82.04
N ARG N 244 13.11 -37.21 82.74
CA ARG N 244 13.71 -38.40 82.14
C ARG N 244 12.99 -39.68 82.54
N HIS N 245 11.67 -39.68 82.47
CA HIS N 245 10.91 -40.91 82.69
C HIS N 245 11.20 -41.88 81.56
N PRO N 246 11.66 -43.10 81.86
CA PRO N 246 12.01 -44.03 80.76
C PRO N 246 10.85 -44.38 79.86
N ILE N 247 9.64 -44.47 80.39
CA ILE N 247 8.48 -44.86 79.59
C ILE N 247 8.08 -43.72 78.66
N THR N 248 7.87 -44.05 77.39
CA THR N 248 7.47 -43.10 76.36
C THR N 248 8.53 -42.00 76.19
N GLY N 249 9.74 -42.42 75.83
CA GLY N 249 10.81 -41.48 75.58
C GLY N 249 11.44 -40.96 76.86
N GLU N 250 12.76 -40.84 76.88
CA GLU N 250 13.48 -40.46 78.10
C GLU N 250 13.80 -38.97 78.16
N ILE N 251 14.54 -38.44 77.19
CA ILE N 251 15.04 -37.07 77.30
C ILE N 251 13.92 -36.12 76.90
N ALA N 252 13.50 -35.26 77.82
CA ALA N 252 12.47 -34.27 77.55
C ALA N 252 12.79 -33.02 78.37
N THR N 253 13.28 -31.99 77.70
CA THR N 253 13.67 -30.74 78.34
C THR N 253 12.54 -29.73 78.23
N TYR N 254 12.07 -29.25 79.38
CA TYR N 254 11.01 -28.24 79.44
C TYR N 254 11.46 -27.10 80.33
N ASP N 255 11.01 -25.90 79.99
CA ASP N 255 11.37 -24.73 80.78
C ASP N 255 10.54 -24.66 82.07
N SER N 256 10.84 -23.65 82.88
CA SER N 256 10.21 -23.54 84.19
C SER N 256 8.77 -23.01 84.13
N ASP N 257 8.29 -22.58 82.96
CA ASP N 257 6.94 -22.04 82.87
C ASP N 257 5.91 -23.07 83.25
N GLN N 258 6.04 -24.30 82.75
CA GLN N 258 5.15 -25.40 83.12
C GLN N 258 5.76 -26.18 84.28
N VAL N 259 4.99 -26.33 85.36
CA VAL N 259 5.44 -26.98 86.58
C VAL N 259 4.44 -28.10 86.88
N GLU N 260 4.90 -29.06 87.69
CA GLU N 260 4.05 -30.18 88.08
C GLU N 260 2.80 -29.71 88.81
N ASP N 261 2.84 -28.52 89.40
CA ASP N 261 1.66 -27.92 90.04
C ASP N 261 0.83 -27.07 89.08
N ILE N 262 1.47 -26.28 88.22
CA ILE N 262 0.73 -25.45 87.28
C ILE N 262 -0.05 -26.32 86.29
N GLU N 263 0.62 -27.34 85.74
CA GLU N 263 -0.01 -28.31 84.87
C GLU N 263 -0.19 -29.61 85.62
N ASP N 264 -1.36 -30.23 85.46
CA ASP N 264 -1.74 -31.40 86.26
C ASP N 264 -1.00 -32.66 85.78
N GLU N 265 0.33 -32.61 85.87
CA GLU N 265 1.18 -33.75 85.54
C GLU N 265 1.25 -34.74 86.70
N LEU N 266 1.57 -34.24 87.91
CA LEU N 266 1.52 -35.02 89.14
C LEU N 266 2.44 -36.24 89.08
N ALA N 267 3.50 -36.17 88.26
CA ALA N 267 4.50 -37.22 88.14
C ALA N 267 3.89 -38.57 87.79
N ILE N 268 2.74 -38.58 87.12
CA ILE N 268 2.15 -39.84 86.67
C ILE N 268 3.10 -40.57 85.73
N ALA N 269 3.67 -39.84 84.78
CA ALA N 269 4.71 -40.34 83.88
C ALA N 269 5.85 -39.33 83.79
N GLY N 270 6.30 -38.82 84.94
CA GLY N 270 7.34 -37.81 84.97
C GLY N 270 8.36 -38.02 86.06
N PHE N 271 9.62 -37.77 85.74
CA PHE N 271 10.72 -37.90 86.68
C PHE N 271 11.42 -36.55 86.82
N HIS N 272 11.71 -36.16 88.06
CA HIS N 272 12.36 -34.87 88.30
C HIS N 272 13.73 -34.81 87.64
N GLU N 273 14.57 -35.82 87.90
CA GLU N 273 15.90 -35.94 87.31
C GLU N 273 16.72 -34.67 87.56
N VAL N 274 17.03 -33.92 86.50
CA VAL N 274 17.82 -32.70 86.60
C VAL N 274 16.89 -31.51 86.49
N ALA N 275 17.00 -30.58 87.45
CA ALA N 275 16.15 -29.38 87.47
C ALA N 275 16.95 -28.14 87.83
N ARG N 276 18.24 -28.13 87.55
CA ARG N 276 19.12 -27.04 87.98
C ARG N 276 19.77 -26.27 86.85
N ARG N 277 19.79 -26.78 85.62
CA ARG N 277 20.47 -26.11 84.53
C ARG N 277 19.79 -24.78 84.21
N SER N 278 20.58 -23.71 84.14
CA SER N 278 20.08 -22.38 83.80
C SER N 278 20.67 -21.95 82.46
N VAL N 279 19.80 -21.56 81.53
CA VAL N 279 20.22 -21.17 80.19
C VAL N 279 19.64 -19.81 79.86
N LYS N 280 20.32 -19.11 78.96
CA LYS N 280 19.84 -17.83 78.47
C LYS N 280 18.96 -18.03 77.24
N ARG N 281 17.82 -17.35 77.22
CA ARG N 281 16.87 -17.45 76.12
C ARG N 281 16.45 -16.07 75.64
N ARG N 282 15.90 -16.04 74.44
CA ARG N 282 15.44 -14.82 73.80
C ARG N 282 13.93 -14.74 73.93
N ARG N 283 13.43 -13.64 74.49
CA ARG N 283 12.00 -13.48 74.75
C ARG N 283 11.52 -12.15 74.19
N VAL N 284 10.23 -12.08 73.90
CA VAL N 284 9.61 -10.91 73.29
C VAL N 284 8.36 -10.51 74.07
N TYR N 285 8.26 -9.21 74.37
CA TYR N 285 7.19 -8.65 75.17
C TYR N 285 6.45 -7.59 74.37
N VAL N 286 5.19 -7.37 74.73
CA VAL N 286 4.36 -6.34 74.11
C VAL N 286 3.74 -5.50 75.22
N SER N 287 3.53 -4.23 74.92
CA SER N 287 2.95 -3.30 75.87
C SER N 287 2.11 -2.28 75.12
N VAL N 288 1.20 -1.64 75.84
CA VAL N 288 0.34 -0.60 75.29
C VAL N 288 0.62 0.70 76.02
N VAL N 289 0.97 1.75 75.28
CA VAL N 289 1.43 3.01 75.84
C VAL N 289 0.73 4.15 75.11
N ASP N 290 0.59 5.27 75.81
CA ASP N 290 0.03 6.48 75.24
C ASP N 290 0.88 7.66 75.71
N GLY N 291 0.36 8.87 75.51
CA GLY N 291 1.12 10.07 75.83
C GLY N 291 1.28 10.37 77.30
N ASP N 292 0.60 9.64 78.17
CA ASP N 292 0.68 9.86 79.61
C ASP N 292 1.31 8.69 80.36
N GLY N 293 0.78 7.48 80.19
CA GLY N 293 1.28 6.35 80.94
C GLY N 293 1.11 5.01 80.24
N PHE N 294 0.91 3.96 81.03
CA PHE N 294 0.79 2.60 80.51
C PHE N 294 -0.66 2.16 80.59
N LEU N 295 -1.29 1.97 79.42
CA LEU N 295 -2.65 1.46 79.40
C LEU N 295 -2.70 -0.04 79.67
N GLU N 296 -1.70 -0.77 79.19
CA GLU N 296 -1.56 -2.19 79.48
C GLU N 296 -0.10 -2.49 79.81
N LYS N 297 0.12 -3.17 80.92
CA LYS N 297 1.47 -3.44 81.36
C LYS N 297 2.16 -4.44 80.41
N PRO N 298 3.49 -4.44 80.36
CA PRO N 298 4.19 -5.36 79.47
C PRO N 298 3.86 -6.81 79.79
N ARG N 299 3.74 -7.62 78.74
CA ARG N 299 3.48 -9.04 78.88
C ARG N 299 4.18 -9.79 77.75
N ARG N 300 4.71 -10.96 78.08
CA ARG N 300 5.42 -11.78 77.10
C ARG N 300 4.44 -12.42 76.14
N ILE N 301 4.83 -12.48 74.86
CA ILE N 301 4.01 -13.16 73.86
C ILE N 301 4.74 -14.43 73.43
N PRO N 302 4.02 -15.48 73.02
CA PRO N 302 4.69 -16.75 72.71
C PRO N 302 5.34 -16.74 71.34
N GLY N 303 6.56 -16.22 71.26
CA GLY N 303 7.25 -16.18 69.99
C GLY N 303 8.73 -15.97 70.19
N GLU N 304 9.43 -15.78 69.06
CA GLU N 304 10.86 -15.55 69.05
C GLU N 304 11.26 -14.31 68.27
N HIS N 305 10.42 -13.81 67.37
CA HIS N 305 10.71 -12.64 66.57
C HIS N 305 9.59 -11.61 66.70
N ILE N 306 9.88 -10.40 66.25
CA ILE N 306 8.85 -9.35 66.22
C ILE N 306 7.76 -9.75 65.23
N PRO N 307 6.50 -9.74 65.63
CA PRO N 307 5.46 -10.31 64.77
C PRO N 307 4.96 -9.39 63.67
N LEU N 308 5.70 -8.32 63.37
CA LEU N 308 5.33 -7.41 62.30
C LEU N 308 6.06 -7.80 61.02
N ILE N 309 5.31 -7.96 59.94
CA ILE N 309 5.83 -8.41 58.66
C ILE N 309 5.74 -7.25 57.67
N PRO N 310 6.87 -6.68 57.26
CA PRO N 310 6.84 -5.58 56.30
C PRO N 310 6.84 -6.06 54.86
N VAL N 311 6.15 -5.31 54.00
CA VAL N 311 6.11 -5.54 52.57
C VAL N 311 6.48 -4.25 51.86
N TYR N 312 7.41 -4.34 50.90
CA TYR N 312 7.88 -3.18 50.16
C TYR N 312 7.67 -3.40 48.67
N GLY N 313 7.24 -2.35 47.99
CA GLY N 313 7.10 -2.40 46.55
C GLY N 313 8.45 -2.43 45.88
N LYS N 314 9.20 -1.33 45.99
CA LYS N 314 10.61 -1.31 45.62
C LYS N 314 11.38 -0.66 46.76
N ARG N 315 12.43 -1.34 47.24
CA ARG N 315 13.18 -0.85 48.39
C ARG N 315 14.67 -0.86 48.10
N TRP N 316 15.34 0.21 48.53
CA TRP N 316 16.79 0.33 48.40
C TRP N 316 17.35 0.99 49.65
N PHE N 317 18.67 1.01 49.74
CA PHE N 317 19.41 1.60 50.86
C PHE N 317 20.49 2.51 50.27
N ILE N 318 20.22 3.81 50.27
CA ILE N 318 21.05 4.78 49.55
C ILE N 318 22.07 5.45 50.48
N ASP N 319 21.58 6.21 51.47
CA ASP N 319 22.49 6.92 52.39
C ASP N 319 21.96 6.74 53.82
N ASP N 320 22.36 5.64 54.46
CA ASP N 320 22.00 5.32 55.84
C ASP N 320 20.50 5.33 56.08
N ILE N 321 19.70 5.32 55.01
CA ILE N 321 18.25 5.46 55.10
C ILE N 321 17.62 4.48 54.12
N GLU N 322 16.57 3.79 54.56
CA GLU N 322 15.81 2.92 53.67
C GLU N 322 14.85 3.76 52.86
N ARG N 323 14.88 3.59 51.54
CA ARG N 323 14.02 4.35 50.64
C ARG N 323 13.12 3.38 49.88
N VAL N 324 11.86 3.75 49.73
CA VAL N 324 10.87 2.89 49.08
C VAL N 324 10.16 3.67 48.00
N GLU N 325 9.61 2.94 47.04
CA GLU N 325 8.91 3.54 45.91
C GLU N 325 7.89 2.54 45.38
N GLY N 326 6.77 3.08 44.87
CA GLY N 326 5.69 2.27 44.34
C GLY N 326 5.51 2.41 42.84
N HIS N 327 4.31 2.82 42.43
CA HIS N 327 3.99 2.88 41.01
C HIS N 327 3.24 4.16 40.63
N ILE N 328 3.25 5.19 41.47
CA ILE N 328 2.51 6.41 41.19
C ILE N 328 3.48 7.60 41.24
N ALA N 329 4.58 7.44 41.98
CA ALA N 329 5.46 8.57 42.25
C ALA N 329 6.09 9.12 40.97
N LYS N 330 6.52 8.24 40.07
CA LYS N 330 7.27 8.69 38.90
C LYS N 330 6.43 9.43 37.87
N ALA N 331 5.11 9.43 38.01
CA ALA N 331 4.24 10.03 37.00
C ALA N 331 3.37 11.15 37.57
N MET N 332 3.80 11.77 38.67
CA MET N 332 2.99 12.83 39.27
C MET N 332 3.08 14.12 38.46
N ASP N 333 4.28 14.50 38.04
CA ASP N 333 4.47 15.77 37.33
C ASP N 333 3.75 15.81 35.99
N PRO N 334 3.89 14.81 35.10
CA PRO N 334 3.14 14.90 33.83
C PRO N 334 1.64 14.99 34.02
N GLN N 335 1.09 14.28 35.01
CA GLN N 335 -0.34 14.33 35.25
C GLN N 335 -0.77 15.71 35.75
N ARG N 336 -0.06 16.24 36.75
CA ARG N 336 -0.41 17.55 37.28
C ARG N 336 -0.08 18.69 36.33
N LEU N 337 0.69 18.42 35.27
CA LEU N 337 0.87 19.43 34.23
C LEU N 337 -0.22 19.32 33.17
N TYR N 338 -0.62 18.09 32.84
CA TYR N 338 -1.71 17.87 31.89
C TYR N 338 -3.01 18.48 32.40
N ASN N 339 -3.28 18.35 33.69
CA ASN N 339 -4.47 18.97 34.27
C ASN N 339 -4.47 20.48 34.04
N LEU N 340 -3.35 21.13 34.33
CA LEU N 340 -3.25 22.58 34.16
C LEU N 340 -3.42 22.97 32.70
N GLN N 341 -2.80 22.21 31.78
CA GLN N 341 -2.93 22.55 30.37
C GLN N 341 -4.38 22.45 29.91
N VAL N 342 -5.08 21.39 30.34
CA VAL N 342 -6.48 21.26 29.96
C VAL N 342 -7.30 22.41 30.51
N SER N 343 -7.07 22.78 31.77
CA SER N 343 -7.82 23.87 32.37
C SER N 343 -7.60 25.18 31.63
N MET N 344 -6.33 25.50 31.34
CA MET N 344 -6.01 26.74 30.64
C MET N 344 -6.56 26.75 29.21
N LEU N 345 -6.56 25.61 28.53
CA LEU N 345 -7.17 25.55 27.20
C LEU N 345 -8.67 25.79 27.28
N ALA N 346 -9.34 25.15 28.25
CA ALA N 346 -10.78 25.28 28.35
C ALA N 346 -11.19 26.72 28.65
N ASP N 347 -10.49 27.38 29.57
CA ASP N 347 -10.86 28.74 29.92
C ASP N 347 -10.67 29.68 28.72
N THR N 348 -9.55 29.56 28.01
CA THR N 348 -9.30 30.42 26.86
C THR N 348 -10.32 30.16 25.75
N ALA N 349 -10.67 28.89 25.53
CA ALA N 349 -11.68 28.59 24.52
C ALA N 349 -13.03 29.20 24.88
N ALA N 350 -13.41 29.12 26.15
CA ALA N 350 -14.69 29.69 26.56
C ALA N 350 -14.66 31.22 26.61
N GLN N 351 -13.48 31.83 26.63
CA GLN N 351 -13.39 33.28 26.75
C GLN N 351 -14.05 33.99 25.56
N ASP N 352 -13.67 33.63 24.34
CA ASP N 352 -14.16 34.31 23.12
C ASP N 352 -14.83 33.31 22.20
N PRO N 353 -16.17 33.22 22.25
CA PRO N 353 -16.85 32.18 21.45
C PRO N 353 -16.91 32.49 19.97
N GLY N 354 -17.24 33.72 19.57
CA GLY N 354 -17.50 33.98 18.17
C GLY N 354 -17.06 35.33 17.64
N GLN N 355 -17.63 35.75 16.51
CA GLN N 355 -17.24 36.98 15.83
C GLN N 355 -18.39 37.99 15.89
N ILE N 356 -18.05 39.23 16.20
CA ILE N 356 -19.03 40.32 16.27
C ILE N 356 -18.53 41.48 15.42
N PRO N 357 -19.38 42.11 14.61
CA PRO N 357 -18.93 43.27 13.84
C PRO N 357 -18.74 44.48 14.72
N ILE N 358 -17.93 45.43 14.22
CA ILE N 358 -17.70 46.71 14.88
C ILE N 358 -18.11 47.81 13.92
N VAL N 359 -18.97 48.71 14.38
CA VAL N 359 -19.50 49.80 13.57
C VAL N 359 -19.42 51.10 14.38
N GLY N 360 -19.85 52.19 13.75
CA GLY N 360 -19.93 53.45 14.42
C GLY N 360 -21.33 53.77 14.93
N MET N 361 -21.39 54.67 15.90
CA MET N 361 -22.69 55.06 16.46
C MET N 361 -23.50 55.87 15.46
N GLU N 362 -22.90 56.88 14.86
CA GLU N 362 -23.54 57.67 13.81
C GLU N 362 -23.74 56.88 12.53
N GLN N 363 -23.01 55.77 12.37
CA GLN N 363 -23.12 54.93 11.19
C GLN N 363 -24.33 54.02 11.23
N ILE N 364 -24.91 53.76 12.40
CA ILE N 364 -25.99 52.80 12.55
C ILE N 364 -27.18 53.37 13.30
N ARG N 365 -27.09 54.60 13.82
CA ARG N 365 -28.21 55.17 14.56
C ARG N 365 -29.46 55.22 13.69
N GLY N 366 -30.57 54.76 14.24
CA GLY N 366 -31.83 54.73 13.54
C GLY N 366 -32.06 53.51 12.67
N LEU N 367 -31.09 52.58 12.63
CA LEU N 367 -31.18 51.40 11.77
C LEU N 367 -30.98 50.11 12.54
N GLU N 368 -31.08 50.14 13.87
CA GLU N 368 -30.90 48.93 14.66
C GLU N 368 -32.04 47.95 14.44
N LYS N 369 -33.24 48.45 14.14
CA LYS N 369 -34.39 47.56 14.03
C LYS N 369 -34.33 46.69 12.77
N HIS N 370 -33.39 46.97 11.87
CA HIS N 370 -33.18 46.07 10.74
C HIS N 370 -32.01 45.12 11.00
N TRP N 371 -31.10 45.51 11.88
CA TRP N 371 -29.90 44.71 12.13
C TRP N 371 -30.06 43.69 13.25
N GLU N 372 -30.92 43.96 14.24
CA GLU N 372 -30.94 43.10 15.42
C GLU N 372 -31.48 41.72 15.09
N ALA N 373 -32.37 41.61 14.10
CA ALA N 373 -33.04 40.37 13.75
C ALA N 373 -32.80 39.99 12.30
N ARG N 374 -31.55 40.09 11.84
CA ARG N 374 -31.21 39.73 10.47
C ARG N 374 -31.29 38.24 10.21
N ASN N 375 -31.34 37.42 11.26
CA ASN N 375 -31.38 35.97 11.09
C ASN N 375 -32.78 35.39 11.16
N LYS N 376 -33.73 36.09 11.78
CA LYS N 376 -35.10 35.61 11.82
C LYS N 376 -35.87 35.97 10.56
N LYS N 377 -35.85 37.25 10.17
CA LYS N 377 -36.41 37.65 8.90
C LYS N 377 -35.44 37.31 7.77
N ARG N 378 -35.84 37.62 6.54
CA ARG N 378 -35.03 37.34 5.35
C ARG N 378 -34.88 38.62 4.54
N PRO N 379 -34.13 39.60 5.05
CA PRO N 379 -33.99 40.86 4.33
C PRO N 379 -33.23 40.69 3.02
N ALA N 380 -33.63 41.48 2.03
CA ALA N 380 -32.93 41.45 0.74
C ALA N 380 -31.58 42.14 0.84
N PHE N 381 -31.43 43.07 1.78
CA PHE N 381 -30.17 43.78 1.98
C PHE N 381 -30.15 44.32 3.40
N LEU N 382 -29.08 45.02 3.73
CA LEU N 382 -28.93 45.66 5.02
C LEU N 382 -28.44 47.10 4.83
N PRO N 383 -29.18 48.10 5.27
CA PRO N 383 -28.75 49.49 5.08
C PRO N 383 -27.77 49.93 6.15
N LEU N 384 -26.76 50.67 5.72
CA LEU N 384 -25.74 51.16 6.64
C LEU N 384 -25.10 52.39 6.02
N ARG N 385 -24.83 53.38 6.87
CA ARG N 385 -24.34 54.69 6.45
C ARG N 385 -22.83 54.66 6.23
N GLU N 386 -22.32 55.76 5.69
CA GLU N 386 -20.90 55.93 5.48
C GLU N 386 -20.29 56.76 6.61
N VAL N 387 -18.96 56.77 6.67
CA VAL N 387 -18.24 57.55 7.67
C VAL N 387 -17.93 58.92 7.10
N ARG N 388 -18.35 59.96 7.82
CA ARG N 388 -18.13 61.33 7.42
C ARG N 388 -17.38 62.08 8.52
N ASP N 389 -16.38 62.85 8.11
CA ASP N 389 -15.54 63.58 9.06
C ASP N 389 -16.27 64.84 9.51
N LYS N 390 -15.54 65.74 10.19
CA LYS N 390 -16.15 66.93 10.77
C LYS N 390 -16.65 67.89 9.70
N SER N 391 -16.12 67.84 8.49
CA SER N 391 -16.52 68.74 7.42
C SER N 391 -17.54 68.13 6.47
N GLY N 392 -17.98 66.90 6.71
CA GLY N 392 -18.99 66.26 5.89
C GLY N 392 -18.46 65.45 4.73
N ASN N 393 -17.16 65.44 4.49
CA ASN N 393 -16.60 64.66 3.40
C ASN N 393 -16.64 63.16 3.73
N ILE N 394 -16.77 62.36 2.68
CA ILE N 394 -16.81 60.91 2.84
C ILE N 394 -15.40 60.36 2.77
N ILE N 395 -15.01 59.58 3.78
CA ILE N 395 -13.68 58.98 3.82
C ILE N 395 -13.72 57.46 3.88
N ALA N 396 -14.86 56.85 4.19
CA ALA N 396 -14.97 55.41 4.29
C ALA N 396 -16.29 54.95 3.67
N GLY N 397 -16.31 53.69 3.25
CA GLY N 397 -17.50 53.12 2.66
C GLY N 397 -18.51 52.68 3.70
N ALA N 398 -19.58 52.06 3.21
CA ALA N 398 -20.66 51.59 4.07
C ALA N 398 -20.31 50.30 4.80
N THR N 399 -19.17 49.67 4.48
CA THR N 399 -18.81 48.42 5.11
C THR N 399 -18.48 48.63 6.58
N PRO N 400 -18.71 47.63 7.43
CA PRO N 400 -18.28 47.73 8.82
C PRO N 400 -16.77 47.82 8.93
N ALA N 401 -16.30 48.48 9.99
CA ALA N 401 -14.87 48.69 10.16
C ALA N 401 -14.11 47.38 10.28
N GLY N 402 -14.65 46.42 11.01
CA GLY N 402 -13.99 45.14 11.16
C GLY N 402 -14.82 44.18 11.98
N TYR N 403 -14.21 43.05 12.32
CA TYR N 403 -14.85 42.02 13.10
C TYR N 403 -13.91 41.59 14.23
N THR N 404 -14.51 41.08 15.31
CA THR N 404 -13.72 40.58 16.42
C THR N 404 -13.04 39.26 16.05
N GLN N 405 -12.10 38.84 16.89
CA GLN N 405 -11.32 37.65 16.62
C GLN N 405 -11.74 36.51 17.53
N PRO N 406 -12.01 35.33 17.00
CA PRO N 406 -12.30 34.17 17.85
C PRO N 406 -11.04 33.66 18.52
N ALA N 407 -11.24 32.84 19.55
CA ALA N 407 -10.13 32.32 20.33
C ALA N 407 -9.27 31.39 19.48
N VAL N 408 -7.98 31.33 19.83
CA VAL N 408 -7.01 30.54 19.09
C VAL N 408 -6.15 29.76 20.08
N MET N 409 -5.69 28.60 19.65
CA MET N 409 -4.85 27.73 20.46
C MET N 409 -3.40 27.86 20.00
N ASN N 410 -2.53 28.28 20.91
CA ASN N 410 -1.11 28.39 20.57
C ASN N 410 -0.46 27.01 20.50
N GLN N 411 0.64 26.95 19.74
CA GLN N 411 1.26 25.65 19.44
C GLN N 411 1.92 25.04 20.67
N ALA N 412 2.43 25.88 21.57
CA ALA N 412 3.15 25.36 22.73
C ALA N 412 2.24 24.53 23.64
N LEU N 413 1.01 25.00 23.86
CA LEU N 413 0.08 24.27 24.71
C LEU N 413 -0.27 22.91 24.10
N ALA N 414 -0.51 22.86 22.80
CA ALA N 414 -0.79 21.60 22.14
C ALA N 414 0.41 20.66 22.21
N ALA N 415 1.61 21.19 22.00
CA ALA N 415 2.82 20.38 22.09
C ALA N 415 2.98 19.77 23.47
N LEU N 416 2.76 20.57 24.52
CA LEU N 416 2.86 20.05 25.87
C LEU N 416 1.76 19.04 26.18
N LEU N 417 0.55 19.28 25.66
CA LEU N 417 -0.51 18.29 25.84
C LEU N 417 -0.10 16.94 25.27
N GLN N 418 0.36 16.94 24.02
CA GLN N 418 0.78 15.68 23.39
C GLN N 418 1.96 15.07 24.13
N GLN N 419 2.93 15.89 24.54
CA GLN N 419 4.12 15.38 25.19
C GLN N 419 3.79 14.71 26.52
N THR N 420 2.96 15.35 27.34
CA THR N 420 2.60 14.76 28.62
C THR N 420 1.72 13.53 28.43
N SER N 421 0.82 13.55 27.44
CA SER N 421 -0.01 12.38 27.18
C SER N 421 0.85 11.18 26.80
N ALA N 422 1.88 11.39 25.97
CA ALA N 422 2.78 10.30 25.64
C ALA N 422 3.64 9.90 26.83
N ASP N 423 4.10 10.88 27.62
CA ASP N 423 5.05 10.60 28.69
C ASP N 423 4.42 9.81 29.83
N ILE N 424 3.15 10.06 30.13
CA ILE N 424 2.50 9.28 31.19
C ILE N 424 2.52 7.79 30.84
N GLN N 425 2.10 7.45 29.63
CA GLN N 425 2.10 6.05 29.21
C GLN N 425 3.53 5.51 29.08
N GLU N 426 4.48 6.38 28.74
CA GLU N 426 5.87 5.93 28.61
C GLU N 426 6.45 5.55 29.97
N VAL N 427 6.16 6.35 31.01
CA VAL N 427 6.74 6.08 32.31
C VAL N 427 5.99 4.96 33.02
N THR N 428 4.67 4.86 32.78
CA THR N 428 3.87 3.80 33.41
C THR N 428 3.85 2.58 32.49
N GLY N 429 4.93 1.81 32.55
CA GLY N 429 5.06 0.59 31.76
C GLY N 429 5.10 0.83 30.27
N MET N 450 10.36 -15.39 30.32
CA MET N 450 10.47 -14.04 29.80
C MET N 450 9.10 -13.37 29.70
N ASN N 451 8.07 -14.19 29.49
CA ASN N 451 6.71 -13.67 29.47
C ASN N 451 6.31 -13.11 30.83
N ARG N 452 6.80 -13.72 31.91
CA ARG N 452 6.62 -13.10 33.22
C ARG N 452 7.55 -11.91 33.39
N ALA N 453 8.75 -11.97 32.81
CA ALA N 453 9.75 -10.95 33.04
C ALA N 453 9.35 -9.60 32.44
N ASP N 454 8.77 -9.60 31.24
CA ASP N 454 8.52 -8.32 30.58
C ASP N 454 7.33 -7.58 31.18
N MET N 455 6.53 -8.24 32.01
CA MET N 455 5.42 -7.57 32.65
C MET N 455 5.92 -6.63 33.75
N ALA N 456 5.06 -5.68 34.12
CA ALA N 456 5.42 -4.65 35.08
C ALA N 456 5.07 -4.99 36.52
N SER N 457 4.51 -6.17 36.78
CA SER N 457 4.14 -6.57 38.12
C SER N 457 5.06 -7.62 38.71
N PHE N 458 6.09 -8.05 37.96
CA PHE N 458 6.94 -9.14 38.42
C PHE N 458 7.72 -8.76 39.68
N ILE N 459 8.25 -7.53 39.73
CA ILE N 459 9.02 -7.12 40.89
C ILE N 459 8.14 -7.07 42.14
N TYR N 460 6.93 -6.54 42.01
CA TYR N 460 6.02 -6.50 43.15
C TYR N 460 5.65 -7.90 43.61
N LEU N 461 5.37 -8.81 42.67
CA LEU N 461 5.02 -10.17 43.05
C LEU N 461 6.18 -10.88 43.72
N ASP N 462 7.41 -10.67 43.23
CA ASP N 462 8.57 -11.29 43.86
C ASP N 462 8.80 -10.75 45.26
N ASN N 463 8.63 -9.43 45.45
CA ASN N 463 8.76 -8.86 46.78
C ASN N 463 7.70 -9.42 47.72
N MET N 464 6.47 -9.57 47.23
CA MET N 464 5.42 -10.17 48.06
C MET N 464 5.77 -11.60 48.44
N ALA N 465 6.30 -12.38 47.51
CA ALA N 465 6.69 -13.75 47.81
C ALA N 465 7.80 -13.80 48.85
N LYS N 466 8.83 -12.95 48.70
CA LYS N 466 9.93 -12.99 49.65
C LYS N 466 9.51 -12.44 51.02
N SER N 467 8.47 -11.62 51.08
CA SER N 467 7.93 -11.24 52.38
C SER N 467 7.10 -12.36 52.99
N LEU N 468 6.35 -13.09 52.16
CA LEU N 468 5.59 -14.23 52.66
C LEU N 468 6.50 -15.32 53.19
N LYS N 469 7.71 -15.44 52.64
CA LYS N 469 8.67 -16.38 53.21
C LYS N 469 8.98 -16.06 54.67
N ARG N 470 9.24 -14.78 54.95
CA ARG N 470 9.51 -14.35 56.33
C ARG N 470 8.27 -14.54 57.19
N ALA N 471 7.09 -14.27 56.65
CA ALA N 471 5.85 -14.48 57.40
C ALA N 471 5.70 -15.95 57.78
N GLY N 472 6.00 -16.86 56.85
CA GLY N 472 5.93 -18.27 57.17
C GLY N 472 6.94 -18.69 58.21
N GLU N 473 8.16 -18.13 58.14
CA GLU N 473 9.16 -18.42 59.16
C GLU N 473 8.69 -17.97 60.54
N VAL N 474 8.09 -16.78 60.62
CA VAL N 474 7.59 -16.28 61.90
C VAL N 474 6.46 -17.18 62.40
N TRP N 475 5.56 -17.59 61.51
CA TRP N 475 4.48 -18.48 61.92
C TRP N 475 5.02 -19.80 62.46
N LEU N 476 6.02 -20.36 61.79
CA LEU N 476 6.62 -21.61 62.25
C LEU N 476 7.26 -21.43 63.61
N SER N 477 7.94 -20.31 63.83
CA SER N 477 8.55 -20.05 65.13
C SER N 477 7.49 -19.92 66.22
N MET N 478 6.37 -19.28 65.90
CA MET N 478 5.31 -19.08 66.88
C MET N 478 4.54 -20.36 67.18
N ALA N 479 4.41 -21.25 66.20
CA ALA N 479 3.52 -22.41 66.35
C ALA N 479 4.02 -23.39 67.42
N ARG N 480 5.33 -23.45 67.66
CA ARG N 480 5.84 -24.39 68.64
C ARG N 480 5.35 -24.08 70.05
N GLU N 481 5.28 -22.81 70.42
CA GLU N 481 4.85 -22.42 71.76
C GLU N 481 3.34 -22.51 71.95
N VAL N 482 2.57 -22.69 70.87
CA VAL N 482 1.13 -22.75 70.95
C VAL N 482 0.61 -24.17 70.70
N TYR N 483 1.05 -24.80 69.61
CA TYR N 483 0.60 -26.13 69.25
C TYR N 483 1.52 -27.23 69.75
N GLY N 484 2.70 -26.89 70.26
CA GLY N 484 3.59 -27.88 70.83
C GLY N 484 4.53 -28.48 69.80
N SER N 485 5.53 -29.20 70.31
CA SER N 485 6.53 -29.83 69.48
C SER N 485 5.99 -31.10 68.83
N GLU N 486 6.71 -31.57 67.81
CA GLU N 486 6.34 -32.77 67.07
C GLU N 486 7.38 -33.87 67.29
N ARG N 487 6.91 -35.06 67.65
CA ARG N 487 7.78 -36.22 67.85
C ARG N 487 7.27 -37.39 67.02
N GLU N 488 8.18 -38.02 66.28
CA GLU N 488 7.83 -39.07 65.32
C GLU N 488 7.97 -40.44 65.97
N VAL N 489 6.88 -40.91 66.59
CA VAL N 489 6.83 -42.22 67.21
C VAL N 489 5.46 -42.83 66.94
N ARG N 490 5.44 -43.99 66.31
CA ARG N 490 4.22 -44.78 66.14
C ARG N 490 4.37 -46.24 66.52
N ILE N 491 5.56 -46.82 66.42
CA ILE N 491 5.79 -48.23 66.72
C ILE N 491 5.48 -48.52 68.18
N VAL N 507 5.84 -45.28 62.25
CA VAL N 507 6.65 -44.20 61.68
C VAL N 507 5.82 -43.45 60.64
N VAL N 508 4.72 -44.07 60.21
CA VAL N 508 3.86 -43.49 59.18
C VAL N 508 2.76 -42.67 59.83
N ASP N 509 2.76 -42.62 61.17
CA ASP N 509 1.74 -41.88 61.91
C ASP N 509 2.44 -41.07 63.00
N ARG N 510 2.00 -39.83 63.15
CA ARG N 510 2.54 -38.92 64.16
C ARG N 510 1.40 -38.15 64.81
N GLN N 511 1.44 -38.05 66.13
CA GLN N 511 0.53 -37.24 66.90
C GLN N 511 1.30 -36.56 68.02
N THR N 512 0.74 -35.49 68.56
CA THR N 512 1.30 -34.82 69.72
C THR N 512 0.20 -34.64 70.76
N GLY N 513 0.60 -34.68 72.03
CA GLY N 513 -0.36 -34.62 73.10
C GLY N 513 0.16 -33.99 74.37
N ALA N 514 -0.68 -33.19 75.04
CA ALA N 514 -0.34 -32.54 76.28
C ALA N 514 -1.60 -31.94 76.87
N VAL N 515 -1.66 -31.90 78.21
CA VAL N 515 -2.74 -31.19 78.87
C VAL N 515 -2.69 -29.71 78.51
N VAL N 516 -1.50 -29.13 78.58
CA VAL N 516 -1.18 -27.83 77.98
C VAL N 516 0.07 -28.03 77.14
N ALA N 517 0.02 -27.57 75.89
CA ALA N 517 1.04 -27.83 74.89
C ALA N 517 2.45 -27.67 75.45
N LEU N 518 3.24 -28.74 75.35
CA LEU N 518 4.59 -28.79 75.89
C LEU N 518 5.59 -28.48 74.78
N ASN N 519 6.57 -27.65 75.09
CA ASN N 519 7.63 -27.29 74.14
C ASN N 519 8.90 -28.05 74.54
N ASP N 520 9.17 -29.15 73.85
CA ASP N 520 10.38 -29.93 74.11
C ASP N 520 11.55 -29.20 73.47
N LEU N 521 12.39 -28.59 74.29
CA LEU N 521 13.50 -27.79 73.79
C LEU N 521 14.63 -28.64 73.20
N SER N 522 14.58 -29.96 73.37
CA SER N 522 15.59 -30.84 72.81
C SER N 522 15.22 -31.39 71.44
N VAL N 523 14.05 -31.02 70.91
CA VAL N 523 13.65 -31.51 69.60
C VAL N 523 14.51 -30.87 68.51
N GLY N 524 14.72 -29.57 68.61
CA GLY N 524 15.55 -28.87 67.64
C GLY N 524 14.78 -28.42 66.41
N ARG N 525 15.55 -27.92 65.44
CA ARG N 525 14.98 -27.43 64.20
C ARG N 525 14.34 -28.56 63.41
N TYR N 526 13.24 -28.25 62.73
CA TYR N 526 12.59 -29.22 61.87
C TYR N 526 13.42 -29.44 60.60
N ASP N 527 12.91 -30.32 59.74
CA ASP N 527 13.57 -30.64 58.47
C ASP N 527 12.71 -30.22 57.28
N VAL N 528 12.11 -29.04 57.35
CA VAL N 528 11.29 -28.52 56.27
C VAL N 528 11.85 -27.17 55.84
N THR N 529 11.48 -26.76 54.63
CA THR N 529 11.91 -25.49 54.06
C THR N 529 10.69 -24.66 53.70
N VAL N 530 10.75 -23.37 54.01
CA VAL N 530 9.66 -22.45 53.70
C VAL N 530 9.76 -22.04 52.23
N ASP N 531 8.66 -22.17 51.51
CA ASP N 531 8.61 -21.83 50.09
C ASP N 531 7.31 -21.08 49.82
N VAL N 532 7.02 -20.82 48.56
CA VAL N 532 5.80 -20.14 48.15
C VAL N 532 5.13 -20.96 47.06
N GLY N 533 3.81 -20.77 46.94
CA GLY N 533 3.03 -21.50 45.96
C GLY N 533 1.64 -20.92 45.82
N PRO N 534 0.82 -21.53 44.97
CA PRO N 534 -0.54 -21.03 44.76
C PRO N 534 -1.38 -21.16 46.01
N SER N 535 -2.34 -20.25 46.16
CA SER N 535 -3.26 -20.28 47.29
C SER N 535 -4.49 -21.09 46.94
N TYR N 536 -4.78 -22.11 47.74
CA TYR N 536 -5.91 -22.99 47.51
C TYR N 536 -6.83 -22.98 48.72
N THR N 537 -8.14 -22.95 48.44
CA THR N 537 -9.12 -22.90 49.52
C THR N 537 -9.19 -24.21 50.29
N ALA N 538 -9.10 -25.34 49.58
CA ALA N 538 -9.20 -26.65 50.20
C ALA N 538 -8.10 -27.55 49.67
N ARG N 539 -7.81 -28.61 50.43
CA ARG N 539 -6.78 -29.55 50.04
C ARG N 539 -7.12 -30.28 48.74
N ARG N 540 -8.42 -30.49 48.48
CA ARG N 540 -8.82 -31.16 47.25
C ARG N 540 -8.38 -30.36 46.02
N ASP N 541 -8.52 -29.04 46.07
CA ASP N 541 -8.10 -28.22 44.94
C ASP N 541 -6.60 -28.35 44.69
N ALA N 542 -5.80 -28.35 45.75
CA ALA N 542 -4.36 -28.50 45.59
C ALA N 542 -4.01 -29.86 45.00
N THR N 543 -4.63 -30.92 45.52
CA THR N 543 -4.35 -32.26 45.03
C THR N 543 -4.73 -32.39 43.56
N VAL N 544 -5.90 -31.88 43.20
CA VAL N 544 -6.36 -31.96 41.81
C VAL N 544 -5.43 -31.17 40.91
N SER N 545 -5.00 -29.98 41.36
CA SER N 545 -4.10 -29.17 40.54
C SER N 545 -2.78 -29.88 40.29
N VAL N 546 -2.19 -30.44 41.34
CA VAL N 546 -0.91 -31.13 41.17
C VAL N 546 -1.06 -32.35 40.28
N LEU N 547 -2.12 -33.14 40.48
CA LEU N 547 -2.30 -34.34 39.66
C LEU N 547 -2.58 -33.99 38.21
N THR N 548 -3.34 -32.92 37.96
CA THR N 548 -3.59 -32.49 36.59
C THR N 548 -2.31 -31.99 35.93
N ASN N 549 -1.48 -31.26 36.69
CA ASN N 549 -0.20 -30.81 36.14
C ASN N 549 0.69 -32.00 35.80
N VAL N 550 0.68 -33.04 36.63
CA VAL N 550 1.38 -34.27 36.30
C VAL N 550 0.83 -34.86 35.01
N LEU N 551 -0.49 -34.94 34.89
CA LEU N 551 -1.13 -35.33 33.66
C LEU N 551 -0.83 -34.30 32.57
N SER N 552 -1.22 -34.62 31.34
CA SER N 552 -0.94 -33.85 30.12
C SER N 552 0.55 -33.80 29.81
N SER N 553 1.39 -34.42 30.61
CA SER N 553 2.81 -34.58 30.31
C SER N 553 3.16 -36.03 29.97
N MET N 554 2.15 -36.87 29.79
CA MET N 554 2.33 -38.28 29.49
C MET N 554 1.76 -38.61 28.11
N LEU N 555 2.37 -39.57 27.44
CA LEU N 555 1.86 -40.03 26.17
C LEU N 555 0.54 -40.78 26.39
N PRO N 556 -0.39 -40.72 25.43
CA PRO N 556 -1.69 -41.37 25.62
C PRO N 556 -1.61 -42.87 25.80
N THR N 557 -0.53 -43.51 25.37
CA THR N 557 -0.37 -44.95 25.48
C THR N 557 0.22 -45.38 26.82
N ASP N 558 0.42 -44.45 27.74
CA ASP N 558 1.03 -44.80 29.02
C ASP N 558 0.08 -45.62 29.87
N PRO N 559 0.61 -46.48 30.75
CA PRO N 559 -0.27 -47.35 31.55
C PRO N 559 -0.77 -46.69 32.83
N MET N 560 -0.10 -45.64 33.29
CA MET N 560 -0.45 -44.98 34.54
C MET N 560 -1.59 -43.98 34.39
N ARG N 561 -1.97 -43.63 33.16
CA ARG N 561 -3.03 -42.67 32.95
C ARG N 561 -4.38 -43.10 33.53
N PRO N 562 -4.83 -44.36 33.37
CA PRO N 562 -6.08 -44.75 34.04
C PRO N 562 -6.04 -44.58 35.54
N ALA N 563 -4.92 -44.93 36.17
CA ALA N 563 -4.81 -44.76 37.63
C ALA N 563 -4.84 -43.29 38.00
N ILE N 564 -4.15 -42.45 37.24
CA ILE N 564 -4.17 -41.01 37.52
C ILE N 564 -5.59 -40.46 37.38
N GLN N 565 -6.29 -40.86 36.33
CA GLN N 565 -7.66 -40.39 36.12
C GLN N 565 -8.57 -40.85 37.26
N GLY N 566 -8.41 -42.10 37.70
CA GLY N 566 -9.21 -42.58 38.82
C GLY N 566 -8.95 -41.80 40.10
N ILE N 567 -7.67 -41.52 40.38
CA ILE N 567 -7.35 -40.76 41.59
C ILE N 567 -7.93 -39.36 41.51
N ILE N 568 -7.83 -38.71 40.35
CA ILE N 568 -8.37 -37.35 40.20
C ILE N 568 -9.89 -37.36 40.36
N LEU N 569 -10.56 -38.32 39.71
CA LEU N 569 -12.01 -38.38 39.80
C LEU N 569 -12.49 -38.81 41.18
N ASP N 570 -11.61 -39.39 41.99
CA ASP N 570 -12.00 -39.69 43.37
C ASP N 570 -12.05 -38.43 44.22
N ASN N 571 -11.14 -37.47 43.98
CA ASN N 571 -11.01 -36.29 44.82
C ASN N 571 -11.93 -35.15 44.41
N ILE N 572 -12.75 -35.32 43.39
CA ILE N 572 -13.62 -34.24 42.93
C ILE N 572 -14.85 -34.17 43.81
N ASP N 573 -15.39 -32.97 43.99
CA ASP N 573 -16.57 -32.73 44.80
C ASP N 573 -17.72 -32.23 43.94
N GLY N 574 -18.94 -32.50 44.38
CA GLY N 574 -20.11 -32.05 43.64
C GLY N 574 -21.37 -32.58 44.29
N GLU N 575 -22.50 -32.26 43.66
CA GLU N 575 -23.80 -32.72 44.13
C GLU N 575 -24.33 -33.82 43.20
N GLY N 576 -24.93 -34.84 43.79
CA GLY N 576 -25.48 -35.93 43.00
C GLY N 576 -24.44 -36.85 42.40
N LEU N 577 -23.25 -36.90 42.97
CA LEU N 577 -22.17 -37.76 42.48
C LEU N 577 -21.91 -38.95 43.40
N ASP N 578 -22.86 -39.29 44.26
CA ASP N 578 -22.62 -40.31 45.28
C ASP N 578 -22.42 -41.69 44.66
N ASP N 579 -23.33 -42.10 43.79
CA ASP N 579 -23.23 -43.43 43.19
C ASP N 579 -22.04 -43.53 42.25
N PHE N 580 -21.78 -42.48 41.48
CA PHE N 580 -20.61 -42.49 40.59
C PHE N 580 -19.32 -42.57 41.39
N LYS N 581 -19.24 -41.82 42.49
CA LYS N 581 -18.05 -41.87 43.34
C LYS N 581 -17.89 -43.25 43.97
N GLU N 582 -18.99 -43.88 44.38
CA GLU N 582 -18.91 -45.23 44.93
C GLU N 582 -18.41 -46.22 43.88
N TYR N 583 -18.92 -46.12 42.65
CA TYR N 583 -18.46 -47.00 41.59
C TYR N 583 -16.99 -46.79 41.29
N ASN N 584 -16.55 -45.54 41.25
CA ASN N 584 -15.13 -45.26 41.01
C ASN N 584 -14.27 -45.80 42.15
N ARG N 585 -14.78 -45.71 43.39
CA ARG N 585 -14.04 -46.24 44.53
C ARG N 585 -13.89 -47.75 44.42
N ASN N 586 -14.97 -48.46 44.03
CA ASN N 586 -14.87 -49.90 43.87
C ASN N 586 -13.92 -50.27 42.74
N GLN N 587 -13.96 -49.52 41.63
CA GLN N 587 -13.06 -49.79 40.52
C GLN N 587 -11.60 -49.56 40.93
N LEU N 588 -11.34 -48.53 41.73
CA LEU N 588 -9.99 -48.29 42.22
C LEU N 588 -9.56 -49.35 43.23
N LEU N 589 -10.52 -49.88 44.00
CA LEU N 589 -10.21 -50.89 45.01
C LEU N 589 -9.83 -52.22 44.35
N ILE N 590 -10.60 -52.65 43.35
CA ILE N 590 -10.34 -53.96 42.74
C ILE N 590 -9.01 -54.01 42.02
N SER N 591 -8.41 -52.87 41.70
CA SER N 591 -7.13 -52.82 41.02
C SER N 591 -5.95 -52.71 41.97
N GLY N 592 -6.17 -52.92 43.26
CA GLY N 592 -5.09 -52.91 44.24
C GLY N 592 -4.39 -51.57 44.38
N ILE N 593 -5.13 -50.48 44.34
CA ILE N 593 -4.55 -49.15 44.50
C ILE N 593 -5.12 -48.39 45.69
N ALA N 594 -6.38 -48.61 46.06
CA ALA N 594 -7.05 -47.75 47.03
C ALA N 594 -6.54 -47.90 48.45
N LYS N 595 -5.97 -49.05 48.82
CA LYS N 595 -5.49 -49.28 50.18
C LYS N 595 -6.62 -49.08 51.18
N PRO N 596 -7.55 -50.05 51.28
CA PRO N 596 -8.80 -49.81 52.03
C PRO N 596 -8.58 -49.37 53.47
N ARG N 597 -9.41 -48.45 53.94
CA ARG N 597 -9.20 -47.84 55.25
C ARG N 597 -9.94 -48.59 56.36
N ASN N 598 -9.77 -49.92 56.38
CA ASN N 598 -9.97 -50.75 57.55
C ASN N 598 -11.33 -50.58 58.21
N GLU N 599 -12.38 -50.33 57.41
CA GLU N 599 -13.71 -50.23 58.00
C GLU N 599 -14.65 -51.32 57.48
N LYS N 600 -14.89 -51.41 56.17
CA LYS N 600 -15.69 -52.48 55.60
C LYS N 600 -15.13 -53.04 54.31
N GLU N 601 -14.33 -52.28 53.56
CA GLU N 601 -13.83 -52.71 52.27
C GLU N 601 -12.55 -53.54 52.36
N GLN N 602 -11.97 -53.69 53.55
CA GLN N 602 -10.85 -54.60 53.71
C GLN N 602 -11.30 -56.05 53.85
N GLN N 603 -12.60 -56.29 54.02
CA GLN N 603 -13.10 -57.62 54.29
C GLN N 603 -14.12 -58.12 53.26
N ILE N 604 -14.69 -57.24 52.45
CA ILE N 604 -15.78 -57.61 51.54
C ILE N 604 -15.37 -57.49 50.08
N VAL N 605 -14.99 -56.28 49.64
CA VAL N 605 -14.72 -56.09 48.22
C VAL N 605 -13.42 -56.77 47.81
N GLN N 606 -12.39 -56.71 48.66
CA GLN N 606 -11.13 -57.38 48.31
C GLN N 606 -11.29 -58.89 48.43
N GLN N 607 -12.15 -59.36 49.34
CA GLN N 607 -12.44 -60.78 49.42
C GLN N 607 -13.15 -61.26 48.17
N ALA N 608 -14.11 -60.47 47.68
CA ALA N 608 -14.77 -60.80 46.43
C ALA N 608 -13.78 -60.78 45.27
N GLN N 609 -12.84 -59.84 45.28
CA GLN N 609 -11.81 -59.80 44.24
C GLN N 609 -10.93 -61.04 44.29
N MET N 610 -10.56 -61.49 45.49
CA MET N 610 -9.76 -62.70 45.60
C MET N 610 -10.54 -63.92 45.13
N ALA N 611 -11.83 -63.98 45.47
CA ALA N 611 -12.67 -65.08 45.00
C ALA N 611 -12.78 -65.08 43.48
N ALA N 612 -12.97 -63.91 42.88
CA ALA N 612 -13.11 -63.78 41.44
C ALA N 612 -11.76 -63.79 40.73
N GLN N 613 -10.66 -63.83 41.46
CA GLN N 613 -9.34 -64.10 40.90
C GLN N 613 -8.98 -65.57 40.98
N SER N 614 -9.46 -66.26 42.01
CA SER N 614 -9.27 -67.71 42.11
C SER N 614 -10.22 -68.47 41.18
N GLN N 615 -11.42 -67.92 40.95
CA GLN N 615 -12.39 -68.57 40.07
C GLN N 615 -11.90 -68.74 38.63
N PRO N 616 -11.36 -67.73 37.96
CA PRO N 616 -11.07 -67.87 36.52
C PRO N 616 -9.70 -68.42 36.18
N ASN N 617 -8.91 -68.86 37.15
CA ASN N 617 -7.70 -69.60 36.80
C ASN N 617 -8.03 -70.91 36.09
N PRO N 618 -8.96 -71.75 36.58
CA PRO N 618 -9.41 -72.88 35.76
C PRO N 618 -10.02 -72.45 34.44
N GLU N 619 -10.74 -71.33 34.40
CA GLU N 619 -11.34 -70.86 33.16
C GLU N 619 -10.27 -70.52 32.12
N MET N 620 -9.20 -69.84 32.55
CA MET N 620 -8.16 -69.43 31.63
C MET N 620 -7.29 -70.62 31.20
N VAL N 621 -7.04 -71.57 32.10
CA VAL N 621 -6.30 -72.75 31.66
C VAL N 621 -7.17 -73.61 30.76
N LEU N 622 -8.50 -73.56 30.93
CA LEU N 622 -9.42 -74.26 30.06
C LEU N 622 -9.48 -73.65 28.67
N ALA N 623 -9.48 -72.31 28.59
CA ALA N 623 -9.57 -71.63 27.30
C ALA N 623 -8.38 -71.92 26.40
N GLN N 624 -7.23 -72.29 26.97
CA GLN N 624 -6.03 -72.55 26.18
C GLN N 624 -5.38 -73.88 26.55
N ALA N 625 -6.15 -74.83 27.10
CA ALA N 625 -5.62 -76.10 27.55
C ALA N 625 -5.71 -77.19 26.49
N GLN N 626 -5.65 -76.82 25.20
CA GLN N 626 -5.69 -77.83 24.15
C GLN N 626 -4.52 -78.79 24.24
N MET N 627 -3.40 -78.34 24.79
CA MET N 627 -2.25 -79.23 24.98
C MET N 627 -2.33 -80.02 26.27
N VAL N 628 -3.25 -79.67 27.18
CA VAL N 628 -3.32 -80.37 28.46
C VAL N 628 -3.80 -81.80 28.27
N ALA N 629 -4.75 -82.02 27.35
CA ALA N 629 -5.21 -83.37 27.08
C ALA N 629 -4.08 -84.24 26.52
N ALA N 630 -3.30 -83.69 25.58
CA ALA N 630 -2.16 -84.42 25.04
C ALA N 630 -1.12 -84.68 26.12
N GLN N 631 -0.90 -83.70 27.00
CA GLN N 631 0.06 -83.88 28.09
C GLN N 631 -0.37 -85.00 29.02
N ALA N 632 -1.67 -85.05 29.37
CA ALA N 632 -2.15 -86.14 30.21
C ALA N 632 -2.04 -87.49 29.51
N GLU N 633 -2.36 -87.53 28.22
CA GLU N 633 -2.24 -88.77 27.45
C GLU N 633 -0.80 -89.26 27.45
N ALA N 634 0.15 -88.37 27.17
CA ALA N 634 1.55 -88.76 27.14
C ALA N 634 2.07 -89.13 28.52
N GLN N 635 1.62 -88.41 29.57
CA GLN N 635 2.05 -88.74 30.92
C GLN N 635 1.59 -90.12 31.33
N LYS N 636 0.34 -90.48 31.03
CA LYS N 636 -0.10 -91.83 31.34
C LYS N 636 0.58 -92.86 30.43
N ALA N 637 0.86 -92.49 29.18
CA ALA N 637 1.58 -93.40 28.29
C ALA N 637 2.98 -93.69 28.82
N THR N 638 3.59 -92.73 29.52
CA THR N 638 4.90 -92.93 30.12
C THR N 638 4.92 -94.08 31.11
N ASN N 639 3.76 -94.46 31.65
CA ASN N 639 3.64 -95.66 32.47
C ASN N 639 2.99 -96.82 31.73
N GLU N 640 2.17 -96.53 30.72
CA GLU N 640 1.38 -97.57 30.07
C GLU N 640 2.14 -98.31 28.96
N THR N 641 2.91 -97.59 28.14
CA THR N 641 3.60 -98.23 27.02
C THR N 641 4.64 -99.24 27.48
N ALA N 642 5.06 -99.19 28.75
CA ALA N 642 6.02 -100.16 29.27
C ALA N 642 5.43 -101.55 29.37
N GLN N 643 4.11 -101.70 29.24
CA GLN N 643 3.54 -103.04 29.24
C GLN N 643 4.04 -103.85 28.07
N THR N 644 4.39 -103.20 26.96
CA THR N 644 4.96 -103.92 25.83
C THR N 644 6.34 -104.48 26.17
N GLN N 645 7.15 -103.70 26.88
CA GLN N 645 8.45 -104.21 27.34
C GLN N 645 8.25 -105.34 28.34
N ILE N 646 7.26 -105.22 29.21
CA ILE N 646 6.94 -106.30 30.14
C ILE N 646 6.56 -107.56 29.38
N LYS N 647 5.75 -107.41 28.32
CA LYS N 647 5.37 -108.54 27.50
C LYS N 647 6.58 -109.13 26.80
N ALA N 648 7.54 -108.30 26.37
CA ALA N 648 8.76 -108.82 25.75
C ALA N 648 9.57 -109.65 26.75
N PHE N 649 9.70 -109.16 27.99
CA PHE N 649 10.41 -109.93 29.01
C PHE N 649 9.70 -111.25 29.30
N THR N 650 8.38 -111.22 29.44
CA THR N 650 7.64 -112.45 29.68
C THR N 650 7.71 -113.39 28.48
N ALA N 651 7.81 -112.83 27.27
CA ALA N 651 7.95 -113.65 26.08
C ALA N 651 9.30 -114.34 26.04
N GLN N 652 10.35 -113.64 26.46
CA GLN N 652 11.67 -114.27 26.55
C GLN N 652 11.66 -115.39 27.59
N GLN N 653 10.99 -115.15 28.73
CA GLN N 653 10.88 -116.19 29.75
C GLN N 653 10.10 -117.40 29.21
N ASP N 654 8.99 -117.15 28.54
CA ASP N 654 8.22 -118.23 27.94
C ASP N 654 8.99 -118.91 26.81
N ALA N 655 9.92 -118.18 26.17
CA ALA N 655 10.74 -118.78 25.12
C ALA N 655 11.75 -119.76 25.70
N MET N 656 12.39 -119.41 26.81
CA MET N 656 13.22 -120.41 27.47
C MET N 656 12.40 -121.58 27.99
N GLU N 657 11.18 -121.30 28.49
CA GLU N 657 10.31 -122.39 28.92
C GLU N 657 9.99 -123.34 27.77
N SER N 658 9.63 -122.78 26.61
CA SER N 658 9.33 -123.58 25.43
C SER N 658 10.56 -124.34 24.94
N GLN N 659 11.74 -123.71 25.00
CA GLN N 659 12.97 -124.40 24.62
C GLN N 659 13.20 -125.61 25.51
N ALA N 660 13.02 -125.45 26.82
CA ALA N 660 13.19 -126.58 27.74
C ALA N 660 12.16 -127.67 27.45
N ASN N 661 10.91 -127.29 27.22
CA ASN N 661 9.86 -128.27 26.94
C ASN N 661 10.17 -129.04 25.66
N THR N 662 10.56 -128.34 24.60
CA THR N 662 10.83 -129.02 23.34
C THR N 662 12.08 -129.88 23.41
N VAL N 663 13.10 -129.44 24.14
CA VAL N 663 14.30 -130.27 24.33
C VAL N 663 13.94 -131.55 25.07
N TYR N 664 13.10 -131.44 26.11
CA TYR N 664 12.66 -132.65 26.81
C TYR N 664 11.86 -133.55 25.89
N LYS N 665 11.01 -132.97 25.04
CA LYS N 665 10.24 -133.78 24.10
C LYS N 665 11.16 -134.51 23.14
N LEU N 666 12.19 -133.83 22.65
CA LEU N 666 13.16 -134.48 21.77
C LEU N 666 13.87 -135.62 22.50
N ALA N 667 14.25 -135.40 23.76
CA ALA N 667 14.91 -136.45 24.52
C ALA N 667 14.00 -137.65 24.72
N GLN N 668 12.72 -137.41 25.00
CA GLN N 668 11.79 -138.50 25.23
C GLN N 668 11.43 -139.24 23.95
N ALA N 669 11.48 -138.55 22.80
CA ALA N 669 11.09 -139.16 21.54
C ALA N 669 12.01 -140.31 21.14
N ARG N 670 13.22 -140.38 21.70
CA ARG N 670 14.14 -141.45 21.34
C ARG N 670 13.67 -142.82 21.82
N ASN N 671 12.99 -142.86 22.97
CA ASN N 671 12.54 -144.11 23.57
C ASN N 671 13.68 -145.12 23.74
N PRO O 2 86.70 -45.36 -142.69
CA PRO O 2 86.92 -44.04 -142.11
C PRO O 2 85.61 -43.34 -141.73
N ASN O 3 84.56 -43.54 -142.53
CA ASN O 3 83.25 -42.97 -142.25
C ASN O 3 82.27 -44.12 -142.04
N ASN O 4 81.51 -44.04 -140.96
CA ASN O 4 80.51 -45.07 -140.67
C ASN O 4 79.08 -44.53 -140.60
N LEU O 5 78.85 -43.45 -139.85
CA LEU O 5 77.54 -42.82 -139.74
C LEU O 5 76.47 -43.85 -139.35
N ASP O 6 76.61 -44.37 -138.13
CA ASP O 6 75.68 -45.37 -137.63
C ASP O 6 74.40 -44.70 -137.12
N SER O 7 73.26 -45.16 -137.63
CA SER O 7 71.95 -44.73 -137.16
C SER O 7 71.16 -45.86 -136.53
N ASN O 8 71.84 -46.90 -136.04
CA ASN O 8 71.15 -47.97 -135.32
C ASN O 8 70.56 -47.46 -134.01
N VAL O 9 71.28 -46.56 -133.34
CA VAL O 9 70.83 -46.07 -132.04
C VAL O 9 69.60 -45.18 -132.20
N SER O 10 68.93 -44.94 -131.09
CA SER O 10 67.77 -44.07 -131.03
C SER O 10 67.98 -43.01 -129.95
N GLN O 11 67.24 -41.91 -130.05
CA GLN O 11 67.38 -40.80 -129.11
C GLN O 11 66.39 -41.01 -127.97
N ILE O 12 66.86 -41.62 -126.89
CA ILE O 12 66.00 -41.91 -125.75
C ILE O 12 65.91 -40.69 -124.85
N VAL O 13 64.67 -40.39 -124.43
CA VAL O 13 64.41 -39.38 -123.42
C VAL O 13 63.83 -40.11 -122.21
N LEU O 14 64.55 -40.09 -121.09
CA LEU O 14 64.14 -40.86 -119.93
C LEU O 14 62.91 -40.24 -119.26
N LYS O 15 62.15 -41.09 -118.58
CA LYS O 15 60.91 -40.68 -117.91
C LYS O 15 61.19 -40.22 -116.48
N LYS O 16 62.04 -39.22 -116.36
CA LYS O 16 62.38 -38.64 -115.06
C LYS O 16 62.41 -37.12 -115.18
N PHE O 17 62.03 -36.45 -114.10
CA PHE O 17 61.94 -35.00 -114.06
C PHE O 17 63.00 -34.44 -113.14
N LEU O 18 63.72 -33.42 -113.61
CA LEU O 18 64.73 -32.78 -112.78
C LEU O 18 64.07 -31.88 -111.74
N PRO O 19 64.73 -31.73 -110.55
CA PRO O 19 64.20 -30.89 -109.50
C PRO O 19 64.17 -29.44 -109.96
N GLY O 20 63.35 -28.63 -109.29
CA GLY O 20 63.17 -27.24 -109.71
C GLY O 20 63.18 -26.30 -108.53
N PHE O 21 63.03 -25.01 -108.78
CA PHE O 21 63.13 -24.01 -107.69
C PHE O 21 61.80 -23.87 -106.97
N MET O 22 61.82 -23.43 -105.69
CA MET O 22 60.59 -23.24 -104.89
C MET O 22 60.71 -21.97 -104.05
N SER O 23 59.59 -21.38 -103.62
CA SER O 23 59.58 -20.14 -102.79
C SER O 23 59.30 -20.46 -101.32
N ASP O 24 58.91 -19.46 -100.53
CA ASP O 24 58.54 -19.69 -99.10
C ASP O 24 57.19 -19.02 -98.81
N LEU O 25 56.38 -19.61 -97.93
CA LEU O 25 55.08 -19.01 -97.55
C LEU O 25 55.14 -18.60 -96.07
N VAL O 26 55.20 -17.31 -95.78
CA VAL O 26 55.14 -16.92 -94.34
C VAL O 26 54.05 -15.88 -94.10
N LEU O 27 53.87 -14.92 -95.00
CA LEU O 27 52.94 -13.80 -94.71
C LEU O 27 51.51 -14.29 -94.53
N ALA O 28 51.05 -15.24 -95.33
CA ALA O 28 49.61 -15.62 -95.22
C ALA O 28 49.29 -16.17 -93.83
N LYS O 29 50.16 -17.01 -93.29
CA LYS O 29 49.88 -17.64 -91.97
C LYS O 29 49.86 -16.58 -90.87
N THR O 30 50.79 -15.63 -90.89
CA THR O 30 50.91 -14.59 -89.84
C THR O 30 49.74 -13.59 -89.84
N VAL O 31 49.29 -13.12 -91.00
CA VAL O 31 48.23 -12.06 -91.07
C VAL O 31 46.89 -12.62 -90.58
N ASP O 32 46.01 -11.75 -90.06
CA ASP O 32 44.73 -12.22 -89.47
C ASP O 32 43.81 -12.82 -90.52
N ARG O 33 43.27 -14.03 -90.26
CA ARG O 33 42.34 -14.68 -91.21
C ARG O 33 40.97 -14.94 -90.57
N GLN O 34 40.88 -14.84 -89.24
CA GLN O 34 39.61 -15.14 -88.53
C GLN O 34 38.51 -14.13 -88.83
N LEU O 35 38.82 -12.84 -88.90
CA LEU O 35 37.76 -11.80 -89.01
C LEU O 35 37.03 -11.80 -90.36
N LEU O 36 37.73 -11.84 -91.50
CA LEU O 36 37.08 -11.72 -92.83
C LEU O 36 36.67 -13.10 -93.31
N ALA O 37 36.60 -14.07 -92.40
CA ALA O 37 36.31 -15.46 -92.80
C ALA O 37 34.81 -15.75 -92.81
N GLY O 38 34.23 -15.98 -93.99
CA GLY O 38 32.81 -16.36 -94.09
C GLY O 38 31.91 -15.14 -94.09
N GLU O 39 32.46 -13.98 -93.77
CA GLU O 39 31.63 -12.75 -93.67
C GLU O 39 31.11 -12.34 -95.03
N ILE O 40 31.92 -12.45 -96.10
CA ILE O 40 31.36 -12.16 -97.44
C ILE O 40 30.60 -13.41 -97.88
N ASN O 41 29.32 -13.26 -98.23
CA ASN O 41 28.47 -14.44 -98.55
C ASN O 41 27.45 -14.00 -99.58
N SER O 42 26.50 -14.88 -99.93
CA SER O 42 25.54 -14.58 -101.02
C SER O 42 24.75 -13.31 -100.72
N SER O 43 24.46 -13.03 -99.45
CA SER O 43 23.59 -11.88 -99.11
C SER O 43 24.36 -10.60 -98.83
N THR O 44 25.68 -10.57 -99.01
CA THR O 44 26.43 -9.38 -98.54
C THR O 44 26.99 -8.53 -99.67
N GLY O 45 26.80 -8.92 -100.93
CA GLY O 45 27.43 -8.16 -101.98
C GLY O 45 28.93 -8.37 -101.99
N ASP O 46 29.68 -7.45 -102.55
CA ASP O 46 31.13 -7.55 -102.64
C ASP O 46 31.83 -6.60 -101.67
N SER O 47 31.24 -6.39 -100.50
CA SER O 47 31.83 -5.48 -99.53
C SER O 47 31.30 -5.82 -98.13
N VAL O 48 32.21 -5.78 -97.15
CA VAL O 48 31.84 -5.94 -95.75
C VAL O 48 32.55 -4.85 -94.96
N SER O 49 32.02 -4.53 -93.78
CA SER O 49 32.53 -3.41 -93.00
C SER O 49 32.70 -3.80 -91.55
N PHE O 50 33.68 -3.17 -90.90
CA PHE O 50 33.93 -3.32 -89.47
C PHE O 50 33.98 -1.94 -88.83
N LYS O 51 33.53 -1.86 -87.59
CA LYS O 51 33.45 -0.56 -86.92
C LYS O 51 34.82 -0.14 -86.40
N ARG O 52 34.93 1.16 -86.09
CA ARG O 52 36.13 1.77 -85.55
C ARG O 52 35.94 2.17 -84.09
N PRO O 53 36.99 2.18 -83.28
CA PRO O 53 36.87 2.59 -81.88
C PRO O 53 36.66 4.09 -81.75
N HIS O 54 36.19 4.50 -80.58
CA HIS O 54 35.91 5.89 -80.28
C HIS O 54 37.00 6.48 -79.39
N GLN O 55 37.08 7.81 -79.41
CA GLN O 55 37.97 8.57 -78.55
C GLN O 55 37.22 9.74 -77.95
N PHE O 56 37.62 10.13 -76.74
CA PHE O 56 36.91 11.17 -75.99
C PHE O 56 37.91 12.18 -75.41
N SER O 57 37.39 13.37 -75.13
CA SER O 57 38.15 14.45 -74.52
C SER O 57 37.41 14.96 -73.30
N SER O 58 38.16 15.53 -72.35
CA SER O 58 37.64 15.89 -71.05
C SER O 58 37.57 17.40 -70.88
N LEU O 59 36.67 17.83 -69.99
CA LEU O 59 36.55 19.23 -69.61
C LEU O 59 37.44 19.54 -68.41
N ARG O 60 37.43 20.80 -67.98
CA ARG O 60 38.28 21.25 -66.88
C ARG O 60 37.58 22.42 -66.20
N THR O 61 37.00 22.17 -65.04
CA THR O 61 36.27 23.20 -64.31
C THR O 61 36.73 23.26 -62.86
N PRO O 62 36.67 24.44 -62.24
CA PRO O 62 37.06 24.55 -60.83
C PRO O 62 35.97 24.19 -59.84
N THR O 63 34.71 24.08 -60.28
CA THR O 63 33.63 23.73 -59.38
C THR O 63 32.79 22.57 -59.89
N GLY O 64 33.19 21.91 -60.98
CA GLY O 64 32.44 20.79 -61.49
C GLY O 64 31.19 21.16 -62.25
N ASP O 65 31.01 22.44 -62.59
CA ASP O 65 29.85 22.91 -63.31
C ASP O 65 30.21 23.07 -64.79
N ILE O 66 29.51 22.35 -65.66
CA ILE O 66 29.78 22.36 -67.08
C ILE O 66 28.57 22.80 -67.90
N SER O 67 27.70 23.61 -67.30
CA SER O 67 26.51 24.09 -68.01
C SER O 67 26.89 24.96 -69.22
N GLY O 68 27.86 25.84 -69.05
CA GLY O 68 28.21 26.77 -70.12
C GLY O 68 28.81 26.08 -71.33
N GLN O 69 29.73 25.15 -71.10
CA GLN O 69 30.49 24.55 -72.18
C GLN O 69 29.65 23.48 -72.89
N ASN O 70 30.27 22.78 -73.84
CA ASN O 70 29.59 21.79 -74.67
C ASN O 70 30.23 20.42 -74.51
N LYS O 71 29.44 19.39 -74.80
CA LYS O 71 29.85 18.01 -74.59
C LYS O 71 30.54 17.47 -75.84
N ASN O 72 30.81 16.16 -75.85
CA ASN O 72 31.43 15.52 -76.99
C ASN O 72 30.38 15.01 -77.98
N ASN O 73 30.82 14.75 -79.20
CA ASN O 73 29.99 14.13 -80.21
C ASN O 73 30.34 12.66 -80.35
N LEU O 74 29.60 11.96 -81.21
CA LEU O 74 29.78 10.53 -81.45
C LEU O 74 29.86 10.29 -82.94
N ILE O 75 31.07 10.40 -83.50
CA ILE O 75 31.32 10.13 -84.91
C ILE O 75 31.87 8.73 -85.04
N SER O 76 31.16 7.87 -85.78
CA SER O 76 31.56 6.48 -85.97
C SER O 76 32.07 6.28 -87.39
N GLY O 77 33.16 5.53 -87.51
CA GLY O 77 33.72 5.22 -88.80
C GLY O 77 33.84 3.73 -88.99
N LYS O 78 34.07 3.33 -90.24
CA LYS O 78 34.15 1.92 -90.58
C LYS O 78 35.30 1.68 -91.55
N ALA O 79 35.82 0.46 -91.52
CA ALA O 79 36.82 -0.02 -92.47
C ALA O 79 36.17 -1.08 -93.34
N THR O 80 36.36 -0.97 -94.65
CA THR O 80 35.67 -1.80 -95.62
C THR O 80 36.63 -2.74 -96.32
N GLY O 81 36.21 -3.99 -96.47
CA GLY O 81 36.93 -4.96 -97.26
C GLY O 81 36.09 -5.43 -98.43
N ARG O 82 36.75 -5.76 -99.53
CA ARG O 82 36.09 -6.13 -100.76
C ARG O 82 36.85 -7.25 -101.46
N VAL O 83 36.32 -7.70 -102.59
CA VAL O 83 36.89 -8.81 -103.34
C VAL O 83 37.88 -8.29 -104.36
N GLY O 84 38.77 -9.18 -104.80
CA GLY O 84 39.76 -8.83 -105.81
C GLY O 84 39.38 -9.34 -107.19
N ASN O 85 40.33 -9.99 -107.86
CA ASN O 85 40.11 -10.56 -109.17
C ASN O 85 40.42 -12.05 -109.15
N TYR O 86 39.93 -12.75 -110.17
CA TYR O 86 40.16 -14.18 -110.28
C TYR O 86 41.65 -14.48 -110.44
N ILE O 87 42.09 -15.60 -109.89
CA ILE O 87 43.42 -16.14 -110.14
C ILE O 87 43.21 -17.41 -110.95
N THR O 88 43.20 -17.26 -112.27
CA THR O 88 42.83 -18.33 -113.19
C THR O 88 44.06 -18.81 -113.94
N VAL O 89 44.22 -20.13 -114.00
CA VAL O 89 45.26 -20.76 -114.82
C VAL O 89 44.59 -21.78 -115.73
N ALA O 90 44.69 -21.59 -117.03
CA ALA O 90 43.99 -22.42 -117.99
C ALA O 90 44.95 -22.92 -119.06
N VAL O 91 44.74 -24.17 -119.49
CA VAL O 91 45.53 -24.77 -120.55
C VAL O 91 44.60 -25.49 -121.51
N GLU O 92 45.10 -25.73 -122.71
CA GLU O 92 44.36 -26.45 -123.75
C GLU O 92 45.35 -27.27 -124.56
N TYR O 93 44.86 -28.37 -125.13
CA TYR O 93 45.69 -29.19 -126.00
C TYR O 93 44.80 -29.96 -126.97
N GLN O 94 45.41 -30.45 -128.02
CA GLN O 94 44.71 -31.13 -129.10
C GLN O 94 44.52 -32.61 -128.79
N GLN O 95 43.49 -33.19 -129.41
CA GLN O 95 43.18 -34.60 -129.17
C GLN O 95 44.31 -35.51 -129.63
N LEU O 96 44.87 -35.24 -130.82
CA LEU O 96 45.98 -36.07 -131.28
C LEU O 96 47.22 -35.87 -130.44
N GLU O 97 47.45 -34.65 -129.95
CA GLU O 97 48.58 -34.42 -129.05
C GLU O 97 48.42 -35.23 -127.77
N GLU O 98 47.22 -35.25 -127.21
CA GLU O 98 46.96 -36.12 -126.06
C GLU O 98 47.10 -37.58 -126.42
N ALA O 99 46.81 -37.95 -127.66
CA ALA O 99 46.90 -39.35 -128.07
C ALA O 99 48.33 -39.85 -128.19
N ILE O 100 49.23 -39.05 -128.79
CA ILE O 100 50.56 -39.53 -129.16
C ILE O 100 51.66 -38.85 -128.33
N LYS O 101 51.58 -37.53 -128.17
CA LYS O 101 52.72 -36.79 -127.63
C LYS O 101 52.71 -36.72 -126.11
N LEU O 102 51.53 -36.54 -125.51
CA LEU O 102 51.45 -36.26 -124.08
C LEU O 102 51.72 -37.53 -123.27
N ASN O 103 52.78 -37.50 -122.47
CA ASN O 103 53.11 -38.55 -121.52
C ASN O 103 53.34 -37.93 -120.16
N GLN O 104 52.91 -38.63 -119.11
CA GLN O 104 53.04 -38.15 -117.73
C GLN O 104 52.36 -36.79 -117.56
N LEU O 105 51.12 -36.71 -118.06
CA LEU O 105 50.38 -35.45 -118.01
C LEU O 105 50.12 -35.01 -116.57
N GLU O 106 49.89 -35.95 -115.67
CA GLU O 106 49.67 -35.60 -114.27
C GLU O 106 50.92 -34.95 -113.68
N GLU O 107 52.09 -35.52 -113.95
CA GLU O 107 53.33 -34.93 -113.48
C GLU O 107 53.61 -33.59 -114.15
N ILE O 108 53.19 -33.43 -115.39
CA ILE O 108 53.35 -32.14 -116.07
C ILE O 108 52.49 -31.08 -115.40
N LEU O 109 51.24 -31.42 -115.06
CA LEU O 109 50.27 -30.46 -114.56
C LEU O 109 50.30 -30.31 -113.04
N ALA O 110 51.13 -31.09 -112.34
CA ALA O 110 51.19 -30.99 -110.89
C ALA O 110 51.46 -29.59 -110.32
N PRO O 111 52.43 -28.79 -110.82
CA PRO O 111 52.82 -27.58 -110.08
C PRO O 111 51.91 -26.37 -110.26
N VAL O 112 50.75 -26.58 -110.85
CA VAL O 112 49.84 -25.45 -111.17
C VAL O 112 49.32 -24.89 -109.85
N ARG O 113 49.10 -25.78 -108.90
CA ARG O 113 48.61 -25.34 -107.57
C ARG O 113 49.66 -24.43 -106.94
N GLN O 114 50.94 -24.75 -107.11
CA GLN O 114 52.01 -23.94 -106.49
C GLN O 114 51.91 -22.53 -107.07
N ARG O 115 51.70 -22.38 -108.38
CA ARG O 115 51.71 -21.01 -108.96
C ARG O 115 50.54 -20.21 -108.39
N ILE O 116 49.36 -20.82 -108.23
CA ILE O 116 48.20 -20.00 -107.77
C ILE O 116 48.52 -19.48 -106.37
N VAL O 117 49.06 -20.33 -105.49
CA VAL O 117 49.37 -19.92 -104.08
C VAL O 117 50.49 -18.88 -104.06
N THR O 118 51.50 -19.02 -104.91
CA THR O 118 52.56 -18.00 -104.97
C THR O 118 51.91 -16.68 -105.38
N ASP O 119 50.97 -16.72 -106.33
CA ASP O 119 50.37 -15.46 -106.82
C ASP O 119 49.58 -14.76 -105.71
N LEU O 120 48.89 -15.52 -104.86
CA LEU O 120 48.15 -14.92 -103.72
C LEU O 120 49.15 -14.25 -102.76
N GLU O 121 50.28 -14.89 -102.48
CA GLU O 121 51.31 -14.28 -101.61
C GLU O 121 51.92 -13.03 -102.22
N THR O 122 52.25 -13.04 -103.52
CA THR O 122 52.93 -11.87 -104.12
C THR O 122 52.00 -10.67 -104.06
N GLU O 123 50.71 -10.88 -104.32
CA GLU O 123 49.72 -9.77 -104.22
C GLU O 123 49.65 -9.31 -102.77
N LEU O 124 49.65 -10.24 -101.81
CA LEU O 124 49.49 -9.83 -100.40
C LEU O 124 50.67 -8.95 -100.00
N ALA O 125 51.89 -9.31 -100.38
CA ALA O 125 53.05 -8.46 -100.08
C ALA O 125 52.90 -7.11 -100.77
N HIS O 126 52.52 -7.11 -102.04
CA HIS O 126 52.40 -5.85 -102.80
C HIS O 126 51.31 -5.02 -102.15
N PHE O 127 50.22 -5.66 -101.74
CA PHE O 127 49.13 -4.93 -101.06
C PHE O 127 49.72 -4.31 -99.81
N MET O 128 50.33 -5.14 -98.98
CA MET O 128 50.92 -4.63 -97.74
C MET O 128 51.89 -3.49 -98.02
N MET O 129 52.75 -3.64 -99.02
CA MET O 129 53.72 -2.61 -99.34
C MET O 129 53.03 -1.32 -99.75
N ASN O 130 51.94 -1.43 -100.51
CA ASN O 130 51.22 -0.24 -100.94
C ASN O 130 50.46 0.41 -99.79
N ASN O 131 49.98 -0.36 -98.82
CA ASN O 131 49.09 0.18 -97.80
C ASN O 131 49.82 0.65 -96.54
N GLY O 132 50.96 0.06 -96.20
CA GLY O 132 51.65 0.46 -94.98
C GLY O 132 52.10 1.91 -95.04
N ALA O 133 52.09 2.56 -93.87
CA ALA O 133 52.36 3.99 -93.80
C ALA O 133 53.30 4.32 -92.65
N LEU O 134 54.36 3.52 -92.49
CA LEU O 134 55.38 3.77 -91.48
C LEU O 134 56.76 3.61 -92.10
N SER O 135 57.71 4.44 -91.67
CA SER O 135 59.06 4.40 -92.19
C SER O 135 60.07 4.52 -91.06
N LEU O 136 61.20 3.84 -91.24
CA LEU O 136 62.28 3.84 -90.26
C LEU O 136 63.60 3.79 -91.00
N GLY O 137 64.51 4.71 -90.69
CA GLY O 137 65.83 4.68 -91.27
C GLY O 137 65.88 5.22 -92.68
N SER O 138 67.05 5.05 -93.30
CA SER O 138 67.34 5.45 -94.66
C SER O 138 67.43 4.23 -95.57
N PRO O 139 66.85 4.30 -96.78
CA PRO O 139 66.78 3.11 -97.63
C PRO O 139 68.13 2.53 -98.03
N ASN O 140 69.15 3.38 -98.22
CA ASN O 140 70.42 2.93 -98.74
C ASN O 140 71.29 2.22 -97.72
N THR O 141 70.94 2.28 -96.44
CA THR O 141 71.79 1.67 -95.42
C THR O 141 71.34 0.24 -95.14
N PRO O 142 72.23 -0.74 -95.24
CA PRO O 142 71.83 -2.13 -94.96
C PRO O 142 71.57 -2.35 -93.49
N ILE O 143 70.82 -3.41 -93.20
CA ILE O 143 70.47 -3.79 -91.84
C ILE O 143 71.60 -4.66 -91.28
N THR O 144 72.33 -4.13 -90.31
CA THR O 144 73.50 -4.83 -89.77
C THR O 144 73.39 -5.10 -88.27
N LYS O 145 73.04 -4.10 -87.47
CA LYS O 145 73.19 -4.20 -86.03
C LYS O 145 71.89 -4.60 -85.34
N TRP O 146 72.00 -4.84 -84.03
CA TRP O 146 70.86 -5.24 -83.23
C TRP O 146 69.84 -4.11 -83.08
N SER O 147 70.33 -2.87 -82.97
CA SER O 147 69.43 -1.74 -82.85
C SER O 147 68.57 -1.58 -84.11
N ASP O 148 69.12 -1.95 -85.27
CA ASP O 148 68.38 -1.84 -86.52
C ASP O 148 67.10 -2.68 -86.51
N VAL O 149 67.04 -3.71 -85.68
CA VAL O 149 65.83 -4.50 -85.53
C VAL O 149 65.05 -4.13 -84.27
N ALA O 150 65.73 -3.76 -83.19
CA ALA O 150 65.02 -3.39 -81.97
C ALA O 150 64.26 -2.08 -82.13
N GLN O 151 64.65 -1.25 -83.10
CA GLN O 151 63.97 0.03 -83.31
C GLN O 151 62.51 -0.16 -83.68
N THR O 152 62.19 -1.19 -84.45
CA THR O 152 60.82 -1.43 -84.85
C THR O 152 59.93 -1.71 -83.63
N ALA O 153 60.39 -2.59 -82.75
CA ALA O 153 59.64 -2.89 -81.54
C ALA O 153 59.51 -1.65 -80.66
N SER O 154 60.59 -0.88 -80.54
CA SER O 154 60.53 0.33 -79.71
C SER O 154 59.53 1.33 -80.27
N PHE O 155 59.51 1.53 -81.60
CA PHE O 155 58.57 2.45 -82.20
C PHE O 155 57.13 1.98 -82.02
N LEU O 156 56.89 0.68 -82.23
CA LEU O 156 55.54 0.16 -82.06
C LEU O 156 55.06 0.31 -80.62
N LYS O 157 55.94 0.06 -79.65
CA LYS O 157 55.58 0.26 -78.25
C LYS O 157 55.30 1.74 -77.97
N ASP O 158 56.11 2.63 -78.53
CA ASP O 158 55.94 4.05 -78.25
C ASP O 158 54.66 4.60 -78.86
N LEU O 159 54.27 4.10 -80.04
CA LEU O 159 53.05 4.58 -80.66
C LEU O 159 51.82 4.23 -79.85
N GLY O 160 51.89 3.15 -79.07
CA GLY O 160 50.77 2.76 -78.23
C GLY O 160 50.00 1.57 -78.76
N VAL O 161 50.71 0.59 -79.31
CA VAL O 161 50.10 -0.62 -79.86
C VAL O 161 50.39 -1.77 -78.92
N ASN O 162 49.33 -2.39 -78.39
CA ASN O 162 49.46 -3.47 -77.43
C ASN O 162 48.82 -4.77 -77.90
N GLU O 163 47.60 -4.70 -78.43
CA GLU O 163 46.86 -5.92 -78.76
C GLU O 163 47.55 -6.66 -79.90
N GLY O 164 47.68 -7.97 -79.74
CA GLY O 164 48.34 -8.80 -80.73
C GLY O 164 49.86 -8.73 -80.63
N GLU O 165 50.51 -9.55 -81.43
CA GLU O 165 51.96 -9.59 -81.48
C GLU O 165 52.48 -8.94 -82.76
N ASN O 166 53.75 -8.55 -82.74
CA ASN O 166 54.36 -7.80 -83.82
C ASN O 166 55.38 -8.68 -84.53
N TYR O 167 55.34 -8.65 -85.87
CA TYR O 167 56.22 -9.46 -86.70
C TYR O 167 57.13 -8.56 -87.53
N ALA O 168 58.29 -9.09 -87.88
CA ALA O 168 59.23 -8.42 -88.77
C ALA O 168 59.83 -9.45 -89.70
N VAL O 169 59.67 -9.25 -91.01
CA VAL O 169 60.09 -10.20 -92.03
C VAL O 169 61.38 -9.71 -92.65
N MET O 170 62.39 -10.58 -92.70
CA MET O 170 63.70 -10.24 -93.22
C MET O 170 64.14 -11.23 -94.28
N ASP O 171 65.05 -10.79 -95.12
CA ASP O 171 65.59 -11.57 -96.23
C ASP O 171 66.85 -12.33 -95.81
N PRO O 172 67.26 -13.34 -96.59
CA PRO O 172 68.41 -14.16 -96.17
C PRO O 172 69.70 -13.36 -95.95
N TRP O 173 69.93 -12.30 -96.71
CA TRP O 173 71.15 -11.53 -96.51
C TRP O 173 71.16 -10.83 -95.17
N SER O 174 70.03 -10.23 -94.78
CA SER O 174 69.95 -9.62 -93.45
C SER O 174 70.03 -10.68 -92.36
N ALA O 175 69.43 -11.85 -92.59
CA ALA O 175 69.57 -12.93 -91.60
C ALA O 175 71.02 -13.33 -91.42
N GLN O 176 71.77 -13.44 -92.53
CA GLN O 176 73.18 -13.79 -92.46
C GLN O 176 73.97 -12.72 -91.71
N ARG O 177 73.70 -11.44 -92.00
CA ARG O 177 74.42 -10.38 -91.32
C ARG O 177 74.11 -10.37 -89.83
N LEU O 178 72.85 -10.62 -89.46
CA LEU O 178 72.49 -10.69 -88.05
C LEU O 178 73.18 -11.87 -87.36
N ALA O 179 73.26 -13.03 -88.04
CA ALA O 179 73.98 -14.16 -87.48
C ALA O 179 75.47 -13.85 -87.33
N ASP O 180 76.04 -13.15 -88.29
CA ASP O 180 77.44 -12.73 -88.19
C ASP O 180 77.65 -11.86 -86.97
N ALA O 181 76.75 -10.89 -86.75
CA ALA O 181 76.84 -10.05 -85.56
C ALA O 181 76.69 -10.88 -84.29
N GLN O 182 75.79 -11.87 -84.31
CA GLN O 182 75.54 -12.67 -83.13
C GLN O 182 76.73 -13.57 -82.79
N THR O 183 77.51 -13.96 -83.79
CA THR O 183 78.67 -14.82 -83.54
C THR O 183 79.71 -14.18 -82.65
N GLY O 184 79.55 -12.91 -82.28
CA GLY O 184 80.54 -12.22 -81.46
C GLY O 184 80.12 -11.99 -80.02
N LEU O 185 79.10 -12.69 -79.55
CA LEU O 185 78.66 -12.57 -78.16
C LEU O 185 79.68 -13.23 -77.24
N HIS O 186 79.58 -12.90 -75.96
CA HIS O 186 80.59 -13.26 -74.97
C HIS O 186 80.10 -14.30 -73.96
N ALA O 187 78.81 -14.59 -73.93
CA ALA O 187 78.36 -15.35 -72.78
C ALA O 187 77.58 -16.62 -73.10
N SER O 188 76.74 -16.60 -74.13
CA SER O 188 75.81 -17.70 -74.40
C SER O 188 76.48 -18.70 -75.34
N ASP O 189 77.01 -19.77 -74.77
CA ASP O 189 77.71 -20.78 -75.56
C ASP O 189 76.77 -21.44 -76.56
N GLN O 190 75.56 -21.79 -76.11
CA GLN O 190 74.60 -22.43 -77.02
C GLN O 190 74.26 -21.51 -78.19
N LEU O 191 74.02 -20.23 -77.91
CA LEU O 191 73.63 -19.32 -78.98
C LEU O 191 74.76 -19.07 -79.96
N VAL O 192 75.99 -18.86 -79.44
CA VAL O 192 77.10 -18.63 -80.35
C VAL O 192 77.40 -19.89 -81.16
N ARG O 193 77.25 -21.08 -80.56
CA ARG O 193 77.46 -22.31 -81.31
C ARG O 193 76.41 -22.48 -82.40
N THR O 194 75.16 -22.16 -82.10
CA THR O 194 74.11 -22.24 -83.11
C THR O 194 74.39 -21.29 -84.26
N ALA O 195 74.81 -20.06 -83.94
CA ALA O 195 75.12 -19.09 -84.99
C ALA O 195 76.31 -19.54 -85.83
N TRP O 196 77.33 -20.13 -85.19
CA TRP O 196 78.51 -20.57 -85.92
C TRP O 196 78.20 -21.77 -86.81
N GLU O 197 77.34 -22.67 -86.34
CA GLU O 197 77.06 -23.89 -87.09
C GLU O 197 76.03 -23.65 -88.20
N ASN O 198 74.83 -23.24 -87.83
CA ASN O 198 73.72 -23.19 -88.78
C ASN O 198 73.35 -21.78 -89.22
N ALA O 199 73.92 -20.74 -88.61
CA ALA O 199 73.63 -19.35 -88.97
C ALA O 199 72.13 -19.04 -88.85
N GLN O 200 71.55 -19.45 -87.72
CA GLN O 200 70.13 -19.26 -87.46
C GLN O 200 69.97 -18.35 -86.25
N ILE O 201 69.24 -17.25 -86.43
CA ILE O 201 68.91 -16.34 -85.34
C ILE O 201 67.76 -16.97 -84.54
N PRO O 202 67.57 -16.61 -83.26
CA PRO O 202 66.53 -17.26 -82.47
C PRO O 202 65.13 -16.88 -82.89
N THR O 203 64.12 -17.45 -82.22
CA THR O 203 62.74 -17.17 -82.56
C THR O 203 62.39 -15.69 -82.32
N ASN O 204 62.82 -15.15 -81.19
CA ASN O 204 62.61 -13.74 -80.87
C ASN O 204 63.91 -12.97 -81.02
N PHE O 205 63.79 -11.73 -81.49
CA PHE O 205 64.96 -10.89 -81.72
C PHE O 205 64.57 -9.45 -81.45
N GLY O 206 64.96 -8.92 -80.30
CA GLY O 206 64.62 -7.56 -79.95
C GLY O 206 63.19 -7.35 -79.53
N GLY O 207 62.49 -8.40 -79.11
CA GLY O 207 61.12 -8.28 -78.64
C GLY O 207 60.06 -8.37 -79.72
N ILE O 208 60.44 -8.47 -80.99
CA ILE O 208 59.50 -8.56 -82.10
C ILE O 208 59.80 -9.84 -82.85
N ARG O 209 58.75 -10.61 -83.17
CA ARG O 209 58.95 -11.93 -83.75
C ARG O 209 59.59 -11.81 -85.12
N ALA O 210 60.78 -12.37 -85.27
CA ALA O 210 61.55 -12.26 -86.50
C ALA O 210 61.30 -13.46 -87.39
N LEU O 211 60.99 -13.20 -88.65
CA LEU O 211 60.71 -14.24 -89.63
C LEU O 211 61.67 -14.12 -90.80
N MET O 212 62.02 -15.25 -91.39
CA MET O 212 62.87 -15.29 -92.58
C MET O 212 62.03 -15.74 -93.76
N SER O 213 62.11 -14.99 -94.86
CA SER O 213 61.32 -15.30 -96.05
C SER O 213 62.07 -14.83 -97.28
N ASN O 214 62.32 -15.74 -98.20
CA ASN O 214 63.00 -15.41 -99.45
C ASN O 214 62.06 -14.91 -100.53
N GLY O 215 60.74 -14.98 -100.30
CA GLY O 215 59.79 -14.45 -101.25
C GLY O 215 59.17 -13.15 -100.78
N LEU O 216 59.61 -12.04 -101.35
CA LEU O 216 59.18 -10.71 -100.91
C LEU O 216 58.96 -9.85 -102.15
N ALA O 217 58.48 -8.64 -101.94
CA ALA O 217 58.17 -7.72 -103.03
C ALA O 217 59.39 -6.87 -103.37
N SER O 218 59.34 -6.25 -104.55
CA SER O 218 60.39 -5.36 -105.00
C SER O 218 59.75 -4.20 -105.75
N ARG O 219 60.45 -3.07 -105.80
CA ARG O 219 59.89 -1.92 -106.48
C ARG O 219 60.99 -1.03 -107.02
N THR O 220 60.71 -0.39 -108.14
CA THR O 220 61.53 0.67 -108.69
C THR O 220 60.95 2.01 -108.24
N GLN O 221 61.80 2.89 -107.70
CA GLN O 221 61.28 4.03 -106.96
C GLN O 221 60.72 5.11 -107.88
N GLY O 222 61.13 5.14 -109.14
CA GLY O 222 60.59 6.11 -110.07
C GLY O 222 61.25 7.47 -109.98
N ALA O 223 61.62 8.04 -111.12
CA ALA O 223 62.41 9.26 -111.14
C ALA O 223 61.61 10.46 -110.63
N PHE O 224 62.27 11.30 -109.84
CA PHE O 224 61.70 12.54 -109.34
C PHE O 224 62.84 13.51 -109.05
N GLY O 225 62.50 14.67 -108.53
CA GLY O 225 63.51 15.66 -108.19
C GLY O 225 62.90 17.02 -107.98
N GLY O 226 63.73 17.92 -107.47
CA GLY O 226 63.30 19.28 -107.19
C GLY O 226 62.71 19.43 -105.80
N THR O 227 62.64 20.68 -105.35
CA THR O 227 62.06 20.99 -104.05
C THR O 227 60.55 20.92 -104.14
N LEU O 228 59.94 20.14 -103.25
CA LEU O 228 58.49 19.93 -103.26
C LEU O 228 57.85 20.61 -102.06
N THR O 229 56.83 21.42 -102.32
CA THR O 229 56.05 22.07 -101.28
C THR O 229 54.57 21.96 -101.61
N VAL O 230 53.74 21.93 -100.57
CA VAL O 230 52.30 21.81 -100.77
C VAL O 230 51.75 23.11 -101.34
N LYS O 231 50.89 22.99 -102.35
CA LYS O 231 50.29 24.16 -102.98
C LYS O 231 49.16 24.73 -102.12
N THR O 232 48.19 23.89 -101.76
CA THR O 232 47.01 24.32 -101.03
C THR O 232 46.83 23.44 -99.80
N GLN O 233 46.34 24.05 -98.72
CA GLN O 233 46.10 23.31 -97.49
C GLN O 233 45.00 22.27 -97.72
N PRO O 234 45.27 21.00 -97.44
CA PRO O 234 44.25 19.96 -97.65
C PRO O 234 43.23 19.97 -96.51
N THR O 235 42.21 19.12 -96.66
CA THR O 235 41.18 18.94 -95.64
C THR O 235 41.37 17.56 -95.02
N VAL O 236 41.81 17.54 -93.76
CA VAL O 236 42.15 16.30 -93.09
C VAL O 236 41.32 16.12 -91.83
N THR O 237 40.11 16.65 -91.84
CA THR O 237 39.21 16.49 -90.70
C THR O 237 38.78 15.03 -90.57
N TYR O 238 38.55 14.61 -89.33
CA TYR O 238 38.14 13.23 -89.09
C TYR O 238 36.80 12.92 -89.73
N ASN O 239 35.91 13.91 -89.80
CA ASN O 239 34.64 13.68 -90.49
C ASN O 239 34.86 13.34 -91.95
N ALA O 240 35.84 13.98 -92.59
CA ALA O 240 36.13 13.70 -93.99
C ALA O 240 36.86 12.37 -94.16
N VAL O 241 37.81 12.06 -93.28
CA VAL O 241 38.68 10.91 -93.50
C VAL O 241 38.34 9.76 -92.56
N LYS O 242 37.10 9.71 -92.09
CA LYS O 242 36.68 8.71 -91.12
C LYS O 242 36.37 7.36 -91.74
N ASP O 243 36.49 7.20 -93.05
CA ASP O 243 36.10 5.95 -93.69
C ASP O 243 37.21 5.26 -94.47
N SER O 244 38.33 5.92 -94.77
CA SER O 244 39.35 5.29 -95.58
C SER O 244 40.76 5.46 -95.02
N TYR O 245 40.99 6.53 -94.27
CA TYR O 245 42.35 6.95 -93.91
C TYR O 245 43.22 7.14 -95.14
N GLN O 246 42.63 7.69 -96.20
CA GLN O 246 43.36 8.09 -97.38
C GLN O 246 42.98 9.53 -97.71
N PHE O 247 43.95 10.30 -98.19
CA PHE O 247 43.66 11.69 -98.51
C PHE O 247 44.49 12.15 -99.69
N THR O 248 43.94 13.10 -100.45
CA THR O 248 44.55 13.60 -101.67
C THR O 248 45.21 14.94 -101.40
N VAL O 249 46.40 15.14 -101.97
CA VAL O 249 47.16 16.36 -101.75
C VAL O 249 47.95 16.68 -103.01
N THR O 250 48.17 17.97 -103.25
CA THR O 250 48.92 18.46 -104.40
C THR O 250 50.20 19.14 -103.94
N LEU O 251 51.28 18.89 -104.67
CA LEU O 251 52.60 19.42 -104.36
C LEU O 251 53.12 20.23 -105.55
N THR O 252 53.69 21.38 -105.25
CA THR O 252 54.21 22.29 -106.27
C THR O 252 55.73 22.32 -106.22
N GLY O 253 56.32 22.93 -107.25
CA GLY O 253 57.75 23.02 -107.35
C GLY O 253 58.44 21.82 -107.96
N ALA O 254 57.69 20.88 -108.52
CA ALA O 254 58.28 19.67 -109.08
C ALA O 254 58.87 19.96 -110.47
N THR O 255 59.41 18.90 -111.07
CA THR O 255 59.93 18.99 -112.42
C THR O 255 58.78 19.28 -113.40
N ALA O 256 59.10 19.96 -114.50
CA ALA O 256 58.12 20.49 -115.42
C ALA O 256 57.10 19.45 -115.89
N SER O 257 57.56 18.41 -116.58
CA SER O 257 56.65 17.38 -117.10
C SER O 257 57.44 16.09 -117.31
N VAL O 258 57.27 15.14 -116.39
CA VAL O 258 57.86 13.81 -116.51
C VAL O 258 56.76 12.80 -116.21
N THR O 259 56.59 11.82 -117.10
CA THR O 259 55.62 10.77 -116.87
C THR O 259 56.11 9.84 -115.76
N GLY O 260 55.17 9.33 -114.98
CA GLY O 260 55.51 8.47 -113.87
C GLY O 260 56.36 9.17 -112.81
N PHE O 261 55.97 10.38 -112.42
CA PHE O 261 56.76 11.13 -111.45
C PHE O 261 56.84 10.39 -110.12
N LEU O 262 55.71 9.88 -109.64
CA LEU O 262 55.67 9.14 -108.38
C LEU O 262 55.00 7.80 -108.62
N LYS O 263 55.68 6.73 -108.23
CA LYS O 263 55.14 5.38 -108.38
C LYS O 263 54.60 4.88 -107.05
N ALA O 264 53.76 3.84 -107.13
CA ALA O 264 53.14 3.29 -105.94
C ALA O 264 54.20 2.70 -105.00
N GLY O 265 53.98 2.87 -103.70
CA GLY O 265 54.90 2.42 -102.70
C GLY O 265 55.89 3.46 -102.22
N ASP O 266 55.98 4.59 -102.90
CA ASP O 266 56.91 5.64 -102.49
C ASP O 266 56.45 6.25 -101.18
N GLN O 267 57.41 6.86 -100.47
CA GLN O 267 57.16 7.39 -99.14
C GLN O 267 57.48 8.87 -99.10
N VAL O 268 56.51 9.67 -98.65
CA VAL O 268 56.63 11.11 -98.55
C VAL O 268 56.65 11.49 -97.08
N LYS O 269 57.64 12.30 -96.70
CA LYS O 269 57.89 12.66 -95.31
C LYS O 269 57.69 14.16 -95.14
N PHE O 270 56.90 14.55 -94.15
CA PHE O 270 56.67 15.95 -93.83
C PHE O 270 57.66 16.35 -92.74
N THR O 271 58.50 17.34 -93.02
CA THR O 271 59.67 17.60 -92.19
C THR O 271 59.29 18.13 -90.81
N ASN O 272 58.40 19.11 -90.76
CA ASN O 272 58.10 19.86 -89.54
C ASN O 272 56.71 19.55 -88.99
N THR O 273 56.30 18.29 -89.04
CA THR O 273 54.96 17.87 -88.62
C THR O 273 55.09 16.51 -87.96
N TYR O 274 54.97 16.47 -86.64
CA TYR O 274 55.45 15.33 -85.84
C TYR O 274 54.33 14.37 -85.44
N TRP O 275 54.73 13.12 -85.18
CA TRP O 275 53.81 12.12 -84.64
C TRP O 275 53.48 12.41 -83.18
N LEU O 276 52.33 11.90 -82.73
CA LEU O 276 51.97 11.91 -81.32
C LEU O 276 51.56 10.51 -80.87
N GLN O 277 51.79 10.23 -79.58
CA GLN O 277 51.21 9.04 -78.98
C GLN O 277 49.69 9.14 -79.03
N GLN O 278 49.04 8.05 -79.46
CA GLN O 278 47.61 8.13 -79.73
C GLN O 278 46.80 8.31 -78.45
N GLN O 279 47.24 7.68 -77.35
CA GLN O 279 46.46 7.72 -76.12
C GLN O 279 46.70 8.99 -75.30
N THR O 280 47.96 9.41 -75.19
CA THR O 280 48.30 10.55 -74.35
C THR O 280 48.34 11.87 -75.12
N LYS O 281 48.51 11.80 -76.44
CA LYS O 281 48.62 13.00 -77.29
C LYS O 281 49.85 13.82 -76.94
N GLN O 282 51.00 13.16 -76.86
CA GLN O 282 52.29 13.81 -76.67
C GLN O 282 53.20 13.46 -77.85
N ALA O 283 53.98 14.44 -78.30
CA ALA O 283 54.85 14.23 -79.44
C ALA O 283 55.93 13.20 -79.12
N LEU O 284 56.36 12.47 -80.15
CA LEU O 284 57.41 11.47 -79.99
C LEU O 284 58.77 12.12 -80.21
N TYR O 285 59.69 11.86 -79.28
CA TYR O 285 61.04 12.40 -79.35
C TYR O 285 62.04 11.28 -79.08
N ASN O 286 63.03 11.16 -79.94
CA ASN O 286 64.16 10.26 -79.71
C ASN O 286 65.36 11.12 -79.33
N GLY O 287 65.52 11.36 -78.04
CA GLY O 287 66.54 12.31 -77.61
C GLY O 287 66.08 13.72 -77.92
N ALA O 288 66.67 14.32 -78.96
CA ALA O 288 66.32 15.66 -79.39
C ALA O 288 65.66 15.70 -80.77
N THR O 289 65.66 14.58 -81.50
CA THR O 289 65.13 14.56 -82.86
C THR O 289 63.69 14.06 -82.82
N PRO O 290 62.71 14.88 -83.18
CA PRO O 290 61.32 14.40 -83.23
C PRO O 290 61.02 13.59 -84.46
N ILE O 291 60.26 12.49 -84.30
CA ILE O 291 59.89 11.69 -85.45
C ILE O 291 58.86 12.44 -86.28
N SER O 292 59.08 12.49 -87.59
CA SER O 292 58.26 13.25 -88.51
C SER O 292 57.22 12.36 -89.18
N PHE O 293 56.12 12.99 -89.58
CA PHE O 293 55.02 12.28 -90.22
C PHE O 293 55.44 11.76 -91.59
N THR O 294 54.92 10.58 -91.95
CA THR O 294 55.23 9.97 -93.23
C THR O 294 53.96 9.34 -93.79
N ALA O 295 53.95 9.17 -95.11
CA ALA O 295 52.79 8.61 -95.79
C ALA O 295 53.26 7.87 -97.04
N THR O 296 52.39 7.01 -97.55
CA THR O 296 52.70 6.14 -98.68
C THR O 296 51.80 6.47 -99.86
N VAL O 297 52.39 6.57 -101.05
CA VAL O 297 51.66 6.83 -102.28
C VAL O 297 51.01 5.54 -102.75
N THR O 298 49.70 5.59 -102.99
CA THR O 298 48.96 4.38 -103.35
C THR O 298 48.91 4.18 -104.86
N ALA O 299 48.71 5.24 -105.62
CA ALA O 299 48.55 5.15 -107.07
C ALA O 299 49.57 6.04 -107.75
N ASP O 300 49.94 5.64 -108.97
CA ASP O 300 50.94 6.36 -109.74
C ASP O 300 50.42 7.76 -110.07
N ALA O 301 51.36 8.72 -110.11
CA ALA O 301 51.01 10.11 -110.34
C ALA O 301 52.03 10.76 -111.26
N ASN O 302 51.54 11.53 -112.22
CA ASN O 302 52.35 12.28 -113.17
C ASN O 302 52.35 13.76 -112.81
N SER O 303 53.28 14.49 -113.41
CA SER O 303 53.43 15.92 -113.19
C SER O 303 53.12 16.68 -114.46
N ASP O 304 52.24 17.67 -114.36
CA ASP O 304 51.89 18.49 -115.51
C ASP O 304 52.76 19.74 -115.54
N SER O 305 52.78 20.39 -116.71
CA SER O 305 53.59 21.59 -116.90
C SER O 305 53.19 22.67 -115.91
N GLY O 306 54.20 23.30 -115.31
CA GLY O 306 53.99 24.27 -114.26
C GLY O 306 54.38 23.80 -112.89
N GLY O 307 54.77 22.54 -112.74
CA GLY O 307 55.22 22.04 -111.45
C GLY O 307 54.09 21.73 -110.48
N ASP O 308 53.25 20.76 -110.81
CA ASP O 308 52.17 20.33 -109.93
C ASP O 308 52.00 18.82 -110.02
N VAL O 309 51.93 18.16 -108.87
CA VAL O 309 51.71 16.72 -108.79
C VAL O 309 50.59 16.47 -107.80
N THR O 310 49.56 15.74 -108.23
CA THR O 310 48.45 15.36 -107.37
C THR O 310 48.58 13.89 -106.99
N VAL O 311 48.60 13.61 -105.68
CA VAL O 311 48.81 12.25 -105.19
C VAL O 311 47.74 11.93 -104.15
N THR O 312 47.54 10.63 -103.94
CA THR O 312 46.60 10.11 -102.97
C THR O 312 47.38 9.26 -101.98
N LEU O 313 47.63 9.81 -100.80
CA LEU O 313 48.43 9.15 -99.77
C LEU O 313 47.55 8.35 -98.82
N SER O 314 48.13 7.25 -98.32
CA SER O 314 47.49 6.40 -97.34
C SER O 314 48.10 6.67 -95.97
N GLY O 315 47.25 6.94 -94.99
CA GLY O 315 47.70 7.41 -93.69
C GLY O 315 47.64 8.91 -93.61
N VAL O 316 46.64 9.44 -92.91
CA VAL O 316 46.30 10.86 -92.96
C VAL O 316 46.75 11.53 -91.67
N PRO O 317 47.20 12.78 -91.73
CA PRO O 317 47.53 13.57 -90.52
C PRO O 317 46.32 14.33 -89.98
N ILE O 318 45.48 13.63 -89.21
CA ILE O 318 44.24 14.24 -88.72
C ILE O 318 44.58 15.40 -87.80
N TYR O 319 43.95 16.56 -88.05
CA TYR O 319 44.01 17.71 -87.15
C TYR O 319 42.64 18.40 -87.21
N ASP O 320 41.78 18.08 -86.26
CA ASP O 320 40.45 18.63 -86.16
C ASP O 320 40.44 19.72 -85.10
N THR O 321 40.04 20.93 -85.48
CA THR O 321 39.97 22.05 -84.55
C THR O 321 38.68 22.07 -83.75
N THR O 322 37.69 21.27 -84.13
CA THR O 322 36.46 21.14 -83.36
C THR O 322 36.36 19.82 -82.62
N ASN O 323 37.08 18.79 -83.05
CA ASN O 323 37.11 17.48 -82.39
C ASN O 323 38.55 17.09 -82.15
N PRO O 324 39.21 17.72 -81.17
CA PRO O 324 40.63 17.44 -80.94
C PRO O 324 40.88 16.05 -80.39
N GLN O 325 39.80 15.36 -80.03
CA GLN O 325 39.92 14.01 -79.49
C GLN O 325 40.51 13.04 -80.51
N TYR O 326 40.34 13.33 -81.80
CA TYR O 326 40.82 12.46 -82.87
C TYR O 326 42.13 12.93 -83.48
N ASN O 327 42.81 13.89 -82.85
CA ASN O 327 44.08 14.37 -83.38
C ASN O 327 45.10 13.23 -83.41
N SER O 328 45.91 13.21 -84.47
CA SER O 328 46.94 12.19 -84.60
C SER O 328 48.26 12.76 -85.10
N VAL O 329 48.44 14.08 -85.07
CA VAL O 329 49.64 14.71 -85.59
C VAL O 329 49.78 16.07 -84.94
N SER O 330 50.99 16.65 -85.00
CA SER O 330 51.31 17.82 -84.19
C SER O 330 50.57 19.07 -84.66
N ARG O 331 50.65 19.38 -85.95
CA ARG O 331 50.17 20.66 -86.44
C ARG O 331 49.53 20.50 -87.81
N GLN O 332 48.73 21.48 -88.19
CA GLN O 332 48.02 21.45 -89.46
C GLN O 332 49.02 21.54 -90.62
N VAL O 333 48.75 20.80 -91.68
CA VAL O 333 49.61 20.82 -92.87
C VAL O 333 49.21 22.06 -93.65
N GLU O 334 49.93 23.15 -93.39
CA GLU O 334 49.61 24.44 -93.99
C GLU O 334 50.32 24.61 -95.33
N ALA O 335 49.70 25.39 -96.21
CA ALA O 335 50.26 25.61 -97.54
C ALA O 335 51.65 26.24 -97.44
N GLY O 336 52.59 25.70 -98.21
CA GLY O 336 53.97 26.12 -98.17
C GLY O 336 54.88 25.23 -97.35
N ASP O 337 54.33 24.27 -96.61
CA ASP O 337 55.15 23.38 -95.80
C ASP O 337 56.09 22.56 -96.68
N ALA O 338 57.33 22.43 -96.24
CA ALA O 338 58.35 21.70 -96.99
C ALA O 338 58.23 20.21 -96.74
N VAL O 339 58.24 19.43 -97.83
CA VAL O 339 58.15 17.98 -97.75
C VAL O 339 59.37 17.38 -98.42
N SER O 340 59.50 16.06 -98.31
CA SER O 340 60.60 15.35 -98.92
C SER O 340 60.13 13.95 -99.30
N VAL O 341 60.94 13.26 -100.10
CA VAL O 341 60.66 11.89 -100.51
C VAL O 341 61.80 11.01 -100.02
N VAL O 342 61.46 9.92 -99.34
CA VAL O 342 62.49 9.06 -98.78
C VAL O 342 63.03 8.14 -99.87
N GLY O 343 64.34 8.22 -100.11
CA GLY O 343 65.01 7.36 -101.07
C GLY O 343 65.83 8.16 -102.06
N THR O 344 66.07 7.56 -103.22
CA THR O 344 66.87 8.17 -104.28
C THR O 344 66.09 8.26 -105.59
N ALA O 345 66.76 8.63 -106.67
CA ALA O 345 66.10 8.94 -107.93
C ALA O 345 65.35 7.75 -108.52
N SER O 346 66.07 6.70 -108.91
CA SER O 346 65.43 5.58 -109.58
C SER O 346 65.95 4.22 -109.12
N GLN O 347 66.32 4.09 -107.85
CA GLN O 347 66.82 2.82 -107.34
C GLN O 347 65.70 1.78 -107.31
N THR O 348 66.09 0.53 -107.55
CA THR O 348 65.21 -0.61 -107.34
C THR O 348 65.62 -1.33 -106.06
N MET O 349 64.64 -1.72 -105.26
CA MET O 349 64.95 -2.24 -103.94
C MET O 349 63.81 -3.11 -103.42
N LYS O 350 64.13 -3.89 -102.38
CA LYS O 350 63.20 -4.80 -101.72
C LYS O 350 63.12 -4.40 -100.25
N PRO O 351 62.21 -3.52 -99.88
CA PRO O 351 62.14 -3.07 -98.48
C PRO O 351 61.66 -4.18 -97.56
N ASN O 352 62.10 -4.09 -96.30
CA ASN O 352 61.66 -5.02 -95.28
C ASN O 352 60.35 -4.53 -94.66
N LEU O 353 59.65 -5.45 -94.00
CA LEU O 353 58.30 -5.19 -93.51
C LEU O 353 58.18 -5.56 -92.05
N PHE O 354 57.77 -4.60 -91.23
CA PHE O 354 57.41 -4.84 -89.84
C PHE O 354 55.97 -4.39 -89.62
N TYR O 355 55.19 -5.22 -88.94
CA TYR O 355 53.76 -4.94 -88.85
C TYR O 355 53.15 -5.66 -87.65
N ASN O 356 52.03 -5.12 -87.19
CA ASN O 356 51.20 -5.75 -86.18
C ASN O 356 50.28 -6.79 -86.83
N LYS O 357 49.74 -7.68 -85.99
CA LYS O 357 48.88 -8.75 -86.50
C LYS O 357 47.60 -8.19 -87.12
N PHE O 358 47.04 -7.14 -86.51
CA PHE O 358 45.77 -6.57 -86.94
C PHE O 358 45.93 -5.47 -87.98
N PHE O 359 47.00 -5.51 -88.77
CA PHE O 359 47.20 -4.50 -89.81
C PHE O 359 46.40 -4.83 -91.06
N CYS O 360 46.54 -6.06 -91.56
CA CYS O 360 45.84 -6.51 -92.75
C CYS O 360 45.02 -7.76 -92.45
N GLY O 361 44.17 -8.15 -93.40
CA GLY O 361 43.35 -9.32 -93.28
C GLY O 361 43.04 -9.94 -94.63
N LEU O 362 43.05 -11.27 -94.69
CA LEU O 362 42.92 -12.00 -95.95
C LEU O 362 41.82 -13.04 -95.82
N GLY O 363 41.11 -13.27 -96.92
CA GLY O 363 40.10 -14.31 -96.97
C GLY O 363 39.92 -14.81 -98.38
N SER O 364 39.15 -15.88 -98.51
CA SER O 364 38.89 -16.46 -99.82
C SER O 364 37.41 -16.80 -99.92
N ILE O 365 36.91 -16.82 -101.15
CA ILE O 365 35.50 -17.14 -101.38
C ILE O 365 35.37 -18.45 -102.15
N PRO O 366 34.57 -19.40 -101.67
CA PRO O 366 34.37 -20.64 -102.42
C PRO O 366 33.54 -20.43 -103.67
N LEU O 367 33.76 -21.31 -104.64
CA LEU O 367 33.07 -21.15 -105.92
C LEU O 367 32.11 -22.31 -106.15
N PRO O 368 30.98 -22.05 -106.80
CA PRO O 368 30.06 -23.14 -107.16
C PRO O 368 30.51 -23.88 -108.40
N LYS O 369 29.72 -24.84 -108.87
CA LYS O 369 30.07 -25.67 -110.02
C LYS O 369 29.20 -25.28 -111.20
N LEU O 370 29.82 -25.18 -112.38
CA LEU O 370 29.09 -24.85 -113.59
C LEU O 370 28.19 -26.02 -114.01
N HIS O 371 27.16 -25.70 -114.78
CA HIS O 371 26.17 -26.70 -115.16
C HIS O 371 26.73 -27.64 -116.23
N SER O 372 26.60 -28.94 -115.99
CA SER O 372 26.93 -29.99 -116.96
C SER O 372 28.38 -29.88 -117.44
N ILE O 373 29.30 -29.56 -116.54
CA ILE O 373 30.72 -29.52 -116.84
C ILE O 373 31.47 -30.26 -115.75
N ASP O 374 32.35 -31.17 -116.13
CA ASP O 374 33.10 -31.94 -115.15
C ASP O 374 34.02 -31.02 -114.34
N SER O 375 33.99 -31.19 -113.03
CA SER O 375 34.74 -30.31 -112.14
C SER O 375 35.12 -31.06 -110.87
N ALA O 376 36.13 -30.54 -110.19
CA ALA O 376 36.59 -31.10 -108.92
C ALA O 376 37.15 -29.98 -108.06
N VAL O 377 37.42 -30.30 -106.79
CA VAL O 377 37.96 -29.34 -105.84
C VAL O 377 39.13 -29.98 -105.10
N ALA O 378 40.18 -29.20 -104.87
CA ALA O 378 41.38 -29.72 -104.21
C ALA O 378 41.87 -28.70 -103.20
N THR O 379 42.35 -29.20 -102.06
CA THR O 379 42.84 -28.36 -100.98
C THR O 379 44.37 -28.34 -101.02
N TYR O 380 44.96 -27.18 -100.76
CA TYR O 380 46.40 -26.99 -100.76
C TYR O 380 46.75 -26.03 -99.63
N GLU O 381 47.18 -26.58 -98.50
CA GLU O 381 47.62 -25.83 -97.32
C GLU O 381 46.73 -24.60 -97.07
N GLY O 382 45.45 -24.88 -96.84
CA GLY O 382 44.51 -23.84 -96.46
C GLY O 382 44.00 -23.00 -97.61
N PHE O 383 44.10 -23.49 -98.84
CA PHE O 383 43.50 -22.80 -99.97
C PHE O 383 42.80 -23.81 -100.86
N SER O 384 41.53 -23.54 -101.15
CA SER O 384 40.71 -24.44 -101.94
C SER O 384 40.67 -23.96 -103.39
N ILE O 385 40.97 -24.87 -104.32
CA ILE O 385 41.08 -24.55 -105.73
C ILE O 385 40.12 -25.45 -106.50
N ARG O 386 39.30 -24.85 -107.35
CA ARG O 386 38.33 -25.56 -108.16
C ARG O 386 38.87 -25.70 -109.58
N VAL O 387 38.76 -26.92 -110.13
CA VAL O 387 39.25 -27.25 -111.46
C VAL O 387 38.07 -27.66 -112.32
N HIS O 388 38.03 -27.12 -113.54
CA HIS O 388 37.00 -27.42 -114.53
C HIS O 388 37.66 -28.03 -115.76
N LYS O 389 37.06 -29.09 -116.29
CA LYS O 389 37.55 -29.76 -117.49
C LYS O 389 36.44 -29.86 -118.52
N TYR O 390 36.71 -29.38 -119.73
CA TYR O 390 35.73 -29.42 -120.80
C TYR O 390 36.45 -29.55 -122.14
N ALA O 391 35.69 -29.49 -123.23
CA ALA O 391 36.24 -29.65 -124.56
C ALA O 391 35.37 -28.93 -125.58
N ASP O 392 35.93 -28.72 -126.77
CA ASP O 392 35.22 -28.11 -127.89
C ASP O 392 34.93 -29.23 -128.90
N GLY O 393 33.65 -29.52 -129.11
CA GLY O 393 33.28 -30.68 -129.89
C GLY O 393 33.74 -30.61 -131.33
N ASP O 394 33.57 -29.46 -131.97
CA ASP O 394 33.89 -29.31 -133.39
C ASP O 394 35.31 -28.81 -133.62
N ALA O 395 36.21 -28.96 -132.65
CA ALA O 395 37.60 -28.57 -132.83
C ALA O 395 38.58 -29.59 -132.27
N ASN O 396 38.09 -30.67 -131.65
CA ASN O 396 38.94 -31.72 -131.08
C ASN O 396 39.97 -31.13 -130.12
N VAL O 397 39.55 -30.17 -129.30
CA VAL O 397 40.41 -29.49 -128.35
C VAL O 397 39.90 -29.73 -126.94
N GLN O 398 40.78 -30.18 -126.06
CA GLN O 398 40.46 -30.41 -124.66
C GLN O 398 41.08 -29.31 -123.82
N LYS O 399 40.27 -28.67 -122.97
CA LYS O 399 40.70 -27.53 -122.18
C LYS O 399 40.39 -27.78 -120.71
N MET O 400 41.19 -27.16 -119.85
CA MET O 400 40.93 -27.23 -118.42
C MET O 400 41.45 -25.96 -117.76
N ARG O 401 40.93 -25.69 -116.56
CA ARG O 401 41.29 -24.46 -115.86
C ARG O 401 41.17 -24.67 -114.35
N PHE O 402 41.89 -23.83 -113.62
CA PHE O 402 41.88 -23.79 -112.16
C PHE O 402 41.61 -22.36 -111.73
N ASP O 403 40.78 -22.20 -110.69
CA ASP O 403 40.32 -20.88 -110.28
C ASP O 403 40.47 -20.69 -108.77
N LEU O 404 40.51 -19.43 -108.36
CA LEU O 404 40.58 -19.03 -106.96
C LEU O 404 40.16 -17.57 -106.85
N LEU O 405 39.51 -17.21 -105.75
CA LEU O 405 38.96 -15.86 -105.56
C LEU O 405 39.35 -15.32 -104.19
N PRO O 406 40.30 -14.37 -104.12
CA PRO O 406 40.74 -13.82 -102.84
C PRO O 406 40.03 -12.54 -102.45
N ALA O 407 40.29 -12.06 -101.22
CA ALA O 407 39.76 -10.80 -100.74
C ALA O 407 40.68 -10.26 -99.66
N TYR O 408 41.00 -8.98 -99.74
CA TYR O 408 41.93 -8.34 -98.82
C TYR O 408 41.27 -7.16 -98.13
N VAL O 409 41.78 -6.83 -96.94
CA VAL O 409 41.32 -5.66 -96.19
C VAL O 409 42.49 -5.10 -95.39
N CYS O 410 42.52 -3.79 -95.23
CA CYS O 410 43.53 -3.09 -94.43
C CYS O 410 42.82 -2.34 -93.31
N PHE O 411 43.06 -2.74 -92.07
CA PHE O 411 42.29 -2.19 -90.96
C PHE O 411 42.79 -0.80 -90.58
N ASN O 412 44.07 -0.67 -90.25
CA ASN O 412 44.64 0.60 -89.81
C ASN O 412 45.99 0.80 -90.47
N PRO O 413 46.14 1.81 -91.34
CA PRO O 413 47.45 2.07 -91.97
C PRO O 413 48.51 2.55 -91.01
N HIS O 414 48.19 2.73 -89.73
CA HIS O 414 49.13 3.21 -88.73
C HIS O 414 49.75 2.09 -87.90
N MET O 415 49.69 0.86 -88.39
CA MET O 415 50.17 -0.30 -87.65
C MET O 415 51.08 -1.16 -88.51
N GLY O 416 51.93 -0.52 -89.30
CA GLY O 416 52.87 -1.26 -90.13
C GLY O 416 53.45 -0.37 -91.19
N GLY O 417 54.48 -0.89 -91.85
CA GLY O 417 55.18 -0.17 -92.89
C GLY O 417 56.53 -0.78 -93.15
N GLN O 418 57.39 0.00 -93.80
CA GLN O 418 58.71 -0.45 -94.17
C GLN O 418 59.75 0.08 -93.18
N PHE O 419 60.88 -0.62 -93.11
CA PHE O 419 61.97 -0.20 -92.23
C PHE O 419 63.30 -0.63 -92.85
N PHE O 420 64.33 0.16 -92.59
CA PHE O 420 65.66 -0.05 -93.14
C PHE O 420 66.68 0.08 -92.01
N GLY O 421 67.94 -0.14 -92.35
CA GLY O 421 69.01 0.19 -91.43
C GLY O 421 69.27 1.69 -91.41
N ASN O 422 69.90 2.14 -90.33
CA ASN O 422 70.20 3.55 -90.19
C ASN O 422 71.66 3.73 -89.79
N PRO O 423 72.29 4.84 -90.22
CA PRO O 423 73.69 5.12 -89.88
C PRO O 423 73.84 5.80 -88.52
N PRO P 2 164.93 -27.86 41.99
CA PRO P 2 164.71 -26.43 41.71
C PRO P 2 163.96 -26.19 40.41
N ASN P 3 164.58 -26.58 39.30
CA ASN P 3 164.02 -26.37 37.96
C ASN P 3 163.54 -27.72 37.45
N ASN P 4 162.29 -27.76 36.98
CA ASN P 4 161.76 -28.92 36.29
C ASN P 4 161.31 -28.62 34.87
N LEU P 5 160.51 -27.57 34.68
CA LEU P 5 160.05 -27.12 33.37
C LEU P 5 159.40 -28.27 32.60
N ASP P 6 158.34 -28.82 33.18
CA ASP P 6 157.65 -29.96 32.59
C ASP P 6 156.78 -29.50 31.42
N SER P 7 156.90 -30.20 30.29
CA SER P 7 156.07 -29.97 29.12
C SER P 7 155.20 -31.18 28.78
N ASN P 8 154.97 -32.06 29.75
CA ASN P 8 154.14 -33.24 29.51
C ASN P 8 152.68 -32.84 29.28
N VAL P 9 152.22 -31.80 29.98
CA VAL P 9 150.79 -31.47 29.95
C VAL P 9 150.43 -30.82 28.62
N SER P 10 149.12 -30.76 28.37
CA SER P 10 148.57 -30.16 27.16
C SER P 10 147.60 -29.05 27.53
N GLN P 11 147.68 -27.93 26.82
CA GLN P 11 146.80 -26.80 27.06
C GLN P 11 145.50 -27.05 26.30
N ILE P 12 144.56 -27.74 26.95
CA ILE P 12 143.30 -28.10 26.31
C ILE P 12 142.28 -26.99 26.53
N VAL P 13 141.29 -26.93 25.64
CA VAL P 13 140.18 -26.00 25.73
C VAL P 13 138.91 -26.83 25.70
N LEU P 14 138.21 -26.90 26.82
CA LEU P 14 137.03 -27.75 26.91
C LEU P 14 135.95 -27.28 25.96
N LYS P 15 135.17 -28.24 25.45
CA LYS P 15 134.14 -27.97 24.45
C LYS P 15 132.81 -27.59 25.11
N LYS P 16 132.81 -26.40 25.71
CA LYS P 16 131.59 -25.84 26.29
C LYS P 16 131.60 -24.33 26.08
N PHE P 17 130.41 -23.73 26.15
CA PHE P 17 130.23 -22.31 25.89
C PHE P 17 129.58 -21.65 27.10
N LEU P 18 130.02 -20.43 27.41
CA LEU P 18 129.47 -19.70 28.53
C LEU P 18 128.17 -19.00 28.13
N PRO P 19 127.33 -18.66 29.10
CA PRO P 19 126.13 -17.88 28.78
C PRO P 19 126.47 -16.46 28.36
N GLY P 20 125.59 -15.87 27.55
CA GLY P 20 125.78 -14.51 27.08
C GLY P 20 124.78 -13.53 27.64
N PHE P 21 124.36 -12.56 26.83
CA PHE P 21 123.41 -11.54 27.26
C PHE P 21 122.23 -11.51 26.28
N MET P 22 121.07 -11.13 26.80
CA MET P 22 119.86 -11.03 26.00
C MET P 22 119.14 -9.74 26.35
N SER P 23 117.98 -9.53 25.73
CA SER P 23 117.19 -8.32 25.95
C SER P 23 115.72 -8.66 25.76
N ASP P 24 114.86 -7.67 26.01
CA ASP P 24 113.42 -7.84 25.94
C ASP P 24 112.91 -7.27 24.62
N LEU P 25 111.94 -7.97 24.04
CA LEU P 25 111.38 -7.61 22.73
C LEU P 25 109.87 -7.53 22.86
N VAL P 26 109.36 -6.32 23.05
CA VAL P 26 107.93 -6.13 23.28
C VAL P 26 107.32 -5.15 22.28
N LEU P 27 108.14 -4.24 21.74
CA LEU P 27 107.62 -3.22 20.85
C LEU P 27 107.07 -3.82 19.57
N ALA P 28 107.79 -4.78 18.98
CA ALA P 28 107.32 -5.42 17.76
C ALA P 28 106.02 -6.18 18.01
N LYS P 29 105.93 -6.85 19.16
CA LYS P 29 104.71 -7.57 19.51
C LYS P 29 103.52 -6.63 19.68
N THR P 30 103.72 -5.49 20.33
CA THR P 30 102.62 -4.58 20.64
C THR P 30 102.17 -3.73 19.45
N VAL P 31 103.11 -3.31 18.60
CA VAL P 31 102.75 -2.40 17.51
C VAL P 31 101.83 -3.11 16.53
N ASP P 32 100.96 -2.33 15.88
CA ASP P 32 99.99 -2.91 14.95
C ASP P 32 100.68 -3.47 13.73
N ARG P 33 100.21 -4.63 13.27
CA ARG P 33 100.80 -5.31 12.13
C ARG P 33 99.81 -5.79 11.08
N GLN P 34 98.53 -5.97 11.43
CA GLN P 34 97.57 -6.52 10.47
C GLN P 34 97.26 -5.57 9.32
N LEU P 35 97.31 -4.26 9.56
CA LEU P 35 96.97 -3.30 8.50
C LEU P 35 97.94 -3.40 7.34
N LEU P 36 99.24 -3.50 7.63
CA LEU P 36 100.27 -3.49 6.60
C LEU P 36 100.70 -4.89 6.17
N ALA P 37 100.12 -5.93 6.77
CA ALA P 37 100.57 -7.30 6.51
C ALA P 37 100.29 -7.68 5.06
N GLY P 38 101.34 -8.03 4.33
CA GLY P 38 101.20 -8.51 2.97
C GLY P 38 100.57 -7.52 2.01
N GLU P 39 100.96 -6.24 2.10
CA GLU P 39 100.40 -5.21 1.25
C GLU P 39 101.37 -4.70 0.18
N ILE P 40 102.66 -4.98 0.32
CA ILE P 40 103.66 -4.61 -0.69
C ILE P 40 104.12 -5.91 -1.35
N ASN P 41 103.93 -6.00 -2.65
CA ASN P 41 104.22 -7.23 -3.37
C ASN P 41 104.69 -6.87 -4.78
N SER P 42 104.69 -7.86 -5.68
CA SER P 42 105.24 -7.69 -7.02
C SER P 42 104.42 -6.73 -7.89
N SER P 43 103.22 -6.36 -7.46
CA SER P 43 102.35 -5.49 -8.26
C SER P 43 101.97 -4.21 -7.54
N THR P 44 102.78 -3.77 -6.58
CA THR P 44 102.47 -2.57 -5.82
C THR P 44 103.60 -1.56 -5.89
N GLY P 45 104.83 -2.03 -5.98
CA GLY P 45 105.98 -1.15 -5.97
C GLY P 45 106.64 -1.09 -4.62
N ASP P 46 107.17 0.07 -4.26
CA ASP P 46 107.84 0.27 -2.98
C ASP P 46 107.14 1.32 -2.13
N SER P 47 105.81 1.41 -2.24
CA SER P 47 105.07 2.39 -1.47
C SER P 47 103.59 2.00 -1.48
N VAL P 48 102.95 2.16 -0.32
CA VAL P 48 101.52 1.91 -0.17
C VAL P 48 100.92 3.08 0.61
N SER P 49 99.62 3.29 0.44
CA SER P 49 98.96 4.45 1.04
C SER P 49 97.67 4.03 1.71
N PHE P 50 97.31 4.77 2.76
CA PHE P 50 96.07 4.58 3.50
C PHE P 50 95.33 5.90 3.59
N LYS P 51 94.01 5.87 3.42
CA LYS P 51 93.24 7.09 3.42
C LYS P 51 93.14 7.68 4.83
N ARG P 52 92.73 8.95 4.89
CA ARG P 52 92.52 9.67 6.14
C ARG P 52 91.04 9.98 6.34
N PRO P 53 90.58 10.10 7.58
CA PRO P 53 89.18 10.45 7.82
C PRO P 53 88.89 11.92 7.53
N HIS P 54 87.61 12.21 7.35
CA HIS P 54 87.15 13.56 7.04
C HIS P 54 86.54 14.22 8.27
N GLN P 55 86.49 15.54 8.24
CA GLN P 55 85.88 16.34 9.30
C GLN P 55 85.02 17.43 8.67
N PHE P 56 84.01 17.87 9.41
CA PHE P 56 83.01 18.78 8.89
C PHE P 56 82.71 19.88 9.90
N SER P 57 82.14 20.98 9.40
CA SER P 57 81.70 22.10 10.21
C SER P 57 80.24 22.41 9.89
N SER P 58 79.59 23.12 10.81
CA SER P 58 78.17 23.39 10.72
C SER P 58 77.88 24.88 10.61
N LEU P 59 76.76 25.19 9.95
CA LEU P 59 76.29 26.56 9.84
C LEU P 59 75.24 26.84 10.91
N ARG P 60 75.04 28.12 11.21
CA ARG P 60 74.11 28.54 12.25
C ARG P 60 73.22 29.63 11.66
N THR P 61 71.96 29.30 11.43
CA THR P 61 71.00 30.24 10.87
C THR P 61 69.71 30.21 11.67
N PRO P 62 69.00 31.34 11.74
CA PRO P 62 67.71 31.37 12.46
C PRO P 62 66.54 30.88 11.65
N THR P 63 66.72 30.57 10.36
CA THR P 63 65.61 30.11 9.53
C THR P 63 65.99 28.93 8.64
N GLY P 64 67.19 28.38 8.76
CA GLY P 64 67.58 27.26 7.92
C GLY P 64 67.91 27.60 6.50
N ASP P 65 68.44 28.79 6.24
CA ASP P 65 68.81 29.23 4.90
C ASP P 65 70.32 29.17 4.74
N ILE P 66 70.79 28.46 3.74
CA ILE P 66 72.21 28.30 3.47
C ILE P 66 72.58 28.78 2.07
N SER P 67 71.71 29.58 1.45
CA SER P 67 71.95 30.00 0.07
C SER P 67 73.10 30.99 -0.02
N GLY P 68 73.15 31.98 0.86
CA GLY P 68 74.13 33.05 0.73
C GLY P 68 75.56 32.58 0.93
N GLN P 69 75.79 31.77 1.95
CA GLN P 69 77.14 31.40 2.35
C GLN P 69 77.63 30.22 1.49
N ASN P 70 78.76 29.64 1.89
CA ASN P 70 79.37 28.52 1.19
C ASN P 70 79.41 27.30 2.08
N LYS P 71 79.49 26.13 1.45
CA LYS P 71 79.39 24.86 2.15
C LYS P 71 80.78 24.27 2.39
N ASN P 72 80.82 23.07 2.97
CA ASN P 72 82.08 22.39 3.25
C ASN P 72 82.70 21.85 1.97
N ASN P 73 84.02 21.72 1.98
CA ASN P 73 84.76 21.08 0.91
C ASN P 73 85.19 19.68 1.34
N LEU P 74 85.47 18.83 0.35
CA LEU P 74 85.83 17.43 0.58
C LEU P 74 87.29 17.24 0.19
N ILE P 75 88.19 17.40 1.14
CA ILE P 75 89.62 17.21 0.93
C ILE P 75 90.01 15.85 1.49
N SER P 76 90.71 15.06 0.68
CA SER P 76 91.14 13.73 1.06
C SER P 76 92.66 13.67 1.15
N GLY P 77 93.16 13.05 2.22
CA GLY P 77 94.58 12.89 2.41
C GLY P 77 94.95 11.44 2.65
N LYS P 78 96.24 11.16 2.56
CA LYS P 78 96.74 9.79 2.68
C LYS P 78 98.02 9.77 3.49
N ALA P 79 98.28 8.62 4.11
CA ALA P 79 99.52 8.35 4.80
C ALA P 79 100.26 7.25 4.04
N THR P 80 101.55 7.46 3.79
CA THR P 80 102.33 6.61 2.90
C THR P 80 103.38 5.84 3.69
N GLY P 81 103.51 4.55 3.38
CA GLY P 81 104.55 3.72 3.93
C GLY P 81 105.40 3.14 2.82
N ARG P 82 106.69 3.00 3.10
CA ARG P 82 107.67 2.58 2.11
C ARG P 82 108.60 1.55 2.70
N VAL P 83 109.35 0.88 1.83
CA VAL P 83 110.28 -0.17 2.24
C VAL P 83 111.56 0.47 2.77
N GLY P 84 112.28 -0.27 3.60
CA GLY P 84 113.51 0.23 4.18
C GLY P 84 114.75 -0.31 3.51
N ASN P 85 115.74 -0.72 4.31
CA ASN P 85 116.98 -1.27 3.79
C ASN P 85 117.15 -2.70 4.28
N TYR P 86 117.94 -3.45 3.54
CA TYR P 86 118.23 -4.84 3.93
C TYR P 86 118.92 -4.87 5.28
N ILE P 87 118.52 -5.82 6.12
CA ILE P 87 119.24 -6.11 7.36
C ILE P 87 119.98 -7.42 7.09
N THR P 88 121.22 -7.30 6.63
CA THR P 88 122.00 -8.44 6.16
C THR P 88 123.18 -8.66 7.07
N VAL P 89 123.56 -9.91 7.25
CA VAL P 89 124.77 -10.29 7.98
C VAL P 89 125.48 -11.39 7.22
N ALA P 90 126.79 -11.22 6.99
CA ALA P 90 127.54 -12.13 6.15
C ALA P 90 128.83 -12.55 6.86
N VAL P 91 129.24 -13.79 6.61
CA VAL P 91 130.49 -14.32 7.14
C VAL P 91 131.18 -15.13 6.05
N GLU P 92 132.49 -15.26 6.18
CA GLU P 92 133.30 -16.01 5.23
C GLU P 92 134.49 -16.62 5.95
N TYR P 93 134.97 -17.73 5.43
CA TYR P 93 136.13 -18.41 6.00
C TYR P 93 136.78 -19.27 4.92
N GLN P 94 138.03 -19.65 5.18
CA GLN P 94 138.83 -20.37 4.20
C GLN P 94 138.68 -21.88 4.38
N GLN P 95 139.06 -22.61 3.32
CA GLN P 95 138.86 -24.05 3.30
C GLN P 95 139.72 -24.74 4.35
N LEU P 96 140.99 -24.37 4.46
CA LEU P 96 141.85 -25.00 5.47
C LEU P 96 141.41 -24.62 6.88
N GLU P 97 140.97 -23.38 7.09
CA GLU P 97 140.45 -22.99 8.39
C GLU P 97 139.26 -23.83 8.79
N GLU P 98 138.33 -24.02 7.85
CA GLU P 98 137.19 -24.90 8.10
C GLU P 98 137.61 -26.36 8.28
N ALA P 99 138.74 -26.76 7.68
CA ALA P 99 139.17 -28.14 7.77
C ALA P 99 139.81 -28.47 9.12
N ILE P 100 140.59 -27.55 9.69
CA ILE P 100 141.36 -27.84 10.91
C ILE P 100 140.87 -27.01 12.09
N LYS P 101 140.75 -25.69 11.92
CA LYS P 101 140.54 -24.82 13.08
C LYS P 101 139.08 -24.75 13.50
N LEU P 102 138.17 -24.63 12.54
CA LEU P 102 136.77 -24.38 12.87
C LEU P 102 136.11 -25.63 13.44
N ASN P 103 135.67 -25.54 14.69
CA ASN P 103 134.90 -26.59 15.34
C ASN P 103 133.59 -26.00 15.84
N GLN P 104 132.54 -26.82 15.86
CA GLN P 104 131.22 -26.43 16.37
C GLN P 104 130.70 -25.19 15.64
N LEU P 105 130.67 -25.29 14.31
CA LEU P 105 130.24 -24.14 13.51
C LEU P 105 128.77 -23.81 13.75
N GLU P 106 127.93 -24.83 13.94
CA GLU P 106 126.51 -24.57 14.19
C GLU P 106 126.31 -23.80 15.48
N GLU P 107 126.94 -24.23 16.56
CA GLU P 107 126.85 -23.52 17.83
C GLU P 107 127.53 -22.17 17.78
N ILE P 108 128.51 -21.98 16.89
CA ILE P 108 129.10 -20.66 16.71
C ILE P 108 128.10 -19.73 16.03
N LEU P 109 127.41 -20.21 15.01
CA LEU P 109 126.54 -19.39 14.19
C LEU P 109 125.11 -19.30 14.74
N ALA P 110 124.81 -19.99 15.82
CA ALA P 110 123.47 -19.92 16.41
C ALA P 110 122.96 -18.51 16.72
N PRO P 111 123.73 -17.60 17.33
CA PRO P 111 123.13 -16.35 17.82
C PRO P 111 122.92 -15.26 16.76
N VAL P 112 122.95 -15.63 15.48
CA VAL P 112 122.81 -14.64 14.41
C VAL P 112 121.39 -14.06 14.36
N ARG P 113 120.38 -14.92 14.50
CA ARG P 113 119.00 -14.45 14.42
C ARG P 113 118.67 -13.46 15.53
N GLN P 114 119.25 -13.67 16.73
CA GLN P 114 119.04 -12.72 17.81
C GLN P 114 119.56 -11.34 17.42
N ARG P 115 120.74 -11.28 16.81
CA ARG P 115 121.26 -10.00 16.35
C ARG P 115 120.36 -9.37 15.30
N ILE P 116 119.87 -10.20 14.36
CA ILE P 116 119.00 -9.68 13.30
C ILE P 116 117.76 -9.02 13.91
N VAL P 117 117.08 -9.74 14.80
CA VAL P 117 115.84 -9.23 15.37
C VAL P 117 116.12 -8.03 16.27
N THR P 118 117.22 -8.07 17.02
CA THR P 118 117.55 -6.95 17.89
C THR P 118 117.80 -5.68 17.09
N ASP P 119 118.53 -5.79 15.97
CA ASP P 119 118.76 -4.61 15.14
C ASP P 119 117.46 -4.11 14.53
N LEU P 120 116.59 -5.02 14.09
CA LEU P 120 115.31 -4.60 13.54
C LEU P 120 114.50 -3.82 14.56
N GLU P 121 114.42 -4.32 15.79
CA GLU P 121 113.62 -3.64 16.81
C GLU P 121 114.28 -2.34 17.27
N THR P 122 115.62 -2.28 17.28
CA THR P 122 116.29 -1.03 17.60
C THR P 122 115.97 0.04 16.55
N GLU P 123 115.98 -0.34 15.28
CA GLU P 123 115.59 0.62 14.24
C GLU P 123 114.13 1.05 14.42
N LEU P 124 113.25 0.11 14.78
CA LEU P 124 111.87 0.48 15.03
C LEU P 124 111.75 1.47 16.18
N ALA P 125 112.51 1.25 17.27
CA ALA P 125 112.47 2.15 18.41
C ALA P 125 112.96 3.53 18.03
N HIS P 126 114.05 3.61 17.25
CA HIS P 126 114.53 4.90 16.78
C HIS P 126 113.50 5.60 15.91
N PHE P 127 112.82 4.85 15.04
CA PHE P 127 111.77 5.42 14.21
C PHE P 127 110.64 6.00 15.05
N MET P 128 110.21 5.25 16.07
CA MET P 128 109.15 5.74 16.94
C MET P 128 109.58 7.00 17.69
N MET P 129 110.83 7.00 18.19
CA MET P 129 111.33 8.17 18.90
C MET P 129 111.37 9.40 18.00
N ASN P 130 111.82 9.22 16.76
CA ASN P 130 111.92 10.37 15.85
C ASN P 130 110.56 10.85 15.38
N ASN P 131 109.58 9.95 15.28
CA ASN P 131 108.28 10.35 14.73
C ASN P 131 107.29 10.82 15.79
N GLY P 132 107.47 10.44 17.05
CA GLY P 132 106.57 10.91 18.09
C GLY P 132 106.61 12.42 18.23
N ALA P 133 105.44 13.01 18.46
CA ALA P 133 105.31 14.47 18.50
C ALA P 133 104.50 14.90 19.71
N LEU P 134 104.71 14.25 20.85
CA LEU P 134 104.06 14.62 22.09
C LEU P 134 105.09 14.73 23.21
N SER P 135 104.92 15.75 24.05
CA SER P 135 105.83 16.03 25.14
C SER P 135 105.06 16.09 26.44
N LEU P 136 105.72 15.65 27.51
CA LEU P 136 105.11 15.62 28.84
C LEU P 136 106.21 15.66 29.89
N GLY P 137 106.20 16.68 30.74
CA GLY P 137 107.15 16.77 31.82
C GLY P 137 108.52 17.27 31.39
N SER P 138 109.43 17.31 32.36
CA SER P 138 110.80 17.79 32.24
C SER P 138 111.77 16.61 32.15
N PRO P 139 112.72 16.68 31.22
CA PRO P 139 113.62 15.52 31.00
C PRO P 139 114.46 15.15 32.21
N ASN P 140 114.77 16.09 33.09
CA ASN P 140 115.68 15.83 34.20
C ASN P 140 115.00 15.22 35.42
N THR P 141 113.67 15.12 35.42
CA THR P 141 112.97 14.63 36.60
C THR P 141 112.70 13.14 36.48
N PRO P 142 113.15 12.34 37.44
CA PRO P 142 112.84 10.90 37.40
C PRO P 142 111.38 10.64 37.70
N ILE P 143 110.91 9.48 37.25
CA ILE P 143 109.53 9.05 37.48
C ILE P 143 109.47 8.39 38.86
N THR P 144 108.73 9.02 39.78
CA THR P 144 108.61 8.51 41.15
C THR P 144 107.18 8.20 41.55
N LYS P 145 106.25 9.12 41.29
CA LYS P 145 104.90 9.00 41.82
C LYS P 145 103.96 8.32 40.83
N TRP P 146 102.70 8.16 41.27
CA TRP P 146 101.68 7.54 40.44
C TRP P 146 101.17 8.51 39.38
N SER P 147 101.19 9.81 39.68
CA SER P 147 100.75 10.80 38.70
C SER P 147 101.65 10.82 37.49
N ASP P 148 102.95 10.54 37.68
CA ASP P 148 103.90 10.53 36.57
C ASP P 148 103.51 9.53 35.49
N VAL P 149 102.74 8.51 35.84
CA VAL P 149 102.22 7.56 34.87
C VAL P 149 100.76 7.84 34.50
N ALA P 150 99.94 8.28 35.46
CA ALA P 150 98.54 8.55 35.15
C ALA P 150 98.38 9.72 34.19
N GLN P 151 99.36 10.62 34.14
CA GLN P 151 99.23 11.79 33.29
C GLN P 151 99.18 11.42 31.81
N THR P 152 99.87 10.36 31.40
CA THR P 152 99.82 9.96 30.00
C THR P 152 98.42 9.52 29.59
N ALA P 153 97.79 8.67 30.42
CA ALA P 153 96.43 8.25 30.13
C ALA P 153 95.47 9.41 30.16
N SER P 154 95.63 10.33 31.13
CA SER P 154 94.75 11.49 31.20
C SER P 154 94.89 12.36 29.95
N PHE P 155 96.12 12.59 29.50
CA PHE P 155 96.34 13.40 28.30
C PHE P 155 95.75 12.73 27.07
N LEU P 156 95.96 11.41 26.92
CA LEU P 156 95.41 10.72 25.76
C LEU P 156 93.89 10.77 25.77
N LYS P 157 93.27 10.58 26.93
CA LYS P 157 91.81 10.65 27.01
C LYS P 157 91.31 12.06 26.70
N ASP P 158 92.00 13.08 27.20
CA ASP P 158 91.57 14.45 26.95
C ASP P 158 91.72 14.83 25.49
N LEU P 159 92.73 14.26 24.81
CA LEU P 159 92.89 14.51 23.38
C LEU P 159 91.73 13.93 22.59
N GLY P 160 91.21 12.78 23.03
CA GLY P 160 90.08 12.18 22.35
C GLY P 160 90.41 10.99 21.48
N VAL P 161 91.25 10.09 21.97
CA VAL P 161 91.62 8.87 21.25
C VAL P 161 90.95 7.69 21.94
N ASN P 162 90.16 6.92 21.18
CA ASN P 162 89.43 5.79 21.73
C ASN P 162 89.78 4.45 21.12
N GLU P 163 89.77 4.29 19.79
CA GLU P 163 90.10 2.99 19.22
C GLU P 163 91.54 2.64 19.51
N GLY P 164 91.79 1.35 19.78
CA GLY P 164 93.11 0.90 20.15
C GLY P 164 93.38 1.03 21.63
N GLU P 165 94.39 0.30 22.09
CA GLU P 165 94.80 0.36 23.48
C GLU P 165 96.07 1.19 23.61
N ASN P 166 96.23 1.81 24.77
CA ASN P 166 97.33 2.72 25.03
C ASN P 166 98.40 2.02 25.86
N TYR P 167 99.64 2.06 25.37
CA TYR P 167 100.76 1.39 25.99
C TYR P 167 101.80 2.41 26.42
N ALA P 168 102.57 2.05 27.45
CA ALA P 168 103.71 2.82 27.90
C ALA P 168 104.83 1.86 28.27
N VAL P 169 106.03 2.09 27.72
CA VAL P 169 107.16 1.20 27.89
C VAL P 169 108.17 1.90 28.80
N MET P 170 108.56 1.22 29.87
CA MET P 170 109.41 1.81 30.90
C MET P 170 110.65 0.97 31.13
N ASP P 171 111.63 1.55 31.82
CA ASP P 171 112.90 0.93 32.10
C ASP P 171 112.95 0.38 33.52
N PRO P 172 113.87 -0.55 33.80
CA PRO P 172 113.86 -1.21 35.11
C PRO P 172 113.97 -0.26 36.30
N TRP P 173 114.70 0.84 36.18
CA TRP P 173 114.82 1.76 37.30
C TRP P 173 113.49 2.43 37.63
N SER P 174 112.76 2.87 36.61
CA SER P 174 111.43 3.42 36.83
C SER P 174 110.49 2.36 37.38
N ALA P 175 110.61 1.12 36.89
CA ALA P 175 109.79 0.05 37.45
C ALA P 175 110.09 -0.17 38.93
N GLN P 176 111.37 -0.11 39.30
CA GLN P 176 111.76 -0.26 40.70
C GLN P 176 111.19 0.87 41.56
N ARG P 177 111.27 2.10 41.04
CA ARG P 177 110.73 3.22 41.80
C ARG P 177 109.22 3.10 41.98
N LEU P 178 108.51 2.67 40.93
CA LEU P 178 107.07 2.48 41.03
C LEU P 178 106.72 1.37 42.01
N ALA P 179 107.50 0.28 42.02
CA ALA P 179 107.28 -0.78 42.99
C ALA P 179 107.53 -0.29 44.41
N ASP P 180 108.57 0.53 44.59
CA ASP P 180 108.84 1.10 45.91
C ASP P 180 107.68 1.97 46.38
N ALA P 181 107.11 2.75 45.46
CA ALA P 181 105.93 3.54 45.79
C ALA P 181 104.74 2.65 46.12
N GLN P 182 104.58 1.54 45.39
CA GLN P 182 103.45 0.65 45.64
C GLN P 182 103.59 -0.07 46.98
N THR P 183 104.80 -0.29 47.45
CA THR P 183 104.98 -0.94 48.75
C THR P 183 104.38 -0.14 49.91
N GLY P 184 103.92 1.08 49.69
CA GLY P 184 103.42 1.91 50.76
C GLY P 184 101.91 2.08 50.85
N LEU P 185 101.15 1.29 50.10
CA LEU P 185 99.69 1.31 50.24
C LEU P 185 99.25 0.71 51.56
N HIS P 186 98.02 1.04 51.96
CA HIS P 186 97.50 0.71 53.28
C HIS P 186 96.42 -0.35 53.26
N ALA P 187 95.94 -0.77 52.09
CA ALA P 187 94.78 -1.65 52.12
C ALA P 187 94.94 -2.95 51.35
N SER P 188 95.66 -2.92 50.22
CA SER P 188 95.68 -4.05 49.29
C SER P 188 96.75 -5.05 49.72
N ASP P 189 96.31 -6.13 50.35
CA ASP P 189 97.23 -7.18 50.80
C ASP P 189 98.00 -7.77 49.64
N GLN P 190 97.29 -8.14 48.57
CA GLN P 190 97.94 -8.81 47.45
C GLN P 190 98.96 -7.89 46.77
N LEU P 191 98.59 -6.64 46.52
CA LEU P 191 99.51 -5.71 45.88
C LEU P 191 100.73 -5.44 46.75
N VAL P 192 100.51 -5.22 48.04
CA VAL P 192 101.64 -4.95 48.93
C VAL P 192 102.58 -6.15 48.99
N ARG P 193 102.03 -7.35 49.14
CA ARG P 193 102.89 -8.53 49.23
C ARG P 193 103.65 -8.76 47.94
N THR P 194 102.98 -8.59 46.79
CA THR P 194 103.67 -8.78 45.51
C THR P 194 104.79 -7.77 45.33
N ALA P 195 104.54 -6.51 45.65
CA ALA P 195 105.58 -5.49 45.50
C ALA P 195 106.74 -5.73 46.45
N TRP P 196 106.43 -6.13 47.69
CA TRP P 196 107.49 -6.37 48.66
C TRP P 196 108.31 -7.60 48.30
N GLU P 197 107.67 -8.60 47.67
CA GLU P 197 108.32 -9.88 47.41
C GLU P 197 109.12 -9.84 46.12
N ASN P 198 108.47 -9.55 44.99
CA ASN P 198 109.07 -9.73 43.69
C ASN P 198 109.29 -8.45 42.91
N ALA P 199 108.88 -7.30 43.46
CA ALA P 199 109.05 -6.00 42.80
C ALA P 199 108.41 -6.00 41.41
N GLN P 200 107.15 -6.43 41.35
CA GLN P 200 106.40 -6.50 40.10
C GLN P 200 105.19 -5.59 40.22
N ILE P 201 105.13 -4.56 39.37
CA ILE P 201 104.00 -3.65 39.32
C ILE P 201 102.84 -4.38 38.64
N PRO P 202 101.58 -3.96 38.86
CA PRO P 202 100.46 -4.65 38.23
C PRO P 202 100.47 -4.46 36.72
N THR P 203 99.72 -5.30 36.00
CA THR P 203 99.68 -5.19 34.55
C THR P 203 99.11 -3.85 34.11
N ASN P 204 98.04 -3.40 34.75
CA ASN P 204 97.47 -2.09 34.49
C ASN P 204 97.92 -1.10 35.56
N PHE P 205 98.27 0.11 35.12
CA PHE P 205 98.82 1.11 36.03
C PHE P 205 98.39 2.48 35.53
N GLY P 206 97.45 3.11 36.25
CA GLY P 206 96.98 4.42 35.85
C GLY P 206 96.09 4.44 34.63
N GLY P 207 95.48 3.32 34.29
CA GLY P 207 94.59 3.25 33.14
C GLY P 207 95.28 3.03 31.81
N ILE P 208 96.60 2.85 31.80
CA ILE P 208 97.36 2.65 30.58
C ILE P 208 98.22 1.40 30.76
N ARG P 209 98.29 0.57 29.72
CA ARG P 209 99.00 -0.69 29.85
C ARG P 209 100.50 -0.44 29.94
N ALA P 210 101.10 -0.81 31.06
CA ALA P 210 102.51 -0.55 31.32
C ALA P 210 103.32 -1.81 31.08
N LEU P 211 104.36 -1.70 30.28
CA LEU P 211 105.28 -2.80 30.01
C LEU P 211 106.69 -2.40 30.41
N MET P 212 107.47 -3.39 30.83
CA MET P 212 108.86 -3.19 31.23
C MET P 212 109.77 -3.77 30.17
N SER P 213 110.72 -2.96 29.70
CA SER P 213 111.62 -3.37 28.62
C SER P 213 112.99 -2.77 28.85
N ASN P 214 114.00 -3.63 28.95
CA ASN P 214 115.38 -3.18 29.07
C ASN P 214 116.00 -2.82 27.73
N GLY P 215 115.31 -3.09 26.62
CA GLY P 215 115.79 -2.70 25.32
C GLY P 215 115.01 -1.54 24.73
N LEU P 216 115.64 -0.38 24.65
CA LEU P 216 114.97 0.83 24.19
C LEU P 216 116.01 1.69 23.48
N ALA P 217 115.66 2.95 23.19
CA ALA P 217 116.53 3.84 22.47
C ALA P 217 117.13 4.88 23.41
N SER P 218 118.21 5.54 22.95
CA SER P 218 118.85 6.59 23.71
C SER P 218 119.38 7.62 22.73
N ARG P 219 119.56 8.84 23.22
CA ARG P 219 119.95 9.92 22.32
C ARG P 219 120.75 10.97 23.07
N THR P 220 121.56 11.72 22.32
CA THR P 220 122.28 12.88 22.84
C THR P 220 121.54 14.13 22.41
N GLN P 221 121.46 15.10 23.32
CA GLN P 221 120.60 16.27 23.09
C GLN P 221 121.11 17.12 21.92
N GLY P 222 122.40 17.41 21.87
CA GLY P 222 122.92 18.31 20.86
C GLY P 222 122.91 19.74 21.33
N ALA P 223 124.08 20.39 21.35
CA ALA P 223 124.22 21.69 22.00
C ALA P 223 123.42 22.76 21.27
N PHE P 224 122.82 23.66 22.05
CA PHE P 224 122.10 24.82 21.53
C PHE P 224 122.18 25.92 22.57
N GLY P 225 121.75 27.12 22.18
CA GLY P 225 121.78 28.25 23.10
C GLY P 225 121.19 29.48 22.47
N GLY P 226 120.94 30.47 23.31
CA GLY P 226 120.34 31.71 22.88
C GLY P 226 118.82 31.64 22.86
N THR P 227 118.21 32.78 22.55
CA THR P 227 116.77 32.86 22.42
C THR P 227 116.37 32.61 20.97
N LEU P 228 115.45 31.68 20.76
CA LEU P 228 115.04 31.28 19.43
C LEU P 228 113.64 31.80 19.12
N THR P 229 113.48 32.40 17.95
CA THR P 229 112.18 32.88 17.50
C THR P 229 112.02 32.56 16.02
N VAL P 230 110.77 32.42 15.59
CA VAL P 230 110.48 32.12 14.20
C VAL P 230 110.80 33.33 13.33
N LYS P 231 111.42 33.09 12.18
CA LYS P 231 111.82 34.18 11.29
C LYS P 231 110.69 34.55 10.34
N THR P 232 110.07 33.57 9.71
CA THR P 232 109.02 33.80 8.73
C THR P 232 107.83 32.90 9.06
N GLN P 233 106.63 33.41 8.81
CA GLN P 233 105.42 32.63 9.05
C GLN P 233 105.40 31.44 8.09
N PRO P 234 105.31 30.22 8.61
CA PRO P 234 105.34 29.03 7.74
C PRO P 234 103.98 28.78 7.12
N THR P 235 103.91 27.75 6.29
CA THR P 235 102.68 27.31 5.65
C THR P 235 102.22 26.02 6.32
N VAL P 236 101.12 26.11 7.07
CA VAL P 236 100.63 24.98 7.85
C VAL P 236 99.19 24.67 7.48
N THR P 237 98.82 24.96 6.24
CA THR P 237 97.47 24.68 5.77
C THR P 237 97.30 23.19 5.49
N TYR P 238 96.05 22.72 5.67
CA TYR P 238 95.76 21.31 5.45
C TYR P 238 96.01 20.90 4.00
N ASN P 239 95.79 21.81 3.06
CA ASN P 239 96.12 21.52 1.67
C ASN P 239 97.61 21.21 1.52
N ALA P 240 98.45 21.97 2.22
CA ALA P 240 99.89 21.77 2.11
C ALA P 240 100.36 20.52 2.84
N VAL P 241 99.82 20.25 4.03
CA VAL P 241 100.37 19.19 4.87
C VAL P 241 99.36 18.06 5.05
N LYS P 242 98.53 17.83 4.05
CA LYS P 242 97.51 16.78 4.13
C LYS P 242 98.07 15.40 3.81
N ASP P 243 99.35 15.27 3.47
CA ASP P 243 99.90 13.97 3.11
C ASP P 243 100.99 13.47 4.04
N SER P 244 101.65 14.32 4.84
CA SER P 244 102.78 13.85 5.62
C SER P 244 102.75 14.29 7.07
N TYR P 245 102.01 15.37 7.37
CA TYR P 245 102.05 16.01 8.68
C TYR P 245 103.49 16.37 9.09
N GLN P 246 104.26 16.89 8.14
CA GLN P 246 105.59 17.40 8.41
C GLN P 246 105.75 18.76 7.76
N PHE P 247 106.28 19.72 8.51
CA PHE P 247 106.41 21.07 8.00
C PHE P 247 107.77 21.64 8.35
N THR P 248 108.27 22.51 7.47
CA THR P 248 109.59 23.11 7.62
C THR P 248 109.44 24.52 8.17
N VAL P 249 110.32 24.87 9.11
CA VAL P 249 110.27 26.18 9.75
C VAL P 249 111.68 26.67 10.00
N THR P 250 111.85 27.99 9.94
CA THR P 250 113.14 28.64 10.16
C THR P 250 113.10 29.45 11.45
N LEU P 251 114.22 29.46 12.17
CA LEU P 251 114.35 30.13 13.44
C LEU P 251 115.60 30.99 13.45
N THR P 252 115.54 32.10 14.17
CA THR P 252 116.64 33.06 14.27
C THR P 252 117.07 33.22 15.72
N GLY P 253 118.23 33.83 15.90
CA GLY P 253 118.75 34.10 17.23
C GLY P 253 119.61 33.02 17.83
N ALA P 254 120.06 32.04 17.04
CA ALA P 254 120.90 30.97 17.55
C ALA P 254 122.34 31.45 17.70
N THR P 255 123.23 30.49 17.97
CA THR P 255 124.65 30.80 18.09
C THR P 255 125.24 31.16 16.73
N ALA P 256 126.51 31.53 16.73
CA ALA P 256 127.18 32.00 15.53
C ALA P 256 127.18 30.95 14.42
N SER P 257 127.91 29.85 14.63
CA SER P 257 127.95 28.74 13.67
C SER P 257 128.44 27.50 14.42
N VAL P 258 127.53 26.55 14.65
CA VAL P 258 127.85 25.30 15.32
C VAL P 258 127.24 24.17 14.50
N THR P 259 128.02 23.11 14.27
CA THR P 259 127.49 21.94 13.60
C THR P 259 126.67 21.10 14.58
N GLY P 260 125.66 20.41 14.04
CA GLY P 260 124.78 19.62 14.88
C GLY P 260 124.02 20.44 15.89
N PHE P 261 123.48 21.59 15.48
CA PHE P 261 122.76 22.45 16.41
C PHE P 261 121.55 21.75 16.98
N LEU P 262 120.81 21.03 16.15
CA LEU P 262 119.64 20.27 16.60
C LEU P 262 119.68 18.90 15.95
N LYS P 263 119.84 17.86 16.77
CA LYS P 263 119.94 16.50 16.28
C LYS P 263 118.56 15.83 16.30
N ALA P 264 118.51 14.63 15.72
CA ALA P 264 117.25 13.91 15.62
C ALA P 264 116.74 13.54 17.00
N GLY P 265 115.43 13.65 17.18
CA GLY P 265 114.77 13.31 18.43
C GLY P 265 114.51 14.48 19.34
N ASP P 266 115.11 15.64 19.08
CA ASP P 266 114.90 16.80 19.92
C ASP P 266 113.46 17.30 19.76
N GLN P 267 113.02 18.08 20.75
CA GLN P 267 111.65 18.57 20.78
C GLN P 267 111.64 20.09 20.90
N VAL P 268 110.86 20.74 20.04
CA VAL P 268 110.70 22.18 20.03
C VAL P 268 109.28 22.51 20.49
N LYS P 269 109.17 23.36 21.50
CA LYS P 269 107.90 23.72 22.12
C LYS P 269 107.59 25.17 21.80
N PHE P 270 106.38 25.43 21.31
CA PHE P 270 105.91 26.78 21.06
C PHE P 270 105.22 27.30 22.31
N THR P 271 105.68 28.45 22.80
CA THR P 271 105.25 28.91 24.13
C THR P 271 103.80 29.37 24.11
N ASN P 272 103.41 30.16 23.12
CA ASN P 272 102.10 30.81 23.10
C ASN P 272 101.18 30.21 22.03
N THR P 273 101.21 28.89 21.88
CA THR P 273 100.39 28.20 20.88
C THR P 273 99.86 26.93 21.53
N TYR P 274 98.54 26.87 21.72
CA TYR P 274 97.93 25.86 22.57
C TYR P 274 97.31 24.73 21.76
N TRP P 275 97.30 23.54 22.35
CA TRP P 275 96.64 22.40 21.75
C TRP P 275 95.12 22.60 21.77
N LEU P 276 94.44 21.95 20.83
CA LEU P 276 92.99 21.89 20.82
C LEU P 276 92.53 20.45 20.89
N GLN P 277 91.38 20.22 21.52
CA GLN P 277 90.71 18.93 21.37
C GLN P 277 90.21 18.81 19.94
N GLN P 278 90.46 17.65 19.33
CA GLN P 278 90.26 17.52 17.90
C GLN P 278 88.78 17.57 17.53
N GLN P 279 87.92 16.99 18.35
CA GLN P 279 86.50 16.92 17.99
C GLN P 279 85.72 18.15 18.42
N THR P 280 85.99 18.68 19.61
CA THR P 280 85.22 19.81 20.14
C THR P 280 85.82 21.16 19.77
N LYS P 281 87.11 21.20 19.43
CA LYS P 281 87.80 22.45 19.10
C LYS P 281 87.80 23.43 20.29
N GLN P 282 88.28 22.96 21.43
CA GLN P 282 88.48 23.79 22.61
C GLN P 282 89.91 23.65 23.09
N ALA P 283 90.48 24.75 23.56
CA ALA P 283 91.86 24.73 24.05
C ALA P 283 91.96 23.84 25.28
N LEU P 284 93.05 23.08 25.37
CA LEU P 284 93.28 22.18 26.50
C LEU P 284 93.82 22.98 27.68
N TYR P 285 93.28 22.70 28.86
CA TYR P 285 93.69 23.40 30.08
C TYR P 285 93.83 22.39 31.20
N ASN P 286 94.99 22.39 31.85
CA ASN P 286 95.22 21.62 33.07
C ASN P 286 95.01 22.56 34.24
N GLY P 287 93.77 22.62 34.73
CA GLY P 287 93.45 23.63 35.72
C GLY P 287 93.43 25.01 35.08
N ALA P 288 94.34 25.87 35.51
CA ALA P 288 94.50 27.19 34.91
C ALA P 288 95.71 27.27 34.00
N THR P 289 96.51 26.22 33.90
CA THR P 289 97.73 26.23 33.10
C THR P 289 97.45 25.64 31.73
N PRO P 290 97.60 26.40 30.65
CA PRO P 290 97.32 25.86 29.31
C PRO P 290 98.43 24.94 28.80
N ILE P 291 98.05 23.95 27.99
CA ILE P 291 99.04 23.07 27.40
C ILE P 291 99.53 23.67 26.09
N SER P 292 100.83 23.62 25.87
CA SER P 292 101.47 24.26 24.73
C SER P 292 101.81 23.24 23.65
N PHE P 293 101.81 23.72 22.41
CA PHE P 293 102.07 22.85 21.26
C PHE P 293 103.55 22.49 21.19
N THR P 294 103.82 21.27 20.69
CA THR P 294 105.18 20.78 20.60
C THR P 294 105.35 20.01 19.29
N ALA P 295 106.60 19.87 18.87
CA ALA P 295 106.94 19.15 17.65
C ALA P 295 108.32 18.54 17.81
N THR P 296 108.65 17.62 16.91
CA THR P 296 109.89 16.86 17.00
C THR P 296 110.76 17.11 15.78
N VAL P 297 112.06 17.27 16.01
CA VAL P 297 113.03 17.44 14.93
C VAL P 297 113.39 16.08 14.37
N THR P 298 113.24 15.92 13.05
CA THR P 298 113.47 14.61 12.44
C THR P 298 114.90 14.45 11.95
N ALA P 299 115.46 15.48 11.32
CA ALA P 299 116.79 15.40 10.73
C ALA P 299 117.71 16.42 11.40
N ASP P 300 119.01 16.15 11.30
CA ASP P 300 120.00 17.03 11.90
C ASP P 300 120.01 18.39 11.20
N ALA P 301 120.22 19.44 12.00
CA ALA P 301 120.21 20.79 11.49
C ALA P 301 121.32 21.61 12.14
N ASN P 302 122.00 22.41 11.32
CA ASN P 302 123.09 23.26 11.76
C ASN P 302 122.69 24.73 11.69
N SER P 303 123.56 25.58 12.23
CA SER P 303 123.34 27.03 12.25
C SER P 303 124.40 27.72 11.42
N ASP P 304 123.96 28.54 10.46
CA ASP P 304 124.88 29.29 9.63
C ASP P 304 125.25 30.60 10.31
N SER P 305 126.26 31.28 9.76
CA SER P 305 126.64 32.59 10.25
C SER P 305 125.45 33.55 10.13
N GLY P 306 125.19 34.28 11.19
CA GLY P 306 124.02 35.12 11.29
C GLY P 306 122.90 34.55 12.13
N GLY P 307 123.02 33.29 12.55
CA GLY P 307 122.06 32.69 13.46
C GLY P 307 120.72 32.36 12.84
N ASP P 308 120.72 31.52 11.80
CA ASP P 308 119.49 31.05 11.16
C ASP P 308 119.54 29.54 11.04
N VAL P 309 118.50 28.87 11.53
CA VAL P 309 118.42 27.41 11.52
C VAL P 309 117.12 27.01 10.84
N THR P 310 117.22 26.18 9.82
CA THR P 310 116.04 25.65 9.13
C THR P 310 115.86 24.18 9.52
N VAL P 311 114.69 23.84 10.03
CA VAL P 311 114.41 22.50 10.52
C VAL P 311 113.12 22.00 9.89
N THR P 312 112.94 20.68 9.95
CA THR P 312 111.74 20.01 9.46
C THR P 312 111.13 19.23 10.62
N LEU P 313 109.99 19.69 11.11
CA LEU P 313 109.35 19.10 12.27
C LEU P 313 108.20 18.19 11.86
N SER P 314 107.94 17.20 12.70
CA SER P 314 106.83 16.26 12.52
C SER P 314 105.71 16.62 13.49
N GLY P 315 104.49 16.70 12.97
CA GLY P 315 103.38 17.20 13.76
C GLY P 315 103.16 18.67 13.46
N VAL P 316 102.13 18.98 12.70
CA VAL P 316 101.91 20.32 12.16
C VAL P 316 100.79 21.00 12.93
N PRO P 317 100.92 22.29 13.24
CA PRO P 317 99.83 23.06 13.86
C PRO P 317 98.89 23.67 12.82
N ILE P 318 97.98 22.83 12.31
CA ILE P 318 97.10 23.27 11.23
C ILE P 318 96.19 24.39 11.72
N TYR P 319 96.23 25.53 11.02
CA TYR P 319 95.32 26.65 11.26
C TYR P 319 94.91 27.18 9.88
N ASP P 320 93.82 26.66 9.35
CA ASP P 320 93.35 26.99 8.01
C ASP P 320 92.17 27.94 8.12
N THR P 321 92.27 29.09 7.46
CA THR P 321 91.21 30.09 7.47
C THR P 321 90.11 29.80 6.48
N THR P 322 90.30 28.84 5.57
CA THR P 322 89.27 28.46 4.62
C THR P 322 88.60 27.14 4.95
N ASN P 323 89.27 26.26 5.68
CA ASN P 323 88.71 24.97 6.12
C ASN P 323 88.93 24.84 7.62
N PRO P 324 88.12 25.53 8.43
CA PRO P 324 88.33 25.48 9.89
C PRO P 324 88.04 24.11 10.48
N GLN P 325 87.54 23.18 9.68
CA GLN P 325 87.24 21.85 10.17
C GLN P 325 88.49 21.14 10.67
N TYR P 326 89.59 21.29 9.93
CA TYR P 326 90.82 20.56 10.22
C TYR P 326 91.76 21.31 11.16
N ASN P 327 91.26 22.36 11.82
CA ASN P 327 92.08 23.08 12.80
C ASN P 327 92.47 22.15 13.94
N SER P 328 93.76 22.18 14.31
CA SER P 328 94.23 21.35 15.42
C SER P 328 95.17 22.12 16.34
N VAL P 329 95.03 23.44 16.44
CA VAL P 329 95.89 24.25 17.30
C VAL P 329 95.18 25.58 17.53
N SER P 330 95.51 26.23 18.65
CA SER P 330 94.72 27.35 19.13
C SER P 330 94.79 28.54 18.17
N ARG P 331 96.00 28.96 17.79
CA ARG P 331 96.17 30.17 17.02
C ARG P 331 97.25 29.99 15.96
N GLN P 332 97.25 30.91 15.00
CA GLN P 332 98.24 30.88 13.92
C GLN P 332 99.63 31.18 14.47
N VAL P 333 100.62 30.47 13.92
CA VAL P 333 102.03 30.70 14.31
C VAL P 333 102.55 31.80 13.41
N GLU P 334 102.52 33.03 13.92
CA GLU P 334 102.97 34.18 13.16
C GLU P 334 104.43 34.48 13.45
N ALA P 335 105.02 35.32 12.59
CA ALA P 335 106.43 35.66 12.73
C ALA P 335 106.69 36.43 14.01
N GLY P 336 107.85 36.18 14.62
CA GLY P 336 108.22 36.82 15.86
C GLY P 336 107.85 36.05 17.11
N ASP P 337 107.11 34.95 16.99
CA ASP P 337 106.74 34.16 18.16
C ASP P 337 107.96 33.51 18.78
N ALA P 338 107.92 33.34 20.10
CA ALA P 338 109.02 32.76 20.84
C ALA P 338 108.85 31.25 20.93
N VAL P 339 109.96 30.52 20.83
CA VAL P 339 109.96 29.07 20.93
C VAL P 339 110.99 28.66 21.98
N SER P 340 111.05 27.35 22.24
CA SER P 340 112.02 26.81 23.17
C SER P 340 112.34 25.38 22.78
N VAL P 341 113.44 24.87 23.32
CA VAL P 341 113.89 23.50 23.09
C VAL P 341 113.83 22.75 24.41
N VAL P 342 113.17 21.59 24.41
CA VAL P 342 113.00 20.83 25.64
C VAL P 342 114.27 20.06 25.94
N GLY P 343 114.82 20.26 27.15
CA GLY P 343 115.97 19.53 27.61
C GLY P 343 117.10 20.45 28.00
N THR P 344 118.33 19.92 27.94
CA THR P 344 119.53 20.67 28.28
C THR P 344 120.50 20.67 27.12
N ALA P 345 121.74 21.11 27.37
CA ALA P 345 122.70 21.37 26.30
C ALA P 345 123.09 20.12 25.53
N SER P 346 123.83 19.19 26.15
CA SER P 346 124.36 18.06 25.40
C SER P 346 124.36 16.74 26.18
N GLN P 347 123.42 16.54 27.10
CA GLN P 347 123.42 15.30 27.85
C GLN P 347 122.89 14.15 27.00
N THR P 348 123.23 12.93 27.42
CA THR P 348 122.66 11.72 26.87
C THR P 348 121.52 11.24 27.77
N MET P 349 120.46 10.72 27.16
CA MET P 349 119.31 10.29 27.95
C MET P 349 118.51 9.25 27.18
N LYS P 350 117.69 8.50 27.92
CA LYS P 350 116.86 7.43 27.40
C LYS P 350 115.40 7.80 27.64
N PRO P 351 114.73 8.37 26.63
CA PRO P 351 113.34 8.78 26.82
C PRO P 351 112.42 7.59 26.99
N ASN P 352 111.32 7.81 27.70
CA ASN P 352 110.26 6.83 27.81
C ASN P 352 109.24 7.05 26.71
N LEU P 353 108.56 5.97 26.31
CA LEU P 353 107.68 5.99 25.15
C LEU P 353 106.28 5.55 25.53
N PHE P 354 105.30 6.43 25.33
CA PHE P 354 103.89 6.10 25.48
C PHE P 354 103.18 6.39 24.17
N TYR P 355 102.32 5.48 23.75
CA TYR P 355 101.72 5.57 22.42
C TYR P 355 100.44 4.76 22.35
N ASN P 356 99.59 5.16 21.41
CA ASN P 356 98.42 4.37 21.06
C ASN P 356 98.81 3.27 20.07
N LYS P 357 97.92 2.30 19.89
CA LYS P 357 98.24 1.15 19.04
C LYS P 357 98.39 1.55 17.58
N PHE P 358 97.54 2.47 17.10
CA PHE P 358 97.55 2.86 15.69
C PHE P 358 98.47 4.02 15.40
N PHE P 359 99.44 4.30 16.28
CA PHE P 359 100.43 5.34 16.00
C PHE P 359 101.37 4.91 14.89
N CYS P 360 101.92 3.71 14.99
CA CYS P 360 102.92 3.20 14.06
C CYS P 360 102.51 1.82 13.55
N GLY P 361 103.26 1.32 12.56
CA GLY P 361 102.99 0.01 11.99
C GLY P 361 104.23 -0.60 11.37
N LEU P 362 104.42 -1.90 11.56
CA LEU P 362 105.61 -2.59 11.11
C LEU P 362 105.22 -3.78 10.25
N GLY P 363 105.98 -3.99 9.17
CA GLY P 363 105.78 -5.16 8.34
C GLY P 363 107.11 -5.61 7.78
N SER P 364 107.08 -6.76 7.11
CA SER P 364 108.27 -7.27 6.43
C SER P 364 107.83 -7.95 5.15
N ILE P 365 108.75 -8.03 4.19
CA ILE P 365 108.38 -8.65 2.92
C ILE P 365 109.29 -9.85 2.66
N PRO P 366 108.79 -10.90 1.99
CA PRO P 366 109.60 -12.08 1.73
C PRO P 366 110.49 -11.93 0.51
N LEU P 367 111.65 -12.55 0.57
CA LEU P 367 112.59 -12.47 -0.54
C LEU P 367 112.66 -13.79 -1.28
N PRO P 368 112.84 -13.75 -2.61
CA PRO P 368 112.93 -15.00 -3.38
C PRO P 368 114.30 -15.64 -3.27
N LYS P 369 114.50 -16.75 -3.99
CA LYS P 369 115.74 -17.52 -3.93
C LYS P 369 116.58 -17.23 -5.17
N LEU P 370 117.87 -17.00 -4.97
CA LEU P 370 118.78 -16.75 -6.08
C LEU P 370 118.99 -18.03 -6.90
N HIS P 371 119.38 -17.84 -8.16
CA HIS P 371 119.55 -18.97 -9.05
C HIS P 371 120.81 -19.76 -8.71
N SER P 372 120.66 -21.08 -8.64
CA SER P 372 121.78 -22.02 -8.52
C SER P 372 122.60 -21.77 -7.26
N ILE P 373 121.97 -21.32 -6.18
CA ILE P 373 122.64 -21.06 -4.91
C ILE P 373 121.83 -21.74 -3.81
N ASP P 374 122.50 -22.51 -2.96
CA ASP P 374 121.82 -23.18 -1.87
C ASP P 374 121.29 -22.16 -0.86
N SER P 375 120.02 -22.34 -0.48
CA SER P 375 119.35 -21.39 0.39
C SER P 375 118.42 -22.15 1.34
N ALA P 376 118.09 -21.50 2.45
CA ALA P 376 117.16 -22.04 3.42
C ALA P 376 116.41 -20.90 4.09
N VAL P 377 115.28 -21.24 4.69
CA VAL P 377 114.40 -20.27 5.34
C VAL P 377 114.13 -20.74 6.77
N ALA P 378 114.23 -19.83 7.72
CA ALA P 378 113.96 -20.15 9.12
C ALA P 378 113.09 -19.06 9.74
N THR P 379 112.16 -19.47 10.59
CA THR P 379 111.26 -18.56 11.27
C THR P 379 111.73 -18.40 12.72
N TYR P 380 112.20 -17.21 13.06
CA TYR P 380 112.61 -16.88 14.41
C TYR P 380 111.74 -15.74 14.93
N GLU P 381 111.04 -15.99 16.03
CA GLU P 381 110.18 -15.00 16.67
C GLU P 381 109.21 -14.40 15.65
N GLY P 382 108.56 -15.29 14.90
CA GLY P 382 107.60 -14.87 13.90
C GLY P 382 108.18 -14.06 12.76
N PHE P 383 109.47 -14.16 12.52
CA PHE P 383 110.11 -13.43 11.42
C PHE P 383 110.82 -14.42 10.51
N SER P 384 110.60 -14.28 9.22
CA SER P 384 111.23 -15.14 8.22
C SER P 384 112.60 -14.61 7.86
N ILE P 385 113.61 -15.48 7.89
CA ILE P 385 114.99 -15.12 7.60
C ILE P 385 115.52 -16.11 6.57
N ARG P 386 116.15 -15.58 5.52
CA ARG P 386 116.67 -16.39 4.43
C ARG P 386 118.20 -16.43 4.50
N VAL P 387 118.76 -17.63 4.42
CA VAL P 387 120.20 -17.85 4.47
C VAL P 387 120.65 -18.40 3.12
N HIS P 388 121.71 -17.81 2.57
CA HIS P 388 122.30 -18.21 1.31
C HIS P 388 123.75 -18.63 1.53
N LYS P 389 124.15 -19.77 0.97
CA LYS P 389 125.49 -20.30 1.12
C LYS P 389 126.12 -20.51 -0.25
N TYR P 390 127.35 -20.01 -0.42
CA TYR P 390 128.07 -20.17 -1.69
C TYR P 390 129.56 -20.18 -1.41
N ALA P 391 130.35 -20.19 -2.47
CA ALA P 391 131.80 -20.26 -2.36
C ALA P 391 132.44 -19.57 -3.55
N ASP P 392 133.77 -19.49 -3.52
CA ASP P 392 134.57 -18.93 -4.60
C ASP P 392 135.49 -20.04 -5.11
N GLY P 393 135.35 -20.38 -6.39
CA GLY P 393 136.12 -21.48 -6.93
C GLY P 393 137.61 -21.20 -6.99
N ASP P 394 137.97 -19.95 -7.27
CA ASP P 394 139.37 -19.59 -7.52
C ASP P 394 140.12 -19.17 -6.27
N ALA P 395 139.49 -19.22 -5.09
CA ALA P 395 140.14 -18.74 -3.87
C ALA P 395 139.98 -19.68 -2.69
N ASN P 396 139.31 -20.81 -2.85
CA ASN P 396 139.07 -21.77 -1.77
C ASN P 396 138.42 -21.10 -0.56
N VAL P 397 137.46 -20.21 -0.83
CA VAL P 397 136.78 -19.44 0.20
C VAL P 397 135.31 -19.84 0.22
N GLN P 398 134.77 -20.01 1.41
CA GLN P 398 133.35 -20.31 1.60
C GLN P 398 132.68 -19.12 2.28
N LYS P 399 131.52 -18.73 1.78
CA LYS P 399 130.81 -17.56 2.29
C LYS P 399 129.35 -17.90 2.49
N MET P 400 128.72 -17.21 3.45
CA MET P 400 127.29 -17.40 3.68
C MET P 400 126.74 -16.12 4.30
N ARG P 401 125.42 -15.96 4.16
CA ARG P 401 124.78 -14.70 4.55
C ARG P 401 123.33 -14.95 4.94
N PHE P 402 122.80 -14.00 5.71
CA PHE P 402 121.41 -14.00 6.15
C PHE P 402 120.80 -12.63 5.84
N ASP P 403 119.53 -12.64 5.41
CA ASP P 403 118.89 -11.42 4.94
C ASP P 403 117.51 -11.25 5.57
N LEU P 404 116.98 -10.03 5.44
CA LEU P 404 115.66 -9.65 5.92
C LEU P 404 115.34 -8.25 5.39
N LEU P 405 114.09 -7.99 5.06
CA LEU P 405 113.68 -6.69 4.55
C LEU P 405 112.41 -6.20 5.24
N PRO P 406 112.53 -5.18 6.11
CA PRO P 406 111.37 -4.63 6.81
C PRO P 406 110.77 -3.40 6.13
N ALA P 407 109.66 -2.91 6.68
CA ALA P 407 109.02 -1.68 6.23
C ALA P 407 108.24 -1.08 7.38
N TYR P 408 108.24 0.25 7.46
CA TYR P 408 107.65 0.97 8.59
C TYR P 408 106.66 2.02 8.08
N VAL P 409 105.62 2.26 8.87
CA VAL P 409 104.60 3.26 8.56
C VAL P 409 104.29 4.05 9.83
N CYS P 410 104.10 5.36 9.67
CA CYS P 410 103.63 6.22 10.75
C CYS P 410 102.26 6.75 10.38
N PHE P 411 101.23 6.30 11.08
CA PHE P 411 99.87 6.65 10.70
C PHE P 411 99.56 8.11 11.06
N ASN P 412 99.62 8.44 12.35
CA ASN P 412 99.31 9.77 12.84
C ASN P 412 100.34 10.21 13.86
N PRO P 413 101.13 11.25 13.60
CA PRO P 413 102.15 11.68 14.56
C PRO P 413 101.59 12.29 15.84
N HIS P 414 100.26 12.37 15.98
CA HIS P 414 99.65 12.99 17.14
C HIS P 414 99.15 11.96 18.17
N MET P 415 99.55 10.70 18.03
CA MET P 415 99.11 9.64 18.94
C MET P 415 100.31 8.95 19.56
N GLY P 416 101.30 9.72 19.99
CA GLY P 416 102.46 9.15 20.64
C GLY P 416 103.52 10.21 20.84
N GLY P 417 104.49 9.87 21.66
CA GLY P 417 105.58 10.77 21.98
C GLY P 417 106.31 10.33 23.23
N GLN P 418 107.11 11.25 23.76
CA GLN P 418 107.92 10.95 24.94
C GLN P 418 107.32 11.62 26.17
N PHE P 419 107.64 11.04 27.33
CA PHE P 419 107.16 11.61 28.59
C PHE P 419 108.20 11.35 29.67
N PHE P 420 108.20 12.24 30.67
CA PHE P 420 109.12 12.15 31.80
C PHE P 420 108.36 12.51 33.07
N GLY P 421 109.04 12.40 34.20
CA GLY P 421 108.46 12.85 35.44
C GLY P 421 108.38 14.37 35.51
N ASN P 422 107.51 14.86 36.39
CA ASN P 422 107.34 16.28 36.55
C ASN P 422 107.39 16.65 38.03
N PRO P 423 108.16 17.70 38.38
CA PRO P 423 108.30 18.15 39.77
C PRO P 423 107.12 18.98 40.24
N PRO Q 2 13.59 -5.38 171.64
CA PRO Q 2 13.87 -4.06 171.10
C PRO Q 2 14.57 -4.10 169.74
N ASN Q 3 15.88 -4.28 169.74
CA ASN Q 3 16.69 -4.26 168.53
C ASN Q 3 17.19 -5.67 168.24
N ASN Q 4 17.04 -6.10 166.97
CA ASN Q 4 17.61 -7.36 166.53
C ASN Q 4 18.78 -7.17 165.56
N LEU Q 5 18.64 -6.26 164.59
CA LEU Q 5 19.73 -5.88 163.70
C LEU Q 5 20.33 -7.10 163.00
N ASP Q 6 19.53 -7.72 162.15
CA ASP Q 6 19.96 -8.91 161.42
C ASP Q 6 20.81 -8.50 160.23
N SER Q 7 22.01 -9.09 160.14
CA SER Q 7 22.92 -8.88 159.02
C SER Q 7 23.19 -10.17 158.27
N ASN Q 8 22.36 -11.20 158.46
CA ASN Q 8 22.55 -12.47 157.75
C ASN Q 8 22.23 -12.32 156.26
N VAL Q 9 21.27 -11.47 155.93
CA VAL Q 9 20.82 -11.36 154.54
C VAL Q 9 21.87 -10.60 153.72
N SER Q 10 21.72 -10.71 152.40
CA SER Q 10 22.62 -10.08 151.44
C SER Q 10 21.84 -9.19 150.51
N GLN Q 11 22.51 -8.19 149.96
CA GLN Q 11 21.90 -7.24 149.03
C GLN Q 11 22.20 -7.71 147.60
N ILE Q 12 21.22 -8.34 146.96
CA ILE Q 12 21.41 -8.93 145.66
C ILE Q 12 20.87 -8.00 144.58
N VAL Q 13 21.36 -8.16 143.36
CA VAL Q 13 20.90 -7.43 142.19
C VAL Q 13 20.62 -8.45 141.10
N LEU Q 14 19.37 -8.51 140.63
CA LEU Q 14 19.02 -9.48 139.61
C LEU Q 14 19.62 -9.12 138.26
N LYS Q 15 19.83 -10.13 137.44
CA LYS Q 15 20.46 -9.96 136.12
C LYS Q 15 19.41 -9.74 135.04
N LYS Q 16 18.60 -8.70 135.25
CA LYS Q 16 17.57 -8.32 134.30
C LYS Q 16 17.66 -6.83 134.02
N PHE Q 17 17.36 -6.45 132.78
CA PHE Q 17 17.45 -5.07 132.33
C PHE Q 17 16.05 -4.54 132.03
N LEU Q 18 15.73 -3.40 132.63
CA LEU Q 18 14.43 -2.77 132.41
C LEU Q 18 14.36 -2.16 131.01
N PRO Q 19 13.18 -2.16 130.39
CA PRO Q 19 13.04 -1.58 129.05
C PRO Q 19 13.33 -0.08 129.06
N GLY Q 20 13.82 0.41 127.93
CA GLY Q 20 14.17 1.81 127.81
C GLY Q 20 13.29 2.58 126.84
N PHE Q 21 13.85 3.60 126.20
CA PHE Q 21 13.12 4.45 125.27
C PHE Q 21 13.68 4.24 123.87
N MET Q 22 12.88 4.63 122.87
CA MET Q 22 13.25 4.39 121.48
C MET Q 22 12.66 5.50 120.62
N SER Q 23 13.22 5.66 119.42
CA SER Q 23 12.75 6.65 118.46
C SER Q 23 12.49 5.92 117.14
N ASP Q 24 12.22 6.69 116.09
CA ASP Q 24 11.86 6.14 114.78
C ASP Q 24 12.74 6.75 113.69
N LEU Q 25 12.84 6.02 112.59
CA LEU Q 25 13.77 6.35 111.51
C LEU Q 25 13.00 6.39 110.20
N VAL Q 26 12.65 7.60 109.74
CA VAL Q 26 11.89 7.72 108.50
C VAL Q 26 12.60 8.64 107.51
N LEU Q 27 13.40 9.58 108.03
CA LEU Q 27 14.05 10.54 107.14
C LEU Q 27 15.11 9.88 106.27
N ALA Q 28 15.92 9.01 106.86
CA ALA Q 28 16.93 8.30 106.08
C ALA Q 28 16.27 7.42 105.02
N LYS Q 29 15.10 6.89 105.32
CA LYS Q 29 14.37 6.06 104.36
C LYS Q 29 13.81 6.89 103.22
N THR Q 30 13.26 8.08 103.49
CA THR Q 30 12.56 8.82 102.47
C THR Q 30 13.47 9.74 101.64
N VAL Q 31 14.52 10.29 102.24
CA VAL Q 31 15.41 11.19 101.51
C VAL Q 31 16.16 10.41 100.42
N ASP Q 32 16.40 11.07 99.29
CA ASP Q 32 17.02 10.42 98.14
C ASP Q 32 18.37 9.82 98.51
N ARG Q 33 18.64 8.62 98.00
CA ARG Q 33 19.86 7.89 98.32
C ARG Q 33 20.61 7.35 97.11
N GLN Q 34 19.94 7.07 96.00
CA GLN Q 34 20.58 6.40 94.87
C GLN Q 34 21.54 7.31 94.09
N LEU Q 35 21.33 8.62 94.12
CA LEU Q 35 22.20 9.51 93.35
C LEU Q 35 23.62 9.52 93.89
N LEU Q 36 23.77 9.67 95.21
CA LEU Q 36 25.07 9.82 95.84
C LEU Q 36 25.70 8.50 96.24
N ALA Q 37 25.03 7.37 95.99
CA ALA Q 37 25.50 6.07 96.45
C ALA Q 37 26.78 5.70 95.71
N GLY Q 38 27.88 5.56 96.45
CA GLY Q 38 29.12 5.08 95.88
C GLY Q 38 29.74 6.01 94.84
N GLU Q 39 29.77 7.31 95.12
CA GLU Q 39 30.38 8.28 94.22
C GLU Q 39 31.61 8.96 94.78
N ILE Q 40 31.81 8.93 96.10
CA ILE Q 40 32.97 9.52 96.73
C ILE Q 40 33.88 8.36 97.16
N ASN Q 41 35.09 8.33 96.60
CA ASN Q 41 36.02 7.24 96.87
C ASN Q 41 37.44 7.81 96.81
N SER Q 42 38.43 6.92 96.69
CA SER Q 42 39.83 7.31 96.77
C SER Q 42 40.29 8.14 95.57
N SER Q 43 39.49 8.24 94.50
CA SER Q 43 39.93 8.88 93.28
C SER Q 43 39.08 10.08 92.89
N THR Q 44 38.32 10.64 93.82
CA THR Q 44 37.51 11.81 93.51
C THR Q 44 37.68 12.90 94.56
N GLY Q 45 38.16 12.53 95.73
CA GLY Q 45 38.41 13.50 96.78
C GLY Q 45 37.30 13.55 97.80
N ASP Q 46 37.15 14.68 98.47
CA ASP Q 46 36.10 14.89 99.47
C ASP Q 46 35.01 15.80 98.94
N SER Q 47 34.79 15.79 97.62
CA SER Q 47 33.80 16.67 97.01
C SER Q 47 33.35 16.07 95.69
N VAL Q 48 32.03 16.08 95.47
CA VAL Q 48 31.44 15.56 94.23
C VAL Q 48 30.48 16.62 93.70
N SER Q 49 30.24 16.60 92.40
CA SER Q 49 29.43 17.62 91.76
C SER Q 49 28.42 17.00 90.81
N PHE Q 50 27.28 17.66 90.69
CA PHE Q 50 26.24 17.33 89.73
C PHE Q 50 25.89 18.57 88.92
N LYS Q 51 25.46 18.38 87.67
CA LYS Q 51 25.14 19.51 86.83
C LYS Q 51 23.74 20.06 87.16
N ARG Q 52 23.46 21.26 86.62
CA ARG Q 52 22.15 21.89 86.77
C ARG Q 52 21.47 22.03 85.42
N PRO Q 53 20.14 22.02 85.37
CA PRO Q 53 19.44 22.20 84.10
C PRO Q 53 19.53 23.63 83.59
N HIS Q 54 19.24 23.77 82.30
CA HIS Q 54 19.33 25.06 81.62
C HIS Q 54 17.95 25.65 81.38
N GLN Q 55 17.91 26.97 81.19
CA GLN Q 55 16.70 27.70 80.88
C GLN Q 55 16.99 28.69 79.77
N PHE Q 56 15.93 29.06 79.02
CA PHE Q 56 16.09 29.89 77.83
C PHE Q 56 15.04 30.98 77.81
N SER Q 57 15.16 31.87 76.83
CA SER Q 57 14.23 32.97 76.63
C SER Q 57 13.97 33.14 75.14
N SER Q 58 12.83 33.76 74.82
CA SER Q 58 12.37 33.87 73.45
C SER Q 58 12.33 35.33 73.00
N LEU Q 59 12.57 35.54 71.71
CA LEU Q 59 12.46 36.84 71.09
C LEU Q 59 11.16 36.94 70.32
N ARG Q 60 10.61 38.16 70.25
CA ARG Q 60 9.33 38.38 69.58
C ARG Q 60 9.54 39.44 68.50
N THR Q 61 9.49 39.02 67.25
CA THR Q 61 9.66 39.88 66.09
C THR Q 61 8.56 39.61 65.07
N PRO Q 62 8.15 40.64 64.30
CA PRO Q 62 7.06 40.44 63.35
C PRO Q 62 7.44 39.73 62.06
N THR Q 63 8.73 39.64 61.73
CA THR Q 63 9.13 39.04 60.47
C THR Q 63 10.29 38.06 60.60
N GLY Q 64 10.49 37.47 61.77
CA GLY Q 64 11.55 36.48 61.93
C GLY Q 64 12.95 37.04 61.95
N ASP Q 65 13.09 38.35 62.16
CA ASP Q 65 14.38 39.02 62.12
C ASP Q 65 14.93 39.13 63.53
N ILE Q 66 16.16 38.66 63.73
CA ILE Q 66 16.84 38.72 65.02
C ILE Q 66 18.24 39.29 64.89
N SER Q 67 18.50 40.08 63.84
CA SER Q 67 19.84 40.61 63.63
C SER Q 67 20.23 41.61 64.71
N GLY Q 68 19.35 42.57 65.00
CA GLY Q 68 19.70 43.61 65.94
C GLY Q 68 19.87 43.10 67.36
N GLN Q 69 18.99 42.19 67.79
CA GLN Q 69 19.00 41.72 69.17
C GLN Q 69 20.15 40.75 69.38
N ASN Q 70 20.25 40.21 70.59
CA ASN Q 70 21.31 39.28 70.97
C ASN Q 70 20.71 37.92 71.31
N LYS Q 71 21.54 36.89 71.19
CA LYS Q 71 21.11 35.52 71.38
C LYS Q 71 21.19 35.15 72.86
N ASN Q 72 20.98 33.87 73.18
CA ASN Q 72 21.08 33.40 74.54
C ASN Q 72 22.52 33.00 74.86
N ASN Q 73 22.82 32.96 76.15
CA ASN Q 73 24.09 32.44 76.63
C ASN Q 73 23.88 31.07 77.28
N LEU Q 74 24.97 30.34 77.45
CA LEU Q 74 24.93 29.00 78.04
C LEU Q 74 25.76 29.00 79.31
N ILE Q 75 25.14 29.38 80.42
CA ILE Q 75 25.79 29.37 81.73
C ILE Q 75 25.51 28.04 82.40
N SER Q 76 26.57 27.37 82.84
CA SER Q 76 26.45 26.06 83.49
C SER Q 76 26.71 26.20 84.98
N GLY Q 77 25.87 25.54 85.77
CA GLY Q 77 26.01 25.53 87.21
C GLY Q 77 26.03 24.12 87.76
N LYS Q 78 26.52 23.99 88.98
CA LYS Q 78 26.67 22.69 89.61
C LYS Q 78 26.24 22.74 91.06
N ALA Q 79 25.83 21.59 91.57
CA ALA Q 79 25.55 21.38 92.98
C ALA Q 79 26.62 20.47 93.56
N THR Q 80 27.23 20.89 94.65
CA THR Q 80 28.40 20.22 95.21
C THR Q 80 28.06 19.59 96.56
N GLY Q 81 28.55 18.37 96.76
CA GLY Q 81 28.37 17.67 98.02
C GLY Q 81 29.72 17.30 98.62
N ARG Q 82 29.78 17.35 99.95
CA ARG Q 82 31.01 17.14 100.69
C ARG Q 82 30.77 16.16 101.82
N VAL Q 83 31.85 15.55 102.30
CA VAL Q 83 31.78 14.63 103.43
C VAL Q 83 31.72 15.43 104.71
N GLY Q 84 31.13 14.83 105.74
CA GLY Q 84 31.00 15.51 107.02
C GLY Q 84 32.11 15.17 107.99
N ASN Q 85 31.74 14.80 109.21
CA ASN Q 85 32.71 14.44 110.24
C ASN Q 85 32.41 13.04 110.75
N TYR Q 86 33.39 12.46 111.43
CA TYR Q 86 33.23 11.12 112.00
C TYR Q 86 32.13 11.11 113.06
N ILE Q 87 31.43 9.99 113.15
CA ILE Q 87 30.52 9.73 114.27
C ILE Q 87 31.18 8.62 115.07
N THR Q 88 32.00 9.01 116.05
CA THR Q 88 32.84 8.10 116.79
C THR Q 88 32.31 7.97 118.21
N VAL Q 89 32.19 6.74 118.70
CA VAL Q 89 31.80 6.48 120.08
C VAL Q 89 32.76 5.46 120.67
N ALA Q 90 33.40 5.82 121.79
CA ALA Q 90 34.48 5.02 122.34
C ALA Q 90 34.28 4.84 123.84
N VAL Q 91 34.74 3.69 124.35
CA VAL Q 91 34.67 3.38 125.76
C VAL Q 91 35.98 2.75 126.21
N GLU Q 92 36.23 2.85 127.52
CA GLU Q 92 37.43 2.33 128.16
C GLU Q 92 37.04 1.60 129.43
N TYR Q 93 37.84 0.61 129.81
CA TYR Q 93 37.68 -0.01 131.12
C TYR Q 93 38.98 -0.72 131.48
N GLN Q 94 39.17 -0.94 132.77
CA GLN Q 94 40.39 -1.53 133.29
C GLN Q 94 40.27 -3.04 133.42
N GLN Q 95 41.43 -3.70 133.48
CA GLN Q 95 41.45 -5.16 133.52
C GLN Q 95 40.81 -5.69 134.79
N LEU Q 96 41.15 -5.12 135.94
CA LEU Q 96 40.52 -5.58 137.18
C LEU Q 96 39.04 -5.22 137.20
N GLU Q 97 38.67 -4.08 136.64
CA GLU Q 97 37.26 -3.70 136.56
C GLU Q 97 36.46 -4.74 135.78
N GLU Q 98 36.97 -5.15 134.62
CA GLU Q 98 36.26 -6.16 133.86
C GLU Q 98 36.41 -7.56 134.46
N ALA Q 99 37.42 -7.77 135.31
CA ALA Q 99 37.59 -9.05 135.95
C ALA Q 99 36.62 -9.28 137.10
N ILE Q 100 36.32 -8.25 137.89
CA ILE Q 100 35.49 -8.41 139.08
C ILE Q 100 34.10 -7.78 138.90
N LYS Q 101 34.03 -6.56 138.37
CA LYS Q 101 32.78 -5.82 138.42
C LYS Q 101 31.92 -6.03 137.18
N LEU Q 102 32.54 -6.09 136.00
CA LEU Q 102 31.77 -6.09 134.76
C LEU Q 102 31.11 -7.44 134.51
N ASN Q 103 29.78 -7.44 134.48
CA ASN Q 103 28.99 -8.60 134.11
C ASN Q 103 28.06 -8.21 132.98
N GLN Q 104 27.85 -9.13 132.03
CA GLN Q 104 26.99 -8.90 130.87
C GLN Q 104 27.45 -7.68 130.07
N LEU Q 105 28.75 -7.68 129.74
CA LEU Q 105 29.32 -6.58 128.99
C LEU Q 105 28.68 -6.45 127.61
N GLU Q 106 28.38 -7.59 126.97
CA GLU Q 106 27.76 -7.55 125.64
C GLU Q 106 26.40 -6.87 125.70
N GLU Q 107 25.59 -7.23 126.69
CA GLU Q 107 24.29 -6.59 126.85
C GLU Q 107 24.40 -5.13 127.27
N ILE Q 108 25.45 -4.78 128.01
CA ILE Q 108 25.69 -3.37 128.32
C ILE Q 108 25.98 -2.58 127.05
N LEU Q 109 26.80 -3.15 126.17
CA LEU Q 109 27.28 -2.46 124.98
C LEU Q 109 26.32 -2.58 123.79
N ALA Q 110 25.26 -3.36 123.92
CA ALA Q 110 24.30 -3.52 122.82
C ALA Q 110 23.74 -2.22 122.24
N PRO Q 111 23.30 -1.22 123.03
CA PRO Q 111 22.56 -0.09 122.43
C PRO Q 111 23.41 0.99 121.78
N VAL Q 112 24.68 0.70 121.48
CA VAL Q 112 25.56 1.71 120.88
C VAL Q 112 25.12 2.08 119.47
N ARG Q 113 24.78 1.08 118.66
CA ARG Q 113 24.41 1.34 117.27
C ARG Q 113 23.14 2.18 117.17
N GLN Q 114 22.21 2.00 118.10
CA GLN Q 114 21.02 2.83 118.13
C GLN Q 114 21.39 4.29 118.31
N ARG Q 115 22.32 4.57 119.24
CA ARG Q 115 22.78 5.95 119.43
C ARG Q 115 23.45 6.49 118.18
N ILE Q 116 24.26 5.65 117.52
CA ILE Q 116 24.95 6.10 116.31
C ILE Q 116 23.93 6.52 115.25
N VAL Q 117 22.94 5.67 114.99
CA VAL Q 117 21.96 5.97 113.96
C VAL Q 117 21.10 7.17 114.36
N THR Q 118 20.80 7.29 115.66
CA THR Q 118 20.03 8.43 116.12
C THR Q 118 20.78 9.74 115.88
N ASP Q 119 22.09 9.76 116.18
CA ASP Q 119 22.88 10.95 115.92
C ASP Q 119 22.93 11.26 114.42
N LEU Q 120 23.08 10.22 113.59
CA LEU Q 120 23.12 10.45 112.15
C LEU Q 120 21.84 11.09 111.65
N GLU Q 121 20.69 10.55 112.06
CA GLU Q 121 19.43 11.11 111.59
C GLU Q 121 19.14 12.49 112.18
N THR Q 122 19.55 12.74 113.43
CA THR Q 122 19.40 14.07 113.98
C THR Q 122 20.22 15.10 113.21
N GLU Q 123 21.45 14.72 112.83
CA GLU Q 123 22.27 15.61 112.01
C GLU Q 123 21.60 15.86 110.66
N LEU Q 124 21.03 14.81 110.06
CA LEU Q 124 20.34 15.00 108.79
C LEU Q 124 19.14 15.94 108.93
N ALA Q 125 18.37 15.79 110.01
CA ALA Q 125 17.22 16.65 110.23
C ALA Q 125 17.65 18.10 110.42
N HIS Q 126 18.73 18.32 111.18
CA HIS Q 126 19.23 19.68 111.35
C HIS Q 126 19.69 20.26 110.03
N PHE Q 127 20.36 19.46 109.20
CA PHE Q 127 20.81 19.93 107.89
C PHE Q 127 19.63 20.34 107.02
N MET Q 128 18.60 19.50 106.97
CA MET Q 128 17.42 19.81 106.16
C MET Q 128 16.71 21.06 106.68
N MET Q 129 16.58 21.18 108.00
CA MET Q 129 15.91 22.34 108.58
C MET Q 129 16.68 23.63 108.30
N ASN Q 130 18.01 23.58 108.36
CA ASN Q 130 18.80 24.77 108.10
C ASN Q 130 18.86 25.11 106.62
N ASN Q 131 18.67 24.13 105.74
CA ASN Q 131 18.81 24.38 104.31
C ASN Q 131 17.50 24.71 103.61
N GLY Q 132 16.37 24.26 104.14
CA GLY Q 132 15.10 24.52 103.48
C GLY Q 132 14.79 26.01 103.42
N ALA Q 133 14.14 26.42 102.33
CA ALA Q 133 13.90 27.84 102.07
C ALA Q 133 12.46 28.08 101.65
N LEU Q 134 11.51 27.45 102.35
CA LEU Q 134 10.09 27.63 102.07
C LEU Q 134 9.33 27.81 103.37
N SER Q 135 8.30 28.67 103.34
CA SER Q 135 7.49 28.95 104.50
C SER Q 135 6.01 28.97 104.12
N LEU Q 136 5.18 28.53 105.06
CA LEU Q 136 3.74 28.48 104.85
C LEU Q 136 3.05 28.63 106.19
N GLY Q 137 2.15 29.59 106.30
CA GLY Q 137 1.40 29.81 107.53
C GLY Q 137 2.20 30.56 108.58
N SER Q 138 1.52 30.80 109.70
CA SER Q 138 2.11 31.51 110.84
C SER Q 138 2.51 30.53 111.94
N PRO Q 139 3.68 30.73 112.54
CA PRO Q 139 4.19 29.74 113.50
C PRO Q 139 3.30 29.54 114.72
N ASN Q 140 2.59 30.57 115.16
CA ASN Q 140 1.85 30.50 116.41
C ASN Q 140 0.53 29.73 116.30
N THR Q 141 0.09 29.41 115.10
CA THR Q 141 -1.19 28.72 114.96
C THR Q 141 -0.98 27.21 114.84
N PRO Q 142 -1.57 26.41 115.71
CA PRO Q 142 -1.42 24.95 115.60
C PRO Q 142 -2.12 24.41 114.37
N ILE Q 143 -1.62 23.28 113.89
CA ILE Q 143 -2.17 22.61 112.71
C ILE Q 143 -3.42 21.85 113.15
N THR Q 144 -4.59 22.30 112.66
CA THR Q 144 -5.86 21.70 113.04
C THR Q 144 -6.64 21.18 111.85
N LYS Q 145 -6.77 21.96 110.78
CA LYS Q 145 -7.71 21.65 109.72
C LYS Q 145 -7.04 20.93 108.56
N TRP Q 146 -7.88 20.45 107.63
CA TRP Q 146 -7.39 19.73 106.46
C TRP Q 146 -6.64 20.66 105.51
N SER Q 147 -7.07 21.92 105.42
CA SER Q 147 -6.38 22.88 104.57
C SER Q 147 -4.94 23.09 105.01
N ASP Q 148 -4.68 22.99 106.32
CA ASP Q 148 -3.33 23.19 106.84
C ASP Q 148 -2.34 22.19 106.26
N VAL Q 149 -2.79 21.01 105.85
CA VAL Q 149 -1.93 20.04 105.20
C VAL Q 149 -2.08 20.05 103.69
N ALA Q 150 -3.27 20.38 103.16
CA ALA Q 150 -3.42 20.43 101.71
C ALA Q 150 -2.65 21.60 101.09
N GLN Q 151 -2.39 22.66 101.88
CA GLN Q 151 -1.71 23.83 101.34
C GLN Q 151 -0.28 23.49 100.89
N THR Q 152 0.37 22.54 101.55
CA THR Q 152 1.73 22.18 101.15
C THR Q 152 1.74 21.59 99.75
N ALA Q 153 0.86 20.63 99.49
CA ALA Q 153 0.77 20.03 98.15
C ALA Q 153 0.36 21.08 97.12
N SER Q 154 -0.60 21.94 97.47
CA SER Q 154 -1.04 22.97 96.53
C SER Q 154 0.11 23.90 96.17
N PHE Q 155 0.89 24.33 97.17
CA PHE Q 155 2.01 25.22 96.91
C PHE Q 155 3.09 24.55 96.08
N LEU Q 156 3.41 23.29 96.40
CA LEU Q 156 4.44 22.58 95.66
C LEU Q 156 4.03 22.38 94.21
N LYS Q 157 2.75 22.11 93.95
CA LYS Q 157 2.30 21.96 92.58
C LYS Q 157 2.22 23.30 91.86
N ASP Q 158 1.90 24.37 92.61
CA ASP Q 158 1.85 25.71 92.01
C ASP Q 158 3.22 26.19 91.58
N LEU Q 159 4.25 25.91 92.39
CA LEU Q 159 5.60 26.32 92.02
C LEU Q 159 6.06 25.59 90.75
N GLY Q 160 5.55 24.39 90.52
CA GLY Q 160 5.80 23.70 89.27
C GLY Q 160 6.74 22.51 89.33
N VAL Q 161 6.69 21.75 90.42
CA VAL Q 161 7.45 20.50 90.53
C VAL Q 161 6.48 19.33 90.43
N ASN Q 162 6.81 18.38 89.56
CA ASN Q 162 5.93 17.23 89.37
C ASN Q 162 6.61 15.90 89.70
N GLU Q 163 7.81 15.66 89.16
CA GLU Q 163 8.41 14.34 89.26
C GLU Q 163 8.92 14.08 90.68
N GLY Q 164 8.79 12.85 91.13
CA GLY Q 164 9.12 12.49 92.50
C GLY Q 164 7.94 12.64 93.43
N GLU Q 165 8.08 12.09 94.63
CA GLU Q 165 7.04 12.18 95.64
C GLU Q 165 7.26 13.40 96.52
N ASN Q 166 6.18 13.86 97.13
CA ASN Q 166 6.23 14.97 98.08
C ASN Q 166 5.79 14.46 99.44
N TYR Q 167 6.60 14.72 100.46
CA TYR Q 167 6.40 14.17 101.79
C TYR Q 167 6.20 15.30 102.80
N ALA Q 168 5.39 15.00 103.81
CA ALA Q 168 5.20 15.89 104.95
C ALA Q 168 5.29 15.06 106.21
N VAL Q 169 6.17 15.44 107.13
CA VAL Q 169 6.40 14.69 108.37
C VAL Q 169 5.73 15.47 109.50
N MET Q 170 5.01 14.74 110.35
CA MET Q 170 4.15 15.34 111.36
C MET Q 170 4.50 14.78 112.73
N ASP Q 171 4.13 15.53 113.77
CA ASP Q 171 4.35 15.12 115.14
C ASP Q 171 3.07 14.57 115.76
N PRO Q 172 3.19 13.76 116.83
CA PRO Q 172 2.00 13.05 117.34
C PRO Q 172 0.83 13.93 117.72
N TRP Q 173 1.08 15.12 118.26
CA TRP Q 173 -0.02 16.00 118.65
C TRP Q 173 -0.82 16.45 117.43
N SER Q 174 -0.13 16.85 116.37
CA SER Q 174 -0.83 17.26 115.16
C SER Q 174 -1.50 16.08 114.47
N ALA Q 175 -0.88 14.90 114.55
CA ALA Q 175 -1.55 13.70 114.05
C ALA Q 175 -2.84 13.44 114.80
N GLN Q 176 -2.82 13.63 116.12
CA GLN Q 176 -4.03 13.48 116.93
C GLN Q 176 -5.10 14.49 116.51
N ARG Q 177 -4.68 15.73 116.29
CA ARG Q 177 -5.65 16.75 115.88
C ARG Q 177 -6.27 16.40 114.53
N LEU Q 178 -5.46 15.93 113.58
CA LEU Q 178 -5.98 15.54 112.28
C LEU Q 178 -6.93 14.35 112.40
N ALA Q 179 -6.60 13.38 113.25
CA ALA Q 179 -7.49 12.25 113.46
C ALA Q 179 -8.81 12.68 114.09
N ASP Q 180 -8.74 13.63 115.03
CA ASP Q 180 -9.97 14.16 115.63
C ASP Q 180 -10.83 14.86 114.59
N ALA Q 181 -10.20 15.62 113.70
CA ALA Q 181 -10.95 16.23 112.61
C ALA Q 181 -11.55 15.17 111.68
N GLN Q 182 -10.83 14.07 111.48
CA GLN Q 182 -11.32 13.01 110.61
C GLN Q 182 -12.49 12.27 111.23
N THR Q 183 -12.55 12.20 112.56
CA THR Q 183 -13.63 11.49 113.23
C THR Q 183 -15.01 12.09 112.96
N GLY Q 184 -15.07 13.33 112.47
CA GLY Q 184 -16.35 13.98 112.24
C GLY Q 184 -16.84 13.91 110.80
N LEU Q 185 -16.31 12.96 110.03
CA LEU Q 185 -16.74 12.79 108.66
C LEU Q 185 -18.15 12.21 108.61
N HIS Q 186 -18.84 12.46 107.49
CA HIS Q 186 -20.25 12.13 107.36
C HIS Q 186 -20.50 10.86 106.56
N ALA Q 187 -19.52 10.37 105.82
CA ALA Q 187 -19.90 9.31 104.88
C ALA Q 187 -19.07 8.04 105.00
N SER Q 188 -17.76 8.15 105.23
CA SER Q 188 -16.85 7.01 105.10
C SER Q 188 -16.85 6.25 106.43
N ASP Q 189 -17.59 5.14 106.46
CA ASP Q 189 -17.70 4.36 107.69
C ASP Q 189 -16.34 3.79 108.12
N GLN Q 190 -15.58 3.27 107.15
CA GLN Q 190 -14.27 2.70 107.47
C GLN Q 190 -13.32 3.77 108.00
N LEU Q 191 -13.33 4.94 107.37
CA LEU Q 191 -12.46 6.03 107.82
C LEU Q 191 -12.82 6.48 109.23
N VAL Q 192 -14.11 6.66 109.49
CA VAL Q 192 -14.53 7.10 110.82
C VAL Q 192 -14.20 6.04 111.87
N ARG Q 193 -14.44 4.76 111.56
CA ARG Q 193 -14.13 3.71 112.54
C ARG Q 193 -12.64 3.64 112.82
N THR Q 194 -11.82 3.74 111.77
CA THR Q 194 -10.38 3.70 111.96
C THR Q 194 -9.91 4.88 112.80
N ALA Q 195 -10.42 6.08 112.53
CA ALA Q 195 -10.04 7.24 113.31
C ALA Q 195 -10.49 7.11 114.76
N TRP Q 196 -11.69 6.57 114.98
CA TRP Q 196 -12.24 6.47 116.33
C TRP Q 196 -11.51 5.42 117.15
N GLU Q 197 -11.02 4.35 116.50
CA GLU Q 197 -10.43 3.26 117.25
C GLU Q 197 -8.91 3.40 117.38
N ASN Q 198 -8.23 3.61 116.25
CA ASN Q 198 -6.77 3.61 116.24
C ASN Q 198 -6.16 5.01 116.12
N ALA Q 199 -6.95 6.02 115.77
CA ALA Q 199 -6.46 7.38 115.60
C ALA Q 199 -5.31 7.44 114.59
N GLN Q 200 -5.50 6.76 113.46
CA GLN Q 200 -4.48 6.67 112.41
C GLN Q 200 -5.02 7.35 111.16
N ILE Q 201 -4.32 8.38 110.70
CA ILE Q 201 -4.64 9.04 109.44
C ILE Q 201 -4.25 8.12 108.29
N PRO Q 202 -4.87 8.23 107.12
CA PRO Q 202 -4.51 7.32 106.02
C PRO Q 202 -3.11 7.57 105.48
N THR Q 203 -2.70 6.75 104.50
CA THR Q 203 -1.36 6.90 103.94
C THR Q 203 -1.20 8.25 103.24
N ASN Q 204 -2.19 8.65 102.46
CA ASN Q 204 -2.18 9.94 101.79
C ASN Q 204 -3.10 10.92 102.52
N PHE Q 205 -2.75 12.19 102.43
CA PHE Q 205 -3.53 13.23 103.11
C PHE Q 205 -3.38 14.52 102.32
N GLY Q 206 -4.44 14.94 101.66
CA GLY Q 206 -4.38 16.15 100.87
C GLY Q 206 -3.52 16.05 99.63
N GLY Q 207 -3.26 14.85 99.15
CA GLY Q 207 -2.45 14.66 97.96
C GLY Q 207 -0.96 14.60 98.21
N ILE Q 208 -0.51 14.85 99.43
CA ILE Q 208 0.91 14.81 99.78
C ILE Q 208 1.10 13.69 100.79
N ARG Q 209 2.15 12.88 100.60
CA ARG Q 209 2.30 11.68 101.42
C ARG Q 209 2.72 12.08 102.83
N ALA Q 210 1.90 11.70 103.80
CA ALA Q 210 2.06 12.13 105.18
C ALA Q 210 2.65 11.02 106.02
N LEU Q 211 3.72 11.33 106.75
CA LEU Q 211 4.35 10.40 107.67
C LEU Q 211 4.26 10.94 109.09
N MET Q 212 4.20 10.03 110.05
CA MET Q 212 4.21 10.40 111.46
C MET Q 212 5.55 10.00 112.07
N SER Q 213 6.21 10.96 112.72
CA SER Q 213 7.52 10.72 113.30
C SER Q 213 7.69 11.60 114.53
N ASN Q 214 8.06 10.99 115.65
CA ASN Q 214 8.32 11.72 116.87
C ASN Q 214 9.78 12.16 116.98
N GLY Q 215 10.64 11.75 116.06
CA GLY Q 215 12.01 12.19 116.05
C GLY Q 215 12.24 13.32 115.05
N LEU Q 216 12.39 14.54 115.56
CA LEU Q 216 12.52 15.72 114.72
C LEU Q 216 13.30 16.77 115.51
N ALA Q 217 13.79 17.78 114.81
CA ALA Q 217 14.65 18.78 115.42
C ALA Q 217 13.83 19.94 115.97
N SER Q 218 14.43 20.67 116.91
CA SER Q 218 13.81 21.83 117.52
C SER Q 218 14.86 22.93 117.62
N ARG Q 219 14.38 24.17 117.70
CA ARG Q 219 15.30 25.30 117.67
C ARG Q 219 14.75 26.47 118.47
N THR Q 220 15.66 27.28 118.99
CA THR Q 220 15.32 28.53 119.65
C THR Q 220 15.47 29.67 118.66
N GLN Q 221 14.50 30.57 118.62
CA GLN Q 221 14.47 31.57 117.55
C GLN Q 221 15.53 32.65 117.76
N GLY Q 222 15.94 32.91 118.99
CA GLY Q 222 16.95 33.92 119.23
C GLY Q 222 16.38 35.32 119.27
N ALA Q 223 16.83 36.14 120.21
CA ALA Q 223 16.23 37.44 120.44
C ALA Q 223 16.48 38.39 119.27
N PHE Q 224 15.43 39.10 118.86
CA PHE Q 224 15.54 40.15 117.86
C PHE Q 224 14.44 41.17 118.12
N GLY Q 225 14.45 42.26 117.36
CA GLY Q 225 13.46 43.29 117.53
C GLY Q 225 13.77 44.49 116.67
N GLY Q 226 12.80 45.40 116.61
CA GLY Q 226 12.91 46.60 115.81
C GLY Q 226 12.60 46.35 114.34
N THR Q 227 12.50 47.44 113.60
CA THR Q 227 12.23 47.37 112.16
C THR Q 227 13.55 47.18 111.42
N LEU Q 228 13.56 46.25 110.46
CA LEU Q 228 14.75 45.95 109.68
C LEU Q 228 14.52 46.25 108.22
N THR Q 229 15.52 46.89 107.60
CA THR Q 229 15.51 47.18 106.17
C THR Q 229 16.88 46.89 105.60
N VAL Q 230 16.91 46.61 104.29
CA VAL Q 230 18.17 46.33 103.62
C VAL Q 230 18.98 47.62 103.50
N LYS Q 231 20.26 47.55 103.88
CA LYS Q 231 21.10 48.75 103.85
C LYS Q 231 21.62 49.02 102.45
N THR Q 232 22.20 48.01 101.81
CA THR Q 232 22.80 48.16 100.48
C THR Q 232 22.30 47.03 99.58
N GLN Q 233 22.02 47.37 98.33
CA GLN Q 233 21.48 46.38 97.39
C GLN Q 233 22.50 45.26 97.17
N PRO Q 234 22.12 44.01 97.35
CA PRO Q 234 23.05 42.90 97.17
C PRO Q 234 23.18 42.53 95.70
N THR Q 235 23.97 41.48 95.44
CA THR Q 235 24.16 40.94 94.11
C THR Q 235 23.48 39.58 94.03
N VAL Q 236 22.48 39.47 93.16
CA VAL Q 236 21.69 38.25 93.05
C VAL Q 236 21.70 37.74 91.62
N THR Q 237 22.75 38.06 90.87
CA THR Q 237 22.86 37.60 89.49
C THR Q 237 23.19 36.11 89.44
N TYR Q 238 22.72 35.45 88.38
CA TYR Q 238 22.95 34.02 88.23
C TYR Q 238 24.43 33.71 88.12
N ASN Q 239 25.23 34.61 87.56
CA ASN Q 239 26.67 34.40 87.52
C ASN Q 239 27.25 34.31 88.92
N ALA Q 240 26.76 35.15 89.84
CA ALA Q 240 27.26 35.14 91.20
C ALA Q 240 26.74 33.97 92.02
N VAL Q 241 25.47 33.61 91.85
CA VAL Q 241 24.85 32.62 92.72
C VAL Q 241 24.47 31.35 91.96
N LYS Q 242 25.23 31.02 90.92
CA LYS Q 242 24.94 29.85 90.10
C LYS Q 242 25.48 28.56 90.69
N ASP Q 243 26.15 28.61 91.85
CA ASP Q 243 26.79 27.41 92.37
C ASP Q 243 26.37 27.02 93.77
N SER Q 244 25.71 27.89 94.53
CA SER Q 244 25.35 27.53 95.91
C SER Q 244 23.91 27.89 96.26
N TYR Q 245 23.32 28.84 95.51
CA TYR Q 245 22.05 29.46 95.90
C TYR Q 245 22.10 29.98 97.33
N GLN Q 246 23.19 30.63 97.68
CA GLN Q 246 23.34 31.32 98.96
C GLN Q 246 23.84 32.72 98.70
N PHE Q 247 23.29 33.68 99.41
CA PHE Q 247 23.70 35.07 99.20
C PHE Q 247 23.83 35.79 100.53
N THR Q 248 24.74 36.76 100.56
CA THR Q 248 25.01 37.55 101.75
C THR Q 248 24.31 38.90 101.64
N VAL Q 249 23.69 39.33 102.74
CA VAL Q 249 22.94 40.57 102.74
C VAL Q 249 23.05 41.23 104.12
N THR Q 250 23.08 42.56 104.12
CA THR Q 250 23.18 43.34 105.34
C THR Q 250 21.87 44.08 105.60
N LEU Q 251 21.51 44.19 106.87
CA LEU Q 251 20.26 44.81 107.31
C LEU Q 251 20.54 45.81 108.42
N THR Q 252 19.76 46.89 108.42
CA THR Q 252 19.89 47.95 109.41
C THR Q 252 18.63 48.04 110.25
N GLY Q 253 18.71 48.82 111.32
CA GLY Q 253 17.59 49.02 112.22
C GLY Q 253 17.48 48.02 113.34
N ALA Q 254 18.56 47.31 113.66
CA ALA Q 254 18.52 46.31 114.72
C ALA Q 254 18.86 46.93 116.07
N THR Q 255 18.84 46.08 117.10
CA THR Q 255 19.24 46.51 118.44
C THR Q 255 20.72 46.88 118.44
N ALA Q 256 21.09 47.77 119.36
CA ALA Q 256 22.42 48.37 119.39
C ALA Q 256 23.54 47.33 119.39
N SER Q 257 23.61 46.49 120.43
CA SER Q 257 24.67 45.50 120.55
C SER Q 257 24.13 44.30 121.32
N VAL Q 258 23.72 43.26 120.60
CA VAL Q 258 23.23 42.02 121.19
C VAL Q 258 23.92 40.87 120.46
N THR Q 259 24.44 39.91 121.22
CA THR Q 259 25.02 38.73 120.61
C THR Q 259 23.93 37.73 120.26
N GLY Q 260 24.18 36.94 119.21
CA GLY Q 260 23.20 35.97 118.77
C GLY Q 260 21.89 36.59 118.30
N PHE Q 261 21.98 37.67 117.51
CA PHE Q 261 20.77 38.34 117.04
C PHE Q 261 19.92 37.40 116.20
N LEU Q 262 20.53 36.71 115.23
CA LEU Q 262 19.83 35.74 114.40
C LEU Q 262 20.50 34.39 114.58
N LYS Q 263 19.72 33.39 114.97
CA LYS Q 263 20.23 32.03 115.13
C LYS Q 263 19.89 31.19 113.91
N ALA Q 264 20.64 30.10 113.75
CA ALA Q 264 20.45 29.23 112.60
C ALA Q 264 19.04 28.65 112.59
N GLY Q 265 18.40 28.69 111.42
CA GLY Q 265 17.06 28.20 111.25
C GLY Q 265 16.00 29.28 111.13
N ASP Q 266 16.32 30.51 111.51
CA ASP Q 266 15.35 31.59 111.39
C ASP Q 266 15.03 31.86 109.93
N GLN Q 267 13.91 32.57 109.71
CA GLN Q 267 13.43 32.85 108.37
C GLN Q 267 13.16 34.34 108.21
N VAL Q 268 13.69 34.90 107.12
CA VAL Q 268 13.52 36.30 106.78
C VAL Q 268 12.60 36.38 105.56
N LYS Q 269 11.57 37.21 105.66
CA LYS Q 269 10.56 37.36 104.62
C LYS Q 269 10.67 38.76 104.02
N PHE Q 270 10.75 38.82 102.70
CA PHE Q 270 10.81 40.09 101.98
C PHE Q 270 9.40 40.46 101.55
N THR Q 271 8.91 41.61 102.04
CA THR Q 271 7.48 41.90 101.97
C THR Q 271 7.01 42.11 100.53
N ASN Q 272 7.70 42.96 99.78
CA ASN Q 272 7.23 43.40 98.47
C ASN Q 272 8.02 42.75 97.33
N THR Q 273 8.39 41.48 97.49
CA THR Q 273 9.10 40.74 96.45
C THR Q 273 8.46 39.35 96.37
N TYR Q 274 7.70 39.11 95.30
CA TYR Q 274 6.86 37.93 95.21
C TYR Q 274 7.56 36.78 94.48
N TRP Q 275 7.11 35.57 94.77
CA TRP Q 275 7.58 34.40 94.04
C TRP Q 275 7.08 34.44 92.60
N LEU Q 276 7.82 33.79 91.71
CA LEU Q 276 7.43 33.62 90.32
C LEU Q 276 7.30 32.13 90.02
N GLN Q 277 6.23 31.76 89.32
CA GLN Q 277 6.14 30.39 88.82
C GLN Q 277 7.27 30.17 87.82
N GLN Q 278 8.09 29.15 88.09
CA GLN Q 278 9.39 29.07 87.43
C GLN Q 278 9.27 28.93 85.92
N GLN Q 279 8.31 28.13 85.45
CA GLN Q 279 8.22 27.88 84.01
C GLN Q 279 7.57 29.04 83.25
N THR Q 280 6.43 29.53 83.73
CA THR Q 280 5.70 30.57 83.01
C THR Q 280 6.16 31.97 83.36
N LYS Q 281 6.91 32.14 84.45
CA LYS Q 281 7.39 33.44 84.90
C LYS Q 281 6.24 34.41 85.18
N GLN Q 282 5.18 33.90 85.79
CA GLN Q 282 4.05 34.72 86.22
C GLN Q 282 3.99 34.72 87.74
N ALA Q 283 3.64 35.88 88.31
CA ALA Q 283 3.64 36.03 89.75
C ALA Q 283 2.61 35.11 90.40
N LEU Q 284 2.92 34.65 91.61
CA LEU Q 284 2.03 33.75 92.34
C LEU Q 284 1.04 34.55 93.17
N TYR Q 285 -0.23 34.18 93.08
CA TYR Q 285 -1.30 34.86 93.80
C TYR Q 285 -2.23 33.82 94.39
N ASN Q 286 -2.53 33.94 95.68
CA ASN Q 286 -3.52 33.10 96.35
C ASN Q 286 -4.81 33.90 96.44
N GLY Q 287 -5.68 33.73 95.44
CA GLY Q 287 -6.84 34.60 95.36
C GLY Q 287 -6.40 35.99 94.97
N ALA Q 288 -6.44 36.92 95.94
CA ALA Q 288 -5.97 38.28 95.73
C ALA Q 288 -4.73 38.61 96.55
N THR Q 289 -4.26 37.68 97.40
CA THR Q 289 -3.10 37.93 98.25
C THR Q 289 -1.88 37.26 97.67
N PRO Q 290 -0.84 38.02 97.30
CA PRO Q 290 0.36 37.40 96.72
C PRO Q 290 1.27 36.75 97.75
N ILE Q 291 1.95 35.67 97.37
CA ILE Q 291 2.92 35.04 98.25
C ILE Q 291 4.25 35.77 98.15
N SER Q 292 4.86 36.04 99.30
CA SER Q 292 6.10 36.80 99.39
C SER Q 292 7.30 35.89 99.53
N PHE Q 293 8.44 36.37 99.06
CA PHE Q 293 9.67 35.60 99.08
C PHE Q 293 10.22 35.45 100.49
N THR Q 294 10.89 34.34 100.74
CA THR Q 294 11.44 34.04 102.04
C THR Q 294 12.79 33.35 101.88
N ALA Q 295 13.57 33.39 102.96
CA ALA Q 295 14.88 32.75 102.96
C ALA Q 295 15.20 32.33 104.39
N THR Q 296 16.15 31.41 104.52
CA THR Q 296 16.52 30.84 105.81
C THR Q 296 17.95 31.22 106.16
N VAL Q 297 18.15 31.65 107.41
CA VAL Q 297 19.47 32.01 107.91
C VAL Q 297 20.27 30.74 108.14
N THR Q 298 21.51 30.71 107.64
CA THR Q 298 22.32 29.50 107.73
C THR Q 298 23.15 29.48 109.00
N ALA Q 299 23.86 30.56 109.30
CA ALA Q 299 24.77 30.62 110.43
C ALA Q 299 24.38 31.75 111.36
N ASP Q 300 24.88 31.67 112.60
CA ASP Q 300 24.57 32.67 113.61
C ASP Q 300 25.11 34.04 113.20
N ALA Q 301 24.37 35.08 113.58
CA ALA Q 301 24.74 36.44 113.21
C ALA Q 301 24.46 37.38 114.37
N ASN Q 302 25.42 38.26 114.65
CA ASN Q 302 25.31 39.26 115.71
C ASN Q 302 25.10 40.64 115.12
N SER Q 303 24.88 41.62 116.00
CA SER Q 303 24.66 43.00 115.61
C SER Q 303 25.63 43.90 116.35
N ASP Q 304 26.37 44.71 115.59
CA ASP Q 304 27.31 45.65 116.18
C ASP Q 304 26.64 47.00 116.42
N SER Q 305 27.32 47.84 117.20
CA SER Q 305 26.78 49.17 117.50
C SER Q 305 26.57 49.96 116.22
N GLY Q 306 25.44 50.66 116.16
CA GLY Q 306 25.00 51.33 114.95
C GLY Q 306 23.88 50.62 114.22
N GLY Q 307 23.59 49.36 114.57
CA GLY Q 307 22.48 48.65 114.00
C GLY Q 307 22.72 48.09 112.61
N ASP Q 308 23.70 47.19 112.47
CA ASP Q 308 23.98 46.51 111.22
C ASP Q 308 24.18 45.03 111.49
N VAL Q 309 23.51 44.18 110.73
CA VAL Q 309 23.65 42.74 110.85
C VAL Q 309 23.86 42.15 109.45
N THR Q 310 24.88 41.31 109.31
CA THR Q 310 25.21 40.68 108.04
C THR Q 310 24.89 39.20 108.12
N VAL Q 311 24.06 38.71 107.21
CA VAL Q 311 23.60 37.32 107.23
C VAL Q 311 23.87 36.67 105.89
N THR Q 312 23.95 35.34 105.92
CA THR Q 312 24.17 34.50 104.75
C THR Q 312 22.94 33.60 104.60
N LEU Q 313 22.03 33.99 103.71
CA LEU Q 313 20.77 33.28 103.54
C LEU Q 313 20.87 32.24 102.44
N SER Q 314 20.10 31.17 102.62
CA SER Q 314 19.97 30.09 101.64
C SER Q 314 18.67 30.27 100.88
N GLY Q 315 18.75 30.20 99.56
CA GLY Q 315 17.61 30.50 98.72
C GLY Q 315 17.70 31.91 98.20
N VAL Q 316 18.09 32.07 96.95
CA VAL Q 316 18.48 33.36 96.38
C VAL Q 316 17.35 33.87 95.49
N PRO Q 317 17.00 35.16 95.57
CA PRO Q 317 16.03 35.76 94.62
C PRO Q 317 16.73 36.27 93.36
N ILE Q 318 17.01 35.35 92.44
CA ILE Q 318 17.76 35.70 91.25
C ILE Q 318 16.97 36.69 90.41
N TYR Q 319 17.63 37.79 90.03
CA TYR Q 319 17.05 38.80 89.15
C TYR Q 319 18.19 39.38 88.31
N ASP Q 320 18.36 38.85 87.11
CA ASP Q 320 19.42 39.28 86.19
C ASP Q 320 18.79 40.12 85.09
N THR Q 321 19.33 41.32 84.88
CA THR Q 321 18.86 42.19 83.82
C THR Q 321 19.44 41.84 82.45
N THR Q 322 20.45 40.96 82.41
CA THR Q 322 21.02 40.50 81.15
C THR Q 322 20.67 39.05 80.82
N ASN Q 323 20.30 38.25 81.82
CA ASN Q 323 19.90 36.86 81.63
C ASN Q 323 18.56 36.64 82.31
N PRO Q 324 17.47 37.11 81.71
CA PRO Q 324 16.15 36.91 82.32
C PRO Q 324 15.69 35.46 82.29
N GLN Q 325 16.48 34.59 81.65
CA GLN Q 325 16.13 33.18 81.57
C GLN Q 325 16.07 32.55 82.95
N TYR Q 326 17.05 32.83 83.80
CA TYR Q 326 17.15 32.24 85.12
C TYR Q 326 16.48 33.08 86.19
N ASN Q 327 15.84 34.17 85.82
CA ASN Q 327 15.12 35.00 86.78
C ASN Q 327 14.07 34.16 87.51
N SER Q 328 14.03 34.30 88.84
CA SER Q 328 13.14 33.46 89.63
C SER Q 328 12.44 34.23 90.74
N VAL Q 329 12.25 35.54 90.58
CA VAL Q 329 11.59 36.35 91.60
C VAL Q 329 11.03 37.59 90.91
N SER Q 330 10.07 38.25 91.56
CA SER Q 330 9.28 39.28 90.90
C SER Q 330 10.13 40.48 90.50
N ARG Q 331 10.91 41.03 91.43
CA ARG Q 331 11.61 42.29 91.18
C ARG Q 331 12.95 42.30 91.88
N GLN Q 332 13.70 43.37 91.63
CA GLN Q 332 15.00 43.58 92.26
C GLN Q 332 14.84 43.83 93.76
N VAL Q 333 15.78 43.30 94.54
CA VAL Q 333 15.82 43.57 95.99
C VAL Q 333 16.66 44.82 96.15
N GLU Q 334 15.98 45.96 96.23
CA GLU Q 334 16.66 47.26 96.28
C GLU Q 334 16.91 47.67 97.73
N ALA Q 335 17.86 48.59 97.89
CA ALA Q 335 18.16 49.13 99.21
C ALA Q 335 16.97 49.94 99.72
N GLY Q 336 16.75 49.88 101.04
CA GLY Q 336 15.61 50.54 101.65
C GLY Q 336 14.36 49.70 101.69
N ASP Q 337 14.38 48.49 101.17
CA ASP Q 337 13.21 47.61 101.23
C ASP Q 337 13.00 47.11 102.65
N ALA Q 338 11.73 46.94 103.01
CA ALA Q 338 11.36 46.50 104.36
C ALA Q 338 11.26 44.98 104.41
N VAL Q 339 11.85 44.39 105.44
CA VAL Q 339 11.83 42.94 105.64
C VAL Q 339 11.18 42.64 106.97
N SER Q 340 10.91 41.36 107.19
CA SER Q 340 10.39 40.90 108.47
C SER Q 340 11.04 39.57 108.81
N VAL Q 341 10.93 39.18 110.08
CA VAL Q 341 11.46 37.91 110.55
C VAL Q 341 10.30 37.08 111.08
N VAL Q 342 10.14 35.87 110.54
CA VAL Q 342 8.98 35.05 110.88
C VAL Q 342 9.19 34.40 112.23
N GLY Q 343 8.23 34.62 113.15
CA GLY Q 343 8.26 34.01 114.46
C GLY Q 343 8.04 35.03 115.57
N THR Q 344 8.56 34.70 116.75
CA THR Q 344 8.42 35.55 117.93
C THR Q 344 9.80 35.87 118.50
N ALA Q 345 9.83 36.50 119.68
CA ALA Q 345 11.06 37.05 120.23
C ALA Q 345 12.13 36.01 120.48
N SER Q 346 11.91 35.09 121.43
CA SER Q 346 12.94 34.12 121.79
C SER Q 346 12.39 32.73 122.07
N GLN Q 347 11.23 32.38 121.51
CA GLN Q 347 10.61 31.11 121.83
C GLN Q 347 11.36 29.96 121.18
N THR Q 348 11.20 28.77 121.78
CA THR Q 348 11.71 27.53 121.21
C THR Q 348 10.55 26.76 120.58
N MET Q 349 10.81 26.12 119.45
CA MET Q 349 9.73 25.48 118.71
C MET Q 349 10.29 24.39 117.82
N LYS Q 350 9.39 23.48 117.41
CA LYS Q 350 9.73 22.27 116.67
C LYS Q 350 8.92 22.29 115.38
N PRO Q 351 9.46 22.84 114.29
CA PRO Q 351 8.67 23.01 113.06
C PRO Q 351 8.36 21.69 112.39
N ASN Q 352 7.30 21.70 111.60
CA ASN Q 352 6.97 20.59 110.71
C ASN Q 352 7.64 20.80 109.36
N LEU Q 353 7.93 19.68 108.69
CA LEU Q 353 8.75 19.71 107.48
C LEU Q 353 8.00 19.08 106.31
N PHE Q 354 7.97 19.79 105.18
CA PHE Q 354 7.44 19.29 103.93
C PHE Q 354 8.47 19.51 102.83
N TYR Q 355 8.64 18.51 101.96
CA TYR Q 355 9.71 18.58 100.99
C TYR Q 355 9.48 17.63 99.83
N ASN Q 356 10.14 17.93 98.72
CA ASN Q 356 10.21 17.06 97.57
C ASN Q 356 11.34 16.04 97.77
N LYS Q 357 11.32 14.97 96.95
CA LYS Q 357 12.28 13.90 97.12
C LYS Q 357 13.71 14.35 96.80
N PHE Q 358 13.85 15.19 95.77
CA PHE Q 358 15.17 15.62 95.31
C PHE Q 358 15.66 16.89 95.99
N PHE Q 359 15.13 17.22 97.17
CA PHE Q 359 15.60 18.39 97.90
C PHE Q 359 17.01 18.16 98.46
N CYS Q 360 17.22 17.03 99.12
CA CYS Q 360 18.53 16.68 99.66
C CYS Q 360 18.87 15.23 99.35
N GLY Q 361 20.06 14.82 99.79
CA GLY Q 361 20.54 13.47 99.57
C GLY Q 361 21.58 13.07 100.61
N LEU Q 362 21.59 11.79 100.97
CA LEU Q 362 22.44 11.27 102.02
C LEU Q 362 23.26 10.10 101.50
N GLY Q 363 24.49 10.00 101.97
CA GLY Q 363 25.32 8.84 101.67
C GLY Q 363 26.29 8.61 102.80
N SER Q 364 27.04 7.52 102.69
CA SER Q 364 28.09 7.22 103.66
C SER Q 364 29.20 6.48 102.93
N ILE Q 365 30.42 6.60 103.47
CA ILE Q 365 31.53 5.97 102.77
C ILE Q 365 32.17 4.88 103.64
N PRO Q 366 32.66 3.80 103.06
CA PRO Q 366 33.26 2.72 103.84
C PRO Q 366 34.63 3.09 104.39
N LEU Q 367 35.00 2.44 105.49
CA LEU Q 367 36.28 2.70 106.10
C LEU Q 367 37.18 1.47 106.02
N PRO Q 368 38.49 1.67 105.85
CA PRO Q 368 39.41 0.53 105.85
C PRO Q 368 39.74 0.05 107.25
N LYS Q 369 40.61 -0.95 107.37
CA LYS Q 369 40.95 -1.55 108.65
C LYS Q 369 42.35 -1.10 109.06
N LEU Q 370 42.50 -0.68 110.31
CA LEU Q 370 43.80 -0.28 110.83
C LEU Q 370 44.71 -1.49 110.96
N HIS Q 371 46.01 -1.23 110.93
CA HIS Q 371 46.99 -2.30 110.92
C HIS Q 371 47.20 -2.87 112.32
N SER Q 372 47.28 -4.19 112.40
CA SER Q 372 47.65 -4.90 113.63
C SER Q 372 46.69 -4.60 114.79
N ILE Q 373 45.44 -4.28 114.47
CA ILE Q 373 44.43 -3.99 115.48
C ILE Q 373 43.19 -4.80 115.15
N ASP Q 374 42.64 -5.48 116.16
CA ASP Q 374 41.45 -6.29 115.94
C ASP Q 374 40.25 -5.41 115.64
N SER Q 375 39.51 -5.78 114.59
CA SER Q 375 38.39 -4.98 114.12
C SER Q 375 37.31 -5.89 113.56
N ALA Q 376 36.10 -5.35 113.51
CA ALA Q 376 34.96 -6.04 112.93
C ALA Q 376 34.03 -5.03 112.29
N VAL Q 377 33.13 -5.51 111.44
CA VAL Q 377 32.16 -4.66 110.76
C VAL Q 377 30.80 -5.33 110.84
N ALA Q 378 29.76 -4.54 111.09
CA ALA Q 378 28.40 -5.07 111.20
C ALA Q 378 27.40 -4.07 110.67
N THR Q 379 26.26 -4.56 110.20
CA THR Q 379 25.24 -3.73 109.58
C THR Q 379 24.06 -3.55 110.54
N TYR Q 380 23.58 -2.32 110.66
CA TYR Q 380 22.41 -1.99 111.46
C TYR Q 380 21.58 -0.98 110.70
N GLU Q 381 20.32 -1.31 110.44
CA GLU Q 381 19.36 -0.45 109.75
C GLU Q 381 19.95 0.08 108.43
N GLY Q 382 20.62 -0.81 107.71
CA GLY Q 382 21.17 -0.46 106.41
C GLY Q 382 22.39 0.44 106.48
N PHE Q 383 23.07 0.51 107.63
CA PHE Q 383 24.29 1.29 107.75
C PHE Q 383 25.38 0.40 108.33
N SER Q 384 26.57 0.45 107.74
CA SER Q 384 27.68 -0.36 108.20
C SER Q 384 28.49 0.41 109.25
N ILE Q 385 28.85 -0.30 110.32
CA ILE Q 385 29.58 0.28 111.44
C ILE Q 385 30.80 -0.59 111.71
N ARG Q 386 31.95 0.05 111.90
CA ARG Q 386 33.21 -0.63 112.16
C ARG Q 386 33.61 -0.43 113.61
N VAL Q 387 34.02 -1.52 114.26
CA VAL Q 387 34.41 -1.53 115.66
C VAL Q 387 35.87 -1.96 115.77
N HIS Q 388 36.65 -1.19 116.52
CA HIS Q 388 38.05 -1.50 116.79
C HIS Q 388 38.22 -1.77 118.28
N LYS Q 389 38.96 -2.83 118.61
CA LYS Q 389 39.26 -3.17 119.99
C LYS Q 389 40.78 -3.24 120.16
N TYR Q 390 41.29 -2.56 121.18
CA TYR Q 390 42.72 -2.57 121.45
C TYR Q 390 42.96 -2.29 122.93
N ALA Q 391 44.22 -2.15 123.30
CA ALA Q 391 44.60 -1.96 124.70
C ALA Q 391 45.83 -1.07 124.76
N ASP Q 392 46.16 -0.64 125.99
CA ASP Q 392 47.36 0.14 126.27
C ASP Q 392 48.16 -0.64 127.30
N GLY Q 393 49.22 -1.30 126.86
CA GLY Q 393 49.97 -2.18 127.75
C GLY Q 393 50.63 -1.44 128.90
N ASP Q 394 51.17 -0.26 128.63
CA ASP Q 394 51.88 0.51 129.64
C ASP Q 394 50.98 1.02 130.76
N ALA Q 395 49.66 1.00 130.58
CA ALA Q 395 48.74 1.45 131.61
C ALA Q 395 47.72 0.38 131.99
N ASN Q 396 47.76 -0.78 131.34
CA ASN Q 396 46.89 -1.91 131.69
C ASN Q 396 45.41 -1.53 131.54
N VAL Q 397 45.04 -1.04 130.36
CA VAL Q 397 43.70 -0.53 130.08
C VAL Q 397 43.21 -1.10 128.76
N GLN Q 398 41.94 -1.49 128.72
CA GLN Q 398 41.28 -1.97 127.51
C GLN Q 398 40.40 -0.88 126.95
N LYS Q 399 40.42 -0.69 125.62
CA LYS Q 399 39.67 0.36 124.96
C LYS Q 399 39.02 -0.20 123.70
N MET Q 400 37.89 0.38 123.33
CA MET Q 400 37.26 0.03 122.06
C MET Q 400 36.45 1.22 121.55
N ARG Q 401 36.13 1.17 120.25
CA ARG Q 401 35.44 2.29 119.63
C ARG Q 401 34.68 1.81 118.41
N PHE Q 402 33.70 2.63 118.00
CA PHE Q 402 32.86 2.40 116.84
C PHE Q 402 32.84 3.67 115.99
N ASP Q 403 32.83 3.50 114.67
CA ASP Q 403 33.00 4.61 113.74
C ASP Q 403 31.96 4.58 112.64
N LEU Q 404 31.78 5.73 111.98
CA LEU Q 404 30.89 5.89 110.85
C LEU Q 404 31.21 7.24 110.18
N LEU Q 405 31.08 7.31 108.86
CA LEU Q 405 31.43 8.52 108.12
C LEU Q 405 30.37 8.84 107.06
N PRO Q 406 29.52 9.86 107.31
CA PRO Q 406 28.46 10.22 106.37
C PRO Q 406 28.83 11.35 105.42
N ALA Q 407 27.91 11.66 104.51
CA ALA Q 407 28.03 12.80 103.61
C ALA Q 407 26.64 13.26 103.22
N TYR Q 408 26.45 14.58 103.15
CA TYR Q 408 25.16 15.18 102.86
C TYR Q 408 25.26 16.11 101.65
N VAL Q 409 24.19 16.18 100.88
CA VAL Q 409 24.11 17.05 99.70
C VAL Q 409 22.75 17.73 99.71
N CYS Q 410 22.73 19.00 99.29
CA CYS Q 410 21.50 19.75 99.10
C CYS Q 410 21.41 20.15 97.64
N PHE Q 411 20.43 19.61 96.92
CA PHE Q 411 20.35 19.84 95.48
C PHE Q 411 19.76 21.21 95.18
N ASN Q 412 18.51 21.45 95.58
CA ASN Q 412 17.82 22.69 95.29
C ASN Q 412 17.13 23.18 96.56
N PRO Q 413 17.50 24.35 97.08
CA PRO Q 413 16.84 24.88 98.29
C PRO Q 413 15.38 25.21 98.09
N HIS Q 414 14.90 25.35 96.86
CA HIS Q 414 13.54 25.79 96.57
C HIS Q 414 12.56 24.63 96.51
N MET Q 415 12.86 23.51 97.16
CA MET Q 415 12.01 22.33 97.14
C MET Q 415 11.84 21.76 98.54
N GLY Q 416 11.63 22.63 99.53
CA GLY Q 416 11.41 22.18 100.88
C GLY Q 416 11.52 23.34 101.85
N GLY Q 417 11.03 23.11 103.05
CA GLY Q 417 11.04 24.12 104.09
C GLY Q 417 10.06 23.78 105.19
N GLN Q 418 9.77 24.79 106.01
CA GLN Q 418 8.87 24.62 107.13
C GLN Q 418 7.45 25.02 106.75
N PHE Q 419 6.48 24.46 107.48
CA PHE Q 419 5.09 24.83 107.28
C PHE Q 419 4.36 24.66 108.60
N PHE Q 420 3.36 25.52 108.81
CA PHE Q 420 2.60 25.55 110.05
C PHE Q 420 1.12 25.72 109.71
N GLY Q 421 0.30 25.71 110.75
CA GLY Q 421 -1.10 26.04 110.57
C GLY Q 421 -1.32 27.54 110.43
N ASN Q 422 -2.42 27.88 109.77
CA ASN Q 422 -2.74 29.28 109.54
C ASN Q 422 -4.19 29.54 109.94
N PRO Q 423 -4.46 30.67 110.59
CA PRO Q 423 -5.81 31.03 111.02
C PRO Q 423 -6.63 31.66 109.89
N PRO R 2 -158.16 -8.75 67.92
CA PRO R 2 -157.71 -7.36 67.85
C PRO R 2 -156.19 -7.23 67.95
N ASN R 3 -155.69 -7.08 69.17
CA ASN R 3 -154.27 -6.92 69.43
C ASN R 3 -153.71 -8.22 69.98
N ASN R 4 -152.57 -8.66 69.44
CA ASN R 4 -151.89 -9.84 69.95
C ASN R 4 -150.63 -9.51 70.73
N LEU R 5 -149.85 -8.52 70.27
CA LEU R 5 -148.66 -8.04 70.97
C LEU R 5 -147.72 -9.19 71.34
N ASP R 6 -147.18 -9.82 70.31
CA ASP R 6 -146.26 -10.94 70.51
C ASP R 6 -144.88 -10.40 70.86
N SER R 7 -144.45 -10.65 72.09
CA SER R 7 -143.11 -10.30 72.55
C SER R 7 -142.19 -11.51 72.64
N ASN R 8 -142.60 -12.64 72.05
CA ASN R 8 -141.76 -13.84 72.09
C ASN R 8 -140.47 -13.63 71.30
N VAL R 9 -140.54 -12.86 70.22
CA VAL R 9 -139.37 -12.69 69.35
C VAL R 9 -138.32 -11.84 70.06
N SER R 10 -137.06 -12.05 69.65
CA SER R 10 -135.93 -11.29 70.16
C SER R 10 -135.24 -10.59 69.01
N GLN R 11 -135.04 -9.28 69.17
CA GLN R 11 -134.41 -8.48 68.12
C GLN R 11 -132.93 -8.84 68.05
N ILE R 12 -132.57 -9.64 67.06
CA ILE R 12 -131.21 -10.13 66.92
C ILE R 12 -130.43 -9.22 65.99
N VAL R 13 -129.11 -9.22 66.15
CA VAL R 13 -128.19 -8.48 65.28
C VAL R 13 -127.17 -9.47 64.78
N LEU R 14 -127.20 -9.75 63.48
CA LEU R 14 -126.29 -10.74 62.91
C LEU R 14 -124.85 -10.23 62.93
N LYS R 15 -123.92 -11.16 63.02
CA LYS R 15 -122.50 -10.84 63.15
C LYS R 15 -121.83 -10.74 61.78
N LYS R 16 -122.32 -9.80 60.97
CA LYS R 16 -121.77 -9.55 59.64
C LYS R 16 -121.62 -8.05 59.44
N PHE R 17 -120.52 -7.68 58.79
CA PHE R 17 -120.17 -6.28 58.56
C PHE R 17 -120.37 -5.93 57.09
N LEU R 18 -121.07 -4.83 56.85
CA LEU R 18 -121.31 -4.40 55.48
C LEU R 18 -120.07 -3.76 54.88
N PRO R 19 -119.90 -3.82 53.56
CA PRO R 19 -118.74 -3.17 52.93
C PRO R 19 -118.84 -1.66 53.02
N GLY R 20 -117.68 -1.02 53.07
CA GLY R 20 -117.61 0.43 53.18
C GLY R 20 -117.00 1.10 51.97
N PHE R 21 -116.15 2.10 52.21
CA PHE R 21 -115.52 2.85 51.15
C PHE R 21 -114.01 2.84 51.35
N MET R 22 -113.28 3.24 50.30
CA MET R 22 -111.83 3.30 50.36
C MET R 22 -111.34 4.34 49.37
N SER R 23 -110.02 4.43 49.23
CA SER R 23 -109.38 5.35 48.30
C SER R 23 -108.17 4.65 47.69
N ASP R 24 -107.47 5.33 46.79
CA ASP R 24 -106.29 4.80 46.14
C ASP R 24 -105.09 5.72 46.42
N LEU R 25 -103.91 5.13 46.37
CA LEU R 25 -102.67 5.81 46.76
C LEU R 25 -101.65 5.65 45.65
N VAL R 26 -101.30 6.75 44.98
CA VAL R 26 -100.31 6.68 43.92
C VAL R 26 -99.22 7.74 44.14
N LEU R 27 -99.55 8.80 44.89
CA LEU R 27 -98.59 9.88 45.10
C LEU R 27 -97.38 9.40 45.87
N ALA R 28 -97.60 8.63 46.93
CA ALA R 28 -96.49 8.12 47.72
C ALA R 28 -95.60 7.21 46.88
N LYS R 29 -96.21 6.37 46.04
CA LYS R 29 -95.44 5.47 45.19
C LYS R 29 -94.63 6.23 44.15
N THR R 30 -95.20 7.25 43.52
CA THR R 30 -94.49 7.95 42.45
C THR R 30 -93.42 8.90 42.98
N VAL R 31 -93.66 9.56 44.11
CA VAL R 31 -92.66 10.47 44.67
C VAL R 31 -91.50 9.66 45.20
N ASP R 32 -90.29 10.04 44.80
CA ASP R 32 -89.10 9.28 45.16
C ASP R 32 -88.88 9.28 46.67
N ARG R 33 -88.40 8.14 47.17
CA ARG R 33 -88.17 7.98 48.60
C ARG R 33 -86.77 7.49 48.97
N GLN R 34 -85.98 7.02 48.00
CA GLN R 34 -84.67 6.46 48.32
C GLN R 34 -83.63 7.52 48.67
N LEU R 35 -83.88 8.78 48.31
CA LEU R 35 -82.90 9.83 48.60
C LEU R 35 -82.92 10.20 50.08
N LEU R 36 -84.11 10.27 50.68
CA LEU R 36 -84.26 10.60 52.09
C LEU R 36 -84.38 9.36 52.97
N ALA R 37 -84.28 8.17 52.42
CA ALA R 37 -84.53 6.93 53.16
C ALA R 37 -83.46 6.74 54.22
N GLY R 38 -83.87 6.74 55.49
CA GLY R 38 -82.96 6.49 56.59
C GLY R 38 -81.86 7.52 56.74
N GLU R 39 -82.19 8.81 56.53
CA GLU R 39 -81.21 9.87 56.69
C GLU R 39 -81.43 10.74 57.92
N ILE R 40 -82.45 10.44 58.73
CA ILE R 40 -82.69 11.13 59.99
C ILE R 40 -82.66 10.09 61.09
N ASN R 41 -81.79 10.29 62.08
CA ASN R 41 -81.65 9.33 63.17
C ASN R 41 -81.25 10.10 64.43
N SER R 42 -80.75 9.38 65.43
CA SER R 42 -80.45 9.98 66.73
C SER R 42 -79.23 10.90 66.70
N SER R 43 -78.46 10.92 65.61
CA SER R 43 -77.23 11.70 65.55
C SER R 43 -77.26 12.76 64.46
N THR R 44 -78.44 13.03 63.88
CA THR R 44 -78.53 14.03 62.82
C THR R 44 -79.58 15.09 63.15
N GLY R 45 -80.40 14.83 64.17
CA GLY R 45 -81.39 15.80 64.58
C GLY R 45 -82.65 15.73 63.73
N ASP R 46 -83.36 16.85 63.62
CA ASP R 46 -84.61 16.92 62.87
C ASP R 46 -84.48 17.78 61.63
N SER R 47 -83.32 17.76 60.98
CA SER R 47 -83.11 18.53 59.77
C SER R 47 -81.90 17.97 59.03
N VAL R 48 -82.04 17.83 57.71
CA VAL R 48 -80.96 17.38 56.84
C VAL R 48 -80.93 18.29 55.63
N SER R 49 -79.75 18.40 55.00
CA SER R 49 -79.56 19.35 53.91
C SER R 49 -78.88 18.67 52.73
N PHE R 50 -79.30 19.07 51.53
CA PHE R 50 -78.72 18.62 50.27
C PHE R 50 -78.22 19.83 49.49
N LYS R 51 -77.05 19.69 48.87
CA LYS R 51 -76.45 20.80 48.16
C LYS R 51 -77.23 21.13 46.88
N ARG R 52 -76.95 22.30 46.32
CA ARG R 52 -77.55 22.76 45.07
C ARG R 52 -76.50 22.86 43.97
N PRO R 53 -76.88 22.67 42.71
CA PRO R 53 -75.92 22.80 41.61
C PRO R 53 -75.49 24.24 41.41
N HIS R 54 -74.32 24.39 40.81
CA HIS R 54 -73.73 25.69 40.51
C HIS R 54 -73.95 26.05 39.05
N GLN R 55 -73.95 27.37 38.79
CA GLN R 55 -74.11 27.90 37.45
C GLN R 55 -73.07 28.99 37.22
N PHE R 56 -72.67 29.17 35.96
CA PHE R 56 -71.59 30.08 35.61
C PHE R 56 -71.97 30.94 34.42
N SER R 57 -71.26 32.05 34.27
CA SER R 57 -71.43 32.97 33.17
C SER R 57 -70.09 33.15 32.45
N SER R 58 -70.17 33.51 31.17
CA SER R 58 -69.00 33.56 30.32
C SER R 58 -68.73 34.98 29.84
N LEU R 59 -67.45 35.27 29.64
CA LEU R 59 -67.02 36.54 29.07
C LEU R 59 -66.88 36.43 27.56
N ARG R 60 -66.93 37.58 26.89
CA ARG R 60 -66.79 37.62 25.43
C ARG R 60 -65.87 38.78 25.10
N THR R 61 -64.68 38.47 24.61
CA THR R 61 -63.65 39.45 24.34
C THR R 61 -63.12 39.28 22.92
N PRO R 62 -62.67 40.38 22.28
CA PRO R 62 -62.11 40.27 20.93
C PRO R 62 -60.76 39.56 20.88
N THR R 63 -60.00 39.56 21.97
CA THR R 63 -58.67 38.94 21.95
C THR R 63 -58.36 38.14 23.21
N GLY R 64 -59.27 38.06 24.18
CA GLY R 64 -59.02 37.25 25.35
C GLY R 64 -58.42 37.98 26.54
N ASP R 65 -58.92 39.17 26.86
CA ASP R 65 -58.44 39.93 28.00
C ASP R 65 -59.49 39.86 29.11
N ILE R 66 -59.08 39.37 30.28
CA ILE R 66 -59.96 39.31 31.44
C ILE R 66 -59.34 40.03 32.64
N SER R 67 -58.18 40.65 32.44
CA SER R 67 -57.50 41.33 33.54
C SER R 67 -58.33 42.48 34.09
N GLY R 68 -58.94 43.28 33.20
CA GLY R 68 -59.73 44.41 33.66
C GLY R 68 -61.01 43.99 34.37
N GLN R 69 -61.68 42.97 33.85
CA GLN R 69 -62.99 42.59 34.33
C GLN R 69 -62.88 41.75 35.61
N ASN R 70 -63.99 41.20 36.07
CA ASN R 70 -64.05 40.38 37.27
C ASN R 70 -64.43 38.96 36.89
N LYS R 71 -64.24 38.04 37.84
CA LYS R 71 -64.47 36.63 37.62
C LYS R 71 -65.83 36.22 38.20
N ASN R 72 -66.13 34.93 38.15
CA ASN R 72 -67.35 34.38 38.72
C ASN R 72 -67.15 34.07 40.20
N ASN R 73 -68.23 34.21 40.96
CA ASN R 73 -68.22 33.85 42.37
C ASN R 73 -68.86 32.48 42.56
N LEU R 74 -68.54 31.85 43.70
CA LEU R 74 -68.98 30.49 43.99
C LEU R 74 -69.91 30.53 45.20
N ILE R 75 -71.19 30.79 44.94
CA ILE R 75 -72.21 30.82 45.99
C ILE R 75 -72.83 29.45 46.09
N SER R 76 -72.86 28.89 47.31
CA SER R 76 -73.39 27.57 47.56
C SER R 76 -74.69 27.64 48.32
N GLY R 77 -75.69 26.90 47.86
CA GLY R 77 -76.98 26.86 48.50
C GLY R 77 -77.39 25.44 48.82
N LYS R 78 -78.32 25.31 49.76
CA LYS R 78 -78.76 24.01 50.23
C LYS R 78 -80.28 24.00 50.39
N ALA R 79 -80.85 22.81 50.27
CA ALA R 79 -82.27 22.58 50.51
C ALA R 79 -82.40 21.69 51.73
N THR R 80 -83.27 22.08 52.66
CA THR R 80 -83.38 21.43 53.96
C THR R 80 -84.72 20.72 54.09
N GLY R 81 -84.68 19.54 54.70
CA GLY R 81 -85.89 18.79 55.03
C GLY R 81 -85.92 18.50 56.51
N ARG R 82 -87.12 18.57 57.08
CA ARG R 82 -87.31 18.43 58.52
C ARG R 82 -88.50 17.52 58.81
N VAL R 83 -88.58 17.06 60.05
CA VAL R 83 -89.60 16.11 60.48
C VAL R 83 -90.91 16.85 60.73
N GLY R 84 -92.02 16.13 60.61
CA GLY R 84 -93.33 16.71 60.81
C GLY R 84 -93.91 16.47 62.19
N ASN R 85 -95.17 16.05 62.25
CA ASN R 85 -95.86 15.81 63.50
C ASN R 85 -96.37 14.38 63.56
N TYR R 86 -96.59 13.90 64.78
CA TYR R 86 -97.11 12.56 64.99
C TYR R 86 -98.50 12.42 64.36
N ILE R 87 -98.74 11.26 63.74
CA ILE R 87 -100.07 10.90 63.28
C ILE R 87 -100.53 9.78 64.22
N THR R 88 -101.22 10.17 65.28
CA THR R 88 -101.58 9.26 66.37
C THR R 88 -103.09 9.10 66.43
N VAL R 89 -103.55 7.89 66.72
CA VAL R 89 -104.96 7.61 66.92
C VAL R 89 -105.11 6.73 68.16
N ALA R 90 -106.00 7.11 69.07
CA ALA R 90 -106.12 6.42 70.34
C ALA R 90 -107.59 6.13 70.64
N VAL R 91 -107.82 4.96 71.25
CA VAL R 91 -109.16 4.56 71.69
C VAL R 91 -109.06 4.04 73.12
N GLU R 92 -110.21 4.03 73.79
CA GLU R 92 -110.29 3.57 75.18
C GLU R 92 -111.69 3.04 75.45
N TYR R 93 -111.77 2.09 76.37
CA TYR R 93 -113.04 1.50 76.74
C TYR R 93 -112.91 0.87 78.13
N GLN R 94 -114.06 0.70 78.79
CA GLN R 94 -114.08 0.26 80.19
C GLN R 94 -114.12 -1.25 80.29
N GLN R 95 -113.81 -1.74 81.50
CA GLN R 95 -113.73 -3.18 81.72
C GLN R 95 -115.09 -3.84 81.58
N LEU R 96 -116.13 -3.26 82.20
CA LEU R 96 -117.46 -3.86 82.05
C LEU R 96 -117.96 -3.72 80.63
N GLU R 97 -117.62 -2.62 79.95
CA GLU R 97 -118.00 -2.46 78.55
C GLU R 97 -117.42 -3.58 77.70
N GLU R 98 -116.12 -3.87 77.87
CA GLU R 98 -115.54 -4.96 77.12
C GLU R 98 -116.01 -6.32 77.61
N ALA R 99 -116.52 -6.39 78.84
CA ALA R 99 -117.01 -7.65 79.39
C ALA R 99 -118.38 -8.04 78.83
N ILE R 100 -119.26 -7.07 78.57
CA ILE R 100 -120.62 -7.35 78.14
C ILE R 100 -120.86 -6.97 76.68
N LYS R 101 -120.49 -5.75 76.29
CA LYS R 101 -120.94 -5.22 75.01
C LYS R 101 -119.93 -5.46 73.90
N LEU R 102 -118.65 -5.26 74.17
CA LEU R 102 -117.64 -5.35 73.11
C LEU R 102 -117.46 -6.78 72.65
N ASN R 103 -117.77 -7.03 71.39
CA ASN R 103 -117.46 -8.28 70.70
C ASN R 103 -116.93 -7.96 69.32
N GLN R 104 -116.10 -8.86 68.78
CA GLN R 104 -115.44 -8.66 67.49
C GLN R 104 -114.63 -7.36 67.49
N LEU R 105 -113.83 -7.19 68.54
CA LEU R 105 -113.02 -6.00 68.67
C LEU R 105 -111.97 -5.92 67.56
N GLU R 106 -111.40 -7.06 67.16
CA GLU R 106 -110.42 -7.06 66.09
C GLU R 106 -111.04 -6.58 64.78
N GLU R 107 -112.21 -7.11 64.44
CA GLU R 107 -112.90 -6.67 63.23
C GLU R 107 -113.37 -5.22 63.34
N ILE R 108 -113.63 -4.73 64.55
CA ILE R 108 -113.96 -3.32 64.71
C ILE R 108 -112.74 -2.44 64.45
N LEU R 109 -111.59 -2.86 64.96
CA LEU R 109 -110.37 -2.06 64.90
C LEU R 109 -109.54 -2.30 63.65
N ALA R 110 -109.98 -3.19 62.76
CA ALA R 110 -109.24 -3.42 61.52
C ALA R 110 -108.94 -2.18 60.68
N PRO R 111 -109.87 -1.24 60.43
CA PRO R 111 -109.59 -0.18 59.44
C PRO R 111 -108.77 0.99 59.95
N VAL R 112 -108.08 0.85 61.09
CA VAL R 112 -107.32 1.96 61.64
C VAL R 112 -106.10 2.29 60.79
N ARG R 113 -105.39 1.26 60.32
CA ARG R 113 -104.20 1.49 59.51
C ARG R 113 -104.53 2.19 58.21
N GLN R 114 -105.67 1.85 57.59
CA GLN R 114 -106.08 2.53 56.38
C GLN R 114 -106.32 4.01 56.64
N ARG R 115 -106.94 4.35 57.76
CA ARG R 115 -107.13 5.74 58.11
C ARG R 115 -105.80 6.46 58.30
N ILE R 116 -104.86 5.80 58.97
CA ILE R 116 -103.54 6.40 59.19
C ILE R 116 -102.87 6.73 57.85
N VAL R 117 -102.83 5.75 56.95
CA VAL R 117 -102.17 5.95 55.66
C VAL R 117 -102.92 6.98 54.82
N THR R 118 -104.25 7.00 54.90
CA THR R 118 -105.03 7.97 54.15
C THR R 118 -104.74 9.39 54.62
N ASP R 119 -104.66 9.60 55.93
CA ASP R 119 -104.31 10.92 56.44
C ASP R 119 -102.91 11.31 56.01
N LEU R 120 -101.96 10.36 56.06
CA LEU R 120 -100.60 10.66 55.65
C LEU R 120 -100.55 11.12 54.19
N GLU R 121 -101.21 10.37 53.29
CA GLU R 121 -101.17 10.71 51.88
C GLU R 121 -101.96 11.99 51.58
N THR R 122 -103.04 12.24 52.29
CA THR R 122 -103.78 13.49 52.09
C THR R 122 -102.93 14.70 52.49
N GLU R 123 -102.22 14.59 53.62
CA GLU R 123 -101.35 15.69 54.02
C GLU R 123 -100.20 15.86 53.04
N LEU R 124 -99.68 14.75 52.49
CA LEU R 124 -98.66 14.85 51.46
C LEU R 124 -99.19 15.56 50.21
N ALA R 125 -100.41 15.23 49.80
CA ALA R 125 -101.01 15.90 48.65
C ALA R 125 -101.18 17.40 48.90
N HIS R 126 -101.63 17.75 50.11
CA HIS R 126 -101.75 19.17 50.45
C HIS R 126 -100.39 19.86 50.42
N PHE R 127 -99.35 19.20 50.93
CA PHE R 127 -98.02 19.77 50.92
C PHE R 127 -97.54 20.02 49.49
N MET R 128 -97.72 19.02 48.62
CA MET R 128 -97.29 19.17 47.24
C MET R 128 -98.05 20.28 46.53
N MET R 129 -99.37 20.35 46.74
CA MET R 129 -100.17 21.39 46.12
C MET R 129 -99.76 22.77 46.60
N ASN R 130 -99.47 22.92 47.89
CA ASN R 130 -99.08 24.21 48.42
C ASN R 130 -97.69 24.63 47.96
N ASN R 131 -96.79 23.67 47.75
CA ASN R 131 -95.41 24.02 47.40
C ASN R 131 -95.16 24.04 45.90
N GLY R 132 -96.10 23.56 45.08
CA GLY R 132 -95.93 23.68 43.64
C GLY R 132 -95.99 25.12 43.17
N ALA R 133 -95.21 25.43 42.15
CA ALA R 133 -95.13 26.80 41.64
C ALA R 133 -95.16 26.82 40.11
N LEU R 134 -96.02 26.00 39.51
CA LEU R 134 -96.23 26.01 38.07
C LEU R 134 -97.72 26.01 37.78
N SER R 135 -98.11 26.79 36.77
CA SER R 135 -99.51 26.92 36.39
C SER R 135 -99.65 26.84 34.87
N LEU R 136 -100.74 26.22 34.44
CA LEU R 136 -101.06 26.10 33.02
C LEU R 136 -102.57 26.16 32.88
N GLY R 137 -103.05 26.95 31.92
CA GLY R 137 -104.48 27.02 31.65
C GLY R 137 -105.24 27.87 32.64
N SER R 138 -106.56 27.93 32.43
CA SER R 138 -107.51 28.66 33.26
C SER R 138 -108.31 27.70 34.13
N PRO R 139 -108.57 28.08 35.38
CA PRO R 139 -109.19 27.14 36.32
C PRO R 139 -110.58 26.66 35.92
N ASN R 140 -111.34 27.45 35.16
CA ASN R 140 -112.73 27.14 34.88
C ASN R 140 -112.92 26.24 33.66
N THR R 141 -111.87 25.95 32.90
CA THR R 141 -112.05 25.14 31.71
C THR R 141 -111.77 23.68 32.02
N PRO R 142 -112.72 22.78 31.76
CA PRO R 142 -112.47 21.35 32.00
C PRO R 142 -111.45 20.78 31.03
N ILE R 143 -110.81 19.70 31.44
CA ILE R 143 -109.84 19.00 30.61
C ILE R 143 -110.63 18.19 29.58
N THR R 144 -110.48 18.54 28.31
CA THR R 144 -111.26 17.91 27.25
C THR R 144 -110.40 17.23 26.19
N LYS R 145 -109.33 17.88 25.74
CA LYS R 145 -108.62 17.40 24.55
C LYS R 145 -107.26 16.82 24.90
N TRP R 146 -106.62 16.26 23.87
CA TRP R 146 -105.30 15.67 24.02
C TRP R 146 -104.23 16.72 24.31
N SER R 147 -104.36 17.90 23.67
CA SER R 147 -103.41 18.97 23.92
C SER R 147 -103.45 19.44 25.37
N ASP R 148 -104.62 19.36 26.00
CA ASP R 148 -104.74 19.80 27.39
C ASP R 148 -103.86 19.00 28.34
N VAL R 149 -103.46 17.79 27.95
CA VAL R 149 -102.51 17.01 28.72
C VAL R 149 -101.11 17.05 28.12
N ALA R 150 -100.98 17.16 26.79
CA ALA R 150 -99.66 17.25 26.19
C ALA R 150 -98.94 18.54 26.58
N GLN R 151 -99.71 19.58 26.94
CA GLN R 151 -99.11 20.86 27.28
C GLN R 151 -98.20 20.76 28.51
N THR R 152 -98.54 19.91 29.47
CA THR R 152 -97.70 19.76 30.66
C THR R 152 -96.33 19.22 30.30
N ALA R 153 -96.29 18.15 29.50
CA ALA R 153 -95.01 17.59 29.08
C ALA R 153 -94.23 18.58 28.23
N SER R 154 -94.93 19.31 27.34
CA SER R 154 -94.25 20.29 26.52
C SER R 154 -93.61 21.39 27.38
N PHE R 155 -94.35 21.88 28.37
CA PHE R 155 -93.82 22.91 29.25
C PHE R 155 -92.63 22.40 30.06
N LEU R 156 -92.73 21.17 30.59
CA LEU R 156 -91.63 20.63 31.36
C LEU R 156 -90.38 20.47 30.49
N LYS R 157 -90.54 19.98 29.26
CA LYS R 157 -89.39 19.86 28.37
C LYS R 157 -88.82 21.22 28.01
N ASP R 158 -89.69 22.22 27.80
CA ASP R 158 -89.22 23.55 27.44
C ASP R 158 -88.42 24.17 28.57
N LEU R 159 -88.86 23.97 29.82
CA LEU R 159 -88.10 24.50 30.95
C LEU R 159 -86.73 23.86 31.04
N GLY R 160 -86.59 22.62 30.56
CA GLY R 160 -85.29 21.99 30.48
C GLY R 160 -84.99 20.96 31.55
N VAL R 161 -85.94 20.08 31.84
CA VAL R 161 -85.75 19.01 32.80
C VAL R 161 -85.62 17.69 32.04
N ASN R 162 -84.58 16.92 32.36
CA ASN R 162 -84.36 15.61 31.75
C ASN R 162 -84.35 14.48 32.77
N GLU R 163 -83.63 14.64 33.87
CA GLU R 163 -83.51 13.56 34.86
C GLU R 163 -84.86 13.28 35.50
N GLY R 164 -85.16 12.01 35.74
CA GLY R 164 -86.42 11.62 36.33
C GLY R 164 -87.53 11.51 35.31
N GLU R 165 -88.67 10.98 35.77
CA GLU R 165 -89.84 10.81 34.93
C GLU R 165 -90.94 11.78 35.35
N ASN R 166 -91.70 12.25 34.36
CA ASN R 166 -92.74 13.25 34.57
C ASN R 166 -94.09 12.56 34.70
N TYR R 167 -94.83 12.91 35.75
CA TYR R 167 -96.12 12.31 36.05
C TYR R 167 -97.20 13.37 36.08
N ALA R 168 -98.41 12.97 35.70
CA ALA R 168 -99.60 13.80 35.82
C ALA R 168 -100.72 12.97 36.42
N VAL R 169 -101.38 13.49 37.44
CA VAL R 169 -102.40 12.77 38.20
C VAL R 169 -103.77 13.29 37.77
N MET R 170 -104.65 12.38 37.38
CA MET R 170 -105.97 12.72 36.88
C MET R 170 -107.05 12.31 37.88
N ASP R 171 -108.25 12.83 37.66
CA ASP R 171 -109.44 12.43 38.38
C ASP R 171 -110.40 11.69 37.46
N PRO R 172 -111.34 10.92 38.01
CA PRO R 172 -112.18 10.05 37.15
C PRO R 172 -112.94 10.79 36.07
N TRP R 173 -113.40 12.02 36.32
CA TRP R 173 -114.15 12.74 35.30
C TRP R 173 -113.26 13.12 34.12
N SER R 174 -112.04 13.59 34.38
CA SER R 174 -111.12 13.89 33.29
C SER R 174 -110.72 12.62 32.56
N ALA R 175 -110.51 11.52 33.29
CA ALA R 175 -110.21 10.25 32.62
C ALA R 175 -111.36 9.85 31.70
N GLN R 176 -112.60 10.02 32.17
CA GLN R 176 -113.78 9.71 31.35
C GLN R 176 -113.80 10.56 30.09
N ARG R 177 -113.56 11.87 30.23
CA ARG R 177 -113.62 12.75 29.06
C ARG R 177 -112.51 12.41 28.06
N LEU R 178 -111.31 12.09 28.56
CA LEU R 178 -110.23 11.70 27.67
C LEU R 178 -110.53 10.39 26.96
N ALA R 179 -111.14 9.43 27.66
CA ALA R 179 -111.54 8.19 27.02
C ALA R 179 -112.62 8.43 25.97
N ASP R 180 -113.56 9.33 26.26
CA ASP R 180 -114.59 9.68 25.29
C ASP R 180 -113.98 10.30 24.05
N ALA R 181 -112.99 11.17 24.22
CA ALA R 181 -112.29 11.73 23.07
C ALA R 181 -111.54 10.64 22.31
N GLN R 182 -110.96 9.68 23.03
CA GLN R 182 -110.20 8.62 22.38
C GLN R 182 -111.10 7.69 21.57
N THR R 183 -112.33 7.49 22.02
CA THR R 183 -113.25 6.60 21.31
C THR R 183 -113.58 7.07 19.89
N GLY R 184 -113.07 8.21 19.46
CA GLY R 184 -113.33 8.70 18.12
C GLY R 184 -112.13 8.64 17.20
N LEU R 185 -111.12 7.87 17.57
CA LEU R 185 -109.94 7.72 16.74
C LEU R 185 -110.26 6.92 15.49
N HIS R 186 -109.39 7.03 14.49
CA HIS R 186 -109.67 6.51 13.16
C HIS R 186 -108.81 5.31 12.77
N ALA R 187 -107.80 4.96 13.56
CA ALA R 187 -106.89 3.95 13.03
C ALA R 187 -106.63 2.77 13.96
N SER R 188 -106.55 2.99 15.27
CA SER R 188 -106.04 1.97 16.20
C SER R 188 -107.19 1.10 16.68
N ASP R 189 -107.28 -0.10 16.12
CA ASP R 189 -108.39 -1.01 16.43
C ASP R 189 -108.40 -1.38 17.90
N GLN R 190 -107.27 -1.88 18.41
CA GLN R 190 -107.20 -2.31 19.80
C GLN R 190 -107.44 -1.15 20.75
N LEU R 191 -106.88 0.02 20.42
CA LEU R 191 -106.99 1.17 21.31
C LEU R 191 -108.44 1.66 21.40
N VAL R 192 -109.12 1.79 20.25
CA VAL R 192 -110.51 2.22 20.30
C VAL R 192 -111.38 1.15 20.94
N ARG R 193 -111.07 -0.13 20.74
CA ARG R 193 -111.83 -1.19 21.40
C ARG R 193 -111.72 -1.08 22.91
N THR R 194 -110.50 -0.89 23.41
CA THR R 194 -110.29 -0.77 24.86
C THR R 194 -111.01 0.46 25.40
N ALA R 195 -110.91 1.59 24.69
CA ALA R 195 -111.58 2.80 25.17
C ALA R 195 -113.09 2.62 25.20
N TRP R 196 -113.66 2.00 24.18
CA TRP R 196 -115.10 1.79 24.13
C TRP R 196 -115.56 0.81 25.22
N GLU R 197 -114.76 -0.21 25.49
CA GLU R 197 -115.17 -1.25 26.43
C GLU R 197 -114.99 -0.80 27.88
N ASN R 198 -113.76 -0.50 28.26
CA ASN R 198 -113.42 -0.30 29.67
C ASN R 198 -113.09 1.14 30.02
N ALA R 199 -113.08 2.05 29.05
CA ALA R 199 -112.74 3.45 29.27
C ALA R 199 -111.36 3.60 29.93
N GLN R 200 -110.41 2.81 29.43
CA GLN R 200 -109.04 2.78 29.95
C GLN R 200 -108.13 3.51 28.98
N ILE R 201 -107.60 4.65 29.40
CA ILE R 201 -106.59 5.37 28.62
C ILE R 201 -105.26 4.65 28.80
N PRO R 202 -104.31 4.78 27.88
CA PRO R 202 -103.03 4.07 28.02
C PRO R 202 -102.21 4.59 29.20
N THR R 203 -101.15 3.86 29.55
CA THR R 203 -100.30 4.29 30.65
C THR R 203 -99.60 5.61 30.32
N ASN R 204 -99.07 5.73 29.10
CA ASN R 204 -98.44 6.96 28.66
C ASN R 204 -99.42 7.76 27.81
N PHE R 205 -99.42 9.08 28.03
CA PHE R 205 -100.39 9.95 27.37
C PHE R 205 -99.73 11.31 27.17
N GLY R 206 -99.44 11.66 25.92
CA GLY R 206 -98.83 12.94 25.63
C GLY R 206 -97.37 13.06 26.05
N GLY R 207 -96.67 11.95 26.23
CA GLY R 207 -95.28 11.97 26.63
C GLY R 207 -95.05 12.10 28.11
N ILE R 208 -96.11 12.24 28.91
CA ILE R 208 -96.02 12.35 30.36
C ILE R 208 -96.88 11.24 30.95
N ARG R 209 -96.33 10.50 31.92
CA ARG R 209 -97.06 9.34 32.41
C ARG R 209 -98.28 9.78 33.18
N ALA R 210 -99.45 9.30 32.79
CA ALA R 210 -100.71 9.69 33.40
C ALA R 210 -101.16 8.61 34.37
N LEU R 211 -101.38 9.00 35.62
CA LEU R 211 -101.90 8.12 36.65
C LEU R 211 -103.32 8.55 37.01
N MET R 212 -104.11 7.58 37.45
CA MET R 212 -105.49 7.83 37.85
C MET R 212 -105.60 7.72 39.36
N SER R 213 -106.20 8.74 39.97
CA SER R 213 -106.30 8.79 41.43
C SER R 213 -107.59 9.50 41.81
N ASN R 214 -108.49 8.79 42.49
CA ASN R 214 -109.73 9.38 42.95
C ASN R 214 -109.60 10.07 44.31
N GLY R 215 -108.46 9.94 44.96
CA GLY R 215 -108.21 10.65 46.20
C GLY R 215 -107.21 11.76 46.01
N LEU R 216 -107.68 13.01 46.03
CA LEU R 216 -106.83 14.16 45.77
C LEU R 216 -107.30 15.29 46.68
N ALA R 217 -106.56 16.40 46.68
CA ALA R 217 -106.83 17.51 47.57
C ALA R 217 -107.83 18.47 46.92
N SER R 218 -108.50 19.25 47.76
CA SER R 218 -109.45 20.25 47.30
C SER R 218 -109.21 21.52 48.09
N ARG R 219 -109.51 22.66 47.46
CA ARG R 219 -109.23 23.93 48.11
C ARG R 219 -110.25 24.98 47.69
N THR R 220 -110.40 25.99 48.54
CA THR R 220 -111.28 27.13 48.28
C THR R 220 -110.42 28.33 47.92
N GLN R 221 -110.82 29.08 46.88
CA GLN R 221 -110.00 30.18 46.39
C GLN R 221 -109.83 31.28 47.42
N GLY R 222 -110.90 31.64 48.13
CA GLY R 222 -110.83 32.76 49.05
C GLY R 222 -111.13 34.08 48.37
N ALA R 223 -111.94 34.91 49.01
CA ALA R 223 -112.44 36.11 48.35
C ALA R 223 -111.32 37.13 48.14
N PHE R 224 -111.31 37.73 46.95
CA PHE R 224 -110.41 38.83 46.63
C PHE R 224 -111.09 39.72 45.60
N GLY R 225 -110.44 40.82 45.26
CA GLY R 225 -110.98 41.74 44.28
C GLY R 225 -110.17 43.01 44.20
N GLY R 226 -110.35 43.71 43.09
CA GLY R 226 -109.64 44.94 42.83
C GLY R 226 -108.30 44.72 42.17
N THR R 227 -107.83 45.76 41.49
CA THR R 227 -106.53 45.73 40.82
C THR R 227 -105.43 45.72 41.87
N LEU R 228 -104.47 44.82 41.71
CA LEU R 228 -103.40 44.65 42.68
C LEU R 228 -102.05 44.99 42.05
N THR R 229 -101.26 45.78 42.77
CA THR R 229 -99.92 46.15 42.33
C THR R 229 -98.97 46.06 43.51
N VAL R 230 -97.68 45.86 43.21
CA VAL R 230 -96.67 45.77 44.26
C VAL R 230 -96.38 47.16 44.81
N LYS R 231 -95.93 47.21 46.07
CA LYS R 231 -95.60 48.49 46.69
C LYS R 231 -94.12 48.81 46.54
N THR R 232 -93.26 47.93 47.03
CA THR R 232 -91.81 48.14 47.02
C THR R 232 -91.12 46.90 46.49
N GLN R 233 -89.93 47.08 45.94
CA GLN R 233 -89.18 45.97 45.39
C GLN R 233 -88.75 45.02 46.51
N PRO R 234 -88.99 43.73 46.38
CA PRO R 234 -88.46 42.76 47.36
C PRO R 234 -87.00 42.43 47.04
N THR R 235 -86.42 41.60 47.88
CA THR R 235 -85.06 41.11 47.68
C THR R 235 -85.15 39.75 47.00
N VAL R 236 -84.83 39.70 45.71
CA VAL R 236 -84.90 38.47 44.93
C VAL R 236 -83.50 38.07 44.53
N THR R 237 -82.51 38.52 45.27
CA THR R 237 -81.12 38.16 45.00
C THR R 237 -80.85 36.73 45.43
N TYR R 238 -79.96 36.06 44.69
CA TYR R 238 -79.61 34.69 45.03
C TYR R 238 -78.97 34.60 46.40
N ASN R 239 -78.28 35.65 46.84
CA ASN R 239 -77.74 35.66 48.19
C ASN R 239 -78.86 35.60 49.22
N ALA R 240 -79.98 36.27 48.94
CA ALA R 240 -81.11 36.27 49.86
C ALA R 240 -81.88 34.96 49.82
N VAL R 241 -82.08 34.39 48.63
CA VAL R 241 -82.98 33.24 48.50
C VAL R 241 -82.23 31.99 48.05
N LYS R 242 -80.97 31.87 48.46
CA LYS R 242 -80.13 30.76 48.02
C LYS R 242 -80.43 29.45 48.74
N ASP R 243 -81.30 29.45 49.75
CA ASP R 243 -81.59 28.23 50.47
C ASP R 243 -83.06 27.98 50.75
N SER R 244 -83.98 28.83 50.29
CA SER R 244 -85.39 28.65 50.60
C SER R 244 -86.26 28.67 49.35
N TYR R 245 -85.85 29.42 48.33
CA TYR R 245 -86.67 29.63 47.13
C TYR R 245 -88.07 30.09 47.50
N GLN R 246 -88.14 31.07 48.39
CA GLN R 246 -89.40 31.57 48.92
C GLN R 246 -89.20 33.00 49.41
N PHE R 247 -90.08 33.89 48.99
CA PHE R 247 -89.86 35.31 49.28
C PHE R 247 -91.17 35.97 49.71
N THR R 248 -91.05 37.05 50.47
CA THR R 248 -92.19 37.83 50.90
C THR R 248 -92.36 39.04 49.99
N VAL R 249 -93.61 39.47 49.81
CA VAL R 249 -93.91 40.60 48.95
C VAL R 249 -95.21 41.24 49.43
N THR R 250 -95.31 42.55 49.25
CA THR R 250 -96.48 43.32 49.64
C THR R 250 -97.22 43.83 48.41
N LEU R 251 -98.54 43.83 48.49
CA LEU R 251 -99.41 44.23 47.40
C LEU R 251 -100.40 45.29 47.88
N THR R 252 -100.65 46.29 47.03
CA THR R 252 -101.56 47.37 47.34
C THR R 252 -102.72 47.38 46.35
N GLY R 253 -103.67 48.28 46.59
CA GLY R 253 -104.85 48.39 45.76
C GLY R 253 -105.94 47.39 46.05
N ALA R 254 -105.85 46.66 47.16
CA ALA R 254 -106.82 45.62 47.47
C ALA R 254 -108.04 46.22 48.17
N THR R 255 -108.91 45.33 48.63
CA THR R 255 -110.11 45.75 49.36
C THR R 255 -109.72 46.38 50.69
N ALA R 256 -110.64 47.18 51.23
CA ALA R 256 -110.38 47.97 52.43
C ALA R 256 -109.93 47.10 53.60
N SER R 257 -110.81 46.18 54.05
CA SER R 257 -110.48 45.29 55.17
C SER R 257 -111.34 44.04 55.06
N VAL R 258 -110.75 42.96 54.56
CA VAL R 258 -111.41 41.66 54.47
C VAL R 258 -110.46 40.62 55.06
N THR R 259 -110.94 39.86 56.04
CA THR R 259 -110.13 38.79 56.60
C THR R 259 -110.13 37.57 55.68
N GLY R 260 -109.08 36.77 55.79
CA GLY R 260 -108.93 35.64 54.90
C GLY R 260 -108.82 36.03 53.44
N PHE R 261 -108.04 37.06 53.14
CA PHE R 261 -107.94 37.56 51.77
C PHE R 261 -107.41 36.49 50.83
N LEU R 262 -106.28 35.89 51.18
CA LEU R 262 -105.65 34.88 50.33
C LEU R 262 -105.40 33.63 51.16
N LYS R 263 -105.89 32.49 50.68
CA LYS R 263 -105.70 31.21 51.36
C LYS R 263 -104.58 30.42 50.69
N ALA R 264 -104.03 29.48 51.43
CA ALA R 264 -102.92 28.67 50.93
C ALA R 264 -103.35 27.89 49.69
N GLY R 265 -102.47 27.86 48.69
CA GLY R 265 -102.72 27.19 47.44
C GLY R 265 -103.06 28.11 46.29
N ASP R 266 -103.39 29.36 46.57
CA ASP R 266 -103.65 30.31 45.51
C ASP R 266 -102.37 30.62 44.74
N GLN R 267 -102.52 31.12 43.52
CA GLN R 267 -101.37 31.49 42.71
C GLN R 267 -101.54 32.90 42.14
N VAL R 268 -100.47 33.66 42.18
CA VAL R 268 -100.41 35.04 41.70
C VAL R 268 -99.39 35.10 40.57
N LYS R 269 -99.78 35.70 39.46
CA LYS R 269 -98.94 35.76 38.27
C LYS R 269 -98.65 37.21 37.91
N PHE R 270 -97.42 37.45 37.45
CA PHE R 270 -96.95 38.79 37.10
C PHE R 270 -97.01 38.94 35.58
N THR R 271 -97.68 40.00 35.12
CA THR R 271 -98.04 40.08 33.70
C THR R 271 -96.82 40.30 32.82
N ASN R 272 -95.97 41.27 33.16
CA ASN R 272 -94.86 41.68 32.30
C ASN R 272 -93.52 41.13 32.79
N THR R 273 -93.54 39.90 33.31
CA THR R 273 -92.34 39.28 33.87
C THR R 273 -92.34 37.82 33.42
N TYR R 274 -91.47 37.48 32.48
CA TYR R 274 -91.56 36.21 31.77
C TYR R 274 -90.55 35.20 32.28
N TRP R 275 -90.87 33.92 32.08
CA TRP R 275 -89.95 32.83 32.39
C TRP R 275 -88.76 32.85 31.45
N LEU R 276 -87.64 32.30 31.91
CA LEU R 276 -86.47 32.08 31.09
C LEU R 276 -86.13 30.60 31.05
N GLN R 277 -85.57 30.13 29.93
CA GLN R 277 -85.03 28.79 29.90
C GLN R 277 -83.78 28.74 30.78
N GLN R 278 -83.71 27.73 31.65
CA GLN R 278 -82.73 27.77 32.74
C GLN R 278 -81.30 27.64 32.22
N GLN R 279 -81.11 26.94 31.10
CA GLN R 279 -79.75 26.76 30.58
C GLN R 279 -79.38 27.80 29.54
N THR R 280 -80.27 28.09 28.59
CA THR R 280 -79.98 29.02 27.51
C THR R 280 -80.23 30.48 27.91
N LYS R 281 -81.00 30.71 28.96
CA LYS R 281 -81.35 32.07 29.41
C LYS R 281 -82.09 32.83 28.31
N GLN R 282 -82.95 32.13 27.57
CA GLN R 282 -83.78 32.71 26.53
C GLN R 282 -85.23 32.66 26.97
N ALA R 283 -85.98 33.72 26.65
CA ALA R 283 -87.36 33.81 27.09
C ALA R 283 -88.23 32.76 26.42
N LEU R 284 -89.23 32.27 27.17
CA LEU R 284 -90.17 31.28 26.65
C LEU R 284 -91.29 31.97 25.89
N TYR R 285 -91.63 31.43 24.73
CA TYR R 285 -92.69 31.97 23.88
C TYR R 285 -93.49 30.82 23.30
N ASN R 286 -94.81 30.86 23.49
CA ASN R 286 -95.72 29.92 22.87
C ASN R 286 -96.35 30.60 21.65
N GLY R 287 -95.82 30.31 20.47
CA GLY R 287 -96.24 31.06 19.30
C GLY R 287 -95.79 32.51 19.43
N ALA R 288 -96.75 33.40 19.57
CA ALA R 288 -96.48 34.81 19.83
C ALA R 288 -96.84 35.23 21.24
N THR R 289 -97.29 34.30 22.09
CA THR R 289 -97.71 34.63 23.44
C THR R 289 -96.63 34.24 24.43
N PRO R 290 -96.04 35.19 25.16
CA PRO R 290 -95.03 34.82 26.16
C PRO R 290 -95.64 34.27 27.44
N ILE R 291 -94.96 33.29 28.06
CA ILE R 291 -95.43 32.76 29.34
C ILE R 291 -95.00 33.69 30.46
N SER R 292 -95.92 33.96 31.37
CA SER R 292 -95.70 34.90 32.47
C SER R 292 -95.36 34.16 33.75
N PHE R 293 -94.51 34.77 34.57
CA PHE R 293 -94.07 34.17 35.81
C PHE R 293 -95.22 34.08 36.80
N THR R 294 -95.22 33.02 37.60
CA THR R 294 -96.26 32.78 38.58
C THR R 294 -95.64 32.24 39.85
N ALA R 295 -96.36 32.40 40.96
CA ALA R 295 -95.90 31.92 42.26
C ALA R 295 -97.11 31.53 43.09
N THR R 296 -96.87 30.76 44.14
CA THR R 296 -97.92 30.19 44.96
C THR R 296 -97.87 30.72 46.38
N VAL R 297 -99.03 31.13 46.89
CA VAL R 297 -99.18 31.58 48.27
C VAL R 297 -99.03 30.39 49.20
N THR R 298 -98.12 30.49 50.16
CA THR R 298 -97.82 29.33 51.01
C THR R 298 -98.64 29.35 52.31
N ALA R 299 -98.99 30.54 52.80
CA ALA R 299 -99.70 30.67 54.06
C ALA R 299 -100.81 31.72 53.93
N ASP R 300 -101.81 31.59 54.78
CA ASP R 300 -102.96 32.49 54.74
C ASP R 300 -102.54 33.93 55.03
N ALA R 301 -103.19 34.86 54.34
CA ALA R 301 -102.85 36.28 54.45
C ALA R 301 -104.11 37.10 54.47
N ASN R 302 -104.18 38.05 55.41
CA ASN R 302 -105.29 38.98 55.53
C ASN R 302 -104.89 40.35 54.96
N SER R 303 -105.89 41.22 54.82
CA SER R 303 -105.68 42.56 54.30
C SER R 303 -106.00 43.58 55.39
N ASP R 304 -105.04 44.45 55.68
CA ASP R 304 -105.24 45.49 56.68
C ASP R 304 -105.97 46.69 56.08
N SER R 305 -106.36 47.62 56.95
CA SER R 305 -106.99 48.84 56.50
C SER R 305 -106.06 49.61 55.57
N GLY R 306 -106.62 50.13 54.48
CA GLY R 306 -105.85 50.83 53.47
C GLY R 306 -105.47 49.99 52.28
N GLY R 307 -105.68 48.67 52.33
CA GLY R 307 -105.43 47.80 51.20
C GLY R 307 -103.98 47.43 51.01
N ASP R 308 -103.36 46.84 52.04
CA ASP R 308 -101.99 46.32 51.96
C ASP R 308 -102.00 44.89 52.42
N VAL R 309 -101.48 43.99 51.58
CA VAL R 309 -101.44 42.56 51.88
C VAL R 309 -100.00 42.10 51.77
N THR R 310 -99.47 41.56 52.87
CA THR R 310 -98.13 40.98 52.88
C THR R 310 -98.25 39.46 52.79
N VAL R 311 -97.62 38.88 51.77
CA VAL R 311 -97.79 37.46 51.47
C VAL R 311 -96.42 36.85 51.24
N THR R 312 -96.34 35.53 51.41
CA THR R 312 -95.12 34.76 51.19
C THR R 312 -95.38 33.79 50.05
N LEU R 313 -94.57 33.86 49.01
CA LEU R 313 -94.73 33.04 47.83
C LEU R 313 -93.55 32.09 47.63
N SER R 314 -93.84 30.91 47.11
CA SER R 314 -92.85 29.92 46.76
C SER R 314 -92.58 29.99 45.26
N GLY R 315 -91.30 30.01 44.89
CA GLY R 315 -90.93 30.24 43.51
C GLY R 315 -90.44 31.66 43.32
N VAL R 316 -89.14 31.84 43.26
CA VAL R 316 -88.52 33.17 43.28
C VAL R 316 -88.10 33.56 41.87
N PRO R 317 -88.38 34.79 41.44
CA PRO R 317 -87.85 35.30 40.15
C PRO R 317 -86.49 35.96 40.34
N ILE R 318 -85.45 35.13 40.44
CA ILE R 318 -84.11 35.65 40.71
C ILE R 318 -83.66 36.54 39.56
N TYR R 319 -83.36 37.80 39.88
CA TYR R 319 -82.76 38.74 38.93
C TYR R 319 -81.65 39.46 39.67
N ASP R 320 -80.44 38.90 39.61
CA ASP R 320 -79.30 39.42 40.34
C ASP R 320 -78.45 40.27 39.39
N THR R 321 -78.16 41.50 39.81
CA THR R 321 -77.33 42.40 39.02
C THR R 321 -75.84 42.16 39.22
N THR R 322 -75.47 41.40 40.26
CA THR R 322 -74.07 41.06 40.50
C THR R 322 -73.74 39.61 40.22
N ASN R 323 -74.75 38.73 40.13
CA ASN R 323 -74.56 37.32 39.77
C ASN R 323 -75.52 36.97 38.65
N PRO R 324 -75.20 37.34 37.42
CA PRO R 324 -76.12 37.06 36.30
C PRO R 324 -76.39 35.58 36.08
N GLN R 325 -75.52 34.72 36.61
CA GLN R 325 -75.62 33.29 36.32
C GLN R 325 -76.94 32.70 36.79
N TYR R 326 -77.38 33.09 37.99
CA TYR R 326 -78.55 32.48 38.61
C TYR R 326 -79.86 33.18 38.24
N ASN R 327 -79.87 34.00 37.20
CA ASN R 327 -81.12 34.58 36.74
C ASN R 327 -82.07 33.50 36.25
N SER R 328 -83.34 33.62 36.63
CA SER R 328 -84.34 32.67 36.14
C SER R 328 -85.62 33.39 35.73
N VAL R 329 -85.54 34.66 35.33
CA VAL R 329 -86.72 35.42 34.96
C VAL R 329 -86.27 36.54 34.02
N SER R 330 -87.19 37.02 33.19
CA SER R 330 -86.82 37.89 32.08
C SER R 330 -86.30 39.24 32.58
N ARG R 331 -87.03 39.88 33.49
CA ARG R 331 -86.67 41.21 33.96
C ARG R 331 -86.92 41.32 35.46
N GLN R 332 -86.24 42.28 36.08
CA GLN R 332 -86.40 42.51 37.50
C GLN R 332 -87.79 43.04 37.80
N VAL R 333 -88.37 42.59 38.92
CA VAL R 333 -89.72 43.01 39.30
C VAL R 333 -89.57 44.28 40.13
N GLU R 334 -90.01 45.40 39.55
CA GLU R 334 -89.92 46.69 40.20
C GLU R 334 -91.29 47.16 40.68
N ALA R 335 -91.28 48.25 41.44
CA ALA R 335 -92.52 48.77 42.00
C ALA R 335 -93.45 49.27 40.91
N GLY R 336 -94.76 49.18 41.16
CA GLY R 336 -95.76 49.62 40.21
C GLY R 336 -96.20 48.57 39.22
N ASP R 337 -95.62 47.38 39.25
CA ASP R 337 -96.00 46.34 38.30
C ASP R 337 -97.39 45.80 38.63
N ALA R 338 -98.06 45.27 37.60
CA ALA R 338 -99.41 44.76 37.74
C ALA R 338 -99.39 43.24 37.89
N VAL R 339 -100.12 42.74 38.88
CA VAL R 339 -100.21 41.32 39.15
C VAL R 339 -101.68 40.90 39.05
N SER R 340 -101.90 39.59 38.94
CA SER R 340 -103.26 39.07 38.95
C SER R 340 -103.28 37.76 39.73
N VAL R 341 -104.48 37.40 40.19
CA VAL R 341 -104.68 36.20 40.99
C VAL R 341 -105.46 35.21 40.14
N VAL R 342 -104.90 34.01 39.95
CA VAL R 342 -105.54 33.03 39.09
C VAL R 342 -106.69 32.36 39.83
N GLY R 343 -107.87 32.35 39.20
CA GLY R 343 -109.03 31.68 39.74
C GLY R 343 -110.27 32.58 39.70
N THR R 344 -111.18 32.31 40.64
CA THR R 344 -112.42 33.06 40.74
C THR R 344 -112.59 33.62 42.14
N ALA R 345 -113.76 34.17 42.45
CA ALA R 345 -113.98 34.86 43.71
C ALA R 345 -113.81 33.97 44.93
N SER R 346 -114.70 32.97 45.10
CA SER R 346 -114.63 32.14 46.30
C SER R 346 -114.95 30.68 46.03
N GLN R 347 -114.82 30.20 44.79
CA GLN R 347 -115.23 28.85 44.47
C GLN R 347 -114.25 27.82 45.04
N THR R 348 -114.74 26.59 45.17
CA THR R 348 -113.92 25.47 45.61
C THR R 348 -113.66 24.56 44.43
N MET R 349 -112.49 23.90 44.42
CA MET R 349 -112.10 23.11 43.26
C MET R 349 -111.05 22.08 43.67
N LYS R 350 -110.87 21.11 42.78
CA LYS R 350 -109.86 20.05 42.90
C LYS R 350 -108.89 20.19 41.73
N PRO R 351 -107.73 20.82 41.93
CA PRO R 351 -106.80 21.00 40.82
C PRO R 351 -106.08 19.69 40.48
N ASN R 352 -105.64 19.61 39.22
CA ASN R 352 -104.82 18.50 38.77
C ASN R 352 -103.35 18.84 38.97
N LEU R 353 -102.51 17.81 39.02
CA LEU R 353 -101.10 17.96 39.37
C LEU R 353 -100.22 17.34 38.29
N PHE R 354 -99.14 18.03 37.94
CA PHE R 354 -98.09 17.49 37.09
C PHE R 354 -96.74 17.86 37.69
N TYR R 355 -95.82 16.89 37.72
CA TYR R 355 -94.58 17.10 38.44
C TYR R 355 -93.52 16.11 38.00
N ASN R 356 -92.26 16.46 38.28
CA ASN R 356 -91.13 15.58 38.08
C ASN R 356 -90.91 14.71 39.32
N LYS R 357 -90.05 13.71 39.17
CA LYS R 357 -89.79 12.79 40.28
C LYS R 357 -89.07 13.49 41.43
N PHE R 358 -88.12 14.37 41.12
CA PHE R 358 -87.30 15.02 42.14
C PHE R 358 -87.92 16.33 42.64
N PHE R 359 -89.24 16.48 42.51
CA PHE R 359 -89.90 17.69 43.03
C PHE R 359 -90.03 17.61 44.54
N CYS R 360 -90.65 16.56 45.05
CA CYS R 360 -90.87 16.38 46.47
C CYS R 360 -90.14 15.11 46.94
N GLY R 361 -90.21 14.86 48.24
CA GLY R 361 -89.59 13.69 48.82
C GLY R 361 -90.22 13.33 50.15
N LEU R 362 -90.50 12.05 50.37
CA LEU R 362 -91.24 11.60 51.53
C LEU R 362 -90.49 10.46 52.22
N GLY R 363 -90.51 10.48 53.54
CA GLY R 363 -89.95 9.40 54.33
C GLY R 363 -90.67 9.30 55.66
N SER R 364 -90.28 8.30 56.44
CA SER R 364 -90.82 8.14 57.77
C SER R 364 -89.71 7.61 58.67
N ILE R 365 -89.80 7.90 59.96
CA ILE R 365 -88.74 7.45 60.87
C ILE R 365 -89.32 6.49 61.91
N PRO R 366 -88.59 5.44 62.27
CA PRO R 366 -89.12 4.45 63.21
C PRO R 366 -89.18 4.97 64.64
N LEU R 367 -90.09 4.40 65.40
CA LEU R 367 -90.24 4.85 66.77
C LEU R 367 -89.75 3.79 67.75
N PRO R 368 -89.11 4.21 68.83
CA PRO R 368 -88.69 3.25 69.86
C PRO R 368 -89.85 2.84 70.76
N LYS R 369 -89.64 1.84 71.60
CA LYS R 369 -90.68 1.26 72.43
C LYS R 369 -90.67 1.90 73.81
N LEU R 370 -91.86 2.18 74.34
CA LEU R 370 -91.97 2.71 75.68
C LEU R 370 -91.63 1.65 76.72
N HIS R 371 -91.20 2.10 77.89
CA HIS R 371 -90.76 1.20 78.94
C HIS R 371 -91.94 0.58 79.68
N SER R 372 -91.90 -0.75 79.83
CA SER R 372 -92.86 -1.49 80.65
C SER R 372 -94.29 -1.33 80.16
N ILE R 373 -94.46 -1.13 78.85
CA ILE R 373 -95.78 -1.02 78.23
C ILE R 373 -95.81 -1.97 77.04
N ASP R 374 -96.85 -2.80 76.98
CA ASP R 374 -96.97 -3.76 75.88
C ASP R 374 -97.14 -3.03 74.55
N SER R 375 -96.37 -3.47 73.55
CA SER R 375 -96.35 -2.80 72.27
C SER R 375 -96.08 -3.81 71.17
N ALA R 376 -96.43 -3.42 69.95
CA ALA R 376 -96.20 -4.24 68.77
C ALA R 376 -95.95 -3.32 67.58
N VAL R 377 -95.39 -3.88 66.52
CA VAL R 377 -95.12 -3.14 65.29
C VAL R 377 -95.55 -4.00 64.12
N ALA R 378 -96.17 -3.38 63.12
CA ALA R 378 -96.66 -4.12 61.96
C ALA R 378 -96.48 -3.28 60.70
N THR R 379 -96.24 -3.95 59.58
CA THR R 379 -96.03 -3.28 58.30
C THR R 379 -97.31 -3.34 57.49
N TYR R 380 -97.80 -2.17 57.09
CA TYR R 380 -98.93 -2.04 56.16
C TYR R 380 -98.49 -1.19 54.99
N GLU R 381 -98.50 -1.80 53.80
CA GLU R 381 -98.21 -1.13 52.53
C GLU R 381 -96.96 -0.25 52.67
N GLY R 382 -95.86 -0.93 52.99
CA GLY R 382 -94.57 -0.25 53.06
C GLY R 382 -94.46 0.79 54.15
N PHE R 383 -95.30 0.72 55.18
CA PHE R 383 -95.22 1.66 56.30
C PHE R 383 -95.29 0.89 57.61
N SER R 384 -94.33 1.13 58.49
CA SER R 384 -94.32 0.51 59.80
C SER R 384 -95.16 1.35 60.77
N ILE R 385 -96.06 0.67 61.49
CA ILE R 385 -96.97 1.32 62.43
C ILE R 385 -96.82 0.63 63.78
N ARG R 386 -96.70 1.42 64.83
CA ARG R 386 -96.49 0.93 66.19
C ARG R 386 -97.77 1.11 67.00
N VAL R 387 -98.13 0.07 67.75
CA VAL R 387 -99.33 0.06 68.59
C VAL R 387 -98.90 -0.17 70.03
N HIS R 388 -99.45 0.65 70.92
CA HIS R 388 -99.20 0.55 72.36
C HIS R 388 -100.50 0.28 73.08
N LYS R 389 -100.48 -0.66 74.02
CA LYS R 389 -101.67 -1.03 74.79
C LYS R 389 -101.36 -0.92 76.27
N TYR R 390 -102.20 -0.20 77.02
CA TYR R 390 -102.02 -0.05 78.45
C TYR R 390 -103.39 0.14 79.10
N ALA R 391 -103.39 0.44 80.39
CA ALA R 391 -104.62 0.60 81.15
C ALA R 391 -104.40 1.55 82.31
N ASP R 392 -105.50 1.92 82.97
CA ASP R 392 -105.47 2.76 84.16
C ASP R 392 -106.08 1.98 85.31
N GLY R 393 -105.24 1.50 86.23
CA GLY R 393 -105.72 0.63 87.29
C GLY R 393 -106.71 1.29 88.21
N ASP R 394 -106.53 2.58 88.49
CA ASP R 394 -107.39 3.31 89.40
C ASP R 394 -108.69 3.77 88.76
N ALA R 395 -108.85 3.58 87.46
CA ALA R 395 -110.07 3.97 86.76
C ALA R 395 -110.67 2.84 85.94
N ASN R 396 -110.01 1.68 85.89
CA ASN R 396 -110.51 0.50 85.19
C ASN R 396 -110.85 0.80 83.74
N VAL R 397 -109.98 1.57 83.08
CA VAL R 397 -110.14 1.92 81.68
C VAL R 397 -108.94 1.41 80.89
N GLN R 398 -109.23 0.64 79.84
CA GLN R 398 -108.20 0.09 78.96
C GLN R 398 -108.06 0.99 77.74
N LYS R 399 -106.81 1.33 77.40
CA LYS R 399 -106.53 2.27 76.33
C LYS R 399 -105.48 1.68 75.39
N MET R 400 -105.57 2.09 74.13
CA MET R 400 -104.55 1.70 73.16
C MET R 400 -104.42 2.81 72.12
N ARG R 401 -103.28 2.81 71.43
CA ARG R 401 -103.00 3.87 70.47
C ARG R 401 -102.07 3.35 69.39
N PHE R 402 -102.11 4.04 68.25
CA PHE R 402 -101.31 3.75 67.08
C PHE R 402 -100.57 5.01 66.65
N ASP R 403 -99.31 4.86 66.27
CA ASP R 403 -98.42 6.00 66.07
C ASP R 403 -97.70 5.90 64.73
N LEU R 404 -97.24 7.05 64.25
CA LEU R 404 -96.47 7.16 63.02
C LEU R 404 -95.84 8.55 62.96
N LEU R 405 -94.64 8.64 62.38
CA LEU R 405 -93.92 9.91 62.28
C LEU R 405 -93.30 10.08 60.90
N PRO R 406 -93.85 10.97 60.06
CA PRO R 406 -93.33 11.19 58.71
C PRO R 406 -92.36 12.36 58.60
N ALA R 407 -91.80 12.56 57.40
CA ALA R 407 -90.92 13.68 57.11
C ALA R 407 -91.01 14.01 55.62
N TYR R 408 -91.09 15.31 55.31
CA TYR R 408 -91.28 15.78 53.94
C TYR R 408 -90.17 16.75 53.56
N VAL R 409 -89.82 16.72 52.27
CA VAL R 409 -88.85 17.65 51.70
C VAL R 409 -89.39 18.15 50.36
N CYS R 410 -89.18 19.42 50.08
CA CYS R 410 -89.50 20.00 48.78
C CYS R 410 -88.20 20.48 48.15
N PHE R 411 -87.71 19.75 47.15
CA PHE R 411 -86.38 20.01 46.62
C PHE R 411 -86.34 21.30 45.83
N ASN R 412 -87.11 21.38 44.75
CA ASN R 412 -87.12 22.55 43.87
C ASN R 412 -88.56 22.89 43.54
N PRO R 413 -89.03 24.10 43.89
CA PRO R 413 -90.45 24.43 43.64
C PRO R 413 -90.74 24.75 42.18
N HIS R 414 -89.75 24.79 41.31
CA HIS R 414 -89.95 25.07 39.89
C HIS R 414 -90.18 23.81 39.08
N MET R 415 -90.22 22.65 39.73
CA MET R 415 -90.32 21.36 39.05
C MET R 415 -91.63 20.68 39.37
N GLY R 416 -92.71 21.46 39.40
CA GLY R 416 -94.02 20.90 39.65
C GLY R 416 -95.01 22.02 39.89
N GLY R 417 -96.29 21.63 39.90
CA GLY R 417 -97.35 22.58 40.09
C GLY R 417 -98.69 21.97 39.67
N GLN R 418 -99.64 22.86 39.44
CA GLN R 418 -100.99 22.46 39.08
C GLN R 418 -101.39 23.04 37.73
N PHE R 419 -102.23 22.30 37.01
CA PHE R 419 -102.62 22.70 35.67
C PHE R 419 -104.10 22.40 35.46
N PHE R 420 -104.69 23.11 34.50
CA PHE R 420 -106.11 23.02 34.21
C PHE R 420 -106.29 22.89 32.72
N GLY R 421 -107.54 22.98 32.28
CA GLY R 421 -107.82 23.06 30.87
C GLY R 421 -107.75 24.49 30.36
N ASN R 422 -107.67 24.62 29.03
CA ASN R 422 -107.66 25.93 28.40
C ASN R 422 -108.54 25.93 27.17
N PRO R 423 -109.17 27.06 26.84
CA PRO R 423 -110.01 27.16 25.65
C PRO R 423 -109.20 27.31 24.37
N PRO S 2 144.38 -19.52 -25.53
CA PRO S 2 145.69 -20.16 -25.60
C PRO S 2 145.60 -21.63 -26.00
N ASN S 3 144.43 -22.23 -25.82
CA ASN S 3 144.23 -23.63 -26.19
C ASN S 3 144.36 -23.81 -27.69
N ASN S 4 145.03 -24.88 -28.09
CA ASN S 4 145.21 -25.22 -29.51
C ASN S 4 144.93 -26.71 -29.65
N LEU S 5 143.67 -27.06 -29.89
CA LEU S 5 143.24 -28.45 -29.99
C LEU S 5 142.99 -28.88 -31.42
N ASP S 6 143.38 -28.08 -32.41
CA ASP S 6 143.07 -28.40 -33.80
C ASP S 6 143.78 -29.65 -34.32
N SER S 7 144.78 -30.14 -33.59
CA SER S 7 145.49 -31.36 -33.98
C SER S 7 144.86 -32.61 -33.38
N ASN S 8 143.76 -32.48 -32.66
CA ASN S 8 143.05 -33.61 -32.08
C ASN S 8 141.91 -34.11 -32.96
N VAL S 9 141.73 -33.53 -34.14
CA VAL S 9 140.65 -33.92 -35.04
C VAL S 9 141.21 -34.20 -36.43
N SER S 10 140.33 -34.56 -37.36
CA SER S 10 140.74 -34.88 -38.72
C SER S 10 139.79 -34.24 -39.71
N GLN S 11 140.29 -33.99 -40.92
CA GLN S 11 139.48 -33.42 -41.99
C GLN S 11 138.80 -34.54 -42.75
N ILE S 12 137.48 -34.63 -42.61
CA ILE S 12 136.69 -35.75 -43.13
C ILE S 12 135.99 -35.30 -44.40
N VAL S 13 136.07 -36.12 -45.45
CA VAL S 13 135.31 -35.94 -46.67
C VAL S 13 134.31 -37.08 -46.77
N LEU S 14 133.02 -36.73 -46.76
CA LEU S 14 131.97 -37.73 -46.73
C LEU S 14 131.86 -38.44 -48.08
N LYS S 15 131.29 -39.64 -48.04
CA LYS S 15 131.15 -40.48 -49.24
C LYS S 15 129.80 -40.27 -49.91
N LYS S 16 129.50 -38.99 -50.19
CA LYS S 16 128.26 -38.62 -50.85
C LYS S 16 128.57 -37.66 -51.99
N PHE S 17 127.74 -37.74 -53.04
CA PHE S 17 127.92 -36.94 -54.24
C PHE S 17 126.75 -35.98 -54.40
N LEU S 18 127.05 -34.75 -54.80
CA LEU S 18 126.02 -33.78 -55.07
C LEU S 18 125.37 -34.05 -56.43
N PRO S 19 124.13 -33.63 -56.61
CA PRO S 19 123.46 -33.83 -57.91
C PRO S 19 124.13 -33.02 -59.01
N GLY S 20 123.99 -33.52 -60.24
CA GLY S 20 124.60 -32.89 -61.39
C GLY S 20 123.61 -32.35 -62.40
N PHE S 21 124.00 -32.34 -63.67
CA PHE S 21 123.20 -31.79 -64.75
C PHE S 21 123.06 -32.82 -65.86
N MET S 22 121.91 -32.80 -66.53
CA MET S 22 121.64 -33.77 -67.59
C MET S 22 120.64 -33.18 -68.57
N SER S 23 120.60 -33.77 -69.76
CA SER S 23 119.71 -33.35 -70.83
C SER S 23 118.85 -34.52 -71.26
N ASP S 24 117.75 -34.21 -71.95
CA ASP S 24 116.76 -35.21 -72.33
C ASP S 24 117.02 -35.75 -73.74
N LEU S 25 116.25 -36.77 -74.11
CA LEU S 25 116.40 -37.45 -75.39
C LEU S 25 115.01 -37.58 -76.03
N VAL S 26 114.75 -36.78 -77.07
CA VAL S 26 113.51 -36.90 -77.81
C VAL S 26 113.72 -37.33 -79.27
N LEU S 27 114.77 -36.83 -79.92
CA LEU S 27 114.97 -37.15 -81.33
C LEU S 27 115.25 -38.63 -81.54
N ALA S 28 116.06 -39.22 -80.65
CA ALA S 28 116.38 -40.64 -80.78
C ALA S 28 115.14 -41.51 -80.67
N LYS S 29 114.23 -41.17 -79.76
CA LYS S 29 112.99 -41.93 -79.63
C LYS S 29 112.05 -41.69 -80.80
N THR S 30 111.97 -40.45 -81.30
CA THR S 30 111.00 -40.15 -82.34
C THR S 30 111.42 -40.71 -83.70
N VAL S 31 112.72 -40.66 -84.00
CA VAL S 31 113.18 -41.05 -85.33
C VAL S 31 112.96 -42.55 -85.55
N ASP S 32 112.81 -42.93 -86.82
CA ASP S 32 112.63 -44.33 -87.18
C ASP S 32 113.90 -45.12 -86.89
N ARG S 33 113.71 -46.34 -86.36
CA ARG S 33 114.83 -47.18 -85.97
C ARG S 33 114.78 -48.61 -86.49
N GLN S 34 113.59 -49.14 -86.79
CA GLN S 34 113.48 -50.55 -87.13
C GLN S 34 113.88 -50.86 -88.56
N LEU S 35 113.95 -49.84 -89.43
CA LEU S 35 114.20 -50.09 -90.84
C LEU S 35 115.66 -50.44 -91.10
N LEU S 36 116.59 -49.73 -90.46
CA LEU S 36 118.01 -49.92 -90.69
C LEU S 36 118.62 -50.99 -89.78
N ALA S 37 117.89 -51.47 -88.78
CA ALA S 37 118.48 -52.37 -87.79
C ALA S 37 118.69 -53.75 -88.39
N GLY S 38 119.96 -54.17 -88.48
CA GLY S 38 120.32 -55.52 -88.83
C GLY S 38 120.76 -55.74 -90.27
N GLU S 39 120.40 -54.86 -91.20
CA GLU S 39 120.80 -55.08 -92.59
C GLU S 39 122.29 -54.91 -92.79
N ILE S 40 122.91 -53.94 -92.13
CA ILE S 40 124.36 -53.76 -92.23
C ILE S 40 125.04 -54.89 -91.44
N ASN S 41 125.87 -55.66 -92.13
CA ASN S 41 126.53 -56.80 -91.51
C ASN S 41 127.89 -57.00 -92.18
N SER S 42 128.48 -58.18 -91.94
CA SER S 42 129.82 -58.47 -92.43
C SER S 42 129.86 -58.67 -93.94
N SER S 43 128.71 -58.85 -94.59
CA SER S 43 128.66 -59.12 -96.02
C SER S 43 128.11 -57.96 -96.83
N THR S 44 127.90 -56.79 -96.22
CA THR S 44 127.29 -55.66 -96.91
C THR S 44 128.18 -54.43 -96.95
N GLY S 45 129.45 -54.55 -96.55
CA GLY S 45 130.32 -53.38 -96.58
C GLY S 45 129.98 -52.42 -95.45
N ASP S 46 129.91 -51.13 -95.79
CA ASP S 46 129.62 -50.09 -94.81
C ASP S 46 128.48 -49.18 -95.27
N SER S 47 127.70 -49.64 -96.24
CA SER S 47 126.58 -48.87 -96.77
C SER S 47 125.52 -49.83 -97.28
N VAL S 48 124.29 -49.33 -97.37
CA VAL S 48 123.16 -50.13 -97.83
C VAL S 48 122.10 -49.20 -98.39
N SER S 49 121.35 -49.68 -99.38
CA SER S 49 120.43 -48.83 -100.13
C SER S 49 119.02 -49.40 -100.12
N PHE S 50 118.05 -48.49 -100.26
CA PHE S 50 116.64 -48.80 -100.39
C PHE S 50 116.11 -48.23 -101.70
N LYS S 51 115.06 -48.86 -102.22
CA LYS S 51 114.47 -48.45 -103.49
C LYS S 51 113.53 -47.26 -103.30
N ARG S 52 113.20 -46.61 -104.43
CA ARG S 52 112.29 -45.47 -104.48
C ARG S 52 110.99 -45.85 -105.20
N PRO S 53 109.87 -45.22 -104.85
CA PRO S 53 108.62 -45.51 -105.54
C PRO S 53 108.61 -44.95 -106.96
N HIS S 54 107.83 -45.60 -107.82
CA HIS S 54 107.70 -45.20 -109.21
C HIS S 54 106.50 -44.27 -109.38
N GLN S 55 106.52 -43.47 -110.44
CA GLN S 55 105.44 -42.55 -110.73
C GLN S 55 105.11 -42.61 -112.22
N PHE S 56 103.84 -42.41 -112.54
CA PHE S 56 103.36 -42.60 -113.90
C PHE S 56 102.48 -41.44 -114.31
N SER S 57 102.40 -41.21 -115.62
CA SER S 57 101.54 -40.18 -116.20
C SER S 57 100.75 -40.78 -117.35
N SER S 58 99.57 -40.22 -117.59
CA SER S 58 98.61 -40.79 -118.52
C SER S 58 98.29 -39.81 -119.64
N LEU S 59 97.49 -40.28 -120.60
CA LEU S 59 97.08 -39.51 -121.75
C LEU S 59 95.57 -39.56 -121.89
N ARG S 60 95.01 -38.48 -122.44
CA ARG S 60 93.58 -38.39 -122.69
C ARG S 60 93.35 -38.23 -124.19
N THR S 61 92.56 -39.14 -124.76
CA THR S 61 92.33 -39.18 -126.19
C THR S 61 90.85 -39.44 -126.45
N PRO S 62 90.21 -38.70 -127.36
CA PRO S 62 88.78 -38.94 -127.63
C PRO S 62 88.49 -40.33 -128.15
N THR S 63 89.42 -40.96 -128.86
CA THR S 63 89.21 -42.27 -129.46
C THR S 63 90.15 -43.33 -128.90
N GLY S 64 91.00 -42.95 -127.94
CA GLY S 64 91.93 -43.90 -127.34
C GLY S 64 92.98 -44.42 -128.30
N ASP S 65 93.55 -43.53 -129.11
CA ASP S 65 94.57 -43.87 -130.08
C ASP S 65 95.92 -43.36 -129.60
N ILE S 66 96.90 -44.27 -129.54
CA ILE S 66 98.22 -43.95 -128.99
C ILE S 66 99.24 -44.25 -130.08
N SER S 67 98.84 -44.04 -131.34
CA SER S 67 99.67 -44.45 -132.46
C SER S 67 101.01 -43.72 -132.48
N GLY S 68 101.00 -42.41 -132.25
CA GLY S 68 102.22 -41.63 -132.37
C GLY S 68 102.77 -41.11 -131.05
N GLN S 69 102.02 -41.33 -129.97
CA GLN S 69 102.45 -40.81 -128.67
C GLN S 69 103.59 -41.64 -128.11
N ASN S 70 104.25 -41.09 -127.10
CA ASN S 70 105.36 -41.75 -126.41
C ASN S 70 104.90 -42.28 -125.07
N LYS S 71 105.28 -43.52 -124.78
CA LYS S 71 104.82 -44.21 -123.57
C LYS S 71 105.74 -43.91 -122.40
N ASN S 72 105.27 -44.29 -121.20
CA ASN S 72 106.02 -44.04 -119.98
C ASN S 72 107.27 -44.90 -119.94
N ASN S 73 108.35 -44.34 -119.43
CA ASN S 73 109.57 -45.09 -119.18
C ASN S 73 109.66 -45.52 -117.72
N LEU S 74 110.59 -46.42 -117.43
CA LEU S 74 110.80 -46.93 -116.09
C LEU S 74 112.19 -46.53 -115.62
N ILE S 75 112.25 -45.62 -114.65
CA ILE S 75 113.49 -45.16 -114.06
C ILE S 75 113.43 -45.46 -112.57
N SER S 76 114.40 -46.22 -112.06
CA SER S 76 114.42 -46.65 -110.67
C SER S 76 115.54 -45.94 -109.93
N GLY S 77 115.22 -45.38 -108.76
CA GLY S 77 116.21 -44.69 -107.95
C GLY S 77 116.32 -45.34 -106.59
N LYS S 78 117.40 -44.98 -105.89
CA LYS S 78 117.68 -45.57 -104.59
C LYS S 78 118.29 -44.52 -103.68
N ALA S 79 118.13 -44.75 -102.37
CA ALA S 79 118.71 -43.92 -101.33
C ALA S 79 119.66 -44.76 -100.49
N THR S 80 120.80 -44.19 -100.14
CA THR S 80 121.89 -44.93 -99.51
C THR S 80 122.15 -44.41 -98.10
N GLY S 81 122.41 -45.33 -97.18
CA GLY S 81 122.83 -45.00 -95.83
C GLY S 81 124.15 -45.67 -95.48
N ARG S 82 125.04 -44.95 -94.82
CA ARG S 82 126.40 -45.39 -94.57
C ARG S 82 126.71 -45.33 -93.08
N VAL S 83 127.73 -46.08 -92.68
CA VAL S 83 128.17 -46.11 -91.29
C VAL S 83 128.87 -44.80 -90.95
N GLY S 84 129.09 -44.55 -89.66
CA GLY S 84 129.72 -43.32 -89.22
C GLY S 84 131.01 -43.52 -88.45
N ASN S 85 131.49 -42.45 -87.80
CA ASN S 85 132.74 -42.52 -87.06
C ASN S 85 132.51 -43.10 -85.67
N TYR S 86 133.60 -43.47 -85.02
CA TYR S 86 133.52 -44.04 -83.67
C TYR S 86 133.14 -42.96 -82.67
N ILE S 87 132.71 -43.41 -81.48
CA ILE S 87 132.54 -42.55 -80.32
C ILE S 87 133.19 -43.29 -79.15
N THR S 88 134.31 -42.79 -78.65
CA THR S 88 135.10 -43.50 -77.67
C THR S 88 135.48 -42.59 -76.51
N VAL S 89 135.55 -43.18 -75.31
CA VAL S 89 135.99 -42.49 -74.10
C VAL S 89 136.96 -43.42 -73.37
N ALA S 90 138.11 -42.87 -72.98
CA ALA S 90 139.14 -43.67 -72.33
C ALA S 90 139.69 -42.94 -71.12
N VAL S 91 140.01 -43.71 -70.07
CA VAL S 91 140.61 -43.20 -68.85
C VAL S 91 141.73 -44.14 -68.43
N GLU S 92 142.60 -43.65 -67.56
CA GLU S 92 143.69 -44.45 -67.03
C GLU S 92 144.05 -43.96 -65.64
N TYR S 93 144.71 -44.84 -64.88
CA TYR S 93 145.15 -44.50 -63.53
C TYR S 93 146.29 -45.43 -63.14
N GLN S 94 146.93 -45.11 -62.03
CA GLN S 94 148.09 -45.85 -61.56
C GLN S 94 147.70 -46.85 -60.48
N GLN S 95 148.54 -47.89 -60.34
CA GLN S 95 148.25 -48.96 -59.40
C GLN S 95 148.26 -48.46 -57.96
N LEU S 96 149.25 -47.63 -57.60
CA LEU S 96 149.28 -47.09 -56.24
C LEU S 96 148.10 -46.16 -55.99
N GLU S 97 147.68 -45.40 -57.00
CA GLU S 97 146.49 -44.59 -56.86
C GLU S 97 145.27 -45.45 -56.57
N GLU S 98 145.10 -46.55 -57.31
CA GLU S 98 144.02 -47.47 -57.02
C GLU S 98 144.16 -48.08 -55.64
N ALA S 99 145.40 -48.26 -55.16
CA ALA S 99 145.63 -48.95 -53.90
C ALA S 99 145.27 -48.07 -52.71
N ILE S 100 145.60 -46.78 -52.76
CA ILE S 100 145.47 -45.90 -51.61
C ILE S 100 144.33 -44.88 -51.79
N LYS S 101 144.27 -44.22 -52.94
CA LYS S 101 143.39 -43.07 -53.09
C LYS S 101 142.04 -43.41 -53.72
N LEU S 102 142.02 -44.21 -54.77
CA LEU S 102 140.80 -44.43 -55.52
C LEU S 102 139.80 -45.27 -54.72
N ASN S 103 138.57 -44.77 -54.63
CA ASN S 103 137.47 -45.48 -54.00
C ASN S 103 136.18 -45.02 -54.65
N GLN S 104 135.14 -45.85 -54.54
CA GLN S 104 133.85 -45.61 -55.19
C GLN S 104 134.01 -45.47 -56.70
N LEU S 105 134.93 -46.27 -57.25
CA LEU S 105 135.31 -46.13 -58.66
C LEU S 105 134.10 -46.27 -59.59
N GLU S 106 133.13 -47.11 -59.23
CA GLU S 106 131.92 -47.23 -60.05
C GLU S 106 131.16 -45.91 -60.09
N GLU S 107 131.04 -45.24 -58.94
CA GLU S 107 130.35 -43.95 -58.89
C GLU S 107 131.15 -42.81 -59.50
N ILE S 108 132.47 -42.92 -59.61
CA ILE S 108 133.17 -41.98 -60.50
C ILE S 108 132.86 -42.29 -61.96
N LEU S 109 132.88 -43.58 -62.34
CA LEU S 109 132.87 -43.97 -63.74
C LEU S 109 131.47 -44.12 -64.33
N ALA S 110 130.41 -43.87 -63.56
CA ALA S 110 129.05 -44.03 -64.06
C ALA S 110 128.73 -43.19 -65.30
N PRO S 111 128.98 -41.86 -65.36
CA PRO S 111 128.35 -41.04 -66.40
C PRO S 111 128.90 -41.18 -67.81
N VAL S 112 129.83 -42.11 -68.04
CA VAL S 112 130.43 -42.25 -69.37
C VAL S 112 129.39 -42.64 -70.40
N ARG S 113 128.49 -43.56 -70.04
CA ARG S 113 127.48 -44.02 -70.99
C ARG S 113 126.54 -42.90 -71.40
N GLN S 114 126.12 -42.07 -70.45
CA GLN S 114 125.22 -40.98 -70.81
C GLN S 114 125.96 -39.89 -71.59
N ARG S 115 127.25 -39.71 -71.33
CA ARG S 115 128.03 -38.81 -72.18
C ARG S 115 128.05 -39.31 -73.62
N ILE S 116 128.25 -40.62 -73.80
CA ILE S 116 128.27 -41.19 -75.15
C ILE S 116 126.92 -40.98 -75.83
N VAL S 117 125.83 -41.26 -75.12
CA VAL S 117 124.51 -41.11 -75.71
C VAL S 117 124.23 -39.65 -76.05
N THR S 118 124.63 -38.72 -75.19
CA THR S 118 124.44 -37.30 -75.48
C THR S 118 125.20 -36.88 -76.73
N ASP S 119 126.44 -37.34 -76.88
CA ASP S 119 127.20 -36.99 -78.07
C ASP S 119 126.54 -37.55 -79.32
N LEU S 120 126.04 -38.79 -79.24
CA LEU S 120 125.34 -39.37 -80.39
C LEU S 120 124.10 -38.55 -80.75
N GLU S 121 123.35 -38.12 -79.73
CA GLU S 121 122.15 -37.34 -79.98
C GLU S 121 122.50 -36.00 -80.63
N THR S 122 123.56 -35.35 -80.17
CA THR S 122 123.98 -34.09 -80.78
C THR S 122 124.37 -34.30 -82.25
N GLU S 123 125.09 -35.38 -82.54
CA GLU S 123 125.45 -35.67 -83.93
C GLU S 123 124.20 -35.89 -84.77
N LEU S 124 123.21 -36.62 -84.24
CA LEU S 124 121.97 -36.83 -84.98
C LEU S 124 121.26 -35.52 -85.25
N ALA S 125 121.24 -34.63 -84.26
CA ALA S 125 120.60 -33.33 -84.45
C ALA S 125 121.30 -32.54 -85.55
N HIS S 126 122.63 -32.54 -85.55
CA HIS S 126 123.36 -31.84 -86.62
C HIS S 126 123.06 -32.46 -87.99
N PHE S 127 122.99 -33.80 -88.06
CA PHE S 127 122.71 -34.45 -89.32
C PHE S 127 121.33 -34.07 -89.86
N MET S 128 120.32 -34.11 -89.00
CA MET S 128 118.97 -33.74 -89.41
C MET S 128 118.91 -32.28 -89.84
N MET S 129 119.57 -31.39 -89.08
CA MET S 129 119.60 -29.98 -89.44
C MET S 129 120.25 -29.77 -90.81
N ASN S 130 121.36 -30.46 -91.07
CA ASN S 130 122.05 -30.29 -92.34
C ASN S 130 121.22 -30.81 -93.50
N ASN S 131 120.52 -31.93 -93.32
CA ASN S 131 119.85 -32.57 -94.45
C ASN S 131 118.41 -32.12 -94.65
N GLY S 132 117.80 -31.43 -93.68
CA GLY S 132 116.46 -30.94 -93.89
C GLY S 132 116.38 -29.88 -94.98
N ALA S 133 115.38 -30.01 -95.83
CA ALA S 133 115.28 -29.19 -97.04
C ALA S 133 114.12 -28.20 -97.05
N LEU S 134 113.06 -28.44 -96.29
CA LEU S 134 111.93 -27.52 -96.27
C LEU S 134 112.29 -26.27 -95.46
N SER S 135 111.43 -25.26 -95.55
CA SER S 135 111.67 -24.00 -94.88
C SER S 135 110.34 -23.30 -94.63
N LEU S 136 110.25 -22.61 -93.49
CA LEU S 136 109.04 -21.86 -93.13
C LEU S 136 109.47 -20.71 -92.22
N GLY S 137 109.10 -19.50 -92.59
CA GLY S 137 109.40 -18.33 -91.79
C GLY S 137 110.83 -17.88 -91.91
N SER S 138 111.14 -16.79 -91.18
CA SER S 138 112.46 -16.20 -91.14
C SER S 138 113.11 -16.41 -89.78
N PRO S 139 114.44 -16.54 -89.73
CA PRO S 139 115.12 -16.73 -88.44
C PRO S 139 115.19 -15.49 -87.57
N ASN S 140 114.52 -14.40 -87.95
CA ASN S 140 114.57 -13.14 -87.19
C ASN S 140 113.33 -12.94 -86.34
N THR S 141 112.41 -13.90 -86.32
CA THR S 141 111.17 -13.77 -85.55
C THR S 141 110.96 -15.07 -84.76
N PRO S 142 110.95 -15.00 -83.43
CA PRO S 142 110.71 -16.20 -82.64
C PRO S 142 109.26 -16.65 -82.73
N ILE S 143 109.03 -17.91 -82.37
CA ILE S 143 107.67 -18.47 -82.38
C ILE S 143 106.84 -17.80 -81.30
N THR S 144 105.70 -17.23 -81.69
CA THR S 144 104.82 -16.54 -80.75
C THR S 144 103.35 -16.92 -80.86
N LYS S 145 102.86 -17.33 -82.03
CA LYS S 145 101.44 -17.54 -82.24
C LYS S 145 101.15 -19.00 -82.58
N TRP S 146 99.85 -19.32 -82.64
CA TRP S 146 99.37 -20.65 -82.98
C TRP S 146 99.59 -20.99 -84.45
N SER S 147 99.48 -19.99 -85.34
CA SER S 147 99.70 -20.24 -86.75
C SER S 147 101.13 -20.68 -87.02
N ASP S 148 102.10 -20.15 -86.27
CA ASP S 148 103.50 -20.52 -86.48
C ASP S 148 103.75 -22.00 -86.25
N VAL S 149 102.87 -22.68 -85.54
CA VAL S 149 102.96 -24.13 -85.35
C VAL S 149 102.03 -24.87 -86.31
N ALA S 150 100.83 -24.34 -86.53
CA ALA S 150 99.89 -25.01 -87.42
C ALA S 150 100.39 -25.05 -88.86
N GLN S 151 101.27 -24.11 -89.23
CA GLN S 151 101.74 -24.03 -90.61
C GLN S 151 102.52 -25.27 -91.02
N THR S 152 103.24 -25.89 -90.08
CA THR S 152 104.02 -27.09 -90.41
C THR S 152 103.09 -28.23 -90.82
N ALA S 153 102.06 -28.50 -90.01
CA ALA S 153 101.11 -29.55 -90.34
C ALA S 153 100.37 -29.23 -91.62
N SER S 154 99.98 -27.98 -91.81
CA SER S 154 99.29 -27.60 -93.04
C SER S 154 100.17 -27.84 -94.27
N PHE S 155 101.45 -27.46 -94.19
CA PHE S 155 102.36 -27.66 -95.31
C PHE S 155 102.57 -29.13 -95.60
N LEU S 156 102.74 -29.95 -94.56
CA LEU S 156 102.93 -31.38 -94.79
C LEU S 156 101.69 -32.01 -95.42
N LYS S 157 100.50 -31.64 -94.93
CA LYS S 157 99.27 -32.18 -95.51
C LYS S 157 99.11 -31.73 -96.96
N ASP S 158 99.42 -30.46 -97.24
CA ASP S 158 99.29 -29.95 -98.60
C ASP S 158 100.26 -30.65 -99.56
N LEU S 159 101.50 -30.90 -99.12
CA LEU S 159 102.41 -31.69 -99.94
C LEU S 159 101.87 -33.10 -100.16
N GLY S 160 101.28 -33.69 -99.13
CA GLY S 160 100.59 -34.96 -99.32
C GLY S 160 101.18 -36.12 -98.55
N VAL S 161 101.78 -35.84 -97.40
CA VAL S 161 102.28 -36.91 -96.55
C VAL S 161 101.10 -37.62 -95.90
N ASN S 162 101.05 -38.94 -96.05
CA ASN S 162 99.94 -39.73 -95.55
C ASN S 162 100.35 -40.86 -94.61
N GLU S 163 101.57 -41.37 -94.71
CA GLU S 163 102.03 -42.46 -93.88
C GLU S 163 103.05 -41.95 -92.88
N GLY S 164 102.86 -42.33 -91.61
CA GLY S 164 103.71 -41.87 -90.55
C GLY S 164 103.10 -40.72 -89.76
N GLU S 165 103.83 -40.28 -88.74
CA GLU S 165 103.39 -39.21 -87.86
C GLU S 165 104.27 -37.99 -88.02
N ASN S 166 103.67 -36.82 -87.91
CA ASN S 166 104.37 -35.55 -88.07
C ASN S 166 104.79 -35.02 -86.71
N TYR S 167 106.10 -34.77 -86.57
CA TYR S 167 106.68 -34.34 -85.30
C TYR S 167 107.28 -32.95 -85.43
N ALA S 168 107.20 -32.20 -84.33
CA ALA S 168 107.80 -30.88 -84.22
C ALA S 168 108.58 -30.80 -82.91
N VAL S 169 109.79 -30.24 -82.98
CA VAL S 169 110.68 -30.12 -81.83
C VAL S 169 111.19 -28.69 -81.75
N MET S 170 111.14 -28.12 -80.54
CA MET S 170 111.49 -26.73 -80.30
C MET S 170 112.15 -26.62 -78.93
N ASP S 171 112.48 -25.38 -78.56
CA ASP S 171 113.25 -25.08 -77.36
C ASP S 171 112.37 -24.56 -76.23
N PRO S 172 112.86 -24.60 -74.99
CA PRO S 172 112.02 -24.18 -73.85
C PRO S 172 111.52 -22.76 -73.94
N TRP S 173 112.29 -21.84 -74.51
CA TRP S 173 111.81 -20.46 -74.64
C TRP S 173 110.61 -20.39 -75.58
N SER S 174 110.66 -21.10 -76.70
CA SER S 174 109.50 -21.15 -77.59
C SER S 174 108.31 -21.82 -76.92
N ALA S 175 108.56 -22.88 -76.13
CA ALA S 175 107.47 -23.53 -75.41
C ALA S 175 106.83 -22.56 -74.42
N GLN S 176 107.65 -21.78 -73.72
CA GLN S 176 107.13 -20.79 -72.78
C GLN S 176 106.31 -19.73 -73.50
N ARG S 177 106.79 -19.26 -74.65
CA ARG S 177 106.04 -18.27 -75.41
C ARG S 177 104.70 -18.82 -75.87
N LEU S 178 104.67 -20.07 -76.33
CA LEU S 178 103.42 -20.69 -76.74
C LEU S 178 102.46 -20.85 -75.56
N ALA S 179 102.99 -21.23 -74.38
CA ALA S 179 102.14 -21.33 -73.20
C ALA S 179 101.58 -19.97 -72.81
N ASP S 180 102.40 -18.92 -72.90
CA ASP S 180 101.92 -17.57 -72.62
C ASP S 180 100.82 -17.17 -73.57
N ALA S 181 100.97 -17.50 -74.86
CA ALA S 181 99.91 -17.22 -75.82
C ALA S 181 98.65 -18.02 -75.49
N GLN S 182 98.81 -19.25 -75.04
CA GLN S 182 97.67 -20.08 -74.68
C GLN S 182 96.91 -19.51 -73.49
N THR S 183 97.64 -18.91 -72.54
CA THR S 183 96.98 -18.32 -71.38
C THR S 183 96.03 -17.20 -71.75
N GLY S 184 96.15 -16.64 -72.95
CA GLY S 184 95.28 -15.59 -73.41
C GLY S 184 93.99 -16.06 -74.08
N LEU S 185 93.64 -17.34 -73.94
CA LEU S 185 92.43 -17.85 -74.56
C LEU S 185 91.19 -17.27 -73.88
N HIS S 186 90.02 -17.59 -74.44
CA HIS S 186 88.78 -16.99 -73.98
C HIS S 186 87.77 -17.98 -73.44
N ALA S 187 87.86 -19.26 -73.79
CA ALA S 187 86.80 -20.20 -73.49
C ALA S 187 87.24 -21.36 -72.60
N SER S 188 88.33 -22.04 -72.94
CA SER S 188 88.68 -23.31 -72.32
C SER S 188 89.21 -23.07 -70.90
N ASP S 189 88.35 -23.35 -69.90
CA ASP S 189 88.69 -23.06 -68.52
C ASP S 189 89.84 -23.92 -68.02
N GLN S 190 89.75 -25.23 -68.19
CA GLN S 190 90.81 -26.11 -67.70
C GLN S 190 92.09 -25.93 -68.51
N LEU S 191 91.95 -25.72 -69.82
CA LEU S 191 93.12 -25.54 -70.66
C LEU S 191 93.84 -24.22 -70.38
N VAL S 192 93.14 -23.19 -69.92
CA VAL S 192 93.83 -21.98 -69.51
C VAL S 192 94.36 -22.10 -68.09
N ARG S 193 93.68 -22.84 -67.22
CA ARG S 193 94.17 -23.04 -65.86
C ARG S 193 95.48 -23.82 -65.85
N THR S 194 95.57 -24.89 -66.65
CA THR S 194 96.80 -25.67 -66.67
C THR S 194 97.96 -24.87 -67.23
N ALA S 195 97.70 -24.04 -68.24
CA ALA S 195 98.74 -23.18 -68.79
C ALA S 195 99.20 -22.14 -67.79
N TRP S 196 98.25 -21.54 -67.05
CA TRP S 196 98.61 -20.53 -66.06
C TRP S 196 99.41 -21.13 -64.92
N GLU S 197 99.04 -22.33 -64.46
CA GLU S 197 99.70 -22.92 -63.31
C GLU S 197 101.00 -23.63 -63.69
N ASN S 198 100.91 -24.67 -64.51
CA ASN S 198 102.04 -25.55 -64.78
C ASN S 198 102.86 -25.12 -65.99
N ALA S 199 102.39 -24.16 -66.78
CA ALA S 199 103.10 -23.68 -67.96
C ALA S 199 103.43 -24.82 -68.91
N GLN S 200 102.45 -25.68 -69.15
CA GLN S 200 102.61 -26.86 -69.99
C GLN S 200 101.67 -26.77 -71.18
N ILE S 201 102.17 -27.12 -72.36
CA ILE S 201 101.36 -27.14 -73.58
C ILE S 201 100.80 -28.54 -73.77
N PRO S 202 99.66 -28.69 -74.44
CA PRO S 202 99.11 -30.03 -74.66
C PRO S 202 99.96 -30.82 -75.63
N THR S 203 99.79 -32.15 -75.58
CA THR S 203 100.57 -33.03 -76.45
C THR S 203 100.28 -32.76 -77.91
N ASN S 204 99.02 -32.55 -78.27
CA ASN S 204 98.65 -32.17 -79.62
C ASN S 204 98.57 -30.66 -79.73
N PHE S 205 99.01 -30.14 -80.88
CA PHE S 205 99.05 -28.69 -81.08
C PHE S 205 99.05 -28.42 -82.57
N GLY S 206 97.94 -27.89 -83.09
CA GLY S 206 97.86 -27.58 -84.50
C GLY S 206 97.84 -28.77 -85.42
N GLY S 207 97.54 -29.96 -84.90
CA GLY S 207 97.50 -31.17 -85.71
C GLY S 207 98.81 -31.88 -85.90
N ILE S 208 99.88 -31.41 -85.27
CA ILE S 208 101.20 -32.02 -85.36
C ILE S 208 101.69 -32.30 -83.95
N ARG S 209 102.33 -33.46 -83.76
CA ARG S 209 102.75 -33.84 -82.41
C ARG S 209 103.96 -33.00 -82.03
N ALA S 210 103.80 -32.14 -81.03
CA ALA S 210 104.84 -31.21 -80.62
C ALA S 210 105.51 -31.68 -79.33
N LEU S 211 106.83 -31.52 -79.27
CA LEU S 211 107.58 -31.86 -78.07
C LEU S 211 108.41 -30.66 -77.62
N MET S 212 109.24 -30.85 -76.61
CA MET S 212 110.11 -29.79 -76.12
C MET S 212 111.32 -30.42 -75.45
N SER S 213 112.52 -30.01 -75.85
CA SER S 213 113.75 -30.54 -75.30
C SER S 213 114.79 -29.43 -75.20
N ASN S 214 115.71 -29.60 -74.25
CA ASN S 214 116.81 -28.67 -74.09
C ASN S 214 118.08 -29.11 -74.79
N GLY S 215 118.14 -30.35 -75.26
CA GLY S 215 119.27 -30.81 -76.04
C GLY S 215 119.05 -30.56 -77.53
N LEU S 216 119.65 -29.51 -78.06
CA LEU S 216 119.38 -29.09 -79.43
C LEU S 216 120.56 -28.28 -79.93
N ALA S 217 121.08 -28.62 -81.11
CA ALA S 217 122.27 -27.97 -81.63
C ALA S 217 121.95 -26.58 -82.17
N SER S 218 122.99 -25.75 -82.26
CA SER S 218 122.90 -24.40 -82.78
C SER S 218 123.73 -24.26 -84.05
N ARG S 219 123.54 -23.15 -84.76
CA ARG S 219 124.24 -22.92 -86.00
C ARG S 219 124.42 -21.43 -86.21
N THR S 220 125.37 -21.09 -87.08
CA THR S 220 125.72 -19.71 -87.39
C THR S 220 125.45 -19.43 -88.86
N GLN S 221 124.86 -18.27 -89.15
CA GLN S 221 124.47 -17.95 -90.52
C GLN S 221 125.68 -17.84 -91.44
N GLY S 222 126.76 -17.24 -90.96
CA GLY S 222 127.92 -17.02 -91.80
C GLY S 222 127.77 -15.81 -92.69
N ALA S 223 128.84 -15.05 -92.86
CA ALA S 223 128.75 -13.76 -93.54
C ALA S 223 128.34 -13.94 -95.00
N PHE S 224 127.37 -13.13 -95.43
CA PHE S 224 126.95 -13.08 -96.82
C PHE S 224 126.27 -11.74 -97.07
N GLY S 225 126.11 -11.40 -98.35
CA GLY S 225 125.44 -10.17 -98.70
C GLY S 225 125.45 -9.98 -100.20
N GLY S 226 124.77 -8.92 -100.62
CA GLY S 226 124.68 -8.58 -102.03
C GLY S 226 123.59 -9.36 -102.74
N THR S 227 123.17 -8.83 -103.89
CA THR S 227 122.19 -9.52 -104.71
C THR S 227 122.85 -10.68 -105.44
N LEU S 228 122.25 -11.87 -105.31
CA LEU S 228 122.80 -13.09 -105.86
C LEU S 228 121.93 -13.61 -106.99
N THR S 229 122.57 -14.13 -108.04
CA THR S 229 121.88 -14.68 -109.18
C THR S 229 122.62 -15.94 -109.64
N VAL S 230 121.87 -16.83 -110.31
CA VAL S 230 122.49 -18.03 -110.84
C VAL S 230 123.26 -17.70 -112.11
N LYS S 231 124.16 -18.60 -112.48
CA LYS S 231 125.02 -18.39 -113.64
C LYS S 231 124.89 -19.48 -114.70
N THR S 232 124.77 -20.74 -114.32
CA THR S 232 124.64 -21.84 -115.26
C THR S 232 123.46 -22.71 -114.87
N GLN S 233 122.71 -23.14 -115.89
CA GLN S 233 121.57 -24.00 -115.63
C GLN S 233 122.04 -25.37 -115.19
N PRO S 234 121.66 -25.84 -114.00
CA PRO S 234 122.04 -27.18 -113.56
C PRO S 234 121.12 -28.25 -114.15
N THR S 235 121.68 -29.44 -114.29
CA THR S 235 120.96 -30.60 -114.81
C THR S 235 120.11 -31.18 -113.67
N VAL S 236 118.79 -31.10 -113.82
CA VAL S 236 117.89 -31.54 -112.76
C VAL S 236 117.02 -32.67 -113.28
N THR S 237 117.52 -33.44 -114.24
CA THR S 237 116.80 -34.59 -114.73
C THR S 237 116.77 -35.70 -113.68
N TYR S 238 115.65 -36.41 -113.63
CA TYR S 238 115.52 -37.52 -112.69
C TYR S 238 116.56 -38.59 -112.96
N ASN S 239 116.88 -38.80 -114.25
CA ASN S 239 117.90 -39.79 -114.60
C ASN S 239 119.27 -39.41 -114.04
N ALA S 240 119.47 -38.14 -113.70
CA ALA S 240 120.73 -37.69 -113.12
C ALA S 240 120.70 -37.51 -111.61
N VAL S 241 119.52 -37.24 -111.03
CA VAL S 241 119.42 -36.98 -109.60
C VAL S 241 118.62 -38.08 -108.89
N LYS S 242 118.49 -39.24 -109.50
CA LYS S 242 117.72 -40.34 -108.91
C LYS S 242 118.45 -41.07 -107.80
N ASP S 243 119.63 -40.60 -107.40
CA ASP S 243 120.44 -41.33 -106.42
C ASP S 243 120.66 -40.59 -105.10
N SER S 244 120.65 -39.25 -105.10
CA SER S 244 120.95 -38.53 -103.87
C SER S 244 120.03 -37.35 -103.58
N TYR S 245 119.22 -36.88 -104.53
CA TYR S 245 118.43 -35.67 -104.36
C TYR S 245 119.31 -34.49 -103.94
N GLN S 246 120.48 -34.38 -104.57
CA GLN S 246 121.37 -33.25 -104.35
C GLN S 246 121.84 -32.74 -105.70
N PHE S 247 122.12 -31.44 -105.75
CA PHE S 247 122.55 -30.85 -107.01
C PHE S 247 123.51 -29.69 -106.73
N THR S 248 124.42 -29.48 -107.67
CA THR S 248 125.44 -28.45 -107.54
C THR S 248 125.08 -27.24 -108.39
N VAL S 249 125.22 -26.05 -107.82
CA VAL S 249 124.89 -24.82 -108.52
C VAL S 249 125.94 -23.76 -108.20
N THR S 250 126.24 -22.92 -109.19
CA THR S 250 127.14 -21.80 -109.03
C THR S 250 126.37 -20.50 -109.17
N LEU S 251 126.74 -19.51 -108.36
CA LEU S 251 126.04 -18.24 -108.29
C LEU S 251 126.96 -17.11 -108.73
N THR S 252 126.40 -15.89 -108.75
CA THR S 252 127.12 -14.72 -109.21
C THR S 252 126.56 -13.51 -108.48
N GLY S 253 127.44 -12.57 -108.16
CA GLY S 253 127.07 -11.36 -107.44
C GLY S 253 127.53 -11.32 -106.00
N ALA S 254 128.37 -12.25 -105.57
CA ALA S 254 128.83 -12.26 -104.19
C ALA S 254 130.00 -11.28 -104.01
N THR S 255 130.40 -11.11 -102.75
CA THR S 255 131.52 -10.24 -102.42
C THR S 255 132.82 -10.85 -102.94
N ALA S 256 133.82 -9.99 -103.15
CA ALA S 256 135.04 -10.40 -103.83
C ALA S 256 135.74 -11.55 -103.11
N SER S 257 135.85 -11.47 -101.78
CA SER S 257 136.53 -12.52 -101.02
C SER S 257 135.92 -12.61 -99.64
N VAL S 258 135.13 -13.67 -99.42
CA VAL S 258 134.55 -13.94 -98.11
C VAL S 258 134.81 -15.41 -97.79
N THR S 259 135.58 -15.66 -96.73
CA THR S 259 135.78 -17.03 -96.28
C THR S 259 134.62 -17.45 -95.39
N GLY S 260 134.14 -18.67 -95.61
CA GLY S 260 132.93 -19.11 -94.92
C GLY S 260 131.70 -18.35 -95.37
N PHE S 261 131.53 -18.14 -96.68
CA PHE S 261 130.41 -17.37 -97.18
C PHE S 261 129.08 -18.02 -96.83
N LEU S 262 128.99 -19.34 -96.97
CA LEU S 262 127.79 -20.09 -96.61
C LEU S 262 128.18 -21.25 -95.71
N LYS S 263 127.51 -21.36 -94.58
CA LYS S 263 127.77 -22.43 -93.63
C LYS S 263 126.70 -23.51 -93.74
N ALA S 264 127.01 -24.69 -93.21
CA ALA S 264 126.08 -25.80 -93.25
C ALA S 264 124.80 -25.44 -92.50
N GLY S 265 123.66 -25.76 -93.11
CA GLY S 265 122.37 -25.41 -92.56
C GLY S 265 121.75 -24.16 -93.15
N ASP S 266 122.50 -23.39 -93.94
CA ASP S 266 121.94 -22.22 -94.59
C ASP S 266 120.92 -22.63 -95.64
N GLN S 267 120.00 -21.73 -95.93
CA GLN S 267 118.91 -22.00 -96.86
C GLN S 267 118.80 -20.89 -97.88
N VAL S 268 118.61 -21.29 -99.13
CA VAL S 268 118.48 -20.37 -100.26
C VAL S 268 117.14 -20.60 -100.93
N LYS S 269 116.49 -19.51 -101.33
CA LYS S 269 115.13 -19.53 -101.85
C LYS S 269 115.13 -18.94 -103.25
N PHE S 270 114.53 -19.65 -104.20
CA PHE S 270 114.40 -19.18 -105.58
C PHE S 270 113.09 -18.43 -105.71
N THR S 271 113.14 -17.14 -106.06
CA THR S 271 111.94 -16.32 -105.94
C THR S 271 110.90 -16.66 -107.00
N ASN S 272 111.34 -17.18 -108.15
CA ASN S 272 110.46 -17.41 -109.29
C ASN S 272 110.26 -18.90 -109.58
N THR S 273 110.09 -19.71 -108.55
CA THR S 273 110.01 -21.17 -108.71
C THR S 273 109.19 -21.72 -107.56
N TYR S 274 108.09 -22.40 -107.89
CA TYR S 274 107.08 -22.76 -106.90
C TYR S 274 107.05 -24.27 -106.63
N TRP S 275 106.59 -24.62 -105.43
CA TRP S 275 106.36 -26.01 -105.08
C TRP S 275 105.08 -26.53 -105.71
N LEU S 276 105.04 -27.83 -105.96
CA LEU S 276 103.86 -28.50 -106.50
C LEU S 276 103.45 -29.66 -105.62
N GLN S 277 102.13 -29.88 -105.55
CA GLN S 277 101.61 -31.07 -104.91
C GLN S 277 102.12 -32.30 -105.66
N GLN S 278 102.78 -33.20 -104.94
CA GLN S 278 103.58 -34.24 -105.57
C GLN S 278 102.74 -35.31 -106.29
N GLN S 279 101.43 -35.33 -106.11
CA GLN S 279 100.59 -36.32 -106.76
C GLN S 279 99.73 -35.78 -107.88
N THR S 280 99.18 -34.58 -107.73
CA THR S 280 98.35 -33.98 -108.77
C THR S 280 99.10 -33.03 -109.68
N LYS S 281 100.37 -32.72 -109.36
CA LYS S 281 101.20 -31.85 -110.18
C LYS S 281 100.57 -30.48 -110.40
N GLN S 282 100.20 -29.82 -109.30
CA GLN S 282 99.63 -28.49 -109.34
C GLN S 282 100.39 -27.59 -108.38
N ALA S 283 100.65 -26.35 -108.82
CA ALA S 283 101.42 -25.40 -108.01
C ALA S 283 100.66 -25.02 -106.75
N LEU S 284 101.41 -24.73 -105.69
CA LEU S 284 100.83 -24.40 -104.41
C LEU S 284 100.64 -22.90 -104.28
N TYR S 285 99.59 -22.51 -103.54
CA TYR S 285 99.27 -21.10 -103.33
C TYR S 285 98.84 -20.91 -101.89
N ASN S 286 99.57 -20.08 -101.15
CA ASN S 286 99.26 -19.79 -99.75
C ASN S 286 98.44 -18.51 -99.70
N GLY S 287 97.20 -18.60 -100.14
CA GLY S 287 96.31 -17.45 -100.14
C GLY S 287 96.43 -16.62 -101.40
N ALA S 288 97.18 -15.52 -101.31
CA ALA S 288 97.37 -14.62 -102.45
C ALA S 288 98.75 -14.72 -103.07
N THR S 289 99.70 -15.42 -102.44
CA THR S 289 101.02 -15.58 -102.99
C THR S 289 101.40 -17.05 -103.03
N PRO S 290 102.13 -17.49 -104.05
CA PRO S 290 102.56 -18.90 -104.10
C PRO S 290 103.72 -19.15 -103.13
N ILE S 291 104.00 -20.43 -102.93
CA ILE S 291 105.12 -20.87 -102.10
C ILE S 291 106.32 -21.08 -103.01
N SER S 292 107.41 -20.38 -102.72
CA SER S 292 108.59 -20.45 -103.56
C SER S 292 109.52 -21.58 -103.11
N PHE S 293 110.23 -22.16 -104.07
CA PHE S 293 111.11 -23.29 -103.79
C PHE S 293 112.29 -22.87 -102.94
N THR S 294 112.73 -23.78 -102.07
CA THR S 294 113.83 -23.53 -101.15
C THR S 294 114.73 -24.75 -101.11
N ALA S 295 115.98 -24.53 -100.72
CA ALA S 295 116.97 -25.60 -100.66
C ALA S 295 117.96 -25.29 -99.54
N THR S 296 118.65 -26.32 -99.09
CA THR S 296 119.58 -26.24 -97.98
C THR S 296 121.00 -26.51 -98.44
N VAL S 297 121.96 -25.95 -97.72
CA VAL S 297 123.38 -26.09 -98.05
C VAL S 297 123.95 -27.26 -97.26
N THR S 298 124.80 -28.06 -97.91
CA THR S 298 125.37 -29.23 -97.25
C THR S 298 126.66 -28.90 -96.53
N ALA S 299 127.65 -28.40 -97.25
CA ALA S 299 128.97 -28.14 -96.70
C ALA S 299 129.30 -26.65 -96.76
N ASP S 300 130.38 -26.28 -96.08
CA ASP S 300 130.83 -24.89 -96.09
C ASP S 300 131.28 -24.47 -97.47
N ALA S 301 131.08 -23.19 -97.78
CA ALA S 301 131.40 -22.64 -99.08
C ALA S 301 132.31 -21.43 -98.94
N ASN S 302 133.10 -21.19 -99.98
CA ASN S 302 134.04 -20.06 -100.03
C ASN S 302 133.82 -19.29 -101.31
N SER S 303 133.97 -17.97 -101.24
CA SER S 303 133.81 -17.11 -102.40
C SER S 303 135.18 -16.75 -102.96
N ASP S 304 135.43 -17.13 -104.21
CA ASP S 304 136.68 -16.76 -104.86
C ASP S 304 136.58 -15.35 -105.42
N SER S 305 137.71 -14.84 -105.89
CA SER S 305 137.73 -13.52 -106.49
C SER S 305 136.86 -13.50 -107.75
N GLY S 306 136.06 -12.45 -107.89
CA GLY S 306 135.09 -12.38 -108.96
C GLY S 306 133.66 -12.67 -108.55
N GLY S 307 133.41 -12.93 -107.28
CA GLY S 307 132.05 -13.16 -106.81
C GLY S 307 131.39 -14.43 -107.31
N ASP S 308 132.11 -15.55 -107.30
CA ASP S 308 131.57 -16.83 -107.73
C ASP S 308 131.61 -17.82 -106.57
N VAL S 309 130.46 -18.42 -106.28
CA VAL S 309 130.36 -19.44 -105.24
C VAL S 309 129.71 -20.68 -105.83
N THR S 310 130.30 -21.84 -105.54
CA THR S 310 129.78 -23.13 -105.97
C THR S 310 129.33 -23.90 -104.74
N VAL S 311 128.07 -24.34 -104.73
CA VAL S 311 127.52 -25.02 -103.56
C VAL S 311 126.78 -26.27 -104.01
N THR S 312 126.63 -27.20 -103.07
CA THR S 312 125.86 -28.42 -103.26
C THR S 312 124.66 -28.36 -102.33
N LEU S 313 123.46 -28.42 -102.90
CA LEU S 313 122.22 -28.29 -102.14
C LEU S 313 121.46 -29.60 -102.13
N SER S 314 120.85 -29.89 -100.98
CA SER S 314 119.98 -31.05 -100.80
C SER S 314 118.54 -30.65 -101.04
N GLY S 315 117.82 -31.48 -101.79
CA GLY S 315 116.51 -31.12 -102.27
C GLY S 315 116.63 -30.52 -103.66
N VAL S 316 116.09 -31.21 -104.66
CA VAL S 316 116.37 -30.86 -106.05
C VAL S 316 115.11 -30.34 -106.73
N PRO S 317 115.24 -29.33 -107.60
CA PRO S 317 114.10 -28.87 -108.41
C PRO S 317 113.96 -29.66 -109.70
N ILE S 318 113.40 -30.86 -109.58
CA ILE S 318 113.32 -31.78 -110.71
C ILE S 318 112.34 -31.23 -111.73
N TYR S 319 112.83 -30.91 -112.93
CA TYR S 319 112.01 -30.48 -114.06
C TYR S 319 112.55 -31.17 -115.30
N ASP S 320 111.94 -32.30 -115.66
CA ASP S 320 112.37 -33.10 -116.81
C ASP S 320 111.35 -32.92 -117.93
N THR S 321 111.85 -32.59 -119.13
CA THR S 321 110.96 -32.41 -120.27
C THR S 321 110.66 -33.72 -120.99
N THR S 322 111.50 -34.74 -120.80
CA THR S 322 111.26 -36.05 -121.41
C THR S 322 110.55 -37.02 -120.48
N ASN S 323 110.63 -36.81 -119.16
CA ASN S 323 109.92 -37.63 -118.18
C ASN S 323 109.14 -36.71 -117.26
N PRO S 324 108.05 -36.11 -117.75
CA PRO S 324 107.33 -35.12 -116.93
C PRO S 324 106.71 -35.69 -115.67
N GLN S 325 106.47 -37.00 -115.60
CA GLN S 325 105.77 -37.57 -114.45
C GLN S 325 106.56 -37.45 -113.16
N TYR S 326 107.87 -37.21 -113.22
CA TYR S 326 108.70 -37.12 -112.03
C TYR S 326 108.93 -35.68 -111.57
N ASN S 327 108.29 -34.72 -112.23
CA ASN S 327 108.47 -33.32 -111.86
C ASN S 327 107.90 -33.04 -110.48
N SER S 328 108.51 -32.08 -109.79
CA SER S 328 107.98 -31.57 -108.53
C SER S 328 108.08 -30.06 -108.45
N VAL S 329 108.21 -29.38 -109.59
CA VAL S 329 108.53 -27.95 -109.63
C VAL S 329 107.89 -27.37 -110.89
N SER S 330 107.50 -26.09 -110.81
CA SER S 330 106.75 -25.47 -111.89
C SER S 330 107.59 -25.32 -113.14
N ARG S 331 108.79 -24.77 -113.01
CA ARG S 331 109.61 -24.44 -114.18
C ARG S 331 111.07 -24.74 -113.87
N GLN S 332 111.87 -24.79 -114.92
CA GLN S 332 113.30 -24.98 -114.77
C GLN S 332 113.96 -23.69 -114.29
N VAL S 333 115.02 -23.84 -113.50
CA VAL S 333 115.75 -22.67 -113.00
C VAL S 333 116.69 -22.15 -114.09
N GLU S 334 116.20 -21.17 -114.85
CA GLU S 334 116.95 -20.62 -115.96
C GLU S 334 118.06 -19.70 -115.45
N ALA S 335 119.10 -19.55 -116.25
CA ALA S 335 120.21 -18.66 -115.89
C ALA S 335 119.72 -17.23 -115.75
N GLY S 336 120.29 -16.52 -114.79
CA GLY S 336 119.85 -15.18 -114.48
C GLY S 336 118.68 -15.08 -113.53
N ASP S 337 118.30 -16.19 -112.89
CA ASP S 337 117.19 -16.17 -111.94
C ASP S 337 117.60 -15.44 -110.67
N ALA S 338 116.61 -15.19 -109.81
CA ALA S 338 116.82 -14.45 -108.58
C ALA S 338 116.68 -15.35 -107.36
N VAL S 339 117.69 -15.34 -106.51
CA VAL S 339 117.75 -16.15 -105.30
C VAL S 339 117.93 -15.22 -104.11
N SER S 340 117.64 -15.76 -102.92
CA SER S 340 117.80 -14.99 -101.70
C SER S 340 118.13 -15.94 -100.56
N VAL S 341 119.13 -15.58 -99.76
CA VAL S 341 119.48 -16.39 -98.60
C VAL S 341 118.58 -16.03 -97.44
N VAL S 342 117.93 -17.03 -96.85
CA VAL S 342 116.99 -16.78 -95.77
C VAL S 342 117.76 -16.59 -94.47
N GLY S 343 117.59 -15.43 -93.84
CA GLY S 343 118.23 -15.10 -92.59
C GLY S 343 118.85 -13.72 -92.65
N THR S 344 119.82 -13.49 -91.78
CA THR S 344 120.54 -12.22 -91.73
C THR S 344 122.04 -12.53 -91.73
N ALA S 345 122.88 -11.52 -91.49
CA ALA S 345 124.31 -11.63 -91.76
C ALA S 345 125.00 -12.74 -90.97
N SER S 346 125.07 -12.62 -89.65
CA SER S 346 125.88 -13.56 -88.87
C SER S 346 125.31 -13.95 -87.53
N GLN S 347 124.07 -13.58 -87.20
CA GLN S 347 123.51 -13.96 -85.91
C GLN S 347 123.27 -15.46 -85.86
N THR S 348 123.42 -16.04 -84.68
CA THR S 348 123.26 -17.46 -84.47
C THR S 348 122.08 -17.73 -83.55
N MET S 349 121.45 -18.89 -83.71
CA MET S 349 120.25 -19.23 -82.97
C MET S 349 120.09 -20.73 -82.90
N LYS S 350 119.10 -21.17 -82.13
CA LYS S 350 118.73 -22.58 -82.07
C LYS S 350 117.55 -22.82 -83.00
N PRO S 351 117.70 -23.62 -84.05
CA PRO S 351 116.59 -23.86 -84.98
C PRO S 351 115.56 -24.81 -84.39
N ASN S 352 114.37 -24.77 -84.97
CA ASN S 352 113.26 -25.63 -84.60
C ASN S 352 112.94 -26.54 -85.77
N LEU S 353 112.79 -27.85 -85.49
CA LEU S 353 112.77 -28.85 -86.54
C LEU S 353 111.41 -29.53 -86.61
N PHE S 354 110.86 -29.62 -87.82
CA PHE S 354 109.62 -30.36 -88.06
C PHE S 354 109.85 -31.38 -89.17
N TYR S 355 109.37 -32.59 -88.96
CA TYR S 355 109.69 -33.67 -89.88
C TYR S 355 108.63 -34.75 -89.82
N ASN S 356 108.76 -35.72 -90.73
CA ASN S 356 107.92 -36.90 -90.78
C ASN S 356 108.65 -38.08 -90.15
N LYS S 357 107.91 -39.16 -89.90
CA LYS S 357 108.50 -40.35 -89.30
C LYS S 357 109.54 -40.99 -90.22
N PHE S 358 109.29 -40.98 -91.53
CA PHE S 358 110.16 -41.64 -92.51
C PHE S 358 111.12 -40.66 -93.18
N PHE S 359 111.60 -39.66 -92.45
CA PHE S 359 112.55 -38.71 -93.01
C PHE S 359 113.98 -39.21 -92.85
N CYS S 360 114.38 -39.51 -91.61
CA CYS S 360 115.71 -40.00 -91.31
C CYS S 360 115.60 -41.33 -90.56
N GLY S 361 116.73 -42.02 -90.49
CA GLY S 361 116.80 -43.31 -89.82
C GLY S 361 118.13 -43.48 -89.15
N LEU S 362 118.12 -44.11 -87.98
CA LEU S 362 119.29 -44.30 -87.16
C LEU S 362 119.37 -45.76 -86.71
N GLY S 363 120.59 -46.31 -86.74
CA GLY S 363 120.82 -47.67 -86.29
C GLY S 363 122.19 -47.78 -85.65
N SER S 364 122.51 -48.97 -85.18
CA SER S 364 123.80 -49.22 -84.54
C SER S 364 124.39 -50.50 -85.10
N ILE S 365 125.73 -50.58 -85.05
CA ILE S 365 126.47 -51.74 -85.53
C ILE S 365 127.16 -52.39 -84.33
N PRO S 366 126.92 -53.66 -84.05
CA PRO S 366 127.64 -54.34 -82.96
C PRO S 366 129.12 -54.47 -83.27
N LEU S 367 129.91 -54.57 -82.20
CA LEU S 367 131.35 -54.63 -82.32
C LEU S 367 131.90 -55.91 -81.72
N PRO S 368 132.93 -56.50 -82.31
CA PRO S 368 133.49 -57.75 -81.80
C PRO S 368 134.47 -57.52 -80.65
N LYS S 369 134.85 -58.63 -80.02
CA LYS S 369 135.78 -58.60 -78.91
C LYS S 369 137.21 -58.72 -79.40
N LEU S 370 138.11 -57.96 -78.78
CA LEU S 370 139.52 -58.01 -79.14
C LEU S 370 140.19 -59.26 -78.56
N HIS S 371 141.38 -59.54 -79.05
CA HIS S 371 142.08 -60.78 -78.71
C HIS S 371 142.81 -60.63 -77.39
N SER S 372 142.58 -61.58 -76.47
CA SER S 372 143.29 -61.65 -75.19
C SER S 372 143.15 -60.37 -74.38
N ILE S 373 141.99 -59.74 -74.47
CA ILE S 373 141.68 -58.53 -73.70
C ILE S 373 140.29 -58.70 -73.10
N ASP S 374 140.19 -58.47 -71.80
CA ASP S 374 138.91 -58.60 -71.12
C ASP S 374 137.94 -57.50 -71.59
N SER S 375 136.68 -57.89 -71.80
CA SER S 375 135.70 -56.97 -72.34
C SER S 375 134.32 -57.32 -71.80
N ALA S 376 133.41 -56.36 -71.93
CA ALA S 376 132.03 -56.53 -71.51
C ALA S 376 131.15 -55.65 -72.39
N VAL S 377 129.85 -55.89 -72.31
CA VAL S 377 128.87 -55.14 -73.08
C VAL S 377 127.80 -54.62 -72.13
N ALA S 378 127.37 -53.38 -72.35
CA ALA S 378 126.33 -52.76 -71.54
C ALA S 378 125.27 -52.18 -72.44
N THR S 379 124.07 -52.02 -71.89
CA THR S 379 122.93 -51.46 -72.61
C THR S 379 122.44 -50.22 -71.89
N TYR S 380 122.08 -49.21 -72.68
CA TYR S 380 121.65 -47.92 -72.13
C TYR S 380 120.62 -47.34 -73.09
N GLU S 381 119.36 -47.28 -72.65
CA GLU S 381 118.19 -46.94 -73.48
C GLU S 381 118.35 -47.44 -74.91
N GLY S 382 118.52 -48.76 -75.03
CA GLY S 382 118.54 -49.39 -76.34
C GLY S 382 119.78 -49.10 -77.15
N PHE S 383 120.90 -48.76 -76.50
CA PHE S 383 122.16 -48.58 -77.18
C PHE S 383 123.20 -49.48 -76.51
N SER S 384 123.95 -50.22 -77.32
CA SER S 384 124.93 -51.18 -76.83
C SER S 384 126.32 -50.58 -76.87
N ILE S 385 127.01 -50.59 -75.74
CA ILE S 385 128.33 -50.00 -75.59
C ILE S 385 129.30 -51.10 -75.17
N ARG S 386 130.44 -51.19 -75.85
CA ARG S 386 131.42 -52.23 -75.56
C ARG S 386 132.58 -51.64 -74.77
N VAL S 387 132.91 -52.25 -73.64
CA VAL S 387 133.96 -51.76 -72.77
C VAL S 387 135.11 -52.76 -72.78
N HIS S 388 136.33 -52.25 -72.97
CA HIS S 388 137.55 -53.03 -72.97
C HIS S 388 138.42 -52.59 -71.81
N LYS S 389 138.98 -53.56 -71.08
CA LYS S 389 139.83 -53.30 -69.93
C LYS S 389 141.17 -53.97 -70.15
N TYR S 390 142.26 -53.21 -70.00
CA TYR S 390 143.60 -53.77 -70.20
C TYR S 390 144.58 -52.96 -69.37
N ALA S 391 145.88 -53.23 -69.57
CA ALA S 391 146.89 -52.57 -68.77
C ALA S 391 148.23 -52.61 -69.48
N ASP S 392 149.05 -51.60 -69.22
CA ASP S 392 150.43 -51.57 -69.64
C ASP S 392 151.30 -51.93 -68.44
N GLY S 393 152.10 -52.98 -68.58
CA GLY S 393 152.86 -53.50 -67.46
C GLY S 393 154.11 -52.71 -67.13
N ASP S 394 154.91 -52.38 -68.14
CA ASP S 394 156.15 -51.65 -67.91
C ASP S 394 155.88 -50.28 -67.29
N ALA S 395 154.87 -49.58 -67.79
CA ALA S 395 154.45 -48.32 -67.19
C ALA S 395 153.63 -48.51 -65.93
N ASN S 396 153.13 -49.72 -65.68
CA ASN S 396 152.33 -50.05 -64.50
C ASN S 396 151.09 -49.16 -64.43
N VAL S 397 150.25 -49.28 -65.46
CA VAL S 397 149.06 -48.45 -65.61
C VAL S 397 147.90 -49.31 -66.09
N GLN S 398 146.71 -49.04 -65.56
CA GLN S 398 145.48 -49.68 -66.02
C GLN S 398 144.73 -48.75 -66.95
N LYS S 399 143.98 -49.32 -67.90
CA LYS S 399 143.33 -48.54 -68.93
C LYS S 399 141.97 -49.16 -69.29
N MET S 400 141.04 -48.28 -69.68
CA MET S 400 139.68 -48.64 -70.05
C MET S 400 139.32 -47.91 -71.34
N ARG S 401 138.38 -48.48 -72.09
CA ARG S 401 137.85 -47.79 -73.26
C ARG S 401 136.44 -48.27 -73.56
N PHE S 402 135.68 -47.40 -74.23
CA PHE S 402 134.28 -47.67 -74.59
C PHE S 402 134.07 -47.38 -76.07
N ASP S 403 133.32 -48.26 -76.75
CA ASP S 403 133.12 -48.19 -78.19
C ASP S 403 131.63 -48.29 -78.52
N LEU S 404 131.25 -47.60 -79.59
CA LEU S 404 129.89 -47.59 -80.13
C LEU S 404 129.91 -47.07 -81.56
N LEU S 405 129.26 -47.80 -82.48
CA LEU S 405 129.14 -47.38 -83.87
C LEU S 405 127.70 -47.08 -84.24
N PRO S 406 127.38 -45.84 -84.60
CA PRO S 406 126.06 -45.52 -85.13
C PRO S 406 126.05 -45.54 -86.66
N ALA S 407 124.85 -45.39 -87.22
CA ALA S 407 124.68 -45.34 -88.67
C ALA S 407 123.44 -44.50 -88.98
N TYR S 408 123.57 -43.60 -89.95
CA TYR S 408 122.52 -42.66 -90.31
C TYR S 408 122.08 -42.86 -91.75
N VAL S 409 120.83 -42.50 -92.03
CA VAL S 409 120.31 -42.50 -93.40
C VAL S 409 119.28 -41.39 -93.51
N CYS S 410 119.24 -40.74 -94.67
CA CYS S 410 118.23 -39.73 -94.98
C CYS S 410 117.43 -40.23 -96.18
N PHE S 411 116.21 -40.70 -95.93
CA PHE S 411 115.45 -41.35 -97.00
C PHE S 411 115.02 -40.34 -98.06
N ASN S 412 114.45 -39.22 -97.64
CA ASN S 412 113.94 -38.24 -98.59
C ASN S 412 113.93 -36.85 -97.96
N PRO S 413 114.74 -35.91 -98.47
CA PRO S 413 114.79 -34.58 -97.86
C PRO S 413 113.52 -33.78 -97.99
N HIS S 414 112.48 -34.30 -98.63
CA HIS S 414 111.26 -33.55 -98.86
C HIS S 414 110.21 -33.77 -97.77
N MET S 415 110.53 -34.53 -96.72
CA MET S 415 109.60 -34.72 -95.62
C MET S 415 110.20 -34.28 -94.28
N GLY S 416 110.92 -33.15 -94.28
CA GLY S 416 111.46 -32.62 -93.06
C GLY S 416 112.22 -31.35 -93.30
N GLY S 417 112.47 -30.61 -92.22
CA GLY S 417 113.20 -29.37 -92.34
C GLY S 417 113.05 -28.52 -91.09
N GLN S 418 113.31 -27.22 -91.26
CA GLN S 418 113.30 -26.26 -90.17
C GLN S 418 112.10 -25.33 -90.33
N PHE S 419 111.63 -24.78 -89.21
CA PHE S 419 110.54 -23.83 -89.23
C PHE S 419 110.71 -22.81 -88.13
N PHE S 420 110.44 -21.54 -88.45
CA PHE S 420 110.44 -20.46 -87.47
C PHE S 420 109.13 -19.69 -87.58
N GLY S 421 109.02 -18.59 -86.84
CA GLY S 421 107.86 -17.72 -86.96
C GLY S 421 107.94 -16.86 -88.20
N ASN S 422 106.83 -16.19 -88.49
CA ASN S 422 106.79 -15.28 -89.63
C ASN S 422 106.20 -13.94 -89.21
N PRO S 423 106.60 -12.84 -89.87
CA PRO S 423 106.08 -11.51 -89.54
C PRO S 423 104.64 -11.33 -89.98
N PRO T 2 70.70 1.18 128.99
CA PRO T 2 71.04 0.70 130.34
C PRO T 2 71.55 -0.74 130.35
N ASN T 3 71.07 -1.55 129.40
CA ASN T 3 71.51 -2.94 129.33
C ASN T 3 73.00 -3.01 129.00
N ASN T 4 73.69 -3.91 129.70
CA ASN T 4 75.11 -4.17 129.47
C ASN T 4 75.25 -5.68 129.25
N LEU T 5 75.09 -6.11 128.00
CA LEU T 5 75.12 -7.52 127.65
C LEU T 5 76.44 -7.96 127.06
N ASP T 6 77.50 -7.15 127.20
CA ASP T 6 78.79 -7.47 126.64
C ASP T 6 79.44 -8.69 127.28
N SER T 7 78.99 -9.09 128.46
CA SER T 7 79.55 -10.25 129.16
C SER T 7 78.84 -11.55 128.80
N ASN T 8 77.81 -11.50 127.98
CA ASN T 8 77.12 -12.70 127.51
C ASN T 8 77.70 -13.24 126.21
N VAL T 9 78.70 -12.57 125.65
CA VAL T 9 79.30 -12.99 124.38
C VAL T 9 80.79 -13.21 124.59
N SER T 10 81.48 -13.62 123.53
CA SER T 10 82.91 -13.87 123.60
C SER T 10 83.59 -13.34 122.34
N GLN T 11 84.86 -13.00 122.48
CA GLN T 11 85.67 -12.56 121.34
C GLN T 11 86.18 -13.79 120.60
N ILE T 12 85.70 -13.98 119.37
CA ILE T 12 86.00 -15.18 118.60
C ILE T 12 86.97 -14.82 117.48
N VAL T 13 88.03 -15.61 117.35
CA VAL T 13 88.98 -15.49 116.25
C VAL T 13 88.84 -16.75 115.40
N LEU T 14 88.50 -16.56 114.13
CA LEU T 14 88.25 -17.69 113.24
C LEU T 14 89.55 -18.34 112.82
N LYS T 15 89.45 -19.62 112.44
CA LYS T 15 90.61 -20.39 112.03
C LYS T 15 90.76 -20.36 110.51
N LYS T 16 90.88 -19.16 109.98
CA LYS T 16 91.07 -18.95 108.55
C LYS T 16 92.20 -17.95 108.35
N PHE T 17 92.94 -18.14 107.26
CA PHE T 17 94.09 -17.29 106.95
C PHE T 17 93.81 -16.49 105.69
N LEU T 18 94.11 -15.20 105.74
CA LEU T 18 93.93 -14.34 104.58
C LEU T 18 95.01 -14.62 103.56
N PRO T 19 94.74 -14.36 102.28
CA PRO T 19 95.78 -14.50 101.25
C PRO T 19 96.90 -13.50 101.46
N GLY T 20 98.10 -13.90 101.04
CA GLY T 20 99.27 -13.07 101.19
C GLY T 20 99.88 -12.62 99.88
N PHE T 21 101.21 -12.57 99.82
CA PHE T 21 101.93 -12.16 98.63
C PHE T 21 102.91 -13.25 98.24
N MET T 22 103.08 -13.43 96.93
CA MET T 22 103.95 -14.46 96.40
C MET T 22 104.72 -13.91 95.21
N SER T 23 105.85 -14.55 94.91
CA SER T 23 106.71 -14.17 93.81
C SER T 23 106.96 -15.37 92.92
N ASP T 24 107.33 -15.10 91.68
CA ASP T 24 107.56 -16.15 90.69
C ASP T 24 109.02 -16.58 90.66
N LEU T 25 109.28 -17.70 90.01
CA LEU T 25 110.62 -18.25 89.86
C LEU T 25 110.77 -18.78 88.45
N VAL T 26 111.62 -18.11 87.65
CA VAL T 26 111.87 -18.53 86.28
C VAL T 26 113.34 -18.82 86.01
N LEU T 27 114.27 -18.18 86.74
CA LEU T 27 115.68 -18.35 86.44
C LEU T 27 116.15 -19.76 86.75
N ALA T 28 115.69 -20.34 87.87
CA ALA T 28 116.10 -21.69 88.22
C ALA T 28 115.57 -22.70 87.21
N LYS T 29 114.36 -22.48 86.70
CA LYS T 29 113.83 -23.35 85.64
C LYS T 29 114.60 -23.21 84.35
N THR T 30 114.92 -21.97 83.94
CA THR T 30 115.55 -21.75 82.64
C THR T 30 117.00 -22.21 82.62
N VAL T 31 117.76 -21.87 83.66
CA VAL T 31 119.19 -22.15 83.65
C VAL T 31 119.44 -23.66 83.60
N ASP T 32 120.57 -24.04 83.01
CA ASP T 32 120.92 -25.45 82.92
C ASP T 32 121.22 -26.01 84.31
N ARG T 33 120.74 -27.24 84.54
CA ARG T 33 120.90 -27.88 85.84
C ARG T 33 121.36 -29.33 85.76
N GLN T 34 121.40 -29.94 84.58
CA GLN T 34 121.72 -31.35 84.48
C GLN T 34 123.21 -31.63 84.64
N LEU T 35 124.07 -30.72 84.18
CA LEU T 35 125.51 -31.00 84.14
C LEU T 35 126.09 -31.13 85.55
N LEU T 36 125.83 -30.16 86.40
CA LEU T 36 126.45 -30.08 87.72
C LEU T 36 125.72 -30.90 88.77
N ALA T 37 124.56 -31.46 88.44
CA ALA T 37 123.75 -32.16 89.44
C ALA T 37 124.41 -33.48 89.81
N GLY T 38 124.75 -33.63 91.10
CA GLY T 38 125.29 -34.87 91.61
C GLY T 38 126.77 -35.07 91.39
N GLU T 39 127.45 -34.11 90.75
CA GLU T 39 128.87 -34.30 90.47
C GLU T 39 129.72 -34.07 91.70
N ILE T 40 129.34 -33.11 92.55
CA ILE T 40 130.08 -32.83 93.77
C ILE T 40 129.63 -33.79 94.86
N ASN T 41 130.58 -34.52 95.43
CA ASN T 41 130.29 -35.50 96.47
C ASN T 41 131.46 -35.56 97.43
N SER T 42 131.45 -36.57 98.30
CA SER T 42 132.43 -36.67 99.38
C SER T 42 133.85 -36.86 98.86
N SER T 43 134.01 -37.31 97.62
CA SER T 43 135.33 -37.59 97.07
C SER T 43 135.86 -36.47 96.19
N THR T 44 135.17 -35.34 96.10
CA THR T 44 135.54 -34.26 95.19
C THR T 44 135.78 -32.93 95.90
N GLY T 45 135.90 -32.93 97.22
CA GLY T 45 136.15 -31.68 97.91
C GLY T 45 134.93 -30.77 97.87
N ASP T 46 135.16 -29.51 97.46
CA ASP T 46 134.11 -28.50 97.43
C ASP T 46 134.02 -27.81 96.08
N SER T 47 134.68 -28.38 95.06
CA SER T 47 134.67 -27.79 93.73
C SER T 47 134.99 -28.86 92.70
N VAL T 48 134.55 -28.62 91.47
CA VAL T 48 134.78 -29.53 90.36
C VAL T 48 135.11 -28.67 89.14
N SER T 49 135.60 -29.32 88.07
CA SER T 49 136.06 -28.59 86.90
C SER T 49 135.62 -29.27 85.62
N PHE T 50 135.49 -28.46 84.57
CA PHE T 50 135.21 -28.90 83.21
C PHE T 50 136.26 -28.36 82.26
N LYS T 51 136.46 -29.06 81.15
CA LYS T 51 137.47 -28.67 80.18
C LYS T 51 136.90 -27.66 79.17
N ARG T 52 137.80 -26.98 78.46
CA ARG T 52 137.43 -25.99 77.46
C ARG T 52 137.70 -26.53 76.05
N PRO T 53 136.97 -26.05 75.05
CA PRO T 53 137.23 -26.48 73.67
C PRO T 53 138.52 -25.89 73.13
N HIS T 54 139.06 -26.56 72.11
CA HIS T 54 140.33 -26.17 71.51
C HIS T 54 140.10 -25.38 70.23
N GLN T 55 141.10 -24.60 69.83
CA GLN T 55 141.02 -23.82 68.60
C GLN T 55 142.33 -23.98 67.85
N PHE T 56 142.28 -23.75 66.53
CA PHE T 56 143.43 -23.97 65.68
C PHE T 56 143.50 -22.89 64.62
N SER T 57 144.70 -22.70 64.06
CA SER T 57 144.92 -21.75 62.98
C SER T 57 145.68 -22.46 61.87
N SER T 58 145.39 -22.05 60.63
CA SER T 58 145.96 -22.68 59.45
C SER T 58 146.92 -21.73 58.74
N LEU T 59 147.59 -22.27 57.73
CA LEU T 59 148.58 -21.51 56.96
C LEU T 59 148.30 -21.70 55.47
N ARG T 60 148.56 -20.66 54.69
CA ARG T 60 148.40 -20.69 53.25
C ARG T 60 149.77 -20.64 52.59
N THR T 61 150.04 -21.63 51.74
CA THR T 61 151.35 -21.77 51.11
C THR T 61 151.14 -22.15 49.65
N PRO T 62 151.89 -21.55 48.73
CA PRO T 62 151.72 -21.93 47.31
C PRO T 62 152.02 -23.39 47.02
N THR T 63 152.95 -24.01 47.75
CA THR T 63 153.35 -25.39 47.48
C THR T 63 153.33 -26.26 48.73
N GLY T 64 152.68 -25.81 49.79
CA GLY T 64 152.56 -26.61 51.00
C GLY T 64 153.87 -26.88 51.71
N ASP T 65 154.70 -25.85 51.84
CA ASP T 65 155.99 -25.95 52.52
C ASP T 65 155.88 -25.25 53.88
N ILE T 66 156.09 -26.02 54.95
CA ILE T 66 155.96 -25.50 56.31
C ILE T 66 157.27 -25.72 57.05
N SER T 67 158.39 -25.63 56.33
CA SER T 67 159.69 -25.94 56.93
C SER T 67 160.03 -24.99 58.06
N GLY T 68 159.78 -23.69 57.88
CA GLY T 68 160.15 -22.72 58.89
C GLY T 68 158.98 -22.15 59.68
N GLN T 69 157.76 -22.51 59.30
CA GLN T 69 156.59 -21.97 59.97
C GLN T 69 156.45 -22.59 61.36
N ASN T 70 155.64 -21.93 62.19
CA ASN T 70 155.35 -22.38 63.55
C ASN T 70 153.99 -23.06 63.59
N LYS T 71 153.96 -24.27 64.14
CA LYS T 71 152.75 -25.08 64.16
C LYS T 71 151.86 -24.69 65.35
N ASN T 72 150.65 -25.21 65.33
CA ASN T 72 149.72 -24.97 66.43
C ASN T 72 150.17 -25.72 67.68
N ASN T 73 149.98 -25.10 68.84
CA ASN T 73 150.33 -25.72 70.10
C ASN T 73 149.10 -26.33 70.76
N LEU T 74 149.30 -26.91 71.93
CA LEU T 74 148.23 -27.52 72.72
C LEU T 74 148.16 -26.83 74.08
N ILE T 75 147.15 -25.99 74.27
CA ILE T 75 146.89 -25.35 75.55
C ILE T 75 145.45 -25.67 75.96
N SER T 76 145.29 -26.18 77.18
CA SER T 76 143.99 -26.60 77.68
C SER T 76 143.57 -25.72 78.84
N GLY T 77 142.30 -25.29 78.82
CA GLY T 77 141.77 -24.47 79.88
C GLY T 77 140.62 -25.18 80.59
N LYS T 78 140.29 -24.67 81.77
CA LYS T 78 139.30 -25.31 82.62
C LYS T 78 138.44 -24.26 83.30
N ALA T 79 137.21 -24.66 83.62
CA ALA T 79 136.27 -23.83 84.35
C ALA T 79 135.83 -24.56 85.61
N THR T 80 135.75 -23.82 86.72
CA THR T 80 135.55 -24.41 88.03
C THR T 80 134.20 -23.99 88.61
N GLY T 81 133.53 -24.95 89.24
CA GLY T 81 132.32 -24.68 89.99
C GLY T 81 132.45 -25.13 91.43
N ARG T 82 132.09 -24.26 92.38
CA ARG T 82 132.31 -24.51 93.79
C ARG T 82 131.00 -24.51 94.56
N VAL T 83 131.07 -24.95 95.82
CA VAL T 83 129.94 -24.92 96.73
C VAL T 83 129.71 -23.50 97.22
N GLY T 84 128.57 -23.26 97.87
CA GLY T 84 128.23 -21.95 98.38
C GLY T 84 127.94 -21.92 99.87
N ASN T 85 127.15 -20.94 100.31
CA ASN T 85 126.83 -20.81 101.72
C ASN T 85 125.49 -21.46 102.04
N TYR T 86 125.21 -21.63 103.32
CA TYR T 86 123.96 -22.24 103.77
C TYR T 86 122.80 -21.26 103.64
N ILE T 87 121.60 -21.81 103.71
CA ILE T 87 120.36 -21.04 103.84
C ILE T 87 119.56 -21.70 104.95
N THR T 88 119.48 -21.06 106.11
CA THR T 88 118.88 -21.66 107.29
C THR T 88 117.83 -20.73 107.89
N VAL T 89 116.71 -21.32 108.30
CA VAL T 89 115.66 -20.61 109.03
C VAL T 89 115.25 -21.47 110.22
N ALA T 90 115.12 -20.85 111.39
CA ALA T 90 114.83 -21.58 112.61
C ALA T 90 113.80 -20.83 113.44
N VAL T 91 112.97 -21.59 114.16
CA VAL T 91 111.96 -21.04 115.05
C VAL T 91 111.98 -21.82 116.36
N GLU T 92 111.37 -21.22 117.38
CA GLU T 92 111.30 -21.86 118.69
C GLU T 92 110.02 -21.41 119.39
N TYR T 93 109.59 -22.21 120.36
CA TYR T 93 108.42 -21.89 121.17
C TYR T 93 108.50 -22.67 122.47
N GLN T 94 107.75 -22.21 123.45
CA GLN T 94 107.77 -22.83 124.77
C GLN T 94 106.75 -23.97 124.85
N GLN T 95 106.97 -24.84 125.85
CA GLN T 95 106.05 -25.96 126.06
C GLN T 95 104.65 -25.46 126.39
N LEU T 96 104.53 -24.47 127.29
CA LEU T 96 103.20 -23.96 127.59
C LEU T 96 102.60 -23.21 126.41
N GLU T 97 103.44 -22.58 125.58
CA GLU T 97 102.92 -21.93 124.38
C GLU T 97 102.29 -22.95 123.46
N GLU T 98 103.00 -24.05 123.17
CA GLU T 98 102.41 -25.07 122.31
C GLU T 98 101.24 -25.77 123.01
N ALA T 99 101.21 -25.73 124.35
CA ALA T 99 100.10 -26.33 125.07
C ALA T 99 98.81 -25.53 124.91
N ILE T 100 98.85 -24.22 125.12
CA ILE T 100 97.65 -23.40 125.27
C ILE T 100 97.40 -22.52 124.04
N LYS T 101 98.44 -21.91 123.49
CA LYS T 101 98.23 -20.88 122.47
C LYS T 101 98.41 -21.40 121.06
N LEU T 102 99.32 -22.33 120.83
CA LEU T 102 99.65 -22.75 119.47
C LEU T 102 98.57 -23.67 118.91
N ASN T 103 98.10 -23.33 117.71
CA ASN T 103 97.18 -24.16 116.96
C ASN T 103 97.38 -23.87 115.48
N GLN T 104 96.92 -24.79 114.65
CA GLN T 104 97.12 -24.70 113.20
C GLN T 104 98.60 -24.54 112.86
N LEU T 105 99.43 -25.35 113.52
CA LEU T 105 100.88 -25.18 113.42
C LEU T 105 101.40 -25.41 112.01
N GLU T 106 100.83 -26.37 111.28
CA GLU T 106 101.29 -26.63 109.92
C GLU T 106 101.03 -25.42 109.01
N GLU T 107 99.86 -24.80 109.15
CA GLU T 107 99.56 -23.60 108.39
C GLU T 107 100.34 -22.40 108.87
N ILE T 108 100.82 -22.41 110.12
CA ILE T 108 101.68 -21.29 110.57
C ILE T 108 103.06 -21.48 109.97
N LEU T 109 103.53 -22.72 109.88
CA LEU T 109 104.92 -22.99 109.40
C LEU T 109 104.92 -23.39 107.93
N ALA T 110 103.80 -23.27 107.24
CA ALA T 110 103.75 -23.55 105.78
C ALA T 110 104.62 -22.59 104.97
N PRO T 111 104.72 -21.28 105.26
CA PRO T 111 105.60 -20.40 104.51
C PRO T 111 107.11 -20.64 104.57
N VAL T 112 107.61 -21.45 105.50
CA VAL T 112 109.09 -21.56 105.66
C VAL T 112 109.75 -22.03 104.36
N ARG T 113 109.18 -23.01 103.66
CA ARG T 113 109.82 -23.56 102.45
C ARG T 113 109.95 -22.45 101.40
N GLN T 114 108.97 -21.57 101.30
CA GLN T 114 109.01 -20.52 100.26
C GLN T 114 110.25 -19.67 100.49
N ARG T 115 110.59 -19.36 101.74
CA ARG T 115 111.75 -18.46 101.97
C ARG T 115 113.02 -19.11 101.45
N ILE T 116 113.22 -20.41 101.69
CA ILE T 116 114.51 -21.03 101.26
C ILE T 116 114.61 -20.95 99.73
N VAL T 117 113.54 -21.30 99.02
CA VAL T 117 113.57 -21.29 97.53
C VAL T 117 113.75 -19.85 97.02
N THR T 118 113.02 -18.91 97.61
CA THR T 118 113.08 -17.49 97.15
C THR T 118 114.50 -16.96 97.36
N ASP T 119 115.13 -17.33 98.48
CA ASP T 119 116.50 -16.84 98.76
C ASP T 119 117.49 -17.39 97.74
N LEU T 120 117.31 -18.63 97.31
CA LEU T 120 118.20 -19.17 96.25
C LEU T 120 118.04 -18.33 95.00
N GLU T 121 116.80 -17.96 94.65
CA GLU T 121 116.55 -17.20 93.41
C GLU T 121 117.26 -15.84 93.45
N THR T 122 117.19 -15.14 94.58
CA THR T 122 117.81 -13.80 94.66
C THR T 122 119.32 -13.94 94.46
N GLU T 123 119.92 -14.94 95.10
CA GLU T 123 121.38 -15.14 94.97
C GLU T 123 121.72 -15.47 93.52
N LEU T 124 120.93 -16.31 92.86
CA LEU T 124 121.32 -16.67 91.48
C LEU T 124 121.34 -15.39 90.66
N ALA T 125 120.37 -14.51 90.86
CA ALA T 125 120.30 -13.31 90.02
C ALA T 125 121.55 -12.45 90.22
N HIS T 126 121.99 -12.27 91.45
CA HIS T 126 123.23 -11.49 91.71
C HIS T 126 124.40 -12.23 91.06
N PHE T 127 124.41 -13.56 91.13
CA PHE T 127 125.51 -14.33 90.51
C PHE T 127 125.55 -14.11 89.00
N MET T 128 124.40 -14.12 88.36
CA MET T 128 124.35 -13.87 86.90
C MET T 128 124.59 -12.39 86.70
N MET T 129 124.12 -11.57 87.63
CA MET T 129 124.43 -10.16 87.41
C MET T 129 125.93 -9.89 87.56
N ASN T 130 126.56 -10.49 88.58
CA ASN T 130 127.98 -10.27 88.79
C ASN T 130 128.82 -10.89 87.69
N ASN T 131 128.46 -12.09 87.22
CA ASN T 131 129.32 -12.83 86.32
C ASN T 131 129.06 -12.55 84.84
N GLY T 132 127.96 -11.88 84.49
CA GLY T 132 127.74 -11.53 83.10
C GLY T 132 128.80 -10.59 82.56
N ALA T 133 129.01 -10.63 81.25
CA ALA T 133 130.06 -9.85 80.62
C ALA T 133 129.60 -8.97 79.46
N LEU T 134 128.62 -9.40 78.68
CA LEU T 134 128.18 -8.62 77.54
C LEU T 134 127.38 -7.39 78.00
N SER T 135 127.15 -6.46 77.07
CA SER T 135 126.39 -5.26 77.37
C SER T 135 125.79 -4.72 76.08
N LEU T 136 124.58 -4.19 76.18
CA LEU T 136 123.87 -3.65 75.02
C LEU T 136 123.04 -2.47 75.47
N GLY T 137 123.31 -1.29 74.91
CA GLY T 137 122.54 -0.11 75.21
C GLY T 137 123.02 0.61 76.45
N SER T 138 122.41 1.77 76.70
CA SER T 138 122.76 2.57 77.85
C SER T 138 121.70 2.46 78.94
N PRO T 139 122.09 2.53 80.21
CA PRO T 139 121.13 2.38 81.31
C PRO T 139 120.20 3.58 81.49
N ASN T 140 120.36 4.64 80.70
CA ASN T 140 119.56 5.86 80.84
C ASN T 140 118.36 5.87 79.92
N THR T 141 117.91 4.71 79.46
CA THR T 141 116.80 4.62 78.52
C THR T 141 116.05 3.32 78.77
N PRO T 142 114.80 3.40 79.21
CA PRO T 142 114.00 2.18 79.39
C PRO T 142 113.67 1.54 78.04
N ILE T 143 113.43 0.23 78.08
CA ILE T 143 113.11 -0.51 76.87
C ILE T 143 111.74 -0.06 76.35
N THR T 144 111.70 0.39 75.10
CA THR T 144 110.47 0.88 74.49
C THR T 144 110.18 0.31 73.11
N LYS T 145 111.18 -0.13 72.35
CA LYS T 145 111.00 -0.49 70.95
C LYS T 145 111.30 -1.97 70.74
N TRP T 146 111.06 -2.44 69.51
CA TRP T 146 111.29 -3.81 69.09
C TRP T 146 112.76 -4.11 68.86
N SER T 147 113.52 -3.14 68.32
CA SER T 147 114.94 -3.34 68.10
C SER T 147 115.69 -3.52 69.41
N ASP T 148 115.21 -2.88 70.48
CA ASP T 148 115.87 -3.00 71.77
C ASP T 148 115.85 -4.43 72.30
N VAL T 149 114.98 -5.28 71.79
CA VAL T 149 114.95 -6.69 72.15
C VAL T 149 115.56 -7.55 71.06
N ALA T 150 115.37 -7.19 69.79
CA ALA T 150 115.96 -7.95 68.70
C ALA T 150 117.49 -7.87 68.72
N GLN T 151 118.04 -6.82 69.32
CA GLN T 151 119.49 -6.65 69.32
C GLN T 151 120.20 -7.75 70.09
N THR T 152 119.57 -8.29 71.14
CA THR T 152 120.20 -9.36 71.91
C THR T 152 120.39 -10.60 71.04
N ALA T 153 119.33 -11.02 70.34
CA ALA T 153 119.43 -12.18 69.46
C ALA T 153 120.42 -11.92 68.34
N SER T 154 120.39 -10.72 67.75
CA SER T 154 121.32 -10.42 66.67
C SER T 154 122.77 -10.47 67.16
N PHE T 155 123.04 -9.92 68.34
CA PHE T 155 124.40 -9.91 68.87
C PHE T 155 124.87 -11.33 69.18
N LEU T 156 124.01 -12.15 69.77
CA LEU T 156 124.40 -13.54 70.03
C LEU T 156 124.69 -14.28 68.73
N LYS T 157 123.84 -14.11 67.72
CA LYS T 157 124.07 -14.76 66.44
C LYS T 157 125.38 -14.30 65.81
N ASP T 158 125.66 -13.00 65.86
CA ASP T 158 126.89 -12.48 65.29
C ASP T 158 128.13 -12.97 66.03
N LEU T 159 128.06 -13.06 67.35
CA LEU T 159 129.17 -13.65 68.10
C LEU T 159 129.38 -15.11 67.70
N GLY T 160 128.29 -15.85 67.52
CA GLY T 160 128.42 -17.18 66.94
C GLY T 160 128.00 -18.32 67.83
N VAL T 161 127.13 -18.05 68.81
CA VAL T 161 126.58 -19.12 69.62
C VAL T 161 125.65 -19.96 68.75
N ASN T 162 125.81 -21.29 68.82
CA ASN T 162 125.11 -22.18 67.93
C ASN T 162 124.12 -23.10 68.62
N GLU T 163 124.41 -23.56 69.82
CA GLU T 163 123.62 -24.59 70.48
C GLU T 163 123.00 -24.03 71.75
N GLY T 164 121.79 -24.52 72.06
CA GLY T 164 121.06 -24.08 73.21
C GLY T 164 120.10 -22.95 72.90
N GLU T 165 119.15 -22.75 73.81
CA GLU T 165 118.12 -21.73 73.66
C GLU T 165 118.60 -20.43 74.30
N ASN T 166 118.25 -19.32 73.66
CA ASN T 166 118.66 -17.99 74.11
C ASN T 166 117.48 -17.31 74.80
N TYR T 167 117.68 -16.92 76.06
CA TYR T 167 116.62 -16.39 76.90
C TYR T 167 116.88 -14.93 77.25
N ALA T 168 115.79 -14.17 77.35
CA ALA T 168 115.81 -12.80 77.82
C ALA T 168 114.78 -12.66 78.93
N VAL T 169 115.19 -12.01 80.02
CA VAL T 169 114.34 -11.81 81.18
C VAL T 169 114.30 -10.32 81.50
N MET T 170 113.09 -9.79 81.66
CA MET T 170 112.87 -8.38 81.89
C MET T 170 111.79 -8.21 82.95
N ASP T 171 111.50 -6.95 83.29
CA ASP T 171 110.59 -6.60 84.37
C ASP T 171 109.22 -6.20 83.84
N PRO T 172 108.18 -6.26 84.69
CA PRO T 172 106.82 -6.02 84.21
C PRO T 172 106.60 -4.66 83.56
N TRP T 173 107.29 -3.62 84.01
CA TRP T 173 107.14 -2.31 83.38
C TRP T 173 107.63 -2.33 81.94
N SER T 174 108.78 -2.97 81.69
CA SER T 174 109.26 -3.11 80.33
C SER T 174 108.33 -3.98 79.50
N ALA T 175 107.77 -5.04 80.12
CA ALA T 175 106.80 -5.85 79.40
C ALA T 175 105.57 -5.04 79.00
N GLN T 176 105.10 -4.17 79.90
CA GLN T 176 103.97 -3.31 79.60
C GLN T 176 104.29 -2.33 78.49
N ARG T 177 105.50 -1.77 78.50
CA ARG T 177 105.88 -0.86 77.42
C ARG T 177 105.97 -1.59 76.09
N LEU T 178 106.47 -2.82 76.11
CA LEU T 178 106.52 -3.62 74.88
C LEU T 178 105.11 -3.90 74.36
N ALA T 179 104.18 -4.23 75.25
CA ALA T 179 102.81 -4.45 74.83
C ALA T 179 102.19 -3.17 74.27
N ASP T 180 102.50 -2.03 74.88
CA ASP T 180 102.00 -0.76 74.37
C ASP T 180 102.54 -0.48 72.98
N ALA T 181 103.82 -0.78 72.74
CA ALA T 181 104.37 -0.64 71.40
C ALA T 181 103.69 -1.59 70.42
N GLN T 182 103.40 -2.82 70.86
CA GLN T 182 102.73 -3.78 70.00
C GLN T 182 101.33 -3.33 69.63
N THR T 183 100.65 -2.63 70.54
CA THR T 183 99.29 -2.16 70.25
C THR T 183 99.25 -1.18 69.08
N GLY T 184 100.40 -0.62 68.68
CA GLY T 184 100.47 0.28 67.57
C GLY T 184 100.76 -0.36 66.23
N LEU T 185 100.58 -1.68 66.11
CA LEU T 185 100.83 -2.37 64.85
C LEU T 185 99.78 -1.96 63.82
N HIS T 186 99.90 -2.50 62.61
CA HIS T 186 99.07 -2.08 61.49
C HIS T 186 98.22 -3.20 60.90
N ALA T 187 98.67 -4.45 60.90
CA ALA T 187 98.03 -5.48 60.11
C ALA T 187 97.43 -6.61 60.94
N SER T 188 98.21 -7.21 61.84
CA SER T 188 97.79 -8.42 62.53
C SER T 188 96.70 -8.08 63.55
N ASP T 189 95.44 -8.22 63.13
CA ASP T 189 94.33 -7.80 63.98
C ASP T 189 94.24 -8.63 65.26
N GLN T 190 94.44 -9.95 65.17
CA GLN T 190 94.39 -10.77 66.37
C GLN T 190 95.56 -10.45 67.29
N LEU T 191 96.75 -10.22 66.72
CA LEU T 191 97.91 -9.92 67.51
C LEU T 191 97.80 -8.57 68.21
N VAL T 192 97.07 -7.61 67.63
CA VAL T 192 96.85 -6.35 68.33
C VAL T 192 95.69 -6.43 69.32
N ARG T 193 94.68 -7.26 69.03
CA ARG T 193 93.59 -7.44 69.98
C ARG T 193 94.08 -8.10 71.26
N THR T 194 94.96 -9.09 71.12
CA THR T 194 95.52 -9.73 72.31
C THR T 194 96.25 -8.73 73.19
N ALA T 195 97.08 -7.89 72.60
CA ALA T 195 97.81 -6.89 73.37
C ALA T 195 96.88 -5.85 73.98
N TRP T 196 95.87 -5.40 73.22
CA TRP T 196 94.96 -4.39 73.72
C TRP T 196 94.15 -4.90 74.90
N GLU T 197 93.66 -6.15 74.81
CA GLU T 197 92.76 -6.67 75.83
C GLU T 197 93.54 -7.26 77.01
N ASN T 198 94.38 -8.27 76.75
CA ASN T 198 95.04 -9.01 77.82
C ASN T 198 96.41 -8.44 78.19
N ALA T 199 96.95 -7.51 77.42
CA ALA T 199 98.25 -6.90 77.68
C ALA T 199 99.35 -7.96 77.80
N GLN T 200 99.38 -8.87 76.83
CA GLN T 200 100.35 -9.96 76.80
C GLN T 200 101.16 -9.90 75.51
N ILE T 201 102.43 -10.26 75.60
CA ILE T 201 103.31 -10.38 74.43
C ILE T 201 103.46 -11.85 74.10
N PRO T 202 103.75 -12.22 72.85
CA PRO T 202 103.87 -13.63 72.51
C PRO T 202 105.08 -14.28 73.15
N THR T 203 105.13 -15.61 73.04
CA THR T 203 106.24 -16.36 73.62
C THR T 203 107.57 -15.98 72.99
N ASN T 204 107.60 -15.85 71.67
CA ASN T 204 108.80 -15.42 70.97
C ASN T 204 108.69 -13.94 70.60
N PHE T 205 109.81 -13.23 70.76
CA PHE T 205 109.82 -11.78 70.50
C PHE T 205 111.20 -11.40 69.98
N GLY T 206 111.30 -11.18 68.67
CA GLY T 206 112.57 -10.78 68.08
C GLY T 206 113.57 -11.91 67.91
N GLY T 207 113.12 -13.16 67.94
CA GLY T 207 114.00 -14.29 67.74
C GLY T 207 114.63 -14.84 69.01
N ILE T 208 114.35 -14.25 70.16
CA ILE T 208 114.90 -14.70 71.44
C ILE T 208 113.72 -14.97 72.38
N ARG T 209 113.84 -16.03 73.19
CA ARG T 209 112.74 -16.41 74.06
C ARG T 209 112.63 -15.40 75.19
N ALA T 210 111.59 -14.58 75.15
CA ALA T 210 111.41 -13.51 76.11
C ALA T 210 110.46 -13.95 77.22
N LEU T 211 110.81 -13.60 78.46
CA LEU T 211 109.97 -13.92 79.60
C LEU T 211 109.65 -12.66 80.39
N MET T 212 108.97 -12.83 81.53
CA MET T 212 108.65 -11.69 82.39
C MET T 212 108.54 -12.19 83.81
N SER T 213 109.24 -11.54 84.74
CA SER T 213 109.20 -11.92 86.14
C SER T 213 109.32 -10.67 87.00
N ASN T 214 108.56 -10.64 88.09
CA ASN T 214 108.60 -9.53 89.03
C ASN T 214 109.65 -9.72 90.11
N GLY T 215 110.11 -10.94 90.36
CA GLY T 215 111.17 -11.18 91.31
C GLY T 215 112.53 -11.10 90.67
N LEU T 216 113.20 -9.96 90.80
CA LEU T 216 114.49 -9.74 90.15
C LEU T 216 115.26 -8.70 90.94
N ALA T 217 116.54 -8.95 91.19
CA ALA T 217 117.32 -8.09 92.06
C ALA T 217 117.66 -6.77 91.36
N SER T 218 117.92 -5.75 92.17
CA SER T 218 118.33 -4.44 91.71
C SER T 218 119.78 -4.19 92.09
N ARG T 219 120.31 -3.05 91.66
CA ARG T 219 121.70 -2.71 91.92
C ARG T 219 121.88 -1.20 91.92
N THR T 220 123.00 -0.76 92.48
CA THR T 220 123.35 0.64 92.57
C THR T 220 124.56 0.91 91.68
N GLN T 221 124.50 1.99 90.92
CA GLN T 221 125.58 2.30 89.98
C GLN T 221 126.89 2.61 90.70
N GLY T 222 126.81 3.34 91.81
CA GLY T 222 128.02 3.73 92.52
C GLY T 222 128.64 4.98 91.95
N ALA T 223 129.00 5.93 92.81
CA ALA T 223 129.46 7.22 92.35
C ALA T 223 130.81 7.11 91.63
N PHE T 224 130.90 7.75 90.47
CA PHE T 224 132.15 7.84 89.72
C PHE T 224 132.11 9.11 88.90
N GLY T 225 133.29 9.55 88.48
CA GLY T 225 133.38 10.76 87.67
C GLY T 225 134.80 10.98 87.19
N GLY T 226 134.93 11.89 86.24
CA GLY T 226 136.22 12.21 85.65
C GLY T 226 136.57 11.28 84.52
N THR T 227 137.48 11.75 83.66
CA THR T 227 137.97 10.93 82.57
C THR T 227 138.86 9.81 83.12
N LEU T 228 138.78 8.63 82.52
CA LEU T 228 139.52 7.47 82.97
C LEU T 228 140.32 6.87 81.82
N THR T 229 141.57 6.52 82.12
CA THR T 229 142.46 5.87 81.16
C THR T 229 143.26 4.81 81.91
N VAL T 230 143.73 3.80 81.17
CA VAL T 230 144.54 2.76 81.80
C VAL T 230 145.94 3.31 82.09
N LYS T 231 146.61 2.66 83.03
CA LYS T 231 147.92 3.09 83.49
C LYS T 231 149.06 2.17 83.12
N THR T 232 148.90 0.86 83.29
CA THR T 232 149.93 -0.10 82.97
C THR T 232 149.34 -1.23 82.14
N GLN T 233 150.11 -1.69 81.16
CA GLN T 233 149.65 -2.77 80.29
C GLN T 233 149.51 -4.05 81.09
N PRO T 234 148.35 -4.69 81.10
CA PRO T 234 148.17 -5.93 81.84
C PRO T 234 148.59 -7.16 81.03
N THR T 235 148.55 -8.30 81.70
CA THR T 235 148.83 -9.59 81.08
C THR T 235 147.50 -10.24 80.71
N VAL T 236 147.24 -10.36 79.41
CA VAL T 236 145.99 -10.93 78.93
C VAL T 236 146.27 -12.10 78.00
N THR T 237 147.42 -12.75 78.19
CA THR T 237 147.76 -13.92 77.41
C THR T 237 146.87 -15.10 77.81
N TYR T 238 146.68 -16.03 76.88
CA TYR T 238 145.83 -17.18 77.15
C TYR T 238 146.43 -18.05 78.24
N ASN T 239 147.76 -18.17 78.28
CA ASN T 239 148.39 -18.94 79.34
C ASN T 239 148.20 -18.31 80.71
N ALA T 240 147.76 -17.06 80.76
CA ALA T 240 147.48 -16.39 82.02
C ALA T 240 146.00 -16.29 82.36
N VAL T 241 145.12 -16.27 81.37
CA VAL T 241 143.69 -16.14 81.62
C VAL T 241 142.91 -17.37 81.16
N LYS T 242 143.59 -18.51 81.03
CA LYS T 242 142.95 -19.73 80.55
C LYS T 242 142.19 -20.47 81.63
N ASP T 243 142.12 -19.93 82.85
CA ASP T 243 141.46 -20.62 83.95
C ASP T 243 140.21 -19.91 84.48
N SER T 244 140.09 -18.60 84.29
CA SER T 244 138.94 -17.89 84.86
C SER T 244 138.31 -16.84 83.97
N TYR T 245 138.96 -16.40 82.88
CA TYR T 245 138.51 -15.23 82.11
C TYR T 245 138.26 -14.03 83.02
N GLN T 246 139.17 -13.82 83.96
CA GLN T 246 139.17 -12.61 84.78
C GLN T 246 140.57 -12.01 84.74
N PHE T 247 140.62 -10.69 84.88
CA PHE T 247 141.92 -10.02 84.86
C PHE T 247 141.85 -8.72 85.64
N THR T 248 143.01 -8.31 86.16
CA THR T 248 143.12 -7.12 86.99
C THR T 248 143.72 -5.98 86.19
N VAL T 249 143.14 -4.79 86.34
CA VAL T 249 143.59 -3.61 85.59
C VAL T 249 143.54 -2.40 86.52
N THR T 250 144.52 -1.52 86.35
CA THR T 250 144.60 -0.29 87.11
C THR T 250 144.29 0.89 86.20
N LEU T 251 143.58 1.89 86.73
CA LEU T 251 143.14 3.05 85.98
C LEU T 251 143.80 4.30 86.53
N THR T 252 143.49 5.44 85.90
CA THR T 252 144.00 6.72 86.34
C THR T 252 143.03 7.81 85.89
N GLY T 253 143.15 8.98 86.51
CA GLY T 253 142.27 10.09 86.23
C GLY T 253 141.01 10.14 87.04
N ALA T 254 140.86 9.25 88.02
CA ALA T 254 139.67 9.25 88.86
C ALA T 254 139.78 10.31 89.95
N THR T 255 138.72 10.46 90.73
CA THR T 255 138.70 11.41 91.83
C THR T 255 139.68 10.97 92.92
N ALA T 256 140.23 11.97 93.63
CA ALA T 256 141.32 11.71 94.55
C ALA T 256 140.93 10.74 95.66
N SER T 257 139.73 10.90 96.22
CA SER T 257 139.30 10.02 97.31
C SER T 257 137.79 9.87 97.26
N VAL T 258 137.32 8.71 96.79
CA VAL T 258 135.90 8.38 96.77
C VAL T 258 135.77 6.92 97.17
N THR T 259 135.12 6.66 98.30
CA THR T 259 134.86 5.29 98.70
C THR T 259 133.76 4.69 97.84
N GLY T 260 133.92 3.42 97.50
CA GLY T 260 132.97 2.77 96.61
C GLY T 260 132.93 3.39 95.23
N PHE T 261 134.11 3.62 94.63
CA PHE T 261 134.16 4.25 93.32
C PHE T 261 133.46 3.41 92.26
N LEU T 262 133.66 2.10 92.30
CA LEU T 262 132.98 1.18 91.40
C LEU T 262 132.44 0.00 92.19
N LYS T 263 131.14 -0.19 92.16
CA LYS T 263 130.49 -1.28 92.87
C LYS T 263 130.28 -2.46 91.94
N ALA T 264 129.98 -3.61 92.54
CA ALA T 264 129.78 -4.83 91.76
C ALA T 264 128.62 -4.67 90.79
N GLY T 265 128.81 -5.15 89.57
CA GLY T 265 127.80 -5.06 88.53
C GLY T 265 128.02 -3.98 87.50
N ASP T 266 128.92 -3.03 87.77
CA ASP T 266 129.19 -1.98 86.81
C ASP T 266 129.91 -2.54 85.58
N GLN T 267 129.88 -1.78 84.50
CA GLN T 267 130.46 -2.21 83.24
C GLN T 267 131.39 -1.12 82.71
N VAL T 268 132.56 -1.55 82.21
CA VAL T 268 133.57 -0.67 81.68
C VAL T 268 133.74 -0.99 80.19
N LYS T 269 133.72 0.05 79.37
CA LYS T 269 133.80 -0.08 77.91
C LYS T 269 135.13 0.51 77.45
N PHE T 270 135.86 -0.26 76.64
CA PHE T 270 137.10 0.20 76.03
C PHE T 270 136.76 0.83 74.68
N THR T 271 137.04 2.13 74.53
CA THR T 271 136.49 2.86 73.39
C THR T 271 137.03 2.34 72.06
N ASN T 272 138.33 2.05 72.00
CA ASN T 272 139.00 1.76 70.74
C ASN T 272 139.50 0.33 70.64
N THR T 273 138.70 -0.64 71.10
CA THR T 273 139.07 -2.04 71.06
C THR T 273 137.82 -2.85 70.76
N TYR T 274 137.82 -3.58 69.64
CA TYR T 274 136.59 -4.10 69.06
C TYR T 274 136.45 -5.62 69.24
N TRP T 275 135.20 -6.07 69.24
CA TRP T 275 134.90 -7.50 69.32
C TRP T 275 135.22 -8.18 67.99
N LEU T 276 135.70 -9.42 68.08
CA LEU T 276 135.89 -10.28 66.92
C LEU T 276 134.93 -11.45 66.97
N GLN T 277 134.53 -11.93 65.80
CA GLN T 277 133.84 -13.21 65.74
C GLN T 277 134.80 -14.33 66.12
N GLN T 278 134.35 -15.20 67.02
CA GLN T 278 135.24 -16.18 67.64
C GLN T 278 135.69 -17.28 66.69
N GLN T 279 135.05 -17.43 65.54
CA GLN T 279 135.43 -18.47 64.58
C GLN T 279 136.09 -17.93 63.32
N THR T 280 135.77 -16.70 62.93
CA THR T 280 136.34 -16.11 61.71
C THR T 280 137.42 -15.08 62.00
N LYS T 281 137.51 -14.60 63.25
CA LYS T 281 138.52 -13.63 63.67
C LYS T 281 138.44 -12.34 62.85
N GLN T 282 137.21 -11.90 62.59
CA GLN T 282 136.96 -10.63 61.92
C GLN T 282 136.12 -9.75 62.84
N ALA T 283 136.42 -8.46 62.85
CA ALA T 283 135.76 -7.55 63.77
C ALA T 283 134.28 -7.40 63.43
N LEU T 284 133.48 -7.18 64.47
CA LEU T 284 132.04 -7.03 64.31
C LEU T 284 131.70 -5.57 64.05
N TYR T 285 130.74 -5.33 63.16
CA TYR T 285 130.37 -3.97 62.76
C TYR T 285 128.86 -3.84 62.83
N ASN T 286 128.38 -2.90 63.64
CA ASN T 286 126.95 -2.63 63.76
C ASN T 286 126.61 -1.44 62.85
N GLY T 287 126.64 -1.70 61.55
CA GLY T 287 126.35 -0.67 60.57
C GLY T 287 127.57 0.14 60.18
N ALA T 288 127.72 1.32 60.76
CA ALA T 288 128.86 2.17 60.50
C ALA T 288 129.79 2.34 61.69
N THR T 289 129.40 1.84 62.87
CA THR T 289 130.23 1.93 64.06
C THR T 289 130.52 0.53 64.60
N PRO T 290 131.77 0.21 64.88
CA PRO T 290 132.09 -1.13 65.39
C PRO T 290 131.63 -1.28 66.84
N ILE T 291 131.61 -2.53 67.28
CA ILE T 291 131.18 -2.89 68.63
C ILE T 291 132.40 -2.87 69.54
N SER T 292 132.34 -2.09 70.60
CA SER T 292 133.48 -1.92 71.49
C SER T 292 133.48 -2.99 72.57
N PHE T 293 134.68 -3.39 73.00
CA PHE T 293 134.82 -4.39 74.05
C PHE T 293 134.35 -3.85 75.39
N THR T 294 133.79 -4.74 76.21
CA THR T 294 133.27 -4.37 77.51
C THR T 294 133.61 -5.44 78.53
N ALA T 295 133.59 -5.04 79.80
CA ALA T 295 133.91 -5.95 80.90
C ALA T 295 133.07 -5.55 82.11
N THR T 296 132.91 -6.50 83.04
CA THR T 296 132.07 -6.30 84.21
C THR T 296 132.91 -6.34 85.48
N VAL T 297 132.61 -5.43 86.39
CA VAL T 297 133.31 -5.33 87.67
C VAL T 297 132.78 -6.41 88.60
N THR T 298 133.69 -7.17 89.21
CA THR T 298 133.30 -8.28 90.07
C THR T 298 133.09 -7.83 91.51
N ALA T 299 134.10 -7.17 92.09
CA ALA T 299 134.05 -6.77 93.48
C ALA T 299 134.16 -5.26 93.59
N ASP T 300 133.79 -4.75 94.77
CA ASP T 300 133.81 -3.31 95.02
C ASP T 300 135.24 -2.78 94.98
N ALA T 301 135.36 -1.50 94.60
CA ALA T 301 136.66 -0.87 94.47
C ALA T 301 136.65 0.50 95.14
N ASN T 302 137.84 0.94 95.55
CA ASN T 302 138.03 2.23 96.18
C ASN T 302 139.14 2.99 95.46
N SER T 303 138.91 4.28 95.24
CA SER T 303 139.91 5.13 94.59
C SER T 303 140.75 5.81 95.66
N ASP T 304 142.01 5.38 95.78
CA ASP T 304 142.90 5.96 96.76
C ASP T 304 143.50 7.26 96.26
N SER T 305 144.32 7.89 97.10
CA SER T 305 144.90 9.18 96.77
C SER T 305 145.74 9.09 95.50
N GLY T 306 145.65 10.11 94.67
CA GLY T 306 146.31 10.13 93.38
C GLY T 306 145.44 9.78 92.21
N GLY T 307 144.17 9.46 92.43
CA GLY T 307 143.28 9.09 91.35
C GLY T 307 143.62 7.80 90.65
N ASP T 308 143.99 6.77 91.41
CA ASP T 308 144.34 5.46 90.87
C ASP T 308 143.48 4.40 91.54
N VAL T 309 142.81 3.59 90.73
CA VAL T 309 141.92 2.54 91.23
C VAL T 309 142.27 1.23 90.53
N THR T 310 142.34 0.15 91.31
CA THR T 310 142.65 -1.18 90.80
C THR T 310 141.38 -2.01 90.86
N VAL T 311 141.00 -2.62 89.74
CA VAL T 311 139.73 -3.34 89.64
C VAL T 311 139.94 -4.66 88.89
N THR T 312 139.23 -5.68 89.36
CA THR T 312 139.23 -6.99 88.74
C THR T 312 137.96 -7.14 87.91
N LEU T 313 138.14 -7.41 86.62
CA LEU T 313 137.02 -7.52 85.69
C LEU T 313 136.87 -8.94 85.18
N SER T 314 135.63 -9.31 84.87
CA SER T 314 135.30 -10.60 84.28
C SER T 314 135.13 -10.43 82.77
N GLY T 315 135.65 -11.41 82.03
CA GLY T 315 135.70 -11.31 80.58
C GLY T 315 137.00 -10.66 80.14
N VAL T 316 137.78 -11.37 79.33
CA VAL T 316 139.15 -10.94 79.04
C VAL T 316 139.29 -10.60 77.56
N PRO T 317 139.98 -9.52 77.22
CA PRO T 317 140.29 -9.20 75.81
C PRO T 317 141.57 -9.91 75.38
N ILE T 318 141.45 -11.19 75.06
CA ILE T 318 142.61 -12.03 74.78
C ILE T 318 143.26 -11.58 73.48
N TYR T 319 144.54 -11.21 73.56
CA TYR T 319 145.36 -10.91 72.38
C TYR T 319 146.72 -11.54 72.64
N ASP T 320 146.87 -12.80 72.21
CA ASP T 320 148.09 -13.57 72.44
C ASP T 320 148.90 -13.55 71.15
N THR T 321 150.09 -12.93 71.20
CA THR T 321 150.87 -12.73 69.99
C THR T 321 151.55 -14.01 69.51
N THR T 322 151.76 -14.99 70.39
CA THR T 322 152.42 -16.22 70.00
C THR T 322 151.45 -17.33 69.62
N ASN T 323 150.19 -17.24 70.05
CA ASN T 323 149.14 -18.19 69.66
C ASN T 323 147.94 -17.39 69.14
N PRO T 324 148.00 -16.96 67.88
CA PRO T 324 146.92 -16.12 67.36
C PRO T 324 145.55 -16.80 67.32
N GLN T 325 145.51 -18.14 67.33
CA GLN T 325 144.23 -18.83 67.19
C GLN T 325 143.30 -18.61 68.38
N TYR T 326 143.80 -18.12 69.50
CA TYR T 326 142.98 -17.87 70.68
C TYR T 326 142.57 -16.41 70.82
N ASN T 327 142.88 -15.57 69.82
CA ASN T 327 142.51 -14.16 69.89
C ASN T 327 141.00 -14.01 69.96
N SER T 328 140.56 -13.04 70.77
CA SER T 328 139.13 -12.80 70.93
C SER T 328 138.79 -11.31 70.94
N VAL T 329 139.70 -10.45 70.47
CA VAL T 329 139.47 -9.00 70.49
C VAL T 329 140.37 -8.39 69.44
N SER T 330 139.97 -7.23 68.92
CA SER T 330 140.58 -6.68 67.71
C SER T 330 142.06 -6.37 67.89
N ARG T 331 142.43 -5.75 69.01
CA ARG T 331 143.80 -5.31 69.22
C ARG T 331 144.13 -5.32 70.70
N GLN T 332 145.43 -5.30 70.99
CA GLN T 332 145.88 -5.23 72.37
C GLN T 332 145.61 -3.84 72.94
N VAL T 333 145.29 -3.80 74.24
CA VAL T 333 145.04 -2.53 74.91
C VAL T 333 146.34 -2.04 75.54
N GLU T 334 146.90 -0.98 74.96
CA GLU T 334 148.14 -0.42 75.48
C GLU T 334 147.86 0.60 76.58
N ALA T 335 148.94 1.11 77.17
CA ALA T 335 148.83 2.13 78.20
C ALA T 335 148.29 3.43 77.60
N GLY T 336 147.46 4.12 78.37
CA GLY T 336 146.87 5.37 77.92
C GLY T 336 145.62 5.23 77.08
N ASP T 337 145.09 4.02 76.91
CA ASP T 337 143.87 3.83 76.15
C ASP T 337 142.68 4.43 76.91
N ALA T 338 141.58 4.64 76.19
CA ALA T 338 140.41 5.32 76.73
C ALA T 338 139.33 4.33 77.12
N VAL T 339 138.82 4.49 78.34
CA VAL T 339 137.76 3.66 78.88
C VAL T 339 136.66 4.56 79.41
N SER T 340 135.48 3.98 79.61
CA SER T 340 134.37 4.73 80.17
C SER T 340 133.45 3.78 80.91
N VAL T 341 132.94 4.22 82.05
CA VAL T 341 131.99 3.41 82.81
C VAL T 341 130.59 3.67 82.25
N VAL T 342 129.87 2.60 81.95
CA VAL T 342 128.57 2.72 81.30
C VAL T 342 127.51 3.03 82.34
N GLY T 343 126.80 4.15 82.15
CA GLY T 343 125.70 4.52 83.00
C GLY T 343 125.82 5.94 83.49
N THR T 344 125.27 6.19 84.68
CA THR T 344 125.25 7.53 85.26
C THR T 344 125.84 7.46 86.67
N ALA T 345 125.81 8.57 87.41
CA ALA T 345 126.51 8.68 88.68
C ALA T 345 126.02 7.69 89.74
N SER T 346 124.77 7.83 90.17
CA SER T 346 124.30 7.03 91.29
C SER T 346 122.87 6.52 91.17
N GLN T 347 122.18 6.78 90.05
CA GLN T 347 120.81 6.31 89.92
C GLN T 347 120.77 4.79 89.89
N THR T 348 119.81 4.21 90.59
CA THR T 348 119.68 2.77 90.73
C THR T 348 118.64 2.24 89.73
N MET T 349 118.74 0.96 89.42
CA MET T 349 117.94 0.39 88.35
C MET T 349 117.84 -1.12 88.53
N LYS T 350 116.85 -1.71 87.86
CA LYS T 350 116.70 -3.16 87.82
C LYS T 350 117.12 -3.66 86.45
N PRO T 351 118.20 -4.44 86.35
CA PRO T 351 118.73 -4.81 85.04
C PRO T 351 117.90 -5.89 84.36
N ASN T 352 118.09 -5.99 83.05
CA ASN T 352 117.45 -7.00 82.22
C ASN T 352 118.52 -7.91 81.67
N LEU T 353 118.29 -9.22 81.74
CA LEU T 353 119.34 -10.21 81.52
C LEU T 353 119.07 -11.00 80.25
N PHE T 354 120.07 -11.07 79.37
CA PHE T 354 120.00 -11.93 78.19
C PHE T 354 121.16 -12.90 78.22
N TYR T 355 120.87 -14.18 78.06
CA TYR T 355 121.90 -15.20 78.25
C TYR T 355 121.56 -16.45 77.44
N ASN T 356 122.52 -17.37 77.43
CA ASN T 356 122.37 -18.68 76.79
C ASN T 356 122.15 -19.76 77.83
N LYS T 357 121.80 -20.96 77.35
CA LYS T 357 121.53 -22.08 78.24
C LYS T 357 122.76 -22.49 79.04
N PHE T 358 123.94 -22.53 78.40
CA PHE T 358 125.17 -22.99 79.02
C PHE T 358 126.03 -21.84 79.54
N PHE T 359 125.39 -20.76 80.00
CA PHE T 359 126.13 -19.65 80.61
C PHE T 359 126.44 -19.96 82.07
N CYS T 360 125.41 -20.21 82.87
CA CYS T 360 125.55 -20.59 84.27
C CYS T 360 124.96 -21.96 84.50
N GLY T 361 125.31 -22.54 85.65
CA GLY T 361 124.79 -23.83 86.04
C GLY T 361 124.59 -23.87 87.53
N LEU T 362 123.56 -24.61 87.96
CA LEU T 362 123.15 -24.64 89.35
C LEU T 362 122.95 -26.08 89.78
N GLY T 363 123.32 -26.38 91.03
CA GLY T 363 123.15 -27.70 91.59
C GLY T 363 122.87 -27.61 93.08
N SER T 364 122.43 -28.73 93.65
CA SER T 364 122.12 -28.80 95.07
C SER T 364 122.85 -29.99 95.68
N ILE T 365 123.30 -29.80 96.92
CA ILE T 365 124.11 -30.78 97.63
C ILE T 365 123.26 -31.43 98.70
N PRO T 366 123.07 -32.74 98.68
CA PRO T 366 122.32 -33.40 99.75
C PRO T 366 123.05 -33.34 101.08
N LEU T 367 122.26 -33.33 102.16
CA LEU T 367 122.83 -33.19 103.49
C LEU T 367 122.61 -34.46 104.29
N PRO T 368 123.55 -34.84 105.16
CA PRO T 368 123.38 -36.02 106.00
C PRO T 368 122.65 -35.67 107.30
N LYS T 369 122.08 -36.70 107.90
CA LYS T 369 121.31 -36.56 109.14
C LYS T 369 122.25 -36.46 110.34
N LEU T 370 121.90 -35.57 111.27
CA LEU T 370 122.66 -35.41 112.49
C LEU T 370 122.45 -36.59 113.42
N HIS T 371 123.42 -36.80 114.31
CA HIS T 371 123.42 -37.95 115.21
C HIS T 371 122.40 -37.75 116.33
N SER T 372 121.56 -38.76 116.55
CA SER T 372 120.59 -38.78 117.65
C SER T 372 119.71 -37.54 117.66
N ILE T 373 119.29 -37.08 116.48
CA ILE T 373 118.36 -35.97 116.35
C ILE T 373 117.36 -36.33 115.27
N ASP T 374 116.07 -36.16 115.56
CA ASP T 374 115.03 -36.47 114.59
C ASP T 374 115.07 -35.50 113.42
N SER T 375 114.87 -36.03 112.21
CA SER T 375 114.98 -35.23 111.01
C SER T 375 114.04 -35.75 109.94
N ALA T 376 113.89 -34.96 108.89
CA ALA T 376 113.07 -35.33 107.74
C ALA T 376 113.58 -34.58 106.52
N VAL T 377 113.16 -35.03 105.35
CA VAL T 377 113.56 -34.42 104.09
C VAL T 377 112.30 -34.13 103.28
N ALA T 378 112.26 -32.94 102.67
CA ALA T 378 111.11 -32.51 101.91
C ALA T 378 111.56 -32.01 100.54
N THR T 379 110.61 -31.98 99.60
CA THR T 379 110.88 -31.55 98.23
C THR T 379 110.02 -30.33 97.91
N TYR T 380 110.58 -29.44 97.10
CA TYR T 380 109.88 -28.21 96.72
C TYR T 380 110.53 -27.67 95.45
N GLU T 381 109.76 -27.63 94.36
CA GLU T 381 110.28 -27.28 93.03
C GLU T 381 111.62 -27.96 92.74
N GLY T 382 111.63 -29.27 92.90
CA GLY T 382 112.83 -30.05 92.59
C GLY T 382 114.01 -29.75 93.48
N PHE T 383 113.78 -29.15 94.64
CA PHE T 383 114.82 -28.83 95.60
C PHE T 383 114.59 -29.61 96.88
N SER T 384 115.66 -30.13 97.46
CA SER T 384 115.60 -30.96 98.66
C SER T 384 115.97 -30.12 99.87
N ILE T 385 115.10 -30.10 100.87
CA ILE T 385 115.29 -29.32 102.09
C ILE T 385 115.30 -30.28 103.27
N ARG T 386 116.30 -30.15 104.14
CA ARG T 386 116.44 -31.04 105.29
C ARG T 386 116.02 -30.31 106.55
N VAL T 387 115.11 -30.91 107.31
CA VAL T 387 114.58 -30.30 108.53
C VAL T 387 114.98 -31.15 109.72
N HIS T 388 115.41 -30.47 110.78
CA HIS T 388 115.85 -31.10 112.02
C HIS T 388 114.98 -30.58 113.17
N LYS T 389 114.60 -31.48 114.07
CA LYS T 389 113.75 -31.16 115.21
C LYS T 389 114.44 -31.61 116.49
N TYR T 390 114.58 -30.70 117.45
CA TYR T 390 115.20 -31.04 118.73
C TYR T 390 114.66 -30.08 119.80
N ALA T 391 115.27 -30.11 120.98
CA ALA T 391 114.78 -29.31 122.08
C ALA T 391 115.84 -29.18 123.16
N ASP T 392 115.84 -28.02 123.82
CA ASP T 392 116.62 -27.79 125.02
C ASP T 392 115.75 -28.10 126.23
N GLY T 393 116.09 -29.16 126.95
CA GLY T 393 115.28 -29.63 128.06
C GLY T 393 115.24 -28.73 129.27
N ASP T 394 116.41 -28.27 129.72
CA ASP T 394 116.45 -27.44 130.92
C ASP T 394 115.71 -26.14 130.73
N ALA T 395 115.90 -25.49 129.58
CA ALA T 395 115.13 -24.30 129.25
C ALA T 395 113.71 -24.62 128.82
N ASN T 396 113.41 -25.90 128.57
CA ASN T 396 112.06 -26.34 128.20
C ASN T 396 111.58 -25.63 126.94
N VAL T 397 112.38 -25.76 125.88
CA VAL T 397 112.12 -25.07 124.62
C VAL T 397 112.31 -26.04 123.47
N GLN T 398 111.42 -25.98 122.49
CA GLN T 398 111.52 -26.80 121.29
C GLN T 398 112.06 -25.96 120.14
N LYS T 399 112.79 -26.61 119.22
CA LYS T 399 113.44 -25.92 118.13
C LYS T 399 113.42 -26.78 116.88
N MET T 400 113.32 -26.09 115.73
CA MET T 400 113.37 -26.72 114.42
C MET T 400 114.29 -25.90 113.53
N ARG T 401 114.87 -26.55 112.52
CA ARG T 401 115.71 -25.84 111.58
C ARG T 401 115.60 -26.47 110.19
N PHE T 402 115.79 -25.63 109.16
CA PHE T 402 115.70 -26.02 107.77
C PHE T 402 117.01 -25.68 107.07
N ASP T 403 117.49 -26.60 106.23
CA ASP T 403 118.80 -26.43 105.58
C ASP T 403 118.72 -26.83 104.12
N LEU T 404 119.53 -26.15 103.31
CA LEU T 404 119.67 -26.43 101.88
C LEU T 404 121.03 -25.91 101.42
N LEU T 405 121.72 -26.69 100.58
CA LEU T 405 123.04 -26.32 100.07
C LEU T 405 122.99 -26.10 98.56
N PRO T 406 123.20 -24.89 98.08
CA PRO T 406 123.31 -24.65 96.65
C PRO T 406 124.76 -24.67 96.17
N ALA T 407 124.91 -24.64 94.85
CA ALA T 407 126.23 -24.57 94.22
C ALA T 407 126.07 -23.97 92.83
N TYR T 408 126.88 -22.94 92.53
CA TYR T 408 126.82 -22.23 91.27
C TYR T 408 128.10 -22.46 90.48
N VAL T 409 127.98 -22.32 89.15
CA VAL T 409 129.14 -22.37 88.27
C VAL T 409 128.88 -21.46 87.08
N CYS T 410 129.93 -20.80 86.60
CA CYS T 410 129.87 -19.97 85.41
C CYS T 410 130.75 -20.59 84.34
N PHE T 411 130.14 -21.21 83.32
CA PHE T 411 130.91 -21.94 82.33
C PHE T 411 131.69 -21.00 81.42
N ASN T 412 131.05 -19.95 80.93
CA ASN T 412 131.69 -19.04 79.99
C ASN T 412 131.03 -17.67 80.07
N PRO T 413 131.76 -16.63 80.50
CA PRO T 413 131.15 -15.30 80.63
C PRO T 413 130.75 -14.66 79.32
N HIS T 414 131.14 -15.23 78.18
CA HIS T 414 130.87 -14.62 76.87
C HIS T 414 129.54 -15.08 76.28
N MET T 415 128.66 -15.69 77.07
CA MET T 415 127.37 -16.14 76.56
C MET T 415 126.23 -15.59 77.40
N GLY T 416 126.37 -14.35 77.89
CA GLY T 416 125.33 -13.74 78.69
C GLY T 416 125.75 -12.36 79.15
N GLY T 417 124.77 -11.61 79.65
CA GLY T 417 125.03 -10.28 80.13
C GLY T 417 123.74 -9.51 80.35
N GLN T 418 123.89 -8.20 80.49
CA GLN T 418 122.77 -7.30 80.73
C GLN T 418 122.53 -6.43 79.51
N PHE T 419 121.27 -6.17 79.20
CA PHE T 419 120.90 -5.36 78.05
C PHE T 419 119.87 -4.32 78.45
N PHE T 420 120.05 -3.11 77.95
CA PHE T 420 119.11 -2.02 78.18
C PHE T 420 118.76 -1.35 76.86
N GLY T 421 117.74 -0.49 76.86
CA GLY T 421 117.36 0.24 75.67
C GLY T 421 118.40 1.29 75.31
N ASN T 422 118.33 1.73 74.05
CA ASN T 422 119.29 2.70 73.56
C ASN T 422 118.58 3.83 72.83
N PRO T 423 119.12 5.06 72.90
CA PRO T 423 118.52 6.23 72.25
C PRO T 423 118.65 6.20 70.73
N PRO U 2 -100.56 7.27 106.37
CA PRO U 2 -101.58 7.00 107.39
C PRO U 2 -101.46 5.59 107.96
N ASN U 3 -100.64 4.75 107.33
CA ASN U 3 -100.44 3.40 107.81
C ASN U 3 -99.71 3.41 109.14
N ASN U 4 -100.06 2.45 110.00
CA ASN U 4 -99.45 2.32 111.33
C ASN U 4 -99.20 0.84 111.59
N LEU U 5 -98.00 0.38 111.23
CA LEU U 5 -97.61 -1.01 111.41
C LEU U 5 -96.59 -1.19 112.52
N ASP U 6 -96.52 -0.26 113.48
CA ASP U 6 -95.53 -0.31 114.54
C ASP U 6 -95.74 -1.48 115.50
N SER U 7 -96.92 -2.07 115.54
CA SER U 7 -97.21 -3.18 116.44
C SER U 7 -97.01 -4.54 115.79
N ASN U 8 -96.55 -4.59 114.54
CA ASN U 8 -96.25 -5.85 113.87
C ASN U 8 -94.81 -6.28 114.05
N VAL U 9 -93.97 -5.44 114.65
CA VAL U 9 -92.55 -5.76 114.81
C VAL U 9 -92.22 -5.79 116.30
N SER U 10 -90.97 -6.11 116.62
CA SER U 10 -90.52 -6.19 118.01
C SER U 10 -89.18 -5.49 118.16
N GLN U 11 -88.93 -5.01 119.36
CA GLN U 11 -87.65 -4.38 119.69
C GLN U 11 -86.69 -5.44 120.20
N ILE U 12 -85.64 -5.70 119.43
CA ILE U 12 -84.76 -6.84 119.67
C ILE U 12 -83.41 -6.31 120.13
N VAL U 13 -82.90 -6.88 121.21
CA VAL U 13 -81.56 -6.60 121.72
C VAL U 13 -80.72 -7.86 121.48
N LEU U 14 -79.74 -7.75 120.59
CA LEU U 14 -78.92 -8.91 120.24
C LEU U 14 -78.00 -9.29 121.39
N LYS U 15 -77.56 -10.54 121.37
CA LYS U 15 -76.71 -11.08 122.44
C LYS U 15 -75.24 -10.98 122.05
N LYS U 16 -74.81 -9.74 121.81
CA LYS U 16 -73.41 -9.46 121.49
C LYS U 16 -72.92 -8.32 122.36
N PHE U 17 -71.68 -8.44 122.83
CA PHE U 17 -71.07 -7.45 123.71
C PHE U 17 -70.00 -6.68 122.96
N LEU U 18 -70.06 -5.36 123.06
CA LEU U 18 -69.06 -4.52 122.45
C LEU U 18 -67.75 -4.60 123.23
N PRO U 19 -66.62 -4.34 122.57
CA PRO U 19 -65.34 -4.36 123.29
C PRO U 19 -65.23 -3.21 124.27
N GLY U 20 -64.42 -3.43 125.31
CA GLY U 20 -64.23 -2.44 126.35
C GLY U 20 -62.82 -1.89 126.41
N PHE U 21 -62.31 -1.70 127.63
CA PHE U 21 -60.97 -1.17 127.85
C PHE U 21 -60.19 -2.10 128.76
N MET U 22 -58.86 -2.02 128.67
CA MET U 22 -57.99 -2.88 129.45
C MET U 22 -56.65 -2.19 129.64
N SER U 23 -55.97 -2.55 130.73
CA SER U 23 -54.66 -1.99 131.06
C SER U 23 -53.65 -3.13 131.21
N ASP U 24 -52.40 -2.84 130.86
CA ASP U 24 -51.36 -3.85 130.83
C ASP U 24 -50.71 -4.03 132.19
N LEU U 25 -50.02 -5.16 132.36
CA LEU U 25 -49.36 -5.53 133.61
C LEU U 25 -47.90 -5.84 133.31
N VAL U 26 -46.99 -5.02 133.84
CA VAL U 26 -45.57 -5.32 133.75
C VAL U 26 -44.92 -5.46 135.13
N LEU U 27 -45.40 -4.76 136.15
CA LEU U 27 -44.73 -4.78 137.45
C LEU U 27 -44.91 -6.11 138.15
N ALA U 28 -46.13 -6.66 138.12
CA ALA U 28 -46.39 -7.91 138.81
C ALA U 28 -45.57 -9.05 138.22
N LYS U 29 -45.28 -8.97 136.92
CA LYS U 29 -44.44 -9.99 136.29
C LYS U 29 -42.96 -9.72 136.53
N THR U 30 -42.55 -8.45 136.58
CA THR U 30 -41.13 -8.13 136.72
C THR U 30 -40.63 -8.38 138.14
N VAL U 31 -41.43 -8.01 139.14
CA VAL U 31 -40.96 -8.07 140.52
C VAL U 31 -40.75 -9.53 140.93
N ASP U 32 -39.88 -9.73 141.92
CA ASP U 32 -39.58 -11.07 142.41
C ASP U 32 -40.82 -11.66 143.08
N ARG U 33 -41.01 -12.97 142.89
CA ARG U 33 -42.15 -13.66 143.47
C ARG U 33 -41.79 -15.00 144.11
N GLN U 34 -40.59 -15.52 143.89
CA GLN U 34 -40.20 -16.82 144.43
C GLN U 34 -39.87 -16.76 145.92
N LEU U 35 -39.30 -15.65 146.38
CA LEU U 35 -38.72 -15.62 147.72
C LEU U 35 -39.79 -15.75 148.80
N LEU U 36 -40.86 -14.97 148.71
CA LEU U 36 -41.88 -14.95 149.75
C LEU U 36 -42.97 -15.99 149.53
N ALA U 37 -43.06 -16.57 148.34
CA ALA U 37 -44.15 -17.51 148.05
C ALA U 37 -44.05 -18.74 148.94
N GLY U 38 -45.13 -19.04 149.65
CA GLY U 38 -45.20 -20.20 150.52
C GLY U 38 -44.58 -20.02 151.89
N GLU U 39 -44.00 -18.85 152.18
CA GLU U 39 -43.33 -18.66 153.45
C GLU U 39 -44.34 -18.48 154.59
N ILE U 40 -45.38 -17.70 154.36
CA ILE U 40 -46.39 -17.45 155.39
C ILE U 40 -47.39 -18.57 155.39
N ASN U 41 -47.63 -19.17 156.55
CA ASN U 41 -48.59 -20.25 156.69
C ASN U 41 -49.24 -20.17 158.05
N SER U 42 -49.91 -21.26 158.45
CA SER U 42 -50.69 -21.27 159.68
C SER U 42 -49.83 -21.16 160.93
N SER U 43 -48.53 -21.38 160.83
CA SER U 43 -47.66 -21.43 162.00
C SER U 43 -46.63 -20.30 162.05
N THR U 44 -46.72 -19.31 161.16
CA THR U 44 -45.74 -18.24 161.10
C THR U 44 -46.34 -16.85 161.30
N GLY U 45 -47.54 -16.75 161.83
CA GLY U 45 -48.14 -15.44 162.04
C GLY U 45 -48.46 -14.78 160.71
N ASP U 46 -48.35 -13.45 160.68
CA ASP U 46 -48.69 -12.66 159.50
C ASP U 46 -47.49 -11.86 158.99
N SER U 47 -46.29 -12.24 159.42
CA SER U 47 -45.07 -11.56 159.00
C SER U 47 -43.91 -12.54 159.11
N VAL U 48 -42.90 -12.34 158.26
CA VAL U 48 -41.73 -13.21 158.23
C VAL U 48 -40.53 -12.39 157.78
N SER U 49 -39.34 -12.77 158.26
CA SER U 49 -38.16 -11.95 158.07
C SER U 49 -37.01 -12.77 157.50
N PHE U 50 -36.09 -12.07 156.83
CA PHE U 50 -34.88 -12.65 156.28
C PHE U 50 -33.67 -11.90 156.80
N LYS U 51 -32.51 -12.57 156.78
CA LYS U 51 -31.28 -12.01 157.30
C LYS U 51 -30.63 -11.05 156.31
N ARG U 52 -29.71 -10.23 156.81
CA ARG U 52 -28.95 -9.28 156.00
C ARG U 52 -27.50 -9.75 155.85
N PRO U 53 -26.84 -9.38 154.76
CA PRO U 53 -25.43 -9.74 154.59
C PRO U 53 -24.55 -8.99 155.58
N HIS U 54 -23.43 -9.62 155.92
CA HIS U 54 -22.49 -9.06 156.88
C HIS U 54 -21.40 -8.26 156.15
N GLN U 55 -20.71 -7.41 156.90
CA GLN U 55 -19.64 -6.58 156.36
C GLN U 55 -18.50 -6.54 157.36
N PHE U 56 -17.30 -6.23 156.86
CA PHE U 56 -16.10 -6.24 157.69
C PHE U 56 -15.17 -5.12 157.24
N SER U 57 -14.30 -4.71 158.17
CA SER U 57 -13.28 -3.72 157.90
C SER U 57 -11.95 -4.24 158.42
N SER U 58 -10.87 -3.85 157.76
CA SER U 58 -9.54 -4.36 158.06
C SER U 58 -8.67 -3.25 158.64
N LEU U 59 -7.47 -3.64 159.06
CA LEU U 59 -6.48 -2.73 159.63
C LEU U 59 -5.15 -2.89 158.90
N ARG U 60 -4.50 -1.76 158.66
CA ARG U 60 -3.21 -1.72 158.00
C ARG U 60 -2.14 -1.32 159.01
N THR U 61 -1.22 -2.24 159.30
CA THR U 61 -0.19 -2.03 160.31
C THR U 61 1.16 -2.44 159.74
N PRO U 62 2.25 -1.81 160.17
CA PRO U 62 3.58 -2.17 159.64
C PRO U 62 3.99 -3.59 159.95
N THR U 63 3.62 -4.14 161.11
CA THR U 63 4.08 -5.45 161.52
C THR U 63 2.97 -6.30 162.14
N GLY U 64 1.71 -6.03 161.80
CA GLY U 64 0.62 -6.84 162.30
C GLY U 64 0.42 -6.78 163.79
N ASP U 65 0.44 -5.57 164.36
CA ASP U 65 0.30 -5.37 165.79
C ASP U 65 -1.13 -4.98 166.09
N ILE U 66 -1.85 -5.86 166.80
CA ILE U 66 -3.25 -5.63 167.16
C ILE U 66 -3.35 -5.67 168.68
N SER U 67 -2.29 -5.25 169.37
CA SER U 67 -2.29 -5.33 170.83
C SER U 67 -3.34 -4.39 171.43
N GLY U 68 -3.48 -3.19 170.88
CA GLY U 68 -4.41 -2.22 171.44
C GLY U 68 -5.58 -1.88 170.53
N GLN U 69 -5.57 -2.42 169.32
CA GLN U 69 -6.60 -2.09 168.35
C GLN U 69 -7.93 -2.73 168.76
N ASN U 70 -9.00 -2.21 168.16
CA ASN U 70 -10.35 -2.73 168.36
C ASN U 70 -10.78 -3.54 167.13
N LYS U 71 -11.25 -4.76 167.38
CA LYS U 71 -11.53 -5.70 166.30
C LYS U 71 -12.97 -5.52 165.80
N ASN U 72 -13.30 -6.29 164.75
CA ASN U 72 -14.61 -6.21 164.15
C ASN U 72 -15.65 -6.92 165.01
N ASN U 73 -16.84 -6.36 165.09
CA ASN U 73 -17.94 -6.96 165.84
C ASN U 73 -18.81 -7.80 164.90
N LEU U 74 -19.78 -8.50 165.51
CA LEU U 74 -20.75 -9.30 164.78
C LEU U 74 -22.13 -8.70 165.05
N ILE U 75 -22.70 -8.04 164.04
CA ILE U 75 -24.02 -7.43 164.14
C ILE U 75 -24.89 -8.00 163.02
N SER U 76 -26.06 -8.52 163.38
CA SER U 76 -26.96 -9.14 162.43
C SER U 76 -28.26 -8.35 162.36
N GLY U 77 -28.72 -8.08 161.13
CA GLY U 77 -29.95 -7.37 160.92
C GLY U 77 -30.90 -8.18 160.05
N LYS U 78 -32.17 -7.77 160.06
CA LYS U 78 -33.19 -8.51 159.34
C LYS U 78 -34.12 -7.53 158.63
N ALA U 79 -34.71 -8.02 157.54
CA ALA U 79 -35.74 -7.30 156.80
C ALA U 79 -37.01 -8.15 156.78
N THR U 80 -38.14 -7.51 157.10
CA THR U 80 -39.38 -8.23 157.36
C THR U 80 -40.44 -7.87 156.32
N GLY U 81 -41.35 -8.81 156.07
CA GLY U 81 -42.48 -8.59 155.20
C GLY U 81 -43.75 -9.15 155.80
N ARG U 82 -44.86 -8.43 155.63
CA ARG U 82 -46.12 -8.74 156.31
C ARG U 82 -47.22 -8.95 155.30
N VAL U 83 -48.37 -9.41 155.80
CA VAL U 83 -49.57 -9.57 154.98
C VAL U 83 -50.26 -8.21 154.84
N GLY U 84 -51.22 -8.12 153.93
CA GLY U 84 -51.93 -6.88 153.69
C GLY U 84 -53.44 -7.00 153.78
N ASN U 85 -54.16 -6.02 153.24
CA ASN U 85 -55.61 -6.03 153.29
C ASN U 85 -56.19 -6.92 152.19
N TYR U 86 -57.49 -7.19 152.30
CA TYR U 86 -58.16 -8.01 151.31
C TYR U 86 -58.45 -7.22 150.05
N ILE U 87 -58.86 -7.94 149.00
CA ILE U 87 -59.40 -7.35 147.78
C ILE U 87 -60.62 -8.19 147.41
N THR U 88 -61.81 -7.67 147.71
CA THR U 88 -63.03 -8.46 147.56
C THR U 88 -64.07 -7.66 146.79
N VAL U 89 -64.88 -8.38 146.02
CA VAL U 89 -65.98 -7.80 145.25
C VAL U 89 -67.18 -8.73 145.34
N ALA U 90 -68.37 -8.16 145.54
CA ALA U 90 -69.57 -8.95 145.71
C ALA U 90 -70.72 -8.34 144.92
N VAL U 91 -71.63 -9.21 144.47
CA VAL U 91 -72.84 -8.81 143.75
C VAL U 91 -74.01 -9.58 144.31
N GLU U 92 -75.22 -9.07 144.04
CA GLU U 92 -76.43 -9.72 144.52
C GLU U 92 -77.57 -9.45 143.54
N TYR U 93 -78.45 -10.43 143.42
CA TYR U 93 -79.59 -10.35 142.52
C TYR U 93 -80.68 -11.27 143.05
N GLN U 94 -81.89 -11.09 142.54
CA GLN U 94 -83.05 -11.77 143.07
C GLN U 94 -83.43 -12.99 142.23
N GLN U 95 -84.28 -13.83 142.83
CA GLN U 95 -84.66 -15.08 142.20
C GLN U 95 -85.47 -14.85 140.93
N LEU U 96 -86.49 -13.98 140.99
CA LEU U 96 -87.25 -13.69 139.77
C LEU U 96 -86.40 -12.95 138.75
N GLU U 97 -85.45 -12.13 139.22
CA GLU U 97 -84.54 -11.47 138.30
C GLU U 97 -83.72 -12.47 137.51
N GLU U 98 -83.15 -13.47 138.18
CA GLU U 98 -82.39 -14.48 137.45
C GLU U 98 -83.31 -15.41 136.69
N ALA U 99 -84.60 -15.45 137.05
CA ALA U 99 -85.55 -16.29 136.32
C ALA U 99 -85.90 -15.69 134.96
N ILE U 100 -86.18 -14.38 134.92
CA ILE U 100 -86.71 -13.75 133.71
C ILE U 100 -85.70 -12.81 133.07
N LYS U 101 -85.13 -11.89 133.85
CA LYS U 101 -84.32 -10.81 133.28
C LYS U 101 -82.88 -11.22 133.01
N LEU U 102 -82.26 -11.92 133.95
CA LEU U 102 -80.84 -12.23 133.82
C LEU U 102 -80.60 -13.33 132.80
N ASN U 103 -79.64 -13.09 131.91
CA ASN U 103 -79.17 -14.10 130.96
C ASN U 103 -77.71 -13.79 130.65
N GLN U 104 -77.02 -14.80 130.13
CA GLN U 104 -75.58 -14.69 129.83
C GLN U 104 -74.79 -14.29 131.08
N LEU U 105 -75.04 -15.02 132.17
CA LEU U 105 -74.43 -14.66 133.45
C LEU U 105 -72.91 -14.77 133.41
N GLU U 106 -72.37 -15.78 132.72
CA GLU U 106 -70.92 -15.92 132.64
C GLU U 106 -70.28 -14.72 131.94
N GLU U 107 -70.85 -14.32 130.80
CA GLU U 107 -70.38 -13.14 130.09
C GLU U 107 -70.56 -11.86 130.88
N ILE U 108 -71.60 -11.78 131.71
CA ILE U 108 -71.78 -10.60 132.57
C ILE U 108 -70.72 -10.56 133.66
N LEU U 109 -70.42 -11.71 134.26
CA LEU U 109 -69.56 -11.78 135.44
C LEU U 109 -68.10 -12.08 135.13
N ALA U 110 -67.72 -12.12 133.85
CA ALA U 110 -66.32 -12.37 133.50
C ALA U 110 -65.31 -11.40 134.12
N PRO U 111 -65.49 -10.07 134.07
CA PRO U 111 -64.35 -9.17 134.38
C PRO U 111 -64.00 -9.00 135.85
N VAL U 112 -64.57 -9.82 136.74
CA VAL U 112 -64.26 -9.68 138.16
C VAL U 112 -62.79 -10.01 138.43
N ARG U 113 -62.28 -11.05 137.78
CA ARG U 113 -60.88 -11.41 137.96
C ARG U 113 -59.96 -10.30 137.46
N GLN U 114 -60.32 -9.69 136.33
CA GLN U 114 -59.54 -8.55 135.84
C GLN U 114 -59.55 -7.40 136.83
N ARG U 115 -60.71 -7.11 137.42
CA ARG U 115 -60.76 -6.05 138.44
C ARG U 115 -59.85 -6.38 139.62
N ILE U 116 -59.88 -7.62 140.09
CA ILE U 116 -59.08 -8.00 141.24
C ILE U 116 -57.59 -7.82 140.93
N VAL U 117 -57.16 -8.33 139.78
CA VAL U 117 -55.74 -8.29 139.45
C VAL U 117 -55.29 -6.85 139.20
N THR U 118 -56.15 -6.04 138.58
CA THR U 118 -55.80 -4.64 138.37
C THR U 118 -55.64 -3.89 139.68
N ASP U 119 -56.53 -4.14 140.64
CA ASP U 119 -56.40 -3.50 141.94
C ASP U 119 -55.13 -3.94 142.64
N LEU U 120 -54.79 -5.23 142.55
CA LEU U 120 -53.53 -5.70 143.12
C LEU U 120 -52.34 -4.99 142.48
N GLU U 121 -52.36 -4.84 141.16
CA GLU U 121 -51.25 -4.17 140.46
C GLU U 121 -51.13 -2.72 140.90
N THR U 122 -52.25 -2.01 141.04
CA THR U 122 -52.19 -0.63 141.47
C THR U 122 -51.65 -0.51 142.90
N GLU U 123 -52.08 -1.41 143.79
CA GLU U 123 -51.57 -1.39 145.15
C GLU U 123 -50.06 -1.65 145.17
N LEU U 124 -49.60 -2.60 144.37
CA LEU U 124 -48.16 -2.87 144.30
C LEU U 124 -47.39 -1.66 143.79
N ALA U 125 -47.94 -0.97 142.78
CA ALA U 125 -47.29 0.22 142.27
C ALA U 125 -47.17 1.30 143.34
N HIS U 126 -48.24 1.53 144.10
CA HIS U 126 -48.17 2.50 145.19
C HIS U 126 -47.15 2.08 146.24
N PHE U 127 -47.11 0.80 146.59
CA PHE U 127 -46.17 0.34 147.61
C PHE U 127 -44.73 0.56 147.17
N MET U 128 -44.42 0.21 145.92
CA MET U 128 -43.07 0.41 145.41
C MET U 128 -42.71 1.89 145.37
N MET U 129 -43.65 2.73 144.93
CA MET U 129 -43.39 4.16 144.88
C MET U 129 -43.11 4.73 146.26
N ASN U 130 -43.87 4.29 147.27
CA ASN U 130 -43.64 4.77 148.61
C ASN U 130 -42.30 4.32 149.17
N ASN U 131 -41.93 3.05 148.94
CA ASN U 131 -40.75 2.49 149.58
C ASN U 131 -39.46 2.68 148.80
N GLY U 132 -39.51 3.20 147.57
CA GLY U 132 -38.29 3.51 146.86
C GLY U 132 -37.51 4.63 147.51
N ALA U 133 -36.18 4.61 147.34
CA ALA U 133 -35.32 5.57 148.01
C ALA U 133 -34.41 6.36 147.11
N LEU U 134 -34.01 5.82 145.96
CA LEU U 134 -33.10 6.54 145.07
C LEU U 134 -33.85 7.64 144.32
N SER U 135 -33.10 8.47 143.61
CA SER U 135 -33.69 9.56 142.84
C SER U 135 -32.70 10.01 141.77
N LEU U 136 -33.23 10.38 140.60
CA LEU U 136 -32.41 10.88 139.51
C LEU U 136 -33.24 11.89 138.72
N GLY U 137 -32.81 13.15 138.74
CA GLY U 137 -33.51 14.19 138.00
C GLY U 137 -34.65 14.80 138.81
N SER U 138 -35.22 15.87 138.24
CA SER U 138 -36.29 16.61 138.88
C SER U 138 -37.61 16.42 138.12
N PRO U 139 -38.75 16.44 138.83
CA PRO U 139 -40.04 16.28 138.15
C PRO U 139 -40.45 17.46 137.30
N ASN U 140 -39.62 18.50 137.17
CA ASN U 140 -39.94 19.67 136.36
C ASN U 140 -39.34 19.57 134.96
N THR U 141 -38.91 18.38 134.56
CA THR U 141 -38.30 18.18 133.25
C THR U 141 -38.65 16.78 132.76
N PRO U 142 -39.53 16.67 131.77
CA PRO U 142 -39.90 15.34 131.26
C PRO U 142 -38.73 14.64 130.58
N ILE U 143 -38.81 13.32 130.53
CA ILE U 143 -37.76 12.53 129.91
C ILE U 143 -37.78 12.76 128.41
N THR U 144 -36.65 13.26 127.88
CA THR U 144 -36.55 13.54 126.45
C THR U 144 -35.26 13.03 125.80
N LYS U 145 -34.22 12.70 126.57
CA LYS U 145 -32.92 12.37 126.02
C LYS U 145 -32.55 10.92 126.31
N TRP U 146 -31.39 10.51 125.81
CA TRP U 146 -30.84 9.19 126.04
C TRP U 146 -30.12 9.09 127.38
N SER U 147 -29.44 10.16 127.79
CA SER U 147 -28.77 10.15 129.09
C SER U 147 -29.78 10.04 130.23
N ASP U 148 -30.99 10.57 130.04
CA ASP U 148 -32.02 10.49 131.07
C ASP U 148 -32.41 9.05 131.40
N VAL U 149 -32.12 8.11 130.51
CA VAL U 149 -32.33 6.70 130.78
C VAL U 149 -31.03 6.01 131.15
N ALA U 150 -29.92 6.36 130.48
CA ALA U 150 -28.64 5.74 130.79
C ALA U 150 -28.19 6.01 132.22
N GLN U 151 -28.65 7.12 132.81
CA GLN U 151 -28.21 7.48 134.15
C GLN U 151 -28.64 6.47 135.19
N THR U 152 -29.78 5.80 134.99
CA THR U 152 -30.22 4.80 135.94
C THR U 152 -29.23 3.64 136.03
N ALA U 153 -28.86 3.09 134.87
CA ALA U 153 -27.88 2.02 134.85
C ALA U 153 -26.54 2.49 135.38
N SER U 154 -26.13 3.72 135.03
CA SER U 154 -24.86 4.24 135.53
C SER U 154 -24.85 4.33 137.05
N PHE U 155 -25.93 4.85 137.64
CA PHE U 155 -25.99 5.00 139.09
C PHE U 155 -26.03 3.65 139.79
N LEU U 156 -26.80 2.70 139.25
CA LEU U 156 -26.83 1.37 139.85
C LEU U 156 -25.46 0.70 139.79
N LYS U 157 -24.77 0.83 138.66
CA LYS U 157 -23.44 0.24 138.54
C LYS U 157 -22.45 0.90 139.49
N ASP U 158 -22.55 2.23 139.65
CA ASP U 158 -21.65 2.92 140.57
C ASP U 158 -21.92 2.56 142.02
N LEU U 159 -23.19 2.42 142.41
CA LEU U 159 -23.49 1.94 143.76
C LEU U 159 -22.97 0.53 143.98
N GLY U 160 -23.14 -0.34 142.98
CA GLY U 160 -22.49 -1.64 143.04
C GLY U 160 -23.43 -2.83 143.14
N VAL U 161 -24.64 -2.70 142.61
CA VAL U 161 -25.54 -3.85 142.54
C VAL U 161 -25.00 -4.83 141.50
N ASN U 162 -25.12 -6.13 141.80
CA ASN U 162 -24.50 -7.15 140.97
C ASN U 162 -25.46 -8.24 140.52
N GLU U 163 -26.37 -8.71 141.38
CA GLU U 163 -27.25 -9.82 141.06
C GLU U 163 -28.58 -9.30 140.57
N GLY U 164 -29.19 -10.05 139.65
CA GLY U 164 -30.47 -9.69 139.10
C GLY U 164 -30.37 -8.74 137.92
N GLU U 165 -31.52 -8.47 137.31
CA GLU U 165 -31.62 -7.59 136.17
C GLU U 165 -32.16 -6.23 136.60
N ASN U 166 -31.66 -5.18 135.93
CA ASN U 166 -32.03 -3.81 136.24
C ASN U 166 -33.16 -3.38 135.31
N TYR U 167 -34.28 -2.99 135.88
CA TYR U 167 -35.48 -2.68 135.11
C TYR U 167 -35.88 -1.21 135.27
N ALA U 168 -36.44 -0.66 134.21
CA ALA U 168 -37.01 0.68 134.19
C ALA U 168 -38.41 0.62 133.59
N VAL U 169 -39.34 1.33 134.20
CA VAL U 169 -40.74 1.36 133.78
C VAL U 169 -41.16 2.82 133.65
N MET U 170 -41.76 3.15 132.52
CA MET U 170 -42.15 4.51 132.19
C MET U 170 -43.46 4.49 131.41
N ASP U 171 -43.99 5.68 131.14
CA ASP U 171 -45.32 5.85 130.57
C ASP U 171 -45.26 6.05 129.06
N PRO U 172 -46.39 5.84 128.36
CA PRO U 172 -46.37 5.91 126.89
C PRO U 172 -45.91 7.24 126.34
N TRP U 173 -46.19 8.35 127.02
CA TRP U 173 -45.73 9.64 126.52
C TRP U 173 -44.21 9.74 126.52
N SER U 174 -43.57 9.28 127.59
CA SER U 174 -42.11 9.25 127.62
C SER U 174 -41.57 8.26 126.59
N ALA U 175 -42.27 7.15 126.37
CA ALA U 175 -41.84 6.21 125.33
C ALA U 175 -41.89 6.87 123.96
N GLN U 176 -42.95 7.62 123.68
CA GLN U 176 -43.04 8.32 122.40
C GLN U 176 -41.94 9.37 122.27
N ARG U 177 -41.65 10.09 123.36
CA ARG U 177 -40.58 11.09 123.30
C ARG U 177 -39.23 10.43 123.05
N LEU U 178 -38.98 9.28 123.68
CA LEU U 178 -37.73 8.56 123.44
C LEU U 178 -37.66 8.09 121.99
N ALA U 179 -38.77 7.60 121.44
CA ALA U 179 -38.77 7.19 120.03
C ALA U 179 -38.52 8.38 119.11
N ASP U 180 -39.09 9.54 119.43
CA ASP U 180 -38.86 10.74 118.64
C ASP U 180 -37.41 11.17 118.70
N ALA U 181 -36.77 11.02 119.87
CA ALA U 181 -35.34 11.28 119.95
C ALA U 181 -34.54 10.28 119.12
N GLN U 182 -34.97 9.01 119.15
CA GLN U 182 -34.24 7.96 118.44
C GLN U 182 -34.32 8.17 116.93
N THR U 183 -35.44 8.67 116.43
CA THR U 183 -35.59 8.82 114.98
C THR U 183 -34.64 9.86 114.40
N GLY U 184 -33.97 10.62 115.25
CA GLY U 184 -32.96 11.58 114.84
C GLY U 184 -31.55 11.02 114.75
N LEU U 185 -31.40 9.70 114.74
CA LEU U 185 -30.08 9.09 114.64
C LEU U 185 -29.47 9.35 113.26
N HIS U 186 -28.24 8.86 113.07
CA HIS U 186 -27.47 9.21 111.89
C HIS U 186 -27.01 8.03 111.04
N ALA U 187 -26.85 6.84 111.61
CA ALA U 187 -26.18 5.77 110.88
C ALA U 187 -27.03 4.51 110.72
N SER U 188 -27.77 4.11 111.74
CA SER U 188 -28.46 2.82 111.72
C SER U 188 -29.80 2.96 111.00
N ASP U 189 -29.85 2.50 109.74
CA ASP U 189 -31.06 2.65 108.93
C ASP U 189 -32.23 1.86 109.51
N GLN U 190 -31.98 0.61 109.93
CA GLN U 190 -33.05 -0.19 110.51
C GLN U 190 -33.52 0.40 111.83
N LEU U 191 -32.58 0.83 112.67
CA LEU U 191 -32.91 1.37 113.98
C LEU U 191 -33.63 2.71 113.88
N VAL U 192 -33.48 3.43 112.77
CA VAL U 192 -34.25 4.66 112.59
C VAL U 192 -35.58 4.38 111.89
N ARG U 193 -35.63 3.42 110.96
CA ARG U 193 -36.88 3.11 110.28
C ARG U 193 -37.89 2.50 111.25
N THR U 194 -37.43 1.65 112.18
CA THR U 194 -38.33 1.07 113.15
C THR U 194 -39.01 2.15 113.99
N ALA U 195 -38.23 3.14 114.44
CA ALA U 195 -38.80 4.24 115.21
C ALA U 195 -39.71 5.11 114.35
N TRP U 196 -39.33 5.37 113.10
CA TRP U 196 -40.12 6.25 112.26
C TRP U 196 -41.45 5.62 111.88
N GLU U 197 -41.51 4.29 111.79
CA GLU U 197 -42.74 3.63 111.37
C GLU U 197 -43.58 3.19 112.56
N ASN U 198 -43.03 2.35 113.43
CA ASN U 198 -43.80 1.75 114.51
C ASN U 198 -43.65 2.47 115.84
N ALA U 199 -42.72 3.42 115.95
CA ALA U 199 -42.47 4.14 117.20
C ALA U 199 -42.16 3.19 118.35
N GLN U 200 -41.26 2.25 118.09
CA GLN U 200 -40.85 1.25 119.07
C GLN U 200 -39.39 1.48 119.44
N ILE U 201 -39.10 1.39 120.73
CA ILE U 201 -37.72 1.45 121.22
C ILE U 201 -37.23 0.01 121.41
N PRO U 202 -35.94 -0.24 121.32
CA PRO U 202 -35.44 -1.61 121.51
C PRO U 202 -35.64 -2.08 122.94
N THR U 203 -35.58 -3.41 123.11
CA THR U 203 -35.76 -4.00 124.43
C THR U 203 -34.69 -3.54 125.39
N ASN U 204 -33.44 -3.50 124.95
CA ASN U 204 -32.35 -2.94 125.72
C ASN U 204 -32.18 -1.46 125.37
N PHE U 205 -31.87 -0.66 126.39
CA PHE U 205 -31.74 0.78 126.18
C PHE U 205 -30.83 1.33 127.26
N GLY U 206 -29.60 1.68 126.88
CA GLY U 206 -28.67 2.27 127.83
C GLY U 206 -28.20 1.34 128.92
N GLY U 207 -28.17 0.04 128.66
CA GLY U 207 -27.71 -0.93 129.64
C GLY U 207 -28.73 -1.35 130.67
N ILE U 208 -29.97 -0.90 130.55
CA ILE U 208 -31.04 -1.25 131.48
C ILE U 208 -32.23 -1.72 130.66
N ARG U 209 -33.02 -2.65 131.22
CA ARG U 209 -34.15 -3.20 130.50
C ARG U 209 -35.35 -2.27 130.66
N ALA U 210 -35.80 -1.69 129.55
CA ALA U 210 -36.86 -0.71 129.57
C ALA U 210 -38.19 -1.35 129.18
N LEU U 211 -39.25 -0.97 129.89
CA LEU U 211 -40.58 -1.47 129.57
C LEU U 211 -41.54 -0.32 129.28
N MET U 212 -42.81 -0.63 129.06
CA MET U 212 -43.79 0.39 128.71
C MET U 212 -45.16 -0.04 129.24
N SER U 213 -45.78 0.80 130.05
CA SER U 213 -47.08 0.51 130.64
C SER U 213 -47.87 1.79 130.80
N ASN U 214 -49.19 1.67 130.73
CA ASN U 214 -50.08 2.80 130.97
C ASN U 214 -50.80 2.71 132.31
N GLY U 215 -50.85 1.53 132.92
CA GLY U 215 -51.41 1.40 134.26
C GLY U 215 -50.35 1.63 135.30
N LEU U 216 -50.30 2.85 135.85
CA LEU U 216 -49.23 3.24 136.75
C LEU U 216 -49.76 4.32 137.68
N ALA U 217 -49.47 4.19 138.97
CA ALA U 217 -50.03 5.09 139.96
C ALA U 217 -49.49 6.51 139.78
N SER U 218 -50.31 7.49 140.17
CA SER U 218 -49.93 8.89 140.15
C SER U 218 -49.85 9.43 141.57
N ARG U 219 -49.15 10.55 141.72
CA ARG U 219 -48.93 11.13 143.04
C ARG U 219 -48.92 12.64 142.92
N THR U 220 -49.14 13.30 144.06
CA THR U 220 -49.18 14.76 144.14
C THR U 220 -48.13 15.23 145.13
N GLN U 221 -47.44 16.32 144.78
CA GLN U 221 -46.32 16.78 145.61
C GLN U 221 -46.78 17.20 146.99
N GLY U 222 -47.89 17.92 147.08
CA GLY U 222 -48.33 18.45 148.35
C GLY U 222 -47.65 19.76 148.67
N ALA U 223 -48.43 20.75 149.11
CA ALA U 223 -47.91 22.12 149.24
C ALA U 223 -46.83 22.21 150.30
N PHE U 224 -45.77 22.94 149.98
CA PHE U 224 -44.69 23.21 150.92
C PHE U 224 -43.98 24.48 150.49
N GLY U 225 -43.19 25.05 151.40
CA GLY U 225 -42.46 26.26 151.10
C GLY U 225 -41.55 26.62 152.24
N GLY U 226 -40.75 27.66 152.01
CA GLY U 226 -39.82 28.15 153.01
C GLY U 226 -38.51 27.40 153.01
N THR U 227 -37.48 28.05 153.55
CA THR U 227 -36.18 27.42 153.67
C THR U 227 -36.19 26.45 154.85
N LEU U 228 -35.79 25.20 154.61
CA LEU U 228 -35.87 24.15 155.60
C LEU U 228 -34.47 23.72 156.04
N THR U 229 -34.34 23.48 157.34
CA THR U 229 -33.12 22.97 157.93
C THR U 229 -33.48 21.98 159.03
N VAL U 230 -32.56 21.08 159.34
CA VAL U 230 -32.79 20.13 160.43
C VAL U 230 -32.68 20.85 161.77
N LYS U 231 -33.37 20.29 162.77
CA LYS U 231 -33.38 20.87 164.11
C LYS U 231 -32.65 20.05 165.15
N THR U 232 -32.79 18.73 165.13
CA THR U 232 -32.15 17.86 166.11
C THR U 232 -31.40 16.75 165.38
N GLN U 233 -30.21 16.45 165.89
CA GLN U 233 -29.40 15.40 165.30
C GLN U 233 -30.06 14.05 165.53
N PRO U 234 -30.35 13.29 164.47
CA PRO U 234 -31.02 12.00 164.63
C PRO U 234 -30.05 10.87 164.97
N THR U 235 -30.61 9.80 165.52
CA THR U 235 -29.86 8.59 165.83
C THR U 235 -29.91 7.68 164.60
N VAL U 236 -28.81 7.65 163.86
CA VAL U 236 -28.75 6.89 162.62
C VAL U 236 -27.72 5.77 162.74
N THR U 237 -27.52 5.28 163.95
CA THR U 237 -26.57 4.19 164.16
C THR U 237 -27.15 2.88 163.64
N TYR U 238 -26.25 1.95 163.30
CA TYR U 238 -26.68 0.67 162.77
C TYR U 238 -27.46 -0.12 163.81
N ASN U 239 -27.04 -0.05 165.08
CA ASN U 239 -27.77 -0.74 166.14
C ASN U 239 -29.19 -0.20 166.30
N ALA U 240 -29.47 0.99 165.77
CA ALA U 240 -30.79 1.58 165.84
C ALA U 240 -31.61 1.39 164.57
N VAL U 241 -30.98 1.34 163.40
CA VAL U 241 -31.72 1.25 162.14
C VAL U 241 -31.40 -0.05 161.40
N LYS U 242 -30.97 -1.09 162.11
CA LYS U 242 -30.61 -2.34 161.47
C LYS U 242 -31.78 -3.27 161.23
N ASP U 243 -33.01 -2.84 161.53
CA ASP U 243 -34.18 -3.68 161.36
C ASP U 243 -35.16 -3.19 160.31
N SER U 244 -35.21 -1.88 160.03
CA SER U 244 -36.20 -1.35 159.12
C SER U 244 -35.65 -0.37 158.09
N TYR U 245 -34.42 0.13 158.25
CA TYR U 245 -33.84 1.12 157.34
C TYR U 245 -34.74 2.35 157.21
N GLN U 246 -35.31 2.78 158.33
CA GLN U 246 -36.10 4.00 158.38
C GLN U 246 -35.70 4.81 159.60
N PHE U 247 -35.91 6.12 159.52
CA PHE U 247 -35.56 6.99 160.64
C PHE U 247 -36.48 8.20 160.70
N THR U 248 -36.65 8.71 161.90
CA THR U 248 -37.55 9.84 162.16
C THR U 248 -36.72 11.11 162.31
N VAL U 249 -37.13 12.18 161.62
CA VAL U 249 -36.39 13.43 161.62
C VAL U 249 -37.37 14.59 161.74
N THR U 250 -36.93 15.65 162.41
CA THR U 250 -37.70 16.88 162.56
C THR U 250 -36.98 18.01 161.84
N LEU U 251 -37.76 18.88 161.23
CA LEU U 251 -37.26 19.99 160.43
C LEU U 251 -37.71 21.32 161.05
N THR U 252 -37.27 22.41 160.45
CA THR U 252 -37.61 23.74 160.94
C THR U 252 -37.54 24.73 159.78
N GLY U 253 -38.14 25.90 159.99
CA GLY U 253 -38.20 26.92 158.97
C GLY U 253 -39.33 26.77 157.99
N ALA U 254 -40.31 25.90 158.25
CA ALA U 254 -41.41 25.70 157.33
C ALA U 254 -42.50 26.74 157.56
N THR U 255 -43.60 26.59 156.83
CA THR U 255 -44.74 27.47 156.96
C THR U 255 -45.41 27.24 158.32
N ALA U 256 -46.15 28.25 158.78
CA ALA U 256 -46.72 28.22 160.12
C ALA U 256 -47.65 27.03 160.31
N SER U 257 -48.62 26.86 159.40
CA SER U 257 -49.59 25.79 159.54
C SER U 257 -50.15 25.43 158.16
N VAL U 258 -49.67 24.32 157.61
CA VAL U 258 -50.16 23.79 156.34
C VAL U 258 -50.43 22.32 156.52
N THR U 259 -51.70 21.93 156.54
CA THR U 259 -52.04 20.51 156.63
C THR U 259 -51.57 19.78 155.38
N GLY U 260 -51.07 18.57 155.56
CA GLY U 260 -50.49 17.84 154.45
C GLY U 260 -49.26 18.52 153.88
N PHE U 261 -48.35 18.96 154.74
CA PHE U 261 -47.15 19.66 154.27
C PHE U 261 -46.31 18.77 153.38
N LEU U 262 -46.13 17.51 153.75
CA LEU U 262 -45.40 16.54 152.95
C LEU U 262 -46.21 15.26 152.88
N LYS U 263 -46.60 14.86 151.68
CA LYS U 263 -47.39 13.66 151.45
C LYS U 263 -46.47 12.49 151.12
N ALA U 264 -47.03 11.28 151.19
CA ALA U 264 -46.27 10.09 150.90
C ALA U 264 -45.78 10.11 149.46
N GLY U 265 -44.52 9.73 149.27
CA GLY U 265 -43.90 9.73 147.95
C GLY U 265 -42.97 10.89 147.69
N ASP U 266 -43.00 11.93 148.51
CA ASP U 266 -42.09 13.05 148.33
C ASP U 266 -40.66 12.63 148.64
N GLN U 267 -39.71 13.38 148.09
CA GLN U 267 -38.30 13.09 148.30
C GLN U 267 -37.58 14.33 148.81
N VAL U 268 -36.71 14.13 149.78
CA VAL U 268 -35.92 15.20 150.38
C VAL U 268 -34.45 14.91 150.14
N LYS U 269 -33.72 15.95 149.75
CA LYS U 269 -32.30 15.88 149.41
C LYS U 269 -31.52 16.64 150.47
N PHE U 270 -30.49 15.98 151.01
CA PHE U 270 -29.56 16.61 151.95
C PHE U 270 -28.40 17.19 151.15
N THR U 271 -28.26 18.52 151.16
CA THR U 271 -27.35 19.17 150.22
C THR U 271 -25.89 18.79 150.47
N ASN U 272 -25.46 18.80 151.72
CA ASN U 272 -24.05 18.67 152.06
C ASN U 272 -23.70 17.28 152.58
N THR U 273 -24.30 16.23 152.03
CA THR U 273 -24.07 14.86 152.51
C THR U 273 -24.17 13.93 151.31
N TYR U 274 -23.09 13.24 150.99
CA TYR U 274 -22.95 12.55 149.72
C TYR U 274 -23.03 11.03 149.87
N TRP U 275 -23.27 10.36 148.74
CA TRP U 275 -23.34 8.90 148.71
C TRP U 275 -21.95 8.29 148.69
N LEU U 276 -21.80 7.19 149.42
CA LEU U 276 -20.59 6.37 149.38
C LEU U 276 -20.89 5.05 148.68
N GLN U 277 -19.90 4.51 147.98
CA GLN U 277 -20.02 3.16 147.47
C GLN U 277 -20.07 2.18 148.64
N GLN U 278 -20.90 1.16 148.51
CA GLN U 278 -21.20 0.28 149.63
C GLN U 278 -20.15 -0.81 149.85
N GLN U 279 -19.16 -0.93 148.97
CA GLN U 279 -18.10 -1.91 149.16
C GLN U 279 -16.71 -1.29 149.30
N THR U 280 -16.41 -0.23 148.55
CA THR U 280 -15.12 0.42 148.63
C THR U 280 -15.11 1.61 149.58
N LYS U 281 -16.29 2.15 149.91
CA LYS U 281 -16.43 3.25 150.87
C LYS U 281 -15.71 4.51 150.38
N GLN U 282 -15.95 4.86 149.12
CA GLN U 282 -15.47 6.11 148.55
C GLN U 282 -16.67 6.90 148.03
N ALA U 283 -16.58 8.22 148.11
CA ALA U 283 -17.69 9.07 147.69
C ALA U 283 -17.91 8.99 146.19
N LEU U 284 -19.17 9.10 145.80
CA LEU U 284 -19.53 9.09 144.39
C LEU U 284 -19.44 10.50 143.81
N TYR U 285 -18.92 10.61 142.59
CA TYR U 285 -18.73 11.90 141.94
C TYR U 285 -19.25 11.83 140.52
N ASN U 286 -20.22 12.70 140.21
CA ASN U 286 -20.79 12.77 138.86
C ASN U 286 -20.11 13.92 138.12
N GLY U 287 -18.83 13.73 137.83
CA GLY U 287 -18.07 14.74 137.12
C GLY U 287 -17.45 15.76 138.04
N ALA U 288 -18.09 16.92 138.16
CA ALA U 288 -17.58 18.00 139.02
C ALA U 288 -18.43 18.20 140.27
N THR U 289 -19.59 17.57 140.37
CA THR U 289 -20.43 17.70 141.54
C THR U 289 -20.68 16.34 142.18
N PRO U 290 -20.61 16.24 143.50
CA PRO U 290 -20.92 14.97 144.16
C PRO U 290 -22.43 14.70 144.13
N ILE U 291 -22.78 13.45 144.40
CA ILE U 291 -24.17 13.01 144.41
C ILE U 291 -24.68 13.14 145.84
N SER U 292 -25.68 13.99 146.04
CA SER U 292 -26.21 14.25 147.36
C SER U 292 -27.14 13.13 147.81
N PHE U 293 -27.22 12.93 149.12
CA PHE U 293 -28.09 11.90 149.67
C PHE U 293 -29.54 12.30 149.53
N THR U 294 -30.40 11.30 149.31
CA THR U 294 -31.83 11.52 149.14
C THR U 294 -32.60 10.50 149.96
N ALA U 295 -33.83 10.86 150.32
CA ALA U 295 -34.67 9.98 151.10
C ALA U 295 -36.13 10.23 150.74
N THR U 296 -36.97 9.24 151.05
CA THR U 296 -38.38 9.26 150.68
C THR U 296 -39.26 9.34 151.93
N VAL U 297 -40.33 10.12 151.82
CA VAL U 297 -41.30 10.27 152.91
C VAL U 297 -42.25 9.09 152.88
N THR U 298 -42.45 8.47 154.05
CA THR U 298 -43.29 7.27 154.12
C THR U 298 -44.75 7.62 154.31
N ALA U 299 -45.07 8.43 155.31
CA ALA U 299 -46.45 8.77 155.64
C ALA U 299 -46.64 10.28 155.63
N ASP U 300 -47.91 10.68 155.63
CA ASP U 300 -48.26 12.09 155.55
C ASP U 300 -47.77 12.85 156.78
N ALA U 301 -47.46 14.13 156.59
CA ALA U 301 -46.97 14.98 157.66
C ALA U 301 -47.72 16.29 157.67
N ASN U 302 -47.80 16.91 158.85
CA ASN U 302 -48.47 18.18 159.03
C ASN U 302 -47.55 19.15 159.74
N SER U 303 -47.67 20.43 159.40
CA SER U 303 -46.83 21.47 159.98
C SER U 303 -47.57 22.13 161.14
N ASP U 304 -47.02 22.02 162.34
CA ASP U 304 -47.58 22.70 163.49
C ASP U 304 -47.05 24.12 163.56
N SER U 305 -47.67 24.93 164.42
CA SER U 305 -47.26 26.32 164.59
C SER U 305 -45.79 26.40 164.98
N GLY U 306 -45.08 27.35 164.39
CA GLY U 306 -43.65 27.47 164.57
C GLY U 306 -42.83 26.90 163.43
N GLY U 307 -43.45 26.38 162.40
CA GLY U 307 -42.73 25.84 161.26
C GLY U 307 -41.88 24.62 161.57
N ASP U 308 -42.43 23.66 162.29
CA ASP U 308 -41.71 22.43 162.65
C ASP U 308 -42.53 21.24 162.20
N VAL U 309 -41.85 20.26 161.59
CA VAL U 309 -42.49 19.04 161.11
C VAL U 309 -41.67 17.84 161.57
N THR U 310 -42.36 16.81 162.04
CA THR U 310 -41.73 15.52 162.34
C THR U 310 -42.20 14.54 161.27
N VAL U 311 -41.29 13.71 160.77
CA VAL U 311 -41.59 12.86 159.63
C VAL U 311 -40.67 11.65 159.60
N THR U 312 -41.21 10.53 159.12
CA THR U 312 -40.51 9.27 159.00
C THR U 312 -40.02 9.12 157.57
N LEU U 313 -38.76 8.72 157.41
CA LEU U 313 -38.09 8.63 156.12
C LEU U 313 -37.52 7.24 155.90
N SER U 314 -37.61 6.79 154.66
CA SER U 314 -37.06 5.51 154.23
C SER U 314 -35.71 5.71 153.58
N GLY U 315 -34.75 4.85 153.92
CA GLY U 315 -33.38 5.04 153.51
C GLY U 315 -32.64 5.91 154.51
N VAL U 316 -31.58 5.38 155.10
CA VAL U 316 -30.96 6.05 156.24
C VAL U 316 -29.51 6.38 155.95
N PRO U 317 -29.00 7.52 156.41
CA PRO U 317 -27.56 7.84 156.32
C PRO U 317 -26.77 7.29 157.50
N ILE U 318 -26.43 6.00 157.41
CA ILE U 318 -25.73 5.33 158.50
C ILE U 318 -24.33 5.90 158.63
N TYR U 319 -24.01 6.45 159.80
CA TYR U 319 -22.67 6.93 160.13
C TYR U 319 -22.38 6.51 161.56
N ASP U 320 -21.78 5.34 161.71
CA ASP U 320 -21.45 4.78 163.02
C ASP U 320 -19.97 5.01 163.29
N THR U 321 -19.67 5.72 164.37
CA THR U 321 -18.27 6.01 164.70
C THR U 321 -17.59 4.83 165.37
N THR U 322 -18.35 3.87 165.87
CA THR U 322 -17.77 2.69 166.50
C THR U 322 -17.74 1.47 165.59
N ASN U 323 -18.55 1.46 164.53
CA ASN U 323 -18.56 0.38 163.54
C ASN U 323 -18.43 1.00 162.15
N PRO U 324 -17.23 1.43 161.77
CA PRO U 324 -17.06 2.10 160.47
C PRO U 324 -17.37 1.20 159.28
N GLN U 325 -17.35 -0.12 159.45
CA GLN U 325 -17.58 -1.02 158.32
C GLN U 325 -19.01 -0.94 157.79
N TYR U 326 -19.96 -0.44 158.57
CA TYR U 326 -21.35 -0.37 158.15
C TYR U 326 -21.74 1.01 157.64
N ASN U 327 -20.77 1.92 157.50
CA ASN U 327 -21.06 3.25 157.00
C ASN U 327 -21.54 3.19 155.55
N SER U 328 -22.48 4.07 155.23
CA SER U 328 -23.00 4.14 153.86
C SER U 328 -23.23 5.57 153.40
N VAL U 329 -22.59 6.55 154.03
CA VAL U 329 -22.81 7.96 153.69
C VAL U 329 -21.58 8.73 154.12
N SER U 330 -21.34 9.88 153.48
CA SER U 330 -20.07 10.58 153.63
C SER U 330 -19.86 11.05 155.06
N ARG U 331 -20.84 11.75 155.63
CA ARG U 331 -20.68 12.37 156.94
C ARG U 331 -21.97 12.26 157.72
N GLN U 332 -21.91 12.69 158.98
CA GLN U 332 -23.08 12.67 159.85
C GLN U 332 -23.93 13.91 159.63
N VAL U 333 -25.25 13.76 159.76
CA VAL U 333 -26.18 14.85 159.59
C VAL U 333 -26.24 15.67 160.87
N GLU U 334 -25.39 16.69 160.96
CA GLU U 334 -25.37 17.55 162.14
C GLU U 334 -26.54 18.54 162.11
N ALA U 335 -26.79 19.15 163.26
CA ALA U 335 -27.86 20.13 163.36
C ALA U 335 -27.53 21.36 162.52
N GLY U 336 -28.54 21.87 161.82
CA GLY U 336 -28.36 23.01 160.96
C GLY U 336 -27.99 22.71 159.52
N ASP U 337 -28.13 21.46 159.09
CA ASP U 337 -27.81 21.11 157.71
C ASP U 337 -28.88 21.64 156.77
N ALA U 338 -28.59 21.57 155.47
CA ALA U 338 -29.48 22.08 154.44
C ALA U 338 -30.23 20.94 153.78
N VAL U 339 -31.56 21.04 153.74
CA VAL U 339 -32.42 20.06 153.11
C VAL U 339 -33.29 20.78 152.08
N SER U 340 -33.74 20.01 151.10
CA SER U 340 -34.61 20.58 150.07
C SER U 340 -35.53 19.51 149.52
N VAL U 341 -36.81 19.86 149.35
CA VAL U 341 -37.77 18.92 148.77
C VAL U 341 -37.66 18.97 147.25
N VAL U 342 -37.54 17.80 146.63
CA VAL U 342 -37.40 17.74 145.18
C VAL U 342 -38.78 17.85 144.53
N GLY U 343 -38.92 18.80 143.60
CA GLY U 343 -40.15 18.98 142.87
C GLY U 343 -40.59 20.43 142.90
N THR U 344 -41.91 20.62 142.90
CA THR U 344 -42.50 21.96 142.92
C THR U 344 -43.56 21.99 144.01
N ALA U 345 -44.30 23.11 144.14
CA ALA U 345 -45.22 23.32 145.24
C ALA U 345 -46.32 22.25 145.29
N SER U 346 -47.17 22.19 144.27
CA SER U 346 -48.30 21.27 144.32
C SER U 346 -48.61 20.59 142.99
N GLN U 347 -47.77 20.74 141.97
CA GLN U 347 -48.02 20.07 140.70
C GLN U 347 -47.86 18.56 140.85
N THR U 348 -48.69 17.81 140.13
CA THR U 348 -48.74 16.36 140.24
C THR U 348 -48.24 15.71 138.96
N MET U 349 -47.84 14.44 139.06
CA MET U 349 -47.22 13.75 137.94
C MET U 349 -47.31 12.25 138.16
N LYS U 350 -47.03 11.49 137.10
CA LYS U 350 -46.84 10.05 137.20
C LYS U 350 -45.36 9.74 137.23
N PRO U 351 -44.83 9.16 138.30
CA PRO U 351 -43.39 8.88 138.37
C PRO U 351 -42.99 7.72 137.48
N ASN U 352 -41.70 7.66 137.17
CA ASN U 352 -41.10 6.58 136.41
C ASN U 352 -40.16 5.82 137.34
N LEU U 353 -40.26 4.50 137.33
CA LEU U 353 -39.65 3.68 138.37
C LEU U 353 -38.50 2.86 137.83
N PHE U 354 -37.33 2.97 138.45
CA PHE U 354 -36.18 2.15 138.10
C PHE U 354 -35.72 1.39 139.34
N TYR U 355 -35.48 0.09 139.17
CA TYR U 355 -35.18 -0.74 140.33
C TYR U 355 -34.40 -1.98 139.91
N ASN U 356 -33.99 -2.74 140.91
CA ASN U 356 -33.35 -4.03 140.73
C ASN U 356 -34.34 -5.15 141.00
N LYS U 357 -33.91 -6.39 140.72
CA LYS U 357 -34.78 -7.54 140.92
C LYS U 357 -35.15 -7.74 142.39
N PHE U 358 -34.19 -7.60 143.30
CA PHE U 358 -34.39 -7.92 144.71
C PHE U 358 -34.70 -6.69 145.54
N PHE U 359 -35.37 -5.69 144.95
CA PHE U 359 -35.82 -4.54 145.72
C PHE U 359 -37.06 -4.87 146.54
N CYS U 360 -38.14 -5.25 145.87
CA CYS U 360 -39.38 -5.62 146.52
C CYS U 360 -39.75 -7.06 146.13
N GLY U 361 -40.73 -7.59 146.84
CA GLY U 361 -41.21 -8.94 146.59
C GLY U 361 -42.68 -9.04 146.92
N LEU U 362 -43.37 -9.89 146.16
CA LEU U 362 -44.81 -10.06 146.28
C LEU U 362 -45.17 -11.53 146.36
N GLY U 363 -46.16 -11.85 147.18
CA GLY U 363 -46.65 -13.21 147.30
C GLY U 363 -48.13 -13.21 147.58
N SER U 364 -48.73 -14.40 147.52
CA SER U 364 -50.15 -14.56 147.75
C SER U 364 -50.36 -15.54 148.90
N ILE U 365 -51.53 -15.44 149.54
CA ILE U 365 -51.88 -16.26 150.69
C ILE U 365 -53.12 -17.07 150.33
N PRO U 366 -53.06 -18.40 150.39
CA PRO U 366 -54.24 -19.21 150.12
C PRO U 366 -55.28 -19.08 151.23
N LEU U 367 -56.52 -19.43 150.88
CA LEU U 367 -57.63 -19.30 151.80
C LEU U 367 -58.36 -20.63 151.98
N PRO U 368 -58.95 -20.88 153.14
CA PRO U 368 -59.72 -22.11 153.35
C PRO U 368 -61.20 -21.90 153.01
N LYS U 369 -61.86 -23.02 152.73
CA LYS U 369 -63.28 -23.01 152.39
C LYS U 369 -64.12 -22.81 153.65
N LEU U 370 -65.16 -21.99 153.52
CA LEU U 370 -66.03 -21.71 154.65
C LEU U 370 -66.87 -22.94 154.99
N HIS U 371 -67.51 -22.86 156.16
CA HIS U 371 -68.24 -24.00 156.71
C HIS U 371 -69.60 -24.12 156.04
N SER U 372 -69.82 -25.23 155.34
CA SER U 372 -71.13 -25.56 154.75
C SER U 372 -71.62 -24.47 153.80
N ILE U 373 -70.71 -23.93 153.00
CA ILE U 373 -71.05 -22.95 151.97
C ILE U 373 -70.35 -23.36 150.68
N ASP U 374 -71.09 -23.39 149.58
CA ASP U 374 -70.52 -23.81 148.31
C ASP U 374 -69.47 -22.81 147.83
N SER U 375 -68.38 -23.34 147.28
CA SER U 375 -67.24 -22.51 146.94
C SER U 375 -66.43 -23.18 145.84
N ALA U 376 -65.55 -22.38 145.24
CA ALA U 376 -64.64 -22.86 144.21
C ALA U 376 -63.40 -21.99 144.21
N VAL U 377 -62.38 -22.42 143.47
CA VAL U 377 -61.12 -21.71 143.38
C VAL U 377 -60.69 -21.67 141.92
N ALA U 378 -60.18 -20.53 141.48
CA ALA U 378 -59.77 -20.32 140.10
C ALA U 378 -58.37 -19.73 140.05
N THR U 379 -57.75 -19.81 138.88
CA THR U 379 -56.42 -19.28 138.65
C THR U 379 -56.48 -18.20 137.58
N TYR U 380 -55.66 -17.17 137.75
CA TYR U 380 -55.61 -16.05 136.81
C TYR U 380 -54.26 -15.38 136.94
N GLU U 381 -53.43 -15.49 135.90
CA GLU U 381 -52.06 -14.97 135.91
C GLU U 381 -51.31 -15.41 137.16
N GLY U 382 -51.39 -16.72 137.44
CA GLY U 382 -50.70 -17.27 138.58
C GLY U 382 -51.22 -16.78 139.92
N PHE U 383 -52.46 -16.29 139.95
CA PHE U 383 -53.09 -15.82 141.17
C PHE U 383 -54.30 -16.70 141.47
N SER U 384 -54.41 -17.12 142.73
CA SER U 384 -55.52 -17.98 143.16
C SER U 384 -56.62 -17.11 143.75
N ILE U 385 -57.83 -17.25 143.20
CA ILE U 385 -58.99 -16.48 143.62
C ILE U 385 -60.02 -17.44 144.18
N ARG U 386 -60.55 -17.14 145.35
CA ARG U 386 -61.53 -17.99 146.01
C ARG U 386 -62.91 -17.37 145.91
N VAL U 387 -63.87 -18.13 145.38
CA VAL U 387 -65.21 -17.63 145.15
C VAL U 387 -66.19 -18.43 146.03
N HIS U 388 -67.09 -17.72 146.68
CA HIS U 388 -68.10 -18.30 147.56
C HIS U 388 -69.47 -17.94 147.02
N LYS U 389 -70.40 -18.89 147.05
CA LYS U 389 -71.78 -18.66 146.63
C LYS U 389 -72.69 -19.01 147.80
N TYR U 390 -73.67 -18.16 148.08
CA TYR U 390 -74.62 -18.42 149.16
C TYR U 390 -75.90 -17.64 148.89
N ALA U 391 -76.85 -17.71 149.80
CA ALA U 391 -78.14 -17.08 149.57
C ALA U 391 -78.83 -16.80 150.90
N ASP U 392 -79.57 -15.69 150.92
CA ASP U 392 -80.46 -15.36 152.02
C ASP U 392 -81.88 -15.76 151.64
N GLY U 393 -82.43 -16.75 152.35
CA GLY U 393 -83.74 -17.28 152.07
C GLY U 393 -84.90 -16.34 152.35
N ASP U 394 -84.85 -15.66 153.49
CA ASP U 394 -85.97 -14.80 153.87
C ASP U 394 -86.17 -13.67 152.86
N ALA U 395 -85.08 -13.04 152.42
CA ALA U 395 -85.16 -11.99 151.43
C ALA U 395 -85.13 -12.52 150.00
N ASN U 396 -84.90 -13.82 149.82
CA ASN U 396 -84.85 -14.46 148.51
C ASN U 396 -83.80 -13.80 147.62
N VAL U 397 -82.56 -13.82 148.09
CA VAL U 397 -81.46 -13.13 147.43
C VAL U 397 -80.29 -14.10 147.29
N GLN U 398 -79.64 -14.07 146.13
CA GLN U 398 -78.44 -14.85 145.89
C GLN U 398 -77.22 -13.93 145.91
N LYS U 399 -76.12 -14.43 146.48
CA LYS U 399 -74.92 -13.63 146.66
C LYS U 399 -73.69 -14.43 146.30
N MET U 400 -72.70 -13.74 145.74
CA MET U 400 -71.41 -14.31 145.37
C MET U 400 -70.31 -13.36 145.81
N ARG U 401 -69.17 -13.93 146.19
CA ARG U 401 -68.05 -13.11 146.64
C ARG U 401 -66.74 -13.71 146.14
N PHE U 402 -65.77 -12.84 145.90
CA PHE U 402 -64.45 -13.22 145.41
C PHE U 402 -63.39 -12.66 146.36
N ASP U 403 -62.37 -13.46 146.67
CA ASP U 403 -61.36 -13.08 147.64
C ASP U 403 -59.97 -13.49 147.18
N LEU U 404 -58.98 -12.73 147.66
CA LEU U 404 -57.57 -12.95 147.36
C LEU U 404 -56.74 -12.12 148.34
N LEU U 405 -55.68 -12.73 148.89
CA LEU U 405 -54.79 -12.06 149.84
C LEU U 405 -53.40 -11.86 149.28
N PRO U 406 -52.92 -10.63 149.17
CA PRO U 406 -51.53 -10.38 148.80
C PRO U 406 -50.64 -10.21 150.02
N ALA U 407 -49.34 -10.11 149.76
CA ALA U 407 -48.35 -9.87 150.81
C ALA U 407 -47.11 -9.27 150.18
N TYR U 408 -46.70 -8.10 150.68
CA TYR U 408 -45.56 -7.37 150.14
C TYR U 408 -44.38 -7.44 151.10
N VAL U 409 -43.18 -7.27 150.53
CA VAL U 409 -41.95 -7.21 151.33
C VAL U 409 -40.96 -6.30 150.61
N CYS U 410 -40.14 -5.59 151.38
CA CYS U 410 -39.10 -4.72 150.84
C CYS U 410 -37.76 -5.20 151.38
N PHE U 411 -36.96 -5.84 150.50
CA PHE U 411 -35.71 -6.43 150.96
C PHE U 411 -34.67 -5.37 151.27
N ASN U 412 -34.50 -4.40 150.37
CA ASN U 412 -33.46 -3.38 150.53
C ASN U 412 -33.89 -2.10 149.86
N PRO U 413 -34.12 -1.03 150.62
CA PRO U 413 -34.60 0.23 150.02
C PRO U 413 -33.60 0.92 149.10
N HIS U 414 -32.33 0.52 149.13
CA HIS U 414 -31.29 1.19 148.36
C HIS U 414 -31.09 0.60 146.98
N MET U 415 -32.06 -0.18 146.48
CA MET U 415 -31.91 -0.80 145.16
C MET U 415 -33.10 -0.50 144.26
N GLY U 416 -33.67 0.69 144.41
CA GLY U 416 -34.78 1.09 143.57
C GLY U 416 -35.25 2.48 143.94
N GLY U 417 -36.09 3.04 143.06
CA GLY U 417 -36.60 4.37 143.30
C GLY U 417 -37.21 4.96 142.04
N GLN U 418 -37.37 6.28 142.06
CA GLN U 418 -38.01 7.03 140.99
C GLN U 418 -36.97 7.88 140.28
N PHE U 419 -37.16 8.08 138.97
CA PHE U 419 -36.24 8.88 138.18
C PHE U 419 -37.01 9.72 137.18
N PHE U 420 -36.55 10.95 136.97
CA PHE U 420 -37.12 11.85 135.98
C PHE U 420 -36.02 12.42 135.10
N GLY U 421 -36.36 13.40 134.26
CA GLY U 421 -35.37 14.10 133.48
C GLY U 421 -34.66 15.16 134.30
N ASN U 422 -33.58 15.68 133.75
CA ASN U 422 -32.80 16.71 134.41
C ASN U 422 -32.45 17.83 133.43
N PRO U 423 -32.31 19.07 133.91
CA PRO U 423 -31.92 20.20 133.05
C PRO U 423 -30.46 20.11 132.62
N PRO V 2 -133.86 -9.97 -61.75
CA PRO V 2 -134.28 -10.89 -62.82
C PRO V 2 -134.60 -12.28 -62.28
N ASN V 3 -133.67 -12.88 -61.55
CA ASN V 3 -133.91 -14.20 -60.96
C ASN V 3 -134.91 -14.08 -59.81
N ASN V 4 -135.90 -14.96 -59.81
CA ASN V 4 -136.96 -14.97 -58.80
C ASN V 4 -137.05 -16.39 -58.24
N LEU V 5 -136.25 -16.66 -57.20
CA LEU V 5 -136.17 -17.98 -56.59
C LEU V 5 -136.83 -18.04 -55.23
N ASP V 6 -137.76 -17.13 -54.93
CA ASP V 6 -138.40 -17.10 -53.63
C ASP V 6 -139.42 -18.21 -53.42
N SER V 7 -139.81 -18.90 -54.48
CA SER V 7 -140.73 -20.02 -54.36
C SER V 7 -140.01 -21.35 -54.16
N ASN V 8 -138.69 -21.35 -54.16
CA ASN V 8 -137.91 -22.55 -53.92
C ASN V 8 -137.58 -22.76 -52.45
N VAL V 9 -138.03 -21.86 -51.57
CA VAL V 9 -137.71 -21.93 -50.16
C VAL V 9 -139.00 -21.91 -49.35
N SER V 10 -138.88 -22.15 -48.03
CA SER V 10 -140.03 -22.18 -47.15
C SER V 10 -139.74 -21.39 -45.89
N GLN V 11 -140.79 -20.82 -45.32
CA GLN V 11 -140.68 -20.07 -44.07
C GLN V 11 -140.76 -21.05 -42.90
N ILE V 12 -139.70 -21.15 -42.13
CA ILE V 12 -139.56 -22.14 -41.06
C ILE V 12 -139.65 -21.42 -39.72
N VAL V 13 -140.49 -21.94 -38.83
CA VAL V 13 -140.59 -21.46 -37.45
C VAL V 13 -140.08 -22.58 -36.56
N LEU V 14 -139.02 -22.29 -35.80
CA LEU V 14 -138.39 -23.31 -34.98
C LEU V 14 -139.27 -23.68 -33.80
N LYS V 15 -139.02 -24.87 -33.26
CA LYS V 15 -139.73 -25.35 -32.07
C LYS V 15 -138.96 -24.97 -30.81
N LYS V 16 -138.65 -23.67 -30.70
CA LYS V 16 -137.91 -23.13 -29.58
C LYS V 16 -138.69 -21.97 -28.99
N PHE V 17 -138.56 -21.80 -27.68
CA PHE V 17 -139.28 -20.77 -26.94
C PHE V 17 -138.30 -19.82 -26.27
N LEU V 18 -138.56 -18.52 -26.40
CA LEU V 18 -137.74 -17.52 -25.76
C LEU V 18 -137.98 -17.52 -24.25
N PRO V 19 -137.01 -17.06 -23.46
CA PRO V 19 -137.23 -16.94 -22.02
C PRO V 19 -138.28 -15.89 -21.70
N GLY V 20 -138.99 -16.12 -20.59
CA GLY V 20 -140.04 -15.21 -20.19
C GLY V 20 -139.75 -14.48 -18.89
N PHE V 21 -140.80 -14.18 -18.13
CA PHE V 21 -140.68 -13.46 -16.87
C PHE V 21 -141.18 -14.35 -15.74
N MET V 22 -140.86 -13.96 -14.52
CA MET V 22 -141.21 -14.76 -13.35
C MET V 22 -141.24 -13.85 -12.13
N SER V 23 -141.87 -14.36 -11.07
CA SER V 23 -141.93 -13.68 -9.78
C SER V 23 -141.60 -14.65 -8.67
N ASP V 24 -140.91 -14.15 -7.66
CA ASP V 24 -140.41 -14.98 -6.57
C ASP V 24 -141.42 -15.05 -5.42
N LEU V 25 -141.29 -16.11 -4.62
CA LEU V 25 -142.25 -16.43 -3.55
C LEU V 25 -141.50 -16.47 -2.22
N VAL V 26 -141.82 -15.54 -1.33
CA VAL V 26 -141.26 -15.54 0.02
C VAL V 26 -142.34 -15.62 1.10
N LEU V 27 -143.47 -14.92 0.94
CA LEU V 27 -144.49 -14.90 1.96
C LEU V 27 -145.10 -16.28 2.18
N ALA V 28 -145.35 -17.01 1.09
CA ALA V 28 -145.94 -18.34 1.22
C ALA V 28 -145.04 -19.28 2.01
N LYS V 29 -143.74 -19.23 1.73
CA LYS V 29 -142.80 -20.08 2.46
C LYS V 29 -142.66 -19.65 3.93
N THR V 30 -142.60 -18.35 4.18
CA THR V 30 -142.31 -17.87 5.53
C THR V 30 -143.52 -18.00 6.46
N VAL V 31 -144.72 -17.80 5.93
CA VAL V 31 -145.91 -17.80 6.77
C VAL V 31 -146.13 -19.21 7.35
N ASP V 32 -146.77 -19.25 8.52
CA ASP V 32 -147.03 -20.51 9.18
C ASP V 32 -148.06 -21.32 8.40
N ARG V 33 -147.86 -22.64 8.35
CA ARG V 33 -148.76 -23.53 7.63
C ARG V 33 -149.10 -24.80 8.39
N GLN V 34 -148.35 -25.14 9.45
CA GLN V 34 -148.56 -26.41 10.15
C GLN V 34 -149.87 -26.45 10.91
N LEU V 35 -150.31 -25.33 11.48
CA LEU V 35 -151.49 -25.35 12.35
C LEU V 35 -152.75 -25.68 11.57
N LEU V 36 -152.90 -25.11 10.38
CA LEU V 36 -154.13 -25.24 9.60
C LEU V 36 -154.11 -26.44 8.66
N ALA V 37 -153.06 -27.25 8.68
CA ALA V 37 -152.94 -28.34 7.72
C ALA V 37 -153.87 -29.49 8.10
N GLY V 38 -154.87 -29.74 7.28
CA GLY V 38 -155.76 -30.88 7.46
C GLY V 38 -156.84 -30.69 8.51
N GLU V 39 -156.92 -29.52 9.14
CA GLU V 39 -157.90 -29.32 10.20
C GLU V 39 -159.32 -29.29 9.65
N ILE V 40 -159.53 -28.62 8.52
CA ILE V 40 -160.86 -28.49 7.95
C ILE V 40 -161.14 -29.65 7.01
N ASN V 41 -162.36 -30.20 7.10
CA ASN V 41 -162.74 -31.34 6.29
C ASN V 41 -164.26 -31.37 6.17
N SER V 42 -164.77 -32.53 5.72
CA SER V 42 -166.20 -32.67 5.49
C SER V 42 -167.02 -32.62 6.77
N SER V 43 -166.38 -32.70 7.93
CA SER V 43 -167.07 -32.69 9.22
C SER V 43 -166.93 -31.37 9.97
N THR V 44 -166.37 -30.34 9.35
CA THR V 44 -166.11 -29.08 10.03
C THR V 44 -166.65 -27.85 9.31
N GLY V 45 -167.38 -28.05 8.21
CA GLY V 45 -167.93 -26.89 7.50
C GLY V 45 -166.85 -26.16 6.73
N ASP V 46 -166.95 -24.83 6.71
CA ASP V 46 -166.05 -23.98 5.94
C ASP V 46 -165.26 -23.02 6.82
N SER V 47 -165.27 -23.25 8.14
CA SER V 47 -164.58 -22.39 9.08
C SER V 47 -164.20 -23.22 10.31
N VAL V 48 -163.16 -22.77 11.00
CA VAL V 48 -162.66 -23.48 12.18
C VAL V 48 -161.93 -22.47 13.06
N SER V 49 -161.94 -22.72 14.38
CA SER V 49 -161.46 -21.74 15.34
C SER V 49 -160.47 -22.38 16.32
N PHE V 50 -159.62 -21.53 16.90
CA PHE V 50 -158.66 -21.91 17.92
C PHE V 50 -158.87 -21.05 19.17
N LYS V 51 -158.52 -21.60 20.32
CA LYS V 51 -158.69 -20.91 21.59
C LYS V 51 -157.61 -19.84 21.78
N ARG V 52 -157.90 -18.89 22.67
CA ARG V 52 -157.00 -17.80 23.01
C ARG V 52 -156.36 -18.01 24.39
N PRO V 53 -155.15 -17.53 24.60
CA PRO V 53 -154.53 -17.65 25.92
C PRO V 53 -155.17 -16.73 26.95
N HIS V 54 -155.00 -17.10 28.22
CA HIS V 54 -155.61 -16.39 29.32
C HIS V 54 -154.61 -15.42 29.97
N GLN V 55 -155.13 -14.52 30.81
CA GLN V 55 -154.31 -13.59 31.57
C GLN V 55 -154.93 -13.40 32.95
N PHE V 56 -154.11 -12.94 33.88
CA PHE V 56 -154.55 -12.81 35.27
C PHE V 56 -153.91 -11.58 35.91
N SER V 57 -154.53 -11.12 36.99
CA SER V 57 -154.02 -10.00 37.77
C SER V 57 -154.11 -10.36 39.25
N SER V 58 -153.24 -9.74 40.06
CA SER V 58 -153.11 -10.08 41.47
C SER V 58 -153.45 -8.87 42.34
N LEU V 59 -153.46 -9.11 43.65
CA LEU V 59 -153.73 -8.08 44.64
C LEU V 59 -152.62 -8.07 45.68
N ARG V 60 -152.33 -6.88 46.21
CA ARG V 60 -151.32 -6.70 47.24
C ARG V 60 -152.00 -6.34 48.55
N THR V 61 -151.68 -7.10 49.60
CA THR V 61 -152.31 -6.92 50.89
C THR V 61 -151.28 -7.14 51.98
N PRO V 62 -151.24 -6.29 53.02
CA PRO V 62 -150.28 -6.51 54.11
C PRO V 62 -150.47 -7.83 54.84
N THR V 63 -151.71 -8.32 54.95
CA THR V 63 -151.99 -9.53 55.72
C THR V 63 -152.78 -10.55 54.92
N GLY V 64 -152.90 -10.38 53.61
CA GLY V 64 -153.61 -11.32 52.77
C GLY V 64 -155.10 -11.40 53.05
N ASP V 65 -155.74 -10.24 53.21
CA ASP V 65 -157.17 -10.15 53.42
C ASP V 65 -157.85 -9.84 52.10
N ILE V 66 -158.60 -10.80 51.57
CA ILE V 66 -159.27 -10.65 50.29
C ILE V 66 -160.77 -10.83 50.46
N SER V 67 -161.28 -10.50 51.65
CA SER V 67 -162.70 -10.74 51.94
C SER V 67 -163.61 -9.88 51.08
N GLY V 68 -163.25 -8.61 50.89
CA GLY V 68 -164.11 -7.70 50.16
C GLY V 68 -163.68 -7.43 48.73
N GLN V 69 -162.56 -8.00 48.32
CA GLN V 69 -162.04 -7.76 46.98
C GLN V 69 -162.77 -8.62 45.96
N ASN V 70 -162.54 -8.33 44.68
CA ASN V 70 -163.12 -9.06 43.58
C ASN V 70 -162.06 -9.96 42.95
N LYS V 71 -162.39 -11.24 42.81
CA LYS V 71 -161.45 -12.24 42.32
C LYS V 71 -161.41 -12.21 40.80
N ASN V 72 -160.45 -12.96 40.24
CA ASN V 72 -160.27 -13.01 38.80
C ASN V 72 -161.38 -13.81 38.14
N ASN V 73 -161.94 -13.27 37.07
CA ASN V 73 -162.94 -13.97 36.29
C ASN V 73 -162.28 -14.76 35.17
N LEU V 74 -163.05 -15.66 34.57
CA LEU V 74 -162.58 -16.51 33.47
C LEU V 74 -163.35 -16.14 32.21
N ILE V 75 -162.66 -15.57 31.24
CA ILE V 75 -163.25 -15.20 29.94
C ILE V 75 -162.43 -15.85 28.86
N SER V 76 -163.09 -16.57 27.96
CA SER V 76 -162.44 -17.32 26.90
C SER V 76 -162.83 -16.76 25.54
N GLY V 77 -161.86 -16.67 24.64
CA GLY V 77 -162.11 -16.20 23.29
C GLY V 77 -161.50 -17.14 22.26
N LYS V 78 -161.93 -16.97 21.02
CA LYS V 78 -161.45 -17.83 19.94
C LYS V 78 -161.23 -17.00 18.69
N ALA V 79 -160.32 -17.48 17.85
CA ALA V 79 -160.00 -16.88 16.56
C ALA V 79 -160.37 -17.85 15.44
N THR V 80 -161.08 -17.34 14.44
CA THR V 80 -161.72 -18.16 13.42
C THR V 80 -161.11 -17.90 12.06
N GLY V 81 -160.92 -18.97 11.28
CA GLY V 81 -160.49 -18.88 9.91
C GLY V 81 -161.41 -19.63 8.97
N ARG V 82 -161.65 -19.07 7.79
CA ARG V 82 -162.65 -19.58 6.86
C ARG V 82 -162.04 -19.78 5.47
N VAL V 83 -162.74 -20.58 4.66
CA VAL V 83 -162.30 -20.87 3.30
C VAL V 83 -162.47 -19.63 2.42
N GLY V 84 -161.90 -19.68 1.21
CA GLY V 84 -162.00 -18.57 0.29
C GLY V 84 -162.56 -18.94 -1.08
N ASN V 85 -162.31 -18.10 -2.08
CA ASN V 85 -162.82 -18.34 -3.41
C ASN V 85 -161.91 -19.29 -4.19
N TYR V 86 -162.44 -19.87 -5.26
CA TYR V 86 -161.67 -20.74 -6.12
C TYR V 86 -160.68 -19.95 -6.96
N ILE V 87 -159.70 -20.65 -7.51
CA ILE V 87 -158.80 -20.11 -8.53
C ILE V 87 -158.85 -21.08 -9.69
N THR V 88 -159.32 -20.62 -10.85
CA THR V 88 -159.56 -21.49 -11.99
C THR V 88 -158.98 -20.87 -13.26
N VAL V 89 -158.33 -21.69 -14.06
CA VAL V 89 -157.87 -21.32 -15.40
C VAL V 89 -158.38 -22.36 -16.38
N ALA V 90 -159.01 -21.89 -17.46
CA ALA V 90 -159.62 -22.78 -18.43
C ALA V 90 -159.25 -22.36 -19.84
N VAL V 91 -159.11 -23.36 -20.72
CA VAL V 91 -158.80 -23.13 -22.13
C VAL V 91 -159.65 -24.08 -22.97
N GLU V 92 -159.70 -23.79 -24.28
CA GLU V 92 -160.42 -24.64 -25.21
C GLU V 92 -159.74 -24.55 -26.56
N TYR V 93 -159.96 -25.57 -27.39
CA TYR V 93 -159.47 -25.58 -28.76
C TYR V 93 -160.32 -26.56 -29.57
N GLN V 94 -160.28 -26.37 -30.88
CA GLN V 94 -161.10 -27.16 -31.80
C GLN V 94 -160.35 -28.39 -32.28
N GLN V 95 -161.12 -29.40 -32.69
CA GLN V 95 -160.54 -30.69 -33.08
C GLN V 95 -159.64 -30.54 -34.30
N LEU V 96 -160.09 -29.78 -35.31
CA LEU V 96 -159.25 -29.62 -36.50
C LEU V 96 -158.02 -28.79 -36.20
N GLU V 97 -158.13 -27.81 -35.30
CA GLU V 97 -156.95 -27.06 -34.88
C GLU V 97 -155.95 -27.96 -34.20
N GLU V 98 -156.42 -28.87 -33.35
CA GLU V 98 -155.52 -29.86 -32.76
C GLU V 98 -154.91 -30.73 -33.84
N ALA V 99 -155.70 -31.11 -34.85
CA ALA V 99 -155.22 -32.03 -35.87
C ALA V 99 -154.09 -31.42 -36.71
N ILE V 100 -154.25 -30.17 -37.14
CA ILE V 100 -153.35 -29.58 -38.14
C ILE V 100 -152.38 -28.58 -37.52
N LYS V 101 -152.86 -27.71 -36.62
CA LYS V 101 -152.05 -26.58 -36.19
C LYS V 101 -151.32 -26.80 -34.88
N LEU V 102 -151.99 -27.37 -33.87
CA LEU V 102 -151.42 -27.41 -32.53
C LEU V 102 -150.28 -28.42 -32.43
N ASN V 103 -149.20 -28.00 -31.78
CA ASN V 103 -148.08 -28.88 -31.45
C ASN V 103 -147.37 -28.29 -30.24
N GLN V 104 -146.53 -29.10 -29.60
CA GLN V 104 -145.84 -28.71 -28.38
C GLN V 104 -146.84 -28.29 -27.31
N LEU V 105 -147.93 -29.06 -27.20
CA LEU V 105 -149.04 -28.67 -26.33
C LEU V 105 -148.62 -28.62 -24.86
N GLU V 106 -147.74 -29.52 -24.41
CA GLU V 106 -147.30 -29.50 -23.03
C GLU V 106 -146.56 -28.21 -22.69
N GLU V 107 -145.65 -27.80 -23.58
CA GLU V 107 -144.94 -26.54 -23.39
C GLU V 107 -145.83 -25.32 -23.59
N ILE V 108 -146.93 -25.46 -24.32
CA ILE V 108 -147.90 -24.36 -24.40
C ILE V 108 -148.65 -24.22 -23.09
N LEU V 109 -149.02 -25.34 -22.47
CA LEU V 109 -149.89 -25.36 -21.30
C LEU V 109 -149.13 -25.35 -19.98
N ALA V 110 -147.80 -25.38 -19.99
CA ALA V 110 -147.04 -25.43 -18.75
C ALA V 110 -147.34 -24.31 -17.75
N PRO V 111 -147.34 -23.01 -18.13
CA PRO V 111 -147.29 -21.95 -17.10
C PRO V 111 -148.57 -21.71 -16.30
N VAL V 112 -149.58 -22.56 -16.48
CA VAL V 112 -150.84 -22.35 -15.77
C VAL V 112 -150.65 -22.51 -14.26
N ARG V 113 -149.83 -23.48 -13.85
CA ARG V 113 -149.59 -23.69 -12.42
C ARG V 113 -148.92 -22.47 -11.79
N GLN V 114 -147.91 -21.91 -12.47
CA GLN V 114 -147.23 -20.76 -11.92
C GLN V 114 -148.14 -19.53 -11.92
N ARG V 115 -149.05 -19.41 -12.89
CA ARG V 115 -150.03 -18.34 -12.84
C ARG V 115 -150.93 -18.49 -11.61
N ILE V 116 -151.38 -19.71 -11.33
CA ILE V 116 -152.24 -19.95 -10.17
C ILE V 116 -151.49 -19.57 -8.89
N VAL V 117 -150.24 -20.02 -8.77
CA VAL V 117 -149.47 -19.73 -7.56
C VAL V 117 -149.23 -18.23 -7.41
N THR V 118 -148.97 -17.53 -8.51
CA THR V 118 -148.78 -16.09 -8.44
C THR V 118 -150.04 -15.38 -7.96
N ASP V 119 -151.21 -15.80 -8.46
CA ASP V 119 -152.45 -15.19 -8.00
C ASP V 119 -152.68 -15.45 -6.52
N LEU V 120 -152.42 -16.67 -6.07
CA LEU V 120 -152.57 -16.98 -4.65
C LEU V 120 -151.65 -16.13 -3.79
N GLU V 121 -150.39 -15.99 -4.21
CA GLU V 121 -149.44 -15.18 -3.46
C GLU V 121 -149.89 -13.72 -3.40
N THR V 122 -150.38 -13.18 -4.51
CA THR V 122 -150.83 -11.80 -4.53
C THR V 122 -152.00 -11.59 -3.58
N GLU V 123 -152.98 -12.49 -3.59
CA GLU V 123 -154.11 -12.29 -2.69
C GLU V 123 -153.72 -12.52 -1.24
N LEU V 124 -152.75 -13.39 -0.98
CA LEU V 124 -152.25 -13.55 0.38
C LEU V 124 -151.58 -12.26 0.86
N ALA V 125 -150.80 -11.63 -0.01
CA ALA V 125 -150.20 -10.34 0.35
C ALA V 125 -151.27 -9.30 0.64
N HIS V 126 -152.33 -9.28 -0.18
CA HIS V 126 -153.43 -8.35 0.06
C HIS V 126 -154.09 -8.61 1.41
N PHE V 127 -154.31 -9.89 1.74
CA PHE V 127 -154.93 -10.24 3.01
C PHE V 127 -154.08 -9.78 4.19
N MET V 128 -152.77 -10.06 4.13
CA MET V 128 -151.89 -9.63 5.21
C MET V 128 -151.85 -8.12 5.34
N MET V 129 -151.82 -7.42 4.20
CA MET V 129 -151.81 -5.95 4.23
C MET V 129 -153.08 -5.41 4.87
N ASN V 130 -154.23 -6.00 4.53
CA ASN V 130 -155.49 -5.53 5.11
C ASN V 130 -155.55 -5.81 6.61
N ASN V 131 -155.08 -6.99 7.04
CA ASN V 131 -155.28 -7.41 8.42
C ASN V 131 -154.16 -7.02 9.38
N GLY V 132 -153.04 -6.49 8.88
CA GLY V 132 -152.00 -6.00 9.77
C GLY V 132 -152.44 -4.77 10.53
N ALA V 133 -151.96 -4.64 11.76
CA ALA V 133 -152.40 -3.58 12.65
C ALA V 133 -151.30 -2.65 13.12
N LEU V 134 -150.08 -3.15 13.35
CA LEU V 134 -149.01 -2.31 13.83
C LEU V 134 -148.55 -1.36 12.72
N SER V 135 -147.87 -0.28 13.12
CA SER V 135 -147.42 0.72 12.16
C SER V 135 -146.17 1.40 12.69
N LEU V 136 -145.30 1.81 11.77
CA LEU V 136 -144.06 2.50 12.12
C LEU V 136 -143.73 3.47 11.01
N GLY V 137 -143.64 4.76 11.33
CA GLY V 137 -143.26 5.77 10.36
C GLY V 137 -144.42 6.18 9.47
N SER V 138 -144.12 7.10 8.54
CA SER V 138 -145.07 7.62 7.57
C SER V 138 -144.67 7.22 6.16
N PRO V 139 -145.64 7.06 5.25
CA PRO V 139 -145.32 6.65 3.88
C PRO V 139 -144.58 7.70 3.07
N ASN V 140 -144.42 8.93 3.57
CA ASN V 140 -143.74 10.00 2.86
C ASN V 140 -142.24 9.97 3.08
N THR V 141 -141.69 8.82 3.46
CA THR V 141 -140.26 8.70 3.75
C THR V 141 -139.83 7.29 3.38
N PRO V 142 -139.19 7.12 2.22
CA PRO V 142 -138.72 5.77 1.85
C PRO V 142 -137.61 5.31 2.78
N ILE V 143 -137.44 3.99 2.86
CA ILE V 143 -136.44 3.40 3.74
C ILE V 143 -135.06 3.79 3.26
N THR V 144 -134.28 4.43 4.15
CA THR V 144 -132.96 4.92 3.80
C THR V 144 -131.88 4.57 4.81
N LYS V 145 -132.19 4.39 6.09
CA LYS V 145 -131.19 4.20 7.11
C LYS V 145 -131.36 2.85 7.79
N TRP V 146 -130.40 2.50 8.64
CA TRP V 146 -130.42 1.25 9.40
C TRP V 146 -131.43 1.28 10.54
N SER V 147 -131.67 2.44 11.14
CA SER V 147 -132.67 2.53 12.18
C SER V 147 -134.06 2.23 11.66
N ASP V 148 -134.32 2.58 10.39
CA ASP V 148 -135.63 2.32 9.80
C ASP V 148 -135.94 0.83 9.73
N VAL V 149 -134.93 -0.03 9.82
CA VAL V 149 -135.13 -1.47 9.89
C VAL V 149 -135.05 -1.98 11.33
N ALA V 150 -134.10 -1.44 12.11
CA ALA V 150 -133.95 -1.92 13.49
C ALA V 150 -135.16 -1.57 14.35
N GLN V 151 -135.92 -0.55 13.96
CA GLN V 151 -137.07 -0.14 14.76
C GLN V 151 -138.13 -1.23 14.83
N THR V 152 -138.25 -2.05 13.77
CA THR V 152 -139.22 -3.13 13.80
C THR V 152 -138.90 -4.15 14.89
N ALA V 153 -137.64 -4.61 14.91
CA ALA V 153 -137.23 -5.57 15.94
C ALA V 153 -137.33 -4.95 17.33
N SER V 154 -136.93 -3.68 17.46
CA SER V 154 -137.02 -3.03 18.77
C SER V 154 -138.46 -2.96 19.26
N PHE V 155 -139.39 -2.59 18.37
CA PHE V 155 -140.79 -2.49 18.75
C PHE V 155 -141.36 -3.85 19.11
N LEU V 156 -141.03 -4.89 18.33
CA LEU V 156 -141.52 -6.22 18.64
C LEU V 156 -140.99 -6.69 20.00
N LYS V 157 -139.71 -6.48 20.27
CA LYS V 157 -139.14 -6.90 21.55
C LYS V 157 -139.77 -6.14 22.70
N ASP V 158 -139.98 -4.83 22.55
CA ASP V 158 -140.61 -4.05 23.60
C ASP V 158 -142.04 -4.49 23.85
N LEU V 159 -142.80 -4.78 22.78
CA LEU V 159 -144.17 -5.24 22.96
C LEU V 159 -144.20 -6.58 23.68
N GLY V 160 -143.29 -7.49 23.32
CA GLY V 160 -143.12 -8.68 24.13
C GLY V 160 -143.32 -10.01 23.42
N VAL V 161 -143.17 -10.04 22.10
CA VAL V 161 -143.25 -11.30 21.37
C VAL V 161 -141.96 -12.09 21.58
N ASN V 162 -142.09 -13.38 21.88
CA ASN V 162 -140.94 -14.19 22.23
C ASN V 162 -140.81 -15.49 21.46
N GLU V 163 -141.88 -15.96 20.82
CA GLU V 163 -141.85 -17.24 20.11
C GLU V 163 -141.89 -17.01 18.61
N GLY V 164 -141.20 -17.88 17.87
CA GLY V 164 -141.14 -17.79 16.43
C GLY V 164 -140.07 -16.81 15.97
N GLU V 165 -140.00 -16.65 14.65
CA GLU V 165 -139.05 -15.75 14.03
C GLU V 165 -139.76 -14.50 13.52
N ASN V 166 -139.07 -13.36 13.60
CA ASN V 166 -139.59 -12.09 13.13
C ASN V 166 -139.07 -11.84 11.72
N TYR V 167 -139.99 -11.62 10.78
CA TYR V 167 -139.66 -11.45 9.38
C TYR V 167 -140.00 -10.04 8.91
N ALA V 168 -139.18 -9.54 7.99
CA ALA V 168 -139.43 -8.28 7.31
C ALA V 168 -139.34 -8.53 5.81
N VAL V 169 -140.27 -7.95 5.06
CA VAL V 169 -140.37 -8.13 3.63
C VAL V 169 -140.38 -6.75 2.98
N MET V 170 -139.51 -6.59 1.97
CA MET V 170 -139.19 -5.30 1.40
C MET V 170 -139.28 -5.40 -0.12
N ASP V 171 -138.82 -4.36 -0.80
CA ASP V 171 -138.80 -4.34 -2.26
C ASP V 171 -137.39 -4.01 -2.77
N PRO V 172 -137.12 -4.34 -4.05
CA PRO V 172 -135.74 -4.19 -4.55
C PRO V 172 -135.18 -2.78 -4.43
N TRP V 173 -136.00 -1.75 -4.59
CA TRP V 173 -135.47 -0.39 -4.50
C TRP V 173 -135.02 -0.05 -3.08
N SER V 174 -135.81 -0.43 -2.08
CA SER V 174 -135.39 -0.22 -0.71
C SER V 174 -134.17 -1.07 -0.37
N ALA V 175 -134.10 -2.29 -0.91
CA ALA V 175 -132.90 -3.09 -0.72
C ALA V 175 -131.67 -2.41 -1.32
N GLN V 176 -131.83 -1.80 -2.49
CA GLN V 176 -130.73 -1.05 -3.10
C GLN V 176 -130.30 0.11 -2.22
N ARG V 177 -131.26 0.85 -1.68
CA ARG V 177 -130.92 1.97 -0.81
C ARG V 177 -130.20 1.50 0.45
N LEU V 178 -130.64 0.36 1.01
CA LEU V 178 -129.98 -0.19 2.18
C LEU V 178 -128.55 -0.63 1.86
N ALA V 179 -128.35 -1.24 0.69
CA ALA V 179 -127.01 -1.61 0.28
C ALA V 179 -126.13 -0.38 0.10
N ASP V 180 -126.68 0.69 -0.48
CA ASP V 180 -125.95 1.93 -0.62
C ASP V 180 -125.55 2.51 0.74
N ALA V 181 -126.45 2.44 1.72
CA ALA V 181 -126.12 2.89 3.06
C ALA V 181 -125.04 2.01 3.69
N GLN V 182 -125.09 0.70 3.42
CA GLN V 182 -124.07 -0.20 3.96
C GLN V 182 -122.70 0.09 3.37
N THR V 183 -122.65 0.50 2.10
CA THR V 183 -121.38 0.82 1.46
C THR V 183 -120.68 1.99 2.13
N GLY V 184 -121.40 2.75 2.95
CA GLY V 184 -120.83 3.86 3.70
C GLY V 184 -120.30 3.49 5.07
N LEU V 185 -120.11 2.21 5.36
CA LEU V 185 -119.54 1.80 6.64
C LEU V 185 -118.09 2.25 6.74
N HIS V 186 -117.48 2.03 7.91
CA HIS V 186 -116.16 2.57 8.18
C HIS V 186 -115.10 1.54 8.50
N ALA V 187 -115.47 0.34 8.95
CA ALA V 187 -114.47 -0.63 9.39
C ALA V 187 -114.48 -1.92 8.59
N SER V 188 -115.62 -2.57 8.43
CA SER V 188 -115.67 -3.94 7.91
C SER V 188 -115.36 -3.92 6.42
N ASP V 189 -114.12 -4.28 6.07
CA ASP V 189 -113.70 -4.26 4.67
C ASP V 189 -114.46 -5.28 3.83
N GLN V 190 -114.63 -6.49 4.34
CA GLN V 190 -115.37 -7.50 3.56
C GLN V 190 -116.84 -7.14 3.45
N LEU V 191 -117.42 -6.62 4.54
CA LEU V 191 -118.84 -6.26 4.53
C LEU V 191 -119.13 -5.06 3.65
N VAL V 192 -118.13 -4.19 3.43
CA VAL V 192 -118.33 -3.10 2.49
C VAL V 192 -118.01 -3.53 1.06
N ARG V 193 -117.05 -4.43 0.87
CA ARG V 193 -116.73 -4.93 -0.47
C ARG V 193 -117.89 -5.72 -1.05
N THR V 194 -118.56 -6.53 -0.22
CA THR V 194 -119.69 -7.32 -0.71
C THR V 194 -120.80 -6.40 -1.21
N ALA V 195 -121.12 -5.35 -0.45
CA ALA V 195 -122.18 -4.43 -0.86
C ALA V 195 -121.75 -3.59 -2.06
N TRP V 196 -120.48 -3.22 -2.13
CA TRP V 196 -120.00 -2.43 -3.26
C TRP V 196 -120.05 -3.23 -4.56
N GLU V 197 -119.66 -4.50 -4.50
CA GLU V 197 -119.62 -5.31 -5.72
C GLU V 197 -120.99 -5.86 -6.07
N ASN V 198 -121.57 -6.68 -5.20
CA ASN V 198 -122.79 -7.41 -5.52
C ASN V 198 -124.07 -6.72 -5.04
N ALA V 199 -123.95 -5.65 -4.25
CA ALA V 199 -125.11 -4.96 -3.69
C ALA V 199 -126.02 -5.93 -2.94
N GLN V 200 -125.40 -6.77 -2.11
CA GLN V 200 -126.10 -7.80 -1.38
C GLN V 200 -125.98 -7.52 0.11
N ILE V 201 -127.11 -7.41 0.80
CA ILE V 201 -127.14 -7.20 2.24
C ILE V 201 -127.21 -8.55 2.93
N PRO V 202 -126.70 -8.69 4.16
CA PRO V 202 -126.71 -9.99 4.83
C PRO V 202 -128.12 -10.47 5.13
N THR V 203 -128.23 -11.75 5.45
CA THR V 203 -129.53 -12.34 5.76
C THR V 203 -130.11 -11.74 7.04
N ASN V 204 -129.25 -11.36 7.98
CA ASN V 204 -129.69 -10.67 9.18
C ASN V 204 -129.43 -9.18 9.04
N PHE V 205 -130.37 -8.38 9.55
CA PHE V 205 -130.25 -6.93 9.48
C PHE V 205 -131.03 -6.33 10.63
N GLY V 206 -130.33 -5.94 11.69
CA GLY V 206 -131.01 -5.37 12.85
C GLY V 206 -131.73 -6.39 13.70
N GLY V 207 -131.35 -7.66 13.63
CA GLY V 207 -131.95 -8.69 14.45
C GLY V 207 -133.22 -9.30 13.92
N ILE V 208 -133.70 -8.84 12.76
CA ILE V 208 -134.92 -9.33 12.15
C ILE V 208 -134.57 -9.92 10.79
N ARG V 209 -135.20 -11.06 10.46
CA ARG V 209 -134.85 -11.75 9.22
C ARG V 209 -135.43 -10.98 8.04
N ALA V 210 -134.55 -10.39 7.24
CA ALA V 210 -134.96 -9.52 6.14
C ALA V 210 -134.94 -10.28 4.83
N LEU V 211 -136.00 -10.10 4.04
CA LEU V 211 -136.11 -10.74 2.73
C LEU V 211 -136.29 -9.69 1.64
N MET V 212 -136.37 -10.12 0.39
CA MET V 212 -136.52 -9.19 -0.73
C MET V 212 -137.25 -9.91 -1.85
N SER V 213 -138.39 -9.37 -2.25
CA SER V 213 -139.20 -9.97 -3.31
C SER V 213 -139.69 -8.89 -4.24
N ASN V 214 -139.99 -9.29 -5.49
CA ASN V 214 -140.51 -8.34 -6.50
C ASN V 214 -142.02 -8.48 -6.61
N GLY V 215 -142.57 -9.59 -6.14
CA GLY V 215 -144.03 -9.79 -6.19
C GLY V 215 -144.66 -9.37 -4.88
N LEU V 216 -145.27 -8.19 -4.84
CA LEU V 216 -145.84 -7.65 -3.59
C LEU V 216 -147.03 -6.77 -3.98
N ALA V 217 -147.96 -6.49 -3.08
CA ALA V 217 -149.19 -5.76 -3.46
C ALA V 217 -148.98 -4.26 -3.52
N SER V 218 -149.91 -3.54 -4.16
CA SER V 218 -149.84 -2.06 -4.23
C SER V 218 -151.14 -1.48 -3.66
N ARG V 219 -151.07 -0.36 -2.94
CA ARG V 219 -152.28 0.16 -2.27
C ARG V 219 -152.44 1.66 -2.48
N THR V 220 -153.68 2.15 -2.56
CA THR V 220 -153.94 3.59 -2.77
C THR V 220 -154.45 4.19 -1.47
N GLN V 221 -153.91 5.33 -1.06
CA GLN V 221 -154.27 5.93 0.25
C GLN V 221 -155.75 6.32 0.31
N GLY V 222 -156.31 6.88 -0.76
CA GLY V 222 -157.74 7.18 -0.72
C GLY V 222 -157.95 8.65 -0.41
N ALA V 223 -158.98 9.27 -0.97
CA ALA V 223 -159.15 10.74 -0.83
C ALA V 223 -159.66 11.14 0.54
N PHE V 224 -158.93 11.99 1.26
CA PHE V 224 -159.48 12.46 2.53
C PHE V 224 -158.88 13.83 2.83
N GLY V 225 -159.48 14.51 3.79
CA GLY V 225 -159.01 15.84 4.17
C GLY V 225 -159.76 16.36 5.37
N GLY V 226 -159.29 17.49 5.86
CA GLY V 226 -159.90 18.14 7.01
C GLY V 226 -159.43 17.54 8.32
N THR V 227 -159.92 18.11 9.42
CA THR V 227 -159.66 17.54 10.73
C THR V 227 -160.69 16.46 11.05
N LEU V 228 -160.26 15.45 11.82
CA LEU V 228 -161.12 14.32 12.14
C LEU V 228 -161.07 14.04 13.64
N THR V 229 -162.22 13.65 14.19
CA THR V 229 -162.34 13.28 15.59
C THR V 229 -163.52 12.34 15.75
N VAL V 230 -163.50 11.57 16.85
CA VAL V 230 -164.57 10.61 17.08
C VAL V 230 -165.85 11.32 17.48
N LYS V 231 -166.96 10.63 17.30
CA LYS V 231 -168.28 11.20 17.57
C LYS V 231 -169.05 10.48 18.67
N THR V 232 -169.03 9.15 18.70
CA THR V 232 -169.71 8.38 19.73
C THR V 232 -168.72 7.41 20.37
N GLN V 233 -168.82 7.28 21.68
CA GLN V 233 -167.91 6.41 22.41
C GLN V 233 -168.16 4.95 22.03
N PRO V 234 -167.16 4.22 21.58
CA PRO V 234 -167.36 2.82 21.19
C PRO V 234 -167.27 1.86 22.38
N THR V 235 -167.74 0.64 22.13
CA THR V 235 -167.65 -0.45 23.10
C THR V 235 -166.43 -1.29 22.74
N VAL V 236 -165.40 -1.25 23.59
CA VAL V 236 -164.14 -1.92 23.31
C VAL V 236 -163.79 -2.89 24.42
N THR V 237 -164.81 -3.36 25.15
CA THR V 237 -164.56 -4.30 26.23
C THR V 237 -164.20 -5.68 25.67
N TYR V 238 -163.45 -6.43 26.48
CA TYR V 238 -163.02 -7.76 26.04
C TYR V 238 -164.22 -8.68 25.83
N ASN V 239 -165.24 -8.56 26.67
CA ASN V 239 -166.42 -9.39 26.51
C ASN V 239 -167.17 -9.08 25.22
N ALA V 240 -166.85 -7.97 24.56
CA ALA V 240 -167.46 -7.63 23.28
C ALA V 240 -166.53 -7.84 22.09
N VAL V 241 -165.21 -7.80 22.28
CA VAL V 241 -164.28 -7.97 21.18
C VAL V 241 -163.41 -9.22 21.36
N LYS V 242 -163.89 -10.21 22.11
CA LYS V 242 -163.13 -11.43 22.35
C LYS V 242 -163.21 -12.42 21.21
N ASP V 243 -163.88 -12.09 20.11
CA ASP V 243 -164.08 -13.03 19.01
C ASP V 243 -163.31 -12.71 17.75
N SER V 244 -163.10 -11.43 17.43
CA SER V 244 -162.47 -11.07 16.16
C SER V 244 -161.40 -9.99 16.25
N TYR V 245 -161.26 -9.30 17.39
CA TYR V 245 -160.31 -8.18 17.52
C TYR V 245 -160.59 -7.11 16.48
N GLN V 246 -161.87 -6.83 16.23
CA GLN V 246 -162.27 -5.77 15.34
C GLN V 246 -163.37 -4.96 16.02
N PHE V 247 -163.41 -3.66 15.71
CA PHE V 247 -164.42 -2.81 16.32
C PHE V 247 -164.82 -1.71 15.36
N THR V 248 -166.06 -1.24 15.53
CA THR V 248 -166.66 -0.23 14.66
C THR V 248 -166.64 1.12 15.37
N VAL V 249 -166.30 2.17 14.63
CA VAL V 249 -166.21 3.51 15.19
C VAL V 249 -166.62 4.53 14.13
N THR V 250 -167.21 5.63 14.58
CA THR V 250 -167.64 6.72 13.71
C THR V 250 -166.80 7.96 13.96
N LEU V 251 -166.53 8.70 12.90
CA LEU V 251 -165.75 9.94 12.96
C LEU V 251 -166.63 11.10 12.55
N THR V 252 -166.11 12.32 12.73
CA THR V 252 -166.85 13.52 12.38
C THR V 252 -165.86 14.61 12.00
N GLY V 253 -166.37 15.64 11.33
CA GLY V 253 -165.56 16.74 10.85
C GLY V 253 -164.91 16.52 9.51
N ALA V 254 -165.24 15.43 8.80
CA ALA V 254 -164.65 15.16 7.51
C ALA V 254 -165.29 16.03 6.43
N THR V 255 -164.89 15.76 5.19
CA THR V 255 -165.45 16.48 4.06
C THR V 255 -166.93 16.12 3.88
N ALA V 256 -167.68 17.05 3.29
CA ALA V 256 -169.14 16.92 3.24
C ALA V 256 -169.57 15.66 2.51
N SER V 257 -168.96 15.38 1.36
CA SER V 257 -169.32 14.19 0.59
C SER V 257 -168.15 13.80 -0.31
N VAL V 258 -167.50 12.69 0.02
CA VAL V 258 -166.41 12.13 -0.77
C VAL V 258 -166.59 10.61 -0.79
N THR V 259 -166.91 10.07 -1.96
CA THR V 259 -166.96 8.62 -2.09
C THR V 259 -165.55 8.03 -2.01
N GLY V 260 -165.44 6.89 -1.35
CA GLY V 260 -164.12 6.32 -1.10
C GLY V 260 -163.26 7.18 -0.19
N PHE V 261 -163.84 7.68 0.90
CA PHE V 261 -163.09 8.52 1.82
C PHE V 261 -161.91 7.75 2.44
N LEU V 262 -162.15 6.52 2.85
CA LEU V 262 -161.10 5.66 3.36
C LEU V 262 -161.15 4.32 2.63
N LYS V 263 -160.01 3.90 2.10
CA LYS V 263 -159.91 2.64 1.38
C LYS V 263 -159.29 1.57 2.28
N ALA V 264 -159.38 0.32 1.83
CA ALA V 264 -158.82 -0.78 2.58
C ALA V 264 -157.31 -0.63 2.71
N GLY V 265 -156.81 -0.84 3.92
CA GLY V 265 -155.38 -0.72 4.20
C GLY V 265 -154.96 0.56 4.88
N ASP V 266 -155.84 1.56 4.96
CA ASP V 266 -155.49 2.81 5.62
C ASP V 266 -155.29 2.60 7.12
N GLN V 267 -154.52 3.49 7.72
CA GLN V 267 -154.19 3.40 9.13
C GLN V 267 -154.52 4.70 9.84
N VAL V 268 -155.19 4.57 10.98
CA VAL V 268 -155.63 5.68 11.79
C VAL V 268 -154.90 5.62 13.13
N LYS V 269 -154.32 6.75 13.53
CA LYS V 269 -153.52 6.85 14.75
C LYS V 269 -154.28 7.70 15.75
N PHE V 270 -154.41 7.20 16.98
CA PHE V 270 -155.06 7.92 18.07
C PHE V 270 -154.00 8.67 18.86
N THR V 271 -154.08 10.01 18.87
CA THR V 271 -152.98 10.81 19.39
C THR V 271 -152.79 10.62 20.89
N ASN V 272 -153.89 10.62 21.64
CA ASN V 272 -153.84 10.66 23.11
C ASN V 272 -154.14 9.31 23.74
N THR V 273 -153.65 8.21 23.15
CA THR V 273 -153.94 6.87 23.65
C THR V 273 -152.75 5.98 23.30
N TYR V 274 -152.06 5.48 24.31
CA TYR V 274 -150.74 4.87 24.13
C TYR V 274 -150.77 3.36 24.30
N TRP V 275 -149.78 2.70 23.69
CA TRP V 275 -149.61 1.27 23.81
C TRP V 275 -149.12 0.89 25.22
N LEU V 276 -149.63 -0.23 25.72
CA LEU V 276 -149.13 -0.83 26.95
C LEU V 276 -148.45 -2.16 26.62
N GLN V 277 -147.41 -2.48 27.39
CA GLN V 277 -146.81 -3.80 27.28
C GLN V 277 -147.78 -4.85 27.81
N GLN V 278 -147.96 -5.92 27.05
CA GLN V 278 -149.04 -6.87 27.30
C GLN V 278 -148.82 -7.73 28.53
N GLN V 279 -147.64 -7.71 29.13
CA GLN V 279 -147.37 -8.49 30.33
C GLN V 279 -147.23 -7.67 31.60
N THR V 280 -146.55 -6.52 31.52
CA THR V 280 -146.32 -5.68 32.69
C THR V 280 -147.32 -4.54 32.81
N LYS V 281 -148.08 -4.26 31.75
CA LYS V 281 -149.08 -3.18 31.75
C LYS V 281 -148.44 -1.83 32.04
N GLN V 282 -147.33 -1.55 31.36
CA GLN V 282 -146.66 -0.26 31.44
C GLN V 282 -146.64 0.37 30.06
N ALA V 283 -146.87 1.69 30.03
CA ALA V 283 -146.93 2.40 28.76
C ALA V 283 -145.57 2.38 28.06
N LEU V 284 -145.62 2.30 26.74
CA LEU V 284 -144.40 2.28 25.94
C LEU V 284 -143.94 3.71 25.65
N TYR V 285 -142.68 3.98 25.92
CA TYR V 285 -142.09 5.30 25.72
C TYR V 285 -140.89 5.17 24.81
N ASN V 286 -140.92 5.86 23.67
CA ASN V 286 -139.83 5.83 22.70
C ASN V 286 -138.97 7.08 22.90
N GLY V 287 -138.16 7.05 23.97
CA GLY V 287 -137.30 8.17 24.27
C GLY V 287 -137.98 9.23 25.09
N ALA V 288 -138.43 10.29 24.44
CA ALA V 288 -139.15 11.37 25.10
C ALA V 288 -140.62 11.42 24.72
N THR V 289 -141.06 10.59 23.77
CA THR V 289 -142.45 10.57 23.34
C THR V 289 -143.01 9.17 23.43
N PRO V 290 -144.30 9.03 23.77
CA PRO V 290 -144.91 7.69 23.80
C PRO V 290 -145.29 7.23 22.40
N ILE V 291 -145.77 5.99 22.33
CA ILE V 291 -146.21 5.38 21.09
C ILE V 291 -147.73 5.41 21.05
N SER V 292 -148.28 5.96 19.98
CA SER V 292 -149.72 6.10 19.86
C SER V 292 -150.34 4.86 19.26
N PHE V 293 -151.56 4.53 19.70
CA PHE V 293 -152.27 3.38 19.20
C PHE V 293 -152.66 3.58 17.73
N THR V 294 -152.65 2.48 16.98
CA THR V 294 -152.91 2.51 15.55
C THR V 294 -153.89 1.41 15.20
N ALA V 295 -154.77 1.70 14.23
CA ALA V 295 -155.76 0.74 13.77
C ALA V 295 -155.80 0.77 12.25
N THR V 296 -156.25 -0.34 11.66
CA THR V 296 -156.26 -0.51 10.22
C THR V 296 -157.68 -0.70 9.72
N VAL V 297 -158.02 0.03 8.66
CA VAL V 297 -159.35 -0.02 8.07
C VAL V 297 -159.48 -1.28 7.23
N THR V 298 -160.54 -2.04 7.46
CA THR V 298 -160.74 -3.30 6.76
C THR V 298 -161.34 -3.09 5.37
N ALA V 299 -162.52 -2.50 5.32
CA ALA V 299 -163.23 -2.30 4.06
C ALA V 299 -163.42 -0.81 3.80
N ASP V 300 -163.71 -0.49 2.54
CA ASP V 300 -163.85 0.91 2.14
C ASP V 300 -165.05 1.55 2.81
N ALA V 301 -164.96 2.87 3.00
CA ALA V 301 -165.99 3.65 3.66
C ALA V 301 -166.26 4.92 2.87
N ASN V 302 -167.49 5.42 2.99
CA ASN V 302 -167.92 6.62 2.30
C ASN V 302 -168.47 7.63 3.30
N SER V 303 -168.22 8.90 3.03
CA SER V 303 -168.67 9.98 3.91
C SER V 303 -169.95 10.60 3.35
N ASP V 304 -171.04 10.53 4.11
CA ASP V 304 -172.28 11.14 3.69
C ASP V 304 -172.35 12.59 4.16
N SER V 305 -173.46 13.25 3.83
CA SER V 305 -173.64 14.65 4.18
C SER V 305 -173.54 14.84 5.69
N GLY V 306 -172.88 15.91 6.10
CA GLY V 306 -172.61 16.16 7.50
C GLY V 306 -171.24 15.77 7.99
N GLY V 307 -170.41 15.18 7.12
CA GLY V 307 -169.07 14.81 7.49
C GLY V 307 -168.96 13.72 8.55
N ASP V 308 -169.75 12.66 8.42
CA ASP V 308 -169.71 11.53 9.34
C ASP V 308 -169.42 10.25 8.56
N VAL V 309 -168.49 9.45 9.06
CA VAL V 309 -168.08 8.21 8.41
C VAL V 309 -168.04 7.11 9.46
N THR V 310 -168.50 5.91 9.08
CA THR V 310 -168.48 4.75 9.95
C THR V 310 -167.49 3.74 9.37
N VAL V 311 -166.54 3.31 10.19
CA VAL V 311 -165.49 2.40 9.74
C VAL V 311 -165.37 1.24 10.73
N THR V 312 -164.84 0.13 10.22
CA THR V 312 -164.57 -1.06 11.02
C THR V 312 -163.06 -1.31 10.98
N LEU V 313 -162.42 -1.16 12.14
CA LEU V 313 -160.97 -1.24 12.25
C LEU V 313 -160.55 -2.56 12.90
N SER V 314 -159.36 -3.03 12.51
CA SER V 314 -158.77 -4.24 13.05
C SER V 314 -157.72 -3.86 14.08
N GLY V 315 -157.74 -4.56 15.21
CA GLY V 315 -156.90 -4.20 16.34
C GLY V 315 -157.66 -3.31 17.29
N VAL V 316 -157.97 -3.81 18.47
CA VAL V 316 -158.87 -3.11 19.39
C VAL V 316 -158.09 -2.53 20.56
N PRO V 317 -158.40 -1.32 21.01
CA PRO V 317 -157.81 -0.76 22.24
C PRO V 317 -158.59 -1.17 23.48
N ILE V 318 -158.34 -2.40 23.94
CA ILE V 318 -159.13 -2.96 25.03
C ILE V 318 -158.84 -2.18 26.31
N TYR V 319 -159.90 -1.72 26.96
CA TYR V 319 -159.82 -1.01 28.24
C TYR V 319 -161.06 -1.40 29.05
N ASP V 320 -160.91 -2.41 29.91
CA ASP V 320 -162.01 -2.93 30.72
C ASP V 320 -161.87 -2.39 32.13
N THR V 321 -162.98 -1.91 32.69
CA THR V 321 -162.97 -1.40 34.06
C THR V 321 -163.25 -2.48 35.08
N THR V 322 -163.77 -3.64 34.66
CA THR V 322 -164.04 -4.75 35.57
C THR V 322 -163.06 -5.90 35.42
N ASN V 323 -162.35 -5.98 34.29
CA ASN V 323 -161.30 -6.99 34.08
C ASN V 323 -160.04 -6.28 33.63
N PRO V 324 -159.31 -5.64 34.56
CA PRO V 324 -158.12 -4.89 34.17
C PRO V 324 -157.01 -5.74 33.58
N GLN V 325 -156.99 -7.04 33.85
CA GLN V 325 -155.90 -7.89 33.36
C GLN V 325 -155.89 -8.03 31.84
N TYR V 326 -157.02 -7.79 31.18
CA TYR V 326 -157.11 -7.89 29.73
C TYR V 326 -156.88 -6.56 29.03
N ASN V 327 -156.57 -5.49 29.79
CA ASN V 327 -156.32 -4.20 29.18
C ASN V 327 -155.06 -4.25 28.31
N SER V 328 -155.10 -3.51 27.20
CA SER V 328 -153.97 -3.47 26.29
C SER V 328 -153.71 -2.07 25.75
N VAL V 329 -154.19 -1.03 26.43
CA VAL V 329 -154.02 0.34 25.96
C VAL V 329 -154.17 1.26 27.16
N SER V 330 -153.55 2.44 27.08
CA SER V 330 -153.37 3.28 28.27
C SER V 330 -154.70 3.72 28.86
N ARG V 331 -155.58 4.31 28.05
CA ARG V 331 -156.81 4.90 28.56
C ARG V 331 -157.94 4.66 27.57
N GLN V 332 -159.17 4.75 28.06
CA GLN V 332 -160.34 4.59 27.22
C GLN V 332 -160.45 5.72 26.21
N VAL V 333 -160.87 5.39 25.00
CA VAL V 333 -161.03 6.39 23.95
C VAL V 333 -162.32 7.16 24.15
N GLU V 334 -162.20 8.37 24.69
CA GLU V 334 -163.37 9.20 24.96
C GLU V 334 -163.84 9.90 23.69
N ALA V 335 -165.03 10.49 23.77
CA ALA V 335 -165.53 11.29 22.67
C ALA V 335 -164.73 12.57 22.52
N GLY V 336 -164.49 12.98 21.28
CA GLY V 336 -163.75 14.19 21.01
C GLY V 336 -162.25 14.05 21.01
N ASP V 337 -161.72 12.84 21.02
CA ASP V 337 -160.26 12.66 20.98
C ASP V 337 -159.71 13.06 19.62
N ALA V 338 -158.39 13.00 19.50
CA ALA V 338 -157.69 13.37 18.29
C ALA V 338 -157.26 12.13 17.52
N VAL V 339 -157.64 12.07 16.24
CA VAL V 339 -157.26 10.97 15.36
C VAL V 339 -156.59 11.56 14.13
N SER V 340 -155.77 10.74 13.48
CA SER V 340 -155.06 11.19 12.31
C SER V 340 -154.85 10.03 11.36
N VAL V 341 -155.27 10.21 10.11
CA VAL V 341 -155.06 9.19 9.09
C VAL V 341 -153.67 9.35 8.52
N VAL V 342 -152.83 8.31 8.69
CA VAL V 342 -151.44 8.42 8.28
C VAL V 342 -151.35 8.36 6.76
N GLY V 343 -150.38 9.09 6.20
CA GLY V 343 -150.14 9.08 4.77
C GLY V 343 -150.28 10.46 4.18
N THR V 344 -150.72 10.52 2.92
CA THR V 344 -150.91 11.77 2.21
C THR V 344 -152.31 11.73 1.61
N ALA V 345 -152.69 12.72 0.79
CA ALA V 345 -154.04 12.82 0.27
C ALA V 345 -154.46 11.59 -0.54
N SER V 346 -153.78 11.35 -1.67
CA SER V 346 -154.19 10.26 -2.55
C SER V 346 -153.05 9.49 -3.18
N GLN V 347 -151.79 9.75 -2.84
CA GLN V 347 -150.69 9.06 -3.50
C GLN V 347 -150.64 7.60 -3.09
N THR V 348 -150.06 6.77 -3.95
CA THR V 348 -149.99 5.32 -3.75
C THR V 348 -148.55 4.88 -3.56
N MET V 349 -148.38 3.65 -3.09
CA MET V 349 -147.05 3.11 -2.81
C MET V 349 -147.14 1.60 -2.65
N LYS V 350 -145.98 0.96 -2.53
CA LYS V 350 -145.90 -0.45 -2.19
C LYS V 350 -145.46 -0.60 -0.74
N PRO V 351 -146.28 -1.18 0.13
CA PRO V 351 -145.92 -1.27 1.55
C PRO V 351 -144.81 -2.29 1.79
N ASN V 352 -144.13 -2.10 2.92
CA ASN V 352 -143.13 -3.05 3.43
C ASN V 352 -143.66 -3.62 4.73
N LEU V 353 -143.56 -4.94 4.90
CA LEU V 353 -144.33 -5.63 5.93
C LEU V 353 -143.41 -6.30 6.94
N PHE V 354 -143.66 -6.08 8.22
CA PHE V 354 -142.94 -6.78 9.28
C PHE V 354 -143.93 -7.54 10.13
N TYR V 355 -143.63 -8.80 10.44
CA TYR V 355 -144.59 -9.64 11.14
C TYR V 355 -143.86 -10.73 11.91
N ASN V 356 -144.62 -11.45 12.72
CA ASN V 356 -144.17 -12.66 13.37
C ASN V 356 -144.66 -13.88 12.60
N LYS V 357 -144.07 -15.05 12.91
CA LYS V 357 -144.46 -16.27 12.23
C LYS V 357 -145.92 -16.63 12.50
N PHE V 358 -146.39 -16.39 13.73
CA PHE V 358 -147.74 -16.79 14.15
C PHE V 358 -148.75 -15.66 13.97
N PHE V 359 -148.54 -14.80 12.98
CA PHE V 359 -149.49 -13.74 12.67
C PHE V 359 -150.61 -14.25 11.78
N CYS V 360 -150.25 -14.80 10.61
CA CYS V 360 -151.19 -15.37 9.68
C CYS V 360 -150.88 -16.84 9.45
N GLY V 361 -151.84 -17.52 8.84
CA GLY V 361 -151.70 -18.94 8.52
C GLY V 361 -152.43 -19.25 7.24
N LEU V 362 -151.87 -20.17 6.46
CA LEU V 362 -152.38 -20.50 5.14
C LEU V 362 -152.54 -22.01 5.02
N GLY V 363 -153.58 -22.44 4.32
CA GLY V 363 -153.80 -23.85 4.07
C GLY V 363 -154.53 -24.04 2.77
N SER V 364 -154.62 -25.30 2.33
CA SER V 364 -155.30 -25.63 1.10
C SER V 364 -156.25 -26.79 1.36
N ILE V 365 -157.37 -26.79 0.64
CA ILE V 365 -158.42 -27.80 0.79
C ILE V 365 -158.34 -28.74 -0.41
N PRO V 366 -158.20 -30.04 -0.20
CA PRO V 366 -158.24 -30.98 -1.31
C PRO V 366 -159.62 -31.03 -1.93
N LEU V 367 -159.66 -31.39 -3.22
CA LEU V 367 -160.90 -31.43 -3.97
C LEU V 367 -161.14 -32.81 -4.55
N PRO V 368 -162.40 -33.22 -4.67
CA PRO V 368 -162.70 -34.56 -5.20
C PRO V 368 -162.91 -34.55 -6.70
N LYS V 369 -162.87 -35.76 -7.27
CA LYS V 369 -163.02 -35.94 -8.71
C LYS V 369 -164.49 -35.91 -9.11
N LEU V 370 -164.78 -35.24 -10.23
CA LEU V 370 -166.12 -35.20 -10.77
C LEU V 370 -166.51 -36.57 -11.35
N HIS V 371 -167.81 -36.78 -11.50
CA HIS V 371 -168.32 -38.06 -11.96
C HIS V 371 -168.15 -38.20 -13.46
N SER V 372 -167.55 -39.31 -13.89
CA SER V 372 -167.43 -39.66 -15.31
C SER V 372 -166.72 -38.57 -16.11
N ILE V 373 -165.67 -38.00 -15.52
CA ILE V 373 -164.81 -37.03 -16.20
C ILE V 373 -163.38 -37.31 -15.82
N ASP V 374 -162.49 -37.35 -16.82
CA ASP V 374 -161.09 -37.62 -16.57
C ASP V 374 -160.44 -36.48 -15.78
N SER V 375 -159.59 -36.85 -14.83
CA SER V 375 -158.99 -35.88 -13.94
C SER V 375 -157.61 -36.37 -13.50
N ALA V 376 -156.83 -35.44 -12.96
CA ALA V 376 -155.50 -35.75 -12.45
C ALA V 376 -155.15 -34.73 -11.38
N VAL V 377 -154.13 -35.07 -10.58
CA VAL V 377 -153.67 -34.22 -9.49
C VAL V 377 -152.17 -34.00 -9.66
N ALA V 378 -151.73 -32.75 -9.54
CA ALA V 378 -150.32 -32.40 -9.65
C ALA V 378 -149.93 -31.56 -8.45
N THR V 379 -148.62 -31.39 -8.26
CA THR V 379 -148.08 -30.61 -7.16
C THR V 379 -147.16 -29.54 -7.71
N TYR V 380 -147.09 -28.42 -6.98
CA TYR V 380 -146.27 -27.29 -7.39
C TYR V 380 -145.97 -26.45 -6.17
N GLU V 381 -144.69 -26.36 -5.80
CA GLU V 381 -144.23 -25.73 -4.56
C GLU V 381 -145.16 -26.03 -3.39
N GLY V 382 -145.35 -27.33 -3.14
CA GLY V 382 -146.17 -27.76 -2.00
C GLY V 382 -147.62 -27.33 -2.09
N PHE V 383 -148.17 -27.21 -3.29
CA PHE V 383 -149.58 -26.95 -3.47
C PHE V 383 -150.17 -27.98 -4.43
N SER V 384 -151.35 -28.48 -4.10
CA SER V 384 -152.01 -29.51 -4.89
C SER V 384 -153.02 -28.87 -5.83
N ILE V 385 -152.84 -29.10 -7.13
CA ILE V 385 -153.68 -28.52 -8.18
C ILE V 385 -154.37 -29.67 -8.90
N ARG V 386 -155.70 -29.56 -9.05
CA ARG V 386 -156.49 -30.61 -9.68
C ARG V 386 -156.88 -30.17 -11.08
N VAL V 387 -156.63 -31.03 -12.07
CA VAL V 387 -156.92 -30.73 -13.46
C VAL V 387 -158.02 -31.68 -13.95
N HIS V 388 -158.98 -31.11 -14.66
CA HIS V 388 -160.11 -31.84 -15.22
C HIS V 388 -160.12 -31.67 -16.73
N LYS V 389 -160.36 -32.76 -17.46
CA LYS V 389 -160.44 -32.72 -18.91
C LYS V 389 -161.77 -33.30 -19.35
N TYR V 390 -162.45 -32.61 -20.27
CA TYR V 390 -163.71 -33.10 -20.79
C TYR V 390 -163.90 -32.53 -22.20
N ALA V 391 -165.05 -32.79 -22.80
CA ALA V 391 -165.27 -32.35 -24.17
C ALA V 391 -166.75 -32.22 -24.45
N ASP V 392 -167.09 -31.26 -25.31
CA ASP V 392 -168.43 -31.12 -25.86
C ASP V 392 -168.43 -31.75 -27.25
N GLY V 393 -169.30 -32.74 -27.45
CA GLY V 393 -169.31 -33.52 -28.66
C GLY V 393 -169.99 -32.86 -29.84
N ASP V 394 -171.17 -32.28 -29.62
CA ASP V 394 -171.90 -31.64 -30.71
C ASP V 394 -171.11 -30.47 -31.29
N ALA V 395 -170.51 -29.66 -30.43
CA ALA V 395 -169.66 -28.57 -30.90
C ALA V 395 -168.25 -29.03 -31.25
N ASN V 396 -167.89 -30.25 -30.88
CA ASN V 396 -166.57 -30.82 -31.18
C ASN V 396 -165.45 -29.95 -30.62
N VAL V 397 -165.44 -29.81 -29.29
CA VAL V 397 -164.47 -28.96 -28.61
C VAL V 397 -163.95 -29.70 -27.38
N GLN V 398 -162.66 -29.60 -27.13
CA GLN V 398 -162.03 -30.16 -25.93
C GLN V 398 -161.74 -29.06 -24.93
N LYS V 399 -161.96 -29.35 -23.65
CA LYS V 399 -161.86 -28.34 -22.60
C LYS V 399 -161.09 -28.91 -21.42
N MET V 400 -160.36 -28.01 -20.75
CA MET V 400 -159.57 -28.35 -19.56
C MET V 400 -159.77 -27.26 -18.51
N ARG V 401 -159.62 -27.65 -17.25
CA ARG V 401 -159.75 -26.68 -16.17
C ARG V 401 -158.86 -27.08 -15.00
N PHE V 402 -158.49 -26.08 -14.20
CA PHE V 402 -157.58 -26.24 -13.06
C PHE V 402 -158.21 -25.67 -11.80
N ASP V 403 -158.00 -26.35 -10.67
CA ASP V 403 -158.69 -26.03 -9.43
C ASP V 403 -157.74 -26.08 -8.25
N LEU V 404 -157.95 -25.17 -7.30
CA LEU V 404 -157.22 -25.10 -6.04
C LEU V 404 -157.98 -24.20 -5.07
N LEU V 405 -158.22 -24.69 -3.85
CA LEU V 405 -158.93 -23.91 -2.82
C LEU V 405 -157.98 -23.52 -1.70
N PRO V 406 -157.80 -22.22 -1.45
CA PRO V 406 -157.00 -21.77 -0.30
C PRO V 406 -157.88 -21.49 0.92
N ALA V 407 -157.21 -21.23 2.04
CA ALA V 407 -157.88 -20.87 3.29
C ALA V 407 -156.90 -20.07 4.14
N TYR V 408 -157.37 -18.94 4.66
CA TYR V 408 -156.53 -18.02 5.41
C TYR V 408 -157.04 -17.88 6.84
N VAL V 409 -156.11 -17.67 7.77
CA VAL V 409 -156.43 -17.47 9.18
C VAL V 409 -155.56 -16.35 9.71
N CYS V 410 -156.13 -15.49 10.56
CA CYS V 410 -155.38 -14.45 11.25
C CYS V 410 -155.41 -14.76 12.74
N PHE V 411 -154.27 -15.21 13.27
CA PHE V 411 -154.24 -15.63 14.67
C PHE V 411 -154.32 -14.44 15.62
N ASN V 412 -153.54 -13.39 15.34
CA ASN V 412 -153.51 -12.21 16.20
C ASN V 412 -153.06 -10.99 15.40
N PRO V 413 -153.93 -9.98 15.25
CA PRO V 413 -153.54 -8.79 14.48
C PRO V 413 -152.45 -7.96 15.12
N HIS V 414 -152.06 -8.22 16.37
CA HIS V 414 -151.09 -7.42 17.09
C HIS V 414 -149.66 -7.87 16.85
N MET V 415 -149.42 -8.84 15.97
CA MET V 415 -148.06 -9.33 15.73
C MET V 415 -147.66 -9.17 14.27
N GLY V 416 -148.06 -8.07 13.64
CA GLY V 416 -147.69 -7.81 12.27
C GLY V 416 -148.25 -6.48 11.81
N GLY V 417 -147.65 -5.96 10.74
CA GLY V 417 -148.08 -4.68 10.22
C GLY V 417 -147.13 -4.13 9.18
N GLN V 418 -147.26 -2.83 8.94
CA GLN V 418 -146.53 -2.12 7.89
C GLN V 418 -145.51 -1.20 8.52
N PHE V 419 -144.36 -1.06 7.87
CA PHE V 419 -143.35 -0.13 8.36
C PHE V 419 -142.72 0.63 7.20
N PHE V 420 -142.53 1.93 7.40
CA PHE V 420 -141.83 2.78 6.45
C PHE V 420 -140.75 3.58 7.17
N GLY V 421 -140.13 4.52 6.48
CA GLY V 421 -139.15 5.40 7.09
C GLY V 421 -139.79 6.51 7.89
N ASN V 422 -138.94 7.28 8.56
CA ASN V 422 -139.39 8.41 9.37
C ASN V 422 -138.56 9.64 9.02
N PRO V 423 -139.14 10.84 9.13
CA PRO V 423 -138.41 12.08 8.81
C PRO V 423 -137.30 12.37 9.80
N PRO W 2 146.24 -50.55 -95.87
CA PRO W 2 146.93 -51.56 -96.67
C PRO W 2 146.00 -52.68 -97.13
N ASN W 3 145.05 -53.05 -96.27
CA ASN W 3 144.11 -54.10 -96.61
C ASN W 3 143.11 -53.61 -97.66
N ASN W 4 142.27 -54.51 -98.13
CA ASN W 4 141.22 -54.17 -99.09
C ASN W 4 139.91 -54.81 -98.64
N LEU W 5 138.80 -54.20 -99.05
CA LEU W 5 137.46 -54.60 -98.64
C LEU W 5 136.56 -54.72 -99.86
N ASP W 6 137.02 -55.45 -100.88
CA ASP W 6 136.17 -55.82 -102.00
C ASP W 6 135.90 -57.32 -102.07
N SER W 7 136.70 -58.14 -101.41
CA SER W 7 136.54 -59.58 -101.41
C SER W 7 135.23 -60.00 -100.76
N ASN W 8 135.06 -59.68 -99.48
CA ASN W 8 133.95 -60.18 -98.68
C ASN W 8 132.78 -59.20 -98.61
N VAL W 9 132.56 -58.40 -99.66
CA VAL W 9 131.46 -57.45 -99.68
C VAL W 9 130.69 -57.61 -100.98
N SER W 10 129.48 -57.05 -100.99
CA SER W 10 128.63 -57.06 -102.18
C SER W 10 127.57 -55.99 -102.00
N GLN W 11 127.52 -55.04 -102.95
CA GLN W 11 126.57 -53.94 -102.87
C GLN W 11 125.16 -54.47 -103.14
N ILE W 12 124.30 -54.43 -102.11
CA ILE W 12 122.96 -54.98 -102.21
C ILE W 12 121.95 -53.84 -102.09
N VAL W 13 120.75 -54.08 -102.62
CA VAL W 13 119.62 -53.20 -102.47
C VAL W 13 118.46 -54.01 -101.89
N LEU W 14 117.92 -53.55 -100.77
CA LEU W 14 116.86 -54.28 -100.10
C LEU W 14 115.56 -54.19 -100.89
N LYS W 15 114.68 -55.16 -100.64
CA LYS W 15 113.38 -55.22 -101.30
C LYS W 15 112.34 -54.40 -100.53
N LYS W 16 112.66 -53.15 -100.26
CA LYS W 16 111.80 -52.26 -99.50
C LYS W 16 111.60 -50.96 -100.26
N PHE W 17 110.35 -50.52 -100.34
CA PHE W 17 109.97 -49.30 -101.03
C PHE W 17 109.56 -48.26 -100.02
N LEU W 18 110.15 -47.07 -100.13
CA LEU W 18 109.83 -45.96 -99.25
C LEU W 18 108.45 -45.40 -99.59
N PRO W 19 107.75 -44.82 -98.61
CA PRO W 19 106.43 -44.27 -98.89
C PRO W 19 106.48 -43.08 -99.83
N GLY W 20 105.38 -42.87 -100.53
CA GLY W 20 105.26 -41.75 -101.45
C GLY W 20 104.20 -40.75 -101.05
N PHE W 21 103.65 -40.04 -102.03
CA PHE W 21 102.63 -39.03 -101.79
C PHE W 21 101.30 -39.48 -102.39
N MET W 22 100.22 -38.87 -101.89
CA MET W 22 98.88 -39.27 -102.33
C MET W 22 97.91 -38.14 -102.03
N SER W 23 96.96 -37.94 -102.94
CA SER W 23 95.91 -36.94 -102.82
C SER W 23 94.66 -37.59 -102.23
N ASP W 24 93.55 -36.85 -102.24
CA ASP W 24 92.29 -37.33 -101.68
C ASP W 24 91.17 -37.17 -102.70
N LEU W 25 90.07 -37.87 -102.45
CA LEU W 25 88.91 -37.86 -103.33
C LEU W 25 87.69 -37.35 -102.58
N VAL W 26 87.11 -36.25 -103.07
CA VAL W 26 85.92 -35.69 -102.45
C VAL W 26 84.79 -35.57 -103.49
N LEU W 27 85.14 -35.12 -104.70
CA LEU W 27 84.11 -34.84 -105.71
C LEU W 27 83.38 -36.11 -106.11
N ALA W 28 84.09 -37.23 -106.25
CA ALA W 28 83.43 -38.47 -106.64
C ALA W 28 82.38 -38.88 -105.63
N LYS W 29 82.67 -38.67 -104.34
CA LYS W 29 81.70 -38.98 -103.31
C LYS W 29 80.55 -37.99 -103.32
N THR W 30 80.84 -36.71 -103.57
CA THR W 30 79.81 -35.68 -103.44
C THR W 30 78.80 -35.72 -104.59
N VAL W 31 79.26 -35.90 -105.83
CA VAL W 31 78.38 -35.79 -106.99
C VAL W 31 77.36 -36.91 -107.00
N ASP W 32 76.28 -36.71 -107.76
CA ASP W 32 75.30 -37.76 -107.94
C ASP W 32 75.82 -38.82 -108.91
N ARG W 33 75.53 -40.08 -108.61
CA ARG W 33 76.01 -41.18 -109.45
C ARG W 33 74.95 -42.25 -109.67
N GLN W 34 73.67 -41.95 -109.45
CA GLN W 34 72.60 -42.93 -109.62
C GLN W 34 71.73 -42.69 -110.84
N LEU W 35 71.48 -41.43 -111.20
CA LEU W 35 70.56 -41.15 -112.31
C LEU W 35 71.15 -41.57 -113.65
N LEU W 36 72.48 -41.60 -113.77
CA LEU W 36 73.12 -41.92 -115.05
C LEU W 36 73.80 -43.28 -115.06
N ALA W 37 74.04 -43.88 -113.90
CA ALA W 37 74.74 -45.16 -113.84
C ALA W 37 73.95 -46.23 -114.58
N GLY W 38 74.58 -46.83 -115.59
CA GLY W 38 73.94 -47.88 -116.35
C GLY W 38 72.85 -47.40 -117.29
N GLU W 39 72.83 -46.12 -117.63
CA GLU W 39 71.81 -45.57 -118.51
C GLU W 39 72.29 -45.42 -119.94
N ILE W 40 73.49 -45.89 -120.26
CA ILE W 40 74.02 -45.87 -121.61
C ILE W 40 74.34 -47.31 -122.02
N ASN W 41 73.81 -47.73 -123.17
CA ASN W 41 73.99 -49.10 -123.63
C ASN W 41 74.54 -49.12 -125.05
N SER W 42 74.57 -50.30 -125.65
CA SER W 42 74.98 -50.45 -127.04
C SER W 42 73.86 -50.13 -128.02
N SER W 43 72.76 -49.55 -127.53
CA SER W 43 71.66 -49.15 -128.40
C SER W 43 71.10 -47.78 -128.02
N THR W 44 71.77 -47.03 -127.16
CA THR W 44 71.31 -45.73 -126.72
C THR W 44 72.08 -44.57 -127.33
N GLY W 45 73.29 -44.80 -127.80
CA GLY W 45 74.12 -43.75 -128.36
C GLY W 45 75.03 -43.15 -127.31
N ASP W 46 75.78 -42.14 -127.74
CA ASP W 46 76.73 -41.48 -126.85
C ASP W 46 76.08 -40.42 -125.97
N SER W 47 74.81 -40.11 -126.18
CA SER W 47 74.12 -39.07 -125.41
C SER W 47 72.75 -39.54 -124.96
N VAL W 48 72.39 -39.16 -123.75
CA VAL W 48 71.10 -39.50 -123.15
C VAL W 48 70.49 -38.19 -122.65
N SER W 49 69.16 -38.18 -122.51
CA SER W 49 68.44 -36.96 -122.17
C SER W 49 67.50 -37.19 -120.99
N PHE W 50 67.30 -36.14 -120.22
CA PHE W 50 66.32 -36.09 -119.13
C PHE W 50 65.37 -34.92 -119.35
N LYS W 51 64.14 -35.06 -118.87
CA LYS W 51 63.15 -34.02 -119.05
C LYS W 51 63.36 -32.91 -118.02
N ARG W 52 62.69 -31.78 -118.24
CA ARG W 52 62.80 -30.63 -117.36
C ARG W 52 61.43 -30.23 -116.83
N PRO W 53 61.39 -29.64 -115.63
CA PRO W 53 60.09 -29.26 -115.05
C PRO W 53 59.45 -28.11 -115.80
N HIS W 54 58.14 -28.00 -115.65
CA HIS W 54 57.37 -26.96 -116.31
C HIS W 54 57.06 -25.81 -115.36
N GLN W 55 56.71 -24.67 -115.93
CA GLN W 55 56.27 -23.49 -115.18
C GLN W 55 55.05 -22.91 -115.86
N PHE W 56 54.24 -22.19 -115.09
CA PHE W 56 52.98 -21.65 -115.58
C PHE W 56 52.79 -20.23 -115.08
N SER W 57 51.96 -19.47 -115.80
CA SER W 57 51.65 -18.09 -115.46
C SER W 57 50.14 -17.92 -115.38
N SER W 58 49.69 -17.07 -114.47
CA SER W 58 48.27 -16.89 -114.19
C SER W 58 47.71 -15.70 -114.94
N LEU W 59 46.38 -15.60 -114.93
CA LEU W 59 45.65 -14.52 -115.58
C LEU W 59 44.79 -13.82 -114.53
N ARG W 60 44.83 -12.49 -114.53
CA ARG W 60 44.04 -11.68 -113.62
C ARG W 60 42.91 -11.01 -114.38
N THR W 61 41.68 -11.22 -113.93
CA THR W 61 40.49 -10.70 -114.60
C THR W 61 39.37 -10.58 -113.58
N PRO W 62 38.50 -9.59 -113.69
CA PRO W 62 37.47 -9.38 -112.66
C PRO W 62 36.40 -10.46 -112.61
N THR W 63 35.83 -10.81 -113.76
CA THR W 63 34.68 -11.71 -113.82
C THR W 63 35.05 -13.12 -114.27
N GLY W 64 36.33 -13.42 -114.44
CA GLY W 64 36.71 -14.75 -114.86
C GLY W 64 36.53 -15.03 -116.34
N ASP W 65 36.37 -13.98 -117.14
CA ASP W 65 36.17 -14.13 -118.58
C ASP W 65 37.54 -14.22 -119.26
N ILE W 66 37.87 -15.40 -119.78
CA ILE W 66 39.12 -15.60 -120.49
C ILE W 66 38.84 -16.01 -121.92
N SER W 67 37.72 -15.52 -122.48
CA SER W 67 37.27 -15.96 -123.79
C SER W 67 38.29 -15.64 -124.87
N GLY W 68 38.85 -14.43 -124.84
CA GLY W 68 39.74 -14.01 -125.90
C GLY W 68 41.15 -13.70 -125.45
N GLN W 69 41.69 -14.50 -124.54
CA GLN W 69 43.02 -14.30 -124.00
C GLN W 69 43.97 -15.37 -124.53
N ASN W 70 45.24 -15.26 -124.15
CA ASN W 70 46.27 -16.22 -124.50
C ASN W 70 46.52 -17.16 -123.33
N LYS W 71 46.32 -18.45 -123.56
CA LYS W 71 46.43 -19.44 -122.49
C LYS W 71 47.90 -19.78 -122.27
N ASN W 72 48.16 -20.76 -121.42
CA ASN W 72 49.53 -21.16 -121.09
C ASN W 72 49.98 -22.28 -122.02
N ASN W 73 51.06 -22.03 -122.75
CA ASN W 73 51.61 -23.01 -123.67
C ASN W 73 52.36 -24.10 -122.90
N LEU W 74 52.44 -25.28 -123.50
CA LEU W 74 53.14 -26.42 -122.94
C LEU W 74 54.43 -26.61 -123.71
N ILE W 75 55.50 -25.95 -123.27
CA ILE W 75 56.81 -26.05 -123.89
C ILE W 75 57.69 -26.96 -123.04
N SER W 76 58.29 -27.94 -123.67
CA SER W 76 59.14 -28.92 -122.98
C SER W 76 60.61 -28.60 -123.19
N GLY W 77 61.45 -29.22 -122.36
CA GLY W 77 62.88 -29.03 -122.45
C GLY W 77 63.61 -30.23 -121.88
N LYS W 78 64.82 -30.46 -122.36
CA LYS W 78 65.60 -31.62 -121.94
C LYS W 78 67.04 -31.22 -121.72
N ALA W 79 67.70 -31.98 -120.84
CA ALA W 79 69.12 -31.82 -120.54
C ALA W 79 69.85 -33.08 -121.00
N THR W 80 70.99 -32.88 -121.65
CA THR W 80 71.70 -33.96 -122.33
C THR W 80 73.02 -34.25 -121.64
N GLY W 81 73.30 -35.54 -121.41
CA GLY W 81 74.60 -35.99 -120.94
C GLY W 81 75.28 -36.82 -122.02
N ARG W 82 76.58 -36.59 -122.19
CA ARG W 82 77.34 -37.18 -123.28
C ARG W 82 78.55 -37.92 -122.72
N VAL W 83 79.02 -38.90 -123.51
CA VAL W 83 80.18 -39.70 -123.13
C VAL W 83 81.40 -38.79 -123.06
N GLY W 84 82.42 -39.20 -122.30
CA GLY W 84 83.59 -38.37 -122.08
C GLY W 84 84.79 -38.75 -122.94
N ASN W 85 85.98 -38.77 -122.33
CA ASN W 85 87.22 -39.02 -123.04
C ASN W 85 87.97 -40.18 -122.39
N TYR W 86 88.72 -40.91 -123.21
CA TYR W 86 89.50 -42.03 -122.70
C TYR W 86 90.59 -41.54 -121.76
N ILE W 87 90.92 -42.38 -120.78
CA ILE W 87 92.08 -42.16 -119.92
C ILE W 87 92.93 -43.42 -119.99
N THR W 88 94.14 -43.29 -120.51
CA THR W 88 94.99 -44.45 -120.75
C THR W 88 96.42 -44.16 -120.34
N VAL W 89 97.10 -45.20 -119.87
CA VAL W 89 98.52 -45.15 -119.56
C VAL W 89 99.17 -46.42 -120.08
N ALA W 90 100.31 -46.28 -120.76
CA ALA W 90 100.98 -47.39 -121.41
C ALA W 90 102.44 -47.44 -121.00
N VAL W 91 102.93 -48.64 -120.72
CA VAL W 91 104.33 -48.89 -120.39
C VAL W 91 104.84 -50.03 -121.26
N GLU W 92 106.15 -50.13 -121.39
CA GLU W 92 106.75 -51.18 -122.20
C GLU W 92 108.14 -51.48 -121.66
N TYR W 93 108.64 -52.66 -122.01
CA TYR W 93 109.96 -53.10 -121.60
C TYR W 93 110.41 -54.22 -122.53
N GLN W 94 111.71 -54.46 -122.55
CA GLN W 94 112.29 -55.49 -123.41
C GLN W 94 112.12 -56.86 -122.76
N GLN W 95 112.64 -57.90 -123.42
CA GLN W 95 112.59 -59.25 -122.87
C GLN W 95 113.77 -59.53 -121.94
N LEU W 96 114.97 -59.10 -122.31
CA LEU W 96 116.12 -59.29 -121.43
C LEU W 96 115.95 -58.53 -120.13
N GLU W 97 115.32 -57.35 -120.17
CA GLU W 97 115.06 -56.61 -118.94
C GLU W 97 114.13 -57.39 -118.03
N GLU W 98 113.05 -57.95 -118.59
CA GLU W 98 112.16 -58.79 -117.78
C GLU W 98 112.88 -60.02 -117.26
N ALA W 99 113.84 -60.53 -118.03
CA ALA W 99 114.52 -61.75 -117.64
C ALA W 99 115.48 -61.52 -116.48
N ILE W 100 116.27 -60.43 -116.52
CA ILE W 100 117.43 -60.30 -115.65
C ILE W 100 117.41 -59.03 -114.80
N LYS W 101 116.37 -58.20 -114.89
CA LYS W 101 116.39 -56.96 -114.11
C LYS W 101 115.08 -56.71 -113.37
N LEU W 102 113.96 -57.20 -113.89
CA LEU W 102 112.65 -56.87 -113.35
C LEU W 102 112.26 -57.87 -112.28
N ASN W 103 112.13 -57.39 -111.04
CA ASN W 103 111.57 -58.15 -109.95
C ASN W 103 110.56 -57.27 -109.21
N GLN W 104 109.59 -57.92 -108.57
CA GLN W 104 108.46 -57.22 -107.95
C GLN W 104 107.76 -56.33 -108.97
N LEU W 105 107.40 -56.92 -110.10
CA LEU W 105 106.78 -56.15 -111.17
C LEU W 105 105.42 -55.61 -110.75
N GLU W 106 104.64 -56.39 -110.01
CA GLU W 106 103.36 -55.90 -109.51
C GLU W 106 103.54 -54.75 -108.53
N GLU W 107 104.55 -54.85 -107.66
CA GLU W 107 104.85 -53.76 -106.74
C GLU W 107 105.29 -52.50 -107.48
N ILE W 108 105.97 -52.67 -108.62
CA ILE W 108 106.36 -51.52 -109.44
C ILE W 108 105.13 -50.91 -110.09
N LEU W 109 104.23 -51.74 -110.60
CA LEU W 109 103.09 -51.29 -111.40
C LEU W 109 101.87 -50.91 -110.57
N ALA W 110 101.92 -51.05 -109.25
CA ALA W 110 100.75 -50.76 -108.41
C ALA W 110 100.12 -49.38 -108.61
N PRO W 111 100.87 -48.25 -108.65
CA PRO W 111 100.19 -46.94 -108.60
C PRO W 111 99.50 -46.50 -109.89
N VAL W 112 99.36 -47.42 -110.85
CA VAL W 112 98.71 -47.08 -112.11
C VAL W 112 97.25 -46.69 -111.88
N ARG W 113 96.53 -47.46 -111.07
CA ARG W 113 95.13 -47.15 -110.80
C ARG W 113 94.99 -45.81 -110.09
N GLN W 114 95.89 -45.52 -109.14
CA GLN W 114 95.86 -44.24 -108.47
C GLN W 114 96.08 -43.10 -109.44
N ARG W 115 97.01 -43.26 -110.39
CA ARG W 115 97.21 -42.23 -111.40
C ARG W 115 95.96 -42.03 -112.24
N ILE W 116 95.31 -43.13 -112.64
CA ILE W 116 94.09 -43.02 -113.44
C ILE W 116 93.01 -42.25 -112.67
N VAL W 117 92.84 -42.60 -111.39
CA VAL W 117 91.82 -41.95 -110.57
C VAL W 117 92.12 -40.47 -110.39
N THR W 118 93.39 -40.13 -110.15
CA THR W 118 93.76 -38.72 -109.99
C THR W 118 93.49 -37.92 -111.26
N ASP W 119 93.82 -38.49 -112.42
CA ASP W 119 93.53 -37.79 -113.67
C ASP W 119 92.04 -37.62 -113.88
N LEU W 120 91.25 -38.64 -113.55
CA LEU W 120 89.80 -38.52 -113.65
C LEU W 120 89.27 -37.40 -112.75
N GLU W 121 89.79 -37.33 -111.53
CA GLU W 121 89.36 -36.28 -110.60
C GLU W 121 89.70 -34.89 -111.13
N THR W 122 90.92 -34.74 -111.68
CA THR W 122 91.30 -33.45 -112.26
C THR W 122 90.37 -33.07 -113.40
N GLU W 123 90.05 -34.03 -114.28
CA GLU W 123 89.16 -33.75 -115.39
C GLU W 123 87.77 -33.35 -114.91
N LEU W 124 87.27 -34.03 -113.87
CA LEU W 124 85.95 -33.70 -113.33
C LEU W 124 85.93 -32.30 -112.72
N ALA W 125 87.00 -31.94 -112.01
CA ALA W 125 87.08 -30.60 -111.45
C ALA W 125 87.11 -29.54 -112.55
N HIS W 126 87.86 -29.81 -113.62
CA HIS W 126 87.87 -28.88 -114.76
C HIS W 126 86.49 -28.77 -115.38
N PHE W 127 85.78 -29.89 -115.50
CA PHE W 127 84.42 -29.87 -116.03
C PHE W 127 83.51 -28.99 -115.18
N MET W 128 83.59 -29.15 -113.85
CA MET W 128 82.78 -28.32 -112.96
C MET W 128 83.10 -26.85 -113.13
N MET W 129 84.37 -26.49 -113.08
CA MET W 129 84.73 -25.08 -113.17
C MET W 129 84.39 -24.49 -114.53
N ASN W 130 84.38 -25.31 -115.58
CA ASN W 130 84.02 -24.80 -116.90
C ASN W 130 82.51 -24.63 -117.05
N ASN W 131 81.73 -25.51 -116.45
CA ASN W 131 80.28 -25.49 -116.64
C ASN W 131 79.51 -24.80 -115.53
N GLY W 132 80.19 -24.28 -114.50
CA GLY W 132 79.50 -23.50 -113.50
C GLY W 132 79.03 -22.15 -114.03
N ALA W 133 78.01 -21.60 -113.38
CA ALA W 133 77.43 -20.33 -113.82
C ALA W 133 77.51 -19.23 -112.77
N LEU W 134 77.18 -19.53 -111.52
CA LEU W 134 77.18 -18.51 -110.50
C LEU W 134 78.61 -18.11 -110.11
N SER W 135 78.70 -16.99 -109.40
CA SER W 135 79.99 -16.50 -108.92
C SER W 135 79.77 -15.60 -107.72
N LEU W 136 80.83 -15.45 -106.91
CA LEU W 136 80.77 -14.63 -105.71
C LEU W 136 82.17 -14.10 -105.42
N GLY W 137 82.22 -12.95 -104.75
CA GLY W 137 83.49 -12.39 -104.32
C GLY W 137 84.35 -11.92 -105.47
N SER W 138 85.63 -11.68 -105.15
CA SER W 138 86.62 -11.27 -106.11
C SER W 138 87.75 -12.28 -106.17
N PRO W 139 88.18 -12.68 -107.37
CA PRO W 139 89.19 -13.75 -107.47
C PRO W 139 90.53 -13.41 -106.84
N ASN W 140 90.84 -12.12 -106.66
CA ASN W 140 92.11 -11.75 -106.03
C ASN W 140 92.11 -12.12 -104.55
N THR W 141 91.02 -11.80 -103.85
CA THR W 141 90.97 -11.93 -102.40
C THR W 141 90.73 -13.38 -101.99
N PRO W 142 91.56 -13.93 -101.12
CA PRO W 142 91.28 -15.25 -100.55
C PRO W 142 90.19 -15.16 -99.49
N ILE W 143 89.75 -16.32 -99.02
CA ILE W 143 88.70 -16.39 -98.02
C ILE W 143 89.33 -16.39 -96.63
N THR W 144 88.82 -15.51 -95.76
CA THR W 144 89.34 -15.39 -94.41
C THR W 144 88.26 -15.35 -93.33
N LYS W 145 87.06 -14.87 -93.62
CA LYS W 145 86.05 -14.63 -92.59
C LYS W 145 84.91 -15.63 -92.74
N TRP W 146 84.07 -15.69 -91.69
CA TRP W 146 82.93 -16.59 -91.69
C TRP W 146 81.92 -16.22 -92.76
N SER W 147 81.80 -14.92 -93.07
CA SER W 147 80.89 -14.50 -94.12
C SER W 147 81.31 -15.03 -95.49
N ASP W 148 82.62 -15.15 -95.72
CA ASP W 148 83.11 -15.64 -97.00
C ASP W 148 82.67 -17.06 -97.29
N VAL W 149 82.26 -17.80 -96.26
CA VAL W 149 81.71 -19.14 -96.44
C VAL W 149 80.19 -19.13 -96.36
N ALA W 150 79.62 -18.29 -95.48
CA ALA W 150 78.17 -18.24 -95.35
C ALA W 150 77.49 -17.68 -96.59
N GLN W 151 78.24 -16.91 -97.40
CA GLN W 151 77.63 -16.26 -98.57
C GLN W 151 77.11 -17.27 -99.58
N THR W 152 77.80 -18.39 -99.77
CA THR W 152 77.36 -19.39 -100.75
C THR W 152 76.01 -19.98 -100.34
N ALA W 153 75.88 -20.37 -99.08
CA ALA W 153 74.61 -20.91 -98.60
C ALA W 153 73.50 -19.87 -98.70
N SER W 154 73.81 -18.62 -98.34
CA SER W 154 72.80 -17.57 -98.45
C SER W 154 72.34 -17.38 -99.88
N PHE W 155 73.28 -17.38 -100.82
CA PHE W 155 72.94 -17.21 -102.24
C PHE W 155 72.10 -18.36 -102.76
N LEU W 156 72.46 -19.59 -102.39
CA LEU W 156 71.67 -20.74 -102.83
C LEU W 156 70.26 -20.68 -102.26
N LYS W 157 70.12 -20.34 -100.98
CA LYS W 157 68.79 -20.22 -100.40
C LYS W 157 67.97 -19.13 -101.08
N ASP W 158 68.62 -18.00 -101.39
CA ASP W 158 67.92 -16.90 -102.03
C ASP W 158 67.47 -17.30 -103.44
N LEU W 159 68.32 -18.02 -104.17
CA LEU W 159 67.90 -18.52 -105.48
C LEU W 159 66.73 -19.48 -105.36
N GLY W 160 66.76 -20.37 -104.37
CA GLY W 160 65.61 -21.18 -104.08
C GLY W 160 65.79 -22.68 -104.30
N VAL W 161 67.04 -23.14 -104.22
CA VAL W 161 67.31 -24.57 -104.35
C VAL W 161 67.00 -25.25 -103.02
N ASN W 162 66.01 -26.14 -103.03
CA ASN W 162 65.55 -26.76 -101.80
C ASN W 162 65.80 -28.26 -101.75
N GLU W 163 65.79 -28.94 -102.89
CA GLU W 163 66.00 -30.38 -102.92
C GLU W 163 67.48 -30.71 -103.00
N GLY W 164 67.91 -31.69 -102.21
CA GLY W 164 69.29 -32.11 -102.18
C GLY W 164 70.08 -31.45 -101.07
N GLU W 165 71.38 -31.72 -101.08
CA GLU W 165 72.32 -31.20 -100.09
C GLU W 165 73.40 -30.38 -100.79
N ASN W 166 73.71 -29.22 -100.24
CA ASN W 166 74.69 -28.33 -100.82
C ASN W 166 76.09 -28.69 -100.33
N TYR W 167 77.10 -28.32 -101.12
CA TYR W 167 78.48 -28.60 -100.78
C TYR W 167 79.37 -27.41 -101.14
N ALA W 168 80.43 -27.24 -100.37
CA ALA W 168 81.47 -26.25 -100.65
C ALA W 168 82.83 -26.90 -100.42
N VAL W 169 83.81 -26.55 -101.24
CA VAL W 169 85.13 -27.17 -101.21
C VAL W 169 86.18 -26.09 -101.01
N MET W 170 87.16 -26.37 -100.14
CA MET W 170 88.20 -25.41 -99.83
C MET W 170 89.56 -26.11 -99.96
N ASP W 171 90.61 -25.44 -99.52
CA ASP W 171 91.97 -25.95 -99.52
C ASP W 171 92.56 -25.84 -98.12
N PRO W 172 93.60 -26.62 -97.82
CA PRO W 172 94.08 -26.70 -96.42
C PRO W 172 94.49 -25.35 -95.83
N TRP W 173 95.05 -24.45 -96.63
CA TRP W 173 95.43 -23.15 -96.09
C TRP W 173 94.20 -22.35 -95.65
N SER W 174 93.14 -22.37 -96.45
CA SER W 174 91.91 -21.70 -96.05
C SER W 174 91.28 -22.39 -94.84
N ALA W 175 91.39 -23.71 -94.76
CA ALA W 175 90.90 -24.41 -93.58
C ALA W 175 91.66 -23.97 -92.34
N GLN W 176 92.98 -23.81 -92.44
CA GLN W 176 93.77 -23.32 -91.33
C GLN W 176 93.37 -21.90 -90.94
N ARG W 177 93.13 -21.05 -91.94
CA ARG W 177 92.72 -19.67 -91.64
C ARG W 177 91.37 -19.65 -90.94
N LEU W 178 90.43 -20.50 -91.38
CA LEU W 178 89.14 -20.57 -90.71
C LEU W 178 89.28 -21.09 -89.29
N ALA W 179 90.15 -22.07 -89.07
CA ALA W 179 90.40 -22.54 -87.70
C ALA W 179 91.02 -21.45 -86.83
N ASP W 180 91.92 -20.64 -87.41
CA ASP W 180 92.50 -19.52 -86.67
C ASP W 180 91.44 -18.50 -86.30
N ALA W 181 90.50 -18.25 -87.22
CA ALA W 181 89.38 -17.37 -86.89
C ALA W 181 88.53 -17.97 -85.78
N GLN W 182 88.28 -19.29 -85.83
CA GLN W 182 87.42 -19.94 -84.87
C GLN W 182 88.04 -19.98 -83.47
N THR W 183 89.36 -20.16 -83.38
CA THR W 183 89.99 -20.27 -82.06
C THR W 183 89.91 -18.97 -81.27
N GLY W 184 89.32 -17.92 -81.82
CA GLY W 184 89.17 -16.67 -81.10
C GLY W 184 87.75 -16.44 -80.59
N LEU W 185 86.92 -17.49 -80.59
CA LEU W 185 85.57 -17.38 -80.07
C LEU W 185 85.59 -17.08 -78.57
N HIS W 186 84.41 -16.86 -78.00
CA HIS W 186 84.30 -16.33 -76.66
C HIS W 186 83.57 -17.23 -75.69
N ALA W 187 82.71 -18.13 -76.16
CA ALA W 187 81.88 -18.91 -75.24
C ALA W 187 81.93 -20.41 -75.48
N SER W 188 82.04 -20.88 -76.71
CA SER W 188 81.99 -22.31 -77.02
C SER W 188 83.31 -22.94 -76.61
N ASP W 189 83.37 -23.41 -75.36
CA ASP W 189 84.61 -23.97 -74.84
C ASP W 189 85.04 -25.22 -75.60
N GLN W 190 84.10 -26.13 -75.87
CA GLN W 190 84.45 -27.35 -76.58
C GLN W 190 84.92 -27.06 -77.99
N LEU W 191 84.24 -26.14 -78.68
CA LEU W 191 84.61 -25.82 -80.05
C LEU W 191 85.97 -25.16 -80.11
N VAL W 192 86.24 -24.22 -79.19
CA VAL W 192 87.54 -23.57 -79.14
C VAL W 192 88.64 -24.57 -78.82
N ARG W 193 88.38 -25.48 -77.87
CA ARG W 193 89.38 -26.49 -77.53
C ARG W 193 89.66 -27.39 -78.73
N THR W 194 88.62 -27.79 -79.47
CA THR W 194 88.85 -28.62 -80.65
C THR W 194 89.68 -27.89 -81.69
N ALA W 195 89.37 -26.61 -81.94
CA ALA W 195 90.14 -25.85 -82.92
C ALA W 195 91.60 -25.70 -82.47
N TRP W 196 91.83 -25.42 -81.20
CA TRP W 196 93.19 -25.24 -80.71
C TRP W 196 93.97 -26.56 -80.75
N GLU W 197 93.33 -27.66 -80.40
CA GLU W 197 94.03 -28.94 -80.32
C GLU W 197 94.32 -29.51 -81.70
N ASN W 198 93.35 -29.48 -82.60
CA ASN W 198 93.44 -30.24 -83.85
C ASN W 198 93.28 -29.41 -85.11
N ALA W 199 92.83 -28.16 -85.01
CA ALA W 199 92.61 -27.30 -86.18
C ALA W 199 91.64 -27.95 -87.16
N GLN W 200 90.46 -28.29 -86.65
CA GLN W 200 89.39 -28.87 -87.46
C GLN W 200 88.17 -27.97 -87.37
N ILE W 201 87.64 -27.57 -88.52
CA ILE W 201 86.37 -26.86 -88.59
C ILE W 201 85.26 -27.92 -88.49
N PRO W 202 84.07 -27.56 -88.01
CA PRO W 202 83.02 -28.58 -87.83
C PRO W 202 82.50 -29.12 -89.16
N THR W 203 81.68 -30.17 -89.08
CA THR W 203 81.15 -30.78 -90.29
C THR W 203 80.27 -29.81 -91.07
N ASN W 204 79.40 -29.09 -90.36
CA ASN W 204 78.54 -28.08 -90.96
C ASN W 204 79.08 -26.70 -90.62
N PHE W 205 79.27 -25.87 -91.65
CA PHE W 205 79.86 -24.54 -91.45
C PHE W 205 79.00 -23.52 -92.20
N GLY W 206 78.39 -22.60 -91.44
CA GLY W 206 77.58 -21.56 -92.05
C GLY W 206 76.33 -22.04 -92.74
N GLY W 207 75.82 -23.21 -92.37
CA GLY W 207 74.64 -23.77 -93.01
C GLY W 207 74.91 -24.55 -94.27
N ILE W 208 76.17 -24.74 -94.65
CA ILE W 208 76.54 -25.51 -95.84
C ILE W 208 77.63 -26.49 -95.44
N ARG W 209 77.65 -27.63 -96.11
CA ARG W 209 78.62 -28.68 -95.82
C ARG W 209 79.96 -28.30 -96.43
N ALA W 210 80.93 -28.00 -95.58
CA ALA W 210 82.25 -27.57 -96.01
C ALA W 210 83.21 -28.76 -96.01
N LEU W 211 84.04 -28.86 -97.05
CA LEU W 211 84.98 -29.95 -97.19
C LEU W 211 86.36 -29.38 -97.48
N MET W 212 87.39 -30.11 -97.06
CA MET W 212 88.78 -29.73 -97.26
C MET W 212 89.50 -30.84 -98.02
N SER W 213 90.16 -30.46 -99.12
CA SER W 213 90.87 -31.42 -99.95
C SER W 213 91.98 -30.71 -100.69
N ASN W 214 93.19 -31.28 -100.62
CA ASN W 214 94.33 -30.66 -101.30
C ASN W 214 94.22 -30.74 -102.82
N GLY W 215 93.62 -31.81 -103.34
CA GLY W 215 93.47 -31.95 -104.77
C GLY W 215 92.41 -31.02 -105.34
N LEU W 216 92.86 -30.01 -106.08
CA LEU W 216 91.95 -29.04 -106.67
C LEU W 216 92.62 -28.43 -107.88
N ALA W 217 91.83 -28.14 -108.92
CA ALA W 217 92.38 -27.69 -110.19
C ALA W 217 92.84 -26.23 -110.09
N SER W 218 93.61 -25.81 -111.08
CA SER W 218 94.07 -24.44 -111.19
C SER W 218 93.96 -24.01 -112.65
N ARG W 219 93.82 -22.69 -112.85
CA ARG W 219 93.58 -22.18 -114.20
C ARG W 219 94.27 -20.84 -114.38
N THR W 220 94.53 -20.51 -115.63
CA THR W 220 95.07 -19.22 -116.03
C THR W 220 93.96 -18.39 -116.65
N GLN W 221 93.83 -17.14 -116.19
CA GLN W 221 92.67 -16.34 -116.56
C GLN W 221 92.76 -15.83 -117.99
N GLY W 222 93.97 -15.59 -118.47
CA GLY W 222 94.14 -15.16 -119.86
C GLY W 222 94.05 -13.66 -120.05
N ALA W 223 94.95 -13.12 -120.87
CA ALA W 223 95.07 -11.67 -121.00
C ALA W 223 93.85 -11.06 -121.67
N PHE W 224 93.41 -9.91 -121.15
CA PHE W 224 92.31 -9.16 -121.72
C PHE W 224 92.46 -7.70 -121.32
N GLY W 225 91.71 -6.84 -122.00
CA GLY W 225 91.76 -5.43 -121.68
C GLY W 225 90.76 -4.65 -122.52
N GLY W 226 90.43 -3.47 -122.04
CA GLY W 226 89.52 -2.57 -122.72
C GLY W 226 88.09 -2.75 -122.27
N THR W 227 87.32 -1.67 -122.35
CA THR W 227 85.91 -1.74 -122.00
C THR W 227 85.14 -2.47 -123.08
N LEU W 228 84.31 -3.43 -122.67
CA LEU W 228 83.60 -4.30 -123.59
C LEU W 228 82.11 -4.03 -123.52
N THR W 229 81.47 -3.98 -124.68
CA THR W 229 80.03 -3.81 -124.78
C THR W 229 79.48 -4.79 -125.81
N VAL W 230 78.23 -5.22 -125.61
CA VAL W 230 77.59 -6.12 -126.54
C VAL W 230 77.31 -5.40 -127.85
N LYS W 231 77.64 -6.05 -128.96
CA LYS W 231 77.45 -5.45 -130.27
C LYS W 231 76.05 -5.72 -130.82
N THR W 232 75.70 -6.99 -130.95
CA THR W 232 74.42 -7.41 -131.52
C THR W 232 73.56 -8.03 -130.42
N GLN W 233 72.30 -7.64 -130.37
CA GLN W 233 71.38 -8.20 -129.38
C GLN W 233 71.14 -9.66 -129.70
N PRO W 234 71.41 -10.57 -128.77
CA PRO W 234 71.23 -12.00 -129.04
C PRO W 234 69.78 -12.43 -128.82
N THR W 235 69.50 -13.67 -129.23
CA THR W 235 68.20 -14.29 -129.02
C THR W 235 68.29 -15.13 -127.74
N VAL W 236 67.39 -14.85 -126.79
CA VAL W 236 67.44 -15.52 -125.49
C VAL W 236 66.08 -16.10 -125.16
N THR W 237 65.31 -16.48 -126.18
CA THR W 237 64.00 -17.04 -125.96
C THR W 237 64.11 -18.49 -125.47
N TYR W 238 63.12 -18.91 -124.68
CA TYR W 238 63.11 -20.27 -124.17
C TYR W 238 63.05 -21.30 -125.29
N ASN W 239 62.35 -20.98 -126.38
CA ASN W 239 62.35 -21.87 -127.54
C ASN W 239 63.76 -22.05 -128.09
N ALA W 240 64.53 -20.97 -128.13
CA ALA W 240 65.87 -21.06 -128.69
C ALA W 240 66.83 -21.80 -127.77
N VAL W 241 66.80 -21.50 -126.47
CA VAL W 241 67.83 -22.00 -125.57
C VAL W 241 67.25 -22.92 -124.50
N LYS W 242 66.19 -23.66 -124.84
CA LYS W 242 65.56 -24.55 -123.90
C LYS W 242 66.26 -25.89 -123.75
N ASP W 243 67.31 -26.15 -124.54
CA ASP W 243 67.95 -27.46 -124.53
C ASP W 243 69.41 -27.44 -124.09
N SER W 244 70.05 -26.28 -123.97
CA SER W 244 71.46 -26.26 -123.63
C SER W 244 71.79 -25.33 -122.48
N TYR W 245 71.04 -24.23 -122.34
CA TYR W 245 71.42 -23.13 -121.44
C TYR W 245 72.82 -22.62 -121.76
N GLN W 246 73.17 -22.62 -123.04
CA GLN W 246 74.37 -21.97 -123.53
C GLN W 246 73.99 -21.05 -124.69
N PHE W 247 74.63 -19.89 -124.76
CA PHE W 247 74.31 -18.93 -125.81
C PHE W 247 75.57 -18.22 -126.26
N THR W 248 75.57 -17.79 -127.52
CA THR W 248 76.71 -17.14 -128.13
C THR W 248 76.51 -15.63 -128.16
N VAL W 249 77.55 -14.90 -127.78
CA VAL W 249 77.48 -13.44 -127.74
C VAL W 249 78.73 -12.87 -128.40
N THR W 250 78.54 -11.72 -129.07
CA THR W 250 79.61 -10.98 -129.70
C THR W 250 79.82 -9.66 -128.97
N LEU W 251 81.08 -9.31 -128.73
CA LEU W 251 81.45 -8.15 -127.95
C LEU W 251 82.42 -7.30 -128.76
N THR W 252 82.38 -5.99 -128.51
CA THR W 252 83.23 -5.03 -129.20
C THR W 252 83.99 -4.19 -128.18
N GLY W 253 85.03 -3.51 -128.67
CA GLY W 253 85.84 -2.66 -127.83
C GLY W 253 87.04 -3.33 -127.19
N ALA W 254 87.45 -4.50 -127.67
CA ALA W 254 88.57 -5.21 -127.09
C ALA W 254 89.88 -4.72 -127.68
N THR W 255 90.99 -5.33 -127.28
CA THR W 255 92.30 -5.02 -127.85
C THR W 255 92.36 -5.54 -129.29
N ALA W 256 93.29 -4.97 -130.06
CA ALA W 256 93.33 -5.19 -131.51
C ALA W 256 93.41 -6.66 -131.89
N SER W 257 94.49 -7.35 -131.53
CA SER W 257 94.65 -8.75 -131.93
C SER W 257 95.52 -9.44 -130.87
N VAL W 258 94.86 -10.15 -129.96
CA VAL W 258 95.53 -10.93 -128.92
C VAL W 258 94.97 -12.34 -128.95
N THR W 259 95.86 -13.33 -128.95
CA THR W 259 95.43 -14.72 -128.87
C THR W 259 95.12 -15.10 -127.43
N GLY W 260 94.13 -15.97 -127.26
CA GLY W 260 93.68 -16.36 -125.94
C GLY W 260 93.12 -15.19 -125.16
N PHE W 261 92.25 -14.41 -125.80
CA PHE W 261 91.65 -13.26 -125.13
C PHE W 261 90.85 -13.69 -123.91
N LEU W 262 89.97 -14.67 -124.09
CA LEU W 262 89.18 -15.22 -123.00
C LEU W 262 89.36 -16.74 -122.99
N LYS W 263 89.60 -17.29 -121.81
CA LYS W 263 89.86 -18.71 -121.65
C LYS W 263 88.70 -19.39 -120.94
N ALA W 264 88.69 -20.72 -121.04
CA ALA W 264 87.60 -21.54 -120.47
C ALA W 264 87.62 -21.41 -118.96
N GLY W 265 86.63 -20.70 -118.42
CA GLY W 265 86.54 -20.52 -116.98
C GLY W 265 86.37 -19.07 -116.58
N ASP W 266 86.65 -18.15 -117.51
CA ASP W 266 86.49 -16.74 -117.23
C ASP W 266 85.03 -16.39 -117.02
N GLN W 267 84.77 -15.49 -116.08
CA GLN W 267 83.41 -15.09 -115.76
C GLN W 267 83.15 -13.68 -116.29
N VAL W 268 82.04 -13.53 -117.02
CA VAL W 268 81.62 -12.27 -117.61
C VAL W 268 80.35 -11.82 -116.92
N LYS W 269 80.33 -10.57 -116.47
CA LYS W 269 79.26 -10.02 -115.64
C LYS W 269 78.60 -8.87 -116.38
N PHE W 270 77.27 -8.92 -116.48
CA PHE W 270 76.49 -7.87 -117.13
C PHE W 270 76.10 -6.84 -116.08
N THR W 271 76.62 -5.62 -116.21
CA THR W 271 76.44 -4.62 -115.15
C THR W 271 74.97 -4.25 -114.98
N ASN W 272 74.27 -4.07 -116.08
CA ASN W 272 72.90 -3.55 -116.03
C ASN W 272 71.84 -4.64 -115.95
N THR W 273 72.23 -5.90 -115.85
CA THR W 273 71.30 -7.02 -115.87
C THR W 273 71.32 -7.72 -114.50
N TYR W 274 70.15 -7.88 -113.91
CA TYR W 274 70.03 -8.42 -112.56
C TYR W 274 69.38 -9.80 -112.58
N TRP W 275 69.67 -10.56 -111.53
CA TRP W 275 69.11 -11.89 -111.37
C TRP W 275 67.61 -11.80 -111.04
N LEU W 276 66.96 -12.96 -111.01
CA LEU W 276 65.57 -13.08 -110.62
C LEU W 276 65.43 -14.29 -109.71
N GLN W 277 64.40 -14.26 -108.86
CA GLN W 277 64.08 -15.41 -108.02
C GLN W 277 63.21 -16.35 -108.86
N GLN W 278 63.67 -17.59 -109.02
CA GLN W 278 63.12 -18.49 -110.02
C GLN W 278 61.67 -18.87 -109.77
N GLN W 279 61.12 -18.62 -108.58
CA GLN W 279 59.74 -18.96 -108.31
C GLN W 279 58.84 -17.74 -108.22
N THR W 280 59.25 -16.71 -107.49
CA THR W 280 58.42 -15.52 -107.30
C THR W 280 58.66 -14.45 -108.34
N LYS W 281 59.66 -14.62 -109.21
CA LYS W 281 59.95 -13.69 -110.31
C LYS W 281 60.14 -12.26 -109.80
N GLN W 282 60.92 -12.11 -108.72
CA GLN W 282 61.25 -10.82 -108.17
C GLN W 282 62.77 -10.64 -108.17
N ALA W 283 63.21 -9.39 -108.33
CA ALA W 283 64.64 -9.12 -108.42
C ALA W 283 65.34 -9.43 -107.11
N LEU W 284 66.59 -9.88 -107.20
CA LEU W 284 67.38 -10.18 -106.01
C LEU W 284 68.10 -8.92 -105.56
N TYR W 285 68.06 -8.66 -104.25
CA TYR W 285 68.64 -7.48 -103.65
C TYR W 285 69.55 -7.90 -102.51
N ASN W 286 70.83 -7.51 -102.59
CA ASN W 286 71.85 -7.91 -101.64
C ASN W 286 72.37 -6.65 -100.94
N GLY W 287 71.89 -6.42 -99.73
CA GLY W 287 72.34 -5.27 -98.96
C GLY W 287 71.95 -3.95 -99.59
N ALA W 288 72.92 -3.22 -100.14
CA ALA W 288 72.65 -1.92 -100.74
C ALA W 288 72.49 -2.03 -102.26
N THR W 289 73.19 -2.99 -102.88
CA THR W 289 73.22 -3.10 -104.33
C THR W 289 72.67 -4.44 -104.78
N PRO W 290 71.80 -4.43 -105.79
CA PRO W 290 71.25 -5.69 -106.30
C PRO W 290 72.32 -6.52 -106.99
N ILE W 291 72.02 -7.82 -107.11
CA ILE W 291 72.95 -8.79 -107.66
C ILE W 291 72.82 -8.78 -109.18
N SER W 292 73.95 -8.72 -109.87
CA SER W 292 73.96 -8.65 -111.33
C SER W 292 74.23 -10.03 -111.93
N PHE W 293 73.72 -10.22 -113.14
CA PHE W 293 73.83 -11.49 -113.83
C PHE W 293 75.26 -11.74 -114.31
N THR W 294 75.63 -13.01 -114.36
CA THR W 294 76.96 -13.40 -114.78
C THR W 294 76.89 -14.75 -115.50
N ALA W 295 77.94 -15.04 -116.26
CA ALA W 295 78.03 -16.29 -117.02
C ALA W 295 79.50 -16.67 -117.12
N THR W 296 79.75 -17.87 -117.65
CA THR W 296 81.10 -18.42 -117.73
C THR W 296 81.43 -18.81 -119.16
N VAL W 297 82.69 -18.62 -119.54
CA VAL W 297 83.17 -18.97 -120.86
C VAL W 297 83.37 -20.48 -120.94
N THR W 298 82.78 -21.11 -121.96
CA THR W 298 82.88 -22.55 -122.11
C THR W 298 84.03 -22.99 -123.00
N ALA W 299 84.40 -22.17 -124.00
CA ALA W 299 85.50 -22.52 -124.90
C ALA W 299 86.32 -21.27 -125.16
N ASP W 300 87.62 -21.47 -125.32
CA ASP W 300 88.55 -20.36 -125.50
C ASP W 300 88.21 -19.56 -126.75
N ALA W 301 88.36 -18.24 -126.66
CA ALA W 301 88.06 -17.34 -127.76
C ALA W 301 89.28 -16.46 -128.04
N ASN W 302 89.37 -16.02 -129.29
CA ASN W 302 90.48 -15.21 -129.76
C ASN W 302 89.95 -13.88 -130.29
N SER W 303 90.66 -12.80 -129.97
CA SER W 303 90.28 -11.50 -130.49
C SER W 303 90.66 -11.37 -131.96
N ASP W 304 89.93 -10.53 -132.68
CA ASP W 304 90.18 -10.25 -134.08
C ASP W 304 90.42 -8.77 -134.27
N SER W 305 91.16 -8.43 -135.33
CA SER W 305 91.50 -7.04 -135.60
C SER W 305 90.24 -6.20 -135.74
N GLY W 306 90.26 -5.03 -135.09
CA GLY W 306 89.09 -4.17 -135.03
C GLY W 306 88.37 -4.19 -133.71
N GLY W 307 88.74 -5.08 -132.79
CA GLY W 307 88.12 -5.13 -131.48
C GLY W 307 86.77 -5.81 -131.46
N ASP W 308 86.74 -7.10 -131.78
CA ASP W 308 85.52 -7.88 -131.70
C ASP W 308 85.85 -9.33 -131.32
N VAL W 309 85.00 -9.89 -130.47
CA VAL W 309 85.20 -11.25 -129.98
C VAL W 309 83.85 -11.97 -130.00
N THR W 310 83.86 -13.25 -130.37
CA THR W 310 82.67 -14.08 -130.35
C THR W 310 82.91 -15.25 -129.40
N VAL W 311 82.06 -15.36 -128.38
CA VAL W 311 82.29 -16.34 -127.32
C VAL W 311 80.97 -17.05 -127.02
N THR W 312 81.08 -18.25 -126.45
CA THR W 312 79.94 -19.07 -126.06
C THR W 312 79.93 -19.18 -124.55
N LEU W 313 78.85 -18.74 -123.91
CA LEU W 313 78.74 -18.73 -122.47
C LEU W 313 77.67 -19.70 -121.99
N SER W 314 77.88 -20.24 -120.79
CA SER W 314 76.96 -21.17 -120.15
C SER W 314 76.14 -20.44 -119.10
N GLY W 315 74.82 -20.63 -119.16
CA GLY W 315 73.91 -19.90 -118.30
C GLY W 315 73.29 -18.74 -119.05
N VAL W 316 72.05 -18.92 -119.50
CA VAL W 316 71.42 -17.96 -120.40
C VAL W 316 70.45 -17.06 -119.65
N PRO W 317 70.46 -15.76 -119.95
CA PRO W 317 69.48 -14.81 -119.36
C PRO W 317 68.14 -14.81 -120.08
N ILE W 318 67.27 -15.74 -119.67
CA ILE W 318 65.96 -15.90 -120.30
C ILE W 318 65.17 -14.62 -120.16
N TYR W 319 64.64 -14.12 -121.27
CA TYR W 319 63.67 -13.02 -121.28
C TYR W 319 62.84 -13.18 -122.55
N ASP W 320 61.66 -13.77 -122.42
CA ASP W 320 60.74 -13.96 -123.53
C ASP W 320 59.48 -13.15 -123.28
N THR W 321 59.09 -12.35 -124.25
CA THR W 321 57.92 -11.49 -124.10
C THR W 321 56.60 -12.21 -124.33
N THR W 322 56.64 -13.45 -124.83
CA THR W 322 55.43 -14.23 -125.02
C THR W 322 55.29 -15.40 -124.05
N ASN W 323 56.37 -15.77 -123.34
CA ASN W 323 56.33 -16.81 -122.32
C ASN W 323 56.97 -16.26 -121.05
N PRO W 324 56.26 -15.38 -120.35
CA PRO W 324 56.87 -14.73 -119.17
C PRO W 324 57.17 -15.69 -118.04
N GLN W 325 56.53 -16.86 -118.00
CA GLN W 325 56.68 -17.77 -116.88
C GLN W 325 58.10 -18.32 -116.76
N TYR W 326 58.86 -18.34 -117.85
CA TYR W 326 60.20 -18.90 -117.85
C TYR W 326 61.28 -17.85 -117.68
N ASN W 327 60.90 -16.59 -117.47
CA ASN W 327 61.88 -15.52 -117.34
C ASN W 327 62.76 -15.73 -116.12
N SER W 328 64.03 -15.35 -116.25
CA SER W 328 64.98 -15.39 -115.14
C SER W 328 65.76 -14.08 -115.00
N VAL W 329 65.34 -13.02 -115.70
CA VAL W 329 66.06 -11.76 -115.70
C VAL W 329 65.04 -10.63 -115.73
N SER W 330 65.39 -9.50 -115.11
CA SER W 330 64.48 -8.37 -114.97
C SER W 330 64.32 -7.55 -116.25
N ARG W 331 65.21 -7.68 -117.22
CA ARG W 331 65.11 -6.87 -118.43
C ARG W 331 65.74 -7.62 -119.59
N GLN W 332 65.64 -7.02 -120.77
CA GLN W 332 66.19 -7.62 -121.98
C GLN W 332 67.63 -7.16 -122.18
N VAL W 333 68.51 -8.10 -122.54
CA VAL W 333 69.91 -7.79 -122.82
C VAL W 333 69.98 -7.25 -124.25
N GLU W 334 69.87 -5.93 -124.40
CA GLU W 334 69.88 -5.32 -125.72
C GLU W 334 71.30 -4.89 -126.06
N ALA W 335 71.47 -4.25 -127.22
CA ALA W 335 72.77 -3.88 -127.73
C ALA W 335 73.26 -2.61 -127.05
N GLY W 336 74.53 -2.58 -126.68
CA GLY W 336 75.14 -1.44 -126.04
C GLY W 336 75.26 -1.53 -124.53
N ASP W 337 74.86 -2.65 -123.94
CA ASP W 337 74.95 -2.80 -122.49
C ASP W 337 76.39 -3.02 -122.06
N ALA W 338 76.66 -2.78 -120.78
CA ALA W 338 78.01 -2.85 -120.23
C ALA W 338 78.29 -4.23 -119.65
N VAL W 339 79.43 -4.81 -120.04
CA VAL W 339 79.88 -6.08 -119.51
C VAL W 339 81.29 -5.90 -118.97
N SER W 340 81.69 -6.80 -118.08
CA SER W 340 83.03 -6.75 -117.50
C SER W 340 83.48 -8.14 -117.10
N VAL W 341 84.76 -8.43 -117.30
CA VAL W 341 85.34 -9.72 -116.92
C VAL W 341 85.80 -9.64 -115.48
N VAL W 342 85.48 -10.67 -114.71
CA VAL W 342 85.77 -10.68 -113.28
C VAL W 342 87.18 -11.25 -113.06
N GLY W 343 88.00 -10.51 -112.32
CA GLY W 343 89.32 -10.98 -111.95
C GLY W 343 90.41 -10.00 -112.35
N THR W 344 91.62 -10.55 -112.49
CA THR W 344 92.81 -9.80 -112.87
C THR W 344 93.18 -10.17 -114.31
N ALA W 345 94.17 -9.46 -114.85
CA ALA W 345 94.51 -9.61 -116.26
C ALA W 345 94.97 -11.02 -116.59
N SER W 346 96.12 -11.43 -116.06
CA SER W 346 96.75 -12.69 -116.48
C SER W 346 97.30 -13.45 -115.28
N GLN W 347 96.51 -13.54 -114.22
CA GLN W 347 96.93 -14.24 -113.02
C GLN W 347 96.42 -15.68 -113.03
N THR W 348 96.97 -16.50 -112.14
CA THR W 348 96.53 -17.87 -111.93
C THR W 348 96.02 -18.02 -110.50
N MET W 349 95.14 -18.99 -110.29
CA MET W 349 94.47 -19.14 -109.02
C MET W 349 93.95 -20.58 -108.88
N LYS W 350 93.48 -20.90 -107.68
CA LYS W 350 92.84 -22.19 -107.39
C LYS W 350 91.43 -21.89 -106.92
N PRO W 351 90.45 -21.90 -107.83
CA PRO W 351 89.10 -21.49 -107.46
C PRO W 351 88.45 -22.46 -106.48
N ASN W 352 87.59 -21.92 -105.63
CA ASN W 352 86.81 -22.70 -104.69
C ASN W 352 85.42 -22.92 -105.24
N LEU W 353 84.95 -24.16 -105.16
CA LEU W 353 83.70 -24.58 -105.80
C LEU W 353 82.61 -24.77 -104.77
N PHE W 354 81.44 -24.19 -105.04
CA PHE W 354 80.24 -24.44 -104.26
C PHE W 354 79.12 -24.84 -105.21
N TYR W 355 78.37 -25.88 -104.84
CA TYR W 355 77.38 -26.43 -105.76
C TYR W 355 76.30 -27.16 -104.97
N ASN W 356 75.26 -27.59 -105.69
CA ASN W 356 74.21 -28.42 -105.15
C ASN W 356 74.47 -29.88 -105.53
N LYS W 357 73.71 -30.78 -104.91
CA LYS W 357 73.87 -32.20 -105.21
C LYS W 357 73.52 -32.50 -106.66
N PHE W 358 72.47 -31.86 -107.18
CA PHE W 358 71.94 -32.16 -108.51
C PHE W 358 72.44 -31.19 -109.57
N PHE W 359 73.69 -30.74 -109.48
CA PHE W 359 74.25 -29.84 -110.48
C PHE W 359 74.95 -30.62 -111.59
N CYS W 360 75.82 -31.55 -111.23
CA CYS W 360 76.49 -32.43 -112.18
C CYS W 360 76.19 -33.89 -111.85
N GLY W 361 76.57 -34.77 -112.77
CA GLY W 361 76.39 -36.19 -112.61
C GLY W 361 77.47 -36.98 -113.33
N LEU W 362 78.01 -37.99 -112.66
CA LEU W 362 79.13 -38.76 -113.17
C LEU W 362 78.75 -40.23 -113.29
N GLY W 363 79.17 -40.85 -114.40
CA GLY W 363 78.96 -42.27 -114.59
C GLY W 363 80.14 -42.89 -115.32
N SER W 364 80.10 -44.21 -115.44
CA SER W 364 81.15 -44.96 -116.10
C SER W 364 80.53 -45.89 -117.13
N ILE W 365 81.30 -46.18 -118.19
CA ILE W 365 80.86 -47.07 -119.27
C ILE W 365 81.83 -48.24 -119.34
N PRO W 366 81.36 -49.48 -119.34
CA PRO W 366 82.27 -50.62 -119.49
C PRO W 366 82.87 -50.66 -120.89
N LEU W 367 83.82 -51.57 -121.05
CA LEU W 367 84.52 -51.70 -122.32
C LEU W 367 84.56 -53.16 -122.76
N PRO W 368 84.58 -53.42 -124.06
CA PRO W 368 84.69 -54.82 -124.52
C PRO W 368 86.14 -55.27 -124.56
N LYS W 369 86.37 -56.49 -125.05
CA LYS W 369 87.70 -57.06 -125.16
C LYS W 369 88.13 -57.09 -126.61
N LEU W 370 89.37 -56.71 -126.87
CA LEU W 370 89.89 -56.72 -128.23
C LEU W 370 90.06 -58.16 -128.72
N HIS W 371 90.19 -58.31 -130.04
CA HIS W 371 90.24 -59.62 -130.66
C HIS W 371 91.66 -60.19 -130.58
N SER W 372 91.77 -61.41 -130.07
CA SER W 372 93.02 -62.18 -130.08
C SER W 372 94.13 -61.46 -129.30
N ILE W 373 93.74 -60.67 -128.30
CA ILE W 373 94.67 -60.02 -127.39
C ILE W 373 94.13 -60.21 -125.98
N ASP W 374 94.96 -60.74 -125.08
CA ASP W 374 94.48 -61.08 -123.76
C ASP W 374 94.33 -59.83 -122.90
N SER W 375 93.32 -59.87 -122.02
CA SER W 375 92.95 -58.72 -121.22
C SER W 375 92.38 -59.21 -119.89
N ALA W 376 92.22 -58.28 -118.97
CA ALA W 376 91.68 -58.57 -117.64
C ALA W 376 90.94 -57.33 -117.16
N VAL W 377 90.14 -57.52 -116.12
CA VAL W 377 89.35 -56.43 -115.55
C VAL W 377 89.65 -56.34 -114.06
N ALA W 378 89.82 -55.10 -113.57
CA ALA W 378 90.08 -54.84 -112.17
C ALA W 378 89.11 -53.78 -111.69
N THR W 379 88.90 -53.74 -110.37
CA THR W 379 88.05 -52.75 -109.75
C THR W 379 88.87 -51.92 -108.78
N TYR W 380 88.50 -50.64 -108.67
CA TYR W 380 89.24 -49.71 -107.81
C TYR W 380 88.33 -48.53 -107.52
N GLU W 381 87.94 -48.37 -106.25
CA GLU W 381 87.01 -47.32 -105.84
C GLU W 381 85.76 -47.32 -106.70
N GLY W 382 85.23 -48.51 -106.97
CA GLY W 382 84.06 -48.67 -107.78
C GLY W 382 84.29 -48.59 -109.28
N PHE W 383 85.37 -47.96 -109.73
CA PHE W 383 85.63 -47.85 -111.16
C PHE W 383 86.23 -49.14 -111.69
N SER W 384 85.81 -49.53 -112.89
CA SER W 384 86.27 -50.76 -113.53
C SER W 384 87.29 -50.40 -114.60
N ILE W 385 88.50 -50.93 -114.47
CA ILE W 385 89.61 -50.62 -115.34
C ILE W 385 89.98 -51.89 -116.12
N ARG W 386 90.10 -51.75 -117.44
CA ARG W 386 90.45 -52.87 -118.31
C ARG W 386 91.92 -52.80 -118.68
N VAL W 387 92.58 -53.96 -118.60
CA VAL W 387 94.02 -54.07 -118.82
C VAL W 387 94.24 -54.97 -120.02
N HIS W 388 94.92 -54.44 -121.04
CA HIS W 388 95.25 -55.19 -122.24
C HIS W 388 96.74 -55.47 -122.25
N LYS W 389 97.10 -56.73 -122.50
CA LYS W 389 98.50 -57.13 -122.54
C LYS W 389 98.82 -57.66 -123.94
N TYR W 390 99.93 -57.22 -124.52
CA TYR W 390 100.31 -57.66 -125.85
C TYR W 390 101.80 -57.39 -126.04
N ALA W 391 102.32 -57.88 -127.17
CA ALA W 391 103.74 -57.71 -127.47
C ALA W 391 103.95 -57.73 -128.97
N ASP W 392 104.99 -57.02 -129.41
CA ASP W 392 105.42 -57.13 -130.81
C ASP W 392 106.62 -58.07 -130.92
N GLY W 393 106.32 -59.35 -130.69
CA GLY W 393 107.37 -60.34 -130.51
C GLY W 393 108.39 -60.39 -131.63
N ASP W 394 107.98 -60.06 -132.85
CA ASP W 394 108.90 -59.98 -133.97
C ASP W 394 109.82 -58.77 -133.89
N ALA W 395 109.53 -57.84 -132.97
CA ALA W 395 110.47 -56.78 -132.59
C ALA W 395 110.93 -56.93 -131.15
N ASN W 396 110.38 -57.90 -130.42
CA ASN W 396 110.85 -58.30 -129.09
C ASN W 396 110.68 -57.17 -128.07
N VAL W 397 109.45 -56.68 -127.95
CA VAL W 397 109.08 -55.70 -126.93
C VAL W 397 107.70 -56.06 -126.39
N GLN W 398 107.56 -55.99 -125.06
CA GLN W 398 106.29 -56.19 -124.38
C GLN W 398 105.52 -54.86 -124.30
N LYS W 399 104.24 -54.95 -123.94
CA LYS W 399 103.37 -53.79 -123.90
C LYS W 399 102.16 -54.10 -123.05
N MET W 400 101.76 -53.12 -122.23
CA MET W 400 100.55 -53.21 -121.43
C MET W 400 99.84 -51.87 -121.47
N ARG W 401 98.52 -51.89 -121.31
CA ARG W 401 97.77 -50.65 -121.29
C ARG W 401 96.57 -50.78 -120.38
N PHE W 402 96.14 -49.65 -119.82
CA PHE W 402 95.01 -49.56 -118.91
C PHE W 402 94.03 -48.53 -119.45
N ASP W 403 92.74 -48.83 -119.35
CA ASP W 403 91.72 -47.97 -119.97
C ASP W 403 90.59 -47.69 -118.99
N LEU W 404 89.83 -46.63 -119.29
CA LEU W 404 88.69 -46.20 -118.49
C LEU W 404 87.88 -45.19 -119.29
N LEU W 405 86.56 -45.33 -119.23
CA LEU W 405 85.63 -44.46 -119.96
C LEU W 405 84.63 -43.82 -119.00
N PRO W 406 84.77 -42.54 -118.67
CA PRO W 406 83.78 -41.84 -117.87
C PRO W 406 82.77 -41.10 -118.72
N ALA W 407 81.74 -40.57 -118.05
CA ALA W 407 80.70 -39.80 -118.71
C ALA W 407 80.17 -38.75 -117.74
N TYR W 408 80.06 -37.51 -118.22
CA TYR W 408 79.65 -36.37 -117.41
C TYR W 408 78.34 -35.80 -117.94
N VAL W 409 77.53 -35.26 -117.03
CA VAL W 409 76.31 -34.54 -117.38
C VAL W 409 76.19 -33.32 -116.47
N CYS W 410 75.70 -32.22 -117.02
CA CYS W 410 75.46 -30.98 -116.29
C CYS W 410 73.96 -30.68 -116.34
N PHE W 411 73.25 -30.98 -115.27
CA PHE W 411 71.80 -30.85 -115.27
C PHE W 411 71.36 -29.39 -115.44
N ASN W 412 71.69 -28.54 -114.47
CA ASN W 412 71.27 -27.15 -114.49
C ASN W 412 72.46 -26.28 -114.12
N PRO W 413 72.93 -25.39 -115.00
CA PRO W 413 74.10 -24.57 -114.67
C PRO W 413 73.87 -23.62 -113.52
N HIS W 414 72.62 -23.31 -113.16
CA HIS W 414 72.32 -22.31 -112.13
C HIS W 414 72.31 -22.91 -110.73
N MET W 415 73.03 -24.00 -110.49
CA MET W 415 73.04 -24.66 -109.19
C MET W 415 74.47 -24.96 -108.75
N GLY W 416 75.41 -24.11 -109.16
CA GLY W 416 76.80 -24.31 -108.79
C GLY W 416 77.66 -23.21 -109.39
N GLY W 417 78.91 -23.21 -108.97
CA GLY W 417 79.86 -22.22 -109.47
C GLY W 417 81.04 -22.07 -108.52
N GLN W 418 81.74 -20.95 -108.69
CA GLN W 418 82.94 -20.64 -107.94
C GLN W 418 82.69 -19.46 -107.00
N PHE W 419 83.47 -19.40 -105.92
CA PHE W 419 83.34 -18.33 -104.96
C PHE W 419 84.70 -18.03 -104.35
N PHE W 420 84.95 -16.75 -104.09
CA PHE W 420 86.14 -16.28 -103.39
C PHE W 420 85.72 -15.30 -102.31
N GLY W 421 86.70 -14.89 -101.50
CA GLY W 421 86.43 -13.90 -100.48
C GLY W 421 86.30 -12.51 -101.07
N ASN W 422 85.69 -11.61 -100.29
CA ASN W 422 85.53 -10.23 -100.70
C ASN W 422 85.80 -9.28 -99.52
N PRO W 423 86.45 -8.12 -99.77
CA PRO W 423 86.72 -7.16 -98.70
C PRO W 423 85.49 -6.31 -98.37
N PRO X 2 139.38 -26.85 112.95
CA PRO X 2 140.69 -27.40 113.29
C PRO X 2 141.06 -28.61 112.44
N ASN X 3 140.06 -29.26 111.86
CA ASN X 3 140.30 -30.43 111.03
C ASN X 3 140.99 -30.03 109.73
N ASN X 4 141.25 -31.03 108.89
CA ASN X 4 141.88 -30.79 107.60
C ASN X 4 141.13 -31.58 106.54
N LEU X 5 141.23 -31.10 105.29
CA LEU X 5 140.42 -31.59 104.18
C LEU X 5 141.30 -31.95 103.00
N ASP X 6 142.33 -32.77 103.23
CA ASP X 6 143.13 -33.32 102.14
C ASP X 6 143.15 -34.85 102.11
N SER X 7 142.50 -35.50 103.08
CA SER X 7 142.55 -36.96 103.18
C SER X 7 141.61 -37.63 102.19
N ASN X 8 140.30 -37.38 102.31
CA ASN X 8 139.31 -38.05 101.49
C ASN X 8 138.89 -37.21 100.27
N VAL X 9 139.77 -36.33 99.79
CA VAL X 9 139.44 -35.48 98.65
C VAL X 9 140.55 -35.56 97.61
N SER X 10 140.20 -35.21 96.39
CA SER X 10 141.14 -35.16 95.28
C SER X 10 140.55 -34.27 94.19
N GLN X 11 141.23 -33.17 93.89
CA GLN X 11 140.76 -32.25 92.86
C GLN X 11 140.87 -32.93 91.50
N ILE X 12 139.74 -33.04 90.80
CA ILE X 12 139.68 -33.76 89.53
C ILE X 12 139.04 -32.88 88.47
N VAL X 13 139.27 -33.24 87.22
CA VAL X 13 138.68 -32.57 86.05
C VAL X 13 137.81 -33.58 85.33
N LEU X 14 136.55 -33.23 85.12
CA LEU X 14 135.61 -34.14 84.48
C LEU X 14 135.91 -34.28 82.99
N LYS X 15 135.47 -35.39 82.41
CA LYS X 15 135.73 -35.68 81.00
C LYS X 15 134.63 -35.14 80.10
N LYS X 16 134.31 -33.86 80.26
CA LYS X 16 133.31 -33.18 79.46
C LYS X 16 133.95 -31.99 78.77
N PHE X 17 133.39 -31.61 77.62
CA PHE X 17 133.85 -30.45 76.87
C PHE X 17 132.69 -29.48 76.65
N LEU X 18 132.94 -28.21 76.94
CA LEU X 18 131.92 -27.18 76.79
C LEU X 18 131.73 -26.82 75.32
N PRO X 19 130.54 -26.34 74.96
CA PRO X 19 130.30 -25.95 73.56
C PRO X 19 131.10 -24.73 73.17
N GLY X 20 131.32 -24.60 71.87
CA GLY X 20 132.07 -23.49 71.31
C GLY X 20 131.32 -22.70 70.27
N PHE X 21 132.04 -21.98 69.43
CA PHE X 21 131.46 -21.14 68.38
C PHE X 21 131.66 -21.78 67.02
N MET X 22 130.94 -21.24 66.03
CA MET X 22 131.08 -21.71 64.65
C MET X 22 130.46 -20.68 63.71
N SER X 23 130.94 -20.70 62.47
CA SER X 23 130.40 -19.90 61.38
C SER X 23 129.54 -20.78 60.48
N ASP X 24 129.12 -20.23 59.34
CA ASP X 24 128.28 -20.96 58.40
C ASP X 24 128.83 -20.81 56.98
N LEU X 25 128.30 -21.61 56.07
CA LEU X 25 128.67 -21.59 54.67
C LEU X 25 127.48 -21.21 53.82
N VAL X 26 127.64 -20.17 53.00
CA VAL X 26 126.58 -19.77 52.08
C VAL X 26 127.12 -19.72 50.64
N LEU X 27 128.30 -19.13 50.47
CA LEU X 27 128.84 -18.95 49.13
C LEU X 27 129.18 -20.28 48.48
N ALA X 28 129.80 -21.19 49.24
CA ALA X 28 130.15 -22.50 48.70
C ALA X 28 128.89 -23.26 48.29
N LYS X 29 127.83 -23.18 49.09
CA LYS X 29 126.58 -23.83 48.74
C LYS X 29 125.97 -23.22 47.48
N THR X 30 126.01 -21.89 47.36
CA THR X 30 125.29 -21.23 46.28
C THR X 30 126.00 -21.36 44.94
N VAL X 31 127.30 -21.05 44.89
CA VAL X 31 128.01 -21.00 43.62
C VAL X 31 128.11 -22.39 43.01
N ASP X 32 128.31 -22.45 41.70
CA ASP X 32 128.33 -23.71 40.99
C ASP X 32 129.56 -24.52 41.35
N ARG X 33 129.37 -25.84 41.48
CA ARG X 33 130.49 -26.75 41.74
C ARG X 33 130.50 -27.92 40.78
N GLN X 34 129.81 -27.82 39.64
CA GLN X 34 129.71 -28.93 38.69
C GLN X 34 130.50 -28.70 37.40
N LEU X 35 130.70 -27.45 36.99
CA LEU X 35 131.35 -27.20 35.71
C LEU X 35 132.86 -27.41 35.79
N LEU X 36 133.48 -27.04 36.91
CA LEU X 36 134.92 -27.21 37.07
C LEU X 36 135.31 -28.53 37.71
N ALA X 37 134.33 -29.30 38.21
CA ALA X 37 134.65 -30.52 38.94
C ALA X 37 135.23 -31.58 38.01
N GLY X 38 136.35 -32.18 38.43
CA GLY X 38 136.93 -33.30 37.72
C GLY X 38 137.52 -32.96 36.37
N GLU X 39 137.92 -31.71 36.14
CA GLU X 39 138.44 -31.29 34.85
C GLU X 39 139.95 -31.06 34.87
N ILE X 40 140.59 -31.21 36.01
CA ILE X 40 142.03 -30.99 36.15
C ILE X 40 142.65 -32.28 36.66
N ASN X 41 143.68 -32.75 35.95
CA ASN X 41 144.37 -33.99 36.32
C ASN X 41 145.86 -33.89 36.01
N SER X 42 146.55 -35.03 36.03
CA SER X 42 147.98 -35.09 35.79
C SER X 42 148.34 -35.08 34.31
N SER X 43 147.40 -34.67 33.45
CA SER X 43 147.68 -34.58 32.02
C SER X 43 147.14 -33.30 31.41
N THR X 44 146.63 -32.37 32.21
CA THR X 44 146.08 -31.11 31.73
C THR X 44 146.87 -29.89 32.16
N GLY X 45 147.49 -29.92 33.34
CA GLY X 45 148.21 -28.79 33.87
C GLY X 45 147.44 -28.10 34.97
N ASP X 46 148.02 -26.99 35.45
CA ASP X 46 147.42 -26.24 36.54
C ASP X 46 146.31 -25.30 36.08
N SER X 47 145.96 -25.32 34.80
CA SER X 47 144.95 -24.42 34.27
C SER X 47 144.13 -25.13 33.20
N VAL X 48 142.85 -24.76 33.12
CA VAL X 48 141.94 -25.26 32.09
C VAL X 48 141.14 -24.07 31.57
N SER X 49 140.56 -24.23 30.38
CA SER X 49 139.91 -23.12 29.70
C SER X 49 138.52 -23.50 29.21
N PHE X 50 137.64 -22.50 29.19
CA PHE X 50 136.30 -22.61 28.63
C PHE X 50 136.10 -21.53 27.57
N LYS X 51 135.40 -21.90 26.50
CA LYS X 51 135.19 -20.97 25.40
C LYS X 51 134.24 -19.84 25.80
N ARG X 52 134.15 -18.83 24.94
CA ARG X 52 133.27 -17.70 25.16
C ARG X 52 132.32 -17.53 23.99
N PRO X 53 131.14 -16.96 24.21
CA PRO X 53 130.19 -16.76 23.11
C PRO X 53 130.68 -15.70 22.13
N HIS X 54 130.19 -15.81 20.90
CA HIS X 54 130.52 -14.88 19.83
C HIS X 54 129.45 -13.80 19.71
N GLN X 55 129.78 -12.75 18.97
CA GLN X 55 128.84 -11.68 18.67
C GLN X 55 129.03 -11.23 17.23
N PHE X 56 128.01 -10.57 16.69
CA PHE X 56 128.03 -10.16 15.28
C PHE X 56 127.35 -8.80 15.13
N SER X 57 127.63 -8.15 14.00
CA SER X 57 127.04 -6.86 13.66
C SER X 57 126.48 -6.93 12.24
N SER X 58 125.42 -6.16 12.00
CA SER X 58 124.71 -6.21 10.73
C SER X 58 125.09 -5.02 9.85
N LEU X 59 124.72 -5.12 8.58
CA LEU X 59 125.01 -4.11 7.58
C LEU X 59 123.70 -3.63 6.96
N ARG X 60 123.60 -2.33 6.72
CA ARG X 60 122.43 -1.72 6.11
C ARG X 60 122.80 -1.19 4.73
N THR X 61 122.04 -1.60 3.71
CA THR X 61 122.31 -1.21 2.33
C THR X 61 121.01 -1.33 1.55
N PRO X 62 120.75 -0.43 0.60
CA PRO X 62 119.42 -0.42 -0.06
C PRO X 62 119.18 -1.60 -0.97
N THR X 63 120.15 -1.95 -1.80
CA THR X 63 119.98 -2.99 -2.80
C THR X 63 120.58 -4.33 -2.39
N GLY X 64 121.03 -4.46 -1.15
CA GLY X 64 121.61 -5.71 -0.71
C GLY X 64 123.01 -5.98 -1.21
N ASP X 65 123.68 -4.97 -1.77
CA ASP X 65 125.01 -5.14 -2.34
C ASP X 65 126.05 -5.00 -1.24
N ILE X 66 126.81 -6.06 -1.00
CA ILE X 66 127.90 -6.05 -0.03
C ILE X 66 129.20 -6.42 -0.74
N SER X 67 129.28 -6.09 -2.03
CA SER X 67 130.44 -6.48 -2.82
C SER X 67 131.71 -5.78 -2.33
N GLY X 68 131.62 -4.49 -2.02
CA GLY X 68 132.79 -3.72 -1.64
C GLY X 68 132.80 -3.29 -0.20
N GLN X 69 132.37 -4.15 0.71
CA GLN X 69 132.35 -3.87 2.14
C GLN X 69 133.20 -4.90 2.88
N ASN X 70 133.19 -4.80 4.20
CA ASN X 70 133.91 -5.71 5.08
C ASN X 70 132.91 -6.53 5.88
N LYS X 71 133.13 -7.84 5.94
CA LYS X 71 132.21 -8.74 6.60
C LYS X 71 132.65 -8.96 8.06
N ASN X 72 131.92 -9.83 8.77
CA ASN X 72 132.16 -10.04 10.19
C ASN X 72 133.29 -11.04 10.40
N ASN X 73 134.22 -10.69 11.27
CA ASN X 73 135.32 -11.57 11.63
C ASN X 73 134.87 -12.56 12.70
N LEU X 74 135.63 -13.65 12.82
CA LEU X 74 135.34 -14.71 13.80
C LEU X 74 136.49 -14.73 14.81
N ILE X 75 136.34 -13.96 15.88
CA ILE X 75 137.35 -13.90 16.94
C ILE X 75 136.85 -14.69 18.14
N SER X 76 137.67 -15.61 18.62
CA SER X 76 137.32 -16.48 19.73
C SER X 76 138.02 -16.03 21.01
N GLY X 77 137.40 -16.34 22.13
CA GLY X 77 137.96 -15.99 23.42
C GLY X 77 137.68 -17.08 24.43
N LYS X 78 138.42 -17.06 25.52
CA LYS X 78 138.32 -18.11 26.53
C LYS X 78 138.57 -17.54 27.91
N ALA X 79 138.08 -18.26 28.93
CA ALA X 79 138.30 -17.95 30.33
C ALA X 79 139.04 -19.11 30.97
N THR X 80 140.05 -18.79 31.78
CA THR X 80 140.96 -19.78 32.32
C THR X 80 140.79 -19.90 33.83
N GLY X 81 140.63 -21.13 34.30
CA GLY X 81 140.62 -21.42 35.73
C GLY X 81 141.90 -22.13 36.12
N ARG X 82 142.47 -21.72 37.26
CA ARG X 82 143.78 -22.15 37.68
C ARG X 82 143.72 -22.72 39.10
N VAL X 83 144.76 -23.48 39.45
CA VAL X 83 144.85 -24.09 40.77
C VAL X 83 145.03 -23.01 41.83
N GLY X 84 144.82 -23.37 43.10
CA GLY X 84 144.87 -22.41 44.19
C GLY X 84 146.09 -22.55 45.09
N ASN X 85 145.87 -22.44 46.41
CA ASN X 85 146.94 -22.46 47.38
C ASN X 85 146.64 -23.50 48.46
N TYR X 86 147.70 -24.04 49.05
CA TYR X 86 147.56 -25.07 50.07
C TYR X 86 146.92 -24.50 51.33
N ILE X 87 146.21 -25.36 52.06
CA ILE X 87 145.65 -25.04 53.37
C ILE X 87 146.08 -26.15 54.32
N THR X 88 146.88 -25.81 55.33
CA THR X 88 147.50 -26.80 56.19
C THR X 88 147.25 -26.48 57.66
N VAL X 89 147.02 -27.53 58.45
CA VAL X 89 146.95 -27.44 59.90
C VAL X 89 147.86 -28.51 60.47
N ALA X 90 148.88 -28.09 61.23
CA ALA X 90 149.89 -29.00 61.74
C ALA X 90 150.02 -28.87 63.24
N VAL X 91 150.12 -30.02 63.91
CA VAL X 91 150.30 -30.08 65.36
C VAL X 91 151.46 -31.03 65.66
N GLU X 92 151.88 -31.04 66.92
CA GLU X 92 152.96 -31.92 67.35
C GLU X 92 152.94 -32.02 68.86
N TYR X 93 153.57 -33.07 69.38
CA TYR X 93 153.68 -33.30 70.81
C TYR X 93 154.78 -34.33 71.06
N GLN X 94 155.24 -34.39 72.31
CA GLN X 94 156.31 -35.31 72.69
C GLN X 94 155.73 -36.71 72.88
N GLN X 95 156.57 -37.65 73.32
CA GLN X 95 156.12 -39.00 73.60
C GLN X 95 155.58 -39.16 75.01
N LEU X 96 156.32 -38.70 76.02
CA LEU X 96 155.83 -38.80 77.39
C LEU X 96 154.58 -37.94 77.59
N GLU X 97 154.49 -36.82 76.88
CA GLU X 97 153.29 -35.99 76.94
C GLU X 97 152.07 -36.78 76.49
N GLU X 98 152.17 -37.48 75.35
CA GLU X 98 151.07 -38.32 74.90
C GLU X 98 150.83 -39.49 75.86
N ALA X 99 151.90 -39.99 76.47
CA ALA X 99 151.77 -41.16 77.33
C ALA X 99 150.99 -40.84 78.60
N ILE X 100 151.25 -39.68 79.22
CA ILE X 100 150.77 -39.40 80.56
C ILE X 100 149.89 -38.17 80.65
N LYS X 101 149.59 -37.49 79.55
CA LYS X 101 148.76 -36.29 79.64
C LYS X 101 147.64 -36.25 78.60
N LEU X 102 147.84 -36.89 77.45
CA LEU X 102 146.89 -36.80 76.35
C LEU X 102 145.84 -37.89 76.48
N ASN X 103 144.59 -37.49 76.65
CA ASN X 103 143.45 -38.39 76.58
C ASN X 103 142.34 -37.70 75.79
N GLN X 104 141.48 -38.51 75.18
CA GLN X 104 140.43 -38.04 74.28
C GLN X 104 141.04 -37.24 73.12
N LEU X 105 141.95 -37.88 72.38
CA LEU X 105 142.62 -37.21 71.27
C LEU X 105 141.64 -36.82 70.18
N GLU X 106 140.67 -37.68 69.88
CA GLU X 106 139.70 -37.36 68.85
C GLU X 106 138.87 -36.13 69.22
N GLU X 107 138.40 -36.08 70.47
CA GLU X 107 137.65 -34.91 70.91
C GLU X 107 138.51 -33.66 70.97
N ILE X 108 139.82 -33.82 71.23
CA ILE X 108 140.70 -32.65 71.22
C ILE X 108 140.89 -32.14 69.79
N LEU X 109 141.07 -33.05 68.84
CA LEU X 109 141.49 -32.68 67.50
C LEU X 109 140.33 -32.53 66.51
N ALA X 110 139.08 -32.72 66.94
CA ALA X 110 137.95 -32.61 66.03
C ALA X 110 137.88 -31.30 65.23
N PRO X 111 138.04 -30.10 65.81
CA PRO X 111 137.72 -28.88 65.05
C PRO X 111 138.70 -28.50 63.93
N VAL X 112 139.63 -29.39 63.59
CA VAL X 112 140.55 -29.11 62.49
C VAL X 112 139.79 -28.97 61.17
N ARG X 113 138.79 -29.82 60.95
CA ARG X 113 137.98 -29.71 59.74
C ARG X 113 137.21 -28.40 59.72
N GLN X 114 136.69 -27.98 60.87
CA GLN X 114 136.02 -26.69 60.97
C GLN X 114 136.95 -25.56 60.55
N ARG X 115 138.18 -25.58 61.07
CA ARG X 115 139.13 -24.51 60.74
C ARG X 115 139.45 -24.53 59.25
N ILE X 116 139.68 -25.71 58.68
CA ILE X 116 140.03 -25.80 57.26
C ILE X 116 138.90 -25.25 56.41
N VAL X 117 137.67 -25.66 56.69
CA VAL X 117 136.54 -25.22 55.88
C VAL X 117 136.33 -23.72 56.03
N THR X 118 136.44 -23.19 57.25
CA THR X 118 136.25 -21.76 57.45
C THR X 118 137.30 -20.94 56.70
N ASP X 119 138.56 -21.38 56.75
CA ASP X 119 139.60 -20.66 56.03
C ASP X 119 139.39 -20.73 54.52
N LEU X 120 138.93 -21.89 54.02
CA LEU X 120 138.62 -21.99 52.59
C LEU X 120 137.52 -21.02 52.19
N GLU X 121 136.47 -20.92 53.02
CA GLU X 121 135.38 -20.00 52.73
C GLU X 121 135.86 -18.56 52.74
N THR X 122 136.70 -18.19 53.71
CA THR X 122 137.22 -16.83 53.76
C THR X 122 138.07 -16.51 52.53
N GLU X 123 138.88 -17.48 52.10
CA GLU X 123 139.68 -17.27 50.89
C GLU X 123 138.79 -17.10 49.67
N LEU X 124 137.71 -17.88 49.58
CA LEU X 124 136.77 -17.72 48.47
C LEU X 124 136.14 -16.34 48.48
N ALA X 125 135.76 -15.84 49.66
CA ALA X 125 135.18 -14.50 49.75
C ALA X 125 136.19 -13.44 49.31
N HIS X 126 137.44 -13.56 49.74
CA HIS X 126 138.47 -12.61 49.32
C HIS X 126 138.64 -12.63 47.81
N PHE X 127 138.69 -13.83 47.22
CA PHE X 127 138.81 -13.93 45.77
C PHE X 127 137.63 -13.28 45.06
N MET X 128 136.42 -13.50 45.57
CA MET X 128 135.23 -12.94 44.94
C MET X 128 135.26 -11.43 44.97
N MET X 129 135.58 -10.84 46.13
CA MET X 129 135.60 -9.39 46.19
C MET X 129 136.79 -8.80 45.45
N ASN X 130 137.85 -9.58 45.23
CA ASN X 130 138.99 -9.08 44.46
C ASN X 130 138.68 -9.09 42.96
N ASN X 131 137.95 -10.10 42.49
CA ASN X 131 137.69 -10.24 41.06
C ASN X 131 136.34 -9.70 40.62
N GLY X 132 135.51 -9.19 41.54
CA GLY X 132 134.28 -8.55 41.13
C GLY X 132 134.53 -7.26 40.38
N ALA X 133 133.54 -6.85 39.58
CA ALA X 133 133.68 -5.65 38.76
C ALA X 133 132.64 -4.59 39.07
N LEU X 134 131.37 -4.95 39.14
CA LEU X 134 130.32 -3.94 39.32
C LEU X 134 130.37 -3.33 40.70
N SER X 135 129.72 -2.18 40.84
CA SER X 135 129.69 -1.46 42.12
C SER X 135 128.44 -0.61 42.18
N LEU X 136 127.88 -0.51 43.38
CA LEU X 136 126.68 0.27 43.63
C LEU X 136 126.76 0.92 45.00
N GLY X 137 126.27 2.15 45.09
CA GLY X 137 126.21 2.83 46.37
C GLY X 137 127.55 3.33 46.87
N SER X 138 127.51 3.91 48.07
CA SER X 138 128.67 4.45 48.73
C SER X 138 129.10 3.56 49.89
N PRO X 139 130.39 3.27 50.02
CA PRO X 139 130.83 2.29 51.04
C PRO X 139 130.58 2.73 52.48
N ASN X 140 130.43 4.03 52.74
CA ASN X 140 130.26 4.47 54.12
C ASN X 140 128.86 4.16 54.63
N THR X 141 127.84 4.35 53.80
CA THR X 141 126.46 4.21 54.24
C THR X 141 126.08 2.73 54.34
N PRO X 142 125.46 2.31 55.45
CA PRO X 142 124.90 0.96 55.52
C PRO X 142 123.62 0.86 54.70
N ILE X 143 123.11 -0.35 54.59
CA ILE X 143 121.85 -0.59 53.90
C ILE X 143 120.71 -0.53 54.91
N THR X 144 119.65 0.20 54.56
CA THR X 144 118.54 0.42 55.47
C THR X 144 117.16 0.21 54.85
N LYS X 145 117.01 0.33 53.54
CA LYS X 145 115.70 0.33 52.91
C LYS X 145 115.57 -0.80 51.90
N TRP X 146 114.34 -0.99 51.43
CA TRP X 146 114.04 -2.03 50.44
C TRP X 146 114.73 -1.74 49.11
N SER X 147 114.88 -0.45 48.78
CA SER X 147 115.55 -0.10 47.54
C SER X 147 117.01 -0.52 47.55
N ASP X 148 117.65 -0.49 48.73
CA ASP X 148 119.06 -0.87 48.83
C ASP X 148 119.30 -2.33 48.44
N VAL X 149 118.25 -3.14 48.42
CA VAL X 149 118.37 -4.53 48.00
C VAL X 149 117.82 -4.68 46.59
N ALA X 150 116.75 -3.95 46.29
CA ALA X 150 116.16 -4.05 44.95
C ALA X 150 117.09 -3.54 43.86
N GLN X 151 118.00 -2.63 44.20
CA GLN X 151 118.87 -2.03 43.20
C GLN X 151 119.78 -3.06 42.55
N THR X 152 120.25 -4.06 43.30
CA THR X 152 121.13 -5.08 42.73
C THR X 152 120.41 -5.87 41.64
N ALA X 153 119.20 -6.34 41.94
CA ALA X 153 118.43 -7.08 40.94
C ALA X 153 118.10 -6.21 39.75
N SER X 154 117.74 -4.94 40.00
CA SER X 154 117.45 -4.04 38.89
C SER X 154 118.66 -3.85 37.99
N PHE X 155 119.85 -3.68 38.60
CA PHE X 155 121.07 -3.49 37.82
C PHE X 155 121.39 -4.73 37.00
N LEU X 156 121.28 -5.92 37.61
CA LEU X 156 121.56 -7.14 36.86
C LEU X 156 120.60 -7.32 35.70
N LYS X 157 119.31 -7.08 35.93
CA LYS X 157 118.33 -7.19 34.85
C LYS X 157 118.61 -6.19 33.75
N ASP X 158 118.99 -4.96 34.12
CA ASP X 158 119.27 -3.94 33.11
C ASP X 158 120.50 -4.32 32.29
N LEU X 159 121.54 -4.84 32.93
CA LEU X 159 122.71 -5.30 32.19
C LEU X 159 122.34 -6.43 31.25
N GLY X 160 121.46 -7.34 31.70
CA GLY X 160 120.97 -8.38 30.81
C GLY X 160 121.40 -9.78 31.17
N VAL X 161 121.55 -10.03 32.48
CA VAL X 161 121.87 -11.37 32.96
C VAL X 161 120.56 -12.15 33.07
N ASN X 162 120.32 -13.05 32.12
CA ASN X 162 119.06 -13.77 32.03
C ASN X 162 119.15 -15.22 32.49
N GLU X 163 120.24 -15.91 32.18
CA GLU X 163 120.38 -17.32 32.54
C GLU X 163 121.00 -17.44 33.92
N GLY X 164 120.49 -18.37 34.71
CA GLY X 164 120.93 -18.54 36.08
C GLY X 164 120.16 -17.67 37.05
N GLU X 165 120.41 -17.91 38.33
CA GLU X 165 119.73 -17.22 39.41
C GLU X 165 120.74 -16.35 40.17
N ASN X 166 120.30 -15.15 40.53
CA ASN X 166 121.18 -14.18 41.18
C ASN X 166 121.15 -14.35 42.69
N TYR X 167 122.17 -13.82 43.36
CA TYR X 167 122.29 -13.94 44.81
C TYR X 167 122.81 -12.63 45.39
N ALA X 168 122.38 -12.34 46.62
CA ALA X 168 122.88 -11.22 47.39
C ALA X 168 123.15 -11.67 48.81
N VAL X 169 124.24 -11.18 49.41
CA VAL X 169 124.69 -11.61 50.72
C VAL X 169 124.75 -10.40 51.65
N MET X 170 124.16 -10.54 52.84
CA MET X 170 124.09 -9.44 53.80
C MET X 170 124.67 -9.91 55.12
N ASP X 171 124.49 -9.09 56.16
CA ASP X 171 124.98 -9.33 57.50
C ASP X 171 123.80 -9.39 58.45
N PRO X 172 123.97 -10.02 59.63
CA PRO X 172 122.85 -10.11 60.57
C PRO X 172 122.27 -8.77 60.99
N TRP X 173 123.10 -7.74 61.13
CA TRP X 173 122.59 -6.43 61.51
C TRP X 173 121.77 -5.81 60.37
N SER X 174 122.23 -5.98 59.14
CA SER X 174 121.45 -5.53 57.99
C SER X 174 120.13 -6.28 57.91
N ALA X 175 120.13 -7.58 58.20
CA ALA X 175 118.90 -8.34 58.23
C ALA X 175 117.95 -7.83 59.30
N GLN X 176 118.49 -7.49 60.47
CA GLN X 176 117.66 -6.92 61.53
C GLN X 176 117.05 -5.59 61.10
N ARG X 177 117.85 -4.73 60.45
CA ARG X 177 117.32 -3.46 59.98
C ARG X 177 116.23 -3.66 58.95
N LEU X 178 116.43 -4.61 58.02
CA LEU X 178 115.41 -4.88 57.02
C LEU X 178 114.13 -5.43 57.65
N ALA X 179 114.27 -6.29 58.65
CA ALA X 179 113.09 -6.81 59.34
C ALA X 179 112.37 -5.70 60.10
N ASP X 180 113.12 -4.78 60.70
CA ASP X 180 112.52 -3.64 61.37
C ASP X 180 111.76 -2.76 60.38
N ALA X 181 112.29 -2.61 59.17
CA ALA X 181 111.56 -1.92 58.12
C ALA X 181 110.30 -2.68 57.73
N GLN X 182 110.41 -4.02 57.64
CA GLN X 182 109.29 -4.85 57.21
C GLN X 182 108.14 -4.83 58.19
N THR X 183 108.44 -4.79 59.49
CA THR X 183 107.37 -4.88 60.49
C THR X 183 106.47 -3.65 60.50
N GLY X 184 106.83 -2.59 59.78
CA GLY X 184 106.00 -1.40 59.71
C GLY X 184 105.09 -1.35 58.51
N LEU X 185 104.93 -2.46 57.80
CA LEU X 185 104.05 -2.51 56.66
C LEU X 185 102.59 -2.41 57.11
N HIS X 186 101.69 -2.29 56.14
CA HIS X 186 100.31 -1.92 56.39
C HIS X 186 99.29 -3.01 56.09
N ALA X 187 99.60 -3.94 55.20
CA ALA X 187 98.58 -4.85 54.69
C ALA X 187 98.84 -6.32 54.92
N SER X 188 100.09 -6.76 55.02
CA SER X 188 100.39 -8.18 55.01
C SER X 188 100.46 -8.72 56.44
N ASP X 189 99.37 -9.36 56.86
CA ASP X 189 99.31 -9.93 58.20
C ASP X 189 100.41 -10.95 58.43
N GLN X 190 100.60 -11.88 57.48
CA GLN X 190 101.59 -12.93 57.66
C GLN X 190 102.99 -12.36 57.73
N LEU X 191 103.31 -11.40 56.84
CA LEU X 191 104.65 -10.82 56.85
C LEU X 191 104.93 -10.07 58.14
N VAL X 192 103.97 -9.24 58.59
CA VAL X 192 104.24 -8.48 59.81
C VAL X 192 104.33 -9.42 61.01
N ARG X 193 103.50 -10.46 61.06
CA ARG X 193 103.57 -11.38 62.19
C ARG X 193 104.88 -12.14 62.20
N THR X 194 105.33 -12.61 61.04
CA THR X 194 106.60 -13.34 60.97
C THR X 194 107.76 -12.44 61.38
N ALA X 195 107.79 -11.20 60.88
CA ALA X 195 108.86 -10.29 61.25
C ALA X 195 108.82 -9.94 62.72
N TRP X 196 107.63 -9.76 63.28
CA TRP X 196 107.50 -9.39 64.69
C TRP X 196 107.90 -10.54 65.60
N GLU X 197 107.61 -11.78 65.20
CA GLU X 197 107.89 -12.92 66.07
C GLU X 197 109.33 -13.41 65.92
N ASN X 198 109.71 -13.83 64.71
CA ASN X 198 110.99 -14.48 64.49
C ASN X 198 112.05 -13.58 63.87
N ALA X 199 111.68 -12.41 63.35
CA ALA X 199 112.61 -11.48 62.71
C ALA X 199 113.36 -12.16 61.57
N GLN X 200 112.60 -12.60 60.57
CA GLN X 200 113.16 -13.25 59.39
C GLN X 200 112.51 -12.64 58.15
N ILE X 201 113.33 -12.00 57.32
CA ILE X 201 112.86 -11.49 56.03
C ILE X 201 112.57 -12.67 55.12
N PRO X 202 111.68 -12.53 54.13
CA PRO X 202 111.34 -13.68 53.30
C PRO X 202 112.49 -14.14 52.42
N THR X 203 112.34 -15.31 51.79
CA THR X 203 113.40 -15.86 50.97
C THR X 203 113.69 -14.98 49.76
N ASN X 204 112.64 -14.46 49.12
CA ASN X 204 112.78 -13.57 47.99
C ASN X 204 112.58 -12.13 48.45
N PHE X 205 113.53 -11.25 48.10
CA PHE X 205 113.51 -9.87 48.56
C PHE X 205 113.90 -8.97 47.38
N GLY X 206 112.93 -8.22 46.87
CA GLY X 206 113.19 -7.31 45.78
C GLY X 206 113.50 -7.97 44.46
N GLY X 207 113.01 -9.19 44.24
CA GLY X 207 113.28 -9.91 43.01
C GLY X 207 114.59 -10.66 42.98
N ILE X 208 115.35 -10.66 44.07
CA ILE X 208 116.63 -11.33 44.15
C ILE X 208 116.64 -12.21 45.40
N ARG X 209 117.50 -13.23 45.38
CA ARG X 209 117.60 -14.15 46.51
C ARG X 209 118.58 -13.57 47.52
N ALA X 210 118.07 -13.14 48.67
CA ALA X 210 118.86 -12.51 49.71
C ALA X 210 119.18 -13.54 50.79
N LEU X 211 120.44 -13.58 51.21
CA LEU X 211 120.89 -14.50 52.23
C LEU X 211 121.62 -13.73 53.33
N MET X 212 121.53 -14.26 54.55
CA MET X 212 122.17 -13.67 55.72
C MET X 212 123.27 -14.61 56.20
N SER X 213 124.49 -14.09 56.31
CA SER X 213 125.63 -14.90 56.71
C SER X 213 126.54 -14.09 57.61
N ASN X 214 126.84 -14.64 58.79
CA ASN X 214 127.74 -13.96 59.71
C ASN X 214 129.20 -14.07 59.27
N GLY X 215 129.59 -15.18 58.66
CA GLY X 215 130.95 -15.36 58.21
C GLY X 215 131.22 -14.65 56.90
N LEU X 216 131.96 -13.54 56.95
CA LEU X 216 132.24 -12.75 55.77
C LEU X 216 133.53 -11.97 56.00
N ALA X 217 134.32 -11.79 54.95
CA ALA X 217 135.62 -11.17 55.07
C ALA X 217 135.48 -9.66 55.22
N SER X 218 136.62 -9.00 55.42
CA SER X 218 136.68 -7.55 55.56
C SER X 218 137.96 -7.05 54.92
N ARG X 219 137.97 -5.76 54.57
CA ARG X 219 139.09 -5.18 53.86
C ARG X 219 139.31 -3.75 54.31
N THR X 220 140.50 -3.24 54.01
CA THR X 220 140.88 -1.86 54.32
C THR X 220 141.20 -1.13 53.02
N GLN X 221 140.82 0.14 52.95
CA GLN X 221 140.93 0.88 51.69
C GLN X 221 142.38 1.14 51.31
N GLY X 222 143.19 1.62 52.25
CA GLY X 222 144.55 2.03 51.94
C GLY X 222 144.62 3.48 51.55
N ALA X 223 145.61 4.21 52.08
CA ALA X 223 145.65 5.65 51.97
C ALA X 223 145.78 6.10 50.51
N PHE X 224 144.97 7.10 50.14
CA PHE X 224 145.05 7.72 48.83
C PHE X 224 144.46 9.13 48.92
N GLY X 225 144.75 9.93 47.91
CA GLY X 225 144.22 11.28 47.87
C GLY X 225 144.70 12.02 46.64
N GLY X 226 144.14 13.20 46.46
CA GLY X 226 144.51 14.06 45.35
C GLY X 226 143.65 13.81 44.12
N THR X 227 143.77 14.72 43.15
CA THR X 227 143.04 14.56 41.90
C THR X 227 143.77 13.59 40.99
N LEU X 228 143.06 12.59 40.50
CA LEU X 228 143.64 11.53 39.69
C LEU X 228 143.10 11.59 38.27
N THR X 229 144.01 11.48 37.30
CA THR X 229 143.66 11.38 35.90
C THR X 229 144.57 10.35 35.25
N VAL X 230 144.11 9.78 34.13
CA VAL X 230 144.92 8.82 33.41
C VAL X 230 146.07 9.56 32.71
N LYS X 231 147.21 8.90 32.61
CA LYS X 231 148.40 9.50 32.01
C LYS X 231 148.51 9.15 30.52
N THR X 232 148.56 7.86 30.21
CA THR X 232 148.73 7.38 28.85
C THR X 232 147.53 6.52 28.46
N GLN X 233 147.03 6.75 27.25
CA GLN X 233 145.86 6.02 26.77
C GLN X 233 146.17 4.53 26.64
N PRO X 234 145.40 3.65 27.27
CA PRO X 234 145.63 2.21 27.14
C PRO X 234 145.02 1.67 25.86
N THR X 235 145.37 0.42 25.56
CA THR X 235 144.80 -0.32 24.43
C THR X 235 143.78 -1.30 24.98
N VAL X 236 142.55 -1.24 24.46
CA VAL X 236 141.45 -2.07 24.97
C VAL X 236 140.80 -2.83 23.84
N THR X 237 141.57 -3.13 22.78
CA THR X 237 141.02 -3.89 21.67
C THR X 237 140.73 -5.32 22.08
N TYR X 238 139.77 -5.93 21.39
CA TYR X 238 139.37 -7.29 21.72
C TYR X 238 140.50 -8.28 21.51
N ASN X 239 141.32 -8.08 20.48
CA ASN X 239 142.49 -8.93 20.28
C ASN X 239 143.44 -8.85 21.47
N ALA X 240 143.57 -7.66 22.05
CA ALA X 240 144.49 -7.48 23.18
C ALA X 240 143.92 -8.07 24.47
N VAL X 241 142.64 -7.86 24.74
CA VAL X 241 142.09 -8.17 26.06
C VAL X 241 141.01 -9.24 25.95
N LYS X 242 141.14 -10.13 24.96
CA LYS X 242 140.12 -11.14 24.72
C LYS X 242 140.32 -12.40 25.57
N ASP X 243 141.37 -12.48 26.37
CA ASP X 243 141.67 -13.70 27.11
C ASP X 243 141.72 -13.54 28.62
N SER X 244 141.66 -12.31 29.14
CA SER X 244 141.76 -12.13 30.58
C SER X 244 140.70 -11.20 31.14
N TYR X 245 140.19 -10.27 30.33
CA TYR X 245 139.32 -9.18 30.79
C TYR X 245 139.98 -8.40 31.92
N GLN X 246 141.28 -8.16 31.78
CA GLN X 246 142.03 -7.32 32.70
C GLN X 246 142.93 -6.40 31.88
N PHE X 247 143.26 -5.24 32.44
CA PHE X 247 144.12 -4.30 31.73
C PHE X 247 144.84 -3.39 32.72
N THR X 248 146.04 -2.96 32.33
CA THR X 248 146.86 -2.10 33.16
C THR X 248 146.69 -0.64 32.73
N VAL X 249 146.86 0.27 33.68
CA VAL X 249 146.68 1.69 33.43
C VAL X 249 147.55 2.48 34.40
N THR X 250 148.11 3.58 33.90
CA THR X 250 148.94 4.47 34.68
C THR X 250 148.20 5.79 34.93
N LEU X 251 148.18 6.20 36.20
CA LEU X 251 147.47 7.38 36.65
C LEU X 251 148.46 8.37 37.23
N THR X 252 148.16 9.66 37.06
CA THR X 252 149.00 10.73 37.56
C THR X 252 148.18 11.68 38.40
N GLY X 253 148.87 12.45 39.25
CA GLY X 253 148.23 13.40 40.12
C GLY X 253 148.04 12.95 41.56
N ALA X 254 148.68 11.86 41.97
CA ALA X 254 148.50 11.33 43.32
C ALA X 254 149.47 12.02 44.26
N THR X 255 149.48 11.58 45.52
CA THR X 255 150.45 12.06 46.49
C THR X 255 151.86 11.63 46.08
N ALA X 256 152.86 12.43 46.48
CA ALA X 256 154.22 12.27 45.99
C ALA X 256 154.78 10.87 46.21
N SER X 257 154.93 10.46 47.47
CA SER X 257 155.55 9.16 47.76
C SER X 257 154.79 8.53 48.93
N VAL X 258 153.87 7.62 48.62
CA VAL X 258 153.12 6.88 49.61
C VAL X 258 153.06 5.42 49.19
N THR X 259 153.28 4.52 50.14
CA THR X 259 153.15 3.10 49.87
C THR X 259 151.74 2.64 50.18
N GLY X 260 151.31 1.58 49.51
CA GLY X 260 149.95 1.08 49.67
C GLY X 260 148.93 2.11 49.25
N PHE X 261 149.18 2.78 48.12
CA PHE X 261 148.24 3.79 47.63
C PHE X 261 146.88 3.19 47.35
N LEU X 262 146.86 2.04 46.67
CA LEU X 262 145.65 1.31 46.36
C LEU X 262 145.83 -0.13 46.81
N LYS X 263 144.85 -0.65 47.54
CA LYS X 263 144.88 -2.02 48.03
C LYS X 263 144.00 -2.92 47.16
N ALA X 264 144.20 -4.23 47.33
CA ALA X 264 143.46 -5.21 46.54
C ALA X 264 142.01 -5.21 47.00
N GLY X 265 141.14 -4.57 46.21
CA GLY X 265 139.74 -4.51 46.54
C GLY X 265 139.11 -3.15 46.28
N ASP X 266 139.95 -2.14 46.05
CA ASP X 266 139.44 -0.81 45.80
C ASP X 266 138.75 -0.76 44.44
N GLN X 267 137.90 0.25 44.25
CA GLN X 267 137.14 0.41 43.02
C GLN X 267 137.43 1.77 42.42
N VAL X 268 137.75 1.79 41.13
CA VAL X 268 138.04 3.00 40.38
C VAL X 268 136.86 3.28 39.46
N LYS X 269 136.45 4.54 39.38
CA LYS X 269 135.25 4.97 38.65
C LYS X 269 135.68 5.99 37.61
N PHE X 270 135.40 5.69 36.34
CA PHE X 270 135.69 6.60 35.23
C PHE X 270 134.48 7.50 35.01
N THR X 271 134.58 8.75 35.45
CA THR X 271 133.39 9.59 35.54
C THR X 271 132.76 9.84 34.17
N ASN X 272 133.59 10.14 33.17
CA ASN X 272 133.08 10.60 31.88
C ASN X 272 132.49 9.48 31.03
N THR X 273 132.96 8.25 31.19
CA THR X 273 132.64 7.16 30.28
C THR X 273 131.59 6.26 30.90
N TYR X 274 130.55 5.93 30.13
CA TYR X 274 129.38 5.25 30.63
C TYR X 274 129.35 3.77 30.22
N TRP X 275 128.57 3.00 30.96
CA TRP X 275 128.32 1.59 30.64
C TRP X 275 127.51 1.49 29.36
N LEU X 276 127.30 0.26 28.91
CA LEU X 276 126.46 -0.04 27.75
C LEU X 276 125.60 -1.24 28.08
N GLN X 277 124.54 -1.43 27.29
CA GLN X 277 123.72 -2.62 27.37
C GLN X 277 124.31 -3.66 26.43
N GLN X 278 124.65 -4.84 26.97
CA GLN X 278 125.52 -5.78 26.29
C GLN X 278 124.92 -6.36 25.02
N GLN X 279 123.63 -6.20 24.78
CA GLN X 279 122.99 -6.74 23.58
C GLN X 279 122.58 -5.66 22.59
N THR X 280 121.90 -4.62 23.06
CA THR X 280 121.41 -3.56 22.18
C THR X 280 122.40 -2.41 22.02
N LYS X 281 123.51 -2.42 22.76
CA LYS X 281 124.56 -1.41 22.61
C LYS X 281 124.03 0.00 22.78
N GLN X 282 123.20 0.19 23.79
CA GLN X 282 122.66 1.51 24.13
C GLN X 282 123.14 1.90 25.52
N ALA X 283 123.33 3.20 25.73
CA ALA X 283 123.88 3.68 27.00
C ALA X 283 122.90 3.43 28.14
N LEU X 284 123.45 3.19 29.32
CA LEU X 284 122.65 2.96 30.52
C LEU X 284 122.30 4.29 31.17
N TYR X 285 121.05 4.43 31.59
CA TYR X 285 120.55 5.67 32.17
C TYR X 285 119.77 5.35 33.44
N ASN X 286 120.09 6.06 34.53
CA ASN X 286 119.53 5.80 35.85
C ASN X 286 119.06 7.12 36.45
N GLY X 287 117.74 7.32 36.50
CA GLY X 287 117.19 8.50 37.14
C GLY X 287 117.50 9.77 36.39
N ALA X 288 118.39 10.60 36.94
CA ALA X 288 118.73 11.87 36.31
C ALA X 288 120.02 11.77 35.50
N THR X 289 121.01 11.04 36.02
CA THR X 289 122.33 10.97 35.42
C THR X 289 122.66 9.53 35.02
N PRO X 290 123.41 9.35 33.94
CA PRO X 290 123.74 7.98 33.50
C PRO X 290 124.71 7.31 34.46
N ILE X 291 124.95 6.02 34.19
CA ILE X 291 125.80 5.19 35.02
C ILE X 291 127.21 5.16 34.42
N SER X 292 128.22 5.38 35.26
CA SER X 292 129.60 5.45 34.80
C SER X 292 130.29 4.10 34.95
N PHE X 293 131.35 3.91 34.17
CA PHE X 293 132.10 2.67 34.18
C PHE X 293 132.95 2.57 35.45
N THR X 294 133.09 1.33 35.93
CA THR X 294 133.86 1.07 37.15
C THR X 294 134.70 -0.19 36.95
N ALA X 295 135.76 -0.28 37.74
CA ALA X 295 136.67 -1.42 37.70
C ALA X 295 137.23 -1.64 39.11
N THR X 296 137.84 -2.79 39.31
CA THR X 296 138.35 -3.18 40.62
C THR X 296 139.85 -3.44 40.54
N VAL X 297 140.58 -2.92 41.53
CA VAL X 297 142.01 -3.12 41.64
C VAL X 297 142.28 -4.57 41.99
N THR X 298 143.16 -5.21 41.23
CA THR X 298 143.47 -6.63 41.45
C THR X 298 144.58 -6.84 42.48
N ALA X 299 145.65 -6.06 42.42
CA ALA X 299 146.77 -6.25 43.33
C ALA X 299 147.20 -4.90 43.89
N ASP X 300 147.80 -4.93 45.08
CA ASP X 300 148.20 -3.71 45.76
C ASP X 300 149.25 -2.96 44.95
N ALA X 301 149.12 -1.64 44.92
CA ALA X 301 150.03 -0.79 44.17
C ALA X 301 150.50 0.36 45.06
N ASN X 302 151.75 0.77 44.83
CA ASN X 302 152.36 1.86 45.58
C ASN X 302 152.77 2.96 44.62
N SER X 303 152.49 4.20 44.99
CA SER X 303 152.87 5.33 44.16
C SER X 303 154.36 5.61 44.28
N ASP X 304 154.89 6.34 43.31
CA ASP X 304 156.29 6.73 43.27
C ASP X 304 156.39 8.25 43.18
N SER X 305 157.57 8.76 43.52
CA SER X 305 157.79 10.20 43.54
C SER X 305 157.48 10.80 42.17
N GLY X 306 156.75 11.92 42.18
CA GLY X 306 156.30 12.56 40.97
C GLY X 306 154.82 12.48 40.71
N GLY X 307 154.07 11.74 41.53
CA GLY X 307 152.64 11.62 41.34
C GLY X 307 152.26 10.68 40.23
N ASP X 308 152.59 9.40 40.39
CA ASP X 308 152.28 8.41 39.37
C ASP X 308 152.05 7.06 40.05
N VAL X 309 151.21 6.24 39.42
CA VAL X 309 150.94 4.90 39.93
C VAL X 309 150.41 4.04 38.80
N THR X 310 150.89 2.80 38.71
CA THR X 310 150.43 1.85 37.71
C THR X 310 149.64 0.75 38.39
N VAL X 311 148.44 0.49 37.89
CA VAL X 311 147.55 -0.48 38.52
C VAL X 311 146.93 -1.36 37.45
N THR X 312 146.68 -2.62 37.81
CA THR X 312 146.08 -3.60 36.92
C THR X 312 144.66 -3.87 37.36
N LEU X 313 143.69 -3.40 36.57
CA LEU X 313 142.28 -3.49 36.91
C LEU X 313 141.62 -4.67 36.22
N SER X 314 140.57 -5.17 36.85
CA SER X 314 139.74 -6.25 36.32
C SER X 314 138.44 -5.67 35.81
N GLY X 315 138.05 -6.07 34.60
CA GLY X 315 136.89 -5.49 33.95
C GLY X 315 137.31 -4.43 32.95
N VAL X 316 137.28 -4.78 31.67
CA VAL X 316 137.86 -3.93 30.63
C VAL X 316 136.76 -3.22 29.85
N PRO X 317 136.91 -1.91 29.58
CA PRO X 317 135.96 -1.18 28.72
C PRO X 317 136.34 -1.28 27.24
N ILE X 318 135.96 -2.40 26.63
CA ILE X 318 136.33 -2.66 25.24
C ILE X 318 135.64 -1.67 24.33
N TYR X 319 136.42 -0.97 23.51
CA TYR X 319 135.90 -0.07 22.48
C TYR X 319 136.81 -0.23 21.26
N ASP X 320 136.42 -1.12 20.36
CA ASP X 320 137.21 -1.41 19.17
C ASP X 320 136.60 -0.71 17.97
N THR X 321 137.42 0.02 17.22
CA THR X 321 136.95 0.79 16.09
C THR X 321 136.81 -0.03 14.81
N THR X 322 137.31 -1.28 14.81
CA THR X 322 137.15 -2.16 13.66
C THR X 322 136.25 -3.35 13.93
N ASN X 323 135.95 -3.67 15.19
CA ASN X 323 135.03 -4.74 15.55
C ASN X 323 134.02 -4.19 16.55
N PRO X 324 133.09 -3.35 16.08
CA PRO X 324 132.15 -2.72 17.02
C PRO X 324 131.23 -3.69 17.73
N GLN X 325 131.05 -4.90 17.17
CA GLN X 325 130.11 -5.85 17.78
C GLN X 325 130.56 -6.30 19.16
N TYR X 326 131.85 -6.19 19.47
CA TYR X 326 132.38 -6.61 20.77
C TYR X 326 132.55 -5.44 21.74
N ASN X 327 132.05 -4.26 21.39
CA ASN X 327 132.14 -3.12 22.29
C ASN X 327 131.32 -3.37 23.55
N SER X 328 131.81 -2.84 24.67
CA SER X 328 131.12 -2.97 25.94
C SER X 328 131.13 -1.69 26.75
N VAL X 329 131.37 -0.54 26.10
CA VAL X 329 131.47 0.73 26.82
C VAL X 329 131.16 1.84 25.82
N SER X 330 130.71 2.98 26.34
CA SER X 330 130.17 4.03 25.49
C SER X 330 131.21 4.75 24.64
N ARG X 331 132.45 4.90 25.12
CA ARG X 331 133.45 5.64 24.37
C ARG X 331 134.83 5.16 24.76
N GLN X 332 135.81 5.50 23.92
CA GLN X 332 137.19 5.13 24.16
C GLN X 332 137.78 6.00 25.26
N VAL X 333 138.47 5.38 26.21
CA VAL X 333 139.09 6.10 27.31
C VAL X 333 140.33 6.81 26.75
N GLU X 334 140.31 8.14 26.82
CA GLU X 334 141.39 8.96 26.28
C GLU X 334 142.28 9.46 27.41
N ALA X 335 143.35 10.15 27.07
CA ALA X 335 144.30 10.66 28.06
C ALA X 335 143.77 11.93 28.70
N GLY X 336 143.85 12.01 30.02
CA GLY X 336 143.32 13.15 30.76
C GLY X 336 141.92 12.96 31.28
N ASP X 337 141.35 11.76 31.17
CA ASP X 337 139.98 11.53 31.61
C ASP X 337 139.90 11.57 33.14
N ALA X 338 138.71 11.83 33.65
CA ALA X 338 138.49 12.00 35.08
C ALA X 338 138.16 10.67 35.73
N VAL X 339 138.93 10.32 36.77
CA VAL X 339 138.70 9.11 37.53
C VAL X 339 138.60 9.46 39.00
N SER X 340 137.99 8.57 39.77
CA SER X 340 137.88 8.76 41.21
C SER X 340 137.75 7.40 41.89
N VAL X 341 138.36 7.28 43.06
CA VAL X 341 138.30 6.03 43.83
C VAL X 341 137.07 6.08 44.72
N VAL X 342 136.31 5.00 44.72
CA VAL X 342 135.07 4.92 45.48
C VAL X 342 135.39 4.54 46.92
N GLY X 343 134.94 5.35 47.86
CA GLY X 343 135.12 5.09 49.27
C GLY X 343 135.79 6.27 49.99
N THR X 344 136.39 5.94 51.13
CA THR X 344 137.09 6.91 51.97
C THR X 344 138.59 6.58 51.94
N ALA X 345 139.38 7.43 52.59
CA ALA X 345 140.83 7.33 52.50
C ALA X 345 141.34 5.99 53.05
N SER X 346 141.17 5.77 54.34
CA SER X 346 141.73 4.58 54.98
C SER X 346 140.73 4.00 55.98
N GLN X 347 139.47 3.90 55.58
CA GLN X 347 138.44 3.32 56.43
C GLN X 347 138.34 1.83 56.16
N THR X 348 137.85 1.10 57.15
CA THR X 348 137.68 -0.35 57.09
C THR X 348 136.21 -0.70 57.24
N MET X 349 135.79 -1.77 56.57
CA MET X 349 134.37 -2.10 56.45
C MET X 349 134.23 -3.59 56.19
N LYS X 350 132.97 -4.01 56.06
CA LYS X 350 132.62 -5.41 55.77
C LYS X 350 131.68 -5.40 54.57
N PRO X 351 132.22 -5.45 53.35
CA PRO X 351 131.39 -5.26 52.17
C PRO X 351 130.40 -6.38 51.94
N ASN X 352 129.30 -6.04 51.28
CA ASN X 352 128.27 -6.99 50.89
C ASN X 352 128.39 -7.29 49.40
N LEU X 353 128.18 -8.56 49.04
CA LEU X 353 128.42 -9.04 47.69
C LEU X 353 127.11 -9.43 47.02
N PHE X 354 126.95 -9.01 45.76
CA PHE X 354 125.85 -9.48 44.93
C PHE X 354 126.44 -10.01 43.64
N TYR X 355 125.94 -11.15 43.17
CA TYR X 355 126.56 -11.83 42.05
C TYR X 355 125.54 -12.70 41.34
N ASN X 356 125.98 -13.30 40.22
CA ASN X 356 125.20 -14.26 39.47
C ASN X 356 125.75 -15.66 39.70
N LYS X 357 124.97 -16.66 39.32
CA LYS X 357 125.38 -18.05 39.53
C LYS X 357 126.65 -18.38 38.77
N PHE X 358 126.76 -17.89 37.52
CA PHE X 358 127.88 -18.22 36.65
C PHE X 358 128.98 -17.16 36.67
N PHE X 359 129.21 -16.51 37.82
CA PHE X 359 130.23 -15.48 37.92
C PHE X 359 131.57 -16.08 38.35
N CYS X 360 131.60 -16.83 39.43
CA CYS X 360 132.77 -17.59 39.85
C CYS X 360 132.42 -19.07 39.97
N GLY X 361 133.47 -19.89 40.10
CA GLY X 361 133.34 -21.32 40.20
C GLY X 361 134.47 -21.95 41.00
N LEU X 362 134.15 -23.03 41.71
CA LEU X 362 135.06 -23.64 42.65
C LEU X 362 135.22 -25.13 42.36
N GLY X 363 136.44 -25.65 42.56
CA GLY X 363 136.70 -27.07 42.43
C GLY X 363 137.76 -27.51 43.42
N SER X 364 137.92 -28.83 43.53
CA SER X 364 138.90 -29.41 44.45
C SER X 364 139.81 -30.36 43.70
N ILE X 365 141.03 -30.49 44.18
CA ILE X 365 142.06 -31.32 43.55
C ILE X 365 142.40 -32.45 44.51
N PRO X 366 142.41 -33.71 44.06
CA PRO X 366 142.86 -34.81 44.93
C PRO X 366 144.36 -34.76 45.15
N LEU X 367 144.81 -35.48 46.16
CA LEU X 367 146.21 -35.47 46.56
C LEU X 367 146.78 -36.88 46.59
N PRO X 368 148.05 -37.05 46.24
CA PRO X 368 148.69 -38.37 46.31
C PRO X 368 149.23 -38.67 47.70
N LYS X 369 149.93 -39.79 47.85
CA LYS X 369 150.49 -40.23 49.12
C LYS X 369 152.01 -40.11 49.09
N LEU X 370 152.57 -39.52 50.13
CA LEU X 370 154.01 -39.35 50.22
C LEU X 370 154.69 -40.70 50.46
N HIS X 371 156.01 -40.72 50.29
CA HIS X 371 156.78 -41.96 50.35
C HIS X 371 157.05 -42.32 51.80
N SER X 372 156.74 -43.58 52.16
CA SER X 372 157.06 -44.12 53.49
C SER X 372 156.47 -43.27 54.61
N ILE X 373 155.30 -42.68 54.36
CA ILE X 373 154.62 -41.86 55.34
C ILE X 373 153.17 -42.31 55.43
N ASP X 374 152.71 -42.60 56.64
CA ASP X 374 151.33 -43.04 56.83
C ASP X 374 150.37 -41.88 56.59
N SER X 375 149.24 -42.19 55.95
CA SER X 375 148.28 -41.17 55.58
C SER X 375 146.89 -41.77 55.55
N ALA X 376 145.89 -40.89 55.55
CA ALA X 376 144.49 -41.29 55.49
C ALA X 376 143.71 -40.15 54.85
N VAL X 377 142.45 -40.44 54.53
CA VAL X 377 141.59 -39.49 53.84
C VAL X 377 140.24 -39.43 54.54
N ALA X 378 139.70 -38.21 54.69
CA ALA X 378 138.40 -37.99 55.28
C ALA X 378 137.58 -37.07 54.38
N THR X 379 136.27 -37.07 54.60
CA THR X 379 135.37 -36.26 53.80
C THR X 379 134.52 -35.40 54.72
N TYR X 380 134.24 -34.17 54.28
CA TYR X 380 133.50 -33.23 55.12
C TYR X 380 132.90 -32.17 54.19
N GLU X 381 131.56 -32.10 54.16
CA GLU X 381 130.82 -31.29 53.16
C GLU X 381 131.42 -31.46 51.77
N GLY X 382 131.59 -32.71 51.35
CA GLY X 382 132.10 -33.01 50.03
C GLY X 382 133.58 -32.77 49.84
N PHE X 383 134.20 -31.93 50.67
CA PHE X 383 135.62 -31.67 50.55
C PHE X 383 136.41 -32.84 51.14
N SER X 384 137.46 -33.26 50.42
CA SER X 384 138.28 -34.37 50.85
C SER X 384 139.57 -33.83 51.45
N ILE X 385 139.85 -34.24 52.69
CA ILE X 385 141.01 -33.77 53.44
C ILE X 385 141.94 -34.95 53.65
N ARG X 386 143.20 -34.79 53.25
CA ARG X 386 144.22 -35.81 53.42
C ARG X 386 145.06 -35.50 54.65
N VAL X 387 145.24 -36.49 55.51
CA VAL X 387 145.99 -36.35 56.75
C VAL X 387 147.25 -37.21 56.65
N HIS X 388 148.38 -36.62 57.01
CA HIS X 388 149.67 -37.31 57.03
C HIS X 388 150.17 -37.36 58.47
N LYS X 389 150.70 -38.51 58.87
CA LYS X 389 151.24 -38.69 60.21
C LYS X 389 152.67 -39.18 60.12
N TYR X 390 153.57 -38.53 60.85
CA TYR X 390 154.98 -38.92 60.86
C TYR X 390 155.63 -38.37 62.11
N ALA X 391 156.77 -38.94 62.47
CA ALA X 391 157.48 -38.52 63.67
C ALA X 391 158.97 -38.59 63.43
N ASP X 392 159.72 -37.73 64.13
CA ASP X 392 161.18 -37.80 64.08
C ASP X 392 161.70 -38.46 65.36
N GLY X 393 161.70 -39.80 65.32
CA GLY X 393 161.95 -40.59 66.51
C GLY X 393 163.31 -40.33 67.14
N ASP X 394 164.25 -39.81 66.36
CA ASP X 394 165.57 -39.48 66.89
C ASP X 394 165.59 -38.13 67.60
N ALA X 395 164.48 -37.40 67.55
CA ALA X 395 164.26 -36.23 68.40
C ALA X 395 163.04 -36.41 69.29
N ASN X 396 162.31 -37.52 69.13
CA ASN X 396 161.18 -37.89 69.99
C ASN X 396 160.04 -36.86 69.92
N VAL X 397 159.56 -36.62 68.70
CA VAL X 397 158.46 -35.68 68.47
C VAL X 397 157.55 -36.26 67.39
N GLN X 398 156.26 -36.33 67.70
CA GLN X 398 155.20 -36.72 66.77
C GLN X 398 154.81 -35.54 65.89
N LYS X 399 154.06 -35.82 64.83
CA LYS X 399 153.66 -34.77 63.89
C LYS X 399 152.49 -35.27 63.06
N MET X 400 151.49 -34.40 62.92
CA MET X 400 150.34 -34.67 62.06
C MET X 400 150.05 -33.42 61.24
N ARG X 401 149.48 -33.63 60.05
CA ARG X 401 149.15 -32.50 59.19
C ARG X 401 147.96 -32.85 58.31
N PHE X 402 147.27 -31.80 57.85
CA PHE X 402 146.10 -31.92 56.99
C PHE X 402 146.26 -31.02 55.78
N ASP X 403 145.74 -31.47 54.63
CA ASP X 403 145.96 -30.76 53.37
C ASP X 403 144.65 -30.59 52.61
N LEU X 404 144.64 -29.64 51.69
CA LEU X 404 143.50 -29.35 50.83
C LEU X 404 143.94 -28.43 49.69
N LEU X 405 143.49 -28.74 48.48
CA LEU X 405 143.77 -27.92 47.31
C LEU X 405 142.48 -27.46 46.62
N PRO X 406 142.13 -26.19 46.72
CA PRO X 406 141.01 -25.65 45.95
C PRO X 406 141.48 -25.05 44.63
N ALA X 407 140.52 -24.76 43.77
CA ALA X 407 140.79 -24.14 42.48
C ALA X 407 139.64 -23.19 42.15
N TYR X 408 139.98 -21.95 41.81
CA TYR X 408 139.01 -20.90 41.58
C TYR X 408 139.02 -20.49 40.11
N VAL X 409 137.85 -20.16 39.58
CA VAL X 409 137.72 -19.62 38.23
C VAL X 409 136.74 -18.46 38.26
N CYS X 410 137.04 -17.41 37.50
CA CYS X 410 136.17 -16.25 37.37
C CYS X 410 135.75 -16.16 35.90
N PHE X 411 134.54 -16.60 35.60
CA PHE X 411 134.09 -16.70 34.22
C PHE X 411 134.00 -15.34 33.55
N ASN X 412 133.12 -14.48 34.04
CA ASN X 412 132.92 -13.15 33.49
C ASN X 412 132.86 -12.14 34.63
N PRO X 413 133.79 -11.19 34.71
CA PRO X 413 133.77 -10.24 35.84
C PRO X 413 132.54 -9.36 35.89
N HIS X 414 131.80 -9.22 34.79
CA HIS X 414 130.68 -8.29 34.72
C HIS X 414 129.37 -8.88 35.25
N MET X 415 129.45 -9.90 36.11
CA MET X 415 128.25 -10.53 36.67
C MET X 415 128.38 -10.68 38.18
N GLY X 416 129.03 -9.72 38.83
CA GLY X 416 129.16 -9.76 40.28
C GLY X 416 129.93 -8.57 40.77
N GLY X 417 129.87 -8.36 42.08
CA GLY X 417 130.59 -7.27 42.69
C GLY X 417 130.05 -6.93 44.06
N GLN X 418 130.40 -5.73 44.51
CA GLN X 418 130.07 -5.24 45.84
C GLN X 418 128.95 -4.22 45.76
N PHE X 419 128.19 -4.12 46.85
CA PHE X 419 127.12 -3.13 46.90
C PHE X 419 126.90 -2.68 48.35
N PHE X 420 126.59 -1.40 48.52
CA PHE X 420 126.27 -0.82 49.81
C PHE X 420 125.04 0.07 49.65
N GLY X 421 124.60 0.64 50.77
CA GLY X 421 123.46 1.54 50.75
C GLY X 421 123.83 2.90 50.22
N ASN X 422 122.81 3.64 49.77
CA ASN X 422 123.00 4.98 49.25
C ASN X 422 121.89 5.86 49.82
N PRO X 423 122.14 7.16 50.03
CA PRO X 423 121.12 8.07 50.55
C PRO X 423 120.18 8.58 49.45
N PRO Y 2 -62.40 -10.78 169.37
CA PRO Y 2 -61.91 -10.87 170.75
C PRO Y 2 -60.99 -12.06 170.97
N ASN Y 3 -60.72 -12.81 169.91
CA ASN Y 3 -59.80 -13.93 170.00
C ASN Y 3 -58.36 -13.44 170.11
N ASN Y 4 -57.43 -14.38 170.23
CA ASN Y 4 -56.02 -14.01 170.33
C ASN Y 4 -55.21 -15.00 169.51
N LEU Y 5 -54.11 -14.50 168.92
CA LEU Y 5 -53.29 -15.25 167.98
C LEU Y 5 -51.83 -15.24 168.42
N ASP Y 6 -51.59 -15.57 169.69
CA ASP Y 6 -50.24 -15.67 170.21
C ASP Y 6 -49.84 -17.09 170.59
N SER Y 7 -50.79 -18.03 170.61
CA SER Y 7 -50.50 -19.40 170.96
C SER Y 7 -49.83 -20.16 169.82
N ASN Y 8 -50.50 -20.23 168.68
CA ASN Y 8 -50.07 -21.06 167.57
C ASN Y 8 -49.13 -20.34 166.60
N VAL Y 9 -48.42 -19.31 167.06
CA VAL Y 9 -47.51 -18.57 166.21
C VAL Y 9 -46.16 -18.45 166.90
N SER Y 10 -45.14 -18.13 166.10
CA SER Y 10 -43.78 -17.96 166.61
C SER Y 10 -43.00 -17.14 165.60
N GLN Y 11 -42.37 -16.07 166.05
CA GLN Y 11 -41.62 -15.19 165.16
C GLN Y 11 -40.33 -15.88 164.73
N ILE Y 12 -40.30 -16.41 163.52
CA ILE Y 12 -39.15 -17.14 163.01
C ILE Y 12 -38.42 -16.30 161.98
N VAL Y 13 -37.12 -16.57 161.83
CA VAL Y 13 -36.28 -15.94 160.83
C VAL Y 13 -35.74 -17.03 159.93
N LEU Y 14 -35.95 -16.88 158.63
CA LEU Y 14 -35.52 -17.90 157.68
C LEU Y 14 -33.99 -17.97 157.58
N LYS Y 15 -33.50 -19.10 157.11
CA LYS Y 15 -32.07 -19.36 156.99
C LYS Y 15 -31.57 -18.95 155.61
N LYS Y 16 -31.84 -17.69 155.24
CA LYS Y 16 -31.49 -17.18 153.93
C LYS Y 16 -30.82 -15.82 154.06
N PHE Y 17 -29.96 -15.50 153.09
CA PHE Y 17 -29.23 -14.25 153.05
C PHE Y 17 -29.55 -13.51 151.77
N LEU Y 18 -29.73 -12.19 151.87
CA LEU Y 18 -30.00 -11.37 150.71
C LEU Y 18 -28.71 -10.96 150.02
N PRO Y 19 -28.78 -10.62 148.73
CA PRO Y 19 -27.58 -10.16 148.03
C PRO Y 19 -27.11 -8.80 148.52
N GLY Y 20 -25.83 -8.53 148.32
CA GLY Y 20 -25.24 -7.28 148.72
C GLY Y 20 -24.50 -6.57 147.60
N PHE Y 21 -23.65 -5.62 147.96
CA PHE Y 21 -22.88 -4.84 147.00
C PHE Y 21 -21.47 -5.41 146.86
N MET Y 22 -20.77 -4.99 145.81
CA MET Y 22 -19.43 -5.47 145.54
C MET Y 22 -18.73 -4.54 144.56
N SER Y 23 -17.41 -4.62 144.54
CA SER Y 23 -16.56 -3.90 143.60
C SER Y 23 -15.82 -4.89 142.72
N ASP Y 24 -14.95 -4.39 141.84
CA ASP Y 24 -14.26 -5.21 140.87
C ASP Y 24 -12.77 -4.90 140.88
N LEU Y 25 -11.98 -5.84 140.36
CA LEU Y 25 -10.54 -5.73 140.30
C LEU Y 25 -10.09 -5.61 138.85
N VAL Y 26 -9.38 -4.52 138.54
CA VAL Y 26 -8.85 -4.30 137.20
C VAL Y 26 -7.34 -4.08 137.27
N LEU Y 27 -6.91 -3.26 138.22
CA LEU Y 27 -5.50 -2.90 138.32
C LEU Y 27 -4.63 -4.12 138.60
N ALA Y 28 -5.06 -4.98 139.52
CA ALA Y 28 -4.28 -6.16 139.85
C ALA Y 28 -4.09 -7.06 138.64
N LYS Y 29 -5.09 -7.14 137.77
CA LYS Y 29 -4.96 -7.91 136.54
C LYS Y 29 -4.03 -7.23 135.55
N THR Y 30 -4.19 -5.91 135.38
CA THR Y 30 -3.48 -5.22 134.31
C THR Y 30 -1.98 -5.07 134.60
N VAL Y 31 -1.62 -4.68 135.82
CA VAL Y 31 -0.23 -4.36 136.12
C VAL Y 31 0.62 -5.62 136.07
N ASP Y 32 1.93 -5.44 135.95
CA ASP Y 32 2.84 -6.58 135.84
C ASP Y 32 2.87 -7.40 137.11
N ARG Y 33 2.89 -8.73 136.95
CA ARG Y 33 2.91 -9.62 138.11
C ARG Y 33 3.85 -10.80 137.93
N GLN Y 34 4.86 -10.70 137.07
CA GLN Y 34 5.75 -11.83 136.80
C GLN Y 34 7.20 -11.59 137.15
N LEU Y 35 7.65 -10.33 137.16
CA LEU Y 35 9.05 -10.05 137.49
C LEU Y 35 9.33 -10.22 138.97
N LEU Y 36 8.28 -10.19 139.81
CA LEU Y 36 8.44 -10.26 141.26
C LEU Y 36 8.04 -11.61 141.86
N ALA Y 37 7.66 -12.59 141.04
CA ALA Y 37 7.20 -13.85 141.57
C ALA Y 37 8.32 -14.57 142.31
N GLY Y 38 8.16 -14.72 143.63
CA GLY Y 38 9.10 -15.48 144.42
C GLY Y 38 10.50 -14.89 144.52
N GLU Y 39 10.64 -13.58 144.37
CA GLU Y 39 11.95 -12.95 144.38
C GLU Y 39 12.35 -12.41 145.75
N ILE Y 40 11.49 -12.57 146.76
CA ILE Y 40 11.79 -12.19 148.13
C ILE Y 40 11.74 -13.43 148.99
N ASN Y 41 12.85 -13.75 149.65
CA ASN Y 41 12.97 -14.98 150.41
C ASN Y 41 13.51 -14.71 151.81
N SER Y 42 13.85 -15.78 152.53
CA SER Y 42 14.46 -15.66 153.84
C SER Y 42 15.95 -15.35 153.77
N SER Y 43 16.52 -15.32 152.57
CA SER Y 43 17.94 -15.00 152.40
C SER Y 43 18.15 -13.80 151.49
N THR Y 44 17.17 -12.91 151.36
CA THR Y 44 17.27 -11.75 150.49
C THR Y 44 17.08 -10.42 151.22
N GLY Y 45 16.14 -10.35 152.16
CA GLY Y 45 15.85 -9.11 152.86
C GLY Y 45 14.55 -8.50 152.38
N ASP Y 46 14.26 -7.32 152.94
CA ASP Y 46 13.01 -6.63 152.63
C ASP Y 46 13.00 -5.96 151.27
N SER Y 47 14.12 -5.93 150.57
CA SER Y 47 14.21 -5.23 149.29
C SER Y 47 14.96 -6.07 148.27
N VAL Y 48 14.62 -5.86 147.00
CA VAL Y 48 15.29 -6.51 145.88
C VAL Y 48 15.52 -5.46 144.81
N SER Y 49 16.47 -5.73 143.90
CA SER Y 49 16.91 -4.73 142.94
C SER Y 49 16.96 -5.30 141.53
N PHE Y 50 16.72 -4.41 140.55
CA PHE Y 50 16.87 -4.71 139.13
C PHE Y 50 17.76 -3.65 138.49
N LYS Y 51 18.45 -4.03 137.42
CA LYS Y 51 19.38 -3.13 136.76
C LYS Y 51 18.62 -2.14 135.87
N ARG Y 52 19.34 -1.14 135.37
CA ARG Y 52 18.78 -0.14 134.47
C ARG Y 52 19.58 -0.08 133.19
N PRO Y 53 18.95 0.28 132.07
CA PRO Y 53 19.68 0.35 130.80
C PRO Y 53 20.68 1.49 130.78
N HIS Y 54 21.70 1.33 129.94
CA HIS Y 54 22.76 2.31 129.79
C HIS Y 54 22.45 3.26 128.63
N GLN Y 55 23.23 4.34 128.56
CA GLN Y 55 23.14 5.30 127.46
C GLN Y 55 24.55 5.74 127.10
N PHE Y 56 24.70 6.21 125.86
CA PHE Y 56 26.01 6.60 125.35
C PHE Y 56 25.91 7.88 124.55
N SER Y 57 27.02 8.60 124.47
CA SER Y 57 27.14 9.84 123.72
C SER Y 57 28.30 9.73 122.74
N SER Y 58 28.18 10.42 121.62
CA SER Y 58 29.17 10.34 120.55
C SER Y 58 30.02 11.61 120.49
N LEU Y 59 31.09 11.53 119.71
CA LEU Y 59 31.98 12.66 119.46
C LEU Y 59 31.96 12.99 117.98
N ARG Y 60 32.06 14.27 117.66
CA ARG Y 60 32.12 14.74 116.28
C ARG Y 60 33.48 15.40 116.04
N THR Y 61 34.22 14.89 115.05
CA THR Y 61 35.56 15.39 114.76
C THR Y 61 35.86 15.07 113.30
N PRO Y 62 36.62 15.91 112.60
CA PRO Y 62 36.80 15.71 111.16
C PRO Y 62 37.65 14.49 110.80
N THR Y 63 38.76 14.27 111.51
CA THR Y 63 39.71 13.24 111.15
C THR Y 63 39.66 12.02 112.07
N GLY Y 64 38.68 11.94 112.96
CA GLY Y 64 38.57 10.79 113.83
C GLY Y 64 39.61 10.70 114.92
N ASP Y 65 40.22 11.83 115.29
CA ASP Y 65 41.26 11.85 116.30
C ASP Y 65 40.61 12.16 117.65
N ILE Y 66 40.71 11.22 118.59
CA ILE Y 66 40.10 11.37 119.91
C ILE Y 66 41.16 11.25 120.98
N SER Y 67 42.39 11.66 120.67
CA SER Y 67 43.49 11.50 121.62
C SER Y 67 43.26 12.30 122.89
N GLY Y 68 42.93 13.59 122.76
CA GLY Y 68 42.83 14.45 123.93
C GLY Y 68 41.40 14.79 124.30
N GLN Y 69 40.50 13.83 124.21
CA GLN Y 69 39.10 14.03 124.54
C GLN Y 69 38.70 13.11 125.68
N ASN Y 70 37.48 13.31 126.18
CA ASN Y 70 36.91 12.49 127.24
C ASN Y 70 35.90 11.51 126.64
N LYS Y 71 35.96 10.26 127.09
CA LYS Y 71 35.15 9.20 126.52
C LYS Y 71 33.93 8.95 127.41
N ASN Y 72 33.13 7.96 127.05
CA ASN Y 72 31.86 7.70 127.72
C ASN Y 72 32.10 6.92 129.00
N ASN Y 73 31.71 7.49 130.13
CA ASN Y 73 31.77 6.79 131.39
C ASN Y 73 30.64 5.76 131.48
N LEU Y 74 30.87 4.74 132.30
CA LEU Y 74 29.91 3.65 132.49
C LEU Y 74 29.31 3.78 133.89
N ILE Y 75 28.23 4.54 133.99
CA ILE Y 75 27.52 4.73 135.26
C ILE Y 75 26.38 3.74 135.34
N SER Y 76 26.28 3.04 136.46
CA SER Y 76 25.26 2.03 136.67
C SER Y 76 24.10 2.58 137.48
N GLY Y 77 22.96 1.91 137.40
CA GLY Y 77 21.78 2.32 138.13
C GLY Y 77 20.85 1.15 138.34
N LYS Y 78 20.11 1.18 139.46
CA LYS Y 78 19.22 0.10 139.81
C LYS Y 78 17.92 0.65 140.40
N ALA Y 79 16.87 -0.15 140.29
CA ALA Y 79 15.57 0.16 140.86
C ALA Y 79 15.25 -0.89 141.92
N THR Y 80 14.84 -0.43 143.10
CA THR Y 80 14.66 -1.29 144.26
C THR Y 80 13.20 -1.33 144.68
N GLY Y 81 12.71 -2.54 144.96
CA GLY Y 81 11.36 -2.73 145.48
C GLY Y 81 11.40 -3.32 146.87
N ARG Y 82 10.44 -2.92 147.69
CA ARG Y 82 10.43 -3.24 149.11
C ARG Y 82 9.12 -3.90 149.50
N VAL Y 83 9.16 -4.61 150.63
CA VAL Y 83 7.98 -5.24 151.21
C VAL Y 83 7.05 -4.14 151.73
N GLY Y 84 5.74 -4.39 151.71
CA GLY Y 84 4.77 -3.38 152.08
C GLY Y 84 4.24 -3.49 153.49
N ASN Y 85 2.92 -3.32 153.65
CA ASN Y 85 2.28 -3.27 154.95
C ASN Y 85 1.29 -4.42 155.11
N TYR Y 86 1.10 -4.84 156.37
CA TYR Y 86 0.18 -5.93 156.68
C TYR Y 86 -1.26 -5.52 156.41
N ILE Y 87 -2.08 -6.50 156.07
CA ILE Y 87 -3.53 -6.33 155.96
C ILE Y 87 -4.19 -7.43 156.77
N THR Y 88 -4.97 -7.04 157.78
CA THR Y 88 -5.47 -7.98 158.77
C THR Y 88 -6.95 -7.75 159.04
N VAL Y 89 -7.68 -8.86 159.19
CA VAL Y 89 -9.09 -8.83 159.60
C VAL Y 89 -9.22 -9.76 160.80
N ALA Y 90 -9.82 -9.25 161.87
CA ALA Y 90 -9.95 -10.01 163.11
C ALA Y 90 -11.37 -9.90 163.67
N VAL Y 91 -11.87 -11.00 164.21
CA VAL Y 91 -13.17 -11.08 164.84
C VAL Y 91 -13.03 -11.84 166.16
N GLU Y 92 -14.10 -11.83 166.95
CA GLU Y 92 -14.12 -12.60 168.19
C GLU Y 92 -15.57 -12.76 168.65
N TYR Y 93 -15.78 -13.75 169.53
CA TYR Y 93 -17.09 -14.02 170.11
C TYR Y 93 -16.89 -14.92 171.32
N GLN Y 94 -17.81 -14.81 172.27
CA GLN Y 94 -17.74 -15.63 173.48
C GLN Y 94 -18.14 -17.06 173.16
N GLN Y 95 -18.18 -17.91 174.18
CA GLN Y 95 -18.54 -19.31 173.99
C GLN Y 95 -20.05 -19.51 173.92
N LEU Y 96 -20.82 -18.81 174.75
CA LEU Y 96 -22.27 -18.98 174.71
C LEU Y 96 -22.86 -18.48 173.40
N GLU Y 97 -22.27 -17.45 172.81
CA GLU Y 97 -22.74 -16.98 171.51
C GLU Y 97 -22.56 -18.07 170.46
N GLU Y 98 -21.39 -18.71 170.41
CA GLU Y 98 -21.18 -19.81 169.48
C GLU Y 98 -22.10 -20.99 169.81
N ALA Y 99 -22.44 -21.15 171.09
CA ALA Y 99 -23.25 -22.30 171.50
C ALA Y 99 -24.70 -22.14 171.07
N ILE Y 100 -25.29 -20.97 171.28
CA ILE Y 100 -26.74 -20.82 171.21
C ILE Y 100 -27.20 -19.72 170.25
N LYS Y 101 -26.28 -19.02 169.58
CA LYS Y 101 -26.71 -17.94 168.70
C LYS Y 101 -26.05 -18.00 167.33
N LEU Y 102 -24.86 -18.58 167.24
CA LEU Y 102 -24.08 -18.57 166.01
C LEU Y 102 -24.42 -19.80 165.18
N ASN Y 103 -25.10 -19.58 164.05
CA ASN Y 103 -25.33 -20.61 163.06
C ASN Y 103 -24.99 -20.04 161.69
N GLN Y 104 -24.63 -20.92 160.76
CA GLN Y 104 -24.11 -20.52 159.45
C GLN Y 104 -22.92 -19.58 159.62
N LEU Y 105 -21.97 -20.00 160.45
CA LEU Y 105 -20.81 -19.16 160.73
C LEU Y 105 -19.99 -18.90 159.48
N GLU Y 106 -19.83 -19.91 158.63
CA GLU Y 106 -19.05 -19.72 157.41
C GLU Y 106 -19.76 -18.78 156.44
N GLU Y 107 -21.09 -18.90 156.31
CA GLU Y 107 -21.83 -17.91 155.52
C GLU Y 107 -21.72 -16.52 156.11
N ILE Y 108 -21.60 -16.40 157.43
CA ILE Y 108 -21.42 -15.09 158.05
C ILE Y 108 -20.04 -14.53 157.73
N LEU Y 109 -19.02 -15.38 157.77
CA LEU Y 109 -17.63 -14.95 157.68
C LEU Y 109 -17.09 -14.97 156.25
N ALA Y 110 -17.90 -15.33 155.26
CA ALA Y 110 -17.43 -15.39 153.87
C ALA Y 110 -16.74 -14.13 153.36
N PRO Y 111 -17.28 -12.91 153.53
CA PRO Y 111 -16.73 -11.76 152.78
C PRO Y 111 -15.40 -11.19 153.29
N VAL Y 112 -14.72 -11.91 154.19
CA VAL Y 112 -13.44 -11.41 154.70
C VAL Y 112 -12.41 -11.35 153.58
N ARG Y 113 -12.36 -12.37 152.73
CA ARG Y 113 -11.42 -12.36 151.61
C ARG Y 113 -11.71 -11.22 150.65
N GLN Y 114 -13.00 -10.96 150.39
CA GLN Y 114 -13.37 -9.85 149.52
C GLN Y 114 -12.92 -8.53 150.12
N ARG Y 115 -13.10 -8.36 151.44
CA ARG Y 115 -12.64 -7.13 152.09
C ARG Y 115 -11.13 -6.98 151.96
N ILE Y 116 -10.39 -8.07 152.16
CA ILE Y 116 -8.92 -8.01 152.07
C ILE Y 116 -8.49 -7.61 150.67
N VAL Y 117 -9.10 -8.22 149.65
CA VAL Y 117 -8.73 -7.92 148.28
C VAL Y 117 -9.09 -6.48 147.92
N THR Y 118 -10.23 -5.98 148.43
CA THR Y 118 -10.61 -4.60 148.17
C THR Y 118 -9.60 -3.63 148.78
N ASP Y 119 -9.18 -3.90 150.02
CA ASP Y 119 -8.16 -3.06 150.64
C ASP Y 119 -6.84 -3.11 149.88
N LEU Y 120 -6.48 -4.29 149.37
CA LEU Y 120 -5.27 -4.40 148.57
C LEU Y 120 -5.36 -3.56 147.31
N GLU Y 121 -6.52 -3.58 146.65
CA GLU Y 121 -6.72 -2.73 145.47
C GLU Y 121 -6.59 -1.26 145.83
N THR Y 122 -7.20 -0.85 146.94
CA THR Y 122 -7.10 0.54 147.36
C THR Y 122 -5.65 0.94 147.63
N GLU Y 123 -4.90 0.07 148.30
CA GLU Y 123 -3.49 0.37 148.56
C GLU Y 123 -2.69 0.49 147.26
N LEU Y 124 -2.95 -0.40 146.30
CA LEU Y 124 -2.25 -0.32 145.03
C LEU Y 124 -2.57 0.97 144.30
N ALA Y 125 -3.84 1.38 144.30
CA ALA Y 125 -4.22 2.63 143.66
C ALA Y 125 -3.55 3.82 144.33
N HIS Y 126 -3.51 3.83 145.66
CA HIS Y 126 -2.85 4.92 146.37
C HIS Y 126 -1.36 4.97 146.05
N PHE Y 127 -0.72 3.80 145.98
CA PHE Y 127 0.69 3.75 145.60
C PHE Y 127 0.89 4.33 144.20
N MET Y 128 0.01 3.97 143.27
CA MET Y 128 0.10 4.49 141.90
C MET Y 128 -0.01 6.00 141.89
N MET Y 129 -0.99 6.55 142.60
CA MET Y 129 -1.15 8.01 142.66
C MET Y 129 0.05 8.68 143.31
N ASN Y 130 0.61 8.09 144.36
CA ASN Y 130 1.73 8.72 145.05
C ASN Y 130 2.98 8.72 144.17
N ASN Y 131 3.20 7.67 143.39
CA ASN Y 131 4.44 7.55 142.63
C ASN Y 131 4.31 7.89 141.15
N GLY Y 132 3.14 8.35 140.70
CA GLY Y 132 3.02 8.83 139.33
C GLY Y 132 3.81 10.12 139.12
N ALA Y 133 4.21 10.34 137.88
CA ALA Y 133 5.03 11.51 137.55
C ALA Y 133 4.38 12.43 136.54
N LEU Y 134 3.85 11.91 135.44
CA LEU Y 134 3.33 12.76 134.39
C LEU Y 134 1.99 13.38 134.80
N SER Y 135 1.58 14.41 134.05
CA SER Y 135 0.32 15.09 134.31
C SER Y 135 -0.22 15.66 133.01
N LEU Y 136 -1.55 15.72 132.92
CA LEU Y 136 -2.21 16.23 131.74
C LEU Y 136 -3.54 16.86 132.14
N GLY Y 137 -3.88 17.99 131.52
CA GLY Y 137 -5.13 18.64 131.79
C GLY Y 137 -5.19 19.30 133.15
N SER Y 138 -6.41 19.68 133.53
CA SER Y 138 -6.67 20.32 134.80
C SER Y 138 -7.60 19.48 135.66
N PRO Y 139 -7.33 19.36 136.96
CA PRO Y 139 -8.15 18.48 137.81
C PRO Y 139 -9.64 18.82 137.82
N ASN Y 140 -10.00 20.10 137.71
CA ASN Y 140 -11.41 20.48 137.83
C ASN Y 140 -12.24 19.92 136.70
N THR Y 141 -11.72 19.97 135.47
CA THR Y 141 -12.52 19.60 134.30
C THR Y 141 -12.52 18.08 134.12
N PRO Y 142 -13.69 17.45 134.14
CA PRO Y 142 -13.78 16.02 133.86
C PRO Y 142 -13.59 15.75 132.37
N ILE Y 143 -13.30 14.48 132.06
CA ILE Y 143 -13.09 14.06 130.68
C ILE Y 143 -14.44 13.90 130.00
N THR Y 144 -14.57 14.50 128.81
CA THR Y 144 -15.83 14.49 128.09
C THR Y 144 -15.70 14.17 126.60
N LYS Y 145 -14.55 14.39 125.98
CA LYS Y 145 -14.41 14.26 124.54
C LYS Y 145 -13.44 13.14 124.19
N TRP Y 146 -13.19 13.00 122.89
CA TRP Y 146 -12.27 11.98 122.40
C TRP Y 146 -10.82 12.39 122.63
N SER Y 147 -10.53 13.69 122.52
CA SER Y 147 -9.17 14.16 122.70
C SER Y 147 -8.68 13.95 124.12
N ASP Y 148 -9.58 14.04 125.11
CA ASP Y 148 -9.20 13.85 126.50
C ASP Y 148 -8.65 12.47 126.77
N VAL Y 149 -8.93 11.50 125.89
CA VAL Y 149 -8.41 10.15 126.04
C VAL Y 149 -7.25 9.96 125.07
N ALA Y 150 -7.34 10.58 123.89
CA ALA Y 150 -6.27 10.44 122.91
C ALA Y 150 -4.97 11.06 123.39
N GLN Y 151 -5.05 12.09 124.24
CA GLN Y 151 -3.84 12.80 124.65
C GLN Y 151 -2.90 11.92 125.43
N THR Y 152 -3.43 10.95 126.18
CA THR Y 152 -2.56 10.04 126.95
C THR Y 152 -1.66 9.24 126.02
N ALA Y 153 -2.26 8.59 125.02
CA ALA Y 153 -1.46 7.82 124.06
C ALA Y 153 -0.52 8.72 123.28
N SER Y 154 -0.98 9.93 122.94
CA SER Y 154 -0.11 10.85 122.22
C SER Y 154 1.13 11.20 123.05
N PHE Y 155 0.93 11.48 124.34
CA PHE Y 155 2.05 11.83 125.21
C PHE Y 155 2.99 10.64 125.40
N LEU Y 156 2.45 9.44 125.59
CA LEU Y 156 3.31 8.28 125.76
C LEU Y 156 4.14 8.02 124.50
N LYS Y 157 3.51 8.12 123.33
CA LYS Y 157 4.24 7.91 122.09
C LYS Y 157 5.30 8.98 121.88
N ASP Y 158 4.98 10.24 122.21
CA ASP Y 158 5.95 11.31 122.05
C ASP Y 158 7.14 11.12 122.98
N LEU Y 159 6.89 10.68 124.21
CA LEU Y 159 8.00 10.36 125.09
C LEU Y 159 8.84 9.21 124.53
N GLY Y 160 8.19 8.18 123.99
CA GLY Y 160 8.91 7.13 123.32
C GLY Y 160 8.88 5.79 124.03
N VAL Y 161 7.79 5.51 124.75
CA VAL Y 161 7.62 4.22 125.41
C VAL Y 161 7.30 3.18 124.35
N ASN Y 162 8.13 2.15 124.25
CA ASN Y 162 8.03 1.18 123.16
C ASN Y 162 7.55 -0.19 123.62
N GLU Y 163 8.05 -0.70 124.74
CA GLU Y 163 7.74 -2.05 125.17
C GLU Y 163 6.46 -2.08 125.99
N GLY Y 164 5.74 -3.19 125.89
CA GLY Y 164 4.53 -3.39 126.67
C GLY Y 164 3.31 -2.73 126.08
N GLU Y 165 2.22 -2.79 126.84
CA GLU Y 165 0.94 -2.23 126.45
C GLU Y 165 0.55 -1.10 127.39
N ASN Y 166 -0.03 -0.05 126.85
CA ASN Y 166 -0.49 1.08 127.64
C ASN Y 166 -1.92 0.84 128.12
N TYR Y 167 -2.25 1.42 129.27
CA TYR Y 167 -3.58 1.27 129.85
C TYR Y 167 -4.06 2.60 130.39
N ALA Y 168 -5.38 2.78 130.40
CA ALA Y 168 -6.03 3.92 131.03
C ALA Y 168 -7.24 3.43 131.80
N VAL Y 169 -7.49 4.01 132.97
CA VAL Y 169 -8.58 3.59 133.84
C VAL Y 169 -9.47 4.79 134.10
N MET Y 170 -10.79 4.60 133.96
CA MET Y 170 -11.76 5.68 134.10
C MET Y 170 -12.96 5.20 134.91
N ASP Y 171 -13.96 6.07 135.08
CA ASP Y 171 -15.08 5.80 135.96
C ASP Y 171 -16.37 5.69 135.15
N PRO Y 172 -17.40 5.04 135.71
CA PRO Y 172 -18.63 4.79 134.92
C PRO Y 172 -19.27 6.04 134.37
N TRP Y 173 -19.24 7.16 135.10
CA TRP Y 173 -19.85 8.38 134.59
C TRP Y 173 -19.12 8.91 133.36
N SER Y 174 -17.79 8.88 133.39
CA SER Y 174 -17.02 9.30 132.23
C SER Y 174 -17.22 8.33 131.08
N ALA Y 175 -17.35 7.04 131.37
CA ALA Y 175 -17.64 6.07 130.31
C ALA Y 175 -19.00 6.35 129.68
N GLN Y 176 -19.99 6.69 130.50
CA GLN Y 176 -21.31 7.03 129.97
C GLN Y 176 -21.27 8.28 129.10
N ARG Y 177 -20.49 9.28 129.54
CA ARG Y 177 -20.35 10.50 128.73
C ARG Y 177 -19.66 10.20 127.40
N LEU Y 178 -18.64 9.33 127.42
CA LEU Y 178 -17.99 8.94 126.18
C LEU Y 178 -18.92 8.19 125.26
N ALA Y 179 -19.76 7.31 125.81
CA ALA Y 179 -20.74 6.59 124.99
C ALA Y 179 -21.77 7.55 124.41
N ASP Y 180 -22.19 8.55 125.20
CA ASP Y 180 -23.12 9.55 124.69
C ASP Y 180 -22.51 10.35 123.55
N ALA Y 181 -21.23 10.68 123.67
CA ALA Y 181 -20.55 11.35 122.55
C ALA Y 181 -20.44 10.43 121.34
N GLN Y 182 -20.19 9.13 121.58
CA GLN Y 182 -20.00 8.19 120.49
C GLN Y 182 -21.30 7.93 119.72
N THR Y 183 -22.44 7.94 120.40
CA THR Y 183 -23.69 7.64 119.71
C THR Y 183 -24.08 8.72 118.71
N GLY Y 184 -23.39 9.86 118.71
CA GLY Y 184 -23.68 10.94 117.78
C GLY Y 184 -22.83 10.94 116.53
N LEU Y 185 -22.14 9.84 116.25
CA LEU Y 185 -21.36 9.72 115.03
C LEU Y 185 -22.27 9.68 113.80
N HIS Y 186 -21.65 9.61 112.63
CA HIS Y 186 -22.38 9.79 111.37
C HIS Y 186 -22.38 8.56 110.48
N ALA Y 187 -21.37 7.70 110.54
CA ALA Y 187 -21.24 6.65 109.54
C ALA Y 187 -21.14 5.24 110.11
N SER Y 188 -20.52 5.06 111.28
CA SER Y 188 -20.27 3.71 111.81
C SER Y 188 -21.55 3.19 112.46
N ASP Y 189 -22.34 2.45 111.67
CA ASP Y 189 -23.62 1.94 112.15
C ASP Y 189 -23.44 0.99 113.33
N GLN Y 190 -22.46 0.10 113.25
CA GLN Y 190 -22.21 -0.83 114.36
C GLN Y 190 -21.87 -0.08 115.64
N LEU Y 191 -20.99 0.90 115.54
CA LEU Y 191 -20.59 1.67 116.72
C LEU Y 191 -21.77 2.41 117.32
N VAL Y 192 -22.55 3.11 116.49
CA VAL Y 192 -23.67 3.88 117.03
C VAL Y 192 -24.74 2.96 117.61
N ARG Y 193 -24.98 1.80 117.00
CA ARG Y 193 -25.99 0.89 117.53
C ARG Y 193 -25.54 0.30 118.86
N THR Y 194 -24.26 -0.09 118.97
CA THR Y 194 -23.76 -0.63 120.23
C THR Y 194 -23.82 0.42 121.33
N ALA Y 195 -23.44 1.67 121.01
CA ALA Y 195 -23.51 2.73 122.01
C ALA Y 195 -24.95 3.02 122.42
N TRP Y 196 -25.88 3.01 121.46
CA TRP Y 196 -27.27 3.33 121.76
C TRP Y 196 -27.92 2.23 122.60
N GLU Y 197 -27.58 0.97 122.35
CA GLU Y 197 -28.23 -0.12 123.06
C GLU Y 197 -27.57 -0.41 124.40
N ASN Y 198 -26.26 -0.63 124.39
CA ASN Y 198 -25.56 -1.09 125.59
C ASN Y 198 -24.69 -0.03 126.25
N ALA Y 199 -24.39 1.07 125.57
CA ALA Y 199 -23.57 2.15 126.12
C ALA Y 199 -22.21 1.63 126.59
N GLN Y 200 -21.58 0.83 125.73
CA GLN Y 200 -20.27 0.25 126.00
C GLN Y 200 -19.29 0.77 124.95
N ILE Y 201 -18.21 1.39 125.41
CA ILE Y 201 -17.15 1.84 124.51
C ILE Y 201 -16.37 0.62 124.04
N PRO Y 202 -15.71 0.68 122.88
CA PRO Y 202 -14.94 -0.49 122.42
C PRO Y 202 -13.68 -0.71 123.25
N THR Y 203 -12.90 -1.74 122.89
CA THR Y 203 -11.69 -2.04 123.64
C THR Y 203 -10.64 -0.95 123.45
N ASN Y 204 -10.38 -0.58 122.21
CA ASN Y 204 -9.38 0.44 121.89
C ASN Y 204 -10.05 1.79 121.70
N PHE Y 205 -9.56 2.79 122.43
CA PHE Y 205 -10.14 4.14 122.40
C PHE Y 205 -9.00 5.13 122.24
N GLY Y 206 -8.94 5.79 121.09
CA GLY Y 206 -7.92 6.79 120.85
C GLY Y 206 -6.52 6.25 120.73
N GLY Y 207 -6.35 4.94 120.58
CA GLY Y 207 -5.05 4.34 120.51
C GLY Y 207 -4.53 3.78 121.82
N ILE Y 208 -5.33 3.80 122.88
CA ILE Y 208 -4.94 3.27 124.18
C ILE Y 208 -6.07 2.37 124.67
N ARG Y 209 -5.69 1.37 125.46
CA ARG Y 209 -6.65 0.42 126.00
C ARG Y 209 -7.30 1.02 127.23
N ALA Y 210 -8.60 1.30 127.14
CA ALA Y 210 -9.33 1.96 128.22
C ALA Y 210 -10.18 0.95 128.96
N LEU Y 211 -10.25 1.09 130.28
CA LEU Y 211 -11.06 0.24 131.13
C LEU Y 211 -11.87 1.11 132.09
N MET Y 212 -13.06 0.62 132.44
CA MET Y 212 -13.96 1.33 133.35
C MET Y 212 -14.11 0.52 134.63
N SER Y 213 -13.90 1.18 135.76
CA SER Y 213 -14.00 0.52 137.06
C SER Y 213 -14.53 1.50 138.09
N ASN Y 214 -15.52 1.06 138.87
CA ASN Y 214 -16.07 1.91 139.92
C ASN Y 214 -15.16 1.97 141.14
N GLY Y 215 -14.23 1.02 141.27
CA GLY Y 215 -13.28 1.05 142.36
C GLY Y 215 -12.08 1.92 142.06
N LEU Y 216 -12.02 3.10 142.67
CA LEU Y 216 -10.96 4.06 142.38
C LEU Y 216 -10.83 5.01 143.57
N ALA Y 217 -9.60 5.22 144.01
CA ALA Y 217 -9.35 5.98 145.23
C ALA Y 217 -9.70 7.46 145.02
N SER Y 218 -9.57 8.22 146.10
CA SER Y 218 -9.83 9.65 146.09
C SER Y 218 -8.84 10.36 147.00
N ARG Y 219 -8.62 11.65 146.73
CA ARG Y 219 -7.61 12.40 147.47
C ARG Y 219 -8.05 13.85 147.59
N THR Y 220 -7.35 14.58 148.47
CA THR Y 220 -7.62 15.99 148.74
C THR Y 220 -6.39 16.82 148.42
N GLN Y 221 -6.62 18.01 147.86
CA GLN Y 221 -5.52 18.84 147.38
C GLN Y 221 -4.65 19.32 148.54
N GLY Y 222 -5.25 19.78 149.63
CA GLY Y 222 -4.48 20.35 150.71
C GLY Y 222 -4.24 21.83 150.51
N ALA Y 223 -4.53 22.63 151.54
CA ALA Y 223 -4.55 24.08 151.41
C ALA Y 223 -3.18 24.63 151.01
N PHE Y 224 -3.18 25.52 150.02
CA PHE Y 224 -1.97 26.20 149.58
C PHE Y 224 -2.36 27.50 148.90
N GLY Y 225 -1.39 28.38 148.74
CA GLY Y 225 -1.64 29.65 148.07
C GLY Y 225 -0.38 30.48 148.03
N GLY Y 226 -0.41 31.48 147.16
CA GLY Y 226 0.70 32.40 147.00
C GLY Y 226 1.69 31.92 145.95
N THR Y 227 2.42 32.87 145.38
CA THR Y 227 3.44 32.54 144.40
C THR Y 227 4.63 31.86 145.06
N LEU Y 228 5.07 30.74 144.50
CA LEU Y 228 6.15 29.95 145.06
C LEU Y 228 7.33 29.93 144.10
N THR Y 229 8.53 30.07 144.67
CA THR Y 229 9.77 29.97 143.90
C THR Y 229 10.75 29.10 144.68
N VAL Y 230 11.68 28.49 143.94
CA VAL Y 230 12.69 27.64 144.57
C VAL Y 230 13.73 28.52 145.26
N LYS Y 231 14.15 28.10 146.45
CA LYS Y 231 15.09 28.88 147.26
C LYS Y 231 16.54 28.49 147.00
N THR Y 232 16.84 27.19 147.12
CA THR Y 232 18.20 26.69 146.94
C THR Y 232 18.26 25.78 145.72
N GLN Y 233 19.29 25.97 144.91
CA GLN Y 233 19.46 25.16 143.70
C GLN Y 233 19.66 23.70 144.07
N PRO Y 234 18.86 22.78 143.55
CA PRO Y 234 19.01 21.37 143.92
C PRO Y 234 20.13 20.70 143.13
N THR Y 235 20.72 19.69 143.77
CA THR Y 235 21.75 18.86 143.15
C THR Y 235 21.05 17.63 142.56
N VAL Y 236 20.90 17.62 141.24
CA VAL Y 236 20.05 16.65 140.58
C VAL Y 236 20.87 15.85 139.56
N THR Y 237 22.17 15.68 139.84
CA THR Y 237 23.02 14.92 138.93
C THR Y 237 22.67 13.44 138.96
N TYR Y 238 23.02 12.75 137.87
CA TYR Y 238 22.71 11.32 137.76
C TYR Y 238 23.40 10.51 138.84
N ASN Y 239 24.58 10.93 139.28
CA ASN Y 239 25.24 10.25 140.39
C ASN Y 239 24.40 10.33 141.66
N ALA Y 240 23.75 11.47 141.87
CA ALA Y 240 22.92 11.63 143.07
C ALA Y 240 21.61 10.88 142.95
N VAL Y 241 20.98 10.90 141.78
CA VAL Y 241 19.61 10.39 141.66
C VAL Y 241 19.53 9.16 140.76
N LYS Y 242 20.60 8.37 140.73
CA LYS Y 242 20.62 7.18 139.89
C LYS Y 242 20.02 5.95 140.57
N ASP Y 243 19.59 6.07 141.83
CA ASP Y 243 19.11 4.91 142.58
C ASP Y 243 17.66 4.98 143.02
N SER Y 244 17.06 6.18 143.05
CA SER Y 244 15.72 6.30 143.60
C SER Y 244 14.79 7.08 142.68
N TYR Y 245 15.35 7.93 141.82
CA TYR Y 245 14.55 8.82 140.97
C TYR Y 245 13.65 9.71 141.81
N GLN Y 246 14.15 10.14 142.97
CA GLN Y 246 13.48 11.09 143.84
C GLN Y 246 14.48 12.13 144.29
N PHE Y 247 14.00 13.34 144.59
CA PHE Y 247 14.90 14.40 145.01
C PHE Y 247 14.17 15.36 145.94
N THR Y 248 14.95 16.04 146.78
CA THR Y 248 14.42 16.97 147.77
C THR Y 248 14.65 18.40 147.31
N VAL Y 249 13.61 19.22 147.43
CA VAL Y 249 13.65 20.61 147.00
C VAL Y 249 12.92 21.48 148.03
N THR Y 250 13.38 22.72 148.15
CA THR Y 250 12.80 23.70 149.07
C THR Y 250 12.20 24.85 148.28
N LEU Y 251 11.11 25.39 148.79
CA LEU Y 251 10.36 26.46 148.15
C LEU Y 251 10.12 27.59 149.15
N THR Y 252 10.04 28.81 148.62
CA THR Y 252 9.85 30.00 149.44
C THR Y 252 8.68 30.81 148.88
N GLY Y 253 8.10 31.63 149.74
CA GLY Y 253 6.98 32.47 149.37
C GLY Y 253 5.61 31.92 149.70
N ALA Y 254 5.53 30.86 150.51
CA ALA Y 254 4.26 30.24 150.85
C ALA Y 254 3.60 31.01 151.99
N THR Y 255 2.46 30.51 152.46
CA THR Y 255 1.77 31.13 153.58
C THR Y 255 2.56 30.95 154.87
N ALA Y 256 2.18 31.71 155.89
CA ALA Y 256 2.95 31.80 157.13
C ALA Y 256 3.16 30.45 157.79
N SER Y 257 2.07 29.83 158.27
CA SER Y 257 2.19 28.57 159.00
C SER Y 257 0.85 27.82 158.85
N VAL Y 258 0.84 26.84 157.96
CA VAL Y 258 -0.32 25.98 157.75
C VAL Y 258 0.15 24.53 157.74
N THR Y 259 -0.55 23.68 158.50
CA THR Y 259 -0.26 22.26 158.47
C THR Y 259 -0.82 21.64 157.20
N GLY Y 260 -0.11 20.64 156.67
CA GLY Y 260 -0.52 19.99 155.45
C GLY Y 260 -0.57 20.94 154.27
N PHE Y 261 0.49 21.72 154.09
CA PHE Y 261 0.55 22.65 152.96
C PHE Y 261 0.46 21.92 151.63
N LEU Y 262 1.17 20.80 151.51
CA LEU Y 262 1.09 19.93 150.35
C LEU Y 262 0.85 18.52 150.82
N LYS Y 263 -0.03 17.80 150.12
CA LYS Y 263 -0.41 16.45 150.48
C LYS Y 263 0.17 15.43 149.50
N ALA Y 264 0.07 14.16 149.86
CA ALA Y 264 0.63 13.08 149.06
C ALA Y 264 -0.18 12.94 147.78
N GLY Y 265 0.41 13.34 146.66
CA GLY Y 265 -0.25 13.22 145.38
C GLY Y 265 -0.30 14.53 144.61
N ASP Y 266 -0.07 15.64 145.29
CA ASP Y 266 -0.11 16.94 144.64
C ASP Y 266 1.01 17.06 143.62
N GLN Y 267 0.70 17.67 142.48
CA GLN Y 267 1.64 17.78 141.37
C GLN Y 267 2.19 19.19 141.30
N VAL Y 268 3.51 19.30 141.21
CA VAL Y 268 4.21 20.58 141.10
C VAL Y 268 4.80 20.68 139.71
N LYS Y 269 4.53 21.78 139.03
CA LYS Y 269 4.93 22.01 137.65
C LYS Y 269 5.93 23.16 137.62
N PHE Y 270 7.07 22.94 136.97
CA PHE Y 270 8.08 23.98 136.80
C PHE Y 270 7.80 24.70 135.48
N THR Y 271 7.44 25.99 135.56
CA THR Y 271 6.93 26.69 134.38
C THR Y 271 8.00 26.83 133.31
N ASN Y 272 9.19 27.29 133.68
CA ASN Y 272 10.22 27.61 132.70
C ASN Y 272 11.11 26.42 132.36
N THR Y 273 10.81 25.23 132.87
CA THR Y 273 11.61 24.04 132.66
C THR Y 273 10.83 23.05 131.80
N TYR Y 274 11.47 22.56 130.75
CA TYR Y 274 10.79 21.79 129.72
C TYR Y 274 11.19 20.32 129.78
N TRP Y 275 10.31 19.48 129.26
CA TRP Y 275 10.61 18.06 129.11
C TRP Y 275 11.64 17.84 128.01
N LEU Y 276 11.97 16.58 127.78
CA LEU Y 276 12.86 16.17 126.69
C LEU Y 276 12.40 14.82 126.17
N GLN Y 277 12.80 14.49 124.96
CA GLN Y 277 12.61 13.15 124.43
C GLN Y 277 13.78 12.30 124.90
N GLN Y 278 13.47 11.19 125.57
CA GLN Y 278 14.49 10.44 126.29
C GLN Y 278 15.52 9.78 125.38
N GLN Y 279 15.27 9.74 124.06
CA GLN Y 279 16.18 9.09 123.14
C GLN Y 279 16.91 10.07 122.23
N THR Y 280 16.19 10.96 121.55
CA THR Y 280 16.82 11.90 120.62
C THR Y 280 17.24 13.19 121.31
N LYS Y 281 16.90 13.39 122.58
CA LYS Y 281 17.32 14.55 123.36
C LYS Y 281 16.89 15.86 122.69
N GLN Y 282 15.61 15.92 122.30
CA GLN Y 282 15.03 17.12 121.72
C GLN Y 282 13.84 17.56 122.54
N ALA Y 283 13.57 18.86 122.57
CA ALA Y 283 12.51 19.40 123.42
C ALA Y 283 11.14 18.93 122.93
N LEU Y 284 10.24 18.70 123.88
CA LEU Y 284 8.88 18.30 123.59
C LEU Y 284 8.02 19.53 123.32
N TYR Y 285 7.31 19.51 122.20
CA TYR Y 285 6.51 20.65 121.77
C TYR Y 285 5.08 20.19 121.51
N ASN Y 286 4.11 20.93 122.06
CA ASN Y 286 2.71 20.56 122.03
C ASN Y 286 1.87 21.78 121.62
N GLY Y 287 1.41 21.80 120.37
CA GLY Y 287 0.50 22.83 119.94
C GLY Y 287 1.10 24.22 119.90
N ALA Y 288 0.72 25.07 120.86
CA ALA Y 288 1.24 26.43 120.90
C ALA Y 288 2.51 26.52 121.73
N THR Y 289 2.56 25.83 122.87
CA THR Y 289 3.66 25.97 123.80
C THR Y 289 4.22 24.61 124.18
N PRO Y 290 5.51 24.53 124.50
CA PRO Y 290 6.11 23.26 124.90
C PRO Y 290 5.59 22.81 126.26
N ILE Y 291 5.85 21.54 126.55
CA ILE Y 291 5.35 20.88 127.76
C ILE Y 291 6.33 21.13 128.89
N SER Y 292 5.80 21.49 130.07
CA SER Y 292 6.62 21.80 131.23
C SER Y 292 6.83 20.55 132.08
N PHE Y 293 7.99 20.51 132.74
CA PHE Y 293 8.31 19.41 133.63
C PHE Y 293 7.43 19.45 134.88
N THR Y 294 7.13 18.27 135.40
CA THR Y 294 6.27 18.17 136.58
C THR Y 294 6.71 16.98 137.42
N ALA Y 295 6.34 17.03 138.71
CA ALA Y 295 6.67 15.98 139.65
C ALA Y 295 5.54 15.87 140.66
N THR Y 296 5.60 14.84 141.50
CA THR Y 296 4.53 14.55 142.46
C THR Y 296 5.10 14.47 143.87
N VAL Y 297 4.34 15.01 144.83
CA VAL Y 297 4.75 15.03 146.22
C VAL Y 297 4.52 13.65 146.82
N THR Y 298 5.53 13.13 147.51
CA THR Y 298 5.47 11.80 148.09
C THR Y 298 4.83 11.77 149.47
N ALA Y 299 5.17 12.71 150.35
CA ALA Y 299 4.62 12.73 151.70
C ALA Y 299 4.20 14.14 152.05
N ASP Y 300 3.24 14.25 152.97
CA ASP Y 300 2.69 15.56 153.33
C ASP Y 300 3.77 16.45 153.94
N ALA Y 301 3.69 17.73 153.62
CA ALA Y 301 4.66 18.71 154.08
C ALA Y 301 3.96 19.87 154.77
N ASN Y 302 4.59 20.37 155.83
CA ASN Y 302 4.06 21.47 156.62
C ASN Y 302 4.98 22.68 156.48
N SER Y 303 4.40 23.83 156.18
CA SER Y 303 5.18 25.05 156.09
C SER Y 303 5.58 25.54 157.47
N ASP Y 304 6.63 26.36 157.51
CA ASP Y 304 7.11 26.97 158.74
C ASP Y 304 6.99 28.47 158.66
N SER Y 305 6.99 29.12 159.83
CA SER Y 305 6.90 30.57 159.88
C SER Y 305 8.10 31.19 159.14
N GLY Y 306 7.80 32.15 158.27
CA GLY Y 306 8.80 32.74 157.40
C GLY Y 306 8.64 32.44 155.94
N GLY Y 307 7.70 31.57 155.57
CA GLY Y 307 7.44 31.28 154.17
C GLY Y 307 8.45 30.35 153.53
N ASP Y 308 8.56 29.12 154.06
CA ASP Y 308 9.47 28.13 153.52
C ASP Y 308 8.83 26.76 153.65
N VAL Y 309 9.23 25.86 152.76
CA VAL Y 309 8.74 24.49 152.80
C VAL Y 309 9.77 23.58 152.13
N THR Y 310 9.93 22.38 152.68
CA THR Y 310 10.80 21.36 152.11
C THR Y 310 9.95 20.17 151.70
N VAL Y 311 10.26 19.56 150.55
CA VAL Y 311 9.44 18.48 150.02
C VAL Y 311 10.33 17.51 149.25
N THR Y 312 9.88 16.26 149.18
CA THR Y 312 10.53 15.23 148.37
C THR Y 312 9.60 14.90 147.21
N LEU Y 313 10.15 14.91 146.00
CA LEU Y 313 9.37 14.68 144.78
C LEU Y 313 9.89 13.46 144.05
N SER Y 314 8.98 12.75 143.39
CA SER Y 314 9.28 11.59 142.58
C SER Y 314 9.30 12.01 141.11
N GLY Y 315 10.38 11.67 140.41
CA GLY Y 315 10.58 12.12 139.06
C GLY Y 315 11.50 13.32 139.05
N VAL Y 316 12.76 13.12 138.67
CA VAL Y 316 13.78 14.14 138.82
C VAL Y 316 14.15 14.76 137.48
N PRO Y 317 14.46 16.05 137.43
CA PRO Y 317 14.93 16.71 136.20
C PRO Y 317 16.44 16.63 136.03
N ILE Y 318 16.91 15.47 135.55
CA ILE Y 318 18.34 15.22 135.43
C ILE Y 318 18.95 16.18 134.43
N TYR Y 319 20.01 16.87 134.83
CA TYR Y 319 20.81 17.71 133.93
C TYR Y 319 22.26 17.60 134.40
N ASP Y 320 23.02 16.70 133.77
CA ASP Y 320 24.40 16.47 134.13
C ASP Y 320 25.32 17.22 133.16
N THR Y 321 26.22 18.03 133.70
CA THR Y 321 27.12 18.85 132.90
C THR Y 321 28.32 18.08 132.38
N THR Y 322 28.59 16.88 132.92
CA THR Y 322 29.72 16.07 132.48
C THR Y 322 29.31 14.75 131.83
N ASN Y 323 28.08 14.31 131.99
CA ASN Y 323 27.57 13.09 131.34
C ASN Y 323 26.29 13.45 130.59
N PRO Y 324 26.41 14.10 129.43
CA PRO Y 324 25.22 14.58 128.72
C PRO Y 324 24.27 13.47 128.28
N GLN Y 325 24.76 12.22 128.19
CA GLN Y 325 23.93 11.15 127.65
C GLN Y 325 22.74 10.82 128.54
N TYR Y 326 22.75 11.26 129.80
CA TYR Y 326 21.68 10.94 130.74
C TYR Y 326 20.73 12.11 130.97
N ASN Y 327 20.80 13.16 130.15
CA ASN Y 327 19.90 14.29 130.32
C ASN Y 327 18.45 13.88 130.07
N SER Y 328 17.54 14.47 130.83
CA SER Y 328 16.11 14.31 130.61
C SER Y 328 15.38 15.65 130.64
N VAL Y 329 16.12 16.76 130.76
CA VAL Y 329 15.54 18.09 130.86
C VAL Y 329 16.47 19.06 130.13
N SER Y 330 15.88 20.06 129.47
CA SER Y 330 16.62 20.95 128.60
C SER Y 330 17.56 21.91 129.33
N ARG Y 331 17.35 22.16 130.62
CA ARG Y 331 18.18 23.14 131.32
C ARG Y 331 18.25 22.79 132.80
N GLN Y 332 19.19 23.42 133.49
CA GLN Y 332 19.39 23.19 134.92
C GLN Y 332 18.42 24.06 135.71
N VAL Y 333 17.81 23.47 136.73
CA VAL Y 333 16.86 24.17 137.60
C VAL Y 333 17.68 24.96 138.61
N GLU Y 334 17.78 26.27 138.41
CA GLU Y 334 18.51 27.14 139.32
C GLU Y 334 17.57 27.67 140.39
N ALA Y 335 18.03 28.68 141.14
CA ALA Y 335 17.21 29.30 142.18
C ALA Y 335 16.51 30.52 141.64
N GLY Y 336 15.22 30.64 141.94
CA GLY Y 336 14.40 31.73 141.45
C GLY Y 336 13.43 31.36 140.35
N ASP Y 337 13.37 30.09 139.95
CA ASP Y 337 12.45 29.68 138.90
C ASP Y 337 11.02 29.71 139.40
N ALA Y 338 10.08 29.67 138.46
CA ALA Y 338 8.65 29.71 138.78
C ALA Y 338 8.08 28.30 138.83
N VAL Y 339 7.37 28.00 139.92
CA VAL Y 339 6.70 26.72 140.10
C VAL Y 339 5.23 26.98 140.43
N SER Y 340 4.41 25.96 140.17
CA SER Y 340 2.99 26.09 140.43
C SER Y 340 2.41 24.73 140.81
N VAL Y 341 1.52 24.72 141.79
CA VAL Y 341 0.84 23.50 142.21
C VAL Y 341 -0.44 23.36 141.41
N VAL Y 342 -0.62 22.19 140.80
CA VAL Y 342 -1.75 21.95 139.91
C VAL Y 342 -3.02 21.75 140.73
N GLY Y 343 -4.07 22.47 140.37
CA GLY Y 343 -5.36 22.36 141.02
C GLY Y 343 -5.72 23.59 141.83
N THR Y 344 -6.74 23.42 142.67
CA THR Y 344 -7.20 24.47 143.57
C THR Y 344 -6.83 24.13 145.01
N ALA Y 345 -7.35 24.94 145.94
CA ALA Y 345 -6.87 24.91 147.31
C ALA Y 345 -7.12 23.56 147.97
N SER Y 346 -8.39 23.23 148.23
CA SER Y 346 -8.71 22.05 149.03
C SER Y 346 -9.92 21.32 148.45
N GLN Y 347 -9.95 21.14 147.13
CA GLN Y 347 -11.00 20.35 146.51
C GLN Y 347 -10.55 18.89 146.44
N THR Y 348 -11.52 17.99 146.49
CA THR Y 348 -11.27 16.56 146.45
C THR Y 348 -11.90 15.95 145.22
N MET Y 349 -11.23 14.96 144.64
CA MET Y 349 -11.63 14.41 143.35
C MET Y 349 -11.34 12.92 143.32
N LYS Y 350 -11.57 12.31 142.16
CA LYS Y 350 -11.29 10.89 141.92
C LYS Y 350 -10.42 10.81 140.67
N PRO Y 351 -9.10 10.86 140.84
CA PRO Y 351 -8.20 10.97 139.68
C PRO Y 351 -8.25 9.73 138.79
N ASN Y 352 -7.99 9.95 137.51
CA ASN Y 352 -7.91 8.89 136.51
C ASN Y 352 -6.45 8.60 136.18
N LEU Y 353 -6.13 7.30 136.10
CA LEU Y 353 -4.75 6.84 136.00
C LEU Y 353 -4.48 6.26 134.62
N PHE Y 354 -3.42 6.74 133.97
CA PHE Y 354 -2.93 6.15 132.73
C PHE Y 354 -1.48 5.76 132.92
N TYR Y 355 -1.12 4.56 132.47
CA TYR Y 355 0.21 4.04 132.76
C TYR Y 355 0.63 3.08 131.67
N ASN Y 356 1.88 2.60 131.77
CA ASN Y 356 2.40 1.57 130.89
C ASN Y 356 2.44 0.24 131.64
N LYS Y 357 2.64 -0.84 130.89
CA LYS Y 357 2.66 -2.17 131.50
C LYS Y 357 3.81 -2.32 132.48
N PHE Y 358 5.00 -1.82 132.12
CA PHE Y 358 6.19 -1.97 132.94
C PHE Y 358 6.47 -0.76 133.82
N PHE Y 359 5.42 -0.08 134.28
CA PHE Y 359 5.58 1.07 135.17
C PHE Y 359 5.72 0.63 136.62
N CYS Y 360 4.89 -0.29 137.07
CA CYS Y 360 4.91 -0.79 138.43
C CYS Y 360 4.93 -2.31 138.44
N GLY Y 361 4.92 -2.86 139.65
CA GLY Y 361 4.91 -4.30 139.83
C GLY Y 361 4.40 -4.70 141.21
N LEU Y 362 3.66 -5.81 141.26
CA LEU Y 362 3.03 -6.27 142.49
C LEU Y 362 3.40 -7.72 142.76
N GLY Y 363 3.62 -8.05 144.03
CA GLY Y 363 3.91 -9.41 144.42
C GLY Y 363 3.37 -9.70 145.81
N SER Y 364 3.52 -10.95 146.23
CA SER Y 364 3.05 -11.40 147.53
C SER Y 364 4.14 -12.20 148.23
N ILE Y 365 4.11 -12.20 149.56
CA ILE Y 365 5.09 -12.88 150.38
C ILE Y 365 4.39 -13.97 151.16
N PRO Y 366 4.84 -15.23 151.11
CA PRO Y 366 4.23 -16.29 151.92
C PRO Y 366 4.50 -16.08 153.40
N LEU Y 367 3.64 -16.66 154.22
CA LEU Y 367 3.67 -16.44 155.65
C LEU Y 367 3.88 -17.73 156.41
N PRO Y 368 4.64 -17.70 157.51
CA PRO Y 368 4.86 -18.93 158.30
C PRO Y 368 3.75 -19.15 159.33
N LYS Y 369 3.92 -20.17 160.16
CA LYS Y 369 2.96 -20.50 161.21
C LYS Y 369 3.52 -20.07 162.56
N LEU Y 370 2.63 -19.57 163.42
CA LEU Y 370 3.04 -19.14 164.76
C LEU Y 370 3.35 -20.35 165.63
N HIS Y 371 3.68 -20.08 166.89
CA HIS Y 371 4.09 -21.11 167.83
C HIS Y 371 2.89 -21.70 168.54
N SER Y 372 2.63 -22.98 168.31
CA SER Y 372 1.58 -23.74 169.00
C SER Y 372 0.21 -23.09 168.84
N ILE Y 373 -0.09 -22.61 167.63
CA ILE Y 373 -1.38 -22.00 167.33
C ILE Y 373 -1.88 -22.61 166.02
N ASP Y 374 -3.14 -23.04 166.01
CA ASP Y 374 -3.72 -23.64 164.83
C ASP Y 374 -3.94 -22.60 163.73
N SER Y 375 -3.69 -23.01 162.50
CA SER Y 375 -3.75 -22.11 161.36
C SER Y 375 -4.06 -22.90 160.10
N ALA Y 376 -4.49 -22.19 159.07
CA ALA Y 376 -4.75 -22.76 157.76
C ALA Y 376 -4.48 -21.69 156.71
N VAL Y 377 -4.56 -22.10 155.44
CA VAL Y 377 -4.28 -21.19 154.33
C VAL Y 377 -5.28 -21.46 153.22
N ALA Y 378 -5.78 -20.38 152.62
CA ALA Y 378 -6.71 -20.46 151.49
C ALA Y 378 -6.18 -19.59 150.36
N THR Y 379 -6.80 -19.73 149.19
CA THR Y 379 -6.42 -18.96 148.01
C THR Y 379 -7.65 -18.31 147.40
N TYR Y 380 -7.42 -17.19 146.72
CA TYR Y 380 -8.54 -16.42 146.17
C TYR Y 380 -7.98 -15.48 145.10
N GLU Y 381 -8.40 -15.71 143.85
CA GLU Y 381 -7.73 -15.20 142.65
C GLU Y 381 -6.20 -15.25 142.78
N GLY Y 382 -5.69 -16.38 143.27
CA GLY Y 382 -4.28 -16.60 143.35
C GLY Y 382 -3.60 -15.99 144.55
N PHE Y 383 -4.28 -15.10 145.29
CA PHE Y 383 -3.70 -14.55 146.51
C PHE Y 383 -3.88 -15.55 147.64
N SER Y 384 -2.82 -15.75 148.41
CA SER Y 384 -2.81 -16.71 149.51
C SER Y 384 -3.05 -15.97 150.81
N ILE Y 385 -4.12 -16.34 151.51
CA ILE Y 385 -4.52 -15.72 152.76
C ILE Y 385 -4.39 -16.75 153.87
N ARG Y 386 -3.63 -16.42 154.91
CA ARG Y 386 -3.40 -17.31 156.03
C ARG Y 386 -4.28 -16.88 157.21
N VAL Y 387 -4.93 -17.86 157.83
CA VAL Y 387 -5.85 -17.64 158.93
C VAL Y 387 -5.31 -18.34 160.17
N HIS Y 388 -5.32 -17.65 161.30
CA HIS Y 388 -4.92 -18.17 162.59
C HIS Y 388 -6.14 -18.20 163.50
N LYS Y 389 -6.25 -19.24 164.33
CA LYS Y 389 -7.32 -19.35 165.31
C LYS Y 389 -6.73 -19.62 166.68
N TYR Y 390 -7.17 -18.85 167.67
CA TYR Y 390 -6.70 -19.04 169.04
C TYR Y 390 -7.74 -18.47 170.00
N ALA Y 391 -7.77 -19.01 171.21
CA ALA Y 391 -8.76 -18.62 172.20
C ALA Y 391 -8.09 -18.46 173.55
N ASP Y 392 -8.63 -17.54 174.36
CA ASP Y 392 -8.11 -17.33 175.72
C ASP Y 392 -9.11 -17.88 176.74
N GLY Y 393 -8.88 -19.14 177.09
CA GLY Y 393 -9.84 -19.87 177.91
C GLY Y 393 -10.10 -19.24 179.26
N ASP Y 394 -9.16 -18.45 179.78
CA ASP Y 394 -9.35 -17.76 181.03
C ASP Y 394 -10.11 -16.45 180.88
N ALA Y 395 -10.45 -16.08 179.64
CA ALA Y 395 -11.40 -15.02 179.36
C ALA Y 395 -12.60 -15.52 178.57
N ASN Y 396 -12.60 -16.79 178.17
CA ASN Y 396 -13.70 -17.43 177.47
C ASN Y 396 -14.07 -16.68 176.19
N VAL Y 397 -13.05 -16.44 175.37
CA VAL Y 397 -13.22 -15.72 174.11
C VAL Y 397 -12.43 -16.43 173.02
N GLN Y 398 -13.06 -16.63 171.86
CA GLN Y 398 -12.40 -17.13 170.67
C GLN Y 398 -11.84 -15.96 169.84
N LYS Y 399 -10.94 -16.28 168.92
CA LYS Y 399 -10.30 -15.25 168.11
C LYS Y 399 -9.82 -15.86 166.81
N MET Y 400 -10.04 -15.14 165.71
CA MET Y 400 -9.56 -15.54 164.40
C MET Y 400 -8.93 -14.32 163.73
N ARG Y 401 -7.97 -14.59 162.85
CA ARG Y 401 -7.31 -13.49 162.15
C ARG Y 401 -6.85 -13.95 160.78
N PHE Y 402 -6.80 -13.02 159.83
CA PHE Y 402 -6.35 -13.26 158.47
C PHE Y 402 -5.23 -12.29 158.13
N ASP Y 403 -4.22 -12.77 157.41
CA ASP Y 403 -3.04 -11.97 157.12
C ASP Y 403 -2.69 -12.01 155.63
N LEU Y 404 -1.89 -11.02 155.21
CA LEU Y 404 -1.42 -10.92 153.83
C LEU Y 404 -0.32 -9.86 153.76
N LEU Y 405 0.76 -10.19 153.06
CA LEU Y 405 1.85 -9.25 152.79
C LEU Y 405 2.03 -9.05 151.30
N PRO Y 406 1.73 -7.86 150.77
CA PRO Y 406 2.08 -7.53 149.40
C PRO Y 406 3.43 -6.83 149.32
N ALA Y 407 3.89 -6.67 148.08
CA ALA Y 407 5.15 -5.98 147.81
C ALA Y 407 4.99 -5.17 146.54
N TYR Y 408 5.38 -3.90 146.59
CA TYR Y 408 5.20 -2.97 145.50
C TYR Y 408 6.55 -2.54 144.95
N VAL Y 409 6.63 -2.36 143.63
CA VAL Y 409 7.83 -1.87 142.97
C VAL Y 409 7.41 -0.82 141.94
N CYS Y 410 8.18 0.26 141.84
CA CYS Y 410 8.01 1.27 140.80
C CYS Y 410 9.28 1.25 139.95
N PHE Y 411 9.16 0.72 138.72
CA PHE Y 411 10.33 0.53 137.87
C PHE Y 411 10.86 1.87 137.37
N ASN Y 412 10.02 2.62 136.65
CA ASN Y 412 10.40 3.94 136.14
C ASN Y 412 9.21 4.86 136.35
N PRO Y 413 9.34 5.93 137.13
CA PRO Y 413 8.20 6.83 137.37
C PRO Y 413 7.69 7.53 136.12
N HIS Y 414 8.50 7.61 135.06
CA HIS Y 414 8.16 8.39 133.88
C HIS Y 414 7.34 7.61 132.86
N MET Y 415 6.61 6.56 133.28
CA MET Y 415 5.73 5.83 132.37
C MET Y 415 4.38 5.59 133.04
N GLY Y 416 3.88 6.59 133.75
CA GLY Y 416 2.55 6.50 134.33
C GLY Y 416 2.23 7.78 135.08
N GLY Y 417 0.95 7.92 135.42
CA GLY Y 417 0.53 9.09 136.16
C GLY Y 417 -0.96 9.34 136.02
N GLN Y 418 -1.34 10.58 136.29
CA GLN Y 418 -2.72 11.02 136.37
C GLN Y 418 -3.07 11.86 135.15
N PHE Y 419 -4.32 11.77 134.72
CA PHE Y 419 -4.78 12.59 133.60
C PHE Y 419 -6.23 13.01 133.84
N PHE Y 420 -6.52 14.26 133.51
CA PHE Y 420 -7.87 14.81 133.55
C PHE Y 420 -8.17 15.50 132.24
N GLY Y 421 -9.43 15.86 132.04
CA GLY Y 421 -9.80 16.62 130.87
C GLY Y 421 -9.33 18.06 130.96
N ASN Y 422 -9.20 18.70 129.80
CA ASN Y 422 -8.75 20.09 129.74
C ASN Y 422 -9.75 20.90 128.94
N PRO Y 423 -10.04 22.14 129.35
CA PRO Y 423 -10.98 23.00 128.62
C PRO Y 423 -10.34 23.66 127.40
N PRO Z 2 -180.30 -24.28 -3.10
CA PRO Z 2 -181.47 -24.91 -2.48
C PRO Z 2 -181.11 -25.88 -1.36
N ASN Z 3 -179.86 -26.35 -1.36
CA ASN Z 3 -179.41 -27.27 -0.32
C ASN Z 3 -179.15 -26.51 0.98
N ASN Z 4 -178.66 -27.23 1.98
CA ASN Z 4 -178.31 -26.63 3.26
C ASN Z 4 -177.15 -27.42 3.87
N LEU Z 5 -176.42 -26.77 4.77
CA LEU Z 5 -175.15 -27.25 5.27
C LEU Z 5 -175.10 -27.21 6.79
N ASP Z 6 -176.12 -27.78 7.45
CA ASP Z 6 -176.09 -27.93 8.89
C ASP Z 6 -176.05 -29.38 9.35
N SER Z 7 -176.36 -30.34 8.48
CA SER Z 7 -176.44 -31.74 8.85
C SER Z 7 -175.10 -32.30 9.30
N ASN Z 8 -174.14 -32.36 8.39
CA ASN Z 8 -172.87 -33.03 8.63
C ASN Z 8 -171.76 -32.08 9.05
N VAL Z 9 -172.09 -30.98 9.73
CA VAL Z 9 -171.09 -30.02 10.16
C VAL Z 9 -171.29 -29.73 11.64
N SER Z 10 -170.24 -29.18 12.26
CA SER Z 10 -170.28 -28.82 13.67
C SER Z 10 -169.20 -27.78 13.92
N GLN Z 11 -169.58 -26.63 14.47
CA GLN Z 11 -168.62 -25.60 14.79
C GLN Z 11 -167.79 -26.05 15.98
N ILE Z 12 -166.59 -26.58 15.72
CA ILE Z 12 -165.74 -27.14 16.75
C ILE Z 12 -164.57 -26.18 16.99
N VAL Z 13 -164.05 -26.21 18.21
CA VAL Z 13 -162.90 -25.42 18.61
C VAL Z 13 -161.77 -26.38 18.98
N LEU Z 14 -160.66 -26.30 18.25
CA LEU Z 14 -159.55 -27.20 18.48
C LEU Z 14 -158.91 -26.97 19.84
N LYS Z 15 -158.41 -28.03 20.43
CA LYS Z 15 -157.75 -27.97 21.73
C LYS Z 15 -156.29 -27.56 21.60
N LYS Z 16 -156.07 -26.41 20.99
CA LYS Z 16 -154.74 -25.82 20.85
C LYS Z 16 -154.78 -24.38 21.32
N PHE Z 17 -153.69 -23.93 21.93
CA PHE Z 17 -153.59 -22.60 22.49
C PHE Z 17 -152.56 -21.79 21.72
N LEU Z 18 -152.96 -20.58 21.31
CA LEU Z 18 -152.06 -19.69 20.60
C LEU Z 18 -151.02 -19.10 21.54
N PRO Z 19 -149.84 -18.76 21.03
CA PRO Z 19 -148.81 -18.18 21.89
C PRO Z 19 -149.19 -16.78 22.37
N GLY Z 20 -148.54 -16.38 23.46
CA GLY Z 20 -148.79 -15.07 24.05
C GLY Z 20 -147.54 -14.25 24.25
N PHE Z 21 -147.63 -13.24 25.12
CA PHE Z 21 -146.52 -12.35 25.39
C PHE Z 21 -145.88 -12.69 26.74
N MET Z 22 -144.64 -12.23 26.92
CA MET Z 22 -143.93 -12.49 28.17
C MET Z 22 -142.79 -11.49 28.32
N SER Z 23 -142.53 -11.14 29.57
CA SER Z 23 -141.45 -10.23 29.95
C SER Z 23 -140.21 -11.03 30.36
N ASP Z 24 -139.21 -10.33 30.91
CA ASP Z 24 -137.96 -10.96 31.31
C ASP Z 24 -137.58 -10.47 32.72
N LEU Z 25 -136.64 -11.18 33.34
CA LEU Z 25 -136.19 -10.88 34.68
C LEU Z 25 -134.70 -10.54 34.66
N VAL Z 26 -134.35 -9.37 35.21
CA VAL Z 26 -132.95 -8.98 35.34
C VAL Z 26 -132.64 -8.63 36.79
N LEU Z 27 -133.53 -7.86 37.43
CA LEU Z 27 -133.25 -7.36 38.78
C LEU Z 27 -133.17 -8.51 39.79
N ALA Z 28 -134.11 -9.45 39.71
CA ALA Z 28 -134.11 -10.57 40.65
C ALA Z 28 -132.82 -11.38 40.54
N LYS Z 29 -132.32 -11.56 39.32
CA LYS Z 29 -131.07 -12.27 39.13
C LYS Z 29 -129.88 -11.45 39.65
N THR Z 30 -129.89 -10.14 39.42
CA THR Z 30 -128.69 -9.34 39.67
C THR Z 30 -128.52 -8.99 41.14
N VAL Z 31 -129.60 -8.64 41.85
CA VAL Z 31 -129.47 -8.16 43.22
C VAL Z 31 -129.04 -9.29 44.15
N ASP Z 32 -128.58 -8.92 45.34
CA ASP Z 32 -128.09 -9.91 46.31
C ASP Z 32 -129.24 -10.80 46.77
N ARG Z 33 -128.97 -12.10 46.85
CA ARG Z 33 -129.97 -13.06 47.32
C ARG Z 33 -129.40 -14.11 48.26
N GLN Z 34 -128.14 -13.98 48.69
CA GLN Z 34 -127.53 -14.95 49.59
C GLN Z 34 -127.33 -14.43 51.01
N LEU Z 35 -127.19 -13.12 51.19
CA LEU Z 35 -126.89 -12.58 52.52
C LEU Z 35 -128.12 -12.61 53.42
N LEU Z 36 -129.31 -12.45 52.85
CA LEU Z 36 -130.54 -12.36 53.64
C LEU Z 36 -131.36 -13.64 53.64
N ALA Z 37 -131.02 -14.60 52.76
CA ALA Z 37 -131.82 -15.80 52.63
C ALA Z 37 -131.81 -16.62 53.91
N GLY Z 38 -132.99 -17.05 54.35
CA GLY Z 38 -133.10 -17.92 55.50
C GLY Z 38 -132.65 -17.32 56.81
N GLU Z 39 -132.93 -16.05 57.07
CA GLU Z 39 -132.54 -15.40 58.30
C GLU Z 39 -133.73 -14.86 59.09
N ILE Z 40 -134.95 -15.00 58.57
CA ILE Z 40 -136.15 -14.59 59.25
C ILE Z 40 -137.00 -15.83 59.50
N ASN Z 41 -137.33 -16.09 60.76
CA ASN Z 41 -138.06 -17.29 61.13
C ASN Z 41 -139.10 -17.00 62.19
N SER Z 42 -139.62 -18.04 62.83
CA SER Z 42 -140.71 -17.93 63.80
C SER Z 42 -140.24 -17.41 65.16
N SER Z 43 -138.95 -17.12 65.33
CA SER Z 43 -138.46 -16.59 66.60
C SER Z 43 -137.64 -15.31 66.44
N THR Z 44 -137.79 -14.61 65.30
CA THR Z 44 -137.03 -13.40 65.04
C THR Z 44 -137.91 -12.16 64.91
N GLY Z 45 -139.11 -12.30 64.39
CA GLY Z 45 -139.97 -11.16 64.12
C GLY Z 45 -139.95 -10.78 62.67
N ASP Z 46 -140.49 -9.58 62.39
CA ASP Z 46 -140.59 -9.11 61.02
C ASP Z 46 -139.38 -8.32 60.55
N SER Z 47 -138.36 -8.16 61.40
CA SER Z 47 -137.20 -7.35 61.05
C SER Z 47 -135.92 -8.06 61.50
N VAL Z 48 -134.86 -7.88 60.71
CA VAL Z 48 -133.54 -8.39 61.03
C VAL Z 48 -132.53 -7.28 60.76
N SER Z 49 -131.37 -7.36 61.43
CA SER Z 49 -130.40 -6.26 61.42
C SER Z 49 -129.00 -6.76 61.11
N PHE Z 50 -128.24 -5.93 60.40
CA PHE Z 50 -126.83 -6.14 60.14
C PHE Z 50 -126.05 -4.94 60.66
N LYS Z 51 -124.78 -5.17 60.99
CA LYS Z 51 -123.93 -4.12 61.56
C LYS Z 51 -123.40 -3.21 60.45
N ARG Z 52 -122.86 -2.07 60.85
CA ARG Z 52 -122.27 -1.12 59.91
C ARG Z 52 -120.78 -0.93 60.22
N PRO Z 53 -119.96 -0.69 59.20
CA PRO Z 53 -118.54 -0.48 59.43
C PRO Z 53 -118.24 0.83 60.15
N HIS Z 54 -117.14 0.86 60.87
CA HIS Z 54 -116.73 2.01 61.66
C HIS Z 54 -115.80 2.92 60.86
N GLN Z 55 -115.56 4.11 61.40
CA GLN Z 55 -114.58 5.05 60.86
C GLN Z 55 -113.88 5.75 62.01
N PHE Z 56 -112.70 6.28 61.72
CA PHE Z 56 -111.85 6.88 62.76
C PHE Z 56 -111.20 8.15 62.24
N SER Z 57 -110.79 9.00 63.17
CA SER Z 57 -110.12 10.26 62.86
C SER Z 57 -108.84 10.35 63.68
N SER Z 58 -107.81 10.95 63.09
CA SER Z 58 -106.50 11.04 63.71
C SER Z 58 -106.31 12.37 64.41
N LEU Z 59 -105.28 12.43 65.25
CA LEU Z 59 -104.93 13.63 66.01
C LEU Z 59 -103.51 14.03 65.64
N ARG Z 60 -103.29 15.33 65.46
CA ARG Z 60 -101.98 15.87 65.09
C ARG Z 60 -101.42 16.65 66.26
N THR Z 61 -100.18 16.33 66.64
CA THR Z 61 -99.52 16.99 67.76
C THR Z 61 -98.02 16.84 67.58
N PRO Z 62 -97.24 17.85 67.97
CA PRO Z 62 -95.78 17.79 67.71
C PRO Z 62 -95.04 16.78 68.57
N THR Z 63 -95.36 16.73 69.87
CA THR Z 63 -94.62 15.90 70.81
C THR Z 63 -95.26 14.54 71.03
N GLY Z 64 -96.35 14.24 70.33
CA GLY Z 64 -97.03 12.98 70.57
C GLY Z 64 -97.79 12.92 71.86
N ASP Z 65 -98.11 14.07 72.45
CA ASP Z 65 -98.77 14.14 73.76
C ASP Z 65 -100.26 14.36 73.53
N ILE Z 66 -101.08 13.46 74.08
CA ILE Z 66 -102.53 13.58 73.98
C ILE Z 66 -103.16 13.52 75.36
N SER Z 67 -102.41 13.95 76.38
CA SER Z 67 -102.90 13.87 77.75
C SER Z 67 -104.12 14.76 77.95
N GLY Z 68 -104.11 15.96 77.38
CA GLY Z 68 -105.21 16.89 77.58
C GLY Z 68 -106.09 17.07 76.36
N GLN Z 69 -106.37 15.98 75.65
CA GLN Z 69 -107.19 16.00 74.45
C GLN Z 69 -108.32 14.99 74.58
N ASN Z 70 -109.05 14.81 73.48
CA ASN Z 70 -110.18 13.89 73.42
C ASN Z 70 -109.90 12.76 72.43
N LYS Z 71 -110.35 11.56 72.77
CA LYS Z 71 -110.09 10.38 71.94
C LYS Z 71 -111.30 10.10 71.05
N ASN Z 72 -111.28 8.95 70.38
CA ASN Z 72 -112.34 8.58 69.45
C ASN Z 72 -113.40 7.75 70.17
N ASN Z 73 -114.65 8.23 70.14
CA ASN Z 73 -115.75 7.46 70.66
C ASN Z 73 -116.13 6.35 69.68
N LEU Z 74 -116.79 5.32 70.20
CA LEU Z 74 -117.20 4.17 69.40
C LEU Z 74 -118.72 4.22 69.26
N ILE Z 75 -119.19 4.64 68.09
CA ILE Z 75 -120.61 4.66 67.79
C ILE Z 75 -120.90 3.59 66.75
N SER Z 76 -121.85 2.71 67.05
CA SER Z 76 -122.20 1.61 66.16
C SER Z 76 -123.60 1.81 65.59
N GLY Z 77 -123.79 1.31 64.39
CA GLY Z 77 -125.06 1.47 63.70
C GLY Z 77 -125.45 0.20 62.98
N LYS Z 78 -126.74 0.08 62.65
CA LYS Z 78 -127.27 -1.11 62.04
C LYS Z 78 -128.21 -0.75 60.91
N ALA Z 79 -128.31 -1.66 59.94
CA ALA Z 79 -129.23 -1.56 58.82
C ALA Z 79 -130.22 -2.72 58.89
N THR Z 80 -131.50 -2.43 58.74
CA THR Z 80 -132.55 -3.40 59.01
C THR Z 80 -133.31 -3.74 57.73
N GLY Z 81 -133.70 -5.01 57.63
CA GLY Z 81 -134.59 -5.48 56.58
C GLY Z 81 -135.89 -5.98 57.20
N ARG Z 82 -137.00 -5.75 56.49
CA ARG Z 82 -138.33 -6.00 57.01
C ARG Z 82 -139.11 -6.90 56.06
N VAL Z 83 -140.14 -7.53 56.61
CA VAL Z 83 -141.06 -8.39 55.85
C VAL Z 83 -141.85 -7.54 54.86
N GLY Z 84 -142.07 -8.07 53.66
CA GLY Z 84 -142.76 -7.33 52.62
C GLY Z 84 -144.27 -7.51 52.61
N ASN Z 85 -144.86 -7.55 51.43
CA ASN Z 85 -146.31 -7.59 51.26
C ASN Z 85 -146.74 -8.84 50.50
N TYR Z 86 -147.92 -9.33 50.84
CA TYR Z 86 -148.44 -10.54 50.20
C TYR Z 86 -148.71 -10.30 48.72
N ILE Z 87 -148.59 -11.37 47.94
CA ILE Z 87 -148.94 -11.38 46.52
C ILE Z 87 -149.84 -12.57 46.28
N THR Z 88 -151.12 -12.30 46.00
CA THR Z 88 -152.12 -13.35 45.93
C THR Z 88 -152.89 -13.28 44.62
N VAL Z 89 -153.15 -14.45 44.04
CA VAL Z 89 -154.03 -14.60 42.88
C VAL Z 89 -155.14 -15.57 43.27
N ALA Z 90 -156.39 -15.16 43.09
CA ALA Z 90 -157.50 -16.04 43.52
C ALA Z 90 -158.52 -16.23 42.39
N VAL Z 91 -158.91 -17.48 42.14
CA VAL Z 91 -159.86 -17.80 41.04
C VAL Z 91 -161.06 -18.55 41.64
N GLU Z 92 -162.27 -18.27 41.17
CA GLU Z 92 -163.48 -18.99 41.66
C GLU Z 92 -164.29 -19.49 40.46
N TYR Z 93 -164.99 -20.61 40.60
CA TYR Z 93 -165.82 -21.16 39.50
C TYR Z 93 -166.92 -22.01 40.14
N GLN Z 94 -167.94 -22.40 39.38
CA GLN Z 94 -169.07 -23.17 39.96
C GLN Z 94 -168.88 -24.64 39.64
N GLN Z 95 -169.56 -25.53 40.37
CA GLN Z 95 -169.48 -26.99 40.08
C GLN Z 95 -170.03 -27.27 38.69
N LEU Z 96 -171.10 -26.59 38.29
CA LEU Z 96 -171.74 -26.90 36.99
C LEU Z 96 -170.74 -26.67 35.87
N GLU Z 97 -169.98 -25.58 35.95
CA GLU Z 97 -169.00 -25.27 34.88
C GLU Z 97 -167.96 -26.39 34.80
N GLU Z 98 -167.50 -26.91 35.93
CA GLU Z 98 -166.42 -27.93 35.90
C GLU Z 98 -166.92 -29.13 35.13
N ALA Z 99 -168.16 -29.53 35.38
CA ALA Z 99 -168.74 -30.70 34.71
C ALA Z 99 -169.02 -30.48 33.21
N ILE Z 100 -169.58 -29.33 32.83
CA ILE Z 100 -170.05 -29.18 31.41
C ILE Z 100 -169.26 -28.22 30.51
N LYS Z 101 -168.40 -27.35 31.03
CA LYS Z 101 -167.73 -26.42 30.09
C LYS Z 101 -166.26 -26.21 30.42
N LEU Z 102 -165.67 -27.00 31.32
CA LEU Z 102 -164.23 -26.80 31.55
C LEU Z 102 -163.43 -28.00 31.04
N ASN Z 103 -162.63 -27.80 29.99
CA ASN Z 103 -161.77 -28.87 29.43
C ASN Z 103 -160.37 -28.26 29.35
N GLN Z 104 -159.32 -29.07 29.47
CA GLN Z 104 -157.93 -28.55 29.45
C GLN Z 104 -157.75 -27.53 30.57
N LEU Z 105 -158.29 -27.77 31.76
CA LEU Z 105 -158.23 -26.76 32.85
C LEU Z 105 -156.79 -26.47 33.27
N GLU Z 106 -155.94 -27.48 33.35
CA GLU Z 106 -154.57 -27.26 33.87
C GLU Z 106 -153.85 -26.26 32.96
N GLU Z 107 -154.03 -26.37 31.65
CA GLU Z 107 -153.41 -25.43 30.68
C GLU Z 107 -153.98 -24.03 30.91
N ILE Z 108 -155.26 -23.94 31.25
CA ILE Z 108 -155.89 -22.62 31.53
C ILE Z 108 -155.25 -21.97 32.76
N LEU Z 109 -154.93 -22.74 33.81
CA LEU Z 109 -154.43 -22.11 35.06
C LEU Z 109 -152.90 -22.00 35.07
N ALA Z 110 -152.22 -22.52 34.05
CA ALA Z 110 -150.74 -22.52 34.00
C ALA Z 110 -150.15 -21.10 33.98
N PRO Z 111 -150.74 -20.10 33.29
CA PRO Z 111 -150.19 -18.75 33.35
C PRO Z 111 -150.16 -18.09 34.74
N VAL Z 112 -150.91 -18.61 35.73
CA VAL Z 112 -151.01 -17.95 37.07
C VAL Z 112 -149.63 -17.85 37.72
N ARG Z 113 -148.82 -18.90 37.64
CA ARG Z 113 -147.50 -18.89 38.33
C ARG Z 113 -146.62 -17.76 37.76
N GLN Z 114 -146.69 -17.51 36.46
CA GLN Z 114 -145.91 -16.39 35.87
C GLN Z 114 -146.35 -15.07 36.47
N ARG Z 115 -147.65 -14.87 36.70
CA ARG Z 115 -148.09 -13.54 37.21
C ARG Z 115 -147.45 -13.33 38.58
N ILE Z 116 -147.44 -14.36 39.41
CA ILE Z 116 -146.93 -14.11 40.79
C ILE Z 116 -145.47 -13.66 40.68
N VAL Z 117 -144.68 -14.29 39.82
CA VAL Z 117 -143.27 -13.86 39.62
C VAL Z 117 -143.20 -12.46 38.99
N THR Z 118 -144.05 -12.13 38.02
CA THR Z 118 -143.91 -10.82 37.34
C THR Z 118 -144.14 -9.68 38.33
N ASP Z 119 -145.15 -9.78 39.20
CA ASP Z 119 -145.38 -8.73 40.21
C ASP Z 119 -144.22 -8.69 41.19
N LEU Z 120 -143.73 -9.86 41.59
CA LEU Z 120 -142.54 -9.87 42.49
C LEU Z 120 -141.49 -9.09 41.75
N GLU Z 121 -141.37 -9.31 40.44
CA GLU Z 121 -140.32 -8.44 39.84
C GLU Z 121 -140.72 -6.96 39.87
N THR Z 122 -141.96 -6.59 39.55
CA THR Z 122 -142.24 -5.11 39.56
C THR Z 122 -142.06 -4.49 40.94
N GLU Z 123 -142.79 -4.90 41.99
CA GLU Z 123 -142.66 -4.41 43.35
C GLU Z 123 -141.20 -4.17 43.72
N LEU Z 124 -140.30 -5.07 43.30
CA LEU Z 124 -138.89 -4.87 43.57
C LEU Z 124 -138.36 -3.61 42.90
N ALA Z 125 -138.76 -3.36 41.66
CA ALA Z 125 -138.32 -2.15 40.97
C ALA Z 125 -138.84 -0.91 41.67
N HIS Z 126 -140.10 -0.94 42.11
CA HIS Z 126 -140.65 0.18 42.85
C HIS Z 126 -139.86 0.44 44.13
N PHE Z 127 -139.57 -0.62 44.88
CA PHE Z 127 -138.78 -0.47 46.11
C PHE Z 127 -137.41 0.12 45.83
N MET Z 128 -136.74 -0.38 44.79
CA MET Z 128 -135.40 0.07 44.48
C MET Z 128 -135.38 1.55 44.08
N MET Z 129 -136.29 1.96 43.20
CA MET Z 129 -136.28 3.35 42.78
C MET Z 129 -136.84 4.27 43.86
N ASN Z 130 -137.58 3.72 44.83
CA ASN Z 130 -137.99 4.54 45.97
C ASN Z 130 -136.84 4.79 46.92
N ASN Z 131 -136.01 3.77 47.18
CA ASN Z 131 -134.95 3.89 48.18
C ASN Z 131 -133.59 4.26 47.60
N GLY Z 132 -133.46 4.42 46.29
CA GLY Z 132 -132.22 4.93 45.74
C GLY Z 132 -131.98 6.39 46.11
N ALA Z 133 -130.71 6.77 46.14
CA ALA Z 133 -130.33 8.11 46.57
C ALA Z 133 -129.63 8.92 45.50
N LEU Z 134 -128.59 8.38 44.88
CA LEU Z 134 -127.80 9.15 43.92
C LEU Z 134 -128.62 9.47 42.68
N SER Z 135 -128.15 10.48 41.93
CA SER Z 135 -128.85 10.94 40.75
C SER Z 135 -127.85 11.45 39.73
N LEU Z 136 -128.26 11.42 38.46
CA LEU Z 136 -127.43 11.89 37.36
C LEU Z 136 -128.31 12.40 36.23
N GLY Z 137 -127.84 13.45 35.57
CA GLY Z 137 -128.51 13.96 34.40
C GLY Z 137 -129.85 14.64 34.70
N SER Z 138 -130.51 15.04 33.63
CA SER Z 138 -131.82 15.67 33.69
C SER Z 138 -132.89 14.70 33.24
N PRO Z 139 -133.98 14.54 34.00
CA PRO Z 139 -134.95 13.48 33.70
C PRO Z 139 -135.63 13.61 32.34
N ASN Z 140 -135.71 14.81 31.77
CA ASN Z 140 -136.44 14.98 30.51
C ASN Z 140 -135.72 14.29 29.35
N THR Z 141 -134.40 14.45 29.28
CA THR Z 141 -133.64 13.98 28.12
C THR Z 141 -133.31 12.50 28.24
N PRO Z 142 -133.53 11.72 27.19
CA PRO Z 142 -133.13 10.31 27.22
C PRO Z 142 -131.63 10.14 27.06
N ILE Z 143 -131.19 8.90 27.10
CA ILE Z 143 -129.78 8.56 26.96
C ILE Z 143 -129.49 8.20 25.50
N THR Z 144 -128.43 8.78 24.95
CA THR Z 144 -128.08 8.56 23.55
C THR Z 144 -126.60 8.28 23.31
N LYS Z 145 -125.69 8.71 24.18
CA LYS Z 145 -124.26 8.65 23.90
C LYS Z 145 -123.54 7.75 24.89
N TRP Z 146 -122.28 7.46 24.57
CA TRP Z 146 -121.46 6.59 25.41
C TRP Z 146 -121.20 7.22 26.78
N SER Z 147 -121.05 8.55 26.82
CA SER Z 147 -120.84 9.23 28.08
C SER Z 147 -122.03 9.08 29.02
N ASP Z 148 -123.25 9.00 28.45
CA ASP Z 148 -124.44 8.86 29.27
C ASP Z 148 -124.44 7.58 30.09
N VAL Z 149 -123.66 6.58 29.69
CA VAL Z 149 -123.57 5.33 30.43
C VAL Z 149 -122.27 5.31 31.22
N ALA Z 150 -121.23 5.95 30.69
CA ALA Z 150 -119.95 5.99 31.40
C ALA Z 150 -120.05 6.80 32.69
N GLN Z 151 -120.97 7.77 32.74
CA GLN Z 151 -121.06 8.66 33.90
C GLN Z 151 -121.39 7.90 35.18
N THR Z 152 -122.23 6.86 35.10
CA THR Z 152 -122.61 6.12 36.30
C THR Z 152 -121.40 5.44 36.93
N ALA Z 153 -120.62 4.72 36.11
CA ALA Z 153 -119.43 4.05 36.61
C ALA Z 153 -118.42 5.05 37.13
N SER Z 154 -118.25 6.17 36.41
CA SER Z 154 -117.31 7.19 36.87
C SER Z 154 -117.73 7.74 38.23
N PHE Z 155 -119.02 8.00 38.41
CA PHE Z 155 -119.51 8.53 39.70
C PHE Z 155 -119.32 7.51 40.81
N LEU Z 156 -119.61 6.24 40.53
CA LEU Z 156 -119.42 5.22 41.56
C LEU Z 156 -117.95 5.11 41.98
N LYS Z 157 -117.04 5.12 41.00
CA LYS Z 157 -115.63 5.06 41.34
C LYS Z 157 -115.18 6.30 42.11
N ASP Z 158 -115.70 7.47 41.73
CA ASP Z 158 -115.32 8.70 42.43
C ASP Z 158 -115.81 8.68 43.87
N LEU Z 159 -117.02 8.16 44.10
CA LEU Z 159 -117.50 7.99 45.46
C LEU Z 159 -116.61 7.01 46.23
N GLY Z 160 -116.19 5.94 45.60
CA GLY Z 160 -115.27 5.02 46.23
C GLY Z 160 -115.86 3.67 46.57
N VAL Z 161 -116.76 3.18 45.72
CA VAL Z 161 -117.33 1.85 45.90
C VAL Z 161 -116.41 0.83 45.24
N ASN Z 162 -115.84 -0.07 46.04
CA ASN Z 162 -114.86 -1.03 45.53
C ASN Z 162 -115.37 -2.46 45.52
N GLU Z 163 -116.00 -2.93 46.60
CA GLU Z 163 -116.45 -4.31 46.69
C GLU Z 163 -117.75 -4.49 45.91
N GLY Z 164 -117.87 -5.62 45.22
CA GLY Z 164 -119.05 -5.92 44.45
C GLY Z 164 -118.96 -5.44 43.01
N GLU Z 165 -120.01 -5.75 42.27
CA GLU Z 165 -120.09 -5.41 40.85
C GLU Z 165 -121.14 -4.31 40.65
N ASN Z 166 -120.84 -3.39 39.74
CA ASN Z 166 -121.77 -2.33 39.39
C ASN Z 166 -122.67 -2.77 38.26
N TYR Z 167 -123.93 -2.32 38.28
CA TYR Z 167 -124.92 -2.71 37.29
C TYR Z 167 -125.68 -1.48 36.82
N ALA Z 168 -126.06 -1.51 35.54
CA ALA Z 168 -126.94 -0.49 34.97
C ALA Z 168 -128.01 -1.20 34.15
N VAL Z 169 -129.23 -0.65 34.16
CA VAL Z 169 -130.36 -1.26 33.49
C VAL Z 169 -130.96 -0.25 32.51
N MET Z 170 -131.24 -0.69 31.29
CA MET Z 170 -131.73 0.19 30.23
C MET Z 170 -133.04 -0.31 29.66
N ASP Z 171 -133.48 0.28 28.56
CA ASP Z 171 -134.69 -0.10 27.86
C ASP Z 171 -134.36 -0.39 26.41
N PRO Z 172 -135.20 -1.16 25.71
CA PRO Z 172 -134.86 -1.55 24.33
C PRO Z 172 -134.58 -0.38 23.39
N TRP Z 173 -135.31 0.73 23.53
CA TRP Z 173 -135.07 1.87 22.64
C TRP Z 173 -133.71 2.49 22.90
N SER Z 174 -133.32 2.61 24.17
CA SER Z 174 -131.99 3.13 24.49
C SER Z 174 -130.90 2.19 24.01
N ALA Z 175 -131.14 0.88 24.13
CA ALA Z 175 -130.19 -0.08 23.58
C ALA Z 175 -130.05 0.07 22.07
N GLN Z 176 -131.17 0.29 21.38
CA GLN Z 176 -131.13 0.50 19.93
C GLN Z 176 -130.35 1.76 19.59
N ARG Z 177 -130.55 2.84 20.34
CA ARG Z 177 -129.82 4.08 20.08
C ARG Z 177 -128.33 3.89 20.32
N LEU Z 178 -127.96 3.16 21.37
CA LEU Z 178 -126.54 2.90 21.63
C LEU Z 178 -125.94 2.03 20.53
N ALA Z 179 -126.69 1.05 20.03
CA ALA Z 179 -126.19 0.26 18.91
C ALA Z 179 -126.02 1.10 17.66
N ASP Z 180 -126.95 2.02 17.41
CA ASP Z 180 -126.80 2.94 16.28
C ASP Z 180 -125.54 3.78 16.43
N ALA Z 181 -125.27 4.26 17.64
CA ALA Z 181 -124.04 5.01 17.87
C ALA Z 181 -122.81 4.14 17.65
N GLN Z 182 -122.88 2.88 18.09
CA GLN Z 182 -121.73 1.99 17.94
C GLN Z 182 -121.45 1.66 16.48
N THR Z 183 -122.49 1.59 15.65
CA THR Z 183 -122.27 1.35 14.22
C THR Z 183 -121.48 2.46 13.54
N GLY Z 184 -121.18 3.55 14.25
CA GLY Z 184 -120.46 4.66 13.65
C GLY Z 184 -118.99 4.74 14.01
N LEU Z 185 -118.46 3.70 14.64
CA LEU Z 185 -117.03 3.66 14.95
C LEU Z 185 -116.22 3.53 13.67
N HIS Z 186 -114.89 3.52 13.81
CA HIS Z 186 -113.98 3.62 12.68
C HIS Z 186 -113.08 2.42 12.49
N ALA Z 187 -112.72 1.71 13.56
CA ALA Z 187 -111.68 0.68 13.45
C ALA Z 187 -112.10 -0.70 13.91
N SER Z 188 -112.96 -0.81 14.93
CA SER Z 188 -113.27 -2.11 15.53
C SER Z 188 -114.16 -2.90 14.59
N ASP Z 189 -113.53 -3.77 13.80
CA ASP Z 189 -114.24 -4.54 12.79
C ASP Z 189 -115.30 -5.43 13.42
N GLN Z 190 -114.95 -6.18 14.46
CA GLN Z 190 -115.90 -7.08 15.09
C GLN Z 190 -117.07 -6.31 15.70
N LEU Z 191 -116.78 -5.19 16.37
CA LEU Z 191 -117.86 -4.41 16.98
C LEU Z 191 -118.82 -3.87 15.94
N VAL Z 192 -118.30 -3.28 14.85
CA VAL Z 192 -119.21 -2.74 13.86
C VAL Z 192 -119.99 -3.86 13.16
N ARG Z 193 -119.36 -5.00 12.90
CA ARG Z 193 -120.08 -6.10 12.25
C ARG Z 193 -121.19 -6.62 13.14
N THR Z 194 -120.90 -6.83 14.43
CA THR Z 194 -121.92 -7.34 15.34
C THR Z 194 -123.06 -6.35 15.51
N ALA Z 195 -122.76 -5.06 15.65
CA ALA Z 195 -123.81 -4.08 15.81
C ALA Z 195 -124.63 -3.91 14.54
N TRP Z 196 -124.02 -4.09 13.37
CA TRP Z 196 -124.76 -3.97 12.12
C TRP Z 196 -125.66 -5.17 11.89
N GLU Z 197 -125.21 -6.37 12.28
CA GLU Z 197 -126.00 -7.56 12.01
C GLU Z 197 -127.04 -7.81 13.10
N ASN Z 198 -126.60 -8.00 14.34
CA ASN Z 198 -127.50 -8.39 15.42
C ASN Z 198 -127.94 -7.24 16.31
N ALA Z 199 -127.35 -6.05 16.17
CA ALA Z 199 -127.71 -4.88 16.97
C ALA Z 199 -127.64 -5.19 18.47
N GLN Z 200 -126.46 -5.65 18.89
CA GLN Z 200 -126.22 -6.03 20.29
C GLN Z 200 -125.00 -5.28 20.79
N ILE Z 201 -125.17 -4.51 21.86
CA ILE Z 201 -124.06 -3.83 22.53
C ILE Z 201 -123.26 -4.89 23.30
N PRO Z 202 -121.97 -4.66 23.56
CA PRO Z 202 -121.18 -5.68 24.27
C PRO Z 202 -121.57 -5.81 25.73
N THR Z 203 -120.93 -6.76 26.43
CA THR Z 203 -121.22 -6.97 27.84
C THR Z 203 -120.79 -5.78 28.68
N ASN Z 204 -119.57 -5.31 28.48
CA ASN Z 204 -119.04 -4.16 29.19
C ASN Z 204 -119.27 -2.90 28.37
N PHE Z 205 -119.73 -1.84 29.03
CA PHE Z 205 -120.02 -0.58 28.37
C PHE Z 205 -119.63 0.56 29.30
N GLY Z 206 -118.48 1.17 29.05
CA GLY Z 206 -118.02 2.26 29.87
C GLY Z 206 -117.49 1.86 31.24
N GLY Z 207 -117.09 0.60 31.40
CA GLY Z 207 -116.60 0.12 32.67
C GLY Z 207 -117.67 -0.39 33.61
N ILE Z 208 -118.94 -0.32 33.23
CA ILE Z 208 -120.04 -0.82 34.04
C ILE Z 208 -120.75 -1.91 33.24
N ARG Z 209 -121.36 -2.85 33.97
CA ARG Z 209 -122.11 -3.93 33.34
C ARG Z 209 -123.51 -3.44 33.01
N ALA Z 210 -123.80 -3.31 31.72
CA ALA Z 210 -125.07 -2.78 31.25
C ALA Z 210 -125.97 -3.93 30.80
N LEU Z 211 -127.24 -3.87 31.16
CA LEU Z 211 -128.22 -4.86 30.77
C LEU Z 211 -129.42 -4.16 30.15
N MET Z 212 -130.09 -4.86 29.24
CA MET Z 212 -131.27 -4.35 28.57
C MET Z 212 -132.48 -5.17 29.00
N SER Z 213 -133.50 -4.50 29.51
CA SER Z 213 -134.69 -5.18 30.00
C SER Z 213 -135.92 -4.36 29.66
N ASN Z 214 -136.92 -5.03 29.07
CA ASN Z 214 -138.18 -4.37 28.77
C ASN Z 214 -139.04 -4.17 30.00
N GLY Z 215 -139.00 -5.10 30.95
CA GLY Z 215 -139.76 -4.97 32.17
C GLY Z 215 -139.14 -3.98 33.14
N LEU Z 216 -139.80 -2.84 33.32
CA LEU Z 216 -139.28 -1.78 34.16
C LEU Z 216 -140.42 -0.84 34.52
N ALA Z 217 -140.53 -0.49 35.79
CA ALA Z 217 -141.66 0.29 36.27
C ALA Z 217 -141.57 1.73 35.75
N SER Z 218 -142.64 2.48 35.97
CA SER Z 218 -142.73 3.87 35.55
C SER Z 218 -143.20 4.71 36.73
N ARG Z 219 -142.84 6.00 36.69
CA ARG Z 219 -143.13 6.89 37.81
C ARG Z 219 -143.70 8.19 37.27
N THR Z 220 -144.66 8.74 38.01
CA THR Z 220 -145.27 10.02 37.70
C THR Z 220 -144.73 11.08 38.66
N GLN Z 221 -144.29 12.20 38.09
CA GLN Z 221 -143.53 13.17 38.86
C GLN Z 221 -144.37 13.79 39.98
N GLY Z 222 -145.55 14.30 39.65
CA GLY Z 222 -146.37 14.99 40.62
C GLY Z 222 -146.21 16.49 40.55
N ALA Z 223 -147.32 17.22 40.56
CA ALA Z 223 -147.29 18.65 40.32
C ALA Z 223 -146.63 19.40 41.49
N PHE Z 224 -145.85 20.43 41.14
CA PHE Z 224 -145.25 21.32 42.12
C PHE Z 224 -144.88 22.62 41.43
N GLY Z 225 -144.49 23.61 42.22
CA GLY Z 225 -144.09 24.89 41.67
C GLY Z 225 -143.67 25.84 42.77
N GLY Z 226 -142.94 26.87 42.36
CA GLY Z 226 -142.48 27.91 43.25
C GLY Z 226 -141.08 27.63 43.79
N THR Z 227 -140.38 28.70 44.14
CA THR Z 227 -139.06 28.56 44.74
C THR Z 227 -139.19 28.00 46.14
N LEU Z 228 -138.34 27.03 46.47
CA LEU Z 228 -138.41 26.33 47.74
C LEU Z 228 -137.11 26.51 48.51
N THR Z 229 -137.24 26.75 49.81
CA THR Z 229 -136.11 26.83 50.73
C THR Z 229 -136.45 26.09 52.00
N VAL Z 230 -135.41 25.59 52.69
CA VAL Z 230 -135.61 24.89 53.94
C VAL Z 230 -136.01 25.89 55.02
N LYS Z 231 -137.01 25.52 55.82
CA LYS Z 231 -137.55 26.40 56.85
C LYS Z 231 -136.78 26.26 58.16
N THR Z 232 -136.73 25.05 58.71
CA THR Z 232 -136.10 24.79 59.99
C THR Z 232 -134.86 23.93 59.78
N GLN Z 233 -133.78 24.28 60.46
CA GLN Z 233 -132.54 23.53 60.35
C GLN Z 233 -132.73 22.15 60.98
N PRO Z 234 -132.50 21.06 60.25
CA PRO Z 234 -132.74 19.73 60.81
C PRO Z 234 -131.53 19.22 61.59
N THR Z 235 -131.77 18.14 62.33
CA THR Z 235 -130.74 17.47 63.13
C THR Z 235 -130.26 16.26 62.34
N VAL Z 236 -129.00 16.29 61.91
CA VAL Z 236 -128.44 15.23 61.07
C VAL Z 236 -127.23 14.60 61.74
N THR Z 237 -127.24 14.57 63.07
CA THR Z 237 -126.14 13.95 63.80
C THR Z 237 -126.16 12.43 63.63
N TYR Z 238 -124.96 11.84 63.72
CA TYR Z 238 -124.84 10.40 63.53
C TYR Z 238 -125.61 9.63 64.60
N ASN Z 239 -125.59 10.10 65.85
CA ASN Z 239 -126.38 9.45 66.89
C ASN Z 239 -127.86 9.45 66.53
N ALA Z 240 -128.33 10.53 65.88
CA ALA Z 240 -129.75 10.62 65.53
C ALA Z 240 -130.10 9.72 64.35
N VAL Z 241 -129.26 9.69 63.31
CA VAL Z 241 -129.64 9.02 62.06
C VAL Z 241 -128.72 7.84 61.77
N LYS Z 242 -128.21 7.19 62.80
CA LYS Z 242 -127.27 6.09 62.63
C LYS Z 242 -127.95 4.75 62.37
N ASP Z 243 -129.28 4.68 62.39
CA ASP Z 243 -129.99 3.42 62.25
C ASP Z 243 -130.84 3.31 61.01
N SER Z 244 -131.11 4.41 60.30
CA SER Z 244 -132.04 4.36 59.17
C SER Z 244 -131.47 5.02 57.92
N TYR Z 245 -130.60 6.00 58.10
CA TYR Z 245 -130.19 6.90 57.01
C TYR Z 245 -131.41 7.54 56.35
N GLN Z 246 -132.40 7.89 57.17
CA GLN Z 246 -133.58 8.61 56.73
C GLN Z 246 -133.84 9.75 57.68
N PHE Z 247 -134.19 10.91 57.14
CA PHE Z 247 -134.44 12.08 57.97
C PHE Z 247 -135.61 12.88 57.41
N THR Z 248 -136.28 13.60 58.30
CA THR Z 248 -137.46 14.38 57.96
C THR Z 248 -137.11 15.87 57.96
N VAL Z 249 -137.58 16.58 56.94
CA VAL Z 249 -137.28 17.99 56.78
C VAL Z 249 -138.54 18.73 56.36
N THR Z 250 -138.66 19.98 56.81
CA THR Z 250 -139.78 20.84 56.47
C THR Z 250 -139.30 21.99 55.59
N LEU Z 251 -140.10 22.30 54.57
CA LEU Z 251 -139.76 23.30 53.57
C LEU Z 251 -140.87 24.32 53.49
N THR Z 252 -140.48 25.56 53.17
CA THR Z 252 -141.41 26.68 53.06
C THR Z 252 -141.29 27.33 51.69
N GLY Z 253 -142.30 28.11 51.34
CA GLY Z 253 -142.32 28.80 50.06
C GLY Z 253 -143.03 28.07 48.94
N ALA Z 254 -143.80 27.03 49.25
CA ALA Z 254 -144.47 26.24 48.23
C ALA Z 254 -145.81 26.90 47.86
N THR Z 255 -146.56 26.25 46.97
CA THR Z 255 -147.88 26.74 46.60
C THR Z 255 -148.84 26.58 47.77
N ALA Z 256 -149.83 27.48 47.81
CA ALA Z 256 -150.74 27.61 48.96
C ALA Z 256 -151.36 26.29 49.39
N SER Z 257 -152.10 25.62 48.50
CA SER Z 257 -152.76 24.37 48.87
C SER Z 257 -152.91 23.52 47.61
N VAL Z 258 -151.99 22.57 47.43
CA VAL Z 258 -152.05 21.58 46.37
C VAL Z 258 -151.75 20.21 46.97
N THR Z 259 -152.60 19.24 46.68
CA THR Z 259 -152.36 17.88 47.14
C THR Z 259 -151.37 17.18 46.21
N GLY Z 260 -150.61 16.25 46.78
CA GLY Z 260 -149.59 15.56 46.01
C GLY Z 260 -148.51 16.50 45.52
N PHE Z 261 -148.02 17.36 46.41
CA PHE Z 261 -146.95 18.29 46.03
C PHE Z 261 -145.69 17.54 45.60
N LEU Z 262 -145.33 16.51 46.36
CA LEU Z 262 -144.22 15.63 46.01
C LEU Z 262 -144.68 14.18 46.14
N LYS Z 263 -144.27 13.36 45.19
CA LYS Z 263 -144.65 11.95 45.15
C LYS Z 263 -143.44 11.06 45.38
N ALA Z 264 -143.70 9.77 45.56
CA ALA Z 264 -142.65 8.80 45.86
C ALA Z 264 -141.76 8.62 44.64
N GLY Z 265 -140.48 8.99 44.77
CA GLY Z 265 -139.55 8.84 43.68
C GLY Z 265 -138.88 10.14 43.26
N ASP Z 266 -139.48 11.26 43.65
CA ASP Z 266 -138.92 12.57 43.30
C ASP Z 266 -137.59 12.78 44.00
N GLN Z 267 -136.75 13.62 43.41
CA GLN Z 267 -135.41 13.89 43.93
C GLN Z 267 -135.26 15.38 44.20
N VAL Z 268 -134.74 15.70 45.39
CA VAL Z 268 -134.53 17.07 45.83
C VAL Z 268 -133.02 17.31 45.95
N LYS Z 269 -132.55 18.41 45.38
CA LYS Z 269 -131.14 18.76 45.35
C LYS Z 269 -130.91 20.00 46.20
N PHE Z 270 -129.90 19.96 47.06
CA PHE Z 270 -129.52 21.10 47.88
C PHE Z 270 -128.42 21.86 47.14
N THR Z 271 -128.70 23.10 46.74
CA THR Z 271 -127.86 23.77 45.76
C THR Z 271 -126.45 24.03 46.29
N ASN Z 272 -126.34 24.65 47.46
CA ASN Z 272 -125.06 25.14 47.93
C ASN Z 272 -124.27 24.10 48.72
N THR Z 273 -124.81 22.89 48.89
CA THR Z 273 -124.21 21.87 49.74
C THR Z 273 -123.72 20.71 48.87
N TYR Z 274 -122.46 20.33 49.06
CA TYR Z 274 -121.80 19.40 48.15
C TYR Z 274 -121.57 18.05 48.80
N TRP Z 275 -121.36 17.04 47.96
CA TRP Z 275 -120.99 15.70 48.39
C TRP Z 275 -119.58 15.69 48.94
N LEU Z 276 -119.14 14.51 49.38
CA LEU Z 276 -117.79 14.31 49.88
C LEU Z 276 -117.28 12.97 49.38
N GLN Z 277 -115.97 12.76 49.49
CA GLN Z 277 -115.36 11.47 49.24
C GLN Z 277 -115.34 10.71 50.57
N GLN Z 278 -115.99 9.55 50.60
CA GLN Z 278 -116.31 8.89 51.86
C GLN Z 278 -115.08 8.41 52.63
N GLN Z 279 -113.90 8.35 52.01
CA GLN Z 279 -112.70 7.88 52.68
C GLN Z 279 -111.71 8.99 52.96
N THR Z 280 -111.41 9.83 51.98
CA THR Z 280 -110.42 10.89 52.14
C THR Z 280 -111.02 12.19 52.63
N LYS Z 281 -112.34 12.28 52.74
CA LYS Z 281 -113.04 13.45 53.29
C LYS Z 281 -112.66 14.73 52.57
N GLN Z 282 -112.77 14.70 51.25
CA GLN Z 282 -112.51 15.86 50.40
C GLN Z 282 -113.72 16.13 49.52
N ALA Z 283 -113.92 17.39 49.15
CA ALA Z 283 -115.08 17.76 48.36
C ALA Z 283 -114.98 17.20 46.95
N LEU Z 284 -116.14 16.83 46.38
CA LEU Z 284 -116.20 16.30 45.04
C LEU Z 284 -116.19 17.45 44.03
N TYR Z 285 -115.45 17.26 42.93
CA TYR Z 285 -115.34 18.26 41.88
C TYR Z 285 -115.61 17.59 40.53
N ASN Z 286 -116.52 18.18 39.76
CA ASN Z 286 -116.94 17.61 38.48
C ASN Z 286 -116.76 18.68 37.40
N GLY Z 287 -115.56 18.74 36.84
CA GLY Z 287 -115.28 19.67 35.76
C GLY Z 287 -115.50 21.13 36.14
N ALA Z 288 -116.56 21.72 35.59
CA ALA Z 288 -116.82 23.14 35.83
C ALA Z 288 -117.37 23.38 37.23
N THR Z 289 -118.29 22.54 37.68
CA THR Z 289 -118.98 22.77 38.95
C THR Z 289 -118.96 21.53 39.81
N PRO Z 290 -118.89 21.69 41.13
CA PRO Z 290 -118.95 20.53 42.03
C PRO Z 290 -120.34 19.91 42.04
N ILE Z 291 -120.40 18.69 42.57
CA ILE Z 291 -121.63 17.90 42.62
C ILE Z 291 -122.39 18.26 43.88
N SER Z 292 -123.68 18.53 43.74
CA SER Z 292 -124.52 18.92 44.86
C SER Z 292 -125.21 17.71 45.47
N PHE Z 293 -125.46 17.78 46.77
CA PHE Z 293 -126.13 16.70 47.48
C PHE Z 293 -127.58 16.59 47.03
N THR Z 294 -128.09 15.36 47.02
CA THR Z 294 -129.45 15.09 46.59
C THR Z 294 -130.04 13.96 47.44
N ALA Z 295 -131.36 13.91 47.48
CA ALA Z 295 -132.07 12.92 48.28
C ALA Z 295 -133.36 12.55 47.54
N THR Z 296 -133.95 11.43 47.94
CA THR Z 296 -135.15 10.90 47.30
C THR Z 296 -136.31 10.88 48.29
N VAL Z 297 -137.48 11.24 47.79
CA VAL Z 297 -138.69 11.31 48.61
C VAL Z 297 -139.23 9.89 48.78
N THR Z 298 -139.44 9.50 50.03
CA THR Z 298 -139.91 8.14 50.33
C THR Z 298 -141.43 8.01 50.26
N ALA Z 299 -142.17 8.99 50.76
CA ALA Z 299 -143.63 8.92 50.74
C ALA Z 299 -144.18 10.25 50.24
N ASP Z 300 -145.33 10.16 49.58
CA ASP Z 300 -145.96 11.35 49.01
C ASP Z 300 -146.42 12.31 50.11
N ALA Z 301 -146.45 13.59 49.78
CA ALA Z 301 -146.81 14.63 50.73
C ALA Z 301 -147.78 15.61 50.07
N ASN Z 302 -148.61 16.23 50.91
CA ASN Z 302 -149.58 17.23 50.48
C ASN Z 302 -149.23 18.56 51.13
N SER Z 303 -149.21 19.62 50.31
CA SER Z 303 -148.94 20.94 50.84
C SER Z 303 -150.10 21.42 51.69
N ASP Z 304 -149.77 22.23 52.70
CA ASP Z 304 -150.76 22.79 53.61
C ASP Z 304 -150.85 24.30 53.39
N SER Z 305 -151.94 24.88 53.89
CA SER Z 305 -152.14 26.32 53.77
C SER Z 305 -150.97 27.07 54.41
N GLY Z 306 -150.48 28.09 53.70
CA GLY Z 306 -149.31 28.84 54.13
C GLY Z 306 -148.04 28.50 53.39
N GLY Z 307 -148.02 27.43 52.60
CA GLY Z 307 -146.86 27.10 51.82
C GLY Z 307 -145.78 26.34 52.57
N ASP Z 308 -146.15 25.20 53.16
CA ASP Z 308 -145.19 24.37 53.87
C ASP Z 308 -145.37 22.93 53.42
N VAL Z 309 -144.30 22.14 53.55
CA VAL Z 309 -144.37 20.74 53.18
C VAL Z 309 -143.35 19.97 54.03
N THR Z 310 -143.77 18.81 54.52
CA THR Z 310 -142.92 17.96 55.35
C THR Z 310 -142.61 16.68 54.60
N VAL Z 311 -141.31 16.37 54.44
CA VAL Z 311 -140.87 15.27 53.60
C VAL Z 311 -139.91 14.38 54.38
N THR Z 312 -140.10 13.08 54.22
CA THR Z 312 -139.22 12.06 54.80
C THR Z 312 -138.29 11.57 53.71
N LEU Z 313 -137.06 12.07 53.69
CA LEU Z 313 -136.10 11.74 52.66
C LEU Z 313 -135.18 10.62 53.13
N SER Z 314 -134.68 9.85 52.17
CA SER Z 314 -133.73 8.78 52.40
C SER Z 314 -132.37 9.22 51.89
N GLY Z 315 -131.34 9.10 52.73
CA GLY Z 315 -130.04 9.63 52.43
C GLY Z 315 -129.78 10.88 53.23
N VAL Z 316 -128.99 10.76 54.30
CA VAL Z 316 -128.85 11.84 55.27
C VAL Z 316 -127.56 12.62 55.01
N PRO Z 317 -127.60 13.94 55.07
CA PRO Z 317 -126.37 14.76 54.97
C PRO Z 317 -125.70 14.96 56.32
N ILE Z 318 -124.99 13.94 56.77
CA ILE Z 318 -124.43 13.94 58.12
C ILE Z 318 -123.31 14.96 58.21
N TYR Z 319 -123.44 15.90 59.16
CA TYR Z 319 -122.38 16.86 59.47
C TYR Z 319 -122.35 16.99 60.99
N ASP Z 320 -121.51 16.18 61.63
CA ASP Z 320 -121.43 16.16 63.09
C ASP Z 320 -120.16 16.89 63.54
N THR Z 321 -120.32 17.79 64.51
CA THR Z 321 -119.20 18.57 65.01
C THR Z 321 -118.42 17.86 66.12
N THR Z 322 -118.93 16.75 66.65
CA THR Z 322 -118.24 16.01 67.69
C THR Z 322 -117.78 14.63 67.24
N ASN Z 323 -118.25 14.14 66.09
CA ASN Z 323 -117.80 12.88 65.51
C ASN Z 323 -117.42 13.13 64.05
N PRO Z 324 -116.32 13.85 63.82
CA PRO Z 324 -115.99 14.26 62.44
C PRO Z 324 -115.71 13.09 61.51
N GLN Z 325 -115.36 11.93 62.05
CA GLN Z 325 -115.00 10.80 61.19
C GLN Z 325 -116.18 10.28 60.40
N TYR Z 326 -117.41 10.55 60.84
CA TYR Z 326 -118.61 10.04 60.19
C TYR Z 326 -119.26 11.06 59.27
N ASN Z 327 -118.61 12.20 59.04
CA ASN Z 327 -119.16 13.19 58.11
C ASN Z 327 -119.16 12.63 56.70
N SER Z 328 -120.20 13.00 55.94
CA SER Z 328 -120.29 12.60 54.54
C SER Z 328 -120.67 13.77 53.64
N VAL Z 329 -120.70 14.99 54.17
CA VAL Z 329 -121.14 16.17 53.43
C VAL Z 329 -120.31 17.34 53.89
N SER Z 330 -120.08 18.29 52.97
CA SER Z 330 -119.08 19.33 53.17
C SER Z 330 -119.49 20.43 54.13
N ARG Z 331 -120.78 20.58 54.43
CA ARG Z 331 -121.22 21.64 55.33
C ARG Z 331 -122.56 21.28 55.94
N GLN Z 332 -122.94 22.04 56.96
CA GLN Z 332 -124.21 21.84 57.64
C GLN Z 332 -125.33 22.55 56.88
N VAL Z 333 -126.44 21.85 56.67
CA VAL Z 333 -127.60 22.44 56.00
C VAL Z 333 -128.40 23.21 57.05
N GLU Z 334 -128.29 24.53 57.00
CA GLU Z 334 -128.95 25.40 57.96
C GLU Z 334 -130.30 25.84 57.40
N ALA Z 335 -130.92 26.84 58.02
CA ALA Z 335 -132.22 27.34 57.60
C ALA Z 335 -132.04 28.48 56.62
N GLY Z 336 -132.74 28.39 55.49
CA GLY Z 336 -132.68 29.42 54.46
C GLY Z 336 -131.91 29.05 53.22
N ASP Z 337 -131.34 27.85 53.15
CA ASP Z 337 -130.58 27.45 51.97
C ASP Z 337 -131.51 27.07 50.83
N ALA Z 338 -130.95 27.00 49.62
CA ALA Z 338 -131.73 26.79 48.41
C ALA Z 338 -131.83 25.31 48.08
N VAL Z 339 -133.05 24.87 47.77
CA VAL Z 339 -133.32 23.51 47.34
C VAL Z 339 -134.12 23.56 46.04
N SER Z 340 -134.07 22.46 45.29
CA SER Z 340 -134.80 22.40 44.03
C SER Z 340 -135.13 20.96 43.68
N VAL Z 341 -136.34 20.73 43.20
CA VAL Z 341 -136.79 19.40 42.79
C VAL Z 341 -136.39 19.19 41.33
N VAL Z 342 -135.80 18.05 41.04
CA VAL Z 342 -135.31 17.76 39.70
C VAL Z 342 -136.50 17.36 38.82
N GLY Z 343 -136.41 17.66 37.54
CA GLY Z 343 -137.41 17.25 36.57
C GLY Z 343 -138.38 18.36 36.23
N THR Z 344 -139.42 17.98 35.50
CA THR Z 344 -140.48 18.88 35.06
C THR Z 344 -141.69 18.67 35.97
N ALA Z 345 -142.75 19.43 35.73
CA ALA Z 345 -143.87 19.49 36.66
C ALA Z 345 -144.55 18.13 36.82
N SER Z 346 -145.22 17.65 35.77
CA SER Z 346 -146.07 16.46 35.89
C SER Z 346 -145.88 15.53 34.69
N GLN Z 347 -144.64 15.31 34.30
CA GLN Z 347 -144.35 14.39 33.21
C GLN Z 347 -144.22 12.97 33.74
N THR Z 348 -144.58 12.00 32.91
CA THR Z 348 -144.45 10.59 33.23
C THR Z 348 -143.27 10.02 32.46
N MET Z 349 -142.46 9.23 33.16
CA MET Z 349 -141.21 8.74 32.59
C MET Z 349 -141.01 7.28 33.00
N LYS Z 350 -139.95 6.69 32.46
CA LYS Z 350 -139.54 5.31 32.77
C LYS Z 350 -138.09 5.38 33.20
N PRO Z 351 -137.83 5.50 34.51
CA PRO Z 351 -136.45 5.77 34.96
C PRO Z 351 -135.51 4.61 34.69
N ASN Z 352 -134.25 4.94 34.51
CA ASN Z 352 -133.17 3.97 34.37
C ASN Z 352 -132.39 3.89 35.68
N LEU Z 353 -132.08 2.66 36.10
CA LEU Z 353 -131.51 2.40 37.42
C LEU Z 353 -130.07 1.94 37.28
N PHE Z 354 -129.19 2.53 38.07
CA PHE Z 354 -127.82 2.06 38.21
C PHE Z 354 -127.50 1.87 39.68
N TYR Z 355 -126.86 0.77 40.02
CA TYR Z 355 -126.66 0.43 41.42
C TYR Z 355 -125.40 -0.42 41.58
N ASN Z 356 -125.10 -0.75 42.83
CA ASN Z 356 -124.02 -1.67 43.16
C ASN Z 356 -124.63 -3.01 43.57
N LYS Z 357 -123.77 -4.03 43.66
CA LYS Z 357 -124.25 -5.36 44.06
C LYS Z 357 -124.84 -5.34 45.46
N PHE Z 358 -124.21 -4.60 46.39
CA PHE Z 358 -124.61 -4.62 47.79
C PHE Z 358 -125.47 -3.43 48.18
N PHE Z 359 -126.34 -2.97 47.28
CA PHE Z 359 -127.28 -1.90 47.56
C PHE Z 359 -128.55 -2.41 48.23
N CYS Z 360 -129.24 -3.34 47.58
CA CYS Z 360 -130.50 -3.90 48.04
C CYS Z 360 -130.37 -5.42 48.14
N GLY Z 361 -131.37 -6.03 48.78
CA GLY Z 361 -131.38 -7.46 48.97
C GLY Z 361 -132.78 -8.03 49.08
N LEU Z 362 -133.01 -9.18 48.45
CA LEU Z 362 -134.32 -9.78 48.33
C LEU Z 362 -134.32 -11.19 48.88
N GLY Z 363 -135.33 -11.52 49.68
CA GLY Z 363 -135.49 -12.87 50.21
C GLY Z 363 -136.94 -13.26 50.22
N SER Z 364 -137.20 -14.52 50.53
CA SER Z 364 -138.56 -15.04 50.60
C SER Z 364 -138.77 -15.76 51.92
N ILE Z 365 -140.01 -15.77 52.38
CA ILE Z 365 -140.39 -16.39 53.65
C ILE Z 365 -141.33 -17.55 53.35
N PRO Z 366 -141.08 -18.73 53.91
CA PRO Z 366 -142.01 -19.85 53.71
C PRO Z 366 -143.32 -19.59 54.44
N LEU Z 367 -144.36 -20.33 54.02
CA LEU Z 367 -145.69 -20.18 54.57
C LEU Z 367 -146.22 -21.52 55.06
N PRO Z 368 -146.93 -21.53 56.18
CA PRO Z 368 -147.47 -22.80 56.71
C PRO Z 368 -148.77 -23.20 56.03
N LYS Z 369 -149.37 -24.29 56.49
CA LYS Z 369 -150.62 -24.80 55.96
C LYS Z 369 -151.77 -24.39 56.86
N LEU Z 370 -152.88 -23.96 56.24
CA LEU Z 370 -154.04 -23.53 57.00
C LEU Z 370 -154.74 -24.73 57.64
N HIS Z 371 -155.81 -24.45 58.37
CA HIS Z 371 -156.51 -25.47 59.13
C HIS Z 371 -157.60 -26.11 58.27
N SER Z 372 -157.57 -27.43 58.15
CA SER Z 372 -158.61 -28.21 57.48
C SER Z 372 -158.86 -27.71 56.05
N ILE Z 373 -157.79 -27.35 55.36
CA ILE Z 373 -157.86 -26.88 53.97
C ILE Z 373 -156.77 -27.58 53.18
N ASP Z 374 -157.14 -28.21 52.07
CA ASP Z 374 -156.16 -28.86 51.22
C ASP Z 374 -155.28 -27.83 50.53
N SER Z 375 -153.99 -28.15 50.43
CA SER Z 375 -153.01 -27.22 49.91
C SER Z 375 -151.87 -28.01 49.29
N ALA Z 376 -151.02 -27.29 48.55
CA ALA Z 376 -149.84 -27.86 47.92
C ALA Z 376 -148.82 -26.75 47.72
N VAL Z 377 -147.63 -27.14 47.29
CA VAL Z 377 -146.54 -26.20 47.10
C VAL Z 377 -145.86 -26.47 45.77
N ALA Z 378 -145.48 -25.41 45.07
CA ALA Z 378 -144.76 -25.51 43.81
C ALA Z 378 -143.58 -24.55 43.84
N THR Z 379 -142.66 -24.73 42.90
CA THR Z 379 -141.46 -23.92 42.82
C THR Z 379 -141.27 -23.39 41.41
N TYR Z 380 -140.60 -22.24 41.33
CA TYR Z 380 -140.43 -21.57 40.04
C TYR Z 380 -139.28 -20.59 40.17
N GLU Z 381 -138.16 -20.87 39.48
CA GLU Z 381 -136.88 -20.18 39.68
C GLU Z 381 -136.60 -19.90 41.16
N GLY Z 382 -136.71 -20.94 41.97
CA GLY Z 382 -136.39 -20.85 43.37
C GLY Z 382 -137.50 -20.29 44.24
N PHE Z 383 -138.42 -19.52 43.68
CA PHE Z 383 -139.52 -18.98 44.46
C PHE Z 383 -140.53 -20.08 44.74
N SER Z 384 -140.95 -20.20 45.99
CA SER Z 384 -141.88 -21.23 46.42
C SER Z 384 -143.25 -20.61 46.60
N ILE Z 385 -144.26 -21.19 45.95
CA ILE Z 385 -145.63 -20.68 45.98
C ILE Z 385 -146.53 -21.75 46.57
N ARG Z 386 -147.31 -21.37 47.58
CA ARG Z 386 -148.27 -22.26 48.22
C ARG Z 386 -149.66 -21.98 47.68
N VAL Z 387 -150.37 -23.05 47.30
CA VAL Z 387 -151.71 -22.96 46.73
C VAL Z 387 -152.68 -23.65 47.67
N HIS Z 388 -153.78 -22.96 47.97
CA HIS Z 388 -154.86 -23.49 48.80
C HIS Z 388 -156.09 -23.71 47.93
N LYS Z 389 -156.69 -24.90 48.06
CA LYS Z 389 -157.89 -25.26 47.31
C LYS Z 389 -159.01 -25.54 48.27
N TYR Z 390 -160.17 -24.92 48.05
CA TYR Z 390 -161.31 -25.13 48.94
C TYR Z 390 -162.59 -24.77 48.18
N ALA Z 391 -163.70 -24.76 48.91
CA ALA Z 391 -164.99 -24.47 48.31
C ALA Z 391 -165.94 -23.93 49.36
N ASP Z 392 -166.90 -23.13 48.90
CA ASP Z 392 -168.01 -22.68 49.74
C ASP Z 392 -169.22 -23.59 49.50
N GLY Z 393 -169.27 -24.66 50.30
CA GLY Z 393 -170.13 -25.79 49.99
C GLY Z 393 -171.60 -25.44 49.90
N ASP Z 394 -172.08 -24.52 50.74
CA ASP Z 394 -173.50 -24.21 50.79
C ASP Z 394 -173.95 -23.24 49.71
N ALA Z 395 -173.03 -22.74 48.89
CA ALA Z 395 -173.37 -21.95 47.71
C ALA Z 395 -172.85 -22.56 46.42
N ASN Z 396 -172.14 -23.69 46.50
CA ASN Z 396 -171.67 -24.44 45.33
C ASN Z 396 -170.73 -23.58 44.47
N VAL Z 397 -169.62 -23.18 45.07
CA VAL Z 397 -168.60 -22.38 44.40
C VAL Z 397 -167.22 -22.89 44.81
N GLN Z 398 -166.42 -23.29 43.84
CA GLN Z 398 -165.04 -23.70 44.08
C GLN Z 398 -164.15 -22.48 44.25
N LYS Z 399 -162.95 -22.70 44.80
CA LYS Z 399 -162.06 -21.58 45.09
C LYS Z 399 -160.62 -22.07 45.14
N MET Z 400 -159.72 -21.29 44.53
CA MET Z 400 -158.29 -21.53 44.56
C MET Z 400 -157.60 -20.22 44.91
N ARG Z 401 -156.47 -20.33 45.60
CA ARG Z 401 -155.68 -19.13 45.86
C ARG Z 401 -154.20 -19.49 45.93
N PHE Z 402 -153.36 -18.52 45.61
CA PHE Z 402 -151.91 -18.67 45.61
C PHE Z 402 -151.29 -17.62 46.51
N ASP Z 403 -150.17 -17.95 47.16
CA ASP Z 403 -149.55 -17.06 48.13
C ASP Z 403 -148.07 -16.91 47.86
N LEU Z 404 -147.51 -15.79 48.30
CA LEU Z 404 -146.09 -15.52 48.27
C LEU Z 404 -145.78 -14.39 49.24
N LEU Z 405 -144.65 -14.50 49.93
CA LEU Z 405 -144.23 -13.50 50.91
C LEU Z 405 -142.77 -13.14 50.69
N PRO Z 406 -142.48 -11.99 50.10
CA PRO Z 406 -141.10 -11.54 49.95
C PRO Z 406 -140.66 -10.64 51.09
N ALA Z 407 -139.38 -10.28 51.07
CA ALA Z 407 -138.80 -9.40 52.07
C ALA Z 407 -137.64 -8.64 51.43
N TYR Z 408 -137.60 -7.33 51.66
CA TYR Z 408 -136.62 -6.45 51.05
C TYR Z 408 -135.76 -5.79 52.12
N VAL Z 409 -134.49 -5.54 51.79
CA VAL Z 409 -133.57 -4.81 52.65
C VAL Z 409 -132.79 -3.82 51.79
N CYS Z 410 -132.52 -2.65 52.34
CA CYS Z 410 -131.75 -1.61 51.67
C CYS Z 410 -130.55 -1.28 52.55
N PHE Z 411 -129.39 -1.87 52.24
CA PHE Z 411 -128.23 -1.75 53.11
C PHE Z 411 -127.74 -0.31 53.21
N ASN Z 412 -127.28 0.26 52.10
CA ASN Z 412 -126.75 1.62 52.08
C ASN Z 412 -127.40 2.37 50.92
N PRO Z 413 -128.13 3.46 51.19
CA PRO Z 413 -128.75 4.21 50.08
C PRO Z 413 -127.75 4.85 49.14
N HIS Z 414 -126.49 5.02 49.56
CA HIS Z 414 -125.49 5.73 48.76
C HIS Z 414 -124.76 4.83 47.78
N MET Z 415 -125.36 3.72 47.35
CA MET Z 415 -124.73 2.81 46.41
C MET Z 415 -125.69 2.46 45.28
N GLY Z 416 -126.52 3.41 44.88
CA GLY Z 416 -127.44 3.18 43.79
C GLY Z 416 -128.30 4.40 43.55
N GLY Z 417 -129.16 4.29 42.54
CA GLY Z 417 -130.08 5.37 42.24
C GLY Z 417 -130.48 5.36 40.78
N GLN Z 418 -130.98 6.51 40.35
CA GLN Z 418 -131.52 6.73 39.02
C GLN Z 418 -130.57 7.56 38.18
N PHE Z 419 -130.64 7.38 36.86
CA PHE Z 419 -129.81 8.17 35.96
C PHE Z 419 -130.53 8.36 34.63
N PHE Z 420 -130.39 9.55 34.06
CA PHE Z 420 -130.94 9.90 32.77
C PHE Z 420 -129.88 10.58 31.93
N GLY Z 421 -130.20 10.82 30.67
CA GLY Z 421 -129.30 11.55 29.80
C GLY Z 421 -129.28 13.03 30.11
N ASN Z 422 -128.18 13.68 29.72
CA ASN Z 422 -128.01 15.10 29.98
C ASN Z 422 -127.66 15.80 28.67
N PRO Z 423 -128.09 17.07 28.49
CA PRO Z 423 -127.78 17.83 27.29
C PRO Z 423 -126.45 18.55 27.38
N LEU AA 5 -48.40 74.53 7.76
CA LEU AA 5 -47.16 74.63 6.94
C LEU AA 5 -47.54 74.98 5.50
N THR AA 6 -47.92 76.23 5.23
CA THR AA 6 -48.38 76.60 3.88
C THR AA 6 -47.21 76.56 2.91
N LYS AA 7 -47.48 76.41 1.62
CA LYS AA 7 -46.38 76.29 0.63
C LYS AA 7 -45.50 77.52 0.73
N GLY AA 8 -46.10 78.66 1.04
CA GLY AA 8 -45.33 79.92 1.12
C GLY AA 8 -44.27 79.86 2.18
N GLU AA 9 -44.56 79.23 3.32
CA GLU AA 9 -43.56 79.19 4.41
C GLU AA 9 -42.33 78.46 3.89
N ILE AA 10 -42.51 77.38 3.13
CA ILE AA 10 -41.33 76.59 2.67
C ILE AA 10 -40.48 77.49 1.77
N VAL AA 11 -41.11 78.25 0.88
CA VAL AA 11 -40.34 79.14 -0.05
C VAL AA 11 -39.61 80.19 0.77
N LEU AA 12 -40.26 80.74 1.79
CA LEU AA 12 -39.61 81.82 2.57
C LEU AA 12 -38.36 81.28 3.26
N PHE AA 13 -38.43 80.04 3.77
CA PHE AA 13 -37.25 79.43 4.44
C PHE AA 13 -36.13 79.34 3.41
N ALA AA 14 -36.44 78.93 2.19
CA ALA AA 14 -35.36 78.73 1.22
C ALA AA 14 -34.64 80.05 0.95
N LEU AA 15 -35.39 81.13 0.72
CA LEU AA 15 -34.75 82.43 0.38
C LEU AA 15 -33.99 82.99 1.57
N ARG AA 16 -34.53 82.87 2.78
CA ARG AA 16 -33.87 83.43 4.00
C ARG AA 16 -32.56 82.71 4.26
N LYS AA 17 -32.52 81.39 4.09
CA LYS AA 17 -31.30 80.63 4.45
C LYS AA 17 -30.12 81.10 3.60
N PHE AA 18 -30.32 81.40 2.32
CA PHE AA 18 -29.19 81.95 1.52
C PHE AA 18 -29.18 83.48 1.50
N ALA AA 19 -30.10 84.14 2.21
CA ALA AA 19 -30.08 85.61 2.38
C ALA AA 19 -30.60 86.41 1.19
N ILE AA 20 -31.25 85.79 0.20
CA ILE AA 20 -31.68 86.64 -0.96
C ILE AA 20 -32.67 87.66 -0.42
N ALA AA 21 -33.59 87.24 0.44
CA ALA AA 21 -34.53 88.20 1.07
C ALA AA 21 -34.97 87.67 2.43
N SER AA 22 -35.30 88.58 3.35
CA SER AA 22 -35.67 88.17 4.73
C SER AA 22 -36.55 89.25 5.34
N ASN AA 23 -37.27 88.94 6.42
CA ASN AA 23 -38.05 89.99 7.11
C ASN AA 23 -37.04 90.87 7.84
N ALA AA 24 -36.09 91.47 7.11
CA ALA AA 24 -35.02 92.26 7.73
C ALA AA 24 -34.40 93.08 6.61
N SER AA 25 -34.33 92.46 5.45
CA SER AA 25 -33.66 93.13 4.33
C SER AA 25 -34.42 94.40 4.00
N LEU AA 26 -33.70 95.51 3.81
CA LEU AA 26 -34.37 96.76 3.39
C LEU AA 26 -34.96 96.48 2.01
N THR AA 27 -34.25 95.74 1.16
CA THR AA 27 -34.78 95.34 -0.16
C THR AA 27 -35.65 94.10 -0.03
N ASP AA 28 -36.51 93.80 -1.02
CA ASP AA 28 -37.31 92.54 -1.01
C ASP AA 28 -37.50 92.01 -2.44
N VAL AA 29 -37.74 90.71 -2.59
CA VAL AA 29 -37.94 90.10 -3.93
C VAL AA 29 -39.37 90.40 -4.38
N GLU AA 30 -39.60 90.52 -5.69
CA GLU AA 30 -40.93 90.91 -6.21
C GLU AA 30 -41.91 89.76 -5.98
N PRO AA 31 -43.23 89.97 -6.03
CA PRO AA 31 -44.19 88.89 -5.90
C PRO AA 31 -44.05 87.82 -6.98
N GLN AA 32 -43.70 88.21 -8.20
CA GLN AA 32 -43.64 87.23 -9.32
C GLN AA 32 -42.64 86.13 -8.99
N SER AA 33 -41.53 86.50 -8.36
CA SER AA 33 -40.49 85.50 -8.03
C SER AA 33 -41.09 84.44 -7.09
N ILE AA 34 -41.92 84.84 -6.13
CA ILE AA 34 -42.45 83.84 -5.16
C ILE AA 34 -43.29 82.83 -5.94
N GLU AA 35 -44.06 83.29 -6.92
CA GLU AA 35 -44.97 82.34 -7.62
C GLU AA 35 -44.10 81.26 -8.25
N ASP AA 36 -42.96 81.66 -8.81
CA ASP AA 36 -42.05 80.69 -9.49
C ASP AA 36 -41.58 79.67 -8.45
N GLY AA 37 -41.30 80.11 -7.23
CA GLY AA 37 -40.92 79.17 -6.17
C GLY AA 37 -42.02 78.17 -5.83
N VAL AA 38 -43.28 78.59 -5.76
CA VAL AA 38 -44.41 77.65 -5.50
C VAL AA 38 -44.52 76.68 -6.67
N ASN AA 39 -44.39 77.16 -7.90
CA ASN AA 39 -44.44 76.28 -9.09
C ASN AA 39 -43.27 75.29 -9.05
N ASP AA 40 -42.09 75.73 -8.63
CA ASP AA 40 -40.90 74.84 -8.49
C ASP AA 40 -41.11 73.77 -7.41
N LEU AA 41 -41.78 74.11 -6.31
CA LEU AA 41 -42.05 73.11 -5.27
C LEU AA 41 -42.90 72.01 -5.88
N GLU AA 42 -43.87 72.37 -6.72
CA GLU AA 42 -44.77 71.34 -7.27
C GLU AA 42 -44.00 70.43 -8.25
N ASP AA 43 -43.09 70.97 -9.07
CA ASP AA 43 -42.28 70.06 -9.89
C ASP AA 43 -41.41 69.17 -9.02
N MET AA 44 -40.82 69.73 -7.95
CA MET AA 44 -40.07 68.94 -6.98
C MET AA 44 -40.90 67.77 -6.47
N MET AA 45 -42.12 68.04 -6.03
CA MET AA 45 -42.94 66.97 -5.46
C MET AA 45 -43.37 65.97 -6.52
N SER AA 46 -43.64 66.45 -7.75
CA SER AA 46 -43.96 65.54 -8.83
C SER AA 46 -42.82 64.56 -9.09
N GLU AA 47 -41.58 65.05 -9.08
CA GLU AA 47 -40.44 64.16 -9.24
C GLU AA 47 -40.23 63.28 -8.02
N TRP AA 48 -40.44 63.83 -6.82
CA TRP AA 48 -40.24 63.09 -5.58
C TRP AA 48 -41.25 61.98 -5.41
N MET AA 49 -42.36 62.01 -6.15
CA MET AA 49 -43.25 60.87 -6.18
C MET AA 49 -42.57 59.62 -6.70
N ILE AA 50 -41.43 59.75 -7.40
CA ILE AA 50 -40.80 58.60 -8.03
C ILE AA 50 -39.67 58.04 -7.17
N ASN AA 51 -38.61 58.83 -6.97
CA ASN AA 51 -37.43 58.28 -6.30
C ASN AA 51 -37.59 58.20 -4.79
N PRO AA 52 -37.81 59.31 -4.06
CA PRO AA 52 -37.95 59.18 -2.60
C PRO AA 52 -39.22 58.48 -2.18
N GLY AA 53 -40.24 58.45 -3.04
CA GLY AA 53 -41.53 57.89 -2.68
C GLY AA 53 -42.50 58.95 -2.21
N ASP AA 54 -43.77 58.55 -2.12
CA ASP AA 54 -44.81 59.45 -1.67
C ASP AA 54 -44.57 59.84 -0.21
N ILE AA 55 -44.83 61.11 0.09
CA ILE AA 55 -44.64 61.63 1.45
C ILE AA 55 -45.96 62.07 2.08
N GLY AA 56 -46.91 62.55 1.30
CA GLY AA 56 -48.17 63.03 1.86
C GLY AA 56 -48.53 64.42 1.35
N TYR AA 57 -47.78 64.90 0.37
CA TYR AA 57 -48.05 66.20 -0.22
C TYR AA 57 -49.39 66.19 -0.94
N ALA AA 58 -50.21 67.20 -0.67
CA ALA AA 58 -51.52 67.34 -1.28
C ALA AA 58 -51.40 68.28 -2.48
N PHE AA 59 -51.42 67.72 -3.68
CA PHE AA 59 -51.28 68.51 -4.89
C PHE AA 59 -52.51 69.38 -5.11
N ALA AA 60 -52.40 70.32 -6.04
CA ALA AA 60 -53.51 71.17 -6.39
C ALA AA 60 -54.61 70.36 -7.09
N THR AA 61 -55.86 70.81 -6.91
CA THR AA 61 -56.99 70.16 -7.53
C THR AA 61 -56.95 70.37 -9.05
N GLY AA 62 -57.82 69.65 -9.76
CA GLY AA 62 -57.80 69.72 -11.21
C GLY AA 62 -58.19 71.09 -11.72
N ASP AA 63 -57.29 71.68 -12.51
CA ASP AA 63 -57.51 72.96 -13.20
C ASP AA 63 -57.47 74.17 -12.26
N GLU AA 64 -56.64 74.13 -11.23
CA GLU AA 64 -56.29 75.33 -10.48
C GLU AA 64 -54.78 75.46 -10.41
N GLN AA 65 -54.27 76.67 -10.59
CA GLN AA 65 -52.86 76.92 -10.35
C GLN AA 65 -52.58 76.90 -8.85
N PRO AA 66 -51.42 76.37 -8.43
CA PRO AA 66 -51.08 76.39 -7.01
C PRO AA 66 -50.95 77.80 -6.48
N LEU AA 67 -51.35 77.99 -5.22
CA LEU AA 67 -51.29 79.29 -4.59
C LEU AA 67 -50.31 79.27 -3.42
N PRO AA 68 -49.58 80.37 -3.19
CA PRO AA 68 -48.57 80.36 -2.13
C PRO AA 68 -49.15 80.13 -0.74
N ASP AA 69 -50.42 80.45 -0.53
CA ASP AA 69 -51.05 80.31 0.78
C ASP AA 69 -51.73 78.95 0.94
N ASP AA 70 -51.77 78.13 -0.10
CA ASP AA 70 -52.44 76.84 -0.04
C ASP AA 70 -51.70 75.89 0.91
N GLU AA 71 -52.48 75.01 1.55
CA GLU AA 71 -51.92 74.03 2.45
C GLU AA 71 -51.05 73.04 1.69
N SER AA 72 -50.02 72.50 2.36
CA SER AA 72 -49.07 71.53 1.74
C SER AA 72 -49.31 70.13 2.29
N GLY AA 73 -49.44 70.01 3.61
CA GLY AA 73 -49.76 68.71 4.21
C GLY AA 73 -48.53 67.91 4.64
N LEU AA 74 -47.32 68.37 4.33
CA LEU AA 74 -46.12 67.65 4.84
C LEU AA 74 -45.97 67.99 6.32
N PRO AA 75 -45.69 67.03 7.23
CA PRO AA 75 -45.47 67.35 8.64
C PRO AA 75 -44.22 68.21 8.83
N ARG AA 76 -44.13 68.98 9.92
CA ARG AA 76 -43.01 69.91 10.14
C ARG AA 76 -41.70 69.15 10.35
N LYS AA 77 -41.79 67.85 10.64
CA LYS AA 77 -40.55 67.05 10.78
C LYS AA 77 -39.77 67.10 9.46
N TYR AA 78 -40.45 67.01 8.32
CA TYR AA 78 -39.75 66.95 7.01
C TYR AA 78 -39.51 68.34 6.44
N LYS AA 79 -39.87 69.40 7.16
CA LYS AA 79 -39.78 70.77 6.57
C LYS AA 79 -38.35 71.15 6.21
N HIS AA 80 -37.39 70.92 7.12
CA HIS AA 80 -36.00 71.38 6.84
C HIS AA 80 -35.50 70.65 5.61
N ALA AA 81 -35.78 69.36 5.51
CA ALA AA 81 -35.25 68.57 4.38
C ALA AA 81 -35.82 69.09 3.06
N VAL AA 82 -37.12 69.32 3.00
CA VAL AA 82 -37.76 69.76 1.73
C VAL AA 82 -37.19 71.13 1.36
N GLY AA 83 -37.09 72.01 2.35
CA GLY AA 83 -36.62 73.37 2.06
C GLY AA 83 -35.20 73.42 1.56
N TYR AA 84 -34.30 72.66 2.18
CA TYR AA 84 -32.87 72.77 1.79
C TYR AA 84 -32.71 72.35 0.32
N GLN AA 85 -33.39 71.28 -0.10
CA GLN AA 85 -33.25 70.77 -1.48
C GLN AA 85 -33.76 71.81 -2.46
N LEU AA 86 -34.88 72.46 -2.13
CA LEU AA 86 -35.44 73.44 -3.09
C LEU AA 86 -34.42 74.55 -3.26
N LEU AA 87 -33.75 74.94 -2.17
CA LEU AA 87 -32.82 76.09 -2.27
C LEU AA 87 -31.76 75.71 -3.31
N LEU AA 88 -31.25 74.48 -3.27
CA LEU AA 88 -30.17 74.10 -4.20
C LEU AA 88 -30.70 74.17 -5.62
N ARG AA 89 -31.94 73.72 -5.83
CA ARG AA 89 -32.51 73.69 -7.19
C ARG AA 89 -32.66 75.11 -7.75
N MET AA 90 -33.15 76.07 -6.95
CA MET AA 90 -33.43 77.42 -7.49
C MET AA 90 -32.33 78.42 -7.07
N LEU AA 91 -31.29 77.99 -6.38
CA LEU AA 91 -30.17 78.91 -6.06
C LEU AA 91 -29.60 79.43 -7.36
N SER AA 92 -29.39 78.53 -8.34
CA SER AA 92 -28.72 79.01 -9.53
C SER AA 92 -29.57 80.01 -10.32
N ASP AA 93 -30.84 80.17 -9.99
CA ASP AA 93 -31.70 81.10 -10.71
C ASP AA 93 -31.20 82.53 -10.57
N TYR AA 94 -30.77 82.90 -9.37
CA TYR AA 94 -30.30 84.26 -9.08
C TYR AA 94 -28.82 84.43 -9.36
N SER AA 95 -28.20 83.53 -10.13
CA SER AA 95 -26.78 83.61 -10.48
C SER AA 95 -25.90 83.59 -9.23
N LEU AA 96 -26.05 82.52 -8.45
CA LEU AA 96 -25.26 82.30 -7.24
C LEU AA 96 -24.76 80.87 -7.23
N GLU AA 97 -23.90 80.57 -6.25
CA GLU AA 97 -23.35 79.23 -6.10
C GLU AA 97 -23.37 78.83 -4.64
N PRO AA 98 -23.75 77.58 -4.34
CA PRO AA 98 -23.87 77.14 -2.95
C PRO AA 98 -22.51 76.99 -2.29
N THR AA 99 -22.54 76.88 -0.96
CA THR AA 99 -21.37 76.75 -0.12
C THR AA 99 -21.28 75.34 0.45
N PRO AA 100 -20.07 74.89 0.79
CA PRO AA 100 -19.93 73.52 1.33
C PRO AA 100 -20.73 73.27 2.60
N GLN AA 101 -20.85 74.27 3.47
CA GLN AA 101 -21.62 74.09 4.70
C GLN AA 101 -23.09 73.87 4.37
N VAL AA 102 -23.63 74.67 3.43
CA VAL AA 102 -25.01 74.48 2.99
C VAL AA 102 -25.19 73.10 2.37
N LEU AA 103 -24.22 72.67 1.56
CA LEU AA 103 -24.31 71.34 0.96
C LEU AA 103 -24.35 70.26 2.02
N SER AA 104 -23.50 70.37 3.05
CA SER AA 104 -23.48 69.36 4.11
C SER AA 104 -24.79 69.36 4.88
N ASN AA 105 -25.35 70.55 5.16
CA ASN AA 105 -26.62 70.62 5.85
C ASN AA 105 -27.73 69.96 5.04
N ALA AA 106 -27.79 70.24 3.74
CA ALA AA 106 -28.81 69.63 2.89
C ALA AA 106 -28.64 68.12 2.84
N GLN AA 107 -27.39 67.65 2.75
CA GLN AA 107 -27.14 66.21 2.70
C GLN AA 107 -27.59 65.54 4.00
N ARG AA 108 -27.26 66.14 5.14
CA ARG AA 108 -27.66 65.55 6.42
C ARG AA 108 -29.18 65.52 6.56
N SER AA 109 -29.86 66.60 6.16
CA SER AA 109 -31.31 66.61 6.23
C SER AA 109 -31.90 65.57 5.29
N TYR AA 110 -31.27 65.35 4.13
CA TYR AA 110 -31.78 64.35 3.20
C TYR AA 110 -31.64 62.94 3.77
N ASP AA 111 -30.52 62.66 4.44
CA ASP AA 111 -30.39 61.36 5.12
C ASP AA 111 -31.42 61.22 6.22
N ALA AA 112 -31.68 62.29 6.97
CA ALA AA 112 -32.69 62.25 8.02
C ALA AA 112 -34.06 61.92 7.44
N LEU AA 113 -34.40 62.53 6.30
CA LEU AA 113 -35.67 62.22 5.65
C LEU AA 113 -35.70 60.77 5.15
N MET AA 114 -34.59 60.31 4.55
CA MET AA 114 -34.57 58.96 3.98
C MET AA 114 -34.67 57.89 5.06
N THR AA 115 -34.15 58.17 6.26
CA THR AA 115 -34.22 57.19 7.35
C THR AA 115 -35.65 56.92 7.77
N ASP AA 116 -36.59 57.79 7.42
CA ASP AA 116 -37.98 57.64 7.82
C ASP AA 116 -38.83 56.84 6.83
N THR AA 117 -38.26 56.41 5.70
CA THR AA 117 -38.99 55.73 4.65
C THR AA 117 -38.29 54.46 4.20
N LEU AA 118 -37.87 53.63 5.16
CA LEU AA 118 -37.23 52.37 4.81
C LEU AA 118 -38.26 51.34 4.35
N VAL AA 119 -37.77 50.31 3.66
CA VAL AA 119 -38.63 49.27 3.11
C VAL AA 119 -38.24 47.89 3.62
N VAL AA 120 -37.00 47.47 3.34
CA VAL AA 120 -36.51 46.13 3.69
C VAL AA 120 -37.49 45.09 3.14
N PRO AA 121 -37.47 44.83 1.83
CA PRO AA 121 -38.57 44.06 1.21
C PRO AA 121 -38.76 42.67 1.78
N SER AA 122 -37.74 42.06 2.37
CA SER AA 122 -37.88 40.80 3.11
C SER AA 122 -38.48 39.69 2.24
N MET AA 123 -37.69 39.30 1.25
CA MET AA 123 -38.15 38.33 0.25
C MET AA 123 -38.58 37.02 0.90
N ARG AA 124 -39.57 36.39 0.30
CA ARG AA 124 -40.26 35.23 0.87
C ARG AA 124 -39.73 33.94 0.25
N ARG AA 125 -40.39 32.82 0.56
CA ARG AA 125 -39.96 31.52 0.06
C ARG AA 125 -40.27 31.41 -1.44
N ARG AA 126 -39.61 30.44 -2.08
CA ARG AA 126 -39.67 30.34 -3.53
C ARG AA 126 -41.08 29.99 -4.02
N GLY AA 127 -41.67 28.95 -3.45
CA GLY AA 127 -42.97 28.45 -3.87
C GLY AA 127 -43.01 26.98 -4.19
N ASP AA 128 -41.88 26.38 -4.57
CA ASP AA 128 -41.77 24.94 -4.71
C ASP AA 128 -40.94 24.31 -3.59
N PHE AA 129 -40.60 25.07 -2.57
CA PHE AA 129 -39.80 24.57 -1.46
C PHE AA 129 -40.67 23.67 -0.58
N PRO AA 130 -40.22 22.44 -0.29
CA PRO AA 130 -41.03 21.55 0.53
C PRO AA 130 -41.18 22.06 1.95
N VAL AA 131 -42.30 21.69 2.58
CA VAL AA 131 -42.54 21.93 3.99
C VAL AA 131 -42.38 20.61 4.71
N GLY AA 132 -41.48 20.57 5.70
CA GLY AA 132 -41.14 19.33 6.35
C GLY AA 132 -42.31 18.74 7.13
N GLN AA 133 -42.16 17.45 7.46
CA GLN AA 133 -43.19 16.77 8.23
C GLN AA 133 -43.29 17.29 9.65
N GLY AA 134 -42.32 18.09 10.11
CA GLY AA 134 -42.42 18.68 11.42
C GLY AA 134 -43.58 19.66 11.55
N ASN AA 135 -43.98 20.27 10.44
CA ASN AA 135 -45.13 21.17 10.44
C ASN AA 135 -46.46 20.42 10.42
N LYS AA 136 -46.44 19.11 10.21
CA LYS AA 136 -47.64 18.28 10.23
C LYS AA 136 -48.67 18.77 9.21
N TYR AA 137 -48.28 18.71 7.93
CA TYR AA 137 -49.17 19.15 6.87
C TYR AA 137 -50.37 18.23 6.69
N ASP AA 138 -50.34 17.04 7.30
CA ASP AA 138 -51.48 16.14 7.19
C ASP AA 138 -52.61 16.58 8.10
N VAL AA 139 -52.30 17.07 9.29
CA VAL AA 139 -53.38 17.37 10.27
C VAL AA 139 -53.54 18.88 10.44
N PHE AA 140 -52.58 19.53 11.10
CA PHE AA 140 -52.72 20.97 11.44
C PHE AA 140 -52.82 21.88 10.21
N THR AA 141 -51.98 21.71 9.20
CA THR AA 141 -52.00 22.70 8.09
C THR AA 141 -52.19 22.03 6.72
N SER AA 142 -53.10 22.51 5.89
CA SER AA 142 -53.40 21.88 4.59
C SER AA 142 -52.23 21.90 3.60
N ASP AA 143 -51.48 23.00 3.51
CA ASP AA 143 -50.41 23.12 2.48
C ASP AA 143 -49.30 22.09 2.70
N ARG AA 144 -48.84 21.43 1.64
CA ARG AA 144 -47.70 20.48 1.75
C ARG AA 144 -46.46 21.17 1.21
N TYR AA 145 -46.62 22.36 0.62
CA TYR AA 145 -45.48 23.16 0.07
C TYR AA 145 -45.76 24.63 0.36
N TYR AA 146 -44.75 25.49 0.27
CA TYR AA 146 -44.95 26.92 0.63
C TYR AA 146 -45.96 27.56 -0.33
N PRO AA 147 -46.84 28.46 0.16
CA PRO AA 147 -47.89 29.00 -0.68
C PRO AA 147 -47.40 29.82 -1.87
N GLY AA 148 -46.35 30.63 -1.71
CA GLY AA 148 -45.90 31.35 -2.91
C GLY AA 148 -45.51 32.78 -2.62
N ASP AA 149 -45.87 33.71 -3.52
CA ASP AA 149 -45.52 35.15 -3.37
C ASP AA 149 -46.77 36.05 -3.25
N LEU AA 150 -47.93 35.53 -2.84
CA LEU AA 150 -49.10 36.43 -2.64
C LEU AA 150 -49.33 37.27 -3.90
N PRO AA 151 -49.68 36.68 -5.05
CA PRO AA 151 -49.78 37.44 -6.31
C PRO AA 151 -50.71 38.64 -6.28
N LEU AA 152 -50.30 39.75 -6.91
CA LEU AA 152 -51.10 41.01 -6.93
C LEU AA 152 -51.89 41.15 -5.63
N ASN BA 3 25.43 12.76 -83.09
CA ASN BA 3 25.92 13.54 -84.22
C ASN BA 3 26.65 12.65 -85.22
N ASN BA 4 26.06 12.46 -86.39
CA ASN BA 4 26.65 11.68 -87.48
C ASN BA 4 26.94 10.25 -87.03
N LEU BA 5 25.87 9.53 -86.69
CA LEU BA 5 25.96 8.14 -86.26
C LEU BA 5 25.55 7.16 -87.36
N ASP BA 6 25.51 7.61 -88.62
CA ASP BA 6 24.94 6.79 -89.69
C ASP BA 6 25.81 5.57 -90.00
N SER BA 7 27.09 5.63 -89.65
CA SER BA 7 27.98 4.50 -89.97
C SER BA 7 27.75 3.33 -89.03
N ASN BA 8 27.10 3.55 -87.90
CA ASN BA 8 26.82 2.45 -86.98
C ASN BA 8 25.76 1.51 -87.54
N VAL BA 9 24.74 2.06 -88.19
CA VAL BA 9 23.64 1.26 -88.72
C VAL BA 9 23.96 0.75 -90.11
N SER BA 10 23.19 -0.23 -90.58
CA SER BA 10 23.35 -0.82 -91.90
C SER BA 10 22.00 -0.81 -92.62
N GLN BA 11 22.05 -0.93 -93.94
CA GLN BA 11 20.84 -1.00 -94.76
C GLN BA 11 20.54 -2.47 -95.05
N ILE BA 12 19.40 -2.96 -94.55
CA ILE BA 12 19.03 -4.36 -94.67
C ILE BA 12 17.84 -4.49 -95.61
N VAL BA 13 17.93 -5.47 -96.51
CA VAL BA 13 16.83 -5.85 -97.38
C VAL BA 13 16.32 -7.21 -96.93
N LEU BA 14 15.07 -7.28 -96.51
CA LEU BA 14 14.52 -8.49 -95.93
C LEU BA 14 14.34 -9.58 -96.97
N LYS BA 15 14.28 -10.82 -96.50
CA LYS BA 15 14.09 -11.98 -97.37
C LYS BA 15 12.61 -12.37 -97.42
N LYS BA 16 11.78 -11.41 -97.83
CA LYS BA 16 10.35 -11.63 -97.95
C LYS BA 16 9.87 -11.05 -99.27
N PHE BA 17 8.98 -11.77 -99.94
CA PHE BA 17 8.48 -11.39 -101.25
C PHE BA 17 7.02 -10.94 -101.14
N LEU BA 18 6.72 -9.79 -101.73
CA LEU BA 18 5.36 -9.31 -101.77
C LEU BA 18 4.54 -10.12 -102.78
N PRO BA 19 3.25 -10.32 -102.50
CA PRO BA 19 2.42 -11.12 -103.42
C PRO BA 19 2.21 -10.43 -104.76
N GLY BA 20 2.01 -11.26 -105.78
CA GLY BA 20 1.83 -10.76 -107.13
C GLY BA 20 0.41 -10.86 -107.64
N PHE BA 21 0.25 -10.91 -108.95
CA PHE BA 21 -1.06 -10.97 -109.60
C PHE BA 21 -1.20 -12.32 -110.31
N MET BA 22 -2.39 -12.91 -110.21
CA MET BA 22 -2.67 -14.23 -110.74
C MET BA 22 -3.94 -14.19 -111.59
N SER BA 23 -4.03 -15.09 -112.55
CA SER BA 23 -5.17 -15.18 -113.46
C SER BA 23 -5.79 -16.57 -113.33
N ASP BA 24 -6.79 -16.84 -114.16
CA ASP BA 24 -7.58 -18.05 -114.03
C ASP BA 24 -7.53 -18.84 -115.34
N LEU BA 25 -7.75 -20.15 -115.22
CA LEU BA 25 -7.81 -21.05 -116.37
C LEU BA 25 -9.14 -21.79 -116.33
N VAL BA 26 -9.95 -21.63 -117.39
CA VAL BA 26 -11.19 -22.38 -117.50
C VAL BA 26 -11.26 -23.10 -118.84
N LEU BA 27 -10.55 -22.58 -119.85
CA LEU BA 27 -10.67 -23.14 -121.19
C LEU BA 27 -9.89 -24.44 -121.32
N ALA BA 28 -8.70 -24.53 -120.72
CA ALA BA 28 -7.89 -25.72 -120.85
C ALA BA 28 -8.53 -26.94 -120.21
N LYS BA 29 -9.39 -26.75 -119.22
CA LYS BA 29 -10.06 -27.86 -118.56
C LYS BA 29 -11.41 -28.21 -119.20
N THR BA 30 -11.89 -27.39 -120.15
CA THR BA 30 -13.17 -27.63 -120.79
C THR BA 30 -13.07 -27.99 -122.26
N VAL BA 31 -11.96 -27.66 -122.92
CA VAL BA 31 -11.76 -28.07 -124.30
C VAL BA 31 -11.66 -29.59 -124.36
N ASP BA 32 -11.88 -30.16 -125.54
CA ASP BA 32 -11.73 -31.60 -125.71
C ASP BA 32 -10.26 -31.96 -125.84
N ARG BA 33 -9.83 -32.96 -125.07
CA ARG BA 33 -8.43 -33.35 -125.03
C ARG BA 33 -8.21 -34.84 -125.23
N GLN BA 34 -9.27 -35.64 -125.31
CA GLN BA 34 -9.10 -37.09 -125.39
C GLN BA 34 -8.96 -37.58 -126.83
N LEU BA 35 -9.63 -36.93 -127.79
CA LEU BA 35 -9.49 -37.35 -129.18
C LEU BA 35 -8.08 -37.16 -129.68
N LEU BA 36 -7.43 -36.06 -129.30
CA LEU BA 36 -6.01 -35.87 -129.60
C LEU BA 36 -5.21 -36.09 -128.31
N ALA BA 37 -4.80 -37.35 -128.13
CA ALA BA 37 -3.97 -37.75 -127.01
C ALA BA 37 -2.91 -38.73 -127.52
N GLY BA 38 -1.77 -38.19 -127.94
CA GLY BA 38 -0.69 -39.02 -128.43
C GLY BA 38 -0.83 -39.52 -129.85
N GLU BA 39 -1.72 -38.94 -130.65
CA GLU BA 39 -1.85 -39.38 -132.04
C GLU BA 39 -0.79 -38.75 -132.93
N ILE BA 40 -0.28 -37.59 -132.56
CA ILE BA 40 0.79 -36.95 -133.31
C ILE BA 40 2.11 -37.57 -132.86
N ASN BA 41 2.64 -38.47 -133.68
CA ASN BA 41 3.84 -39.23 -133.36
C ASN BA 41 4.98 -38.78 -134.26
N SER BA 42 6.12 -39.47 -134.14
CA SER BA 42 7.22 -39.23 -135.07
C SER BA 42 6.87 -39.72 -136.46
N SER BA 43 6.03 -40.76 -136.55
CA SER BA 43 5.65 -41.30 -137.85
C SER BA 43 4.61 -40.42 -138.54
N THR BA 44 3.68 -39.84 -137.76
CA THR BA 44 2.59 -39.10 -138.37
C THR BA 44 3.07 -37.79 -138.99
N GLY BA 45 3.83 -37.01 -138.24
CA GLY BA 45 4.37 -35.77 -138.77
C GLY BA 45 3.75 -34.53 -138.16
N ASP BA 46 3.52 -33.54 -139.02
CA ASP BA 46 3.10 -32.22 -138.56
C ASP BA 46 1.63 -32.19 -138.16
N SER BA 47 0.79 -32.96 -138.86
CA SER BA 47 -0.65 -32.86 -138.69
C SER BA 47 -1.32 -34.22 -138.81
N VAL BA 48 -2.55 -34.30 -138.31
CA VAL BA 48 -3.43 -35.45 -138.46
C VAL BA 48 -4.80 -34.95 -138.87
N SER BA 49 -5.70 -35.89 -139.15
CA SER BA 49 -7.03 -35.53 -139.65
C SER BA 49 -8.07 -36.50 -139.12
N PHE BA 50 -9.31 -36.01 -139.05
CA PHE BA 50 -10.47 -36.79 -138.65
C PHE BA 50 -11.55 -36.70 -139.72
N LYS BA 51 -12.28 -37.80 -139.89
CA LYS BA 51 -13.31 -37.87 -140.91
C LYS BA 51 -14.55 -37.07 -140.52
N ARG BA 52 -15.34 -36.68 -141.52
CA ARG BA 52 -16.58 -35.97 -141.27
C ARG BA 52 -17.79 -36.87 -141.59
N PRO BA 53 -18.89 -36.71 -140.86
CA PRO BA 53 -20.07 -37.55 -141.12
C PRO BA 53 -20.72 -37.20 -142.45
N HIS BA 54 -21.39 -38.19 -143.02
CA HIS BA 54 -22.09 -38.06 -144.29
C HIS BA 54 -23.54 -37.66 -144.08
N GLN BA 55 -24.15 -37.13 -145.14
CA GLN BA 55 -25.55 -36.75 -145.15
C GLN BA 55 -26.20 -37.30 -146.41
N PHE BA 56 -27.53 -37.44 -146.37
CA PHE BA 56 -28.27 -38.01 -147.48
C PHE BA 56 -29.57 -37.24 -147.68
N SER BA 57 -30.22 -37.49 -148.81
CA SER BA 57 -31.50 -36.88 -149.15
C SER BA 57 -32.39 -37.94 -149.78
N SER BA 58 -33.70 -37.69 -149.75
CA SER BA 58 -34.69 -38.65 -150.20
C SER BA 58 -35.38 -38.17 -151.47
N LEU BA 59 -36.18 -39.06 -152.05
CA LEU BA 59 -36.94 -38.81 -153.26
C LEU BA 59 -38.40 -39.16 -153.04
N ARG BA 60 -39.30 -38.31 -153.52
CA ARG BA 60 -40.73 -38.49 -153.35
C ARG BA 60 -41.36 -38.73 -154.72
N THR BA 61 -41.77 -39.97 -154.97
CA THR BA 61 -42.41 -40.38 -156.20
C THR BA 61 -43.67 -41.18 -155.88
N PRO BA 62 -44.70 -41.09 -156.72
CA PRO BA 62 -45.94 -41.81 -156.44
C PRO BA 62 -45.82 -43.33 -156.54
N THR BA 63 -45.23 -43.81 -157.63
CA THR BA 63 -45.14 -45.24 -157.88
C THR BA 63 -43.89 -45.88 -157.29
N GLY BA 64 -42.85 -45.10 -157.02
CA GLY BA 64 -41.59 -45.64 -156.55
C GLY BA 64 -40.54 -45.85 -157.61
N ASP BA 65 -40.74 -45.33 -158.82
CA ASP BA 65 -39.79 -45.45 -159.91
C ASP BA 65 -38.83 -44.27 -159.89
N ILE BA 66 -37.54 -44.55 -159.74
CA ILE BA 66 -36.53 -43.50 -159.66
C ILE BA 66 -35.64 -43.55 -160.90
N SER BA 67 -36.14 -44.17 -161.96
CA SER BA 67 -35.37 -44.26 -163.20
C SER BA 67 -35.21 -42.87 -163.82
N GLY BA 68 -34.01 -42.58 -164.31
CA GLY BA 68 -33.75 -41.31 -164.94
C GLY BA 68 -33.54 -40.15 -163.99
N GLN BA 69 -33.28 -40.42 -162.72
CA GLN BA 69 -33.04 -39.38 -161.73
C GLN BA 69 -31.79 -39.70 -160.96
N ASN BA 70 -30.97 -38.68 -160.71
CA ASN BA 70 -29.68 -38.89 -160.05
C ASN BA 70 -29.86 -39.29 -158.60
N LYS BA 71 -29.05 -40.24 -158.15
CA LYS BA 71 -29.09 -40.72 -156.78
C LYS BA 71 -28.10 -39.92 -155.94
N ASN BA 72 -27.89 -40.35 -154.69
CA ASN BA 72 -26.98 -39.66 -153.79
C ASN BA 72 -25.54 -39.90 -154.18
N ASN BA 73 -24.71 -38.87 -154.03
CA ASN BA 73 -23.29 -38.94 -154.31
C ASN BA 73 -22.52 -38.97 -153.00
N LEU BA 74 -21.48 -39.81 -152.95
CA LEU BA 74 -20.68 -39.97 -151.73
C LEU BA 74 -19.47 -39.06 -151.81
N ILE BA 75 -19.43 -38.05 -150.93
CA ILE BA 75 -18.31 -37.11 -150.84
C ILE BA 75 -17.77 -37.14 -149.42
N SER BA 76 -16.45 -37.24 -149.30
CA SER BA 76 -15.79 -37.38 -148.01
C SER BA 76 -14.99 -36.14 -147.67
N GLY BA 77 -15.12 -35.68 -146.43
CA GLY BA 77 -14.38 -34.54 -145.96
C GLY BA 77 -13.62 -34.85 -144.68
N LYS BA 78 -12.57 -34.08 -144.44
CA LYS BA 78 -11.71 -34.29 -143.29
C LYS BA 78 -11.38 -32.96 -142.64
N ALA BA 79 -11.11 -33.01 -141.33
CA ALA BA 79 -10.69 -31.86 -140.56
C ALA BA 79 -9.29 -32.11 -140.02
N THR BA 80 -8.37 -31.18 -140.28
CA THR BA 80 -6.96 -31.39 -140.02
C THR BA 80 -6.51 -30.54 -138.84
N GLY BA 81 -5.80 -31.15 -137.91
CA GLY BA 81 -5.16 -30.46 -136.81
C GLY BA 81 -3.66 -30.60 -136.89
N ARG BA 82 -2.95 -29.49 -136.70
CA ARG BA 82 -1.52 -29.43 -136.97
C ARG BA 82 -0.80 -28.79 -135.80
N VAL BA 83 0.50 -29.08 -135.70
CA VAL BA 83 1.33 -28.49 -134.66
C VAL BA 83 1.61 -27.03 -134.97
N GLY BA 84 2.13 -26.29 -133.99
CA GLY BA 84 2.49 -24.90 -134.19
C GLY BA 84 3.74 -24.49 -133.45
N ASN BA 85 4.01 -23.19 -133.39
CA ASN BA 85 5.13 -22.69 -132.61
C ASN BA 85 4.91 -22.99 -131.12
N TYR BA 86 5.98 -22.86 -130.34
CA TYR BA 86 5.90 -23.22 -128.94
C TYR BA 86 6.55 -22.13 -128.08
N ILE BA 87 6.52 -22.37 -126.77
CA ILE BA 87 6.84 -21.37 -125.77
C ILE BA 87 8.15 -21.72 -125.10
N THR BA 88 9.06 -20.75 -125.01
CA THR BA 88 10.35 -20.96 -124.36
C THR BA 88 10.64 -19.78 -123.43
N VAL BA 89 11.21 -20.07 -122.26
CA VAL BA 89 11.64 -19.07 -121.31
C VAL BA 89 13.08 -19.38 -120.94
N ALA BA 90 13.97 -18.40 -121.12
CA ALA BA 90 15.39 -18.60 -120.90
C ALA BA 90 15.98 -17.45 -120.09
N VAL BA 91 16.85 -17.80 -119.13
CA VAL BA 91 17.57 -16.84 -118.33
C VAL BA 91 19.04 -17.26 -118.26
N GLU BA 92 19.89 -16.30 -117.92
CA GLU BA 92 21.32 -16.55 -117.81
C GLU BA 92 21.94 -15.58 -116.83
N TYR BA 93 23.07 -15.97 -116.24
CA TYR BA 93 23.78 -15.15 -115.28
C TYR BA 93 25.20 -15.66 -115.13
N GLN BA 94 26.05 -14.82 -114.54
CA GLN BA 94 27.45 -15.17 -114.34
C GLN BA 94 27.61 -16.01 -113.09
N GLN BA 95 28.82 -16.57 -112.91
CA GLN BA 95 29.12 -17.40 -111.75
C GLN BA 95 29.28 -16.58 -110.48
N LEU BA 96 30.01 -15.46 -110.56
CA LEU BA 96 30.16 -14.60 -109.39
C LEU BA 96 28.81 -14.03 -108.95
N GLU BA 97 27.88 -13.86 -109.89
CA GLU BA 97 26.56 -13.35 -109.54
C GLU BA 97 25.85 -14.31 -108.59
N GLU BA 98 25.84 -15.60 -108.91
CA GLU BA 98 25.25 -16.55 -107.97
C GLU BA 98 26.14 -16.83 -106.77
N ALA BA 99 27.43 -16.49 -106.86
CA ALA BA 99 28.32 -16.65 -105.71
C ALA BA 99 28.02 -15.64 -104.62
N ILE BA 100 27.88 -14.35 -104.97
CA ILE BA 100 27.81 -13.32 -103.94
C ILE BA 100 26.65 -12.34 -104.14
N LYS BA 101 25.69 -12.68 -104.99
CA LYS BA 101 24.57 -11.78 -105.23
C LYS BA 101 23.22 -12.45 -105.36
N LEU BA 102 23.14 -13.78 -105.31
CA LEU BA 102 21.91 -14.49 -105.63
C LEU BA 102 21.54 -15.40 -104.46
N ASN BA 103 20.51 -15.01 -103.71
CA ASN BA 103 19.91 -15.84 -102.68
C ASN BA 103 18.44 -16.04 -103.03
N GLN BA 104 17.87 -17.12 -102.51
CA GLN BA 104 16.49 -17.50 -102.83
C GLN BA 104 16.30 -17.64 -104.34
N LEU BA 105 17.22 -18.33 -104.99
CA LEU BA 105 17.15 -18.52 -106.43
C LEU BA 105 15.90 -19.32 -106.82
N GLU BA 106 15.52 -20.30 -105.98
CA GLU BA 106 14.32 -21.06 -106.26
C GLU BA 106 13.08 -20.18 -106.22
N GLU BA 107 12.97 -19.30 -105.23
CA GLU BA 107 11.84 -18.38 -105.16
C GLU BA 107 11.90 -17.33 -106.26
N ILE BA 108 13.09 -17.02 -106.77
CA ILE BA 108 13.18 -16.11 -107.91
C ILE BA 108 12.65 -16.79 -109.17
N LEU BA 109 13.04 -18.04 -109.40
CA LEU BA 109 12.74 -18.73 -110.65
C LEU BA 109 11.44 -19.52 -110.60
N ALA BA 110 10.72 -19.49 -109.48
CA ALA BA 110 9.44 -20.21 -109.40
C ALA BA 110 8.42 -19.84 -110.48
N PRO BA 111 8.17 -18.56 -110.83
CA PRO BA 111 6.99 -18.25 -111.63
C PRO BA 111 7.13 -18.51 -113.14
N VAL BA 112 8.12 -19.28 -113.57
CA VAL BA 112 8.26 -19.55 -115.00
C VAL BA 112 7.16 -20.48 -115.53
N ARG BA 113 6.77 -21.49 -114.75
CA ARG BA 113 5.70 -22.38 -115.18
C ARG BA 113 4.38 -21.63 -115.33
N GLN BA 114 4.12 -20.70 -114.41
CA GLN BA 114 2.92 -19.86 -114.51
C GLN BA 114 2.92 -19.09 -115.82
N ARG BA 115 4.07 -18.50 -116.18
CA ARG BA 115 4.14 -17.75 -117.43
C ARG BA 115 3.87 -18.64 -118.63
N ILE BA 116 4.51 -19.82 -118.66
CA ILE BA 116 4.35 -20.71 -119.81
C ILE BA 116 2.89 -21.11 -119.97
N VAL BA 117 2.26 -21.51 -118.87
CA VAL BA 117 0.87 -21.94 -118.94
C VAL BA 117 -0.05 -20.78 -119.30
N THR BA 118 0.26 -19.58 -118.80
CA THR BA 118 -0.58 -18.42 -119.11
C THR BA 118 -0.53 -18.08 -120.59
N ASP BA 119 0.67 -18.11 -121.21
CA ASP BA 119 0.74 -17.88 -122.64
C ASP BA 119 0.05 -18.98 -123.43
N LEU BA 120 0.15 -20.23 -122.98
CA LEU BA 120 -0.60 -21.29 -123.64
C LEU BA 120 -2.10 -21.01 -123.61
N GLU BA 121 -2.61 -20.60 -122.45
CA GLU BA 121 -4.03 -20.31 -122.31
C GLU BA 121 -4.44 -19.13 -123.19
N THR BA 122 -3.62 -18.08 -123.21
CA THR BA 122 -3.95 -16.91 -124.02
C THR BA 122 -3.99 -17.25 -125.50
N GLU BA 123 -3.03 -18.06 -125.97
CA GLU BA 123 -3.03 -18.46 -127.37
C GLU BA 123 -4.24 -19.33 -127.69
N LEU BA 124 -4.64 -20.21 -126.76
CA LEU BA 124 -5.86 -20.99 -126.98
C LEU BA 124 -7.08 -20.09 -127.08
N ALA BA 125 -7.17 -19.08 -126.23
CA ALA BA 125 -8.30 -18.16 -126.28
C ALA BA 125 -8.33 -17.39 -127.59
N HIS BA 126 -7.17 -16.93 -128.06
CA HIS BA 126 -7.11 -16.24 -129.35
C HIS BA 126 -7.53 -17.17 -130.49
N PHE BA 127 -7.10 -18.43 -130.43
CA PHE BA 127 -7.50 -19.40 -131.45
C PHE BA 127 -9.01 -19.57 -131.47
N MET BA 128 -9.62 -19.71 -130.29
CA MET BA 128 -11.07 -19.80 -130.21
C MET BA 128 -11.74 -18.57 -130.82
N MET BA 129 -11.26 -17.38 -130.45
CA MET BA 129 -11.90 -16.16 -130.90
C MET BA 129 -11.79 -16.01 -132.41
N ASN BA 130 -10.65 -16.37 -132.98
CA ASN BA 130 -10.45 -16.23 -134.42
C ASN BA 130 -11.06 -17.38 -135.23
N ASN BA 131 -11.47 -18.48 -134.58
CA ASN BA 131 -12.08 -19.58 -135.30
C ASN BA 131 -13.58 -19.72 -135.11
N GLY BA 132 -14.15 -19.09 -134.09
CA GLY BA 132 -15.59 -19.15 -133.90
C GLY BA 132 -16.34 -18.40 -134.99
N ALA BA 133 -17.52 -18.92 -135.34
CA ALA BA 133 -18.29 -18.40 -136.46
C ALA BA 133 -19.67 -17.87 -136.11
N LEU BA 134 -20.28 -18.28 -135.00
CA LEU BA 134 -21.61 -17.82 -134.67
C LEU BA 134 -21.55 -16.45 -133.99
N SER BA 135 -22.65 -15.71 -134.11
CA SER BA 135 -22.74 -14.38 -133.50
C SER BA 135 -24.16 -14.15 -133.03
N LEU BA 136 -24.29 -13.44 -131.90
CA LEU BA 136 -25.58 -13.17 -131.30
C LEU BA 136 -25.54 -11.78 -130.67
N GLY BA 137 -26.65 -11.06 -130.77
CA GLY BA 137 -26.74 -9.75 -130.15
C GLY BA 137 -25.90 -8.71 -130.89
N SER BA 138 -25.72 -7.58 -130.22
CA SER BA 138 -24.93 -6.48 -130.75
C SER BA 138 -23.88 -6.06 -129.74
N PRO BA 139 -22.72 -5.57 -130.17
CA PRO BA 139 -21.64 -5.27 -129.23
C PRO BA 139 -21.76 -3.89 -128.61
N ASN BA 140 -22.91 -3.24 -128.78
CA ASN BA 140 -23.16 -1.95 -128.17
C ASN BA 140 -24.01 -2.03 -126.91
N THR BA 141 -24.36 -3.23 -126.47
CA THR BA 141 -25.21 -3.42 -125.31
C THR BA 141 -24.56 -4.43 -124.37
N PRO BA 142 -24.30 -4.07 -123.11
CA PRO BA 142 -23.75 -5.04 -122.17
C PRO BA 142 -24.80 -6.05 -121.74
N ILE BA 143 -24.33 -7.19 -121.24
CA ILE BA 143 -25.22 -8.24 -120.76
C ILE BA 143 -25.84 -7.80 -119.45
N THR BA 144 -27.18 -7.68 -119.44
CA THR BA 144 -27.87 -7.16 -118.27
C THR BA 144 -29.11 -7.96 -117.88
N LYS BA 145 -29.40 -9.08 -118.54
CA LYS BA 145 -30.67 -9.76 -118.31
C LYS BA 145 -30.54 -11.24 -118.61
N TRP BA 146 -31.61 -11.97 -118.25
CA TRP BA 146 -31.60 -13.43 -118.35
C TRP BA 146 -31.62 -13.91 -119.78
N SER BA 147 -32.37 -13.22 -120.65
CA SER BA 147 -32.48 -13.64 -122.04
C SER BA 147 -31.14 -13.58 -122.75
N ASP BA 148 -30.29 -12.61 -122.38
CA ASP BA 148 -28.97 -12.48 -123.00
C ASP BA 148 -28.16 -13.75 -122.87
N VAL BA 149 -28.29 -14.48 -121.76
CA VAL BA 149 -27.59 -15.73 -121.57
C VAL BA 149 -28.40 -16.93 -122.05
N ALA BA 150 -29.72 -16.91 -121.90
CA ALA BA 150 -30.53 -18.04 -122.35
C ALA BA 150 -30.51 -18.19 -123.87
N GLN BA 151 -30.25 -17.09 -124.59
CA GLN BA 151 -30.30 -17.15 -126.05
C GLN BA 151 -29.21 -18.06 -126.60
N THR BA 152 -28.09 -18.22 -125.88
CA THR BA 152 -27.04 -19.11 -126.37
C THR BA 152 -27.51 -20.56 -126.39
N ALA BA 153 -28.08 -21.03 -125.28
CA ALA BA 153 -28.61 -22.39 -125.23
C ALA BA 153 -29.76 -22.55 -126.22
N SER BA 154 -30.59 -21.52 -126.35
CA SER BA 154 -31.69 -21.60 -127.32
C SER BA 154 -31.16 -21.76 -128.74
N PHE BA 155 -30.12 -20.99 -129.09
CA PHE BA 155 -29.56 -21.06 -130.44
C PHE BA 155 -28.90 -22.40 -130.70
N LEU BA 156 -28.14 -22.93 -129.72
CA LEU BA 156 -27.53 -24.24 -129.90
C LEU BA 156 -28.59 -25.33 -130.06
N LYS BA 157 -29.65 -25.28 -129.25
CA LYS BA 157 -30.72 -26.27 -129.41
C LYS BA 157 -31.42 -26.13 -130.75
N ASP BA 158 -31.60 -24.90 -131.22
CA ASP BA 158 -32.29 -24.69 -132.49
C ASP BA 158 -31.46 -25.17 -133.67
N LEU BA 159 -30.13 -24.96 -133.61
CA LEU BA 159 -29.29 -25.38 -134.73
C LEU BA 159 -29.32 -26.89 -134.91
N GLY BA 160 -29.25 -27.64 -133.81
CA GLY BA 160 -29.36 -29.08 -133.89
C GLY BA 160 -28.20 -29.85 -133.29
N VAL BA 161 -27.43 -29.21 -132.42
CA VAL BA 161 -26.34 -29.90 -131.74
C VAL BA 161 -26.92 -30.86 -130.71
N ASN BA 162 -26.23 -31.99 -130.51
CA ASN BA 162 -26.74 -33.02 -129.61
C ASN BA 162 -25.71 -33.60 -128.65
N GLU BA 163 -24.42 -33.55 -128.94
CA GLU BA 163 -23.41 -34.25 -128.16
C GLU BA 163 -22.50 -33.26 -127.46
N GLY BA 164 -22.11 -33.61 -126.24
CA GLY BA 164 -21.19 -32.79 -125.47
C GLY BA 164 -21.89 -31.84 -124.52
N GLU BA 165 -21.07 -31.04 -123.86
CA GLU BA 165 -21.52 -30.06 -122.88
C GLU BA 165 -21.29 -28.65 -123.41
N ASN BA 166 -22.33 -27.83 -123.38
CA ASN BA 166 -22.22 -26.44 -123.81
C ASN BA 166 -21.70 -25.58 -122.68
N TYR BA 167 -20.79 -24.66 -123.02
CA TYR BA 167 -20.18 -23.79 -122.03
C TYR BA 167 -20.26 -22.35 -122.52
N ALA BA 168 -20.35 -21.43 -121.56
CA ALA BA 168 -20.31 -20.00 -121.85
C ALA BA 168 -19.42 -19.32 -120.83
N VAL BA 169 -18.45 -18.54 -121.30
CA VAL BA 169 -17.45 -17.91 -120.45
C VAL BA 169 -17.78 -16.42 -120.35
N MET BA 170 -17.78 -15.90 -119.13
CA MET BA 170 -18.12 -14.51 -118.88
C MET BA 170 -17.13 -13.87 -117.90
N ASP BA 171 -17.03 -12.56 -117.97
CA ASP BA 171 -16.07 -11.78 -117.18
C ASP BA 171 -16.73 -11.28 -115.91
N PRO BA 172 -15.93 -10.79 -114.95
CA PRO BA 172 -16.50 -10.36 -113.65
C PRO BA 172 -17.57 -9.29 -113.76
N TRP BA 173 -17.46 -8.35 -114.71
CA TRP BA 173 -18.47 -7.31 -114.82
C TRP BA 173 -19.82 -7.89 -115.23
N SER BA 174 -19.82 -8.76 -116.24
CA SER BA 174 -21.06 -9.43 -116.63
C SER BA 174 -21.57 -10.31 -115.50
N ALA BA 175 -20.66 -10.93 -114.75
CA ALA BA 175 -21.09 -11.75 -113.62
C ALA BA 175 -21.81 -10.91 -112.57
N GLN BA 176 -21.28 -9.72 -112.26
CA GLN BA 176 -21.92 -8.88 -111.26
C GLN BA 176 -23.24 -8.31 -111.78
N ARG BA 177 -23.34 -8.05 -113.09
CA ARG BA 177 -24.62 -7.59 -113.63
C ARG BA 177 -25.67 -8.70 -113.58
N LEU BA 178 -25.26 -9.94 -113.86
CA LEU BA 178 -26.17 -11.07 -113.72
C LEU BA 178 -26.59 -11.26 -112.27
N ALA BA 179 -25.65 -11.05 -111.34
CA ALA BA 179 -25.99 -11.12 -109.92
C ALA BA 179 -27.00 -10.04 -109.55
N ASP BA 180 -26.82 -8.83 -110.08
CA ASP BA 180 -27.79 -7.77 -109.83
C ASP BA 180 -29.16 -8.13 -110.38
N ALA BA 181 -29.21 -8.74 -111.56
CA ALA BA 181 -30.49 -9.17 -112.12
C ALA BA 181 -31.12 -10.27 -111.26
N GLN BA 182 -30.31 -11.19 -110.74
CA GLN BA 182 -30.81 -12.26 -109.89
C GLN BA 182 -31.31 -11.72 -108.55
N THR BA 183 -30.72 -10.63 -108.07
CA THR BA 183 -31.13 -10.06 -106.78
C THR BA 183 -32.60 -9.67 -106.75
N GLY BA 184 -33.21 -9.42 -107.90
CA GLY BA 184 -34.59 -9.01 -107.98
C GLY BA 184 -35.61 -10.13 -107.97
N LEU BA 185 -35.21 -11.35 -107.62
CA LEU BA 185 -36.14 -12.47 -107.58
C LEU BA 185 -37.17 -12.26 -106.47
N HIS BA 186 -38.35 -12.85 -106.66
CA HIS BA 186 -39.49 -12.58 -105.79
C HIS BA 186 -39.90 -13.77 -104.92
N ALA BA 187 -39.43 -14.98 -105.22
CA ALA BA 187 -39.89 -16.16 -104.49
C ALA BA 187 -38.79 -16.87 -103.74
N SER BA 188 -37.68 -17.21 -104.40
CA SER BA 188 -36.63 -17.99 -103.78
C SER BA 188 -35.68 -17.09 -103.00
N ASP BA 189 -35.36 -17.50 -101.78
CA ASP BA 189 -34.54 -16.70 -100.89
C ASP BA 189 -33.06 -17.07 -100.91
N GLN BA 190 -32.73 -18.34 -101.19
CA GLN BA 190 -31.33 -18.74 -101.25
C GLN BA 190 -30.58 -17.98 -102.34
N LEU BA 191 -31.16 -17.91 -103.53
CA LEU BA 191 -30.51 -17.21 -104.63
C LEU BA 191 -30.36 -15.73 -104.31
N VAL BA 192 -31.40 -15.12 -103.74
CA VAL BA 192 -31.35 -13.70 -103.41
C VAL BA 192 -30.26 -13.43 -102.38
N ARG BA 193 -30.19 -14.24 -101.33
CA ARG BA 193 -29.19 -14.05 -100.29
C ARG BA 193 -27.78 -14.23 -100.85
N THR BA 194 -27.57 -15.27 -101.67
CA THR BA 194 -26.24 -15.50 -102.23
C THR BA 194 -25.83 -14.37 -103.15
N ALA BA 195 -26.74 -13.89 -103.99
CA ALA BA 195 -26.40 -12.79 -104.89
C ALA BA 195 -26.14 -11.50 -104.12
N TRP BA 196 -26.93 -11.24 -103.08
CA TRP BA 196 -26.75 -10.01 -102.32
C TRP BA 196 -25.45 -10.01 -101.52
N GLU BA 197 -25.05 -11.17 -101.00
CA GLU BA 197 -23.85 -11.21 -100.17
C GLU BA 197 -22.59 -11.45 -101.00
N ASN BA 198 -22.51 -12.59 -101.68
CA ASN BA 198 -21.29 -12.98 -102.37
C ASN BA 198 -21.26 -12.60 -103.84
N ALA BA 199 -22.37 -12.15 -104.42
CA ALA BA 199 -22.42 -11.69 -105.80
C ALA BA 199 -21.91 -12.75 -106.77
N GLN BA 200 -22.37 -13.98 -106.61
CA GLN BA 200 -21.98 -15.09 -107.47
C GLN BA 200 -23.23 -15.74 -108.03
N ILE BA 201 -23.23 -15.95 -109.35
CA ILE BA 201 -24.35 -16.62 -110.03
C ILE BA 201 -24.23 -18.12 -109.77
N PRO BA 202 -25.32 -18.89 -109.91
CA PRO BA 202 -25.22 -20.35 -109.71
C PRO BA 202 -24.45 -21.02 -110.84
N THR BA 203 -24.34 -22.34 -110.78
CA THR BA 203 -23.59 -23.06 -111.81
C THR BA 203 -24.32 -23.04 -113.15
N ASN BA 204 -25.54 -23.58 -113.18
CA ASN BA 204 -26.34 -23.60 -114.41
C ASN BA 204 -27.14 -22.31 -114.49
N PHE BA 205 -26.90 -21.54 -115.54
CA PHE BA 205 -27.62 -20.29 -115.77
C PHE BA 205 -28.32 -20.37 -117.12
N GLY BA 206 -29.64 -20.40 -117.10
CA GLY BA 206 -30.41 -20.45 -118.33
C GLY BA 206 -30.17 -21.68 -119.18
N GLY BA 207 -30.04 -22.83 -118.54
CA GLY BA 207 -29.83 -24.08 -119.27
C GLY BA 207 -28.50 -24.19 -119.96
N ILE BA 208 -27.44 -23.71 -119.33
CA ILE BA 208 -26.08 -23.83 -119.87
C ILE BA 208 -25.10 -23.61 -118.72
N ARG BA 209 -23.88 -24.12 -118.87
CA ARG BA 209 -22.87 -24.01 -117.83
C ARG BA 209 -22.08 -22.72 -118.03
N ALA BA 210 -22.09 -21.87 -117.00
CA ALA BA 210 -21.44 -20.56 -117.06
C ALA BA 210 -20.15 -20.60 -116.25
N LEU BA 211 -19.06 -20.18 -116.89
CA LEU BA 211 -17.75 -20.14 -116.26
C LEU BA 211 -17.29 -18.69 -116.13
N MET BA 212 -16.96 -18.29 -114.92
CA MET BA 212 -16.48 -16.94 -114.64
C MET BA 212 -14.95 -16.96 -114.56
N SER BA 213 -14.31 -16.16 -115.40
CA SER BA 213 -12.85 -16.09 -115.44
C SER BA 213 -12.43 -14.77 -116.04
N ASN BA 214 -11.37 -14.18 -115.49
CA ASN BA 214 -10.86 -12.92 -115.99
C ASN BA 214 -9.77 -13.10 -117.05
N GLY BA 215 -9.35 -14.32 -117.32
CA GLY BA 215 -8.39 -14.58 -118.37
C GLY BA 215 -9.06 -14.82 -119.71
N LEU BA 216 -9.12 -13.78 -120.55
CA LEU BA 216 -9.84 -13.87 -121.80
C LEU BA 216 -9.24 -12.87 -122.78
N ALA BA 217 -9.22 -13.22 -124.05
CA ALA BA 217 -8.54 -12.43 -125.05
C ALA BA 217 -9.32 -11.14 -125.38
N SER BA 218 -8.57 -10.11 -125.75
CA SER BA 218 -9.14 -8.83 -126.16
C SER BA 218 -8.63 -8.47 -127.54
N ARG BA 219 -9.46 -7.75 -128.30
CA ARG BA 219 -9.14 -7.45 -129.68
C ARG BA 219 -9.60 -6.05 -130.05
N THR BA 220 -8.94 -5.48 -131.05
CA THR BA 220 -9.29 -4.18 -131.61
C THR BA 220 -10.12 -4.40 -132.87
N GLN BA 221 -11.07 -3.49 -133.13
CA GLN BA 221 -11.99 -3.70 -134.24
C GLN BA 221 -11.31 -3.43 -135.59
N GLY BA 222 -10.48 -2.39 -135.66
CA GLY BA 222 -9.89 -2.01 -136.92
C GLY BA 222 -10.81 -1.12 -137.72
N ALA BA 223 -10.29 -0.01 -138.24
CA ALA BA 223 -11.12 1.00 -138.86
C ALA BA 223 -11.73 0.51 -140.17
N PHE BA 224 -12.99 0.85 -140.40
CA PHE BA 224 -13.67 0.58 -141.65
C PHE BA 224 -14.78 1.61 -141.83
N GLY BA 225 -15.60 1.41 -142.84
CA GLY BA 225 -16.72 2.32 -143.08
C GLY BA 225 -17.19 2.25 -144.52
N GLY BA 226 -18.38 2.77 -144.74
CA GLY BA 226 -18.98 2.78 -146.07
C GLY BA 226 -19.83 1.55 -146.32
N THR BA 227 -20.72 1.68 -147.30
CA THR BA 227 -21.61 0.59 -147.67
C THR BA 227 -20.80 -0.51 -148.37
N LEU BA 228 -20.96 -1.75 -147.93
CA LEU BA 228 -20.21 -2.87 -148.45
C LEU BA 228 -21.15 -3.86 -149.14
N THR BA 229 -20.79 -4.27 -150.34
CA THR BA 229 -21.54 -5.26 -151.10
C THR BA 229 -20.56 -6.19 -151.79
N VAL BA 230 -20.98 -7.44 -151.99
CA VAL BA 230 -20.11 -8.41 -152.65
C VAL BA 230 -19.95 -8.03 -154.13
N LYS BA 231 -18.80 -8.37 -154.68
CA LYS BA 231 -18.46 -7.99 -156.05
C LYS BA 231 -18.50 -9.16 -157.03
N THR BA 232 -17.90 -10.29 -156.70
CA THR BA 232 -17.93 -11.46 -157.57
C THR BA 232 -18.51 -12.63 -156.78
N GLN BA 233 -19.40 -13.37 -157.42
CA GLN BA 233 -20.06 -14.48 -156.74
C GLN BA 233 -19.04 -15.53 -156.34
N PRO BA 234 -18.98 -15.92 -155.08
CA PRO BA 234 -17.99 -16.89 -154.62
C PRO BA 234 -18.42 -18.32 -154.98
N THR BA 235 -17.52 -19.26 -154.72
CA THR BA 235 -17.76 -20.68 -154.92
C THR BA 235 -17.86 -21.33 -153.55
N VAL BA 236 -19.09 -21.66 -153.15
CA VAL BA 236 -19.34 -22.21 -151.82
C VAL BA 236 -19.83 -23.64 -151.95
N THR BA 237 -19.39 -24.32 -153.01
CA THR BA 237 -19.73 -25.73 -153.20
C THR BA 237 -19.04 -26.59 -152.15
N TYR BA 238 -19.74 -27.65 -151.73
CA TYR BA 238 -19.17 -28.55 -150.73
C TYR BA 238 -17.89 -29.20 -151.24
N ASN BA 239 -17.84 -29.47 -152.54
CA ASN BA 239 -16.62 -30.04 -153.11
C ASN BA 239 -15.44 -29.08 -153.06
N ALA BA 240 -15.69 -27.79 -152.77
CA ALA BA 240 -14.65 -26.80 -152.61
C ALA BA 240 -14.37 -26.45 -151.16
N VAL BA 241 -15.37 -26.56 -150.28
CA VAL BA 241 -15.19 -26.22 -148.87
C VAL BA 241 -15.16 -27.45 -147.97
N LYS BA 242 -14.99 -28.64 -148.54
CA LYS BA 242 -15.03 -29.87 -147.76
C LYS BA 242 -13.73 -30.16 -147.04
N ASP BA 243 -12.76 -29.24 -147.00
CA ASP BA 243 -11.48 -29.52 -146.34
C ASP BA 243 -11.18 -28.62 -145.16
N SER BA 244 -11.63 -27.36 -145.16
CA SER BA 244 -11.31 -26.43 -144.09
C SER BA 244 -12.49 -25.62 -143.59
N TYR BA 245 -13.63 -25.64 -144.26
CA TYR BA 245 -14.79 -24.82 -143.90
C TYR BA 245 -14.46 -23.33 -143.89
N GLN BA 246 -13.56 -22.92 -144.78
CA GLN BA 246 -13.21 -21.52 -144.97
C GLN BA 246 -13.28 -21.18 -146.45
N PHE BA 247 -13.60 -19.92 -146.75
CA PHE BA 247 -13.69 -19.48 -148.13
C PHE BA 247 -13.12 -18.07 -148.25
N THR BA 248 -13.22 -17.48 -149.43
CA THR BA 248 -12.70 -16.16 -149.69
C THR BA 248 -13.71 -15.35 -150.48
N VAL BA 249 -13.75 -14.04 -150.25
CA VAL BA 249 -14.72 -13.17 -150.89
C VAL BA 249 -14.13 -11.78 -151.06
N THR BA 250 -14.55 -11.09 -152.11
CA THR BA 250 -14.15 -9.72 -152.39
C THR BA 250 -15.37 -8.81 -152.22
N LEU BA 251 -15.13 -7.64 -151.64
CA LEU BA 251 -16.16 -6.67 -151.33
C LEU BA 251 -15.81 -5.32 -151.94
N THR BA 252 -16.84 -4.60 -152.37
CA THR BA 252 -16.68 -3.27 -152.95
C THR BA 252 -17.44 -2.25 -152.12
N GLY BA 253 -17.15 -0.97 -152.39
CA GLY BA 253 -17.79 0.11 -151.67
C GLY BA 253 -17.07 0.59 -150.44
N ALA BA 254 -15.86 0.10 -150.18
CA ALA BA 254 -15.11 0.53 -149.01
C ALA BA 254 -14.53 1.93 -149.24
N THR BA 255 -13.72 2.38 -148.28
CA THR BA 255 -13.08 3.68 -148.38
C THR BA 255 -11.99 3.65 -149.44
N ALA BA 256 -11.33 4.79 -149.64
CA ALA BA 256 -10.35 4.93 -150.70
C ALA BA 256 -9.17 3.98 -150.53
N SER BA 257 -8.38 4.18 -149.48
CA SER BA 257 -7.22 3.32 -149.23
C SER BA 257 -6.87 3.41 -147.75
N VAL BA 258 -7.26 2.38 -146.98
CA VAL BA 258 -6.97 2.31 -145.56
C VAL BA 258 -6.31 0.97 -145.27
N THR BA 259 -5.17 1.01 -144.60
CA THR BA 259 -4.50 -0.22 -144.18
C THR BA 259 -5.15 -0.74 -142.91
N GLY BA 260 -5.14 -2.06 -142.74
CA GLY BA 260 -5.80 -2.68 -141.62
C GLY BA 260 -7.30 -2.45 -141.65
N PHE BA 261 -7.90 -2.58 -142.83
CA PHE BA 261 -9.33 -2.34 -142.97
C PHE BA 261 -10.14 -3.33 -142.15
N LEU BA 262 -9.77 -4.62 -142.19
CA LEU BA 262 -10.44 -5.65 -141.41
C LEU BA 262 -9.39 -6.46 -140.67
N LYS BA 263 -9.46 -6.49 -139.36
CA LYS BA 263 -8.52 -7.21 -138.53
C LYS BA 263 -9.13 -8.54 -138.07
N ALA BA 264 -8.25 -9.42 -137.60
CA ALA BA 264 -8.68 -10.75 -137.19
C ALA BA 264 -9.66 -10.67 -136.02
N GLY BA 265 -10.68 -11.53 -136.07
CA GLY BA 265 -11.70 -11.56 -135.05
C GLY BA 265 -12.96 -10.81 -135.40
N ASP BA 266 -12.97 -10.02 -136.47
CA ASP BA 266 -14.16 -9.29 -136.86
C ASP BA 266 -15.20 -10.23 -137.46
N GLN BA 267 -16.45 -9.79 -137.44
CA GLN BA 267 -17.56 -10.60 -137.92
C GLN BA 267 -18.30 -9.85 -139.02
N VAL BA 268 -18.63 -10.58 -140.09
CA VAL BA 268 -19.34 -10.05 -141.23
C VAL BA 268 -20.67 -10.79 -141.35
N LYS BA 269 -21.76 -10.02 -141.44
CA LYS BA 269 -23.11 -10.55 -141.50
C LYS BA 269 -23.69 -10.37 -142.89
N PHE BA 270 -24.26 -11.44 -143.43
CA PHE BA 270 -24.95 -11.41 -144.72
C PHE BA 270 -26.44 -11.24 -144.43
N THR BA 271 -27.00 -10.11 -144.87
CA THR BA 271 -28.34 -9.71 -144.41
C THR BA 271 -29.42 -10.65 -144.93
N ASN BA 272 -29.39 -10.97 -146.23
CA ASN BA 272 -30.47 -11.71 -146.86
C ASN BA 272 -30.15 -13.19 -147.02
N THR BA 273 -29.33 -13.75 -146.13
CA THR BA 273 -29.00 -15.17 -146.16
C THR BA 273 -29.19 -15.73 -144.78
N TYR BA 274 -30.14 -16.66 -144.63
CA TYR BA 274 -30.58 -17.13 -143.33
C TYR BA 274 -29.99 -18.51 -143.02
N TRP BA 275 -29.80 -18.77 -141.73
CA TRP BA 275 -29.35 -20.07 -141.27
C TRP BA 275 -30.41 -21.12 -141.53
N LEU BA 276 -29.96 -22.36 -141.69
CA LEU BA 276 -30.84 -23.51 -141.82
C LEU BA 276 -30.55 -24.51 -140.70
N GLN BA 277 -31.60 -25.16 -140.21
CA GLN BA 277 -31.40 -26.27 -139.30
C GLN BA 277 -30.81 -27.45 -140.06
N GLN BA 278 -29.73 -28.01 -139.54
CA GLN BA 278 -28.89 -28.93 -140.30
C GLN BA 278 -29.48 -30.32 -140.44
N GLN BA 279 -30.72 -30.54 -140.04
CA GLN BA 279 -31.33 -31.84 -140.25
C GLN BA 279 -32.64 -31.78 -141.02
N THR BA 280 -33.49 -30.79 -140.73
CA THR BA 280 -34.74 -30.64 -141.44
C THR BA 280 -34.68 -29.64 -142.58
N LYS BA 281 -33.57 -28.90 -142.71
CA LYS BA 281 -33.37 -27.92 -143.78
C LYS BA 281 -34.48 -26.87 -143.80
N GLN BA 282 -34.89 -26.41 -142.63
CA GLN BA 282 -35.88 -25.35 -142.49
C GLN BA 282 -35.20 -24.11 -141.92
N ALA BA 283 -35.60 -22.94 -142.42
CA ALA BA 283 -34.97 -21.69 -142.00
C ALA BA 283 -35.25 -21.43 -140.52
N LEU BA 284 -34.30 -20.75 -139.87
CA LEU BA 284 -34.40 -20.43 -138.45
C LEU BA 284 -35.07 -19.08 -138.29
N TYR BA 285 -36.25 -19.07 -137.69
CA TYR BA 285 -37.02 -17.85 -137.47
C TYR BA 285 -37.18 -17.62 -135.98
N ASN BA 286 -36.80 -16.44 -135.52
CA ASN BA 286 -37.04 -15.99 -134.15
C ASN BA 286 -38.27 -15.10 -134.18
N GLY BA 287 -39.43 -15.69 -133.93
CA GLY BA 287 -40.67 -14.96 -134.14
C GLY BA 287 -40.93 -14.77 -135.61
N ALA BA 288 -40.78 -13.54 -136.11
CA ALA BA 288 -40.90 -13.27 -137.53
C ALA BA 288 -39.60 -12.71 -138.12
N THR BA 289 -38.51 -12.68 -137.36
CA THR BA 289 -37.24 -12.17 -137.84
C THR BA 289 -36.26 -13.30 -138.04
N PRO BA 290 -35.89 -13.63 -139.28
CA PRO BA 290 -34.95 -14.74 -139.50
C PRO BA 290 -33.56 -14.41 -138.98
N ILE BA 291 -32.82 -15.47 -138.64
CA ILE BA 291 -31.44 -15.34 -138.19
C ILE BA 291 -30.53 -15.28 -139.41
N SER BA 292 -29.70 -14.25 -139.48
CA SER BA 292 -28.85 -14.02 -140.64
C SER BA 292 -27.51 -14.73 -140.48
N PHE BA 293 -26.95 -15.15 -141.62
CA PHE BA 293 -25.68 -15.86 -141.61
C PHE BA 293 -24.53 -14.90 -141.30
N THR BA 294 -23.50 -15.44 -140.63
CA THR BA 294 -22.34 -14.66 -140.24
C THR BA 294 -21.07 -15.44 -140.52
N ALA BA 295 -19.95 -14.72 -140.54
CA ALA BA 295 -18.65 -15.33 -140.74
C ALA BA 295 -17.59 -14.50 -140.02
N THR BA 296 -16.45 -15.12 -139.76
CA THR BA 296 -15.38 -14.52 -138.98
C THR BA 296 -14.14 -14.33 -139.84
N VAL BA 297 -13.53 -13.15 -139.75
CA VAL BA 297 -12.31 -12.85 -140.48
C VAL BA 297 -11.13 -13.53 -139.80
N THR BA 298 -10.25 -14.14 -140.61
CA THR BA 298 -9.11 -14.86 -140.06
C THR BA 298 -7.83 -14.03 -140.13
N ALA BA 299 -7.54 -13.45 -141.28
CA ALA BA 299 -6.30 -12.70 -141.49
C ALA BA 299 -6.64 -11.24 -141.81
N ASP BA 300 -5.65 -10.38 -141.59
CA ASP BA 300 -5.83 -8.96 -141.84
C ASP BA 300 -6.05 -8.69 -143.32
N ALA BA 301 -6.90 -7.71 -143.61
CA ALA BA 301 -7.21 -7.32 -144.97
C ALA BA 301 -7.17 -5.80 -145.09
N ASN BA 302 -6.44 -5.33 -146.09
CA ASN BA 302 -6.29 -3.90 -146.37
C ASN BA 302 -7.04 -3.54 -147.63
N SER BA 303 -7.47 -2.29 -147.71
CA SER BA 303 -8.23 -1.79 -148.84
C SER BA 303 -7.32 -1.05 -149.80
N ASP BA 304 -7.35 -1.46 -151.07
CA ASP BA 304 -6.62 -0.79 -152.12
C ASP BA 304 -7.47 0.32 -152.73
N SER BA 305 -6.90 1.01 -153.71
CA SER BA 305 -7.65 2.06 -154.40
C SER BA 305 -8.85 1.46 -155.13
N GLY BA 306 -9.93 2.24 -155.17
CA GLY BA 306 -11.17 1.77 -155.75
C GLY BA 306 -12.10 1.07 -154.80
N GLY BA 307 -11.75 0.97 -153.52
CA GLY BA 307 -12.62 0.35 -152.53
C GLY BA 307 -12.83 -1.13 -152.72
N ASP BA 308 -11.77 -1.87 -153.02
CA ASP BA 308 -11.82 -3.31 -153.18
C ASP BA 308 -11.11 -3.98 -152.02
N VAL BA 309 -11.80 -4.88 -151.32
CA VAL BA 309 -11.26 -5.57 -150.16
C VAL BA 309 -11.48 -7.06 -150.35
N THR BA 310 -10.41 -7.80 -150.58
CA THR BA 310 -10.47 -9.26 -150.67
C THR BA 310 -10.06 -9.83 -149.31
N VAL BA 311 -10.79 -10.82 -148.83
CA VAL BA 311 -10.60 -11.31 -147.47
C VAL BA 311 -11.09 -12.75 -147.37
N THR BA 312 -10.42 -13.54 -146.54
CA THR BA 312 -10.82 -14.91 -146.26
C THR BA 312 -11.66 -14.97 -145.00
N LEU BA 313 -12.66 -15.84 -145.01
CA LEU BA 313 -13.63 -15.96 -143.93
C LEU BA 313 -13.68 -17.41 -143.45
N SER BA 314 -13.94 -17.58 -142.16
CA SER BA 314 -14.13 -18.90 -141.56
C SER BA 314 -15.62 -19.14 -141.36
N GLY BA 315 -16.07 -20.32 -141.77
CA GLY BA 315 -17.50 -20.62 -141.78
C GLY BA 315 -18.09 -20.40 -143.16
N VAL BA 316 -18.59 -21.44 -143.78
CA VAL BA 316 -19.00 -21.38 -145.18
C VAL BA 316 -20.51 -21.59 -145.31
N PRO BA 317 -21.20 -20.78 -146.12
CA PRO BA 317 -22.61 -20.99 -146.43
C PRO BA 317 -22.81 -21.92 -147.62
N ILE BA 318 -22.68 -23.22 -147.36
CA ILE BA 318 -22.73 -24.22 -148.42
C ILE BA 318 -24.11 -24.22 -149.06
N TYR BA 319 -24.13 -24.25 -150.40
CA TYR BA 319 -25.37 -24.31 -151.15
C TYR BA 319 -25.05 -24.96 -152.50
N ASP BA 320 -25.37 -26.24 -152.64
CA ASP BA 320 -25.04 -27.01 -153.83
C ASP BA 320 -26.30 -27.22 -154.66
N THR BA 321 -26.21 -26.86 -155.94
CA THR BA 321 -27.29 -27.14 -156.89
C THR BA 321 -27.26 -28.57 -157.39
N THR BA 322 -26.18 -29.31 -157.13
CA THR BA 322 -26.06 -30.69 -157.54
C THR BA 322 -25.96 -31.67 -156.39
N ASN BA 323 -25.62 -31.21 -155.19
CA ASN BA 323 -25.55 -32.05 -153.99
C ASN BA 323 -26.27 -31.34 -152.86
N PRO BA 324 -27.61 -31.29 -152.91
CA PRO BA 324 -28.37 -30.55 -151.89
C PRO BA 324 -28.39 -31.18 -150.52
N GLN BA 325 -27.64 -32.26 -150.30
CA GLN BA 325 -27.58 -32.87 -148.97
C GLN BA 325 -26.92 -31.92 -147.97
N TYR BA 326 -25.89 -31.21 -148.40
CA TYR BA 326 -25.02 -30.46 -147.50
C TYR BA 326 -25.36 -28.97 -147.45
N ASN BA 327 -26.58 -28.59 -147.80
CA ASN BA 327 -26.97 -27.19 -147.76
C ASN BA 327 -26.98 -26.69 -146.31
N SER BA 328 -26.62 -25.42 -146.14
CA SER BA 328 -26.57 -24.80 -144.82
C SER BA 328 -27.24 -23.43 -144.77
N VAL BA 329 -27.58 -22.86 -145.92
CA VAL BA 329 -28.25 -21.56 -145.97
C VAL BA 329 -29.40 -21.66 -146.97
N SER BA 330 -30.35 -20.73 -146.86
CA SER BA 330 -31.57 -20.81 -147.65
C SER BA 330 -31.38 -20.40 -149.11
N ARG BA 331 -30.31 -19.68 -149.43
CA ARG BA 331 -30.13 -19.22 -150.81
C ARG BA 331 -28.64 -18.96 -151.05
N GLN BA 332 -28.28 -18.97 -152.33
CA GLN BA 332 -26.92 -18.65 -152.74
C GLN BA 332 -26.67 -17.15 -152.60
N VAL BA 333 -25.43 -16.81 -152.26
CA VAL BA 333 -25.01 -15.42 -152.10
C VAL BA 333 -24.57 -14.92 -153.48
N GLU BA 334 -25.50 -14.30 -154.20
CA GLU BA 334 -25.18 -13.73 -155.50
C GLU BA 334 -24.43 -12.40 -155.33
N ALA BA 335 -23.79 -11.98 -156.42
CA ALA BA 335 -23.07 -10.72 -156.40
C ALA BA 335 -24.05 -9.55 -156.24
N GLY BA 336 -23.61 -8.53 -155.51
CA GLY BA 336 -24.43 -7.38 -155.23
C GLY BA 336 -25.21 -7.43 -153.94
N ASP BA 337 -25.18 -8.55 -153.21
CA ASP BA 337 -25.87 -8.65 -151.94
C ASP BA 337 -25.21 -7.76 -150.91
N ALA BA 338 -26.02 -7.16 -150.03
CA ALA BA 338 -25.51 -6.24 -149.03
C ALA BA 338 -25.05 -6.98 -147.79
N VAL BA 339 -23.87 -6.61 -147.29
CA VAL BA 339 -23.29 -7.21 -146.09
C VAL BA 339 -22.99 -6.10 -145.10
N SER BA 340 -22.78 -6.50 -143.85
CA SER BA 340 -22.50 -5.54 -142.78
C SER BA 340 -21.37 -6.07 -141.91
N VAL BA 341 -20.73 -5.15 -141.19
CA VAL BA 341 -19.67 -5.49 -140.24
C VAL BA 341 -20.23 -5.30 -138.83
N VAL BA 342 -20.09 -6.31 -137.99
CA VAL BA 342 -20.69 -6.31 -136.66
C VAL BA 342 -19.71 -5.63 -135.72
N GLY BA 343 -20.05 -4.42 -135.29
CA GLY BA 343 -19.23 -3.71 -134.30
C GLY BA 343 -19.24 -2.22 -134.54
N THR BA 344 -18.16 -1.57 -134.13
CA THR BA 344 -17.99 -0.13 -134.25
C THR BA 344 -16.71 0.13 -135.04
N ALA BA 345 -16.34 1.41 -135.15
CA ALA BA 345 -15.26 1.82 -136.04
C ALA BA 345 -13.91 1.24 -135.64
N SER BA 346 -13.37 1.65 -134.49
CA SER BA 346 -12.03 1.21 -134.13
C SER BA 346 -11.87 0.93 -132.63
N GLN BA 347 -12.95 0.60 -131.92
CA GLN BA 347 -12.85 0.42 -130.48
C GLN BA 347 -12.15 -0.90 -130.14
N THR BA 348 -11.64 -0.96 -128.91
CA THR BA 348 -11.11 -2.20 -128.36
C THR BA 348 -12.17 -2.84 -127.49
N MET BA 349 -12.17 -4.17 -127.46
CA MET BA 349 -13.25 -4.91 -126.83
C MET BA 349 -12.73 -6.26 -126.35
N LYS BA 350 -13.57 -6.92 -125.54
CA LYS BA 350 -13.27 -8.24 -124.98
C LYS BA 350 -14.54 -9.07 -125.09
N PRO BA 351 -14.72 -9.78 -126.20
CA PRO BA 351 -15.99 -10.50 -126.41
C PRO BA 351 -16.12 -11.70 -125.49
N ASN BA 352 -17.37 -12.13 -125.31
CA ASN BA 352 -17.69 -13.31 -124.53
C ASN BA 352 -17.88 -14.50 -125.47
N LEU BA 353 -17.46 -15.67 -125.02
CA LEU BA 353 -17.46 -16.87 -125.86
C LEU BA 353 -18.47 -17.89 -125.35
N PHE BA 354 -19.04 -18.64 -126.29
CA PHE BA 354 -19.91 -19.77 -125.98
C PHE BA 354 -19.63 -20.86 -127.02
N TYR BA 355 -19.55 -22.10 -126.56
CA TYR BA 355 -19.12 -23.16 -127.47
C TYR BA 355 -19.58 -24.52 -126.95
N ASN BA 356 -19.72 -25.44 -127.90
CA ASN BA 356 -19.99 -26.83 -127.60
C ASN BA 356 -18.70 -27.55 -127.19
N LYS BA 357 -18.85 -28.78 -126.69
CA LYS BA 357 -17.69 -29.51 -126.20
C LYS BA 357 -16.69 -29.80 -127.31
N PHE BA 358 -17.18 -30.17 -128.49
CA PHE BA 358 -16.32 -30.55 -129.61
C PHE BA 358 -16.15 -29.42 -130.62
N PHE BA 359 -16.12 -28.17 -130.15
CA PHE BA 359 -15.87 -27.05 -131.05
C PHE BA 359 -14.41 -26.94 -131.43
N CYS BA 360 -13.50 -27.30 -130.52
CA CYS BA 360 -12.06 -27.29 -130.80
C CYS BA 360 -11.40 -28.32 -129.91
N GLY BA 361 -10.09 -28.49 -130.08
CA GLY BA 361 -9.33 -29.46 -129.32
C GLY BA 361 -7.99 -28.90 -128.91
N LEU BA 362 -7.24 -29.70 -128.17
CA LEU BA 362 -5.96 -29.27 -127.63
C LEU BA 362 -5.13 -30.49 -127.28
N GLY BA 363 -3.83 -30.41 -127.54
CA GLY BA 363 -2.92 -31.50 -127.20
C GLY BA 363 -1.52 -30.96 -127.00
N SER BA 364 -0.65 -31.84 -126.49
CA SER BA 364 0.74 -31.47 -126.22
C SER BA 364 1.67 -32.56 -126.74
N ILE BA 365 2.88 -32.16 -127.09
CA ILE BA 365 3.88 -33.07 -127.65
C ILE BA 365 4.99 -33.25 -126.63
N PRO BA 366 5.37 -34.48 -126.29
CA PRO BA 366 6.54 -34.67 -125.42
C PRO BA 366 7.84 -34.52 -126.22
N LEU BA 367 8.90 -34.23 -125.49
CA LEU BA 367 10.19 -33.93 -126.11
C LEU BA 367 11.28 -34.84 -125.59
N PRO BA 368 12.30 -35.12 -126.40
CA PRO BA 368 13.43 -35.91 -125.92
C PRO BA 368 14.52 -35.03 -125.31
N LYS BA 369 15.59 -35.66 -124.82
CA LYS BA 369 16.66 -34.96 -124.13
C LYS BA 369 17.86 -34.79 -125.05
N LEU BA 370 18.41 -33.58 -125.10
CA LEU BA 370 19.59 -33.32 -125.90
C LEU BA 370 20.80 -34.06 -125.34
N HIS BA 371 21.69 -34.50 -126.24
CA HIS BA 371 22.85 -35.28 -125.82
C HIS BA 371 23.77 -34.46 -124.93
N SER BA 372 24.38 -35.13 -123.96
CA SER BA 372 25.43 -34.57 -123.11
C SER BA 372 24.98 -33.37 -122.30
N ILE BA 373 23.67 -33.22 -122.06
CA ILE BA 373 23.15 -32.14 -121.24
C ILE BA 373 22.16 -32.74 -120.25
N ASP BA 374 22.33 -32.40 -118.97
CA ASP BA 374 21.41 -32.88 -117.95
C ASP BA 374 20.13 -32.05 -117.96
N SER BA 375 19.00 -32.74 -117.87
CA SER BA 375 17.71 -32.09 -118.02
C SER BA 375 16.73 -32.71 -117.04
N ALA BA 376 15.53 -32.12 -116.98
CA ALA BA 376 14.49 -32.60 -116.08
C ALA BA 376 13.14 -32.30 -116.69
N VAL BA 377 12.10 -32.94 -116.16
CA VAL BA 377 10.73 -32.74 -116.61
C VAL BA 377 9.86 -32.47 -115.39
N ALA BA 378 8.99 -31.47 -115.49
CA ALA BA 378 8.11 -31.09 -114.39
C ALA BA 378 6.67 -31.05 -114.87
N THR BA 379 5.75 -31.21 -113.93
CA THR BA 379 4.31 -31.22 -114.21
C THR BA 379 3.65 -30.09 -113.43
N TYR BA 380 2.82 -29.31 -114.11
CA TYR BA 380 2.13 -28.18 -113.50
C TYR BA 380 0.81 -27.96 -114.22
N GLU BA 381 -0.29 -27.96 -113.46
CA GLU BA 381 -1.64 -27.86 -114.01
C GLU BA 381 -1.87 -28.89 -115.11
N GLY BA 382 -1.35 -30.09 -114.90
CA GLY BA 382 -1.53 -31.14 -115.88
C GLY BA 382 -0.79 -30.92 -117.18
N PHE BA 383 0.27 -30.13 -117.17
CA PHE BA 383 1.08 -29.91 -118.36
C PHE BA 383 2.55 -30.19 -118.04
N SER BA 384 3.25 -30.74 -119.02
CA SER BA 384 4.64 -31.16 -118.86
C SER BA 384 5.55 -30.12 -119.47
N ILE BA 385 6.55 -29.69 -118.69
CA ILE BA 385 7.55 -28.72 -119.13
C ILE BA 385 8.93 -29.35 -118.98
N ARG BA 386 9.73 -29.29 -120.05
CA ARG BA 386 11.07 -29.87 -120.04
C ARG BA 386 12.08 -28.76 -119.85
N VAL BA 387 12.97 -28.92 -118.86
CA VAL BA 387 13.94 -27.91 -118.50
C VAL BA 387 15.34 -28.44 -118.79
N HIS BA 388 16.14 -27.63 -119.49
CA HIS BA 388 17.54 -27.91 -119.78
C HIS BA 388 18.42 -26.92 -119.04
N LYS BA 389 19.56 -27.39 -118.54
CA LYS BA 389 20.52 -26.57 -117.83
C LYS BA 389 21.90 -26.81 -118.42
N TYR BA 390 22.58 -25.74 -118.83
CA TYR BA 390 23.92 -25.85 -119.39
C TYR BA 390 24.72 -24.60 -119.01
N ALA BA 391 26.00 -24.60 -119.38
CA ALA BA 391 26.90 -23.51 -119.02
C ALA BA 391 27.93 -23.29 -120.11
N ASP BA 392 28.30 -22.03 -120.30
CA ASP BA 392 29.43 -21.70 -121.16
C ASP BA 392 30.73 -21.82 -120.37
N GLY BA 393 31.71 -22.48 -120.97
CA GLY BA 393 32.93 -22.80 -120.27
C GLY BA 393 33.89 -21.64 -120.10
N ASP BA 394 34.09 -20.86 -121.15
CA ASP BA 394 35.10 -19.82 -121.14
C ASP BA 394 34.62 -18.49 -120.58
N ALA BA 395 33.37 -18.39 -120.16
CA ALA BA 395 32.83 -17.13 -119.66
C ALA BA 395 32.22 -17.22 -118.27
N ASN BA 396 32.23 -18.40 -117.64
CA ASN BA 396 31.67 -18.60 -116.31
C ASN BA 396 30.20 -18.15 -116.26
N VAL BA 397 29.43 -18.60 -117.25
CA VAL BA 397 28.04 -18.22 -117.41
C VAL BA 397 27.18 -19.47 -117.39
N GLN BA 398 26.06 -19.40 -116.67
CA GLN BA 398 25.15 -20.52 -116.54
C GLN BA 398 23.79 -20.14 -117.12
N LYS BA 399 23.19 -21.04 -117.90
CA LYS BA 399 21.94 -20.78 -118.58
C LYS BA 399 20.99 -21.95 -118.42
N MET BA 400 19.69 -21.64 -118.42
CA MET BA 400 18.63 -22.63 -118.36
C MET BA 400 17.54 -22.27 -119.36
N ARG BA 401 16.75 -23.26 -119.73
CA ARG BA 401 15.65 -23.04 -120.68
C ARG BA 401 14.52 -24.02 -120.40
N PHE BA 402 13.30 -23.61 -120.76
CA PHE BA 402 12.10 -24.40 -120.57
C PHE BA 402 11.36 -24.54 -121.90
N ASP BA 403 10.80 -25.73 -122.13
CA ASP BA 403 10.18 -26.07 -123.41
C ASP BA 403 8.85 -26.78 -123.19
N LEU BA 404 7.92 -26.53 -124.11
CA LEU BA 404 6.61 -27.17 -124.14
C LEU BA 404 5.96 -26.94 -125.50
N LEU BA 405 5.53 -28.01 -126.16
CA LEU BA 405 4.95 -27.96 -127.50
C LEU BA 405 3.43 -28.15 -127.48
N PRO BA 406 2.66 -27.12 -127.88
CA PRO BA 406 1.21 -27.29 -127.98
C PRO BA 406 0.74 -27.67 -129.38
N ALA BA 407 -0.53 -28.08 -129.49
CA ALA BA 407 -1.15 -28.39 -130.78
C ALA BA 407 -2.65 -28.17 -130.69
N TYR BA 408 -3.23 -27.58 -131.73
CA TYR BA 408 -4.63 -27.18 -131.73
C TYR BA 408 -5.36 -27.74 -132.96
N VAL BA 409 -6.65 -28.04 -132.78
CA VAL BA 409 -7.52 -28.49 -133.85
C VAL BA 409 -8.83 -27.74 -133.77
N CYS BA 410 -9.40 -27.41 -134.93
CA CYS BA 410 -10.73 -26.82 -135.03
C CYS BA 410 -11.60 -27.77 -135.84
N PHE BA 411 -12.54 -28.46 -135.16
CA PHE BA 411 -13.34 -29.47 -135.83
C PHE BA 411 -14.42 -28.84 -136.71
N ASN BA 412 -15.34 -28.10 -136.11
CA ASN BA 412 -16.46 -27.52 -136.84
C ASN BA 412 -16.69 -26.09 -136.39
N PRO BA 413 -16.49 -25.11 -137.27
CA PRO BA 413 -16.72 -23.71 -136.88
C PRO BA 413 -18.16 -23.40 -136.54
N HIS BA 414 -19.12 -24.23 -136.95
CA HIS BA 414 -20.53 -23.96 -136.75
C HIS BA 414 -21.04 -24.42 -135.39
N MET BA 415 -20.15 -24.67 -134.43
CA MET BA 415 -20.56 -25.05 -133.08
C MET BA 415 -19.85 -24.15 -132.06
N GLY BA 416 -19.85 -22.85 -132.32
CA GLY BA 416 -19.26 -21.91 -131.38
C GLY BA 416 -19.18 -20.54 -132.00
N GLY BA 417 -18.90 -19.56 -131.15
CA GLY BA 417 -18.81 -18.18 -131.61
C GLY BA 417 -18.81 -17.22 -130.42
N GLN BA 418 -19.20 -15.98 -130.70
CA GLN BA 418 -19.24 -14.92 -129.71
C GLN BA 418 -20.68 -14.43 -129.55
N PHE BA 419 -21.05 -14.11 -128.31
CA PHE BA 419 -22.40 -13.66 -128.02
C PHE BA 419 -22.33 -12.38 -127.21
N PHE BA 420 -23.31 -11.49 -127.46
CA PHE BA 420 -23.41 -10.21 -126.78
C PHE BA 420 -24.83 -10.02 -126.28
N GLY BA 421 -24.99 -9.06 -125.37
CA GLY BA 421 -26.31 -8.67 -124.94
C GLY BA 421 -27.01 -7.81 -125.99
N ASN BA 422 -28.33 -7.90 -126.01
CA ASN BA 422 -29.11 -7.17 -126.99
C ASN BA 422 -30.25 -6.43 -126.30
N PRO BA 423 -30.60 -5.24 -126.78
CA PRO BA 423 -31.67 -4.44 -126.18
C PRO BA 423 -33.05 -4.89 -126.64
N ASN CA 3 86.03 19.33 -4.09
CA ASN CA 3 87.30 19.95 -4.46
C ASN CA 3 88.48 19.12 -3.96
N ASN CA 4 89.41 18.84 -4.88
CA ASN CA 4 90.65 18.13 -4.55
C ASN CA 4 90.36 16.75 -3.94
N LEU CA 5 89.74 15.88 -4.75
CA LEU CA 5 89.54 14.49 -4.39
C LEU CA 5 90.61 13.58 -4.97
N ASP CA 6 91.82 14.10 -5.18
CA ASP CA 6 92.84 13.36 -5.91
C ASP CA 6 93.29 12.12 -5.14
N SER CA 7 93.44 12.21 -3.81
CA SER CA 7 94.02 11.05 -3.08
C SER CA 7 93.05 9.90 -2.84
N ASN CA 8 91.76 10.04 -3.12
CA ASN CA 8 90.80 8.91 -3.01
C ASN CA 8 91.10 7.84 -4.06
N VAL CA 9 91.45 8.25 -5.29
CA VAL CA 9 91.64 7.29 -6.41
C VAL CA 9 93.10 6.84 -6.51
N SER CA 10 93.35 5.77 -7.23
CA SER CA 10 94.73 5.26 -7.41
C SER CA 10 95.06 5.10 -8.89
N GLN CA 11 96.22 5.59 -9.32
CA GLN CA 11 96.66 5.38 -10.73
C GLN CA 11 96.85 3.88 -10.94
N ILE CA 12 96.35 3.31 -12.03
CA ILE CA 12 96.38 1.83 -12.15
C ILE CA 12 96.91 1.41 -13.53
N VAL CA 13 97.54 0.23 -13.60
CA VAL CA 13 98.03 -0.31 -14.86
C VAL CA 13 97.52 -1.74 -14.96
N LEU CA 14 96.68 -2.01 -15.96
CA LEU CA 14 96.09 -3.32 -16.12
C LEU CA 14 97.14 -4.34 -16.56
N LYS CA 15 96.88 -5.60 -16.23
CA LYS CA 15 97.78 -6.70 -16.58
C LYS CA 15 97.42 -7.27 -17.95
N LYS CA 16 97.34 -6.38 -18.93
CA LYS CA 16 97.00 -6.74 -20.30
C LYS CA 16 98.09 -6.28 -21.24
N PHE CA 17 98.52 -7.16 -22.13
CA PHE CA 17 99.60 -6.86 -23.06
C PHE CA 17 99.05 -6.60 -24.45
N LEU CA 18 99.44 -5.48 -25.04
CA LEU CA 18 99.06 -5.17 -26.40
C LEU CA 18 99.84 -6.03 -27.39
N PRO CA 19 99.26 -6.33 -28.54
CA PRO CA 19 99.96 -7.17 -29.52
C PRO CA 19 101.03 -6.38 -30.27
N GLY CA 20 102.00 -7.11 -30.79
CA GLY CA 20 103.10 -6.49 -31.52
C GLY CA 20 103.16 -6.90 -32.97
N PHE CA 21 104.37 -6.99 -33.52
CA PHE CA 21 104.59 -7.32 -34.91
C PHE CA 21 105.27 -8.67 -35.01
N MET CA 22 104.91 -9.45 -36.03
CA MET CA 22 105.45 -10.78 -36.25
C MET CA 22 106.06 -10.86 -37.64
N SER CA 23 106.88 -11.88 -37.85
CA SER CA 23 107.42 -12.20 -39.17
C SER CA 23 107.01 -13.63 -39.51
N ASP CA 24 107.36 -14.08 -40.71
CA ASP CA 24 107.01 -15.42 -41.15
C ASP CA 24 108.26 -16.17 -41.58
N LEU CA 25 108.22 -17.49 -41.40
CA LEU CA 25 109.39 -18.35 -41.54
C LEU CA 25 109.06 -19.43 -42.57
N VAL CA 26 109.66 -19.32 -43.76
CA VAL CA 26 109.41 -20.29 -44.82
C VAL CA 26 110.70 -20.87 -45.35
N LEU CA 27 111.80 -20.13 -45.22
CA LEU CA 27 113.05 -20.52 -45.87
C LEU CA 27 113.67 -21.75 -45.22
N ALA CA 28 113.64 -21.83 -43.89
CA ALA CA 28 114.25 -22.96 -43.19
C ALA CA 28 113.51 -24.26 -43.45
N LYS CA 29 112.23 -24.20 -43.83
CA LYS CA 29 111.46 -25.39 -44.15
C LYS CA 29 111.53 -25.77 -45.63
N THR CA 30 112.27 -25.01 -46.43
CA THR CA 30 112.45 -25.32 -47.85
C THR CA 30 113.90 -25.61 -48.22
N VAL CA 31 114.87 -25.02 -47.52
CA VAL CA 31 116.27 -25.31 -47.80
C VAL CA 31 116.58 -26.74 -47.40
N ASP CA 32 117.68 -27.29 -47.91
CA ASP CA 32 118.07 -28.66 -47.60
C ASP CA 32 118.57 -28.76 -46.17
N ARG CA 33 118.10 -29.77 -45.44
CA ARG CA 33 118.52 -30.01 -44.08
C ARG CA 33 118.84 -31.48 -43.79
N GLN CA 34 118.55 -32.39 -44.71
CA GLN CA 34 118.79 -33.80 -44.46
C GLN CA 34 120.26 -34.18 -44.56
N LEU CA 35 121.00 -33.54 -45.47
CA LEU CA 35 122.41 -33.89 -45.66
C LEU CA 35 123.24 -33.49 -44.45
N LEU CA 36 123.07 -32.25 -43.97
CA LEU CA 36 123.83 -31.76 -42.82
C LEU CA 36 123.02 -31.96 -41.55
N ALA CA 37 122.96 -33.21 -41.12
CA ALA CA 37 122.22 -33.61 -39.92
C ALA CA 37 123.19 -34.35 -39.00
N GLY CA 38 123.77 -33.63 -38.05
CA GLY CA 38 124.71 -34.21 -37.12
C GLY CA 38 126.03 -34.64 -37.75
N GLU CA 39 126.29 -34.25 -39.00
CA GLU CA 39 127.53 -34.66 -39.65
C GLU CA 39 128.73 -33.95 -39.03
N ILE CA 40 128.53 -32.76 -38.47
CA ILE CA 40 129.57 -32.07 -37.74
C ILE CA 40 129.55 -32.59 -36.31
N ASN CA 41 130.55 -33.40 -35.95
CA ASN CA 41 130.63 -34.03 -34.65
C ASN CA 41 131.92 -33.56 -33.97
N SER CA 42 132.16 -34.06 -32.76
CA SER CA 42 133.38 -33.71 -32.03
C SER CA 42 134.61 -34.17 -32.80
N SER CA 43 134.49 -35.24 -33.58
CA SER CA 43 135.62 -35.75 -34.35
C SER CA 43 135.88 -34.90 -35.59
N THR CA 44 134.81 -34.39 -36.21
CA THR CA 44 134.97 -33.68 -37.49
C THR CA 44 135.66 -32.33 -37.31
N GLY CA 45 135.20 -31.53 -36.35
CA GLY CA 45 135.80 -30.24 -36.11
C GLY CA 45 134.98 -29.09 -36.65
N ASP CA 46 135.70 -28.05 -37.11
CA ASP CA 46 135.05 -26.82 -37.56
C ASP CA 46 134.23 -27.04 -38.83
N SER CA 47 134.74 -27.83 -39.77
CA SER CA 47 134.16 -27.94 -41.10
C SER CA 47 134.09 -29.39 -41.55
N VAL CA 48 133.18 -29.64 -42.49
CA VAL CA 48 132.97 -30.95 -43.10
C VAL CA 48 132.91 -30.75 -44.61
N SER CA 49 133.07 -31.84 -45.35
CA SER CA 49 133.21 -31.76 -46.80
C SER CA 49 132.33 -32.79 -47.50
N PHE CA 50 131.97 -32.46 -48.74
CA PHE CA 50 131.21 -33.34 -49.62
C PHE CA 50 131.90 -33.39 -50.99
N LYS CA 51 131.68 -34.49 -51.70
CA LYS CA 51 132.32 -34.69 -53.00
C LYS CA 51 131.48 -34.07 -54.12
N ARG CA 52 132.13 -33.86 -55.28
CA ARG CA 52 131.46 -33.35 -56.47
C ARG CA 52 131.44 -34.42 -57.57
N PRO CA 53 130.46 -34.38 -58.46
CA PRO CA 53 130.39 -35.38 -59.53
C PRO CA 53 131.43 -35.12 -60.61
N HIS CA 54 131.71 -36.16 -61.39
CA HIS CA 54 132.71 -36.14 -62.44
C HIS CA 54 132.04 -35.94 -63.81
N GLN CA 55 132.85 -35.55 -64.79
CA GLN CA 55 132.40 -35.39 -66.16
C GLN CA 55 133.49 -35.88 -67.11
N PHE CA 56 133.09 -36.26 -68.31
CA PHE CA 56 133.98 -36.84 -69.29
C PHE CA 56 133.69 -36.28 -70.67
N SER CA 57 134.65 -36.45 -71.59
CA SER CA 57 134.52 -35.99 -72.96
C SER CA 57 134.84 -37.15 -73.90
N SER CA 58 134.27 -37.09 -75.10
CA SER CA 58 134.38 -38.15 -76.09
C SER CA 58 135.34 -37.76 -77.20
N LEU CA 59 135.85 -38.78 -77.88
CA LEU CA 59 136.78 -38.60 -79.00
C LEU CA 59 136.17 -39.20 -80.25
N ARG CA 60 136.27 -38.47 -81.36
CA ARG CA 60 135.67 -38.87 -82.63
C ARG CA 60 136.78 -39.25 -83.61
N THR CA 61 136.94 -40.54 -83.86
CA THR CA 61 137.94 -41.07 -84.77
C THR CA 61 137.29 -42.03 -85.75
N PRO CA 62 137.81 -42.12 -86.98
CA PRO CA 62 137.21 -43.04 -87.97
C PRO CA 62 137.41 -44.50 -87.65
N THR CA 63 138.65 -44.90 -87.36
CA THR CA 63 138.98 -46.31 -87.17
C THR CA 63 139.02 -46.74 -85.70
N GLY CA 64 138.90 -45.80 -84.77
CA GLY CA 64 138.88 -46.13 -83.36
C GLY CA 64 140.23 -46.29 -82.70
N ASP CA 65 141.32 -45.96 -83.39
CA ASP CA 65 142.66 -46.04 -82.82
C ASP CA 65 143.06 -44.65 -82.33
N ILE CA 66 143.08 -44.48 -81.01
CA ILE CA 66 143.29 -43.18 -80.40
C ILE CA 66 144.68 -43.11 -79.77
N SER CA 67 145.59 -43.94 -80.25
CA SER CA 67 146.96 -43.93 -79.73
C SER CA 67 147.61 -42.58 -79.97
N GLY CA 68 148.29 -42.07 -78.95
CA GLY CA 68 148.99 -40.80 -79.07
C GLY CA 68 148.15 -39.57 -78.84
N GLN CA 69 146.92 -39.71 -78.33
CA GLN CA 69 146.06 -38.58 -78.04
C GLN CA 69 145.71 -38.60 -76.57
N ASN CA 70 145.56 -37.42 -75.97
CA ASN CA 70 145.32 -37.30 -74.54
C ASN CA 70 143.94 -37.85 -74.19
N LYS CA 71 143.89 -38.64 -73.12
CA LYS CA 71 142.64 -39.19 -72.62
C LYS CA 71 142.11 -38.34 -71.48
N ASN CA 72 141.08 -38.82 -70.80
CA ASN CA 72 140.46 -38.08 -69.71
C ASN CA 72 141.30 -38.22 -68.44
N ASN CA 73 141.37 -37.14 -67.67
CA ASN CA 73 142.05 -37.14 -66.38
C ASN CA 73 141.00 -37.10 -65.27
N LEU CA 74 141.26 -37.86 -64.20
CA LEU CA 74 140.33 -37.93 -63.08
C LEU CA 74 140.71 -36.86 -62.05
N ILE CA 75 139.85 -35.86 -61.90
CA ILE CA 75 140.05 -34.76 -60.96
C ILE CA 75 138.84 -34.71 -60.04
N SER CA 76 139.10 -34.66 -58.73
CA SER CA 76 138.05 -34.65 -57.73
C SER CA 76 137.96 -33.28 -57.06
N GLY CA 77 136.72 -32.81 -56.85
CA GLY CA 77 136.49 -31.57 -56.17
C GLY CA 77 135.58 -31.77 -54.97
N LYS CA 78 135.70 -30.86 -54.01
CA LYS CA 78 134.94 -30.97 -52.77
C LYS CA 78 134.37 -29.60 -52.39
N ALA CA 79 133.26 -29.65 -51.67
CA ALA CA 79 132.62 -28.46 -51.12
C ALA CA 79 132.64 -28.57 -49.60
N THR CA 80 133.08 -27.50 -48.94
CA THR CA 80 133.26 -27.50 -47.49
C THR CA 80 132.27 -26.57 -46.83
N GLY CA 81 131.64 -27.04 -45.76
CA GLY CA 81 130.79 -26.21 -44.94
C GLY CA 81 131.32 -26.15 -43.52
N ARG CA 82 131.30 -24.96 -42.93
CA ARG CA 82 131.94 -24.73 -41.65
C ARG CA 82 130.94 -24.10 -40.69
N VAL CA 83 131.18 -24.29 -39.39
CA VAL CA 83 130.34 -23.71 -38.35
C VAL CA 83 130.63 -22.21 -38.28
N GLY CA 84 129.67 -21.44 -37.76
CA GLY CA 84 129.84 -20.01 -37.65
C GLY CA 84 129.54 -19.47 -36.27
N ASN CA 85 129.55 -18.15 -36.13
CA ASN CA 85 129.21 -17.53 -34.86
C ASN CA 85 127.76 -17.83 -34.50
N TYR CA 86 127.43 -17.72 -33.22
CA TYR CA 86 126.11 -18.08 -32.75
C TYR CA 86 125.51 -16.96 -31.92
N ILE CA 87 124.25 -17.14 -31.56
CA ILE CA 87 123.38 -16.07 -31.09
C ILE CA 87 123.21 -16.18 -29.59
N THR CA 88 123.29 -15.03 -28.90
CA THR CA 88 123.16 -14.97 -27.45
C THR CA 88 122.26 -13.80 -27.08
N VAL CA 89 121.31 -14.05 -26.18
CA VAL CA 89 120.44 -13.02 -25.63
C VAL CA 89 120.49 -13.13 -24.12
N ALA CA 90 120.84 -12.03 -23.46
CA ALA CA 90 121.07 -12.03 -22.02
C ALA CA 90 120.35 -10.87 -21.35
N VAL CA 91 119.94 -11.08 -20.09
CA VAL CA 91 119.31 -10.06 -19.28
C VAL CA 91 119.82 -10.21 -17.84
N GLU CA 92 119.53 -9.20 -17.03
CA GLU CA 92 119.85 -9.25 -15.61
C GLU CA 92 118.90 -8.35 -14.84
N TYR CA 93 118.63 -8.71 -13.59
CA TYR CA 93 117.81 -7.90 -12.70
C TYR CA 93 118.17 -8.22 -11.26
N GLN CA 94 117.79 -7.32 -10.36
CA GLN CA 94 118.13 -7.46 -8.96
C GLN CA 94 117.07 -8.26 -8.23
N GLN CA 95 117.39 -8.68 -7.00
CA GLN CA 95 116.50 -9.50 -6.20
C GLN CA 95 115.26 -8.72 -5.73
N LEU CA 96 115.47 -7.52 -5.19
CA LEU CA 96 114.31 -6.72 -4.78
C LEU CA 96 113.47 -6.33 -5.99
N GLU CA 97 114.07 -6.24 -7.17
CA GLU CA 97 113.31 -5.91 -8.36
C GLU CA 97 112.30 -7.00 -8.68
N GLU CA 98 112.70 -8.27 -8.65
CA GLU CA 98 111.71 -9.33 -8.82
C GLU CA 98 110.83 -9.50 -7.60
N ALA CA 99 111.27 -9.00 -6.44
CA ALA CA 99 110.43 -9.09 -5.25
C ALA CA 99 109.24 -8.14 -5.31
N ILE CA 100 109.45 -6.89 -5.75
CA ILE CA 100 108.42 -5.87 -5.57
C ILE CA 100 108.04 -5.16 -6.87
N LYS CA 101 108.71 -5.47 -7.98
CA LYS CA 101 108.50 -4.72 -9.20
C LYS CA 101 108.37 -5.57 -10.46
N LEU CA 102 108.63 -6.87 -10.41
CA LEU CA 102 108.59 -7.73 -11.59
C LEU CA 102 107.46 -8.73 -11.44
N ASN CA 103 106.39 -8.51 -12.19
CA ASN CA 103 105.29 -9.46 -12.28
C ASN CA 103 105.11 -9.85 -13.75
N GLN CA 104 104.54 -11.05 -13.95
CA GLN CA 104 104.41 -11.62 -15.29
C GLN CA 104 105.77 -11.72 -15.99
N LEU CA 105 106.76 -12.20 -15.24
CA LEU CA 105 108.12 -12.30 -15.77
C LEU CA 105 108.19 -13.24 -16.97
N GLU CA 106 107.48 -14.36 -16.91
CA GLU CA 106 107.49 -15.29 -18.03
C GLU CA 106 106.86 -14.66 -19.27
N GLU CA 107 105.78 -13.90 -19.09
CA GLU CA 107 105.15 -13.25 -20.23
C GLU CA 107 105.96 -12.08 -20.75
N ILE CA 108 106.83 -11.51 -19.92
CA ILE CA 108 107.78 -10.50 -20.41
C ILE CA 108 108.88 -11.16 -21.22
N LEU CA 109 109.39 -12.29 -20.74
CA LEU CA 109 110.53 -12.96 -21.36
C LEU CA 109 110.14 -13.88 -22.51
N ALA CA 110 108.84 -14.04 -22.78
CA ALA CA 110 108.40 -14.93 -23.85
C ALA CA 110 109.05 -14.69 -25.21
N PRO CA 111 109.17 -13.45 -25.74
CA PRO CA 111 109.51 -13.30 -27.17
C PRO CA 111 110.97 -13.49 -27.54
N VAL CA 112 111.78 -14.10 -26.67
CA VAL CA 112 113.18 -14.32 -27.01
C VAL CA 112 113.36 -15.40 -28.09
N ARG CA 113 112.57 -16.47 -28.05
CA ARG CA 113 112.74 -17.54 -29.03
C ARG CA 113 112.47 -17.05 -30.44
N GLN CA 114 111.42 -16.23 -30.61
CA GLN CA 114 111.11 -15.69 -31.92
C GLN CA 114 112.24 -14.81 -32.43
N ARG CA 115 112.84 -14.02 -31.54
CA ARG CA 115 113.99 -13.20 -31.93
C ARG CA 115 115.14 -14.07 -32.40
N ILE CA 116 115.41 -15.15 -31.66
CA ILE CA 116 116.52 -16.04 -32.02
C ILE CA 116 116.30 -16.62 -33.43
N VAL CA 117 115.11 -17.16 -33.66
CA VAL CA 117 114.85 -17.80 -34.96
C VAL CA 117 114.82 -16.77 -36.08
N THR CA 118 114.31 -15.57 -35.80
CA THR CA 118 114.29 -14.52 -36.81
C THR CA 118 115.70 -14.11 -37.20
N ASP CA 119 116.60 -13.97 -36.22
CA ASP CA 119 117.98 -13.64 -36.52
C ASP CA 119 118.65 -14.75 -37.33
N LEU CA 120 118.36 -16.01 -36.97
CA LEU CA 120 118.92 -17.12 -37.76
C LEU CA 120 118.46 -17.05 -39.21
N GLU CA 121 117.16 -16.82 -39.43
CA GLU CA 121 116.65 -16.76 -40.79
C GLU CA 121 117.20 -15.56 -41.55
N THR CA 122 117.39 -14.43 -40.87
CA THR CA 122 117.98 -13.27 -41.53
C THR CA 122 119.41 -13.56 -41.96
N GLU CA 123 120.18 -14.23 -41.10
CA GLU CA 123 121.53 -14.63 -41.48
C GLU CA 123 121.51 -15.56 -42.67
N LEU CA 124 120.58 -16.53 -42.68
CA LEU CA 124 120.48 -17.45 -43.81
C LEU CA 124 120.13 -16.72 -45.10
N ALA CA 125 119.22 -15.74 -45.02
CA ALA CA 125 118.84 -14.98 -46.21
C ALA CA 125 120.02 -14.17 -46.75
N HIS CA 126 120.78 -13.53 -45.86
CA HIS CA 126 121.98 -12.82 -46.32
C HIS CA 126 122.98 -13.80 -46.94
N PHE CA 127 123.12 -14.98 -46.36
CA PHE CA 127 124.05 -15.98 -46.91
C PHE CA 127 123.66 -16.35 -48.33
N MET CA 128 122.40 -16.69 -48.54
CA MET CA 128 121.96 -17.09 -49.89
C MET CA 128 122.05 -15.92 -50.86
N MET CA 129 121.72 -14.71 -50.41
CA MET CA 129 121.84 -13.55 -51.28
C MET CA 129 123.29 -13.33 -51.72
N ASN CA 130 124.22 -13.43 -50.78
CA ASN CA 130 125.63 -13.20 -51.09
C ASN CA 130 126.26 -14.34 -51.87
N ASN CA 131 125.68 -15.55 -51.83
CA ASN CA 131 126.26 -16.67 -52.55
C ASN CA 131 125.55 -17.03 -53.85
N GLY CA 132 124.40 -16.42 -54.13
CA GLY CA 132 123.74 -16.68 -55.40
C GLY CA 132 124.51 -16.12 -56.58
N ALA CA 133 124.35 -16.77 -57.73
CA ALA CA 133 125.10 -16.39 -58.93
C ALA CA 133 124.24 -16.09 -60.15
N LEU CA 134 123.09 -16.75 -60.32
CA LEU CA 134 122.26 -16.52 -61.49
C LEU CA 134 121.61 -15.14 -61.42
N SER CA 135 121.25 -14.61 -62.58
CA SER CA 135 120.61 -13.30 -62.65
C SER CA 135 119.64 -13.28 -63.82
N LEU CA 136 118.51 -12.62 -63.60
CA LEU CA 136 117.47 -12.52 -64.62
C LEU CA 136 116.84 -11.14 -64.55
N GLY CA 137 116.61 -10.55 -65.72
CA GLY CA 137 115.94 -9.27 -65.77
C GLY CA 137 116.84 -8.11 -65.37
N SER CA 138 116.21 -6.95 -65.18
CA SER CA 138 116.90 -5.72 -64.80
C SER CA 138 116.27 -5.16 -63.54
N PRO CA 139 117.08 -4.59 -62.63
CA PRO CA 139 116.54 -4.19 -61.33
C PRO CA 139 115.82 -2.84 -61.32
N ASN CA 140 115.48 -2.32 -62.50
CA ASN CA 140 114.73 -1.07 -62.59
C ASN CA 140 113.30 -1.28 -63.05
N THR CA 141 112.82 -2.52 -63.10
CA THR CA 141 111.45 -2.82 -63.54
C THR CA 141 110.81 -3.78 -62.54
N PRO CA 142 109.64 -3.46 -62.00
CA PRO CA 142 109.00 -4.36 -61.05
C PRO CA 142 108.42 -5.60 -61.75
N ILE CA 143 108.18 -6.64 -60.95
CA ILE CA 143 107.54 -7.85 -61.45
C ILE CA 143 106.06 -7.55 -61.70
N THR CA 144 105.64 -7.65 -62.96
CA THR CA 144 104.30 -7.21 -63.32
C THR CA 144 103.55 -8.16 -64.25
N LYS CA 145 104.10 -9.33 -64.58
CA LYS CA 145 103.43 -10.19 -65.55
C LYS CA 145 103.88 -11.63 -65.36
N TRP CA 146 103.19 -12.52 -66.07
CA TRP CA 146 103.39 -13.96 -65.90
C TRP CA 146 104.77 -14.40 -66.39
N SER CA 147 105.24 -13.82 -67.49
CA SER CA 147 106.52 -14.24 -68.05
C SER CA 147 107.67 -13.94 -67.10
N ASP CA 148 107.56 -12.85 -66.32
CA ASP CA 148 108.63 -12.49 -65.39
C ASP CA 148 108.85 -13.55 -64.33
N VAL CA 149 107.83 -14.36 -64.03
CA VAL CA 149 107.98 -15.47 -63.11
C VAL CA 149 108.28 -16.78 -63.84
N ALA CA 150 107.66 -16.99 -65.02
CA ALA CA 150 107.91 -18.23 -65.75
C ALA CA 150 109.35 -18.33 -66.24
N GLN CA 151 110.01 -17.19 -66.44
CA GLN CA 151 111.37 -17.20 -66.96
C GLN CA 151 112.33 -17.88 -65.99
N THR CA 152 112.04 -17.87 -64.69
CA THR CA 152 112.91 -18.53 -63.73
C THR CA 152 112.92 -20.04 -63.94
N ALA CA 153 111.73 -20.64 -64.00
CA ALA CA 153 111.65 -22.08 -64.27
C ALA CA 153 112.22 -22.40 -65.64
N SER CA 154 111.97 -21.53 -66.63
CA SER CA 154 112.51 -21.76 -67.96
C SER CA 154 114.04 -21.79 -67.94
N PHE CA 155 114.65 -20.85 -67.21
CA PHE CA 155 116.11 -20.79 -67.13
C PHE CA 155 116.67 -21.99 -66.38
N LEU CA 156 116.02 -22.40 -65.29
CA LEU CA 156 116.48 -23.58 -64.57
C LEU CA 156 116.41 -24.82 -65.44
N LYS CA 157 115.33 -24.99 -66.22
CA LYS CA 157 115.25 -26.13 -67.12
C LYS CA 157 116.28 -26.03 -68.24
N ASP CA 158 116.54 -24.81 -68.72
CA ASP CA 158 117.53 -24.64 -69.78
C ASP CA 158 118.93 -25.01 -69.30
N LEU CA 159 119.28 -24.64 -68.07
CA LEU CA 159 120.61 -24.96 -67.56
C LEU CA 159 120.82 -26.46 -67.47
N GLY CA 160 119.83 -27.19 -66.96
CA GLY CA 160 119.92 -28.64 -66.94
C GLY CA 160 119.79 -29.26 -65.57
N VAL CA 161 119.17 -28.57 -64.62
CA VAL CA 161 118.93 -29.15 -63.30
C VAL CA 161 117.83 -30.19 -63.40
N ASN CA 162 117.99 -31.29 -62.67
CA ASN CA 162 117.01 -32.37 -62.72
C ASN CA 162 116.51 -32.86 -61.37
N GLU CA 163 117.30 -32.82 -60.31
CA GLU CA 163 116.89 -33.34 -59.01
C GLU CA 163 116.47 -32.20 -58.10
N GLY CA 164 115.50 -32.49 -57.24
CA GLY CA 164 114.98 -31.48 -56.33
C GLY CA 164 113.88 -30.65 -56.95
N GLU CA 165 113.32 -29.77 -56.13
CA GLU CA 165 112.24 -28.89 -56.55
C GLU CA 165 112.69 -27.43 -56.41
N ASN CA 166 112.36 -26.63 -57.41
CA ASN CA 166 112.73 -25.22 -57.43
C ASN CA 166 111.74 -24.39 -56.62
N TYR CA 167 112.25 -23.30 -56.04
CA TYR CA 167 111.43 -22.41 -55.24
C TYR CA 167 111.71 -20.97 -55.68
N ALA CA 168 110.67 -20.13 -55.57
CA ALA CA 168 110.81 -18.71 -55.83
C ALA CA 168 110.04 -17.94 -54.76
N VAL CA 169 110.72 -17.02 -54.08
CA VAL CA 169 110.14 -16.29 -52.96
C VAL CA 169 109.86 -14.86 -53.39
N MET CA 170 108.68 -14.35 -53.02
CA MET CA 170 108.24 -13.02 -53.43
C MET CA 170 107.69 -12.25 -52.24
N ASP CA 171 107.62 -10.93 -52.39
CA ASP CA 171 107.15 -10.04 -51.34
C ASP CA 171 105.70 -9.65 -51.60
N PRO CA 172 105.02 -9.05 -50.61
CA PRO CA 172 103.60 -8.72 -50.78
C PRO CA 172 103.31 -7.81 -51.96
N TRP CA 173 104.19 -6.88 -52.31
CA TRP CA 173 103.92 -5.99 -53.43
C TRP CA 173 103.92 -6.76 -54.75
N SER CA 174 104.91 -7.64 -54.94
CA SER CA 174 104.93 -8.46 -56.14
C SER CA 174 103.74 -9.41 -56.19
N ALA CA 175 103.36 -9.97 -55.03
CA ALA CA 175 102.18 -10.84 -54.99
C ALA CA 175 100.92 -10.06 -55.39
N GLN CA 176 100.80 -8.83 -54.90
CA GLN CA 176 99.68 -7.99 -55.27
C GLN CA 176 99.64 -7.69 -56.75
N ARG CA 177 100.79 -7.36 -57.35
CA ARG CA 177 100.81 -7.06 -58.78
C ARG CA 177 100.49 -8.31 -59.60
N LEU CA 178 100.99 -9.46 -59.17
CA LEU CA 178 100.66 -10.71 -59.86
C LEU CA 178 99.17 -11.01 -59.76
N ALA CA 179 98.57 -10.78 -58.60
CA ALA CA 179 97.13 -10.99 -58.46
C ALA CA 179 96.34 -10.03 -59.33
N ASP CA 180 96.79 -8.77 -59.42
CA ASP CA 180 96.13 -7.81 -60.29
C ASP CA 180 96.20 -8.25 -61.75
N ALA CA 181 97.35 -8.77 -62.17
CA ALA CA 181 97.46 -9.32 -63.52
C ALA CA 181 96.55 -10.52 -63.71
N GLN CA 182 96.46 -11.39 -62.69
CA GLN CA 182 95.64 -12.58 -62.79
C GLN CA 182 94.15 -12.24 -62.86
N THR CA 183 93.74 -11.13 -62.27
CA THR CA 183 92.33 -10.73 -62.33
C THR CA 183 91.86 -10.46 -63.75
N GLY CA 184 92.79 -10.25 -64.68
CA GLY CA 184 92.47 -10.02 -66.08
C GLY CA 184 92.26 -11.27 -66.91
N LEU CA 185 92.24 -12.45 -66.28
CA LEU CA 185 92.00 -13.67 -67.02
C LEU CA 185 90.61 -13.66 -67.63
N HIS CA 186 90.48 -14.29 -68.81
CA HIS CA 186 89.25 -14.21 -69.58
C HIS CA 186 88.39 -15.47 -69.51
N ALA CA 187 88.94 -16.58 -69.02
CA ALA CA 187 88.18 -17.82 -69.05
C ALA CA 187 87.85 -18.36 -67.67
N SER CA 188 88.85 -18.60 -66.82
CA SER CA 188 88.64 -19.33 -65.58
C SER CA 188 87.94 -18.47 -64.54
N ASP CA 189 87.04 -19.10 -63.80
CA ASP CA 189 86.22 -18.42 -62.80
C ASP CA 189 86.82 -18.48 -61.40
N GLN CA 190 87.32 -19.64 -60.98
CA GLN CA 190 87.84 -19.79 -59.63
C GLN CA 190 89.06 -18.89 -59.40
N LEU CA 191 89.98 -18.86 -60.37
CA LEU CA 191 91.16 -18.03 -60.25
C LEU CA 191 90.80 -16.56 -60.15
N VAL CA 192 89.90 -16.10 -61.02
CA VAL CA 192 89.50 -14.70 -61.02
C VAL CA 192 88.81 -14.35 -59.69
N ARG CA 193 87.91 -15.22 -59.22
CA ARG CA 193 87.20 -14.94 -57.98
C ARG CA 193 88.16 -14.89 -56.80
N THR CA 194 89.10 -15.83 -56.73
CA THR CA 194 90.05 -15.84 -55.62
C THR CA 194 90.94 -14.60 -55.65
N ALA CA 195 91.44 -14.24 -56.83
CA ALA CA 195 92.31 -13.07 -56.93
C ALA CA 195 91.56 -11.79 -56.59
N TRP CA 196 90.31 -11.67 -57.02
CA TRP CA 196 89.52 -10.49 -56.70
C TRP CA 196 89.19 -10.42 -55.21
N GLU CA 197 88.78 -11.54 -54.62
CA GLU CA 197 88.33 -11.54 -53.23
C GLU CA 197 89.48 -11.38 -52.25
N ASN CA 198 90.57 -12.11 -52.46
CA ASN CA 198 91.63 -12.20 -51.47
C ASN CA 198 93.03 -11.87 -52.00
N ALA CA 199 93.20 -11.72 -53.31
CA ALA CA 199 94.50 -11.41 -53.90
C ALA CA 199 95.55 -12.43 -53.50
N GLN CA 200 95.22 -13.71 -53.62
CA GLN CA 200 96.11 -14.80 -53.27
C GLN CA 200 96.35 -15.67 -54.50
N ILE CA 201 97.59 -15.70 -54.97
CA ILE CA 201 97.96 -16.46 -56.16
C ILE CA 201 98.07 -17.94 -55.80
N PRO CA 202 97.94 -18.85 -56.76
CA PRO CA 202 98.00 -20.28 -56.43
C PRO CA 202 99.39 -20.73 -56.01
N THR CA 203 99.54 -22.03 -55.74
CA THR CA 203 100.82 -22.56 -55.27
C THR CA 203 101.85 -22.58 -56.39
N ASN CA 204 101.58 -23.31 -57.47
CA ASN CA 204 102.48 -23.37 -58.60
C ASN CA 204 102.12 -22.26 -59.58
N PHE CA 205 103.04 -21.32 -59.77
CA PHE CA 205 102.83 -20.17 -60.65
C PHE CA 205 103.87 -20.21 -61.76
N GLY CA 206 103.42 -20.50 -62.98
CA GLY CA 206 104.34 -20.58 -64.10
C GLY CA 206 105.34 -21.72 -64.02
N GLY CA 207 104.88 -22.89 -63.59
CA GLY CA 207 105.75 -24.05 -63.50
C GLY CA 207 106.85 -23.95 -62.47
N ILE CA 208 106.58 -23.30 -61.33
CA ILE CA 208 107.52 -23.19 -60.24
C ILE CA 208 106.74 -22.93 -58.95
N ARG CA 209 107.27 -23.37 -57.82
CA ARG CA 209 106.59 -23.20 -56.55
C ARG CA 209 106.91 -21.82 -55.97
N ALA CA 210 105.90 -20.99 -55.83
CA ALA CA 210 106.04 -19.61 -55.37
C ALA CA 210 105.62 -19.49 -53.93
N LEU CA 211 106.48 -18.92 -53.10
CA LEU CA 211 106.23 -18.71 -51.69
C LEU CA 211 106.21 -17.21 -51.39
N MET CA 212 105.19 -16.78 -50.67
CA MET CA 212 105.04 -15.38 -50.28
C MET CA 212 105.56 -15.21 -48.85
N SER CA 213 106.42 -14.22 -48.65
CA SER CA 213 106.96 -13.94 -47.33
C SER CA 213 107.42 -12.49 -47.29
N ASN CA 214 107.13 -11.82 -46.17
CA ASN CA 214 107.57 -10.45 -45.97
C ASN CA 214 108.91 -10.36 -45.26
N GLY CA 215 109.46 -11.48 -44.79
CA GLY CA 215 110.77 -11.47 -44.17
C GLY CA 215 111.86 -11.81 -45.15
N LEU CA 216 112.54 -10.80 -45.67
CA LEU CA 216 113.60 -11.01 -46.65
C LEU CA 216 114.63 -9.91 -46.48
N ALA CA 217 115.89 -10.24 -46.76
CA ALA CA 217 116.99 -9.32 -46.53
C ALA CA 217 116.98 -8.20 -47.58
N SER CA 218 117.60 -7.07 -47.21
CA SER CA 218 117.71 -5.93 -48.08
C SER CA 218 119.17 -5.49 -48.16
N ARG CA 219 119.54 -4.81 -49.25
CA ARG CA 219 120.92 -4.42 -49.47
C ARG CA 219 120.98 -3.08 -50.19
N THR CA 220 122.08 -2.37 -49.96
CA THR CA 220 122.36 -1.12 -50.65
C THR CA 220 123.36 -1.37 -51.77
N GLN CA 221 123.18 -0.66 -52.88
CA GLN CA 221 123.94 -0.97 -54.09
C GLN CA 221 125.42 -0.64 -53.95
N GLY CA 222 125.73 0.56 -53.48
CA GLY CA 222 127.12 1.00 -53.44
C GLY CA 222 127.48 1.81 -54.68
N ALA CA 223 128.08 2.98 -54.47
CA ALA CA 223 128.33 3.89 -55.59
C ALA CA 223 129.40 3.35 -56.52
N PHE CA 224 129.17 3.54 -57.82
CA PHE CA 224 130.16 3.22 -58.84
C PHE CA 224 129.93 4.16 -60.03
N GLY CA 225 130.62 3.89 -61.13
CA GLY CA 225 130.47 4.71 -62.32
C GLY CA 225 131.67 4.56 -63.24
N GLY CA 226 131.45 4.95 -64.48
CA GLY CA 226 132.50 4.87 -65.49
C GLY CA 226 132.54 3.53 -66.19
N THR CA 227 133.29 3.48 -67.28
CA THR CA 227 133.46 2.24 -68.03
C THR CA 227 134.48 1.36 -67.32
N LEU CA 228 134.10 0.10 -67.10
CA LEU CA 228 134.95 -0.85 -66.40
C LEU CA 228 135.43 -1.94 -67.36
N THR CA 229 136.72 -2.24 -67.31
CA THR CA 229 137.31 -3.28 -68.13
C THR CA 229 138.36 -4.03 -67.31
N VAL CA 230 138.51 -5.32 -67.63
CA VAL CA 230 139.49 -6.13 -66.93
C VAL CA 230 140.90 -5.70 -67.32
N LYS CA 231 141.86 -6.00 -66.44
CA LYS CA 231 143.24 -5.65 -66.66
C LYS CA 231 144.16 -6.85 -66.89
N THR CA 232 143.92 -7.96 -66.21
CA THR CA 232 144.76 -9.15 -66.35
C THR CA 232 143.86 -10.37 -66.46
N GLN CA 233 144.27 -11.30 -67.31
CA GLN CA 233 143.51 -12.54 -67.47
C GLN CA 233 143.56 -13.34 -66.18
N PRO CA 234 142.42 -13.67 -65.59
CA PRO CA 234 142.42 -14.48 -64.36
C PRO CA 234 142.64 -15.95 -64.70
N THR CA 235 142.79 -16.75 -63.65
CA THR CA 235 142.99 -18.20 -63.77
C THR CA 235 141.67 -18.87 -63.40
N VAL CA 236 140.96 -19.36 -64.40
CA VAL CA 236 139.65 -19.96 -64.19
C VAL CA 236 139.69 -21.44 -64.56
N THR CA 237 140.87 -22.05 -64.42
CA THR CA 237 141.02 -23.47 -64.66
C THR CA 237 140.36 -24.28 -63.55
N TYR CA 238 139.80 -25.43 -63.94
CA TYR CA 238 139.14 -26.29 -62.96
C TYR CA 238 140.12 -26.73 -61.87
N ASN CA 239 141.37 -26.99 -62.24
CA ASN CA 239 142.37 -27.42 -61.26
C ASN CA 239 142.63 -26.35 -60.22
N ALA CA 240 142.24 -25.10 -60.47
CA ALA CA 240 142.39 -24.02 -59.52
C ALA CA 240 141.10 -23.63 -58.81
N VAL CA 241 139.96 -23.74 -59.49
CA VAL CA 241 138.68 -23.35 -58.90
C VAL CA 241 137.81 -24.55 -58.55
N LYS CA 242 138.41 -25.72 -58.37
CA LYS CA 242 137.65 -26.94 -58.07
C LYS CA 242 137.22 -27.03 -56.62
N ASP CA 243 137.64 -26.15 -55.72
CA ASP CA 243 137.32 -26.30 -54.30
C ASP CA 243 136.37 -25.25 -53.75
N SER CA 244 136.17 -24.12 -54.43
CA SER CA 244 135.31 -23.07 -53.91
C SER CA 244 134.34 -22.50 -54.92
N TYR CA 245 134.58 -22.63 -56.22
CA TYR CA 245 133.81 -21.93 -57.25
C TYR CA 245 133.78 -20.43 -57.00
N GLN CA 246 134.89 -19.86 -56.55
CA GLN CA 246 135.06 -18.43 -56.43
C GLN CA 246 136.44 -18.05 -56.97
N PHE CA 247 136.53 -16.86 -57.54
CA PHE CA 247 137.80 -16.40 -58.10
C PHE CA 247 137.99 -14.93 -57.75
N THR CA 248 139.09 -14.35 -58.23
CA THR CA 248 139.42 -12.95 -57.98
C THR CA 248 139.81 -12.28 -59.29
N VAL CA 249 139.45 -11.00 -59.44
CA VAL CA 249 139.70 -10.28 -60.68
C VAL CA 249 139.86 -8.80 -60.39
N THR CA 250 140.65 -8.14 -61.23
CA THR CA 250 140.91 -6.71 -61.12
C THR CA 250 140.33 -5.98 -62.33
N LEU CA 251 139.84 -4.76 -62.09
CA LEU CA 251 139.18 -3.96 -63.10
C LEU CA 251 139.75 -2.54 -63.09
N THR CA 252 139.73 -1.90 -64.25
CA THR CA 252 140.21 -0.54 -64.42
C THR CA 252 139.10 0.38 -64.88
N GLY CA 253 139.41 1.67 -64.91
CA GLY CA 253 138.46 2.67 -65.37
C GLY CA 253 137.48 3.16 -64.32
N ALA CA 254 137.64 2.76 -63.06
CA ALA CA 254 136.70 3.14 -62.03
C ALA CA 254 136.91 4.60 -61.62
N THR CA 255 136.15 5.01 -60.61
CA THR CA 255 136.25 6.37 -60.08
C THR CA 255 137.58 6.51 -59.33
N ALA CA 256 138.02 7.76 -59.15
CA ALA CA 256 139.34 8.08 -58.62
C ALA CA 256 139.59 7.42 -57.26
N SER CA 257 138.81 7.77 -56.25
CA SER CA 257 139.02 7.23 -54.91
C SER CA 257 137.68 7.15 -54.20
N VAL CA 258 137.06 5.97 -54.21
CA VAL CA 258 135.77 5.75 -53.57
C VAL CA 258 135.91 4.59 -52.60
N THR CA 259 135.53 4.82 -51.34
CA THR CA 259 135.47 3.75 -50.36
C THR CA 259 134.14 3.04 -50.46
N GLY CA 260 134.16 1.72 -50.34
CA GLY CA 260 132.96 0.93 -50.54
C GLY CA 260 132.48 1.02 -51.98
N PHE CA 261 133.41 0.87 -52.93
CA PHE CA 261 133.05 0.96 -54.34
C PHE CA 261 132.07 -0.14 -54.73
N LEU CA 262 132.31 -1.37 -54.27
CA LEU CA 262 131.41 -2.48 -54.54
C LEU CA 262 131.09 -3.19 -53.24
N LYS CA 263 129.82 -3.18 -52.86
CA LYS CA 263 129.36 -3.80 -51.63
C LYS CA 263 128.83 -5.21 -51.93
N ALA CA 264 128.65 -5.98 -50.86
CA ALA CA 264 128.20 -7.35 -51.00
C ALA CA 264 126.81 -7.41 -51.60
N GLY CA 265 126.57 -8.46 -52.40
CA GLY CA 265 125.30 -8.65 -53.05
C GLY CA 265 125.20 -8.06 -54.44
N ASP CA 266 126.19 -7.27 -54.87
CA ASP CA 266 126.18 -6.73 -56.21
C ASP CA 266 126.47 -7.82 -57.24
N GLN CA 267 126.05 -7.59 -58.47
CA GLN CA 267 126.26 -8.53 -59.55
C GLN CA 267 126.91 -7.85 -60.75
N VAL CA 268 127.87 -8.55 -61.34
CA VAL CA 268 128.67 -8.05 -62.45
C VAL CA 268 128.44 -8.96 -63.64
N LYS CA 269 128.11 -8.35 -64.79
CA LYS CA 269 127.78 -9.06 -66.01
C LYS CA 269 128.91 -8.89 -67.03
N PHE CA 270 129.34 -10.01 -67.62
CA PHE CA 270 130.32 -10.00 -68.70
C PHE CA 270 129.54 -9.98 -70.02
N THR CA 271 129.71 -8.90 -70.79
CA THR CA 271 128.86 -8.67 -71.95
C THR CA 271 129.08 -9.72 -73.03
N ASN CA 272 130.34 -10.03 -73.35
CA ASN CA 272 130.68 -10.94 -74.44
C ASN CA 272 131.00 -12.34 -73.94
N THR CA 273 130.29 -12.81 -72.91
CA THR CA 273 130.53 -14.11 -72.32
C THR CA 273 129.19 -14.79 -72.08
N TYR CA 274 129.00 -15.96 -72.68
CA TYR CA 274 127.70 -16.63 -72.67
C TYR CA 274 127.73 -17.90 -71.83
N TRP CA 275 126.60 -18.20 -71.21
CA TRP CA 275 126.43 -19.45 -70.50
C TRP CA 275 126.38 -20.63 -71.46
N LEU CA 276 126.62 -21.82 -70.92
CA LEU CA 276 126.49 -23.07 -71.67
C LEU CA 276 125.62 -24.04 -70.91
N GLN CA 277 124.93 -24.91 -71.64
CA GLN CA 277 124.27 -26.04 -71.00
C GLN CA 277 125.32 -27.00 -70.49
N GLN CA 278 125.20 -27.39 -69.22
CA GLN CA 278 126.25 -28.12 -68.55
C GLN CA 278 126.22 -29.63 -68.84
N GLN CA 279 125.43 -30.06 -69.80
CA GLN CA 279 125.46 -31.48 -70.18
C GLN CA 279 125.84 -31.68 -71.63
N THR CA 280 125.30 -30.88 -72.55
CA THR CA 280 125.60 -31.01 -73.96
C THR CA 280 126.63 -30.01 -74.46
N LYS CA 281 127.00 -29.02 -73.64
CA LYS CA 281 128.05 -28.05 -73.96
C LYS CA 281 127.69 -27.22 -75.19
N GLN CA 282 126.51 -26.60 -75.17
CA GLN CA 282 126.07 -25.70 -76.23
C GLN CA 282 125.69 -24.37 -75.62
N ALA CA 283 125.89 -23.29 -76.39
CA ALA CA 283 125.57 -21.96 -75.91
C ALA CA 283 124.05 -21.83 -75.71
N LEU CA 284 123.68 -20.94 -74.79
CA LEU CA 284 122.29 -20.70 -74.45
C LEU CA 284 121.82 -19.43 -75.15
N TYR CA 285 120.69 -19.51 -75.84
CA TYR CA 285 120.15 -18.39 -76.58
C TYR CA 285 118.64 -18.29 -76.33
N ASN CA 286 118.18 -17.10 -75.98
CA ASN CA 286 116.75 -16.80 -75.87
C ASN CA 286 116.31 -16.19 -77.18
N GLY CA 287 115.97 -17.03 -78.15
CA GLY CA 287 115.70 -16.55 -79.49
C GLY CA 287 116.96 -16.06 -80.16
N ALA CA 288 117.09 -14.75 -80.32
CA ALA CA 288 118.29 -14.15 -80.90
C ALA CA 288 119.08 -13.33 -79.89
N THR CA 289 118.79 -13.46 -78.59
CA THR CA 289 119.50 -12.73 -77.55
C THR CA 289 120.27 -13.69 -76.66
N PRO CA 290 121.59 -13.70 -76.70
CA PRO CA 290 122.35 -14.62 -75.85
C PRO CA 290 122.22 -14.27 -74.37
N ILE CA 291 122.41 -15.29 -73.53
CA ILE CA 291 122.44 -15.10 -72.09
C ILE CA 291 123.87 -14.78 -71.68
N SER CA 292 124.04 -13.71 -70.90
CA SER CA 292 125.37 -13.24 -70.53
C SER CA 292 125.75 -13.74 -69.14
N PHE CA 293 127.02 -14.10 -68.97
CA PHE CA 293 127.50 -14.61 -67.69
C PHE CA 293 127.48 -13.51 -66.63
N THR CA 294 127.17 -13.91 -65.40
CA THR CA 294 127.06 -12.98 -64.29
C THR CA 294 127.66 -13.60 -63.03
N ALA CA 295 128.33 -12.76 -62.24
CA ALA CA 295 128.96 -13.19 -61.00
C ALA CA 295 128.54 -12.26 -59.88
N THR CA 296 128.76 -12.69 -58.65
CA THR CA 296 128.30 -11.96 -57.47
C THR CA 296 129.49 -11.53 -56.62
N VAL CA 297 129.51 -10.27 -56.20
CA VAL CA 297 130.53 -9.78 -55.30
C VAL CA 297 130.23 -10.26 -53.88
N THR CA 298 131.22 -10.88 -53.24
CA THR CA 298 131.00 -11.47 -51.92
C THR CA 298 131.38 -10.51 -50.80
N ALA CA 299 132.50 -9.81 -50.95
CA ALA CA 299 133.03 -8.94 -49.91
C ALA CA 299 133.16 -7.53 -50.42
N ASP CA 300 133.13 -6.58 -49.48
CA ASP CA 300 133.25 -5.17 -49.82
C ASP CA 300 134.62 -4.88 -50.43
N ALA CA 301 134.63 -4.04 -51.46
CA ALA CA 301 135.84 -3.69 -52.17
C ALA CA 301 135.87 -2.20 -52.43
N ASN CA 302 137.02 -1.58 -52.17
CA ASN CA 302 137.22 -0.15 -52.36
C ASN CA 302 138.17 0.08 -53.53
N SER CA 303 138.01 1.22 -54.19
CA SER CA 303 138.84 1.60 -55.33
C SER CA 303 139.94 2.54 -54.88
N ASP CA 304 141.19 2.15 -55.13
CA ASP CA 304 142.34 2.99 -54.84
C ASP CA 304 142.57 3.96 -56.00
N SER CA 305 143.61 4.78 -55.85
CA SER CA 305 143.94 5.76 -56.87
C SER CA 305 144.29 5.07 -58.19
N GLY CA 306 143.90 5.69 -59.29
CA GLY CA 306 144.08 5.11 -60.60
C GLY CA 306 142.90 4.32 -61.11
N GLY CA 307 141.82 4.21 -60.32
CA GLY CA 307 140.63 3.51 -60.75
C GLY CA 307 140.81 2.02 -60.93
N ASP CA 308 141.49 1.38 -59.99
CA ASP CA 308 141.67 -0.07 -60.01
C ASP CA 308 140.89 -0.68 -58.85
N VAL CA 309 140.10 -1.71 -59.15
CA VAL CA 309 139.25 -2.36 -58.16
C VAL CA 309 139.54 -3.85 -58.21
N THR CA 310 139.90 -4.43 -57.07
CA THR CA 310 140.12 -5.87 -56.95
C THR CA 310 138.95 -6.50 -56.20
N VAL CA 311 138.29 -7.45 -56.83
CA VAL CA 311 137.07 -8.03 -56.26
C VAL CA 311 137.15 -9.54 -56.33
N THR CA 312 136.60 -10.18 -55.30
CA THR CA 312 136.38 -11.62 -55.28
C THR CA 312 134.93 -11.89 -55.69
N LEU CA 313 134.75 -12.84 -56.60
CA LEU CA 313 133.45 -13.14 -57.18
C LEU CA 313 133.11 -14.60 -56.98
N SER CA 314 131.85 -14.85 -56.63
CA SER CA 314 131.32 -16.21 -56.47
C SER CA 314 130.74 -16.69 -57.80
N GLY CA 315 131.08 -17.92 -58.18
CA GLY CA 315 130.68 -18.45 -59.46
C GLY CA 315 131.75 -18.22 -60.50
N VAL CA 316 132.37 -19.29 -60.97
CA VAL CA 316 133.54 -19.18 -61.83
C VAL CA 316 133.19 -19.50 -63.29
N PRO CA 317 133.73 -18.77 -64.25
CA PRO CA 317 133.57 -19.08 -65.68
C PRO CA 317 134.65 -20.04 -66.17
N ILE CA 318 134.47 -21.33 -65.86
CA ILE CA 318 135.50 -22.32 -66.13
C ILE CA 318 135.72 -22.45 -67.63
N TYR CA 319 136.96 -22.30 -68.06
CA TYR CA 319 137.33 -22.54 -69.46
C TYR CA 319 138.76 -23.09 -69.44
N ASP CA 320 138.88 -24.41 -69.45
CA ASP CA 320 140.16 -25.09 -69.35
C ASP CA 320 140.59 -25.58 -70.73
N THR CA 321 141.79 -25.20 -71.14
CA THR CA 321 142.32 -25.62 -72.43
C THR CA 321 142.84 -27.05 -72.43
N THR CA 322 142.98 -27.67 -71.26
CA THR CA 322 143.44 -29.04 -71.16
C THR CA 322 142.37 -30.01 -70.67
N ASN CA 323 141.37 -29.54 -69.94
CA ASN CA 323 140.27 -30.37 -69.44
C ASN CA 323 138.96 -29.74 -69.89
N PRO CA 324 138.61 -29.89 -71.18
CA PRO CA 324 137.43 -29.20 -71.72
C PRO CA 324 136.10 -29.71 -71.21
N GLN CA 325 136.07 -30.89 -70.57
CA GLN CA 325 134.79 -31.47 -70.19
C GLN CA 325 134.14 -30.72 -69.04
N TYR CA 326 134.92 -29.96 -68.27
CA TYR CA 326 134.38 -29.12 -67.20
C TYR CA 326 134.11 -27.69 -67.64
N ASN CA 327 134.04 -27.42 -68.95
CA ASN CA 327 133.76 -26.08 -69.42
C ASN CA 327 132.33 -25.68 -69.04
N SER CA 328 132.15 -24.39 -68.76
CA SER CA 328 130.83 -23.81 -68.57
C SER CA 328 130.67 -22.48 -69.30
N VAL CA 329 131.64 -22.11 -70.14
CA VAL CA 329 131.65 -20.82 -70.82
C VAL CA 329 132.22 -21.02 -72.22
N SER CA 330 131.74 -20.24 -73.17
CA SER CA 330 132.10 -20.41 -74.58
C SER CA 330 133.43 -19.78 -74.96
N ARG CA 331 134.00 -18.91 -74.12
CA ARG CA 331 135.28 -18.30 -74.46
C ARG CA 331 135.97 -17.86 -73.18
N GLN CA 332 137.29 -17.73 -73.26
CA GLN CA 332 138.06 -17.25 -72.13
C GLN CA 332 137.87 -15.74 -71.95
N VAL CA 333 137.87 -15.31 -70.69
CA VAL CA 333 137.73 -13.90 -70.35
C VAL CA 333 139.12 -13.29 -70.47
N GLU CA 334 139.35 -12.58 -71.57
CA GLU CA 334 140.65 -11.98 -71.84
C GLU CA 334 140.69 -10.53 -71.37
N ALA CA 335 141.90 -10.00 -71.28
CA ALA CA 335 142.08 -8.62 -70.86
C ALA CA 335 141.45 -7.66 -71.85
N GLY CA 336 140.78 -6.63 -71.33
CA GLY CA 336 140.12 -5.64 -72.15
C GLY CA 336 138.66 -5.92 -72.45
N ASP CA 337 138.15 -7.10 -72.12
CA ASP CA 337 136.75 -7.41 -72.35
C ASP CA 337 135.86 -6.51 -71.50
N ALA CA 338 134.81 -5.98 -72.10
CA ALA CA 338 133.94 -5.05 -71.41
C ALA CA 338 133.06 -5.77 -70.40
N VAL CA 339 132.92 -5.17 -69.21
CA VAL CA 339 132.07 -5.69 -68.16
C VAL CA 339 131.16 -4.56 -67.69
N SER CA 340 130.10 -4.93 -66.99
CA SER CA 340 129.17 -3.96 -66.42
C SER CA 340 128.69 -4.45 -65.07
N VAL CA 341 128.07 -3.55 -64.33
CA VAL CA 341 127.47 -3.88 -63.03
C VAL CA 341 125.98 -3.61 -63.13
N VAL CA 342 125.17 -4.53 -62.60
CA VAL CA 342 123.72 -4.42 -62.72
C VAL CA 342 123.23 -3.70 -61.46
N GLY CA 343 122.42 -2.66 -61.67
CA GLY CA 343 121.87 -1.89 -60.56
C GLY CA 343 121.81 -0.41 -60.92
N THR CA 344 121.88 0.42 -59.89
CA THR CA 344 121.86 1.87 -60.04
C THR CA 344 122.94 2.45 -59.14
N ALA CA 345 122.91 3.76 -58.95
CA ALA CA 345 123.98 4.45 -58.23
C ALA CA 345 124.14 4.00 -56.78
N SER CA 346 123.15 4.31 -55.93
CA SER CA 346 123.32 4.02 -54.51
C SER CA 346 122.04 3.61 -53.80
N GLN CA 347 121.00 3.17 -54.52
CA GLN CA 347 119.74 2.92 -53.85
C GLN CA 347 119.79 1.62 -53.05
N THR CA 348 118.81 1.47 -52.16
CA THR CA 348 118.60 0.23 -51.43
C THR CA 348 117.46 -0.55 -52.08
N MET CA 349 117.51 -1.87 -51.96
CA MET CA 349 116.51 -2.71 -52.59
C MET CA 349 116.40 -4.04 -51.86
N LYS CA 350 115.31 -4.75 -52.16
CA LYS CA 350 115.00 -6.05 -51.58
C LYS CA 350 114.81 -7.04 -52.72
N PRO CA 351 115.86 -7.74 -53.12
CA PRO CA 351 115.78 -8.61 -54.30
C PRO CA 351 114.88 -9.81 -54.06
N ASN CA 352 114.36 -10.34 -55.17
CA ASN CA 352 113.56 -11.56 -55.17
C ASN CA 352 114.47 -12.74 -55.49
N LEU CA 353 114.28 -13.84 -54.77
CA LEU CA 353 115.19 -14.98 -54.85
C LEU CA 353 114.50 -16.18 -55.47
N PHE CA 354 115.30 -16.96 -56.20
CA PHE CA 354 114.86 -18.23 -56.77
C PHE CA 354 116.02 -19.21 -56.67
N TYR CA 355 115.73 -20.45 -56.30
CA TYR CA 355 116.82 -21.39 -56.04
C TYR CA 355 116.30 -22.82 -56.11
N ASN CA 356 117.22 -23.74 -56.40
CA ASN CA 356 116.92 -25.16 -56.42
C ASN CA 356 117.03 -25.72 -55.00
N LYS CA 357 116.60 -26.98 -54.86
CA LYS CA 357 116.56 -27.60 -53.54
C LYS CA 357 117.96 -27.73 -52.93
N PHE CA 358 118.94 -28.14 -53.72
CA PHE CA 358 120.29 -28.39 -53.23
C PHE CA 358 121.22 -27.20 -53.46
N PHE CA 359 120.69 -25.98 -53.42
CA PHE CA 359 121.52 -24.80 -53.56
C PHE CA 359 122.29 -24.49 -52.29
N CYS CA 360 121.70 -24.68 -51.12
CA CYS CA 360 122.36 -24.42 -49.85
C CYS CA 360 121.88 -25.46 -48.84
N GLY CA 361 122.47 -25.43 -47.64
CA GLY CA 361 122.09 -26.31 -46.56
C GLY CA 361 122.05 -25.56 -45.25
N LEU CA 362 121.67 -26.26 -44.19
CA LEU CA 362 121.53 -25.66 -42.87
C LEU CA 362 121.67 -26.75 -41.82
N GLY CA 363 122.30 -26.40 -40.70
CA GLY CA 363 122.41 -27.34 -39.60
C GLY CA 363 122.56 -26.63 -38.28
N SER CA 364 122.34 -27.38 -37.20
CA SER CA 364 122.50 -26.87 -35.85
C SER CA 364 123.32 -27.86 -35.04
N ILE CA 365 124.13 -27.34 -34.12
CA ILE CA 365 125.04 -28.15 -33.32
C ILE CA 365 124.56 -28.12 -31.88
N PRO CA 366 124.30 -29.27 -31.25
CA PRO CA 366 123.92 -29.28 -29.83
C PRO CA 366 125.07 -28.80 -28.95
N LEU CA 367 124.70 -28.20 -27.82
CA LEU CA 367 125.66 -27.64 -26.88
C LEU CA 367 125.53 -28.32 -25.52
N PRO CA 368 126.63 -28.43 -24.77
CA PRO CA 368 126.57 -29.07 -23.45
C PRO CA 368 126.26 -28.09 -22.33
N LYS CA 369 126.14 -28.60 -21.11
CA LYS CA 369 125.77 -27.81 -19.95
C LYS CA 369 127.02 -27.42 -19.18
N LEU CA 370 127.08 -26.16 -18.73
CA LEU CA 370 128.17 -25.72 -17.87
C LEU CA 370 128.03 -26.34 -16.48
N HIS CA 371 129.17 -26.63 -15.86
CA HIS CA 371 129.16 -27.28 -14.56
C HIS CA 371 128.60 -26.35 -13.49
N SER CA 372 127.95 -26.97 -12.50
CA SER CA 372 127.42 -26.28 -11.32
C SER CA 372 126.41 -25.20 -11.68
N ILE CA 373 125.72 -25.34 -12.82
CA ILE CA 373 124.70 -24.40 -13.25
C ILE CA 373 123.53 -25.20 -13.80
N ASP CA 374 122.32 -24.84 -13.40
CA ASP CA 374 121.12 -25.48 -13.95
C ASP CA 374 120.75 -24.85 -15.28
N SER CA 375 120.31 -25.71 -16.22
CA SER CA 375 120.00 -25.26 -17.56
C SER CA 375 118.85 -26.09 -18.11
N ALA CA 376 118.24 -25.59 -19.18
CA ALA CA 376 117.12 -26.27 -19.80
C ALA CA 376 117.24 -26.19 -21.32
N VAL CA 377 116.47 -27.03 -22.00
CA VAL CA 377 116.44 -27.07 -23.45
C VAL CA 377 115.01 -26.89 -23.91
N ALA CA 378 114.78 -25.95 -24.83
CA ALA CA 378 113.45 -25.66 -25.35
C ALA CA 378 113.43 -25.85 -26.86
N THR CA 379 112.25 -26.12 -27.39
CA THR CA 379 112.05 -26.35 -28.82
C THR CA 379 111.11 -25.27 -29.35
N TYR CA 380 111.51 -24.64 -30.44
CA TYR CA 380 110.68 -23.62 -31.09
C TYR CA 380 110.93 -23.66 -32.59
N GLU CA 381 109.86 -23.88 -33.35
CA GLU CA 381 109.93 -23.96 -34.81
C GLU CA 381 110.94 -25.02 -35.25
N GLY CA 382 111.00 -26.12 -34.49
CA GLY CA 382 111.92 -27.19 -34.83
C GLY CA 382 113.36 -26.90 -34.51
N PHE CA 383 113.65 -25.86 -33.73
CA PHE CA 383 115.00 -25.51 -33.36
C PHE CA 383 115.16 -25.62 -31.85
N SER CA 384 116.32 -26.14 -31.43
CA SER CA 384 116.61 -26.40 -30.02
C SER CA 384 117.48 -25.29 -29.46
N ILE CA 385 117.00 -24.66 -28.38
CA ILE CA 385 117.67 -23.53 -27.76
C ILE CA 385 118.00 -23.90 -26.32
N ARG CA 386 119.23 -23.65 -25.90
CA ARG CA 386 119.70 -24.00 -24.57
C ARG CA 386 119.74 -22.76 -23.70
N VAL CA 387 119.10 -22.82 -22.53
CA VAL CA 387 118.95 -21.66 -21.65
C VAL CA 387 119.66 -21.92 -20.35
N HIS CA 388 120.48 -20.96 -19.91
CA HIS CA 388 121.23 -21.02 -18.67
C HIS CA 388 120.75 -19.93 -17.72
N LYS CA 389 120.70 -20.27 -16.43
CA LYS CA 389 120.32 -19.34 -15.37
C LYS CA 389 121.36 -19.43 -14.26
N TYR CA 390 121.90 -18.29 -13.85
CA TYR CA 390 122.90 -18.25 -12.78
C TYR CA 390 122.86 -16.91 -12.07
N ALA CA 391 123.37 -16.88 -10.85
CA ALA CA 391 123.24 -15.71 -10.00
C ALA CA 391 124.61 -15.28 -9.47
N ASP CA 392 124.79 -13.97 -9.31
CA ASP CA 392 125.96 -13.46 -8.61
C ASP CA 392 125.64 -13.21 -7.14
N GLY CA 393 126.33 -13.91 -6.27
CA GLY CA 393 125.98 -13.95 -4.86
C GLY CA 393 126.17 -12.68 -4.07
N ASP CA 394 127.27 -11.96 -4.33
CA ASP CA 394 127.65 -10.82 -3.51
C ASP CA 394 126.98 -9.52 -3.92
N ALA CA 395 126.13 -9.53 -4.94
CA ALA CA 395 125.48 -8.31 -5.41
C ALA CA 395 123.99 -8.46 -5.61
N ASN CA 396 123.41 -9.62 -5.29
CA ASN CA 396 121.97 -9.87 -5.47
C ASN CA 396 121.55 -9.60 -6.91
N VAL CA 397 122.15 -10.34 -7.84
CA VAL CA 397 121.90 -10.19 -9.26
C VAL CA 397 121.59 -11.56 -9.85
N GLN CA 398 120.52 -11.63 -10.64
CA GLN CA 398 120.14 -12.85 -11.34
C GLN CA 398 120.36 -12.66 -12.83
N LYS CA 399 120.78 -13.72 -13.51
CA LYS CA 399 121.34 -13.61 -14.85
C LYS CA 399 120.84 -14.79 -15.68
N MET CA 400 120.49 -14.48 -16.94
CA MET CA 400 119.85 -15.44 -17.83
C MET CA 400 120.49 -15.34 -19.21
N ARG CA 401 120.51 -16.46 -19.93
CA ARG CA 401 121.07 -16.45 -21.28
C ARG CA 401 120.49 -17.58 -22.12
N PHE CA 402 120.46 -17.36 -23.44
CA PHE CA 402 119.98 -18.31 -24.41
C PHE CA 402 121.03 -18.54 -25.49
N ASP CA 403 121.11 -19.77 -26.00
CA ASP CA 403 122.15 -20.15 -26.94
C ASP CA 403 121.60 -21.06 -28.03
N LEU CA 404 122.17 -20.93 -29.23
CA LEU CA 404 121.83 -21.75 -30.39
C LEU CA 404 122.97 -21.64 -31.41
N LEU CA 405 123.52 -22.79 -31.81
CA LEU CA 405 124.70 -22.83 -32.68
C LEU CA 405 124.32 -23.24 -34.10
N PRO CA 406 124.34 -22.31 -35.07
CA PRO CA 406 124.02 -22.65 -36.46
C PRO CA 406 125.24 -22.95 -37.31
N ALA CA 407 125.02 -23.56 -38.48
CA ALA CA 407 126.08 -23.86 -39.43
C ALA CA 407 125.51 -23.85 -40.85
N TYR CA 408 126.26 -23.28 -41.80
CA TYR CA 408 125.80 -23.10 -43.17
C TYR CA 408 126.77 -23.76 -44.14
N VAL CA 409 126.22 -24.31 -45.22
CA VAL CA 409 127.00 -24.93 -46.30
C VAL CA 409 126.42 -24.49 -47.63
N CYS CA 410 127.29 -24.23 -48.60
CA CYS CA 410 126.89 -23.91 -49.97
C CYS CA 410 127.41 -25.02 -50.88
N PHE CA 411 126.50 -25.62 -51.66
CA PHE CA 411 126.88 -26.78 -52.47
C PHE CA 411 127.32 -26.36 -53.86
N ASN CA 412 126.49 -25.60 -54.57
CA ASN CA 412 126.83 -25.17 -55.92
C ASN CA 412 126.26 -23.78 -56.19
N PRO CA 413 127.11 -22.78 -56.42
CA PRO CA 413 126.60 -21.42 -56.67
C PRO CA 413 125.80 -21.29 -57.96
N HIS CA 414 125.91 -22.23 -58.88
CA HIS CA 414 125.25 -22.14 -60.17
C HIS CA 414 123.84 -22.70 -60.17
N MET CA 415 123.19 -22.73 -59.01
CA MET CA 415 121.81 -23.22 -58.90
C MET CA 415 121.00 -22.27 -58.03
N GLY CA 416 121.17 -20.97 -58.24
CA GLY CA 416 120.42 -19.98 -57.50
C GLY CA 416 120.88 -18.59 -57.88
N GLY CA 417 120.08 -17.62 -57.44
CA GLY CA 417 120.39 -16.22 -57.74
C GLY CA 417 119.19 -15.34 -57.47
N GLN CA 418 119.20 -14.16 -58.08
CA GLN CA 418 118.14 -13.17 -57.92
C GLN CA 418 117.53 -12.86 -59.27
N PHE CA 419 116.22 -12.60 -59.27
CA PHE CA 419 115.49 -12.31 -60.50
C PHE CA 419 114.64 -11.07 -60.30
N PHE CA 420 114.58 -10.24 -61.33
CA PHE CA 420 113.76 -9.04 -61.34
C PHE CA 420 112.84 -9.06 -62.56
N GLY CA 421 112.06 -8.01 -62.70
CA GLY CA 421 111.22 -7.87 -63.87
C GLY CA 421 112.02 -7.54 -65.12
N ASN CA 422 111.41 -7.77 -66.27
CA ASN CA 422 112.05 -7.55 -67.55
C ASN CA 422 111.17 -6.66 -68.41
N PRO CA 423 111.66 -5.48 -68.81
CA PRO CA 423 110.88 -4.58 -69.67
C PRO CA 423 110.93 -4.97 -71.14
N ASN DA 3 29.00 31.01 76.69
CA ASN DA 3 29.84 31.74 77.63
C ASN DA 3 29.81 31.09 79.01
N ASN DA 4 30.97 31.01 79.65
CA ASN DA 4 31.08 30.50 81.02
C ASN DA 4 30.57 29.07 81.12
N LEU DA 5 31.24 28.16 80.40
CA LEU DA 5 31.02 26.73 80.53
C LEU DA 5 32.06 26.06 81.41
N ASP DA 6 32.69 26.82 82.32
CA ASP DA 6 33.76 26.26 83.14
C ASP DA 6 33.24 25.13 84.04
N SER DA 7 32.05 25.29 84.61
CA SER DA 7 31.54 24.27 85.53
C SER DA 7 31.11 23.01 84.80
N ASN DA 8 30.95 23.07 83.48
CA ASN DA 8 30.55 21.89 82.72
C ASN DA 8 31.66 20.85 82.70
N VAL DA 9 32.89 21.26 82.44
CA VAL DA 9 34.02 20.34 82.33
C VAL DA 9 34.60 20.05 83.70
N SER DA 10 35.41 19.00 83.79
CA SER DA 10 36.02 18.58 85.05
C SER DA 10 37.53 18.47 84.88
N GLN DA 11 38.25 18.83 85.94
CA GLN DA 11 39.70 18.73 85.96
C GLN DA 11 40.07 17.27 86.20
N ILE DA 12 40.79 16.67 85.27
CA ILE DA 12 41.10 15.25 85.30
C ILE DA 12 42.59 15.04 85.37
N VAL DA 13 43.01 14.15 86.28
CA VAL DA 13 44.40 13.76 86.43
C VAL DA 13 44.50 12.27 86.11
N LEU DA 14 45.31 11.93 85.11
CA LEU DA 14 45.42 10.54 84.70
C LEU DA 14 46.15 9.71 85.74
N LYS DA 15 45.90 8.40 85.71
CA LYS DA 15 46.55 7.46 86.62
C LYS DA 15 47.79 6.86 85.96
N LYS DA 16 48.70 7.75 85.54
CA LYS DA 16 49.93 7.34 84.88
C LYS DA 16 51.10 8.00 85.61
N PHE DA 17 52.18 7.24 85.82
CA PHE DA 17 53.37 7.74 86.49
C PHE DA 17 54.50 7.91 85.49
N LEU DA 18 55.11 9.09 85.50
CA LEU DA 18 56.21 9.37 84.59
C LEU DA 18 57.47 8.64 85.04
N PRO DA 19 58.35 8.30 84.11
CA PRO DA 19 59.58 7.58 84.48
C PRO DA 19 60.53 8.46 85.26
N GLY DA 20 61.41 7.80 86.01
CA GLY DA 20 62.36 8.50 86.84
C GLY DA 20 63.81 8.16 86.55
N PHE DA 21 64.69 8.37 87.54
CA PHE DA 21 66.11 8.14 87.40
C PHE DA 21 66.54 6.95 88.25
N MET DA 22 67.41 6.10 87.68
CA MET DA 22 67.97 4.96 88.39
C MET DA 22 69.50 5.05 88.39
N SER DA 23 70.12 4.00 88.91
CA SER DA 23 71.57 3.93 89.06
C SER DA 23 72.03 2.54 88.67
N ASP DA 24 73.29 2.23 88.97
CA ASP DA 24 73.88 0.95 88.65
C ASP DA 24 74.50 0.35 89.91
N LEU DA 25 74.50 -0.98 89.98
CA LEU DA 25 75.04 -1.71 91.12
C LEU DA 25 76.12 -2.66 90.63
N VAL DA 26 77.38 -2.34 90.92
CA VAL DA 26 78.49 -3.16 90.45
C VAL DA 26 79.39 -3.58 91.61
N LEU DA 27 79.41 -2.80 92.69
CA LEU DA 27 80.33 -3.07 93.78
C LEU DA 27 79.90 -4.28 94.62
N ALA DA 28 78.59 -4.39 94.90
CA ALA DA 28 78.10 -5.46 95.75
C ALA DA 28 78.25 -6.82 95.10
N LYS DA 29 78.26 -6.89 93.78
CA LYS DA 29 78.42 -8.15 93.06
C LYS DA 29 79.88 -8.53 92.85
N THR DA 30 80.82 -7.65 93.19
CA THR DA 30 82.24 -7.91 92.98
C THR DA 30 83.04 -8.02 94.27
N VAL DA 31 82.63 -7.33 95.34
CA VAL DA 31 83.33 -7.45 96.61
C VAL DA 31 83.11 -8.85 97.17
N ASP DA 32 83.96 -9.27 98.10
CA ASP DA 32 83.89 -10.61 98.64
C ASP DA 32 82.77 -10.70 99.67
N ARG DA 33 82.03 -11.80 99.65
CA ARG DA 33 80.93 -12.02 100.59
C ARG DA 33 80.91 -13.41 101.19
N GLN DA 34 81.75 -14.33 100.71
CA GLN DA 34 81.70 -15.71 101.20
C GLN DA 34 82.33 -15.86 102.58
N LEU DA 35 83.36 -15.07 102.87
CA LEU DA 35 84.09 -15.21 104.16
C LEU DA 35 83.20 -14.75 105.33
N LEU DA 36 82.87 -13.44 105.40
CA LEU DA 36 82.00 -12.92 106.47
C LEU DA 36 80.54 -13.11 106.07
N ALA DA 37 80.06 -14.36 106.02
CA ALA DA 37 78.63 -14.58 105.76
C ALA DA 37 78.08 -15.49 106.87
N GLY DA 38 77.21 -14.97 107.72
CA GLY DA 38 76.69 -15.75 108.86
C GLY DA 38 77.73 -15.81 109.96
N GLU DA 39 78.84 -15.11 109.81
CA GLU DA 39 79.84 -15.06 110.90
C GLU DA 39 79.30 -14.31 112.11
N ILE DA 40 78.56 -13.21 111.91
CA ILE DA 40 78.12 -12.44 113.10
C ILE DA 40 76.84 -13.10 113.62
N ASN DA 41 76.84 -13.57 114.86
CA ASN DA 41 75.69 -14.31 115.43
C ASN DA 41 75.42 -13.76 116.82
N SER DA 42 74.33 -14.16 117.46
CA SER DA 42 74.00 -13.71 118.84
C SER DA 42 75.12 -14.14 119.79
N SER DA 43 75.68 -15.34 119.61
CA SER DA 43 76.84 -15.78 120.43
C SER DA 43 78.09 -14.92 120.20
N THR DA 44 78.41 -14.56 118.95
CA THR DA 44 79.67 -13.81 118.63
C THR DA 44 79.71 -12.39 119.17
N GLY DA 45 78.59 -11.67 119.17
CA GLY DA 45 78.62 -10.27 119.59
C GLY DA 45 78.80 -9.32 118.43
N ASP DA 46 79.24 -8.08 118.68
CA ASP DA 46 79.38 -7.03 117.64
C ASP DA 46 80.39 -7.38 116.54
N SER DA 47 81.54 -7.99 116.87
CA SER DA 47 82.59 -8.18 115.83
C SER DA 47 83.22 -9.58 115.80
N VAL DA 48 83.73 -10.00 114.63
CA VAL DA 48 84.49 -11.28 114.53
C VAL DA 48 85.76 -10.94 113.77
N SER DA 49 86.86 -11.69 113.98
CA SER DA 49 88.16 -11.36 113.34
C SER DA 49 88.81 -12.60 112.72
N PHE DA 50 89.63 -12.43 111.68
CA PHE DA 50 90.21 -13.59 110.96
C PHE DA 50 91.74 -13.56 111.06
N LYS DA 51 92.39 -14.73 111.06
CA LYS DA 51 93.86 -14.80 111.27
C LYS DA 51 94.63 -14.23 110.07
N ARG DA 52 95.84 -13.70 110.29
CA ARG DA 52 96.67 -13.10 109.21
C ARG DA 52 97.84 -14.02 108.88
N PRO DA 53 98.47 -14.00 107.66
CA PRO DA 53 99.55 -14.94 107.33
C PRO DA 53 100.87 -14.53 107.98
N HIS DA 54 101.75 -15.51 108.09
CA HIS DA 54 103.06 -15.34 108.69
C HIS DA 54 104.15 -15.20 107.63
N GLN DA 55 105.26 -14.58 108.02
CA GLN DA 55 106.41 -14.42 107.15
C GLN DA 55 107.67 -14.74 107.93
N PHE DA 56 108.71 -15.16 107.20
CA PHE DA 56 109.94 -15.65 107.82
C PHE DA 56 111.15 -15.12 107.06
N SER DA 57 112.30 -15.16 107.72
CA SER DA 57 113.57 -14.74 107.15
C SER DA 57 114.62 -15.79 107.45
N SER DA 58 115.65 -15.84 106.61
CA SER DA 58 116.68 -16.86 106.69
C SER DA 58 118.03 -16.24 107.05
N LEU DA 59 119.03 -17.11 107.17
CA LEU DA 59 120.39 -16.73 107.54
C LEU DA 59 121.38 -17.31 106.54
N ARG DA 60 122.47 -16.58 106.30
CA ARG DA 60 123.52 -17.00 105.38
C ARG DA 60 124.83 -17.09 106.14
N THR DA 61 125.28 -18.31 106.40
CA THR DA 61 126.55 -18.56 107.07
C THR DA 61 127.33 -19.63 106.32
N PRO DA 62 128.67 -19.58 106.36
CA PRO DA 62 129.46 -20.58 105.62
C PRO DA 62 129.34 -21.99 106.18
N THR DA 63 129.49 -22.15 107.48
CA THR DA 63 129.50 -23.47 108.10
C THR DA 63 128.12 -23.96 108.51
N GLY DA 64 127.11 -23.09 108.50
CA GLY DA 64 125.75 -23.50 108.79
C GLY DA 64 125.39 -23.59 110.25
N ASP DA 65 126.28 -23.20 111.16
CA ASP DA 65 125.99 -23.22 112.59
C ASP DA 65 125.67 -21.81 113.03
N ILE DA 66 124.51 -21.64 113.67
CA ILE DA 66 123.98 -20.32 113.99
C ILE DA 66 123.93 -20.11 115.49
N SER DA 67 124.86 -20.73 116.21
CA SER DA 67 124.92 -20.53 117.66
C SER DA 67 125.25 -19.08 117.98
N GLY DA 68 124.52 -18.52 118.94
CA GLY DA 68 124.75 -17.15 119.35
C GLY DA 68 124.14 -16.10 118.46
N GLN DA 69 123.13 -16.45 117.66
CA GLN DA 69 122.43 -15.50 116.81
C GLN DA 69 120.93 -15.67 117.00
N ASN DA 70 120.21 -14.55 117.09
CA ASN DA 70 118.79 -14.60 117.37
C ASN DA 70 118.02 -15.23 116.21
N LYS DA 71 117.04 -16.07 116.55
CA LYS DA 71 116.23 -16.76 115.56
C LYS DA 71 114.98 -15.93 115.25
N ASN DA 72 114.02 -16.53 114.55
CA ASN DA 72 112.80 -15.83 114.19
C ASN DA 72 111.81 -15.85 115.35
N ASN DA 73 110.93 -14.86 115.38
CA ASN DA 73 109.90 -14.74 116.40
C ASN DA 73 108.54 -14.89 115.74
N LEU DA 74 107.63 -15.58 116.43
CA LEU DA 74 106.29 -15.83 115.92
C LEU DA 74 105.34 -14.76 116.44
N ILE DA 75 104.86 -13.89 115.55
CA ILE DA 75 103.92 -12.84 115.89
C ILE DA 75 102.66 -13.03 115.05
N SER DA 76 101.51 -13.05 115.71
CA SER DA 76 100.24 -13.31 115.05
C SER DA 76 99.36 -12.06 115.07
N GLY DA 77 98.77 -11.74 113.92
CA GLY DA 77 97.93 -10.57 113.80
C GLY DA 77 96.54 -10.95 113.32
N LYS DA 78 95.60 -10.05 113.59
CA LYS DA 78 94.20 -10.29 113.27
C LYS DA 78 93.58 -9.06 112.62
N ALA DA 79 92.55 -9.30 111.82
CA ALA DA 79 91.78 -8.26 111.17
C ALA DA 79 90.34 -8.35 111.65
N THR DA 80 89.77 -7.22 112.06
CA THR DA 80 88.47 -7.19 112.72
C THR DA 80 87.43 -6.51 111.84
N GLY DA 81 86.24 -7.10 111.79
CA GLY DA 81 85.09 -6.49 111.14
C GLY DA 81 83.94 -6.36 112.13
N ARG DA 82 83.29 -5.20 112.11
CA ARG DA 82 82.28 -4.85 113.11
C ARG DA 82 80.99 -4.46 112.42
N VAL DA 83 79.88 -4.59 113.15
CA VAL DA 83 78.58 -4.11 112.67
C VAL DA 83 78.56 -2.59 112.69
N GLY DA 84 77.56 -2.00 112.03
CA GLY DA 84 77.45 -0.55 111.99
C GLY DA 84 76.01 -0.06 112.00
N ASN DA 85 75.82 1.24 111.77
CA ASN DA 85 74.48 1.81 111.69
C ASN DA 85 73.75 1.25 110.47
N TYR DA 86 72.42 1.27 110.53
CA TYR DA 86 71.61 0.65 109.49
C TYR DA 86 70.56 1.63 108.98
N ILE DA 87 69.77 1.17 108.02
CA ILE DA 87 68.90 2.01 107.20
C ILE DA 87 67.46 1.79 107.64
N THR DA 88 66.72 2.87 107.82
CA THR DA 88 65.30 2.82 108.14
C THR DA 88 64.56 3.89 107.37
N VAL DA 89 63.46 3.50 106.73
CA VAL DA 89 62.57 4.42 106.03
C VAL DA 89 61.16 4.20 106.56
N ALA DA 90 60.47 5.29 106.90
CA ALA DA 90 59.15 5.21 107.50
C ALA DA 90 58.23 6.27 106.93
N VAL DA 91 56.96 5.91 106.75
CA VAL DA 91 55.92 6.80 106.28
C VAL DA 91 54.67 6.58 107.13
N GLU DA 92 53.78 7.57 107.09
CA GLU DA 92 52.53 7.48 107.85
C GLU DA 92 51.45 8.32 107.15
N TYR DA 93 50.20 7.95 107.39
CA TYR DA 93 49.06 8.66 106.84
C TYR DA 93 47.83 8.36 107.67
N GLN DA 94 46.82 9.23 107.53
CA GLN DA 94 45.57 9.07 108.26
C GLN DA 94 44.69 8.02 107.57
N GLN DA 95 43.59 7.67 108.22
CA GLN DA 95 42.65 6.71 107.65
C GLN DA 95 41.74 7.37 106.63
N LEU DA 96 41.26 8.58 106.91
CA LEU DA 96 40.46 9.31 105.94
C LEU DA 96 41.27 9.61 104.67
N GLU DA 97 42.54 9.99 104.83
CA GLU DA 97 43.39 10.22 103.67
C GLU DA 97 43.53 8.94 102.85
N GLU DA 98 43.70 7.80 103.50
CA GLU DA 98 43.78 6.55 102.78
C GLU DA 98 42.46 6.17 102.11
N ALA DA 99 41.33 6.56 102.70
CA ALA DA 99 40.04 6.19 102.15
C ALA DA 99 39.66 7.04 100.95
N ILE DA 100 40.02 8.32 100.95
CA ILE DA 100 39.50 9.20 99.89
C ILE DA 100 40.58 9.92 99.09
N LYS DA 101 41.85 9.63 99.37
CA LYS DA 101 42.91 10.32 98.64
C LYS DA 101 44.10 9.44 98.24
N LEU DA 102 44.15 8.17 98.64
CA LEU DA 102 45.27 7.29 98.30
C LEU DA 102 44.80 6.23 97.31
N ASN DA 103 45.19 6.41 96.05
CA ASN DA 103 45.02 5.41 95.01
C ASN DA 103 46.39 5.07 94.43
N GLN DA 104 46.53 3.86 93.90
CA GLN DA 104 47.80 3.37 93.37
C GLN DA 104 48.88 3.37 94.45
N LEU DA 105 48.52 2.94 95.65
CA LEU DA 105 49.44 2.98 96.78
C LEU DA 105 50.66 2.09 96.54
N GLU DA 106 50.47 0.96 95.86
CA GLU DA 106 51.58 0.04 95.65
C GLU DA 106 52.70 0.69 94.83
N GLU DA 107 52.35 1.30 93.70
CA GLU DA 107 53.37 1.96 92.90
C GLU DA 107 53.71 3.35 93.40
N ILE DA 108 52.98 3.87 94.40
CA ILE DA 108 53.49 5.00 95.15
C ILE DA 108 54.63 4.57 96.05
N LEU DA 109 54.49 3.44 96.72
CA LEU DA 109 55.45 2.96 97.70
C LEU DA 109 56.54 2.06 97.12
N ALA DA 110 56.48 1.77 95.82
CA ALA DA 110 57.47 0.89 95.20
C ALA DA 110 58.93 1.29 95.42
N PRO DA 111 59.35 2.56 95.25
CA PRO DA 111 60.80 2.84 95.15
C PRO DA 111 61.56 2.91 96.47
N VAL DA 112 61.00 2.40 97.55
CA VAL DA 112 61.72 2.40 98.83
C VAL DA 112 62.88 1.40 98.84
N ARG DA 113 62.70 0.22 98.27
CA ARG DA 113 63.73 -0.81 98.29
C ARG DA 113 64.92 -0.41 97.42
N GLN DA 114 64.65 0.26 96.29
CA GLN DA 114 65.74 0.82 95.49
C GLN DA 114 66.52 1.85 96.29
N ARG DA 115 65.83 2.69 97.06
CA ARG DA 115 66.50 3.68 97.90
C ARG DA 115 67.39 2.99 98.93
N ILE DA 116 66.89 1.94 99.56
CA ILE DA 116 67.67 1.24 100.58
C ILE DA 116 68.94 0.65 99.97
N VAL DA 117 68.79 -0.02 98.82
CA VAL DA 117 69.95 -0.65 98.19
C VAL DA 117 70.95 0.40 97.73
N THR DA 118 70.47 1.52 97.18
CA THR DA 118 71.37 2.59 96.74
C THR DA 118 72.13 3.17 97.93
N ASP DA 119 71.46 3.38 99.06
CA ASP DA 119 72.15 3.89 100.23
C ASP DA 119 73.20 2.92 100.73
N LEU DA 120 72.89 1.62 100.71
CA LEU DA 120 73.88 0.63 101.11
C LEU DA 120 75.11 0.67 100.20
N GLU DA 121 74.89 0.75 98.88
CA GLU DA 121 76.02 0.81 97.96
C GLU DA 121 76.84 2.08 98.16
N THR DA 122 76.17 3.20 98.39
CA THR DA 122 76.88 4.46 98.61
C THR DA 122 77.74 4.41 99.87
N GLU DA 123 77.20 3.84 100.94
CA GLU DA 123 78.00 3.68 102.16
C GLU DA 123 79.19 2.76 101.91
N LEU DA 124 78.98 1.69 101.14
CA LEU DA 124 80.10 0.82 100.80
C LEU DA 124 81.16 1.56 100.01
N ALA DA 125 80.74 2.43 99.09
CA ALA DA 125 81.68 3.19 98.28
C ALA DA 125 82.51 4.13 99.14
N HIS DA 126 81.88 4.84 100.08
CA HIS DA 126 82.66 5.67 101.01
C HIS DA 126 83.60 4.83 101.86
N PHE DA 127 83.15 3.66 102.31
CA PHE DA 127 84.03 2.80 103.11
C PHE DA 127 85.27 2.41 102.31
N MET DA 128 85.08 1.97 101.07
CA MET DA 128 86.20 1.57 100.23
C MET DA 128 87.12 2.75 99.95
N MET DA 129 86.55 3.92 99.66
CA MET DA 129 87.37 5.10 99.39
C MET DA 129 88.20 5.49 100.60
N ASN DA 130 87.61 5.47 101.79
CA ASN DA 130 88.30 5.88 102.99
C ASN DA 130 89.29 4.83 103.49
N ASN DA 131 89.14 3.56 103.10
CA ASN DA 131 90.07 2.53 103.55
C ASN DA 131 91.10 2.12 102.50
N GLY DA 132 90.97 2.57 101.26
CA GLY DA 132 92.01 2.30 100.28
C GLY DA 132 93.29 3.02 100.60
N ALA DA 133 94.42 2.41 100.24
CA ALA DA 133 95.73 2.93 100.58
C ALA DA 133 96.65 3.20 99.40
N LEU DA 134 96.39 2.62 98.23
CA LEU DA 134 97.28 2.82 97.10
C LEU DA 134 96.88 4.05 96.30
N SER DA 135 97.86 4.62 95.59
CA SER DA 135 97.62 5.78 94.73
C SER DA 135 98.48 5.65 93.50
N LEU DA 136 98.05 6.30 92.42
CA LEU DA 136 98.73 6.21 91.14
C LEU DA 136 98.45 7.46 90.33
N GLY DA 137 99.50 8.07 89.78
CA GLY DA 137 99.33 9.23 88.94
C GLY DA 137 99.00 10.49 89.73
N SER DA 138 98.45 11.47 89.01
CA SER DA 138 98.08 12.74 89.59
C SER DA 138 96.62 13.05 89.27
N PRO DA 139 95.89 13.67 90.20
CA PRO DA 139 94.45 13.86 90.00
C PRO DA 139 94.12 15.07 89.14
N ASN DA 140 95.12 15.70 88.54
CA ASN DA 140 94.92 16.88 87.72
C ASN DA 140 94.82 16.54 86.24
N THR DA 141 94.83 15.27 85.86
CA THR DA 141 94.78 14.86 84.47
C THR DA 141 93.78 13.72 84.30
N PRO DA 142 92.82 13.85 83.38
CA PRO DA 142 91.86 12.77 83.18
C PRO DA 142 92.49 11.58 82.48
N ILE DA 143 91.82 10.44 82.58
CA ILE DA 143 92.28 9.22 81.92
C ILE DA 143 92.04 9.36 80.42
N THR DA 144 93.12 9.21 79.63
CA THR DA 144 93.01 9.46 78.20
C THR DA 144 93.78 8.45 77.34
N LYS DA 145 94.33 7.39 77.91
CA LYS DA 145 95.14 6.47 77.13
C LYS DA 145 95.19 5.10 77.79
N TRP DA 146 95.66 4.12 77.02
CA TRP DA 146 95.65 2.72 77.46
C TRP DA 146 96.58 2.51 78.65
N SER DA 147 97.74 3.18 78.67
CA SER DA 147 98.68 2.99 79.76
C SER DA 147 98.12 3.46 81.09
N ASP DA 148 97.25 4.49 81.06
CA ASP DA 148 96.66 5.00 82.29
C ASP DA 148 95.82 3.94 83.00
N VAL DA 149 95.35 2.93 82.29
CA VAL DA 149 94.64 1.83 82.90
C VAL DA 149 95.53 0.59 83.08
N ALA DA 150 96.47 0.36 82.16
CA ALA DA 150 97.35 -0.80 82.30
C ALA DA 150 98.29 -0.66 83.49
N GLN DA 151 98.56 0.58 83.92
CA GLN DA 151 99.46 0.79 85.05
C GLN DA 151 98.90 0.16 86.32
N THR DA 152 97.57 0.07 86.45
CA THR DA 152 96.98 -0.53 87.64
C THR DA 152 97.31 -2.02 87.71
N ALA DA 153 97.10 -2.74 86.62
CA ALA DA 153 97.43 -4.16 86.59
C ALA DA 153 98.93 -4.37 86.79
N SER DA 154 99.74 -3.51 86.18
CA SER DA 154 101.19 -3.62 86.35
C SER DA 154 101.58 -3.44 87.82
N PHE DA 155 100.99 -2.46 88.49
CA PHE DA 155 101.31 -2.20 89.89
C PHE DA 155 100.87 -3.34 90.79
N LEU DA 156 99.66 -3.87 90.57
CA LEU DA 156 99.20 -5.01 91.36
C LEU DA 156 100.10 -6.21 91.16
N LYS DA 157 100.48 -6.51 89.92
CA LYS DA 157 101.38 -7.64 89.69
C LYS DA 157 102.74 -7.39 90.33
N ASP DA 158 103.23 -6.14 90.30
CA ASP DA 158 104.52 -5.83 90.87
C ASP DA 158 104.53 -6.03 92.39
N LEU DA 159 103.46 -5.60 93.07
CA LEU DA 159 103.40 -5.82 94.51
C LEU DA 159 103.39 -7.30 94.84
N GLY DA 160 102.63 -8.09 94.09
CA GLY DA 160 102.66 -9.54 94.26
C GLY DA 160 101.35 -10.18 94.65
N VAL DA 161 100.22 -9.53 94.32
CA VAL DA 161 98.93 -10.14 94.59
C VAL DA 161 98.70 -11.30 93.62
N ASN DA 162 98.23 -12.42 94.15
CA ASN DA 162 98.14 -13.64 93.34
C ASN DA 162 96.77 -14.31 93.35
N GLU DA 163 95.96 -14.17 94.41
CA GLU DA 163 94.64 -14.77 94.46
C GLU DA 163 93.57 -13.74 94.12
N GLY DA 164 92.48 -14.21 93.52
CA GLY DA 164 91.37 -13.35 93.17
C GLY DA 164 91.53 -12.68 91.83
N GLU DA 165 90.51 -11.91 91.47
CA GLU DA 165 90.49 -11.15 90.23
C GLU DA 165 90.50 -9.66 90.55
N ASN DA 166 91.29 -8.90 89.81
CA ASN DA 166 91.40 -7.46 90.01
C ASN DA 166 90.31 -6.73 89.24
N TYR DA 167 89.77 -5.70 89.87
CA TYR DA 167 88.70 -4.91 89.27
C TYR DA 167 89.09 -3.44 89.25
N ALA DA 168 88.58 -2.72 88.26
CA ALA DA 168 88.76 -1.28 88.16
C ALA DA 168 87.45 -0.65 87.69
N VAL DA 169 86.99 0.36 88.42
CA VAL DA 169 85.69 1.00 88.16
C VAL DA 169 85.95 2.36 87.53
N MET DA 170 85.22 2.66 86.46
CA MET DA 170 85.39 3.91 85.73
C MET DA 170 84.04 4.55 85.45
N ASP DA 171 84.03 5.87 85.42
CA ASP DA 171 82.81 6.65 85.19
C ASP DA 171 82.57 6.82 83.69
N PRO DA 172 81.37 7.24 83.30
CA PRO DA 172 81.06 7.34 81.87
C PRO DA 172 82.00 8.22 81.07
N TRP DA 173 82.50 9.32 81.65
CA TRP DA 173 83.42 10.17 80.90
C TRP DA 173 84.73 9.45 80.61
N SER DA 174 85.25 8.71 81.59
CA SER DA 174 86.47 7.93 81.35
C SER DA 174 86.21 6.84 80.33
N ALA DA 175 85.04 6.19 80.39
CA ALA DA 175 84.70 5.19 79.39
C ALA DA 175 84.65 5.80 77.99
N GLN DA 176 84.07 7.00 77.88
CA GLN DA 176 84.02 7.71 76.61
C GLN DA 176 85.42 8.01 76.08
N ARG DA 177 86.30 8.53 76.94
CA ARG DA 177 87.64 8.86 76.48
C ARG DA 177 88.42 7.61 76.07
N LEU DA 178 88.24 6.51 76.82
CA LEU DA 178 88.90 5.26 76.45
C LEU DA 178 88.37 4.74 75.12
N ALA DA 179 87.07 4.85 74.88
CA ALA DA 179 86.51 4.45 73.60
C ALA DA 179 87.05 5.31 72.46
N ASP DA 180 87.19 6.61 72.71
CA ASP DA 180 87.77 7.50 71.71
C ASP DA 180 89.20 7.09 71.38
N ALA DA 181 89.99 6.74 72.41
CA ALA DA 181 91.34 6.25 72.17
C ALA DA 181 91.33 4.94 71.38
N GLN DA 182 90.38 4.06 71.70
CA GLN DA 182 90.26 2.78 71.00
C GLN DA 182 89.88 2.97 69.54
N THR DA 183 89.13 4.03 69.24
CA THR DA 183 88.74 4.30 67.86
C THR DA 183 89.95 4.46 66.94
N GLY DA 184 91.10 4.86 67.47
CA GLY DA 184 92.30 5.06 66.71
C GLY DA 184 93.10 3.81 66.41
N LEU DA 185 92.55 2.63 66.69
CA LEU DA 185 93.25 1.39 66.37
C LEU DA 185 93.46 1.27 64.87
N HIS DA 186 94.59 0.66 64.50
CA HIS DA 186 95.01 0.62 63.10
C HIS DA 186 94.85 -0.76 62.45
N ALA DA 187 94.60 -1.81 63.22
CA ALA DA 187 94.57 -3.15 62.67
C ALA DA 187 93.22 -3.84 62.80
N SER DA 188 92.65 -3.89 63.99
CA SER DA 188 91.42 -4.63 64.24
C SER DA 188 90.21 -3.77 63.92
N ASP DA 189 89.21 -4.40 63.28
CA ASP DA 189 88.02 -3.68 62.81
C ASP DA 189 86.82 -3.84 63.73
N GLN DA 190 86.69 -4.97 64.41
CA GLN DA 190 85.55 -5.16 65.31
C GLN DA 190 85.58 -4.15 66.45
N LEU DA 191 86.75 -3.97 67.07
CA LEU DA 191 86.88 -3.00 68.15
C LEU DA 191 86.61 -1.59 67.65
N VAL DA 192 87.13 -1.25 66.48
CA VAL DA 192 86.91 0.09 65.93
C VAL DA 192 85.44 0.34 65.68
N ARG DA 193 84.74 -0.63 65.07
CA ARG DA 193 83.32 -0.45 64.81
C ARG DA 193 82.52 -0.35 66.10
N THR DA 194 82.85 -1.19 67.09
CA THR DA 194 82.14 -1.15 68.36
C THR DA 194 82.32 0.21 69.04
N ALA DA 195 83.56 0.71 69.09
CA ALA DA 195 83.82 2.00 69.72
C ALA DA 195 83.14 3.13 68.95
N TRP DA 196 83.15 3.07 67.62
CA TRP DA 196 82.57 4.14 66.82
C TRP DA 196 81.06 4.17 66.93
N GLU DA 197 80.42 3.00 67.08
CA GLU DA 197 78.97 2.95 67.12
C GLU DA 197 78.43 3.09 68.53
N ASN DA 198 78.80 2.19 69.43
CA ASN DA 198 78.21 2.14 70.76
C ASN DA 198 79.09 2.76 71.84
N ALA DA 199 80.38 2.98 71.56
CA ALA DA 199 81.30 3.62 72.51
C ALA DA 199 81.36 2.85 73.83
N GLN DA 200 81.57 1.53 73.75
CA GLN DA 200 81.72 0.68 74.91
C GLN DA 200 83.00 -0.13 74.80
N ILE DA 201 83.84 -0.05 75.82
CA ILE DA 201 85.10 -0.79 75.86
C ILE DA 201 84.79 -2.25 76.13
N PRO DA 202 85.69 -3.19 75.80
CA PRO DA 202 85.40 -4.61 76.06
C PRO DA 202 85.38 -4.96 77.53
N THR DA 203 85.14 -6.23 77.84
CA THR DA 203 85.08 -6.67 79.23
C THR DA 203 86.44 -6.54 79.92
N ASN DA 204 87.49 -7.08 79.30
CA ASN DA 204 88.84 -6.95 79.82
C ASN DA 204 89.53 -5.80 79.09
N PHE DA 205 90.12 -4.88 79.85
CA PHE DA 205 90.83 -3.74 79.30
C PHE DA 205 92.20 -3.63 79.97
N GLY DA 206 93.25 -3.84 79.19
CA GLY DA 206 94.60 -3.74 79.74
C GLY DA 206 94.91 -4.77 80.80
N GLY DA 207 94.45 -6.01 80.62
CA GLY DA 207 94.70 -7.06 81.58
C GLY DA 207 94.06 -6.86 82.93
N ILE DA 208 92.89 -6.24 82.96
CA ILE DA 208 92.14 -6.04 84.20
C ILE DA 208 90.66 -5.99 83.84
N ARG DA 209 89.81 -6.28 84.82
CA ARG DA 209 88.36 -6.27 84.59
C ARG DA 209 87.83 -4.87 84.84
N ALA DA 210 87.33 -4.22 83.79
CA ALA DA 210 86.85 -2.85 83.84
C ALA DA 210 85.33 -2.86 83.98
N LEU DA 211 84.82 -2.06 84.91
CA LEU DA 211 83.39 -1.95 85.18
C LEU DA 211 82.96 -0.50 85.11
N MET DA 212 81.88 -0.26 84.37
CA MET DA 212 81.34 1.09 84.21
C MET DA 212 80.10 1.25 85.09
N SER DA 213 80.10 2.29 85.93
CA SER DA 213 78.96 2.58 86.78
C SER DA 213 78.97 4.05 87.12
N ASN DA 214 77.81 4.69 87.04
CA ASN DA 214 77.67 6.11 87.35
C ASN DA 214 77.45 6.38 88.83
N GLY DA 215 77.18 5.35 89.63
CA GLY DA 215 77.00 5.55 91.06
C GLY DA 215 78.29 5.33 91.82
N LEU DA 216 78.97 6.43 92.16
CA LEU DA 216 80.26 6.35 92.82
C LEU DA 216 80.46 7.63 93.62
N ALA DA 217 80.95 7.48 94.85
CA ALA DA 217 81.00 8.58 95.79
C ALA DA 217 82.02 9.64 95.36
N SER DA 218 81.77 10.87 95.77
CA SER DA 218 82.65 12.01 95.50
C SER DA 218 83.04 12.66 96.82
N ARG DA 219 84.15 13.40 96.79
CA ARG DA 219 84.71 13.97 98.01
C ARG DA 219 85.32 15.33 97.71
N THR DA 220 85.44 16.13 98.77
CA THR DA 220 86.05 17.45 98.69
C THR DA 220 87.47 17.37 99.23
N GLN DA 221 88.39 18.13 98.62
CA GLN DA 221 89.80 18.04 98.99
C GLN DA 221 90.05 18.62 100.37
N GLY DA 222 89.52 19.79 100.66
CA GLY DA 222 89.80 20.45 101.92
C GLY DA 222 91.04 21.31 101.85
N ALA DA 223 90.94 22.56 102.28
CA ALA DA 223 92.01 23.53 102.07
C ALA DA 223 93.25 23.19 102.88
N PHE DA 224 94.41 23.34 102.26
CA PHE DA 224 95.70 23.17 102.91
C PHE DA 224 96.72 24.05 102.20
N GLY DA 225 97.99 23.87 102.53
CA GLY DA 225 99.04 24.63 101.89
C GLY DA 225 100.28 24.69 102.76
N GLY DA 226 101.36 25.15 102.14
CA GLY DA 226 102.64 25.26 102.83
C GLY DA 226 103.41 23.95 102.82
N THR DA 227 104.73 24.08 102.92
CA THR DA 227 105.59 22.90 102.99
C THR DA 227 105.30 22.14 104.27
N LEU DA 228 105.23 20.81 104.17
CA LEU DA 228 104.84 19.97 105.29
C LEU DA 228 105.94 18.96 105.60
N THR DA 229 106.20 18.75 106.88
CA THR DA 229 107.17 17.77 107.34
C THR DA 229 106.72 17.25 108.70
N VAL DA 230 107.22 16.06 109.06
CA VAL DA 230 106.83 15.46 110.33
C VAL DA 230 107.56 16.17 111.47
N LYS DA 231 107.00 16.02 112.68
CA LYS DA 231 107.57 16.61 113.87
C LYS DA 231 108.26 15.60 114.79
N THR DA 232 107.66 14.43 114.98
CA THR DA 232 108.21 13.41 115.86
C THR DA 232 108.16 12.08 115.14
N GLN DA 233 109.20 11.27 115.33
CA GLN DA 233 109.26 9.98 114.68
C GLN DA 233 108.13 9.08 115.17
N PRO DA 234 107.29 8.56 114.29
CA PRO DA 234 106.20 7.69 114.70
C PRO DA 234 106.70 6.30 115.04
N THR DA 235 105.77 5.45 115.49
CA THR DA 235 106.07 4.06 115.85
C THR DA 235 105.47 3.17 114.76
N VAL DA 236 106.35 2.52 113.99
CA VAL DA 236 105.92 1.73 112.84
C VAL DA 236 106.37 0.29 112.99
N THR DA 237 106.45 -0.19 114.23
CA THR DA 237 106.83 -1.57 114.49
C THR DA 237 105.62 -2.49 114.26
N TYR DA 238 105.92 -3.69 113.75
CA TYR DA 238 104.86 -4.67 113.52
C TYR DA 238 104.19 -5.07 114.82
N ASN DA 239 104.96 -5.15 115.91
CA ASN DA 239 104.39 -5.48 117.21
C ASN DA 239 103.36 -4.46 117.67
N ALA DA 240 103.38 -3.26 117.11
CA ALA DA 240 102.40 -2.23 117.44
C ALA DA 240 101.29 -2.11 116.41
N VAL DA 241 101.60 -2.27 115.12
CA VAL DA 241 100.60 -2.08 114.06
C VAL DA 241 100.07 -3.42 113.55
N LYS DA 242 100.25 -4.50 114.28
CA LYS DA 242 99.87 -5.85 113.85
C LYS DA 242 98.38 -6.10 113.95
N ASP DA 243 97.52 -5.17 114.31
CA ASP DA 243 96.11 -5.47 114.51
C ASP DA 243 95.16 -4.56 113.75
N SER DA 244 95.60 -3.40 113.28
CA SER DA 244 94.72 -2.48 112.55
C SER DA 244 95.31 -1.93 111.27
N TYR DA 245 96.62 -2.02 111.06
CA TYR DA 245 97.28 -1.47 109.87
C TYR DA 245 97.02 0.02 109.71
N GLN DA 246 96.92 0.74 110.82
CA GLN DA 246 96.82 2.19 110.83
C GLN DA 246 97.80 2.76 111.84
N PHE DA 247 98.22 4.00 111.61
CA PHE DA 247 99.11 4.68 112.55
C PHE DA 247 98.70 6.14 112.66
N THR DA 248 99.40 6.88 113.51
CA THR DA 248 99.09 8.28 113.79
C THR DA 248 100.37 9.09 113.75
N VAL DA 249 100.36 10.19 112.98
CA VAL DA 249 101.55 11.00 112.78
C VAL DA 249 101.19 12.47 112.93
N THR DA 250 102.18 13.26 113.34
CA THR DA 250 102.02 14.71 113.50
C THR DA 250 102.88 15.43 112.46
N LEU DA 251 102.36 16.53 111.95
CA LEU DA 251 102.95 17.28 110.85
C LEU DA 251 103.05 18.75 111.23
N THR DA 252 104.10 19.40 110.73
CA THR DA 252 104.37 20.81 110.95
C THR DA 252 104.52 21.53 109.62
N GLY DA 253 104.40 22.85 109.68
CA GLY DA 253 104.53 23.67 108.48
C GLY DA 253 103.22 24.04 107.81
N ALA DA 254 102.09 23.77 108.45
CA ALA DA 254 100.79 24.09 107.86
C ALA DA 254 100.48 25.58 108.04
N THR DA 255 99.25 25.94 107.69
CA THR DA 255 98.81 27.33 107.81
C THR DA 255 98.54 27.65 109.29
N ALA DA 256 98.18 28.91 109.53
CA ALA DA 256 98.03 29.42 110.88
C ALA DA 256 96.94 28.68 111.67
N SER DA 257 95.69 28.80 111.23
CA SER DA 257 94.57 28.20 111.95
C SER DA 257 93.46 27.90 110.95
N VAL DA 258 93.35 26.65 110.53
CA VAL DA 258 92.34 26.22 109.58
C VAL DA 258 91.63 25.00 110.16
N THR DA 259 90.30 25.06 110.21
CA THR DA 259 89.52 23.90 110.58
C THR DA 259 89.19 23.06 109.34
N GLY DA 260 89.16 21.74 109.52
CA GLY DA 260 89.03 20.86 108.38
C GLY DA 260 90.23 20.94 107.47
N PHE DA 261 91.42 20.98 108.07
CA PHE DA 261 92.66 21.11 107.28
C PHE DA 261 92.83 19.92 106.35
N LEU DA 262 92.59 18.72 106.85
CA LEU DA 262 92.63 17.51 106.03
C LEU DA 262 91.35 16.73 106.26
N LYS DA 263 90.58 16.53 105.20
CA LYS DA 263 89.32 15.80 105.25
C LYS DA 263 89.55 14.34 104.92
N ALA DA 264 88.57 13.51 105.26
CA ALA DA 264 88.67 12.08 105.02
C ALA DA 264 88.76 11.80 103.52
N GLY DA 265 89.63 10.86 103.16
CA GLY DA 265 89.82 10.48 101.77
C GLY DA 265 91.04 11.10 101.11
N ASP DA 266 91.67 12.09 101.73
CA ASP DA 266 92.87 12.70 101.18
C ASP DA 266 94.03 11.71 101.25
N GLN DA 267 95.05 11.96 100.43
CA GLN DA 267 96.22 11.08 100.37
C GLN DA 267 97.49 11.88 100.59
N VAL DA 268 98.39 11.32 101.39
CA VAL DA 268 99.67 11.93 101.74
C VAL DA 268 100.78 11.02 101.23
N LYS DA 269 101.74 11.61 100.52
CA LYS DA 269 102.82 10.89 99.89
C LYS DA 269 104.14 11.24 100.57
N PHE DA 270 104.89 10.22 100.96
CA PHE DA 270 106.21 10.39 101.58
C PHE DA 270 107.25 10.32 100.47
N THR DA 271 107.97 11.42 100.27
CA THR DA 271 108.80 11.57 99.07
C THR DA 271 109.98 10.61 99.06
N ASN DA 272 110.72 10.55 100.16
CA ASN DA 272 111.99 9.81 100.22
C ASN DA 272 111.82 8.43 100.85
N THR DA 273 110.70 7.77 100.61
CA THR DA 273 110.41 6.49 101.26
C THR DA 273 109.66 5.61 100.27
N TYR DA 274 110.34 4.56 99.78
CA TYR DA 274 109.87 3.80 98.63
C TYR DA 274 109.25 2.47 99.06
N TRP DA 275 108.35 1.97 98.20
CA TRP DA 275 107.70 0.69 98.42
C TRP DA 275 108.71 -0.45 98.28
N LEU DA 276 108.35 -1.59 98.88
CA LEU DA 276 109.09 -2.83 98.70
C LEU DA 276 108.14 -3.93 98.24
N GLN DA 277 108.67 -4.87 97.47
CA GLN DA 277 107.90 -6.07 97.16
C GLN DA 277 107.81 -6.94 98.40
N GLN DA 278 106.60 -7.39 98.72
CA GLN DA 278 106.33 -8.05 99.99
C GLN DA 278 106.90 -9.45 100.09
N GLN DA 279 107.38 -10.03 99.01
CA GLN DA 279 107.92 -11.39 99.08
C GLN DA 279 109.41 -11.45 98.78
N THR DA 280 109.92 -10.56 97.93
CA THR DA 280 111.33 -10.55 97.58
C THR DA 280 112.12 -9.52 98.38
N LYS DA 281 111.46 -8.51 98.93
CA LYS DA 281 112.09 -7.45 99.74
C LYS DA 281 113.09 -6.64 98.93
N GLN DA 282 112.71 -6.27 97.71
CA GLN DA 282 113.49 -5.37 96.87
C GLN DA 282 112.63 -4.17 96.49
N ALA DA 283 113.28 -3.02 96.31
CA ALA DA 283 112.56 -1.78 96.05
C ALA DA 283 111.86 -1.85 94.69
N LEU DA 284 110.77 -1.11 94.58
CA LEU DA 284 109.96 -1.05 93.37
C LEU DA 284 110.42 0.13 92.52
N TYR DA 285 111.01 -0.15 91.36
CA TYR DA 285 111.52 0.87 90.47
C TYR DA 285 110.81 0.75 89.12
N ASN DA 286 110.06 1.80 88.76
CA ASN DA 286 109.43 1.89 87.45
C ASN DA 286 110.38 2.62 86.53
N GLY DA 287 111.14 1.88 85.73
CA GLY DA 287 112.18 2.46 84.92
C GLY DA 287 113.35 2.90 85.78
N ALA DA 288 113.51 4.22 85.94
CA ALA DA 288 114.55 4.76 86.80
C ALA DA 288 113.99 5.61 87.94
N THR DA 289 112.66 5.75 88.02
CA THR DA 289 112.03 6.56 89.05
C THR DA 289 111.35 5.66 90.07
N PRO DA 290 111.72 5.73 91.34
CA PRO DA 290 111.11 4.83 92.34
C PRO DA 290 109.66 5.18 92.63
N ILE DA 291 108.93 4.20 93.15
CA ILE DA 291 107.56 4.40 93.60
C ILE DA 291 107.58 4.84 95.05
N SER DA 292 106.91 5.94 95.36
CA SER DA 292 106.91 6.51 96.69
C SER DA 292 105.73 6.00 97.50
N PHE DA 293 105.92 5.90 98.81
CA PHE DA 293 104.87 5.41 99.70
C PHE DA 293 103.78 6.45 99.87
N THR DA 294 102.54 5.97 100.00
CA THR DA 294 101.37 6.84 100.15
C THR DA 294 100.45 6.28 101.23
N ALA DA 295 99.65 7.16 101.81
CA ALA DA 295 98.71 6.77 102.87
C ALA DA 295 97.45 7.62 102.75
N THR DA 296 96.38 7.12 103.35
CA THR DA 296 95.05 7.72 103.25
C THR DA 296 94.61 8.25 104.61
N VAL DA 297 94.07 9.47 104.62
CA VAL DA 297 93.54 10.06 105.84
C VAL DA 297 92.19 9.44 106.16
N THR DA 298 92.02 9.02 107.41
CA THR DA 298 90.80 8.34 107.82
C THR DA 298 89.77 9.31 108.37
N ALA DA 299 90.17 10.20 109.27
CA ALA DA 299 89.27 11.11 109.94
C ALA DA 299 89.75 12.55 109.76
N ASP DA 300 88.83 13.49 109.97
CA ASP DA 300 89.12 14.89 109.76
C ASP DA 300 90.15 15.40 110.76
N ALA DA 301 91.04 16.27 110.28
CA ALA DA 301 92.08 16.85 111.11
C ALA DA 301 92.16 18.35 110.86
N ASN DA 302 92.33 19.11 111.93
CA ASN DA 302 92.42 20.56 111.88
C ASN DA 302 93.81 21.01 112.31
N SER DA 303 94.13 22.26 111.95
CA SER DA 303 95.41 22.86 112.30
C SER DA 303 95.25 23.81 113.48
N ASP DA 304 96.18 23.74 114.42
CA ASP DA 304 96.17 24.60 115.59
C ASP DA 304 97.28 25.65 115.50
N SER DA 305 97.45 26.41 116.58
CA SER DA 305 98.51 27.39 116.64
C SER DA 305 99.87 26.71 116.51
N GLY DA 306 100.78 27.36 115.79
CA GLY DA 306 102.07 26.80 115.52
C GLY DA 306 102.13 25.86 114.33
N GLY DA 307 101.01 25.67 113.63
CA GLY DA 307 100.99 24.82 112.45
C GLY DA 307 101.25 23.36 112.72
N ASP DA 308 100.63 22.81 113.75
CA ASP DA 308 100.77 21.41 114.12
C ASP DA 308 99.45 20.69 113.86
N VAL DA 309 99.50 19.60 113.10
CA VAL DA 309 98.31 18.82 112.80
C VAL DA 309 98.59 17.36 113.08
N THR DA 310 97.71 16.71 113.83
CA THR DA 310 97.83 15.28 114.14
C THR DA 310 96.78 14.52 113.35
N VAL DA 311 97.23 13.53 112.58
CA VAL DA 311 96.35 12.84 111.64
C VAL DA 311 96.59 11.34 111.75
N THR DA 312 95.50 10.58 111.68
CA THR DA 312 95.56 9.13 111.61
C THR DA 312 95.49 8.68 110.15
N LEU DA 313 96.34 7.71 109.81
CA LEU DA 313 96.49 7.26 108.43
C LEU DA 313 96.30 5.75 108.36
N SER DA 314 95.61 5.30 107.31
CA SER DA 314 95.42 3.89 107.02
C SER DA 314 96.54 3.42 106.09
N GLY DA 315 97.07 2.23 106.36
CA GLY DA 315 98.23 1.75 105.64
C GLY DA 315 99.49 2.16 106.37
N VAL DA 316 100.27 1.19 106.82
CA VAL DA 316 101.41 1.48 107.69
C VAL DA 316 102.72 1.12 106.99
N PRO DA 317 103.72 2.00 107.01
CA PRO DA 317 105.05 1.67 106.48
C PRO DA 317 105.91 0.94 107.53
N ILE DA 318 105.69 -0.36 107.65
CA ILE DA 318 106.37 -1.15 108.66
C ILE DA 318 107.86 -1.23 108.36
N TYR DA 319 108.68 -0.83 109.33
CA TYR DA 319 110.12 -1.04 109.25
C TYR DA 319 110.60 -1.35 110.66
N ASP DA 320 110.70 -2.64 110.98
CA ASP DA 320 111.10 -3.10 112.30
C ASP DA 320 112.53 -3.61 112.23
N THR DA 321 113.38 -3.12 113.12
CA THR DA 321 114.79 -3.47 113.12
C THR DA 321 115.09 -4.76 113.88
N THR DA 322 114.12 -5.31 114.60
CA THR DA 322 114.30 -6.56 115.31
C THR DA 322 113.50 -7.71 114.72
N ASN DA 323 112.49 -7.44 113.89
CA ASN DA 323 111.74 -8.47 113.17
C ASN DA 323 111.65 -8.06 111.71
N PRO DA 324 112.76 -8.10 110.98
CA PRO DA 324 112.80 -7.56 109.62
C PRO DA 324 112.06 -8.39 108.58
N GLN DA 325 111.52 -9.55 108.94
CA GLN DA 325 110.81 -10.36 107.95
C GLN DA 325 109.45 -9.77 107.62
N TYR DA 326 108.98 -8.83 108.44
CA TYR DA 326 107.70 -8.17 108.23
C TYR DA 326 107.84 -6.80 107.58
N ASN DA 327 109.02 -6.47 107.09
CA ASN DA 327 109.24 -5.17 106.46
C ASN DA 327 108.39 -5.04 105.20
N SER DA 328 107.91 -3.83 104.95
CA SER DA 328 107.15 -3.53 103.74
C SER DA 328 107.55 -2.20 103.12
N VAL DA 329 108.65 -1.60 103.57
CA VAL DA 329 109.07 -0.29 103.08
C VAL DA 329 110.57 -0.16 103.35
N SER DA 330 111.24 0.70 102.58
CA SER DA 330 112.70 0.72 102.56
C SER DA 330 113.33 1.35 103.79
N ARG DA 331 112.68 2.30 104.45
CA ARG DA 331 113.28 2.98 105.60
C ARG DA 331 112.18 3.61 106.44
N GLN DA 332 112.55 4.03 107.64
CA GLN DA 332 111.62 4.67 108.56
C GLN DA 332 111.30 6.09 108.09
N VAL DA 333 110.23 6.64 108.67
CA VAL DA 333 109.84 8.03 108.45
C VAL DA 333 110.44 8.82 109.62
N GLU DA 334 111.67 9.28 109.43
CA GLU DA 334 112.36 10.02 110.48
C GLU DA 334 111.86 11.45 110.54
N ALA DA 335 112.16 12.11 111.66
CA ALA DA 335 111.78 13.51 111.82
C ALA DA 335 112.51 14.38 110.80
N GLY DA 336 111.79 15.34 110.24
CA GLY DA 336 112.33 16.19 109.20
C GLY DA 336 112.11 15.68 107.79
N ASP DA 337 111.53 14.50 107.61
CA ASP DA 337 111.27 13.98 106.28
C ASP DA 337 110.22 14.83 105.57
N ALA DA 338 110.35 14.94 104.26
CA ALA DA 338 109.42 15.76 103.47
C ALA DA 338 108.24 14.94 103.00
N VAL DA 339 107.04 15.50 103.12
CA VAL DA 339 105.81 14.87 102.67
C VAL DA 339 105.04 15.84 101.79
N SER DA 340 104.09 15.30 101.04
CA SER DA 340 103.27 16.11 100.16
C SER DA 340 101.83 15.59 100.18
N VAL DA 341 100.92 16.40 99.69
CA VAL DA 341 99.49 16.06 99.63
C VAL DA 341 99.11 15.87 98.17
N VAL DA 342 98.41 14.77 97.87
CA VAL DA 342 98.04 14.43 96.51
C VAL DA 342 96.71 15.11 96.20
N GLY DA 343 96.76 16.19 95.43
CA GLY DA 343 95.54 16.86 95.00
C GLY DA 343 95.76 18.35 94.87
N THR DA 344 94.68 19.10 95.07
CA THR DA 344 94.69 20.55 94.95
C THR DA 344 94.03 21.14 96.19
N ALA DA 345 93.77 22.45 96.15
CA ALA DA 345 93.34 23.18 97.33
C ALA DA 345 91.99 22.73 97.88
N SER DA 346 90.90 22.99 97.14
CA SER DA 346 89.58 22.77 97.71
C SER DA 346 88.55 22.23 96.72
N GLN DA 347 88.97 21.56 95.66
CA GLN DA 347 87.99 21.14 94.66
C GLN DA 347 87.23 19.91 95.11
N THR DA 348 86.06 19.72 94.51
CA THR DA 348 85.32 18.47 94.62
C THR DA 348 85.69 17.56 93.46
N MET DA 349 85.73 16.26 93.74
CA MET DA 349 86.29 15.32 92.78
C MET DA 349 85.69 13.93 93.02
N LYS DA 350 85.69 13.13 91.95
CA LYS DA 350 85.14 11.77 91.96
C LYS DA 350 86.26 10.82 91.57
N PRO DA 351 86.95 10.23 92.54
CA PRO DA 351 88.10 9.38 92.21
C PRO DA 351 87.67 8.06 91.58
N ASN DA 352 88.59 7.48 90.82
CA ASN DA 352 88.43 6.14 90.27
C ASN DA 352 88.98 5.13 91.26
N LEU DA 353 88.43 3.92 91.26
CA LEU DA 353 88.82 2.88 92.20
C LEU DA 353 89.35 1.66 91.47
N PHE DA 354 90.34 1.01 92.09
CA PHE DA 354 90.87 -0.25 91.62
C PHE DA 354 91.21 -1.09 92.84
N TYR DA 355 90.90 -2.38 92.78
CA TYR DA 355 91.01 -3.20 93.97
C TYR DA 355 91.13 -4.67 93.60
N ASN DA 356 91.44 -5.48 94.60
CA ASN DA 356 91.48 -6.93 94.49
C ASN DA 356 90.19 -7.54 95.05
N LYS DA 357 90.03 -8.85 94.81
CA LYS DA 357 88.84 -9.53 95.31
C LYS DA 357 88.81 -9.54 96.83
N PHE DA 358 89.96 -9.77 97.48
CA PHE DA 358 90.04 -9.88 98.92
C PHE DA 358 90.52 -8.58 99.57
N PHE DA 359 90.18 -7.43 98.98
CA PHE DA 359 90.51 -6.16 99.62
C PHE DA 359 89.59 -5.84 100.77
N CYS DA 360 88.31 -6.18 100.67
CA CYS DA 360 87.33 -5.91 101.71
C CYS DA 360 86.23 -6.96 101.62
N GLY DA 361 85.21 -6.82 102.48
CA GLY DA 361 84.11 -7.75 102.51
C GLY DA 361 82.82 -7.03 102.83
N LEU DA 362 81.73 -7.79 102.85
CA LEU DA 362 80.41 -7.24 103.11
C LEU DA 362 79.48 -8.35 103.60
N GLY DA 363 78.57 -8.00 104.50
CA GLY DA 363 77.59 -8.96 104.96
C GLY DA 363 76.35 -8.27 105.48
N SER DA 364 75.33 -9.08 105.76
CA SER DA 364 74.06 -8.59 106.29
C SER DA 364 73.65 -9.44 107.48
N ILE DA 365 72.96 -8.82 108.43
CA ILE DA 365 72.54 -9.49 109.65
C ILE DA 365 71.02 -9.64 109.61
N PRO DA 366 70.49 -10.87 109.67
CA PRO DA 366 69.03 -11.04 109.74
C PRO DA 366 68.48 -10.52 111.07
N LEU DA 367 67.24 -10.08 111.02
CA LEU DA 367 66.60 -9.47 112.17
C LEU DA 367 65.27 -10.16 112.47
N PRO DA 368 64.85 -10.18 113.74
CA PRO DA 368 63.61 -10.87 114.10
C PRO DA 368 62.39 -9.98 114.01
N LYS DA 369 61.22 -10.52 114.36
CA LYS DA 369 59.96 -9.79 114.32
C LYS DA 369 59.62 -9.29 115.72
N LEU DA 370 59.22 -8.02 115.82
CA LEU DA 370 58.74 -7.49 117.07
C LEU DA 370 57.39 -8.12 117.44
N HIS DA 371 57.20 -8.37 118.72
CA HIS DA 371 55.98 -9.03 119.18
C HIS DA 371 54.76 -8.14 118.93
N SER DA 372 53.63 -8.80 118.66
CA SER DA 372 52.33 -8.15 118.52
C SER DA 372 52.25 -7.19 117.34
N ILE DA 373 53.16 -7.31 116.37
CA ILE DA 373 53.15 -6.47 115.18
C ILE DA 373 53.32 -7.37 113.97
N ASP DA 374 52.48 -7.19 112.96
CA ASP DA 374 52.60 -7.94 111.72
C ASP DA 374 53.81 -7.45 110.92
N SER DA 375 54.48 -8.40 110.28
CA SER DA 375 55.71 -8.08 109.56
C SER DA 375 55.83 -8.97 108.33
N ALA DA 376 56.72 -8.57 107.42
CA ALA DA 376 57.00 -9.34 106.22
C ALA DA 376 58.46 -9.15 105.85
N VAL DA 377 58.96 -10.03 104.99
CA VAL DA 377 60.35 -10.00 104.54
C VAL DA 377 60.36 -10.06 103.02
N ALA DA 378 61.22 -9.25 102.41
CA ALA DA 378 61.31 -9.16 100.96
C ALA DA 378 62.76 -9.28 100.52
N THR DA 379 62.95 -9.70 99.27
CA THR DA 379 64.28 -9.92 98.70
C THR DA 379 64.51 -8.96 97.55
N TYR DA 380 65.76 -8.52 97.40
CA TYR DA 380 66.11 -7.56 96.36
C TYR DA 380 67.61 -7.65 96.13
N GLU DA 381 68.01 -8.16 94.96
CA GLU DA 381 69.40 -8.55 94.67
C GLU DA 381 69.98 -9.39 95.80
N GLY DA 382 69.19 -10.33 96.31
CA GLY DA 382 69.66 -11.20 97.36
C GLY DA 382 69.78 -10.55 98.71
N PHE DA 383 69.28 -9.33 98.87
CA PHE DA 383 69.28 -8.63 100.14
C PHE DA 383 67.89 -8.69 100.75
N SER DA 384 67.83 -8.96 102.05
CA SER DA 384 66.58 -9.15 102.75
C SER DA 384 66.22 -7.89 103.53
N ILE DA 385 65.02 -7.39 103.30
CA ILE DA 385 64.51 -6.19 103.96
C ILE DA 385 63.25 -6.57 104.73
N ARG DA 386 63.18 -6.17 105.99
CA ARG DA 386 62.05 -6.52 106.85
C ARG DA 386 61.15 -5.31 107.04
N VAL DA 387 59.85 -5.50 106.85
CA VAL DA 387 58.88 -4.41 106.90
C VAL DA 387 57.89 -4.70 108.03
N HIS DA 388 57.64 -3.68 108.85
CA HIS DA 388 56.68 -3.72 109.95
C HIS DA 388 55.58 -2.70 109.71
N LYS DA 389 54.35 -3.10 110.00
CA LYS DA 389 53.16 -2.24 109.82
C LYS DA 389 52.43 -2.16 111.16
N TYR DA 390 52.24 -0.95 111.66
CA TYR DA 390 51.54 -0.77 112.93
C TYR DA 390 50.72 0.51 112.91
N ALA DA 391 49.67 0.54 113.72
CA ALA DA 391 48.74 1.65 113.73
C ALA DA 391 48.57 2.20 115.14
N ASP DA 392 48.53 3.52 115.25
CA ASP DA 392 48.18 4.15 116.51
C ASP DA 392 46.67 4.19 116.67
N GLY DA 393 46.20 3.70 117.82
CA GLY DA 393 44.77 3.51 118.03
C GLY DA 393 43.96 4.79 118.18
N ASP DA 394 44.46 5.73 118.97
CA ASP DA 394 43.71 6.92 119.31
C ASP DA 394 43.80 8.02 118.26
N ALA DA 395 44.59 7.84 117.21
CA ALA DA 395 44.79 8.87 116.21
C ALA DA 395 44.43 8.44 114.80
N ASN DA 396 44.05 7.17 114.59
CA ASN DA 396 43.71 6.64 113.27
C ASN DA 396 44.85 6.87 112.27
N VAL DA 397 46.05 6.54 112.70
CA VAL DA 397 47.26 6.74 111.91
C VAL DA 397 47.92 5.40 111.67
N GLN DA 398 48.27 5.13 110.42
CA GLN DA 398 48.92 3.89 110.03
C GLN DA 398 50.36 4.19 109.61
N LYS DA 399 51.30 3.35 110.05
CA LYS DA 399 52.72 3.58 109.82
C LYS DA 399 53.38 2.29 109.38
N MET DA 400 54.43 2.43 108.57
CA MET DA 400 55.23 1.33 108.09
C MET DA 400 56.71 1.67 108.27
N ARG DA 401 57.53 0.62 108.35
CA ARG DA 401 58.97 0.83 108.47
C ARG DA 401 59.72 -0.33 107.85
N PHE DA 402 60.86 -0.02 107.24
CA PHE DA 402 61.73 -1.00 106.60
C PHE DA 402 63.09 -1.01 107.28
N ASP DA 403 63.67 -2.21 107.41
CA ASP DA 403 64.92 -2.39 108.13
C ASP DA 403 65.84 -3.34 107.39
N LEU DA 404 67.15 -3.06 107.47
CA LEU DA 404 68.20 -3.88 106.90
C LEU DA 404 69.51 -3.50 107.56
N LEU DA 405 70.22 -4.49 108.11
CA LEU DA 405 71.43 -4.24 108.90
C LEU DA 405 72.68 -4.71 108.16
N PRO DA 406 73.56 -3.79 107.73
CA PRO DA 406 74.78 -4.20 107.01
C PRO DA 406 76.00 -4.32 107.92
N ALA DA 407 77.06 -4.93 107.42
CA ALA DA 407 78.33 -5.05 108.15
C ALA DA 407 79.47 -5.08 107.16
N TYR DA 408 80.59 -4.42 107.52
CA TYR DA 408 81.74 -4.29 106.65
C TYR DA 408 83.00 -4.79 107.35
N VAL DA 409 83.92 -5.33 106.56
CA VAL DA 409 85.24 -5.75 107.03
C VAL DA 409 86.28 -5.29 106.02
N CYS DA 410 87.43 -4.84 106.51
CA CYS DA 410 88.58 -4.47 105.69
C CYS DA 410 89.71 -5.46 105.96
N PHE DA 411 90.04 -6.27 104.96
CA PHE DA 411 91.05 -7.32 105.16
C PHE DA 411 92.46 -6.73 105.12
N ASN DA 412 92.86 -6.15 103.99
CA ASN DA 412 94.21 -5.63 103.84
C ASN DA 412 94.18 -4.32 103.06
N PRO DA 413 94.57 -3.21 103.68
CA PRO DA 413 94.52 -1.92 102.97
C PRO DA 413 95.47 -1.83 101.78
N HIS DA 414 96.48 -2.70 101.69
CA HIS DA 414 97.50 -2.62 100.66
C HIS DA 414 97.10 -3.34 99.37
N MET DA 415 95.80 -3.52 99.13
CA MET DA 415 95.34 -4.23 97.94
C MET DA 415 94.25 -3.43 97.23
N GLY DA 416 94.36 -2.11 97.29
CA GLY DA 416 93.39 -1.26 96.63
C GLY DA 416 93.66 0.20 96.93
N GLY DA 417 92.94 1.06 96.23
CA GLY DA 417 93.11 2.49 96.39
C GLY DA 417 92.47 3.25 95.24
N GLN DA 418 93.02 4.43 94.96
CA GLN DA 418 92.53 5.28 93.89
C GLN DA 418 93.64 5.49 92.87
N PHE DA 419 93.25 5.64 91.61
CA PHE DA 419 94.20 5.87 90.53
C PHE DA 419 93.67 6.92 89.58
N PHE DA 420 94.58 7.71 89.03
CA PHE DA 420 94.25 8.75 88.06
C PHE DA 420 95.22 8.68 86.90
N GLY DA 421 94.92 9.45 85.85
CA GLY DA 421 95.83 9.54 84.73
C GLY DA 421 97.07 10.35 85.07
N ASN DA 422 98.17 10.04 84.38
CA ASN DA 422 99.43 10.71 84.63
C ASN DA 422 100.02 11.18 83.31
N PRO DA 423 100.78 12.30 83.33
CA PRO DA 423 101.39 12.82 82.10
C PRO DA 423 102.72 12.15 81.77
N ASN EA 3 -66.27 32.54 47.55
CA ASN EA 3 -67.05 33.60 48.20
C ASN EA 3 -68.40 33.07 48.64
N ASN EA 4 -68.70 33.20 49.93
CA ASN EA 4 -69.95 32.73 50.52
C ASN EA 4 -70.10 31.22 50.36
N LEU EA 5 -69.12 30.48 50.86
CA LEU EA 5 -69.11 29.02 50.84
C LEU EA 5 -69.57 28.42 52.16
N ASP EA 6 -70.45 29.11 52.89
CA ASP EA 6 -70.84 28.64 54.22
C ASP EA 6 -71.67 27.38 54.14
N SER EA 7 -72.51 27.25 53.12
CA SER EA 7 -73.46 26.14 53.06
C SER EA 7 -72.78 24.83 52.72
N ASN EA 8 -71.58 24.87 52.13
CA ASN EA 8 -70.95 23.64 51.69
C ASN EA 8 -70.52 22.76 52.87
N VAL EA 9 -70.02 23.37 53.94
CA VAL EA 9 -69.49 22.63 55.07
C VAL EA 9 -70.59 22.37 56.10
N SER EA 10 -70.36 21.42 56.99
CA SER EA 10 -71.31 21.05 58.03
C SER EA 10 -70.61 21.10 59.39
N GLN EA 11 -71.37 21.47 60.41
CA GLN EA 11 -70.84 21.57 61.78
C GLN EA 11 -71.00 20.21 62.46
N ILE EA 12 -69.88 19.59 62.81
CA ILE EA 12 -69.88 18.24 63.34
C ILE EA 12 -69.50 18.27 64.82
N VAL EA 13 -69.94 17.24 65.54
CA VAL EA 13 -69.61 17.03 66.94
C VAL EA 13 -69.06 15.61 67.08
N LEU EA 14 -67.81 15.50 67.51
CA LEU EA 14 -67.20 14.18 67.64
C LEU EA 14 -67.84 13.38 68.76
N LYS EA 15 -67.78 12.05 68.61
CA LYS EA 15 -68.37 11.13 69.56
C LYS EA 15 -67.34 10.74 70.63
N LYS EA 16 -66.77 11.76 71.26
CA LYS EA 16 -65.77 11.57 72.30
C LYS EA 16 -66.13 12.41 73.51
N PHE EA 17 -65.97 11.84 74.70
CA PHE EA 17 -66.24 12.54 75.95
C PHE EA 17 -64.94 12.90 76.64
N LEU EA 18 -64.86 14.13 77.14
CA LEU EA 18 -63.68 14.58 77.86
C LEU EA 18 -63.66 14.00 79.27
N PRO EA 19 -62.48 13.82 79.85
CA PRO EA 19 -62.38 13.24 81.19
C PRO EA 19 -62.91 14.19 82.26
N GLY EA 20 -63.31 13.60 83.39
CA GLY EA 20 -63.86 14.36 84.49
C GLY EA 20 -63.12 14.17 85.80
N PHE EA 21 -63.78 14.49 86.92
CA PHE EA 21 -63.19 14.43 88.24
C PHE EA 21 -63.78 13.26 89.01
N MET EA 22 -62.99 12.68 89.90
CA MET EA 22 -63.41 11.55 90.72
C MET EA 22 -62.81 11.67 92.13
N SER EA 23 -63.45 11.01 93.08
CA SER EA 23 -62.97 10.94 94.46
C SER EA 23 -62.57 9.51 94.76
N ASP EA 24 -62.19 9.25 96.02
CA ASP EA 24 -61.75 7.93 96.43
C ASP EA 24 -62.47 7.51 97.70
N LEU EA 25 -62.49 6.19 97.93
CA LEU EA 25 -63.27 5.58 99.02
C LEU EA 25 -62.31 4.94 100.00
N VAL EA 26 -62.23 5.48 101.22
CA VAL EA 26 -61.37 4.91 102.24
C VAL EA 26 -62.14 4.60 103.51
N LEU EA 27 -63.24 5.31 103.74
CA LEU EA 27 -63.98 5.13 104.99
C LEU EA 27 -64.82 3.86 104.97
N ALA EA 28 -65.46 3.57 103.83
CA ALA EA 28 -66.36 2.42 103.74
C ALA EA 28 -65.62 1.10 103.84
N LYS EA 29 -64.35 1.05 103.46
CA LYS EA 29 -63.57 -0.17 103.57
C LYS EA 29 -62.91 -0.35 104.93
N THR EA 30 -62.96 0.67 105.79
CA THR EA 30 -62.30 0.62 107.09
C THR EA 30 -63.25 0.63 108.28
N VAL EA 31 -64.43 1.23 108.14
CA VAL EA 31 -65.40 1.16 109.23
C VAL EA 31 -65.93 -0.26 109.33
N ASP EA 32 -66.44 -0.63 110.50
CA ASP EA 32 -66.89 -1.99 110.73
C ASP EA 32 -68.20 -2.27 110.00
N ARG EA 33 -68.30 -3.45 109.40
CA ARG EA 33 -69.52 -3.86 108.70
C ARG EA 33 -69.96 -5.27 109.03
N GLN EA 34 -69.20 -6.02 109.83
CA GLN EA 34 -69.54 -7.41 110.10
C GLN EA 34 -70.68 -7.56 111.09
N LEU EA 35 -70.73 -6.72 112.13
CA LEU EA 35 -71.77 -6.86 113.14
C LEU EA 35 -73.14 -6.52 112.59
N LEU EA 36 -73.23 -5.48 111.77
CA LEU EA 36 -74.50 -5.10 111.14
C LEU EA 36 -74.52 -5.61 109.70
N ALA EA 37 -74.90 -6.86 109.56
CA ALA EA 37 -75.02 -7.52 108.26
C ALA EA 37 -76.31 -8.33 108.24
N GLY EA 38 -77.37 -7.74 107.70
CA GLY EA 38 -78.66 -8.40 107.66
C GLY EA 38 -79.37 -8.48 108.98
N GLU EA 39 -78.91 -7.78 110.01
CA GLU EA 39 -79.57 -7.82 111.31
C GLU EA 39 -80.88 -7.04 111.29
N ILE EA 40 -80.96 -6.01 110.45
CA ILE EA 40 -82.17 -5.23 110.28
C ILE EA 40 -82.98 -5.89 109.16
N ASN EA 41 -84.09 -6.51 109.52
CA ASN EA 41 -84.96 -7.19 108.59
C ASN EA 41 -86.40 -6.78 108.84
N SER EA 42 -87.34 -7.49 108.19
CA SER EA 42 -88.76 -7.17 108.34
C SER EA 42 -89.22 -7.35 109.79
N SER EA 43 -88.70 -8.38 110.46
CA SER EA 43 -89.13 -8.65 111.83
C SER EA 43 -88.64 -7.58 112.79
N THR EA 44 -87.42 -7.06 112.58
CA THR EA 44 -86.87 -6.09 113.53
C THR EA 44 -87.50 -4.72 113.37
N GLY EA 45 -87.30 -4.09 112.22
CA GLY EA 45 -87.88 -2.79 111.97
C GLY EA 45 -86.86 -1.68 111.84
N ASP EA 46 -87.21 -0.54 112.43
CA ASP EA 46 -86.45 0.69 112.24
C ASP EA 46 -85.04 0.58 112.81
N SER EA 47 -84.90 -0.04 113.99
CA SER EA 47 -83.66 -0.01 114.73
C SER EA 47 -83.37 -1.34 115.40
N VAL EA 48 -82.10 -1.56 115.73
CA VAL EA 48 -81.63 -2.73 116.47
C VAL EA 48 -80.69 -2.23 117.56
N SER EA 49 -80.40 -3.11 118.52
CA SER EA 49 -79.60 -2.71 119.67
C SER EA 49 -78.56 -3.78 119.98
N PHE EA 50 -77.46 -3.33 120.59
CA PHE EA 50 -76.39 -4.20 121.06
C PHE EA 50 -76.10 -3.89 122.53
N LYS EA 51 -75.65 -4.91 123.26
CA LYS EA 51 -75.37 -4.76 124.68
C LYS EA 51 -74.03 -4.10 124.92
N ARG EA 52 -73.85 -3.55 126.13
CA ARG EA 52 -72.59 -2.94 126.54
C ARG EA 52 -71.94 -3.75 127.66
N PRO EA 53 -70.61 -3.73 127.77
CA PRO EA 53 -69.95 -4.53 128.80
C PRO EA 53 -70.17 -3.97 130.19
N HIS EA 54 -69.95 -4.83 131.18
CA HIS EA 54 -70.14 -4.51 132.58
C HIS EA 54 -68.83 -4.13 133.24
N GLN EA 55 -68.92 -3.37 134.33
CA GLN EA 55 -67.77 -2.96 135.11
C GLN EA 55 -68.07 -3.16 136.59
N PHE EA 56 -67.01 -3.37 137.37
CA PHE EA 56 -67.15 -3.65 138.80
C PHE EA 56 -66.07 -2.89 139.58
N SER EA 57 -66.31 -2.77 140.88
CA SER EA 57 -65.36 -2.14 141.79
C SER EA 57 -65.23 -3.01 143.03
N SER EA 58 -64.09 -2.88 143.71
CA SER EA 58 -63.75 -3.76 144.83
C SER EA 58 -63.79 -3.01 146.15
N LEU EA 59 -63.55 -3.76 147.23
CA LEU EA 59 -63.54 -3.24 148.58
C LEU EA 59 -62.26 -3.67 149.28
N ARG EA 60 -61.71 -2.78 150.11
CA ARG EA 60 -60.48 -3.05 150.86
C ARG EA 60 -60.81 -3.04 152.34
N THR EA 61 -60.79 -4.21 152.97
CA THR EA 61 -61.06 -4.36 154.39
C THR EA 61 -59.96 -5.19 155.03
N PRO EA 62 -59.66 -4.95 156.31
CA PRO EA 62 -58.58 -5.71 156.98
C PRO EA 62 -58.92 -7.18 157.19
N THR EA 63 -60.08 -7.46 157.79
CA THR EA 63 -60.44 -8.82 158.17
C THR EA 63 -61.34 -9.51 157.15
N GLY EA 64 -61.70 -8.83 156.06
CA GLY EA 64 -62.50 -9.45 155.02
C GLY EA 64 -64.00 -9.43 155.25
N ASP EA 65 -64.47 -8.78 156.31
CA ASP EA 65 -65.90 -8.71 156.61
C ASP EA 65 -66.47 -7.44 155.97
N ILE EA 66 -67.56 -7.60 155.22
CA ILE EA 66 -68.14 -6.50 154.46
C ILE EA 66 -69.58 -6.27 154.86
N SER EA 67 -69.92 -6.60 156.11
CA SER EA 67 -71.28 -6.42 156.58
C SER EA 67 -71.64 -4.95 156.65
N GLY EA 68 -72.83 -4.61 156.16
CA GLY EA 68 -73.32 -3.25 156.25
C GLY EA 68 -72.81 -2.30 155.20
N GLN EA 69 -72.08 -2.80 154.19
CA GLN EA 69 -71.58 -1.96 153.11
C GLN EA 69 -72.24 -2.38 151.81
N ASN EA 70 -72.67 -1.39 151.02
CA ASN EA 70 -73.38 -1.68 149.79
C ASN EA 70 -72.49 -2.42 148.78
N LYS EA 71 -73.08 -3.38 148.10
CA LYS EA 71 -72.38 -4.19 147.12
C LYS EA 71 -72.50 -3.54 145.74
N ASN EA 72 -72.08 -4.27 144.70
CA ASN EA 72 -72.19 -3.76 143.34
C ASN EA 72 -73.60 -3.93 142.82
N ASN EA 73 -74.04 -2.97 142.01
CA ASN EA 73 -75.32 -3.05 141.31
C ASN EA 73 -75.07 -3.43 139.86
N LEU EA 74 -75.97 -4.22 139.28
CA LEU EA 74 -75.86 -4.64 137.89
C LEU EA 74 -76.71 -3.70 137.04
N ILE EA 75 -76.05 -2.95 136.16
CA ILE EA 75 -76.72 -2.02 135.25
C ILE EA 75 -76.37 -2.42 133.83
N SER EA 76 -77.39 -2.50 132.97
CA SER EA 76 -77.20 -2.90 131.58
C SER EA 76 -77.52 -1.74 130.65
N GLY EA 77 -76.64 -1.53 129.67
CA GLY EA 77 -76.84 -0.47 128.69
C GLY EA 77 -76.76 -1.03 127.29
N LYS EA 78 -77.33 -0.27 126.35
CA LYS EA 78 -77.43 -0.71 124.97
C LYS EA 78 -77.11 0.45 124.04
N ALA EA 79 -76.66 0.09 122.84
CA ALA EA 79 -76.37 1.02 121.76
C ALA EA 79 -77.29 0.71 120.59
N THR EA 80 -77.99 1.73 120.08
CA THR EA 80 -79.04 1.54 119.09
C THR EA 80 -78.58 2.06 117.73
N GLY EA 81 -78.76 1.24 116.71
CA GLY EA 81 -78.53 1.67 115.33
C GLY EA 81 -79.82 1.60 114.55
N ARG EA 82 -80.14 2.68 113.85
CA ARG EA 82 -81.43 2.83 113.18
C ARG EA 82 -81.21 3.21 111.73
N VAL EA 83 -82.23 2.94 110.91
CA VAL EA 83 -82.14 3.22 109.48
C VAL EA 83 -82.24 4.72 109.25
N GLY EA 84 -81.86 5.17 108.05
CA GLY EA 84 -81.92 6.58 107.72
C GLY EA 84 -82.49 6.85 106.34
N ASN EA 85 -82.47 8.11 105.91
CA ASN EA 85 -82.93 8.46 104.58
C ASN EA 85 -82.07 7.77 103.54
N TYR EA 86 -82.64 7.59 102.35
CA TYR EA 86 -81.91 6.92 101.27
C TYR EA 86 -81.80 7.84 100.07
N ILE EA 87 -81.17 7.33 99.02
CA ILE EA 87 -80.63 8.14 97.93
C ILE EA 87 -81.32 7.75 96.64
N THR EA 88 -81.88 8.73 95.94
CA THR EA 88 -82.57 8.49 94.67
C THR EA 88 -82.02 9.42 93.61
N VAL EA 89 -81.81 8.89 92.41
CA VAL EA 89 -81.42 9.68 91.25
C VAL EA 89 -82.39 9.35 90.13
N ALA EA 90 -83.12 10.37 89.67
CA ALA EA 90 -84.19 10.17 88.69
C ALA EA 90 -83.99 11.11 87.51
N VAL EA 91 -84.18 10.58 86.30
CA VAL EA 91 -84.12 11.36 85.07
C VAL EA 91 -85.31 10.96 84.19
N GLU EA 92 -85.61 11.80 83.21
CA GLU EA 92 -86.70 11.52 82.28
C GLU EA 92 -86.41 12.22 80.96
N TYR EA 93 -87.04 11.70 79.90
CA TYR EA 93 -86.88 12.25 78.56
C TYR EA 93 -88.01 11.75 77.67
N GLN EA 94 -88.30 12.51 76.63
CA GLN EA 94 -89.41 12.20 75.73
C GLN EA 94 -89.03 11.06 74.78
N GLN EA 95 -89.97 10.68 73.93
CA GLN EA 95 -89.75 9.60 72.97
C GLN EA 95 -89.02 10.08 71.72
N LEU EA 96 -89.52 11.16 71.08
CA LEU EA 96 -88.82 11.69 69.93
C LEU EA 96 -87.45 12.22 70.31
N GLU EA 97 -87.28 12.64 71.57
CA GLU EA 97 -85.96 13.08 72.02
C GLU EA 97 -84.94 11.95 71.93
N GLU EA 98 -85.29 10.76 72.41
CA GLU EA 98 -84.37 9.64 72.27
C GLU EA 98 -84.37 9.07 70.86
N ALA EA 99 -85.39 9.37 70.06
CA ALA EA 99 -85.42 8.90 68.69
C ALA EA 99 -84.45 9.67 67.79
N ILE EA 100 -84.38 10.99 67.95
CA ILE EA 100 -83.65 11.80 66.97
C ILE EA 100 -82.60 12.70 67.62
N LYS EA 101 -82.41 12.61 68.94
CA LYS EA 101 -81.48 13.51 69.60
C LYS EA 101 -80.62 12.86 70.66
N LEU EA 102 -80.80 11.57 70.98
CA LEU EA 102 -80.08 10.93 72.06
C LEU EA 102 -79.27 9.76 71.51
N ASN EA 103 -77.95 9.90 71.54
CA ASN EA 103 -77.04 8.82 71.20
C ASN EA 103 -76.05 8.65 72.35
N GLN EA 104 -75.47 7.45 72.43
CA GLN EA 104 -74.56 7.10 73.53
C GLN EA 104 -75.24 7.28 74.88
N LEU EA 105 -76.47 6.77 74.98
CA LEU EA 105 -77.23 6.91 76.22
C LEU EA 105 -76.53 6.22 77.39
N GLU EA 106 -75.90 5.07 77.12
CA GLU EA 106 -75.15 4.39 78.16
C GLU EA 106 -73.97 5.23 78.63
N GLU EA 107 -73.22 5.81 77.71
CA GLU EA 107 -72.10 6.67 78.08
C GLU EA 107 -72.56 7.95 78.75
N ILE EA 108 -73.82 8.35 78.57
CA ILE EA 108 -74.34 9.51 79.27
C ILE EA 108 -74.75 9.13 80.69
N LEU EA 109 -75.44 8.00 80.84
CA LEU EA 109 -76.01 7.60 82.13
C LEU EA 109 -75.08 6.76 82.97
N ALA EA 110 -73.85 6.51 82.52
CA ALA EA 110 -72.90 5.73 83.31
C ALA EA 110 -72.62 6.27 84.71
N PRO EA 111 -72.35 7.58 84.93
CA PRO EA 111 -71.78 7.98 86.23
C PRO EA 111 -72.76 8.11 87.38
N VAL EA 112 -73.97 7.55 87.27
CA VAL EA 112 -74.92 7.63 88.37
C VAL EA 112 -74.49 6.78 89.57
N ARG EA 113 -73.88 5.62 89.34
CA ARG EA 113 -73.42 4.79 90.45
C ARG EA 113 -72.36 5.50 91.26
N GLN EA 114 -71.47 6.23 90.59
CA GLN EA 114 -70.47 7.02 91.29
C GLN EA 114 -71.13 8.07 92.17
N ARG EA 115 -72.17 8.72 91.68
CA ARG EA 115 -72.90 9.69 92.50
C ARG EA 115 -73.51 9.03 93.72
N ILE EA 116 -74.12 7.86 93.54
CA ILE EA 116 -74.75 7.17 94.66
C ILE EA 116 -73.71 6.86 95.73
N VAL EA 117 -72.60 6.26 95.33
CA VAL EA 117 -71.59 5.84 96.30
C VAL EA 117 -70.93 7.06 96.95
N THR EA 118 -70.69 8.12 96.18
CA THR EA 118 -70.10 9.32 96.75
C THR EA 118 -71.01 9.95 97.79
N ASP EA 119 -72.32 10.01 97.51
CA ASP EA 119 -73.25 10.56 98.48
C ASP EA 119 -73.28 9.70 99.75
N LEU EA 120 -73.25 8.38 99.59
CA LEU EA 120 -73.23 7.51 100.76
C LEU EA 120 -71.99 7.76 101.61
N GLU EA 121 -70.82 7.86 100.98
CA GLU EA 121 -69.60 8.13 101.73
C GLU EA 121 -69.64 9.49 102.40
N THR EA 122 -70.18 10.50 101.71
CA THR EA 122 -70.25 11.84 102.31
C THR EA 122 -71.14 11.82 103.55
N GLU EA 123 -72.28 11.13 103.48
CA GLU EA 123 -73.12 10.99 104.66
C GLU EA 123 -72.39 10.28 105.79
N LEU EA 124 -71.63 9.23 105.45
CA LEU EA 124 -70.86 8.52 106.47
C LEU EA 124 -69.84 9.45 107.13
N ALA EA 125 -69.16 10.27 106.33
CA ALA EA 125 -68.14 11.17 106.87
C ALA EA 125 -68.77 12.22 107.78
N HIS EA 126 -69.93 12.76 107.37
CA HIS EA 126 -70.63 13.69 108.25
C HIS EA 126 -71.03 13.03 109.56
N PHE EA 127 -71.50 11.78 109.49
CA PHE EA 127 -71.87 11.06 110.70
C PHE EA 127 -70.66 10.90 111.62
N MET EA 128 -69.52 10.50 111.06
CA MET EA 128 -68.31 10.32 111.87
C MET EA 128 -67.89 11.61 112.53
N MET EA 129 -67.88 12.71 111.75
CA MET EA 129 -67.45 13.99 112.31
C MET EA 129 -68.40 14.45 113.41
N ASN EA 130 -69.71 14.31 113.20
CA ASN EA 130 -70.68 14.78 114.18
C ASN EA 130 -70.80 13.88 115.39
N ASN EA 131 -70.33 12.64 115.32
CA ASN EA 131 -70.45 11.74 116.46
C ASN EA 131 -69.14 11.49 117.20
N GLY EA 132 -67.99 11.85 116.63
CA GLY EA 132 -66.74 11.69 117.35
C GLY EA 132 -66.66 12.62 118.55
N ALA EA 133 -65.88 12.21 119.54
CA ALA EA 133 -65.79 12.95 120.80
C ALA EA 133 -64.38 13.32 121.23
N LEU EA 134 -63.35 12.55 120.86
CA LEU EA 134 -62.00 12.87 121.29
C LEU EA 134 -61.49 14.11 120.56
N SER EA 135 -60.42 14.69 121.10
CA SER EA 135 -59.81 15.86 120.49
C SER EA 135 -58.33 15.89 120.85
N LEU EA 136 -57.55 16.57 120.01
CA LEU EA 136 -56.11 16.67 120.22
C LEU EA 136 -55.59 17.89 119.48
N GLY EA 137 -54.68 18.62 120.12
CA GLY EA 137 -54.06 19.77 119.49
C GLY EA 137 -55.01 20.95 119.37
N SER EA 138 -54.61 21.91 118.53
CA SER EA 138 -55.40 23.10 118.26
C SER EA 138 -55.67 23.21 116.77
N PRO EA 139 -56.86 23.66 116.37
CA PRO EA 139 -57.24 23.59 114.96
C PRO EA 139 -56.71 24.75 114.12
N ASN EA 140 -55.73 25.49 114.65
CA ASN EA 140 -55.13 26.60 113.92
C ASN EA 140 -53.68 26.36 113.55
N THR EA 141 -53.18 25.14 113.71
CA THR EA 141 -51.80 24.82 113.38
C THR EA 141 -51.76 23.60 112.46
N PRO EA 142 -51.15 23.71 111.29
CA PRO EA 142 -51.10 22.56 110.38
C PRO EA 142 -50.17 21.47 110.90
N ILE EA 143 -50.44 20.24 110.46
CA ILE EA 143 -49.62 19.10 110.84
C ILE EA 143 -48.31 19.14 110.06
N THR EA 144 -47.19 19.18 110.77
CA THR EA 144 -45.90 19.36 110.11
C THR EA 144 -44.81 18.44 110.67
N LYS EA 145 -45.08 17.70 111.74
CA LYS EA 145 -44.01 16.95 112.40
C LYS EA 145 -44.53 15.60 112.85
N TRP EA 146 -43.58 14.69 113.14
CA TRP EA 146 -43.91 13.30 113.41
C TRP EA 146 -44.70 13.14 114.70
N SER EA 147 -44.43 13.98 115.70
CA SER EA 147 -45.15 13.87 116.96
C SER EA 147 -46.63 14.15 116.77
N ASP EA 148 -46.99 15.02 115.82
CA ASP EA 148 -48.39 15.34 115.59
C ASP EA 148 -49.19 14.13 115.14
N VAL EA 149 -48.55 13.15 114.52
CA VAL EA 149 -49.22 11.89 114.19
C VAL EA 149 -49.03 10.83 115.27
N ALA EA 150 -47.87 10.79 115.92
CA ALA EA 150 -47.66 9.79 116.97
C ALA EA 150 -48.55 10.02 118.18
N GLN EA 151 -49.00 11.26 118.39
CA GLN EA 151 -49.82 11.57 119.55
C GLN EA 151 -51.16 10.84 119.50
N THR EA 152 -51.68 10.57 118.31
CA THR EA 152 -52.94 9.84 118.19
C THR EA 152 -52.80 8.42 118.72
N ALA EA 153 -51.76 7.71 118.27
CA ALA EA 153 -51.52 6.36 118.77
C ALA EA 153 -51.22 6.38 120.26
N SER EA 154 -50.47 7.38 120.72
CA SER EA 154 -50.19 7.48 122.15
C SER EA 154 -51.48 7.63 122.95
N PHE EA 155 -52.38 8.49 122.49
CA PHE EA 155 -53.64 8.70 123.20
C PHE EA 155 -54.50 7.44 123.20
N LEU EA 156 -54.60 6.77 122.05
CA LEU EA 156 -55.40 5.55 121.99
C LEU EA 156 -54.85 4.47 122.91
N LYS EA 157 -53.52 4.29 122.92
CA LYS EA 157 -52.93 3.28 123.79
C LYS EA 157 -53.10 3.65 125.26
N ASP EA 158 -52.92 4.93 125.59
CA ASP EA 158 -52.98 5.34 126.99
C ASP EA 158 -54.40 5.26 127.53
N LEU EA 159 -55.40 5.55 126.70
CA LEU EA 159 -56.78 5.45 127.15
C LEU EA 159 -57.13 4.02 127.52
N GLY EA 160 -56.70 3.05 126.71
CA GLY EA 160 -56.87 1.66 127.06
C GLY EA 160 -57.62 0.80 126.06
N VAL EA 161 -57.65 1.22 124.80
CA VAL EA 161 -58.27 0.38 123.77
C VAL EA 161 -57.38 -0.82 123.49
N ASN EA 162 -58.00 -1.95 123.13
CA ASN EA 162 -57.24 -3.17 122.90
C ASN EA 162 -57.63 -3.93 121.64
N GLU EA 163 -58.83 -3.78 121.09
CA GLU EA 163 -59.27 -4.59 119.97
C GLU EA 163 -59.45 -3.72 118.73
N GLY EA 164 -59.30 -4.34 117.57
CA GLY EA 164 -59.41 -3.65 116.30
C GLY EA 164 -58.13 -2.94 115.91
N GLU EA 165 -58.19 -2.28 114.77
CA GLU EA 165 -57.06 -1.52 114.23
C GLU EA 165 -57.38 -0.05 114.24
N ASN EA 166 -56.42 0.76 114.68
CA ASN EA 166 -56.58 2.21 114.71
C ASN EA 166 -56.19 2.82 113.37
N TYR EA 167 -56.99 3.79 112.92
CA TYR EA 167 -56.78 4.42 111.63
C TYR EA 167 -56.74 5.93 111.81
N ALA EA 168 -56.00 6.59 110.93
CA ALA EA 168 -55.96 8.05 110.87
C ALA EA 168 -55.99 8.47 109.41
N VAL EA 169 -56.81 9.48 109.09
CA VAL EA 169 -57.05 9.90 107.72
C VAL EA 169 -56.53 11.32 107.54
N MET EA 170 -55.74 11.53 106.49
CA MET EA 170 -55.11 12.82 106.23
C MET EA 170 -55.37 13.27 104.80
N ASP EA 171 -55.35 14.59 104.60
CA ASP EA 171 -55.56 15.22 103.31
C ASP EA 171 -54.23 15.38 102.58
N PRO EA 172 -54.27 15.65 101.27
CA PRO EA 172 -53.01 15.75 100.51
C PRO EA 172 -52.04 16.81 101.01
N TRP EA 173 -52.54 17.92 101.55
CA TRP EA 173 -51.64 18.96 102.06
C TRP EA 173 -50.86 18.46 103.27
N SER EA 174 -51.54 17.81 104.20
CA SER EA 174 -50.84 17.17 105.31
C SER EA 174 -49.91 16.07 104.81
N ALA EA 175 -50.31 15.39 103.74
CA ALA EA 175 -49.45 14.36 103.17
C ALA EA 175 -48.14 14.95 102.67
N GLN EA 176 -48.20 16.08 101.96
CA GLN EA 176 -46.95 16.66 101.47
C GLN EA 176 -46.14 17.26 102.61
N ARG EA 177 -46.80 17.78 103.65
CA ARG EA 177 -46.03 18.29 104.78
C ARG EA 177 -45.30 17.15 105.51
N LEU EA 178 -45.96 16.00 105.67
CA LEU EA 178 -45.30 14.85 106.26
C LEU EA 178 -44.17 14.35 105.36
N ALA EA 179 -44.37 14.39 104.05
CA ALA EA 179 -43.29 14.00 103.14
C ALA EA 179 -42.10 14.94 103.25
N ASP EA 180 -42.36 16.24 103.36
CA ASP EA 180 -41.29 17.21 103.55
C ASP EA 180 -40.54 16.95 104.85
N ALA EA 181 -41.26 16.60 105.91
CA ALA EA 181 -40.61 16.23 107.16
C ALA EA 181 -39.78 14.98 106.99
N GLN EA 182 -40.27 14.01 106.22
CA GLN EA 182 -39.57 12.73 106.07
C GLN EA 182 -38.32 12.87 105.22
N THR EA 183 -38.30 13.80 104.26
CA THR EA 183 -37.12 13.98 103.42
C THR EA 183 -35.91 14.43 104.22
N GLY EA 184 -36.10 14.90 105.45
CA GLY EA 184 -35.01 15.31 106.31
C GLY EA 184 -34.37 14.21 107.12
N LEU EA 185 -34.75 12.96 106.90
CA LEU EA 185 -34.16 11.85 107.64
C LEU EA 185 -32.68 11.73 107.31
N HIS EA 186 -31.92 11.18 108.27
CA HIS EA 186 -30.46 11.22 108.20
C HIS EA 186 -29.82 9.87 107.94
N ALA EA 187 -30.54 8.76 108.12
CA ALA EA 187 -29.91 7.45 108.03
C ALA EA 187 -30.47 6.59 106.90
N SER EA 188 -31.78 6.39 106.85
CA SER EA 188 -32.39 5.47 105.89
C SER EA 188 -32.45 6.10 104.51
N ASP EA 189 -32.23 5.26 103.50
CA ASP EA 189 -32.15 5.73 102.11
C ASP EA 189 -33.42 5.48 101.32
N GLN EA 190 -34.07 4.34 101.51
CA GLN EA 190 -35.31 4.05 100.79
C GLN EA 190 -36.37 5.08 101.11
N LEU EA 191 -36.56 5.40 102.39
CA LEU EA 191 -37.59 6.37 102.77
C LEU EA 191 -37.29 7.74 102.19
N VAL EA 192 -36.04 8.18 102.27
CA VAL EA 192 -35.69 9.50 101.76
C VAL EA 192 -35.90 9.57 100.25
N ARG EA 193 -35.47 8.54 99.53
CA ARG EA 193 -35.61 8.54 98.08
C ARG EA 193 -37.08 8.51 97.67
N THR EA 194 -37.88 7.69 98.35
CA THR EA 194 -39.30 7.61 98.02
C THR EA 194 -40.00 8.94 98.29
N ALA EA 195 -39.69 9.58 99.43
CA ALA EA 195 -40.32 10.85 99.75
C ALA EA 195 -39.89 11.95 98.80
N TRP EA 196 -38.62 11.95 98.38
CA TRP EA 196 -38.15 12.95 97.43
C TRP EA 196 -38.75 12.74 96.05
N GLU EA 197 -38.93 11.49 95.62
CA GLU EA 197 -39.39 11.21 94.27
C GLU EA 197 -40.91 11.35 94.14
N ASN EA 198 -41.67 10.68 95.01
CA ASN EA 198 -43.10 10.60 94.86
C ASN EA 198 -43.88 11.28 95.98
N ALA EA 199 -43.22 11.74 97.03
CA ALA EA 199 -43.87 12.40 98.17
C ALA EA 199 -44.95 11.50 98.78
N GLN EA 200 -44.61 10.23 98.97
CA GLN EA 200 -45.54 9.26 99.53
C GLN EA 200 -45.03 8.79 100.88
N ILE EA 201 -45.85 8.94 101.91
CA ILE EA 201 -45.53 8.47 103.25
C ILE EA 201 -45.76 6.96 103.30
N PRO EA 202 -45.13 6.24 104.23
CA PRO EA 202 -45.39 4.79 104.33
C PRO EA 202 -46.78 4.49 104.83
N THR EA 203 -47.14 3.20 104.89
CA THR EA 203 -48.46 2.82 105.38
C THR EA 203 -48.61 3.05 106.87
N ASN EA 204 -47.67 2.51 107.66
CA ASN EA 204 -47.68 2.70 109.10
C ASN EA 204 -46.84 3.93 109.44
N PHE EA 205 -47.48 4.96 109.99
CA PHE EA 205 -46.82 6.20 110.35
C PHE EA 205 -47.05 6.46 111.84
N GLY EA 206 -46.00 6.41 112.62
CA GLY EA 206 -46.12 6.65 114.05
C GLY EA 206 -46.98 5.65 114.78
N GLY EA 207 -46.85 4.37 114.45
CA GLY EA 207 -47.62 3.34 115.12
C GLY EA 207 -49.11 3.40 114.88
N ILE EA 208 -49.52 3.78 113.66
CA ILE EA 208 -50.92 3.84 113.30
C ILE EA 208 -51.02 3.79 111.78
N ARG EA 209 -52.14 3.32 111.26
CA ARG EA 209 -52.32 3.18 109.82
C ARG EA 209 -52.90 4.47 109.25
N ALA EA 210 -52.18 5.06 108.30
CA ALA EA 210 -52.53 6.35 107.72
C ALA EA 210 -53.16 6.14 106.35
N LEU EA 211 -54.27 6.81 106.10
CA LEU EA 211 -55.00 6.75 104.85
C LEU EA 211 -55.12 8.14 104.25
N MET EA 212 -54.75 8.27 102.98
CA MET EA 212 -54.83 9.53 102.27
C MET EA 212 -56.06 9.53 101.36
N SER EA 213 -56.90 10.55 101.52
CA SER EA 213 -58.11 10.66 100.70
C SER EA 213 -58.49 12.13 100.60
N ASN EA 214 -58.91 12.54 99.41
CA ASN EA 214 -59.32 13.93 99.19
C ASN EA 214 -60.78 14.17 99.52
N GLY EA 215 -61.57 13.12 99.75
CA GLY EA 215 -62.96 13.29 100.10
C GLY EA 215 -63.21 13.27 101.60
N LEU EA 216 -63.32 14.45 102.20
CA LEU EA 216 -63.64 14.57 103.62
C LEU EA 216 -64.57 15.76 103.80
N ALA EA 217 -65.50 15.62 104.75
CA ALA EA 217 -66.51 16.65 104.98
C ALA EA 217 -65.87 17.91 105.54
N SER EA 218 -66.44 19.05 105.14
CA SER EA 218 -66.02 20.37 105.60
C SER EA 218 -67.17 21.02 106.35
N ARG EA 219 -66.83 21.88 107.30
CA ARG EA 219 -67.83 22.49 108.16
C ARG EA 219 -67.45 23.92 108.49
N THR EA 220 -68.46 24.71 108.82
CA THR EA 220 -68.31 26.10 109.23
C THR EA 220 -68.35 26.18 110.75
N GLN EA 221 -67.50 27.04 111.32
CA GLN EA 221 -67.39 27.11 112.78
C GLN EA 221 -68.65 27.64 113.42
N GLY EA 222 -69.23 28.71 112.86
CA GLY EA 222 -70.37 29.35 113.49
C GLY EA 222 -69.92 30.39 114.50
N ALA EA 223 -70.41 31.62 114.36
CA ALA EA 223 -69.90 32.72 115.16
C ALA EA 223 -70.26 32.54 116.63
N PHE EA 224 -69.31 32.87 117.50
CA PHE EA 224 -69.52 32.87 118.94
C PHE EA 224 -68.57 33.89 119.56
N GLY EA 225 -68.58 33.99 120.88
CA GLY EA 225 -67.71 34.90 121.57
C GLY EA 225 -68.08 35.03 123.02
N GLY EA 226 -67.16 35.65 123.78
CA GLY EA 226 -67.37 35.87 125.20
C GLY EA 226 -66.99 34.66 126.03
N THR EA 227 -66.71 34.93 127.30
CA THR EA 227 -66.39 33.86 128.24
C THR EA 227 -67.65 33.07 128.56
N LEU EA 228 -67.52 31.75 128.66
CA LEU EA 228 -68.66 30.86 128.85
C LEU EA 228 -68.50 30.05 130.13
N THR EA 229 -69.59 29.91 130.87
CA THR EA 229 -69.63 29.10 132.07
C THR EA 229 -70.99 28.41 132.14
N VAL EA 230 -71.02 27.26 132.83
CA VAL EA 230 -72.27 26.54 132.98
C VAL EA 230 -73.19 27.27 133.95
N LYS EA 231 -74.48 26.95 133.87
CA LYS EA 231 -75.49 27.63 134.69
C LYS EA 231 -76.16 26.72 135.71
N THR EA 232 -76.20 25.41 135.47
CA THR EA 232 -76.78 24.47 136.41
C THR EA 232 -76.02 23.16 136.38
N GLN EA 233 -76.04 22.45 137.49
CA GLN EA 233 -75.36 21.17 137.56
C GLN EA 233 -76.11 20.14 136.70
N PRO EA 234 -75.45 19.52 135.73
CA PRO EA 234 -76.13 18.54 134.87
C PRO EA 234 -76.22 17.19 135.58
N THR EA 235 -76.95 16.28 134.94
CA THR EA 235 -77.13 14.92 135.44
C THR EA 235 -76.30 13.99 134.56
N VAL EA 236 -75.20 13.48 135.13
CA VAL EA 236 -74.25 12.67 134.36
C VAL EA 236 -74.10 11.31 135.00
N THR EA 237 -75.14 10.83 135.67
CA THR EA 237 -75.12 9.50 136.25
C THR EA 237 -75.26 8.44 135.16
N TYR EA 238 -74.68 7.27 135.41
CA TYR EA 238 -74.79 6.18 134.44
C TYR EA 238 -76.25 5.75 134.29
N ASN EA 239 -76.98 5.69 135.39
CA ASN EA 239 -78.40 5.33 135.33
C ASN EA 239 -79.22 6.32 134.55
N ALA EA 240 -78.62 7.41 134.07
CA ALA EA 240 -79.29 8.39 133.21
C ALA EA 240 -78.73 8.43 131.80
N VAL EA 241 -77.42 8.26 131.64
CA VAL EA 241 -76.78 8.36 130.33
C VAL EA 241 -76.37 6.99 129.78
N LYS EA 242 -76.91 5.91 130.32
CA LYS EA 242 -76.51 4.57 129.93
C LYS EA 242 -77.08 4.12 128.60
N ASP EA 243 -77.87 4.91 127.88
CA ASP EA 243 -78.50 4.43 126.65
C ASP EA 243 -78.15 5.21 125.40
N SER EA 244 -77.53 6.38 125.52
CA SER EA 244 -77.19 7.19 124.35
C SER EA 244 -75.77 7.74 124.36
N TYR EA 245 -75.11 7.84 125.51
CA TYR EA 245 -73.82 8.51 125.64
C TYR EA 245 -73.88 9.95 125.11
N GLN EA 246 -75.01 10.61 125.33
CA GLN EA 246 -75.16 12.03 125.07
C GLN EA 246 -75.85 12.68 126.27
N PHE EA 247 -75.56 13.96 126.49
CA PHE EA 247 -76.21 14.68 127.58
C PHE EA 247 -76.54 16.09 127.11
N THR EA 248 -77.17 16.87 127.99
CA THR EA 248 -77.65 18.19 127.66
C THR EA 248 -77.17 19.17 128.73
N VAL EA 249 -76.64 20.32 128.30
CA VAL EA 249 -76.10 21.30 129.23
C VAL EA 249 -76.46 22.70 128.75
N THR EA 250 -76.53 23.63 129.70
CA THR EA 250 -76.78 25.03 129.42
C THR EA 250 -75.59 25.87 129.85
N LEU EA 251 -75.31 26.93 129.10
CA LEU EA 251 -74.15 27.78 129.31
C LEU EA 251 -74.61 29.23 129.39
N THR EA 252 -73.89 30.02 130.19
CA THR EA 252 -74.14 31.44 130.35
C THR EA 252 -72.90 32.24 129.98
N GLY EA 253 -73.12 33.51 129.65
CA GLY EA 253 -72.04 34.38 129.24
C GLY EA 253 -71.86 34.54 127.75
N ALA EA 254 -72.82 34.06 126.94
CA ALA EA 254 -72.72 34.21 125.49
C ALA EA 254 -73.05 35.65 125.08
N THR EA 255 -73.15 35.85 123.77
CA THR EA 255 -73.49 37.16 123.23
C THR EA 255 -74.98 37.45 123.45
N ALA EA 256 -75.41 38.61 122.98
CA ALA EA 256 -76.78 39.07 123.21
C ALA EA 256 -77.81 38.13 122.58
N SER EA 257 -77.83 38.05 121.25
CA SER EA 257 -78.77 37.19 120.55
C SER EA 257 -78.21 36.89 119.18
N VAL EA 258 -77.68 35.67 118.99
CA VAL EA 258 -77.09 35.25 117.73
C VAL EA 258 -77.74 33.95 117.30
N THR EA 259 -78.26 33.91 116.07
CA THR EA 259 -78.77 32.68 115.51
C THR EA 259 -77.61 31.86 114.94
N GLY EA 260 -77.70 30.54 115.07
CA GLY EA 260 -76.61 29.69 114.67
C GLY EA 260 -75.37 29.95 115.51
N PHE EA 261 -75.57 30.11 116.83
CA PHE EA 261 -74.45 30.39 117.72
C PHE EA 261 -73.45 29.25 117.71
N LEU EA 262 -73.92 28.01 117.73
CA LEU EA 262 -73.06 26.84 117.64
C LEU EA 262 -73.62 25.90 116.58
N LYS EA 263 -72.75 25.45 115.69
CA LYS EA 263 -73.13 24.51 114.64
C LYS EA 263 -72.61 23.11 114.98
N ALA EA 264 -73.15 22.13 114.26
CA ALA EA 264 -72.77 20.74 114.51
C ALA EA 264 -71.30 20.51 114.18
N GLY EA 265 -70.66 19.69 115.00
CA GLY EA 265 -69.26 19.38 114.84
C GLY EA 265 -68.30 20.22 115.66
N ASP EA 266 -68.78 21.31 116.26
CA ASP EA 266 -67.93 22.11 117.13
C ASP EA 266 -67.57 21.33 118.38
N GLN EA 267 -66.45 21.71 119.00
CA GLN EA 267 -65.98 21.02 120.20
C GLN EA 267 -65.92 21.98 121.37
N VAL EA 268 -66.45 21.53 122.50
CA VAL EA 268 -66.46 22.28 123.75
C VAL EA 268 -65.53 21.58 124.73
N LYS EA 269 -64.61 22.34 125.30
CA LYS EA 269 -63.56 21.81 126.17
C LYS EA 269 -63.81 22.26 127.60
N PHE EA 270 -63.86 21.31 128.52
CA PHE EA 270 -63.98 21.59 129.94
C PHE EA 270 -62.58 21.63 130.52
N THR EA 271 -62.11 22.84 130.87
CA THR EA 271 -60.70 23.03 131.17
C THR EA 271 -60.28 22.31 132.44
N ASN EA 272 -61.04 22.48 133.53
CA ASN EA 272 -60.62 22.01 134.85
C ASN EA 272 -61.25 20.67 135.22
N THR EA 273 -61.42 19.78 134.26
CA THR EA 273 -62.01 18.46 134.50
C THR EA 273 -61.39 17.47 133.53
N TYR EA 274 -60.58 16.55 134.07
CA TYR EA 274 -59.64 15.77 133.27
C TYR EA 274 -60.18 14.39 132.94
N TRP EA 275 -59.58 13.77 131.91
CA TRP EA 275 -59.90 12.41 131.54
C TRP EA 275 -59.42 11.42 132.59
N LEU EA 276 -59.88 10.18 132.47
CA LEU EA 276 -59.42 9.08 133.31
C LEU EA 276 -59.11 7.87 132.44
N GLN EA 277 -58.13 7.09 132.90
CA GLN EA 277 -57.92 5.77 132.30
C GLN EA 277 -59.10 4.88 132.64
N GLN EA 278 -59.60 4.14 131.65
CA GLN EA 278 -60.87 3.46 131.78
C GLN EA 278 -60.77 2.08 132.45
N GLN EA 279 -59.60 1.70 132.93
CA GLN EA 279 -59.51 0.44 133.67
C GLN EA 279 -58.91 0.61 135.05
N THR EA 280 -57.93 1.51 135.20
CA THR EA 280 -57.31 1.75 136.49
C THR EA 280 -57.86 2.96 137.22
N LYS EA 281 -58.65 3.80 136.54
CA LYS EA 281 -59.28 4.98 137.14
C LYS EA 281 -58.25 5.95 137.69
N GLN EA 282 -57.26 6.32 136.86
CA GLN EA 282 -56.25 7.31 137.21
C GLN EA 282 -56.30 8.45 136.21
N ALA EA 283 -55.98 9.65 136.68
CA ALA EA 283 -56.03 10.83 135.81
C ALA EA 283 -54.98 10.72 134.71
N LEU EA 284 -55.28 11.34 133.57
CA LEU EA 284 -54.43 11.27 132.39
C LEU EA 284 -53.55 12.50 132.32
N TYR EA 285 -52.24 12.31 132.56
CA TYR EA 285 -51.28 13.41 132.59
C TYR EA 285 -50.21 13.16 131.54
N ASN EA 286 -50.01 14.13 130.66
CA ASN EA 286 -48.89 14.13 129.72
C ASN EA 286 -47.82 15.04 130.29
N GLY EA 287 -46.78 14.45 130.86
CA GLY EA 287 -45.79 15.22 131.58
C GLY EA 287 -46.39 15.84 132.83
N ALA EA 288 -46.60 17.16 132.80
CA ALA EA 288 -47.27 17.84 133.90
C ALA EA 288 -48.56 18.51 133.45
N THR EA 289 -48.96 18.34 132.19
CA THR EA 289 -50.17 18.97 131.66
C THR EA 289 -51.27 17.94 131.49
N PRO EA 290 -52.34 18.00 132.27
CA PRO EA 290 -53.41 17.01 132.13
C PRO EA 290 -54.17 17.16 130.82
N ILE EA 291 -54.80 16.08 130.40
CA ILE EA 291 -55.68 16.11 129.23
C ILE EA 291 -57.08 16.51 129.70
N SER EA 292 -57.65 17.52 129.06
CA SER EA 292 -58.95 18.05 129.45
C SER EA 292 -60.06 17.39 128.64
N PHE EA 293 -61.22 17.23 129.27
CA PHE EA 293 -62.35 16.59 128.62
C PHE EA 293 -62.90 17.47 127.51
N THR EA 294 -63.34 16.82 126.44
CA THR EA 294 -63.93 17.51 125.29
C THR EA 294 -65.20 16.81 124.87
N ALA EA 295 -66.11 17.57 124.27
CA ALA EA 295 -67.38 17.03 123.79
C ALA EA 295 -67.73 17.69 122.47
N THR EA 296 -68.58 17.02 121.71
CA THR EA 296 -68.94 17.46 120.37
C THR EA 296 -70.40 17.91 120.35
N VAL EA 297 -70.65 19.07 119.74
CA VAL EA 297 -72.01 19.58 119.61
C VAL EA 297 -72.76 18.73 118.59
N THR EA 298 -73.95 18.26 118.98
CA THR EA 298 -74.71 17.36 118.12
C THR EA 298 -75.50 18.14 117.07
N ALA EA 299 -76.31 19.10 117.50
CA ALA EA 299 -77.17 19.86 116.61
C ALA EA 299 -76.97 21.34 116.85
N ASP EA 300 -77.47 22.15 115.91
CA ASP EA 300 -77.28 23.59 115.98
C ASP EA 300 -78.01 24.19 117.16
N ALA EA 301 -77.38 25.19 117.80
CA ALA EA 301 -77.94 25.85 118.96
C ALA EA 301 -77.81 27.36 118.78
N ASN EA 302 -78.90 28.07 119.10
CA ASN EA 302 -78.95 29.52 118.97
C ASN EA 302 -78.96 30.15 120.35
N SER EA 303 -78.60 31.43 120.40
CA SER EA 303 -78.52 32.18 121.65
C SER EA 303 -79.71 33.11 121.77
N ASP EA 304 -80.27 33.19 122.98
CA ASP EA 304 -81.35 34.11 123.29
C ASP EA 304 -80.83 35.27 124.13
N SER EA 305 -81.72 36.22 124.42
CA SER EA 305 -81.35 37.37 125.24
C SER EA 305 -80.95 36.91 126.63
N GLY EA 306 -79.91 37.56 127.17
CA GLY EA 306 -79.34 37.16 128.44
C GLY EA 306 -78.15 36.22 128.33
N GLY EA 307 -77.78 35.80 127.12
CA GLY EA 307 -76.62 34.95 126.93
C GLY EA 307 -76.74 33.55 127.51
N ASP EA 308 -77.89 32.91 127.32
CA ASP EA 308 -78.10 31.53 127.75
C ASP EA 308 -78.22 30.65 126.52
N VAL EA 309 -77.41 29.59 126.48
CA VAL EA 309 -77.37 28.67 125.34
C VAL EA 309 -77.53 27.26 125.85
N THR EA 310 -78.60 26.59 125.44
CA THR EA 310 -78.86 25.21 125.82
C THR EA 310 -78.56 24.31 124.64
N VAL EA 311 -77.72 23.29 124.85
CA VAL EA 311 -77.23 22.47 123.75
C VAL EA 311 -77.00 21.05 124.24
N THR EA 312 -77.16 20.10 123.34
CA THR EA 312 -76.88 18.69 123.61
C THR EA 312 -75.51 18.33 123.06
N LEU EA 313 -74.78 17.51 123.81
CA LEU EA 313 -73.39 17.17 123.50
C LEU EA 313 -73.23 15.66 123.48
N SER EA 314 -72.36 15.20 122.58
CA SER EA 314 -71.99 13.79 122.46
C SER EA 314 -70.72 13.52 123.26
N GLY EA 315 -70.71 12.41 123.98
CA GLY EA 315 -69.62 12.11 124.88
C GLY EA 315 -69.92 12.65 126.26
N VAL EA 316 -70.02 11.76 127.24
CA VAL EA 316 -70.51 12.15 128.57
C VAL EA 316 -69.42 12.01 129.63
N PRO EA 317 -69.27 12.99 130.52
CA PRO EA 317 -68.35 12.87 131.67
C PRO EA 317 -69.03 12.22 132.87
N ILE EA 318 -69.13 10.89 132.84
CA ILE EA 318 -69.83 10.15 133.88
C ILE EA 318 -69.08 10.28 135.20
N TYR EA 319 -69.80 10.68 136.25
CA TYR EA 319 -69.25 10.68 137.60
C TYR EA 319 -70.40 10.36 138.55
N ASP EA 320 -70.55 9.09 138.90
CA ASP EA 320 -71.64 8.62 139.74
C ASP EA 320 -71.10 8.35 141.14
N THR EA 321 -71.73 8.97 142.14
CA THR EA 321 -71.30 8.80 143.51
C THR EA 321 -71.89 7.57 144.19
N THR EA 322 -72.85 6.90 143.55
CA THR EA 322 -73.40 5.66 144.07
C THR EA 322 -72.99 4.43 143.29
N ASN EA 323 -72.53 4.59 142.05
CA ASN EA 323 -71.99 3.49 141.24
C ASN EA 323 -70.60 3.90 140.77
N PRO EA 324 -69.60 3.82 141.65
CA PRO EA 324 -68.24 4.25 141.29
C PRO EA 324 -67.55 3.38 140.26
N GLN EA 325 -68.20 2.32 139.77
CA GLN EA 325 -67.58 1.48 138.75
C GLN EA 325 -67.42 2.24 137.44
N TYR EA 326 -68.44 3.03 137.07
CA TYR EA 326 -68.52 3.62 135.74
C TYR EA 326 -68.00 5.05 135.68
N ASN EA 327 -67.12 5.44 136.60
CA ASN EA 327 -66.48 6.74 136.48
C ASN EA 327 -65.63 6.81 135.22
N SER EA 328 -65.71 7.94 134.52
CA SER EA 328 -64.95 8.16 133.30
C SER EA 328 -64.31 9.54 133.28
N VAL EA 329 -64.34 10.28 134.38
CA VAL EA 329 -63.84 11.65 134.40
C VAL EA 329 -63.49 11.99 135.85
N SER EA 330 -62.57 12.93 136.03
CA SER EA 330 -61.93 13.15 137.32
C SER EA 330 -62.87 13.69 138.40
N ARG EA 331 -63.83 14.54 138.05
CA ARG EA 331 -64.67 15.15 139.07
C ARG EA 331 -66.01 15.54 138.45
N GLN EA 332 -66.97 15.83 139.32
CA GLN EA 332 -68.27 16.33 138.89
C GLN EA 332 -68.15 17.70 138.25
N VAL EA 333 -68.89 17.89 137.18
CA VAL EA 333 -68.96 19.18 136.49
C VAL EA 333 -70.02 20.00 137.21
N GLU EA 334 -69.56 20.91 138.06
CA GLU EA 334 -70.47 21.69 138.89
C GLU EA 334 -70.76 23.05 138.25
N ALA EA 335 -71.77 23.72 138.79
CA ALA EA 335 -72.15 25.03 138.28
C ALA EA 335 -71.02 26.04 138.48
N GLY EA 336 -70.88 26.95 137.52
CA GLY EA 336 -69.83 27.93 137.54
C GLY EA 336 -68.52 27.47 136.92
N ASP EA 337 -68.44 26.22 136.48
CA ASP EA 337 -67.23 25.71 135.85
C ASP EA 337 -66.98 26.41 134.53
N ALA EA 338 -65.72 26.74 134.26
CA ALA EA 338 -65.36 27.44 133.04
C ALA EA 338 -65.17 26.45 131.90
N VAL EA 339 -65.68 26.81 130.72
CA VAL EA 339 -65.54 26.01 129.51
C VAL EA 339 -65.04 26.92 128.39
N SER EA 340 -64.57 26.29 127.32
CA SER EA 340 -64.11 27.02 126.15
C SER EA 340 -64.57 26.28 124.90
N VAL EA 341 -64.43 26.96 123.75
CA VAL EA 341 -64.78 26.39 122.46
C VAL EA 341 -63.52 26.29 121.62
N VAL EA 342 -63.27 25.11 121.06
CA VAL EA 342 -62.05 24.83 120.33
C VAL EA 342 -62.24 25.28 118.89
N GLY EA 343 -61.53 26.33 118.51
CA GLY EA 343 -61.55 26.77 117.11
C GLY EA 343 -61.44 28.28 117.00
N THR EA 344 -61.96 28.80 115.90
CA THR EA 344 -61.93 30.23 115.59
C THR EA 344 -63.37 30.72 115.48
N ALA EA 345 -63.52 31.98 115.09
CA ALA EA 345 -64.84 32.63 115.07
C ALA EA 345 -65.80 31.99 114.08
N SER EA 346 -65.53 32.11 112.78
CA SER EA 346 -66.48 31.64 111.78
C SER EA 346 -65.82 31.00 110.57
N GLN EA 347 -64.59 30.51 110.70
CA GLN EA 347 -63.89 29.98 109.54
C GLN EA 347 -64.48 28.64 109.10
N THR EA 348 -64.22 28.30 107.84
CA THR EA 348 -64.56 26.99 107.31
C THR EA 348 -63.33 26.09 107.33
N MET EA 349 -63.53 24.82 107.64
CA MET EA 349 -62.41 23.94 107.93
C MET EA 349 -62.78 22.49 107.63
N LYS EA 350 -61.75 21.69 107.37
CA LYS EA 350 -61.89 20.28 107.01
C LYS EA 350 -61.03 19.46 107.97
N PRO EA 351 -61.55 19.11 109.13
CA PRO EA 351 -60.71 18.47 110.15
C PRO EA 351 -60.30 17.05 109.75
N ASN EA 352 -59.21 16.60 110.36
CA ASN EA 352 -58.70 15.26 110.18
C ASN EA 352 -59.34 14.33 111.20
N LEU EA 353 -59.36 13.03 110.92
CA LEU EA 353 -60.03 12.06 111.76
C LEU EA 353 -59.09 10.94 112.17
N PHE EA 354 -59.30 10.43 113.38
CA PHE EA 354 -58.61 9.24 113.86
C PHE EA 354 -59.60 8.43 114.70
N TYR EA 355 -59.62 7.12 114.49
CA TYR EA 355 -60.66 6.32 115.13
C TYR EA 355 -60.25 4.86 115.18
N ASN EA 356 -60.90 4.11 116.06
CA ASN EA 356 -60.71 2.67 116.17
C ASN EA 356 -61.64 1.95 115.20
N LYS EA 357 -61.44 0.64 115.08
CA LYS EA 357 -62.24 -0.16 114.16
C LYS EA 357 -63.71 -0.19 114.57
N PHE EA 358 -63.98 -0.33 115.87
CA PHE EA 358 -65.34 -0.44 116.38
C PHE EA 358 -65.94 0.91 116.75
N PHE EA 359 -65.46 1.99 116.15
CA PHE EA 359 -65.99 3.31 116.47
C PHE EA 359 -67.37 3.53 115.88
N CYS EA 360 -67.62 3.06 114.66
CA CYS EA 360 -68.93 3.17 114.03
C CYS EA 360 -69.18 1.91 113.19
N GLY EA 361 -70.32 1.88 112.52
CA GLY EA 361 -70.70 0.76 111.68
C GLY EA 361 -71.44 1.25 110.46
N LEU EA 362 -71.76 0.30 109.57
CA LEU EA 362 -72.43 0.64 108.32
C LEU EA 362 -73.11 -0.60 107.77
N GLY EA 363 -74.32 -0.44 107.25
CA GLY EA 363 -75.05 -1.53 106.66
C GLY EA 363 -75.97 -1.04 105.57
N SER EA 364 -76.52 -2.00 104.82
CA SER EA 364 -77.40 -1.71 103.70
C SER EA 364 -78.65 -2.57 103.78
N ILE EA 365 -79.74 -2.08 103.22
CA ILE EA 365 -81.03 -2.76 103.26
C ILE EA 365 -81.42 -3.15 101.83
N PRO EA 366 -81.67 -4.41 101.54
CA PRO EA 366 -82.18 -4.78 100.22
C PRO EA 366 -83.58 -4.25 99.99
N LEU EA 367 -83.91 -4.09 98.71
CA LEU EA 367 -85.20 -3.54 98.31
C LEU EA 367 -85.91 -4.49 97.36
N PRO EA 368 -87.24 -4.56 97.43
CA PRO EA 368 -87.99 -5.43 96.51
C PRO EA 368 -88.38 -4.69 95.24
N LYS EA 369 -89.02 -5.40 94.32
CA LYS EA 369 -89.41 -4.84 93.02
C LYS EA 369 -90.87 -4.42 93.05
N LEU EA 370 -91.16 -3.23 92.53
CA LEU EA 370 -92.53 -2.75 92.45
C LEU EA 370 -93.31 -3.56 91.42
N HIS EA 371 -94.61 -3.71 91.65
CA HIS EA 371 -95.46 -4.51 90.77
C HIS EA 371 -95.59 -3.85 89.40
N SER EA 372 -95.70 -4.68 88.38
CA SER EA 372 -95.96 -4.28 86.99
C SER EA 372 -94.89 -3.32 86.46
N ILE EA 373 -93.71 -3.30 87.07
CA ILE EA 373 -92.59 -2.49 86.59
C ILE EA 373 -91.36 -3.37 86.54
N ASP EA 374 -90.73 -3.43 85.36
CA ASP EA 374 -89.49 -4.18 85.22
C ASP EA 374 -88.33 -3.42 85.87
N SER EA 375 -87.41 -4.18 86.46
CA SER EA 375 -86.35 -3.58 87.25
C SER EA 375 -85.10 -4.43 87.13
N ALA EA 376 -84.00 -3.93 87.70
CA ALA EA 376 -82.74 -4.64 87.72
C ALA EA 376 -81.96 -4.24 88.96
N VAL EA 377 -80.92 -5.02 89.27
CA VAL EA 377 -80.06 -4.77 90.41
C VAL EA 377 -78.61 -4.82 89.95
N ALA EA 378 -77.80 -3.85 90.40
CA ALA EA 378 -76.41 -3.76 90.01
C ALA EA 378 -75.53 -3.69 91.25
N THR EA 379 -74.31 -4.21 91.12
CA THR EA 379 -73.33 -4.20 92.21
C THR EA 379 -72.16 -3.33 91.80
N TYR EA 380 -71.85 -2.34 92.64
CA TYR EA 380 -70.75 -1.43 92.39
C TYR EA 380 -70.06 -1.12 93.71
N GLU EA 381 -68.75 -1.40 93.78
CA GLU EA 381 -67.96 -1.18 94.99
C GLU EA 381 -68.59 -1.87 96.19
N GLY EA 382 -69.09 -3.09 95.98
CA GLY EA 382 -69.69 -3.84 97.07
C GLY EA 382 -71.03 -3.33 97.53
N PHE EA 383 -71.64 -2.41 96.79
CA PHE EA 383 -72.93 -1.85 97.14
C PHE EA 383 -73.97 -2.23 96.08
N SER EA 384 -75.18 -2.51 96.54
CA SER EA 384 -76.26 -2.93 95.65
C SER EA 384 -77.19 -1.76 95.39
N ILE EA 385 -77.41 -1.45 94.11
CA ILE EA 385 -78.27 -0.36 93.69
C ILE EA 385 -79.37 -0.94 92.81
N ARG EA 386 -80.62 -0.59 93.11
CA ARG EA 386 -81.77 -1.13 92.40
C ARG EA 386 -82.32 -0.07 91.45
N VAL EA 387 -82.49 -0.44 90.18
CA VAL EA 387 -82.94 0.47 89.14
C VAL EA 387 -84.31 0.05 88.66
N HIS EA 388 -85.22 1.02 88.55
CA HIS EA 388 -86.56 0.83 88.03
C HIS EA 388 -86.76 1.67 86.78
N LYS EA 389 -87.53 1.13 85.83
CA LYS EA 389 -87.80 1.77 84.55
C LYS EA 389 -89.30 1.79 84.35
N TYR EA 390 -89.87 2.97 84.08
CA TYR EA 390 -91.31 3.06 83.83
C TYR EA 390 -91.60 4.24 82.91
N ALA EA 391 -92.72 4.13 82.20
CA ALA EA 391 -93.07 5.13 81.18
C ALA EA 391 -94.52 5.55 81.34
N ASP EA 392 -94.77 6.84 81.14
CA ASP EA 392 -96.14 7.33 81.04
C ASP EA 392 -96.64 7.20 79.61
N GLY EA 393 -97.83 6.65 79.46
CA GLY EA 393 -98.35 6.33 78.14
C GLY EA 393 -98.98 7.48 77.40
N ASP EA 394 -99.73 8.32 78.12
CA ASP EA 394 -100.45 9.42 77.49
C ASP EA 394 -99.55 10.57 77.06
N ALA EA 395 -98.27 10.57 77.46
CA ALA EA 395 -97.37 11.67 77.16
C ALA EA 395 -96.09 11.25 76.46
N ASN EA 396 -95.89 9.94 76.23
CA ASN EA 396 -94.68 9.42 75.58
C ASN EA 396 -93.43 9.88 76.33
N VAL EA 397 -93.40 9.56 77.62
CA VAL EA 397 -92.30 9.96 78.51
C VAL EA 397 -91.76 8.70 79.17
N GLN EA 398 -90.43 8.56 79.17
CA GLN EA 398 -89.76 7.42 79.79
C GLN EA 398 -88.92 7.91 80.95
N LYS EA 399 -88.95 7.18 82.07
CA LYS EA 399 -88.29 7.61 83.30
C LYS EA 399 -87.59 6.43 83.95
N MET EA 400 -86.53 6.76 84.70
CA MET EA 400 -85.66 5.81 85.37
C MET EA 400 -85.49 6.26 86.81
N ARG EA 401 -85.12 5.31 87.68
CA ARG EA 401 -84.79 5.68 89.05
C ARG EA 401 -83.85 4.64 89.66
N PHE EA 402 -83.08 5.08 90.65
CA PHE EA 402 -82.11 4.26 91.35
C PHE EA 402 -82.28 4.42 92.85
N ASP EA 403 -82.15 3.31 93.59
CA ASP EA 403 -82.41 3.31 95.02
C ASP EA 403 -81.36 2.48 95.76
N LEU EA 404 -81.10 2.88 97.01
CA LEU EA 404 -80.20 2.19 97.93
C LEU EA 404 -80.43 2.70 99.34
N LEU EA 405 -80.69 1.79 100.28
CA LEU EA 405 -80.99 2.13 101.67
C LEU EA 405 -79.77 1.94 102.56
N PRO EA 406 -79.21 3.01 103.14
CA PRO EA 406 -78.11 2.86 104.10
C PRO EA 406 -78.57 2.81 105.55
N ALA EA 407 -77.68 2.39 106.45
CA ALA EA 407 -77.95 2.36 107.88
C ALA EA 407 -76.66 2.58 108.64
N TYR EA 408 -76.69 3.46 109.65
CA TYR EA 408 -75.52 3.86 110.41
C TYR EA 408 -75.70 3.56 111.89
N VAL EA 409 -74.60 3.17 112.54
CA VAL EA 409 -74.56 2.93 113.98
C VAL EA 409 -73.31 3.56 114.56
N CYS EA 410 -73.43 4.14 115.75
CA CYS EA 410 -72.29 4.70 116.48
C CYS EA 410 -72.16 3.93 117.80
N PHE EA 411 -71.21 2.98 117.83
CA PHE EA 411 -71.08 2.11 118.99
C PHE EA 411 -70.59 2.88 120.22
N ASN EA 412 -69.51 3.64 120.07
CA ASN EA 412 -68.89 4.31 121.21
C ASN EA 412 -68.34 5.67 120.81
N PRO EA 413 -68.88 6.76 121.34
CA PRO EA 413 -68.33 8.09 121.01
C PRO EA 413 -66.92 8.31 121.51
N HIS EA 414 -66.46 7.54 122.50
CA HIS EA 414 -65.15 7.75 123.11
C HIS EA 414 -64.06 6.94 122.44
N MET EA 415 -64.20 6.61 121.16
CA MET EA 415 -63.22 5.81 120.45
C MET EA 415 -62.85 6.48 119.13
N GLY EA 416 -62.96 7.80 119.08
CA GLY EA 416 -62.62 8.52 117.88
C GLY EA 416 -62.87 10.01 118.07
N GLY EA 417 -62.34 10.79 117.14
CA GLY EA 417 -62.46 12.23 117.20
C GLY EA 417 -61.64 12.89 116.10
N GLN EA 418 -61.28 14.14 116.34
CA GLN EA 418 -60.50 14.93 115.41
C GLN EA 418 -59.16 15.27 116.03
N PHE EA 419 -58.11 15.25 115.21
CA PHE EA 419 -56.77 15.59 115.68
C PHE EA 419 -56.17 16.64 114.76
N PHE EA 420 -55.46 17.59 115.36
CA PHE EA 420 -54.84 18.68 114.64
C PHE EA 420 -53.38 18.81 115.08
N GLY EA 421 -52.64 19.63 114.34
CA GLY EA 421 -51.27 19.93 114.75
C GLY EA 421 -51.24 20.90 115.91
N ASN EA 422 -50.24 20.74 116.77
CA ASN EA 422 -50.08 21.60 117.92
C ASN EA 422 -48.65 22.10 118.01
N PRO EA 423 -48.44 23.31 118.55
CA PRO EA 423 -47.10 23.87 118.69
C PRO EA 423 -46.43 23.47 119.99
N ASN FA 3 -68.19 21.88 -51.44
CA ASN FA 3 -69.38 22.45 -52.05
C ASN FA 3 -70.07 21.45 -52.97
N ASN FA 4 -71.40 21.38 -52.89
CA ASN FA 4 -72.22 20.54 -53.76
C ASN FA 4 -71.83 19.07 -53.67
N LEU FA 5 -72.03 18.50 -52.48
CA LEU FA 5 -71.83 17.07 -52.25
C LEU FA 5 -73.15 16.30 -52.23
N ASP FA 6 -74.24 16.92 -52.68
CA ASP FA 6 -75.56 16.31 -52.52
C ASP FA 6 -75.73 15.07 -53.39
N SER FA 7 -74.95 14.96 -54.47
CA SER FA 7 -75.11 13.81 -55.36
C SER FA 7 -74.45 12.56 -54.80
N ASN FA 8 -73.61 12.70 -53.77
CA ASN FA 8 -72.96 11.54 -53.18
C ASN FA 8 -73.93 10.74 -52.31
N VAL FA 9 -74.82 11.44 -51.60
CA VAL FA 9 -75.72 10.80 -50.66
C VAL FA 9 -77.03 10.39 -51.34
N SER FA 10 -77.78 9.51 -50.69
CA SER FA 10 -79.06 9.02 -51.20
C SER FA 10 -80.14 9.28 -50.16
N GLN FA 11 -81.37 9.45 -50.65
CA GLN FA 11 -82.52 9.69 -49.79
C GLN FA 11 -83.27 8.37 -49.60
N ILE FA 12 -83.09 7.75 -48.44
CA ILE FA 12 -83.60 6.41 -48.21
C ILE FA 12 -84.84 6.48 -47.32
N VAL FA 13 -85.62 5.40 -47.35
CA VAL FA 13 -86.80 5.24 -46.52
C VAL FA 13 -86.71 3.88 -45.84
N LEU FA 14 -86.67 3.89 -44.50
CA LEU FA 14 -86.57 2.64 -43.77
C LEU FA 14 -87.83 1.80 -43.93
N LYS FA 15 -87.64 0.48 -43.86
CA LYS FA 15 -88.74 -0.47 -44.03
C LYS FA 15 -89.35 -0.83 -42.68
N LYS FA 16 -89.75 0.18 -41.93
CA LYS FA 16 -90.38 -0.02 -40.64
C LYS FA 16 -91.60 0.89 -40.54
N PHE FA 17 -92.73 0.32 -40.11
CA PHE FA 17 -93.99 1.03 -40.03
C PHE FA 17 -94.21 1.55 -38.61
N LEU FA 18 -94.73 2.78 -38.51
CA LEU FA 18 -95.07 3.34 -37.22
C LEU FA 18 -96.36 2.72 -36.70
N PRO FA 19 -96.51 2.62 -35.39
CA PRO FA 19 -97.75 2.07 -34.83
C PRO FA 19 -98.95 2.95 -35.10
N GLY FA 20 -100.12 2.32 -35.16
CA GLY FA 20 -101.35 3.03 -35.44
C GLY FA 20 -102.39 2.89 -34.35
N PHE FA 21 -103.64 3.20 -34.67
CA PHE FA 21 -104.75 3.15 -33.73
C PHE FA 21 -105.54 1.86 -33.93
N MET FA 22 -106.03 1.29 -32.83
CA MET FA 22 -106.96 0.16 -32.88
C MET FA 22 -107.99 0.29 -31.76
N SER FA 23 -108.94 -0.63 -31.75
CA SER FA 23 -110.07 -0.58 -30.84
C SER FA 23 -110.23 -1.95 -30.19
N ASP FA 24 -111.33 -2.12 -29.46
CA ASP FA 24 -111.63 -3.37 -28.76
C ASP FA 24 -113.06 -3.78 -29.06
N LEU FA 25 -113.32 -5.08 -28.90
CA LEU FA 25 -114.60 -5.68 -29.26
C LEU FA 25 -115.15 -6.41 -28.04
N VAL FA 26 -116.33 -5.99 -27.56
CA VAL FA 26 -116.89 -6.57 -26.35
C VAL FA 26 -118.31 -7.08 -26.61
N LEU FA 27 -119.00 -6.50 -27.59
CA LEU FA 27 -120.39 -6.88 -27.80
C LEU FA 27 -120.52 -8.24 -28.47
N ALA FA 28 -119.66 -8.53 -29.44
CA ALA FA 28 -119.73 -9.82 -30.14
C ALA FA 28 -119.48 -11.00 -29.22
N LYS FA 29 -118.69 -10.81 -28.16
CA LYS FA 29 -118.40 -11.87 -27.21
C LYS FA 29 -119.52 -12.05 -26.18
N THR FA 30 -120.47 -11.12 -26.11
CA THR FA 30 -121.53 -11.16 -25.10
C THR FA 30 -122.92 -11.38 -25.67
N VAL FA 31 -123.14 -11.09 -26.96
CA VAL FA 31 -124.45 -11.35 -27.57
C VAL FA 31 -124.71 -12.84 -27.61
N ASP FA 32 -125.97 -13.22 -27.79
CA ASP FA 32 -126.33 -14.62 -27.96
C ASP FA 32 -125.99 -15.06 -29.37
N ARG FA 33 -125.32 -16.21 -29.49
CA ARG FA 33 -124.95 -16.75 -30.80
C ARG FA 33 -125.28 -18.22 -30.96
N GLN FA 34 -125.63 -18.92 -29.88
CA GLN FA 34 -125.92 -20.35 -30.00
C GLN FA 34 -127.26 -20.62 -30.67
N LEU FA 35 -128.27 -19.79 -30.40
CA LEU FA 35 -129.59 -20.02 -30.98
C LEU FA 35 -129.57 -19.89 -32.49
N LEU FA 36 -128.92 -18.85 -33.01
CA LEU FA 36 -128.81 -18.65 -34.45
C LEU FA 36 -127.47 -19.18 -34.95
N ALA FA 37 -127.33 -20.51 -34.85
CA ALA FA 37 -126.10 -21.21 -35.23
C ALA FA 37 -126.43 -22.13 -36.39
N GLY FA 38 -126.19 -21.66 -37.62
CA GLY FA 38 -126.47 -22.45 -38.80
C GLY FA 38 -127.93 -22.62 -39.12
N GLU FA 39 -128.82 -21.87 -38.47
CA GLU FA 39 -130.26 -22.03 -38.71
C GLU FA 39 -130.65 -21.54 -40.09
N ILE FA 40 -130.07 -20.43 -40.54
CA ILE FA 40 -130.37 -19.86 -41.84
C ILE FA 40 -129.54 -20.61 -42.87
N ASN FA 41 -130.19 -21.46 -43.66
CA ASN FA 41 -129.54 -22.29 -44.67
C ASN FA 41 -130.08 -21.92 -46.05
N SER FA 42 -129.68 -22.70 -47.05
CA SER FA 42 -130.16 -22.47 -48.41
C SER FA 42 -131.66 -22.70 -48.50
N SER FA 43 -132.17 -23.67 -47.74
CA SER FA 43 -133.60 -23.99 -47.81
C SER FA 43 -134.45 -22.97 -47.06
N THR FA 44 -133.91 -22.39 -45.99
CA THR FA 44 -134.71 -21.50 -45.16
C THR FA 44 -135.01 -20.18 -45.86
N GLY FA 45 -134.01 -19.57 -46.48
CA GLY FA 45 -134.22 -18.33 -47.19
C GLY FA 45 -133.64 -17.12 -46.47
N ASP FA 46 -134.29 -15.99 -46.69
CA ASP FA 46 -133.78 -14.71 -46.19
C ASP FA 46 -133.85 -14.63 -44.67
N SER FA 47 -134.91 -15.18 -44.08
CA SER FA 47 -135.22 -14.98 -42.67
C SER FA 47 -135.74 -16.27 -42.04
N VAL FA 48 -135.71 -16.30 -40.72
CA VAL FA 48 -136.17 -17.46 -39.94
C VAL FA 48 -136.75 -16.95 -38.62
N SER FA 49 -137.65 -17.75 -38.03
CA SER FA 49 -138.48 -17.27 -36.95
C SER FA 49 -138.36 -18.17 -35.71
N PHE FA 50 -138.61 -17.56 -34.56
CA PHE FA 50 -138.64 -18.24 -33.26
C PHE FA 50 -139.96 -17.96 -32.58
N LYS FA 51 -140.40 -18.89 -31.73
CA LYS FA 51 -141.69 -18.77 -31.07
C LYS FA 51 -141.57 -17.93 -29.80
N ARG FA 52 -142.74 -17.46 -29.32
CA ARG FA 52 -142.82 -16.67 -28.09
C ARG FA 52 -143.55 -17.43 -26.99
N PRO FA 53 -143.26 -17.15 -25.72
CA PRO FA 53 -143.95 -17.84 -24.64
C PRO FA 53 -145.39 -17.36 -24.48
N HIS FA 54 -146.17 -18.17 -23.76
CA HIS FA 54 -147.59 -17.92 -23.53
C HIS FA 54 -147.82 -17.41 -22.11
N GLN FA 55 -148.97 -16.77 -21.92
CA GLN FA 55 -149.39 -16.27 -20.62
C GLN FA 55 -150.88 -16.55 -20.43
N PHE FA 56 -151.30 -16.63 -19.17
CA PHE FA 56 -152.66 -17.04 -18.85
C PHE FA 56 -153.19 -16.19 -17.69
N SER FA 57 -154.51 -16.14 -17.58
CA SER FA 57 -155.19 -15.41 -16.53
C SER FA 57 -156.20 -16.33 -15.85
N SER FA 58 -156.58 -15.98 -14.63
CA SER FA 58 -157.43 -16.81 -13.80
C SER FA 58 -158.75 -16.11 -13.49
N LEU FA 59 -159.69 -16.88 -12.96
CA LEU FA 59 -161.02 -16.41 -12.60
C LEU FA 59 -161.28 -16.72 -11.13
N ARG FA 60 -162.00 -15.82 -10.46
CA ARG FA 60 -162.30 -15.97 -9.04
C ARG FA 60 -163.82 -16.04 -8.86
N THR FA 61 -164.32 -17.23 -8.55
CA THR FA 61 -165.73 -17.45 -8.25
C THR FA 61 -165.85 -18.25 -6.97
N PRO FA 62 -166.93 -18.04 -6.20
CA PRO FA 62 -167.09 -18.77 -4.92
C PRO FA 62 -167.32 -20.26 -5.10
N THR FA 63 -168.26 -20.62 -5.97
CA THR FA 63 -168.65 -22.02 -6.13
C THR FA 63 -167.84 -22.75 -7.21
N GLY FA 64 -166.97 -22.04 -7.93
CA GLY FA 64 -166.15 -22.66 -8.95
C GLY FA 64 -166.82 -22.83 -10.29
N ASP FA 65 -167.99 -22.24 -10.51
CA ASP FA 65 -168.71 -22.37 -11.78
C ASP FA 65 -168.37 -21.18 -12.66
N ILE FA 66 -167.95 -21.45 -13.89
CA ILE FA 66 -167.52 -20.41 -14.81
C ILE FA 66 -168.35 -20.45 -16.09
N SER FA 67 -169.60 -20.89 -15.98
CA SER FA 67 -170.46 -20.96 -17.15
C SER FA 67 -170.79 -19.56 -17.64
N GLY FA 68 -170.81 -19.38 -18.96
CA GLY FA 68 -171.14 -18.10 -19.54
C GLY FA 68 -170.04 -17.07 -19.49
N GLN FA 69 -168.84 -17.44 -19.10
CA GLN FA 69 -167.71 -16.53 -19.02
C GLN FA 69 -166.63 -16.97 -20.00
N ASN FA 70 -166.14 -16.03 -20.80
CA ASN FA 70 -165.15 -16.35 -21.82
C ASN FA 70 -163.85 -16.83 -21.18
N LYS FA 71 -163.31 -17.93 -21.70
CA LYS FA 71 -162.09 -18.52 -21.18
C LYS FA 71 -160.89 -17.99 -21.96
N ASN FA 72 -159.71 -18.56 -21.73
CA ASN FA 72 -158.50 -18.09 -22.36
C ASN FA 72 -158.48 -18.41 -23.84
N ASN FA 73 -157.87 -17.53 -24.62
CA ASN FA 73 -157.64 -17.75 -26.04
C ASN FA 73 -156.15 -17.97 -26.27
N LEU FA 74 -155.82 -18.94 -27.12
CA LEU FA 74 -154.44 -19.26 -27.44
C LEU FA 74 -154.00 -18.42 -28.62
N ILE FA 75 -153.07 -17.50 -28.38
CA ILE FA 75 -152.51 -16.64 -29.42
C ILE FA 75 -151.00 -16.87 -29.48
N SER FA 76 -150.49 -17.13 -30.67
CA SER FA 76 -149.09 -17.45 -30.88
C SER FA 76 -148.38 -16.26 -31.52
N GLY FA 77 -147.17 -15.96 -31.03
CA GLY FA 77 -146.37 -14.91 -31.58
C GLY FA 77 -144.99 -15.41 -31.94
N LYS FA 78 -144.37 -14.71 -32.89
CA LYS FA 78 -143.06 -15.11 -33.40
C LYS FA 78 -142.17 -13.88 -33.56
N ALA FA 79 -140.86 -14.12 -33.51
CA ALA FA 79 -139.85 -13.11 -33.76
C ALA FA 79 -138.99 -13.56 -34.93
N THR FA 80 -138.79 -12.67 -35.89
CA THR FA 80 -138.13 -13.01 -37.15
C THR FA 80 -136.77 -12.34 -37.22
N GLY FA 81 -135.76 -13.11 -37.60
CA GLY FA 81 -134.43 -12.58 -37.87
C GLY FA 81 -134.07 -12.84 -39.32
N ARG FA 82 -133.54 -11.82 -39.98
CA ARG FA 82 -133.28 -11.86 -41.41
C ARG FA 82 -131.84 -11.46 -41.68
N VAL FA 83 -131.31 -11.94 -42.80
CA VAL FA 83 -129.94 -11.61 -43.18
C VAL FA 83 -129.92 -10.18 -43.69
N GLY FA 84 -128.74 -9.56 -43.70
CA GLY FA 84 -128.60 -8.19 -44.15
C GLY FA 84 -127.48 -7.97 -45.13
N ASN FA 85 -127.15 -6.70 -45.40
CA ASN FA 85 -126.03 -6.39 -46.27
C ASN FA 85 -124.72 -6.88 -45.67
N TYR FA 86 -123.70 -7.01 -46.51
CA TYR FA 86 -122.44 -7.56 -46.07
C TYR FA 86 -121.30 -6.64 -46.49
N ILE FA 87 -120.11 -6.92 -45.95
CA ILE FA 87 -118.98 -6.00 -46.00
C ILE FA 87 -117.99 -6.48 -47.03
N THR FA 88 -117.52 -5.57 -47.88
CA THR FA 88 -116.54 -5.88 -48.91
C THR FA 88 -115.43 -4.85 -48.89
N VAL FA 89 -114.20 -5.30 -49.09
CA VAL FA 89 -113.03 -4.44 -49.23
C VAL FA 89 -112.26 -4.90 -50.46
N ALA FA 90 -112.04 -4.00 -51.41
CA ALA FA 90 -111.39 -4.33 -52.66
C ALA FA 90 -110.25 -3.37 -52.95
N VAL FA 91 -109.17 -3.90 -53.52
CA VAL FA 91 -108.02 -3.10 -53.92
C VAL FA 91 -107.56 -3.59 -55.30
N GLU FA 92 -106.77 -2.75 -55.96
CA GLU FA 92 -106.23 -3.10 -57.27
C GLU FA 92 -104.90 -2.38 -57.49
N TYR FA 93 -104.06 -2.95 -58.34
CA TYR FA 93 -102.76 -2.39 -58.64
C TYR FA 93 -102.23 -3.03 -59.92
N GLN FA 94 -101.41 -2.28 -60.64
CA GLN FA 94 -100.83 -2.74 -61.89
C GLN FA 94 -99.81 -3.84 -61.62
N GLN FA 95 -99.22 -4.37 -62.70
CA GLN FA 95 -98.19 -5.40 -62.56
C GLN FA 95 -96.81 -4.77 -62.34
N LEU FA 96 -96.47 -3.74 -63.11
CA LEU FA 96 -95.19 -3.07 -62.87
C LEU FA 96 -95.15 -2.40 -61.51
N GLU FA 97 -96.32 -2.03 -60.97
CA GLU FA 97 -96.34 -1.46 -59.63
C GLU FA 97 -95.82 -2.45 -58.60
N GLU FA 98 -96.28 -3.70 -58.64
CA GLU FA 98 -95.72 -4.69 -57.73
C GLU FA 98 -94.35 -5.18 -58.18
N ALA FA 99 -93.97 -4.95 -59.44
CA ALA FA 99 -92.65 -5.35 -59.89
C ALA FA 99 -91.55 -4.41 -59.37
N ILE FA 100 -91.81 -3.10 -59.35
CA ILE FA 100 -90.74 -2.14 -59.08
C ILE FA 100 -91.10 -1.13 -57.99
N LYS FA 101 -92.26 -1.26 -57.37
CA LYS FA 101 -92.69 -0.26 -56.40
C LYS FA 101 -93.37 -0.82 -55.16
N LEU FA 102 -93.53 -2.13 -55.01
CA LEU FA 102 -94.30 -2.61 -53.83
C LEU FA 102 -93.51 -3.54 -52.90
N ASN FA 103 -92.57 -2.99 -52.13
CA ASN FA 103 -91.88 -3.82 -51.10
C ASN FA 103 -92.85 -3.98 -49.92
N GLN FA 104 -92.74 -5.06 -49.14
CA GLN FA 104 -93.56 -5.23 -47.93
C GLN FA 104 -95.06 -5.13 -48.24
N LEU FA 105 -95.49 -5.75 -49.34
CA LEU FA 105 -96.94 -5.75 -49.68
C LEU FA 105 -97.70 -6.47 -48.58
N GLU FA 106 -97.13 -7.54 -48.03
CA GLU FA 106 -97.87 -8.36 -47.04
C GLU FA 106 -98.23 -7.51 -45.83
N GLU FA 107 -97.32 -6.64 -45.39
CA GLU FA 107 -97.63 -5.71 -44.27
C GLU FA 107 -98.68 -4.66 -44.68
N ILE FA 108 -98.65 -4.17 -45.92
CA ILE FA 108 -99.60 -3.10 -46.33
C ILE FA 108 -101.03 -3.64 -46.25
N LEU FA 109 -101.27 -4.89 -46.63
CA LEU FA 109 -102.65 -5.43 -46.67
C LEU FA 109 -102.98 -6.14 -45.37
N ALA FA 110 -102.10 -6.06 -44.38
CA ALA FA 110 -102.36 -6.68 -43.05
C ALA FA 110 -103.56 -6.05 -42.32
N PRO FA 111 -103.79 -4.72 -42.29
CA PRO FA 111 -104.90 -4.16 -41.54
C PRO FA 111 -106.33 -4.44 -42.05
N VAL FA 112 -106.50 -5.04 -43.22
CA VAL FA 112 -107.86 -5.22 -43.81
C VAL FA 112 -108.78 -6.08 -42.94
N ARG FA 113 -108.27 -7.17 -42.36
CA ARG FA 113 -109.15 -8.07 -41.58
C ARG FA 113 -109.77 -7.32 -40.40
N GLN FA 114 -109.01 -6.45 -39.76
CA GLN FA 114 -109.55 -5.64 -38.62
C GLN FA 114 -110.70 -4.76 -39.11
N ARG FA 115 -110.57 -4.18 -40.30
CA ARG FA 115 -111.64 -3.25 -40.75
C ARG FA 115 -112.94 -4.04 -40.87
N ILE FA 116 -112.91 -5.24 -41.44
CA ILE FA 116 -114.22 -5.93 -41.66
C ILE FA 116 -114.89 -6.20 -40.33
N VAL FA 117 -114.14 -6.70 -39.34
CA VAL FA 117 -114.76 -7.05 -38.03
C VAL FA 117 -115.26 -5.78 -37.36
N THR FA 118 -114.53 -4.67 -37.47
CA THR FA 118 -114.94 -3.43 -36.77
C THR FA 118 -116.30 -3.00 -37.30
N ASP FA 119 -116.51 -3.10 -38.62
CA ASP FA 119 -117.81 -2.73 -39.24
C ASP FA 119 -118.91 -3.66 -38.72
N LEU FA 120 -118.63 -4.96 -38.57
CA LEU FA 120 -119.65 -5.85 -37.98
C LEU FA 120 -119.97 -5.36 -36.57
N GLU FA 121 -118.96 -5.03 -35.76
CA GLU FA 121 -119.27 -4.63 -34.37
C GLU FA 121 -120.04 -3.31 -34.36
N THR FA 122 -119.62 -2.35 -35.18
CA THR FA 122 -120.28 -1.01 -35.18
C THR FA 122 -121.74 -1.16 -35.60
N GLU FA 123 -122.03 -1.98 -36.61
CA GLU FA 123 -123.43 -2.22 -37.02
C GLU FA 123 -124.21 -2.92 -35.91
N LEU FA 124 -123.59 -3.87 -35.22
CA LEU FA 124 -124.30 -4.52 -34.09
C LEU FA 124 -124.64 -3.41 -33.12
N ALA FA 125 -123.67 -2.53 -32.88
CA ALA FA 125 -123.94 -1.51 -31.86
C ALA FA 125 -125.06 -0.57 -32.30
N HIS FA 126 -125.06 -0.17 -33.57
CA HIS FA 126 -126.15 0.66 -34.09
C HIS FA 126 -127.49 -0.09 -34.01
N PHE FA 127 -127.47 -1.39 -34.29
CA PHE FA 127 -128.70 -2.17 -34.20
C PHE FA 127 -129.24 -2.19 -32.78
N MET FA 128 -128.35 -2.39 -31.80
CA MET FA 128 -128.77 -2.35 -30.41
C MET FA 128 -129.34 -0.98 -30.05
N MET FA 129 -128.66 0.08 -30.48
CA MET FA 129 -129.12 1.43 -30.16
C MET FA 129 -130.51 1.69 -30.74
N ASN FA 130 -130.75 1.25 -31.97
CA ASN FA 130 -132.04 1.48 -32.62
C ASN FA 130 -133.14 0.57 -32.09
N ASN FA 131 -132.82 -0.62 -31.58
CA ASN FA 131 -133.85 -1.56 -31.16
C ASN FA 131 -134.06 -1.60 -29.65
N GLY FA 132 -133.26 -0.90 -28.85
CA GLY FA 132 -133.52 -0.83 -27.44
C GLY FA 132 -134.79 -0.07 -27.14
N ALA FA 133 -135.36 -0.30 -25.95
CA ALA FA 133 -136.62 0.33 -25.57
C ALA FA 133 -136.67 0.89 -24.17
N LEU FA 134 -135.81 0.44 -23.24
CA LEU FA 134 -135.88 0.94 -21.88
C LEU FA 134 -135.04 2.21 -21.74
N SER FA 135 -135.30 2.95 -20.67
CA SER FA 135 -134.58 4.18 -20.40
C SER FA 135 -134.50 4.39 -18.90
N LEU FA 136 -133.47 5.15 -18.48
CA LEU FA 136 -133.25 5.45 -17.07
C LEU FA 136 -132.43 6.73 -16.97
N GLY FA 137 -132.85 7.61 -16.07
CA GLY FA 137 -132.11 8.83 -15.87
C GLY FA 137 -132.39 9.88 -16.94
N SER FA 138 -131.53 10.89 -16.98
CA SER FA 138 -131.66 11.99 -17.91
C SER FA 138 -130.34 12.20 -18.65
N PRO FA 139 -130.38 12.70 -19.89
CA PRO FA 139 -129.16 12.82 -20.68
C PRO FA 139 -128.37 14.09 -20.42
N ASN FA 140 -128.72 14.80 -19.35
CA ASN FA 140 -128.02 16.04 -19.00
C ASN FA 140 -127.17 15.91 -17.73
N THR FA 141 -127.08 14.72 -17.16
CA THR FA 141 -126.27 14.49 -15.97
C THR FA 141 -125.40 13.26 -16.21
N PRO FA 142 -124.09 13.37 -16.03
CA PRO FA 142 -123.21 12.20 -16.26
C PRO FA 142 -123.28 11.21 -15.11
N ILE FA 143 -122.77 10.01 -15.37
CA ILE FA 143 -122.70 8.98 -14.34
C ILE FA 143 -121.56 9.33 -13.39
N THR FA 144 -121.88 9.54 -12.12
CA THR FA 144 -120.89 9.97 -11.15
C THR FA 144 -120.98 9.28 -9.79
N LYS FA 145 -121.79 8.24 -9.64
CA LYS FA 145 -121.95 7.60 -8.34
C LYS FA 145 -122.43 6.17 -8.52
N TRP FA 146 -122.57 5.48 -7.39
CA TRP FA 146 -122.83 4.04 -7.40
C TRP FA 146 -124.29 3.73 -7.74
N SER FA 147 -125.22 4.56 -7.27
CA SER FA 147 -126.63 4.31 -7.55
C SER FA 147 -126.93 4.40 -9.04
N ASP FA 148 -126.19 5.25 -9.77
CA ASP FA 148 -126.41 5.40 -11.20
C ASP FA 148 -126.15 4.10 -11.96
N VAL FA 149 -125.35 3.20 -11.40
CA VAL FA 149 -125.09 1.91 -12.03
C VAL FA 149 -126.02 0.86 -11.42
N ALA FA 150 -126.22 0.94 -10.10
CA ALA FA 150 -127.06 -0.06 -9.43
C ALA FA 150 -128.50 -0.01 -9.91
N GLN FA 151 -128.95 1.15 -10.40
CA GLN FA 151 -130.34 1.28 -10.83
C GLN FA 151 -130.68 0.35 -11.99
N THR FA 152 -129.70 0.06 -12.86
CA THR FA 152 -129.97 -0.82 -13.99
C THR FA 152 -130.29 -2.24 -13.53
N ALA FA 153 -129.43 -2.79 -12.65
CA ALA FA 153 -129.69 -4.12 -12.12
C ALA FA 153 -130.98 -4.15 -11.31
N SER FA 154 -131.24 -3.09 -10.55
CA SER FA 154 -132.47 -3.04 -9.77
C SER FA 154 -133.70 -3.06 -10.68
N PHE FA 155 -133.66 -2.29 -11.77
CA PHE FA 155 -134.78 -2.24 -12.70
C PHE FA 155 -134.98 -3.58 -13.39
N LEU FA 156 -133.89 -4.23 -13.83
CA LEU FA 156 -134.03 -5.54 -14.45
C LEU FA 156 -134.61 -6.55 -13.48
N LYS FA 157 -134.16 -6.54 -12.22
CA LYS FA 157 -134.71 -7.46 -11.23
C LYS FA 157 -136.19 -7.18 -10.99
N ASP FA 158 -136.58 -5.90 -10.95
CA ASP FA 158 -137.97 -5.56 -10.64
C ASP FA 158 -138.89 -5.95 -11.80
N LEU FA 159 -138.41 -5.80 -13.04
CA LEU FA 159 -139.25 -6.14 -14.18
C LEU FA 159 -139.61 -7.61 -14.19
N GLY FA 160 -138.64 -8.48 -13.89
CA GLY FA 160 -138.93 -9.90 -13.77
C GLY FA 160 -138.13 -10.80 -14.68
N VAL FA 161 -136.96 -10.34 -15.12
CA VAL FA 161 -136.12 -11.17 -15.98
C VAL FA 161 -135.35 -12.18 -15.13
N ASN FA 162 -135.19 -13.39 -15.66
CA ASN FA 162 -134.55 -14.47 -14.90
C ASN FA 162 -133.43 -15.19 -15.61
N GLU FA 163 -133.45 -15.32 -16.93
CA GLU FA 163 -132.50 -16.14 -17.65
C GLU FA 163 -131.40 -15.28 -18.25
N GLY FA 164 -130.21 -15.86 -18.37
CA GLY FA 164 -129.06 -15.15 -18.91
C GLY FA 164 -128.39 -14.27 -17.89
N GLU FA 165 -127.45 -13.47 -18.39
CA GLU FA 165 -126.69 -12.55 -17.57
C GLU FA 165 -126.93 -11.11 -18.04
N ASN FA 166 -126.92 -10.19 -17.09
CA ASN FA 166 -127.07 -8.77 -17.40
C ASN FA 166 -125.71 -8.13 -17.62
N TYR FA 167 -125.64 -7.24 -18.61
CA TYR FA 167 -124.39 -6.56 -18.94
C TYR FA 167 -124.66 -5.08 -19.09
N ALA FA 168 -123.64 -4.28 -18.77
CA ALA FA 168 -123.67 -2.84 -18.99
C ALA FA 168 -122.33 -2.42 -19.58
N VAL FA 169 -122.35 -1.51 -20.53
CA VAL FA 169 -121.15 -1.08 -21.25
C VAL FA 169 -120.85 0.36 -20.89
N MET FA 170 -119.58 0.65 -20.60
CA MET FA 170 -119.17 1.97 -20.16
C MET FA 170 -117.96 2.45 -20.97
N ASP FA 171 -117.83 3.77 -21.06
CA ASP FA 171 -116.73 4.40 -21.78
C ASP FA 171 -115.64 4.81 -20.80
N PRO FA 172 -114.44 5.17 -21.30
CA PRO FA 172 -113.34 5.51 -20.38
C PRO FA 172 -113.65 6.65 -19.43
N TRP FA 173 -114.41 7.67 -19.86
CA TRP FA 173 -114.70 8.79 -18.97
C TRP FA 173 -115.56 8.36 -17.79
N SER FA 174 -116.64 7.63 -18.06
CA SER FA 174 -117.47 7.14 -16.99
C SER FA 174 -116.72 6.14 -16.12
N ALA FA 175 -115.82 5.36 -16.73
CA ALA FA 175 -114.99 4.44 -15.95
C ALA FA 175 -114.11 5.20 -14.96
N GLN FA 176 -113.47 6.27 -15.41
CA GLN FA 176 -112.61 7.02 -14.50
C GLN FA 176 -113.42 7.75 -13.44
N ARG FA 177 -114.65 8.17 -13.77
CA ARG FA 177 -115.48 8.81 -12.76
C ARG FA 177 -115.92 7.81 -11.71
N LEU FA 178 -116.27 6.58 -12.13
CA LEU FA 178 -116.58 5.53 -11.17
C LEU FA 178 -115.37 5.19 -10.30
N ALA FA 179 -114.18 5.17 -10.90
CA ALA FA 179 -112.97 4.94 -10.11
C ALA FA 179 -112.75 6.06 -9.10
N ASP FA 180 -113.00 7.31 -9.51
CA ASP FA 180 -112.86 8.43 -8.58
C ASP FA 180 -113.85 8.31 -7.44
N ALA FA 181 -115.08 7.87 -7.72
CA ALA FA 181 -116.04 7.62 -6.65
C ALA FA 181 -115.57 6.50 -5.74
N GLN FA 182 -114.97 5.45 -6.32
CA GLN FA 182 -114.51 4.31 -5.54
C GLN FA 182 -113.33 4.67 -4.64
N THR FA 183 -112.51 5.63 -5.05
CA THR FA 183 -111.36 6.04 -4.25
C THR FA 183 -111.76 6.56 -2.87
N GLY FA 184 -113.01 6.96 -2.70
CA GLY FA 184 -113.50 7.52 -1.45
C GLY FA 184 -114.01 6.50 -0.44
N LEU FA 185 -113.78 5.21 -0.67
CA LEU FA 185 -114.21 4.19 0.28
C LEU FA 185 -113.46 4.34 1.59
N HIS FA 186 -114.11 3.93 2.68
CA HIS FA 186 -113.59 4.18 4.01
C HIS FA 186 -113.09 2.92 4.73
N ALA FA 187 -113.36 1.73 4.22
CA ALA FA 187 -113.01 0.51 4.93
C ALA FA 187 -112.01 -0.37 4.20
N SER FA 188 -112.31 -0.74 2.96
CA SER FA 188 -111.51 -1.72 2.24
C SER FA 188 -110.30 -1.06 1.59
N ASP FA 189 -109.17 -1.76 1.66
CA ASP FA 189 -107.91 -1.22 1.15
C ASP FA 189 -107.61 -1.63 -0.28
N GLN FA 190 -107.98 -2.86 -0.69
CA GLN FA 190 -107.65 -3.33 -2.02
C GLN FA 190 -108.33 -2.48 -3.10
N LEU FA 191 -109.62 -2.21 -2.93
CA LEU FA 191 -110.34 -1.42 -3.93
C LEU FA 191 -109.81 0.00 -4.01
N VAL FA 192 -109.54 0.61 -2.85
CA VAL FA 192 -109.01 1.97 -2.84
C VAL FA 192 -107.64 2.01 -3.51
N ARG FA 193 -106.77 1.04 -3.20
CA ARG FA 193 -105.45 1.03 -3.79
C ARG FA 193 -105.52 0.85 -5.30
N THR FA 194 -106.34 -0.08 -5.78
CA THR FA 194 -106.40 -0.32 -7.21
C THR FA 194 -107.02 0.86 -7.96
N ALA FA 195 -108.01 1.52 -7.35
CA ALA FA 195 -108.61 2.68 -8.00
C ALA FA 195 -107.65 3.86 -8.03
N TRP FA 196 -106.91 4.07 -6.94
CA TRP FA 196 -105.90 5.14 -6.92
C TRP FA 196 -104.76 4.84 -7.88
N GLU FA 197 -104.38 3.57 -8.02
CA GLU FA 197 -103.19 3.20 -8.77
C GLU FA 197 -103.47 3.13 -10.27
N ASN FA 198 -104.39 2.24 -10.68
CA ASN FA 198 -104.67 2.00 -12.08
C ASN FA 198 -106.03 2.49 -12.55
N ALA FA 199 -106.88 2.97 -11.63
CA ALA FA 199 -108.22 3.47 -11.97
C ALA FA 199 -109.05 2.42 -12.71
N GLN FA 200 -109.02 1.19 -12.22
CA GLN FA 200 -109.79 0.09 -12.80
C GLN FA 200 -110.85 -0.36 -11.82
N ILE FA 201 -112.10 -0.36 -12.27
CA ILE FA 201 -113.24 -0.80 -11.45
C ILE FA 201 -113.31 -2.32 -11.48
N PRO FA 202 -113.92 -2.97 -10.48
CA PRO FA 202 -113.99 -4.43 -10.49
C PRO FA 202 -114.89 -4.97 -11.60
N THR FA 203 -114.98 -6.30 -11.71
CA THR FA 203 -115.78 -6.91 -12.76
C THR FA 203 -117.27 -6.71 -12.51
N ASN FA 204 -117.75 -7.14 -11.35
CA ASN FA 204 -119.16 -6.96 -10.98
C ASN FA 204 -119.29 -5.69 -10.16
N PHE FA 205 -119.97 -4.69 -10.73
CA PHE FA 205 -120.16 -3.40 -10.08
C PHE FA 205 -121.65 -3.17 -9.89
N GLY FA 206 -122.07 -2.99 -8.64
CA GLY FA 206 -123.49 -2.76 -8.36
C GLY FA 206 -124.39 -3.90 -8.73
N GLY FA 207 -123.95 -5.14 -8.51
CA GLY FA 207 -124.75 -6.30 -8.83
C GLY FA 207 -125.01 -6.49 -10.30
N ILE FA 208 -124.07 -6.10 -11.16
CA ILE FA 208 -124.20 -6.26 -12.60
C ILE FA 208 -122.81 -6.28 -13.21
N ARG FA 209 -122.67 -6.91 -14.38
CA ARG FA 209 -121.38 -7.00 -15.06
C ARG FA 209 -121.14 -5.72 -15.83
N ALA FA 210 -119.93 -5.17 -15.70
CA ALA FA 210 -119.54 -3.93 -16.35
C ALA FA 210 -118.42 -4.21 -17.34
N LEU FA 211 -118.57 -3.70 -18.56
CA LEU FA 211 -117.59 -3.89 -19.62
C LEU FA 211 -117.05 -2.55 -20.09
N MET FA 212 -115.73 -2.40 -20.05
CA MET FA 212 -115.06 -1.18 -20.47
C MET FA 212 -114.66 -1.31 -21.93
N SER FA 213 -115.08 -0.34 -22.75
CA SER FA 213 -114.77 -0.35 -24.17
C SER FA 213 -114.93 1.06 -24.72
N ASN FA 214 -113.99 1.47 -25.58
CA ASN FA 214 -114.08 2.75 -26.25
C ASN FA 214 -114.79 2.68 -27.60
N GLY FA 215 -115.08 1.48 -28.09
CA GLY FA 215 -115.79 1.33 -29.34
C GLY FA 215 -117.29 1.24 -29.14
N LEU FA 216 -117.99 2.35 -29.33
CA LEU FA 216 -119.43 2.42 -29.11
C LEU FA 216 -120.01 3.50 -30.00
N ALA FA 217 -121.23 3.25 -30.49
CA ALA FA 217 -121.82 4.14 -31.47
C ALA FA 217 -122.27 5.46 -30.83
N SER FA 218 -122.26 6.51 -31.65
CA SER FA 218 -122.71 7.83 -31.25
C SER FA 218 -123.79 8.31 -32.20
N ARG FA 219 -124.62 9.24 -31.75
CA ARG FA 219 -125.76 9.68 -32.55
C ARG FA 219 -126.07 11.14 -32.28
N THR FA 220 -126.69 11.77 -33.26
CA THR FA 220 -127.14 13.15 -33.16
C THR FA 220 -128.61 13.18 -32.75
N GLN FA 221 -128.98 14.15 -31.92
CA GLN FA 221 -130.31 14.13 -31.31
C GLN FA 221 -131.40 14.41 -32.34
N GLY FA 222 -131.20 15.38 -33.22
CA GLY FA 222 -132.24 15.77 -34.16
C GLY FA 222 -133.11 16.88 -33.62
N ALA FA 223 -133.28 17.94 -34.39
CA ALA FA 223 -133.92 19.16 -33.89
C ALA FA 223 -135.43 18.97 -33.73
N PHE FA 224 -135.93 19.34 -32.56
CA PHE FA 224 -137.36 19.33 -32.29
C PHE FA 224 -137.67 20.47 -31.31
N GLY FA 225 -138.92 20.55 -30.89
CA GLY FA 225 -139.34 21.59 -29.98
C GLY FA 225 -140.85 21.69 -29.91
N GLY FA 226 -141.32 22.40 -28.91
CA GLY FA 226 -142.76 22.52 -28.70
C GLY FA 226 -143.32 21.39 -27.86
N THR FA 227 -144.60 21.53 -27.51
CA THR FA 227 -145.28 20.50 -26.74
C THR FA 227 -145.82 19.43 -27.69
N LEU FA 228 -145.63 18.16 -27.33
CA LEU FA 228 -146.06 17.04 -28.14
C LEU FA 228 -147.14 16.25 -27.43
N THR FA 229 -148.27 16.05 -28.11
CA THR FA 229 -149.36 15.24 -27.61
C THR FA 229 -149.85 14.33 -28.73
N VAL FA 230 -150.42 13.18 -28.33
CA VAL FA 230 -150.95 12.26 -29.33
C VAL FA 230 -152.19 12.86 -29.98
N LYS FA 231 -152.44 12.42 -31.21
CA LYS FA 231 -153.54 12.95 -32.02
C LYS FA 231 -154.67 11.96 -32.24
N THR FA 232 -154.37 10.72 -32.60
CA THR FA 232 -155.38 9.69 -32.78
C THR FA 232 -154.99 8.47 -31.95
N GLN FA 233 -156.00 7.76 -31.47
CA GLN FA 233 -155.76 6.61 -30.62
C GLN FA 233 -155.08 5.49 -31.41
N PRO FA 234 -153.95 4.97 -30.94
CA PRO FA 234 -153.25 3.91 -31.67
C PRO FA 234 -153.91 2.56 -31.41
N THR FA 235 -153.29 1.52 -31.96
CA THR FA 235 -153.74 0.14 -31.79
C THR FA 235 -152.61 -0.64 -31.14
N VAL FA 236 -152.78 -1.00 -29.87
CA VAL FA 236 -151.74 -1.66 -29.10
C VAL FA 236 -152.24 -3.00 -28.59
N THR FA 237 -153.13 -3.64 -29.34
CA THR FA 237 -153.64 -4.95 -28.96
C THR FA 237 -152.68 -6.05 -29.41
N TYR FA 238 -152.70 -7.16 -28.66
CA TYR FA 238 -151.76 -8.24 -28.94
C TYR FA 238 -152.01 -8.83 -30.32
N ASN FA 239 -153.28 -8.93 -30.73
CA ASN FA 239 -153.59 -9.46 -32.05
C ASN FA 239 -152.99 -8.64 -33.17
N ALA FA 240 -152.62 -7.39 -32.91
CA ALA FA 240 -151.99 -6.52 -33.90
C ALA FA 240 -150.49 -6.41 -33.74
N VAL FA 241 -149.98 -6.46 -32.51
CA VAL FA 241 -148.55 -6.27 -32.26
C VAL FA 241 -147.85 -7.58 -31.90
N LYS FA 242 -148.45 -8.72 -32.19
CA LYS FA 242 -147.87 -9.99 -31.79
C LYS FA 242 -146.73 -10.45 -32.68
N ASP FA 243 -146.32 -9.73 -33.73
CA ASP FA 243 -145.27 -10.23 -34.62
C ASP FA 243 -144.05 -9.32 -34.74
N SER FA 244 -144.11 -8.08 -34.28
CA SER FA 244 -142.98 -7.17 -34.39
C SER FA 244 -142.66 -6.40 -33.12
N TYR FA 245 -143.60 -6.26 -32.19
CA TYR FA 245 -143.40 -5.48 -30.96
C TYR FA 245 -143.07 -4.02 -31.27
N GLN FA 246 -143.45 -3.54 -32.46
CA GLN FA 246 -143.33 -2.15 -32.83
C GLN FA 246 -144.67 -1.64 -33.33
N PHE FA 247 -144.94 -0.36 -33.11
CA PHE FA 247 -146.21 0.21 -33.52
C PHE FA 247 -145.97 1.60 -34.11
N THR FA 248 -147.04 2.21 -34.62
CA THR FA 248 -146.96 3.49 -35.31
C THR FA 248 -147.93 4.45 -34.66
N VAL FA 249 -147.46 5.66 -34.34
CA VAL FA 249 -148.30 6.65 -33.66
C VAL FA 249 -148.08 8.02 -34.31
N THR FA 250 -149.14 8.82 -34.29
CA THR FA 250 -149.10 10.19 -34.80
C THR FA 250 -149.25 11.18 -33.64
N LEU FA 251 -148.48 12.25 -33.70
CA LEU FA 251 -148.41 13.25 -32.64
C LEU FA 251 -148.64 14.62 -33.25
N THR FA 252 -149.21 15.52 -32.45
CA THR FA 252 -149.47 16.89 -32.87
C THR FA 252 -148.68 17.87 -32.01
N GLY FA 253 -148.81 19.15 -32.34
CA GLY FA 253 -148.14 20.20 -31.59
C GLY FA 253 -146.71 20.46 -31.99
N ALA FA 254 -146.24 19.91 -33.10
CA ALA FA 254 -144.86 20.11 -33.52
C ALA FA 254 -144.69 21.48 -34.19
N THR FA 255 -143.49 21.73 -34.67
CA THR FA 255 -143.18 22.98 -35.35
C THR FA 255 -143.81 23.01 -36.74
N ALA FA 256 -143.53 24.08 -37.48
CA ALA FA 256 -144.15 24.28 -38.79
C ALA FA 256 -143.77 23.18 -39.77
N SER FA 257 -142.51 23.12 -40.14
CA SER FA 257 -142.03 22.07 -41.05
C SER FA 257 -140.51 21.96 -40.89
N VAL FA 258 -140.05 20.89 -40.27
CA VAL FA 258 -138.63 20.66 -40.06
C VAL FA 258 -138.28 19.28 -40.59
N THR FA 259 -137.29 19.22 -41.48
CA THR FA 259 -136.78 17.94 -41.94
C THR FA 259 -135.92 17.31 -40.86
N GLY FA 260 -136.05 15.99 -40.72
CA GLY FA 260 -135.35 15.30 -39.66
C GLY FA 260 -135.79 15.75 -38.29
N PHE FA 261 -137.11 15.86 -38.09
CA PHE FA 261 -137.65 16.30 -36.80
C PHE FA 261 -137.26 15.33 -35.70
N LEU FA 262 -137.35 14.03 -35.97
CA LEU FA 262 -136.93 13.00 -35.04
C LEU FA 262 -136.03 12.02 -35.78
N LYS FA 263 -134.87 11.73 -35.21
CA LYS FA 263 -133.93 10.80 -35.81
C LYS FA 263 -133.94 9.48 -35.05
N ALA FA 264 -133.33 8.47 -35.66
CA ALA FA 264 -133.30 7.14 -35.06
C ALA FA 264 -132.54 7.17 -33.75
N GLY FA 265 -133.05 6.43 -32.76
CA GLY FA 265 -132.48 6.38 -31.45
C GLY FA 265 -133.08 7.35 -30.45
N ASP FA 266 -133.92 8.28 -30.90
CA ASP FA 266 -134.59 9.19 -29.99
C ASP FA 266 -135.57 8.42 -29.11
N GLN FA 267 -135.83 8.95 -27.93
CA GLN FA 267 -136.70 8.29 -26.96
C GLN FA 267 -137.85 9.19 -26.55
N VAL FA 268 -139.05 8.62 -26.57
CA VAL FA 268 -140.28 9.32 -26.23
C VAL FA 268 -140.86 8.66 -24.99
N LYS FA 269 -141.19 9.49 -23.99
CA LYS FA 269 -141.73 9.05 -22.72
C LYS FA 269 -143.19 9.42 -22.62
N PHE FA 270 -144.03 8.44 -22.28
CA PHE FA 270 -145.45 8.66 -22.03
C PHE FA 270 -145.63 8.87 -20.54
N THR FA 271 -145.99 10.09 -20.15
CA THR FA 271 -145.97 10.46 -18.73
C THR FA 271 -147.02 9.71 -17.93
N ASN FA 272 -148.26 9.67 -18.41
CA ASN FA 272 -149.40 9.18 -17.65
C ASN FA 272 -149.69 7.71 -17.91
N THR FA 273 -148.66 6.92 -18.20
CA THR FA 273 -148.86 5.52 -18.57
C THR FA 273 -147.68 4.71 -18.05
N TYR FA 274 -147.92 3.91 -17.01
CA TYR FA 274 -146.86 3.33 -16.19
C TYR FA 274 -146.55 1.89 -16.58
N TRP FA 275 -145.32 1.48 -16.26
CA TRP FA 275 -144.89 0.10 -16.45
C TRP FA 275 -145.55 -0.84 -15.46
N LEU FA 276 -145.63 -2.11 -15.85
CA LEU FA 276 -146.11 -3.18 -14.99
C LEU FA 276 -145.12 -4.34 -15.01
N GLN FA 277 -145.06 -5.08 -13.90
CA GLN FA 277 -144.31 -6.32 -13.88
C GLN FA 277 -145.02 -7.35 -14.76
N GLN FA 278 -144.27 -7.99 -15.65
CA GLN FA 278 -144.84 -8.83 -16.69
C GLN FA 278 -145.34 -10.17 -16.17
N GLN FA 279 -145.33 -10.40 -14.87
CA GLN FA 279 -145.85 -11.64 -14.32
C GLN FA 279 -146.91 -11.41 -13.25
N THR FA 280 -146.80 -10.35 -12.47
CA THR FA 280 -147.75 -10.04 -11.42
C THR FA 280 -148.78 -9.00 -11.83
N LYS FA 281 -148.50 -8.21 -12.86
CA LYS FA 281 -149.40 -7.18 -13.37
C LYS FA 281 -149.68 -6.11 -12.31
N GLN FA 282 -148.65 -5.75 -11.56
CA GLN FA 282 -148.72 -4.66 -10.59
C GLN FA 282 -147.76 -3.56 -11.04
N ALA FA 283 -148.21 -2.31 -10.90
CA ALA FA 283 -147.43 -1.17 -11.37
C ALA FA 283 -146.11 -1.07 -10.60
N LEU FA 284 -145.10 -0.53 -11.27
CA LEU FA 284 -143.76 -0.40 -10.71
C LEU FA 284 -143.61 1.00 -10.10
N TYR FA 285 -143.29 1.05 -8.82
CA TYR FA 285 -143.11 2.31 -8.10
C TYR FA 285 -141.75 2.30 -7.42
N ASN FA 286 -140.95 3.33 -7.69
CA ASN FA 286 -139.69 3.56 -6.98
C ASN FA 286 -139.99 4.50 -5.82
N GLY FA 287 -140.18 3.93 -4.63
CA GLY FA 287 -140.63 4.73 -3.52
C GLY FA 287 -142.08 5.16 -3.72
N ALA FA 288 -142.28 6.45 -4.01
CA ALA FA 288 -143.60 6.96 -4.33
C ALA FA 288 -143.67 7.53 -5.74
N THR FA 289 -142.67 7.26 -6.58
CA THR FA 289 -142.61 7.81 -7.93
C THR FA 289 -142.82 6.70 -8.96
N PRO FA 290 -143.86 6.75 -9.78
CA PRO FA 290 -144.08 5.68 -10.76
C PRO FA 290 -143.05 5.72 -11.88
N ILE FA 291 -142.90 4.58 -12.55
CA ILE FA 291 -142.02 4.47 -13.71
C ILE FA 291 -142.87 4.67 -14.96
N SER FA 292 -142.41 5.55 -15.86
CA SER FA 292 -143.16 5.89 -17.05
C SER FA 292 -142.66 5.12 -18.26
N PHE FA 293 -143.58 4.78 -19.16
CA PHE FA 293 -143.24 4.02 -20.36
C PHE FA 293 -142.38 4.85 -21.31
N THR FA 294 -141.41 4.20 -21.93
CA THR FA 294 -140.53 4.85 -22.90
C THR FA 294 -140.43 3.98 -24.14
N ALA FA 295 -140.26 4.64 -25.29
CA ALA FA 295 -140.15 3.96 -26.57
C ALA FA 295 -139.08 4.64 -27.41
N THR FA 296 -138.57 3.92 -28.39
CA THR FA 296 -137.47 4.37 -29.22
C THR FA 296 -137.91 4.51 -30.67
N VAL FA 297 -137.50 5.60 -31.31
CA VAL FA 297 -137.83 5.82 -32.71
C VAL FA 297 -136.91 4.98 -33.59
N THR FA 298 -137.52 4.22 -34.51
CA THR FA 298 -136.75 3.31 -35.36
C THR FA 298 -136.25 4.00 -36.62
N ALA FA 299 -137.11 4.74 -37.29
CA ALA FA 299 -136.79 5.37 -38.56
C ALA FA 299 -137.00 6.88 -38.46
N ASP FA 300 -136.26 7.60 -39.30
CA ASP FA 300 -136.31 9.06 -39.27
C ASP FA 300 -137.68 9.58 -39.67
N ALA FA 301 -138.14 10.62 -38.98
CA ALA FA 301 -139.43 11.23 -39.26
C ALA FA 301 -139.29 12.74 -39.28
N ASN FA 302 -140.10 13.39 -40.11
CA ASN FA 302 -140.09 14.83 -40.27
C ASN FA 302 -141.50 15.38 -40.17
N SER FA 303 -141.59 16.65 -39.81
CA SER FA 303 -142.87 17.29 -39.54
C SER FA 303 -143.39 18.01 -40.78
N ASP FA 304 -144.63 17.72 -41.14
CA ASP FA 304 -145.32 18.41 -42.22
C ASP FA 304 -145.99 19.68 -41.69
N SER FA 305 -146.61 20.42 -42.60
CA SER FA 305 -147.32 21.63 -42.20
C SER FA 305 -148.46 21.28 -41.26
N GLY FA 306 -148.62 22.07 -40.21
CA GLY FA 306 -149.59 21.81 -39.18
C GLY FA 306 -149.05 21.15 -37.93
N GLY FA 307 -147.75 20.86 -37.87
CA GLY FA 307 -147.14 20.29 -36.69
C GLY FA 307 -147.59 18.89 -36.34
N ASP FA 308 -147.68 18.02 -37.35
CA ASP FA 308 -148.05 16.62 -37.15
C ASP FA 308 -146.88 15.74 -37.56
N VAL FA 309 -146.52 14.78 -36.71
CA VAL FA 309 -145.42 13.86 -36.98
C VAL FA 309 -145.93 12.43 -36.80
N THR FA 310 -145.70 11.60 -37.81
CA THR FA 310 -146.02 10.18 -37.74
C THR FA 310 -144.73 9.41 -37.56
N VAL FA 311 -144.64 8.62 -36.49
CA VAL FA 311 -143.41 7.94 -36.14
C VAL FA 311 -143.70 6.47 -35.89
N THR FA 312 -142.67 5.65 -36.02
CA THR FA 312 -142.73 4.24 -35.66
C THR FA 312 -141.84 3.99 -34.45
N LEU FA 313 -142.44 3.46 -33.39
CA LEU FA 313 -141.77 3.25 -32.12
C LEU FA 313 -141.59 1.77 -31.84
N SER FA 314 -140.39 1.41 -31.40
CA SER FA 314 -140.08 0.05 -30.95
C SER FA 314 -140.41 -0.06 -29.47
N GLY FA 315 -141.01 -1.18 -29.08
CA GLY FA 315 -141.51 -1.33 -27.73
C GLY FA 315 -142.98 -0.96 -27.68
N VAL FA 316 -143.84 -1.92 -27.36
CA VAL FA 316 -145.28 -1.74 -27.48
C VAL FA 316 -145.94 -1.74 -26.10
N PRO FA 317 -146.79 -0.76 -25.80
CA PRO FA 317 -147.55 -0.77 -24.53
C PRO FA 317 -148.86 -1.53 -24.68
N ILE FA 318 -148.76 -2.86 -24.59
CA ILE FA 318 -149.90 -3.72 -24.82
C ILE FA 318 -150.93 -3.53 -23.71
N TYR FA 319 -152.16 -3.25 -24.10
CA TYR FA 319 -153.28 -3.19 -23.15
C TYR FA 319 -154.52 -3.66 -23.92
N ASP FA 320 -154.83 -4.94 -23.80
CA ASP FA 320 -155.94 -5.56 -24.51
C ASP FA 320 -157.09 -5.77 -23.55
N THR FA 321 -158.27 -5.26 -23.92
CA THR FA 321 -159.44 -5.36 -23.07
C THR FA 321 -160.16 -6.70 -23.19
N THR FA 322 -159.87 -7.49 -24.22
CA THR FA 322 -160.46 -8.80 -24.36
C THR FA 322 -159.46 -9.94 -24.17
N ASN FA 323 -158.17 -9.64 -24.16
CA ASN FA 323 -157.12 -10.60 -23.85
C ASN FA 323 -156.21 -10.00 -22.79
N PRO FA 324 -156.68 -9.94 -21.54
CA PRO FA 324 -155.91 -9.27 -20.48
C PRO FA 324 -154.68 -10.04 -20.01
N GLN FA 325 -154.43 -11.24 -20.55
CA GLN FA 325 -153.27 -12.02 -20.12
C GLN FA 325 -151.97 -11.29 -20.46
N TYR FA 326 -151.93 -10.64 -21.62
CA TYR FA 326 -150.70 -10.07 -22.16
C TYR FA 326 -150.57 -8.58 -21.89
N ASN FA 327 -151.35 -8.04 -20.95
CA ASN FA 327 -151.19 -6.64 -20.57
C ASN FA 327 -149.78 -6.38 -20.07
N SER FA 328 -149.17 -5.32 -20.57
CA SER FA 328 -147.82 -4.95 -20.16
C SER FA 328 -147.71 -3.49 -19.75
N VAL FA 329 -148.83 -2.84 -19.44
CA VAL FA 329 -148.83 -1.42 -19.15
C VAL FA 329 -150.12 -1.08 -18.43
N SER FA 330 -150.15 0.04 -17.71
CA SER FA 330 -151.24 0.34 -16.79
C SER FA 330 -152.53 0.78 -17.47
N ARG FA 331 -152.45 1.45 -18.63
CA ARG FA 331 -153.66 1.95 -19.27
C ARG FA 331 -153.37 2.16 -20.76
N GLN FA 332 -154.43 2.48 -21.49
CA GLN FA 332 -154.31 2.70 -22.93
C GLN FA 332 -153.92 4.14 -23.21
N VAL FA 333 -153.22 4.34 -24.33
CA VAL FA 333 -152.74 5.65 -24.73
C VAL FA 333 -153.89 6.32 -25.47
N GLU FA 334 -154.74 7.00 -24.71
CA GLU FA 334 -155.86 7.73 -25.29
C GLU FA 334 -155.38 9.02 -25.94
N ALA FA 335 -156.24 9.60 -26.76
CA ALA FA 335 -155.91 10.85 -27.44
C ALA FA 335 -155.74 11.97 -26.43
N GLY FA 336 -154.79 12.86 -26.69
CA GLY FA 336 -154.54 14.00 -25.84
C GLY FA 336 -153.56 13.76 -24.71
N ASP FA 337 -153.10 12.53 -24.52
CA ASP FA 337 -152.12 12.26 -23.47
C ASP FA 337 -150.81 12.95 -23.76
N ALA FA 338 -150.28 13.65 -22.76
CA ALA FA 338 -149.03 14.39 -22.92
C ALA FA 338 -147.85 13.43 -22.98
N VAL FA 339 -146.96 13.67 -23.93
CA VAL FA 339 -145.73 12.90 -24.08
C VAL FA 339 -144.55 13.87 -24.10
N SER FA 340 -143.37 13.34 -23.83
CA SER FA 340 -142.15 14.14 -23.80
C SER FA 340 -141.07 13.43 -24.59
N VAL FA 341 -140.06 14.21 -24.98
CA VAL FA 341 -138.90 13.69 -25.71
C VAL FA 341 -137.68 13.82 -24.80
N VAL FA 342 -136.95 12.72 -24.64
CA VAL FA 342 -135.79 12.69 -23.74
C VAL FA 342 -134.57 13.13 -24.55
N GLY FA 343 -134.01 14.27 -24.20
CA GLY FA 343 -132.81 14.75 -24.86
C GLY FA 343 -132.73 16.28 -24.86
N THR FA 344 -132.09 16.80 -25.90
CA THR FA 344 -131.88 18.24 -26.06
C THR FA 344 -132.19 18.56 -27.53
N ALA FA 345 -131.90 19.78 -27.95
CA ALA FA 345 -132.25 20.21 -29.30
C ALA FA 345 -131.53 19.41 -30.38
N SER FA 346 -130.20 19.57 -30.50
CA SER FA 346 -129.48 18.92 -31.58
C SER FA 346 -128.09 18.44 -31.21
N GLN FA 347 -127.82 18.13 -29.94
CA GLN FA 347 -126.48 17.75 -29.55
C GLN FA 347 -126.14 16.34 -30.01
N THR FA 348 -124.84 16.07 -30.12
CA THR FA 348 -124.35 14.72 -30.35
C THR FA 348 -124.06 14.05 -29.01
N MET FA 349 -124.30 12.75 -28.95
CA MET FA 349 -124.25 12.05 -27.68
C MET FA 349 -123.93 10.58 -27.91
N LYS FA 350 -123.31 9.97 -26.90
CA LYS FA 350 -122.89 8.57 -26.94
C LYS FA 350 -123.48 7.87 -25.72
N PRO FA 351 -124.72 7.43 -25.82
CA PRO FA 351 -125.38 6.82 -24.65
C PRO FA 351 -124.74 5.52 -24.23
N ASN FA 352 -124.89 5.20 -22.96
CA ASN FA 352 -124.45 3.93 -22.39
C ASN FA 352 -125.55 2.89 -22.60
N LEU FA 353 -125.16 1.63 -22.66
CA LEU FA 353 -126.09 0.55 -22.93
C LEU FA 353 -126.11 -0.46 -21.79
N PHE FA 354 -127.29 -1.00 -21.53
CA PHE FA 354 -127.47 -2.11 -20.60
C PHE FA 354 -128.48 -3.08 -21.19
N TYR FA 355 -128.18 -4.38 -21.10
CA TYR FA 355 -129.02 -5.35 -21.77
C TYR FA 355 -128.83 -6.72 -21.13
N ASN FA 356 -129.86 -7.55 -21.26
CA ASN FA 356 -129.78 -8.93 -20.82
C ASN FA 356 -129.12 -9.80 -21.91
N LYS FA 357 -128.88 -11.06 -21.56
CA LYS FA 357 -128.20 -11.96 -22.49
C LYS FA 357 -129.01 -12.18 -23.76
N PHE FA 358 -130.32 -12.34 -23.62
CA PHE FA 358 -131.20 -12.69 -24.73
C PHE FA 358 -131.91 -11.48 -25.33
N PHE FA 359 -131.24 -10.33 -25.37
CA PHE FA 359 -131.85 -9.14 -25.96
C PHE FA 359 -131.72 -9.14 -27.49
N CYS FA 360 -130.57 -9.52 -28.03
CA CYS FA 360 -130.38 -9.63 -29.46
C CYS FA 360 -129.55 -10.87 -29.76
N GLY FA 361 -129.33 -11.13 -31.04
CA GLY FA 361 -128.53 -12.26 -31.47
C GLY FA 361 -127.63 -11.86 -32.62
N LEU FA 362 -126.83 -12.82 -33.08
CA LEU FA 362 -125.89 -12.57 -34.17
C LEU FA 362 -125.54 -13.89 -34.82
N GLY FA 363 -125.22 -13.85 -36.12
CA GLY FA 363 -124.79 -15.07 -36.82
C GLY FA 363 -124.08 -14.73 -38.11
N SER FA 364 -123.27 -15.65 -38.64
CA SER FA 364 -122.59 -15.42 -39.93
C SER FA 364 -123.01 -16.51 -40.92
N ILE FA 365 -123.37 -16.13 -42.14
CA ILE FA 365 -123.87 -17.12 -43.13
C ILE FA 365 -122.68 -17.54 -44.02
N PRO FA 366 -122.34 -18.83 -44.16
CA PRO FA 366 -121.18 -19.22 -44.94
C PRO FA 366 -121.35 -18.79 -46.40
N LEU FA 367 -120.27 -18.36 -47.07
CA LEU FA 367 -120.36 -17.83 -48.46
C LEU FA 367 -119.62 -18.75 -49.44
N PRO FA 368 -120.21 -19.14 -50.59
CA PRO FA 368 -119.58 -20.07 -51.52
C PRO FA 368 -118.44 -19.49 -52.37
N LYS FA 369 -117.59 -20.35 -52.95
CA LYS FA 369 -116.45 -19.91 -53.81
C LYS FA 369 -116.92 -19.69 -55.27
N LEU FA 370 -116.53 -18.59 -55.91
CA LEU FA 370 -116.88 -18.33 -57.33
C LEU FA 370 -116.08 -19.27 -58.24
N HIS FA 371 -116.68 -19.77 -59.33
CA HIS FA 371 -116.02 -20.78 -60.21
C HIS FA 371 -114.87 -20.14 -60.99
N SER FA 372 -113.75 -20.84 -61.15
CA SER FA 372 -112.60 -20.38 -61.97
C SER FA 372 -111.85 -19.19 -61.39
N ILE FA 373 -112.06 -18.86 -60.11
CA ILE FA 373 -111.32 -17.74 -59.45
C ILE FA 373 -110.70 -18.33 -58.18
N ASP FA 374 -109.42 -18.08 -57.91
CA ASP FA 374 -108.78 -18.74 -56.74
C ASP FA 374 -109.25 -18.09 -55.42
N SER FA 375 -109.36 -18.88 -54.35
CA SER FA 375 -109.92 -18.35 -53.07
C SER FA 375 -109.40 -19.09 -51.84
N ALA FA 376 -109.46 -18.46 -50.66
CA ALA FA 376 -109.01 -19.08 -49.39
C ALA FA 376 -109.88 -18.56 -48.24
N VAL FA 377 -109.97 -19.25 -47.11
CA VAL FA 377 -110.74 -18.70 -45.95
C VAL FA 377 -109.82 -18.53 -44.74
N ALA FA 378 -109.85 -17.37 -44.09
CA ALA FA 378 -108.96 -17.09 -42.94
C ALA FA 378 -109.80 -16.55 -41.78
N THR FA 379 -109.40 -16.79 -40.54
CA THR FA 379 -110.26 -16.38 -39.39
C THR FA 379 -109.58 -15.34 -38.49
N TYR FA 380 -110.24 -14.22 -38.23
CA TYR FA 380 -109.72 -13.23 -37.25
C TYR FA 380 -110.82 -12.95 -36.23
N GLU FA 381 -110.49 -13.02 -34.93
CA GLU FA 381 -111.47 -12.71 -33.86
C GLU FA 381 -112.70 -13.60 -33.95
N GLY FA 382 -112.55 -14.87 -34.32
CA GLY FA 382 -113.70 -15.79 -34.27
C GLY FA 382 -114.73 -15.55 -35.35
N PHE FA 383 -114.36 -14.93 -36.47
CA PHE FA 383 -115.30 -14.78 -37.61
C PHE FA 383 -114.54 -15.22 -38.85
N SER FA 384 -115.22 -15.65 -39.91
CA SER FA 384 -114.51 -16.21 -41.09
C SER FA 384 -114.61 -15.27 -42.30
N ILE FA 385 -113.48 -14.93 -42.92
CA ILE FA 385 -113.47 -13.97 -44.08
C ILE FA 385 -112.93 -14.69 -45.31
N ARG FA 386 -113.59 -14.59 -46.46
CA ARG FA 386 -113.15 -15.35 -47.66
C ARG FA 386 -112.50 -14.38 -48.65
N VAL FA 387 -111.33 -14.73 -49.20
CA VAL FA 387 -110.62 -13.77 -50.08
C VAL FA 387 -110.54 -14.32 -51.50
N HIS FA 388 -110.92 -13.52 -52.49
CA HIS FA 388 -110.90 -13.97 -53.91
C HIS FA 388 -109.90 -13.10 -54.67
N LYS FA 389 -109.06 -13.73 -55.49
CA LYS FA 389 -108.05 -12.99 -56.28
C LYS FA 389 -108.35 -13.18 -57.75
N TYR FA 390 -108.55 -12.09 -58.48
CA TYR FA 390 -108.89 -12.17 -59.92
C TYR FA 390 -108.11 -11.08 -60.63
N ALA FA 391 -107.59 -11.38 -61.81
CA ALA FA 391 -106.81 -10.43 -62.59
C ALA FA 391 -107.47 -10.18 -63.93
N ASP FA 392 -107.30 -8.97 -64.46
CA ASP FA 392 -107.73 -8.67 -65.81
C ASP FA 392 -106.61 -9.00 -66.79
N GLY FA 393 -106.94 -9.71 -67.85
CA GLY FA 393 -105.94 -10.23 -68.76
C GLY FA 393 -105.31 -9.20 -69.68
N ASP FA 394 -106.12 -8.29 -70.21
CA ASP FA 394 -105.67 -7.36 -71.23
C ASP FA 394 -105.16 -6.04 -70.68
N ALA FA 395 -105.10 -5.87 -69.36
CA ALA FA 395 -104.69 -4.60 -68.77
C ALA FA 395 -103.58 -4.73 -67.73
N ASN FA 396 -103.14 -5.94 -67.41
CA ASN FA 396 -102.10 -6.17 -66.40
C ASN FA 396 -102.51 -5.57 -65.06
N VAL FA 397 -103.68 -5.98 -64.58
CA VAL FA 397 -104.24 -5.46 -63.34
C VAL FA 397 -104.65 -6.65 -62.46
N GLN FA 398 -104.29 -6.58 -61.18
CA GLN FA 398 -104.61 -7.61 -60.21
C GLN FA 398 -105.49 -7.04 -59.11
N LYS FA 399 -106.55 -7.76 -58.74
CA LYS FA 399 -107.55 -7.27 -57.80
C LYS FA 399 -107.87 -8.36 -56.78
N MET FA 400 -108.29 -7.92 -55.61
CA MET FA 400 -108.65 -8.81 -54.51
C MET FA 400 -109.93 -8.31 -53.85
N ARG FA 401 -110.60 -9.22 -53.14
CA ARG FA 401 -111.83 -8.84 -52.44
C ARG FA 401 -112.04 -9.75 -51.24
N PHE FA 402 -112.69 -9.21 -50.21
CA PHE FA 402 -112.99 -9.91 -48.97
C PHE FA 402 -114.50 -9.91 -48.73
N ASP FA 403 -114.99 -10.99 -48.13
CA ASP FA 403 -116.43 -11.19 -47.98
C ASP FA 403 -116.76 -11.83 -46.64
N LEU FA 404 -117.90 -11.42 -46.08
CA LEU FA 404 -118.43 -11.93 -44.82
C LEU FA 404 -119.89 -11.50 -44.68
N LEU FA 405 -120.79 -12.46 -44.46
CA LEU FA 405 -122.23 -12.20 -44.36
C LEU FA 405 -122.70 -12.20 -42.91
N PRO FA 406 -123.17 -11.06 -42.38
CA PRO FA 406 -123.76 -11.06 -41.02
C PRO FA 406 -125.27 -11.22 -41.02
N ALA FA 407 -125.84 -11.53 -39.85
CA ALA FA 407 -127.28 -11.61 -39.68
C ALA FA 407 -127.62 -11.25 -38.23
N TYR FA 408 -128.69 -10.46 -38.06
CA TYR FA 408 -129.08 -9.94 -36.76
C TYR FA 408 -130.53 -10.29 -36.45
N VAL FA 409 -130.80 -10.55 -35.17
CA VAL FA 409 -132.14 -10.86 -34.66
C VAL FA 409 -132.38 -10.07 -33.38
N CYS FA 410 -133.60 -9.59 -33.20
CA CYS FA 410 -134.00 -8.86 -31.99
C CYS FA 410 -135.11 -9.65 -31.30
N PHE FA 411 -134.77 -10.35 -30.22
CA PHE FA 411 -135.72 -11.25 -29.59
C PHE FA 411 -136.82 -10.49 -28.86
N ASN FA 412 -136.46 -9.50 -28.05
CA ASN FA 412 -137.44 -8.81 -27.24
C ASN FA 412 -136.98 -7.39 -26.92
N PRO FA 413 -137.69 -6.37 -27.40
CA PRO FA 413 -137.28 -4.99 -27.12
C PRO FA 413 -137.35 -4.61 -25.64
N HIS FA 414 -138.12 -5.34 -24.83
CA HIS FA 414 -138.31 -5.01 -23.43
C HIS FA 414 -137.26 -5.62 -22.52
N MET FA 415 -136.08 -5.90 -23.04
CA MET FA 415 -135.02 -6.53 -22.25
C MET FA 415 -133.69 -5.82 -22.51
N GLY FA 416 -133.75 -4.50 -22.64
CA GLY FA 416 -132.54 -3.72 -22.86
C GLY FA 416 -132.91 -2.29 -23.18
N GLY FA 417 -131.88 -1.44 -23.21
CA GLY FA 417 -132.09 -0.04 -23.51
C GLY FA 417 -130.85 0.78 -23.18
N GLN FA 418 -131.05 2.07 -23.02
CA GLN FA 418 -129.99 3.00 -22.69
C GLN FA 418 -130.22 3.57 -21.30
N PHE FA 419 -129.12 3.83 -20.59
CA PHE FA 419 -129.21 4.39 -19.24
C PHE FA 419 -128.22 5.52 -19.10
N PHE FA 420 -128.61 6.54 -18.33
CA PHE FA 420 -127.76 7.67 -18.02
C PHE FA 420 -127.79 7.91 -16.51
N GLY FA 421 -127.00 8.88 -16.07
CA GLY FA 421 -127.05 9.29 -14.69
C GLY FA 421 -128.28 10.12 -14.39
N ASN FA 422 -128.60 10.23 -13.11
CA ASN FA 422 -129.74 11.03 -12.67
C ASN FA 422 -129.31 11.97 -11.56
N PRO FA 423 -129.93 13.16 -11.46
CA PRO FA 423 -129.59 14.11 -10.42
C PRO FA 423 -130.41 13.90 -9.15
N SER GA 10 -24.24 26.13 -57.05
CA SER GA 10 -23.33 26.23 -58.19
C SER GA 10 -21.89 25.97 -57.77
N GLN GA 11 -21.69 25.62 -56.50
CA GLN GA 11 -20.38 25.34 -55.96
C GLN GA 11 -20.08 23.84 -55.91
N ILE GA 12 -20.93 23.06 -55.24
CA ILE GA 12 -20.70 21.63 -55.12
C ILE GA 12 -20.83 20.99 -56.50
N VAL GA 13 -19.83 20.20 -56.88
CA VAL GA 13 -19.76 19.56 -58.18
C VAL GA 13 -19.61 18.07 -57.98
N LEU GA 14 -20.40 17.29 -58.71
CA LEU GA 14 -20.32 15.83 -58.63
C LEU GA 14 -18.97 15.34 -59.14
N LYS GA 15 -18.51 14.24 -58.57
CA LYS GA 15 -17.22 13.67 -58.91
C LYS GA 15 -17.24 12.92 -60.24
N LYS GA 16 -18.40 12.79 -60.88
CA LYS GA 16 -18.51 12.13 -62.17
C LYS GA 16 -18.51 13.17 -63.27
N PHE GA 17 -17.66 12.98 -64.27
CA PHE GA 17 -17.62 13.87 -65.42
C PHE GA 17 -18.68 13.44 -66.43
N LEU GA 18 -19.33 14.44 -67.04
CA LEU GA 18 -20.34 14.17 -68.04
C LEU GA 18 -19.71 13.47 -69.25
N PRO GA 19 -20.45 12.57 -69.90
CA PRO GA 19 -19.90 11.83 -71.04
C PRO GA 19 -19.62 12.76 -72.22
N GLY GA 20 -18.67 12.35 -73.04
CA GLY GA 20 -18.29 13.13 -74.19
C GLY GA 20 -18.42 12.38 -75.51
N PHE GA 21 -17.97 13.01 -76.60
CA PHE GA 21 -18.06 12.43 -77.93
C PHE GA 21 -16.82 11.59 -78.21
N MET GA 22 -17.00 10.54 -79.01
CA MET GA 22 -15.91 9.64 -79.33
C MET GA 22 -16.10 9.10 -80.74
N SER GA 23 -15.01 9.03 -81.50
CA SER GA 23 -15.04 8.49 -82.85
C SER GA 23 -14.85 6.98 -82.80
N ASP GA 24 -14.60 6.36 -83.96
CA ASP GA 24 -14.32 4.94 -84.02
C ASP GA 24 -13.05 4.71 -84.83
N LEU GA 25 -12.43 3.54 -84.59
CA LEU GA 25 -11.14 3.21 -85.16
C LEU GA 25 -11.29 1.93 -85.97
N VAL GA 26 -11.17 2.03 -87.30
CA VAL GA 26 -11.33 0.86 -88.14
C VAL GA 26 -10.12 0.68 -89.05
N LEU GA 27 -9.45 1.77 -89.41
CA LEU GA 27 -8.35 1.69 -90.37
C LEU GA 27 -7.16 0.95 -89.77
N ALA GA 28 -6.78 1.29 -88.54
CA ALA GA 28 -5.64 0.64 -87.92
C ALA GA 28 -5.90 -0.84 -87.71
N LYS GA 29 -7.15 -1.21 -87.46
CA LYS GA 29 -7.50 -2.62 -87.31
C LYS GA 29 -7.53 -3.35 -88.64
N THR GA 30 -7.84 -2.65 -89.73
CA THR GA 30 -7.96 -3.30 -91.03
C THR GA 30 -6.65 -3.42 -91.78
N VAL GA 31 -5.73 -2.47 -91.62
CA VAL GA 31 -4.46 -2.51 -92.34
C VAL GA 31 -3.63 -3.68 -91.83
N ASP GA 32 -2.59 -4.03 -92.57
CA ASP GA 32 -1.73 -5.16 -92.21
C ASP GA 32 -0.66 -4.66 -91.24
N ARG GA 33 -0.62 -5.25 -90.05
CA ARG GA 33 0.34 -4.89 -89.02
C ARG GA 33 1.29 -6.04 -88.73
N GLN GA 34 1.58 -6.86 -89.74
CA GLN GA 34 2.38 -8.07 -89.57
C GLN GA 34 3.75 -7.98 -90.18
N LEU GA 35 3.86 -7.58 -91.46
CA LEU GA 35 5.16 -7.56 -92.12
C LEU GA 35 6.12 -6.60 -91.44
N LEU GA 36 5.66 -5.40 -91.11
CA LEU GA 36 6.49 -4.38 -90.47
C LEU GA 36 6.20 -4.43 -88.97
N ALA GA 37 6.83 -5.37 -88.28
CA ALA GA 37 6.67 -5.51 -86.84
C ALA GA 37 8.00 -6.02 -86.28
N GLY GA 38 8.64 -5.21 -85.44
CA GLY GA 38 9.97 -5.55 -84.97
C GLY GA 38 11.01 -5.53 -86.07
N GLU GA 39 10.90 -4.57 -86.99
CA GLU GA 39 11.84 -4.45 -88.10
C GLU GA 39 12.66 -3.17 -88.04
N ILE GA 40 12.07 -2.06 -87.59
CA ILE GA 40 12.81 -0.81 -87.40
C ILE GA 40 13.38 -0.89 -85.98
N ASN GA 41 14.51 -1.57 -85.86
CA ASN GA 41 15.19 -1.71 -84.59
C ASN GA 41 16.39 -0.76 -84.53
N SER GA 42 17.19 -0.89 -83.48
CA SER GA 42 18.35 -0.02 -83.29
C SER GA 42 19.46 -0.27 -84.31
N SER GA 43 19.36 -1.34 -85.10
CA SER GA 43 20.40 -1.66 -86.07
C SER GA 43 20.02 -1.25 -87.49
N THR GA 44 18.75 -1.41 -87.87
CA THR GA 44 18.35 -1.17 -89.25
C THR GA 44 18.46 0.31 -89.61
N GLY GA 45 18.12 1.20 -88.69
CA GLY GA 45 18.20 2.63 -88.97
C GLY GA 45 16.84 3.29 -89.11
N ASP GA 46 16.72 4.18 -90.09
CA ASP GA 46 15.50 4.94 -90.28
C ASP GA 46 14.60 4.37 -91.38
N SER GA 47 15.01 3.29 -92.03
CA SER GA 47 14.22 2.74 -93.13
C SER GA 47 14.48 1.25 -93.23
N VAL GA 48 13.48 0.53 -93.77
CA VAL GA 48 13.60 -0.91 -93.99
C VAL GA 48 13.10 -1.19 -95.41
N SER GA 49 13.55 -2.30 -95.98
CA SER GA 49 13.25 -2.64 -97.37
C SER GA 49 12.74 -4.06 -97.48
N PHE GA 50 11.72 -4.25 -98.30
CA PHE GA 50 11.17 -5.55 -98.63
C PHE GA 50 11.30 -5.80 -100.14
N LYS GA 51 11.41 -7.08 -100.51
CA LYS GA 51 11.65 -7.45 -101.89
C LYS GA 51 10.38 -7.34 -102.72
N ARG GA 52 10.53 -7.54 -104.03
CA ARG GA 52 9.42 -7.48 -104.97
C ARG GA 52 9.42 -8.74 -105.82
N PRO GA 53 8.25 -9.19 -106.26
CA PRO GA 53 8.19 -10.41 -107.08
C PRO GA 53 8.79 -10.19 -108.46
N HIS GA 54 9.21 -11.31 -109.05
CA HIS GA 54 9.80 -11.31 -110.39
C HIS GA 54 8.76 -11.70 -111.43
N GLN GA 55 9.01 -11.30 -112.66
CA GLN GA 55 8.13 -11.63 -113.79
C GLN GA 55 8.98 -11.95 -115.00
N PHE GA 56 8.43 -12.77 -115.89
CA PHE GA 56 9.15 -13.27 -117.05
C PHE GA 56 8.29 -13.17 -118.30
N SER GA 57 8.96 -13.17 -119.46
CA SER GA 57 8.30 -13.17 -120.75
C SER GA 57 8.87 -14.30 -121.59
N SER GA 58 8.07 -14.76 -122.55
CA SER GA 58 8.41 -15.94 -123.34
C SER GA 58 8.62 -15.58 -124.81
N LEU GA 59 9.28 -16.49 -125.52
CA LEU GA 59 9.57 -16.32 -126.94
C LEU GA 59 8.83 -17.38 -127.74
N ARG GA 60 8.55 -17.05 -129.01
CA ARG GA 60 7.80 -17.92 -129.91
C ARG GA 60 8.68 -18.23 -131.13
N THR GA 61 9.25 -19.43 -131.17
CA THR GA 61 10.08 -19.86 -132.27
C THR GA 61 9.76 -21.30 -132.66
N PRO GA 62 9.94 -21.66 -133.92
CA PRO GA 62 9.64 -23.03 -134.38
C PRO GA 62 10.83 -23.99 -134.40
N THR GA 63 11.98 -23.62 -133.85
CA THR GA 63 13.19 -24.43 -133.93
C THR GA 63 13.70 -24.70 -132.52
N GLY GA 64 14.44 -25.79 -132.36
CA GLY GA 64 14.85 -26.24 -131.03
C GLY GA 64 16.33 -26.12 -130.70
N ASP GA 65 17.21 -26.25 -131.68
CA ASP GA 65 18.64 -26.06 -131.47
C ASP GA 65 19.01 -24.57 -131.63
N ILE GA 66 18.50 -23.78 -130.70
CA ILE GA 66 18.57 -22.32 -130.77
C ILE GA 66 19.33 -21.77 -129.58
N SER GA 67 20.36 -22.51 -129.13
CA SER GA 67 21.07 -22.19 -127.90
C SER GA 67 21.65 -20.79 -127.86
N GLY GA 68 21.66 -20.09 -129.00
CA GLY GA 68 22.09 -18.70 -129.02
C GLY GA 68 20.98 -17.74 -129.44
N GLN GA 69 20.48 -16.95 -128.50
CA GLN GA 69 19.34 -16.07 -128.73
C GLN GA 69 19.43 -14.89 -127.75
N ASN GA 70 18.33 -14.15 -127.64
CA ASN GA 70 18.23 -12.97 -126.76
C ASN GA 70 17.33 -13.34 -125.58
N LYS GA 71 17.95 -13.60 -124.43
CA LYS GA 71 17.26 -14.18 -123.29
C LYS GA 71 16.60 -13.09 -122.45
N ASN GA 72 16.14 -13.46 -121.25
CA ASN GA 72 15.44 -12.54 -120.37
C ASN GA 72 16.45 -11.76 -119.53
N ASN GA 73 15.95 -11.05 -118.52
CA ASN GA 73 16.80 -10.29 -117.60
C ASN GA 73 16.27 -10.46 -116.19
N LEU GA 74 17.18 -10.32 -115.22
CA LEU GA 74 16.85 -10.47 -113.80
C LEU GA 74 17.00 -9.10 -113.14
N ILE GA 75 15.88 -8.46 -112.83
CA ILE GA 75 15.85 -7.17 -112.18
C ILE GA 75 15.02 -7.30 -110.91
N SER GA 76 15.55 -6.81 -109.79
CA SER GA 76 14.90 -6.93 -108.49
C SER GA 76 14.51 -5.57 -107.98
N GLY GA 77 13.26 -5.45 -107.51
CA GLY GA 77 12.74 -4.21 -106.98
C GLY GA 77 12.71 -4.21 -105.46
N LYS GA 78 12.28 -3.07 -104.92
CA LYS GA 78 12.26 -2.86 -103.48
C LYS GA 78 11.04 -2.04 -103.09
N ALA GA 79 10.64 -2.20 -101.83
CA ALA GA 79 9.60 -1.38 -101.22
C ALA GA 79 10.14 -0.90 -99.88
N THR GA 80 10.17 0.42 -99.69
CA THR GA 80 10.81 1.03 -98.53
C THR GA 80 9.77 1.53 -97.54
N GLY GA 81 9.94 1.17 -96.27
CA GLY GA 81 9.09 1.65 -95.20
C GLY GA 81 9.91 2.49 -94.24
N ARG GA 82 9.32 3.60 -93.80
CA ARG GA 82 10.03 4.59 -92.99
C ARG GA 82 9.21 4.91 -91.75
N VAL GA 83 9.75 5.81 -90.93
CA VAL GA 83 9.09 6.26 -89.71
C VAL GA 83 8.47 7.62 -89.97
N GLY GA 84 7.60 8.05 -89.06
CA GLY GA 84 6.95 9.33 -89.14
C GLY GA 84 7.42 10.30 -88.08
N ASN GA 85 6.68 11.39 -87.93
CA ASN GA 85 6.98 12.38 -86.92
C ASN GA 85 6.38 11.97 -85.57
N TYR GA 86 6.71 12.74 -84.54
CA TYR GA 86 6.21 12.45 -83.20
C TYR GA 86 4.79 12.97 -83.03
N ILE GA 87 3.95 12.17 -82.38
CA ILE GA 87 2.61 12.59 -81.98
C ILE GA 87 2.67 12.87 -80.49
N THR GA 88 2.66 14.14 -80.12
CA THR GA 88 2.88 14.56 -78.73
C THR GA 88 1.76 15.46 -78.26
N VAL GA 89 1.29 15.22 -77.05
CA VAL GA 89 0.38 16.13 -76.35
C VAL GA 89 0.95 16.38 -74.96
N ALA GA 90 1.10 17.66 -74.60
CA ALA GA 90 1.72 18.05 -73.35
C ALA GA 90 0.91 19.15 -72.68
N VAL GA 91 0.90 19.13 -71.35
CA VAL GA 91 0.16 20.11 -70.56
C VAL GA 91 1.02 20.57 -69.39
N GLU GA 92 0.84 21.82 -68.99
CA GLU GA 92 1.48 22.36 -67.81
C GLU GA 92 0.41 22.98 -66.92
N TYR GA 93 0.68 23.03 -65.62
CA TYR GA 93 -0.34 23.49 -64.68
C TYR GA 93 0.31 24.05 -63.43
N GLN GA 94 -0.53 24.65 -62.59
CA GLN GA 94 -0.13 25.08 -61.25
C GLN GA 94 -0.79 24.12 -60.26
N GLN GA 95 0.03 23.46 -59.44
CA GLN GA 95 -0.46 22.33 -58.65
C GLN GA 95 -1.53 22.73 -57.65
N LEU GA 96 -1.47 23.94 -57.09
CA LEU GA 96 -2.49 24.38 -56.15
C LEU GA 96 -3.88 24.35 -56.79
N GLU GA 97 -4.06 25.13 -57.87
CA GLU GA 97 -5.34 25.17 -58.54
C GLU GA 97 -5.73 23.82 -59.11
N GLU GA 98 -4.75 23.08 -59.67
CA GLU GA 98 -5.07 21.82 -60.31
C GLU GA 98 -5.56 20.78 -59.30
N ALA GA 99 -4.98 20.78 -58.09
CA ALA GA 99 -5.36 19.83 -57.06
C ALA GA 99 -6.39 20.40 -56.09
N ILE GA 100 -6.93 21.58 -56.37
CA ILE GA 100 -8.06 22.10 -55.60
C ILE GA 100 -9.12 21.02 -55.44
N LYS GA 101 -9.65 20.50 -56.56
CA LYS GA 101 -10.56 19.37 -56.51
C LYS GA 101 -10.34 18.35 -57.63
N LEU GA 102 -9.45 18.63 -58.58
CA LEU GA 102 -9.38 17.87 -59.83
C LEU GA 102 -8.37 16.74 -59.68
N ASN GA 103 -8.59 15.67 -60.42
CA ASN GA 103 -7.89 14.42 -60.18
C ASN GA 103 -6.59 14.34 -60.98
N GLN GA 104 -5.75 15.37 -60.85
CA GLN GA 104 -4.36 15.41 -61.29
C GLN GA 104 -4.12 14.66 -62.59
N LEU GA 105 -4.80 15.04 -63.66
CA LEU GA 105 -4.62 14.44 -64.99
C LEU GA 105 -5.13 13.01 -65.06
N GLU GA 106 -6.13 12.68 -64.23
CA GLU GA 106 -6.96 11.51 -64.47
C GLU GA 106 -8.11 11.82 -65.41
N GLU GA 107 -8.80 12.93 -65.20
CA GLU GA 107 -9.76 13.42 -66.19
C GLU GA 107 -9.04 14.02 -67.40
N ILE GA 108 -7.72 14.21 -67.31
CA ILE GA 108 -6.91 14.38 -68.50
C ILE GA 108 -6.49 13.02 -69.07
N LEU GA 109 -6.34 12.01 -68.20
CA LEU GA 109 -5.85 10.71 -68.67
C LEU GA 109 -6.78 10.09 -69.70
N ALA GA 110 -8.08 10.19 -69.48
CA ALA GA 110 -9.04 9.54 -70.37
C ALA GA 110 -9.01 10.10 -71.79
N PRO GA 111 -9.11 11.43 -72.03
CA PRO GA 111 -9.25 11.89 -73.41
C PRO GA 111 -7.96 12.19 -74.16
N VAL GA 112 -6.79 11.78 -73.66
CA VAL GA 112 -5.53 12.01 -74.34
C VAL GA 112 -5.14 10.85 -75.24
N ARG GA 113 -5.31 9.61 -74.77
CA ARG GA 113 -5.03 8.46 -75.61
C ARG GA 113 -5.96 8.43 -76.82
N GLN GA 114 -7.22 8.82 -76.63
CA GLN GA 114 -8.15 8.90 -77.74
C GLN GA 114 -7.70 9.95 -78.75
N ARG GA 115 -7.21 11.09 -78.29
CA ARG GA 115 -6.68 12.09 -79.21
C ARG GA 115 -5.49 11.56 -79.98
N ILE GA 116 -4.59 10.84 -79.29
CA ILE GA 116 -3.41 10.29 -79.95
C ILE GA 116 -3.81 9.34 -81.06
N VAL GA 117 -4.69 8.38 -80.74
CA VAL GA 117 -5.08 7.39 -81.75
C VAL GA 117 -5.89 8.05 -82.88
N THR GA 118 -6.70 9.04 -82.54
CA THR GA 118 -7.47 9.75 -83.57
C THR GA 118 -6.55 10.46 -84.56
N ASP GA 119 -5.54 11.16 -84.05
CA ASP GA 119 -4.58 11.82 -84.93
C ASP GA 119 -3.80 10.80 -85.75
N LEU GA 120 -3.41 9.69 -85.12
CA LEU GA 120 -2.71 8.63 -85.85
C LEU GA 120 -3.53 8.15 -87.05
N GLU GA 121 -4.81 7.83 -86.81
CA GLU GA 121 -5.61 7.30 -87.91
C GLU GA 121 -6.01 8.37 -88.92
N THR GA 122 -6.15 9.63 -88.50
CA THR GA 122 -6.38 10.69 -89.48
C THR GA 122 -5.19 10.80 -90.43
N GLU GA 123 -3.97 10.78 -89.89
CA GLU GA 123 -2.79 10.83 -90.73
C GLU GA 123 -2.66 9.57 -91.58
N LEU GA 124 -3.08 8.42 -91.04
CA LEU GA 124 -3.05 7.19 -91.81
C LEU GA 124 -4.00 7.25 -93.01
N ALA GA 125 -5.21 7.77 -92.80
CA ALA GA 125 -6.16 7.91 -93.90
C ALA GA 125 -5.65 8.90 -94.93
N HIS GA 126 -5.03 10.00 -94.48
CA HIS GA 126 -4.42 10.93 -95.41
C HIS GA 126 -3.35 10.26 -96.25
N PHE GA 127 -2.50 9.45 -95.61
CA PHE GA 127 -1.46 8.71 -96.34
C PHE GA 127 -2.07 7.75 -97.34
N MET GA 128 -3.11 7.02 -96.93
CA MET GA 128 -3.74 6.05 -97.83
C MET GA 128 -4.33 6.72 -99.06
N MET GA 129 -5.05 7.83 -98.88
CA MET GA 129 -5.63 8.45 -100.06
C MET GA 129 -4.60 9.25 -100.86
N ASN GA 130 -3.47 9.63 -100.26
CA ASN GA 130 -2.42 10.25 -101.04
C ASN GA 130 -1.65 9.25 -101.88
N ASN GA 131 -1.55 7.99 -101.41
CA ASN GA 131 -0.76 7.00 -102.12
C ASN GA 131 -1.58 6.04 -102.97
N GLY GA 132 -2.91 6.00 -102.81
CA GLY GA 132 -3.71 5.12 -103.63
C GLY GA 132 -3.69 5.51 -105.08
N ALA GA 133 -3.89 4.51 -105.95
CA ALA GA 133 -3.79 4.71 -107.40
C ALA GA 133 -5.14 4.57 -108.10
N LEU GA 134 -5.89 3.52 -107.78
CA LEU GA 134 -7.13 3.24 -108.49
C LEU GA 134 -8.20 4.29 -108.16
N SER GA 135 -9.10 4.50 -109.11
CA SER GA 135 -10.23 5.40 -108.93
C SER GA 135 -11.46 4.81 -109.61
N LEU GA 136 -12.63 5.13 -109.09
CA LEU GA 136 -13.89 4.63 -109.64
C LEU GA 136 -14.99 5.66 -109.39
N GLY GA 137 -15.88 5.81 -110.37
CA GLY GA 137 -17.03 6.68 -110.22
C GLY GA 137 -16.71 8.16 -110.19
N SER GA 138 -17.73 8.98 -110.40
CA SER GA 138 -17.58 10.43 -110.35
C SER GA 138 -17.69 10.93 -108.91
N PRO GA 139 -16.82 11.84 -108.49
CA PRO GA 139 -16.83 12.30 -107.10
C PRO GA 139 -18.13 12.92 -106.65
N ASN GA 140 -18.84 13.63 -107.54
CA ASN GA 140 -20.05 14.33 -107.12
C ASN GA 140 -21.15 13.35 -106.69
N THR GA 141 -21.30 12.24 -107.41
CA THR GA 141 -22.40 11.33 -107.13
C THR GA 141 -22.14 10.56 -105.84
N PRO GA 142 -23.08 10.57 -104.88
CA PRO GA 142 -22.91 9.77 -103.67
C PRO GA 142 -23.21 8.29 -103.91
N ILE GA 143 -23.17 7.49 -102.86
CA ILE GA 143 -23.47 6.07 -102.93
C ILE GA 143 -24.95 5.85 -102.68
N THR GA 144 -25.63 5.23 -103.63
CA THR GA 144 -27.07 5.02 -103.51
C THR GA 144 -27.50 3.57 -103.69
N LYS GA 145 -26.88 2.84 -104.62
CA LYS GA 145 -27.37 1.50 -104.93
C LYS GA 145 -26.30 0.43 -104.75
N TRP GA 146 -26.64 -0.80 -105.12
CA TRP GA 146 -25.79 -1.95 -104.85
C TRP GA 146 -24.59 -2.01 -105.79
N SER GA 147 -24.75 -1.52 -107.02
CA SER GA 147 -23.65 -1.53 -107.97
C SER GA 147 -22.49 -0.66 -107.50
N ASP GA 148 -22.79 0.44 -106.79
CA ASP GA 148 -21.75 1.34 -106.34
C ASP GA 148 -20.78 0.65 -105.39
N VAL GA 149 -21.20 -0.45 -104.77
CA VAL GA 149 -20.34 -1.19 -103.85
C VAL GA 149 -19.79 -2.42 -104.55
N ALA GA 150 -20.60 -3.04 -105.42
CA ALA GA 150 -20.13 -4.23 -106.12
C ALA GA 150 -19.01 -3.90 -107.10
N GLN GA 151 -18.96 -2.67 -107.61
CA GLN GA 151 -17.98 -2.32 -108.62
C GLN GA 151 -16.55 -2.39 -108.08
N THR GA 152 -16.35 -2.07 -106.81
CA THR GA 152 -15.01 -2.13 -106.24
C THR GA 152 -14.47 -3.55 -106.27
N ALA GA 153 -15.27 -4.51 -105.79
CA ALA GA 153 -14.86 -5.90 -105.82
C ALA GA 153 -14.66 -6.39 -107.25
N SER GA 154 -15.56 -5.99 -108.16
CA SER GA 154 -15.42 -6.42 -109.54
C SER GA 154 -14.10 -5.94 -110.15
N PHE GA 155 -13.80 -4.65 -109.99
CA PHE GA 155 -12.57 -4.09 -110.55
C PHE GA 155 -11.35 -4.74 -109.91
N LEU GA 156 -11.36 -4.89 -108.58
CA LEU GA 156 -10.18 -5.40 -107.90
C LEU GA 156 -9.93 -6.86 -108.24
N LYS GA 157 -11.00 -7.61 -108.53
CA LYS GA 157 -10.81 -8.97 -109.03
C LYS GA 157 -10.34 -8.96 -110.48
N ASP GA 158 -10.82 -8.00 -111.28
CA ASP GA 158 -10.44 -7.96 -112.69
C ASP GA 158 -8.96 -7.59 -112.85
N LEU GA 159 -8.40 -6.84 -111.90
CA LEU GA 159 -6.97 -6.58 -111.95
C LEU GA 159 -6.17 -7.85 -111.78
N GLY GA 160 -6.58 -8.71 -110.85
CA GLY GA 160 -5.96 -10.02 -110.74
C GLY GA 160 -5.38 -10.36 -109.37
N VAL GA 161 -5.66 -9.55 -108.36
CA VAL GA 161 -5.11 -9.81 -107.03
C VAL GA 161 -5.90 -10.92 -106.37
N ASN GA 162 -5.19 -11.90 -105.80
CA ASN GA 162 -5.83 -12.98 -105.06
C ASN GA 162 -5.28 -13.13 -103.65
N GLU GA 163 -3.97 -12.99 -103.47
CA GLU GA 163 -3.35 -13.19 -102.16
C GLU GA 163 -3.73 -12.03 -101.26
N GLY GA 164 -4.54 -12.29 -100.27
CA GLY GA 164 -5.02 -11.29 -99.35
C GLY GA 164 -6.53 -11.38 -99.22
N GLU GA 165 -7.14 -10.28 -98.78
CA GLU GA 165 -8.57 -10.20 -98.63
C GLU GA 165 -8.97 -8.73 -98.48
N ASN GA 166 -9.88 -8.30 -99.36
CA ASN GA 166 -10.18 -6.86 -99.52
C ASN GA 166 -11.18 -6.26 -98.56
N TYR GA 167 -11.22 -4.92 -98.49
CA TYR GA 167 -12.11 -4.21 -97.55
C TYR GA 167 -12.63 -2.95 -98.21
N ALA GA 168 -13.75 -2.39 -97.77
CA ALA GA 168 -14.23 -1.09 -98.28
C ALA GA 168 -14.84 -0.29 -97.14
N VAL GA 169 -14.51 0.99 -97.00
CA VAL GA 169 -14.98 1.78 -95.82
C VAL GA 169 -15.88 2.94 -96.29
N MET GA 170 -17.06 3.10 -95.70
CA MET GA 170 -18.03 4.14 -96.12
C MET GA 170 -18.51 4.95 -94.91
N ASP GA 171 -19.13 6.11 -95.14
CA ASP GA 171 -19.58 7.01 -94.05
C ASP GA 171 -20.85 6.48 -93.38
N PRO GA 172 -21.28 7.03 -92.23
CA PRO GA 172 -22.50 6.59 -91.60
C PRO GA 172 -23.76 6.74 -92.46
N TRP GA 173 -23.91 7.87 -93.16
CA TRP GA 173 -25.10 8.14 -93.99
C TRP GA 173 -25.22 7.16 -95.16
N SER GA 174 -24.12 6.81 -95.82
CA SER GA 174 -24.18 5.91 -97.00
C SER GA 174 -24.67 4.52 -96.59
N ALA GA 175 -24.26 4.04 -95.42
CA ALA GA 175 -24.72 2.73 -94.94
C ALA GA 175 -26.25 2.73 -94.80
N GLN GA 176 -26.83 3.81 -94.29
CA GLN GA 176 -28.30 3.88 -94.12
C GLN GA 176 -28.98 3.80 -95.48
N ARG GA 177 -28.48 4.50 -96.49
CA ARG GA 177 -29.20 4.49 -97.79
C ARG GA 177 -29.16 3.07 -98.36
N LEU GA 178 -28.02 2.38 -98.24
CA LEU GA 178 -27.90 0.98 -98.73
C LEU GA 178 -28.81 0.06 -97.93
N ALA GA 179 -28.93 0.25 -96.62
CA ALA GA 179 -29.86 -0.55 -95.80
C ALA GA 179 -31.29 -0.26 -96.22
N ASP GA 180 -31.61 1.00 -96.51
CA ASP GA 180 -32.97 1.34 -97.00
C ASP GA 180 -33.18 0.60 -98.31
N ALA GA 181 -32.15 0.57 -99.15
CA ALA GA 181 -32.29 -0.22 -100.37
C ALA GA 181 -32.49 -1.70 -100.05
N GLN GA 182 -31.77 -2.21 -99.06
CA GLN GA 182 -31.93 -3.61 -98.65
C GLN GA 182 -33.33 -3.88 -98.12
N THR GA 183 -33.94 -2.89 -97.46
CA THR GA 183 -35.29 -3.06 -96.93
C THR GA 183 -36.29 -3.43 -98.02
N GLY GA 184 -36.03 -3.06 -99.26
CA GLY GA 184 -36.92 -3.34 -100.37
C GLY GA 184 -36.76 -4.70 -101.01
N LEU GA 185 -35.94 -5.58 -100.42
CA LEU GA 185 -35.74 -6.90 -100.98
C LEU GA 185 -37.05 -7.71 -100.93
N HIS GA 186 -37.12 -8.76 -101.74
CA HIS GA 186 -38.37 -9.46 -101.98
C HIS GA 186 -38.45 -10.85 -101.37
N ALA GA 187 -37.32 -11.47 -101.01
CA ALA GA 187 -37.37 -12.88 -100.61
C ALA GA 187 -36.62 -13.23 -99.34
N SER GA 188 -35.62 -12.47 -98.91
CA SER GA 188 -34.79 -12.85 -97.77
C SER GA 188 -35.43 -12.29 -96.50
N ASP GA 189 -36.14 -13.15 -95.77
CA ASP GA 189 -36.86 -12.71 -94.58
C ASP GA 189 -35.92 -12.19 -93.52
N GLN GA 190 -34.82 -12.90 -93.27
CA GLN GA 190 -33.88 -12.48 -92.24
C GLN GA 190 -33.25 -11.13 -92.58
N LEU GA 191 -32.81 -10.96 -93.83
CA LEU GA 191 -32.20 -9.71 -94.24
C LEU GA 191 -33.19 -8.55 -94.16
N VAL GA 192 -34.42 -8.77 -94.63
CA VAL GA 192 -35.42 -7.71 -94.58
C VAL GA 192 -35.71 -7.33 -93.13
N ARG GA 193 -35.87 -8.32 -92.26
CA ARG GA 193 -36.16 -8.04 -90.86
C ARG GA 193 -35.01 -7.28 -90.20
N THR GA 194 -33.77 -7.71 -90.44
CA THR GA 194 -32.63 -7.02 -89.86
C THR GA 194 -32.53 -5.58 -90.35
N ALA GA 195 -32.71 -5.37 -91.65
CA ALA GA 195 -32.63 -4.01 -92.19
C ALA GA 195 -33.75 -3.15 -91.64
N TRP GA 196 -34.95 -3.70 -91.49
CA TRP GA 196 -36.07 -2.94 -90.96
C TRP GA 196 -35.84 -2.56 -89.49
N GLU GA 197 -35.35 -3.50 -88.70
CA GLU GA 197 -35.30 -3.28 -87.25
C GLU GA 197 -34.00 -2.59 -86.83
N ASN GA 198 -32.85 -3.20 -87.13
CA ASN GA 198 -31.57 -2.68 -86.67
C ASN GA 198 -30.89 -1.78 -87.69
N ALA GA 199 -31.33 -1.79 -88.96
CA ALA GA 199 -30.72 -0.98 -90.01
C ALA GA 199 -29.23 -1.25 -90.13
N GLN GA 200 -28.85 -2.52 -90.08
CA GLN GA 200 -27.47 -2.94 -90.17
C GLN GA 200 -27.29 -3.81 -91.41
N ILE GA 201 -26.42 -3.38 -92.32
CA ILE GA 201 -26.10 -4.13 -93.52
C ILE GA 201 -25.22 -5.31 -93.14
N PRO GA 202 -25.20 -6.39 -93.93
CA PRO GA 202 -24.40 -7.56 -93.55
C PRO GA 202 -22.90 -7.31 -93.62
N THR GA 203 -22.11 -8.34 -93.33
CA THR GA 203 -20.66 -8.20 -93.38
C THR GA 203 -20.16 -8.22 -94.82
N ASN GA 204 -20.50 -9.27 -95.56
CA ASN GA 204 -20.07 -9.41 -96.96
C ASN GA 204 -21.11 -8.74 -97.84
N PHE GA 205 -20.72 -7.65 -98.49
CA PHE GA 205 -21.63 -6.87 -99.34
C PHE GA 205 -21.07 -6.87 -100.76
N GLY GA 206 -21.62 -7.73 -101.61
CA GLY GA 206 -21.20 -7.80 -102.99
C GLY GA 206 -19.87 -8.47 -103.22
N GLY GA 207 -19.36 -9.19 -102.22
CA GLY GA 207 -18.06 -9.87 -102.36
C GLY GA 207 -16.93 -9.19 -101.60
N ILE GA 208 -17.18 -8.02 -101.00
CA ILE GA 208 -16.11 -7.25 -100.31
C ILE GA 208 -16.59 -7.02 -98.88
N ARG GA 209 -15.72 -7.16 -97.88
CA ARG GA 209 -16.13 -6.85 -96.49
C ARG GA 209 -16.37 -5.36 -96.41
N ALA GA 210 -17.50 -4.95 -95.86
CA ALA GA 210 -17.85 -3.51 -95.86
C ALA GA 210 -17.89 -3.03 -94.41
N LEU GA 211 -17.20 -1.93 -94.12
CA LEU GA 211 -17.14 -1.42 -92.74
C LEU GA 211 -17.66 0.02 -92.77
N MET GA 212 -18.38 0.44 -91.74
CA MET GA 212 -18.92 1.82 -91.69
C MET GA 212 -18.10 2.62 -90.68
N SER GA 213 -17.48 3.74 -91.10
CA SER GA 213 -16.61 4.47 -90.16
C SER GA 213 -17.02 5.94 -90.10
N ASN GA 214 -17.31 6.45 -88.90
CA ASN GA 214 -17.67 7.87 -88.72
C ASN GA 214 -16.48 8.74 -89.07
N GLY GA 215 -15.27 8.30 -88.73
CA GLY GA 215 -14.09 9.15 -88.96
C GLY GA 215 -13.38 8.86 -90.27
N LEU GA 216 -13.59 9.70 -91.28
CA LEU GA 216 -12.89 9.57 -92.57
C LEU GA 216 -12.45 10.99 -92.92
N ALA GA 217 -11.26 11.18 -93.46
CA ALA GA 217 -10.76 12.56 -93.69
C ALA GA 217 -11.41 13.23 -94.91
N SER GA 218 -11.34 14.56 -94.97
CA SER GA 218 -11.93 15.31 -96.10
C SER GA 218 -10.86 16.10 -96.86
N ARG GA 219 -11.06 16.30 -98.17
CA ARG GA 219 -10.05 16.99 -99.00
C ARG GA 219 -10.77 18.00 -99.91
N THR GA 220 -10.05 19.03 -100.38
CA THR GA 220 -10.60 20.02 -101.33
C THR GA 220 -9.91 19.78 -102.67
N GLN GA 221 -10.64 19.75 -103.79
CA GLN GA 221 -10.02 19.36 -105.07
C GLN GA 221 -8.91 20.31 -105.54
N GLY GA 222 -9.07 21.63 -105.43
CA GLY GA 222 -8.02 22.50 -105.96
C GLY GA 222 -8.37 23.05 -107.32
N ALA GA 223 -8.34 24.38 -107.50
CA ALA GA 223 -8.77 25.02 -108.73
C ALA GA 223 -7.90 24.61 -109.91
N PHE GA 224 -8.56 24.33 -111.04
CA PHE GA 224 -7.86 24.01 -112.28
C PHE GA 224 -8.73 24.44 -113.46
N GLY GA 225 -8.11 24.51 -114.63
CA GLY GA 225 -8.83 24.87 -115.84
C GLY GA 225 -8.01 24.74 -117.10
N GLY GA 226 -8.65 24.35 -118.19
CA GLY GA 226 -7.97 24.25 -119.47
C GLY GA 226 -7.78 22.80 -119.88
N THR GA 227 -7.67 22.59 -121.19
CA THR GA 227 -7.45 21.25 -121.74
C THR GA 227 -5.97 20.90 -121.62
N LEU GA 228 -5.63 20.13 -120.60
CA LEU GA 228 -4.23 19.82 -120.34
C LEU GA 228 -3.68 18.80 -121.34
N THR GA 229 -2.42 19.00 -121.70
CA THR GA 229 -1.70 18.07 -122.58
C THR GA 229 -0.30 17.90 -122.03
N VAL GA 230 0.32 16.79 -122.37
CA VAL GA 230 1.67 16.46 -121.91
C VAL GA 230 2.68 17.20 -122.76
N LYS GA 231 3.64 17.86 -122.10
CA LYS GA 231 4.68 18.61 -122.80
C LYS GA 231 5.81 17.72 -123.27
N THR GA 232 6.44 16.98 -122.37
CA THR GA 232 7.59 16.14 -122.67
C THR GA 232 7.29 14.70 -122.33
N GLN GA 233 7.73 13.79 -123.18
CA GLN GA 233 7.50 12.37 -122.97
C GLN GA 233 8.18 11.91 -121.69
N PRO GA 234 7.45 11.34 -120.74
CA PRO GA 234 8.07 10.89 -119.49
C PRO GA 234 8.86 9.61 -119.69
N THR GA 235 9.73 9.33 -118.72
CA THR GA 235 10.53 8.11 -118.70
C THR GA 235 9.92 7.16 -117.68
N VAL GA 236 9.34 6.06 -118.17
CA VAL GA 236 8.63 5.14 -117.30
C VAL GA 236 9.23 3.74 -117.40
N THR GA 237 10.54 3.67 -117.64
CA THR GA 237 11.20 2.38 -117.68
C THR GA 237 11.28 1.77 -116.28
N TYR GA 238 11.34 0.45 -116.23
CA TYR GA 238 11.39 -0.24 -114.95
C TYR GA 238 12.64 0.10 -114.17
N ASN GA 239 13.76 0.38 -114.86
CA ASN GA 239 14.95 0.84 -114.17
C ASN GA 239 14.70 2.15 -113.44
N ALA GA 240 13.88 3.02 -114.04
CA ALA GA 240 13.58 4.30 -113.41
C ALA GA 240 12.60 4.13 -112.25
N VAL GA 241 11.56 3.32 -112.43
CA VAL GA 241 10.46 3.27 -111.47
C VAL GA 241 10.40 1.94 -110.74
N LYS GA 242 11.54 1.28 -110.53
CA LYS GA 242 11.55 -0.03 -109.87
C LYS GA 242 11.71 0.06 -108.37
N ASP GA 243 11.79 1.25 -107.79
CA ASP GA 243 12.04 1.37 -106.36
C ASP GA 243 10.93 2.12 -105.65
N SER GA 244 10.28 3.06 -106.36
CA SER GA 244 9.29 3.92 -105.74
C SER GA 244 7.92 3.90 -106.42
N TYR GA 245 7.83 3.45 -107.66
CA TYR GA 245 6.56 3.46 -108.41
C TYR GA 245 5.95 4.86 -108.46
N GLN GA 246 6.81 5.86 -108.64
CA GLN GA 246 6.39 7.24 -108.77
C GLN GA 246 7.08 7.86 -109.99
N PHE GA 247 6.39 8.79 -110.64
CA PHE GA 247 6.97 9.42 -111.82
C PHE GA 247 6.51 10.87 -111.91
N THR GA 248 7.36 11.70 -112.52
CA THR GA 248 7.11 13.13 -112.63
C THR GA 248 6.72 13.47 -114.07
N VAL GA 249 5.68 14.28 -114.22
CA VAL GA 249 5.15 14.64 -115.53
C VAL GA 249 4.89 16.13 -115.58
N THR GA 250 5.11 16.72 -116.75
CA THR GA 250 4.83 18.13 -117.01
C THR GA 250 3.69 18.26 -118.01
N LEU GA 251 2.85 19.27 -117.79
CA LEU GA 251 1.63 19.45 -118.56
C LEU GA 251 1.50 20.92 -118.98
N THR GA 252 0.77 21.12 -120.08
CA THR GA 252 0.52 22.46 -120.62
C THR GA 252 -0.99 22.68 -120.68
N GLY GA 253 -1.37 23.82 -121.28
CA GLY GA 253 -2.77 24.13 -121.46
C GLY GA 253 -3.48 24.59 -120.21
N ALA GA 254 -2.76 24.85 -119.14
CA ALA GA 254 -3.37 25.25 -117.87
C ALA GA 254 -3.63 26.76 -117.88
N THR GA 255 -4.06 27.29 -116.75
CA THR GA 255 -4.30 28.72 -116.63
C THR GA 255 -2.98 29.48 -116.53
N ALA GA 256 -3.09 30.81 -116.43
CA ALA GA 256 -1.91 31.67 -116.46
C ALA GA 256 -0.97 31.41 -115.27
N SER GA 257 -1.40 31.75 -114.06
CA SER GA 257 -0.58 31.55 -112.88
C SER GA 257 -1.50 31.54 -111.66
N VAL GA 258 -1.68 30.37 -111.05
CA VAL GA 258 -2.49 30.22 -109.84
C VAL GA 258 -1.71 29.37 -108.86
N THR GA 259 -1.92 29.61 -107.57
CA THR GA 259 -1.35 28.78 -106.53
C THR GA 259 -2.27 27.61 -106.23
N GLY GA 260 -1.67 26.48 -105.86
CA GLY GA 260 -2.45 25.29 -105.57
C GLY GA 260 -3.26 24.78 -106.74
N PHE GA 261 -2.65 24.71 -107.93
CA PHE GA 261 -3.36 24.24 -109.11
C PHE GA 261 -3.81 22.80 -108.94
N LEU GA 262 -2.96 21.94 -108.40
CA LEU GA 262 -3.30 20.55 -108.16
C LEU GA 262 -2.89 20.18 -106.75
N LYS GA 263 -3.85 19.90 -105.88
CA LYS GA 263 -3.57 19.59 -104.49
C LYS GA 263 -3.27 18.10 -104.33
N ALA GA 264 -2.94 17.71 -103.11
CA ALA GA 264 -2.59 16.32 -102.81
C ALA GA 264 -3.86 15.49 -102.73
N GLY GA 265 -3.90 14.41 -103.51
CA GLY GA 265 -5.03 13.50 -103.53
C GLY GA 265 -5.89 13.59 -104.78
N ASP GA 266 -5.58 14.49 -105.71
CA ASP GA 266 -6.36 14.58 -106.93
C ASP GA 266 -6.03 13.42 -107.87
N GLN GA 267 -6.99 13.08 -108.73
CA GLN GA 267 -6.86 11.97 -109.65
C GLN GA 267 -6.82 12.51 -111.07
N VAL GA 268 -5.76 12.16 -111.81
CA VAL GA 268 -5.60 12.54 -113.21
C VAL GA 268 -5.74 11.27 -114.06
N LYS GA 269 -6.52 11.39 -115.13
CA LYS GA 269 -6.84 10.26 -115.99
C LYS GA 269 -6.23 10.47 -117.37
N PHE GA 270 -5.50 9.46 -117.83
CA PHE GA 270 -4.94 9.46 -119.18
C PHE GA 270 -5.93 8.73 -120.09
N THR GA 271 -6.47 9.46 -121.08
CA THR GA 271 -7.61 8.95 -121.84
C THR GA 271 -7.20 7.77 -122.74
N ASN GA 272 -6.12 7.92 -123.48
CA ASN GA 272 -5.79 6.97 -124.54
C ASN GA 272 -4.95 5.79 -124.06
N THR GA 273 -4.61 5.72 -122.78
CA THR GA 273 -3.86 4.61 -122.22
C THR GA 273 -4.75 3.81 -121.30
N TYR GA 274 -4.80 2.50 -121.49
CA TYR GA 274 -5.71 1.63 -120.77
C TYR GA 274 -4.95 0.76 -119.76
N TRP GA 275 -5.70 0.22 -118.80
CA TRP GA 275 -5.13 -0.73 -117.86
C TRP GA 275 -4.89 -2.07 -118.55
N LEU GA 276 -4.06 -2.90 -117.91
CA LEU GA 276 -3.81 -4.25 -118.37
C LEU GA 276 -3.98 -5.22 -117.21
N GLN GA 277 -4.58 -6.37 -117.51
CA GLN GA 277 -4.56 -7.47 -116.55
C GLN GA 277 -3.11 -7.91 -116.39
N GLN GA 278 -2.62 -7.87 -115.14
CA GLN GA 278 -1.17 -7.88 -114.92
C GLN GA 278 -0.52 -9.18 -115.37
N GLN GA 279 -1.23 -10.30 -115.27
CA GLN GA 279 -0.64 -11.57 -115.65
C GLN GA 279 -0.86 -11.86 -117.14
N THR GA 280 -2.10 -11.73 -117.61
CA THR GA 280 -2.38 -12.06 -119.00
C THR GA 280 -1.90 -10.97 -119.96
N LYS GA 281 -1.61 -9.78 -119.43
CA LYS GA 281 -1.14 -8.65 -120.23
C LYS GA 281 -2.10 -8.30 -121.37
N GLN GA 282 -3.39 -8.33 -121.07
CA GLN GA 282 -4.42 -7.90 -122.01
C GLN GA 282 -5.22 -6.77 -121.37
N ALA GA 283 -5.83 -5.94 -122.21
CA ALA GA 283 -6.50 -4.74 -121.71
C ALA GA 283 -7.71 -5.10 -120.86
N LEU GA 284 -8.22 -4.10 -120.15
CA LEU GA 284 -9.40 -4.24 -119.30
C LEU GA 284 -10.59 -3.62 -120.00
N TYR GA 285 -11.74 -4.27 -119.91
CA TYR GA 285 -12.95 -3.83 -120.59
C TYR GA 285 -14.09 -3.77 -119.58
N ASN GA 286 -14.66 -2.58 -119.40
CA ASN GA 286 -15.66 -2.33 -118.37
C ASN GA 286 -17.07 -2.51 -118.94
N GLY GA 287 -17.30 -3.68 -119.54
CA GLY GA 287 -18.62 -4.01 -120.02
C GLY GA 287 -19.02 -3.29 -121.29
N ALA GA 288 -18.85 -1.97 -121.32
CA ALA GA 288 -19.19 -1.17 -122.49
C ALA GA 288 -18.06 -0.28 -122.98
N THR GA 289 -17.11 0.08 -122.14
CA THR GA 289 -15.99 0.94 -122.51
C THR GA 289 -14.72 0.42 -121.88
N PRO GA 290 -13.57 0.62 -122.52
CA PRO GA 290 -12.30 0.26 -121.87
C PRO GA 290 -11.98 1.19 -120.71
N ILE GA 291 -11.19 0.68 -119.78
CA ILE GA 291 -10.83 1.41 -118.58
C ILE GA 291 -9.51 2.14 -118.82
N SER GA 292 -9.51 3.44 -118.59
CA SER GA 292 -8.32 4.26 -118.78
C SER GA 292 -7.44 4.21 -117.53
N PHE GA 293 -6.19 4.63 -117.70
CA PHE GA 293 -5.23 4.68 -116.62
C PHE GA 293 -5.43 5.95 -115.80
N THR GA 294 -5.16 5.86 -114.50
CA THR GA 294 -5.31 6.98 -113.59
C THR GA 294 -4.14 7.04 -112.63
N ALA GA 295 -3.84 8.23 -112.13
CA ALA GA 295 -2.73 8.46 -111.22
C ALA GA 295 -3.13 9.50 -110.18
N THR GA 296 -2.42 9.50 -109.06
CA THR GA 296 -2.74 10.33 -107.92
C THR GA 296 -1.64 11.35 -107.68
N VAL GA 297 -2.04 12.61 -107.49
CA VAL GA 297 -1.09 13.65 -107.10
C VAL GA 297 -0.60 13.37 -105.69
N THR GA 298 0.68 13.61 -105.45
CA THR GA 298 1.30 13.38 -104.15
C THR GA 298 1.48 14.66 -103.36
N ALA GA 299 2.05 15.69 -103.99
CA ALA GA 299 2.31 16.97 -103.35
C ALA GA 299 1.67 18.09 -104.14
N ASP GA 300 1.41 19.20 -103.44
CA ASP GA 300 0.75 20.34 -104.07
C ASP GA 300 1.62 20.92 -105.19
N ALA GA 301 0.97 21.27 -106.30
CA ALA GA 301 1.66 21.77 -107.48
C ALA GA 301 0.97 23.03 -107.98
N ASN GA 302 1.77 24.08 -108.19
CA ASN GA 302 1.28 25.34 -108.72
C ASN GA 302 1.48 25.38 -110.24
N SER GA 303 1.15 26.52 -110.84
CA SER GA 303 1.32 26.74 -112.27
C SER GA 303 1.98 28.09 -112.49
N ASP GA 304 2.98 28.12 -113.36
CA ASP GA 304 3.68 29.35 -113.70
C ASP GA 304 3.17 29.86 -115.04
N SER GA 305 3.72 31.00 -115.48
CA SER GA 305 3.29 31.63 -116.71
C SER GA 305 3.48 30.69 -117.89
N GLY GA 306 2.51 30.69 -118.81
CA GLY GA 306 2.50 29.78 -119.92
C GLY GA 306 1.77 28.47 -119.65
N GLY GA 307 1.25 28.28 -118.44
CA GLY GA 307 0.52 27.08 -118.10
C GLY GA 307 1.37 25.82 -118.08
N ASP GA 308 2.58 25.92 -117.54
CA ASP GA 308 3.49 24.78 -117.42
C ASP GA 308 3.42 24.28 -115.99
N VAL GA 309 2.86 23.08 -115.81
CA VAL GA 309 2.66 22.51 -114.48
C VAL GA 309 3.47 21.22 -114.39
N THR GA 310 4.39 21.16 -113.44
CA THR GA 310 5.14 19.94 -113.16
C THR GA 310 4.60 19.30 -111.89
N VAL GA 311 4.39 17.99 -111.93
CA VAL GA 311 3.74 17.30 -110.81
C VAL GA 311 4.26 15.88 -110.70
N THR GA 312 4.38 15.41 -109.46
CA THR GA 312 4.82 14.06 -109.16
C THR GA 312 3.61 13.20 -108.84
N LEU GA 313 3.47 12.08 -109.54
CA LEU GA 313 2.31 11.20 -109.41
C LEU GA 313 2.75 9.83 -108.92
N SER GA 314 1.85 9.19 -108.17
CA SER GA 314 2.06 7.85 -107.64
C SER GA 314 1.32 6.85 -108.51
N GLY GA 315 1.99 5.74 -108.82
CA GLY GA 315 1.47 4.79 -109.78
C GLY GA 315 2.01 5.06 -111.17
N VAL GA 316 2.77 4.12 -111.71
CA VAL GA 316 3.51 4.36 -112.95
C VAL GA 316 2.98 3.47 -114.07
N PRO GA 317 2.78 4.01 -115.27
CA PRO GA 317 2.39 3.21 -116.44
C PRO GA 317 3.61 2.67 -117.19
N ILE GA 318 4.23 1.64 -116.61
CA ILE GA 318 5.46 1.10 -117.18
C ILE GA 318 5.16 0.50 -118.55
N TYR GA 319 5.91 0.95 -119.55
CA TYR GA 319 5.85 0.38 -120.90
C TYR GA 319 7.25 0.20 -121.44
N ASP GA 320 8.12 -0.42 -120.63
CA ASP GA 320 9.49 -0.64 -121.05
C ASP GA 320 9.53 -1.54 -122.28
N THR GA 321 10.44 -1.24 -123.21
CA THR GA 321 10.54 -1.97 -124.45
C THR GA 321 11.68 -2.99 -124.48
N THR GA 322 12.66 -2.86 -123.60
CA THR GA 322 13.72 -3.84 -123.48
C THR GA 322 13.43 -4.90 -122.43
N ASN GA 323 12.49 -4.66 -121.52
CA ASN GA 323 12.03 -5.64 -120.54
C ASN GA 323 10.52 -5.72 -120.62
N PRO GA 324 9.99 -6.38 -121.66
CA PRO GA 324 8.54 -6.36 -121.89
C PRO GA 324 7.73 -7.00 -120.79
N GLN GA 325 8.34 -7.83 -119.93
CA GLN GA 325 7.58 -8.55 -118.92
C GLN GA 325 7.01 -7.66 -117.84
N TYR GA 326 7.42 -6.39 -117.76
CA TYR GA 326 6.97 -5.50 -116.70
C TYR GA 326 6.00 -4.43 -117.19
N ASN GA 327 5.44 -4.59 -118.39
CA ASN GA 327 4.45 -3.64 -118.87
C ASN GA 327 3.19 -3.70 -118.02
N SER GA 328 2.49 -2.56 -117.93
CA SER GA 328 1.24 -2.50 -117.18
C SER GA 328 0.18 -1.66 -117.89
N VAL GA 329 0.49 -1.12 -119.06
CA VAL GA 329 -0.47 -0.32 -119.82
C VAL GA 329 -0.36 -0.70 -121.28
N SER GA 330 -1.39 -0.36 -122.06
CA SER GA 330 -1.44 -0.77 -123.45
C SER GA 330 -0.39 -0.06 -124.30
N ARG GA 331 -0.29 1.26 -124.17
CA ARG GA 331 0.61 2.04 -124.99
C ARG GA 331 1.37 3.05 -124.13
N GLN GA 332 2.50 3.50 -124.64
CA GLN GA 332 3.35 4.45 -123.93
C GLN GA 332 2.72 5.84 -123.96
N VAL GA 333 2.79 6.55 -122.84
CA VAL GA 333 2.42 7.96 -122.82
C VAL GA 333 3.48 8.76 -123.54
N GLU GA 334 3.06 9.57 -124.51
CA GLU GA 334 3.99 10.36 -125.30
C GLU GA 334 3.49 11.79 -125.35
N ALA GA 335 4.30 12.67 -125.96
CA ALA GA 335 3.95 14.09 -126.02
C ALA GA 335 2.69 14.28 -126.84
N GLY GA 336 1.84 15.22 -126.40
CA GLY GA 336 0.60 15.51 -127.08
C GLY GA 336 -0.61 14.74 -126.62
N ASP GA 337 -0.43 13.76 -125.74
CA ASP GA 337 -1.58 13.03 -125.21
C ASP GA 337 -2.43 13.94 -124.33
N ALA GA 338 -3.72 13.65 -124.30
CA ALA GA 338 -4.70 14.46 -123.57
C ALA GA 338 -4.99 13.80 -122.23
N VAL GA 339 -4.97 14.61 -121.17
CA VAL GA 339 -5.25 14.14 -119.82
C VAL GA 339 -6.41 14.96 -119.25
N SER GA 340 -7.06 14.40 -118.23
CA SER GA 340 -8.15 15.08 -117.56
C SER GA 340 -7.98 14.92 -116.05
N VAL GA 341 -8.71 15.74 -115.30
CA VAL GA 341 -8.70 15.67 -113.85
C VAL GA 341 -10.13 15.41 -113.38
N VAL GA 342 -10.30 14.42 -112.51
CA VAL GA 342 -11.65 14.06 -112.08
C VAL GA 342 -12.15 15.09 -111.08
N GLY GA 343 -13.47 15.26 -111.03
CA GLY GA 343 -14.09 16.17 -110.09
C GLY GA 343 -14.34 17.54 -110.67
N THR GA 344 -14.92 18.40 -109.84
CA THR GA 344 -15.22 19.77 -110.22
C THR GA 344 -14.09 20.69 -109.78
N ALA GA 345 -14.32 22.00 -109.89
CA ALA GA 345 -13.26 22.99 -109.72
C ALA GA 345 -12.62 22.96 -108.34
N SER GA 346 -13.38 23.30 -107.30
CA SER GA 346 -12.79 23.44 -105.97
C SER GA 346 -13.71 22.94 -104.87
N GLN GA 347 -14.52 21.92 -105.14
CA GLN GA 347 -15.40 21.39 -104.11
C GLN GA 347 -14.60 20.56 -103.11
N THR GA 348 -15.17 20.41 -101.91
CA THR GA 348 -14.57 19.61 -100.86
C THR GA 348 -15.50 18.44 -100.55
N MET GA 349 -14.91 17.27 -100.30
CA MET GA 349 -15.70 16.06 -100.13
C MET GA 349 -14.94 15.07 -99.24
N LYS GA 350 -15.69 14.10 -98.74
CA LYS GA 350 -15.14 13.03 -97.91
C LYS GA 350 -15.09 11.74 -98.72
N PRO GA 351 -13.93 11.30 -99.19
CA PRO GA 351 -13.87 10.13 -100.06
C PRO GA 351 -14.12 8.83 -99.30
N ASN GA 352 -14.48 7.81 -100.08
CA ASN GA 352 -14.67 6.45 -99.57
C ASN GA 352 -13.55 5.58 -100.12
N LEU GA 353 -13.11 4.61 -99.32
CA LEU GA 353 -11.90 3.88 -99.66
C LEU GA 353 -12.20 2.41 -99.92
N PHE GA 354 -11.38 1.80 -100.80
CA PHE GA 354 -11.43 0.36 -101.03
C PHE GA 354 -10.02 -0.11 -101.32
N TYR GA 355 -9.64 -1.23 -100.70
CA TYR GA 355 -8.23 -1.63 -100.77
C TYR GA 355 -8.06 -3.09 -100.39
N ASN GA 356 -6.95 -3.66 -100.86
CA ASN GA 356 -6.51 -4.98 -100.48
C ASN GA 356 -5.77 -4.93 -99.15
N LYS GA 357 -5.53 -6.11 -98.58
CA LYS GA 357 -4.80 -6.20 -97.31
C LYS GA 357 -3.37 -5.70 -97.47
N PHE GA 358 -2.70 -6.11 -98.54
CA PHE GA 358 -1.27 -5.82 -98.73
C PHE GA 358 -1.05 -4.54 -99.53
N PHE GA 359 -1.67 -3.44 -99.09
CA PHE GA 359 -1.53 -2.15 -99.76
C PHE GA 359 -0.66 -1.18 -98.97
N CYS GA 360 -1.04 -0.91 -97.72
CA CYS GA 360 -0.22 -0.10 -96.83
C CYS GA 360 -0.11 -0.79 -95.47
N GLY GA 361 1.11 -0.80 -94.92
CA GLY GA 361 1.36 -1.32 -93.60
C GLY GA 361 1.33 -0.24 -92.54
N LEU GA 362 1.58 -0.66 -91.31
CA LEU GA 362 1.60 0.25 -90.17
C LEU GA 362 2.35 -0.41 -89.02
N GLY GA 363 3.20 0.37 -88.35
CA GLY GA 363 3.93 -0.16 -87.21
C GLY GA 363 4.19 0.95 -86.21
N SER GA 364 4.70 0.54 -85.05
CA SER GA 364 5.04 1.48 -83.99
C SER GA 364 6.44 1.17 -83.48
N ILE GA 365 7.19 2.23 -83.22
CA ILE GA 365 8.57 2.13 -82.73
C ILE GA 365 8.53 2.21 -81.21
N PRO GA 366 9.19 1.30 -80.49
CA PRO GA 366 9.25 1.43 -79.03
C PRO GA 366 10.08 2.62 -78.60
N LEU GA 367 9.68 3.23 -77.48
CA LEU GA 367 10.37 4.38 -76.93
C LEU GA 367 10.99 4.03 -75.59
N PRO GA 368 12.29 4.19 -75.42
CA PRO GA 368 12.91 3.94 -74.12
C PRO GA 368 12.61 5.06 -73.13
N LYS GA 369 12.82 4.76 -71.85
CA LYS GA 369 12.52 5.70 -70.78
C LYS GA 369 13.65 6.71 -70.64
N LEU GA 370 13.29 7.98 -70.45
CA LEU GA 370 14.28 9.01 -70.19
C LEU GA 370 14.90 8.83 -68.83
N HIS GA 371 16.21 9.10 -68.74
CA HIS GA 371 16.95 8.87 -67.51
C HIS GA 371 16.55 9.87 -66.44
N SER GA 372 16.42 9.38 -65.20
CA SER GA 372 16.14 10.21 -64.02
C SER GA 372 14.87 11.04 -64.18
N ILE GA 373 13.96 10.58 -65.02
CA ILE GA 373 12.66 11.23 -65.21
C ILE GA 373 11.59 10.15 -65.10
N ASP GA 374 10.67 10.31 -64.16
CA ASP GA 374 9.65 9.29 -63.93
C ASP GA 374 8.67 9.23 -65.09
N SER GA 375 8.24 8.01 -65.41
CA SER GA 375 7.50 7.73 -66.63
C SER GA 375 6.71 6.44 -66.46
N ALA GA 376 5.85 6.17 -67.41
CA ALA GA 376 5.03 4.96 -67.42
C ALA GA 376 4.57 4.69 -68.85
N VAL GA 377 3.93 3.55 -69.03
CA VAL GA 377 3.43 3.11 -70.33
C VAL GA 377 1.93 2.86 -70.21
N ALA GA 378 1.16 3.44 -71.13
CA ALA GA 378 -0.29 3.29 -71.15
C ALA GA 378 -0.70 2.60 -72.43
N THR GA 379 -1.55 1.58 -72.32
CA THR GA 379 -1.99 0.81 -73.46
C THR GA 379 -3.41 1.19 -73.85
N TYR GA 380 -3.62 1.47 -75.13
CA TYR GA 380 -4.94 1.80 -75.65
C TYR GA 380 -5.08 1.24 -77.05
N GLU GA 381 -6.07 0.37 -77.25
CA GLU GA 381 -6.39 -0.18 -78.57
C GLU GA 381 -5.17 -0.82 -79.22
N GLY GA 382 -4.38 -1.53 -78.41
CA GLY GA 382 -3.21 -2.20 -78.92
C GLY GA 382 -2.02 -1.33 -79.20
N PHE GA 383 -2.05 -0.06 -78.79
CA PHE GA 383 -0.94 0.86 -78.98
C PHE GA 383 -0.39 1.28 -77.63
N SER GA 384 0.94 1.42 -77.55
CA SER GA 384 1.60 1.82 -76.32
C SER GA 384 2.00 3.29 -76.40
N ILE GA 385 1.69 4.04 -75.35
CA ILE GA 385 2.00 5.46 -75.26
C ILE GA 385 2.91 5.67 -74.06
N ARG GA 386 4.00 6.40 -74.27
CA ARG GA 386 4.95 6.67 -73.20
C ARG GA 386 4.59 7.99 -72.55
N VAL GA 387 4.36 7.99 -71.24
CA VAL GA 387 4.01 9.18 -70.50
C VAL GA 387 5.16 9.53 -69.57
N HIS GA 388 5.57 10.80 -69.59
CA HIS GA 388 6.68 11.29 -68.80
C HIS GA 388 6.23 12.47 -67.94
N LYS GA 389 6.83 12.60 -66.75
CA LYS GA 389 6.53 13.70 -65.86
C LYS GA 389 7.81 14.36 -65.39
N TYR GA 390 7.81 15.69 -65.31
CA TYR GA 390 9.00 16.40 -64.86
C TYR GA 390 8.60 17.80 -64.38
N ALA GA 391 9.58 18.54 -63.87
CA ALA GA 391 9.33 19.77 -63.14
C ALA GA 391 10.27 20.88 -63.59
N ASP GA 392 10.40 21.06 -64.90
CA ASP GA 392 11.16 22.19 -65.42
C ASP GA 392 10.52 23.49 -64.98
N GLY GA 393 11.36 24.47 -64.64
CA GLY GA 393 10.87 25.75 -64.16
C GLY GA 393 10.64 25.78 -62.66
N ASP GA 394 10.83 26.94 -62.05
CA ASP GA 394 10.69 27.10 -60.61
C ASP GA 394 9.55 28.05 -60.24
N ALA GA 395 8.41 27.92 -60.92
CA ALA GA 395 7.25 28.76 -60.68
C ALA GA 395 5.98 27.93 -60.47
N ASN GA 396 6.07 26.87 -59.66
CA ASN GA 396 4.95 25.97 -59.41
C ASN GA 396 4.38 25.41 -60.71
N VAL GA 397 5.27 25.06 -61.63
CA VAL GA 397 4.89 24.60 -62.96
C VAL GA 397 5.39 23.16 -63.10
N GLN GA 398 4.46 22.24 -63.32
CA GLN GA 398 4.78 20.85 -63.61
C GLN GA 398 4.43 20.53 -65.07
N LYS GA 399 5.12 19.55 -65.63
CA LYS GA 399 4.91 19.22 -67.03
C LYS GA 399 4.77 17.71 -67.19
N MET GA 400 3.78 17.29 -67.98
CA MET GA 400 3.60 15.90 -68.35
C MET GA 400 3.41 15.81 -69.85
N ARG GA 401 4.01 14.79 -70.45
CA ARG GA 401 3.99 14.64 -71.90
C ARG GA 401 3.67 13.21 -72.29
N PHE GA 402 2.97 13.07 -73.41
CA PHE GA 402 2.57 11.78 -73.97
C PHE GA 402 3.19 11.63 -75.35
N ASP GA 403 3.82 10.48 -75.60
CA ASP GA 403 4.57 10.29 -76.84
C ASP GA 403 4.23 8.95 -77.47
N LEU GA 404 4.24 8.94 -78.80
CA LEU GA 404 4.07 7.74 -79.62
C LEU GA 404 4.76 7.98 -80.95
N LEU GA 405 5.27 6.90 -81.56
CA LEU GA 405 6.01 7.05 -82.80
C LEU GA 405 5.59 6.00 -83.83
N PRO GA 406 4.95 6.41 -84.92
CA PRO GA 406 4.48 5.47 -85.93
C PRO GA 406 5.46 5.30 -87.09
N ALA GA 407 5.20 4.28 -87.90
CA ALA GA 407 5.99 3.99 -89.08
C ALA GA 407 5.06 3.47 -90.17
N TYR GA 408 5.29 3.93 -91.40
CA TYR GA 408 4.40 3.63 -92.52
C TYR GA 408 5.20 3.06 -93.69
N VAL GA 409 4.50 2.27 -94.50
CA VAL GA 409 5.05 1.68 -95.72
C VAL GA 409 3.92 1.48 -96.70
N CYS GA 410 4.19 1.74 -97.98
CA CYS GA 410 3.25 1.48 -99.06
C CYS GA 410 3.85 0.43 -99.98
N PHE GA 411 3.21 -0.74 -100.07
CA PHE GA 411 3.81 -1.85 -100.81
C PHE GA 411 3.62 -1.70 -102.31
N ASN GA 412 2.37 -1.67 -102.76
CA ASN GA 412 2.05 -1.56 -104.19
C ASN GA 412 0.87 -0.62 -104.34
N PRO GA 413 1.03 0.52 -105.01
CA PRO GA 413 -0.10 1.45 -105.16
C PRO GA 413 -1.27 0.88 -105.95
N HIS GA 414 -1.06 -0.18 -106.73
CA HIS GA 414 -2.07 -0.70 -107.63
C HIS GA 414 -3.03 -1.68 -106.96
N MET GA 415 -3.10 -1.70 -105.63
CA MET GA 415 -4.09 -2.49 -104.91
C MET GA 415 -4.82 -1.61 -103.89
N GLY GA 416 -5.34 -0.49 -104.35
CA GLY GA 416 -6.11 0.38 -103.48
C GLY GA 416 -6.38 1.71 -104.15
N GLY GA 417 -7.21 2.50 -103.50
CA GLY GA 417 -7.54 3.81 -104.02
C GLY GA 417 -8.89 4.28 -103.48
N GLN GA 418 -9.41 5.31 -104.14
CA GLN GA 418 -10.67 5.94 -103.77
C GLN GA 418 -11.78 5.48 -104.71
N PHE GA 419 -13.00 5.48 -104.21
CA PHE GA 419 -14.14 5.13 -105.04
C PHE GA 419 -15.34 5.97 -104.64
N PHE GA 420 -16.19 6.25 -105.62
CA PHE GA 420 -17.38 7.07 -105.43
C PHE GA 420 -18.54 6.39 -106.16
N GLY GA 421 -19.72 6.98 -106.04
CA GLY GA 421 -20.86 6.50 -106.80
C GLY GA 421 -20.92 7.09 -108.19
N ASN GA 422 -21.70 6.45 -109.05
CA ASN GA 422 -21.88 6.94 -110.41
C ASN GA 422 -23.34 6.86 -110.81
N PRO GA 423 -23.80 7.78 -111.68
CA PRO GA 423 -25.19 7.75 -112.16
C PRO GA 423 -25.35 6.87 -113.39
N THR HA 3 55.49 63.76 -28.33
CA THR HA 3 55.73 64.97 -27.53
C THR HA 3 55.54 64.66 -26.06
N VAL HA 4 56.43 65.21 -25.22
CA VAL HA 4 56.37 64.93 -23.79
C VAL HA 4 55.30 65.80 -23.12
N LEU HA 5 54.59 65.23 -22.18
CA LEU HA 5 53.56 65.93 -21.42
C LEU HA 5 54.19 66.60 -20.21
N THR HA 6 53.67 67.77 -19.85
CA THR HA 6 54.27 68.61 -18.82
C THR HA 6 53.21 69.07 -17.83
N LYS HA 7 53.64 69.21 -16.57
CA LYS HA 7 52.73 69.67 -15.52
C LYS HA 7 52.17 71.05 -15.84
N GLY HA 8 53.02 71.94 -16.38
CA GLY HA 8 52.53 73.23 -16.80
C GLY HA 8 51.48 73.14 -17.88
N GLU HA 9 51.69 72.23 -18.84
CA GLU HA 9 50.68 72.00 -19.87
C GLU HA 9 49.36 71.54 -19.26
N ILE HA 10 49.43 70.62 -18.29
CA ILE HA 10 48.21 70.11 -17.67
C ILE HA 10 47.48 71.23 -16.93
N VAL HA 11 48.22 72.04 -16.18
CA VAL HA 11 47.59 73.12 -15.42
C VAL HA 11 46.97 74.16 -16.36
N LEU HA 12 47.68 74.51 -17.43
CA LEU HA 12 47.14 75.47 -18.38
C LEU HA 12 45.91 74.92 -19.08
N PHE HA 13 45.90 73.63 -19.41
CA PHE HA 13 44.73 73.01 -20.00
C PHE HA 13 43.54 73.07 -19.04
N ALA HA 14 43.78 72.76 -17.77
CA ALA HA 14 42.71 72.80 -16.78
C ALA HA 14 42.15 74.22 -16.64
N LEU HA 15 43.02 75.22 -16.60
CA LEU HA 15 42.54 76.60 -16.50
C LEU HA 15 41.77 77.02 -17.74
N ARG HA 16 42.23 76.58 -18.92
CA ARG HA 16 41.57 76.98 -20.16
C ARG HA 16 40.20 76.34 -20.32
N LYS HA 17 40.05 75.09 -19.85
CA LYS HA 17 38.84 74.34 -20.14
C LYS HA 17 37.57 74.98 -19.57
N PHE HA 18 37.70 75.86 -18.59
CA PHE HA 18 36.51 76.52 -18.04
C PHE HA 18 36.63 78.04 -18.16
N ALA HA 19 37.45 78.50 -19.11
CA ALA HA 19 37.55 79.90 -19.51
C ALA HA 19 38.07 80.81 -18.40
N ILE HA 20 38.80 80.26 -17.43
CA ILE HA 20 39.40 81.10 -16.40
C ILE HA 20 40.55 81.92 -16.99
N ALA HA 21 41.41 81.28 -17.78
CA ALA HA 21 42.54 81.95 -18.40
C ALA HA 21 43.02 81.11 -19.57
N SER HA 22 43.12 81.73 -20.74
CA SER HA 22 43.49 81.01 -21.95
C SER HA 22 44.51 81.85 -22.73
N ASN HA 23 44.80 81.41 -23.95
CA ASN HA 23 45.78 82.08 -24.78
C ASN HA 23 45.28 83.43 -25.27
N ALA HA 24 43.98 83.53 -25.58
CA ALA HA 24 43.41 84.73 -26.16
C ALA HA 24 42.80 85.68 -25.14
N SER HA 25 42.89 85.36 -23.85
CA SER HA 25 42.30 86.21 -22.83
C SER HA 25 43.04 87.54 -22.72
N LEU HA 26 42.30 88.59 -22.36
CA LEU HA 26 42.91 89.89 -22.14
C LEU HA 26 43.39 90.10 -20.71
N THR HA 27 43.08 89.16 -19.82
CA THR HA 27 43.58 89.18 -18.45
C THR HA 27 44.10 87.79 -18.10
N ASP HA 28 45.13 87.74 -17.27
CA ASP HA 28 45.79 86.48 -16.92
C ASP HA 28 46.01 86.42 -15.41
N VAL HA 29 46.40 85.24 -14.95
CA VAL HA 29 46.62 85.00 -13.53
C VAL HA 29 48.11 85.12 -13.23
N GLU HA 30 48.41 85.47 -11.98
CA GLU HA 30 49.79 85.60 -11.55
C GLU HA 30 50.45 84.23 -11.43
N PRO HA 31 51.79 84.18 -11.47
CA PRO HA 31 52.47 82.88 -11.36
C PRO HA 31 52.20 82.16 -10.05
N GLN HA 32 51.75 82.86 -9.01
CA GLN HA 32 51.39 82.19 -7.77
C GLN HA 32 50.24 81.22 -7.98
N SER HA 33 49.28 81.58 -8.84
CA SER HA 33 48.18 80.67 -9.16
C SER HA 33 48.71 79.42 -9.87
N ILE HA 34 49.66 79.59 -10.79
CA ILE HA 34 50.24 78.44 -11.48
C ILE HA 34 50.97 77.53 -10.49
N GLU HA 35 51.73 78.14 -9.56
CA GLU HA 35 52.43 77.35 -8.57
C GLU HA 35 51.45 76.59 -7.68
N ASP HA 36 50.36 77.23 -7.27
CA ASP HA 36 49.36 76.55 -6.45
C ASP HA 36 48.70 75.42 -7.23
N GLY HA 37 48.45 75.62 -8.52
CA GLY HA 37 47.91 74.55 -9.33
C GLY HA 37 48.85 73.36 -9.43
N VAL HA 38 50.14 73.63 -9.60
CA VAL HA 38 51.12 72.56 -9.65
C VAL HA 38 51.16 71.80 -8.32
N ASN HA 39 51.13 72.53 -7.21
CA ASN HA 39 51.12 71.86 -5.90
C ASN HA 39 49.87 71.02 -5.72
N ASP HA 40 48.71 71.53 -6.15
CA ASP HA 40 47.48 70.77 -6.05
C ASP HA 40 47.54 69.50 -6.90
N LEU HA 41 48.09 69.61 -8.11
CA LEU HA 41 48.27 68.43 -8.95
C LEU HA 41 49.18 67.41 -8.29
N GLU HA 42 50.27 67.88 -7.67
CA GLU HA 42 51.19 66.98 -6.99
C GLU HA 42 50.48 66.25 -5.85
N ASP HA 43 49.70 66.98 -5.05
CA ASP HA 43 48.97 66.36 -3.95
C ASP HA 43 47.95 65.35 -4.46
N MET HA 44 47.24 65.69 -5.53
CA MET HA 44 46.24 64.77 -6.08
C MET HA 44 46.88 63.50 -6.61
N MET HA 45 48.03 63.63 -7.29
CA MET HA 45 48.73 62.45 -7.79
C MET HA 45 49.27 61.61 -6.64
N SER HA 46 49.74 62.25 -5.57
CA SER HA 46 50.20 61.49 -4.41
C SER HA 46 49.04 60.73 -3.77
N GLU HA 47 47.86 61.36 -3.70
CA GLU HA 47 46.69 60.68 -3.15
C GLU HA 47 46.22 59.54 -4.04
N TRP HA 48 46.30 59.71 -5.36
CA TRP HA 48 45.85 58.73 -6.36
C TRP HA 48 46.66 57.45 -6.35
N MET HA 49 47.66 57.29 -5.49
CA MET HA 49 48.49 56.10 -5.53
C MET HA 49 47.79 54.87 -4.95
N ILE HA 50 46.64 55.04 -4.30
CA ILE HA 50 46.00 53.95 -3.59
C ILE HA 50 44.63 53.61 -4.16
N ASN HA 51 43.79 54.60 -4.46
CA ASN HA 51 42.46 54.25 -4.95
C ASN HA 51 42.48 53.96 -6.45
N PRO HA 52 42.95 54.88 -7.33
CA PRO HA 52 43.00 54.53 -8.76
C PRO HA 52 44.22 53.70 -9.11
N GLY HA 53 45.26 53.77 -8.28
CA GLY HA 53 46.48 53.05 -8.53
C GLY HA 53 47.51 53.89 -9.27
N ASP HA 54 48.72 53.32 -9.36
CA ASP HA 54 49.82 54.00 -10.03
C ASP HA 54 49.56 54.09 -11.53
N ILE HA 55 49.90 55.25 -12.10
CA ILE HA 55 49.74 55.47 -13.54
C ILE HA 55 51.03 56.04 -14.12
N GLY HA 56 52.06 56.12 -13.30
CA GLY HA 56 53.37 56.55 -13.79
C GLY HA 56 53.63 58.04 -13.70
N TYR HA 57 53.49 58.61 -12.51
CA TYR HA 57 53.71 60.02 -12.27
C TYR HA 57 55.03 60.21 -11.53
N ALA HA 58 55.88 61.09 -12.06
CA ALA HA 58 57.17 61.37 -11.44
C ALA HA 58 56.98 62.36 -10.30
N PHE HA 59 57.44 62.01 -9.12
CA PHE HA 59 57.16 62.77 -7.90
C PHE HA 59 58.23 63.79 -7.55
N ALA HA 60 59.29 63.90 -8.36
CA ALA HA 60 60.39 64.82 -8.10
C ALA HA 60 60.98 64.56 -6.70
N THR HA 61 61.55 63.37 -6.58
CA THR HA 61 62.07 62.91 -5.29
C THR HA 61 63.19 63.81 -4.80
N GLY HA 62 63.34 63.86 -3.48
CA GLY HA 62 64.30 64.74 -2.85
C GLY HA 62 63.64 65.90 -2.14
N ASP HA 63 64.45 66.88 -1.78
CA ASP HA 63 63.97 68.09 -1.13
C ASP HA 63 63.57 69.17 -2.12
N GLU HA 64 63.76 68.94 -3.43
CA GLU HA 64 63.41 69.93 -4.43
C GLU HA 64 61.90 70.07 -4.53
N GLN HA 65 61.43 71.31 -4.61
CA GLN HA 65 60.02 71.58 -4.79
C GLN HA 65 59.60 71.32 -6.23
N PRO HA 66 58.34 70.97 -6.47
CA PRO HA 66 57.88 70.73 -7.84
C PRO HA 66 57.99 71.99 -8.69
N LEU HA 67 58.29 71.78 -9.98
CA LEU HA 67 58.44 72.87 -10.93
C LEU HA 67 57.55 72.62 -12.14
N PRO HA 68 56.85 73.65 -12.63
CA PRO HA 68 55.93 73.43 -13.74
C PRO HA 68 56.60 73.00 -15.02
N ASP HA 69 57.92 73.20 -15.16
CA ASP HA 69 58.61 72.83 -16.39
C ASP HA 69 59.05 71.37 -16.40
N ASP HA 70 59.10 70.71 -15.26
CA ASP HA 70 59.55 69.32 -15.22
C ASP HA 70 58.51 68.40 -15.85
N GLU HA 71 58.99 67.40 -16.58
CA GLU HA 71 58.10 66.47 -17.26
C GLU HA 71 57.41 65.56 -16.26
N SER HA 72 56.10 65.40 -16.41
CA SER HA 72 55.34 64.53 -15.53
C SER HA 72 55.61 63.06 -15.81
N GLY HA 73 55.63 62.67 -17.07
CA GLY HA 73 55.87 61.29 -17.47
C GLY HA 73 54.65 60.50 -17.87
N LEU HA 74 53.45 61.06 -17.67
CA LEU HA 74 52.24 60.34 -18.02
C LEU HA 74 52.12 60.19 -19.53
N PRO HA 75 51.50 59.10 -20.00
CA PRO HA 75 51.10 59.04 -21.40
C PRO HA 75 50.00 60.05 -21.69
N ARG HA 76 49.92 60.48 -22.95
CA ARG HA 76 48.96 61.50 -23.32
C ARG HA 76 47.51 61.02 -23.16
N LYS HA 77 47.30 59.72 -23.01
CA LYS HA 77 45.94 59.21 -22.90
C LYS HA 77 45.23 59.68 -21.64
N TYR HA 78 45.97 59.96 -20.58
CA TYR HA 78 45.37 60.34 -19.30
C TYR HA 78 45.23 61.85 -19.13
N LYS HA 79 45.61 62.63 -20.15
CA LYS HA 79 45.66 64.09 -20.00
C LYS HA 79 44.29 64.66 -19.70
N HIS HA 80 43.26 64.25 -20.46
CA HIS HA 80 41.93 64.81 -20.27
C HIS HA 80 41.35 64.43 -18.91
N ALA HA 81 41.56 63.18 -18.50
CA ALA HA 81 41.07 62.74 -17.19
C ALA HA 81 41.69 63.53 -16.07
N VAL HA 82 43.02 63.65 -16.08
CA VAL HA 82 43.70 64.40 -15.02
C VAL HA 82 43.29 65.86 -15.05
N GLY HA 83 43.15 66.43 -16.24
CA GLY HA 83 42.76 67.83 -16.34
C GLY HA 83 41.38 68.09 -15.77
N TYR HA 84 40.41 67.23 -16.10
CA TYR HA 84 39.07 67.41 -15.57
C TYR HA 84 39.03 67.21 -14.06
N GLN HA 85 39.77 66.22 -13.54
CA GLN HA 85 39.80 66.02 -12.09
C GLN HA 85 40.39 67.25 -11.39
N LEU HA 86 41.48 67.79 -11.93
CA LEU HA 86 42.10 68.96 -11.31
C LEU HA 86 41.20 70.19 -11.43
N LEU HA 87 40.48 70.31 -12.54
CA LEU HA 87 39.52 71.40 -12.68
C LEU HA 87 38.42 71.31 -11.63
N LEU HA 88 37.89 70.11 -11.42
CA LEU HA 88 36.88 69.93 -10.39
C LEU HA 88 37.43 70.25 -9.01
N ARG HA 89 38.70 69.95 -8.74
CA ARG HA 89 39.29 70.24 -7.45
C ARG HA 89 39.71 71.71 -7.30
N MET HA 90 39.82 72.46 -8.40
CA MET HA 90 40.21 73.86 -8.30
C MET HA 90 39.07 74.86 -8.45
N LEU HA 91 37.89 74.45 -8.95
CA LEU HA 91 36.83 75.42 -9.18
C LEU HA 91 36.47 76.19 -7.92
N SER HA 92 36.48 75.53 -6.76
CA SER HA 92 36.15 76.21 -5.51
C SER HA 92 37.17 77.29 -5.15
N ASP HA 93 38.38 77.23 -5.68
CA ASP HA 93 39.37 78.27 -5.44
C ASP HA 93 38.93 79.61 -5.99
N TYR HA 94 38.28 79.63 -7.16
CA TYR HA 94 37.71 80.85 -7.72
C TYR HA 94 36.22 80.95 -7.45
N SER HA 95 35.67 80.00 -6.69
CA SER HA 95 34.28 80.05 -6.24
C SER HA 95 33.31 79.99 -7.42
N LEU HA 96 33.50 79.00 -8.28
CA LEU HA 96 32.64 78.75 -9.44
C LEU HA 96 32.10 77.34 -9.36
N GLU HA 97 31.02 77.10 -10.11
CA GLU HA 97 30.31 75.82 -10.03
C GLU HA 97 30.39 75.10 -11.38
N PRO HA 98 30.73 73.81 -11.38
CA PRO HA 98 30.79 73.08 -12.65
C PRO HA 98 29.41 72.91 -13.25
N THR HA 99 29.38 72.83 -14.58
CA THR HA 99 28.17 72.61 -15.34
C THR HA 99 27.96 71.12 -15.58
N PRO HA 100 26.72 70.71 -15.87
CA PRO HA 100 26.47 69.28 -16.14
C PRO HA 100 27.29 68.74 -17.29
N GLN HA 101 27.57 69.55 -18.31
CA GLN HA 101 28.41 69.09 -19.41
C GLN HA 101 29.83 68.78 -18.94
N VAL HA 102 30.39 69.66 -18.11
CA VAL HA 102 31.72 69.41 -17.57
C VAL HA 102 31.71 68.17 -16.70
N LEU HA 103 30.67 68.01 -15.88
CA LEU HA 103 30.58 66.82 -15.03
C LEU HA 103 30.52 65.55 -15.86
N SER HA 104 29.72 65.55 -16.92
CA SER HA 104 29.60 64.37 -17.77
C SER HA 104 30.91 64.05 -18.46
N ASN HA 105 31.59 65.06 -18.98
CA ASN HA 105 32.87 64.83 -19.64
C ASN HA 105 33.91 64.29 -18.67
N ALA HA 106 33.96 64.84 -17.45
CA ALA HA 106 34.89 64.35 -16.44
C ALA HA 106 34.58 62.89 -16.09
N GLN HA 107 33.30 62.56 -15.93
CA GLN HA 107 32.94 61.18 -15.62
C GLN HA 107 33.32 60.25 -16.75
N ARG HA 108 33.11 60.66 -17.99
CA ARG HA 108 33.48 59.81 -19.12
C ARG HA 108 34.97 59.56 -19.16
N SER HA 109 35.77 60.61 -18.99
CA SER HA 109 37.23 60.43 -19.02
C SER HA 109 37.71 59.56 -17.86
N TYR HA 110 37.13 59.77 -16.67
CA TYR HA 110 37.52 58.97 -15.51
C TYR HA 110 37.16 57.50 -15.71
N ASP HA 111 35.99 57.24 -16.30
CA ASP HA 111 35.59 55.87 -16.59
C ASP HA 111 36.53 55.23 -17.61
N ALA HA 112 36.97 56.00 -18.62
CA ALA HA 112 37.94 55.47 -19.57
C ALA HA 112 39.25 55.11 -18.87
N LEU HA 113 39.70 55.97 -17.96
CA LEU HA 113 40.92 55.67 -17.22
C LEU HA 113 40.77 54.41 -16.37
N MET HA 114 39.63 54.27 -15.70
CA MET HA 114 39.39 53.07 -14.90
C MET HA 114 39.36 51.82 -15.77
N THR HA 115 38.74 51.91 -16.94
CA THR HA 115 38.72 50.78 -17.86
C THR HA 115 40.13 50.40 -18.29
N ASP HA 116 40.98 51.39 -18.56
CA ASP HA 116 42.36 51.10 -18.93
C ASP HA 116 43.10 50.43 -17.77
N THR HA 117 42.90 50.90 -16.54
CA THR HA 117 43.66 50.46 -15.39
C THR HA 117 43.14 49.13 -14.83
N LEU HA 118 41.93 48.73 -15.19
CA LEU HA 118 41.24 47.61 -14.54
C LEU HA 118 42.06 46.32 -14.62
N VAL HA 119 42.09 45.60 -13.50
CA VAL HA 119 42.66 44.26 -13.43
C VAL HA 119 41.74 43.39 -12.57
N VAL HA 120 41.49 42.16 -13.02
CA VAL HA 120 40.57 41.26 -12.33
C VAL HA 120 41.35 40.04 -11.83
N PRO HA 121 41.38 39.79 -10.52
CA PRO HA 121 42.09 38.63 -10.00
C PRO HA 121 41.33 37.34 -10.27
N SER HA 122 42.05 36.23 -10.16
CA SER HA 122 41.48 34.90 -10.27
C SER HA 122 41.64 34.18 -8.93
N MET HA 123 40.60 33.48 -8.50
CA MET HA 123 40.61 32.83 -7.20
C MET HA 123 41.37 31.52 -7.30
N ARG HA 124 42.35 31.35 -6.43
CA ARG HA 124 43.10 30.10 -6.37
C ARG HA 124 42.22 28.97 -5.81
N ARG HA 125 42.80 27.78 -5.75
CA ARG HA 125 42.10 26.69 -5.08
C ARG HA 125 42.31 26.78 -3.57
N ARG HA 126 41.52 25.98 -2.84
CA ARG HA 126 41.51 26.06 -1.38
C ARG HA 126 42.89 25.79 -0.80
N GLY HA 127 43.54 24.73 -1.22
CA GLY HA 127 44.82 24.35 -0.65
C GLY HA 127 44.84 22.91 -0.19
N ASP HA 128 43.67 22.42 0.26
CA ASP HA 128 43.49 21.01 0.56
C ASP HA 128 42.54 20.34 -0.44
N PHE HA 129 42.24 21.01 -1.55
CA PHE HA 129 41.42 20.40 -2.59
C PHE HA 129 42.20 19.27 -3.26
N PRO HA 130 41.65 18.06 -3.32
CA PRO HA 130 42.39 16.96 -3.94
C PRO HA 130 42.56 17.16 -5.43
N VAL HA 131 43.64 16.60 -5.95
CA VAL HA 131 43.88 16.51 -7.40
C VAL HA 131 43.56 15.09 -7.82
N GLY HA 132 42.63 14.95 -8.75
CA GLY HA 132 42.10 13.64 -9.07
C GLY HA 132 43.15 12.74 -9.71
N GLN HA 133 42.78 11.46 -9.83
CA GLN HA 133 43.67 10.48 -10.44
C GLN HA 133 43.85 10.69 -11.93
N GLY HA 134 43.01 11.52 -12.56
CA GLY HA 134 43.24 11.85 -13.96
C GLY HA 134 44.58 12.54 -14.17
N ASN HA 135 44.86 13.56 -13.37
CA ASN HA 135 46.20 14.12 -13.29
C ASN HA 135 47.04 13.15 -12.47
N LYS HA 136 47.84 12.34 -13.14
CA LYS HA 136 48.61 11.32 -12.44
C LYS HA 136 49.61 11.98 -11.50
N TYR HA 137 49.32 11.93 -10.19
CA TYR HA 137 50.14 12.60 -9.20
C TYR HA 137 51.36 11.78 -8.79
N ASP HA 138 51.74 10.79 -9.59
CA ASP HA 138 52.93 10.00 -9.33
C ASP HA 138 53.93 10.00 -10.48
N VAL HA 139 53.52 10.38 -11.68
CA VAL HA 139 54.41 10.41 -12.84
C VAL HA 139 54.47 11.79 -13.49
N PHE HA 140 53.31 12.42 -13.70
CA PHE HA 140 53.27 13.73 -14.35
C PHE HA 140 53.33 14.87 -13.33
N THR HA 141 52.37 14.91 -12.41
CA THR HA 141 52.32 15.94 -11.38
C THR HA 141 53.01 15.43 -10.12
N SER HA 142 53.76 16.32 -9.48
CA SER HA 142 54.56 15.97 -8.31
C SER HA 142 53.81 16.19 -7.01
N ASP HA 143 52.53 16.57 -7.06
CA ASP HA 143 51.77 16.91 -5.86
C ASP HA 143 50.45 16.16 -5.86
N ARG HA 144 50.06 15.63 -4.69
CA ARG HA 144 48.76 15.00 -4.54
C ARG HA 144 47.62 16.01 -4.42
N TYR HA 145 47.88 17.17 -3.83
CA TYR HA 145 46.86 18.17 -3.58
C TYR HA 145 47.30 19.49 -4.21
N TYR HA 146 46.33 20.35 -4.47
CA TYR HA 146 46.61 21.64 -5.09
C TYR HA 146 47.45 22.49 -4.15
N PRO HA 147 48.62 22.96 -4.58
CA PRO HA 147 49.42 23.82 -3.70
C PRO HA 147 48.70 25.12 -3.40
N GLY HA 148 48.87 25.59 -2.17
CA GLY HA 148 48.25 26.84 -1.76
C GLY HA 148 49.18 28.02 -1.98
N ASP HA 149 49.52 28.72 -0.90
CA ASP HA 149 50.46 29.84 -0.96
C ASP HA 149 51.88 29.37 -0.66
N LEU HA 150 52.33 28.38 -1.44
CA LEU HA 150 53.68 27.78 -1.20
C LEU HA 150 54.50 27.84 -2.48
N PRO HA 151 55.65 28.52 -2.48
CA PRO HA 151 56.52 28.60 -3.66
C PRO HA 151 57.23 27.28 -3.96
N LEU HA 152 57.60 27.03 -5.23
CA LEU HA 152 58.21 25.72 -5.59
C LEU HA 152 59.45 25.55 -4.73
N ILE HA 153 59.67 24.35 -4.18
CA ILE HA 153 60.78 24.20 -3.20
C ILE HA 153 62.13 24.19 -3.91
N ASP HA 154 63.07 24.99 -3.42
CA ASP HA 154 64.44 25.00 -3.99
C ASP HA 154 65.31 24.07 -3.12
N GLY HA 155 64.97 23.97 -1.85
CA GLY HA 155 65.71 23.06 -0.93
C GLY HA 155 66.83 23.82 -0.29
N ASP HA 156 67.27 24.90 -0.92
CA ASP HA 156 68.30 25.76 -0.29
C ASP HA 156 67.63 26.50 0.86
N ILE HA 157 66.39 26.94 0.67
CA ILE HA 157 65.63 27.63 1.74
C ILE HA 157 64.44 26.74 2.04
N PRO HA 158 64.51 25.84 3.05
CA PRO HA 158 63.45 24.89 3.30
C PRO HA 158 62.12 25.55 3.72
N ASN HA 159 62.21 26.51 4.63
CA ASN HA 159 60.99 27.20 5.09
C ASN HA 159 60.89 28.49 4.27
N ALA HA 160 59.95 28.50 3.33
CA ALA HA 160 59.79 29.67 2.44
C ALA HA 160 58.89 30.69 3.14
N SER IA 10 44.55 24.79 -44.36
CA SER IA 10 45.89 24.70 -43.79
C SER IA 10 45.84 24.64 -42.27
N GLN IA 11 44.67 24.31 -41.72
CA GLN IA 11 44.48 24.20 -40.29
C GLN IA 11 44.53 22.76 -39.81
N ILE IA 12 43.94 21.83 -40.57
CA ILE IA 12 43.95 20.43 -40.20
C ILE IA 12 45.35 19.86 -40.40
N VAL IA 13 45.89 19.21 -39.37
CA VAL IA 13 47.25 18.70 -39.38
C VAL IA 13 47.22 17.22 -39.02
N LEU IA 14 47.91 16.41 -39.82
CA LEU IA 14 48.00 14.97 -39.54
C LEU IA 14 48.94 14.70 -38.38
N LYS IA 15 48.80 13.51 -37.80
CA LYS IA 15 49.61 13.11 -36.65
C LYS IA 15 50.83 12.28 -37.02
N LYS IA 16 51.09 12.07 -38.31
CA LYS IA 16 52.20 11.25 -38.76
C LYS IA 16 53.33 12.16 -39.22
N PHE IA 17 54.51 11.97 -38.64
CA PHE IA 17 55.67 12.74 -39.06
C PHE IA 17 56.21 12.23 -40.39
N LEU IA 18 56.73 13.15 -41.19
CA LEU IA 18 57.36 12.78 -42.44
C LEU IA 18 58.74 12.18 -42.19
N PRO IA 19 59.18 11.27 -43.06
CA PRO IA 19 60.54 10.73 -42.92
C PRO IA 19 61.60 11.79 -43.08
N GLY IA 20 62.72 11.59 -42.39
CA GLY IA 20 63.82 12.53 -42.43
C GLY IA 20 65.10 11.94 -42.97
N PHE IA 21 66.23 12.59 -42.70
CA PHE IA 21 67.54 12.16 -43.16
C PHE IA 21 68.34 11.58 -42.00
N MET IA 22 69.25 10.66 -42.31
CA MET IA 22 70.11 10.07 -41.30
C MET IA 22 71.45 9.71 -41.93
N SER IA 23 72.49 9.60 -41.09
CA SER IA 23 73.81 9.21 -41.53
C SER IA 23 73.97 7.69 -41.38
N ASP IA 24 75.19 7.20 -41.52
CA ASP IA 24 75.48 5.78 -41.39
C ASP IA 24 76.57 5.60 -40.34
N LEU IA 25 76.63 4.39 -39.78
CA LEU IA 25 77.50 4.09 -38.65
C LEU IA 25 78.20 2.76 -38.91
N VAL IA 26 79.51 2.82 -39.18
CA VAL IA 26 80.29 1.60 -39.33
C VAL IA 26 81.53 1.70 -38.45
N LEU IA 27 81.96 2.92 -38.14
CA LEU IA 27 83.20 3.11 -37.39
C LEU IA 27 83.08 2.56 -35.98
N ALA IA 28 81.99 2.91 -35.29
CA ALA IA 28 81.79 2.42 -33.92
C ALA IA 28 81.66 0.91 -33.89
N LYS IA 29 80.97 0.33 -34.87
CA LYS IA 29 80.81 -1.11 -34.91
C LYS IA 29 82.13 -1.82 -35.21
N THR IA 30 83.02 -1.22 -35.98
CA THR IA 30 84.26 -1.89 -36.34
C THR IA 30 85.39 -1.68 -35.35
N VAL IA 31 85.38 -0.57 -34.61
CA VAL IA 31 86.46 -0.27 -33.67
C VAL IA 31 86.34 -1.23 -32.49
N ASP IA 32 87.43 -1.38 -31.73
CA ASP IA 32 87.46 -2.33 -30.61
C ASP IA 32 86.83 -1.68 -29.38
N ARG IA 33 85.77 -2.31 -28.87
CA ARG IA 33 85.06 -1.83 -27.69
C ARG IA 33 85.11 -2.87 -26.56
N GLN IA 34 86.10 -3.75 -26.59
CA GLN IA 34 86.20 -4.86 -25.65
C GLN IA 34 87.25 -4.63 -24.57
N LEU IA 35 88.47 -4.26 -24.95
CA LEU IA 35 89.55 -4.15 -23.98
C LEU IA 35 89.25 -3.06 -22.95
N LEU IA 36 88.77 -1.90 -23.41
CA LEU IA 36 88.39 -0.81 -22.51
C LEU IA 36 86.87 -0.85 -22.36
N ALA IA 37 86.40 -1.72 -21.48
CA ALA IA 37 84.96 -1.86 -21.26
C ALA IA 37 84.73 -1.99 -19.76
N GLY IA 38 84.12 -0.96 -19.17
CA GLY IA 38 83.90 -0.96 -17.73
C GLY IA 38 85.19 -0.92 -16.92
N GLU IA 39 86.21 -0.22 -17.40
CA GLU IA 39 87.48 -0.13 -16.71
C GLU IA 39 87.71 1.21 -16.02
N ILE IA 40 87.10 2.28 -16.51
CA ILE IA 40 87.19 3.59 -15.86
C ILE IA 40 85.98 3.64 -14.92
N ASN IA 41 86.20 3.23 -13.67
CA ASN IA 41 85.19 3.25 -12.64
C ASN IA 41 85.45 4.42 -11.68
N SER IA 42 84.69 4.49 -10.60
CA SER IA 42 84.88 5.53 -9.60
C SER IA 42 86.16 5.36 -8.79
N SER IA 43 86.82 4.19 -8.89
CA SER IA 43 88.04 3.95 -8.14
C SER IA 43 89.30 4.10 -9.00
N THR IA 44 89.19 3.85 -10.31
CA THR IA 44 90.36 3.92 -11.17
C THR IA 44 90.77 5.36 -11.45
N GLY IA 45 89.79 6.24 -11.66
CA GLY IA 45 90.10 7.63 -11.96
C GLY IA 45 89.59 8.06 -13.32
N ASP IA 46 90.14 9.14 -13.86
CA ASP IA 46 89.74 9.66 -15.16
C ASP IA 46 90.60 9.15 -16.30
N SER IA 47 91.58 8.29 -16.02
CA SER IA 47 92.47 7.79 -17.05
C SER IA 47 93.00 6.43 -16.62
N VAL IA 48 93.17 5.54 -17.61
CA VAL IA 48 93.64 4.19 -17.33
C VAL IA 48 94.61 3.78 -18.42
N SER IA 49 95.60 2.97 -18.06
CA SER IA 49 96.70 2.65 -18.96
C SER IA 49 96.89 1.16 -19.11
N PHE IA 50 97.35 0.75 -20.29
CA PHE IA 50 97.67 -0.62 -20.63
C PHE IA 50 99.16 -0.74 -20.91
N LYS IA 51 99.64 -1.99 -20.86
CA LYS IA 51 101.06 -2.29 -21.01
C LYS IA 51 101.45 -2.33 -22.49
N ARG IA 52 102.73 -2.57 -22.75
CA ARG IA 52 103.27 -2.64 -24.09
C ARG IA 52 104.12 -3.89 -24.23
N PRO IA 53 104.22 -4.45 -25.43
CA PRO IA 53 105.06 -5.65 -25.61
C PRO IA 53 106.54 -5.31 -25.54
N HIS IA 54 107.33 -6.33 -25.27
CA HIS IA 54 108.77 -6.21 -25.11
C HIS IA 54 109.50 -6.72 -26.34
N GLN IA 55 110.66 -6.12 -26.61
CA GLN IA 55 111.50 -6.50 -27.74
C GLN IA 55 112.93 -6.66 -27.26
N PHE IA 56 113.64 -7.61 -27.86
CA PHE IA 56 114.98 -7.98 -27.43
C PHE IA 56 115.94 -7.94 -28.61
N SER IA 57 117.23 -7.79 -28.29
CA SER IA 57 118.29 -7.77 -29.28
C SER IA 57 119.33 -8.82 -28.92
N SER IA 58 120.02 -9.33 -29.93
CA SER IA 58 120.94 -10.45 -29.78
C SER IA 58 122.38 -10.01 -30.00
N LEU IA 59 123.29 -10.81 -29.45
CA LEU IA 59 124.73 -10.60 -29.61
C LEU IA 59 125.31 -11.72 -30.45
N ARG IA 60 126.37 -11.41 -31.19
CA ARG IA 60 127.01 -12.37 -32.09
C ARG IA 60 128.49 -12.48 -31.70
N THR IA 61 128.84 -13.58 -31.06
CA THR IA 61 130.20 -13.86 -30.62
C THR IA 61 130.54 -15.33 -30.87
N PRO IA 62 131.81 -15.65 -31.05
CA PRO IA 62 132.21 -17.05 -31.32
C PRO IA 62 132.66 -17.85 -30.10
N THR IA 63 132.54 -17.31 -28.87
CA THR IA 63 133.03 -17.99 -27.68
C THR IA 63 131.89 -18.19 -26.69
N GLY IA 64 132.12 -19.08 -25.72
CA GLY IA 64 131.06 -19.55 -24.84
C GLY IA 64 131.18 -19.24 -23.35
N ASP IA 65 132.40 -19.15 -22.83
CA ASP IA 65 132.61 -18.83 -21.42
C ASP IA 65 132.53 -17.32 -21.20
N ILE IA 66 131.38 -16.76 -21.57
CA ILE IA 66 131.19 -15.32 -21.67
C ILE IA 66 130.12 -14.87 -20.68
N SER IA 67 130.07 -15.51 -19.51
CA SER IA 67 129.04 -15.27 -18.50
C SER IA 67 128.87 -13.79 -18.16
N GLY IA 68 129.84 -12.95 -18.53
CA GLY IA 68 129.72 -11.52 -18.35
C GLY IA 68 129.98 -10.72 -19.62
N GLN IA 69 128.96 -10.02 -20.10
CA GLN IA 69 129.05 -9.25 -21.34
C GLN IA 69 128.17 -8.02 -21.25
N ASN IA 70 127.88 -7.40 -22.39
CA ASN IA 70 127.09 -6.18 -22.50
C ASN IA 70 125.67 -6.57 -22.88
N LYS IA 71 124.81 -6.72 -21.87
CA LYS IA 71 123.53 -7.38 -22.01
C LYS IA 71 122.44 -6.40 -22.45
N ASN IA 72 121.21 -6.87 -22.51
CA ASN IA 72 120.06 -6.05 -22.89
C ASN IA 72 119.62 -5.21 -21.69
N ASN IA 73 118.48 -4.53 -21.85
CA ASN IA 73 117.88 -3.75 -20.77
C ASN IA 73 116.38 -3.99 -20.79
N LEU IA 74 115.74 -3.74 -19.65
CA LEU IA 74 114.31 -3.95 -19.47
C LEU IA 74 113.63 -2.59 -19.29
N ILE IA 75 112.89 -2.16 -20.30
CA ILE IA 75 112.15 -0.90 -20.28
C ILE IA 75 110.68 -1.21 -20.56
N SER IA 76 109.79 -0.65 -19.75
CA SER IA 76 108.36 -0.90 -19.87
C SER IA 76 107.65 0.33 -20.40
N GLY IA 77 106.76 0.13 -21.36
CA GLY IA 77 105.98 1.20 -21.95
C GLY IA 77 104.55 1.22 -21.44
N LYS IA 78 103.83 2.27 -21.86
CA LYS IA 78 102.46 2.48 -21.42
C LYS IA 78 101.64 3.02 -22.58
N ALA IA 79 100.32 2.81 -22.48
CA ALA IA 79 99.36 3.41 -23.40
C ALA IA 79 98.18 3.89 -22.57
N THR IA 80 97.99 5.21 -22.49
CA THR IA 80 97.02 5.80 -21.59
C THR IA 80 95.80 6.28 -22.34
N GLY IA 81 94.62 5.92 -21.84
CA GLY IA 81 93.36 6.36 -22.39
C GLY IA 81 92.61 7.20 -21.38
N ARG IA 82 91.86 8.18 -21.88
CA ARG IA 82 91.24 9.22 -21.06
C ARG IA 82 89.79 9.38 -21.44
N VAL IA 83 89.12 10.34 -20.81
CA VAL IA 83 87.72 10.62 -21.06
C VAL IA 83 87.61 11.85 -21.95
N GLY IA 84 86.42 12.08 -22.50
CA GLY IA 84 86.16 13.22 -23.33
C GLY IA 84 85.11 14.15 -22.74
N ASN IA 85 84.70 15.12 -23.54
CA ASN IA 85 83.68 16.07 -23.13
C ASN IA 85 82.30 15.44 -23.21
N TYR IA 86 81.32 16.09 -22.59
CA TYR IA 86 79.96 15.57 -22.55
C TYR IA 86 79.29 15.74 -23.92
N ILE IA 87 78.30 14.88 -24.18
CA ILE IA 87 77.42 15.03 -25.33
C ILE IA 87 76.05 15.39 -24.78
N THR IA 88 75.58 16.61 -25.04
CA THR IA 88 74.36 17.11 -24.44
C THR IA 88 73.46 17.72 -25.51
N VAL IA 89 72.17 17.41 -25.43
CA VAL IA 89 71.13 18.11 -26.17
C VAL IA 89 70.02 18.46 -25.19
N ALA IA 90 69.60 19.72 -25.19
CA ALA IA 90 68.62 20.22 -24.24
C ALA IA 90 67.50 20.95 -24.97
N VAL IA 91 66.28 20.78 -24.50
CA VAL IA 91 65.11 21.42 -25.09
C VAL IA 91 64.27 22.05 -24.00
N GLU IA 92 63.77 23.25 -24.27
CA GLU IA 92 62.89 23.96 -23.37
C GLU IA 92 61.66 24.41 -24.13
N TYR IA 93 60.54 24.51 -23.43
CA TYR IA 93 59.28 24.83 -24.10
C TYR IA 93 58.29 25.36 -23.08
N GLN IA 94 57.45 26.29 -23.53
CA GLN IA 94 56.27 26.69 -22.77
C GLN IA 94 55.29 25.54 -22.86
N GLN IA 95 55.12 24.81 -21.74
CA GLN IA 95 54.44 23.53 -21.81
C GLN IA 95 52.98 23.66 -22.24
N LEU IA 96 52.37 24.83 -22.05
CA LEU IA 96 51.03 25.05 -22.59
C LEU IA 96 51.02 24.84 -24.11
N GLU IA 97 51.75 25.70 -24.84
CA GLU IA 97 51.80 25.61 -26.29
C GLU IA 97 52.38 24.28 -26.74
N GLU IA 98 53.35 23.75 -26.00
CA GLU IA 98 54.02 22.52 -26.43
C GLU IA 98 53.11 21.31 -26.31
N ALA IA 99 52.25 21.28 -25.28
CA ALA IA 99 51.33 20.17 -25.10
C ALA IA 99 49.98 20.39 -25.79
N ILE IA 100 49.73 21.57 -26.35
CA ILE IA 100 48.55 21.75 -27.19
C ILE IA 100 48.58 20.77 -28.35
N LYS IA 101 49.73 20.65 -29.02
CA LYS IA 101 49.76 19.90 -30.28
C LYS IA 101 50.83 18.82 -30.35
N LEU IA 102 51.45 18.43 -29.23
CA LEU IA 102 52.37 17.29 -29.20
C LEU IA 102 52.32 16.73 -27.79
N ASN IA 103 51.66 15.59 -27.65
CA ASN IA 103 51.42 15.02 -26.33
C ASN IA 103 52.49 14.01 -25.97
N GLN IA 104 52.97 14.09 -24.72
CA GLN IA 104 53.83 13.10 -24.06
C GLN IA 104 55.23 13.02 -24.65
N LEU IA 105 55.52 13.76 -25.72
CA LEU IA 105 56.88 14.02 -26.16
C LEU IA 105 57.63 12.73 -26.53
N GLU IA 106 57.05 11.95 -27.43
CA GLU IA 106 57.76 10.81 -28.01
C GLU IA 106 58.46 11.16 -29.32
N GLU IA 107 57.96 12.16 -30.04
CA GLU IA 107 58.50 12.47 -31.37
C GLU IA 107 59.85 13.18 -31.27
N ILE IA 108 60.15 13.78 -30.13
CA ILE IA 108 61.46 14.41 -29.94
C ILE IA 108 62.50 13.36 -29.59
N LEU IA 109 62.06 12.18 -29.15
CA LEU IA 109 62.99 11.13 -28.76
C LEU IA 109 63.79 10.61 -29.96
N ALA IA 110 63.15 10.57 -31.12
CA ALA IA 110 63.82 10.03 -32.31
C ALA IA 110 65.06 10.83 -32.73
N PRO IA 111 65.00 12.17 -32.87
CA PRO IA 111 66.16 12.87 -33.47
C PRO IA 111 67.22 13.34 -32.48
N VAL IA 112 67.09 13.02 -31.19
CA VAL IA 112 68.12 13.35 -30.20
C VAL IA 112 69.17 12.26 -30.09
N ARG IA 113 68.74 11.00 -30.01
CA ARG IA 113 69.69 9.89 -29.97
C ARG IA 113 70.51 9.83 -31.26
N GLN IA 114 69.86 10.07 -32.40
CA GLN IA 114 70.58 10.09 -33.67
C GLN IA 114 71.62 11.20 -33.69
N ARG IA 115 71.27 12.39 -33.21
CA ARG IA 115 72.22 13.50 -33.16
C ARG IA 115 73.41 13.17 -32.27
N ILE IA 116 73.12 12.60 -31.09
CA ILE IA 116 74.20 12.26 -30.16
C ILE IA 116 75.15 11.24 -30.77
N VAL IA 117 74.58 10.19 -31.38
CA VAL IA 117 75.42 9.13 -31.93
C VAL IA 117 76.21 9.64 -33.13
N THR IA 118 75.59 10.48 -33.97
CA THR IA 118 76.30 11.05 -35.10
C THR IA 118 77.46 11.92 -34.65
N ASP IA 119 77.25 12.73 -33.61
CA ASP IA 119 78.34 13.54 -33.07
C ASP IA 119 79.46 12.65 -32.53
N LEU IA 120 79.09 11.56 -31.84
CA LEU IA 120 80.11 10.65 -31.33
C LEU IA 120 80.94 10.06 -32.47
N GLU IA 121 80.28 9.64 -33.54
CA GLU IA 121 81.01 9.08 -34.67
C GLU IA 121 81.89 10.10 -35.36
N THR IA 122 81.40 11.34 -35.50
CA THR IA 122 82.22 12.39 -36.11
C THR IA 122 83.46 12.66 -35.27
N GLU IA 123 83.29 12.73 -33.95
CA GLU IA 123 84.44 12.93 -33.07
C GLU IA 123 85.42 11.76 -33.15
N LEU IA 124 84.91 10.53 -33.24
CA LEU IA 124 85.80 9.37 -33.36
C LEU IA 124 86.60 9.43 -34.66
N ALA IA 125 85.94 9.79 -35.76
CA ALA IA 125 86.65 9.89 -37.04
C ALA IA 125 87.71 10.99 -37.00
N HIS IA 126 87.37 12.14 -36.40
CA HIS IA 126 88.35 13.21 -36.26
C HIS IA 126 89.55 12.75 -35.44
N PHE IA 127 89.29 12.07 -34.33
CA PHE IA 127 90.38 11.57 -33.48
C PHE IA 127 91.26 10.59 -34.24
N MET IA 128 90.64 9.67 -34.99
CA MET IA 128 91.42 8.68 -35.72
C MET IA 128 92.28 9.33 -36.79
N MET IA 129 91.72 10.26 -37.57
CA MET IA 129 92.51 10.87 -38.62
C MET IA 129 93.50 11.90 -38.08
N ASN IA 130 93.35 12.34 -36.83
CA ASN IA 130 94.35 13.19 -36.22
C ASN IA 130 95.49 12.38 -35.61
N ASN IA 131 95.22 11.15 -35.17
CA ASN IA 131 96.24 10.36 -34.48
C ASN IA 131 96.90 9.31 -35.36
N GLY IA 132 96.34 8.98 -36.52
CA GLY IA 132 96.95 7.98 -37.37
C GLY IA 132 98.26 8.45 -37.96
N ALA IA 133 99.14 7.49 -38.26
CA ALA IA 133 100.49 7.79 -38.70
C ALA IA 133 100.72 7.47 -40.18
N LEU IA 134 100.37 6.27 -40.62
CA LEU IA 134 100.69 5.82 -41.97
C LEU IA 134 99.91 6.63 -43.01
N SER IA 135 100.55 6.84 -44.17
CA SER IA 135 99.92 7.55 -45.27
C SER IA 135 100.24 6.83 -46.58
N LEU IA 136 99.36 7.03 -47.57
CA LEU IA 136 99.49 6.37 -48.86
C LEU IA 136 98.86 7.24 -49.94
N GLY IA 137 99.60 7.42 -51.03
CA GLY IA 137 99.06 8.11 -52.20
C GLY IA 137 98.87 9.60 -52.03
N SER IA 138 98.72 10.31 -53.16
CA SER IA 138 98.47 11.74 -53.24
C SER IA 138 97.01 12.04 -52.90
N PRO IA 139 96.77 13.03 -52.04
CA PRO IA 139 95.38 13.35 -51.65
C PRO IA 139 94.52 13.81 -52.81
N ASN IA 140 95.12 14.26 -53.92
CA ASN IA 140 94.33 14.74 -55.04
C ASN IA 140 93.58 13.60 -55.73
N THR IA 141 94.27 12.50 -56.02
CA THR IA 141 93.70 11.47 -56.85
C THR IA 141 92.64 10.68 -56.08
N PRO IA 142 91.42 10.56 -56.61
CA PRO IA 142 90.41 9.74 -55.96
C PRO IA 142 90.68 8.25 -56.15
N ILE IA 143 89.88 7.41 -55.49
CA ILE IA 143 90.02 5.96 -55.59
C ILE IA 143 89.33 5.49 -56.85
N THR IA 144 90.06 4.81 -57.71
CA THR IA 144 89.50 4.43 -59.01
C THR IA 144 89.62 2.95 -59.33
N LYS IA 145 90.72 2.31 -58.95
CA LYS IA 145 90.97 0.94 -59.39
C LYS IA 145 91.16 -0.04 -58.25
N TRP IA 146 91.50 -1.29 -58.59
CA TRP IA 146 91.64 -2.34 -57.58
C TRP IA 146 92.91 -2.19 -56.76
N SER IA 147 93.99 -1.73 -57.40
CA SER IA 147 95.25 -1.55 -56.68
C SER IA 147 95.14 -0.47 -55.62
N ASP IA 148 94.32 0.56 -55.86
CA ASP IA 148 94.18 1.64 -54.89
C ASP IA 148 93.58 1.15 -53.58
N VAL IA 149 92.94 -0.02 -53.58
CA VAL IA 149 92.37 -0.58 -52.36
C VAL IA 149 93.28 -1.68 -51.85
N ALA IA 150 93.92 -2.42 -52.77
CA ALA IA 150 94.78 -3.52 -52.34
C ALA IA 150 96.08 -3.01 -51.71
N GLN IA 151 96.45 -1.76 -51.98
CA GLN IA 151 97.71 -1.22 -51.46
C GLN IA 151 97.71 -1.17 -49.94
N THR IA 152 96.58 -0.82 -49.32
CA THR IA 152 96.52 -0.74 -47.86
C THR IA 152 96.76 -2.10 -47.22
N ALA IA 153 96.11 -3.14 -47.76
CA ALA IA 153 96.34 -4.48 -47.23
C ALA IA 153 97.77 -4.93 -47.45
N SER IA 154 98.34 -4.62 -48.61
CA SER IA 154 99.73 -4.98 -48.86
C SER IA 154 100.67 -4.31 -47.86
N PHE IA 155 100.47 -3.01 -47.62
CA PHE IA 155 101.32 -2.29 -46.67
C PHE IA 155 101.16 -2.85 -45.26
N LEU IA 156 99.92 -3.11 -44.84
CA LEU IA 156 99.69 -3.61 -43.49
C LEU IA 156 100.34 -4.97 -43.30
N LYS IA 157 100.25 -5.84 -44.31
CA LYS IA 157 100.91 -7.13 -44.21
C LYS IA 157 102.43 -6.98 -44.25
N ASP IA 158 102.92 -5.99 -45.00
CA ASP IA 158 104.36 -5.77 -45.07
C ASP IA 158 104.92 -5.34 -43.72
N LEU IA 159 104.21 -4.48 -42.99
CA LEU IA 159 104.69 -4.05 -41.68
C LEU IA 159 104.80 -5.24 -40.72
N GLY IA 160 103.82 -6.12 -40.73
CA GLY IA 160 103.90 -7.33 -39.93
C GLY IA 160 102.76 -7.52 -38.95
N VAL IA 161 101.70 -6.72 -39.06
CA VAL IA 161 100.58 -6.82 -38.14
C VAL IA 161 99.77 -8.06 -38.45
N ASN IA 162 99.49 -8.86 -37.41
CA ASN IA 162 98.72 -10.09 -37.57
C ASN IA 162 97.47 -10.11 -36.71
N GLU IA 163 97.57 -9.71 -35.44
CA GLU IA 163 96.48 -9.85 -34.49
C GLU IA 163 95.40 -8.82 -34.81
N GLY IA 164 94.27 -9.29 -35.29
CA GLY IA 164 93.12 -8.44 -35.53
C GLY IA 164 92.64 -8.60 -36.96
N GLU IA 165 91.72 -7.72 -37.35
CA GLU IA 165 91.18 -7.70 -38.70
C GLU IA 165 91.33 -6.28 -39.25
N ASN IA 166 91.79 -6.20 -40.50
CA ASN IA 166 92.06 -4.88 -41.11
C ASN IA 166 90.81 -4.39 -41.84
N TYR IA 167 90.47 -3.11 -41.71
CA TYR IA 167 89.25 -2.55 -42.34
C TYR IA 167 89.60 -1.30 -43.15
N ALA IA 168 88.90 -1.05 -44.26
CA ALA IA 168 89.10 0.18 -45.05
C ALA IA 168 87.74 0.82 -45.33
N VAL IA 169 87.58 2.12 -45.08
CA VAL IA 169 86.26 2.79 -45.22
C VAL IA 169 86.30 3.79 -46.38
N MET IA 170 85.33 3.75 -47.29
CA MET IA 170 85.33 4.64 -48.49
C MET IA 170 83.99 5.37 -48.65
N ASP IA 171 83.98 6.49 -49.36
CA ASP IA 171 82.76 7.33 -49.57
C ASP IA 171 81.81 6.62 -50.53
N PRO IA 172 80.52 6.98 -50.59
CA PRO IA 172 79.59 6.26 -51.44
C PRO IA 172 79.97 6.32 -52.92
N TRP IA 173 80.42 7.48 -53.42
CA TRP IA 173 80.72 7.66 -54.85
C TRP IA 173 81.88 6.76 -55.29
N SER IA 174 82.91 6.60 -54.46
CA SER IA 174 84.09 5.77 -54.82
C SER IA 174 83.66 4.32 -54.97
N ALA IA 175 82.94 3.79 -54.00
CA ALA IA 175 82.38 2.44 -54.06
C ALA IA 175 81.63 2.22 -55.36
N GLN IA 176 80.91 3.24 -55.83
CA GLN IA 176 80.22 3.13 -57.11
C GLN IA 176 81.23 2.96 -58.25
N ARG IA 177 82.34 3.70 -58.21
CA ARG IA 177 83.38 3.53 -59.22
C ARG IA 177 83.96 2.12 -59.20
N LEU IA 178 84.20 1.58 -58.01
CA LEU IA 178 84.71 0.22 -57.92
C LEU IA 178 83.71 -0.80 -58.43
N ALA IA 179 82.42 -0.58 -58.16
CA ALA IA 179 81.39 -1.47 -58.70
C ALA IA 179 81.36 -1.39 -60.23
N ASP IA 180 81.51 -0.19 -60.78
CA ASP IA 180 81.56 -0.04 -62.24
C ASP IA 180 82.76 -0.79 -62.80
N ALA IA 181 83.90 -0.73 -62.12
CA ALA IA 181 85.07 -1.50 -62.55
C ALA IA 181 84.79 -3.00 -62.47
N GLN IA 182 84.07 -3.43 -61.43
CA GLN IA 182 83.75 -4.84 -61.27
C GLN IA 182 82.82 -5.33 -62.37
N THR IA 183 81.91 -4.47 -62.84
CA THR IA 183 81.01 -4.88 -63.92
C THR IA 183 81.76 -5.24 -65.19
N GLY IA 184 83.01 -4.83 -65.32
CA GLY IA 184 83.84 -5.13 -66.46
C GLY IA 184 84.67 -6.40 -66.34
N LEU IA 185 84.40 -7.23 -65.33
CA LEU IA 185 85.14 -8.48 -65.19
C LEU IA 185 84.88 -9.39 -66.38
N HIS IA 186 85.68 -10.46 -66.48
CA HIS IA 186 85.70 -11.27 -67.68
C HIS IA 186 85.19 -12.70 -67.51
N ALA IA 187 85.21 -13.25 -66.30
CA ALA IA 187 84.83 -14.65 -66.16
C ALA IA 187 83.92 -14.96 -64.96
N SER IA 188 83.75 -14.06 -63.99
CA SER IA 188 83.00 -14.40 -62.78
C SER IA 188 81.56 -13.95 -62.96
N ASP IA 189 80.69 -14.92 -63.29
CA ASP IA 189 79.29 -14.59 -63.57
C ASP IA 189 78.59 -14.04 -62.34
N GLN IA 190 78.86 -14.62 -61.17
CA GLN IA 190 78.19 -14.17 -59.96
C GLN IA 190 78.55 -12.72 -59.63
N LEU IA 191 79.85 -12.40 -59.69
CA LEU IA 191 80.28 -11.03 -59.43
C LEU IA 191 79.70 -10.07 -60.46
N VAL IA 192 79.73 -10.46 -61.74
CA VAL IA 192 79.20 -9.58 -62.77
C VAL IA 192 77.72 -9.31 -62.55
N ARG IA 193 76.95 -10.36 -62.26
CA ARG IA 193 75.52 -10.19 -62.04
C ARG IA 193 75.24 -9.34 -60.81
N THR IA 194 75.96 -9.60 -59.71
CA THR IA 194 75.73 -8.83 -58.49
C THR IA 194 76.05 -7.36 -58.70
N ALA IA 195 77.17 -7.06 -59.36
CA ALA IA 195 77.54 -5.68 -59.60
C ALA IA 195 76.55 -5.01 -60.55
N TRP IA 196 76.07 -5.74 -61.56
CA TRP IA 196 75.11 -5.15 -62.49
C TRP IA 196 73.78 -4.87 -61.80
N GLU IA 197 73.34 -5.75 -60.91
CA GLU IA 197 72.04 -5.58 -60.26
C GLU IA 197 72.10 -4.52 -59.16
N ASN IA 198 72.89 -4.76 -58.13
CA ASN IA 198 72.83 -3.95 -56.92
C ASN IA 198 74.01 -3.02 -56.74
N ALA IA 199 75.02 -3.09 -57.61
CA ALA IA 199 76.22 -2.26 -57.47
C ALA IA 199 76.85 -2.43 -56.10
N GLN IA 200 76.87 -3.67 -55.61
CA GLN IA 200 77.38 -4.00 -54.29
C GLN IA 200 78.66 -4.82 -54.43
N ILE IA 201 79.76 -4.25 -53.96
CA ILE IA 201 81.05 -4.94 -53.97
C ILE IA 201 81.04 -5.99 -52.85
N PRO IA 202 81.82 -7.07 -52.95
CA PRO IA 202 81.77 -8.11 -51.92
C PRO IA 202 82.40 -7.68 -50.62
N THR IA 203 82.48 -8.61 -49.66
CA THR IA 203 82.98 -8.27 -48.34
C THR IA 203 84.49 -8.04 -48.35
N ASN IA 204 85.26 -9.04 -48.76
CA ASN IA 204 86.71 -8.94 -48.83
C ASN IA 204 87.09 -8.41 -50.21
N PHE IA 205 87.67 -7.21 -50.24
CA PHE IA 205 88.06 -6.56 -51.49
C PHE IA 205 89.56 -6.34 -51.47
N GLY IA 206 90.30 -7.22 -52.14
CA GLY IA 206 91.74 -7.10 -52.21
C GLY IA 206 92.49 -7.56 -50.99
N GLY IA 207 91.84 -8.30 -50.09
CA GLY IA 207 92.47 -8.76 -48.87
C GLY IA 207 92.15 -7.94 -47.63
N ILE IA 208 91.35 -6.89 -47.77
CA ILE IA 208 90.93 -6.06 -46.64
C ILE IA 208 89.43 -5.86 -46.74
N ARG IA 209 88.78 -5.70 -45.59
CA ARG IA 209 87.33 -5.52 -45.55
C ARG IA 209 86.98 -4.10 -45.93
N ALA IA 210 86.32 -3.93 -47.07
CA ALA IA 210 85.92 -2.62 -47.57
C ALA IA 210 84.55 -2.24 -47.02
N LEU IA 211 84.40 -0.98 -46.64
CA LEU IA 211 83.17 -0.51 -46.00
C LEU IA 211 82.71 0.79 -46.62
N MET IA 212 81.39 0.94 -46.67
CA MET IA 212 80.72 2.09 -47.27
C MET IA 212 80.18 2.98 -46.16
N SER IA 213 80.55 4.25 -46.18
CA SER IA 213 80.07 5.20 -45.18
C SER IA 213 79.89 6.57 -45.83
N ASN IA 214 78.74 7.17 -45.56
CA ASN IA 214 78.44 8.50 -46.07
C ASN IA 214 78.87 9.60 -45.11
N GLY IA 215 78.76 9.36 -43.81
CA GLY IA 215 79.20 10.32 -42.81
C GLY IA 215 80.66 10.15 -42.46
N LEU IA 216 81.52 10.93 -43.11
CA LEU IA 216 82.96 10.81 -42.93
C LEU IA 216 83.54 12.21 -42.84
N ALA IA 217 84.39 12.43 -41.84
CA ALA IA 217 84.90 13.76 -41.56
C ALA IA 217 85.76 14.28 -42.71
N SER IA 218 85.68 15.59 -42.94
CA SER IA 218 86.44 16.26 -43.98
C SER IA 218 87.31 17.33 -43.35
N ARG IA 219 88.47 17.57 -43.96
CA ARG IA 219 89.46 18.47 -43.39
C ARG IA 219 90.10 19.32 -44.48
N THR IA 220 90.62 20.47 -44.07
CA THR IA 220 91.33 21.40 -44.93
C THR IA 220 92.83 21.26 -44.68
N GLN IA 221 93.63 21.46 -45.73
CA GLN IA 221 95.07 21.24 -45.63
C GLN IA 221 95.72 22.29 -44.74
N GLY IA 222 95.59 23.57 -45.11
CA GLY IA 222 96.28 24.63 -44.41
C GLY IA 222 97.47 25.13 -45.21
N ALA IA 223 97.53 26.44 -45.42
CA ALA IA 223 98.50 27.00 -46.37
C ALA IA 223 99.92 26.84 -45.86
N PHE IA 224 100.81 26.37 -46.74
CA PHE IA 224 102.23 26.29 -46.45
C PHE IA 224 103.01 26.57 -47.72
N GLY IA 225 104.26 26.97 -47.54
CA GLY IA 225 105.13 27.27 -48.67
C GLY IA 225 106.58 27.46 -48.29
N GLY IA 226 107.48 27.04 -49.17
CA GLY IA 226 108.90 27.18 -48.92
C GLY IA 226 109.56 25.81 -48.83
N THR IA 227 110.89 25.80 -48.84
CA THR IA 227 111.66 24.57 -48.69
C THR IA 227 111.84 24.29 -47.20
N LEU IA 228 111.03 23.37 -46.67
CA LEU IA 228 111.12 23.04 -45.26
C LEU IA 228 112.31 22.13 -44.99
N THR IA 229 112.91 22.30 -43.82
CA THR IA 229 114.00 21.46 -43.37
C THR IA 229 114.11 21.56 -41.85
N VAL IA 230 114.55 20.48 -41.24
CA VAL IA 230 114.66 20.40 -39.78
C VAL IA 230 115.88 21.20 -39.34
N LYS IA 231 115.74 21.91 -38.21
CA LYS IA 231 116.78 22.81 -37.75
C LYS IA 231 117.60 22.22 -36.61
N THR IA 232 116.94 21.58 -35.65
CA THR IA 232 117.63 20.99 -34.51
C THR IA 232 117.27 19.51 -34.41
N GLN IA 233 118.28 18.69 -34.13
CA GLN IA 233 118.09 17.25 -34.01
C GLN IA 233 117.21 16.95 -32.80
N PRO IA 234 116.07 16.31 -32.96
CA PRO IA 234 115.20 16.02 -31.82
C PRO IA 234 115.68 14.79 -31.05
N THR IA 235 115.02 14.56 -29.92
CA THR IA 235 115.28 13.40 -29.08
C THR IA 235 114.17 12.38 -29.31
N VAL IA 236 114.54 11.21 -29.86
CA VAL IA 236 113.55 10.20 -30.23
C VAL IA 236 113.89 8.87 -29.57
N THR IA 237 114.62 8.92 -28.46
CA THR IA 237 114.98 7.69 -27.75
C THR IA 237 113.74 7.07 -27.13
N TYR IA 238 113.81 5.74 -26.94
CA TYR IA 238 112.68 5.03 -26.37
C TYR IA 238 112.36 5.48 -24.95
N ASN IA 239 113.38 5.93 -24.22
CA ASN IA 239 113.13 6.50 -22.90
C ASN IA 239 112.24 7.72 -22.99
N ALA IA 240 112.46 8.56 -24.02
CA ALA IA 240 111.66 9.76 -24.18
C ALA IA 240 110.26 9.45 -24.71
N VAL IA 241 110.15 8.52 -25.66
CA VAL IA 241 108.90 8.30 -26.37
C VAL IA 241 108.24 6.98 -25.97
N LYS IA 242 108.52 6.46 -24.78
CA LYS IA 242 107.98 5.17 -24.36
C LYS IA 242 106.60 5.28 -23.73
N ASP IA 243 106.01 6.48 -23.65
CA ASP IA 243 104.75 6.63 -22.93
C ASP IA 243 103.66 7.24 -23.81
N SER IA 244 104.04 8.03 -24.81
CA SER IA 244 103.07 8.75 -25.61
C SER IA 244 103.21 8.53 -27.12
N TYR IA 245 104.36 8.08 -27.61
CA TYR IA 245 104.60 7.91 -29.04
C TYR IA 245 104.36 9.21 -29.80
N GLN IA 246 104.74 10.33 -29.19
CA GLN IA 246 104.67 11.64 -29.81
C GLN IA 246 106.00 12.35 -29.61
N PHE IA 247 106.36 13.21 -30.57
CA PHE IA 247 107.61 13.95 -30.43
C PHE IA 247 107.48 15.31 -31.09
N THR IA 248 108.21 16.28 -30.56
CA THR IA 248 108.15 17.67 -31.01
C THR IA 248 109.40 18.01 -31.81
N VAL IA 249 109.20 18.66 -32.95
CA VAL IA 249 110.30 19.00 -33.84
C VAL IA 249 110.11 20.42 -34.36
N THR IA 250 111.22 21.11 -34.60
CA THR IA 250 111.20 22.46 -35.13
C THR IA 250 111.69 22.45 -36.58
N LEU IA 251 110.96 23.19 -37.42
CA LEU IA 251 111.24 23.29 -38.85
C LEU IA 251 111.57 24.72 -39.21
N THR IA 252 112.42 24.89 -40.22
CA THR IA 252 112.81 26.21 -40.69
C THR IA 252 112.63 26.28 -42.20
N GLY IA 253 112.85 27.47 -42.76
CA GLY IA 253 112.64 27.68 -44.17
C GLY IA 253 111.21 27.89 -44.59
N ALA IA 254 110.32 28.13 -43.64
CA ALA IA 254 108.89 28.28 -43.93
C ALA IA 254 108.60 29.71 -44.37
N THR IA 255 107.32 30.00 -44.61
CA THR IA 255 106.90 31.34 -45.00
C THR IA 255 107.05 32.30 -43.82
N ALA IA 256 107.18 33.58 -44.14
CA ALA IA 256 107.52 34.61 -43.15
C ALA IA 256 106.57 34.63 -41.96
N SER IA 257 105.28 34.90 -42.17
CA SER IA 257 104.34 34.98 -41.06
C SER IA 257 102.95 34.66 -41.59
N VAL IA 258 102.51 33.41 -41.36
CA VAL IA 258 101.16 32.98 -41.72
C VAL IA 258 100.55 32.27 -40.51
N THR IA 259 99.31 32.61 -40.21
CA THR IA 259 98.56 31.94 -39.14
C THR IA 259 97.95 30.65 -39.67
N GLY IA 260 97.98 29.61 -38.85
CA GLY IA 260 97.51 28.31 -39.30
C GLY IA 260 98.38 27.70 -40.38
N PHE IA 261 99.70 27.74 -40.19
CA PHE IA 261 100.61 27.20 -41.20
C PHE IA 261 100.37 25.72 -41.43
N LEU IA 262 100.20 24.94 -40.36
CA LEU IA 262 99.96 23.50 -40.47
C LEU IA 262 98.76 23.14 -39.61
N LYS IA 263 97.69 22.69 -40.26
CA LYS IA 263 96.47 22.30 -39.56
C LYS IA 263 96.66 20.94 -38.90
N ALA IA 264 95.59 20.45 -38.27
CA ALA IA 264 95.62 19.18 -37.57
C ALA IA 264 95.24 18.06 -38.51
N GLY IA 265 96.16 17.11 -38.71
CA GLY IA 265 95.92 15.96 -39.57
C GLY IA 265 96.81 15.88 -40.79
N ASP IA 266 97.63 16.89 -41.07
CA ASP IA 266 98.50 16.84 -42.24
C ASP IA 266 99.64 15.86 -42.01
N GLN IA 267 100.12 15.28 -43.12
CA GLN IA 267 101.22 14.31 -43.09
C GLN IA 267 102.51 14.99 -43.52
N VAL IA 268 103.49 14.96 -42.65
CA VAL IA 268 104.85 15.43 -42.92
C VAL IA 268 105.71 14.21 -43.21
N LYS IA 269 106.37 14.21 -44.36
CA LYS IA 269 107.14 13.09 -44.85
C LYS IA 269 108.63 13.41 -44.80
N PHE IA 270 109.41 12.51 -44.22
CA PHE IA 270 110.86 12.64 -44.15
C PHE IA 270 111.45 11.81 -45.30
N THR IA 271 112.23 12.46 -46.17
CA THR IA 271 112.60 11.86 -47.44
C THR IA 271 113.59 10.70 -47.26
N ASN IA 272 114.64 10.92 -46.48
CA ASN IA 272 115.76 9.97 -46.44
C ASN IA 272 115.66 8.95 -45.31
N THR IA 273 114.58 8.94 -44.55
CA THR IA 273 114.38 7.96 -43.47
C THR IA 273 113.26 7.02 -43.88
N TYR IA 274 113.56 5.72 -43.91
CA TYR IA 274 112.63 4.73 -44.39
C TYR IA 274 112.02 3.93 -43.24
N TRP IA 275 110.88 3.32 -43.53
CA TRP IA 275 110.26 2.40 -42.58
C TRP IA 275 111.07 1.12 -42.46
N LEU IA 276 110.90 0.42 -41.34
CA LEU IA 276 111.55 -0.85 -41.11
C LEU IA 276 110.50 -1.91 -40.76
N GLN IA 277 110.70 -3.11 -41.30
CA GLN IA 277 109.89 -4.24 -40.86
C GLN IA 277 110.23 -4.55 -39.40
N GLN IA 278 109.25 -4.34 -38.52
CA GLN IA 278 109.54 -4.17 -37.10
C GLN IA 278 110.25 -5.39 -36.51
N GLN IA 279 109.95 -6.58 -37.01
CA GLN IA 279 110.58 -7.77 -36.46
C GLN IA 279 111.98 -7.99 -37.05
N THR IA 280 112.09 -8.06 -38.37
CA THR IA 280 113.37 -8.35 -38.99
C THR IA 280 114.26 -7.12 -39.05
N LYS IA 281 113.71 -5.93 -38.77
CA LYS IA 281 114.45 -4.68 -38.78
C LYS IA 281 115.12 -4.41 -40.12
N GLN IA 282 114.40 -4.67 -41.21
CA GLN IA 282 114.88 -4.41 -42.55
C GLN IA 282 113.99 -3.38 -43.23
N ALA IA 283 114.57 -2.61 -44.15
CA ALA IA 283 113.82 -1.56 -44.81
C ALA IA 283 112.75 -2.15 -45.74
N LEU IA 284 111.73 -1.35 -46.00
CA LEU IA 284 110.62 -1.75 -46.86
C LEU IA 284 110.85 -1.25 -48.27
N TYR IA 285 110.62 -2.12 -49.25
CA TYR IA 285 110.76 -1.79 -50.66
C TYR IA 285 109.41 -1.87 -51.33
N ASN IA 286 108.98 -0.77 -51.95
CA ASN IA 286 107.69 -0.72 -52.64
C ASN IA 286 107.91 -0.91 -54.14
N GLY IA 287 108.37 -2.10 -54.50
CA GLY IA 287 108.53 -2.46 -55.89
C GLY IA 287 109.67 -1.74 -56.59
N ALA IA 288 109.63 -0.41 -56.61
CA ALA IA 288 110.64 0.38 -57.29
C ALA IA 288 111.28 1.45 -56.42
N THR IA 289 110.66 1.86 -55.32
CA THR IA 289 111.21 2.89 -54.45
C THR IA 289 110.97 2.50 -53.00
N PRO IA 290 111.90 2.87 -52.10
CA PRO IA 290 111.67 2.63 -50.67
C PRO IA 290 110.57 3.54 -50.14
N ILE IA 291 109.94 3.07 -49.07
CA ILE IA 291 108.85 3.81 -48.43
C ILE IA 291 109.42 4.71 -47.36
N SER IA 292 109.10 6.00 -47.43
CA SER IA 292 109.63 6.98 -46.50
C SER IA 292 108.79 7.06 -45.24
N PHE IA 293 109.38 7.61 -44.19
CA PHE IA 293 108.70 7.81 -42.91
C PHE IA 293 107.78 9.02 -43.01
N THR IA 294 106.66 8.97 -42.29
CA THR IA 294 105.71 10.06 -42.26
C THR IA 294 105.07 10.16 -40.88
N ALA IA 295 104.64 11.36 -40.53
CA ALA IA 295 104.00 11.62 -39.25
C ALA IA 295 102.83 12.57 -39.45
N THR IA 296 101.94 12.61 -38.46
CA THR IA 296 100.72 13.40 -38.54
C THR IA 296 100.75 14.54 -37.53
N VAL IA 297 100.43 15.74 -37.99
CA VAL IA 297 100.33 16.89 -37.10
C VAL IA 297 99.15 16.71 -36.16
N THR IA 298 99.35 17.09 -34.90
CA THR IA 298 98.34 16.92 -33.86
C THR IA 298 97.50 18.18 -33.66
N ALA IA 299 98.15 19.33 -33.51
CA ALA IA 299 97.46 20.60 -33.28
C ALA IA 299 97.93 21.64 -34.28
N ASP IA 300 97.15 22.71 -34.41
CA ASP IA 300 97.47 23.78 -35.35
C ASP IA 300 98.80 24.42 -34.98
N ALA IA 301 99.62 24.68 -36.00
CA ALA IA 301 100.94 25.28 -35.82
C ALA IA 301 101.06 26.51 -36.70
N ASN IA 302 101.51 27.61 -36.10
CA ASN IA 302 101.67 28.88 -36.78
C ASN IA 302 103.14 29.10 -37.16
N SER IA 303 103.41 30.21 -37.84
CA SER IA 303 104.76 30.55 -38.26
C SER IA 303 105.11 31.94 -37.78
N ASP IA 304 106.26 32.07 -37.12
CA ASP IA 304 106.76 33.34 -36.64
C ASP IA 304 107.78 33.89 -37.64
N SER IA 305 108.28 35.09 -37.35
CA SER IA 305 109.31 35.69 -38.19
C SER IA 305 110.55 34.80 -38.23
N GLY IA 306 111.10 34.63 -39.43
CA GLY IA 306 112.18 33.70 -39.64
C GLY IA 306 111.74 32.30 -40.02
N GLY IA 307 110.44 32.02 -40.01
CA GLY IA 307 109.93 30.73 -40.42
C GLY IA 307 110.34 29.56 -39.55
N ASP IA 308 110.26 29.75 -38.23
CA ASP IA 308 110.55 28.68 -37.27
C ASP IA 308 109.23 28.15 -36.75
N VAL IA 309 108.88 26.93 -37.14
CA VAL IA 309 107.60 26.32 -36.79
C VAL IA 309 107.87 25.14 -35.87
N THR IA 310 107.36 25.19 -34.65
CA THR IA 310 107.49 24.10 -33.70
C THR IA 310 106.21 23.28 -33.72
N VAL IA 311 106.31 22.01 -34.11
CA VAL IA 311 105.15 21.18 -34.33
C VAL IA 311 105.32 19.85 -33.61
N THR IA 312 104.23 19.36 -33.02
CA THR IA 312 104.19 18.09 -32.32
C THR IA 312 103.55 17.05 -33.22
N LEU IA 313 104.25 15.94 -33.45
CA LEU IA 313 103.82 14.91 -34.38
C LEU IA 313 103.59 13.60 -33.64
N SER IA 314 102.59 12.87 -34.12
CA SER IA 314 102.24 11.55 -33.61
C SER IA 314 102.84 10.48 -34.49
N GLY IA 315 103.57 9.54 -33.87
CA GLY IA 315 104.35 8.58 -34.61
C GLY IA 315 105.80 9.02 -34.64
N VAL IA 316 106.69 8.23 -34.03
CA VAL IA 316 108.06 8.69 -33.79
C VAL IA 316 109.07 7.80 -34.50
N PRO IA 317 110.15 8.38 -35.02
CA PRO IA 317 111.24 7.62 -35.66
C PRO IA 317 112.33 7.19 -34.68
N ILE IA 318 112.03 6.15 -33.89
CA ILE IA 318 112.96 5.70 -32.85
C ILE IA 318 114.23 5.17 -33.50
N TYR IA 319 115.36 5.76 -33.15
CA TYR IA 319 116.69 5.26 -33.53
C TYR IA 319 117.62 5.29 -32.33
N ASP IA 320 117.17 4.72 -31.20
CA ASP IA 320 117.99 4.68 -30.01
C ASP IA 320 119.31 3.95 -30.28
N THR IA 321 120.39 4.47 -29.71
CA THR IA 321 121.72 3.89 -29.90
C THR IA 321 122.17 3.02 -28.74
N THR IA 322 121.56 3.16 -27.56
CA THR IA 322 121.88 2.29 -26.44
C THR IA 322 120.89 1.15 -26.28
N ASN IA 323 119.73 1.22 -26.94
CA ASN IA 323 118.76 0.13 -26.98
C ASN IA 323 118.41 -0.12 -28.44
N PRO IA 324 119.26 -0.81 -29.19
CA PRO IA 324 119.00 -1.01 -30.62
C PRO IA 324 117.76 -1.84 -30.91
N GLN IA 325 117.27 -2.61 -29.93
CA GLN IA 325 116.15 -3.50 -30.17
C GLN IA 325 114.84 -2.78 -30.49
N TYR IA 326 114.74 -1.48 -30.19
CA TYR IA 326 113.51 -0.73 -30.39
C TYR IA 326 113.54 0.13 -31.65
N ASN IA 327 114.54 -0.03 -32.50
CA ASN IA 327 114.64 0.78 -33.71
C ASN IA 327 113.44 0.53 -34.62
N SER IA 328 113.00 1.60 -35.30
CA SER IA 328 111.90 1.48 -36.24
C SER IA 328 112.17 2.29 -37.52
N VAL IA 329 113.34 2.92 -37.60
CA VAL IA 329 113.69 3.74 -38.77
C VAL IA 329 115.15 3.47 -39.08
N SER IA 330 115.50 3.46 -40.37
CA SER IA 330 116.84 3.05 -40.79
C SER IA 330 117.91 3.97 -40.25
N ARG IA 331 117.68 5.28 -40.26
CA ARG IA 331 118.71 6.23 -39.86
C ARG IA 331 118.10 7.30 -38.95
N GLN IA 332 118.98 7.97 -38.20
CA GLN IA 332 118.55 9.00 -37.27
C GLN IA 332 118.37 10.33 -37.98
N VAL IA 333 117.22 10.96 -37.76
CA VAL IA 333 116.98 12.30 -38.30
C VAL IA 333 117.91 13.29 -37.63
N GLU IA 334 118.57 14.12 -38.44
CA GLU IA 334 119.49 15.12 -37.92
C GLU IA 334 119.27 16.42 -38.69
N ALA IA 335 119.92 17.48 -38.21
CA ALA IA 335 119.69 18.81 -38.76
C ALA IA 335 120.12 18.88 -40.22
N GLY IA 336 119.44 19.72 -40.99
CA GLY IA 336 119.72 19.87 -42.41
C GLY IA 336 118.99 18.91 -43.31
N ASP IA 337 118.24 17.96 -42.77
CA ASP IA 337 117.51 17.02 -43.60
C ASP IA 337 116.32 17.70 -44.27
N ALA IA 338 115.91 17.15 -45.40
CA ALA IA 338 114.85 17.71 -46.22
C ALA IA 338 113.55 16.97 -45.96
N VAL IA 339 112.47 17.71 -45.77
CA VAL IA 339 111.16 17.15 -45.50
C VAL IA 339 110.15 17.73 -46.48
N SER IA 340 108.97 17.12 -46.52
CA SER IA 340 107.90 17.61 -47.38
C SER IA 340 106.58 17.44 -46.65
N VAL IA 341 105.52 18.03 -47.21
CA VAL IA 341 104.17 17.91 -46.68
C VAL IA 341 103.28 17.39 -47.79
N VAL IA 342 102.46 16.39 -47.48
CA VAL IA 342 101.61 15.79 -48.52
C VAL IA 342 100.51 16.75 -48.91
N GLY IA 343 100.00 16.60 -50.13
CA GLY IA 343 98.87 17.38 -50.60
C GLY IA 343 99.28 18.73 -51.17
N THR IA 344 98.26 19.50 -51.51
CA THR IA 344 98.43 20.82 -52.10
C THR IA 344 98.38 21.89 -51.00
N ALA IA 345 98.33 23.16 -51.41
CA ALA IA 345 98.44 24.27 -50.48
C ALA IA 345 97.30 24.33 -49.48
N SER IA 346 96.06 24.56 -49.94
CA SER IA 346 94.97 24.80 -49.01
C SER IA 346 93.65 24.16 -49.47
N GLN IA 347 93.72 23.04 -50.16
CA GLN IA 347 92.49 22.38 -50.58
C GLN IA 347 91.84 21.66 -49.40
N THR IA 348 90.54 21.39 -49.55
CA THR IA 348 89.78 20.67 -48.54
C THR IA 348 89.28 19.37 -49.15
N MET IA 349 89.35 18.28 -48.38
CA MET IA 349 89.03 16.96 -48.91
C MET IA 349 88.48 16.07 -47.80
N LYS IA 350 87.83 14.98 -48.22
CA LYS IA 350 87.32 13.97 -47.30
C LYS IA 350 88.16 12.72 -47.44
N PRO IA 351 89.05 12.43 -46.50
CA PRO IA 351 89.96 11.29 -46.65
C PRO IA 351 89.25 9.96 -46.42
N ASN IA 352 89.87 8.91 -46.97
CA ASN IA 352 89.42 7.53 -46.79
C ASN IA 352 90.36 6.84 -45.82
N LEU IA 353 89.81 5.99 -44.95
CA LEU IA 353 90.58 5.47 -43.83
C LEU IA 353 90.90 3.99 -44.03
N PHE IA 354 91.99 3.55 -43.41
CA PHE IA 354 92.34 2.15 -43.33
C PHE IA 354 93.07 1.92 -42.02
N TYR IA 355 92.73 0.83 -41.33
CA TYR IA 355 93.26 0.64 -39.99
C TYR IA 355 93.12 -0.82 -39.55
N ASN IA 356 94.00 -1.21 -38.65
CA ASN IA 356 93.88 -2.49 -37.96
C ASN IA 356 92.87 -2.36 -36.82
N LYS IA 357 92.42 -3.50 -36.31
CA LYS IA 357 91.44 -3.47 -35.23
C LYS IA 357 92.02 -2.85 -33.97
N PHE IA 358 93.26 -3.20 -33.64
CA PHE IA 358 93.92 -2.70 -32.43
C PHE IA 358 94.69 -1.42 -32.71
N PHE IA 359 93.99 -0.39 -33.18
CA PHE IA 359 94.55 0.93 -33.41
C PHE IA 359 94.03 1.94 -32.38
N CYS IA 360 92.71 2.05 -32.24
CA CYS IA 360 92.09 2.92 -31.26
C CYS IA 360 91.01 2.16 -30.52
N GLY IA 361 90.66 2.65 -29.33
CA GLY IA 361 89.60 2.08 -28.54
C GLY IA 361 88.43 3.04 -28.40
N LEU IA 362 87.44 2.60 -27.62
CA LEU IA 362 86.25 3.40 -27.37
C LEU IA 362 85.52 2.84 -26.17
N GLY IA 363 85.11 3.73 -25.27
CA GLY IA 363 84.35 3.29 -24.11
C GLY IA 363 83.35 4.35 -23.71
N SER IA 364 82.45 3.97 -22.81
CA SER IA 364 81.45 4.90 -22.30
C SER IA 364 81.45 4.82 -20.78
N ILE IA 365 81.18 5.95 -20.15
CA ILE IA 365 81.15 6.06 -18.68
C ILE IA 365 79.69 6.13 -18.25
N PRO IA 366 79.18 5.12 -17.54
CA PRO IA 366 77.81 5.20 -17.03
C PRO IA 366 77.65 6.36 -16.06
N LEU IA 367 76.49 7.00 -16.11
CA LEU IA 367 76.24 8.21 -15.35
C LEU IA 367 75.21 7.95 -14.26
N PRO IA 368 75.49 8.31 -13.01
CA PRO IA 368 74.53 8.08 -11.93
C PRO IA 368 73.32 9.01 -12.04
N LYS IA 369 72.24 8.57 -11.41
CA LYS IA 369 71.00 9.34 -11.42
C LYS IA 369 71.15 10.62 -10.62
N LEU IA 370 70.63 11.71 -11.15
CA LEU IA 370 70.65 12.98 -10.44
C LEU IA 370 69.61 12.96 -9.33
N HIS IA 371 70.00 13.43 -8.15
CA HIS IA 371 69.13 13.33 -6.97
C HIS IA 371 67.89 14.20 -7.12
N SER IA 372 66.74 13.63 -6.76
CA SER IA 372 65.45 14.33 -6.76
C SER IA 372 65.10 14.92 -8.13
N ILE IA 373 65.59 14.29 -9.19
CA ILE IA 373 65.27 14.70 -10.56
C ILE IA 373 64.84 13.46 -11.33
N ASP IA 374 63.67 13.53 -11.96
CA ASP IA 374 63.18 12.40 -12.73
C ASP IA 374 64.10 12.12 -13.91
N SER IA 375 64.40 10.83 -14.10
CA SER IA 375 65.41 10.43 -15.08
C SER IA 375 65.08 9.04 -15.60
N ALA IA 376 65.74 8.67 -16.69
CA ALA IA 376 65.52 7.39 -17.35
C ALA IA 376 66.78 7.05 -18.14
N VAL IA 377 66.86 5.80 -18.60
CA VAL IA 377 67.99 5.30 -19.36
C VAL IA 377 67.47 4.74 -20.67
N ALA IA 378 68.12 5.12 -21.78
CA ALA IA 378 67.74 4.65 -23.10
C ALA IA 378 68.93 3.96 -23.74
N THR IA 379 68.68 2.80 -24.34
CA THR IA 379 69.71 2.01 -25.00
C THR IA 379 69.56 2.12 -26.51
N TYR IA 380 70.67 2.37 -27.21
CA TYR IA 380 70.63 2.59 -28.65
C TYR IA 380 71.99 2.22 -29.22
N GLU IA 381 72.02 1.15 -30.02
CA GLU IA 381 73.25 0.66 -30.65
C GLU IA 381 74.41 0.57 -29.66
N GLY IA 382 74.15 -0.06 -28.52
CA GLY IA 382 75.19 -0.29 -27.54
C GLY IA 382 75.53 0.90 -26.68
N PHE IA 383 74.86 2.03 -26.85
CA PHE IA 383 75.13 3.24 -26.09
C PHE IA 383 73.97 3.53 -25.15
N SER IA 384 74.30 3.89 -23.91
CA SER IA 384 73.29 4.23 -22.91
C SER IA 384 73.26 5.74 -22.72
N ILE IA 385 72.09 6.33 -22.91
CA ILE IA 385 71.88 7.77 -22.78
C ILE IA 385 71.01 8.01 -21.56
N ARG IA 386 71.43 8.95 -20.72
CA ARG IA 386 70.67 9.31 -19.52
C ARG IA 386 69.78 10.51 -19.84
N VAL IA 387 68.50 10.42 -19.49
CA VAL IA 387 67.52 11.44 -19.79
C VAL IA 387 67.04 12.03 -18.47
N HIS IA 388 67.10 13.36 -18.35
CA HIS IA 388 66.66 14.05 -17.15
C HIS IA 388 65.57 15.06 -17.50
N LYS IA 389 64.58 15.17 -16.62
CA LYS IA 389 63.51 16.15 -16.76
C LYS IA 389 63.37 16.95 -15.48
N TYR IA 390 63.18 18.25 -15.60
CA TYR IA 390 62.98 19.11 -14.44
C TYR IA 390 62.17 20.32 -14.85
N ALA IA 391 61.89 21.19 -13.88
CA ALA IA 391 61.02 22.34 -14.08
C ALA IA 391 61.64 23.60 -13.46
N ASP IA 392 62.92 23.83 -13.74
CA ASP IA 392 63.58 25.03 -13.24
C ASP IA 392 63.02 26.27 -13.91
N GLY IA 393 62.83 27.33 -13.13
CA GLY IA 393 62.31 28.58 -13.65
C GLY IA 393 60.83 28.76 -13.41
N ASP IA 394 60.40 30.02 -13.27
CA ASP IA 394 58.99 30.35 -13.02
C ASP IA 394 58.33 30.91 -14.28
N ALA IA 395 58.73 30.40 -15.44
CA ALA IA 395 58.13 30.80 -16.72
C ALA IA 395 57.20 29.71 -17.26
N ASN IA 396 56.78 28.79 -16.39
CA ASN IA 396 55.98 27.63 -16.78
C ASN IA 396 56.65 26.85 -17.91
N VAL IA 397 57.97 26.71 -17.80
CA VAL IA 397 58.80 26.08 -18.83
C VAL IA 397 59.40 24.82 -18.22
N GLN IA 398 59.11 23.68 -18.83
CA GLN IA 398 59.76 22.44 -18.46
C GLN IA 398 61.05 22.27 -19.26
N LYS IA 399 62.03 21.59 -18.66
CA LYS IA 399 63.34 21.45 -19.26
C LYS IA 399 63.72 19.98 -19.28
N MET IA 400 64.40 19.57 -20.34
CA MET IA 400 64.85 18.20 -20.52
C MET IA 400 66.28 18.19 -21.05
N ARG IA 401 67.04 17.17 -20.66
CA ARG IA 401 68.43 17.05 -21.11
C ARG IA 401 68.79 15.60 -21.34
N PHE IA 402 69.72 15.39 -22.26
CA PHE IA 402 70.24 14.07 -22.63
C PHE IA 402 71.74 14.06 -22.42
N ASP IA 403 72.26 12.97 -21.86
CA ASP IA 403 73.66 12.91 -21.47
C ASP IA 403 74.29 11.59 -21.90
N LEU IA 404 75.56 11.68 -22.33
CA LEU IA 404 76.40 10.54 -22.65
C LEU IA 404 77.85 10.98 -22.53
N LEU IA 405 78.69 10.09 -22.00
CA LEU IA 405 80.09 10.44 -21.76
C LEU IA 405 81.05 9.41 -22.38
N PRO IA 406 81.84 9.81 -23.37
CA PRO IA 406 82.75 8.88 -24.03
C PRO IA 406 84.17 8.91 -23.47
N ALA IA 407 84.93 7.89 -23.84
CA ALA IA 407 86.34 7.76 -23.45
C ALA IA 407 87.12 7.18 -24.61
N TYR IA 408 88.29 7.76 -24.87
CA TYR IA 408 89.10 7.44 -26.03
C TYR IA 408 90.50 7.01 -25.63
N VAL IA 409 91.11 6.20 -26.49
CA VAL IA 409 92.47 5.72 -26.28
C VAL IA 409 93.05 5.34 -27.64
N CYS IA 410 94.35 5.60 -27.81
CA CYS IA 410 95.09 5.17 -28.99
C CYS IA 410 96.15 4.17 -28.55
N PHE IA 411 96.13 2.97 -29.12
CA PHE IA 411 97.03 1.92 -28.67
C PHE IA 411 98.41 2.06 -29.30
N ASN IA 412 98.49 1.98 -30.63
CA ASN IA 412 99.75 2.11 -31.35
C ASN IA 412 99.50 2.93 -32.61
N PRO IA 413 100.15 4.08 -32.76
CA PRO IA 413 99.91 4.91 -33.95
C PRO IA 413 100.34 4.27 -35.25
N HIS IA 414 101.21 3.27 -35.22
CA HIS IA 414 101.78 2.68 -36.42
C HIS IA 414 100.92 1.58 -37.02
N MET IA 415 99.62 1.54 -36.70
CA MET IA 415 98.71 0.57 -37.28
C MET IA 415 97.45 1.25 -37.79
N GLY IA 416 97.62 2.34 -38.51
CA GLY IA 416 96.48 3.04 -39.09
C GLY IA 416 96.93 4.32 -39.75
N GLY IA 417 95.98 4.95 -40.42
CA GLY IA 417 96.23 6.22 -41.08
C GLY IA 417 95.26 6.44 -42.22
N GLN IA 418 95.71 7.27 -43.17
CA GLN IA 418 94.91 7.69 -44.31
C GLN IA 418 95.48 7.10 -45.60
N PHE IA 419 94.63 7.06 -46.62
CA PHE IA 419 95.06 6.56 -47.92
C PHE IA 419 94.16 7.13 -49.01
N PHE IA 420 94.78 7.47 -50.14
CA PHE IA 420 94.06 7.99 -51.29
C PHE IA 420 94.45 7.16 -52.51
N GLY IA 421 94.00 7.60 -53.67
CA GLY IA 421 94.37 6.95 -54.91
C GLY IA 421 95.75 7.36 -55.40
N ASN IA 422 96.36 6.47 -56.17
CA ASN IA 422 97.70 6.69 -56.69
C ASN IA 422 97.67 6.65 -58.21
N PRO IA 423 97.91 7.78 -58.87
CA PRO IA 423 97.91 7.85 -60.33
C PRO IA 423 99.22 7.40 -60.95
N THR JA 3 36.82 61.05 -51.84
CA THR JA 3 37.81 62.11 -51.64
C THR JA 3 38.67 61.84 -50.41
N VAL JA 4 39.49 62.81 -50.03
CA VAL JA 4 40.39 62.70 -48.90
C VAL JA 4 40.02 63.76 -47.87
N LEU JA 5 40.01 63.36 -46.60
CA LEU JA 5 39.69 64.26 -45.50
C LEU JA 5 40.98 64.77 -44.87
N THR JA 6 40.94 66.00 -44.37
CA THR JA 6 42.09 66.61 -43.72
C THR JA 6 41.67 67.21 -42.40
N LYS JA 7 42.64 67.36 -41.50
CA LYS JA 7 42.40 68.07 -40.25
C LYS JA 7 42.01 69.52 -40.52
N GLY JA 8 41.56 70.20 -39.48
CA GLY JA 8 41.09 71.55 -39.64
C GLY JA 8 39.67 71.58 -40.16
N GLU JA 9 39.38 70.72 -41.14
CA GLU JA 9 38.00 70.58 -41.60
C GLU JA 9 37.08 70.11 -40.48
N ILE JA 10 37.56 69.22 -39.62
CA ILE JA 10 36.73 68.71 -38.54
C ILE JA 10 36.46 69.81 -37.52
N VAL JA 11 37.47 70.61 -37.16
CA VAL JA 11 37.23 71.68 -36.20
C VAL JA 11 36.37 72.77 -36.82
N LEU JA 12 36.49 73.00 -38.13
CA LEU JA 12 35.60 73.93 -38.81
C LEU JA 12 34.16 73.43 -38.75
N PHE JA 13 33.96 72.13 -38.96
CA PHE JA 13 32.64 71.54 -38.82
C PHE JA 13 32.10 71.71 -37.41
N ALA JA 14 32.95 71.50 -36.41
CA ALA JA 14 32.52 71.62 -35.02
C ALA JA 14 32.09 73.05 -34.71
N LEU JA 15 32.87 74.03 -35.17
CA LEU JA 15 32.49 75.43 -34.94
C LEU JA 15 31.23 75.81 -35.71
N ARG JA 16 31.10 75.33 -36.95
CA ARG JA 16 29.93 75.65 -37.76
C ARG JA 16 28.65 75.07 -37.16
N LYS JA 17 28.73 73.87 -36.58
CA LYS JA 17 27.53 73.21 -36.08
C LYS JA 17 26.92 73.96 -34.90
N PHE JA 18 27.67 74.79 -34.20
CA PHE JA 18 27.13 75.62 -33.13
C PHE JA 18 27.25 77.11 -33.45
N ALA JA 19 27.65 77.45 -34.68
CA ALA JA 19 27.65 78.82 -35.17
C ALA JA 19 28.59 79.71 -34.35
N ILE JA 20 29.70 79.14 -33.90
CA ILE JA 20 30.74 79.96 -33.28
C ILE JA 20 31.42 80.84 -34.32
N ALA JA 21 31.69 80.28 -35.49
CA ALA JA 21 32.28 81.04 -36.59
C ALA JA 21 31.89 80.34 -37.90
N SER JA 22 30.90 80.90 -38.58
CA SER JA 22 30.38 80.31 -39.81
C SER JA 22 30.10 81.43 -40.80
N ASN JA 23 29.45 81.09 -41.91
CA ASN JA 23 28.99 82.10 -42.85
C ASN JA 23 27.48 82.30 -42.81
N ALA JA 24 26.75 81.42 -42.12
CA ALA JA 24 25.34 81.70 -41.85
C ALA JA 24 25.22 82.99 -41.06
N SER JA 25 26.08 83.19 -40.07
CA SER JA 25 26.27 84.49 -39.44
C SER JA 25 27.35 85.24 -40.21
N LEU JA 26 27.70 86.43 -39.74
CA LEU JA 26 28.73 87.24 -40.39
C LEU JA 26 30.10 87.10 -39.72
N THR JA 27 30.22 86.21 -38.74
CA THR JA 27 31.48 86.10 -38.00
C THR JA 27 32.54 85.39 -38.83
N ASP JA 28 33.80 85.68 -38.50
CA ASP JA 28 34.96 85.03 -39.10
C ASP JA 28 35.78 84.36 -38.01
N VAL JA 29 36.37 83.21 -38.34
CA VAL JA 29 37.02 82.40 -37.33
C VAL JA 29 38.33 83.04 -36.89
N GLU JA 30 38.75 82.72 -35.66
CA GLU JA 30 39.95 83.24 -35.03
C GLU JA 30 40.99 82.13 -34.88
N PRO JA 31 42.25 82.39 -35.22
CA PRO JA 31 43.26 81.31 -35.23
C PRO JA 31 43.43 80.61 -33.90
N GLN JA 32 43.17 81.30 -32.78
CA GLN JA 32 43.21 80.63 -31.49
C GLN JA 32 42.21 79.49 -31.43
N SER JA 33 41.03 79.67 -32.03
CA SER JA 33 40.04 78.61 -32.07
C SER JA 33 40.56 77.40 -32.84
N ILE JA 34 41.19 77.63 -33.99
CA ILE JA 34 41.73 76.51 -34.76
C ILE JA 34 42.79 75.78 -33.98
N GLU JA 35 43.71 76.52 -33.34
CA GLU JA 35 44.77 75.88 -32.58
C GLU JA 35 44.21 75.04 -31.43
N ASP JA 36 43.29 75.62 -30.66
CA ASP JA 36 42.70 74.90 -29.54
C ASP JA 36 41.95 73.67 -30.00
N GLY JA 37 41.18 73.80 -31.08
CA GLY JA 37 40.45 72.66 -31.61
C GLY JA 37 41.38 71.55 -32.08
N VAL JA 38 42.48 71.91 -32.72
CA VAL JA 38 43.42 70.90 -33.21
C VAL JA 38 44.04 70.15 -32.04
N ASN JA 39 44.51 70.87 -31.03
CA ASN JA 39 45.12 70.18 -29.89
C ASN JA 39 44.11 69.30 -29.17
N ASP JA 40 42.89 69.79 -28.98
CA ASP JA 40 41.89 68.99 -28.26
C ASP JA 40 41.45 67.78 -29.09
N LEU JA 41 41.37 67.92 -30.41
CA LEU JA 41 41.08 66.77 -31.26
C LEU JA 41 42.19 65.72 -31.16
N GLU JA 42 43.44 66.16 -31.16
CA GLU JA 42 44.55 65.22 -31.03
C GLU JA 42 44.48 64.50 -29.69
N ASP JA 43 44.21 65.25 -28.61
CA ASP JA 43 44.11 64.62 -27.29
C ASP JA 43 42.97 63.63 -27.22
N MET JA 44 41.81 63.99 -27.78
CA MET JA 44 40.66 63.09 -27.77
C MET JA 44 40.93 61.83 -28.57
N MET JA 45 41.59 61.96 -29.72
CA MET JA 45 41.93 60.78 -30.52
C MET JA 45 42.96 59.92 -29.81
N SER JA 46 43.88 60.54 -29.05
CA SER JA 46 44.79 59.76 -28.23
C SER JA 46 44.05 58.98 -27.16
N GLU JA 47 43.05 59.61 -26.55
CA GLU JA 47 42.26 58.92 -25.52
C GLU JA 47 41.43 57.79 -26.11
N TRP JA 48 40.87 57.99 -27.29
CA TRP JA 48 39.97 57.01 -27.91
C TRP JA 48 40.66 55.72 -28.32
N MET JA 49 41.94 55.56 -28.03
CA MET JA 49 42.65 54.36 -28.42
C MET JA 49 42.39 53.18 -27.48
N ILE JA 50 41.53 53.34 -26.48
CA ILE JA 50 41.29 52.32 -25.48
C ILE JA 50 39.81 51.94 -25.40
N ASN JA 51 38.92 52.92 -25.19
CA ASN JA 51 37.53 52.58 -24.95
C ASN JA 51 36.80 52.22 -26.25
N PRO JA 52 36.74 53.11 -27.27
CA PRO JA 52 36.05 52.73 -28.51
C PRO JA 52 36.88 51.79 -29.36
N GLY JA 53 38.20 52.00 -29.37
CA GLY JA 53 39.11 51.19 -30.15
C GLY JA 53 39.74 51.99 -31.28
N ASP JA 54 40.80 51.41 -31.83
CA ASP JA 54 41.53 52.05 -32.92
C ASP JA 54 40.62 52.19 -34.15
N ILE JA 55 40.68 53.37 -34.76
CA ILE JA 55 39.86 53.64 -35.95
C ILE JA 55 40.75 54.18 -37.07
N GLY JA 56 42.06 53.95 -36.96
CA GLY JA 56 42.98 54.32 -38.02
C GLY JA 56 43.38 55.77 -38.06
N TYR JA 57 43.20 56.52 -36.98
CA TYR JA 57 43.62 57.91 -36.95
C TYR JA 57 45.13 58.02 -37.06
N ALA JA 58 45.60 59.01 -37.80
CA ALA JA 58 47.02 59.22 -38.03
C ALA JA 58 47.54 60.23 -37.00
N PHE JA 59 48.33 59.74 -36.05
CA PHE JA 59 48.83 60.59 -34.98
C PHE JA 59 50.02 61.42 -35.45
N ALA JA 60 50.36 62.43 -34.66
CA ALA JA 60 51.51 63.27 -34.95
C ALA JA 60 52.80 62.48 -34.80
N THR JA 61 53.75 62.76 -35.69
CA THR JA 61 55.02 62.05 -35.74
C THR JA 61 56.13 62.95 -35.22
N GLY JA 62 57.06 62.37 -34.48
CA GLY JA 62 58.21 63.14 -34.00
C GLY JA 62 57.80 64.13 -32.92
N ASP JA 63 58.32 65.34 -33.03
CA ASP JA 63 58.13 66.36 -32.00
C ASP JA 63 57.43 67.62 -32.49
N GLU JA 64 57.03 67.68 -33.76
CA GLU JA 64 56.39 68.88 -34.27
C GLU JA 64 54.90 68.87 -33.97
N GLN JA 65 54.32 70.07 -33.91
CA GLN JA 65 52.92 70.23 -33.58
C GLN JA 65 52.03 69.68 -34.69
N PRO JA 66 50.79 69.31 -34.35
CA PRO JA 66 49.86 68.87 -35.40
C PRO JA 66 49.38 70.04 -36.25
N LEU JA 67 49.86 70.13 -37.48
CA LEU JA 67 49.48 71.24 -38.34
C LEU JA 67 48.01 71.12 -38.74
N PRO JA 68 47.26 72.23 -38.76
CA PRO JA 68 45.85 72.15 -39.12
C PRO JA 68 45.58 71.68 -40.54
N ASP JA 69 46.55 71.79 -41.44
CA ASP JA 69 46.32 71.44 -42.83
C ASP JA 69 46.65 69.98 -43.15
N ASP JA 70 47.23 69.25 -42.20
CA ASP JA 70 47.60 67.86 -42.46
C ASP JA 70 46.35 66.98 -42.55
N GLU JA 71 46.53 65.79 -43.10
CA GLU JA 71 45.45 64.82 -43.20
C GLU JA 71 45.24 64.11 -41.87
N SER JA 72 44.14 63.36 -41.78
CA SER JA 72 43.82 62.59 -40.58
C SER JA 72 43.77 61.10 -40.81
N GLY JA 73 43.42 60.65 -42.02
CA GLY JA 73 43.33 59.24 -42.33
C GLY JA 73 42.01 58.59 -42.00
N LEU JA 74 41.12 59.34 -41.33
CA LEU JA 74 39.80 58.81 -40.91
C LEU JA 74 38.91 58.70 -42.14
N PRO JA 75 38.08 57.65 -42.26
CA PRO JA 75 37.17 57.51 -43.39
C PRO JA 75 36.07 58.56 -43.26
N ARG JA 76 35.42 58.93 -44.35
CA ARG JA 76 34.42 60.02 -44.31
C ARG JA 76 33.25 59.65 -43.40
N LYS JA 77 32.92 58.36 -43.29
CA LYS JA 77 31.72 57.97 -42.51
C LYS JA 77 31.84 58.45 -41.06
N TYR JA 78 33.03 58.38 -40.47
CA TYR JA 78 33.14 58.69 -39.02
C TYR JA 78 33.24 60.21 -38.77
N LYS JA 79 33.18 61.06 -39.79
CA LYS JA 79 33.39 62.52 -39.57
C LYS JA 79 32.34 63.06 -38.63
N HIS JA 80 31.07 62.70 -38.82
CA HIS JA 80 30.00 63.29 -37.99
C HIS JA 80 30.19 62.88 -36.53
N ALA JA 81 30.58 61.64 -36.26
CA ALA JA 81 30.78 61.17 -34.88
C ALA JA 81 31.90 61.93 -34.19
N VAL JA 82 33.04 62.08 -34.86
CA VAL JA 82 34.19 62.81 -34.27
C VAL JA 82 33.78 64.26 -34.07
N GLY JA 83 33.08 64.84 -35.03
CA GLY JA 83 32.70 66.27 -34.97
C GLY JA 83 31.78 66.57 -33.81
N TYR JA 84 30.84 65.68 -33.51
CA TYR JA 84 29.84 65.99 -32.47
C TYR JA 84 30.48 65.85 -31.08
N GLN JA 85 31.46 64.97 -30.90
CA GLN JA 85 32.18 64.82 -29.63
C GLN JA 85 33.09 66.01 -29.37
N LEU JA 86 33.77 66.50 -30.43
CA LEU JA 86 34.62 67.67 -30.27
C LEU JA 86 33.80 68.89 -29.86
N LEU JA 87 32.63 69.08 -30.46
CA LEU JA 87 31.76 70.18 -30.06
C LEU JA 87 31.38 70.07 -28.59
N LEU JA 88 31.01 68.87 -28.16
CA LEU JA 88 30.67 68.65 -26.75
C LEU JA 88 31.83 69.00 -25.84
N ARG JA 89 33.07 68.75 -26.25
CA ARG JA 89 34.22 69.04 -25.41
C ARG JA 89 34.73 70.48 -25.53
N MET JA 90 34.33 71.22 -26.57
CA MET JA 90 34.74 72.62 -26.69
C MET JA 90 33.70 73.63 -26.23
N LEU JA 91 32.43 73.24 -26.06
CA LEU JA 91 31.45 74.22 -25.59
C LEU JA 91 31.85 74.83 -24.24
N SER JA 92 32.50 74.06 -23.38
CA SER JA 92 32.89 74.58 -22.07
C SER JA 92 33.96 75.67 -22.18
N ASP JA 93 34.77 75.64 -23.24
CA ASP JA 93 35.79 76.67 -23.42
C ASP JA 93 35.17 78.06 -23.56
N TYR JA 94 34.10 78.16 -24.34
CA TYR JA 94 33.39 79.41 -24.55
C TYR JA 94 32.20 79.57 -23.61
N SER JA 95 32.03 78.62 -22.69
CA SER JA 95 31.05 78.73 -21.60
C SER JA 95 29.62 78.74 -22.13
N LEU JA 96 29.39 77.97 -23.18
CA LEU JA 96 28.06 77.80 -23.74
C LEU JA 96 27.38 76.60 -23.10
N GLU JA 97 26.22 76.24 -23.62
CA GLU JA 97 25.48 75.11 -23.09
C GLU JA 97 24.84 74.34 -24.24
N PRO JA 98 25.04 73.02 -24.32
CA PRO JA 98 24.44 72.25 -25.42
C PRO JA 98 22.93 72.22 -25.34
N THR JA 99 22.30 71.66 -26.38
CA THR JA 99 20.85 71.57 -26.48
C THR JA 99 20.44 70.12 -26.67
N PRO JA 100 19.21 69.77 -26.28
CA PRO JA 100 18.78 68.37 -26.39
C PRO JA 100 18.86 67.80 -27.80
N GLN JA 101 18.58 68.61 -28.82
CA GLN JA 101 18.66 68.10 -30.19
C GLN JA 101 20.10 67.77 -30.57
N VAL JA 102 21.05 68.64 -30.19
CA VAL JA 102 22.45 68.36 -30.47
C VAL JA 102 22.90 67.12 -29.71
N LEU JA 103 22.47 66.98 -28.46
CA LEU JA 103 22.83 65.79 -27.69
C LEU JA 103 22.29 64.52 -28.35
N SER JA 104 21.04 64.56 -28.82
CA SER JA 104 20.46 63.40 -29.48
C SER JA 104 21.19 63.06 -30.77
N ASN JA 105 21.55 64.09 -31.55
CA ASN JA 105 22.30 63.85 -32.78
C ASN JA 105 23.66 63.22 -32.48
N ALA JA 106 24.36 63.74 -31.47
CA ALA JA 106 25.65 63.18 -31.11
C ALA JA 106 25.51 61.74 -30.65
N GLN JA 107 24.47 61.44 -29.87
CA GLN JA 107 24.27 60.06 -29.42
C GLN JA 107 23.97 59.14 -30.58
N ARG JA 108 23.16 59.60 -31.54
CA ARG JA 108 22.85 58.77 -32.71
C ARG JA 108 24.11 58.47 -33.52
N SER JA 109 24.93 59.49 -33.78
CA SER JA 109 26.13 59.28 -34.61
C SER JA 109 27.09 58.34 -33.88
N TYR JA 110 27.19 58.45 -32.55
CA TYR JA 110 28.12 57.60 -31.77
C TYR JA 110 27.68 56.16 -31.96
N ASP JA 111 26.38 55.93 -32.00
CA ASP JA 111 25.90 54.53 -32.12
C ASP JA 111 26.41 53.94 -33.43
N ALA JA 112 26.42 54.73 -34.50
CA ALA JA 112 26.84 54.20 -35.80
C ALA JA 112 28.30 53.75 -35.76
N LEU JA 113 29.17 54.53 -35.14
CA LEU JA 113 30.59 54.09 -35.02
C LEU JA 113 30.61 52.79 -34.23
N MET JA 114 29.86 52.72 -33.13
CA MET JA 114 29.93 51.51 -32.28
C MET JA 114 29.40 50.31 -33.06
N THR JA 115 28.33 50.46 -33.82
CA THR JA 115 27.76 49.30 -34.52
C THR JA 115 28.81 48.79 -35.52
N ASP JA 116 29.50 49.68 -36.21
CA ASP JA 116 30.51 49.27 -37.23
C ASP JA 116 31.67 48.56 -36.55
N THR JA 117 32.18 49.12 -35.45
CA THR JA 117 33.37 48.53 -34.82
C THR JA 117 32.93 47.53 -33.76
N LEU JA 118 32.14 46.52 -34.13
CA LEU JA 118 31.63 45.61 -33.08
C LEU JA 118 32.09 44.18 -33.33
N VAL JA 119 32.77 43.59 -32.36
CA VAL JA 119 33.15 42.16 -32.46
C VAL JA 119 32.47 41.49 -31.26
N VAL JA 120 31.65 40.47 -31.51
CA VAL JA 120 31.04 39.74 -30.36
C VAL JA 120 31.85 38.45 -30.15
N PRO JA 121 32.68 38.33 -29.09
CA PRO JA 121 33.49 37.13 -28.90
C PRO JA 121 32.65 35.88 -28.80
N SER JA 122 33.21 34.77 -29.25
CA SER JA 122 32.54 33.47 -29.20
C SER JA 122 33.26 32.60 -28.19
N MET JA 123 32.50 32.10 -27.21
CA MET JA 123 33.09 31.24 -26.19
C MET JA 123 33.51 29.92 -26.80
N ARG JA 124 34.67 29.41 -26.36
CA ARG JA 124 35.26 28.21 -26.90
C ARG JA 124 35.33 27.13 -25.82
N ARG JA 125 35.53 25.89 -26.27
CA ARG JA 125 35.42 24.75 -25.36
C ARG JA 125 36.54 24.77 -24.32
N ARG JA 126 36.32 24.00 -23.25
CA ARG JA 126 37.22 24.01 -22.11
C ARG JA 126 38.63 23.57 -22.45
N GLY JA 127 38.78 22.48 -23.21
CA GLY JA 127 40.05 21.82 -23.39
C GLY JA 127 40.15 20.50 -22.66
N ASP JA 128 39.36 20.30 -21.61
CA ASP JA 128 39.18 19.00 -21.00
C ASP JA 128 37.80 18.41 -21.27
N PHE JA 129 36.96 19.14 -22.01
CA PHE JA 129 35.67 18.61 -22.44
C PHE JA 129 35.89 17.63 -23.58
N PRO JA 130 35.46 16.38 -23.45
CA PRO JA 130 35.76 15.39 -24.49
C PRO JA 130 34.99 15.67 -25.77
N VAL JA 131 35.59 15.26 -26.87
CA VAL JA 131 34.90 15.23 -28.16
C VAL JA 131 34.24 13.87 -28.28
N GLY JA 132 33.15 13.81 -29.03
CA GLY JA 132 32.38 12.59 -29.11
C GLY JA 132 33.10 11.49 -29.86
N GLN JA 133 32.58 10.27 -29.71
CA GLN JA 133 33.12 9.13 -30.43
C GLN JA 133 32.68 9.13 -31.89
N GLY JA 134 31.62 9.88 -32.22
CA GLY JA 134 31.23 10.00 -33.61
C GLY JA 134 32.30 10.68 -34.45
N ASN JA 135 32.94 11.72 -33.90
CA ASN JA 135 34.11 12.33 -34.53
C ASN JA 135 35.28 11.37 -34.35
N LYS JA 136 35.65 10.67 -35.42
CA LYS JA 136 36.77 9.73 -35.34
C LYS JA 136 38.03 10.45 -34.90
N TYR JA 137 38.51 10.15 -33.69
CA TYR JA 137 39.60 10.88 -33.07
C TYR JA 137 40.89 10.07 -33.05
N ASP JA 138 41.15 9.32 -34.12
CA ASP JA 138 42.35 8.50 -34.20
C ASP JA 138 43.22 8.83 -35.42
N VAL JA 139 42.96 9.96 -36.07
CA VAL JA 139 43.66 10.30 -37.31
C VAL JA 139 44.46 11.59 -37.16
N PHE JA 140 43.93 12.59 -36.46
CA PHE JA 140 44.53 13.91 -36.42
C PHE JA 140 45.24 14.14 -35.09
N THR JA 141 45.87 15.30 -34.97
CA THR JA 141 46.70 15.63 -33.83
C THR JA 141 45.87 16.26 -32.72
N SER JA 142 46.00 15.74 -31.50
CA SER JA 142 45.31 16.26 -30.32
C SER JA 142 43.80 16.30 -30.54
N ASP JA 143 43.28 15.29 -31.22
CA ASP JA 143 41.87 15.20 -31.55
C ASP JA 143 41.06 14.39 -30.54
N ARG JA 144 41.69 13.85 -29.50
CA ARG JA 144 40.95 13.13 -28.48
C ARG JA 144 40.07 14.08 -27.66
N TYR JA 145 40.57 15.29 -27.39
CA TYR JA 145 39.84 16.31 -26.67
C TYR JA 145 39.91 17.62 -27.45
N TYR JA 146 39.14 18.60 -27.00
CA TYR JA 146 39.15 19.90 -27.66
C TYR JA 146 40.46 20.63 -27.36
N PRO JA 147 41.02 21.34 -28.34
CA PRO JA 147 42.32 22.01 -28.12
C PRO JA 147 42.29 23.05 -27.01
N GLY JA 148 41.17 23.75 -26.85
CA GLY JA 148 41.10 24.81 -25.86
C GLY JA 148 41.31 26.18 -26.46
N ASP JA 149 42.23 26.96 -25.90
CA ASP JA 149 42.53 28.27 -26.44
C ASP JA 149 43.77 28.23 -27.34
N LEU JA 150 43.95 29.31 -28.09
CA LEU JA 150 45.06 29.45 -29.03
C LEU JA 150 45.10 28.28 -30.02
N SER KA 10 54.68 32.07 24.40
CA SER KA 10 54.37 32.73 25.66
C SER KA 10 52.86 32.75 25.90
N GLN KA 11 52.15 31.87 25.20
CA GLN KA 11 50.70 31.78 25.32
C GLN KA 11 50.26 30.45 25.94
N ILE KA 12 50.68 29.32 25.35
CA ILE KA 12 50.26 28.02 25.82
C ILE KA 12 51.03 27.67 27.09
N VAL KA 13 50.32 27.09 28.06
CA VAL KA 13 50.90 26.74 29.35
C VAL KA 13 50.69 25.25 29.59
N LEU KA 14 51.76 24.57 30.02
CA LEU KA 14 51.67 23.15 30.33
C LEU KA 14 50.90 22.94 31.63
N LYS KA 15 50.37 21.72 31.79
CA LYS KA 15 49.52 21.38 32.91
C LYS KA 15 50.28 20.84 34.11
N LYS KA 16 51.61 20.79 34.05
CA LYS KA 16 52.43 20.29 35.14
C LYS KA 16 53.19 21.46 35.76
N PHE KA 17 53.13 21.57 37.09
CA PHE KA 17 53.86 22.61 37.79
C PHE KA 17 55.33 22.23 37.96
N LEU KA 18 56.17 23.25 38.02
CA LEU KA 18 57.57 23.04 38.33
C LEU KA 18 57.72 22.58 39.77
N PRO KA 19 58.72 21.75 40.06
CA PRO KA 19 58.94 21.30 41.45
C PRO KA 19 59.41 22.44 42.33
N GLY KA 20 59.15 22.30 43.63
CA GLY KA 20 59.53 23.31 44.59
C GLY KA 20 60.48 22.79 45.65
N PHE KA 21 60.58 23.51 46.78
CA PHE KA 21 61.46 23.16 47.87
C PHE KA 21 60.66 22.57 49.02
N MET KA 22 61.29 21.67 49.77
CA MET KA 22 60.63 20.99 50.88
C MET KA 22 61.60 20.86 52.05
N SER KA 23 61.05 20.93 53.26
CA SER KA 23 61.83 20.68 54.47
C SER KA 23 61.69 19.21 54.87
N ASP KA 24 62.15 18.85 56.06
CA ASP KA 24 62.09 17.48 56.54
C ASP KA 24 61.48 17.44 57.94
N LEU KA 25 60.91 16.28 58.27
CA LEU KA 25 60.25 16.03 59.55
C LEU KA 25 61.04 14.96 60.29
N VAL KA 26 61.72 15.33 61.37
CA VAL KA 26 62.31 14.33 62.25
C VAL KA 26 61.87 14.59 63.69
N LEU KA 27 61.59 15.85 64.02
CA LEU KA 27 61.31 16.18 65.41
C LEU KA 27 59.96 15.60 65.83
N ALA KA 28 58.94 15.74 64.99
CA ALA KA 28 57.63 15.19 65.30
C ALA KA 28 57.68 13.66 65.41
N LYS KA 29 58.44 13.02 64.52
CA LYS KA 29 58.56 11.56 64.55
C LYS KA 29 59.33 11.07 65.77
N THR KA 30 60.25 11.87 66.31
CA THR KA 30 61.02 11.42 67.46
C THR KA 30 60.36 11.75 68.80
N VAL KA 31 59.66 12.86 68.91
CA VAL KA 31 59.05 13.23 70.19
C VAL KA 31 57.97 12.23 70.56
N ASP KA 32 57.59 12.22 71.83
CA ASP KA 32 56.62 11.25 72.35
C ASP KA 32 55.23 11.63 71.88
N ARG KA 33 54.65 10.82 71.00
CA ARG KA 33 53.30 11.00 70.50
C ARG KA 33 52.36 9.92 71.03
N GLN KA 34 52.64 9.41 72.23
CA GLN KA 34 51.91 8.28 72.78
C GLN KA 34 51.15 8.62 74.05
N LEU KA 35 51.80 9.28 75.01
CA LEU KA 35 51.13 9.59 76.28
C LEU KA 35 49.96 10.54 76.09
N LEU KA 36 50.16 11.61 75.32
CA LEU KA 36 49.12 12.59 75.05
C LEU KA 36 48.54 12.26 73.68
N ALA KA 37 47.46 11.49 73.66
CA ALA KA 37 46.82 11.10 72.40
C ALA KA 37 45.35 10.84 72.70
N GLY KA 38 44.48 11.77 72.27
CA GLY KA 38 43.06 11.61 72.52
C GLY KA 38 42.65 11.71 73.97
N GLU KA 39 43.31 12.57 74.75
CA GLU KA 39 42.85 12.89 76.10
C GLU KA 39 42.28 14.29 76.23
N ILE KA 40 42.58 15.19 75.30
CA ILE KA 40 41.96 16.51 75.28
C ILE KA 40 40.69 16.37 74.44
N ASN KA 41 39.63 15.94 75.09
CA ASN KA 41 38.33 15.77 74.46
C ASN KA 41 37.37 16.86 74.99
N SER KA 42 36.10 16.75 74.59
CA SER KA 42 35.10 17.72 75.02
C SER KA 42 34.75 17.58 76.50
N SER KA 43 35.23 16.54 77.17
CA SER KA 43 34.93 16.35 78.59
C SER KA 43 36.01 16.93 79.50
N THR KA 44 37.28 16.65 79.21
CA THR KA 44 38.36 17.04 80.11
C THR KA 44 38.54 18.56 80.15
N GLY KA 45 38.36 19.22 79.02
CA GLY KA 45 38.55 20.66 78.97
C GLY KA 45 39.70 21.09 78.08
N ASP KA 46 40.41 22.13 78.48
CA ASP KA 46 41.50 22.69 77.69
C ASP KA 46 42.88 22.30 78.20
N SER KA 47 42.96 21.49 79.25
CA SER KA 47 44.26 21.08 79.79
C SER KA 47 44.07 19.83 80.62
N VAL KA 48 45.12 19.01 80.68
CA VAL KA 48 45.07 17.76 81.43
C VAL KA 48 46.46 17.47 81.97
N SER KA 49 46.52 16.82 83.13
CA SER KA 49 47.78 16.66 83.84
C SER KA 49 48.07 15.20 84.13
N PHE KA 50 49.37 14.88 84.17
CA PHE KA 50 49.88 13.57 84.52
C PHE KA 50 50.59 13.64 85.86
N LYS KA 51 50.82 12.47 86.46
CA LYS KA 51 51.40 12.37 87.79
C LYS KA 51 52.92 12.38 87.71
N ARG KA 52 53.57 12.46 88.87
CA ARG KA 52 55.02 12.50 88.98
C ARG KA 52 55.47 11.42 89.94
N PRO KA 53 56.66 10.84 89.72
CA PRO KA 53 57.14 9.77 90.59
C PRO KA 53 57.58 10.29 91.95
N HIS KA 54 57.64 9.36 92.90
CA HIS KA 54 57.98 9.66 94.28
C HIS KA 54 59.44 9.35 94.57
N GLN KA 55 59.94 9.91 95.67
CA GLN KA 55 61.30 9.67 96.12
C GLN KA 55 61.32 9.63 97.65
N PHE KA 56 62.27 8.88 98.20
CA PHE KA 56 62.34 8.65 99.63
C PHE KA 56 63.77 8.83 100.13
N SER KA 57 63.89 9.12 101.42
CA SER KA 57 65.18 9.29 102.08
C SER KA 57 65.21 8.46 103.35
N SER KA 58 66.40 8.06 103.75
CA SER KA 58 66.60 7.14 104.86
C SER KA 58 67.25 7.83 106.05
N LEU KA 59 67.06 7.23 107.22
CA LEU KA 59 67.64 7.71 108.46
C LEU KA 59 68.64 6.69 109.00
N ARG KA 60 69.63 7.19 109.72
CA ARG KA 60 70.74 6.36 110.21
C ARG KA 60 70.74 6.40 111.74
N THR KA 61 70.34 5.28 112.36
CA THR KA 61 70.32 5.14 113.81
C THR KA 61 70.85 3.78 114.20
N PRO KA 62 71.45 3.66 115.38
CA PRO KA 62 71.99 2.36 115.82
C PRO KA 62 71.09 1.55 116.75
N THR KA 63 69.85 1.94 116.98
CA THR KA 63 68.97 1.26 117.93
C THR KA 63 67.66 0.87 117.25
N GLY KA 64 66.86 0.04 117.94
CA GLY KA 64 65.75 -0.64 117.30
C GLY KA 64 64.33 -0.38 117.78
N ASP KA 65 64.12 -0.08 119.06
CA ASP KA 65 62.78 0.28 119.56
C ASP KA 65 62.53 1.78 119.35
N ILE KA 66 62.57 2.16 118.08
CA ILE KA 66 62.57 3.56 117.66
C ILE KA 66 61.31 3.86 116.85
N SER KA 67 60.20 3.22 117.22
CA SER KA 67 58.94 3.36 116.48
C SER KA 67 58.48 4.81 116.42
N GLY KA 68 58.95 5.65 117.33
CA GLY KA 68 58.64 7.07 117.29
C GLY KA 68 59.83 7.94 116.96
N GLN KA 69 59.84 8.53 115.76
CA GLN KA 69 60.98 9.31 115.29
C GLN KA 69 60.49 10.29 114.23
N ASN KA 70 61.44 10.86 113.48
CA ASN KA 70 61.16 11.83 112.41
C ASN KA 70 61.04 11.06 111.10
N LYS KA 71 59.84 11.05 110.54
CA LYS KA 71 59.54 10.22 109.38
C LYS KA 71 59.47 11.06 108.10
N ASN KA 72 59.19 10.41 106.98
CA ASN KA 72 59.14 11.08 105.68
C ASN KA 72 57.81 11.79 105.51
N ASN KA 73 57.55 12.28 104.30
CA ASN KA 73 56.31 12.94 103.95
C ASN KA 73 55.90 12.51 102.55
N LEU KA 74 54.61 12.65 102.25
CA LEU KA 74 54.04 12.23 100.98
C LEU KA 74 53.61 13.47 100.20
N ILE KA 75 54.36 13.79 99.15
CA ILE KA 75 54.08 14.93 98.29
C ILE KA 75 53.99 14.42 96.86
N SER KA 76 52.96 14.86 96.13
CA SER KA 76 52.72 14.44 94.76
C SER KA 76 52.82 15.63 93.83
N GLY KA 77 53.43 15.40 92.66
CA GLY KA 77 53.59 16.42 91.66
C GLY KA 77 52.63 16.26 90.50
N LYS KA 78 52.74 17.20 89.56
CA LYS KA 78 51.88 17.23 88.38
C LYS KA 78 52.66 17.74 87.18
N ALA KA 79 52.21 17.33 86.00
CA ALA KA 79 52.77 17.82 84.73
C ALA KA 79 51.59 18.09 83.81
N THR KA 80 51.30 19.37 83.56
CA THR KA 80 50.11 19.77 82.84
C THR KA 80 50.44 20.02 81.37
N GLY KA 81 49.57 19.53 80.49
CA GLY KA 81 49.65 19.81 79.07
C GLY KA 81 48.40 20.55 78.62
N ARG KA 82 48.56 21.44 77.66
CA ARG KA 82 47.50 22.33 77.22
C ARG KA 82 47.50 22.41 75.70
N VAL KA 83 46.63 23.26 75.16
CA VAL KA 83 46.49 23.43 73.72
C VAL KA 83 47.20 24.71 73.30
N GLY KA 84 47.54 24.79 72.01
CA GLY KA 84 48.16 25.96 71.45
C GLY KA 84 47.19 26.81 70.65
N ASN KA 85 47.76 27.73 69.87
CA ASN KA 85 46.94 28.59 69.02
C ASN KA 85 46.58 27.85 67.74
N TYR KA 86 45.69 28.44 66.96
CA TYR KA 86 45.28 27.87 65.68
C TYR KA 86 46.36 28.11 64.63
N ILE KA 87 46.55 27.13 63.75
CA ILE KA 87 47.43 27.27 62.60
C ILE KA 87 46.53 27.39 61.37
N THR KA 88 46.19 28.61 60.99
CA THR KA 88 45.23 28.87 59.94
C THR KA 88 45.91 29.51 58.74
N VAL KA 89 45.71 28.94 57.56
CA VAL KA 89 46.15 29.53 56.31
C VAL KA 89 44.92 29.68 55.42
N ALA KA 90 44.74 30.89 54.87
CA ALA KA 90 43.56 31.21 54.09
C ALA KA 90 43.97 31.88 52.79
N VAL KA 91 43.17 31.66 51.75
CA VAL KA 91 43.40 32.26 50.44
C VAL KA 91 42.08 32.77 49.89
N GLU KA 92 42.17 33.82 49.07
CA GLU KA 92 41.02 34.36 48.38
C GLU KA 92 41.39 34.61 46.93
N TYR KA 93 40.40 34.49 46.05
CA TYR KA 93 40.67 34.61 44.62
C TYR KA 93 39.38 34.91 43.88
N GLN KA 94 39.51 35.54 42.72
CA GLN KA 94 38.42 35.63 41.75
C GLN KA 94 38.33 34.27 41.09
N GLN KA 95 37.34 33.46 41.50
CA GLN KA 95 37.36 32.03 41.22
C GLN KA 95 37.36 31.72 39.73
N LEU KA 96 36.74 32.54 38.89
CA LEU KA 96 36.80 32.28 37.45
C LEU KA 96 38.19 32.57 36.90
N GLU KA 97 38.82 33.65 37.34
CA GLU KA 97 40.20 33.91 36.95
C GLU KA 97 41.13 32.81 37.45
N GLU KA 98 40.83 32.24 38.62
CA GLU KA 98 41.62 31.12 39.12
C GLU KA 98 41.42 29.87 38.29
N ALA KA 99 40.18 29.63 37.83
CA ALA KA 99 39.85 28.43 37.07
C ALA KA 99 40.10 28.57 35.57
N ILE KA 100 40.59 29.73 35.11
CA ILE KA 100 40.99 29.91 33.72
C ILE KA 100 41.75 28.69 33.20
N LYS KA 101 42.77 28.25 33.94
CA LYS KA 101 43.56 27.11 33.50
C LYS KA 101 43.87 26.13 34.62
N LEU KA 102 43.25 26.29 35.79
CA LEU KA 102 43.64 25.59 37.00
C LEU KA 102 42.42 24.83 37.52
N ASN KA 103 42.31 23.56 37.14
CA ASN KA 103 41.08 22.80 37.33
C ASN KA 103 41.06 22.09 38.67
N GLN KA 104 39.84 21.88 39.20
CA GLN KA 104 39.53 21.09 40.38
C GLN KA 104 40.10 21.66 41.67
N LEU KA 105 40.78 22.80 41.61
CA LEU KA 105 41.28 23.49 42.80
C LEU KA 105 42.22 22.60 43.62
N GLU KA 106 42.87 21.65 42.94
CA GLU KA 106 43.79 20.73 43.59
C GLU KA 106 45.20 21.30 43.70
N GLU KA 107 45.52 22.31 42.90
CA GLU KA 107 46.87 22.87 42.90
C GLU KA 107 47.24 23.49 44.25
N ILE KA 108 46.26 24.08 44.95
CA ILE KA 108 46.55 24.72 46.22
C ILE KA 108 46.76 23.67 47.31
N LEU KA 109 46.18 22.48 47.14
CA LEU KA 109 46.19 21.49 48.21
C LEU KA 109 47.61 21.05 48.56
N ALA KA 110 48.46 20.86 47.55
CA ALA KA 110 49.79 20.34 47.81
C ALA KA 110 50.66 21.27 48.66
N PRO KA 111 50.79 22.58 48.36
CA PRO KA 111 51.75 23.39 49.13
C PRO KA 111 51.19 24.08 50.36
N VAL KA 112 49.98 23.72 50.82
CA VAL KA 112 49.42 24.27 52.04
C VAL KA 112 49.63 23.33 53.22
N ARG KA 113 49.49 22.02 53.00
CA ARG KA 113 49.79 21.06 54.06
C ARG KA 113 51.26 21.12 54.44
N GLN KA 114 52.14 21.33 53.44
CA GLN KA 114 53.55 21.53 53.72
C GLN KA 114 53.79 22.76 54.59
N ARG KA 115 53.10 23.86 54.30
CA ARG KA 115 53.24 25.06 55.13
C ARG KA 115 52.74 24.81 56.55
N ILE KA 116 51.61 24.12 56.68
CA ILE KA 116 51.06 23.82 58.01
C ILE KA 116 52.07 23.01 58.82
N VAL KA 117 52.58 21.94 58.22
CA VAL KA 117 53.52 21.07 58.92
C VAL KA 117 54.81 21.82 59.26
N THR KA 118 55.31 22.63 58.32
CA THR KA 118 56.54 23.36 58.56
C THR KA 118 56.39 24.33 59.73
N ASP KA 119 55.28 25.07 59.76
CA ASP KA 119 55.06 25.99 60.88
C ASP KA 119 54.92 25.22 62.20
N LEU KA 120 54.19 24.10 62.17
CA LEU KA 120 54.05 23.29 63.37
C LEU KA 120 55.41 22.86 63.91
N GLU KA 121 56.25 22.32 63.03
CA GLU KA 121 57.56 21.84 63.46
C GLU KA 121 58.48 22.97 63.91
N THR KA 122 58.42 24.12 63.24
CA THR KA 122 59.25 25.25 63.66
C THR KA 122 58.88 25.72 65.06
N GLU KA 123 57.58 25.87 65.33
CA GLU KA 123 57.20 26.33 66.65
C GLU KA 123 57.39 25.24 67.71
N LEU KA 124 57.34 23.97 67.30
CA LEU KA 124 57.71 22.89 68.23
C LEU KA 124 59.19 22.95 68.59
N ALA KA 125 60.05 23.22 67.60
CA ALA KA 125 61.48 23.38 67.88
C ALA KA 125 61.72 24.56 68.81
N HIS KA 126 61.00 25.67 68.58
CA HIS KA 126 61.10 26.81 69.48
C HIS KA 126 60.68 26.43 70.89
N PHE KA 127 59.58 25.67 71.02
CA PHE KA 127 59.12 25.24 72.34
C PHE KA 127 60.17 24.39 73.04
N MET KA 128 60.78 23.45 72.31
CA MET KA 128 61.78 22.58 72.94
C MET KA 128 63.02 23.36 73.35
N MET KA 129 63.50 24.28 72.50
CA MET KA 129 64.67 25.05 72.90
C MET KA 129 64.35 26.08 73.97
N ASN KA 130 63.08 26.44 74.15
CA ASN KA 130 62.71 27.36 75.22
C ASN KA 130 62.51 26.63 76.55
N ASN KA 131 62.14 25.35 76.51
CA ASN KA 131 61.86 24.62 77.74
C ASN KA 131 62.98 23.70 78.19
N GLY KA 132 63.94 23.38 77.31
CA GLY KA 132 65.04 22.54 77.71
C GLY KA 132 65.96 23.23 78.71
N ALA KA 133 66.56 22.43 79.59
CA ALA KA 133 67.38 22.95 80.68
C ALA KA 133 68.87 22.70 80.46
N LEU KA 134 69.25 21.46 80.16
CA LEU KA 134 70.66 21.10 80.07
C LEU KA 134 71.35 21.84 78.93
N SER KA 135 72.63 22.12 79.12
CA SER KA 135 73.46 22.74 78.09
C SER KA 135 74.84 22.13 78.12
N LEU KA 136 75.51 22.13 76.96
CA LEU KA 136 76.83 21.55 76.84
C LEU KA 136 77.63 22.31 75.80
N GLY KA 137 78.89 22.59 76.12
CA GLY KA 137 79.79 23.23 75.19
C GLY KA 137 79.59 24.72 75.04
N SER KA 138 80.45 25.37 74.25
CA SER KA 138 80.38 26.79 73.95
C SER KA 138 79.58 27.02 72.67
N PRO KA 139 78.61 27.93 72.70
CA PRO KA 139 77.77 28.15 71.50
C PRO KA 139 78.56 28.62 70.29
N ASN KA 140 79.71 29.25 70.47
CA ASN KA 140 80.49 29.73 69.34
C ASN KA 140 81.01 28.57 68.49
N THR KA 141 81.52 27.53 69.13
CA THR KA 141 82.19 26.47 68.39
C THR KA 141 81.18 25.55 67.72
N PRO KA 142 81.34 25.28 66.42
CA PRO KA 142 80.47 24.28 65.76
C PRO KA 142 80.88 22.86 66.10
N ILE KA 143 80.23 21.88 65.48
CA ILE KA 143 80.50 20.47 65.71
C ILE KA 143 81.53 19.99 64.71
N THR KA 144 82.61 19.39 65.20
CA THR KA 144 83.66 18.93 64.29
C THR KA 144 84.08 17.49 64.54
N LYS KA 145 84.10 17.03 65.80
CA LYS KA 145 84.70 15.73 66.10
C LYS KA 145 83.71 14.75 66.73
N TRP KA 146 84.21 13.58 67.12
CA TRP KA 146 83.36 12.52 67.64
C TRP KA 146 82.93 12.79 69.08
N SER KA 147 83.82 13.39 69.87
CA SER KA 147 83.49 13.67 71.26
C SER KA 147 82.35 14.67 71.37
N ASP KA 148 82.24 15.59 70.40
CA ASP KA 148 81.17 16.58 70.44
C ASP KA 148 79.80 15.94 70.41
N VAL KA 149 79.68 14.73 69.87
CA VAL KA 149 78.41 14.03 69.80
C VAL KA 149 78.34 13.03 70.96
N ALA KA 150 79.47 12.43 71.31
CA ALA KA 150 79.47 11.44 72.38
C ALA KA 150 79.16 12.04 73.74
N GLN KA 151 79.51 13.33 73.93
CA GLN KA 151 79.33 13.94 75.25
C GLN KA 151 77.86 14.03 75.64
N THR KA 152 76.95 14.16 74.67
CA THR KA 152 75.53 14.21 74.99
C THR KA 152 75.06 12.90 75.63
N ALA KA 153 75.41 11.78 74.99
CA ALA KA 153 75.04 10.49 75.55
C ALA KA 153 75.72 10.26 76.88
N SER KA 154 76.98 10.68 77.01
CA SER KA 154 77.68 10.52 78.28
C SER KA 154 76.99 11.29 79.40
N PHE KA 155 76.59 12.53 79.13
CA PHE KA 155 75.89 13.33 80.14
C PHE KA 155 74.55 12.72 80.50
N LEU KA 156 73.79 12.29 79.49
CA LEU KA 156 72.48 11.70 79.76
C LEU KA 156 72.60 10.44 80.60
N LYS KA 157 73.61 9.61 80.32
CA LYS KA 157 73.85 8.44 81.15
C LYS KA 157 74.30 8.83 82.55
N ASP KA 158 75.13 9.87 82.66
CA ASP KA 158 75.67 10.28 83.96
C ASP KA 158 74.56 10.78 84.88
N LEU KA 159 73.58 11.49 84.33
CA LEU KA 159 72.47 11.95 85.15
C LEU KA 159 71.72 10.78 85.79
N GLY KA 160 71.46 9.74 85.01
CA GLY KA 160 70.87 8.53 85.57
C GLY KA 160 69.61 8.05 84.89
N VAL KA 161 69.27 8.63 83.74
CA VAL KA 161 68.04 8.26 83.05
C VAL KA 161 68.26 6.95 82.30
N ASN KA 162 67.36 5.99 82.51
CA ASN KA 162 67.38 4.73 81.78
C ASN KA 162 66.09 4.46 81.02
N GLU KA 163 64.94 4.59 81.67
CA GLU KA 163 63.66 4.33 81.01
C GLU KA 163 63.38 5.42 80.00
N GLY KA 164 63.44 5.07 78.72
CA GLY KA 164 63.26 6.01 77.64
C GLY KA 164 64.17 5.63 76.48
N GLU KA 165 64.41 6.55 75.54
CA GLU KA 165 65.26 6.28 74.34
C GLU KA 165 65.91 7.57 73.86
N ASN KA 166 67.23 7.71 73.94
CA ASN KA 166 67.91 9.00 73.65
C ASN KA 166 67.99 9.34 72.16
N TYR KA 167 68.17 10.62 71.80
CA TYR KA 167 68.21 11.07 70.38
C TYR KA 167 69.04 12.36 70.28
N ALA KA 168 69.53 12.71 69.09
CA ALA KA 168 70.26 13.98 68.86
C ALA KA 168 70.01 14.47 67.43
N VAL KA 169 69.96 15.78 67.20
CA VAL KA 169 69.65 16.32 65.85
C VAL KA 169 70.73 17.31 65.41
N MET KA 170 71.27 17.18 64.20
CA MET KA 170 72.37 18.05 63.69
C MET KA 170 72.01 18.56 62.29
N ASP KA 171 72.60 19.67 61.85
CA ASP KA 171 72.29 20.30 60.53
C ASP KA 171 73.02 19.56 59.39
N PRO KA 172 72.75 19.85 58.11
CA PRO KA 172 73.46 19.19 57.01
C PRO KA 172 74.98 19.40 56.97
N TRP KA 173 75.46 20.63 57.15
CA TRP KA 173 76.91 20.95 57.05
C TRP KA 173 77.71 20.21 58.12
N SER KA 174 77.17 20.13 59.34
CA SER KA 174 77.85 19.43 60.46
C SER KA 174 78.04 17.96 60.14
N ALA KA 175 77.04 17.32 59.54
CA ALA KA 175 77.14 15.87 59.27
C ALA KA 175 78.29 15.59 58.30
N GLN KA 176 78.45 16.44 57.29
CA GLN KA 176 79.50 16.19 56.28
C GLN KA 176 80.82 16.22 57.01
N ARG KA 177 80.97 17.12 57.96
CA ARG KA 177 82.24 17.25 58.73
C ARG KA 177 82.50 15.95 59.48
N LEU KA 178 81.46 15.31 59.98
CA LEU KA 178 81.64 14.00 60.68
C LEU KA 178 81.86 12.91 59.63
N ALA KA 179 81.10 12.89 58.54
CA ALA KA 179 81.37 11.91 57.49
C ALA KA 179 82.80 12.00 56.99
N ASP KA 180 83.32 13.22 56.84
CA ASP KA 180 84.71 13.40 56.44
C ASP KA 180 85.65 12.84 57.50
N ALA KA 181 85.33 13.04 58.77
CA ALA KA 181 86.14 12.45 59.84
C ALA KA 181 86.09 10.93 59.78
N GLN KA 182 84.92 10.37 59.45
CA GLN KA 182 84.78 8.92 59.37
C GLN KA 182 85.58 8.33 58.22
N THR KA 183 85.67 9.05 57.10
CA THR KA 183 86.45 8.55 55.97
C THR KA 183 87.91 8.30 56.33
N GLY KA 184 88.40 8.93 57.38
CA GLY KA 184 89.77 8.76 57.84
C GLY KA 184 89.98 7.62 58.82
N LEU KA 185 89.02 6.70 58.94
CA LEU KA 185 89.18 5.56 59.84
C LEU KA 185 90.29 4.65 59.33
N HIS KA 186 90.65 3.67 60.16
CA HIS KA 186 91.83 2.86 59.91
C HIS KA 186 91.55 1.40 59.62
N ALA KA 187 90.44 0.84 60.11
CA ALA KA 187 90.21 -0.59 59.94
C ALA KA 187 88.81 -0.99 59.51
N SER KA 188 87.81 -0.12 59.60
CA SER KA 188 86.43 -0.51 59.31
C SER KA 188 86.15 -0.28 57.82
N ASP KA 189 86.25 -1.35 57.03
CA ASP KA 189 86.06 -1.22 55.60
C ASP KA 189 84.64 -0.81 55.25
N GLN KA 190 83.64 -1.38 55.93
CA GLN KA 190 82.25 -1.01 55.66
C GLN KA 190 82.01 0.47 55.97
N LEU KA 191 82.50 0.94 57.11
CA LEU KA 191 82.31 2.33 57.50
C LEU KA 191 82.99 3.27 56.52
N VAL KA 192 84.24 2.97 56.15
CA VAL KA 192 84.96 3.87 55.25
C VAL KA 192 84.33 3.86 53.87
N ARG KA 193 83.85 2.70 53.41
CA ARG KA 193 83.18 2.62 52.12
C ARG KA 193 81.91 3.46 52.12
N THR KA 194 81.07 3.29 53.14
CA THR KA 194 79.83 4.05 53.20
C THR KA 194 80.10 5.55 53.28
N ALA KA 195 81.06 5.95 54.11
CA ALA KA 195 81.35 7.38 54.25
C ALA KA 195 81.93 7.95 52.97
N TRP KA 196 82.77 7.19 52.27
CA TRP KA 196 83.37 7.69 51.03
C TRP KA 196 82.34 7.81 49.92
N GLU KA 197 81.43 6.84 49.82
CA GLU KA 197 80.50 6.83 48.69
C GLU KA 197 79.26 7.67 48.97
N ASN KA 198 78.50 7.33 50.02
CA ASN KA 198 77.23 7.98 50.28
C ASN KA 198 77.32 9.10 51.30
N ALA KA 199 78.46 9.25 51.98
CA ALA KA 199 78.63 10.27 53.01
C ALA KA 199 77.54 10.18 54.08
N GLN KA 200 77.25 8.97 54.51
CA GLN KA 200 76.19 8.70 55.47
C GLN KA 200 76.79 8.11 56.75
N ILE KA 201 76.55 8.79 57.87
CA ILE KA 201 76.99 8.31 59.17
C ILE KA 201 76.05 7.19 59.62
N PRO KA 202 76.49 6.26 60.46
CA PRO KA 202 75.60 5.16 60.87
C PRO KA 202 74.46 5.62 61.75
N THR KA 203 73.52 4.71 62.04
CA THR KA 203 72.35 5.07 62.85
C THR KA 203 72.76 5.41 64.28
N ASN KA 204 73.55 4.54 64.91
CA ASN KA 204 74.01 4.76 66.27
C ASN KA 204 75.41 5.36 66.22
N PHE KA 205 75.52 6.63 66.57
CA PHE KA 205 76.78 7.37 66.54
C PHE KA 205 77.13 7.78 67.97
N GLY KA 206 78.12 7.11 68.56
CA GLY KA 206 78.56 7.46 69.89
C GLY KA 206 77.62 7.11 71.00
N GLY KA 207 76.75 6.11 70.82
CA GLY KA 207 75.80 5.71 71.82
C GLY KA 207 74.46 6.40 71.75
N ILE KA 208 74.29 7.37 70.86
CA ILE KA 208 73.03 8.09 70.70
C ILE KA 208 72.69 8.10 69.20
N ARG KA 209 71.40 8.17 68.89
CA ARG KA 209 70.97 8.20 67.50
C ARG KA 209 71.11 9.62 66.97
N ALA KA 210 71.98 9.79 65.99
CA ALA KA 210 72.21 11.08 65.36
C ALA KA 210 71.33 11.23 64.14
N LEU KA 211 70.70 12.40 64.01
CA LEU KA 211 69.80 12.68 62.91
C LEU KA 211 70.21 13.98 62.23
N MET KA 212 69.91 14.08 60.94
CA MET KA 212 70.23 15.23 60.13
C MET KA 212 68.95 15.90 59.67
N SER KA 213 68.82 17.19 59.94
CA SER KA 213 67.65 17.96 59.55
C SER KA 213 68.06 19.36 59.14
N ASN KA 214 67.44 19.87 58.09
CA ASN KA 214 67.73 21.22 57.62
C ASN KA 214 66.69 22.23 58.09
N GLY KA 215 65.52 21.77 58.50
CA GLY KA 215 64.51 22.67 59.05
C GLY KA 215 64.67 22.82 60.55
N LEU KA 216 65.31 23.90 60.97
CA LEU KA 216 65.67 24.08 62.37
C LEU KA 216 65.70 25.57 62.69
N ALA KA 217 65.05 25.95 63.78
CA ALA KA 217 64.94 27.37 64.12
C ALA KA 217 66.27 27.93 64.60
N SER KA 218 66.41 29.24 64.48
CA SER KA 218 67.62 29.95 64.90
C SER KA 218 67.25 30.98 65.95
N ARG KA 219 68.23 31.31 66.79
CA ARG KA 219 68.00 32.22 67.91
C ARG KA 219 69.11 33.26 67.98
N THR KA 220 68.72 34.48 68.34
CA THR KA 220 69.64 35.57 68.60
C THR KA 220 69.90 35.67 70.09
N GLN KA 221 71.15 35.92 70.47
CA GLN KA 221 71.54 35.91 71.87
C GLN KA 221 70.81 37.00 72.66
N GLY KA 222 71.02 38.26 72.27
CA GLY KA 222 70.46 39.37 73.02
C GLY KA 222 71.52 40.08 73.83
N ALA KA 223 71.59 41.40 73.73
CA ALA KA 223 72.69 42.16 74.30
C ALA KA 223 72.70 42.06 75.82
N PHE KA 224 73.89 41.80 76.37
CA PHE KA 224 74.09 41.79 77.82
C PHE KA 224 75.51 42.26 78.11
N GLY KA 225 75.69 42.81 79.30
CA GLY KA 225 77.01 43.30 79.70
C GLY KA 225 77.10 43.67 81.16
N GLY KA 226 78.16 43.21 81.82
CA GLY KA 226 78.37 43.50 83.22
C GLY KA 226 78.38 42.23 84.05
N THR KA 227 79.10 42.28 85.17
CA THR KA 227 79.20 41.12 86.07
C THR KA 227 77.89 40.94 86.80
N LEU KA 228 77.15 39.89 86.45
CA LEU KA 228 75.85 39.66 87.03
C LEU KA 228 75.96 38.83 88.31
N THR KA 229 75.03 39.06 89.23
CA THR KA 229 74.96 38.33 90.48
C THR KA 229 73.55 38.46 91.04
N VAL KA 230 73.16 37.49 91.86
CA VAL KA 230 71.82 37.44 92.44
C VAL KA 230 71.80 38.28 93.72
N LYS KA 231 70.71 39.03 93.91
CA LYS KA 231 70.60 39.93 95.06
C LYS KA 231 69.69 39.37 96.15
N THR KA 232 68.71 38.55 95.77
CA THR KA 232 67.72 38.04 96.71
C THR KA 232 67.67 36.52 96.64
N GLN KA 233 67.57 35.88 97.79
CA GLN KA 233 67.48 34.43 97.85
C GLN KA 233 66.13 33.97 97.31
N PRO KA 234 66.09 33.16 96.26
CA PRO KA 234 64.81 32.68 95.73
C PRO KA 234 64.28 31.51 96.54
N THR KA 235 63.03 31.16 96.27
CA THR KA 235 62.35 30.05 96.94
C THR KA 235 62.29 28.88 95.96
N VAL KA 236 63.04 27.83 96.25
CA VAL KA 236 63.11 26.66 95.38
C VAL KA 236 62.68 25.42 96.14
N THR KA 237 61.78 25.60 97.10
CA THR KA 237 61.25 24.46 97.83
C THR KA 237 60.35 23.61 96.94
N TYR KA 238 60.34 22.31 97.22
CA TYR KA 238 59.57 21.39 96.38
C TYR KA 238 58.08 21.68 96.46
N ASN KA 239 57.59 22.19 97.59
CA ASN KA 239 56.20 22.58 97.67
C ASN KA 239 55.89 23.69 96.68
N ALA KA 240 56.81 24.64 96.51
CA ALA KA 240 56.60 25.74 95.58
C ALA KA 240 56.73 25.27 94.13
N VAL KA 241 57.76 24.47 93.82
CA VAL KA 241 58.08 24.15 92.44
C VAL KA 241 57.68 22.72 92.07
N LYS KA 242 56.70 22.15 92.77
CA LYS KA 242 56.27 20.78 92.50
C LYS KA 242 55.26 20.69 91.37
N ASP KA 243 55.01 21.77 90.65
CA ASP KA 243 53.94 21.77 89.65
C ASP KA 243 54.44 22.21 88.27
N SER KA 244 55.53 22.97 88.22
CA SER KA 244 56.00 23.52 86.96
C SER KA 244 57.50 23.38 86.72
N TYR KA 245 58.33 23.20 87.75
CA TYR KA 245 59.78 23.28 87.62
C TYR KA 245 60.20 24.59 86.94
N GLN KA 246 59.63 25.69 87.39
CA GLN KA 246 60.02 27.02 86.95
C GLN KA 246 60.11 27.93 88.16
N PHE KA 247 60.99 28.92 88.09
CA PHE KA 247 61.14 29.82 89.22
C PHE KA 247 61.63 31.19 88.76
N THR KA 248 61.31 32.21 89.55
CA THR KA 248 61.63 33.59 89.25
C THR KA 248 62.81 34.05 90.10
N VAL KA 249 63.79 34.70 89.46
CA VAL KA 249 65.00 35.13 90.14
C VAL KA 249 65.37 36.52 89.67
N THR KA 250 65.97 37.31 90.56
CA THR KA 250 66.38 38.67 90.29
C THR KA 250 67.90 38.77 90.31
N LEU KA 251 68.45 39.58 89.42
CA LEU KA 251 69.89 39.72 89.22
C LEU KA 251 70.27 41.19 89.19
N THR KA 252 71.50 41.47 89.60
CA THR KA 252 72.06 42.82 89.62
C THR KA 252 73.29 42.87 88.74
N GLY KA 253 73.96 44.03 88.75
CA GLY KA 253 75.19 44.19 88.01
C GLY KA 253 75.04 44.22 86.51
N ALA KA 254 73.86 44.60 86.00
CA ALA KA 254 73.62 44.60 84.57
C ALA KA 254 73.88 45.98 83.99
N THR KA 255 73.56 46.16 82.71
CA THR KA 255 73.71 47.44 82.04
C THR KA 255 72.64 48.40 82.56
N ALA KA 256 72.87 49.71 82.32
CA ALA KA 256 72.04 50.76 82.87
C ALA KA 256 70.57 50.59 82.53
N SER KA 257 70.21 50.69 81.25
CA SER KA 257 68.82 50.53 80.83
C SER KA 257 68.82 50.11 79.37
N VAL KA 258 68.63 48.81 79.12
CA VAL KA 258 68.54 48.26 77.77
C VAL KA 258 67.30 47.38 77.69
N THR KA 259 66.54 47.53 76.61
CA THR KA 259 65.41 46.66 76.34
C THR KA 259 65.90 45.32 75.81
N GLY KA 260 65.22 44.26 76.21
CA GLY KA 260 65.62 42.93 75.78
C GLY KA 260 66.99 42.51 76.28
N PHE KA 261 67.25 42.70 77.59
CA PHE KA 261 68.53 42.28 78.15
C PHE KA 261 68.74 40.79 78.00
N LEU KA 262 67.70 39.98 78.21
CA LEU KA 262 67.79 38.54 78.05
C LEU KA 262 66.67 38.08 77.14
N LYS KA 263 67.04 37.47 76.01
CA LYS KA 263 66.06 36.94 75.07
C LYS KA 263 65.51 35.61 75.58
N ALA KA 264 64.63 35.01 74.79
CA ALA KA 264 64.06 33.71 75.11
C ALA KA 264 64.98 32.62 74.58
N GLY KA 265 65.38 31.70 75.45
CA GLY KA 265 66.30 30.63 75.11
C GLY KA 265 67.71 30.79 75.63
N ASP KA 266 68.04 31.92 76.25
CA ASP KA 266 69.38 32.11 76.81
C ASP KA 266 69.58 31.19 78.01
N GLN KA 267 70.81 30.69 78.15
CA GLN KA 267 71.17 29.78 79.22
C GLN KA 267 72.02 30.53 80.25
N VAL KA 268 71.55 30.54 81.49
CA VAL KA 268 72.23 31.15 82.61
C VAL KA 268 72.83 30.05 83.47
N LYS KA 269 74.13 30.16 83.73
CA LYS KA 269 74.88 29.17 84.49
C LYS KA 269 75.21 29.72 85.87
N PHE KA 270 74.95 28.91 86.90
CA PHE KA 270 75.30 29.26 88.27
C PHE KA 270 76.63 28.59 88.60
N THR KA 271 77.62 29.40 89.00
CA THR KA 271 79.00 28.93 89.06
C THR KA 271 79.22 27.94 90.20
N ASN KA 272 78.73 28.27 91.39
CA ASN KA 272 79.11 27.54 92.60
C ASN KA 272 78.09 26.48 93.03
N THR KA 273 77.08 26.19 92.21
CA THR KA 273 76.13 25.13 92.49
C THR KA 273 76.21 24.10 91.37
N TYR KA 274 76.35 22.83 91.74
CA TYR KA 274 76.58 21.76 90.79
C TYR KA 274 75.36 20.85 90.67
N TRP KA 275 75.35 20.06 89.60
CA TRP KA 275 74.33 19.05 89.42
C TRP KA 275 74.54 17.89 90.40
N LEU KA 276 73.54 17.01 90.48
CA LEU KA 276 73.62 15.82 91.30
C LEU KA 276 73.17 14.61 90.51
N GLN KA 277 73.85 13.48 90.73
CA GLN KA 277 73.32 12.22 90.26
C GLN KA 277 72.02 11.92 91.03
N GLN KA 278 70.90 11.95 90.31
CA GLN KA 278 69.60 12.07 90.96
C GLN KA 278 69.32 10.91 91.90
N GLN KA 279 69.91 9.74 91.63
CA GLN KA 279 69.66 8.59 92.49
C GLN KA 279 70.63 8.56 93.67
N THR KA 280 71.94 8.53 93.39
CA THR KA 280 72.92 8.40 94.45
C THR KA 280 73.13 9.71 95.20
N LYS KA 281 72.56 10.80 94.70
CA LYS KA 281 72.65 12.12 95.34
C LYS KA 281 74.10 12.56 95.53
N GLN KA 282 74.95 12.33 94.53
CA GLN KA 282 76.33 12.76 94.55
C GLN KA 282 76.60 13.67 93.37
N ALA KA 283 77.61 14.54 93.51
CA ALA KA 283 77.90 15.53 92.48
C ALA KA 283 78.41 14.86 91.21
N LEU KA 284 78.45 15.64 90.14
CA LEU KA 284 78.89 15.17 88.83
C LEU KA 284 80.26 15.77 88.53
N TYR KA 285 81.17 14.93 88.01
CA TYR KA 285 82.54 15.34 87.73
C TYR KA 285 82.83 15.12 86.25
N ASN KA 286 83.11 16.21 85.54
CA ASN KA 286 83.33 16.16 84.09
C ASN KA 286 84.83 16.06 83.77
N GLY KA 287 85.45 15.02 84.32
CA GLY KA 287 86.84 14.75 83.99
C GLY KA 287 87.84 15.71 84.61
N ALA KA 288 87.67 17.01 84.33
CA ALA KA 288 88.57 18.03 84.85
C ALA KA 288 87.90 19.06 85.74
N THR KA 289 86.60 19.29 85.59
CA THR KA 289 85.89 20.29 86.38
C THR KA 289 84.49 19.78 86.68
N PRO KA 290 83.91 20.15 87.81
CA PRO KA 290 82.51 19.80 88.08
C PRO KA 290 81.56 20.51 87.14
N ILE KA 291 80.41 19.88 86.93
CA ILE KA 291 79.38 20.41 86.03
C ILE KA 291 78.51 21.39 86.81
N SER KA 292 78.34 22.58 86.27
CA SER KA 292 77.54 23.61 86.92
C SER KA 292 76.08 23.54 86.46
N PHE KA 293 75.20 24.05 87.31
CA PHE KA 293 73.77 24.07 87.03
C PHE KA 293 73.45 25.20 86.05
N THR KA 294 72.49 24.94 85.16
CA THR KA 294 72.07 25.92 84.16
C THR KA 294 70.55 25.97 84.10
N ALA KA 295 70.04 27.11 83.66
CA ALA KA 295 68.61 27.32 83.47
C ALA KA 295 68.37 28.09 82.19
N THR KA 296 67.16 27.98 81.66
CA THR KA 296 66.80 28.58 80.38
C THR KA 296 65.75 29.67 80.56
N VAL KA 297 66.01 30.83 79.97
CA VAL KA 297 65.03 31.92 80.00
C VAL KA 297 63.82 31.57 79.15
N THR KA 298 62.63 31.87 79.67
CA THR KA 298 61.38 31.57 78.98
C THR KA 298 60.82 32.79 78.25
N ALA KA 299 60.74 33.92 78.93
CA ALA KA 299 60.20 35.14 78.35
C ALA KA 299 61.25 36.24 78.36
N ASP KA 300 61.14 37.15 77.38
CA ASP KA 300 62.11 38.22 77.26
C ASP KA 300 62.12 39.09 78.51
N ALA KA 301 63.32 39.46 78.96
CA ALA KA 301 63.50 40.23 80.17
C ALA KA 301 64.29 41.49 79.86
N ASN KA 302 63.78 42.64 80.29
CA ASN KA 302 64.44 43.92 80.14
C ASN KA 302 65.14 44.31 81.44
N SER KA 303 65.76 45.49 81.44
CA SER KA 303 66.46 46.00 82.60
C SER KA 303 65.99 47.42 82.89
N ASP KA 304 65.85 47.74 84.16
CA ASP KA 304 65.50 49.09 84.60
C ASP KA 304 66.75 49.80 85.11
N SER KA 305 66.57 51.04 85.55
CA SER KA 305 67.68 51.80 86.09
C SER KA 305 68.23 51.12 87.33
N GLY KA 306 69.55 51.16 87.48
CA GLY KA 306 70.22 50.48 88.56
C GLY KA 306 70.65 49.05 88.26
N GLY KA 307 70.42 48.57 87.04
CA GLY KA 307 70.84 47.23 86.66
C GLY KA 307 70.16 46.10 87.41
N ASP KA 308 68.84 46.17 87.53
CA ASP KA 308 68.05 45.13 88.19
C ASP KA 308 67.23 44.41 87.12
N VAL KA 309 67.40 43.10 87.02
CA VAL KA 309 66.69 42.30 86.01
C VAL KA 309 65.96 41.18 86.72
N THR KA 310 64.65 41.10 86.52
CA THR KA 310 63.84 40.02 87.07
C THR KA 310 63.43 39.08 85.94
N VAL KA 311 63.79 37.81 86.07
CA VAL KA 311 63.63 36.85 84.99
C VAL KA 311 62.98 35.59 85.53
N THR KA 312 62.32 34.85 84.63
CA THR KA 312 61.70 33.57 84.95
C THR KA 312 62.42 32.47 84.19
N LEU KA 313 62.89 31.45 84.90
CA LEU KA 313 63.72 30.40 84.33
C LEU KA 313 63.03 29.06 84.49
N SER KA 314 63.31 28.16 83.54
CA SER KA 314 62.83 26.79 83.57
C SER KA 314 63.94 25.88 84.09
N GLY KA 315 63.60 24.98 85.00
CA GLY KA 315 64.58 24.16 85.67
C GLY KA 315 64.92 24.72 87.03
N VAL KA 316 64.65 23.95 88.09
CA VAL KA 316 64.74 24.46 89.46
C VAL KA 316 65.87 23.79 90.21
N PRO KA 317 66.69 24.54 90.95
CA PRO KA 317 67.73 23.97 91.82
C PRO KA 317 67.20 23.69 93.23
N ILE KA 318 66.42 22.62 93.35
CA ILE KA 318 65.74 22.32 94.60
C ILE KA 318 66.77 21.95 95.66
N TYR KA 319 66.75 22.68 96.77
CA TYR KA 319 67.54 22.36 97.96
C TYR KA 319 66.68 22.50 99.20
N ASP KA 320 65.50 21.88 99.17
CA ASP KA 320 64.60 21.92 100.32
C ASP KA 320 65.23 21.20 101.49
N THR KA 321 65.11 21.80 102.69
CA THR KA 321 65.71 21.24 103.89
C THR KA 321 64.72 20.42 104.72
N THR KA 322 63.42 20.55 104.47
CA THR KA 322 62.42 19.73 105.14
C THR KA 322 62.08 18.47 104.37
N ASN KA 323 62.39 18.42 103.08
CA ASN KA 323 62.19 17.23 102.25
C ASN KA 323 63.49 16.95 101.51
N PRO KA 324 64.49 16.41 102.21
CA PRO KA 324 65.81 16.22 101.59
C PRO KA 324 65.80 15.26 100.43
N GLN KA 325 64.79 14.39 100.32
CA GLN KA 325 64.79 13.38 99.27
C GLN KA 325 64.63 13.97 97.87
N TYR KA 326 64.21 15.22 97.75
CA TYR KA 326 63.98 15.84 96.46
C TYR KA 326 65.09 16.80 96.05
N ASN KA 327 66.22 16.80 96.76
CA ASN KA 327 67.33 17.66 96.41
C ASN KA 327 67.89 17.28 95.04
N SER KA 328 68.34 18.28 94.29
CA SER KA 328 68.90 18.03 92.97
C SER KA 328 70.13 18.88 92.69
N VAL KA 329 70.61 19.61 93.69
CA VAL KA 329 71.82 20.41 93.54
C VAL KA 329 72.66 20.24 94.81
N SER KA 330 73.94 20.56 94.71
CA SER KA 330 74.86 20.33 95.82
C SER KA 330 74.59 21.29 96.98
N ARG KA 331 74.40 22.57 96.69
CA ARG KA 331 74.19 23.56 97.73
C ARG KA 331 73.07 24.51 97.32
N GLN KA 332 72.76 25.45 98.21
CA GLN KA 332 71.64 26.36 98.00
C GLN KA 332 72.11 27.63 97.30
N VAL KA 333 71.30 28.12 96.36
CA VAL KA 333 71.57 29.41 95.74
C VAL KA 333 71.13 30.51 96.68
N GLU KA 334 72.04 31.41 97.01
CA GLU KA 334 71.75 32.49 97.95
C GLU KA 334 72.33 33.79 97.37
N ALA KA 335 72.01 34.89 98.05
CA ALA KA 335 72.39 36.21 97.55
C ALA KA 335 73.89 36.36 97.48
N GLY KA 336 74.35 37.13 96.49
CA GLY KA 336 75.77 37.32 96.27
C GLY KA 336 76.43 36.26 95.41
N ASP KA 337 75.69 35.25 94.97
CA ASP KA 337 76.25 34.23 94.10
C ASP KA 337 76.54 34.81 92.72
N ALA KA 338 77.59 34.28 92.09
CA ALA KA 338 78.04 34.74 90.79
C ALA KA 338 77.44 33.86 89.70
N VAL KA 339 76.89 34.49 88.66
CA VAL KA 339 76.26 33.78 87.55
C VAL KA 339 76.84 34.31 86.25
N SER KA 340 76.63 33.53 85.19
CA SER KA 340 77.08 33.92 83.85
C SER KA 340 76.00 33.54 82.85
N VAL KA 341 76.12 34.07 81.64
CA VAL KA 341 75.22 33.73 80.54
C VAL KA 341 76.09 33.19 79.40
N VAL KA 342 75.73 32.02 78.88
CA VAL KA 342 76.59 31.39 77.88
C VAL KA 342 76.47 32.16 76.56
N GLY KA 343 77.58 32.20 75.81
CA GLY KA 343 77.60 32.82 74.51
C GLY KA 343 78.17 34.22 74.53
N THR KA 344 78.18 34.83 73.34
CA THR KA 344 78.69 36.17 73.15
C THR KA 344 77.54 37.17 73.21
N ALA KA 345 77.82 38.43 72.86
CA ALA KA 345 76.88 39.52 73.09
C ALA KA 345 75.57 39.35 72.34
N SER KA 346 75.60 39.38 71.00
CA SER KA 346 74.36 39.39 70.24
C SER KA 346 74.45 38.57 68.96
N GLN KA 347 75.25 37.52 68.93
CA GLN KA 347 75.32 36.69 67.75
C GLN KA 347 74.05 35.84 67.62
N THR KA 348 73.77 35.44 66.38
CA THR KA 348 72.62 34.58 66.09
C THR KA 348 73.13 33.25 65.58
N MET KA 349 72.55 32.15 66.07
CA MET KA 349 73.05 30.82 65.75
C MET KA 349 71.89 29.83 65.67
N LYS KA 350 72.18 28.68 65.06
CA LYS KA 350 71.21 27.60 64.94
C LYS KA 350 71.64 26.46 65.85
N PRO KA 351 71.03 26.30 67.01
CA PRO KA 351 71.48 25.29 67.97
C PRO KA 351 71.15 23.87 67.50
N ASN KA 352 71.93 22.92 68.01
CA ASN KA 352 71.75 21.50 67.74
C ASN KA 352 71.21 20.85 69.01
N LEU KA 353 70.21 19.98 68.85
CA LEU KA 353 69.43 19.54 69.99
C LEU KA 353 69.76 18.10 70.37
N PHE KA 354 69.45 17.75 71.62
CA PHE KA 354 69.57 16.38 72.11
C PHE KA 354 68.58 16.20 73.24
N TYR KA 355 67.94 15.03 73.29
CA TYR KA 355 66.83 14.87 74.23
C TYR KA 355 66.47 13.40 74.38
N ASN KA 356 65.82 13.10 75.51
CA ASN KA 356 65.22 11.80 75.75
C ASN KA 356 63.83 11.73 75.11
N LYS KA 357 63.32 10.50 74.99
CA LYS KA 357 61.98 10.31 74.47
C LYS KA 357 60.93 10.99 75.35
N PHE KA 358 60.99 10.76 76.65
CA PHE KA 358 60.01 11.30 77.59
C PHE KA 358 60.37 12.72 78.03
N PHE KA 359 60.55 13.61 77.07
CA PHE KA 359 60.84 15.01 77.33
C PHE KA 359 59.64 15.92 77.08
N CYS KA 360 59.08 15.86 75.88
CA CYS KA 360 57.92 16.67 75.52
C CYS KA 360 56.96 15.84 74.68
N GLY KA 361 55.67 16.14 74.79
CA GLY KA 361 54.65 15.49 74.01
C GLY KA 361 54.10 16.39 72.91
N LEU KA 362 53.23 15.80 72.09
CA LEU KA 362 52.63 16.51 70.98
C LEU KA 362 51.37 15.78 70.55
N GLY KA 363 50.27 16.51 70.45
CA GLY KA 363 49.02 15.92 70.00
C GLY KA 363 48.23 16.91 69.17
N SER KA 364 47.11 16.43 68.64
CA SER KA 364 46.25 17.26 67.82
C SER KA 364 44.80 17.09 68.25
N ILE KA 365 44.04 18.17 68.19
CA ILE KA 365 42.64 18.18 68.57
C ILE KA 365 41.80 18.03 67.30
N PRO KA 366 40.96 17.01 67.21
CA PRO KA 366 40.07 16.90 66.04
C PRO KA 366 39.11 18.07 65.98
N LEU KA 367 38.81 18.50 64.76
CA LEU KA 367 37.94 19.65 64.53
C LEU KA 367 36.69 19.22 63.80
N PRO KA 368 35.51 19.49 64.35
CA PRO KA 368 34.26 19.07 63.70
C PRO KA 368 33.91 19.97 62.51
N LYS KA 369 32.94 19.49 61.74
CA LYS KA 369 32.48 20.22 60.56
C LYS KA 369 31.78 21.51 60.98
N LEU KA 370 31.97 22.56 60.19
CA LEU KA 370 31.30 23.82 60.45
C LEU KA 370 29.93 23.81 59.77
N HIS KA 371 28.90 24.23 60.52
CA HIS KA 371 27.53 24.06 60.07
C HIS KA 371 27.25 24.82 58.78
N SER KA 372 26.57 24.15 57.85
CA SER KA 372 26.09 24.75 56.61
C SER KA 372 27.21 25.32 55.76
N ILE KA 373 28.41 24.74 55.85
CA ILE KA 373 29.57 25.18 55.08
C ILE KA 373 30.23 23.95 54.48
N ASP KA 374 30.56 24.01 53.19
CA ASP KA 374 31.26 22.91 52.55
C ASP KA 374 32.65 22.74 53.14
N SER KA 375 33.04 21.49 53.38
CA SER KA 375 34.29 21.21 54.06
C SER KA 375 34.83 19.87 53.61
N ALA KA 376 36.06 19.58 54.02
CA ALA KA 376 36.72 18.32 53.73
C ALA KA 376 37.90 18.17 54.68
N VAL KA 377 38.54 17.00 54.63
CA VAL KA 377 39.65 16.65 55.50
C VAL KA 377 40.83 16.25 54.63
N ALA KA 378 42.04 16.65 55.05
CA ALA KA 378 43.27 16.28 54.35
C ALA KA 378 44.22 15.64 55.35
N THR KA 379 44.95 14.63 54.90
CA THR KA 379 45.90 13.91 55.74
C THR KA 379 47.31 14.11 55.23
N TYR KA 380 48.24 14.34 56.16
CA TYR KA 380 49.64 14.58 55.79
C TYR KA 380 50.53 14.21 56.97
N GLU KA 381 51.35 13.16 56.78
CA GLU KA 381 52.14 12.55 57.86
C GLU KA 381 51.36 12.46 59.18
N GLY KA 382 50.17 11.87 59.10
CA GLY KA 382 49.39 11.63 60.30
C GLY KA 382 48.70 12.85 60.87
N PHE KA 383 48.79 14.00 60.21
CA PHE KA 383 48.12 15.21 60.65
C PHE KA 383 46.87 15.40 59.81
N SER KA 384 45.76 15.70 60.48
CA SER KA 384 44.48 15.92 59.83
C SER KA 384 44.17 17.42 59.81
N ILE KA 385 43.88 17.94 58.64
CA ILE KA 385 43.64 19.36 58.42
C ILE KA 385 42.22 19.53 57.92
N ARG KA 386 41.47 20.44 58.53
CA ARG KA 386 40.09 20.70 58.15
C ARG KA 386 40.05 21.87 57.18
N VAL KA 387 39.47 21.66 56.00
CA VAL KA 387 39.38 22.70 54.98
C VAL KA 387 37.91 23.09 54.82
N HIS KA 388 37.66 24.40 54.84
CA HIS KA 388 36.32 24.96 54.69
C HIS KA 388 36.29 25.93 53.51
N LYS KA 389 35.17 25.95 52.80
CA LYS KA 389 35.01 26.80 51.62
C LYS KA 389 33.71 27.57 51.72
N TYR KA 390 33.76 28.88 51.46
CA TYR KA 390 32.56 29.71 51.51
C TYR KA 390 32.73 30.88 50.54
N ALA KA 391 31.66 31.68 50.44
CA ALA KA 391 31.62 32.81 49.51
C ALA KA 391 31.00 34.04 50.20
N ASP KA 392 31.49 34.35 51.39
CA ASP KA 392 30.98 35.52 52.12
C ASP KA 392 31.15 36.79 51.31
N GLY KA 393 30.10 37.60 51.29
CA GLY KA 393 30.11 38.82 50.50
C GLY KA 393 29.75 38.58 49.05
N ASP KA 394 29.19 39.58 48.38
CA ASP KA 394 28.79 39.48 46.98
C ASP KA 394 29.85 40.08 46.06
N ALA KA 395 31.11 39.96 46.45
CA ALA KA 395 32.23 40.47 45.66
C ALA KA 395 32.73 39.44 44.65
N ASN KA 396 32.02 38.32 44.52
CA ASN KA 396 32.39 37.23 43.62
C ASN KA 396 33.80 36.74 43.93
N VAL KA 397 34.12 36.64 45.21
CA VAL KA 397 35.43 36.21 45.68
C VAL KA 397 35.20 35.02 46.59
N GLN KA 398 35.70 33.85 46.19
CA GLN KA 398 35.60 32.66 47.01
C GLN KA 398 36.68 32.67 48.09
N LYS KA 399 36.43 31.97 49.18
CA LYS KA 399 37.39 31.91 50.28
C LYS KA 399 37.50 30.48 50.77
N MET KA 400 38.73 30.06 51.07
CA MET KA 400 39.00 28.77 51.67
C MET KA 400 39.90 28.97 52.88
N ARG KA 401 39.69 28.15 53.90
CA ARG KA 401 40.51 28.20 55.10
C ARG KA 401 40.89 26.80 55.52
N PHE KA 402 42.10 26.68 56.08
CA PHE KA 402 42.64 25.41 56.55
C PHE KA 402 42.93 25.53 58.05
N ASP KA 403 42.56 24.50 58.80
CA ASP KA 403 42.61 24.56 60.26
C ASP KA 403 43.30 23.33 60.81
N LEU KA 404 44.16 23.56 61.82
CA LEU KA 404 44.86 22.48 62.58
C LEU KA 404 45.14 23.04 63.98
N LEU KA 405 44.82 22.29 65.04
CA LEU KA 405 45.09 22.75 66.43
C LEU KA 405 46.04 21.78 67.15
N PRO KA 406 47.15 22.25 67.74
CA PRO KA 406 48.08 21.38 68.43
C PRO KA 406 48.10 21.46 69.96
N ALA KA 407 48.55 20.39 70.64
CA ALA KA 407 48.67 20.41 72.11
C ALA KA 407 50.08 19.94 72.48
N TYR KA 408 50.75 20.63 73.42
CA TYR KA 408 52.14 20.28 73.78
C TYR KA 408 52.30 20.16 75.29
N VAL KA 409 53.21 19.30 75.76
CA VAL KA 409 53.47 19.15 77.22
C VAL KA 409 54.96 18.98 77.43
N CYS KA 410 55.52 19.48 78.53
CA CYS KA 410 56.95 19.19 78.86
C CYS KA 410 56.97 18.31 80.10
N PHE KA 411 57.35 17.04 79.98
CA PHE KA 411 57.27 16.10 81.12
C PHE KA 411 58.31 16.40 82.20
N ASN KA 412 59.56 16.69 81.82
CA ASN KA 412 60.64 16.94 82.82
C ASN KA 412 61.75 17.79 82.18
N PRO KA 413 61.90 19.10 82.51
CA PRO KA 413 62.91 19.93 81.83
C PRO KA 413 64.33 19.40 81.93
N HIS KA 414 64.62 18.53 82.91
CA HIS KA 414 65.98 18.06 83.15
C HIS KA 414 66.35 16.86 82.28
N MET KA 415 65.65 16.65 81.17
CA MET KA 415 65.88 15.50 80.30
C MET KA 415 66.04 15.95 78.85
N GLY KA 416 66.79 17.02 78.65
CA GLY KA 416 67.01 17.52 77.31
C GLY KA 416 67.61 18.91 77.35
N GLY KA 417 67.91 19.42 76.17
CA GLY KA 417 68.48 20.75 76.06
C GLY KA 417 69.28 20.88 74.78
N GLN KA 418 70.14 21.89 74.76
CA GLN KA 418 70.97 22.22 73.60
C GLN KA 418 72.39 21.73 73.84
N PHE KA 419 73.14 21.61 72.74
CA PHE KA 419 74.52 21.21 72.83
C PHE KA 419 75.29 21.73 71.64
N PHE KA 420 76.53 22.14 71.88
CA PHE KA 420 77.42 22.66 70.86
C PHE KA 420 78.76 21.94 70.98
N GLY KA 421 79.74 22.40 70.20
CA GLY KA 421 81.07 21.88 70.35
C GLY KA 421 81.91 22.71 71.30
N ASN KA 422 83.05 22.15 71.71
CA ASN KA 422 83.94 22.83 72.62
C ASN KA 422 85.36 22.79 72.07
N PRO KA 423 86.16 23.83 72.33
CA PRO KA 423 87.56 23.86 71.87
C PRO KA 423 88.50 23.17 72.85
N PRO LA 2 -106.71 7.00 -58.34
CA PRO LA 2 -105.65 6.01 -58.57
C PRO LA 2 -104.66 5.93 -57.42
N ASN LA 3 -103.64 5.09 -57.56
CA ASN LA 3 -102.68 4.84 -56.51
C ASN LA 3 -101.54 5.84 -56.61
N ASN LA 4 -101.08 6.34 -55.46
CA ASN LA 4 -99.91 7.22 -55.36
C ASN LA 4 -99.01 6.64 -54.28
N LEU LA 5 -98.09 5.77 -54.68
CA LEU LA 5 -97.24 5.03 -53.76
C LEU LA 5 -95.76 5.25 -54.08
N ASP LA 6 -95.42 6.45 -54.52
CA ASP LA 6 -94.03 6.80 -54.76
C ASP LA 6 -93.28 7.16 -53.48
N SER LA 7 -93.97 7.21 -52.34
CA SER LA 7 -93.33 7.41 -51.06
C SER LA 7 -92.96 6.10 -50.39
N ASN LA 8 -93.22 4.97 -51.04
CA ASN LA 8 -92.88 3.66 -50.53
C ASN LA 8 -91.48 3.23 -50.94
N VAL LA 9 -90.80 3.99 -51.80
CA VAL LA 9 -89.52 3.62 -52.34
C VAL LA 9 -88.52 4.75 -52.06
N SER LA 10 -87.27 4.52 -52.44
CA SER LA 10 -86.20 5.46 -52.19
C SER LA 10 -85.30 5.56 -53.42
N GLN LA 11 -84.65 6.71 -53.55
CA GLN LA 11 -83.66 6.93 -54.60
C GLN LA 11 -82.30 6.47 -54.11
N ILE LA 12 -81.75 5.44 -54.74
CA ILE LA 12 -80.54 4.78 -54.28
C ILE LA 12 -79.39 5.11 -55.23
N VAL LA 13 -78.28 5.57 -54.67
CA VAL LA 13 -77.06 5.82 -55.42
C VAL LA 13 -76.05 4.77 -55.03
N LEU LA 14 -75.65 3.94 -55.98
CA LEU LA 14 -74.74 2.84 -55.70
C LEU LA 14 -73.34 3.35 -55.37
N LYS LA 15 -72.59 2.53 -54.64
CA LYS LA 15 -71.23 2.86 -54.25
C LYS LA 15 -70.24 2.32 -55.29
N LYS LA 16 -70.49 2.68 -56.53
CA LYS LA 16 -69.68 2.24 -57.66
C LYS LA 16 -69.22 3.45 -58.45
N PHE LA 17 -67.97 3.41 -58.89
CA PHE LA 17 -67.36 4.51 -59.63
C PHE LA 17 -67.10 4.08 -61.07
N LEU LA 18 -67.59 4.87 -62.01
CA LEU LA 18 -67.37 4.59 -63.42
C LEU LA 18 -65.91 4.82 -63.78
N PRO LA 19 -65.37 4.04 -64.72
CA PRO LA 19 -63.96 4.23 -65.10
C PRO LA 19 -63.73 5.59 -65.74
N GLY LA 20 -62.52 6.12 -65.52
CA GLY LA 20 -62.14 7.41 -66.02
C GLY LA 20 -61.14 7.33 -67.16
N PHE LA 21 -60.39 8.41 -67.34
CA PHE LA 21 -59.38 8.51 -68.38
C PHE LA 21 -57.99 8.41 -67.76
N MET LA 22 -56.99 8.24 -68.62
CA MET LA 22 -55.62 8.00 -68.16
C MET LA 22 -54.64 8.61 -69.15
N SER LA 23 -53.38 8.69 -68.73
CA SER LA 23 -52.30 9.19 -69.59
C SER LA 23 -51.18 8.16 -69.66
N ASP LA 24 -50.05 8.56 -70.26
CA ASP LA 24 -48.94 7.65 -70.45
C ASP LA 24 -47.66 8.25 -69.86
N LEU LA 25 -46.89 7.41 -69.18
CA LEU LA 25 -45.64 7.80 -68.55
C LEU LA 25 -44.49 7.12 -69.29
N VAL LA 26 -43.80 7.88 -70.14
CA VAL LA 26 -42.68 7.35 -70.90
C VAL LA 26 -41.43 8.19 -70.65
N LEU LA 27 -41.60 9.52 -70.69
CA LEU LA 27 -40.46 10.41 -70.56
C LEU LA 27 -39.80 10.28 -69.20
N ALA LA 28 -40.60 10.24 -68.14
CA ALA LA 28 -40.03 10.12 -66.79
C ALA LA 28 -39.20 8.85 -66.65
N LYS LA 29 -39.59 7.79 -67.35
CA LYS LA 29 -38.82 6.55 -67.32
C LYS LA 29 -37.55 6.65 -68.17
N THR LA 30 -37.63 7.32 -69.32
CA THR LA 30 -36.49 7.34 -70.22
C THR LA 30 -35.39 8.29 -69.76
N VAL LA 31 -35.75 9.44 -69.20
CA VAL LA 31 -34.73 10.40 -68.78
C VAL LA 31 -33.89 9.81 -67.64
N ASP LA 32 -32.62 10.20 -67.62
CA ASP LA 32 -31.65 9.69 -66.65
C ASP LA 32 -31.87 10.35 -65.29
N ARG LA 33 -31.98 9.53 -64.25
CA ARG LA 33 -32.28 10.00 -62.91
C ARG LA 33 -31.23 9.68 -61.88
N GLN LA 34 -30.21 8.88 -62.24
CA GLN LA 34 -29.20 8.49 -61.26
C GLN LA 34 -28.32 9.65 -60.84
N LEU LA 35 -27.91 10.49 -61.80
CA LEU LA 35 -26.98 11.58 -61.48
C LEU LA 35 -27.59 12.58 -60.52
N LEU LA 36 -28.85 12.94 -60.72
CA LEU LA 36 -29.47 14.00 -59.93
C LEU LA 36 -30.10 13.49 -58.65
N ALA LA 37 -30.16 12.19 -58.43
CA ALA LA 37 -30.84 11.64 -57.27
C ALA LA 37 -30.01 11.83 -56.00
N GLY LA 38 -30.67 12.31 -54.95
CA GLY LA 38 -30.03 12.47 -53.66
C GLY LA 38 -28.89 13.47 -53.66
N GLU LA 39 -29.05 14.58 -54.37
CA GLU LA 39 -27.98 15.56 -54.51
C GLU LA 39 -28.39 16.98 -54.15
N ILE LA 40 -29.66 17.35 -54.35
CA ILE LA 40 -30.11 18.72 -54.13
C ILE LA 40 -30.85 18.79 -52.79
N ASN LA 41 -30.50 19.79 -51.99
CA ASN LA 41 -31.15 20.06 -50.72
C ASN LA 41 -31.75 21.45 -50.76
N SER LA 42 -32.99 21.59 -50.28
CA SER LA 42 -33.60 22.91 -50.20
C SER LA 42 -32.83 23.81 -49.23
N SER LA 43 -32.27 23.22 -48.18
CA SER LA 43 -31.50 24.01 -47.21
C SER LA 43 -30.13 24.40 -47.77
N THR LA 44 -29.45 23.47 -48.44
CA THR LA 44 -28.11 23.74 -48.93
C THR LA 44 -28.10 24.83 -49.99
N GLY LA 45 -29.07 24.80 -50.90
CA GLY LA 45 -29.10 25.81 -51.94
C GLY LA 45 -30.21 25.51 -52.94
N ASP LA 46 -30.12 26.18 -54.09
CA ASP LA 46 -31.11 26.03 -55.14
C ASP LA 46 -30.49 25.67 -56.49
N SER LA 47 -29.19 25.38 -56.52
CA SER LA 47 -28.52 25.08 -57.77
C SER LA 47 -27.44 24.03 -57.52
N VAL LA 48 -27.23 23.16 -58.50
CA VAL LA 48 -26.21 22.13 -58.44
C VAL LA 48 -25.42 22.16 -59.74
N SER LA 49 -24.19 21.66 -59.70
CA SER LA 49 -23.28 21.73 -60.84
C SER LA 49 -22.62 20.39 -61.10
N PHE LA 50 -22.34 20.13 -62.38
CA PHE LA 50 -21.59 18.96 -62.80
C PHE LA 50 -20.47 19.40 -63.74
N LYS LA 51 -19.43 18.60 -63.83
CA LYS LA 51 -18.22 18.95 -64.59
C LYS LA 51 -18.31 18.41 -66.00
N ARG LA 52 -17.89 19.24 -66.99
CA ARG LA 52 -17.84 18.83 -68.38
C ARG LA 52 -16.53 18.11 -68.70
N PRO LA 53 -16.54 17.20 -69.67
CA PRO LA 53 -15.29 16.55 -70.07
C PRO LA 53 -14.36 17.50 -70.80
N HIS LA 54 -13.08 17.14 -70.81
CA HIS LA 54 -12.05 17.96 -71.43
C HIS LA 54 -11.70 17.47 -72.83
N GLN LA 55 -11.07 18.34 -73.59
CA GLN LA 55 -10.59 18.02 -74.93
C GLN LA 55 -9.20 18.62 -75.11
N PHE LA 56 -8.43 18.01 -76.00
CA PHE LA 56 -7.02 18.37 -76.17
C PHE LA 56 -6.66 18.45 -77.64
N SER LA 57 -5.39 18.78 -77.88
CA SER LA 57 -4.83 18.85 -79.22
C SER LA 57 -3.37 18.41 -79.14
N SER LA 58 -2.83 17.97 -80.27
CA SER LA 58 -1.50 17.40 -80.32
C SER LA 58 -0.55 18.33 -81.08
N LEU LA 59 0.71 17.90 -81.15
CA LEU LA 59 1.74 18.61 -81.90
C LEU LA 59 2.53 17.60 -82.70
N ARG LA 60 3.15 18.07 -83.79
CA ARG LA 60 3.95 17.21 -84.66
C ARG LA 60 5.33 17.81 -84.82
N THR LA 61 6.35 17.10 -84.33
CA THR LA 61 7.73 17.53 -84.40
C THR LA 61 8.58 16.36 -84.89
N PRO LA 62 9.58 16.62 -85.74
CA PRO LA 62 10.40 15.51 -86.26
C PRO LA 62 11.20 14.79 -85.18
N THR LA 63 11.52 15.46 -84.07
CA THR LA 63 12.42 14.90 -83.08
C THR LA 63 11.86 14.84 -81.66
N GLY LA 64 10.77 15.54 -81.37
CA GLY LA 64 10.22 15.58 -80.03
C GLY LA 64 10.55 16.82 -79.23
N ASP LA 65 11.21 17.81 -79.84
CA ASP LA 65 11.57 19.05 -79.14
C ASP LA 65 10.34 19.95 -79.14
N ILE LA 66 9.75 20.14 -77.95
CA ILE LA 66 8.55 20.95 -77.81
C ILE LA 66 8.84 22.14 -76.90
N SER LA 67 10.09 22.59 -76.89
CA SER LA 67 10.49 23.64 -75.95
C SER LA 67 9.82 24.96 -76.29
N GLY LA 68 9.87 25.38 -77.55
CA GLY LA 68 9.42 26.69 -77.96
C GLY LA 68 7.98 26.80 -78.42
N GLN LA 69 7.22 25.71 -78.42
CA GLN LA 69 5.82 25.75 -78.82
C GLN LA 69 4.92 25.90 -77.59
N ASN LA 70 3.63 26.08 -77.83
CA ASN LA 70 2.65 26.27 -76.77
C ASN LA 70 2.11 24.93 -76.28
N LYS LA 71 1.68 24.91 -75.03
CA LYS LA 71 1.17 23.70 -74.40
C LYS LA 71 -0.33 23.84 -74.16
N ASN LA 72 -1.01 22.71 -74.08
CA ASN LA 72 -2.45 22.71 -73.87
C ASN LA 72 -2.77 23.14 -72.44
N ASN LA 73 -3.72 24.06 -72.31
CA ASN LA 73 -4.17 24.54 -71.01
C ASN LA 73 -5.48 23.85 -70.61
N LEU LA 74 -5.74 23.87 -69.30
CA LEU LA 74 -6.88 23.15 -68.73
C LEU LA 74 -8.02 24.12 -68.41
N ILE LA 75 -8.88 24.32 -69.41
CA ILE LA 75 -10.07 25.15 -69.24
C ILE LA 75 -11.21 24.25 -68.79
N SER LA 76 -11.83 24.57 -67.66
CA SER LA 76 -12.84 23.72 -67.04
C SER LA 76 -14.22 24.38 -67.14
N GLY LA 77 -15.23 23.57 -67.46
CA GLY LA 77 -16.58 24.06 -67.59
C GLY LA 77 -17.55 23.21 -66.80
N LYS LA 78 -18.71 23.79 -66.50
CA LYS LA 78 -19.72 23.12 -65.68
C LYS LA 78 -21.10 23.30 -66.29
N ALA LA 79 -21.98 22.37 -65.96
CA ALA LA 79 -23.39 22.43 -66.30
C ALA LA 79 -24.19 22.58 -65.01
N THR LA 80 -25.06 23.59 -64.98
CA THR LA 80 -25.76 23.99 -63.76
C THR LA 80 -27.25 23.72 -63.90
N GLY LA 81 -27.80 23.03 -62.89
CA GLY LA 81 -29.22 22.75 -62.84
C GLY LA 81 -29.85 23.43 -61.64
N ARG LA 82 -31.13 23.75 -61.77
CA ARG LA 82 -31.86 24.54 -60.78
C ARG LA 82 -33.16 23.84 -60.44
N VAL LA 83 -33.76 24.25 -59.32
CA VAL LA 83 -35.03 23.71 -58.89
C VAL LA 83 -36.15 24.59 -59.46
N GLY LA 84 -37.35 24.02 -59.52
CA GLY LA 84 -38.48 24.73 -60.10
C GLY LA 84 -39.44 25.29 -59.07
N ASN LA 85 -40.74 25.09 -59.29
CA ASN LA 85 -41.77 25.56 -58.39
C ASN LA 85 -42.52 24.37 -57.80
N TYR LA 86 -43.03 24.55 -56.59
CA TYR LA 86 -43.75 23.49 -55.91
C TYR LA 86 -45.02 23.13 -56.68
N ILE LA 87 -45.41 21.86 -56.62
CA ILE LA 87 -46.67 21.40 -57.17
C ILE LA 87 -47.54 21.02 -55.98
N THR LA 88 -48.68 21.70 -55.85
CA THR LA 88 -49.54 21.58 -54.69
C THR LA 88 -50.97 21.30 -55.14
N VAL LA 89 -51.60 20.32 -54.50
CA VAL LA 89 -53.02 20.05 -54.69
C VAL LA 89 -53.68 20.04 -53.32
N ALA LA 90 -54.60 20.98 -53.08
CA ALA LA 90 -55.18 21.17 -51.77
C ALA LA 90 -56.70 21.14 -51.84
N VAL LA 91 -57.32 20.49 -50.86
CA VAL LA 91 -58.76 20.41 -50.76
C VAL LA 91 -59.18 20.67 -49.32
N GLU LA 92 -60.44 21.04 -49.14
CA GLU LA 92 -60.98 21.30 -47.82
C GLU LA 92 -62.44 20.87 -47.78
N TYR LA 93 -62.98 20.67 -46.56
CA TYR LA 93 -64.38 20.22 -46.37
C TYR LA 93 -64.81 20.46 -44.91
N GLN LA 94 -66.07 20.84 -44.65
CA GLN LA 94 -66.55 21.16 -43.27
C GLN LA 94 -66.71 19.89 -42.45
N GLN LA 95 -66.65 19.98 -41.12
CA GLN LA 95 -66.73 18.78 -40.25
C GLN LA 95 -68.09 18.11 -40.37
N LEU LA 96 -69.16 18.91 -40.46
CA LEU LA 96 -70.53 18.34 -40.57
C LEU LA 96 -70.61 17.54 -41.87
N GLU LA 97 -70.01 18.05 -42.94
CA GLU LA 97 -70.12 17.37 -44.25
C GLU LA 97 -69.51 16.00 -44.12
N GLU LA 98 -68.40 15.90 -43.42
CA GLU LA 98 -67.70 14.61 -43.32
C GLU LA 98 -68.63 13.60 -42.63
N ALA LA 99 -69.32 14.02 -41.58
CA ALA LA 99 -70.23 13.13 -40.83
C ALA LA 99 -71.50 12.75 -41.59
N ILE LA 100 -72.12 13.69 -42.31
CA ILE LA 100 -73.45 13.42 -42.95
C ILE LA 100 -73.39 13.22 -44.46
N LYS LA 101 -72.53 13.94 -45.20
CA LYS LA 101 -72.60 13.86 -46.70
C LYS LA 101 -71.30 13.41 -47.37
N LEU LA 102 -70.36 12.74 -46.70
CA LEU LA 102 -69.16 12.25 -47.44
C LEU LA 102 -68.88 10.78 -47.12
N ASN LA 103 -68.83 9.91 -48.13
CA ASN LA 103 -68.46 8.48 -47.93
C ASN LA 103 -67.43 8.13 -49.02
N GLN LA 104 -66.59 7.13 -48.82
CA GLN LA 104 -65.65 6.69 -49.87
C GLN LA 104 -64.62 7.78 -50.16
N LEU LA 105 -64.10 8.39 -49.09
CA LEU LA 105 -63.14 9.47 -49.25
C LEU LA 105 -61.88 8.99 -49.95
N GLU LA 106 -61.50 7.73 -49.76
CA GLU LA 106 -60.31 7.19 -50.42
C GLU LA 106 -60.50 7.16 -51.92
N GLU LA 107 -61.62 6.62 -52.39
CA GLU LA 107 -61.91 6.62 -53.82
C GLU LA 107 -62.06 8.04 -54.36
N ILE LA 108 -62.58 8.95 -53.54
CA ILE LA 108 -62.71 10.34 -53.98
C ILE LA 108 -61.33 10.96 -54.19
N LEU LA 109 -60.40 10.72 -53.28
CA LEU LA 109 -59.11 11.39 -53.28
C LEU LA 109 -58.01 10.59 -53.98
N ALA LA 110 -58.33 9.45 -54.59
CA ALA LA 110 -57.31 8.66 -55.29
C ALA LA 110 -56.52 9.42 -56.36
N PRO LA 111 -57.12 10.16 -57.30
CA PRO LA 111 -56.36 10.63 -58.47
C PRO LA 111 -55.45 11.83 -58.24
N VAL LA 112 -55.22 12.26 -57.00
CA VAL LA 112 -54.35 13.41 -56.77
C VAL LA 112 -52.92 13.08 -57.20
N ARG LA 113 -52.46 11.87 -56.90
CA ARG LA 113 -51.10 11.49 -57.26
C ARG LA 113 -50.91 11.47 -58.77
N GLN LA 114 -51.88 10.92 -59.51
CA GLN LA 114 -51.73 10.89 -60.96
C GLN LA 114 -51.83 12.29 -61.55
N ARG LA 115 -52.63 13.19 -60.94
CA ARG LA 115 -52.61 14.58 -61.38
C ARG LA 115 -51.22 15.19 -61.19
N ILE LA 116 -50.60 14.96 -60.04
CA ILE LA 116 -49.27 15.50 -59.77
C ILE LA 116 -48.28 15.01 -60.82
N VAL LA 117 -48.27 13.69 -61.06
CA VAL LA 117 -47.30 13.11 -61.98
C VAL LA 117 -47.55 13.58 -63.40
N THR LA 118 -48.82 13.73 -63.79
CA THR LA 118 -49.13 14.23 -65.12
C THR LA 118 -48.62 15.65 -65.33
N ASP LA 119 -48.82 16.52 -64.33
CA ASP LA 119 -48.29 17.88 -64.43
C ASP LA 119 -46.77 17.87 -64.54
N LEU LA 120 -46.12 17.02 -63.74
CA LEU LA 120 -44.66 16.93 -63.81
C LEU LA 120 -44.20 16.51 -65.20
N GLU LA 121 -44.87 15.51 -65.79
CA GLU LA 121 -44.49 15.05 -67.12
C GLU LA 121 -44.68 16.15 -68.16
N THR LA 122 -45.79 16.88 -68.08
CA THR LA 122 -46.02 17.95 -69.07
C THR LA 122 -44.95 19.02 -68.97
N GLU LA 123 -44.59 19.42 -67.75
CA GLU LA 123 -43.55 20.44 -67.61
C GLU LA 123 -42.20 19.92 -68.09
N LEU LA 124 -41.91 18.64 -67.84
CA LEU LA 124 -40.67 18.06 -68.36
C LEU LA 124 -40.63 18.08 -69.89
N ALA LA 125 -41.77 17.77 -70.51
CA ALA LA 125 -41.84 17.80 -71.96
C ALA LA 125 -41.57 19.21 -72.51
N HIS LA 126 -42.18 20.22 -71.88
CA HIS LA 126 -41.89 21.59 -72.27
C HIS LA 126 -40.41 21.91 -72.09
N PHE LA 127 -39.83 21.49 -70.97
CA PHE LA 127 -38.41 21.74 -70.72
C PHE LA 127 -37.54 21.19 -71.83
N MET LA 128 -37.76 19.91 -72.18
CA MET LA 128 -36.92 19.28 -73.19
C MET LA 128 -37.14 19.90 -74.56
N MET LA 129 -38.39 20.21 -74.92
CA MET LA 129 -38.64 20.78 -76.24
C MET LA 129 -38.05 22.18 -76.35
N ASN LA 130 -37.97 22.91 -75.23
CA ASN LA 130 -37.37 24.24 -75.27
C ASN LA 130 -35.86 24.16 -75.32
N ASN LA 131 -35.25 23.21 -74.60
CA ASN LA 131 -33.80 23.19 -74.49
C ASN LA 131 -33.11 22.30 -75.52
N GLY LA 132 -33.85 21.53 -76.31
CA GLY LA 132 -33.23 20.78 -77.39
C GLY LA 132 -32.62 21.69 -78.44
N ALA LA 133 -31.58 21.20 -79.10
CA ALA LA 133 -30.86 22.03 -80.06
C ALA LA 133 -30.90 21.46 -81.48
N LEU LA 134 -30.76 20.14 -81.61
CA LEU LA 134 -30.72 19.53 -82.92
C LEU LA 134 -32.10 19.59 -83.58
N SER LA 135 -32.10 19.45 -84.91
CA SER LA 135 -33.34 19.50 -85.67
C SER LA 135 -33.13 18.78 -87.00
N LEU LA 136 -34.15 18.04 -87.44
CA LEU LA 136 -34.11 17.34 -88.71
C LEU LA 136 -35.48 17.41 -89.35
N GLY LA 137 -35.51 17.61 -90.67
CA GLY LA 137 -36.76 17.67 -91.40
C GLY LA 137 -37.45 19.01 -91.25
N SER LA 138 -38.69 19.03 -91.74
CA SER LA 138 -39.51 20.24 -91.69
C SER LA 138 -40.86 19.91 -91.09
N PRO LA 139 -41.43 20.83 -90.30
CA PRO LA 139 -42.74 20.55 -89.68
C PRO LA 139 -43.89 20.42 -90.67
N ASN LA 140 -43.71 20.84 -91.91
CA ASN LA 140 -44.81 20.82 -92.87
C ASN LA 140 -45.14 19.41 -93.37
N THR LA 141 -44.29 18.43 -93.08
CA THR LA 141 -44.49 17.08 -93.61
C THR LA 141 -44.46 16.06 -92.48
N PRO LA 142 -45.50 15.24 -92.31
CA PRO LA 142 -45.48 14.23 -91.24
C PRO LA 142 -44.59 13.05 -91.61
N ILE LA 143 -44.31 12.22 -90.60
CA ILE LA 143 -43.54 11.01 -90.81
C ILE LA 143 -44.36 10.02 -91.61
N THR LA 144 -43.79 9.54 -92.73
CA THR LA 144 -44.50 8.60 -93.60
C THR LA 144 -43.62 7.42 -93.98
N LYS LA 145 -42.31 7.58 -93.90
CA LYS LA 145 -41.37 6.57 -94.39
C LYS LA 145 -40.44 6.10 -93.27
N TRP LA 146 -39.71 5.03 -93.56
CA TRP LA 146 -38.74 4.46 -92.62
C TRP LA 146 -37.52 5.34 -92.48
N SER LA 147 -37.11 6.01 -93.56
CA SER LA 147 -35.94 6.88 -93.50
C SER LA 147 -36.15 8.04 -92.55
N ASP LA 148 -37.40 8.52 -92.44
CA ASP LA 148 -37.69 9.65 -91.55
C ASP LA 148 -37.37 9.32 -90.09
N VAL LA 149 -37.37 8.04 -89.73
CA VAL LA 149 -37.06 7.63 -88.37
C VAL LA 149 -35.59 7.22 -88.30
N ALA LA 150 -35.11 6.54 -89.34
CA ALA LA 150 -33.72 6.08 -89.33
C ALA LA 150 -32.73 7.23 -89.34
N GLN LA 151 -33.14 8.39 -89.85
CA GLN LA 151 -32.24 9.54 -89.93
C GLN LA 151 -31.80 9.99 -88.54
N THR LA 152 -32.65 9.84 -87.53
CA THR LA 152 -32.28 10.26 -86.18
C THR LA 152 -31.12 9.43 -85.65
N ALA LA 153 -31.22 8.11 -85.75
CA ALA LA 153 -30.14 7.25 -85.29
C ALA LA 153 -28.87 7.48 -86.12
N SER LA 154 -29.02 7.63 -87.43
CA SER LA 154 -27.85 7.87 -88.28
C SER LA 154 -27.15 9.16 -87.90
N PHE LA 155 -27.92 10.23 -87.67
CA PHE LA 155 -27.34 11.52 -87.32
C PHE LA 155 -26.67 11.46 -85.95
N LEU LA 156 -27.30 10.79 -84.98
CA LEU LA 156 -26.70 10.67 -83.67
C LEU LA 156 -25.39 9.88 -83.72
N LYS LA 157 -25.36 8.80 -84.50
CA LYS LA 157 -24.12 8.04 -84.64
C LYS LA 157 -23.05 8.87 -85.34
N ASP LA 158 -23.43 9.61 -86.38
CA ASP LA 158 -22.46 10.41 -87.13
C ASP LA 158 -21.87 11.52 -86.27
N LEU LA 159 -22.71 12.16 -85.45
CA LEU LA 159 -22.23 13.28 -84.65
C LEU LA 159 -21.15 12.84 -83.67
N GLY LA 160 -21.31 11.67 -83.06
CA GLY LA 160 -20.28 11.15 -82.19
C GLY LA 160 -20.74 10.75 -80.80
N VAL LA 161 -22.04 10.54 -80.63
CA VAL LA 161 -22.55 10.10 -79.33
C VAL LA 161 -22.20 8.64 -79.12
N ASN LA 162 -21.59 8.33 -77.98
CA ASN LA 162 -21.05 7.00 -77.74
C ASN LA 162 -21.78 6.24 -76.64
N GLU LA 163 -21.86 6.79 -75.44
CA GLU LA 163 -22.41 6.04 -74.32
C GLU LA 163 -23.91 6.26 -74.19
N GLY LA 164 -24.55 5.38 -73.43
CA GLY LA 164 -25.98 5.42 -73.26
C GLY LA 164 -26.72 4.83 -74.45
N GLU LA 165 -28.04 5.00 -74.44
CA GLU LA 165 -28.90 4.52 -75.51
C GLU LA 165 -29.82 5.64 -75.98
N ASN LA 166 -29.99 5.74 -77.29
CA ASN LA 166 -30.79 6.81 -77.88
C ASN LA 166 -32.26 6.44 -77.88
N TYR LA 167 -33.12 7.45 -77.84
CA TYR LA 167 -34.57 7.25 -77.84
C TYR LA 167 -35.23 8.25 -78.77
N ALA LA 168 -36.37 7.84 -79.33
CA ALA LA 168 -37.24 8.72 -80.11
C ALA LA 168 -38.67 8.50 -79.66
N VAL LA 169 -39.42 9.60 -79.52
CA VAL LA 169 -40.77 9.59 -78.99
C VAL LA 169 -41.69 10.31 -79.95
N MET LA 170 -42.78 9.66 -80.35
CA MET LA 170 -43.75 10.24 -81.27
C MET LA 170 -45.16 10.04 -80.74
N ASP LA 171 -46.13 10.43 -81.54
CA ASP LA 171 -47.54 10.44 -81.19
C ASP LA 171 -48.28 9.27 -81.82
N PRO LA 172 -49.48 8.93 -81.32
CA PRO LA 172 -50.19 7.76 -81.84
C PRO LA 172 -50.50 7.82 -83.33
N TRP LA 173 -50.77 9.00 -83.88
CA TRP LA 173 -51.06 9.09 -85.30
C TRP LA 173 -49.84 8.73 -86.14
N SER LA 174 -48.66 9.22 -85.76
CA SER LA 174 -47.45 8.85 -86.49
C SER LA 174 -47.11 7.37 -86.27
N ALA LA 175 -47.42 6.84 -85.09
CA ALA LA 175 -47.25 5.41 -84.88
C ALA LA 175 -48.15 4.60 -85.81
N GLN LA 176 -49.40 5.05 -85.99
CA GLN LA 176 -50.31 4.39 -86.91
C GLN LA 176 -49.79 4.46 -88.34
N ARG LA 177 -49.28 5.62 -88.75
CA ARG LA 177 -48.73 5.76 -90.09
C ARG LA 177 -47.53 4.84 -90.29
N LEU LA 178 -46.66 4.74 -89.27
CA LEU LA 178 -45.51 3.85 -89.37
C LEU LA 178 -45.95 2.38 -89.48
N ALA LA 179 -46.97 1.99 -88.72
CA ALA LA 179 -47.48 0.63 -88.83
C ALA LA 179 -48.08 0.37 -90.20
N ASP LA 180 -48.79 1.36 -90.74
CA ASP LA 180 -49.37 1.21 -92.08
C ASP LA 180 -48.27 1.05 -93.13
N ALA LA 181 -47.19 1.81 -93.00
CA ALA LA 181 -46.05 1.64 -93.91
C ALA LA 181 -45.40 0.27 -93.73
N GLN LA 182 -45.34 -0.21 -92.48
CA GLN LA 182 -44.77 -1.53 -92.21
C GLN LA 182 -45.57 -2.64 -92.88
N THR LA 183 -46.90 -2.52 -92.88
CA THR LA 183 -47.75 -3.56 -93.46
C THR LA 183 -47.44 -3.85 -94.93
N GLY LA 184 -46.60 -3.04 -95.58
CA GLY LA 184 -46.28 -3.25 -96.96
C GLY LA 184 -44.99 -4.01 -97.20
N LEU LA 185 -44.51 -4.73 -96.19
CA LEU LA 185 -43.27 -5.48 -96.33
C LEU LA 185 -43.48 -6.70 -97.23
N HIS LA 186 -42.36 -7.29 -97.66
CA HIS LA 186 -42.39 -8.39 -98.62
C HIS LA 186 -41.98 -9.74 -98.04
N ALA LA 187 -41.24 -9.78 -96.95
CA ALA LA 187 -40.61 -11.04 -96.60
C ALA LA 187 -40.94 -11.56 -95.21
N SER LA 188 -41.02 -10.68 -94.22
CA SER LA 188 -41.19 -11.12 -92.83
C SER LA 188 -42.67 -11.28 -92.55
N ASP LA 189 -43.17 -12.51 -92.69
CA ASP LA 189 -44.60 -12.78 -92.51
C ASP LA 189 -45.04 -12.48 -91.08
N GLN LA 190 -44.22 -12.84 -90.09
CA GLN LA 190 -44.58 -12.58 -88.70
C GLN LA 190 -44.71 -11.09 -88.45
N LEU LA 191 -43.75 -10.30 -88.92
CA LEU LA 191 -43.81 -8.85 -88.74
C LEU LA 191 -45.02 -8.26 -89.45
N VAL LA 192 -45.29 -8.72 -90.68
CA VAL LA 192 -46.41 -8.19 -91.44
C VAL LA 192 -47.72 -8.49 -90.74
N ARG LA 193 -47.91 -9.72 -90.27
CA ARG LA 193 -49.18 -10.07 -89.62
C ARG LA 193 -49.32 -9.36 -88.28
N THR LA 194 -48.21 -9.19 -87.54
CA THR LA 194 -48.28 -8.44 -86.29
C THR LA 194 -48.72 -7.01 -86.54
N ALA LA 195 -48.14 -6.35 -87.54
CA ALA LA 195 -48.54 -4.99 -87.86
C ALA LA 195 -49.98 -4.94 -88.36
N TRP LA 196 -50.39 -5.93 -89.14
CA TRP LA 196 -51.74 -5.95 -89.72
C TRP LA 196 -52.80 -6.09 -88.64
N GLU LA 197 -52.61 -6.99 -87.69
CA GLU LA 197 -53.62 -7.23 -86.67
C GLU LA 197 -53.47 -6.31 -85.47
N ASN LA 198 -52.33 -6.38 -84.77
CA ASN LA 198 -52.20 -5.68 -83.50
C ASN LA 198 -51.79 -4.22 -83.63
N ALA LA 199 -51.40 -3.79 -84.83
CA ALA LA 199 -51.01 -2.41 -85.10
C ALA LA 199 -49.93 -1.93 -84.13
N GLN LA 200 -48.85 -2.71 -84.07
CA GLN LA 200 -47.70 -2.39 -83.24
C GLN LA 200 -46.43 -2.41 -84.07
N ILE LA 201 -45.41 -1.74 -83.56
CA ILE LA 201 -44.09 -1.72 -84.19
C ILE LA 201 -43.11 -2.34 -83.19
N PRO LA 202 -42.02 -2.96 -83.64
CA PRO LA 202 -41.11 -3.62 -82.71
C PRO LA 202 -40.42 -2.62 -81.79
N THR LA 203 -39.67 -3.17 -80.83
CA THR LA 203 -38.97 -2.32 -79.88
C THR LA 203 -37.93 -1.45 -80.56
N ASN LA 204 -37.06 -2.05 -81.37
CA ASN LA 204 -36.10 -1.30 -82.15
C ASN LA 204 -36.70 -0.93 -83.49
N PHE LA 205 -36.27 0.20 -84.04
CA PHE LA 205 -36.78 0.67 -85.32
C PHE LA 205 -35.75 1.59 -85.94
N GLY LA 206 -35.07 1.11 -86.98
CA GLY LA 206 -34.05 1.92 -87.62
C GLY LA 206 -32.81 2.16 -86.80
N GLY LA 207 -32.51 1.27 -85.86
CA GLY LA 207 -31.35 1.43 -85.00
C GLY LA 207 -31.57 2.29 -83.77
N ILE LA 208 -32.79 2.78 -83.55
CA ILE LA 208 -33.12 3.59 -82.39
C ILE LA 208 -34.38 3.04 -81.75
N ARG LA 209 -34.53 3.29 -80.46
CA ARG LA 209 -35.70 2.81 -79.74
C ARG LA 209 -36.85 3.81 -79.90
N ALA LA 210 -37.93 3.36 -80.52
CA ALA LA 210 -39.07 4.21 -80.84
C ALA LA 210 -40.19 3.95 -79.84
N LEU LA 211 -40.75 5.03 -79.30
CA LEU LA 211 -41.80 4.95 -78.30
C LEU LA 211 -42.95 5.86 -78.67
N MET LA 212 -44.14 5.47 -78.25
CA MET LA 212 -45.37 6.19 -78.54
C MET LA 212 -46.03 6.60 -77.24
N SER LA 213 -46.44 7.86 -77.16
CA SER LA 213 -47.07 8.40 -75.97
C SER LA 213 -47.97 9.57 -76.36
N ASN LA 214 -49.06 9.74 -75.62
CA ASN LA 214 -49.99 10.82 -75.83
C ASN LA 214 -49.79 11.98 -74.87
N GLY LA 215 -48.71 11.98 -74.09
CA GLY LA 215 -48.41 13.03 -73.15
C GLY LA 215 -47.62 14.20 -73.69
N LEU LA 216 -47.37 14.25 -74.99
CA LEU LA 216 -46.59 15.33 -75.56
C LEU LA 216 -47.37 16.64 -75.51
N ALA LA 217 -46.64 17.74 -75.54
CA ALA LA 217 -47.24 19.07 -75.50
C ALA LA 217 -47.37 19.65 -76.91
N SER LA 218 -47.97 20.82 -76.99
CA SER LA 218 -48.19 21.51 -78.25
C SER LA 218 -47.63 22.93 -78.17
N ARG LA 219 -46.99 23.37 -79.25
CA ARG LA 219 -46.39 24.69 -79.32
C ARG LA 219 -46.84 25.38 -80.61
N THR LA 220 -46.61 26.69 -80.66
CA THR LA 220 -47.01 27.53 -81.78
C THR LA 220 -45.78 28.28 -82.29
N GLN LA 221 -45.74 28.50 -83.60
CA GLN LA 221 -44.57 29.11 -84.22
C GLN LA 221 -44.42 30.58 -83.86
N GLY LA 222 -45.45 31.37 -84.12
CA GLY LA 222 -45.35 32.81 -83.93
C GLY LA 222 -44.98 33.51 -85.21
N ALA LA 223 -45.67 34.61 -85.53
CA ALA LA 223 -45.53 35.24 -86.83
C ALA LA 223 -44.12 35.75 -87.06
N PHE LA 224 -43.61 35.52 -88.28
CA PHE LA 224 -42.32 36.04 -88.68
C PHE LA 224 -42.33 36.28 -90.19
N GLY LA 225 -41.39 37.09 -90.66
CA GLY LA 225 -41.31 37.37 -92.08
C GLY LA 225 -40.06 38.15 -92.41
N GLY LA 226 -39.85 38.35 -93.70
CA GLY LA 226 -38.69 39.09 -94.18
C GLY LA 226 -37.48 38.22 -94.35
N THR LA 227 -36.45 38.78 -94.99
CA THR LA 227 -35.18 38.08 -95.17
C THR LA 227 -34.27 38.35 -93.97
N LEU LA 228 -34.18 37.38 -93.06
CA LEU LA 228 -33.44 37.59 -91.83
C LEU LA 228 -31.94 37.47 -92.06
N THR LA 229 -31.19 38.44 -91.54
CA THR LA 229 -29.74 38.42 -91.56
C THR LA 229 -29.22 38.91 -90.22
N VAL LA 230 -28.03 38.45 -89.84
CA VAL LA 230 -27.42 38.89 -88.59
C VAL LA 230 -26.90 40.31 -88.75
N LYS LA 231 -26.79 41.03 -87.63
CA LYS LA 231 -26.38 42.43 -87.65
C LYS LA 231 -24.94 42.63 -87.20
N THR LA 232 -24.57 42.10 -86.04
CA THR LA 232 -23.23 42.29 -85.49
C THR LA 232 -22.63 40.95 -85.10
N GLN LA 233 -21.31 40.86 -85.14
CA GLN LA 233 -20.62 39.63 -84.82
C GLN LA 233 -20.77 39.31 -83.34
N PRO LA 234 -21.27 38.13 -82.98
CA PRO LA 234 -21.45 37.78 -81.57
C PRO LA 234 -20.13 37.29 -80.96
N THR LA 235 -20.13 37.17 -79.64
CA THR LA 235 -19.02 36.62 -78.88
C THR LA 235 -19.32 35.15 -78.61
N VAL LA 236 -18.54 34.26 -79.21
CA VAL LA 236 -18.86 32.84 -79.19
C VAL LA 236 -17.64 32.03 -78.73
N THR LA 237 -16.69 32.71 -78.10
CA THR LA 237 -15.49 32.02 -77.63
C THR LA 237 -15.83 31.07 -76.48
N TYR LA 238 -15.08 29.97 -76.41
CA TYR LA 238 -15.34 28.96 -75.38
C TYR LA 238 -15.12 29.53 -73.98
N ASN LA 239 -14.10 30.37 -73.82
CA ASN LA 239 -13.81 30.93 -72.51
C ASN LA 239 -14.97 31.77 -71.98
N ALA LA 240 -15.87 32.22 -72.85
CA ALA LA 240 -17.03 32.97 -72.40
C ALA LA 240 -18.30 32.13 -72.36
N VAL LA 241 -18.43 31.14 -73.25
CA VAL LA 241 -19.65 30.35 -73.34
C VAL LA 241 -19.49 28.97 -72.72
N LYS LA 242 -18.48 28.77 -71.89
CA LYS LA 242 -18.22 27.46 -71.30
C LYS LA 242 -19.11 27.15 -70.11
N ASP LA 243 -19.94 28.09 -69.66
CA ASP LA 243 -20.71 27.91 -68.44
C ASP LA 243 -22.18 27.59 -68.67
N SER LA 244 -22.76 28.02 -69.79
CA SER LA 244 -24.20 27.83 -70.01
C SER LA 244 -24.56 27.33 -71.40
N TYR LA 245 -23.66 27.37 -72.38
CA TYR LA 245 -23.95 26.91 -73.75
C TYR LA 245 -25.15 27.64 -74.35
N GLN LA 246 -25.22 28.95 -74.11
CA GLN LA 246 -26.23 29.79 -74.73
C GLN LA 246 -25.57 31.09 -75.20
N PHE LA 247 -26.15 31.69 -76.23
CA PHE LA 247 -25.57 32.91 -76.78
C PHE LA 247 -26.66 33.83 -77.29
N THR LA 248 -26.38 35.13 -77.25
CA THR LA 248 -27.34 36.16 -77.60
C THR LA 248 -26.94 36.86 -78.89
N VAL LA 249 -27.89 37.01 -79.81
CA VAL LA 249 -27.62 37.63 -81.10
C VAL LA 249 -28.75 38.59 -81.44
N THR LA 250 -28.51 39.39 -82.48
CA THR LA 250 -29.50 40.31 -83.03
C THR LA 250 -29.70 40.00 -84.51
N LEU LA 251 -30.89 40.34 -85.01
CA LEU LA 251 -31.25 40.08 -86.40
C LEU LA 251 -31.72 41.38 -87.05
N THR LA 252 -31.66 41.40 -88.38
CA THR LA 252 -31.99 42.59 -89.13
C THR LA 252 -32.89 42.21 -90.30
N GLY LA 253 -33.85 43.07 -90.61
CA GLY LA 253 -34.77 42.82 -91.69
C GLY LA 253 -36.07 42.16 -91.32
N ALA LA 254 -36.39 42.10 -90.03
CA ALA LA 254 -37.64 41.51 -89.57
C ALA LA 254 -38.82 42.37 -89.99
N THR LA 255 -40.02 41.86 -89.76
CA THR LA 255 -41.22 42.64 -90.03
C THR LA 255 -41.25 43.87 -89.11
N ALA LA 256 -41.81 44.97 -89.63
CA ALA LA 256 -41.72 46.30 -89.03
C ALA LA 256 -41.92 46.31 -87.52
N SER LA 257 -43.09 45.89 -87.05
CA SER LA 257 -43.36 45.90 -85.61
C SER LA 257 -44.45 44.87 -85.32
N VAL LA 258 -44.04 43.72 -84.80
CA VAL LA 258 -44.95 42.65 -84.40
C VAL LA 258 -44.48 42.10 -83.06
N THR LA 259 -45.43 41.84 -82.16
CA THR LA 259 -45.11 41.24 -80.88
C THR LA 259 -45.10 39.72 -81.02
N GLY LA 260 -44.32 39.06 -80.17
CA GLY LA 260 -44.17 37.62 -80.26
C GLY LA 260 -43.56 37.21 -81.58
N PHE LA 261 -42.52 37.93 -82.01
CA PHE LA 261 -41.90 37.64 -83.31
C PHE LA 261 -41.34 36.23 -83.37
N LEU LA 262 -40.69 35.80 -82.30
CA LEU LA 262 -40.18 34.44 -82.17
C LEU LA 262 -40.60 33.88 -80.82
N LYS LA 263 -41.37 32.80 -80.86
CA LYS LA 263 -41.86 32.16 -79.64
C LYS LA 263 -40.87 31.09 -79.18
N ALA LA 264 -41.07 30.60 -77.96
CA ALA LA 264 -40.20 29.58 -77.42
C ALA LA 264 -40.33 28.29 -78.22
N GLY LA 265 -39.19 27.64 -78.45
CA GLY LA 265 -39.16 26.40 -79.19
C GLY LA 265 -38.93 26.53 -80.67
N ASP LA 266 -38.92 27.76 -81.21
CA ASP LA 266 -38.62 27.95 -82.61
C ASP LA 266 -37.15 27.62 -82.88
N GLN LA 267 -36.85 27.26 -84.13
CA GLN LA 267 -35.52 26.82 -84.50
C GLN LA 267 -34.99 27.65 -85.66
N VAL LA 268 -33.77 28.15 -85.49
CA VAL LA 268 -33.09 29.03 -86.43
C VAL LA 268 -31.87 28.31 -86.96
N LYS LA 269 -31.76 28.23 -88.28
CA LYS LA 269 -30.66 27.55 -88.96
C LYS LA 269 -29.78 28.58 -89.67
N PHE LA 270 -28.48 28.50 -89.42
CA PHE LA 270 -27.51 29.38 -90.07
C PHE LA 270 -27.12 28.71 -91.39
N THR LA 271 -27.53 29.32 -92.51
CA THR LA 271 -27.47 28.61 -93.78
C THR LA 271 -26.04 28.30 -94.20
N ASN LA 272 -25.14 29.26 -94.06
CA ASN LA 272 -23.80 29.16 -94.64
C ASN LA 272 -22.75 28.75 -93.61
N THR LA 273 -23.12 27.94 -92.63
CA THR LA 273 -22.16 27.34 -91.72
C THR LA 273 -22.59 25.89 -91.46
N TYR LA 274 -21.61 25.03 -91.18
CA TYR LA 274 -21.84 23.60 -91.15
C TYR LA 274 -21.48 23.02 -89.79
N TRP LA 275 -22.16 21.93 -89.43
CA TRP LA 275 -21.80 21.18 -88.24
C TRP LA 275 -20.40 20.58 -88.39
N LEU LA 276 -19.90 20.02 -87.30
CA LEU LA 276 -18.54 19.48 -87.28
C LEU LA 276 -18.51 18.24 -86.42
N GLN LA 277 -17.85 17.19 -86.91
CA GLN LA 277 -17.65 15.99 -86.11
C GLN LA 277 -16.80 16.35 -84.90
N GLN LA 278 -17.36 16.17 -83.70
CA GLN LA 278 -16.78 16.79 -82.51
C GLN LA 278 -15.39 16.26 -82.21
N GLN LA 279 -15.18 14.96 -82.40
CA GLN LA 279 -13.87 14.39 -82.07
C GLN LA 279 -12.90 14.49 -83.24
N THR LA 280 -13.35 14.15 -84.45
CA THR LA 280 -12.48 14.12 -85.61
C THR LA 280 -12.24 15.50 -86.21
N LYS LA 281 -13.12 16.46 -85.94
CA LYS LA 281 -13.02 17.83 -86.48
C LYS LA 281 -13.07 17.83 -88.01
N GLN LA 282 -13.96 17.01 -88.56
CA GLN LA 282 -14.27 17.03 -89.98
C GLN LA 282 -15.74 17.41 -90.16
N ALA LA 283 -16.02 18.11 -91.26
CA ALA LA 283 -17.38 18.56 -91.51
C ALA LA 283 -18.30 17.37 -91.79
N LEU LA 284 -19.60 17.59 -91.61
CA LEU LA 284 -20.60 16.56 -91.76
C LEU LA 284 -21.34 16.73 -93.09
N TYR LA 285 -21.50 15.63 -93.82
CA TYR LA 285 -22.15 15.67 -95.13
C TYR LA 285 -23.23 14.61 -95.20
N ASN LA 286 -24.42 15.03 -95.61
CA ASN LA 286 -25.53 14.11 -95.88
C ASN LA 286 -25.59 13.82 -97.38
N GLY LA 287 -24.58 13.10 -97.84
CA GLY LA 287 -24.48 12.81 -99.26
C GLY LA 287 -23.71 13.88 -100.01
N ALA LA 288 -24.43 14.79 -100.66
CA ALA LA 288 -23.81 15.85 -101.44
C ALA LA 288 -24.11 17.24 -100.88
N THR LA 289 -24.89 17.33 -99.79
CA THR LA 289 -25.23 18.60 -99.17
C THR LA 289 -24.87 18.55 -97.69
N PRO LA 290 -24.00 19.43 -97.21
CA PRO LA 290 -23.61 19.38 -95.79
C PRO LA 290 -24.76 19.83 -94.90
N ILE LA 291 -24.70 19.39 -93.64
CA ILE LA 291 -25.71 19.74 -92.64
C ILE LA 291 -25.32 21.08 -92.03
N SER LA 292 -26.34 21.90 -91.75
CA SER LA 292 -26.13 23.26 -91.28
C SER LA 292 -26.39 23.36 -89.78
N PHE LA 293 -25.71 24.31 -89.15
CA PHE LA 293 -25.88 24.54 -87.72
C PHE LA 293 -27.26 25.10 -87.43
N THR LA 294 -27.87 24.63 -86.34
CA THR LA 294 -29.20 25.06 -85.94
C THR LA 294 -29.22 25.29 -84.44
N ALA LA 295 -30.11 26.19 -84.00
CA ALA LA 295 -30.25 26.54 -82.60
C ALA LA 295 -31.72 26.75 -82.28
N THR LA 296 -32.03 26.81 -80.98
CA THR LA 296 -33.39 26.91 -80.49
C THR LA 296 -33.57 28.16 -79.67
N VAL LA 297 -34.72 28.82 -79.87
CA VAL LA 297 -35.07 30.03 -79.12
C VAL LA 297 -35.49 29.63 -77.71
N THR LA 298 -35.04 30.39 -76.71
CA THR LA 298 -35.34 30.09 -75.31
C THR LA 298 -36.59 30.81 -74.81
N ALA LA 299 -36.73 32.10 -75.07
CA ALA LA 299 -37.86 32.87 -74.57
C ALA LA 299 -38.42 33.73 -75.70
N ASP LA 300 -39.63 34.24 -75.48
CA ASP LA 300 -40.32 35.04 -76.49
C ASP LA 300 -39.53 36.29 -76.81
N ALA LA 301 -39.56 36.69 -78.08
CA ALA LA 301 -38.89 37.88 -78.55
C ALA LA 301 -39.88 38.79 -79.27
N ASN LA 302 -39.56 40.08 -79.33
CA ASN LA 302 -40.40 41.05 -79.99
C ASN LA 302 -39.54 41.93 -80.90
N SER LA 303 -40.16 42.44 -81.95
CA SER LA 303 -39.49 43.27 -82.94
C SER LA 303 -39.92 44.72 -82.76
N ASP LA 304 -38.96 45.62 -82.80
CA ASP LA 304 -39.19 47.06 -82.68
C ASP LA 304 -39.04 47.72 -84.03
N SER LA 305 -39.12 49.05 -84.03
CA SER LA 305 -38.96 49.80 -85.27
C SER LA 305 -37.58 49.59 -85.85
N GLY LA 306 -37.51 49.57 -87.18
CA GLY LA 306 -36.27 49.28 -87.87
C GLY LA 306 -36.07 47.81 -88.21
N GLY LA 307 -37.00 46.94 -87.82
CA GLY LA 307 -36.90 45.53 -88.14
C GLY LA 307 -35.72 44.82 -87.50
N ASP LA 308 -35.51 45.03 -86.21
CA ASP LA 308 -34.45 44.37 -85.46
C ASP LA 308 -35.05 43.62 -84.28
N VAL LA 309 -34.52 42.43 -84.01
CA VAL LA 309 -34.99 41.61 -82.90
C VAL LA 309 -33.78 40.97 -82.22
N THR LA 310 -33.80 40.92 -80.90
CA THR LA 310 -32.73 40.33 -80.10
C THR LA 310 -33.22 39.01 -79.52
N VAL LA 311 -32.44 37.94 -79.72
CA VAL LA 311 -32.83 36.62 -79.29
C VAL LA 311 -31.68 35.96 -78.55
N THR LA 312 -32.03 35.02 -77.66
CA THR LA 312 -31.06 34.19 -76.95
C THR LA 312 -31.31 32.75 -77.35
N LEU LA 313 -30.27 32.07 -77.83
CA LEU LA 313 -30.40 30.73 -78.40
C LEU LA 313 -29.55 29.74 -77.63
N SER LA 314 -30.06 28.51 -77.55
CA SER LA 314 -29.36 27.39 -76.96
C SER LA 314 -28.59 26.63 -78.02
N GLY LA 315 -27.45 26.07 -77.63
CA GLY LA 315 -26.53 25.47 -78.59
C GLY LA 315 -25.68 26.56 -79.21
N VAL LA 316 -24.37 26.36 -79.25
CA VAL LA 316 -23.48 27.46 -79.62
C VAL LA 316 -22.49 27.02 -80.70
N PRO LA 317 -22.18 27.90 -81.65
CA PRO LA 317 -21.16 27.61 -82.68
C PRO LA 317 -19.76 28.00 -82.23
N ILE LA 318 -19.20 27.19 -81.33
CA ILE LA 318 -17.91 27.53 -80.72
C ILE LA 318 -16.83 27.52 -81.79
N TYR LA 319 -16.27 28.70 -82.06
CA TYR LA 319 -15.11 28.85 -82.95
C TYR LA 319 -14.11 29.76 -82.23
N ASP LA 320 -13.23 29.15 -81.44
CA ASP LA 320 -12.23 29.88 -80.68
C ASP LA 320 -10.89 29.76 -81.39
N THR LA 321 -10.27 30.90 -81.67
CA THR LA 321 -9.04 30.93 -82.47
C THR LA 321 -7.78 30.74 -81.64
N THR LA 322 -7.88 30.71 -80.31
CA THR LA 322 -6.72 30.48 -79.47
C THR LA 322 -6.76 29.15 -78.72
N ASN LA 323 -7.92 28.50 -78.65
CA ASN LA 323 -8.05 27.17 -78.05
C ASN LA 323 -8.79 26.28 -79.05
N PRO LA 324 -8.09 25.81 -80.09
CA PRO LA 324 -8.78 25.10 -81.17
C PRO LA 324 -9.27 23.71 -80.78
N GLN LA 325 -9.06 23.32 -79.52
CA GLN LA 325 -9.51 22.02 -79.07
C GLN LA 325 -11.04 21.91 -79.03
N TYR LA 326 -11.73 22.99 -78.68
CA TYR LA 326 -13.15 22.93 -78.36
C TYR LA 326 -14.04 23.41 -79.49
N ASN LA 327 -13.51 23.53 -80.71
CA ASN LA 327 -14.34 23.94 -81.83
C ASN LA 327 -15.41 22.88 -82.11
N SER LA 328 -16.56 23.34 -82.60
CA SER LA 328 -17.65 22.44 -82.93
C SER LA 328 -18.33 22.86 -84.24
N VAL LA 329 -17.82 23.91 -84.88
CA VAL LA 329 -18.38 24.43 -86.13
C VAL LA 329 -17.24 24.83 -87.05
N SER LA 330 -17.40 24.59 -88.36
CA SER LA 330 -16.31 24.78 -89.30
C SER LA 330 -15.86 26.24 -89.36
N ARG LA 331 -16.80 27.18 -89.39
CA ARG LA 331 -16.45 28.58 -89.59
C ARG LA 331 -17.20 29.47 -88.61
N GLN LA 332 -16.61 30.62 -88.34
CA GLN LA 332 -17.26 31.63 -87.51
C GLN LA 332 -18.40 32.30 -88.28
N VAL LA 333 -19.36 32.85 -87.52
CA VAL LA 333 -20.47 33.59 -88.11
C VAL LA 333 -20.11 35.07 -88.02
N GLU LA 334 -19.97 35.69 -89.18
CA GLU LA 334 -19.70 37.12 -89.26
C GLU LA 334 -21.00 37.89 -89.46
N ALA LA 335 -20.88 39.21 -89.59
CA ALA LA 335 -22.05 40.03 -89.86
C ALA LA 335 -22.54 39.82 -91.29
N GLY LA 336 -23.86 39.90 -91.47
CA GLY LA 336 -24.45 39.75 -92.78
C GLY LA 336 -24.65 38.32 -93.24
N ASP LA 337 -24.31 37.34 -92.41
CA ASP LA 337 -24.53 35.95 -92.78
C ASP LA 337 -26.02 35.61 -92.75
N ALA LA 338 -26.41 34.67 -93.60
CA ALA LA 338 -27.81 34.38 -93.84
C ALA LA 338 -28.32 33.32 -92.86
N VAL LA 339 -29.46 33.60 -92.24
CA VAL LA 339 -30.14 32.66 -91.35
C VAL LA 339 -31.55 32.43 -91.88
N SER LA 340 -32.20 31.42 -91.32
CA SER LA 340 -33.59 31.13 -91.65
C SER LA 340 -34.25 30.52 -90.43
N VAL LA 341 -35.58 30.52 -90.42
CA VAL LA 341 -36.36 29.92 -89.35
C VAL LA 341 -37.16 28.78 -89.94
N VAL LA 342 -37.08 27.61 -89.31
CA VAL LA 342 -37.75 26.43 -89.85
C VAL LA 342 -39.19 26.40 -89.34
N GLY LA 343 -40.13 26.14 -90.23
CA GLY LA 343 -41.52 26.00 -89.86
C GLY LA 343 -42.41 26.80 -90.80
N THR LA 344 -43.49 27.34 -90.22
CA THR LA 344 -44.48 28.10 -90.97
C THR LA 344 -44.78 29.36 -90.15
N ALA LA 345 -45.47 30.32 -90.78
CA ALA LA 345 -45.67 31.63 -90.19
C ALA LA 345 -46.32 31.54 -88.81
N SER LA 346 -47.45 30.84 -88.72
CA SER LA 346 -48.15 30.73 -87.45
C SER LA 346 -48.71 29.32 -87.22
N GLN LA 347 -48.02 28.31 -87.74
CA GLN LA 347 -48.51 26.95 -87.60
C GLN LA 347 -48.44 26.49 -86.14
N THR LA 348 -49.31 25.55 -85.80
CA THR LA 348 -49.29 24.88 -84.50
C THR LA 348 -49.20 23.37 -84.75
N MET LA 349 -48.46 22.68 -83.90
CA MET LA 349 -48.21 21.26 -84.11
C MET LA 349 -47.85 20.61 -82.78
N LYS LA 350 -47.69 19.29 -82.84
CA LYS LA 350 -47.25 18.51 -81.68
C LYS LA 350 -45.91 17.88 -82.01
N PRO LA 351 -44.79 18.43 -81.55
CA PRO LA 351 -43.49 18.01 -82.06
C PRO LA 351 -43.06 16.66 -81.51
N ASN LA 352 -42.50 15.84 -82.39
CA ASN LA 352 -41.83 14.61 -82.00
C ASN LA 352 -40.46 14.94 -81.42
N LEU LA 353 -39.93 14.01 -80.62
CA LEU LA 353 -38.67 14.27 -79.93
C LEU LA 353 -37.72 13.11 -80.17
N PHE LA 354 -36.42 13.41 -80.06
CA PHE LA 354 -35.39 12.37 -80.08
C PHE LA 354 -34.20 12.89 -79.30
N TYR LA 355 -33.51 11.99 -78.59
CA TYR LA 355 -32.46 12.43 -77.68
C TYR LA 355 -31.60 11.25 -77.28
N ASN LA 356 -30.52 11.54 -76.59
CA ASN LA 356 -29.69 10.55 -75.92
C ASN LA 356 -30.10 10.45 -74.45
N LYS LA 357 -29.52 9.47 -73.75
CA LYS LA 357 -29.83 9.30 -72.34
C LYS LA 357 -29.35 10.48 -71.51
N PHE LA 358 -28.19 11.03 -71.84
CA PHE LA 358 -27.54 12.07 -71.05
C PHE LA 358 -27.78 13.46 -71.61
N PHE LA 359 -28.96 13.71 -72.18
CA PHE LA 359 -29.27 15.04 -72.69
C PHE LA 359 -29.92 15.89 -71.59
N CYS LA 360 -30.98 15.38 -70.97
CA CYS LA 360 -31.67 16.04 -69.89
C CYS LA 360 -31.69 15.14 -68.67
N GLY LA 361 -31.96 15.73 -67.51
CA GLY LA 361 -32.02 14.99 -66.27
C GLY LA 361 -33.12 15.51 -65.36
N LEU LA 362 -33.74 14.57 -64.65
CA LEU LA 362 -34.91 14.85 -63.82
C LEU LA 362 -34.66 14.37 -62.40
N GLY LA 363 -35.09 15.17 -61.43
CA GLY LA 363 -35.04 14.77 -60.03
C GLY LA 363 -36.26 15.28 -59.31
N SER LA 364 -36.60 14.60 -58.21
CA SER LA 364 -37.79 14.90 -57.43
C SER LA 364 -37.40 14.99 -55.96
N ILE LA 365 -37.34 16.21 -55.44
CA ILE LA 365 -37.00 16.40 -54.02
C ILE LA 365 -38.28 16.37 -53.20
N PRO LA 366 -38.42 15.47 -52.22
CA PRO LA 366 -39.60 15.49 -51.37
C PRO LA 366 -39.50 16.59 -50.31
N LEU LA 367 -40.66 16.95 -49.75
CA LEU LA 367 -40.73 18.04 -48.81
C LEU LA 367 -40.45 17.56 -47.38
N PRO LA 368 -39.95 18.42 -46.52
CA PRO LA 368 -39.73 18.04 -45.11
C PRO LA 368 -40.99 18.20 -44.27
N LYS LA 369 -41.05 17.40 -43.22
CA LYS LA 369 -42.22 17.38 -42.35
C LYS LA 369 -42.26 18.65 -41.49
N LEU LA 370 -43.48 19.11 -41.21
CA LEU LA 370 -43.69 20.34 -40.47
C LEU LA 370 -43.85 20.03 -38.98
N HIS LA 371 -43.93 21.10 -38.19
CA HIS LA 371 -44.01 20.97 -36.74
C HIS LA 371 -45.44 20.68 -36.32
N SER LA 372 -45.66 19.51 -35.73
CA SER LA 372 -46.93 19.12 -35.12
C SER LA 372 -48.09 19.22 -36.12
N ILE LA 373 -47.90 18.58 -37.27
CA ILE LA 373 -48.93 18.46 -38.29
C ILE LA 373 -48.98 17.01 -38.75
N ASP LA 374 -50.17 16.43 -38.80
CA ASP LA 374 -50.31 15.07 -39.29
C ASP LA 374 -49.87 14.99 -40.74
N SER LA 375 -49.04 13.99 -41.05
CA SER LA 375 -48.45 13.87 -42.37
C SER LA 375 -48.35 12.40 -42.73
N ALA LA 376 -48.22 12.15 -44.03
CA ALA LA 376 -48.06 10.80 -44.55
C ALA LA 376 -47.34 10.88 -45.89
N VAL LA 377 -46.79 9.75 -46.33
CA VAL LA 377 -46.02 9.65 -47.56
C VAL LA 377 -46.62 8.56 -48.43
N ALA LA 378 -46.94 8.91 -49.67
CA ALA LA 378 -47.46 7.97 -50.65
C ALA LA 378 -46.47 7.81 -51.79
N THR LA 379 -46.56 6.69 -52.49
CA THR LA 379 -45.67 6.37 -53.59
C THR LA 379 -46.47 6.09 -54.85
N TYR LA 380 -46.06 6.75 -55.94
CA TYR LA 380 -46.70 6.53 -57.24
C TYR LA 380 -45.63 6.58 -58.31
N GLU LA 381 -45.42 5.45 -58.99
CA GLU LA 381 -44.54 5.38 -60.16
C GLU LA 381 -43.14 5.91 -59.86
N GLY LA 382 -42.61 5.49 -58.71
CA GLY LA 382 -41.27 5.91 -58.33
C GLY LA 382 -41.18 7.32 -57.80
N PHE LA 383 -42.31 7.97 -57.54
CA PHE LA 383 -42.34 9.33 -57.01
C PHE LA 383 -42.94 9.31 -55.61
N SER LA 384 -42.31 10.01 -54.69
CA SER LA 384 -42.79 10.13 -53.32
C SER LA 384 -43.54 11.45 -53.16
N ILE LA 385 -44.77 11.38 -52.67
CA ILE LA 385 -45.62 12.55 -52.50
C ILE LA 385 -46.00 12.65 -51.03
N ARG LA 386 -45.84 13.83 -50.45
CA ARG LA 386 -46.12 14.06 -49.05
C ARG LA 386 -47.47 14.76 -48.90
N VAL LA 387 -48.30 14.24 -47.99
CA VAL LA 387 -49.62 14.78 -47.71
C VAL LA 387 -49.65 15.27 -46.27
N HIS LA 388 -50.21 16.46 -46.05
CA HIS LA 388 -50.29 17.03 -44.68
C HIS LA 388 -51.75 17.36 -44.37
N LYS LA 389 -52.24 17.01 -43.18
CA LYS LA 389 -53.64 17.29 -42.80
C LYS LA 389 -53.66 18.28 -41.64
N TYR LA 390 -54.40 19.38 -41.75
CA TYR LA 390 -54.43 20.43 -40.70
C TYR LA 390 -55.85 20.98 -40.60
N ALA LA 391 -56.17 21.75 -39.56
CA ALA LA 391 -57.58 22.16 -39.40
C ALA LA 391 -57.70 23.54 -38.76
N ASP LA 392 -58.86 24.20 -38.93
CA ASP LA 392 -59.13 25.52 -38.29
C ASP LA 392 -60.21 25.35 -37.22
N GLY LA 393 -59.87 25.52 -35.94
CA GLY LA 393 -60.83 25.22 -34.87
C GLY LA 393 -62.08 26.08 -34.88
N ASP LA 394 -61.95 27.39 -35.06
CA ASP LA 394 -63.14 28.28 -34.96
C ASP LA 394 -64.12 27.99 -36.09
N ALA LA 395 -63.64 27.76 -37.30
CA ALA LA 395 -64.56 27.63 -38.46
C ALA LA 395 -65.03 26.20 -38.71
N ASN LA 396 -64.59 25.24 -37.89
CA ASN LA 396 -65.03 23.83 -38.05
C ASN LA 396 -64.72 23.33 -39.46
N VAL LA 397 -63.52 23.62 -39.99
CA VAL LA 397 -63.13 23.14 -41.35
C VAL LA 397 -61.90 22.23 -41.26
N GLN LA 398 -61.78 21.27 -42.19
CA GLN LA 398 -60.63 20.33 -42.20
C GLN LA 398 -59.98 20.40 -43.59
N LYS LA 399 -58.64 20.36 -43.69
CA LYS LA 399 -57.98 20.55 -45.00
C LYS LA 399 -56.86 19.53 -45.28
N MET LA 400 -56.60 19.17 -46.56
CA MET LA 400 -55.48 18.31 -46.91
C MET LA 400 -54.71 18.95 -48.05
N ARG LA 401 -53.39 18.73 -48.06
CA ARG LA 401 -52.56 19.24 -49.14
C ARG LA 401 -51.51 18.20 -49.51
N PHE LA 402 -51.35 17.99 -50.82
CA PHE LA 402 -50.34 17.09 -51.37
C PHE LA 402 -49.31 17.92 -52.10
N ASP LA 403 -48.02 17.66 -51.84
CA ASP LA 403 -46.97 18.50 -52.36
C ASP LA 403 -45.87 17.68 -53.02
N LEU LA 404 -45.23 18.29 -54.02
CA LEU LA 404 -44.07 17.71 -54.68
C LEU LA 404 -43.18 18.82 -55.19
N LEU LA 405 -41.90 18.52 -55.40
CA LEU LA 405 -40.92 19.49 -55.88
C LEU LA 405 -40.07 18.89 -56.98
N PRO LA 406 -40.16 19.38 -58.22
CA PRO LA 406 -39.34 18.84 -59.30
C PRO LA 406 -38.05 19.61 -59.51
N ALA LA 407 -37.15 19.07 -60.32
CA ALA LA 407 -35.91 19.75 -60.68
C ALA LA 407 -35.39 19.19 -61.99
N TYR LA 408 -34.99 20.07 -62.90
CA TYR LA 408 -34.53 19.68 -64.22
C TYR LA 408 -33.13 20.22 -64.49
N VAL LA 409 -32.33 19.42 -65.18
CA VAL LA 409 -31.00 19.83 -65.62
C VAL LA 409 -30.88 19.53 -67.11
N CYS LA 410 -30.07 20.34 -67.79
CA CYS LA 410 -29.79 20.15 -69.21
C CYS LA 410 -28.29 19.96 -69.36
N PHE LA 411 -27.86 18.71 -69.55
CA PHE LA 411 -26.44 18.42 -69.54
C PHE LA 411 -25.75 18.97 -70.78
N ASN LA 412 -26.14 18.49 -71.96
CA ASN LA 412 -25.52 18.94 -73.19
C ASN LA 412 -26.59 19.13 -74.26
N PRO LA 413 -26.81 20.38 -74.70
CA PRO LA 413 -27.89 20.61 -75.69
C PRO LA 413 -27.65 19.93 -77.02
N HIS LA 414 -26.42 19.52 -77.33
CA HIS LA 414 -26.10 18.91 -78.61
C HIS LA 414 -26.35 17.41 -78.64
N MET LA 415 -27.24 16.90 -77.78
CA MET LA 415 -27.52 15.47 -77.69
C MET LA 415 -29.02 15.21 -77.74
N GLY LA 416 -29.77 16.08 -78.42
CA GLY LA 416 -31.20 15.89 -78.53
C GLY LA 416 -31.82 16.99 -79.35
N GLY LA 417 -33.09 16.80 -79.67
CA GLY LA 417 -33.83 17.79 -80.45
C GLY LA 417 -35.16 17.22 -80.92
N GLN LA 418 -35.73 17.89 -81.92
CA GLN LA 418 -37.00 17.51 -82.51
C GLN LA 418 -36.76 17.09 -83.97
N PHE LA 419 -37.47 16.06 -84.41
CA PHE LA 419 -37.31 15.53 -85.76
C PHE LA 419 -38.67 15.44 -86.44
N PHE LA 420 -38.68 15.72 -87.74
CA PHE LA 420 -39.89 15.62 -88.56
C PHE LA 420 -39.54 14.91 -89.86
N GLY LA 421 -40.57 14.47 -90.58
CA GLY LA 421 -40.38 13.80 -91.84
C GLY LA 421 -39.98 14.73 -92.96
N ASN LA 422 -38.80 14.53 -93.53
CA ASN LA 422 -38.36 15.39 -94.62
C ASN LA 422 -39.02 14.97 -95.93
N PRO LA 423 -39.20 15.91 -96.88
CA PRO LA 423 -39.81 15.58 -98.17
C PRO LA 423 -38.80 15.03 -99.17
N SER MA 10 -9.17 38.48 54.50
CA SER MA 10 -10.46 39.06 54.17
C SER MA 10 -10.88 38.67 52.76
N GLN MA 11 -10.17 37.70 52.18
CA GLN MA 11 -10.49 37.18 50.86
C GLN MA 11 -10.92 35.72 50.93
N ILE MA 12 -10.20 34.89 51.68
CA ILE MA 12 -10.58 33.48 51.83
C ILE MA 12 -11.71 33.40 52.85
N VAL MA 13 -12.77 32.67 52.48
CA VAL MA 13 -13.94 32.49 53.34
C VAL MA 13 -14.28 31.01 53.39
N LEU MA 14 -14.44 30.49 54.60
CA LEU MA 14 -14.90 29.12 54.77
C LEU MA 14 -16.38 29.00 54.41
N LYS MA 15 -16.76 27.85 53.88
CA LYS MA 15 -18.15 27.58 53.55
C LYS MA 15 -19.00 27.30 54.78
N LYS MA 16 -18.45 26.68 55.81
CA LYS MA 16 -19.20 26.25 56.98
C LYS MA 16 -19.66 27.46 57.76
N PHE MA 17 -20.98 27.56 57.98
CA PHE MA 17 -21.53 28.63 58.79
C PHE MA 17 -21.19 28.40 60.25
N LEU MA 18 -20.90 29.49 60.97
CA LEU MA 18 -20.60 29.40 62.38
C LEU MA 18 -21.85 29.01 63.17
N PRO MA 19 -21.67 28.26 64.26
CA PRO MA 19 -22.83 27.86 65.06
C PRO MA 19 -23.52 29.04 65.71
N GLY MA 20 -24.83 28.91 65.89
CA GLY MA 20 -25.62 29.97 66.49
C GLY MA 20 -26.25 29.57 67.81
N PHE MA 21 -27.36 30.22 68.16
CA PHE MA 21 -28.07 29.96 69.40
C PHE MA 21 -29.39 29.27 69.11
N MET MA 22 -29.77 28.34 69.97
CA MET MA 22 -30.96 27.53 69.77
C MET MA 22 -31.81 27.54 71.02
N SER MA 23 -33.13 27.59 70.84
CA SER MA 23 -34.08 27.44 71.93
C SER MA 23 -34.40 25.96 72.10
N ASP MA 24 -35.43 25.65 72.88
CA ASP MA 24 -35.83 24.26 73.12
C ASP MA 24 -37.33 24.11 72.97
N LEU MA 25 -37.74 22.88 72.65
CA LEU MA 25 -39.11 22.56 72.27
C LEU MA 25 -39.65 21.49 73.22
N VAL MA 26 -40.41 21.90 74.23
CA VAL MA 26 -40.93 20.94 75.20
C VAL MA 26 -42.45 21.05 75.32
N LEU MA 27 -43.00 22.24 75.09
CA LEU MA 27 -44.42 22.46 75.33
C LEU MA 27 -45.27 21.70 74.31
N ALA MA 28 -44.90 21.78 73.03
CA ALA MA 28 -45.63 21.05 72.00
C ALA MA 28 -45.52 19.55 72.22
N LYS MA 29 -44.38 19.08 72.72
CA LYS MA 29 -44.24 17.67 73.05
C LYS MA 29 -45.15 17.25 74.18
N THR MA 30 -45.26 18.05 75.24
CA THR MA 30 -46.06 17.65 76.39
C THR MA 30 -47.56 17.80 76.18
N VAL MA 31 -48.00 18.80 75.41
CA VAL MA 31 -49.43 19.03 75.23
C VAL MA 31 -50.07 17.88 74.47
N ASP MA 32 -51.39 17.82 74.46
CA ASP MA 32 -52.13 16.71 73.87
C ASP MA 32 -52.20 16.89 72.36
N ARG MA 33 -51.70 15.90 71.64
CA ARG MA 33 -51.74 15.87 70.17
C ARG MA 33 -52.47 14.63 69.67
N GLN MA 34 -53.34 14.07 70.51
CA GLN MA 34 -54.00 12.80 70.23
C GLN MA 34 -55.40 12.98 69.67
N LEU MA 35 -56.26 13.71 70.38
CA LEU MA 35 -57.68 13.79 70.00
C LEU MA 35 -57.88 14.61 68.74
N LEU MA 36 -57.22 15.77 68.65
CA LEU MA 36 -57.38 16.67 67.50
C LEU MA 36 -56.19 16.45 66.57
N ALA MA 37 -56.40 15.60 65.57
CA ALA MA 37 -55.37 15.31 64.57
C ALA MA 37 -56.06 14.76 63.34
N GLY MA 38 -55.98 15.49 62.22
CA GLY MA 38 -56.71 15.10 61.03
C GLY MA 38 -58.20 15.28 61.15
N GLU MA 39 -58.66 16.09 62.11
CA GLU MA 39 -60.07 16.36 62.29
C GLU MA 39 -60.53 17.65 61.63
N ILE MA 40 -59.63 18.61 61.42
CA ILE MA 40 -59.95 19.81 60.64
C ILE MA 40 -59.64 19.47 59.19
N ASN MA 41 -60.60 18.87 58.51
CA ASN MA 41 -60.48 18.52 57.11
C ASN MA 41 -61.22 19.56 56.27
N SER MA 42 -61.32 19.31 54.97
CA SER MA 42 -62.05 20.22 54.09
C SER MA 42 -63.57 20.11 54.26
N SER MA 43 -64.05 19.08 54.95
CA SER MA 43 -65.48 18.91 55.17
C SER MA 43 -65.92 19.44 56.52
N THR MA 44 -65.06 19.39 57.52
CA THR MA 44 -65.44 19.82 58.87
C THR MA 44 -65.74 21.31 58.91
N GLY MA 45 -64.94 22.12 58.25
CA GLY MA 45 -65.18 23.56 58.26
C GLY MA 45 -64.06 24.35 58.91
N ASP MA 46 -64.42 25.41 59.62
CA ASP MA 46 -63.44 26.30 60.23
C ASP MA 46 -63.35 26.07 61.74
N SER MA 47 -64.02 25.05 62.26
CA SER MA 47 -64.02 24.79 63.69
C SER MA 47 -64.55 23.38 63.93
N VAL MA 48 -64.18 22.80 65.08
CA VAL MA 48 -64.63 21.46 65.43
C VAL MA 48 -64.89 21.41 66.94
N SER MA 49 -65.88 20.62 67.33
CA SER MA 49 -66.32 20.62 68.72
C SER MA 49 -66.29 19.21 69.31
N PHE MA 50 -65.96 19.14 70.59
CA PHE MA 50 -65.98 17.91 71.38
C PHE MA 50 -67.05 18.01 72.46
N LYS MA 51 -67.45 16.85 72.98
CA LYS MA 51 -68.51 16.76 73.98
C LYS MA 51 -67.95 16.99 75.38
N ARG MA 52 -68.85 17.07 76.35
CA ARG MA 52 -68.49 17.27 77.75
C ARG MA 52 -69.19 16.23 78.61
N PRO MA 53 -68.59 15.84 79.73
CA PRO MA 53 -69.21 14.84 80.60
C PRO MA 53 -70.43 15.39 81.33
N HIS MA 54 -71.23 14.46 81.84
CA HIS MA 54 -72.45 14.79 82.56
C HIS MA 54 -72.25 14.62 84.07
N GLN MA 55 -73.09 15.31 84.83
CA GLN MA 55 -73.06 15.26 86.29
C GLN MA 55 -74.49 15.18 86.82
N PHE MA 56 -74.63 14.54 87.97
CA PHE MA 56 -75.95 14.25 88.54
C PHE MA 56 -75.98 14.56 90.02
N SER MA 57 -77.18 14.80 90.55
CA SER MA 57 -77.39 15.05 91.97
C SER MA 57 -78.58 14.22 92.44
N SER MA 58 -78.57 13.90 93.72
CA SER MA 58 -79.54 12.98 94.30
C SER MA 58 -80.45 13.69 95.30
N LEU MA 59 -81.47 12.96 95.74
CA LEU MA 59 -82.44 13.46 96.70
C LEU MA 59 -82.42 12.58 97.95
N ARG MA 60 -82.97 13.11 99.05
CA ARG MA 60 -82.98 12.44 100.34
C ARG MA 60 -84.39 12.49 100.91
N THR MA 61 -85.15 11.42 100.74
CA THR MA 61 -86.48 11.30 101.30
C THR MA 61 -86.67 9.91 101.90
N PRO MA 62 -87.48 9.79 102.95
CA PRO MA 62 -87.69 8.49 103.61
C PRO MA 62 -88.84 7.64 103.06
N THR MA 63 -89.36 7.93 101.87
CA THR MA 63 -90.53 7.25 101.35
C THR MA 63 -90.23 6.65 99.98
N GLY MA 64 -91.03 5.65 99.60
CA GLY MA 64 -90.74 4.86 98.42
C GLY MA 64 -91.73 4.92 97.27
N ASP MA 65 -93.01 5.13 97.55
CA ASP MA 65 -94.02 5.24 96.50
C ASP MA 65 -94.16 6.70 96.05
N ILE MA 66 -93.02 7.26 95.65
CA ILE MA 66 -92.90 8.68 95.35
C ILE MA 66 -92.55 8.88 93.88
N SER MA 67 -93.10 8.03 93.01
CA SER MA 67 -92.81 8.04 91.59
C SER MA 67 -93.00 9.41 90.94
N GLY MA 68 -93.70 10.32 91.61
CA GLY MA 68 -93.87 11.68 91.09
C GLY MA 68 -93.19 12.72 91.96
N GLN MA 69 -92.12 13.32 91.45
CA GLN MA 69 -91.31 14.27 92.21
C GLN MA 69 -90.56 15.18 91.24
N ASN MA 70 -89.56 15.90 91.75
CA ASN MA 70 -88.77 16.84 90.97
C ASN MA 70 -87.48 16.13 90.55
N LYS MA 71 -87.41 15.71 89.28
CA LYS MA 71 -86.31 14.91 88.77
C LYS MA 71 -85.15 15.80 88.37
N ASN MA 72 -84.16 15.21 87.71
CA ASN MA 72 -82.98 15.93 87.25
C ASN MA 72 -83.21 16.51 85.87
N ASN MA 73 -82.14 17.03 85.26
CA ASN MA 73 -82.20 17.55 83.90
C ASN MA 73 -80.94 17.14 83.16
N LEU MA 74 -81.03 17.11 81.83
CA LEU MA 74 -79.92 16.71 80.98
C LEU MA 74 -79.54 17.90 80.12
N ILE MA 75 -78.32 18.41 80.32
CA ILE MA 75 -77.77 19.53 79.57
C ILE MA 75 -76.46 19.07 78.95
N SER MA 76 -76.31 19.32 77.66
CA SER MA 76 -75.12 18.91 76.91
C SER MA 76 -74.21 20.11 76.68
N GLY MA 77 -72.92 19.92 76.91
CA GLY MA 77 -71.92 20.94 76.70
C GLY MA 77 -71.06 20.67 75.47
N LYS MA 78 -70.23 21.66 75.16
CA LYS MA 78 -69.36 21.60 74.00
C LYS MA 78 -68.03 22.26 74.31
N ALA MA 79 -67.00 21.88 73.56
CA ALA MA 79 -65.69 22.51 73.63
C ALA MA 79 -65.19 22.69 72.21
N THR MA 80 -65.04 23.93 71.77
CA THR MA 80 -64.77 24.24 70.38
C THR MA 80 -63.30 24.58 70.16
N GLY MA 81 -62.72 24.01 69.11
CA GLY MA 81 -61.35 24.27 68.71
C GLY MA 81 -61.32 24.85 67.31
N ARG MA 82 -60.41 25.78 67.08
CA ARG MA 82 -60.37 26.58 65.86
C ARG MA 82 -58.95 26.64 65.33
N VAL MA 83 -58.77 27.36 64.23
CA VAL MA 83 -57.47 27.53 63.60
C VAL MA 83 -56.94 28.91 63.95
N GLY MA 84 -55.63 29.08 63.76
CA GLY MA 84 -54.97 30.34 64.03
C GLY MA 84 -54.51 31.05 62.77
N ASN MA 85 -53.70 32.07 62.96
CA ASN MA 85 -53.17 32.83 61.84
C ASN MA 85 -51.94 32.13 61.26
N TYR MA 86 -51.55 32.56 60.06
CA TYR MA 86 -50.41 31.96 59.38
C TYR MA 86 -49.11 32.32 60.07
N ILE MA 87 -48.20 31.35 60.13
CA ILE MA 87 -46.83 31.59 60.59
C ILE MA 87 -45.96 31.67 59.34
N THR MA 88 -45.72 32.90 58.87
CA THR MA 88 -45.11 33.11 57.56
C THR MA 88 -43.78 33.82 57.72
N VAL MA 89 -42.75 33.31 57.05
CA VAL MA 89 -41.48 34.00 56.88
C VAL MA 89 -41.18 34.07 55.40
N ALA MA 90 -40.87 35.27 54.91
CA ALA MA 90 -40.63 35.50 53.50
C ALA MA 90 -39.43 36.40 53.32
N VAL MA 91 -38.60 36.11 52.32
CA VAL MA 91 -37.41 36.90 52.04
C VAL MA 91 -37.42 37.31 50.58
N GLU MA 92 -36.86 38.48 50.30
CA GLU MA 92 -36.63 38.94 48.94
C GLU MA 92 -35.14 39.23 48.80
N TYR MA 93 -34.58 38.84 47.66
CA TYR MA 93 -33.13 38.88 47.53
C TYR MA 93 -32.75 38.96 46.06
N GLN MA 94 -31.44 38.94 45.83
CA GLN MA 94 -30.87 38.83 44.49
C GLN MA 94 -30.23 37.45 44.38
N GLN MA 95 -30.71 36.65 43.42
CA GLN MA 95 -30.28 35.26 43.34
C GLN MA 95 -28.79 35.13 43.06
N LEU MA 96 -28.17 36.11 42.41
CA LEU MA 96 -26.74 36.03 42.14
C LEU MA 96 -25.93 36.17 43.42
N GLU MA 97 -26.22 37.20 44.23
CA GLU MA 97 -25.55 37.35 45.51
C GLU MA 97 -25.89 36.21 46.46
N GLU MA 98 -27.08 35.61 46.32
CA GLU MA 98 -27.40 34.46 47.15
C GLU MA 98 -26.60 33.23 46.75
N ALA MA 99 -26.48 32.98 45.44
CA ALA MA 99 -25.84 31.78 44.93
C ALA MA 99 -24.33 31.95 44.73
N ILE MA 100 -23.76 33.09 45.11
CA ILE MA 100 -22.30 33.20 45.14
C ILE MA 100 -21.72 32.05 45.96
N LYS MA 101 -22.34 31.76 47.11
CA LYS MA 101 -21.81 30.75 48.01
C LYS MA 101 -22.88 29.79 48.53
N LEU MA 102 -24.12 29.90 48.07
CA LEU MA 102 -25.23 29.09 48.57
C LEU MA 102 -26.03 28.54 47.38
N ASN MA 103 -25.70 27.33 46.96
CA ASN MA 103 -26.45 26.68 45.90
C ASN MA 103 -27.64 25.93 46.48
N GLN MA 104 -28.74 25.91 45.72
CA GLN MA 104 -29.99 25.23 46.07
C GLN MA 104 -30.69 25.89 47.27
N LEU MA 105 -30.05 26.89 47.88
CA LEU MA 105 -30.59 27.60 49.04
C LEU MA 105 -30.89 26.63 50.19
N GLU MA 106 -29.95 25.72 50.44
CA GLU MA 106 -30.04 24.83 51.58
C GLU MA 106 -29.40 25.39 52.84
N GLU MA 107 -28.72 26.53 52.74
CA GLU MA 107 -28.13 27.14 53.93
C GLU MA 107 -29.14 28.04 54.65
N ILE MA 108 -30.03 28.67 53.89
CA ILE MA 108 -31.06 29.52 54.49
C ILE MA 108 -32.08 28.68 55.24
N LEU MA 109 -32.16 27.39 54.92
CA LEU MA 109 -33.18 26.52 55.51
C LEU MA 109 -33.00 26.37 57.00
N ALA MA 110 -31.75 26.22 57.45
CA ALA MA 110 -31.50 25.89 58.85
C ALA MA 110 -32.05 26.92 59.83
N PRO MA 111 -31.84 28.24 59.67
CA PRO MA 111 -32.36 29.17 60.68
C PRO MA 111 -33.79 29.62 60.43
N VAL MA 112 -34.52 28.93 59.57
CA VAL MA 112 -35.89 29.29 59.24
C VAL MA 112 -36.90 28.38 59.95
N ARG MA 113 -36.71 27.07 59.85
CA ARG MA 113 -37.61 26.15 60.54
C ARG MA 113 -37.54 26.34 62.05
N GLN MA 114 -36.33 26.62 62.56
CA GLN MA 114 -36.19 26.93 63.98
C GLN MA 114 -36.98 28.18 64.36
N ARG MA 115 -36.93 29.22 63.53
CA ARG MA 115 -37.72 30.41 63.80
C ARG MA 115 -39.21 30.09 63.81
N ILE MA 116 -39.66 29.28 62.85
CA ILE MA 116 -41.07 28.93 62.76
C ILE MA 116 -41.52 28.21 64.03
N VAL MA 117 -40.78 27.19 64.44
CA VAL MA 117 -41.21 26.41 65.60
C VAL MA 117 -41.07 27.24 66.88
N THR MA 118 -40.07 28.11 66.95
CA THR MA 118 -39.93 28.99 68.11
C THR MA 118 -41.14 29.91 68.25
N ASP MA 119 -41.58 30.50 67.13
CA ASP MA 119 -42.76 31.35 67.19
C ASP MA 119 -44.00 30.54 67.52
N LEU MA 120 -44.09 29.31 67.01
CA LEU MA 120 -45.24 28.46 67.31
C LEU MA 120 -45.33 28.19 68.80
N GLU MA 121 -44.21 27.83 69.44
CA GLU MA 121 -44.27 27.58 70.87
C GLU MA 121 -44.42 28.84 71.70
N THR MA 122 -43.91 29.99 71.23
CA THR MA 122 -44.18 31.23 71.94
C THR MA 122 -45.67 31.53 71.95
N GLU MA 123 -46.33 31.37 70.80
CA GLU MA 123 -47.77 31.55 70.74
C GLU MA 123 -48.50 30.53 71.61
N LEU MA 124 -48.05 29.27 71.62
CA LEU MA 124 -48.70 28.26 72.44
C LEU MA 124 -48.57 28.58 73.92
N ALA MA 125 -47.39 29.05 74.36
CA ALA MA 125 -47.22 29.41 75.76
C ALA MA 125 -48.08 30.60 76.12
N HIS MA 126 -48.17 31.60 75.23
CA HIS MA 126 -49.07 32.73 75.47
C HIS MA 126 -50.51 32.27 75.62
N PHE MA 127 -50.95 31.37 74.73
CA PHE MA 127 -52.32 30.87 74.78
C PHE MA 127 -52.58 30.11 76.08
N MET MA 128 -51.63 29.26 76.48
CA MET MA 128 -51.81 28.48 77.71
C MET MA 128 -51.88 29.37 78.93
N MET MA 129 -50.97 30.36 79.04
CA MET MA 129 -51.01 31.23 80.20
C MET MA 129 -52.17 32.21 80.16
N ASN MA 130 -52.75 32.46 78.98
CA ASN MA 130 -53.93 33.31 78.90
C ASN MA 130 -55.20 32.55 79.26
N ASN MA 131 -55.25 31.25 78.98
CA ASN MA 131 -56.47 30.49 79.21
C ASN MA 131 -56.44 29.65 80.48
N GLY MA 132 -55.30 29.52 81.15
CA GLY MA 132 -55.27 28.83 82.42
C GLY MA 132 -56.00 29.61 83.50
N ALA MA 133 -56.60 28.89 84.44
CA ALA MA 133 -57.45 29.49 85.46
C ALA MA 133 -56.81 29.44 86.84
N LEU MA 134 -56.22 28.30 87.21
CA LEU MA 134 -55.68 28.14 88.55
C LEU MA 134 -54.47 29.04 88.77
N SER MA 135 -54.26 29.45 90.02
CA SER MA 135 -53.12 30.27 90.39
C SER MA 135 -52.58 29.81 91.73
N LEU MA 136 -51.28 30.02 91.94
CA LEU MA 136 -50.62 29.59 93.16
C LEU MA 136 -49.45 30.52 93.46
N GLY MA 137 -49.26 30.83 94.75
CA GLY MA 137 -48.14 31.63 95.20
C GLY MA 137 -48.17 33.08 94.75
N SER MA 138 -47.33 33.91 95.37
CA SER MA 138 -47.20 35.30 94.97
C SER MA 138 -46.22 35.43 93.81
N PRO MA 139 -46.55 36.26 92.82
CA PRO MA 139 -45.68 36.37 91.64
C PRO MA 139 -44.27 36.84 91.95
N ASN MA 140 -44.07 37.58 93.04
CA ASN MA 140 -42.76 38.15 93.31
C ASN MA 140 -41.73 37.07 93.62
N THR MA 141 -42.04 36.16 94.53
CA THR MA 141 -41.03 35.25 95.04
C THR MA 141 -40.69 34.18 94.01
N PRO MA 142 -39.40 33.91 93.78
CA PRO MA 142 -39.02 32.82 92.87
C PRO MA 142 -39.15 31.45 93.52
N ILE MA 143 -38.82 30.40 92.79
CA ILE MA 143 -38.89 29.03 93.28
C ILE MA 143 -37.56 28.68 93.95
N THR MA 144 -37.62 28.29 95.21
CA THR MA 144 -36.40 27.98 95.94
C THR MA 144 -36.42 26.62 96.63
N LYS MA 145 -37.56 26.19 97.16
CA LYS MA 145 -37.60 24.97 97.96
C LYS MA 145 -38.45 23.88 97.34
N TRP MA 146 -38.54 22.74 98.03
CA TRP MA 146 -39.23 21.58 97.47
C TRP MA 146 -40.74 21.73 97.51
N SER MA 147 -41.25 22.42 98.54
CA SER MA 147 -42.69 22.62 98.64
C SER MA 147 -43.24 23.46 97.49
N ASP MA 148 -42.41 24.34 96.95
CA ASP MA 148 -42.85 25.20 95.85
C ASP MA 148 -43.26 24.40 94.63
N VAL MA 149 -42.69 23.22 94.44
CA VAL MA 149 -43.02 22.40 93.27
C VAL MA 149 -43.94 21.27 93.71
N ALA MA 150 -43.91 20.91 94.99
CA ALA MA 150 -44.84 19.88 95.48
C ALA MA 150 -46.28 20.39 95.53
N GLN MA 151 -46.46 21.70 95.79
CA GLN MA 151 -47.81 22.24 95.96
C GLN MA 151 -48.64 22.11 94.69
N THR MA 152 -48.01 22.19 93.52
CA THR MA 152 -48.77 22.07 92.27
C THR MA 152 -49.41 20.69 92.16
N ALA MA 153 -48.63 19.64 92.37
CA ALA MA 153 -49.18 18.29 92.32
C ALA MA 153 -50.22 18.08 93.42
N SER MA 154 -49.96 18.62 94.61
CA SER MA 154 -50.92 18.46 95.69
C SER MA 154 -52.26 19.12 95.35
N PHE MA 155 -52.24 20.32 94.80
CA PHE MA 155 -53.47 21.01 94.44
C PHE MA 155 -54.19 20.29 93.30
N LEU MA 156 -53.42 19.79 92.31
CA LEU MA 156 -54.02 19.05 91.22
C LEU MA 156 -54.73 17.80 91.72
N LYS MA 157 -54.09 17.07 92.63
CA LYS MA 157 -54.73 15.89 93.20
C LYS MA 157 -55.94 16.27 94.05
N ASP MA 158 -55.86 17.42 94.74
CA ASP MA 158 -56.96 17.85 95.58
C ASP MA 158 -58.20 18.19 94.77
N LEU MA 159 -58.03 18.84 93.62
CA LEU MA 159 -59.19 19.19 92.80
C LEU MA 159 -59.93 17.94 92.35
N GLY MA 160 -59.21 16.92 91.91
CA GLY MA 160 -59.84 15.65 91.61
C GLY MA 160 -59.52 15.06 90.25
N VAL MA 161 -58.53 15.63 89.55
CA VAL MA 161 -58.19 15.11 88.22
C VAL MA 161 -57.43 13.80 88.39
N ASN MA 162 -57.91 12.76 87.71
CA ASN MA 162 -57.31 11.43 87.79
C ASN MA 162 -56.79 10.93 86.46
N GLU MA 163 -57.62 10.94 85.42
CA GLU MA 163 -57.27 10.34 84.13
C GLU MA 163 -56.42 11.33 83.34
N GLY MA 164 -55.16 10.98 83.16
CA GLY MA 164 -54.21 11.83 82.48
C GLY MA 164 -52.86 11.77 83.17
N GLU MA 165 -51.98 12.70 82.83
CA GLU MA 165 -50.64 12.80 83.47
C GLU MA 165 -50.38 14.28 83.71
N ASN MA 166 -49.74 14.66 84.81
CA ASN MA 166 -49.62 16.11 85.12
C ASN MA 166 -48.16 16.55 84.99
N TYR MA 167 -47.88 17.68 84.34
CA TYR MA 167 -46.48 18.13 84.08
C TYR MA 167 -46.27 19.55 84.59
N ALA MA 168 -45.03 19.95 84.92
CA ALA MA 168 -44.74 21.34 85.33
C ALA MA 168 -43.48 21.84 84.64
N VAL MA 169 -43.43 23.08 84.16
CA VAL MA 169 -42.25 23.55 83.39
C VAL MA 169 -41.64 24.77 84.08
N MET MA 170 -40.31 24.82 84.19
CA MET MA 170 -39.63 25.92 84.93
C MET MA 170 -38.38 26.41 84.20
N ASP MA 171 -37.85 27.57 84.57
CA ASP MA 171 -36.68 28.21 83.89
C ASP MA 171 -35.36 27.55 84.30
N PRO MA 172 -34.25 27.78 83.58
CA PRO MA 172 -33.00 27.11 83.90
C PRO MA 172 -32.48 27.45 85.30
N TRP MA 173 -32.55 28.71 85.71
CA TRP MA 173 -31.97 29.11 87.02
C TRP MA 173 -32.71 28.42 88.17
N SER MA 174 -34.03 28.31 88.12
CA SER MA 174 -34.78 27.69 89.24
C SER MA 174 -34.40 26.23 89.38
N ALA MA 175 -34.21 25.51 88.27
CA ALA MA 175 -33.76 24.11 88.36
C ALA MA 175 -32.42 24.05 89.09
N GLN MA 176 -31.49 24.93 88.71
CA GLN MA 176 -30.20 24.97 89.38
C GLN MA 176 -30.36 25.05 90.88
N ARG MA 177 -31.26 25.92 91.36
CA ARG MA 177 -31.45 26.07 92.79
C ARG MA 177 -32.00 24.79 93.42
N LEU MA 178 -32.92 24.12 92.72
CA LEU MA 178 -33.45 22.86 93.23
C LEU MA 178 -32.37 21.79 93.27
N ALA MA 179 -31.51 21.73 92.27
CA ALA MA 179 -30.40 20.77 92.30
C ALA MA 179 -29.43 21.10 93.43
N ASP MA 180 -29.18 22.38 93.68
CA ASP MA 180 -28.33 22.77 94.79
C ASP MA 180 -28.92 22.31 96.12
N ALA MA 181 -30.23 22.50 96.29
CA ALA MA 181 -30.90 22.01 97.49
C ALA MA 181 -30.82 20.49 97.59
N GLN MA 182 -30.88 19.80 96.44
CA GLN MA 182 -30.78 18.36 96.44
C GLN MA 182 -29.38 17.89 96.86
N THR MA 183 -28.35 18.65 96.52
CA THR MA 183 -27.00 18.27 96.91
C THR MA 183 -26.83 18.17 98.42
N GLY MA 184 -27.71 18.82 99.19
CA GLY MA 184 -27.65 18.79 100.63
C GLY MA 184 -28.43 17.67 101.30
N LEU MA 185 -28.83 16.64 100.55
CA LEU MA 185 -29.55 15.54 101.14
C LEU MA 185 -28.66 14.78 102.11
N HIS MA 186 -29.26 13.84 102.85
CA HIS MA 186 -28.58 13.20 103.96
C HIS MA 186 -28.29 11.71 103.75
N ALA MA 187 -29.08 11.01 102.93
CA ALA MA 187 -28.91 9.56 102.86
C ALA MA 187 -28.92 8.96 101.46
N SER MA 188 -29.33 9.69 100.42
CA SER MA 188 -29.46 9.08 99.09
C SER MA 188 -28.21 9.41 98.28
N ASP MA 189 -27.28 8.44 98.24
CA ASP MA 189 -26.00 8.67 97.57
C ASP MA 189 -26.19 8.88 96.08
N GLN MA 190 -27.11 8.13 95.45
CA GLN MA 190 -27.32 8.29 94.02
C GLN MA 190 -27.76 9.71 93.68
N LEU MA 191 -28.76 10.22 94.38
CA LEU MA 191 -29.24 11.58 94.14
C LEU MA 191 -28.16 12.60 94.44
N VAL MA 192 -27.44 12.43 95.55
CA VAL MA 192 -26.41 13.39 95.92
C VAL MA 192 -25.33 13.45 94.85
N ARG MA 193 -24.85 12.27 94.40
CA ARG MA 193 -23.80 12.24 93.39
C ARG MA 193 -24.28 12.80 92.06
N THR MA 194 -25.51 12.45 91.65
CA THR MA 194 -26.03 12.97 90.39
C THR MA 194 -26.13 14.49 90.43
N ALA MA 195 -26.67 15.05 91.52
CA ALA MA 195 -26.80 16.50 91.61
C ALA MA 195 -25.45 17.18 91.74
N TRP MA 196 -24.48 16.52 92.39
CA TRP MA 196 -23.16 17.10 92.53
C TRP MA 196 -22.43 17.15 91.18
N GLU MA 197 -22.53 16.08 90.40
CA GLU MA 197 -21.78 16.00 89.16
C GLU MA 197 -22.49 16.73 88.02
N ASN MA 198 -23.70 16.28 87.65
CA ASN MA 198 -24.37 16.80 86.48
C ASN MA 198 -25.39 17.89 86.80
N ALA MA 199 -25.73 18.09 88.07
CA ALA MA 199 -26.67 19.14 88.48
C ALA MA 199 -27.99 19.02 87.74
N GLN MA 200 -28.46 17.78 87.58
CA GLN MA 200 -29.75 17.50 86.94
C GLN MA 200 -30.69 16.90 87.97
N ILE MA 201 -31.91 17.43 88.03
CA ILE MA 201 -32.92 16.91 88.95
C ILE MA 201 -33.57 15.70 88.30
N PRO MA 202 -34.13 14.76 89.10
CA PRO MA 202 -34.76 13.58 88.50
C PRO MA 202 -36.04 13.90 87.75
N THR MA 203 -36.68 12.88 87.19
CA THR MA 203 -37.89 13.10 86.41
C THR MA 203 -39.08 13.39 87.31
N ASN MA 204 -39.39 12.47 88.22
CA ASN MA 204 -40.50 12.63 89.16
C ASN MA 204 -40.00 13.43 90.36
N PHE MA 205 -40.29 14.73 90.38
CA PHE MA 205 -39.85 15.63 91.44
C PHE MA 205 -41.10 16.11 92.18
N GLY MA 206 -41.33 15.56 93.37
CA GLY MA 206 -42.46 15.95 94.18
C GLY MA 206 -43.80 15.40 93.71
N GLY MA 207 -43.80 14.33 92.93
CA GLY MA 207 -45.04 13.75 92.43
C GLY MA 207 -45.50 14.27 91.08
N ILE MA 208 -44.82 15.26 90.53
CA ILE MA 208 -45.16 15.82 89.23
C ILE MA 208 -43.89 15.86 88.38
N ARG MA 209 -44.04 15.58 87.08
CA ARG MA 209 -42.90 15.58 86.18
C ARG MA 209 -42.45 17.01 85.93
N ALA MA 210 -41.26 17.35 86.41
CA ALA MA 210 -40.72 18.69 86.26
C ALA MA 210 -39.82 18.76 85.04
N LEU MA 211 -39.90 19.89 84.33
CA LEU MA 211 -39.16 20.09 83.10
C LEU MA 211 -38.49 21.45 83.13
N MET MA 212 -37.37 21.55 82.42
CA MET MA 212 -36.58 22.77 82.33
C MET MA 212 -36.64 23.29 80.90
N SER MA 213 -36.98 24.57 80.76
CA SER MA 213 -37.09 25.20 79.45
C SER MA 213 -36.62 26.63 79.51
N ASN MA 214 -35.80 27.03 78.54
CA ASN MA 214 -35.36 28.42 78.44
C ASN MA 214 -36.29 29.24 77.56
N GLY MA 215 -37.01 28.60 76.64
CA GLY MA 215 -37.98 29.30 75.82
C GLY MA 215 -39.34 29.36 76.49
N LEU MA 216 -39.64 30.49 77.11
CA LEU MA 216 -40.87 30.62 77.90
C LEU MA 216 -41.28 32.08 77.89
N ALA MA 217 -42.56 32.33 77.65
CA ALA MA 217 -43.05 33.69 77.47
C ALA MA 217 -42.94 34.49 78.76
N SER MA 218 -42.75 35.81 78.59
CA SER MA 218 -42.68 36.74 79.70
C SER MA 218 -43.75 37.80 79.52
N ARG MA 219 -44.35 38.22 80.63
CA ARG MA 219 -45.50 39.11 80.58
C ARG MA 219 -45.37 40.23 81.60
N THR MA 220 -46.06 41.33 81.30
CA THR MA 220 -46.07 42.53 82.14
C THR MA 220 -47.41 42.63 82.84
N GLN MA 221 -47.37 43.01 84.13
CA GLN MA 221 -48.60 43.05 84.93
C GLN MA 221 -49.60 44.06 84.36
N GLY MA 222 -49.22 45.34 84.35
CA GLY MA 222 -50.13 46.39 83.93
C GLY MA 222 -50.66 47.18 85.11
N ALA MA 223 -50.60 48.50 85.01
CA ALA MA 223 -50.86 49.37 86.16
C ALA MA 223 -52.30 49.24 86.66
N PHE MA 224 -52.46 49.16 87.97
CA PHE MA 224 -53.77 49.17 88.60
C PHE MA 224 -53.64 49.80 89.99
N GLY MA 225 -54.76 50.29 90.51
CA GLY MA 225 -54.75 50.94 91.80
C GLY MA 225 -56.14 51.24 92.34
N GLY MA 226 -56.35 50.95 93.62
CA GLY MA 226 -57.64 51.19 94.25
C GLY MA 226 -58.27 49.86 94.66
N THR MA 227 -59.03 49.90 95.75
CA THR MA 227 -59.71 48.71 96.26
C THR MA 227 -60.86 48.37 95.33
N LEU MA 228 -60.66 47.39 94.46
CA LEU MA 228 -61.68 47.02 93.49
C LEU MA 228 -62.83 46.27 94.18
N THR MA 229 -63.99 46.33 93.54
CA THR MA 229 -65.16 45.60 94.00
C THR MA 229 -66.14 45.48 92.84
N VAL MA 230 -66.95 44.42 92.88
CA VAL MA 230 -67.90 44.14 91.81
C VAL MA 230 -69.07 45.10 91.94
N LYS MA 231 -69.70 45.40 90.81
CA LYS MA 231 -70.84 46.31 90.78
C LYS MA 231 -72.17 45.60 90.54
N THR MA 232 -72.25 44.84 89.44
CA THR MA 232 -73.48 44.18 89.04
C THR MA 232 -73.30 42.67 89.16
N GLN MA 233 -74.34 42.00 89.64
CA GLN MA 233 -74.29 40.56 89.82
C GLN MA 233 -74.19 39.87 88.46
N PRO MA 234 -73.15 39.09 88.20
CA PRO MA 234 -73.00 38.46 86.89
C PRO MA 234 -73.85 37.20 86.77
N THR MA 235 -73.91 36.70 85.53
CA THR MA 235 -74.64 35.46 85.23
C THR MA 235 -73.62 34.34 85.03
N VAL MA 236 -73.64 33.36 85.94
CA VAL MA 236 -72.67 32.28 85.91
C VAL MA 236 -73.40 30.94 85.89
N THR MA 237 -74.62 30.92 85.36
CA THR MA 237 -75.38 29.68 85.28
C THR MA 237 -74.81 28.78 84.19
N TYR MA 238 -75.03 27.47 84.37
CA TYR MA 238 -74.51 26.50 83.41
C TYR MA 238 -75.14 26.67 82.04
N ASN MA 239 -76.42 27.03 81.98
CA ASN MA 239 -77.07 27.26 80.70
C ASN MA 239 -76.39 28.39 79.94
N ALA MA 240 -75.71 29.28 80.65
CA ALA MA 240 -75.00 30.39 80.00
C ALA MA 240 -73.56 30.01 79.68
N VAL MA 241 -72.88 29.31 80.58
CA VAL MA 241 -71.46 29.06 80.43
C VAL MA 241 -71.17 27.61 80.06
N LYS MA 242 -72.11 26.93 79.42
CA LYS MA 242 -71.92 25.53 79.04
C LYS MA 242 -71.17 25.35 77.73
N ASP MA 243 -70.78 26.43 77.06
CA ASP MA 243 -70.16 26.30 75.75
C ASP MA 243 -68.75 26.89 75.71
N SER MA 244 -68.47 27.85 76.59
CA SER MA 244 -67.20 28.57 76.55
C SER MA 244 -66.44 28.57 77.87
N TYR MA 245 -67.10 28.42 79.01
CA TYR MA 245 -66.46 28.50 80.33
C TYR MA 245 -65.79 29.86 80.52
N GLN MA 246 -66.39 30.91 79.96
CA GLN MA 246 -65.93 32.27 80.11
C GLN MA 246 -67.09 33.15 80.54
N PHE MA 247 -66.79 34.21 81.28
CA PHE MA 247 -67.86 35.11 81.71
C PHE MA 247 -67.34 36.53 81.82
N THR MA 248 -68.23 37.49 81.59
CA THR MA 248 -67.89 38.90 81.61
C THR MA 248 -68.42 39.53 82.89
N VAL MA 249 -67.57 40.33 83.55
CA VAL MA 249 -67.92 40.94 84.82
C VAL MA 249 -67.50 42.40 84.81
N THR MA 250 -68.23 43.22 85.56
CA THR MA 250 -67.94 44.64 85.71
C THR MA 250 -67.40 44.93 87.09
N LEU MA 251 -66.38 45.80 87.14
CA LEU MA 251 -65.70 46.16 88.36
C LEU MA 251 -65.80 47.67 88.57
N THR MA 252 -66.03 48.06 89.81
CA THR MA 252 -66.14 49.47 90.19
C THR MA 252 -65.15 49.76 91.31
N GLY MA 253 -64.90 51.05 91.55
CA GLY MA 253 -63.96 51.45 92.58
C GLY MA 253 -62.52 51.46 92.14
N ALA MA 254 -62.25 51.44 90.84
CA ALA MA 254 -60.88 51.43 90.33
C ALA MA 254 -60.35 52.87 90.24
N THR MA 255 -59.18 53.02 89.62
CA THR MA 255 -58.60 54.34 89.41
C THR MA 255 -59.40 55.08 88.35
N ALA MA 256 -59.31 56.42 88.37
CA ALA MA 256 -60.19 57.29 87.59
C ALA MA 256 -60.17 56.98 86.11
N SER MA 257 -59.04 57.15 85.44
CA SER MA 257 -58.96 56.91 84.01
C SER MA 257 -57.50 56.62 83.64
N VAL MA 258 -57.19 55.34 83.42
CA VAL MA 258 -55.87 54.92 82.97
C VAL MA 258 -56.05 53.91 81.84
N THR MA 259 -55.21 54.00 80.82
CA THR MA 259 -55.22 53.05 79.73
C THR MA 259 -54.47 51.78 80.12
N GLY MA 260 -54.95 50.65 79.62
CA GLY MA 260 -54.33 49.37 79.95
C GLY MA 260 -54.42 49.02 81.42
N PHE MA 261 -55.61 49.16 82.01
CA PHE MA 261 -55.78 48.87 83.43
C PHE MA 261 -55.49 47.41 83.74
N LEU MA 262 -55.98 46.48 82.91
CA LEU MA 262 -55.75 45.06 83.12
C LEU MA 262 -55.24 44.46 81.82
N LYS MA 263 -54.06 43.83 81.88
CA LYS MA 263 -53.49 43.17 80.72
C LYS MA 263 -54.05 41.76 80.57
N ALA MA 264 -53.59 41.06 79.55
CA ALA MA 264 -54.01 39.69 79.30
C ALA MA 264 -53.13 38.74 80.11
N GLY MA 265 -53.77 37.88 80.90
CA GLY MA 265 -53.07 36.94 81.75
C GLY MA 265 -53.08 37.28 83.22
N ASP MA 266 -53.55 38.47 83.61
CA ASP MA 266 -53.63 38.82 85.02
C ASP MA 266 -54.65 37.96 85.74
N GLN MA 267 -54.36 37.66 87.00
CA GLN MA 267 -55.21 36.81 87.83
C GLN MA 267 -55.98 37.67 88.81
N VAL MA 268 -57.31 37.55 88.77
CA VAL MA 268 -58.22 38.25 89.66
C VAL MA 268 -58.77 37.24 90.64
N LYS MA 269 -58.64 37.54 91.93
CA LYS MA 269 -58.95 36.62 93.01
C LYS MA 269 -60.17 37.13 93.77
N PHE MA 270 -61.16 36.26 93.93
CA PHE MA 270 -62.36 36.56 94.71
C PHE MA 270 -62.15 36.03 96.13
N THR MA 271 -62.21 36.93 97.11
CA THR MA 271 -61.76 36.59 98.45
C THR MA 271 -62.69 35.57 99.12
N ASN MA 272 -64.00 35.81 99.08
CA ASN MA 272 -64.95 35.06 99.89
C ASN MA 272 -65.61 33.90 99.15
N THR MA 273 -65.19 33.59 97.93
CA THR MA 273 -65.71 32.45 97.19
C THR MA 273 -64.60 31.41 97.05
N TYR MA 274 -64.85 30.22 97.58
CA TYR MA 274 -63.83 29.17 97.67
C TYR MA 274 -64.02 28.14 96.57
N TRP MA 275 -62.96 27.39 96.31
CA TRP MA 275 -63.02 26.26 95.39
C TRP MA 275 -63.77 25.10 96.03
N LEU MA 276 -64.22 24.17 95.19
CA LEU MA 276 -64.91 22.98 95.64
C LEU MA 276 -64.28 21.75 95.03
N GLN MA 277 -64.16 20.69 95.84
CA GLN MA 277 -63.79 19.40 95.31
C GLN MA 277 -64.91 18.92 94.39
N GLN MA 278 -64.58 18.74 93.11
CA GLN MA 278 -65.61 18.71 92.07
C GLN MA 278 -66.58 17.54 92.27
N GLN MA 279 -66.08 16.37 92.64
CA GLN MA 279 -66.96 15.22 92.76
C GLN MA 279 -67.80 15.30 94.04
N THR MA 280 -67.15 15.50 95.18
CA THR MA 280 -67.89 15.46 96.45
C THR MA 280 -68.56 16.80 96.77
N LYS MA 281 -68.24 17.85 96.01
CA LYS MA 281 -68.84 19.17 96.19
C LYS MA 281 -68.62 19.70 97.60
N GLN MA 282 -67.39 19.60 98.11
CA GLN MA 282 -67.01 20.11 99.41
C GLN MA 282 -65.89 21.12 99.27
N ALA MA 283 -65.80 22.04 100.23
CA ALA MA 283 -64.80 23.10 100.18
C ALA MA 283 -63.40 22.52 100.31
N LEU MA 284 -62.41 23.34 99.95
CA LEU MA 284 -61.01 22.94 99.95
C LEU MA 284 -60.26 23.68 101.06
N TYR MA 285 -59.47 22.94 101.83
CA TYR MA 285 -58.69 23.49 102.93
C TYR MA 285 -57.21 23.33 102.62
N ASN MA 286 -56.49 24.46 102.62
CA ASN MA 286 -55.05 24.46 102.36
C ASN MA 286 -54.27 24.36 103.68
N GLY MA 287 -54.67 23.38 104.48
CA GLY MA 287 -53.98 23.13 105.74
C GLY MA 287 -54.30 24.15 106.82
N ALA MA 288 -54.15 25.44 106.49
CA ALA MA 288 -54.35 26.51 107.45
C ALA MA 288 -55.42 27.52 107.05
N THR MA 289 -55.75 27.64 105.78
CA THR MA 289 -56.76 28.59 105.33
C THR MA 289 -57.40 28.08 104.05
N PRO MA 290 -58.71 28.30 103.88
CA PRO MA 290 -59.38 27.84 102.66
C PRO MA 290 -58.86 28.55 101.42
N ILE MA 291 -58.93 27.84 100.30
CA ILE MA 291 -58.44 28.35 99.02
C ILE MA 291 -59.55 29.14 98.35
N SER MA 292 -59.22 30.34 97.87
CA SER MA 292 -60.19 31.19 97.22
C SER MA 292 -60.18 30.98 95.71
N PHE MA 293 -61.24 31.45 95.06
CA PHE MA 293 -61.41 31.31 93.63
C PHE MA 293 -60.63 32.39 92.89
N THR MA 294 -60.17 32.06 91.69
CA THR MA 294 -59.42 33.00 90.86
C THR MA 294 -59.79 32.79 89.40
N ALA MA 295 -59.60 33.84 88.60
CA ALA MA 295 -59.88 33.80 87.17
C ALA MA 295 -58.81 34.58 86.43
N THR MA 296 -58.72 34.36 85.12
CA THR MA 296 -57.68 34.96 84.30
C THR MA 296 -58.28 35.90 83.28
N VAL MA 297 -57.70 37.09 83.16
CA VAL MA 297 -58.13 38.05 82.14
C VAL MA 297 -57.77 37.52 80.76
N THR MA 298 -58.72 37.61 79.84
CA THR MA 298 -58.53 37.11 78.47
C THR MA 298 -58.09 38.21 77.52
N ALA MA 299 -58.72 39.38 77.59
CA ALA MA 299 -58.42 40.49 76.70
C ALA MA 299 -58.09 41.74 77.51
N ASP MA 300 -57.26 42.59 76.92
CA ASP MA 300 -56.86 43.84 77.57
C ASP MA 300 -58.09 44.70 77.87
N ALA MA 301 -58.13 45.27 79.07
CA ALA MA 301 -59.26 46.08 79.50
C ALA MA 301 -58.75 47.42 80.04
N ASN MA 302 -59.33 48.51 79.55
CA ASN MA 302 -59.01 49.84 80.03
C ASN MA 302 -60.04 50.26 81.07
N SER MA 303 -59.81 51.42 81.69
CA SER MA 303 -60.71 51.96 82.70
C SER MA 303 -61.16 53.35 82.27
N ASP MA 304 -62.47 53.58 82.33
CA ASP MA 304 -63.06 54.86 81.99
C ASP MA 304 -63.38 55.64 83.26
N SER MA 305 -63.85 56.86 83.09
CA SER MA 305 -64.17 57.73 84.22
C SER MA 305 -65.22 57.07 85.11
N GLY MA 306 -65.03 57.20 86.42
CA GLY MA 306 -65.84 56.51 87.39
C GLY MA 306 -65.32 55.16 87.81
N GLY MA 307 -64.21 54.70 87.22
CA GLY MA 307 -63.61 53.43 87.59
C GLY MA 307 -64.45 52.22 87.25
N ASP MA 308 -65.03 52.20 86.05
CA ASP MA 308 -65.80 51.05 85.57
C ASP MA 308 -64.92 50.26 84.61
N VAL MA 309 -64.73 48.99 84.90
CA VAL MA 309 -63.91 48.11 84.06
C VAL MA 309 -64.74 46.89 83.70
N THR MA 310 -64.98 46.70 82.41
CA THR MA 310 -65.69 45.53 81.90
C THR MA 310 -64.67 44.53 81.39
N VAL MA 311 -64.54 43.40 82.07
CA VAL MA 311 -63.46 42.45 81.81
C VAL MA 311 -64.03 41.06 81.60
N THR MA 312 -63.46 40.34 80.63
CA THR MA 312 -63.84 38.98 80.33
C THR MA 312 -62.83 38.03 80.96
N LEU MA 313 -63.33 37.08 81.75
CA LEU MA 313 -62.49 36.17 82.51
C LEU MA 313 -62.75 34.73 82.08
N SER MA 314 -61.68 33.94 82.07
CA SER MA 314 -61.75 32.52 81.79
C SER MA 314 -61.79 31.74 83.09
N GLY MA 315 -62.68 30.75 83.15
CA GLY MA 315 -62.94 30.05 84.39
C GLY MA 315 -64.14 30.64 85.10
N VAL MA 316 -65.19 29.85 85.25
CA VAL MA 316 -66.48 30.39 85.69
C VAL MA 316 -66.87 29.79 87.04
N PRO MA 317 -67.32 30.60 87.99
CA PRO MA 317 -67.81 30.10 89.30
C PRO MA 317 -69.30 29.73 89.26
N ILE MA 318 -69.60 28.60 88.65
CA ILE MA 318 -70.99 28.20 88.44
C ILE MA 318 -71.65 27.93 89.78
N TYR MA 319 -72.78 28.60 90.03
CA TYR MA 319 -73.62 28.35 91.19
C TYR MA 319 -75.09 28.28 90.77
N ASP MA 320 -75.37 27.45 89.76
CA ASP MA 320 -76.73 27.29 89.28
C ASP MA 320 -77.65 26.84 90.41
N THR MA 321 -78.81 27.49 90.53
CA THR MA 321 -79.76 27.17 91.59
C THR MA 321 -80.83 26.18 91.15
N THR MA 322 -81.02 25.99 89.85
CA THR MA 322 -81.93 24.97 89.34
C THR MA 322 -81.22 23.70 88.92
N ASN MA 323 -79.90 23.75 88.71
CA ASN MA 323 -79.09 22.58 88.39
C ASN MA 323 -77.91 22.54 89.35
N PRO MA 324 -78.14 22.14 90.60
CA PRO MA 324 -77.05 22.16 91.59
C PRO MA 324 -75.89 21.25 91.27
N GLN MA 325 -76.09 20.24 90.42
CA GLN MA 325 -75.06 19.24 90.17
C GLN MA 325 -73.83 19.80 89.47
N TYR MA 326 -73.91 20.99 88.89
CA TYR MA 326 -72.79 21.58 88.17
C TYR MA 326 -72.07 22.67 88.97
N ASN MA 327 -72.34 22.76 90.28
CA ASN MA 327 -71.68 23.77 91.09
C ASN MA 327 -70.18 23.53 91.14
N SER MA 328 -69.42 24.62 91.26
CA SER MA 328 -67.97 24.51 91.40
C SER MA 328 -67.44 25.52 92.42
N VAL MA 329 -68.32 26.26 93.08
CA VAL MA 329 -67.93 27.26 94.07
C VAL MA 329 -68.95 27.23 95.20
N SER MA 330 -68.47 27.42 96.42
CA SER MA 330 -69.31 27.25 97.61
C SER MA 330 -70.49 28.22 97.64
N ARG MA 331 -70.26 29.49 97.30
CA ARG MA 331 -71.32 30.49 97.37
C ARG MA 331 -71.32 31.32 96.10
N GLN MA 332 -72.47 31.91 95.80
CA GLN MA 332 -72.63 32.74 94.62
C GLN MA 332 -72.02 34.11 94.84
N VAL MA 333 -71.19 34.55 93.90
CA VAL MA 333 -70.66 35.91 93.93
C VAL MA 333 -71.76 36.89 93.58
N GLU MA 334 -71.87 37.97 94.35
CA GLU MA 334 -72.92 38.95 94.14
C GLU MA 334 -72.35 40.34 94.40
N ALA MA 335 -73.20 41.35 94.20
CA ALA MA 335 -72.74 42.74 94.22
C ALA MA 335 -72.23 43.14 95.60
N GLY MA 336 -71.18 43.95 95.61
CA GLY MA 336 -70.57 44.40 96.85
C GLY MA 336 -69.45 43.53 97.37
N ASP MA 337 -69.09 42.46 96.66
CA ASP MA 337 -68.00 41.60 97.10
C ASP MA 337 -66.65 42.29 96.89
N ALA MA 338 -65.63 41.74 97.54
CA ALA MA 338 -64.27 42.27 97.48
C ALA MA 338 -63.41 41.36 96.63
N VAL MA 339 -62.67 41.95 95.68
CA VAL MA 339 -61.79 41.23 94.79
C VAL MA 339 -60.41 41.86 94.85
N SER MA 340 -59.41 41.10 94.41
CA SER MA 340 -58.04 41.57 94.36
C SER MA 340 -57.39 41.11 93.06
N VAL MA 341 -56.23 41.68 92.76
CA VAL MA 341 -55.43 41.28 91.60
C VAL MA 341 -54.08 40.83 92.11
N VAL MA 342 -53.62 39.66 91.66
CA VAL MA 342 -52.38 39.10 92.17
C VAL MA 342 -51.21 39.93 91.68
N GLY MA 343 -50.14 39.97 92.47
CA GLY MA 343 -48.91 40.62 92.07
C GLY MA 343 -48.90 42.10 92.40
N THR MA 344 -47.85 42.76 91.93
CA THR MA 344 -47.66 44.19 92.12
C THR MA 344 -48.09 44.94 90.86
N ALA MA 345 -47.79 46.24 90.82
CA ALA MA 345 -48.37 47.14 89.83
C ALA MA 345 -48.01 46.79 88.39
N SER MA 346 -46.73 46.93 88.01
CA SER MA 346 -46.40 46.85 86.59
C SER MA 346 -45.08 46.11 86.34
N GLN MA 347 -44.76 45.11 87.16
CA GLN MA 347 -43.51 44.40 86.94
C GLN MA 347 -43.64 43.42 85.76
N THR MA 348 -42.49 43.05 85.21
CA THR MA 348 -42.41 42.07 84.13
C THR MA 348 -41.79 40.80 84.70
N MET MA 349 -42.42 39.66 84.43
CA MET MA 349 -41.94 38.40 84.97
C MET MA 349 -42.13 37.28 83.97
N LYS MA 350 -41.35 36.21 84.16
CA LYS MA 350 -41.49 35.00 83.38
C LYS MA 350 -42.15 33.93 84.24
N PRO MA 351 -43.42 33.62 84.04
CA PRO MA 351 -44.13 32.71 84.93
C PRO MA 351 -43.72 31.26 84.69
N ASN MA 352 -44.05 30.42 85.67
CA ASN MA 352 -43.82 28.99 85.61
C ASN MA 352 -45.16 28.29 85.46
N LEU MA 353 -45.20 27.20 84.69
CA LEU MA 353 -46.48 26.60 84.32
C LEU MA 353 -46.63 25.22 84.93
N PHE MA 354 -47.88 24.83 85.19
CA PHE MA 354 -48.22 23.48 85.61
C PHE MA 354 -49.58 23.14 85.03
N TYR MA 355 -49.70 21.94 84.46
CA TYR MA 355 -50.91 21.62 83.72
C TYR MA 355 -51.08 20.11 83.58
N ASN MA 356 -52.32 19.71 83.37
CA ASN MA 356 -52.66 18.33 83.06
C ASN MA 356 -52.46 18.06 81.58
N LYS MA 357 -52.43 16.78 81.21
CA LYS MA 357 -52.29 16.40 79.82
C LYS MA 357 -53.50 16.87 79.01
N PHE MA 358 -54.70 16.70 79.54
CA PHE MA 358 -55.93 17.06 78.83
C PHE MA 358 -56.40 18.46 79.19
N PHE MA 359 -55.55 19.46 78.93
CA PHE MA 359 -55.86 20.86 79.16
C PHE MA 359 -55.96 21.65 77.86
N CYS MA 360 -54.91 21.62 77.04
CA CYS MA 360 -54.91 22.31 75.75
C CYS MA 360 -54.39 21.37 74.69
N GLY MA 361 -55.09 21.30 73.57
CA GLY MA 361 -54.68 20.51 72.43
C GLY MA 361 -53.96 21.35 71.39
N LEU MA 362 -53.48 20.66 70.35
CA LEU MA 362 -52.72 21.31 69.29
C LEU MA 362 -52.84 20.50 68.02
N GLY MA 363 -52.90 21.18 66.89
CA GLY MA 363 -52.91 20.49 65.61
C GLY MA 363 -52.35 21.38 64.52
N SER MA 364 -52.14 20.77 63.36
CA SER MA 364 -51.66 21.50 62.20
C SER MA 364 -52.53 21.18 61.00
N ILE MA 365 -52.65 22.13 60.10
CA ILE MA 365 -53.48 22.00 58.90
C ILE MA 365 -52.56 21.89 57.69
N PRO MA 366 -52.60 20.78 56.95
CA PRO MA 366 -51.81 20.69 55.72
C PRO MA 366 -52.31 21.69 54.68
N LEU MA 367 -51.37 22.15 53.85
CA LEU MA 367 -51.66 23.16 52.85
C LEU MA 367 -51.40 22.59 51.46
N PRO MA 368 -52.34 22.75 50.52
CA PRO MA 368 -52.14 22.23 49.16
C PRO MA 368 -51.11 23.06 48.39
N LYS MA 369 -50.50 22.41 47.40
CA LYS MA 369 -49.50 23.06 46.59
C LYS MA 369 -50.13 24.14 45.71
N LEU MA 370 -49.51 25.30 45.66
CA LEU MA 370 -50.02 26.41 44.88
C LEU MA 370 -49.82 26.14 43.38
N HIS MA 371 -50.80 26.55 42.58
CA HIS MA 371 -50.78 26.24 41.16
C HIS MA 371 -49.67 26.99 40.43
N SER MA 372 -49.01 26.29 39.50
CA SER MA 372 -48.03 26.87 38.58
C SER MA 372 -46.87 27.56 39.32
N ILE MA 373 -46.62 27.16 40.56
CA ILE MA 373 -45.52 27.69 41.35
C ILE MA 373 -44.79 26.53 42.02
N ASP MA 374 -43.48 26.45 41.83
CA ASP MA 374 -42.73 25.35 42.41
C ASP MA 374 -42.63 25.51 43.92
N SER MA 375 -42.68 24.37 44.62
CA SER MA 375 -42.81 24.33 46.06
C SER MA 375 -42.18 23.06 46.59
N ALA MA 376 -42.06 22.99 47.92
CA ALA MA 376 -41.46 21.86 48.60
C ALA MA 376 -42.02 21.82 50.02
N VAL MA 377 -41.74 20.71 50.71
CA VAL MA 377 -42.21 20.49 52.07
C VAL MA 377 -41.03 20.08 52.94
N ALA MA 378 -40.91 20.70 54.11
CA ALA MA 378 -39.84 20.39 55.05
C ALA MA 378 -40.44 20.00 56.39
N THR MA 379 -39.96 18.90 56.97
CA THR MA 379 -40.47 18.40 58.24
C THR MA 379 -39.48 18.72 59.36
N TYR MA 380 -40.01 19.22 60.47
CA TYR MA 380 -39.17 19.61 61.60
C TYR MA 380 -39.97 19.40 62.88
N GLU MA 381 -39.50 18.51 63.75
CA GLU MA 381 -40.24 18.05 64.93
C GLU MA 381 -41.70 17.71 64.59
N GLY MA 382 -41.89 17.03 63.48
CA GLY MA 382 -43.23 16.61 63.10
C GLY MA 382 -44.11 17.69 62.55
N PHE MA 383 -43.58 18.89 62.32
CA PHE MA 383 -44.33 19.99 61.75
C PHE MA 383 -43.90 20.16 60.29
N SER MA 384 -44.88 20.24 59.40
CA SER MA 384 -44.63 20.34 57.97
C SER MA 384 -44.76 21.80 57.52
N ILE MA 385 -43.66 22.35 57.02
CA ILE MA 385 -43.61 23.71 56.51
C ILE MA 385 -43.61 23.64 54.99
N ARG MA 386 -44.51 24.39 54.36
CA ARG MA 386 -44.59 24.40 52.90
C ARG MA 386 -43.91 25.65 52.37
N VAL MA 387 -42.95 25.47 51.47
CA VAL MA 387 -42.16 26.57 50.92
C VAL MA 387 -42.50 26.73 49.44
N HIS MA 388 -42.77 27.97 49.05
CA HIS MA 388 -43.09 28.31 47.66
C HIS MA 388 -42.06 29.29 47.13
N LYS MA 389 -41.63 29.09 45.89
CA LYS MA 389 -40.65 29.96 45.26
C LYS MA 389 -41.24 30.55 43.99
N TYR MA 390 -41.00 31.83 43.76
CA TYR MA 390 -41.47 32.48 42.54
C TYR MA 390 -40.58 33.67 42.23
N ALA MA 391 -40.82 34.28 41.07
CA ALA MA 391 -39.96 35.34 40.56
C ALA MA 391 -40.79 36.49 39.99
N ASP MA 392 -41.80 36.91 40.74
CA ASP MA 392 -42.58 38.07 40.32
C ASP MA 392 -41.70 39.31 40.36
N GLY MA 393 -41.74 40.08 39.27
CA GLY MA 393 -40.80 41.19 39.09
C GLY MA 393 -39.54 40.74 38.41
N ASP MA 394 -39.13 41.46 37.36
CA ASP MA 394 -38.01 41.07 36.51
C ASP MA 394 -36.75 41.86 36.83
N ALA MA 395 -36.51 42.14 38.11
CA ALA MA 395 -35.30 42.81 38.56
C ALA MA 395 -34.44 41.91 39.43
N ASN MA 396 -34.29 40.64 39.04
CA ASN MA 396 -33.63 39.63 39.85
C ASN MA 396 -34.23 39.58 41.25
N VAL MA 397 -35.56 39.68 41.31
CA VAL MA 397 -36.29 39.68 42.58
C VAL MA 397 -36.90 38.30 42.72
N GLN MA 398 -36.16 37.38 43.34
CA GLN MA 398 -36.72 36.10 43.73
C GLN MA 398 -37.48 36.25 45.05
N LYS MA 399 -38.47 35.39 45.25
CA LYS MA 399 -39.24 35.43 46.48
C LYS MA 399 -39.52 34.01 46.93
N MET MA 400 -39.17 33.70 48.17
CA MET MA 400 -39.49 32.43 48.78
C MET MA 400 -40.28 32.68 50.05
N ARG MA 401 -41.31 31.86 50.25
CA ARG MA 401 -42.17 32.01 51.41
C ARG MA 401 -42.38 30.65 52.08
N PHE MA 402 -42.38 30.66 53.40
CA PHE MA 402 -42.59 29.47 54.20
C PHE MA 402 -43.89 29.61 54.97
N ASP MA 403 -44.71 28.56 54.96
CA ASP MA 403 -46.05 28.63 55.53
C ASP MA 403 -46.31 27.44 56.43
N LEU MA 404 -47.04 27.71 57.52
CA LEU MA 404 -47.49 26.71 58.47
C LEU MA 404 -48.75 27.23 59.14
N LEU MA 405 -49.71 26.33 59.37
CA LEU MA 405 -51.00 26.74 59.92
C LEU MA 405 -51.38 25.92 61.14
N PRO MA 406 -51.43 26.52 62.32
CA PRO MA 406 -51.76 25.79 63.55
C PRO MA 406 -53.24 25.88 63.90
N ALA MA 407 -53.64 25.02 64.83
CA ALA MA 407 -55.01 24.98 65.32
C ALA MA 407 -54.99 24.68 66.81
N TYR MA 408 -55.75 25.45 67.57
CA TYR MA 408 -55.74 25.38 69.03
C TYR MA 408 -57.13 25.07 69.57
N VAL MA 409 -57.13 24.45 70.75
CA VAL MA 409 -58.36 24.10 71.46
C VAL MA 409 -58.03 24.00 72.94
N CYS MA 410 -58.92 24.51 73.78
CA CYS MA 410 -58.80 24.38 75.23
C CYS MA 410 -59.98 23.56 75.75
N PHE MA 411 -59.69 22.48 76.47
CA PHE MA 411 -60.74 21.56 76.88
C PHE MA 411 -61.44 22.05 78.15
N ASN MA 412 -60.71 22.16 79.25
CA ASN MA 412 -61.26 22.61 80.53
C ASN MA 412 -60.29 23.62 81.13
N PRO MA 413 -60.72 24.87 81.35
CA PRO MA 413 -59.80 25.85 81.96
C PRO MA 413 -59.37 25.52 83.37
N HIS MA 414 -60.08 24.64 84.07
CA HIS MA 414 -59.82 24.37 85.49
C HIS MA 414 -58.75 23.31 85.70
N MET MA 415 -57.86 23.09 84.73
CA MET MA 415 -56.83 22.06 84.83
C MET MA 415 -55.47 22.63 84.44
N GLY MA 416 -55.14 23.80 84.98
CA GLY MA 416 -53.84 24.39 84.70
C GLY MA 416 -53.82 25.85 85.10
N GLY MA 417 -52.64 26.43 84.96
CA GLY MA 417 -52.45 27.83 85.30
C GLY MA 417 -50.99 28.12 85.54
N GLN MA 418 -50.75 29.16 86.33
CA GLN MA 418 -49.41 29.62 86.66
C GLN MA 418 -49.14 29.44 88.14
N PHE MA 419 -47.86 29.29 88.48
CA PHE MA 419 -47.47 29.11 89.87
C PHE MA 419 -46.09 29.71 90.09
N PHE MA 420 -45.90 30.25 91.29
CA PHE MA 420 -44.65 30.91 91.66
C PHE MA 420 -44.22 30.38 93.03
N GLY MA 421 -43.18 31.00 93.59
CA GLY MA 421 -42.82 30.73 94.95
C GLY MA 421 -43.56 31.64 95.91
N ASN MA 422 -43.66 31.21 97.17
CA ASN MA 422 -44.40 31.97 98.15
C ASN MA 422 -43.59 32.15 99.42
N PRO MA 423 -43.75 33.30 100.11
CA PRO MA 423 -43.06 33.59 101.37
C PRO MA 423 -43.89 33.18 102.59
N SER NA 10 -56.36 35.65 4.03
CA SER NA 10 -57.13 35.74 2.80
C SER NA 10 -56.44 35.01 1.66
N GLN NA 11 -55.32 34.36 1.98
CA GLN NA 11 -54.52 33.67 0.98
C GLN NA 11 -54.82 32.18 0.95
N ILE NA 12 -55.06 31.56 2.11
CA ILE NA 12 -55.33 30.13 2.15
C ILE NA 12 -56.69 29.87 1.51
N VAL NA 13 -56.67 29.27 0.32
CA VAL NA 13 -57.87 28.99 -0.45
C VAL NA 13 -58.00 27.48 -0.60
N LEU NA 14 -59.14 26.93 -0.21
CA LEU NA 14 -59.37 25.51 -0.33
C LEU NA 14 -59.39 25.08 -1.79
N LYS NA 15 -58.87 23.88 -2.04
CA LYS NA 15 -58.83 23.31 -3.37
C LYS NA 15 -60.13 22.60 -3.75
N LYS NA 16 -61.07 22.49 -2.83
CA LYS NA 16 -62.33 21.81 -3.07
C LYS NA 16 -63.41 22.84 -3.40
N PHE NA 17 -64.05 22.69 -4.55
CA PHE NA 17 -65.03 23.67 -5.00
C PHE NA 17 -66.31 23.58 -4.15
N LEU NA 18 -67.03 24.69 -4.11
CA LEU NA 18 -68.30 24.75 -3.41
C LEU NA 18 -69.41 24.12 -4.24
N PRO NA 19 -70.45 23.58 -3.60
CA PRO NA 19 -71.56 22.98 -4.35
C PRO NA 19 -72.35 24.01 -5.14
N GLY NA 20 -73.04 23.53 -6.16
CA GLY NA 20 -73.82 24.39 -7.03
C GLY NA 20 -75.24 23.91 -7.24
N PHE NA 21 -75.83 24.27 -8.39
CA PHE NA 21 -77.20 23.93 -8.72
C PHE NA 21 -77.23 23.16 -10.03
N MET NA 22 -78.26 22.31 -10.18
CA MET NA 22 -78.46 21.56 -11.41
C MET NA 22 -79.88 21.01 -11.47
N SER NA 23 -80.43 20.89 -12.66
CA SER NA 23 -81.78 20.36 -12.87
C SER NA 23 -81.71 18.86 -13.12
N ASP NA 24 -82.82 18.27 -13.56
CA ASP NA 24 -82.91 16.83 -13.75
C ASP NA 24 -83.32 16.49 -15.17
N LEU NA 25 -83.20 15.20 -15.50
CA LEU NA 25 -83.40 14.69 -16.85
C LEU NA 25 -84.49 13.61 -16.83
N VAL NA 26 -85.64 13.90 -17.43
CA VAL NA 26 -86.68 12.89 -17.56
C VAL NA 26 -87.13 12.77 -19.02
N LEU NA 27 -87.03 13.88 -19.76
CA LEU NA 27 -87.51 13.86 -21.14
C LEU NA 27 -86.64 12.97 -22.01
N ALA NA 28 -85.32 13.13 -21.93
CA ALA NA 28 -84.41 12.32 -22.74
C ALA NA 28 -84.53 10.85 -22.40
N LYS NA 29 -84.80 10.53 -21.13
CA LYS NA 29 -84.96 9.15 -20.73
C LYS NA 29 -86.31 8.56 -21.15
N THR NA 30 -87.35 9.39 -21.23
CA THR NA 30 -88.68 8.86 -21.52
C THR NA 30 -89.01 8.82 -23.00
N VAL NA 31 -88.43 9.71 -23.81
CA VAL NA 31 -88.74 9.72 -25.24
C VAL NA 31 -88.16 8.48 -25.90
N ASP NA 32 -88.59 8.20 -27.13
CA ASP NA 32 -88.16 7.02 -27.85
C ASP NA 32 -86.79 7.27 -28.47
N ARG NA 33 -85.79 6.53 -28.01
CA ARG NA 33 -84.42 6.62 -28.51
C ARG NA 33 -84.03 5.35 -29.26
N GLN NA 34 -85.00 4.67 -29.86
CA GLN NA 34 -84.77 3.39 -30.51
C GLN NA 34 -84.73 3.48 -32.02
N LEU NA 35 -85.77 4.04 -32.64
CA LEU NA 35 -85.83 4.10 -34.09
C LEU NA 35 -84.75 5.01 -34.66
N LEU NA 36 -84.53 6.16 -34.05
CA LEU NA 36 -83.58 7.15 -34.55
C LEU NA 36 -82.26 6.98 -33.80
N ALA NA 37 -81.46 6.02 -34.24
CA ALA NA 37 -80.17 5.74 -33.61
C ALA NA 37 -79.23 5.15 -34.64
N GLY NA 38 -78.17 5.89 -34.97
CA GLY NA 38 -77.22 5.41 -35.96
C GLY NA 38 -77.77 5.33 -37.36
N GLU NA 39 -78.87 6.03 -37.64
CA GLU NA 39 -79.49 6.01 -38.95
C GLU NA 39 -79.14 7.21 -39.81
N ILE NA 40 -78.79 8.34 -39.20
CA ILE NA 40 -78.29 9.49 -39.95
C ILE NA 40 -76.77 9.31 -40.04
N ASN NA 41 -76.35 8.53 -41.02
CA ASN NA 41 -74.94 8.24 -41.23
C ASN NA 41 -74.43 9.09 -42.39
N SER NA 42 -73.19 8.81 -42.82
CA SER NA 42 -72.57 9.55 -43.91
C SER NA 42 -73.25 9.32 -45.25
N SER NA 43 -74.11 8.31 -45.38
CA SER NA 43 -74.71 7.99 -46.66
C SER NA 43 -76.18 8.43 -46.75
N THR NA 44 -76.89 8.48 -45.63
CA THR NA 44 -78.31 8.80 -45.67
C THR NA 44 -78.55 10.29 -45.88
N GLY NA 45 -77.55 11.11 -45.59
CA GLY NA 45 -77.71 12.54 -45.71
C GLY NA 45 -78.00 13.20 -44.38
N ASP NA 46 -78.75 14.29 -44.38
CA ASP NA 46 -79.09 15.01 -43.16
C ASP NA 46 -80.50 14.75 -42.68
N SER NA 47 -81.24 13.86 -43.34
CA SER NA 47 -82.60 13.56 -42.93
C SER NA 47 -82.98 12.18 -43.42
N VAL NA 48 -83.94 11.55 -42.73
CA VAL NA 48 -84.42 10.23 -43.13
C VAL NA 48 -85.88 10.12 -42.72
N SER NA 49 -86.65 9.33 -43.48
CA SER NA 49 -88.08 9.24 -43.28
C SER NA 49 -88.49 7.82 -42.92
N PHE NA 50 -89.51 7.72 -42.08
CA PHE NA 50 -90.13 6.46 -41.69
C PHE NA 50 -91.50 6.34 -42.35
N LYS NA 51 -91.98 5.10 -42.44
CA LYS NA 51 -93.22 4.80 -43.13
C LYS NA 51 -94.42 5.09 -42.23
N ARG NA 52 -95.62 4.94 -42.78
CA ARG NA 52 -96.86 5.21 -42.07
C ARG NA 52 -97.85 4.09 -42.34
N PRO NA 53 -98.72 3.79 -41.39
CA PRO NA 53 -99.68 2.70 -41.58
C PRO NA 53 -100.76 3.03 -42.59
N HIS NA 54 -101.35 1.97 -43.14
CA HIS NA 54 -102.41 2.08 -44.13
C HIS NA 54 -103.77 1.81 -43.50
N GLN NA 55 -104.79 2.46 -44.04
CA GLN NA 55 -106.16 2.29 -43.57
C GLN NA 55 -107.08 2.04 -44.75
N PHE NA 56 -108.17 1.31 -44.50
CA PHE NA 56 -109.09 0.90 -45.55
C PHE NA 56 -110.52 1.18 -45.12
N SER NA 57 -111.38 1.41 -46.12
CA SER NA 57 -112.81 1.60 -45.91
C SER NA 57 -113.58 0.63 -46.78
N SER NA 58 -114.76 0.24 -46.32
CA SER NA 58 -115.53 -0.84 -46.91
C SER NA 58 -116.77 -0.32 -47.64
N LEU NA 59 -117.47 -1.24 -48.29
CA LEU NA 59 -118.68 -0.96 -49.04
C LEU NA 59 -119.80 -1.88 -48.55
N ARG NA 60 -121.04 -1.39 -48.64
CA ARG NA 60 -122.21 -2.11 -48.15
C ARG NA 60 -123.19 -2.32 -49.30
N THR NA 61 -123.14 -3.50 -49.92
CA THR NA 61 -124.02 -3.86 -51.01
C THR NA 61 -124.55 -5.28 -50.82
N PRO NA 62 -125.75 -5.56 -51.33
CA PRO NA 62 -126.35 -6.90 -51.13
C PRO NA 62 -126.13 -7.90 -52.26
N THR NA 63 -125.27 -7.62 -53.24
CA THR NA 63 -125.09 -8.49 -54.40
C THR NA 63 -123.66 -9.00 -54.42
N GLY NA 64 -123.45 -10.15 -55.06
CA GLY NA 64 -122.17 -10.84 -55.02
C GLY NA 64 -121.40 -10.92 -56.32
N ASP NA 65 -122.10 -10.97 -57.46
CA ASP NA 65 -121.44 -10.98 -58.77
C ASP NA 65 -121.20 -9.55 -59.25
N ILE NA 66 -120.54 -8.78 -58.39
CA ILE NA 66 -120.30 -7.36 -58.61
C ILE NA 66 -118.79 -7.13 -58.71
N SER NA 67 -118.07 -8.11 -59.28
CA SER NA 67 -116.62 -8.11 -59.33
C SER NA 67 -116.02 -6.83 -59.89
N GLY NA 68 -116.81 -6.05 -60.61
CA GLY NA 68 -116.33 -4.77 -61.11
C GLY NA 68 -117.06 -3.59 -60.51
N GLN NA 69 -116.36 -2.83 -59.67
CA GLN NA 69 -116.97 -1.72 -58.93
C GLN NA 69 -115.88 -0.70 -58.58
N ASN NA 70 -116.18 0.21 -57.66
CA ASN NA 70 -115.28 1.28 -57.24
C ASN NA 70 -114.52 0.81 -56.01
N LYS NA 71 -113.23 0.54 -56.18
CA LYS NA 71 -112.41 -0.06 -55.14
C LYS NA 71 -111.73 1.03 -54.30
N ASN NA 72 -110.77 0.62 -53.46
CA ASN NA 72 -110.03 1.54 -52.61
C ASN NA 72 -108.85 2.12 -53.36
N ASN NA 73 -107.98 2.82 -52.63
CA ASN NA 73 -106.78 3.41 -53.21
C ASN NA 73 -105.62 3.17 -52.25
N LEU NA 74 -104.40 3.24 -52.79
CA LEU NA 74 -103.18 3.01 -52.02
C LEU NA 74 -102.37 4.29 -52.00
N ILE NA 75 -102.28 4.92 -50.82
CA ILE NA 75 -101.50 6.13 -50.62
C ILE NA 75 -100.49 5.86 -49.52
N SER NA 76 -99.23 6.19 -49.78
CA SER NA 76 -98.15 5.98 -48.82
C SER NA 76 -97.67 7.31 -48.28
N GLY NA 77 -97.54 7.38 -46.95
CA GLY NA 77 -97.06 8.57 -46.28
C GLY NA 77 -95.66 8.39 -45.72
N LYS NA 78 -95.13 9.49 -45.20
CA LYS NA 78 -93.79 9.51 -44.63
C LYS NA 78 -93.78 10.40 -43.40
N ALA NA 79 -92.79 10.16 -42.54
CA ALA NA 79 -92.50 11.02 -41.40
C ALA NA 79 -91.01 11.25 -41.38
N THR NA 80 -90.58 12.48 -41.66
CA THR NA 80 -89.18 12.79 -41.91
C THR NA 80 -88.55 13.43 -40.67
N GLY NA 81 -87.45 12.87 -40.20
CA GLY NA 81 -86.67 13.44 -39.13
C GLY NA 81 -85.34 13.93 -39.64
N ARG NA 82 -84.81 14.97 -38.98
CA ARG NA 82 -83.62 15.66 -39.44
C ARG NA 82 -82.75 16.05 -38.26
N VAL NA 83 -81.67 16.76 -38.54
CA VAL NA 83 -80.69 17.15 -37.55
C VAL NA 83 -80.91 18.62 -37.18
N GLY NA 84 -80.51 18.98 -35.96
CA GLY NA 84 -80.65 20.32 -35.45
C GLY NA 84 -79.35 21.08 -35.46
N ASN NA 85 -79.36 22.23 -34.79
CA ASN NA 85 -78.19 23.10 -34.74
C ASN NA 85 -77.20 22.57 -33.71
N TYR NA 86 -75.98 23.09 -33.76
CA TYR NA 86 -74.93 22.68 -32.84
C TYR NA 86 -75.22 23.17 -31.42
N ILE NA 87 -74.80 22.39 -30.43
CA ILE NA 87 -74.79 22.82 -29.04
C ILE NA 87 -73.34 23.08 -28.67
N THR NA 88 -72.92 24.34 -28.74
CA THR NA 88 -71.52 24.69 -28.57
C THR NA 88 -71.35 25.62 -27.37
N VAL NA 89 -70.35 25.31 -26.54
CA VAL NA 89 -69.90 26.20 -25.48
C VAL NA 89 -68.39 26.38 -25.63
N ALA NA 90 -67.94 27.63 -25.61
CA ALA NA 90 -66.54 27.95 -25.83
C ALA NA 90 -66.08 28.98 -24.81
N VAL NA 91 -64.85 28.82 -24.33
CA VAL NA 91 -64.26 29.74 -23.37
C VAL NA 91 -62.90 30.21 -23.88
N GLU NA 92 -62.63 31.50 -23.71
CA GLU NA 92 -61.32 32.06 -24.01
C GLU NA 92 -60.73 32.62 -22.74
N TYR NA 93 -59.44 32.35 -22.53
CA TYR NA 93 -58.81 32.56 -21.25
C TYR NA 93 -57.30 32.36 -21.38
N GLN NA 94 -56.58 32.94 -20.43
CA GLN NA 94 -55.13 32.78 -20.35
C GLN NA 94 -54.85 31.44 -19.68
N GLN NA 95 -54.34 30.48 -20.46
CA GLN NA 95 -54.16 29.13 -19.96
C GLN NA 95 -53.16 29.06 -18.81
N LEU NA 96 -52.14 29.91 -18.82
CA LEU NA 96 -51.17 29.90 -17.73
C LEU NA 96 -51.83 30.37 -16.43
N GLU NA 97 -52.59 31.46 -16.50
CA GLU NA 97 -53.30 31.95 -15.33
C GLU NA 97 -54.33 30.94 -14.83
N GLU NA 98 -54.99 30.24 -15.75
CA GLU NA 98 -55.91 29.17 -15.35
C GLU NA 98 -55.16 28.03 -14.65
N ALA NA 99 -54.03 27.61 -15.21
CA ALA NA 99 -53.29 26.48 -14.68
C ALA NA 99 -52.48 26.81 -13.43
N ILE NA 100 -52.42 28.09 -13.05
CA ILE NA 100 -51.81 28.49 -11.79
C ILE NA 100 -52.24 27.57 -10.65
N LYS NA 101 -53.53 27.25 -10.57
CA LYS NA 101 -54.05 26.49 -9.44
C LYS NA 101 -55.04 25.39 -9.82
N LEU NA 102 -55.14 25.02 -11.10
CA LEU NA 102 -56.14 24.05 -11.57
C LEU NA 102 -55.44 22.93 -12.32
N ASN NA 103 -55.42 21.75 -11.72
CA ASN NA 103 -54.73 20.60 -12.31
C ASN NA 103 -55.54 20.02 -13.46
N GLN NA 104 -54.87 19.81 -14.60
CA GLN NA 104 -55.40 19.13 -15.78
C GLN NA 104 -56.62 19.82 -16.37
N LEU NA 105 -56.98 21.01 -15.88
CA LEU NA 105 -58.09 21.78 -16.44
C LEU NA 105 -59.41 21.01 -16.31
N GLU NA 106 -59.59 20.33 -15.18
CA GLU NA 106 -60.74 19.47 -14.98
C GLU NA 106 -61.82 20.12 -14.14
N GLU NA 107 -61.56 21.27 -13.53
CA GLU NA 107 -62.61 21.98 -12.81
C GLU NA 107 -63.64 22.54 -13.79
N ILE NA 108 -63.21 22.84 -15.02
CA ILE NA 108 -64.11 23.33 -16.04
C ILE NA 108 -65.09 22.25 -16.47
N LEU NA 109 -64.65 20.99 -16.46
CA LEU NA 109 -65.41 19.91 -17.07
C LEU NA 109 -66.76 19.71 -16.38
N ALA NA 110 -66.78 19.80 -15.05
CA ALA NA 110 -68.00 19.47 -14.32
C ALA NA 110 -69.18 20.39 -14.65
N PRO NA 111 -69.05 21.74 -14.65
CA PRO NA 111 -70.22 22.57 -14.92
C PRO NA 111 -70.47 22.87 -16.39
N VAL NA 112 -69.82 22.15 -17.30
CA VAL NA 112 -70.01 22.35 -18.73
C VAL NA 112 -70.90 21.27 -19.33
N ARG NA 113 -70.59 20.02 -19.00
CA ARG NA 113 -71.43 18.90 -19.46
C ARG NA 113 -72.85 19.19 -18.99
N GLN NA 114 -72.97 19.85 -17.84
CA GLN NA 114 -74.31 20.21 -17.33
C GLN NA 114 -74.98 21.21 -18.28
N ARG NA 115 -74.28 22.23 -18.75
CA ARG NA 115 -74.96 23.23 -19.61
C ARG NA 115 -75.41 22.57 -20.90
N ILE NA 116 -74.56 21.72 -21.51
CA ILE NA 116 -74.92 21.07 -22.81
C ILE NA 116 -76.12 20.16 -22.57
N VAL NA 117 -76.08 19.36 -21.51
CA VAL NA 117 -77.19 18.43 -21.20
C VAL NA 117 -78.46 19.21 -20.84
N THR NA 118 -78.34 20.30 -20.08
CA THR NA 118 -79.53 21.11 -19.67
C THR NA 118 -80.17 21.73 -20.91
N ASP NA 119 -79.37 22.27 -21.81
CA ASP NA 119 -79.93 22.95 -23.00
C ASP NA 119 -80.64 21.94 -23.93
N LEU NA 120 -80.11 20.73 -24.10
CA LEU NA 120 -80.82 19.80 -25.03
C LEU NA 120 -82.21 19.55 -24.47
N GLU NA 121 -82.31 19.39 -23.16
CA GLU NA 121 -83.63 19.10 -22.53
C GLU NA 121 -84.58 20.28 -22.73
N THR NA 122 -84.09 21.52 -22.59
CA THR NA 122 -84.98 22.68 -22.86
C THR NA 122 -85.40 22.67 -24.34
N GLU NA 123 -84.50 22.36 -25.26
CA GLU NA 123 -84.89 22.26 -26.68
C GLU NA 123 -85.94 21.15 -26.89
N LEU NA 124 -85.77 19.99 -26.27
CA LEU NA 124 -86.73 18.90 -26.49
C LEU NA 124 -88.08 19.37 -25.97
N ALA NA 125 -88.11 20.04 -24.83
CA ALA NA 125 -89.41 20.44 -24.25
C ALA NA 125 -90.08 21.40 -25.22
N HIS NA 126 -89.34 22.35 -25.79
CA HIS NA 126 -89.98 23.35 -26.67
C HIS NA 126 -90.53 22.63 -27.91
N PHE NA 127 -89.79 21.69 -28.48
CA PHE NA 127 -90.24 20.96 -29.68
C PHE NA 127 -91.50 20.17 -29.34
N MET NA 128 -91.51 19.48 -28.20
CA MET NA 128 -92.66 18.64 -27.78
C MET NA 128 -93.86 19.55 -27.53
N MET NA 129 -93.61 20.74 -27.01
CA MET NA 129 -94.69 21.69 -26.72
C MET NA 129 -95.12 22.33 -28.04
N ASN NA 130 -94.16 22.60 -28.92
CA ASN NA 130 -94.52 23.28 -30.16
C ASN NA 130 -95.16 22.35 -31.16
N ASN NA 131 -94.81 21.06 -31.14
CA ASN NA 131 -95.36 20.12 -32.10
C ASN NA 131 -96.52 19.28 -31.57
N GLY NA 132 -96.74 19.24 -30.26
CA GLY NA 132 -97.89 18.53 -29.73
C GLY NA 132 -99.19 19.20 -30.11
N ALA NA 133 -100.24 18.39 -30.26
CA ALA NA 133 -101.52 18.87 -30.77
C ALA NA 133 -102.61 18.89 -29.69
N LEU NA 134 -102.79 17.78 -28.99
CA LEU NA 134 -103.90 17.65 -28.06
C LEU NA 134 -103.79 18.66 -26.91
N SER NA 135 -104.94 19.15 -26.47
CA SER NA 135 -105.01 20.09 -25.36
C SER NA 135 -106.14 19.70 -24.42
N LEU NA 136 -105.97 20.02 -23.15
CA LEU NA 136 -106.96 19.67 -22.14
C LEU NA 136 -106.93 20.71 -21.03
N GLY NA 137 -108.11 21.03 -20.49
CA GLY NA 137 -108.23 21.92 -19.36
C GLY NA 137 -107.89 23.37 -19.65
N SER NA 138 -108.32 24.27 -18.77
CA SER NA 138 -108.08 25.70 -18.82
C SER NA 138 -106.68 26.03 -18.32
N PRO NA 139 -105.90 26.79 -19.10
CA PRO NA 139 -104.51 27.07 -18.70
C PRO NA 139 -104.37 27.77 -17.36
N ASN NA 140 -105.35 28.59 -16.97
CA ASN NA 140 -105.22 29.35 -15.73
C ASN NA 140 -105.17 28.43 -14.51
N THR NA 141 -106.04 27.43 -14.46
CA THR NA 141 -106.16 26.61 -13.27
C THR NA 141 -104.95 25.68 -13.13
N PRO NA 142 -104.38 25.57 -11.93
CA PRO NA 142 -103.31 24.58 -11.71
C PRO NA 142 -103.88 23.19 -11.48
N ILE NA 143 -103.02 22.23 -11.15
CA ILE NA 143 -103.42 20.86 -10.87
C ILE NA 143 -103.60 20.71 -9.37
N THR NA 144 -104.79 20.29 -8.95
CA THR NA 144 -105.10 20.18 -7.54
C THR NA 144 -105.64 18.81 -7.14
N LYS NA 145 -106.30 18.09 -8.06
CA LYS NA 145 -107.01 16.88 -7.68
C LYS NA 145 -106.58 15.67 -8.51
N TRP NA 146 -107.31 14.57 -8.35
CA TRP NA 146 -106.94 13.32 -9.02
C TRP NA 146 -107.45 13.29 -10.46
N SER NA 147 -108.61 13.91 -10.71
CA SER NA 147 -109.16 13.91 -12.06
C SER NA 147 -108.28 14.69 -13.02
N ASP NA 148 -107.58 15.72 -12.53
CA ASP NA 148 -106.71 16.50 -13.40
C ASP NA 148 -105.61 15.66 -14.02
N VAL NA 149 -105.23 14.56 -13.37
CA VAL NA 149 -104.20 13.67 -13.88
C VAL NA 149 -104.86 12.51 -14.62
N ALA NA 150 -106.01 12.05 -14.11
CA ALA NA 150 -106.68 10.91 -14.73
C ALA NA 150 -107.22 11.25 -16.12
N GLN NA 151 -107.53 12.52 -16.37
CA GLN NA 151 -108.16 12.89 -17.64
C GLN NA 151 -107.24 12.65 -18.83
N THR NA 152 -105.93 12.85 -18.66
CA THR NA 152 -105.00 12.61 -19.76
C THR NA 152 -105.00 11.14 -20.17
N ALA NA 153 -104.93 10.24 -19.19
CA ALA NA 153 -104.97 8.82 -19.49
C ALA NA 153 -106.30 8.42 -20.11
N SER NA 154 -107.40 8.99 -19.59
CA SER NA 154 -108.71 8.67 -20.16
C SER NA 154 -108.80 9.11 -21.61
N PHE NA 155 -108.31 10.30 -21.93
CA PHE NA 155 -108.37 10.79 -23.30
C PHE NA 155 -107.49 9.97 -24.23
N LEU NA 156 -106.28 9.61 -23.76
CA LEU NA 156 -105.41 8.80 -24.59
C LEU NA 156 -106.02 7.43 -24.86
N LYS NA 157 -106.67 6.83 -23.84
CA LYS NA 157 -107.36 5.58 -24.05
C LYS NA 157 -108.53 5.74 -25.02
N ASP NA 158 -109.26 6.85 -24.92
CA ASP NA 158 -110.42 7.06 -25.77
C ASP NA 158 -110.03 7.23 -27.23
N LEU NA 159 -108.87 7.87 -27.48
CA LEU NA 159 -108.41 7.99 -28.87
C LEU NA 159 -108.18 6.63 -29.50
N GLY NA 160 -107.55 5.72 -28.76
CA GLY NA 160 -107.40 4.36 -29.26
C GLY NA 160 -105.97 3.86 -29.29
N VAL NA 161 -105.04 4.58 -28.66
CA VAL NA 161 -103.65 4.17 -28.66
C VAL NA 161 -103.43 3.14 -27.55
N ASN NA 162 -102.83 2.00 -27.91
CA ASN NA 162 -102.49 0.98 -26.92
C ASN NA 162 -101.00 0.65 -26.91
N GLU NA 163 -100.40 0.43 -28.08
CA GLU NA 163 -99.01 -0.03 -28.16
C GLU NA 163 -98.09 1.09 -27.70
N GLY NA 164 -97.32 0.81 -26.65
CA GLY NA 164 -96.40 1.77 -26.09
C GLY NA 164 -96.66 1.93 -24.60
N GLU NA 165 -96.36 3.12 -24.10
CA GLU NA 165 -96.67 3.45 -22.71
C GLU NA 165 -96.69 4.97 -22.58
N ASN NA 166 -97.71 5.45 -21.88
CA ASN NA 166 -97.95 6.91 -21.82
C ASN NA 166 -97.19 7.50 -20.63
N TYR NA 167 -96.98 8.82 -20.63
CA TYR NA 167 -96.20 9.46 -19.56
C TYR NA 167 -96.78 10.85 -19.25
N ALA NA 168 -96.52 11.41 -18.07
CA ALA NA 168 -96.94 12.79 -17.75
C ALA NA 168 -95.84 13.47 -16.93
N VAL NA 169 -95.55 14.75 -17.15
CA VAL NA 169 -94.54 15.45 -16.30
C VAL NA 169 -95.17 16.69 -15.66
N MET NA 170 -95.02 16.86 -14.33
CA MET NA 170 -95.65 17.98 -13.58
C MET NA 170 -94.59 18.73 -12.78
N ASP NA 171 -94.82 19.98 -12.42
CA ASP NA 171 -93.85 20.81 -11.66
C ASP NA 171 -93.77 20.30 -10.22
N PRO NA 172 -92.67 20.53 -9.47
CA PRO NA 172 -92.55 20.02 -8.12
C PRO NA 172 -93.60 20.54 -7.13
N TRP NA 173 -93.95 21.82 -7.22
CA TRP NA 173 -94.97 22.39 -6.32
C TRP NA 173 -96.29 21.66 -6.56
N SER NA 174 -96.61 21.36 -7.81
CA SER NA 174 -97.88 20.67 -8.16
C SER NA 174 -97.93 19.28 -7.55
N ALA NA 175 -96.81 18.57 -7.54
CA ALA NA 175 -96.79 17.25 -6.87
C ALA NA 175 -97.02 17.39 -5.37
N GLN NA 176 -96.47 18.40 -4.72
CA GLN NA 176 -96.76 18.58 -3.27
C GLN NA 176 -98.27 18.52 -3.08
N ARG NA 177 -99.02 19.02 -4.06
CA ARG NA 177 -100.46 19.06 -3.89
C ARG NA 177 -101.08 17.66 -4.02
N LEU NA 178 -100.60 16.88 -4.99
CA LEU NA 178 -101.12 15.52 -5.15
C LEU NA 178 -100.77 14.65 -3.94
N ALA NA 179 -99.57 14.81 -3.39
CA ALA NA 179 -99.22 14.06 -2.18
C ALA NA 179 -100.06 14.49 -1.00
N ASP NA 180 -100.36 15.78 -0.89
CA ASP NA 180 -101.25 16.26 0.16
C ASP NA 180 -102.63 15.63 0.03
N ALA NA 181 -103.13 15.54 -1.20
CA ALA NA 181 -104.41 14.85 -1.41
C ALA NA 181 -104.31 13.38 -1.03
N GLN NA 182 -103.19 12.74 -1.37
CA GLN NA 182 -103.00 11.32 -1.05
C GLN NA 182 -102.97 11.08 0.45
N THR NA 183 -102.45 12.04 1.22
CA THR NA 183 -102.46 11.87 2.68
C THR NA 183 -103.86 11.80 3.25
N GLY NA 184 -104.87 12.20 2.49
CA GLY NA 184 -106.25 12.18 2.92
C GLY NA 184 -107.01 10.90 2.63
N LEU NA 185 -106.34 9.84 2.18
CA LEU NA 185 -107.02 8.59 1.90
C LEU NA 185 -107.53 7.97 3.20
N HIS NA 186 -108.35 6.94 3.05
CA HIS NA 186 -109.07 6.37 4.19
C HIS NA 186 -108.69 4.93 4.52
N ALA NA 187 -108.11 4.17 3.59
CA ALA NA 187 -107.86 2.76 3.87
C ALA NA 187 -106.50 2.25 3.44
N SER NA 188 -105.73 2.95 2.63
CA SER NA 188 -104.44 2.45 2.14
C SER NA 188 -103.34 2.94 3.06
N ASP NA 189 -102.98 2.12 4.04
CA ASP NA 189 -102.00 2.55 5.05
C ASP NA 189 -100.61 2.71 4.45
N GLN NA 190 -100.24 1.84 3.51
CA GLN NA 190 -98.95 2.00 2.85
C GLN NA 190 -98.86 3.34 2.11
N LEU NA 191 -99.91 3.67 1.36
CA LEU NA 191 -99.93 4.94 0.63
C LEU NA 191 -99.89 6.12 1.59
N VAL NA 192 -100.69 6.05 2.66
CA VAL NA 192 -100.74 7.16 3.61
C VAL NA 192 -99.38 7.35 4.26
N ARG NA 193 -98.75 6.26 4.70
CA ARG NA 193 -97.44 6.37 5.33
C ARG NA 193 -96.40 6.91 4.37
N THR NA 194 -96.37 6.43 3.13
CA THR NA 194 -95.39 6.91 2.17
C THR NA 194 -95.58 8.40 1.88
N ALA NA 195 -96.84 8.83 1.71
CA ALA NA 195 -97.09 10.24 1.44
C ALA NA 195 -96.77 11.11 2.64
N TRP NA 196 -96.99 10.59 3.86
CA TRP NA 196 -96.69 11.37 5.05
C TRP NA 196 -95.19 11.49 5.26
N GLU NA 197 -94.43 10.45 4.93
CA GLU NA 197 -92.99 10.47 5.17
C GLU NA 197 -92.25 11.21 4.05
N ASN NA 198 -92.34 10.71 2.82
CA ASN NA 198 -91.52 11.21 1.74
C ASN NA 198 -92.26 12.14 0.79
N ALA NA 199 -93.57 12.33 0.96
CA ALA NA 199 -94.38 13.13 0.06
C ALA NA 199 -94.21 12.67 -1.38
N GLN NA 200 -94.16 11.35 -1.57
CA GLN NA 200 -93.89 10.75 -2.87
C GLN NA 200 -95.13 10.00 -3.35
N ILE NA 201 -95.62 10.38 -4.52
CA ILE NA 201 -96.73 9.68 -5.16
C ILE NA 201 -96.17 8.41 -5.82
N PRO NA 202 -96.98 7.37 -6.01
CA PRO NA 202 -96.44 6.13 -6.60
C PRO NA 202 -96.11 6.28 -8.07
N THR NA 203 -95.69 5.18 -8.70
CA THR NA 203 -95.25 5.24 -10.09
C THR NA 203 -96.43 5.47 -11.03
N ASN NA 204 -97.38 4.55 -11.03
CA ASN NA 204 -98.55 4.65 -11.91
C ASN NA 204 -99.64 5.39 -11.15
N PHE NA 205 -100.00 6.59 -11.64
CA PHE NA 205 -100.95 7.46 -10.96
C PHE NA 205 -102.14 7.68 -11.89
N GLY NA 206 -103.23 6.95 -11.64
CA GLY NA 206 -104.44 7.11 -12.41
C GLY NA 206 -104.45 6.47 -13.78
N GLY NA 207 -103.55 5.52 -14.03
CA GLY NA 207 -103.47 4.88 -15.32
C GLY NA 207 -102.38 5.41 -16.24
N ILE NA 208 -101.57 6.35 -15.76
CA ILE NA 208 -100.49 6.93 -16.55
C ILE NA 208 -99.28 7.11 -15.62
N ARG NA 209 -98.08 6.94 -16.17
CA ARG NA 209 -96.88 7.07 -15.38
C ARG NA 209 -96.57 8.56 -15.19
N ALA NA 210 -96.54 9.01 -13.94
CA ALA NA 210 -96.38 10.41 -13.62
C ALA NA 210 -94.94 10.71 -13.22
N LEU NA 211 -94.47 11.89 -13.60
CA LEU NA 211 -93.11 12.33 -13.32
C LEU NA 211 -93.13 13.76 -12.82
N MET NA 212 -92.20 14.07 -11.91
CA MET NA 212 -92.04 15.39 -11.34
C MET NA 212 -90.67 15.94 -11.75
N SER NA 213 -90.65 17.16 -12.26
CA SER NA 213 -89.43 17.75 -12.77
C SER NA 213 -89.43 19.25 -12.57
N ASN NA 214 -88.32 19.78 -12.04
CA ASN NA 214 -88.17 21.22 -11.86
C ASN NA 214 -87.77 21.90 -13.16
N GLY NA 215 -86.95 21.25 -13.99
CA GLY NA 215 -86.54 21.83 -15.25
C GLY NA 215 -87.55 21.61 -16.35
N LEU NA 216 -88.29 22.65 -16.70
CA LEU NA 216 -89.36 22.53 -17.69
C LEU NA 216 -89.56 23.91 -18.31
N ALA NA 217 -89.82 23.95 -19.62
CA ALA NA 217 -89.90 25.20 -20.33
C ALA NA 217 -91.16 25.98 -19.96
N SER NA 218 -91.13 27.28 -20.25
CA SER NA 218 -92.22 28.19 -19.97
C SER NA 218 -92.50 29.03 -21.21
N ARG NA 219 -93.76 29.43 -21.38
CA ARG NA 219 -94.16 30.15 -22.57
C ARG NA 219 -95.11 31.29 -22.23
N THR NA 220 -95.13 32.27 -23.13
CA THR NA 220 -95.99 33.45 -23.04
C THR NA 220 -97.13 33.32 -24.03
N GLN NA 221 -98.31 33.83 -23.67
CA GLN NA 221 -99.49 33.66 -24.50
C GLN NA 221 -99.38 34.48 -25.79
N GLY NA 222 -99.21 35.79 -25.66
CA GLY NA 222 -99.16 36.66 -26.83
C GLY NA 222 -100.47 37.36 -27.08
N ALA NA 223 -100.44 38.68 -27.25
CA ALA NA 223 -101.65 39.48 -27.26
C ALA NA 223 -102.54 39.15 -28.45
N PHE NA 224 -103.85 39.07 -28.20
CA PHE NA 224 -104.84 38.88 -29.24
C PHE NA 224 -106.17 39.49 -28.79
N GLY NA 225 -107.08 39.64 -29.75
CA GLY NA 225 -108.39 40.19 -29.44
C GLY NA 225 -109.37 40.15 -30.60
N GLY NA 226 -110.63 39.87 -30.30
CA GLY NA 226 -111.66 39.85 -31.31
C GLY NA 226 -112.20 38.46 -31.55
N THR NA 227 -113.41 38.37 -32.07
CA THR NA 227 -114.04 37.08 -32.39
C THR NA 227 -113.49 36.58 -33.71
N LEU NA 228 -112.46 35.74 -33.64
CA LEU NA 228 -111.83 35.24 -34.85
C LEU NA 228 -112.73 34.24 -35.56
N THR NA 229 -112.54 34.13 -36.86
CA THR NA 229 -113.25 33.15 -37.68
C THR NA 229 -112.43 32.91 -38.94
N VAL NA 230 -112.70 31.78 -39.60
CA VAL NA 230 -111.94 31.38 -40.77
C VAL NA 230 -112.45 32.13 -41.99
N LYS NA 231 -111.52 32.56 -42.85
CA LYS NA 231 -111.86 33.37 -44.01
C LYS NA 231 -112.00 32.54 -45.28
N THR NA 232 -110.98 31.76 -45.61
CA THR NA 232 -110.98 30.93 -46.82
C THR NA 232 -110.92 29.46 -46.43
N GLN NA 233 -111.62 28.64 -47.19
CA GLN NA 233 -111.65 27.20 -46.93
C GLN NA 233 -110.28 26.59 -47.22
N PRO NA 234 -109.64 25.94 -46.25
CA PRO NA 234 -108.35 25.30 -46.50
C PRO NA 234 -108.51 23.95 -47.18
N THR NA 235 -107.39 23.41 -47.63
CA THR NA 235 -107.33 22.09 -48.25
C THR NA 235 -106.71 21.12 -47.26
N VAL NA 236 -107.49 20.14 -46.81
CA VAL NA 236 -107.04 19.22 -45.77
C VAL NA 236 -107.13 17.79 -46.29
N THR NA 237 -106.95 17.60 -47.59
CA THR NA 237 -106.98 16.26 -48.15
C THR NA 237 -105.72 15.48 -47.79
N TYR NA 238 -105.87 14.15 -47.74
CA TYR NA 238 -104.73 13.31 -47.36
C TYR NA 238 -103.59 13.42 -48.37
N ASN NA 239 -103.92 13.61 -49.65
CA ASN NA 239 -102.86 13.81 -50.64
C ASN NA 239 -102.07 15.07 -50.34
N ALA NA 240 -102.74 16.11 -49.82
CA ALA NA 240 -102.05 17.35 -49.50
C ALA NA 240 -101.22 17.22 -48.23
N VAL NA 241 -101.77 16.59 -47.19
CA VAL NA 241 -101.14 16.60 -45.87
C VAL NA 241 -100.64 15.21 -45.46
N LYS NA 242 -100.26 14.38 -46.43
CA LYS NA 242 -99.84 13.01 -46.14
C LYS NA 242 -98.38 12.90 -45.75
N ASP NA 243 -97.65 14.01 -45.66
CA ASP NA 243 -96.22 13.93 -45.42
C ASP NA 243 -95.79 14.65 -44.14
N SER NA 244 -96.62 15.56 -43.64
CA SER NA 244 -96.24 16.37 -42.49
C SER NA 244 -97.29 16.51 -41.41
N TYR NA 245 -98.58 16.30 -41.71
CA TYR NA 245 -99.66 16.68 -40.78
C TYR NA 245 -99.53 18.12 -40.33
N GLN NA 246 -99.27 19.01 -41.28
CA GLN NA 246 -99.30 20.45 -41.03
C GLN NA 246 -100.11 21.11 -42.14
N PHE NA 247 -100.79 22.19 -41.80
CA PHE NA 247 -101.60 22.89 -42.79
C PHE NA 247 -101.71 24.37 -42.43
N THR NA 248 -101.91 25.19 -43.45
CA THR NA 248 -101.97 26.63 -43.28
C THR NA 248 -103.41 27.11 -43.41
N VAL NA 249 -103.73 28.19 -42.70
CA VAL NA 249 -105.09 28.73 -42.67
C VAL NA 249 -105.03 30.22 -42.40
N THR NA 250 -106.01 30.94 -42.95
CA THR NA 250 -106.14 32.37 -42.75
C THR NA 250 -107.37 32.67 -41.91
N LEU NA 251 -107.26 33.65 -41.03
CA LEU NA 251 -108.30 34.02 -40.08
C LEU NA 251 -108.57 35.51 -40.18
N THR NA 252 -109.83 35.89 -39.97
CA THR NA 252 -110.25 37.28 -40.07
C THR NA 252 -110.96 37.70 -38.79
N GLY NA 253 -111.35 38.97 -38.73
CA GLY NA 253 -111.98 39.50 -37.55
C GLY NA 253 -111.04 39.80 -36.40
N ALA NA 254 -109.75 39.94 -36.68
CA ALA NA 254 -108.75 40.14 -35.63
C ALA NA 254 -108.55 41.63 -35.37
N THR NA 255 -107.56 41.94 -34.53
CA THR NA 255 -107.24 43.31 -34.18
C THR NA 255 -106.54 44.00 -35.36
N ALA NA 256 -106.60 45.33 -35.38
CA ALA NA 256 -106.14 46.13 -36.49
C ALA NA 256 -104.70 45.82 -36.90
N SER NA 257 -103.74 46.06 -36.00
CA SER NA 257 -102.34 45.82 -36.33
C SER NA 257 -101.59 45.58 -35.02
N VAL NA 258 -101.29 44.31 -34.73
CA VAL NA 258 -100.56 43.92 -33.53
C VAL NA 258 -99.39 43.04 -33.94
N THR NA 259 -98.19 43.39 -33.48
CA THR NA 259 -97.03 42.55 -33.69
C THR NA 259 -97.02 41.41 -32.69
N GLY NA 260 -96.53 40.25 -33.13
CA GLY NA 260 -96.55 39.07 -32.29
C GLY NA 260 -97.96 38.66 -31.90
N PHE NA 261 -98.87 38.62 -32.86
CA PHE NA 261 -100.27 38.33 -32.57
C PHE NA 261 -100.43 36.93 -31.97
N LEU NA 262 -99.75 35.94 -32.53
CA LEU NA 262 -99.81 34.58 -32.03
C LEU NA 262 -98.39 34.06 -31.84
N LYS NA 263 -98.06 33.71 -30.59
CA LYS NA 263 -96.77 33.12 -30.29
C LYS NA 263 -96.77 31.64 -30.71
N ALA NA 264 -95.61 31.01 -30.58
CA ALA NA 264 -95.47 29.59 -30.91
C ALA NA 264 -95.90 28.76 -29.70
N GLY NA 265 -96.86 27.88 -29.91
CA GLY NA 265 -97.37 27.01 -28.86
C GLY NA 265 -98.81 27.25 -28.47
N ASP NA 266 -99.46 28.29 -28.99
CA ASP NA 266 -100.85 28.54 -28.65
C ASP NA 266 -101.76 27.51 -29.30
N GLN NA 267 -102.88 27.23 -28.63
CA GLN NA 267 -103.84 26.23 -29.08
C GLN NA 267 -105.07 26.92 -29.63
N VAL NA 268 -105.35 26.68 -30.91
CA VAL NA 268 -106.53 27.20 -31.59
C VAL NA 268 -107.57 26.10 -31.68
N LYS NA 269 -108.77 26.37 -31.19
CA LYS NA 269 -109.83 25.38 -31.10
C LYS NA 269 -110.94 25.69 -32.10
N PHE NA 270 -111.31 24.69 -32.89
CA PHE NA 270 -112.42 24.79 -33.83
C PHE NA 270 -113.68 24.28 -33.13
N THR NA 271 -114.71 25.12 -33.07
CA THR NA 271 -115.86 24.80 -32.23
C THR NA 271 -116.68 23.66 -32.79
N ASN NA 272 -117.00 23.70 -34.08
CA ASN NA 272 -118.00 22.80 -34.66
C ASN NA 272 -117.42 21.51 -35.19
N THR NA 273 -116.11 21.29 -35.09
CA THR NA 273 -115.47 20.08 -35.59
C THR NA 273 -114.96 19.27 -34.41
N TYR NA 274 -115.35 18.00 -34.34
CA TYR NA 274 -115.04 17.14 -33.21
C TYR NA 274 -114.06 16.05 -33.59
N TRP NA 275 -113.38 15.52 -32.58
CA TRP NA 275 -112.46 14.40 -32.80
C TRP NA 275 -113.24 13.12 -33.09
N LEU NA 276 -112.54 12.16 -33.70
CA LEU NA 276 -113.11 10.86 -34.01
C LEU NA 276 -112.25 9.75 -33.43
N GLN NA 277 -112.89 8.70 -32.95
CA GLN NA 277 -112.18 7.47 -32.64
C GLN NA 277 -111.57 6.92 -33.93
N GLN NA 278 -110.24 6.92 -33.98
CA GLN NA 278 -109.55 6.79 -35.26
C GLN NA 278 -109.84 5.45 -35.94
N GLN NA 279 -110.33 4.47 -35.18
CA GLN NA 279 -110.65 3.18 -35.78
C GLN NA 279 -112.11 3.13 -36.22
N THR NA 280 -113.04 3.31 -35.28
CA THR NA 280 -114.46 3.18 -35.62
C THR NA 280 -115.00 4.43 -36.27
N LYS NA 281 -114.24 5.52 -36.28
CA LYS NA 281 -114.66 6.79 -36.88
C LYS NA 281 -115.96 7.31 -36.27
N GLN NA 282 -116.02 7.37 -34.95
CA GLN NA 282 -117.17 7.90 -34.22
C GLN NA 282 -116.74 9.06 -33.34
N ALA NA 283 -117.68 9.93 -33.02
CA ALA NA 283 -117.37 11.12 -32.24
C ALA NA 283 -117.01 10.76 -30.80
N LEU NA 284 -116.43 11.74 -30.10
CA LEU NA 284 -116.02 11.57 -28.72
C LEU NA 284 -116.90 12.41 -27.80
N TYR NA 285 -117.31 11.82 -26.68
CA TYR NA 285 -118.17 12.49 -25.71
C TYR NA 285 -117.42 12.63 -24.38
N ASN NA 286 -117.28 13.88 -23.92
CA ASN NA 286 -116.60 14.16 -22.65
C ASN NA 286 -117.63 14.28 -21.52
N GLY NA 287 -118.39 13.21 -21.32
CA GLY NA 287 -119.35 13.18 -20.24
C GLY NA 287 -120.58 14.03 -20.46
N ALA NA 288 -120.38 15.33 -20.69
CA ALA NA 288 -121.48 16.26 -20.87
C ALA NA 288 -121.47 16.99 -22.21
N THR NA 289 -120.33 17.12 -22.86
CA THR NA 289 -120.23 17.81 -24.14
C THR NA 289 -119.21 17.08 -25.01
N PRO NA 290 -119.39 17.11 -26.32
CA PRO NA 290 -118.39 16.51 -27.22
C PRO NA 290 -117.10 17.32 -27.22
N ILE NA 291 -116.01 16.65 -27.58
CA ILE NA 291 -114.68 17.24 -27.58
C ILE NA 291 -114.41 17.86 -28.94
N SER NA 292 -113.97 19.12 -28.93
CA SER NA 292 -113.70 19.84 -30.17
C SER NA 292 -112.24 19.66 -30.59
N PHE NA 293 -111.97 19.96 -31.86
CA PHE NA 293 -110.66 19.79 -32.44
C PHE NA 293 -109.77 20.99 -32.12
N THR NA 294 -108.49 20.73 -31.90
CA THR NA 294 -107.53 21.78 -31.56
C THR NA 294 -106.27 21.60 -32.40
N ALA NA 295 -105.57 22.71 -32.63
CA ALA NA 295 -104.31 22.71 -33.36
C ALA NA 295 -103.33 23.64 -32.65
N THR NA 296 -102.04 23.42 -32.90
CA THR NA 296 -100.99 24.15 -32.21
C THR NA 296 -100.24 25.04 -33.19
N VAL NA 297 -100.08 26.32 -32.83
CA VAL NA 297 -99.31 27.24 -33.65
C VAL NA 297 -97.84 26.82 -33.63
N THR NA 298 -97.22 26.79 -34.80
CA THR NA 298 -95.84 26.37 -34.94
C THR NA 298 -94.88 27.56 -34.97
N ALA NA 299 -95.13 28.54 -35.83
CA ALA NA 299 -94.28 29.71 -35.96
C ALA NA 299 -95.05 30.97 -35.59
N ASP NA 300 -94.30 31.98 -35.16
CA ASP NA 300 -94.91 33.24 -34.75
C ASP NA 300 -95.70 33.86 -35.89
N ALA NA 301 -96.87 34.39 -35.57
CA ALA NA 301 -97.76 34.97 -36.57
C ALA NA 301 -98.08 36.41 -36.20
N ASN NA 302 -97.94 37.30 -37.16
CA ASN NA 302 -98.21 38.72 -36.98
C ASN NA 302 -99.63 39.03 -37.46
N SER NA 303 -100.07 40.27 -37.25
CA SER NA 303 -101.38 40.72 -37.68
C SER NA 303 -101.22 42.03 -38.45
N ASP NA 304 -101.81 42.10 -39.63
CA ASP NA 304 -101.72 43.28 -40.48
C ASP NA 304 -103.08 43.99 -40.51
N SER NA 305 -103.09 45.16 -41.15
CA SER NA 305 -104.29 45.99 -41.18
C SER NA 305 -105.45 45.24 -41.82
N GLY NA 306 -106.65 45.43 -41.25
CA GLY NA 306 -107.82 44.70 -41.66
C GLY NA 306 -108.10 43.47 -40.84
N GLY NA 307 -107.18 43.04 -39.98
CA GLY NA 307 -107.39 41.90 -39.12
C GLY NA 307 -107.37 40.56 -39.84
N ASP NA 308 -106.36 40.34 -40.68
CA ASP NA 308 -106.17 39.06 -41.37
C ASP NA 308 -104.85 38.46 -40.91
N VAL NA 309 -104.89 37.23 -40.43
CA VAL NA 309 -103.70 36.54 -39.94
C VAL NA 309 -103.59 35.20 -40.65
N THR NA 310 -102.46 34.96 -41.30
CA THR NA 310 -102.16 33.68 -41.93
C THR NA 310 -101.20 32.91 -41.04
N VAL NA 311 -101.54 31.66 -40.73
CA VAL NA 311 -100.79 30.88 -39.76
C VAL NA 311 -100.68 29.44 -40.24
N THR NA 312 -99.68 28.73 -39.72
CA THR NA 312 -99.46 27.32 -40.01
C THR NA 312 -99.61 26.53 -38.72
N LEU NA 313 -100.42 25.48 -38.76
CA LEU NA 313 -100.75 24.68 -37.59
C LEU NA 313 -100.35 23.23 -37.81
N SER NA 314 -99.94 22.59 -36.71
CA SER NA 314 -99.60 21.17 -36.71
C SER NA 314 -100.79 20.38 -36.20
N GLY NA 315 -101.16 19.34 -36.95
CA GLY NA 315 -102.38 18.60 -36.66
C GLY NA 315 -103.46 18.96 -37.66
N VAL NA 316 -103.91 17.98 -38.43
CA VAL NA 316 -104.81 18.25 -39.56
C VAL NA 316 -106.16 17.55 -39.36
N PRO NA 317 -107.27 18.24 -39.56
CA PRO NA 317 -108.61 17.63 -39.51
C PRO NA 317 -109.04 17.11 -40.88
N ILE NA 318 -108.48 15.97 -41.27
CA ILE NA 318 -108.71 15.43 -42.62
C ILE NA 318 -110.18 15.04 -42.76
N TYR NA 319 -110.83 15.57 -43.79
CA TYR NA 319 -112.18 15.18 -44.18
C TYR NA 319 -112.24 14.97 -45.69
N ASP NA 320 -111.29 14.20 -46.21
CA ASP NA 320 -111.27 13.91 -47.63
C ASP NA 320 -112.55 13.18 -48.04
N THR NA 321 -113.11 13.58 -49.18
CA THR NA 321 -114.36 13.00 -49.66
C THR NA 321 -114.16 11.88 -50.69
N THR NA 322 -112.98 11.77 -51.27
CA THR NA 322 -112.68 10.70 -52.21
C THR NA 322 -111.89 9.56 -51.57
N ASN NA 323 -111.24 9.80 -50.44
CA ASN NA 323 -110.53 8.77 -49.69
C ASN NA 323 -111.00 8.84 -48.24
N PRO NA 324 -112.22 8.38 -47.97
CA PRO NA 324 -112.79 8.56 -46.62
C PRO NA 324 -112.07 7.81 -45.53
N GLN NA 325 -111.24 6.82 -45.87
CA GLN NA 325 -110.63 5.97 -44.85
C GLN NA 325 -109.64 6.71 -43.97
N TYR NA 326 -109.19 7.91 -44.37
CA TYR NA 326 -108.21 8.65 -43.60
C TYR NA 326 -108.81 9.84 -42.83
N ASN NA 327 -110.13 9.88 -42.69
CA ASN NA 327 -110.76 10.96 -41.95
C ASN NA 327 -110.35 10.94 -40.49
N SER NA 328 -110.23 12.14 -39.90
CA SER NA 328 -109.94 12.27 -38.48
C SER NA 328 -110.75 13.39 -37.84
N VAL NA 329 -111.89 13.73 -38.43
CA VAL NA 329 -112.73 14.80 -37.93
C VAL NA 329 -114.14 14.57 -38.44
N SER NA 330 -115.13 15.10 -37.71
CA SER NA 330 -116.52 14.82 -38.05
C SER NA 330 -116.95 15.53 -39.32
N ARG NA 331 -116.59 16.81 -39.46
CA ARG NA 331 -117.01 17.60 -40.61
C ARG NA 331 -115.84 18.43 -41.12
N GLN NA 332 -116.00 18.95 -42.33
CA GLN NA 332 -114.95 19.72 -42.98
C GLN NA 332 -114.99 21.16 -42.50
N VAL NA 333 -113.81 21.70 -42.18
CA VAL NA 333 -113.71 23.12 -41.84
C VAL NA 333 -113.95 23.95 -43.08
N GLU NA 334 -114.93 24.86 -43.01
CA GLU NA 334 -115.30 25.67 -44.17
C GLU NA 334 -115.47 27.12 -43.71
N ALA NA 335 -115.61 28.02 -44.67
CA ALA NA 335 -115.64 29.44 -44.39
C ALA NA 335 -116.81 29.79 -43.48
N GLY NA 336 -116.58 30.75 -42.58
CA GLY NA 336 -117.59 31.16 -41.63
C GLY NA 336 -117.59 30.39 -40.33
N ASP NA 337 -116.72 29.39 -40.18
CA ASP NA 337 -116.66 28.61 -38.95
C ASP NA 337 -116.13 29.47 -37.81
N ALA NA 338 -116.50 29.07 -36.58
CA ALA NA 338 -116.14 29.80 -35.38
C ALA NA 338 -114.96 29.13 -34.70
N VAL NA 339 -113.91 29.91 -34.43
CA VAL NA 339 -112.70 29.40 -33.79
C VAL NA 339 -112.39 30.28 -32.59
N SER NA 340 -111.60 29.72 -31.68
CA SER NA 340 -111.14 30.46 -30.50
C SER NA 340 -109.72 30.03 -30.18
N VAL NA 341 -109.15 30.65 -29.15
CA VAL NA 341 -107.81 30.33 -28.69
C VAL NA 341 -107.86 30.09 -27.20
N VAL NA 342 -107.02 29.19 -26.69
CA VAL NA 342 -107.03 28.87 -25.28
C VAL NA 342 -106.26 29.94 -24.50
N GLY NA 343 -106.67 30.16 -23.26
CA GLY NA 343 -105.95 31.04 -22.36
C GLY NA 343 -106.39 32.48 -22.45
N THR NA 344 -105.63 33.33 -21.75
CA THR NA 344 -105.87 34.76 -21.70
C THR NA 344 -104.88 35.48 -22.63
N ALA NA 345 -104.85 36.81 -22.53
CA ALA NA 345 -104.13 37.65 -23.47
C ALA NA 345 -102.62 37.38 -23.50
N SER NA 346 -101.92 37.67 -22.41
CA SER NA 346 -100.46 37.62 -22.46
C SER NA 346 -99.85 37.03 -21.19
N GLN NA 347 -100.53 36.09 -20.55
CA GLN NA 347 -99.98 35.50 -19.34
C GLN NA 347 -98.84 34.54 -19.67
N THR NA 348 -97.99 34.29 -18.67
CA THR NA 348 -96.85 33.40 -18.81
C THR NA 348 -97.11 32.19 -17.93
N MET NA 349 -96.79 31.00 -18.44
CA MET NA 349 -97.05 29.78 -17.68
C MET NA 349 -96.06 28.69 -18.06
N LYS NA 350 -95.91 27.73 -17.15
CA LYS NA 350 -95.12 26.53 -17.42
C LYS NA 350 -96.07 25.38 -17.65
N PRO NA 351 -96.26 24.93 -18.89
CA PRO NA 351 -97.24 23.88 -19.16
C PRO NA 351 -96.80 22.53 -18.61
N ASN NA 352 -97.79 21.66 -18.42
CA ASN NA 352 -97.58 20.29 -17.96
C ASN NA 352 -97.88 19.35 -19.12
N LEU NA 353 -97.01 18.37 -19.34
CA LEU NA 353 -97.04 17.61 -20.58
C LEU NA 353 -97.53 16.19 -20.36
N PHE NA 354 -98.16 15.64 -21.39
CA PHE NA 354 -98.52 14.22 -21.41
C PHE NA 354 -98.35 13.72 -22.83
N TYR NA 355 -97.79 12.52 -22.97
CA TYR NA 355 -97.44 12.04 -24.30
C TYR NA 355 -97.33 10.52 -24.31
N ASN NA 356 -97.31 9.98 -25.52
CA ASN NA 356 -97.08 8.56 -25.75
C ASN NA 356 -95.59 8.31 -26.01
N LYS NA 357 -95.21 7.03 -25.99
CA LYS NA 357 -93.83 6.66 -26.28
C LYS NA 357 -93.44 7.06 -27.70
N PHE NA 358 -94.26 6.71 -28.68
CA PHE NA 358 -93.96 6.95 -30.08
C PHE NA 358 -94.54 8.26 -30.59
N PHE NA 359 -94.16 9.36 -29.96
CA PHE NA 359 -94.59 10.70 -30.34
C PHE NA 359 -93.45 11.51 -30.93
N CYS NA 360 -92.35 11.66 -30.19
CA CYS NA 360 -91.17 12.36 -30.68
C CYS NA 360 -89.94 11.50 -30.42
N GLY NA 361 -88.95 11.62 -31.29
CA GLY NA 361 -87.70 10.91 -31.15
C GLY NA 361 -86.57 11.82 -30.71
N LEU NA 362 -85.38 11.22 -30.60
CA LEU NA 362 -84.19 11.94 -30.20
C LEU NA 362 -82.97 11.11 -30.55
N GLY NA 363 -82.05 11.70 -31.30
CA GLY NA 363 -80.85 10.97 -31.68
C GLY NA 363 -79.64 11.89 -31.63
N SER NA 364 -78.47 11.26 -31.68
CA SER NA 364 -77.22 11.99 -31.63
C SER NA 364 -76.37 11.61 -32.84
N ILE NA 365 -75.58 12.57 -33.32
CA ILE NA 365 -74.70 12.36 -34.47
C ILE NA 365 -73.26 12.36 -33.96
N PRO NA 366 -72.54 11.26 -34.08
CA PRO NA 366 -71.12 11.25 -33.67
C PRO NA 366 -70.31 12.23 -34.50
N LEU NA 367 -69.33 12.86 -33.84
CA LEU NA 367 -68.51 13.88 -34.46
C LEU NA 367 -67.08 13.40 -34.58
N PRO NA 368 -66.45 13.53 -35.74
CA PRO NA 368 -65.06 13.08 -35.90
C PRO NA 368 -64.07 14.07 -35.32
N LYS NA 369 -62.85 13.61 -35.16
CA LYS NA 369 -61.78 14.41 -34.56
C LYS NA 369 -61.21 15.38 -35.59
N LEU NA 370 -61.00 16.63 -35.16
CA LEU NA 370 -60.35 17.61 -36.01
C LEU NA 370 -58.87 17.26 -36.20
N HIS NA 371 -58.37 17.44 -37.41
CA HIS NA 371 -57.00 17.08 -37.71
C HIS NA 371 -56.02 17.98 -36.95
N SER NA 372 -54.97 17.36 -36.41
CA SER NA 372 -53.85 18.08 -35.78
C SER NA 372 -54.31 19.00 -34.65
N ILE NA 373 -55.45 18.68 -34.04
CA ILE NA 373 -55.97 19.44 -32.90
C ILE NA 373 -56.35 18.43 -31.81
N ASP NA 374 -55.74 18.56 -30.64
CA ASP NA 374 -55.97 17.59 -29.58
C ASP NA 374 -57.39 17.71 -29.04
N SER NA 375 -57.94 16.56 -28.64
CA SER NA 375 -59.36 16.45 -28.34
C SER NA 375 -59.58 15.29 -27.38
N ALA NA 376 -60.83 15.12 -26.98
CA ALA NA 376 -61.25 14.03 -26.11
C ALA NA 376 -62.76 13.88 -26.20
N VAL NA 377 -63.26 12.78 -25.66
CA VAL NA 377 -64.69 12.46 -25.67
C VAL NA 377 -65.13 12.26 -24.22
N ALA NA 378 -66.19 12.96 -23.82
CA ALA NA 378 -66.72 12.86 -22.46
C ALA NA 378 -68.14 12.33 -22.52
N THR NA 379 -68.40 11.26 -21.78
CA THR NA 379 -69.70 10.61 -21.78
C THR NA 379 -70.48 11.01 -20.53
N TYR NA 380 -71.77 11.30 -20.71
CA TYR NA 380 -72.62 11.76 -19.60
C TYR NA 380 -74.03 11.26 -19.86
N GLU NA 381 -74.44 10.27 -19.05
CA GLU NA 381 -75.68 9.49 -19.28
C GLU NA 381 -75.96 9.26 -20.75
N GLY NA 382 -75.02 8.62 -21.43
CA GLY NA 382 -75.24 8.20 -22.79
C GLY NA 382 -75.05 9.28 -23.84
N PHE NA 383 -74.75 10.50 -23.44
CA PHE NA 383 -74.50 11.59 -24.39
C PHE NA 383 -73.00 11.84 -24.47
N SER NA 384 -72.46 11.80 -25.69
CA SER NA 384 -71.04 11.97 -25.92
C SER NA 384 -70.77 13.40 -26.38
N ILE NA 385 -69.90 14.09 -25.66
CA ILE NA 385 -69.53 15.46 -25.94
C ILE NA 385 -68.10 15.45 -26.45
N ARG NA 386 -67.87 16.07 -27.61
CA ARG NA 386 -66.53 16.15 -28.19
C ARG NA 386 -65.88 17.44 -27.74
N VAL NA 387 -64.76 17.35 -27.03
CA VAL NA 387 -64.02 18.50 -26.55
C VAL NA 387 -62.76 18.65 -27.38
N HIS NA 388 -62.51 19.87 -27.84
CA HIS NA 388 -61.33 20.21 -28.62
C HIS NA 388 -60.57 21.33 -27.94
N LYS NA 389 -59.25 21.31 -28.07
CA LYS NA 389 -58.40 22.36 -27.51
C LYS NA 389 -57.46 22.87 -28.57
N TYR NA 390 -57.28 24.20 -28.63
CA TYR NA 390 -56.34 24.77 -29.58
C TYR NA 390 -55.78 26.07 -29.00
N ALA NA 391 -54.74 26.58 -29.63
CA ALA NA 391 -54.02 27.75 -29.13
C ALA NA 391 -53.73 28.72 -30.26
N ASP NA 392 -54.75 29.01 -31.08
CA ASP NA 392 -54.58 29.97 -32.16
C ASP NA 392 -54.21 31.33 -31.60
N GLY NA 393 -53.20 31.95 -32.22
CA GLY NA 393 -52.65 33.19 -31.71
C GLY NA 393 -51.60 32.94 -30.65
N ASP NA 394 -50.53 33.75 -30.64
CA ASP NA 394 -49.42 33.57 -29.71
C ASP NA 394 -49.48 34.56 -28.57
N ALA NA 395 -50.69 34.90 -28.13
CA ALA NA 395 -50.90 35.81 -27.00
C ALA NA 395 -51.24 35.05 -25.73
N ASN NA 396 -50.89 33.76 -25.67
CA ASN NA 396 -51.26 32.87 -24.57
C ASN NA 396 -52.77 32.90 -24.33
N VAL NA 397 -53.53 32.79 -25.41
CA VAL NA 397 -54.97 32.69 -25.36
C VAL NA 397 -55.32 31.30 -25.88
N GLN NA 398 -55.43 30.33 -24.98
CA GLN NA 398 -55.86 29.00 -25.38
C GLN NA 398 -57.38 28.91 -25.32
N LYS NA 399 -57.94 28.09 -26.20
CA LYS NA 399 -59.39 27.98 -26.33
C LYS NA 399 -59.79 26.52 -26.28
N MET NA 400 -60.89 26.24 -25.59
CA MET NA 400 -61.47 24.91 -25.53
C MET NA 400 -62.94 25.00 -25.93
N ARG NA 401 -63.40 24.00 -26.66
CA ARG NA 401 -64.77 23.97 -27.14
C ARG NA 401 -65.37 22.58 -26.92
N PHE NA 402 -66.68 22.56 -26.70
CA PHE NA 402 -67.43 21.33 -26.50
C PHE NA 402 -68.59 21.30 -27.49
N ASP NA 403 -68.78 20.15 -28.14
CA ASP NA 403 -69.78 20.03 -29.19
C ASP NA 403 -70.62 18.78 -29.01
N LEU NA 404 -71.88 18.89 -29.41
CA LEU NA 404 -72.84 17.80 -29.46
C LEU NA 404 -73.89 18.12 -30.52
N LEU NA 405 -74.24 17.11 -31.32
CA LEU NA 405 -75.15 17.34 -32.45
C LEU NA 405 -76.40 16.50 -32.32
N PRO NA 406 -77.55 17.11 -32.06
CA PRO NA 406 -78.80 16.37 -31.89
C PRO NA 406 -79.60 16.28 -33.18
N ALA NA 407 -80.59 15.38 -33.16
CA ALA NA 407 -81.50 15.18 -34.27
C ALA NA 407 -82.88 14.83 -33.75
N TYR NA 408 -83.91 15.40 -34.36
CA TYR NA 408 -85.28 15.22 -33.93
C TYR NA 408 -86.16 14.69 -35.06
N VAL NA 409 -87.23 14.01 -34.64
CA VAL NA 409 -88.27 13.51 -35.53
C VAL NA 409 -89.58 13.54 -34.77
N CYS NA 410 -90.66 13.89 -35.48
CA CYS NA 410 -92.00 13.89 -34.92
C CYS NA 410 -92.82 12.85 -35.68
N PHE NA 411 -93.29 11.81 -34.97
CA PHE NA 411 -93.94 10.69 -35.64
C PHE NA 411 -95.40 11.00 -35.96
N ASN NA 412 -96.20 11.25 -34.93
CA ASN NA 412 -97.63 11.53 -35.11
C ASN NA 412 -98.04 12.64 -34.15
N PRO NA 413 -98.38 13.83 -34.63
CA PRO NA 413 -98.77 14.92 -33.72
C PRO NA 413 -100.02 14.63 -32.92
N HIS NA 414 -100.86 13.69 -33.34
CA HIS NA 414 -102.14 13.43 -32.68
C HIS NA 414 -102.02 12.51 -31.47
N MET NA 415 -100.82 12.35 -30.92
CA MET NA 415 -100.61 11.48 -29.77
C MET NA 415 -99.78 12.19 -28.70
N GLY NA 416 -100.15 13.42 -28.40
CA GLY NA 416 -99.47 14.17 -27.35
C GLY NA 416 -99.94 15.61 -27.34
N GLY NA 417 -99.38 16.36 -26.41
CA GLY NA 417 -99.71 17.76 -26.32
C GLY NA 417 -99.59 18.26 -24.88
N GLN NA 418 -100.36 19.29 -24.58
CA GLN NA 418 -100.33 19.98 -23.30
C GLN NA 418 -101.62 19.73 -22.54
N PHE NA 419 -101.55 19.87 -21.21
CA PHE NA 419 -102.72 19.74 -20.37
C PHE NA 419 -102.54 20.57 -19.12
N PHE NA 420 -103.67 21.06 -18.60
CA PHE NA 420 -103.69 21.85 -17.38
C PHE NA 420 -104.82 21.33 -16.50
N GLY NA 421 -105.08 22.04 -15.40
CA GLY NA 421 -106.19 21.68 -14.54
C GLY NA 421 -107.49 22.33 -14.96
N ASN NA 422 -108.59 21.67 -14.66
CA ASN NA 422 -109.91 22.17 -14.98
C ASN NA 422 -110.78 22.23 -13.73
N PRO NA 423 -111.57 23.30 -13.57
CA PRO NA 423 -112.44 23.46 -12.40
C PRO NA 423 -113.79 22.79 -12.58
N PRO OA 2 21.83 -7.43 -119.50
CA PRO OA 2 22.61 -7.22 -118.28
C PRO OA 2 21.77 -7.34 -117.01
N ASN OA 3 22.24 -8.11 -116.05
CA ASN OA 3 21.53 -8.33 -114.80
C ASN OA 3 21.79 -7.15 -113.86
N ASN OA 4 20.71 -6.52 -113.40
CA ASN OA 4 20.77 -5.43 -112.44
C ASN OA 4 20.04 -5.90 -111.19
N LEU OA 5 20.77 -6.57 -110.31
CA LEU OA 5 20.19 -7.20 -109.12
C LEU OA 5 20.95 -6.79 -107.86
N ASP OA 6 21.35 -5.53 -107.80
CA ASP OA 6 21.98 -5.00 -106.59
C ASP OA 6 20.97 -4.64 -105.51
N SER OA 7 19.66 -4.74 -105.81
CA SER OA 7 18.61 -4.57 -104.82
C SER OA 7 18.27 -5.88 -104.12
N ASN OA 8 18.93 -6.98 -104.50
CA ASN OA 8 18.73 -8.28 -103.87
C ASN OA 8 19.64 -8.50 -102.68
N VAL OA 9 20.59 -7.59 -102.43
CA VAL OA 9 21.55 -7.71 -101.35
C VAL OA 9 21.46 -6.48 -100.46
N SER OA 10 22.17 -6.52 -99.34
CA SER OA 10 22.11 -5.48 -98.34
C SER OA 10 23.52 -5.11 -97.88
N GLN OA 11 23.72 -3.82 -97.65
CA GLN OA 11 24.97 -3.32 -97.08
C GLN OA 11 24.93 -3.56 -95.57
N ILE OA 12 25.89 -4.33 -95.07
CA ILE OA 12 25.87 -4.82 -93.69
C ILE OA 12 27.13 -4.36 -92.98
N VAL OA 13 27.00 -4.03 -91.70
CA VAL OA 13 28.12 -3.66 -90.85
C VAL OA 13 28.15 -4.63 -89.68
N LEU OA 14 29.26 -5.36 -89.55
CA LEU OA 14 29.36 -6.38 -88.52
C LEU OA 14 29.51 -5.74 -87.15
N LYS OA 15 29.20 -6.53 -86.11
CA LYS OA 15 29.27 -6.06 -84.73
C LYS OA 15 30.63 -6.42 -84.12
N LYS OA 16 31.69 -5.95 -84.78
CA LYS OA 16 33.05 -6.20 -84.31
C LYS OA 16 33.82 -4.88 -84.29
N PHE OA 17 34.56 -4.65 -83.22
CA PHE OA 17 35.33 -3.43 -83.03
C PHE OA 17 36.81 -3.73 -83.20
N LEU OA 18 37.48 -2.91 -84.01
CA LEU OA 18 38.91 -3.06 -84.20
C LEU OA 18 39.67 -2.62 -82.94
N PRO OA 19 40.85 -3.18 -82.70
CA PRO OA 19 41.63 -2.77 -81.53
C PRO OA 19 42.07 -1.32 -81.62
N GLY OA 20 42.18 -0.69 -80.46
CA GLY OA 20 42.59 0.68 -80.35
C GLY OA 20 44.01 0.82 -79.80
N PHE OA 21 44.30 2.02 -79.30
CA PHE OA 21 45.61 2.34 -78.75
C PHE OA 21 45.53 2.40 -77.22
N MET OA 22 46.70 2.45 -76.58
CA MET OA 22 46.78 2.40 -75.13
C MET OA 22 48.09 3.03 -74.66
N SER OA 23 48.12 3.39 -73.37
CA SER OA 23 49.29 3.94 -72.74
C SER OA 23 49.68 3.12 -71.52
N ASP OA 24 50.60 3.63 -70.70
CA ASP OA 24 51.09 2.88 -69.55
C ASP OA 24 50.95 3.72 -68.29
N LEU OA 25 50.67 3.04 -67.18
CA LEU OA 25 50.57 3.65 -65.86
C LEU OA 25 51.72 3.13 -65.01
N VAL OA 26 52.63 4.03 -64.65
CA VAL OA 26 53.78 3.68 -63.82
C VAL OA 26 53.85 4.64 -62.63
N LEU OA 27 53.81 5.94 -62.91
CA LEU OA 27 54.04 6.94 -61.88
C LEU OA 27 52.97 6.89 -60.80
N ALA OA 28 51.70 6.73 -61.20
CA ALA OA 28 50.62 6.70 -60.23
C ALA OA 28 50.76 5.49 -59.30
N LYS OA 29 51.20 4.36 -59.84
CA LYS OA 29 51.42 3.19 -59.00
C LYS OA 29 52.62 3.38 -58.07
N THR OA 30 53.68 4.01 -58.55
CA THR OA 30 54.90 4.11 -57.75
C THR OA 30 54.77 5.15 -56.64
N VAL OA 31 54.05 6.25 -56.88
CA VAL OA 31 53.97 7.30 -55.88
C VAL OA 31 53.17 6.83 -54.67
N ASP OA 32 53.28 7.58 -53.58
CA ASP OA 32 52.62 7.25 -52.33
C ASP OA 32 51.16 7.72 -52.39
N ARG OA 33 50.26 6.88 -51.89
CA ARG OA 33 48.84 7.23 -51.83
C ARG OA 33 48.25 7.12 -50.43
N GLN OA 34 48.88 6.35 -49.53
CA GLN OA 34 48.30 6.09 -48.22
C GLN OA 34 48.14 7.35 -47.38
N LEU OA 35 49.15 8.23 -47.40
CA LEU OA 35 49.14 9.40 -46.50
C LEU OA 35 47.98 10.34 -46.83
N LEU OA 36 47.75 10.62 -48.12
CA LEU OA 36 46.74 11.57 -48.51
C LEU OA 36 45.37 10.93 -48.75
N ALA OA 37 45.28 9.59 -48.73
CA ALA OA 37 44.02 8.94 -49.02
C ALA OA 37 43.01 9.20 -47.91
N GLY OA 38 41.81 9.63 -48.31
CA GLY OA 38 40.74 9.88 -47.36
C GLY OA 38 41.07 10.91 -46.31
N GLU OA 39 41.69 12.03 -46.71
CA GLU OA 39 42.09 13.05 -45.77
C GLU OA 39 41.51 14.42 -46.06
N ILE OA 40 41.06 14.69 -47.27
CA ILE OA 40 40.58 16.02 -47.66
C ILE OA 40 39.11 15.92 -48.04
N ASN OA 41 38.30 16.79 -47.46
CA ASN OA 41 36.90 16.93 -47.83
C ASN OA 41 36.67 18.34 -48.35
N SER OA 42 36.01 18.45 -49.51
CA SER OA 42 35.73 19.76 -50.07
C SER OA 42 34.79 20.56 -49.17
N SER OA 43 33.99 19.87 -48.35
CA SER OA 43 33.08 20.57 -47.45
C SER OA 43 33.83 21.24 -46.32
N THR OA 44 34.77 20.52 -45.67
CA THR OA 44 35.46 21.07 -44.52
C THR OA 44 36.47 22.14 -44.94
N GLY OA 45 37.05 22.02 -46.11
CA GLY OA 45 38.04 22.98 -46.56
C GLY OA 45 38.54 22.62 -47.94
N ASP OA 46 39.71 23.19 -48.28
CA ASP OA 46 40.33 22.93 -49.57
C ASP OA 46 41.83 22.64 -49.43
N SER OA 47 42.28 22.22 -48.25
CA SER OA 47 43.70 21.99 -48.03
C SER OA 47 43.89 21.09 -46.81
N VAL OA 48 45.05 20.45 -46.74
CA VAL OA 48 45.46 19.66 -45.59
C VAL OA 48 46.92 19.97 -45.33
N SER OA 49 47.37 19.63 -44.12
CA SER OA 49 48.74 19.95 -43.71
C SER OA 49 49.42 18.74 -43.09
N PHE OA 50 50.74 18.67 -43.30
CA PHE OA 50 51.59 17.66 -42.67
C PHE OA 50 52.74 18.36 -41.97
N LYS OA 51 53.22 17.77 -40.88
CA LYS OA 51 54.25 18.39 -40.06
C LYS OA 51 55.61 17.76 -40.34
N ARG OA 52 56.64 18.60 -40.44
CA ARG OA 52 57.99 18.20 -40.80
C ARG OA 52 58.75 17.66 -39.57
N PRO OA 53 59.76 16.82 -39.79
CA PRO OA 53 60.57 16.34 -38.66
C PRO OA 53 61.45 17.45 -38.08
N HIS OA 54 61.97 17.17 -36.89
CA HIS OA 54 62.73 18.16 -36.12
C HIS OA 54 64.23 17.92 -36.27
N GLN OA 55 64.98 19.03 -36.18
CA GLN OA 55 66.43 18.99 -36.22
C GLN OA 55 66.97 19.66 -34.96
N PHE OA 56 68.01 19.07 -34.38
CA PHE OA 56 68.54 19.49 -33.09
C PHE OA 56 70.04 19.75 -33.20
N SER OA 57 70.57 20.48 -32.22
CA SER OA 57 71.98 20.77 -32.14
C SER OA 57 72.47 20.44 -30.73
N SER OA 58 73.75 20.06 -30.63
CA SER OA 58 74.32 19.56 -29.40
C SER OA 58 75.34 20.54 -28.86
N LEU OA 59 75.86 20.22 -27.67
CA LEU OA 59 76.86 21.04 -26.99
C LEU OA 59 77.97 20.15 -26.48
N ARG OA 60 79.15 20.76 -26.27
CA ARG OA 60 80.31 20.05 -25.74
C ARG OA 60 80.89 20.86 -24.59
N THR OA 61 80.82 20.31 -23.39
CA THR OA 61 81.33 20.97 -22.19
C THR OA 61 82.13 19.99 -21.36
N PRO OA 62 83.18 20.43 -20.67
CA PRO OA 62 83.99 19.49 -19.88
C PRO OA 62 83.23 18.79 -18.77
N THR OA 63 82.24 19.44 -18.15
CA THR OA 63 81.54 18.87 -17.01
C THR OA 63 80.03 18.86 -17.14
N GLY OA 64 79.45 19.52 -18.14
CA GLY OA 64 78.02 19.58 -18.31
C GLY OA 64 77.35 20.85 -17.83
N ASP OA 65 78.12 21.84 -17.38
CA ASP OA 65 77.56 23.10 -16.90
C ASP OA 65 77.03 23.88 -18.10
N ILE OA 66 75.71 23.85 -18.29
CA ILE OA 66 75.09 24.49 -19.45
C ILE OA 66 74.19 25.63 -18.99
N SER OA 67 74.56 26.27 -17.88
CA SER OA 67 73.73 27.34 -17.33
C SER OA 67 73.68 28.55 -18.27
N GLY OA 68 74.81 28.90 -18.87
CA GLY OA 68 74.95 30.13 -19.62
C GLY OA 68 74.79 30.03 -21.13
N GLN OA 69 74.40 28.88 -21.66
CA GLN OA 69 74.25 28.73 -23.09
C GLN OA 69 72.76 28.63 -23.46
N ASN OA 70 72.48 28.46 -24.74
CA ASN OA 70 71.12 28.42 -25.27
C ASN OA 70 70.60 26.99 -25.29
N LYS OA 71 69.29 26.87 -25.48
CA LYS OA 71 68.63 25.58 -25.56
C LYS OA 71 67.79 25.51 -26.83
N ASN OA 72 67.57 24.28 -27.30
CA ASN OA 72 66.85 24.07 -28.54
C ASN OA 72 65.36 24.24 -28.33
N ASN OA 73 64.75 25.08 -29.15
CA ASN OA 73 63.31 25.29 -29.15
C ASN OA 73 62.63 24.47 -30.25
N LEU OA 74 61.31 24.36 -30.15
CA LEU OA 74 60.54 23.55 -31.09
C LEU OA 74 59.91 24.44 -32.16
N ILE OA 75 60.67 24.65 -33.23
CA ILE OA 75 60.17 25.35 -34.41
C ILE OA 75 59.53 24.31 -35.33
N SER OA 76 58.28 24.54 -35.70
CA SER OA 76 57.50 23.58 -36.46
C SER OA 76 57.27 24.11 -37.88
N GLY OA 77 57.57 23.28 -38.87
CA GLY OA 77 57.28 23.59 -40.26
C GLY OA 77 56.26 22.62 -40.81
N LYS OA 78 55.47 23.07 -41.77
CA LYS OA 78 54.41 22.27 -42.34
C LYS OA 78 54.43 22.34 -43.87
N ALA OA 79 54.00 21.25 -44.49
CA ALA OA 79 53.79 21.17 -45.92
C ALA OA 79 52.30 21.03 -46.20
N THR OA 80 51.79 21.88 -47.08
CA THR OA 80 50.35 21.96 -47.33
C THR OA 80 50.02 21.33 -48.68
N GLY OA 81 49.02 20.46 -48.68
CA GLY OA 81 48.52 19.86 -49.90
C GLY OA 81 47.15 20.40 -50.25
N ARG OA 82 46.93 20.62 -51.54
CA ARG OA 82 45.75 21.32 -52.04
C ARG OA 82 45.13 20.51 -53.16
N VAL OA 83 43.81 20.69 -53.33
CA VAL OA 83 43.08 19.99 -54.37
C VAL OA 83 43.16 20.78 -55.67
N GLY OA 84 42.92 20.08 -56.78
CA GLY OA 84 42.97 20.71 -58.08
C GLY OA 84 41.61 20.96 -58.68
N ASN OA 85 41.46 20.71 -59.98
CA ASN OA 85 40.20 20.91 -60.67
C ASN OA 85 39.60 19.57 -61.07
N TYR OA 86 38.28 19.57 -61.24
CA TYR OA 86 37.58 18.36 -61.62
C TYR OA 86 38.00 17.90 -63.01
N ILE OA 87 37.95 16.59 -63.23
CA ILE OA 87 38.11 16.00 -64.55
C ILE OA 87 36.79 15.37 -64.91
N THR OA 88 36.15 15.86 -65.98
CA THR OA 88 34.82 15.44 -66.36
C THR OA 88 34.79 15.09 -67.84
N VAL OA 89 34.08 14.02 -68.17
CA VAL OA 89 33.81 13.65 -69.56
C VAL OA 89 32.30 13.47 -69.69
N ALA OA 90 31.67 14.25 -70.55
CA ALA OA 90 30.21 14.26 -70.69
C ALA OA 90 29.81 14.07 -72.13
N VAL OA 91 28.78 13.26 -72.35
CA VAL OA 91 28.25 13.00 -73.68
C VAL OA 91 26.73 13.08 -73.64
N GLU OA 92 26.11 13.15 -74.81
CA GLU OA 92 24.67 13.20 -74.92
C GLU OA 92 24.23 12.63 -76.26
N TYR OA 93 22.95 12.29 -76.33
CA TYR OA 93 22.35 11.78 -77.57
C TYR OA 93 20.84 11.91 -77.47
N GLN OA 94 20.19 11.86 -78.62
CA GLN OA 94 18.74 12.02 -78.69
C GLN OA 94 18.05 10.69 -78.40
N GLN OA 95 16.79 10.78 -77.96
CA GLN OA 95 16.02 9.58 -77.68
C GLN OA 95 15.77 8.78 -78.95
N LEU OA 96 15.44 9.47 -80.05
CA LEU OA 96 15.25 8.78 -81.32
C LEU OA 96 16.55 8.11 -81.78
N GLU OA 97 17.68 8.79 -81.59
CA GLU OA 97 18.97 8.21 -81.93
C GLU OA 97 19.25 6.97 -81.11
N GLU OA 98 18.96 7.00 -79.81
CA GLU OA 98 19.15 5.81 -79.00
C GLU OA 98 18.18 4.70 -79.39
N ALA OA 99 17.00 5.07 -79.88
CA ALA OA 99 16.00 4.06 -80.22
C ALA OA 99 16.33 3.34 -81.52
N ILE OA 100 16.80 4.06 -82.54
CA ILE OA 100 16.93 3.49 -83.87
C ILE OA 100 18.37 3.37 -84.36
N LYS OA 101 19.34 3.92 -83.65
CA LYS OA 101 20.71 3.89 -84.15
C LYS OA 101 21.73 3.35 -83.16
N LEU OA 102 21.55 3.61 -81.87
CA LEU OA 102 22.60 3.34 -80.88
C LEU OA 102 22.50 1.90 -80.40
N ASN OA 103 23.36 1.05 -80.95
CA ASN OA 103 23.58 -0.30 -80.45
C ASN OA 103 24.99 -0.41 -79.89
N GLN OA 104 25.20 -1.37 -78.99
CA GLN OA 104 26.50 -1.59 -78.36
C GLN OA 104 26.97 -0.34 -77.62
N LEU OA 105 26.07 0.21 -76.80
CA LEU OA 105 26.36 1.46 -76.11
C LEU OA 105 27.52 1.30 -75.14
N GLU OA 106 27.58 0.17 -74.42
CA GLU OA 106 28.68 -0.05 -73.49
C GLU OA 106 30.00 -0.21 -74.23
N GLU OA 107 29.97 -0.90 -75.37
CA GLU OA 107 31.18 -1.02 -76.20
C GLU OA 107 31.63 0.34 -76.69
N ILE OA 108 30.68 1.24 -77.00
CA ILE OA 108 31.06 2.59 -77.42
C ILE OA 108 31.66 3.38 -76.27
N LEU OA 109 31.06 3.26 -75.08
CA LEU OA 109 31.40 4.14 -73.96
C LEU OA 109 32.47 3.57 -73.04
N ALA OA 110 33.05 2.42 -73.36
CA ALA OA 110 34.12 1.85 -72.53
C ALA OA 110 35.31 2.77 -72.27
N PRO OA 111 35.92 3.42 -73.26
CA PRO OA 111 37.23 4.06 -73.03
C PRO OA 111 37.21 5.36 -72.25
N VAL OA 112 36.06 5.82 -71.74
CA VAL OA 112 36.03 7.09 -71.02
C VAL OA 112 36.87 7.01 -69.75
N ARG OA 113 36.80 5.89 -69.03
CA ARG OA 113 37.56 5.74 -67.80
C ARG OA 113 39.06 5.80 -68.05
N GLN OA 114 39.53 5.14 -69.11
CA GLN OA 114 40.96 5.17 -69.38
C GLN OA 114 41.40 6.53 -69.90
N ARG OA 115 40.52 7.25 -70.60
CA ARG OA 115 40.83 8.63 -70.93
C ARG OA 115 41.02 9.48 -69.68
N ILE OA 116 40.12 9.31 -68.70
CA ILE OA 116 40.22 10.05 -67.44
C ILE OA 116 41.55 9.75 -66.76
N VAL OA 117 41.89 8.46 -66.67
CA VAL OA 117 43.09 8.07 -65.94
C VAL OA 117 44.35 8.56 -66.66
N THR OA 118 44.36 8.52 -67.99
CA THR OA 118 45.52 9.03 -68.71
C THR OA 118 45.70 10.52 -68.49
N ASP OA 119 44.58 11.27 -68.48
CA ASP OA 119 44.70 12.71 -68.21
C ASP OA 119 45.26 12.96 -66.81
N LEU OA 120 44.79 12.19 -65.82
CA LEU OA 120 45.32 12.33 -64.47
C LEU OA 120 46.80 12.02 -64.41
N GLU OA 121 47.24 10.96 -65.10
CA GLU OA 121 48.65 10.59 -65.11
C GLU OA 121 49.49 11.69 -65.75
N THR OA 122 49.02 12.27 -66.85
CA THR OA 122 49.75 13.38 -67.47
C THR OA 122 49.88 14.55 -66.52
N GLU OA 123 48.80 14.89 -65.81
CA GLU OA 123 48.88 16.00 -64.87
C GLU OA 123 49.88 15.71 -63.75
N LEU OA 124 49.89 14.47 -63.25
CA LEU OA 124 50.84 14.11 -62.20
C LEU OA 124 52.29 14.22 -62.70
N ALA OA 125 52.52 13.78 -63.94
CA ALA OA 125 53.87 13.89 -64.51
C ALA OA 125 54.32 15.34 -64.59
N HIS OA 126 53.43 16.23 -65.07
CA HIS OA 126 53.78 17.64 -65.12
C HIS OA 126 54.04 18.20 -63.73
N PHE OA 127 53.23 17.79 -62.75
CA PHE OA 127 53.40 18.27 -61.38
C PHE OA 127 54.76 17.90 -60.82
N MET OA 128 55.16 16.64 -60.99
CA MET OA 128 56.48 16.24 -60.50
C MET OA 128 57.60 16.94 -61.26
N MET OA 129 57.44 17.09 -62.58
CA MET OA 129 58.43 17.82 -63.36
C MET OA 129 58.63 19.22 -62.83
N ASN OA 130 57.53 19.90 -62.49
CA ASN OA 130 57.63 21.27 -61.99
C ASN OA 130 58.24 21.31 -60.59
N ASN OA 131 57.84 20.40 -59.71
CA ASN OA 131 58.20 20.53 -58.30
C ASN OA 131 59.48 19.81 -57.91
N GLY OA 132 60.11 19.05 -58.81
CA GLY OA 132 61.38 18.43 -58.50
C GLY OA 132 62.47 19.46 -58.26
N ALA OA 133 63.52 19.05 -57.54
CA ALA OA 133 64.58 19.98 -57.21
C ALA OA 133 65.97 19.46 -57.59
N LEU OA 134 66.19 18.15 -57.49
CA LEU OA 134 67.50 17.61 -57.80
C LEU OA 134 67.75 17.62 -59.31
N SER OA 135 69.02 17.43 -59.68
CA SER OA 135 69.40 17.44 -61.08
C SER OA 135 70.74 16.72 -61.24
N LEU OA 136 70.83 15.89 -62.28
CA LEU OA 136 72.06 15.18 -62.61
C LEU OA 136 72.24 15.15 -64.12
N GLY OA 137 73.46 15.38 -64.58
CA GLY OA 137 73.75 15.33 -66.00
C GLY OA 137 73.24 16.55 -66.74
N SER OA 138 73.37 16.47 -68.06
CA SER OA 138 72.99 17.55 -68.95
C SER OA 138 72.00 17.05 -69.99
N PRO OA 139 71.02 17.87 -70.37
CA PRO OA 139 70.02 17.42 -71.35
C PRO OA 139 70.58 17.17 -72.73
N ASN OA 140 71.82 17.60 -73.01
CA ASN OA 140 72.37 17.43 -74.35
C ASN OA 140 72.79 16.00 -74.65
N THR OA 141 72.91 15.15 -73.63
CA THR OA 141 73.43 13.80 -73.80
C THR OA 141 72.41 12.77 -73.31
N PRO OA 142 72.09 11.75 -74.08
CA PRO OA 142 71.16 10.72 -73.61
C PRO OA 142 71.85 9.68 -72.74
N ILE OA 143 71.04 8.81 -72.14
CA ILE OA 143 71.57 7.73 -71.32
C ILE OA 143 72.13 6.63 -72.22
N THR OA 144 73.38 6.23 -71.96
CA THR OA 144 74.01 5.22 -72.78
C THR OA 144 74.71 4.15 -71.93
N LYS OA 145 75.11 4.50 -70.71
CA LYS OA 145 75.97 3.65 -69.91
C LYS OA 145 75.30 3.27 -68.60
N TRP OA 146 75.99 2.44 -67.82
CA TRP OA 146 75.50 2.00 -66.52
C TRP OA 146 75.65 3.07 -65.46
N SER OA 147 76.71 3.88 -65.54
CA SER OA 147 76.91 4.95 -64.58
C SER OA 147 75.79 5.98 -64.65
N ASP OA 148 75.22 6.18 -65.84
CA ASP OA 148 74.15 7.16 -66.00
C ASP OA 148 72.90 6.77 -65.22
N VAL OA 149 72.82 5.53 -64.76
CA VAL OA 149 71.69 5.10 -63.95
C VAL OA 149 72.16 4.97 -62.50
N ALA OA 150 73.40 4.51 -62.30
CA ALA OA 150 73.89 4.30 -60.94
C ALA OA 150 74.10 5.61 -60.20
N GLN OA 151 74.34 6.70 -60.94
CA GLN OA 151 74.61 7.98 -60.29
C GLN OA 151 73.41 8.48 -59.48
N THR OA 152 72.20 8.20 -59.96
CA THR OA 152 71.02 8.64 -59.22
C THR OA 152 70.95 7.98 -57.84
N ALA OA 153 71.12 6.66 -57.80
CA ALA OA 153 71.12 5.95 -56.52
C ALA OA 153 72.25 6.43 -55.63
N SER OA 154 73.45 6.62 -56.20
CA SER OA 154 74.58 7.07 -55.39
C SER OA 154 74.30 8.44 -54.76
N PHE OA 155 73.78 9.38 -55.56
CA PHE OA 155 73.49 10.72 -55.06
C PHE OA 155 72.40 10.69 -54.00
N LEU OA 156 71.34 9.90 -54.24
CA LEU OA 156 70.25 9.82 -53.28
C LEU OA 156 70.72 9.25 -51.95
N LYS OA 157 71.58 8.22 -51.99
CA LYS OA 157 72.15 7.71 -50.76
C LYS OA 157 73.05 8.75 -50.09
N ASP OA 158 73.83 9.49 -50.88
CA ASP OA 158 74.74 10.47 -50.31
C ASP OA 158 73.98 11.57 -49.58
N LEU OA 159 72.84 11.99 -50.11
CA LEU OA 159 72.02 12.98 -49.40
C LEU OA 159 71.61 12.45 -48.04
N GLY OA 160 71.17 11.19 -47.97
CA GLY OA 160 70.87 10.58 -46.69
C GLY OA 160 69.46 10.06 -46.54
N VAL OA 161 68.79 9.77 -47.65
CA VAL OA 161 67.44 9.23 -47.58
C VAL OA 161 67.49 7.82 -47.05
N ASN OA 162 66.53 7.48 -46.18
CA ASN OA 162 66.55 6.20 -45.46
C ASN OA 162 65.33 5.35 -45.73
N GLU OA 163 64.12 5.91 -45.65
CA GLU OA 163 62.92 5.11 -45.72
C GLU OA 163 62.36 5.08 -47.14
N GLY OA 164 61.48 4.11 -47.38
CA GLY OA 164 60.86 3.95 -48.68
C GLY OA 164 61.78 3.29 -49.69
N GLU OA 165 61.33 3.29 -50.94
CA GLU OA 165 62.09 2.73 -52.05
C GLU OA 165 62.28 3.80 -53.12
N ASN OA 166 63.48 3.85 -53.69
CA ASN OA 166 63.77 4.80 -54.75
C ASN OA 166 63.35 4.24 -56.10
N TYR OA 167 62.93 5.13 -56.99
CA TYR OA 167 62.45 4.73 -58.32
C TYR OA 167 63.06 5.65 -59.38
N ALA OA 168 63.24 5.08 -60.57
CA ALA OA 168 63.66 5.83 -61.75
C ALA OA 168 62.76 5.47 -62.91
N VAL OA 169 62.37 6.47 -63.71
CA VAL OA 169 61.44 6.29 -64.81
C VAL OA 169 62.06 6.87 -66.07
N MET OA 170 62.10 6.07 -67.13
CA MET OA 170 62.71 6.46 -68.40
C MET OA 170 61.82 6.05 -69.55
N ASP OA 171 62.20 6.48 -70.75
CA ASP OA 171 61.43 6.28 -71.97
C ASP OA 171 61.93 5.07 -72.75
N PRO OA 172 61.10 4.53 -73.66
CA PRO OA 172 61.49 3.29 -74.35
C PRO OA 172 62.78 3.39 -75.14
N TRP OA 173 63.11 4.55 -75.72
CA TRP OA 173 64.35 4.67 -76.46
C TRP OA 173 65.57 4.51 -75.55
N SER OA 174 65.54 5.15 -74.39
CA SER OA 174 66.63 4.97 -73.43
C SER OA 174 66.66 3.53 -72.91
N ALA OA 175 65.49 2.91 -72.75
CA ALA OA 175 65.46 1.51 -72.35
C ALA OA 175 66.13 0.62 -73.40
N GLN OA 176 65.88 0.91 -74.68
CA GLN OA 176 66.53 0.17 -75.75
C GLN OA 176 68.04 0.37 -75.72
N ARG OA 177 68.48 1.61 -75.51
CA ARG OA 177 69.92 1.87 -75.43
C ARG OA 177 70.55 1.13 -74.25
N LEU OA 178 69.87 1.11 -73.10
CA LEU OA 178 70.41 0.40 -71.94
C LEU OA 178 70.47 -1.10 -72.20
N ALA OA 179 69.46 -1.66 -72.86
CA ALA OA 179 69.50 -3.09 -73.20
C ALA OA 179 70.63 -3.38 -74.17
N ASP OA 180 70.85 -2.49 -75.14
CA ASP OA 180 71.96 -2.67 -76.08
C ASP OA 180 73.30 -2.63 -75.36
N ALA OA 181 73.43 -1.75 -74.36
CA ALA OA 181 74.65 -1.73 -73.55
C ALA OA 181 74.80 -3.02 -72.75
N GLN OA 182 73.69 -3.52 -72.20
CA GLN OA 182 73.74 -4.75 -71.40
C GLN OA 182 74.12 -5.95 -72.25
N THR OA 183 73.74 -5.95 -73.53
CA THR OA 183 74.07 -7.09 -74.39
C THR OA 183 75.56 -7.29 -74.56
N GLY OA 184 76.38 -6.30 -74.20
CA GLY OA 184 77.82 -6.41 -74.34
C GLY OA 184 78.52 -6.92 -73.10
N LEU OA 185 77.78 -7.59 -72.22
CA LEU OA 185 78.38 -8.12 -70.99
C LEU OA 185 79.34 -9.25 -71.32
N HIS OA 186 79.97 -9.79 -70.26
CA HIS OA 186 81.03 -10.77 -70.42
C HIS OA 186 80.74 -12.13 -69.81
N ALA OA 187 79.97 -12.20 -68.74
CA ALA OA 187 79.87 -13.49 -68.07
C ALA OA 187 78.44 -13.96 -67.84
N SER OA 188 77.51 -13.05 -67.55
CA SER OA 188 76.15 -13.43 -67.20
C SER OA 188 75.42 -13.88 -68.47
N ASP OA 189 75.44 -15.20 -68.71
CA ASP OA 189 74.82 -15.74 -69.91
C ASP OA 189 73.31 -15.50 -69.91
N GLN OA 190 72.67 -15.64 -68.75
CA GLN OA 190 71.23 -15.42 -68.68
C GLN OA 190 70.88 -13.98 -68.99
N LEU OA 191 71.63 -13.02 -68.42
CA LEU OA 191 71.40 -11.61 -68.71
C LEU OA 191 71.61 -11.32 -70.19
N VAL OA 192 72.69 -11.85 -70.78
CA VAL OA 192 72.98 -11.60 -72.19
C VAL OA 192 71.88 -12.16 -73.07
N ARG OA 193 71.44 -13.39 -72.80
CA ARG OA 193 70.40 -14.01 -73.60
C ARG OA 193 69.08 -13.25 -73.48
N THR OA 194 68.72 -12.84 -72.27
CA THR OA 194 67.48 -12.10 -72.07
C THR OA 194 67.52 -10.77 -72.81
N ALA OA 195 68.62 -10.03 -72.68
CA ALA OA 195 68.71 -8.72 -73.33
C ALA OA 195 68.78 -8.88 -74.85
N TRP OA 196 69.34 -10.00 -75.33
CA TRP OA 196 69.41 -10.20 -76.77
C TRP OA 196 68.07 -10.56 -77.37
N GLU OA 197 67.31 -11.43 -76.69
CA GLU OA 197 66.04 -11.90 -77.26
C GLU OA 197 64.88 -10.98 -76.90
N ASN OA 198 64.59 -10.82 -75.62
CA ASN OA 198 63.41 -10.07 -75.20
C ASN OA 198 63.65 -8.57 -75.11
N ALA OA 199 64.91 -8.13 -75.19
CA ALA OA 199 65.27 -6.72 -75.10
C ALA OA 199 64.67 -6.07 -73.85
N GLN OA 200 64.88 -6.74 -72.72
CA GLN OA 200 64.39 -6.28 -71.43
C GLN OA 200 65.57 -5.93 -70.54
N ILE OA 201 65.27 -5.29 -69.41
CA ILE OA 201 66.27 -5.01 -68.38
C ILE OA 201 65.73 -5.57 -67.07
N PRO OA 202 66.59 -6.02 -66.16
CA PRO OA 202 66.11 -6.63 -64.91
C PRO OA 202 65.43 -5.60 -64.02
N THR OA 203 64.69 -6.12 -63.04
CA THR OA 203 63.92 -5.26 -62.14
C THR OA 203 64.84 -4.30 -61.38
N ASN OA 204 65.95 -4.81 -60.87
CA ASN OA 204 66.94 -3.96 -60.23
C ASN OA 204 68.01 -3.56 -61.25
N PHE OA 205 68.47 -2.33 -61.15
CA PHE OA 205 69.47 -1.81 -62.08
C PHE OA 205 70.19 -0.66 -61.41
N GLY OA 206 71.49 -0.84 -61.15
CA GLY OA 206 72.24 0.19 -60.47
C GLY OA 206 71.81 0.48 -59.06
N GLY OA 207 71.23 -0.51 -58.37
CA GLY OA 207 70.78 -0.33 -57.01
C GLY OA 207 69.43 0.37 -56.88
N ILE OA 208 68.78 0.71 -57.98
CA ILE OA 208 67.50 1.39 -57.97
C ILE OA 208 66.55 0.65 -58.90
N ARG OA 209 65.26 0.78 -58.63
CA ARG OA 209 64.24 0.17 -59.48
C ARG OA 209 63.99 1.07 -60.69
N ALA OA 210 64.35 0.57 -61.87
CA ALA OA 210 64.21 1.31 -63.11
C ALA OA 210 63.02 0.79 -63.90
N LEU OA 211 62.18 1.72 -64.38
CA LEU OA 211 60.95 1.38 -65.08
C LEU OA 211 60.86 2.18 -66.36
N MET OA 212 60.14 1.62 -67.34
CA MET OA 212 59.96 2.21 -68.65
C MET OA 212 58.49 2.56 -68.83
N SER OA 213 58.22 3.81 -69.21
CA SER OA 213 56.86 4.28 -69.43
C SER OA 213 56.84 5.24 -70.60
N ASN OA 214 55.80 5.14 -71.42
CA ASN OA 214 55.63 6.01 -72.57
C ASN OA 214 54.70 7.19 -72.30
N GLY OA 215 54.23 7.34 -71.06
CA GLY OA 215 53.34 8.42 -70.69
C GLY OA 215 54.01 9.67 -70.18
N LEU OA 216 55.32 9.77 -70.30
CA LEU OA 216 56.04 10.93 -69.78
C LEU OA 216 55.70 12.18 -70.59
N ALA OA 217 55.75 13.33 -69.92
CA ALA OA 217 55.48 14.60 -70.56
C ALA OA 217 56.73 15.15 -71.24
N SER OA 218 56.57 16.28 -71.92
CA SER OA 218 57.65 16.96 -72.60
C SER OA 218 57.64 18.44 -72.25
N ARG OA 219 58.82 19.07 -72.28
CA ARG OA 219 58.95 20.48 -71.96
C ARG OA 219 59.93 21.13 -72.91
N THR OA 220 59.79 22.46 -73.05
CA THR OA 220 60.70 23.27 -73.85
C THR OA 220 61.44 24.21 -72.92
N GLN OA 221 62.70 24.50 -73.28
CA GLN OA 221 63.56 25.27 -72.40
C GLN OA 221 63.12 26.73 -72.30
N GLY OA 222 63.11 27.44 -73.43
CA GLY OA 222 62.82 28.86 -73.42
C GLY OA 222 64.08 29.69 -73.60
N ALA OA 223 64.03 30.67 -74.50
CA ALA OA 223 65.23 31.38 -74.91
C ALA OA 223 65.86 32.14 -73.75
N PHE OA 224 67.18 32.04 -73.62
CA PHE OA 224 67.92 32.79 -72.63
C PHE OA 224 69.33 33.05 -73.15
N GLY OA 225 70.01 34.01 -72.51
CA GLY OA 225 71.37 34.33 -72.91
C GLY OA 225 72.00 35.27 -71.91
N GLY OA 226 73.32 35.37 -72.00
CA GLY OA 226 74.07 36.25 -71.12
C GLY OA 226 74.53 35.56 -69.85
N THR OA 227 75.63 36.06 -69.30
CA THR OA 227 76.17 35.52 -68.06
C THR OA 227 75.36 35.99 -66.87
N LEU OA 228 74.44 35.15 -66.41
CA LEU OA 228 73.50 35.56 -65.37
C LEU OA 228 74.18 35.58 -64.01
N THR OA 229 74.00 36.69 -63.28
CA THR OA 229 74.45 36.82 -61.91
C THR OA 229 73.32 37.43 -61.09
N VAL OA 230 73.30 37.10 -59.79
CA VAL OA 230 72.25 37.61 -58.92
C VAL OA 230 72.43 39.12 -58.71
N LYS OA 231 71.35 39.79 -58.35
CA LYS OA 231 71.36 41.23 -58.14
C LYS OA 231 71.34 41.63 -56.68
N THR OA 232 70.39 41.11 -55.91
CA THR OA 232 70.23 41.47 -54.52
C THR OA 232 70.19 40.21 -53.66
N GLN OA 233 70.80 40.29 -52.49
CA GLN OA 233 70.83 39.17 -51.56
C GLN OA 233 69.43 38.80 -51.12
N PRO OA 234 68.98 37.57 -51.34
CA PRO OA 234 67.61 37.17 -50.98
C PRO OA 234 67.53 36.71 -49.52
N THR OA 235 66.33 36.28 -49.14
CA THR OA 235 66.08 35.78 -47.79
C THR OA 235 66.02 34.26 -47.85
N VAL OA 236 66.84 33.61 -47.03
CA VAL OA 236 66.95 32.16 -47.04
C VAL OA 236 66.79 31.60 -45.63
N THR OA 237 66.28 32.42 -44.71
CA THR OA 237 66.14 32.00 -43.33
C THR OA 237 65.10 30.89 -43.21
N TYR OA 238 65.34 29.96 -42.29
CA TYR OA 238 64.43 28.84 -42.10
C TYR OA 238 63.05 29.32 -41.66
N ASN OA 239 63.00 30.33 -40.78
CA ASN OA 239 61.72 30.85 -40.33
C ASN OA 239 60.91 31.44 -41.48
N ALA OA 240 61.55 31.77 -42.59
CA ALA OA 240 60.85 32.31 -43.75
C ALA OA 240 60.51 31.23 -44.77
N VAL OA 241 61.40 30.27 -44.99
CA VAL OA 241 61.20 29.27 -46.03
C VAL OA 241 60.70 27.93 -45.49
N LYS OA 242 60.29 27.89 -44.22
CA LYS OA 242 59.89 26.64 -43.60
C LYS OA 242 58.47 26.20 -43.96
N ASP OA 243 57.71 27.04 -44.68
CA ASP OA 243 56.33 26.72 -45.01
C ASP OA 243 56.15 26.20 -46.42
N SER OA 244 56.91 26.69 -47.39
CA SER OA 244 56.75 26.27 -48.78
C SER OA 244 58.02 25.79 -49.44
N TYR OA 245 59.20 26.00 -48.86
CA TYR OA 245 60.47 25.60 -49.46
C TYR OA 245 60.63 26.20 -50.85
N GLN OA 246 60.27 27.47 -50.98
CA GLN OA 246 60.48 28.22 -52.22
C GLN OA 246 61.02 29.59 -51.89
N PHE OA 247 61.73 30.19 -52.85
CA PHE OA 247 62.30 31.52 -52.65
C PHE OA 247 62.41 32.23 -53.99
N THR OA 248 62.29 33.56 -53.96
CA THR OA 248 62.25 34.36 -55.17
C THR OA 248 63.49 35.24 -55.27
N VAL OA 249 64.12 35.25 -56.44
CA VAL OA 249 65.35 36.01 -56.64
C VAL OA 249 65.27 36.76 -57.96
N THR OA 250 66.08 37.82 -58.06
CA THR OA 250 66.22 38.60 -59.28
C THR OA 250 67.63 38.42 -59.83
N LEU OA 251 67.72 38.35 -61.15
CA LEU OA 251 68.98 38.10 -61.86
C LEU OA 251 69.32 39.29 -62.73
N THR OA 252 70.60 39.38 -63.10
CA THR OA 252 71.08 40.43 -63.99
C THR OA 252 71.97 39.80 -65.06
N GLY OA 253 72.05 40.45 -66.21
CA GLY OA 253 72.83 39.95 -67.32
C GLY OA 253 72.03 39.25 -68.40
N ALA OA 254 70.72 39.44 -68.44
CA ALA OA 254 69.87 38.78 -69.42
C ALA OA 254 69.84 39.59 -70.72
N THR OA 255 69.16 39.04 -71.72
CA THR OA 255 68.99 39.72 -73.00
C THR OA 255 68.02 40.90 -72.83
N ALA OA 256 68.10 41.85 -73.75
CA ALA OA 256 67.35 43.10 -73.70
C ALA OA 256 65.87 42.91 -73.39
N SER OA 257 65.15 42.19 -74.25
CA SER OA 257 63.72 41.98 -74.03
C SER OA 257 63.31 40.71 -74.76
N VAL OA 258 63.17 39.62 -74.00
CA VAL OA 258 62.69 38.35 -74.51
C VAL OA 258 61.55 37.88 -73.61
N THR OA 259 60.41 37.51 -74.22
CA THR OA 259 59.31 36.94 -73.47
C THR OA 259 59.56 35.45 -73.28
N GLY OA 260 59.10 34.91 -72.15
CA GLY OA 260 59.37 33.53 -71.83
C GLY OA 260 60.85 33.25 -71.69
N PHE OA 261 61.54 34.14 -70.97
CA PHE OA 261 62.98 33.98 -70.79
C PHE OA 261 63.30 32.68 -70.06
N LEU OA 262 62.56 32.38 -69.00
CA LEU OA 262 62.67 31.11 -68.29
C LEU OA 262 61.30 30.48 -68.21
N LYS OA 263 61.18 29.25 -68.71
CA LYS OA 263 59.91 28.54 -68.70
C LYS OA 263 59.88 27.57 -67.53
N ALA OA 264 58.69 27.03 -67.27
CA ALA OA 264 58.53 26.12 -66.15
C ALA OA 264 59.32 24.84 -66.36
N GLY OA 265 59.92 24.34 -65.27
CA GLY OA 265 60.70 23.13 -65.32
C GLY OA 265 62.18 23.32 -65.59
N ASP OA 266 62.62 24.55 -65.85
CA ASP OA 266 64.04 24.79 -66.06
C ASP OA 266 64.80 24.63 -64.75
N GLN OA 267 66.11 24.38 -64.86
CA GLN OA 267 66.97 24.15 -63.71
C GLN OA 267 68.14 25.11 -63.74
N VAL OA 268 68.40 25.74 -62.60
CA VAL OA 268 69.47 26.71 -62.45
C VAL OA 268 70.45 26.20 -61.40
N LYS OA 269 71.74 26.25 -61.73
CA LYS OA 269 72.82 25.78 -60.88
C LYS OA 269 73.62 26.96 -60.36
N PHE OA 270 73.75 27.05 -59.04
CA PHE OA 270 74.57 28.08 -58.39
C PHE OA 270 76.00 27.53 -58.33
N THR OA 271 76.92 28.20 -59.02
CA THR OA 271 78.23 27.60 -59.30
C THR OA 271 79.03 27.36 -58.03
N ASN OA 272 79.18 28.38 -57.19
CA ASN OA 272 80.14 28.36 -56.10
C ASN OA 272 79.49 28.13 -54.74
N THR OA 273 78.42 27.36 -54.68
CA THR OA 273 77.85 26.92 -53.41
C THR OA 273 77.47 25.45 -53.53
N TYR OA 274 77.68 24.69 -52.45
CA TYR OA 274 77.69 23.25 -52.50
C TYR OA 274 76.57 22.65 -51.67
N TRP OA 275 76.08 21.50 -52.11
CA TRP OA 275 75.14 20.71 -51.31
C TRP OA 275 75.81 20.26 -50.03
N LEU OA 276 74.98 19.87 -49.07
CA LEU OA 276 75.46 19.51 -47.74
C LEU OA 276 74.80 18.21 -47.31
N GLN OA 277 75.59 17.29 -46.77
CA GLN OA 277 75.04 16.08 -46.19
C GLN OA 277 74.16 16.45 -45.01
N GLN OA 278 72.87 16.12 -45.10
CA GLN OA 278 71.87 16.74 -44.23
C GLN OA 278 72.09 16.38 -42.77
N GLN OA 279 72.47 15.14 -42.49
CA GLN OA 279 72.59 14.73 -41.09
C GLN OA 279 73.95 15.12 -40.50
N THR OA 280 75.03 14.96 -41.26
CA THR OA 280 76.36 15.26 -40.76
C THR OA 280 76.81 16.69 -41.04
N LYS OA 281 76.08 17.43 -41.88
CA LYS OA 281 76.38 18.82 -42.17
C LYS OA 281 77.80 19.00 -42.70
N GLN OA 282 78.18 18.17 -43.68
CA GLN OA 282 79.48 18.25 -44.31
C GLN OA 282 79.32 18.25 -45.83
N ALA OA 283 80.24 18.91 -46.51
CA ALA OA 283 80.12 19.13 -47.94
C ALA OA 283 80.20 17.81 -48.70
N LEU OA 284 79.56 17.78 -49.87
CA LEU OA 284 79.51 16.62 -50.72
C LEU OA 284 80.52 16.75 -51.84
N TYR OA 285 81.29 15.69 -52.08
CA TYR OA 285 82.32 15.69 -53.10
C TYR OA 285 82.17 14.47 -53.98
N ASN OA 286 82.12 14.70 -55.29
CA ASN OA 286 82.09 13.62 -56.27
C ASN OA 286 83.51 13.31 -56.72
N GLY OA 287 84.31 12.87 -55.76
CA GLY OA 287 85.72 12.63 -56.01
C GLY OA 287 86.55 13.88 -55.78
N ALA OA 288 86.85 14.61 -56.84
CA ALA OA 288 87.61 15.85 -56.75
C ALA OA 288 86.81 17.06 -57.21
N THR OA 289 85.52 16.88 -57.48
CA THR OA 289 84.65 17.97 -57.93
C THR OA 289 83.47 18.09 -56.97
N PRO OA 290 83.30 19.21 -56.28
CA PRO OA 290 82.15 19.35 -55.39
C PRO OA 290 80.85 19.44 -56.18
N ILE OA 291 79.76 19.04 -55.52
CA ILE OA 291 78.44 19.09 -56.12
C ILE OA 291 77.78 20.41 -55.78
N SER OA 292 77.25 21.09 -56.79
CA SER OA 292 76.73 22.44 -56.64
C SER OA 292 75.23 22.42 -56.40
N PHE OA 293 74.74 23.49 -55.77
CA PHE OA 293 73.32 23.62 -55.49
C PHE OA 293 72.54 23.84 -56.78
N THR OA 294 71.41 23.15 -56.90
CA THR OA 294 70.55 23.25 -58.07
C THR OA 294 69.12 23.49 -57.63
N ALA OA 295 68.39 24.28 -58.41
CA ALA OA 295 67.00 24.62 -58.09
C ALA OA 295 66.18 24.64 -59.38
N THR OA 296 64.87 24.62 -59.22
CA THR OA 296 63.93 24.49 -60.33
C THR OA 296 63.02 25.72 -60.41
N VAL OA 297 62.77 26.17 -61.63
CA VAL OA 297 61.85 27.28 -61.89
C VAL OA 297 60.43 26.77 -61.76
N THR OA 298 59.57 27.56 -61.11
CA THR OA 298 58.18 27.18 -60.88
C THR OA 298 57.23 27.66 -61.97
N ALA OA 299 57.32 28.93 -62.38
CA ALA OA 299 56.44 29.48 -63.40
C ALA OA 299 57.25 30.32 -64.37
N ASP OA 300 56.61 30.67 -65.48
CA ASP OA 300 57.29 31.41 -66.54
C ASP OA 300 57.70 32.80 -66.05
N ALA OA 301 58.85 33.26 -66.53
CA ALA OA 301 59.39 34.56 -66.17
C ALA OA 301 59.66 35.37 -67.42
N ASN OA 302 59.88 36.67 -67.23
CA ASN OA 302 60.14 37.59 -68.34
C ASN OA 302 61.32 38.47 -68.00
N SER OA 303 62.04 38.91 -69.03
CA SER OA 303 63.17 39.80 -68.90
C SER OA 303 62.82 41.14 -69.54
N ASP OA 304 62.96 42.21 -68.78
CA ASP OA 304 62.65 43.56 -69.25
C ASP OA 304 63.94 44.25 -69.68
N SER OA 305 63.81 45.51 -70.06
CA SER OA 305 64.96 46.31 -70.46
C SER OA 305 65.97 46.38 -69.32
N GLY OA 306 67.24 46.24 -69.68
CA GLY OA 306 68.31 46.18 -68.69
C GLY OA 306 68.66 44.79 -68.22
N GLY OA 307 68.00 43.76 -68.73
CA GLY OA 307 68.31 42.40 -68.35
C GLY OA 307 68.02 42.02 -66.92
N ASP OA 308 66.85 42.39 -66.41
CA ASP OA 308 66.42 42.03 -65.06
C ASP OA 308 65.25 41.05 -65.16
N VAL OA 309 65.39 39.91 -64.50
CA VAL OA 309 64.35 38.88 -64.49
C VAL OA 309 64.13 38.42 -63.06
N THR OA 310 62.86 38.34 -62.66
CA THR OA 310 62.48 37.90 -61.32
C THR OA 310 61.86 36.51 -61.44
N VAL OA 311 62.37 35.56 -60.65
CA VAL OA 311 61.96 34.17 -60.79
C VAL OA 311 61.85 33.52 -59.42
N THR OA 312 60.86 32.64 -59.29
CA THR OA 312 60.58 31.91 -58.06
C THR OA 312 61.09 30.48 -58.23
N LEU OA 313 61.83 29.99 -57.24
CA LEU OA 313 62.54 28.73 -57.31
C LEU OA 313 62.06 27.81 -56.20
N SER OA 314 61.95 26.52 -56.53
CA SER OA 314 61.56 25.48 -55.60
C SER OA 314 62.80 24.83 -54.99
N GLY OA 315 62.73 24.57 -53.69
CA GLY OA 315 63.90 24.13 -52.95
C GLY OA 315 64.74 25.32 -52.53
N VAL OA 316 65.16 25.37 -51.27
CA VAL OA 316 65.76 26.59 -50.73
C VAL OA 316 67.15 26.31 -50.17
N PRO OA 317 68.09 27.25 -50.30
CA PRO OA 317 69.43 27.11 -49.71
C PRO OA 317 69.51 27.67 -48.30
N ILE OA 318 68.93 26.94 -47.34
CA ILE OA 318 68.86 27.43 -45.97
C ILE OA 318 70.26 27.52 -45.40
N TYR OA 319 70.71 28.75 -45.15
CA TYR OA 319 71.93 29.01 -44.37
C TYR OA 319 71.57 30.05 -43.32
N ASP OA 320 71.07 29.57 -42.18
CA ASP OA 320 70.65 30.44 -41.08
C ASP OA 320 71.77 30.48 -40.04
N THR OA 321 72.25 31.68 -39.75
CA THR OA 321 73.30 31.87 -38.75
C THR OA 321 72.81 31.70 -37.32
N THR OA 322 71.53 32.01 -37.05
CA THR OA 322 70.97 31.86 -35.72
C THR OA 322 70.41 30.48 -35.44
N ASN OA 323 70.27 29.64 -36.47
CA ASN OA 323 69.82 28.25 -36.32
C ASN OA 323 70.77 27.33 -37.09
N PRO OA 324 71.93 27.00 -36.50
CA PRO OA 324 72.90 26.16 -37.20
C PRO OA 324 72.36 24.82 -37.67
N GLN OA 325 71.35 24.29 -36.98
CA GLN OA 325 70.95 22.91 -37.19
C GLN OA 325 70.11 22.71 -38.44
N TYR OA 326 69.57 23.78 -39.04
CA TYR OA 326 68.75 23.64 -40.23
C TYR OA 326 69.52 24.00 -41.50
N ASN OA 327 70.84 24.14 -41.42
CA ASN OA 327 71.64 24.38 -42.61
C ASN OA 327 71.57 23.18 -43.55
N SER OA 328 71.50 23.45 -44.85
CA SER OA 328 71.53 22.38 -45.83
C SER OA 328 72.36 22.74 -47.04
N VAL OA 329 73.21 23.76 -46.93
CA VAL OA 329 74.03 24.27 -48.02
C VAL OA 329 75.34 24.78 -47.43
N SER OA 330 76.42 24.75 -48.21
CA SER OA 330 77.73 25.07 -47.68
C SER OA 330 77.82 26.52 -47.20
N ARG OA 331 77.27 27.46 -47.95
CA ARG OA 331 77.38 28.86 -47.60
C ARG OA 331 76.21 29.66 -48.16
N GLN OA 332 76.02 30.84 -47.61
CA GLN OA 332 74.94 31.74 -48.00
C GLN OA 332 75.23 32.34 -49.38
N VAL OA 333 74.18 32.74 -50.08
CA VAL OA 333 74.30 33.30 -51.42
C VAL OA 333 74.15 34.82 -51.30
N GLU OA 334 75.20 35.54 -51.69
CA GLU OA 334 75.21 36.99 -51.64
C GLU OA 334 75.06 37.57 -53.04
N ALA OA 335 75.14 38.90 -53.14
CA ALA OA 335 75.08 39.56 -54.42
C ALA OA 335 76.36 39.32 -55.21
N GLY OA 336 76.20 39.21 -56.54
CA GLY OA 336 77.34 38.98 -57.41
C GLY OA 336 77.73 37.53 -57.58
N ASP OA 337 76.97 36.59 -57.02
CA ASP OA 337 77.30 35.18 -57.18
C ASP OA 337 77.00 34.72 -58.60
N ALA OA 338 77.63 33.63 -59.01
CA ALA OA 338 77.53 33.13 -60.37
C ALA OA 338 76.54 31.98 -60.45
N VAL OA 339 75.64 32.05 -61.44
CA VAL OA 339 74.66 31.02 -61.69
C VAL OA 339 74.71 30.67 -63.17
N SER OA 340 74.19 29.49 -63.49
CA SER OA 340 74.07 29.05 -64.87
C SER OA 340 72.75 28.30 -65.02
N VAL OA 341 72.35 28.07 -66.27
CA VAL OA 341 71.12 27.35 -66.59
C VAL OA 341 71.50 26.04 -67.24
N VAL OA 342 70.95 24.94 -66.71
CA VAL OA 342 71.29 23.61 -67.22
C VAL OA 342 70.38 23.30 -68.41
N GLY OA 343 70.98 23.21 -69.58
CA GLY OA 343 70.22 22.87 -70.78
C GLY OA 343 70.76 23.64 -71.98
N THR OA 344 69.84 23.94 -72.90
CA THR OA 344 70.18 24.61 -74.15
C THR OA 344 69.16 25.73 -74.33
N ALA OA 345 69.33 26.51 -75.40
CA ALA OA 345 68.52 27.71 -75.60
C ALA OA 345 67.03 27.37 -75.68
N SER OA 346 66.62 26.63 -76.70
CA SER OA 346 65.21 26.31 -76.89
C SER OA 346 65.01 24.85 -77.23
N GLN OA 347 65.83 23.97 -76.67
CA GLN OA 347 65.70 22.54 -76.89
C GLN OA 347 64.41 22.02 -76.26
N THR OA 348 63.85 20.99 -76.87
CA THR OA 348 62.69 20.29 -76.33
C THR OA 348 62.99 18.80 -76.30
N MET OA 349 62.47 18.12 -75.28
CA MET OA 349 62.79 16.71 -75.07
C MET OA 349 61.77 16.11 -74.11
N LYS OA 350 61.93 14.81 -73.86
CA LYS OA 350 61.10 14.09 -72.90
C LYS OA 350 61.95 13.69 -71.71
N PRO OA 351 61.82 14.37 -70.57
CA PRO OA 351 62.79 14.18 -69.49
C PRO OA 351 62.56 12.90 -68.70
N ASN OA 352 63.67 12.26 -68.33
CA ASN OA 352 63.62 11.15 -67.40
C ASN OA 352 63.45 11.67 -65.97
N LEU OA 353 63.04 10.78 -65.08
CA LEU OA 353 62.76 11.18 -63.71
C LEU OA 353 63.33 10.17 -62.73
N PHE OA 354 63.61 10.64 -61.52
CA PHE OA 354 64.00 9.77 -60.43
C PHE OA 354 63.53 10.40 -59.12
N TYR OA 355 63.19 9.58 -58.15
CA TYR OA 355 62.61 10.11 -56.91
C TYR OA 355 62.64 9.04 -55.82
N ASN OA 356 62.33 9.47 -54.60
CA ASN OA 356 62.09 8.58 -53.47
C ASN OA 356 60.59 8.35 -53.34
N LYS OA 357 60.23 7.40 -52.48
CA LYS OA 357 58.81 7.09 -52.28
C LYS OA 357 58.04 8.29 -51.76
N PHE OA 358 58.61 9.03 -50.79
CA PHE OA 358 57.92 10.13 -50.13
C PHE OA 358 58.28 11.48 -50.72
N PHE OA 359 58.51 11.53 -52.04
CA PHE OA 359 58.73 12.81 -52.70
C PHE OA 359 57.41 13.56 -52.88
N CYS OA 360 56.45 12.93 -53.53
CA CYS OA 360 55.12 13.50 -53.73
C CYS OA 360 54.06 12.48 -53.35
N GLY OA 361 52.81 12.94 -53.30
CA GLY OA 361 51.71 12.08 -52.97
C GLY OA 361 50.48 12.43 -53.79
N LEU OA 362 49.70 11.40 -54.11
CA LEU OA 362 48.54 11.52 -54.99
C LEU OA 362 47.32 10.91 -54.31
N GLY OA 363 46.17 11.56 -54.49
CA GLY OA 363 44.92 11.03 -53.97
C GLY OA 363 43.76 11.42 -54.86
N SER OA 364 42.67 10.66 -54.73
CA SER OA 364 41.45 10.89 -55.50
C SER OA 364 40.30 11.10 -54.52
N ILE OA 365 39.85 12.35 -54.39
CA ILE OA 365 38.79 12.67 -53.43
C ILE OA 365 37.46 12.14 -53.95
N PRO OA 366 36.69 11.41 -53.15
CA PRO OA 366 35.38 10.95 -53.62
C PRO OA 366 34.40 12.10 -53.74
N LEU OA 367 33.41 11.91 -54.62
CA LEU OA 367 32.41 12.96 -54.83
C LEU OA 367 31.05 12.53 -54.29
N PRO OA 368 30.28 13.47 -53.75
CA PRO OA 368 28.93 13.16 -53.27
C PRO OA 368 27.94 13.06 -54.42
N LYS OA 369 26.90 12.27 -54.18
CA LYS OA 369 25.81 12.11 -55.13
C LYS OA 369 25.02 13.42 -55.25
N LEU OA 370 24.27 13.53 -56.35
CA LEU OA 370 23.32 14.62 -56.53
C LEU OA 370 21.94 14.16 -56.08
N HIS OA 371 21.04 15.12 -55.93
CA HIS OA 371 19.73 14.84 -55.35
C HIS OA 371 18.83 14.24 -56.40
N SER OA 372 18.46 12.97 -56.20
CA SER OA 372 17.52 12.25 -57.06
C SER OA 372 17.99 12.22 -58.51
N ILE OA 373 19.20 11.67 -58.71
CA ILE OA 373 19.77 11.48 -60.03
C ILE OA 373 20.41 10.10 -60.07
N ASP OA 374 20.12 9.33 -61.12
CA ASP OA 374 20.65 7.99 -61.24
C ASP OA 374 22.17 8.05 -61.40
N SER OA 375 22.87 7.27 -60.57
CA SER OA 375 24.32 7.36 -60.49
C SER OA 375 24.90 6.00 -60.15
N ALA OA 376 26.18 5.86 -60.43
CA ALA OA 376 26.94 4.66 -60.10
C ALA OA 376 28.40 5.05 -60.03
N VAL OA 377 29.26 4.08 -59.72
CA VAL OA 377 30.70 4.28 -59.75
C VAL OA 377 31.33 3.12 -60.50
N ALA OA 378 32.53 3.35 -61.02
CA ALA OA 378 33.31 2.36 -61.76
C ALA OA 378 34.75 2.43 -61.30
N THR OA 379 35.50 1.37 -61.59
CA THR OA 379 36.88 1.27 -61.14
C THR OA 379 37.82 1.02 -62.31
N TYR OA 380 39.02 1.57 -62.20
CA TYR OA 380 40.06 1.36 -63.21
C TYR OA 380 41.42 1.62 -62.57
N GLU OA 381 42.25 0.58 -62.53
CA GLU OA 381 43.62 0.68 -62.01
C GLU OA 381 43.63 1.28 -60.60
N GLY OA 382 42.69 0.85 -59.78
CA GLY OA 382 42.62 1.33 -58.41
C GLY OA 382 42.09 2.73 -58.26
N PHE OA 383 41.44 3.29 -59.28
CA PHE OA 383 40.82 4.61 -59.19
C PHE OA 383 39.33 4.48 -59.40
N SER OA 384 38.56 5.26 -58.64
CA SER OA 384 37.11 5.22 -58.68
C SER OA 384 36.58 6.45 -59.39
N ILE OA 385 35.64 6.25 -60.32
CA ILE OA 385 35.06 7.32 -61.11
C ILE OA 385 33.54 7.27 -60.98
N ARG OA 386 32.93 8.41 -60.68
CA ARG OA 386 31.50 8.50 -60.47
C ARG OA 386 30.81 8.86 -61.79
N VAL OA 387 29.77 8.12 -62.14
CA VAL OA 387 29.03 8.30 -63.38
C VAL OA 387 27.59 8.67 -63.05
N HIS OA 388 27.10 9.73 -63.69
CA HIS OA 388 25.73 10.20 -63.53
C HIS OA 388 25.03 10.10 -64.88
N LYS OA 389 23.78 9.65 -64.87
CA LYS OA 389 22.98 9.55 -66.07
C LYS OA 389 21.68 10.32 -65.87
N TYR OA 390 21.42 11.30 -66.73
CA TYR OA 390 20.21 12.10 -66.59
C TYR OA 390 19.72 12.50 -67.98
N ALA OA 391 18.70 13.34 -68.01
CA ALA OA 391 18.05 13.68 -69.27
C ALA OA 391 17.39 15.05 -69.19
N ASP OA 392 17.25 15.68 -70.35
CA ASP OA 392 16.47 16.89 -70.51
C ASP OA 392 15.15 16.51 -71.18
N GLY OA 393 14.04 16.84 -70.51
CA GLY OA 393 12.72 16.41 -70.95
C GLY OA 393 12.17 17.14 -72.15
N ASP OA 394 12.16 18.48 -72.09
CA ASP OA 394 11.58 19.26 -73.17
C ASP OA 394 12.32 19.02 -74.49
N ALA OA 395 13.64 19.16 -74.48
CA ALA OA 395 14.44 18.84 -75.66
C ALA OA 395 14.48 17.36 -75.95
N ASN OA 396 14.07 16.52 -75.00
CA ASN OA 396 13.97 15.07 -75.18
C ASN OA 396 15.33 14.48 -75.55
N VAL OA 397 16.32 14.71 -74.68
CA VAL OA 397 17.68 14.23 -74.89
C VAL OA 397 18.16 13.52 -73.63
N GLN OA 398 19.08 12.59 -73.79
CA GLN OA 398 19.66 11.83 -72.68
C GLN OA 398 21.16 12.06 -72.65
N LYS OA 399 21.69 12.40 -71.47
CA LYS OA 399 23.11 12.69 -71.35
C LYS OA 399 23.71 11.98 -70.14
N MET OA 400 25.03 11.80 -70.20
CA MET OA 400 25.81 11.09 -69.19
C MET OA 400 27.08 11.88 -68.90
N ARG OA 401 27.57 11.75 -67.66
CA ARG OA 401 28.81 12.41 -67.27
C ARG OA 401 29.61 11.52 -66.35
N PHE OA 402 30.93 11.62 -66.45
CA PHE OA 402 31.87 10.93 -65.58
C PHE OA 402 32.78 11.96 -64.92
N ASP OA 403 32.96 11.84 -63.61
CA ASP OA 403 33.64 12.87 -62.83
C ASP OA 403 34.73 12.25 -61.96
N LEU OA 404 35.79 13.02 -61.75
CA LEU OA 404 36.85 12.64 -60.81
C LEU OA 404 37.48 13.92 -60.25
N LEU OA 405 38.08 13.80 -59.07
CA LEU OA 405 38.71 14.94 -58.39
C LEU OA 405 40.07 14.53 -57.86
N PRO OA 406 41.17 15.07 -58.40
CA PRO OA 406 42.50 14.69 -57.91
C PRO OA 406 43.03 15.62 -56.82
N ALA OA 407 44.09 15.21 -56.14
CA ALA OA 407 44.74 16.03 -55.13
C ALA OA 407 46.20 15.62 -55.02
N TYR OA 408 47.09 16.60 -55.06
CA TYR OA 408 48.53 16.36 -55.04
C TYR OA 408 49.18 17.04 -53.85
N VAL OA 409 50.23 16.40 -53.33
CA VAL OA 409 51.08 16.99 -52.29
C VAL OA 409 52.53 16.78 -52.68
N CYS OA 410 53.40 17.67 -52.21
CA CYS OA 410 54.85 17.56 -52.39
C CYS OA 410 55.49 17.68 -51.02
N PHE OA 411 56.07 16.58 -50.52
CA PHE OA 411 56.56 16.57 -49.14
C PHE OA 411 57.90 17.29 -49.03
N ASN OA 412 58.91 16.80 -49.73
CA ASN OA 412 60.23 17.42 -49.68
C ASN OA 412 60.85 17.46 -51.07
N PRO OA 413 61.13 18.64 -51.60
CA PRO OA 413 61.69 18.72 -52.96
C PRO OA 413 63.07 18.09 -53.09
N HIS OA 414 63.79 17.90 -51.99
CA HIS OA 414 65.15 17.38 -52.04
C HIS OA 414 65.21 15.86 -52.19
N MET OA 415 64.11 15.22 -52.57
CA MET OA 415 64.05 13.77 -52.66
C MET OA 415 63.60 13.33 -54.06
N GLY OA 416 63.95 14.11 -55.07
CA GLY OA 416 63.59 13.74 -56.44
C GLY OA 416 64.04 14.81 -57.41
N GLY OA 417 63.95 14.45 -58.69
CA GLY OA 417 64.36 15.36 -59.74
C GLY OA 417 64.48 14.65 -61.07
N GLN OA 418 65.17 15.30 -62.00
CA GLN OA 418 65.39 14.78 -63.35
C GLN OA 418 66.87 14.49 -63.54
N PHE OA 419 67.18 13.34 -64.14
CA PHE OA 419 68.56 12.92 -64.35
C PHE OA 419 68.81 12.71 -65.83
N PHE OA 420 70.00 13.05 -66.28
CA PHE OA 420 70.43 12.85 -67.66
C PHE OA 420 71.84 12.28 -67.68
N GLY OA 421 72.18 11.61 -68.77
CA GLY OA 421 73.49 11.03 -68.92
C GLY OA 421 74.59 12.07 -69.08
N ASN OA 422 75.67 11.92 -68.32
CA ASN OA 422 76.80 12.82 -68.46
C ASN OA 422 77.59 12.46 -69.72
N PRO OA 423 78.25 13.45 -70.35
CA PRO OA 423 79.03 13.22 -71.57
C PRO OA 423 80.27 12.36 -71.32
N THR PA 3 -41.39 67.42 -41.14
CA THR PA 3 -40.95 68.19 -42.33
C THR PA 3 -39.75 67.47 -42.96
N VAL PA 4 -38.99 68.15 -43.83
CA VAL PA 4 -37.84 67.50 -44.53
C VAL PA 4 -36.56 68.27 -44.20
N LEU PA 5 -35.52 67.56 -43.75
CA LEU PA 5 -34.22 68.24 -43.49
C LEU PA 5 -33.76 68.78 -44.83
N THR PA 6 -33.23 70.00 -44.88
CA THR PA 6 -32.95 70.60 -46.21
C THR PA 6 -31.47 70.67 -46.58
N LYS PA 7 -30.58 70.08 -45.81
CA LYS PA 7 -29.14 70.05 -46.20
C LYS PA 7 -28.57 71.46 -46.00
N GLY PA 8 -29.38 72.39 -45.49
CA GLY PA 8 -28.89 73.73 -45.15
C GLY PA 8 -29.25 74.00 -43.71
N GLU PA 9 -30.31 73.34 -43.23
CA GLU PA 9 -30.70 73.46 -41.82
C GLU PA 9 -29.54 72.88 -41.02
N ILE PA 10 -28.96 71.78 -41.48
CA ILE PA 10 -27.83 71.13 -40.77
C ILE PA 10 -26.65 72.12 -40.73
N VAL PA 11 -26.34 72.76 -41.86
CA VAL PA 11 -25.17 73.69 -41.91
C VAL PA 11 -25.44 74.92 -41.02
N LEU PA 12 -26.65 75.48 -41.09
CA LEU PA 12 -26.97 76.68 -40.30
C LEU PA 12 -26.94 76.32 -38.82
N PHE PA 13 -27.43 75.13 -38.46
CA PHE PA 13 -27.51 74.75 -37.02
C PHE PA 13 -26.09 74.79 -36.48
N ALA PA 14 -25.15 74.27 -37.24
CA ALA PA 14 -23.75 74.23 -36.77
C ALA PA 14 -23.25 75.66 -36.58
N LEU PA 15 -23.57 76.57 -37.49
CA LEU PA 15 -23.02 77.94 -37.41
C LEU PA 15 -23.76 78.70 -36.31
N ARG PA 16 -24.93 78.23 -35.89
CA ARG PA 16 -25.61 78.90 -34.79
C ARG PA 16 -25.19 78.34 -33.44
N LYS PA 17 -24.95 77.04 -33.34
CA LYS PA 17 -24.66 76.41 -32.06
C LYS PA 17 -23.35 76.87 -31.43
N PHE PA 18 -22.61 77.78 -32.06
CA PHE PA 18 -21.39 78.31 -31.46
C PHE PA 18 -21.30 79.81 -31.64
N ALA PA 19 -22.44 80.50 -31.75
CA ALA PA 19 -22.51 81.96 -31.81
C ALA PA 19 -21.69 82.52 -32.97
N ILE PA 20 -22.11 82.16 -34.19
CA ILE PA 20 -21.53 82.69 -35.42
C ILE PA 20 -22.59 83.33 -36.30
N ALA PA 21 -23.66 82.59 -36.59
CA ALA PA 21 -24.74 83.06 -37.46
C ALA PA 21 -26.02 83.12 -36.65
N SER PA 22 -26.31 84.29 -36.10
CA SER PA 22 -27.52 84.51 -35.30
C SER PA 22 -27.74 86.00 -35.17
N ASN PA 23 -28.69 86.39 -34.32
CA ASN PA 23 -29.07 87.78 -34.14
C ASN PA 23 -28.42 88.43 -32.93
N ALA PA 24 -27.46 87.75 -32.29
CA ALA PA 24 -26.81 88.27 -31.10
C ALA PA 24 -25.64 89.20 -31.41
N SER PA 25 -25.30 89.38 -32.68
CA SER PA 25 -24.22 90.28 -33.05
C SER PA 25 -24.54 91.18 -34.24
N LEU PA 26 -25.72 91.03 -34.86
CA LEU PA 26 -26.14 91.87 -35.99
C LEU PA 26 -25.17 91.77 -37.16
N THR PA 27 -24.53 90.62 -37.32
CA THR PA 27 -23.60 90.39 -38.42
C THR PA 27 -23.99 89.10 -39.13
N ASP PA 28 -23.57 88.99 -40.39
CA ASP PA 28 -23.98 87.89 -41.25
C ASP PA 28 -22.76 87.27 -41.91
N VAL PA 29 -22.93 86.04 -42.39
CA VAL PA 29 -21.87 85.26 -43.00
C VAL PA 29 -22.12 85.18 -44.50
N GLU PA 30 -21.06 85.37 -45.29
CA GLU PA 30 -21.19 85.41 -46.73
C GLU PA 30 -21.62 84.05 -47.29
N PRO PA 31 -22.34 84.03 -48.41
CA PRO PA 31 -22.79 82.74 -48.98
C PRO PA 31 -21.65 81.82 -49.38
N GLN PA 32 -20.46 82.34 -49.64
CA GLN PA 32 -19.34 81.48 -49.98
C GLN PA 32 -19.02 80.52 -48.84
N SER PA 33 -19.09 81.00 -47.59
CA SER PA 33 -18.86 80.13 -46.45
C SER PA 33 -19.97 79.09 -46.31
N ILE PA 34 -21.21 79.43 -46.66
CA ILE PA 34 -22.28 78.45 -46.65
C ILE PA 34 -22.01 77.37 -47.69
N GLU PA 35 -21.54 77.76 -48.87
CA GLU PA 35 -21.19 76.78 -49.90
C GLU PA 35 -20.05 75.87 -49.41
N ASP PA 36 -19.04 76.46 -48.77
CA ASP PA 36 -17.96 75.65 -48.22
C ASP PA 36 -18.47 74.68 -47.17
N GLY PA 37 -19.39 75.14 -46.32
CA GLY PA 37 -19.93 74.27 -45.28
C GLY PA 37 -20.72 73.11 -45.85
N VAL PA 38 -21.54 73.37 -46.87
CA VAL PA 38 -22.31 72.28 -47.45
C VAL PA 38 -21.40 71.31 -48.19
N ASN PA 39 -20.32 71.82 -48.81
CA ASN PA 39 -19.35 70.92 -49.42
C ASN PA 39 -18.68 70.05 -48.38
N ASP PA 40 -18.31 70.63 -47.23
CA ASP PA 40 -17.71 69.85 -46.16
C ASP PA 40 -18.67 68.79 -45.63
N LEU PA 41 -19.94 69.16 -45.47
CA LEU PA 41 -20.93 68.18 -45.03
C LEU PA 41 -21.08 67.05 -46.04
N GLU PA 42 -21.09 67.38 -47.33
CA GLU PA 42 -21.16 66.34 -48.36
C GLU PA 42 -19.97 65.40 -48.28
N ASP PA 43 -18.77 65.95 -48.14
CA ASP PA 43 -17.58 65.10 -48.06
C ASP PA 43 -17.59 64.22 -46.81
N MET PA 44 -18.02 64.78 -45.68
CA MET PA 44 -18.03 64.01 -44.45
C MET PA 44 -19.08 62.90 -44.49
N MET PA 45 -20.26 63.18 -45.06
CA MET PA 45 -21.23 62.12 -45.30
C MET PA 45 -20.71 61.07 -46.27
N SER PA 46 -19.88 61.49 -47.24
CA SER PA 46 -19.34 60.52 -48.18
C SER PA 46 -18.33 59.60 -47.51
N GLU PA 47 -17.48 60.15 -46.63
CA GLU PA 47 -16.49 59.33 -45.94
C GLU PA 47 -17.06 58.60 -44.74
N TRP PA 48 -18.27 58.94 -44.30
CA TRP PA 48 -18.97 58.15 -43.29
C TRP PA 48 -19.43 56.80 -43.81
N MET PA 49 -19.21 56.51 -45.09
CA MET PA 49 -19.63 55.25 -45.68
C MET PA 49 -18.84 54.06 -45.13
N ILE PA 50 -17.75 54.30 -44.41
CA ILE PA 50 -16.85 53.22 -44.02
C ILE PA 50 -17.03 52.82 -42.56
N ASN PA 51 -16.74 53.75 -41.63
CA ASN PA 51 -16.69 53.38 -40.23
C ASN PA 51 -18.10 53.24 -39.63
N PRO PA 52 -18.97 54.26 -39.65
CA PRO PA 52 -20.30 54.08 -39.04
C PRO PA 52 -21.27 53.35 -39.95
N GLY PA 53 -21.09 53.50 -41.27
CA GLY PA 53 -22.01 52.94 -42.23
C GLY PA 53 -23.05 53.96 -42.67
N ASP PA 54 -23.79 53.60 -43.70
CA ASP PA 54 -24.80 54.48 -44.25
C ASP PA 54 -25.96 54.68 -43.27
N ILE PA 55 -26.60 55.85 -43.36
CA ILE PA 55 -27.71 56.19 -42.47
C ILE PA 55 -28.88 56.71 -43.30
N GLY PA 56 -28.94 56.33 -44.56
CA GLY PA 56 -29.99 56.78 -45.44
C GLY PA 56 -29.72 58.08 -46.16
N TYR PA 57 -28.48 58.55 -46.16
CA TYR PA 57 -28.13 59.78 -46.85
C TYR PA 57 -28.23 59.60 -48.36
N ALA PA 58 -28.66 60.67 -49.04
CA ALA PA 58 -28.83 60.68 -50.50
C ALA PA 58 -27.83 61.65 -51.09
N PHE PA 59 -26.83 61.11 -51.79
CA PHE PA 59 -25.79 61.93 -52.37
C PHE PA 59 -26.31 62.70 -53.59
N ALA PA 60 -25.53 63.69 -54.03
CA ALA PA 60 -25.89 64.46 -55.20
C ALA PA 60 -25.90 63.59 -56.44
N THR PA 61 -26.97 63.68 -57.22
CA THR PA 61 -27.10 62.87 -58.42
C THR PA 61 -26.37 63.52 -59.58
N GLY PA 62 -25.61 62.71 -60.33
CA GLY PA 62 -24.87 63.22 -61.46
C GLY PA 62 -23.63 63.97 -61.05
N ASP PA 63 -23.13 64.77 -61.98
CA ASP PA 63 -21.92 65.56 -61.77
C ASP PA 63 -22.21 66.99 -61.30
N GLU PA 64 -23.47 67.32 -61.04
CA GLU PA 64 -23.80 68.67 -60.60
C GLU PA 64 -23.34 68.89 -59.16
N GLN PA 65 -22.88 70.10 -58.87
CA GLN PA 65 -22.45 70.44 -57.53
C GLN PA 65 -23.64 70.49 -56.59
N PRO PA 66 -23.45 70.12 -55.32
CA PRO PA 66 -24.57 70.13 -54.37
C PRO PA 66 -25.08 71.53 -54.11
N LEU PA 67 -26.39 71.61 -53.84
CA LEU PA 67 -27.06 72.86 -53.50
C LEU PA 67 -27.55 72.82 -52.06
N PRO PA 68 -27.57 73.96 -51.37
CA PRO PA 68 -28.00 73.98 -49.96
C PRO PA 68 -29.50 73.87 -49.76
N ASP PA 69 -30.28 73.58 -50.80
CA ASP PA 69 -31.72 73.45 -50.68
C ASP PA 69 -32.23 72.06 -51.08
N ASP PA 70 -31.33 71.10 -51.26
CA ASP PA 70 -31.74 69.75 -51.62
C ASP PA 70 -32.15 68.96 -50.38
N GLU PA 71 -32.98 67.94 -50.59
CA GLU PA 71 -33.38 67.07 -49.49
C GLU PA 71 -32.24 66.14 -49.13
N SER PA 72 -31.92 66.07 -47.84
CA SER PA 72 -30.85 65.19 -47.38
C SER PA 72 -31.29 63.74 -47.34
N GLY PA 73 -32.54 63.49 -46.96
CA GLY PA 73 -33.05 62.14 -46.81
C GLY PA 73 -32.89 61.56 -45.42
N LEU PA 74 -32.20 62.25 -44.52
CA LEU PA 74 -32.01 61.76 -43.17
C LEU PA 74 -33.28 61.96 -42.34
N PRO PA 75 -33.53 61.08 -41.37
CA PRO PA 75 -34.60 61.34 -40.41
C PRO PA 75 -34.22 62.48 -39.48
N ARG PA 76 -35.25 63.07 -38.87
CA ARG PA 76 -35.02 64.23 -38.01
C ARG PA 76 -34.21 63.85 -36.76
N LYS PA 77 -34.16 62.55 -36.43
CA LYS PA 77 -33.51 62.12 -35.20
C LYS PA 77 -31.98 62.15 -35.29
N TYR PA 78 -31.41 62.37 -36.48
CA TYR PA 78 -29.97 62.38 -36.64
C TYR PA 78 -29.39 63.78 -36.77
N LYS PA 79 -30.24 64.81 -36.73
CA LYS PA 79 -29.81 66.17 -37.02
C LYS PA 79 -28.80 66.67 -36.00
N HIS PA 80 -29.05 66.41 -34.71
CA HIS PA 80 -28.14 66.88 -33.67
C HIS PA 80 -26.75 66.27 -33.81
N ALA PA 81 -26.70 64.95 -34.04
CA ALA PA 81 -25.41 64.28 -34.19
C ALA PA 81 -24.65 64.82 -35.40
N VAL PA 82 -25.34 64.92 -36.54
CA VAL PA 82 -24.67 65.39 -37.75
C VAL PA 82 -24.19 66.82 -37.58
N GLY PA 83 -25.03 67.66 -36.97
CA GLY PA 83 -24.65 69.06 -36.78
C GLY PA 83 -23.46 69.21 -35.84
N TYR PA 84 -23.43 68.43 -34.76
CA TYR PA 84 -22.32 68.53 -33.83
C TYR PA 84 -21.02 68.05 -34.46
N GLN PA 85 -21.07 66.95 -35.22
CA GLN PA 85 -19.86 66.50 -35.90
C GLN PA 85 -19.39 67.53 -36.94
N LEU PA 86 -20.34 68.14 -37.65
CA LEU PA 86 -19.98 69.17 -38.62
C LEU PA 86 -19.36 70.39 -37.94
N LEU PA 87 -19.89 70.77 -36.78
CA LEU PA 87 -19.30 71.87 -36.01
C LEU PA 87 -17.87 71.54 -35.60
N LEU PA 88 -17.65 70.30 -35.14
CA LEU PA 88 -16.29 69.89 -34.78
C LEU PA 88 -15.36 69.91 -35.99
N ARG PA 89 -15.86 69.58 -37.17
CA ARG PA 89 -15.06 69.65 -38.39
C ARG PA 89 -14.82 71.07 -38.88
N MET PA 90 -15.72 72.02 -38.58
CA MET PA 90 -15.64 73.35 -39.14
C MET PA 90 -15.10 74.42 -38.22
N LEU PA 91 -14.95 74.15 -36.91
CA LEU PA 91 -14.46 75.18 -36.01
C LEU PA 91 -13.06 75.66 -36.39
N SER PA 92 -12.26 74.77 -36.98
CA SER PA 92 -10.90 75.15 -37.37
C SER PA 92 -10.90 76.20 -38.48
N ASP PA 93 -11.97 76.27 -39.29
CA ASP PA 93 -12.06 77.27 -40.33
C ASP PA 93 -12.05 78.69 -39.77
N TYR PA 94 -12.71 78.91 -38.63
CA TYR PA 94 -12.73 80.21 -37.98
C TYR PA 94 -11.79 80.28 -36.79
N SER PA 95 -11.01 79.20 -36.56
CA SER PA 95 -9.94 79.20 -35.56
C SER PA 95 -10.49 79.34 -34.15
N LEU PA 96 -11.60 78.65 -33.88
CA LEU PA 96 -12.17 78.58 -32.55
C LEU PA 96 -11.73 77.28 -31.88
N GLU PA 97 -12.10 77.14 -30.61
CA GLU PA 97 -11.74 75.96 -29.84
C GLU PA 97 -12.98 75.42 -29.16
N PRO PA 98 -13.27 74.13 -29.29
CA PRO PA 98 -14.47 73.56 -28.66
C PRO PA 98 -14.38 73.59 -27.14
N THR PA 99 -15.54 73.69 -26.51
CA THR PA 99 -15.66 73.72 -25.07
C THR PA 99 -16.10 72.35 -24.55
N PRO PA 100 -15.81 72.06 -23.27
CA PRO PA 100 -16.18 70.73 -22.74
C PRO PA 100 -17.65 70.41 -22.84
N GLN PA 101 -18.54 71.40 -22.69
CA GLN PA 101 -19.97 71.12 -22.83
C GLN PA 101 -20.32 70.69 -24.24
N VAL PA 102 -19.75 71.37 -25.25
CA VAL PA 102 -20.01 70.97 -26.64
C VAL PA 102 -19.43 69.59 -26.90
N LEU PA 103 -18.24 69.30 -26.34
CA LEU PA 103 -17.67 67.98 -26.51
C LEU PA 103 -18.56 66.90 -25.92
N SER PA 104 -19.08 67.13 -24.72
CA SER PA 104 -19.97 66.15 -24.09
C SER PA 104 -21.25 65.96 -24.90
N ASN PA 105 -21.82 67.06 -25.40
CA ASN PA 105 -23.04 66.96 -26.20
C ASN PA 105 -22.79 66.17 -27.48
N ALA PA 106 -21.67 66.44 -28.16
CA ALA PA 106 -21.34 65.71 -29.38
C ALA PA 106 -21.14 64.23 -29.08
N GLN PA 107 -20.45 63.92 -27.99
CA GLN PA 107 -20.22 62.52 -27.62
C GLN PA 107 -21.54 61.81 -27.33
N ARG PA 108 -22.45 62.47 -26.61
CA ARG PA 108 -23.74 61.86 -26.31
C ARG PA 108 -24.55 61.60 -27.57
N SER PA 109 -24.59 62.59 -28.48
CA SER PA 109 -25.33 62.41 -29.73
C SER PA 109 -24.74 61.30 -30.57
N TYR PA 110 -23.40 61.24 -30.66
CA TYR PA 110 -22.75 60.17 -31.41
C TYR PA 110 -23.02 58.81 -30.78
N ASP PA 111 -23.06 58.75 -29.44
CA ASP PA 111 -23.37 57.49 -28.78
C ASP PA 111 -24.78 57.04 -29.11
N ALA PA 112 -25.74 57.97 -29.13
CA ALA PA 112 -27.11 57.61 -29.51
C ALA PA 112 -27.15 57.10 -30.95
N LEU PA 113 -26.43 57.78 -31.86
CA LEU PA 113 -26.41 57.35 -33.25
C LEU PA 113 -25.82 55.96 -33.40
N MET PA 114 -24.72 55.68 -32.68
CA MET PA 114 -24.12 54.34 -32.74
C MET PA 114 -25.05 53.29 -32.16
N THR PA 115 -25.71 53.61 -31.05
CA THR PA 115 -26.63 52.65 -30.44
C THR PA 115 -27.78 52.31 -31.38
N ASP PA 116 -28.25 53.30 -32.15
CA ASP PA 116 -29.39 53.07 -33.02
C ASP PA 116 -29.10 52.00 -34.08
N THR PA 117 -27.86 51.85 -34.50
CA THR PA 117 -27.55 51.02 -35.66
C THR PA 117 -26.59 49.88 -35.37
N LEU PA 118 -26.82 49.13 -34.30
CA LEU PA 118 -26.01 47.96 -34.01
C LEU PA 118 -26.51 46.75 -34.79
N VAL PA 119 -25.62 45.78 -34.98
CA VAL PA 119 -25.92 44.55 -35.72
C VAL PA 119 -25.66 43.31 -34.87
N VAL PA 120 -24.49 43.23 -34.23
CA VAL PA 120 -24.14 42.13 -33.33
C VAL PA 120 -24.25 40.80 -34.06
N PRO PA 121 -23.34 40.49 -34.97
CA PRO PA 121 -23.48 39.26 -35.77
C PRO PA 121 -23.43 38.01 -34.91
N SER PA 122 -24.07 36.95 -35.40
CA SER PA 122 -24.13 35.67 -34.73
C SER PA 122 -23.22 34.68 -35.45
N MET PA 123 -22.59 33.78 -34.68
CA MET PA 123 -21.63 32.83 -35.22
C MET PA 123 -22.33 31.53 -35.57
N ARG PA 124 -22.46 31.25 -36.86
CA ARG PA 124 -23.06 30.00 -37.32
C ARG PA 124 -22.10 28.84 -37.08
N ARG PA 125 -22.63 27.63 -37.23
CA ARG PA 125 -21.83 26.43 -36.99
C ARG PA 125 -20.76 26.28 -38.06
N ARG PA 126 -19.74 25.48 -37.74
CA ARG PA 126 -18.54 25.42 -38.58
C ARG PA 126 -18.85 24.86 -39.96
N GLY PA 127 -19.58 23.74 -40.02
CA GLY PA 127 -19.85 23.10 -41.29
C GLY PA 127 -19.54 21.62 -41.28
N ASP PA 128 -18.52 21.23 -40.51
CA ASP PA 128 -18.22 19.84 -40.25
C ASP PA 128 -18.69 19.40 -38.87
N PHE PA 129 -19.47 20.22 -38.20
CA PHE PA 129 -20.01 19.87 -36.89
C PHE PA 129 -21.25 19.00 -37.07
N PRO PA 130 -21.28 17.78 -36.54
CA PRO PA 130 -22.44 16.92 -36.76
C PRO PA 130 -23.68 17.45 -36.06
N VAL PA 131 -24.82 17.21 -36.69
CA VAL PA 131 -26.10 17.40 -36.02
C VAL PA 131 -26.41 16.14 -35.23
N GLY PA 132 -27.15 16.29 -34.14
CA GLY PA 132 -27.43 15.16 -33.30
C GLY PA 132 -28.32 14.14 -33.98
N GLN PA 133 -28.26 12.90 -33.48
CA GLN PA 133 -29.14 11.86 -34.00
C GLN PA 133 -30.58 12.06 -33.54
N GLY PA 134 -30.79 12.88 -32.50
CA GLY PA 134 -32.13 13.24 -32.07
C GLY PA 134 -32.82 14.25 -32.94
N ASN PA 135 -32.10 14.85 -33.89
CA ASN PA 135 -32.71 15.75 -34.86
C ASN PA 135 -33.53 15.01 -35.91
N LYS PA 136 -33.37 13.69 -36.01
CA LYS PA 136 -34.09 12.85 -36.96
C LYS PA 136 -33.89 13.38 -38.38
N TYR PA 137 -32.63 13.29 -38.82
CA TYR PA 137 -32.30 13.67 -40.19
C TYR PA 137 -32.86 12.63 -41.16
N ASP PA 138 -33.29 13.10 -42.32
CA ASP PA 138 -33.87 12.25 -43.34
C ASP PA 138 -32.75 11.67 -44.19
N VAL PA 139 -33.05 10.52 -44.81
CA VAL PA 139 -32.00 9.76 -45.49
C VAL PA 139 -31.90 10.11 -46.97
N PHE PA 140 -33.01 10.48 -47.62
CA PHE PA 140 -32.91 10.89 -49.02
C PHE PA 140 -32.09 12.17 -49.15
N THR PA 141 -31.99 12.96 -48.08
CA THR PA 141 -31.08 14.08 -47.99
C THR PA 141 -29.90 13.70 -47.09
N SER PA 142 -28.89 14.57 -47.06
CA SER PA 142 -27.74 14.30 -46.20
C SER PA 142 -28.03 14.72 -44.76
N ASP PA 143 -28.21 16.03 -44.54
CA ASP PA 143 -28.69 16.60 -43.29
C ASP PA 143 -27.98 16.05 -42.05
N ARG PA 144 -26.73 15.63 -42.17
CA ARG PA 144 -25.96 15.20 -41.00
C ARG PA 144 -25.04 16.28 -40.44
N TYR PA 145 -24.66 17.26 -41.25
CA TYR PA 145 -23.74 18.31 -40.82
C TYR PA 145 -24.32 19.65 -41.21
N TYR PA 146 -24.02 20.66 -40.40
CA TYR PA 146 -24.56 21.99 -40.65
C TYR PA 146 -23.97 22.57 -41.93
N PRO PA 147 -24.77 23.28 -42.73
CA PRO PA 147 -24.21 23.93 -43.92
C PRO PA 147 -23.19 25.01 -43.56
N GLY PA 148 -23.61 25.99 -42.77
CA GLY PA 148 -22.72 27.01 -42.23
C GLY PA 148 -21.90 27.76 -43.24
N ASP PA 149 -22.40 27.90 -44.47
CA ASP PA 149 -21.64 28.53 -45.54
C ASP PA 149 -22.33 29.77 -46.10
N LEU PA 150 -23.63 29.68 -46.40
CA LEU PA 150 -24.40 30.73 -47.09
C LEU PA 150 -23.61 31.36 -48.24
N PRO QA 2 -112.00 -33.43 -126.33
CA PRO QA 2 -112.62 -32.13 -126.04
C PRO QA 2 -112.34 -31.64 -124.64
N ASN QA 3 -113.41 -31.33 -123.90
CA ASN QA 3 -113.31 -30.86 -122.52
C ASN QA 3 -113.63 -32.01 -121.58
N ASN QA 4 -112.74 -32.26 -120.62
CA ASN QA 4 -112.99 -33.28 -119.60
C ASN QA 4 -113.36 -32.69 -118.25
N LEU QA 5 -112.64 -31.68 -117.78
CA LEU QA 5 -112.95 -30.97 -116.54
C LEU QA 5 -113.05 -31.95 -115.37
N ASP QA 6 -111.92 -32.58 -115.07
CA ASP QA 6 -111.86 -33.58 -114.02
C ASP QA 6 -111.80 -32.90 -112.65
N SER QA 7 -112.71 -33.27 -111.76
CA SER QA 7 -112.73 -32.81 -110.38
C SER QA 7 -112.49 -33.93 -109.39
N ASN QA 8 -111.91 -35.05 -109.83
CA ASN QA 8 -111.62 -36.15 -108.92
C ASN QA 8 -110.51 -35.78 -107.94
N VAL QA 9 -109.50 -35.04 -108.41
CA VAL QA 9 -108.37 -34.71 -107.56
C VAL QA 9 -108.78 -33.67 -106.53
N SER QA 10 -107.96 -33.55 -105.49
CA SER QA 10 -108.19 -32.61 -104.41
C SER QA 10 -106.94 -31.77 -104.21
N GLN QA 11 -107.12 -30.44 -104.15
CA GLN QA 11 -105.99 -29.54 -103.93
C GLN QA 11 -105.53 -29.70 -102.49
N ILE QA 12 -104.26 -30.04 -102.31
CA ILE QA 12 -103.72 -30.30 -100.98
C ILE QA 12 -102.62 -29.29 -100.68
N VAL QA 13 -102.36 -29.09 -99.39
CA VAL QA 13 -101.28 -28.24 -98.92
C VAL QA 13 -100.46 -29.09 -97.96
N LEU QA 14 -99.23 -29.40 -98.35
CA LEU QA 14 -98.41 -30.32 -97.57
C LEU QA 14 -98.01 -29.70 -96.24
N LYS QA 15 -97.76 -30.57 -95.25
CA LYS QA 15 -97.35 -30.13 -93.92
C LYS QA 15 -95.84 -29.91 -93.87
N LYS QA 16 -95.38 -28.98 -94.70
CA LYS QA 16 -93.98 -28.60 -94.78
C LYS QA 16 -93.87 -27.09 -94.68
N PHE QA 17 -92.87 -26.64 -93.92
CA PHE QA 17 -92.63 -25.22 -93.72
C PHE QA 17 -91.30 -24.83 -94.36
N LEU QA 18 -91.33 -23.80 -95.20
CA LEU QA 18 -90.15 -23.32 -95.88
C LEU QA 18 -89.28 -22.47 -94.95
N PRO QA 19 -87.97 -22.41 -95.20
CA PRO QA 19 -87.11 -21.59 -94.34
C PRO QA 19 -87.39 -20.11 -94.53
N GLY QA 20 -87.08 -19.35 -93.48
CA GLY QA 20 -87.27 -17.91 -93.52
C GLY QA 20 -85.97 -17.14 -93.56
N PHE QA 21 -85.89 -16.06 -92.79
CA PHE QA 21 -84.70 -15.23 -92.71
C PHE QA 21 -84.30 -15.07 -91.25
N MET QA 22 -83.02 -14.76 -91.03
CA MET QA 22 -82.50 -14.62 -89.68
C MET QA 22 -81.55 -13.42 -89.65
N SER QA 23 -81.16 -13.03 -88.44
CA SER QA 23 -80.19 -11.98 -88.22
C SER QA 23 -79.23 -12.44 -87.13
N ASP QA 24 -78.23 -11.62 -86.84
CA ASP QA 24 -77.23 -11.96 -85.83
C ASP QA 24 -77.24 -10.92 -84.71
N LEU QA 25 -76.95 -11.39 -83.50
CA LEU QA 25 -77.01 -10.58 -82.29
C LEU QA 25 -75.64 -10.54 -81.66
N VAL QA 26 -74.96 -9.39 -81.73
CA VAL QA 26 -73.63 -9.26 -81.14
C VAL QA 26 -73.61 -8.08 -80.18
N LEU QA 27 -74.49 -7.10 -80.40
CA LEU QA 27 -74.52 -5.92 -79.54
C LEU QA 27 -74.91 -6.28 -78.11
N ALA QA 28 -75.93 -7.13 -77.96
CA ALA QA 28 -76.35 -7.55 -76.63
C ALA QA 28 -75.23 -8.31 -75.91
N LYS QA 29 -74.53 -9.17 -76.64
CA LYS QA 29 -73.41 -9.91 -76.05
C LYS QA 29 -72.27 -8.99 -75.64
N THR QA 30 -71.95 -7.99 -76.46
CA THR QA 30 -70.76 -7.18 -76.24
C THR QA 30 -70.96 -6.07 -75.22
N VAL QA 31 -72.08 -5.34 -75.30
CA VAL QA 31 -72.30 -4.20 -74.41
C VAL QA 31 -72.36 -4.69 -72.96
N ASP QA 32 -71.80 -3.88 -72.06
CA ASP QA 32 -71.70 -4.27 -70.65
C ASP QA 32 -73.08 -4.54 -70.06
N ARG QA 33 -73.16 -5.58 -69.24
CA ARG QA 33 -74.41 -5.96 -68.61
C ARG QA 33 -74.28 -6.32 -67.13
N GLN QA 34 -73.07 -6.51 -66.61
CA GLN QA 34 -72.89 -6.94 -65.23
C GLN QA 34 -73.11 -5.82 -64.22
N LEU QA 35 -72.98 -4.57 -64.63
CA LEU QA 35 -73.15 -3.47 -63.68
C LEU QA 35 -74.61 -3.27 -63.30
N LEU QA 36 -75.51 -3.32 -64.28
CA LEU QA 36 -76.92 -3.00 -64.06
C LEU QA 36 -77.73 -4.21 -63.63
N ALA QA 37 -77.17 -5.42 -63.70
CA ALA QA 37 -77.91 -6.64 -63.39
C ALA QA 37 -78.35 -6.63 -61.93
N GLY QA 38 -79.61 -6.92 -61.69
CA GLY QA 38 -80.14 -6.99 -60.33
C GLY QA 38 -80.05 -5.68 -59.58
N GLU QA 39 -80.39 -4.57 -60.23
CA GLU QA 39 -80.31 -3.26 -59.58
C GLU QA 39 -81.66 -2.55 -59.47
N ILE QA 40 -82.64 -2.91 -60.29
CA ILE QA 40 -83.97 -2.33 -60.23
C ILE QA 40 -84.90 -3.40 -59.68
N ASN QA 41 -85.49 -3.12 -58.51
CA ASN QA 41 -86.39 -4.08 -57.87
C ASN QA 41 -87.49 -3.29 -57.18
N SER QA 42 -88.25 -3.96 -56.31
CA SER QA 42 -89.43 -3.37 -55.70
C SER QA 42 -89.09 -2.30 -54.66
N SER QA 43 -87.83 -2.16 -54.27
CA SER QA 43 -87.43 -1.17 -53.28
C SER QA 43 -86.55 -0.08 -53.87
N THR QA 44 -86.55 0.09 -55.19
CA THR QA 44 -85.68 1.07 -55.84
C THR QA 44 -86.50 2.08 -56.63
N GLY QA 45 -87.63 1.65 -57.19
CA GLY QA 45 -88.42 2.50 -58.04
C GLY QA 45 -88.18 2.21 -59.51
N ASP QA 46 -88.13 3.25 -60.34
CA ASP QA 46 -87.90 3.10 -61.77
C ASP QA 46 -86.67 3.89 -62.21
N SER QA 47 -85.66 3.97 -61.35
CA SER QA 47 -84.45 4.71 -61.69
C SER QA 47 -83.34 4.29 -60.73
N VAL QA 48 -82.10 4.31 -61.23
CA VAL QA 48 -80.92 3.98 -60.44
C VAL QA 48 -79.78 4.88 -60.92
N SER QA 49 -78.78 5.06 -60.05
CA SER QA 49 -77.72 6.00 -60.34
C SER QA 49 -76.37 5.43 -59.91
N PHE QA 50 -75.32 5.86 -60.61
CA PHE QA 50 -73.94 5.50 -60.28
C PHE QA 50 -73.11 6.77 -60.17
N LYS QA 51 -72.11 6.76 -59.30
CA LYS QA 51 -71.30 7.94 -59.08
C LYS QA 51 -70.31 8.14 -60.23
N ARG QA 52 -69.78 9.37 -60.32
CA ARG QA 52 -68.78 9.73 -61.32
C ARG QA 52 -67.43 9.99 -60.66
N PRO QA 53 -66.33 9.74 -61.36
CA PRO QA 53 -65.01 10.05 -60.80
C PRO QA 53 -64.75 11.56 -60.75
N HIS QA 54 -63.87 11.93 -59.84
CA HIS QA 54 -63.51 13.33 -59.62
C HIS QA 54 -62.25 13.69 -60.41
N GLN QA 55 -62.04 15.00 -60.57
CA GLN QA 55 -60.82 15.53 -61.16
C GLN QA 55 -60.33 16.70 -60.32
N PHE QA 56 -59.03 16.96 -60.38
CA PHE QA 56 -58.41 17.98 -59.55
C PHE QA 56 -57.41 18.79 -60.36
N SER QA 57 -57.12 19.99 -59.86
CA SER QA 57 -56.16 20.89 -60.48
C SER QA 57 -55.08 21.24 -59.46
N SER QA 58 -53.93 21.67 -59.98
CA SER QA 58 -52.75 21.91 -59.17
C SER QA 58 -52.43 23.41 -59.10
N LEU QA 59 -51.93 23.83 -57.95
CA LEU QA 59 -51.41 25.17 -57.77
C LEU QA 59 -49.93 25.20 -58.13
N ARG QA 60 -49.38 26.42 -58.19
CA ARG QA 60 -47.97 26.59 -58.57
C ARG QA 60 -47.45 27.86 -57.89
N THR QA 61 -46.58 27.68 -56.90
CA THR QA 61 -45.98 28.78 -56.18
C THR QA 61 -44.47 28.61 -56.10
N PRO QA 62 -43.71 29.70 -56.01
CA PRO QA 62 -42.25 29.57 -55.91
C PRO QA 62 -41.76 29.18 -54.52
N THR QA 63 -42.56 29.34 -53.48
CA THR QA 63 -42.12 29.01 -52.13
C THR QA 63 -43.13 28.16 -51.37
N GLY QA 64 -44.11 27.55 -52.04
CA GLY QA 64 -45.05 26.70 -51.36
C GLY QA 64 -46.06 27.40 -50.48
N ASP QA 65 -46.32 28.68 -50.73
CA ASP QA 65 -47.27 29.45 -49.94
C ASP QA 65 -48.57 29.58 -50.73
N ILE QA 66 -49.65 29.00 -50.20
CA ILE QA 66 -50.93 28.95 -50.87
C ILE QA 66 -52.03 29.65 -50.06
N SER QA 67 -51.65 30.48 -49.09
CA SER QA 67 -52.63 31.13 -48.24
C SER QA 67 -53.53 32.07 -49.03
N GLY QA 68 -52.95 32.84 -49.96
CA GLY QA 68 -53.74 33.80 -50.71
C GLY QA 68 -54.73 33.14 -51.65
N GLN QA 69 -54.33 32.05 -52.29
CA GLN QA 69 -55.13 31.45 -53.35
C GLN QA 69 -56.27 30.62 -52.76
N ASN QA 70 -56.95 29.87 -53.61
CA ASN QA 70 -58.12 29.09 -53.23
C ASN QA 70 -57.89 27.61 -53.51
N LYS QA 71 -58.58 26.77 -52.75
CA LYS QA 71 -58.44 25.33 -52.86
C LYS QA 71 -59.46 24.79 -53.86
N ASN QA 72 -59.40 23.48 -54.14
CA ASN QA 72 -60.32 22.86 -55.08
C ASN QA 72 -61.66 22.58 -54.41
N ASN QA 73 -62.71 22.59 -55.22
CA ASN QA 73 -64.04 22.22 -54.78
C ASN QA 73 -64.30 20.76 -55.10
N LEU QA 74 -65.29 20.19 -54.40
CA LEU QA 74 -65.62 18.77 -54.52
C LEU QA 74 -67.05 18.65 -55.03
N ILE QA 75 -67.21 18.68 -56.35
CA ILE QA 75 -68.51 18.54 -56.99
C ILE QA 75 -68.69 17.08 -57.38
N SER QA 76 -69.83 16.50 -57.01
CA SER QA 76 -70.13 15.11 -57.30
C SER QA 76 -71.25 15.01 -58.33
N GLY QA 77 -71.12 14.05 -59.24
CA GLY QA 77 -72.12 13.84 -60.26
C GLY QA 77 -72.45 12.36 -60.39
N LYS QA 78 -73.55 12.09 -61.08
CA LYS QA 78 -74.04 10.73 -61.22
C LYS QA 78 -74.56 10.49 -62.63
N ALA QA 79 -74.55 9.23 -63.04
CA ALA QA 79 -75.14 8.76 -64.28
C ALA QA 79 -76.37 7.94 -63.93
N THR QA 80 -77.49 8.23 -64.59
CA THR QA 80 -78.78 7.67 -64.23
C THR QA 80 -79.29 6.74 -65.32
N GLY QA 81 -79.79 5.58 -64.90
CA GLY QA 81 -80.45 4.65 -65.78
C GLY QA 81 -81.89 4.44 -65.34
N ARG QA 82 -82.76 4.21 -66.32
CA ARG QA 82 -84.19 4.09 -66.06
C ARG QA 82 -84.76 2.94 -66.88
N VAL QA 83 -85.99 2.57 -66.57
CA VAL QA 83 -86.68 1.47 -67.24
C VAL QA 83 -87.26 1.95 -68.55
N GLY QA 84 -87.50 1.00 -69.45
CA GLY QA 84 -88.05 1.34 -70.76
C GLY QA 84 -89.53 1.06 -70.87
N ASN QA 85 -89.94 0.42 -71.96
CA ASN QA 85 -91.33 0.08 -72.20
C ASN QA 85 -91.45 -1.42 -72.44
N TYR QA 86 -92.66 -1.94 -72.24
CA TYR QA 86 -92.93 -3.35 -72.45
C TYR QA 86 -92.71 -3.74 -73.90
N ILE QA 87 -92.21 -4.95 -74.12
CA ILE QA 87 -92.16 -5.54 -75.45
C ILE QA 87 -93.22 -6.65 -75.44
N THR QA 88 -94.43 -6.29 -75.86
CA THR QA 88 -95.58 -7.17 -75.77
C THR QA 88 -95.96 -7.65 -77.18
N VAL QA 89 -96.21 -8.95 -77.31
CA VAL QA 89 -96.74 -9.51 -78.54
C VAL QA 89 -97.89 -10.45 -78.21
N ALA QA 90 -99.04 -10.22 -78.85
CA ALA QA 90 -100.25 -10.93 -78.47
C ALA QA 90 -101.00 -11.38 -79.71
N VAL QA 91 -101.69 -12.53 -79.58
CA VAL QA 91 -102.47 -13.11 -80.66
C VAL QA 91 -103.82 -13.55 -80.13
N GLU QA 92 -104.79 -13.61 -81.03
CA GLU QA 92 -106.14 -14.07 -80.72
C GLU QA 92 -106.59 -15.03 -81.80
N TYR QA 93 -107.43 -16.00 -81.42
CA TYR QA 93 -108.09 -16.85 -82.40
C TYR QA 93 -109.37 -17.40 -81.78
N GLN QA 94 -110.26 -17.86 -82.66
CA GLN QA 94 -111.57 -18.33 -82.25
C GLN QA 94 -111.57 -19.84 -82.00
N GLN QA 95 -112.55 -20.28 -81.22
CA GLN QA 95 -112.62 -21.69 -80.86
C GLN QA 95 -112.86 -22.57 -82.08
N LEU QA 96 -113.74 -22.12 -82.99
CA LEU QA 96 -113.97 -22.91 -84.20
C LEU QA 96 -112.76 -22.89 -85.12
N GLU QA 97 -112.03 -21.77 -85.16
CA GLU QA 97 -110.80 -21.72 -85.93
C GLU QA 97 -109.81 -22.74 -85.41
N GLU QA 98 -109.65 -22.83 -84.08
CA GLU QA 98 -108.84 -23.88 -83.50
C GLU QA 98 -109.38 -25.26 -83.79
N ALA QA 99 -110.71 -25.41 -83.85
CA ALA QA 99 -111.31 -26.71 -84.06
C ALA QA 99 -111.07 -27.26 -85.46
N ILE QA 100 -111.15 -26.42 -86.50
CA ILE QA 100 -111.08 -26.89 -87.87
C ILE QA 100 -109.80 -26.44 -88.58
N LYS QA 101 -109.51 -25.14 -88.54
CA LYS QA 101 -108.49 -24.61 -89.45
C LYS QA 101 -107.08 -24.68 -88.85
N LEU QA 102 -106.95 -24.41 -87.55
CA LEU QA 102 -105.62 -24.29 -86.97
C LEU QA 102 -104.92 -25.65 -86.88
N ASN QA 103 -103.89 -25.82 -87.69
CA ASN QA 103 -103.04 -27.01 -87.67
C ASN QA 103 -101.60 -26.59 -87.40
N GLN QA 104 -100.90 -27.34 -86.56
CA GLN QA 104 -99.51 -27.07 -86.20
C GLN QA 104 -99.38 -25.68 -85.58
N LEU QA 105 -100.10 -25.49 -84.46
CA LEU QA 105 -100.06 -24.21 -83.78
C LEU QA 105 -98.68 -23.90 -83.23
N GLU QA 106 -97.99 -24.91 -82.71
CA GLU QA 106 -96.64 -24.69 -82.18
C GLU QA 106 -95.68 -24.28 -83.30
N GLU QA 107 -95.80 -24.91 -84.47
CA GLU QA 107 -94.98 -24.50 -85.61
C GLU QA 107 -95.34 -23.12 -86.10
N ILE QA 108 -96.61 -22.72 -86.00
CA ILE QA 108 -97.01 -21.36 -86.39
C ILE QA 108 -96.40 -20.34 -85.43
N LEU QA 109 -96.43 -20.64 -84.13
CA LEU QA 109 -96.05 -19.67 -83.10
C LEU QA 109 -94.59 -19.77 -82.68
N ALA QA 110 -93.80 -20.67 -83.28
CA ALA QA 110 -92.40 -20.79 -82.91
C ALA QA 110 -91.57 -19.50 -83.01
N PRO QA 111 -91.64 -18.69 -84.09
CA PRO QA 111 -90.66 -17.60 -84.24
C PRO QA 111 -90.95 -16.34 -83.44
N VAL QA 112 -91.83 -16.43 -82.43
CA VAL QA 112 -92.22 -15.24 -81.69
C VAL QA 112 -91.08 -14.72 -80.82
N ARG QA 113 -90.37 -15.63 -80.15
CA ARG QA 113 -89.26 -15.21 -79.28
C ARG QA 113 -88.14 -14.57 -80.08
N GLN QA 114 -87.84 -15.10 -81.25
CA GLN QA 114 -86.82 -14.50 -82.11
C GLN QA 114 -87.21 -13.08 -82.48
N ARG QA 115 -88.49 -12.86 -82.80
CA ARG QA 115 -88.96 -11.51 -83.09
C ARG QA 115 -88.79 -10.58 -81.89
N ILE QA 116 -89.14 -11.07 -80.70
CA ILE QA 116 -89.03 -10.24 -79.50
C ILE QA 116 -87.57 -9.81 -79.28
N VAL QA 117 -86.66 -10.78 -79.33
CA VAL QA 117 -85.26 -10.47 -79.06
C VAL QA 117 -84.67 -9.59 -80.16
N THR QA 118 -85.06 -9.82 -81.41
CA THR QA 118 -84.58 -8.98 -82.50
C THR QA 118 -85.04 -7.54 -82.33
N ASP QA 119 -86.30 -7.35 -81.94
CA ASP QA 119 -86.80 -6.00 -81.69
C ASP QA 119 -86.04 -5.33 -80.54
N LEU QA 120 -85.79 -6.07 -79.47
CA LEU QA 120 -85.02 -5.53 -78.35
C LEU QA 120 -83.64 -5.09 -78.81
N GLU QA 121 -82.95 -5.94 -79.57
CA GLU QA 121 -81.60 -5.63 -80.02
C GLU QA 121 -81.57 -4.44 -80.98
N THR QA 122 -82.53 -4.35 -81.90
CA THR QA 122 -82.51 -3.23 -82.84
C THR QA 122 -82.84 -1.92 -82.15
N GLU QA 123 -83.72 -1.96 -81.14
CA GLU QA 123 -83.97 -0.73 -80.39
C GLU QA 123 -82.77 -0.33 -79.55
N LEU QA 124 -82.02 -1.33 -79.05
CA LEU QA 124 -80.75 -1.03 -78.38
C LEU QA 124 -79.77 -0.38 -79.34
N ALA QA 125 -79.71 -0.88 -80.57
CA ALA QA 125 -78.83 -0.28 -81.58
C ALA QA 125 -79.23 1.16 -81.86
N HIS QA 126 -80.53 1.43 -81.94
CA HIS QA 126 -80.99 2.81 -82.12
C HIS QA 126 -80.58 3.67 -80.93
N PHE QA 127 -80.70 3.14 -79.71
CA PHE QA 127 -80.31 3.88 -78.52
C PHE QA 127 -78.83 4.24 -78.57
N MET QA 128 -77.98 3.26 -78.91
CA MET QA 128 -76.55 3.52 -79.00
C MET QA 128 -76.23 4.55 -80.07
N MET QA 129 -76.88 4.44 -81.23
CA MET QA 129 -76.64 5.40 -82.31
C MET QA 129 -77.04 6.81 -81.89
N ASN QA 130 -78.16 6.94 -81.18
CA ASN QA 130 -78.62 8.26 -80.77
C ASN QA 130 -77.75 8.85 -79.66
N ASN QA 131 -77.17 8.01 -78.81
CA ASN QA 131 -76.43 8.52 -77.66
C ASN QA 131 -74.93 8.68 -77.92
N GLY QA 132 -74.40 8.06 -78.97
CA GLY QA 132 -73.00 8.25 -79.29
C GLY QA 132 -72.70 9.69 -79.69
N ALA QA 133 -71.48 10.14 -79.39
CA ALA QA 133 -71.12 11.54 -79.60
C ALA QA 133 -69.71 11.66 -80.16
N LEU QA 134 -69.36 10.82 -81.13
CA LEU QA 134 -68.07 10.89 -81.80
C LEU QA 134 -68.24 10.75 -83.30
N SER QA 135 -67.46 11.52 -84.04
CA SER QA 135 -67.51 11.53 -85.50
C SER QA 135 -66.11 11.35 -86.07
N LEU QA 136 -66.05 10.64 -87.20
CA LEU QA 136 -64.78 10.36 -87.87
C LEU QA 136 -65.06 10.19 -89.36
N GLY QA 137 -64.41 10.99 -90.19
CA GLY QA 137 -64.54 10.86 -91.63
C GLY QA 137 -65.83 11.46 -92.16
N SER QA 138 -66.02 11.30 -93.47
CA SER QA 138 -67.19 11.77 -94.20
C SER QA 138 -68.15 10.62 -94.48
N PRO QA 139 -69.46 10.86 -94.34
CA PRO QA 139 -70.43 9.75 -94.42
C PRO QA 139 -70.43 9.02 -95.76
N ASN QA 140 -70.16 9.70 -96.86
CA ASN QA 140 -70.31 9.10 -98.18
C ASN QA 140 -69.09 8.29 -98.62
N THR QA 141 -67.98 8.36 -97.90
CA THR QA 141 -66.80 7.62 -98.32
C THR QA 141 -66.85 6.21 -97.77
N PRO QA 142 -66.84 5.18 -98.62
CA PRO QA 142 -66.88 3.80 -98.12
C PRO QA 142 -65.60 3.42 -97.40
N ILE QA 143 -65.74 2.44 -96.50
CA ILE QA 143 -64.61 1.90 -95.75
C ILE QA 143 -63.88 0.92 -96.67
N THR QA 144 -62.65 1.27 -97.06
CA THR QA 144 -61.91 0.48 -98.03
C THR QA 144 -60.50 0.14 -97.58
N LYS QA 145 -59.88 0.97 -96.74
CA LYS QA 145 -58.48 0.77 -96.39
C LYS QA 145 -58.32 0.36 -94.93
N TRP QA 146 -57.11 -0.11 -94.61
CA TRP QA 146 -56.80 -0.52 -93.24
C TRP QA 146 -56.79 0.69 -92.30
N SER QA 147 -56.36 1.84 -92.80
CA SER QA 147 -56.34 3.05 -91.98
C SER QA 147 -57.75 3.45 -91.54
N ASP QA 148 -58.75 3.19 -92.40
CA ASP QA 148 -60.13 3.54 -92.07
C ASP QA 148 -60.62 2.84 -90.81
N VAL QA 149 -60.06 1.68 -90.48
CA VAL QA 149 -60.38 1.00 -89.24
C VAL QA 149 -59.36 1.26 -88.14
N ALA QA 150 -58.09 1.49 -88.49
CA ALA QA 150 -57.08 1.75 -87.46
C ALA QA 150 -57.28 3.12 -86.81
N GLN QA 151 -57.89 4.06 -87.53
CA GLN QA 151 -58.02 5.42 -86.99
C GLN QA 151 -58.99 5.47 -85.82
N THR QA 152 -59.95 4.55 -85.76
CA THR QA 152 -60.83 4.46 -84.60
C THR QA 152 -60.06 4.12 -83.34
N ALA QA 153 -59.20 3.09 -83.41
CA ALA QA 153 -58.39 2.74 -82.27
C ALA QA 153 -57.41 3.84 -81.91
N SER QA 154 -56.85 4.50 -82.93
CA SER QA 154 -55.95 5.62 -82.66
C SER QA 154 -56.67 6.74 -81.90
N PHE QA 155 -57.88 7.08 -82.33
CA PHE QA 155 -58.64 8.12 -81.65
C PHE QA 155 -58.99 7.71 -80.23
N LEU QA 156 -59.40 6.46 -80.04
CA LEU QA 156 -59.74 6.00 -78.69
C LEU QA 156 -58.54 6.05 -77.77
N LYS QA 157 -57.36 5.64 -78.26
CA LYS QA 157 -56.15 5.73 -77.45
C LYS QA 157 -55.79 7.18 -77.17
N ASP QA 158 -55.96 8.06 -78.15
CA ASP QA 158 -55.62 9.46 -77.95
C ASP QA 158 -56.51 10.11 -76.90
N LEU QA 159 -57.80 9.78 -76.89
CA LEU QA 159 -58.70 10.35 -75.89
C LEU QA 159 -58.33 9.90 -74.48
N GLY QA 160 -57.70 8.74 -74.37
CA GLY QA 160 -57.23 8.26 -73.08
C GLY QA 160 -58.13 7.23 -72.43
N VAL QA 161 -58.61 6.27 -73.22
CA VAL QA 161 -59.47 5.21 -72.72
C VAL QA 161 -58.72 3.89 -72.82
N ASN QA 162 -58.54 3.22 -71.68
CA ASN QA 162 -57.82 1.96 -71.64
C ASN QA 162 -58.58 0.84 -70.95
N GLU QA 163 -59.37 1.13 -69.92
CA GLU QA 163 -60.17 0.09 -69.27
C GLU QA 163 -61.20 -0.47 -70.26
N GLY QA 164 -61.32 -1.79 -70.30
CA GLY QA 164 -62.27 -2.45 -71.16
C GLY QA 164 -61.75 -2.65 -72.57
N GLU QA 165 -62.52 -3.38 -73.36
CA GLU QA 165 -62.19 -3.63 -74.76
C GLU QA 165 -62.88 -2.61 -75.66
N ASN QA 166 -62.33 -2.44 -76.85
CA ASN QA 166 -62.88 -1.55 -77.86
C ASN QA 166 -63.35 -2.37 -79.05
N TYR QA 167 -64.62 -2.20 -79.44
CA TYR QA 167 -65.24 -3.00 -80.48
C TYR QA 167 -65.67 -2.10 -81.64
N ALA QA 168 -65.55 -2.64 -82.85
CA ALA QA 168 -65.99 -1.96 -84.06
C ALA QA 168 -66.89 -2.91 -84.84
N VAL QA 169 -68.11 -2.47 -85.14
CA VAL QA 169 -69.12 -3.29 -85.81
C VAL QA 169 -69.21 -2.83 -87.25
N MET QA 170 -69.08 -3.78 -88.19
CA MET QA 170 -69.11 -3.48 -89.61
C MET QA 170 -70.17 -4.33 -90.32
N ASP QA 171 -70.56 -3.87 -91.49
CA ASP QA 171 -71.53 -4.55 -92.34
C ASP QA 171 -70.83 -5.47 -93.34
N PRO QA 172 -71.57 -6.43 -93.93
CA PRO QA 172 -70.93 -7.38 -94.84
C PRO QA 172 -70.21 -6.74 -96.02
N TRP QA 173 -70.70 -5.61 -96.53
CA TRP QA 173 -70.02 -4.98 -97.65
C TRP QA 173 -68.64 -4.47 -97.25
N SER QA 174 -68.53 -3.84 -96.08
CA SER QA 174 -67.23 -3.41 -95.59
C SER QA 174 -66.34 -4.59 -95.27
N ALA QA 175 -66.92 -5.68 -94.76
CA ALA QA 175 -66.13 -6.89 -94.55
C ALA QA 175 -65.56 -7.41 -95.87
N GLN QA 176 -66.38 -7.40 -96.92
CA GLN QA 176 -65.92 -7.80 -98.24
C GLN QA 176 -64.79 -6.91 -98.73
N ARG QA 177 -64.94 -5.60 -98.58
CA ARG QA 177 -63.90 -4.68 -99.05
C ARG QA 177 -62.60 -4.88 -98.28
N LEU QA 178 -62.70 -5.10 -96.98
CA LEU QA 178 -61.50 -5.30 -96.18
C LEU QA 178 -60.82 -6.63 -96.53
N ALA QA 179 -61.62 -7.67 -96.80
CA ALA QA 179 -61.04 -8.94 -97.24
C ALA QA 179 -60.35 -8.78 -98.60
N ASP QA 180 -60.96 -8.00 -99.50
CA ASP QA 180 -60.34 -7.74 -100.80
C ASP QA 180 -59.01 -7.01 -100.62
N ALA QA 181 -58.97 -6.03 -99.72
CA ALA QA 181 -57.72 -5.32 -99.45
C ALA QA 181 -56.69 -6.25 -98.82
N GLN QA 182 -57.13 -7.19 -97.98
CA GLN QA 182 -56.20 -8.11 -97.34
C GLN QA 182 -55.63 -9.10 -98.34
N THR QA 183 -56.39 -9.46 -99.38
CA THR QA 183 -55.89 -10.36 -100.40
C THR QA 183 -54.69 -9.81 -101.16
N GLY QA 184 -54.29 -8.57 -100.89
CA GLY QA 184 -53.14 -7.98 -101.56
C GLY QA 184 -51.88 -7.96 -100.71
N LEU QA 185 -51.86 -8.77 -99.65
CA LEU QA 185 -50.68 -8.86 -98.80
C LEU QA 185 -49.55 -9.58 -99.53
N HIS QA 186 -48.33 -9.39 -99.01
CA HIS QA 186 -47.14 -9.93 -99.65
C HIS QA 186 -46.43 -11.00 -98.82
N ALA QA 187 -46.84 -11.19 -97.57
CA ALA QA 187 -45.99 -12.05 -96.75
C ALA QA 187 -46.73 -13.18 -96.04
N SER QA 188 -47.94 -12.95 -95.56
CA SER QA 188 -48.61 -13.88 -94.66
C SER QA 188 -49.41 -14.89 -95.45
N ASP QA 189 -48.88 -16.12 -95.55
CA ASP QA 189 -49.50 -17.16 -96.37
C ASP QA 189 -50.90 -17.50 -95.86
N GLN QA 190 -51.03 -17.70 -94.55
CA GLN QA 190 -52.31 -18.13 -94.00
C GLN QA 190 -53.37 -17.03 -94.13
N LEU QA 191 -52.99 -15.78 -93.86
CA LEU QA 191 -53.94 -14.69 -94.02
C LEU QA 191 -54.38 -14.54 -95.46
N VAL QA 192 -53.44 -14.61 -96.41
CA VAL QA 192 -53.83 -14.48 -97.81
C VAL QA 192 -54.72 -15.63 -98.23
N ARG QA 193 -54.40 -16.86 -97.83
CA ARG QA 193 -55.22 -18.01 -98.20
C ARG QA 193 -56.63 -17.90 -97.62
N THR QA 194 -56.73 -17.52 -96.35
CA THR QA 194 -58.04 -17.40 -95.72
C THR QA 194 -58.86 -16.30 -96.39
N ALA QA 195 -58.25 -15.17 -96.70
CA ALA QA 195 -58.97 -14.09 -97.37
C ALA QA 195 -59.41 -14.49 -98.76
N TRP QA 196 -58.59 -15.26 -99.47
CA TRP QA 196 -58.95 -15.67 -100.82
C TRP QA 196 -60.06 -16.73 -100.80
N GLU QA 197 -60.04 -17.63 -99.83
CA GLU QA 197 -61.03 -18.70 -99.80
C GLU QA 197 -62.34 -18.26 -99.16
N ASN QA 198 -62.30 -17.86 -97.89
CA ASN QA 198 -63.52 -17.60 -97.13
C ASN QA 198 -63.82 -16.12 -96.93
N ALA QA 199 -62.92 -15.22 -97.33
CA ALA QA 199 -63.13 -13.78 -97.21
C ALA QA 199 -63.43 -13.38 -95.76
N GLN QA 200 -62.68 -13.95 -94.84
CA GLN QA 200 -62.86 -13.72 -93.40
C GLN QA 200 -61.66 -12.95 -92.87
N ILE QA 201 -61.90 -11.77 -92.34
CA ILE QA 201 -60.86 -10.94 -91.72
C ILE QA 201 -60.54 -11.54 -90.35
N PRO QA 202 -59.36 -11.26 -89.79
CA PRO QA 202 -59.03 -11.83 -88.47
C PRO QA 202 -59.86 -11.21 -87.34
N THR QA 203 -59.71 -11.75 -86.12
CA THR QA 203 -60.47 -11.24 -85.00
C THR QA 203 -60.07 -9.81 -84.66
N ASN QA 204 -58.78 -9.56 -84.52
CA ASN QA 204 -58.28 -8.21 -84.26
C ASN QA 204 -57.87 -7.56 -85.57
N PHE QA 205 -58.19 -6.27 -85.70
CA PHE QA 205 -57.92 -5.54 -86.94
C PHE QA 205 -57.60 -4.10 -86.58
N GLY QA 206 -56.34 -3.71 -86.72
CA GLY QA 206 -55.94 -2.36 -86.40
C GLY QA 206 -55.92 -2.04 -84.92
N GLY QA 207 -55.85 -3.04 -84.05
CA GLY QA 207 -55.81 -2.83 -82.63
C GLY QA 207 -57.16 -2.72 -81.96
N ILE QA 208 -58.25 -2.76 -82.72
CA ILE QA 208 -59.60 -2.72 -82.19
C ILE QA 208 -60.31 -4.00 -82.62
N ARG QA 209 -61.09 -4.60 -81.73
CA ARG QA 209 -61.66 -5.89 -82.03
C ARG QA 209 -62.88 -5.72 -82.92
N ALA QA 210 -62.88 -6.38 -84.08
CA ALA QA 210 -63.84 -6.11 -85.13
C ALA QA 210 -64.85 -7.25 -85.23
N LEU QA 211 -66.13 -6.90 -85.33
CA LEU QA 211 -67.21 -7.85 -85.52
C LEU QA 211 -68.03 -7.49 -86.75
N MET QA 212 -68.61 -8.51 -87.37
CA MET QA 212 -69.48 -8.35 -88.53
C MET QA 212 -70.92 -8.61 -88.12
N SER QA 213 -71.81 -7.66 -88.41
CA SER QA 213 -73.21 -7.79 -88.05
C SER QA 213 -74.06 -7.19 -89.16
N ASN QA 214 -74.95 -8.01 -89.72
CA ASN QA 214 -75.85 -7.53 -90.76
C ASN QA 214 -77.09 -6.84 -90.21
N GLY QA 215 -77.32 -6.93 -88.91
CA GLY QA 215 -78.41 -6.20 -88.28
C GLY QA 215 -77.93 -4.98 -87.54
N LEU QA 216 -78.32 -3.80 -87.99
CA LEU QA 216 -77.84 -2.55 -87.43
C LEU QA 216 -78.96 -1.52 -87.57
N ALA QA 217 -78.64 -0.25 -87.33
CA ALA QA 217 -79.62 0.81 -87.42
C ALA QA 217 -79.45 1.58 -88.73
N SER QA 218 -80.47 2.34 -89.10
CA SER QA 218 -80.44 3.17 -90.30
C SER QA 218 -81.22 4.43 -90.03
N ARG QA 219 -80.88 5.50 -90.75
CA ARG QA 219 -81.52 6.77 -90.51
C ARG QA 219 -81.49 7.62 -91.78
N THR QA 220 -82.51 8.46 -91.92
CA THR QA 220 -82.55 9.48 -92.96
C THR QA 220 -82.14 10.80 -92.33
N GLN QA 221 -81.31 11.57 -93.05
CA GLN QA 221 -80.68 12.74 -92.44
C GLN QA 221 -81.67 13.88 -92.20
N GLY QA 222 -82.63 14.07 -93.10
CA GLY QA 222 -83.57 15.17 -92.94
C GLY QA 222 -83.01 16.47 -93.50
N ALA QA 223 -83.82 17.17 -94.29
CA ALA QA 223 -83.32 18.29 -95.08
C ALA QA 223 -82.87 19.45 -94.20
N PHE QA 224 -81.75 20.05 -94.57
CA PHE QA 224 -81.26 21.28 -93.96
C PHE QA 224 -80.51 22.06 -95.03
N GLY QA 225 -80.10 23.28 -94.70
CA GLY QA 225 -79.40 24.12 -95.64
C GLY QA 225 -79.08 25.46 -95.05
N GLY QA 226 -78.29 26.22 -95.79
CA GLY QA 226 -77.85 27.53 -95.36
C GLY QA 226 -76.70 27.44 -94.37
N THR QA 227 -76.23 28.61 -93.94
CA THR QA 227 -75.18 28.69 -92.93
C THR QA 227 -75.81 28.77 -91.55
N LEU QA 228 -75.32 27.94 -90.64
CA LEU QA 228 -75.85 27.88 -89.28
C LEU QA 228 -74.82 28.39 -88.29
N THR QA 229 -75.23 29.32 -87.43
CA THR QA 229 -74.38 29.86 -86.38
C THR QA 229 -75.16 29.89 -85.08
N VAL QA 230 -74.44 29.76 -83.97
CA VAL QA 230 -75.07 29.79 -82.66
C VAL QA 230 -75.67 31.17 -82.41
N LYS QA 231 -76.88 31.20 -81.85
CA LYS QA 231 -77.58 32.46 -81.66
C LYS QA 231 -77.11 33.15 -80.38
N THR QA 232 -77.14 32.44 -79.25
CA THR QA 232 -76.73 32.98 -77.97
C THR QA 232 -75.77 32.02 -77.29
N GLN QA 233 -74.92 32.57 -76.43
CA GLN QA 233 -73.94 31.76 -75.73
C GLN QA 233 -74.63 30.89 -74.68
N PRO QA 234 -74.52 29.57 -74.77
CA PRO QA 234 -75.17 28.70 -73.79
C PRO QA 234 -74.34 28.61 -72.51
N THR QA 235 -74.80 27.78 -71.59
CA THR QA 235 -74.08 27.49 -70.35
C THR QA 235 -73.63 26.03 -70.39
N VAL QA 236 -72.33 25.81 -70.22
CA VAL QA 236 -71.77 24.47 -70.29
C VAL QA 236 -70.91 24.21 -69.05
N THR QA 237 -71.24 24.87 -67.95
CA THR QA 237 -70.52 24.65 -66.70
C THR QA 237 -70.80 23.26 -66.17
N TYR QA 238 -69.80 22.69 -65.48
CA TYR QA 238 -69.96 21.36 -64.91
C TYR QA 238 -71.06 21.33 -63.87
N ASN QA 239 -71.28 22.43 -63.16
CA ASN QA 239 -72.40 22.50 -62.22
C ASN QA 239 -73.72 22.30 -62.96
N ALA QA 240 -73.85 22.87 -64.15
CA ALA QA 240 -75.09 22.75 -64.92
C ALA QA 240 -75.24 21.39 -65.58
N VAL QA 241 -74.15 20.84 -66.13
CA VAL QA 241 -74.26 19.64 -66.95
C VAL QA 241 -73.55 18.45 -66.30
N LYS QA 242 -73.52 18.42 -64.97
CA LYS QA 242 -72.83 17.36 -64.24
C LYS QA 242 -73.66 16.10 -64.08
N ASP QA 243 -74.88 16.06 -64.59
CA ASP QA 243 -75.73 14.91 -64.36
C ASP QA 243 -76.26 14.24 -65.62
N SER QA 244 -76.14 14.84 -66.80
CA SER QA 244 -76.70 14.24 -68.00
C SER QA 244 -75.72 14.21 -69.16
N TYR QA 245 -74.75 15.13 -69.17
CA TYR QA 245 -73.94 15.39 -70.37
C TYR QA 245 -74.81 15.69 -71.59
N GLN QA 246 -75.86 16.47 -71.37
CA GLN QA 246 -76.73 16.95 -72.44
C GLN QA 246 -76.94 18.44 -72.26
N PHE QA 247 -77.05 19.14 -73.39
CA PHE QA 247 -77.26 20.58 -73.30
C PHE QA 247 -78.08 21.07 -74.49
N THR QA 248 -78.80 22.17 -74.27
CA THR QA 248 -79.66 22.77 -75.27
C THR QA 248 -78.93 23.96 -75.91
N VAL QA 249 -79.13 24.13 -77.22
CA VAL QA 249 -78.48 25.19 -77.96
C VAL QA 249 -79.40 25.66 -79.07
N THR QA 250 -79.35 26.95 -79.37
CA THR QA 250 -80.15 27.55 -80.43
C THR QA 250 -79.25 28.06 -81.54
N LEU QA 251 -79.62 27.74 -82.78
CA LEU QA 251 -78.88 28.13 -83.97
C LEU QA 251 -79.75 28.99 -84.86
N THR QA 252 -79.10 29.87 -85.62
CA THR QA 252 -79.78 30.80 -86.52
C THR QA 252 -79.23 30.65 -87.93
N GLY QA 253 -79.87 31.36 -88.86
CA GLY QA 253 -79.46 31.33 -90.25
C GLY QA 253 -80.01 30.19 -91.06
N ALA QA 254 -80.96 29.42 -90.52
CA ALA QA 254 -81.48 28.25 -91.21
C ALA QA 254 -82.56 28.65 -92.20
N THR QA 255 -83.25 27.63 -92.72
CA THR QA 255 -84.36 27.84 -93.64
C THR QA 255 -85.52 28.51 -92.92
N ALA QA 256 -86.35 29.22 -93.69
CA ALA QA 256 -87.43 30.04 -93.15
C ALA QA 256 -88.34 29.25 -92.21
N SER QA 257 -89.01 28.22 -92.73
CA SER QA 257 -89.89 27.38 -91.90
C SER QA 257 -90.07 26.03 -92.61
N VAL QA 258 -89.44 24.99 -92.06
CA VAL QA 258 -89.56 23.63 -92.56
C VAL QA 258 -89.69 22.70 -91.35
N THR QA 259 -90.64 21.78 -91.42
CA THR QA 259 -90.78 20.78 -90.37
C THR QA 259 -89.72 19.69 -90.54
N GLY QA 260 -89.35 19.07 -89.42
CA GLY QA 260 -88.33 18.03 -89.46
C GLY QA 260 -86.99 18.52 -89.94
N PHE QA 261 -86.56 19.70 -89.49
CA PHE QA 261 -85.30 20.26 -89.95
C PHE QA 261 -84.12 19.36 -89.60
N LEU QA 262 -84.04 18.92 -88.34
CA LEU QA 262 -82.97 18.05 -87.88
C LEU QA 262 -83.59 16.82 -87.22
N LYS QA 263 -83.20 15.64 -87.67
CA LYS QA 263 -83.72 14.40 -87.14
C LYS QA 263 -82.73 13.77 -86.16
N ALA QA 264 -83.26 12.87 -85.33
CA ALA QA 264 -82.44 12.23 -84.31
C ALA QA 264 -81.32 11.42 -84.95
N GLY QA 265 -80.13 11.49 -84.36
CA GLY QA 265 -78.96 10.82 -84.87
C GLY QA 265 -78.05 11.69 -85.70
N ASP QA 266 -78.53 12.85 -86.14
CA ASP QA 266 -77.68 13.77 -86.90
C ASP QA 266 -76.56 14.30 -86.02
N GLN QA 267 -75.51 14.80 -86.65
CA GLN QA 267 -74.31 15.20 -85.94
C GLN QA 267 -73.89 16.60 -86.35
N VAL QA 268 -73.58 17.42 -85.36
CA VAL QA 268 -73.22 18.82 -85.55
C VAL QA 268 -71.77 19.01 -85.12
N LYS QA 269 -70.98 19.67 -85.97
CA LYS QA 269 -69.56 19.89 -85.77
C LYS QA 269 -69.33 21.37 -85.50
N PHE QA 270 -68.55 21.67 -84.46
CA PHE QA 270 -68.14 23.03 -84.17
C PHE QA 270 -66.74 23.25 -84.75
N THR QA 271 -66.62 24.18 -85.69
CA THR QA 271 -65.41 24.27 -86.50
C THR QA 271 -64.22 24.77 -85.68
N ASN QA 272 -64.40 25.85 -84.92
CA ASN QA 272 -63.31 26.55 -84.27
C ASN QA 272 -63.24 26.24 -82.78
N THR QA 273 -63.51 25.00 -82.40
CA THR QA 273 -63.52 24.58 -81.00
C THR QA 273 -63.04 23.13 -80.96
N TYR QA 274 -61.81 22.94 -80.50
CA TYR QA 274 -61.12 21.66 -80.65
C TYR QA 274 -61.25 20.78 -79.41
N TRP QA 275 -61.02 19.49 -79.60
CA TRP QA 275 -61.02 18.54 -78.50
C TRP QA 275 -59.83 18.76 -77.58
N LEU QA 276 -59.93 18.24 -76.36
CA LEU QA 276 -58.81 18.16 -75.43
C LEU QA 276 -58.67 16.74 -74.92
N GLN QA 277 -57.43 16.32 -74.69
CA GLN QA 277 -57.21 15.07 -73.98
C GLN QA 277 -57.72 15.21 -72.55
N GLN QA 278 -58.47 14.20 -72.09
CA GLN QA 278 -59.19 14.35 -70.83
C GLN QA 278 -58.26 14.39 -69.63
N GLN QA 279 -57.06 13.82 -69.76
CA GLN QA 279 -56.14 13.80 -68.63
C GLN QA 279 -55.10 14.91 -68.68
N THR QA 280 -54.32 14.99 -69.77
CA THR QA 280 -53.27 15.98 -69.88
C THR QA 280 -53.80 17.37 -70.20
N LYS QA 281 -55.00 17.46 -70.77
CA LYS QA 281 -55.62 18.74 -71.14
C LYS QA 281 -54.80 19.47 -72.22
N GLN QA 282 -54.44 18.74 -73.28
CA GLN QA 282 -53.77 19.30 -74.43
C GLN QA 282 -54.61 19.06 -75.68
N ALA QA 283 -54.67 20.05 -76.56
CA ALA QA 283 -55.48 19.94 -77.76
C ALA QA 283 -54.96 18.83 -78.66
N LEU QA 284 -55.89 18.10 -79.28
CA LEU QA 284 -55.56 16.99 -80.14
C LEU QA 284 -55.18 17.49 -81.52
N TYR QA 285 -54.11 16.92 -82.10
CA TYR QA 285 -53.61 17.32 -83.39
C TYR QA 285 -53.19 16.09 -84.18
N ASN QA 286 -53.73 15.93 -85.38
CA ASN QA 286 -53.29 14.91 -86.33
C ASN QA 286 -52.41 15.61 -87.37
N GLY QA 287 -51.11 15.59 -87.15
CA GLY QA 287 -50.23 16.34 -88.02
C GLY QA 287 -50.43 17.82 -87.81
N ALA QA 288 -51.07 18.48 -88.77
CA ALA QA 288 -51.37 19.90 -88.68
C ALA QA 288 -52.87 20.19 -88.67
N THR QA 289 -53.71 19.16 -88.68
CA THR QA 289 -55.16 19.36 -88.76
C THR QA 289 -55.79 19.14 -87.40
N PRO QA 290 -56.31 20.18 -86.75
CA PRO QA 290 -56.98 19.98 -85.45
C PRO QA 290 -58.23 19.15 -85.55
N ILE QA 291 -58.52 18.35 -84.51
CA ILE QA 291 -59.79 17.64 -84.45
C ILE QA 291 -60.84 18.54 -83.81
N SER QA 292 -62.00 18.63 -84.43
CA SER QA 292 -63.06 19.54 -84.01
C SER QA 292 -64.10 18.83 -83.18
N PHE QA 293 -64.71 19.58 -82.26
CA PHE QA 293 -65.72 19.04 -81.37
C PHE QA 293 -67.00 18.70 -82.14
N THR QA 294 -67.67 17.65 -81.70
CA THR QA 294 -68.91 17.19 -82.34
C THR QA 294 -69.93 16.87 -81.27
N ALA QA 295 -71.20 16.85 -81.69
CA ALA QA 295 -72.29 16.51 -80.79
C ALA QA 295 -73.40 15.87 -81.62
N THR QA 296 -74.29 15.14 -80.93
CA THR QA 296 -75.35 14.38 -81.58
C THR QA 296 -76.71 14.93 -81.19
N VAL QA 297 -77.59 15.05 -82.18
CA VAL QA 297 -78.96 15.51 -81.95
C VAL QA 297 -79.77 14.35 -81.39
N THR QA 298 -80.43 14.57 -80.25
CA THR QA 298 -81.14 13.49 -79.58
C THR QA 298 -82.60 13.43 -80.02
N ALA QA 299 -83.25 14.58 -80.21
CA ALA QA 299 -84.65 14.64 -80.56
C ALA QA 299 -84.85 15.53 -81.78
N ASP QA 300 -85.94 15.30 -82.49
CA ASP QA 300 -86.23 16.03 -83.71
C ASP QA 300 -86.45 17.52 -83.41
N ALA QA 301 -85.99 18.35 -84.34
CA ALA QA 301 -86.05 19.79 -84.17
C ALA QA 301 -86.52 20.45 -85.46
N ASN QA 302 -87.47 21.37 -85.33
CA ASN QA 302 -87.99 22.16 -86.44
C ASN QA 302 -87.44 23.58 -86.37
N SER QA 303 -87.78 24.37 -87.38
CA SER QA 303 -87.37 25.77 -87.46
C SER QA 303 -88.60 26.65 -87.63
N ASP QA 304 -88.70 27.69 -86.81
CA ASP QA 304 -89.78 28.66 -86.94
C ASP QA 304 -89.37 29.78 -87.89
N SER QA 305 -90.34 30.63 -88.21
CA SER QA 305 -90.09 31.75 -89.11
C SER QA 305 -89.00 32.65 -88.56
N GLY QA 306 -88.07 33.05 -89.42
CA GLY QA 306 -86.92 33.82 -89.03
C GLY QA 306 -85.63 33.03 -88.92
N GLY QA 307 -85.71 31.70 -88.96
CA GLY QA 307 -84.52 30.88 -88.93
C GLY QA 307 -83.95 30.68 -87.54
N ASP QA 308 -84.72 30.08 -86.64
CA ASP QA 308 -84.26 29.74 -85.31
C ASP QA 308 -84.56 28.28 -85.04
N VAL QA 309 -83.55 27.51 -84.63
CA VAL QA 309 -83.69 26.09 -84.35
C VAL QA 309 -83.16 25.83 -82.95
N THR QA 310 -83.98 25.20 -82.11
CA THR QA 310 -83.56 24.78 -80.79
C THR QA 310 -83.31 23.27 -80.79
N VAL QA 311 -82.16 22.86 -80.28
CA VAL QA 311 -81.74 21.46 -80.35
C VAL QA 311 -81.20 21.04 -78.99
N THR QA 312 -81.40 19.77 -78.66
CA THR QA 312 -80.89 19.16 -77.43
C THR QA 312 -79.80 18.16 -77.83
N LEU QA 313 -78.54 18.55 -77.65
CA LEU QA 313 -77.41 17.72 -78.02
C LEU QA 313 -76.92 16.90 -76.84
N SER QA 314 -76.39 15.72 -77.16
CA SER QA 314 -75.78 14.82 -76.19
C SER QA 314 -74.26 14.88 -76.36
N GLY QA 315 -73.56 15.09 -75.26
CA GLY QA 315 -72.13 15.35 -75.31
C GLY QA 315 -71.88 16.85 -75.23
N VAL QA 316 -71.45 17.31 -74.07
CA VAL QA 316 -71.37 18.74 -73.78
C VAL QA 316 -69.91 19.19 -73.87
N PRO QA 317 -69.64 20.38 -74.44
CA PRO QA 317 -68.29 20.96 -74.42
C PRO QA 317 -68.05 21.78 -73.16
N ILE QA 318 -67.73 21.09 -72.06
CA ILE QA 318 -67.59 21.74 -70.77
C ILE QA 318 -66.45 22.76 -70.81
N TYR QA 319 -66.76 23.99 -70.39
CA TYR QA 319 -65.74 25.04 -70.22
C TYR QA 319 -66.16 25.88 -69.03
N ASP QA 320 -65.62 25.55 -67.86
CA ASP QA 320 -65.93 26.24 -66.62
C ASP QA 320 -64.73 27.09 -66.20
N THR QA 321 -64.97 28.36 -65.94
CA THR QA 321 -63.92 29.26 -65.47
C THR QA 321 -63.75 29.23 -63.96
N THR QA 322 -64.62 28.52 -63.24
CA THR QA 322 -64.50 28.37 -61.80
C THR QA 322 -63.93 27.03 -61.37
N ASN QA 323 -64.25 25.96 -62.08
CA ASN QA 323 -63.72 24.62 -61.81
C ASN QA 323 -63.07 24.09 -63.08
N PRO QA 324 -61.87 24.55 -63.41
CA PRO QA 324 -61.22 24.12 -64.65
C PRO QA 324 -60.76 22.67 -64.62
N GLN QA 325 -60.95 22.00 -63.48
CA GLN QA 325 -60.57 20.59 -63.39
C GLN QA 325 -61.35 19.75 -64.39
N TYR QA 326 -62.64 20.03 -64.52
CA TYR QA 326 -63.53 19.26 -65.39
C TYR QA 326 -63.60 19.84 -66.80
N ASN QA 327 -62.70 20.74 -67.15
CA ASN QA 327 -62.64 21.26 -68.52
C ASN QA 327 -62.45 20.12 -69.50
N SER QA 328 -63.22 20.15 -70.60
CA SER QA 328 -63.15 19.07 -71.58
C SER QA 328 -63.18 19.57 -73.02
N VAL QA 329 -62.84 20.83 -73.27
CA VAL QA 329 -62.83 21.38 -74.61
C VAL QA 329 -61.96 22.63 -74.60
N SER QA 330 -61.41 22.98 -75.76
CA SER QA 330 -60.36 23.99 -75.84
C SER QA 330 -60.84 25.36 -75.38
N ARG QA 331 -61.99 25.81 -75.87
CA ARG QA 331 -62.42 27.17 -75.64
C ARG QA 331 -63.94 27.23 -75.47
N GLN QA 332 -64.40 28.36 -74.92
CA GLN QA 332 -65.83 28.59 -74.74
C GLN QA 332 -66.53 28.73 -76.09
N VAL QA 333 -67.74 28.19 -76.18
CA VAL QA 333 -68.54 28.29 -77.42
C VAL QA 333 -69.31 29.60 -77.31
N GLU QA 334 -68.68 30.66 -77.81
CA GLU QA 334 -69.28 31.98 -77.75
C GLU QA 334 -70.32 32.17 -78.86
N ALA QA 335 -71.15 33.19 -78.70
CA ALA QA 335 -72.20 33.47 -79.67
C ALA QA 335 -71.59 33.96 -80.99
N GLY QA 336 -72.21 33.56 -82.09
CA GLY QA 336 -71.73 33.89 -83.41
C GLY QA 336 -70.76 32.91 -84.02
N ASP QA 337 -70.40 31.85 -83.31
CA ASP QA 337 -69.48 30.86 -83.85
C ASP QA 337 -70.12 30.11 -85.01
N ALA QA 338 -69.27 29.59 -85.89
CA ALA QA 338 -69.73 28.88 -87.08
C ALA QA 338 -69.74 27.38 -86.84
N VAL QA 339 -70.85 26.73 -87.19
CA VAL QA 339 -71.01 25.30 -87.02
C VAL QA 339 -71.39 24.69 -88.37
N SER QA 340 -71.46 23.36 -88.39
CA SER QA 340 -71.82 22.65 -89.61
C SER QA 340 -72.52 21.34 -89.23
N VAL QA 341 -73.17 20.73 -90.22
CA VAL QA 341 -73.89 19.48 -90.04
C VAL QA 341 -73.21 18.43 -90.91
N VAL QA 342 -72.93 17.27 -90.30
CA VAL QA 342 -72.18 16.23 -91.01
C VAL QA 342 -73.10 15.51 -91.99
N GLY QA 343 -72.66 15.41 -93.26
CA GLY QA 343 -73.36 14.64 -94.25
C GLY QA 343 -73.94 15.52 -95.36
N THR QA 344 -75.06 15.07 -95.91
CA THR QA 344 -75.73 15.80 -96.99
C THR QA 344 -77.18 16.11 -96.61
N ALA QA 345 -77.97 16.56 -97.58
CA ALA QA 345 -79.30 17.09 -97.32
C ALA QA 345 -80.27 16.06 -96.74
N SER QA 346 -80.65 15.05 -97.53
CA SER QA 346 -81.75 14.19 -97.11
C SER QA 346 -81.55 12.72 -97.44
N GLN QA 347 -80.32 12.24 -97.55
CA GLN QA 347 -80.12 10.84 -97.91
C GLN QA 347 -80.38 9.93 -96.71
N THR QA 348 -80.59 8.66 -97.01
CA THR QA 348 -80.69 7.60 -96.00
C THR QA 348 -79.39 6.83 -95.95
N MET QA 349 -79.02 6.37 -94.76
CA MET QA 349 -77.73 5.70 -94.61
C MET QA 349 -77.72 4.86 -93.35
N LYS QA 350 -76.78 3.91 -93.31
CA LYS QA 350 -76.59 2.98 -92.21
C LYS QA 350 -75.19 3.21 -91.64
N PRO QA 351 -75.05 4.02 -90.60
CA PRO QA 351 -73.71 4.35 -90.09
C PRO QA 351 -73.07 3.18 -89.36
N ASN QA 352 -71.74 3.19 -89.33
CA ASN QA 352 -70.98 2.19 -88.58
C ASN QA 352 -70.81 2.63 -87.14
N LEU QA 353 -70.43 1.68 -86.29
CA LEU QA 353 -70.32 1.91 -84.85
C LEU QA 353 -68.97 1.44 -84.34
N PHE QA 354 -68.36 2.25 -83.49
CA PHE QA 354 -67.19 1.85 -82.69
C PHE QA 354 -67.37 2.38 -81.28
N TYR QA 355 -67.11 1.53 -80.29
CA TYR QA 355 -67.43 1.90 -78.93
C TYR QA 355 -66.60 1.10 -77.94
N ASN QA 356 -66.45 1.66 -76.74
CA ASN QA 356 -65.84 0.99 -75.62
C ASN QA 356 -66.90 0.15 -74.88
N LYS QA 357 -66.42 -0.71 -73.98
CA LYS QA 357 -67.33 -1.59 -73.25
C LYS QA 357 -68.24 -0.82 -72.31
N PHE QA 358 -67.74 0.26 -71.71
CA PHE QA 358 -68.45 0.99 -70.68
C PHE QA 358 -69.26 2.17 -71.22
N PHE QA 359 -69.44 2.25 -72.54
CA PHE QA 359 -70.24 3.33 -73.10
C PHE QA 359 -71.71 3.17 -72.72
N CYS QA 360 -72.26 1.99 -72.93
CA CYS QA 360 -73.67 1.71 -72.68
C CYS QA 360 -73.80 0.51 -71.75
N GLY QA 361 -75.03 0.24 -71.32
CA GLY QA 361 -75.30 -0.88 -70.44
C GLY QA 361 -76.76 -1.31 -70.49
N LEU QA 362 -77.02 -2.59 -70.28
CA LEU QA 362 -78.35 -3.15 -70.43
C LEU QA 362 -78.69 -4.05 -69.25
N GLY QA 363 -79.97 -4.09 -68.91
CA GLY QA 363 -80.48 -4.99 -67.89
C GLY QA 363 -81.90 -5.37 -68.21
N SER QA 364 -82.39 -6.40 -67.52
CA SER QA 364 -83.73 -6.88 -67.75
C SER QA 364 -84.44 -7.06 -66.42
N ILE QA 365 -85.76 -6.91 -66.45
CA ILE QA 365 -86.54 -7.00 -65.21
C ILE QA 365 -87.43 -8.25 -65.24
N PRO QA 366 -87.43 -9.06 -64.19
CA PRO QA 366 -88.35 -10.20 -64.12
C PRO QA 366 -89.75 -9.76 -63.73
N LEU QA 367 -90.74 -10.46 -64.28
CA LEU QA 367 -92.12 -10.08 -64.00
C LEU QA 367 -92.83 -11.16 -63.19
N PRO QA 368 -93.79 -10.76 -62.35
CA PRO QA 368 -94.56 -11.75 -61.60
C PRO QA 368 -95.65 -12.38 -62.46
N LYS QA 369 -96.47 -13.24 -61.85
CA LYS QA 369 -97.53 -13.96 -62.56
C LYS QA 369 -98.87 -13.35 -62.23
N LEU QA 370 -99.70 -13.15 -63.25
CA LEU QA 370 -101.05 -12.63 -63.04
C LEU QA 370 -101.90 -13.64 -62.27
N HIS QA 371 -102.88 -13.12 -61.54
CA HIS QA 371 -103.75 -13.97 -60.74
C HIS QA 371 -104.71 -14.75 -61.64
N SER QA 372 -104.85 -16.04 -61.34
CA SER QA 372 -105.86 -16.90 -61.97
C SER QA 372 -105.73 -16.95 -63.49
N ILE QA 373 -104.51 -16.84 -64.00
CA ILE QA 373 -104.25 -16.92 -65.44
C ILE QA 373 -103.08 -17.86 -65.66
N ASP QA 374 -103.24 -18.82 -66.57
CA ASP QA 374 -102.17 -19.75 -66.87
C ASP QA 374 -100.99 -19.03 -67.52
N SER QA 375 -99.78 -19.37 -67.08
CA SER QA 375 -98.59 -18.70 -67.56
C SER QA 375 -97.42 -19.67 -67.55
N ALA QA 376 -96.39 -19.31 -68.31
CA ALA QA 376 -95.17 -20.10 -68.39
C ALA QA 376 -93.99 -19.17 -68.64
N VAL QA 377 -92.79 -19.66 -68.37
CA VAL QA 377 -91.56 -18.89 -68.52
C VAL QA 377 -90.58 -19.69 -69.36
N ALA QA 378 -89.94 -19.03 -70.32
CA ALA QA 378 -88.99 -19.69 -71.20
C ALA QA 378 -87.77 -18.81 -71.41
N THR QA 379 -86.59 -19.40 -71.38
CA THR QA 379 -85.34 -18.68 -71.54
C THR QA 379 -84.84 -18.88 -72.97
N TYR QA 380 -84.75 -17.79 -73.72
CA TYR QA 380 -84.24 -17.81 -75.09
C TYR QA 380 -83.13 -16.77 -75.21
N GLU QA 381 -81.98 -17.21 -75.69
CA GLU QA 381 -80.82 -16.36 -75.95
C GLU QA 381 -80.53 -15.45 -74.75
N GLY QA 382 -80.41 -16.07 -73.59
CA GLY QA 382 -80.04 -15.36 -72.39
C GLY QA 382 -81.06 -14.35 -71.91
N PHE QA 383 -82.31 -14.45 -72.39
CA PHE QA 383 -83.37 -13.56 -71.94
C PHE QA 383 -84.58 -14.39 -71.54
N SER QA 384 -85.19 -14.05 -70.42
CA SER QA 384 -86.37 -14.75 -69.95
C SER QA 384 -87.62 -14.07 -70.47
N ILE QA 385 -88.57 -14.88 -70.95
CA ILE QA 385 -89.80 -14.39 -71.55
C ILE QA 385 -90.97 -15.09 -70.87
N ARG QA 386 -91.98 -14.31 -70.49
CA ARG QA 386 -93.16 -14.81 -69.83
C ARG QA 386 -94.34 -14.81 -70.80
N VAL QA 387 -95.06 -15.93 -70.85
CA VAL QA 387 -96.21 -16.11 -71.73
C VAL QA 387 -97.45 -16.33 -70.87
N HIS QA 388 -98.54 -15.64 -71.22
CA HIS QA 388 -99.82 -15.75 -70.56
C HIS QA 388 -100.86 -16.25 -71.55
N LYS QA 389 -101.76 -17.12 -71.07
CA LYS QA 389 -102.83 -17.68 -71.88
C LYS QA 389 -104.15 -17.45 -71.17
N TYR QA 390 -105.14 -16.93 -71.89
CA TYR QA 390 -106.47 -16.73 -71.30
C TYR QA 390 -107.52 -16.72 -72.41
N ALA QA 391 -108.75 -16.41 -72.03
CA ALA QA 391 -109.88 -16.48 -72.96
C ALA QA 391 -110.98 -15.53 -72.51
N ASP QA 392 -111.99 -15.38 -73.36
CA ASP QA 392 -113.19 -14.61 -73.05
C ASP QA 392 -114.38 -15.56 -73.07
N GLY QA 393 -115.06 -15.69 -71.94
CA GLY QA 393 -116.13 -16.67 -71.83
C GLY QA 393 -117.33 -16.36 -72.71
N ASP QA 394 -117.64 -15.08 -72.88
CA ASP QA 394 -118.85 -14.65 -73.56
C ASP QA 394 -118.70 -14.58 -75.08
N ALA QA 395 -117.52 -14.87 -75.63
CA ALA QA 395 -117.28 -14.73 -77.06
C ALA QA 395 -116.52 -15.90 -77.67
N ASN QA 396 -116.21 -16.94 -76.89
CA ASN QA 396 -115.48 -18.10 -77.39
C ASN QA 396 -114.18 -17.70 -78.08
N VAL QA 397 -113.46 -16.75 -77.49
CA VAL QA 397 -112.23 -16.22 -78.05
C VAL QA 397 -111.07 -16.61 -77.14
N GLN QA 398 -109.99 -17.12 -77.73
CA GLN QA 398 -108.79 -17.48 -76.99
C GLN QA 398 -107.68 -16.51 -77.32
N LYS QA 399 -106.94 -16.08 -76.30
CA LYS QA 399 -105.91 -15.06 -76.42
C LYS QA 399 -104.64 -15.51 -75.74
N MET QA 400 -103.51 -15.09 -76.33
CA MET QA 400 -102.19 -15.42 -75.80
C MET QA 400 -101.31 -14.19 -75.91
N ARG QA 401 -100.33 -14.09 -75.01
CA ARG QA 401 -99.41 -12.96 -75.07
C ARG QA 401 -98.06 -13.34 -74.50
N PHE QA 402 -97.04 -12.59 -74.92
CA PHE QA 402 -95.66 -12.74 -74.47
C PHE QA 402 -95.12 -11.36 -74.11
N ASP QA 403 -94.33 -11.29 -73.04
CA ASP QA 403 -93.91 -10.01 -72.48
C ASP QA 403 -92.41 -10.02 -72.18
N LEU QA 404 -91.84 -8.81 -72.11
CA LEU QA 404 -90.44 -8.61 -71.77
C LEU QA 404 -90.23 -7.16 -71.35
N LEU QA 405 -89.32 -6.94 -70.41
CA LEU QA 405 -89.08 -5.61 -69.84
C LEU QA 405 -87.60 -5.28 -69.80
N PRO QA 406 -87.12 -4.39 -70.68
CA PRO QA 406 -85.70 -4.01 -70.68
C PRO QA 406 -85.41 -2.75 -69.88
N ALA QA 407 -84.11 -2.44 -69.72
CA ALA QA 407 -83.67 -1.21 -69.08
C ALA QA 407 -82.30 -0.85 -69.63
N TYR QA 408 -82.10 0.42 -69.98
CA TYR QA 408 -80.89 0.87 -70.62
C TYR QA 408 -80.21 1.97 -69.80
N VAL QA 409 -78.88 2.01 -69.89
CA VAL QA 409 -78.08 3.03 -69.21
C VAL QA 409 -77.02 3.51 -70.17
N CYS QA 410 -76.77 4.82 -70.17
CA CYS QA 410 -75.68 5.42 -70.95
C CYS QA 410 -74.70 6.05 -69.97
N PHE QA 411 -73.51 5.44 -69.85
CA PHE QA 411 -72.59 5.88 -68.81
C PHE QA 411 -71.90 7.18 -69.18
N ASN QA 412 -71.17 7.18 -70.30
CA ASN QA 412 -70.42 8.36 -70.74
C ASN QA 412 -70.54 8.48 -72.25
N PRO QA 413 -71.15 9.57 -72.76
CA PRO QA 413 -71.29 9.73 -74.22
C PRO QA 413 -69.97 10.01 -74.95
N HIS QA 414 -68.87 10.18 -74.23
CA HIS QA 414 -67.59 10.51 -74.85
C HIS QA 414 -66.75 9.30 -75.18
N MET QA 415 -67.33 8.10 -75.16
CA MET QA 415 -66.63 6.87 -75.50
C MET QA 415 -67.43 6.05 -76.50
N GLY QA 416 -67.88 6.71 -77.57
CA GLY QA 416 -68.60 6.00 -78.61
C GLY QA 416 -69.14 7.00 -79.63
N GLY QA 417 -69.48 6.46 -80.79
CA GLY QA 417 -70.00 7.28 -81.88
C GLY QA 417 -69.89 6.52 -83.19
N GLN QA 418 -70.05 7.28 -84.27
CA GLN QA 418 -70.04 6.73 -85.62
C GLN QA 418 -68.73 7.08 -86.33
N PHE QA 419 -68.35 6.22 -87.27
CA PHE QA 419 -67.15 6.46 -88.07
C PHE QA 419 -67.42 6.03 -89.51
N PHE QA 420 -66.69 6.65 -90.43
CA PHE QA 420 -66.82 6.36 -91.84
C PHE QA 420 -65.44 6.37 -92.47
N GLY QA 421 -65.40 6.20 -93.79
CA GLY QA 421 -64.15 6.37 -94.50
C GLY QA 421 -63.80 7.82 -94.70
N ASN QA 422 -62.54 8.06 -95.07
CA ASN QA 422 -62.08 9.42 -95.32
C ASN QA 422 -61.21 9.46 -96.57
N PRO QA 423 -61.49 10.39 -97.49
CA PRO QA 423 -60.70 10.55 -98.72
C PRO QA 423 -59.45 11.39 -98.50
N THR RA 3 -52.04 70.66 -14.34
CA THR RA 3 -52.83 71.08 -15.49
C THR RA 3 -52.26 70.47 -16.78
N VAL RA 4 -51.84 71.32 -17.70
CA VAL RA 4 -51.26 70.90 -18.97
C VAL RA 4 -49.94 71.60 -19.18
N LEU RA 5 -48.93 70.84 -19.61
CA LEU RA 5 -47.58 71.36 -19.83
C LEU RA 5 -47.42 71.71 -21.29
N THR RA 6 -46.86 72.90 -21.56
CA THR RA 6 -46.72 73.41 -22.91
C THR RA 6 -45.27 73.72 -23.25
N LYS RA 7 -44.97 73.67 -24.54
CA LYS RA 7 -43.61 73.90 -25.02
C LYS RA 7 -43.14 75.31 -24.65
N GLY RA 8 -44.04 76.29 -24.73
CA GLY RA 8 -43.66 77.65 -24.38
C GLY RA 8 -43.17 77.77 -22.96
N GLU RA 9 -43.91 77.17 -22.01
CA GLU RA 9 -43.49 77.28 -20.62
C GLU RA 9 -42.29 76.40 -20.32
N ILE RA 10 -42.11 75.29 -21.05
CA ILE RA 10 -40.88 74.52 -20.89
C ILE RA 10 -39.67 75.35 -21.30
N VAL RA 11 -39.77 76.04 -22.44
CA VAL RA 11 -38.66 76.88 -22.90
C VAL RA 11 -38.46 78.05 -21.94
N LEU RA 12 -39.55 78.60 -21.40
CA LEU RA 12 -39.42 79.68 -20.42
C LEU RA 12 -38.71 79.21 -19.17
N PHE RA 13 -39.04 78.01 -18.68
CA PHE RA 13 -38.32 77.43 -17.56
C PHE RA 13 -36.84 77.28 -17.87
N ALA RA 14 -36.52 76.77 -19.07
CA ALA RA 14 -35.12 76.57 -19.44
C ALA RA 14 -34.37 77.90 -19.48
N LEU RA 15 -35.00 78.93 -20.02
CA LEU RA 15 -34.33 80.23 -20.10
C LEU RA 15 -34.21 80.87 -18.73
N ARG RA 16 -35.20 80.68 -17.85
CA ARG RA 16 -35.17 81.29 -16.53
C ARG RA 16 -34.16 80.62 -15.62
N LYS RA 17 -33.95 79.31 -15.77
CA LYS RA 17 -33.07 78.59 -14.86
C LYS RA 17 -31.61 78.95 -15.01
N PHE RA 18 -31.25 79.88 -15.90
CA PHE RA 18 -29.87 80.34 -15.99
C PHE RA 18 -29.79 81.86 -16.15
N ALA RA 19 -30.85 82.58 -15.78
CA ALA RA 19 -30.89 84.04 -15.76
C ALA RA 19 -30.69 84.66 -17.14
N ILE RA 20 -30.96 83.91 -18.22
CA ILE RA 20 -30.91 84.49 -19.55
C ILE RA 20 -32.07 85.46 -19.76
N ALA RA 21 -33.27 85.06 -19.33
CA ALA RA 21 -34.46 85.91 -19.45
C ALA RA 21 -35.42 85.49 -18.34
N SER RA 22 -35.47 86.30 -17.28
CA SER RA 22 -36.27 85.99 -16.10
C SER RA 22 -36.66 87.30 -15.43
N ASN RA 23 -37.14 87.20 -14.19
CA ASN RA 23 -37.46 88.40 -13.42
C ASN RA 23 -36.23 88.92 -12.69
N ALA RA 24 -35.15 89.11 -13.45
CA ALA RA 24 -33.96 89.77 -12.94
C ALA RA 24 -33.36 90.72 -13.96
N SER RA 25 -34.02 90.96 -15.09
CA SER RA 25 -33.54 91.84 -16.14
C SER RA 25 -34.59 92.88 -16.48
N LEU RA 26 -34.39 93.61 -17.56
CA LEU RA 26 -35.37 94.62 -17.98
C LEU RA 26 -36.65 93.97 -18.48
N THR RA 27 -36.56 93.17 -19.54
CA THR RA 27 -37.71 92.49 -20.12
C THR RA 27 -37.27 91.11 -20.60
N ASP RA 28 -38.13 90.46 -21.37
CA ASP RA 28 -37.77 89.21 -22.01
C ASP RA 28 -36.79 89.47 -23.16
N VAL RA 29 -36.14 88.39 -23.62
CA VAL RA 29 -35.07 88.54 -24.60
C VAL RA 29 -35.63 88.83 -25.99
N GLU RA 30 -36.40 87.89 -26.56
CA GLU RA 30 -36.96 88.03 -27.89
C GLU RA 30 -37.86 86.85 -28.23
N PRO RA 31 -38.73 86.97 -29.23
CA PRO RA 31 -39.47 85.78 -29.70
C PRO RA 31 -38.58 84.83 -30.49
N GLN RA 32 -37.49 85.35 -31.04
CA GLN RA 32 -36.60 84.49 -31.83
C GLN RA 32 -35.88 83.48 -30.95
N SER RA 33 -35.51 83.86 -29.73
CA SER RA 33 -34.93 82.90 -28.80
C SER RA 33 -35.95 81.83 -28.41
N ILE RA 34 -37.22 82.22 -28.27
CA ILE RA 34 -38.27 81.25 -27.98
C ILE RA 34 -38.40 80.27 -29.14
N GLU RA 35 -38.38 80.78 -30.37
CA GLU RA 35 -38.48 79.91 -31.54
C GLU RA 35 -37.30 78.95 -31.62
N ASP RA 36 -36.08 79.45 -31.37
CA ASP RA 36 -34.91 78.59 -31.37
C ASP RA 36 -35.01 77.52 -30.28
N GLY RA 37 -35.47 77.92 -29.09
CA GLY RA 37 -35.59 76.97 -28.01
C GLY RA 37 -36.62 75.89 -28.29
N VAL RA 38 -37.78 76.27 -28.85
CA VAL RA 38 -38.80 75.27 -29.14
C VAL RA 38 -38.35 74.35 -30.27
N ASN RA 39 -37.60 74.88 -31.25
CA ASN RA 39 -37.05 74.03 -32.30
C ASN RA 39 -36.06 73.04 -31.72
N ASP RA 40 -35.19 73.50 -30.82
CA ASP RA 40 -34.24 72.59 -30.17
C ASP RA 40 -34.96 71.54 -29.35
N LEU RA 41 -36.02 71.93 -28.65
CA LEU RA 41 -36.80 70.98 -27.88
C LEU RA 41 -37.42 69.91 -28.78
N GLU RA 42 -37.97 70.33 -29.92
CA GLU RA 42 -38.57 69.37 -30.84
C GLU RA 42 -37.51 68.40 -31.37
N ASP RA 43 -36.34 68.93 -31.74
CA ASP RA 43 -35.28 68.06 -32.26
C ASP RA 43 -34.79 67.08 -31.20
N MET RA 44 -34.62 67.56 -29.96
CA MET RA 44 -34.15 66.68 -28.89
C MET RA 44 -35.20 65.62 -28.57
N MET RA 45 -36.47 65.98 -28.56
CA MET RA 45 -37.52 65.00 -28.32
C MET RA 45 -37.57 63.96 -29.42
N SER RA 46 -37.36 64.38 -30.67
CA SER RA 46 -37.28 63.43 -31.76
C SER RA 46 -36.09 62.49 -31.58
N GLU RA 47 -34.94 63.02 -31.16
CA GLU RA 47 -33.75 62.21 -30.96
C GLU RA 47 -33.94 61.20 -29.84
N TRP RA 48 -34.61 61.60 -28.76
CA TRP RA 48 -34.80 60.74 -27.58
C TRP RA 48 -35.68 59.52 -27.84
N MET RA 49 -36.14 59.27 -29.07
CA MET RA 49 -36.99 58.12 -29.32
C MET RA 49 -36.25 56.80 -29.30
N ILE RA 50 -34.91 56.81 -29.24
CA ILE RA 50 -34.10 55.60 -29.36
C ILE RA 50 -33.41 55.24 -28.06
N ASN RA 51 -32.67 56.16 -27.47
CA ASN RA 51 -31.88 55.80 -26.29
C ASN RA 51 -32.75 55.72 -25.03
N PRO RA 52 -33.43 56.81 -24.60
CA PRO RA 52 -34.21 56.72 -23.36
C PRO RA 52 -35.54 56.02 -23.56
N GLY RA 53 -36.15 56.19 -24.72
CA GLY RA 53 -37.42 55.60 -25.02
C GLY RA 53 -38.54 56.63 -25.01
N ASP RA 54 -39.67 56.25 -25.61
CA ASP RA 54 -40.82 57.13 -25.68
C ASP RA 54 -41.34 57.45 -24.28
N ILE RA 55 -41.63 58.73 -24.03
CA ILE RA 55 -42.10 59.17 -22.72
C ILE RA 55 -43.42 59.91 -22.88
N GLY RA 56 -44.08 59.74 -24.02
CA GLY RA 56 -45.39 60.31 -24.23
C GLY RA 56 -45.41 61.63 -24.98
N TYR RA 57 -44.28 62.07 -25.54
CA TYR RA 57 -44.24 63.34 -26.25
C TYR RA 57 -45.10 63.29 -27.50
N ALA RA 58 -45.78 64.40 -27.79
CA ALA RA 58 -46.64 64.52 -28.97
C ALA RA 58 -46.00 65.54 -29.91
N PHE RA 59 -45.57 65.08 -31.07
CA PHE RA 59 -44.90 65.94 -32.03
C PHE RA 59 -45.92 66.75 -32.83
N ALA RA 60 -45.41 67.62 -33.69
CA ALA RA 60 -46.26 68.37 -34.60
C ALA RA 60 -46.74 67.46 -35.73
N THR RA 61 -47.50 68.03 -36.65
CA THR RA 61 -47.99 67.28 -37.80
C THR RA 61 -46.87 67.20 -38.85
N GLY RA 62 -47.23 66.77 -40.06
CA GLY RA 62 -46.22 66.57 -41.08
C GLY RA 62 -45.52 67.83 -41.52
N ASP RA 63 -46.25 68.96 -41.53
CA ASP RA 63 -45.66 70.16 -42.12
C ASP RA 63 -45.70 71.37 -41.20
N GLU RA 64 -46.75 71.52 -40.38
CA GLU RA 64 -46.92 72.75 -39.62
C GLU RA 64 -45.77 72.96 -38.64
N GLN RA 65 -45.31 74.22 -38.56
CA GLN RA 65 -44.21 74.55 -37.68
C GLN RA 65 -44.66 74.47 -36.22
N PRO RA 66 -43.83 73.94 -35.33
CA PRO RA 66 -44.19 73.93 -33.90
C PRO RA 66 -44.34 75.34 -33.37
N LEU RA 67 -45.26 75.50 -32.41
CA LEU RA 67 -45.58 76.80 -31.85
C LEU RA 67 -45.45 76.74 -30.33
N PRO RA 68 -45.21 77.89 -29.69
CA PRO RA 68 -45.05 77.89 -28.22
C PRO RA 68 -46.35 77.67 -27.45
N ASP RA 69 -47.49 77.51 -28.12
CA ASP RA 69 -48.76 77.45 -27.42
C ASP RA 69 -49.41 76.07 -27.41
N ASP RA 70 -49.01 75.17 -28.30
CA ASP RA 70 -49.65 73.86 -28.35
C ASP RA 70 -49.20 72.99 -27.17
N GLU RA 71 -50.05 72.04 -26.82
CA GLU RA 71 -49.78 71.16 -25.68
C GLU RA 71 -48.70 70.15 -26.04
N SER RA 72 -47.69 70.04 -25.17
CA SER RA 72 -46.62 69.07 -25.39
C SER RA 72 -47.11 67.65 -25.16
N GLY RA 73 -47.99 67.46 -24.18
CA GLY RA 73 -48.48 66.14 -23.83
C GLY RA 73 -47.67 65.43 -22.78
N LEU RA 74 -46.53 65.98 -22.36
CA LEU RA 74 -45.71 65.34 -21.35
C LEU RA 74 -46.37 65.47 -19.98
N PRO RA 75 -46.23 64.46 -19.12
CA PRO RA 75 -46.65 64.62 -17.72
C PRO RA 75 -45.74 65.59 -17.00
N ARG RA 76 -46.25 66.16 -15.90
CA ARG RA 76 -45.50 67.15 -15.15
C ARG RA 76 -44.31 66.55 -14.43
N LYS RA 77 -44.21 65.22 -14.38
CA LYS RA 77 -43.10 64.58 -13.68
C LYS RA 77 -41.76 64.86 -14.34
N TYR RA 78 -41.75 65.14 -15.65
CA TYR RA 78 -40.53 65.23 -16.43
C TYR RA 78 -40.11 66.65 -16.72
N LYS RA 79 -40.78 67.64 -16.12
CA LYS RA 79 -40.52 69.04 -16.46
C LYS RA 79 -39.09 69.45 -16.12
N HIS RA 80 -38.61 69.07 -14.94
CA HIS RA 80 -37.26 69.46 -14.57
C HIS RA 80 -36.21 68.74 -15.41
N ALA RA 81 -36.41 67.45 -15.68
CA ALA RA 81 -35.44 66.68 -16.45
C ALA RA 81 -35.31 67.22 -17.87
N VAL RA 82 -36.45 67.37 -18.56
CA VAL RA 82 -36.40 67.87 -19.93
C VAL RA 82 -35.85 69.30 -19.95
N GLY RA 83 -36.25 70.12 -18.98
CA GLY RA 83 -35.76 71.49 -18.95
C GLY RA 83 -34.25 71.56 -18.76
N TYR RA 84 -33.71 70.76 -17.85
CA TYR RA 84 -32.26 70.77 -17.63
C TYR RA 84 -31.50 70.24 -18.84
N GLN RA 85 -32.03 69.20 -19.49
CA GLN RA 85 -31.36 68.70 -20.69
C GLN RA 85 -31.36 69.76 -21.79
N LEU RA 86 -32.48 70.44 -21.97
CA LEU RA 86 -32.56 71.48 -22.99
C LEU RA 86 -31.64 72.65 -22.65
N LEU RA 87 -31.55 73.02 -21.37
CA LEU RA 87 -30.64 74.07 -20.97
C LEU RA 87 -29.20 73.70 -21.25
N LEU RA 88 -28.82 72.47 -20.95
CA LEU RA 88 -27.47 72.00 -21.25
C LEU RA 88 -27.19 72.02 -22.74
N ARG RA 89 -28.18 71.71 -23.58
CA ARG RA 89 -28.00 71.78 -25.02
C ARG RA 89 -28.03 73.20 -25.56
N MET RA 90 -28.58 74.16 -24.83
CA MET RA 90 -28.70 75.53 -25.32
C MET RA 90 -27.66 76.50 -24.80
N LEU RA 91 -26.93 76.19 -23.73
CA LEU RA 91 -25.94 77.14 -23.22
C LEU RA 91 -24.93 77.54 -24.29
N SER RA 92 -24.60 76.62 -25.20
CA SER RA 92 -23.58 76.91 -26.21
C SER RA 92 -24.02 78.02 -27.17
N ASP RA 93 -25.31 78.28 -27.28
CA ASP RA 93 -25.78 79.38 -28.14
C ASP RA 93 -25.23 80.71 -27.66
N TYR RA 94 -25.32 80.97 -26.36
CA TYR RA 94 -24.81 82.19 -25.75
C TYR RA 94 -23.39 82.02 -25.24
N SER RA 95 -22.80 80.84 -25.42
CA SER RA 95 -21.41 80.58 -25.05
C SER RA 95 -21.18 80.78 -23.56
N LEU RA 96 -22.09 80.26 -22.75
CA LEU RA 96 -21.97 80.29 -21.30
C LEU RA 96 -21.70 78.88 -20.79
N GLU RA 97 -20.62 78.72 -20.02
CA GLU RA 97 -20.39 77.37 -19.56
C GLU RA 97 -21.21 77.07 -18.31
N PRO RA 98 -21.61 75.81 -18.11
CA PRO RA 98 -22.42 75.48 -16.93
C PRO RA 98 -21.62 75.49 -15.64
N THR RA 99 -22.28 75.14 -14.55
CA THR RA 99 -21.69 75.13 -13.22
C THR RA 99 -21.90 73.77 -12.57
N PRO RA 100 -21.04 73.39 -11.63
CA PRO RA 100 -21.17 72.05 -11.02
C PRO RA 100 -22.52 71.79 -10.39
N GLN RA 101 -23.13 72.78 -9.75
CA GLN RA 101 -24.43 72.57 -9.13
C GLN RA 101 -25.50 72.31 -10.19
N VAL RA 102 -25.48 73.06 -11.29
CA VAL RA 102 -26.43 72.84 -12.37
C VAL RA 102 -26.23 71.45 -12.97
N LEU RA 103 -24.97 71.05 -13.16
CA LEU RA 103 -24.70 69.72 -13.69
C LEU RA 103 -25.22 68.64 -12.76
N SER RA 104 -25.02 68.79 -11.45
CA SER RA 104 -25.51 67.80 -10.51
C SER RA 104 -27.02 67.72 -10.50
N ASN RA 105 -27.70 68.87 -10.56
CA ASN RA 105 -29.15 68.87 -10.61
C ASN RA 105 -29.67 68.17 -11.86
N ALA RA 106 -29.04 68.46 -13.01
CA ALA RA 106 -29.44 67.80 -14.25
C ALA RA 106 -29.22 66.30 -14.16
N GLN RA 107 -28.08 65.88 -13.58
CA GLN RA 107 -27.81 64.45 -13.43
C GLN RA 107 -28.86 63.79 -12.55
N ARG RA 108 -29.22 64.42 -11.44
CA ARG RA 108 -30.22 63.82 -10.55
C ARG RA 108 -31.57 63.70 -11.23
N SER RA 109 -31.98 64.75 -11.95
CA SER RA 109 -33.26 64.69 -12.65
C SER RA 109 -33.27 63.60 -13.72
N TYR RA 110 -32.18 63.51 -14.50
CA TYR RA 110 -32.11 62.46 -15.52
C TYR RA 110 -32.12 61.07 -14.90
N ASP RA 111 -31.44 60.91 -13.75
CA ASP RA 111 -31.43 59.61 -13.08
C ASP RA 111 -32.82 59.24 -12.60
N ALA RA 112 -33.57 60.20 -12.06
CA ALA RA 112 -34.94 59.92 -11.64
C ALA RA 112 -35.81 59.54 -12.84
N LEU RA 113 -35.64 60.26 -13.96
CA LEU RA 113 -36.40 59.92 -15.16
C LEU RA 113 -36.09 58.52 -15.64
N MET RA 114 -34.81 58.13 -15.63
CA MET RA 114 -34.44 56.80 -16.07
C MET RA 114 -34.95 55.74 -15.10
N THR RA 115 -34.95 56.04 -13.80
CA THR RA 115 -35.48 55.11 -12.81
C THR RA 115 -36.97 54.86 -13.04
N ASP RA 116 -37.72 55.91 -13.36
CA ASP RA 116 -39.16 55.75 -13.56
C ASP RA 116 -39.50 54.86 -14.73
N THR RA 117 -38.56 54.58 -15.63
CA THR RA 117 -38.79 53.74 -16.81
C THR RA 117 -37.68 52.68 -16.86
N LEU RA 118 -37.96 51.51 -16.30
CA LEU RA 118 -37.01 50.40 -16.29
C LEU RA 118 -37.69 49.14 -16.78
N VAL RA 119 -36.96 48.33 -17.53
CA VAL RA 119 -37.49 47.12 -18.15
C VAL RA 119 -36.97 45.86 -17.46
N VAL RA 120 -35.65 45.74 -17.34
CA VAL RA 120 -34.94 44.59 -16.76
C VAL RA 120 -35.58 43.28 -17.23
N PRO RA 121 -35.39 42.90 -18.49
CA PRO RA 121 -36.04 41.69 -19.00
C PRO RA 121 -35.57 40.45 -18.28
N SER RA 122 -36.48 39.49 -18.16
CA SER RA 122 -36.20 38.21 -17.52
C SER RA 122 -36.05 37.14 -18.61
N MET RA 123 -34.90 36.46 -18.62
CA MET RA 123 -34.62 35.49 -19.66
C MET RA 123 -35.52 34.27 -19.53
N ARG RA 124 -35.98 33.76 -20.66
CA ARG RA 124 -36.86 32.61 -20.72
C ARG RA 124 -36.05 31.33 -20.92
N ARG RA 125 -36.72 30.20 -20.74
CA ARG RA 125 -36.06 28.92 -20.91
C ARG RA 125 -35.73 28.67 -22.38
N ARG RA 126 -34.77 27.78 -22.61
CA ARG RA 126 -34.11 27.69 -23.92
C ARG RA 126 -35.06 27.13 -24.98
N GLY RA 127 -35.77 26.06 -24.67
CA GLY RA 127 -36.67 25.46 -25.64
C GLY RA 127 -36.46 23.96 -25.79
N ASP RA 128 -35.21 23.54 -25.73
CA ASP RA 128 -34.88 22.12 -25.66
C ASP RA 128 -34.71 21.64 -24.23
N PHE RA 129 -34.96 22.49 -23.25
CA PHE RA 129 -34.82 22.14 -21.85
C PHE RA 129 -35.95 21.20 -21.44
N PRO RA 130 -35.65 20.01 -20.92
CA PRO RA 130 -36.72 19.09 -20.55
C PRO RA 130 -37.54 19.61 -19.38
N VAL RA 131 -38.79 19.14 -19.31
CA VAL RA 131 -39.66 19.38 -18.16
C VAL RA 131 -39.82 18.07 -17.41
N GLY RA 132 -39.48 18.08 -16.12
CA GLY RA 132 -39.44 16.86 -15.36
C GLY RA 132 -40.82 16.25 -15.19
N GLN RA 133 -40.82 15.00 -14.71
CA GLN RA 133 -42.08 14.29 -14.51
C GLN RA 133 -42.91 14.90 -13.38
N GLY RA 134 -42.31 15.73 -12.53
CA GLY RA 134 -43.09 16.40 -11.50
C GLY RA 134 -44.18 17.28 -12.07
N ASN RA 135 -43.86 18.03 -13.12
CA ASN RA 135 -44.86 18.74 -13.90
C ASN RA 135 -45.51 17.73 -14.82
N LYS RA 136 -46.63 17.16 -14.37
CA LYS RA 136 -47.29 16.11 -15.13
C LYS RA 136 -47.67 16.63 -16.51
N TYR RA 137 -46.96 16.07 -17.50
CA TYR RA 137 -47.17 16.46 -18.90
C TYR RA 137 -48.21 15.53 -19.53
N ASP RA 138 -49.21 16.12 -20.17
CA ASP RA 138 -50.30 15.34 -20.80
C ASP RA 138 -50.88 16.21 -21.90
N VAL RA 139 -51.86 15.71 -22.64
CA VAL RA 139 -52.46 16.47 -23.77
C VAL RA 139 -53.06 17.77 -23.22
N PHE RA 140 -53.70 17.72 -22.06
CA PHE RA 140 -54.42 18.90 -21.55
C PHE RA 140 -53.65 19.67 -20.46
N THR RA 141 -52.46 19.23 -20.03
CA THR RA 141 -51.71 20.04 -19.04
C THR RA 141 -50.51 20.73 -19.68
N SER RA 142 -49.38 20.01 -19.84
CA SER RA 142 -48.15 20.63 -20.39
C SER RA 142 -47.47 19.68 -21.38
N ASP RA 143 -46.65 20.20 -22.28
CA ASP RA 143 -45.88 19.35 -23.22
C ASP RA 143 -44.62 18.83 -22.53
N ARG RA 144 -43.94 17.85 -23.13
CA ARG RA 144 -42.73 17.26 -22.52
C ARG RA 144 -41.63 18.31 -22.41
N TYR RA 145 -41.55 19.29 -23.31
CA TYR RA 145 -40.44 20.27 -23.31
C TYR RA 145 -40.96 21.70 -23.24
N TYR RA 146 -40.18 22.63 -22.69
CA TYR RA 146 -40.64 24.04 -22.49
C TYR RA 146 -40.90 24.73 -23.83
N PRO RA 147 -41.96 25.56 -23.95
CA PRO RA 147 -42.26 26.28 -25.17
C PRO RA 147 -41.14 27.27 -25.45
N GLY RA 148 -40.90 27.56 -26.73
CA GLY RA 148 -39.79 28.47 -27.06
C GLY RA 148 -40.17 29.53 -28.07
N ASP RA 149 -39.18 30.09 -28.77
CA ASP RA 149 -39.40 31.16 -29.77
C ASP RA 149 -40.15 30.67 -31.00
N LEU RA 150 -40.09 29.37 -31.31
CA LEU RA 150 -40.66 28.87 -32.59
C LEU RA 150 -42.13 29.31 -32.72
N PRO RA 151 -42.51 29.95 -33.85
CA PRO RA 151 -43.90 30.33 -34.07
C PRO RA 151 -44.75 29.12 -34.46
N LEU RA 152 -46.01 29.12 -34.06
CA LEU RA 152 -46.91 28.00 -34.36
C LEU RA 152 -47.10 27.91 -35.87
N ILE RA 153 -47.22 26.70 -36.43
CA ILE RA 153 -47.31 26.54 -37.91
C ILE RA 153 -48.77 26.66 -38.33
N ASP RA 154 -49.09 27.55 -39.27
CA ASP RA 154 -50.48 27.66 -39.80
C ASP RA 154 -50.85 26.42 -40.61
N GLY RA 155 -49.93 25.91 -41.43
CA GLY RA 155 -50.20 24.76 -42.31
C GLY RA 155 -50.22 25.24 -43.74
N ASP RA 156 -50.69 26.47 -43.97
CA ASP RA 156 -50.55 27.10 -45.29
C ASP RA 156 -49.31 27.95 -45.00
N ILE RA 157 -48.69 28.61 -45.98
CA ILE RA 157 -47.43 29.34 -45.68
C ILE RA 157 -46.42 28.38 -45.03
N PRO RA 158 -46.19 27.14 -45.52
CA PRO RA 158 -45.32 26.21 -44.81
C PRO RA 158 -43.89 26.69 -44.67
N ASN RA 159 -43.33 27.26 -45.73
CA ASN RA 159 -41.94 27.78 -45.65
C ASN RA 159 -42.03 29.19 -45.07
N ALA RA 160 -41.63 29.36 -43.81
CA ALA RA 160 -41.77 30.67 -43.13
C ALA RA 160 -43.09 31.32 -43.52
N PRO SA 2 120.93 0.23 -17.04
CA PRO SA 2 120.03 0.25 -15.89
C PRO SA 2 118.58 -0.03 -16.28
N ASN SA 3 117.89 -0.83 -15.48
CA ASN SA 3 116.51 -1.19 -15.75
C ASN SA 3 115.60 -0.02 -15.36
N ASN SA 4 114.69 0.35 -16.25
CA ASN SA 4 113.68 1.38 -16.01
C ASN SA 4 112.32 0.72 -16.20
N LEU SA 5 111.81 0.11 -15.15
CA LEU SA 5 110.59 -0.69 -15.22
C LEU SA 5 109.56 -0.19 -14.20
N ASP SA 6 109.55 1.10 -13.95
CA ASP SA 6 108.57 1.71 -13.06
C ASP SA 6 107.17 1.78 -13.68
N SER SA 7 107.05 1.50 -14.97
CA SER SA 7 105.76 1.46 -15.65
C SER SA 7 105.13 0.08 -15.63
N ASN SA 8 105.77 -0.88 -14.97
CA ASN SA 8 105.25 -2.23 -14.83
C ASN SA 8 104.39 -2.41 -13.60
N VAL SA 9 104.31 -1.40 -12.73
CA VAL SA 9 103.55 -1.46 -11.49
C VAL SA 9 102.61 -0.27 -11.46
N SER SA 10 101.86 -0.16 -10.37
CA SER SA 10 100.89 0.95 -10.23
C SER SA 10 101.08 1.64 -8.88
N GLN SA 11 100.26 2.64 -8.55
CA GLN SA 11 100.31 3.29 -7.22
C GLN SA 11 98.97 3.00 -6.56
N ILE SA 12 98.96 2.39 -5.37
CA ILE SA 12 97.65 1.95 -4.81
C ILE SA 12 97.31 2.60 -3.46
N VAL SA 13 96.11 3.16 -3.32
CA VAL SA 13 95.63 3.67 -2.01
C VAL SA 13 94.59 2.63 -1.62
N LEU SA 14 94.82 1.85 -0.57
CA LEU SA 14 93.88 0.74 -0.23
C LEU SA 14 92.56 1.35 0.24
N LYS SA 15 91.47 0.64 0.11
CA LYS SA 15 90.17 1.16 0.62
C LYS SA 15 90.10 0.89 2.11
N LYS SA 16 91.02 1.48 2.89
CA LYS SA 16 91.01 1.32 4.36
C LYS SA 16 91.12 2.72 4.97
N PHE SA 17 90.31 3.01 5.99
CA PHE SA 17 90.29 4.35 6.59
C PHE SA 17 90.92 4.26 7.99
N LEU SA 18 91.80 5.19 8.33
CA LEU SA 18 92.48 5.17 9.64
C LEU SA 18 91.56 5.75 10.76
N PRO SA 19 91.64 5.32 12.06
CA PRO SA 19 90.72 5.80 13.09
C PRO SA 19 90.90 7.29 13.36
N GLY SA 20 89.79 7.94 13.73
CA GLY SA 20 89.77 9.34 14.05
C GLY SA 20 89.59 9.61 15.52
N PHE SA 21 89.39 10.88 15.84
CA PHE SA 21 89.23 11.32 17.22
C PHE SA 21 87.76 11.28 17.63
N MET SA 22 87.49 11.62 18.88
CA MET SA 22 86.14 11.48 19.41
C MET SA 22 85.95 12.44 20.59
N SER SA 23 84.70 12.63 20.97
CA SER SA 23 84.33 13.43 22.14
C SER SA 23 83.45 12.61 23.07
N ASP SA 24 82.87 13.25 24.08
CA ASP SA 24 82.03 12.55 25.05
C ASP SA 24 80.77 13.36 25.31
N LEU SA 25 79.72 12.66 25.73
CA LEU SA 25 78.42 13.25 26.05
C LEU SA 25 78.03 12.87 27.47
N VAL SA 26 77.78 13.87 28.32
CA VAL SA 26 77.22 13.61 29.63
C VAL SA 26 75.97 14.48 29.86
N LEU SA 27 76.07 15.75 29.49
CA LEU SA 27 75.04 16.72 29.87
C LEU SA 27 73.72 16.43 29.18
N ALA SA 28 73.75 16.10 27.89
CA ALA SA 28 72.52 15.83 27.16
C ALA SA 28 71.78 14.63 27.75
N LYS SA 29 72.53 13.65 28.29
CA LYS SA 29 71.89 12.52 28.94
C LYS SA 29 71.39 12.87 30.33
N THR SA 30 72.13 13.69 31.08
CA THR SA 30 71.78 13.95 32.47
C THR SA 30 70.61 14.92 32.60
N VAL SA 31 70.52 15.93 31.72
CA VAL SA 31 69.45 16.91 31.85
C VAL SA 31 68.10 16.25 31.59
N ASP SA 32 67.04 16.94 32.01
CA ASP SA 32 65.68 16.41 31.91
C ASP SA 32 65.09 16.78 30.56
N ARG SA 33 64.45 15.82 29.90
CA ARG SA 33 64.00 16.01 28.53
C ARG SA 33 62.51 15.76 28.30
N GLN SA 34 61.86 14.97 29.15
CA GLN SA 34 60.46 14.64 28.90
C GLN SA 34 59.53 15.82 29.17
N LEU SA 35 59.98 16.81 29.95
CA LEU SA 35 59.14 17.97 30.22
C LEU SA 35 58.91 18.79 28.95
N LEU SA 36 59.93 18.93 28.12
CA LEU SA 36 59.82 19.74 26.91
C LEU SA 36 59.40 18.93 25.68
N ALA SA 37 59.09 17.64 25.84
CA ALA SA 37 58.71 16.82 24.70
C ALA SA 37 57.34 17.22 24.18
N GLY SA 38 57.25 17.39 22.86
CA GLY SA 38 55.98 17.71 22.23
C GLY SA 38 55.40 19.05 22.65
N GLU SA 39 56.24 20.05 22.84
CA GLU SA 39 55.80 21.35 23.34
C GLU SA 39 55.94 22.48 22.34
N ILE SA 40 56.75 22.35 21.30
CA ILE SA 40 57.05 23.43 20.39
C ILE SA 40 56.81 22.98 18.96
N ASN SA 41 56.14 23.81 18.18
CA ASN SA 41 56.06 23.68 16.73
C ASN SA 41 56.61 24.95 16.12
N SER SA 42 57.37 24.81 15.03
CA SER SA 42 58.04 25.96 14.43
C SER SA 42 57.04 27.02 13.98
N SER SA 43 55.94 26.58 13.34
CA SER SA 43 54.92 27.54 12.91
C SER SA 43 54.09 28.05 14.07
N THR SA 44 53.74 27.17 15.01
CA THR SA 44 52.79 27.52 16.06
C THR SA 44 53.34 28.60 16.99
N GLY SA 45 54.62 28.53 17.34
CA GLY SA 45 55.19 29.52 18.22
C GLY SA 45 56.67 29.32 18.40
N ASP SA 46 57.28 30.27 19.10
CA ASP SA 46 58.71 30.24 19.38
C ASP SA 46 59.01 30.30 20.86
N SER SA 47 57.99 30.12 21.71
CA SER SA 47 58.19 30.20 23.15
C SER SA 47 57.06 29.46 23.85
N VAL SA 48 57.40 28.79 24.94
CA VAL SA 48 56.43 28.06 25.75
C VAL SA 48 56.62 28.46 27.21
N SER SA 49 55.58 28.22 28.02
CA SER SA 49 55.58 28.67 29.40
C SER SA 49 55.25 27.50 30.33
N PHE SA 50 55.80 27.57 31.55
CA PHE SA 50 55.49 26.62 32.61
C PHE SA 50 55.14 27.40 33.87
N LYS SA 51 54.24 26.85 34.67
CA LYS SA 51 53.74 27.53 35.85
C LYS SA 51 54.60 27.18 37.06
N ARG SA 52 55.01 28.22 37.81
CA ARG SA 52 55.79 28.02 39.02
C ARG SA 52 54.87 27.66 40.19
N PRO SA 53 55.38 26.94 41.19
CA PRO SA 53 54.54 26.54 42.32
C PRO SA 53 54.17 27.72 43.20
N HIS SA 54 53.08 27.55 43.94
CA HIS SA 54 52.57 28.57 44.84
C HIS SA 54 53.25 28.49 46.20
N GLN SA 55 53.22 29.61 46.91
CA GLN SA 55 53.70 29.69 48.28
C GLN SA 55 52.73 30.53 49.10
N PHE SA 56 52.61 30.20 50.39
CA PHE SA 56 51.60 30.80 51.24
C PHE SA 56 52.19 31.16 52.59
N SER SA 57 51.40 31.88 53.39
CA SER SA 57 51.76 32.22 54.76
C SER SA 57 50.55 31.96 55.65
N SER SA 58 50.83 31.70 56.92
CA SER SA 58 49.81 31.26 57.88
C SER SA 58 49.49 32.38 58.86
N LEU SA 59 48.45 32.14 59.66
CA LEU SA 59 47.99 33.07 60.68
C LEU SA 59 47.93 32.35 62.02
N ARG SA 60 48.07 33.11 63.09
CA ARG SA 60 47.99 32.57 64.44
C ARG SA 60 46.92 33.32 65.23
N THR SA 61 45.96 32.57 65.78
CA THR SA 61 44.85 33.14 66.52
C THR SA 61 44.41 32.15 67.60
N PRO SA 62 44.22 32.61 68.83
CA PRO SA 62 43.83 31.66 69.89
C PRO SA 62 42.49 30.97 69.66
N THR SA 63 41.58 31.59 68.91
CA THR SA 63 40.27 31.00 68.68
C THR SA 63 39.92 30.80 67.21
N GLY SA 64 40.70 31.34 66.29
CA GLY SA 64 40.44 31.20 64.88
C GLY SA 64 39.74 32.37 64.22
N ASP SA 65 39.51 33.47 64.94
CA ASP SA 65 38.81 34.63 64.39
C ASP SA 65 39.80 35.42 63.55
N ILE SA 66 39.65 35.33 62.22
CA ILE SA 66 40.53 36.04 61.30
C ILE SA 66 39.73 37.03 60.48
N SER SA 67 38.67 37.57 61.07
CA SER SA 67 37.80 38.49 60.34
C SER SA 67 38.56 39.76 59.94
N GLY SA 68 39.38 40.28 60.85
CA GLY SA 68 40.07 41.53 60.63
C GLY SA 68 41.48 41.44 60.08
N GLN SA 69 41.92 40.26 59.64
CA GLN SA 69 43.27 40.09 59.14
C GLN SA 69 43.25 39.94 57.62
N ASN SA 70 44.43 39.83 57.02
CA ASN SA 70 44.57 39.75 55.57
C ASN SA 70 44.73 38.31 55.11
N LYS SA 71 44.31 38.05 53.88
CA LYS SA 71 44.35 36.71 53.31
C LYS SA 71 45.35 36.67 52.16
N ASN SA 72 45.99 35.51 52.01
CA ASN SA 72 46.99 35.34 50.96
C ASN SA 72 46.32 35.36 49.59
N ASN SA 73 46.96 36.03 48.64
CA ASN SA 73 46.48 36.11 47.27
C ASN SA 73 47.22 35.10 46.40
N LEU SA 74 46.68 34.86 45.21
CA LEU SA 74 47.25 33.87 44.29
C LEU SA 74 48.07 34.58 43.21
N ILE SA 75 49.32 34.89 43.57
CA ILE SA 75 50.27 35.43 42.61
C ILE SA 75 51.02 34.26 41.99
N SER SA 76 50.82 34.05 40.69
CA SER SA 76 51.45 32.93 39.98
C SER SA 76 52.39 33.48 38.92
N GLY SA 77 53.55 32.84 38.79
CA GLY SA 77 54.55 33.24 37.81
C GLY SA 77 54.78 32.13 36.80
N LYS SA 78 55.41 32.49 35.68
CA LYS SA 78 55.68 31.54 34.62
C LYS SA 78 57.14 31.64 34.20
N ALA SA 79 57.70 30.50 33.82
CA ALA SA 79 59.05 30.40 33.28
C ALA SA 79 58.96 30.07 31.80
N THR SA 80 59.68 30.82 30.99
CA THR SA 80 59.59 30.74 29.54
C THR SA 80 60.77 29.98 28.95
N GLY SA 81 60.51 29.28 27.85
CA GLY SA 81 61.54 28.58 27.12
C GLY SA 81 61.42 28.86 25.63
N ARG SA 82 62.57 29.07 24.99
CA ARG SA 82 62.62 29.50 23.61
C ARG SA 82 63.54 28.58 22.82
N VAL SA 83 63.30 28.52 21.50
CA VAL SA 83 64.11 27.70 20.61
C VAL SA 83 65.35 28.48 20.20
N GLY SA 84 66.34 27.76 19.67
CA GLY SA 84 67.58 28.38 19.23
C GLY SA 84 67.67 28.53 17.73
N ASN SA 85 68.79 28.10 17.15
CA ASN SA 85 69.02 28.20 15.72
C ASN SA 85 69.29 26.82 15.14
N TYR SA 86 69.05 26.69 13.83
CA TYR SA 86 69.26 25.43 13.16
C TYR SA 86 70.74 25.05 13.16
N ILE SA 87 71.01 23.75 13.20
CA ILE SA 87 72.35 23.22 13.00
C ILE SA 87 72.32 22.46 11.69
N THR SA 88 73.12 22.92 10.72
CA THR SA 88 73.06 22.43 9.36
C THR SA 88 74.46 22.12 8.86
N VAL SA 89 74.61 20.93 8.25
CA VAL SA 89 75.86 20.54 7.59
C VAL SA 89 75.53 20.18 6.16
N ALA SA 90 76.10 20.90 5.20
CA ALA SA 90 75.75 20.74 3.79
C ALA SA 90 77.00 20.53 2.96
N VAL SA 91 76.94 19.57 2.03
CA VAL SA 91 78.03 19.28 1.11
C VAL SA 91 77.48 19.18 -0.30
N GLU SA 92 78.36 19.36 -1.28
CA GLU SA 92 77.99 19.17 -2.68
C GLU SA 92 79.16 18.60 -3.44
N TYR SA 93 78.86 17.96 -4.56
CA TYR SA 93 79.89 17.42 -5.45
C TYR SA 93 79.32 17.32 -6.86
N GLN SA 94 80.23 17.20 -7.82
CA GLN SA 94 79.86 17.14 -9.23
C GLN SA 94 79.48 15.73 -9.62
N GLN SA 95 78.63 15.62 -10.66
CA GLN SA 95 78.24 14.32 -11.17
C GLN SA 95 79.43 13.57 -11.73
N LEU SA 96 80.33 14.26 -12.44
CA LEU SA 96 81.55 13.63 -12.93
C LEU SA 96 82.41 13.15 -11.77
N GLU SA 97 82.49 13.94 -10.70
CA GLU SA 97 83.24 13.54 -9.53
C GLU SA 97 82.65 12.29 -8.90
N GLU SA 98 81.33 12.20 -8.81
CA GLU SA 98 80.71 10.99 -8.28
C GLU SA 98 80.95 9.80 -9.20
N ALA SA 99 80.98 10.04 -10.51
CA ALA SA 99 81.14 8.94 -11.46
C ALA SA 99 82.55 8.37 -11.44
N ILE SA 100 83.57 9.21 -11.37
CA ILE SA 100 84.95 8.76 -11.59
C ILE SA 100 85.81 8.80 -10.33
N LYS SA 101 85.43 9.54 -9.29
CA LYS SA 101 86.34 9.72 -8.18
C LYS SA 101 85.73 9.39 -6.82
N LEU SA 102 84.45 9.67 -6.61
CA LEU SA 102 83.85 9.53 -5.29
C LEU SA 102 83.44 8.07 -5.05
N ASN SA 103 84.21 7.39 -4.21
CA ASN SA 103 83.91 6.05 -3.73
C ASN SA 103 83.96 6.01 -2.22
N GLN SA 104 83.31 5.02 -1.63
CA GLN SA 104 83.19 4.89 -0.18
C GLN SA 104 82.57 6.15 0.43
N LEU SA 105 81.52 6.65 -0.24
CA LEU SA 105 80.92 7.91 0.16
C LEU SA 105 80.29 7.82 1.55
N GLU SA 106 79.74 6.66 1.90
CA GLU SA 106 79.13 6.51 3.22
C GLU SA 106 80.16 6.65 4.33
N GLU SA 107 81.29 5.95 4.19
CA GLU SA 107 82.35 6.08 5.18
C GLU SA 107 82.97 7.48 5.16
N ILE SA 108 82.94 8.15 4.01
CA ILE SA 108 83.40 9.53 3.95
C ILE SA 108 82.47 10.43 4.78
N LEU SA 109 81.17 10.22 4.66
CA LEU SA 109 80.18 11.11 5.26
C LEU SA 109 79.72 10.66 6.65
N ALA SA 110 80.31 9.60 7.20
CA ALA SA 110 79.92 9.13 8.53
C ALA SA 110 79.93 10.20 9.64
N PRO SA 111 80.97 11.01 9.83
CA PRO SA 111 81.05 11.82 11.06
C PRO SA 111 80.19 13.07 11.09
N VAL SA 112 79.28 13.27 10.13
CA VAL SA 112 78.46 14.48 10.15
C VAL SA 112 77.54 14.49 11.38
N ARG SA 113 76.96 13.34 11.72
CA ARG SA 113 76.09 13.26 12.88
C ARG SA 113 76.87 13.53 14.17
N GLN SA 114 78.10 13.02 14.25
CA GLN SA 114 78.94 13.32 15.39
C GLN SA 114 79.21 14.81 15.51
N ARG SA 115 79.50 15.48 14.39
CA ARG SA 115 79.72 16.93 14.44
C ARG SA 115 78.47 17.65 14.90
N ILE SA 116 77.29 17.25 14.40
CA ILE SA 116 76.04 17.89 14.79
C ILE SA 116 75.85 17.77 16.30
N VAL SA 117 76.01 16.55 16.83
CA VAL SA 117 75.79 16.32 18.25
C VAL SA 117 76.81 17.08 19.08
N THR SA 118 78.06 17.16 18.61
CA THR SA 118 79.08 17.89 19.34
C THR SA 118 78.74 19.37 19.43
N ASP SA 119 78.28 19.97 18.32
CA ASP SA 119 77.88 21.37 18.37
C ASP SA 119 76.71 21.59 19.34
N LEU SA 120 75.73 20.68 19.31
CA LEU SA 120 74.61 20.79 20.24
C LEU SA 120 75.10 20.74 21.68
N GLU SA 121 76.00 19.81 21.99
CA GLU SA 121 76.50 19.67 23.36
C GLU SA 121 77.26 20.91 23.80
N THR SA 122 78.10 21.45 22.92
CA THR SA 122 78.85 22.65 23.26
C THR SA 122 77.91 23.82 23.55
N GLU SA 123 76.88 24.00 22.73
CA GLU SA 123 75.93 25.07 22.98
C GLU SA 123 75.19 24.85 24.29
N LEU SA 124 74.82 23.60 24.60
CA LEU SA 124 74.14 23.32 25.85
C LEU SA 124 75.01 23.65 27.05
N ALA SA 125 76.30 23.28 26.99
CA ALA SA 125 77.20 23.57 28.10
C ALA SA 125 77.36 25.09 28.29
N HIS SA 126 77.49 25.82 27.17
CA HIS SA 126 77.56 27.27 27.27
C HIS SA 126 76.32 27.85 27.92
N PHE SA 127 75.15 27.38 27.51
CA PHE SA 127 73.89 27.87 28.07
C PHE SA 127 73.82 27.59 29.57
N MET SA 128 74.19 26.37 29.97
CA MET SA 128 74.12 26.01 31.38
C MET SA 128 75.05 26.86 32.23
N MET SA 129 76.29 27.07 31.76
CA MET SA 129 77.21 27.85 32.58
C MET SA 129 76.84 29.32 32.60
N ASN SA 130 76.16 29.79 31.55
CA ASN SA 130 75.70 31.17 31.56
C ASN SA 130 74.49 31.35 32.47
N ASN SA 131 73.64 30.34 32.58
CA ASN SA 131 72.40 30.46 33.34
C ASN SA 131 72.50 29.99 34.77
N GLY SA 132 73.57 29.32 35.17
CA GLY SA 132 73.72 28.92 36.55
C GLY SA 132 73.85 30.10 37.48
N ALA SA 133 73.46 29.89 38.74
CA ALA SA 133 73.44 30.99 39.71
C ALA SA 133 74.24 30.68 40.96
N LEU SA 134 74.21 29.42 41.42
CA LEU SA 134 74.92 29.06 42.63
C LEU SA 134 76.42 29.06 42.40
N SER SA 135 77.17 29.12 43.49
CA SER SA 135 78.63 29.20 43.40
C SER SA 135 79.24 28.62 44.68
N LEU SA 136 80.30 27.84 44.51
CA LEU SA 136 81.03 27.26 45.63
C LEU SA 136 82.51 27.28 45.32
N GLY SA 137 83.33 27.65 46.31
CA GLY SA 137 84.76 27.67 46.12
C GLY SA 137 85.24 28.86 45.32
N SER SA 138 86.53 28.84 45.01
CA SER SA 138 87.18 29.91 44.25
C SER SA 138 87.97 29.31 43.09
N PRO SA 139 87.97 29.99 41.94
CA PRO SA 139 88.69 29.45 40.78
C PRO SA 139 90.20 29.34 40.97
N ASN SA 140 90.76 30.03 41.96
CA ASN SA 140 92.21 30.02 42.14
C ASN SA 140 92.76 28.67 42.56
N THR SA 141 91.90 27.77 43.06
CA THR SA 141 92.37 26.49 43.58
C THR SA 141 91.66 25.35 42.88
N PRO SA 142 92.38 24.35 42.36
CA PRO SA 142 91.71 23.21 41.71
C PRO SA 142 91.14 22.25 42.73
N ILE SA 143 90.37 21.28 42.22
CA ILE SA 143 89.77 20.27 43.08
C ILE SA 143 90.82 19.25 43.48
N THR SA 144 90.96 19.02 44.78
CA THR SA 144 92.00 18.13 45.28
C THR SA 144 91.46 17.11 46.27
N LYS SA 145 90.45 17.48 47.06
CA LYS SA 145 90.04 16.70 48.22
C LYS SA 145 88.63 16.14 48.03
N TRP SA 146 88.15 15.46 49.07
CA TRP SA 146 86.83 14.85 49.07
C TRP SA 146 85.74 15.86 49.46
N SER SA 147 86.05 16.73 50.44
CA SER SA 147 85.10 17.76 50.82
C SER SA 147 84.80 18.70 49.66
N ASP SA 148 85.77 18.89 48.76
CA ASP SA 148 85.58 19.78 47.62
C ASP SA 148 84.42 19.33 46.74
N VAL SA 149 84.08 18.04 46.76
CA VAL SA 149 82.98 17.51 45.97
C VAL SA 149 81.77 17.34 46.87
N ALA SA 150 81.99 16.91 48.11
CA ALA SA 150 80.86 16.68 49.02
C ALA SA 150 80.13 17.98 49.35
N GLN SA 151 80.81 19.12 49.24
CA GLN SA 151 80.18 20.40 49.57
C GLN SA 151 79.01 20.70 48.64
N THR SA 152 79.08 20.28 47.38
CA THR SA 152 77.97 20.53 46.46
C THR SA 152 76.73 19.78 46.91
N ALA SA 153 76.88 18.51 47.26
CA ALA SA 153 75.74 17.73 47.74
C ALA SA 153 75.17 18.33 49.02
N SER SA 154 76.04 18.71 49.95
CA SER SA 154 75.56 19.28 51.21
C SER SA 154 74.82 20.59 50.96
N PHE SA 155 75.35 21.45 50.08
CA PHE SA 155 74.71 22.73 49.80
C PHE SA 155 73.36 22.53 49.11
N LEU SA 156 73.28 21.59 48.17
CA LEU SA 156 72.01 21.34 47.50
C LEU SA 156 70.97 20.77 48.47
N LYS SA 157 71.39 19.89 49.37
CA LYS SA 157 70.47 19.38 50.37
C LYS SA 157 70.00 20.49 51.32
N ASP SA 158 70.92 21.35 51.77
CA ASP SA 158 70.56 22.37 52.74
C ASP SA 158 69.67 23.44 52.10
N LEU SA 159 69.86 23.71 50.81
CA LEU SA 159 69.06 24.72 50.14
C LEU SA 159 67.59 24.32 50.11
N GLY SA 160 67.31 23.03 49.88
CA GLY SA 160 65.95 22.54 49.93
C GLY SA 160 65.49 21.77 48.71
N VAL SA 161 66.44 21.32 47.88
CA VAL SA 161 66.07 20.57 46.69
C VAL SA 161 65.74 19.14 47.09
N ASN SA 162 64.56 18.67 46.67
CA ASN SA 162 64.08 17.35 47.06
C ASN SA 162 63.90 16.42 45.88
N GLU SA 163 63.17 16.83 44.84
CA GLU SA 163 62.86 15.95 43.73
C GLU SA 163 64.05 15.82 42.78
N GLY SA 164 64.06 14.74 42.02
CA GLY SA 164 65.09 14.51 41.03
C GLY SA 164 66.37 13.98 41.64
N GLU SA 165 67.39 13.88 40.79
CA GLU SA 165 68.71 13.40 41.18
C GLU SA 165 69.75 14.46 40.84
N ASN SA 166 70.66 14.72 41.76
CA ASN SA 166 71.68 15.73 41.58
C ASN SA 166 72.87 15.16 40.80
N TYR SA 167 73.56 16.02 40.06
CA TYR SA 167 74.70 15.61 39.27
C TYR SA 167 75.83 16.63 39.43
N ALA SA 168 77.06 16.13 39.25
CA ALA SA 168 78.25 16.96 39.18
C ALA SA 168 79.09 16.51 37.99
N VAL SA 169 79.69 17.46 37.29
CA VAL SA 169 80.47 17.19 36.09
C VAL SA 169 81.83 17.86 36.23
N MET SA 170 82.90 17.07 36.06
CA MET SA 170 84.27 17.54 36.23
C MET SA 170 85.12 17.02 35.08
N ASP SA 171 86.28 17.65 34.90
CA ASP SA 171 87.19 17.39 33.79
C ASP SA 171 88.15 16.26 34.15
N PRO SA 172 88.79 15.65 33.14
CA PRO SA 172 89.64 14.48 33.40
C PRO SA 172 90.75 14.71 34.40
N TRP SA 173 91.35 15.90 34.41
CA TRP SA 173 92.41 16.17 35.38
C TRP SA 173 91.88 16.14 36.81
N SER SA 174 90.70 16.72 37.04
CA SER SA 174 90.11 16.67 38.37
C SER SA 174 89.71 15.23 38.73
N ALA SA 175 89.25 14.47 37.76
CA ALA SA 175 88.97 13.05 38.03
C ALA SA 175 90.23 12.30 38.43
N GLN SA 176 91.34 12.59 37.75
CA GLN SA 176 92.62 11.97 38.09
C GLN SA 176 93.05 12.35 39.50
N ARG SA 177 92.91 13.63 39.86
CA ARG SA 177 93.31 14.07 41.19
C ARG SA 177 92.42 13.44 42.27
N LEU SA 178 91.12 13.29 41.99
CA LEU SA 178 90.24 12.60 42.92
C LEU SA 178 90.65 11.15 43.10
N ALA SA 179 91.00 10.47 42.01
CA ALA SA 179 91.48 9.10 42.12
C ALA SA 179 92.77 9.02 42.92
N ASP SA 180 93.67 9.98 42.71
CA ASP SA 180 94.90 10.04 43.47
C ASP SA 180 94.62 10.19 44.96
N ALA SA 181 93.67 11.06 45.31
CA ALA SA 181 93.27 11.19 46.70
C ALA SA 181 92.67 9.90 47.24
N GLN SA 182 91.88 9.22 46.42
CA GLN SA 182 91.24 7.98 46.86
C GLN SA 182 92.27 6.89 47.13
N THR SA 183 93.35 6.84 46.36
CA THR SA 183 94.36 5.81 46.56
C THR SA 183 94.96 5.81 47.95
N GLY SA 184 94.69 6.84 48.76
CA GLY SA 184 95.24 6.89 50.11
C GLY SA 184 94.31 6.37 51.19
N LEU SA 185 93.32 5.58 50.80
CA LEU SA 185 92.38 5.03 51.78
C LEU SA 185 93.07 3.96 52.64
N HIS SA 186 92.44 3.64 53.76
CA HIS SA 186 93.06 2.80 54.77
C HIS SA 186 92.37 1.45 54.99
N ALA SA 187 91.13 1.29 54.55
CA ALA SA 187 90.47 0.04 54.88
C ALA SA 187 89.77 -0.62 53.70
N SER SA 188 89.40 0.13 52.68
CA SER SA 188 88.61 -0.40 51.57
C SER SA 188 89.56 -0.90 50.49
N ASP SA 189 89.91 -2.19 50.58
CA ASP SA 189 90.91 -2.75 49.67
C ASP SA 189 90.44 -2.73 48.23
N GLN SA 190 89.15 -3.01 48.00
CA GLN SA 190 88.64 -3.03 46.63
C GLN SA 190 88.74 -1.66 45.97
N LEU SA 191 88.30 -0.61 46.67
CA LEU SA 191 88.42 0.75 46.14
C LEU SA 191 89.88 1.15 45.96
N VAL SA 192 90.74 0.78 46.90
CA VAL SA 192 92.15 1.14 46.75
C VAL SA 192 92.75 0.46 45.52
N ARG SA 193 92.45 -0.81 45.31
CA ARG SA 193 92.98 -1.52 44.15
C ARG SA 193 92.43 -0.94 42.85
N THR SA 194 91.12 -0.65 42.81
CA THR SA 194 90.53 -0.08 41.61
C THR SA 194 91.15 1.27 41.27
N ALA SA 195 91.31 2.14 42.27
CA ALA SA 195 91.89 3.45 42.03
C ALA SA 195 93.36 3.33 41.61
N TRP SA 196 94.10 2.42 42.23
CA TRP SA 196 95.51 2.28 41.91
C TRP SA 196 95.73 1.74 40.51
N GLU SA 197 94.89 0.81 40.07
CA GLU SA 197 95.07 0.20 38.76
C GLU SA 197 94.40 0.99 37.65
N ASN SA 198 93.08 1.15 37.71
CA ASN SA 198 92.34 1.71 36.59
C ASN SA 198 92.14 3.21 36.68
N ALA SA 199 92.53 3.83 37.79
CA ALA SA 199 92.38 5.28 37.99
C ALA SA 199 90.93 5.73 37.75
N GLN SA 200 90.01 5.09 38.47
CA GLN SA 200 88.60 5.35 38.34
C GLN SA 200 88.01 5.74 39.69
N ILE SA 201 86.81 6.29 39.64
CA ILE SA 201 86.09 6.71 40.84
C ILE SA 201 84.71 6.05 40.83
N PRO SA 202 84.11 5.79 41.99
CA PRO SA 202 82.77 5.19 42.01
C PRO SA 202 81.73 6.13 41.45
N THR SA 203 80.60 5.55 41.04
CA THR SA 203 79.52 6.35 40.47
C THR SA 203 79.02 7.38 41.48
N ASN SA 204 78.77 6.95 42.71
CA ASN SA 204 78.43 7.87 43.78
C ASN SA 204 79.70 8.33 44.49
N PHE SA 205 79.85 9.64 44.64
CA PHE SA 205 81.05 10.20 45.23
C PHE SA 205 80.65 11.38 46.11
N GLY SA 206 80.80 11.24 47.42
CA GLY SA 206 80.41 12.29 48.32
C GLY SA 206 78.92 12.54 48.39
N GLY SA 207 78.11 11.51 48.14
CA GLY SA 207 76.67 11.65 48.18
C GLY SA 207 76.04 12.21 46.93
N ILE SA 208 76.82 12.50 45.90
CA ILE SA 208 76.31 13.02 44.64
C ILE SA 208 76.91 12.21 43.50
N ARG SA 209 76.19 12.15 42.39
CA ARG SA 209 76.64 11.40 41.23
C ARG SA 209 77.61 12.24 40.42
N ALA SA 210 78.85 11.77 40.30
CA ALA SA 210 79.92 12.51 39.65
C ALA SA 210 80.23 11.90 38.29
N LEU SA 211 80.45 12.75 37.30
CA LEU SA 211 80.74 12.34 35.94
C LEU SA 211 81.96 13.09 35.41
N MET SA 212 82.68 12.42 34.51
CA MET SA 212 83.88 12.97 33.89
C MET SA 212 83.63 13.14 32.40
N SER SA 213 83.87 14.34 31.90
CA SER SA 213 83.66 14.65 30.49
C SER SA 213 84.75 15.59 29.99
N ASN SA 214 85.12 15.41 28.73
CA ASN SA 214 86.08 16.28 28.06
C ASN SA 214 85.42 17.25 27.07
N GLY SA 215 84.09 17.28 27.02
CA GLY SA 215 83.38 18.17 26.13
C GLY SA 215 83.00 19.51 26.72
N LEU SA 216 83.50 19.85 27.90
CA LEU SA 216 83.18 21.11 28.53
C LEU SA 216 83.81 22.28 27.77
N ALA SA 217 83.20 23.45 27.91
CA ALA SA 217 83.73 24.65 27.29
C ALA SA 217 84.59 25.44 28.29
N SER SA 218 85.28 26.44 27.78
CA SER SA 218 86.16 27.29 28.57
C SER SA 218 85.67 28.73 28.52
N ARG SA 219 85.89 29.46 29.61
CA ARG SA 219 85.46 30.86 29.72
C ARG SA 219 86.61 31.70 30.24
N THR SA 220 86.47 33.01 30.08
CA THR SA 220 87.48 33.98 30.51
C THR SA 220 86.85 34.97 31.47
N GLN SA 221 87.65 35.45 32.41
CA GLN SA 221 87.13 36.34 33.46
C GLN SA 221 86.87 37.74 32.93
N GLY SA 222 87.91 38.40 32.42
CA GLY SA 222 87.78 39.78 32.01
C GLY SA 222 88.27 40.74 33.08
N ALA SA 223 89.03 41.75 32.67
CA ALA SA 223 89.72 42.61 33.63
C ALA SA 223 88.72 43.39 34.48
N PHE SA 224 88.99 43.43 35.79
CA PHE SA 224 88.19 44.22 36.73
C PHE SA 224 89.06 44.65 37.88
N GLY SA 225 88.62 45.70 38.58
CA GLY SA 225 89.37 46.20 39.72
C GLY SA 225 88.63 47.32 40.39
N GLY SA 226 89.08 47.66 41.59
CA GLY SA 226 88.46 48.72 42.36
C GLY SA 226 87.41 48.20 43.32
N THR SA 227 87.16 48.97 44.37
CA THR SA 227 86.18 48.57 45.37
C THR SA 227 84.77 48.74 44.82
N LEU SA 228 84.21 47.68 44.25
CA LEU SA 228 82.91 47.77 43.59
C LEU SA 228 81.79 47.76 44.62
N THR SA 229 80.83 48.65 44.43
CA THR SA 229 79.65 48.73 45.29
C THR SA 229 78.48 49.25 44.48
N VAL SA 230 77.27 48.95 44.94
CA VAL SA 230 76.07 49.40 44.24
C VAL SA 230 75.90 50.89 44.40
N LYS SA 231 75.33 51.52 43.37
CA LYS SA 231 75.08 52.96 43.39
C LYS SA 231 73.61 53.29 43.62
N THR SA 232 72.70 52.56 42.97
CA THR SA 232 71.27 52.79 43.08
C THR SA 232 70.59 51.53 43.57
N GLN SA 233 69.63 51.69 44.48
CA GLN SA 233 68.88 50.56 45.00
C GLN SA 233 68.04 49.94 43.90
N PRO SA 234 68.19 48.64 43.64
CA PRO SA 234 67.41 48.00 42.57
C PRO SA 234 66.02 47.64 43.05
N THR SA 235 65.22 47.12 42.13
CA THR SA 235 63.85 46.68 42.41
C THR SA 235 63.84 45.16 42.42
N VAL SA 236 63.49 44.59 43.57
CA VAL SA 236 63.51 43.13 43.75
C VAL SA 236 62.13 42.65 44.19
N THR SA 237 61.11 43.44 43.92
CA THR SA 237 59.74 43.02 44.22
C THR SA 237 59.35 41.84 43.35
N TYR SA 238 58.65 40.87 43.96
CA TYR SA 238 58.31 39.65 43.24
C TYR SA 238 57.40 39.93 42.06
N ASN SA 239 56.45 40.84 42.21
CA ASN SA 239 55.56 41.16 41.11
C ASN SA 239 56.30 41.78 39.93
N ALA SA 240 57.52 42.27 40.16
CA ALA SA 240 58.32 42.83 39.08
C ALA SA 240 59.32 41.82 38.51
N VAL SA 241 59.88 40.95 39.35
CA VAL SA 241 60.93 40.05 38.92
C VAL SA 241 60.45 38.60 38.81
N LYS SA 242 59.14 38.38 38.75
CA LYS SA 242 58.60 37.03 38.77
C LYS SA 242 58.54 36.37 37.40
N ASP SA 243 58.96 37.06 36.34
CA ASP SA 243 58.86 36.52 34.99
C ASP SA 243 60.12 35.82 34.50
N SER SA 244 61.30 36.32 34.84
CA SER SA 244 62.54 35.74 34.32
C SER SA 244 63.62 35.50 35.36
N TYR SA 245 63.41 35.88 36.62
CA TYR SA 245 64.41 35.68 37.67
C TYR SA 245 65.74 36.35 37.30
N GLN SA 246 65.65 37.55 36.75
CA GLN SA 246 66.83 38.34 36.40
C GLN SA 246 66.59 39.80 36.77
N PHE SA 247 67.68 40.51 37.05
CA PHE SA 247 67.54 41.93 37.38
C PHE SA 247 68.80 42.68 36.96
N THR SA 248 68.64 43.97 36.75
CA THR SA 248 69.72 44.83 36.28
C THR SA 248 70.16 45.76 37.40
N VAL SA 249 71.47 46.02 37.49
CA VAL SA 249 72.02 46.84 38.55
C VAL SA 249 73.27 47.53 38.05
N THR SA 250 73.54 48.72 38.58
CA THR SA 250 74.72 49.49 38.24
C THR SA 250 75.64 49.59 39.46
N LEU SA 251 76.93 49.64 39.21
CA LEU SA 251 77.96 49.65 40.25
C LEU SA 251 78.75 50.95 40.20
N THR SA 252 79.64 51.12 41.17
CA THR SA 252 80.47 52.31 41.27
C THR SA 252 81.78 51.94 41.94
N GLY SA 253 82.88 52.50 41.44
CA GLY SA 253 84.20 52.19 41.94
C GLY SA 253 85.05 51.35 41.01
N ALA SA 254 84.65 51.20 39.75
CA ALA SA 254 85.40 50.40 38.80
C ALA SA 254 86.54 51.23 38.20
N THR SA 255 87.28 50.62 37.29
CA THR SA 255 88.35 51.30 36.60
C THR SA 255 87.77 52.37 35.66
N ALA SA 256 88.60 53.37 35.35
CA ALA SA 256 88.17 54.55 34.60
C ALA SA 256 87.44 54.20 33.31
N SER SA 257 88.08 53.49 32.40
CA SER SA 257 87.46 53.14 31.13
C SER SA 257 88.10 51.85 30.62
N VAL SA 258 87.41 50.74 30.82
CA VAL SA 258 87.87 49.43 30.35
C VAL SA 258 86.74 48.79 29.55
N THR SA 259 87.07 48.33 28.34
CA THR SA 259 86.11 47.59 27.54
C THR SA 259 86.16 46.12 27.94
N GLY SA 260 85.00 45.46 27.90
CA GLY SA 260 84.90 44.09 28.37
C GLY SA 260 85.21 43.99 29.85
N PHE SA 261 84.69 44.92 30.64
CA PHE SA 261 84.97 44.93 32.07
C PHE SA 261 84.46 43.67 32.74
N LEU SA 262 83.21 43.29 32.46
CA LEU SA 262 82.63 42.06 32.98
C LEU SA 262 82.16 41.23 31.81
N LYS SA 263 82.57 39.96 31.79
CA LYS SA 263 82.22 39.06 30.70
C LYS SA 263 81.12 38.10 31.16
N ALA SA 264 80.54 37.39 30.20
CA ALA SA 264 79.49 36.43 30.51
C ALA SA 264 80.05 35.28 31.34
N GLY SA 265 79.26 34.84 32.32
CA GLY SA 265 79.65 33.75 33.19
C GLY SA 265 80.38 34.16 34.45
N ASP SA 266 80.71 35.44 34.61
CA ASP SA 266 81.34 35.89 35.83
C ASP SA 266 80.35 35.82 36.99
N GLN SA 267 80.89 35.70 38.20
CA GLN SA 267 80.09 35.55 39.40
C GLN SA 267 80.39 36.66 40.39
N VAL SA 268 79.34 37.29 40.91
CA VAL SA 268 79.46 38.36 41.90
C VAL SA 268 78.72 37.94 43.15
N LYS SA 269 79.37 38.10 44.30
CA LYS SA 269 78.78 37.79 45.59
C LYS SA 269 78.56 39.07 46.38
N PHE SA 270 77.42 39.15 47.05
CA PHE SA 270 77.04 40.30 47.87
C PHE SA 270 77.46 39.98 49.30
N THR SA 271 78.34 40.81 49.87
CA THR SA 271 79.01 40.42 51.11
C THR SA 271 78.04 40.35 52.29
N ASN SA 272 77.23 41.38 52.49
CA ASN SA 272 76.44 41.52 53.71
C ASN SA 272 74.98 41.09 53.52
N THR SA 273 74.72 40.10 52.67
CA THR SA 273 73.40 39.50 52.57
C THR SA 273 73.58 38.00 52.43
N TYR SA 274 72.58 37.24 52.88
CA TYR SA 274 72.73 35.81 53.07
C TYR SA 274 71.63 35.04 52.35
N TRP SA 275 71.93 33.80 52.00
CA TRP SA 275 70.93 32.90 51.45
C TRP SA 275 69.89 32.57 52.52
N LEU SA 276 68.77 31.99 52.08
CA LEU SA 276 67.66 31.68 52.96
C LEU SA 276 67.15 30.29 52.64
N GLN SA 277 66.97 29.47 53.68
CA GLN SA 277 66.31 28.19 53.51
C GLN SA 277 64.90 28.41 53.01
N GLN SA 278 64.61 27.94 51.79
CA GLN SA 278 63.46 28.43 51.06
C GLN SA 278 62.15 28.11 51.76
N GLN SA 279 62.02 26.89 52.30
CA GLN SA 279 60.73 26.50 52.87
C GLN SA 279 60.58 27.00 54.30
N THR SA 280 61.65 26.93 55.10
CA THR SA 280 61.58 27.35 56.48
C THR SA 280 61.89 28.83 56.68
N LYS SA 281 62.34 29.52 55.63
CA LYS SA 281 62.67 30.95 55.70
C LYS SA 281 63.67 31.25 56.81
N GLN SA 282 64.67 30.37 56.95
CA GLN SA 282 65.72 30.52 57.93
C GLN SA 282 67.05 30.72 57.22
N ALA SA 283 67.97 31.41 57.89
CA ALA SA 283 69.26 31.69 57.29
C ALA SA 283 70.12 30.42 57.27
N LEU SA 284 71.17 30.45 56.45
CA LEU SA 284 72.07 29.32 56.27
C LEU SA 284 73.45 29.66 56.82
N TYR SA 285 74.01 28.74 57.61
CA TYR SA 285 75.31 28.94 58.22
C TYR SA 285 76.20 27.72 57.98
N ASN SA 286 77.36 27.96 57.38
CA ASN SA 286 78.35 26.91 57.16
C ASN SA 286 79.32 26.89 58.35
N GLY SA 287 78.79 26.46 59.49
CA GLY SA 287 79.55 26.49 60.71
C GLY SA 287 79.39 27.80 61.44
N ALA SA 288 80.35 28.72 61.28
CA ALA SA 288 80.29 30.04 61.87
C ALA SA 288 80.34 31.14 60.82
N THR SA 289 80.34 30.77 59.54
CA THR SA 289 80.41 31.74 58.45
C THR SA 289 79.13 31.62 57.62
N PRO SA 290 78.24 32.61 57.67
CA PRO SA 290 77.00 32.52 56.88
C PRO SA 290 77.29 32.52 55.38
N ILE SA 291 76.43 31.83 54.63
CA ILE SA 291 76.54 31.75 53.18
C ILE SA 291 76.01 33.04 52.58
N SER SA 292 76.75 33.59 51.63
CA SER SA 292 76.42 34.87 51.03
C SER SA 292 75.76 34.68 49.68
N PHE SA 293 74.86 35.61 49.34
CA PHE SA 293 74.16 35.57 48.08
C PHE SA 293 75.12 35.76 46.91
N THR SA 294 74.91 35.00 45.85
CA THR SA 294 75.76 35.03 44.66
C THR SA 294 74.89 35.04 43.41
N ALA SA 295 75.43 35.63 42.34
CA ALA SA 295 74.71 35.69 41.08
C ALA SA 295 75.70 35.71 39.92
N THR SA 296 75.18 35.51 38.72
CA THR SA 296 75.99 35.32 37.51
C THR SA 296 75.61 36.37 36.46
N VAL SA 297 76.63 36.88 35.77
CA VAL SA 297 76.46 37.86 34.71
C VAL SA 297 75.95 37.15 33.46
N THR SA 298 75.09 37.83 32.69
CA THR SA 298 74.50 37.28 31.48
C THR SA 298 75.25 37.67 30.22
N ALA SA 299 75.52 38.96 30.01
CA ALA SA 299 76.18 39.43 28.80
C ALA SA 299 77.29 40.40 29.16
N ASP SA 300 78.11 40.74 28.16
CA ASP SA 300 79.27 41.59 28.38
C ASP SA 300 78.84 42.99 28.82
N ALA SA 301 79.68 43.63 29.62
CA ALA SA 301 79.46 44.98 30.08
C ALA SA 301 80.74 45.80 29.97
N ASN SA 302 80.57 47.11 29.84
CA ASN SA 302 81.69 48.02 29.71
C ASN SA 302 81.51 49.17 30.69
N SER SA 303 82.64 49.73 31.14
CA SER SA 303 82.66 50.80 32.13
C SER SA 303 82.97 52.12 31.46
N ASP SA 304 82.20 53.15 31.80
CA ASP SA 304 82.40 54.49 31.29
C ASP SA 304 83.17 55.33 32.31
N SER SA 305 83.42 56.59 31.95
CA SER SA 305 84.13 57.50 32.84
C SER SA 305 83.37 57.66 34.16
N GLY SA 306 84.11 57.62 35.26
CA GLY SA 306 83.52 57.66 36.58
C GLY SA 306 83.31 56.32 37.23
N GLY SA 307 83.73 55.24 36.60
CA GLY SA 307 83.60 53.91 37.19
C GLY SA 307 82.16 53.43 37.36
N ASP SA 308 81.33 53.64 36.34
CA ASP SA 308 79.94 53.21 36.36
C ASP SA 308 79.74 52.10 35.33
N VAL SA 309 79.22 50.97 35.78
CA VAL SA 309 78.98 49.82 34.92
C VAL SA 309 77.59 49.27 35.21
N THR SA 310 76.83 48.99 34.16
CA THR SA 310 75.49 48.43 34.28
C THR SA 310 75.52 46.98 33.81
N VAL SA 311 74.97 46.08 34.63
CA VAL SA 311 75.09 44.65 34.40
C VAL SA 311 73.78 43.95 34.75
N THR SA 312 73.45 42.93 33.97
CA THR SA 312 72.24 42.12 34.15
C THR SA 312 72.63 40.79 34.77
N LEU SA 313 71.93 40.41 35.84
CA LEU SA 313 72.27 39.24 36.63
C LEU SA 313 71.11 38.25 36.65
N SER SA 314 71.45 36.97 36.68
CA SER SA 314 70.51 35.88 36.80
C SER SA 314 70.50 35.36 38.24
N GLY SA 315 69.30 35.02 38.72
CA GLY SA 315 69.13 34.72 40.13
C GLY SA 315 68.93 36.00 40.90
N VAL SA 316 67.89 36.06 41.74
CA VAL SA 316 67.48 37.34 42.30
C VAL SA 316 67.27 37.25 43.80
N PRO SA 317 67.59 38.31 44.56
CA PRO SA 317 67.32 38.37 46.00
C PRO SA 317 65.94 38.95 46.30
N ILE SA 318 64.90 38.13 46.16
CA ILE SA 318 63.54 38.60 46.36
C ILE SA 318 63.32 38.92 47.82
N TYR SA 319 63.08 40.20 48.13
CA TYR SA 319 62.69 40.64 49.46
C TYR SA 319 61.53 41.61 49.29
N ASP SA 320 60.32 41.08 49.26
CA ASP SA 320 59.12 41.87 49.00
C ASP SA 320 58.35 42.04 50.30
N THR SA 321 58.05 43.29 50.66
CA THR SA 321 57.38 43.60 51.91
C THR SA 321 55.90 43.25 51.91
N THR SA 322 55.18 43.54 50.82
CA THR SA 322 53.75 43.24 50.78
C THR SA 322 53.45 41.79 50.50
N ASN SA 323 54.43 41.02 50.02
CA ASN SA 323 54.30 39.57 49.84
C ASN SA 323 55.53 38.91 50.43
N PRO SA 324 55.63 38.82 51.76
CA PRO SA 324 56.82 38.22 52.38
C PRO SA 324 56.96 36.74 52.08
N GLN SA 325 55.89 36.12 51.61
CA GLN SA 325 55.85 34.68 51.43
C GLN SA 325 56.84 34.17 50.37
N TYR SA 326 57.37 35.06 49.53
CA TYR SA 326 58.25 34.66 48.44
C TYR SA 326 59.69 35.07 48.67
N ASN SA 327 60.06 35.40 49.90
CA ASN SA 327 61.42 35.85 50.20
C ASN SA 327 62.42 34.74 49.96
N SER SA 328 63.60 35.11 49.46
CA SER SA 328 64.69 34.17 49.28
C SER SA 328 66.03 34.80 49.66
N VAL SA 329 66.02 35.71 50.63
CA VAL SA 329 67.23 36.41 51.03
C VAL SA 329 66.99 37.02 52.42
N SER SA 330 68.06 37.22 53.19
CA SER SA 330 67.92 37.69 54.56
C SER SA 330 67.47 39.15 54.61
N ARG SA 331 68.06 40.00 53.78
CA ARG SA 331 67.79 41.43 53.85
C ARG SA 331 67.86 42.05 52.46
N GLN SA 332 67.30 43.25 52.34
CA GLN SA 332 67.30 43.96 51.07
C GLN SA 332 68.71 44.43 50.71
N VAL SA 333 68.92 44.66 49.42
CA VAL SA 333 70.20 45.16 48.91
C VAL SA 333 70.06 46.67 48.75
N GLU SA 334 70.48 47.41 49.78
CA GLU SA 334 70.39 48.86 49.77
C GLU SA 334 71.59 49.46 49.04
N ALA SA 335 71.56 50.77 48.85
CA ALA SA 335 72.65 51.46 48.19
C ALA SA 335 73.89 51.46 49.07
N GLY SA 336 75.05 51.32 48.43
CA GLY SA 336 76.31 51.29 49.15
C GLY SA 336 76.72 49.94 49.69
N ASP SA 337 75.96 48.89 49.40
CA ASP SA 337 76.33 47.56 49.86
C ASP SA 337 77.58 47.07 49.15
N ALA SA 338 78.35 46.23 49.83
CA ALA SA 338 79.61 45.73 49.29
C ALA SA 338 79.36 44.49 48.44
N VAL SA 339 79.91 44.50 47.24
CA VAL SA 339 79.87 43.35 46.33
C VAL SA 339 81.30 43.05 45.90
N SER SA 340 81.51 41.81 45.45
CA SER SA 340 82.82 41.44 44.95
C SER SA 340 82.65 40.43 43.83
N VAL SA 341 83.70 40.28 43.02
CA VAL SA 341 83.70 39.39 41.88
C VAL SA 341 84.63 38.22 42.18
N VAL SA 342 84.10 37.01 42.11
CA VAL SA 342 84.89 35.82 42.44
C VAL SA 342 85.74 35.44 41.24
N GLY SA 343 87.05 35.33 41.47
CA GLY SA 343 87.95 34.89 40.42
C GLY SA 343 89.24 35.71 40.45
N THR SA 344 89.78 35.91 39.25
CA THR SA 344 91.05 36.62 39.07
C THR SA 344 90.86 37.61 37.94
N ALA SA 345 91.87 38.47 37.74
CA ALA SA 345 91.73 39.57 36.78
C ALA SA 345 91.46 39.06 35.38
N SER SA 346 92.29 38.14 34.88
CA SER SA 346 92.13 37.66 33.51
C SER SA 346 92.33 36.16 33.42
N GLN SA 347 92.02 35.43 34.49
CA GLN SA 347 92.19 33.99 34.49
C GLN SA 347 91.23 33.33 33.50
N THR SA 348 91.72 32.30 32.83
CA THR SA 348 90.90 31.46 31.96
C THR SA 348 91.01 30.01 32.43
N MET SA 349 89.88 29.32 32.45
CA MET SA 349 89.84 27.98 33.01
C MET SA 349 88.62 27.25 32.48
N LYS SA 350 88.58 25.95 32.75
CA LYS SA 350 87.43 25.11 32.41
C LYS SA 350 86.61 24.88 33.66
N PRO SA 351 85.42 25.46 33.77
CA PRO SA 351 84.68 25.38 35.04
C PRO SA 351 83.96 24.07 35.20
N ASN SA 352 84.11 23.47 36.39
CA ASN SA 352 83.31 22.31 36.76
C ASN SA 352 81.89 22.75 37.10
N LEU SA 353 80.94 21.84 36.91
CA LEU SA 353 79.54 22.19 37.05
C LEU SA 353 78.86 21.25 38.04
N PHE SA 354 77.79 21.75 38.67
CA PHE SA 354 76.93 20.90 39.49
C PHE SA 354 75.51 21.43 39.35
N TYR SA 355 74.53 20.53 39.37
CA TYR SA 355 73.16 20.94 39.09
C TYR SA 355 72.19 19.87 39.58
N ASN SA 356 70.92 20.22 39.55
CA ASN SA 356 69.82 19.29 39.81
C ASN SA 356 69.23 18.82 38.49
N LYS SA 357 68.37 17.81 38.58
CA LYS SA 357 67.72 17.28 37.38
C LYS SA 357 66.85 18.31 36.71
N PHE SA 358 66.11 19.10 37.50
CA PHE SA 358 65.15 20.07 37.00
C PHE SA 358 65.72 21.47 36.92
N PHE SA 359 67.02 21.60 36.61
CA PHE SA 359 67.63 22.91 36.44
C PHE SA 359 67.41 23.44 35.04
N CYS SA 360 67.88 22.72 34.03
CA CYS SA 360 67.70 23.09 32.64
C CYS SA 360 67.09 21.92 31.88
N GLY SA 361 66.46 22.25 30.75
CA GLY SA 361 65.82 21.25 29.92
C GLY SA 361 66.18 21.45 28.46
N LEU SA 362 66.32 20.32 27.76
CA LEU SA 362 66.73 20.28 26.37
C LEU SA 362 65.73 19.47 25.56
N GLY SA 363 65.43 19.95 24.37
CA GLY SA 363 64.57 19.22 23.45
C GLY SA 363 65.08 19.33 22.03
N SER SA 364 64.67 18.37 21.20
CA SER SA 364 65.05 18.33 19.79
C SER SA 364 63.77 18.31 18.97
N ILE SA 365 63.42 19.45 18.39
CA ILE SA 365 62.16 19.54 17.65
C ILE SA 365 62.30 18.77 16.34
N PRO SA 366 61.39 17.84 16.03
CA PRO SA 366 61.47 17.14 14.74
C PRO SA 366 61.12 18.06 13.60
N LEU SA 367 61.73 17.80 12.44
CA LEU SA 367 61.53 18.64 11.28
C LEU SA 367 60.69 17.91 10.23
N PRO SA 368 59.83 18.63 9.51
CA PRO SA 368 59.01 18.00 8.48
C PRO SA 368 59.75 17.90 7.15
N LYS SA 369 59.29 16.95 6.34
CA LYS SA 369 59.87 16.75 5.02
C LYS SA 369 59.45 17.88 4.08
N LEU SA 370 60.28 18.10 3.06
CA LEU SA 370 60.00 19.10 2.03
C LEU SA 370 59.35 18.43 0.82
N HIS SA 371 58.71 19.25 -0.01
CA HIS SA 371 57.83 18.75 -1.06
C HIS SA 371 58.65 18.13 -2.18
N SER SA 372 58.56 16.80 -2.31
CA SER SA 372 59.15 16.04 -3.41
C SER SA 372 60.67 16.23 -3.47
N ILE SA 373 61.31 15.94 -2.34
CA ILE SA 373 62.76 15.93 -2.23
C ILE SA 373 63.16 14.69 -1.47
N ASP SA 374 64.07 13.91 -2.05
CA ASP SA 374 64.52 12.68 -1.40
C ASP SA 374 65.15 12.98 -0.05
N SER SA 375 64.78 12.20 0.96
CA SER SA 375 65.22 12.46 2.31
C SER SA 375 65.30 11.15 3.07
N ALA SA 376 65.96 11.20 4.22
CA ALA SA 376 66.10 10.05 5.10
C ALA SA 376 66.33 10.56 6.52
N VAL SA 377 66.30 9.64 7.47
CA VAL SA 377 66.49 9.94 8.88
C VAL SA 377 67.60 9.07 9.43
N ALA SA 378 68.51 9.68 10.18
CA ALA SA 378 69.62 8.98 10.82
C ALA SA 378 69.51 9.17 12.33
N THR SA 379 70.07 8.22 13.07
CA THR SA 379 70.00 8.25 14.51
C THR SA 379 71.40 8.18 15.11
N TYR SA 380 71.58 8.93 16.20
CA TYR SA 380 72.85 8.92 16.93
C TYR SA 380 72.58 9.33 18.37
N GLU SA 381 72.85 8.41 19.30
CA GLU SA 381 72.69 8.65 20.73
C GLU SA 381 71.28 9.15 21.05
N GLY SA 382 70.29 8.53 20.41
CA GLY SA 382 68.91 8.91 20.66
C GLY SA 382 68.50 10.23 20.05
N PHE SA 383 69.28 10.77 19.12
CA PHE SA 383 68.93 11.99 18.41
C PHE SA 383 68.71 11.68 16.94
N SER SA 384 67.63 12.20 16.38
CA SER SA 384 67.25 11.95 15.00
C SER SA 384 67.58 13.17 14.14
N ILE SA 385 68.29 12.94 13.04
CA ILE SA 385 68.74 13.98 12.14
C ILE SA 385 68.18 13.71 10.76
N ARG SA 386 67.58 14.73 10.15
CA ARG SA 386 66.97 14.62 8.83
C ARG SA 386 67.97 15.04 7.77
N VAL SA 387 68.15 14.18 6.76
CA VAL SA 387 69.05 14.44 5.64
C VAL SA 387 68.23 14.58 4.38
N HIS SA 388 68.47 15.67 3.64
CA HIS SA 388 67.82 15.95 2.37
C HIS SA 388 68.87 15.91 1.28
N LYS SA 389 68.61 15.14 0.22
CA LYS SA 389 69.49 15.05 -0.93
C LYS SA 389 68.77 15.61 -2.14
N TYR SA 390 69.39 16.57 -2.81
CA TYR SA 390 68.80 17.17 -4.00
C TYR SA 390 69.92 17.56 -4.95
N ALA SA 391 69.54 18.18 -6.06
CA ALA SA 391 70.50 18.49 -7.10
C ALA SA 391 70.07 19.70 -7.91
N ASP SA 392 71.06 20.47 -8.35
CA ASP SA 392 70.86 21.52 -9.34
C ASP SA 392 71.15 20.93 -10.72
N GLY SA 393 70.18 21.05 -11.62
CA GLY SA 393 70.21 20.37 -12.90
C GLY SA 393 71.11 21.01 -13.94
N ASP SA 394 70.92 22.30 -14.21
CA ASP SA 394 71.72 22.96 -15.23
C ASP SA 394 73.20 22.94 -14.86
N ALA SA 395 73.52 23.24 -13.60
CA ALA SA 395 74.89 23.15 -13.13
C ALA SA 395 75.37 21.72 -12.95
N ASN SA 396 74.43 20.76 -12.91
CA ASN SA 396 74.75 19.34 -12.80
C ASN SA 396 75.57 19.06 -11.54
N VAL SA 397 75.00 19.47 -10.40
CA VAL SA 397 75.65 19.34 -9.10
C VAL SA 397 74.68 18.66 -8.14
N GLN SA 398 75.20 17.77 -7.30
CA GLN SA 398 74.39 17.08 -6.30
C GLN SA 398 74.81 17.51 -4.90
N LYS SA 399 73.85 17.89 -4.07
CA LYS SA 399 74.15 18.38 -2.74
C LYS SA 399 73.23 17.74 -1.70
N MET SA 400 73.79 17.49 -0.52
CA MET SA 400 73.08 16.96 0.63
C MET SA 400 73.18 17.93 1.80
N ARG SA 401 72.18 17.87 2.67
CA ARG SA 401 72.17 18.69 3.87
C ARG SA 401 71.57 17.90 5.03
N PHE SA 402 72.21 18.00 6.19
CA PHE SA 402 71.74 17.40 7.43
C PHE SA 402 71.32 18.52 8.36
N ASP SA 403 70.12 18.40 8.92
CA ASP SA 403 69.51 19.48 9.69
C ASP SA 403 69.11 19.00 11.08
N LEU SA 404 69.17 19.91 12.04
CA LEU SA 404 68.67 19.63 13.38
C LEU SA 404 68.21 20.93 14.03
N LEU SA 405 67.23 20.83 14.92
CA LEU SA 405 66.65 21.99 15.59
C LEU SA 405 66.60 21.75 17.10
N PRO SA 406 67.43 22.45 17.89
CA PRO SA 406 67.38 22.29 19.34
C PRO SA 406 66.49 23.31 20.03
N ALA SA 407 66.19 23.08 21.30
CA ALA SA 407 65.39 24.01 22.10
C ALA SA 407 65.85 23.91 23.55
N TYR SA 408 66.05 25.07 24.18
CA TYR SA 408 66.62 25.16 25.51
C TYR SA 408 65.62 25.84 26.46
N VAL SA 409 65.65 25.43 27.73
CA VAL SA 409 64.84 26.07 28.75
C VAL SA 409 65.58 26.02 30.07
N CYS SA 410 65.37 27.06 30.90
CA CYS SA 410 65.96 27.15 32.24
C CYS SA 410 64.83 27.24 33.24
N PHE SA 411 64.53 26.13 33.92
CA PHE SA 411 63.37 26.09 34.80
C PHE SA 411 63.58 26.98 36.03
N ASN SA 412 64.73 26.85 36.68
CA ASN SA 412 65.00 27.61 37.90
C ASN SA 412 66.50 27.83 38.05
N PRO SA 413 66.94 29.10 38.10
CA PRO SA 413 68.38 29.35 38.26
C PRO SA 413 68.96 28.88 39.57
N HIS SA 414 68.14 28.66 40.61
CA HIS SA 414 68.64 28.36 41.94
C HIS SA 414 68.91 26.88 42.17
N MET SA 415 69.11 26.10 41.11
CA MET SA 415 69.35 24.67 41.25
C MET SA 415 70.55 24.22 40.42
N GLY SA 416 71.57 25.05 40.35
CA GLY SA 416 72.77 24.70 39.63
C GLY SA 416 73.78 25.83 39.68
N GLY SA 417 75.00 25.50 39.26
CA GLY SA 417 76.06 26.49 39.26
C GLY SA 417 77.42 25.83 39.05
N GLN SA 418 78.46 26.62 39.31
CA GLN SA 418 79.84 26.17 39.15
C GLN SA 418 80.48 26.05 40.52
N PHE SA 419 81.26 24.98 40.72
CA PHE SA 419 81.94 24.72 41.98
C PHE SA 419 83.42 24.49 41.72
N PHE SA 420 84.25 25.08 42.58
CA PHE SA 420 85.69 24.92 42.51
C PHE SA 420 86.22 24.56 43.89
N GLY SA 421 87.46 24.09 43.93
CA GLY SA 421 88.09 23.78 45.19
C GLY SA 421 88.29 25.00 46.06
N ASN SA 422 87.75 24.98 47.27
CA ASN SA 422 87.96 26.09 48.18
C ASN SA 422 89.34 25.99 48.83
N PRO SA 423 89.97 27.12 49.14
CA PRO SA 423 91.29 27.12 49.80
C PRO SA 423 91.22 26.61 51.24
N THR TA 3 -4.72 76.46 49.74
CA THR TA 3 -5.07 76.76 48.36
C THR TA 3 -6.23 75.92 47.88
N VAL TA 4 -7.30 76.58 47.46
CA VAL TA 4 -8.50 75.93 46.95
C VAL TA 4 -8.83 76.53 45.59
N LEU TA 5 -9.00 75.66 44.59
CA LEU TA 5 -9.32 76.12 43.25
C LEU TA 5 -10.73 76.68 43.20
N THR TA 6 -10.93 77.70 42.35
CA THR TA 6 -12.22 78.34 42.19
C THR TA 6 -12.52 78.51 40.71
N LYS TA 7 -13.82 78.59 40.41
CA LYS TA 7 -14.26 78.79 39.04
C LYS TA 7 -13.71 80.08 38.46
N GLY TA 8 -13.71 81.15 39.26
CA GLY TA 8 -13.13 82.40 38.81
C GLY TA 8 -11.66 82.27 38.49
N GLU TA 9 -10.91 81.55 39.33
CA GLU TA 9 -9.49 81.34 39.06
C GLU TA 9 -9.27 80.57 37.77
N ILE TA 10 -10.09 79.54 37.53
CA ILE TA 10 -9.96 78.77 36.28
C ILE TA 10 -10.27 79.66 35.08
N VAL TA 11 -11.32 80.48 35.17
CA VAL TA 11 -11.68 81.33 34.04
C VAL TA 11 -10.59 82.37 33.78
N LEU TA 12 -10.03 82.95 34.84
CA LEU TA 12 -8.95 83.91 34.67
C LEU TA 12 -7.71 83.26 34.07
N PHE TA 13 -7.41 82.03 34.48
CA PHE TA 13 -6.28 81.31 33.89
C PHE TA 13 -6.51 81.09 32.40
N ALA TA 14 -7.72 80.66 32.03
CA ALA TA 14 -8.02 80.42 30.63
C ALA TA 14 -7.93 81.70 29.81
N LEU TA 15 -8.39 82.82 30.38
CA LEU TA 15 -8.29 84.09 29.68
C LEU TA 15 -6.85 84.54 29.52
N ARG TA 16 -6.03 84.33 30.56
CA ARG TA 16 -4.65 84.79 30.51
C ARG TA 16 -3.80 83.97 29.54
N LYS TA 17 -4.03 82.65 29.49
CA LYS TA 17 -3.14 81.77 28.75
C LYS TA 17 -3.06 82.08 27.26
N PHE TA 18 -4.04 82.79 26.70
CA PHE TA 18 -3.98 83.17 25.31
C PHE TA 18 -3.89 84.69 25.15
N ALA TA 19 -3.58 85.40 26.25
CA ALA TA 19 -3.25 86.82 26.26
C ALA TA 19 -4.44 87.71 25.89
N ILE TA 20 -5.67 87.24 26.08
CA ILE TA 20 -6.82 88.11 25.88
C ILE TA 20 -6.90 89.15 26.99
N ALA TA 21 -6.72 88.73 28.24
CA ALA TA 21 -6.76 89.64 29.37
C ALA TA 21 -5.88 89.09 30.49
N SER TA 22 -5.17 89.98 31.16
CA SER TA 22 -4.26 89.57 32.24
C SER TA 22 -4.05 90.75 33.18
N ASN TA 23 -3.32 90.48 34.27
CA ASN TA 23 -3.03 91.53 35.23
C ASN TA 23 -2.15 92.62 34.64
N ALA TA 24 -1.16 92.24 33.84
CA ALA TA 24 -0.22 93.21 33.29
C ALA TA 24 -0.81 94.05 32.17
N SER TA 25 -1.92 93.60 31.58
CA SER TA 25 -2.50 94.30 30.44
C SER TA 25 -3.05 95.67 30.86
N LEU TA 26 -2.99 96.62 29.94
CA LEU TA 26 -3.53 97.95 30.16
C LEU TA 26 -5.00 98.06 29.76
N THR TA 27 -5.60 96.99 29.24
CA THR TA 27 -7.01 96.95 28.89
C THR TA 27 -7.61 95.68 29.46
N ASP TA 28 -8.81 95.80 30.02
CA ASP TA 28 -9.43 94.71 30.75
C ASP TA 28 -10.88 94.57 30.32
N VAL TA 29 -11.43 93.36 30.50
CA VAL TA 29 -12.74 92.99 29.95
C VAL TA 29 -13.81 93.12 31.02
N GLU TA 30 -15.04 93.39 30.57
CA GLU TA 30 -16.13 93.65 31.49
C GLU TA 30 -16.54 92.37 32.22
N PRO TA 31 -17.15 92.50 33.41
CA PRO TA 31 -17.58 91.30 34.15
C PRO TA 31 -18.64 90.48 33.43
N GLN TA 32 -19.32 91.06 32.44
CA GLN TA 32 -20.22 90.27 31.62
C GLN TA 32 -19.49 89.10 30.95
N SER TA 33 -18.29 89.37 30.42
CA SER TA 33 -17.50 88.30 29.82
C SER TA 33 -17.09 87.26 30.86
N ILE TA 34 -16.76 87.70 32.07
CA ILE TA 34 -16.34 86.77 33.12
C ILE TA 34 -17.50 85.85 33.49
N GLU TA 35 -18.70 86.41 33.65
CA GLU TA 35 -19.83 85.57 34.04
C GLU TA 35 -20.27 84.67 32.89
N ASP TA 36 -20.14 85.13 31.65
CA ASP TA 36 -20.38 84.24 30.52
C ASP TA 36 -19.39 83.09 30.52
N GLY TA 37 -18.12 83.37 30.85
CA GLY TA 37 -17.13 82.31 30.92
C GLY TA 37 -17.42 81.30 32.01
N VAL TA 38 -17.84 81.78 33.18
CA VAL TA 38 -18.14 80.86 34.28
C VAL TA 38 -19.38 80.04 33.95
N ASN TA 39 -20.36 80.63 33.25
CA ASN TA 39 -21.50 79.86 32.79
C ASN TA 39 -21.07 78.78 31.80
N ASP TA 40 -20.18 79.13 30.87
CA ASP TA 40 -19.68 78.14 29.92
C ASP TA 40 -18.98 77.01 30.64
N LEU TA 41 -18.17 77.34 31.66
CA LEU TA 41 -17.53 76.31 32.46
C LEU TA 41 -18.56 75.40 33.12
N GLU TA 42 -19.61 76.00 33.70
CA GLU TA 42 -20.61 75.20 34.39
C GLU TA 42 -21.30 74.22 33.44
N ASP TA 43 -21.75 74.71 32.28
CA ASP TA 43 -22.41 73.80 31.35
C ASP TA 43 -21.46 72.76 30.78
N MET TA 44 -20.22 73.14 30.47
CA MET TA 44 -19.26 72.16 29.95
C MET TA 44 -18.99 71.07 30.97
N MET TA 45 -18.80 71.43 32.24
CA MET TA 45 -18.48 70.43 33.23
C MET TA 45 -19.71 69.59 33.60
N SER TA 46 -20.91 70.16 33.47
CA SER TA 46 -22.11 69.34 33.64
C SER TA 46 -22.26 68.35 32.51
N GLU TA 47 -21.90 68.76 31.29
CA GLU TA 47 -21.92 67.84 30.15
C GLU TA 47 -20.84 66.78 30.27
N TRP TA 48 -19.73 67.10 30.93
CA TRP TA 48 -18.64 66.14 31.17
C TRP TA 48 -19.03 64.98 32.06
N MET TA 49 -20.29 64.90 32.52
CA MET TA 49 -20.70 63.83 33.42
C MET TA 49 -20.90 62.49 32.72
N ILE TA 50 -20.82 62.45 31.40
CA ILE TA 50 -21.15 61.25 30.63
C ILE TA 50 -19.92 60.64 29.96
N ASN TA 51 -19.21 61.42 29.14
CA ASN TA 51 -18.12 60.84 28.38
C ASN TA 51 -16.87 60.62 29.23
N PRO TA 52 -16.27 61.66 29.85
CA PRO TA 52 -15.04 61.42 30.61
C PRO TA 52 -15.30 60.78 31.97
N GLY TA 53 -16.43 61.10 32.58
CA GLY TA 53 -16.79 60.55 33.87
C GLY TA 53 -16.97 61.64 34.92
N ASP TA 54 -16.80 61.23 36.17
CA ASP TA 54 -16.93 62.12 37.32
C ASP TA 54 -15.54 62.43 37.87
N ILE TA 55 -15.26 63.72 38.11
CA ILE TA 55 -13.97 64.17 38.61
C ILE TA 55 -14.11 64.96 39.90
N GLY TA 56 -15.30 64.98 40.50
CA GLY TA 56 -15.49 65.63 41.78
C GLY TA 56 -15.98 67.06 41.72
N TYR TA 57 -16.42 67.53 40.56
CA TYR TA 57 -16.89 68.91 40.43
C TYR TA 57 -18.16 69.12 41.22
N ALA TA 58 -18.30 70.31 41.81
CA ALA TA 58 -19.46 70.67 42.61
C ALA TA 58 -20.32 71.66 41.82
N PHE TA 59 -21.60 71.34 41.67
CA PHE TA 59 -22.52 72.12 40.88
C PHE TA 59 -23.35 73.06 41.76
N ALA TA 60 -24.06 73.97 41.10
CA ALA TA 60 -24.95 74.87 41.82
C ALA TA 60 -26.11 74.11 42.44
N THR TA 61 -26.48 74.49 43.66
CA THR TA 61 -27.50 73.78 44.42
C THR TA 61 -28.88 74.22 43.91
N GLY TA 62 -29.29 73.63 42.78
CA GLY TA 62 -30.62 73.86 42.26
C GLY TA 62 -30.88 75.27 41.76
N ASP TA 63 -31.69 76.02 42.52
CA ASP TA 63 -32.14 77.33 42.07
C ASP TA 63 -30.99 78.30 41.91
N GLU TA 64 -30.03 78.27 42.82
CA GLU TA 64 -28.97 79.28 42.83
C GLU TA 64 -28.13 79.23 41.55
N GLN TA 65 -27.75 80.41 41.07
CA GLN TA 65 -26.86 80.52 39.93
C GLN TA 65 -25.41 80.35 40.36
N PRO TA 66 -24.54 79.93 39.44
CA PRO TA 66 -23.11 79.85 39.78
C PRO TA 66 -22.49 81.23 39.91
N LEU TA 67 -21.61 81.38 40.89
CA LEU TA 67 -20.85 82.60 41.10
C LEU TA 67 -19.36 82.28 41.10
N PRO TA 68 -18.53 83.17 40.55
CA PRO TA 68 -17.10 82.88 40.45
C PRO TA 68 -16.42 82.69 41.80
N ASP TA 69 -16.91 83.34 42.85
CA ASP TA 69 -16.21 83.31 44.13
C ASP TA 69 -16.32 81.96 44.84
N ASP TA 70 -17.28 81.13 44.45
CA ASP TA 70 -17.44 79.83 45.09
C ASP TA 70 -16.37 78.85 44.59
N GLU TA 71 -16.19 77.77 45.35
CA GLU TA 71 -15.16 76.78 45.08
C GLU TA 71 -15.73 75.61 44.29
N SER TA 72 -15.00 75.20 43.25
CA SER TA 72 -15.43 74.07 42.43
C SER TA 72 -15.16 72.73 43.12
N GLY TA 73 -14.09 72.65 43.90
CA GLY TA 73 -13.72 71.42 44.56
C GLY TA 73 -12.75 70.53 43.79
N LEU TA 74 -12.37 70.92 42.57
CA LEU TA 74 -11.42 70.13 41.81
C LEU TA 74 -10.03 70.22 42.43
N PRO TA 75 -9.22 69.17 42.30
CA PRO TA 75 -7.83 69.24 42.74
C PRO TA 75 -7.01 70.13 41.82
N ARG TA 76 -5.77 70.39 42.24
CA ARG TA 76 -4.89 71.25 41.45
C ARG TA 76 -4.45 70.55 40.16
N LYS TA 77 -4.54 69.22 40.12
CA LYS TA 77 -4.06 68.48 38.96
C LYS TA 77 -4.86 68.78 37.71
N TYR TA 78 -6.18 68.90 37.84
CA TYR TA 78 -7.04 69.02 36.65
C TYR TA 78 -7.19 70.45 36.18
N LYS TA 79 -6.49 71.40 36.81
CA LYS TA 79 -6.68 72.82 36.49
C LYS TA 79 -6.30 73.12 35.04
N HIS TA 80 -5.13 72.65 34.61
CA HIS TA 80 -4.70 72.91 33.24
C HIS TA 80 -5.63 72.26 32.22
N ALA TA 81 -6.06 71.03 32.49
CA ALA TA 81 -6.98 70.36 31.58
C ALA TA 81 -8.26 71.16 31.42
N VAL TA 82 -8.88 71.52 32.55
CA VAL TA 82 -10.14 72.24 32.50
C VAL TA 82 -9.96 73.59 31.82
N GLY TA 83 -8.88 74.30 32.16
CA GLY TA 83 -8.65 75.61 31.58
C GLY TA 83 -8.41 75.56 30.08
N TYR TA 84 -7.65 74.56 29.63
CA TYR TA 84 -7.37 74.45 28.20
C TYR TA 84 -8.64 74.08 27.43
N GLN TA 85 -9.46 73.19 27.98
CA GLN TA 85 -10.72 72.87 27.30
C GLN TA 85 -11.63 74.10 27.24
N LEU TA 86 -11.70 74.87 28.33
CA LEU TA 86 -12.49 76.08 28.33
C LEU TA 86 -11.96 77.10 27.33
N LEU TA 87 -10.63 77.20 27.21
CA LEU TA 87 -10.02 78.08 26.23
C LEU TA 87 -10.42 77.67 24.81
N LEU TA 88 -10.34 76.38 24.51
CA LEU TA 88 -10.72 75.90 23.19
C LEU TA 88 -12.19 76.13 22.89
N ARG TA 89 -13.05 76.03 23.90
CA ARG TA 89 -14.48 76.29 23.72
C ARG TA 89 -14.82 77.78 23.69
N MET TA 90 -13.93 78.64 24.18
CA MET TA 90 -14.22 80.06 24.28
C MET TA 90 -13.53 80.94 23.25
N LEU TA 91 -12.50 80.45 22.55
CA LEU TA 91 -11.83 81.29 21.55
C LEU TA 91 -12.80 81.74 20.46
N SER TA 92 -13.74 80.88 20.08
CA SER TA 92 -14.70 81.24 19.04
C SER TA 92 -15.54 82.45 19.42
N ASP TA 93 -15.74 82.70 20.73
CA ASP TA 93 -16.50 83.86 21.16
C ASP TA 93 -15.83 85.15 20.73
N TYR TA 94 -14.50 85.21 20.86
CA TYR TA 94 -13.72 86.35 20.41
C TYR TA 94 -13.25 86.19 18.97
N SER TA 95 -13.62 85.10 18.30
CA SER TA 95 -13.35 84.89 16.89
C SER TA 95 -11.85 84.85 16.61
N LEU TA 96 -11.20 83.86 17.22
CA LEU TA 96 -9.75 83.67 17.08
C LEU TA 96 -9.49 82.21 16.70
N GLU TA 97 -8.22 81.87 16.56
CA GLU TA 97 -7.81 80.55 16.11
C GLU TA 97 -6.71 80.03 17.03
N PRO TA 98 -6.91 78.87 17.65
CA PRO TA 98 -5.84 78.30 18.49
C PRO TA 98 -4.62 77.91 17.69
N THR TA 99 -3.46 78.02 18.33
CA THR TA 99 -2.19 77.69 17.70
C THR TA 99 -1.86 76.22 17.89
N PRO TA 100 -1.02 75.66 17.01
CA PRO TA 100 -0.64 74.24 17.16
C PRO TA 100 -0.01 73.92 18.50
N GLN TA 101 0.80 74.81 19.05
CA GLN TA 101 1.38 74.55 20.36
C GLN TA 101 0.32 74.46 21.45
N VAL TA 102 -0.68 75.36 21.38
CA VAL TA 102 -1.79 75.31 22.34
C VAL TA 102 -2.56 74.00 22.18
N LEU TA 103 -2.80 73.58 20.94
CA LEU TA 103 -3.49 72.32 20.70
C LEU TA 103 -2.71 71.15 21.29
N SER TA 104 -1.40 71.13 21.09
CA SER TA 104 -0.58 70.03 21.60
C SER TA 104 -0.58 70.01 23.13
N ASN TA 105 -0.47 71.18 23.76
CA ASN TA 105 -0.48 71.23 25.22
C ASN TA 105 -1.82 70.76 25.77
N ALA TA 106 -2.92 71.20 25.15
CA ALA TA 106 -4.24 70.76 25.59
C ALA TA 106 -4.40 69.25 25.43
N GLN TA 107 -3.90 68.71 24.31
CA GLN TA 107 -3.97 67.26 24.11
C GLN TA 107 -3.18 66.51 25.16
N ARG TA 108 -1.98 66.99 25.49
CA ARG TA 108 -1.16 66.32 26.49
C ARG TA 108 -1.85 66.32 27.85
N SER TA 109 -2.40 67.47 28.26
CA SER TA 109 -3.04 67.55 29.56
C SER TA 109 -4.32 66.71 29.60
N TYR TA 110 -5.07 66.69 28.49
CA TYR TA 110 -6.26 65.85 28.43
C TYR TA 110 -5.91 64.38 28.49
N ASP TA 111 -4.78 63.99 27.88
CA ASP TA 111 -4.32 62.61 28.01
C ASP TA 111 -3.95 62.29 29.45
N ALA TA 112 -3.35 63.25 30.15
CA ALA TA 112 -3.08 63.05 31.57
C ALA TA 112 -4.38 62.84 32.35
N LEU TA 113 -5.42 63.62 32.03
CA LEU TA 113 -6.71 63.45 32.69
C LEU TA 113 -7.29 62.07 32.44
N MET TA 114 -7.21 61.59 31.20
CA MET TA 114 -7.65 60.23 30.88
C MET TA 114 -6.82 59.19 31.62
N THR TA 115 -5.51 59.42 31.75
CA THR TA 115 -4.66 58.49 32.49
C THR TA 115 -5.10 58.40 33.94
N ASP TA 116 -5.44 59.54 34.55
CA ASP TA 116 -5.95 59.51 35.93
C ASP TA 116 -7.28 58.78 36.02
N THR TA 117 -8.21 59.05 35.11
CA THR TA 117 -9.55 58.52 35.23
C THR TA 117 -9.68 57.06 34.80
N LEU TA 118 -8.73 56.56 34.01
CA LEU TA 118 -8.89 55.26 33.35
C LEU TA 118 -9.06 54.12 34.35
N VAL TA 119 -10.04 53.27 34.09
CA VAL TA 119 -10.20 52.00 34.78
C VAL TA 119 -10.71 50.98 33.77
N VAL TA 120 -10.17 49.76 33.84
CA VAL TA 120 -10.54 48.71 32.89
C VAL TA 120 -11.28 47.60 33.61
N PRO TA 121 -12.32 47.02 33.01
CA PRO TA 121 -13.06 45.96 33.68
C PRO TA 121 -12.43 44.59 33.45
N SER TA 122 -12.97 43.61 34.17
CA SER TA 122 -12.56 42.22 34.04
C SER TA 122 -13.78 41.38 33.69
N MET TA 123 -13.62 40.46 32.75
CA MET TA 123 -14.73 39.62 32.30
C MET TA 123 -14.88 38.45 33.23
N ARG TA 124 -16.01 38.39 33.94
CA ARG TA 124 -16.29 37.28 34.84
C ARG TA 124 -16.64 36.03 34.04
N ARG TA 125 -16.68 34.90 34.74
CA ARG TA 125 -17.04 33.65 34.09
C ARG TA 125 -18.51 33.66 33.70
N ARG TA 126 -18.84 32.83 32.71
CA ARG TA 126 -20.15 32.94 32.06
C ARG TA 126 -21.29 32.67 33.04
N GLY TA 127 -21.14 31.65 33.88
CA GLY TA 127 -22.18 31.27 34.83
C GLY TA 127 -22.63 29.83 34.70
N ASP TA 128 -22.38 29.19 33.55
CA ASP TA 128 -22.58 27.76 33.39
C ASP TA 128 -21.25 27.03 33.21
N PHE TA 129 -20.15 27.67 33.58
CA PHE TA 129 -18.82 27.07 33.46
C PHE TA 129 -18.54 26.19 34.67
N PRO TA 130 -18.20 24.93 34.47
CA PRO TA 130 -17.90 24.05 35.61
C PRO TA 130 -16.71 24.56 36.41
N VAL TA 131 -16.74 24.30 37.71
CA VAL TA 131 -15.68 24.78 38.59
C VAL TA 131 -14.51 23.79 38.66
N GLY TA 132 -14.76 22.52 38.43
CA GLY TA 132 -13.71 21.52 38.44
C GLY TA 132 -13.66 20.76 39.76
N GLN TA 133 -13.28 19.48 39.68
CA GLN TA 133 -13.20 18.65 40.86
C GLN TA 133 -12.06 19.05 41.78
N GLY TA 134 -11.06 19.78 41.27
CA GLY TA 134 -9.92 20.17 42.06
C GLY TA 134 -10.16 21.32 43.01
N ASN TA 135 -11.31 21.97 42.93
CA ASN TA 135 -11.65 23.06 43.84
C ASN TA 135 -12.43 22.59 45.06
N LYS TA 136 -12.65 21.28 45.19
CA LYS TA 136 -13.38 20.70 46.32
C LYS TA 136 -14.76 21.35 46.46
N TYR TA 137 -15.57 21.16 45.42
CA TYR TA 137 -16.93 21.70 45.43
C TYR TA 137 -17.87 20.86 46.29
N ASP TA 138 -17.42 19.70 46.77
CA ASP TA 138 -18.24 18.93 47.69
C ASP TA 138 -18.21 19.51 49.10
N VAL TA 139 -17.04 19.98 49.56
CA VAL TA 139 -16.87 20.41 50.94
C VAL TA 139 -16.39 21.85 51.04
N PHE TA 140 -15.38 22.24 50.27
CA PHE TA 140 -14.76 23.55 50.50
C PHE TA 140 -15.58 24.66 49.88
N THR TA 141 -16.14 24.44 48.69
CA THR TA 141 -16.94 25.43 47.99
C THR TA 141 -18.31 24.84 47.71
N SER TA 142 -19.36 25.66 47.87
CA SER TA 142 -20.71 25.18 47.65
C SER TA 142 -21.14 25.23 46.19
N ASP TA 143 -20.29 25.77 45.30
CA ASP TA 143 -20.64 25.95 43.91
C ASP TA 143 -20.07 24.83 43.07
N ARG TA 144 -20.90 24.24 42.22
CA ARG TA 144 -20.41 23.42 41.12
C ARG TA 144 -20.19 24.22 39.85
N TYR TA 145 -20.78 25.42 39.76
CA TYR TA 145 -20.57 26.30 38.62
C TYR TA 145 -20.38 27.72 39.14
N TYR TA 146 -19.68 28.52 38.34
CA TYR TA 146 -19.33 29.87 38.77
C TYR TA 146 -20.58 30.74 38.89
N PRO TA 147 -20.63 31.65 39.87
CA PRO TA 147 -21.84 32.47 40.04
C PRO TA 147 -22.16 33.37 38.86
N GLY TA 148 -21.15 33.93 38.20
CA GLY TA 148 -21.38 34.87 37.13
C GLY TA 148 -21.36 36.31 37.61
N ASP TA 149 -21.82 37.20 36.73
CA ASP TA 149 -21.87 38.62 37.07
C ASP TA 149 -22.87 38.88 38.19
N LEU TA 150 -22.60 39.89 39.00
CA LEU TA 150 -23.45 40.21 40.14
C LEU TA 150 -24.33 41.43 39.85
N PRO UA 2 53.12 16.28 107.99
CA PRO UA 2 51.89 16.47 107.21
C PRO UA 2 52.06 16.09 105.75
N ASN UA 3 51.03 15.46 105.18
CA ASN UA 3 51.05 15.05 103.78
C ASN UA 3 50.30 16.06 102.94
N ASN UA 4 50.93 16.56 101.88
CA ASN UA 4 50.32 17.49 100.93
C ASN UA 4 50.23 16.76 99.60
N LEU UA 5 49.11 16.07 99.39
CA LEU UA 5 48.94 15.20 98.23
C LEU UA 5 47.62 15.50 97.51
N ASP UA 6 47.29 16.79 97.42
CA ASP UA 6 46.10 17.21 96.68
C ASP UA 6 46.21 16.97 95.18
N SER UA 7 47.41 16.72 94.67
CA SER UA 7 47.63 16.49 93.25
C SER UA 7 47.44 15.02 92.86
N ASN UA 8 47.18 14.15 93.83
CA ASN UA 8 46.92 12.75 93.56
C ASN UA 8 45.47 12.47 93.19
N VAL UA 9 44.61 13.47 93.26
CA VAL UA 9 43.18 13.30 93.05
C VAL UA 9 42.68 14.44 92.16
N SER UA 10 41.54 14.20 91.51
CA SER UA 10 41.00 15.14 90.53
C SER UA 10 39.57 15.50 90.90
N GLN UA 11 39.16 16.69 90.48
CA GLN UA 11 37.80 17.18 90.69
C GLN UA 11 36.91 16.66 89.57
N ILE UA 12 35.93 15.83 89.92
CA ILE UA 12 35.09 15.14 88.95
C ILE UA 12 33.70 15.73 89.00
N VAL UA 13 33.14 16.05 87.83
CA VAL UA 13 31.76 16.47 87.69
C VAL UA 13 31.00 15.36 86.97
N LEU UA 14 30.03 14.78 87.64
CA LEU UA 14 29.30 13.65 87.09
C LEU UA 14 28.39 14.09 85.94
N LYS UA 15 28.01 13.12 85.12
CA LYS UA 15 27.15 13.36 83.96
C LYS UA 15 25.69 13.13 84.33
N LYS UA 16 25.23 13.89 85.32
CA LYS UA 16 23.86 13.81 85.79
C LYS UA 16 23.26 15.22 85.84
N PHE UA 17 22.01 15.33 85.40
CA PHE UA 17 21.29 16.60 85.42
C PHE UA 17 20.18 16.53 86.45
N LEU UA 18 20.14 17.52 87.35
CA LEU UA 18 19.08 17.58 88.35
C LEU UA 18 17.75 17.94 87.69
N PRO UA 19 16.64 17.49 88.27
CA PRO UA 19 15.32 17.84 87.72
C PRO UA 19 15.04 19.32 87.83
N GLY UA 20 14.27 19.82 86.87
CA GLY UA 20 13.88 21.20 86.81
C GLY UA 20 12.39 21.41 86.99
N PHE UA 21 11.92 22.59 86.61
CA PHE UA 21 10.53 22.95 86.76
C PHE UA 21 9.81 22.82 85.41
N MET UA 22 8.52 22.54 85.48
CA MET UA 22 7.71 22.36 84.27
C MET UA 22 6.29 22.83 84.53
N SER UA 23 5.57 23.07 83.44
CA SER UA 23 4.18 23.53 83.51
C SER UA 23 3.25 22.52 82.84
N ASP UA 24 1.98 22.89 82.65
CA ASP UA 24 1.01 21.99 82.06
C ASP UA 24 0.20 22.76 81.01
N LEU UA 25 -0.33 22.00 80.05
CA LEU UA 25 -1.09 22.55 78.92
C LEU UA 25 -2.56 22.21 79.11
N VAL UA 26 -3.41 23.24 79.16
CA VAL UA 26 -4.84 23.02 79.30
C VAL UA 26 -5.60 23.76 78.21
N LEU UA 27 -5.34 25.07 78.09
CA LEU UA 27 -6.11 25.90 77.18
C LEU UA 27 -5.92 25.49 75.73
N ALA UA 28 -4.68 25.21 75.34
CA ALA UA 28 -4.40 24.80 73.97
C ALA UA 28 -5.11 23.50 73.63
N LYS UA 29 -5.14 22.56 74.57
CA LYS UA 29 -5.87 21.32 74.35
C LYS UA 29 -7.37 21.55 74.24
N THR UA 30 -7.93 22.42 75.08
CA THR UA 30 -9.39 22.57 75.13
C THR UA 30 -9.93 23.36 73.94
N VAL UA 31 -9.27 24.45 73.56
CA VAL UA 31 -9.81 25.28 72.49
C VAL UA 31 -9.83 24.49 71.18
N ASP UA 32 -10.77 24.85 70.30
CA ASP UA 32 -10.94 24.14 69.05
C ASP UA 32 -9.79 24.43 68.10
N ARG UA 33 -9.51 23.48 67.20
CA ARG UA 33 -8.39 23.60 66.27
C ARG UA 33 -8.74 23.23 64.84
N GLN UA 34 -9.83 22.48 64.63
CA GLN UA 34 -10.09 21.91 63.32
C GLN UA 34 -10.57 22.95 62.31
N LEU UA 35 -11.19 24.04 62.78
CA LEU UA 35 -11.71 25.03 61.85
C LEU UA 35 -10.59 25.82 61.19
N LEU UA 36 -9.60 26.26 61.97
CA LEU UA 36 -8.50 27.04 61.43
C LEU UA 36 -7.38 26.18 60.86
N ALA UA 37 -7.51 24.86 60.91
CA ALA UA 37 -6.43 23.99 60.46
C ALA UA 37 -6.17 24.15 58.97
N GLY UA 38 -4.96 24.63 58.65
CA GLY UA 38 -4.54 24.75 57.26
C GLY UA 38 -5.37 25.69 56.41
N GLU UA 39 -5.80 26.82 56.98
CA GLU UA 39 -6.54 27.82 56.23
C GLU UA 39 -5.78 29.12 56.01
N ILE UA 40 -4.74 29.39 56.79
CA ILE UA 40 -3.91 30.58 56.62
C ILE UA 40 -2.49 30.13 56.31
N ASN UA 41 -1.91 30.69 55.26
CA ASN UA 41 -0.49 30.54 54.98
C ASN UA 41 0.08 31.89 54.59
N SER UA 42 1.36 32.10 54.90
CA SER UA 42 1.96 33.43 54.77
C SER UA 42 1.90 33.94 53.34
N SER UA 43 1.94 33.03 52.36
CA SER UA 43 1.96 33.45 50.96
C SER UA 43 0.64 34.09 50.53
N THR UA 44 -0.47 33.43 50.86
CA THR UA 44 -1.77 33.94 50.42
C THR UA 44 -2.11 35.28 51.08
N GLY UA 45 -1.86 35.40 52.38
CA GLY UA 45 -2.19 36.62 53.08
C GLY UA 45 -2.05 36.43 54.57
N ASP UA 46 -2.62 37.40 55.30
CA ASP UA 46 -2.57 37.39 56.77
C ASP UA 46 -3.97 37.44 57.38
N SER UA 47 -5.00 37.03 56.64
CA SER UA 47 -6.35 37.15 57.16
C SER UA 47 -7.23 36.08 56.52
N VAL UA 48 -8.13 35.52 57.32
CA VAL UA 48 -9.15 34.59 56.83
C VAL UA 48 -10.47 35.02 57.43
N SER UA 49 -11.56 34.68 56.75
CA SER UA 49 -12.89 35.11 57.16
C SER UA 49 -13.82 33.91 57.30
N PHE UA 50 -14.75 34.01 58.25
CA PHE UA 50 -15.77 33.00 58.47
C PHE UA 50 -17.14 33.66 58.49
N LYS UA 51 -18.13 32.97 57.95
CA LYS UA 51 -19.47 33.53 57.74
C LYS UA 51 -20.33 33.28 58.98
N ARG UA 52 -21.05 34.33 59.42
CA ARG UA 52 -21.90 34.20 60.59
C ARG UA 52 -23.32 33.78 60.19
N PRO UA 53 -24.04 33.09 61.07
CA PRO UA 53 -25.36 32.57 60.71
C PRO UA 53 -26.38 33.68 60.54
N HIS UA 54 -27.42 33.36 59.78
CA HIS UA 54 -28.49 34.30 59.45
C HIS UA 54 -29.57 34.28 60.52
N GLN UA 55 -30.34 35.37 60.58
CA GLN UA 55 -31.47 35.49 61.48
C GLN UA 55 -32.63 36.13 60.75
N PHE UA 56 -33.85 35.80 61.18
CA PHE UA 56 -35.06 36.18 60.45
C PHE UA 56 -36.15 36.59 61.43
N SER UA 57 -37.28 37.02 60.87
CA SER UA 57 -38.48 37.36 61.63
C SER UA 57 -39.70 36.92 60.84
N SER UA 58 -40.82 36.78 61.54
CA SER UA 58 -42.03 36.21 60.97
C SER UA 58 -43.15 37.25 60.88
N LEU UA 59 -44.26 36.84 60.26
CA LEU UA 59 -45.44 37.69 60.11
C LEU UA 59 -46.68 36.86 60.40
N ARG UA 60 -47.73 37.54 60.83
CA ARG UA 60 -49.00 36.90 61.16
C ARG UA 60 -50.10 37.53 60.33
N THR UA 61 -50.92 36.69 59.69
CA THR UA 61 -51.97 37.15 58.80
C THR UA 61 -53.07 36.09 58.72
N PRO UA 62 -54.33 36.48 58.91
CA PRO UA 62 -55.41 35.48 58.87
C PRO UA 62 -55.53 34.74 57.55
N THR UA 63 -55.26 35.39 56.42
CA THR UA 63 -55.40 34.77 55.11
C THR UA 63 -54.08 34.45 54.42
N GLY UA 64 -52.98 35.08 54.82
CA GLY UA 64 -51.69 34.78 54.26
C GLY UA 64 -51.19 35.72 53.18
N ASP UA 65 -51.90 36.80 52.90
CA ASP UA 65 -51.44 37.77 51.90
C ASP UA 65 -50.43 38.70 52.57
N ILE UA 66 -49.26 38.84 51.93
CA ILE UA 66 -48.17 39.63 52.49
C ILE UA 66 -47.79 40.73 51.50
N SER UA 67 -48.79 41.23 50.75
CA SER UA 67 -48.51 42.15 49.65
C SER UA 67 -47.90 43.46 50.15
N GLY UA 68 -48.43 43.99 51.26
CA GLY UA 68 -48.04 45.31 51.72
C GLY UA 68 -46.97 45.35 52.80
N GLN UA 69 -46.60 44.23 53.38
CA GLN UA 69 -45.63 44.22 54.46
C GLN UA 69 -44.21 44.12 53.89
N ASN UA 70 -43.22 44.17 54.78
CA ASN UA 70 -41.81 44.08 54.40
C ASN UA 70 -41.38 42.62 54.31
N LYS UA 71 -40.18 42.42 53.78
CA LYS UA 71 -39.59 41.10 53.66
C LYS UA 71 -38.17 41.15 54.19
N ASN UA 72 -37.73 40.02 54.76
CA ASN UA 72 -36.39 39.96 55.35
C ASN UA 72 -35.33 40.02 54.26
N ASN UA 73 -34.34 40.88 54.46
CA ASN UA 73 -33.20 40.99 53.57
C ASN UA 73 -32.03 40.16 54.09
N LEU UA 74 -31.06 39.93 53.21
CA LEU UA 74 -29.93 39.05 53.54
C LEU UA 74 -28.69 39.90 53.85
N ILE UA 75 -28.52 40.17 55.14
CA ILE UA 75 -27.33 40.86 55.62
C ILE UA 75 -26.30 39.80 56.01
N SER UA 76 -25.07 39.96 55.54
CA SER UA 76 -24.01 38.97 55.77
C SER UA 76 -22.92 39.58 56.64
N GLY UA 77 -22.48 38.82 57.63
CA GLY UA 77 -21.41 39.24 58.51
C GLY UA 77 -20.30 38.21 58.55
N LYS UA 78 -19.08 38.67 58.81
CA LYS UA 78 -17.92 37.80 58.83
C LYS UA 78 -17.05 38.10 60.04
N ALA UA 79 -16.37 37.06 60.52
CA ALA UA 79 -15.39 37.15 61.58
C ALA UA 79 -14.02 36.84 61.01
N THR UA 80 -13.06 37.71 61.28
CA THR UA 80 -11.75 37.67 60.64
C THR UA 80 -10.68 37.22 61.63
N GLY UA 81 -9.87 36.26 61.21
CA GLY UA 81 -8.75 35.80 61.99
C GLY UA 81 -7.44 36.17 61.32
N ARG UA 82 -6.47 36.58 62.13
CA ARG UA 82 -5.20 37.12 61.65
C ARG UA 82 -4.05 36.38 62.32
N VAL UA 83 -2.89 36.43 61.66
CA VAL UA 83 -1.68 35.80 62.17
C VAL UA 83 -1.00 36.77 63.13
N GLY UA 84 -0.14 36.24 64.00
CA GLY UA 84 0.54 37.05 65.00
C GLY UA 84 1.99 37.32 64.68
N ASN UA 85 2.86 37.12 65.67
CA ASN UA 85 4.28 37.37 65.52
C ASN UA 85 5.06 36.08 65.73
N TYR UA 86 6.28 36.04 65.18
CA TYR UA 86 7.12 34.86 65.31
C TYR UA 86 7.52 34.65 66.77
N ILE UA 87 7.78 33.39 67.10
CA ILE UA 87 8.40 33.01 68.38
C ILE UA 87 9.70 32.29 68.03
N THR UA 88 10.82 32.88 68.46
CA THR UA 88 12.14 32.40 68.05
C THR UA 88 13.06 32.28 69.26
N VAL UA 89 13.88 31.24 69.26
CA VAL UA 89 14.92 31.05 70.26
C VAL UA 89 16.22 30.73 69.53
N ALA UA 90 17.26 31.54 69.76
CA ALA UA 90 18.52 31.40 69.04
C ALA UA 90 19.68 31.26 70.01
N VAL UA 91 20.59 30.35 69.70
CA VAL UA 91 21.81 30.16 70.49
C VAL UA 91 23.00 30.08 69.56
N GLU UA 92 24.19 30.32 70.13
CA GLU UA 92 25.42 30.34 69.36
C GLU UA 92 26.59 29.95 70.25
N TYR UA 93 27.65 29.45 69.62
CA TYR UA 93 28.84 29.04 70.36
C TYR UA 93 30.02 28.92 69.39
N GLN UA 94 31.21 28.86 69.96
CA GLN UA 94 32.44 28.76 69.18
C GLN UA 94 32.77 27.31 68.84
N GLN UA 95 33.50 27.12 67.75
CA GLN UA 95 33.88 25.76 67.36
C GLN UA 95 34.84 25.14 68.36
N LEU UA 96 35.84 25.91 68.80
CA LEU UA 96 36.74 25.41 69.84
C LEU UA 96 35.99 25.12 71.13
N GLU UA 97 35.06 26.00 71.48
CA GLU UA 97 34.25 25.82 72.68
C GLU UA 97 33.46 24.52 72.61
N GLU UA 98 32.87 24.23 71.45
CA GLU UA 98 32.13 22.97 71.28
C GLU UA 98 33.06 21.78 71.26
N ALA UA 99 34.27 21.95 70.75
CA ALA UA 99 35.19 20.83 70.60
C ALA UA 99 35.78 20.40 71.94
N ILE UA 100 36.06 21.36 72.82
CA ILE UA 100 36.76 21.06 74.07
C ILE UA 100 35.91 21.22 75.31
N LYS UA 101 34.68 21.72 75.20
CA LYS UA 101 33.91 21.93 76.43
C LYS UA 101 32.49 21.36 76.36
N LEU UA 102 31.85 21.42 75.20
CA LEU UA 102 30.43 21.08 75.09
C LEU UA 102 30.25 19.57 74.97
N ASN UA 103 29.76 18.96 76.04
CA ASN UA 103 29.29 17.58 76.03
C ASN UA 103 27.82 17.56 76.46
N GLN UA 104 27.14 16.46 76.14
CA GLN UA 104 25.73 16.28 76.48
C GLN UA 104 24.88 17.42 75.92
N LEU UA 105 25.18 17.78 74.67
CA LEU UA 105 24.53 18.94 74.05
C LEU UA 105 23.02 18.72 73.90
N GLU UA 106 22.60 17.47 73.69
CA GLU UA 106 21.17 17.20 73.52
C GLU UA 106 20.39 17.56 74.78
N GLU UA 107 20.82 17.04 75.93
CA GLU UA 107 20.14 17.38 77.18
C GLU UA 107 20.41 18.82 77.59
N ILE UA 108 21.49 19.44 77.09
CA ILE UA 108 21.67 20.86 77.32
C ILE UA 108 20.58 21.67 76.62
N LEU UA 109 20.26 21.30 75.37
CA LEU UA 109 19.34 22.08 74.55
C LEU UA 109 17.91 21.55 74.57
N ALA UA 110 17.61 20.53 75.36
CA ALA UA 110 16.27 19.93 75.37
C ALA UA 110 15.11 20.91 75.59
N PRO UA 111 15.11 21.77 76.60
CA PRO UA 111 13.87 22.47 76.99
C PRO UA 111 13.45 23.62 76.09
N VAL UA 112 14.05 23.78 74.90
CA VAL UA 112 13.67 24.89 74.02
C VAL UA 112 12.23 24.72 73.55
N ARG UA 113 11.83 23.49 73.22
CA ARG UA 113 10.46 23.26 72.77
C ARG UA 113 9.46 23.56 73.87
N GLN UA 114 9.79 23.15 75.11
CA GLN UA 114 8.93 23.49 76.24
C GLN UA 114 8.79 24.99 76.42
N ARG UA 115 9.91 25.72 76.29
CA ARG UA 115 9.83 27.18 76.41
C ARG UA 115 8.94 27.78 75.33
N ILE UA 116 9.08 27.30 74.10
CA ILE UA 116 8.29 27.83 72.98
C ILE UA 116 6.80 27.60 73.23
N VAL UA 117 6.45 26.37 73.63
CA VAL UA 117 5.04 26.04 73.83
C VAL UA 117 4.47 26.83 75.01
N THR UA 118 5.27 27.00 76.07
CA THR UA 118 4.80 27.80 77.21
C THR UA 118 4.52 29.23 76.79
N ASP UA 119 5.42 29.83 76.00
CA ASP UA 119 5.19 31.20 75.56
C ASP UA 119 3.92 31.30 74.71
N LEU UA 120 3.72 30.34 73.80
CA LEU UA 120 2.52 30.36 72.98
C LEU UA 120 1.26 30.26 73.84
N GLU UA 121 1.27 29.37 74.84
CA GLU UA 121 0.09 29.21 75.67
C GLU UA 121 -0.18 30.45 76.50
N THR UA 122 0.87 31.11 77.00
CA THR UA 122 0.68 32.35 77.74
C THR UA 122 0.08 33.44 76.85
N GLU UA 123 0.56 33.55 75.62
CA GLU UA 123 -0.01 34.53 74.69
C GLU UA 123 -1.48 34.23 74.43
N LEU UA 124 -1.82 32.94 74.25
CA LEU UA 124 -3.21 32.58 74.03
C LEU UA 124 -4.07 32.92 75.24
N ALA UA 125 -3.55 32.71 76.45
CA ALA UA 125 -4.29 33.04 77.65
C ALA UA 125 -4.57 34.55 77.72
N HIS UA 126 -3.55 35.36 77.41
CA HIS UA 126 -3.77 36.81 77.39
C HIS UA 126 -4.82 37.19 76.35
N PHE UA 127 -4.74 36.61 75.15
CA PHE UA 127 -5.70 36.95 74.10
C PHE UA 127 -7.12 36.60 74.51
N MET UA 128 -7.30 35.40 75.07
CA MET UA 128 -8.65 34.97 75.45
C MET UA 128 -9.19 35.79 76.61
N MET UA 129 -8.33 36.13 77.58
CA MET UA 129 -8.77 36.98 78.68
C MET UA 129 -9.20 38.36 78.17
N ASN UA 130 -8.43 38.91 77.22
CA ASN UA 130 -8.79 40.22 76.66
C ASN UA 130 -10.10 40.15 75.89
N ASN UA 131 -10.31 39.10 75.10
CA ASN UA 131 -11.44 39.04 74.20
C ASN UA 131 -12.72 38.49 74.82
N GLY UA 132 -12.65 37.89 76.01
CA GLY UA 132 -13.86 37.43 76.66
C GLY UA 132 -14.81 38.57 76.99
N ALA UA 133 -16.11 38.27 76.98
CA ALA UA 133 -17.11 39.31 77.14
C ALA UA 133 -18.00 39.12 78.37
N LEU UA 134 -18.44 37.90 78.63
CA LEU UA 134 -19.37 37.66 79.72
C LEU UA 134 -18.67 37.83 81.07
N SER UA 135 -19.48 37.90 82.13
CA SER UA 135 -18.94 38.11 83.47
C SER UA 135 -19.92 37.57 84.50
N LEU UA 136 -19.39 36.85 85.49
CA LEU UA 136 -20.18 36.35 86.61
C LEU UA 136 -19.40 36.54 87.89
N GLY UA 137 -20.08 36.92 88.96
CA GLY UA 137 -19.43 37.12 90.23
C GLY UA 137 -18.63 38.41 90.27
N SER UA 138 -17.88 38.57 91.35
CA SER UA 138 -17.04 39.74 91.56
C SER UA 138 -15.64 39.32 91.98
N PRO UA 139 -14.62 40.09 91.58
CA PRO UA 139 -13.24 39.74 91.98
C PRO UA 139 -12.99 39.83 93.47
N ASN UA 140 -13.85 40.51 94.23
CA ASN UA 140 -13.62 40.71 95.65
C ASN UA 140 -13.82 39.43 96.46
N THR UA 141 -14.38 38.39 95.86
CA THR UA 141 -14.68 37.15 96.59
C THR UA 141 -14.17 35.94 95.82
N PRO UA 142 -13.32 35.10 96.41
CA PRO UA 142 -12.85 33.91 95.71
C PRO UA 142 -13.91 32.82 95.66
N ILE UA 143 -13.63 31.79 94.86
CA ILE UA 143 -14.56 30.67 94.70
C ILE UA 143 -14.56 29.84 95.97
N THR UA 144 -15.75 29.58 96.51
CA THR UA 144 -15.85 28.82 97.75
C THR UA 144 -16.86 27.69 97.68
N LYS UA 145 -17.93 27.85 96.90
CA LYS UA 145 -19.06 26.93 96.97
C LYS UA 145 -19.33 26.27 95.60
N TRP UA 146 -20.37 25.44 95.58
CA TRP UA 146 -20.76 24.69 94.39
C TRP UA 146 -21.49 25.56 93.38
N SER UA 147 -22.33 26.49 93.86
CA SER UA 147 -23.06 27.37 92.96
C SER UA 147 -22.12 28.26 92.17
N ASP UA 148 -20.96 28.60 92.75
CA ASP UA 148 -20.00 29.46 92.06
C ASP UA 148 -19.55 28.84 90.74
N VAL UA 149 -19.58 27.51 90.64
CA VAL UA 149 -19.18 26.83 89.41
C VAL UA 149 -20.41 26.48 88.59
N ALA UA 150 -21.50 26.10 89.28
CA ALA UA 150 -22.72 25.73 88.56
C ALA UA 150 -23.29 26.90 87.77
N GLN UA 151 -23.08 28.13 88.25
CA GLN UA 151 -23.68 29.30 87.60
C GLN UA 151 -23.16 29.49 86.18
N THR UA 152 -21.91 29.11 85.90
CA THR UA 152 -21.38 29.27 84.56
C THR UA 152 -22.12 28.41 83.56
N ALA UA 153 -22.30 27.13 83.87
CA ALA UA 153 -23.05 26.24 83.00
C ALA UA 153 -24.49 26.70 82.88
N SER UA 154 -25.10 27.14 83.99
CA SER UA 154 -26.48 27.60 83.94
C SER UA 154 -26.62 28.80 83.01
N PHE UA 155 -25.72 29.78 83.11
CA PHE UA 155 -25.79 30.96 82.25
C PHE UA 155 -25.55 30.60 80.80
N LEU UA 156 -24.56 29.74 80.53
CA LEU UA 156 -24.26 29.37 79.16
C LEU UA 156 -25.44 28.65 78.52
N LYS UA 157 -26.10 27.78 79.27
CA LYS UA 157 -27.29 27.11 78.73
C LYS UA 157 -28.43 28.10 78.57
N ASP UA 158 -28.54 29.06 79.49
CA ASP UA 158 -29.66 30.00 79.45
C ASP UA 158 -29.58 30.92 78.23
N LEU UA 159 -28.37 31.34 77.86
CA LEU UA 159 -28.23 32.16 76.66
C LEU UA 159 -28.71 31.43 75.43
N GLY UA 160 -28.39 30.14 75.32
CA GLY UA 160 -28.84 29.34 74.20
C GLY UA 160 -27.73 28.62 73.47
N VAL UA 161 -26.59 28.47 74.13
CA VAL UA 161 -25.47 27.77 73.52
C VAL UA 161 -25.78 26.29 73.42
N ASN UA 162 -25.70 25.74 72.21
CA ASN UA 162 -26.05 24.34 71.97
C ASN UA 162 -24.89 23.51 71.49
N GLU UA 163 -24.20 23.93 70.42
CA GLU UA 163 -23.14 23.12 69.86
C GLU UA 163 -21.86 23.24 70.68
N GLY UA 164 -20.98 22.26 70.52
CA GLY UA 164 -19.71 22.26 71.21
C GLY UA 164 -19.83 21.74 72.64
N GLU UA 165 -18.72 21.88 73.37
CA GLU UA 165 -18.64 21.45 74.75
C GLU UA 165 -18.15 22.62 75.60
N ASN UA 166 -18.77 22.80 76.76
CA ASN UA 166 -18.44 23.91 77.65
C ASN UA 166 -17.28 23.53 78.56
N TYR UA 167 -16.42 24.50 78.84
CA TYR UA 167 -15.26 24.28 79.69
C TYR UA 167 -15.11 25.42 80.69
N ALA UA 168 -14.50 25.10 81.83
CA ALA UA 168 -14.13 26.08 82.85
C ALA UA 168 -12.75 25.74 83.38
N VAL UA 169 -11.92 26.76 83.56
CA VAL UA 169 -10.53 26.58 83.96
C VAL UA 169 -10.27 27.43 85.20
N MET UA 170 -9.72 26.80 86.23
CA MET UA 170 -9.43 27.48 87.50
C MET UA 170 -8.00 27.17 87.93
N ASP UA 171 -7.56 27.81 88.98
CA ASP UA 171 -6.22 27.70 89.51
C ASP UA 171 -6.17 26.72 90.69
N PRO UA 172 -4.96 26.25 91.05
CA PRO UA 172 -4.88 25.21 92.08
C PRO UA 172 -5.47 25.61 93.42
N TRP UA 173 -5.39 26.87 93.80
CA TRP UA 173 -5.96 27.28 95.07
C TRP UA 173 -7.49 27.17 95.06
N SER UA 174 -8.12 27.59 93.97
CA SER UA 174 -9.57 27.42 93.85
C SER UA 174 -9.94 25.95 93.82
N ALA UA 175 -9.13 25.12 93.16
CA ALA UA 175 -9.41 23.69 93.16
C ALA UA 175 -9.30 23.11 94.57
N GLN UA 176 -8.31 23.56 95.34
CA GLN UA 176 -8.17 23.13 96.73
C GLN UA 176 -9.39 23.53 97.55
N ARG UA 177 -9.86 24.76 97.38
CA ARG UA 177 -11.04 25.20 98.11
C ARG UA 177 -12.27 24.39 97.71
N LEU UA 178 -12.40 24.08 96.42
CA LEU UA 178 -13.53 23.26 95.97
C LEU UA 178 -13.47 21.86 96.58
N ALA UA 179 -12.27 21.27 96.64
CA ALA UA 179 -12.14 19.96 97.27
C ALA UA 179 -12.46 20.02 98.76
N ASP UA 180 -12.02 21.08 99.43
CA ASP UA 180 -12.33 21.24 100.85
C ASP UA 180 -13.84 21.35 101.06
N ALA UA 181 -14.53 22.06 100.18
CA ALA UA 181 -15.99 22.13 100.26
C ALA UA 181 -16.62 20.77 100.00
N GLN UA 182 -16.07 20.01 99.05
CA GLN UA 182 -16.63 18.70 98.70
C GLN UA 182 -16.46 17.70 99.84
N THR UA 183 -15.39 17.84 100.63
CA THR UA 183 -15.18 16.89 101.73
C THR UA 183 -16.32 16.87 102.74
N GLY UA 184 -17.17 17.89 102.76
CA GLY UA 184 -18.26 17.95 103.71
C GLY UA 184 -19.57 17.37 103.19
N LEU UA 185 -19.48 16.48 102.21
CA LEU UA 185 -20.69 15.83 101.69
C LEU UA 185 -21.29 14.89 102.72
N HIS UA 186 -22.54 14.49 102.48
CA HIS UA 186 -23.29 13.70 103.44
C HIS UA 186 -23.49 12.24 103.04
N ALA UA 187 -23.47 11.92 101.75
CA ALA UA 187 -23.91 10.58 101.38
C ALA UA 187 -22.91 9.81 100.53
N SER UA 188 -22.18 10.47 99.64
CA SER UA 188 -21.36 9.77 98.65
C SER UA 188 -20.03 9.37 99.30
N ASP UA 189 -19.93 8.10 99.68
CA ASP UA 189 -18.72 7.60 100.33
C ASP UA 189 -17.50 7.73 99.43
N GLN UA 190 -17.65 7.35 98.15
CA GLN UA 190 -16.51 7.39 97.24
C GLN UA 190 -16.02 8.81 97.02
N LEU UA 191 -16.94 9.76 96.79
CA LEU UA 191 -16.54 11.15 96.61
C LEU UA 191 -15.88 11.70 97.88
N VAL UA 192 -16.46 11.40 99.04
CA VAL UA 192 -15.88 11.91 100.28
C VAL UA 192 -14.47 11.38 100.48
N ARG UA 193 -14.27 10.07 100.29
CA ARG UA 193 -12.94 9.49 100.49
C ARG UA 193 -11.94 10.02 99.47
N THR UA 194 -12.36 10.14 98.21
CA THR UA 194 -11.47 10.65 97.18
C THR UA 194 -11.04 12.08 97.48
N ALA UA 195 -11.98 12.94 97.87
CA ALA UA 195 -11.64 14.30 98.21
C ALA UA 195 -10.74 14.36 99.43
N TRP UA 196 -11.01 13.50 100.42
CA TRP UA 196 -10.20 13.51 101.64
C TRP UA 196 -8.76 13.11 101.38
N GLU UA 197 -8.55 12.06 100.57
CA GLU UA 197 -7.20 11.56 100.37
C GLU UA 197 -6.48 12.25 99.20
N ASN UA 198 -7.03 12.12 97.99
CA ASN UA 198 -6.34 12.60 96.81
C ASN UA 198 -6.54 14.10 96.56
N ALA UA 199 -7.50 14.72 97.24
CA ALA UA 199 -7.82 16.14 97.05
C ALA UA 199 -8.07 16.46 95.57
N GLN UA 200 -8.97 15.68 94.98
CA GLN UA 200 -9.33 15.81 93.58
C GLN UA 200 -10.84 15.94 93.45
N ILE UA 201 -11.26 16.55 92.34
CA ILE UA 201 -12.68 16.75 92.05
C ILE UA 201 -13.00 16.01 90.75
N PRO UA 202 -14.22 15.54 90.56
CA PRO UA 202 -14.53 14.75 89.36
C PRO UA 202 -14.42 15.60 88.09
N THR UA 203 -14.38 14.90 86.96
CA THR UA 203 -14.27 15.59 85.66
C THR UA 203 -15.46 16.49 85.43
N ASN UA 204 -16.66 15.99 85.66
CA ASN UA 204 -17.86 16.81 85.55
C ASN UA 204 -18.16 17.45 86.90
N PHE UA 205 -18.55 18.73 86.87
CA PHE UA 205 -18.78 19.48 88.10
C PHE UA 205 -19.77 20.59 87.80
N GLY UA 206 -21.00 20.46 88.31
CA GLY UA 206 -22.01 21.46 88.03
C GLY UA 206 -22.50 21.48 86.60
N GLY UA 207 -22.33 20.38 85.87
CA GLY UA 207 -22.74 20.32 84.49
C GLY UA 207 -21.72 20.81 83.49
N ILE UA 208 -20.58 21.32 83.96
CA ILE UA 208 -19.53 21.83 83.09
C ILE UA 208 -18.22 21.15 83.47
N ARG UA 209 -17.33 21.01 82.49
CA ARG UA 209 -16.05 20.36 82.71
C ARG UA 209 -15.06 21.34 83.31
N ALA UA 210 -14.65 21.08 84.55
CA ALA UA 210 -13.74 21.94 85.28
C ALA UA 210 -12.32 21.40 85.18
N LEU UA 211 -11.35 22.30 85.06
CA LEU UA 211 -9.97 21.91 84.85
C LEU UA 211 -9.04 22.75 85.71
N MET UA 212 -7.89 22.16 86.03
CA MET UA 212 -6.85 22.78 86.83
C MET UA 212 -5.69 23.18 85.93
N SER UA 213 -5.20 24.41 86.08
CA SER UA 213 -4.06 24.90 85.32
C SER UA 213 -3.37 26.01 86.08
N ASN UA 214 -2.04 25.90 86.19
CA ASN UA 214 -1.23 26.92 86.82
C ASN UA 214 -0.61 27.87 85.82
N GLY UA 215 -0.93 27.74 84.53
CA GLY UA 215 -0.44 28.62 83.50
C GLY UA 215 -1.29 29.84 83.24
N LEU UA 216 -2.31 30.08 84.05
CA LEU UA 216 -3.18 31.23 83.84
C LEU UA 216 -2.43 32.53 84.08
N ALA UA 217 -2.69 33.51 83.24
CA ALA UA 217 -2.03 34.80 83.34
C ALA UA 217 -2.75 35.69 84.35
N SER UA 218 -2.07 36.74 84.77
CA SER UA 218 -2.60 37.69 85.75
C SER UA 218 -2.73 39.07 85.11
N ARG UA 219 -3.72 39.82 85.57
CA ARG UA 219 -4.00 41.16 85.06
C ARG UA 219 -4.12 42.14 86.22
N THR UA 220 -4.22 43.42 85.87
CA THR UA 220 -4.30 44.50 86.84
C THR UA 220 -5.53 45.34 86.54
N GLN UA 221 -6.10 45.94 87.59
CA GLN UA 221 -7.33 46.71 87.44
C GLN UA 221 -7.06 48.09 86.84
N GLY UA 222 -6.25 48.89 87.51
CA GLY UA 222 -6.05 50.26 87.08
C GLY UA 222 -7.00 51.19 87.81
N ALA UA 223 -6.48 52.30 88.33
CA ALA UA 223 -7.25 53.15 89.23
C ALA UA 223 -8.43 53.81 88.51
N PHE UA 224 -9.58 53.84 89.17
CA PHE UA 224 -10.76 54.51 88.67
C PHE UA 224 -11.59 54.99 89.85
N GLY UA 225 -12.45 55.97 89.60
CA GLY UA 225 -13.30 56.51 90.64
C GLY UA 225 -14.31 57.46 90.07
N GLY UA 226 -15.37 57.69 90.85
CA GLY UA 226 -16.44 58.56 90.41
C GLY UA 226 -17.61 57.78 89.81
N THR UA 227 -18.75 58.44 89.75
CA THR UA 227 -19.95 57.83 89.18
C THR UA 227 -19.96 58.02 87.67
N LEU UA 228 -19.54 56.99 86.93
CA LEU UA 228 -19.43 57.11 85.47
C LEU UA 228 -20.80 57.01 84.82
N THR UA 229 -21.00 57.82 83.77
CA THR UA 229 -22.18 57.74 82.93
C THR UA 229 -21.76 57.96 81.48
N VAL UA 230 -22.56 57.45 80.55
CA VAL UA 230 -22.27 57.64 79.14
C VAL UA 230 -22.61 59.07 78.73
N LYS UA 231 -21.81 59.62 77.82
CA LYS UA 231 -21.96 61.01 77.40
C LYS UA 231 -22.82 61.17 76.15
N THR UA 232 -22.48 60.46 75.08
CA THR UA 232 -23.21 60.57 73.82
C THR UA 232 -23.69 59.20 73.38
N GLN UA 233 -24.82 59.17 72.68
CA GLN UA 233 -25.39 57.92 72.20
C GLN UA 233 -24.47 57.30 71.15
N PRO UA 234 -24.02 56.07 71.34
CA PRO UA 234 -23.12 55.43 70.36
C PRO UA 234 -23.93 54.75 69.26
N THR UA 235 -23.19 54.18 68.31
CA THR UA 235 -23.77 53.44 67.20
C THR UA 235 -23.67 51.96 67.49
N VAL UA 236 -24.83 51.29 67.59
CA VAL UA 236 -24.87 49.88 67.94
C VAL UA 236 -25.69 49.10 66.92
N THR UA 237 -25.83 49.65 65.72
CA THR UA 237 -26.58 48.97 64.68
C THR UA 237 -25.78 47.81 64.12
N TYR UA 238 -26.50 46.73 63.76
CA TYR UA 238 -25.85 45.55 63.21
C TYR UA 238 -25.19 45.87 61.88
N ASN UA 239 -25.80 46.76 61.08
CA ASN UA 239 -25.21 47.17 59.82
C ASN UA 239 -23.88 47.89 60.01
N ALA UA 240 -23.59 48.34 61.22
CA ALA UA 240 -22.32 48.99 61.52
C ALA UA 240 -21.33 48.06 62.20
N VAL UA 241 -21.78 47.30 63.20
CA VAL UA 241 -20.88 46.45 63.98
C VAL UA 241 -20.97 44.98 63.59
N LYS UA 242 -21.41 44.69 62.36
CA LYS UA 242 -21.58 43.31 61.93
C LYS UA 242 -20.27 42.62 61.58
N ASP UA 243 -19.14 43.32 61.57
CA ASP UA 243 -17.88 42.73 61.17
C ASP UA 243 -16.95 42.38 62.32
N SER UA 244 -17.09 43.03 63.47
CA SER UA 244 -16.15 42.81 64.56
C SER UA 244 -16.76 42.66 65.95
N TYR UA 245 -18.03 43.01 66.16
CA TYR UA 245 -18.63 43.04 67.49
C TYR UA 245 -17.78 43.86 68.46
N GLN UA 246 -17.33 45.01 68.01
CA GLN UA 246 -16.62 45.96 68.86
C GLN UA 246 -17.24 47.34 68.68
N PHE UA 247 -17.27 48.11 69.76
CA PHE UA 247 -17.83 49.46 69.67
C PHE UA 247 -17.08 50.40 70.60
N THR UA 248 -16.97 51.65 70.16
CA THR UA 248 -16.23 52.67 70.88
C THR UA 248 -17.20 53.63 71.57
N VAL UA 249 -16.98 53.85 72.86
CA VAL UA 249 -17.88 54.70 73.64
C VAL UA 249 -17.04 55.58 74.55
N THR UA 250 -17.54 56.79 74.81
CA THR UA 250 -16.91 57.74 75.71
C THR UA 250 -17.73 57.87 76.98
N LEU UA 251 -17.04 58.04 78.10
CA LEU UA 251 -17.64 58.13 79.42
C LEU UA 251 -17.37 59.51 80.01
N THR UA 252 -18.02 59.80 81.13
CA THR UA 252 -17.83 61.07 81.80
C THR UA 252 -17.90 60.86 83.31
N GLY UA 253 -17.37 61.81 84.06
CA GLY UA 253 -17.33 61.70 85.50
C GLY UA 253 -16.10 61.03 86.07
N ALA UA 254 -15.07 60.81 85.26
CA ALA UA 254 -13.86 60.17 85.73
C ALA UA 254 -13.00 61.17 86.50
N THR UA 255 -11.94 60.65 87.13
CA THR UA 255 -11.01 61.50 87.85
C THR UA 255 -10.26 62.40 86.86
N ALA UA 256 -9.88 63.58 87.36
CA ALA UA 256 -9.35 64.68 86.53
C ALA UA 256 -8.34 64.23 85.48
N SER UA 257 -7.24 63.62 85.89
CA SER UA 257 -6.22 63.18 84.94
C SER UA 257 -5.45 62.02 85.57
N VAL UA 258 -5.76 60.81 85.12
CA VAL UA 258 -5.08 59.60 85.59
C VAL UA 258 -4.59 58.83 84.38
N THR UA 259 -3.32 58.44 84.40
CA THR UA 259 -2.78 57.55 83.37
C THR UA 259 -3.14 56.12 83.71
N GLY UA 260 -3.43 55.32 82.68
CA GLY UA 260 -3.88 53.96 82.90
C GLY UA 260 -5.17 53.89 83.67
N PHE UA 261 -6.14 54.73 83.29
CA PHE UA 261 -7.42 54.76 83.99
C PHE UA 261 -8.15 53.43 83.85
N LEU UA 262 -8.17 52.87 82.64
CA LEU UA 262 -8.75 51.56 82.39
C LEU UA 262 -7.75 50.73 81.62
N LYS UA 263 -7.37 49.58 82.18
CA LYS UA 263 -6.41 48.69 81.55
C LYS UA 263 -7.13 47.61 80.78
N ALA UA 264 -6.38 46.87 79.97
CA ALA UA 264 -6.97 45.80 79.17
C ALA UA 264 -7.43 44.66 80.05
N GLY UA 265 -8.66 44.19 79.81
CA GLY UA 265 -9.26 43.14 80.59
C GLY UA 265 -10.27 43.58 81.62
N ASP UA 266 -10.44 44.88 81.82
CA ASP UA 266 -11.46 45.37 82.74
C ASP UA 266 -12.85 45.12 82.19
N GLN UA 267 -13.83 45.06 83.07
CA GLN UA 267 -15.21 44.78 82.70
C GLN UA 267 -16.11 45.93 83.12
N VAL UA 268 -16.94 46.38 82.19
CA VAL UA 268 -17.87 47.48 82.40
C VAL UA 268 -19.28 46.95 82.31
N LYS UA 269 -20.09 47.23 83.33
CA LYS UA 269 -21.45 46.73 83.44
C LYS UA 269 -22.43 47.88 83.31
N PHE UA 270 -23.41 47.74 82.42
CA PHE UA 270 -24.45 48.75 82.19
C PHE UA 270 -25.64 48.36 83.05
N THR UA 271 -26.04 49.26 83.96
CA THR UA 271 -27.03 48.89 84.96
C THR UA 271 -28.43 48.71 84.37
N ASN UA 272 -28.86 49.66 83.54
CA ASN UA 272 -30.26 49.72 83.11
C ASN UA 272 -30.48 49.16 81.71
N THR UA 273 -29.73 48.13 81.32
CA THR UA 273 -30.00 47.42 80.08
C THR UA 273 -29.67 45.94 80.30
N TYR UA 274 -30.52 45.07 79.76
CA TYR UA 274 -30.52 43.66 80.14
C TYR UA 274 -30.24 42.78 78.93
N TRP UA 275 -29.67 41.60 79.20
CA TRP UA 275 -29.43 40.61 78.16
C TRP UA 275 -30.76 40.08 77.61
N LEU UA 276 -30.67 39.36 76.50
CA LEU UA 276 -31.82 38.70 75.90
C LEU UA 276 -31.44 37.28 75.53
N GLN UA 277 -32.37 36.35 75.74
CA GLN UA 277 -32.21 35.01 75.17
C GLN UA 277 -32.21 35.14 73.66
N GLN UA 278 -31.08 34.78 73.04
CA GLN UA 278 -30.83 35.20 71.66
C GLN UA 278 -31.87 34.66 70.69
N GLN UA 279 -32.24 33.40 70.83
CA GLN UA 279 -33.16 32.80 69.86
C GLN UA 279 -34.59 33.30 70.05
N THR UA 280 -35.07 33.37 71.30
CA THR UA 280 -36.45 33.75 71.54
C THR UA 280 -36.64 35.25 71.78
N LYS UA 281 -35.56 36.00 71.93
CA LYS UA 281 -35.61 37.46 72.07
C LYS UA 281 -36.45 37.89 73.27
N GLN UA 282 -36.17 37.28 74.43
CA GLN UA 282 -36.83 37.64 75.68
C GLN UA 282 -35.78 37.79 76.78
N ALA UA 283 -36.10 38.61 77.77
CA ALA UA 283 -35.15 39.00 78.80
C ALA UA 283 -34.80 37.80 79.69
N LEU UA 284 -33.70 37.96 80.41
CA LEU UA 284 -33.19 36.93 81.32
C LEU UA 284 -33.37 37.38 82.76
N TYR UA 285 -33.88 36.49 83.60
CA TYR UA 285 -34.13 36.80 85.00
C TYR UA 285 -33.48 35.75 85.88
N ASN UA 286 -32.58 36.19 86.76
CA ASN UA 286 -31.97 35.32 87.76
C ASN UA 286 -32.72 35.47 89.08
N GLY UA 287 -33.96 34.95 89.08
CA GLY UA 287 -34.83 35.14 90.23
C GLY UA 287 -35.67 36.39 90.09
N ALA UA 288 -35.23 37.48 90.72
CA ALA UA 288 -35.93 38.76 90.64
C ALA UA 288 -35.01 39.89 90.17
N THR UA 289 -33.73 39.60 89.96
CA THR UA 289 -32.78 40.61 89.52
C THR UA 289 -32.38 40.31 88.08
N PRO UA 290 -32.77 41.14 87.11
CA PRO UA 290 -32.42 40.87 85.72
C PRO UA 290 -30.91 40.94 85.51
N ILE UA 291 -30.42 40.14 84.57
CA ILE UA 291 -29.01 40.09 84.25
C ILE UA 291 -28.65 41.28 83.38
N SER UA 292 -27.61 42.01 83.78
CA SER UA 292 -27.24 43.26 83.14
C SER UA 292 -26.14 43.03 82.11
N PHE UA 293 -26.14 43.85 81.07
CA PHE UA 293 -25.16 43.75 80.02
C PHE UA 293 -23.76 44.10 80.54
N THR UA 294 -22.76 43.35 80.08
CA THR UA 294 -21.39 43.57 80.47
C THR UA 294 -20.48 43.48 79.25
N ALA UA 295 -19.41 44.28 79.26
CA ALA UA 295 -18.46 44.34 78.16
C ALA UA 295 -17.05 44.39 78.74
N THR UA 296 -16.06 44.19 77.86
CA THR UA 296 -14.66 44.14 78.27
C THR UA 296 -13.85 45.17 77.51
N VAL UA 297 -12.96 45.85 78.23
CA VAL UA 297 -12.06 46.83 77.63
C VAL UA 297 -10.94 46.11 76.91
N THR UA 298 -10.61 46.59 75.71
CA THR UA 298 -9.62 45.95 74.85
C THR UA 298 -8.24 46.58 74.94
N ALA UA 299 -8.15 47.90 75.08
CA ALA UA 299 -6.87 48.59 75.10
C ALA UA 299 -6.85 49.61 76.23
N ASP UA 300 -5.63 49.98 76.64
CA ASP UA 300 -5.45 50.94 77.71
C ASP UA 300 -6.07 52.29 77.35
N ALA UA 301 -6.73 52.92 78.32
CA ALA UA 301 -7.38 54.21 78.13
C ALA UA 301 -6.92 55.19 79.19
N ASN UA 302 -6.93 56.47 78.82
CA ASN UA 302 -6.54 57.54 79.71
C ASN UA 302 -7.62 58.60 79.73
N SER UA 303 -7.70 59.33 80.84
CA SER UA 303 -8.70 60.38 81.03
C SER UA 303 -8.00 61.73 81.02
N ASP UA 304 -8.56 62.68 80.28
CA ASP UA 304 -8.04 64.03 80.17
C ASP UA 304 -8.82 64.96 81.09
N SER UA 305 -8.46 66.24 81.05
CA SER UA 305 -9.14 67.24 81.87
C SER UA 305 -10.63 67.29 81.52
N GLY UA 306 -11.45 67.35 82.56
CA GLY UA 306 -12.89 67.25 82.41
C GLY UA 306 -13.45 65.87 82.66
N GLY UA 307 -12.62 64.90 83.01
CA GLY UA 307 -13.09 63.55 83.31
C GLY UA 307 -13.71 62.83 82.14
N ASP UA 308 -13.05 62.86 80.97
CA ASP UA 308 -13.53 62.19 79.78
C ASP UA 308 -12.56 61.09 79.41
N VAL UA 309 -13.08 59.87 79.22
CA VAL UA 309 -12.27 58.72 78.83
C VAL UA 309 -12.99 57.96 77.73
N THR UA 310 -12.27 57.64 76.67
CA THR UA 310 -12.82 56.93 75.52
C THR UA 310 -12.26 55.50 75.52
N VAL UA 311 -13.17 54.52 75.41
CA VAL UA 311 -12.78 53.11 75.46
C VAL UA 311 -13.39 52.39 74.27
N THR UA 312 -12.77 51.26 73.92
CA THR UA 312 -13.28 50.37 72.89
C THR UA 312 -13.59 49.03 73.55
N LEU UA 313 -14.84 48.58 73.41
CA LEU UA 313 -15.31 47.39 74.10
C LEU UA 313 -15.65 46.29 73.11
N SER UA 314 -15.38 45.06 73.51
CA SER UA 314 -15.71 43.87 72.74
C SER UA 314 -17.04 43.30 73.22
N GLY UA 315 -17.89 42.95 72.26
CA GLY UA 315 -19.25 42.57 72.56
C GLY UA 315 -20.14 43.81 72.57
N VAL UA 316 -21.19 43.80 71.77
CA VAL UA 316 -21.96 45.02 71.53
C VAL UA 316 -23.43 44.80 71.88
N PRO UA 317 -24.11 45.82 72.40
CA PRO UA 317 -25.56 45.73 72.68
C PRO UA 317 -26.40 46.15 71.47
N ILE UA 318 -26.55 45.22 70.52
CA ILE UA 318 -27.24 45.53 69.28
C ILE UA 318 -28.70 45.82 69.57
N TYR UA 319 -29.16 47.00 69.18
CA TYR UA 319 -30.57 47.39 69.24
C TYR UA 319 -30.89 48.12 67.94
N ASP UA 320 -31.32 47.39 66.93
CA ASP UA 320 -31.61 47.93 65.62
C ASP UA 320 -33.12 48.06 65.47
N THR UA 321 -33.58 49.27 65.12
CA THR UA 321 -35.00 49.51 64.92
C THR UA 321 -35.46 49.25 63.49
N THR UA 322 -34.53 48.97 62.58
CA THR UA 322 -34.86 48.63 61.20
C THR UA 322 -34.76 47.12 60.93
N ASN UA 323 -33.83 46.44 61.60
CA ASN UA 323 -33.68 44.99 61.49
C ASN UA 323 -33.77 44.39 62.88
N PRO UA 324 -34.98 44.18 63.40
CA PRO UA 324 -35.14 43.67 64.76
C PRO UA 324 -34.67 42.24 64.92
N GLN UA 325 -34.34 41.59 63.81
CA GLN UA 325 -33.92 40.19 63.84
C GLN UA 325 -32.64 39.98 64.63
N TYR UA 326 -31.79 41.00 64.73
CA TYR UA 326 -30.46 40.85 65.31
C TYR UA 326 -30.36 41.51 66.68
N ASN UA 327 -31.48 41.78 67.35
CA ASN UA 327 -31.43 42.36 68.68
C ASN UA 327 -30.79 41.38 69.66
N SER UA 328 -29.94 41.91 70.55
CA SER UA 328 -29.31 41.10 71.58
C SER UA 328 -29.27 41.83 72.91
N VAL UA 329 -30.20 42.77 73.13
CA VAL UA 329 -30.22 43.55 74.35
C VAL UA 329 -31.62 44.18 74.47
N SER UA 330 -32.07 44.41 75.71
CA SER UA 330 -33.45 44.83 75.93
C SER UA 330 -33.72 46.21 75.35
N ARG UA 331 -32.89 47.19 75.68
CA ARG UA 331 -33.11 48.56 75.24
C ARG UA 331 -31.79 49.20 74.83
N GLN UA 332 -31.90 50.28 74.07
CA GLN UA 332 -30.72 50.95 73.56
C GLN UA 332 -29.98 51.69 74.67
N VAL UA 333 -28.67 51.83 74.50
CA VAL UA 333 -27.82 52.54 75.46
C VAL UA 333 -27.96 54.02 75.14
N GLU UA 334 -28.90 54.67 75.82
CA GLU UA 334 -29.13 56.09 75.64
C GLU UA 334 -28.17 56.90 76.51
N ALA UA 335 -28.08 58.19 76.23
CA ALA UA 335 -27.17 59.05 76.98
C ALA UA 335 -27.61 59.18 78.43
N GLY UA 336 -26.63 59.25 79.32
CA GLY UA 336 -26.90 59.39 80.74
C GLY UA 336 -27.18 58.10 81.48
N ASP UA 337 -27.05 56.95 80.82
CA ASP UA 337 -27.30 55.69 81.50
C ASP UA 337 -26.22 55.39 82.54
N ALA UA 338 -26.59 54.62 83.54
CA ALA UA 338 -25.70 54.30 84.64
C ALA UA 338 -24.80 53.12 84.27
N VAL UA 339 -23.49 53.30 84.48
CA VAL UA 339 -22.50 52.27 84.21
C VAL UA 339 -21.64 52.10 85.46
N SER UA 340 -20.94 50.98 85.52
CA SER UA 340 -20.01 50.73 86.62
C SER UA 340 -18.87 49.86 86.09
N VAL UA 341 -17.79 49.82 86.86
CA VAL UA 341 -16.64 48.98 86.53
C VAL UA 341 -16.53 47.90 87.59
N VAL UA 342 -16.44 46.65 87.14
CA VAL UA 342 -16.39 45.52 88.06
C VAL UA 342 -14.97 45.37 88.59
N GLY UA 343 -14.82 45.33 89.90
CA GLY UA 343 -13.53 45.09 90.50
C GLY UA 343 -13.25 46.08 91.61
N THR UA 344 -11.97 46.41 91.76
CA THR UA 344 -11.50 47.28 92.83
C THR UA 344 -10.56 48.30 92.20
N ALA UA 345 -10.07 49.23 93.03
CA ALA UA 345 -9.28 50.35 92.51
C ALA UA 345 -8.05 49.86 91.74
N SER UA 346 -7.12 49.21 92.42
CA SER UA 346 -5.92 48.71 91.76
C SER UA 346 -5.60 47.28 92.18
N GLN UA 347 -6.62 46.46 92.34
CA GLN UA 347 -6.41 45.07 92.72
C GLN UA 347 -5.71 44.31 91.60
N THR UA 348 -4.90 43.34 91.99
CA THR UA 348 -4.25 42.44 91.05
C THR UA 348 -4.60 41.01 91.42
N MET UA 349 -4.91 40.20 90.42
CA MET UA 349 -5.41 38.85 90.67
C MET UA 349 -5.13 37.98 89.45
N LYS UA 350 -5.40 36.69 89.61
CA LYS UA 350 -5.27 35.72 88.52
C LYS UA 350 -6.65 35.17 88.20
N PRO UA 351 -7.31 35.63 87.13
CA PRO UA 351 -8.72 35.31 86.94
C PRO UA 351 -8.95 33.89 86.46
N ASN UA 352 -10.10 33.34 86.86
CA ASN UA 352 -10.58 32.09 86.29
C ASN UA 352 -11.20 32.35 84.92
N LEU UA 353 -11.45 31.28 84.17
CA LEU UA 353 -12.02 31.42 82.84
C LEU UA 353 -13.14 30.41 82.63
N PHE UA 354 -14.08 30.75 81.75
CA PHE UA 354 -15.07 29.77 81.31
C PHE UA 354 -15.48 30.14 79.90
N TYR UA 355 -15.80 29.14 79.08
CA TYR UA 355 -16.05 29.40 77.67
C TYR UA 355 -16.72 28.19 77.03
N ASN UA 356 -17.15 28.38 75.79
CA ASN UA 356 -17.65 27.30 74.94
C ASN UA 356 -16.53 26.83 74.02
N LYS UA 357 -16.81 25.73 73.31
CA LYS UA 357 -15.82 25.17 72.39
C LYS UA 357 -15.52 26.14 71.26
N PHE UA 358 -16.55 26.82 70.73
CA PHE UA 358 -16.42 27.67 69.56
C PHE UA 358 -16.28 29.15 69.92
N PHE UA 359 -15.58 29.45 71.01
CA PHE UA 359 -15.35 30.84 71.39
C PHE UA 359 -14.10 31.39 70.70
N CYS UA 360 -12.96 30.73 70.91
CA CYS UA 360 -11.71 31.11 70.29
C CYS UA 360 -11.14 29.94 69.51
N GLY UA 361 -10.22 30.26 68.60
CA GLY UA 361 -9.57 29.24 67.79
C GLY UA 361 -8.10 29.53 67.64
N LEU UA 362 -7.32 28.46 67.58
CA LEU UA 362 -5.86 28.54 67.55
C LEU UA 362 -5.33 27.73 66.37
N GLY UA 363 -4.28 28.24 65.74
CA GLY UA 363 -3.63 27.52 64.66
C GLY UA 363 -2.14 27.78 64.68
N SER UA 364 -1.39 26.87 64.06
CA SER UA 364 0.05 26.98 63.96
C SER UA 364 0.43 26.89 62.48
N ILE UA 365 1.07 27.93 61.96
CA ILE UA 365 1.41 27.97 60.54
C ILE UA 365 2.73 27.23 60.33
N PRO UA 366 2.77 26.20 59.49
CA PRO UA 366 4.05 25.55 59.19
C PRO UA 366 4.94 26.45 58.36
N LEU UA 367 6.26 26.26 58.53
CA LEU UA 367 7.21 27.17 57.92
C LEU UA 367 7.98 26.48 56.79
N PRO UA 368 8.48 27.25 55.83
CA PRO UA 368 9.24 26.66 54.72
C PRO UA 368 10.72 26.56 55.02
N LYS UA 369 11.35 25.58 54.38
CA LYS UA 369 12.77 25.31 54.57
C LYS UA 369 13.61 26.31 53.79
N LEU UA 370 14.72 26.71 54.38
CA LEU UA 370 15.66 27.63 53.75
C LEU UA 370 16.78 26.82 53.10
N HIS UA 371 17.10 27.18 51.87
CA HIS UA 371 17.91 26.33 51.00
C HIS UA 371 19.39 26.61 51.23
N SER UA 372 20.22 25.58 51.06
CA SER UA 372 21.66 25.62 51.30
C SER UA 372 21.95 25.91 52.78
N ILE UA 373 20.95 25.62 53.62
CA ILE UA 373 21.06 25.76 55.07
C ILE UA 373 20.46 24.52 55.70
N ASP UA 374 21.23 23.86 56.58
CA ASP UA 374 20.73 22.68 57.27
C ASP UA 374 19.54 23.05 58.15
N SER UA 375 18.49 22.24 58.07
CA SER UA 375 17.27 22.51 58.82
C SER UA 375 16.55 21.19 59.06
N ALA UA 376 15.60 21.24 60.00
CA ALA UA 376 14.82 20.07 60.37
C ALA UA 376 13.52 20.54 60.99
N VAL UA 377 12.62 19.60 61.25
CA VAL UA 377 11.33 19.87 61.88
C VAL UA 377 11.13 18.91 63.04
N ALA UA 378 10.73 19.46 64.18
CA ALA UA 378 10.45 18.67 65.38
C ALA UA 378 8.99 18.86 65.79
N THR UA 379 8.47 17.89 66.51
CA THR UA 379 7.08 17.90 66.93
C THR UA 379 7.00 17.78 68.44
N TYR UA 380 6.15 18.60 69.05
CA TYR UA 380 5.97 18.58 70.49
C TYR UA 380 4.52 18.93 70.80
N GLU UA 381 3.78 17.98 71.37
CA GLU UA 381 2.41 18.18 71.82
C GLU UA 381 1.55 18.85 70.76
N GLY UA 382 1.61 18.31 69.54
CA GLY UA 382 0.76 18.79 68.48
C GLY UA 382 1.24 20.06 67.81
N PHE UA 383 2.44 20.54 68.14
CA PHE UA 383 2.97 21.76 67.55
C PHE UA 383 4.27 21.45 66.84
N SER UA 384 4.44 22.04 65.66
CA SER UA 384 5.60 21.79 64.81
C SER UA 384 6.55 22.97 64.87
N ILE UA 385 7.82 22.69 65.19
CA ILE UA 385 8.85 23.71 65.35
C ILE UA 385 9.93 23.46 64.31
N ARG UA 386 10.37 24.52 63.65
CA ARG UA 386 11.39 24.43 62.61
C ARG UA 386 12.74 24.86 63.16
N VAL UA 387 13.77 24.07 62.87
CA VAL UA 387 15.12 24.26 63.40
C VAL UA 387 16.05 24.57 62.23
N HIS UA 388 16.83 25.64 62.36
CA HIS UA 388 17.82 26.03 61.37
C HIS UA 388 19.19 26.07 62.02
N LYS UA 389 20.20 25.52 61.33
CA LYS UA 389 21.57 25.51 61.81
C LYS UA 389 22.44 26.21 60.78
N TYR UA 390 23.22 27.20 61.21
CA TYR UA 390 24.11 27.90 60.29
C TYR UA 390 25.29 28.46 61.04
N ALA UA 391 26.32 28.85 60.30
CA ALA UA 391 27.60 29.23 60.88
C ALA UA 391 28.18 30.44 60.16
N ASP UA 392 28.92 31.25 60.92
CA ASP UA 392 29.71 32.34 60.37
C ASP UA 392 31.15 31.86 60.23
N GLY UA 393 31.65 31.85 59.00
CA GLY UA 393 32.96 31.31 58.70
C GLY UA 393 34.13 32.15 59.15
N ASP UA 394 34.05 33.46 58.94
CA ASP UA 394 35.16 34.33 59.32
C ASP UA 394 35.37 34.34 60.83
N ALA UA 395 34.29 34.53 61.59
CA ALA UA 395 34.38 34.48 63.04
C ALA UA 395 34.45 33.07 63.58
N ASN UA 396 34.18 32.07 62.75
CA ASN UA 396 34.25 30.65 63.12
C ASN UA 396 33.29 30.36 64.29
N VAL UA 397 32.01 30.60 64.04
CA VAL UA 397 30.97 30.45 65.06
C VAL UA 397 29.83 29.61 64.49
N GLN UA 398 29.30 28.71 65.31
CA GLN UA 398 28.19 27.84 64.93
C GLN UA 398 26.97 28.20 65.77
N LYS UA 399 25.80 28.30 65.13
CA LYS UA 399 24.61 28.76 65.83
C LYS UA 399 23.35 28.12 65.27
N MET UA 400 22.30 28.12 66.08
CA MET UA 400 21.01 27.52 65.75
C MET UA 400 19.87 28.45 66.13
N ARG UA 401 18.74 28.26 65.44
CA ARG UA 401 17.53 29.00 65.76
C ARG UA 401 16.31 28.09 65.61
N PHE UA 402 15.37 28.26 66.53
CA PHE UA 402 14.12 27.52 66.57
C PHE UA 402 12.97 28.50 66.38
N ASP UA 403 12.05 28.17 65.48
CA ASP UA 403 11.02 29.11 65.05
C ASP UA 403 9.63 28.49 65.18
N LEU UA 404 8.65 29.35 65.42
CA LEU UA 404 7.24 28.96 65.40
C LEU UA 404 6.40 30.18 65.05
N LEU UA 405 5.25 29.93 64.42
CA LEU UA 405 4.34 31.00 64.02
C LEU UA 405 2.92 30.66 64.44
N PRO UA 406 2.33 31.36 65.40
CA PRO UA 406 0.95 31.07 65.82
C PRO UA 406 -0.08 31.95 65.12
N ALA UA 407 -1.36 31.64 65.34
CA ALA UA 407 -2.46 32.44 64.82
C ALA UA 407 -3.68 32.26 65.70
N TYR UA 408 -4.36 33.35 66.01
CA TYR UA 408 -5.50 33.35 66.92
C TYR UA 408 -6.72 33.95 66.23
N VAL UA 409 -7.90 33.41 66.56
CA VAL UA 409 -9.17 33.93 66.05
C VAL UA 409 -10.18 33.95 67.19
N CYS UA 410 -11.08 34.93 67.17
CA CYS UA 410 -12.19 35.02 68.12
C CYS UA 410 -13.48 34.98 67.33
N PHE UA 411 -14.24 33.88 67.46
CA PHE UA 411 -15.43 33.71 66.64
C PHE UA 411 -16.58 34.57 67.14
N ASN UA 412 -17.05 34.30 68.37
CA ASN UA 412 -18.17 35.04 68.92
C ASN UA 412 -17.87 35.43 70.37
N PRO UA 413 -17.81 36.73 70.67
CA PRO UA 413 -17.50 37.13 72.05
C PRO UA 413 -18.54 36.71 73.07
N HIS UA 414 -19.76 36.38 72.66
CA HIS UA 414 -20.85 36.08 73.57
C HIS UA 414 -20.87 34.62 73.99
N MET UA 415 -19.74 33.91 73.92
CA MET UA 415 -19.68 32.50 74.25
C MET UA 415 -18.54 32.20 75.22
N GLY UA 416 -18.26 33.14 76.12
CA GLY UA 416 -17.23 32.92 77.11
C GLY UA 416 -16.99 34.18 77.92
N GLY UA 417 -16.13 34.04 78.92
CA GLY UA 417 -15.79 35.17 79.75
C GLY UA 417 -15.10 34.72 81.04
N GLN UA 418 -15.14 35.62 82.02
CA GLN UA 418 -14.47 35.44 83.30
C GLN UA 418 -15.53 35.21 84.38
N PHE UA 419 -15.33 34.19 85.21
CA PHE UA 419 -16.25 33.87 86.27
C PHE UA 419 -15.54 33.86 87.61
N PHE UA 420 -16.20 34.40 88.63
CA PHE UA 420 -15.67 34.46 89.98
C PHE UA 420 -16.71 33.93 90.95
N GLY UA 421 -16.30 33.74 92.20
CA GLY UA 421 -17.24 33.36 93.23
C GLY UA 421 -18.08 34.52 93.69
N ASN UA 422 -19.36 34.53 93.35
CA ASN UA 422 -20.22 35.64 93.70
C ASN UA 422 -20.52 35.63 95.21
N PRO UA 423 -20.74 36.80 95.82
CA PRO UA 423 -21.04 36.88 97.25
C PRO UA 423 -22.43 36.33 97.58
N PRO VA 2 18.20 -26.90 -144.37
CA PRO VA 2 18.87 -27.89 -145.22
C PRO VA 2 18.21 -29.26 -145.15
N ASN VA 3 17.76 -29.65 -143.97
CA ASN VA 3 17.10 -30.94 -143.80
C ASN VA 3 15.77 -30.95 -144.54
N ASN VA 4 15.49 -32.08 -145.21
CA ASN VA 4 14.23 -32.28 -145.93
C ASN VA 4 13.74 -33.68 -145.58
N LEU VA 5 12.96 -33.78 -144.49
CA LEU VA 5 12.49 -35.06 -143.99
C LEU VA 5 10.99 -35.26 -144.15
N ASP VA 6 10.35 -34.53 -145.06
CA ASP VA 6 8.91 -34.67 -145.25
C ASP VA 6 8.52 -35.97 -145.93
N SER VA 7 9.48 -36.71 -146.50
CA SER VA 7 9.19 -37.96 -147.18
C SER VA 7 9.36 -39.18 -146.28
N ASN VA 8 9.78 -39.00 -145.04
CA ASN VA 8 9.89 -40.10 -144.09
C ASN VA 8 8.62 -40.35 -143.30
N VAL VA 9 7.60 -39.52 -143.50
CA VAL VA 9 6.36 -39.63 -142.73
C VAL VA 9 5.21 -39.92 -143.68
N SER VA 10 4.03 -40.20 -143.13
CA SER VA 10 2.85 -40.50 -143.92
C SER VA 10 1.68 -39.70 -143.37
N GLN VA 11 0.79 -39.30 -144.28
CA GLN VA 11 -0.42 -38.59 -143.92
C GLN VA 11 -1.45 -39.60 -143.43
N ILE VA 12 -1.76 -39.57 -142.14
CA ILE VA 12 -2.62 -40.54 -141.50
C ILE VA 12 -4.00 -39.92 -141.29
N VAL VA 13 -5.04 -40.64 -141.71
CA VAL VA 13 -6.42 -40.25 -141.46
C VAL VA 13 -7.00 -41.24 -140.46
N LEU VA 14 -7.30 -40.76 -139.26
CA LEU VA 14 -7.78 -41.64 -138.20
C LEU VA 14 -9.18 -42.14 -138.51
N LYS VA 15 -9.52 -43.28 -137.92
CA LYS VA 15 -10.79 -43.95 -138.19
C LYS VA 15 -11.85 -43.54 -137.16
N LYS VA 16 -12.09 -42.23 -137.07
CA LYS VA 16 -13.11 -41.69 -136.19
C LYS VA 16 -13.95 -40.68 -136.95
N PHE VA 17 -15.22 -40.59 -136.58
CA PHE VA 17 -16.16 -39.67 -137.19
C PHE VA 17 -16.59 -38.62 -136.19
N LEU VA 18 -16.55 -37.36 -136.59
CA LEU VA 18 -17.00 -36.28 -135.74
C LEU VA 18 -18.53 -36.31 -135.60
N PRO VA 19 -19.05 -35.85 -134.48
CA PRO VA 19 -20.51 -35.82 -134.30
C PRO VA 19 -21.17 -34.81 -135.23
N GLY VA 20 -22.44 -35.07 -135.53
CA GLY VA 20 -23.19 -34.23 -136.44
C GLY VA 20 -24.39 -33.55 -135.80
N PHE VA 21 -25.51 -33.54 -136.50
CA PHE VA 21 -26.73 -32.88 -136.04
C PHE VA 21 -27.92 -33.83 -136.16
N MET VA 22 -28.99 -33.51 -135.45
CA MET VA 22 -30.25 -34.21 -135.61
C MET VA 22 -31.37 -33.33 -135.10
N SER VA 23 -32.61 -33.78 -135.32
CA SER VA 23 -33.80 -33.11 -134.84
C SER VA 23 -34.67 -34.10 -134.08
N ASP VA 24 -35.53 -33.56 -133.21
CA ASP VA 24 -36.34 -34.37 -132.33
C ASP VA 24 -37.55 -34.94 -133.06
N LEU VA 25 -38.29 -35.79 -132.35
CA LEU VA 25 -39.40 -36.56 -132.92
C LEU VA 25 -40.50 -36.67 -131.87
N VAL VA 26 -41.52 -35.84 -131.97
CA VAL VA 26 -42.62 -35.85 -131.03
C VAL VA 26 -43.98 -36.00 -131.69
N LEU VA 27 -44.13 -35.60 -132.96
CA LEU VA 27 -45.45 -35.62 -133.59
C LEU VA 27 -45.94 -37.05 -133.78
N ALA VA 28 -45.06 -37.95 -134.22
CA ALA VA 28 -45.47 -39.35 -134.38
C ALA VA 28 -45.82 -39.97 -133.04
N LYS VA 29 -45.06 -39.64 -132.00
CA LYS VA 29 -45.36 -40.16 -130.67
C LYS VA 29 -46.72 -39.70 -130.18
N THR VA 30 -47.06 -38.42 -130.38
CA THR VA 30 -48.31 -37.89 -129.88
C THR VA 30 -49.51 -38.35 -130.72
N VAL VA 31 -49.35 -38.41 -132.04
CA VAL VA 31 -50.49 -38.69 -132.91
C VAL VA 31 -50.96 -40.13 -132.72
N ASP VA 32 -52.26 -40.34 -132.94
CA ASP VA 32 -52.83 -41.67 -132.85
C ASP VA 32 -52.32 -42.55 -133.98
N ARG VA 33 -52.02 -43.80 -133.66
CA ARG VA 33 -51.53 -44.75 -134.65
C ARG VA 33 -52.20 -46.13 -134.61
N GLN VA 34 -53.09 -46.38 -133.66
CA GLN VA 34 -53.68 -47.71 -133.52
C GLN VA 34 -54.91 -47.90 -134.39
N LEU VA 35 -55.64 -46.82 -134.69
CA LEU VA 35 -56.89 -46.95 -135.45
C LEU VA 35 -56.62 -47.41 -136.88
N LEU VA 36 -55.66 -46.79 -137.55
CA LEU VA 36 -55.42 -47.07 -138.96
C LEU VA 36 -54.41 -48.19 -139.18
N ALA VA 37 -53.77 -48.70 -138.12
CA ALA VA 37 -52.76 -49.73 -138.27
C ALA VA 37 -53.42 -51.07 -138.56
N GLY VA 38 -52.97 -51.72 -139.63
CA GLY VA 38 -53.51 -53.01 -140.03
C GLY VA 38 -54.79 -52.94 -140.84
N GLU VA 39 -55.27 -51.73 -141.17
CA GLU VA 39 -56.53 -51.63 -141.90
C GLU VA 39 -56.33 -51.82 -143.39
N ILE VA 40 -55.44 -51.06 -144.00
CA ILE VA 40 -55.23 -51.12 -145.45
C ILE VA 40 -54.43 -52.38 -145.78
N ASN VA 41 -54.94 -53.17 -146.72
CA ASN VA 41 -54.28 -54.39 -147.15
C ASN VA 41 -54.58 -54.60 -148.63
N SER VA 42 -54.33 -55.83 -149.10
CA SER VA 42 -54.53 -56.13 -150.52
C SER VA 42 -55.97 -56.00 -150.96
N SER VA 43 -56.93 -56.14 -150.04
CA SER VA 43 -58.34 -56.16 -150.39
C SER VA 43 -59.06 -54.85 -150.12
N THR VA 44 -58.34 -53.78 -149.79
CA THR VA 44 -58.96 -52.52 -149.41
C THR VA 44 -58.56 -51.35 -150.30
N GLY VA 45 -57.96 -51.61 -151.46
CA GLY VA 45 -57.59 -50.52 -152.34
C GLY VA 45 -56.49 -49.66 -151.74
N ASP VA 46 -56.65 -48.35 -151.83
CA ASP VA 46 -55.67 -47.39 -151.33
C ASP VA 46 -56.28 -46.36 -150.39
N SER VA 47 -57.51 -46.63 -149.93
CA SER VA 47 -58.20 -45.73 -149.01
C SER VA 47 -59.23 -46.53 -148.23
N VAL VA 48 -59.47 -46.08 -147.00
CA VAL VA 48 -60.41 -46.75 -146.10
C VAL VA 48 -61.10 -45.71 -145.23
N SER VA 49 -62.34 -45.98 -144.84
CA SER VA 49 -63.17 -44.98 -144.20
C SER VA 49 -63.69 -45.46 -142.84
N PHE VA 50 -63.99 -44.49 -141.98
CA PHE VA 50 -64.59 -44.72 -140.67
C PHE VA 50 -65.88 -43.91 -140.56
N LYS VA 51 -66.81 -44.44 -139.77
CA LYS VA 51 -68.12 -43.82 -139.61
C LYS VA 51 -68.07 -42.61 -138.69
N ARG VA 52 -69.11 -41.77 -138.78
CA ARG VA 52 -69.26 -40.58 -137.97
C ARG VA 52 -70.34 -40.76 -136.92
N PRO VA 53 -70.30 -40.02 -135.78
CA PRO VA 53 -71.37 -40.10 -134.76
C PRO VA 53 -72.69 -39.43 -135.11
N HIS VA 54 -73.80 -40.15 -134.99
CA HIS VA 54 -75.15 -39.57 -135.26
C HIS VA 54 -75.56 -38.65 -134.10
N GLN VA 55 -76.25 -37.53 -134.37
CA GLN VA 55 -76.72 -36.60 -133.31
C GLN VA 55 -78.22 -36.37 -133.51
N PHE VA 56 -78.99 -36.12 -132.45
CA PHE VA 56 -80.48 -36.03 -132.61
C PHE VA 56 -81.06 -34.75 -132.00
N SER VA 57 -82.31 -34.40 -132.36
CA SER VA 57 -82.95 -33.14 -131.89
C SER VA 57 -84.29 -33.48 -131.22
N SER VA 58 -84.79 -32.61 -130.33
CA SER VA 58 -86.02 -32.97 -129.58
C SER VA 58 -87.08 -31.87 -129.65
N LEU VA 59 -88.36 -32.23 -129.48
CA LEU VA 59 -89.46 -31.24 -129.55
C LEU VA 59 -90.16 -31.17 -128.20
N ARG VA 60 -90.45 -29.96 -127.71
CA ARG VA 60 -91.20 -29.82 -126.43
C ARG VA 60 -92.64 -29.44 -126.78
N THR VA 61 -93.61 -30.23 -126.35
CA THR VA 61 -95.06 -29.96 -126.62
C THR VA 61 -95.85 -30.07 -125.32
N PRO VA 62 -96.88 -29.24 -125.07
CA PRO VA 62 -97.58 -29.28 -123.78
C PRO VA 62 -98.27 -30.61 -123.47
N THR VA 63 -98.91 -31.24 -124.45
CA THR VA 63 -99.68 -32.48 -124.21
C THR VA 63 -98.93 -33.73 -124.68
N GLY VA 64 -97.78 -33.59 -125.33
CA GLY VA 64 -97.06 -34.76 -125.89
C GLY VA 64 -97.43 -35.04 -127.33
N ASP VA 65 -98.21 -34.18 -127.97
CA ASP VA 65 -98.68 -34.40 -129.36
C ASP VA 65 -97.57 -34.18 -130.41
N ILE VA 66 -97.48 -35.03 -131.42
CA ILE VA 66 -96.50 -34.85 -132.55
C ILE VA 66 -97.30 -35.03 -133.84
N SER VA 67 -98.53 -34.54 -133.89
CA SER VA 67 -99.45 -34.73 -135.00
C SER VA 67 -98.92 -34.08 -136.28
N GLY VA 68 -98.41 -32.85 -136.20
CA GLY VA 68 -97.97 -32.15 -137.37
C GLY VA 68 -96.47 -31.94 -137.46
N GLN VA 69 -95.75 -32.33 -136.41
CA GLN VA 69 -94.32 -32.12 -136.36
C GLN VA 69 -93.59 -33.08 -137.30
N ASN VA 70 -92.31 -32.80 -137.52
CA ASN VA 70 -91.44 -33.64 -138.34
C ASN VA 70 -90.39 -34.28 -137.46
N LYS VA 71 -90.13 -35.57 -137.69
CA LYS VA 71 -89.27 -36.35 -136.82
C LYS VA 71 -87.81 -36.27 -137.28
N ASN VA 72 -86.92 -36.78 -136.43
CA ASN VA 72 -85.50 -36.80 -136.74
C ASN VA 72 -85.21 -37.83 -137.83
N ASN VA 73 -84.39 -37.45 -138.81
CA ASN VA 73 -84.01 -38.34 -139.88
C ASN VA 73 -82.73 -39.09 -139.52
N LEU VA 74 -82.29 -39.96 -140.42
CA LEU VA 74 -81.06 -40.72 -140.26
C LEU VA 74 -80.13 -40.37 -141.41
N ILE VA 75 -79.02 -39.69 -141.09
CA ILE VA 75 -77.99 -39.35 -142.07
C ILE VA 75 -76.67 -39.86 -141.54
N SER VA 76 -75.92 -40.57 -142.39
CA SER VA 76 -74.67 -41.18 -142.02
C SER VA 76 -73.52 -40.54 -142.79
N GLY VA 77 -72.40 -40.30 -142.10
CA GLY VA 77 -71.24 -39.71 -142.72
C GLY VA 77 -70.00 -40.56 -142.48
N LYS VA 78 -69.03 -40.39 -143.38
CA LYS VA 78 -67.80 -41.17 -143.32
C LYS VA 78 -66.61 -40.26 -143.55
N ALA VA 79 -65.49 -40.61 -142.92
CA ALA VA 79 -64.22 -39.93 -143.10
C ALA VA 79 -63.19 -40.92 -143.64
N THR VA 80 -62.47 -40.50 -144.68
CA THR VA 80 -61.63 -41.40 -145.45
C THR VA 80 -60.16 -41.05 -145.29
N GLY VA 81 -59.32 -42.07 -145.13
CA GLY VA 81 -57.88 -41.92 -145.13
C GLY VA 81 -57.24 -42.69 -146.26
N ARG VA 82 -56.26 -42.09 -146.92
CA ARG VA 82 -55.68 -42.61 -148.15
C ARG VA 82 -54.18 -42.80 -147.99
N VAL VA 83 -53.63 -43.67 -148.84
CA VAL VA 83 -52.18 -43.91 -148.85
C VAL VA 83 -51.47 -42.70 -149.45
N GLY VA 84 -50.15 -42.64 -149.31
CA GLY VA 84 -49.39 -41.51 -149.80
C GLY VA 84 -48.28 -41.87 -150.77
N ASN VA 85 -47.31 -40.97 -150.93
CA ASN VA 85 -46.21 -41.21 -151.85
C ASN VA 85 -45.06 -41.92 -151.16
N TYR VA 86 -44.15 -42.46 -151.97
CA TYR VA 86 -42.99 -43.18 -151.45
C TYR VA 86 -42.02 -42.20 -150.78
N ILE VA 87 -41.10 -42.77 -150.00
CA ILE VA 87 -39.94 -42.05 -149.48
C ILE VA 87 -38.75 -42.99 -149.66
N THR VA 88 -37.90 -42.69 -150.65
CA THR VA 88 -36.83 -43.58 -151.02
C THR VA 88 -35.51 -42.83 -151.11
N VAL VA 89 -34.43 -43.53 -150.79
CA VAL VA 89 -33.07 -43.00 -150.89
C VAL VA 89 -32.20 -44.08 -151.53
N ALA VA 90 -31.34 -43.67 -152.46
CA ALA VA 90 -30.54 -44.61 -153.21
C ALA VA 90 -29.10 -44.12 -153.29
N VAL VA 91 -28.17 -45.06 -153.21
CA VAL VA 91 -26.74 -44.80 -153.34
C VAL VA 91 -26.13 -45.84 -154.25
N GLU VA 92 -24.96 -45.52 -154.80
CA GLU VA 92 -24.24 -46.44 -155.67
C GLU VA 92 -22.75 -46.13 -155.60
N TYR VA 93 -21.95 -47.15 -155.88
CA TYR VA 93 -20.50 -47.01 -155.90
C TYR VA 93 -19.91 -48.09 -156.80
N GLN VA 94 -18.70 -47.82 -157.28
CA GLN VA 94 -18.03 -48.70 -158.22
C GLN VA 94 -17.34 -49.84 -157.49
N GLN VA 95 -17.12 -50.94 -158.22
CA GLN VA 95 -16.43 -52.09 -157.64
C GLN VA 95 -15.00 -51.73 -157.25
N LEU VA 96 -14.31 -50.99 -158.12
CA LEU VA 96 -12.95 -50.57 -157.79
C LEU VA 96 -12.92 -49.66 -156.56
N GLU VA 97 -13.87 -48.72 -156.47
CA GLU VA 97 -13.92 -47.84 -155.32
C GLU VA 97 -14.18 -48.62 -154.05
N GLU VA 98 -15.10 -49.59 -154.10
CA GLU VA 98 -15.33 -50.44 -152.93
C GLU VA 98 -14.10 -51.26 -152.60
N ALA VA 99 -13.31 -51.63 -153.60
CA ALA VA 99 -12.15 -52.48 -153.36
C ALA VA 99 -11.01 -51.70 -152.69
N ILE VA 100 -10.74 -50.48 -153.14
CA ILE VA 100 -9.56 -49.73 -152.71
C ILE VA 100 -9.89 -48.68 -151.67
N LYS VA 101 -10.94 -47.87 -151.90
CA LYS VA 101 -11.13 -46.66 -151.11
C LYS VA 101 -12.12 -46.83 -149.97
N LEU VA 102 -13.26 -47.48 -150.22
CA LEU VA 102 -14.33 -47.51 -149.23
C LEU VA 102 -13.94 -48.34 -148.01
N ASN VA 103 -14.25 -47.79 -146.84
CA ASN VA 103 -14.10 -48.50 -145.57
C ASN VA 103 -15.05 -47.86 -144.56
N GLN VA 104 -15.32 -48.59 -143.48
CA GLN VA 104 -16.29 -48.15 -142.47
C GLN VA 104 -17.65 -47.85 -143.10
N LEU VA 105 -18.05 -48.72 -144.04
CA LEU VA 105 -19.25 -48.48 -144.84
C LEU VA 105 -20.50 -48.48 -143.98
N GLU VA 106 -20.52 -49.25 -142.88
CA GLU VA 106 -21.73 -49.32 -142.06
C GLU VA 106 -22.05 -47.98 -141.42
N GLU VA 107 -21.08 -47.32 -140.79
CA GLU VA 107 -21.37 -46.00 -140.25
C GLU VA 107 -21.26 -44.90 -141.31
N ILE VA 108 -20.77 -45.22 -142.51
CA ILE VA 108 -20.99 -44.30 -143.62
C ILE VA 108 -22.48 -44.26 -143.99
N LEU VA 109 -23.13 -45.43 -144.02
CA LEU VA 109 -24.51 -45.55 -144.46
C LEU VA 109 -25.53 -45.49 -143.31
N ALA VA 110 -25.08 -45.32 -142.08
CA ALA VA 110 -26.01 -45.28 -140.95
C ALA VA 110 -27.14 -44.26 -141.07
N PRO VA 111 -26.90 -42.96 -141.40
CA PRO VA 111 -27.95 -41.95 -141.20
C PRO VA 111 -29.09 -41.96 -142.21
N VAL VA 112 -29.17 -42.96 -143.08
CA VAL VA 112 -30.24 -43.00 -144.06
C VAL VA 112 -31.60 -43.17 -143.37
N ARG VA 113 -31.63 -43.99 -142.32
CA ARG VA 113 -32.87 -44.19 -141.58
C ARG VA 113 -33.32 -42.89 -140.93
N GLN VA 114 -32.39 -42.14 -140.34
CA GLN VA 114 -32.73 -40.85 -139.76
C GLN VA 114 -33.25 -39.89 -140.82
N ARG VA 115 -32.64 -39.88 -142.01
CA ARG VA 115 -33.12 -39.02 -143.07
C ARG VA 115 -34.55 -39.38 -143.46
N ILE VA 116 -34.84 -40.68 -143.60
CA ILE VA 116 -36.17 -41.11 -144.01
C ILE VA 116 -37.21 -40.70 -142.96
N VAL VA 117 -36.91 -40.96 -141.69
CA VAL VA 117 -37.88 -40.66 -140.64
C VAL VA 117 -38.07 -39.15 -140.50
N THR VA 118 -37.00 -38.37 -140.68
CA THR VA 118 -37.14 -36.92 -140.64
C THR VA 118 -38.01 -36.40 -141.77
N ASP VA 119 -37.84 -36.96 -142.97
CA ASP VA 119 -38.71 -36.57 -144.08
C ASP VA 119 -40.16 -36.91 -143.79
N LEU VA 120 -40.40 -38.09 -143.21
CA LEU VA 120 -41.77 -38.46 -142.84
C LEU VA 120 -42.34 -37.48 -141.81
N GLU VA 121 -41.53 -37.08 -140.83
CA GLU VA 121 -42.00 -36.15 -139.81
C GLU VA 121 -42.34 -34.79 -140.40
N THR VA 122 -41.50 -34.29 -141.31
CA THR VA 122 -41.79 -33.01 -141.93
C THR VA 122 -43.08 -33.09 -142.75
N GLU VA 123 -43.27 -34.20 -143.48
CA GLU VA 123 -44.52 -34.37 -144.24
C GLU VA 123 -45.72 -34.40 -143.31
N LEU VA 124 -45.60 -35.09 -142.17
CA LEU VA 124 -46.71 -35.14 -141.22
C LEU VA 124 -47.03 -33.76 -140.66
N ALA VA 125 -45.99 -32.97 -140.33
CA ALA VA 125 -46.22 -31.63 -139.84
C ALA VA 125 -46.92 -30.76 -140.87
N HIS VA 126 -46.50 -30.87 -142.14
CA HIS VA 126 -47.17 -30.14 -143.21
C HIS VA 126 -48.63 -30.55 -143.32
N PHE VA 127 -48.90 -31.86 -143.23
CA PHE VA 127 -50.27 -32.35 -143.33
C PHE VA 127 -51.14 -31.80 -142.20
N MET VA 128 -50.63 -31.82 -140.97
CA MET VA 128 -51.39 -31.29 -139.84
C MET VA 128 -51.65 -29.79 -140.02
N MET VA 129 -50.62 -29.03 -140.44
CA MET VA 129 -50.81 -27.60 -140.62
C MET VA 129 -51.85 -27.30 -141.69
N ASN VA 130 -51.80 -28.04 -142.81
CA ASN VA 130 -52.75 -27.81 -143.88
C ASN VA 130 -54.18 -28.16 -143.46
N ASN VA 131 -54.36 -29.27 -142.76
CA ASN VA 131 -55.70 -29.77 -142.47
C ASN VA 131 -56.28 -29.25 -141.16
N GLY VA 132 -55.51 -28.52 -140.36
CA GLY VA 132 -56.07 -27.91 -139.16
C GLY VA 132 -57.05 -26.81 -139.49
N ALA VA 133 -57.99 -26.56 -138.58
CA ALA VA 133 -59.08 -25.63 -138.86
C ALA VA 133 -59.24 -24.54 -137.83
N LEU VA 134 -58.88 -24.76 -136.58
CA LEU VA 134 -59.11 -23.76 -135.54
C LEU VA 134 -58.05 -22.66 -135.62
N SER VA 135 -58.27 -21.59 -134.86
CA SER VA 135 -57.37 -20.45 -134.85
C SER VA 135 -57.52 -19.71 -133.53
N LEU VA 136 -56.40 -19.24 -132.99
CA LEU VA 136 -56.39 -18.49 -131.73
C LEU VA 136 -55.25 -17.50 -131.80
N GLY VA 137 -55.57 -16.21 -131.80
CA GLY VA 137 -54.57 -15.17 -131.84
C GLY VA 137 -54.12 -14.85 -133.25
N SER VA 138 -53.35 -13.78 -133.37
CA SER VA 138 -52.84 -13.33 -134.66
C SER VA 138 -51.36 -13.65 -134.79
N PRO VA 139 -50.88 -13.86 -136.01
CA PRO VA 139 -49.46 -14.20 -136.20
C PRO VA 139 -48.50 -13.04 -135.93
N ASN VA 140 -49.00 -11.85 -135.64
CA ASN VA 140 -48.16 -10.68 -135.40
C ASN VA 140 -47.83 -10.49 -133.93
N THR VA 141 -47.88 -11.55 -133.14
CA THR VA 141 -47.56 -11.46 -131.71
C THR VA 141 -47.06 -12.82 -131.24
N PRO VA 142 -45.77 -12.93 -130.93
CA PRO VA 142 -45.24 -14.19 -130.40
C PRO VA 142 -45.80 -14.48 -129.02
N ILE VA 143 -45.80 -15.76 -128.66
CA ILE VA 143 -46.32 -16.18 -127.37
C ILE VA 143 -45.40 -15.65 -126.26
N THR VA 144 -45.97 -14.86 -125.36
CA THR VA 144 -45.22 -14.26 -124.26
C THR VA 144 -45.88 -14.44 -122.90
N LYS VA 145 -47.18 -14.66 -122.83
CA LYS VA 145 -47.91 -14.70 -121.58
C LYS VA 145 -48.39 -16.12 -121.27
N TRP VA 146 -49.15 -16.24 -120.20
CA TRP VA 146 -49.75 -17.51 -119.78
C TRP VA 146 -51.13 -17.73 -120.39
N SER VA 147 -51.89 -16.64 -120.58
CA SER VA 147 -53.20 -16.76 -121.22
C SER VA 147 -53.07 -17.26 -122.65
N ASP VA 148 -51.98 -16.91 -123.34
CA ASP VA 148 -51.79 -17.36 -124.72
C ASP VA 148 -51.74 -18.88 -124.83
N VAL VA 149 -51.43 -19.58 -123.74
CA VAL VA 149 -51.45 -21.03 -123.72
C VAL VA 149 -52.72 -21.57 -123.07
N ALA VA 150 -53.21 -20.90 -122.03
CA ALA VA 150 -54.43 -21.37 -121.37
C ALA VA 150 -55.64 -21.28 -122.29
N GLN VA 151 -55.61 -20.37 -123.26
CA GLN VA 151 -56.75 -20.19 -124.16
C GLN VA 151 -57.02 -21.43 -124.98
N THR VA 152 -55.98 -22.21 -125.32
CA THR VA 152 -56.19 -23.42 -126.10
C THR VA 152 -57.04 -24.43 -125.34
N ALA VA 153 -56.66 -24.71 -124.08
CA ALA VA 153 -57.43 -25.64 -123.26
C ALA VA 153 -58.83 -25.10 -123.01
N SER VA 154 -58.95 -23.79 -122.75
CA SER VA 154 -60.28 -23.23 -122.52
C SER VA 154 -61.17 -23.37 -123.74
N PHE VA 155 -60.63 -23.10 -124.93
CA PHE VA 155 -61.41 -23.23 -126.16
C PHE VA 155 -61.82 -24.67 -126.42
N LEU VA 156 -60.90 -25.62 -126.21
CA LEU VA 156 -61.25 -27.01 -126.41
C LEU VA 156 -62.35 -27.45 -125.44
N LYS VA 157 -62.24 -27.05 -124.18
CA LYS VA 157 -63.26 -27.41 -123.20
C LYS VA 157 -64.60 -26.77 -123.55
N ASP VA 158 -64.60 -25.53 -124.00
CA ASP VA 158 -65.84 -24.85 -124.33
C ASP VA 158 -66.50 -25.43 -125.57
N LEU VA 159 -65.71 -25.88 -126.56
CA LEU VA 159 -66.28 -26.61 -127.67
C LEU VA 159 -66.85 -27.95 -127.23
N GLY VA 160 -66.16 -28.63 -126.31
CA GLY VA 160 -66.72 -29.83 -125.72
C GLY VA 160 -65.96 -31.11 -126.02
N VAL VA 161 -64.67 -31.00 -126.29
CA VAL VA 161 -63.84 -32.18 -126.51
C VAL VA 161 -63.72 -32.95 -125.20
N ASN VA 162 -64.06 -34.23 -125.22
CA ASN VA 162 -64.15 -35.04 -124.01
C ASN VA 162 -63.17 -36.20 -123.96
N GLU VA 163 -62.89 -36.85 -125.07
CA GLU VA 163 -62.06 -38.05 -125.08
C GLU VA 163 -60.68 -37.74 -125.64
N GLY VA 164 -59.67 -38.38 -125.08
CA GLY VA 164 -58.30 -38.16 -125.48
C GLY VA 164 -57.64 -37.02 -124.75
N GLU VA 165 -56.34 -36.88 -124.98
CA GLU VA 165 -55.53 -35.85 -124.35
C GLU VA 165 -55.27 -34.71 -125.33
N ASN VA 166 -55.12 -33.51 -124.78
CA ASN VA 166 -54.93 -32.31 -125.58
C ASN VA 166 -53.45 -31.92 -125.55
N TYR VA 167 -52.85 -31.82 -126.73
CA TYR VA 167 -51.43 -31.54 -126.88
C TYR VA 167 -51.21 -30.18 -127.51
N ALA VA 168 -50.19 -29.49 -127.03
CA ALA VA 168 -49.74 -28.22 -127.60
C ALA VA 168 -48.26 -28.32 -127.87
N VAL VA 169 -47.85 -27.91 -129.08
CA VAL VA 169 -46.47 -28.00 -129.52
C VAL VA 169 -46.03 -26.63 -130.03
N MET VA 170 -44.86 -26.18 -129.57
CA MET VA 170 -44.33 -24.87 -129.91
C MET VA 170 -42.82 -25.00 -130.09
N ASP VA 171 -42.18 -23.88 -130.44
CA ASP VA 171 -40.77 -23.85 -130.79
C ASP VA 171 -39.90 -23.41 -129.62
N PRO VA 172 -38.59 -23.67 -129.69
CA PRO VA 172 -37.72 -23.36 -128.54
C PRO VA 172 -37.73 -21.90 -128.12
N TRP VA 173 -37.90 -20.96 -129.04
CA TRP VA 173 -37.93 -19.56 -128.66
C TRP VA 173 -39.17 -19.25 -127.83
N SER VA 174 -40.32 -19.81 -128.21
CA SER VA 174 -41.52 -19.63 -127.39
C SER VA 174 -41.35 -20.33 -126.05
N ALA VA 175 -40.68 -21.47 -126.02
CA ALA VA 175 -40.42 -22.12 -124.74
C ALA VA 175 -39.55 -21.24 -123.84
N GLN VA 176 -38.53 -20.61 -124.41
CA GLN VA 176 -37.68 -19.70 -123.64
C GLN VA 176 -38.48 -18.51 -123.13
N ARG VA 177 -39.35 -17.95 -123.97
CA ARG VA 177 -40.16 -16.82 -123.53
C ARG VA 177 -41.10 -17.23 -122.39
N LEU VA 178 -41.68 -18.42 -122.49
CA LEU VA 178 -42.54 -18.91 -121.41
C LEU VA 178 -41.76 -19.11 -120.12
N ALA VA 179 -40.54 -19.64 -120.22
CA ALA VA 179 -39.71 -19.79 -119.03
C ALA VA 179 -39.37 -18.44 -118.42
N ASP VA 180 -39.08 -17.44 -119.27
CA ASP VA 180 -38.82 -16.09 -118.78
C ASP VA 180 -40.03 -15.53 -118.05
N ALA VA 181 -41.23 -15.76 -118.59
CA ALA VA 181 -42.44 -15.33 -117.91
C ALA VA 181 -42.61 -16.05 -116.58
N GLN VA 182 -42.28 -17.34 -116.53
CA GLN VA 182 -42.43 -18.11 -115.31
C GLN VA 182 -41.46 -17.62 -114.23
N THR VA 183 -40.26 -17.17 -114.63
CA THR VA 183 -39.27 -16.72 -113.66
C THR VA 183 -39.75 -15.50 -112.87
N GLY VA 184 -40.79 -14.82 -113.33
CA GLY VA 184 -41.34 -13.67 -112.63
C GLY VA 184 -42.42 -13.98 -111.63
N LEU VA 185 -42.55 -15.24 -111.20
CA LEU VA 185 -43.58 -15.60 -110.23
C LEU VA 185 -43.25 -14.98 -108.87
N HIS VA 186 -44.17 -15.17 -107.92
CA HIS VA 186 -44.07 -14.50 -106.63
C HIS VA 186 -43.96 -15.44 -105.44
N ALA VA 187 -44.48 -16.67 -105.52
CA ALA VA 187 -44.54 -17.53 -104.35
C ALA VA 187 -43.79 -18.84 -104.52
N SER VA 188 -43.97 -19.54 -105.63
CA SER VA 188 -43.46 -20.91 -105.78
C SER VA 188 -41.94 -20.86 -105.96
N ASP VA 189 -41.22 -21.07 -104.86
CA ASP VA 189 -39.77 -20.97 -104.89
C ASP VA 189 -39.14 -22.05 -105.76
N GLN VA 190 -39.61 -23.30 -105.66
CA GLN VA 190 -39.05 -24.36 -106.48
C GLN VA 190 -39.35 -24.13 -107.95
N LEU VA 191 -40.58 -23.71 -108.27
CA LEU VA 191 -40.96 -23.47 -109.65
C LEU VA 191 -40.22 -22.30 -110.26
N VAL VA 192 -39.87 -21.28 -109.48
CA VAL VA 192 -39.08 -20.18 -110.03
C VAL VA 192 -37.60 -20.56 -110.12
N ARG VA 193 -37.07 -21.34 -109.17
CA ARG VA 193 -35.68 -21.75 -109.24
C ARG VA 193 -35.43 -22.64 -110.43
N THR VA 194 -36.33 -23.58 -110.70
CA THR VA 194 -36.15 -24.49 -111.83
C THR VA 194 -36.09 -23.72 -113.14
N ALA VA 195 -37.00 -22.77 -113.32
CA ALA VA 195 -37.02 -21.98 -114.55
C ALA VA 195 -35.80 -21.06 -114.64
N TRP VA 196 -35.38 -20.48 -113.51
CA TRP VA 196 -34.23 -19.59 -113.53
C TRP VA 196 -32.95 -20.33 -113.89
N GLU VA 197 -32.76 -21.54 -113.35
CA GLU VA 197 -31.54 -22.27 -113.59
C GLU VA 197 -31.58 -23.04 -114.91
N ASN VA 198 -32.52 -23.98 -115.04
CA ASN VA 198 -32.54 -24.91 -116.16
C ASN VA 198 -33.39 -24.43 -117.33
N ALA VA 199 -34.14 -23.34 -117.16
CA ALA VA 199 -35.02 -22.80 -118.20
C ALA VA 199 -36.00 -23.87 -118.69
N GLN VA 200 -36.58 -24.60 -117.74
CA GLN VA 200 -37.49 -25.71 -118.02
C GLN VA 200 -38.86 -25.38 -117.47
N ILE VA 201 -39.88 -25.53 -118.30
CA ILE VA 201 -41.27 -25.32 -117.89
C ILE VA 201 -41.87 -26.69 -117.56
N PRO VA 202 -42.88 -26.76 -116.69
CA PRO VA 202 -43.42 -28.08 -116.30
C PRO VA 202 -44.12 -28.76 -117.46
N THR VA 203 -44.37 -30.06 -117.28
CA THR VA 203 -45.02 -30.84 -118.32
C THR VA 203 -46.44 -30.35 -118.60
N ASN VA 204 -47.21 -30.08 -117.55
CA ASN VA 204 -48.52 -29.47 -117.71
C ASN VA 204 -48.41 -27.95 -117.61
N PHE VA 205 -49.14 -27.27 -118.48
CA PHE VA 205 -49.08 -25.81 -118.54
C PHE VA 205 -50.44 -25.29 -118.98
N GLY VA 206 -51.27 -24.91 -118.02
CA GLY VA 206 -52.61 -24.44 -118.34
C GLY VA 206 -53.60 -25.54 -118.63
N GLY VA 207 -53.32 -26.78 -118.21
CA GLY VA 207 -54.22 -27.89 -118.42
C GLY VA 207 -54.04 -28.63 -119.72
N ILE VA 208 -53.10 -28.21 -120.56
CA ILE VA 208 -52.84 -28.85 -121.85
C ILE VA 208 -51.39 -29.32 -121.87
N ARG VA 209 -51.16 -30.52 -122.37
CA ARG VA 209 -49.82 -31.11 -122.33
C ARG VA 209 -48.93 -30.36 -123.31
N ALA VA 210 -47.95 -29.63 -122.78
CA ALA VA 210 -47.10 -28.75 -123.59
C ALA VA 210 -45.78 -29.43 -123.91
N LEU VA 211 -45.32 -29.27 -125.15
CA LEU VA 211 -44.05 -29.81 -125.58
C LEU VA 211 -43.21 -28.74 -126.28
N MET VA 212 -42.08 -29.14 -126.84
CA MET VA 212 -41.22 -28.20 -127.55
C MET VA 212 -40.34 -28.99 -128.51
N SER VA 213 -40.42 -28.66 -129.80
CA SER VA 213 -39.67 -29.36 -130.82
C SER VA 213 -39.14 -28.36 -131.84
N ASN VA 214 -37.93 -28.62 -132.33
CA ASN VA 214 -37.34 -27.80 -133.36
C ASN VA 214 -37.59 -28.33 -134.78
N GLY VA 215 -38.06 -29.56 -134.90
CA GLY VA 215 -38.46 -30.08 -136.20
C GLY VA 215 -39.91 -29.77 -136.48
N LEU VA 216 -40.17 -28.70 -137.23
CA LEU VA 216 -41.53 -28.26 -137.47
C LEU VA 216 -41.50 -27.31 -138.67
N ALA VA 217 -42.26 -27.63 -139.71
CA ALA VA 217 -42.18 -26.90 -140.96
C ALA VA 217 -42.72 -25.48 -140.80
N SER VA 218 -42.26 -24.58 -141.67
CA SER VA 218 -42.68 -23.20 -141.68
C SER VA 218 -43.61 -22.95 -142.87
N ARG VA 219 -44.24 -21.78 -142.88
CA ARG VA 219 -45.18 -21.43 -143.94
C ARG VA 219 -45.05 -19.95 -144.25
N THR VA 220 -45.52 -19.59 -145.44
CA THR VA 220 -45.50 -18.21 -145.91
C THR VA 220 -46.94 -17.79 -146.21
N GLN VA 221 -47.29 -16.55 -145.87
CA GLN VA 221 -48.66 -16.09 -146.04
C GLN VA 221 -49.04 -15.98 -147.51
N GLY VA 222 -48.15 -15.44 -148.33
CA GLY VA 222 -48.49 -15.16 -149.71
C GLY VA 222 -49.19 -13.82 -149.84
N ALA VA 223 -48.89 -13.07 -150.88
CA ALA VA 223 -49.36 -11.69 -150.99
C ALA VA 223 -50.88 -11.63 -151.12
N PHE VA 224 -51.50 -10.73 -150.36
CA PHE VA 224 -52.92 -10.45 -150.50
C PHE VA 224 -53.16 -9.03 -150.00
N GLY VA 225 -54.34 -8.50 -150.32
CA GLY VA 225 -54.71 -7.19 -149.87
C GLY VA 225 -56.09 -6.83 -150.35
N GLY VA 226 -56.54 -5.64 -149.93
CA GLY VA 226 -57.84 -5.15 -150.34
C GLY VA 226 -58.96 -5.64 -149.44
N THR VA 227 -60.15 -5.10 -149.66
CA THR VA 227 -61.32 -5.54 -148.93
C THR VA 227 -61.93 -6.78 -149.59
N LEU VA 228 -62.19 -7.81 -148.79
CA LEU VA 228 -62.68 -9.08 -149.31
C LEU VA 228 -64.09 -9.34 -148.83
N THR VA 229 -64.95 -9.79 -149.75
CA THR VA 229 -66.31 -10.19 -149.44
C THR VA 229 -66.67 -11.39 -150.30
N VAL VA 230 -67.68 -12.14 -149.86
CA VAL VA 230 -68.12 -13.30 -150.63
C VAL VA 230 -69.00 -12.85 -151.79
N LYS VA 231 -69.03 -13.67 -152.84
CA LYS VA 231 -69.78 -13.37 -154.05
C LYS VA 231 -71.09 -14.13 -154.16
N THR VA 232 -71.07 -15.46 -154.03
CA THR VA 232 -72.27 -16.27 -154.17
C THR VA 232 -72.46 -17.10 -152.91
N GLN VA 233 -73.72 -17.33 -152.56
CA GLN VA 233 -74.04 -18.10 -151.36
C GLN VA 233 -73.56 -19.54 -151.52
N PRO VA 234 -72.70 -20.03 -150.64
CA PRO VA 234 -72.24 -21.41 -150.73
C PRO VA 234 -73.25 -22.40 -150.17
N THR VA 235 -73.11 -23.65 -150.60
CA THR VA 235 -73.96 -24.75 -150.13
C THR VA 235 -73.21 -25.47 -149.01
N VAL VA 236 -73.74 -25.38 -147.79
CA VAL VA 236 -73.07 -25.93 -146.62
C VAL VA 236 -73.99 -26.88 -145.88
N THR VA 237 -74.94 -27.49 -146.60
CA THR VA 237 -75.84 -28.44 -145.96
C THR VA 237 -75.12 -29.77 -145.68
N TYR VA 238 -75.57 -30.45 -144.62
CA TYR VA 238 -74.91 -31.68 -144.20
C TYR VA 238 -75.02 -32.76 -145.26
N ASN VA 239 -76.17 -32.83 -145.95
CA ASN VA 239 -76.34 -33.83 -146.98
C ASN VA 239 -75.33 -33.67 -148.12
N ALA VA 240 -74.72 -32.49 -148.24
CA ALA VA 240 -73.71 -32.25 -149.27
C ALA VA 240 -72.29 -32.20 -148.73
N VAL VA 241 -72.09 -31.95 -147.44
CA VAL VA 241 -70.75 -31.85 -146.89
C VAL VA 241 -70.51 -32.88 -145.78
N LYS VA 242 -71.24 -33.99 -145.82
CA LYS VA 242 -71.13 -35.01 -144.79
C LYS VA 242 -70.01 -36.02 -145.04
N ASP VA 243 -69.23 -35.86 -146.11
CA ASP VA 243 -68.20 -36.84 -146.44
C ASP VA 243 -66.78 -36.26 -146.50
N SER VA 244 -66.62 -34.94 -146.50
CA SER VA 244 -65.29 -34.36 -146.59
C SER VA 244 -65.03 -33.23 -145.61
N TYR VA 245 -66.05 -32.54 -145.10
CA TYR VA 245 -65.88 -31.36 -144.25
C TYR VA 245 -65.02 -30.30 -144.93
N GLN VA 246 -65.22 -30.14 -146.23
CA GLN VA 246 -64.56 -29.11 -147.01
C GLN VA 246 -65.57 -28.50 -147.97
N PHE VA 247 -65.35 -27.24 -148.33
CA PHE VA 247 -66.31 -26.59 -149.22
C PHE VA 247 -65.60 -25.52 -150.04
N THR VA 248 -66.13 -25.29 -151.24
CA THR VA 248 -65.56 -24.33 -152.18
C THR VA 248 -66.34 -23.02 -152.12
N VAL VA 249 -65.62 -21.91 -152.02
CA VAL VA 249 -66.24 -20.59 -151.90
C VAL VA 249 -65.50 -19.62 -152.82
N THR VA 250 -66.25 -18.66 -153.36
CA THR VA 250 -65.71 -17.61 -154.22
C THR VA 250 -65.79 -16.27 -153.50
N LEU VA 251 -64.76 -15.46 -153.67
CA LEU VA 251 -64.63 -14.17 -153.01
C LEU VA 251 -64.45 -13.08 -154.06
N THR VA 252 -64.50 -11.82 -153.59
CA THR VA 252 -64.38 -10.69 -154.49
C THR VA 252 -63.72 -9.53 -153.74
N GLY VA 253 -63.34 -8.50 -154.48
CA GLY VA 253 -62.67 -7.36 -153.93
C GLY VA 253 -61.17 -7.49 -153.80
N ALA VA 254 -60.58 -8.55 -154.33
CA ALA VA 254 -59.14 -8.76 -154.21
C ALA VA 254 -58.39 -7.90 -155.23
N THR VA 255 -57.08 -8.14 -155.30
CA THR VA 255 -56.25 -7.46 -156.28
C THR VA 255 -56.53 -8.00 -157.68
N ALA VA 256 -56.33 -7.14 -158.68
CA ALA VA 256 -56.73 -7.47 -160.04
C ALA VA 256 -56.01 -8.70 -160.57
N SER VA 257 -54.70 -8.80 -160.34
CA SER VA 257 -53.94 -9.93 -160.85
C SER VA 257 -52.70 -10.14 -159.99
N VAL VA 258 -52.76 -11.13 -159.10
CA VAL VA 258 -51.63 -11.51 -158.26
C VAL VA 258 -51.60 -13.03 -158.19
N THR VA 259 -50.53 -13.62 -158.71
CA THR VA 259 -50.36 -15.07 -158.58
C THR VA 259 -50.00 -15.42 -157.14
N GLY VA 260 -50.51 -16.56 -156.69
CA GLY VA 260 -50.29 -16.95 -155.29
C GLY VA 260 -50.95 -16.01 -154.31
N PHE VA 261 -52.19 -15.60 -154.58
CA PHE VA 261 -52.90 -14.71 -153.66
C PHE VA 261 -53.09 -15.38 -152.31
N LEU VA 262 -53.46 -16.65 -152.31
CA LEU VA 262 -53.59 -17.45 -151.10
C LEU VA 262 -52.96 -18.81 -151.36
N LYS VA 263 -52.27 -19.36 -150.37
CA LYS VA 263 -51.75 -20.71 -150.48
C LYS VA 263 -51.97 -21.48 -149.19
N ALA VA 264 -51.58 -22.75 -149.21
CA ALA VA 264 -51.93 -23.68 -148.15
C ALA VA 264 -51.43 -23.19 -146.80
N GLY VA 265 -52.29 -23.29 -145.78
CA GLY VA 265 -51.97 -22.84 -144.45
C GLY VA 265 -52.60 -21.51 -144.06
N ASP VA 266 -53.09 -20.73 -145.02
CA ASP VA 266 -53.72 -19.47 -144.69
C ASP VA 266 -55.08 -19.72 -144.04
N GLN VA 267 -55.54 -18.73 -143.28
CA GLN VA 267 -56.78 -18.84 -142.53
C GLN VA 267 -57.67 -17.64 -142.78
N VAL VA 268 -58.96 -17.90 -142.99
CA VAL VA 268 -59.95 -16.88 -143.30
C VAL VA 268 -61.00 -16.87 -142.20
N LYS VA 269 -61.36 -15.68 -141.74
CA LYS VA 269 -62.29 -15.49 -140.63
C LYS VA 269 -63.54 -14.80 -141.16
N PHE VA 270 -64.71 -15.35 -140.82
CA PHE VA 270 -65.99 -14.74 -141.17
C PHE VA 270 -66.46 -13.90 -139.99
N THR VA 271 -66.42 -12.58 -140.13
CA THR VA 271 -66.54 -11.70 -138.97
C THR VA 271 -67.92 -11.81 -138.32
N ASN VA 272 -68.98 -11.86 -139.12
CA ASN VA 272 -70.34 -11.77 -138.62
C ASN VA 272 -71.01 -13.13 -138.48
N THR VA 273 -70.26 -14.17 -138.12
CA THR VA 273 -70.81 -15.51 -137.99
C THR VA 273 -70.02 -16.24 -136.91
N TYR VA 274 -70.70 -16.71 -135.87
CA TYR VA 274 -70.07 -17.15 -134.64
C TYR VA 274 -70.06 -18.68 -134.51
N TRP VA 275 -69.18 -19.16 -133.63
CA TRP VA 275 -69.12 -20.58 -133.30
C TRP VA 275 -70.24 -20.96 -132.35
N LEU VA 276 -70.74 -22.18 -132.49
CA LEU VA 276 -71.72 -22.75 -131.57
C LEU VA 276 -71.11 -23.91 -130.81
N GLN VA 277 -71.62 -24.14 -129.59
CA GLN VA 277 -71.29 -25.35 -128.87
C GLN VA 277 -71.96 -26.54 -129.56
N GLN VA 278 -71.21 -27.64 -129.69
CA GLN VA 278 -71.65 -28.75 -130.52
C GLN VA 278 -72.69 -29.65 -129.84
N GLN VA 279 -72.96 -29.45 -128.57
CA GLN VA 279 -73.97 -30.25 -127.87
C GLN VA 279 -75.15 -29.42 -127.37
N THR VA 280 -74.93 -28.18 -126.96
CA THR VA 280 -76.00 -27.33 -126.46
C THR VA 280 -76.53 -26.37 -127.51
N LYS VA 281 -75.75 -26.09 -128.56
CA LYS VA 281 -76.17 -25.25 -129.68
C LYS VA 281 -76.41 -23.80 -129.26
N GLN VA 282 -75.47 -23.27 -128.47
CA GLN VA 282 -75.49 -21.87 -128.08
C GLN VA 282 -74.18 -21.23 -128.52
N ALA VA 283 -74.25 -19.95 -128.88
CA ALA VA 283 -73.07 -19.25 -129.40
C ALA VA 283 -72.01 -19.11 -128.31
N LEU VA 284 -70.74 -19.16 -128.74
CA LEU VA 284 -69.62 -19.01 -127.83
C LEU VA 284 -69.32 -17.53 -127.60
N TYR VA 285 -69.12 -17.17 -126.33
CA TYR VA 285 -68.88 -15.78 -125.96
C TYR VA 285 -67.62 -15.71 -125.09
N ASN VA 286 -66.58 -15.06 -125.61
CA ASN VA 286 -65.33 -14.88 -124.89
C ASN VA 286 -65.38 -13.55 -124.15
N GLY VA 287 -66.25 -13.48 -123.16
CA GLY VA 287 -66.41 -12.27 -122.38
C GLY VA 287 -67.42 -11.32 -122.97
N ALA VA 288 -66.94 -10.31 -123.70
CA ALA VA 288 -67.81 -9.35 -124.38
C ALA VA 288 -67.76 -9.48 -125.90
N THR VA 289 -66.86 -10.29 -126.44
CA THR VA 289 -66.72 -10.46 -127.88
C THR VA 289 -66.90 -11.93 -128.23
N PRO VA 290 -67.83 -12.27 -129.12
CA PRO VA 290 -68.02 -13.67 -129.51
C PRO VA 290 -66.85 -14.18 -130.33
N ILE VA 291 -66.83 -15.50 -130.52
CA ILE VA 291 -65.81 -16.18 -131.31
C ILE VA 291 -66.37 -16.43 -132.69
N SER VA 292 -65.74 -15.84 -133.70
CA SER VA 292 -66.23 -15.95 -135.07
C SER VA 292 -65.62 -17.16 -135.77
N PHE VA 293 -66.33 -17.66 -136.78
CA PHE VA 293 -65.90 -18.86 -137.48
C PHE VA 293 -64.66 -18.60 -138.32
N THR VA 294 -63.82 -19.63 -138.42
CA THR VA 294 -62.60 -19.56 -139.21
C THR VA 294 -62.42 -20.84 -140.01
N ALA VA 295 -61.69 -20.73 -141.11
CA ALA VA 295 -61.47 -21.86 -142.01
C ALA VA 295 -60.05 -21.78 -142.56
N THR VA 296 -59.56 -22.91 -143.05
CA THR VA 296 -58.20 -23.04 -143.54
C THR VA 296 -58.18 -23.33 -145.03
N VAL VA 297 -57.26 -22.67 -145.73
CA VAL VA 297 -57.08 -22.87 -147.17
C VAL VA 297 -56.34 -24.19 -147.38
N THR VA 298 -56.85 -25.01 -148.31
CA THR VA 298 -56.24 -26.31 -148.56
C THR VA 298 -55.24 -26.25 -149.71
N ALA VA 299 -55.64 -25.64 -150.83
CA ALA VA 299 -54.82 -25.59 -152.02
C ALA VA 299 -54.61 -24.14 -152.47
N ASP VA 300 -53.68 -23.97 -153.40
CA ASP VA 300 -53.33 -22.64 -153.88
C ASP VA 300 -54.52 -21.97 -154.56
N ALA VA 301 -54.46 -20.64 -154.66
CA ALA VA 301 -55.47 -19.85 -155.35
C ALA VA 301 -54.79 -18.72 -156.09
N ASN VA 302 -55.39 -18.31 -157.21
CA ASN VA 302 -54.89 -17.22 -158.02
C ASN VA 302 -56.00 -16.22 -158.29
N SER VA 303 -55.63 -14.95 -158.42
CA SER VA 303 -56.59 -13.88 -158.66
C SER VA 303 -56.57 -13.52 -160.15
N ASP VA 304 -57.64 -13.86 -160.86
CA ASP VA 304 -57.77 -13.48 -162.26
C ASP VA 304 -58.30 -12.06 -162.37
N SER VA 305 -58.32 -11.55 -163.60
CA SER VA 305 -58.82 -10.21 -163.84
C SER VA 305 -60.26 -10.09 -163.36
N GLY VA 306 -60.57 -8.99 -162.67
CA GLY VA 306 -61.84 -8.82 -162.00
C GLY VA 306 -61.80 -9.02 -160.51
N GLY VA 307 -60.67 -9.44 -159.94
CA GLY VA 307 -60.53 -9.57 -158.50
C GLY VA 307 -61.40 -10.63 -157.86
N ASP VA 308 -61.47 -11.83 -158.45
CA ASP VA 308 -62.27 -12.92 -157.92
C ASP VA 308 -61.38 -14.15 -157.74
N VAL VA 309 -61.47 -14.77 -156.56
CA VAL VA 309 -60.70 -15.98 -156.25
C VAL VA 309 -61.65 -17.04 -155.73
N THR VA 310 -61.54 -18.24 -156.27
CA THR VA 310 -62.31 -19.40 -155.81
C THR VA 310 -61.33 -20.33 -155.10
N VAL VA 311 -61.72 -20.83 -153.93
CA VAL VA 311 -60.82 -21.60 -153.09
C VAL VA 311 -61.62 -22.62 -152.28
N THR VA 312 -60.99 -23.76 -152.02
CA THR VA 312 -61.55 -24.83 -151.23
C THR VA 312 -61.00 -24.74 -149.82
N LEU VA 313 -61.89 -24.59 -148.84
CA LEU VA 313 -61.50 -24.43 -147.45
C LEU VA 313 -61.90 -25.66 -146.64
N SER VA 314 -61.14 -25.89 -145.57
CA SER VA 314 -61.37 -26.99 -144.64
C SER VA 314 -62.06 -26.46 -143.39
N GLY VA 315 -63.03 -27.22 -142.89
CA GLY VA 315 -63.88 -26.76 -141.81
C GLY VA 315 -65.08 -26.02 -142.37
N VAL VA 316 -66.28 -26.49 -142.06
CA VAL VA 316 -67.48 -26.00 -142.73
C VAL VA 316 -68.48 -25.46 -141.73
N PRO VA 317 -69.16 -24.35 -142.03
CA PRO VA 317 -70.21 -23.81 -141.16
C PRO VA 317 -71.59 -24.40 -141.47
N ILE VA 318 -71.81 -25.62 -140.98
CA ILE VA 318 -73.04 -26.35 -141.31
C ILE VA 318 -74.24 -25.62 -140.74
N TYR VA 319 -75.13 -25.18 -141.63
CA TYR VA 319 -76.40 -24.56 -141.26
C TYR VA 319 -77.47 -25.17 -142.15
N ASP VA 320 -78.06 -26.28 -141.71
CA ASP VA 320 -79.11 -26.96 -142.44
C ASP VA 320 -80.45 -26.65 -141.78
N THR VA 321 -81.36 -26.04 -142.54
CA THR VA 321 -82.65 -25.67 -141.98
C THR VA 321 -83.55 -26.88 -141.76
N THR VA 322 -83.51 -27.87 -142.66
CA THR VA 322 -84.33 -29.06 -142.51
C THR VA 322 -83.73 -30.07 -141.54
N ASN VA 323 -82.45 -29.93 -141.18
CA ASN VA 323 -81.81 -30.77 -140.18
C ASN VA 323 -81.10 -29.89 -139.16
N PRO VA 324 -81.88 -29.26 -138.27
CA PRO VA 324 -81.25 -28.39 -137.25
C PRO VA 324 -80.32 -29.11 -136.31
N GLN VA 325 -80.46 -30.43 -136.17
CA GLN VA 325 -79.64 -31.20 -135.25
C GLN VA 325 -78.16 -31.19 -135.59
N TYR VA 326 -77.80 -30.91 -136.84
CA TYR VA 326 -76.41 -30.92 -137.27
C TYR VA 326 -75.83 -29.52 -137.43
N ASN VA 327 -76.56 -28.49 -137.00
CA ASN VA 327 -76.04 -27.13 -137.09
C ASN VA 327 -74.81 -26.98 -136.20
N SER VA 328 -73.82 -26.25 -136.72
CA SER VA 328 -72.60 -26.01 -135.97
C SER VA 328 -72.09 -24.58 -136.12
N VAL VA 329 -72.96 -23.64 -136.45
CA VAL VA 329 -72.56 -22.26 -136.68
C VAL VA 329 -73.79 -21.38 -136.49
N SER VA 330 -73.55 -20.11 -136.15
CA SER VA 330 -74.64 -19.24 -135.68
C SER VA 330 -75.69 -19.02 -136.77
N ARG VA 331 -75.25 -18.73 -137.99
CA ARG VA 331 -76.18 -18.43 -139.08
C ARG VA 331 -75.57 -18.87 -140.40
N GLN VA 332 -76.35 -18.69 -141.46
CA GLN VA 332 -75.88 -19.02 -142.80
C GLN VA 332 -75.05 -17.89 -143.36
N VAL VA 333 -74.04 -18.23 -144.17
CA VAL VA 333 -73.16 -17.23 -144.76
C VAL VA 333 -73.83 -16.64 -146.00
N GLU VA 334 -74.57 -15.55 -145.80
CA GLU VA 334 -75.24 -14.90 -146.92
C GLU VA 334 -74.23 -14.18 -147.81
N ALA VA 335 -74.66 -13.88 -149.02
CA ALA VA 335 -73.83 -13.12 -149.96
C ALA VA 335 -73.59 -11.72 -149.41
N GLY VA 336 -72.39 -11.21 -149.64
CA GLY VA 336 -72.02 -9.89 -149.15
C GLY VA 336 -71.52 -9.85 -147.73
N ASP VA 337 -71.20 -11.00 -147.13
CA ASP VA 337 -70.72 -11.03 -145.76
C ASP VA 337 -69.29 -10.46 -145.68
N ALA VA 338 -68.80 -10.33 -144.46
CA ALA VA 338 -67.49 -9.76 -144.21
C ALA VA 338 -66.50 -10.85 -143.83
N VAL VA 339 -65.39 -10.93 -144.57
CA VAL VA 339 -64.36 -11.92 -144.32
C VAL VA 339 -63.02 -11.19 -144.21
N SER VA 340 -62.06 -11.86 -143.58
CA SER VA 340 -60.74 -11.27 -143.41
C SER VA 340 -59.70 -12.38 -143.30
N VAL VA 341 -58.59 -12.21 -144.01
CA VAL VA 341 -57.50 -13.18 -143.94
C VAL VA 341 -56.62 -12.85 -142.74
N VAL VA 342 -56.42 -13.83 -141.86
CA VAL VA 342 -55.70 -13.59 -140.62
C VAL VA 342 -54.20 -13.61 -140.89
N GLY VA 343 -53.54 -12.50 -140.54
CA GLY VA 343 -52.09 -12.43 -140.61
C GLY VA 343 -51.63 -11.13 -141.23
N THR VA 344 -50.49 -11.19 -141.91
CA THR VA 344 -49.89 -10.03 -142.55
C THR VA 344 -49.61 -10.36 -144.01
N ALA VA 345 -49.07 -9.41 -144.77
CA ALA VA 345 -48.99 -9.53 -146.23
C ALA VA 345 -48.18 -10.74 -146.69
N SER VA 346 -46.87 -10.74 -146.42
CA SER VA 346 -46.01 -11.81 -146.94
C SER VA 346 -44.97 -12.33 -145.96
N GLN VA 347 -44.97 -11.88 -144.71
CA GLN VA 347 -44.01 -12.39 -143.75
C GLN VA 347 -44.30 -13.85 -143.42
N THR VA 348 -43.25 -14.60 -143.12
CA THR VA 348 -43.35 -16.03 -142.88
C THR VA 348 -43.00 -16.35 -141.44
N MET VA 349 -43.56 -17.44 -140.91
CA MET VA 349 -43.38 -17.78 -139.51
C MET VA 349 -43.44 -19.29 -139.35
N LYS VA 350 -43.12 -19.74 -138.14
CA LYS VA 350 -43.33 -21.13 -137.76
C LYS VA 350 -44.55 -21.24 -136.88
N PRO VA 351 -45.62 -21.90 -137.32
CA PRO VA 351 -46.84 -21.98 -136.51
C PRO VA 351 -46.68 -22.95 -135.35
N ASN VA 352 -47.56 -22.80 -134.36
CA ASN VA 352 -47.60 -23.66 -133.18
C ASN VA 352 -48.95 -24.37 -133.15
N LEU VA 353 -48.92 -25.67 -132.84
CA LEU VA 353 -50.05 -26.54 -133.11
C LEU VA 353 -50.66 -27.06 -131.82
N PHE VA 354 -51.97 -26.91 -131.67
CA PHE VA 354 -52.69 -27.51 -130.56
C PHE VA 354 -53.80 -28.40 -131.11
N TYR VA 355 -53.92 -29.61 -130.57
CA TYR VA 355 -54.84 -30.58 -131.15
C TYR VA 355 -55.27 -31.58 -130.09
N ASN VA 356 -56.27 -32.38 -130.46
CA ASN VA 356 -56.75 -33.50 -129.67
C ASN VA 356 -56.09 -34.79 -130.14
N LYS VA 357 -56.28 -35.85 -129.35
CA LYS VA 357 -55.71 -37.15 -129.70
C LYS VA 357 -56.28 -37.70 -131.00
N PHE VA 358 -57.58 -37.54 -131.21
CA PHE VA 358 -58.27 -38.13 -132.36
C PHE VA 358 -58.48 -37.12 -133.50
N PHE VA 359 -57.53 -36.22 -133.70
CA PHE VA 359 -57.60 -35.29 -134.82
C PHE VA 359 -57.13 -35.95 -136.10
N CYS VA 360 -55.91 -36.49 -136.10
CA CYS VA 360 -55.34 -37.13 -137.26
C CYS VA 360 -54.71 -38.47 -136.85
N GLY VA 361 -54.45 -39.30 -137.86
CA GLY VA 361 -53.87 -40.61 -137.63
C GLY VA 361 -52.86 -40.93 -138.70
N LEU VA 362 -51.83 -41.68 -138.30
CA LEU VA 362 -50.71 -42.01 -139.16
C LEU VA 362 -50.43 -43.51 -139.09
N GLY VA 363 -50.11 -44.10 -140.25
CA GLY VA 363 -49.79 -45.51 -140.32
C GLY VA 363 -48.79 -45.78 -141.42
N SER VA 364 -48.32 -47.01 -141.47
CA SER VA 364 -47.37 -47.43 -142.49
C SER VA 364 -47.89 -48.70 -143.15
N ILE VA 365 -47.43 -48.93 -144.38
CA ILE VA 365 -47.88 -50.04 -145.21
C ILE VA 365 -46.70 -50.96 -145.45
N PRO VA 366 -46.81 -52.27 -145.20
CA PRO VA 366 -45.72 -53.19 -145.49
C PRO VA 366 -45.48 -53.32 -146.98
N LEU VA 367 -44.28 -53.80 -147.32
CA LEU VA 367 -43.89 -53.96 -148.71
C LEU VA 367 -43.39 -55.37 -148.97
N PRO VA 368 -43.63 -55.91 -150.15
CA PRO VA 368 -43.16 -57.26 -150.49
C PRO VA 368 -41.77 -57.24 -151.10
N LYS VA 369 -41.16 -58.42 -151.14
CA LYS VA 369 -39.82 -58.58 -151.68
C LYS VA 369 -39.84 -58.65 -153.20
N LEU VA 370 -38.91 -57.94 -153.83
CA LEU VA 370 -38.80 -57.95 -155.28
C LEU VA 370 -38.25 -59.29 -155.76
N HIS VA 371 -38.55 -59.62 -157.01
CA HIS VA 371 -38.21 -60.92 -157.57
C HIS VA 371 -36.72 -60.98 -157.87
N SER VA 372 -36.07 -62.06 -157.42
CA SER VA 372 -34.68 -62.37 -157.77
C SER VA 372 -33.73 -61.25 -157.38
N ILE VA 373 -34.01 -60.60 -156.25
CA ILE VA 373 -33.16 -59.53 -155.73
C ILE VA 373 -33.07 -59.71 -154.22
N ASP VA 374 -31.87 -59.59 -153.67
CA ASP VA 374 -31.68 -59.74 -152.23
C ASP VA 374 -32.17 -58.50 -151.50
N SER VA 375 -32.80 -58.72 -150.35
CA SER VA 375 -33.43 -57.65 -149.59
C SER VA 375 -33.49 -58.02 -148.12
N ALA VA 376 -33.73 -57.02 -147.30
CA ALA VA 376 -33.85 -57.19 -145.86
C ALA VA 376 -34.80 -56.12 -145.32
N VAL VA 377 -35.13 -56.24 -144.03
CA VAL VA 377 -36.05 -55.33 -143.37
C VAL VA 377 -35.41 -54.87 -142.06
N ALA VA 378 -35.58 -53.59 -141.73
CA ALA VA 378 -35.04 -53.02 -140.50
C ALA VA 378 -36.16 -52.27 -139.78
N THR VA 379 -35.98 -52.11 -138.47
CA THR VA 379 -36.95 -51.45 -137.62
C THR VA 379 -36.33 -50.25 -136.94
N TYR VA 380 -37.08 -49.15 -136.92
CA TYR VA 380 -36.57 -47.89 -136.37
C TYR VA 380 -37.75 -47.09 -135.85
N GLU VA 381 -37.82 -46.92 -134.54
CA GLU VA 381 -38.94 -46.24 -133.87
C GLU VA 381 -40.29 -46.73 -134.40
N GLY VA 382 -40.49 -48.05 -134.32
CA GLY VA 382 -41.75 -48.64 -134.73
C GLY VA 382 -42.05 -48.47 -136.20
N PHE VA 383 -41.04 -48.22 -137.02
CA PHE VA 383 -41.23 -48.07 -138.46
C PHE VA 383 -40.39 -49.12 -139.19
N SER VA 384 -41.00 -49.75 -140.18
CA SER VA 384 -40.34 -50.80 -140.95
C SER VA 384 -39.81 -50.23 -142.26
N ILE VA 385 -38.53 -50.43 -142.52
CA ILE VA 385 -37.86 -49.93 -143.72
C ILE VA 385 -37.32 -51.12 -144.48
N ARG VA 386 -37.62 -51.21 -145.77
CA ARG VA 386 -37.19 -52.34 -146.59
C ARG VA 386 -36.00 -51.92 -147.46
N VAL VA 387 -34.91 -52.68 -147.37
CA VAL VA 387 -33.69 -52.36 -148.10
C VAL VA 387 -33.46 -53.43 -149.17
N HIS VA 388 -33.08 -52.97 -150.36
CA HIS VA 388 -32.84 -53.82 -151.52
C HIS VA 388 -31.42 -53.62 -152.01
N LYS VA 389 -30.73 -54.71 -152.32
CA LYS VA 389 -29.37 -54.66 -152.85
C LYS VA 389 -29.33 -55.37 -154.20
N TYR VA 390 -28.70 -54.74 -155.18
CA TYR VA 390 -28.53 -55.35 -156.49
C TYR VA 390 -27.34 -54.71 -157.19
N ALA VA 391 -27.16 -55.04 -158.47
CA ALA VA 391 -25.99 -54.55 -159.18
C ALA VA 391 -26.24 -54.61 -160.68
N ASP VA 392 -25.66 -53.64 -161.38
CA ASP VA 392 -25.62 -53.64 -162.84
C ASP VA 392 -24.31 -54.28 -163.28
N GLY VA 393 -24.42 -55.37 -164.03
CA GLY VA 393 -23.26 -56.19 -164.36
C GLY VA 393 -22.35 -55.61 -165.43
N ASP VA 394 -22.91 -55.31 -166.61
CA ASP VA 394 -22.07 -54.85 -167.71
C ASP VA 394 -21.35 -53.56 -167.38
N ALA VA 395 -21.98 -52.71 -166.57
CA ALA VA 395 -21.32 -51.48 -166.10
C ALA VA 395 -20.53 -51.68 -164.82
N ASN VA 396 -20.67 -52.83 -164.16
CA ASN VA 396 -19.93 -53.17 -162.95
C ASN VA 396 -20.16 -52.13 -161.85
N VAL VA 397 -21.42 -52.01 -161.44
CA VAL VA 397 -21.82 -51.03 -160.43
C VAL VA 397 -22.73 -51.72 -159.42
N GLN VA 398 -22.56 -51.38 -158.14
CA GLN VA 398 -23.41 -51.88 -157.07
C GLN VA 398 -24.40 -50.82 -156.62
N LYS VA 399 -25.59 -51.25 -156.21
CA LYS VA 399 -26.66 -50.32 -155.90
C LYS VA 399 -27.48 -50.82 -154.72
N MET VA 400 -27.96 -49.87 -153.90
CA MET VA 400 -28.81 -50.14 -152.76
C MET VA 400 -29.95 -49.14 -152.76
N ARG VA 401 -31.08 -49.54 -152.16
CA ARG VA 401 -32.21 -48.63 -152.04
C ARG VA 401 -33.03 -48.95 -150.80
N PHE VA 402 -33.76 -47.96 -150.31
CA PHE VA 402 -34.56 -48.05 -149.10
C PHE VA 402 -35.99 -47.57 -149.38
N ASP VA 403 -36.96 -48.27 -148.79
CA ASP VA 403 -38.36 -48.00 -149.09
C ASP VA 403 -39.20 -48.01 -147.81
N LEU VA 404 -40.24 -47.17 -147.82
CA LEU VA 404 -41.21 -47.06 -146.74
C LEU VA 404 -42.45 -46.33 -147.26
N LEU VA 405 -43.64 -46.83 -146.92
CA LEU VA 405 -44.90 -46.24 -147.36
C LEU VA 405 -45.70 -45.71 -146.19
N PRO VA 406 -45.96 -44.41 -146.12
CA PRO VA 406 -46.82 -43.85 -145.08
C PRO VA 406 -48.27 -43.72 -145.53
N ALA VA 407 -49.13 -43.40 -144.57
CA ALA VA 407 -50.54 -43.17 -144.84
C ALA VA 407 -51.11 -42.27 -143.76
N TYR VA 408 -51.84 -41.23 -144.18
CA TYR VA 408 -52.39 -40.23 -143.28
C TYR VA 408 -53.91 -40.21 -143.36
N VAL VA 409 -54.54 -39.86 -142.25
CA VAL VA 409 -56.01 -39.74 -142.20
C VAL VA 409 -56.36 -38.59 -141.27
N CYS VA 410 -57.43 -37.87 -141.60
CA CYS VA 410 -57.95 -36.79 -140.78
C CYS VA 410 -59.34 -37.18 -140.30
N PHE VA 411 -59.45 -37.52 -139.01
CA PHE VA 411 -60.72 -38.02 -138.49
C PHE VA 411 -61.75 -36.91 -138.39
N ASN VA 412 -61.36 -35.75 -137.89
CA ASN VA 412 -62.29 -34.63 -137.74
C ASN VA 412 -61.50 -33.32 -137.78
N PRO VA 413 -61.79 -32.43 -138.74
CA PRO VA 413 -61.02 -31.17 -138.84
C PRO VA 413 -61.26 -30.20 -137.69
N HIS VA 414 -62.28 -30.43 -136.87
CA HIS VA 414 -62.65 -29.48 -135.82
C HIS VA 414 -62.02 -29.77 -134.47
N MET VA 415 -60.92 -30.54 -134.44
CA MET VA 415 -60.31 -30.89 -133.16
C MET VA 415 -58.83 -30.56 -133.14
N GLY VA 416 -58.44 -29.47 -133.79
CA GLY VA 416 -57.05 -29.06 -133.80
C GLY VA 416 -56.83 -27.88 -134.70
N GLY VA 417 -55.65 -27.28 -134.58
CA GLY VA 417 -55.34 -26.11 -135.37
C GLY VA 417 -54.09 -25.41 -134.87
N GLN VA 418 -53.94 -24.16 -135.28
CA GLN VA 418 -52.78 -23.34 -134.99
C GLN VA 418 -53.15 -22.25 -134.00
N PHE VA 419 -52.22 -21.90 -133.12
CA PHE VA 419 -52.46 -20.85 -132.15
C PHE VA 419 -51.22 -19.97 -132.02
N PHE VA 420 -51.46 -18.66 -131.88
CA PHE VA 420 -50.38 -17.69 -131.67
C PHE VA 420 -50.73 -16.80 -130.49
N GLY VA 421 -49.90 -15.78 -130.25
CA GLY VA 421 -50.18 -14.81 -129.21
C GLY VA 421 -51.21 -13.79 -129.65
N ASN VA 422 -51.76 -13.08 -128.67
CA ASN VA 422 -52.77 -12.06 -128.91
C ASN VA 422 -52.40 -10.77 -128.20
N PRO VA 423 -52.82 -9.61 -128.73
CA PRO VA 423 -52.51 -8.34 -128.08
C PRO VA 423 -53.58 -7.91 -127.08
N PRO WA 2 -86.66 20.78 82.06
CA PRO WA 2 -86.56 20.95 80.61
C PRO WA 2 -85.18 20.57 80.09
N ASN WA 3 -85.13 19.54 79.23
CA ASN WA 3 -83.87 19.08 78.65
C ASN WA 3 -83.47 20.03 77.52
N ASN WA 4 -82.22 20.49 77.57
CA ASN WA 4 -81.64 21.30 76.50
C ASN WA 4 -80.39 20.55 76.02
N LEU WA 5 -80.59 19.64 75.08
CA LEU WA 5 -79.53 18.75 74.61
C LEU WA 5 -79.32 18.88 73.11
N ASP WA 6 -79.47 20.10 72.58
CA ASP WA 6 -79.15 20.37 71.19
C ASP WA 6 -77.65 20.32 70.92
N SER WA 7 -76.82 20.28 71.96
CA SER WA 7 -75.38 20.18 71.82
C SER WA 7 -74.91 18.74 71.67
N ASN WA 8 -75.83 17.78 71.72
CA ASN WA 8 -75.52 16.37 71.56
C ASN WA 8 -75.66 15.90 70.12
N VAL WA 9 -75.98 16.80 69.19
CA VAL WA 9 -76.24 16.45 67.80
C VAL WA 9 -75.50 17.44 66.91
N SER WA 10 -75.25 17.01 65.68
CA SER WA 10 -74.50 17.82 64.71
C SER WA 10 -75.33 18.03 63.46
N GLN WA 11 -75.27 19.24 62.92
CA GLN WA 11 -75.93 19.58 61.67
C GLN WA 11 -75.14 19.00 60.52
N ILE WA 12 -75.78 18.17 59.70
CA ILE WA 12 -75.11 17.39 58.67
C ILE WA 12 -75.66 17.79 57.30
N VAL WA 13 -74.75 18.13 56.39
CA VAL WA 13 -75.09 18.41 55.00
C VAL WA 13 -74.55 17.26 54.16
N LEU WA 14 -75.44 16.54 53.49
CA LEU WA 14 -75.05 15.33 52.78
C LEU WA 14 -74.22 15.67 51.54
N LYS WA 15 -73.45 14.67 51.12
CA LYS WA 15 -72.55 14.82 49.96
C LYS WA 15 -73.26 14.45 48.67
N LYS WA 16 -74.42 15.07 48.46
CA LYS WA 16 -75.25 14.79 47.29
C LYS WA 16 -75.69 16.09 46.65
N PHE WA 17 -75.79 16.08 45.32
CA PHE WA 17 -76.19 17.26 44.55
C PHE WA 17 -77.55 16.99 43.90
N LEU WA 18 -78.44 17.97 43.99
CA LEU WA 18 -79.75 17.85 43.35
C LEU WA 18 -79.60 17.98 41.84
N PRO WA 19 -80.49 17.34 41.07
CA PRO WA 19 -80.43 17.45 39.62
C PRO WA 19 -80.68 18.87 39.15
N GLY WA 20 -80.02 19.24 38.05
CA GLY WA 20 -80.13 20.56 37.47
C GLY WA 20 -80.78 20.56 36.10
N PHE WA 21 -80.85 21.75 35.51
CA PHE WA 21 -81.42 21.95 34.19
C PHE WA 21 -80.34 21.79 33.13
N MET WA 22 -80.75 21.42 31.92
CA MET WA 22 -79.81 21.25 30.82
C MET WA 22 -80.52 21.51 29.50
N SER WA 23 -79.73 21.69 28.45
CA SER WA 23 -80.26 21.92 27.11
C SER WA 23 -79.80 20.83 26.15
N ASP WA 24 -80.07 20.99 24.86
CA ASP WA 24 -79.69 20.01 23.86
C ASP WA 24 -79.08 20.69 22.65
N LEU WA 25 -78.26 19.93 21.92
CA LEU WA 25 -77.51 20.43 20.77
C LEU WA 25 -78.08 19.79 19.51
N VAL WA 26 -78.50 20.62 18.55
CA VAL WA 26 -79.04 20.13 17.29
C VAL WA 26 -78.31 20.77 16.12
N LEU WA 27 -78.23 22.11 16.12
CA LEU WA 27 -77.64 22.81 14.99
C LEU WA 27 -76.16 22.46 14.82
N ALA WA 28 -75.43 22.36 15.93
CA ALA WA 28 -74.01 22.04 15.86
C ALA WA 28 -73.80 20.65 15.27
N LYS WA 29 -74.68 19.71 15.59
CA LYS WA 29 -74.59 18.38 14.98
C LYS WA 29 -74.97 18.41 13.51
N THR WA 30 -75.94 19.23 13.13
CA THR WA 30 -76.43 19.20 11.75
C THR WA 30 -75.47 19.89 10.79
N VAL WA 31 -74.81 20.96 11.22
CA VAL WA 31 -73.93 21.68 10.31
C VAL WA 31 -72.76 20.79 9.88
N ASP WA 32 -72.15 21.15 8.75
CA ASP WA 32 -71.02 20.42 8.21
C ASP WA 32 -69.73 20.95 8.80
N ARG WA 33 -68.93 20.06 9.39
CA ARG WA 33 -67.73 20.44 10.11
C ARG WA 33 -66.43 20.07 9.40
N GLN WA 34 -66.46 19.05 8.53
CA GLN WA 34 -65.21 18.53 7.96
C GLN WA 34 -64.51 19.57 7.10
N LEU WA 35 -65.26 20.45 6.45
CA LEU WA 35 -64.66 21.34 5.46
C LEU WA 35 -63.78 22.40 6.11
N LEU WA 36 -64.22 22.96 7.23
CA LEU WA 36 -63.51 24.08 7.86
C LEU WA 36 -62.39 23.63 8.79
N ALA WA 37 -62.37 22.36 9.20
CA ALA WA 37 -61.37 21.91 10.16
C ALA WA 37 -60.00 21.76 9.50
N GLY WA 38 -58.95 22.08 10.24
CA GLY WA 38 -57.60 21.97 9.73
C GLY WA 38 -57.31 22.92 8.59
N GLU WA 39 -57.96 24.09 8.59
CA GLU WA 39 -57.80 25.07 7.54
C GLU WA 39 -57.45 26.47 8.05
N ILE WA 40 -57.90 26.83 9.24
CA ILE WA 40 -57.64 28.14 9.83
C ILE WA 40 -57.15 27.94 11.25
N ASN WA 41 -56.22 28.79 11.68
CA ASN WA 41 -55.67 28.73 13.02
C ASN WA 41 -55.41 30.15 13.52
N SER WA 42 -55.27 30.28 14.84
CA SER WA 42 -55.20 31.61 15.46
C SER WA 42 -53.98 32.38 15.00
N SER WA 43 -52.82 31.72 14.92
CA SER WA 43 -51.58 32.45 14.68
C SER WA 43 -51.42 32.84 13.21
N THR WA 44 -51.55 31.87 12.30
CA THR WA 44 -51.10 32.08 10.93
C THR WA 44 -52.03 33.01 10.17
N GLY WA 45 -53.32 32.99 10.48
CA GLY WA 45 -54.26 33.81 9.73
C GLY WA 45 -55.51 34.09 10.52
N ASP WA 46 -56.35 34.96 9.95
CA ASP WA 46 -57.61 35.35 10.56
C ASP WA 46 -58.76 35.31 9.56
N SER WA 47 -58.55 34.74 8.38
CA SER WA 47 -59.57 34.68 7.35
C SER WA 47 -59.18 33.65 6.31
N VAL WA 48 -60.18 32.92 5.81
CA VAL WA 48 -59.98 31.92 4.77
C VAL WA 48 -61.00 32.15 3.67
N SER WA 49 -60.70 31.59 2.49
CA SER WA 49 -61.55 31.79 1.32
C SER WA 49 -61.81 30.45 0.64
N PHE WA 50 -62.97 30.37 -0.02
CA PHE WA 50 -63.35 29.20 -0.80
C PHE WA 50 -63.83 29.65 -2.17
N LYS WA 51 -63.63 28.78 -3.16
CA LYS WA 51 -63.91 29.10 -4.55
C LYS WA 51 -65.35 28.72 -4.90
N ARG WA 52 -66.06 29.62 -5.58
CA ARG WA 52 -67.42 29.33 -6.00
C ARG WA 52 -67.43 28.60 -7.34
N PRO WA 53 -68.46 27.79 -7.60
CA PRO WA 53 -68.53 27.06 -8.88
C PRO WA 53 -68.77 28.00 -10.05
N HIS WA 54 -68.44 27.50 -11.23
CA HIS WA 54 -68.51 28.27 -12.46
C HIS WA 54 -69.86 28.06 -13.16
N GLN WA 55 -70.23 29.04 -13.98
CA GLN WA 55 -71.42 28.96 -14.82
C GLN WA 55 -71.09 29.47 -16.20
N PHE WA 56 -71.73 28.90 -17.21
CA PHE WA 56 -71.41 29.16 -18.61
C PHE WA 56 -72.68 29.43 -19.41
N SER WA 57 -72.49 29.62 -20.71
CA SER WA 57 -73.58 29.80 -21.64
C SER WA 57 -73.18 29.21 -22.99
N SER WA 58 -74.18 28.81 -23.77
CA SER WA 58 -73.95 28.09 -25.02
C SER WA 58 -74.30 28.97 -26.22
N LEU WA 59 -73.86 28.54 -27.39
CA LEU WA 59 -74.12 29.23 -28.65
C LEU WA 59 -74.72 28.25 -29.64
N ARG WA 60 -75.49 28.78 -30.58
CA ARG WA 60 -76.16 27.96 -31.59
C ARG WA 60 -75.72 28.40 -32.97
N THR WA 61 -75.39 27.42 -33.82
CA THR WA 61 -74.90 27.68 -35.17
C THR WA 61 -75.26 26.49 -36.04
N PRO WA 62 -75.77 26.69 -37.25
CA PRO WA 62 -76.11 25.55 -38.11
C PRO WA 62 -74.92 24.68 -38.45
N THR WA 63 -73.73 25.25 -38.58
CA THR WA 63 -72.54 24.50 -38.94
C THR WA 63 -71.44 24.50 -37.88
N GLY WA 64 -71.52 25.37 -36.88
CA GLY WA 64 -70.53 25.43 -35.83
C GLY WA 64 -69.48 26.51 -36.00
N ASP WA 65 -69.64 27.43 -36.95
CA ASP WA 65 -68.68 28.51 -37.15
C ASP WA 65 -68.82 29.52 -36.02
N ILE WA 66 -67.76 29.71 -35.25
CA ILE WA 66 -67.79 30.57 -34.08
C ILE WA 66 -66.75 31.68 -34.30
N SER WA 67 -66.55 32.05 -35.56
CA SER WA 67 -65.52 33.03 -35.89
C SER WA 67 -65.84 34.40 -35.31
N GLY WA 68 -67.06 34.89 -35.51
CA GLY WA 68 -67.47 36.19 -35.05
C GLY WA 68 -68.34 36.22 -33.81
N GLN WA 69 -68.40 35.14 -33.05
CA GLN WA 69 -69.23 35.07 -31.86
C GLN WA 69 -68.43 35.55 -30.65
N ASN WA 70 -69.01 35.42 -29.47
CA ASN WA 70 -68.33 35.72 -28.21
C ASN WA 70 -68.05 34.43 -27.45
N LYS WA 71 -67.04 34.49 -26.59
CA LYS WA 71 -66.62 33.34 -25.81
C LYS WA 71 -66.68 33.69 -24.33
N ASN WA 72 -66.95 32.67 -23.51
CA ASN WA 72 -67.11 32.89 -22.07
C ASN WA 72 -65.75 33.08 -21.41
N ASN WA 73 -65.74 33.84 -20.32
CA ASN WA 73 -64.53 34.09 -19.55
C ASN WA 73 -64.60 33.41 -18.20
N LEU WA 74 -63.46 33.34 -17.53
CA LEU WA 74 -63.35 32.67 -16.24
C LEU WA 74 -63.30 33.71 -15.11
N ILE WA 75 -64.49 34.14 -14.69
CA ILE WA 75 -64.63 35.05 -13.57
C ILE WA 75 -64.58 34.23 -12.28
N SER WA 76 -63.69 34.61 -11.37
CA SER WA 76 -63.48 33.86 -10.13
C SER WA 76 -64.16 34.59 -8.97
N GLY WA 77 -64.93 33.85 -8.19
CA GLY WA 77 -65.57 34.39 -7.00
C GLY WA 77 -65.21 33.56 -5.78
N LYS WA 78 -65.07 34.23 -4.64
CA LYS WA 78 -64.67 33.58 -3.41
C LYS WA 78 -65.58 34.00 -2.27
N ALA WA 79 -65.81 33.05 -1.36
CA ALA WA 79 -66.59 33.26 -0.15
C ALA WA 79 -65.64 33.21 1.04
N THR WA 80 -65.80 34.16 1.95
CA THR WA 80 -64.85 34.37 3.04
C THR WA 80 -65.41 33.86 4.36
N GLY WA 81 -64.52 33.31 5.18
CA GLY WA 81 -64.85 32.92 6.54
C GLY WA 81 -63.84 33.50 7.51
N ARG WA 82 -64.32 33.86 8.70
CA ARG WA 82 -63.52 34.57 9.68
C ARG WA 82 -63.73 33.96 11.07
N VAL WA 83 -62.84 34.33 11.99
CA VAL WA 83 -62.94 33.89 13.37
C VAL WA 83 -63.84 34.85 14.14
N GLY WA 84 -64.28 34.40 15.32
CA GLY WA 84 -65.14 35.22 16.15
C GLY WA 84 -64.45 35.77 17.38
N ASN WA 85 -65.08 35.61 18.54
CA ASN WA 85 -64.54 36.09 19.80
C ASN WA 85 -64.37 34.94 20.78
N TYR WA 86 -63.37 35.07 21.65
CA TYR WA 86 -63.11 34.05 22.65
C TYR WA 86 -64.30 33.92 23.60
N ILE WA 87 -64.56 32.69 24.02
CA ILE WA 87 -65.48 32.40 25.11
C ILE WA 87 -64.65 31.93 26.28
N THR WA 88 -64.66 32.70 27.37
CA THR WA 88 -63.77 32.51 28.50
C THR WA 88 -64.59 32.48 29.79
N VAL WA 89 -64.34 31.47 30.62
CA VAL WA 89 -64.98 31.36 31.93
C VAL WA 89 -63.88 31.25 32.98
N ALA WA 90 -63.85 32.18 33.92
CA ALA WA 90 -62.76 32.26 34.89
C ALA WA 90 -63.30 32.22 36.31
N VAL WA 91 -62.60 31.49 37.18
CA VAL WA 91 -62.93 31.41 38.60
C VAL WA 91 -61.65 31.57 39.41
N GLU WA 92 -61.82 31.99 40.66
CA GLU WA 92 -60.68 32.18 41.56
C GLU WA 92 -61.14 31.93 42.99
N TYR WA 93 -60.20 31.47 43.82
CA TYR WA 93 -60.49 31.15 45.21
C TYR WA 93 -59.19 30.91 45.97
N GLN WA 94 -59.30 30.92 47.29
CA GLN WA 94 -58.15 30.98 48.18
C GLN WA 94 -57.70 29.60 48.64
N GLN WA 95 -56.42 29.52 49.04
CA GLN WA 95 -55.86 28.26 49.49
C GLN WA 95 -56.45 27.82 50.83
N LEU WA 96 -56.69 28.76 51.74
CA LEU WA 96 -57.33 28.41 53.00
C LEU WA 96 -58.72 27.83 52.77
N GLU WA 97 -59.46 28.43 51.83
CA GLU WA 97 -60.76 27.87 51.46
C GLU WA 97 -60.59 26.50 50.84
N GLU WA 98 -59.55 26.30 50.03
CA GLU WA 98 -59.28 24.96 49.50
C GLU WA 98 -59.07 23.95 50.62
N ALA WA 99 -58.35 24.36 51.67
CA ALA WA 99 -57.98 23.45 52.73
C ALA WA 99 -59.16 23.11 53.62
N ILE WA 100 -60.04 24.08 53.90
CA ILE WA 100 -61.04 23.90 54.95
C ILE WA 100 -62.48 23.85 54.45
N LYS WA 101 -62.74 24.22 53.20
CA LYS WA 101 -64.13 24.34 52.77
C LYS WA 101 -64.42 23.64 51.44
N LEU WA 102 -63.45 23.56 50.54
CA LEU WA 102 -63.70 23.06 49.18
C LEU WA 102 -63.65 21.53 49.17
N ASN WA 103 -64.82 20.92 49.01
CA ASN WA 103 -64.94 19.50 48.75
C ASN WA 103 -65.82 19.26 47.53
N GLN WA 104 -65.58 18.12 46.86
CA GLN WA 104 -66.25 17.81 45.59
C GLN WA 104 -66.06 18.93 44.57
N LEU WA 105 -64.80 19.33 44.38
CA LEU WA 105 -64.50 20.43 43.49
C LEU WA 105 -64.87 20.09 42.05
N GLU WA 106 -64.66 18.85 41.63
CA GLU WA 106 -65.01 18.46 40.27
C GLU WA 106 -66.50 18.56 40.03
N GLU WA 107 -67.31 18.09 40.99
CA GLU WA 107 -68.76 18.22 40.86
C GLU WA 107 -69.20 19.68 40.93
N ILE WA 108 -68.44 20.53 41.63
CA ILE WA 108 -68.76 21.95 41.63
C ILE WA 108 -68.47 22.57 40.28
N LEU WA 109 -67.37 22.18 39.64
CA LEU WA 109 -66.90 22.80 38.40
C LEU WA 109 -67.39 22.09 37.14
N ALA WA 110 -68.21 21.05 37.27
CA ALA WA 110 -68.69 20.32 36.10
C ALA WA 110 -69.40 21.16 35.04
N PRO WA 111 -70.38 22.01 35.37
CA PRO WA 111 -71.21 22.61 34.31
C PRO WA 111 -70.55 23.69 33.46
N VAL WA 112 -69.26 23.97 33.67
CA VAL WA 112 -68.60 25.00 32.86
C VAL WA 112 -68.59 24.59 31.38
N ARG WA 113 -68.33 23.31 31.11
CA ARG WA 113 -68.26 22.85 29.73
C ARG WA 113 -69.60 23.02 29.02
N GLN WA 114 -70.69 22.63 29.67
CA GLN WA 114 -71.99 22.78 29.03
C GLN WA 114 -72.39 24.24 28.92
N ARG WA 115 -71.97 25.10 29.85
CA ARG WA 115 -72.20 26.53 29.68
C ARG WA 115 -71.50 27.03 28.42
N ILE WA 116 -70.23 26.64 28.22
CA ILE WA 116 -69.49 27.04 27.04
C ILE WA 116 -70.20 26.61 25.78
N VAL WA 117 -70.59 25.33 25.73
CA VAL WA 117 -71.19 24.79 24.51
C VAL WA 117 -72.56 25.42 24.25
N THR WA 118 -73.32 25.69 25.30
CA THR WA 118 -74.61 26.35 25.14
C THR WA 118 -74.44 27.75 24.56
N ASP WA 119 -73.46 28.50 25.06
CA ASP WA 119 -73.22 29.83 24.51
C ASP WA 119 -72.81 29.75 23.05
N LEU WA 120 -71.97 28.78 22.70
CA LEU WA 120 -71.57 28.60 21.31
C LEU WA 120 -72.77 28.29 20.42
N GLU WA 121 -73.66 27.40 20.88
CA GLU WA 121 -74.85 27.06 20.09
C GLU WA 121 -75.75 28.28 19.90
N THR WA 122 -75.94 29.07 20.95
CA THR WA 122 -76.77 30.27 20.82
C THR WA 122 -76.18 31.26 19.83
N GLU WA 123 -74.86 31.45 19.88
CA GLU WA 123 -74.22 32.34 18.91
C GLU WA 123 -74.40 31.81 17.49
N LEU WA 124 -74.27 30.50 17.31
CA LEU WA 124 -74.47 29.91 15.98
C LEU WA 124 -75.90 30.13 15.50
N ALA WA 125 -76.88 29.97 16.38
CA ALA WA 125 -78.28 30.18 16.00
C ALA WA 125 -78.51 31.62 15.56
N HIS WA 126 -77.95 32.58 16.30
CA HIS WA 126 -78.06 33.98 15.90
C HIS WA 126 -77.39 34.22 14.55
N PHE WA 127 -76.24 33.59 14.31
CA PHE WA 127 -75.56 33.75 13.03
C PHE WA 127 -76.43 33.24 11.89
N MET WA 128 -77.04 32.06 12.06
CA MET WA 128 -77.91 31.53 11.03
C MET WA 128 -79.10 32.43 10.79
N MET WA 129 -79.72 32.92 11.87
CA MET WA 129 -80.89 33.77 11.74
C MET WA 129 -80.55 35.07 11.00
N ASN WA 130 -79.38 35.63 11.27
CA ASN WA 130 -78.99 36.87 10.60
C ASN WA 130 -78.62 36.63 9.13
N ASN WA 131 -77.97 35.52 8.83
CA ASN WA 131 -77.43 35.31 7.50
C ASN WA 131 -78.35 34.53 6.56
N GLY WA 132 -79.49 34.04 7.05
CA GLY WA 132 -80.42 33.37 6.16
C GLY WA 132 -81.02 34.32 5.13
N ALA WA 133 -81.48 33.76 4.02
CA ALA WA 133 -82.02 34.59 2.94
C ALA WA 133 -83.42 34.17 2.52
N LEU WA 134 -83.68 32.88 2.43
CA LEU WA 134 -84.98 32.42 1.96
C LEU WA 134 -86.06 32.67 3.00
N SER WA 135 -87.30 32.71 2.53
CA SER WA 135 -88.44 33.01 3.41
C SER WA 135 -89.67 32.27 2.89
N LEU WA 136 -90.50 31.79 3.82
CA LEU WA 136 -91.73 31.10 3.47
C LEU WA 136 -92.76 31.34 4.57
N GLY WA 137 -93.97 31.73 4.17
CA GLY WA 137 -95.02 32.00 5.13
C GLY WA 137 -94.86 33.35 5.80
N SER WA 138 -95.66 33.55 6.84
CA SER WA 138 -95.64 34.79 7.60
C SER WA 138 -95.54 34.49 9.09
N PRO WA 139 -94.84 35.33 9.85
CA PRO WA 139 -94.67 35.08 11.28
C PRO WA 139 -95.96 35.17 12.07
N ASN WA 140 -97.02 35.74 11.50
CA ASN WA 140 -98.26 35.95 12.25
C ASN WA 140 -98.97 34.66 12.59
N THR WA 141 -98.67 33.56 11.91
CA THR WA 141 -99.41 32.30 12.07
C THR WA 141 -98.45 31.18 12.42
N PRO WA 142 -98.73 30.39 13.45
CA PRO WA 142 -97.85 29.26 13.79
C PRO WA 142 -98.07 28.08 12.85
N ILE WA 143 -97.14 27.13 12.92
CA ILE WA 143 -97.23 25.93 12.11
C ILE WA 143 -98.36 25.04 12.62
N THR WA 144 -99.24 24.63 11.72
CA THR WA 144 -100.42 23.86 12.12
C THR WA 144 -100.63 22.63 11.25
N LYS WA 145 -100.18 22.67 10.00
CA LYS WA 145 -100.52 21.64 9.02
C LYS WA 145 -99.27 20.92 8.52
N TRP WA 146 -99.50 19.93 7.66
CA TRP WA 146 -98.42 19.20 7.00
C TRP WA 146 -97.78 20.00 5.88
N SER WA 147 -98.58 20.82 5.19
CA SER WA 147 -98.05 21.62 4.10
C SER WA 147 -97.03 22.63 4.60
N ASP WA 148 -97.19 23.12 5.84
CA ASP WA 148 -96.27 24.12 6.37
C ASP WA 148 -94.86 23.55 6.53
N VAL WA 149 -94.71 22.23 6.48
CA VAL WA 149 -93.40 21.61 6.56
C VAL WA 149 -93.01 21.12 5.17
N ALA WA 150 -93.99 20.62 4.41
CA ALA WA 150 -93.69 20.12 3.06
C ALA WA 150 -93.20 21.24 2.14
N GLN WA 151 -93.63 22.47 2.39
CA GLN WA 151 -93.27 23.58 1.50
C GLN WA 151 -91.77 23.84 1.50
N THR WA 152 -91.10 23.65 2.63
CA THR WA 152 -89.65 23.88 2.68
C THR WA 152 -88.92 22.92 1.76
N ALA WA 153 -89.23 21.63 1.87
CA ALA WA 153 -88.58 20.65 1.00
C ALA WA 153 -88.92 20.90 -0.46
N SER WA 154 -90.18 21.22 -0.76
CA SER WA 154 -90.55 21.49 -2.14
C SER WA 154 -89.79 22.68 -2.70
N PHE WA 155 -89.70 23.76 -1.94
CA PHE WA 155 -89.01 24.96 -2.41
C PHE WA 155 -87.53 24.71 -2.61
N LEU WA 156 -86.88 24.04 -1.66
CA LEU WA 156 -85.46 23.77 -1.79
C LEU WA 156 -85.17 22.83 -2.96
N LYS WA 157 -86.05 21.84 -3.18
CA LYS WA 157 -85.88 20.95 -4.32
C LYS WA 157 -86.06 21.71 -5.63
N ASP WA 158 -87.05 22.60 -5.69
CA ASP WA 158 -87.33 23.29 -6.94
C ASP WA 158 -86.23 24.30 -7.25
N LEU WA 159 -85.63 24.90 -6.22
CA LEU WA 159 -84.58 25.89 -6.45
C LEU WA 159 -83.39 25.28 -7.21
N GLY WA 160 -83.01 24.06 -6.86
CA GLY WA 160 -81.95 23.38 -7.58
C GLY WA 160 -80.88 22.78 -6.68
N VAL WA 161 -81.15 22.69 -5.38
CA VAL WA 161 -80.19 22.11 -4.46
C VAL WA 161 -80.25 20.59 -4.55
N ASN WA 162 -79.10 19.96 -4.78
CA ASN WA 162 -79.05 18.52 -4.99
C ASN WA 162 -78.27 17.77 -3.91
N GLU WA 163 -76.99 18.08 -3.73
CA GLU WA 163 -76.18 17.25 -2.85
C GLU WA 163 -76.29 17.72 -1.40
N GLY WA 164 -76.05 16.78 -0.49
CA GLY WA 164 -76.30 17.02 0.92
C GLY WA 164 -77.71 16.64 1.30
N GLU WA 165 -78.02 16.79 2.59
CA GLU WA 165 -79.33 16.50 3.12
C GLU WA 165 -79.96 17.77 3.68
N ASN WA 166 -81.26 17.91 3.49
CA ASN WA 166 -81.98 19.11 3.88
C ASN WA 166 -82.54 18.95 5.29
N TYR WA 167 -82.41 20.00 6.10
CA TYR WA 167 -82.82 19.95 7.49
C TYR WA 167 -83.81 21.08 7.79
N ALA WA 168 -84.69 20.82 8.75
CA ALA WA 168 -85.60 21.83 9.30
C ALA WA 168 -85.62 21.68 10.81
N VAL WA 169 -85.62 22.80 11.51
CA VAL WA 169 -85.55 22.84 12.97
C VAL WA 169 -86.71 23.70 13.48
N MET WA 170 -87.47 23.15 14.42
CA MET WA 170 -88.63 23.82 14.99
C MET WA 170 -88.62 23.68 16.51
N ASP WA 171 -89.61 24.29 17.15
CA ASP WA 171 -89.70 24.40 18.59
C ASP WA 171 -90.72 23.40 19.15
N PRO WA 172 -90.64 23.11 20.45
CA PRO WA 172 -91.50 22.06 21.03
C PRO WA 172 -92.99 22.30 20.86
N TRP WA 173 -93.44 23.55 20.93
CA TRP WA 173 -94.87 23.81 20.76
C TRP WA 173 -95.33 23.47 19.35
N SER WA 174 -94.55 23.85 18.34
CA SER WA 174 -94.89 23.47 16.97
C SER WA 174 -94.83 21.97 16.77
N ALA WA 175 -93.88 21.31 17.43
CA ALA WA 175 -93.83 19.85 17.37
C ALA WA 175 -95.10 19.24 17.97
N GLN WA 176 -95.57 19.80 19.09
CA GLN WA 176 -96.80 19.33 19.71
C GLN WA 176 -97.98 19.52 18.77
N ARG WA 177 -98.07 20.68 18.12
CA ARG WA 177 -99.17 20.94 17.19
C ARG WA 177 -99.12 19.98 16.01
N LEU WA 178 -97.92 19.71 15.49
CA LEU WA 178 -97.78 18.76 14.39
C LEU WA 178 -98.21 17.37 14.82
N ALA WA 179 -97.84 16.95 16.02
CA ALA WA 179 -98.27 15.64 16.51
C ALA WA 179 -99.78 15.58 16.68
N ASP WA 180 -100.38 16.67 17.16
CA ASP WA 180 -101.84 16.71 17.33
C ASP WA 180 -102.53 16.59 15.99
N ALA WA 181 -102.03 17.28 14.96
CA ALA WA 181 -102.58 17.11 13.62
C ALA WA 181 -102.34 15.70 13.10
N GLN WA 182 -101.19 15.12 13.43
CA GLN WA 182 -100.85 13.78 12.97
C GLN WA 182 -101.77 12.72 13.56
N THR WA 183 -102.27 12.95 14.76
CA THR WA 183 -103.15 11.98 15.41
C THR WA 183 -104.46 11.77 14.65
N GLY WA 184 -104.81 12.65 13.72
CA GLY WA 184 -106.08 12.53 13.02
C GLY WA 184 -106.01 11.78 11.70
N LEU WA 185 -104.95 10.99 11.50
CA LEU WA 185 -104.83 10.23 10.28
C LEU WA 185 -105.85 9.08 10.26
N HIS WA 186 -106.06 8.53 9.07
CA HIS WA 186 -107.12 7.55 8.86
C HIS WA 186 -106.63 6.12 8.62
N ALA WA 187 -105.37 5.92 8.30
CA ALA WA 187 -105.01 4.58 7.86
C ALA WA 187 -103.84 3.96 8.62
N SER WA 188 -102.83 4.74 8.96
CA SER WA 188 -101.60 4.20 9.53
C SER WA 188 -101.78 4.02 11.04
N ASP WA 189 -102.15 2.80 11.43
CA ASP WA 189 -102.51 2.55 12.83
C ASP WA 189 -101.33 2.69 13.77
N GLN WA 190 -100.16 2.15 13.40
CA GLN WA 190 -98.99 2.25 14.28
C GLN WA 190 -98.53 3.69 14.41
N LEU WA 191 -98.55 4.45 13.31
CA LEU WA 191 -98.21 5.86 13.36
C LEU WA 191 -99.17 6.63 14.26
N VAL WA 192 -100.48 6.36 14.13
CA VAL WA 192 -101.46 7.03 14.97
C VAL WA 192 -101.23 6.70 16.44
N ARG WA 193 -100.96 5.43 16.74
CA ARG WA 193 -100.70 5.03 18.12
C ARG WA 193 -99.47 5.72 18.68
N THR WA 194 -98.40 5.80 17.89
CA THR WA 194 -97.19 6.47 18.35
C THR WA 194 -97.45 7.94 18.62
N ALA WA 195 -98.16 8.62 17.71
CA ALA WA 195 -98.47 10.02 17.91
C ALA WA 195 -99.34 10.24 19.15
N TRP WA 196 -100.31 9.35 19.36
CA TRP WA 196 -101.22 9.49 20.50
C TRP WA 196 -100.50 9.24 21.82
N GLU WA 197 -99.60 8.25 21.85
CA GLU WA 197 -98.97 7.85 23.10
C GLU WA 197 -97.72 8.67 23.42
N ASN WA 198 -96.72 8.63 22.55
CA ASN WA 198 -95.43 9.25 22.85
C ASN WA 198 -95.34 10.70 22.40
N ALA WA 199 -96.31 11.18 21.61
CA ALA WA 199 -96.32 12.55 21.11
C ALA WA 199 -95.01 12.89 20.39
N GLN WA 200 -94.68 12.05 19.41
CA GLN WA 200 -93.46 12.19 18.62
C GLN WA 200 -93.82 12.37 17.15
N ILE WA 201 -92.78 12.63 16.36
CA ILE WA 201 -92.93 12.66 14.91
C ILE WA 201 -91.82 11.77 14.32
N PRO WA 202 -92.03 11.16 13.17
CA PRO WA 202 -90.99 10.31 12.58
C PRO WA 202 -89.79 11.14 12.14
N THR WA 203 -88.69 10.44 11.89
CA THR WA 203 -87.44 11.10 11.50
C THR WA 203 -87.63 11.94 10.25
N ASN WA 204 -88.31 11.39 9.25
CA ASN WA 204 -88.68 12.16 8.08
C ASN WA 204 -90.06 12.77 8.28
N PHE WA 205 -90.30 13.90 7.63
CA PHE WA 205 -91.60 14.56 7.72
C PHE WA 205 -91.75 15.50 6.53
N GLY WA 206 -92.69 15.20 5.64
CA GLY WA 206 -92.87 16.03 4.47
C GLY WA 206 -91.71 16.01 3.51
N GLY WA 207 -90.91 14.94 3.51
CA GLY WA 207 -89.77 14.84 2.62
C GLY WA 207 -88.51 15.50 3.10
N ILE WA 208 -88.52 16.11 4.28
CA ILE WA 208 -87.34 16.78 4.83
C ILE WA 208 -87.15 16.31 6.28
N ARG WA 209 -85.89 16.26 6.70
CA ARG WA 209 -85.57 15.81 8.05
C ARG WA 209 -85.91 16.91 9.04
N ALA WA 210 -86.89 16.65 9.90
CA ALA WA 210 -87.38 17.62 10.86
C ALA WA 210 -86.83 17.30 12.24
N LEU WA 211 -86.48 18.35 12.98
CA LEU WA 211 -85.90 18.21 14.31
C LEU WA 211 -86.52 19.22 15.27
N MET WA 212 -86.50 18.88 16.55
CA MET WA 212 -87.04 19.71 17.61
C MET WA 212 -85.93 20.06 18.59
N SER WA 213 -85.84 21.36 18.92
CA SER WA 213 -84.82 21.84 19.85
C SER WA 213 -85.35 23.02 20.64
N ASN WA 214 -85.02 23.04 21.93
CA ASN WA 214 -85.42 24.14 22.80
C ASN WA 214 -84.30 25.13 23.07
N GLY WA 215 -83.14 24.96 22.43
CA GLY WA 215 -82.06 25.91 22.52
C GLY WA 215 -82.09 27.00 21.48
N LEU WA 216 -83.18 27.08 20.71
CA LEU WA 216 -83.28 28.02 19.61
C LEU WA 216 -83.47 29.44 20.13
N ALA WA 217 -82.93 30.41 19.41
CA ALA WA 217 -82.94 31.80 19.85
C ALA WA 217 -84.20 32.51 19.37
N SER WA 218 -84.39 33.73 19.89
CA SER WA 218 -85.54 34.56 19.56
C SER WA 218 -85.07 35.93 19.07
N ARG WA 219 -85.96 36.63 18.35
CA ARG WA 219 -85.64 37.93 17.79
C ARG WA 219 -86.84 38.86 17.93
N THR WA 220 -86.60 40.13 17.59
CA THR WA 220 -87.61 41.18 17.66
C THR WA 220 -87.75 41.83 16.31
N GLN WA 221 -88.97 42.28 15.99
CA GLN WA 221 -89.24 42.82 14.66
C GLN WA 221 -88.64 44.21 14.48
N GLY WA 222 -89.08 45.18 15.28
CA GLY WA 222 -88.66 46.55 15.10
C GLY WA 222 -89.71 47.38 14.39
N ALA WA 223 -90.05 48.54 14.97
CA ALA WA 223 -91.18 49.31 14.48
C ALA WA 223 -90.91 49.86 13.08
N PHE WA 224 -91.94 49.82 12.23
CA PHE WA 224 -91.86 50.40 10.90
C PHE WA 224 -93.27 50.75 10.45
N GLY WA 225 -93.35 51.58 9.40
CA GLY WA 225 -94.65 51.99 8.88
C GLY WA 225 -94.50 52.71 7.56
N GLY WA 226 -95.62 52.86 6.89
CA GLY WA 226 -95.63 53.53 5.60
C GLY WA 226 -95.39 52.58 4.45
N THR WA 227 -95.64 53.06 3.24
CA THR WA 227 -95.41 52.26 2.04
C THR WA 227 -93.98 52.44 1.55
N LEU WA 228 -93.13 51.44 1.79
CA LEU WA 228 -91.72 51.55 1.45
C LEU WA 228 -91.52 51.38 -0.06
N THR WA 229 -90.68 52.24 -0.62
CA THR WA 229 -90.31 52.18 -2.02
C THR WA 229 -88.82 52.47 -2.16
N VAL WA 230 -88.22 51.94 -3.22
CA VAL WA 230 -86.80 52.17 -3.44
C VAL WA 230 -86.58 53.57 -4.03
N LYS WA 231 -85.41 54.13 -3.78
CA LYS WA 231 -85.07 55.48 -4.21
C LYS WA 231 -84.12 55.51 -5.41
N THR WA 232 -82.97 54.85 -5.29
CA THR WA 232 -81.96 54.87 -6.34
C THR WA 232 -81.59 53.43 -6.69
N GLN WA 233 -81.36 53.19 -7.98
CA GLN WA 233 -81.00 51.85 -8.44
C GLN WA 233 -79.69 51.41 -7.82
N PRO WA 234 -79.64 50.28 -7.13
CA PRO WA 234 -78.39 49.77 -6.58
C PRO WA 234 -77.59 49.05 -7.66
N THR WA 235 -76.36 48.68 -7.30
CA THR WA 235 -75.49 47.92 -8.19
C THR WA 235 -75.56 46.46 -7.79
N VAL WA 236 -76.01 45.62 -8.72
CA VAL WA 236 -76.21 44.20 -8.45
C VAL WA 236 -75.47 43.37 -9.50
N THR WA 237 -74.44 43.95 -10.09
CA THR WA 237 -73.64 43.22 -11.06
C THR WA 237 -72.80 42.16 -10.37
N TYR WA 238 -72.60 41.03 -11.05
CA TYR WA 238 -71.81 39.95 -10.48
C TYR WA 238 -70.37 40.39 -10.25
N ASN WA 239 -69.84 41.25 -11.12
CA ASN WA 239 -68.49 41.75 -10.94
C ASN WA 239 -68.34 42.56 -9.66
N ALA WA 240 -69.45 43.00 -9.06
CA ALA WA 240 -69.42 43.72 -7.81
C ALA WA 240 -69.80 42.84 -6.62
N VAL WA 241 -70.76 41.93 -6.79
CA VAL WA 241 -71.25 41.11 -5.69
C VAL WA 241 -70.73 39.68 -5.76
N LYS WA 242 -69.61 39.45 -6.45
CA LYS WA 242 -69.09 38.10 -6.59
C LYS WA 242 -68.25 37.64 -5.41
N ASP WA 243 -68.04 38.48 -4.41
CA ASP WA 243 -67.18 38.13 -3.28
C ASP WA 243 -67.90 38.14 -1.95
N SER WA 244 -69.09 38.70 -1.86
CA SER WA 244 -69.81 38.74 -0.58
C SER WA 244 -71.27 38.35 -0.66
N TYR WA 245 -71.93 38.42 -1.82
CA TYR WA 245 -73.37 38.19 -1.93
C TYR WA 245 -74.15 39.07 -0.97
N GLN WA 246 -73.70 40.30 -0.81
CA GLN WA 246 -74.37 41.28 0.03
C GLN WA 246 -74.45 42.59 -0.73
N PHE WA 247 -75.57 43.29 -0.60
CA PHE WA 247 -75.73 44.56 -1.29
C PHE WA 247 -76.49 45.54 -0.41
N THR WA 248 -76.12 46.81 -0.53
CA THR WA 248 -76.73 47.88 0.25
C THR WA 248 -77.73 48.63 -0.61
N VAL WA 249 -78.83 49.05 0.00
CA VAL WA 249 -79.91 49.70 -0.73
C VAL WA 249 -80.57 50.73 0.18
N THR WA 250 -81.04 51.82 -0.42
CA THR WA 250 -81.77 52.86 0.27
C THR WA 250 -83.26 52.76 -0.07
N LEU WA 251 -84.10 53.11 0.91
CA LEU WA 251 -85.54 52.99 0.78
C LEU WA 251 -86.18 54.35 1.03
N THR WA 252 -87.47 54.47 0.70
CA THR WA 252 -88.19 55.73 0.83
C THR WA 252 -89.64 55.43 1.16
N GLY WA 253 -90.25 56.29 1.96
CA GLY WA 253 -91.61 56.11 2.39
C GLY WA 253 -91.77 55.75 3.84
N ALA WA 254 -90.71 55.82 4.64
CA ALA WA 254 -90.77 55.44 6.04
C ALA WA 254 -91.35 56.58 6.88
N THR WA 255 -91.40 56.36 8.19
CA THR WA 255 -91.84 57.39 9.12
C THR WA 255 -90.75 58.44 9.28
N ALA WA 256 -91.13 59.58 9.88
CA ALA WA 256 -90.25 60.74 9.99
C ALA WA 256 -88.91 60.41 10.64
N SER WA 257 -88.94 59.94 11.89
CA SER WA 257 -87.70 59.60 12.60
C SER WA 257 -88.04 58.56 13.66
N VAL WA 258 -87.73 57.30 13.37
CA VAL WA 258 -87.96 56.19 14.28
C VAL WA 258 -86.64 55.48 14.51
N THR WA 259 -86.23 55.36 15.76
CA THR WA 259 -85.01 54.63 16.11
C THR WA 259 -85.28 53.13 16.03
N GLY WA 260 -84.31 52.37 15.54
CA GLY WA 260 -84.50 50.94 15.37
C GLY WA 260 -85.58 50.61 14.36
N PHE WA 261 -85.55 51.30 13.22
CA PHE WA 261 -86.57 51.08 12.21
C PHE WA 261 -86.55 49.65 11.68
N LEU WA 262 -85.36 49.12 11.43
CA LEU WA 262 -85.20 47.75 10.95
C LEU WA 262 -84.08 47.08 11.73
N LYS WA 263 -84.42 46.07 12.51
CA LYS WA 263 -83.45 45.33 13.30
C LYS WA 263 -82.94 44.14 12.51
N ALA WA 264 -81.88 43.51 13.03
CA ALA WA 264 -81.30 42.35 12.37
C ALA WA 264 -82.30 41.20 12.33
N GLY WA 265 -82.30 40.47 11.22
CA GLY WA 265 -83.22 39.37 11.02
C GLY WA 265 -84.51 39.73 10.33
N ASP WA 266 -84.79 41.01 10.12
CA ASP WA 266 -85.98 41.41 9.38
C ASP WA 266 -85.86 40.96 7.92
N GLN WA 267 -87.00 40.74 7.28
CA GLN WA 267 -87.04 40.21 5.93
C GLN WA 267 -87.85 41.13 5.03
N VAL WA 268 -87.27 41.46 3.88
CA VAL WA 268 -87.84 42.41 2.94
C VAL WA 268 -88.11 41.68 1.62
N LYS WA 269 -89.32 41.85 1.11
CA LYS WA 269 -89.76 41.21 -0.12
C LYS WA 269 -89.91 42.23 -1.23
N PHE WA 270 -89.25 42.00 -2.35
CA PHE WA 270 -89.38 42.83 -3.55
C PHE WA 270 -90.50 42.22 -4.40
N THR WA 271 -91.61 42.94 -4.52
CA THR WA 271 -92.84 42.34 -5.03
C THR WA 271 -92.69 41.86 -6.47
N ASN WA 272 -92.09 42.67 -7.33
CA ASN WA 272 -92.17 42.46 -8.77
C ASN WA 272 -90.89 41.87 -9.36
N THR WA 273 -90.11 41.12 -8.56
CA THR WA 273 -88.97 40.38 -9.07
C THR WA 273 -89.06 38.95 -8.56
N TYR WA 274 -88.89 37.99 -9.47
CA TYR WA 274 -89.15 36.59 -9.17
C TYR WA 274 -87.85 35.80 -9.17
N TRP WA 275 -87.84 34.71 -8.38
CA TRP WA 275 -86.70 33.80 -8.39
C TRP WA 275 -86.60 33.08 -9.72
N LEU WA 276 -85.54 32.29 -9.87
CA LEU WA 276 -85.30 31.54 -11.09
C LEU WA 276 -84.74 30.16 -10.75
N GLN WA 277 -85.06 29.15 -11.53
CA GLN WA 277 -84.35 27.89 -11.24
C GLN WA 277 -82.91 28.24 -11.62
N GLN WA 278 -81.95 28.04 -10.74
CA GLN WA 278 -80.59 28.55 -11.06
C GLN WA 278 -80.05 27.91 -12.34
N GLN WA 279 -80.16 26.60 -12.56
CA GLN WA 279 -79.62 26.07 -13.84
C GLN WA 279 -80.49 26.42 -15.04
N THR WA 280 -81.80 26.17 -14.97
CA THR WA 280 -82.63 26.41 -16.19
C THR WA 280 -82.74 27.89 -16.52
N LYS WA 281 -82.88 28.76 -15.53
CA LYS WA 281 -83.04 30.22 -15.72
C LYS WA 281 -84.49 30.56 -16.03
N GLN WA 282 -85.39 29.57 -16.00
CA GLN WA 282 -86.85 29.85 -16.19
C GLN WA 282 -87.45 30.29 -14.86
N ALA WA 283 -88.50 31.11 -14.87
CA ALA WA 283 -89.06 31.70 -13.62
C ALA WA 283 -89.80 30.67 -12.78
N LEU WA 284 -90.01 30.99 -11.50
CA LEU WA 284 -90.66 30.02 -10.57
C LEU WA 284 -92.11 30.43 -10.32
N TYR WA 285 -93.04 29.50 -10.46
CA TYR WA 285 -94.47 29.79 -10.24
C TYR WA 285 -95.06 28.78 -9.27
N ASN WA 286 -95.57 29.23 -8.12
CA ASN WA 286 -96.24 28.34 -7.16
C ASN WA 286 -97.72 28.26 -7.50
N GLY WA 287 -98.01 27.51 -8.57
CA GLY WA 287 -99.36 27.41 -9.04
C GLY WA 287 -99.69 28.52 -10.03
N ALA WA 288 -100.33 29.59 -9.53
CA ALA WA 288 -100.65 30.75 -10.35
C ALA WA 288 -100.08 32.04 -9.77
N THR WA 289 -99.28 31.95 -8.71
CA THR WA 289 -98.68 33.12 -8.08
C THR WA 289 -97.16 32.96 -8.10
N PRO WA 290 -96.44 33.78 -8.86
CA PRO WA 290 -94.98 33.65 -8.87
C PRO WA 290 -94.38 33.99 -7.52
N ILE WA 291 -93.26 33.34 -7.22
CA ILE WA 291 -92.54 33.55 -5.97
C ILE WA 291 -91.77 34.85 -6.04
N SER WA 292 -91.82 35.63 -4.95
CA SER WA 292 -91.19 36.93 -4.90
C SER WA 292 -89.85 36.84 -4.19
N PHE WA 293 -88.89 37.64 -4.67
CA PHE WA 293 -87.56 37.65 -4.10
C PHE WA 293 -87.57 38.26 -2.69
N THR WA 294 -86.80 37.66 -1.79
CA THR WA 294 -86.72 38.10 -0.40
C THR WA 294 -85.26 38.24 0.00
N ALA WA 295 -85.00 39.14 0.95
CA ALA WA 295 -83.66 39.38 1.46
C ALA WA 295 -83.76 39.66 2.96
N THR WA 296 -82.62 39.58 3.65
CA THR WA 296 -82.58 39.73 5.09
C THR WA 296 -81.68 40.90 5.49
N VAL WA 297 -82.15 41.68 6.46
CA VAL WA 297 -81.39 42.80 6.99
C VAL WA 297 -80.27 42.28 7.89
N THR WA 298 -79.06 42.77 7.67
CA THR WA 298 -77.88 42.31 8.40
C THR WA 298 -77.56 43.18 9.61
N ALA WA 299 -77.73 44.48 9.52
CA ALA WA 299 -77.36 45.40 10.59
C ALA WA 299 -78.52 46.34 10.90
N ASP WA 300 -78.57 46.81 12.15
CA ASP WA 300 -79.63 47.69 12.59
C ASP WA 300 -79.60 49.00 11.81
N ALA WA 301 -80.78 49.45 11.38
CA ALA WA 301 -80.91 50.68 10.61
C ALA WA 301 -81.69 51.72 11.42
N ASN WA 302 -81.55 52.97 11.01
CA ASN WA 302 -82.23 54.08 11.65
C ASN WA 302 -82.86 54.96 10.58
N SER WA 303 -83.97 55.60 10.96
CA SER WA 303 -84.74 56.45 10.05
C SER WA 303 -84.45 57.91 10.34
N ASP WA 304 -84.04 58.64 9.32
CA ASP WA 304 -83.83 60.08 9.39
C ASP WA 304 -85.00 60.80 8.75
N SER WA 305 -85.01 62.13 8.89
CA SER WA 305 -86.12 62.92 8.38
C SER WA 305 -86.26 62.73 6.87
N GLY WA 306 -87.51 62.62 6.43
CA GLY WA 306 -87.81 62.34 5.03
C GLY WA 306 -88.13 60.90 4.72
N GLY WA 307 -88.15 60.02 5.72
CA GLY WA 307 -88.46 58.62 5.50
C GLY WA 307 -87.46 57.88 4.65
N ASP WA 308 -86.17 58.05 4.90
CA ASP WA 308 -85.12 57.41 4.16
C ASP WA 308 -84.30 56.52 5.09
N VAL WA 309 -84.11 55.26 4.70
CA VAL WA 309 -83.32 54.31 5.48
C VAL WA 309 -82.37 53.57 4.55
N THR WA 310 -81.12 53.43 4.97
CA THR WA 310 -80.12 52.68 4.23
C THR WA 310 -79.88 51.36 4.95
N VAL WA 311 -80.04 50.25 4.23
CA VAL WA 311 -79.92 48.92 4.82
C VAL WA 311 -78.94 48.10 3.99
N THR WA 312 -78.41 47.06 4.61
CA THR WA 312 -77.52 46.09 3.95
C THR WA 312 -78.17 44.72 4.01
N LEU WA 313 -78.36 44.10 2.85
CA LEU WA 313 -79.07 42.84 2.73
C LEU WA 313 -78.13 41.75 2.25
N SER WA 314 -78.38 40.54 2.75
CA SER WA 314 -77.68 39.34 2.33
C SER WA 314 -78.47 38.61 1.26
N GLY WA 315 -77.76 38.14 0.24
CA GLY WA 315 -78.42 37.59 -0.93
C GLY WA 315 -78.76 38.70 -1.89
N VAL WA 316 -78.40 38.55 -3.17
CA VAL WA 316 -78.52 39.66 -4.11
C VAL WA 316 -79.29 39.23 -5.35
N PRO WA 317 -80.11 40.10 -5.93
CA PRO WA 317 -80.81 39.80 -7.20
C PRO WA 317 -79.98 40.18 -8.42
N ILE WA 318 -79.04 39.30 -8.78
CA ILE WA 318 -78.10 39.61 -9.85
C ILE WA 318 -78.85 39.66 -11.18
N TYR WA 319 -78.70 40.76 -11.91
CA TYR WA 319 -79.18 40.88 -13.28
C TYR WA 319 -78.10 41.61 -14.07
N ASP WA 320 -77.22 40.84 -14.70
CA ASP WA 320 -76.09 41.38 -15.46
C ASP WA 320 -76.32 41.16 -16.94
N THR WA 321 -76.38 42.26 -17.71
CA THR WA 321 -76.55 42.18 -19.14
C THR WA 321 -75.30 41.71 -19.88
N THR WA 322 -74.12 42.19 -19.48
CA THR WA 322 -72.87 41.75 -20.09
C THR WA 322 -72.51 40.31 -19.75
N ASN WA 323 -72.96 39.80 -18.61
CA ASN WA 323 -72.71 38.42 -18.20
C ASN WA 323 -74.03 37.76 -17.82
N PRO WA 324 -74.80 37.31 -18.80
CA PRO WA 324 -76.09 36.68 -18.50
C PRO WA 324 -75.95 35.33 -17.82
N GLN WA 325 -74.73 34.81 -17.72
CA GLN WA 325 -74.52 33.50 -17.14
C GLN WA 325 -74.91 33.43 -15.67
N TYR WA 326 -74.83 34.54 -14.94
CA TYR WA 326 -74.99 34.53 -13.49
C TYR WA 326 -76.28 35.20 -13.04
N ASN WA 327 -77.29 35.28 -13.91
CA ASN WA 327 -78.56 35.85 -13.50
C ASN WA 327 -79.24 34.96 -12.46
N SER WA 328 -79.87 35.61 -11.48
CA SER WA 328 -80.60 34.88 -10.45
C SER WA 328 -81.92 35.56 -10.11
N VAL WA 329 -82.44 36.35 -11.03
CA VAL WA 329 -83.71 37.05 -10.83
C VAL WA 329 -84.29 37.40 -12.19
N SER WA 330 -85.63 37.47 -12.28
CA SER WA 330 -86.28 37.65 -13.57
C SER WA 330 -85.93 38.98 -14.21
N ARG WA 331 -85.90 40.06 -13.43
CA ARG WA 331 -85.68 41.39 -13.97
C ARG WA 331 -84.93 42.24 -12.97
N GLN WA 332 -84.32 43.31 -13.46
CA GLN WA 332 -83.55 44.21 -12.62
C GLN WA 332 -84.48 45.01 -11.70
N VAL WA 333 -83.93 45.40 -10.55
CA VAL WA 333 -84.67 46.20 -9.57
C VAL WA 333 -84.48 47.67 -9.98
N GLU WA 334 -85.51 48.24 -10.59
CA GLU WA 334 -85.47 49.63 -11.01
C GLU WA 334 -85.90 50.55 -9.87
N ALA WA 335 -85.98 51.84 -10.17
CA ALA WA 335 -86.42 52.81 -9.17
C ALA WA 335 -87.95 52.79 -9.06
N GLY WA 336 -88.43 53.05 -7.85
CA GLY WA 336 -89.85 53.08 -7.60
C GLY WA 336 -90.52 51.73 -7.43
N ASP WA 337 -89.74 50.65 -7.34
CA ASP WA 337 -90.32 49.32 -7.19
C ASP WA 337 -90.98 49.17 -5.83
N ALA WA 338 -91.91 48.22 -5.75
CA ALA WA 338 -92.66 47.98 -4.53
C ALA WA 338 -91.94 46.95 -3.66
N VAL WA 339 -91.73 47.32 -2.40
CA VAL WA 339 -91.11 46.44 -1.42
C VAL WA 339 -92.01 46.39 -0.19
N SER WA 340 -91.84 45.32 0.59
CA SER WA 340 -92.63 45.14 1.80
C SER WA 340 -91.76 44.47 2.86
N VAL WA 341 -92.20 44.57 4.10
CA VAL WA 341 -91.51 43.95 5.23
C VAL WA 341 -92.41 42.86 5.80
N VAL WA 342 -91.87 41.64 5.89
CA VAL WA 342 -92.68 40.50 6.33
C VAL WA 342 -92.68 40.46 7.85
N GLY WA 343 -93.87 40.52 8.43
CA GLY WA 343 -94.00 40.42 9.87
C GLY WA 343 -95.03 41.42 10.38
N THR WA 344 -94.78 41.91 11.60
CA THR WA 344 -95.67 42.86 12.25
C THR WA 344 -94.79 43.95 12.85
N ALA WA 345 -95.44 45.01 13.36
CA ALA WA 345 -94.71 46.21 13.75
C ALA WA 345 -93.68 45.93 14.83
N SER WA 346 -94.09 45.28 15.93
CA SER WA 346 -93.18 45.09 17.05
C SER WA 346 -93.32 43.70 17.67
N GLN WA 347 -93.67 42.70 16.87
CA GLN WA 347 -93.82 41.35 17.40
C GLN WA 347 -92.48 40.78 17.82
N THR WA 348 -92.53 39.88 18.80
CA THR WA 348 -91.38 39.09 19.22
C THR WA 348 -91.75 37.62 19.15
N MET WA 349 -90.89 36.83 18.51
CA MET WA 349 -91.21 35.43 18.27
C MET WA 349 -89.92 34.63 18.25
N LYS WA 350 -90.07 33.31 18.19
CA LYS WA 350 -88.95 32.39 18.07
C LYS WA 350 -88.96 31.77 16.69
N PRO WA 351 -88.07 32.17 15.78
CA PRO WA 351 -88.20 31.75 14.38
C PRO WA 351 -87.69 30.34 14.16
N ASN WA 352 -88.44 29.59 13.36
CA ASN WA 352 -88.01 28.25 12.95
C ASN WA 352 -87.10 28.36 11.72
N LEU WA 353 -86.27 27.34 11.52
CA LEU WA 353 -85.24 27.41 10.50
C LEU WA 353 -85.34 26.23 9.54
N PHE WA 354 -84.86 26.44 8.31
CA PHE WA 354 -84.65 25.34 7.38
C PHE WA 354 -83.42 25.67 6.55
N TYR WA 355 -82.68 24.65 6.12
CA TYR WA 355 -81.43 24.89 5.43
C TYR WA 355 -80.93 23.61 4.77
N ASN WA 356 -79.87 23.76 3.99
CA ASN WA 356 -79.14 22.64 3.40
C ASN WA 356 -77.92 22.34 4.24
N LYS WA 357 -77.25 21.22 3.91
CA LYS WA 357 -76.04 20.84 4.63
C LYS WA 357 -74.94 21.88 4.49
N PHE WA 358 -74.76 22.41 3.28
CA PHE WA 358 -73.65 23.31 2.96
C PHE WA 358 -74.06 24.77 2.98
N PHE WA 359 -74.97 25.15 3.88
CA PHE WA 359 -75.35 26.55 4.01
C PHE WA 359 -74.33 27.32 4.83
N CYS WA 360 -74.06 26.87 6.05
CA CYS WA 360 -73.08 27.48 6.93
C CYS WA 360 -72.08 26.44 7.41
N GLY WA 361 -70.93 26.94 7.85
CA GLY WA 361 -69.88 26.09 8.37
C GLY WA 361 -69.36 26.62 9.68
N LEU WA 362 -69.18 25.70 10.63
CA LEU WA 362 -68.75 26.02 11.98
C LEU WA 362 -67.48 25.27 12.31
N GLY WA 363 -66.53 25.96 12.94
CA GLY WA 363 -65.33 25.31 13.40
C GLY WA 363 -64.95 25.85 14.77
N SER WA 364 -64.17 25.04 15.50
CA SER WA 364 -63.64 25.43 16.80
C SER WA 364 -62.13 25.25 16.75
N ILE WA 365 -61.41 26.34 16.53
CA ILE WA 365 -59.98 26.18 16.26
C ILE WA 365 -59.23 25.92 17.57
N PRO WA 366 -58.29 24.98 17.60
CA PRO WA 366 -57.62 24.66 18.86
C PRO WA 366 -56.69 25.77 19.31
N LEU WA 367 -56.45 25.83 20.62
CA LEU WA 367 -55.58 26.82 21.21
C LEU WA 367 -54.28 26.19 21.68
N PRO WA 368 -53.16 26.90 21.59
CA PRO WA 368 -51.87 26.30 21.94
C PRO WA 368 -51.56 26.39 23.43
N LYS WA 369 -50.71 25.47 23.86
CA LYS WA 369 -50.27 25.43 25.25
C LYS WA 369 -49.31 26.59 25.54
N LEU WA 370 -49.18 26.92 26.82
CA LEU WA 370 -48.32 27.99 27.29
C LEU WA 370 -47.09 27.42 27.99
N HIS WA 371 -46.31 28.31 28.60
CA HIS WA 371 -45.00 27.95 29.12
C HIS WA 371 -45.15 27.00 30.29
N SER WA 372 -45.40 25.72 29.97
CA SER WA 372 -45.58 24.63 30.92
C SER WA 372 -46.39 25.06 32.15
N ILE WA 373 -47.41 25.87 31.89
CA ILE WA 373 -48.38 26.25 32.90
C ILE WA 373 -49.39 25.12 32.99
N ASP WA 374 -49.81 24.77 34.21
CA ASP WA 374 -50.75 23.68 34.38
C ASP WA 374 -51.93 23.83 33.43
N SER WA 375 -52.03 22.91 32.49
CA SER WA 375 -53.00 23.03 31.41
C SER WA 375 -53.59 21.66 31.13
N ALA WA 376 -54.81 21.67 30.62
CA ALA WA 376 -55.49 20.41 30.29
C ALA WA 376 -56.55 20.69 29.24
N VAL WA 377 -57.07 19.63 28.64
CA VAL WA 377 -58.18 19.70 27.71
C VAL WA 377 -59.35 18.93 28.30
N ALA WA 378 -60.54 19.50 28.19
CA ALA WA 378 -61.77 18.87 28.62
C ALA WA 378 -62.64 18.59 27.41
N THR WA 379 -63.36 17.47 27.46
CA THR WA 379 -64.15 16.99 26.34
C THR WA 379 -65.64 17.11 26.65
N TYR WA 380 -66.40 17.55 25.65
CA TYR WA 380 -67.85 17.64 25.80
C TYR WA 380 -68.48 17.45 24.43
N GLU WA 381 -69.01 16.25 24.17
CA GLU WA 381 -69.66 15.89 22.91
C GLU WA 381 -68.97 16.50 21.69
N GLY WA 382 -67.72 16.08 21.48
CA GLY WA 382 -67.00 16.49 20.29
C GLY WA 382 -66.41 17.87 20.34
N PHE WA 383 -66.43 18.53 21.49
CA PHE WA 383 -65.82 19.85 21.64
C PHE WA 383 -64.73 19.79 22.69
N SER WA 384 -63.57 20.36 22.37
CA SER WA 384 -62.41 20.37 23.25
C SER WA 384 -62.20 21.77 23.81
N ILE WA 385 -61.97 21.88 25.12
CA ILE WA 385 -61.81 23.21 25.77
C ILE WA 385 -60.47 23.21 26.52
N ARG WA 386 -59.72 24.31 26.53
CA ARG WA 386 -58.37 24.35 27.17
C ARG WA 386 -58.42 25.05 28.52
N VAL WA 387 -58.01 24.38 29.61
CA VAL WA 387 -58.08 24.96 30.98
C VAL WA 387 -56.68 25.30 31.47
N HIS WA 388 -56.46 26.53 31.92
CA HIS WA 388 -55.13 26.96 32.41
C HIS WA 388 -55.21 27.26 33.91
N LYS WA 389 -54.31 26.70 34.70
CA LYS WA 389 -54.32 26.94 36.16
C LYS WA 389 -53.16 27.88 36.51
N TYR WA 390 -53.45 29.03 37.11
CA TYR WA 390 -52.40 30.04 37.40
C TYR WA 390 -52.68 30.62 38.79
N ALA WA 391 -51.69 31.21 39.45
CA ALA WA 391 -51.93 31.66 40.85
C ALA WA 391 -51.17 32.94 41.18
N ASP WA 392 -51.56 33.64 42.25
CA ASP WA 392 -50.80 34.82 42.74
C ASP WA 392 -50.09 34.41 44.02
N GLY WA 393 -48.77 34.39 44.01
CA GLY WA 393 -48.02 33.91 45.19
C GLY WA 393 -48.18 34.79 46.40
N ASP WA 394 -48.14 36.10 46.22
CA ASP WA 394 -48.18 37.01 47.39
C ASP WA 394 -49.53 36.96 48.10
N ALA WA 395 -50.64 36.88 47.37
CA ALA WA 395 -51.97 36.94 47.98
C ALA WA 395 -52.53 35.56 48.33
N ASN WA 396 -51.81 34.50 48.00
CA ASN WA 396 -52.31 33.12 48.22
C ASN WA 396 -53.67 32.91 47.54
N VAL WA 397 -53.83 33.27 46.27
CA VAL WA 397 -55.09 33.04 45.52
C VAL WA 397 -54.82 32.10 44.35
N GLN WA 398 -55.64 31.05 44.18
CA GLN WA 398 -55.44 30.06 43.08
C GLN WA 398 -56.55 30.29 42.05
N LYS WA 399 -56.20 30.44 40.77
CA LYS WA 399 -57.22 30.79 39.74
C LYS WA 399 -57.17 29.83 38.56
N MET WA 400 -58.24 29.74 37.77
CA MET WA 400 -58.29 28.85 36.58
C MET WA 400 -59.02 29.59 35.44
N ARG WA 401 -58.87 29.17 34.19
CA ARG WA 401 -59.65 29.78 33.08
C ARG WA 401 -59.97 28.74 32.01
N PHE WA 402 -61.19 28.71 31.49
CA PHE WA 402 -61.62 27.83 30.42
C PHE WA 402 -61.81 28.65 29.15
N ASP WA 403 -61.26 28.18 28.03
CA ASP WA 403 -61.20 28.97 26.81
C ASP WA 403 -61.78 28.19 25.63
N LEU WA 404 -62.40 28.93 24.71
CA LEU WA 404 -62.81 28.36 23.43
C LEU WA 404 -62.80 29.44 22.37
N LEU WA 405 -62.46 29.07 21.14
CA LEU WA 405 -62.38 30.01 20.03
C LEU WA 405 -63.09 29.45 18.81
N PRO WA 406 -64.25 30.02 18.43
CA PRO WA 406 -64.99 29.51 17.27
C PRO WA 406 -64.69 30.26 15.97
N ALA WA 407 -65.28 29.78 14.88
CA ALA WA 407 -65.15 30.41 13.58
C ALA WA 407 -66.37 30.05 12.74
N TYR WA 408 -67.01 31.06 12.16
CA TYR WA 408 -68.22 30.89 11.36
C TYR WA 408 -67.97 31.28 9.91
N VAL WA 409 -68.68 30.60 9.00
CA VAL WA 409 -68.66 30.95 7.59
C VAL WA 409 -70.04 30.68 7.01
N CYS WA 410 -70.43 31.49 6.02
CA CYS WA 410 -71.69 31.31 5.30
C CYS WA 410 -71.36 31.12 3.83
N PHE WA 411 -71.54 29.91 3.31
CA PHE WA 411 -71.10 29.62 1.95
C PHE WA 411 -72.02 30.27 0.92
N ASN WA 412 -73.29 29.87 0.91
CA ASN WA 412 -74.24 30.42 -0.05
C ASN WA 412 -75.52 30.81 0.67
N PRO WA 413 -75.91 32.09 0.64
CA PRO WA 413 -77.14 32.50 1.35
C PRO WA 413 -78.41 31.89 0.78
N HIS WA 414 -78.39 31.40 -0.45
CA HIS WA 414 -79.60 30.91 -1.11
C HIS WA 414 -79.90 29.45 -0.81
N MET WA 415 -79.36 28.89 0.28
CA MET WA 415 -79.59 27.51 0.64
C MET WA 415 -80.08 27.38 2.07
N GLY WA 416 -80.84 28.37 2.54
CA GLY WA 416 -81.38 28.32 3.87
C GLY WA 416 -82.18 29.57 4.17
N GLY WA 417 -82.90 29.51 5.29
CA GLY WA 417 -83.69 30.66 5.71
C GLY WA 417 -84.69 30.27 6.78
N GLN WA 418 -85.71 31.11 6.91
CA GLN WA 418 -86.75 30.97 7.92
C GLN WA 418 -88.04 30.54 7.25
N PHE WA 419 -88.82 29.70 7.94
CA PHE WA 419 -90.10 29.25 7.43
C PHE WA 419 -91.15 29.36 8.53
N PHE WA 420 -92.36 29.74 8.14
CA PHE WA 420 -93.48 29.89 9.07
C PHE WA 420 -94.74 29.32 8.43
N GLY WA 421 -95.73 29.04 9.27
CA GLY WA 421 -97.00 28.55 8.76
C GLY WA 421 -97.79 29.63 8.04
N ASN WA 422 -98.04 29.44 6.75
CA ASN WA 422 -98.78 30.43 6.00
C ASN WA 422 -100.29 30.28 6.23
N PRO WA 423 -101.06 31.37 6.10
CA PRO WA 423 -102.51 31.31 6.29
C PRO WA 423 -103.24 30.75 5.07
N THR XA 3 59.73 65.95 0.56
CA THR XA 3 59.55 67.20 1.28
C THR XA 3 58.58 67.03 2.45
N VAL XA 4 58.99 67.53 3.62
CA VAL XA 4 58.14 67.39 4.80
C VAL XA 4 56.92 68.31 4.68
N LEU XA 5 55.88 67.97 5.43
CA LEU XA 5 54.67 68.77 5.51
C LEU XA 5 54.53 69.29 6.93
N THR XA 6 54.29 70.58 7.07
CA THR XA 6 54.17 71.23 8.37
C THR XA 6 52.75 71.78 8.55
N LYS XA 7 52.47 72.22 9.78
CA LYS XA 7 51.20 72.88 10.04
C LYS XA 7 51.17 74.25 9.36
N GLY XA 8 50.08 74.96 9.53
CA GLY XA 8 49.97 76.28 8.92
C GLY XA 8 49.69 76.27 7.44
N GLU XA 9 50.45 75.48 6.68
CA GLU XA 9 50.14 75.35 5.25
C GLU XA 9 48.82 74.63 5.04
N ILE XA 10 48.43 73.74 5.95
CA ILE XA 10 47.12 73.12 5.88
C ILE XA 10 46.02 74.17 6.11
N VAL XA 11 46.22 75.04 7.09
CA VAL XA 11 45.26 76.11 7.35
C VAL XA 11 45.17 77.04 6.15
N LEU XA 12 46.31 77.34 5.52
CA LEU XA 12 46.31 78.18 4.33
C LEU XA 12 45.59 77.49 3.18
N PHE XA 13 45.77 76.18 3.05
CA PHE XA 13 45.04 75.41 2.04
C PHE XA 13 43.54 75.52 2.26
N ALA XA 14 43.10 75.37 3.51
CA ALA XA 14 41.68 75.47 3.83
C ALA XA 14 41.14 76.87 3.54
N LEU XA 15 41.90 77.91 3.91
CA LEU XA 15 41.47 79.27 3.66
C LEU XA 15 41.54 79.64 2.18
N ARG XA 16 42.33 78.93 1.38
CA ARG XA 16 42.45 79.23 -0.03
C ARG XA 16 41.41 78.53 -0.88
N LYS XA 17 41.07 77.28 -0.56
CA LYS XA 17 40.12 76.54 -1.39
C LYS XA 17 38.70 77.06 -1.31
N PHE XA 18 38.38 78.00 -0.42
CA PHE XA 18 37.05 78.61 -0.46
C PHE XA 18 37.17 80.13 -0.46
N ALA XA 19 38.32 80.65 -0.88
CA ALA XA 19 38.51 82.07 -1.19
C ALA XA 19 38.32 82.98 0.03
N ILE XA 20 38.60 82.47 1.23
CA ILE XA 20 38.65 83.34 2.39
C ILE XA 20 39.85 84.28 2.30
N ALA XA 21 41.02 83.73 2.00
CA ALA XA 21 42.23 84.53 1.81
C ALA XA 21 43.11 83.79 0.81
N SER XA 22 43.02 84.18 -0.45
CA SER XA 22 43.69 83.48 -1.54
C SER XA 22 44.91 84.25 -2.02
N ASN XA 23 45.80 83.53 -2.70
CA ASN XA 23 46.99 84.16 -3.27
C ASN XA 23 46.61 85.19 -4.33
N ALA XA 24 45.66 84.86 -5.20
CA ALA XA 24 45.14 85.80 -6.19
C ALA XA 24 43.64 85.94 -5.93
N SER XA 25 43.32 86.77 -4.93
CA SER XA 25 41.96 87.25 -4.72
C SER XA 25 41.96 88.69 -4.22
N LEU XA 26 43.11 89.34 -4.17
CA LEU XA 26 43.27 90.65 -3.55
C LEU XA 26 42.76 90.63 -2.10
N THR XA 27 43.18 89.61 -1.36
CA THR XA 27 42.81 89.44 0.04
C THR XA 27 44.07 89.22 0.86
N ASP XA 28 43.92 89.27 2.18
CA ASP XA 28 45.03 89.11 3.11
C ASP XA 28 44.66 88.13 4.21
N VAL XA 29 45.67 87.45 4.74
CA VAL XA 29 45.49 86.53 5.85
C VAL XA 29 45.58 87.31 7.16
N GLU XA 30 45.08 86.72 8.23
CA GLU XA 30 45.07 87.38 9.52
C GLU XA 30 45.58 86.44 10.61
N PRO XA 31 46.29 86.99 11.59
CA PRO XA 31 46.78 86.15 12.70
C PRO XA 31 45.67 85.46 13.47
N GLN XA 32 44.53 86.12 13.63
CA GLN XA 32 43.40 85.48 14.30
C GLN XA 32 42.94 84.24 13.54
N SER XA 33 42.82 84.36 12.21
CA SER XA 33 42.42 83.22 11.40
C SER XA 33 43.45 82.10 11.48
N ILE XA 34 44.74 82.46 11.44
CA ILE XA 34 45.79 81.43 11.51
C ILE XA 34 45.73 80.70 12.84
N GLU XA 35 45.60 81.44 13.95
CA GLU XA 35 45.56 80.80 15.26
C GLU XA 35 44.34 79.91 15.41
N ASP XA 36 43.16 80.39 14.95
CA ASP XA 36 41.96 79.57 15.04
C ASP XA 36 42.09 78.30 14.21
N GLY XA 37 42.65 78.42 13.00
CA GLY XA 37 42.85 77.23 12.19
C GLY XA 37 43.78 76.23 12.83
N VAL XA 38 44.87 76.72 13.42
CA VAL XA 38 45.84 75.82 14.06
C VAL XA 38 45.19 75.08 15.23
N ASN XA 39 44.46 75.81 16.08
CA ASN XA 39 43.81 75.17 17.22
C ASN XA 39 42.75 74.18 16.76
N ASP XA 40 41.98 74.54 15.73
CA ASP XA 40 40.97 73.62 15.21
C ASP XA 40 41.61 72.36 14.68
N LEU XA 41 42.73 72.49 13.96
CA LEU XA 41 43.43 71.31 13.47
C LEU XA 41 43.89 70.42 14.61
N GLU XA 42 44.47 71.02 15.66
CA GLU XA 42 44.95 70.24 16.79
C GLU XA 42 43.82 69.45 17.42
N ASP XA 43 42.71 70.12 17.74
CA ASP XA 43 41.59 69.44 18.39
C ASP XA 43 40.96 68.39 17.47
N MET XA 44 40.88 68.70 16.16
CA MET XA 44 40.28 67.76 15.23
C MET XA 44 41.09 66.49 15.12
N MET XA 45 42.42 66.60 15.09
CA MET XA 45 43.25 65.40 15.09
C MET XA 45 43.13 64.66 16.41
N SER XA 46 43.04 65.40 17.52
CA SER XA 46 42.87 64.75 18.83
C SER XA 46 41.62 63.88 18.84
N GLU XA 47 40.52 64.35 18.27
CA GLU XA 47 39.31 63.53 18.23
C GLU XA 47 39.38 62.47 17.14
N TRP XA 48 40.07 62.75 16.03
CA TRP XA 48 40.27 61.74 14.99
C TRP XA 48 41.05 60.55 15.51
N MET XA 49 41.78 60.71 16.61
CA MET XA 49 42.54 59.60 17.17
C MET XA 49 41.68 58.37 17.45
N ILE XA 50 40.36 58.52 17.64
CA ILE XA 50 39.56 57.38 18.08
C ILE XA 50 38.73 56.76 16.95
N ASN XA 51 37.92 57.56 16.26
CA ASN XA 51 36.99 56.97 15.29
C ASN XA 51 37.70 56.51 14.02
N PRO XA 52 38.41 57.37 13.28
CA PRO XA 52 39.27 56.84 12.21
C PRO XA 52 40.60 56.40 12.77
N GLY XA 53 41.32 55.63 11.95
CA GLY XA 53 42.62 55.14 12.37
C GLY XA 53 43.63 56.24 12.54
N ASP XA 54 44.59 56.01 13.44
CA ASP XA 54 45.66 56.96 13.65
C ASP XA 54 46.52 57.06 12.38
N ILE XA 55 46.88 58.28 12.02
CA ILE XA 55 47.60 58.54 10.78
C ILE XA 55 48.99 59.11 11.02
N GLY XA 56 49.44 59.16 12.27
CA GLY XA 56 50.79 59.59 12.58
C GLY XA 56 50.97 61.06 12.89
N TYR XA 57 49.91 61.77 13.23
CA TYR XA 57 50.01 63.18 13.57
C TYR XA 57 50.92 63.38 14.78
N ALA XA 58 51.68 64.47 14.76
CA ALA XA 58 52.64 64.79 15.81
C ALA XA 58 52.06 65.89 16.68
N PHE XA 59 51.73 65.55 17.93
CA PHE XA 59 51.12 66.49 18.84
C PHE XA 59 52.18 67.37 19.50
N ALA XA 60 51.76 68.55 19.92
CA ALA XA 60 52.64 69.47 20.61
C ALA XA 60 52.94 68.97 22.02
N THR XA 61 54.14 69.31 22.51
CA THR XA 61 54.54 68.92 23.85
C THR XA 61 53.70 69.65 24.89
N GLY XA 62 53.64 69.08 26.09
CA GLY XA 62 52.80 69.60 27.15
C GLY XA 62 53.07 71.04 27.55
N ASP XA 63 51.99 71.80 27.75
CA ASP XA 63 52.07 73.19 28.20
C ASP XA 63 52.83 74.08 27.22
N GLU XA 64 52.76 73.76 25.94
CA GLU XA 64 53.36 74.58 24.88
C GLU XA 64 52.34 74.79 23.78
N GLN XA 65 52.19 76.04 23.34
CA GLN XA 65 51.23 76.36 22.31
C GLN XA 65 51.70 75.78 20.97
N PRO XA 66 50.78 75.33 20.12
CA PRO XA 66 51.18 74.93 18.76
C PRO XA 66 51.63 76.13 17.95
N LEU XA 67 52.56 75.88 17.04
CA LEU XA 67 53.03 76.92 16.14
C LEU XA 67 52.87 76.47 14.69
N PRO XA 68 52.65 77.40 13.76
CA PRO XA 68 52.47 77.01 12.36
C PRO XA 68 53.70 76.37 11.74
N ASP XA 69 54.89 76.59 12.29
CA ASP XA 69 56.10 76.01 11.72
C ASP XA 69 56.40 74.61 12.21
N ASP XA 70 55.67 74.11 13.21
CA ASP XA 70 55.92 72.78 13.72
C ASP XA 70 55.51 71.73 12.68
N GLU XA 71 56.33 70.69 12.56
CA GLU XA 71 56.05 69.63 11.60
C GLU XA 71 54.83 68.83 12.04
N SER XA 72 53.91 68.59 11.10
CA SER XA 72 52.72 67.80 11.42
C SER XA 72 53.04 66.31 11.47
N GLY XA 73 53.90 65.84 10.58
CA GLY XA 73 54.25 64.43 10.51
C GLY XA 73 53.34 63.59 9.65
N LEU XA 74 52.26 64.15 9.12
CA LEU XA 74 51.37 63.39 8.26
C LEU XA 74 52.05 63.07 6.92
N PRO XA 75 51.76 61.92 6.34
CA PRO XA 75 52.19 61.66 4.97
C PRO XA 75 51.51 62.63 4.01
N ARG XA 76 52.19 62.93 2.91
CA ARG XA 76 51.70 63.94 1.98
C ARG XA 76 50.38 63.56 1.33
N LYS XA 77 50.00 62.28 1.38
CA LYS XA 77 48.77 61.86 0.71
C LYS XA 77 47.53 62.31 1.47
N TYR XA 78 47.62 62.44 2.79
CA TYR XA 78 46.44 62.73 3.59
C TYR XA 78 46.14 64.22 3.66
N LYS XA 79 46.94 65.05 2.98
CA LYS XA 79 46.81 66.50 3.07
C LYS XA 79 45.45 66.98 2.60
N HIS XA 80 44.98 66.48 1.45
CA HIS XA 80 43.72 66.95 0.91
C HIS XA 80 42.56 66.58 1.81
N ALA XA 81 42.55 65.35 2.33
CA ALA XA 81 41.48 64.91 3.22
C ALA XA 81 41.47 65.76 4.50
N VAL XA 82 42.64 65.96 5.09
CA VAL XA 82 42.72 66.74 6.33
C VAL XA 82 42.26 68.17 6.08
N GLY XA 83 42.72 68.76 4.97
CA GLY XA 83 42.34 70.12 4.68
C GLY XA 83 40.85 70.28 4.44
N TYR XA 84 40.25 69.36 3.71
CA TYR XA 84 38.81 69.45 3.44
C TYR XA 84 38.00 69.26 4.70
N GLN XA 85 38.40 68.32 5.56
CA GLN XA 85 37.68 68.14 6.82
C GLN XA 85 37.79 69.37 7.71
N LEU XA 86 39.00 69.94 7.79
CA LEU XA 86 39.18 71.15 8.60
C LEU XA 86 38.37 72.31 8.03
N LEU XA 87 38.34 72.44 6.70
CA LEU XA 87 37.55 73.50 6.09
C LEU XA 87 36.07 73.35 6.40
N LEU XA 88 35.55 72.13 6.31
CA LEU XA 88 34.16 71.90 6.67
C LEU XA 88 33.88 72.16 8.15
N ARG XA 89 34.84 71.87 9.02
CA ARG XA 89 34.66 72.10 10.45
C ARG XA 89 34.84 73.55 10.86
N MET XA 90 35.46 74.38 10.02
CA MET XA 90 35.61 75.79 10.37
C MET XA 90 34.88 76.76 9.45
N LEU XA 91 34.11 76.29 8.46
CA LEU XA 91 33.40 77.20 7.58
C LEU XA 91 32.38 78.04 8.33
N SER XA 92 31.69 77.44 9.30
CA SER XA 92 30.59 78.13 9.98
C SER XA 92 31.07 79.32 10.79
N ASP XA 93 32.38 79.45 11.03
CA ASP XA 93 32.89 80.58 11.80
C ASP XA 93 32.66 81.90 11.08
N TYR XA 94 32.67 81.90 9.74
CA TYR XA 94 32.51 83.11 8.95
C TYR XA 94 31.08 83.27 8.44
N SER XA 95 30.12 82.56 9.03
CA SER XA 95 28.71 82.64 8.64
C SER XA 95 28.51 82.27 7.17
N LEU XA 96 29.37 81.41 6.63
CA LEU XA 96 29.29 80.97 5.25
C LEU XA 96 28.78 79.54 5.18
N GLU XA 97 28.38 79.13 3.98
CA GLU XA 97 27.85 77.80 3.76
C GLU XA 97 28.56 77.14 2.59
N PRO XA 98 28.93 75.87 2.72
CA PRO XA 98 29.65 75.19 1.63
C PRO XA 98 28.78 74.94 0.41
N THR XA 99 29.35 74.30 -0.61
CA THR XA 99 28.71 74.06 -1.89
C THR XA 99 28.78 72.57 -2.25
N PRO XA 100 27.85 72.08 -3.07
CA PRO XA 100 27.84 70.64 -3.39
C PRO XA 100 29.14 70.12 -3.98
N GLN XA 101 29.84 70.90 -4.81
CA GLN XA 101 31.10 70.44 -5.36
C GLN XA 101 32.13 70.23 -4.26
N VAL XA 102 32.21 71.16 -3.30
CA VAL XA 102 33.12 71.01 -2.17
C VAL XA 102 32.72 69.79 -1.35
N LEU XA 103 31.43 69.58 -1.13
CA LEU XA 103 30.97 68.42 -0.37
C LEU XA 103 31.40 67.13 -1.06
N SER XA 104 31.21 67.05 -2.38
CA SER XA 104 31.58 65.86 -3.12
C SER XA 104 33.09 65.61 -3.05
N ASN XA 105 33.89 66.67 -3.22
CA ASN XA 105 35.34 66.51 -3.14
C ASN XA 105 35.76 66.03 -1.77
N ALA XA 106 35.20 66.61 -0.71
CA ALA XA 106 35.54 66.20 0.64
C ALA XA 106 35.16 64.75 0.89
N GLN XA 107 33.99 64.33 0.44
CA GLN XA 107 33.56 62.96 0.64
C GLN XA 107 34.48 61.99 -0.10
N ARG XA 108 34.84 62.32 -1.35
CA ARG XA 108 35.71 61.45 -2.12
C ARG XA 108 37.08 61.32 -1.47
N SER XA 109 37.64 62.44 -1.01
CA SER XA 109 38.96 62.39 -0.38
C SER XA 109 38.90 61.64 0.95
N TYR XA 110 37.81 61.79 1.70
CA TYR XA 110 37.65 61.05 2.94
C TYR XA 110 37.58 59.55 2.68
N ASP XA 111 36.84 59.15 1.64
CA ASP XA 111 36.79 57.73 1.30
C ASP XA 111 38.16 57.22 0.88
N ALA XA 112 38.92 58.03 0.14
CA ALA XA 112 40.28 57.65 -0.23
C ALA XA 112 41.15 57.46 0.99
N LEU XA 113 41.01 58.33 1.99
CA LEU XA 113 41.74 58.14 3.25
C LEU XA 113 41.30 56.87 3.97
N MET XA 114 39.99 56.61 3.96
CA MET XA 114 39.47 55.44 4.68
C MET XA 114 39.99 54.13 4.09
N THR XA 115 40.05 54.04 2.75
CA THR XA 115 40.44 52.79 2.12
C THR XA 115 41.90 52.42 2.38
N ASP XA 116 42.71 53.35 2.89
CA ASP XA 116 44.09 53.05 3.22
C ASP XA 116 44.26 52.49 4.62
N THR XA 117 43.48 52.99 5.58
CA THR XA 117 43.53 52.52 6.95
C THR XA 117 42.54 51.39 7.21
N LEU XA 118 41.73 51.02 6.23
CA LEU XA 118 40.81 49.90 6.41
C LEU XA 118 41.57 48.61 6.69
N VAL XA 119 41.08 47.85 7.68
CA VAL XA 119 41.59 46.52 7.97
C VAL XA 119 40.39 45.62 8.26
N VAL XA 120 40.46 44.37 7.81
CA VAL XA 120 39.37 43.43 7.99
C VAL XA 120 39.83 42.28 8.88
N PRO XA 121 39.35 42.20 10.12
CA PRO XA 121 39.74 41.09 10.98
C PRO XA 121 39.17 39.76 10.48
N SER XA 122 39.89 38.68 10.79
CA SER XA 122 39.50 37.34 10.39
C SER XA 122 38.91 36.60 11.59
N MET XA 123 37.76 35.97 11.39
CA MET XA 123 37.04 35.30 12.47
C MET XA 123 37.83 34.08 12.90
N ARG XA 124 38.31 34.10 14.14
CA ARG XA 124 39.03 32.98 14.69
C ARG XA 124 38.06 31.84 15.01
N ARG XA 125 38.59 30.62 15.04
CA ARG XA 125 37.75 29.48 15.40
C ARG XA 125 37.50 29.46 16.91
N ARG XA 126 36.46 28.71 17.30
CA ARG XA 126 35.87 28.89 18.63
C ARG XA 126 36.87 28.58 19.74
N GLY XA 127 37.61 27.48 19.62
CA GLY XA 127 38.55 27.06 20.64
C GLY XA 127 38.27 25.70 21.23
N ASP XA 128 37.03 25.22 21.15
CA ASP XA 128 36.72 23.84 21.46
C ASP XA 128 36.33 23.05 20.21
N PHE XA 129 36.61 23.60 19.03
CA PHE XA 129 36.33 22.91 17.79
C PHE XA 129 37.35 21.80 17.58
N PRO XA 130 36.93 20.55 17.41
CA PRO XA 130 37.90 19.47 17.23
C PRO XA 130 38.71 19.63 15.95
N VAL XA 131 39.96 19.19 16.01
CA VAL XA 131 40.81 19.09 14.83
C VAL XA 131 40.85 17.63 14.42
N GLY XA 132 40.76 17.39 13.11
CA GLY XA 132 40.56 16.04 12.62
C GLY XA 132 41.78 15.16 12.80
N GLN XA 133 41.57 13.86 12.54
CA GLN XA 133 42.65 12.89 12.61
C GLN XA 133 43.63 13.02 11.45
N GLY XA 134 43.28 13.76 10.40
CA GLY XA 134 44.19 13.96 9.30
C GLY XA 134 45.34 14.89 9.58
N ASN XA 135 45.26 15.64 10.67
CA ASN XA 135 46.34 16.53 11.08
C ASN XA 135 47.40 15.83 11.90
N LYS XA 136 47.20 14.56 12.26
CA LYS XA 136 48.16 13.78 13.04
C LYS XA 136 48.53 14.49 14.34
N TYR XA 137 47.51 14.70 15.17
CA TYR XA 137 47.72 15.35 16.45
C TYR XA 137 48.33 14.41 17.49
N ASP XA 138 48.38 13.11 17.20
CA ASP XA 138 48.94 12.16 18.15
C ASP XA 138 50.44 12.37 18.36
N VAL XA 139 51.12 12.92 17.35
CA VAL XA 139 52.54 13.21 17.50
C VAL XA 139 52.78 14.24 18.58
N PHE XA 140 51.85 15.19 18.72
CA PHE XA 140 52.01 16.28 19.68
C PHE XA 140 51.13 16.04 20.90
N THR XA 141 51.39 16.79 21.97
CA THR XA 141 50.75 16.52 23.26
C THR XA 141 49.36 17.13 23.35
N SER XA 142 49.25 18.45 23.25
CA SER XA 142 48.02 19.17 23.55
C SER XA 142 47.52 19.91 22.32
N ASP XA 143 47.54 19.23 21.17
CA ASP XA 143 47.00 19.79 19.93
C ASP XA 143 45.76 19.05 19.45
N ARG XA 144 44.99 18.47 20.38
CA ARG XA 144 43.77 17.77 20.00
C ARG XA 144 42.66 18.74 19.60
N TYR XA 145 42.73 19.98 20.05
CA TYR XA 145 41.71 20.98 19.75
C TYR XA 145 42.39 22.29 19.38
N TYR XA 146 41.61 23.20 18.82
CA TYR XA 146 42.16 24.47 18.37
C TYR XA 146 42.41 25.39 19.57
N PRO XA 147 43.47 26.21 19.51
CA PRO XA 147 43.82 27.02 20.69
C PRO XA 147 42.86 28.15 20.96
N GLY XA 148 42.18 28.68 19.94
CA GLY XA 148 41.27 29.79 20.14
C GLY XA 148 41.98 31.11 19.91
N ASP XA 149 41.74 32.07 20.81
CA ASP XA 149 42.34 33.39 20.74
C ASP XA 149 42.86 33.80 22.11
N LEU XA 150 43.88 34.66 22.10
CA LEU XA 150 44.44 35.18 23.35
C LEU XA 150 43.57 36.29 23.93
N THR YA 3 11.50 61.80 -62.99
CA THR YA 3 12.03 63.09 -62.56
C THR YA 3 13.24 62.91 -61.65
N VAL YA 4 14.30 63.68 -61.91
CA VAL YA 4 15.51 63.55 -61.10
C VAL YA 4 15.26 64.10 -59.70
N LEU YA 5 16.12 63.68 -58.78
CA LEU YA 5 16.07 64.05 -57.37
C LEU YA 5 17.44 64.62 -57.02
N THR YA 6 17.62 65.91 -57.26
CA THR YA 6 18.95 66.50 -57.12
C THR YA 6 19.20 66.99 -55.69
N LYS YA 7 20.46 66.87 -55.29
CA LYS YA 7 20.87 67.26 -53.94
C LYS YA 7 20.59 68.74 -53.67
N GLY YA 8 20.76 69.58 -54.68
CA GLY YA 8 20.52 71.01 -54.48
C GLY YA 8 19.10 71.30 -54.06
N GLU YA 9 18.12 70.72 -54.75
CA GLU YA 9 16.73 70.97 -54.38
C GLU YA 9 16.34 70.20 -53.14
N ILE YA 10 17.00 69.08 -52.84
CA ILE YA 10 16.78 68.45 -51.54
C ILE YA 10 17.16 69.40 -50.41
N VAL YA 11 18.32 70.03 -50.53
CA VAL YA 11 18.76 70.98 -49.51
C VAL YA 11 17.85 72.20 -49.49
N LEU YA 12 17.37 72.63 -50.66
CA LEU YA 12 16.44 73.74 -50.71
C LEU YA 12 15.14 73.41 -49.98
N PHE YA 13 14.61 72.20 -50.18
CA PHE YA 13 13.42 71.77 -49.47
C PHE YA 13 13.67 71.70 -47.97
N ALA YA 14 14.84 71.21 -47.58
CA ALA YA 14 15.18 71.16 -46.15
C ALA YA 14 15.20 72.55 -45.53
N LEU YA 15 15.76 73.53 -46.25
CA LEU YA 15 15.76 74.90 -45.75
C LEU YA 15 14.36 75.48 -45.75
N ARG YA 16 13.53 75.11 -46.73
CA ARG YA 16 12.21 75.70 -46.87
C ARG YA 16 11.24 75.20 -45.81
N LYS YA 17 11.35 73.91 -45.43
CA LYS YA 17 10.35 73.32 -44.55
C LYS YA 17 10.30 73.98 -43.18
N PHE YA 18 11.38 74.66 -42.77
CA PHE YA 18 11.40 75.38 -41.50
C PHE YA 18 11.29 76.88 -41.68
N ALA YA 19 10.97 77.35 -42.89
CA ALA YA 19 10.83 78.78 -43.20
C ALA YA 19 12.12 79.53 -42.90
N ILE YA 20 13.18 79.14 -43.61
CA ILE YA 20 14.47 79.82 -43.55
C ILE YA 20 14.74 80.60 -44.82
N ALA YA 21 14.51 79.98 -45.98
CA ALA YA 21 14.70 80.65 -47.26
C ALA YA 21 13.88 79.90 -48.31
N SER YA 22 12.89 80.58 -48.89
CA SER YA 22 12.01 79.97 -49.88
C SER YA 22 11.86 80.93 -51.05
N ASN YA 23 11.07 80.50 -52.05
CA ASN YA 23 10.84 81.33 -53.23
C ASN YA 23 10.05 82.59 -52.90
N ALA YA 24 9.35 82.63 -51.78
CA ALA YA 24 8.56 83.78 -51.38
C ALA YA 24 9.16 84.53 -50.20
N SER YA 25 10.46 84.36 -49.95
CA SER YA 25 11.13 85.00 -48.83
C SER YA 25 12.07 86.08 -49.32
N LEU YA 26 12.16 87.17 -48.56
CA LEU YA 26 13.03 88.30 -48.90
C LEU YA 26 14.34 88.19 -48.14
N THR YA 27 15.09 87.14 -48.44
CA THR YA 27 16.30 86.88 -47.66
C THR YA 27 17.56 86.74 -48.49
N ASP YA 28 17.49 86.16 -49.69
CA ASP YA 28 18.65 85.94 -50.55
C ASP YA 28 19.78 85.23 -49.78
N VAL YA 29 19.49 83.99 -49.36
CA VAL YA 29 20.46 83.23 -48.59
C VAL YA 29 21.71 82.97 -49.43
N GLU YA 30 22.87 82.98 -48.78
CA GLU YA 30 24.13 82.87 -49.49
C GLU YA 30 24.34 81.46 -50.04
N PRO YA 31 25.00 81.34 -51.18
CA PRO YA 31 25.29 79.99 -51.73
C PRO YA 31 26.24 79.18 -50.87
N GLN YA 32 27.02 79.82 -50.00
CA GLN YA 32 27.92 79.06 -49.13
C GLN YA 32 27.14 78.17 -48.18
N SER YA 33 26.00 78.66 -47.69
CA SER YA 33 25.14 77.82 -46.86
C SER YA 33 24.63 76.61 -47.62
N ILE YA 34 24.27 76.80 -48.90
CA ILE YA 34 23.83 75.67 -49.72
C ILE YA 34 24.95 74.66 -49.91
N GLU YA 35 26.17 75.15 -50.15
CA GLU YA 35 27.30 74.25 -50.31
C GLU YA 35 27.57 73.46 -49.04
N ASP YA 36 27.50 74.13 -47.89
CA ASP YA 36 27.68 73.45 -46.62
C ASP YA 36 26.60 72.42 -46.39
N GLY YA 37 25.35 72.75 -46.74
CA GLY YA 37 24.27 71.78 -46.62
C GLY YA 37 24.47 70.57 -47.50
N VAL YA 38 24.98 70.78 -48.72
CA VAL YA 38 25.24 69.65 -49.61
C VAL YA 38 26.34 68.77 -49.04
N ASN YA 39 27.40 69.38 -48.49
CA ASN YA 39 28.45 68.59 -47.86
C ASN YA 39 27.91 67.80 -46.68
N ASP YA 40 27.06 68.42 -45.86
CA ASP YA 40 26.47 67.72 -44.72
C ASP YA 40 25.59 66.57 -45.17
N LEU YA 41 24.80 66.77 -46.23
CA LEU YA 41 23.99 65.69 -46.77
C LEU YA 41 24.86 64.54 -47.25
N GLU YA 42 25.94 64.85 -47.96
CA GLU YA 42 26.84 63.80 -48.43
C GLU YA 42 27.43 63.02 -47.26
N ASP YA 43 27.83 63.74 -46.21
CA ASP YA 43 28.43 63.10 -45.04
C ASP YA 43 27.42 62.17 -44.35
N MET YA 44 26.21 62.66 -44.10
CA MET YA 44 25.20 61.87 -43.41
C MET YA 44 24.78 60.66 -44.24
N MET YA 45 24.62 60.86 -45.54
CA MET YA 45 24.23 59.75 -46.40
C MET YA 45 25.37 58.76 -46.59
N SER YA 46 26.62 59.20 -46.42
CA SER YA 46 27.74 58.27 -46.42
C SER YA 46 27.76 57.44 -45.15
N GLU YA 47 27.48 58.05 -43.99
CA GLU YA 47 27.46 57.27 -42.77
C GLU YA 47 26.21 56.41 -42.64
N TRP YA 48 25.15 56.70 -43.40
CA TRP YA 48 23.98 55.83 -43.38
C TRP YA 48 24.21 54.49 -44.04
N MET YA 49 25.43 54.16 -44.45
CA MET YA 49 25.73 52.83 -44.96
C MET YA 49 25.97 51.82 -43.85
N ILE YA 50 25.66 52.18 -42.60
CA ILE YA 50 25.92 51.31 -41.47
C ILE YA 50 24.62 50.84 -40.85
N ASN YA 51 23.83 51.76 -40.29
CA ASN YA 51 22.60 51.37 -39.62
C ASN YA 51 21.49 51.05 -40.62
N PRO YA 52 21.04 51.98 -41.47
CA PRO YA 52 19.94 51.68 -42.38
C PRO YA 52 20.34 50.83 -43.58
N GLY YA 53 21.63 50.50 -43.73
CA GLY YA 53 22.06 49.71 -44.86
C GLY YA 53 22.22 50.55 -46.12
N ASP YA 54 22.20 49.89 -47.26
CA ASP YA 54 22.31 50.53 -48.56
C ASP YA 54 20.94 50.96 -49.04
N ILE YA 55 20.87 52.15 -49.63
CA ILE YA 55 19.59 52.72 -50.04
C ILE YA 55 19.51 52.99 -51.54
N GLY YA 56 20.62 53.22 -52.23
CA GLY YA 56 20.58 53.49 -53.65
C GLY YA 56 21.33 54.75 -54.02
N TYR YA 57 21.97 55.38 -53.05
CA TYR YA 57 22.72 56.61 -53.29
C TYR YA 57 23.95 56.32 -54.14
N ALA YA 58 24.23 57.22 -55.08
CA ALA YA 58 25.47 57.21 -55.85
C ALA YA 58 26.28 58.45 -55.47
N PHE YA 59 27.46 58.23 -54.93
CA PHE YA 59 28.29 59.33 -54.44
C PHE YA 59 29.08 59.95 -55.59
N ALA YA 60 29.91 60.93 -55.25
CA ALA YA 60 30.78 61.60 -56.22
C ALA YA 60 32.09 60.84 -56.26
N THR YA 61 32.17 59.83 -57.14
CA THR YA 61 33.36 59.02 -57.24
C THR YA 61 34.54 59.84 -57.75
N GLY YA 62 35.71 59.56 -57.22
CA GLY YA 62 36.92 60.27 -57.59
C GLY YA 62 37.22 61.42 -56.65
N ASP YA 63 38.02 62.36 -57.14
CA ASP YA 63 38.41 63.53 -56.39
C ASP YA 63 37.46 64.71 -56.57
N GLU YA 64 36.46 64.58 -57.43
CA GLU YA 64 35.53 65.67 -57.67
C GLU YA 64 34.65 65.92 -56.44
N GLN YA 65 34.30 67.18 -56.21
CA GLN YA 65 33.50 67.62 -55.09
C GLN YA 65 32.01 67.59 -55.43
N PRO YA 66 31.15 67.44 -54.43
CA PRO YA 66 29.70 67.45 -54.70
C PRO YA 66 29.24 68.79 -55.25
N LEU YA 67 28.25 68.73 -56.14
CA LEU YA 67 27.64 69.92 -56.72
C LEU YA 67 26.13 69.87 -56.48
N PRO YA 68 25.50 71.02 -56.22
CA PRO YA 68 24.05 71.00 -55.99
C PRO YA 68 23.24 70.47 -57.15
N ASP YA 69 23.73 70.63 -58.38
CA ASP YA 69 22.98 70.15 -59.55
C ASP YA 69 23.22 68.69 -59.86
N ASP YA 70 24.16 68.03 -59.17
CA ASP YA 70 24.47 66.64 -59.47
C ASP YA 70 23.34 65.73 -59.01
N GLU YA 71 22.98 64.76 -59.84
CA GLU YA 71 21.91 63.83 -59.52
C GLU YA 71 22.30 62.93 -58.35
N SER YA 72 21.32 62.65 -57.49
CA SER YA 72 21.54 61.77 -56.34
C SER YA 72 21.26 60.31 -56.67
N GLY YA 73 20.22 60.04 -57.46
CA GLY YA 73 19.84 58.68 -57.79
C GLY YA 73 18.85 58.04 -56.86
N LEU YA 74 18.49 58.72 -55.77
CA LEU YA 74 17.51 58.16 -54.85
C LEU YA 74 16.12 58.15 -55.48
N PRO YA 75 15.29 57.17 -55.12
CA PRO YA 75 13.89 57.21 -55.56
C PRO YA 75 13.13 58.34 -54.88
N ARG YA 76 12.05 58.77 -55.52
CA ARG YA 76 11.22 59.84 -54.97
C ARG YA 76 10.59 59.43 -53.63
N LYS YA 77 10.53 58.14 -53.35
CA LYS YA 77 9.89 57.65 -52.13
C LYS YA 77 10.67 57.94 -50.86
N TYR YA 78 11.89 58.48 -50.97
CA TYR YA 78 12.70 58.74 -49.79
C TYR YA 78 12.94 60.22 -49.54
N LYS YA 79 12.33 61.10 -50.33
CA LYS YA 79 12.68 62.51 -50.29
C LYS YA 79 12.31 63.15 -48.95
N HIS YA 80 11.10 62.91 -48.46
CA HIS YA 80 10.68 63.53 -47.21
C HIS YA 80 11.51 63.03 -46.04
N ALA YA 81 11.80 61.73 -46.01
CA ALA YA 81 12.61 61.18 -44.93
C ALA YA 81 14.00 61.79 -44.92
N VAL YA 82 14.65 61.84 -46.08
CA VAL YA 82 15.98 62.42 -46.16
C VAL YA 82 15.96 63.88 -45.77
N GLY YA 83 14.95 64.61 -46.25
CA GLY YA 83 14.86 66.04 -45.95
C GLY YA 83 14.65 66.31 -44.48
N TYR YA 84 13.78 65.53 -43.83
CA TYR YA 84 13.54 65.72 -42.41
C TYR YA 84 14.79 65.41 -41.60
N GLN YA 85 15.49 64.32 -41.93
CA GLN YA 85 16.72 64.02 -41.20
C GLN YA 85 17.76 65.11 -41.40
N LEU YA 86 17.89 65.62 -42.63
CA LEU YA 86 18.84 66.70 -42.89
C LEU YA 86 18.46 67.96 -42.12
N LEU YA 87 17.17 68.28 -42.07
CA LEU YA 87 16.72 69.46 -41.33
C LEU YA 87 17.05 69.34 -39.86
N LEU YA 88 16.79 68.15 -39.28
CA LEU YA 88 17.12 67.95 -37.87
C LEU YA 88 18.62 68.04 -37.63
N ARG YA 89 19.45 67.53 -38.54
CA ARG YA 89 20.90 67.60 -38.38
C ARG YA 89 21.48 68.96 -38.70
N MET YA 90 20.71 69.85 -39.34
CA MET YA 90 21.23 71.13 -39.78
C MET YA 90 20.70 72.33 -38.99
N LEU YA 91 19.57 72.19 -38.27
CA LEU YA 91 19.00 73.36 -37.58
C LEU YA 91 19.99 73.99 -36.60
N SER YA 92 20.93 73.20 -36.07
CA SER YA 92 21.86 73.75 -35.10
C SER YA 92 22.79 74.79 -35.69
N ASP YA 93 22.98 74.79 -37.03
CA ASP YA 93 23.78 75.83 -37.65
C ASP YA 93 23.16 77.20 -37.45
N TYR YA 94 21.85 77.31 -37.62
CA TYR YA 94 21.12 78.56 -37.44
C TYR YA 94 20.57 78.71 -36.03
N SER YA 95 20.82 77.73 -35.16
CA SER YA 95 20.47 77.81 -33.74
C SER YA 95 18.96 77.98 -33.56
N LEU YA 96 18.21 76.97 -34.01
CA LEU YA 96 16.77 76.92 -33.85
C LEU YA 96 16.38 75.63 -33.16
N GLU YA 97 15.30 75.70 -32.38
CA GLU YA 97 14.82 74.55 -31.61
C GLU YA 97 13.66 73.91 -32.35
N PRO YA 98 13.78 72.66 -32.78
CA PRO YA 98 12.70 72.01 -33.53
C PRO YA 98 11.45 71.84 -32.68
N THR YA 99 10.31 71.85 -33.37
CA THR YA 99 9.01 71.75 -32.72
C THR YA 99 8.50 70.29 -32.74
N PRO YA 100 7.63 69.94 -31.78
CA PRO YA 100 7.14 68.55 -31.73
C PRO YA 100 6.47 68.08 -33.00
N GLN YA 101 5.78 68.96 -33.74
CA GLN YA 101 5.16 68.53 -34.99
C GLN YA 101 6.22 68.10 -36.00
N VAL YA 102 7.30 68.87 -36.12
CA VAL YA 102 8.39 68.49 -37.01
C VAL YA 102 9.04 67.19 -36.54
N LEU YA 103 9.21 67.03 -35.23
CA LEU YA 103 9.78 65.79 -34.73
C LEU YA 103 8.91 64.59 -35.08
N SER YA 104 7.59 64.73 -34.91
CA SER YA 104 6.68 63.63 -35.23
C SER YA 104 6.69 63.31 -36.72
N ASN YA 105 6.69 64.35 -37.57
CA ASN YA 105 6.74 64.12 -39.00
C ASN YA 105 8.03 63.41 -39.41
N ALA YA 106 9.16 63.84 -38.85
CA ALA YA 106 10.43 63.18 -39.14
C ALA YA 106 10.40 61.72 -38.70
N GLN YA 107 9.83 61.46 -37.52
CA GLN YA 107 9.75 60.08 -37.04
C GLN YA 107 8.89 59.23 -37.97
N ARG YA 108 7.76 59.76 -38.42
CA ARG YA 108 6.88 59.01 -39.31
C ARG YA 108 7.57 58.71 -40.64
N SER YA 109 8.25 59.71 -41.21
CA SER YA 109 8.94 59.49 -42.47
C SER YA 109 10.07 58.47 -42.32
N TYR YA 110 10.83 58.57 -41.23
CA TYR YA 110 11.91 57.61 -41.00
C TYR YA 110 11.37 56.20 -40.82
N ASP YA 111 10.25 56.06 -40.10
CA ASP YA 111 9.66 54.74 -39.91
C ASP YA 111 9.18 54.16 -41.24
N ALA YA 112 8.61 55.01 -42.11
CA ALA YA 112 8.19 54.53 -43.43
C ALA YA 112 9.39 54.05 -44.24
N LEU YA 113 10.44 54.87 -44.29
CA LEU YA 113 11.70 54.44 -44.91
C LEU YA 113 12.14 53.07 -44.39
N MET YA 114 12.12 52.91 -43.08
CA MET YA 114 12.82 51.78 -42.49
C MET YA 114 11.98 50.52 -42.57
N THR YA 115 10.66 50.65 -42.52
CA THR YA 115 9.79 49.49 -42.78
C THR YA 115 9.79 49.10 -44.25
N ASP YA 116 10.05 50.05 -45.15
CA ASP YA 116 10.28 49.67 -46.54
C ASP YA 116 11.57 48.87 -46.67
N THR YA 117 12.61 49.27 -45.93
CA THR YA 117 13.92 48.65 -46.05
C THR YA 117 14.05 47.34 -45.26
N LEU YA 118 13.11 47.08 -44.35
CA LEU YA 118 13.25 45.96 -43.41
C LEU YA 118 13.37 44.61 -44.11
N VAL YA 119 14.33 43.80 -43.64
CA VAL YA 119 14.47 42.40 -44.03
C VAL YA 119 14.78 41.59 -42.77
N VAL YA 120 14.22 40.38 -42.68
CA VAL YA 120 14.39 39.52 -41.52
C VAL YA 120 15.03 38.21 -41.99
N PRO YA 121 16.01 37.68 -41.28
CA PRO YA 121 16.63 36.42 -41.68
C PRO YA 121 15.85 35.22 -41.16
N SER YA 122 16.23 34.04 -41.65
CA SER YA 122 15.65 32.78 -41.23
C SER YA 122 16.73 31.92 -40.60
N MET YA 123 16.45 31.41 -39.40
CA MET YA 123 17.42 30.59 -38.68
C MET YA 123 17.49 29.21 -39.31
N ARG YA 124 18.58 28.96 -40.03
CA ARG YA 124 18.75 27.71 -40.75
C ARG YA 124 19.14 26.59 -39.79
N ARG YA 125 19.03 25.35 -40.26
CA ARG YA 125 19.30 24.19 -39.42
C ARG YA 125 20.77 24.15 -39.02
N ARG YA 126 21.03 23.47 -37.90
CA ARG YA 126 22.33 23.55 -37.25
C ARG YA 126 23.43 22.96 -38.12
N GLY YA 127 23.25 21.73 -38.61
CA GLY YA 127 24.27 21.10 -39.41
C GLY YA 127 24.56 19.67 -39.01
N ASP YA 128 24.47 19.36 -37.72
CA ASP YA 128 24.51 17.99 -37.25
C ASP YA 128 23.11 17.46 -36.92
N PHE YA 129 22.08 18.25 -37.20
CA PHE YA 129 20.71 17.80 -37.00
C PHE YA 129 20.35 16.75 -38.04
N PRO YA 130 19.91 15.57 -37.65
CA PRO YA 130 19.61 14.53 -38.64
C PRO YA 130 18.34 14.82 -39.40
N VAL YA 131 18.27 14.29 -40.61
CA VAL YA 131 17.06 14.29 -41.40
C VAL YA 131 16.45 12.90 -41.35
N GLY YA 132 15.14 12.83 -41.25
CA GLY YA 132 14.47 11.57 -40.99
C GLY YA 132 14.49 10.63 -42.19
N GLN YA 133 14.02 9.42 -41.94
CA GLN YA 133 13.91 8.43 -43.00
C GLN YA 133 12.81 8.75 -44.00
N GLY YA 134 11.86 9.60 -43.64
CA GLY YA 134 10.78 9.94 -44.55
C GLY YA 134 11.28 10.62 -45.82
N ASN YA 135 12.36 11.39 -45.72
CA ASN YA 135 12.92 12.04 -46.88
C ASN YA 135 13.51 11.06 -47.88
N LYS YA 136 13.72 9.80 -47.49
CA LYS YA 136 14.23 8.76 -48.37
C LYS YA 136 15.59 9.15 -48.95
N TYR YA 137 16.56 9.32 -48.05
CA TYR YA 137 17.89 9.71 -48.47
C TYR YA 137 18.56 8.57 -49.23
N ASP YA 138 19.69 8.92 -49.87
CA ASP YA 138 20.52 8.00 -50.67
C ASP YA 138 19.83 7.65 -51.98
N VAL YA 139 18.58 8.08 -52.14
CA VAL YA 139 17.83 7.91 -53.37
C VAL YA 139 17.28 9.26 -53.80
N PHE YA 140 16.52 9.90 -52.90
CA PHE YA 140 15.96 11.22 -53.16
C PHE YA 140 16.86 12.35 -52.70
N THR YA 141 17.65 12.15 -51.66
CA THR YA 141 18.58 13.14 -51.14
C THR YA 141 19.92 12.48 -50.87
N SER YA 142 21.00 13.19 -51.21
CA SER YA 142 22.33 12.59 -51.12
C SER YA 142 22.79 12.45 -49.69
N ASP YA 143 22.61 13.48 -48.87
CA ASP YA 143 23.15 13.52 -47.52
C ASP YA 143 22.09 13.19 -46.49
N ARG YA 144 22.53 12.57 -45.40
CA ARG YA 144 21.67 12.20 -44.29
C ARG YA 144 21.60 13.27 -43.20
N TYR YA 145 22.30 14.39 -43.39
CA TYR YA 145 22.31 15.45 -42.39
C TYR YA 145 22.25 16.79 -43.10
N TYR YA 146 21.65 17.77 -42.44
CA TYR YA 146 21.50 19.10 -43.03
C TYR YA 146 22.87 19.76 -43.17
N PRO YA 147 23.18 20.36 -44.31
CA PRO YA 147 24.45 21.10 -44.44
C PRO YA 147 24.46 22.36 -43.58
N GLY YA 148 23.44 23.20 -43.74
CA GLY YA 148 23.29 24.38 -42.89
C GLY YA 148 24.43 25.38 -42.98
N ASP YA 149 24.91 25.66 -44.18
CA ASP YA 149 26.00 26.60 -44.35
C ASP YA 149 25.90 27.26 -45.71
N LEU YA 150 26.80 28.20 -45.97
CA LEU YA 150 26.84 28.91 -47.23
C LEU YA 150 27.53 28.09 -48.31
N THR ZA 3 45.22 70.14 27.48
CA THR ZA 3 45.87 70.28 28.78
C THR ZA 3 44.85 70.63 29.86
N VAL ZA 4 44.72 71.92 30.17
CA VAL ZA 4 43.81 72.33 31.23
C VAL ZA 4 42.35 72.18 30.79
N LEU ZA 5 42.01 72.67 29.60
CA LEU ZA 5 40.67 72.57 29.03
C LEU ZA 5 39.62 73.16 29.98
N THR ZA 6 39.73 74.47 30.18
CA THR ZA 6 38.89 75.17 31.12
C THR ZA 6 37.46 75.33 30.59
N LYS ZA 7 36.52 75.45 31.53
CA LYS ZA 7 35.12 75.63 31.18
C LYS ZA 7 34.91 76.93 30.41
N GLY ZA 8 35.58 78.00 30.83
CA GLY ZA 8 35.53 79.24 30.07
C GLY ZA 8 36.07 79.08 28.66
N GLU ZA 9 37.11 78.27 28.49
CA GLU ZA 9 37.62 78.00 27.15
C GLU ZA 9 36.60 77.27 26.30
N ILE ZA 10 35.89 76.30 26.90
CA ILE ZA 10 34.86 75.58 26.16
C ILE ZA 10 33.74 76.54 25.75
N VAL ZA 11 33.32 77.41 26.67
CA VAL ZA 11 32.25 78.36 26.36
C VAL ZA 11 32.68 79.31 25.25
N LEU ZA 12 33.91 79.82 25.31
CA LEU ZA 12 34.40 80.71 24.27
C LEU ZA 12 34.49 79.99 22.94
N PHE ZA 13 34.85 78.71 22.95
CA PHE ZA 13 34.84 77.89 21.74
C PHE ZA 13 33.44 77.83 21.16
N ALA ZA 14 32.44 77.57 22.00
CA ALA ZA 14 31.07 77.48 21.53
C ALA ZA 14 30.60 78.78 20.91
N LEU ZA 15 30.94 79.91 21.54
CA LEU ZA 15 30.60 81.21 20.96
C LEU ZA 15 31.32 81.44 19.64
N ARG ZA 16 32.60 81.06 19.57
CA ARG ZA 16 33.39 81.34 18.38
C ARG ZA 16 32.88 80.57 17.17
N LYS ZA 17 32.56 79.29 17.34
CA LYS ZA 17 32.13 78.52 16.17
C LYS ZA 17 30.78 78.94 15.60
N PHE ZA 18 30.03 79.81 16.28
CA PHE ZA 18 28.88 80.44 15.66
C PHE ZA 18 29.08 81.94 15.48
N ALA ZA 19 30.26 82.46 15.83
CA ALA ZA 19 30.65 83.84 15.58
C ALA ZA 19 29.77 84.83 16.32
N ILE ZA 20 29.31 84.45 17.52
CA ILE ZA 20 28.65 85.41 18.40
C ILE ZA 20 29.63 86.49 18.83
N ALA ZA 21 30.85 86.08 19.21
CA ALA ZA 21 31.91 87.00 19.58
C ALA ZA 21 33.25 86.27 19.57
N SER ZA 22 34.21 86.80 18.82
CA SER ZA 22 35.53 86.19 18.69
C SER ZA 22 36.60 87.23 18.98
N ASN ZA 23 37.86 86.82 18.87
CA ASN ZA 23 38.97 87.72 19.11
C ASN ZA 23 39.03 88.82 18.06
N ALA ZA 24 38.72 88.48 16.81
CA ALA ZA 24 38.71 89.46 15.72
C ALA ZA 24 37.32 90.06 15.54
N SER ZA 25 36.78 90.58 16.64
CA SER ZA 25 35.46 91.18 16.65
C SER ZA 25 35.49 92.48 17.44
N LEU ZA 26 34.87 93.51 16.87
CA LEU ZA 26 34.86 94.82 17.52
C LEU ZA 26 33.97 94.82 18.76
N THR ZA 27 32.89 94.05 18.76
CA THR ZA 27 31.96 93.97 19.88
C THR ZA 27 32.07 92.62 20.55
N ASP ZA 28 32.03 92.62 21.89
CA ASP ZA 28 32.18 91.41 22.67
C ASP ZA 28 31.04 91.30 23.68
N VAL ZA 29 30.91 90.11 24.26
CA VAL ZA 29 29.85 89.83 25.23
C VAL ZA 29 30.33 90.18 26.62
N GLU ZA 30 29.38 90.50 27.50
CA GLU ZA 30 29.67 90.90 28.86
C GLU ZA 30 29.91 89.68 29.75
N PRO ZA 31 30.55 89.88 30.90
CA PRO ZA 31 30.91 88.73 31.77
C PRO ZA 31 29.75 87.82 32.15
N GLN ZA 32 28.57 88.36 32.43
CA GLN ZA 32 27.48 87.50 32.89
C GLN ZA 32 27.00 86.56 31.79
N SER ZA 33 27.19 86.91 30.52
CA SER ZA 33 26.90 85.96 29.45
C SER ZA 33 27.79 84.73 29.55
N ILE ZA 34 29.09 84.93 29.81
CA ILE ZA 34 30.00 83.80 30.00
C ILE ZA 34 29.61 83.04 31.26
N GLU ZA 35 29.20 83.76 32.30
CA GLU ZA 35 28.78 83.10 33.54
C GLU ZA 35 27.60 82.16 33.29
N ASP ZA 36 26.58 82.65 32.57
CA ASP ZA 36 25.43 81.82 32.26
C ASP ZA 36 25.81 80.67 31.34
N GLY ZA 37 26.75 80.91 30.41
CA GLY ZA 37 27.21 79.82 29.56
C GLY ZA 37 27.84 78.70 30.36
N VAL ZA 38 28.70 79.04 31.31
CA VAL ZA 38 29.35 78.03 32.14
C VAL ZA 38 28.32 77.32 33.01
N ASN ZA 39 27.36 78.07 33.55
CA ASN ZA 39 26.30 77.47 34.35
C ASN ZA 39 25.54 76.43 33.54
N ASP ZA 40 25.07 76.81 32.34
CA ASP ZA 40 24.35 75.87 31.48
C ASP ZA 40 25.23 74.69 31.11
N LEU ZA 41 26.53 74.93 30.93
CA LEU ZA 41 27.46 73.83 30.68
C LEU ZA 41 27.40 72.81 31.80
N GLU ZA 42 27.44 73.27 33.05
CA GLU ZA 42 27.45 72.31 34.14
C GLU ZA 42 26.10 71.65 34.34
N ASP ZA 43 25.00 72.36 34.11
CA ASP ZA 43 23.70 71.67 34.17
C ASP ZA 43 23.60 70.59 33.10
N MET ZA 44 24.05 70.89 31.88
CA MET ZA 44 24.02 69.89 30.81
C MET ZA 44 24.90 68.70 31.16
N MET ZA 45 26.09 68.95 31.70
CA MET ZA 45 26.98 67.84 32.02
C MET ZA 45 26.44 67.00 33.18
N SER ZA 46 25.79 67.64 34.16
CA SER ZA 46 25.17 66.88 35.23
C SER ZA 46 24.04 66.02 34.71
N GLU ZA 47 23.25 66.54 33.76
CA GLU ZA 47 22.22 65.72 33.14
C GLU ZA 47 22.81 64.59 32.32
N TRP ZA 48 23.99 64.81 31.73
CA TRP ZA 48 24.67 63.80 30.93
C TRP ZA 48 25.10 62.58 31.71
N MET ZA 49 24.81 62.51 33.01
CA MET ZA 49 25.11 61.32 33.79
C MET ZA 49 24.03 60.25 33.67
N ILE ZA 50 23.16 60.34 32.66
CA ILE ZA 50 22.05 59.40 32.52
C ILE ZA 50 22.15 58.68 31.18
N ASN ZA 51 21.98 59.41 30.08
CA ASN ZA 51 21.99 58.78 28.76
C ASN ZA 51 23.42 58.44 28.32
N PRO ZA 52 24.35 59.40 28.22
CA PRO ZA 52 25.70 59.04 27.78
C PRO ZA 52 26.56 58.45 28.87
N GLY ZA 53 26.27 58.72 30.14
CA GLY ZA 53 27.05 58.21 31.25
C GLY ZA 53 28.20 59.13 31.63
N ASP ZA 54 28.76 58.86 32.80
CA ASP ZA 54 29.89 59.64 33.29
C ASP ZA 54 31.06 59.52 32.33
N ILE ZA 55 31.68 60.65 32.01
CA ILE ZA 55 32.78 60.68 31.05
C ILE ZA 55 34.00 61.34 31.68
N GLY ZA 56 34.00 61.48 33.00
CA GLY ZA 56 35.13 62.03 33.71
C GLY ZA 56 35.04 63.49 34.08
N TYR ZA 57 33.88 64.12 33.94
CA TYR ZA 57 33.74 65.52 34.30
C TYR ZA 57 33.95 65.72 35.80
N ALA ZA 58 34.56 66.84 36.16
CA ALA ZA 58 34.80 67.19 37.55
C ALA ZA 58 33.84 68.29 37.97
N PHE ZA 59 33.14 68.07 39.07
CA PHE ZA 59 32.11 69.00 39.55
C PHE ZA 59 32.66 69.88 40.67
N ALA ZA 60 31.89 70.93 40.96
CA ALA ZA 60 32.25 71.84 42.04
C ALA ZA 60 31.76 71.29 43.37
N THR ZA 61 32.70 70.96 44.25
CA THR ZA 61 32.40 70.39 45.55
C THR ZA 61 32.56 71.45 46.63
N GLY ZA 62 31.59 71.48 47.55
CA GLY ZA 62 31.56 72.51 48.58
C GLY ZA 62 30.72 73.71 48.21
N ASP ZA 63 29.65 73.48 47.44
CA ASP ZA 63 28.66 74.48 47.03
C ASP ZA 63 29.27 75.86 46.76
N GLU ZA 64 30.26 75.89 45.87
CA GLU ZA 64 30.75 77.15 45.31
C GLU ZA 64 30.10 77.42 43.97
N GLN ZA 65 29.92 78.70 43.67
CA GLN ZA 65 29.43 79.08 42.36
C GLN ZA 65 30.45 78.66 41.30
N PRO ZA 66 30.00 78.23 40.12
CA PRO ZA 66 30.94 77.81 39.08
C PRO ZA 66 31.91 78.93 38.71
N LEU ZA 67 33.16 78.54 38.44
CA LEU ZA 67 34.20 79.49 38.11
C LEU ZA 67 34.74 79.19 36.72
N PRO ZA 68 34.73 80.15 35.79
CA PRO ZA 68 35.12 79.85 34.41
C PRO ZA 68 36.53 79.32 34.25
N ASP ZA 69 37.48 79.74 35.10
CA ASP ZA 69 38.87 79.37 34.93
C ASP ZA 69 39.24 78.07 35.62
N ASP ZA 70 38.28 77.38 36.24
CA ASP ZA 70 38.58 76.10 36.85
C ASP ZA 70 38.74 75.02 35.79
N GLU ZA 71 39.50 73.98 36.14
CA GLU ZA 71 39.79 72.90 35.20
C GLU ZA 71 38.60 71.95 35.12
N SER ZA 72 38.10 71.73 33.90
CA SER ZA 72 36.98 70.82 33.71
C SER ZA 72 37.38 69.39 34.03
N GLY ZA 73 38.57 68.97 33.60
CA GLY ZA 73 39.01 67.61 33.82
C GLY ZA 73 38.62 66.63 32.73
N LEU ZA 74 38.28 67.12 31.54
CA LEU ZA 74 37.91 66.27 30.42
C LEU ZA 74 39.07 66.13 29.44
N PRO ZA 75 39.16 65.00 28.75
CA PRO ZA 75 40.20 64.85 27.72
C PRO ZA 75 39.93 65.78 26.54
N ARG ZA 76 41.01 66.12 25.84
CA ARG ZA 76 40.88 67.01 24.68
C ARG ZA 76 40.10 66.37 23.54
N LYS ZA 77 39.90 65.05 23.56
CA LYS ZA 77 39.17 64.35 22.52
C LYS ZA 77 37.66 64.48 22.67
N TYR ZA 78 37.18 65.35 23.55
CA TYR ZA 78 35.76 65.52 23.82
C TYR ZA 78 35.26 66.95 23.61
N LYS ZA 79 36.17 67.89 23.39
CA LYS ZA 79 35.81 69.30 23.49
C LYS ZA 79 34.91 69.74 22.33
N HIS ZA 80 35.15 69.22 21.12
CA HIS ZA 80 34.30 69.58 20.00
C HIS ZA 80 32.86 69.12 20.22
N ALA ZA 81 32.69 67.88 20.69
CA ALA ZA 81 31.35 67.36 20.96
C ALA ZA 81 30.67 68.18 22.04
N VAL ZA 82 31.39 68.44 23.14
CA VAL ZA 82 30.80 69.20 24.24
C VAL ZA 82 30.41 70.60 23.79
N GLY ZA 83 31.30 71.26 23.05
CA GLY ZA 83 31.01 72.61 22.60
C GLY ZA 83 29.87 72.67 21.60
N TYR ZA 84 29.79 71.67 20.72
CA TYR ZA 84 28.69 71.66 19.76
C TYR ZA 84 27.35 71.45 20.45
N GLN ZA 85 27.33 70.53 21.41
CA GLN ZA 85 26.07 70.25 22.13
C GLN ZA 85 25.72 71.49 22.95
N LEU ZA 86 26.71 72.15 23.53
CA LEU ZA 86 26.45 73.40 24.29
C LEU ZA 86 25.91 74.44 23.31
N LEU ZA 87 26.49 74.52 22.11
CA LEU ZA 87 26.04 75.60 21.19
C LEU ZA 87 24.56 75.38 20.89
N LEU ZA 88 24.14 74.15 20.62
CA LEU ZA 88 22.75 73.91 20.19
C LEU ZA 88 21.79 74.35 21.29
N ARG ZA 89 22.12 74.10 22.55
CA ARG ZA 89 21.28 74.59 23.68
C ARG ZA 89 21.33 76.11 23.80
N MET ZA 90 22.47 76.74 23.56
CA MET ZA 90 22.63 78.19 23.81
C MET ZA 90 22.21 79.11 22.66
N LEU ZA 91 21.92 78.59 21.47
CA LEU ZA 91 21.63 79.47 20.31
C LEU ZA 91 20.38 80.32 20.54
N SER ZA 92 19.34 79.77 21.14
CA SER ZA 92 18.04 80.48 21.28
C SER ZA 92 18.21 81.75 22.09
N ASP ZA 93 19.09 81.73 23.09
CA ASP ZA 93 19.27 82.90 23.98
C ASP ZA 93 19.68 84.08 23.11
N TYR ZA 94 20.46 83.83 22.07
CA TYR ZA 94 20.94 84.92 21.17
C TYR ZA 94 19.96 85.11 20.03
N SER ZA 95 18.78 84.49 20.10
CA SER ZA 95 17.71 84.63 19.07
C SER ZA 95 18.19 84.21 17.68
N LEU ZA 96 18.94 83.11 17.58
CA LEU ZA 96 19.50 82.64 16.29
C LEU ZA 96 19.15 81.17 16.11
N GLU ZA 97 19.22 80.67 14.88
CA GLU ZA 97 18.78 79.27 14.59
C GLU ZA 97 19.93 78.49 13.93
N PRO ZA 98 20.04 77.17 14.17
CA PRO ZA 98 21.14 76.37 13.63
C PRO ZA 98 21.08 76.12 12.12
N THR ZA 99 22.24 75.84 11.50
CA THR ZA 99 22.30 75.62 10.02
C THR ZA 99 22.65 74.14 9.71
N PRO ZA 100 22.33 73.54 8.54
CA PRO ZA 100 22.55 72.11 8.26
C PRO ZA 100 23.98 71.67 8.47
N GLN ZA 101 24.96 72.50 8.10
CA GLN ZA 101 26.36 72.12 8.30
C GLN ZA 101 26.69 71.99 9.78
N VAL ZA 102 26.21 72.93 10.59
CA VAL ZA 102 26.45 72.87 12.03
C VAL ZA 102 25.80 71.62 12.62
N LEU ZA 103 24.57 71.32 12.20
CA LEU ZA 103 23.89 70.12 12.68
C LEU ZA 103 24.66 68.86 12.31
N SER ZA 104 25.14 68.79 11.07
CA SER ZA 104 25.89 67.61 10.64
C SER ZA 104 27.19 67.46 11.42
N ASN ZA 105 27.90 68.57 11.65
CA ASN ZA 105 29.14 68.50 12.42
C ASN ZA 105 28.87 68.06 13.85
N ALA ZA 106 27.81 68.59 14.46
CA ALA ZA 106 27.47 68.18 15.83
C ALA ZA 106 27.14 66.70 15.88
N GLN ZA 107 26.37 66.21 14.90
CA GLN ZA 107 26.03 64.80 14.87
C GLN ZA 107 27.27 63.92 14.72
N ARG ZA 108 28.18 64.31 13.83
CA ARG ZA 108 29.39 63.54 13.61
C ARG ZA 108 30.24 63.48 14.87
N SER ZA 109 30.41 64.63 15.54
CA SER ZA 109 31.23 64.65 16.75
C SER ZA 109 30.57 63.88 17.88
N TYR ZA 110 29.24 63.96 17.98
CA TYR ZA 110 28.53 63.19 19.00
C TYR ZA 110 28.68 61.69 18.76
N ASP ZA 111 28.61 61.26 17.50
CA ASP ZA 111 28.82 59.85 17.20
C ASP ZA 111 30.25 59.42 17.52
N ALA ZA 112 31.22 60.30 17.24
CA ALA ZA 112 32.61 59.99 17.58
C ALA ZA 112 32.78 59.84 19.09
N LEU ZA 113 32.12 60.69 19.86
CA LEU ZA 113 32.15 60.52 21.32
C LEU ZA 113 31.45 59.23 21.74
N MET ZA 114 30.33 58.91 21.10
CA MET ZA 114 29.56 57.73 21.50
C MET ZA 114 30.33 56.45 21.27
N THR ZA 115 31.05 56.35 20.15
CA THR ZA 115 31.76 55.11 19.84
C THR ZA 115 32.86 54.79 20.84
N ASP ZA 116 33.25 55.74 21.68
CA ASP ZA 116 34.30 55.55 22.66
C ASP ZA 116 33.80 55.05 24.01
N THR ZA 117 32.49 54.86 24.17
CA THR ZA 117 31.90 54.50 25.45
C THR ZA 117 30.91 53.34 25.26
N LEU ZA 118 31.36 52.30 24.58
CA LEU ZA 118 30.51 51.15 24.35
C LEU ZA 118 30.41 50.28 25.60
N VAL ZA 119 29.44 49.37 25.60
CA VAL ZA 119 29.10 48.57 26.77
C VAL ZA 119 29.14 47.07 26.47
N VAL ZA 120 28.45 46.64 25.41
CA VAL ZA 120 28.28 45.23 25.01
C VAL ZA 120 28.09 44.34 26.23
N PRO ZA 121 26.89 44.34 26.84
CA PRO ZA 121 26.73 43.71 28.16
C PRO ZA 121 27.06 42.23 28.20
N SER ZA 122 26.97 41.52 27.07
CA SER ZA 122 27.44 40.13 26.97
C SER ZA 122 26.73 39.24 28.00
N MET ZA 123 25.42 39.09 27.78
CA MET ZA 123 24.55 38.44 28.75
C MET ZA 123 25.04 37.05 29.13
N ARG ZA 124 24.69 36.64 30.34
CA ARG ZA 124 25.29 35.48 31.02
C ARG ZA 124 24.49 34.22 30.67
N ARG ZA 125 24.81 33.11 31.31
CA ARG ZA 125 24.00 31.90 31.24
C ARG ZA 125 23.05 31.85 32.43
N ARG ZA 126 22.06 30.96 32.34
CA ARG ZA 126 20.93 31.03 33.26
C ARG ZA 126 21.34 30.75 34.69
N GLY ZA 127 21.83 29.55 34.96
CA GLY ZA 127 22.16 29.16 36.33
C GLY ZA 127 21.66 27.78 36.67
N ASP ZA 128 20.52 27.40 36.09
CA ASP ZA 128 20.06 26.01 36.13
C ASP ZA 128 20.44 25.25 34.87
N PHE ZA 129 21.18 25.88 33.97
CA PHE ZA 129 21.68 25.22 32.77
C PHE ZA 129 22.75 24.22 33.18
N PRO ZA 130 22.57 22.93 32.89
CA PRO ZA 130 23.58 21.94 33.32
C PRO ZA 130 24.89 22.15 32.59
N VAL ZA 131 25.97 21.88 33.27
CA VAL ZA 131 27.28 21.80 32.63
C VAL ZA 131 27.49 20.36 32.21
N GLY ZA 132 28.21 20.18 31.10
CA GLY ZA 132 28.33 18.85 30.53
C GLY ZA 132 29.12 17.91 31.41
N GLN ZA 133 28.91 16.62 31.20
CA GLN ZA 133 29.67 15.62 31.93
C GLN ZA 133 31.15 15.61 31.54
N GLY ZA 134 31.48 16.22 30.41
CA GLY ZA 134 32.85 16.30 29.96
C GLY ZA 134 33.68 17.41 30.57
N ASN ZA 135 33.08 18.24 31.42
CA ASN ZA 135 33.83 19.28 32.13
C ASN ZA 135 34.48 18.76 33.40
N LYS ZA 136 34.19 17.53 33.81
CA LYS ZA 136 34.82 16.88 34.95
C LYS ZA 136 34.63 17.70 36.23
N TYR ZA 137 33.38 17.84 36.63
CA TYR ZA 137 33.05 18.50 37.89
C TYR ZA 137 33.45 17.62 39.07
N ASP ZA 138 33.48 18.22 40.26
CA ASP ZA 138 33.99 17.55 41.44
C ASP ZA 138 33.01 17.68 42.60
N VAL ZA 139 33.30 16.95 43.66
CA VAL ZA 139 32.42 16.91 44.83
C VAL ZA 139 32.46 18.23 45.60
N PHE ZA 140 33.64 18.83 45.73
CA PHE ZA 140 33.83 19.87 46.74
C PHE ZA 140 33.51 21.25 46.17
N THR ZA 141 33.98 21.54 44.96
CA THR ZA 141 33.83 22.86 44.37
C THR ZA 141 32.46 23.05 43.73
N SER ZA 142 31.59 22.04 43.80
CA SER ZA 142 30.27 22.06 43.16
C SER ZA 142 30.50 22.19 41.66
N ASP ZA 143 30.02 23.25 41.01
CA ASP ZA 143 30.21 23.50 39.58
C ASP ZA 143 29.55 22.44 38.72
N ARG ZA 144 28.61 21.66 39.27
CA ARG ZA 144 27.80 20.80 38.43
C ARG ZA 144 26.75 21.58 37.65
N TYR ZA 145 26.44 22.79 38.10
CA TYR ZA 145 25.56 23.69 37.39
C TYR ZA 145 26.19 25.08 37.34
N TYR ZA 146 25.87 25.83 36.31
CA TYR ZA 146 26.48 27.14 36.12
C TYR ZA 146 26.04 28.08 37.23
N PRO ZA 147 26.95 28.91 37.76
CA PRO ZA 147 26.53 29.92 38.75
C PRO ZA 147 25.62 30.96 38.13
N GLY ZA 148 24.70 31.46 38.93
CA GLY ZA 148 23.76 32.46 38.47
C GLY ZA 148 23.85 33.76 39.25
N ASP ZA 149 22.71 34.29 39.66
CA ASP ZA 149 22.72 35.51 40.47
C ASP ZA 149 23.40 35.28 41.82
N LEU ZA 150 23.27 34.08 42.36
CA LEU ZA 150 23.95 33.65 43.58
C LEU ZA 150 23.62 34.60 44.74
N PRO ZA 151 22.40 34.56 45.26
CA PRO ZA 151 22.06 35.41 46.40
C PRO ZA 151 22.86 35.03 47.63
N LEU ZA 152 23.19 36.04 48.42
CA LEU ZA 152 23.91 35.84 49.68
C LEU ZA 152 22.88 35.80 50.80
N ILE ZA 153 22.48 34.59 51.18
CA ILE ZA 153 21.46 34.38 52.20
C ILE ZA 153 22.12 34.30 53.55
N ASP ZA 154 21.60 35.06 54.51
CA ASP ZA 154 22.07 35.04 55.88
C ASP ZA 154 21.09 34.25 56.76
N GLY ZA 155 21.63 33.61 57.79
CA GLY ZA 155 20.76 32.90 58.72
C GLY ZA 155 19.74 33.82 59.38
N ASP ZA 156 20.19 34.99 59.82
CA ASP ZA 156 19.26 36.04 60.20
C ASP ZA 156 18.64 36.66 58.94
N ILE ZA 157 17.50 37.30 59.13
CA ILE ZA 157 16.69 37.82 58.03
C ILE ZA 157 16.37 36.64 57.12
N PRO ZA 158 15.50 35.71 57.55
CA PRO ZA 158 15.25 34.53 56.71
C PRO ZA 158 14.40 34.83 55.49
N ASN ZA 159 13.34 35.62 55.64
CA ASN ZA 159 12.46 35.90 54.51
C ASN ZA 159 13.17 36.71 53.44
N ALA ZA 160 13.94 37.72 53.85
CA ALA ZA 160 14.64 38.57 52.89
C ALA ZA 160 16.14 38.29 52.90
N PRO AB 2 -51.39 -49.33 -167.43
CA PRO AB 2 -52.13 -50.28 -168.28
C PRO AB 2 -53.00 -51.23 -167.46
N ASN AB 3 -52.55 -51.58 -166.26
CA ASN AB 3 -53.32 -52.48 -165.40
C ASN AB 3 -54.55 -51.76 -164.85
N ASN AB 4 -55.34 -52.49 -164.06
CA ASN AB 4 -56.51 -51.92 -163.44
C ASN AB 4 -56.67 -52.57 -162.07
N LEU AB 5 -57.34 -51.86 -161.15
CA LEU AB 5 -57.37 -52.20 -159.74
C LEU AB 5 -58.80 -52.20 -159.22
N ASP AB 6 -59.71 -52.87 -159.93
CA ASP AB 6 -61.07 -53.04 -159.43
C ASP AB 6 -61.40 -54.48 -159.03
N SER AB 7 -60.60 -55.46 -159.47
CA SER AB 7 -60.85 -56.85 -159.16
C SER AB 7 -60.74 -57.13 -157.66
N ASN AB 8 -59.54 -56.96 -157.11
CA ASN AB 8 -59.24 -57.34 -155.74
C ASN AB 8 -59.45 -56.20 -154.74
N VAL AB 9 -60.34 -55.26 -155.04
CA VAL AB 9 -60.62 -54.14 -154.15
C VAL AB 9 -62.11 -54.04 -153.91
N SER AB 10 -62.47 -53.35 -152.83
CA SER AB 10 -63.86 -53.11 -152.50
C SER AB 10 -63.91 -51.97 -151.50
N GLN AB 11 -64.68 -50.92 -151.83
CA GLN AB 11 -64.80 -49.78 -150.92
C GLN AB 11 -65.59 -50.20 -149.69
N ILE AB 12 -64.89 -50.41 -148.58
CA ILE AB 12 -65.50 -50.90 -147.35
C ILE AB 12 -65.28 -49.86 -146.26
N VAL AB 13 -66.21 -49.85 -145.30
CA VAL AB 13 -66.18 -48.93 -144.16
C VAL AB 13 -66.09 -49.77 -142.89
N LEU AB 14 -65.17 -49.39 -142.00
CA LEU AB 14 -65.00 -50.11 -140.75
C LEU AB 14 -66.21 -49.89 -139.84
N LYS AB 15 -66.45 -50.89 -138.99
CA LYS AB 15 -67.52 -50.80 -137.99
C LYS AB 15 -67.03 -50.13 -136.71
N LYS AB 16 -66.51 -48.92 -136.85
CA LYS AB 16 -66.03 -48.12 -135.72
C LYS AB 16 -66.60 -46.73 -135.83
N PHE AB 17 -66.89 -46.14 -134.67
CA PHE AB 17 -67.46 -44.80 -134.58
C PHE AB 17 -66.45 -43.86 -133.93
N LEU AB 18 -66.29 -42.68 -134.52
CA LEU AB 18 -65.41 -41.68 -133.96
C LEU AB 18 -66.08 -40.97 -132.78
N PRO AB 19 -65.29 -40.52 -131.80
CA PRO AB 19 -65.87 -39.81 -130.66
C PRO AB 19 -66.45 -38.46 -131.07
N GLY AB 20 -67.45 -38.03 -130.30
CA GLY AB 20 -68.07 -36.74 -130.55
C GLY AB 20 -68.04 -35.82 -129.35
N PHE AB 21 -68.74 -34.71 -129.44
CA PHE AB 21 -68.78 -33.71 -128.37
C PHE AB 21 -69.92 -34.01 -127.41
N MET AB 22 -69.81 -33.47 -126.20
CA MET AB 22 -70.84 -33.65 -125.18
C MET AB 22 -70.66 -32.59 -124.10
N SER AB 23 -71.78 -32.22 -123.49
CA SER AB 23 -71.81 -31.21 -122.45
C SER AB 23 -71.79 -31.88 -121.08
N ASP AB 24 -72.00 -31.09 -120.02
CA ASP AB 24 -71.95 -31.58 -118.66
C ASP AB 24 -73.17 -31.10 -117.88
N LEU AB 25 -73.41 -31.73 -116.73
CA LEU AB 25 -74.58 -31.47 -115.91
C LEU AB 25 -74.16 -30.92 -114.56
N VAL AB 26 -74.69 -29.74 -114.21
CA VAL AB 26 -74.38 -29.11 -112.94
C VAL AB 26 -75.66 -28.75 -112.19
N LEU AB 27 -76.58 -28.07 -112.89
CA LEU AB 27 -77.77 -27.53 -112.24
C LEU AB 27 -78.63 -28.65 -111.65
N ALA AB 28 -78.81 -29.73 -112.39
CA ALA AB 28 -79.67 -30.82 -111.91
C ALA AB 28 -79.13 -31.41 -110.62
N LYS AB 29 -77.81 -31.55 -110.51
CA LYS AB 29 -77.23 -32.10 -109.29
C LYS AB 29 -77.31 -31.10 -108.14
N THR AB 30 -77.02 -29.82 -108.41
CA THR AB 30 -76.91 -28.87 -107.31
C THR AB 30 -78.27 -28.43 -106.78
N VAL AB 31 -79.31 -28.45 -107.61
CA VAL AB 31 -80.60 -27.92 -107.20
C VAL AB 31 -81.31 -28.95 -106.31
N ASP AB 32 -82.29 -28.48 -105.53
CA ASP AB 32 -83.06 -29.38 -104.68
C ASP AB 32 -83.85 -30.38 -105.53
N ARG AB 33 -83.81 -31.65 -105.12
CA ARG AB 33 -84.52 -32.70 -105.85
C ARG AB 33 -85.21 -33.70 -104.93
N GLN AB 34 -85.46 -33.36 -103.67
CA GLN AB 34 -86.08 -34.30 -102.73
C GLN AB 34 -87.43 -33.84 -102.22
N LEU AB 35 -87.64 -32.53 -102.07
CA LEU AB 35 -88.90 -32.04 -101.51
C LEU AB 35 -90.08 -32.31 -102.43
N LEU AB 36 -89.87 -32.24 -103.74
CA LEU AB 36 -90.94 -32.39 -104.71
C LEU AB 36 -91.11 -33.82 -105.21
N ALA AB 37 -90.13 -34.69 -105.00
CA ALA AB 37 -90.18 -36.03 -105.57
C ALA AB 37 -91.27 -36.86 -104.91
N GLY AB 38 -92.08 -37.52 -105.74
CA GLY AB 38 -93.08 -38.44 -105.24
C GLY AB 38 -94.27 -37.79 -104.57
N GLU AB 39 -94.52 -36.52 -104.83
CA GLU AB 39 -95.63 -35.80 -104.21
C GLU AB 39 -96.73 -35.45 -105.19
N ILE AB 40 -96.62 -35.87 -106.45
CA ILE AB 40 -97.67 -35.69 -107.44
C ILE AB 40 -98.15 -37.07 -107.86
N ASN AB 41 -99.45 -37.32 -107.69
CA ASN AB 41 -100.01 -38.65 -107.93
C ASN AB 41 -101.18 -38.59 -108.90
N SER AB 42 -101.89 -39.71 -109.06
CA SER AB 42 -103.12 -39.74 -109.83
C SER AB 42 -104.32 -39.23 -109.05
N SER AB 43 -104.09 -38.65 -107.87
CA SER AB 43 -105.16 -38.10 -107.06
C SER AB 43 -104.78 -36.76 -106.43
N THR AB 44 -103.86 -36.01 -107.03
CA THR AB 44 -103.44 -34.72 -106.51
C THR AB 44 -103.63 -33.57 -107.49
N GLY AB 45 -103.59 -33.84 -108.79
CA GLY AB 45 -103.68 -32.81 -109.79
C GLY AB 45 -102.31 -32.40 -110.29
N ASP AB 46 -102.33 -31.43 -111.22
CA ASP AB 46 -101.09 -30.96 -111.84
C ASP AB 46 -100.31 -29.99 -110.96
N SER AB 47 -100.74 -29.76 -109.72
CA SER AB 47 -100.09 -28.81 -108.83
C SER AB 47 -100.05 -29.36 -107.41
N VAL AB 48 -99.05 -28.94 -106.65
CA VAL AB 48 -98.92 -29.26 -105.23
C VAL AB 48 -98.50 -27.99 -104.51
N SER AB 49 -98.70 -27.96 -103.19
CA SER AB 49 -98.49 -26.75 -102.41
C SER AB 49 -97.68 -27.03 -101.15
N PHE AB 50 -96.86 -26.05 -100.78
CA PHE AB 50 -96.10 -26.05 -99.53
C PHE AB 50 -96.44 -24.80 -98.75
N LYS AB 51 -96.35 -24.89 -97.42
CA LYS AB 51 -96.69 -23.77 -96.56
C LYS AB 51 -95.52 -22.79 -96.47
N ARG AB 52 -95.80 -21.59 -95.98
CA ARG AB 52 -94.79 -20.56 -95.81
C ARG AB 52 -94.69 -20.16 -94.35
N PRO AB 53 -93.54 -19.65 -93.91
CA PRO AB 53 -93.39 -19.27 -92.51
C PRO AB 53 -94.15 -18.01 -92.18
N HIS AB 54 -94.41 -17.81 -90.89
CA HIS AB 54 -95.14 -16.66 -90.40
C HIS AB 54 -94.19 -15.59 -89.87
N GLN AB 55 -94.74 -14.40 -89.66
CA GLN AB 55 -94.00 -13.29 -89.06
C GLN AB 55 -94.92 -12.56 -88.10
N PHE AB 56 -94.33 -11.70 -87.27
CA PHE AB 56 -95.07 -11.03 -86.20
C PHE AB 56 -94.53 -9.62 -86.01
N SER AB 57 -95.27 -8.84 -85.20
CA SER AB 57 -94.89 -7.48 -84.85
C SER AB 57 -95.22 -7.24 -83.39
N SER AB 58 -94.49 -6.32 -82.76
CA SER AB 58 -94.63 -6.05 -81.35
C SER AB 58 -95.35 -4.73 -81.11
N LEU AB 59 -95.71 -4.50 -79.83
CA LEU AB 59 -96.35 -3.26 -79.40
C LEU AB 59 -95.54 -2.67 -78.25
N ARG AB 60 -95.42 -1.35 -78.25
CA ARG AB 60 -94.69 -0.64 -77.20
C ARG AB 60 -95.66 0.24 -76.42
N THR AB 61 -95.65 0.08 -75.09
CA THR AB 61 -96.55 0.81 -74.21
C THR AB 61 -95.98 0.77 -72.81
N PRO AB 62 -96.13 1.82 -72.01
CA PRO AB 62 -95.45 1.87 -70.71
C PRO AB 62 -95.99 0.89 -69.69
N THR AB 63 -97.31 0.80 -69.56
CA THR AB 63 -97.93 -0.02 -68.53
C THR AB 63 -98.28 -1.42 -69.02
N GLY AB 64 -97.96 -1.75 -70.26
CA GLY AB 64 -98.33 -3.05 -70.79
C GLY AB 64 -99.79 -3.20 -71.13
N ASP AB 65 -100.51 -2.08 -71.30
CA ASP AB 65 -101.94 -2.10 -71.54
C ASP AB 65 -102.19 -2.19 -73.05
N ILE AB 66 -102.90 -3.24 -73.46
CA ILE AB 66 -103.23 -3.45 -74.87
C ILE AB 66 -104.75 -3.55 -75.01
N SER AB 67 -105.48 -2.84 -74.16
CA SER AB 67 -106.93 -2.95 -74.14
C SER AB 67 -107.55 -2.52 -75.47
N GLY AB 68 -107.11 -1.41 -76.03
CA GLY AB 68 -107.70 -0.89 -77.24
C GLY AB 68 -106.75 -0.80 -78.42
N GLN AB 69 -105.91 -1.80 -78.59
CA GLN AB 69 -104.91 -1.83 -79.65
C GLN AB 69 -105.26 -2.90 -80.67
N ASN AB 70 -104.66 -2.79 -81.85
CA ASN AB 70 -104.84 -3.74 -82.93
C ASN AB 70 -103.68 -4.73 -82.90
N LYS AB 71 -104.00 -6.01 -82.78
CA LYS AB 71 -103.00 -7.03 -82.54
C LYS AB 71 -102.70 -7.79 -83.84
N ASN AB 72 -101.76 -8.73 -83.77
CA ASN AB 72 -101.25 -9.42 -84.95
C ASN AB 72 -102.26 -10.44 -85.45
N ASN AB 73 -102.62 -10.34 -86.73
CA ASN AB 73 -103.47 -11.33 -87.35
C ASN AB 73 -102.65 -12.54 -87.79
N LEU AB 74 -103.34 -13.55 -88.32
CA LEU AB 74 -102.72 -14.78 -88.78
C LEU AB 74 -103.07 -14.96 -90.25
N ILE AB 75 -102.20 -14.49 -91.14
CA ILE AB 75 -102.37 -14.67 -92.58
C ILE AB 75 -101.41 -15.76 -93.05
N SER AB 76 -101.94 -16.77 -93.70
CA SER AB 76 -101.14 -17.89 -94.19
C SER AB 76 -100.79 -17.70 -95.65
N GLY AB 77 -99.78 -18.45 -96.10
CA GLY AB 77 -99.33 -18.36 -97.47
C GLY AB 77 -98.76 -19.67 -97.94
N LYS AB 78 -98.88 -19.92 -99.24
CA LYS AB 78 -98.44 -21.18 -99.83
C LYS AB 78 -97.70 -20.90 -101.14
N ALA AB 79 -96.81 -21.83 -101.48
CA ALA AB 79 -96.08 -21.81 -102.74
C ALA AB 79 -96.40 -23.09 -103.50
N THR AB 80 -96.72 -22.96 -104.78
CA THR AB 80 -97.26 -24.05 -105.57
C THR AB 80 -96.29 -24.45 -106.68
N GLY AB 81 -96.06 -25.75 -106.81
CA GLY AB 81 -95.31 -26.31 -107.92
C GLY AB 81 -96.25 -26.98 -108.90
N ARG AB 82 -95.89 -26.92 -110.18
CA ARG AB 82 -96.75 -27.37 -111.26
C ARG AB 82 -96.00 -28.32 -112.18
N VAL AB 83 -96.76 -29.14 -112.90
CA VAL AB 83 -96.19 -30.02 -113.92
C VAL AB 83 -95.66 -29.18 -115.08
N GLY AB 84 -94.60 -29.65 -115.72
CA GLY AB 84 -93.98 -28.93 -116.83
C GLY AB 84 -94.39 -29.42 -118.20
N ASN AB 85 -93.47 -29.36 -119.16
CA ASN AB 85 -93.76 -29.68 -120.55
C ASN AB 85 -93.03 -30.95 -120.97
N TYR AB 86 -93.56 -31.60 -121.99
CA TYR AB 86 -93.02 -32.86 -122.46
C TYR AB 86 -91.67 -32.66 -123.16
N ILE AB 87 -90.89 -33.73 -123.21
CA ILE AB 87 -89.64 -33.79 -123.97
C ILE AB 87 -89.66 -35.07 -124.79
N THR AB 88 -89.75 -34.93 -126.11
CA THR AB 88 -89.93 -36.09 -126.99
C THR AB 88 -88.92 -36.06 -128.13
N VAL AB 89 -88.39 -37.24 -128.45
CA VAL AB 89 -87.55 -37.44 -129.63
C VAL AB 89 -88.09 -38.65 -130.37
N ALA AB 90 -88.25 -38.51 -131.70
CA ALA AB 90 -88.88 -39.55 -132.51
C ALA AB 90 -88.06 -39.81 -133.76
N VAL AB 91 -88.06 -41.08 -134.19
CA VAL AB 91 -87.37 -41.52 -135.40
C VAL AB 91 -88.31 -42.42 -136.19
N GLU AB 92 -88.00 -42.60 -137.47
CA GLU AB 92 -88.80 -43.47 -138.34
C GLU AB 92 -87.95 -43.88 -139.53
N TYR AB 93 -88.34 -44.99 -140.15
CA TYR AB 93 -87.70 -45.49 -141.36
C TYR AB 93 -88.56 -46.62 -141.92
N GLN AB 94 -88.33 -46.93 -143.19
CA GLN AB 94 -89.05 -48.03 -143.85
C GLN AB 94 -88.41 -49.37 -143.49
N GLN AB 95 -89.02 -50.47 -143.94
CA GLN AB 95 -88.54 -51.81 -143.65
C GLN AB 95 -87.34 -52.19 -144.50
N LEU AB 96 -87.24 -51.67 -145.73
CA LEU AB 96 -86.12 -52.01 -146.59
C LEU AB 96 -84.80 -51.53 -146.00
N GLU AB 97 -84.79 -50.36 -145.38
CA GLU AB 97 -83.58 -49.89 -144.71
C GLU AB 97 -83.20 -50.81 -143.56
N GLU AB 98 -84.18 -51.24 -142.76
CA GLU AB 98 -83.89 -52.21 -141.72
C GLU AB 98 -83.31 -53.49 -142.31
N ALA AB 99 -83.78 -53.86 -143.50
CA ALA AB 99 -83.35 -55.11 -144.11
C ALA AB 99 -81.91 -55.05 -144.59
N ILE AB 100 -81.54 -53.98 -145.32
CA ILE AB 100 -80.30 -53.99 -146.08
C ILE AB 100 -79.41 -52.78 -145.81
N LYS AB 101 -79.72 -51.94 -144.83
CA LYS AB 101 -78.89 -50.76 -144.62
C LYS AB 101 -78.53 -50.51 -143.16
N LEU AB 102 -79.36 -50.99 -142.23
CA LEU AB 102 -79.16 -50.70 -140.80
C LEU AB 102 -78.39 -51.83 -140.13
N ASN AB 103 -77.20 -51.50 -139.64
CA ASN AB 103 -76.46 -52.36 -138.73
C ASN AB 103 -75.96 -51.49 -137.58
N GLN AB 104 -75.75 -52.12 -136.43
CA GLN AB 104 -75.37 -51.40 -135.20
C GLN AB 104 -76.43 -50.37 -134.84
N LEU AB 105 -77.70 -50.80 -134.86
CA LEU AB 105 -78.81 -49.88 -134.64
C LEU AB 105 -78.77 -49.28 -133.24
N GLU AB 106 -78.46 -50.09 -132.22
CA GLU AB 106 -78.42 -49.58 -130.86
C GLU AB 106 -77.28 -48.59 -130.66
N GLU AB 107 -76.11 -48.85 -131.25
CA GLU AB 107 -75.04 -47.85 -131.21
C GLU AB 107 -75.41 -46.59 -131.98
N ILE AB 108 -76.21 -46.71 -133.04
CA ILE AB 108 -76.69 -45.51 -133.73
C ILE AB 108 -77.62 -44.71 -132.82
N LEU AB 109 -78.52 -45.40 -132.12
CA LEU AB 109 -79.58 -44.76 -131.36
C LEU AB 109 -79.18 -44.38 -129.94
N ALA AB 110 -77.97 -44.71 -129.51
CA ALA AB 110 -77.54 -44.43 -128.13
C ALA AB 110 -77.71 -42.99 -127.68
N PRO AB 111 -77.32 -41.95 -128.44
CA PRO AB 111 -77.27 -40.60 -127.85
C PRO AB 111 -78.61 -39.91 -127.61
N VAL AB 112 -79.70 -40.67 -127.85
CA VAL AB 112 -81.07 -40.13 -127.66
C VAL AB 112 -81.27 -39.89 -126.16
N ARG AB 113 -80.69 -40.74 -125.34
CA ARG AB 113 -80.76 -40.50 -123.88
C ARG AB 113 -80.01 -39.20 -123.59
N GLN AB 114 -78.87 -39.01 -124.23
CA GLN AB 114 -78.06 -37.81 -123.95
C GLN AB 114 -78.88 -36.57 -124.35
N ARG AB 115 -79.57 -36.61 -125.48
CA ARG AB 115 -80.30 -35.40 -125.93
C ARG AB 115 -81.40 -35.07 -124.91
N ILE AB 116 -82.15 -36.06 -124.43
CA ILE AB 116 -83.27 -35.70 -123.53
C ILE AB 116 -82.67 -35.04 -122.29
N VAL AB 117 -81.60 -35.61 -121.73
CA VAL AB 117 -81.01 -35.08 -120.47
C VAL AB 117 -80.45 -33.66 -120.68
N THR AB 118 -79.80 -33.41 -121.81
CA THR AB 118 -79.28 -32.05 -122.09
C THR AB 118 -80.45 -31.07 -122.22
N ASP AB 119 -81.53 -31.48 -122.88
CA ASP AB 119 -82.71 -30.60 -123.08
C ASP AB 119 -83.36 -30.26 -121.73
N LEU AB 120 -83.37 -31.20 -120.79
CA LEU AB 120 -83.92 -30.89 -119.44
C LEU AB 120 -83.11 -29.76 -118.81
N GLU AB 121 -81.78 -29.80 -118.95
CA GLU AB 121 -80.91 -28.75 -118.36
C GLU AB 121 -81.21 -27.40 -119.01
N THR AB 122 -81.33 -27.33 -120.33
CA THR AB 122 -81.55 -25.99 -120.94
C THR AB 122 -82.90 -25.45 -120.48
N GLU AB 123 -83.92 -26.30 -120.42
CA GLU AB 123 -85.23 -25.86 -119.90
C GLU AB 123 -85.03 -25.41 -118.47
N LEU AB 124 -84.41 -26.26 -117.65
CA LEU AB 124 -84.27 -25.89 -116.24
C LEU AB 124 -83.55 -24.57 -116.09
N ALA AB 125 -82.48 -24.36 -116.87
CA ALA AB 125 -81.75 -23.10 -116.80
C ALA AB 125 -82.62 -21.93 -117.22
N HIS AB 126 -83.42 -22.11 -118.28
CA HIS AB 126 -84.32 -21.05 -118.72
C HIS AB 126 -85.35 -20.73 -117.64
N PHE AB 127 -85.91 -21.76 -117.01
CA PHE AB 127 -86.86 -21.52 -115.92
C PHE AB 127 -86.20 -20.79 -114.76
N MET AB 128 -84.95 -21.16 -114.44
CA MET AB 128 -84.23 -20.52 -113.35
C MET AB 128 -84.04 -19.03 -113.63
N MET AB 129 -83.56 -18.69 -114.83
CA MET AB 129 -83.37 -17.27 -115.12
C MET AB 129 -84.70 -16.53 -115.26
N ASN AB 130 -85.78 -17.23 -115.63
CA ASN AB 130 -87.08 -16.58 -115.72
C ASN AB 130 -87.62 -16.23 -114.34
N ASN AB 131 -87.43 -17.11 -113.36
CA ASN AB 131 -87.98 -16.90 -112.03
C ASN AB 131 -87.02 -16.22 -111.06
N GLY AB 132 -85.75 -16.02 -111.45
CA GLY AB 132 -84.84 -15.29 -110.58
C GLY AB 132 -85.24 -13.84 -110.42
N ALA AB 133 -84.89 -13.28 -109.26
CA ALA AB 133 -85.28 -11.91 -108.93
C ALA AB 133 -84.10 -10.98 -108.74
N LEU AB 134 -83.12 -11.36 -107.92
CA LEU AB 134 -82.04 -10.45 -107.57
C LEU AB 134 -81.13 -10.20 -108.78
N SER AB 135 -80.32 -9.15 -108.66
CA SER AB 135 -79.42 -8.76 -109.76
C SER AB 135 -78.22 -8.03 -109.19
N LEU AB 136 -77.12 -8.08 -109.93
CA LEU AB 136 -75.89 -7.41 -109.54
C LEU AB 136 -75.11 -7.03 -110.79
N GLY AB 137 -74.44 -5.88 -110.73
CA GLY AB 137 -73.59 -5.45 -111.81
C GLY AB 137 -74.37 -5.05 -113.06
N SER AB 138 -73.61 -4.88 -114.15
CA SER AB 138 -74.15 -4.53 -115.44
C SER AB 138 -73.93 -5.66 -116.45
N PRO AB 139 -74.92 -5.98 -117.27
CA PRO AB 139 -74.81 -7.15 -118.17
C PRO AB 139 -73.62 -7.09 -119.10
N ASN AB 140 -73.25 -5.92 -119.62
CA ASN AB 140 -72.21 -5.86 -120.63
C ASN AB 140 -70.84 -6.22 -120.07
N THR AB 141 -70.56 -5.82 -118.84
CA THR AB 141 -69.22 -5.99 -118.28
C THR AB 141 -69.01 -7.44 -117.84
N PRO AB 142 -67.99 -8.12 -118.36
CA PRO AB 142 -67.69 -9.47 -117.90
C PRO AB 142 -67.03 -9.44 -116.53
N ILE AB 143 -67.00 -10.61 -115.89
CA ILE AB 143 -66.42 -10.74 -114.56
C ILE AB 143 -64.94 -11.02 -114.67
N THR AB 144 -64.14 -10.25 -113.94
CA THR AB 144 -62.69 -10.41 -113.96
C THR AB 144 -62.04 -10.40 -112.59
N LYS AB 145 -62.66 -9.80 -111.57
CA LYS AB 145 -62.03 -9.62 -110.27
C LYS AB 145 -62.66 -10.56 -109.24
N TRP AB 146 -61.98 -10.65 -108.10
CA TRP AB 146 -62.45 -11.47 -106.99
C TRP AB 146 -63.73 -10.89 -106.39
N SER AB 147 -63.86 -9.56 -106.39
CA SER AB 147 -65.07 -8.93 -105.87
C SER AB 147 -66.30 -9.33 -106.68
N ASP AB 148 -66.14 -9.55 -107.98
CA ASP AB 148 -67.26 -9.93 -108.83
C ASP AB 148 -67.89 -11.26 -108.41
N VAL AB 149 -67.15 -12.09 -107.67
CA VAL AB 149 -67.70 -13.35 -107.18
C VAL AB 149 -68.10 -13.18 -105.72
N ALA AB 150 -67.31 -12.41 -104.96
CA ALA AB 150 -67.61 -12.25 -103.54
C ALA AB 150 -68.89 -11.46 -103.31
N GLN AB 151 -69.32 -10.66 -104.29
CA GLN AB 151 -70.51 -9.83 -104.12
C GLN AB 151 -71.76 -10.67 -103.92
N THR AB 152 -71.86 -11.82 -104.59
CA THR AB 152 -73.04 -12.66 -104.43
C THR AB 152 -73.17 -13.17 -103.01
N ALA AB 153 -72.08 -13.67 -102.45
CA ALA AB 153 -72.10 -14.16 -101.07
C ALA AB 153 -72.41 -13.02 -100.11
N SER AB 154 -71.80 -11.85 -100.32
CA SER AB 154 -72.07 -10.73 -99.44
C SER AB 154 -73.54 -10.31 -99.49
N PHE AB 155 -74.12 -10.28 -100.70
CA PHE AB 155 -75.51 -9.90 -100.86
C PHE AB 155 -76.44 -10.90 -100.20
N LEU AB 156 -76.17 -12.19 -100.38
CA LEU AB 156 -77.01 -13.20 -99.74
C LEU AB 156 -76.93 -13.11 -98.22
N LYS AB 157 -75.72 -12.91 -97.68
CA LYS AB 157 -75.57 -12.76 -96.24
C LYS AB 157 -76.31 -11.53 -95.74
N ASP AB 158 -76.21 -10.41 -96.46
CA ASP AB 158 -76.89 -9.19 -96.05
C ASP AB 158 -78.40 -9.37 -96.07
N LEU AB 159 -78.93 -10.04 -97.09
CA LEU AB 159 -80.36 -10.33 -97.12
C LEU AB 159 -80.76 -11.22 -95.96
N GLY AB 160 -79.94 -12.20 -95.61
CA GLY AB 160 -80.17 -12.97 -94.41
C GLY AB 160 -80.65 -14.40 -94.63
N VAL AB 161 -80.11 -15.07 -95.65
CA VAL AB 161 -80.44 -16.47 -95.90
C VAL AB 161 -79.39 -17.34 -95.24
N ASN AB 162 -79.83 -18.23 -94.35
CA ASN AB 162 -78.92 -19.06 -93.57
C ASN AB 162 -79.01 -20.54 -93.86
N GLU AB 163 -80.16 -21.01 -94.33
CA GLU AB 163 -80.37 -22.43 -94.60
C GLU AB 163 -79.88 -22.78 -96.00
N GLY AB 164 -79.26 -23.94 -96.12
CA GLY AB 164 -78.78 -24.41 -97.40
C GLY AB 164 -77.41 -23.84 -97.76
N GLU AB 165 -76.95 -24.21 -98.95
CA GLU AB 165 -75.66 -23.80 -99.47
C GLU AB 165 -75.87 -22.86 -100.66
N ASN AB 166 -75.09 -21.79 -100.70
CA ASN AB 166 -75.16 -20.82 -101.79
C ASN AB 166 -74.24 -21.24 -102.93
N TYR AB 167 -74.79 -21.22 -104.14
CA TYR AB 167 -74.07 -21.68 -105.32
C TYR AB 167 -73.96 -20.55 -106.34
N ALA AB 168 -72.86 -20.56 -107.07
CA ALA AB 168 -72.65 -19.64 -108.20
C ALA AB 168 -72.14 -20.44 -109.38
N VAL AB 169 -72.56 -20.06 -110.58
CA VAL AB 169 -72.21 -20.78 -111.81
C VAL AB 169 -71.55 -19.82 -112.78
N MET AB 170 -70.44 -20.25 -113.37
CA MET AB 170 -69.71 -19.43 -114.34
C MET AB 170 -69.55 -20.23 -115.63
N ASP AB 171 -68.77 -19.68 -116.56
CA ASP AB 171 -68.46 -20.32 -117.82
C ASP AB 171 -66.95 -20.41 -117.99
N PRO AB 172 -66.47 -21.31 -118.86
CA PRO AB 172 -65.02 -21.58 -118.91
C PRO AB 172 -64.15 -20.35 -119.11
N TRP AB 173 -64.58 -19.38 -119.91
CA TRP AB 173 -63.76 -18.21 -120.14
C TRP AB 173 -63.64 -17.34 -118.89
N SER AB 174 -64.75 -17.17 -118.16
CA SER AB 174 -64.66 -16.46 -116.88
C SER AB 174 -63.80 -17.21 -115.88
N ALA AB 175 -63.90 -18.54 -115.87
CA ALA AB 175 -63.05 -19.32 -114.99
C ALA AB 175 -61.58 -19.15 -115.35
N GLN AB 176 -61.27 -19.11 -116.64
CA GLN AB 176 -59.88 -18.91 -117.07
C GLN AB 176 -59.38 -17.53 -116.67
N ARG AB 177 -60.21 -16.49 -116.84
CA ARG AB 177 -59.80 -15.15 -116.40
C ARG AB 177 -59.60 -15.11 -114.89
N LEU AB 178 -60.46 -15.80 -114.14
CA LEU AB 178 -60.34 -15.84 -112.69
C LEU AB 178 -59.04 -16.52 -112.27
N ALA AB 179 -58.69 -17.63 -112.93
CA ALA AB 179 -57.43 -18.31 -112.64
C ALA AB 179 -56.24 -17.45 -113.03
N ASP AB 180 -56.36 -16.68 -114.12
CA ASP AB 180 -55.31 -15.74 -114.50
C ASP AB 180 -55.10 -14.70 -113.41
N ALA AB 181 -56.20 -14.19 -112.84
CA ALA AB 181 -56.09 -13.27 -111.71
C ALA AB 181 -55.44 -13.95 -110.51
N GLN AB 182 -55.82 -15.21 -110.26
CA GLN AB 182 -55.29 -15.94 -109.10
C GLN AB 182 -53.79 -16.18 -109.20
N THR AB 183 -53.28 -16.51 -110.39
CA THR AB 183 -51.88 -16.93 -110.50
C THR AB 183 -50.90 -15.78 -110.21
N GLY AB 184 -51.38 -14.55 -110.11
CA GLY AB 184 -50.52 -13.43 -109.79
C GLY AB 184 -50.49 -13.08 -108.32
N LEU AB 185 -50.88 -14.04 -107.46
CA LEU AB 185 -50.87 -13.81 -106.03
C LEU AB 185 -49.44 -13.66 -105.52
N HIS AB 186 -49.31 -13.35 -104.23
CA HIS AB 186 -48.01 -13.06 -103.61
C HIS AB 186 -47.60 -14.07 -102.56
N ALA AB 187 -48.53 -14.78 -101.93
CA ALA AB 187 -48.18 -15.58 -100.77
C ALA AB 187 -48.44 -17.08 -100.94
N SER AB 188 -49.64 -17.49 -101.35
CA SER AB 188 -50.02 -18.90 -101.28
C SER AB 188 -49.34 -19.65 -102.41
N ASP AB 189 -48.22 -20.31 -102.06
CA ASP AB 189 -47.45 -21.04 -103.07
C ASP AB 189 -48.24 -22.19 -103.66
N GLN AB 190 -49.00 -22.91 -102.82
CA GLN AB 190 -49.81 -24.01 -103.32
C GLN AB 190 -50.86 -23.51 -104.32
N LEU AB 191 -51.54 -22.41 -103.98
CA LEU AB 191 -52.55 -21.87 -104.88
C LEU AB 191 -51.94 -21.40 -106.20
N VAL AB 192 -50.81 -20.68 -106.13
CA VAL AB 192 -50.22 -20.19 -107.37
C VAL AB 192 -49.70 -21.35 -108.21
N ARG AB 193 -49.16 -22.40 -107.58
CA ARG AB 193 -48.68 -23.54 -108.36
C ARG AB 193 -49.84 -24.29 -109.02
N THR AB 194 -50.93 -24.50 -108.28
CA THR AB 194 -52.08 -25.17 -108.86
C THR AB 194 -52.66 -24.37 -110.02
N ALA AB 195 -52.77 -23.05 -109.85
CA ALA AB 195 -53.29 -22.21 -110.94
C ALA AB 195 -52.34 -22.18 -112.13
N TRP AB 196 -51.03 -22.22 -111.88
CA TRP AB 196 -50.07 -22.17 -112.98
C TRP AB 196 -50.05 -23.47 -113.76
N GLU AB 197 -50.20 -24.61 -113.08
CA GLU AB 197 -50.12 -25.89 -113.79
C GLU AB 197 -51.45 -26.28 -114.41
N ASN AB 198 -52.54 -26.23 -113.64
CA ASN AB 198 -53.81 -26.76 -114.10
C ASN AB 198 -54.90 -25.71 -114.29
N ALA AB 199 -54.72 -24.49 -113.81
CA ALA AB 199 -55.69 -23.40 -113.98
C ALA AB 199 -57.06 -23.81 -113.46
N GLN AB 200 -57.08 -24.29 -112.21
CA GLN AB 200 -58.30 -24.78 -111.58
C GLN AB 200 -58.49 -24.05 -110.26
N ILE AB 201 -59.54 -23.23 -110.18
CA ILE AB 201 -59.84 -22.44 -108.99
C ILE AB 201 -60.32 -23.38 -107.88
N PRO AB 202 -60.15 -23.01 -106.60
CA PRO AB 202 -60.56 -23.93 -105.53
C PRO AB 202 -62.06 -24.11 -105.43
N THR AB 203 -62.50 -25.06 -104.60
CA THR AB 203 -63.92 -25.33 -104.46
C THR AB 203 -64.66 -24.12 -103.86
N ASN AB 204 -64.08 -23.53 -102.82
CA ASN AB 204 -64.65 -22.33 -102.20
C ASN AB 204 -63.97 -21.09 -102.76
N PHE AB 205 -64.78 -20.10 -103.12
CA PHE AB 205 -64.27 -18.86 -103.71
C PHE AB 205 -65.09 -17.69 -103.16
N GLY AB 206 -64.42 -16.79 -102.44
CA GLY AB 206 -65.09 -15.61 -101.93
C GLY AB 206 -66.18 -15.87 -100.93
N GLY AB 207 -66.20 -17.05 -100.31
CA GLY AB 207 -67.24 -17.43 -99.38
C GLY AB 207 -68.44 -18.10 -100.00
N ILE AB 208 -68.45 -18.31 -101.31
CA ILE AB 208 -69.55 -18.97 -102.00
C ILE AB 208 -68.98 -20.11 -102.82
N ARG AB 209 -69.80 -21.15 -103.00
CA ARG AB 209 -69.38 -22.34 -103.74
C ARG AB 209 -69.52 -22.05 -105.23
N ALA AB 210 -68.39 -21.97 -105.92
CA ALA AB 210 -68.35 -21.59 -107.33
C ALA AB 210 -68.13 -22.82 -108.19
N LEU AB 211 -68.94 -22.95 -109.25
CA LEU AB 211 -68.88 -24.07 -110.17
C LEU AB 211 -68.75 -23.54 -111.58
N MET AB 212 -68.10 -24.34 -112.44
CA MET AB 212 -67.90 -23.98 -113.84
C MET AB 212 -68.61 -24.99 -114.72
N SER AB 213 -69.48 -24.49 -115.60
CA SER AB 213 -70.22 -25.36 -116.52
C SER AB 213 -70.28 -24.70 -117.88
N ASN AB 214 -69.95 -25.45 -118.92
CA ASN AB 214 -70.00 -24.92 -120.28
C ASN AB 214 -71.44 -24.82 -120.79
N GLY AB 215 -72.29 -25.78 -120.45
CA GLY AB 215 -73.67 -25.74 -120.89
C GLY AB 215 -74.50 -24.73 -120.12
N LEU AB 216 -74.89 -23.64 -120.80
CA LEU AB 216 -75.62 -22.57 -120.15
C LEU AB 216 -76.41 -21.82 -121.21
N ALA AB 217 -77.63 -21.43 -120.86
CA ALA AB 217 -78.53 -20.84 -121.84
C ALA AB 217 -78.13 -19.40 -122.14
N SER AB 218 -78.74 -18.85 -123.19
CA SER AB 218 -78.51 -17.46 -123.59
C SER AB 218 -79.85 -16.83 -123.91
N ARG AB 219 -79.90 -15.50 -123.82
CA ARG AB 219 -81.15 -14.77 -123.97
C ARG AB 219 -80.90 -13.47 -124.72
N THR AB 220 -81.99 -12.85 -125.17
CA THR AB 220 -81.96 -11.58 -125.87
C THR AB 220 -82.66 -10.52 -125.03
N GLN AB 221 -82.14 -9.29 -125.08
CA GLN AB 221 -82.65 -8.23 -124.23
C GLN AB 221 -83.97 -7.66 -124.74
N GLY AB 222 -84.12 -7.56 -126.06
CA GLY AB 222 -85.33 -6.99 -126.62
C GLY AB 222 -85.33 -5.48 -126.64
N ALA AB 223 -85.69 -4.89 -127.78
CA ALA AB 223 -85.53 -3.46 -127.98
C ALA AB 223 -86.42 -2.65 -127.03
N PHE AB 224 -85.86 -1.58 -126.48
CA PHE AB 224 -86.60 -0.67 -125.62
C PHE AB 224 -85.93 0.70 -125.67
N GLY AB 225 -86.66 1.71 -125.25
CA GLY AB 225 -86.15 3.06 -125.26
C GLY AB 225 -87.11 4.01 -124.57
N GLY AB 226 -86.64 5.24 -124.39
CA GLY AB 226 -87.44 6.27 -123.76
C GLY AB 226 -87.40 6.16 -122.25
N THR AB 227 -87.93 7.18 -121.58
CA THR AB 227 -88.02 7.16 -120.13
C THR AB 227 -89.32 6.48 -119.70
N LEU AB 228 -89.21 5.51 -118.79
CA LEU AB 228 -90.34 4.70 -118.38
C LEU AB 228 -90.73 5.04 -116.95
N THR AB 229 -92.02 5.30 -116.74
CA THR AB 229 -92.56 5.59 -115.42
C THR AB 229 -93.85 4.80 -115.23
N VAL AB 230 -94.15 4.50 -113.98
CA VAL AB 230 -95.38 3.76 -113.66
C VAL AB 230 -96.57 4.69 -113.81
N LYS AB 231 -97.68 4.16 -114.32
CA LYS AB 231 -98.89 4.94 -114.57
C LYS AB 231 -99.85 4.86 -113.38
N THR AB 232 -100.15 3.66 -112.92
CA THR AB 232 -101.06 3.44 -111.81
C THR AB 232 -100.38 2.61 -110.74
N GLN AB 233 -100.54 3.00 -109.48
CA GLN AB 233 -99.94 2.26 -108.38
C GLN AB 233 -100.59 0.88 -108.26
N PRO AB 234 -99.81 -0.19 -108.11
CA PRO AB 234 -100.41 -1.51 -108.01
C PRO AB 234 -100.83 -1.85 -106.59
N THR AB 235 -101.50 -2.99 -106.45
CA THR AB 235 -101.94 -3.51 -105.16
C THR AB 235 -100.91 -4.53 -104.70
N VAL AB 236 -100.21 -4.22 -103.61
CA VAL AB 236 -99.09 -5.04 -103.15
C VAL AB 236 -99.32 -5.48 -101.71
N THR AB 237 -100.58 -5.59 -101.30
CA THR AB 237 -100.89 -6.09 -99.97
C THR AB 237 -100.57 -7.57 -99.88
N TYR AB 238 -100.28 -8.03 -98.65
CA TYR AB 238 -99.94 -9.43 -98.46
C TYR AB 238 -101.11 -10.34 -98.82
N ASN AB 239 -102.34 -9.89 -98.59
CA ASN AB 239 -103.49 -10.67 -99.03
C ASN AB 239 -103.49 -10.81 -100.55
N ALA AB 240 -103.09 -9.76 -101.27
CA ALA AB 240 -103.09 -9.82 -102.72
C ALA AB 240 -101.98 -10.72 -103.25
N VAL AB 241 -100.78 -10.62 -102.69
CA VAL AB 241 -99.63 -11.29 -103.28
C VAL AB 241 -99.06 -12.36 -102.35
N LYS AB 242 -99.91 -12.98 -101.55
CA LYS AB 242 -99.46 -13.99 -100.60
C LYS AB 242 -99.33 -15.38 -101.20
N ASP AB 243 -99.68 -15.57 -102.47
CA ASP AB 243 -99.71 -16.90 -103.06
C ASP AB 243 -98.83 -17.07 -104.30
N SER AB 244 -98.34 -15.99 -104.91
CA SER AB 244 -97.57 -16.13 -106.14
C SER AB 244 -96.28 -15.33 -106.13
N TYR AB 245 -96.24 -14.23 -105.37
CA TYR AB 245 -95.13 -13.28 -105.42
C TYR AB 245 -94.90 -12.77 -106.83
N GLN AB 246 -95.98 -12.55 -107.57
CA GLN AB 246 -95.94 -11.93 -108.89
C GLN AB 246 -96.97 -10.83 -108.95
N PHE AB 247 -96.63 -9.73 -109.63
CA PHE AB 247 -97.56 -8.61 -109.71
C PHE AB 247 -97.52 -8.02 -111.11
N THR AB 248 -98.67 -7.50 -111.54
CA THR AB 248 -98.83 -6.93 -112.87
C THR AB 248 -98.86 -5.40 -112.76
N VAL AB 249 -98.02 -4.75 -113.57
CA VAL AB 249 -97.85 -3.31 -113.51
C VAL AB 249 -97.89 -2.72 -114.92
N THR AB 250 -98.28 -1.46 -115.01
CA THR AB 250 -98.35 -0.72 -116.26
C THR AB 250 -97.33 0.41 -116.26
N LEU AB 251 -96.68 0.60 -117.40
CA LEU AB 251 -95.67 1.63 -117.56
C LEU AB 251 -96.03 2.50 -118.77
N THR AB 252 -95.71 3.79 -118.68
CA THR AB 252 -96.06 4.75 -119.70
C THR AB 252 -94.82 5.54 -120.11
N GLY AB 253 -94.85 6.06 -121.33
CA GLY AB 253 -93.73 6.78 -121.89
C GLY AB 253 -92.78 5.94 -122.72
N ALA AB 254 -93.17 4.73 -123.11
CA ALA AB 254 -92.30 3.84 -123.87
C ALA AB 254 -92.30 4.22 -125.34
N THR AB 255 -91.74 3.36 -126.18
CA THR AB 255 -91.77 3.58 -127.62
C THR AB 255 -93.20 3.47 -128.14
N ALA AB 256 -93.48 4.17 -129.24
CA ALA AB 256 -94.83 4.30 -129.76
C ALA AB 256 -95.49 2.94 -130.02
N SER AB 257 -94.95 2.17 -130.96
CA SER AB 257 -95.53 0.87 -131.28
C SER AB 257 -94.40 -0.05 -131.73
N VAL AB 258 -93.86 -0.82 -130.78
CA VAL AB 258 -92.83 -1.81 -131.06
C VAL AB 258 -93.21 -3.12 -130.38
N THR AB 259 -93.16 -4.21 -131.14
CA THR AB 259 -93.40 -5.53 -130.57
C THR AB 259 -92.13 -6.04 -129.90
N GLY AB 260 -92.32 -6.88 -128.88
CA GLY AB 260 -91.19 -7.39 -128.12
C GLY AB 260 -90.45 -6.30 -127.37
N PHE AB 261 -91.19 -5.38 -126.76
CA PHE AB 261 -90.57 -4.31 -125.99
C PHE AB 261 -89.75 -4.86 -124.83
N LEU AB 262 -90.31 -5.82 -124.11
CA LEU AB 262 -89.62 -6.48 -123.00
C LEU AB 262 -89.75 -7.98 -123.19
N LYS AB 263 -88.62 -8.68 -123.07
CA LYS AB 263 -88.58 -10.12 -123.25
C LYS AB 263 -88.40 -10.82 -121.91
N ALA AB 264 -88.60 -12.14 -121.92
CA ALA AB 264 -88.53 -12.95 -120.70
C ALA AB 264 -87.09 -13.02 -120.24
N GLY AB 265 -86.82 -12.49 -119.05
CA GLY AB 265 -85.48 -12.52 -118.49
C GLY AB 265 -84.96 -11.13 -118.17
N ASP AB 266 -85.55 -10.11 -118.79
CA ASP AB 266 -85.13 -8.74 -118.54
C ASP AB 266 -85.42 -8.34 -117.10
N GLN AB 267 -84.65 -7.39 -116.59
CA GLN AB 267 -84.78 -6.94 -115.21
C GLN AB 267 -85.15 -5.46 -115.17
N VAL AB 268 -86.07 -5.12 -114.29
CA VAL AB 268 -86.58 -3.78 -114.12
C VAL AB 268 -86.19 -3.28 -112.73
N LYS AB 269 -85.79 -2.01 -112.64
CA LYS AB 269 -85.18 -1.43 -111.44
C LYS AB 269 -85.98 -0.19 -111.06
N PHE AB 270 -86.37 -0.10 -109.79
CA PHE AB 270 -87.11 1.05 -109.28
C PHE AB 270 -86.14 1.95 -108.52
N THR AB 271 -85.88 3.14 -109.06
CA THR AB 271 -84.78 3.96 -108.55
C THR AB 271 -85.05 4.46 -107.14
N ASN AB 272 -86.23 5.02 -106.90
CA ASN AB 272 -86.53 5.64 -105.61
C ASN AB 272 -87.01 4.64 -104.57
N THR AB 273 -87.07 3.35 -104.91
CA THR AB 273 -87.59 2.30 -104.04
C THR AB 273 -86.47 1.37 -103.65
N TYR AB 274 -86.28 1.17 -102.33
CA TYR AB 274 -85.14 0.45 -101.81
C TYR AB 274 -85.54 -0.92 -101.27
N TRP AB 275 -84.53 -1.78 -101.13
CA TRP AB 275 -84.72 -3.09 -100.52
C TRP AB 275 -84.88 -2.96 -99.01
N LEU AB 276 -85.05 -4.10 -98.35
CA LEU AB 276 -85.10 -4.17 -96.89
C LEU AB 276 -84.46 -5.48 -96.46
N GLN AB 277 -84.03 -5.53 -95.21
CA GLN AB 277 -83.61 -6.78 -94.59
C GLN AB 277 -84.86 -7.50 -94.10
N GLN AB 278 -85.04 -8.74 -94.55
CA GLN AB 278 -86.31 -9.44 -94.34
C GLN AB 278 -86.59 -9.77 -92.89
N GLN AB 279 -85.61 -9.63 -91.99
CA GLN AB 279 -85.80 -10.00 -90.59
C GLN AB 279 -85.90 -8.78 -89.67
N THR AB 280 -84.93 -7.88 -89.72
CA THR AB 280 -84.90 -6.73 -88.82
C THR AB 280 -85.57 -5.50 -89.40
N LYS AB 281 -86.02 -5.55 -90.66
CA LYS AB 281 -86.76 -4.45 -91.29
C LYS AB 281 -85.95 -3.16 -91.30
N GLN AB 282 -84.74 -3.23 -91.85
CA GLN AB 282 -83.88 -2.05 -91.98
C GLN AB 282 -83.37 -1.96 -93.42
N ALA AB 283 -83.14 -0.73 -93.87
CA ALA AB 283 -82.75 -0.51 -95.26
C ALA AB 283 -81.35 -1.03 -95.53
N LEU AB 284 -81.16 -1.59 -96.72
CA LEU AB 284 -79.86 -2.11 -97.14
C LEU AB 284 -79.00 -0.96 -97.67
N TYR AB 285 -77.75 -0.91 -97.24
CA TYR AB 285 -76.84 0.18 -97.56
C TYR AB 285 -75.55 -0.38 -98.11
N ASN AB 286 -75.17 0.06 -99.31
CA ASN AB 286 -74.05 -0.51 -100.06
C ASN AB 286 -73.04 0.61 -100.34
N GLY AB 287 -72.13 0.83 -99.39
CA GLY AB 287 -71.08 1.81 -99.56
C GLY AB 287 -71.59 3.23 -99.72
N ALA AB 288 -71.48 3.77 -100.92
CA ALA AB 288 -71.88 5.16 -101.16
C ALA AB 288 -73.40 5.32 -101.21
N THR AB 289 -74.08 4.40 -101.89
CA THR AB 289 -75.50 4.52 -102.14
C THR AB 289 -76.23 3.26 -101.73
N PRO AB 290 -77.49 3.36 -101.31
CA PRO AB 290 -78.25 2.17 -100.93
C PRO AB 290 -78.68 1.37 -102.15
N ILE AB 291 -79.21 0.18 -101.87
CA ILE AB 291 -79.62 -0.77 -102.90
C ILE AB 291 -81.10 -0.57 -103.20
N SER AB 292 -81.45 -0.55 -104.48
CA SER AB 292 -82.82 -0.36 -104.90
C SER AB 292 -83.47 -1.69 -105.27
N PHE AB 293 -84.78 -1.65 -105.48
CA PHE AB 293 -85.54 -2.86 -105.74
C PHE AB 293 -85.51 -3.21 -107.23
N THR AB 294 -85.49 -4.52 -107.50
CA THR AB 294 -85.47 -5.03 -108.86
C THR AB 294 -86.53 -6.13 -108.98
N ALA AB 295 -86.87 -6.43 -110.24
CA ALA AB 295 -87.84 -7.49 -110.55
C ALA AB 295 -87.50 -8.02 -111.94
N THR AB 296 -88.08 -9.16 -112.28
CA THR AB 296 -87.80 -9.83 -113.54
C THR AB 296 -89.07 -10.02 -114.35
N VAL AB 297 -88.95 -9.84 -115.67
CA VAL AB 297 -90.05 -10.03 -116.59
C VAL AB 297 -90.26 -11.52 -116.84
N THR AB 298 -91.50 -11.98 -116.73
CA THR AB 298 -91.81 -13.39 -116.90
C THR AB 298 -92.16 -13.75 -118.34
N ALA AB 299 -92.95 -12.94 -119.03
CA ALA AB 299 -93.36 -13.23 -120.39
C ALA AB 299 -93.21 -11.98 -121.24
N ASP AB 300 -93.04 -12.18 -122.54
CA ASP AB 300 -92.81 -11.07 -123.45
C ASP AB 300 -94.00 -10.13 -123.50
N ALA AB 301 -93.72 -8.83 -123.54
CA ALA AB 301 -94.74 -7.81 -123.57
C ALA AB 301 -94.51 -6.89 -124.76
N ASN AB 302 -95.62 -6.52 -125.41
CA ASN AB 302 -95.60 -5.66 -126.59
C ASN AB 302 -96.21 -4.31 -126.25
N SER AB 303 -95.52 -3.24 -126.60
CA SER AB 303 -96.07 -1.90 -126.42
C SER AB 303 -97.16 -1.64 -127.44
N ASP AB 304 -98.07 -0.73 -127.08
CA ASP AB 304 -99.16 -0.34 -127.95
C ASP AB 304 -99.09 1.15 -128.23
N SER AB 305 -99.83 1.57 -129.26
CA SER AB 305 -99.82 2.96 -129.68
C SER AB 305 -100.21 3.88 -128.51
N GLY AB 306 -99.46 4.96 -128.34
CA GLY AB 306 -99.63 5.86 -127.22
C GLY AB 306 -98.55 5.76 -126.16
N GLY AB 307 -97.68 4.76 -126.22
CA GLY AB 307 -96.59 4.63 -125.28
C GLY AB 307 -96.99 4.00 -123.96
N ASP AB 308 -97.61 2.83 -124.01
CA ASP AB 308 -98.00 2.12 -122.80
C ASP AB 308 -97.57 0.67 -122.92
N VAL AB 309 -97.36 0.03 -121.77
CA VAL AB 309 -96.98 -1.38 -121.74
C VAL AB 309 -97.47 -1.97 -120.43
N THR AB 310 -97.95 -3.21 -120.49
CA THR AB 310 -98.39 -3.93 -119.30
C THR AB 310 -97.55 -5.19 -119.16
N VAL AB 311 -96.94 -5.38 -117.98
CA VAL AB 311 -96.01 -6.48 -117.77
C VAL AB 311 -96.34 -7.16 -116.45
N THR AB 312 -95.94 -8.42 -116.33
CA THR AB 312 -96.07 -9.19 -115.10
C THR AB 312 -94.67 -9.53 -114.59
N LEU AB 313 -94.35 -9.07 -113.40
CA LEU AB 313 -93.03 -9.22 -112.83
C LEU AB 313 -93.04 -10.19 -111.65
N SER AB 314 -91.92 -10.87 -111.46
CA SER AB 314 -91.71 -11.81 -110.37
C SER AB 314 -90.86 -11.13 -109.29
N GLY AB 315 -91.30 -11.23 -108.05
CA GLY AB 315 -90.67 -10.51 -106.96
C GLY AB 315 -91.46 -9.27 -106.61
N VAL AB 316 -92.27 -9.34 -105.55
CA VAL AB 316 -93.26 -8.31 -105.28
C VAL AB 316 -92.81 -7.41 -104.14
N PRO AB 317 -92.93 -6.09 -104.28
CA PRO AB 317 -92.62 -5.15 -103.19
C PRO AB 317 -93.75 -5.03 -102.17
N ILE AB 318 -93.77 -5.98 -101.23
CA ILE AB 318 -94.84 -6.01 -100.24
C ILE AB 318 -94.69 -4.83 -99.29
N TYR AB 319 -95.69 -3.96 -99.27
CA TYR AB 319 -95.73 -2.82 -98.34
C TYR AB 319 -97.18 -2.70 -97.85
N ASP AB 320 -97.46 -3.32 -96.71
CA ASP AB 320 -98.79 -3.30 -96.13
C ASP AB 320 -98.84 -2.28 -95.00
N THR AB 321 -99.81 -1.36 -95.08
CA THR AB 321 -99.99 -0.38 -94.03
C THR AB 321 -100.82 -0.89 -92.86
N THR AB 322 -101.43 -2.08 -93.00
CA THR AB 322 -102.18 -2.69 -91.92
C THR AB 322 -101.55 -3.96 -91.38
N ASN AB 323 -100.63 -4.58 -92.11
CA ASN AB 323 -99.86 -5.73 -91.64
C ASN AB 323 -98.39 -5.45 -91.89
N PRO AB 324 -97.79 -4.54 -91.12
CA PRO AB 324 -96.40 -4.12 -91.40
C PRO AB 324 -95.38 -5.23 -91.23
N GLN AB 325 -95.71 -6.31 -90.51
CA GLN AB 325 -94.72 -7.34 -90.24
C GLN AB 325 -94.27 -8.05 -91.52
N TYR AB 326 -95.06 -8.00 -92.59
CA TYR AB 326 -94.70 -8.65 -93.84
C TYR AB 326 -94.04 -7.69 -94.83
N ASN AB 327 -93.77 -6.45 -94.42
CA ASN AB 327 -93.14 -5.49 -95.31
C ASN AB 327 -91.75 -5.97 -95.70
N SER AB 328 -91.43 -5.82 -96.99
CA SER AB 328 -90.12 -6.18 -97.51
C SER AB 328 -89.46 -5.02 -98.25
N VAL AB 329 -90.09 -3.84 -98.27
CA VAL AB 329 -89.63 -2.71 -99.05
C VAL AB 329 -89.81 -1.45 -98.24
N SER AB 330 -88.92 -0.47 -98.46
CA SER AB 330 -88.88 0.75 -97.67
C SER AB 330 -90.09 1.65 -97.84
N ARG AB 331 -90.72 1.68 -99.02
CA ARG AB 331 -91.80 2.62 -99.25
C ARG AB 331 -92.74 2.07 -100.31
N GLN AB 332 -93.91 2.69 -100.40
CA GLN AB 332 -94.95 2.26 -101.33
C GLN AB 332 -94.68 2.84 -102.72
N VAL AB 333 -94.84 2.01 -103.74
CA VAL AB 333 -94.63 2.42 -105.13
C VAL AB 333 -95.85 3.23 -105.56
N GLU AB 334 -95.70 4.54 -105.63
CA GLU AB 334 -96.77 5.42 -106.09
C GLU AB 334 -96.73 5.54 -107.61
N ALA AB 335 -97.46 6.48 -108.17
CA ALA AB 335 -97.53 6.67 -109.61
C ALA AB 335 -96.56 7.77 -110.04
N GLY AB 336 -95.79 7.51 -111.10
CA GLY AB 336 -94.86 8.47 -111.63
C GLY AB 336 -93.42 8.30 -111.18
N ASP AB 337 -93.10 7.20 -110.50
CA ASP AB 337 -91.75 7.01 -109.99
C ASP AB 337 -90.77 6.67 -111.12
N ALA AB 338 -89.49 6.67 -110.77
CA ALA AB 338 -88.43 6.43 -111.75
C ALA AB 338 -88.17 4.94 -111.90
N VAL AB 339 -88.27 4.46 -113.14
CA VAL AB 339 -88.12 3.06 -113.48
C VAL AB 339 -87.15 2.93 -114.64
N SER AB 340 -86.21 1.99 -114.52
CA SER AB 340 -85.20 1.81 -115.56
C SER AB 340 -85.02 0.32 -115.85
N VAL AB 341 -84.86 -0.01 -117.12
CA VAL AB 341 -84.59 -1.38 -117.55
C VAL AB 341 -83.09 -1.61 -117.55
N VAL AB 342 -82.66 -2.72 -116.97
CA VAL AB 342 -81.24 -3.04 -116.86
C VAL AB 342 -80.76 -3.63 -118.17
N GLY AB 343 -79.64 -3.13 -118.67
CA GLY AB 343 -79.03 -3.64 -119.88
C GLY AB 343 -79.19 -2.68 -121.04
N THR AB 344 -78.70 -3.11 -122.20
CA THR AB 344 -78.78 -2.35 -123.43
C THR AB 344 -79.93 -2.84 -124.29
N ALA AB 345 -80.08 -2.20 -125.45
CA ALA AB 345 -81.31 -2.36 -126.23
C ALA AB 345 -81.49 -3.79 -126.73
N SER AB 346 -80.64 -4.24 -127.64
CA SER AB 346 -80.88 -5.48 -128.37
C SER AB 346 -79.62 -6.34 -128.44
N GLN AB 347 -78.95 -6.53 -127.32
CA GLN AB 347 -77.79 -7.40 -127.28
C GLN AB 347 -78.17 -8.75 -126.68
N THR AB 348 -77.47 -9.78 -127.14
CA THR AB 348 -77.64 -11.14 -126.62
C THR AB 348 -76.36 -11.56 -125.91
N MET AB 349 -76.53 -12.33 -124.83
CA MET AB 349 -75.42 -12.64 -123.94
C MET AB 349 -75.73 -13.93 -123.20
N LYS AB 350 -74.84 -14.29 -122.28
CA LYS AB 350 -74.93 -15.54 -121.51
C LYS AB 350 -74.87 -15.19 -120.03
N PRO AB 351 -76.02 -15.18 -119.35
CA PRO AB 351 -76.04 -14.76 -117.95
C PRO AB 351 -75.35 -15.75 -117.02
N ASN AB 352 -74.90 -15.24 -115.88
CA ASN AB 352 -74.34 -16.05 -114.81
C ASN AB 352 -75.30 -16.06 -113.63
N LEU AB 353 -75.51 -17.25 -113.08
CA LEU AB 353 -76.56 -17.49 -112.09
C LEU AB 353 -75.97 -17.75 -110.72
N PHE AB 354 -76.48 -17.04 -109.71
CA PHE AB 354 -76.17 -17.30 -108.31
C PHE AB 354 -77.47 -17.48 -107.55
N TYR AB 355 -77.51 -18.46 -106.66
CA TYR AB 355 -78.76 -18.78 -105.97
C TYR AB 355 -78.46 -19.54 -104.69
N ASN AB 356 -79.53 -19.87 -103.96
CA ASN AB 356 -79.46 -20.67 -102.75
C ASN AB 356 -79.94 -22.08 -103.05
N LYS AB 357 -79.71 -22.98 -102.08
CA LYS AB 357 -80.11 -24.37 -102.27
C LYS AB 357 -81.61 -24.52 -102.39
N PHE AB 358 -82.37 -23.77 -101.58
CA PHE AB 358 -83.82 -23.89 -101.51
C PHE AB 358 -84.54 -22.89 -102.41
N PHE AB 359 -83.95 -22.53 -103.55
CA PHE AB 359 -84.55 -21.53 -104.43
C PHE AB 359 -85.53 -22.17 -105.41
N CYS AB 360 -85.09 -23.15 -106.19
CA CYS AB 360 -85.96 -23.93 -107.05
C CYS AB 360 -85.88 -25.40 -106.68
N GLY AB 361 -86.80 -26.17 -107.26
CA GLY AB 361 -86.89 -27.60 -107.03
C GLY AB 361 -87.39 -28.35 -108.25
N LEU AB 362 -86.84 -29.54 -108.47
CA LEU AB 362 -87.11 -30.35 -109.65
C LEU AB 362 -87.66 -31.71 -109.26
N GLY AB 363 -88.57 -32.24 -110.09
CA GLY AB 363 -89.08 -33.58 -109.89
C GLY AB 363 -89.43 -34.20 -111.23
N SER AB 364 -89.69 -35.50 -111.20
CA SER AB 364 -90.08 -36.25 -112.38
C SER AB 364 -91.38 -37.00 -112.10
N ILE AB 365 -92.20 -37.14 -113.13
CA ILE AB 365 -93.49 -37.81 -113.03
C ILE AB 365 -93.46 -39.04 -113.93
N PRO AB 366 -93.82 -40.22 -113.42
CA PRO AB 366 -93.86 -41.41 -114.27
C PRO AB 366 -94.99 -41.33 -115.29
N LEU AB 367 -94.93 -42.24 -116.26
CA LEU AB 367 -95.90 -42.24 -117.35
C LEU AB 367 -96.51 -43.63 -117.50
N PRO AB 368 -97.77 -43.71 -117.93
CA PRO AB 368 -98.42 -45.00 -118.13
C PRO AB 368 -98.11 -45.60 -119.49
N LYS AB 369 -98.73 -46.73 -119.80
CA LYS AB 369 -98.51 -47.42 -121.07
C LYS AB 369 -99.73 -47.25 -121.96
N LEU AB 370 -99.49 -47.07 -123.26
CA LEU AB 370 -100.56 -46.93 -124.22
C LEU AB 370 -101.22 -48.29 -124.48
N HIS AB 371 -102.33 -48.26 -125.21
CA HIS AB 371 -103.13 -49.46 -125.45
C HIS AB 371 -102.58 -50.20 -126.67
N SER AB 372 -102.27 -51.49 -126.48
CA SER AB 372 -101.85 -52.38 -127.56
C SER AB 372 -100.65 -51.82 -128.33
N ILE AB 373 -99.70 -51.24 -127.59
CA ILE AB 373 -98.47 -50.72 -128.17
C ILE AB 373 -97.32 -51.17 -127.28
N ASP AB 374 -96.30 -51.78 -127.90
CA ASP AB 374 -95.15 -52.24 -127.14
C ASP AB 374 -94.31 -51.07 -126.63
N SER AB 375 -93.82 -51.20 -125.41
CA SER AB 375 -93.09 -50.12 -124.76
C SER AB 375 -92.05 -50.72 -123.82
N ALA AB 376 -91.19 -49.85 -123.29
CA ALA AB 376 -90.16 -50.24 -122.36
C ALA AB 376 -89.74 -49.02 -121.56
N VAL AB 377 -89.03 -49.27 -120.46
CA VAL AB 377 -88.59 -48.20 -119.57
C VAL AB 377 -87.11 -48.39 -119.26
N ALA AB 378 -86.37 -47.30 -119.24
CA ALA AB 378 -84.94 -47.31 -118.92
C ALA AB 378 -84.64 -46.17 -117.96
N THR AB 379 -83.41 -46.13 -117.47
CA THR AB 379 -82.97 -45.11 -116.53
C THR AB 379 -81.65 -44.53 -116.99
N TYR AB 380 -81.46 -43.23 -116.74
CA TYR AB 380 -80.23 -42.54 -117.13
C TYR AB 380 -80.10 -41.30 -116.26
N GLU AB 381 -78.97 -41.20 -115.55
CA GLU AB 381 -78.67 -40.05 -114.71
C GLU AB 381 -79.78 -39.79 -113.69
N GLY AB 382 -80.39 -40.86 -113.19
CA GLY AB 382 -81.45 -40.77 -112.22
C GLY AB 382 -82.82 -40.52 -112.78
N PHE AB 383 -82.95 -40.29 -114.09
CA PHE AB 383 -84.24 -40.00 -114.69
C PHE AB 383 -84.72 -41.20 -115.50
N SER AB 384 -86.00 -41.53 -115.35
CA SER AB 384 -86.61 -42.66 -116.04
C SER AB 384 -87.17 -42.19 -117.38
N ILE AB 385 -86.87 -42.93 -118.44
CA ILE AB 385 -87.30 -42.59 -119.79
C ILE AB 385 -88.11 -43.76 -120.33
N ARG AB 386 -89.27 -43.45 -120.89
CA ARG AB 386 -90.16 -44.44 -121.49
C ARG AB 386 -90.05 -44.39 -123.00
N VAL AB 387 -90.02 -45.55 -123.63
CA VAL AB 387 -89.91 -45.68 -125.08
C VAL AB 387 -91.09 -46.49 -125.59
N HIS AB 388 -91.72 -46.00 -126.66
CA HIS AB 388 -92.84 -46.66 -127.31
C HIS AB 388 -92.44 -47.01 -128.74
N LYS AB 389 -92.71 -48.25 -129.15
CA LYS AB 389 -92.37 -48.70 -130.50
C LYS AB 389 -93.65 -49.16 -131.20
N TYR AB 390 -93.87 -48.64 -132.41
CA TYR AB 390 -95.05 -49.01 -133.20
C TYR AB 390 -94.77 -48.72 -134.67
N ALA AB 391 -95.60 -49.29 -135.53
CA ALA AB 391 -95.38 -49.19 -136.96
C ALA AB 391 -96.69 -48.86 -137.67
N ASP AB 392 -96.56 -48.23 -138.83
CA ASP AB 392 -97.72 -47.93 -139.68
C ASP AB 392 -97.84 -49.01 -140.76
N GLY AB 393 -98.88 -49.83 -140.61
CA GLY AB 393 -99.02 -51.03 -141.42
C GLY AB 393 -99.15 -50.76 -142.90
N ASP AB 394 -99.93 -49.75 -143.29
CA ASP AB 394 -100.23 -49.50 -144.69
C ASP AB 394 -99.17 -48.66 -145.40
N ALA AB 395 -98.15 -48.21 -144.68
CA ALA AB 395 -97.05 -47.47 -145.29
C ALA AB 395 -95.70 -48.12 -145.07
N ASN AB 396 -95.64 -49.20 -144.26
CA ASN AB 396 -94.42 -49.95 -144.01
C ASN AB 396 -93.33 -49.05 -143.43
N VAL AB 397 -93.66 -48.41 -142.32
CA VAL AB 397 -92.76 -47.48 -141.64
C VAL AB 397 -92.71 -47.82 -140.16
N GLN AB 398 -91.52 -48.08 -139.64
CA GLN AB 398 -91.30 -48.28 -138.23
C GLN AB 398 -91.25 -46.93 -137.52
N LYS AB 399 -91.45 -46.94 -136.20
CA LYS AB 399 -91.50 -45.71 -135.44
C LYS AB 399 -91.19 -46.00 -133.98
N MET AB 400 -90.39 -45.12 -133.38
CA MET AB 400 -90.12 -45.16 -131.95
C MET AB 400 -90.22 -43.75 -131.39
N ARG AB 401 -90.51 -43.67 -130.10
CA ARG AB 401 -90.59 -42.37 -129.44
C ARG AB 401 -90.15 -42.52 -127.98
N PHE AB 402 -89.62 -41.43 -127.44
CA PHE AB 402 -89.13 -41.37 -126.07
C PHE AB 402 -89.82 -40.23 -125.35
N ASP AB 403 -90.05 -40.41 -124.04
CA ASP AB 403 -90.85 -39.46 -123.26
C ASP AB 403 -90.14 -39.11 -121.96
N LEU AB 404 -90.56 -37.99 -121.37
CA LEU AB 404 -90.11 -37.53 -120.07
C LEU AB 404 -90.99 -36.37 -119.62
N LEU AB 405 -91.39 -36.41 -118.36
CA LEU AB 405 -92.21 -35.36 -117.75
C LEU AB 405 -91.53 -34.79 -116.51
N PRO AB 406 -90.97 -33.60 -116.58
CA PRO AB 406 -90.43 -32.94 -115.38
C PRO AB 406 -91.48 -32.04 -114.73
N ALA AB 407 -91.15 -31.61 -113.51
CA ALA AB 407 -92.00 -30.70 -112.75
C ALA AB 407 -91.11 -29.72 -112.01
N TYR AB 408 -91.47 -28.44 -112.04
CA TYR AB 408 -90.66 -27.37 -111.49
C TYR AB 408 -91.40 -26.68 -110.36
N VAL AB 409 -90.66 -26.17 -109.38
CA VAL AB 409 -91.22 -25.35 -108.31
C VAL AB 409 -90.22 -24.25 -107.97
N CYS AB 410 -90.73 -23.07 -107.64
CA CYS AB 410 -89.92 -21.94 -107.21
C CYS AB 410 -90.37 -21.55 -105.80
N PHE AB 411 -89.56 -21.88 -104.81
CA PHE AB 411 -89.98 -21.70 -103.42
C PHE AB 411 -90.08 -20.22 -103.06
N ASN AB 412 -88.97 -19.50 -103.16
CA ASN AB 412 -88.94 -18.07 -102.85
C ASN AB 412 -88.12 -17.36 -103.93
N PRO AB 413 -88.70 -16.41 -104.66
CA PRO AB 413 -87.93 -15.73 -105.72
C PRO AB 413 -86.78 -14.88 -105.19
N HIS AB 414 -86.78 -14.54 -103.91
CA HIS AB 414 -85.76 -13.66 -103.33
C HIS AB 414 -84.53 -14.42 -102.86
N MET AB 415 -84.24 -15.58 -103.43
CA MET AB 415 -83.09 -16.39 -103.01
C MET AB 415 -82.28 -16.82 -104.22
N GLY AB 416 -82.26 -16.01 -105.26
CA GLY AB 416 -81.51 -16.35 -106.46
C GLY AB 416 -81.63 -15.24 -107.49
N GLY AB 417 -80.86 -15.39 -108.56
CA GLY AB 417 -80.88 -14.42 -109.63
C GLY AB 417 -79.59 -14.47 -110.44
N GLN AB 418 -79.38 -13.39 -111.19
CA GLN AB 418 -78.24 -13.28 -112.10
C GLN AB 418 -77.26 -12.25 -111.59
N PHE AB 419 -76.01 -12.39 -112.03
CA PHE AB 419 -74.96 -11.46 -111.64
C PHE AB 419 -73.93 -11.37 -112.77
N PHE AB 420 -73.34 -10.19 -112.93
CA PHE AB 420 -72.31 -9.95 -113.91
C PHE AB 420 -71.20 -9.13 -113.27
N GLY AB 421 -70.27 -8.67 -114.10
CA GLY AB 421 -69.20 -7.81 -113.62
C GLY AB 421 -69.62 -6.36 -113.57
N ASN AB 422 -68.98 -5.60 -112.67
CA ASN AB 422 -69.28 -4.19 -112.52
C ASN AB 422 -67.96 -3.41 -112.51
N PRO AB 423 -67.89 -2.30 -113.25
CA PRO AB 423 -66.67 -1.48 -113.32
C PRO AB 423 -66.51 -0.59 -112.10
N THR BB 3 -18.36 63.23 -59.19
CA THR BB 3 -17.61 64.44 -59.55
C THR BB 3 -16.11 64.18 -59.43
N VAL BB 4 -15.33 64.78 -60.33
CA VAL BB 4 -13.88 64.61 -60.30
C VAL BB 4 -13.29 65.55 -59.25
N LEU BB 5 -12.13 65.16 -58.74
CA LEU BB 5 -11.43 65.89 -57.69
C LEU BB 5 -10.04 66.28 -58.19
N THR BB 6 -9.60 67.49 -57.87
CA THR BB 6 -8.34 68.02 -58.36
C THR BB 6 -7.38 68.29 -57.21
N LYS BB 7 -6.09 68.18 -57.52
CA LYS BB 7 -5.06 68.53 -56.54
C LYS BB 7 -5.17 69.98 -56.11
N GLY BB 8 -5.55 70.86 -57.03
CA GLY BB 8 -5.80 72.24 -56.64
C GLY BB 8 -6.91 72.36 -55.62
N GLU BB 9 -7.99 71.61 -55.81
CA GLU BB 9 -9.08 71.63 -54.82
C GLU BB 9 -8.60 71.09 -53.49
N ILE BB 10 -7.78 70.03 -53.52
CA ILE BB 10 -7.29 69.43 -52.27
C ILE BB 10 -6.42 70.44 -51.51
N VAL BB 11 -5.51 71.12 -52.21
CA VAL BB 11 -4.63 72.05 -51.52
C VAL BB 11 -5.41 73.28 -51.05
N LEU BB 12 -6.42 73.71 -51.83
CA LEU BB 12 -7.26 74.81 -51.38
C LEU BB 12 -7.99 74.43 -50.09
N PHE BB 13 -8.50 73.20 -50.01
CA PHE BB 13 -9.11 72.72 -48.79
C PHE BB 13 -8.11 72.72 -47.64
N ALA BB 14 -6.88 72.27 -47.91
CA ALA BB 14 -5.87 72.19 -46.85
C ALA BB 14 -5.55 73.58 -46.28
N LEU BB 15 -5.37 74.57 -47.15
CA LEU BB 15 -5.12 75.92 -46.66
C LEU BB 15 -6.35 76.52 -45.98
N ARG BB 16 -7.55 76.22 -46.48
CA ARG BB 16 -8.75 76.80 -45.90
C ARG BB 16 -9.04 76.24 -44.51
N LYS BB 17 -8.69 74.97 -44.28
CA LYS BB 17 -9.10 74.32 -43.03
C LYS BB 17 -8.42 74.91 -41.79
N PHE BB 18 -7.32 75.65 -41.95
CA PHE BB 18 -6.66 76.26 -40.80
C PHE BB 18 -6.65 77.78 -40.92
N ALA BB 19 -7.51 78.36 -41.76
CA ALA BB 19 -7.67 79.80 -41.86
C ALA BB 19 -6.35 80.50 -42.21
N ILE BB 20 -5.83 80.16 -43.38
CA ILE BB 20 -4.63 80.79 -43.91
C ILE BB 20 -4.93 81.56 -45.19
N ALA BB 21 -5.68 80.94 -46.11
CA ALA BB 21 -6.04 81.56 -47.38
C ALA BB 21 -7.52 81.28 -47.69
N SER BB 22 -8.37 81.42 -46.68
CA SER BB 22 -9.78 81.16 -46.84
C SER BB 22 -10.51 82.44 -47.24
N ASN BB 23 -11.84 82.39 -47.22
CA ASN BB 23 -12.68 83.55 -47.55
C ASN BB 23 -13.04 84.37 -46.32
N ALA BB 24 -12.44 84.09 -45.17
CA ALA BB 24 -12.70 84.79 -43.92
C ALA BB 24 -11.40 85.32 -43.34
N SER BB 25 -10.59 85.95 -44.18
CA SER BB 25 -9.29 86.46 -43.77
C SER BB 25 -8.95 87.72 -44.56
N LEU BB 26 -7.98 88.46 -44.04
CA LEU BB 26 -7.54 89.73 -44.64
C LEU BB 26 -6.81 89.55 -45.96
N THR BB 27 -6.34 88.33 -46.27
CA THR BB 27 -5.52 88.07 -47.46
C THR BB 27 -6.15 86.95 -48.28
N ASP BB 28 -5.42 86.52 -49.30
CA ASP BB 28 -5.88 85.50 -50.23
C ASP BB 28 -4.81 84.44 -50.47
N VAL BB 29 -5.05 83.56 -51.42
CA VAL BB 29 -4.12 82.46 -51.71
C VAL BB 29 -3.02 82.97 -52.63
N GLU BB 30 -1.80 82.41 -52.46
CA GLU BB 30 -0.69 82.82 -53.31
C GLU BB 30 -0.22 81.67 -54.19
N PRO BB 31 0.25 81.98 -55.40
CA PRO BB 31 0.74 80.91 -56.28
C PRO BB 31 1.92 80.13 -55.70
N GLN BB 32 2.78 80.79 -54.92
CA GLN BB 32 3.86 80.06 -54.27
C GLN BB 32 3.31 79.03 -53.28
N SER BB 33 2.31 79.43 -52.51
CA SER BB 33 1.66 78.48 -51.60
C SER BB 33 1.04 77.33 -52.37
N ILE BB 34 0.39 77.62 -53.50
CA ILE BB 34 -0.25 76.56 -54.27
C ILE BB 34 0.81 75.58 -54.79
N GLU BB 35 1.91 76.10 -55.34
CA GLU BB 35 2.95 75.22 -55.88
C GLU BB 35 3.59 74.38 -54.79
N ASP BB 36 3.86 74.99 -53.63
CA ASP BB 36 4.43 74.23 -52.52
C ASP BB 36 3.48 73.14 -52.06
N GLY BB 37 2.18 73.45 -51.96
CA GLY BB 37 1.21 72.45 -51.57
C GLY BB 37 1.15 71.29 -52.56
N VAL BB 38 1.17 71.60 -53.85
CA VAL BB 38 1.11 70.54 -54.86
C VAL BB 38 2.34 69.64 -54.78
N ASN BB 39 3.53 70.23 -54.66
CA ASN BB 39 4.74 69.43 -54.55
C ASN BB 39 4.73 68.57 -53.29
N ASP BB 40 4.28 69.15 -52.17
CA ASP BB 40 4.22 68.39 -50.92
C ASP BB 40 3.23 67.23 -51.04
N LEU BB 41 2.09 67.45 -51.69
CA LEU BB 41 1.13 66.36 -51.91
C LEU BB 41 1.74 65.27 -52.78
N GLU BB 42 2.47 65.66 -53.83
CA GLU BB 42 3.13 64.68 -54.68
C GLU BB 42 4.07 63.79 -53.89
N ASP BB 43 4.96 64.41 -53.12
CA ASP BB 43 5.90 63.62 -52.32
C ASP BB 43 5.19 62.80 -51.26
N MET BB 44 4.12 63.35 -50.67
CA MET BB 44 3.38 62.62 -49.66
C MET BB 44 2.79 61.34 -50.20
N MET BB 45 2.18 61.39 -51.39
CA MET BB 45 1.60 60.17 -51.93
C MET BB 45 2.68 59.24 -52.45
N SER BB 46 3.80 59.79 -52.93
CA SER BB 46 4.92 58.95 -53.31
C SER BB 46 5.40 58.11 -52.13
N GLU BB 47 5.42 58.69 -50.93
CA GLU BB 47 5.74 57.89 -49.74
C GLU BB 47 4.56 57.01 -49.33
N TRP BB 48 3.33 57.51 -49.45
CA TRP BB 48 2.15 56.75 -49.06
C TRP BB 48 2.00 55.47 -49.86
N MET BB 49 2.65 55.38 -51.02
CA MET BB 49 2.67 54.12 -51.75
C MET BB 49 3.39 53.00 -51.01
N ILE BB 50 3.88 53.24 -49.79
CA ILE BB 50 4.66 52.26 -49.04
C ILE BB 50 3.92 51.80 -47.78
N ASN BB 51 3.68 52.72 -46.83
CA ASN BB 51 3.14 52.30 -45.54
C ASN BB 51 1.64 52.00 -45.65
N PRO BB 52 0.79 52.91 -46.14
CA PRO BB 52 -0.58 52.52 -46.45
C PRO BB 52 -0.65 51.92 -47.85
N GLY BB 53 -1.76 51.24 -48.12
CA GLY BB 53 -1.96 50.64 -49.41
C GLY BB 53 -2.13 51.68 -50.52
N ASP BB 54 -1.97 51.21 -51.76
CA ASP BB 54 -2.25 52.07 -52.91
C ASP BB 54 -3.72 52.46 -52.90
N ILE BB 55 -3.98 53.75 -53.10
CA ILE BB 55 -5.33 54.29 -53.04
C ILE BB 55 -5.75 54.94 -54.35
N GLY BB 56 -5.02 54.70 -55.43
CA GLY BB 56 -5.46 55.13 -56.75
C GLY BB 56 -4.98 56.49 -57.20
N TYR BB 57 -3.85 56.96 -56.71
CA TYR BB 57 -3.30 58.24 -57.15
C TYR BB 57 -2.85 58.15 -58.60
N ALA BB 58 -2.95 59.28 -59.30
CA ALA BB 58 -2.51 59.41 -60.68
C ALA BB 58 -1.24 60.27 -60.70
N PHE BB 59 -0.09 59.62 -60.86
CA PHE BB 59 1.18 60.32 -60.92
C PHE BB 59 1.43 60.84 -62.33
N ALA BB 60 1.80 62.11 -62.43
CA ALA BB 60 2.12 62.69 -63.72
C ALA BB 60 3.36 62.02 -64.31
N THR BB 61 3.30 61.70 -65.60
CA THR BB 61 4.39 61.01 -66.27
C THR BB 61 5.42 62.00 -66.80
N GLY BB 62 6.61 61.47 -67.08
CA GLY BB 62 7.66 62.29 -67.64
C GLY BB 62 8.17 63.33 -66.64
N ASP BB 63 8.69 64.42 -67.19
CA ASP BB 63 9.21 65.53 -66.40
C ASP BB 63 8.19 66.64 -66.19
N GLU BB 64 6.95 66.44 -66.62
CA GLU BB 64 5.94 67.49 -66.52
C GLU BB 64 5.65 67.82 -65.06
N GLN BB 65 5.56 69.11 -64.77
CA GLN BB 65 5.21 69.54 -63.42
C GLN BB 65 3.74 69.25 -63.14
N PRO BB 66 3.42 68.72 -61.96
CA PRO BB 66 2.01 68.59 -61.57
C PRO BB 66 1.35 69.95 -61.49
N LEU BB 67 0.08 70.01 -61.89
CA LEU BB 67 -0.62 71.27 -61.98
C LEU BB 67 -1.92 71.22 -61.21
N PRO BB 68 -2.36 72.36 -60.65
CA PRO BB 68 -3.62 72.36 -59.89
C PRO BB 68 -4.83 71.97 -60.72
N ASP BB 69 -4.86 72.30 -62.02
CA ASP BB 69 -6.01 71.98 -62.84
C ASP BB 69 -6.09 70.49 -63.17
N ASP BB 70 -5.00 69.75 -63.02
CA ASP BB 70 -5.00 68.33 -63.32
C ASP BB 70 -5.80 67.57 -62.27
N GLU BB 71 -6.44 66.48 -62.70
CA GLU BB 71 -7.21 65.64 -61.79
C GLU BB 71 -6.29 64.70 -61.03
N SER BB 72 -6.82 64.14 -59.93
CA SER BB 72 -6.08 63.21 -59.09
C SER BB 72 -6.60 61.79 -59.15
N GLY BB 73 -7.91 61.60 -59.34
CA GLY BB 73 -8.49 60.28 -59.45
C GLY BB 73 -8.83 59.62 -58.14
N LEU BB 74 -8.69 60.29 -57.01
CA LEU BB 74 -9.03 59.70 -55.73
C LEU BB 74 -10.54 59.64 -55.56
N PRO BB 75 -11.05 58.62 -54.88
CA PRO BB 75 -12.45 58.65 -54.45
C PRO BB 75 -12.68 59.78 -53.46
N ARG BB 76 -13.90 60.32 -53.47
CA ARG BB 76 -14.21 61.47 -52.62
C ARG BB 76 -14.11 61.13 -51.15
N LYS BB 77 -14.22 59.84 -50.80
CA LYS BB 77 -14.23 59.46 -49.38
C LYS BB 77 -12.87 59.62 -48.72
N TYR BB 78 -11.79 59.74 -49.50
CA TYR BB 78 -10.46 59.91 -48.92
C TYR BB 78 -10.04 61.38 -48.85
N LYS BB 79 -10.91 62.29 -49.29
CA LYS BB 79 -10.53 63.69 -49.41
C LYS BB 79 -10.18 64.30 -48.07
N HIS BB 80 -11.01 64.06 -47.05
CA HIS BB 80 -10.77 64.63 -45.73
C HIS BB 80 -9.48 64.11 -45.13
N ALA BB 81 -9.24 62.80 -45.26
CA ALA BB 81 -8.02 62.21 -44.71
C ALA BB 81 -6.78 62.79 -45.38
N VAL BB 82 -6.79 62.84 -46.72
CA VAL BB 82 -5.64 63.36 -47.44
C VAL BB 82 -5.40 64.83 -47.10
N GLY BB 83 -6.48 65.61 -47.04
CA GLY BB 83 -6.33 67.02 -46.72
C GLY BB 83 -5.78 67.26 -45.34
N TYR BB 84 -6.25 66.49 -44.35
CA TYR BB 84 -5.76 66.68 -43.00
C TYR BB 84 -4.31 66.25 -42.86
N GLN BB 85 -3.92 65.16 -43.52
CA GLN BB 85 -2.52 64.75 -43.49
C GLN BB 85 -1.64 65.80 -44.15
N LEU BB 86 -2.09 66.36 -45.28
CA LEU BB 86 -1.32 67.40 -45.94
C LEU BB 86 -1.20 68.64 -45.06
N LEU BB 87 -2.27 69.02 -44.38
CA LEU BB 87 -2.21 70.15 -43.47
C LEU BB 87 -1.23 69.90 -42.34
N LEU BB 88 -1.23 68.70 -41.78
CA LEU BB 88 -0.29 68.37 -40.73
C LEU BB 88 1.15 68.43 -41.20
N ARG BB 89 1.45 67.91 -42.40
CA ARG BB 89 2.80 67.90 -42.91
C ARG BB 89 3.24 69.24 -43.49
N MET BB 90 2.31 70.16 -43.73
CA MET BB 90 2.66 71.45 -44.33
C MET BB 90 2.49 72.65 -43.40
N LEU BB 91 1.90 72.47 -42.22
CA LEU BB 91 1.65 73.62 -41.34
C LEU BB 91 2.93 74.23 -40.80
N SER BB 92 4.01 73.45 -40.73
CA SER BB 92 5.27 73.96 -40.20
C SER BB 92 5.95 74.95 -41.13
N ASP BB 93 5.50 75.05 -42.38
CA ASP BB 93 6.12 75.98 -43.33
C ASP BB 93 5.85 77.43 -42.96
N TYR BB 94 4.66 77.72 -42.43
CA TYR BB 94 4.28 79.08 -42.07
C TYR BB 94 4.54 79.39 -40.60
N SER BB 95 5.17 78.46 -39.87
CA SER BB 95 5.53 78.64 -38.47
C SER BB 95 4.29 78.89 -37.60
N LEU BB 96 3.42 77.88 -37.55
CA LEU BB 96 2.29 77.85 -36.63
C LEU BB 96 2.36 76.55 -35.85
N GLU BB 97 1.29 76.27 -35.07
CA GLU BB 97 1.22 75.06 -34.28
C GLU BB 97 -0.20 74.50 -34.34
N PRO BB 98 -0.37 73.23 -34.69
CA PRO BB 98 -1.72 72.67 -34.77
C PRO BB 98 -2.37 72.58 -33.41
N THR BB 99 -3.71 72.64 -33.41
CA THR BB 99 -4.48 72.56 -32.20
C THR BB 99 -4.98 71.13 -31.96
N PRO BB 100 -5.18 70.74 -30.71
CA PRO BB 100 -5.59 69.35 -30.42
C PRO BB 100 -6.87 68.94 -31.12
N GLN BB 101 -7.83 69.84 -31.34
CA GLN BB 101 -9.03 69.46 -32.06
C GLN BB 101 -8.71 69.07 -33.51
N VAL BB 102 -7.85 69.84 -34.16
CA VAL BB 102 -7.42 69.49 -35.51
C VAL BB 102 -6.67 68.17 -35.51
N LEU BB 103 -5.83 67.95 -34.49
CA LEU BB 103 -5.11 66.68 -34.39
C LEU BB 103 -6.08 65.51 -34.25
N SER BB 104 -7.12 65.67 -33.43
CA SER BB 104 -8.11 64.61 -33.25
C SER BB 104 -8.86 64.34 -34.55
N ASN BB 105 -9.23 65.41 -35.27
CA ASN BB 105 -9.90 65.23 -36.56
C ASN BB 105 -9.01 64.49 -37.55
N ALA BB 106 -7.73 64.84 -37.60
CA ALA BB 106 -6.81 64.16 -38.50
C ALA BB 106 -6.67 62.69 -38.14
N GLN BB 107 -6.56 62.39 -36.84
CA GLN BB 107 -6.42 61.00 -36.43
C GLN BB 107 -7.68 60.19 -36.77
N ARG BB 108 -8.86 60.79 -36.56
CA ARG BB 108 -10.10 60.09 -36.88
C ARG BB 108 -10.21 59.82 -38.38
N SER BB 109 -9.87 60.82 -39.20
CA SER BB 109 -9.93 60.63 -40.64
C SER BB 109 -8.93 59.56 -41.10
N TYR BB 110 -7.73 59.57 -40.52
CA TYR BB 110 -6.75 58.54 -40.87
C TYR BB 110 -7.23 57.16 -40.47
N ASP BB 111 -7.87 57.05 -39.31
CA ASP BB 111 -8.42 55.76 -38.89
C ASP BB 111 -9.50 55.29 -39.85
N ALA BB 112 -10.38 56.21 -40.29
CA ALA BB 112 -11.39 55.84 -41.27
C ALA BB 112 -10.75 55.38 -42.57
N LEU BB 113 -9.67 56.05 -42.99
CA LEU BB 113 -8.94 55.63 -44.18
C LEU BB 113 -8.37 54.23 -44.02
N MET BB 114 -7.73 53.96 -42.88
CA MET BB 114 -7.06 52.68 -42.69
C MET BB 114 -8.03 51.54 -42.48
N THR BB 115 -9.25 51.84 -41.99
CA THR BB 115 -10.24 50.78 -41.80
C THR BB 115 -10.62 50.11 -43.10
N ASP BB 116 -10.74 50.89 -44.19
CA ASP BB 116 -11.23 50.37 -45.46
C ASP BB 116 -10.22 49.49 -46.20
N THR BB 117 -8.95 49.46 -45.76
CA THR BB 117 -7.88 48.80 -46.50
C THR BB 117 -7.17 47.77 -45.62
N LEU BB 118 -7.94 46.91 -44.96
CA LEU BB 118 -7.35 45.87 -44.13
C LEU BB 118 -6.85 44.70 -45.00
N VAL BB 119 -6.12 43.79 -44.37
CA VAL BB 119 -5.53 42.67 -45.10
C VAL BB 119 -6.02 41.34 -44.52
N VAL BB 120 -5.71 41.08 -43.25
CA VAL BB 120 -6.06 39.83 -42.58
C VAL BB 120 -5.55 38.65 -43.41
N PRO BB 121 -4.25 38.37 -43.38
CA PRO BB 121 -3.68 37.39 -44.33
C PRO BB 121 -4.31 36.01 -44.26
N SER BB 122 -4.78 35.55 -43.09
CA SER BB 122 -5.44 34.26 -42.95
C SER BB 122 -4.51 33.12 -43.36
N MET BB 123 -3.49 32.91 -42.52
CA MET BB 123 -2.42 31.96 -42.79
C MET BB 123 -2.95 30.59 -43.21
N ARG BB 124 -2.17 29.91 -44.05
CA ARG BB 124 -2.54 28.64 -44.66
C ARG BB 124 -2.20 27.47 -43.73
N ARG BB 125 -2.22 26.27 -44.28
CA ARG BB 125 -1.72 25.09 -43.57
C ARG BB 125 -0.20 25.08 -43.59
N ARG BB 126 0.39 23.95 -43.18
CA ARG BB 126 1.84 23.84 -43.10
C ARG BB 126 2.45 23.31 -44.41
N GLY BB 127 2.04 22.12 -44.83
CA GLY BB 127 2.58 21.54 -46.04
C GLY BB 127 2.94 20.07 -45.90
N ASP BB 128 3.40 19.68 -44.71
CA ASP BB 128 3.56 18.27 -44.37
C ASP BB 128 2.43 17.77 -43.48
N PHE BB 129 1.41 18.59 -43.26
CA PHE BB 129 0.30 18.22 -42.39
C PHE BB 129 -0.58 17.20 -43.09
N PRO BB 130 -0.77 16.01 -42.53
CA PRO BB 130 -1.60 15.00 -43.20
C PRO BB 130 -3.04 15.48 -43.34
N VAL BB 131 -3.64 15.15 -44.46
CA VAL BB 131 -5.07 15.34 -44.65
C VAL BB 131 -5.76 14.06 -44.19
N GLY BB 132 -7.00 14.20 -43.74
CA GLY BB 132 -7.68 13.08 -43.12
C GLY BB 132 -7.97 11.95 -44.09
N GLN BB 133 -8.18 10.76 -43.51
CA GLN BB 133 -8.61 9.62 -44.30
C GLN BB 133 -10.08 9.73 -44.69
N GLY BB 134 -10.83 10.62 -44.05
CA GLY BB 134 -12.22 10.84 -44.41
C GLY BB 134 -12.43 11.68 -45.66
N ASN BB 135 -11.36 12.24 -46.21
CA ASN BB 135 -11.46 13.01 -47.44
C ASN BB 135 -11.36 12.16 -48.69
N LYS BB 136 -11.04 10.87 -48.55
CA LYS BB 136 -11.10 9.89 -49.64
C LYS BB 136 -10.19 10.30 -50.81
N TYR BB 137 -8.89 10.28 -50.54
CA TYR BB 137 -7.91 10.58 -51.56
C TYR BB 137 -7.73 9.41 -52.53
N ASP BB 138 -7.02 9.66 -53.62
CA ASP BB 138 -6.79 8.67 -54.67
C ASP BB 138 -5.32 8.66 -55.06
N VAL BB 139 -4.92 7.59 -55.77
CA VAL BB 139 -3.51 7.42 -56.10
C VAL BB 139 -3.02 8.49 -57.06
N PHE BB 140 -3.74 8.69 -58.16
CA PHE BB 140 -3.19 9.50 -59.24
C PHE BB 140 -3.43 10.98 -58.98
N THR BB 141 -4.24 11.29 -57.97
CA THR BB 141 -4.52 12.65 -57.57
C THR BB 141 -3.57 13.13 -56.47
N SER BB 142 -2.82 12.20 -55.86
CA SER BB 142 -1.85 12.50 -54.80
C SER BB 142 -2.60 13.07 -53.60
N ASP BB 143 -2.34 14.32 -53.19
CA ASP BB 143 -2.96 15.00 -52.05
C ASP BB 143 -3.15 14.12 -50.83
N ARG BB 144 -2.17 13.28 -50.50
CA ARG BB 144 -2.13 12.71 -49.17
C ARG BB 144 -1.88 13.78 -48.11
N TYR BB 145 -1.33 14.92 -48.52
CA TYR BB 145 -0.97 16.01 -47.63
C TYR BB 145 -1.35 17.32 -48.31
N TYR BB 146 -1.46 18.37 -47.52
CA TYR BB 146 -1.80 19.68 -48.08
C TYR BB 146 -0.69 20.13 -49.02
N PRO BB 147 -1.05 20.73 -50.16
CA PRO BB 147 -0.03 21.06 -51.18
C PRO BB 147 1.00 22.05 -50.66
N GLY BB 148 2.24 21.88 -51.12
CA GLY BB 148 3.34 22.74 -50.74
C GLY BB 148 4.32 22.86 -51.88
N ASP BB 149 5.40 23.60 -51.62
CA ASP BB 149 6.41 23.82 -52.64
C ASP BB 149 7.19 22.55 -52.91
N LEU BB 150 7.78 22.48 -54.11
CA LEU BB 150 8.41 21.26 -54.57
C LEU BB 150 9.81 21.56 -55.12
N PRO BB 151 10.79 20.68 -54.90
CA PRO BB 151 12.18 21.03 -55.23
C PRO BB 151 12.44 21.08 -56.72
N LEU BB 152 13.50 21.78 -57.07
CA LEU BB 152 14.01 21.86 -58.43
C LEU BB 152 15.27 21.01 -58.54
N ILE BB 153 15.30 20.13 -59.54
CA ILE BB 153 16.39 19.19 -59.73
C ILE BB 153 17.08 19.50 -61.06
N ASP BB 154 18.39 19.68 -61.01
CA ASP BB 154 19.19 19.90 -62.21
C ASP BB 154 20.41 19.01 -62.15
N GLY BB 155 20.72 18.35 -63.27
CA GLY BB 155 21.84 17.43 -63.35
C GLY BB 155 23.11 18.00 -63.92
N ASP BB 156 23.19 19.31 -64.13
CA ASP BB 156 24.36 19.93 -64.74
C ASP BB 156 25.17 20.77 -63.77
N ILE BB 157 24.52 21.46 -62.83
CA ILE BB 157 25.21 22.25 -61.84
C ILE BB 157 25.26 21.47 -60.53
N PRO BB 158 26.42 20.96 -60.12
CA PRO BB 158 26.47 20.16 -58.89
C PRO BB 158 26.32 21.00 -57.64
N ASN BB 159 25.09 21.44 -57.36
CA ASN BB 159 24.83 22.20 -56.14
C ASN BB 159 25.09 21.36 -54.90
N ALA BB 160 24.73 20.08 -54.95
CA ALA BB 160 24.94 19.18 -53.82
C ALA BB 160 26.43 19.01 -53.52
#